data_9J7K
#
_entry.id   9J7K
#
_entity_poly.entity_id   1
_entity_poly.type   'polypeptide(L)'
_entity_poly.pdbx_seq_one_letter_code
;MAADGYLPDWLEDNLSEGIREWWALKPGAPKPKANQQKQDDGRGLVLPGYKYLGPFNGLDKGEPVNAADAAALEHDKAYD
QQLQAGDNPYLRYNHADAEFQERLQEDTSFGGNLGRAVFQAKKRVLEPLGLVEEGAKTAPGKKRPVEPSPQRSPDSSTGI
GKKGQQPARKRLNFGQTGDSESVPDPQPLGEPPAAPSGVGPNTMAAGGGAPMADNNEGADGVGSSSGNWHCDSTWLGDRV
ITTSTRTWALPTYNNHLYKQISNGTSGGATNDNTYFGYSTPWGYFDFNRFHCHFSPRDWQRLINNNWGFRPKRLSFKLFN
IQVKEVTQNEGTKTIANNLTSTIQVFTDSEYQLPYVLGSAHQGCLPPFPADVFMIPQYGYLTLNNGSQAVGRSSFYCLEY
FPSQMLRTGNNFQFTYTFEDVPFHSSYAHSQSLDRLMNPLIDQYLYYLSRTQTTGGTANTQTLGFSQGGPNTMANQAKNW
LPGPCYRQQRVSTTTGQNNNSNFAWTAGTKYHLNGRNSLANPGIAMATHKDDEERFFPSNGILIFGKQNAARDNADYSDV
MLTSEEEIKTTNPVATEEYGIVADNLQQQNTAPQIGTVNSQGALPGMVWQNRDVYLQGPIWAKIPHTDGNFHPSPLMGGF
GLKHPPPQILIKNTPVPADPPTTFNQSKLNSFITQYSTGQVSVEIEWELQKENSKRWNPEIQYTSNYYKSTSVDFAVNTE
GVYSEPRPIGTRYLTRNL
;
_entity_poly.pdbx_strand_id   1,A,B,C,D,E,d,i,n,s,x,3,e,j,o,t,y,4,f,k,p,u,z,5,g,l,q,v,0,6,h,m,r,w,2,7,F,J,N,R,V,Z,G,K,O,S,W,a,H,L,P,T,X,b,I,M,Q,U,Y,c
#
# COMPACT_ATOMS: atom_id res chain seq x y z
N GLY A 221 76.57 -24.91 -33.76
CA GLY A 221 76.84 -24.85 -35.18
C GLY A 221 78.32 -24.82 -35.51
N VAL A 222 78.66 -25.36 -36.69
CA VAL A 222 80.05 -25.36 -37.13
C VAL A 222 80.57 -23.93 -37.33
N GLY A 223 79.75 -23.09 -37.94
CA GLY A 223 80.15 -21.75 -38.29
C GLY A 223 79.82 -20.66 -37.31
N SER A 224 79.44 -21.01 -36.09
CA SER A 224 79.11 -20.02 -35.07
C SER A 224 79.99 -20.22 -33.84
N SER A 225 80.49 -19.12 -33.30
CA SER A 225 81.30 -19.18 -32.09
C SER A 225 80.45 -19.60 -30.90
N SER A 226 81.02 -20.46 -30.05
CA SER A 226 80.33 -20.93 -28.86
C SER A 226 80.68 -20.14 -27.62
N GLY A 227 81.48 -19.08 -27.75
CA GLY A 227 81.80 -18.25 -26.61
C GLY A 227 82.74 -17.14 -27.03
N ASN A 228 82.82 -16.14 -26.18
CA ASN A 228 83.63 -14.95 -26.43
C ASN A 228 84.85 -14.95 -25.54
N TRP A 229 85.84 -14.15 -25.93
CA TRP A 229 87.04 -13.97 -25.14
C TRP A 229 86.75 -13.05 -23.97
N HIS A 230 86.99 -13.53 -22.76
CA HIS A 230 86.70 -12.78 -21.53
C HIS A 230 87.95 -12.78 -20.66
N CYS A 231 88.82 -11.81 -20.89
CA CYS A 231 89.93 -11.53 -19.99
C CYS A 231 89.69 -10.14 -19.41
N ASP A 232 89.57 -10.07 -18.09
CA ASP A 232 89.21 -8.81 -17.45
C ASP A 232 89.34 -8.99 -15.95
N SER A 233 89.36 -7.86 -15.25
CA SER A 233 89.26 -7.83 -13.80
C SER A 233 88.42 -6.63 -13.42
N THR A 234 87.33 -6.87 -12.71
CA THR A 234 86.45 -5.80 -12.27
C THR A 234 86.53 -5.69 -10.76
N TRP A 235 86.94 -4.53 -10.28
CA TRP A 235 87.01 -4.24 -8.86
C TRP A 235 85.76 -3.47 -8.47
N LEU A 236 84.96 -4.03 -7.57
CA LEU A 236 83.69 -3.43 -7.18
C LEU A 236 83.52 -3.63 -5.68
N GLY A 237 83.76 -2.57 -4.92
CA GLY A 237 83.60 -2.66 -3.47
C GLY A 237 84.61 -3.61 -2.86
N ASP A 238 84.11 -4.56 -2.09
CA ASP A 238 84.93 -5.55 -1.43
C ASP A 238 85.13 -6.81 -2.27
N ARG A 239 84.80 -6.76 -3.56
CA ARG A 239 84.98 -7.88 -4.45
C ARG A 239 85.88 -7.49 -5.60
N VAL A 240 86.65 -8.44 -6.09
CA VAL A 240 87.31 -8.34 -7.39
C VAL A 240 86.97 -9.61 -8.16
N ILE A 241 86.52 -9.44 -9.39
CA ILE A 241 86.16 -10.56 -10.24
C ILE A 241 87.20 -10.63 -11.34
N THR A 242 88.07 -11.62 -11.26
CA THR A 242 89.04 -11.88 -12.31
C THR A 242 88.46 -12.89 -13.29
N THR A 243 88.53 -12.59 -14.57
CA THR A 243 88.18 -13.54 -15.61
C THR A 243 89.34 -13.62 -16.58
N SER A 244 89.71 -14.83 -16.96
CA SER A 244 90.83 -15.03 -17.85
C SER A 244 90.46 -16.08 -18.89
N THR A 245 90.80 -15.78 -20.14
CA THR A 245 90.59 -16.69 -21.25
C THR A 245 91.94 -17.06 -21.84
N ARG A 246 92.12 -18.33 -22.17
CA ARG A 246 93.33 -18.80 -22.80
C ARG A 246 92.96 -19.75 -23.93
N THR A 247 93.85 -19.84 -24.91
CA THR A 247 93.74 -20.84 -25.95
C THR A 247 94.55 -22.05 -25.55
N TRP A 248 93.93 -23.21 -25.58
CA TRP A 248 94.58 -24.46 -25.20
C TRP A 248 94.68 -25.38 -26.41
N ALA A 249 95.59 -26.34 -26.31
CA ALA A 249 95.70 -27.42 -27.27
C ALA A 249 95.80 -28.73 -26.52
N LEU A 250 94.94 -29.67 -26.85
CA LEU A 250 94.92 -30.96 -26.18
C LEU A 250 95.34 -32.05 -27.16
N PRO A 251 96.49 -32.67 -26.97
CA PRO A 251 96.86 -33.80 -27.83
C PRO A 251 96.14 -35.07 -27.38
N THR A 252 96.34 -36.12 -28.16
CA THR A 252 95.96 -37.44 -27.71
C THR A 252 97.08 -37.96 -26.82
N TYR A 253 96.75 -38.28 -25.58
CA TYR A 253 97.72 -38.77 -24.62
C TYR A 253 97.68 -40.29 -24.57
N ASN A 254 98.85 -40.90 -24.45
CA ASN A 254 98.99 -42.33 -24.20
C ASN A 254 98.44 -43.19 -25.32
N ASN A 255 98.17 -42.62 -26.50
CA ASN A 255 97.50 -43.32 -27.58
C ASN A 255 96.17 -43.89 -27.10
N HIS A 256 95.42 -43.09 -26.35
CA HIS A 256 94.11 -43.41 -25.81
C HIS A 256 94.14 -44.53 -24.79
N LEU A 257 95.30 -44.86 -24.24
CA LEU A 257 95.43 -45.99 -23.34
C LEU A 257 95.63 -45.54 -21.90
N TYR A 258 95.19 -46.39 -20.97
CA TYR A 258 95.61 -46.29 -19.58
C TYR A 258 96.83 -47.17 -19.40
N LYS A 259 97.92 -46.59 -18.91
CA LYS A 259 99.14 -47.34 -18.71
C LYS A 259 99.51 -47.35 -17.24
N GLN A 260 99.79 -48.53 -16.72
CA GLN A 260 100.38 -48.62 -15.39
C GLN A 260 101.80 -48.08 -15.45
N ILE A 261 102.13 -47.21 -14.51
CA ILE A 261 103.46 -46.62 -14.42
C ILE A 261 104.02 -46.92 -13.04
N SER A 262 105.32 -47.18 -12.98
CA SER A 262 105.94 -47.56 -11.72
C SER A 262 107.39 -47.07 -11.71
N ASN A 263 107.96 -47.10 -10.52
CA ASN A 263 109.38 -46.82 -10.33
C ASN A 263 109.82 -47.61 -9.11
N GLY A 264 110.82 -48.46 -9.27
CA GLY A 264 111.32 -49.28 -8.20
C GLY A 264 112.78 -48.99 -7.89
N THR A 265 113.31 -49.77 -6.96
CA THR A 265 114.69 -49.61 -6.54
C THR A 265 115.63 -50.40 -7.45
N ALA A 269 116.77 -46.07 -8.91
CA ALA A 269 116.00 -45.18 -8.06
C ALA A 269 116.05 -45.62 -6.61
N THR A 270 115.97 -44.66 -5.69
CA THR A 270 115.96 -44.97 -4.28
C THR A 270 114.54 -45.31 -3.82
N ASN A 271 114.45 -45.92 -2.63
CA ASN A 271 113.15 -46.25 -2.09
C ASN A 271 112.30 -45.00 -1.84
N ASP A 272 112.95 -43.87 -1.57
CA ASP A 272 112.21 -42.63 -1.33
C ASP A 272 111.46 -42.16 -2.55
N ASN A 273 111.84 -42.60 -3.75
CA ASN A 273 111.24 -42.13 -4.99
C ASN A 273 110.43 -43.20 -5.70
N THR A 274 110.13 -44.31 -5.05
CA THR A 274 109.33 -45.34 -5.68
C THR A 274 107.87 -44.91 -5.77
N TYR A 275 107.19 -45.41 -6.80
CA TYR A 275 105.77 -45.14 -6.93
C TYR A 275 105.13 -46.21 -7.79
N PHE A 276 103.82 -46.33 -7.63
CA PHE A 276 102.96 -47.11 -8.51
C PHE A 276 101.75 -46.24 -8.83
N GLY A 277 101.40 -46.17 -10.10
CA GLY A 277 100.28 -45.36 -10.48
C GLY A 277 99.83 -45.65 -11.88
N TYR A 278 99.02 -44.75 -12.42
CA TYR A 278 98.47 -44.95 -13.74
C TYR A 278 98.57 -43.66 -14.53
N SER A 279 99.03 -43.78 -15.77
CA SER A 279 98.93 -42.71 -16.73
C SER A 279 97.63 -42.87 -17.51
N THR A 280 96.87 -41.80 -17.61
CA THR A 280 95.59 -41.85 -18.29
C THR A 280 95.66 -41.10 -19.62
N PRO A 281 94.78 -41.43 -20.57
CA PRO A 281 94.70 -40.66 -21.81
C PRO A 281 94.03 -39.31 -21.66
N TRP A 282 93.71 -38.90 -20.44
CA TRP A 282 92.97 -37.67 -20.21
C TRP A 282 93.91 -36.52 -19.91
N GLY A 283 93.56 -35.34 -20.41
CA GLY A 283 94.15 -34.13 -19.91
C GLY A 283 93.30 -33.53 -18.82
N TYR A 284 93.82 -32.48 -18.19
CA TYR A 284 93.06 -31.79 -17.17
C TYR A 284 93.39 -30.31 -17.19
N PHE A 285 92.44 -29.51 -16.79
CA PHE A 285 92.61 -28.06 -16.76
C PHE A 285 93.04 -27.63 -15.38
N ASP A 286 94.12 -26.87 -15.32
CA ASP A 286 94.67 -26.35 -14.08
C ASP A 286 94.71 -24.83 -14.15
N PHE A 287 94.11 -24.19 -13.16
CA PHE A 287 94.23 -22.74 -12.99
C PHE A 287 94.51 -22.44 -11.54
N ASN A 288 95.34 -23.27 -10.91
CA ASN A 288 95.66 -23.18 -9.50
C ASN A 288 96.90 -22.35 -9.23
N ARG A 289 97.13 -21.33 -10.05
CA ARG A 289 98.17 -20.33 -9.78
C ARG A 289 97.53 -18.96 -9.89
N PHE A 290 98.01 -18.04 -9.05
CA PHE A 290 97.39 -16.73 -8.99
C PHE A 290 97.56 -15.94 -10.28
N HIS A 291 98.68 -16.13 -10.99
CA HIS A 291 98.88 -15.38 -12.22
C HIS A 291 98.00 -15.89 -13.36
N CYS A 292 97.32 -17.03 -13.18
CA CYS A 292 96.29 -17.42 -14.14
C CYS A 292 95.10 -16.48 -14.12
N HIS A 293 94.94 -15.71 -13.05
CA HIS A 293 93.77 -14.87 -12.86
C HIS A 293 94.12 -13.41 -12.66
N PHE A 294 95.22 -13.11 -11.97
CA PHE A 294 95.61 -11.74 -11.70
C PHE A 294 96.73 -11.33 -12.63
N SER A 295 96.53 -10.23 -13.35
CA SER A 295 97.63 -9.57 -14.00
C SER A 295 98.57 -8.99 -12.94
N PRO A 296 99.83 -8.76 -13.28
CA PRO A 296 100.73 -8.16 -12.28
C PRO A 296 100.22 -6.85 -11.73
N ARG A 297 99.60 -6.02 -12.57
CA ARG A 297 99.00 -4.78 -12.08
C ARG A 297 97.83 -5.07 -11.16
N ASP A 298 96.99 -6.05 -11.50
CA ASP A 298 95.90 -6.44 -10.62
C ASP A 298 96.43 -6.99 -9.30
N TRP A 299 97.50 -7.77 -9.36
CA TRP A 299 98.13 -8.26 -8.14
C TRP A 299 98.63 -7.10 -7.28
N GLN A 300 99.22 -6.09 -7.91
CA GLN A 300 99.66 -4.91 -7.19
C GLN A 300 98.49 -4.20 -6.52
N ARG A 301 97.39 -4.03 -7.28
CA ARG A 301 96.18 -3.43 -6.72
C ARG A 301 95.70 -4.21 -5.50
N LEU A 302 95.73 -5.54 -5.59
CA LEU A 302 95.25 -6.37 -4.50
C LEU A 302 96.15 -6.24 -3.28
N ILE A 303 97.46 -6.38 -3.46
CA ILE A 303 98.37 -6.50 -2.31
C ILE A 303 98.70 -5.14 -1.69
N ASN A 304 98.59 -4.05 -2.44
CA ASN A 304 98.92 -2.75 -1.87
C ASN A 304 97.77 -2.11 -1.12
N ASN A 305 96.58 -2.68 -1.18
CA ASN A 305 95.39 -2.02 -0.68
C ASN A 305 94.50 -2.88 0.18
N ASN A 306 94.80 -4.15 0.34
CA ASN A 306 93.91 -5.07 1.04
C ASN A 306 94.68 -5.83 2.11
N TRP A 307 94.05 -6.00 3.26
CA TRP A 307 94.64 -6.81 4.32
C TRP A 307 94.42 -8.30 4.09
N GLY A 308 93.50 -8.66 3.23
CA GLY A 308 93.24 -10.06 2.99
C GLY A 308 92.33 -10.24 1.79
N PHE A 309 92.28 -11.49 1.32
CA PHE A 309 91.42 -11.85 0.22
C PHE A 309 91.17 -13.34 0.29
N ARG A 310 90.11 -13.77 -0.39
CA ARG A 310 89.78 -15.19 -0.46
C ARG A 310 88.89 -15.42 -1.66
N PRO A 311 88.99 -16.57 -2.30
CA PRO A 311 88.07 -16.86 -3.40
C PRO A 311 86.66 -17.12 -2.87
N LYS A 312 85.68 -16.72 -3.68
CA LYS A 312 84.28 -16.90 -3.33
C LYS A 312 83.57 -17.89 -4.23
N ARG A 313 83.67 -17.68 -5.54
CA ARG A 313 83.02 -18.54 -6.51
C ARG A 313 83.84 -18.54 -7.78
N LEU A 314 83.66 -19.57 -8.59
CA LEU A 314 84.29 -19.59 -9.89
C LEU A 314 83.30 -20.10 -10.93
N SER A 315 83.48 -19.62 -12.15
CA SER A 315 82.79 -20.16 -13.32
C SER A 315 83.85 -20.53 -14.35
N PHE A 316 83.64 -21.66 -15.00
CA PHE A 316 84.59 -22.22 -15.93
C PHE A 316 83.88 -22.47 -17.24
N LYS A 317 84.55 -22.17 -18.36
CA LYS A 317 83.94 -22.36 -19.66
C LYS A 317 84.94 -22.95 -20.64
N LEU A 318 84.47 -23.92 -21.42
CA LEU A 318 85.18 -24.44 -22.57
C LEU A 318 84.35 -24.15 -23.79
N PHE A 319 84.96 -23.59 -24.83
CA PHE A 319 84.20 -23.15 -25.99
C PHE A 319 85.14 -23.01 -27.18
N ASN A 320 84.53 -22.80 -28.34
CA ASN A 320 85.25 -22.69 -29.61
C ASN A 320 86.17 -23.88 -29.81
N ILE A 321 85.62 -25.06 -29.56
CA ILE A 321 86.39 -26.29 -29.66
C ILE A 321 86.60 -26.62 -31.13
N GLN A 322 87.84 -26.94 -31.48
CA GLN A 322 88.19 -27.39 -32.82
C GLN A 322 88.96 -28.70 -32.67
N VAL A 323 88.43 -29.76 -33.22
CA VAL A 323 89.12 -31.04 -33.27
C VAL A 323 89.74 -31.19 -34.64
N LYS A 324 91.04 -31.43 -34.70
CA LYS A 324 91.76 -31.42 -35.94
C LYS A 324 92.41 -32.77 -36.19
N GLU A 325 92.35 -33.21 -37.44
CA GLU A 325 92.95 -34.47 -37.87
C GLU A 325 94.25 -34.15 -38.59
N VAL A 326 95.30 -34.87 -38.22
CA VAL A 326 96.61 -34.71 -38.85
C VAL A 326 96.99 -36.03 -39.52
N THR A 327 97.37 -35.95 -40.78
CA THR A 327 97.72 -37.13 -41.56
C THR A 327 99.19 -37.13 -41.95
N LYS A 333 102.83 -33.67 -43.99
CA LYS A 333 101.85 -33.54 -42.92
C LYS A 333 100.80 -32.48 -43.24
N THR A 334 99.54 -32.88 -43.21
CA THR A 334 98.42 -31.97 -43.40
C THR A 334 97.51 -32.03 -42.20
N ILE A 335 97.02 -30.88 -41.77
CA ILE A 335 96.09 -30.77 -40.65
C ILE A 335 94.75 -30.31 -41.20
N ALA A 336 93.70 -31.05 -40.89
CA ALA A 336 92.37 -30.75 -41.37
C ALA A 336 91.39 -30.78 -40.21
N ASN A 337 90.30 -30.03 -40.34
CA ASN A 337 89.24 -30.07 -39.36
C ASN A 337 88.53 -31.42 -39.42
N ASN A 338 88.23 -31.97 -38.26
CA ASN A 338 87.37 -33.14 -38.13
C ASN A 338 86.09 -32.65 -37.47
N LEU A 339 85.14 -32.21 -38.28
CA LEU A 339 83.96 -31.52 -37.76
C LEU A 339 83.09 -32.42 -36.89
N THR A 340 83.12 -33.72 -37.13
CA THR A 340 82.27 -34.66 -36.41
C THR A 340 82.96 -35.29 -35.20
N SER A 341 84.22 -34.95 -34.95
CA SER A 341 84.92 -35.50 -33.81
C SER A 341 84.52 -34.78 -32.52
N THR A 342 84.65 -35.48 -31.40
CA THR A 342 84.25 -34.94 -30.11
C THR A 342 85.43 -34.91 -29.16
N ILE A 343 85.31 -34.06 -28.15
CA ILE A 343 86.10 -34.13 -26.94
C ILE A 343 85.16 -34.49 -25.80
N GLN A 344 85.72 -35.13 -24.78
CA GLN A 344 84.96 -35.47 -23.58
C GLN A 344 85.46 -34.63 -22.43
N VAL A 345 84.53 -33.97 -21.75
CA VAL A 345 84.85 -33.12 -20.60
C VAL A 345 83.95 -33.52 -19.45
N PHE A 346 84.53 -33.68 -18.27
CA PHE A 346 83.73 -33.82 -17.07
C PHE A 346 84.50 -33.25 -15.89
N THR A 347 83.76 -32.81 -14.89
CA THR A 347 84.35 -32.37 -13.63
C THR A 347 84.16 -33.45 -12.59
N ASP A 348 85.22 -33.74 -11.85
CA ASP A 348 85.14 -34.66 -10.71
C ASP A 348 84.51 -33.93 -9.54
N SER A 349 83.21 -33.67 -9.67
CA SER A 349 82.49 -32.85 -8.70
C SER A 349 82.32 -33.55 -7.37
N GLU A 350 82.30 -34.88 -7.37
CA GLU A 350 82.23 -35.66 -6.13
C GLU A 350 83.59 -35.99 -5.56
N TYR A 351 84.67 -35.52 -6.18
CA TYR A 351 86.03 -35.76 -5.70
C TYR A 351 86.30 -37.26 -5.58
N GLN A 352 85.84 -38.02 -6.56
CA GLN A 352 86.04 -39.46 -6.57
C GLN A 352 87.35 -39.86 -7.25
N LEU A 353 87.99 -38.98 -7.90
CA LEU A 353 89.28 -39.26 -8.50
C LEU A 353 90.40 -38.77 -7.61
N PRO A 354 91.58 -39.36 -7.72
CA PRO A 354 92.75 -38.80 -7.03
C PRO A 354 92.96 -37.34 -7.45
N TYR A 355 93.04 -36.47 -6.47
CA TYR A 355 93.12 -35.03 -6.71
C TYR A 355 94.59 -34.67 -6.89
N VAL A 356 95.00 -34.41 -8.13
CA VAL A 356 96.39 -34.09 -8.43
C VAL A 356 96.64 -32.61 -8.55
N LEU A 357 95.59 -31.78 -8.55
CA LEU A 357 95.79 -30.37 -8.38
C LEU A 357 96.30 -30.09 -6.97
N GLY A 358 96.90 -28.91 -6.78
CA GLY A 358 97.48 -28.62 -5.50
C GLY A 358 98.77 -29.36 -5.22
N SER A 359 99.47 -29.79 -6.26
CA SER A 359 100.83 -30.31 -6.12
C SER A 359 101.84 -29.43 -6.84
N ALA A 360 101.46 -28.18 -7.13
CA ALA A 360 102.34 -27.20 -7.76
C ALA A 360 102.90 -27.70 -9.09
N HIS A 361 102.07 -28.34 -9.88
CA HIS A 361 102.49 -28.90 -11.15
C HIS A 361 102.42 -27.88 -12.26
N GLN A 362 103.26 -28.07 -13.28
CA GLN A 362 103.16 -27.28 -14.48
C GLN A 362 101.89 -27.64 -15.24
N GLY A 363 101.57 -26.83 -16.25
CA GLY A 363 100.39 -27.05 -17.04
C GLY A 363 99.22 -26.17 -16.69
N CYS A 364 99.37 -25.25 -15.75
CA CYS A 364 98.32 -24.30 -15.46
C CYS A 364 98.15 -23.34 -16.63
N LEU A 365 97.07 -22.57 -16.59
CA LEU A 365 96.88 -21.52 -17.56
C LEU A 365 98.06 -20.56 -17.53
N PRO A 366 98.61 -20.17 -18.68
CA PRO A 366 99.78 -19.31 -18.67
C PRO A 366 99.47 -17.95 -18.08
N PRO A 367 100.43 -17.30 -17.43
CA PRO A 367 100.18 -15.96 -16.90
C PRO A 367 99.82 -14.96 -17.99
N PHE A 368 100.41 -15.07 -19.18
CA PHE A 368 100.17 -14.11 -20.24
C PHE A 368 98.97 -14.55 -21.07
N PRO A 369 97.93 -13.72 -21.21
CA PRO A 369 96.72 -14.16 -21.92
C PRO A 369 96.95 -14.54 -23.36
N ALA A 370 97.92 -13.93 -24.04
CA ALA A 370 98.19 -14.27 -25.43
C ALA A 370 98.85 -15.62 -25.59
N ASP A 371 99.23 -16.27 -24.50
CA ASP A 371 100.01 -17.49 -24.57
C ASP A 371 99.11 -18.70 -24.78
N VAL A 372 99.43 -19.51 -25.77
CA VAL A 372 98.70 -20.75 -26.02
C VAL A 372 99.41 -21.88 -25.30
N PHE A 373 98.66 -22.66 -24.52
CA PHE A 373 99.26 -23.65 -23.66
C PHE A 373 98.74 -25.05 -23.98
N MET A 374 99.59 -26.02 -23.69
CA MET A 374 99.28 -27.42 -23.83
C MET A 374 98.65 -27.95 -22.55
N ILE A 375 97.58 -28.72 -22.69
CA ILE A 375 96.89 -29.27 -21.52
C ILE A 375 97.71 -30.41 -20.93
N PRO A 376 97.99 -30.40 -19.64
CA PRO A 376 98.79 -31.49 -19.05
C PRO A 376 98.03 -32.80 -19.01
N GLN A 377 98.78 -33.89 -19.06
CA GLN A 377 98.20 -35.21 -19.01
C GLN A 377 97.86 -35.61 -17.58
N TYR A 378 96.67 -36.16 -17.39
CA TYR A 378 96.25 -36.60 -16.07
C TYR A 378 96.85 -37.95 -15.74
N GLY A 379 97.52 -38.03 -14.60
CA GLY A 379 97.94 -39.29 -14.04
C GLY A 379 97.79 -39.23 -12.53
N TYR A 380 97.83 -40.39 -11.90
CA TYR A 380 97.67 -40.42 -10.46
C TYR A 380 98.51 -41.56 -9.90
N LEU A 381 98.74 -41.48 -8.60
CA LEU A 381 99.47 -42.50 -7.87
C LEU A 381 98.55 -43.17 -6.87
N THR A 382 98.80 -44.45 -6.64
CA THR A 382 98.08 -45.18 -5.62
C THR A 382 99.11 -45.84 -4.71
N LEU A 383 98.66 -46.73 -3.83
CA LEU A 383 99.59 -47.35 -2.89
C LEU A 383 100.61 -48.21 -3.64
N ASN A 384 101.86 -48.13 -3.21
CA ASN A 384 102.92 -48.90 -3.81
C ASN A 384 103.78 -49.53 -2.74
N ASN A 385 104.39 -50.67 -3.09
CA ASN A 385 105.42 -51.32 -2.30
C ASN A 385 106.59 -51.48 -3.26
N GLY A 386 107.50 -50.51 -3.26
CA GLY A 386 108.48 -50.46 -4.31
C GLY A 386 107.80 -50.09 -5.62
N SER A 387 108.06 -50.86 -6.66
CA SER A 387 107.40 -50.67 -7.94
C SER A 387 106.12 -51.48 -8.05
N GLN A 388 105.78 -52.27 -7.04
CA GLN A 388 104.61 -53.13 -7.07
C GLN A 388 103.42 -52.44 -6.44
N ALA A 389 102.23 -52.81 -6.93
CA ALA A 389 101.01 -52.40 -6.27
C ALA A 389 100.69 -53.34 -5.12
N VAL A 390 99.85 -52.88 -4.22
CA VAL A 390 99.32 -53.72 -3.15
C VAL A 390 97.83 -53.93 -3.42
N GLY A 391 97.22 -54.80 -2.63
CA GLY A 391 95.80 -55.08 -2.81
C GLY A 391 94.93 -53.87 -2.61
N ARG A 392 95.39 -52.89 -1.83
CA ARG A 392 94.63 -51.67 -1.60
C ARG A 392 94.82 -50.64 -2.69
N SER A 393 95.71 -50.89 -3.65
CA SER A 393 95.91 -49.95 -4.74
C SER A 393 94.63 -49.82 -5.57
N SER A 394 94.28 -48.59 -5.90
CA SER A 394 93.05 -48.31 -6.64
C SER A 394 93.38 -47.98 -8.07
N PHE A 395 92.65 -48.58 -9.00
CA PHE A 395 92.70 -48.23 -10.40
C PHE A 395 91.42 -47.49 -10.76
N TYR A 396 91.55 -46.34 -11.42
CA TYR A 396 90.42 -45.53 -11.81
C TYR A 396 90.37 -45.43 -13.32
N CYS A 397 89.23 -45.77 -13.89
CA CYS A 397 88.95 -45.52 -15.30
C CYS A 397 88.15 -44.25 -15.40
N LEU A 398 88.70 -43.23 -16.06
CA LEU A 398 88.00 -41.96 -16.17
C LEU A 398 86.85 -42.03 -17.15
N GLU A 399 86.85 -43.02 -18.05
CA GLU A 399 85.68 -43.26 -18.88
C GLU A 399 84.51 -43.79 -18.08
N TYR A 400 84.76 -44.29 -16.87
CA TYR A 400 83.70 -44.75 -15.99
C TYR A 400 82.95 -43.60 -15.34
N PHE A 401 83.18 -42.39 -15.78
CA PHE A 401 82.46 -41.23 -15.31
C PHE A 401 81.55 -40.70 -16.40
N PRO A 402 80.42 -40.07 -16.05
CA PRO A 402 79.63 -39.36 -17.05
C PRO A 402 80.40 -38.15 -17.56
N SER A 403 80.58 -38.08 -18.86
CA SER A 403 81.30 -36.97 -19.49
C SER A 403 80.40 -36.35 -20.55
N GLN A 404 80.48 -35.03 -20.65
CA GLN A 404 79.84 -34.34 -21.76
C GLN A 404 80.74 -34.48 -22.98
N MET A 405 80.16 -34.93 -24.09
CA MET A 405 80.89 -34.99 -25.34
C MET A 405 80.55 -33.77 -26.18
N LEU A 406 81.58 -33.12 -26.73
CA LEU A 406 81.44 -31.84 -27.38
C LEU A 406 81.96 -31.93 -28.79
N ARG A 407 81.13 -31.57 -29.76
CA ARG A 407 81.61 -31.34 -31.11
C ARG A 407 82.02 -29.87 -31.22
N THR A 408 82.43 -29.48 -32.43
CA THR A 408 83.00 -28.15 -32.62
C THR A 408 82.01 -27.04 -32.28
N GLY A 409 80.71 -27.31 -32.38
CA GLY A 409 79.72 -26.32 -32.04
C GLY A 409 79.29 -26.29 -30.60
N ASN A 410 79.77 -27.21 -29.78
CA ASN A 410 79.34 -27.30 -28.39
C ASN A 410 80.28 -26.55 -27.48
N ASN A 411 79.77 -26.20 -26.31
CA ASN A 411 80.57 -25.60 -25.26
C ASN A 411 80.26 -26.27 -23.93
N PHE A 412 81.20 -26.16 -23.01
CA PHE A 412 81.08 -26.74 -21.69
C PHE A 412 81.25 -25.63 -20.66
N GLN A 413 80.45 -25.69 -19.60
CA GLN A 413 80.60 -24.72 -18.54
C GLN A 413 80.08 -25.29 -17.23
N PHE A 414 80.67 -24.84 -16.13
CA PHE A 414 80.17 -25.16 -14.82
C PHE A 414 80.55 -24.05 -13.87
N THR A 415 79.82 -23.95 -12.77
CA THR A 415 80.09 -22.99 -11.73
C THR A 415 80.42 -23.73 -10.44
N TYR A 416 81.23 -23.10 -9.61
CA TYR A 416 81.65 -23.68 -8.35
C TYR A 416 81.68 -22.58 -7.30
N THR A 417 81.25 -22.91 -6.10
CA THR A 417 81.29 -22.00 -4.97
C THR A 417 82.32 -22.47 -3.98
N PHE A 418 83.26 -21.60 -3.64
CA PHE A 418 84.24 -21.92 -2.62
C PHE A 418 83.58 -21.99 -1.25
N GLU A 419 84.03 -22.93 -0.44
CA GLU A 419 83.57 -22.98 0.94
C GLU A 419 84.10 -21.77 1.70
N ASP A 420 83.51 -21.53 2.86
CA ASP A 420 83.98 -20.43 3.71
C ASP A 420 85.40 -20.72 4.17
N VAL A 421 86.36 -19.99 3.61
CA VAL A 421 87.77 -20.19 3.91
C VAL A 421 88.26 -18.92 4.58
N PRO A 422 89.22 -18.98 5.49
CA PRO A 422 89.73 -17.73 6.09
C PRO A 422 90.42 -16.87 5.04
N PHE A 423 90.34 -15.56 5.25
CA PHE A 423 91.08 -14.63 4.41
C PHE A 423 92.57 -14.92 4.51
N HIS A 424 93.25 -14.90 3.38
CA HIS A 424 94.71 -14.95 3.42
C HIS A 424 95.23 -13.67 4.04
N SER A 425 96.23 -13.81 4.91
CA SER A 425 96.82 -12.64 5.58
C SER A 425 97.69 -11.90 4.58
N SER A 426 97.09 -10.92 3.91
CA SER A 426 97.83 -10.09 2.96
C SER A 426 98.45 -8.89 3.65
N TYR A 427 99.17 -9.16 4.75
CA TYR A 427 99.74 -8.13 5.58
C TYR A 427 100.91 -8.71 6.35
N ALA A 428 101.82 -7.84 6.76
CA ALA A 428 102.87 -8.20 7.69
C ALA A 428 102.62 -7.48 9.00
N HIS A 429 102.95 -8.13 10.10
CA HIS A 429 102.73 -7.52 11.40
C HIS A 429 103.73 -6.41 11.65
N SER A 430 103.25 -5.27 12.10
CA SER A 430 104.10 -4.15 12.47
C SER A 430 104.55 -4.21 13.92
N GLN A 431 104.18 -5.28 14.62
CA GLN A 431 104.64 -5.53 15.98
C GLN A 431 105.20 -6.93 16.05
N SER A 432 106.17 -7.12 16.93
CA SER A 432 106.71 -8.44 17.20
C SER A 432 105.99 -9.06 18.39
N LEU A 433 105.94 -10.38 18.41
CA LEU A 433 105.22 -11.08 19.47
C LEU A 433 105.85 -10.83 20.84
N ASP A 434 107.16 -10.66 20.90
CA ASP A 434 107.85 -10.41 22.15
C ASP A 434 107.93 -8.92 22.48
N ARG A 435 107.25 -8.07 21.71
CA ARG A 435 107.27 -6.63 21.92
C ARG A 435 105.85 -6.07 21.90
N LEU A 436 104.92 -6.76 22.55
CA LEU A 436 103.53 -6.34 22.60
C LEU A 436 103.22 -5.49 23.82
N MET A 437 104.20 -5.27 24.68
CA MET A 437 104.00 -4.60 25.95
C MET A 437 104.25 -3.09 25.84
N ASN A 438 103.74 -2.38 26.83
CA ASN A 438 103.99 -0.96 26.97
C ASN A 438 105.44 -0.74 27.35
N PRO A 439 106.23 -0.02 26.57
CA PRO A 439 107.65 0.18 26.87
C PRO A 439 107.93 1.22 27.95
N LEU A 440 106.91 1.75 28.61
CA LEU A 440 107.11 2.77 29.63
C LEU A 440 106.77 2.31 31.03
N ILE A 441 106.02 1.21 31.17
CA ILE A 441 105.47 0.78 32.44
C ILE A 441 106.08 -0.55 32.83
N ASP A 442 106.45 -0.68 34.09
CA ASP A 442 106.90 -1.96 34.61
C ASP A 442 105.73 -2.93 34.72
N GLN A 443 106.06 -4.20 34.74
CA GLN A 443 105.08 -5.22 35.06
C GLN A 443 104.91 -5.33 36.57
N TYR A 444 103.69 -5.67 37.00
CA TYR A 444 103.51 -6.00 38.41
C TYR A 444 103.94 -7.42 38.72
N LEU A 445 104.15 -8.25 37.71
CA LEU A 445 104.66 -9.59 37.91
C LEU A 445 106.17 -9.57 38.08
N TYR A 446 106.67 -10.49 38.89
CA TYR A 446 108.09 -10.64 39.12
C TYR A 446 108.62 -11.86 38.39
N TYR A 447 109.90 -11.83 38.07
CA TYR A 447 110.60 -12.97 37.53
C TYR A 447 111.83 -13.23 38.38
N LEU A 448 112.26 -14.48 38.41
CA LEU A 448 113.50 -14.83 39.09
C LEU A 448 114.66 -14.18 38.37
N SER A 449 115.27 -13.16 38.97
CA SER A 449 116.31 -12.39 38.32
C SER A 449 117.72 -12.83 38.71
N ARG A 450 117.91 -13.36 39.91
CA ARG A 450 119.21 -13.86 40.31
C ARG A 450 119.04 -15.07 41.21
N THR A 451 119.97 -16.01 41.09
CA THR A 451 120.03 -17.17 41.96
C THR A 451 121.30 -17.20 42.80
N GLN A 452 122.16 -16.19 42.68
CA GLN A 452 123.43 -16.15 43.39
C GLN A 452 123.69 -14.72 43.83
N THR A 453 124.22 -14.56 45.04
CA THR A 453 124.50 -13.23 45.59
C THR A 453 125.61 -12.53 44.82
N ASN A 459 130.42 -15.97 46.46
CA ASN A 459 128.97 -15.76 46.42
C ASN A 459 128.22 -17.04 46.75
N THR A 460 127.04 -16.88 47.34
CA THR A 460 126.23 -17.99 47.79
C THR A 460 124.89 -17.99 47.08
N GLN A 461 124.14 -19.07 47.25
CA GLN A 461 122.83 -19.18 46.66
C GLN A 461 121.87 -18.17 47.29
N THR A 462 120.96 -17.65 46.46
CA THR A 462 119.93 -16.73 46.91
C THR A 462 118.79 -16.79 45.90
N LEU A 463 117.71 -16.08 46.20
CA LEU A 463 116.60 -15.92 45.28
C LEU A 463 116.27 -14.45 45.19
N GLY A 464 116.66 -13.82 44.09
CA GLY A 464 116.34 -12.43 43.83
C GLY A 464 115.30 -12.34 42.72
N PHE A 465 114.29 -11.51 42.94
CA PHE A 465 113.19 -11.35 42.02
C PHE A 465 113.09 -9.90 41.61
N SER A 466 112.88 -9.67 40.32
CA SER A 466 112.76 -8.33 39.77
C SER A 466 111.49 -8.25 38.96
N GLN A 467 111.00 -7.02 38.80
CA GLN A 467 109.84 -6.77 37.96
C GLN A 467 110.30 -6.50 36.54
N GLY A 468 109.69 -7.19 35.59
CA GLY A 468 109.96 -6.95 34.20
C GLY A 468 109.60 -5.53 33.82
N GLY A 469 110.50 -4.85 33.11
CA GLY A 469 110.28 -3.48 32.75
C GLY A 469 110.78 -3.16 31.37
N PRO A 470 110.88 -1.86 31.05
CA PRO A 470 111.32 -1.46 29.71
C PRO A 470 112.71 -1.97 29.35
N ASN A 471 113.58 -2.16 30.32
CA ASN A 471 114.94 -2.60 30.04
C ASN A 471 115.11 -4.11 30.06
N THR A 472 114.40 -4.81 30.94
CA THR A 472 114.43 -6.26 30.99
C THR A 472 113.25 -6.85 30.22
N MET A 473 113.18 -6.47 28.95
CA MET A 473 112.02 -6.81 28.14
C MET A 473 112.01 -8.27 27.75
N ALA A 474 113.19 -8.89 27.68
CA ALA A 474 113.26 -10.32 27.42
C ALA A 474 112.77 -11.15 28.60
N ASN A 475 112.79 -10.59 29.81
CA ASN A 475 112.37 -11.31 31.01
C ASN A 475 110.90 -11.13 31.34
N GLN A 476 110.20 -10.24 30.65
CA GLN A 476 108.83 -9.93 31.00
C GLN A 476 107.91 -11.13 30.80
N ALA A 477 106.92 -11.24 31.69
CA ALA A 477 105.88 -12.23 31.49
C ALA A 477 105.08 -11.90 30.23
N LYS A 478 104.80 -12.93 29.45
CA LYS A 478 104.13 -12.75 28.16
C LYS A 478 103.03 -13.78 28.02
N ASN A 479 102.03 -13.45 27.20
CA ASN A 479 100.85 -14.27 27.06
C ASN A 479 100.94 -15.27 25.92
N TRP A 480 101.89 -15.12 25.00
CA TRP A 480 101.86 -15.88 23.76
C TRP A 480 103.25 -16.39 23.43
N LEU A 481 103.27 -17.44 22.60
CA LEU A 481 104.49 -18.07 22.15
C LEU A 481 104.57 -18.03 20.64
N PRO A 482 105.77 -18.01 20.06
CA PRO A 482 105.89 -18.06 18.61
C PRO A 482 105.39 -19.39 18.07
N GLY A 483 104.99 -19.38 16.82
CA GLY A 483 104.45 -20.55 16.17
C GLY A 483 105.40 -21.73 16.18
N PRO A 484 104.93 -22.87 15.70
CA PRO A 484 105.72 -24.10 15.79
C PRO A 484 106.93 -24.07 14.86
N CYS A 485 107.92 -24.89 15.20
CA CYS A 485 109.19 -24.91 14.51
C CYS A 485 109.52 -26.32 14.06
N TYR A 486 110.08 -26.44 12.85
CA TYR A 486 110.63 -27.69 12.33
C TYR A 486 111.92 -27.31 11.62
N ARG A 487 113.02 -27.30 12.36
CA ARG A 487 114.20 -26.57 11.95
C ARG A 487 114.77 -27.08 10.63
N GLN A 488 115.13 -26.14 9.77
CA GLN A 488 115.74 -26.42 8.48
C GLN A 488 117.19 -26.00 8.49
N GLN A 489 117.99 -26.65 7.65
CA GLN A 489 119.38 -26.26 7.50
C GLN A 489 119.49 -24.93 6.79
N ARG A 490 120.45 -24.11 7.22
CA ARG A 490 120.65 -22.80 6.65
C ARG A 490 121.60 -22.87 5.48
N VAL A 491 121.21 -22.26 4.37
CA VAL A 491 122.03 -22.18 3.17
C VAL A 491 122.23 -20.71 2.82
N SER A 492 123.45 -20.33 2.50
CA SER A 492 123.78 -18.97 2.12
C SER A 492 123.79 -18.85 0.61
N THR A 493 123.17 -17.80 0.08
CA THR A 493 123.28 -17.53 -1.35
C THR A 493 124.69 -17.12 -1.73
N THR A 494 125.49 -16.66 -0.78
CA THR A 494 126.93 -16.51 -0.96
C THR A 494 127.56 -17.88 -0.76
N THR A 495 127.85 -18.57 -1.86
CA THR A 495 128.20 -19.98 -1.78
C THR A 495 129.47 -20.22 -0.98
N GLY A 496 130.38 -19.26 -0.96
CA GLY A 496 131.60 -19.41 -0.19
C GLY A 496 131.36 -19.57 1.31
N GLN A 497 130.22 -19.10 1.80
CA GLN A 497 129.87 -19.27 3.20
C GLN A 497 129.25 -20.63 3.51
N ASN A 498 128.97 -21.44 2.49
CA ASN A 498 128.38 -22.74 2.70
C ASN A 498 129.45 -23.80 2.89
N ASN A 499 129.07 -24.88 3.55
CA ASN A 499 129.96 -26.03 3.69
C ASN A 499 130.27 -26.62 2.33
N ASN A 500 131.52 -27.00 2.12
CA ASN A 500 131.95 -27.59 0.86
C ASN A 500 131.58 -29.06 0.84
N SER A 501 130.28 -29.30 0.67
CA SER A 501 129.76 -30.66 0.56
C SER A 501 128.40 -30.58 -0.12
N ASN A 502 127.94 -31.72 -0.60
CA ASN A 502 126.63 -31.83 -1.24
C ASN A 502 125.65 -32.30 -0.16
N PHE A 503 125.00 -31.34 0.49
CA PHE A 503 124.13 -31.63 1.62
C PHE A 503 122.68 -31.26 1.39
N ALA A 504 122.28 -31.01 0.14
CA ALA A 504 120.90 -30.62 -0.11
C ALA A 504 119.93 -31.70 0.34
N TRP A 505 120.27 -32.96 0.10
CA TRP A 505 119.44 -34.07 0.54
C TRP A 505 119.87 -34.64 1.88
N THR A 506 121.17 -34.85 2.09
CA THR A 506 121.63 -35.47 3.33
C THR A 506 121.30 -34.59 4.54
N ALA A 507 121.48 -33.28 4.42
CA ALA A 507 121.13 -32.35 5.48
C ALA A 507 119.73 -31.79 5.32
N GLY A 508 118.97 -32.27 4.33
CA GLY A 508 117.63 -31.77 4.13
C GLY A 508 116.72 -32.10 5.30
N THR A 509 115.78 -31.20 5.55
CA THR A 509 114.79 -31.41 6.59
C THR A 509 113.66 -32.25 6.03
N LYS A 510 113.45 -33.42 6.62
CA LYS A 510 112.62 -34.44 6.02
C LYS A 510 111.59 -34.94 7.02
N TYR A 511 110.54 -35.54 6.48
CA TYR A 511 109.63 -36.37 7.26
C TYR A 511 109.71 -37.80 6.76
N HIS A 512 109.34 -38.72 7.64
CA HIS A 512 109.44 -40.14 7.38
C HIS A 512 108.03 -40.72 7.33
N LEU A 513 107.70 -41.39 6.24
CA LEU A 513 106.37 -41.95 6.06
C LEU A 513 106.50 -43.30 5.38
N ASN A 514 106.10 -44.35 6.09
CA ASN A 514 106.11 -45.73 5.57
C ASN A 514 107.48 -46.09 5.01
N GLY A 515 108.51 -45.83 5.81
CA GLY A 515 109.87 -46.14 5.41
C GLY A 515 110.40 -45.31 4.27
N ARG A 516 109.70 -44.26 3.87
CA ARG A 516 110.10 -43.40 2.78
C ARG A 516 110.42 -42.02 3.34
N ASN A 517 111.54 -41.46 2.92
CA ASN A 517 111.94 -40.13 3.33
C ASN A 517 111.55 -39.12 2.27
N SER A 518 110.86 -38.08 2.68
CA SER A 518 110.48 -36.99 1.78
C SER A 518 110.86 -35.68 2.43
N LEU A 519 111.34 -34.75 1.62
CA LEU A 519 111.66 -33.42 2.14
C LEU A 519 110.42 -32.76 2.72
N ALA A 520 110.58 -32.13 3.87
CA ALA A 520 109.55 -31.25 4.42
C ALA A 520 109.65 -29.92 3.68
N ASN A 521 109.16 -29.94 2.45
CA ASN A 521 109.41 -28.88 1.49
C ASN A 521 108.09 -28.29 1.01
N PRO A 522 107.79 -27.02 1.28
CA PRO A 522 108.66 -26.11 2.03
C PRO A 522 108.50 -26.22 3.54
N GLY A 523 107.67 -27.16 3.99
CA GLY A 523 107.45 -27.34 5.40
C GLY A 523 106.54 -26.28 5.98
N ILE A 524 106.52 -26.23 7.32
CA ILE A 524 105.65 -25.30 8.02
C ILE A 524 106.13 -23.87 7.80
N ALA A 525 105.20 -22.93 7.91
CA ALA A 525 105.52 -21.52 7.69
C ALA A 525 106.43 -21.02 8.79
N MET A 526 107.69 -20.76 8.43
CA MET A 526 108.65 -20.15 9.33
C MET A 526 109.35 -19.02 8.59
N ALA A 527 109.81 -18.04 9.36
CA ALA A 527 110.54 -16.93 8.78
C ALA A 527 111.79 -17.43 8.07
N THR A 528 112.00 -16.96 6.84
CA THR A 528 113.12 -17.42 6.03
C THR A 528 114.45 -17.12 6.72
N HIS A 529 114.58 -15.95 7.31
CA HIS A 529 115.81 -15.52 7.95
C HIS A 529 115.46 -14.47 8.99
N LYS A 530 116.42 -14.18 9.85
CA LYS A 530 116.22 -13.12 10.83
C LYS A 530 116.74 -11.80 10.24
N ASP A 531 116.83 -10.78 11.09
CA ASP A 531 117.23 -9.45 10.63
C ASP A 531 118.63 -9.48 10.04
N ASP A 532 118.79 -8.79 8.91
CA ASP A 532 120.09 -8.59 8.27
C ASP A 532 120.73 -9.91 7.83
N GLU A 533 119.92 -10.90 7.48
CA GLU A 533 120.43 -12.19 7.02
C GLU A 533 119.68 -12.64 5.77
N GLU A 534 119.44 -11.71 4.85
CA GLU A 534 118.68 -12.01 3.64
C GLU A 534 119.36 -13.07 2.79
N ARG A 535 120.69 -13.17 2.88
CA ARG A 535 121.43 -14.13 2.09
C ARG A 535 121.16 -15.57 2.52
N PHE A 536 120.58 -15.78 3.69
CA PHE A 536 120.34 -17.11 4.23
C PHE A 536 118.92 -17.55 3.92
N PHE A 537 118.76 -18.82 3.57
CA PHE A 537 117.44 -19.39 3.40
C PHE A 537 117.45 -20.83 3.89
N PRO A 538 116.32 -21.34 4.37
CA PRO A 538 116.23 -22.76 4.70
C PRO A 538 116.40 -23.60 3.43
N SER A 539 117.10 -24.73 3.58
CA SER A 539 117.51 -25.50 2.42
C SER A 539 116.32 -25.98 1.60
N ASN A 540 115.26 -26.43 2.26
CA ASN A 540 114.02 -26.79 1.58
C ASN A 540 112.83 -26.21 2.32
N GLY A 541 112.93 -24.93 2.68
CA GLY A 541 111.90 -24.29 3.47
C GLY A 541 111.28 -23.07 2.85
N ILE A 542 111.52 -22.85 1.56
CA ILE A 542 110.96 -21.71 0.84
C ILE A 542 110.47 -22.18 -0.52
N LEU A 543 109.52 -21.44 -1.07
CA LEU A 543 109.12 -21.63 -2.45
C LEU A 543 110.19 -21.01 -3.36
N ILE A 544 110.63 -21.79 -4.34
CA ILE A 544 111.63 -21.33 -5.30
C ILE A 544 111.00 -21.39 -6.67
N PHE A 545 110.81 -20.24 -7.29
CA PHE A 545 110.29 -20.16 -8.65
C PHE A 545 111.45 -19.99 -9.63
N GLY A 546 111.28 -20.56 -10.81
CA GLY A 546 112.28 -20.43 -11.85
C GLY A 546 112.02 -19.19 -12.70
N LYS A 547 113.11 -18.52 -13.06
CA LYS A 547 113.00 -17.46 -14.04
C LYS A 547 112.66 -18.08 -15.41
N GLN A 548 112.26 -17.22 -16.34
CA GLN A 548 111.93 -17.70 -17.67
C GLN A 548 113.14 -18.39 -18.29
N ASN A 549 112.89 -19.56 -18.90
CA ASN A 549 113.92 -20.38 -19.54
C ASN A 549 114.93 -20.92 -18.54
N ALA A 550 114.55 -21.05 -17.27
CA ALA A 550 115.41 -21.73 -16.31
C ALA A 550 115.42 -23.22 -16.60
N ALA A 551 116.59 -23.84 -16.41
CA ALA A 551 116.73 -25.26 -16.66
C ALA A 551 115.88 -26.07 -15.68
N ARG A 552 115.36 -27.20 -16.16
CA ARG A 552 114.60 -28.08 -15.29
C ARG A 552 115.48 -28.66 -14.18
N ASP A 553 116.70 -29.06 -14.52
CA ASP A 553 117.62 -29.66 -13.55
C ASP A 553 118.84 -28.78 -13.39
N ASN A 554 119.27 -28.60 -12.14
CA ASN A 554 120.51 -27.91 -11.81
C ASN A 554 120.54 -26.50 -12.40
N ALA A 555 119.44 -25.78 -12.24
CA ALA A 555 119.43 -24.37 -12.57
C ALA A 555 120.29 -23.60 -11.57
N ASP A 556 121.06 -22.65 -12.07
CA ASP A 556 121.89 -21.84 -11.20
C ASP A 556 121.03 -20.92 -10.35
N TYR A 557 121.64 -20.39 -9.28
CA TYR A 557 120.92 -19.47 -8.40
C TYR A 557 120.43 -18.26 -9.16
N SER A 558 121.16 -17.83 -10.18
CA SER A 558 120.73 -16.68 -10.98
C SER A 558 119.52 -17.00 -11.85
N ASP A 559 119.21 -18.27 -12.07
CA ASP A 559 118.08 -18.67 -12.88
C ASP A 559 116.82 -18.94 -12.08
N VAL A 560 116.87 -18.83 -10.75
CA VAL A 560 115.72 -19.10 -9.92
C VAL A 560 115.40 -17.86 -9.10
N MET A 561 114.18 -17.86 -8.56
CA MET A 561 113.67 -16.73 -7.78
C MET A 561 113.32 -17.26 -6.40
N LEU A 562 114.15 -16.97 -5.41
CA LEU A 562 113.88 -17.39 -4.05
C LEU A 562 112.84 -16.48 -3.42
N THR A 563 111.82 -17.09 -2.83
CA THR A 563 110.89 -16.31 -2.02
C THR A 563 111.46 -16.13 -0.61
N SER A 564 110.88 -15.19 0.12
CA SER A 564 111.28 -14.93 1.49
C SER A 564 110.06 -14.72 2.35
N GLU A 565 109.98 -15.46 3.45
CA GLU A 565 108.92 -15.31 4.43
C GLU A 565 109.39 -14.48 5.62
N GLU A 566 110.24 -13.49 5.40
CA GLU A 566 110.76 -12.68 6.50
C GLU A 566 109.68 -11.84 7.16
N GLU A 567 108.54 -11.62 6.49
CA GLU A 567 107.47 -10.83 7.08
C GLU A 567 106.89 -11.49 8.33
N ILE A 568 107.02 -12.80 8.47
CA ILE A 568 106.46 -13.51 9.61
C ILE A 568 107.50 -13.71 10.71
N LYS A 569 108.62 -13.00 10.65
CA LYS A 569 109.58 -12.99 11.77
C LYS A 569 108.91 -12.57 13.07
N THR A 570 107.89 -11.72 12.97
CA THR A 570 107.26 -11.16 14.15
C THR A 570 106.52 -12.21 14.96
N THR A 571 106.09 -13.26 14.32
CA THR A 571 105.28 -14.27 15.00
C THR A 571 105.84 -15.68 14.83
N ASN A 572 106.42 -15.99 13.67
CA ASN A 572 106.93 -17.33 13.44
C ASN A 572 108.43 -17.37 13.71
N PRO A 573 108.92 -18.47 14.28
CA PRO A 573 110.37 -18.61 14.47
C PRO A 573 111.09 -18.69 13.13
N VAL A 574 112.35 -18.27 13.13
CA VAL A 574 113.16 -18.36 11.93
C VAL A 574 113.37 -19.82 11.57
N ALA A 575 113.24 -20.13 10.28
CA ALA A 575 113.24 -21.51 9.83
C ALA A 575 114.56 -22.21 10.14
N THR A 576 115.66 -21.48 10.19
CA THR A 576 116.97 -22.07 10.36
C THR A 576 117.49 -21.95 11.79
N GLU A 577 116.66 -21.47 12.71
CA GLU A 577 117.05 -21.31 14.09
C GLU A 577 116.23 -22.24 14.97
N GLU A 578 116.73 -22.48 16.17
CA GLU A 578 116.00 -23.27 17.14
C GLU A 578 114.76 -22.52 17.62
N TYR A 579 113.75 -23.28 18.03
CA TYR A 579 112.55 -22.66 18.58
C TYR A 579 112.86 -21.96 19.89
N GLY A 580 113.65 -22.59 20.75
CA GLY A 580 113.92 -22.03 22.04
C GLY A 580 114.79 -22.96 22.85
N ILE A 581 114.77 -22.75 24.16
CA ILE A 581 115.61 -23.47 25.09
C ILE A 581 114.72 -24.04 26.19
N VAL A 582 114.93 -25.31 26.51
CA VAL A 582 114.23 -25.96 27.63
C VAL A 582 115.26 -26.56 28.56
N ALA A 583 114.85 -26.77 29.80
CA ALA A 583 115.69 -27.46 30.77
C ALA A 583 115.86 -28.92 30.39
N ASP A 584 117.07 -29.44 30.57
CA ASP A 584 117.36 -30.83 30.26
C ASP A 584 117.57 -31.69 31.48
N ASN A 585 117.60 -31.11 32.68
CA ASN A 585 117.86 -31.86 33.89
C ASN A 585 117.23 -31.13 35.06
N LEU A 586 117.51 -31.61 36.27
CA LEU A 586 117.10 -30.96 37.51
C LEU A 586 118.37 -30.48 38.21
N GLN A 587 118.55 -29.16 38.25
CA GLN A 587 119.73 -28.62 38.91
C GLN A 587 119.66 -28.84 40.41
N GLN A 588 120.80 -29.16 41.00
CA GLN A 588 120.96 -29.27 42.44
C GLN A 588 122.23 -28.51 42.82
N GLN A 589 122.53 -28.50 44.12
CA GLN A 589 123.75 -27.85 44.56
C GLN A 589 125.00 -28.52 44.00
N ASN A 590 124.89 -29.76 43.54
CA ASN A 590 126.02 -30.47 42.95
C ASN A 590 125.93 -30.62 41.44
N THR A 591 124.77 -30.40 40.83
CA THR A 591 124.60 -30.54 39.39
C THR A 591 124.17 -29.20 38.81
N ALA A 592 125.00 -28.64 37.94
CA ALA A 592 124.66 -27.39 37.28
C ALA A 592 123.49 -27.61 36.32
N PRO A 593 122.62 -26.61 36.17
CA PRO A 593 121.50 -26.75 35.25
C PRO A 593 121.97 -26.92 33.82
N GLN A 594 121.30 -27.80 33.09
CA GLN A 594 121.59 -28.07 31.70
C GLN A 594 120.40 -27.65 30.84
N ILE A 595 120.69 -27.15 29.65
CA ILE A 595 119.66 -26.66 28.76
C ILE A 595 119.65 -27.49 27.50
N GLY A 596 118.46 -27.69 26.95
CA GLY A 596 118.28 -28.39 25.69
C GLY A 596 117.78 -27.42 24.63
N THR A 597 118.33 -27.56 23.43
CA THR A 597 117.96 -26.73 22.30
C THR A 597 116.79 -27.38 21.57
N VAL A 598 115.68 -26.66 21.48
CA VAL A 598 114.47 -27.18 20.84
C VAL A 598 114.56 -26.88 19.35
N ASN A 599 114.87 -27.90 18.55
CA ASN A 599 114.94 -27.76 17.11
C ASN A 599 113.66 -28.16 16.41
N SER A 600 112.70 -28.71 17.14
CA SER A 600 111.41 -29.08 16.58
C SER A 600 110.39 -28.91 17.68
N GLN A 601 109.40 -28.05 17.46
CA GLN A 601 108.40 -27.75 18.47
C GLN A 601 107.02 -27.86 17.85
N GLY A 602 106.22 -28.80 18.33
CA GLY A 602 104.84 -28.90 17.94
C GLY A 602 103.99 -27.86 18.63
N ALA A 603 102.69 -27.94 18.37
CA ALA A 603 101.77 -26.92 18.88
C ALA A 603 101.78 -26.88 20.40
N LEU A 604 101.92 -25.69 20.95
CA LEU A 604 101.78 -25.43 22.37
C LEU A 604 100.65 -24.44 22.59
N PRO A 605 99.95 -24.53 23.72
CA PRO A 605 98.90 -23.53 24.01
C PRO A 605 99.49 -22.14 24.10
N GLY A 606 98.75 -21.17 23.61
CA GLY A 606 99.22 -19.81 23.54
C GLY A 606 100.10 -19.52 22.36
N MET A 607 100.34 -20.49 21.49
CA MET A 607 101.18 -20.27 20.32
C MET A 607 100.37 -19.61 19.22
N VAL A 608 100.97 -18.64 18.54
CA VAL A 608 100.36 -17.97 17.41
C VAL A 608 101.36 -17.98 16.26
N TRP A 609 100.85 -18.00 15.04
CA TRP A 609 101.73 -18.04 13.87
C TRP A 609 100.99 -17.51 12.67
N GLN A 610 101.76 -17.18 11.64
CA GLN A 610 101.25 -16.79 10.34
C GLN A 610 101.47 -17.93 9.35
N ASN A 611 100.60 -18.01 8.36
CA ASN A 611 100.79 -18.96 7.28
C ASN A 611 101.83 -18.44 6.30
N ARG A 612 102.27 -19.31 5.41
CA ARG A 612 103.15 -18.90 4.33
C ARG A 612 102.41 -17.92 3.42
N ASP A 613 103.17 -16.96 2.89
CA ASP A 613 102.60 -16.01 1.95
C ASP A 613 102.21 -16.70 0.65
N VAL A 614 101.23 -16.14 -0.03
CA VAL A 614 100.92 -16.55 -1.39
C VAL A 614 101.65 -15.63 -2.35
N TYR A 615 101.85 -16.11 -3.57
CA TYR A 615 102.61 -15.38 -4.57
C TYR A 615 101.82 -15.34 -5.87
N LEU A 616 102.11 -14.32 -6.68
CA LEU A 616 101.48 -14.22 -7.97
C LEU A 616 101.72 -15.47 -8.81
N GLN A 617 102.92 -16.03 -8.72
CA GLN A 617 103.26 -17.27 -9.41
C GLN A 617 102.90 -18.51 -8.61
N GLY A 618 102.47 -18.37 -7.37
CA GLY A 618 102.29 -19.49 -6.49
C GLY A 618 100.92 -20.14 -6.60
N PRO A 619 100.73 -21.25 -5.89
CA PRO A 619 99.43 -21.92 -5.90
C PRO A 619 98.38 -21.13 -5.14
N ILE A 620 97.12 -21.38 -5.50
CA ILE A 620 95.98 -20.74 -4.86
C ILE A 620 95.39 -21.61 -3.76
N TRP A 621 95.08 -22.86 -4.09
CA TRP A 621 94.39 -23.74 -3.16
C TRP A 621 95.02 -25.12 -3.19
N ALA A 622 94.75 -25.88 -2.14
CA ALA A 622 95.03 -27.30 -2.11
C ALA A 622 93.85 -28.01 -1.49
N LYS A 623 93.64 -29.26 -1.90
CA LYS A 623 92.63 -30.07 -1.26
C LYS A 623 93.13 -30.56 0.09
N ILE A 624 92.36 -30.29 1.13
CA ILE A 624 92.67 -30.85 2.44
C ILE A 624 92.42 -32.35 2.34
N PRO A 625 93.42 -33.19 2.66
CA PRO A 625 93.21 -34.63 2.58
C PRO A 625 92.07 -35.06 3.49
N HIS A 626 91.28 -36.01 3.02
CA HIS A 626 90.15 -36.52 3.79
C HIS A 626 90.70 -37.45 4.86
N THR A 627 90.91 -36.92 6.06
CA THR A 627 91.46 -37.69 7.16
C THR A 627 90.63 -37.44 8.41
N ASP A 628 90.84 -38.29 9.41
CA ASP A 628 90.16 -38.13 10.69
C ASP A 628 90.57 -36.82 11.35
N GLY A 629 91.85 -36.50 11.32
CA GLY A 629 92.33 -35.31 12.00
C GLY A 629 93.32 -34.56 11.14
N ASN A 630 93.27 -33.24 11.27
CA ASN A 630 94.30 -32.38 10.73
C ASN A 630 94.51 -31.26 11.72
N PHE A 631 95.68 -30.64 11.67
CA PHE A 631 95.99 -29.48 12.49
C PHE A 631 96.28 -28.31 11.58
N HIS A 632 95.50 -27.24 11.72
CA HIS A 632 95.61 -26.04 10.92
C HIS A 632 95.76 -26.38 9.45
N PRO A 633 94.70 -26.87 8.80
CA PRO A 633 94.85 -27.41 7.44
C PRO A 633 95.05 -26.32 6.40
N SER A 634 96.04 -25.50 6.60
CA SER A 634 96.47 -24.55 5.59
C SER A 634 97.60 -25.17 4.77
N PRO A 635 97.49 -25.18 3.44
CA PRO A 635 98.50 -25.86 2.62
C PRO A 635 99.88 -25.27 2.86
N LEU A 636 100.88 -26.14 2.89
CA LEU A 636 102.21 -25.70 3.30
C LEU A 636 102.90 -24.85 2.24
N MET A 637 102.68 -25.14 0.96
CA MET A 637 103.21 -24.25 -0.06
C MET A 637 102.37 -22.99 -0.24
N GLY A 638 101.44 -22.74 0.67
CA GLY A 638 100.68 -21.51 0.67
C GLY A 638 99.35 -21.66 -0.03
N GLY A 639 98.42 -20.80 0.34
CA GLY A 639 97.12 -20.76 -0.27
C GLY A 639 96.01 -21.17 0.67
N PHE A 640 94.89 -21.56 0.07
CA PHE A 640 93.67 -21.86 0.80
C PHE A 640 93.47 -23.36 0.85
N GLY A 641 93.34 -23.89 2.06
CA GLY A 641 93.01 -25.29 2.21
C GLY A 641 91.52 -25.49 2.11
N LEU A 642 91.09 -26.34 1.18
CA LEU A 642 89.67 -26.55 0.92
C LEU A 642 89.35 -28.03 1.08
N LYS A 643 88.31 -28.33 1.86
CA LYS A 643 87.80 -29.70 1.90
C LYS A 643 87.24 -30.10 0.54
N HIS A 644 86.56 -29.18 -0.13
CA HIS A 644 85.97 -29.41 -1.44
C HIS A 644 86.50 -28.34 -2.37
N PRO A 645 87.70 -28.54 -2.91
CA PRO A 645 88.32 -27.52 -3.77
C PRO A 645 87.62 -27.46 -5.11
N PRO A 646 88.01 -26.52 -5.98
CA PRO A 646 87.50 -26.55 -7.34
C PRO A 646 87.74 -27.92 -7.97
N PRO A 647 86.71 -28.52 -8.54
CA PRO A 647 86.85 -29.90 -9.03
C PRO A 647 87.82 -29.99 -10.18
N GLN A 648 88.47 -31.14 -10.29
CA GLN A 648 89.30 -31.41 -11.44
C GLN A 648 88.45 -31.44 -12.70
N ILE A 649 88.90 -30.78 -13.74
CA ILE A 649 88.21 -30.75 -15.02
C ILE A 649 89.02 -31.60 -15.98
N LEU A 650 88.49 -32.78 -16.31
CA LEU A 650 89.19 -33.74 -17.14
C LEU A 650 88.70 -33.62 -18.57
N ILE A 651 89.63 -33.61 -19.51
CA ILE A 651 89.31 -33.43 -20.92
C ILE A 651 90.09 -34.47 -21.72
N LYS A 652 89.45 -35.02 -22.75
CA LYS A 652 90.07 -36.02 -23.58
C LYS A 652 89.53 -35.93 -24.99
N ASN A 653 90.39 -36.13 -25.97
CA ASN A 653 89.92 -36.34 -27.34
C ASN A 653 89.29 -37.72 -27.44
N THR A 654 88.06 -37.77 -27.88
CA THR A 654 87.41 -39.06 -28.08
C THR A 654 88.14 -39.83 -29.17
N PRO A 655 88.55 -41.06 -28.91
CA PRO A 655 89.27 -41.82 -29.95
C PRO A 655 88.40 -42.02 -31.17
N VAL A 656 88.99 -41.78 -32.34
CA VAL A 656 88.34 -42.01 -33.61
C VAL A 656 89.09 -43.13 -34.32
N PRO A 657 88.55 -44.34 -34.39
CA PRO A 657 89.27 -45.44 -35.02
C PRO A 657 89.55 -45.16 -36.48
N ALA A 658 90.70 -45.63 -36.94
CA ALA A 658 90.95 -45.74 -38.37
C ALA A 658 90.06 -46.85 -38.93
N ASP A 659 90.20 -47.12 -40.22
CA ASP A 659 89.33 -48.09 -40.84
C ASP A 659 89.56 -49.47 -40.23
N PRO A 660 88.54 -50.10 -39.65
CA PRO A 660 88.70 -51.44 -39.10
C PRO A 660 88.80 -52.45 -40.22
N PRO A 661 89.27 -53.67 -39.93
CA PRO A 661 89.28 -54.71 -40.96
C PRO A 661 87.85 -55.08 -41.36
N THR A 662 87.72 -55.63 -42.55
CA THR A 662 86.42 -56.02 -43.06
C THR A 662 85.96 -57.38 -42.55
N THR A 663 86.81 -58.09 -41.81
CA THR A 663 86.42 -59.30 -41.11
C THR A 663 86.53 -59.05 -39.62
N PHE A 664 85.58 -59.57 -38.86
CA PHE A 664 85.49 -59.25 -37.45
C PHE A 664 86.72 -59.73 -36.69
N ASN A 665 87.23 -58.86 -35.82
CA ASN A 665 88.30 -59.19 -34.89
C ASN A 665 87.89 -58.72 -33.51
N GLN A 666 87.94 -59.63 -32.54
CA GLN A 666 87.51 -59.29 -31.18
C GLN A 666 88.49 -58.37 -30.48
N SER A 667 89.72 -58.28 -30.95
CA SER A 667 90.74 -57.49 -30.27
C SER A 667 90.36 -56.02 -30.29
N LYS A 668 90.71 -55.32 -29.21
CA LYS A 668 90.47 -53.89 -29.15
C LYS A 668 91.20 -53.18 -30.28
N LEU A 669 90.58 -52.15 -30.83
CA LEU A 669 91.18 -51.42 -31.92
C LEU A 669 92.36 -50.60 -31.40
N ASN A 670 93.48 -50.68 -32.11
CA ASN A 670 94.66 -49.88 -31.77
C ASN A 670 95.05 -48.94 -32.89
N SER A 671 94.34 -48.95 -34.01
CA SER A 671 94.61 -48.05 -35.12
C SER A 671 93.62 -46.89 -35.03
N PHE A 672 94.13 -45.71 -34.71
CA PHE A 672 93.29 -44.54 -34.51
C PHE A 672 93.74 -43.42 -35.43
N ILE A 673 92.77 -42.59 -35.80
CA ILE A 673 93.07 -41.38 -36.55
C ILE A 673 93.83 -40.42 -35.64
N THR A 674 94.98 -39.94 -36.10
CA THR A 674 95.77 -39.02 -35.31
C THR A 674 95.03 -37.70 -35.18
N GLN A 675 94.90 -37.21 -33.95
CA GLN A 675 93.91 -36.19 -33.70
C GLN A 675 94.35 -35.36 -32.50
N TYR A 676 94.04 -34.07 -32.55
CA TYR A 676 94.22 -33.20 -31.40
C TYR A 676 93.12 -32.16 -31.44
N SER A 677 92.85 -31.56 -30.28
CA SER A 677 91.84 -30.54 -30.18
C SER A 677 92.44 -29.25 -29.65
N THR A 678 91.82 -28.14 -30.04
CA THR A 678 92.17 -26.84 -29.51
C THR A 678 90.89 -26.10 -29.23
N GLY A 679 90.97 -25.12 -28.34
CA GLY A 679 89.81 -24.33 -28.01
C GLY A 679 90.20 -23.23 -27.06
N GLN A 680 89.18 -22.56 -26.54
CA GLN A 680 89.38 -21.52 -25.54
C GLN A 680 88.81 -21.98 -24.22
N VAL A 681 89.49 -21.59 -23.15
CA VAL A 681 89.05 -21.88 -21.79
C VAL A 681 88.93 -20.56 -21.05
N SER A 682 87.80 -20.35 -20.39
CA SER A 682 87.57 -19.18 -19.58
C SER A 682 87.35 -19.61 -18.14
N VAL A 683 88.07 -18.98 -17.21
CA VAL A 683 87.84 -19.18 -15.80
C VAL A 683 87.62 -17.81 -15.17
N GLU A 684 86.51 -17.66 -14.46
CA GLU A 684 86.17 -16.44 -13.76
C GLU A 684 86.12 -16.75 -12.27
N ILE A 685 86.92 -16.04 -11.49
CA ILE A 685 86.91 -16.20 -10.04
C ILE A 685 86.53 -14.88 -9.40
N GLU A 686 85.56 -14.92 -8.51
CA GLU A 686 85.21 -13.78 -7.69
C GLU A 686 85.94 -13.90 -6.36
N TRP A 687 86.70 -12.87 -6.01
CA TRP A 687 87.45 -12.83 -4.77
C TRP A 687 86.84 -11.79 -3.84
N GLU A 688 86.71 -12.14 -2.57
CA GLU A 688 86.31 -11.19 -1.56
C GLU A 688 87.55 -10.54 -0.97
N LEU A 689 87.48 -9.24 -0.73
CA LEU A 689 88.61 -8.47 -0.24
C LEU A 689 88.38 -8.05 1.21
N GLN A 690 89.44 -8.06 1.98
CA GLN A 690 89.46 -7.47 3.31
C GLN A 690 90.17 -6.14 3.20
N LYS A 691 89.41 -5.05 3.23
CA LYS A 691 89.99 -3.72 3.15
C LYS A 691 90.78 -3.41 4.40
N GLU A 692 91.93 -2.75 4.22
CA GLU A 692 92.73 -2.33 5.36
C GLU A 692 92.07 -1.15 6.04
N ASN A 693 91.89 -1.24 7.34
CA ASN A 693 91.35 -0.16 8.16
C ASN A 693 92.42 0.18 9.21
N SER A 694 93.36 1.02 8.82
CA SER A 694 94.58 1.24 9.59
C SER A 694 94.70 2.71 9.97
N LYS A 695 95.12 2.95 11.21
CA LYS A 695 95.37 4.29 11.69
C LYS A 695 96.85 4.62 11.70
N ARG A 696 97.66 3.82 11.01
CA ARG A 696 99.08 4.11 10.86
C ARG A 696 99.28 5.48 10.23
N TRP A 697 100.18 6.27 10.80
CA TRP A 697 100.39 7.63 10.33
C TRP A 697 101.36 7.67 9.15
N ASN A 698 102.51 7.01 9.29
CA ASN A 698 103.52 7.05 8.26
C ASN A 698 103.12 6.18 7.08
N PRO A 699 103.67 6.46 5.89
CA PRO A 699 103.30 5.67 4.71
C PRO A 699 103.70 4.22 4.85
N GLU A 700 102.91 3.35 4.23
CA GLU A 700 103.16 1.92 4.24
C GLU A 700 104.17 1.55 3.17
N ILE A 701 104.69 0.33 3.28
CA ILE A 701 105.46 -0.26 2.20
C ILE A 701 104.49 -0.75 1.14
N GLN A 702 104.78 -0.43 -0.11
CA GLN A 702 103.95 -0.82 -1.22
C GLN A 702 104.80 -1.52 -2.26
N TYR A 703 104.22 -2.49 -2.95
CA TYR A 703 104.91 -3.02 -4.11
C TYR A 703 104.87 -2.00 -5.23
N THR A 704 106.03 -1.71 -5.80
CA THR A 704 106.13 -0.73 -6.86
C THR A 704 107.10 -1.25 -7.91
N SER A 705 106.85 -0.87 -9.15
CA SER A 705 107.84 -1.10 -10.19
C SER A 705 109.00 -0.13 -10.02
N ASN A 706 110.17 -0.55 -10.48
CA ASN A 706 111.34 0.31 -10.40
C ASN A 706 111.19 1.48 -11.35
N TYR A 707 111.51 2.68 -10.87
CA TYR A 707 111.37 3.88 -11.68
C TYR A 707 112.48 4.00 -12.72
N TYR A 708 113.66 3.45 -12.42
CA TYR A 708 114.83 3.64 -13.26
C TYR A 708 114.68 2.89 -14.58
N LYS A 709 115.38 3.39 -15.60
CA LYS A 709 115.26 2.84 -16.94
C LYS A 709 115.82 1.42 -17.00
N SER A 710 115.33 0.65 -17.98
CA SER A 710 115.77 -0.71 -18.16
C SER A 710 115.57 -1.11 -19.61
N THR A 711 116.25 -2.20 -19.99
CA THR A 711 116.16 -2.68 -21.37
C THR A 711 114.73 -3.11 -21.72
N SER A 712 114.04 -3.72 -20.76
CA SER A 712 112.69 -4.21 -20.99
C SER A 712 111.81 -3.83 -19.80
N VAL A 713 110.52 -3.78 -20.06
CA VAL A 713 109.54 -3.55 -19.00
C VAL A 713 109.36 -4.83 -18.21
N ASP A 714 109.40 -4.72 -16.88
CA ASP A 714 109.14 -5.86 -16.02
C ASP A 714 107.71 -6.33 -16.19
N PHE A 715 107.52 -7.65 -16.20
CA PHE A 715 106.21 -8.26 -16.44
C PHE A 715 105.65 -7.85 -17.80
N ALA A 716 106.50 -7.92 -18.81
CA ALA A 716 106.12 -7.67 -20.18
C ALA A 716 106.84 -8.66 -21.07
N VAL A 717 106.68 -8.52 -22.36
CA VAL A 717 107.36 -9.37 -23.31
C VAL A 717 108.68 -8.72 -23.69
N ASN A 718 109.63 -9.54 -24.11
CA ASN A 718 110.89 -9.02 -24.63
C ASN A 718 110.77 -8.87 -26.14
N THR A 719 111.91 -8.65 -26.81
CA THR A 719 111.88 -8.46 -28.26
C THR A 719 111.50 -9.72 -29.02
N GLU A 720 111.57 -10.87 -28.37
CA GLU A 720 111.22 -12.15 -29.01
C GLU A 720 109.80 -12.59 -28.69
N GLY A 721 109.04 -11.79 -27.97
CA GLY A 721 107.68 -12.16 -27.63
C GLY A 721 107.54 -13.03 -26.41
N VAL A 722 108.61 -13.24 -25.66
CA VAL A 722 108.58 -14.09 -24.48
C VAL A 722 108.14 -13.26 -23.28
N TYR A 723 107.02 -13.64 -22.68
CA TYR A 723 106.60 -13.04 -21.43
C TYR A 723 107.38 -13.64 -20.27
N SER A 724 107.85 -12.79 -19.38
CA SER A 724 108.61 -13.25 -18.24
C SER A 724 108.14 -12.54 -16.97
N GLU A 725 108.20 -13.27 -15.87
CA GLU A 725 107.95 -12.69 -14.56
C GLU A 725 109.29 -12.51 -13.86
N PRO A 726 109.78 -11.29 -13.69
CA PRO A 726 111.16 -11.13 -13.23
C PRO A 726 111.37 -11.46 -11.77
N ARG A 727 110.35 -11.39 -10.93
CA ARG A 727 110.51 -11.62 -9.51
C ARG A 727 109.23 -12.26 -8.99
N PRO A 728 109.30 -12.98 -7.87
CA PRO A 728 108.08 -13.46 -7.22
C PRO A 728 107.50 -12.33 -6.37
N ILE A 729 106.29 -11.91 -6.70
CA ILE A 729 105.61 -10.87 -5.94
C ILE A 729 104.84 -11.55 -4.82
N GLY A 730 105.24 -11.27 -3.58
CA GLY A 730 104.50 -11.76 -2.44
C GLY A 730 103.19 -11.02 -2.28
N THR A 731 102.63 -11.07 -1.08
CA THR A 731 101.34 -10.48 -0.84
C THR A 731 101.33 -9.56 0.36
N ARG A 732 102.37 -9.60 1.18
CA ARG A 732 102.38 -8.91 2.48
C ARG A 732 103.18 -7.63 2.37
N TYR A 733 102.48 -6.52 2.13
CA TYR A 733 103.08 -5.20 2.09
C TYR A 733 102.46 -4.25 3.08
N LEU A 734 101.14 -4.29 3.24
CA LEU A 734 100.50 -3.52 4.30
C LEU A 734 100.82 -4.12 5.65
N THR A 735 100.56 -3.35 6.71
CA THR A 735 100.89 -3.76 8.05
C THR A 735 99.67 -3.75 8.96
N ARG A 736 99.70 -4.62 9.95
CA ARG A 736 98.74 -4.65 11.03
C ARG A 736 99.47 -4.77 12.35
N ASN A 737 98.84 -4.26 13.41
CA ASN A 737 99.31 -4.58 14.75
C ASN A 737 99.00 -6.03 15.07
N LEU A 738 99.73 -6.58 16.03
CA LEU A 738 99.46 -7.94 16.45
C LEU A 738 98.22 -7.98 17.34
N GLY B 221 53.78 -57.27 38.04
CA GLY B 221 53.31 -58.51 38.64
C GLY B 221 54.37 -59.58 38.77
N VAL B 222 54.22 -60.43 39.78
CA VAL B 222 55.17 -61.52 40.00
C VAL B 222 55.14 -62.49 38.83
N GLY B 223 53.96 -62.83 38.34
CA GLY B 223 53.80 -63.83 37.31
C GLY B 223 53.74 -63.33 35.89
N SER B 224 54.11 -62.09 35.64
CA SER B 224 54.08 -61.53 34.29
C SER B 224 55.46 -61.02 33.92
N SER B 225 55.89 -61.31 32.70
CA SER B 225 57.16 -60.83 32.21
C SER B 225 57.14 -59.31 32.04
N SER B 226 58.24 -58.67 32.42
CA SER B 226 58.36 -57.21 32.30
C SER B 226 59.06 -56.78 31.03
N GLY B 227 59.42 -57.72 30.16
CA GLY B 227 60.04 -57.37 28.90
C GLY B 227 60.34 -58.62 28.11
N ASN B 228 60.59 -58.42 26.82
CA ASN B 228 60.86 -59.49 25.89
C ASN B 228 62.32 -59.50 25.49
N TRP B 229 62.76 -60.64 24.96
CA TRP B 229 64.11 -60.78 24.45
C TRP B 229 64.20 -60.09 23.09
N HIS B 230 65.12 -59.15 22.97
CA HIS B 230 65.29 -58.36 21.74
C HIS B 230 66.77 -58.39 21.36
N CYS B 231 67.16 -59.41 20.61
CA CYS B 231 68.45 -59.44 19.95
C CYS B 231 68.20 -59.42 18.45
N ASP B 232 68.72 -58.40 17.78
CA ASP B 232 68.42 -58.20 16.38
C ASP B 232 69.32 -57.09 15.85
N SER B 233 69.39 -57.02 14.52
CA SER B 233 70.01 -55.89 13.84
C SER B 233 69.20 -55.61 12.60
N THR B 234 68.70 -54.40 12.47
CA THR B 234 67.90 -54.00 11.32
C THR B 234 68.69 -52.96 10.54
N TRP B 235 68.98 -53.28 9.29
CA TRP B 235 69.66 -52.36 8.38
C TRP B 235 68.61 -51.69 7.51
N LEU B 236 68.53 -50.37 7.60
CA LEU B 236 67.50 -49.62 6.88
C LEU B 236 68.14 -48.33 6.38
N GLY B 237 68.45 -48.30 5.08
CA GLY B 237 69.05 -47.10 4.51
C GLY B 237 70.42 -46.83 5.08
N ASP B 238 70.61 -45.61 5.58
CA ASP B 238 71.87 -45.18 6.16
C ASP B 238 71.93 -45.44 7.66
N ARG B 239 71.01 -46.24 8.20
CA ARG B 239 71.00 -46.57 9.61
C ARG B 239 71.10 -48.08 9.79
N VAL B 240 71.74 -48.49 10.87
CA VAL B 240 71.63 -49.85 11.37
C VAL B 240 71.28 -49.76 12.84
N ILE B 241 70.25 -50.49 13.25
CA ILE B 241 69.82 -50.51 14.63
C ILE B 241 70.17 -51.86 15.20
N THR B 242 71.18 -51.90 16.06
CA THR B 242 71.55 -53.11 16.77
C THR B 242 70.82 -53.12 18.11
N THR B 243 70.19 -54.25 18.42
CA THR B 243 69.62 -54.45 19.74
C THR B 243 70.13 -55.78 20.26
N SER B 244 70.55 -55.80 21.52
CA SER B 244 71.11 -57.00 22.11
C SER B 244 70.54 -57.18 23.51
N THR B 245 70.15 -58.40 23.82
CA THR B 245 69.64 -58.76 25.13
C THR B 245 70.59 -59.79 25.73
N ARG B 246 70.87 -59.65 27.02
CA ARG B 246 71.69 -60.61 27.74
C ARG B 246 71.06 -60.88 29.09
N THR B 247 71.35 -62.06 29.62
CA THR B 247 70.99 -62.40 30.99
C THR B 247 72.17 -62.07 31.88
N TRP B 248 71.91 -61.31 32.93
CA TRP B 248 72.94 -60.90 33.87
C TRP B 248 72.67 -61.50 35.24
N ALA B 249 73.71 -61.55 36.06
CA ALA B 249 73.59 -61.93 37.45
C ALA B 249 74.37 -60.90 38.28
N LEU B 250 73.71 -60.32 39.27
CA LEU B 250 74.33 -59.32 40.11
C LEU B 250 74.47 -59.87 41.52
N PRO B 251 75.68 -60.11 42.00
CA PRO B 251 75.85 -60.51 43.40
C PRO B 251 75.77 -59.30 44.31
N THR B 252 75.80 -59.58 45.61
CA THR B 252 76.03 -58.54 46.59
C THR B 252 77.52 -58.28 46.66
N TYR B 253 77.93 -57.05 46.37
CA TYR B 253 79.33 -56.68 46.37
C TYR B 253 79.69 -56.03 47.70
N ASN B 254 80.88 -56.34 48.20
CA ASN B 254 81.47 -55.69 49.37
C ASN B 254 80.67 -55.89 50.64
N ASN B 255 79.74 -56.84 50.66
CA ASN B 255 78.82 -57.02 51.77
C ASN B 255 78.06 -55.72 52.06
N HIS B 256 77.62 -55.06 50.99
CA HIS B 256 76.86 -53.81 51.03
C HIS B 256 77.66 -52.63 51.55
N LEU B 257 78.97 -52.73 51.61
CA LEU B 257 79.80 -51.70 52.21
C LEU B 257 80.56 -50.91 51.16
N TYR B 258 80.85 -49.66 51.48
CA TYR B 258 81.85 -48.89 50.77
C TYR B 258 83.17 -49.08 51.48
N LYS B 259 84.19 -49.52 50.75
CA LYS B 259 85.49 -49.77 51.33
C LYS B 259 86.52 -48.86 50.67
N GLN B 260 87.30 -48.17 51.49
CA GLN B 260 88.47 -47.47 50.97
C GLN B 260 89.50 -48.49 50.53
N ILE B 261 90.02 -48.31 49.32
CA ILE B 261 91.03 -49.19 48.77
C ILE B 261 92.25 -48.36 48.40
N SER B 262 93.44 -48.91 48.62
CA SER B 262 94.66 -48.18 48.39
C SER B 262 95.75 -49.14 47.96
N ASN B 263 96.83 -48.55 47.46
CA ASN B 263 98.04 -49.29 47.12
C ASN B 263 99.19 -48.31 47.27
N GLY B 264 100.17 -48.66 48.11
CA GLY B 264 101.31 -47.81 48.37
C GLY B 264 102.61 -48.49 47.98
N THR B 265 103.70 -47.79 48.25
CA THR B 265 105.03 -48.29 47.93
C THR B 265 105.56 -49.17 49.05
N ALA B 269 104.75 -52.54 45.87
CA ALA B 269 104.30 -51.85 44.67
C ALA B 269 105.16 -50.62 44.41
N THR B 270 105.31 -50.26 43.14
CA THR B 270 106.07 -49.07 42.78
C THR B 270 105.18 -47.84 42.86
N ASN B 271 105.82 -46.67 42.85
CA ASN B 271 105.08 -45.42 42.89
C ASN B 271 104.19 -45.26 41.67
N ASP B 272 104.59 -45.85 40.54
CA ASP B 272 103.79 -45.74 39.32
C ASP B 272 102.44 -46.42 39.45
N ASN B 273 102.29 -47.35 40.40
CA ASN B 273 101.07 -48.13 40.54
C ASN B 273 100.30 -47.81 41.80
N THR B 274 100.63 -46.73 42.50
CA THR B 274 99.91 -46.36 43.70
C THR B 274 98.54 -45.81 43.35
N TYR B 275 97.59 -46.01 44.25
CA TYR B 275 96.26 -45.44 44.05
C TYR B 275 95.56 -45.32 45.40
N PHE B 276 94.57 -44.43 45.42
CA PHE B 276 93.62 -44.34 46.51
C PHE B 276 92.25 -44.25 45.88
N GLY B 277 91.31 -45.01 46.40
CA GLY B 277 89.98 -44.99 45.83
C GLY B 277 89.00 -45.68 46.73
N TYR B 278 87.84 -46.00 46.17
CA TYR B 278 86.78 -46.61 46.94
C TYR B 278 86.16 -47.75 46.15
N SER B 279 85.97 -48.87 46.82
CA SER B 279 85.16 -49.96 46.31
C SER B 279 83.73 -49.75 46.79
N THR B 280 82.78 -49.83 45.89
CA THR B 280 81.39 -49.62 46.23
C THR B 280 80.62 -50.92 46.17
N PRO B 281 79.50 -51.03 46.88
CA PRO B 281 78.64 -52.21 46.76
C PRO B 281 77.82 -52.26 45.49
N TRP B 282 78.03 -51.33 44.57
CA TRP B 282 77.24 -51.22 43.35
C TRP B 282 77.90 -51.96 42.20
N GLY B 283 77.07 -52.59 41.38
CA GLY B 283 77.51 -53.01 40.07
C GLY B 283 77.19 -51.96 39.04
N TYR B 284 77.68 -52.18 37.83
CA TYR B 284 77.37 -51.26 36.75
C TYR B 284 77.29 -52.03 35.44
N PHE B 285 76.48 -51.53 34.53
CA PHE B 285 76.29 -52.15 33.23
C PHE B 285 77.22 -51.53 32.22
N ASP B 286 77.97 -52.36 31.53
CA ASP B 286 78.91 -51.93 30.50
C ASP B 286 78.53 -52.58 29.19
N PHE B 287 78.37 -51.77 28.15
CA PHE B 287 78.20 -52.26 26.79
C PHE B 287 79.06 -51.45 25.85
N ASN B 288 80.26 -51.12 26.32
CA ASN B 288 81.20 -50.27 25.60
C ASN B 288 82.17 -51.08 24.75
N ARG B 289 81.72 -52.20 24.21
CA ARG B 289 82.48 -52.95 23.21
C ARG B 289 81.56 -53.22 22.03
N PHE B 290 82.15 -53.20 20.83
CA PHE B 290 81.33 -53.32 19.63
C PHE B 290 80.65 -54.68 19.53
N HIS B 291 81.29 -55.74 20.01
CA HIS B 291 80.68 -57.05 19.92
C HIS B 291 79.51 -57.23 20.88
N CYS B 292 79.30 -56.29 21.80
CA CYS B 292 78.08 -56.29 22.58
C CYS B 292 76.86 -55.99 21.73
N HIS B 293 77.05 -55.40 20.56
CA HIS B 293 75.97 -54.94 19.71
C HIS B 293 76.00 -55.54 18.31
N PHE B 294 77.17 -55.74 17.75
CA PHE B 294 77.32 -56.29 16.41
C PHE B 294 77.70 -57.75 16.48
N SER B 295 76.91 -58.59 15.83
CA SER B 295 77.36 -59.94 15.54
C SER B 295 78.51 -59.88 14.55
N PRO B 296 79.36 -60.90 14.50
CA PRO B 296 80.45 -60.89 13.52
C PRO B 296 79.97 -60.70 12.10
N ARG B 297 78.85 -61.31 11.74
CA ARG B 297 78.28 -61.09 10.40
C ARG B 297 77.81 -59.66 10.23
N ASP B 298 77.19 -59.08 11.26
CA ASP B 298 76.80 -57.68 11.20
C ASP B 298 78.01 -56.77 11.10
N TRP B 299 79.07 -57.10 11.83
CA TRP B 299 80.31 -56.34 11.70
C TRP B 299 80.87 -56.42 10.30
N GLN B 300 80.82 -57.60 9.68
CA GLN B 300 81.25 -57.76 8.30
C GLN B 300 80.41 -56.89 7.36
N ARG B 301 79.09 -56.92 7.54
CA ARG B 301 78.20 -56.07 6.75
C ARG B 301 78.59 -54.61 6.88
N LEU B 302 78.88 -54.19 8.11
CA LEU B 302 79.22 -52.79 8.36
C LEU B 302 80.54 -52.42 7.69
N ILE B 303 81.58 -53.21 7.90
CA ILE B 303 82.92 -52.81 7.49
C ILE B 303 83.18 -53.06 6.01
N ASN B 304 82.46 -53.96 5.37
CA ASN B 304 82.70 -54.22 3.96
C ASN B 304 81.96 -53.28 3.04
N ASN B 305 81.05 -52.46 3.57
CA ASN B 305 80.14 -51.70 2.74
C ASN B 305 80.02 -50.23 3.11
N ASN B 306 80.66 -49.79 4.19
CA ASN B 306 80.48 -48.43 4.66
C ASN B 306 81.83 -47.77 4.88
N TRP B 307 81.92 -46.50 4.49
CA TRP B 307 83.12 -45.71 4.73
C TRP B 307 83.19 -45.20 6.16
N GLY B 308 82.08 -45.20 6.87
CA GLY B 308 82.08 -44.70 8.23
C GLY B 308 80.78 -45.02 8.92
N PHE B 309 80.82 -44.87 10.24
CA PHE B 309 79.63 -45.08 11.06
C PHE B 309 79.83 -44.32 12.36
N ARG B 310 78.72 -44.08 13.04
CA ARG B 310 78.76 -43.40 14.33
C ARG B 310 77.47 -43.73 15.08
N PRO B 311 77.51 -43.82 16.40
CA PRO B 311 76.28 -44.03 17.16
C PRO B 311 75.43 -42.77 17.13
N LYS B 312 74.11 -42.98 17.14
CA LYS B 312 73.15 -41.89 17.13
C LYS B 312 72.35 -41.80 18.41
N ARG B 313 71.75 -42.90 18.83
CA ARG B 313 70.94 -42.94 20.03
C ARG B 313 71.01 -44.33 20.61
N LEU B 314 70.71 -44.45 21.89
CA LEU B 314 70.60 -45.76 22.50
C LEU B 314 69.40 -45.80 23.43
N SER B 315 68.83 -46.99 23.56
CA SER B 315 67.83 -47.27 24.56
C SER B 315 68.29 -48.47 25.36
N PHE B 316 68.07 -48.41 26.66
CA PHE B 316 68.56 -49.41 27.59
C PHE B 316 67.38 -49.91 28.41
N LYS B 317 67.33 -51.21 28.65
CA LYS B 317 66.22 -51.78 29.41
C LYS B 317 66.72 -52.83 30.39
N LEU B 318 66.19 -52.77 31.60
CA LEU B 318 66.35 -53.82 32.60
C LEU B 318 64.97 -54.39 32.89
N PHE B 319 64.85 -55.72 32.86
CA PHE B 319 63.55 -56.33 32.99
C PHE B 319 63.71 -57.78 33.41
N ASN B 320 62.58 -58.40 33.75
CA ASN B 320 62.55 -59.78 34.23
C ASN B 320 63.50 -59.97 35.39
N ILE B 321 63.45 -59.03 36.32
CA ILE B 321 64.34 -59.05 37.47
C ILE B 321 63.89 -60.14 38.44
N GLN B 322 64.83 -60.95 38.89
CA GLN B 322 64.59 -61.96 39.90
C GLN B 322 65.62 -61.78 41.00
N VAL B 323 65.17 -61.48 42.20
CA VAL B 323 66.03 -61.40 43.36
C VAL B 323 65.91 -62.71 44.13
N LYS B 324 67.03 -63.36 44.37
CA LYS B 324 67.03 -64.70 44.94
C LYS B 324 67.78 -64.70 46.25
N GLU B 325 67.23 -65.43 47.22
CA GLU B 325 67.82 -65.60 48.53
C GLU B 325 68.50 -66.97 48.59
N VAL B 326 69.73 -67.00 49.06
CA VAL B 326 70.48 -68.23 49.22
C VAL B 326 70.79 -68.43 50.70
N THR B 327 70.48 -69.62 51.21
CA THR B 327 70.67 -69.93 52.62
C THR B 327 71.72 -71.02 52.81
N LYS B 333 72.93 -75.85 50.66
CA LYS B 333 72.60 -74.58 50.05
C LYS B 333 71.31 -74.65 49.26
N THR B 334 70.36 -73.79 49.59
CA THR B 334 69.10 -73.67 48.86
C THR B 334 68.95 -72.25 48.37
N ILE B 335 68.46 -72.11 47.14
CA ILE B 335 68.21 -70.81 46.53
C ILE B 335 66.70 -70.66 46.35
N ALA B 336 66.15 -69.57 46.87
CA ALA B 336 64.73 -69.32 46.81
C ALA B 336 64.48 -67.92 46.30
N ASN B 337 63.32 -67.71 45.68
CA ASN B 337 62.92 -66.38 45.27
C ASN B 337 62.61 -65.52 46.50
N ASN B 338 63.09 -64.27 46.43
CA ASN B 338 62.72 -63.26 47.47
C ASN B 338 61.84 -62.28 46.69
N LEU B 339 60.53 -62.52 46.66
CA LEU B 339 59.63 -61.75 45.80
C LEU B 339 59.55 -60.29 46.19
N THR B 340 59.77 -59.98 47.47
CA THR B 340 59.64 -58.62 47.96
C THR B 340 60.96 -57.86 47.99
N SER B 341 62.05 -58.48 47.57
CA SER B 341 63.33 -57.80 47.54
C SER B 341 63.44 -56.91 46.32
N THR B 342 64.27 -55.87 46.43
CA THR B 342 64.44 -54.91 45.37
C THR B 342 65.89 -54.84 44.92
N ILE B 343 66.06 -54.35 43.70
CA ILE B 343 67.33 -53.86 43.22
C ILE B 343 67.20 -52.36 43.02
N GLN B 344 68.31 -51.65 43.12
CA GLN B 344 68.34 -50.22 42.89
C GLN B 344 69.12 -49.95 41.62
N VAL B 345 68.52 -49.20 40.71
CA VAL B 345 69.14 -48.85 39.44
C VAL B 345 69.04 -47.34 39.25
N PHE B 346 70.14 -46.71 38.87
CA PHE B 346 70.10 -45.33 38.45
C PHE B 346 71.17 -45.10 37.40
N THR B 347 70.95 -44.11 36.55
CA THR B 347 71.94 -43.67 35.59
C THR B 347 72.56 -42.37 36.08
N ASP B 348 73.88 -42.28 36.01
CA ASP B 348 74.58 -41.04 36.32
C ASP B 348 74.45 -40.10 35.12
N SER B 349 73.23 -39.59 34.94
CA SER B 349 72.91 -38.80 33.76
C SER B 349 73.58 -37.43 33.79
N GLU B 350 73.89 -36.91 34.97
CA GLU B 350 74.61 -35.66 35.09
C GLU B 350 76.12 -35.84 35.14
N TYR B 351 76.61 -37.07 35.02
CA TYR B 351 78.04 -37.36 35.02
C TYR B 351 78.69 -36.84 36.30
N GLN B 352 78.01 -37.03 37.41
CA GLN B 352 78.53 -36.60 38.71
C GLN B 352 79.38 -37.66 39.39
N LEU B 353 79.39 -38.84 38.90
CA LEU B 353 80.24 -39.88 39.43
C LEU B 353 81.51 -40.02 38.59
N PRO B 354 82.59 -40.51 39.18
CA PRO B 354 83.76 -40.85 38.37
C PRO B 354 83.38 -41.84 37.28
N TYR B 355 83.72 -41.49 36.04
CA TYR B 355 83.32 -42.27 34.87
C TYR B 355 84.37 -43.33 34.64
N VAL B 356 84.04 -44.58 34.98
CA VAL B 356 84.98 -45.68 34.84
C VAL B 356 84.78 -46.48 33.58
N LEU B 357 83.70 -46.23 32.83
CA LEU B 357 83.61 -46.76 31.49
C LEU B 357 84.65 -46.09 30.61
N GLY B 358 84.96 -46.73 29.49
CA GLY B 358 86.00 -46.19 28.64
C GLY B 358 87.40 -46.41 29.19
N SER B 359 87.58 -47.41 30.04
CA SER B 359 88.92 -47.84 30.45
C SER B 359 89.19 -49.27 30.00
N ALA B 360 88.43 -49.76 29.03
CA ALA B 360 88.63 -51.08 28.43
C ALA B 360 88.58 -52.18 29.49
N HIS B 361 87.64 -52.07 30.42
CA HIS B 361 87.51 -53.03 31.50
C HIS B 361 86.66 -54.21 31.08
N GLN B 362 86.92 -55.35 31.72
CA GLN B 362 86.06 -56.51 31.57
C GLN B 362 84.70 -56.23 32.22
N GLY B 363 83.76 -57.12 31.95
CA GLY B 363 82.43 -56.99 32.50
C GLY B 363 81.40 -56.42 31.56
N CYS B 364 81.77 -56.17 30.31
CA CYS B 364 80.80 -55.74 29.33
C CYS B 364 79.85 -56.89 29.00
N LEU B 365 78.79 -56.56 28.29
CA LEU B 365 77.88 -57.59 27.80
C LEU B 365 78.67 -58.58 26.94
N PRO B 366 78.46 -59.89 27.11
CA PRO B 366 79.25 -60.85 26.36
C PRO B 366 78.93 -60.76 24.87
N PRO B 367 79.90 -61.04 24.00
CA PRO B 367 79.61 -61.04 22.56
C PRO B 367 78.55 -62.04 22.16
N PHE B 368 78.49 -63.19 22.81
CA PHE B 368 77.54 -64.22 22.44
C PHE B 368 76.23 -64.02 23.20
N PRO B 369 75.10 -63.87 22.51
CA PRO B 369 73.84 -63.58 23.21
C PRO B 369 73.43 -64.63 24.22
N ALA B 370 73.75 -65.90 23.99
CA ALA B 370 73.38 -66.95 24.92
C ALA B 370 74.19 -66.91 26.20
N ASP B 371 75.20 -66.06 26.29
CA ASP B 371 76.11 -66.07 27.41
C ASP B 371 75.55 -65.26 28.57
N VAL B 372 75.53 -65.87 29.76
CA VAL B 372 75.09 -65.18 30.97
C VAL B 372 76.33 -64.60 31.65
N PHE B 373 76.26 -63.31 31.98
CA PHE B 373 77.42 -62.62 32.49
C PHE B 373 77.17 -62.04 33.86
N MET B 374 78.26 -61.90 34.60
CA MET B 374 78.28 -61.30 35.92
C MET B 374 78.51 -59.80 35.80
N ILE B 375 77.73 -59.02 36.55
CA ILE B 375 77.85 -57.57 36.50
C ILE B 375 79.10 -57.13 37.26
N PRO B 376 79.97 -56.32 36.66
CA PRO B 376 81.19 -55.92 37.36
C PRO B 376 80.88 -54.96 38.50
N GLN B 377 81.76 -54.99 39.50
CA GLN B 377 81.61 -54.12 40.66
C GLN B 377 82.12 -52.73 40.36
N TYR B 378 81.35 -51.72 40.77
CA TYR B 378 81.75 -50.34 40.54
C TYR B 378 82.74 -49.90 41.61
N GLY B 379 83.88 -49.38 41.16
CA GLY B 379 84.81 -48.71 42.03
C GLY B 379 85.40 -47.54 41.28
N TYR B 380 86.03 -46.64 42.03
CA TYR B 380 86.61 -45.47 41.42
C TYR B 380 87.86 -45.07 42.17
N LEU B 381 88.67 -44.25 41.51
CA LEU B 381 89.89 -43.72 42.10
C LEU B 381 89.78 -42.22 42.23
N THR B 382 90.39 -41.69 43.28
CA THR B 382 90.47 -40.25 43.45
C THR B 382 91.93 -39.88 43.63
N LEU B 383 92.21 -38.65 44.02
CA LEU B 383 93.59 -38.21 44.16
C LEU B 383 94.29 -38.99 45.26
N ASN B 384 95.53 -39.38 45.00
CA ASN B 384 96.32 -40.12 45.97
C ASN B 384 97.71 -39.54 46.05
N ASN B 385 98.32 -39.70 47.23
CA ASN B 385 99.74 -39.42 47.46
C ASN B 385 100.29 -40.71 48.05
N GLY B 386 100.82 -41.57 47.19
CA GLY B 386 101.11 -42.92 47.62
C GLY B 386 99.81 -43.66 47.88
N SER B 387 99.71 -44.29 49.04
CA SER B 387 98.48 -44.95 49.45
C SER B 387 97.55 -44.02 50.22
N GLN B 388 97.95 -42.78 50.46
CA GLN B 388 97.17 -41.85 51.24
C GLN B 388 96.30 -40.98 50.34
N ALA B 389 95.16 -40.56 50.87
CA ALA B 389 94.36 -39.55 50.20
C ALA B 389 94.88 -38.17 50.52
N VAL B 390 94.51 -37.21 49.69
CA VAL B 390 94.78 -35.81 49.94
C VAL B 390 93.45 -35.12 50.24
N GLY B 391 93.54 -33.86 50.66
CA GLY B 391 92.33 -33.11 50.97
C GLY B 391 91.40 -32.95 49.80
N ARG B 392 91.93 -33.00 48.58
CA ARG B 392 91.11 -32.88 47.39
C ARG B 392 90.49 -34.20 46.96
N SER B 393 90.83 -35.30 47.62
CA SER B 393 90.23 -36.59 47.28
C SER B 393 88.74 -36.56 47.55
N SER B 394 87.97 -37.08 46.60
CA SER B 394 86.52 -37.06 46.66
C SER B 394 86.01 -38.45 47.03
N PHE B 395 85.09 -38.50 47.97
CA PHE B 395 84.36 -39.71 48.31
C PHE B 395 82.93 -39.56 47.80
N TYR B 396 82.45 -40.57 47.07
CA TYR B 396 81.11 -40.55 46.53
C TYR B 396 80.31 -41.69 47.12
N CYS B 397 79.16 -41.37 47.68
CA CYS B 397 78.17 -42.36 48.10
C CYS B 397 77.14 -42.48 47.00
N LEU B 398 77.04 -43.67 46.40
CA LEU B 398 76.09 -43.84 45.32
C LEU B 398 74.66 -43.93 45.82
N GLU B 399 74.46 -44.23 47.11
CA GLU B 399 73.14 -44.11 47.70
C GLU B 399 72.68 -42.67 47.79
N TYR B 400 73.60 -41.72 47.68
CA TYR B 400 73.25 -40.30 47.69
C TYR B 400 72.65 -39.85 46.37
N PHE B 401 72.35 -40.77 45.48
CA PHE B 401 71.68 -40.48 44.23
C PHE B 401 70.26 -41.00 44.25
N PRO B 402 69.34 -40.36 43.53
CA PRO B 402 68.02 -40.95 43.35
C PRO B 402 68.12 -42.21 42.50
N SER B 403 67.61 -43.31 43.03
CA SER B 403 67.64 -44.59 42.34
C SER B 403 66.22 -45.14 42.25
N GLN B 404 65.90 -45.76 41.13
CA GLN B 404 64.67 -46.50 41.01
C GLN B 404 64.85 -47.85 41.70
N MET B 405 63.95 -48.20 42.60
CA MET B 405 63.96 -49.50 43.23
C MET B 405 62.97 -50.41 42.51
N LEU B 406 63.40 -51.61 42.20
CA LEU B 406 62.66 -52.52 41.34
C LEU B 406 62.42 -53.83 42.07
N ARG B 407 61.17 -54.23 42.19
CA ARG B 407 60.86 -55.58 42.60
C ARG B 407 60.80 -56.47 41.35
N THR B 408 60.44 -57.74 41.55
CA THR B 408 60.52 -58.70 40.46
C THR B 408 59.59 -58.33 39.31
N GLY B 409 58.51 -57.60 39.58
CA GLY B 409 57.61 -57.18 38.54
C GLY B 409 57.94 -55.88 37.85
N ASN B 410 58.96 -55.18 38.30
CA ASN B 410 59.30 -53.87 37.76
C ASN B 410 60.35 -54.00 36.67
N ASN B 411 60.41 -52.98 35.82
CA ASN B 411 61.44 -52.87 34.81
C ASN B 411 61.99 -51.44 34.81
N PHE B 412 63.21 -51.32 34.30
CA PHE B 412 63.90 -50.05 34.21
C PHE B 412 64.27 -49.80 32.76
N GLN B 413 64.13 -48.55 32.33
CA GLN B 413 64.55 -48.22 30.98
C GLN B 413 64.87 -46.74 30.90
N PHE B 414 65.80 -46.41 29.99
CA PHE B 414 66.10 -45.03 29.68
C PHE B 414 66.62 -44.97 28.26
N THR B 415 66.52 -43.78 27.68
CA THR B 415 67.02 -43.53 26.34
C THR B 415 68.10 -42.46 26.41
N TYR B 416 69.03 -42.53 25.48
CA TYR B 416 70.15 -41.59 25.43
C TYR B 416 70.41 -41.25 23.98
N THR B 417 70.72 -39.99 23.73
CA THR B 417 71.07 -39.53 22.39
C THR B 417 72.55 -39.16 22.37
N PHE B 418 73.28 -39.76 21.44
CA PHE B 418 74.68 -39.41 21.28
C PHE B 418 74.80 -38.01 20.72
N GLU B 419 75.82 -37.28 21.18
CA GLU B 419 76.12 -35.99 20.60
C GLU B 419 76.63 -36.17 19.18
N ASP B 420 76.65 -35.07 18.43
CA ASP B 420 77.19 -35.13 17.07
C ASP B 420 78.66 -35.45 17.13
N VAL B 421 79.03 -36.67 16.74
CA VAL B 421 80.41 -37.13 16.80
C VAL B 421 80.84 -37.38 15.36
N PRO B 422 82.10 -37.21 15.00
CA PRO B 422 82.52 -37.52 13.63
C PRO B 422 82.37 -39.01 13.34
N PHE B 423 82.09 -39.32 12.08
CA PHE B 423 82.08 -40.70 11.64
C PHE B 423 83.45 -41.32 11.85
N HIS B 424 83.47 -42.54 12.36
CA HIS B 424 84.71 -43.29 12.40
C HIS B 424 85.15 -43.62 10.98
N SER B 425 86.44 -43.45 10.70
CA SER B 425 86.96 -43.72 9.37
C SER B 425 87.03 -45.23 9.17
N SER B 426 85.97 -45.78 8.59
CA SER B 426 85.93 -47.21 8.29
C SER B 426 86.49 -47.49 6.91
N TYR B 427 87.69 -46.95 6.66
CA TYR B 427 88.33 -47.05 5.37
C TYR B 427 89.82 -46.90 5.55
N ALA B 428 90.57 -47.42 4.59
CA ALA B 428 92.00 -47.15 4.50
C ALA B 428 92.26 -46.33 3.25
N HIS B 429 93.23 -45.43 3.34
CA HIS B 429 93.52 -44.57 2.20
C HIS B 429 94.22 -45.36 1.11
N SER B 430 93.76 -45.19 -0.12
CA SER B 430 94.38 -45.82 -1.27
C SER B 430 95.48 -44.95 -1.88
N GLN B 431 95.78 -43.83 -1.25
CA GLN B 431 96.87 -42.97 -1.64
C GLN B 431 97.73 -42.68 -0.42
N SER B 432 99.02 -42.49 -0.64
CA SER B 432 99.92 -42.08 0.41
C SER B 432 100.05 -40.56 0.42
N LEU B 433 100.34 -40.00 1.59
CA LEU B 433 100.42 -38.55 1.72
C LEU B 433 101.55 -37.97 0.89
N ASP B 434 102.64 -38.71 0.71
CA ASP B 434 103.76 -38.25 -0.08
C ASP B 434 103.63 -38.61 -1.55
N ARG B 435 102.49 -39.14 -1.96
CA ARG B 435 102.24 -39.55 -3.35
C ARG B 435 100.92 -39.01 -3.84
N LEU B 436 100.61 -37.76 -3.52
CA LEU B 436 99.38 -37.13 -3.94
C LEU B 436 99.50 -36.37 -5.25
N MET B 437 100.69 -36.34 -5.83
CA MET B 437 100.98 -35.55 -7.00
C MET B 437 100.77 -36.34 -8.29
N ASN B 438 100.66 -35.60 -9.39
CA ASN B 438 100.59 -36.19 -10.71
C ASN B 438 101.95 -36.77 -11.07
N PRO B 439 102.05 -38.07 -11.35
CA PRO B 439 103.33 -38.68 -11.66
C PRO B 439 103.84 -38.44 -13.07
N LEU B 440 103.18 -37.60 -13.86
CA LEU B 440 103.59 -37.33 -15.22
C LEU B 440 104.11 -35.93 -15.44
N ILE B 441 103.81 -35.00 -14.54
CA ILE B 441 104.08 -33.58 -14.74
C ILE B 441 105.10 -33.12 -13.72
N ASP B 442 106.05 -32.33 -14.18
CA ASP B 442 106.99 -31.69 -13.28
C ASP B 442 106.30 -30.60 -12.47
N GLN B 443 106.90 -30.27 -11.34
CA GLN B 443 106.48 -29.10 -10.58
C GLN B 443 107.10 -27.85 -11.17
N TYR B 444 106.38 -26.73 -11.07
CA TYR B 444 106.99 -25.47 -11.42
C TYR B 444 107.85 -24.91 -10.30
N LEU B 445 107.73 -25.47 -9.10
CA LEU B 445 108.58 -25.08 -7.99
C LEU B 445 109.92 -25.78 -8.08
N TYR B 446 110.96 -25.09 -7.62
CA TYR B 446 112.31 -25.64 -7.59
C TYR B 446 112.69 -26.01 -6.16
N TYR B 447 113.60 -26.96 -6.04
CA TYR B 447 114.21 -27.30 -4.77
C TYR B 447 115.71 -27.25 -4.92
N LEU B 448 116.39 -26.97 -3.81
CA LEU B 448 117.84 -27.01 -3.81
C LEU B 448 118.31 -28.43 -4.05
N SER B 449 118.87 -28.70 -5.23
CA SER B 449 119.23 -30.05 -5.61
C SER B 449 120.71 -30.36 -5.39
N ARG B 450 121.59 -29.37 -5.45
CA ARG B 450 123.00 -29.58 -5.18
C ARG B 450 123.59 -28.35 -4.51
N THR B 451 124.54 -28.60 -3.62
CA THR B 451 125.30 -27.53 -2.98
C THR B 451 126.77 -27.58 -3.33
N GLN B 452 127.19 -28.53 -4.16
CA GLN B 452 128.59 -28.71 -4.52
C GLN B 452 128.68 -29.07 -5.99
N THR B 453 129.68 -28.52 -6.67
CA THR B 453 129.85 -28.77 -8.10
C THR B 453 130.24 -30.22 -8.37
N ASN B 459 135.91 -30.29 -6.02
CA ASN B 459 134.63 -29.62 -6.21
C ASN B 459 134.46 -28.48 -5.23
N THR B 460 133.72 -27.46 -5.63
CA THR B 460 133.53 -26.24 -4.86
C THR B 460 132.06 -26.05 -4.54
N GLN B 461 131.78 -25.09 -3.67
CA GLN B 461 130.41 -24.78 -3.32
C GLN B 461 129.67 -24.17 -4.50
N THR B 462 128.39 -24.50 -4.59
CA THR B 462 127.52 -23.96 -5.62
C THR B 462 126.09 -24.07 -5.12
N LEU B 463 125.16 -23.53 -5.89
CA LEU B 463 123.73 -23.66 -5.61
C LEU B 463 123.06 -24.12 -6.91
N GLY B 464 122.69 -25.39 -6.96
CA GLY B 464 121.96 -25.95 -8.07
C GLY B 464 120.52 -26.23 -7.66
N PHE B 465 119.59 -25.84 -8.51
CA PHE B 465 118.17 -25.99 -8.23
C PHE B 465 117.53 -26.79 -9.34
N SER B 466 116.67 -27.74 -8.95
CA SER B 466 115.98 -28.59 -9.91
C SER B 466 114.49 -28.53 -9.63
N GLN B 467 113.71 -28.86 -10.64
CA GLN B 467 112.27 -28.95 -10.50
C GLN B 467 111.90 -30.36 -10.08
N GLY B 468 111.09 -30.47 -9.03
CA GLY B 468 110.57 -31.75 -8.62
C GLY B 468 109.74 -32.38 -9.72
N GLY B 469 109.99 -33.66 -9.99
CA GLY B 469 109.29 -34.34 -11.06
C GLY B 469 108.97 -35.77 -10.70
N PRO B 470 108.58 -36.55 -11.72
CA PRO B 470 108.20 -37.95 -11.46
C PRO B 470 109.30 -38.77 -10.84
N ASN B 471 110.56 -38.44 -11.10
CA ASN B 471 111.67 -39.24 -10.58
C ASN B 471 112.18 -38.73 -9.24
N THR B 472 112.18 -37.42 -9.03
CA THR B 472 112.59 -36.84 -7.75
C THR B 472 111.36 -36.55 -6.89
N MET B 473 110.59 -37.60 -6.65
CA MET B 473 109.31 -37.45 -5.98
C MET B 473 109.47 -37.16 -4.50
N ALA B 474 110.57 -37.62 -3.90
CA ALA B 474 110.86 -37.30 -2.51
C ALA B 474 111.22 -35.83 -2.33
N ASN B 475 111.69 -35.16 -3.36
CA ASN B 475 112.10 -33.77 -3.27
C ASN B 475 110.99 -32.79 -3.58
N GLN B 476 109.85 -33.26 -4.07
CA GLN B 476 108.79 -32.37 -4.53
C GLN B 476 108.22 -31.55 -3.37
N ALA B 477 107.85 -30.32 -3.67
CA ALA B 477 107.11 -29.51 -2.72
C ALA B 477 105.76 -30.15 -2.44
N LYS B 478 105.38 -30.18 -1.18
CA LYS B 478 104.15 -30.83 -0.75
C LYS B 478 103.41 -29.95 0.22
N ASN B 479 102.10 -30.15 0.29
CA ASN B 479 101.24 -29.29 1.09
C ASN B 479 101.00 -29.81 2.49
N TRP B 480 101.30 -31.06 2.78
CA TRP B 480 100.86 -31.68 4.02
C TRP B 480 101.99 -32.48 4.64
N LEU B 481 101.86 -32.72 5.94
CA LEU B 481 102.81 -33.48 6.72
C LEU B 481 102.12 -34.66 7.37
N PRO B 482 102.84 -35.74 7.62
CA PRO B 482 102.25 -36.87 8.33
C PRO B 482 101.90 -36.49 9.76
N GLY B 483 100.94 -37.22 10.32
CA GLY B 483 100.46 -36.96 11.65
C GLY B 483 101.55 -37.02 12.70
N PRO B 484 101.20 -36.67 13.93
CA PRO B 484 102.21 -36.57 14.99
C PRO B 484 102.76 -37.93 15.39
N CYS B 485 103.95 -37.90 15.98
CA CYS B 485 104.69 -39.10 16.32
C CYS B 485 105.09 -39.08 17.79
N TYR B 486 104.99 -40.23 18.44
CA TYR B 486 105.49 -40.44 19.80
C TYR B 486 106.14 -41.83 19.80
N ARG B 487 107.42 -41.87 19.44
CA ARG B 487 108.04 -43.10 18.99
C ARG B 487 107.99 -44.20 20.05
N GLN B 488 107.64 -45.39 19.61
CA GLN B 488 107.59 -46.58 20.44
C GLN B 488 108.73 -47.53 20.08
N GLN B 489 109.13 -48.34 21.05
CA GLN B 489 110.14 -49.36 20.78
C GLN B 489 109.55 -50.46 19.91
N ARG B 490 110.37 -50.97 19.00
CA ARG B 490 109.94 -52.01 18.08
C ARG B 490 110.19 -53.38 18.69
N VAL B 491 109.17 -54.23 18.65
CA VAL B 491 109.26 -55.61 19.13
C VAL B 491 108.89 -56.53 17.98
N SER B 492 109.68 -57.58 17.79
CA SER B 492 109.42 -58.56 16.76
C SER B 492 108.67 -59.75 17.35
N THR B 493 107.63 -60.20 16.65
CA THR B 493 106.96 -61.43 17.04
C THR B 493 107.87 -62.65 16.87
N THR B 494 108.89 -62.54 16.03
CA THR B 494 109.96 -63.53 15.99
C THR B 494 110.92 -63.18 17.12
N THR B 495 110.80 -63.91 18.24
CA THR B 495 111.47 -63.50 19.46
C THR B 495 112.98 -63.50 19.31
N GLY B 496 113.53 -64.35 18.45
CA GLY B 496 114.97 -64.37 18.24
C GLY B 496 115.53 -63.07 17.71
N GLN B 497 114.70 -62.26 17.06
CA GLN B 497 115.14 -60.96 16.57
C GLN B 497 115.09 -59.89 17.63
N ASN B 498 114.56 -60.17 18.81
CA ASN B 498 114.48 -59.18 19.88
C ASN B 498 115.74 -59.23 20.75
N ASN B 499 115.99 -58.11 21.41
CA ASN B 499 117.09 -58.05 22.36
C ASN B 499 116.82 -59.00 23.51
N ASN B 500 117.87 -59.71 23.95
CA ASN B 500 117.74 -60.65 25.05
C ASN B 500 117.79 -59.90 26.38
N SER B 501 116.69 -59.22 26.67
CA SER B 501 116.51 -58.49 27.91
C SER B 501 115.03 -58.29 28.14
N ASN B 502 114.68 -57.96 29.38
CA ASN B 502 113.30 -57.68 29.76
C ASN B 502 113.11 -56.16 29.68
N PHE B 503 112.65 -55.69 28.53
CA PHE B 503 112.56 -54.26 28.26
C PHE B 503 111.13 -53.79 28.02
N ALA B 504 110.13 -54.60 28.37
CA ALA B 504 108.75 -54.19 28.13
C ALA B 504 108.42 -52.91 28.87
N TRP B 505 108.89 -52.78 30.11
CA TRP B 505 108.68 -51.57 30.90
C TRP B 505 109.83 -50.59 30.79
N THR B 506 111.08 -51.06 30.89
CA THR B 506 112.22 -50.16 30.88
C THR B 506 112.32 -49.41 29.55
N ALA B 507 112.10 -50.10 28.45
CA ALA B 507 112.10 -49.47 27.13
C ALA B 507 110.70 -49.05 26.70
N GLY B 508 109.71 -49.19 27.56
CA GLY B 508 108.36 -48.80 27.20
C GLY B 508 108.24 -47.30 26.96
N THR B 509 107.36 -46.95 26.03
CA THR B 509 107.10 -45.56 25.74
C THR B 509 106.08 -45.03 26.74
N LYS B 510 106.47 -44.03 27.51
CA LYS B 510 105.73 -43.63 28.70
C LYS B 510 105.47 -42.14 28.68
N TYR B 511 104.47 -41.74 29.44
CA TYR B 511 104.30 -40.35 29.82
C TYR B 511 104.47 -40.21 31.32
N HIS B 512 104.81 -39.00 31.74
CA HIS B 512 105.12 -38.69 33.12
C HIS B 512 104.05 -37.74 33.65
N LEU B 513 103.40 -38.12 34.74
CA LEU B 513 102.33 -37.31 35.32
C LEU B 513 102.43 -37.36 36.84
N ASN B 514 102.70 -36.21 37.45
CA ASN B 514 102.78 -36.08 38.90
C ASN B 514 103.76 -37.10 39.49
N GLY B 515 104.96 -37.17 38.90
CA GLY B 515 105.97 -38.09 39.37
C GLY B 515 105.66 -39.55 39.16
N ARG B 516 104.62 -39.86 38.39
CA ARG B 516 104.21 -41.23 38.12
C ARG B 516 104.41 -41.53 36.65
N ASN B 517 105.02 -42.66 36.34
CA ASN B 517 105.23 -43.08 34.97
C ASN B 517 104.14 -44.05 34.57
N SER B 518 103.51 -43.77 33.44
CA SER B 518 102.49 -44.63 32.88
C SER B 518 102.81 -44.87 31.41
N LEU B 519 102.59 -46.09 30.94
CA LEU B 519 102.79 -46.39 29.54
C LEU B 519 101.87 -45.54 28.68
N ALA B 520 102.42 -45.01 27.58
CA ALA B 520 101.60 -44.37 26.56
C ALA B 520 101.00 -45.49 25.71
N ASN B 521 99.99 -46.14 26.28
CA ASN B 521 99.47 -47.40 25.77
C ASN B 521 97.99 -47.26 25.46
N PRO B 522 97.57 -47.38 24.19
CA PRO B 522 98.44 -47.66 23.05
C PRO B 522 99.08 -46.40 22.47
N GLY B 523 98.82 -45.25 23.09
CA GLY B 523 99.37 -44.01 22.61
C GLY B 523 98.64 -43.49 21.40
N ILE B 524 99.25 -42.49 20.75
CA ILE B 524 98.64 -41.86 19.60
C ILE B 524 98.59 -42.83 18.43
N ALA B 525 97.64 -42.60 17.53
CA ALA B 525 97.45 -43.47 16.38
C ALA B 525 98.64 -43.35 15.44
N MET B 526 99.45 -44.40 15.38
CA MET B 526 100.54 -44.49 14.43
C MET B 526 100.49 -45.86 13.76
N ALA B 527 101.03 -45.92 12.54
CA ALA B 527 101.08 -47.18 11.83
C ALA B 527 101.90 -48.19 12.61
N THR B 528 101.36 -49.40 12.73
CA THR B 528 102.03 -50.43 13.53
C THR B 528 103.40 -50.77 12.97
N HIS B 529 103.51 -50.84 11.65
CA HIS B 529 104.75 -51.20 10.98
C HIS B 529 104.70 -50.65 9.57
N LYS B 530 105.86 -50.64 8.93
CA LYS B 530 105.92 -50.21 7.54
C LYS B 530 105.75 -51.43 6.62
N ASP B 531 105.98 -51.24 5.34
CA ASP B 531 105.77 -52.31 4.37
C ASP B 531 106.67 -53.50 4.67
N ASP B 532 106.09 -54.70 4.57
CA ASP B 532 106.82 -55.97 4.70
C ASP B 532 107.45 -56.14 6.07
N GLU B 533 106.85 -55.57 7.11
CA GLU B 533 107.36 -55.69 8.47
C GLU B 533 106.23 -56.04 9.42
N GLU B 534 105.36 -56.96 9.01
CA GLU B 534 104.20 -57.31 9.83
C GLU B 534 104.62 -57.94 11.16
N ARG B 535 105.80 -58.55 11.22
CA ARG B 535 106.27 -59.16 12.45
C ARG B 535 106.61 -58.15 13.53
N PHE B 536 106.74 -56.88 13.18
CA PHE B 536 107.12 -55.84 14.12
C PHE B 536 105.88 -55.12 14.64
N PHE B 537 105.88 -54.81 15.92
CA PHE B 537 104.83 -53.99 16.51
C PHE B 537 105.43 -53.09 17.56
N PRO B 538 104.85 -51.92 17.79
CA PRO B 538 105.27 -51.08 18.91
C PRO B 538 105.01 -51.79 20.23
N SER B 539 105.94 -51.62 21.17
CA SER B 539 105.90 -52.42 22.40
C SER B 539 104.62 -52.19 23.19
N ASN B 540 104.16 -50.95 23.28
CA ASN B 540 102.89 -50.64 23.90
C ASN B 540 102.10 -49.67 23.04
N GLY B 541 102.05 -49.94 21.74
CA GLY B 541 101.42 -49.04 20.81
C GLY B 541 100.30 -49.64 19.99
N ILE B 542 99.82 -50.82 20.39
CA ILE B 542 98.72 -51.48 19.70
C ILE B 542 97.76 -52.04 20.73
N LEU B 543 96.52 -52.22 20.31
CA LEU B 543 95.55 -52.97 21.11
C LEU B 543 95.85 -54.45 20.98
N ILE B 544 95.93 -55.14 22.11
CA ILE B 544 96.19 -56.56 22.14
C ILE B 544 95.00 -57.21 22.83
N PHE B 545 94.27 -58.03 22.09
CA PHE B 545 93.15 -58.78 22.62
C PHE B 545 93.60 -60.20 22.92
N GLY B 546 93.03 -60.78 23.97
CA GLY B 546 93.32 -62.15 24.33
C GLY B 546 92.40 -63.11 23.61
N LYS B 547 92.96 -64.23 23.18
CA LYS B 547 92.12 -65.31 22.69
C LYS B 547 91.34 -65.91 23.85
N GLN B 548 90.34 -66.72 23.50
CA GLN B 548 89.53 -67.34 24.54
C GLN B 548 90.41 -68.19 25.45
N ASN B 549 90.18 -68.06 26.75
CA ASN B 549 90.92 -68.79 27.79
C ASN B 549 92.39 -68.39 27.83
N ALA B 550 92.73 -67.18 27.36
CA ALA B 550 94.08 -66.68 27.53
C ALA B 550 94.32 -66.33 29.00
N ALA B 551 95.53 -66.58 29.47
CA ALA B 551 95.87 -66.30 30.85
C ALA B 551 95.84 -64.80 31.12
N ARG B 552 95.44 -64.44 32.33
CA ARG B 552 95.45 -63.04 32.73
C ARG B 552 96.86 -62.47 32.74
N ASP B 553 97.83 -63.22 33.26
CA ASP B 553 99.20 -62.78 33.36
C ASP B 553 100.10 -63.67 32.52
N ASN B 554 101.03 -63.04 31.80
CA ASN B 554 102.06 -63.73 31.03
C ASN B 554 101.45 -64.73 30.04
N ALA B 555 100.44 -64.28 29.32
CA ALA B 555 99.93 -65.07 28.21
C ALA B 555 100.95 -65.08 27.09
N ASP B 556 101.11 -66.24 26.46
CA ASP B 556 102.05 -66.36 25.36
C ASP B 556 101.51 -65.62 24.14
N TYR B 557 102.41 -65.34 23.19
CA TYR B 557 102.02 -64.65 21.97
C TYR B 557 100.94 -65.42 21.22
N SER B 558 100.95 -66.75 21.31
CA SER B 558 99.92 -67.54 20.65
C SER B 558 98.56 -67.41 21.32
N ASP B 559 98.51 -66.92 22.56
CA ASP B 559 97.25 -66.75 23.28
C ASP B 559 96.65 -65.36 23.14
N VAL B 560 97.32 -64.45 22.43
CA VAL B 560 96.83 -63.10 22.29
C VAL B 560 96.66 -62.78 20.81
N MET B 561 95.90 -61.72 20.55
CA MET B 561 95.57 -61.29 19.20
C MET B 561 96.08 -59.86 19.03
N LEU B 562 97.19 -59.70 18.32
CA LEU B 562 97.74 -58.37 18.08
C LEU B 562 96.94 -57.69 16.99
N THR B 563 96.53 -56.45 17.24
CA THR B 563 95.96 -55.65 16.18
C THR B 563 97.07 -54.98 15.39
N SER B 564 96.72 -54.48 14.21
CA SER B 564 97.67 -53.78 13.36
C SER B 564 97.00 -52.55 12.78
N GLU B 565 97.65 -51.41 12.93
CA GLU B 565 97.20 -50.15 12.33
C GLU B 565 97.98 -49.83 11.08
N GLU B 566 98.35 -50.85 10.30
CA GLU B 566 99.12 -50.62 9.08
C GLU B 566 98.32 -49.87 8.02
N GLU B 567 97.01 -49.82 8.13
CA GLU B 567 96.20 -49.11 7.15
C GLU B 567 96.49 -47.61 7.15
N ILE B 568 96.98 -47.07 8.26
CA ILE B 568 97.24 -45.65 8.38
C ILE B 568 98.69 -45.31 8.06
N LYS B 569 99.44 -46.25 7.47
CA LYS B 569 100.78 -45.94 6.95
C LYS B 569 100.74 -44.76 5.99
N THR B 570 99.64 -44.61 5.26
CA THR B 570 99.55 -43.60 4.22
C THR B 570 99.58 -42.19 4.78
N THR B 571 99.16 -42.02 6.01
CA THR B 571 99.06 -40.69 6.60
C THR B 571 99.79 -40.59 7.93
N ASN B 572 99.78 -41.64 8.74
CA ASN B 572 100.43 -41.57 10.04
C ASN B 572 101.82 -42.18 9.97
N PRO B 573 102.79 -41.60 10.69
CA PRO B 573 104.12 -42.20 10.73
C PRO B 573 104.09 -43.55 11.42
N VAL B 574 105.04 -44.40 11.05
CA VAL B 574 105.17 -45.71 11.68
C VAL B 574 105.52 -45.53 13.14
N ALA B 575 104.85 -46.29 14.00
CA ALA B 575 104.97 -46.10 15.45
C ALA B 575 106.40 -46.31 15.94
N THR B 576 107.16 -47.17 15.28
CA THR B 576 108.49 -47.52 15.72
C THR B 576 109.59 -46.78 14.98
N GLU B 577 109.23 -45.84 14.12
CA GLU B 577 110.20 -45.08 13.35
C GLU B 577 110.16 -43.62 13.78
N GLU B 578 111.23 -42.90 13.45
CA GLU B 578 111.27 -41.48 13.71
C GLU B 578 110.30 -40.72 12.81
N TYR B 579 109.82 -39.59 13.31
CA TYR B 579 108.94 -38.76 12.49
C TYR B 579 109.67 -38.22 11.27
N GLY B 580 110.90 -37.78 11.45
CA GLY B 580 111.62 -37.18 10.37
C GLY B 580 112.97 -36.68 10.83
N ILE B 581 113.54 -35.78 10.04
CA ILE B 581 114.88 -35.26 10.27
C ILE B 581 114.82 -33.74 10.28
N VAL B 582 115.45 -33.12 11.27
CA VAL B 582 115.56 -31.68 11.32
C VAL B 582 117.04 -31.31 11.44
N ALA B 583 117.34 -30.06 11.07
CA ALA B 583 118.68 -29.55 11.24
C ALA B 583 119.00 -29.36 12.72
N ASP B 584 120.23 -29.68 13.10
CA ASP B 584 120.66 -29.56 14.48
C ASP B 584 121.64 -28.42 14.70
N ASN B 585 122.11 -27.76 13.64
CA ASN B 585 123.11 -26.71 13.76
C ASN B 585 122.97 -25.77 12.56
N LEU B 586 123.90 -24.85 12.45
CA LEU B 586 124.01 -23.95 11.30
C LEU B 586 125.29 -24.30 10.57
N GLN B 587 125.15 -24.88 9.39
CA GLN B 587 126.33 -25.24 8.60
C GLN B 587 127.05 -24.00 8.11
N GLN B 588 128.38 -24.06 8.14
CA GLN B 588 129.24 -23.03 7.59
C GLN B 588 130.30 -23.72 6.75
N GLN B 589 131.19 -22.93 6.15
CA GLN B 589 132.28 -23.51 5.37
C GLN B 589 133.21 -24.36 6.23
N ASN B 590 133.19 -24.16 7.55
CA ASN B 590 134.02 -24.94 8.45
C ASN B 590 133.24 -25.96 9.27
N THR B 591 131.93 -25.87 9.35
CA THR B 591 131.11 -26.80 10.13
C THR B 591 130.15 -27.51 9.19
N ALA B 592 130.28 -28.83 9.10
CA ALA B 592 129.37 -29.61 8.28
C ALA B 592 127.98 -29.61 8.89
N PRO B 593 126.94 -29.63 8.07
CA PRO B 593 125.57 -29.65 8.61
C PRO B 593 125.31 -30.91 9.42
N GLN B 594 124.61 -30.74 10.53
CA GLN B 594 124.24 -31.84 11.40
C GLN B 594 122.72 -31.99 11.41
N ILE B 595 122.27 -33.22 11.51
CA ILE B 595 120.84 -33.51 11.47
C ILE B 595 120.41 -34.13 12.79
N GLY B 596 119.19 -33.81 13.20
CA GLY B 596 118.60 -34.39 14.40
C GLY B 596 117.44 -35.28 14.01
N THR B 597 117.35 -36.42 14.69
CA THR B 597 116.28 -37.38 14.46
C THR B 597 115.10 -37.04 15.36
N VAL B 598 113.94 -36.77 14.76
CA VAL B 598 112.76 -36.39 15.50
C VAL B 598 112.03 -37.67 15.90
N ASN B 599 112.14 -38.03 17.18
CA ASN B 599 111.47 -39.20 17.71
C ASN B 599 110.15 -38.87 18.38
N SER B 600 109.83 -37.59 18.54
CA SER B 600 108.56 -37.17 19.10
C SER B 600 108.20 -35.84 18.45
N GLN B 601 107.07 -35.81 17.77
CA GLN B 601 106.64 -34.62 17.05
C GLN B 601 105.21 -34.30 17.42
N GLY B 602 105.01 -33.14 18.03
CA GLY B 602 103.68 -32.64 18.28
C GLY B 602 103.06 -32.06 17.03
N ALA B 603 101.86 -31.52 17.22
CA ALA B 603 101.09 -31.03 16.07
C ALA B 603 101.82 -29.91 15.35
N LEU B 604 101.92 -30.04 14.03
CA LEU B 604 102.44 -29.00 13.16
C LEU B 604 101.35 -28.61 12.17
N PRO B 605 101.34 -27.35 11.73
CA PRO B 605 100.36 -26.95 10.71
C PRO B 605 100.57 -27.74 9.43
N GLY B 606 99.46 -28.06 8.78
CA GLY B 606 99.50 -28.90 7.61
C GLY B 606 99.58 -30.38 7.88
N MET B 607 99.59 -30.78 9.15
CA MET B 607 99.67 -32.19 9.49
C MET B 607 98.30 -32.81 9.40
N VAL B 608 98.24 -34.02 8.84
CA VAL B 608 97.01 -34.79 8.77
C VAL B 608 97.29 -36.18 9.30
N TRP B 609 96.28 -36.81 9.87
CA TRP B 609 96.45 -38.14 10.45
C TRP B 609 95.11 -38.85 10.51
N GLN B 610 95.18 -40.16 10.70
CA GLN B 610 94.02 -40.99 10.94
C GLN B 610 94.00 -41.42 12.39
N ASN B 611 92.80 -41.65 12.91
CA ASN B 611 92.67 -42.19 14.25
C ASN B 611 92.94 -43.69 14.24
N ARG B 612 93.09 -44.26 15.43
CA ARG B 612 93.19 -45.69 15.55
C ARG B 612 91.90 -46.36 15.09
N ASP B 613 92.03 -47.53 14.48
CA ASP B 613 90.87 -48.28 14.05
C ASP B 613 90.08 -48.78 15.26
N VAL B 614 88.78 -48.97 15.06
CA VAL B 614 87.96 -49.65 16.05
C VAL B 614 87.88 -51.12 15.67
N TYR B 615 87.57 -51.95 16.65
CA TYR B 615 87.54 -53.39 16.45
C TYR B 615 86.24 -53.94 17.01
N LEU B 616 85.84 -55.09 16.48
CA LEU B 616 84.65 -55.76 16.96
C LEU B 616 84.75 -56.03 18.46
N GLN B 617 85.94 -56.40 18.92
CA GLN B 617 86.18 -56.63 20.35
C GLN B 617 86.58 -55.35 21.09
N GLY B 618 86.79 -54.25 20.39
CA GLY B 618 87.34 -53.06 21.00
C GLY B 618 86.29 -52.15 21.61
N PRO B 619 86.74 -51.10 22.27
CA PRO B 619 85.81 -50.14 22.87
C PRO B 619 85.11 -49.30 21.81
N ILE B 620 83.94 -48.78 22.18
CA ILE B 620 83.15 -47.93 21.32
C ILE B 620 83.39 -46.46 21.59
N TRP B 621 83.28 -46.05 22.86
CA TRP B 621 83.37 -44.65 23.21
C TRP B 621 84.22 -44.48 24.46
N ALA B 622 84.69 -43.26 24.65
CA ALA B 622 85.29 -42.85 25.91
C ALA B 622 84.77 -41.46 26.25
N LYS B 623 84.70 -41.18 27.54
CA LYS B 623 84.35 -39.84 27.98
C LYS B 623 85.55 -38.93 27.80
N ILE B 624 85.35 -37.82 27.08
CA ILE B 624 86.39 -36.80 26.99
C ILE B 624 86.50 -36.17 28.37
N PRO B 625 87.68 -36.16 28.97
CA PRO B 625 87.82 -35.54 30.30
C PRO B 625 87.42 -34.07 30.25
N HIS B 626 86.76 -33.63 31.32
CA HIS B 626 86.32 -32.24 31.41
C HIS B 626 87.52 -31.39 31.76
N THR B 627 88.16 -30.82 30.75
CA THR B 627 89.33 -30.00 30.93
C THR B 627 89.19 -28.71 30.14
N ASP B 628 90.06 -27.75 30.44
CA ASP B 628 90.09 -26.50 29.71
C ASP B 628 90.43 -26.72 28.23
N GLY B 629 91.41 -27.57 27.98
CA GLY B 629 91.86 -27.78 26.62
C GLY B 629 92.08 -29.25 26.35
N ASN B 630 91.78 -29.64 25.11
CA ASN B 630 92.18 -30.93 24.59
C ASN B 630 92.55 -30.74 23.14
N PHE B 631 93.36 -31.66 22.63
CA PHE B 631 93.74 -31.65 21.23
C PHE B 631 93.26 -32.95 20.59
N HIS B 632 92.41 -32.81 19.58
CA HIS B 632 91.82 -33.94 18.86
C HIS B 632 91.31 -34.99 19.85
N PRO B 633 90.23 -34.70 20.57
CA PRO B 633 89.82 -35.58 21.66
C PRO B 633 89.21 -36.90 21.17
N SER B 634 89.95 -37.60 20.36
CA SER B 634 89.58 -38.95 19.97
C SER B 634 90.28 -39.94 20.90
N PRO B 635 89.54 -40.86 21.52
CA PRO B 635 90.15 -41.76 22.50
C PRO B 635 91.28 -42.57 21.87
N LEU B 636 92.35 -42.76 22.63
CA LEU B 636 93.56 -43.34 22.06
C LEU B 636 93.40 -44.83 21.81
N MET B 637 92.67 -45.56 22.65
CA MET B 637 92.39 -46.95 22.32
C MET B 637 91.30 -47.10 21.28
N GLY B 638 90.91 -46.02 20.62
CA GLY B 638 89.97 -46.08 19.53
C GLY B 638 88.54 -45.81 19.97
N GLY B 639 87.75 -45.36 19.03
CA GLY B 639 86.34 -45.13 19.26
C GLY B 639 85.97 -43.67 19.20
N PHE B 640 84.83 -43.35 19.80
CA PHE B 640 84.24 -42.03 19.72
C PHE B 640 84.47 -41.30 21.05
N GLY B 641 85.07 -40.13 20.97
CA GLY B 641 85.20 -39.30 22.14
C GLY B 641 83.95 -38.48 22.36
N LEU B 642 83.34 -38.62 23.53
CA LEU B 642 82.09 -37.95 23.83
C LEU B 642 82.25 -37.09 25.08
N LYS B 643 81.84 -35.83 24.98
CA LYS B 643 81.76 -34.99 26.17
C LYS B 643 80.72 -35.54 27.14
N HIS B 644 79.60 -36.04 26.62
CA HIS B 644 78.53 -36.59 27.41
C HIS B 644 78.26 -38.00 26.90
N PRO B 645 79.04 -38.98 27.32
CA PRO B 645 78.91 -40.33 26.82
C PRO B 645 77.64 -40.98 27.36
N PRO B 646 77.31 -42.20 26.93
CA PRO B 646 76.24 -42.93 27.58
C PRO B 646 76.46 -43.01 29.07
N PRO B 647 75.46 -42.63 29.87
CA PRO B 647 75.68 -42.54 31.31
C PRO B 647 75.95 -43.90 31.92
N GLN B 648 76.72 -43.89 33.00
CA GLN B 648 76.93 -45.10 33.77
C GLN B 648 75.60 -45.55 34.37
N ILE B 649 75.32 -46.84 34.26
CA ILE B 649 74.10 -47.43 34.81
C ILE B 649 74.53 -48.25 36.01
N LEU B 650 74.20 -47.76 37.19
CA LEU B 650 74.62 -48.38 38.44
C LEU B 650 73.47 -49.24 38.98
N ILE B 651 73.80 -50.45 39.41
CA ILE B 651 72.80 -51.39 39.88
C ILE B 651 73.31 -52.02 41.17
N LYS B 652 72.40 -52.22 42.12
CA LYS B 652 72.77 -52.80 43.40
C LYS B 652 71.59 -53.58 43.95
N ASN B 653 71.89 -54.70 44.60
CA ASN B 653 70.88 -55.39 45.39
C ASN B 653 70.64 -54.59 46.66
N THR B 654 69.40 -54.23 46.90
CA THR B 654 69.07 -53.53 48.14
C THR B 654 69.34 -54.45 49.32
N PRO B 655 70.12 -54.01 50.31
CA PRO B 655 70.39 -54.87 51.46
C PRO B 655 69.11 -55.23 52.18
N VAL B 656 68.99 -56.52 52.51
CA VAL B 656 67.87 -57.02 53.29
C VAL B 656 68.44 -57.53 54.61
N PRO B 657 68.23 -56.81 55.71
CA PRO B 657 68.79 -57.25 56.99
C PRO B 657 68.26 -58.61 57.39
N ALA B 658 69.11 -59.39 58.04
CA ALA B 658 68.64 -60.55 58.78
C ALA B 658 67.90 -60.06 60.02
N ASP B 659 67.45 -60.99 60.84
CA ASP B 659 66.65 -60.61 61.99
C ASP B 659 67.48 -59.75 62.95
N PRO B 660 67.06 -58.53 63.23
CA PRO B 660 67.78 -57.69 64.17
C PRO B 660 67.56 -58.18 65.60
N PRO B 661 68.39 -57.76 66.55
CA PRO B 661 68.15 -58.12 67.94
C PRO B 661 66.86 -57.51 68.44
N THR B 662 66.30 -58.12 69.48
CA THR B 662 65.05 -57.63 70.05
C THR B 662 65.24 -56.48 71.02
N THR B 663 66.49 -56.11 71.32
CA THR B 663 66.81 -54.93 72.08
C THR B 663 67.57 -53.96 71.18
N PHE B 664 67.26 -52.67 71.30
CA PHE B 664 67.81 -51.70 70.36
C PHE B 664 69.32 -51.62 70.46
N ASN B 665 69.95 -51.59 69.29
CA ASN B 665 71.39 -51.36 69.17
C ASN B 665 71.60 -50.28 68.13
N GLN B 666 72.34 -49.23 68.48
CA GLN B 666 72.56 -48.12 67.57
C GLN B 666 73.50 -48.48 66.43
N SER B 667 74.28 -49.54 66.58
CA SER B 667 75.27 -49.89 65.57
C SER B 667 74.59 -50.27 64.27
N LYS B 668 75.24 -49.92 63.16
CA LYS B 668 74.72 -50.28 61.85
C LYS B 668 74.62 -51.80 61.74
N LEU B 669 73.57 -52.26 61.07
CA LEU B 669 73.37 -53.69 60.92
C LEU B 669 74.40 -54.26 59.96
N ASN B 670 75.02 -55.37 60.35
CA ASN B 670 75.98 -56.06 59.50
C ASN B 670 75.53 -57.48 59.17
N SER B 671 74.40 -57.92 59.69
CA SER B 671 73.86 -59.24 59.39
C SER B 671 72.80 -59.07 58.32
N PHE B 672 73.08 -59.58 57.12
CA PHE B 672 72.19 -59.42 55.99
C PHE B 672 71.85 -60.77 55.40
N ILE B 673 70.66 -60.85 54.82
CA ILE B 673 70.25 -62.03 54.09
C ILE B 673 71.09 -62.14 52.82
N THR B 674 71.73 -63.29 52.62
CA THR B 674 72.54 -63.49 51.45
C THR B 674 71.66 -63.50 50.20
N GLN B 675 72.04 -62.70 49.21
CA GLN B 675 71.09 -62.35 48.17
C GLN B 675 71.84 -62.02 46.89
N TYR B 676 71.25 -62.38 45.76
CA TYR B 676 71.74 -61.96 44.46
C TYR B 676 70.54 -61.78 43.55
N SER B 677 70.73 -61.01 42.49
CA SER B 677 69.69 -60.78 41.53
C SER B 677 70.13 -61.20 40.14
N THR B 678 69.17 -61.58 39.33
CA THR B 678 69.39 -61.88 37.93
C THR B 678 68.27 -61.26 37.13
N GLY B 679 68.55 -61.02 35.86
CA GLY B 679 67.55 -60.44 35.00
C GLY B 679 68.07 -60.36 33.59
N GLN B 680 67.31 -59.67 32.75
CA GLN B 680 67.70 -59.45 31.38
C GLN B 680 67.99 -57.97 31.17
N VAL B 681 68.99 -57.69 30.35
CA VAL B 681 69.35 -56.34 29.99
C VAL B 681 69.28 -56.22 28.47
N SER B 682 68.61 -55.19 27.99
CA SER B 682 68.53 -54.91 26.56
C SER B 682 69.15 -53.55 26.30
N VAL B 683 70.05 -53.50 25.32
CA VAL B 683 70.61 -52.24 24.85
C VAL B 683 70.39 -52.18 23.34
N GLU B 684 69.78 -51.10 22.88
CA GLU B 684 69.53 -50.88 21.46
C GLU B 684 70.29 -49.62 21.07
N ILE B 685 71.17 -49.74 20.08
CA ILE B 685 71.91 -48.59 19.57
C ILE B 685 71.58 -48.42 18.10
N GLU B 686 71.21 -47.21 17.73
CA GLU B 686 71.04 -46.85 16.34
C GLU B 686 72.33 -46.21 15.85
N TRP B 687 72.89 -46.75 14.77
CA TRP B 687 74.11 -46.26 14.17
C TRP B 687 73.79 -45.63 12.83
N GLU B 688 74.40 -44.48 12.56
CA GLU B 688 74.33 -43.86 11.25
C GLU B 688 75.50 -44.35 10.41
N LEU B 689 75.24 -44.64 9.14
CA LEU B 689 76.24 -45.19 8.25
C LEU B 689 76.65 -44.15 7.21
N GLN B 690 77.93 -44.14 6.88
CA GLN B 690 78.44 -43.39 5.74
C GLN B 690 78.66 -44.37 4.61
N LYS B 691 77.77 -44.35 3.62
CA LYS B 691 77.89 -45.25 2.48
C LYS B 691 79.10 -44.86 1.64
N GLU B 692 79.80 -45.88 1.14
CA GLU B 692 80.93 -45.62 0.26
C GLU B 692 80.42 -45.22 -1.11
N ASN B 693 80.94 -44.11 -1.61
CA ASN B 693 80.62 -43.63 -2.96
C ASN B 693 81.94 -43.55 -3.73
N SER B 694 82.34 -44.67 -4.29
CA SER B 694 83.67 -44.85 -4.83
C SER B 694 83.61 -45.20 -6.31
N LYS B 695 84.51 -44.59 -7.09
CA LYS B 695 84.64 -44.88 -8.50
C LYS B 695 85.80 -45.81 -8.79
N ARG B 696 86.34 -46.46 -7.76
CA ARG B 696 87.37 -47.46 -7.93
C ARG B 696 86.90 -48.56 -8.87
N TRP B 697 87.75 -48.93 -9.83
CA TRP B 697 87.36 -49.93 -10.82
C TRP B 697 87.59 -51.34 -10.31
N ASN B 698 88.78 -51.60 -9.79
CA ASN B 698 89.12 -52.95 -9.34
C ASN B 698 88.42 -53.28 -8.03
N PRO B 699 88.23 -54.57 -7.74
CA PRO B 699 87.54 -54.94 -6.51
C PRO B 699 88.30 -54.50 -5.27
N GLU B 700 87.54 -54.19 -4.22
CA GLU B 700 88.10 -53.77 -2.96
C GLU B 700 88.51 -54.97 -2.12
N ILE B 701 89.30 -54.71 -1.09
CA ILE B 701 89.57 -55.71 -0.06
C ILE B 701 88.36 -55.78 0.85
N GLN B 702 87.91 -56.99 1.13
CA GLN B 702 86.76 -57.22 1.98
C GLN B 702 87.15 -58.20 3.08
N TYR B 703 86.55 -58.02 4.25
CA TYR B 703 86.69 -59.04 5.27
C TYR B 703 85.87 -60.26 4.87
N THR B 704 86.49 -61.42 4.87
CA THR B 704 85.82 -62.64 4.48
C THR B 704 86.24 -63.76 5.43
N SER B 705 85.33 -64.69 5.65
CA SER B 705 85.71 -65.92 6.33
C SER B 705 86.54 -66.79 5.40
N ASN B 706 87.39 -67.61 5.98
CA ASN B 706 88.20 -68.52 5.19
C ASN B 706 87.32 -69.60 4.57
N TYR B 707 87.55 -69.87 3.29
CA TYR B 707 86.74 -70.87 2.60
C TYR B 707 87.15 -72.30 2.97
N TYR B 708 88.41 -72.50 3.32
CA TYR B 708 88.92 -73.84 3.55
C TYR B 708 88.33 -74.45 4.81
N LYS B 709 88.30 -75.78 4.83
CA LYS B 709 87.69 -76.51 5.94
C LYS B 709 88.46 -76.31 7.23
N SER B 710 87.77 -76.48 8.36
CA SER B 710 88.38 -76.32 9.66
C SER B 710 87.61 -77.14 10.68
N THR B 711 88.25 -77.38 11.82
CA THR B 711 87.61 -78.17 12.88
C THR B 711 86.36 -77.49 13.40
N SER B 712 86.38 -76.17 13.50
CA SER B 712 85.27 -75.41 14.04
C SER B 712 85.01 -74.20 13.16
N VAL B 713 83.79 -73.69 13.22
CA VAL B 713 83.44 -72.46 12.52
C VAL B 713 83.98 -71.28 13.31
N ASP B 714 84.64 -70.36 12.60
CA ASP B 714 85.12 -69.15 13.24
C ASP B 714 83.95 -68.30 13.72
N PHE B 715 84.10 -67.70 14.89
CA PHE B 715 83.04 -66.93 15.54
C PHE B 715 81.80 -67.80 15.77
N ALA B 716 82.04 -68.99 16.32
CA ALA B 716 80.98 -69.91 16.71
C ALA B 716 81.41 -70.57 18.00
N VAL B 717 80.60 -71.49 18.46
CA VAL B 717 80.92 -72.25 19.66
C VAL B 717 81.68 -73.51 19.26
N ASN B 718 82.47 -74.02 20.18
CA ASN B 718 83.15 -75.29 19.97
C ASN B 718 82.27 -76.42 20.52
N THR B 719 82.85 -77.62 20.64
CA THR B 719 82.07 -78.76 21.11
C THR B 719 81.69 -78.62 22.59
N GLU B 720 82.34 -77.74 23.33
CA GLU B 720 82.04 -77.54 24.74
C GLU B 720 81.12 -76.36 24.98
N GLY B 721 80.64 -75.71 23.94
CA GLY B 721 79.75 -74.58 24.10
C GLY B 721 80.44 -73.26 24.32
N VAL B 722 81.76 -73.19 24.17
CA VAL B 722 82.51 -71.97 24.40
C VAL B 722 82.53 -71.16 23.11
N TYR B 723 81.97 -69.96 23.17
CA TYR B 723 82.09 -69.02 22.07
C TYR B 723 83.44 -68.36 22.08
N SER B 724 84.07 -68.27 20.92
CA SER B 724 85.38 -67.66 20.81
C SER B 724 85.43 -66.73 19.61
N GLU B 725 86.20 -65.67 19.74
CA GLU B 725 86.48 -64.78 18.64
C GLU B 725 87.91 -65.05 18.17
N PRO B 726 88.11 -65.66 17.01
CA PRO B 726 89.45 -66.15 16.67
C PRO B 726 90.43 -65.04 16.30
N ARG B 727 89.95 -63.89 15.84
CA ARG B 727 90.84 -62.82 15.42
C ARG B 727 90.18 -61.49 15.73
N PRO B 728 90.96 -60.42 15.87
CA PRO B 728 90.36 -59.08 15.99
C PRO B 728 90.02 -58.57 14.59
N ILE B 729 88.75 -58.32 14.36
CA ILE B 729 88.30 -57.77 13.09
C ILE B 729 88.35 -56.26 13.17
N GLY B 730 89.22 -55.66 12.37
CA GLY B 730 89.28 -54.22 12.28
C GLY B 730 88.09 -53.67 11.54
N THR B 731 88.22 -52.46 11.04
CA THR B 731 87.10 -51.80 10.40
C THR B 731 87.46 -51.26 9.03
N ARG B 732 88.74 -51.20 8.69
CA ARG B 732 89.22 -50.50 7.50
C ARG B 732 89.52 -51.51 6.41
N TYR B 733 88.56 -51.73 5.54
CA TYR B 733 88.72 -52.60 4.37
C TYR B 733 88.45 -51.88 3.06
N LEU B 734 87.43 -51.03 3.01
CA LEU B 734 87.22 -50.19 1.85
C LEU B 734 88.30 -49.13 1.76
N THR B 735 88.40 -48.48 0.61
CA THR B 735 89.45 -47.52 0.37
C THR B 735 88.86 -46.18 -0.06
N ARG B 736 89.58 -45.11 0.26
CA ARG B 736 89.30 -43.78 -0.22
C ARG B 736 90.59 -43.15 -0.72
N ASN B 737 90.46 -42.21 -1.64
CA ASN B 737 91.58 -41.35 -1.97
C ASN B 737 91.83 -40.38 -0.81
N LEU B 738 93.04 -39.85 -0.76
CA LEU B 738 93.36 -38.87 0.26
C LEU B 738 92.76 -37.51 -0.12
N GLY C 221 77.55 21.06 34.12
CA GLY C 221 77.74 22.24 34.94
C GLY C 221 78.96 22.16 35.84
N VAL C 222 79.53 23.33 36.14
CA VAL C 222 80.70 23.39 37.02
C VAL C 222 80.34 22.90 38.41
N GLY C 223 79.19 23.32 38.93
CA GLY C 223 78.81 23.02 40.29
C GLY C 223 77.94 21.80 40.49
N SER C 224 77.81 20.94 39.49
CA SER C 224 77.01 19.73 39.61
C SER C 224 77.86 18.51 39.32
N SER C 225 77.68 17.47 40.14
CA SER C 225 78.40 16.23 39.94
C SER C 225 77.93 15.53 38.67
N SER C 226 78.88 14.97 37.93
CA SER C 226 78.56 14.26 36.70
C SER C 226 78.44 12.75 36.89
N GLY C 227 78.53 12.28 38.12
CA GLY C 227 78.35 10.87 38.39
C GLY C 227 78.53 10.59 39.87
N ASN C 228 78.06 9.43 40.26
CA ASN C 228 78.09 8.99 41.65
C ASN C 228 79.12 7.89 41.85
N TRP C 229 79.51 7.71 43.11
CA TRP C 229 80.43 6.64 43.47
C TRP C 229 79.68 5.31 43.48
N HIS C 230 80.16 4.36 42.69
CA HIS C 230 79.51 3.06 42.55
C HIS C 230 80.57 1.97 42.76
N CYS C 231 80.78 1.60 44.01
CA CYS C 231 81.55 0.41 44.35
C CYS C 231 80.60 -0.58 45.00
N ASP C 232 80.47 -1.75 44.40
CA ASP C 232 79.48 -2.72 44.87
C ASP C 232 79.70 -4.03 44.12
N SER C 233 79.11 -5.09 44.65
CA SER C 233 79.02 -6.36 43.96
C SER C 233 77.67 -6.96 44.28
N THR C 234 76.88 -7.23 43.25
CA THR C 234 75.56 -7.82 43.41
C THR C 234 75.58 -9.23 42.85
N TRP C 235 75.29 -10.20 43.69
CA TRP C 235 75.20 -11.59 43.29
C TRP C 235 73.74 -11.94 43.10
N LEU C 236 73.39 -12.33 41.87
CA LEU C 236 72.00 -12.59 41.53
C LEU C 236 71.97 -13.81 40.61
N GLY C 237 71.60 -14.96 41.17
CA GLY C 237 71.52 -16.17 40.37
C GLY C 237 72.89 -16.59 39.88
N ASP C 238 72.99 -16.79 38.57
CA ASP C 238 74.24 -17.20 37.93
C ASP C 238 75.08 -16.02 37.48
N ARG C 239 74.76 -14.81 37.93
CA ARG C 239 75.53 -13.63 37.59
C ARG C 239 76.05 -12.98 38.85
N VAL C 240 77.22 -12.35 38.73
CA VAL C 240 77.71 -11.40 39.72
C VAL C 240 78.10 -10.15 38.96
N ILE C 241 77.62 -9.01 39.43
CA ILE C 241 77.93 -7.72 38.81
C ILE C 241 78.84 -6.97 39.76
N THR C 242 80.11 -6.88 39.41
CA THR C 242 81.06 -6.07 40.17
C THR C 242 81.10 -4.68 39.57
N THR C 243 81.00 -3.67 40.42
CA THR C 243 81.22 -2.30 40.00
C THR C 243 82.22 -1.67 40.96
N SER C 244 83.19 -0.96 40.40
CA SER C 244 84.23 -0.37 41.20
C SER C 244 84.48 1.05 40.73
N THR C 245 84.60 1.96 41.68
CA THR C 245 84.91 3.35 41.39
C THR C 245 86.24 3.69 42.05
N ARG C 246 87.07 4.44 41.33
CA ARG C 246 88.35 4.90 41.87
C ARG C 246 88.54 6.35 41.50
N THR C 247 89.33 7.05 42.30
CA THR C 247 89.78 8.38 41.99
C THR C 247 91.12 8.29 41.29
N TRP C 248 91.23 8.92 40.13
CA TRP C 248 92.46 8.90 39.36
C TRP C 248 93.04 10.30 39.27
N ALA C 249 94.33 10.37 38.95
CA ALA C 249 95.00 11.61 38.64
C ALA C 249 95.81 11.41 37.37
N LEU C 250 95.59 12.29 36.39
CA LEU C 250 96.29 12.19 35.12
C LEU C 250 97.22 13.38 34.96
N PRO C 251 98.53 13.17 34.97
CA PRO C 251 99.45 14.27 34.70
C PRO C 251 99.54 14.54 33.21
N THR C 252 100.26 15.59 32.87
CA THR C 252 100.68 15.79 31.49
C THR C 252 101.90 14.93 31.25
N TYR C 253 101.81 14.03 30.28
CA TYR C 253 102.90 13.12 29.96
C TYR C 253 103.68 13.67 28.78
N ASN C 254 105.00 13.51 28.83
CA ASN C 254 105.90 13.81 27.73
C ASN C 254 105.89 15.27 27.32
N ASN C 255 105.36 16.16 28.16
CA ASN C 255 105.17 17.56 27.80
C ASN C 255 104.37 17.68 26.50
N HIS C 256 103.31 16.87 26.40
CA HIS C 256 102.38 16.84 25.27
C HIS C 256 103.03 16.35 23.98
N LEU C 257 104.18 15.70 24.06
CA LEU C 257 104.92 15.31 22.87
C LEU C 257 104.84 13.80 22.65
N TYR C 258 104.94 13.41 21.39
CA TYR C 258 105.25 12.03 21.03
C TYR C 258 106.76 11.92 20.89
N LYS C 259 107.36 10.99 21.62
CA LYS C 259 108.79 10.81 21.58
C LYS C 259 109.11 9.42 21.08
N GLN C 260 110.00 9.33 20.10
CA GLN C 260 110.55 8.05 19.71
C GLN C 260 111.46 7.54 20.83
N ILE C 261 111.26 6.29 21.22
CA ILE C 261 112.05 5.66 22.27
C ILE C 261 112.69 4.41 21.70
N SER C 262 113.92 4.14 22.11
CA SER C 262 114.66 3.01 21.56
C SER C 262 115.61 2.46 22.61
N ASN C 263 116.12 1.27 22.33
CA ASN C 263 117.15 0.66 23.15
C ASN C 263 117.96 -0.23 22.22
N GLY C 264 119.27 0.00 22.15
CA GLY C 264 120.14 -0.76 21.28
C GLY C 264 121.21 -1.50 22.08
N THR C 265 122.08 -2.16 21.34
CA THR C 265 123.15 -2.93 21.94
C THR C 265 124.36 -2.05 22.22
N ALA C 269 122.96 -2.69 26.66
CA ALA C 269 121.83 -3.60 26.57
C ALA C 269 122.12 -4.74 25.61
N THR C 270 121.54 -5.90 25.87
CA THR C 270 121.71 -7.04 24.98
C THR C 270 120.71 -6.98 23.83
N ASN C 271 120.97 -7.78 22.80
CA ASN C 271 120.06 -7.82 21.66
C ASN C 271 118.67 -8.31 22.07
N ASP C 272 118.59 -9.14 23.11
CA ASP C 272 117.32 -9.66 23.57
C ASP C 272 116.41 -8.57 24.10
N ASN C 273 116.97 -7.42 24.50
CA ASN C 273 116.20 -6.36 25.12
C ASN C 273 116.09 -5.11 24.26
N THR C 274 116.45 -5.19 22.98
CA THR C 274 116.34 -4.04 22.10
C THR C 274 114.88 -3.76 21.77
N TYR C 275 114.57 -2.49 21.53
CA TYR C 275 113.23 -2.14 21.10
C TYR C 275 113.27 -0.81 20.38
N PHE C 276 112.24 -0.59 19.57
CA PHE C 276 111.95 0.71 18.98
C PHE C 276 110.46 0.96 19.17
N GLY C 277 110.11 2.14 19.63
CA GLY C 277 108.72 2.44 19.86
C GLY C 277 108.50 3.91 20.06
N TYR C 278 107.33 4.24 20.57
CA TYR C 278 106.97 5.62 20.77
C TYR C 278 106.34 5.80 22.14
N SER C 279 106.78 6.84 22.83
CA SER C 279 106.12 7.33 24.03
C SER C 279 105.11 8.39 23.62
N THR C 280 103.88 8.25 24.10
CA THR C 280 102.83 9.19 23.75
C THR C 280 102.47 10.06 24.94
N PRO C 281 101.90 11.25 24.69
CA PRO C 281 101.42 12.07 25.80
C PRO C 281 100.12 11.59 26.41
N TRP C 282 99.62 10.42 26.01
CA TRP C 282 98.34 9.92 26.45
C TRP C 282 98.50 8.98 27.63
N GLY C 283 97.57 9.06 28.56
CA GLY C 283 97.40 8.01 29.53
C GLY C 283 96.38 7.01 29.06
N TYR C 284 96.24 5.93 29.81
CA TYR C 284 95.24 4.93 29.48
C TYR C 284 94.72 4.30 30.76
N PHE C 285 93.46 3.87 30.72
CA PHE C 285 92.83 3.24 31.86
C PHE C 285 92.96 1.73 31.77
N ASP C 286 93.46 1.14 32.84
CA ASP C 286 93.65 -0.30 32.93
C ASP C 286 92.84 -0.83 34.11
N PHE C 287 92.00 -1.82 33.86
CA PHE C 287 91.31 -2.55 34.90
C PHE C 287 91.39 -4.03 34.62
N ASN C 288 92.54 -4.47 34.12
CA ASN C 288 92.77 -5.85 33.69
C ASN C 288 93.36 -6.70 34.80
N ARG C 289 93.00 -6.43 36.04
CA ARG C 289 93.33 -7.29 37.17
C ARG C 289 92.05 -7.58 37.94
N PHE C 290 91.95 -8.79 38.48
CA PHE C 290 90.71 -9.20 39.11
C PHE C 290 90.42 -8.38 40.37
N HIS C 291 91.45 -7.96 41.09
CA HIS C 291 91.21 -7.19 42.31
C HIS C 291 90.74 -5.78 42.02
N CYS C 292 90.79 -5.33 40.77
CA CYS C 292 90.15 -4.08 40.40
C CYS C 292 88.63 -4.17 40.52
N HIS C 293 88.08 -5.37 40.52
CA HIS C 293 86.65 -5.59 40.50
C HIS C 293 86.14 -6.41 41.67
N PHE C 294 86.90 -7.41 42.11
CA PHE C 294 86.49 -8.27 43.20
C PHE C 294 87.20 -7.87 44.47
N SER C 295 86.42 -7.60 45.52
CA SER C 295 86.99 -7.54 46.84
C SER C 295 87.46 -8.94 47.25
N PRO C 296 88.39 -9.03 48.20
CA PRO C 296 88.83 -10.37 48.63
C PRO C 296 87.69 -11.24 49.11
N ARG C 297 86.71 -10.66 49.80
CA ARG C 297 85.55 -11.43 50.21
C ARG C 297 84.71 -11.85 49.00
N ASP C 298 84.56 -10.97 48.02
CA ASP C 298 83.85 -11.34 46.80
C ASP C 298 84.59 -12.43 46.05
N TRP C 299 85.93 -12.33 46.01
CA TRP C 299 86.72 -13.39 45.40
C TRP C 299 86.52 -14.72 46.12
N GLN C 300 86.47 -14.69 47.45
CA GLN C 300 86.20 -15.90 48.21
C GLN C 300 84.82 -16.46 47.87
N ARG C 301 83.80 -15.60 47.80
CA ARG C 301 82.47 -16.04 47.40
C ARG C 301 82.51 -16.70 46.04
N LEU C 302 83.25 -16.12 45.10
CA LEU C 302 83.32 -16.65 43.75
C LEU C 302 84.01 -18.01 43.73
N ILE C 303 85.18 -18.12 44.35
CA ILE C 303 85.99 -19.31 44.18
C ILE C 303 85.56 -20.46 45.07
N ASN C 304 84.85 -20.20 46.17
CA ASN C 304 84.44 -21.28 47.04
C ASN C 304 83.13 -21.93 46.62
N ASN C 305 82.44 -21.36 45.64
CA ASN C 305 81.08 -21.77 45.33
C ASN C 305 80.80 -21.99 43.86
N ASN C 306 81.76 -21.71 42.98
CA ASN C 306 81.51 -21.77 41.55
C ASN C 306 82.58 -22.61 40.87
N TRP C 307 82.17 -23.42 39.91
CA TRP C 307 83.09 -24.20 39.11
C TRP C 307 83.72 -23.38 38.01
N GLY C 308 83.14 -22.23 37.68
CA GLY C 308 83.68 -21.42 36.61
C GLY C 308 83.01 -20.07 36.58
N PHE C 309 83.65 -19.15 35.85
CA PHE C 309 83.11 -17.83 35.65
C PHE C 309 83.71 -17.25 34.39
N ARG C 310 83.06 -16.23 33.86
CA ARG C 310 83.56 -15.55 32.67
C ARG C 310 82.92 -14.17 32.62
N PRO C 311 83.62 -13.17 32.10
CA PRO C 311 83.01 -11.86 31.93
C PRO C 311 81.98 -11.89 30.82
N LYS C 312 80.93 -11.09 31.00
CA LYS C 312 79.86 -10.99 30.02
C LYS C 312 79.79 -9.64 29.35
N ARG C 313 79.75 -8.57 30.15
CA ARG C 313 79.67 -7.22 29.62
C ARG C 313 80.35 -6.29 30.61
N LEU C 314 80.75 -5.12 30.12
CA LEU C 314 81.28 -4.11 31.01
C LEU C 314 80.73 -2.75 30.62
N SER C 315 80.60 -1.89 31.61
CA SER C 315 80.32 -0.48 31.41
C SER C 315 81.39 0.32 32.11
N PHE C 316 81.84 1.38 31.47
CA PHE C 316 82.94 2.20 31.94
C PHE C 316 82.46 3.64 32.00
N LYS C 317 82.85 4.35 33.06
CA LYS C 317 82.43 5.74 33.22
C LYS C 317 83.58 6.59 33.70
N LEU C 318 83.71 7.77 33.11
CA LEU C 318 84.59 8.83 33.59
C LEU C 318 83.72 10.02 33.95
N PHE C 319 83.93 10.57 35.14
CA PHE C 319 83.04 11.61 35.62
C PHE C 319 83.73 12.39 36.72
N ASN C 320 83.10 13.50 37.12
CA ASN C 320 83.64 14.40 38.13
C ASN C 320 85.06 14.82 37.78
N ILE C 321 85.25 15.19 36.52
CA ILE C 321 86.56 15.57 36.02
C ILE C 321 86.91 16.94 36.54
N GLN C 322 88.12 17.08 37.08
CA GLN C 322 88.65 18.35 37.51
C GLN C 322 90.01 18.54 36.85
N VAL C 323 90.14 19.58 36.05
CA VAL C 323 91.41 19.93 35.45
C VAL C 323 92.00 21.07 36.26
N LYS C 324 93.22 20.89 36.74
CA LYS C 324 93.82 21.82 37.67
C LYS C 324 95.10 22.41 37.09
N GLU C 325 95.27 23.70 37.30
CA GLU C 325 96.46 24.43 36.86
C GLU C 325 97.37 24.62 38.05
N VAL C 326 98.66 24.32 37.86
CA VAL C 326 99.65 24.51 38.90
C VAL C 326 100.69 25.50 38.41
N THR C 327 100.96 26.52 39.24
CA THR C 327 101.89 27.58 38.86
C THR C 327 103.11 27.57 39.77
N LYS C 333 104.27 27.17 45.06
CA LYS C 333 103.39 26.40 44.18
C LYS C 333 101.92 26.54 44.61
N THR C 334 101.08 26.98 43.68
CA THR C 334 99.65 27.07 43.91
C THR C 334 98.92 26.24 42.86
N ILE C 335 97.90 25.54 43.29
CA ILE C 335 97.07 24.72 42.40
C ILE C 335 95.68 25.35 42.35
N ALA C 336 95.21 25.61 41.14
CA ALA C 336 93.92 26.25 40.94
C ALA C 336 93.13 25.47 39.90
N ASN C 337 91.81 25.56 40.00
CA ASN C 337 90.95 24.97 39.00
C ASN C 337 91.08 25.71 37.68
N ASN C 338 91.13 24.94 36.58
CA ASN C 338 91.09 25.51 35.22
C ASN C 338 89.73 25.05 34.68
N LEU C 339 88.67 25.82 34.91
CA LEU C 339 87.31 25.38 34.62
C LEU C 339 87.09 25.16 33.13
N THR C 340 87.82 25.86 32.28
CA THR C 340 87.62 25.78 30.84
C THR C 340 88.55 24.79 30.16
N SER C 341 89.43 24.12 30.91
CA SER C 341 90.32 23.15 30.32
C SER C 341 89.59 21.83 30.08
N THR C 342 90.10 21.07 29.11
CA THR C 342 89.48 19.81 28.74
C THR C 342 90.46 18.66 28.90
N ILE C 343 89.89 17.46 29.01
CA ILE C 343 90.61 16.22 28.81
C ILE C 343 90.03 15.58 27.55
N GLN C 344 90.84 14.77 26.88
CA GLN C 344 90.41 14.03 25.71
C GLN C 344 90.38 12.55 26.06
N VAL C 345 89.24 11.91 25.79
CA VAL C 345 89.06 10.50 26.06
C VAL C 345 88.52 9.84 24.80
N PHE C 346 89.10 8.71 24.43
CA PHE C 346 88.52 7.88 23.38
C PHE C 346 88.86 6.43 23.66
N THR C 347 88.02 5.54 23.17
CA THR C 347 88.27 4.12 23.21
C THR C 347 88.71 3.65 21.84
N ASP C 348 89.77 2.84 21.80
CA ASP C 348 90.20 2.21 20.56
C ASP C 348 89.28 1.02 20.26
N SER C 349 88.05 1.36 19.88
CA SER C 349 87.01 0.36 19.70
C SER C 349 87.26 -0.51 18.49
N GLU C 350 87.97 0.00 17.48
CA GLU C 350 88.33 -0.78 16.31
C GLU C 350 89.66 -1.49 16.47
N TYR C 351 90.30 -1.38 17.63
CA TYR C 351 91.58 -2.05 17.88
C TYR C 351 92.62 -1.65 16.86
N GLN C 352 92.65 -0.37 16.51
CA GLN C 352 93.60 0.15 15.55
C GLN C 352 94.91 0.59 16.18
N LEU C 353 94.96 0.66 17.45
CA LEU C 353 96.20 1.00 18.15
C LEU C 353 96.87 -0.26 18.66
N PRO C 354 98.19 -0.22 18.84
CA PRO C 354 98.86 -1.34 19.52
C PRO C 354 98.25 -1.56 20.88
N TYR C 355 97.84 -2.79 21.14
CA TYR C 355 97.13 -3.15 22.35
C TYR C 355 98.16 -3.49 23.42
N VAL C 356 98.35 -2.58 24.38
CA VAL C 356 99.34 -2.77 25.43
C VAL C 356 98.73 -3.29 26.72
N LEU C 357 97.41 -3.36 26.82
CA LEU C 357 96.81 -4.11 27.90
C LEU C 357 97.09 -5.59 27.71
N GLY C 358 96.95 -6.35 28.79
CA GLY C 358 97.30 -7.75 28.70
C GLY C 358 98.78 -8.03 28.66
N SER C 359 99.60 -7.10 29.16
CA SER C 359 101.02 -7.36 29.37
C SER C 359 101.38 -7.30 30.85
N ALA C 360 100.38 -7.43 31.71
CA ALA C 360 100.58 -7.46 33.17
C ALA C 360 101.32 -6.23 33.67
N HIS C 361 100.96 -5.07 33.14
CA HIS C 361 101.61 -3.83 33.51
C HIS C 361 100.98 -3.22 34.75
N GLN C 362 101.78 -2.45 35.48
CA GLN C 362 101.26 -1.64 36.56
C GLN C 362 100.39 -0.53 36.02
N GLY C 363 99.68 0.14 36.93
CA GLY C 363 98.80 1.21 36.55
C GLY C 363 97.34 0.85 36.47
N CYS C 364 96.98 -0.38 36.80
CA CYS C 364 95.57 -0.74 36.86
C CYS C 364 94.90 -0.03 38.04
N LEU C 365 93.58 -0.11 38.06
CA LEU C 365 92.83 0.41 39.19
C LEU C 365 93.31 -0.29 40.47
N PRO C 366 93.54 0.46 41.55
CA PRO C 366 94.07 -0.16 42.76
C PRO C 366 93.06 -1.14 43.34
N PRO C 367 93.52 -2.19 44.00
CA PRO C 367 92.57 -3.11 44.65
C PRO C 367 91.72 -2.45 45.72
N PHE C 368 92.27 -1.49 46.45
CA PHE C 368 91.55 -0.85 47.53
C PHE C 368 90.77 0.35 47.00
N PRO C 369 89.45 0.40 47.18
CA PRO C 369 88.66 1.49 46.59
C PRO C 369 89.06 2.88 47.06
N ALA C 370 89.53 3.00 48.30
CA ALA C 370 89.93 4.31 48.81
C ALA C 370 91.22 4.81 48.20
N ASP C 371 91.90 3.99 47.40
CA ASP C 371 93.23 4.33 46.91
C ASP C 371 93.12 5.21 45.66
N VAL C 372 93.83 6.32 45.66
CA VAL C 372 93.89 7.21 44.50
C VAL C 372 95.11 6.82 43.67
N PHE C 373 94.91 6.61 42.38
CA PHE C 373 95.96 6.09 41.54
C PHE C 373 96.27 7.02 40.38
N MET C 374 97.53 6.94 39.94
CA MET C 374 98.02 7.68 38.80
C MET C 374 97.80 6.89 37.53
N ILE C 375 97.32 7.57 36.50
CA ILE C 375 97.04 6.91 35.22
C ILE C 375 98.35 6.62 34.50
N PRO C 376 98.60 5.40 34.06
CA PRO C 376 99.86 5.10 33.37
C PRO C 376 99.94 5.75 32.00
N GLN C 377 101.16 6.03 31.58
CA GLN C 377 101.39 6.64 30.28
C GLN C 377 101.34 5.59 29.17
N TYR C 378 100.65 5.94 28.09
CA TYR C 378 100.54 5.03 26.98
C TYR C 378 101.78 5.10 26.10
N GLY C 379 102.38 3.95 25.85
CA GLY C 379 103.42 3.84 24.87
C GLY C 379 103.28 2.51 24.15
N TYR C 380 103.95 2.38 23.02
CA TYR C 380 103.86 1.15 22.26
C TYR C 380 105.18 0.88 21.57
N LEU C 381 105.34 -0.36 21.15
CA LEU C 381 106.51 -0.78 20.42
C LEU C 381 106.12 -1.20 19.02
N THR C 382 107.02 -0.97 18.08
CA THR C 382 106.82 -1.43 16.72
C THR C 382 108.04 -2.24 16.31
N LEU C 383 108.16 -2.57 15.04
CA LEU C 383 109.28 -3.38 14.60
C LEU C 383 110.60 -2.63 14.80
N ASN C 384 111.61 -3.36 15.26
CA ASN C 384 112.92 -2.78 15.48
C ASN C 384 114.00 -3.71 14.94
N ASN C 385 115.11 -3.10 14.56
CA ASN C 385 116.34 -3.81 14.21
C ASN C 385 117.40 -3.17 15.10
N GLY C 386 117.63 -3.77 16.26
CA GLY C 386 118.43 -3.09 17.27
C GLY C 386 117.64 -1.90 17.80
N SER C 387 118.27 -0.74 17.83
CA SER C 387 117.60 0.49 18.23
C SER C 387 116.98 1.22 17.05
N GLN C 388 117.12 0.70 15.84
CA GLN C 388 116.62 1.34 14.64
C GLN C 388 115.24 0.81 14.28
N ALA C 389 114.45 1.66 13.65
CA ALA C 389 113.20 1.22 13.06
C ALA C 389 113.46 0.64 11.67
N VAL C 390 112.50 -0.15 11.20
CA VAL C 390 112.51 -0.64 9.83
C VAL C 390 111.39 0.04 9.08
N GLY C 391 111.36 -0.17 7.77
CA GLY C 391 110.32 0.42 6.95
C GLY C 391 108.93 -0.01 7.33
N ARG C 392 108.79 -1.19 7.94
CA ARG C 392 107.48 -1.67 8.36
C ARG C 392 107.07 -1.14 9.72
N SER C 393 107.95 -0.42 10.41
CA SER C 393 107.59 0.16 11.71
C SER C 393 106.46 1.16 11.55
N SER C 394 105.49 1.05 12.45
CA SER C 394 104.30 1.89 12.40
C SER C 394 104.38 2.98 13.46
N PHE C 395 104.09 4.20 13.07
CA PHE C 395 103.93 5.31 13.99
C PHE C 395 102.45 5.65 14.08
N TYR C 396 101.94 5.76 15.30
CA TYR C 396 100.54 6.08 15.54
C TYR C 396 100.43 7.40 16.27
N CYS C 397 99.66 8.32 15.72
CA CYS C 397 99.29 9.55 16.40
C CYS C 397 97.91 9.33 17.01
N LEU C 398 97.82 9.40 18.34
CA LEU C 398 96.54 9.17 18.98
C LEU C 398 95.60 10.36 18.83
N GLU C 399 96.14 11.54 18.49
CA GLU C 399 95.28 12.66 18.12
C GLU C 399 94.60 12.42 16.79
N TYR C 400 95.09 11.49 15.99
CA TYR C 400 94.46 11.13 14.73
C TYR C 400 93.20 10.30 14.92
N PHE C 401 92.73 10.16 16.15
CA PHE C 401 91.50 9.47 16.45
C PHE C 401 90.44 10.47 16.89
N PRO C 402 89.16 10.17 16.64
CA PRO C 402 88.10 10.99 17.25
C PRO C 402 88.08 10.79 18.75
N SER C 403 88.19 11.88 19.49
CA SER C 403 88.18 11.85 20.95
C SER C 403 87.09 12.76 21.46
N GLN C 404 86.42 12.33 22.52
CA GLN C 404 85.51 13.20 23.23
C GLN C 404 86.32 14.13 24.12
N MET C 405 86.09 15.44 24.01
CA MET C 405 86.72 16.40 24.90
C MET C 405 85.76 16.75 26.02
N LEU C 406 86.27 16.75 27.24
CA LEU C 406 85.44 16.86 28.43
C LEU C 406 85.92 18.04 29.27
N ARG C 407 85.02 18.95 29.56
CA ARG C 407 85.30 19.94 30.58
C ARG C 407 84.85 19.39 31.93
N THR C 408 84.95 20.22 32.97
CA THR C 408 84.72 19.73 34.32
C THR C 408 83.28 19.25 34.52
N GLY C 409 82.34 19.75 33.73
CA GLY C 409 80.97 19.31 33.82
C GLY C 409 80.60 18.11 32.98
N ASN C 410 81.51 17.62 32.16
CA ASN C 410 81.21 16.54 31.24
C ASN C 410 81.59 15.19 31.86
N ASN C 411 80.97 14.14 31.33
CA ASN C 411 81.33 12.78 31.69
C ASN C 411 81.45 11.94 30.44
N PHE C 412 82.18 10.84 30.56
CA PHE C 412 82.41 9.92 29.48
C PHE C 412 81.95 8.54 29.91
N GLN C 413 81.32 7.81 28.99
CA GLN C 413 80.93 6.45 29.31
C GLN C 413 80.80 5.64 28.04
N PHE C 414 81.06 4.35 28.17
CA PHE C 414 80.83 3.42 27.07
C PHE C 414 80.55 2.04 27.67
N THR C 415 79.90 1.21 26.88
CA THR C 415 79.60 -0.16 27.25
C THR C 415 80.28 -1.10 26.28
N TYR C 416 80.63 -2.27 26.77
CA TYR C 416 81.31 -3.28 25.98
C TYR C 416 80.75 -4.64 26.32
N THR C 417 80.57 -5.48 25.32
CA THR C 417 80.10 -6.84 25.51
C THR C 417 81.24 -7.80 25.21
N PHE C 418 81.55 -8.67 26.17
CA PHE C 418 82.56 -9.69 25.94
C PHE C 418 82.05 -10.71 24.94
N GLU C 419 82.94 -11.18 24.09
CA GLU C 419 82.60 -12.28 23.20
C GLU C 419 82.39 -13.56 24.01
N ASP C 420 81.77 -14.54 23.39
CA ASP C 420 81.57 -15.82 24.05
C ASP C 420 82.92 -16.47 24.31
N VAL C 421 83.33 -16.48 25.58
CA VAL C 421 84.62 -17.02 25.98
C VAL C 421 84.34 -18.23 26.86
N PRO C 422 85.19 -19.25 26.88
CA PRO C 422 84.95 -20.37 27.78
C PRO C 422 85.04 -19.95 29.23
N PHE C 423 84.26 -20.62 30.08
CA PHE C 423 84.38 -20.41 31.51
C PHE C 423 85.78 -20.76 31.98
N HIS C 424 86.34 -19.91 32.84
CA HIS C 424 87.59 -20.28 33.48
C HIS C 424 87.34 -21.44 34.43
N SER C 425 88.25 -22.42 34.41
CA SER C 425 88.11 -23.60 35.26
C SER C 425 88.43 -23.21 36.70
N SER C 426 87.39 -22.85 37.44
CA SER C 426 87.55 -22.50 38.85
C SER C 426 87.42 -23.74 39.73
N TYR C 427 88.17 -24.77 39.38
CA TYR C 427 88.09 -26.05 40.06
C TYR C 427 89.40 -26.79 39.83
N ALA C 428 89.69 -27.71 40.74
CA ALA C 428 90.77 -28.65 40.57
C ALA C 428 90.18 -30.05 40.39
N HIS C 429 90.83 -30.85 39.56
CA HIS C 429 90.31 -32.19 39.31
C HIS C 429 90.56 -33.09 40.52
N SER C 430 89.53 -33.82 40.93
CA SER C 430 89.63 -34.78 42.01
C SER C 430 90.05 -36.15 41.52
N GLN C 431 90.33 -36.28 40.23
CA GLN C 431 90.86 -37.50 39.65
C GLN C 431 92.09 -37.16 38.84
N SER C 432 93.03 -38.10 38.79
CA SER C 432 94.20 -37.97 37.94
C SER C 432 93.94 -38.62 36.59
N LEU C 433 94.62 -38.11 35.56
CA LEU C 433 94.40 -38.62 34.21
C LEU C 433 94.79 -40.08 34.07
N ASP C 434 95.80 -40.51 34.82
CA ASP C 434 96.25 -41.90 34.78
C ASP C 434 95.51 -42.78 35.77
N ARG C 435 94.47 -42.27 36.43
CA ARG C 435 93.70 -43.00 37.41
C ARG C 435 92.22 -42.86 37.15
N LEU C 436 91.81 -42.94 35.89
CA LEU C 436 90.42 -42.81 35.50
C LEU C 436 89.70 -44.15 35.42
N MET C 437 90.41 -45.23 35.68
CA MET C 437 89.89 -46.58 35.50
C MET C 437 89.26 -47.12 36.79
N ASN C 438 88.46 -48.16 36.62
CA ASN C 438 87.90 -48.89 37.75
C ASN C 438 89.01 -49.67 38.44
N PRO C 439 89.27 -49.43 39.73
CA PRO C 439 90.35 -50.13 40.42
C PRO C 439 90.03 -51.55 40.85
N LEU C 440 88.89 -52.10 40.45
CA LEU C 440 88.50 -53.45 40.83
C LEU C 440 88.48 -54.43 39.68
N ILE C 441 88.44 -53.95 38.45
CA ILE C 441 88.22 -54.79 37.28
C ILE C 441 89.47 -54.77 36.42
N ASP C 442 89.85 -55.94 35.92
CA ASP C 442 90.93 -56.01 34.95
C ASP C 442 90.48 -55.45 33.61
N GLN C 443 91.46 -55.06 32.80
CA GLN C 443 91.19 -54.71 31.42
C GLN C 443 91.11 -55.98 30.57
N TYR C 444 90.29 -55.94 29.53
CA TYR C 444 90.33 -57.01 28.56
C TYR C 444 91.46 -56.86 27.57
N LEU C 445 92.08 -55.69 27.51
CA LEU C 445 93.24 -55.48 26.67
C LEU C 445 94.50 -56.00 27.33
N TYR C 446 95.42 -56.49 26.53
CA TYR C 446 96.69 -56.99 27.01
C TYR C 446 97.79 -55.98 26.69
N TYR C 447 98.85 -56.03 27.49
CA TYR C 447 100.06 -55.28 27.22
C TYR C 447 101.24 -56.23 27.25
N LEU C 448 102.28 -55.89 26.50
CA LEU C 448 103.52 -56.67 26.54
C LEU C 448 104.13 -56.55 27.93
N SER C 449 104.09 -57.63 28.69
CA SER C 449 104.54 -57.59 30.08
C SER C 449 105.95 -58.11 30.27
N ARG C 450 106.41 -59.02 29.42
CA ARG C 450 107.79 -59.50 29.50
C ARG C 450 108.32 -59.80 28.10
N THR C 451 109.61 -59.55 27.91
CA THR C 451 110.29 -59.90 26.67
C THR C 451 111.37 -60.95 26.89
N GLN C 452 111.54 -61.44 28.12
CA GLN C 452 112.59 -62.39 28.46
C GLN C 452 112.03 -63.40 29.44
N THR C 453 112.40 -64.66 29.26
CA THR C 453 111.92 -65.72 30.13
C THR C 453 112.45 -65.58 31.55
N ASN C 459 118.37 -66.89 30.58
CA ASN C 459 117.05 -66.58 30.06
C ASN C 459 117.12 -66.20 28.59
N THR C 460 116.04 -66.50 27.87
CA THR C 460 115.97 -66.28 26.43
C THR C 460 114.84 -65.32 26.12
N GLN C 461 114.80 -64.88 24.86
CA GLN C 461 113.75 -63.99 24.41
C GLN C 461 112.41 -64.70 24.41
N THR C 462 111.36 -63.96 24.73
CA THR C 462 109.99 -64.45 24.71
C THR C 462 109.07 -63.26 24.57
N LEU C 463 107.77 -63.53 24.43
CA LEU C 463 106.75 -62.50 24.42
C LEU C 463 105.67 -62.92 25.41
N GLY C 464 105.65 -62.27 26.57
CA GLY C 464 104.62 -62.49 27.56
C GLY C 464 103.70 -61.28 27.62
N PHE C 465 102.39 -61.57 27.65
CA PHE C 465 101.38 -60.53 27.65
C PHE C 465 100.49 -60.69 28.87
N SER C 466 100.20 -59.58 29.53
CA SER C 466 99.36 -59.58 30.71
C SER C 466 98.23 -58.59 30.53
N GLN C 467 97.16 -58.80 31.27
CA GLN C 467 96.04 -57.86 31.27
C GLN C 467 96.28 -56.82 32.34
N GLY C 468 96.14 -55.55 31.96
CA GLY C 468 96.22 -54.47 32.92
C GLY C 468 95.14 -54.59 33.97
N GLY C 469 95.52 -54.44 35.23
CA GLY C 469 94.59 -54.60 36.31
C GLY C 469 94.83 -53.61 37.42
N PRO C 470 94.20 -53.85 38.57
CA PRO C 470 94.35 -52.91 39.70
C PRO C 470 95.78 -52.74 40.17
N ASN C 471 96.62 -53.74 40.00
CA ASN C 471 97.99 -53.65 40.48
C ASN C 471 98.96 -53.13 39.42
N THR C 472 98.75 -53.48 38.16
CA THR C 472 99.58 -52.96 37.07
C THR C 472 98.89 -51.76 36.40
N MET C 473 98.63 -50.76 37.23
CA MET C 473 97.83 -49.63 36.78
C MET C 473 98.62 -48.71 35.86
N ALA C 474 99.94 -48.70 36.00
CA ALA C 474 100.78 -47.95 35.08
C ALA C 474 100.82 -48.56 33.69
N ASN C 475 100.55 -49.85 33.57
CA ASN C 475 100.60 -50.54 32.28
C ASN C 475 99.26 -50.54 31.55
N GLN C 476 98.19 -50.10 32.19
CA GLN C 476 96.87 -50.20 31.59
C GLN C 476 96.76 -49.34 30.34
N ALA C 477 96.00 -49.85 29.37
CA ALA C 477 95.66 -49.04 28.21
C ALA C 477 94.81 -47.86 28.64
N LYS C 478 95.12 -46.69 28.10
CA LYS C 478 94.45 -45.45 28.48
C LYS C 478 94.09 -44.66 27.24
N ASN C 479 93.06 -43.83 27.38
CA ASN C 479 92.53 -43.08 26.25
C ASN C 479 93.13 -41.71 26.07
N TRP C 480 93.84 -41.18 27.06
CA TRP C 480 94.22 -39.77 27.05
C TRP C 480 95.66 -39.62 27.49
N LEU C 481 96.24 -38.49 27.10
CA LEU C 481 97.61 -38.14 27.43
C LEU C 481 97.64 -36.82 28.19
N PRO C 482 98.63 -36.62 29.05
CA PRO C 482 98.75 -35.33 29.73
C PRO C 482 99.06 -34.22 28.73
N GLY C 483 98.71 -33.00 29.12
CA GLY C 483 98.89 -31.85 28.28
C GLY C 483 100.33 -31.63 27.87
N PRO C 484 100.55 -30.67 26.99
CA PRO C 484 101.88 -30.46 26.43
C PRO C 484 102.87 -29.94 27.46
N CYS C 485 104.15 -30.16 27.18
CA CYS C 485 105.23 -29.84 28.10
C CYS C 485 106.27 -28.98 27.41
N TYR C 486 106.79 -27.99 28.14
CA TYR C 486 107.93 -27.18 27.71
C TYR C 486 108.80 -27.00 28.96
N ARG C 487 109.72 -27.94 29.16
CA ARG C 487 110.31 -28.14 30.47
C ARG C 487 111.06 -26.91 30.96
N GLN C 488 110.84 -26.59 32.23
CA GLN C 488 111.49 -25.48 32.91
C GLN C 488 112.49 -26.00 33.92
N GLN C 489 113.50 -25.20 34.21
CA GLN C 489 114.47 -25.56 35.24
C GLN C 489 113.82 -25.46 36.61
N ARG C 490 114.18 -26.38 37.49
CA ARG C 490 113.62 -26.44 38.83
C ARG C 490 114.46 -25.59 39.78
N VAL C 491 113.79 -24.74 40.55
CA VAL C 491 114.43 -23.91 41.55
C VAL C 491 113.79 -24.20 42.90
N SER C 492 114.62 -24.37 43.92
CA SER C 492 114.14 -24.63 45.27
C SER C 492 114.08 -23.32 46.05
N THR C 493 112.98 -23.11 46.77
CA THR C 493 112.91 -21.98 47.67
C THR C 493 113.88 -22.13 48.84
N THR C 494 114.30 -23.35 49.14
CA THR C 494 115.42 -23.60 50.05
C THR C 494 116.69 -23.40 49.23
N THR C 495 117.31 -22.23 49.37
CA THR C 495 118.37 -21.83 48.44
C THR C 495 119.57 -22.77 48.53
N GLY C 496 119.82 -23.39 49.68
CA GLY C 496 120.92 -24.31 49.81
C GLY C 496 120.82 -25.51 48.90
N GLN C 497 119.61 -25.86 48.46
CA GLN C 497 119.42 -26.95 47.53
C GLN C 497 119.63 -26.56 46.07
N ASN C 498 119.84 -25.28 45.79
CA ASN C 498 120.05 -24.82 44.44
C ASN C 498 121.53 -24.84 44.09
N ASN C 499 121.80 -24.92 42.79
CA ASN C 499 123.18 -24.82 42.31
C ASN C 499 123.75 -23.45 42.64
N ASN C 500 125.01 -23.43 43.07
CA ASN C 500 125.67 -22.17 43.41
C ASN C 500 126.17 -21.49 42.14
N SER C 501 125.22 -20.94 41.40
CA SER C 501 125.50 -20.20 40.19
C SER C 501 124.32 -19.30 39.89
N ASN C 502 124.56 -18.31 39.03
CA ASN C 502 123.51 -17.38 38.60
C ASN C 502 122.95 -17.93 37.29
N PHE C 503 121.88 -18.72 37.38
CA PHE C 503 121.34 -19.41 36.23
C PHE C 503 119.90 -18.99 35.92
N ALA C 504 119.43 -17.88 36.46
CA ALA C 504 118.06 -17.46 36.21
C ALA C 504 117.83 -17.21 34.72
N TRP C 505 118.81 -16.60 34.04
CA TRP C 505 118.72 -16.36 32.61
C TRP C 505 119.39 -17.45 31.79
N THR C 506 120.60 -17.87 32.18
CA THR C 506 121.33 -18.85 31.38
C THR C 506 120.60 -20.19 31.32
N ALA C 507 120.03 -20.62 32.45
CA ALA C 507 119.23 -21.83 32.48
C ALA C 507 117.75 -21.56 32.29
N GLY C 508 117.37 -20.32 32.01
CA GLY C 508 115.97 -20.01 31.82
C GLY C 508 115.39 -20.70 30.60
N THR C 509 114.12 -21.04 30.69
CA THR C 509 113.41 -21.65 29.59
C THR C 509 112.92 -20.55 28.66
N LYS C 510 113.39 -20.58 27.41
CA LYS C 510 113.25 -19.45 26.52
C LYS C 510 112.66 -19.89 25.20
N TYR C 511 112.09 -18.92 24.49
CA TYR C 511 111.79 -19.09 23.08
C TYR C 511 112.63 -18.12 22.26
N HIS C 512 112.83 -18.45 21.00
CA HIS C 512 113.69 -17.70 20.10
C HIS C 512 112.81 -17.09 19.00
N LEU C 513 112.90 -15.79 18.85
CA LEU C 513 112.08 -15.08 17.86
C LEU C 513 112.93 -13.99 17.22
N ASN C 514 113.16 -14.12 15.92
CA ASN C 514 113.91 -13.13 15.15
C ASN C 514 115.27 -12.83 15.79
N GLY C 515 115.99 -13.90 16.12
CA GLY C 515 117.29 -13.75 16.74
C GLY C 515 117.29 -13.16 18.14
N ARG C 516 116.12 -13.06 18.76
CA ARG C 516 115.99 -12.51 20.10
C ARG C 516 115.50 -13.61 21.02
N ASN C 517 116.14 -13.73 22.18
CA ASN C 517 115.75 -14.71 23.18
C ASN C 517 114.87 -14.04 24.22
N SER C 518 113.72 -14.64 24.48
CA SER C 518 112.80 -14.17 25.50
C SER C 518 112.41 -15.35 26.38
N LEU C 519 112.30 -15.11 27.68
CA LEU C 519 111.86 -16.16 28.58
C LEU C 519 110.46 -16.62 28.21
N ALA C 520 110.26 -17.94 28.23
CA ALA C 520 108.91 -18.51 28.13
C ALA C 520 108.27 -18.38 29.50
N ASN C 521 107.85 -17.16 29.82
CA ASN C 521 107.48 -16.77 31.17
C ASN C 521 106.05 -16.25 31.17
N PRO C 522 105.11 -16.92 31.85
CA PRO C 522 105.35 -18.14 32.62
C PRO C 522 105.29 -19.40 31.76
N GLY C 523 105.11 -19.24 30.47
CA GLY C 523 105.03 -20.37 29.58
C GLY C 523 103.69 -21.08 29.66
N ILE C 524 103.66 -22.27 29.08
CA ILE C 524 102.43 -23.05 29.03
C ILE C 524 102.05 -23.53 30.42
N ALA C 525 100.77 -23.76 30.62
CA ALA C 525 100.25 -24.18 31.93
C ALA C 525 100.77 -25.57 32.25
N MET C 526 101.67 -25.66 33.22
CA MET C 526 102.14 -26.93 33.73
C MET C 526 102.11 -26.88 35.25
N ALA C 527 101.98 -28.05 35.86
CA ALA C 527 101.98 -28.13 37.31
C ALA C 527 103.29 -27.61 37.87
N THR C 528 103.19 -26.76 38.89
CA THR C 528 104.38 -26.13 39.45
C THR C 528 105.35 -27.17 40.01
N HIS C 529 104.81 -28.18 40.67
CA HIS C 529 105.62 -29.21 41.30
C HIS C 529 104.76 -30.45 41.44
N LYS C 530 105.40 -31.57 41.74
CA LYS C 530 104.68 -32.81 41.99
C LYS C 530 104.38 -32.92 43.49
N ASP C 531 103.90 -34.08 43.91
CA ASP C 531 103.52 -34.28 45.30
C ASP C 531 104.71 -34.08 46.23
N ASP C 532 104.46 -33.38 47.34
CA ASP C 532 105.44 -33.20 48.41
C ASP C 532 106.68 -32.46 47.95
N GLU C 533 106.55 -31.57 46.97
CA GLU C 533 107.66 -30.78 46.46
C GLU C 533 107.27 -29.32 46.33
N GLU C 534 106.56 -28.81 47.33
CA GLU C 534 106.08 -27.43 47.27
C GLU C 534 107.22 -26.42 47.22
N ARG C 535 108.40 -26.79 47.75
CA ARG C 535 109.53 -25.89 47.74
C ARG C 535 110.10 -25.67 46.34
N PHE C 536 109.73 -26.49 45.38
CA PHE C 536 110.26 -26.38 44.02
C PHE C 536 109.30 -25.61 43.14
N PHE C 537 109.85 -24.77 42.28
CA PHE C 537 109.06 -24.06 41.28
C PHE C 537 109.86 -23.95 40.00
N PRO C 538 109.18 -23.92 38.84
CA PRO C 538 109.89 -23.64 37.59
C PRO C 538 110.49 -22.23 37.63
N SER C 539 111.68 -22.10 37.06
CA SER C 539 112.45 -20.87 37.21
C SER C 539 111.69 -19.66 36.65
N ASN C 540 111.06 -19.82 35.49
CA ASN C 540 110.21 -18.78 34.93
C ASN C 540 108.91 -19.37 34.44
N GLY C 541 108.30 -20.20 35.28
CA GLY C 541 107.10 -20.90 34.89
C GLY C 541 105.90 -20.67 35.78
N ILE C 542 105.97 -19.67 36.66
CA ILE C 542 104.87 -19.32 37.56
C ILE C 542 104.71 -17.81 37.57
N LEU C 543 103.50 -17.38 37.92
CA LEU C 543 103.27 -15.98 38.22
C LEU C 543 103.82 -15.66 39.60
N ILE C 544 104.61 -14.61 39.70
CA ILE C 544 105.19 -14.17 40.96
C ILE C 544 104.68 -12.76 41.22
N PHE C 545 103.90 -12.61 42.28
CA PHE C 545 103.42 -11.31 42.70
C PHE C 545 104.28 -10.78 43.83
N GLY C 546 104.45 -9.46 43.87
CA GLY C 546 105.20 -8.83 44.93
C GLY C 546 104.30 -8.50 46.10
N LYS C 547 104.84 -8.69 47.31
CA LYS C 547 104.17 -8.19 48.47
C LYS C 547 104.21 -6.67 48.48
N GLN C 548 103.40 -6.08 49.35
CA GLN C 548 103.38 -4.62 49.43
C GLN C 548 104.76 -4.09 49.78
N ASN C 549 105.18 -3.04 49.08
CA ASN C 549 106.49 -2.40 49.25
C ASN C 549 107.64 -3.33 48.89
N ALA C 550 107.40 -4.31 48.03
CA ALA C 550 108.50 -5.12 47.51
C ALA C 550 109.32 -4.30 46.53
N ALA C 551 110.63 -4.50 46.56
CA ALA C 551 111.53 -3.76 45.68
C ALA C 551 111.26 -4.13 44.22
N ARG C 552 111.44 -3.14 43.35
CA ARG C 552 111.29 -3.39 41.92
C ARG C 552 112.34 -4.37 41.42
N ASP C 553 113.59 -4.22 41.86
CA ASP C 553 114.69 -5.07 41.42
C ASP C 553 115.25 -5.85 42.60
N ASN C 554 115.52 -7.13 42.37
CA ASN C 554 116.18 -8.00 43.35
C ASN C 554 115.43 -8.02 44.68
N ALA C 555 114.12 -8.18 44.60
CA ALA C 555 113.33 -8.42 45.80
C ALA C 555 113.65 -9.81 46.33
N ASP C 556 113.77 -9.91 47.65
CA ASP C 556 114.04 -11.21 48.27
C ASP C 556 112.82 -12.11 48.15
N TYR C 557 113.05 -13.41 48.35
CA TYR C 557 111.94 -14.36 48.28
C TYR C 557 110.86 -14.05 49.30
N SER C 558 111.23 -13.48 50.44
CA SER C 558 110.24 -13.10 51.45
C SER C 558 109.41 -11.91 51.01
N ASP C 559 109.84 -11.16 50.01
CA ASP C 559 109.09 -10.00 49.53
C ASP C 559 108.19 -10.31 48.36
N VAL C 560 108.18 -11.55 47.86
CA VAL C 560 107.37 -11.90 46.72
C VAL C 560 106.44 -13.03 47.10
N MET C 561 105.41 -13.23 46.28
CA MET C 561 104.38 -14.22 46.50
C MET C 561 104.38 -15.16 45.31
N LEU C 562 104.92 -16.36 45.49
CA LEU C 562 104.94 -17.34 44.42
C LEU C 562 103.58 -18.00 44.31
N THR C 563 103.05 -18.05 43.09
CA THR C 563 101.86 -18.84 42.84
C THR C 563 102.24 -20.29 42.62
N SER C 564 101.25 -21.17 42.71
CA SER C 564 101.47 -22.59 42.48
C SER C 564 100.33 -23.14 41.64
N GLU C 565 100.67 -23.81 40.54
CA GLU C 565 99.69 -24.50 39.70
C GLU C 565 99.66 -25.99 40.00
N GLU C 566 99.83 -26.37 41.26
CA GLU C 566 99.82 -27.78 41.62
C GLU C 566 98.47 -28.43 41.42
N GLU C 567 97.39 -27.65 41.32
CA GLU C 567 96.07 -28.23 41.13
C GLU C 567 95.94 -28.95 39.79
N ILE C 568 96.77 -28.59 38.81
CA ILE C 568 96.70 -29.20 37.49
C ILE C 568 97.68 -30.35 37.34
N LYS C 569 98.24 -30.85 38.44
CA LYS C 569 99.04 -32.08 38.41
C LYS C 569 98.25 -33.23 37.81
N THR C 570 96.94 -33.23 37.99
CA THR C 570 96.11 -34.34 37.57
C THR C 570 96.07 -34.47 36.06
N THR C 571 96.28 -33.40 35.35
CA THR C 571 96.16 -33.42 33.90
C THR C 571 97.40 -32.86 33.19
N ASN C 572 98.03 -31.85 33.76
CA ASN C 572 99.19 -31.26 33.13
C ASN C 572 100.48 -31.84 33.70
N PRO C 573 101.49 -32.05 32.87
CA PRO C 573 102.78 -32.51 33.39
C PRO C 573 103.42 -31.46 34.28
N VAL C 574 104.25 -31.93 35.21
CA VAL C 574 104.98 -31.03 36.09
C VAL C 574 105.95 -30.20 35.27
N ALA C 575 105.98 -28.89 35.55
CA ALA C 575 106.75 -27.96 34.73
C ALA C 575 108.23 -28.29 34.70
N THR C 576 108.75 -28.88 35.77
CA THR C 576 110.18 -29.14 35.89
C THR C 576 110.55 -30.57 35.59
N GLU C 577 109.61 -31.37 35.13
CA GLU C 577 109.85 -32.77 34.81
C GLU C 577 109.68 -32.98 33.31
N GLU C 578 110.24 -34.08 32.83
CA GLU C 578 110.06 -34.47 31.44
C GLU C 578 108.62 -34.89 31.17
N TYR C 579 108.18 -34.70 29.93
CA TYR C 579 106.85 -35.15 29.55
C TYR C 579 106.73 -36.66 29.64
N GLY C 580 107.74 -37.38 29.17
CA GLY C 580 107.68 -38.81 29.13
C GLY C 580 108.91 -39.38 28.48
N ILE C 581 108.79 -40.63 28.04
CA ILE C 581 109.89 -41.38 27.48
C ILE C 581 109.47 -41.93 26.13
N VAL C 582 110.34 -41.78 25.13
CA VAL C 582 110.11 -42.35 23.82
C VAL C 582 111.31 -43.20 23.45
N ALA C 583 111.09 -44.12 22.51
CA ALA C 583 112.18 -44.93 21.98
C ALA C 583 113.11 -44.07 21.13
N ASP C 584 114.41 -44.32 21.27
CA ASP C 584 115.41 -43.58 20.51
C ASP C 584 116.06 -44.39 19.42
N ASN C 585 115.77 -45.69 19.32
CA ASN C 585 116.41 -46.55 18.33
C ASN C 585 115.49 -47.72 18.04
N LEU C 586 116.00 -48.67 17.26
CA LEU C 586 115.31 -49.92 17.00
C LEU C 586 116.12 -51.04 17.65
N GLN C 587 115.56 -51.63 18.71
CA GLN C 587 116.26 -52.70 19.39
C GLN C 587 116.32 -53.94 18.50
N GLN C 588 117.46 -54.62 18.55
CA GLN C 588 117.66 -55.91 17.89
C GLN C 588 118.31 -56.84 18.90
N GLN C 589 118.57 -58.07 18.47
CA GLN C 589 119.24 -59.02 19.35
C GLN C 589 120.64 -58.56 19.71
N ASN C 590 121.23 -57.64 18.94
CA ASN C 590 122.55 -57.12 19.24
C ASN C 590 122.56 -55.70 19.77
N THR C 591 121.45 -54.96 19.64
CA THR C 591 121.38 -53.57 20.12
C THR C 591 120.29 -53.48 21.16
N ALA C 592 120.68 -53.11 22.38
CA ALA C 592 119.70 -52.93 23.44
C ALA C 592 118.83 -51.71 23.15
N PRO C 593 117.56 -51.75 23.54
CA PRO C 593 116.70 -50.60 23.30
C PRO C 593 117.18 -49.36 24.06
N GLN C 594 117.08 -48.22 23.40
CA GLN C 594 117.47 -46.95 23.98
C GLN C 594 116.23 -46.06 24.10
N ILE C 595 116.20 -45.26 25.15
CA ILE C 595 115.06 -44.40 25.41
C ILE C 595 115.49 -42.95 25.38
N GLY C 596 114.59 -42.10 24.89
CA GLY C 596 114.81 -40.67 24.85
C GLY C 596 113.88 -39.98 25.82
N THR C 597 114.40 -38.99 26.53
CA THR C 597 113.62 -38.21 27.48
C THR C 597 112.99 -37.02 26.76
N VAL C 598 111.67 -36.95 26.79
CA VAL C 598 110.93 -35.89 26.10
C VAL C 598 110.83 -34.71 27.05
N ASN C 599 111.65 -33.68 26.80
CA ASN C 599 111.62 -32.46 27.60
C ASN C 599 110.75 -31.37 26.98
N SER C 600 110.26 -31.57 25.77
CA SER C 600 109.36 -30.63 25.13
C SER C 600 108.43 -31.42 24.25
N GLN C 601 107.13 -31.32 24.52
CA GLN C 601 106.13 -32.08 23.79
C GLN C 601 105.04 -31.16 23.32
N GLY C 602 104.89 -31.03 22.01
CA GLY C 602 103.77 -30.31 21.44
C GLY C 602 102.50 -31.12 21.49
N ALA C 603 101.45 -30.55 20.92
CA ALA C 603 100.13 -31.17 20.99
C ALA C 603 100.12 -32.54 20.33
N LEU C 604 99.59 -33.52 21.05
CA LEU C 604 99.35 -34.85 20.52
C LEU C 604 97.86 -35.15 20.61
N PRO C 605 97.33 -35.95 19.69
CA PRO C 605 95.92 -36.34 19.79
C PRO C 605 95.66 -37.09 21.07
N GLY C 606 94.49 -36.85 21.65
CA GLY C 606 94.15 -37.43 22.93
C GLY C 606 94.73 -36.70 24.12
N MET C 607 95.45 -35.61 23.90
CA MET C 607 96.02 -34.86 25.01
C MET C 607 94.97 -33.94 25.61
N VAL C 608 94.94 -33.86 26.92
CA VAL C 608 94.06 -32.95 27.64
C VAL C 608 94.90 -32.17 28.64
N TRP C 609 94.47 -30.95 28.94
CA TRP C 609 95.22 -30.10 29.86
C TRP C 609 94.30 -29.05 30.44
N GLN C 610 94.77 -28.46 31.53
CA GLN C 610 94.12 -27.32 32.16
C GLN C 610 94.91 -26.06 31.88
N ASN C 611 94.22 -24.93 31.84
CA ASN C 611 94.89 -23.65 31.72
C ASN C 611 95.48 -23.24 33.06
N ARG C 612 96.31 -22.21 33.02
CA ARG C 612 96.81 -21.62 34.25
C ARG C 612 95.67 -21.01 35.04
N ASP C 613 95.76 -21.09 36.36
CA ASP C 613 94.77 -20.48 37.21
C ASP C 613 94.82 -18.96 37.11
N VAL C 614 93.68 -18.33 37.36
CA VAL C 614 93.63 -16.90 37.52
C VAL C 614 93.74 -16.57 39.00
N TYR C 615 94.15 -15.35 39.29
CA TYR C 615 94.39 -14.92 40.66
C TYR C 615 93.70 -13.59 40.89
N LEU C 616 93.39 -13.33 42.16
CA LEU C 616 92.78 -12.05 42.52
C LEU C 616 93.66 -10.90 42.09
N GLN C 617 94.97 -11.04 42.22
CA GLN C 617 95.93 -10.04 41.77
C GLN C 617 96.32 -10.19 40.30
N GLY C 618 95.89 -11.25 39.64
CA GLY C 618 96.35 -11.55 38.31
C GLY C 618 95.55 -10.87 37.22
N PRO C 619 96.00 -11.02 35.97
CA PRO C 619 95.27 -10.44 34.84
C PRO C 619 93.96 -11.17 34.56
N ILE C 620 93.05 -10.45 33.93
CA ILE C 620 91.75 -11.00 33.57
C ILE C 620 91.73 -11.49 32.13
N TRP C 621 92.16 -10.65 31.19
CA TRP C 621 92.05 -10.97 29.78
C TRP C 621 93.34 -10.56 29.07
N ALA C 622 93.53 -11.14 27.89
CA ALA C 622 94.54 -10.69 26.96
C ALA C 622 93.94 -10.68 25.57
N LYS C 623 94.45 -9.79 24.72
CA LYS C 623 94.05 -9.78 23.33
C LYS C 623 94.74 -10.92 22.60
N ILE C 624 93.96 -11.78 21.95
CA ILE C 624 94.53 -12.80 21.09
C ILE C 624 95.14 -12.09 19.90
N PRO C 625 96.43 -12.28 19.62
CA PRO C 625 97.04 -11.60 18.47
C PRO C 625 96.33 -11.98 17.19
N HIS C 626 96.18 -11.00 16.31
CA HIS C 626 95.51 -11.22 15.02
C HIS C 626 96.49 -11.94 14.11
N THR C 627 96.39 -13.26 14.07
CA THR C 627 97.27 -14.09 13.26
C THR C 627 96.45 -15.08 12.47
N ASP C 628 97.10 -15.70 11.48
CA ASP C 628 96.45 -16.75 10.70
C ASP C 628 96.07 -17.94 11.57
N GLY C 629 96.97 -18.35 12.45
CA GLY C 629 96.75 -19.52 13.26
C GLY C 629 97.15 -19.29 14.69
N ASN C 630 96.40 -19.90 15.60
CA ASN C 630 96.79 -19.99 16.99
C ASN C 630 96.36 -21.37 17.48
N PHE C 631 97.01 -21.83 18.53
CA PHE C 631 96.64 -23.08 19.16
C PHE C 631 96.24 -22.80 20.60
N HIS C 632 94.99 -23.14 20.94
CA HIS C 632 94.43 -22.92 22.27
C HIS C 632 94.73 -21.50 22.75
N PRO C 633 94.11 -20.49 22.16
CA PRO C 633 94.52 -19.11 22.45
C PRO C 633 94.08 -18.64 23.83
N SER C 634 94.47 -19.38 24.84
CA SER C 634 94.30 -18.95 26.22
C SER C 634 95.57 -18.26 26.68
N PRO C 635 95.49 -17.04 27.22
CA PRO C 635 96.70 -16.30 27.58
C PRO C 635 97.53 -17.06 28.58
N LEU C 636 98.85 -17.01 28.41
CA LEU C 636 99.72 -17.87 29.20
C LEU C 636 99.84 -17.41 30.65
N MET C 637 99.80 -16.10 30.90
CA MET C 637 99.75 -15.66 32.29
C MET C 637 98.36 -15.79 32.90
N GLY C 638 97.45 -16.47 32.23
CA GLY C 638 96.15 -16.76 32.77
C GLY C 638 95.11 -15.75 32.33
N GLY C 639 93.86 -16.20 32.34
CA GLY C 639 92.74 -15.34 32.02
C GLY C 639 92.05 -15.75 30.74
N PHE C 640 91.31 -14.80 30.18
CA PHE C 640 90.45 -15.04 29.03
C PHE C 640 91.10 -14.46 27.79
N GLY C 641 91.29 -15.29 26.78
CA GLY C 641 91.78 -14.82 25.51
C GLY C 641 90.64 -14.28 24.67
N LEU C 642 90.73 -13.03 24.26
CA LEU C 642 89.66 -12.37 23.52
C LEU C 642 90.19 -11.86 22.19
N LYS C 643 89.49 -12.19 21.11
CA LYS C 643 89.81 -11.59 19.83
C LYS C 643 89.55 -10.09 19.86
N HIS C 644 88.47 -9.68 20.53
CA HIS C 644 88.09 -8.28 20.66
C HIS C 644 87.95 -7.98 22.16
N PRO C 645 89.06 -7.72 22.83
CA PRO C 645 89.02 -7.50 24.28
C PRO C 645 88.40 -6.15 24.59
N PRO C 646 88.20 -5.84 25.86
CA PRO C 646 87.79 -4.49 26.23
C PRO C 646 88.72 -3.46 25.61
N PRO C 647 88.19 -2.47 24.91
CA PRO C 647 89.05 -1.54 24.17
C PRO C 647 89.91 -0.71 25.11
N GLN C 648 91.08 -0.33 24.61
CA GLN C 648 91.91 0.60 25.34
C GLN C 648 91.21 1.93 25.47
N ILE C 649 91.23 2.50 26.67
CA ILE C 649 90.62 3.79 26.93
C ILE C 649 91.76 4.78 27.12
N LEU C 650 91.95 5.66 26.14
CA LEU C 650 93.06 6.60 26.14
C LEU C 650 92.56 7.94 26.64
N ILE C 651 93.34 8.55 27.53
CA ILE C 651 92.96 9.82 28.15
C ILE C 651 94.17 10.73 28.13
N LYS C 652 93.92 12.02 27.87
CA LYS C 652 94.99 13.00 27.80
C LYS C 652 94.47 14.34 28.24
N ASN C 653 95.29 15.09 28.96
CA ASN C 653 95.01 16.49 29.20
C ASN C 653 95.23 17.26 27.91
N THR C 654 94.22 17.99 27.47
CA THR C 654 94.38 18.82 26.28
C THR C 654 95.41 19.90 26.56
N PRO C 655 96.43 20.05 25.73
CA PRO C 655 97.43 21.08 25.98
C PRO C 655 96.81 22.46 25.96
N VAL C 656 97.17 23.27 26.96
CA VAL C 656 96.73 24.65 27.05
C VAL C 656 97.97 25.53 26.90
N PRO C 657 98.17 26.18 25.77
CA PRO C 657 99.36 27.00 25.58
C PRO C 657 99.44 28.12 26.60
N ALA C 658 100.67 28.43 27.02
CA ALA C 658 100.91 29.68 27.71
C ALA C 658 100.78 30.83 26.70
N ASP C 659 101.03 32.05 27.16
CA ASP C 659 100.83 33.20 26.28
C ASP C 659 101.78 33.12 25.09
N PRO C 660 101.27 33.09 23.87
CA PRO C 660 102.13 33.08 22.70
C PRO C 660 102.76 34.44 22.48
N PRO C 661 103.81 34.53 21.69
CA PRO C 661 104.38 35.85 21.38
C PRO C 661 103.39 36.69 20.60
N THR C 662 103.57 38.00 20.67
CA THR C 662 102.69 38.92 19.97
C THR C 662 103.05 39.10 18.50
N THR C 663 104.14 38.50 18.06
CA THR C 663 104.49 38.44 16.64
C THR C 663 104.47 36.99 16.19
N PHE C 664 103.95 36.75 15.00
CA PHE C 664 103.71 35.37 14.56
C PHE C 664 105.01 34.59 14.45
N ASN C 665 104.97 33.37 14.96
CA ASN C 665 106.06 32.41 14.82
C ASN C 665 105.46 31.10 14.33
N GLN C 666 106.01 30.56 13.23
CA GLN C 666 105.47 29.33 12.66
C GLN C 666 105.80 28.11 13.50
N SER C 667 106.78 28.21 14.39
CA SER C 667 107.20 27.05 15.16
C SER C 667 106.08 26.59 16.09
N LYS C 668 106.01 25.28 16.28
CA LYS C 668 105.01 24.73 17.20
C LYS C 668 105.25 25.28 18.60
N LEU C 669 104.15 25.52 19.31
CA LEU C 669 104.26 26.07 20.66
C LEU C 669 104.80 25.00 21.60
N ASN C 670 105.78 25.39 22.42
CA ASN C 670 106.33 24.51 23.42
C ASN C 670 106.14 25.03 24.83
N SER C 671 105.55 26.22 24.98
CA SER C 671 105.27 26.80 26.29
C SER C 671 103.81 26.51 26.63
N PHE C 672 103.60 25.66 27.62
CA PHE C 672 102.26 25.22 27.99
C PHE C 672 102.01 25.51 29.46
N ILE C 673 100.75 25.74 29.78
CA ILE C 673 100.33 25.87 31.16
C ILE C 673 100.45 24.52 31.83
N THR C 674 101.16 24.47 32.96
CA THR C 674 101.32 23.21 33.68
C THR C 674 99.98 22.77 34.23
N GLN C 675 99.61 21.52 33.98
CA GLN C 675 98.23 21.13 34.15
C GLN C 675 98.16 19.65 34.44
N TYR C 676 97.19 19.27 35.26
CA TYR C 676 96.88 17.86 35.48
C TYR C 676 95.38 17.76 35.73
N SER C 677 94.85 16.58 35.53
CA SER C 677 93.43 16.34 35.74
C SER C 677 93.24 15.22 36.75
N THR C 678 92.11 15.29 37.46
CA THR C 678 91.70 14.24 38.36
C THR C 678 90.22 14.01 38.16
N GLY C 679 89.77 12.82 38.53
CA GLY C 679 88.37 12.51 38.40
C GLY C 679 88.10 11.14 38.97
N GLN C 680 86.89 10.66 38.74
CA GLN C 680 86.49 9.34 39.16
C GLN C 680 86.28 8.46 37.94
N VAL C 681 86.64 7.19 38.07
CA VAL C 681 86.44 6.21 37.03
C VAL C 681 85.62 5.08 37.61
N SER C 682 84.57 4.68 36.91
CA SER C 682 83.75 3.55 37.30
C SER C 682 83.81 2.50 36.23
N VAL C 683 84.06 1.26 36.63
CA VAL C 683 83.99 0.12 35.73
C VAL C 683 83.07 -0.91 36.36
N GLU C 684 82.07 -1.33 35.60
CA GLU C 684 81.12 -2.33 36.03
C GLU C 684 81.26 -3.53 35.10
N ILE C 685 81.54 -4.70 35.66
CA ILE C 685 81.64 -5.92 34.87
C ILE C 685 80.60 -6.91 35.39
N GLU C 686 79.81 -7.45 34.47
CA GLU C 686 78.91 -8.54 34.78
C GLU C 686 79.59 -9.85 34.44
N TRP C 687 79.66 -10.74 35.43
CA TRP C 687 80.27 -12.04 35.26
C TRP C 687 79.21 -13.12 35.31
N GLU C 688 79.30 -14.08 34.41
CA GLU C 688 78.46 -15.25 34.46
C GLU C 688 79.15 -16.33 35.28
N LEU C 689 78.38 -17.02 36.11
CA LEU C 689 78.91 -18.03 37.01
C LEU C 689 78.50 -19.41 36.55
N GLN C 690 79.40 -20.37 36.71
CA GLN C 690 79.10 -21.78 36.56
C GLN C 690 78.97 -22.38 37.95
N LYS C 691 77.74 -22.63 38.37
CA LYS C 691 77.51 -23.21 39.69
C LYS C 691 78.01 -24.64 39.74
N GLU C 692 78.61 -25.01 40.88
CA GLU C 692 79.06 -26.37 41.05
C GLU C 692 77.86 -27.28 41.30
N ASN C 693 77.79 -28.36 40.55
CA ASN C 693 76.74 -29.37 40.73
C ASN C 693 77.46 -30.69 41.02
N SER C 694 77.79 -30.90 42.29
CA SER C 694 78.69 -31.96 42.70
C SER C 694 77.99 -32.90 43.67
N LYS C 695 78.22 -34.19 43.50
CA LYS C 695 77.71 -35.20 44.41
C LYS C 695 78.78 -35.71 45.36
N ARG C 696 79.89 -34.98 45.47
CA ARG C 696 80.92 -35.29 46.45
C ARG C 696 80.33 -35.31 47.85
N TRP C 697 80.66 -36.34 48.62
CA TRP C 697 80.09 -36.49 49.95
C TRP C 697 80.87 -35.70 50.98
N ASN C 698 82.19 -35.84 51.00
CA ASN C 698 83.02 -35.19 51.99
C ASN C 698 83.16 -33.70 51.69
N PRO C 699 83.45 -32.89 52.70
CA PRO C 699 83.56 -31.45 52.47
C PRO C 699 84.69 -31.10 51.52
N GLU C 700 84.50 -30.03 50.76
CA GLU C 700 85.48 -29.56 49.81
C GLU C 700 86.53 -28.69 50.52
N ILE C 701 87.62 -28.46 49.82
CA ILE C 701 88.60 -27.45 50.24
C ILE C 701 88.04 -26.08 49.89
N GLN C 702 88.10 -25.17 50.84
CA GLN C 702 87.60 -23.82 50.64
C GLN C 702 88.70 -22.83 51.01
N TYR C 703 88.73 -21.71 50.32
CA TYR C 703 89.59 -20.63 50.77
C TYR C 703 88.99 -20.01 52.02
N THR C 704 89.81 -19.91 53.07
CA THR C 704 89.35 -19.36 54.34
C THR C 704 90.44 -18.46 54.90
N SER C 705 90.00 -17.44 55.63
CA SER C 705 90.96 -16.67 56.41
C SER C 705 91.40 -17.47 57.62
N ASN C 706 92.60 -17.19 58.09
CA ASN C 706 93.12 -17.87 59.27
C ASN C 706 92.34 -17.44 60.49
N TYR C 707 91.97 -18.40 61.32
CA TYR C 707 91.20 -18.10 62.52
C TYR C 707 92.06 -17.50 63.62
N TYR C 708 93.35 -17.84 63.65
CA TYR C 708 94.21 -17.45 64.75
C TYR C 708 94.49 -15.94 64.72
N LYS C 709 94.79 -15.40 65.89
CA LYS C 709 94.99 -13.96 66.04
C LYS C 709 96.23 -13.50 65.27
N SER C 710 96.23 -12.22 64.91
CA SER C 710 97.35 -11.64 64.18
C SER C 710 97.38 -10.15 64.45
N THR C 711 98.54 -9.55 64.15
CA THR C 711 98.72 -8.12 64.37
C THR C 711 97.76 -7.30 63.51
N SER C 712 97.50 -7.74 62.28
CA SER C 712 96.64 -7.03 61.37
C SER C 712 95.71 -8.02 60.68
N VAL C 713 94.59 -7.49 60.20
CA VAL C 713 93.66 -8.30 59.41
C VAL C 713 94.21 -8.46 58.01
N ASP C 714 94.19 -9.70 57.51
CA ASP C 714 94.60 -9.96 56.14
C ASP C 714 93.65 -9.28 55.17
N PHE C 715 94.21 -8.71 54.10
CA PHE C 715 93.46 -7.95 53.11
C PHE C 715 92.75 -6.77 53.78
N ALA C 716 93.50 -6.04 54.59
CA ALA C 716 93.02 -4.82 55.22
C ALA C 716 94.16 -3.83 55.23
N VAL C 717 93.94 -2.70 55.84
CA VAL C 717 94.98 -1.68 55.97
C VAL C 717 95.72 -1.91 57.28
N ASN C 718 96.96 -1.46 57.33
CA ASN C 718 97.73 -1.50 58.55
C ASN C 718 97.54 -0.18 59.30
N THR C 719 98.36 0.06 60.32
CA THR C 719 98.24 1.27 61.11
C THR C 719 98.59 2.52 60.33
N GLU C 720 99.29 2.38 59.21
CA GLU C 720 99.68 3.52 58.38
C GLU C 720 98.74 3.75 57.21
N GLY C 721 97.66 2.98 57.11
CA GLY C 721 96.73 3.15 56.03
C GLY C 721 97.09 2.44 54.75
N VAL C 722 98.10 1.59 54.77
CA VAL C 722 98.55 0.88 53.57
C VAL C 722 97.75 -0.40 53.43
N TYR C 723 97.01 -0.52 52.33
CA TYR C 723 96.34 -1.76 52.01
C TYR C 723 97.33 -2.75 51.42
N SER C 724 97.27 -3.99 51.87
CA SER C 724 98.16 -5.02 51.39
C SER C 724 97.39 -6.29 51.11
N GLU C 725 97.85 -7.03 50.10
CA GLU C 725 97.33 -8.35 49.81
C GLU C 725 98.36 -9.36 50.27
N PRO C 726 98.11 -10.10 51.35
CA PRO C 726 99.18 -10.92 51.94
C PRO C 726 99.56 -12.13 51.12
N ARG C 727 98.66 -12.66 50.31
CA ARG C 727 98.93 -13.87 49.56
C ARG C 727 98.21 -13.79 48.22
N PRO C 728 98.67 -14.52 47.21
CA PRO C 728 97.91 -14.63 45.97
C PRO C 728 96.81 -15.67 46.13
N ILE C 729 95.57 -15.25 46.01
CA ILE C 729 94.44 -16.16 46.10
C ILE C 729 94.16 -16.71 44.72
N GLY C 730 94.35 -18.01 44.55
CA GLY C 730 94.01 -18.66 43.32
C GLY C 730 92.51 -18.78 43.15
N THR C 731 92.08 -19.68 42.30
CA THR C 731 90.67 -19.81 41.99
C THR C 731 90.18 -21.23 42.13
N ARG C 732 91.07 -22.21 42.24
CA ARG C 732 90.72 -23.62 42.16
C ARG C 732 90.69 -24.22 43.57
N TYR C 733 89.51 -24.26 44.15
CA TYR C 733 89.29 -24.87 45.45
C TYR C 733 88.25 -25.97 45.40
N LEU C 734 87.17 -25.79 44.66
CA LEU C 734 86.21 -26.86 44.44
C LEU C 734 86.83 -27.93 43.54
N THR C 735 86.19 -29.09 43.50
CA THR C 735 86.70 -30.21 42.74
C THR C 735 85.68 -30.72 41.75
N ARG C 736 86.19 -31.29 40.66
CA ARG C 736 85.40 -32.00 39.67
C ARG C 736 86.08 -33.31 39.35
N ASN C 737 85.30 -34.30 38.93
CA ASN C 737 85.87 -35.48 38.31
C ASN C 737 86.40 -35.13 36.93
N LEU C 738 87.32 -35.94 36.45
CA LEU C 738 87.84 -35.73 35.11
C LEU C 738 86.83 -36.21 34.07
N GLY D 221 72.77 -31.90 -36.24
CA GLY D 221 73.78 -31.05 -36.82
C GLY D 221 75.14 -31.70 -36.92
N VAL D 222 75.92 -31.28 -37.92
CA VAL D 222 77.26 -31.81 -38.10
C VAL D 222 78.15 -31.45 -36.92
N GLY D 223 78.06 -30.22 -36.45
CA GLY D 223 78.94 -29.72 -35.41
C GLY D 223 78.41 -29.81 -34.00
N SER D 224 77.35 -30.56 -33.76
CA SER D 224 76.80 -30.71 -32.42
C SER D 224 76.77 -32.18 -32.03
N SER D 225 77.16 -32.46 -30.79
CA SER D 225 77.13 -33.82 -30.28
C SER D 225 75.69 -34.30 -30.15
N SER D 226 75.45 -35.56 -30.50
CA SER D 226 74.12 -36.17 -30.40
C SER D 226 73.93 -36.96 -29.12
N GLY D 227 74.92 -36.96 -28.23
CA GLY D 227 74.77 -37.64 -26.97
C GLY D 227 76.03 -37.50 -26.15
N ASN D 228 75.90 -37.79 -24.87
CA ASN D 228 76.99 -37.66 -23.92
C ASN D 228 77.48 -39.03 -23.49
N TRP D 229 78.69 -39.06 -22.94
CA TRP D 229 79.26 -40.27 -22.40
C TRP D 229 78.62 -40.58 -21.05
N HIS D 230 78.03 -41.77 -20.92
CA HIS D 230 77.33 -42.16 -19.71
C HIS D 230 77.84 -43.54 -19.29
N CYS D 231 78.91 -43.55 -18.52
CA CYS D 231 79.38 -44.75 -17.83
C CYS D 231 79.24 -44.50 -16.35
N ASP D 232 78.44 -45.33 -15.67
CA ASP D 232 78.12 -45.10 -14.28
C ASP D 232 77.37 -46.30 -13.75
N SER D 233 77.29 -46.38 -12.42
CA SER D 233 76.43 -47.34 -11.75
C SER D 233 75.87 -46.65 -10.52
N THR D 234 74.55 -46.57 -10.43
CA THR D 234 73.89 -45.95 -9.29
C THR D 234 73.16 -47.02 -8.50
N TRP D 235 73.53 -47.18 -7.25
CA TRP D 235 72.89 -48.11 -6.35
C TRP D 235 71.88 -47.34 -5.50
N LEU D 236 70.60 -47.70 -5.61
CA LEU D 236 69.55 -46.98 -4.92
C LEU D 236 68.53 -48.01 -4.43
N GLY D 237 68.58 -48.30 -3.13
CA GLY D 237 67.64 -49.25 -2.56
C GLY D 237 67.86 -50.64 -3.11
N ASP D 238 66.79 -51.23 -3.62
CA ASP D 238 66.82 -52.57 -4.18
C ASP D 238 67.12 -52.57 -5.68
N ARG D 239 67.56 -51.45 -6.22
CA ARG D 239 67.90 -51.33 -7.63
C ARG D 239 69.35 -50.93 -7.78
N VAL D 240 69.98 -51.41 -8.85
CA VAL D 240 71.24 -50.85 -9.33
C VAL D 240 71.06 -50.57 -10.81
N ILE D 241 71.42 -49.37 -11.22
CA ILE D 241 71.31 -48.97 -12.62
C ILE D 241 72.72 -48.85 -13.16
N THR D 242 73.11 -49.80 -14.00
CA THR D 242 74.38 -49.75 -14.69
C THR D 242 74.18 -49.08 -16.04
N THR D 243 75.02 -48.11 -16.35
CA THR D 243 75.06 -47.52 -17.67
C THR D 243 76.50 -47.56 -18.17
N SER D 244 76.67 -47.96 -19.42
CA SER D 244 78.00 -48.10 -19.98
C SER D 244 78.01 -47.52 -21.38
N THR D 245 79.03 -46.74 -21.68
CA THR D 245 79.23 -46.18 -23.00
C THR D 245 80.53 -46.72 -23.56
N ARG D 246 80.51 -47.06 -24.84
CA ARG D 246 81.71 -47.51 -25.54
C ARG D 246 81.78 -46.84 -26.90
N THR D 247 83.00 -46.73 -27.41
CA THR D 247 83.22 -46.30 -28.77
C THR D 247 83.32 -47.53 -29.66
N TRP D 248 82.53 -47.56 -30.72
CA TRP D 248 82.53 -48.68 -31.64
C TRP D 248 83.02 -48.23 -33.01
N ALA D 249 83.44 -49.22 -33.80
CA ALA D 249 83.78 -49.00 -35.20
C ALA D 249 83.10 -50.08 -36.02
N LEU D 250 82.34 -49.67 -37.02
CA LEU D 250 81.63 -50.60 -37.88
C LEU D 250 82.22 -50.57 -39.27
N PRO D 251 82.86 -51.63 -39.73
CA PRO D 251 83.33 -51.67 -41.12
C PRO D 251 82.18 -52.02 -42.06
N THR D 252 82.47 -51.97 -43.34
CA THR D 252 81.58 -52.55 -44.33
C THR D 252 81.85 -54.05 -44.37
N TYR D 253 80.82 -54.84 -44.08
CA TYR D 253 80.94 -56.28 -44.07
C TYR D 253 80.48 -56.86 -45.41
N ASN D 254 81.18 -57.88 -45.88
CA ASN D 254 80.79 -58.67 -47.04
C ASN D 254 80.72 -57.87 -48.33
N ASN D 255 81.32 -56.67 -48.35
CA ASN D 255 81.18 -55.75 -49.49
C ASN D 255 79.71 -55.49 -49.81
N HIS D 256 78.92 -55.27 -48.74
CA HIS D 256 77.50 -54.98 -48.81
C HIS D 256 76.67 -56.13 -49.35
N LEU D 257 77.20 -57.35 -49.37
CA LEU D 257 76.52 -58.48 -49.98
C LEU D 257 76.01 -59.44 -48.91
N TYR D 258 74.93 -60.14 -49.25
CA TYR D 258 74.54 -61.34 -48.53
C TYR D 258 75.17 -62.53 -49.22
N LYS D 259 75.92 -63.32 -48.46
CA LYS D 259 76.59 -64.47 -49.01
C LYS D 259 76.07 -65.73 -48.34
N GLN D 260 75.69 -66.71 -49.16
CA GLN D 260 75.42 -68.03 -48.62
C GLN D 260 76.72 -68.66 -48.15
N ILE D 261 76.71 -69.20 -46.94
CA ILE D 261 77.87 -69.86 -46.35
C ILE D 261 77.48 -71.26 -45.97
N SER D 262 78.41 -72.20 -46.16
CA SER D 262 78.12 -73.60 -45.91
C SER D 262 79.38 -74.31 -45.46
N ASN D 263 79.19 -75.51 -44.94
CA ASN D 263 80.28 -76.40 -44.57
C ASN D 263 79.75 -77.81 -44.72
N GLY D 264 80.41 -78.62 -45.53
CA GLY D 264 80.00 -79.99 -45.78
C GLY D 264 81.07 -80.98 -45.35
N THR D 265 80.78 -82.24 -45.60
CA THR D 265 81.69 -83.32 -45.25
C THR D 265 82.72 -83.54 -46.36
N ALA D 269 85.57 -81.60 -43.14
CA ALA D 269 84.73 -81.40 -41.96
C ALA D 269 83.85 -82.62 -41.69
N THR D 270 83.55 -82.86 -40.44
CA THR D 270 82.68 -83.97 -40.07
C THR D 270 81.22 -83.55 -40.19
N ASN D 271 80.34 -84.55 -40.19
CA ASN D 271 78.90 -84.27 -40.26
C ASN D 271 78.44 -83.46 -39.06
N ASP D 272 79.10 -83.63 -37.91
CA ASP D 272 78.71 -82.90 -36.71
C ASP D 272 78.90 -81.39 -36.86
N ASN D 273 79.74 -80.96 -37.78
CA ASN D 273 80.06 -79.55 -37.94
C ASN D 273 79.52 -78.95 -39.23
N THR D 274 78.64 -79.65 -39.93
CA THR D 274 78.08 -79.09 -41.15
C THR D 274 77.09 -77.98 -40.84
N TYR D 275 76.98 -77.02 -41.75
CA TYR D 275 75.99 -75.98 -41.59
C TYR D 275 75.67 -75.37 -42.95
N PHE D 276 74.51 -74.74 -43.01
CA PHE D 276 74.11 -73.89 -44.12
C PHE D 276 73.55 -72.61 -43.51
N GLY D 277 73.97 -71.48 -44.03
CA GLY D 277 73.50 -70.23 -43.49
C GLY D 277 73.83 -69.08 -44.40
N TYR D 278 73.72 -67.89 -43.86
CA TYR D 278 73.96 -66.68 -44.64
C TYR D 278 74.82 -65.71 -43.85
N SER D 279 75.82 -65.16 -44.51
CA SER D 279 76.56 -64.02 -44.00
C SER D 279 75.89 -62.75 -44.51
N THR D 280 75.64 -61.83 -43.62
CA THR D 280 74.97 -60.59 -43.99
C THR D 280 75.95 -59.43 -43.93
N PRO D 281 75.69 -58.35 -44.67
CA PRO D 281 76.51 -57.14 -44.54
C PRO D 281 76.25 -56.33 -43.29
N TRP D 282 75.43 -56.84 -42.37
CA TRP D 282 75.04 -56.10 -41.18
C TRP D 282 75.92 -56.46 -40.00
N GLY D 283 76.23 -55.47 -39.19
CA GLY D 283 76.74 -55.71 -37.87
C GLY D 283 75.63 -55.76 -36.85
N TYR D 284 75.98 -56.12 -35.63
CA TYR D 284 74.99 -56.13 -34.56
C TYR D 284 75.67 -55.78 -33.25
N PHE D 285 74.89 -55.16 -32.36
CA PHE D 285 75.40 -54.75 -31.06
C PHE D 285 75.10 -55.84 -30.04
N ASP D 286 76.13 -56.25 -29.32
CA ASP D 286 76.01 -57.27 -28.29
C ASP D 286 76.48 -56.67 -26.97
N PHE D 287 75.63 -56.78 -25.95
CA PHE D 287 76.01 -56.43 -24.59
C PHE D 287 75.52 -57.51 -23.64
N ASN D 288 75.63 -58.76 -24.09
CA ASN D 288 75.12 -59.91 -23.36
C ASN D 288 76.19 -60.54 -22.48
N ARG D 289 77.09 -59.74 -21.93
CA ARG D 289 78.03 -60.19 -20.92
C ARG D 289 77.94 -59.22 -19.75
N PHE D 290 78.11 -59.76 -18.53
CA PHE D 290 77.92 -58.94 -17.35
C PHE D 290 78.98 -57.84 -17.24
N HIS D 291 80.19 -58.10 -17.70
CA HIS D 291 81.22 -57.07 -17.60
C HIS D 291 81.02 -55.92 -18.58
N CYS D 292 80.08 -56.06 -19.52
CA CYS D 292 79.69 -54.91 -20.32
C CYS D 292 78.97 -53.86 -19.50
N HIS D 293 78.47 -54.22 -18.33
CA HIS D 293 77.65 -53.34 -17.51
C HIS D 293 78.20 -53.14 -16.11
N PHE D 294 78.77 -54.19 -15.52
CA PHE D 294 79.30 -54.10 -14.17
C PHE D 294 80.81 -53.98 -14.21
N SER D 295 81.33 -52.95 -13.56
CA SER D 295 82.74 -52.92 -13.25
C SER D 295 83.05 -54.01 -12.23
N PRO D 296 84.30 -54.45 -12.16
CA PRO D 296 84.63 -55.48 -11.15
C PRO D 296 84.27 -55.08 -9.74
N ARG D 297 84.45 -53.80 -9.39
CA ARG D 297 84.04 -53.33 -8.08
C ARG D 297 82.52 -53.36 -7.93
N ASP D 298 81.79 -52.99 -8.98
CA ASP D 298 80.34 -53.08 -8.94
C ASP D 298 79.89 -54.53 -8.83
N TRP D 299 80.57 -55.43 -9.53
CA TRP D 299 80.27 -56.85 -9.41
C TRP D 299 80.51 -57.33 -7.98
N GLN D 300 81.58 -56.87 -7.36
CA GLN D 300 81.84 -57.21 -5.97
C GLN D 300 80.74 -56.70 -5.06
N ARG D 301 80.32 -55.45 -5.27
CA ARG D 301 79.21 -54.89 -4.50
C ARG D 301 77.96 -55.74 -4.64
N LEU D 302 77.69 -56.18 -5.87
CA LEU D 302 76.49 -56.98 -6.13
C LEU D 302 76.57 -58.33 -5.44
N ILE D 303 77.67 -59.05 -5.63
CA ILE D 303 77.73 -60.44 -5.19
C ILE D 303 78.03 -60.58 -3.70
N ASN D 304 78.63 -59.59 -3.06
CA ASN D 304 78.92 -59.71 -1.64
C ASN D 304 77.76 -59.31 -0.75
N ASN D 305 76.70 -58.75 -1.32
CA ASN D 305 75.66 -58.13 -0.51
C ASN D 305 74.24 -58.52 -0.90
N ASN D 306 74.07 -59.29 -1.97
CA ASN D 306 72.74 -59.58 -2.47
C ASN D 306 72.57 -61.07 -2.66
N TRP D 307 71.40 -61.57 -2.30
CA TRP D 307 71.06 -62.97 -2.54
C TRP D 307 70.63 -63.23 -3.96
N GLY D 308 70.27 -62.19 -4.70
CA GLY D 308 69.83 -62.38 -6.06
C GLY D 308 69.71 -61.06 -6.77
N PHE D 309 69.61 -61.16 -8.10
CA PHE D 309 69.43 -60.00 -8.93
C PHE D 309 68.80 -60.44 -10.23
N ARG D 310 68.21 -59.49 -10.95
CA ARG D 310 67.61 -59.77 -12.25
C ARG D 310 67.50 -58.45 -13.00
N PRO D 311 67.64 -58.48 -14.33
CA PRO D 311 67.42 -57.26 -15.10
C PRO D 311 65.95 -56.88 -15.11
N LYS D 312 65.71 -55.58 -15.14
CA LYS D 312 64.36 -55.04 -15.17
C LYS D 312 64.04 -54.33 -16.46
N ARG D 313 64.88 -53.40 -16.88
CA ARG D 313 64.67 -52.65 -18.10
C ARG D 313 66.02 -52.25 -18.65
N LEU D 314 66.04 -51.94 -19.94
CA LEU D 314 67.26 -51.41 -20.54
C LEU D 314 66.90 -50.28 -21.48
N SER D 315 67.84 -49.34 -21.61
CA SER D 315 67.79 -48.31 -22.62
C SER D 315 69.09 -48.35 -23.40
N PHE D 316 68.99 -48.19 -24.70
CA PHE D 316 70.11 -48.32 -25.62
C PHE D 316 70.19 -47.06 -26.45
N LYS D 317 71.41 -46.56 -26.67
CA LYS D 317 71.59 -45.35 -27.44
C LYS D 317 72.76 -45.48 -28.39
N LEU D 318 72.56 -45.02 -29.62
CA LEU D 318 73.62 -44.83 -30.59
C LEU D 318 73.70 -43.35 -30.91
N PHE D 319 74.91 -42.79 -30.87
CA PHE D 319 75.05 -41.35 -31.01
C PHE D 319 76.48 -41.03 -31.41
N ASN D 320 76.69 -39.76 -31.75
CA ASN D 320 77.99 -39.26 -32.22
C ASN D 320 78.51 -40.13 -33.36
N ILE D 321 77.64 -40.40 -34.31
CA ILE D 321 77.98 -41.25 -35.44
C ILE D 321 78.85 -40.47 -36.40
N GLN D 322 79.95 -41.10 -36.81
CA GLN D 322 80.84 -40.54 -37.82
C GLN D 322 81.03 -41.58 -38.89
N VAL D 323 80.63 -41.27 -40.11
CA VAL D 323 80.87 -42.13 -41.26
C VAL D 323 82.06 -41.58 -42.01
N LYS D 324 83.07 -42.43 -42.22
CA LYS D 324 84.33 -41.99 -42.76
C LYS D 324 84.63 -42.71 -44.07
N GLU D 325 85.14 -41.96 -45.02
CA GLU D 325 85.52 -42.47 -46.33
C GLU D 325 87.04 -42.64 -46.36
N VAL D 326 87.49 -43.81 -46.82
CA VAL D 326 88.91 -44.11 -46.93
C VAL D 326 89.22 -44.36 -48.40
N THR D 327 90.24 -43.66 -48.90
CA THR D 327 90.63 -43.76 -50.31
C THR D 327 92.01 -44.38 -50.45
N LYS D 333 96.93 -43.87 -48.22
CA LYS D 333 95.61 -43.99 -47.64
C LYS D 333 95.23 -42.72 -46.86
N THR D 334 94.10 -42.13 -47.23
CA THR D 334 93.56 -40.98 -46.52
C THR D 334 92.15 -41.30 -46.05
N ILE D 335 91.84 -40.87 -44.83
CA ILE D 335 90.51 -41.06 -44.24
C ILE D 335 89.87 -39.69 -44.10
N ALA D 336 88.67 -39.55 -44.65
CA ALA D 336 87.95 -38.28 -44.61
C ALA D 336 86.53 -38.52 -44.14
N ASN D 337 85.95 -37.49 -43.54
CA ASN D 337 84.55 -37.55 -43.15
C ASN D 337 83.66 -37.58 -44.40
N ASN D 338 82.63 -38.42 -44.35
CA ASN D 338 81.59 -38.44 -45.40
C ASN D 338 80.34 -37.93 -44.67
N LEU D 339 80.13 -36.62 -44.65
CA LEU D 339 79.10 -36.01 -43.81
C LEU D 339 77.70 -36.43 -44.24
N THR D 340 77.51 -36.77 -45.50
CA THR D 340 76.18 -37.11 -46.02
C THR D 340 75.92 -38.61 -46.03
N SER D 341 76.86 -39.42 -45.59
CA SER D 341 76.65 -40.85 -45.54
C SER D 341 75.81 -41.24 -44.33
N THR D 342 75.13 -42.37 -44.45
CA THR D 342 74.24 -42.84 -43.39
C THR D 342 74.67 -44.22 -42.90
N ILE D 343 74.25 -44.53 -41.69
CA ILE D 343 74.20 -45.89 -41.19
C ILE D 343 72.74 -46.25 -41.02
N GLN D 344 72.44 -47.55 -41.11
CA GLN D 344 71.09 -48.06 -40.90
C GLN D 344 71.09 -48.86 -39.61
N VAL D 345 70.15 -48.54 -38.73
CA VAL D 345 70.00 -49.22 -37.45
C VAL D 345 68.55 -49.63 -37.29
N PHE D 346 68.32 -50.87 -36.90
CA PHE D 346 67.00 -51.29 -36.49
C PHE D 346 67.12 -52.37 -35.43
N THR D 347 66.10 -52.47 -34.60
CA THR D 347 65.99 -53.55 -33.63
C THR D 347 64.98 -54.56 -34.12
N ASP D 348 65.34 -55.84 -34.02
CA ASP D 348 64.42 -56.93 -34.33
C ASP D 348 63.46 -57.10 -33.15
N SER D 349 62.57 -56.12 -33.01
CA SER D 349 61.69 -56.07 -31.85
C SER D 349 60.64 -57.16 -31.87
N GLU D 350 60.27 -57.64 -33.05
CA GLU D 350 59.33 -58.75 -33.19
C GLU D 350 60.01 -60.11 -33.21
N TYR D 351 61.33 -60.15 -33.05
CA TYR D 351 62.08 -61.40 -33.02
C TYR D 351 61.85 -62.22 -34.29
N GLN D 352 61.82 -61.52 -35.43
CA GLN D 352 61.61 -62.16 -36.71
C GLN D 352 62.90 -62.63 -37.36
N LEU D 353 64.01 -62.24 -36.85
CA LEU D 353 65.28 -62.70 -37.36
C LEU D 353 65.82 -63.82 -36.49
N PRO D 354 66.66 -64.69 -37.04
CA PRO D 354 67.36 -65.66 -36.21
C PRO D 354 68.14 -64.96 -35.11
N TYR D 355 67.90 -65.37 -33.88
CA TYR D 355 68.48 -64.72 -32.71
C TYR D 355 69.83 -65.36 -32.43
N VAL D 356 70.90 -64.63 -32.77
CA VAL D 356 72.26 -65.15 -32.59
C VAL D 356 72.91 -64.66 -31.32
N LEU D 357 72.30 -63.73 -30.61
CA LEU D 357 72.74 -63.45 -29.25
C LEU D 357 72.44 -64.64 -28.36
N GLY D 358 73.13 -64.70 -27.22
CA GLY D 358 72.95 -65.85 -26.38
C GLY D 358 73.64 -67.09 -26.88
N SER D 359 74.66 -66.95 -27.72
CA SER D 359 75.51 -68.07 -28.10
C SER D 359 76.95 -67.85 -27.62
N ALA D 360 77.13 -66.95 -26.65
CA ALA D 360 78.43 -66.68 -26.04
C ALA D 360 79.47 -66.28 -27.09
N HIS D 361 79.07 -65.44 -28.02
CA HIS D 361 79.96 -65.01 -29.09
C HIS D 361 80.78 -63.81 -28.69
N GLN D 362 81.95 -63.68 -29.31
CA GLN D 362 82.74 -62.48 -29.16
C GLN D 362 82.05 -61.30 -29.84
N GLY D 363 82.56 -60.10 -29.57
CA GLY D 363 82.00 -58.91 -30.15
C GLY D 363 81.10 -58.12 -29.24
N CYS D 364 80.96 -58.54 -27.98
CA CYS D 364 80.21 -57.74 -27.02
C CYS D 364 80.97 -56.46 -26.69
N LEU D 365 80.29 -55.56 -26.01
CA LEU D 365 80.95 -54.36 -25.52
C LEU D 365 82.12 -54.75 -24.63
N PRO D 366 83.28 -54.13 -24.79
CA PRO D 366 84.44 -54.54 -24.01
C PRO D 366 84.22 -54.26 -22.54
N PRO D 367 84.80 -55.06 -21.65
CA PRO D 367 84.67 -54.76 -20.20
C PRO D 367 85.24 -53.42 -19.81
N PHE D 368 86.32 -52.98 -20.45
CA PHE D 368 86.98 -51.73 -20.08
C PHE D 368 86.35 -50.59 -20.87
N PRO D 369 85.83 -49.55 -20.20
CA PRO D 369 85.14 -48.49 -20.93
C PRO D 369 86.01 -47.75 -21.93
N ALA D 370 87.31 -47.64 -21.68
CA ALA D 370 88.19 -46.93 -22.60
C ALA D 370 88.45 -47.73 -23.87
N ASP D 371 87.99 -48.97 -23.95
CA ASP D 371 88.33 -49.85 -25.05
C ASP D 371 87.41 -49.59 -26.23
N VAL D 372 87.99 -49.39 -27.41
CA VAL D 372 87.23 -49.23 -28.64
C VAL D 372 87.10 -50.59 -29.30
N PHE D 373 85.87 -50.97 -29.66
CA PHE D 373 85.62 -52.31 -30.15
C PHE D 373 85.01 -52.29 -31.54
N MET D 374 85.27 -53.36 -32.26
CA MET D 374 84.73 -53.60 -33.59
C MET D 374 83.39 -54.32 -33.48
N ILE D 375 82.42 -53.85 -34.25
CA ILE D 375 81.08 -54.45 -34.23
C ILE D 375 81.11 -55.78 -34.96
N PRO D 376 80.62 -56.87 -34.36
CA PRO D 376 80.66 -58.17 -35.04
C PRO D 376 79.68 -58.22 -36.21
N GLN D 377 80.03 -59.05 -37.19
CA GLN D 377 79.19 -59.21 -38.36
C GLN D 377 78.03 -60.16 -38.07
N TYR D 378 76.84 -59.78 -38.50
CA TYR D 378 75.67 -60.61 -38.29
C TYR D 378 75.60 -61.71 -39.33
N GLY D 379 75.49 -62.94 -38.88
CA GLY D 379 75.19 -64.06 -39.74
C GLY D 379 74.26 -65.01 -39.00
N TYR D 380 73.65 -65.91 -39.75
CA TYR D 380 72.72 -66.84 -39.14
C TYR D 380 72.79 -68.15 -39.88
N LEU D 381 72.27 -69.19 -39.22
CA LEU D 381 72.19 -70.52 -39.78
C LEU D 381 70.74 -70.91 -39.94
N THR D 382 70.47 -71.70 -40.97
CA THR D 382 69.15 -72.25 -41.17
C THR D 382 69.30 -73.76 -41.33
N LEU D 383 68.23 -74.44 -41.73
CA LEU D 383 68.29 -75.88 -41.85
C LEU D 383 69.28 -76.29 -42.93
N ASN D 384 70.05 -77.33 -42.65
CA ASN D 384 71.03 -77.84 -43.58
C ASN D 384 70.97 -79.36 -43.65
N ASN D 385 71.34 -79.89 -44.80
CA ASN D 385 71.55 -81.32 -45.01
C ASN D 385 72.97 -81.41 -45.57
N GLY D 386 73.94 -81.59 -44.69
CA GLY D 386 75.32 -81.43 -45.10
C GLY D 386 75.58 -79.96 -45.36
N SER D 387 76.17 -79.67 -46.52
CA SER D 387 76.38 -78.30 -46.95
C SER D 387 75.21 -77.74 -47.75
N GLN D 388 74.19 -78.54 -48.00
CA GLN D 388 73.05 -78.12 -48.81
C GLN D 388 71.93 -77.59 -47.92
N ALA D 389 71.16 -76.67 -48.48
CA ALA D 389 69.93 -76.24 -47.85
C ALA D 389 68.81 -77.20 -48.18
N VAL D 390 67.76 -77.16 -47.36
CA VAL D 390 66.54 -77.89 -47.64
C VAL D 390 65.46 -76.88 -47.97
N GLY D 391 64.30 -77.39 -48.41
CA GLY D 391 63.20 -76.51 -48.76
C GLY D 391 62.71 -75.67 -47.60
N ARG D 392 62.91 -76.13 -46.37
CA ARG D 392 62.50 -75.38 -45.20
C ARG D 392 63.52 -74.35 -44.76
N SER D 393 64.69 -74.30 -45.40
CA SER D 393 65.69 -73.31 -45.06
C SER D 393 65.17 -71.91 -45.35
N SER D 394 65.38 -71.01 -44.40
CA SER D 394 64.88 -69.64 -44.50
C SER D 394 66.02 -68.71 -44.86
N PHE D 395 65.78 -67.83 -45.83
CA PHE D 395 66.68 -66.75 -46.15
C PHE D 395 66.06 -65.45 -45.67
N TYR D 396 66.82 -64.65 -44.94
CA TYR D 396 66.35 -63.38 -44.42
C TYR D 396 67.17 -62.24 -45.01
N CYS D 397 66.48 -61.28 -45.60
CA CYS D 397 67.09 -60.03 -46.03
C CYS D 397 66.84 -58.99 -44.94
N LEU D 398 67.92 -58.49 -44.33
CA LEU D 398 67.75 -57.53 -43.26
C LEU D 398 67.36 -56.16 -43.79
N GLU D 399 67.59 -55.89 -45.08
CA GLU D 399 67.05 -54.68 -45.70
C GLU D 399 65.54 -54.74 -45.82
N TYR D 400 64.95 -55.92 -45.71
CA TYR D 400 63.51 -56.07 -45.74
C TYR D 400 62.85 -55.64 -44.44
N PHE D 401 63.60 -55.03 -43.54
CA PHE D 401 63.07 -54.49 -42.31
C PHE D 401 63.08 -52.98 -42.35
N PRO D 402 62.16 -52.32 -41.66
CA PRO D 402 62.27 -50.86 -41.49
C PRO D 402 63.47 -50.52 -40.62
N SER D 403 64.36 -49.69 -41.15
CA SER D 403 65.55 -49.28 -40.44
C SER D 403 65.58 -47.76 -40.37
N GLN D 404 66.05 -47.24 -39.25
CA GLN D 404 66.33 -45.82 -39.14
C GLN D 404 67.67 -45.55 -39.80
N MET D 405 67.71 -44.59 -40.72
CA MET D 405 68.96 -44.17 -41.33
C MET D 405 69.47 -42.93 -40.61
N LEU D 406 70.74 -42.92 -40.29
CA LEU D 406 71.33 -41.91 -39.43
C LEU D 406 72.50 -41.26 -40.14
N ARG D 407 72.45 -39.95 -40.27
CA ARG D 407 73.64 -39.20 -40.67
C ARG D 407 74.42 -38.83 -39.42
N THR D 408 75.50 -38.08 -39.60
CA THR D 408 76.41 -37.81 -38.49
C THR D 408 75.73 -37.03 -37.37
N GLY D 409 74.67 -36.28 -37.67
CA GLY D 409 73.96 -35.55 -36.65
C GLY D 409 72.84 -36.29 -35.98
N ASN D 410 72.53 -37.50 -36.43
CA ASN D 410 71.40 -38.24 -35.90
C ASN D 410 71.85 -39.18 -34.78
N ASN D 411 70.89 -39.56 -33.94
CA ASN D 411 71.13 -40.56 -32.92
C ASN D 411 69.97 -41.56 -32.93
N PHE D 412 70.24 -42.74 -32.40
CA PHE D 412 69.28 -43.81 -32.32
C PHE D 412 69.14 -44.22 -30.86
N GLN D 413 67.91 -44.51 -30.44
CA GLN D 413 67.70 -44.99 -29.09
C GLN D 413 66.42 -45.80 -29.02
N PHE D 414 66.40 -46.76 -28.11
CA PHE D 414 65.21 -47.51 -27.81
C PHE D 414 65.29 -48.00 -26.38
N THR D 415 64.13 -48.30 -25.81
CA THR D 415 64.02 -48.84 -24.47
C THR D 415 63.38 -50.21 -24.54
N TYR D 416 63.74 -51.06 -23.59
CA TYR D 416 63.24 -52.42 -23.53
C TYR D 416 62.98 -52.77 -22.08
N THR D 417 61.88 -53.48 -21.84
CA THR D 417 61.54 -53.95 -20.50
C THR D 417 61.69 -55.46 -20.46
N PHE D 418 62.48 -55.93 -19.51
CA PHE D 418 62.62 -57.37 -19.32
C PHE D 418 61.32 -57.95 -18.77
N GLU D 419 60.99 -59.15 -19.24
CA GLU D 419 59.87 -59.87 -18.67
C GLU D 419 60.19 -60.26 -17.23
N ASP D 420 59.14 -60.64 -16.49
CA ASP D 420 59.35 -61.10 -15.13
C ASP D 420 60.15 -62.40 -15.16
N VAL D 421 61.41 -62.32 -14.74
CA VAL D 421 62.31 -63.46 -14.76
C VAL D 421 62.67 -63.76 -13.31
N PRO D 422 62.92 -65.01 -12.93
CA PRO D 422 63.32 -65.28 -11.55
C PRO D 422 64.67 -64.64 -11.24
N PHE D 423 64.84 -64.25 -9.98
CA PHE D 423 66.13 -63.77 -9.52
C PHE D 423 67.18 -64.86 -9.71
N HIS D 424 68.35 -64.47 -10.20
CA HIS D 424 69.47 -65.39 -10.20
C HIS D 424 69.89 -65.67 -8.76
N SER D 425 70.17 -66.93 -8.47
CA SER D 425 70.57 -67.33 -7.13
C SER D 425 72.00 -66.88 -6.90
N SER D 426 72.16 -65.69 -6.33
CA SER D 426 73.48 -65.16 -6.02
C SER D 426 73.92 -65.58 -4.62
N TYR D 427 73.80 -66.88 -4.35
CA TYR D 427 74.08 -67.44 -3.03
C TYR D 427 74.44 -68.90 -3.19
N ALA D 428 75.17 -69.42 -2.22
CA ALA D 428 75.40 -70.84 -2.10
C ALA D 428 74.67 -71.35 -0.87
N HIS D 429 74.17 -72.57 -0.95
CA HIS D 429 73.43 -73.13 0.18
C HIS D 429 74.40 -73.49 1.30
N SER D 430 74.06 -73.10 2.53
CA SER D 430 74.83 -73.47 3.70
C SER D 430 74.37 -74.78 4.30
N GLN D 431 73.42 -75.45 3.67
CA GLN D 431 72.97 -76.76 4.07
C GLN D 431 73.00 -77.68 2.86
N SER D 432 73.26 -78.96 3.11
CA SER D 432 73.19 -79.96 2.07
C SER D 432 71.81 -80.59 2.04
N LEU D 433 71.40 -81.07 0.86
CA LEU D 433 70.06 -81.63 0.72
C LEU D 433 69.88 -82.88 1.56
N ASP D 434 70.94 -83.66 1.77
CA ASP D 434 70.87 -84.86 2.58
C ASP D 434 71.14 -84.59 4.05
N ARG D 435 71.24 -83.33 4.45
CA ARG D 435 71.52 -82.95 5.83
C ARG D 435 70.55 -81.87 6.29
N LEU D 436 69.28 -82.01 5.95
CA LEU D 436 68.26 -81.05 6.33
C LEU D 436 67.57 -81.41 7.63
N MET D 437 67.94 -82.52 8.24
CA MET D 437 67.25 -83.04 9.41
C MET D 437 67.90 -82.57 10.70
N ASN D 438 67.15 -82.70 11.78
CA ASN D 438 67.65 -82.41 13.11
C ASN D 438 68.65 -83.50 13.50
N PRO D 439 69.90 -83.14 13.80
CA PRO D 439 70.90 -84.16 14.14
C PRO D 439 70.82 -84.69 15.56
N LEU D 440 69.79 -84.34 16.32
CA LEU D 440 69.65 -84.80 17.69
C LEU D 440 68.49 -85.75 17.91
N ILE D 441 67.54 -85.80 16.98
CA ILE D 441 66.29 -86.51 17.18
C ILE D 441 66.21 -87.66 16.17
N ASP D 442 65.78 -88.82 16.64
CA ASP D 442 65.52 -89.93 15.74
C ASP D 442 64.27 -89.65 14.91
N GLN D 443 64.18 -90.35 13.78
CA GLN D 443 62.96 -90.35 13.00
C GLN D 443 61.98 -91.34 13.59
N TYR D 444 60.69 -91.04 13.45
CA TYR D 444 59.69 -92.04 13.79
C TYR D 444 59.48 -93.05 12.68
N LEU D 445 59.98 -92.77 11.49
CA LEU D 445 59.92 -93.71 10.39
C LEU D 445 61.04 -94.74 10.51
N TYR D 446 60.75 -95.95 10.07
CA TYR D 446 61.72 -97.04 10.06
C TYR D 446 62.21 -97.29 8.66
N TYR D 447 63.42 -97.83 8.56
CA TYR D 447 63.97 -98.30 7.31
C TYR D 447 64.42 -99.74 7.48
N LEU D 448 64.41 -100.49 6.39
CA LEU D 448 64.93 -101.85 6.41
C LEU D 448 66.43 -101.80 6.69
N SER D 449 66.84 -102.22 7.88
CA SER D 449 68.23 -102.11 8.29
C SER D 449 69.02 -103.39 8.10
N ARG D 450 68.38 -104.56 8.17
CA ARG D 450 69.07 -105.81 7.92
C ARG D 450 68.12 -106.79 7.25
N THR D 451 68.67 -107.62 6.37
CA THR D 451 67.94 -108.69 5.74
C THR D 451 68.47 -110.07 6.12
N GLN D 452 69.50 -110.13 6.97
CA GLN D 452 70.13 -111.38 7.36
C GLN D 452 70.47 -111.33 8.84
N THR D 453 70.27 -112.44 9.53
CA THR D 453 70.54 -112.51 10.96
C THR D 453 72.03 -112.37 11.27
N ASN D 459 74.04 -117.72 9.03
CA ASN D 459 72.98 -116.73 9.18
C ASN D 459 71.87 -116.98 8.17
N THR D 460 70.65 -116.62 8.56
CA THR D 460 69.46 -116.86 7.76
C THR D 460 68.79 -115.54 7.42
N GLN D 461 67.82 -115.62 6.52
CA GLN D 461 67.06 -114.43 6.13
C GLN D 461 66.22 -113.93 7.30
N THR D 462 66.09 -112.61 7.37
CA THR D 462 65.27 -111.96 8.38
C THR D 462 64.90 -110.57 7.84
N LEU D 463 64.07 -109.87 8.59
CA LEU D 463 63.72 -108.49 8.29
C LEU D 463 63.90 -107.68 9.57
N GLY D 464 64.98 -106.91 9.63
CA GLY D 464 65.23 -106.02 10.75
C GLY D 464 65.03 -104.58 10.30
N PHE D 465 64.33 -103.81 11.13
CA PHE D 465 63.99 -102.44 10.84
C PHE D 465 64.52 -101.54 11.94
N SER D 466 65.12 -100.43 11.56
CA SER D 466 65.68 -99.48 12.50
C SER D 466 65.13 -98.09 12.19
N GLN D 467 65.15 -97.24 13.20
CA GLN D 467 64.76 -95.85 13.02
C GLN D 467 65.97 -95.04 12.62
N GLY D 468 65.82 -94.25 11.55
CA GLY D 468 66.87 -93.33 11.16
C GLY D 468 67.16 -92.33 12.24
N GLY D 469 68.44 -92.13 12.55
CA GLY D 469 68.82 -91.23 13.60
C GLY D 469 70.06 -90.45 13.26
N PRO D 470 70.65 -89.80 14.27
CA PRO D 470 71.84 -88.99 14.03
C PRO D 470 73.01 -89.76 13.45
N ASN D 471 73.12 -91.05 13.73
CA ASN D 471 74.24 -91.83 13.24
C ASN D 471 73.97 -92.50 11.91
N THR D 472 72.74 -92.95 11.67
CA THR D 472 72.36 -93.54 10.39
C THR D 472 71.69 -92.50 9.50
N MET D 473 72.42 -91.43 9.26
CA MET D 473 71.86 -90.27 8.57
C MET D 473 71.68 -90.54 7.09
N ALA D 474 72.49 -91.43 6.52
CA ALA D 474 72.30 -91.83 5.13
C ALA D 474 71.05 -92.66 4.93
N ASN D 475 70.55 -93.32 5.97
CA ASN D 475 69.38 -94.18 5.87
C ASN D 475 68.08 -93.44 6.15
N GLN D 476 68.14 -92.21 6.62
CA GLN D 476 66.93 -91.51 7.03
C GLN D 476 66.00 -91.26 5.86
N ALA D 477 64.70 -91.32 6.14
CA ALA D 477 63.71 -90.92 5.15
C ALA D 477 63.86 -89.43 4.86
N LYS D 478 63.79 -89.08 3.59
CA LYS D 478 64.01 -87.71 3.16
C LYS D 478 62.94 -87.32 2.15
N ASN D 479 62.68 -86.01 2.06
CA ASN D 479 61.61 -85.50 1.23
C ASN D 479 62.03 -85.13 -0.18
N TRP D 480 63.33 -84.99 -0.43
CA TRP D 480 63.79 -84.38 -1.67
C TRP D 480 64.94 -85.18 -2.26
N LEU D 481 65.13 -85.01 -3.55
CA LEU D 481 66.18 -85.66 -4.31
C LEU D 481 67.08 -84.62 -4.96
N PRO D 482 68.35 -84.94 -5.18
CA PRO D 482 69.23 -84.02 -5.89
C PRO D 482 68.78 -83.84 -7.32
N GLY D 483 69.15 -82.69 -7.89
CA GLY D 483 68.78 -82.34 -9.23
C GLY D 483 69.22 -83.36 -10.27
N PRO D 484 68.80 -83.16 -11.50
CA PRO D 484 69.06 -84.16 -12.54
C PRO D 484 70.54 -84.22 -12.90
N CYS D 485 70.91 -85.37 -13.48
CA CYS D 485 72.30 -85.66 -13.79
C CYS D 485 72.44 -86.07 -15.25
N TYR D 486 73.51 -85.60 -15.88
CA TYR D 486 73.90 -86.02 -17.24
C TYR D 486 75.42 -86.16 -17.20
N ARG D 487 75.89 -87.35 -16.83
CA ARG D 487 77.26 -87.52 -16.34
C ARG D 487 78.29 -87.11 -17.38
N GLN D 488 79.29 -86.38 -16.93
CA GLN D 488 80.40 -85.94 -17.76
C GLN D 488 81.67 -86.69 -17.35
N GLN D 489 82.59 -86.81 -18.30
CA GLN D 489 83.88 -87.42 -18.00
C GLN D 489 84.71 -86.48 -17.12
N ARG D 490 85.44 -87.06 -16.19
CA ARG D 490 86.25 -86.30 -15.27
C ARG D 490 87.64 -86.07 -15.86
N VAL D 491 88.10 -84.83 -15.82
CA VAL D 491 89.44 -84.46 -16.28
C VAL D 491 90.16 -83.79 -15.13
N SER D 492 91.41 -84.17 -14.91
CA SER D 492 92.23 -83.59 -13.86
C SER D 492 93.10 -82.49 -14.45
N THR D 493 93.17 -81.36 -13.76
CA THR D 493 94.12 -80.32 -14.16
C THR D 493 95.55 -80.75 -13.95
N THR D 494 95.78 -81.74 -13.08
CA THR D 494 97.08 -82.42 -13.02
C THR D 494 97.09 -83.45 -14.13
N THR D 495 97.75 -83.11 -15.24
CA THR D 495 97.61 -83.90 -16.46
C THR D 495 98.12 -85.32 -16.28
N GLY D 496 99.09 -85.54 -15.40
CA GLY D 496 99.60 -86.88 -15.16
C GLY D 496 98.55 -87.84 -14.64
N GLN D 497 97.50 -87.33 -14.01
CA GLN D 497 96.41 -88.16 -13.52
C GLN D 497 95.39 -88.50 -14.61
N ASN D 498 95.50 -87.92 -15.79
CA ASN D 498 94.58 -88.18 -16.88
C ASN D 498 95.05 -89.36 -17.72
N ASN D 499 94.10 -90.00 -18.40
CA ASN D 499 94.43 -91.06 -19.32
C ASN D 499 95.26 -90.50 -20.48
N ASN D 500 96.27 -91.26 -20.87
CA ASN D 500 97.16 -90.84 -21.97
C ASN D 500 96.49 -91.15 -23.30
N SER D 501 95.48 -90.34 -23.61
CA SER D 501 94.77 -90.44 -24.88
C SER D 501 94.08 -89.12 -25.14
N ASN D 502 93.67 -88.92 -26.39
CA ASN D 502 92.95 -87.71 -26.80
C ASN D 502 91.47 -88.05 -26.74
N PHE D 503 90.84 -87.76 -25.60
CA PHE D 503 89.46 -88.15 -25.36
C PHE D 503 88.53 -86.96 -25.15
N ALA D 504 88.96 -85.75 -25.51
CA ALA D 504 88.11 -84.58 -25.31
C ALA D 504 86.81 -84.71 -26.08
N TRP D 505 86.87 -85.22 -27.31
CA TRP D 505 85.68 -85.43 -28.12
C TRP D 505 85.13 -86.84 -27.99
N THR D 506 86.00 -87.86 -28.07
CA THR D 506 85.53 -89.24 -28.04
C THR D 506 84.84 -89.58 -26.73
N ALA D 507 85.39 -89.11 -25.61
CA ALA D 507 84.77 -89.30 -24.31
C ALA D 507 83.90 -88.13 -23.91
N GLY D 508 83.71 -87.15 -24.79
CA GLY D 508 82.88 -86.01 -24.46
C GLY D 508 81.43 -86.40 -24.25
N THR D 509 80.79 -85.68 -23.34
CA THR D 509 79.37 -85.89 -23.07
C THR D 509 78.56 -85.12 -24.10
N LYS D 510 77.77 -85.85 -24.88
CA LYS D 510 77.17 -85.29 -26.08
C LYS D 510 75.67 -85.55 -26.09
N TYR D 511 74.97 -84.75 -26.88
CA TYR D 511 73.61 -85.06 -27.28
C TYR D 511 73.57 -85.29 -28.78
N HIS D 512 72.55 -86.02 -29.20
CA HIS D 512 72.39 -86.44 -30.59
C HIS D 512 71.15 -85.75 -31.15
N LEU D 513 71.31 -85.03 -32.25
CA LEU D 513 70.20 -84.30 -32.86
C LEU D 513 70.32 -84.40 -34.37
N ASN D 514 69.33 -85.04 -34.99
CA ASN D 514 69.26 -85.20 -36.45
C ASN D 514 70.57 -85.78 -37.01
N GLY D 515 71.02 -86.87 -36.38
CA GLY D 515 72.23 -87.52 -36.81
C GLY D 515 73.49 -86.73 -36.60
N ARG D 516 73.44 -85.64 -35.84
CA ARG D 516 74.58 -84.79 -35.57
C ARG D 516 74.89 -84.86 -34.08
N ASN D 517 76.16 -85.05 -33.76
CA ASN D 517 76.61 -85.09 -32.37
C ASN D 517 77.13 -83.73 -31.97
N SER D 518 76.64 -83.21 -30.85
CA SER D 518 77.11 -81.95 -30.31
C SER D 518 77.40 -82.15 -28.84
N LEU D 519 78.48 -81.54 -28.35
CA LEU D 519 78.80 -81.60 -26.95
C LEU D 519 77.66 -81.01 -26.11
N ALA D 520 77.32 -81.69 -25.01
CA ALA D 520 76.43 -81.12 -24.01
C ALA D 520 77.27 -80.17 -23.17
N ASN D 521 77.55 -79.01 -23.73
CA ASN D 521 78.55 -78.09 -23.22
C ASN D 521 77.92 -76.74 -22.94
N PRO D 522 77.87 -76.28 -21.68
CA PRO D 522 78.39 -77.00 -20.52
C PRO D 522 77.41 -78.01 -19.94
N GLY D 523 76.27 -78.16 -20.59
CA GLY D 523 75.26 -79.09 -20.11
C GLY D 523 74.50 -78.55 -18.92
N ILE D 524 73.76 -79.46 -18.28
CA ILE D 524 72.93 -79.09 -17.15
C ILE D 524 73.81 -78.70 -15.96
N ALA D 525 73.26 -77.87 -15.08
CA ALA D 525 74.00 -77.38 -13.93
C ALA D 525 74.26 -78.52 -12.96
N MET D 526 75.52 -78.94 -12.88
CA MET D 526 75.95 -79.93 -11.90
C MET D 526 77.20 -79.41 -11.21
N ALA D 527 77.41 -79.88 -9.99
CA ALA D 527 78.61 -79.49 -9.25
C ALA D 527 79.85 -79.94 -10.01
N THR D 528 80.82 -79.02 -10.12
CA THR D 528 82.03 -79.31 -10.89
C THR D 528 82.79 -80.48 -10.30
N HIS D 529 82.87 -80.54 -8.97
CA HIS D 529 83.62 -81.59 -8.28
C HIS D 529 83.05 -81.71 -6.89
N LYS D 530 83.41 -82.79 -6.22
CA LYS D 530 83.00 -82.98 -4.83
C LYS D 530 84.07 -82.39 -3.90
N ASP D 531 83.95 -82.66 -2.61
CA ASP D 531 84.87 -82.09 -1.63
C ASP D 531 86.30 -82.54 -1.90
N ASP D 532 87.23 -81.58 -1.81
CA ASP D 532 88.67 -81.85 -1.89
C ASP D 532 89.07 -82.41 -3.25
N GLU D 533 88.36 -82.05 -4.31
CA GLU D 533 88.67 -82.50 -5.66
C GLU D 533 88.64 -81.33 -6.63
N GLU D 534 89.20 -80.19 -6.22
CA GLU D 534 89.17 -79.00 -7.05
C GLU D 534 89.91 -79.20 -8.37
N ARG D 535 90.90 -80.11 -8.40
CA ARG D 535 91.66 -80.35 -9.62
C ARG D 535 90.83 -81.04 -10.69
N PHE D 536 89.67 -81.59 -10.35
CA PHE D 536 88.84 -82.30 -11.31
C PHE D 536 87.76 -81.39 -11.86
N PHE D 537 87.48 -81.51 -13.15
CA PHE D 537 86.38 -80.80 -13.77
C PHE D 537 85.76 -81.69 -14.83
N PRO D 538 84.45 -81.52 -15.07
CA PRO D 538 83.83 -82.23 -16.20
C PRO D 538 84.43 -81.76 -17.52
N SER D 539 84.60 -82.70 -18.45
CA SER D 539 85.37 -82.42 -19.65
C SER D 539 84.74 -81.30 -20.47
N ASN D 540 83.42 -81.29 -20.60
CA ASN D 540 82.72 -80.19 -21.25
C ASN D 540 81.52 -79.77 -20.41
N GLY D 541 81.74 -79.62 -19.11
CA GLY D 541 80.66 -79.31 -18.21
C GLY D 541 80.83 -78.04 -17.40
N ILE D 542 81.79 -77.19 -17.78
CA ILE D 542 82.03 -75.93 -17.11
C ILE D 542 82.24 -74.85 -18.15
N LEU D 543 82.00 -73.61 -17.75
CA LEU D 543 82.39 -72.47 -18.55
C LEU D 543 83.89 -72.25 -18.41
N ILE D 544 84.57 -72.12 -19.53
CA ILE D 544 86.02 -71.88 -19.54
C ILE D 544 86.25 -70.54 -20.23
N PHE D 545 86.75 -69.57 -19.49
CA PHE D 545 87.09 -68.27 -20.04
C PHE D 545 88.59 -68.23 -20.31
N GLY D 546 88.96 -67.50 -21.36
CA GLY D 546 90.35 -67.33 -21.69
C GLY D 546 90.93 -66.12 -20.98
N LYS D 547 92.17 -66.26 -20.52
CA LYS D 547 92.89 -65.12 -20.03
C LYS D 547 93.22 -64.18 -21.19
N GLN D 548 93.63 -62.97 -20.87
CA GLN D 548 93.97 -62.01 -21.91
C GLN D 548 95.09 -62.56 -22.78
N ASN D 549 94.91 -62.42 -24.10
CA ASN D 549 95.86 -62.88 -25.10
C ASN D 549 95.99 -64.41 -25.12
N ALA D 550 94.95 -65.12 -24.67
CA ALA D 550 94.93 -66.56 -24.82
C ALA D 550 94.71 -66.92 -26.29
N ALA D 551 95.37 -67.98 -26.73
CA ALA D 551 95.24 -68.42 -28.11
C ALA D 551 93.83 -68.90 -28.39
N ARG D 552 93.38 -68.66 -29.63
CA ARG D 552 92.07 -69.14 -30.04
C ARG D 552 92.01 -70.66 -30.02
N ASP D 553 93.05 -71.32 -30.52
CA ASP D 553 93.10 -72.78 -30.59
C ASP D 553 94.22 -73.31 -29.73
N ASN D 554 93.92 -74.39 -28.99
CA ASN D 554 94.91 -75.12 -28.19
C ASN D 554 95.62 -74.19 -27.21
N ALA D 555 94.84 -73.37 -26.51
CA ALA D 555 95.39 -72.61 -25.40
C ALA D 555 95.73 -73.55 -24.26
N ASP D 556 96.87 -73.32 -23.62
CA ASP D 556 97.26 -74.15 -22.49
C ASP D 556 96.36 -73.87 -21.30
N TYR D 557 96.40 -74.80 -20.34
CA TYR D 557 95.59 -74.63 -19.13
C TYR D 557 95.93 -73.36 -18.39
N SER D 558 97.18 -72.92 -18.46
CA SER D 558 97.57 -71.68 -17.81
C SER D 558 97.00 -70.45 -18.51
N ASP D 559 96.55 -70.58 -19.75
CA ASP D 559 95.99 -69.47 -20.49
C ASP D 559 94.48 -69.37 -20.39
N VAL D 560 93.82 -70.29 -19.68
CA VAL D 560 92.38 -70.28 -19.58
C VAL D 560 91.99 -70.21 -18.11
N MET D 561 90.74 -69.85 -17.87
CA MET D 561 90.20 -69.67 -16.52
C MET D 561 89.02 -70.62 -16.38
N LEU D 562 89.23 -71.71 -15.65
CA LEU D 562 88.16 -72.66 -15.42
C LEU D 562 87.22 -72.14 -14.35
N THR D 563 85.93 -72.16 -14.63
CA THR D 563 84.95 -71.88 -13.59
C THR D 563 84.68 -73.14 -12.78
N SER D 564 84.06 -72.96 -11.62
CA SER D 564 83.71 -74.08 -10.77
C SER D 564 82.32 -73.86 -10.21
N GLU D 565 81.46 -74.86 -10.37
CA GLU D 565 80.12 -74.84 -9.79
C GLU D 565 80.06 -75.68 -8.53
N GLU D 566 81.13 -75.67 -7.73
CA GLU D 566 81.15 -76.45 -6.49
C GLU D 566 80.15 -75.95 -5.47
N GLU D 567 79.66 -74.72 -5.60
CA GLU D 567 78.69 -74.19 -4.64
C GLU D 567 77.38 -74.96 -4.67
N ILE D 568 77.07 -75.62 -5.77
CA ILE D 568 75.81 -76.34 -5.90
C ILE D 568 75.98 -77.82 -5.56
N LYS D 569 77.09 -78.20 -4.94
CA LYS D 569 77.24 -79.56 -4.40
C LYS D 569 76.11 -79.91 -3.45
N THR D 570 75.58 -78.91 -2.75
CA THR D 570 74.58 -79.15 -1.73
C THR D 570 73.27 -79.66 -2.32
N THR D 571 73.00 -79.34 -3.55
CA THR D 571 71.72 -79.70 -4.16
C THR D 571 71.90 -80.44 -5.49
N ASN D 572 72.90 -80.09 -6.27
CA ASN D 572 73.08 -80.74 -7.56
C ASN D 572 74.11 -81.85 -7.45
N PRO D 573 73.91 -82.95 -8.16
CA PRO D 573 74.92 -84.02 -8.18
C PRO D 573 76.19 -83.54 -8.84
N VAL D 574 77.30 -84.15 -8.44
CA VAL D 574 78.59 -83.83 -9.05
C VAL D 574 78.57 -84.25 -10.51
N ALA D 575 79.08 -83.37 -11.38
CA ALA D 575 78.97 -83.57 -12.82
C ALA D 575 79.66 -84.85 -13.28
N THR D 576 80.70 -85.28 -12.58
CA THR D 576 81.50 -86.42 -13.00
C THR D 576 81.16 -87.68 -12.24
N GLU D 577 80.13 -87.64 -11.41
CA GLU D 577 79.72 -88.81 -10.63
C GLU D 577 78.35 -89.26 -11.08
N GLU D 578 78.03 -90.50 -10.75
CA GLU D 578 76.70 -91.03 -11.02
C GLU D 578 75.65 -90.35 -10.15
N TYR D 579 74.42 -90.29 -10.66
CA TYR D 579 73.34 -89.73 -9.89
C TYR D 579 73.05 -90.58 -8.66
N GLY D 580 73.05 -91.89 -8.82
CA GLY D 580 72.70 -92.77 -7.73
C GLY D 580 72.69 -94.20 -8.17
N ILE D 581 72.02 -95.03 -7.38
CA ILE D 581 71.99 -96.47 -7.60
C ILE D 581 70.54 -96.92 -7.62
N VAL D 582 70.18 -97.74 -8.61
CA VAL D 582 68.86 -98.33 -8.69
C VAL D 582 69.01 -99.84 -8.78
N ALA D 583 67.94 -100.55 -8.42
CA ALA D 583 67.91 -101.99 -8.57
C ALA D 583 67.86 -102.37 -10.05
N ASP D 584 68.58 -103.41 -10.41
CA ASP D 584 68.63 -103.88 -11.78
C ASP D 584 67.89 -105.20 -12.00
N ASN D 585 67.42 -105.84 -10.93
CA ASN D 585 66.76 -107.13 -11.05
C ASN D 585 65.81 -107.31 -9.87
N LEU D 586 65.25 -108.50 -9.75
CA LEU D 586 64.42 -108.88 -8.62
C LEU D 586 65.17 -109.97 -7.85
N GLN D 587 65.65 -109.62 -6.66
CA GLN D 587 66.36 -110.60 -5.86
C GLN D 587 65.43 -111.69 -5.37
N GLN D 588 65.92 -112.91 -5.37
CA GLN D 588 65.24 -114.07 -4.81
C GLN D 588 66.23 -114.83 -3.94
N GLN D 589 65.77 -115.92 -3.33
CA GLN D 589 66.67 -116.73 -2.53
C GLN D 589 67.79 -117.34 -3.36
N ASN D 590 67.63 -117.41 -4.68
CA ASN D 590 68.66 -117.93 -5.56
C ASN D 590 69.38 -116.88 -6.38
N THR D 591 68.84 -115.66 -6.48
CA THR D 591 69.47 -114.60 -7.26
C THR D 591 69.79 -113.44 -6.34
N ALA D 592 71.08 -113.11 -6.22
CA ALA D 592 71.50 -111.99 -5.41
C ALA D 592 71.03 -110.69 -6.05
N PRO D 593 70.68 -109.69 -5.25
CA PRO D 593 70.26 -108.41 -5.81
C PRO D 593 71.37 -107.75 -6.61
N GLN D 594 71.00 -107.15 -7.73
CA GLN D 594 71.93 -106.45 -8.61
C GLN D 594 71.56 -104.98 -8.63
N ILE D 595 72.57 -104.13 -8.73
CA ILE D 595 72.37 -102.68 -8.71
C ILE D 595 72.83 -102.10 -10.03
N GLY D 596 72.14 -101.06 -10.46
CA GLY D 596 72.48 -100.33 -11.66
C GLY D 596 72.94 -98.92 -11.29
N THR D 597 73.99 -98.46 -11.95
CA THR D 597 74.53 -97.13 -11.72
C THR D 597 73.84 -96.14 -12.66
N VAL D 598 73.19 -95.14 -12.08
CA VAL D 598 72.44 -94.15 -12.85
C VAL D 598 73.41 -93.05 -13.26
N ASN D 599 73.82 -93.06 -14.52
CA ASN D 599 74.70 -92.04 -15.06
C ASN D 599 73.95 -90.91 -15.75
N SER D 600 72.65 -91.05 -15.93
CA SER D 600 71.84 -90.00 -16.52
C SER D 600 70.46 -90.09 -15.90
N GLN D 601 70.03 -89.03 -15.24
CA GLN D 601 68.76 -89.01 -14.54
C GLN D 601 67.98 -87.78 -14.95
N GLY D 602 66.83 -87.99 -15.58
CA GLY D 602 65.92 -86.91 -15.87
C GLY D 602 65.14 -86.51 -14.64
N ALA D 603 64.23 -85.56 -14.84
CA ALA D 603 63.48 -84.98 -13.73
C ALA D 603 62.66 -86.04 -13.01
N LEU D 604 62.79 -86.07 -11.69
CA LEU D 604 61.98 -86.89 -10.81
C LEU D 604 61.22 -86.00 -9.85
N PRO D 605 60.02 -86.39 -9.43
CA PRO D 605 59.29 -85.60 -8.44
C PRO D 605 60.09 -85.51 -7.15
N GLY D 606 60.00 -84.35 -6.51
CA GLY D 606 60.78 -84.09 -5.32
C GLY D 606 62.20 -83.68 -5.58
N MET D 607 62.62 -83.57 -6.84
CA MET D 607 63.98 -83.18 -7.15
C MET D 607 64.10 -81.66 -7.08
N VAL D 608 65.21 -81.19 -6.51
CA VAL D 608 65.52 -79.77 -6.45
C VAL D 608 66.94 -79.59 -6.96
N TRP D 609 67.20 -78.42 -7.54
CA TRP D 609 68.53 -78.15 -8.08
C TRP D 609 68.74 -76.65 -8.17
N GLN D 610 70.00 -76.28 -8.33
CA GLN D 610 70.40 -74.91 -8.59
C GLN D 610 70.82 -74.77 -10.04
N ASN D 611 70.64 -73.57 -10.58
CA ASN D 611 71.14 -73.28 -11.91
C ASN D 611 72.64 -73.02 -11.87
N ARG D 612 73.25 -72.99 -13.05
CA ARG D 612 74.64 -72.60 -13.15
C ARG D 612 74.81 -71.16 -12.71
N ASP D 613 75.95 -70.89 -12.08
CA ASP D 613 76.26 -69.54 -11.67
C ASP D 613 76.48 -68.64 -12.88
N VAL D 614 76.23 -67.36 -12.70
CA VAL D 614 76.62 -66.37 -13.69
C VAL D 614 77.97 -65.79 -13.29
N TYR D 615 78.67 -65.23 -14.26
CA TYR D 615 80.01 -64.72 -14.05
C TYR D 615 80.10 -63.32 -14.63
N LEU D 616 81.05 -62.55 -14.08
CA LEU D 616 81.28 -61.20 -14.59
C LEU D 616 81.60 -61.24 -16.08
N GLN D 617 82.36 -62.23 -16.52
CA GLN D 617 82.68 -62.40 -17.93
C GLN D 617 81.63 -63.21 -18.68
N GLY D 618 80.65 -63.77 -17.98
CA GLY D 618 79.72 -64.69 -18.61
C GLY D 618 78.53 -64.02 -19.24
N PRO D 619 77.70 -64.82 -19.92
CA PRO D 619 76.49 -64.27 -20.54
C PRO D 619 75.45 -63.87 -19.52
N ILE D 620 74.57 -62.96 -19.92
CA ILE D 620 73.49 -62.48 -19.07
C ILE D 620 72.19 -63.20 -19.38
N TRP D 621 71.80 -63.25 -20.64
CA TRP D 621 70.51 -63.82 -21.01
C TRP D 621 70.66 -64.68 -22.24
N ALA D 622 69.67 -65.54 -22.45
CA ALA D 622 69.51 -66.26 -23.70
C ALA D 622 68.04 -66.24 -24.07
N LYS D 623 67.78 -66.30 -25.37
CA LYS D 623 66.40 -66.42 -25.83
C LYS D 623 65.94 -67.85 -25.64
N ILE D 624 64.83 -68.02 -24.94
CA ILE D 624 64.20 -69.34 -24.84
C ILE D 624 63.68 -69.68 -26.23
N PRO D 625 64.07 -70.81 -26.81
CA PRO D 625 63.57 -71.16 -28.14
C PRO D 625 62.06 -71.28 -28.12
N HIS D 626 61.43 -70.81 -29.20
CA HIS D 626 59.98 -70.86 -29.33
C HIS D 626 59.59 -72.29 -29.66
N THR D 627 59.24 -73.07 -28.65
CA THR D 627 58.87 -74.46 -28.81
C THR D 627 57.59 -74.74 -28.05
N ASP D 628 56.98 -75.89 -28.34
CA ASP D 628 55.79 -76.32 -27.63
C ASP D 628 56.09 -76.55 -26.16
N GLY D 629 57.21 -77.18 -25.86
CA GLY D 629 57.54 -77.52 -24.49
C GLY D 629 58.99 -77.23 -24.19
N ASN D 630 59.23 -76.81 -22.97
CA ASN D 630 60.58 -76.73 -22.41
C ASN D 630 60.49 -77.14 -20.95
N PHE D 631 61.62 -77.59 -20.42
CA PHE D 631 61.71 -77.92 -19.01
C PHE D 631 62.75 -77.02 -18.37
N HIS D 632 62.33 -76.25 -17.37
CA HIS D 632 63.18 -75.31 -16.66
C HIS D 632 64.00 -74.50 -17.63
N PRO D 633 63.39 -73.58 -18.38
CA PRO D 633 64.11 -72.91 -19.47
C PRO D 633 65.12 -71.90 -18.97
N SER D 634 66.02 -72.33 -18.13
CA SER D 634 67.17 -71.53 -17.74
C SER D 634 68.35 -71.86 -18.63
N PRO D 635 68.98 -70.88 -19.26
CA PRO D 635 70.05 -71.17 -20.21
C PRO D 635 71.18 -71.94 -19.55
N LEU D 636 71.72 -72.90 -20.29
CA LEU D 636 72.67 -73.84 -19.69
C LEU D 636 74.03 -73.19 -19.41
N MET D 637 74.47 -72.25 -20.25
CA MET D 637 75.69 -71.53 -19.92
C MET D 637 75.45 -70.43 -18.89
N GLY D 638 74.28 -70.42 -18.26
CA GLY D 638 74.00 -69.51 -17.19
C GLY D 638 73.28 -68.26 -17.66
N GLY D 639 72.56 -67.64 -16.73
CA GLY D 639 71.89 -66.40 -17.00
C GLY D 639 70.38 -66.54 -16.97
N PHE D 640 69.71 -65.58 -17.59
CA PHE D 640 68.27 -65.47 -17.55
C PHE D 640 67.68 -65.94 -18.87
N GLY D 641 66.78 -66.90 -18.81
CA GLY D 641 66.06 -67.33 -19.98
C GLY D 641 64.88 -66.43 -20.24
N LEU D 642 64.83 -65.82 -21.42
CA LEU D 642 63.78 -64.87 -21.75
C LEU D 642 63.06 -65.31 -23.00
N LYS D 643 61.72 -65.36 -22.93
CA LYS D 643 60.94 -65.58 -24.14
C LYS D 643 61.12 -64.44 -25.12
N HIS D 644 61.20 -63.21 -24.62
CA HIS D 644 61.38 -62.01 -25.42
C HIS D 644 62.61 -61.28 -24.89
N PRO D 645 63.79 -61.70 -25.29
CA PRO D 645 65.02 -61.11 -24.76
C PRO D 645 65.22 -59.72 -25.33
N PRO D 646 66.25 -58.99 -24.89
CA PRO D 646 66.58 -57.73 -25.53
C PRO D 646 66.75 -57.94 -27.02
N PRO D 647 66.09 -57.14 -27.85
CA PRO D 647 66.10 -57.39 -29.29
C PRO D 647 67.48 -57.19 -29.88
N GLN D 648 67.76 -57.95 -30.94
CA GLN D 648 68.99 -57.74 -31.68
C GLN D 648 68.97 -56.34 -32.31
N ILE D 649 70.08 -55.64 -32.18
CA ILE D 649 70.25 -54.31 -32.74
C ILE D 649 71.19 -54.46 -33.93
N LEU D 650 70.64 -54.32 -35.13
CA LEU D 650 71.39 -54.52 -36.36
C LEU D 650 71.82 -53.17 -36.89
N ILE D 651 73.08 -53.07 -37.31
CA ILE D 651 73.64 -51.82 -37.79
C ILE D 651 74.42 -52.10 -39.06
N LYS D 652 74.33 -51.20 -40.03
CA LYS D 652 75.02 -51.36 -41.29
C LYS D 652 75.37 -50.00 -41.85
N ASN D 653 76.54 -49.91 -42.46
CA ASN D 653 76.87 -48.74 -43.27
C ASN D 653 76.07 -48.80 -44.57
N THR D 654 75.31 -47.75 -44.83
CA THR D 654 74.56 -47.70 -46.08
C THR D 654 75.54 -47.67 -47.24
N PRO D 655 75.40 -48.56 -48.23
CA PRO D 655 76.33 -48.54 -49.36
C PRO D 655 76.26 -47.22 -50.11
N VAL D 656 77.43 -46.68 -50.41
CA VAL D 656 77.55 -45.47 -51.21
C VAL D 656 78.24 -45.84 -52.51
N PRO D 657 77.53 -45.90 -53.62
CA PRO D 657 78.15 -46.31 -54.88
C PRO D 657 79.25 -45.35 -55.29
N ALA D 658 80.30 -45.91 -55.90
CA ALA D 658 81.24 -45.08 -56.63
C ALA D 658 80.56 -44.56 -57.90
N ASP D 659 81.31 -43.83 -58.72
CA ASP D 659 80.69 -43.23 -59.89
C ASP D 659 80.18 -44.30 -60.83
N PRO D 660 78.89 -44.33 -61.14
CA PRO D 660 78.36 -45.31 -62.09
C PRO D 660 78.78 -44.95 -63.50
N PRO D 661 78.69 -45.90 -64.44
CA PRO D 661 78.97 -45.56 -65.83
C PRO D 661 77.97 -44.55 -66.36
N THR D 662 78.37 -43.84 -67.41
CA THR D 662 77.51 -42.83 -68.00
C THR D 662 76.50 -43.41 -68.99
N THR D 663 76.59 -44.71 -69.27
CA THR D 663 75.59 -45.42 -70.04
C THR D 663 74.92 -46.45 -69.14
N PHE D 664 73.61 -46.59 -69.29
CA PHE D 664 72.85 -47.42 -68.35
C PHE D 664 73.29 -48.87 -68.42
N ASN D 665 73.46 -49.47 -67.24
CA ASN D 665 73.71 -50.89 -67.10
C ASN D 665 72.74 -51.44 -66.06
N GLN D 666 72.02 -52.50 -66.42
CA GLN D 666 71.03 -53.06 -65.52
C GLN D 666 71.65 -53.82 -64.37
N SER D 667 72.92 -54.20 -64.48
CA SER D 667 73.56 -54.99 -63.45
C SER D 667 73.65 -54.21 -62.15
N LYS D 668 73.53 -54.93 -61.04
CA LYS D 668 73.67 -54.29 -59.73
C LYS D 668 75.06 -53.69 -59.60
N LEU D 669 75.13 -52.54 -58.94
CA LEU D 669 76.41 -51.87 -58.77
C LEU D 669 77.28 -52.64 -57.79
N ASN D 670 78.53 -52.86 -58.15
CA ASN D 670 79.49 -53.51 -57.28
C ASN D 670 80.67 -52.61 -56.93
N SER D 671 80.72 -51.39 -57.46
CA SER D 671 81.77 -50.44 -57.16
C SER D 671 81.23 -49.48 -56.11
N PHE D 672 81.78 -49.57 -54.90
CA PHE D 672 81.32 -48.77 -53.79
C PHE D 672 82.47 -47.98 -53.18
N ILE D 673 82.12 -46.83 -52.63
CA ILE D 673 83.08 -46.04 -51.89
C ILE D 673 83.43 -46.78 -50.61
N THR D 674 84.73 -46.98 -50.38
CA THR D 674 85.18 -47.67 -49.18
C THR D 674 84.85 -46.82 -47.96
N GLN D 675 84.21 -47.43 -46.97
CA GLN D 675 83.56 -46.64 -45.96
C GLN D 675 83.47 -47.43 -44.67
N TYR D 676 83.59 -46.74 -43.55
CA TYR D 676 83.33 -47.33 -42.24
C TYR D 676 82.75 -46.25 -41.35
N SER D 677 82.06 -46.68 -40.30
CA SER D 677 81.46 -45.75 -39.36
C SER D 677 81.99 -46.02 -37.97
N THR D 678 82.00 -44.97 -37.16
CA THR D 678 82.34 -45.07 -35.76
C THR D 678 81.36 -44.20 -34.99
N GLY D 679 81.20 -44.52 -33.71
CA GLY D 679 80.31 -43.77 -32.88
C GLY D 679 80.38 -44.27 -31.46
N GLN D 680 79.45 -43.77 -30.65
CA GLN D 680 79.35 -44.19 -29.28
C GLN D 680 78.05 -44.96 -29.08
N VAL D 681 78.11 -45.98 -28.24
CA VAL D 681 76.94 -46.78 -27.90
C VAL D 681 76.79 -46.73 -26.38
N SER D 682 75.57 -46.44 -25.92
CA SER D 682 75.26 -46.44 -24.51
C SER D 682 74.19 -47.48 -24.24
N VAL D 683 74.42 -48.32 -23.26
CA VAL D 683 73.41 -49.26 -22.79
C VAL D 683 73.26 -49.07 -21.28
N GLU D 684 72.02 -48.84 -20.85
CA GLU D 684 71.70 -48.68 -19.45
C GLU D 684 70.76 -49.79 -19.05
N ILE D 685 71.14 -50.57 -18.05
CA ILE D 685 70.31 -51.65 -17.55
C ILE D 685 70.01 -51.37 -16.08
N GLU D 686 68.73 -51.43 -15.73
CA GLU D 686 68.30 -51.37 -14.35
C GLU D 686 68.13 -52.80 -13.84
N TRP D 687 68.81 -53.13 -12.75
CA TRP D 687 68.74 -54.43 -12.13
C TRP D 687 68.02 -54.33 -10.80
N GLU D 688 67.13 -55.27 -10.54
CA GLU D 688 66.50 -55.40 -9.24
C GLU D 688 67.34 -56.33 -8.38
N LEU D 689 67.50 -55.96 -7.11
CA LEU D 689 68.33 -56.71 -6.18
C LEU D 689 67.47 -57.44 -5.16
N GLN D 690 67.88 -58.64 -4.80
CA GLN D 690 67.33 -59.36 -3.66
C GLN D 690 68.31 -59.22 -2.50
N LYS D 691 67.97 -58.37 -1.54
CA LYS D 691 68.82 -58.18 -0.39
C LYS D 691 68.85 -59.43 0.48
N GLU D 692 70.03 -59.75 0.99
CA GLU D 692 70.16 -60.89 1.90
C GLU D 692 69.57 -60.52 3.26
N ASN D 693 68.69 -61.38 3.76
CA ASN D 693 68.11 -61.22 5.08
C ASN D 693 68.46 -62.47 5.88
N SER D 694 69.65 -62.47 6.46
CA SER D 694 70.25 -63.66 7.03
C SER D 694 70.52 -63.46 8.52
N LYS D 695 70.24 -64.49 9.30
CA LYS D 695 70.54 -64.50 10.72
C LYS D 695 71.79 -65.28 11.04
N ARG D 696 72.60 -65.58 10.03
CA ARG D 696 73.89 -66.23 10.24
C ARG D 696 74.74 -65.39 11.19
N TRP D 697 75.36 -66.06 12.16
CA TRP D 697 76.14 -65.34 13.16
C TRP D 697 77.57 -65.09 12.68
N ASN D 698 78.23 -66.13 12.17
CA ASN D 698 79.61 -66.01 11.76
C ASN D 698 79.72 -65.26 10.44
N PRO D 699 80.87 -64.65 10.17
CA PRO D 699 81.01 -63.88 8.92
C PRO D 699 80.88 -64.77 7.69
N GLU D 700 80.35 -64.17 6.62
CA GLU D 700 80.17 -64.86 5.36
C GLU D 700 81.47 -64.85 4.56
N ILE D 701 81.50 -65.70 3.54
CA ILE D 701 82.55 -65.63 2.53
C ILE D 701 82.23 -64.48 1.59
N GLN D 702 83.23 -63.65 1.32
CA GLN D 702 83.07 -62.50 0.45
C GLN D 702 84.14 -62.55 -0.63
N TYR D 703 83.80 -62.06 -1.81
CA TYR D 703 84.83 -61.87 -2.80
C TYR D 703 85.69 -60.68 -2.41
N THR D 704 86.99 -60.88 -2.38
CA THR D 704 87.91 -59.83 -1.98
C THR D 704 89.12 -59.86 -2.91
N SER D 705 89.71 -58.69 -3.13
CA SER D 705 91.00 -58.65 -3.80
C SER D 705 92.08 -59.12 -2.83
N ASN D 706 93.14 -59.66 -3.39
CA ASN D 706 94.26 -60.10 -2.57
C ASN D 706 94.97 -58.91 -1.95
N TYR D 707 95.28 -59.00 -0.67
CA TYR D 707 95.92 -57.91 0.02
C TYR D 707 97.42 -57.81 -0.32
N TYR D 708 98.03 -58.94 -0.65
CA TYR D 708 99.48 -58.98 -0.84
C TYR D 708 99.88 -58.23 -2.10
N LYS D 709 101.12 -57.76 -2.12
CA LYS D 709 101.62 -56.94 -3.22
C LYS D 709 101.73 -57.76 -4.50
N SER D 710 101.67 -57.06 -5.63
CA SER D 710 101.76 -57.71 -6.93
C SER D 710 102.28 -56.72 -7.94
N THR D 711 102.75 -57.26 -9.07
CA THR D 711 103.30 -56.41 -10.13
C THR D 711 102.25 -55.47 -10.68
N SER D 712 101.02 -55.94 -10.81
CA SER D 712 99.93 -55.14 -11.37
C SER D 712 98.70 -55.31 -10.52
N VAL D 713 97.81 -54.32 -10.61
CA VAL D 713 96.52 -54.39 -9.94
C VAL D 713 95.60 -55.32 -10.72
N ASP D 714 94.94 -56.23 -10.02
CA ASP D 714 93.97 -57.10 -10.66
C ASP D 714 92.79 -56.28 -11.18
N PHE D 715 92.31 -56.64 -12.36
CA PHE D 715 91.24 -55.92 -13.05
C PHE D 715 91.64 -54.47 -13.29
N ALA D 716 92.85 -54.30 -13.80
CA ALA D 716 93.37 -53.00 -14.21
C ALA D 716 94.16 -53.19 -15.48
N VAL D 717 94.77 -52.13 -15.94
CA VAL D 717 95.62 -52.19 -17.13
C VAL D 717 97.05 -52.47 -16.69
N ASN D 718 97.82 -53.06 -17.59
CA ASN D 718 99.23 -53.27 -17.34
C ASN D 718 100.01 -52.07 -17.90
N THR D 719 101.34 -52.21 -17.98
CA THR D 719 102.15 -51.11 -18.47
C THR D 719 101.94 -50.81 -19.94
N GLU D 720 101.33 -51.74 -20.69
CA GLU D 720 101.07 -51.54 -22.11
C GLU D 720 99.65 -51.07 -22.39
N GLY D 721 98.86 -50.81 -21.35
CA GLY D 721 97.50 -50.36 -21.55
C GLY D 721 96.49 -51.46 -21.77
N VAL D 722 96.87 -52.72 -21.60
CA VAL D 722 95.98 -53.85 -21.84
C VAL D 722 95.19 -54.11 -20.57
N TYR D 723 93.88 -54.01 -20.65
CA TYR D 723 93.02 -54.40 -19.55
C TYR D 723 92.84 -55.91 -19.56
N SER D 724 92.95 -56.51 -18.38
CA SER D 724 92.81 -57.95 -18.26
C SER D 724 91.93 -58.29 -17.06
N GLU D 725 91.18 -59.38 -17.20
CA GLU D 725 90.42 -59.93 -16.09
C GLU D 725 91.14 -61.17 -15.60
N PRO D 726 91.77 -61.14 -14.42
CA PRO D 726 92.67 -62.24 -14.05
C PRO D 726 91.95 -63.52 -13.68
N ARG D 727 90.70 -63.46 -13.25
CA ARG D 727 89.97 -64.64 -12.83
C ARG D 727 88.51 -64.46 -13.17
N PRO D 728 87.77 -65.57 -13.31
CA PRO D 728 86.31 -65.46 -13.44
C PRO D 728 85.68 -65.29 -12.08
N ILE D 729 85.01 -64.17 -11.88
CA ILE D 729 84.33 -63.91 -10.61
C ILE D 729 82.92 -64.47 -10.71
N GLY D 730 82.64 -65.48 -9.91
CA GLY D 730 81.29 -66.02 -9.84
C GLY D 730 80.37 -65.07 -9.12
N THR D 731 79.26 -65.59 -8.64
CA THR D 731 78.24 -64.75 -8.03
C THR D 731 77.83 -65.26 -6.66
N ARG D 732 78.19 -66.49 -6.30
CA ARG D 732 77.67 -67.14 -5.11
C ARG D 732 78.71 -67.08 -3.99
N TYR D 733 78.57 -66.09 -3.14
CA TYR D 733 79.42 -65.92 -1.97
C TYR D 733 78.63 -65.90 -0.67
N LEU D 734 77.48 -65.23 -0.65
CA LEU D 734 76.60 -65.29 0.50
C LEU D 734 75.96 -66.66 0.58
N THR D 735 75.37 -66.95 1.74
CA THR D 735 74.79 -68.27 1.99
C THR D 735 73.33 -68.16 2.38
N ARG D 736 72.58 -69.20 2.06
CA ARG D 736 71.22 -69.38 2.51
C ARG D 736 71.05 -70.80 3.02
N ASN D 737 70.10 -70.98 3.93
CA ASN D 737 69.65 -72.31 4.27
C ASN D 737 68.86 -72.89 3.10
N LEU D 738 68.76 -74.21 3.07
CA LEU D 738 67.96 -74.86 2.05
C LEU D 738 66.48 -74.75 2.39
N GLY E 221 6.88 -80.59 -32.92
CA GLY E 221 5.84 -81.18 -33.75
C GLY E 221 6.34 -82.31 -34.63
N VAL E 222 5.44 -83.25 -34.93
CA VAL E 222 5.79 -84.37 -35.78
C VAL E 222 6.16 -83.90 -37.18
N GLY E 223 5.40 -82.96 -37.73
CA GLY E 223 5.57 -82.51 -39.09
C GLY E 223 6.42 -81.29 -39.28
N SER E 224 7.18 -80.87 -38.28
CA SER E 224 8.05 -79.70 -38.40
C SER E 224 9.48 -80.09 -38.08
N SER E 225 10.41 -79.60 -38.88
CA SER E 225 11.83 -79.85 -38.66
C SER E 225 12.29 -79.15 -37.38
N SER E 226 13.13 -79.84 -36.61
CA SER E 226 13.67 -79.30 -35.38
C SER E 226 15.05 -78.67 -35.56
N GLY E 227 15.55 -78.62 -36.79
CA GLY E 227 16.83 -77.98 -37.03
C GLY E 227 17.17 -78.07 -38.50
N ASN E 228 18.12 -77.24 -38.90
CA ASN E 228 18.56 -77.15 -40.28
C ASN E 228 19.95 -77.75 -40.44
N TRP E 229 20.28 -78.06 -41.68
CA TRP E 229 21.59 -78.57 -42.02
C TRP E 229 22.59 -77.43 -42.03
N HIS E 230 23.64 -77.54 -41.21
CA HIS E 230 24.65 -76.50 -41.07
C HIS E 230 26.03 -77.13 -41.24
N CYS E 231 26.48 -77.22 -42.48
CA CYS E 231 27.85 -77.55 -42.80
C CYS E 231 28.48 -76.33 -43.45
N ASP E 232 29.53 -75.80 -42.84
CA ASP E 232 30.12 -74.56 -43.30
C ASP E 232 31.41 -74.32 -42.55
N SER E 233 32.21 -73.40 -43.07
CA SER E 233 33.37 -72.89 -42.36
C SER E 233 33.49 -71.41 -42.71
N THR E 234 33.47 -70.57 -41.68
CA THR E 234 33.57 -69.13 -41.86
C THR E 234 34.89 -68.67 -41.28
N TRP E 235 35.73 -68.08 -42.12
CA TRP E 235 37.01 -67.52 -41.71
C TRP E 235 36.83 -66.02 -41.52
N LEU E 236 37.06 -65.55 -40.31
CA LEU E 236 36.84 -64.14 -39.98
C LEU E 236 37.95 -63.70 -39.05
N GLY E 237 38.92 -62.97 -39.60
CA GLY E 237 40.02 -62.48 -38.78
C GLY E 237 40.87 -63.61 -38.27
N ASP E 238 41.07 -63.63 -36.95
CA ASP E 238 41.86 -64.65 -36.28
C ASP E 238 41.03 -65.83 -35.83
N ARG E 239 39.79 -65.95 -36.31
CA ARG E 239 38.92 -67.06 -35.97
C ARG E 239 38.51 -67.80 -37.23
N VAL E 240 38.32 -69.10 -37.09
CA VAL E 240 37.61 -69.89 -38.08
C VAL E 240 36.54 -70.69 -37.34
N ILE E 241 35.31 -70.62 -37.82
CA ILE E 241 34.19 -71.33 -37.22
C ILE E 241 33.81 -72.45 -38.16
N THR E 242 34.14 -73.68 -37.79
CA THR E 242 33.72 -74.84 -38.54
C THR E 242 32.41 -75.36 -37.96
N THR E 243 31.44 -75.60 -38.82
CA THR E 243 30.22 -76.27 -38.43
C THR E 243 29.99 -77.43 -39.36
N SER E 244 29.62 -78.57 -38.79
CA SER E 244 29.43 -79.77 -39.59
C SER E 244 28.17 -80.48 -39.12
N THR E 245 27.36 -80.91 -40.09
CA THR E 245 26.16 -81.67 -39.82
C THR E 245 26.30 -83.04 -40.45
N ARG E 246 25.87 -84.06 -39.73
CA ARG E 246 25.88 -85.42 -40.25
C ARG E 246 24.56 -86.09 -39.89
N THR E 247 24.19 -87.08 -40.69
CA THR E 247 23.07 -87.95 -40.38
C THR E 247 23.60 -89.18 -39.66
N TRP E 248 23.02 -89.47 -38.50
CA TRP E 248 23.44 -90.60 -37.71
C TRP E 248 22.31 -91.62 -37.62
N ALA E 249 22.68 -92.85 -37.28
CA ALA E 249 21.73 -93.91 -36.97
C ALA E 249 22.16 -94.58 -35.69
N LEU E 250 21.24 -94.65 -34.73
CA LEU E 250 21.55 -95.26 -33.45
C LEU E 250 20.74 -96.54 -33.28
N PRO E 251 21.37 -97.70 -33.27
CA PRO E 251 20.64 -98.94 -32.99
C PRO E 251 20.39 -99.08 -31.50
N THR E 252 19.63 -100.12 -31.17
CA THR E 252 19.56 -100.56 -29.78
C THR E 252 20.78 -101.42 -29.49
N TYR E 253 21.58 -101.01 -28.53
CA TYR E 253 22.79 -101.73 -28.17
C TYR E 253 22.51 -102.64 -26.99
N ASN E 254 23.11 -103.83 -27.02
CA ASN E 254 23.12 -104.76 -25.89
C ASN E 254 21.73 -105.25 -25.51
N ASN E 255 20.73 -105.05 -26.37
CA ASN E 255 19.34 -105.34 -26.02
C ASN E 255 18.92 -104.61 -24.75
N HIS E 256 19.33 -103.33 -24.66
CA HIS E 256 19.03 -102.44 -23.55
C HIS E 256 19.69 -102.86 -22.24
N LEU E 257 20.68 -103.74 -22.28
CA LEU E 257 21.29 -104.28 -21.07
C LEU E 257 22.67 -103.70 -20.84
N TYR E 258 23.05 -103.65 -19.56
CA TYR E 258 24.44 -103.47 -19.18
C TYR E 258 25.06 -104.85 -19.01
N LYS E 259 26.14 -105.11 -19.72
CA LYS E 259 26.80 -106.39 -19.65
C LYS E 259 28.21 -106.21 -19.13
N GLN E 260 28.57 -107.01 -18.12
CA GLN E 260 29.95 -107.09 -17.72
C GLN E 260 30.75 -107.79 -18.81
N ILE E 261 31.87 -107.20 -19.19
CA ILE E 261 32.75 -107.74 -20.21
C ILE E 261 34.13 -107.92 -19.61
N SER E 262 34.82 -108.98 -19.99
CA SER E 262 36.11 -109.30 -19.42
C SER E 262 36.96 -110.02 -20.44
N ASN E 263 38.25 -110.10 -20.14
CA ASN E 263 39.19 -110.87 -20.92
C ASN E 263 40.29 -111.31 -19.97
N GLY E 264 40.51 -112.63 -19.88
CA GLY E 264 41.50 -113.18 -18.98
C GLY E 264 42.57 -113.94 -19.75
N THR E 265 43.47 -114.53 -18.98
CA THR E 265 44.57 -115.30 -19.55
C THR E 265 44.15 -116.74 -19.82
N ALA E 269 44.36 -115.25 -24.28
CA ALA E 269 44.84 -113.88 -24.20
C ALA E 269 45.99 -113.77 -23.21
N THR E 270 46.90 -112.83 -23.47
CA THR E 270 48.01 -112.59 -22.56
C THR E 270 47.59 -111.65 -21.44
N ASN E 271 48.41 -111.62 -20.39
CA ASN E 271 48.12 -110.72 -19.27
C ASN E 271 48.13 -109.26 -19.70
N ASP E 272 48.91 -108.93 -20.72
CA ASP E 272 48.97 -107.55 -21.20
C ASP E 272 47.64 -107.08 -21.76
N ASN E 273 46.76 -107.99 -22.17
CA ASN E 273 45.52 -107.63 -22.83
C ASN E 273 44.29 -107.93 -21.97
N THR E 274 44.47 -108.24 -20.69
CA THR E 274 43.32 -108.51 -19.83
C THR E 274 42.57 -107.22 -19.53
N TYR E 275 41.27 -107.36 -19.31
CA TYR E 275 40.47 -106.20 -18.91
C TYR E 275 39.21 -106.68 -18.21
N PHE E 276 38.64 -105.78 -17.42
CA PHE E 276 37.32 -105.93 -16.86
C PHE E 276 36.59 -104.61 -17.08
N GLY E 277 35.37 -104.69 -17.56
CA GLY E 277 34.63 -103.48 -17.82
C GLY E 277 33.17 -103.78 -18.04
N TYR E 278 32.47 -102.79 -18.59
CA TYR E 278 31.05 -102.92 -18.81
C TYR E 278 30.69 -102.41 -20.19
N SER E 279 29.87 -103.18 -20.89
CA SER E 279 29.23 -102.73 -22.11
C SER E 279 27.88 -102.13 -21.72
N THR E 280 27.60 -100.94 -22.23
CA THR E 280 26.37 -100.26 -21.90
C THR E 280 25.43 -100.23 -23.11
N PRO E 281 24.13 -100.10 -22.89
CA PRO E 281 23.21 -99.93 -24.02
C PRO E 281 23.23 -98.55 -24.65
N TRP E 282 24.16 -97.68 -24.24
CA TRP E 282 24.20 -96.32 -24.70
C TRP E 282 25.17 -96.17 -25.88
N GLY E 283 24.80 -95.34 -26.82
CA GLY E 283 25.75 -94.83 -27.78
C GLY E 283 26.34 -93.52 -27.31
N TYR E 284 27.33 -93.05 -28.06
CA TYR E 284 27.92 -91.75 -27.74
C TYR E 284 28.36 -91.07 -29.02
N PHE E 285 28.35 -89.75 -28.99
CA PHE E 285 28.75 -88.95 -30.14
C PHE E 285 30.21 -88.58 -30.03
N ASP E 286 30.96 -88.85 -31.08
CA ASP E 286 32.38 -88.54 -31.14
C ASP E 286 32.63 -87.63 -32.33
N PHE E 287 33.28 -86.50 -32.07
CA PHE E 287 33.75 -85.62 -33.13
C PHE E 287 35.17 -85.18 -32.81
N ASN E 288 35.96 -86.12 -32.29
CA ASN E 288 37.32 -85.87 -31.85
C ASN E 288 38.34 -86.15 -32.93
N ARG E 289 37.98 -85.92 -34.18
CA ARG E 289 38.93 -85.94 -35.29
C ARG E 289 38.78 -84.66 -36.07
N PHE E 290 39.91 -84.16 -36.61
CA PHE E 290 39.89 -82.86 -37.26
C PHE E 290 39.05 -82.89 -38.53
N HIS E 291 39.01 -84.01 -39.24
CA HIS E 291 38.23 -84.05 -40.47
C HIS E 291 36.73 -84.09 -40.21
N CYS E 292 36.30 -84.27 -38.96
CA CYS E 292 34.89 -84.07 -38.63
C CYS E 292 34.47 -82.62 -38.77
N HIS E 293 35.42 -81.70 -38.77
CA HIS E 293 35.15 -80.28 -38.76
C HIS E 293 35.78 -79.54 -39.93
N PHE E 294 36.97 -79.93 -40.35
CA PHE E 294 37.67 -79.26 -41.43
C PHE E 294 37.55 -80.09 -42.70
N SER E 295 37.06 -79.46 -43.76
CA SER E 295 37.22 -80.03 -45.08
C SER E 295 38.70 -80.01 -45.46
N PRO E 296 39.12 -80.87 -46.39
CA PRO E 296 40.53 -80.84 -46.80
C PRO E 296 40.99 -79.48 -47.28
N ARG E 297 40.13 -78.75 -48.00
CA ARG E 297 40.46 -77.40 -48.42
C ARG E 297 40.55 -76.46 -47.23
N ASP E 298 39.65 -76.60 -46.26
CA ASP E 298 39.75 -75.79 -45.04
C ASP E 298 41.00 -76.12 -44.27
N TRP E 299 41.36 -77.40 -44.20
CA TRP E 299 42.60 -77.80 -43.56
C TRP E 299 43.81 -77.16 -44.26
N GLN E 300 43.78 -77.14 -45.60
CA GLN E 300 44.84 -76.48 -46.35
C GLN E 300 44.91 -75.00 -46.02
N ARG E 301 43.76 -74.33 -45.99
CA ARG E 301 43.71 -72.92 -45.61
C ARG E 301 44.33 -72.71 -44.23
N LEU E 302 44.00 -73.60 -43.29
CA LEU E 302 44.51 -73.46 -41.94
C LEU E 302 46.02 -73.65 -41.89
N ILE E 303 46.52 -74.73 -42.47
CA ILE E 303 47.92 -75.10 -42.28
C ILE E 303 48.87 -74.30 -43.16
N ASN E 304 48.41 -73.75 -44.28
CA ASN E 304 49.31 -73.00 -45.15
C ASN E 304 49.47 -71.55 -44.73
N ASN E 305 48.67 -71.07 -43.78
CA ASN E 305 48.61 -69.66 -43.49
C ASN E 305 48.69 -69.31 -42.02
N ASN E 306 48.72 -70.29 -41.13
CA ASN E 306 48.68 -70.02 -39.70
C ASN E 306 49.81 -70.73 -39.00
N TRP E 307 50.42 -70.04 -38.04
CA TRP E 307 51.45 -70.65 -37.20
C TRP E 307 50.86 -71.51 -36.10
N GLY E 308 49.58 -71.34 -35.80
CA GLY E 308 48.98 -72.10 -34.73
C GLY E 308 47.49 -71.93 -34.72
N PHE E 309 46.82 -72.83 -33.99
CA PHE E 309 45.38 -72.76 -33.83
C PHE E 309 45.03 -73.51 -32.56
N ARG E 310 43.83 -73.23 -32.05
CA ARG E 310 43.34 -73.92 -30.87
C ARG E 310 41.83 -73.78 -30.84
N PRO E 311 41.11 -74.77 -30.32
CA PRO E 311 39.67 -74.63 -30.19
C PRO E 311 39.32 -73.63 -29.10
N LYS E 312 38.23 -72.92 -29.30
CA LYS E 312 37.75 -71.92 -28.35
C LYS E 312 36.44 -72.31 -27.70
N ARG E 313 35.44 -72.65 -28.51
CA ARG E 313 34.14 -73.02 -28.00
C ARG E 313 33.51 -73.98 -28.99
N LEU E 314 32.53 -74.74 -28.51
CA LEU E 314 31.77 -75.59 -29.40
C LEU E 314 30.30 -75.53 -29.04
N SER E 315 29.46 -75.71 -30.05
CA SER E 315 28.04 -75.91 -29.86
C SER E 315 27.65 -77.20 -30.57
N PHE E 316 26.78 -77.97 -29.93
CA PHE E 316 26.40 -79.29 -30.39
C PHE E 316 24.89 -79.33 -30.48
N LYS E 317 24.36 -79.95 -31.53
CA LYS E 317 22.93 -80.02 -31.71
C LYS E 317 22.51 -81.40 -32.20
N LEU E 318 21.44 -81.91 -31.60
CA LEU E 318 20.76 -83.10 -32.08
C LEU E 318 19.35 -82.68 -32.49
N PHE E 319 18.92 -83.09 -33.68
CA PHE E 319 17.65 -82.60 -34.18
C PHE E 319 17.16 -83.54 -35.29
N ASN E 320 15.92 -83.32 -35.70
CA ASN E 320 15.27 -84.14 -36.72
C ASN E 320 15.34 -85.61 -36.35
N ILE E 321 15.04 -85.90 -35.09
CA ILE E 321 15.12 -87.25 -34.57
C ILE E 321 13.95 -88.05 -35.10
N GLN E 322 14.23 -89.25 -35.61
CA GLN E 322 13.22 -90.18 -36.05
C GLN E 322 13.49 -91.51 -35.38
N VAL E 323 12.54 -91.97 -34.58
CA VAL E 323 12.62 -93.29 -33.97
C VAL E 323 11.76 -94.23 -34.78
N LYS E 324 12.35 -95.33 -35.24
CA LYS E 324 11.70 -96.22 -36.17
C LYS E 324 11.56 -97.61 -35.58
N GLU E 325 10.41 -98.22 -35.79
CA GLU E 325 10.12 -99.57 -35.34
C GLU E 325 10.26 -100.52 -36.52
N VAL E 326 10.97 -101.62 -36.31
CA VAL E 326 11.16 -102.63 -37.33
C VAL E 326 10.55 -103.94 -36.83
N THR E 327 9.70 -104.54 -37.66
CA THR E 327 9.01 -105.77 -37.29
C THR E 327 9.45 -106.94 -38.16
N LYS E 333 10.32 -107.95 -43.42
CA LYS E 333 10.72 -106.85 -42.56
C LYS E 333 10.11 -105.54 -43.01
N THR E 334 9.40 -104.87 -42.11
CA THR E 334 8.84 -103.56 -42.36
C THR E 334 9.34 -102.58 -41.31
N ILE E 335 9.68 -101.37 -41.76
CA ILE E 335 10.15 -100.31 -40.88
C ILE E 335 9.09 -99.22 -40.86
N ALA E 336 8.65 -98.85 -39.66
CA ALA E 336 7.62 -97.85 -39.49
C ALA E 336 8.08 -96.82 -38.46
N ASN E 337 7.54 -95.62 -38.59
CA ASN E 337 7.80 -94.58 -37.59
C ASN E 337 7.11 -94.94 -36.28
N ASN E 338 7.83 -94.72 -35.17
CA ASN E 338 7.25 -94.86 -33.82
C ASN E 338 7.22 -93.43 -33.29
N LEU E 339 6.15 -92.68 -33.57
CA LEU E 339 6.11 -91.25 -33.29
C LEU E 339 6.21 -90.93 -31.80
N THR E 340 5.77 -91.85 -30.94
CA THR E 340 5.75 -91.63 -29.51
C THR E 340 6.99 -92.16 -28.80
N SER E 341 7.92 -92.76 -29.52
CA SER E 341 9.14 -93.27 -28.91
C SER E 341 10.13 -92.14 -28.66
N THR E 342 10.99 -92.34 -27.68
CA THR E 342 11.96 -91.33 -27.29
C THR E 342 13.38 -91.87 -27.41
N ILE E 343 14.31 -90.94 -27.53
CA ILE E 343 15.72 -91.19 -27.29
C ILE E 343 16.11 -90.40 -26.05
N GLN E 344 17.13 -90.89 -25.35
CA GLN E 344 17.65 -90.21 -24.18
C GLN E 344 19.04 -89.69 -24.51
N VAL E 345 19.27 -88.41 -24.25
CA VAL E 345 20.55 -87.76 -24.50
C VAL E 345 20.96 -87.02 -23.24
N PHE E 346 22.20 -87.19 -22.84
CA PHE E 346 22.76 -86.35 -21.81
C PHE E 346 24.26 -86.18 -22.05
N THR E 347 24.79 -85.08 -21.56
CA THR E 347 26.23 -84.84 -21.58
C THR E 347 26.79 -85.07 -20.19
N ASP E 348 27.91 -85.80 -20.12
CA ASP E 348 28.62 -85.98 -18.86
C ASP E 348 29.42 -84.71 -18.58
N SER E 349 28.68 -83.66 -18.22
CA SER E 349 29.28 -82.34 -18.06
C SER E 349 30.16 -82.26 -16.82
N GLU E 350 29.90 -83.09 -15.82
CA GLU E 350 30.73 -83.14 -14.62
C GLU E 350 31.85 -84.16 -14.74
N TYR E 351 31.99 -84.83 -15.88
CA TYR E 351 33.05 -85.81 -16.12
C TYR E 351 33.01 -86.92 -15.07
N GLN E 352 31.80 -87.36 -14.75
CA GLN E 352 31.61 -88.42 -13.77
C GLN E 352 31.65 -89.81 -14.39
N LEU E 353 31.62 -89.90 -15.65
CA LEU E 353 31.73 -91.18 -16.33
C LEU E 353 33.15 -91.40 -16.81
N PRO E 354 33.56 -92.66 -16.96
CA PRO E 354 34.85 -92.93 -17.62
C PRO E 354 34.88 -92.29 -19.00
N TYR E 355 35.92 -91.49 -19.24
CA TYR E 355 36.03 -90.72 -20.47
C TYR E 355 36.72 -91.59 -21.51
N VAL E 356 35.94 -92.09 -22.47
CA VAL E 356 36.48 -92.97 -23.50
C VAL E 356 36.80 -92.25 -24.79
N LEU E 357 36.41 -90.98 -24.91
CA LEU E 357 36.94 -90.18 -26.00
C LEU E 357 38.43 -89.94 -25.78
N GLY E 358 39.11 -89.57 -26.86
CA GLY E 358 40.54 -89.42 -26.75
C GLY E 358 41.30 -90.72 -26.67
N SER E 359 40.72 -91.82 -27.16
CA SER E 359 41.44 -93.06 -27.34
C SER E 359 41.53 -93.45 -28.82
N ALA E 360 41.34 -92.47 -29.71
CA ALA E 360 41.46 -92.66 -31.15
C ALA E 360 40.56 -93.79 -31.65
N HIS E 361 39.33 -93.83 -31.15
CA HIS E 361 38.39 -94.87 -31.52
C HIS E 361 37.62 -94.49 -32.78
N GLN E 362 37.18 -95.52 -33.49
CA GLN E 362 36.27 -95.32 -34.61
C GLN E 362 34.91 -94.85 -34.09
N GLY E 363 34.08 -94.42 -35.02
CA GLY E 363 32.75 -93.96 -34.68
C GLY E 363 32.61 -92.46 -34.62
N CYS E 364 33.64 -91.71 -34.95
CA CYS E 364 33.52 -90.27 -35.04
C CYS E 364 32.64 -89.89 -36.23
N LEU E 365 32.27 -88.62 -36.27
CA LEU E 365 31.55 -88.10 -37.42
C LEU E 365 32.39 -88.34 -38.68
N PRO E 366 31.78 -88.82 -39.77
CA PRO E 366 32.58 -89.12 -40.96
C PRO E 366 33.16 -87.85 -41.55
N PRO E 367 34.33 -87.94 -42.18
CA PRO E 367 34.89 -86.74 -42.84
C PRO E 367 34.00 -86.19 -43.93
N PHE E 368 33.29 -87.04 -44.67
CA PHE E 368 32.47 -86.58 -45.77
C PHE E 368 31.07 -86.24 -45.26
N PRO E 369 30.58 -85.02 -45.48
CA PRO E 369 29.28 -84.65 -44.90
C PRO E 369 28.11 -85.49 -45.40
N ALA E 370 28.17 -86.00 -46.63
CA ALA E 370 27.09 -86.81 -47.15
C ALA E 370 27.04 -88.19 -46.52
N ASP E 371 28.02 -88.54 -45.70
CA ASP E 371 28.13 -89.90 -45.18
C ASP E 371 27.25 -90.07 -43.95
N VAL E 372 26.44 -91.11 -43.95
CA VAL E 372 25.61 -91.45 -42.80
C VAL E 372 26.36 -92.46 -41.95
N PHE E 373 26.47 -92.18 -40.65
CA PHE E 373 27.31 -92.99 -39.78
C PHE E 373 26.50 -93.59 -38.64
N MET E 374 27.00 -94.73 -38.18
CA MET E 374 26.45 -95.44 -37.04
C MET E 374 27.09 -94.93 -35.75
N ILE E 375 26.27 -94.70 -34.74
CA ILE E 375 26.77 -94.20 -33.46
C ILE E 375 27.47 -95.33 -32.71
N PRO E 376 28.70 -95.14 -32.25
CA PRO E 376 29.40 -96.22 -31.54
C PRO E 376 28.78 -96.49 -30.17
N GLN E 377 28.92 -97.73 -29.73
CA GLN E 377 28.40 -98.14 -28.44
C GLN E 377 29.34 -97.71 -27.32
N TYR E 378 28.77 -97.16 -26.25
CA TYR E 378 29.57 -96.75 -25.13
C TYR E 378 29.89 -97.93 -24.22
N GLY E 379 31.18 -98.11 -23.95
CA GLY E 379 31.62 -99.04 -22.95
C GLY E 379 32.81 -98.44 -22.22
N TYR E 380 33.12 -99.02 -21.08
CA TYR E 380 34.24 -98.51 -20.30
C TYR E 380 34.92 -99.65 -19.58
N LEU E 381 36.14 -99.38 -19.13
CA LEU E 381 36.92 -100.33 -18.38
C LEU E 381 37.15 -99.79 -16.98
N THR E 382 37.23 -100.71 -16.03
CA THR E 382 37.56 -100.35 -14.66
C THR E 382 38.72 -101.23 -14.23
N LEU E 383 39.06 -101.21 -12.95
CA LEU E 383 40.20 -101.99 -12.47
C LEU E 383 39.93 -103.48 -12.65
N ASN E 384 40.97 -104.19 -13.09
CA ASN E 384 40.86 -105.62 -13.30
C ASN E 384 42.09 -106.32 -12.73
N ASN E 385 41.89 -107.57 -12.33
CA ASN E 385 42.96 -108.48 -11.95
C ASN E 385 42.74 -109.71 -12.82
N GLY E 386 43.39 -109.74 -13.97
CA GLY E 386 43.03 -110.72 -14.97
C GLY E 386 41.67 -110.39 -15.54
N SER E 387 40.79 -111.38 -15.57
CA SER E 387 39.41 -111.17 -16.00
C SER E 387 38.49 -110.81 -14.83
N GLN E 388 39.01 -110.75 -13.62
CA GLN E 388 38.21 -110.48 -12.44
C GLN E 388 38.24 -109.00 -12.09
N ALA E 389 37.16 -108.53 -11.49
CA ALA E 389 37.15 -107.20 -10.92
C ALA E 389 37.76 -107.23 -9.52
N VAL E 390 38.16 -106.06 -9.06
CA VAL E 390 38.61 -105.89 -7.69
C VAL E 390 37.57 -105.05 -6.96
N GLY E 391 37.75 -104.92 -5.64
CA GLY E 391 36.81 -104.14 -4.86
C GLY E 391 36.76 -102.68 -5.26
N ARG E 392 37.83 -102.16 -5.85
CA ARG E 392 37.85 -100.79 -6.29
C ARG E 392 37.24 -100.59 -7.67
N SER E 393 36.87 -101.67 -8.35
CA SER E 393 36.24 -101.55 -9.66
C SER E 393 34.92 -100.81 -9.54
N SER E 394 34.70 -99.87 -10.44
CA SER E 394 33.50 -99.03 -10.44
C SER E 394 32.53 -99.50 -11.51
N PHE E 395 31.27 -99.63 -11.14
CA PHE E 395 30.19 -99.86 -12.09
C PHE E 395 29.38 -98.58 -12.20
N TYR E 396 29.12 -98.16 -13.43
CA TYR E 396 28.36 -96.95 -13.70
C TYR E 396 27.10 -97.30 -14.46
N CYS E 397 25.96 -96.88 -13.93
CA CYS E 397 24.69 -96.94 -14.64
C CYS E 397 24.44 -95.58 -15.27
N LEU E 398 24.37 -95.55 -16.60
CA LEU E 398 24.17 -94.27 -17.27
C LEU E 398 22.73 -93.79 -17.13
N GLU E 399 21.79 -94.69 -16.81
CA GLU E 399 20.44 -94.25 -16.47
C GLU E 399 20.41 -93.51 -15.16
N TYR E 400 21.44 -93.64 -14.34
CA TYR E 400 21.54 -92.92 -13.08
C TYR E 400 21.91 -91.45 -13.29
N PHE E 401 21.91 -90.97 -14.52
CA PHE E 401 22.15 -89.59 -14.83
C PHE E 401 20.86 -88.93 -15.31
N PRO E 402 20.69 -87.64 -15.08
CA PRO E 402 19.59 -86.91 -15.72
C PRO E 402 19.80 -86.85 -17.22
N SER E 403 18.81 -87.33 -17.97
CA SER E 403 18.88 -87.32 -19.42
C SER E 403 17.66 -86.60 -19.97
N GLN E 404 17.86 -85.85 -21.04
CA GLN E 404 16.74 -85.30 -21.78
C GLN E 404 16.16 -86.39 -22.67
N MET E 405 14.85 -86.60 -22.58
CA MET E 405 14.17 -87.53 -23.46
C MET E 405 13.54 -86.77 -24.61
N LEU E 406 13.74 -87.26 -25.82
CA LEU E 406 13.38 -86.53 -27.03
C LEU E 406 12.45 -87.40 -27.86
N ARG E 407 11.28 -86.86 -28.19
CA ARG E 407 10.46 -87.46 -29.22
C ARG E 407 10.86 -86.87 -30.57
N THR E 408 10.14 -87.27 -31.62
CA THR E 408 10.54 -86.90 -32.97
C THR E 408 10.52 -85.38 -33.18
N GLY E 409 9.71 -84.66 -32.41
CA GLY E 409 9.67 -83.22 -32.54
C GLY E 409 10.66 -82.46 -31.69
N ASN E 410 11.40 -83.14 -30.84
CA ASN E 410 12.31 -82.48 -29.91
C ASN E 410 13.71 -82.39 -30.50
N ASN E 411 14.49 -81.45 -29.97
CA ASN E 411 15.90 -81.33 -30.32
C ASN E 411 16.71 -81.14 -29.05
N PHE E 412 17.98 -81.47 -29.14
CA PHE E 412 18.92 -81.36 -28.04
C PHE E 412 20.07 -80.47 -28.46
N GLN E 413 20.52 -79.62 -27.54
CA GLN E 413 21.68 -78.80 -27.86
C GLN E 413 22.37 -78.39 -26.58
N PHE E 414 23.69 -78.20 -26.68
CA PHE E 414 24.47 -77.65 -25.58
C PHE E 414 25.67 -76.94 -26.16
N THR E 415 26.22 -76.02 -25.36
CA THR E 415 27.41 -75.29 -25.73
C THR E 415 28.51 -75.60 -24.73
N TYR E 416 29.75 -75.55 -25.20
CA TYR E 416 30.90 -75.84 -24.38
C TYR E 416 32.00 -74.86 -24.72
N THR E 417 32.72 -74.39 -23.71
CA THR E 417 33.85 -73.50 -23.89
C THR E 417 35.13 -74.24 -23.56
N PHE E 418 36.06 -74.26 -24.49
CA PHE E 418 37.35 -74.85 -24.24
C PHE E 418 38.13 -74.02 -23.23
N GLU E 419 38.86 -74.69 -22.36
CA GLU E 419 39.77 -73.99 -21.47
C GLU E 419 40.91 -73.36 -22.26
N ASP E 420 41.62 -72.43 -21.63
CA ASP E 420 42.77 -71.83 -22.28
C ASP E 420 43.83 -72.89 -22.52
N VAL E 421 44.01 -73.28 -23.77
CA VAL E 421 44.95 -74.33 -24.14
C VAL E 421 46.01 -73.67 -25.00
N PRO E 422 47.27 -74.12 -25.00
CA PRO E 422 48.26 -73.53 -25.88
C PRO E 422 47.92 -73.78 -27.34
N PHE E 423 48.30 -72.83 -28.20
CA PHE E 423 48.17 -73.03 -29.63
C PHE E 423 48.98 -74.25 -30.06
N HIS E 424 48.38 -75.06 -30.92
CA HIS E 424 49.16 -76.12 -31.54
C HIS E 424 50.20 -75.50 -32.48
N SER E 425 51.42 -76.04 -32.43
CA SER E 425 52.50 -75.52 -33.26
C SER E 425 52.26 -75.97 -34.70
N SER E 426 51.60 -75.13 -35.47
CA SER E 426 51.34 -75.42 -36.88
C SER E 426 52.48 -74.90 -37.75
N TYR E 427 53.70 -75.24 -37.36
CA TYR E 427 54.89 -74.75 -38.03
C TYR E 427 56.02 -75.73 -37.77
N ALA E 428 57.01 -75.71 -38.66
CA ALA E 428 58.25 -76.40 -38.45
C ALA E 428 59.36 -75.38 -38.26
N HIS E 429 60.32 -75.70 -37.41
CA HIS E 429 61.41 -74.77 -37.16
C HIS E 429 62.35 -74.71 -38.35
N SER E 430 62.70 -73.50 -38.77
CA SER E 430 63.67 -73.29 -39.84
C SER E 430 65.08 -73.21 -39.31
N GLN E 431 65.28 -73.42 -38.03
CA GLN E 431 66.60 -73.50 -37.42
C GLN E 431 66.68 -74.76 -36.58
N SER E 432 67.87 -75.32 -36.50
CA SER E 432 68.12 -76.45 -35.64
C SER E 432 68.63 -75.98 -34.29
N LEU E 433 68.36 -76.77 -33.25
CA LEU E 433 68.74 -76.38 -31.90
C LEU E 433 70.24 -76.26 -31.73
N ASP E 434 71.01 -77.07 -32.45
CA ASP E 434 72.46 -77.02 -32.38
C ASP E 434 73.06 -76.04 -33.38
N ARG E 435 72.23 -75.25 -34.06
CA ARG E 435 72.69 -74.29 -35.05
C ARG E 435 72.05 -72.93 -34.81
N LEU E 436 71.96 -72.52 -33.56
CA LEU E 436 71.38 -71.23 -33.20
C LEU E 436 72.39 -70.11 -33.12
N MET E 437 73.65 -70.41 -33.35
CA MET E 437 74.74 -69.47 -33.17
C MET E 437 75.07 -68.71 -34.46
N ASN E 438 75.77 -67.61 -34.30
CA ASN E 438 76.28 -66.85 -35.42
C ASN E 438 77.41 -67.63 -36.08
N PRO E 439 77.29 -67.98 -37.35
CA PRO E 439 78.33 -68.78 -38.02
C PRO E 439 79.57 -68.00 -38.44
N LEU E 440 79.70 -66.73 -38.06
CA LEU E 440 80.84 -65.92 -38.43
C LEU E 440 81.73 -65.56 -37.27
N ILE E 441 81.25 -65.67 -36.03
CA ILE E 441 81.95 -65.16 -34.87
C ILE E 441 82.33 -66.33 -33.97
N ASP E 442 83.55 -66.30 -33.46
CA ASP E 442 83.96 -67.27 -32.47
C ASP E 442 83.26 -67.02 -31.14
N GLN E 443 83.20 -68.05 -30.33
CA GLN E 443 82.76 -67.90 -28.96
C GLN E 443 83.92 -67.40 -28.09
N TYR E 444 83.57 -66.62 -27.07
CA TYR E 444 84.58 -66.27 -26.07
C TYR E 444 84.79 -67.38 -25.06
N LEU E 445 83.90 -68.35 -25.01
CA LEU E 445 84.07 -69.51 -24.14
C LEU E 445 85.00 -70.52 -24.80
N TYR E 446 85.76 -71.22 -23.96
CA TYR E 446 86.66 -72.26 -24.41
C TYR E 446 86.09 -73.63 -24.08
N TYR E 447 86.50 -74.62 -24.85
CA TYR E 447 86.19 -76.00 -24.57
C TYR E 447 87.49 -76.79 -24.57
N LEU E 448 87.50 -77.88 -23.81
CA LEU E 448 88.64 -78.79 -23.82
C LEU E 448 88.77 -79.42 -25.19
N SER E 449 89.79 -79.03 -25.94
CA SER E 449 89.94 -79.49 -27.32
C SER E 449 90.90 -80.65 -27.47
N ARG E 450 91.89 -80.77 -26.60
CA ARG E 450 92.81 -81.89 -26.64
C ARG E 450 93.24 -82.27 -25.24
N THR E 451 93.44 -83.56 -25.03
CA THR E 451 93.97 -84.08 -23.77
C THR E 451 95.32 -84.75 -23.96
N GLN E 452 95.86 -84.76 -25.17
CA GLN E 452 97.12 -85.43 -25.47
C GLN E 452 97.91 -84.58 -26.46
N THR E 453 99.21 -84.50 -26.26
CA THR E 453 100.07 -83.70 -27.13
C THR E 453 100.14 -84.27 -28.54
N ASN E 459 103.35 -89.39 -27.44
CA ASN E 459 102.61 -88.24 -26.94
C ASN E 459 102.23 -88.40 -25.48
N THR E 460 102.14 -87.29 -24.78
CA THR E 460 101.89 -87.27 -23.34
C THR E 460 100.59 -86.53 -23.06
N GLN E 461 100.15 -86.62 -21.81
CA GLN E 461 98.95 -85.93 -21.39
C GLN E 461 99.17 -84.42 -21.41
N THR E 462 98.11 -83.69 -21.75
CA THR E 462 98.12 -82.25 -21.75
C THR E 462 96.69 -81.77 -21.65
N LEU E 463 96.51 -80.46 -21.54
CA LEU E 463 95.19 -79.84 -21.56
C LEU E 463 95.24 -78.70 -22.55
N GLY E 464 94.64 -78.91 -23.72
CA GLY E 464 94.52 -77.88 -24.73
C GLY E 464 93.08 -77.41 -24.82
N PHE E 465 92.90 -76.10 -24.88
CA PHE E 465 91.59 -75.49 -24.90
C PHE E 465 91.47 -74.62 -26.14
N SER E 466 90.34 -74.71 -26.82
CA SER E 466 90.08 -73.95 -28.03
C SER E 466 88.76 -73.22 -27.87
N GLN E 467 88.61 -72.15 -28.64
CA GLN E 467 87.36 -71.42 -28.67
C GLN E 467 86.46 -72.00 -29.75
N GLY E 468 85.21 -72.29 -29.39
CA GLY E 468 84.24 -72.74 -30.35
C GLY E 468 84.02 -71.71 -31.43
N GLY E 469 84.03 -72.12 -32.68
CA GLY E 469 83.88 -71.20 -33.78
C GLY E 469 83.05 -71.78 -34.91
N PRO E 470 83.09 -71.13 -36.06
CA PRO E 470 82.28 -71.59 -37.20
C PRO E 470 82.60 -73.00 -37.63
N ASN E 471 83.83 -73.47 -37.44
CA ASN E 471 84.22 -74.79 -37.89
C ASN E 471 84.03 -75.86 -36.83
N THR E 472 84.27 -75.53 -35.56
CA THR E 472 84.04 -76.46 -34.45
C THR E 472 82.67 -76.22 -33.83
N MET E 473 81.65 -76.31 -34.67
CA MET E 473 80.31 -75.93 -34.25
C MET E 473 79.70 -76.98 -33.33
N ALA E 474 80.13 -78.23 -33.44
CA ALA E 474 79.67 -79.26 -32.52
C ALA E 474 80.25 -79.07 -31.12
N ASN E 475 81.37 -78.37 -30.98
CA ASN E 475 82.01 -78.18 -29.69
C ASN E 475 81.55 -76.92 -28.99
N GLN E 476 80.78 -76.06 -29.65
CA GLN E 476 80.43 -74.77 -29.07
C GLN E 476 79.56 -74.95 -27.84
N ALA E 477 79.75 -74.04 -26.88
CA ALA E 477 78.85 -73.97 -25.74
C ALA E 477 77.47 -73.58 -26.20
N LYS E 478 76.46 -74.26 -25.67
CA LYS E 478 75.08 -74.04 -26.08
C LYS E 478 74.19 -73.95 -24.85
N ASN E 479 73.07 -73.28 -25.02
CA ASN E 479 72.16 -73.00 -23.92
C ASN E 479 71.07 -74.04 -23.74
N TRP E 480 70.82 -74.89 -24.73
CA TRP E 480 69.64 -75.72 -24.72
C TRP E 480 69.98 -77.14 -25.14
N LEU E 481 69.10 -78.07 -24.75
CA LEU E 481 69.24 -79.47 -25.05
C LEU E 481 68.01 -79.95 -25.83
N PRO E 482 68.18 -80.96 -26.68
CA PRO E 482 67.01 -81.53 -27.37
C PRO E 482 66.06 -82.18 -26.39
N GLY E 483 64.80 -82.25 -26.79
CA GLY E 483 63.76 -82.81 -25.97
C GLY E 483 64.04 -84.23 -25.53
N PRO E 484 63.18 -84.75 -24.67
CA PRO E 484 63.43 -86.07 -24.08
C PRO E 484 63.28 -87.18 -25.10
N CYS E 485 63.91 -88.31 -24.79
CA CYS E 485 64.00 -89.45 -25.70
C CYS E 485 63.52 -90.71 -25.00
N TYR E 486 62.78 -91.54 -25.73
CA TYR E 486 62.39 -92.88 -25.29
C TYR E 486 62.54 -93.78 -26.52
N ARG E 487 63.73 -94.33 -26.70
CA ARG E 487 64.15 -94.84 -28.00
C ARG E 487 63.24 -95.96 -28.49
N GLN E 488 62.89 -95.88 -29.76
CA GLN E 488 62.08 -96.87 -30.44
C GLN E 488 62.93 -97.65 -31.44
N GLN E 489 62.52 -98.88 -31.70
CA GLN E 489 63.21 -99.69 -32.72
C GLN E 489 62.92 -99.12 -34.10
N ARG E 490 63.93 -99.17 -34.96
CA ARG E 490 63.81 -98.64 -36.31
C ARG E 490 63.32 -99.73 -37.25
N VAL E 491 62.31 -99.40 -38.05
CA VAL E 491 61.76 -100.29 -39.05
C VAL E 491 61.85 -99.60 -40.39
N SER E 492 62.29 -100.33 -41.41
CA SER E 492 62.41 -99.82 -42.76
C SER E 492 61.18 -100.21 -43.56
N THR E 493 60.62 -99.26 -44.30
CA THR E 493 59.55 -99.59 -45.23
C THR E 493 60.03 -100.46 -46.38
N THR E 494 61.34 -100.45 -46.65
CA THR E 494 61.96 -101.44 -47.53
C THR E 494 62.19 -102.69 -46.69
N THR E 495 61.29 -103.67 -46.82
CA THR E 495 61.26 -104.79 -45.90
C THR E 495 62.55 -105.60 -45.94
N GLY E 496 63.22 -105.64 -47.08
CA GLY E 496 64.48 -106.38 -47.17
C GLY E 496 65.56 -105.87 -46.25
N GLN E 497 65.46 -104.60 -45.83
CA GLN E 497 66.42 -104.04 -44.89
C GLN E 497 66.09 -104.36 -43.44
N ASN E 498 64.94 -104.98 -43.17
CA ASN E 498 64.55 -105.32 -41.81
C ASN E 498 65.07 -106.70 -41.44
N ASN E 499 65.21 -106.91 -40.13
CA ASN E 499 65.57 -108.23 -39.63
C ASN E 499 64.48 -109.23 -39.96
N ASN E 500 64.89 -110.43 -40.36
CA ASN E 500 63.95 -111.48 -40.71
C ASN E 500 63.45 -112.16 -39.44
N SER E 501 62.59 -111.44 -38.72
CA SER E 501 61.97 -111.95 -37.52
C SER E 501 60.71 -111.13 -37.26
N ASN E 502 59.84 -111.68 -36.41
CA ASN E 502 58.62 -110.99 -36.01
C ASN E 502 58.91 -110.27 -34.70
N PHE E 503 59.30 -109.00 -34.82
CA PHE E 503 59.74 -108.23 -33.66
C PHE E 503 58.87 -107.03 -33.37
N ALA E 504 57.66 -106.96 -33.95
CA ALA E 504 56.81 -105.80 -33.72
C ALA E 504 56.48 -105.66 -32.24
N TRP E 505 56.21 -106.76 -31.56
CA TRP E 505 55.93 -106.74 -30.13
C TRP E 505 57.16 -107.00 -29.28
N THR E 506 57.97 -108.00 -29.64
CA THR E 506 59.12 -108.35 -28.82
C THR E 506 60.12 -107.21 -28.76
N ALA E 507 60.37 -106.54 -29.87
CA ALA E 507 61.25 -105.39 -29.91
C ALA E 507 60.49 -104.08 -29.75
N GLY E 508 59.19 -104.14 -29.50
CA GLY E 508 58.42 -102.92 -29.34
C GLY E 508 58.85 -102.13 -28.13
N THR E 509 58.76 -100.81 -28.24
CA THR E 509 59.07 -99.92 -27.14
C THR E 509 57.85 -99.82 -26.23
N LYS E 510 58.00 -100.24 -24.98
CA LYS E 510 56.88 -100.47 -24.11
C LYS E 510 57.06 -99.75 -22.78
N TYR E 511 55.95 -99.53 -22.09
CA TYR E 511 55.99 -99.18 -20.69
C TYR E 511 55.34 -100.28 -19.88
N HIS E 512 55.70 -100.34 -18.61
CA HIS E 512 55.26 -101.38 -17.70
C HIS E 512 54.37 -100.76 -16.63
N LEU E 513 53.16 -101.27 -16.49
CA LEU E 513 52.21 -100.74 -15.53
C LEU E 513 51.46 -101.89 -14.88
N ASN E 514 51.62 -102.05 -13.58
CA ASN E 514 50.93 -103.07 -12.80
C ASN E 514 51.12 -104.45 -13.42
N GLY E 515 52.37 -104.79 -13.73
CA GLY E 515 52.69 -106.07 -14.32
C GLY E 515 52.16 -106.27 -15.73
N ARG E 516 51.68 -105.23 -16.37
CA ARG E 516 51.14 -105.30 -17.72
C ARG E 516 52.03 -104.49 -18.65
N ASN E 517 52.38 -105.06 -19.79
CA ASN E 517 53.20 -104.38 -20.78
C ASN E 517 52.29 -103.79 -21.84
N SER E 518 52.47 -102.51 -22.11
CA SER E 518 51.74 -101.81 -23.16
C SER E 518 52.73 -101.06 -24.03
N LEU E 519 52.50 -101.05 -25.33
CA LEU E 519 53.35 -100.30 -26.24
C LEU E 519 53.31 -98.82 -25.88
N ALA E 520 54.47 -98.19 -25.89
CA ALA E 520 54.56 -96.73 -25.81
C ALA E 520 54.26 -96.19 -27.19
N ASN E 521 52.97 -96.21 -27.53
CA ASN E 521 52.50 -96.00 -28.89
C ASN E 521 51.53 -94.83 -28.93
N PRO E 522 51.86 -93.74 -29.62
CA PRO E 522 53.10 -93.56 -30.37
C PRO E 522 54.25 -93.07 -29.50
N GLY E 523 54.01 -92.94 -28.21
CA GLY E 523 55.05 -92.47 -27.31
C GLY E 523 55.26 -90.97 -27.40
N ILE E 524 56.36 -90.53 -26.81
CA ILE E 524 56.68 -89.11 -26.76
C ILE E 524 57.02 -88.62 -28.16
N ALA E 525 56.82 -87.32 -28.38
CA ALA E 525 57.07 -86.72 -29.69
C ALA E 525 58.56 -86.73 -29.99
N MET E 526 58.96 -87.57 -30.93
CA MET E 526 60.32 -87.60 -31.43
C MET E 526 60.29 -87.59 -32.95
N ALA E 527 61.37 -87.09 -33.54
CA ALA E 527 61.47 -87.08 -34.99
C ALA E 527 61.43 -88.50 -35.52
N THR E 528 60.62 -88.72 -36.56
CA THR E 528 60.43 -90.06 -37.10
C THR E 528 61.74 -90.62 -37.63
N HIS E 529 62.54 -89.78 -38.30
CA HIS E 529 63.79 -90.20 -38.89
C HIS E 529 64.67 -88.97 -39.04
N LYS E 530 65.94 -89.22 -39.30
CA LYS E 530 66.87 -88.12 -39.55
C LYS E 530 66.90 -87.82 -41.05
N ASP E 531 67.84 -86.98 -41.46
CA ASP E 531 67.93 -86.58 -42.87
C ASP E 531 68.16 -87.78 -43.78
N ASP E 532 67.44 -87.79 -44.90
CA ASP E 532 67.61 -88.78 -45.95
C ASP E 532 67.33 -90.21 -45.48
N GLU E 533 66.43 -90.36 -44.52
CA GLU E 533 66.05 -91.67 -43.99
C GLU E 533 64.54 -91.80 -43.89
N GLU E 534 63.83 -91.31 -44.91
CA GLU E 534 62.37 -91.32 -44.88
C GLU E 534 61.81 -92.73 -44.82
N ARG E 535 62.56 -93.72 -45.32
CA ARG E 535 62.10 -95.09 -45.31
C ARG E 535 62.05 -95.68 -43.90
N PHE E 536 62.68 -95.06 -42.93
CA PHE E 536 62.74 -95.56 -41.57
C PHE E 536 61.66 -94.91 -40.71
N PHE E 537 61.05 -95.70 -39.84
CA PHE E 537 60.10 -95.18 -38.87
C PHE E 537 60.23 -95.95 -37.57
N PRO E 538 59.96 -95.31 -36.44
CA PRO E 538 59.90 -96.05 -35.18
C PRO E 538 58.79 -97.08 -35.22
N SER E 539 59.05 -98.25 -34.63
CA SER E 539 58.15 -99.39 -34.79
C SER E 539 56.75 -99.08 -34.25
N ASN E 540 56.66 -98.41 -33.11
CA ASN E 540 55.38 -97.96 -32.58
C ASN E 540 55.49 -96.52 -32.11
N GLY E 541 56.09 -95.67 -32.94
CA GLY E 541 56.34 -94.30 -32.57
C GLY E 541 55.73 -93.27 -33.49
N ILE E 542 54.83 -93.69 -34.38
CA ILE E 542 54.15 -92.78 -35.30
C ILE E 542 52.68 -93.13 -35.34
N LEU E 543 51.87 -92.14 -35.72
CA LEU E 543 50.47 -92.40 -36.04
C LEU E 543 50.40 -93.04 -37.40
N ILE E 544 49.66 -94.14 -37.50
CA ILE E 544 49.47 -94.85 -38.76
C ILE E 544 47.98 -94.86 -39.05
N PHE E 545 47.59 -94.18 -40.12
CA PHE E 545 46.21 -94.16 -40.58
C PHE E 545 46.03 -95.18 -41.70
N GLY E 546 44.84 -95.78 -41.74
CA GLY E 546 44.53 -96.71 -42.80
C GLY E 546 43.93 -96.00 -44.00
N LYS E 547 44.32 -96.45 -45.18
CA LYS E 547 43.64 -96.00 -46.38
C LYS E 547 42.22 -96.56 -46.40
N GLN E 548 41.40 -96.02 -47.29
CA GLN E 548 40.03 -96.48 -47.39
C GLN E 548 40.00 -97.96 -47.72
N ASN E 549 39.14 -98.70 -47.02
CA ASN E 549 38.98 -100.14 -47.19
C ASN E 549 40.24 -100.92 -46.79
N ALA E 550 41.07 -100.35 -45.92
CA ALA E 550 42.19 -101.10 -45.36
C ALA E 550 41.67 -102.15 -44.38
N ALA E 551 42.30 -103.31 -44.38
CA ALA E 551 41.90 -104.39 -43.49
C ALA E 551 42.12 -104.00 -42.04
N ARG E 552 41.23 -104.49 -41.17
CA ARG E 552 41.38 -104.24 -39.74
C ARG E 552 42.66 -104.90 -39.21
N ASP E 553 42.94 -106.13 -39.63
CA ASP E 553 44.10 -106.87 -39.17
C ASP E 553 45.05 -107.15 -40.32
N ASN E 554 46.34 -106.97 -40.07
CA ASN E 554 47.40 -107.31 -41.02
C ASN E 554 47.18 -106.62 -42.37
N ALA E 555 46.90 -105.32 -42.31
CA ALA E 555 46.89 -104.52 -43.53
C ALA E 555 48.31 -104.36 -44.03
N ASP E 556 48.48 -104.45 -45.35
CA ASP E 556 49.79 -104.28 -45.93
C ASP E 556 50.23 -102.82 -45.83
N TYR E 557 51.54 -102.60 -46.01
CA TYR E 557 52.06 -101.25 -45.95
C TYR E 557 51.42 -100.35 -46.99
N SER E 558 51.03 -100.91 -48.13
CA SER E 558 50.36 -100.12 -49.15
C SER E 558 48.95 -99.71 -48.75
N ASP E 559 48.37 -100.37 -47.76
CA ASP E 559 47.01 -100.05 -47.31
C ASP E 559 46.98 -99.08 -46.14
N VAL E 560 48.13 -98.65 -45.64
CA VAL E 560 48.18 -97.75 -44.50
C VAL E 560 48.93 -96.49 -44.88
N MET E 561 48.75 -95.46 -44.08
CA MET E 561 49.35 -94.15 -44.32
C MET E 561 50.22 -93.81 -43.11
N LEU E 562 51.53 -93.93 -43.27
CA LEU E 562 52.44 -93.60 -42.19
C LEU E 562 52.60 -92.09 -42.08
N THR E 563 52.44 -91.56 -40.87
CA THR E 563 52.78 -90.17 -40.64
C THR E 563 54.28 -90.03 -40.39
N SER E 564 54.77 -88.81 -40.49
CA SER E 564 56.17 -88.54 -40.23
C SER E 564 56.29 -87.27 -39.41
N GLU E 565 57.03 -87.34 -38.31
CA GLU E 565 57.33 -86.19 -37.48
C GLU E 565 58.72 -85.66 -37.75
N GLU E 566 59.17 -85.71 -39.01
CA GLU E 566 60.50 -85.23 -39.34
C GLU E 566 60.65 -83.73 -39.16
N GLU E 567 59.54 -82.98 -39.10
CA GLU E 567 59.64 -81.54 -38.91
C GLU E 567 60.25 -81.16 -37.58
N ILE E 568 60.18 -82.05 -36.58
CA ILE E 568 60.70 -81.75 -35.25
C ILE E 568 62.12 -82.29 -35.07
N LYS E 569 62.79 -82.66 -36.16
CA LYS E 569 64.21 -83.01 -36.10
C LYS E 569 65.02 -81.87 -35.49
N THR E 570 64.58 -80.64 -35.70
CA THR E 570 65.35 -79.47 -35.27
C THR E 570 65.44 -79.37 -33.76
N THR E 571 64.48 -79.92 -33.06
CA THR E 571 64.42 -79.78 -31.62
C THR E 571 64.30 -81.12 -30.90
N ASN E 572 63.58 -82.07 -31.48
CA ASN E 572 63.40 -83.36 -30.82
C ASN E 572 64.39 -84.37 -31.36
N PRO E 573 64.91 -85.25 -30.51
CA PRO E 573 65.79 -86.31 -30.99
C PRO E 573 65.04 -87.28 -31.88
N VAL E 574 65.78 -87.91 -32.80
CA VAL E 574 65.19 -88.91 -33.67
C VAL E 574 64.71 -90.10 -32.84
N ALA E 575 63.50 -90.58 -33.15
CA ALA E 575 62.87 -91.60 -32.32
C ALA E 575 63.67 -92.89 -32.26
N THR E 576 64.42 -93.19 -33.31
CA THR E 576 65.14 -94.45 -33.41
C THR E 576 66.62 -94.31 -33.07
N GLU E 577 67.04 -93.14 -32.61
CA GLU E 577 68.44 -92.91 -32.27
C GLU E 577 68.55 -92.65 -30.77
N GLU E 578 69.76 -92.80 -30.27
CA GLU E 578 70.03 -92.48 -28.88
C GLU E 578 69.94 -90.98 -28.64
N TYR E 579 69.60 -90.61 -27.40
CA TYR E 579 69.56 -89.21 -27.05
C TYR E 579 70.95 -88.59 -27.11
N GLY E 580 71.95 -89.29 -26.62
CA GLY E 580 73.29 -88.74 -26.56
C GLY E 580 74.22 -89.71 -25.88
N ILE E 581 75.34 -89.17 -25.43
CA ILE E 581 76.42 -89.95 -24.84
C ILE E 581 76.76 -89.35 -23.48
N VAL E 582 76.89 -90.20 -22.47
CA VAL E 582 77.33 -89.78 -21.16
C VAL E 582 78.53 -90.62 -20.75
N ALA E 583 79.31 -90.08 -19.81
CA ALA E 583 80.42 -90.83 -19.24
C ALA E 583 79.91 -91.99 -18.40
N ASP E 584 80.58 -93.12 -18.50
CA ASP E 584 80.21 -94.30 -17.75
C ASP E 584 81.17 -94.63 -16.62
N ASN E 585 82.29 -93.92 -16.51
CA ASN E 585 83.29 -94.23 -15.49
C ASN E 585 84.09 -92.96 -15.20
N LEU E 586 85.14 -93.11 -14.41
CA LEU E 586 86.09 -92.04 -14.13
C LEU E 586 87.42 -92.42 -14.76
N GLN E 587 87.80 -91.72 -15.81
CA GLN E 587 89.07 -92.01 -16.47
C GLN E 587 90.23 -91.65 -15.57
N GLN E 588 91.26 -92.49 -15.58
CA GLN E 588 92.52 -92.25 -14.91
C GLN E 588 93.64 -92.56 -15.89
N GLN E 589 94.89 -92.38 -15.44
CA GLN E 589 96.02 -92.70 -16.30
C GLN E 589 96.06 -94.18 -16.64
N ASN E 590 95.38 -95.03 -15.87
CA ASN E 590 95.34 -96.46 -16.14
C ASN E 590 94.01 -96.95 -16.69
N THR E 591 92.94 -96.16 -16.60
CA THR E 591 91.63 -96.56 -17.09
C THR E 591 91.18 -95.58 -18.16
N ALA E 592 90.99 -96.09 -19.38
CA ALA E 592 90.51 -95.24 -20.46
C ALA E 592 89.06 -94.83 -20.20
N PRO E 593 88.68 -93.63 -20.61
CA PRO E 593 87.30 -93.19 -20.41
C PRO E 593 86.33 -94.07 -21.16
N GLN E 594 85.20 -94.36 -20.52
CA GLN E 594 84.14 -95.15 -21.12
C GLN E 594 82.89 -94.30 -21.26
N ILE E 595 82.14 -94.55 -22.34
CA ILE E 595 80.97 -93.76 -22.63
C ILE E 595 79.74 -94.67 -22.60
N GLY E 596 78.63 -94.09 -22.15
CA GLY E 596 77.36 -94.79 -22.12
C GLY E 596 76.40 -94.14 -23.11
N THR E 597 75.66 -94.98 -23.82
CA THR E 597 74.69 -94.53 -24.81
C THR E 597 73.35 -94.32 -24.11
N VAL E 598 72.82 -93.09 -24.17
CA VAL E 598 71.57 -92.75 -23.51
C VAL E 598 70.44 -93.07 -24.47
N ASN E 599 69.74 -94.18 -24.22
CA ASN E 599 68.60 -94.57 -25.03
C ASN E 599 67.27 -94.13 -24.46
N SER E 600 67.27 -93.57 -23.25
CA SER E 600 66.07 -93.04 -22.64
C SER E 600 66.48 -91.87 -21.77
N GLN E 601 65.96 -90.69 -22.06
CA GLN E 601 66.34 -89.49 -21.34
C GLN E 601 65.08 -88.76 -20.90
N GLY E 602 64.89 -88.64 -19.59
CA GLY E 602 63.82 -87.83 -19.06
C GLY E 602 64.16 -86.36 -19.11
N ALA E 603 63.26 -85.56 -18.57
CA ALA E 603 63.40 -84.11 -18.67
C ALA E 603 64.67 -83.62 -17.99
N LEU E 604 65.43 -82.80 -18.70
CA LEU E 604 66.58 -82.12 -18.17
C LEU E 604 66.38 -80.62 -18.27
N PRO E 605 66.93 -79.84 -17.36
CA PRO E 605 66.83 -78.38 -17.47
C PRO E 605 67.47 -77.90 -18.76
N GLY E 606 66.87 -76.89 -19.35
CA GLY E 606 67.32 -76.39 -20.64
C GLY E 606 66.85 -77.19 -21.83
N MET E 607 66.06 -78.23 -21.61
CA MET E 607 65.57 -79.04 -22.72
C MET E 607 64.36 -78.38 -23.34
N VAL E 608 64.30 -78.39 -24.66
CA VAL E 608 63.16 -77.88 -25.41
C VAL E 608 62.72 -78.95 -26.40
N TRP E 609 61.44 -78.96 -26.72
CA TRP E 609 60.92 -79.96 -27.65
C TRP E 609 59.63 -79.45 -28.26
N GLN E 610 59.24 -80.11 -29.35
CA GLN E 610 57.97 -79.89 -30.00
C GLN E 610 57.04 -81.06 -29.71
N ASN E 611 55.75 -80.78 -29.71
CA ASN E 611 54.76 -81.84 -29.60
C ASN E 611 54.60 -82.55 -30.93
N ARG E 612 53.91 -83.68 -30.89
CA ARG E 612 53.54 -84.37 -32.11
C ARG E 612 52.60 -83.51 -32.93
N ASP E 613 52.73 -83.59 -34.25
CA ASP E 613 51.84 -82.86 -35.13
C ASP E 613 50.42 -83.42 -35.04
N VAL E 614 49.45 -82.56 -35.32
CA VAL E 614 48.09 -83.01 -35.50
C VAL E 614 47.84 -83.24 -36.99
N TYR E 615 46.84 -84.05 -37.29
CA TYR E 615 46.54 -84.42 -38.66
C TYR E 615 45.06 -84.23 -38.92
N LEU E 616 44.73 -84.04 -40.20
CA LEU E 616 43.34 -83.91 -40.58
C LEU E 616 42.53 -85.12 -40.15
N GLN E 617 43.11 -86.31 -40.25
CA GLN E 617 42.48 -87.53 -39.80
C GLN E 617 42.72 -87.83 -38.33
N GLY E 618 43.56 -87.06 -37.66
CA GLY E 618 43.98 -87.38 -36.31
C GLY E 618 43.06 -86.83 -35.25
N PRO E 619 43.32 -87.20 -33.99
CA PRO E 619 42.51 -86.69 -32.88
C PRO E 619 42.75 -85.21 -32.63
N ILE E 620 41.75 -84.58 -32.01
CA ILE E 620 41.82 -83.17 -31.67
C ILE E 620 42.25 -82.97 -30.23
N TRP E 621 41.58 -83.64 -29.29
CA TRP E 621 41.83 -83.42 -27.88
C TRP E 621 41.87 -84.75 -27.15
N ALA E 622 42.45 -84.72 -25.96
CA ALA E 622 42.35 -85.81 -25.02
C ALA E 622 42.11 -85.23 -23.64
N LYS E 623 41.43 -85.99 -22.79
CA LYS E 623 41.26 -85.60 -21.41
C LYS E 623 42.56 -85.86 -20.66
N ILE E 624 43.07 -84.83 -20.01
CA ILE E 624 44.22 -85.01 -19.12
C ILE E 624 43.73 -85.81 -17.92
N PRO E 625 44.33 -86.96 -17.62
CA PRO E 625 43.89 -87.74 -16.47
C PRO E 625 43.98 -86.93 -15.20
N HIS E 626 42.99 -87.10 -14.34
CA HIS E 626 42.95 -86.39 -13.06
C HIS E 626 43.94 -87.06 -12.12
N THR E 627 45.14 -86.51 -12.06
CA THR E 627 46.20 -87.06 -11.23
C THR E 627 46.86 -85.93 -10.43
N ASP E 628 47.64 -86.33 -9.42
CA ASP E 628 48.39 -85.35 -8.65
C ASP E 628 49.40 -84.62 -9.50
N GLY E 629 50.10 -85.34 -10.35
CA GLY E 629 51.14 -84.73 -11.16
C GLY E 629 51.08 -85.22 -12.58
N ASN E 630 51.42 -84.31 -13.50
CA ASN E 630 51.67 -84.66 -14.88
C ASN E 630 52.83 -83.80 -15.36
N PHE E 631 53.51 -84.27 -16.39
CA PHE E 631 54.58 -83.51 -17.02
C PHE E 631 54.20 -83.25 -18.47
N HIS E 632 54.10 -81.97 -18.82
CA HIS E 632 53.74 -81.53 -20.16
C HIS E 632 52.52 -82.30 -20.64
N PRO E 633 51.34 -82.04 -20.09
CA PRO E 633 50.18 -82.89 -20.40
C PRO E 633 49.63 -82.67 -21.79
N SER E 634 50.47 -82.79 -22.77
CA SER E 634 50.03 -82.80 -24.17
C SER E 634 49.82 -84.24 -24.62
N PRO E 635 48.65 -84.57 -25.17
CA PRO E 635 48.37 -85.96 -25.51
C PRO E 635 49.38 -86.51 -26.49
N LEU E 636 49.78 -87.77 -26.30
CA LEU E 636 50.89 -88.31 -27.06
C LEU E 636 50.53 -88.58 -28.51
N MET E 637 49.29 -88.99 -28.78
CA MET E 637 48.88 -89.12 -30.18
C MET E 637 48.55 -87.78 -30.81
N GLY E 638 48.87 -86.68 -30.14
CA GLY E 638 48.72 -85.36 -30.70
C GLY E 638 47.41 -84.71 -30.30
N GLY E 639 47.41 -83.39 -30.34
CA GLY E 639 46.22 -82.63 -30.04
C GLY E 639 46.34 -81.81 -28.77
N PHE E 640 45.19 -81.43 -28.24
CA PHE E 640 45.12 -80.53 -27.10
C PHE E 640 44.76 -81.32 -25.86
N GLY E 641 45.59 -81.21 -24.83
CA GLY E 641 45.28 -81.80 -23.56
C GLY E 641 44.38 -80.90 -22.76
N LEU E 642 43.21 -81.40 -22.36
CA LEU E 642 42.23 -80.60 -21.65
C LEU E 642 41.89 -81.26 -20.32
N LYS E 643 41.96 -80.48 -19.24
CA LYS E 643 41.46 -80.96 -17.96
C LYS E 643 39.97 -81.22 -18.02
N HIS E 644 39.24 -80.35 -18.71
CA HIS E 644 37.79 -80.47 -18.88
C HIS E 644 37.50 -80.45 -20.37
N PRO E 645 37.62 -81.60 -21.03
CA PRO E 645 37.44 -81.65 -22.47
C PRO E 645 35.96 -81.52 -22.82
N PRO E 646 35.62 -81.46 -24.11
CA PRO E 646 34.22 -81.54 -24.49
C PRO E 646 33.56 -82.75 -23.86
N PRO E 647 32.43 -82.57 -23.19
CA PRO E 647 31.83 -83.68 -22.45
C PRO E 647 31.36 -84.78 -23.38
N GLN E 648 31.39 -86.00 -22.87
CA GLN E 648 30.81 -87.12 -23.61
C GLN E 648 29.31 -86.90 -23.75
N ILE E 649 28.81 -87.12 -24.95
CA ILE E 649 27.39 -86.99 -25.25
C ILE E 649 26.85 -88.40 -25.43
N LEU E 650 26.07 -88.86 -24.46
CA LEU E 650 25.55 -90.22 -24.45
C LEU E 650 24.13 -90.22 -24.99
N ILE E 651 23.84 -91.16 -25.87
CA ILE E 651 22.53 -91.24 -26.51
C ILE E 651 22.08 -92.69 -26.47
N LYS E 652 20.78 -92.88 -26.23
CA LYS E 652 20.22 -94.22 -26.16
C LYS E 652 18.78 -94.19 -26.63
N ASN E 653 18.36 -95.23 -27.34
CA ASN E 653 16.95 -95.43 -27.61
C ASN E 653 16.28 -95.88 -26.33
N THR E 654 15.24 -95.17 -25.91
CA THR E 654 14.50 -95.57 -24.73
C THR E 654 13.82 -96.91 -25.01
N PRO E 655 14.02 -97.92 -24.16
CA PRO E 655 13.38 -99.21 -24.40
C PRO E 655 11.87 -99.08 -24.42
N VAL E 656 11.26 -99.71 -25.42
CA VAL E 656 9.81 -99.77 -25.54
C VAL E 656 9.40 -101.24 -25.38
N PRO E 657 8.83 -101.62 -24.24
CA PRO E 657 8.46 -103.02 -24.05
C PRO E 657 7.45 -103.49 -25.08
N ALA E 658 7.58 -104.75 -25.47
CA ALA E 658 6.49 -105.40 -26.17
C ALA E 658 5.35 -105.66 -25.19
N ASP E 659 4.30 -106.31 -25.65
CA ASP E 659 3.13 -106.49 -24.80
C ASP E 659 3.49 -107.34 -23.60
N PRO E 660 3.33 -106.82 -22.38
CA PRO E 660 3.61 -107.63 -21.19
C PRO E 660 2.54 -108.67 -20.99
N PRO E 661 2.79 -109.69 -20.17
CA PRO E 661 1.73 -110.67 -19.87
C PRO E 661 0.60 -110.00 -19.12
N THR E 662 -0.58 -110.62 -19.20
CA THR E 662 -1.76 -110.08 -18.53
C THR E 662 -1.82 -110.46 -17.06
N THR E 663 -0.91 -111.29 -16.58
CA THR E 663 -0.76 -111.58 -15.16
C THR E 663 0.59 -111.05 -14.70
N PHE E 664 0.62 -110.48 -13.50
CA PHE E 664 1.82 -109.78 -13.06
C PHE E 664 2.99 -110.73 -12.91
N ASN E 665 4.15 -110.30 -13.40
CA ASN E 665 5.41 -110.99 -13.22
C ASN E 665 6.43 -109.98 -12.73
N GLN E 666 7.10 -110.30 -11.62
CA GLN E 666 8.07 -109.38 -11.05
C GLN E 666 9.35 -109.28 -11.86
N SER E 667 9.60 -110.25 -12.73
CA SER E 667 10.84 -110.27 -13.48
C SER E 667 10.92 -109.07 -14.42
N LYS E 668 12.13 -108.56 -14.60
CA LYS E 668 12.34 -107.46 -15.53
C LYS E 668 11.93 -107.88 -16.93
N LEU E 669 11.34 -106.94 -17.67
CA LEU E 669 10.89 -107.24 -19.01
C LEU E 669 12.08 -107.41 -19.94
N ASN E 670 12.06 -108.47 -20.74
CA ASN E 670 13.10 -108.71 -21.72
C ASN E 670 12.56 -108.73 -23.14
N SER E 671 11.27 -108.56 -23.32
CA SER E 671 10.65 -108.52 -24.64
C SER E 671 10.44 -107.06 -25.00
N PHE E 672 11.19 -106.57 -25.98
CA PHE E 672 11.14 -105.18 -26.37
C PHE E 672 10.83 -105.06 -27.85
N ILE E 673 10.18 -103.95 -28.20
CA ILE E 673 9.95 -103.63 -29.59
C ILE E 673 11.28 -103.28 -30.24
N THR E 674 11.59 -103.95 -31.35
CA THR E 674 12.84 -103.70 -32.05
C THR E 674 12.81 -102.29 -32.63
N GLN E 675 13.86 -101.53 -32.37
CA GLN E 675 13.76 -100.09 -32.55
C GLN E 675 15.14 -99.53 -32.82
N TYR E 676 15.19 -98.50 -33.66
CA TYR E 676 16.40 -97.73 -33.87
C TYR E 676 16.00 -96.29 -34.15
N SER E 677 16.94 -95.38 -33.94
CA SER E 677 16.70 -93.98 -34.17
C SER E 677 17.70 -93.44 -35.18
N THR E 678 17.27 -92.42 -35.90
CA THR E 678 18.13 -91.69 -36.80
C THR E 678 17.85 -90.21 -36.63
N GLY E 679 18.83 -89.39 -36.99
CA GLY E 679 18.65 -87.97 -36.87
C GLY E 679 19.86 -87.25 -37.44
N GLN E 680 19.89 -85.95 -37.22
CA GLN E 680 21.01 -85.14 -37.63
C GLN E 680 21.74 -84.63 -36.40
N VAL E 681 23.06 -84.54 -36.51
CA VAL E 681 23.90 -84.01 -35.46
C VAL E 681 24.70 -82.86 -36.04
N SER E 682 24.71 -81.73 -35.35
CA SER E 682 25.50 -80.58 -35.75
C SER E 682 26.50 -80.27 -34.66
N VAL E 683 27.75 -80.10 -35.04
CA VAL E 683 28.78 -79.64 -34.12
C VAL E 683 29.46 -78.43 -34.76
N GLU E 684 29.50 -77.33 -34.01
CA GLU E 684 30.15 -76.11 -34.45
C GLU E 684 31.29 -75.82 -33.51
N ILE E 685 32.50 -75.70 -34.03
CA ILE E 685 33.67 -75.38 -33.24
C ILE E 685 34.26 -74.07 -33.76
N GLU E 686 34.48 -73.13 -32.84
CA GLU E 686 35.21 -71.91 -33.16
C GLU E 686 36.67 -72.12 -32.79
N TRP E 687 37.56 -71.90 -33.76
CA TRP E 687 38.98 -72.04 -33.57
C TRP E 687 39.63 -70.67 -33.63
N GLU E 688 40.56 -70.42 -32.71
CA GLU E 688 41.39 -69.23 -32.75
C GLU E 688 42.65 -69.53 -33.55
N LEU E 689 43.05 -68.58 -34.39
CA LEU E 689 44.19 -68.76 -35.26
C LEU E 689 45.36 -67.90 -34.80
N GLN E 690 46.56 -68.44 -34.92
CA GLN E 690 47.78 -67.67 -34.76
C GLN E 690 48.33 -67.37 -36.15
N LYS E 691 48.16 -66.13 -36.59
CA LYS E 691 48.65 -65.73 -37.90
C LYS E 691 50.16 -65.72 -37.92
N GLU E 692 50.74 -66.18 -39.03
CA GLU E 692 52.18 -66.15 -39.19
C GLU E 692 52.63 -64.72 -39.45
N ASN E 693 53.62 -64.27 -38.68
CA ASN E 693 54.22 -62.96 -38.87
C ASN E 693 55.71 -63.18 -39.13
N SER E 694 56.03 -63.44 -40.38
CA SER E 694 57.35 -63.94 -40.76
C SER E 694 58.02 -62.98 -41.75
N LYS E 695 59.31 -62.76 -41.54
CA LYS E 695 60.11 -61.95 -42.45
C LYS E 695 60.95 -62.80 -43.38
N ARG E 696 60.64 -64.09 -43.48
CA ARG E 696 61.30 -64.96 -44.44
C ARG E 696 61.14 -64.42 -45.84
N TRP E 697 62.24 -64.40 -46.59
CA TRP E 697 62.22 -63.83 -47.93
C TRP E 697 61.76 -64.85 -48.97
N ASN E 698 62.34 -66.05 -48.94
CA ASN E 698 62.02 -67.06 -49.93
C ASN E 698 60.65 -67.68 -49.64
N PRO E 699 60.00 -68.24 -50.66
CA PRO E 699 58.68 -68.83 -50.45
C PRO E 699 58.72 -70.00 -49.47
N GLU E 700 57.63 -70.16 -48.74
CA GLU E 700 57.50 -71.24 -47.79
C GLU E 700 57.05 -72.52 -48.47
N ILE E 701 57.19 -73.63 -47.77
CA ILE E 701 56.58 -74.89 -48.18
C ILE E 701 55.09 -74.82 -47.85
N GLN E 702 54.26 -75.19 -48.81
CA GLN E 702 52.83 -75.18 -48.65
C GLN E 702 52.27 -76.54 -49.01
N TYR E 703 51.21 -76.94 -48.33
CA TYR E 703 50.49 -78.13 -48.78
C TYR E 703 49.74 -77.78 -50.06
N THR E 704 49.93 -78.60 -51.09
CA THR E 704 49.28 -78.38 -52.36
C THR E 704 48.81 -79.71 -52.92
N SER E 705 47.72 -79.66 -53.67
CA SER E 705 47.32 -80.82 -54.44
C SER E 705 48.26 -80.98 -55.63
N ASN E 706 48.41 -82.22 -56.09
CA ASN E 706 49.25 -82.49 -57.24
C ASN E 706 48.60 -81.93 -58.49
N TYR E 707 49.40 -81.26 -59.32
CA TYR E 707 48.88 -80.65 -60.53
C TYR E 707 48.63 -81.68 -61.62
N TYR E 708 49.37 -82.77 -61.62
CA TYR E 708 49.32 -83.74 -62.70
C TYR E 708 48.00 -84.50 -62.69
N LYS E 709 47.60 -84.99 -63.87
CA LYS E 709 46.32 -85.66 -64.02
C LYS E 709 46.29 -86.97 -63.25
N SER E 710 45.07 -87.39 -62.90
CA SER E 710 44.89 -88.63 -62.16
C SER E 710 43.50 -89.18 -62.44
N THR E 711 43.33 -90.45 -62.13
CA THR E 711 42.04 -91.10 -62.37
C THR E 711 40.93 -90.47 -61.54
N SER E 712 41.24 -90.07 -60.31
CA SER E 712 40.26 -89.48 -59.42
C SER E 712 40.86 -88.27 -58.74
N VAL E 713 39.99 -87.38 -58.28
CA VAL E 713 40.41 -86.22 -57.51
C VAL E 713 40.73 -86.67 -56.09
N ASP E 714 41.88 -86.22 -55.58
CA ASP E 714 42.23 -86.51 -54.20
C ASP E 714 41.25 -85.83 -53.25
N PHE E 715 40.90 -86.53 -52.19
CA PHE E 715 39.90 -86.06 -51.21
C PHE E 715 38.56 -85.81 -51.90
N ALA E 716 38.14 -86.76 -52.72
CA ALA E 716 36.84 -86.73 -53.37
C ALA E 716 36.30 -88.14 -53.38
N VAL E 717 35.17 -88.32 -54.00
CA VAL E 717 34.56 -89.64 -54.14
C VAL E 717 35.06 -90.28 -55.42
N ASN E 718 35.05 -91.61 -55.45
CA ASN E 718 35.36 -92.34 -56.66
C ASN E 718 34.08 -92.60 -57.43
N THR E 719 34.14 -93.48 -58.43
CA THR E 719 32.97 -93.78 -59.24
C THR E 719 31.90 -94.52 -58.47
N GLU E 720 32.24 -95.12 -57.33
CA GLU E 720 31.29 -95.85 -56.52
C GLU E 720 30.74 -95.02 -55.37
N GLY E 721 31.09 -93.76 -55.28
CA GLY E 721 30.60 -92.92 -54.21
C GLY E 721 31.37 -93.00 -52.92
N VAL E 722 32.52 -93.67 -52.91
CA VAL E 722 33.31 -93.84 -51.70
C VAL E 722 34.25 -92.65 -51.56
N TYR E 723 34.08 -91.91 -50.47
CA TYR E 723 35.03 -90.84 -50.15
C TYR E 723 36.27 -91.44 -49.52
N SER E 724 37.42 -90.97 -49.95
CA SER E 724 38.69 -91.47 -49.44
C SER E 724 39.62 -90.30 -49.16
N GLU E 725 40.45 -90.47 -48.13
CA GLU E 725 41.52 -89.53 -47.83
C GLU E 725 42.82 -90.17 -48.26
N PRO E 726 43.46 -89.70 -49.34
CA PRO E 726 44.59 -90.45 -49.90
C PRO E 726 45.85 -90.38 -49.06
N ARG E 727 46.03 -89.34 -48.25
CA ARG E 727 47.25 -89.17 -47.48
C ARG E 727 46.90 -88.52 -46.16
N PRO E 728 47.73 -88.69 -45.13
CA PRO E 728 47.55 -87.91 -43.90
C PRO E 728 48.16 -86.53 -44.07
N ILE E 729 47.34 -85.50 -43.97
CA ILE E 729 47.83 -84.13 -44.08
C ILE E 729 48.23 -83.67 -42.69
N GLY E 730 49.51 -83.41 -42.50
CA GLY E 730 49.98 -82.85 -41.26
C GLY E 730 49.59 -81.40 -41.13
N THR E 731 50.28 -80.68 -40.28
CA THR E 731 49.91 -79.31 -39.99
C THR E 731 51.10 -78.35 -40.13
N ARG E 732 52.32 -78.88 -40.20
CA ARG E 732 53.53 -78.07 -40.11
C ARG E 732 54.11 -77.86 -41.50
N TYR E 733 53.76 -76.74 -42.11
CA TYR E 733 54.28 -76.34 -43.41
C TYR E 733 54.98 -74.99 -43.37
N LEU E 734 54.42 -74.03 -42.65
CA LEU E 734 55.10 -72.77 -42.43
C LEU E 734 56.29 -72.97 -41.50
N THR E 735 57.17 -71.97 -41.46
CA THR E 735 58.39 -72.08 -40.69
C THR E 735 58.52 -70.93 -39.70
N ARG E 736 59.19 -71.20 -38.59
CA ARG E 736 59.58 -70.20 -37.61
C ARG E 736 61.04 -70.40 -37.26
N ASN E 737 61.68 -69.32 -36.85
CA ASN E 737 62.98 -69.45 -36.21
C ASN E 737 62.81 -70.06 -34.81
N LEU E 738 63.88 -70.64 -34.31
CA LEU E 738 63.83 -71.18 -32.96
C LEU E 738 63.92 -70.05 -31.93
N GLY F 221 48.51 -63.28 35.52
CA GLY F 221 48.53 -63.54 36.95
C GLY F 221 48.98 -64.93 37.31
N VAL F 222 49.58 -65.06 38.50
CA VAL F 222 50.04 -66.36 38.97
C VAL F 222 48.87 -67.31 39.16
N GLY F 223 47.79 -66.83 39.74
CA GLY F 223 46.65 -67.65 40.09
C GLY F 223 45.53 -67.72 39.08
N SER F 224 45.74 -67.27 37.85
CA SER F 224 44.73 -67.30 36.81
C SER F 224 45.24 -68.08 35.61
N SER F 225 44.38 -68.92 35.06
CA SER F 225 44.73 -69.68 33.87
C SER F 225 44.88 -68.75 32.67
N SER F 226 45.88 -69.02 31.84
CA SER F 226 46.12 -68.22 30.65
C SER F 226 45.52 -68.84 29.40
N GLY F 227 44.80 -69.94 29.53
CA GLY F 227 44.14 -70.54 28.39
C GLY F 227 43.40 -71.78 28.81
N ASN F 228 42.50 -72.21 27.95
CA ASN F 228 41.66 -73.37 28.19
C ASN F 228 42.08 -74.54 27.32
N TRP F 229 41.65 -75.73 27.72
CA TRP F 229 41.89 -76.94 26.97
C TRP F 229 40.95 -76.98 25.77
N HIS F 230 41.52 -77.07 24.57
CA HIS F 230 40.74 -77.06 23.33
C HIS F 230 41.17 -78.25 22.48
N CYS F 231 40.55 -79.39 22.71
CA CYS F 231 40.67 -80.54 21.83
C CYS F 231 39.29 -80.80 21.23
N ASP F 232 39.21 -80.72 19.91
CA ASP F 232 37.92 -80.81 19.24
C ASP F 232 38.16 -80.90 17.74
N SER F 233 37.11 -81.30 17.03
CA SER F 233 37.09 -81.23 15.58
C SER F 233 35.68 -80.86 15.16
N THR F 234 35.56 -79.76 14.43
CA THR F 234 34.26 -79.29 13.97
C THR F 234 34.21 -79.43 12.45
N TRP F 235 33.26 -80.21 11.97
CA TRP F 235 33.04 -80.40 10.55
C TRP F 235 31.90 -79.48 10.12
N LEU F 236 32.19 -78.56 9.22
CA LEU F 236 31.20 -77.56 8.80
C LEU F 236 31.36 -77.36 7.30
N GLY F 237 30.46 -77.94 6.52
CA GLY F 237 30.52 -77.79 5.07
C GLY F 237 31.76 -78.42 4.50
N ASP F 238 32.51 -77.64 3.72
CA ASP F 238 33.73 -78.10 3.10
C ASP F 238 34.96 -77.86 3.96
N ARG F 239 34.78 -77.54 5.23
CA ARG F 239 35.88 -77.32 6.16
C ARG F 239 35.79 -78.29 7.31
N VAL F 240 36.94 -78.68 7.82
CA VAL F 240 37.04 -79.31 9.13
C VAL F 240 38.10 -78.57 9.92
N ILE F 241 37.77 -78.18 11.14
CA ILE F 241 38.68 -77.46 12.00
C ILE F 241 39.08 -78.39 13.12
N THR F 242 40.31 -78.88 13.08
CA THR F 242 40.86 -79.70 14.14
C THR F 242 41.59 -78.79 15.12
N THR F 243 41.31 -78.95 16.39
CA THR F 243 42.07 -78.28 17.43
C THR F 243 42.51 -79.33 18.45
N SER F 244 43.76 -79.27 18.84
CA SER F 244 44.32 -80.23 19.76
C SER F 244 45.15 -79.53 20.80
N THR F 245 44.97 -79.93 22.05
CA THR F 245 45.73 -79.42 23.17
C THR F 245 46.52 -80.56 23.79
N ARG F 246 47.76 -80.28 24.15
CA ARG F 246 48.61 -81.26 24.82
C ARG F 246 49.35 -80.58 25.95
N THR F 247 49.71 -81.37 26.95
CA THR F 247 50.60 -80.92 28.00
C THR F 247 52.02 -81.28 27.63
N TRP F 248 52.92 -80.30 27.67
CA TRP F 248 54.30 -80.51 27.31
C TRP F 248 55.19 -80.28 28.53
N ALA F 249 56.40 -80.81 28.46
CA ALA F 249 57.43 -80.54 29.45
C ALA F 249 58.72 -80.20 28.71
N LEU F 250 59.30 -79.06 29.04
CA LEU F 250 60.53 -78.63 28.40
C LEU F 250 61.67 -78.65 29.39
N PRO F 251 62.65 -79.51 29.24
CA PRO F 251 63.82 -79.48 30.11
C PRO F 251 64.77 -78.38 29.67
N THR F 252 65.81 -78.19 30.47
CA THR F 252 66.95 -77.40 30.03
C THR F 252 67.84 -78.29 29.17
N TYR F 253 68.04 -77.89 27.93
CA TYR F 253 68.85 -78.65 26.99
C TYR F 253 70.26 -78.10 26.97
N ASN F 254 71.24 -79.00 26.87
CA ASN F 254 72.64 -78.65 26.65
C ASN F 254 73.24 -77.83 27.77
N ASN F 255 72.59 -77.76 28.93
CA ASN F 255 73.01 -76.88 30.01
C ASN F 255 73.10 -75.43 29.52
N HIS F 256 72.11 -75.02 28.74
CA HIS F 256 71.99 -73.67 28.18
C HIS F 256 73.07 -73.34 27.17
N LEU F 257 73.78 -74.33 26.64
CA LEU F 257 74.91 -74.09 25.76
C LEU F 257 74.58 -74.44 24.32
N TYR F 258 75.25 -73.76 23.40
CA TYR F 258 75.32 -74.20 22.02
C TYR F 258 76.57 -75.06 21.87
N LYS F 259 76.39 -76.28 21.39
CA LYS F 259 77.51 -77.19 21.24
C LYS F 259 77.67 -77.55 19.78
N GLN F 260 78.89 -77.43 19.27
CA GLN F 260 79.20 -77.96 17.96
C GLN F 260 79.17 -79.49 18.03
N ILE F 261 78.47 -80.11 17.09
CA ILE F 261 78.37 -81.56 17.02
C ILE F 261 78.86 -82.01 15.65
N SER F 262 79.54 -83.14 15.61
CA SER F 262 80.14 -83.62 14.38
C SER F 262 80.17 -85.13 14.40
N ASN F 263 80.41 -85.68 13.21
CA ASN F 263 80.63 -87.12 13.05
C ASN F 263 81.54 -87.28 11.84
N GLY F 264 82.68 -87.94 12.04
CA GLY F 264 83.65 -88.15 10.99
C GLY F 264 83.87 -89.62 10.70
N THR F 265 84.79 -89.88 9.79
CA THR F 265 85.12 -91.23 9.40
C THR F 265 86.16 -91.84 10.34
N ALA F 269 82.44 -94.35 11.75
CA ALA F 269 81.35 -93.94 10.88
C ALA F 269 81.82 -93.85 9.44
N THR F 270 80.91 -94.12 8.50
CA THR F 270 81.22 -94.02 7.10
C THR F 270 81.07 -92.58 6.62
N ASN F 271 81.63 -92.31 5.44
CA ASN F 271 81.52 -90.96 4.87
C ASN F 271 80.07 -90.59 4.60
N ASP F 272 79.22 -91.59 4.32
CA ASP F 272 77.81 -91.32 4.04
C ASP F 272 77.09 -90.74 5.25
N ASN F 273 77.62 -90.94 6.45
CA ASN F 273 76.94 -90.53 7.68
C ASN F 273 77.66 -89.38 8.39
N THR F 274 78.62 -88.74 7.75
CA THR F 274 79.32 -87.63 8.37
C THR F 274 78.41 -86.40 8.43
N TYR F 275 78.63 -85.58 9.46
CA TYR F 275 77.90 -84.33 9.55
C TYR F 275 78.67 -83.35 10.42
N PHE F 276 78.35 -82.07 10.23
CA PHE F 276 78.78 -81.01 11.12
C PHE F 276 77.56 -80.16 11.40
N GLY F 277 77.34 -79.82 12.65
CA GLY F 277 76.19 -79.03 12.99
C GLY F 277 76.30 -78.49 14.39
N TYR F 278 75.16 -78.03 14.90
CA TYR F 278 75.13 -77.43 16.22
C TYR F 278 73.93 -77.94 16.99
N SER F 279 74.18 -78.31 18.24
CA SER F 279 73.13 -78.58 19.20
C SER F 279 72.83 -77.28 19.93
N THR F 280 71.56 -76.93 20.02
CA THR F 280 71.16 -75.70 20.67
C THR F 280 70.46 -75.99 21.98
N PRO F 281 70.45 -75.04 22.92
CA PRO F 281 69.68 -75.21 24.15
C PRO F 281 68.17 -75.03 23.97
N TRP F 282 67.71 -74.89 22.74
CA TRP F 282 66.30 -74.61 22.48
C TRP F 282 65.54 -75.88 22.18
N GLY F 283 64.31 -75.94 22.65
CA GLY F 283 63.37 -76.91 22.16
C GLY F 283 62.55 -76.33 21.03
N TYR F 284 61.74 -77.18 20.41
CA TYR F 284 60.86 -76.71 19.36
C TYR F 284 59.59 -77.53 19.37
N PHE F 285 58.50 -76.90 18.93
CA PHE F 285 57.20 -77.54 18.88
C PHE F 285 56.97 -78.12 17.50
N ASP F 286 56.62 -79.40 17.46
CA ASP F 286 56.35 -80.10 16.22
C ASP F 286 54.92 -80.64 16.27
N PHE F 287 54.13 -80.32 15.26
CA PHE F 287 52.82 -80.91 15.07
C PHE F 287 52.65 -81.30 13.62
N ASN F 288 53.72 -81.81 13.03
CA ASN F 288 53.77 -82.16 11.61
C ASN F 288 53.41 -83.61 11.36
N ARG F 289 52.51 -84.17 12.16
CA ARG F 289 51.93 -85.47 11.91
C ARG F 289 50.42 -85.35 11.99
N PHE F 290 49.73 -86.11 11.14
CA PHE F 290 48.29 -85.96 11.05
C PHE F 290 47.58 -86.37 12.34
N HIS F 291 48.12 -87.35 13.06
CA HIS F 291 47.47 -87.78 14.29
C HIS F 291 47.63 -86.77 15.42
N CYS F 292 48.47 -85.74 15.25
CA CYS F 292 48.48 -84.63 16.19
C CYS F 292 47.19 -83.83 16.13
N HIS F 293 46.43 -83.95 15.05
CA HIS F 293 45.25 -83.13 14.82
C HIS F 293 44.00 -83.96 14.60
N PHE F 294 44.09 -85.10 13.93
CA PHE F 294 42.95 -85.93 13.66
C PHE F 294 42.91 -87.12 14.60
N SER F 295 41.80 -87.28 15.30
CA SER F 295 41.54 -88.54 15.97
C SER F 295 41.33 -89.62 14.92
N PRO F 296 41.52 -90.89 15.27
CA PRO F 296 41.29 -91.96 14.30
C PRO F 296 39.89 -91.92 13.71
N ARG F 297 38.88 -91.61 14.52
CA ARG F 297 37.52 -91.47 14.00
C ARG F 297 37.41 -90.27 13.06
N ASP F 298 38.06 -89.16 13.40
CA ASP F 298 38.07 -88.00 12.51
C ASP F 298 38.78 -88.34 11.21
N TRP F 299 39.88 -89.08 11.29
CA TRP F 299 40.58 -89.52 10.10
C TRP F 299 39.68 -90.39 9.23
N GLN F 300 38.91 -91.28 9.86
CA GLN F 300 37.96 -92.10 9.12
C GLN F 300 36.92 -91.24 8.44
N ARG F 301 36.37 -90.26 9.16
CA ARG F 301 35.41 -89.33 8.56
C ARG F 301 36.01 -88.64 7.36
N LEU F 302 37.26 -88.21 7.46
CA LEU F 302 37.91 -87.50 6.38
C LEU F 302 38.11 -88.41 5.16
N ILE F 303 38.69 -89.59 5.38
CA ILE F 303 39.11 -90.41 4.25
C ILE F 303 37.97 -91.20 3.62
N ASN F 304 36.89 -91.45 4.35
CA ASN F 304 35.79 -92.21 3.77
C ASN F 304 34.81 -91.35 2.98
N ASN F 305 34.95 -90.03 3.03
CA ASN F 305 33.93 -89.14 2.50
C ASN F 305 34.46 -88.02 1.63
N ASN F 306 35.77 -87.88 1.50
CA ASN F 306 36.34 -86.75 0.79
C ASN F 306 37.34 -87.23 -0.25
N TRP F 307 37.31 -86.60 -1.41
CA TRP F 307 38.29 -86.89 -2.44
C TRP F 307 39.62 -86.19 -2.21
N GLY F 308 39.63 -85.19 -1.34
CA GLY F 308 40.85 -84.46 -1.09
C GLY F 308 40.70 -83.53 0.09
N PHE F 309 41.84 -83.07 0.57
CA PHE F 309 41.87 -82.11 1.66
C PHE F 309 43.20 -81.37 1.61
N ARG F 310 43.23 -80.23 2.26
CA ARG F 310 44.46 -79.44 2.35
C ARG F 310 44.34 -78.50 3.54
N PRO F 311 45.45 -78.20 4.21
CA PRO F 311 45.40 -77.22 5.29
C PRO F 311 45.17 -75.83 4.74
N LYS F 312 44.46 -75.01 5.51
CA LYS F 312 44.16 -73.65 5.13
C LYS F 312 44.83 -72.64 6.05
N ARG F 313 44.65 -72.78 7.35
CA ARG F 313 45.22 -71.86 8.32
C ARG F 313 45.47 -72.62 9.60
N LEU F 314 46.36 -72.09 10.42
CA LEU F 314 46.56 -72.66 11.74
C LEU F 314 46.69 -71.55 12.77
N SER F 315 46.28 -71.85 13.99
CA SER F 315 46.53 -71.01 15.14
C SER F 315 47.21 -71.87 16.20
N PHE F 316 48.19 -71.29 16.86
CA PHE F 316 49.02 -71.98 17.82
C PHE F 316 49.00 -71.21 19.12
N LYS F 317 48.92 -71.92 20.25
CA LYS F 317 48.86 -71.26 21.54
C LYS F 317 49.74 -71.99 22.55
N LEU F 318 50.48 -71.22 23.32
CA LEU F 318 51.19 -71.70 24.51
C LEU F 318 50.61 -70.99 25.71
N PHE F 319 50.27 -71.74 26.74
CA PHE F 319 49.57 -71.16 27.87
C PHE F 319 49.73 -72.06 29.08
N ASN F 320 49.30 -71.55 30.23
CA ASN F 320 49.41 -72.26 31.51
C ASN F 320 50.85 -72.71 31.75
N ILE F 321 51.77 -71.81 31.51
CA ILE F 321 53.19 -72.11 31.64
C ILE F 321 53.54 -72.18 33.11
N GLN F 322 54.25 -73.24 33.50
CA GLN F 322 54.77 -73.40 34.84
C GLN F 322 56.26 -73.69 34.73
N VAL F 323 57.08 -72.82 35.29
CA VAL F 323 58.51 -73.04 35.36
C VAL F 323 58.84 -73.55 36.75
N LYS F 324 59.49 -74.69 36.83
CA LYS F 324 59.71 -75.36 38.09
C LYS F 324 61.19 -75.51 38.37
N GLU F 325 61.56 -75.28 39.62
CA GLU F 325 62.92 -75.43 40.09
C GLU F 325 63.07 -76.75 40.82
N VAL F 326 64.10 -77.51 40.49
CA VAL F 326 64.37 -78.78 41.14
C VAL F 326 65.73 -78.69 41.83
N THR F 327 65.76 -79.05 43.11
CA THR F 327 66.98 -78.98 43.90
C THR F 327 67.46 -80.36 44.32
N LYS F 333 65.38 -84.93 46.38
CA LYS F 333 64.95 -84.06 45.29
C LYS F 333 63.60 -83.42 45.58
N THR F 334 63.55 -82.10 45.53
CA THR F 334 62.31 -81.35 45.70
C THR F 334 62.09 -80.47 44.47
N ILE F 335 60.85 -80.42 44.02
CA ILE F 335 60.45 -79.59 42.88
C ILE F 335 59.55 -78.48 43.39
N ALA F 336 59.91 -77.24 43.07
CA ALA F 336 59.16 -76.09 43.52
C ALA F 336 58.89 -75.17 42.34
N ASN F 337 57.82 -74.40 42.44
CA ASN F 337 57.52 -73.39 41.44
C ASN F 337 58.55 -72.27 41.52
N ASN F 338 58.99 -71.82 40.35
CA ASN F 338 59.80 -70.62 40.23
C ASN F 338 58.93 -69.60 39.52
N LEU F 339 58.17 -68.83 40.31
CA LEU F 339 57.15 -67.96 39.77
C LEU F 339 57.71 -66.85 38.88
N THR F 340 58.95 -66.43 39.14
CA THR F 340 59.55 -65.33 38.42
C THR F 340 60.41 -65.78 37.24
N SER F 341 60.51 -67.09 36.99
CA SER F 341 61.29 -67.58 35.88
C SER F 341 60.50 -67.45 34.58
N THR F 342 61.22 -67.37 33.48
CA THR F 342 60.62 -67.19 32.17
C THR F 342 61.00 -68.32 31.23
N ILE F 343 60.16 -68.50 30.22
CA ILE F 343 60.53 -69.25 29.02
C ILE F 343 60.58 -68.26 27.87
N GLN F 344 61.38 -68.57 26.87
CA GLN F 344 61.48 -67.76 25.67
C GLN F 344 60.88 -68.53 24.50
N VAL F 345 59.96 -67.89 23.80
CA VAL F 345 59.29 -68.49 22.65
C VAL F 345 59.38 -67.53 21.49
N PHE F 346 59.75 -68.04 20.32
CA PHE F 346 59.64 -67.25 19.10
C PHE F 346 59.38 -68.19 17.94
N THR F 347 58.74 -67.65 16.91
CA THR F 347 58.55 -68.37 15.66
C THR F 347 59.53 -67.84 14.63
N ASP F 348 60.17 -68.75 13.91
CA ASP F 348 61.03 -68.38 12.79
C ASP F 348 60.14 -68.04 11.59
N SER F 349 59.47 -66.90 11.69
CA SER F 349 58.48 -66.52 10.70
C SER F 349 59.10 -66.14 9.38
N GLU F 350 60.35 -65.67 9.39
CA GLU F 350 61.07 -65.36 8.17
C GLU F 350 61.86 -66.54 7.63
N TYR F 351 61.77 -67.70 8.25
CA TYR F 351 62.46 -68.91 7.81
C TYR F 351 63.96 -68.67 7.71
N GLN F 352 64.51 -67.97 8.70
CA GLN F 352 65.93 -67.67 8.73
C GLN F 352 66.74 -68.75 9.45
N LEU F 353 66.11 -69.65 10.09
CA LEU F 353 66.79 -70.76 10.72
C LEU F 353 66.72 -71.99 9.85
N PRO F 354 67.68 -72.91 9.98
CA PRO F 354 67.55 -74.21 9.31
C PRO F 354 66.25 -74.88 9.72
N TYR F 355 65.46 -75.26 8.72
CA TYR F 355 64.14 -75.82 8.95
C TYR F 355 64.29 -77.33 9.14
N VAL F 356 64.15 -77.77 10.39
CA VAL F 356 64.32 -79.19 10.72
C VAL F 356 63.00 -79.92 10.82
N LEU F 357 61.88 -79.22 10.78
CA LEU F 357 60.61 -79.89 10.60
C LEU F 357 60.54 -80.47 9.20
N GLY F 358 59.65 -81.43 9.01
CA GLY F 358 59.60 -82.09 7.73
C GLY F 358 60.73 -83.07 7.49
N SER F 359 61.35 -83.57 8.55
CA SER F 359 62.29 -84.68 8.44
C SER F 359 61.79 -85.91 9.17
N ALA F 360 60.49 -85.97 9.44
CA ALA F 360 59.84 -87.12 10.06
C ALA F 360 60.48 -87.47 11.41
N HIS F 361 60.78 -86.45 12.20
CA HIS F 361 61.43 -86.64 13.48
C HIS F 361 60.42 -86.91 14.58
N GLN F 362 60.86 -87.62 15.60
CA GLN F 362 60.06 -87.78 16.80
C GLN F 362 59.95 -86.45 17.54
N GLY F 363 59.07 -86.41 18.53
CA GLY F 363 58.86 -85.21 19.30
C GLY F 363 57.65 -84.41 18.92
N CYS F 364 56.85 -84.88 17.96
CA CYS F 364 55.61 -84.21 17.64
C CYS F 364 54.62 -84.36 18.80
N LEU F 365 53.53 -83.60 18.72
CA LEU F 365 52.46 -83.76 19.69
C LEU F 365 51.96 -85.19 19.65
N PRO F 366 51.75 -85.83 20.81
CA PRO F 366 51.34 -87.23 20.81
C PRO F 366 49.97 -87.39 20.19
N PRO F 367 49.69 -88.52 19.55
CA PRO F 367 48.34 -88.74 19.01
C PRO F 367 47.25 -88.74 20.07
N PHE F 368 47.55 -89.23 21.27
CA PHE F 368 46.54 -89.31 22.32
C PHE F 368 46.54 -88.02 23.13
N PRO F 369 45.40 -87.33 23.24
CA PRO F 369 45.39 -86.03 23.93
C PRO F 369 45.80 -86.10 25.38
N ALA F 370 45.53 -87.21 26.07
CA ALA F 370 45.92 -87.33 27.47
C ALA F 370 47.41 -87.49 27.66
N ASP F 371 48.17 -87.65 26.58
CA ASP F 371 49.58 -87.97 26.69
C ASP F 371 50.41 -86.71 26.89
N VAL F 372 51.26 -86.72 27.90
CA VAL F 372 52.19 -85.62 28.16
C VAL F 372 53.50 -85.91 27.46
N PHE F 373 53.99 -84.96 26.69
CA PHE F 373 55.15 -85.20 25.85
C PHE F 373 56.28 -84.24 26.18
N MET F 374 57.49 -84.71 25.92
CA MET F 374 58.71 -83.95 26.07
C MET F 374 59.02 -83.20 24.78
N ILE F 375 59.38 -81.93 24.92
CA ILE F 375 59.68 -81.11 23.74
C ILE F 375 61.05 -81.50 23.19
N PRO F 376 61.16 -81.79 21.90
CA PRO F 376 62.46 -82.18 21.35
C PRO F 376 63.44 -81.03 21.31
N GLN F 377 64.72 -81.37 21.38
CA GLN F 377 65.77 -80.37 21.34
C GLN F 377 66.05 -79.94 19.91
N TYR F 378 66.19 -78.64 19.70
CA TYR F 378 66.47 -78.12 18.39
C TYR F 378 67.97 -78.23 18.08
N GLY F 379 68.28 -78.85 16.95
CA GLY F 379 69.61 -78.83 16.42
C GLY F 379 69.54 -78.73 14.92
N TYR F 380 70.66 -78.39 14.31
CA TYR F 380 70.67 -78.24 12.86
C TYR F 380 72.03 -78.66 12.33
N LEU F 381 72.07 -78.92 11.04
CA LEU F 381 73.28 -79.28 10.34
C LEU F 381 73.62 -78.20 9.32
N THR F 382 74.92 -78.00 9.12
CA THR F 382 75.38 -77.10 8.10
C THR F 382 76.36 -77.85 7.22
N LEU F 383 77.07 -77.15 6.34
CA LEU F 383 77.99 -77.82 5.43
C LEU F 383 79.12 -78.48 6.20
N ASN F 384 79.47 -79.69 5.79
CA ASN F 384 80.54 -80.43 6.44
C ASN F 384 81.46 -81.04 5.38
N ASN F 385 82.72 -81.23 5.76
CA ASN F 385 83.70 -81.98 5.00
C ASN F 385 84.23 -83.02 5.99
N GLY F 386 83.62 -84.20 5.99
CA GLY F 386 83.87 -85.14 7.07
C GLY F 386 83.27 -84.60 8.35
N SER F 387 84.05 -84.58 9.41
CA SER F 387 83.63 -83.98 10.67
C SER F 387 83.97 -82.51 10.77
N GLN F 388 84.61 -81.94 9.76
CA GLN F 388 85.04 -80.55 9.79
C GLN F 388 84.00 -79.66 9.13
N ALA F 389 83.93 -78.43 9.59
CA ALA F 389 83.16 -77.42 8.90
C ALA F 389 83.96 -76.81 7.76
N VAL F 390 83.25 -76.19 6.83
CA VAL F 390 83.88 -75.42 5.78
C VAL F 390 83.57 -73.95 6.02
N GLY F 391 84.22 -73.09 5.23
CA GLY F 391 84.00 -71.66 5.38
C GLY F 391 82.56 -71.24 5.14
N ARG F 392 81.81 -72.02 4.37
CA ARG F 392 80.42 -71.71 4.11
C ARG F 392 79.49 -72.23 5.18
N SER F 393 79.99 -72.97 6.16
CA SER F 393 79.16 -73.45 7.25
C SER F 393 78.60 -72.29 8.05
N SER F 394 77.31 -72.36 8.35
CA SER F 394 76.62 -71.30 9.05
C SER F 394 76.38 -71.70 10.50
N PHE F 395 76.70 -70.78 11.42
CA PHE F 395 76.35 -70.93 12.82
C PHE F 395 75.21 -69.98 13.13
N TYR F 396 74.17 -70.48 13.78
CA TYR F 396 73.02 -69.68 14.15
C TYR F 396 72.87 -69.65 15.65
N CYS F 397 72.80 -68.45 16.21
CA CYS F 397 72.45 -68.25 17.60
C CYS F 397 70.96 -67.92 17.66
N LEU F 398 70.19 -68.78 18.32
CA LEU F 398 68.76 -68.54 18.40
C LEU F 398 68.42 -67.42 19.36
N GLU F 399 69.33 -67.07 20.27
CA GLU F 399 69.15 -65.88 21.09
C GLU F 399 69.27 -64.61 20.26
N TYR F 400 69.85 -64.70 19.07
CA TYR F 400 69.95 -63.56 18.18
C TYR F 400 68.63 -63.24 17.50
N PHE F 401 67.54 -63.87 17.92
CA PHE F 401 66.22 -63.59 17.42
C PHE F 401 65.39 -62.89 18.49
N PRO F 402 64.44 -62.04 18.10
CA PRO F 402 63.48 -61.53 19.08
C PRO F 402 62.58 -62.65 19.59
N SER F 403 62.56 -62.83 20.90
CA SER F 403 61.74 -63.86 21.52
C SER F 403 60.83 -63.22 22.55
N GLN F 404 59.61 -63.73 22.65
CA GLN F 404 58.73 -63.34 23.72
C GLN F 404 59.13 -64.12 24.97
N MET F 405 59.34 -63.43 26.07
CA MET F 405 59.62 -64.07 27.34
C MET F 405 58.33 -64.15 28.15
N LEU F 406 58.07 -65.32 28.71
CA LEU F 406 56.79 -65.62 29.33
C LEU F 406 57.03 -66.06 30.77
N ARG F 407 56.39 -65.38 31.71
CA ARG F 407 56.31 -65.90 33.06
C ARG F 407 55.07 -66.78 33.17
N THR F 408 54.80 -67.28 34.38
CA THR F 408 53.75 -68.26 34.56
C THR F 408 52.38 -67.71 34.18
N GLY F 409 52.19 -66.39 34.25
CA GLY F 409 50.93 -65.80 33.89
C GLY F 409 50.78 -65.41 32.43
N ASN F 410 51.83 -65.57 31.64
CA ASN F 410 51.80 -65.15 30.25
C ASN F 410 51.42 -66.31 29.34
N ASN F 411 50.94 -65.95 28.16
CA ASN F 411 50.67 -66.93 27.11
C ASN F 411 51.23 -66.42 25.79
N PHE F 412 51.46 -67.36 24.89
CA PHE F 412 51.99 -67.07 23.56
C PHE F 412 51.03 -67.61 22.53
N GLN F 413 50.83 -66.86 21.46
CA GLN F 413 49.98 -67.36 20.38
C GLN F 413 50.37 -66.68 19.08
N PHE F 414 50.17 -67.40 17.99
CA PHE F 414 50.33 -66.84 16.66
C PHE F 414 49.43 -67.60 15.70
N THR F 415 49.12 -66.94 14.59
CA THR F 415 48.32 -67.53 13.54
C THR F 415 49.15 -67.61 12.27
N TYR F 416 48.85 -68.60 11.44
CA TYR F 416 49.57 -68.83 10.21
C TYR F 416 48.56 -69.23 9.14
N THR F 417 48.75 -68.73 7.93
CA THR F 417 47.91 -69.09 6.80
C THR F 417 48.73 -69.92 5.82
N PHE F 418 48.23 -71.09 5.50
CA PHE F 418 48.89 -71.93 4.50
C PHE F 418 48.76 -71.29 3.13
N GLU F 419 49.82 -71.41 2.33
CA GLU F 419 49.74 -70.99 0.94
C GLU F 419 48.78 -71.90 0.18
N ASP F 420 48.37 -71.45 -1.00
CA ASP F 420 47.51 -72.26 -1.85
C ASP F 420 48.28 -73.51 -2.28
N VAL F 421 47.91 -74.65 -1.71
CA VAL F 421 48.58 -75.92 -1.97
C VAL F 421 47.55 -76.81 -2.66
N PRO F 422 47.95 -77.71 -3.56
CA PRO F 422 46.96 -78.62 -4.16
C PRO F 422 46.36 -79.55 -3.12
N PHE F 423 45.11 -79.91 -3.34
CA PHE F 423 44.47 -80.91 -2.50
C PHE F 423 45.24 -82.22 -2.57
N HIS F 424 45.43 -82.86 -1.42
CA HIS F 424 45.96 -84.20 -1.44
C HIS F 424 44.95 -85.14 -2.05
N SER F 425 45.42 -86.05 -2.90
CA SER F 425 44.54 -87.00 -3.58
C SER F 425 44.11 -88.06 -2.58
N SER F 426 42.98 -87.82 -1.93
CA SER F 426 42.42 -88.78 -0.98
C SER F 426 41.52 -89.78 -1.68
N TYR F 427 42.03 -90.37 -2.75
CA TYR F 427 41.27 -91.27 -3.58
C TYR F 427 42.23 -92.18 -4.33
N ALA F 428 41.72 -93.34 -4.72
CA ALA F 428 42.43 -94.22 -5.63
C ALA F 428 41.69 -94.24 -6.96
N HIS F 429 42.45 -94.35 -8.05
CA HIS F 429 41.82 -94.36 -9.35
C HIS F 429 41.12 -95.69 -9.60
N SER F 430 39.89 -95.62 -10.09
CA SER F 430 39.13 -96.81 -10.45
C SER F 430 39.36 -97.22 -11.89
N GLN F 431 40.26 -96.53 -12.58
CA GLN F 431 40.67 -96.90 -13.92
C GLN F 431 42.19 -96.95 -13.98
N SER F 432 42.70 -97.82 -14.82
CA SER F 432 44.14 -97.89 -15.06
C SER F 432 44.50 -97.02 -16.26
N LEU F 433 45.74 -96.52 -16.26
CA LEU F 433 46.17 -95.63 -17.33
C LEU F 433 46.18 -96.31 -18.69
N ASP F 434 46.46 -97.61 -18.72
CA ASP F 434 46.46 -98.36 -19.97
C ASP F 434 45.10 -98.94 -20.32
N ARG F 435 44.06 -98.57 -19.57
CA ARG F 435 42.71 -99.08 -19.80
C ARG F 435 41.71 -97.94 -19.82
N LEU F 436 42.07 -96.83 -20.47
CA LEU F 436 41.19 -95.67 -20.55
C LEU F 436 40.32 -95.68 -21.79
N MET F 437 40.45 -96.69 -22.64
CA MET F 437 39.78 -96.74 -23.92
C MET F 437 38.44 -97.48 -23.83
N ASN F 438 37.62 -97.26 -24.84
CA ASN F 438 36.36 -97.97 -24.99
C ASN F 438 36.66 -99.42 -25.36
N PRO F 439 36.24 -100.40 -24.56
CA PRO F 439 36.53 -101.80 -24.85
C PRO F 439 35.67 -102.43 -25.93
N LEU F 440 34.83 -101.66 -26.61
CA LEU F 440 33.96 -102.20 -27.64
C LEU F 440 34.31 -101.74 -29.04
N ILE F 441 35.09 -100.67 -29.18
CA ILE F 441 35.33 -100.02 -30.46
C ILE F 441 36.79 -100.16 -30.81
N ASP F 442 37.07 -100.48 -32.07
CA ASP F 442 38.43 -100.48 -32.56
C ASP F 442 38.96 -99.06 -32.68
N GLN F 443 40.28 -98.93 -32.67
CA GLN F 443 40.91 -97.67 -33.00
C GLN F 443 40.98 -97.50 -34.51
N TYR F 444 40.91 -96.25 -34.95
CA TYR F 444 41.18 -95.98 -36.36
C TYR F 444 42.67 -95.90 -36.65
N LEU F 445 43.50 -95.82 -35.62
CA LEU F 445 44.95 -95.84 -35.80
C LEU F 445 45.43 -97.27 -35.94
N TYR F 446 46.48 -97.44 -36.72
CA TYR F 446 47.10 -98.74 -36.92
C TYR F 446 48.42 -98.82 -36.16
N TYR F 447 48.81 -100.04 -35.82
CA TYR F 447 50.12 -100.30 -35.25
C TYR F 447 50.78 -101.39 -36.07
N LEU F 448 52.11 -101.37 -36.08
CA LEU F 448 52.87 -102.43 -36.74
C LEU F 448 52.62 -103.74 -35.99
N SER F 449 51.89 -104.65 -36.60
CA SER F 449 51.50 -105.88 -35.94
C SER F 449 52.38 -107.07 -36.29
N ARG F 450 52.98 -107.08 -37.48
CA ARG F 450 53.90 -108.15 -37.85
C ARG F 450 55.00 -107.59 -38.74
N THR F 451 56.20 -108.15 -38.58
CA THR F 451 57.32 -107.83 -39.44
C THR F 451 57.79 -109.02 -40.25
N GLN F 452 57.13 -110.17 -40.13
CA GLN F 452 57.53 -111.39 -40.81
C GLN F 452 56.28 -112.13 -41.28
N THR F 453 56.34 -112.69 -42.47
CA THR F 453 55.20 -113.40 -43.04
C THR F 453 54.89 -114.68 -42.25
N ASN F 459 59.78 -118.07 -43.76
CA ASN F 459 59.08 -116.79 -43.75
C ASN F 459 60.04 -115.65 -44.07
N THR F 460 59.51 -114.60 -44.68
CA THR F 460 60.29 -113.46 -45.14
C THR F 460 59.82 -112.19 -44.44
N GLN F 461 60.60 -111.13 -44.63
CA GLN F 461 60.24 -109.84 -44.05
C GLN F 461 58.98 -109.29 -44.72
N THR F 462 58.17 -108.60 -43.92
CA THR F 462 56.97 -107.95 -44.40
C THR F 462 56.63 -106.85 -43.40
N LEU F 463 55.59 -106.08 -43.74
CA LEU F 463 55.07 -105.05 -42.84
C LEU F 463 53.56 -105.25 -42.78
N GLY F 464 53.07 -105.81 -41.69
CA GLY F 464 51.66 -105.97 -41.44
C GLY F 464 51.20 -105.00 -40.36
N PHE F 465 50.08 -104.35 -40.62
CA PHE F 465 49.55 -103.34 -39.72
C PHE F 465 48.14 -103.72 -39.32
N SER F 466 47.82 -103.60 -38.04
CA SER F 466 46.52 -103.92 -37.52
C SER F 466 45.98 -102.74 -36.73
N GLN F 467 44.67 -102.69 -36.60
CA GLN F 467 44.02 -101.68 -35.79
C GLN F 467 43.90 -102.18 -34.36
N GLY F 468 44.33 -101.36 -33.41
CA GLY F 468 44.16 -101.68 -32.01
C GLY F 468 42.70 -101.81 -31.66
N GLY F 469 42.34 -102.88 -30.95
CA GLY F 469 40.96 -103.12 -30.61
C GLY F 469 40.81 -103.69 -29.22
N PRO F 470 39.62 -104.21 -28.92
CA PRO F 470 39.37 -104.74 -27.58
C PRO F 470 40.30 -105.87 -27.19
N ASN F 471 40.80 -106.64 -28.15
CA ASN F 471 41.65 -107.78 -27.82
C ASN F 471 43.13 -107.42 -27.83
N THR F 472 43.57 -106.54 -28.70
CA THR F 472 44.95 -106.08 -28.74
C THR F 472 45.09 -104.76 -27.98
N MET F 473 44.69 -104.80 -26.71
CA MET F 473 44.59 -103.59 -25.92
C MET F 473 45.97 -103.08 -25.51
N ALA F 474 46.95 -103.97 -25.41
CA ALA F 474 48.31 -103.56 -25.14
C ALA F 474 48.94 -102.83 -26.32
N ASN F 475 48.46 -103.05 -27.53
CA ASN F 475 49.01 -102.44 -28.73
C ASN F 475 48.36 -101.12 -29.08
N GLN F 476 47.27 -100.74 -28.41
CA GLN F 476 46.52 -99.56 -28.80
C GLN F 476 47.35 -98.30 -28.61
N ALA F 477 47.14 -97.34 -29.50
CA ALA F 477 47.71 -96.02 -29.32
C ALA F 477 47.11 -95.37 -28.08
N LYS F 478 47.96 -94.75 -27.28
CA LYS F 478 47.54 -94.15 -26.02
C LYS F 478 48.14 -92.77 -25.88
N ASN F 479 47.48 -91.93 -25.09
CA ASN F 479 47.86 -90.54 -24.95
C ASN F 479 48.80 -90.27 -23.79
N TRP F 480 48.95 -91.20 -22.86
CA TRP F 480 49.63 -90.90 -21.61
C TRP F 480 50.58 -92.03 -21.25
N LEU F 481 51.55 -91.69 -20.41
CA LEU F 481 52.56 -92.62 -19.93
C LEU F 481 52.51 -92.68 -18.41
N PRO F 482 52.88 -93.81 -17.81
CA PRO F 482 52.95 -93.89 -16.35
C PRO F 482 54.03 -92.97 -15.81
N GLY F 483 53.85 -92.58 -14.56
CA GLY F 483 54.77 -91.68 -13.91
C GLY F 483 56.19 -92.17 -13.88
N PRO F 484 57.10 -91.34 -13.40
CA PRO F 484 58.52 -91.68 -13.46
C PRO F 484 58.87 -92.81 -12.51
N CYS F 485 59.99 -93.46 -12.81
CA CYS F 485 60.43 -94.65 -12.10
C CYS F 485 61.86 -94.48 -11.62
N TYR F 486 62.13 -94.94 -10.40
CA TYR F 486 63.48 -95.03 -9.85
C TYR F 486 63.54 -96.37 -9.12
N ARG F 487 63.92 -97.41 -9.84
CA ARG F 487 63.62 -98.77 -9.42
C ARG F 487 64.27 -99.12 -8.08
N GLN F 488 63.48 -99.76 -7.22
CA GLN F 488 63.92 -100.22 -5.92
C GLN F 488 64.02 -101.73 -5.91
N GLN F 489 64.89 -102.25 -5.04
CA GLN F 489 64.99 -103.69 -4.88
C GLN F 489 63.75 -104.23 -4.18
N ARG F 490 63.32 -105.41 -4.60
CA ARG F 490 62.13 -106.04 -4.06
C ARG F 490 62.50 -106.89 -2.86
N VAL F 491 61.77 -106.72 -1.76
CA VAL F 491 61.95 -107.51 -0.55
C VAL F 491 60.62 -108.17 -0.22
N SER F 492 60.67 -109.46 0.12
CA SER F 492 59.49 -110.21 0.49
C SER F 492 59.36 -110.24 2.00
N THR F 493 58.15 -110.00 2.50
CA THR F 493 57.90 -110.18 3.93
C THR F 493 57.98 -111.64 4.33
N THR F 494 57.84 -112.56 3.39
CA THR F 494 58.17 -113.97 3.60
C THR F 494 59.67 -114.10 3.42
N THR F 495 60.40 -114.13 4.54
CA THR F 495 61.85 -113.98 4.50
C THR F 495 62.51 -115.11 3.72
N GLY F 496 61.92 -116.30 3.70
CA GLY F 496 62.48 -117.40 2.95
C GLY F 496 62.59 -117.15 1.46
N GLN F 497 61.78 -116.23 0.93
CA GLN F 497 61.84 -115.87 -0.47
C GLN F 497 62.91 -114.83 -0.77
N ASN F 498 63.56 -114.28 0.25
CA ASN F 498 64.60 -113.28 0.05
C ASN F 498 65.96 -113.94 -0.11
N ASN F 499 66.87 -113.23 -0.76
CA ASN F 499 68.24 -113.68 -0.87
C ASN F 499 68.88 -113.75 0.51
N ASN F 500 69.65 -114.80 0.74
CA ASN F 500 70.32 -114.99 2.03
C ASN F 500 71.58 -114.14 2.06
N SER F 501 71.38 -112.85 2.21
CA SER F 501 72.47 -111.89 2.33
C SER F 501 71.93 -110.63 2.97
N ASN F 502 72.84 -109.80 3.47
CA ASN F 502 72.49 -108.53 4.08
C ASN F 502 72.62 -107.46 3.00
N PHE F 503 71.52 -107.18 2.32
CA PHE F 503 71.53 -106.28 1.17
C PHE F 503 70.67 -105.04 1.36
N ALA F 504 70.29 -104.72 2.61
CA ALA F 504 69.45 -103.55 2.83
C ALA F 504 70.15 -102.28 2.37
N TRP F 505 71.45 -102.18 2.63
CA TRP F 505 72.23 -101.03 2.20
C TRP F 505 72.92 -101.26 0.86
N THR F 506 73.56 -102.41 0.69
CA THR F 506 74.32 -102.66 -0.53
C THR F 506 73.41 -102.66 -1.76
N ALA F 507 72.24 -103.27 -1.65
CA ALA F 507 71.27 -103.26 -2.73
C ALA F 507 70.26 -102.13 -2.61
N GLY F 508 70.44 -101.24 -1.63
CA GLY F 508 69.52 -100.14 -1.46
C GLY F 508 69.55 -99.19 -2.64
N THR F 509 68.38 -98.62 -2.92
CA THR F 509 68.27 -97.63 -3.99
C THR F 509 68.67 -96.27 -3.43
N LYS F 510 69.71 -95.69 -4.01
CA LYS F 510 70.39 -94.55 -3.41
C LYS F 510 70.53 -93.43 -4.42
N TYR F 511 70.72 -92.23 -3.89
CA TYR F 511 71.21 -91.11 -4.68
C TYR F 511 72.58 -90.69 -4.16
N HIS F 512 73.34 -90.05 -5.04
CA HIS F 512 74.71 -89.66 -4.76
C HIS F 512 74.78 -88.14 -4.73
N LEU F 513 75.28 -87.59 -3.63
CA LEU F 513 75.35 -86.14 -3.46
C LEU F 513 76.67 -85.80 -2.77
N ASN F 514 77.53 -85.07 -3.46
CA ASN F 514 78.81 -84.63 -2.93
C ASN F 514 79.62 -85.78 -2.34
N GLY F 515 79.72 -86.85 -3.13
CA GLY F 515 80.46 -88.02 -2.69
C GLY F 515 79.84 -88.78 -1.55
N ARG F 516 78.61 -88.47 -1.19
CA ARG F 516 77.91 -89.12 -0.09
C ARG F 516 76.73 -89.89 -0.66
N ASN F 517 76.57 -91.13 -0.23
CA ASN F 517 75.46 -91.97 -0.66
C ASN F 517 74.36 -91.92 0.39
N SER F 518 73.15 -91.63 -0.04
CA SER F 518 71.99 -91.62 0.82
C SER F 518 70.88 -92.43 0.16
N LEU F 519 70.15 -93.19 0.96
CA LEU F 519 69.03 -93.94 0.44
C LEU F 519 68.00 -93.00 -0.17
N ALA F 520 67.48 -93.38 -1.33
CA ALA F 520 66.32 -92.71 -1.92
C ALA F 520 65.09 -93.24 -1.20
N ASN F 521 64.91 -92.76 0.03
CA ASN F 521 63.97 -93.34 0.99
C ASN F 521 62.97 -92.28 1.42
N PRO F 522 61.68 -92.44 1.13
CA PRO F 522 61.13 -93.58 0.38
C PRO F 522 61.21 -93.41 -1.13
N GLY F 523 61.82 -92.32 -1.58
CA GLY F 523 61.95 -92.07 -2.99
C GLY F 523 60.65 -91.58 -3.60
N ILE F 524 60.63 -91.59 -4.93
CA ILE F 524 59.47 -91.10 -5.67
C ILE F 524 58.29 -92.02 -5.47
N ALA F 525 57.09 -91.47 -5.61
CA ALA F 525 55.87 -92.23 -5.40
C ALA F 525 55.73 -93.28 -6.48
N MET F 526 55.90 -94.54 -6.11
CA MET F 526 55.65 -95.67 -6.99
C MET F 526 54.81 -96.69 -6.26
N ALA F 527 54.06 -97.48 -7.04
CA ALA F 527 53.25 -98.53 -6.45
C ALA F 527 54.14 -99.52 -5.71
N THR F 528 53.72 -99.87 -4.50
CA THR F 528 54.53 -100.75 -3.65
C THR F 528 54.71 -102.11 -4.31
N HIS F 529 53.65 -102.64 -4.93
CA HIS F 529 53.68 -103.94 -5.54
C HIS F 529 52.59 -103.98 -6.59
N LYS F 530 52.65 -104.99 -7.45
CA LYS F 530 51.61 -105.19 -8.44
C LYS F 530 50.53 -106.10 -7.87
N ASP F 531 49.61 -106.54 -8.73
CA ASP F 531 48.50 -107.36 -8.29
C ASP F 531 48.98 -108.66 -7.67
N ASP F 532 48.37 -109.03 -6.54
CA ASP F 532 48.60 -110.31 -5.87
C ASP F 532 50.04 -110.47 -5.40
N GLU F 533 50.70 -109.37 -5.06
CA GLU F 533 52.08 -109.40 -4.57
C GLU F 533 52.22 -108.53 -3.33
N GLU F 534 51.24 -108.61 -2.43
CA GLU F 534 51.26 -107.76 -1.23
C GLU F 534 52.46 -108.05 -0.35
N ARG F 535 53.00 -109.27 -0.41
CA ARG F 535 54.15 -109.62 0.41
C ARG F 535 55.42 -108.90 -0.02
N PHE F 536 55.44 -108.30 -1.20
CA PHE F 536 56.62 -107.63 -1.71
C PHE F 536 56.55 -106.14 -1.43
N PHE F 537 57.69 -105.55 -1.07
CA PHE F 537 57.79 -104.11 -0.91
C PHE F 537 59.15 -103.65 -1.37
N PRO F 538 59.25 -102.43 -1.87
CA PRO F 538 60.57 -101.87 -2.18
C PRO F 538 61.40 -101.73 -0.91
N SER F 539 62.69 -102.00 -1.02
CA SER F 539 63.55 -102.13 0.16
C SER F 539 63.57 -100.83 0.96
N ASN F 540 63.66 -99.69 0.29
CA ASN F 540 63.57 -98.39 0.95
C ASN F 540 62.63 -97.47 0.17
N GLY F 541 61.47 -98.00 -0.20
CA GLY F 541 60.54 -97.25 -1.02
C GLY F 541 59.16 -97.08 -0.43
N ILE F 542 59.01 -97.36 0.87
CA ILE F 542 57.74 -97.21 1.56
C ILE F 542 57.99 -96.56 2.92
N LEU F 543 56.96 -95.91 3.44
CA LEU F 543 56.97 -95.46 4.81
C LEU F 543 56.75 -96.65 5.73
N ILE F 544 57.60 -96.80 6.73
CA ILE F 544 57.48 -97.88 7.70
C ILE F 544 57.30 -97.24 9.07
N PHE F 545 56.14 -97.45 9.67
CA PHE F 545 55.87 -96.97 11.02
C PHE F 545 56.07 -98.10 12.01
N GLY F 546 56.54 -97.74 13.20
CA GLY F 546 56.72 -98.70 14.25
C GLY F 546 55.46 -98.87 15.07
N LYS F 547 55.18 -100.10 15.45
CA LYS F 547 54.12 -100.34 16.42
C LYS F 547 54.56 -99.82 17.78
N GLN F 548 53.61 -99.72 18.69
CA GLN F 548 53.92 -99.21 20.02
C GLN F 548 54.97 -100.11 20.68
N ASN F 549 55.97 -99.47 21.30
CA ASN F 549 57.06 -100.16 21.97
C ASN F 549 57.95 -100.94 21.00
N ALA F 550 57.97 -100.56 19.72
CA ALA F 550 58.90 -101.15 18.79
C ALA F 550 60.32 -100.66 19.10
N ALA F 551 61.29 -101.55 18.95
CA ALA F 551 62.67 -101.19 19.22
C ALA F 551 63.16 -100.15 18.23
N ARG F 552 64.04 -99.27 18.72
CA ARG F 552 64.65 -98.27 17.85
C ARG F 552 65.50 -98.92 16.77
N ASP F 553 66.29 -99.93 17.13
CA ASP F 553 67.17 -100.60 16.18
C ASP F 553 66.77 -102.06 16.04
N ASN F 554 66.78 -102.54 14.80
CA ASN F 554 66.53 -103.94 14.48
C ASN F 554 65.20 -104.43 15.04
N ALA F 555 64.16 -103.64 14.84
CA ALA F 555 62.82 -104.10 15.16
C ALA F 555 62.41 -105.18 14.17
N ASP F 556 61.76 -106.22 14.67
CA ASP F 556 61.30 -107.30 13.80
C ASP F 556 60.16 -106.81 12.93
N TYR F 557 59.88 -107.57 11.86
CA TYR F 557 58.80 -107.21 10.96
C TYR F 557 57.46 -107.15 11.68
N SER F 558 57.28 -107.97 12.72
CA SER F 558 56.05 -107.94 13.50
C SER F 558 55.92 -106.67 14.34
N ASP F 559 57.02 -105.96 14.57
CA ASP F 559 57.00 -104.75 15.37
C ASP F 559 56.84 -103.48 14.55
N VAL F 560 56.77 -103.59 13.23
CA VAL F 560 56.67 -102.41 12.37
C VAL F 560 55.41 -102.54 11.52
N MET F 561 55.00 -101.41 10.96
CA MET F 561 53.79 -101.31 10.16
C MET F 561 54.20 -100.82 8.77
N LEU F 562 54.22 -101.72 7.80
CA LEU F 562 54.56 -101.35 6.44
C LEU F 562 53.37 -100.67 5.77
N THR F 563 53.60 -99.52 5.17
CA THR F 563 52.57 -98.91 4.34
C THR F 563 52.62 -99.53 2.94
N SER F 564 51.55 -99.30 2.19
CA SER F 564 51.48 -99.80 0.82
C SER F 564 50.89 -98.73 -0.06
N GLU F 565 51.57 -98.42 -1.16
CA GLU F 565 51.09 -97.48 -2.17
C GLU F 565 50.50 -98.22 -3.36
N GLU F 566 49.85 -99.36 -3.13
CA GLU F 566 49.28 -100.13 -4.23
C GLU F 566 48.13 -99.40 -4.92
N GLU F 567 47.54 -98.39 -4.28
CA GLU F 567 46.45 -97.66 -4.90
C GLU F 567 46.88 -96.91 -6.15
N ILE F 568 48.18 -96.60 -6.27
CA ILE F 568 48.68 -95.84 -7.41
C ILE F 568 49.24 -96.77 -8.49
N LYS F 569 48.95 -98.07 -8.42
CA LYS F 569 49.28 -98.98 -9.52
C LYS F 569 48.69 -98.50 -10.83
N THR F 570 47.53 -97.84 -10.77
CA THR F 570 46.82 -97.45 -11.98
C THR F 570 47.58 -96.41 -12.77
N THR F 571 48.42 -95.64 -12.14
CA THR F 571 49.11 -94.55 -12.81
C THR F 571 50.62 -94.60 -12.61
N ASN F 572 51.08 -95.02 -11.44
CA ASN F 572 52.51 -95.05 -11.18
C ASN F 572 53.06 -96.45 -11.42
N PRO F 573 54.26 -96.55 -11.96
CA PRO F 573 54.89 -97.88 -12.12
C PRO F 573 55.18 -98.50 -10.77
N VAL F 574 55.21 -99.83 -10.75
CA VAL F 574 55.54 -100.56 -9.54
C VAL F 574 56.98 -100.26 -9.15
N ALA F 575 57.20 -100.00 -7.86
CA ALA F 575 58.50 -99.54 -7.39
C ALA F 575 59.60 -100.54 -7.66
N THR F 576 59.28 -101.83 -7.70
CA THR F 576 60.28 -102.87 -7.84
C THR F 576 60.38 -103.41 -9.26
N GLU F 577 59.66 -102.81 -10.20
CA GLU F 577 59.66 -103.25 -11.58
C GLU F 577 60.28 -102.18 -12.45
N GLU F 578 60.70 -102.58 -13.65
CA GLU F 578 61.22 -101.64 -14.62
C GLU F 578 60.11 -100.73 -15.14
N TYR F 579 60.49 -99.53 -15.55
CA TYR F 579 59.52 -98.62 -16.14
C TYR F 579 58.99 -99.16 -17.44
N GLY F 580 59.86 -99.71 -18.27
CA GLY F 580 59.45 -100.17 -19.58
C GLY F 580 60.63 -100.68 -20.36
N ILE F 581 60.45 -100.75 -21.67
CA ILE F 581 61.43 -101.31 -22.58
C ILE F 581 61.70 -100.31 -23.68
N VAL F 582 62.97 -100.07 -23.99
CA VAL F 582 63.36 -99.22 -25.10
C VAL F 582 64.30 -100.00 -26.01
N ALA F 583 64.38 -99.55 -27.25
CA ALA F 583 65.32 -100.13 -28.19
C ALA F 583 66.76 -99.79 -27.79
N ASP F 584 67.65 -100.76 -27.94
CA ASP F 584 69.05 -100.56 -27.60
C ASP F 584 69.96 -100.49 -28.81
N ASN F 585 69.44 -100.72 -30.01
CA ASN F 585 70.27 -100.73 -31.21
C ASN F 585 69.38 -100.41 -32.41
N LEU F 586 69.96 -100.52 -33.60
CA LEU F 586 69.23 -100.37 -34.85
C LEU F 586 69.22 -101.73 -35.54
N GLN F 587 68.05 -102.36 -35.59
CA GLN F 587 67.94 -103.66 -36.23
C GLN F 587 68.16 -103.53 -37.73
N GLN F 588 68.85 -104.50 -38.30
CA GLN F 588 69.04 -104.65 -39.73
C GLN F 588 68.76 -106.09 -40.10
N GLN F 589 68.87 -106.40 -41.38
CA GLN F 589 68.68 -107.78 -41.82
C GLN F 589 69.72 -108.72 -41.22
N ASN F 590 70.84 -108.19 -40.74
CA ASN F 590 71.87 -109.01 -40.12
C ASN F 590 71.96 -108.85 -38.61
N THR F 591 71.35 -107.82 -38.04
CA THR F 591 71.39 -107.60 -36.59
C THR F 591 69.98 -107.63 -36.04
N ALA F 592 69.71 -108.59 -35.16
CA ALA F 592 68.41 -108.69 -34.53
C ALA F 592 68.20 -107.50 -33.59
N PRO F 593 66.97 -107.02 -33.47
CA PRO F 593 66.71 -105.90 -32.57
C PRO F 593 67.00 -106.27 -31.12
N GLN F 594 67.58 -105.32 -30.41
CA GLN F 594 67.91 -105.49 -29.00
C GLN F 594 67.10 -104.50 -28.17
N ILE F 595 66.71 -104.93 -26.99
CA ILE F 595 65.88 -104.10 -26.12
C ILE F 595 66.63 -103.81 -24.84
N GLY F 596 66.40 -102.61 -24.31
CA GLY F 596 66.97 -102.17 -23.05
C GLY F 596 65.88 -102.03 -22.01
N THR F 597 66.17 -102.48 -20.80
CA THR F 597 65.24 -102.40 -19.69
C THR F 597 65.44 -101.07 -18.97
N VAL F 598 64.39 -100.26 -18.91
CA VAL F 598 64.47 -98.94 -18.29
C VAL F 598 64.18 -99.11 -16.80
N ASN F 599 65.23 -99.05 -15.99
CA ASN F 599 65.10 -99.14 -14.55
C ASN F 599 65.03 -97.78 -13.87
N SER F 600 65.24 -96.71 -14.60
CA SER F 600 65.14 -95.36 -14.07
C SER F 600 64.65 -94.46 -15.19
N GLN F 601 63.51 -93.83 -14.99
CA GLN F 601 62.91 -93.00 -16.04
C GLN F 601 62.54 -91.65 -15.44
N GLY F 602 63.17 -90.59 -15.92
CA GLY F 602 62.79 -89.25 -15.56
C GLY F 602 61.54 -88.82 -16.28
N ALA F 603 61.16 -87.56 -16.04
CA ALA F 603 59.91 -87.05 -16.58
C ALA F 603 59.91 -87.08 -18.10
N LEU F 604 58.83 -87.63 -18.67
CA LEU F 604 58.58 -87.59 -20.09
C LEU F 604 57.27 -86.88 -20.35
N PRO F 605 57.14 -86.19 -21.48
CA PRO F 605 55.86 -85.55 -21.80
C PRO F 605 54.75 -86.57 -21.90
N GLY F 606 53.57 -86.18 -21.45
CA GLY F 606 52.45 -87.10 -21.39
C GLY F 606 52.44 -88.01 -20.19
N MET F 607 53.42 -87.90 -19.30
CA MET F 607 53.47 -88.74 -18.13
C MET F 607 52.55 -88.18 -17.05
N VAL F 608 51.84 -89.07 -16.39
CA VAL F 608 50.98 -88.70 -15.26
C VAL F 608 51.30 -89.62 -14.10
N TRP F 609 51.13 -89.12 -12.88
CA TRP F 609 51.44 -89.92 -11.71
C TRP F 609 50.67 -89.39 -10.52
N GLN F 610 50.59 -90.21 -9.49
CA GLN F 610 50.04 -89.83 -8.20
C GLN F 610 51.15 -89.66 -7.19
N ASN F 611 50.92 -88.79 -6.21
CA ASN F 611 51.86 -88.64 -5.11
C ASN F 611 51.69 -89.79 -4.12
N ARG F 612 52.65 -89.88 -3.22
CA ARG F 612 52.54 -90.83 -2.12
C ARG F 612 51.35 -90.46 -1.24
N ASP F 613 50.69 -91.49 -0.71
CA ASP F 613 49.58 -91.26 0.21
C ASP F 613 50.08 -90.64 1.50
N VAL F 614 49.20 -89.91 2.16
CA VAL F 614 49.46 -89.46 3.52
C VAL F 614 48.82 -90.45 4.48
N TYR F 615 49.31 -90.45 5.71
CA TYR F 615 48.86 -91.39 6.71
C TYR F 615 48.54 -90.65 8.00
N LEU F 616 47.66 -91.26 8.79
CA LEU F 616 47.32 -90.68 10.08
C LEU F 616 48.57 -90.47 10.94
N GLN F 617 49.50 -91.41 10.88
CA GLN F 617 50.76 -91.31 11.59
C GLN F 617 51.83 -90.56 10.81
N GLY F 618 51.58 -90.23 9.55
CA GLY F 618 52.59 -89.68 8.69
C GLY F 618 52.73 -88.19 8.78
N PRO F 619 53.73 -87.64 8.09
CA PRO F 619 53.92 -86.19 8.08
C PRO F 619 52.85 -85.46 7.28
N ILE F 620 52.66 -84.19 7.62
CA ILE F 620 51.67 -83.36 6.95
C ILE F 620 52.32 -82.51 5.86
N TRP F 621 53.39 -81.79 6.19
CA TRP F 621 54.00 -80.86 5.27
C TRP F 621 55.51 -80.99 5.33
N ALA F 622 56.16 -80.49 4.28
CA ALA F 622 57.59 -80.29 4.27
C ALA F 622 57.87 -78.93 3.65
N LYS F 623 58.96 -78.32 4.06
CA LYS F 623 59.41 -77.10 3.43
C LYS F 623 60.07 -77.43 2.09
N ILE F 624 59.58 -76.81 1.03
CA ILE F 624 60.23 -76.92 -0.26
C ILE F 624 61.56 -76.19 -0.16
N PRO F 625 62.68 -76.85 -0.44
CA PRO F 625 63.98 -76.16 -0.34
C PRO F 625 64.01 -74.96 -1.27
N HIS F 626 64.63 -73.89 -0.80
CA HIS F 626 64.75 -72.66 -1.59
C HIS F 626 65.84 -72.89 -2.63
N THR F 627 65.43 -73.28 -3.83
CA THR F 627 66.35 -73.55 -4.91
C THR F 627 65.87 -72.86 -6.18
N ASP F 628 66.77 -72.80 -7.17
CA ASP F 628 66.41 -72.24 -8.47
C ASP F 628 65.32 -73.06 -9.14
N GLY F 629 65.45 -74.38 -9.09
CA GLY F 629 64.51 -75.24 -9.77
C GLY F 629 64.12 -76.41 -8.90
N ASN F 630 62.87 -76.81 -9.05
CA ASN F 630 62.38 -78.06 -8.50
C ASN F 630 61.41 -78.65 -9.50
N PHE F 631 61.23 -79.97 -9.43
CA PHE F 631 60.26 -80.65 -10.26
C PHE F 631 59.23 -81.31 -9.37
N HIS F 632 57.97 -80.92 -9.54
CA HIS F 632 56.85 -81.43 -8.75
C HIS F 632 57.21 -81.43 -7.28
N PRO F 633 57.29 -80.26 -6.64
CA PRO F 633 57.81 -80.20 -5.28
C PRO F 633 56.85 -80.75 -4.24
N SER F 634 56.41 -81.96 -4.43
CA SER F 634 55.63 -82.67 -3.43
C SER F 634 56.58 -83.51 -2.58
N PRO F 635 56.54 -83.38 -1.26
CA PRO F 635 57.50 -84.09 -0.41
C PRO F 635 57.40 -85.60 -0.62
N LEU F 636 58.56 -86.25 -0.63
CA LEU F 636 58.59 -87.65 -1.02
C LEU F 636 58.01 -88.57 0.05
N MET F 637 58.19 -88.25 1.33
CA MET F 637 57.51 -89.03 2.35
C MET F 637 56.04 -88.67 2.48
N GLY F 638 55.50 -87.89 1.55
CA GLY F 638 54.09 -87.59 1.52
C GLY F 638 53.77 -86.27 2.21
N GLY F 639 52.66 -85.69 1.80
CA GLY F 639 52.17 -84.48 2.39
C GLY F 639 52.21 -83.31 1.44
N PHE F 640 52.18 -82.11 2.01
CA PHE F 640 52.06 -80.87 1.26
C PHE F 640 53.41 -80.18 1.23
N GLY F 641 53.89 -79.89 0.03
CA GLY F 641 55.11 -79.12 -0.11
C GLY F 641 54.79 -77.64 -0.03
N LEU F 642 55.42 -76.93 0.90
CA LEU F 642 55.14 -75.53 1.13
C LEU F 642 56.43 -74.73 0.99
N LYS F 643 56.38 -73.67 0.20
CA LYS F 643 57.50 -72.73 0.16
C LYS F 643 57.67 -72.04 1.50
N HIS F 644 56.55 -71.70 2.15
CA HIS F 644 56.54 -71.05 3.45
C HIS F 644 55.69 -71.90 4.39
N PRO F 645 56.27 -72.96 4.96
CA PRO F 645 55.51 -73.86 5.80
C PRO F 645 55.19 -73.21 7.13
N PRO F 646 54.43 -73.87 8.00
CA PRO F 646 54.25 -73.37 9.36
C PRO F 646 55.61 -73.13 10.00
N PRO F 647 55.82 -71.95 10.56
CA PRO F 647 57.15 -71.61 11.07
C PRO F 647 57.54 -72.48 12.24
N GLN F 648 58.83 -72.71 12.38
CA GLN F 648 59.35 -73.39 13.56
C GLN F 648 59.08 -72.55 14.79
N ILE F 649 58.58 -73.19 15.83
CA ILE F 649 58.29 -72.53 17.10
C ILE F 649 59.36 -72.99 18.09
N LEU F 650 60.26 -72.09 18.43
CA LEU F 650 61.40 -72.41 19.28
C LEU F 650 61.08 -71.98 20.71
N ILE F 651 61.38 -72.84 21.66
CA ILE F 651 61.08 -72.58 23.06
C ILE F 651 62.29 -72.96 23.89
N LYS F 652 62.57 -72.16 24.90
CA LYS F 652 63.72 -72.40 25.77
C LYS F 652 63.41 -71.89 27.16
N ASN F 653 63.88 -72.62 28.16
CA ASN F 653 63.88 -72.09 29.53
C ASN F 653 64.97 -71.04 29.63
N THR F 654 64.60 -69.84 30.06
CA THR F 654 65.59 -68.80 30.26
C THR F 654 66.54 -69.22 31.37
N PRO F 655 67.84 -69.19 31.14
CA PRO F 655 68.78 -69.61 32.19
C PRO F 655 68.64 -68.70 33.41
N VAL F 656 68.60 -69.32 34.59
CA VAL F 656 68.57 -68.61 35.85
C VAL F 656 69.87 -68.94 36.58
N PRO F 657 70.81 -68.01 36.66
CA PRO F 657 72.09 -68.31 37.32
C PRO F 657 71.88 -68.65 38.79
N ALA F 658 72.71 -69.57 39.27
CA ALA F 658 72.86 -69.75 40.70
C ALA F 658 73.60 -68.54 41.26
N ASP F 659 73.87 -68.56 42.56
CA ASP F 659 74.49 -67.40 43.18
C ASP F 659 75.88 -67.16 42.59
N PRO F 660 76.13 -65.99 42.00
CA PRO F 660 77.45 -65.71 41.47
C PRO F 660 78.43 -65.44 42.61
N PRO F 661 79.73 -65.47 42.34
CA PRO F 661 80.70 -65.12 43.38
C PRO F 661 80.56 -63.66 43.76
N THR F 662 81.01 -63.32 44.97
CA THR F 662 80.93 -61.96 45.45
C THR F 662 82.06 -61.08 44.95
N THR F 663 83.03 -61.65 44.23
CA THR F 663 84.06 -60.89 43.55
C THR F 663 83.89 -61.10 42.05
N PHE F 664 84.08 -60.03 41.29
CA PHE F 664 83.77 -60.09 39.87
C PHE F 664 84.66 -61.09 39.14
N ASN F 665 84.03 -61.88 38.27
CA ASN F 665 84.72 -62.78 37.37
C ASN F 665 84.15 -62.56 35.98
N GLN F 666 85.05 -62.32 35.02
CA GLN F 666 84.62 -62.06 33.65
C GLN F 666 84.09 -63.29 32.95
N SER F 667 84.42 -64.48 33.45
CA SER F 667 84.02 -65.71 32.77
C SER F 667 82.51 -65.85 32.76
N LYS F 668 81.99 -66.43 31.68
CA LYS F 668 80.56 -66.68 31.59
C LYS F 668 80.12 -67.59 32.72
N LEU F 669 78.93 -67.34 33.24
CA LEU F 669 78.42 -68.15 34.34
C LEU F 669 78.05 -69.53 33.83
N ASN F 670 78.49 -70.55 34.56
CA ASN F 670 78.14 -71.93 34.23
C ASN F 670 77.36 -72.61 35.35
N SER F 671 77.12 -71.92 36.46
CA SER F 671 76.33 -72.45 37.56
C SER F 671 74.92 -71.92 37.43
N PHE F 672 73.98 -72.81 37.11
CA PHE F 672 72.60 -72.41 36.88
C PHE F 672 71.67 -73.19 37.79
N ILE F 673 70.56 -72.56 38.13
CA ILE F 673 69.50 -73.23 38.86
C ILE F 673 68.87 -74.28 37.96
N THR F 674 68.82 -75.52 38.43
CA THR F 674 68.22 -76.59 37.65
C THR F 674 66.73 -76.33 37.49
N GLN F 675 66.25 -76.39 36.25
CA GLN F 675 64.96 -75.81 35.96
C GLN F 675 64.35 -76.52 34.75
N TYR F 676 63.03 -76.66 34.78
CA TYR F 676 62.29 -77.14 33.63
C TYR F 676 60.93 -76.45 33.62
N SER F 677 60.31 -76.42 32.46
CA SER F 677 59.01 -75.80 32.32
C SER F 677 58.01 -76.81 31.79
N THR F 678 56.76 -76.60 32.15
CA THR F 678 55.65 -77.37 31.61
C THR F 678 54.52 -76.42 31.29
N GLY F 679 53.66 -76.84 30.40
CA GLY F 679 52.52 -76.02 30.02
C GLY F 679 51.64 -76.76 29.07
N GLN F 680 50.68 -76.03 28.52
CA GLN F 680 49.78 -76.58 27.52
C GLN F 680 50.05 -75.91 26.18
N VAL F 681 49.94 -76.70 25.12
CA VAL F 681 50.09 -76.21 23.76
C VAL F 681 48.81 -76.54 23.00
N SER F 682 48.26 -75.56 22.31
CA SER F 682 47.09 -75.75 21.48
C SER F 682 47.45 -75.42 20.05
N VAL F 683 47.12 -76.32 19.13
CA VAL F 683 47.26 -76.05 17.71
C VAL F 683 45.90 -76.32 17.05
N GLU F 684 45.41 -75.34 16.32
CA GLU F 684 44.15 -75.44 15.60
C GLU F 684 44.46 -75.30 14.12
N ILE F 685 44.08 -76.31 13.33
CA ILE F 685 44.26 -76.27 11.89
C ILE F 685 42.89 -76.36 11.23
N GLU F 686 42.62 -75.44 10.32
CA GLU F 686 41.44 -75.51 9.47
C GLU F 686 41.83 -76.17 8.16
N TRP F 687 41.11 -77.23 7.81
CA TRP F 687 41.35 -77.97 6.59
C TRP F 687 40.19 -77.76 5.63
N GLU F 688 40.51 -77.54 4.36
CA GLU F 688 39.50 -77.50 3.33
C GLU F 688 39.32 -78.89 2.75
N LEU F 689 38.07 -79.26 2.50
CA LEU F 689 37.74 -80.59 2.02
C LEU F 689 37.30 -80.53 0.57
N GLN F 690 37.69 -81.54 -0.20
CA GLN F 690 37.15 -81.78 -1.53
C GLN F 690 36.13 -82.90 -1.42
N LYS F 691 34.85 -82.55 -1.49
CA LYS F 691 33.79 -83.54 -1.40
C LYS F 691 33.79 -84.41 -2.65
N GLU F 692 33.55 -85.71 -2.46
CA GLU F 692 33.45 -86.61 -3.58
C GLU F 692 32.13 -86.40 -4.30
N ASN F 693 32.19 -86.22 -5.61
CA ASN F 693 31.00 -86.09 -6.44
C ASN F 693 31.05 -87.22 -7.47
N SER F 694 30.58 -88.38 -7.07
CA SER F 694 30.79 -89.61 -7.83
C SER F 694 29.46 -90.22 -8.22
N LYS F 695 29.40 -90.71 -9.46
CA LYS F 695 28.23 -91.42 -9.96
C LYS F 695 28.41 -92.93 -9.94
N ARG F 696 29.43 -93.40 -9.22
CA ARG F 696 29.63 -94.84 -9.05
C ARG F 696 28.39 -95.47 -8.43
N TRP F 697 27.96 -96.60 -9.00
CA TRP F 697 26.74 -97.24 -8.54
C TRP F 697 27.01 -98.15 -7.35
N ASN F 698 28.02 -99.01 -7.46
CA ASN F 698 28.31 -99.97 -6.41
C ASN F 698 28.97 -99.29 -5.23
N PRO F 699 28.86 -99.88 -4.03
CA PRO F 699 29.45 -99.25 -2.85
C PRO F 699 30.97 -99.14 -2.95
N GLU F 700 31.50 -98.09 -2.34
CA GLU F 700 32.93 -97.85 -2.33
C GLU F 700 33.61 -98.66 -1.23
N ILE F 701 34.92 -98.75 -1.32
CA ILE F 701 35.72 -99.26 -0.22
C ILE F 701 35.84 -98.17 0.84
N GLN F 702 35.60 -98.53 2.09
CA GLN F 702 35.67 -97.60 3.19
C GLN F 702 36.60 -98.16 4.26
N TYR F 703 37.30 -97.27 4.95
CA TYR F 703 38.01 -97.72 6.12
C TYR F 703 37.02 -98.00 7.24
N THR F 704 37.12 -99.19 7.82
CA THR F 704 36.21 -99.60 8.87
C THR F 704 37.01 -100.33 9.94
N SER F 705 36.54 -100.20 11.18
CA SER F 705 37.06 -101.05 12.24
C SER F 705 36.55 -102.47 12.07
N ASN F 706 37.32 -103.42 12.55
CA ASN F 706 36.90 -104.81 12.49
C ASN F 706 35.73 -105.06 13.42
N TYR F 707 34.72 -105.77 12.93
CA TYR F 707 33.53 -106.03 13.73
C TYR F 707 33.77 -107.11 14.78
N TYR F 708 34.69 -108.03 14.51
CA TYR F 708 34.89 -109.19 15.38
C TYR F 708 35.51 -108.77 16.71
N LYS F 709 35.26 -109.58 17.73
CA LYS F 709 35.71 -109.27 19.07
C LYS F 709 37.24 -109.32 19.17
N SER F 710 37.77 -108.58 20.14
CA SER F 710 39.21 -108.53 20.35
C SER F 710 39.49 -108.20 21.80
N THR F 711 40.73 -108.46 22.22
CA THR F 711 41.12 -108.19 23.59
C THR F 711 41.05 -106.71 23.92
N SER F 712 41.41 -105.86 22.96
CA SER F 712 41.40 -104.43 23.17
C SER F 712 40.78 -103.74 21.96
N VAL F 713 40.29 -102.53 22.18
CA VAL F 713 39.76 -101.70 21.11
C VAL F 713 40.93 -101.11 20.33
N ASP F 714 40.87 -101.21 19.00
CA ASP F 714 41.87 -100.59 18.16
C ASP F 714 41.83 -99.08 18.30
N PHE F 715 43.01 -98.46 18.33
CA PHE F 715 43.14 -97.02 18.56
C PHE F 715 42.53 -96.62 19.89
N ALA F 716 42.86 -97.37 20.93
CA ALA F 716 42.47 -97.08 22.28
C ALA F 716 43.64 -97.42 23.20
N VAL F 717 43.42 -97.30 24.47
CA VAL F 717 44.43 -97.64 25.46
C VAL F 717 44.25 -99.09 25.86
N ASN F 718 45.33 -99.71 26.31
CA ASN F 718 45.27 -101.06 26.84
C ASN F 718 45.05 -100.99 28.34
N THR F 719 45.21 -102.11 29.04
CA THR F 719 45.00 -102.14 30.48
C THR F 719 46.04 -101.34 31.25
N GLU F 720 47.17 -101.03 30.63
CA GLU F 720 48.23 -100.26 31.26
C GLU F 720 48.18 -98.77 30.93
N GLY F 721 47.17 -98.34 30.18
CA GLY F 721 47.08 -96.95 29.82
C GLY F 721 47.87 -96.54 28.61
N VAL F 722 48.44 -97.48 27.88
CA VAL F 722 49.26 -97.17 26.72
C VAL F 722 48.36 -97.06 25.50
N TYR F 723 48.35 -95.89 24.89
CA TYR F 723 47.67 -95.71 23.62
C TYR F 723 48.52 -96.25 22.49
N SER F 724 47.90 -97.00 21.59
CA SER F 724 48.60 -97.58 20.47
C SER F 724 47.81 -97.38 19.19
N GLU F 725 48.53 -97.21 18.08
CA GLU F 725 47.93 -97.19 16.77
C GLU F 725 48.23 -98.51 16.09
N PRO F 726 47.24 -99.40 15.91
CA PRO F 726 47.57 -100.76 15.48
C PRO F 726 47.98 -100.88 14.03
N ARG F 727 47.57 -99.94 13.17
CA ARG F 727 47.88 -100.03 11.76
C ARG F 727 48.07 -98.62 11.22
N PRO F 728 48.79 -98.46 10.12
CA PRO F 728 48.84 -97.16 9.44
C PRO F 728 47.61 -96.99 8.57
N ILE F 729 46.80 -95.99 8.87
CA ILE F 729 45.60 -95.72 8.07
C ILE F 729 46.00 -94.78 6.95
N GLY F 730 45.89 -95.26 5.73
CA GLY F 730 46.13 -94.41 4.58
C GLY F 730 44.99 -93.44 4.37
N THR F 731 44.88 -92.92 3.17
CA THR F 731 43.90 -91.89 2.90
C THR F 731 43.05 -92.22 1.68
N ARG F 732 43.45 -93.20 0.87
CA ARG F 732 42.84 -93.45 -0.42
C ARG F 732 41.89 -94.64 -0.32
N TYR F 733 40.62 -94.34 -0.11
CA TYR F 733 39.57 -95.35 -0.07
C TYR F 733 38.48 -95.11 -1.09
N LEU F 734 38.08 -93.85 -1.29
CA LEU F 734 37.15 -93.52 -2.36
C LEU F 734 37.86 -93.65 -3.71
N THR F 735 37.07 -93.66 -4.77
CA THR F 735 37.60 -93.86 -6.10
C THR F 735 37.19 -92.73 -7.03
N ARG F 736 38.05 -92.48 -8.01
CA ARG F 736 37.76 -91.57 -9.11
C ARG F 736 38.15 -92.23 -10.42
N ASN F 737 37.49 -91.83 -11.49
CA ASN F 737 37.96 -92.17 -12.81
C ASN F 737 39.24 -91.40 -13.11
N LEU F 738 40.01 -91.92 -14.06
CA LEU F 738 41.21 -91.21 -14.47
C LEU F 738 40.86 -90.05 -15.38
N GLY G 221 49.45 58.59 -41.79
CA GLY G 221 48.91 59.81 -42.35
C GLY G 221 49.93 60.90 -42.56
N VAL G 222 49.69 61.75 -43.56
CA VAL G 222 50.59 62.86 -43.84
C VAL G 222 50.63 63.83 -42.67
N GLY G 223 49.47 64.14 -42.10
CA GLY G 223 49.37 65.14 -41.06
C GLY G 223 49.42 64.64 -39.64
N SER G 224 49.83 63.40 -39.42
CA SER G 224 49.92 62.84 -38.07
C SER G 224 51.34 62.37 -37.81
N SER G 225 51.83 62.67 -36.61
CA SER G 225 53.15 62.22 -36.22
C SER G 225 53.18 60.70 -36.05
N SER G 226 54.27 60.09 -36.51
CA SER G 226 54.43 58.64 -36.40
C SER G 226 55.24 58.23 -35.18
N GLY G 227 55.63 59.18 -34.33
CA GLY G 227 56.35 58.84 -33.12
C GLY G 227 56.68 60.10 -32.35
N ASN G 228 57.02 59.90 -31.10
CA ASN G 228 57.33 60.99 -30.19
C ASN G 228 58.82 61.03 -29.88
N TRP G 229 59.26 62.18 -29.39
CA TRP G 229 60.65 62.36 -28.97
C TRP G 229 60.86 61.67 -27.63
N HIS G 230 61.80 60.74 -27.57
CA HIS G 230 62.08 59.97 -26.37
C HIS G 230 63.58 60.03 -26.09
N CYS G 231 64.00 61.06 -25.37
CA CYS G 231 65.33 61.14 -24.80
C CYS G 231 65.18 61.11 -23.30
N ASP G 232 65.78 60.11 -22.66
CA ASP G 232 65.59 59.89 -21.24
C ASP G 232 66.55 58.80 -20.78
N SER G 233 66.72 58.73 -19.47
CA SER G 233 67.42 57.63 -18.84
C SER G 233 66.70 57.33 -17.53
N THR G 234 66.24 56.10 -17.37
CA THR G 234 65.54 55.68 -16.16
C THR G 234 66.40 54.66 -15.44
N TRP G 235 66.78 54.98 -14.21
CA TRP G 235 67.55 54.09 -13.36
C TRP G 235 66.58 53.40 -12.42
N LEU G 236 66.52 52.07 -12.50
CA LEU G 236 65.57 51.30 -11.71
C LEU G 236 66.28 50.02 -11.26
N GLY G 237 66.69 49.99 -9.99
CA GLY G 237 67.34 48.82 -9.45
C GLY G 237 68.68 48.59 -10.13
N ASP G 238 68.87 47.37 -10.64
CA ASP G 238 70.09 46.99 -11.32
C ASP G 238 70.04 47.23 -12.82
N ARG G 239 69.06 48.00 -13.29
CA ARG G 239 68.93 48.34 -14.69
C ARG G 239 68.99 49.84 -14.86
N VAL G 240 69.54 50.27 -16.00
CA VAL G 240 69.36 51.63 -16.48
C VAL G 240 68.90 51.53 -17.93
N ILE G 241 67.84 52.24 -18.26
CA ILE G 241 67.29 52.24 -19.61
C ILE G 241 67.57 53.61 -20.20
N THR G 242 68.52 53.66 -21.13
CA THR G 242 68.80 54.89 -21.86
C THR G 242 67.98 54.88 -23.14
N THR G 243 67.30 55.98 -23.41
CA THR G 243 66.64 56.17 -24.69
C THR G 243 67.07 57.52 -25.24
N SER G 244 67.40 57.54 -26.52
CA SER G 244 67.88 58.75 -27.15
C SER G 244 67.21 58.91 -28.51
N THR G 245 66.76 60.13 -28.77
CA THR G 245 66.17 60.47 -30.06
C THR G 245 67.03 61.53 -30.72
N ARG G 246 67.23 61.39 -32.03
CA ARG G 246 67.97 62.37 -32.80
C ARG G 246 67.24 62.63 -34.11
N THR G 247 67.46 63.82 -34.66
CA THR G 247 66.99 64.13 -35.99
C THR G 247 68.10 63.84 -36.98
N TRP G 248 67.80 63.07 -38.00
CA TRP G 248 68.77 62.69 -39.01
C TRP G 248 68.38 63.28 -40.35
N ALA G 249 69.37 63.36 -41.24
CA ALA G 249 69.14 63.72 -42.63
C ALA G 249 69.87 62.73 -43.51
N LEU G 250 69.16 62.12 -44.45
CA LEU G 250 69.75 61.14 -45.34
C LEU G 250 69.77 61.68 -46.75
N PRO G 251 70.93 61.96 -47.32
CA PRO G 251 71.00 62.37 -48.72
C PRO G 251 70.87 61.15 -49.63
N THR G 252 70.80 61.44 -50.92
CA THR G 252 70.99 60.39 -51.91
C THR G 252 72.49 60.17 -52.09
N TYR G 253 72.94 58.96 -51.84
CA TYR G 253 74.35 58.62 -51.94
C TYR G 253 74.62 57.99 -53.30
N ASN G 254 75.76 58.32 -53.87
CA ASN G 254 76.29 57.67 -55.08
C ASN G 254 75.39 57.86 -56.30
N ASN G 255 74.44 58.79 -56.25
CA ASN G 255 73.43 58.94 -57.30
C ASN G 255 72.69 57.62 -57.52
N HIS G 256 72.34 56.95 -56.42
CA HIS G 256 71.61 55.69 -56.41
C HIS G 256 72.39 54.53 -57.00
N LEU G 257 73.71 54.66 -57.14
CA LEU G 257 74.51 53.65 -57.81
C LEU G 257 75.37 52.88 -56.81
N TYR G 258 75.67 51.63 -57.16
CA TYR G 258 76.74 50.88 -56.52
C TYR G 258 78.00 51.11 -57.32
N LYS G 259 79.05 51.58 -56.67
CA LYS G 259 80.30 51.86 -57.35
C LYS G 259 81.39 50.98 -56.76
N GLN G 260 82.13 50.30 -57.63
CA GLN G 260 83.35 49.63 -57.20
C GLN G 260 84.38 50.68 -56.83
N ILE G 261 85.00 50.52 -55.67
CA ILE G 261 86.03 51.43 -55.19
C ILE G 261 87.28 50.62 -54.90
N SER G 262 88.44 51.20 -55.21
CA SER G 262 89.69 50.50 -55.07
C SER G 262 90.79 51.49 -54.73
N ASN G 263 91.92 50.93 -54.30
CA ASN G 263 93.13 51.70 -54.06
C ASN G 263 94.29 50.75 -54.28
N GLY G 264 95.19 51.12 -55.19
CA GLY G 264 96.34 50.31 -55.53
C GLY G 264 97.64 51.02 -55.23
N THR G 265 98.73 50.34 -55.58
CA THR G 265 100.05 50.88 -55.35
C THR G 265 100.49 51.77 -56.52
N ALA G 269 99.83 55.12 -53.27
CA ALA G 269 99.48 54.41 -52.05
C ALA G 269 100.39 53.20 -51.86
N THR G 270 100.64 52.85 -50.60
CA THR G 270 101.45 51.69 -50.29
C THR G 270 100.60 50.43 -50.31
N ASN G 271 101.27 49.28 -50.35
CA ASN G 271 100.55 48.02 -50.34
C ASN G 271 99.76 47.83 -49.06
N ASP G 272 100.22 48.43 -47.96
CA ASP G 272 99.52 48.30 -46.68
C ASP G 272 98.14 48.95 -46.72
N ASN G 273 97.90 49.87 -47.65
CA ASN G 273 96.66 50.62 -47.69
C ASN G 273 95.80 50.28 -48.91
N THR G 274 96.12 49.21 -49.62
CA THR G 274 95.32 48.82 -50.77
C THR G 274 93.98 48.24 -50.32
N TYR G 275 92.96 48.42 -51.15
CA TYR G 275 91.67 47.80 -50.87
C TYR G 275 90.88 47.66 -52.16
N PHE G 276 89.92 46.76 -52.11
CA PHE G 276 88.89 46.63 -53.13
C PHE G 276 87.56 46.50 -52.40
N GLY G 277 86.58 47.26 -52.83
CA GLY G 277 85.29 47.21 -52.19
C GLY G 277 84.23 47.88 -53.01
N TYR G 278 83.10 48.15 -52.37
CA TYR G 278 81.97 48.74 -53.06
C TYR G 278 81.39 49.86 -52.22
N SER G 279 81.12 50.97 -52.88
CA SER G 279 80.32 52.04 -52.31
C SER G 279 78.87 51.80 -52.69
N THR G 280 77.98 51.86 -51.71
CA THR G 280 76.58 51.61 -51.95
C THR G 280 75.78 52.90 -51.84
N PRO G 281 74.61 52.98 -52.47
CA PRO G 281 73.74 54.13 -52.28
C PRO G 281 73.01 54.16 -50.96
N TRP G 282 73.32 53.24 -50.05
CA TRP G 282 72.61 53.12 -48.80
C TRP G 282 73.33 53.87 -47.68
N GLY G 283 72.56 54.47 -46.81
CA GLY G 283 73.07 54.91 -45.54
C GLY G 283 72.86 53.84 -44.48
N TYR G 284 73.43 54.08 -43.31
CA TYR G 284 73.22 53.16 -42.21
C TYR G 284 73.21 53.93 -40.89
N PHE G 285 72.48 53.41 -39.93
CA PHE G 285 72.36 54.03 -38.62
C PHE G 285 73.39 53.42 -37.68
N ASP G 286 74.17 54.28 -37.04
CA ASP G 286 75.19 53.87 -36.10
C ASP G 286 74.89 54.52 -34.75
N PHE G 287 74.82 53.71 -33.71
CA PHE G 287 74.73 54.19 -32.35
C PHE G 287 75.69 53.40 -31.47
N ASN G 288 76.85 53.11 -32.01
CA ASN G 288 77.87 52.27 -31.36
C ASN G 288 78.86 53.11 -30.58
N ARG G 289 78.44 54.22 -30.01
CA ARG G 289 79.24 54.98 -29.07
C ARG G 289 78.41 55.23 -27.82
N PHE G 290 79.08 55.24 -26.67
CA PHE G 290 78.35 55.33 -25.42
C PHE G 290 77.65 56.67 -25.26
N HIS G 291 78.23 57.75 -25.80
CA HIS G 291 77.59 59.04 -25.66
C HIS G 291 76.35 59.20 -26.53
N CYS G 292 76.09 58.26 -27.44
CA CYS G 292 74.81 58.22 -28.13
C CYS G 292 73.67 57.89 -27.19
N HIS G 293 73.96 57.31 -26.03
CA HIS G 293 72.95 56.82 -25.11
C HIS G 293 73.07 57.42 -23.73
N PHE G 294 74.28 57.66 -23.25
CA PHE G 294 74.49 58.20 -21.92
C PHE G 294 74.84 59.68 -22.01
N SER G 295 74.08 60.50 -21.30
CA SER G 295 74.51 61.85 -21.05
C SER G 295 75.74 61.82 -20.14
N PRO G 296 76.56 62.87 -20.15
CA PRO G 296 77.72 62.89 -19.26
C PRO G 296 77.36 62.68 -17.80
N ARG G 297 76.24 63.27 -17.35
CA ARG G 297 75.78 63.04 -15.99
C ARG G 297 75.36 61.58 -15.78
N ASP G 298 74.68 61.00 -16.77
CA ASP G 298 74.33 59.58 -16.68
C ASP G 298 75.56 58.71 -16.66
N TRP G 299 76.56 59.06 -17.46
CA TRP G 299 77.83 58.33 -17.44
C TRP G 299 78.49 58.43 -16.08
N GLN G 300 78.44 59.61 -15.46
CA GLN G 300 78.97 59.77 -14.11
C GLN G 300 78.23 58.90 -13.12
N ARG G 301 76.89 58.89 -13.20
CA ARG G 301 76.09 58.02 -12.35
C ARG G 301 76.50 56.57 -12.51
N LEU G 302 76.72 56.14 -13.76
CA LEU G 302 77.07 54.76 -14.03
C LEU G 302 78.45 54.42 -13.45
N ILE G 303 79.45 55.24 -13.75
CA ILE G 303 80.83 54.87 -13.43
C ILE G 303 81.19 55.13 -11.97
N ASN G 304 80.49 56.02 -11.27
CA ASN G 304 80.83 56.28 -9.88
C ASN G 304 80.17 55.32 -8.92
N ASN G 305 79.25 54.48 -9.39
CA ASN G 305 78.42 53.69 -8.48
C ASN G 305 78.32 52.22 -8.85
N ASN G 306 78.89 51.79 -9.97
CA ASN G 306 78.71 50.44 -10.44
C ASN G 306 80.05 49.80 -10.74
N TRP G 307 80.20 48.54 -10.37
CA TRP G 307 81.40 47.79 -10.70
C TRP G 307 81.37 47.26 -12.12
N GLY G 308 80.21 47.25 -12.76
CA GLY G 308 80.13 46.74 -14.11
C GLY G 308 78.78 47.03 -14.70
N PHE G 309 78.72 46.89 -16.02
CA PHE G 309 77.48 47.06 -16.75
C PHE G 309 77.60 46.30 -18.07
N ARG G 310 76.45 46.04 -18.68
CA ARG G 310 76.40 45.37 -19.96
C ARG G 310 75.07 45.65 -20.61
N PRO G 311 75.01 45.74 -21.92
CA PRO G 311 73.72 45.92 -22.60
C PRO G 311 72.90 44.65 -22.52
N LYS G 312 71.59 44.82 -22.43
CA LYS G 312 70.66 43.70 -22.34
C LYS G 312 69.77 43.59 -23.56
N ARG G 313 69.11 44.68 -23.94
CA ARG G 313 68.23 44.69 -25.08
C ARG G 313 68.22 46.10 -25.65
N LEU G 314 67.81 46.20 -26.91
CA LEU G 314 67.64 47.50 -27.52
C LEU G 314 66.37 47.52 -28.35
N SER G 315 65.76 48.69 -28.44
CA SER G 315 64.68 48.94 -29.37
C SER G 315 65.06 50.15 -30.20
N PHE G 316 64.74 50.09 -31.48
CA PHE G 316 65.14 51.10 -32.44
C PHE G 316 63.89 51.56 -33.18
N LYS G 317 63.78 52.87 -33.42
CA LYS G 317 62.61 53.41 -34.08
C LYS G 317 63.02 54.47 -35.09
N LEU G 318 62.41 54.40 -36.27
CA LEU G 318 62.47 55.45 -37.27
C LEU G 318 61.06 55.99 -37.47
N PHE G 319 60.91 57.31 -37.43
CA PHE G 319 59.57 57.89 -37.46
C PHE G 319 59.68 59.34 -37.90
N ASN G 320 58.51 59.93 -38.15
CA ASN G 320 58.40 61.31 -38.62
C ASN G 320 59.27 61.53 -39.85
N ILE G 321 59.18 60.59 -40.77
CA ILE G 321 59.99 60.62 -41.98
C ILE G 321 59.43 61.69 -42.92
N GLN G 322 60.33 62.54 -43.43
CA GLN G 322 59.98 63.54 -44.43
C GLN G 322 60.93 63.38 -45.59
N VAL G 323 60.40 63.07 -46.76
CA VAL G 323 61.19 63.01 -47.98
C VAL G 323 60.97 64.31 -48.73
N LYS G 324 62.05 64.99 -49.06
CA LYS G 324 61.99 66.33 -49.62
C LYS G 324 62.64 66.36 -50.98
N GLU G 325 62.00 67.06 -51.90
CA GLU G 325 62.49 67.25 -53.26
C GLU G 325 63.12 68.63 -53.36
N VAL G 326 64.31 68.69 -53.93
CA VAL G 326 65.02 69.94 -54.14
C VAL G 326 65.22 70.16 -55.63
N THR G 327 64.83 71.32 -56.12
CA THR G 327 64.93 71.64 -57.54
C THR G 327 65.92 72.76 -57.79
N LYS G 333 67.17 77.62 -55.74
CA LYS G 333 66.92 76.34 -55.12
C LYS G 333 65.69 76.39 -54.23
N THR G 334 64.73 75.50 -54.49
CA THR G 334 63.54 75.35 -53.67
C THR G 334 63.45 73.91 -53.17
N ILE G 335 63.06 73.77 -51.91
CA ILE G 335 62.88 72.46 -51.29
C ILE G 335 61.40 72.28 -51.00
N ALA G 336 60.85 71.18 -51.48
CA ALA G 336 59.43 70.89 -51.31
C ALA G 336 59.26 69.48 -50.79
N ASN G 337 58.16 69.25 -50.09
CA ASN G 337 57.82 67.91 -49.66
C ASN G 337 57.45 67.04 -50.85
N ASN G 338 57.94 65.82 -50.85
CA ASN G 338 57.51 64.79 -51.80
C ASN G 338 56.74 63.76 -50.98
N LEU G 339 55.43 63.98 -50.87
CA LEU G 339 54.61 63.20 -49.94
C LEU G 339 54.54 61.73 -50.34
N THR G 340 54.68 61.42 -51.63
CA THR G 340 54.54 60.07 -52.11
C THR G 340 55.87 59.34 -52.23
N SER G 341 56.98 59.99 -51.90
CA SER G 341 58.28 59.34 -51.96
C SER G 341 58.50 58.45 -50.75
N THR G 342 59.35 57.44 -50.92
CA THR G 342 59.61 56.47 -49.88
C THR G 342 61.09 56.44 -49.52
N ILE G 343 61.36 55.96 -48.33
CA ILE G 343 62.68 55.50 -47.94
C ILE G 343 62.59 54.00 -47.73
N GLN G 344 63.71 53.32 -47.92
CA GLN G 344 63.80 51.89 -47.68
C GLN G 344 64.67 51.65 -46.47
N VAL G 345 64.16 50.87 -45.52
CA VAL G 345 64.88 50.54 -44.30
C VAL G 345 64.83 49.03 -44.12
N PHE G 346 65.97 48.43 -43.80
CA PHE G 346 65.99 47.04 -43.38
C PHE G 346 67.15 46.84 -42.43
N THR G 347 67.00 45.85 -41.56
CA THR G 347 68.07 45.44 -40.67
C THR G 347 68.69 44.15 -41.20
N ASP G 348 70.01 44.10 -41.23
CA ASP G 348 70.72 42.88 -41.59
C ASP G 348 70.70 41.93 -40.38
N SER G 349 69.51 41.39 -40.12
CA SER G 349 69.29 40.59 -38.92
C SER G 349 70.00 39.24 -38.99
N GLU G 350 70.24 38.73 -40.20
CA GLU G 350 70.98 37.49 -40.38
C GLU G 350 72.47 37.71 -40.54
N TYR G 351 72.94 38.96 -40.44
CA TYR G 351 74.35 39.28 -40.55
C TYR G 351 74.93 38.78 -41.87
N GLN G 352 74.17 38.96 -42.93
CA GLN G 352 74.59 38.54 -44.26
C GLN G 352 75.37 39.61 -45.00
N LEU G 353 75.39 40.79 -44.51
CA LEU G 353 76.18 41.85 -45.11
C LEU G 353 77.49 42.02 -44.37
N PRO G 354 78.51 42.55 -45.02
CA PRO G 354 79.73 42.92 -44.30
C PRO G 354 79.40 43.89 -43.18
N TYR G 355 79.84 43.55 -41.97
CA TYR G 355 79.51 44.32 -40.78
C TYR G 355 80.56 45.41 -40.61
N VAL G 356 80.17 46.65 -40.93
CA VAL G 356 81.09 47.78 -40.86
C VAL G 356 80.95 48.58 -39.59
N LEU G 357 79.93 48.30 -38.77
CA LEU G 357 79.93 48.82 -37.42
C LEU G 357 81.05 48.18 -36.61
N GLY G 358 81.41 48.83 -35.52
CA GLY G 358 82.53 48.32 -34.76
C GLY G 358 83.88 48.57 -35.39
N SER G 359 83.98 49.57 -36.27
CA SER G 359 85.27 50.03 -36.76
C SER G 359 85.54 51.46 -36.33
N ALA G 360 84.84 51.94 -35.30
CA ALA G 360 85.05 53.27 -34.73
C ALA G 360 84.90 54.37 -35.77
N HIS G 361 83.89 54.23 -36.64
CA HIS G 361 83.67 55.19 -37.70
C HIS G 361 82.81 56.35 -37.22
N GLN G 362 83.00 57.49 -37.88
CA GLN G 362 82.12 58.62 -37.66
C GLN G 362 80.73 58.32 -38.22
N GLY G 363 79.78 59.18 -37.89
CA GLY G 363 78.42 59.02 -38.33
C GLY G 363 77.48 58.43 -37.32
N CYS G 364 77.95 58.18 -36.10
CA CYS G 364 77.06 57.73 -35.05
C CYS G 364 76.10 58.86 -34.66
N LEU G 365 75.10 58.51 -33.86
CA LEU G 365 74.21 59.51 -33.31
C LEU G 365 75.03 60.51 -32.51
N PRO G 366 74.78 61.81 -32.66
CA PRO G 366 75.60 62.80 -31.97
C PRO G 366 75.40 62.70 -30.46
N PRO G 367 76.41 63.02 -29.67
CA PRO G 367 76.23 63.00 -28.21
C PRO G 367 75.18 63.97 -27.73
N PHE G 368 75.04 65.13 -28.37
CA PHE G 368 74.09 66.13 -27.94
C PHE G 368 72.74 65.90 -28.60
N PRO G 369 71.67 65.73 -27.84
CA PRO G 369 70.37 65.40 -28.45
C PRO G 369 69.85 66.44 -29.41
N ALA G 370 70.17 67.71 -29.20
CA ALA G 370 69.70 68.75 -30.11
C ALA G 370 70.41 68.73 -31.45
N ASP G 371 71.44 67.90 -31.61
CA ASP G 371 72.27 67.94 -32.79
C ASP G 371 71.64 67.12 -33.91
N VAL G 372 71.52 67.72 -35.09
CA VAL G 372 71.02 67.03 -36.26
C VAL G 372 72.20 66.47 -37.04
N PHE G 373 72.15 65.19 -37.36
CA PHE G 373 73.30 64.51 -37.95
C PHE G 373 72.96 63.92 -39.31
N MET G 374 73.99 63.82 -40.13
CA MET G 374 73.93 63.22 -41.44
C MET G 374 74.20 61.72 -41.34
N ILE G 375 73.39 60.93 -42.02
CA ILE G 375 73.55 59.47 -41.99
C ILE G 375 74.75 59.07 -42.83
N PRO G 376 75.68 58.28 -42.30
CA PRO G 376 76.86 57.91 -43.09
C PRO G 376 76.50 56.95 -44.21
N GLN G 377 77.31 56.99 -45.27
CA GLN G 377 77.09 56.12 -46.42
C GLN G 377 77.66 54.74 -46.15
N TYR G 378 76.89 53.72 -46.50
CA TYR G 378 77.34 52.35 -46.31
C TYR G 378 78.26 51.93 -47.44
N GLY G 379 79.43 51.44 -47.08
CA GLY G 379 80.32 50.79 -48.01
C GLY G 379 80.99 49.63 -47.31
N TYR G 380 81.59 48.76 -48.11
CA TYR G 380 82.25 47.60 -47.53
C TYR G 380 83.44 47.23 -48.38
N LEU G 381 84.32 46.44 -47.79
CA LEU G 381 85.50 45.94 -48.46
C LEU G 381 85.42 44.43 -48.58
N THR G 382 85.98 43.91 -49.66
CA THR G 382 86.07 42.48 -49.85
C THR G 382 87.53 42.14 -50.14
N LEU G 383 87.80 40.91 -50.54
CA LEU G 383 89.18 40.52 -50.78
C LEU G 383 89.77 41.31 -51.93
N ASN G 384 91.02 41.73 -51.77
CA ASN G 384 91.72 42.49 -52.78
C ASN G 384 93.13 41.95 -52.96
N ASN G 385 93.65 42.12 -54.18
CA ASN G 385 95.04 41.88 -54.52
C ASN G 385 95.52 43.18 -55.14
N GLY G 386 96.08 44.06 -54.32
CA GLY G 386 96.31 45.42 -54.77
C GLY G 386 94.98 46.12 -54.93
N SER G 387 94.78 46.74 -56.08
CA SER G 387 93.50 47.37 -56.41
C SER G 387 92.55 46.43 -57.11
N GLN G 388 92.96 45.19 -57.38
CA GLN G 388 92.15 44.23 -58.10
C GLN G 388 91.37 43.35 -57.13
N ALA G 389 90.21 42.89 -57.58
CA ALA G 389 89.48 41.88 -56.85
C ALA G 389 90.01 40.50 -57.22
N VAL G 390 89.72 39.53 -56.36
CA VAL G 390 90.01 38.14 -56.64
C VAL G 390 88.69 37.42 -56.84
N GLY G 391 88.78 36.16 -57.27
CA GLY G 391 87.57 35.38 -57.49
C GLY G 391 86.73 35.19 -56.25
N ARG G 392 87.34 35.26 -55.08
CA ARG G 392 86.61 35.12 -53.82
C ARG G 392 85.98 36.42 -53.36
N SER G 393 86.25 37.54 -54.04
CA SER G 393 85.65 38.80 -53.66
C SER G 393 84.14 38.74 -53.82
N SER G 394 83.44 39.23 -52.81
CA SER G 394 81.99 39.19 -52.76
C SER G 394 81.41 40.56 -53.10
N PHE G 395 80.43 40.59 -53.98
CA PHE G 395 79.65 41.78 -54.25
C PHE G 395 78.26 41.60 -53.64
N TYR G 396 77.81 42.59 -52.88
CA TYR G 396 76.51 42.55 -52.24
C TYR G 396 75.64 43.66 -52.77
N CYS G 397 74.46 43.30 -53.25
CA CYS G 397 73.43 44.27 -53.60
C CYS G 397 72.47 44.37 -52.42
N LEU G 398 72.38 45.55 -51.82
CA LEU G 398 71.51 45.72 -50.67
C LEU G 398 70.05 45.76 -51.07
N GLU G 399 69.75 46.04 -52.33
CA GLU G 399 68.39 45.90 -52.83
C GLU G 399 67.96 44.44 -52.89
N TYR G 400 68.90 43.52 -52.85
CA TYR G 400 68.60 42.10 -52.83
C TYR G 400 68.10 41.63 -51.47
N PHE G 401 67.84 42.54 -50.57
CA PHE G 401 67.28 42.23 -49.27
C PHE G 401 65.84 42.72 -49.19
N PRO G 402 64.99 42.06 -48.40
CA PRO G 402 63.67 42.62 -48.13
C PRO G 402 63.80 43.88 -47.29
N SER G 403 63.23 44.96 -47.78
CA SER G 403 63.27 46.24 -47.09
C SER G 403 61.86 46.76 -46.90
N GLN G 404 61.61 47.37 -45.75
CA GLN G 404 60.37 48.08 -45.55
C GLN G 404 60.47 49.43 -46.25
N MET G 405 59.48 49.76 -47.08
CA MET G 405 59.42 51.06 -47.71
C MET G 405 58.47 51.94 -46.91
N LEU G 406 58.90 53.16 -46.64
CA LEU G 406 58.19 54.05 -45.73
C LEU G 406 57.87 55.35 -46.45
N ARG G 407 56.60 55.71 -46.47
CA ARG G 407 56.22 57.07 -46.84
C ARG G 407 56.23 57.94 -45.60
N THR G 408 55.83 59.21 -45.77
CA THR G 408 55.96 60.16 -44.68
C THR G 408 55.12 59.78 -43.47
N GLY G 409 54.05 59.01 -43.67
CA GLY G 409 53.23 58.58 -42.56
C GLY G 409 53.65 57.29 -41.89
N ASN G 410 54.65 56.61 -42.43
CA ASN G 410 55.06 55.32 -41.92
C ASN G 410 56.19 55.47 -40.90
N ASN G 411 56.32 54.45 -40.06
CA ASN G 411 57.44 54.37 -39.14
C ASN G 411 58.03 52.96 -39.17
N PHE G 412 59.27 52.87 -38.75
CA PHE G 412 60.00 51.61 -38.71
C PHE G 412 60.48 51.37 -37.29
N GLN G 413 60.41 50.13 -36.85
CA GLN G 413 60.92 49.80 -35.53
C GLN G 413 61.30 48.34 -35.47
N PHE G 414 62.28 48.04 -34.65
CA PHE G 414 62.65 46.67 -34.35
C PHE G 414 63.27 46.61 -32.97
N THR G 415 63.24 45.42 -32.38
CA THR G 415 63.84 45.17 -31.09
C THR G 415 64.94 44.14 -31.24
N TYR G 416 65.93 44.23 -30.38
CA TYR G 416 67.07 43.33 -30.41
C TYR G 416 67.45 42.99 -28.98
N THR G 417 67.81 41.73 -28.75
CA THR G 417 68.27 41.28 -27.45
C THR G 417 69.75 40.95 -27.53
N PHE G 418 70.54 41.57 -26.66
CA PHE G 418 71.95 41.26 -26.59
C PHE G 418 72.15 39.86 -26.05
N GLU G 419 73.14 39.16 -26.59
CA GLU G 419 73.52 37.88 -26.03
C GLU G 419 74.13 38.08 -24.64
N ASP G 420 74.23 36.98 -23.90
CA ASP G 420 74.86 37.05 -22.59
C ASP G 420 76.32 37.40 -22.75
N VAL G 421 76.67 38.64 -22.39
CA VAL G 421 78.04 39.14 -22.54
C VAL G 421 78.56 39.39 -21.14
N PRO G 422 79.86 39.26 -20.88
CA PRO G 422 80.36 39.58 -19.53
C PRO G 422 80.20 41.05 -19.23
N PHE G 423 80.00 41.36 -17.96
CA PHE G 423 79.99 42.75 -17.51
C PHE G 423 81.33 43.40 -17.82
N HIS G 424 81.27 44.63 -18.33
CA HIS G 424 82.49 45.40 -18.46
C HIS G 424 83.02 45.74 -17.07
N SER G 425 84.33 45.60 -16.90
CA SER G 425 84.95 45.89 -15.61
C SER G 425 84.99 47.39 -15.40
N SER G 426 83.96 47.92 -14.75
CA SER G 426 83.90 49.35 -14.45
C SER G 426 84.56 49.65 -13.11
N TYR G 427 85.79 49.14 -12.95
CA TYR G 427 86.51 49.26 -11.70
C TYR G 427 87.99 49.13 -11.99
N ALA G 428 88.80 49.68 -11.09
CA ALA G 428 90.23 49.46 -11.10
C ALA G 428 90.60 48.62 -9.87
N HIS G 429 91.58 47.75 -10.04
CA HIS G 429 91.98 46.90 -8.92
C HIS G 429 92.74 47.72 -7.89
N SER G 430 92.37 47.54 -6.62
CA SER G 430 93.06 48.18 -5.51
C SER G 430 94.21 47.34 -4.99
N GLN G 431 94.50 46.22 -5.64
CA GLN G 431 95.64 45.39 -5.34
C GLN G 431 96.41 45.12 -6.61
N SER G 432 97.71 44.97 -6.48
CA SER G 432 98.55 44.57 -7.60
C SER G 432 98.72 43.07 -7.62
N LEU G 433 98.94 42.52 -8.81
CA LEU G 433 99.04 41.07 -8.95
C LEU G 433 100.24 40.50 -8.19
N ASP G 434 101.32 41.27 -8.10
CA ASP G 434 102.51 40.84 -7.39
C ASP G 434 102.48 41.21 -5.91
N ARG G 435 101.35 41.70 -5.42
CA ARG G 435 101.20 42.11 -4.03
C ARG G 435 99.93 41.54 -3.44
N LEU G 436 99.64 40.27 -3.73
CA LEU G 436 98.45 39.62 -3.23
C LEU G 436 98.69 38.86 -1.93
N MET G 437 99.91 38.87 -1.44
CA MET G 437 100.31 38.09 -0.28
C MET G 437 100.17 38.87 1.02
N ASN G 438 100.15 38.12 2.11
CA ASN G 438 100.17 38.71 3.44
C ASN G 438 101.53 39.33 3.70
N PRO G 439 101.61 40.63 3.97
CA PRO G 439 102.92 41.28 4.18
C PRO G 439 103.52 41.05 5.56
N LEU G 440 102.94 40.19 6.39
CA LEU G 440 103.46 39.94 7.72
C LEU G 440 104.02 38.54 7.91
N ILE G 441 103.69 37.61 7.02
CA ILE G 441 104.00 36.20 7.21
C ILE G 441 104.96 35.76 6.12
N ASP G 442 105.97 34.99 6.50
CA ASP G 442 106.86 34.39 5.53
C ASP G 442 106.14 33.27 4.78
N GLN G 443 106.66 32.95 3.60
CA GLN G 443 106.21 31.78 2.88
C GLN G 443 106.90 30.54 3.43
N TYR G 444 106.21 29.42 3.37
CA TYR G 444 106.87 28.15 3.68
C TYR G 444 107.67 27.62 2.49
N LEU G 445 107.44 28.17 1.30
CA LEU G 445 108.22 27.80 0.13
C LEU G 445 109.55 28.54 0.13
N TYR G 446 110.57 27.88 -0.40
CA TYR G 446 111.89 28.46 -0.53
C TYR G 446 112.15 28.83 -1.99
N TYR G 447 113.04 29.81 -2.17
CA TYR G 447 113.53 30.17 -3.48
C TYR G 447 115.05 30.15 -3.44
N LEU G 448 115.66 29.89 -4.59
CA LEU G 448 117.11 29.97 -4.70
C LEU G 448 117.55 31.40 -4.49
N SER G 449 118.18 31.68 -3.36
CA SER G 449 118.54 33.04 -3.00
C SER G 449 119.99 33.39 -3.33
N ARG G 450 120.88 32.42 -3.33
CA ARG G 450 122.27 32.67 -3.70
C ARG G 450 122.85 31.46 -4.41
N THR G 451 123.72 31.71 -5.37
CA THR G 451 124.46 30.67 -6.06
C THR G 451 125.95 30.76 -5.82
N GLN G 452 126.40 31.72 -5.02
CA GLN G 452 127.82 31.93 -4.76
C GLN G 452 128.01 32.30 -3.30
N THR G 453 129.07 31.76 -2.69
CA THR G 453 129.35 32.03 -1.28
C THR G 453 129.71 33.49 -1.03
N ASN G 459 135.19 33.70 -3.79
CA ASN G 459 133.94 33.00 -3.51
C ASN G 459 133.74 31.85 -4.49
N THR G 460 133.05 30.81 -4.02
CA THR G 460 132.85 29.59 -4.78
C THR G 460 131.35 29.37 -4.99
N GLN G 461 131.04 28.40 -5.85
CA GLN G 461 129.65 28.05 -6.10
C GLN G 461 129.01 27.43 -4.86
N THR G 462 127.74 27.72 -4.68
CA THR G 462 126.95 27.15 -3.59
C THR G 462 125.49 27.23 -3.99
N LEU G 463 124.63 26.67 -3.15
CA LEU G 463 123.18 26.77 -3.32
C LEU G 463 122.60 27.21 -1.99
N GLY G 464 122.20 28.47 -1.91
CA GLY G 464 121.54 29.01 -0.74
C GLY G 464 120.07 29.26 -1.05
N PHE G 465 119.21 28.84 -0.13
CA PHE G 465 117.77 28.95 -0.30
C PHE G 465 117.20 29.75 0.85
N SER G 466 116.29 30.66 0.53
CA SER G 466 115.65 31.51 1.52
C SER G 466 114.15 31.41 1.35
N GLN G 467 113.43 31.71 2.41
CA GLN G 467 111.98 31.77 2.38
C GLN G 467 111.54 33.17 1.99
N GLY G 468 110.66 33.26 1.01
CA GLY G 468 110.08 34.53 0.63
C GLY G 468 109.32 35.14 1.78
N GLY G 469 109.55 36.42 2.04
CA GLY G 469 108.92 37.08 3.15
C GLY G 469 108.53 38.50 2.83
N PRO G 470 108.20 39.27 3.86
CA PRO G 470 107.76 40.66 3.63
C PRO G 470 108.80 41.52 2.94
N ASN G 471 110.08 41.22 3.11
CA ASN G 471 111.13 42.04 2.51
C ASN G 471 111.56 41.55 1.14
N THR G 472 111.58 40.23 0.92
CA THR G 472 111.91 39.66 -0.38
C THR G 472 110.63 39.34 -1.15
N MET G 473 109.82 40.38 -1.33
CA MET G 473 108.50 40.18 -1.90
C MET G 473 108.55 39.91 -3.39
N ALA G 474 109.60 40.39 -4.07
CA ALA G 474 109.79 40.08 -5.48
C ALA G 474 110.17 38.61 -5.70
N ASN G 475 110.74 37.96 -4.69
CA ASN G 475 111.17 36.58 -4.81
C ASN G 475 110.10 35.57 -4.41
N GLN G 476 108.99 36.02 -3.85
CA GLN G 476 107.99 35.10 -3.32
C GLN G 476 107.36 34.27 -4.44
N ALA G 477 107.04 33.02 -4.11
CA ALA G 477 106.26 32.20 -5.01
C ALA G 477 104.88 32.80 -5.19
N LYS G 478 104.41 32.83 -6.43
CA LYS G 478 103.14 33.45 -6.75
C LYS G 478 102.35 32.53 -7.67
N ASN G 479 101.03 32.70 -7.65
CA ASN G 479 100.13 31.82 -8.39
C ASN G 479 99.78 32.33 -9.77
N TRP G 480 100.04 33.60 -10.08
CA TRP G 480 99.48 34.21 -11.28
C TRP G 480 100.54 35.03 -11.98
N LEU G 481 100.32 35.26 -13.27
CA LEU G 481 101.19 36.04 -14.12
C LEU G 481 100.42 37.21 -14.71
N PRO G 482 101.10 38.31 -15.02
CA PRO G 482 100.44 39.42 -15.68
C PRO G 482 100.00 39.03 -17.07
N GLY G 483 98.98 39.74 -17.56
CA GLY G 483 98.41 39.46 -18.85
C GLY G 483 99.42 39.55 -19.98
N PRO G 484 98.99 39.19 -21.18
CA PRO G 484 99.92 39.11 -22.31
C PRO G 484 100.40 40.49 -22.74
N CYS G 485 101.55 40.49 -23.42
CA CYS G 485 102.23 41.70 -23.82
C CYS G 485 102.53 41.69 -25.31
N TYR G 486 102.35 42.84 -25.95
CA TYR G 486 102.75 43.06 -27.35
C TYR G 486 103.36 44.46 -27.38
N ARG G 487 104.66 44.54 -27.13
CA ARG G 487 105.28 45.79 -26.72
C ARG G 487 105.14 46.88 -27.77
N GLN G 488 104.78 48.08 -27.30
CA GLN G 488 104.64 49.25 -28.13
C GLN G 488 105.77 50.23 -27.84
N GLN G 489 106.09 51.05 -28.85
CA GLN G 489 107.09 52.09 -28.65
C GLN G 489 106.55 53.18 -27.74
N ARG G 490 107.41 53.72 -26.89
CA ARG G 490 107.02 54.74 -25.93
C ARG G 490 107.18 56.11 -26.56
N VAL G 491 106.15 56.94 -26.44
CA VAL G 491 106.17 58.31 -26.93
C VAL G 491 105.87 59.23 -25.76
N SER G 492 106.64 60.30 -25.63
CA SER G 492 106.44 61.29 -24.58
C SER G 492 105.61 62.45 -25.11
N THR G 493 104.62 62.87 -24.33
CA THR G 493 103.89 64.09 -24.68
C THR G 493 104.76 65.32 -24.56
N THR G 494 105.86 65.24 -23.80
CA THR G 494 106.91 66.26 -23.83
C THR G 494 107.79 65.94 -25.04
N THR G 495 107.56 66.66 -26.14
CA THR G 495 108.16 66.26 -27.42
C THR G 495 109.68 66.29 -27.37
N GLY G 496 110.26 67.17 -26.56
CA GLY G 496 111.72 67.23 -26.45
C GLY G 496 112.35 65.94 -25.96
N GLN G 497 111.58 65.11 -25.26
CA GLN G 497 112.08 63.82 -24.80
C GLN G 497 111.99 62.74 -25.85
N ASN G 498 111.37 63.01 -26.99
CA ASN G 498 111.24 62.04 -28.05
C ASN G 498 112.43 62.10 -29.00
N ASN G 499 112.66 60.98 -29.68
CA ASN G 499 113.69 60.96 -30.72
C ASN G 499 113.32 61.90 -31.85
N ASN G 500 114.31 62.62 -32.36
CA ASN G 500 114.09 63.58 -33.44
C ASN G 500 114.05 62.82 -34.78
N SER G 501 112.94 62.11 -34.97
CA SER G 501 112.70 61.38 -36.21
C SER G 501 111.21 61.14 -36.34
N ASN G 502 110.78 60.80 -37.54
CA ASN G 502 109.38 60.48 -37.82
C ASN G 502 109.24 58.97 -37.73
N PHE G 503 108.88 58.49 -36.55
CA PHE G 503 108.85 57.06 -36.27
C PHE G 503 107.45 56.54 -35.93
N ALA G 504 106.41 57.32 -36.21
CA ALA G 504 105.05 56.88 -35.87
C ALA G 504 104.70 55.59 -36.59
N TRP G 505 105.09 55.48 -37.86
CA TRP G 505 104.85 54.26 -38.64
C TRP G 505 106.04 53.30 -38.61
N THR G 506 107.25 53.81 -38.80
CA THR G 506 108.41 52.94 -38.87
C THR G 506 108.64 52.20 -37.56
N ALA G 507 108.47 52.88 -36.43
CA ALA G 507 108.58 52.25 -35.13
C ALA G 507 107.23 51.79 -34.59
N GLY G 508 106.17 51.90 -35.38
CA GLY G 508 104.86 51.49 -34.93
C GLY G 508 104.81 49.99 -34.67
N THR G 509 104.00 49.62 -33.69
CA THR G 509 103.80 48.22 -33.38
C THR G 509 102.72 47.67 -34.31
N LYS G 510 103.09 46.67 -35.10
CA LYS G 510 102.28 46.25 -36.23
C LYS G 510 102.05 44.75 -36.20
N TYR G 511 101.01 44.33 -36.89
CA TYR G 511 100.84 42.93 -37.25
C TYR G 511 100.91 42.79 -38.76
N HIS G 512 101.25 41.59 -39.21
CA HIS G 512 101.46 41.29 -40.61
C HIS G 512 100.38 40.31 -41.06
N LEU G 513 99.64 40.68 -42.10
CA LEU G 513 98.56 39.84 -42.60
C LEU G 513 98.56 39.90 -44.11
N ASN G 514 98.80 38.76 -44.75
CA ASN G 514 98.78 38.62 -46.21
C ASN G 514 99.69 39.66 -46.86
N GLY G 515 100.91 39.76 -46.36
CA GLY G 515 101.87 40.71 -46.90
C GLY G 515 101.53 42.16 -46.67
N ARG G 516 100.55 42.45 -45.82
CA ARG G 516 100.13 43.81 -45.52
C ARG G 516 100.43 44.11 -44.07
N ASN G 517 101.03 45.25 -43.80
CA ASN G 517 101.33 45.68 -42.45
C ASN G 517 100.24 46.62 -41.96
N SER G 518 99.70 46.34 -40.79
CA SER G 518 98.70 47.17 -40.16
C SER G 518 99.12 47.42 -38.73
N LEU G 519 98.91 48.64 -38.25
CA LEU G 519 99.21 48.94 -36.85
C LEU G 519 98.36 48.06 -35.94
N ALA G 520 99.00 47.55 -34.89
CA ALA G 520 98.29 46.89 -33.80
C ALA G 520 97.72 47.99 -32.91
N ASN G 521 96.65 48.62 -33.40
CA ASN G 521 96.14 49.86 -32.86
C ASN G 521 94.69 49.68 -32.44
N PRO G 522 94.36 49.80 -31.15
CA PRO G 522 95.31 50.10 -30.07
C PRO G 522 96.00 48.86 -29.54
N GLY G 523 95.74 47.70 -30.14
CA GLY G 523 96.35 46.47 -29.70
C GLY G 523 95.73 45.94 -28.43
N ILE G 524 96.41 44.96 -27.84
CA ILE G 524 95.89 44.31 -26.64
C ILE G 524 95.91 45.28 -25.47
N ALA G 525 95.04 45.03 -24.51
CA ALA G 525 94.90 45.90 -23.35
C ALA G 525 96.16 45.81 -22.49
N MET G 526 96.95 46.87 -22.50
CA MET G 526 98.10 46.99 -21.62
C MET G 526 98.07 48.35 -20.96
N ALA G 527 98.69 48.43 -19.78
CA ALA G 527 98.76 49.70 -19.06
C ALA G 527 99.50 50.72 -19.90
N THR G 528 98.92 51.93 -19.99
CA THR G 528 99.50 52.97 -20.82
C THR G 528 100.90 53.34 -20.36
N HIS G 529 101.10 53.42 -19.06
CA HIS G 529 102.38 53.81 -18.49
C HIS G 529 102.45 53.25 -17.08
N LYS G 530 103.64 53.27 -16.51
CA LYS G 530 103.82 52.85 -15.13
C LYS G 530 103.67 54.06 -14.21
N ASP G 531 104.01 53.88 -12.94
CA ASP G 531 103.85 54.94 -11.96
C ASP G 531 104.69 56.17 -12.33
N ASP G 532 104.09 57.34 -12.18
CA ASP G 532 104.76 58.62 -12.36
C ASP G 532 105.31 58.81 -13.78
N GLU G 533 104.64 58.23 -14.77
CA GLU G 533 105.05 58.37 -16.16
C GLU G 533 103.84 58.69 -17.04
N GLU G 534 102.97 59.58 -16.56
CA GLU G 534 101.76 59.91 -17.29
C GLU G 534 102.06 60.54 -18.64
N ARG G 535 103.22 61.18 -18.79
CA ARG G 535 103.58 61.81 -20.05
C ARG G 535 103.87 60.80 -21.15
N PHE G 536 104.06 59.53 -20.81
CA PHE G 536 104.39 58.50 -21.78
C PHE G 536 103.15 57.75 -22.20
N PHE G 537 103.06 57.43 -23.49
CA PHE G 537 102.00 56.60 -24.00
C PHE G 537 102.54 55.70 -25.11
N PRO G 538 101.96 54.51 -25.28
CA PRO G 538 102.33 53.69 -26.42
C PRO G 538 101.96 54.39 -27.73
N SER G 539 102.82 54.25 -28.74
CA SER G 539 102.68 55.04 -29.95
C SER G 539 101.35 54.79 -30.64
N ASN G 540 100.92 53.53 -30.71
CA ASN G 540 99.59 53.19 -31.24
C ASN G 540 98.91 52.20 -30.32
N GLY G 541 98.94 52.47 -29.02
CA GLY G 541 98.40 51.56 -28.04
C GLY G 541 97.33 52.13 -27.16
N ILE G 542 96.79 53.30 -27.50
CA ILE G 542 95.73 53.93 -26.74
C ILE G 542 94.68 54.46 -27.71
N LEU G 543 93.47 54.62 -27.20
CA LEU G 543 92.43 55.33 -27.92
C LEU G 543 92.70 56.83 -27.81
N ILE G 544 92.68 57.51 -28.95
CA ILE G 544 92.90 58.95 -29.00
C ILE G 544 91.65 59.58 -29.59
N PHE G 545 90.95 60.36 -28.79
CA PHE G 545 89.79 61.09 -29.26
C PHE G 545 90.17 62.52 -29.58
N GLY G 546 89.51 63.09 -30.58
CA GLY G 546 89.75 64.46 -30.96
C GLY G 546 88.85 65.40 -30.17
N LYS G 547 89.41 66.53 -29.79
CA LYS G 547 88.59 67.59 -29.24
C LYS G 547 87.71 68.16 -30.33
N GLN G 548 86.71 68.95 -29.92
CA GLN G 548 85.81 69.56 -30.89
C GLN G 548 86.60 70.42 -31.86
N ASN G 549 86.29 70.29 -33.16
CA ASN G 549 86.94 71.03 -34.23
C ASN G 549 88.42 70.66 -34.38
N ALA G 550 88.80 69.47 -33.94
CA ALA G 550 90.15 69.00 -34.21
C ALA G 550 90.30 68.65 -35.68
N ALA G 551 91.47 68.94 -36.24
CA ALA G 551 91.71 68.67 -37.65
C ALA G 551 91.69 67.16 -37.91
N ARG G 552 91.22 66.80 -39.10
CA ARG G 552 91.24 65.39 -39.50
C ARG G 552 92.66 64.85 -39.60
N ASP G 553 93.56 65.64 -40.20
CA ASP G 553 94.94 65.22 -40.40
C ASP G 553 95.89 66.13 -39.61
N ASN G 554 96.88 65.53 -38.96
CA ASN G 554 97.94 66.24 -38.27
C ASN G 554 97.37 67.23 -37.24
N ALA G 555 96.42 66.76 -36.44
CA ALA G 555 95.97 67.53 -35.30
C ALA G 555 97.07 67.58 -34.26
N ASP G 556 97.26 68.75 -33.64
CA ASP G 556 98.26 68.89 -32.61
C ASP G 556 97.84 68.12 -31.35
N TYR G 557 98.81 67.88 -30.48
CA TYR G 557 98.52 67.18 -29.23
C TYR G 557 97.48 67.92 -28.41
N SER G 558 97.44 69.25 -28.50
CA SER G 558 96.45 70.02 -27.77
C SER G 558 95.05 69.85 -28.33
N ASP G 559 94.93 69.35 -29.56
CA ASP G 559 93.63 69.16 -30.19
C ASP G 559 93.08 67.75 -30.01
N VAL G 560 93.81 66.86 -29.35
CA VAL G 560 93.36 65.49 -29.18
C VAL G 560 93.31 65.17 -27.70
N MET G 561 92.60 64.09 -27.38
CA MET G 561 92.39 63.67 -26.00
C MET G 561 92.93 62.25 -25.88
N LEU G 562 94.10 62.11 -25.26
CA LEU G 562 94.70 60.80 -25.06
C LEU G 562 94.00 60.09 -23.90
N THR G 563 93.59 58.85 -24.13
CA THR G 563 93.12 58.03 -23.04
C THR G 563 94.31 57.39 -22.32
N SER G 564 94.05 56.88 -21.12
CA SER G 564 95.07 56.21 -20.34
C SER G 564 94.49 54.96 -19.72
N GLU G 565 95.15 53.83 -19.92
CA GLU G 565 94.78 52.57 -19.30
C GLU G 565 95.65 52.27 -18.09
N GLU G 566 96.05 53.30 -17.34
CA GLU G 566 96.91 53.09 -16.18
C GLU G 566 96.22 52.32 -15.07
N GLU G 567 94.89 52.24 -15.08
CA GLU G 567 94.18 51.50 -14.04
C GLU G 567 94.50 50.02 -14.08
N ILE G 568 94.93 49.49 -15.22
CA ILE G 568 95.21 48.07 -15.35
C ILE G 568 96.70 47.77 -15.14
N LYS G 569 97.46 48.72 -14.59
CA LYS G 569 98.84 48.45 -14.18
C LYS G 569 98.90 47.28 -13.21
N THR G 570 97.86 47.09 -12.42
CA THR G 570 97.87 46.08 -11.37
C THR G 570 97.90 44.67 -11.94
N THR G 571 97.39 44.50 -13.13
CA THR G 571 97.29 43.17 -13.72
C THR G 571 97.91 43.08 -15.10
N ASN G 572 97.82 44.13 -15.90
CA ASN G 572 98.38 44.08 -17.24
C ASN G 572 99.76 44.71 -17.27
N PRO G 573 100.68 44.16 -18.05
CA PRO G 573 102.00 44.79 -18.20
C PRO G 573 101.88 46.14 -18.88
N VAL G 574 102.84 47.01 -18.58
CA VAL G 574 102.88 48.32 -19.21
C VAL G 574 103.13 48.15 -20.70
N ALA G 575 102.39 48.90 -21.52
CA ALA G 575 102.41 48.71 -22.96
C ALA G 575 103.79 48.96 -23.56
N THR G 576 104.58 49.82 -22.94
CA THR G 576 105.86 50.22 -23.49
C THR G 576 107.02 49.51 -22.82
N GLU G 577 106.76 48.55 -21.95
CA GLU G 577 107.79 47.83 -21.24
C GLU G 577 107.76 46.37 -21.68
N GLU G 578 108.86 45.68 -21.42
CA GLU G 578 108.93 44.24 -21.68
C GLU G 578 108.04 43.48 -20.72
N TYR G 579 107.56 42.32 -21.17
CA TYR G 579 106.76 41.47 -20.30
C TYR G 579 107.58 40.95 -19.13
N GLY G 580 108.82 40.54 -19.41
CA GLY G 580 109.63 39.96 -18.37
C GLY G 580 110.95 39.50 -18.94
N ILE G 581 111.59 38.61 -18.19
CA ILE G 581 112.93 38.13 -18.52
C ILE G 581 112.90 36.61 -18.52
N VAL G 582 113.48 36.01 -19.55
CA VAL G 582 113.63 34.56 -19.62
C VAL G 582 115.09 34.23 -19.85
N ALA G 583 115.45 32.99 -19.50
CA ALA G 583 116.80 32.51 -19.76
C ALA G 583 117.00 32.33 -21.27
N ASP G 584 118.19 32.68 -21.74
CA ASP G 584 118.52 32.56 -23.14
C ASP G 584 119.52 31.45 -23.43
N ASN G 585 120.08 30.81 -22.40
CA ASN G 585 121.09 29.78 -22.60
C ASN G 585 121.06 28.85 -21.40
N LEU G 586 122.03 27.94 -21.36
CA LEU G 586 122.24 27.05 -20.23
C LEU G 586 123.56 27.44 -19.58
N GLN G 587 123.50 28.01 -18.38
CA GLN G 587 124.71 28.40 -17.70
C GLN G 587 125.51 27.18 -17.26
N GLN G 588 126.82 27.27 -17.38
CA GLN G 588 127.75 26.26 -16.89
C GLN G 588 128.85 26.98 -16.13
N GLN G 589 129.79 26.21 -15.59
CA GLN G 589 130.92 26.83 -14.90
C GLN G 589 131.76 27.69 -15.83
N ASN G 590 131.66 27.50 -17.13
CA ASN G 590 132.40 28.29 -18.09
C ASN G 590 131.55 29.29 -18.85
N THR G 591 130.22 29.16 -18.83
CA THR G 591 129.34 30.08 -19.55
C THR G 591 128.42 30.76 -18.55
N ALA G 592 128.52 32.09 -18.47
CA ALA G 592 127.66 32.84 -17.58
C ALA G 592 126.22 32.80 -18.10
N PRO G 593 125.24 32.80 -17.20
CA PRO G 593 123.85 32.79 -17.65
C PRO G 593 123.51 34.04 -18.44
N GLN G 594 122.72 33.85 -19.49
CA GLN G 594 122.26 34.94 -20.33
C GLN G 594 120.75 35.05 -20.23
N ILE G 595 120.25 36.27 -20.29
CA ILE G 595 118.83 36.52 -20.15
C ILE G 595 118.29 37.13 -21.43
N GLY G 596 117.06 36.78 -21.76
CA GLY G 596 116.36 37.34 -22.90
C GLY G 596 115.20 38.21 -22.43
N THR G 597 115.03 39.34 -23.10
CA THR G 597 113.97 40.28 -22.79
C THR G 597 112.74 39.90 -23.61
N VAL G 598 111.63 39.61 -22.93
CA VAL G 598 110.40 39.19 -23.58
C VAL G 598 109.62 40.45 -23.94
N ASN G 599 109.63 40.82 -25.20
CA ASN G 599 108.90 41.98 -25.69
C ASN G 599 107.53 41.61 -26.26
N SER G 600 107.24 40.33 -26.40
CA SER G 600 105.94 39.87 -26.87
C SER G 600 105.67 38.54 -26.19
N GLN G 601 104.57 38.48 -25.44
CA GLN G 601 104.24 37.27 -24.69
C GLN G 601 102.79 36.92 -24.96
N GLY G 602 102.58 35.75 -25.55
CA GLY G 602 101.25 35.22 -25.71
C GLY G 602 100.73 34.62 -24.42
N ALA G 603 99.54 34.06 -24.51
CA ALA G 603 98.87 33.55 -23.32
C ALA G 603 99.68 32.45 -22.65
N LEU G 604 99.86 32.58 -21.34
CA LEU G 604 100.47 31.56 -20.51
C LEU G 604 99.47 31.13 -19.44
N PRO G 605 99.52 29.88 -19.00
CA PRO G 605 98.62 29.45 -17.92
C PRO G 605 98.91 30.25 -16.66
N GLY G 606 97.83 30.55 -15.93
CA GLY G 606 97.94 31.39 -14.76
C GLY G 606 97.97 32.86 -15.05
N MET G 607 97.89 33.27 -16.31
CA MET G 607 97.90 34.67 -16.65
C MET G 607 96.51 35.27 -16.45
N VAL G 608 96.47 36.47 -15.89
CA VAL G 608 95.23 37.21 -15.74
C VAL G 608 95.44 38.62 -16.29
N TRP G 609 94.36 39.21 -16.78
CA TRP G 609 94.47 40.55 -17.36
C TRP G 609 93.11 41.22 -17.33
N GLN G 610 93.13 42.53 -17.52
CA GLN G 610 91.93 43.33 -17.67
C GLN G 610 91.80 43.75 -19.13
N ASN G 611 90.57 43.96 -19.56
CA ASN G 611 90.32 44.50 -20.88
C ASN G 611 90.55 46.01 -20.88
N ARG G 612 90.59 46.56 -22.08
CA ARG G 612 90.66 48.01 -22.22
C ARG G 612 89.38 48.64 -21.66
N ASP G 613 89.54 49.81 -21.06
CA ASP G 613 88.38 50.54 -20.56
C ASP G 613 87.49 51.01 -21.70
N VAL G 614 86.23 51.17 -21.40
CA VAL G 614 85.32 51.83 -22.32
C VAL G 614 85.23 53.30 -21.94
N TYR G 615 84.82 54.12 -22.90
CA TYR G 615 84.77 55.57 -22.70
C TYR G 615 83.42 56.08 -23.16
N LEU G 616 83.03 57.22 -22.59
CA LEU G 616 81.78 57.86 -23.00
C LEU G 616 81.78 58.12 -24.49
N GLN G 617 82.92 58.54 -25.05
CA GLN G 617 83.05 58.75 -26.48
C GLN G 617 83.42 57.50 -27.25
N GLY G 618 83.71 56.40 -26.57
CA GLY G 618 84.24 55.23 -27.22
C GLY G 618 83.18 54.29 -27.74
N PRO G 619 83.62 53.25 -28.45
CA PRO G 619 82.66 52.26 -28.98
C PRO G 619 82.06 51.41 -27.87
N ILE G 620 80.88 50.86 -28.17
CA ILE G 620 80.17 49.99 -27.24
C ILE G 620 80.43 48.52 -27.54
N TRP G 621 80.25 48.12 -28.79
CA TRP G 621 80.34 46.72 -29.14
C TRP G 621 81.10 46.57 -30.44
N ALA G 622 81.58 45.36 -30.68
CA ALA G 622 82.10 44.96 -31.97
C ALA G 622 81.59 43.56 -32.28
N LYS G 623 81.45 43.27 -33.56
CA LYS G 623 81.10 41.93 -33.99
C LYS G 623 82.33 41.04 -33.89
N ILE G 624 82.21 39.94 -33.16
CA ILE G 624 83.27 38.94 -33.14
C ILE G 624 83.31 38.30 -34.52
N PRO G 625 84.44 38.33 -35.21
CA PRO G 625 84.50 37.71 -36.54
C PRO G 625 84.14 36.24 -36.47
N HIS G 626 83.41 35.78 -37.48
CA HIS G 626 82.99 34.38 -37.54
C HIS G 626 84.19 33.56 -37.99
N THR G 627 84.91 33.00 -37.02
CA THR G 627 86.11 32.21 -37.28
C THR G 627 86.04 30.92 -36.49
N ASP G 628 86.91 29.99 -36.85
CA ASP G 628 87.02 28.73 -36.12
C ASP G 628 87.46 28.96 -34.69
N GLY G 629 88.44 29.83 -34.49
CA GLY G 629 88.98 30.06 -33.17
C GLY G 629 89.18 31.54 -32.92
N ASN G 630 88.97 31.91 -31.66
CA ASN G 630 89.36 33.22 -31.17
C ASN G 630 89.85 33.03 -29.75
N PHE G 631 90.68 33.98 -29.30
CA PHE G 631 91.15 33.98 -27.93
C PHE G 631 90.68 35.26 -27.26
N HIS G 632 89.90 35.12 -26.19
CA HIS G 632 89.35 36.22 -25.43
C HIS G 632 88.74 37.25 -26.37
N PRO G 633 87.62 36.94 -27.01
CA PRO G 633 87.11 37.82 -28.07
C PRO G 633 86.51 39.11 -27.54
N SER G 634 87.28 39.84 -26.78
CA SER G 634 86.91 41.18 -26.36
C SER G 634 87.51 42.18 -27.33
N PRO G 635 86.71 43.09 -27.91
CA PRO G 635 87.23 44.00 -28.93
C PRO G 635 88.37 44.84 -28.38
N LEU G 636 89.38 45.04 -29.22
CA LEU G 636 90.61 45.66 -28.74
C LEU G 636 90.44 47.15 -28.47
N MET G 637 89.63 47.85 -29.25
CA MET G 637 89.35 49.25 -28.90
C MET G 637 88.33 49.37 -27.78
N GLY G 638 88.01 48.27 -27.11
CA GLY G 638 87.16 48.31 -25.94
C GLY G 638 85.71 48.01 -26.28
N GLY G 639 84.98 47.53 -25.29
CA GLY G 639 83.58 47.27 -25.43
C GLY G 639 83.25 45.80 -25.33
N PHE G 640 82.08 45.46 -25.85
CA PHE G 640 81.53 44.12 -25.74
C PHE G 640 81.67 43.40 -27.07
N GLY G 641 82.32 42.24 -27.03
CA GLY G 641 82.39 41.41 -28.22
C GLY G 641 81.14 40.56 -28.34
N LEU G 642 80.44 40.68 -29.47
CA LEU G 642 79.19 39.98 -29.68
C LEU G 642 79.28 39.13 -30.93
N LYS G 643 78.90 37.86 -30.81
CA LYS G 643 78.76 37.02 -31.99
C LYS G 643 77.66 37.54 -32.88
N HIS G 644 76.55 38.00 -32.29
CA HIS G 644 75.40 38.54 -33.00
C HIS G 644 75.15 39.94 -32.46
N PRO G 645 75.88 40.93 -32.94
CA PRO G 645 75.74 42.29 -32.43
C PRO G 645 74.42 42.90 -32.88
N PRO G 646 74.10 44.11 -32.42
CA PRO G 646 72.96 44.81 -32.98
C PRO G 646 73.07 44.89 -34.49
N PRO G 647 72.03 44.49 -35.22
CA PRO G 647 72.14 44.40 -36.67
C PRO G 647 72.33 45.77 -37.31
N GLN G 648 73.03 45.78 -38.44
CA GLN G 648 73.14 46.99 -39.22
C GLN G 648 71.77 47.41 -39.71
N ILE G 649 71.46 48.69 -39.58
CA ILE G 649 70.20 49.25 -40.04
C ILE G 649 70.51 50.08 -41.27
N LEU G 650 70.11 49.59 -42.43
CA LEU G 650 70.42 50.22 -43.70
C LEU G 650 69.22 51.04 -44.15
N ILE G 651 69.48 52.26 -44.60
CA ILE G 651 68.43 53.17 -45.01
C ILE G 651 68.83 53.82 -46.33
N LYS G 652 67.86 53.99 -47.21
CA LYS G 652 68.11 54.57 -48.51
C LYS G 652 66.88 55.32 -48.98
N ASN G 653 67.10 56.45 -49.64
CA ASN G 653 66.02 57.12 -50.35
C ASN G 653 65.71 56.32 -51.60
N THR G 654 64.46 55.92 -51.76
CA THR G 654 64.06 55.21 -52.97
C THR G 654 64.23 56.13 -54.16
N PRO G 655 64.94 55.71 -55.20
CA PRO G 655 65.12 56.58 -56.37
C PRO G 655 63.78 56.91 -57.00
N VAL G 656 63.59 58.19 -57.31
CA VAL G 656 62.40 58.67 -58.01
C VAL G 656 62.87 59.19 -59.38
N PRO G 657 62.60 58.47 -60.46
CA PRO G 657 63.06 58.93 -61.77
C PRO G 657 62.46 60.27 -62.14
N ALA G 658 63.25 61.06 -62.84
CA ALA G 658 62.69 62.21 -63.55
C ALA G 658 61.87 61.70 -64.73
N ASP G 659 61.35 62.62 -65.52
CA ASP G 659 60.47 62.22 -66.62
C ASP G 659 61.25 61.37 -67.62
N PRO G 660 60.84 60.14 -67.87
CA PRO G 660 61.52 59.33 -68.87
C PRO G 660 61.19 59.81 -70.26
N PRO G 661 61.96 59.41 -71.28
CA PRO G 661 61.61 59.76 -72.65
C PRO G 661 60.29 59.11 -73.05
N THR G 662 59.65 59.71 -74.05
CA THR G 662 58.37 59.19 -74.53
C THR G 662 58.53 58.04 -75.51
N THR G 663 59.76 57.71 -75.90
CA THR G 663 60.04 56.52 -76.69
C THR G 663 60.89 55.58 -75.85
N PHE G 664 60.61 54.29 -75.94
CA PHE G 664 61.25 53.34 -75.04
C PHE G 664 62.75 53.30 -75.25
N ASN G 665 63.47 53.28 -74.14
CA ASN G 665 64.92 53.08 -74.12
C ASN G 665 65.22 52.01 -73.09
N GLN G 666 65.96 50.98 -73.51
CA GLN G 666 66.28 49.88 -72.61
C GLN G 666 67.28 50.26 -71.54
N SER G 667 68.03 51.34 -71.75
CA SER G 667 69.07 51.72 -70.80
C SER G 667 68.49 52.07 -69.45
N LYS G 668 69.22 51.75 -68.40
CA LYS G 668 68.79 52.10 -67.06
C LYS G 668 68.66 53.62 -66.94
N LEU G 669 67.65 54.05 -66.19
CA LEU G 669 67.42 55.47 -66.02
C LEU G 669 68.52 56.07 -65.14
N ASN G 670 69.07 57.19 -65.58
CA ASN G 670 70.07 57.91 -64.80
C ASN G 670 69.62 59.30 -64.43
N SER G 671 68.43 59.72 -64.86
CA SER G 671 67.89 61.03 -64.53
C SER G 671 66.91 60.84 -63.38
N PHE G 672 67.27 61.35 -62.21
CA PHE G 672 66.47 61.17 -61.02
C PHE G 672 66.13 62.52 -60.41
N ILE G 673 64.99 62.56 -59.74
CA ILE G 673 64.60 63.74 -58.98
C ILE G 673 65.53 63.86 -57.78
N THR G 674 66.14 65.03 -57.63
CA THR G 674 67.04 65.25 -56.51
C THR G 674 66.25 65.23 -55.21
N GLN G 675 66.71 64.45 -54.24
CA GLN G 675 65.85 64.09 -53.14
C GLN G 675 66.70 63.77 -51.92
N TYR G 676 66.17 64.12 -50.74
CA TYR G 676 66.78 63.72 -49.49
C TYR G 676 65.66 63.51 -48.49
N SER G 677 65.95 62.74 -47.45
CA SER G 677 64.98 62.48 -46.41
C SER G 677 65.51 62.92 -45.07
N THR G 678 64.60 63.27 -44.18
CA THR G 678 64.92 63.58 -42.81
C THR G 678 63.87 62.93 -41.93
N GLY G 679 64.25 62.70 -40.68
CA GLY G 679 63.31 62.10 -39.75
C GLY G 679 63.94 62.03 -38.38
N GLN G 680 63.27 61.32 -37.49
CA GLN G 680 63.76 61.11 -36.15
C GLN G 680 64.10 59.64 -35.96
N VAL G 681 65.15 59.38 -35.21
CA VAL G 681 65.57 58.04 -34.88
C VAL G 681 65.62 57.92 -33.36
N SER G 682 65.02 56.87 -32.84
CA SER G 682 65.04 56.60 -31.42
C SER G 682 65.72 55.25 -31.19
N VAL G 683 66.68 55.23 -30.28
CA VAL G 683 67.30 53.98 -29.85
C VAL G 683 67.20 53.92 -28.34
N GLU G 684 66.65 52.83 -27.83
CA GLU G 684 66.51 52.59 -26.40
C GLU G 684 67.32 51.36 -26.07
N ILE G 685 68.27 51.50 -25.14
CA ILE G 685 69.08 50.37 -24.69
C ILE G 685 68.86 50.20 -23.20
N GLU G 686 68.55 48.97 -22.80
CA GLU G 686 68.50 48.61 -21.39
C GLU G 686 69.83 48.01 -21.00
N TRP G 687 70.44 48.57 -19.97
CA TRP G 687 71.72 48.10 -19.46
C TRP G 687 71.52 47.47 -18.10
N GLU G 688 72.17 46.32 -17.88
CA GLU G 688 72.21 45.71 -16.56
C GLU G 688 73.42 46.24 -15.82
N LEU G 689 73.24 46.52 -14.53
CA LEU G 689 74.30 47.08 -13.71
C LEU G 689 74.80 46.06 -12.71
N GLN G 690 76.10 46.08 -12.47
CA GLN G 690 76.71 45.34 -11.37
C GLN G 690 77.00 46.34 -10.25
N LYS G 691 76.18 46.29 -9.21
CA LYS G 691 76.37 47.20 -8.08
C LYS G 691 77.64 46.84 -7.32
N GLU G 692 78.34 47.87 -6.88
CA GLU G 692 79.54 47.65 -6.08
C GLU G 692 79.15 47.23 -4.67
N ASN G 693 79.72 46.13 -4.20
CA ASN G 693 79.51 45.64 -2.85
C ASN G 693 80.88 45.60 -2.18
N SER G 694 81.30 46.74 -1.64
CA SER G 694 82.66 46.95 -1.20
C SER G 694 82.69 47.29 0.29
N LYS G 695 83.66 46.71 0.99
CA LYS G 695 83.88 47.01 2.39
C LYS G 695 85.04 47.96 2.60
N ARG G 696 85.48 48.63 1.54
CA ARG G 696 86.52 49.65 1.63
C ARG G 696 86.07 50.74 2.60
N TRP G 697 86.98 51.12 3.49
CA TRP G 697 86.64 52.11 4.51
C TRP G 697 86.80 53.54 3.99
N ASN G 698 87.94 53.83 3.38
CA ASN G 698 88.22 55.17 2.92
C ASN G 698 87.41 55.49 1.66
N PRO G 699 87.17 56.78 1.39
CA PRO G 699 86.38 57.13 0.20
C PRO G 699 87.07 56.71 -1.09
N GLU G 700 86.24 56.38 -2.07
CA GLU G 700 86.72 55.97 -3.39
C GLU G 700 87.04 57.19 -4.24
N ILE G 701 87.76 56.94 -5.32
CA ILE G 701 87.92 57.95 -6.36
C ILE G 701 86.65 57.99 -7.19
N GLN G 702 86.15 59.19 -7.44
CA GLN G 702 84.94 59.39 -8.21
C GLN G 702 85.22 60.36 -9.32
N TYR G 703 84.54 60.18 -10.45
CA TYR G 703 84.59 61.20 -11.48
C TYR G 703 83.76 62.38 -11.01
N THR G 704 84.35 63.57 -11.06
CA THR G 704 83.69 64.78 -10.63
C THR G 704 84.01 65.90 -11.60
N SER G 705 83.07 66.82 -11.75
CA SER G 705 83.35 68.05 -12.46
C SER G 705 84.22 68.94 -11.58
N ASN G 706 85.02 69.78 -12.23
CA ASN G 706 85.87 70.72 -11.50
C ASN G 706 85.00 71.77 -10.82
N TYR G 707 85.30 72.05 -9.56
CA TYR G 707 84.52 73.03 -8.80
C TYR G 707 84.87 74.46 -9.20
N TYR G 708 86.10 74.70 -9.65
CA TYR G 708 86.57 76.05 -9.91
C TYR G 708 85.87 76.65 -11.12
N LYS G 709 85.80 77.98 -11.15
CA LYS G 709 85.09 78.68 -12.20
C LYS G 709 85.77 78.51 -13.55
N SER G 710 85.00 78.65 -14.61
CA SER G 710 85.52 78.51 -15.96
C SER G 710 84.66 79.32 -16.92
N THR G 711 85.20 79.56 -18.10
CA THR G 711 84.48 80.35 -19.11
C THR G 711 83.21 79.63 -19.54
N SER G 712 83.26 78.30 -19.65
CA SER G 712 82.12 77.52 -20.10
C SER G 712 81.96 76.30 -19.21
N VAL G 713 80.76 75.77 -19.18
CA VAL G 713 80.48 74.53 -18.47
C VAL G 713 81.00 73.36 -19.29
N ASP G 714 81.73 72.46 -18.63
CA ASP G 714 82.19 71.25 -19.30
C ASP G 714 81.01 70.39 -19.70
N PHE G 715 81.10 69.78 -20.89
CA PHE G 715 80.00 68.99 -21.45
C PHE G 715 78.74 69.83 -21.60
N ALA G 716 78.90 71.02 -22.15
CA ALA G 716 77.80 71.90 -22.46
C ALA G 716 78.11 72.58 -23.79
N VAL G 717 77.26 73.49 -24.18
CA VAL G 717 77.46 74.25 -25.40
C VAL G 717 78.22 75.53 -25.05
N ASN G 718 78.93 76.06 -26.03
CA ASN G 718 79.59 77.34 -25.87
C ASN G 718 78.65 78.45 -26.35
N THR G 719 79.17 79.66 -26.51
CA THR G 719 78.35 80.77 -26.93
C THR G 719 77.86 80.64 -28.36
N GLU G 720 78.48 79.77 -29.16
CA GLU G 720 78.09 79.55 -30.54
C GLU G 720 77.17 78.35 -30.73
N GLY G 721 76.78 77.69 -29.64
CA GLY G 721 75.92 76.55 -29.75
C GLY G 721 76.63 75.24 -30.01
N VAL G 722 77.95 75.21 -29.96
CA VAL G 722 78.71 74.00 -30.24
C VAL G 722 78.85 73.19 -28.96
N TYR G 723 78.32 71.98 -28.98
CA TYR G 723 78.53 71.05 -27.89
C TYR G 723 79.91 70.42 -28.01
N SER G 724 80.62 70.35 -26.89
CA SER G 724 81.95 69.77 -26.87
C SER G 724 82.09 68.84 -25.68
N GLU G 725 82.89 67.79 -25.88
CA GLU G 725 83.28 66.92 -24.78
C GLU G 725 84.72 67.23 -24.43
N PRO G 726 84.99 67.85 -23.28
CA PRO G 726 86.35 68.35 -23.03
C PRO G 726 87.37 67.29 -22.74
N ARG G 727 86.95 66.11 -22.26
CA ARG G 727 87.89 65.07 -21.89
C ARG G 727 87.24 63.73 -22.17
N PRO G 728 88.04 62.68 -22.36
CA PRO G 728 87.48 61.33 -22.42
C PRO G 728 87.24 60.80 -21.02
N ILE G 729 85.99 60.51 -20.69
CA ILE G 729 85.65 59.96 -19.39
C ILE G 729 85.75 58.46 -19.48
N GLY G 730 86.69 57.89 -18.74
CA GLY G 730 86.78 56.45 -18.66
C GLY G 730 85.66 55.87 -17.84
N THR G 731 85.86 54.65 -17.34
CA THR G 731 84.81 53.96 -16.62
C THR G 731 85.28 53.43 -15.28
N ARG G 732 86.58 53.40 -15.04
CA ARG G 732 87.16 52.72 -13.89
C ARG G 732 87.52 53.74 -12.82
N TYR G 733 86.61 53.94 -11.88
CA TYR G 733 86.83 54.81 -10.74
C TYR G 733 86.67 54.09 -9.40
N LEU G 734 85.69 53.21 -9.29
CA LEU G 734 85.57 52.37 -8.11
C LEU G 734 86.70 51.32 -8.11
N THR G 735 86.89 50.70 -6.96
CA THR G 735 87.97 49.74 -6.79
C THR G 735 87.45 48.40 -6.32
N ARG G 736 88.18 47.36 -6.70
CA ARG G 736 87.96 46.01 -6.21
C ARG G 736 89.30 45.42 -5.81
N ASN G 737 89.26 44.47 -4.88
CA ASN G 737 90.42 43.64 -4.64
C ASN G 737 90.61 42.68 -5.80
N LEU G 738 91.83 42.18 -5.94
CA LEU G 738 92.10 41.20 -6.98
C LEU G 738 91.57 39.84 -6.56
N GLY H 221 75.43 -19.15 -39.65
CA GLY H 221 75.59 -20.32 -40.48
C GLY H 221 76.73 -20.22 -41.46
N VAL H 222 77.32 -21.37 -41.80
CA VAL H 222 78.41 -21.40 -42.76
C VAL H 222 77.95 -20.92 -44.13
N GLY H 223 76.78 -21.36 -44.56
CA GLY H 223 76.29 -21.09 -45.89
C GLY H 223 75.37 -19.89 -46.03
N SER H 224 75.30 -19.02 -45.02
CA SER H 224 74.45 -17.84 -45.08
C SER H 224 75.29 -16.59 -44.86
N SER H 225 75.03 -15.57 -45.66
CA SER H 225 75.74 -14.30 -45.52
C SER H 225 75.34 -13.63 -44.20
N SER H 226 76.33 -13.03 -43.54
CA SER H 226 76.08 -12.33 -42.28
C SER H 226 75.90 -10.83 -42.48
N GLY H 227 75.90 -10.35 -43.71
CA GLY H 227 75.66 -8.95 -43.96
C GLY H 227 75.73 -8.66 -45.44
N ASN H 228 75.20 -7.51 -45.81
CA ASN H 228 75.12 -7.09 -47.19
C ASN H 228 76.11 -5.96 -47.46
N TRP H 229 76.39 -5.76 -48.75
CA TRP H 229 77.26 -4.67 -49.17
C TRP H 229 76.47 -3.37 -49.12
N HIS H 230 76.99 -2.39 -48.38
CA HIS H 230 76.32 -1.11 -48.19
C HIS H 230 77.33 -0.01 -48.48
N CYS H 231 77.44 0.38 -49.74
CA CYS H 231 78.15 1.58 -50.13
C CYS H 231 77.13 2.54 -50.72
N ASP H 232 77.02 3.72 -50.11
CA ASP H 232 75.97 4.66 -50.49
C ASP H 232 76.22 5.97 -49.77
N SER H 233 75.55 7.01 -50.26
CA SER H 233 75.49 8.29 -49.57
C SER H 233 74.09 8.85 -49.78
N THR H 234 73.39 9.11 -48.69
CA THR H 234 72.04 9.66 -48.76
C THR H 234 72.06 11.06 -48.20
N TRP H 235 71.69 12.03 -49.03
CA TRP H 235 71.60 13.42 -48.62
C TRP H 235 70.14 13.72 -48.31
N LEU H 236 69.87 14.11 -47.06
CA LEU H 236 68.50 14.35 -46.62
C LEU H 236 68.51 15.56 -45.70
N GLY H 237 68.07 16.69 -46.23
CA GLY H 237 68.02 17.91 -45.44
C GLY H 237 69.40 18.36 -45.04
N ASP H 238 69.60 18.58 -43.74
CA ASP H 238 70.87 19.02 -43.19
C ASP H 238 71.78 17.85 -42.81
N ARG H 239 71.46 16.64 -43.23
CA ARG H 239 72.27 15.47 -42.95
C ARG H 239 72.73 14.84 -44.25
N VAL H 240 73.92 14.24 -44.22
CA VAL H 240 74.36 13.30 -45.23
C VAL H 240 74.84 12.05 -44.51
N ILE H 241 74.35 10.90 -44.94
CA ILE H 241 74.73 9.63 -44.34
C ILE H 241 75.60 8.90 -45.36
N THR H 242 76.89 8.83 -45.10
CA THR H 242 77.80 8.06 -45.93
C THR H 242 77.92 6.66 -45.33
N THR H 243 77.78 5.66 -46.18
CA THR H 243 78.07 4.29 -45.77
C THR H 243 79.01 3.69 -46.80
N SER H 244 80.03 3.00 -46.31
CA SER H 244 81.03 2.43 -47.18
C SER H 244 81.36 1.02 -46.73
N THR H 245 81.42 0.10 -47.69
CA THR H 245 81.80 -1.27 -47.44
C THR H 245 83.08 -1.58 -48.18
N ARG H 246 83.98 -2.30 -47.53
CA ARG H 246 85.22 -2.73 -48.14
C ARG H 246 85.48 -4.18 -47.80
N THR H 247 86.23 -4.85 -48.66
CA THR H 247 86.73 -6.17 -48.37
C THR H 247 88.13 -6.04 -47.77
N TRP H 248 88.33 -6.67 -46.62
CA TRP H 248 89.60 -6.62 -45.94
C TRP H 248 90.23 -8.00 -45.89
N ALA H 249 91.53 -8.03 -45.67
CA ALA H 249 92.27 -9.26 -45.41
C ALA H 249 93.15 -9.05 -44.20
N LEU H 250 93.03 -9.92 -43.21
CA LEU H 250 93.81 -9.80 -41.99
C LEU H 250 94.78 -10.97 -41.91
N PRO H 251 96.09 -10.72 -42.01
CA PRO H 251 97.05 -11.81 -41.80
C PRO H 251 97.25 -12.06 -40.32
N THR H 252 98.02 -13.11 -40.04
CA THR H 252 98.55 -13.29 -38.69
C THR H 252 99.76 -12.39 -38.53
N TYR H 253 99.71 -11.49 -37.57
CA TYR H 253 100.79 -10.55 -37.32
C TYR H 253 101.68 -11.09 -36.20
N ASN H 254 102.99 -10.90 -36.35
CA ASN H 254 103.97 -11.16 -35.31
C ASN H 254 104.04 -12.62 -34.91
N ASN H 255 103.46 -13.53 -35.71
CA ASN H 255 103.34 -14.93 -35.33
C ASN H 255 102.63 -15.08 -33.99
N HIS H 256 101.57 -14.29 -33.81
CA HIS H 256 100.72 -14.29 -32.62
C HIS H 256 101.44 -13.77 -31.38
N LEU H 257 102.58 -13.10 -31.54
CA LEU H 257 103.39 -12.69 -30.40
C LEU H 257 103.29 -11.18 -30.17
N TYR H 258 103.47 -10.78 -28.93
CA TYR H 258 103.77 -9.40 -28.59
C TYR H 258 105.28 -9.24 -28.55
N LYS H 259 105.79 -8.30 -29.32
CA LYS H 259 107.23 -8.09 -29.39
C LYS H 259 107.55 -6.68 -28.92
N GLN H 260 108.50 -6.57 -28.00
CA GLN H 260 109.04 -5.27 -27.66
C GLN H 260 109.84 -4.75 -28.84
N ILE H 261 109.60 -3.50 -29.21
CA ILE H 261 110.30 -2.86 -30.31
C ILE H 261 110.94 -1.58 -29.79
N SER H 262 112.13 -1.29 -30.28
CA SER H 262 112.88 -0.15 -29.79
C SER H 262 113.73 0.43 -30.91
N ASN H 263 114.24 1.63 -30.67
CA ASN H 263 115.19 2.28 -31.55
C ASN H 263 116.03 3.19 -30.69
N GLY H 264 117.35 2.99 -30.71
CA GLY H 264 118.26 3.77 -29.92
C GLY H 264 119.24 4.54 -30.78
N THR H 265 120.16 5.22 -30.10
CA THR H 265 121.17 6.02 -30.79
C THR H 265 122.37 5.16 -31.14
N ALA H 269 120.63 5.76 -35.48
CA ALA H 269 119.49 6.65 -35.30
C ALA H 269 119.83 7.79 -34.36
N THR H 270 119.20 8.94 -34.57
CA THR H 270 119.40 10.08 -33.71
C THR H 270 118.49 9.99 -32.49
N ASN H 271 118.80 10.80 -31.48
CA ASN H 271 117.97 10.83 -30.28
C ASN H 271 116.55 11.27 -30.59
N ASP H 272 116.38 12.11 -31.61
CA ASP H 272 115.05 12.59 -31.98
C ASP H 272 114.14 11.48 -32.45
N ASN H 273 114.69 10.34 -32.88
CA ASN H 273 113.92 9.25 -33.46
C ASN H 273 113.90 8.01 -32.57
N THR H 274 114.35 8.11 -31.33
CA THR H 274 114.33 6.95 -30.46
C THR H 274 112.90 6.64 -30.01
N TYR H 275 112.65 5.36 -29.76
CA TYR H 275 111.35 4.98 -29.23
C TYR H 275 111.48 3.64 -28.51
N PHE H 276 110.51 3.40 -27.63
CA PHE H 276 110.30 2.10 -27.03
C PHE H 276 108.81 1.82 -27.11
N GLY H 277 108.46 0.62 -27.54
CA GLY H 277 107.06 0.29 -27.67
C GLY H 277 106.86 -1.19 -27.85
N TYR H 278 105.67 -1.56 -28.28
CA TYR H 278 105.33 -2.95 -28.45
C TYR H 278 104.61 -3.15 -29.77
N SER H 279 105.02 -4.18 -30.49
CA SER H 279 104.28 -4.67 -31.64
C SER H 279 103.34 -5.75 -31.16
N THR H 280 102.08 -5.65 -31.55
CA THR H 280 101.08 -6.61 -31.12
C THR H 280 100.66 -7.50 -32.28
N PRO H 281 100.15 -8.69 -32.00
CA PRO H 281 99.60 -9.54 -33.06
C PRO H 281 98.25 -9.10 -33.58
N TRP H 282 97.75 -7.95 -33.14
CA TRP H 282 96.43 -7.47 -33.49
C TRP H 282 96.48 -6.53 -34.68
N GLY H 283 95.49 -6.64 -35.54
CA GLY H 283 95.21 -5.59 -36.50
C GLY H 283 94.20 -4.61 -35.96
N TYR H 284 93.99 -3.54 -36.70
CA TYR H 284 92.98 -2.57 -36.29
C TYR H 284 92.37 -1.96 -37.54
N PHE H 285 91.10 -1.55 -37.40
CA PHE H 285 90.37 -0.94 -38.50
C PHE H 285 90.48 0.56 -38.41
N ASP H 286 90.87 1.18 -39.52
CA ASP H 286 91.02 2.62 -39.61
C ASP H 286 90.12 3.13 -40.73
N PHE H 287 89.28 4.09 -40.42
CA PHE H 287 88.50 4.81 -41.42
C PHE H 287 88.56 6.29 -41.13
N ASN H 288 89.72 6.76 -40.72
CA ASN H 288 89.95 8.13 -40.31
C ASN H 288 90.43 9.01 -41.46
N ARG H 289 89.99 8.72 -42.68
CA ARG H 289 90.21 9.59 -43.81
C ARG H 289 88.88 9.85 -44.49
N PHE H 290 88.71 11.05 -45.03
CA PHE H 290 87.42 11.43 -45.57
C PHE H 290 87.06 10.60 -46.80
N HIS H 291 88.05 10.21 -47.60
CA HIS H 291 87.74 9.43 -48.80
C HIS H 291 87.33 8.00 -48.47
N CYS H 292 87.47 7.56 -47.23
CA CYS H 292 86.89 6.29 -46.82
C CYS H 292 85.37 6.35 -46.82
N HIS H 293 84.79 7.53 -46.79
CA HIS H 293 83.36 7.71 -46.65
C HIS H 293 82.75 8.53 -47.78
N PHE H 294 83.45 9.53 -48.28
CA PHE H 294 82.94 10.39 -49.34
C PHE H 294 83.57 10.00 -50.66
N SER H 295 82.73 9.72 -51.65
CA SER H 295 83.20 9.66 -53.01
C SER H 295 83.60 11.07 -53.44
N PRO H 296 84.45 11.18 -54.46
CA PRO H 296 84.83 12.53 -54.93
C PRO H 296 83.64 13.39 -55.32
N ARG H 297 82.62 12.78 -55.94
CA ARG H 297 81.40 13.51 -56.27
C ARG H 297 80.65 13.92 -55.00
N ASP H 298 80.59 13.03 -54.01
CA ASP H 298 79.97 13.38 -52.74
C ASP H 298 80.74 14.49 -52.04
N TRP H 299 82.07 14.43 -52.10
CA TRP H 299 82.88 15.51 -51.55
C TRP H 299 82.60 16.83 -52.24
N GLN H 300 82.44 16.79 -53.57
CA GLN H 300 82.09 18.00 -54.31
C GLN H 300 80.74 18.53 -53.87
N ARG H 301 79.74 17.64 -53.74
CA ARG H 301 78.44 18.04 -53.23
C ARG H 301 78.55 18.71 -51.88
N LEU H 302 79.37 18.15 -51.00
CA LEU H 302 79.52 18.69 -49.65
C LEU H 302 80.18 20.07 -49.68
N ILE H 303 81.30 20.19 -50.38
CA ILE H 303 82.09 21.41 -50.29
C ILE H 303 81.56 22.54 -51.13
N ASN H 304 80.79 22.27 -52.18
CA ASN H 304 80.28 23.34 -53.03
C ASN H 304 78.99 23.95 -52.51
N ASN H 305 78.39 23.36 -51.47
CA ASN H 305 77.05 23.74 -51.07
C ASN H 305 76.88 23.96 -49.58
N ASN H 306 77.89 23.70 -48.77
CA ASN H 306 77.75 23.76 -47.33
C ASN H 306 78.84 24.62 -46.74
N TRP H 307 78.47 25.44 -45.74
CA TRP H 307 79.44 26.23 -45.01
C TRP H 307 80.17 25.42 -43.95
N GLY H 308 79.64 24.27 -43.59
CA GLY H 308 80.28 23.47 -42.57
C GLY H 308 79.65 22.10 -42.48
N PHE H 309 80.35 21.21 -41.80
CA PHE H 309 79.87 19.87 -41.57
C PHE H 309 80.58 19.31 -40.35
N ARG H 310 79.99 18.27 -39.77
CA ARG H 310 80.59 17.61 -38.62
C ARG H 310 79.99 16.21 -38.53
N PRO H 311 80.76 15.23 -38.06
CA PRO H 311 80.19 13.90 -37.84
C PRO H 311 79.24 13.91 -36.66
N LYS H 312 78.21 13.08 -36.76
CA LYS H 312 77.20 12.96 -35.71
C LYS H 312 77.23 11.60 -35.05
N ARG H 313 77.16 10.53 -35.83
CA ARG H 313 77.15 9.19 -35.30
C ARG H 313 77.78 8.27 -36.34
N LEU H 314 78.24 7.12 -35.89
CA LEU H 314 78.73 6.11 -36.81
C LEU H 314 78.25 4.75 -36.37
N SER H 315 78.07 3.87 -37.36
CA SER H 315 77.84 2.47 -37.13
C SER H 315 78.88 1.69 -37.92
N PHE H 316 79.39 0.63 -37.30
CA PHE H 316 80.47 -0.15 -37.86
C PHE H 316 80.04 -1.61 -37.88
N LYS H 317 80.37 -2.31 -38.96
CA LYS H 317 79.97 -3.70 -39.09
C LYS H 317 81.10 -4.53 -39.66
N LEU H 318 81.32 -5.70 -39.08
CA LEU H 318 82.17 -6.74 -39.62
C LEU H 318 81.32 -7.95 -39.92
N PHE H 319 81.44 -8.50 -41.13
CA PHE H 319 80.55 -9.57 -41.53
C PHE H 319 81.19 -10.33 -42.69
N ASN H 320 80.56 -11.45 -43.03
CA ASN H 320 81.05 -12.34 -44.08
C ASN H 320 82.49 -12.73 -43.84
N ILE H 321 82.78 -13.09 -42.60
CA ILE H 321 84.14 -13.43 -42.19
C ILE H 321 84.49 -14.81 -42.74
N GLN H 322 85.65 -14.90 -43.35
CA GLN H 322 86.19 -16.17 -43.83
C GLN H 322 87.58 -16.31 -43.27
N VAL H 323 87.81 -17.35 -42.47
CA VAL H 323 89.13 -17.67 -41.98
C VAL H 323 89.68 -18.80 -42.82
N LYS H 324 90.86 -18.59 -43.39
CA LYS H 324 91.41 -19.50 -44.37
C LYS H 324 92.74 -20.06 -43.88
N GLU H 325 92.94 -21.34 -44.09
CA GLU H 325 94.16 -22.03 -43.75
C GLU H 325 95.01 -22.22 -45.00
N VAL H 326 96.28 -21.88 -44.91
CA VAL H 326 97.22 -22.04 -46.01
C VAL H 326 98.30 -23.01 -45.60
N THR H 327 98.55 -24.02 -46.44
CA THR H 327 99.53 -25.05 -46.14
C THR H 327 100.68 -25.02 -47.13
N LYS H 333 101.43 -24.59 -52.48
CA LYS H 333 100.60 -23.85 -51.55
C LYS H 333 99.12 -24.02 -51.87
N THR H 334 98.36 -24.47 -50.88
CA THR H 334 96.92 -24.60 -51.01
C THR H 334 96.25 -23.80 -49.90
N ILE H 335 95.17 -23.11 -50.26
CA ILE H 335 94.39 -22.32 -49.33
C ILE H 335 93.03 -22.99 -49.16
N ALA H 336 92.65 -23.27 -47.92
CA ALA H 336 91.39 -23.93 -47.63
C ALA H 336 90.66 -23.17 -46.54
N ASN H 337 89.34 -23.30 -46.54
CA ASN H 337 88.53 -22.72 -45.47
C ASN H 337 88.78 -23.46 -44.18
N ASN H 338 88.89 -22.68 -43.09
CA ASN H 338 88.97 -23.26 -41.72
C ASN H 338 87.65 -22.82 -41.11
N LEU H 339 86.59 -23.62 -41.24
CA LEU H 339 85.25 -23.21 -40.85
C LEU H 339 85.12 -22.99 -39.35
N THR H 340 85.93 -23.68 -38.55
CA THR H 340 85.83 -23.60 -37.11
C THR H 340 86.78 -22.59 -36.49
N SER H 341 87.57 -21.90 -37.30
CA SER H 341 88.49 -20.90 -36.79
C SER H 341 87.75 -19.60 -36.49
N THR H 342 88.30 -18.82 -35.56
CA THR H 342 87.68 -17.59 -35.14
C THR H 342 88.62 -16.41 -35.37
N ILE H 343 88.01 -15.24 -35.45
CA ILE H 343 88.71 -13.97 -35.29
C ILE H 343 88.21 -13.34 -34.00
N GLN H 344 89.04 -12.51 -33.39
CA GLN H 344 88.68 -11.78 -32.19
C GLN H 344 88.58 -10.30 -32.53
N VAL H 345 87.46 -9.69 -32.18
CA VAL H 345 87.22 -8.28 -32.43
C VAL H 345 86.76 -7.63 -31.14
N PHE H 346 87.33 -6.49 -30.81
CA PHE H 346 86.80 -5.68 -29.73
C PHE H 346 87.10 -4.22 -30.02
N THR H 347 86.26 -3.35 -29.47
CA THR H 347 86.48 -1.92 -29.53
C THR H 347 87.00 -1.44 -28.20
N ASP H 348 88.03 -0.61 -28.24
CA ASP H 348 88.54 0.04 -27.03
C ASP H 348 87.61 1.20 -26.67
N SER H 349 86.42 0.83 -26.20
CA SER H 349 85.38 1.81 -25.94
C SER H 349 85.68 2.69 -24.75
N GLU H 350 86.48 2.20 -23.81
CA GLU H 350 86.90 3.00 -22.66
C GLU H 350 88.21 3.74 -22.91
N TYR H 351 88.76 3.65 -24.11
CA TYR H 351 90.00 4.34 -24.46
C TYR H 351 91.13 3.97 -23.51
N GLN H 352 91.21 2.70 -23.17
CA GLN H 352 92.25 2.20 -22.27
C GLN H 352 93.50 1.79 -23.00
N LEU H 353 93.48 1.71 -24.27
CA LEU H 353 94.66 1.41 -25.06
C LEU H 353 95.27 2.68 -25.61
N PRO H 354 96.58 2.68 -25.89
CA PRO H 354 97.16 3.81 -26.62
C PRO H 354 96.44 4.02 -27.93
N TYR H 355 95.99 5.24 -28.16
CA TYR H 355 95.18 5.58 -29.32
C TYR H 355 96.12 5.94 -30.45
N VAL H 356 96.27 5.03 -31.42
CA VAL H 356 97.17 5.25 -32.54
C VAL H 356 96.47 5.75 -33.79
N LEU H 357 95.14 5.78 -33.79
CA LEU H 357 94.44 6.51 -34.83
C LEU H 357 94.69 8.01 -34.66
N GLY H 358 94.46 8.76 -35.73
CA GLY H 358 94.78 10.17 -35.66
C GLY H 358 96.25 10.47 -35.72
N SER H 359 97.06 9.58 -36.29
CA SER H 359 98.45 9.87 -36.59
C SER H 359 98.70 9.82 -38.09
N ALA H 360 97.64 9.92 -38.90
CA ALA H 360 97.73 9.96 -40.35
C ALA H 360 98.47 8.74 -40.90
N HIS H 361 98.17 7.58 -40.36
CA HIS H 361 98.83 6.35 -40.77
C HIS H 361 98.13 5.72 -41.96
N GLN H 362 98.89 4.96 -42.74
CA GLN H 362 98.33 4.15 -43.79
C GLN H 362 97.52 3.01 -43.19
N GLY H 363 96.76 2.33 -44.03
CA GLY H 363 95.94 1.23 -43.60
C GLY H 363 94.48 1.55 -43.41
N CYS H 364 94.06 2.77 -43.72
CA CYS H 364 92.65 3.10 -43.68
C CYS H 364 91.91 2.37 -44.80
N LEU H 365 90.59 2.41 -44.73
CA LEU H 365 89.78 1.88 -45.80
C LEU H 365 90.15 2.57 -47.11
N PRO H 366 90.32 1.84 -48.20
CA PRO H 366 90.74 2.48 -49.44
C PRO H 366 89.66 3.41 -49.96
N PRO H 367 90.05 4.49 -50.65
CA PRO H 367 89.04 5.38 -51.23
C PRO H 367 88.12 4.70 -52.23
N PHE H 368 88.64 3.75 -53.00
CA PHE H 368 87.86 3.09 -54.03
C PHE H 368 87.15 1.88 -53.44
N PRO H 369 85.82 1.80 -53.52
CA PRO H 369 85.12 0.68 -52.87
C PRO H 369 85.51 -0.69 -53.39
N ALA H 370 85.90 -0.81 -54.65
CA ALA H 370 86.29 -2.10 -55.19
C ALA H 370 87.64 -2.58 -54.67
N ASP H 371 88.35 -1.75 -53.93
CA ASP H 371 89.71 -2.06 -53.53
C ASP H 371 89.72 -2.91 -52.28
N VAL H 372 90.45 -4.02 -52.33
CA VAL H 372 90.62 -4.90 -51.17
C VAL H 372 91.88 -4.48 -50.44
N PHE H 373 91.77 -4.28 -49.14
CA PHE H 373 92.87 -3.71 -48.37
C PHE H 373 93.30 -4.65 -47.25
N MET H 374 94.56 -4.53 -46.90
CA MET H 374 95.17 -5.25 -45.80
C MET H 374 95.01 -4.47 -44.50
N ILE H 375 94.63 -5.16 -43.45
CA ILE H 375 94.42 -4.50 -42.15
C ILE H 375 95.78 -4.19 -41.52
N PRO H 376 96.02 -2.95 -41.09
CA PRO H 376 97.32 -2.62 -40.50
C PRO H 376 97.51 -3.26 -39.15
N GLN H 377 98.77 -3.51 -38.81
CA GLN H 377 99.11 -4.12 -37.54
C GLN H 377 99.11 -3.08 -36.43
N TYR H 378 98.50 -3.43 -35.30
CA TYR H 378 98.46 -2.52 -34.17
C TYR H 378 99.76 -2.57 -33.39
N GLY H 379 100.36 -1.40 -33.19
CA GLY H 379 101.47 -1.26 -32.28
C GLY H 379 101.33 0.07 -31.56
N TYR H 380 102.08 0.21 -30.49
CA TYR H 380 102.00 1.44 -29.71
C TYR H 380 103.37 1.74 -29.12
N LEU H 381 103.53 2.99 -28.70
CA LEU H 381 104.74 3.45 -28.07
C LEU H 381 104.43 3.86 -26.64
N THR H 382 105.41 3.65 -25.77
CA THR H 382 105.29 4.10 -24.39
C THR H 382 106.52 4.94 -24.08
N LEU H 383 106.73 5.28 -22.81
CA LEU H 383 107.86 6.12 -22.46
C LEU H 383 109.17 5.42 -22.75
N ASN H 384 110.12 6.16 -23.28
CA ASN H 384 111.43 5.62 -23.61
C ASN H 384 112.52 6.57 -23.15
N ASN H 385 113.68 6.00 -22.84
CA ASN H 385 114.91 6.73 -22.59
C ASN H 385 115.92 6.12 -23.55
N GLY H 386 116.05 6.72 -24.72
CA GLY H 386 116.79 6.06 -25.78
C GLY H 386 115.99 4.86 -26.26
N SER H 387 116.65 3.71 -26.34
CA SER H 387 115.99 2.46 -26.68
C SER H 387 115.46 1.73 -25.45
N GLN H 388 115.69 2.25 -24.26
CA GLN H 388 115.28 1.59 -23.03
C GLN H 388 113.93 2.09 -22.57
N ALA H 389 113.20 1.21 -21.89
CA ALA H 389 111.99 1.63 -21.21
C ALA H 389 112.34 2.22 -19.85
N VAL H 390 111.40 2.98 -19.30
CA VAL H 390 111.50 3.48 -17.95
C VAL H 390 110.43 2.77 -17.11
N GLY H 391 110.49 2.99 -15.80
CA GLY H 391 109.54 2.36 -14.91
C GLY H 391 108.10 2.75 -15.19
N ARG H 392 107.90 3.93 -15.78
CA ARG H 392 106.55 4.38 -16.10
C ARG H 392 106.06 3.84 -17.44
N SER H 393 106.90 3.13 -18.19
CA SER H 393 106.48 2.55 -19.46
C SER H 393 105.38 1.52 -19.22
N SER H 394 104.33 1.59 -20.04
CA SER H 394 103.18 0.73 -19.91
C SER H 394 103.22 -0.35 -20.97
N PHE H 395 102.98 -1.60 -20.56
CA PHE H 395 102.78 -2.70 -21.48
C PHE H 395 101.31 -3.07 -21.45
N TYR H 396 100.72 -3.21 -22.63
CA TYR H 396 99.31 -3.56 -22.76
C TYR H 396 99.19 -4.88 -23.49
N CYS H 397 98.48 -5.82 -22.89
CA CYS H 397 98.08 -7.06 -23.55
C CYS H 397 96.66 -6.87 -24.05
N LEU H 398 96.49 -6.95 -25.36
CA LEU H 398 95.15 -6.76 -25.93
C LEU H 398 94.26 -7.98 -25.69
N GLU H 399 94.85 -9.14 -25.40
CA GLU H 399 94.06 -10.27 -24.97
C GLU H 399 93.46 -10.06 -23.59
N TYR H 400 93.98 -9.10 -22.83
CA TYR H 400 93.43 -8.76 -21.53
C TYR H 400 92.14 -7.96 -21.63
N PHE H 401 91.58 -7.84 -22.82
CA PHE H 401 90.32 -7.18 -23.02
C PHE H 401 89.25 -8.20 -23.39
N PRO H 402 87.99 -7.94 -23.06
CA PRO H 402 86.92 -8.79 -23.58
C PRO H 402 86.78 -8.59 -25.08
N SER H 403 86.86 -9.68 -25.82
CA SER H 403 86.74 -9.65 -27.27
C SER H 403 85.63 -10.59 -27.71
N GLN H 404 84.89 -10.18 -28.72
CA GLN H 404 83.95 -11.07 -29.36
C GLN H 404 84.72 -11.99 -30.31
N MET H 405 84.52 -13.29 -30.19
CA MET H 405 85.12 -14.24 -31.11
C MET H 405 84.09 -14.61 -32.16
N LEU H 406 84.51 -14.60 -33.42
CA LEU H 406 83.60 -14.73 -34.55
C LEU H 406 84.05 -15.90 -35.41
N ARG H 407 83.16 -16.85 -35.64
CA ARG H 407 83.38 -17.83 -36.68
C ARG H 407 82.82 -17.29 -37.99
N THR H 408 82.87 -18.11 -39.03
CA THR H 408 82.53 -17.64 -40.37
C THR H 408 81.08 -17.19 -40.46
N GLY H 409 80.21 -17.71 -39.59
CA GLY H 409 78.82 -17.30 -39.60
C GLY H 409 78.48 -16.11 -38.73
N ASN H 410 79.43 -15.61 -37.97
CA ASN H 410 79.17 -14.52 -37.04
C ASN H 410 79.47 -13.17 -37.67
N ASN H 411 78.87 -12.14 -37.11
CA ASN H 411 79.16 -10.78 -37.50
C ASN H 411 79.34 -9.93 -36.25
N PHE H 412 80.05 -8.81 -36.43
CA PHE H 412 80.33 -7.88 -35.36
C PHE H 412 79.80 -6.51 -35.77
N GLN H 413 79.22 -5.80 -34.81
CA GLN H 413 78.77 -4.45 -35.09
C GLN H 413 78.73 -3.64 -33.81
N PHE H 414 78.94 -2.34 -33.96
CA PHE H 414 78.76 -1.41 -32.85
C PHE H 414 78.40 -0.05 -33.43
N THR H 415 77.78 0.76 -32.59
CA THR H 415 77.43 2.13 -32.94
C THR H 415 78.15 3.09 -32.01
N TYR H 416 78.43 4.27 -32.53
CA TYR H 416 79.14 5.29 -31.78
C TYR H 416 78.52 6.63 -32.10
N THR H 417 78.40 7.47 -31.08
CA THR H 417 77.88 8.83 -31.24
C THR H 417 79.02 9.82 -31.02
N PHE H 418 79.24 10.68 -31.99
CA PHE H 418 80.23 11.73 -31.84
C PHE H 418 79.77 12.74 -30.80
N GLU H 419 80.71 13.24 -30.02
CA GLU H 419 80.41 14.33 -29.11
C GLU H 419 80.10 15.59 -29.91
N ASP H 420 79.51 16.57 -29.23
CA ASP H 420 79.22 17.84 -29.88
C ASP H 420 80.53 18.52 -30.25
N VAL H 421 80.85 18.55 -31.53
CA VAL H 421 82.10 19.11 -32.03
C VAL H 421 81.72 20.31 -32.88
N PRO H 422 82.54 21.35 -32.96
CA PRO H 422 82.20 22.48 -33.84
C PRO H 422 82.20 22.05 -35.30
N PHE H 423 81.35 22.70 -36.08
CA PHE H 423 81.37 22.48 -37.52
C PHE H 423 82.73 22.86 -38.09
N HIS H 424 83.24 22.04 -38.98
CA HIS H 424 84.42 22.44 -39.72
C HIS H 424 84.08 23.60 -40.65
N SER H 425 84.96 24.59 -40.69
CA SER H 425 84.74 25.77 -41.53
C SER H 425 84.96 25.38 -42.98
N SER H 426 83.88 24.99 -43.65
CA SER H 426 83.95 24.64 -45.07
C SER H 426 83.73 25.87 -45.94
N TYR H 427 84.48 26.93 -45.64
CA TYR H 427 84.31 28.21 -46.31
C TYR H 427 85.62 28.99 -46.19
N ALA H 428 85.81 29.91 -47.12
CA ALA H 428 86.88 30.88 -47.02
C ALA H 428 86.27 32.26 -46.79
N HIS H 429 86.95 33.08 -46.01
CA HIS H 429 86.42 34.40 -45.73
C HIS H 429 86.56 35.30 -46.95
N SER H 430 85.48 36.00 -47.28
CA SER H 430 85.49 36.96 -48.38
C SER H 430 85.90 38.35 -47.91
N GLN H 431 86.27 38.49 -46.64
CA GLN H 431 86.80 39.72 -46.10
C GLN H 431 88.10 39.42 -45.39
N SER H 432 89.01 40.39 -45.40
CA SER H 432 90.25 40.28 -44.64
C SER H 432 90.07 40.93 -43.27
N LEU H 433 90.83 40.44 -42.30
CA LEU H 433 90.70 40.94 -40.93
C LEU H 433 91.06 42.41 -40.83
N ASP H 434 92.01 42.87 -41.64
CA ASP H 434 92.42 44.27 -41.63
C ASP H 434 91.59 45.14 -42.56
N ARG H 435 90.53 44.58 -43.14
CA ARG H 435 89.66 45.30 -44.07
C ARG H 435 88.20 45.12 -43.70
N LEU H 436 87.89 45.19 -42.41
CA LEU H 436 86.53 45.03 -41.93
C LEU H 436 85.79 46.36 -41.80
N MET H 437 86.45 47.45 -42.11
CA MET H 437 85.90 48.78 -41.90
C MET H 437 85.18 49.31 -43.13
N ASN H 438 84.37 50.33 -42.91
CA ASN H 438 83.70 51.04 -43.99
C ASN H 438 84.74 51.85 -44.76
N PRO H 439 84.92 51.62 -46.06
CA PRO H 439 85.93 52.34 -46.83
C PRO H 439 85.53 53.75 -47.23
N LEU H 440 84.41 54.27 -46.75
CA LEU H 440 83.97 55.60 -47.12
C LEU H 440 84.00 56.59 -45.96
N ILE H 441 84.06 56.12 -44.72
CA ILE H 441 83.91 56.95 -43.55
C ILE H 441 85.22 56.96 -42.77
N ASP H 442 85.61 58.14 -42.30
CA ASP H 442 86.75 58.24 -41.41
C ASP H 442 86.41 57.67 -40.05
N GLN H 443 87.44 57.31 -39.31
CA GLN H 443 87.29 56.96 -37.91
C GLN H 443 87.24 58.22 -37.06
N TYR H 444 86.50 58.16 -35.96
CA TYR H 444 86.58 59.24 -35.00
C TYR H 444 87.79 59.11 -34.08
N LEU H 445 88.43 57.96 -34.08
CA LEU H 445 89.65 57.78 -33.31
C LEU H 445 90.84 58.33 -34.08
N TYR H 446 91.82 58.84 -33.34
CA TYR H 446 93.04 59.37 -33.90
C TYR H 446 94.19 58.41 -33.67
N TYR H 447 95.18 58.48 -34.54
CA TYR H 447 96.42 57.75 -34.36
C TYR H 447 97.57 58.74 -34.48
N LEU H 448 98.68 58.42 -33.81
CA LEU H 448 99.89 59.22 -33.93
C LEU H 448 100.40 59.12 -35.36
N SER H 449 100.28 60.21 -36.13
CA SER H 449 100.62 60.18 -37.54
C SER H 449 102.01 60.73 -37.83
N ARG H 450 102.51 61.64 -37.01
CA ARG H 450 103.85 62.16 -37.19
C ARG H 450 104.47 62.48 -35.84
N THR H 451 105.78 62.27 -35.74
CA THR H 451 106.55 62.63 -34.56
C THR H 451 107.57 63.71 -34.85
N GLN H 452 107.65 64.19 -36.08
CA GLN H 452 108.64 65.17 -36.49
C GLN H 452 108.00 66.16 -37.44
N THR H 453 108.34 67.44 -37.29
CA THR H 453 107.77 68.49 -38.12
C THR H 453 108.20 68.36 -39.57
N ASN H 459 114.14 69.82 -39.04
CA ASN H 459 112.87 69.47 -38.43
C ASN H 459 113.05 69.10 -36.96
N THR H 460 112.03 69.38 -36.17
CA THR H 460 112.06 69.16 -34.73
C THR H 460 110.98 68.17 -34.32
N GLN H 461 111.05 67.73 -33.07
CA GLN H 461 110.05 66.82 -32.55
C GLN H 461 108.70 67.49 -32.45
N THR H 462 107.65 66.72 -32.70
CA THR H 462 106.28 67.18 -32.57
C THR H 462 105.39 65.96 -32.37
N LEU H 463 104.11 66.21 -32.14
CA LEU H 463 103.12 65.14 -32.06
C LEU H 463 101.95 65.53 -32.95
N GLY H 464 101.86 64.88 -34.11
CA GLY H 464 100.77 65.07 -35.03
C GLY H 464 99.86 63.85 -35.02
N PHE H 465 98.56 64.09 -34.96
CA PHE H 465 97.57 63.03 -34.88
C PHE H 465 96.60 63.18 -36.04
N SER H 466 96.28 62.06 -36.67
CA SER H 466 95.36 62.03 -37.79
C SER H 466 94.28 61.01 -37.53
N GLN H 467 93.15 61.19 -38.19
CA GLN H 467 92.06 60.23 -38.11
C GLN H 467 92.24 59.18 -39.20
N GLY H 468 92.16 57.91 -38.81
CA GLY H 468 92.21 56.83 -39.77
C GLY H 468 91.05 56.92 -40.73
N GLY H 469 91.34 56.79 -42.03
CA GLY H 469 90.32 56.92 -43.04
C GLY H 469 90.51 55.93 -44.17
N PRO H 470 89.80 56.15 -45.27
CA PRO H 470 89.89 55.22 -46.40
C PRO H 470 91.28 55.08 -46.96
N ASN H 471 92.12 56.11 -46.86
CA ASN H 471 93.45 56.05 -47.43
C ASN H 471 94.50 55.56 -46.46
N THR H 472 94.38 55.90 -45.18
CA THR H 472 95.29 55.41 -44.14
C THR H 472 94.69 54.20 -43.44
N MET H 473 94.38 53.19 -44.24
CA MET H 473 93.65 52.03 -43.73
C MET H 473 94.53 51.15 -42.87
N ALA H 474 95.85 51.15 -43.11
CA ALA H 474 96.76 50.42 -42.26
C ALA H 474 96.89 51.04 -40.88
N ASN H 475 96.59 52.33 -40.73
CA ASN H 475 96.71 53.02 -39.46
C ASN H 475 95.45 52.99 -38.63
N GLN H 476 94.33 52.52 -39.19
CA GLN H 476 93.05 52.59 -38.50
C GLN H 476 93.06 51.73 -37.24
N ALA H 477 92.36 52.21 -36.22
CA ALA H 477 92.12 51.41 -35.04
C ALA H 477 91.27 50.19 -35.41
N LYS H 478 91.66 49.03 -34.88
CA LYS H 478 90.99 47.79 -35.22
C LYS H 478 90.73 46.98 -33.96
N ASN H 479 89.74 46.12 -34.03
CA ASN H 479 89.29 45.37 -32.86
C ASN H 479 89.95 44.01 -32.72
N TRP H 480 90.59 43.50 -33.77
CA TRP H 480 91.00 42.11 -33.78
C TRP H 480 92.42 41.98 -34.32
N LEU H 481 93.06 40.88 -33.97
CA LEU H 481 94.41 40.55 -34.40
C LEU H 481 94.41 39.24 -35.15
N PRO H 482 95.34 39.05 -36.08
CA PRO H 482 95.45 37.77 -36.77
C PRO H 482 95.86 36.67 -35.81
N GLY H 483 95.51 35.45 -36.17
CA GLY H 483 95.79 34.29 -35.35
C GLY H 483 97.25 34.12 -35.03
N PRO H 484 97.56 33.16 -34.18
CA PRO H 484 98.94 32.99 -33.72
C PRO H 484 99.85 32.49 -34.82
N CYS H 485 101.15 32.74 -34.63
CA CYS H 485 102.16 32.45 -35.62
C CYS H 485 103.28 31.62 -35.02
N TYR H 486 103.76 30.65 -35.78
CA TYR H 486 104.95 29.86 -35.44
C TYR H 486 105.73 29.70 -36.73
N ARG H 487 106.61 30.66 -37.00
CA ARG H 487 107.11 30.88 -38.35
C ARG H 487 107.84 29.66 -38.91
N GLN H 488 107.54 29.33 -40.15
CA GLN H 488 108.17 28.25 -40.87
C GLN H 488 109.08 28.79 -41.96
N GLN H 489 110.10 28.02 -42.32
CA GLN H 489 110.97 28.39 -43.42
C GLN H 489 110.22 28.28 -44.74
N ARG H 490 110.50 29.21 -45.64
CA ARG H 490 109.85 29.25 -46.94
C ARG H 490 110.63 28.42 -47.94
N VAL H 491 109.94 27.56 -48.66
CA VAL H 491 110.53 26.74 -49.71
C VAL H 491 109.78 27.02 -51.00
N SER H 492 110.52 27.19 -52.08
CA SER H 492 109.94 27.44 -53.39
C SER H 492 109.86 26.14 -54.17
N THR H 493 108.72 25.89 -54.80
CA THR H 493 108.61 24.75 -55.71
C THR H 493 109.48 24.93 -56.94
N THR H 494 109.85 26.16 -57.27
CA THR H 494 110.90 26.43 -58.24
C THR H 494 112.24 26.28 -57.53
N THR H 495 112.86 25.11 -57.70
CA THR H 495 114.01 24.75 -56.87
C THR H 495 115.17 25.72 -57.03
N GLY H 496 115.32 26.34 -58.20
CA GLY H 496 116.39 27.29 -58.41
C GLY H 496 116.32 28.49 -57.49
N GLN H 497 115.14 28.80 -56.97
CA GLN H 497 114.99 29.90 -56.03
C GLN H 497 115.32 29.51 -54.59
N ASN H 498 115.56 28.23 -54.34
CA ASN H 498 115.89 27.78 -52.99
C ASN H 498 117.40 27.84 -52.74
N ASN H 499 117.76 27.93 -51.48
CA ASN H 499 119.16 27.87 -51.10
C ASN H 499 119.74 26.51 -51.46
N ASN H 500 120.97 26.52 -51.98
CA ASN H 500 121.63 25.29 -52.38
C ASN H 500 122.24 24.62 -51.14
N SER H 501 121.36 24.05 -50.33
CA SER H 501 121.76 23.32 -49.14
C SER H 501 120.62 22.38 -48.76
N ASN H 502 120.94 21.40 -47.92
CA ASN H 502 119.96 20.46 -47.42
C ASN H 502 119.48 20.98 -46.07
N PHE H 503 118.38 21.75 -46.09
CA PHE H 503 117.90 22.42 -44.90
C PHE H 503 116.51 21.97 -44.48
N ALA H 504 116.03 20.84 -44.99
CA ALA H 504 114.69 20.39 -44.64
C ALA H 504 114.58 20.14 -43.14
N TRP H 505 115.61 19.56 -42.54
CA TRP H 505 115.63 19.32 -41.11
C TRP H 505 116.33 20.42 -40.34
N THR H 506 117.50 20.87 -40.80
CA THR H 506 118.26 21.87 -40.06
C THR H 506 117.49 23.18 -39.95
N ALA H 507 116.84 23.61 -41.02
CA ALA H 507 116.01 24.80 -41.00
C ALA H 507 114.56 24.49 -40.71
N GLY H 508 114.23 23.24 -40.40
CA GLY H 508 112.85 22.90 -40.12
C GLY H 508 112.36 23.56 -38.85
N THR H 509 111.06 23.88 -38.86
CA THR H 509 110.43 24.48 -37.70
C THR H 509 110.03 23.37 -36.74
N LYS H 510 110.58 23.40 -35.53
CA LYS H 510 110.53 22.27 -34.63
C LYS H 510 110.02 22.70 -33.27
N TYR H 511 109.55 21.72 -32.52
CA TYR H 511 109.34 21.88 -31.09
C TYR H 511 110.26 20.92 -30.34
N HIS H 512 110.54 21.27 -29.09
CA HIS H 512 111.48 20.55 -28.25
C HIS H 512 110.71 19.92 -27.10
N LEU H 513 110.83 18.61 -26.95
CA LEU H 513 110.11 17.89 -25.91
C LEU H 513 111.03 16.81 -25.33
N ASN H 514 111.36 16.95 -24.05
CA ASN H 514 112.19 15.99 -23.33
C ASN H 514 113.50 15.72 -24.07
N GLY H 515 114.16 16.80 -24.46
CA GLY H 515 115.43 16.69 -25.17
C GLY H 515 115.33 16.11 -26.56
N ARG H 516 114.13 15.97 -27.10
CA ARG H 516 113.91 15.41 -28.42
C ARG H 516 113.33 16.49 -29.31
N ASN H 517 113.88 16.63 -30.51
CA ASN H 517 113.39 17.60 -31.48
C ASN H 517 112.46 16.90 -32.45
N SER H 518 111.28 17.48 -32.63
CA SER H 518 110.30 16.99 -33.58
C SER H 518 109.82 18.15 -34.42
N LEU H 519 109.62 17.91 -35.71
CA LEU H 519 109.09 18.94 -36.58
C LEU H 519 107.70 19.37 -36.11
N ALA H 520 107.47 20.68 -36.12
CA ALA H 520 106.12 21.21 -35.92
C ALA H 520 105.39 21.07 -37.24
N ASN H 521 104.98 19.83 -37.53
CA ASN H 521 104.53 19.43 -38.85
C ASN H 521 103.11 18.89 -38.75
N PRO H 522 102.10 19.52 -39.37
CA PRO H 522 102.26 20.76 -40.15
C PRO H 522 102.23 22.01 -39.29
N GLY H 523 102.14 21.84 -37.98
CA GLY H 523 102.10 22.98 -37.09
C GLY H 523 100.75 23.65 -37.08
N ILE H 524 100.72 24.85 -36.49
CA ILE H 524 99.47 25.59 -36.35
C ILE H 524 99.00 26.05 -37.71
N ALA H 525 97.68 26.26 -37.82
CA ALA H 525 97.07 26.66 -39.08
C ALA H 525 97.51 28.07 -39.45
N MET H 526 98.35 28.17 -40.47
CA MET H 526 98.75 29.45 -41.02
C MET H 526 98.61 29.40 -42.53
N ALA H 527 98.40 30.56 -43.13
CA ALA H 527 98.29 30.64 -44.57
C ALA H 527 99.58 30.16 -45.22
N THR H 528 99.44 29.30 -46.24
CA THR H 528 100.60 28.70 -46.88
C THR H 528 101.48 29.76 -47.51
N HIS H 529 100.88 30.76 -48.14
CA HIS H 529 101.62 31.82 -48.82
C HIS H 529 100.71 33.03 -48.90
N LYS H 530 101.30 34.17 -49.24
CA LYS H 530 100.53 35.38 -49.44
C LYS H 530 100.13 35.48 -50.90
N ASP H 531 99.59 36.64 -51.29
CA ASP H 531 99.10 36.83 -52.65
C ASP H 531 100.22 36.66 -53.67
N ASP H 532 99.92 35.95 -54.75
CA ASP H 532 100.82 35.78 -55.89
C ASP H 532 102.12 35.08 -55.52
N GLU H 533 102.08 34.19 -54.53
CA GLU H 533 103.24 33.43 -54.12
C GLU H 533 102.91 31.96 -53.95
N GLU H 534 102.13 31.42 -54.90
CA GLU H 534 101.69 30.04 -54.80
C GLU H 534 102.86 29.06 -54.84
N ARG H 535 103.97 29.45 -55.45
CA ARG H 535 105.15 28.58 -55.52
C ARG H 535 105.82 28.38 -54.18
N PHE H 536 105.50 29.19 -53.18
CA PHE H 536 106.12 29.10 -51.86
C PHE H 536 105.25 28.30 -50.92
N PHE H 537 105.88 27.47 -50.10
CA PHE H 537 105.19 26.76 -49.04
C PHE H 537 106.08 26.66 -47.82
N PRO H 538 105.48 26.62 -46.63
CA PRO H 538 106.28 26.35 -45.43
C PRO H 538 106.91 24.97 -45.51
N SER H 539 108.16 24.86 -45.03
CA SER H 539 108.93 23.65 -45.23
C SER H 539 108.25 22.43 -44.62
N ASN H 540 107.70 22.57 -43.42
CA ASN H 540 106.93 21.50 -42.79
C ASN H 540 105.64 22.07 -42.22
N GLY H 541 104.94 22.89 -43.01
CA GLY H 541 103.76 23.55 -42.54
C GLY H 541 102.51 23.29 -43.34
N ILE H 542 102.55 22.29 -44.22
CA ILE H 542 101.40 21.92 -45.03
C ILE H 542 101.27 20.41 -45.04
N LEU H 543 100.05 19.93 -45.30
CA LEU H 543 99.83 18.53 -45.58
C LEU H 543 100.29 18.23 -47.00
N ILE H 544 101.09 17.18 -47.15
CA ILE H 544 101.59 16.76 -48.45
C ILE H 544 101.10 15.34 -48.68
N PHE H 545 100.25 15.17 -49.67
CA PHE H 545 99.77 13.86 -50.06
C PHE H 545 100.57 13.35 -51.25
N GLY H 546 100.76 12.04 -51.31
CA GLY H 546 101.46 11.43 -52.41
C GLY H 546 100.49 11.06 -53.52
N LYS H 547 100.92 11.27 -54.75
CA LYS H 547 100.18 10.76 -55.88
C LYS H 547 100.27 9.23 -55.89
N GLN H 548 99.41 8.61 -56.70
CA GLN H 548 99.42 7.16 -56.78
C GLN H 548 100.80 6.67 -57.22
N ASN H 549 101.29 5.62 -56.55
CA ASN H 549 102.59 5.02 -56.82
C ASN H 549 103.75 5.98 -56.54
N ALA H 550 103.55 6.95 -55.67
CA ALA H 550 104.65 7.79 -55.23
C ALA H 550 105.57 6.99 -54.31
N ALA H 551 106.87 7.24 -54.44
CA ALA H 551 107.84 6.52 -53.61
C ALA H 551 107.68 6.87 -52.15
N ARG H 552 107.93 5.89 -51.28
CA ARG H 552 107.89 6.14 -49.85
C ARG H 552 108.94 7.15 -49.42
N ASP H 553 110.16 7.03 -49.96
CA ASP H 553 111.26 7.90 -49.60
C ASP H 553 111.72 8.70 -50.82
N ASN H 554 111.98 9.99 -50.60
CA ASN H 554 112.54 10.87 -51.62
C ASN H 554 111.69 10.86 -52.90
N ALA H 555 110.38 10.99 -52.73
CA ALA H 555 109.51 11.22 -53.87
C ALA H 555 109.75 12.61 -54.43
N ASP H 556 109.77 12.72 -55.74
CA ASP H 556 109.97 14.01 -56.38
C ASP H 556 108.74 14.89 -56.17
N TYR H 557 108.91 16.19 -56.39
CA TYR H 557 107.80 17.13 -56.25
C TYR H 557 106.65 16.77 -57.18
N SER H 558 106.96 16.21 -58.35
CA SER H 558 105.91 15.81 -59.27
C SER H 558 105.12 14.60 -58.78
N ASP H 559 105.65 13.86 -57.81
CA ASP H 559 104.98 12.68 -57.28
C ASP H 559 104.16 12.97 -56.04
N VAL H 560 104.15 14.21 -55.56
CA VAL H 560 103.41 14.55 -54.34
C VAL H 560 102.42 15.65 -54.66
N MET H 561 101.46 15.82 -53.78
CA MET H 561 100.38 16.78 -53.93
C MET H 561 100.44 17.73 -52.73
N LEU H 562 100.95 18.94 -52.96
CA LEU H 562 101.02 19.93 -51.89
C LEU H 562 99.65 20.54 -51.67
N THR H 563 99.21 20.58 -50.42
CA THR H 563 98.02 21.34 -50.09
C THR H 563 98.38 22.81 -49.89
N SER H 564 97.36 23.66 -49.90
CA SER H 564 97.55 25.09 -49.69
C SER H 564 96.46 25.61 -48.78
N GLU H 565 96.86 26.30 -47.71
CA GLU H 565 95.94 26.95 -46.80
C GLU H 565 95.85 28.45 -47.09
N GLU H 566 95.92 28.83 -48.36
CA GLU H 566 95.85 30.24 -48.71
C GLU H 566 94.50 30.85 -48.41
N GLU H 567 93.45 30.04 -48.25
CA GLU H 567 92.13 30.58 -47.96
C GLU H 567 92.09 31.30 -46.62
N ILE H 568 92.99 30.97 -45.69
CA ILE H 568 92.99 31.57 -44.37
C ILE H 568 93.96 32.76 -44.30
N LYS H 569 94.42 33.26 -45.44
CA LYS H 569 95.18 34.51 -45.46
C LYS H 569 94.43 35.65 -44.80
N THR H 570 93.10 35.61 -44.89
CA THR H 570 92.27 36.71 -44.41
C THR H 570 92.33 36.84 -42.89
N THR H 571 92.63 35.77 -42.20
CA THR H 571 92.61 35.78 -40.75
C THR H 571 93.91 35.27 -40.14
N ASN H 572 94.53 34.27 -40.76
CA ASN H 572 95.75 33.71 -40.20
C ASN H 572 96.97 34.33 -40.86
N PRO H 573 98.04 34.56 -40.11
CA PRO H 573 99.27 35.05 -40.72
C PRO H 573 99.87 34.02 -41.65
N VAL H 574 100.62 34.51 -42.64
CA VAL H 574 101.30 33.62 -43.57
C VAL H 574 102.35 32.82 -42.82
N ALA H 575 102.40 31.51 -43.11
CA ALA H 575 103.25 30.60 -42.34
C ALA H 575 104.72 30.97 -42.43
N THR H 576 105.15 31.57 -43.53
CA THR H 576 106.55 31.86 -43.75
C THR H 576 106.91 33.30 -43.46
N GLU H 577 105.98 34.08 -42.94
CA GLU H 577 106.21 35.48 -42.65
C GLU H 577 106.15 35.70 -41.14
N GLU H 578 106.70 36.81 -40.70
CA GLU H 578 106.62 37.19 -39.30
C GLU H 578 105.19 37.58 -38.93
N TYR H 579 104.85 37.38 -37.66
CA TYR H 579 103.54 37.79 -37.19
C TYR H 579 103.37 39.31 -37.27
N GLY H 580 104.40 40.04 -36.87
CA GLY H 580 104.30 41.48 -36.83
C GLY H 580 105.56 42.08 -36.27
N ILE H 581 105.44 43.32 -35.82
CA ILE H 581 106.57 44.11 -35.35
C ILE H 581 106.23 44.64 -33.96
N VAL H 582 107.17 44.51 -33.03
CA VAL H 582 107.02 45.09 -31.70
C VAL H 582 108.22 45.97 -31.41
N ALA H 583 108.05 46.88 -30.47
CA ALA H 583 109.15 47.72 -30.02
C ALA H 583 110.16 46.88 -29.24
N ASP H 584 111.43 47.17 -29.46
CA ASP H 584 112.50 46.45 -28.79
C ASP H 584 113.22 47.29 -27.74
N ASN H 585 112.91 48.57 -27.62
CA ASN H 585 113.59 49.45 -26.68
C ASN H 585 112.67 50.60 -26.32
N LEU H 586 113.20 51.56 -25.59
CA LEU H 586 112.50 52.80 -25.27
C LEU H 586 113.23 53.93 -25.98
N GLN H 587 112.59 54.51 -26.99
CA GLN H 587 113.20 55.60 -27.72
C GLN H 587 113.30 56.84 -26.85
N GLN H 588 114.41 57.55 -26.97
CA GLN H 588 114.63 58.84 -26.33
C GLN H 588 115.18 59.79 -27.38
N GLN H 589 115.43 61.03 -26.98
CA GLN H 589 116.02 61.99 -27.90
C GLN H 589 117.40 61.57 -28.36
N ASN H 590 118.07 60.67 -27.64
CA ASN H 590 119.38 60.18 -28.02
C ASN H 590 119.38 58.75 -28.56
N THR H 591 118.31 57.98 -28.35
CA THR H 591 118.24 56.61 -28.82
C THR H 591 117.08 56.47 -29.78
N ALA H 592 117.39 56.12 -31.03
CA ALA H 592 116.35 55.91 -32.01
C ALA H 592 115.53 54.66 -31.67
N PRO H 593 114.23 54.67 -31.96
CA PRO H 593 113.41 53.50 -31.66
C PRO H 593 113.87 52.28 -32.44
N GLN H 594 113.85 51.14 -31.78
CA GLN H 594 114.22 49.87 -32.39
C GLN H 594 113.01 48.95 -32.42
N ILE H 595 112.92 48.15 -33.46
CA ILE H 595 111.78 47.26 -33.65
C ILE H 595 112.26 45.82 -33.64
N GLY H 596 111.42 44.95 -33.09
CA GLY H 596 111.68 43.52 -33.07
C GLY H 596 110.68 42.80 -33.97
N THR H 597 111.19 41.83 -34.71
CA THR H 597 110.36 41.03 -35.60
C THR H 597 109.82 39.83 -34.84
N VAL H 598 108.49 39.72 -34.78
CA VAL H 598 107.84 38.64 -34.04
C VAL H 598 107.71 37.45 -34.98
N ASN H 599 108.56 36.45 -34.79
CA ASN H 599 108.51 35.23 -35.58
C ASN H 599 107.72 34.12 -34.92
N SER H 600 107.30 34.31 -33.67
CA SER H 600 106.49 33.34 -32.96
C SER H 600 105.58 34.12 -32.01
N GLN H 601 104.28 33.98 -32.19
CA GLN H 601 103.32 34.73 -31.39
C GLN H 601 102.28 33.76 -30.85
N GLY H 602 102.23 33.64 -29.53
CA GLY H 602 101.19 32.89 -28.88
C GLY H 602 99.89 33.67 -28.83
N ALA H 603 98.90 33.08 -28.19
CA ALA H 603 97.57 33.65 -28.17
C ALA H 603 97.56 35.03 -27.50
N LEU H 604 96.96 36.00 -28.17
CA LEU H 604 96.72 37.32 -27.63
C LEU H 604 95.22 37.59 -27.62
N PRO H 605 94.74 38.37 -26.67
CA PRO H 605 93.31 38.72 -26.65
C PRO H 605 92.94 39.47 -27.91
N GLY H 606 91.74 39.20 -28.41
CA GLY H 606 91.30 39.76 -29.66
C GLY H 606 91.80 39.05 -30.89
N MET H 607 92.57 37.98 -30.73
CA MET H 607 93.07 37.24 -31.87
C MET H 607 92.01 36.29 -32.39
N VAL H 608 91.89 36.20 -33.71
CA VAL H 608 90.98 35.27 -34.36
C VAL H 608 91.77 34.52 -35.41
N TRP H 609 91.35 33.28 -35.69
CA TRP H 609 92.06 32.46 -36.66
C TRP H 609 91.12 31.39 -37.18
N GLN H 610 91.52 30.80 -38.30
CA GLN H 610 90.85 29.65 -38.88
C GLN H 610 91.70 28.40 -38.65
N ASN H 611 91.04 27.26 -38.56
CA ASN H 611 91.76 26.00 -38.48
C ASN H 611 92.25 25.60 -39.87
N ARG H 612 93.11 24.59 -39.89
CA ARG H 612 93.54 24.01 -41.15
C ARG H 612 92.35 23.37 -41.86
N ASP H 613 92.36 23.45 -43.18
CA ASP H 613 91.31 22.82 -43.96
C ASP H 613 91.41 21.30 -43.86
N VAL H 614 90.27 20.65 -44.03
CA VAL H 614 90.25 19.20 -44.18
C VAL H 614 90.26 18.87 -45.67
N TYR H 615 90.69 17.67 -45.99
CA TYR H 615 90.83 17.24 -47.37
C TYR H 615 90.16 15.89 -47.55
N LEU H 616 89.77 15.63 -48.80
CA LEU H 616 89.16 14.34 -49.11
C LEU H 616 90.10 13.19 -48.75
N GLN H 617 91.40 13.38 -48.96
CA GLN H 617 92.41 12.40 -48.60
C GLN H 617 92.89 12.55 -47.16
N GLY H 618 92.49 13.61 -46.46
CA GLY H 618 93.04 13.92 -45.17
C GLY H 618 92.34 13.23 -44.02
N PRO H 619 92.87 13.40 -42.82
CA PRO H 619 92.24 12.80 -41.64
C PRO H 619 90.95 13.49 -41.27
N ILE H 620 90.10 12.75 -40.57
CA ILE H 620 88.81 13.26 -40.11
C ILE H 620 88.88 13.75 -38.67
N TRP H 621 89.40 12.92 -37.76
CA TRP H 621 89.39 13.24 -36.36
C TRP H 621 90.73 12.87 -35.74
N ALA H 622 90.99 13.46 -34.58
CA ALA H 622 92.08 13.04 -33.73
C ALA H 622 91.58 13.01 -32.29
N LYS H 623 92.17 12.14 -31.49
CA LYS H 623 91.87 12.13 -30.07
C LYS H 623 92.58 13.28 -29.39
N ILE H 624 91.83 14.12 -28.68
CA ILE H 624 92.43 15.15 -27.87
C ILE H 624 93.15 14.45 -26.72
N PRO H 625 94.45 14.68 -26.54
CA PRO H 625 95.16 14.03 -25.43
C PRO H 625 94.53 14.39 -24.10
N HIS H 626 94.46 13.40 -23.22
CA HIS H 626 93.90 13.60 -21.89
C HIS H 626 94.92 14.35 -21.05
N THR H 627 94.78 15.68 -20.99
CA THR H 627 95.70 16.52 -20.25
C THR H 627 94.91 17.50 -19.41
N ASP H 628 95.61 18.14 -18.47
CA ASP H 628 95.00 19.16 -17.63
C ASP H 628 94.53 20.34 -18.48
N GLY H 629 95.35 20.77 -19.42
CA GLY H 629 95.04 21.94 -20.21
C GLY H 629 95.35 21.71 -21.67
N ASN H 630 94.52 22.31 -22.52
CA ASN H 630 94.79 22.41 -23.93
C ASN H 630 94.29 23.76 -24.39
N PHE H 631 94.86 24.24 -25.49
CA PHE H 631 94.42 25.49 -26.10
C PHE H 631 93.92 25.19 -27.50
N HIS H 632 92.65 25.50 -27.75
CA HIS H 632 91.99 25.26 -29.03
C HIS H 632 92.30 23.86 -29.53
N PRO H 633 91.74 22.83 -28.90
CA PRO H 633 92.16 21.46 -29.22
C PRO H 633 91.64 20.98 -30.56
N SER H 634 91.94 21.72 -31.59
CA SER H 634 91.68 21.29 -32.96
C SER H 634 92.94 20.63 -33.51
N PRO H 635 92.84 19.41 -34.03
CA PRO H 635 94.05 18.70 -34.49
C PRO H 635 94.78 19.49 -35.56
N LEU H 636 96.11 19.46 -35.48
CA LEU H 636 96.90 20.34 -36.33
C LEU H 636 96.93 19.88 -37.78
N MET H 637 96.89 18.57 -38.03
CA MET H 637 96.76 18.12 -39.41
C MET H 637 95.33 18.22 -39.92
N GLY H 638 94.45 18.88 -39.18
CA GLY H 638 93.11 19.14 -39.63
C GLY H 638 92.12 18.10 -39.11
N GLY H 639 90.87 18.51 -39.04
CA GLY H 639 89.81 17.64 -38.63
C GLY H 639 89.19 18.02 -37.31
N PHE H 640 88.52 17.06 -36.70
CA PHE H 640 87.75 17.28 -35.49
C PHE H 640 88.50 16.72 -34.30
N GLY H 641 88.74 17.56 -33.30
CA GLY H 641 89.33 17.09 -32.07
C GLY H 641 88.25 16.53 -31.17
N LEU H 642 88.41 15.28 -30.76
CA LEU H 642 87.41 14.60 -29.94
C LEU H 642 88.06 14.10 -28.65
N LYS H 643 87.44 14.42 -27.53
CA LYS H 643 87.85 13.82 -26.27
C LYS H 643 87.63 12.31 -26.28
N HIS H 644 86.52 11.87 -26.87
CA HIS H 644 86.16 10.47 -26.97
C HIS H 644 85.93 10.17 -28.45
N PRO H 645 86.99 9.93 -29.20
CA PRO H 645 86.85 9.71 -30.64
C PRO H 645 86.23 8.35 -30.91
N PRO H 646 85.96 8.02 -32.17
CA PRO H 646 85.56 6.67 -32.50
C PRO H 646 86.56 5.66 -31.95
N PRO H 647 86.10 4.66 -31.22
CA PRO H 647 87.03 3.76 -30.55
C PRO H 647 87.85 2.95 -31.55
N GLN H 648 89.06 2.60 -31.13
CA GLN H 648 89.87 1.68 -31.93
C GLN H 648 89.18 0.33 -32.00
N ILE H 649 89.12 -0.23 -33.19
CA ILE H 649 88.55 -1.54 -33.42
C ILE H 649 89.69 -2.50 -33.69
N LEU H 650 89.97 -3.36 -32.73
CA LEU H 650 91.10 -4.28 -32.80
C LEU H 650 90.60 -5.64 -33.27
N ILE H 651 91.32 -6.23 -34.21
CA ILE H 651 90.95 -7.50 -34.80
C ILE H 651 92.17 -8.39 -34.86
N LYS H 652 91.98 -9.67 -34.59
CA LYS H 652 93.08 -10.63 -34.60
C LYS H 652 92.55 -11.99 -35.01
N ASN H 653 93.35 -12.71 -35.78
CA ASN H 653 93.07 -14.13 -35.99
C ASN H 653 93.41 -14.89 -34.73
N THR H 654 92.45 -15.65 -34.22
CA THR H 654 92.72 -16.47 -33.05
C THR H 654 93.75 -17.52 -33.40
N PRO H 655 94.84 -17.64 -32.64
CA PRO H 655 95.84 -18.66 -32.96
C PRO H 655 95.25 -20.05 -32.90
N VAL H 656 95.56 -20.84 -33.92
CA VAL H 656 95.16 -22.24 -33.98
C VAL H 656 96.43 -23.08 -33.93
N PRO H 657 96.72 -23.73 -32.81
CA PRO H 657 97.95 -24.51 -32.71
C PRO H 657 97.99 -25.64 -33.73
N ALA H 658 99.19 -25.92 -34.24
CA ALA H 658 99.41 -27.16 -34.94
C ALA H 658 99.37 -28.31 -33.92
N ASP H 659 99.62 -29.52 -34.40
CA ASP H 659 99.52 -30.67 -33.52
C ASP H 659 100.54 -30.57 -32.39
N PRO H 660 100.12 -30.55 -31.14
CA PRO H 660 101.07 -30.52 -30.03
C PRO H 660 101.74 -31.87 -29.88
N PRO H 661 102.86 -31.92 -29.15
CA PRO H 661 103.48 -33.23 -28.88
C PRO H 661 102.57 -34.10 -28.03
N THR H 662 102.79 -35.40 -28.11
CA THR H 662 101.97 -36.34 -27.35
C THR H 662 102.44 -36.50 -25.91
N THR H 663 103.55 -35.88 -25.55
CA THR H 663 104.00 -35.81 -24.16
C THR H 663 103.97 -34.36 -23.72
N PHE H 664 103.53 -34.13 -22.48
CA PHE H 664 103.29 -32.77 -22.03
C PHE H 664 104.57 -31.95 -22.01
N ASN H 665 104.47 -30.72 -22.51
CA ASN H 665 105.53 -29.73 -22.45
C ASN H 665 104.94 -28.44 -21.92
N GLN H 666 105.55 -27.89 -20.87
CA GLN H 666 105.03 -26.67 -20.26
C GLN H 666 105.26 -25.45 -21.12
N SER H 667 106.17 -25.51 -22.08
CA SER H 667 106.51 -24.35 -22.88
C SER H 667 105.32 -23.92 -23.72
N LYS H 668 105.20 -22.61 -23.91
CA LYS H 668 104.13 -22.08 -24.76
C LYS H 668 104.27 -22.63 -26.17
N LEU H 669 103.14 -22.91 -26.80
CA LEU H 669 103.16 -23.45 -28.15
C LEU H 669 103.60 -22.38 -29.14
N ASN H 670 104.52 -22.74 -30.01
CA ASN H 670 104.98 -21.85 -31.06
C ASN H 670 104.71 -22.39 -32.45
N SER H 671 104.14 -23.57 -32.56
CA SER H 671 103.78 -24.16 -33.84
C SER H 671 102.30 -23.91 -34.07
N PHE H 672 101.99 -23.06 -35.05
CA PHE H 672 100.62 -22.68 -35.32
C PHE H 672 100.27 -22.95 -36.76
N ILE H 673 98.99 -23.23 -36.99
CA ILE H 673 98.48 -23.37 -38.34
C ILE H 673 98.52 -22.01 -39.02
N THR H 674 99.14 -21.95 -40.19
CA THR H 674 99.22 -20.69 -40.93
C THR H 674 97.83 -20.29 -41.38
N GLN H 675 97.46 -19.05 -41.10
CA GLN H 675 96.05 -18.69 -41.17
C GLN H 675 95.92 -17.20 -41.45
N TYR H 676 94.89 -16.86 -42.21
CA TYR H 676 94.51 -15.46 -42.40
C TYR H 676 93.01 -15.40 -42.54
N SER H 677 92.45 -14.23 -42.29
CA SER H 677 91.03 -14.02 -42.41
C SER H 677 90.73 -12.92 -43.40
N THR H 678 89.57 -13.01 -44.02
CA THR H 678 89.07 -11.98 -44.90
C THR H 678 87.59 -11.78 -44.59
N GLY H 679 87.09 -10.61 -44.92
CA GLY H 679 85.70 -10.33 -44.69
C GLY H 679 85.34 -8.97 -45.25
N GLN H 680 84.14 -8.52 -44.92
CA GLN H 680 83.68 -7.21 -45.31
C GLN H 680 83.54 -6.34 -44.08
N VAL H 681 83.85 -5.07 -44.24
CA VAL H 681 83.71 -4.07 -43.19
C VAL H 681 82.82 -2.97 -43.71
N SER H 682 81.81 -2.60 -42.93
CA SER H 682 80.93 -1.50 -43.27
C SER H 682 81.04 -0.44 -42.19
N VAL H 683 81.24 0.81 -42.61
CA VAL H 683 81.20 1.95 -41.71
C VAL H 683 80.22 2.95 -42.27
N GLU H 684 79.26 3.34 -41.45
CA GLU H 684 78.26 4.34 -41.81
C GLU H 684 78.43 5.52 -40.88
N ILE H 685 78.64 6.70 -41.46
CA ILE H 685 78.76 7.93 -40.69
C ILE H 685 77.66 8.89 -41.12
N GLU H 686 76.93 9.41 -40.16
CA GLU H 686 75.97 10.47 -40.39
C GLU H 686 76.65 11.80 -40.11
N TRP H 687 76.63 12.69 -41.09
CA TRP H 687 77.22 14.01 -40.96
C TRP H 687 76.13 15.06 -40.95
N GLU H 688 76.26 16.02 -40.05
CA GLU H 688 75.38 17.18 -40.04
C GLU H 688 75.99 18.27 -40.91
N LEU H 689 75.14 18.94 -41.68
CA LEU H 689 75.58 19.96 -42.61
C LEU H 689 75.17 21.33 -42.13
N GLN H 690 76.04 22.31 -42.35
CA GLN H 690 75.71 23.72 -42.18
C GLN H 690 75.46 24.31 -43.56
N LYS H 691 74.20 24.53 -43.89
CA LYS H 691 73.86 25.09 -45.18
C LYS H 691 74.31 26.54 -45.27
N GLU H 692 74.82 26.92 -46.45
CA GLU H 692 75.22 28.30 -46.66
C GLU H 692 73.99 29.17 -46.82
N ASN H 693 73.93 30.26 -46.06
CA ASN H 693 72.87 31.24 -46.17
C ASN H 693 73.52 32.58 -46.51
N SER H 694 73.75 32.79 -47.79
CA SER H 694 74.60 33.88 -48.26
C SER H 694 73.80 34.79 -49.19
N LYS H 695 74.01 36.10 -49.03
CA LYS H 695 73.41 37.09 -49.90
C LYS H 695 74.39 37.61 -50.93
N ARG H 696 75.51 36.91 -51.13
CA ARG H 696 76.45 37.26 -52.17
C ARG H 696 75.76 37.25 -53.53
N TRP H 697 76.02 38.29 -54.31
CA TRP H 697 75.35 38.42 -55.60
C TRP H 697 76.08 37.65 -56.69
N ASN H 698 77.39 37.83 -56.80
CA ASN H 698 78.16 37.20 -57.84
C ASN H 698 78.35 35.71 -57.56
N PRO H 699 78.60 34.90 -58.58
CA PRO H 699 78.76 33.46 -58.36
C PRO H 699 79.97 33.16 -57.50
N GLU H 700 79.85 32.08 -56.73
CA GLU H 700 80.92 31.63 -55.85
C GLU H 700 81.93 30.80 -56.63
N ILE H 701 83.08 30.59 -56.01
CA ILE H 701 84.04 29.61 -56.50
C ILE H 701 83.55 28.22 -56.12
N GLN H 702 83.55 27.30 -57.06
CA GLN H 702 83.11 25.95 -56.83
C GLN H 702 84.20 25.00 -57.29
N TYR H 703 84.31 23.86 -56.60
CA TYR H 703 85.16 22.81 -57.12
C TYR H 703 84.50 22.17 -58.32
N THR H 704 85.24 22.09 -59.42
CA THR H 704 84.71 21.53 -60.64
C THR H 704 85.77 20.66 -61.29
N SER H 705 85.32 19.63 -61.98
CA SER H 705 86.22 18.87 -62.83
C SER H 705 86.56 19.70 -64.07
N ASN H 706 87.74 19.44 -64.62
CA ASN H 706 88.15 20.14 -65.83
C ASN H 706 87.30 19.68 -67.01
N TYR H 707 86.84 20.63 -67.81
CA TYR H 707 85.98 20.31 -68.95
C TYR H 707 86.79 19.73 -70.11
N TYR H 708 88.05 20.10 -70.23
CA TYR H 708 88.85 19.73 -71.39
C TYR H 708 89.17 18.23 -71.38
N LYS H 709 89.40 17.70 -72.57
CA LYS H 709 89.62 16.26 -72.72
C LYS H 709 90.93 15.83 -72.06
N SER H 710 90.98 14.55 -71.69
CA SER H 710 92.16 14.00 -71.05
C SER H 710 92.22 12.51 -71.32
N THR H 711 93.40 11.94 -71.10
CA THR H 711 93.60 10.51 -71.34
C THR H 711 92.73 9.68 -70.41
N SER H 712 92.57 10.12 -69.17
CA SER H 712 91.79 9.38 -68.19
C SER H 712 90.88 10.35 -67.44
N VAL H 713 89.81 9.80 -66.87
CA VAL H 713 88.91 10.57 -66.03
C VAL H 713 89.57 10.76 -64.67
N ASP H 714 89.55 11.99 -64.17
CA ASP H 714 90.06 12.26 -62.83
C ASP H 714 89.19 11.56 -61.79
N PHE H 715 89.84 11.01 -60.77
CA PHE H 715 89.17 10.22 -59.73
C PHE H 715 88.45 9.03 -60.34
N ALA H 716 89.16 8.32 -61.21
CA ALA H 716 88.67 7.08 -61.80
C ALA H 716 89.84 6.12 -61.89
N VAL H 717 89.60 4.99 -62.48
CA VAL H 717 90.64 4.00 -62.69
C VAL H 717 91.29 4.25 -64.05
N ASN H 718 92.53 3.82 -64.18
CA ASN H 718 93.21 3.88 -65.46
C ASN H 718 93.00 2.56 -66.20
N THR H 719 93.76 2.34 -67.28
CA THR H 719 93.60 1.12 -68.05
C THR H 719 94.05 -0.12 -67.30
N GLU H 720 94.82 0.04 -66.23
CA GLU H 720 95.30 -1.09 -65.43
C GLU H 720 94.45 -1.34 -64.20
N GLY H 721 93.36 -0.60 -64.02
CA GLY H 721 92.52 -0.79 -62.86
C GLY H 721 92.95 -0.07 -61.62
N VAL H 722 93.93 0.82 -61.71
CA VAL H 722 94.45 1.53 -60.56
C VAL H 722 93.62 2.79 -60.36
N TYR H 723 92.97 2.89 -59.22
CA TYR H 723 92.29 4.12 -58.84
C TYR H 723 93.30 5.13 -58.31
N SER H 724 93.18 6.37 -58.77
CA SER H 724 94.07 7.42 -58.34
C SER H 724 93.29 8.68 -58.00
N GLU H 725 93.80 9.42 -57.03
CA GLU H 725 93.26 10.73 -56.71
C GLU H 725 94.24 11.77 -57.25
N PRO H 726 93.89 12.51 -58.31
CA PRO H 726 94.90 13.34 -58.97
C PRO H 726 95.30 14.57 -58.19
N ARG H 727 94.45 15.07 -57.31
CA ARG H 727 94.74 16.30 -56.57
C ARG H 727 94.13 16.18 -55.19
N PRO H 728 94.64 16.94 -54.22
CA PRO H 728 93.96 17.03 -52.91
C PRO H 728 92.83 18.05 -53.00
N ILE H 729 91.61 17.58 -52.78
CA ILE H 729 90.46 18.47 -52.80
C ILE H 729 90.27 19.02 -51.40
N GLY H 730 90.44 20.32 -51.25
CA GLY H 730 90.16 20.96 -49.99
C GLY H 730 88.68 21.04 -49.72
N THR H 731 88.30 21.94 -48.84
CA THR H 731 86.91 22.03 -48.43
C THR H 731 86.37 23.45 -48.54
N ARG H 732 87.23 24.44 -48.70
CA ARG H 732 86.85 25.84 -48.61
C ARG H 732 86.70 26.44 -50.00
N TYR H 733 85.47 26.44 -50.50
CA TYR H 733 85.14 27.05 -51.78
C TYR H 733 84.08 28.13 -51.66
N LEU H 734 83.07 27.92 -50.84
CA LEU H 734 82.10 28.96 -50.55
C LEU H 734 82.74 30.04 -49.69
N THR H 735 82.09 31.19 -49.60
CA THR H 735 82.63 32.32 -48.89
C THR H 735 81.67 32.82 -47.83
N ARG H 736 82.24 33.39 -46.77
CA ARG H 736 81.50 34.09 -45.74
C ARG H 736 82.17 35.42 -45.46
N ASN H 737 81.39 36.38 -44.99
CA ASN H 737 81.98 37.57 -44.41
C ASN H 737 82.62 37.23 -43.07
N LEU H 738 83.54 38.09 -42.66
CA LEU H 738 84.17 37.90 -41.36
C LEU H 738 83.23 38.34 -40.25
N GLY I 221 78.15 26.85 28.13
CA GLY I 221 78.53 26.81 29.53
C GLY I 221 80.03 26.81 29.76
N VAL I 222 80.44 27.36 30.90
CA VAL I 222 81.87 27.40 31.24
C VAL I 222 82.42 25.98 31.41
N GLY I 223 81.67 25.12 32.08
CA GLY I 223 82.13 23.78 32.40
C GLY I 223 81.76 22.69 31.44
N SER I 224 81.28 23.02 30.25
CA SER I 224 80.91 22.02 29.26
C SER I 224 81.69 22.25 27.97
N SER I 225 82.18 21.15 27.39
CA SER I 225 82.90 21.24 26.13
C SER I 225 81.95 21.64 25.00
N SER I 226 82.44 22.51 24.12
CA SER I 226 81.65 22.97 22.98
C SER I 226 81.93 22.18 21.72
N GLY I 227 82.77 21.16 21.78
CA GLY I 227 83.02 20.32 20.63
C GLY I 227 84.02 19.24 20.98
N ASN I 228 84.06 18.23 20.12
CA ASN I 228 84.92 17.08 20.32
C ASN I 228 86.08 17.10 19.33
N TRP I 229 87.10 16.32 19.66
CA TRP I 229 88.26 16.18 18.78
C TRP I 229 87.90 15.24 17.63
N HIS I 230 88.04 15.73 16.40
CA HIS I 230 87.68 14.97 15.20
C HIS I 230 88.87 15.01 14.25
N CYS I 231 89.79 14.06 14.40
CA CYS I 231 90.82 13.80 13.43
C CYS I 231 90.58 12.41 12.87
N ASP I 232 90.37 12.33 11.56
CA ASP I 232 89.99 11.07 10.94
C ASP I 232 90.01 11.25 9.44
N SER I 233 90.01 10.12 8.74
CA SER I 233 89.80 10.09 7.30
C SER I 233 88.97 8.87 6.97
N THR I 234 87.83 9.07 6.35
CA THR I 234 86.94 7.99 5.97
C THR I 234 86.91 7.88 4.46
N TRP I 235 87.32 6.72 3.96
CA TRP I 235 87.29 6.44 2.52
C TRP I 235 86.04 5.63 2.23
N LEU I 236 85.17 6.17 1.39
CA LEU I 236 83.89 5.53 1.10
C LEU I 236 83.60 5.73 -0.39
N GLY I 237 83.81 4.68 -1.17
CA GLY I 237 83.54 4.76 -2.59
C GLY I 237 84.49 5.74 -3.27
N ASP I 238 83.90 6.68 -4.01
CA ASP I 238 84.66 7.69 -4.73
C ASP I 238 84.89 8.95 -3.91
N ARG I 239 84.65 8.89 -2.60
CA ARG I 239 84.86 10.02 -1.72
C ARG I 239 85.87 9.64 -0.64
N VAL I 240 86.63 10.63 -0.20
CA VAL I 240 87.38 10.54 1.04
C VAL I 240 87.07 11.80 1.84
N ILE I 241 86.71 11.62 3.10
CA ILE I 241 86.39 12.73 3.99
C ILE I 241 87.51 12.83 5.01
N THR I 242 88.34 13.85 4.86
CA THR I 242 89.38 14.13 5.84
C THR I 242 88.84 15.12 6.85
N THR I 243 89.02 14.82 8.12
CA THR I 243 88.72 15.77 9.18
C THR I 243 89.94 15.87 10.08
N SER I 244 90.30 17.10 10.43
CA SER I 244 91.48 17.33 11.23
C SER I 244 91.16 18.36 12.30
N THR I 245 91.60 18.08 13.52
CA THR I 245 91.45 18.98 14.64
C THR I 245 92.82 19.39 15.13
N ARG I 246 92.98 20.66 15.45
CA ARG I 246 94.23 21.16 16.00
C ARG I 246 93.91 22.10 17.15
N THR I 247 94.87 22.21 18.07
CA THR I 247 94.81 23.21 19.12
C THR I 247 95.57 24.45 18.66
N TRP I 248 94.92 25.59 18.74
CA TRP I 248 95.51 26.85 18.32
C TRP I 248 95.67 27.78 19.50
N ALA I 249 96.55 28.76 19.34
CA ALA I 249 96.71 29.84 20.30
C ALA I 249 96.72 31.15 19.53
N LEU I 250 95.85 32.07 19.93
CA LEU I 250 95.76 33.36 19.27
C LEU I 250 96.22 34.45 20.22
N PRO I 251 97.34 35.11 19.95
CA PRO I 251 97.74 36.25 20.77
C PRO I 251 96.96 37.50 20.38
N THR I 252 97.17 38.55 21.15
CA THR I 252 96.74 39.87 20.73
C THR I 252 97.77 40.42 19.76
N TYR I 253 97.34 40.72 18.54
CA TYR I 253 98.24 41.23 17.51
C TYR I 253 98.14 42.75 17.48
N ASN I 254 99.29 43.40 17.27
CA ASN I 254 99.37 44.83 17.01
C ASN I 254 98.88 45.68 18.17
N ASN I 255 98.73 45.10 19.36
CA ASN I 255 98.11 45.78 20.49
C ASN I 255 96.73 46.32 20.12
N HIS I 256 95.96 45.49 19.40
CA HIS I 256 94.60 45.78 18.97
C HIS I 256 94.52 46.90 17.95
N LEU I 257 95.64 47.27 17.32
CA LEU I 257 95.67 48.40 16.41
C LEU I 257 95.78 47.95 14.96
N TYR I 258 95.26 48.78 14.07
CA TYR I 258 95.58 48.70 12.65
C TYR I 258 96.76 49.61 12.39
N LYS I 259 97.82 49.06 11.81
CA LYS I 259 99.01 49.83 11.54
C LYS I 259 99.26 49.85 10.03
N GLN I 260 99.48 51.04 9.49
CA GLN I 260 99.97 51.15 8.14
C GLN I 260 101.41 50.64 8.08
N ILE I 261 101.70 49.78 7.13
CA ILE I 261 103.03 49.22 6.94
C ILE I 261 103.48 49.52 5.53
N SER I 262 104.76 49.82 5.36
CA SER I 262 105.29 50.22 4.07
C SER I 262 106.73 49.77 3.96
N ASN I 263 107.22 49.82 2.73
CA ASN I 263 108.62 49.57 2.43
C ASN I 263 108.96 50.36 1.18
N GLY I 264 109.95 51.25 1.27
CA GLY I 264 110.34 52.09 0.17
C GLY I 264 111.78 51.83 -0.25
N THR I 265 112.23 52.62 -1.21
CA THR I 265 113.58 52.49 -1.72
C THR I 265 114.56 53.31 -0.88
N ALA I 269 115.91 49.00 0.48
CA ALA I 269 115.11 48.09 -0.31
C ALA I 269 115.04 48.54 -1.76
N THR I 270 114.93 47.57 -2.67
CA THR I 270 114.80 47.89 -4.08
C THR I 270 113.34 48.19 -4.43
N ASN I 271 113.15 48.79 -5.61
CA ASN I 271 111.80 49.08 -6.06
C ASN I 271 110.98 47.82 -6.25
N ASP I 272 111.63 46.70 -6.56
CA ASP I 272 110.91 45.44 -6.74
C ASP I 272 110.26 44.96 -5.48
N ASN I 273 110.71 45.41 -4.31
CA ASN I 273 110.21 44.93 -3.03
C ASN I 273 109.43 45.97 -2.26
N THR I 274 109.06 47.08 -2.89
CA THR I 274 108.27 48.09 -2.20
C THR I 274 106.84 47.62 -2.00
N TYR I 275 106.22 48.10 -0.93
CA TYR I 275 104.82 47.80 -0.69
C TYR I 275 104.22 48.84 0.21
N PHE I 276 102.90 48.94 0.14
CA PHE I 276 102.09 49.69 1.09
C PHE I 276 100.93 48.80 1.49
N GLY I 277 100.67 48.72 2.78
CA GLY I 277 99.59 47.88 3.23
C GLY I 277 99.24 48.17 4.67
N TYR I 278 98.50 47.25 5.26
CA TYR I 278 98.04 47.42 6.63
C TYR I 278 98.23 46.14 7.40
N SER I 279 98.77 46.28 8.60
CA SER I 279 98.78 45.21 9.57
C SER I 279 97.53 45.33 10.43
N THR I 280 96.80 44.24 10.60
CA THR I 280 95.57 44.26 11.36
C THR I 280 95.76 43.52 12.67
N PRO I 281 94.94 43.83 13.68
CA PRO I 281 94.98 43.05 14.93
C PRO I 281 94.32 41.68 14.83
N TRP I 282 93.93 41.27 13.64
CA TRP I 282 93.20 40.01 13.46
C TRP I 282 94.15 38.89 13.09
N GLY I 283 93.86 37.71 13.61
CA GLY I 283 94.44 36.50 13.08
C GLY I 283 93.55 35.89 12.04
N TYR I 284 94.04 34.85 11.38
CA TYR I 284 93.23 34.14 10.41
C TYR I 284 93.60 32.68 10.41
N PHE I 285 92.63 31.84 10.08
CA PHE I 285 92.84 30.39 10.03
C PHE I 285 93.19 29.97 8.62
N ASP I 286 94.29 29.25 8.49
CA ASP I 286 94.75 28.74 7.21
C ASP I 286 94.82 27.23 7.28
N PHE I 287 94.19 26.56 6.33
CA PHE I 287 94.32 25.13 6.15
C PHE I 287 94.50 24.81 4.68
N ASN I 288 95.27 25.67 4.00
CA ASN I 288 95.48 25.58 2.56
C ASN I 288 96.72 24.79 2.21
N ARG I 289 97.04 23.77 3.00
CA ARG I 289 98.08 22.80 2.67
C ARG I 289 97.50 21.42 2.82
N PHE I 290 97.93 20.51 1.94
CA PHE I 290 97.33 19.17 1.93
C PHE I 290 97.62 18.40 3.21
N HIS I 291 98.78 18.62 3.82
CA HIS I 291 99.09 17.88 5.04
C HIS I 291 98.28 18.36 6.24
N CYS I 292 97.56 19.47 6.11
CA CYS I 292 96.60 19.85 7.14
C CYS I 292 95.43 18.89 7.21
N HIS I 293 95.22 18.11 6.15
CA HIS I 293 94.06 17.24 6.04
C HIS I 293 94.43 15.78 5.81
N PHE I 294 95.47 15.51 5.06
CA PHE I 294 95.88 14.15 4.75
C PHE I 294 97.09 13.77 5.61
N SER I 295 96.96 12.67 6.33
CA SER I 295 98.13 12.04 6.91
C SER I 295 98.99 11.48 5.77
N PRO I 296 100.28 11.28 6.02
CA PRO I 296 101.13 10.70 4.97
C PRO I 296 100.62 9.38 4.45
N ARG I 297 100.08 8.53 5.33
CA ARG I 297 99.48 7.28 4.88
C ARG I 297 98.23 7.53 4.05
N ASP I 298 97.40 8.50 4.45
CA ASP I 298 96.24 8.86 3.65
C ASP I 298 96.65 9.42 2.30
N TRP I 299 97.71 10.23 2.28
CA TRP I 299 98.23 10.74 1.02
C TRP I 299 98.69 9.59 0.13
N GLN I 300 99.35 8.59 0.71
CA GLN I 300 99.77 7.42 -0.05
C GLN I 300 98.56 6.68 -0.62
N ARG I 301 97.54 6.49 0.21
CA ARG I 301 96.30 5.86 -0.26
C ARG I 301 95.72 6.62 -1.44
N LEU I 302 95.73 7.95 -1.36
CA LEU I 302 95.15 8.77 -2.41
C LEU I 302 95.96 8.66 -3.69
N ILE I 303 97.28 8.84 -3.60
CA ILE I 303 98.09 8.97 -4.81
C ILE I 303 98.42 7.64 -5.45
N ASN I 304 98.39 6.53 -4.71
CA ASN I 304 98.71 5.24 -5.30
C ASN I 304 97.53 4.57 -5.97
N ASN I 305 96.32 5.11 -5.82
CA ASN I 305 95.13 4.42 -6.24
C ASN I 305 94.15 5.26 -7.03
N ASN I 306 94.40 6.54 -7.20
CA ASN I 306 93.45 7.42 -7.85
C ASN I 306 94.12 8.21 -8.95
N TRP I 307 93.41 8.36 -10.06
CA TRP I 307 93.90 9.19 -11.16
C TRP I 307 93.66 10.67 -10.93
N GLY I 308 92.79 11.02 -9.98
CA GLY I 308 92.51 12.41 -9.72
C GLY I 308 91.68 12.57 -8.47
N PHE I 309 91.64 13.80 -8.00
CA PHE I 309 90.84 14.15 -6.84
C PHE I 309 90.55 15.63 -6.88
N ARG I 310 89.54 16.04 -6.14
CA ARG I 310 89.18 17.44 -6.04
C ARG I 310 88.37 17.65 -4.78
N PRO I 311 88.48 18.80 -4.13
CA PRO I 311 87.64 19.08 -2.97
C PRO I 311 86.20 19.29 -3.40
N LYS I 312 85.28 18.87 -2.53
CA LYS I 312 83.85 19.02 -2.78
C LYS I 312 83.18 19.99 -1.82
N ARG I 313 83.39 19.79 -0.53
CA ARG I 313 82.78 20.63 0.49
C ARG I 313 83.70 20.65 1.69
N LEU I 314 83.54 21.66 2.52
CA LEU I 314 84.27 21.71 3.78
C LEU I 314 83.35 22.20 4.88
N SER I 315 83.62 21.73 6.09
CA SER I 315 83.01 22.25 7.29
C SER I 315 84.12 22.64 8.24
N PHE I 316 83.94 23.76 8.91
CA PHE I 316 84.95 24.35 9.78
C PHE I 316 84.32 24.58 11.14
N LYS I 317 85.08 24.31 12.20
CA LYS I 317 84.56 24.47 13.55
C LYS I 317 85.60 25.09 14.45
N LEU I 318 85.17 26.05 15.25
CA LEU I 318 85.95 26.59 16.35
C LEU I 318 85.21 26.28 17.64
N PHE I 319 85.91 25.74 18.63
CA PHE I 319 85.25 25.28 19.83
C PHE I 319 86.26 25.16 20.96
N ASN I 320 85.76 24.94 22.17
CA ASN I 320 86.57 24.84 23.37
C ASN I 320 87.47 26.06 23.51
N ILE I 321 86.88 27.23 23.30
CA ILE I 321 87.61 28.48 23.35
C ILE I 321 87.93 28.82 24.79
N GLN I 322 89.18 29.17 25.06
CA GLN I 322 89.61 29.63 26.36
C GLN I 322 90.34 30.94 26.17
N VAL I 323 89.82 32.01 26.76
CA VAL I 323 90.48 33.30 26.75
C VAL I 323 91.18 33.47 28.09
N LYS I 324 92.47 33.74 28.04
CA LYS I 324 93.30 33.74 29.24
C LYS I 324 93.92 35.11 29.43
N GLU I 325 93.94 35.56 30.68
CA GLU I 325 94.54 36.82 31.07
C GLU I 325 95.90 36.54 31.69
N VAL I 326 96.90 37.29 31.26
CA VAL I 326 98.26 37.16 31.78
C VAL I 326 98.65 38.49 32.42
N THR I 327 99.12 38.42 33.66
CA THR I 327 99.49 39.62 34.41
C THR I 327 100.99 39.65 34.70
N LYS I 333 104.85 36.28 36.46
CA LYS I 333 103.80 36.13 35.46
C LYS I 333 102.80 35.05 35.86
N THR I 334 101.53 35.41 35.92
CA THR I 334 100.46 34.47 36.20
C THR I 334 99.45 34.52 35.05
N ILE I 335 98.97 33.34 34.66
CA ILE I 335 97.96 33.22 33.62
C ILE I 335 96.68 32.71 34.25
N ALA I 336 95.59 33.43 34.03
CA ALA I 336 94.31 33.09 34.60
C ALA I 336 93.25 33.10 33.51
N ASN I 337 92.19 32.32 33.72
CA ASN I 337 91.06 32.34 32.82
C ASN I 337 90.32 33.67 32.94
N ASN I 338 89.91 34.20 31.78
CA ASN I 338 89.04 35.40 31.73
C ASN I 338 87.72 34.85 31.17
N LEU I 339 86.83 34.37 32.04
CA LEU I 339 85.64 33.65 31.61
C LEU I 339 84.69 34.53 30.80
N THR I 340 84.70 35.83 31.03
CA THR I 340 83.78 36.74 30.38
C THR I 340 84.37 37.39 29.14
N SER I 341 85.61 37.09 28.78
CA SER I 341 86.22 37.65 27.58
C SER I 341 85.74 36.91 26.34
N THR I 342 85.77 37.62 25.22
CA THR I 342 85.30 37.07 23.96
C THR I 342 86.40 37.07 22.92
N ILE I 343 86.22 36.21 21.93
CA ILE I 343 86.94 36.30 20.66
C ILE I 343 85.91 36.64 19.60
N GLN I 344 86.37 37.29 18.54
CA GLN I 344 85.52 37.62 17.41
C GLN I 344 85.95 36.79 16.21
N VAL I 345 85.00 36.10 15.60
CA VAL I 345 85.26 35.26 14.43
C VAL I 345 84.26 35.63 13.34
N PHE I 346 84.75 35.81 12.13
CA PHE I 346 83.87 35.93 10.98
C PHE I 346 84.56 35.38 9.76
N THR I 347 83.78 34.93 8.81
CA THR I 347 84.28 34.50 7.51
C THR I 347 83.98 35.57 6.49
N ASP I 348 84.98 35.89 5.67
CA ASP I 348 84.80 36.80 4.55
C ASP I 348 84.10 36.04 3.42
N SER I 349 82.82 35.76 3.65
CA SER I 349 82.06 34.92 2.73
C SER I 349 81.77 35.62 1.41
N GLU I 350 81.72 36.95 1.41
CA GLU I 350 81.53 37.71 0.19
C GLU I 350 82.84 38.09 -0.48
N TYR I 351 83.98 37.65 0.06
CA TYR I 351 85.29 37.92 -0.52
C TYR I 351 85.52 39.42 -0.66
N GLN I 352 85.11 40.17 0.35
CA GLN I 352 85.27 41.61 0.36
C GLN I 352 86.61 42.06 0.94
N LEU I 353 87.33 41.19 1.54
CA LEU I 353 88.65 41.50 2.05
C LEU I 353 89.71 41.03 1.08
N PRO I 354 90.89 41.66 1.09
CA PRO I 354 92.02 41.12 0.33
C PRO I 354 92.29 39.68 0.74
N TYR I 355 92.32 38.81 -0.25
CA TYR I 355 92.46 37.37 -0.02
C TYR I 355 93.94 37.04 0.05
N VAL I 356 94.44 36.80 1.26
CA VAL I 356 95.86 36.52 1.46
C VAL I 356 96.15 35.04 1.56
N LEU I 357 95.13 34.19 1.63
CA LEU I 357 95.36 32.77 1.45
C LEU I 357 95.77 32.51 0.00
N GLY I 358 96.38 31.35 -0.22
CA GLY I 358 96.87 31.07 -1.55
C GLY I 358 98.13 31.84 -1.91
N SER I 359 98.90 32.29 -0.93
CA SER I 359 100.22 32.85 -1.16
C SER I 359 101.30 31.99 -0.52
N ALA I 360 100.98 30.74 -0.20
CA ALA I 360 101.92 29.77 0.36
C ALA I 360 102.56 30.30 1.64
N HIS I 361 101.76 30.91 2.49
CA HIS I 361 102.27 31.49 3.72
C HIS I 361 102.30 30.45 4.85
N GLN I 362 103.20 30.68 5.79
CA GLN I 362 103.22 29.88 7.01
C GLN I 362 101.99 30.21 7.85
N GLY I 363 101.77 29.40 8.87
CA GLY I 363 100.64 29.58 9.75
C GLY I 363 99.48 28.67 9.49
N CYS I 364 99.59 27.76 8.53
CA CYS I 364 98.54 26.78 8.32
C CYS I 364 98.48 25.82 9.50
N LEU I 365 97.42 25.02 9.53
CA LEU I 365 97.32 23.96 10.53
C LEU I 365 98.53 23.04 10.40
N PRO I 366 99.16 22.66 11.51
CA PRO I 366 100.36 21.84 11.41
C PRO I 366 100.03 20.47 10.85
N PRO I 367 100.96 19.84 10.12
CA PRO I 367 100.70 18.48 9.63
C PRO I 367 100.46 17.47 10.73
N PHE I 368 101.12 17.61 11.87
CA PHE I 368 100.99 16.65 12.95
C PHE I 368 99.83 17.06 13.86
N PRO I 369 98.83 16.19 14.07
CA PRO I 369 97.67 16.61 14.86
C PRO I 369 97.99 17.00 16.29
N ALA I 370 99.02 16.41 16.89
CA ALA I 370 99.38 16.76 18.26
C ALA I 370 100.02 18.12 18.38
N ASP I 371 100.30 18.78 17.26
CA ASP I 371 101.06 20.02 17.28
C ASP I 371 100.13 21.21 17.55
N VAL I 372 100.50 22.03 18.52
CA VAL I 372 99.77 23.24 18.83
C VAL I 372 100.40 24.40 18.05
N PHE I 373 99.58 25.15 17.34
CA PHE I 373 100.09 26.16 16.43
C PHE I 373 99.55 27.55 16.79
N MET I 374 100.35 28.54 16.44
CA MET I 374 100.02 29.94 16.61
C MET I 374 99.29 30.45 15.37
N ILE I 375 98.22 31.19 15.59
CA ILE I 375 97.42 31.72 14.47
C ILE I 375 98.16 32.88 13.83
N PRO I 376 98.35 32.88 12.51
CA PRO I 376 99.09 33.97 11.88
C PRO I 376 98.29 35.27 11.89
N GLN I 377 99.01 36.38 11.89
CA GLN I 377 98.40 37.69 11.88
C GLN I 377 97.95 38.08 10.48
N TYR I 378 96.73 38.60 10.38
CA TYR I 378 96.21 39.02 9.09
C TYR I 378 96.74 40.39 8.73
N GLY I 379 97.33 40.48 7.53
CA GLY I 379 97.67 41.75 6.95
C GLY I 379 97.42 41.68 5.46
N TYR I 380 97.39 42.85 4.83
CA TYR I 380 97.13 42.88 3.40
C TYR I 380 97.89 44.04 2.78
N LEU I 381 98.02 43.97 1.47
CA LEU I 381 98.69 45.00 0.69
C LEU I 381 97.68 45.65 -0.24
N THR I 382 97.88 46.93 -0.48
CA THR I 382 97.06 47.64 -1.46
C THR I 382 98.00 48.32 -2.43
N LEU I 383 97.48 49.20 -3.28
CA LEU I 383 98.31 49.85 -4.27
C LEU I 383 99.36 50.72 -3.61
N ASN I 384 100.58 50.69 -4.13
CA ASN I 384 101.67 51.48 -3.60
C ASN I 384 102.44 52.13 -4.73
N ASN I 385 103.03 53.28 -4.42
CA ASN I 385 103.99 53.97 -5.29
C ASN I 385 105.22 54.15 -4.41
N GLY I 386 106.14 53.21 -4.48
CA GLY I 386 107.21 53.18 -3.49
C GLY I 386 106.63 52.79 -2.15
N SER I 387 106.96 53.57 -1.13
CA SER I 387 106.37 53.36 0.20
C SER I 387 105.09 54.15 0.40
N GLN I 388 104.66 54.92 -0.58
CA GLN I 388 103.48 55.75 -0.45
C GLN I 388 102.25 55.04 -1.00
N ALA I 389 101.11 55.38 -0.45
CA ALA I 389 99.84 54.94 -1.01
C ALA I 389 99.42 55.87 -2.13
N VAL I 390 98.53 55.38 -2.97
CA VAL I 390 97.90 56.20 -3.99
C VAL I 390 96.43 56.37 -3.62
N GLY I 391 95.74 57.24 -4.36
CA GLY I 391 94.34 57.47 -4.08
C GLY I 391 93.47 56.25 -4.23
N ARG I 392 93.91 55.27 -5.03
CA ARG I 392 93.17 54.04 -5.21
C ARG I 392 93.46 53.01 -4.13
N SER I 393 94.41 53.28 -3.24
CA SER I 393 94.71 52.35 -2.17
C SER I 393 93.51 52.20 -1.25
N SER I 394 93.20 50.96 -0.90
CA SER I 394 92.05 50.64 -0.08
C SER I 394 92.49 50.32 1.34
N PHE I 395 91.80 50.90 2.31
CA PHE I 395 91.96 50.55 3.70
C PHE I 395 90.73 49.78 4.15
N TYR I 396 90.95 48.64 4.80
CA TYR I 396 89.86 47.80 5.27
C TYR I 396 89.92 47.70 6.79
N CYS I 397 88.82 48.01 7.44
CA CYS I 397 88.65 47.76 8.86
C CYS I 397 87.88 46.46 9.02
N LEU I 398 88.51 45.47 9.63
CA LEU I 398 87.85 44.17 9.79
C LEU I 398 86.77 44.21 10.86
N GLU I 399 86.81 45.21 11.75
CA GLU I 399 85.70 45.42 12.67
C GLU I 399 84.47 45.92 11.95
N TYR I 400 84.62 46.42 10.73
CA TYR I 400 83.48 46.85 9.92
C TYR I 400 82.71 45.69 9.33
N PHE I 401 83.00 44.48 9.74
CA PHE I 401 82.29 43.29 9.33
C PHE I 401 81.46 42.75 10.48
N PRO I 402 80.34 42.10 10.21
CA PRO I 402 79.64 41.37 11.27
C PRO I 402 80.47 40.18 11.72
N SER I 403 80.75 40.11 13.01
CA SER I 403 81.53 39.03 13.59
C SER I 403 80.73 38.38 14.70
N GLN I 404 80.85 37.06 14.80
CA GLN I 404 80.31 36.35 15.95
C GLN I 404 81.29 36.51 17.10
N MET I 405 80.79 36.95 18.25
CA MET I 405 81.60 37.03 19.45
C MET I 405 81.36 35.79 20.30
N LEU I 406 82.43 35.19 20.78
CA LEU I 406 82.38 33.89 21.43
C LEU I 406 82.99 34.00 22.81
N ARG I 407 82.24 33.63 23.83
CA ARG I 407 82.82 33.41 25.13
C ARG I 407 83.29 31.96 25.22
N THR I 408 83.78 31.56 26.40
CA THR I 408 84.40 30.26 26.55
C THR I 408 83.42 29.12 26.28
N GLY I 409 82.13 29.36 26.47
CA GLY I 409 81.14 28.34 26.20
C GLY I 409 80.61 28.29 24.79
N ASN I 410 80.99 29.23 23.94
CA ASN I 410 80.46 29.31 22.59
C ASN I 410 81.36 28.58 21.61
N ASN I 411 80.77 28.22 20.48
CA ASN I 411 81.52 27.63 19.37
C ASN I 411 81.09 28.30 18.07
N PHE I 412 81.96 28.21 17.09
CA PHE I 412 81.74 28.78 15.77
C PHE I 412 81.85 27.69 14.74
N GLN I 413 80.99 27.72 13.74
CA GLN I 413 81.09 26.74 12.67
C GLN I 413 80.45 27.31 11.40
N PHE I 414 80.97 26.87 10.27
CA PHE I 414 80.38 27.18 8.98
C PHE I 414 80.72 26.07 8.01
N THR I 415 79.91 25.97 6.97
CA THR I 415 80.13 25.00 5.91
C THR I 415 80.33 25.75 4.60
N TYR I 416 81.11 25.14 3.71
CA TYR I 416 81.43 25.73 2.42
C TYR I 416 81.41 24.64 1.38
N THR I 417 80.88 24.96 0.21
CA THR I 417 80.86 24.03 -0.91
C THR I 417 81.81 24.53 -1.99
N PHE I 418 82.74 23.69 -2.39
CA PHE I 418 83.64 24.03 -3.48
C PHE I 418 82.87 24.09 -4.79
N GLU I 419 83.24 25.04 -5.64
CA GLU I 419 82.70 25.08 -6.98
C GLU I 419 83.19 23.88 -7.78
N ASP I 420 82.52 23.61 -8.90
CA ASP I 420 82.96 22.53 -9.76
C ASP I 420 84.33 22.86 -10.32
N VAL I 421 85.35 22.16 -9.84
CA VAL I 421 86.73 22.39 -10.24
C VAL I 421 87.20 21.13 -10.95
N PRO I 422 88.10 21.22 -11.93
CA PRO I 422 88.59 19.99 -12.56
C PRO I 422 89.37 19.14 -11.57
N PHE I 423 89.31 17.82 -11.77
CA PHE I 423 90.14 16.91 -10.99
C PHE I 423 91.61 17.24 -11.20
N HIS I 424 92.37 17.25 -10.11
CA HIS I 424 93.81 17.33 -10.26
C HIS I 424 94.34 16.06 -10.91
N SER I 425 95.26 16.22 -11.86
CA SER I 425 95.82 15.08 -12.57
C SER I 425 96.78 14.35 -11.63
N SER I 426 96.26 13.35 -10.92
CA SER I 426 97.09 12.55 -10.03
C SER I 426 97.69 11.36 -10.77
N TYR I 427 98.31 11.65 -11.91
CA TYR I 427 98.86 10.62 -12.78
C TYR I 427 99.95 11.24 -13.63
N ALA I 428 100.85 10.40 -14.10
CA ALA I 428 101.82 10.78 -15.11
C ALA I 428 101.50 10.05 -16.40
N HIS I 429 101.72 10.72 -17.52
CA HIS I 429 101.42 10.10 -18.81
C HIS I 429 102.45 9.02 -19.12
N SER I 430 101.95 7.86 -19.55
CA SER I 430 102.81 6.76 -19.97
C SER I 430 103.14 6.84 -21.46
N GLN I 431 102.71 7.89 -22.13
CA GLN I 431 103.06 8.15 -23.51
C GLN I 431 103.57 9.57 -23.63
N SER I 432 104.48 9.78 -24.56
CA SER I 432 104.97 11.12 -24.87
C SER I 432 104.14 11.71 -26.01
N LEU I 433 104.06 13.04 -26.02
CA LEU I 433 103.25 13.71 -27.02
C LEU I 433 103.77 13.49 -28.44
N ASP I 434 105.09 13.35 -28.59
CA ASP I 434 105.68 13.11 -29.89
C ASP I 434 105.77 11.62 -30.23
N ARG I 435 105.18 10.76 -29.42
CA ARG I 435 105.22 9.32 -29.62
C ARG I 435 103.83 8.72 -29.51
N LEU I 436 102.83 9.39 -30.08
CA LEU I 436 101.46 8.93 -30.03
C LEU I 436 101.07 8.07 -31.23
N MET I 437 102.00 7.87 -32.15
CA MET I 437 101.72 7.20 -33.41
C MET I 437 102.01 5.70 -33.32
N ASN I 438 101.45 4.97 -34.28
CA ASN I 438 101.73 3.56 -34.43
C ASN I 438 103.16 3.38 -34.92
N PRO I 439 104.03 2.68 -34.19
CA PRO I 439 105.42 2.52 -34.60
C PRO I 439 105.65 1.48 -35.69
N LEU I 440 104.60 0.91 -36.28
CA LEU I 440 104.74 -0.09 -37.31
C LEU I 440 104.29 0.37 -38.69
N ILE I 441 103.51 1.43 -38.76
CA ILE I 441 102.85 1.84 -40.00
C ILE I 441 103.41 3.19 -40.42
N ASP I 442 103.68 3.34 -41.71
CA ASP I 442 104.06 4.62 -42.26
C ASP I 442 102.86 5.56 -42.28
N GLN I 443 103.15 6.85 -42.32
CA GLN I 443 102.12 7.84 -42.57
C GLN I 443 101.85 7.94 -44.07
N TYR I 444 100.60 8.26 -44.41
CA TYR I 444 100.30 8.57 -45.80
C TYR I 444 100.68 10.01 -46.15
N LEU I 445 100.93 10.84 -45.15
CA LEU I 445 101.39 12.20 -45.38
C LEU I 445 102.89 12.21 -45.66
N TYR I 446 103.30 13.15 -46.50
CA TYR I 446 104.70 13.33 -46.83
C TYR I 446 105.24 14.57 -46.14
N TYR I 447 106.56 14.57 -45.92
CA TYR I 447 107.26 15.73 -45.43
C TYR I 447 108.42 16.01 -46.35
N LEU I 448 108.81 17.28 -46.42
CA LEU I 448 109.99 17.65 -47.19
C LEU I 448 111.23 17.03 -46.55
N SER I 449 111.81 16.04 -47.21
CA SER I 449 112.92 15.30 -46.63
C SER I 449 114.27 15.76 -47.11
N ARG I 450 114.37 16.30 -48.32
CA ARG I 450 115.62 16.84 -48.81
C ARG I 450 115.36 18.04 -49.70
N THR I 451 116.28 19.01 -49.65
CA THR I 451 116.24 20.17 -50.52
C THR I 451 117.44 20.22 -51.45
N GLN I 452 118.33 19.24 -51.39
CA GLN I 452 119.55 19.22 -52.18
C GLN I 452 119.82 17.80 -52.66
N THR I 453 120.26 17.66 -53.90
CA THR I 453 120.54 16.35 -54.46
C THR I 453 121.71 15.67 -53.78
N ASN I 459 126.30 19.23 -55.76
CA ASN I 459 124.88 18.97 -55.61
C ASN I 459 124.07 20.23 -55.88
N THR I 460 122.85 20.04 -56.38
CA THR I 460 121.98 21.13 -56.79
C THR I 460 120.70 21.10 -55.97
N GLN I 461 119.91 22.15 -56.10
CA GLN I 461 118.63 22.23 -55.40
C GLN I 461 117.66 21.20 -55.96
N THR I 462 116.83 20.66 -55.08
CA THR I 462 115.79 19.71 -55.45
C THR I 462 114.73 19.74 -54.36
N LEU I 463 113.65 19.00 -54.58
CA LEU I 463 112.61 18.83 -53.58
C LEU I 463 112.33 17.34 -53.48
N GLY I 464 112.80 16.72 -52.40
CA GLY I 464 112.54 15.33 -52.12
C GLY I 464 111.58 15.22 -50.94
N PHE I 465 110.59 14.35 -51.10
CA PHE I 465 109.56 14.17 -50.10
C PHE I 465 109.52 12.71 -49.67
N SER I 466 109.42 12.48 -48.37
CA SER I 466 109.37 11.15 -47.82
C SER I 466 108.16 11.02 -46.91
N GLN I 467 107.71 9.79 -46.73
CA GLN I 467 106.63 9.51 -45.81
C GLN I 467 107.20 9.25 -44.42
N GLY I 468 106.64 9.94 -43.43
CA GLY I 468 107.01 9.69 -42.06
C GLY I 468 106.72 8.26 -41.66
N GLY I 469 107.68 7.61 -41.02
CA GLY I 469 107.52 6.23 -40.65
C GLY I 469 108.13 5.92 -39.30
N PRO I 470 108.28 4.64 -39.00
CA PRO I 470 108.84 4.25 -37.69
C PRO I 470 110.23 4.79 -37.43
N ASN I 471 111.02 5.01 -38.47
CA ASN I 471 112.40 5.47 -38.28
C ASN I 471 112.52 6.99 -38.31
N THR I 472 111.73 7.66 -39.13
CA THR I 472 111.72 9.13 -39.19
C THR I 472 110.58 9.68 -38.33
N MET I 473 110.62 9.29 -37.06
CA MET I 473 109.51 9.60 -36.17
C MET I 473 109.50 11.07 -35.78
N ALA I 474 110.65 11.73 -35.79
CA ALA I 474 110.70 13.15 -35.54
C ALA I 474 110.11 13.97 -36.69
N ASN I 475 110.06 13.41 -37.90
CA ASN I 475 109.54 14.12 -39.05
C ASN I 475 108.05 13.90 -39.27
N GLN I 476 107.42 12.99 -38.53
CA GLN I 476 106.04 12.64 -38.79
C GLN I 476 105.12 13.82 -38.52
N ALA I 477 104.06 13.91 -39.33
CA ALA I 477 103.00 14.87 -39.06
C ALA I 477 102.32 14.52 -37.76
N LYS I 478 102.06 15.54 -36.94
CA LYS I 478 101.48 15.35 -35.62
C LYS I 478 100.37 16.35 -35.40
N ASN I 479 99.45 16.00 -34.51
CA ASN I 479 98.26 16.79 -34.28
C ASN I 479 98.40 17.79 -33.14
N TRP I 480 99.42 17.66 -32.30
CA TRP I 480 99.46 18.42 -31.06
C TRP I 480 100.85 18.97 -30.83
N LEU I 481 100.92 20.01 -30.01
CA LEU I 481 102.14 20.68 -29.64
C LEU I 481 102.32 20.64 -28.13
N PRO I 482 103.56 20.65 -27.66
CA PRO I 482 103.79 20.71 -26.21
C PRO I 482 103.31 22.03 -25.64
N GLY I 483 102.99 22.01 -24.35
CA GLY I 483 102.48 23.16 -23.67
C GLY I 483 103.40 24.36 -23.74
N PRO I 484 102.93 25.49 -23.24
CA PRO I 484 103.69 26.74 -23.38
C PRO I 484 104.96 26.73 -22.54
N CYS I 485 105.88 27.59 -22.95
CA CYS I 485 107.21 27.65 -22.35
C CYS I 485 107.54 29.07 -21.93
N TYR I 486 108.17 29.20 -20.76
CA TYR I 486 108.72 30.46 -20.27
C TYR I 486 110.07 30.12 -19.66
N ARG I 487 111.12 30.13 -20.48
CA ARG I 487 112.35 29.43 -20.15
C ARG I 487 112.99 29.95 -18.88
N GLN I 488 113.44 29.02 -18.04
CA GLN I 488 114.13 29.32 -16.80
C GLN I 488 115.59 28.94 -16.92
N GLN I 489 116.43 29.62 -16.14
CA GLN I 489 117.84 29.26 -16.09
C GLN I 489 118.03 27.93 -15.39
N ARG I 490 118.98 27.14 -15.89
CA ARG I 490 119.25 25.82 -15.33
C ARG I 490 120.28 25.93 -14.23
N VAL I 491 120.00 25.30 -13.10
CA VAL I 491 120.90 25.25 -11.97
C VAL I 491 121.15 23.78 -11.64
N SER I 492 122.41 23.44 -11.41
CA SER I 492 122.80 22.09 -11.04
C SER I 492 122.93 21.98 -9.54
N THR I 493 122.36 20.91 -8.97
CA THR I 493 122.58 20.63 -7.56
C THR I 493 124.03 20.27 -7.27
N THR I 494 124.77 19.82 -8.29
CA THR I 494 126.22 19.71 -8.20
C THR I 494 126.80 21.10 -8.45
N THR I 495 127.15 21.79 -7.38
CA THR I 495 127.46 23.21 -7.47
C THR I 495 128.66 23.48 -8.37
N GLY I 496 129.60 22.54 -8.45
CA GLY I 496 130.75 22.73 -9.32
C GLY I 496 130.40 22.88 -10.77
N GLN I 497 129.24 22.39 -11.19
CA GLN I 497 128.78 22.54 -12.57
C GLN I 497 128.11 23.88 -12.82
N ASN I 498 127.88 24.68 -11.80
CA ASN I 498 127.24 25.97 -11.96
C ASN I 498 128.28 27.06 -12.22
N ASN I 499 127.81 28.13 -12.86
CA ASN I 499 128.67 29.30 -13.06
C ASN I 499 129.05 29.90 -11.72
N ASN I 500 130.31 30.31 -11.60
CA ASN I 500 130.81 30.90 -10.37
C ASN I 500 130.41 32.38 -10.32
N SER I 501 129.12 32.59 -10.05
CA SER I 501 128.57 33.92 -9.91
C SER I 501 127.27 33.81 -9.13
N ASN I 502 126.81 34.94 -8.62
CA ASN I 502 125.55 35.01 -7.89
C ASN I 502 124.48 35.46 -8.89
N PHE I 503 123.81 34.48 -9.50
CA PHE I 503 122.86 34.75 -10.57
C PHE I 503 121.44 34.34 -10.23
N ALA I 504 121.14 34.08 -8.96
CA ALA I 504 119.79 33.66 -8.60
C ALA I 504 118.76 34.71 -8.98
N TRP I 505 119.09 35.98 -8.77
CA TRP I 505 118.20 37.08 -9.14
C TRP I 505 118.51 37.65 -10.52
N THR I 506 119.79 37.89 -10.81
CA THR I 506 120.15 38.52 -12.08
C THR I 506 119.76 37.64 -13.27
N ALA I 507 119.98 36.33 -13.16
CA ALA I 507 119.57 35.40 -14.19
C ALA I 507 118.20 34.80 -13.94
N GLY I 508 117.51 35.26 -12.89
CA GLY I 508 116.20 34.72 -12.60
C GLY I 508 115.20 35.03 -13.70
N THR I 509 114.27 34.10 -13.88
CA THR I 509 113.20 34.29 -14.85
C THR I 509 112.09 35.11 -14.21
N LYS I 510 111.80 36.27 -14.78
CA LYS I 510 111.00 37.27 -14.12
C LYS I 510 109.89 37.74 -15.03
N TYR I 511 108.85 38.31 -14.42
CA TYR I 511 107.88 39.11 -15.14
C TYR I 511 107.95 40.54 -14.65
N HIS I 512 107.50 41.46 -15.49
CA HIS I 512 107.58 42.88 -15.25
C HIS I 512 106.16 43.43 -15.09
N LEU I 513 105.89 44.09 -13.97
CA LEU I 513 104.57 44.61 -13.70
C LEU I 513 104.71 45.97 -13.03
N ASN I 514 104.23 47.01 -13.71
CA ASN I 514 104.24 48.38 -13.18
C ASN I 514 105.65 48.79 -12.74
N GLY I 515 106.62 48.54 -13.61
CA GLY I 515 108.00 48.89 -13.30
C GLY I 515 108.63 48.08 -12.20
N ARG I 516 107.98 47.01 -11.76
CA ARG I 516 108.49 46.15 -10.69
C ARG I 516 108.80 44.78 -11.27
N ASN I 517 109.97 44.26 -10.94
CA ASN I 517 110.36 42.94 -11.39
C ASN I 517 110.08 41.93 -10.29
N SER I 518 109.39 40.85 -10.65
CA SER I 518 109.09 39.76 -9.74
C SER I 518 109.47 38.47 -10.41
N LEU I 519 110.03 37.54 -9.65
CA LEU I 519 110.35 36.23 -10.18
C LEU I 519 109.08 35.53 -10.67
N ALA I 520 109.17 34.90 -11.84
CA ALA I 520 108.13 34.00 -12.31
C ALA I 520 108.32 32.68 -11.58
N ASN I 521 107.91 32.67 -10.31
CA ASN I 521 108.26 31.62 -9.37
C ASN I 521 106.99 31.01 -8.80
N PRO I 522 106.71 29.72 -9.06
CA PRO I 522 107.55 28.84 -9.86
C PRO I 522 107.27 28.95 -11.36
N GLY I 523 106.40 29.86 -11.74
CA GLY I 523 106.07 30.03 -13.13
C GLY I 523 105.15 28.94 -13.65
N ILE I 524 105.03 28.91 -14.98
CA ILE I 524 104.13 27.95 -15.61
C ILE I 524 104.67 26.54 -15.44
N ALA I 525 103.76 25.57 -15.49
CA ALA I 525 104.12 24.17 -15.28
C ALA I 525 104.97 23.70 -16.45
N MET I 526 106.25 23.47 -16.18
CA MET I 526 107.16 22.87 -17.14
C MET I 526 107.93 21.76 -16.47
N ALA I 527 108.37 20.80 -17.27
CA ALA I 527 109.17 19.70 -16.74
C ALA I 527 110.45 20.24 -16.12
N THR I 528 110.76 19.76 -14.91
CA THR I 528 111.93 20.27 -14.19
C THR I 528 113.22 19.99 -14.96
N HIS I 529 113.32 18.82 -15.57
CA HIS I 529 114.52 18.44 -16.29
C HIS I 529 114.12 17.36 -17.30
N LYS I 530 115.02 17.10 -18.24
CA LYS I 530 114.79 16.03 -19.20
C LYS I 530 115.37 14.73 -18.66
N ASP I 531 115.42 13.71 -19.50
CA ASP I 531 115.89 12.40 -19.08
C ASP I 531 117.33 12.46 -18.60
N ASP I 532 117.59 11.78 -17.47
CA ASP I 532 118.94 11.62 -16.92
C ASP I 532 119.57 12.94 -16.53
N GLU I 533 118.77 13.91 -16.13
CA GLU I 533 119.27 15.22 -15.70
C GLU I 533 118.60 15.65 -14.41
N GLU I 534 118.46 14.71 -13.47
CA GLU I 534 117.78 15.00 -12.21
C GLU I 534 118.50 16.06 -11.40
N ARG I 535 119.81 16.20 -11.59
CA ARG I 535 120.58 17.20 -10.85
C ARG I 535 120.25 18.62 -11.28
N PHE I 536 119.58 18.82 -12.39
CA PHE I 536 119.27 20.14 -12.90
C PHE I 536 117.86 20.54 -12.50
N PHE I 537 117.69 21.80 -12.14
CA PHE I 537 116.37 22.35 -11.86
C PHE I 537 116.31 23.78 -12.35
N PRO I 538 115.14 24.25 -12.75
CA PRO I 538 114.99 25.68 -13.07
C PRO I 538 115.23 26.52 -11.82
N SER I 539 115.89 27.67 -12.03
CA SER I 539 116.36 28.45 -10.88
C SER I 539 115.22 28.90 -9.98
N ASN I 540 114.11 29.33 -10.57
CA ASN I 540 112.90 29.66 -9.80
C ASN I 540 111.69 29.04 -10.45
N GLY I 541 111.79 27.77 -10.82
CA GLY I 541 110.72 27.11 -11.53
C GLY I 541 110.18 25.86 -10.87
N ILE I 542 110.52 25.65 -9.61
CA ILE I 542 110.04 24.51 -8.85
C ILE I 542 109.63 24.96 -7.46
N LEU I 543 108.74 24.19 -6.84
CA LEU I 543 108.44 24.37 -5.43
C LEU I 543 109.59 23.79 -4.60
N ILE I 544 110.08 24.57 -3.65
CA ILE I 544 111.15 24.14 -2.77
C ILE I 544 110.61 24.19 -1.36
N PHE I 545 110.51 23.03 -0.72
CA PHE I 545 110.10 22.94 0.66
C PHE I 545 111.32 22.80 1.56
N GLY I 546 111.23 23.36 2.76
CA GLY I 546 112.30 23.26 3.71
C GLY I 546 112.13 22.03 4.57
N LYS I 547 113.26 21.37 4.86
CA LYS I 547 113.23 20.32 5.85
C LYS I 547 112.99 20.91 7.23
N GLN I 548 112.69 20.05 8.19
CA GLN I 548 112.44 20.53 9.54
C GLN I 548 113.66 21.25 10.08
N ASN I 549 113.43 22.41 10.70
CA ASN I 549 114.48 23.25 11.26
C ASN I 549 115.41 23.83 10.20
N ALA I 550 114.93 23.95 8.97
CA ALA I 550 115.70 24.64 7.94
C ALA I 550 115.70 26.14 8.22
N ALA I 551 116.83 26.78 7.96
CA ALA I 551 116.95 28.21 8.20
C ALA I 551 116.02 29.00 7.28
N ARG I 552 115.50 30.11 7.80
CA ARG I 552 114.67 30.98 6.99
C ARG I 552 115.44 31.57 5.83
N ASP I 553 116.68 32.00 6.07
CA ASP I 553 117.51 32.62 5.04
C ASP I 553 118.75 31.79 4.79
N ASN I 554 119.09 31.61 3.51
CA ASN I 554 120.31 30.95 3.09
C ASN I 554 120.42 29.55 3.67
N ALA I 555 119.32 28.80 3.58
CA ALA I 555 119.38 27.38 3.92
C ALA I 555 120.18 26.64 2.86
N ASP I 556 121.00 25.70 3.31
CA ASP I 556 121.81 24.92 2.38
C ASP I 556 120.91 23.98 1.59
N TYR I 557 121.45 23.46 0.48
CA TYR I 557 120.69 22.53 -0.35
C TYR I 557 120.28 21.29 0.44
N SER I 558 121.09 20.88 1.42
CA SER I 558 120.76 19.73 2.23
C SER I 558 119.61 20.02 3.19
N ASP I 559 119.28 21.29 3.43
CA ASP I 559 118.20 21.66 4.33
C ASP I 559 116.87 21.88 3.61
N VAL I 560 116.84 21.77 2.29
CA VAL I 560 115.62 22.02 1.53
C VAL I 560 115.27 20.78 0.74
N MET I 561 114.02 20.74 0.29
CA MET I 561 113.48 19.60 -0.44
C MET I 561 113.02 20.12 -1.81
N LEU I 562 113.79 19.84 -2.85
CA LEU I 562 113.42 20.26 -4.19
C LEU I 562 112.34 19.33 -4.74
N THR I 563 111.27 19.90 -5.26
CA THR I 563 110.31 19.11 -6.00
C THR I 563 110.78 18.94 -7.44
N SER I 564 110.17 17.98 -8.13
CA SER I 564 110.49 17.73 -9.52
C SER I 564 109.21 17.49 -10.30
N GLU I 565 109.03 18.23 -11.39
CA GLU I 565 107.90 18.03 -12.29
C GLU I 565 108.31 17.23 -13.52
N GLU I 566 109.20 16.26 -13.35
CA GLU I 566 109.66 15.46 -14.49
C GLU I 566 108.55 14.60 -15.07
N GLU I 567 107.48 14.35 -14.32
CA GLU I 567 106.39 13.53 -14.83
C GLU I 567 105.71 14.17 -16.04
N ILE I 568 105.79 15.48 -16.18
CA ILE I 568 105.13 16.18 -17.28
C ILE I 568 106.08 16.41 -18.46
N LYS I 569 107.22 15.72 -18.47
CA LYS I 569 108.09 15.74 -19.66
C LYS I 569 107.34 15.31 -20.90
N THR I 570 106.35 14.42 -20.74
CA THR I 570 105.66 13.84 -21.87
C THR I 570 104.83 14.88 -22.62
N THR I 571 104.42 15.92 -21.96
CA THR I 571 103.55 16.91 -22.57
C THR I 571 104.08 18.33 -22.44
N ASN I 572 104.73 18.66 -21.32
CA ASN I 572 105.22 20.01 -21.13
C ASN I 572 106.69 20.10 -21.51
N PRO I 573 107.12 21.19 -22.11
CA PRO I 573 108.54 21.37 -22.39
C PRO I 573 109.35 21.48 -21.12
N VAL I 574 110.62 21.09 -21.21
CA VAL I 574 111.52 21.20 -20.07
C VAL I 574 111.73 22.66 -19.73
N ALA I 575 111.67 22.97 -18.43
CA ALA I 575 111.67 24.35 -17.98
C ALA I 575 112.94 25.09 -18.39
N THR I 576 114.05 24.38 -18.51
CA THR I 576 115.34 25.00 -18.78
C THR I 576 115.75 24.90 -20.24
N GLU I 577 114.87 24.40 -21.09
CA GLU I 577 115.16 24.24 -22.50
C GLU I 577 114.26 25.15 -23.31
N GLU I 578 114.67 25.40 -24.55
CA GLU I 578 113.84 26.17 -25.46
C GLU I 578 112.59 25.40 -25.86
N TYR I 579 111.54 26.13 -26.19
CA TYR I 579 110.32 25.48 -26.65
C TYR I 579 110.55 24.78 -27.98
N GLY I 580 111.26 25.43 -28.89
CA GLY I 580 111.46 24.88 -30.20
C GLY I 580 112.23 25.83 -31.08
N ILE I 581 112.12 25.61 -32.38
CA ILE I 581 112.88 26.36 -33.37
C ILE I 581 111.90 26.91 -34.40
N VAL I 582 112.05 28.19 -34.74
CA VAL I 582 111.26 28.81 -35.79
C VAL I 582 112.21 29.43 -36.81
N ALA I 583 111.70 29.64 -38.01
CA ALA I 583 112.46 30.34 -39.03
C ALA I 583 112.60 31.81 -38.67
N ASP I 584 113.78 32.35 -38.93
CA ASP I 584 114.07 33.75 -38.64
C ASP I 584 114.18 34.62 -39.87
N ASN I 585 114.13 34.04 -41.08
CA ASN I 585 114.28 34.80 -42.30
C ASN I 585 113.58 34.04 -43.43
N LEU I 586 113.76 34.54 -44.65
CA LEU I 586 113.29 33.87 -45.85
C LEU I 586 114.51 33.42 -46.64
N GLN I 587 114.73 32.11 -46.70
CA GLN I 587 115.88 31.59 -47.44
C GLN I 587 115.68 31.82 -48.93
N GLN I 588 116.77 32.17 -49.60
CA GLN I 588 116.82 32.27 -51.05
C GLN I 588 118.07 31.56 -51.52
N GLN I 589 118.28 31.55 -52.84
CA GLN I 589 119.49 30.92 -53.37
C GLN I 589 120.76 31.63 -52.90
N ASN I 590 120.65 32.87 -52.42
CA ASN I 590 121.80 33.60 -51.92
C ASN I 590 121.82 33.76 -50.41
N THR I 591 120.71 33.51 -49.72
CA THR I 591 120.64 33.64 -48.26
C THR I 591 120.29 32.29 -47.66
N ALA I 592 121.19 31.75 -46.85
CA ALA I 592 120.93 30.50 -46.17
C ALA I 592 119.83 30.68 -45.14
N PRO I 593 119.01 29.66 -44.92
CA PRO I 593 117.94 29.78 -43.92
C PRO I 593 118.52 29.97 -42.52
N GLN I 594 117.87 30.83 -41.75
CA GLN I 594 118.25 31.11 -40.38
C GLN I 594 117.14 30.66 -39.45
N ILE I 595 117.53 30.17 -38.28
CA ILE I 595 116.57 29.66 -37.32
C ILE I 595 116.64 30.49 -36.05
N GLY I 596 115.48 30.64 -35.42
CA GLY I 596 115.36 31.34 -34.16
C GLY I 596 114.99 30.36 -33.06
N THR I 597 115.61 30.52 -31.90
CA THR I 597 115.34 29.67 -30.75
C THR I 597 114.21 30.29 -29.94
N VAL I 598 113.13 29.56 -29.76
CA VAL I 598 111.96 30.04 -29.05
C VAL I 598 112.16 29.74 -27.56
N ASN I 599 112.50 30.77 -26.79
CA ASN I 599 112.69 30.64 -25.35
C ASN I 599 111.45 31.01 -24.56
N SER I 600 110.42 31.53 -25.22
CA SER I 600 109.16 31.86 -24.57
C SER I 600 108.07 31.67 -25.59
N GLN I 601 107.12 30.78 -25.31
CA GLN I 601 106.06 30.47 -26.24
C GLN I 601 104.73 30.54 -25.52
N GLY I 602 103.87 31.45 -25.94
CA GLY I 602 102.52 31.52 -25.46
C GLY I 602 101.65 30.46 -26.09
N ALA I 603 100.37 30.50 -25.73
CA ALA I 603 99.44 29.46 -26.17
C ALA I 603 99.34 29.42 -27.68
N LEU I 604 99.47 28.23 -28.25
CA LEU I 604 99.24 27.96 -29.65
C LEU I 604 98.12 26.95 -29.80
N PRO I 605 97.34 27.02 -30.87
CA PRO I 605 96.30 26.00 -31.08
C PRO I 605 96.92 24.62 -31.21
N GLY I 606 96.23 23.63 -30.68
CA GLY I 606 96.75 22.28 -30.65
C GLY I 606 97.72 22.01 -29.53
N MET I 607 98.00 22.99 -28.68
CA MET I 607 98.92 22.79 -27.58
C MET I 607 98.20 22.11 -26.42
N VAL I 608 98.88 21.16 -25.79
CA VAL I 608 98.36 20.48 -24.61
C VAL I 608 99.45 20.52 -23.55
N TRP I 609 99.03 20.53 -22.29
CA TRP I 609 99.99 20.59 -21.19
C TRP I 609 99.35 20.04 -19.93
N GLN I 610 100.21 19.73 -18.97
CA GLN I 610 99.80 19.33 -17.63
C GLN I 610 100.06 20.47 -16.66
N ASN I 611 99.26 20.54 -15.60
CA ASN I 611 99.50 21.49 -14.55
C ASN I 611 100.62 20.99 -13.64
N ARG I 612 101.10 21.88 -12.79
CA ARG I 612 102.06 21.49 -11.77
C ARG I 612 101.42 20.50 -10.81
N ASP I 613 102.24 19.56 -10.34
CA ASP I 613 101.76 18.59 -9.36
C ASP I 613 101.46 19.28 -8.03
N VAL I 614 100.55 18.69 -7.29
CA VAL I 614 100.31 19.09 -5.91
C VAL I 614 101.14 18.18 -5.01
N TYR I 615 101.41 18.68 -3.80
CA TYR I 615 102.26 17.96 -2.86
C TYR I 615 101.57 17.90 -1.51
N LEU I 616 101.95 16.90 -0.72
CA LEU I 616 101.40 16.77 0.62
C LEU I 616 101.68 18.04 1.43
N GLN I 617 102.85 18.63 1.26
CA GLN I 617 103.21 19.87 1.93
C GLN I 617 102.76 21.11 1.15
N GLY I 618 102.25 20.95 -0.05
CA GLY I 618 101.98 22.07 -0.92
C GLY I 618 100.61 22.67 -0.71
N PRO I 619 100.34 23.78 -1.39
CA PRO I 619 99.02 24.42 -1.29
C PRO I 619 97.93 23.61 -1.98
N ILE I 620 96.70 23.83 -1.53
CA ILE I 620 95.54 23.15 -2.10
C ILE I 620 94.84 24.01 -3.13
N TRP I 621 94.53 25.25 -2.79
CA TRP I 621 93.76 26.11 -3.66
C TRP I 621 94.35 27.50 -3.68
N ALA I 622 93.98 28.26 -4.70
CA ALA I 622 94.22 29.69 -4.76
C ALA I 622 92.98 30.37 -5.28
N LYS I 623 92.78 31.61 -4.87
CA LYS I 623 91.70 32.40 -5.42
C LYS I 623 92.09 32.90 -6.80
N ILE I 624 91.26 32.61 -7.79
CA ILE I 624 91.45 33.18 -9.12
C ILE I 624 91.18 34.66 -9.00
N PRO I 625 92.12 35.52 -9.39
CA PRO I 625 91.88 36.97 -9.29
C PRO I 625 90.68 37.37 -10.13
N HIS I 626 89.90 38.30 -9.59
CA HIS I 626 88.70 38.77 -10.28
C HIS I 626 89.15 39.72 -11.39
N THR I 627 89.28 39.20 -12.59
CA THR I 627 89.74 39.97 -13.73
C THR I 627 88.82 39.71 -14.91
N ASP I 628 88.94 40.57 -15.93
CA ASP I 628 88.18 40.37 -17.16
C ASP I 628 88.56 39.08 -17.85
N GLY I 629 89.85 38.79 -17.92
CA GLY I 629 90.31 37.62 -18.63
C GLY I 629 91.38 36.89 -17.84
N ASN I 630 91.36 35.58 -17.97
CA ASN I 630 92.44 34.73 -17.50
C ASN I 630 92.61 33.61 -18.51
N PHE I 631 93.81 33.03 -18.53
CA PHE I 631 94.08 31.89 -19.38
C PHE I 631 94.47 30.72 -18.49
N HIS I 632 93.69 29.64 -18.58
CA HIS I 632 93.90 28.42 -17.79
C HIS I 632 94.14 28.79 -16.33
N PRO I 633 93.12 29.24 -15.61
CA PRO I 633 93.35 29.78 -14.27
C PRO I 633 93.66 28.70 -13.24
N SER I 634 94.65 27.91 -13.51
CA SER I 634 95.18 26.97 -12.54
C SER I 634 96.34 27.61 -11.80
N PRO I 635 96.33 27.63 -10.47
CA PRO I 635 97.38 28.33 -9.73
C PRO I 635 98.75 27.78 -10.05
N LEU I 636 99.73 28.66 -10.17
CA LEU I 636 101.04 28.26 -10.67
C LEU I 636 101.82 27.44 -9.66
N MET I 637 101.68 27.72 -8.37
CA MET I 637 102.30 26.85 -7.38
C MET I 637 101.52 25.57 -7.15
N GLY I 638 100.54 25.29 -8.00
CA GLY I 638 99.81 24.04 -7.94
C GLY I 638 98.53 24.15 -7.15
N GLY I 639 97.58 23.28 -7.45
CA GLY I 639 96.34 23.20 -6.74
C GLY I 639 95.16 23.58 -7.60
N PHE I 640 94.08 23.94 -6.93
CA PHE I 640 92.80 24.21 -7.57
C PHE I 640 92.56 25.71 -7.60
N GLY I 641 92.32 26.23 -8.78
CA GLY I 641 91.95 27.63 -8.92
C GLY I 641 90.46 27.79 -8.70
N LEU I 642 90.08 28.61 -7.74
CA LEU I 642 88.68 28.80 -7.39
C LEU I 642 88.31 30.26 -7.52
N LYS I 643 87.21 30.54 -8.22
CA LYS I 643 86.66 31.89 -8.23
C LYS I 643 86.19 32.29 -6.84
N HIS I 644 85.58 31.35 -6.12
CA HIS I 644 85.09 31.57 -4.77
C HIS I 644 85.72 30.50 -3.87
N PRO I 645 86.94 30.73 -3.43
CA PRO I 645 87.65 29.74 -2.62
C PRO I 645 87.05 29.65 -1.23
N PRO I 646 87.51 28.74 -0.39
CA PRO I 646 87.11 28.75 1.01
C PRO I 646 87.36 30.12 1.62
N PRO I 647 86.36 30.70 2.26
CA PRO I 647 86.50 32.08 2.74
C PRO I 647 87.54 32.19 3.82
N GLN I 648 88.18 33.36 3.88
CA GLN I 648 89.09 33.65 4.98
C GLN I 648 88.31 33.67 6.28
N ILE I 649 88.86 33.02 7.29
CA ILE I 649 88.27 32.97 8.62
C ILE I 649 89.12 33.86 9.51
N LEU I 650 88.59 35.00 9.89
CA LEU I 650 89.32 35.99 10.67
C LEU I 650 88.94 35.85 12.13
N ILE I 651 89.93 35.87 13.00
CA ILE I 651 89.72 35.69 14.43
C ILE I 651 90.53 36.74 15.17
N LYS I 652 89.95 37.27 16.24
CA LYS I 652 90.61 38.30 17.03
C LYS I 652 90.16 38.19 18.48
N ASN I 653 91.09 38.41 19.40
CA ASN I 653 90.72 38.60 20.78
C ASN I 653 90.06 39.97 20.93
N THR I 654 88.86 39.99 21.47
CA THR I 654 88.19 41.27 21.72
C THR I 654 88.98 42.05 22.75
N PRO I 655 89.34 43.30 22.47
CA PRO I 655 90.11 44.08 23.44
C PRO I 655 89.33 44.25 24.73
N VAL I 656 90.01 44.04 25.85
CA VAL I 656 89.44 44.24 27.17
C VAL I 656 90.23 45.39 27.82
N PRO I 657 89.64 46.57 27.93
CA PRO I 657 90.38 47.70 28.50
C PRO I 657 90.79 47.43 29.95
N ALA I 658 91.95 47.93 30.31
CA ALA I 658 92.29 48.05 31.72
C ALA I 658 91.43 49.13 32.35
N ASP I 659 91.65 49.41 33.62
CA ASP I 659 90.80 50.36 34.31
C ASP I 659 90.95 51.74 33.69
N PRO I 660 89.87 52.33 33.18
CA PRO I 660 89.96 53.68 32.63
C PRO I 660 90.11 54.70 33.73
N PRO I 661 90.53 55.92 33.41
CA PRO I 661 90.58 56.97 34.44
C PRO I 661 89.19 57.30 34.94
N THR I 662 89.13 57.86 36.14
CA THR I 662 87.86 58.21 36.74
C THR I 662 87.33 59.56 36.26
N THR I 663 88.09 60.28 35.46
CA THR I 663 87.64 61.49 34.80
C THR I 663 87.65 61.24 33.30
N PHE I 664 86.62 61.74 32.61
CA PHE I 664 86.45 61.41 31.22
C PHE I 664 87.60 61.92 30.36
N ASN I 665 88.07 61.06 29.47
CA ASN I 665 89.06 61.42 28.47
C ASN I 665 88.55 60.94 27.11
N GLN I 666 88.52 61.85 26.14
CA GLN I 666 88.00 61.50 24.82
C GLN I 666 88.95 60.60 24.04
N SER I 667 90.22 60.55 24.43
CA SER I 667 91.20 59.78 23.68
C SER I 667 90.86 58.29 23.72
N LYS I 668 91.16 57.62 22.62
CA LYS I 668 90.94 56.17 22.57
C LYS I 668 91.78 55.48 23.64
N LEU I 669 91.21 54.44 24.23
CA LEU I 669 91.92 53.72 25.28
C LEU I 669 93.07 52.93 24.68
N ASN I 670 94.25 53.04 25.30
CA ASN I 670 95.41 52.28 24.88
C ASN I 670 95.91 51.34 25.96
N SER I 671 95.28 51.33 27.13
CA SER I 671 95.65 50.44 28.22
C SER I 671 94.69 49.27 28.19
N PHE I 672 95.21 48.09 27.85
CA PHE I 672 94.38 46.91 27.71
C PHE I 672 94.92 45.79 28.59
N ILE I 673 94.01 44.94 29.03
CA ILE I 673 94.39 43.74 29.75
C ILE I 673 95.10 42.80 28.79
N THR I 674 96.29 42.35 29.18
CA THR I 674 97.06 41.44 28.32
C THR I 674 96.33 40.11 28.25
N GLN I 675 96.13 39.62 27.03
CA GLN I 675 95.15 38.57 26.84
C GLN I 675 95.53 37.74 25.61
N TYR I 676 95.25 36.45 25.68
CA TYR I 676 95.37 35.57 24.53
C TYR I 676 94.29 34.51 24.64
N SER I 677 93.97 33.91 23.50
CA SER I 677 92.96 32.86 23.48
C SER I 677 93.56 31.59 22.90
N THR I 678 93.01 30.47 23.33
CA THR I 678 93.35 29.17 22.78
C THR I 678 92.07 28.39 22.60
N GLY I 679 92.12 27.42 21.70
CA GLY I 679 90.96 26.60 21.45
C GLY I 679 91.30 25.51 20.48
N GLN I 680 90.27 24.82 20.02
CA GLN I 680 90.42 23.78 19.02
C GLN I 680 89.75 24.22 17.74
N VAL I 681 90.35 23.85 16.61
CA VAL I 681 89.81 24.13 15.30
C VAL I 681 89.66 22.81 14.57
N SER I 682 88.50 22.57 13.99
CA SER I 682 88.25 21.39 13.19
C SER I 682 87.91 21.82 11.78
N VAL I 683 88.58 21.20 10.81
CA VAL I 683 88.24 21.39 9.41
C VAL I 683 88.02 20.02 8.79
N GLU I 684 86.87 19.85 8.16
CA GLU I 684 86.51 18.61 7.49
C GLU I 684 86.34 18.92 6.01
N ILE I 685 87.09 18.23 5.17
CA ILE I 685 86.98 18.39 3.73
C ILE I 685 86.58 17.06 3.12
N GLU I 686 85.55 17.07 2.30
CA GLU I 686 85.18 15.92 1.49
C GLU I 686 85.81 16.06 0.13
N TRP I 687 86.56 15.05 -0.28
CA TRP I 687 87.22 15.02 -1.58
C TRP I 687 86.57 13.97 -2.45
N GLU I 688 86.34 14.32 -3.71
CA GLU I 688 85.89 13.36 -4.69
C GLU I 688 87.11 12.74 -5.37
N LEU I 689 87.06 11.43 -5.60
CA LEU I 689 88.17 10.70 -6.17
C LEU I 689 87.84 10.28 -7.60
N GLN I 690 88.85 10.31 -8.46
CA GLN I 690 88.78 9.72 -9.78
C GLN I 690 89.54 8.40 -9.72
N LYS I 691 88.80 7.29 -9.69
CA LYS I 691 89.43 5.98 -9.65
C LYS I 691 90.13 5.69 -10.96
N GLU I 692 91.30 5.06 -10.86
CA GLU I 692 92.03 4.66 -12.06
C GLU I 692 91.35 3.45 -12.69
N ASN I 693 91.08 3.55 -13.99
CA ASN I 693 90.51 2.45 -14.76
C ASN I 693 91.49 2.14 -15.88
N SER I 694 92.49 1.33 -15.56
CA SER I 694 93.65 1.13 -16.42
C SER I 694 93.78 -0.33 -16.81
N LYS I 695 94.12 -0.56 -18.07
CA LYS I 695 94.38 -1.90 -18.58
C LYS I 695 95.87 -2.19 -18.69
N ARG I 696 96.70 -1.37 -18.07
CA ARG I 696 98.12 -1.62 -18.01
C ARG I 696 98.40 -2.99 -17.40
N TRP I 697 99.28 -3.75 -18.04
CA TRP I 697 99.56 -5.11 -17.58
C TRP I 697 100.61 -5.12 -16.48
N ASN I 698 101.72 -4.43 -16.70
CA ASN I 698 102.82 -4.45 -15.75
C ASN I 698 102.48 -3.59 -14.53
N PRO I 699 103.12 -3.85 -13.39
CA PRO I 699 102.82 -3.07 -12.18
C PRO I 699 103.17 -1.60 -12.35
N GLU I 700 102.40 -0.76 -11.68
CA GLU I 700 102.61 0.68 -11.71
C GLU I 700 103.69 1.08 -10.71
N ILE I 701 104.17 2.30 -10.86
CA ILE I 701 105.01 2.92 -9.83
C ILE I 701 104.11 3.39 -8.71
N GLN I 702 104.49 3.06 -7.48
CA GLN I 702 103.72 3.44 -6.30
C GLN I 702 104.64 4.17 -5.34
N TYR I 703 104.08 5.11 -4.60
CA TYR I 703 104.83 5.67 -3.49
C TYR I 703 104.90 4.65 -2.38
N THR I 704 106.11 4.39 -1.89
CA THR I 704 106.31 3.41 -0.84
C THR I 704 107.34 3.95 0.14
N SER I 705 107.19 3.57 1.40
CA SER I 705 108.24 3.82 2.36
C SER I 705 109.41 2.89 2.09
N ASN I 706 110.60 3.33 2.47
CA ASN I 706 111.78 2.51 2.31
C ASN I 706 111.73 1.32 3.27
N TYR I 707 112.04 0.14 2.77
CA TYR I 707 112.00 -1.06 3.59
C TYR I 707 113.19 -1.15 4.54
N TYR I 708 114.32 -0.57 4.15
CA TYR I 708 115.55 -0.73 4.91
C TYR I 708 115.48 0.01 6.25
N LYS I 709 116.26 -0.47 7.21
CA LYS I 709 116.23 0.08 8.56
C LYS I 709 116.75 1.52 8.58
N SER I 710 116.31 2.27 9.58
CA SER I 710 116.73 3.65 9.73
C SER I 710 116.63 4.05 11.19
N THR I 711 117.30 5.14 11.54
CA THR I 711 117.30 5.63 12.91
C THR I 711 115.89 6.02 13.36
N SER I 712 115.12 6.60 12.46
CA SER I 712 113.77 7.06 12.78
C SER I 712 112.83 6.66 11.66
N VAL I 713 111.55 6.58 12.00
CA VAL I 713 110.51 6.33 11.02
C VAL I 713 110.24 7.60 10.24
N ASP I 714 110.19 7.48 8.92
CA ASP I 714 109.85 8.63 8.09
C ASP I 714 108.40 9.06 8.36
N PHE I 715 108.18 10.37 8.38
CA PHE I 715 106.89 10.95 8.72
C PHE I 715 106.43 10.52 10.11
N ALA I 716 107.36 10.62 11.06
CA ALA I 716 107.07 10.35 12.46
C ALA I 716 107.84 11.37 13.29
N VAL I 717 107.77 11.22 14.58
CA VAL I 717 108.50 12.09 15.49
C VAL I 717 109.85 11.47 15.78
N ASN I 718 110.82 12.32 16.12
CA ASN I 718 112.12 11.84 16.54
C ASN I 718 112.12 11.67 18.07
N THR I 719 113.30 11.49 18.65
CA THR I 719 113.39 11.30 20.10
C THR I 719 113.02 12.55 20.88
N GLU I 720 113.02 13.71 20.24
CA GLU I 720 112.68 14.97 20.89
C GLU I 720 111.24 15.38 20.69
N GLY I 721 110.45 14.55 20.02
CA GLY I 721 109.06 14.89 19.77
C GLY I 721 108.81 15.75 18.57
N VAL I 722 109.81 15.99 17.74
CA VAL I 722 109.67 16.84 16.57
C VAL I 722 109.17 16.00 15.40
N TYR I 723 108.00 16.35 14.89
CA TYR I 723 107.50 15.73 13.67
C TYR I 723 108.18 16.36 12.47
N SER I 724 108.62 15.52 11.53
CA SER I 724 109.29 16.00 10.34
C SER I 724 108.73 15.28 9.12
N GLU I 725 108.70 16.01 8.00
CA GLU I 725 108.37 15.41 6.71
C GLU I 725 109.66 15.28 5.93
N PRO I 726 110.17 14.06 5.72
CA PRO I 726 111.53 13.94 5.16
C PRO I 726 111.62 14.28 3.69
N ARG I 727 110.53 14.17 2.93
CA ARG I 727 110.58 14.42 1.50
C ARG I 727 109.25 15.02 1.07
N PRO I 728 109.23 15.74 -0.05
CA PRO I 728 107.96 16.18 -0.61
C PRO I 728 107.34 15.05 -1.42
N ILE I 729 106.16 14.59 -1.00
CA ILE I 729 105.46 13.54 -1.72
C ILE I 729 104.59 14.18 -2.78
N GLY I 730 104.91 13.92 -4.03
CA GLY I 730 104.08 14.39 -5.11
C GLY I 730 102.78 13.61 -5.19
N THR I 731 102.15 13.65 -6.34
CA THR I 731 100.84 13.03 -6.49
C THR I 731 100.78 12.11 -7.69
N ARG I 732 101.76 12.17 -8.59
CA ARG I 732 101.69 11.49 -9.88
C ARG I 732 102.53 10.22 -9.83
N TYR I 733 101.88 9.11 -9.54
CA TYR I 733 102.51 7.80 -9.54
C TYR I 733 101.84 6.82 -10.49
N LEU I 734 100.52 6.83 -10.56
CA LEU I 734 99.82 6.05 -11.55
C LEU I 734 100.03 6.65 -12.94
N THR I 735 99.70 5.88 -13.97
CA THR I 735 99.94 6.30 -15.34
C THR I 735 98.66 6.25 -16.15
N ARG I 736 98.59 7.13 -17.15
CA ARG I 736 97.54 7.13 -18.15
C ARG I 736 98.18 7.25 -19.53
N ASN I 737 97.50 6.74 -20.53
CA ASN I 737 97.85 7.06 -21.90
C ASN I 737 97.48 8.52 -22.19
N LEU I 738 98.13 9.08 -23.21
CA LEU I 738 97.80 10.43 -23.60
C LEU I 738 96.49 10.44 -24.40
N GLY J 221 46.30 55.59 -48.92
CA GLY J 221 46.66 56.93 -48.46
C GLY J 221 47.86 57.53 -49.17
N VAL J 222 47.87 58.86 -49.26
CA VAL J 222 48.99 59.56 -49.91
C VAL J 222 50.28 59.32 -49.15
N GLY J 223 50.23 59.40 -47.83
CA GLY J 223 51.40 59.32 -46.99
C GLY J 223 51.76 57.96 -46.45
N SER J 224 51.15 56.89 -46.96
CA SER J 224 51.45 55.54 -46.51
C SER J 224 51.91 54.69 -47.68
N SER J 225 52.94 53.89 -47.44
CA SER J 225 53.45 52.99 -48.45
C SER J 225 52.43 51.88 -48.74
N SER J 226 52.28 51.54 -50.02
CA SER J 226 51.36 50.49 -50.43
C SER J 226 52.04 49.14 -50.60
N GLY J 227 53.32 49.04 -50.30
CA GLY J 227 54.01 47.78 -50.38
C GLY J 227 55.46 47.95 -50.00
N ASN J 228 56.10 46.82 -49.71
CA ASN J 228 57.48 46.79 -49.27
C ASN J 228 58.38 46.24 -50.36
N TRP J 229 59.67 46.51 -50.24
CA TRP J 229 60.65 45.98 -51.15
C TRP J 229 60.91 44.51 -50.82
N HIS J 230 60.71 43.64 -51.80
CA HIS J 230 60.86 42.19 -51.62
C HIS J 230 61.77 41.66 -52.72
N CYS J 231 63.07 41.70 -52.48
CA CYS J 231 64.05 41.00 -53.31
C CYS J 231 64.68 39.93 -52.46
N ASP J 232 64.55 38.67 -52.87
CA ASP J 232 64.99 37.56 -52.06
C ASP J 232 64.88 36.28 -52.88
N SER J 233 65.56 35.25 -52.39
CA SER J 233 65.38 33.89 -52.92
C SER J 233 65.46 32.95 -51.74
N THR J 234 64.41 32.16 -51.56
CA THR J 234 64.36 31.19 -50.47
C THR J 234 64.38 29.80 -51.07
N TRP J 235 65.40 29.02 -50.70
CA TRP J 235 65.52 27.64 -51.14
C TRP J 235 65.01 26.75 -50.02
N LEU J 236 63.97 25.97 -50.31
CA LEU J 236 63.33 25.14 -49.29
C LEU J 236 62.97 23.81 -49.95
N GLY J 237 63.75 22.78 -49.67
CA GLY J 237 63.47 21.47 -50.23
C GLY J 237 63.61 21.46 -51.74
N ASP J 238 62.57 21.01 -52.42
CA ASP J 238 62.54 20.94 -53.88
C ASP J 238 61.98 22.21 -54.51
N ARG J 239 61.84 23.28 -53.75
CA ARG J 239 61.35 24.55 -54.26
C ARG J 239 62.38 25.63 -54.05
N VAL J 240 62.41 26.58 -54.97
CA VAL J 240 63.08 27.86 -54.75
C VAL J 240 62.09 28.94 -55.11
N ILE J 241 61.92 29.91 -54.21
CA ILE J 241 61.01 31.03 -54.42
C ILE J 241 61.86 32.26 -54.64
N THR J 242 61.90 32.73 -55.87
CA THR J 242 62.57 33.98 -56.19
C THR J 242 61.55 35.10 -56.13
N THR J 243 61.90 36.18 -55.45
CA THR J 243 61.11 37.39 -55.47
C THR J 243 62.03 38.55 -55.81
N SER J 244 61.58 39.41 -56.71
CA SER J 244 62.39 40.52 -57.16
C SER J 244 61.53 41.77 -57.22
N THR J 245 62.07 42.87 -56.71
CA THR J 245 61.42 44.16 -56.75
C THR J 245 62.28 45.11 -57.57
N ARG J 246 61.64 45.91 -58.40
CA ARG J 246 62.33 46.91 -59.19
C ARG J 246 61.54 48.21 -59.15
N THR J 247 62.24 49.31 -59.34
CA THR J 247 61.61 50.61 -59.54
C THR J 247 61.45 50.84 -61.04
N TRP J 248 60.23 51.17 -61.45
CA TRP J 248 59.94 51.41 -62.85
C TRP J 248 59.53 52.86 -63.06
N ALA J 249 59.63 53.31 -64.30
CA ALA J 249 59.12 54.60 -64.70
C ALA J 249 58.32 54.41 -65.98
N LEU J 250 57.07 54.87 -65.98
CA LEU J 250 56.21 54.74 -67.14
C LEU J 250 55.93 56.10 -67.73
N PRO J 251 56.42 56.40 -68.93
CA PRO J 251 56.06 57.66 -69.57
C PRO J 251 54.68 57.57 -70.19
N THR J 252 54.22 58.70 -70.71
CA THR J 252 53.08 58.69 -71.60
C THR J 252 53.55 58.31 -72.98
N TYR J 253 53.00 57.23 -73.52
CA TYR J 253 53.38 56.73 -74.83
C TYR J 253 52.38 57.24 -75.87
N ASN J 254 52.90 57.59 -77.04
CA ASN J 254 52.09 57.91 -78.22
C ASN J 254 51.21 59.13 -78.02
N ASN J 255 51.46 59.93 -76.98
CA ASN J 255 50.56 61.03 -76.62
C ASN J 255 49.14 60.54 -76.41
N HIS J 256 49.02 59.40 -75.73
CA HIS J 256 47.75 58.76 -75.38
C HIS J 256 47.00 58.24 -76.60
N LEU J 257 47.65 58.10 -77.75
CA LEU J 257 46.98 57.72 -78.98
C LEU J 257 47.32 56.29 -79.38
N TYR J 258 46.37 55.67 -80.08
CA TYR J 258 46.66 54.46 -80.84
C TYR J 258 47.04 54.87 -82.25
N LYS J 259 48.20 54.43 -82.70
CA LYS J 259 48.68 54.79 -84.03
C LYS J 259 48.84 53.52 -84.85
N GLN J 260 48.29 53.53 -86.05
CA GLN J 260 48.59 52.50 -87.01
C GLN J 260 50.04 52.64 -87.46
N ILE J 261 50.78 51.54 -87.45
CA ILE J 261 52.17 51.53 -87.87
C ILE J 261 52.32 50.49 -88.96
N SER J 262 53.15 50.79 -89.95
CA SER J 262 53.31 49.93 -91.10
C SER J 262 54.72 50.04 -91.64
N ASN J 263 55.08 49.08 -92.49
CA ASN J 263 56.33 49.11 -93.22
C ASN J 263 56.09 48.37 -94.52
N GLY J 264 56.35 49.04 -95.65
CA GLY J 264 56.14 48.47 -96.95
C GLY J 264 57.43 48.38 -97.74
N THR J 265 57.29 47.93 -98.98
CA THR J 265 58.43 47.78 -99.87
C THR J 265 58.73 49.09 -100.59
N ALA J 269 62.44 49.07 -97.68
CA ALA J 269 62.34 47.81 -96.96
C ALA J 269 61.99 46.67 -97.90
N THR J 270 62.46 45.47 -97.56
CA THR J 270 62.15 44.30 -98.35
C THR J 270 60.81 43.72 -97.93
N ASN J 271 60.28 42.84 -98.78
CA ASN J 271 59.01 42.20 -98.46
C ASN J 271 59.12 41.35 -97.20
N ASP J 272 60.31 40.82 -96.91
CA ASP J 272 60.50 39.99 -95.73
C ASP J 272 60.29 40.77 -94.44
N ASN J 273 60.40 42.11 -94.48
CA ASN J 273 60.33 42.94 -93.29
C ASN J 273 59.07 43.80 -93.25
N THR J 274 58.09 43.55 -94.11
CA THR J 274 56.88 44.34 -94.09
C THR J 274 56.02 43.96 -92.88
N TYR J 275 55.26 44.94 -92.39
CA TYR J 275 54.34 44.66 -91.30
C TYR J 275 53.23 45.69 -91.31
N PHE J 276 52.12 45.32 -90.67
CA PHE J 276 51.05 46.23 -90.34
C PHE J 276 50.67 45.96 -88.90
N GLY J 277 50.53 47.00 -88.12
CA GLY J 277 50.20 46.81 -86.73
C GLY J 277 49.76 48.11 -86.09
N TYR J 278 49.74 48.10 -84.77
CA TYR J 278 49.29 49.26 -84.02
C TYR J 278 50.23 49.53 -82.87
N SER J 279 50.59 50.79 -82.71
CA SER J 279 51.27 51.26 -81.52
C SER J 279 50.21 51.75 -80.54
N THR J 280 50.31 51.30 -79.30
CA THR J 280 49.33 51.67 -78.30
C THR J 280 49.94 52.62 -77.27
N PRO J 281 49.13 53.41 -76.58
CA PRO J 281 49.64 54.24 -75.50
C PRO J 281 49.96 53.48 -74.22
N TRP J 282 49.87 52.16 -74.25
CA TRP J 282 50.05 51.34 -73.06
C TRP J 282 51.48 50.85 -72.95
N GLY J 283 51.98 50.80 -71.73
CA GLY J 283 53.16 50.03 -71.43
C GLY J 283 52.79 48.64 -70.98
N TYR J 284 53.81 47.80 -70.82
CA TYR J 284 53.57 46.47 -70.31
C TYR J 284 54.76 46.02 -69.50
N PHE J 285 54.50 45.16 -68.52
CA PHE J 285 55.53 44.64 -67.64
C PHE J 285 56.04 43.32 -68.17
N ASP J 286 57.36 43.22 -68.32
CA ASP J 286 58.01 42.01 -68.80
C ASP J 286 58.98 41.53 -67.74
N PHE J 287 58.87 40.27 -67.35
CA PHE J 287 59.83 39.62 -66.50
C PHE J 287 60.15 38.25 -67.05
N ASN J 288 60.23 38.15 -68.37
CA ASN J 288 60.42 36.90 -69.08
C ASN J 288 61.89 36.62 -69.35
N ARG J 289 62.78 37.03 -68.46
CA ARG J 289 64.17 36.65 -68.50
C ARG J 289 64.56 36.11 -67.13
N PHE J 290 65.44 35.11 -67.13
CA PHE J 290 65.77 34.45 -65.87
C PHE J 290 66.49 35.37 -64.90
N HIS J 291 67.29 36.31 -65.40
CA HIS J 291 68.01 37.21 -64.50
C HIS J 291 67.10 38.24 -63.86
N CYS J 292 65.84 38.35 -64.31
CA CYS J 292 64.87 39.16 -63.58
C CYS J 292 64.53 38.55 -62.24
N HIS J 293 64.81 37.27 -62.04
CA HIS J 293 64.41 36.54 -60.85
C HIS J 293 65.58 35.89 -60.13
N PHE J 294 66.57 35.39 -60.85
CA PHE J 294 67.72 34.73 -60.26
C PHE J 294 68.91 35.66 -60.26
N SER J 295 69.49 35.87 -59.09
CA SER J 295 70.81 36.46 -59.03
C SER J 295 71.82 35.47 -59.61
N PRO J 296 72.97 35.96 -60.06
CA PRO J 296 73.98 35.03 -60.61
C PRO J 296 74.35 33.94 -59.62
N ARG J 297 74.46 34.26 -58.33
CA ARG J 297 74.73 33.25 -57.32
C ARG J 297 73.57 32.27 -57.20
N ASP J 298 72.34 32.77 -57.25
CA ASP J 298 71.18 31.88 -57.22
C ASP J 298 71.15 30.99 -58.45
N TRP J 299 71.49 31.55 -59.62
CA TRP J 299 71.59 30.75 -60.82
C TRP J 299 72.63 29.66 -60.68
N GLN J 300 73.77 29.99 -60.07
CA GLN J 300 74.79 28.99 -59.82
C GLN J 300 74.28 27.89 -58.90
N ARG J 301 73.59 28.27 -57.83
CA ARG J 301 72.99 27.30 -56.92
C ARG J 301 72.04 26.38 -57.67
N LEU J 302 71.24 26.96 -58.57
CA LEU J 302 70.26 26.17 -59.32
C LEU J 302 70.95 25.19 -60.27
N ILE J 303 71.90 25.68 -61.07
CA ILE J 303 72.45 24.87 -62.15
C ILE J 303 73.51 23.89 -61.68
N ASN J 304 74.16 24.14 -60.55
CA ASN J 304 75.19 23.23 -60.09
C ASN J 304 74.64 22.06 -59.27
N ASN J 305 73.36 22.09 -58.92
CA ASN J 305 72.82 21.14 -57.96
C ASN J 305 71.52 20.48 -58.38
N ASN J 306 70.94 20.87 -59.50
CA ASN J 306 69.63 20.37 -59.89
C ASN J 306 69.68 19.85 -61.33
N TRP J 307 69.00 18.74 -61.54
CA TRP J 307 68.86 18.19 -62.89
C TRP J 307 67.79 18.89 -63.69
N GLY J 308 66.90 19.62 -63.03
CA GLY J 308 65.84 20.30 -63.74
C GLY J 308 65.11 21.25 -62.84
N PHE J 309 64.33 22.12 -63.47
CA PHE J 309 63.52 23.08 -62.75
C PHE J 309 62.38 23.50 -63.66
N ARG J 310 61.34 24.06 -63.05
CA ARG J 310 60.20 24.56 -63.80
C ARG J 310 59.45 25.55 -62.94
N PRO J 311 58.86 26.58 -63.52
CA PRO J 311 58.04 27.49 -62.72
C PRO J 311 56.75 26.82 -62.28
N LYS J 312 56.30 27.19 -61.10
CA LYS J 312 55.07 26.65 -60.53
C LYS J 312 53.97 27.69 -60.41
N ARG J 313 54.27 28.83 -59.79
CA ARG J 313 53.30 29.88 -59.60
C ARG J 313 54.04 31.20 -59.56
N LEU J 314 53.31 32.28 -59.82
CA LEU J 314 53.88 33.61 -59.68
C LEU J 314 52.87 34.52 -59.01
N SER J 315 53.39 35.49 -58.28
CA SER J 315 52.61 36.60 -57.78
C SER J 315 53.28 37.89 -58.22
N PHE J 316 52.46 38.85 -58.62
CA PHE J 316 52.92 40.10 -59.18
C PHE J 316 52.30 41.24 -58.39
N LYS J 317 53.08 42.28 -58.12
CA LYS J 317 52.59 43.40 -57.35
C LYS J 317 53.07 44.71 -57.95
N LEU J 318 52.16 45.68 -58.03
CA LEU J 318 52.47 47.07 -58.33
C LEU J 318 52.08 47.90 -57.13
N PHE J 319 52.99 48.76 -56.68
CA PHE J 319 52.77 49.49 -55.44
C PHE J 319 53.66 50.72 -55.41
N ASN J 320 53.41 51.57 -54.43
CA ASN J 320 54.13 52.83 -54.26
C ASN J 320 54.12 53.64 -55.55
N ILE J 321 52.94 53.72 -56.13
CA ILE J 321 52.76 54.43 -57.39
C ILE J 321 52.82 55.92 -57.15
N GLN J 322 53.62 56.61 -57.96
CA GLN J 322 53.71 58.07 -57.93
C GLN J 322 53.49 58.57 -59.35
N VAL J 323 52.44 59.35 -59.54
CA VAL J 323 52.18 59.99 -60.82
C VAL J 323 52.66 61.43 -60.72
N LYS J 324 53.52 61.83 -61.63
CA LYS J 324 54.19 63.11 -61.55
C LYS J 324 53.86 63.96 -62.76
N GLU J 325 53.63 65.24 -62.52
CA GLU J 325 53.34 66.21 -63.55
C GLU J 325 54.60 67.02 -63.82
N VAL J 326 54.94 67.17 -65.09
CA VAL J 326 56.10 67.95 -65.51
C VAL J 326 55.62 69.11 -66.36
N THR J 327 56.05 70.32 -66.01
CA THR J 327 55.64 71.52 -66.72
C THR J 327 56.81 72.18 -67.43
N LYS J 333 61.97 73.52 -66.37
CA LYS J 333 61.20 72.30 -66.14
C LYS J 333 61.07 72.00 -64.65
N THR J 334 59.84 71.85 -64.19
CA THR J 334 59.57 71.47 -62.81
C THR J 334 58.72 70.20 -62.81
N ILE J 335 59.04 69.29 -61.91
CA ILE J 335 58.29 68.05 -61.74
C ILE J 335 57.59 68.10 -60.40
N ALA J 336 56.29 67.87 -60.41
CA ALA J 336 55.48 67.91 -59.20
C ALA J 336 54.61 66.67 -59.13
N ASN J 337 54.26 66.30 -57.91
CA ASN J 337 53.32 65.20 -57.71
C ASN J 337 51.93 65.59 -58.18
N ASN J 338 51.27 64.66 -58.87
CA ASN J 338 49.84 64.83 -59.26
C ASN J 338 49.12 63.79 -58.41
N LEU J 339 48.72 64.14 -57.19
CA LEU J 339 48.20 63.18 -56.22
C LEU J 339 46.91 62.53 -56.69
N THR J 340 46.13 63.23 -57.50
CA THR J 340 44.83 62.73 -57.94
C THR J 340 44.88 62.03 -59.29
N SER J 341 46.04 61.92 -59.90
CA SER J 341 46.17 61.23 -61.17
C SER J 341 46.21 59.72 -60.96
N THR J 342 45.79 58.99 -61.98
CA THR J 342 45.73 57.54 -61.91
C THR J 342 46.59 56.90 -62.98
N ILE J 343 46.95 55.65 -62.73
CA ILE J 343 47.44 54.75 -63.75
C ILE J 343 46.40 53.65 -63.92
N GLN J 344 46.35 53.07 -65.10
CA GLN J 344 45.46 51.95 -65.39
C GLN J 344 46.29 50.70 -65.58
N VAL J 345 45.93 49.65 -64.86
CA VAL J 345 46.63 48.36 -64.93
C VAL J 345 45.60 47.27 -65.14
N PHE J 346 45.86 46.38 -66.09
CA PHE J 346 45.06 45.18 -66.20
C PHE J 346 45.94 44.07 -66.75
N THR J 347 45.56 42.84 -66.43
CA THR J 347 46.20 41.66 -66.99
C THR J 347 45.29 41.06 -68.05
N ASP J 348 45.88 40.71 -69.20
CA ASP J 348 45.16 40.00 -70.24
C ASP J 348 45.05 38.53 -69.84
N SER J 349 44.20 38.29 -68.83
CA SER J 349 44.09 36.97 -68.24
C SER J 349 43.41 35.98 -69.17
N GLU J 350 42.58 36.46 -70.08
CA GLU J 350 41.94 35.60 -71.07
C GLU J 350 42.74 35.49 -72.36
N TYR J 351 43.92 36.10 -72.43
CA TYR J 351 44.79 36.04 -73.59
C TYR J 351 44.06 36.52 -74.84
N GLN J 352 43.30 37.59 -74.69
CA GLN J 352 42.56 38.18 -75.80
C GLN J 352 43.36 39.21 -76.57
N LEU J 353 44.46 39.61 -76.08
CA LEU J 353 45.33 40.53 -76.79
C LEU J 353 46.45 39.77 -77.49
N PRO J 354 47.00 40.33 -78.56
CA PRO J 354 48.21 39.74 -79.14
C PRO J 354 49.31 39.64 -78.09
N TYR J 355 49.84 38.44 -77.94
CA TYR J 355 50.83 38.16 -76.90
C TYR J 355 52.22 38.49 -77.45
N VAL J 356 52.78 39.61 -77.00
CA VAL J 356 54.08 40.06 -77.49
C VAL J 356 55.21 39.68 -76.56
N LEU J 357 54.92 39.17 -75.37
CA LEU J 357 55.96 38.53 -74.58
C LEU J 357 56.41 37.25 -75.27
N GLY J 358 57.59 36.78 -74.89
CA GLY J 358 58.14 35.63 -75.57
C GLY J 358 58.66 35.92 -76.96
N SER J 359 59.01 37.17 -77.26
CA SER J 359 59.73 37.51 -78.47
C SER J 359 61.12 38.05 -78.17
N ALA J 360 61.62 37.78 -76.96
CA ALA J 360 62.96 38.17 -76.55
C ALA J 360 63.18 39.67 -76.69
N HIS J 361 62.20 40.46 -76.30
CA HIS J 361 62.26 41.90 -76.42
C HIS J 361 62.93 42.52 -75.21
N GLN J 362 63.54 43.69 -75.42
CA GLN J 362 64.04 44.48 -74.33
C GLN J 362 62.89 45.04 -73.50
N GLY J 363 63.22 45.58 -72.34
CA GLY J 363 62.23 46.14 -71.46
C GLY J 363 61.84 45.26 -70.30
N CYS J 364 62.47 44.10 -70.15
CA CYS J 364 62.22 43.28 -68.98
C CYS J 364 62.78 43.96 -67.73
N LEU J 365 62.43 43.41 -66.59
CA LEU J 365 63.00 43.88 -65.34
C LEU J 365 64.52 43.74 -65.40
N PRO J 366 65.27 44.76 -64.97
CA PRO J 366 66.72 44.68 -65.10
C PRO J 366 67.28 43.58 -64.21
N PRO J 367 68.39 42.96 -64.60
CA PRO J 367 69.00 41.94 -63.74
C PRO J 367 69.44 42.49 -62.39
N PHE J 368 69.90 43.73 -62.33
CA PHE J 368 70.39 44.30 -61.09
C PHE J 368 69.25 44.96 -60.33
N PRO J 369 68.97 44.57 -59.08
CA PRO J 369 67.81 45.12 -58.37
C PRO J 369 67.85 46.62 -58.18
N ALA J 370 69.04 47.21 -58.06
CA ALA J 370 69.14 48.66 -57.87
C ALA J 370 68.82 49.43 -59.14
N ASP J 371 68.63 48.75 -60.26
CA ASP J 371 68.47 49.43 -61.54
C ASP J 371 67.03 49.86 -61.75
N VAL J 372 66.84 51.13 -62.09
CA VAL J 372 65.52 51.66 -62.41
C VAL J 372 65.32 51.56 -63.91
N PHE J 373 64.19 50.98 -64.31
CA PHE J 373 63.96 50.69 -65.72
C PHE J 373 62.71 51.37 -66.23
N MET J 374 62.74 51.64 -67.54
CA MET J 374 61.62 52.21 -68.26
C MET J 374 60.72 51.11 -68.79
N ILE J 375 59.42 51.30 -68.61
CA ILE J 375 58.45 50.29 -69.06
C ILE J 375 58.33 50.34 -70.58
N PRO J 376 58.45 49.22 -71.27
CA PRO J 376 58.36 49.25 -72.74
C PRO J 376 56.94 49.53 -73.21
N GLN J 377 56.85 50.12 -74.39
CA GLN J 377 55.56 50.44 -74.98
C GLN J 377 54.94 49.22 -75.63
N TYR J 378 53.66 49.01 -75.39
CA TYR J 378 52.97 47.88 -75.98
C TYR J 378 52.56 48.19 -77.41
N GLY J 379 52.95 47.32 -78.33
CA GLY J 379 52.45 47.36 -79.67
C GLY J 379 52.25 45.94 -80.17
N TYR J 380 51.52 45.80 -81.26
CA TYR J 380 51.27 44.47 -81.78
C TYR J 380 51.17 44.55 -83.29
N LEU J 381 51.29 43.38 -83.92
CA LEU J 381 51.17 43.25 -85.35
C LEU J 381 49.97 42.39 -85.68
N THR J 382 49.34 42.71 -86.80
CA THR J 382 48.25 41.89 -87.30
C THR J 382 48.56 41.51 -88.73
N LEU J 383 47.60 40.94 -89.45
CA LEU J 383 47.85 40.52 -90.82
C LEU J 383 48.16 41.71 -91.70
N ASN J 384 49.15 41.55 -92.58
CA ASN J 384 49.55 42.60 -93.49
C ASN J 384 49.74 42.04 -94.89
N ASN J 385 49.53 42.90 -95.88
CA ASN J 385 49.85 42.63 -97.28
C ASN J 385 50.74 43.80 -97.69
N GLY J 386 52.04 43.63 -97.56
CA GLY J 386 52.92 44.78 -97.67
C GLY J 386 52.72 45.68 -96.47
N SER J 387 52.52 46.97 -96.73
CA SER J 387 52.21 47.92 -95.67
C SER J 387 50.72 48.06 -95.43
N GLN J 388 49.88 47.35 -96.18
CA GLN J 388 48.44 47.46 -96.07
C GLN J 388 47.90 46.39 -95.14
N ALA J 389 46.79 46.71 -94.49
CA ALA J 389 46.04 45.72 -93.75
C ALA J 389 45.12 44.95 -94.70
N VAL J 390 44.69 43.78 -94.25
CA VAL J 390 43.68 43.00 -94.94
C VAL J 390 42.41 43.02 -94.08
N GLY J 391 41.33 42.49 -94.65
CA GLY J 391 40.07 42.46 -93.93
C GLY J 391 40.14 41.66 -92.65
N ARG J 392 41.06 40.69 -92.58
CA ARG J 392 41.20 39.89 -91.37
C ARG J 392 42.08 40.54 -90.32
N SER J 393 42.69 41.68 -90.63
CA SER J 393 43.50 42.37 -89.66
C SER J 393 42.66 42.82 -88.47
N SER J 394 43.18 42.59 -87.28
CA SER J 394 42.46 42.90 -86.05
C SER J 394 43.03 44.16 -85.42
N PHE J 395 42.14 45.06 -85.01
CA PHE J 395 42.51 46.23 -84.22
C PHE J 395 42.01 46.01 -82.81
N TYR J 396 42.88 46.21 -81.83
CA TYR J 396 42.53 46.05 -80.43
C TYR J 396 42.67 47.37 -79.70
N CYS J 397 41.61 47.78 -79.03
CA CYS J 397 41.65 48.92 -78.11
C CYS J 397 41.84 48.36 -76.70
N LEU J 398 42.95 48.72 -76.08
CA LEU J 398 43.21 48.20 -74.73
C LEU J 398 42.34 48.89 -73.68
N GLU J 399 41.79 50.06 -74.00
CA GLU J 399 40.79 50.66 -73.12
C GLU J 399 39.50 49.88 -73.13
N TYR J 400 39.29 49.02 -74.12
CA TYR J 400 38.11 48.16 -74.17
C TYR J 400 38.20 47.00 -73.20
N PHE J 401 39.17 47.00 -72.32
CA PHE J 401 39.31 46.00 -71.28
C PHE J 401 39.01 46.62 -69.92
N PRO J 402 38.50 45.84 -68.97
CA PRO J 402 38.41 46.33 -67.59
C PRO J 402 39.80 46.50 -67.00
N SER J 403 40.08 47.71 -66.52
CA SER J 403 41.37 48.02 -65.93
C SER J 403 41.15 48.56 -64.53
N GLN J 404 42.04 48.20 -63.62
CA GLN J 404 42.06 48.82 -62.31
C GLN J 404 42.76 50.16 -62.43
N MET J 405 42.12 51.22 -61.94
CA MET J 405 42.74 52.53 -61.90
C MET J 405 43.31 52.77 -60.51
N LEU J 406 44.54 53.25 -60.46
CA LEU J 406 45.28 53.34 -59.22
C LEU J 406 45.73 54.77 -59.01
N ARG J 407 45.38 55.34 -57.87
CA ARG J 407 46.00 56.57 -57.44
C ARG J 407 47.25 56.25 -56.63
N THR J 408 47.90 57.28 -56.10
CA THR J 408 49.19 57.08 -55.45
C THR J 408 49.09 56.17 -54.24
N GLY J 409 47.93 56.08 -53.61
CA GLY J 409 47.75 55.21 -52.47
C GLY J 409 47.33 53.80 -52.79
N ASN J 410 47.05 53.49 -54.04
CA ASN J 410 46.56 52.18 -54.43
C ASN J 410 47.70 51.27 -54.84
N ASN J 411 47.43 49.97 -54.77
CA ASN J 411 48.36 48.97 -55.27
C ASN J 411 47.59 47.94 -56.10
N PHE J 412 48.33 47.26 -56.96
CA PHE J 412 47.78 46.24 -57.84
C PHE J 412 48.52 44.95 -57.60
N GLN J 413 47.79 43.84 -57.60
CA GLN J 413 48.45 42.55 -57.46
C GLN J 413 47.58 41.47 -58.08
N PHE J 414 48.25 40.43 -58.56
CA PHE J 414 47.55 39.24 -59.04
C PHE J 414 48.48 38.05 -58.90
N THR J 415 47.89 36.88 -58.84
CA THR J 415 48.62 35.63 -58.77
C THR J 415 48.32 34.79 -60.00
N TYR J 416 49.29 33.98 -60.39
CA TYR J 416 49.16 33.14 -61.56
C TYR J 416 49.79 31.79 -61.26
N THR J 417 49.16 30.73 -61.72
CA THR J 417 49.68 29.38 -61.58
C THR J 417 50.12 28.87 -62.93
N PHE J 418 51.36 28.44 -63.03
CA PHE J 418 51.85 27.83 -64.26
C PHE J 418 51.18 26.47 -64.47
N GLU J 419 50.89 26.17 -65.73
CA GLU J 419 50.40 24.84 -66.06
C GLU J 419 51.52 23.83 -65.85
N ASP J 420 51.12 22.56 -65.81
CA ASP J 420 52.11 21.50 -65.67
C ASP J 420 53.00 21.48 -66.91
N VAL J 421 54.24 21.92 -66.76
CA VAL J 421 55.19 22.01 -67.85
C VAL J 421 56.31 21.03 -67.54
N PRO J 422 56.95 20.43 -68.54
CA PRO J 422 58.08 19.54 -68.23
C PRO J 422 59.24 20.32 -67.60
N PHE J 423 59.98 19.64 -66.74
CA PHE J 423 61.20 20.21 -66.20
C PHE J 423 62.17 20.53 -67.33
N HIS J 424 62.79 21.70 -67.26
CA HIS J 424 63.88 21.98 -68.17
C HIS J 424 65.05 21.07 -67.85
N SER J 425 65.68 20.53 -68.90
CA SER J 425 66.81 19.62 -68.72
C SER J 425 68.03 20.43 -68.31
N SER J 426 68.23 20.57 -67.01
CA SER J 426 69.39 21.28 -66.49
C SER J 426 70.58 20.34 -66.32
N TYR J 427 70.88 19.60 -67.38
CA TYR J 427 71.92 18.58 -67.35
C TYR J 427 72.39 18.34 -68.76
N ALA J 428 73.62 17.85 -68.88
CA ALA J 428 74.14 17.34 -70.13
C ALA J 428 74.30 15.84 -70.02
N HIS J 429 74.07 15.14 -71.13
CA HIS J 429 74.18 13.69 -71.11
C HIS J 429 75.63 13.28 -71.05
N SER J 430 75.94 12.35 -70.16
CA SER J 430 77.28 11.78 -70.04
C SER J 430 77.47 10.58 -70.95
N GLN J 431 76.48 10.25 -71.76
CA GLN J 431 76.58 9.21 -72.76
C GLN J 431 76.12 9.77 -74.09
N SER J 432 76.70 9.25 -75.16
CA SER J 432 76.28 9.60 -76.51
C SER J 432 75.24 8.59 -76.99
N LEU J 433 74.37 9.04 -77.89
CA LEU J 433 73.29 8.18 -78.37
C LEU J 433 73.83 6.98 -79.14
N ASP J 434 74.96 7.13 -79.83
CA ASP J 434 75.56 6.04 -80.58
C ASP J 434 76.52 5.21 -79.74
N ARG J 435 76.59 5.46 -78.43
CA ARG J 435 77.49 4.76 -77.53
C ARG J 435 76.74 4.28 -76.30
N LEU J 436 75.54 3.76 -76.49
CA LEU J 436 74.72 3.27 -75.39
C LEU J 436 74.92 1.78 -75.13
N MET J 437 75.75 1.12 -75.91
CA MET J 437 75.93 -0.31 -75.85
C MET J 437 77.07 -0.71 -74.91
N ASN J 438 77.05 -1.98 -74.53
CA ASN J 438 78.13 -2.56 -73.75
C ASN J 438 79.36 -2.70 -74.63
N PRO J 439 80.48 -2.08 -74.27
CA PRO J 439 81.68 -2.14 -75.11
C PRO J 439 82.47 -3.42 -75.00
N LEU J 440 81.97 -4.44 -74.30
CA LEU J 440 82.68 -5.69 -74.13
C LEU J 440 82.03 -6.87 -74.83
N ILE J 441 80.75 -6.74 -75.19
CA ILE J 441 79.96 -7.86 -75.68
C ILE J 441 79.58 -7.60 -77.13
N ASP J 442 79.68 -8.63 -77.96
CA ASP J 442 79.20 -8.54 -79.32
C ASP J 442 77.67 -8.52 -79.34
N GLN J 443 77.12 -8.02 -80.43
CA GLN J 443 75.70 -8.15 -80.68
C GLN J 443 75.39 -9.51 -81.26
N TYR J 444 74.21 -10.03 -80.97
CA TYR J 444 73.76 -11.22 -81.66
C TYR J 444 73.17 -10.90 -83.02
N LEU J 445 72.89 -9.63 -83.31
CA LEU J 445 72.42 -9.22 -84.62
C LEU J 445 73.60 -9.08 -85.57
N TYR J 446 73.35 -9.36 -86.83
CA TYR J 446 74.35 -9.23 -87.88
C TYR J 446 74.05 -8.01 -88.73
N TYR J 447 75.10 -7.47 -89.34
CA TYR J 447 74.96 -6.41 -90.33
C TYR J 447 75.69 -6.84 -91.59
N LEU J 448 75.23 -6.33 -92.72
CA LEU J 448 75.93 -6.56 -93.98
C LEU J 448 77.30 -5.89 -93.92
N SER J 449 78.36 -6.70 -93.83
CA SER J 449 79.70 -6.16 -93.66
C SER J 449 80.48 -6.06 -94.95
N ARG J 450 80.21 -6.91 -95.93
CA ARG J 450 80.89 -6.83 -97.22
C ARG J 450 79.92 -7.24 -98.32
N THR J 451 80.07 -6.60 -99.47
CA THR J 451 79.32 -6.96 -100.67
C THR J 451 80.23 -7.45 -101.78
N GLN J 452 81.53 -7.52 -101.55
CA GLN J 452 82.49 -7.92 -102.56
C GLN J 452 83.56 -8.79 -101.93
N THR J 453 83.98 -9.84 -102.63
CA THR J 453 84.98 -10.75 -102.12
C THR J 453 86.34 -10.08 -101.96
N ASN J 459 87.81 -9.32 -107.89
CA ASN J 459 86.83 -9.67 -106.86
C ASN J 459 85.42 -9.66 -107.42
N THR J 460 84.55 -10.49 -106.85
CA THR J 460 83.20 -10.68 -107.32
C THR J 460 82.21 -10.30 -106.22
N GLN J 461 80.94 -10.22 -106.61
CA GLN J 461 79.90 -9.92 -105.64
C GLN J 461 79.72 -11.05 -104.64
N THR J 462 79.42 -10.68 -103.41
CA THR J 462 79.16 -11.64 -102.34
C THR J 462 78.32 -10.93 -101.29
N LEU J 463 77.90 -11.68 -100.27
CA LEU J 463 77.19 -11.13 -99.12
C LEU J 463 77.88 -11.66 -97.88
N GLY J 464 78.65 -10.81 -97.22
CA GLY J 464 79.29 -11.14 -95.97
C GLY J 464 78.62 -10.39 -94.83
N PHE J 465 78.34 -11.10 -93.75
CA PHE J 465 77.65 -10.55 -92.60
C PHE J 465 78.52 -10.72 -91.37
N SER J 466 78.59 -9.68 -90.56
CA SER J 466 79.37 -9.70 -89.34
C SER J 466 78.50 -9.25 -88.18
N GLN J 467 78.90 -9.66 -86.99
CA GLN J 467 78.22 -9.22 -85.77
C GLN J 467 78.85 -7.93 -85.28
N GLY J 468 78.01 -6.94 -85.00
CA GLY J 468 78.48 -5.71 -84.42
C GLY J 468 79.11 -5.96 -83.06
N GLY J 469 80.29 -5.38 -82.84
CA GLY J 469 81.01 -5.60 -81.61
C GLY J 469 81.70 -4.34 -81.13
N PRO J 470 82.61 -4.52 -80.16
CA PRO J 470 83.30 -3.35 -79.60
C PRO J 470 84.08 -2.56 -80.62
N ASN J 471 84.56 -3.19 -81.68
CA ASN J 471 85.38 -2.49 -82.67
C ASN J 471 84.56 -1.93 -83.82
N THR J 472 83.50 -2.62 -84.24
CA THR J 472 82.62 -2.13 -85.29
C THR J 472 81.39 -1.46 -84.66
N MET J 473 81.67 -0.45 -83.84
CA MET J 473 80.61 0.16 -83.04
C MET J 473 79.71 1.05 -83.89
N ALA J 474 80.24 1.59 -84.99
CA ALA J 474 79.42 2.35 -85.92
C ALA J 474 78.43 1.47 -86.68
N ASN J 475 78.72 0.18 -86.81
CA ASN J 475 77.86 -0.73 -87.55
C ASN J 475 76.80 -1.40 -86.68
N GLN J 476 76.87 -1.24 -85.37
CA GLN J 476 75.97 -1.96 -84.48
C GLN J 476 74.52 -1.54 -84.69
N ALA J 477 73.62 -2.50 -84.54
CA ALA J 477 72.21 -2.18 -84.51
C ALA J 477 71.89 -1.33 -83.30
N LYS J 478 71.07 -0.29 -83.51
CA LYS J 478 70.77 0.66 -82.46
C LYS J 478 69.27 0.94 -82.46
N ASN J 479 68.77 1.36 -81.30
CA ASN J 479 67.34 1.55 -81.10
C ASN J 479 66.87 2.96 -81.38
N TRP J 480 67.77 3.93 -81.46
CA TRP J 480 67.36 5.33 -81.45
C TRP J 480 68.15 6.11 -82.50
N LEU J 481 67.57 7.24 -82.89
CA LEU J 481 68.15 8.13 -83.87
C LEU J 481 68.34 9.52 -83.25
N PRO J 482 69.33 10.27 -83.72
CA PRO J 482 69.50 11.64 -83.24
C PRO J 482 68.32 12.51 -83.65
N GLY J 483 68.11 13.55 -82.86
CA GLY J 483 67.02 14.47 -83.09
C GLY J 483 67.01 15.09 -84.47
N PRO J 484 65.96 15.83 -84.78
CA PRO J 484 65.81 16.36 -86.14
C PRO J 484 66.83 17.44 -86.45
N CYS J 485 67.06 17.64 -87.75
CA CYS J 485 68.08 18.55 -88.23
C CYS J 485 67.49 19.54 -89.22
N TYR J 486 67.94 20.79 -89.12
CA TYR J 486 67.60 21.83 -90.10
C TYR J 486 68.91 22.60 -90.32
N ARG J 487 69.71 22.15 -91.26
CA ARG J 487 71.12 22.51 -91.31
C ARG J 487 71.34 24.00 -91.45
N GLN J 488 72.27 24.53 -90.65
CA GLN J 488 72.65 25.92 -90.68
C GLN J 488 74.06 26.06 -91.27
N GLN J 489 74.32 27.23 -91.84
CA GLN J 489 75.65 27.51 -92.34
C GLN J 489 76.63 27.69 -91.20
N ARG J 490 77.85 27.20 -91.38
CA ARG J 490 78.88 27.27 -90.35
C ARG J 490 79.66 28.57 -90.49
N VAL J 491 79.82 29.28 -89.38
CA VAL J 491 80.60 30.51 -89.32
C VAL J 491 81.69 30.33 -88.28
N SER J 492 82.90 30.73 -88.62
CA SER J 492 84.03 30.66 -87.71
C SER J 492 84.23 31.99 -87.02
N THR J 493 84.44 31.96 -85.70
CA THR J 493 84.80 33.18 -84.99
C THR J 493 86.18 33.67 -85.40
N THR J 494 87.02 32.80 -85.95
CA THR J 494 88.25 33.21 -86.62
C THR J 494 87.86 33.66 -88.02
N THR J 495 87.74 34.98 -88.22
CA THR J 495 87.12 35.49 -89.43
C THR J 495 87.90 35.10 -90.69
N GLY J 496 89.22 34.92 -90.58
CA GLY J 496 90.00 34.53 -91.72
C GLY J 496 89.61 33.19 -92.30
N GLN J 497 88.97 32.33 -91.50
CA GLN J 497 88.50 31.04 -91.99
C GLN J 497 87.14 31.13 -92.68
N ASN J 498 86.50 32.29 -92.66
CA ASN J 498 85.20 32.45 -93.29
C ASN J 498 85.36 32.89 -94.74
N ASN J 499 84.33 32.61 -95.53
CA ASN J 499 84.30 33.07 -96.90
C ASN J 499 84.26 34.59 -96.94
N ASN J 500 85.02 35.18 -97.86
CA ASN J 500 85.08 36.63 -97.99
C ASN J 500 83.87 37.11 -98.78
N SER J 501 82.72 37.08 -98.12
CA SER J 501 81.48 37.55 -98.69
C SER J 501 80.52 37.87 -97.55
N ASN J 502 79.48 38.63 -97.86
CA ASN J 502 78.44 38.97 -96.89
C ASN J 502 77.31 37.97 -97.08
N PHE J 503 77.36 36.89 -96.29
CA PHE J 503 76.43 35.78 -96.45
C PHE J 503 75.55 35.56 -95.23
N ALA J 504 75.48 36.52 -94.31
CA ALA J 504 74.67 36.33 -93.12
C ALA J 504 73.21 36.11 -93.47
N TRP J 505 72.70 36.85 -94.44
CA TRP J 505 71.32 36.68 -94.89
C TRP J 505 71.20 35.75 -96.09
N THR J 506 72.07 35.91 -97.09
CA THR J 506 71.95 35.11 -98.31
C THR J 506 72.15 33.62 -98.02
N ALA J 507 73.13 33.30 -97.17
CA ALA J 507 73.35 31.93 -96.75
C ALA J 507 72.63 31.58 -95.46
N GLY J 508 71.81 32.48 -94.93
CA GLY J 508 71.10 32.21 -93.71
C GLY J 508 70.10 31.09 -93.88
N THR J 509 69.92 30.33 -92.80
CA THR J 509 68.94 29.25 -92.79
C THR J 509 67.58 29.84 -92.47
N LYS J 510 66.64 29.68 -93.39
CA LYS J 510 65.40 30.43 -93.35
C LYS J 510 64.21 29.50 -93.49
N TYR J 511 63.06 29.98 -93.04
CA TYR J 511 61.79 29.38 -93.40
C TYR J 511 60.99 30.37 -94.23
N HIS J 512 60.06 29.83 -95.00
CA HIS J 512 59.25 30.60 -95.95
C HIS J 512 57.81 30.56 -95.48
N LEU J 513 57.21 31.74 -95.30
CA LEU J 513 55.84 31.82 -94.82
C LEU J 513 55.15 32.96 -95.55
N ASN J 514 54.12 32.61 -96.33
CA ASN J 514 53.31 33.59 -97.06
C ASN J 514 54.19 34.51 -97.91
N GLY J 515 55.09 33.90 -98.67
CA GLY J 515 55.99 34.67 -99.52
C GLY J 515 56.99 35.52 -98.80
N ARG J 516 57.15 35.34 -97.49
CA ARG J 516 58.07 36.11 -96.69
C ARG J 516 59.14 35.17 -96.15
N ASN J 517 60.40 35.57 -96.26
CA ASN J 517 61.51 34.80 -95.76
C ASN J 517 61.91 35.32 -94.39
N SER J 518 62.01 34.42 -93.43
CA SER J 518 62.44 34.76 -92.09
C SER J 518 63.52 33.77 -91.68
N LEU J 519 64.55 34.26 -90.99
CA LEU J 519 65.58 33.38 -90.48
C LEU J 519 64.99 32.35 -89.52
N ALA J 520 65.43 31.11 -89.65
CA ALA J 520 65.13 30.08 -88.66
C ALA J 520 66.09 30.29 -87.50
N ASN J 521 65.79 31.32 -86.70
CA ASN J 521 66.72 31.85 -85.73
C ASN J 521 66.10 31.80 -84.34
N PRO J 522 66.65 31.02 -83.40
CA PRO J 522 67.84 30.20 -83.60
C PRO J 522 67.53 28.83 -84.20
N GLY J 523 66.28 28.60 -84.53
CA GLY J 523 65.88 27.34 -85.11
C GLY J 523 65.80 26.23 -84.08
N ILE J 524 65.70 25.01 -84.59
CA ILE J 524 65.56 23.84 -83.71
C ILE J 524 66.85 23.62 -82.93
N ALA J 525 66.71 22.98 -81.78
CA ALA J 525 67.85 22.74 -80.90
C ALA J 525 68.79 21.75 -81.55
N MET J 526 69.96 22.24 -81.97
CA MET J 526 71.02 21.40 -82.48
C MET J 526 72.32 21.80 -81.82
N ALA J 527 73.25 20.84 -81.75
CA ALA J 527 74.56 21.12 -81.16
C ALA J 527 75.25 22.21 -81.97
N THR J 528 75.81 23.18 -81.26
CA THR J 528 76.44 24.33 -81.91
C THR J 528 77.61 23.88 -82.78
N HIS J 529 78.40 22.94 -82.29
CA HIS J 529 79.57 22.46 -83.00
C HIS J 529 79.89 21.07 -82.48
N LYS J 530 80.75 20.36 -83.21
CA LYS J 530 81.20 19.05 -82.77
C LYS J 530 82.45 19.21 -81.92
N ASP J 531 83.11 18.08 -81.62
CA ASP J 531 84.28 18.10 -80.76
C ASP J 531 85.40 18.94 -81.37
N ASP J 532 86.03 19.75 -80.52
CA ASP J 532 87.21 20.53 -80.89
C ASP J 532 86.93 21.54 -82.00
N GLU J 533 85.70 22.05 -82.06
CA GLU J 533 85.32 23.05 -83.06
C GLU J 533 84.55 24.18 -82.40
N GLU J 534 85.02 24.63 -81.24
CA GLU J 534 84.32 25.68 -80.51
C GLU J 534 84.26 26.99 -81.28
N ARG J 535 85.22 27.22 -82.18
CA ARG J 535 85.24 28.44 -82.97
C ARG J 535 84.10 28.51 -83.98
N PHE J 536 83.44 27.40 -84.26
CA PHE J 536 82.38 27.36 -85.25
C PHE J 536 81.03 27.49 -84.58
N PHE J 537 80.13 28.24 -85.21
CA PHE J 537 78.75 28.33 -84.76
C PHE J 537 77.83 28.41 -85.95
N PRO J 538 76.60 27.92 -85.83
CA PRO J 538 75.61 28.13 -86.89
C PRO J 538 75.32 29.61 -87.05
N SER J 539 75.13 30.03 -88.31
CA SER J 539 75.06 31.46 -88.62
C SER J 539 73.89 32.13 -87.89
N ASN J 540 72.74 31.47 -87.85
CA ASN J 540 71.60 31.97 -87.08
C ASN J 540 70.99 30.84 -86.27
N GLY J 541 71.84 30.07 -85.59
CA GLY J 541 71.38 28.91 -84.87
C GLY J 541 71.71 28.90 -83.40
N ILE J 542 72.14 30.03 -82.86
CA ILE J 542 72.46 30.16 -81.45
C ILE J 542 71.88 31.46 -80.91
N LEU J 543 71.66 31.49 -79.61
CA LEU J 543 71.34 32.73 -78.94
C LEU J 543 72.61 33.56 -78.77
N ILE J 544 72.54 34.82 -79.16
CA ILE J 544 73.67 35.73 -79.04
C ILE J 544 73.23 36.87 -78.14
N PHE J 545 73.87 36.99 -76.99
CA PHE J 545 73.62 38.07 -76.07
C PHE J 545 74.69 39.13 -76.24
N GLY J 546 74.30 40.39 -76.04
CA GLY J 546 75.23 41.48 -76.12
C GLY J 546 75.86 41.75 -74.76
N LYS J 547 77.15 42.06 -74.78
CA LYS J 547 77.80 42.55 -73.59
C LYS J 547 77.26 43.94 -73.25
N GLN J 548 77.55 44.39 -72.04
CA GLN J 548 77.09 45.71 -71.62
C GLN J 548 77.63 46.78 -72.57
N ASN J 549 76.76 47.69 -72.97
CA ASN J 549 77.09 48.79 -73.88
C ASN J 549 77.46 48.29 -75.27
N ALA J 550 76.99 47.11 -75.66
CA ALA J 550 77.16 46.67 -77.03
C ALA J 550 76.26 47.47 -77.95
N ALA J 551 76.76 47.77 -79.15
CA ALA J 551 76.00 48.54 -80.11
C ALA J 551 74.77 47.76 -80.56
N ARG J 552 73.69 48.51 -80.83
CA ARG J 552 72.49 47.88 -81.36
C ARG J 552 72.72 47.27 -82.73
N ASP J 553 73.45 47.96 -83.60
CA ASP J 553 73.71 47.50 -84.95
C ASP J 553 75.21 47.29 -85.15
N ASN J 554 75.55 46.18 -85.80
CA ASN J 554 76.93 45.88 -86.19
C ASN J 554 77.87 45.91 -84.99
N ALA J 555 77.46 45.27 -83.91
CA ALA J 555 78.37 45.05 -82.79
C ALA J 555 79.44 44.05 -83.18
N ASP J 556 80.67 44.32 -82.78
CA ASP J 556 81.76 43.40 -83.09
C ASP J 556 81.60 42.12 -82.29
N TYR J 557 82.32 41.07 -82.72
CA TYR J 557 82.27 39.80 -82.02
C TYR J 557 82.71 39.94 -80.58
N SER J 558 83.62 40.87 -80.29
CA SER J 558 84.06 41.09 -78.92
C SER J 558 82.99 41.73 -78.06
N ASP J 559 81.97 42.33 -78.67
CA ASP J 559 80.90 42.99 -77.93
C ASP J 559 79.70 42.10 -77.70
N VAL J 560 79.72 40.87 -78.19
CA VAL J 560 78.57 39.97 -78.04
C VAL J 560 79.04 38.70 -77.34
N MET J 561 78.07 37.95 -76.83
CA MET J 561 78.32 36.74 -76.07
C MET J 561 77.60 35.60 -76.79
N LEU J 562 78.37 34.77 -77.50
CA LEU J 562 77.80 33.62 -78.19
C LEU J 562 77.51 32.51 -77.20
N THR J 563 76.29 31.98 -77.26
CA THR J 563 76.00 30.78 -76.50
C THR J 563 76.45 29.55 -77.28
N SER J 564 76.53 28.42 -76.60
CA SER J 564 76.92 27.17 -77.23
C SER J 564 76.03 26.06 -76.71
N GLU J 565 75.42 25.31 -77.63
CA GLU J 565 74.63 24.14 -77.29
C GLU J 565 75.42 22.85 -77.49
N GLU J 566 76.72 22.88 -77.22
CA GLU J 566 77.54 21.69 -77.43
C GLU J 566 77.19 20.56 -76.47
N GLU J 567 76.49 20.85 -75.37
CA GLU J 567 76.11 19.80 -74.44
C GLU J 567 75.16 18.79 -75.05
N ILE J 568 74.43 19.17 -76.10
CA ILE J 568 73.47 18.28 -76.73
C ILE J 568 74.06 17.56 -77.94
N LYS J 569 75.38 17.59 -78.09
CA LYS J 569 76.04 16.78 -79.11
C LYS J 569 75.69 15.31 -78.96
N THR J 570 75.45 14.87 -77.73
CA THR J 570 75.22 13.46 -77.45
C THR J 570 73.93 12.95 -78.07
N THR J 571 72.98 13.82 -78.27
CA THR J 571 71.67 13.42 -78.78
C THR J 571 71.24 14.20 -80.00
N ASN J 572 71.57 15.48 -80.08
CA ASN J 572 71.15 16.28 -81.22
C ASN J 572 72.26 16.36 -82.25
N PRO J 573 71.93 16.35 -83.53
CA PRO J 573 72.94 16.53 -84.57
C PRO J 573 73.54 17.92 -84.50
N VAL J 574 74.79 18.03 -84.97
CA VAL J 574 75.46 19.32 -85.01
C VAL J 574 74.74 20.23 -86.00
N ALA J 575 74.53 21.49 -85.60
CA ALA J 575 73.69 22.39 -86.38
C ALA J 575 74.26 22.64 -87.76
N THR J 576 75.57 22.56 -87.93
CA THR J 576 76.21 22.89 -89.20
C THR J 576 76.57 21.65 -90.01
N GLU J 577 76.17 20.47 -89.56
CA GLU J 577 76.47 19.24 -90.25
C GLU J 577 75.18 18.61 -90.77
N GLU J 578 75.33 17.71 -91.72
CA GLU J 578 74.19 16.96 -92.24
C GLU J 578 73.67 16.00 -91.18
N TYR J 579 72.37 15.70 -91.27
CA TYR J 579 71.79 14.72 -90.36
C TYR J 579 72.37 13.34 -90.60
N GLY J 580 72.54 12.96 -91.86
CA GLY J 580 73.00 11.63 -92.17
C GLY J 580 73.03 11.42 -93.66
N ILE J 581 73.06 10.14 -94.03
CA ILE J 581 73.19 9.73 -95.43
C ILE J 581 72.06 8.76 -95.74
N VAL J 582 71.39 8.97 -96.87
CA VAL J 582 70.38 8.05 -97.36
C VAL J 582 70.73 7.64 -98.78
N ALA J 583 70.17 6.50 -99.19
CA ALA J 583 70.34 6.05 -100.56
C ALA J 583 69.58 6.96 -101.51
N ASP J 584 70.18 7.23 -102.66
CA ASP J 584 69.56 8.08 -103.67
C ASP J 584 69.09 7.33 -104.90
N ASN J 585 69.39 6.04 -105.00
CA ASN J 585 69.04 5.26 -106.18
C ASN J 585 68.91 3.79 -105.78
N LEU J 586 68.74 2.94 -106.78
CA LEU J 586 68.75 1.50 -106.60
C LEU J 586 69.98 0.95 -107.30
N GLN J 587 70.94 0.47 -106.53
CA GLN J 587 72.15 -0.08 -107.12
C GLN J 587 71.84 -1.38 -107.85
N GLN J 588 72.48 -1.56 -109.00
CA GLN J 588 72.43 -2.79 -109.76
C GLN J 588 73.86 -3.16 -110.15
N GLN J 589 74.01 -4.27 -110.85
CA GLN J 589 75.34 -4.66 -111.31
C GLN J 589 75.93 -3.65 -112.29
N ASN J 590 75.09 -2.80 -112.89
CA ASN J 590 75.57 -1.78 -113.81
C ASN J 590 75.52 -0.36 -113.23
N THR J 591 74.80 -0.14 -112.14
CA THR J 591 74.69 1.20 -111.54
C THR J 591 75.23 1.14 -110.13
N ALA J 592 76.29 1.90 -109.87
CA ALA J 592 76.86 1.98 -108.54
C ALA J 592 75.89 2.68 -107.60
N PRO J 593 75.86 2.27 -106.33
CA PRO J 593 74.95 2.93 -105.38
C PRO J 593 75.32 4.39 -105.20
N GLN J 594 74.30 5.23 -105.10
CA GLN J 594 74.46 6.65 -104.87
C GLN J 594 73.87 7.03 -103.54
N ILE J 595 74.49 7.99 -102.87
CA ILE J 595 74.06 8.40 -101.54
C ILE J 595 73.62 9.86 -101.59
N GLY J 596 72.62 10.18 -100.79
CA GLY J 596 72.13 11.54 -100.65
C GLY J 596 72.44 12.05 -99.25
N THR J 597 72.86 13.30 -99.18
CA THR J 597 73.18 13.94 -97.92
C THR J 597 71.91 14.61 -97.36
N VAL J 598 71.51 14.20 -96.17
CA VAL J 598 70.29 14.71 -95.55
C VAL J 598 70.66 15.97 -94.78
N ASN J 599 70.32 17.13 -95.34
CA ASN J 599 70.57 18.41 -94.70
C ASN J 599 69.37 18.92 -93.92
N SER J 600 68.23 18.27 -94.02
CA SER J 600 67.04 18.64 -93.28
C SER J 600 66.27 17.36 -93.00
N GLN J 601 66.06 17.05 -91.73
CA GLN J 601 65.39 15.81 -91.35
C GLN J 601 64.30 16.14 -90.34
N GLY J 602 63.06 15.87 -90.72
CA GLY J 602 61.96 15.98 -89.81
C GLY J 602 61.89 14.79 -88.87
N ALA J 603 60.86 14.79 -88.04
CA ALA J 603 60.75 13.77 -87.00
C ALA J 603 60.65 12.37 -87.61
N LEU J 604 61.47 11.46 -87.09
CA LEU J 604 61.42 10.05 -87.41
C LEU J 604 61.15 9.25 -86.15
N PRO J 605 60.47 8.12 -86.26
CA PRO J 605 60.26 7.29 -85.08
C PRO J 605 61.58 6.81 -84.51
N GLY J 606 61.64 6.75 -83.18
CA GLY J 606 62.87 6.41 -82.51
C GLY J 606 63.83 7.57 -82.33
N MET J 607 63.47 8.76 -82.79
CA MET J 607 64.34 9.91 -82.65
C MET J 607 64.21 10.51 -81.27
N VAL J 608 65.34 10.89 -80.68
CA VAL J 608 65.36 11.55 -79.38
C VAL J 608 66.21 12.80 -79.51
N TRP J 609 65.89 13.82 -78.72
CA TRP J 609 66.63 15.07 -78.79
C TRP J 609 66.48 15.82 -77.48
N GLN J 610 67.37 16.79 -77.29
CA GLN J 610 67.30 17.73 -76.18
C GLN J 610 66.84 19.08 -76.69
N ASN J 611 66.18 19.83 -75.82
CA ASN J 611 65.82 21.20 -76.15
C ASN J 611 67.02 22.11 -76.00
N ARG J 612 66.88 23.33 -76.50
CA ARG J 612 67.89 24.34 -76.29
C ARG J 612 68.01 24.67 -74.81
N ASP J 613 69.23 24.95 -74.38
CA ASP J 613 69.46 25.33 -72.99
C ASP J 613 68.82 26.69 -72.70
N VAL J 614 68.47 26.90 -71.45
CA VAL J 614 68.06 28.22 -70.99
C VAL J 614 69.29 28.91 -70.39
N TYR J 615 69.23 30.23 -70.34
CA TYR J 615 70.35 31.03 -69.88
C TYR J 615 69.85 32.03 -68.85
N LEU J 616 70.77 32.45 -67.99
CA LEU J 616 70.44 33.46 -67.00
C LEU J 616 69.91 34.72 -67.66
N GLN J 617 70.48 35.11 -68.80
CA GLN J 617 70.02 36.25 -69.57
C GLN J 617 68.90 35.90 -70.55
N GLY J 618 68.58 34.63 -70.71
CA GLY J 618 67.66 34.20 -71.73
C GLY J 618 66.20 34.25 -71.31
N PRO J 619 65.30 33.98 -72.26
CA PRO J 619 63.88 33.96 -71.94
C PRO J 619 63.49 32.77 -71.08
N ILE J 620 62.39 32.92 -70.37
CA ILE J 620 61.87 31.86 -69.50
C ILE J 620 60.77 31.07 -70.20
N TRP J 621 59.78 31.76 -70.75
CA TRP J 621 58.63 31.09 -71.32
C TRP J 621 58.25 31.75 -72.64
N ALA J 622 57.48 31.01 -73.44
CA ALA J 622 56.82 31.56 -74.60
C ALA J 622 55.40 31.01 -74.64
N LYS J 623 54.50 31.79 -75.21
CA LYS J 623 53.15 31.31 -75.43
C LYS J 623 53.13 30.36 -76.62
N ILE J 624 52.63 29.16 -76.41
CA ILE J 624 52.42 28.24 -77.51
C ILE J 624 51.30 28.82 -78.37
N PRO J 625 51.53 29.05 -79.66
CA PRO J 625 50.47 29.59 -80.51
C PRO J 625 49.25 28.69 -80.50
N HIS J 626 48.07 29.30 -80.49
CA HIS J 626 46.82 28.55 -80.49
C HIS J 626 46.58 28.03 -81.90
N THR J 627 46.99 26.80 -82.15
CA THR J 627 46.86 26.18 -83.46
C THR J 627 46.27 24.79 -83.31
N ASP J 628 45.83 24.23 -84.44
CA ASP J 628 45.32 22.87 -84.45
C ASP J 628 46.40 21.88 -84.06
N GLY J 629 47.60 22.05 -84.59
CA GLY J 629 48.67 21.11 -84.34
C GLY J 629 49.96 21.82 -84.05
N ASN J 630 50.75 21.21 -83.17
CA ASN J 630 52.13 21.60 -82.96
C ASN J 630 52.93 20.34 -82.72
N PHE J 631 54.22 20.41 -82.97
CA PHE J 631 55.12 19.30 -82.70
C PHE J 631 56.15 19.77 -81.69
N HIS J 632 56.19 19.09 -80.54
CA HIS J 632 57.10 19.39 -79.44
C HIS J 632 57.10 20.89 -79.17
N PRO J 633 56.02 21.43 -78.61
CA PRO J 633 55.91 22.89 -78.50
C PRO J 633 56.82 23.49 -77.44
N SER J 634 58.08 23.22 -77.55
CA SER J 634 59.09 23.87 -76.73
C SER J 634 59.64 25.07 -77.49
N PRO J 635 59.64 26.27 -76.89
CA PRO J 635 60.06 27.46 -77.63
C PRO J 635 61.48 27.32 -78.12
N LEU J 636 61.72 27.81 -79.34
CA LEU J 636 62.99 27.55 -80.00
C LEU J 636 64.14 28.36 -79.39
N MET J 637 63.88 29.58 -78.93
CA MET J 637 64.92 30.30 -78.20
C MET J 637 65.07 29.82 -76.77
N GLY J 638 64.44 28.71 -76.41
CA GLY J 638 64.62 28.10 -75.12
C GLY J 638 63.54 28.52 -74.14
N GLY J 639 63.33 27.67 -73.14
CA GLY J 639 62.40 27.95 -72.09
C GLY J 639 61.21 27.02 -72.11
N PHE J 640 60.14 27.47 -71.46
CA PHE J 640 58.96 26.66 -71.24
C PHE J 640 57.86 27.12 -72.17
N GLY J 641 57.32 26.19 -72.96
CA GLY J 641 56.18 26.49 -73.79
C GLY J 641 54.91 26.35 -72.99
N LEU J 642 54.12 27.41 -72.93
CA LEU J 642 52.90 27.43 -72.14
C LEU J 642 51.71 27.77 -73.03
N LYS J 643 50.67 26.94 -72.95
CA LYS J 643 49.41 27.29 -73.60
C LYS J 643 48.82 28.55 -72.99
N HIS J 644 48.92 28.69 -71.66
CA HIS J 644 48.41 29.84 -70.92
C HIS J 644 49.56 30.41 -70.12
N PRO J 645 50.41 31.22 -70.76
CA PRO J 645 51.59 31.76 -70.08
C PRO J 645 51.18 32.81 -69.06
N PRO J 646 52.13 33.34 -68.29
CA PRO J 646 51.83 34.49 -67.44
C PRO J 646 51.20 35.59 -68.27
N PRO J 647 50.06 36.13 -67.84
CA PRO J 647 49.34 37.09 -68.67
C PRO J 647 50.13 38.38 -68.83
N GLN J 648 49.92 39.02 -69.97
CA GLN J 648 50.49 40.34 -70.17
C GLN J 648 49.89 41.32 -69.17
N ILE J 649 50.74 42.13 -68.56
CA ILE J 649 50.31 43.13 -67.60
C ILE J 649 50.47 44.47 -68.28
N LEU J 650 49.36 45.09 -68.63
CA LEU J 650 49.35 46.35 -69.37
C LEU J 650 49.16 47.50 -68.40
N ILE J 651 49.96 48.54 -68.56
CA ILE J 651 49.93 49.69 -67.67
C ILE J 651 49.94 50.96 -68.51
N LYS J 652 49.17 51.96 -68.09
CA LYS J 652 49.09 53.20 -68.81
C LYS J 652 48.82 54.33 -67.84
N ASN J 653 49.43 55.48 -68.08
CA ASN J 653 49.05 56.70 -67.38
C ASN J 653 47.70 57.16 -67.92
N THR J 654 46.74 57.34 -67.04
CA THR J 654 45.45 57.85 -67.46
C THR J 654 45.62 59.27 -67.99
N PRO J 655 45.14 59.57 -69.19
CA PRO J 655 45.29 60.93 -69.71
C PRO J 655 44.60 61.93 -68.82
N VAL J 656 45.28 63.03 -68.53
CA VAL J 656 44.72 64.14 -67.77
C VAL J 656 44.66 65.35 -68.71
N PRO J 657 43.48 65.72 -69.18
CA PRO J 657 43.40 66.86 -70.11
C PRO J 657 43.91 68.14 -69.48
N ALA J 658 44.54 68.97 -70.32
CA ALA J 658 44.77 70.34 -69.94
C ALA J 658 43.43 71.08 -69.94
N ASP J 659 43.46 72.38 -69.68
CA ASP J 659 42.22 73.13 -69.57
C ASP J 659 41.49 73.11 -70.91
N PRO J 660 40.27 72.60 -70.98
CA PRO J 660 39.51 72.62 -72.22
C PRO J 660 39.03 74.03 -72.52
N PRO J 661 38.61 74.30 -73.76
CA PRO J 661 38.04 75.62 -74.06
C PRO J 661 36.74 75.82 -73.30
N THR J 662 36.38 77.08 -73.12
CA THR J 662 35.16 77.41 -72.40
C THR J 662 33.91 77.34 -73.27
N THR J 663 34.08 77.11 -74.56
CA THR J 663 32.97 76.83 -75.47
C THR J 663 33.10 75.41 -75.98
N PHE J 664 31.97 74.72 -76.08
CA PHE J 664 32.01 73.29 -76.39
C PHE J 664 32.60 73.04 -77.76
N ASN J 665 33.47 72.04 -77.82
CA ASN J 665 34.04 71.54 -79.07
C ASN J 665 33.91 70.03 -79.07
N GLN J 666 33.31 69.48 -80.13
CA GLN J 666 33.08 68.04 -80.21
C GLN J 666 34.37 67.26 -80.44
N SER J 667 35.41 67.93 -80.92
CA SER J 667 36.65 67.24 -81.25
C SER J 667 37.28 66.63 -80.01
N LYS J 668 37.92 65.47 -80.18
CA LYS J 668 38.61 64.84 -79.08
C LYS J 668 39.71 65.76 -78.56
N LEU J 669 39.90 65.76 -77.25
CA LEU J 669 40.92 66.61 -76.65
C LEU J 669 42.31 66.09 -77.00
N ASN J 670 43.18 66.98 -77.43
CA ASN J 670 44.56 66.64 -77.73
C ASN J 670 45.55 67.39 -76.85
N SER J 671 45.07 68.26 -75.97
CA SER J 671 45.92 69.00 -75.05
C SER J 671 45.87 68.28 -73.71
N PHE J 672 46.99 67.69 -73.32
CA PHE J 672 47.05 66.90 -72.10
C PHE J 672 48.17 67.42 -71.20
N ILE J 673 47.97 67.25 -69.90
CA ILE J 673 49.01 67.55 -68.95
C ILE J 673 50.13 66.53 -69.11
N THR J 674 51.36 67.03 -69.28
CA THR J 674 52.49 66.13 -69.43
C THR J 674 52.73 65.38 -68.14
N GLN J 675 52.85 64.07 -68.23
CA GLN J 675 52.71 63.24 -67.04
C GLN J 675 53.47 61.96 -67.22
N TYR J 676 54.04 61.46 -66.13
CA TYR J 676 54.65 60.13 -66.10
C TYR J 676 54.44 59.56 -64.72
N SER J 677 54.52 58.25 -64.62
CA SER J 677 54.36 57.57 -63.35
C SER J 677 55.61 56.74 -63.04
N THR J 678 55.85 56.56 -61.75
CA THR J 678 56.90 55.69 -61.28
C THR J 678 56.35 54.89 -60.11
N GLY J 679 56.96 53.74 -59.87
CA GLY J 679 56.52 52.92 -58.76
C GLY J 679 57.45 51.73 -58.63
N GLN J 680 57.04 50.81 -57.79
CA GLN J 680 57.76 49.57 -57.59
C GLN J 680 56.95 48.41 -58.11
N VAL J 681 57.63 47.44 -58.69
CA VAL J 681 57.01 46.22 -59.18
C VAL J 681 57.69 45.05 -58.50
N SER J 682 56.89 44.14 -57.97
CA SER J 682 57.39 42.92 -57.36
C SER J 682 56.84 41.73 -58.12
N VAL J 683 57.73 40.81 -58.49
CA VAL J 683 57.32 39.55 -59.08
C VAL J 683 57.97 38.43 -58.26
N GLU J 684 57.15 37.50 -57.79
CA GLU J 684 57.60 36.35 -57.03
C GLU J 684 57.25 35.11 -57.82
N ILE J 685 58.26 34.29 -58.13
CA ILE J 685 58.05 33.04 -58.84
C ILE J 685 58.53 31.90 -57.97
N GLU J 686 57.68 30.91 -57.78
CA GLU J 686 58.07 29.67 -57.12
C GLU J 686 58.46 28.66 -58.19
N TRP J 687 59.67 28.13 -58.08
CA TRP J 687 60.18 27.14 -59.01
C TRP J 687 60.30 25.79 -58.30
N GLU J 688 59.88 24.74 -59.00
CA GLU J 688 60.09 23.39 -58.52
C GLU J 688 61.42 22.88 -59.06
N LEU J 689 62.15 22.18 -58.21
CA LEU J 689 63.48 21.68 -58.55
C LEU J 689 63.45 20.18 -58.73
N GLN J 690 64.22 19.69 -59.70
CA GLN J 690 64.51 18.28 -59.84
C GLN J 690 65.91 18.03 -59.30
N LYS J 691 65.99 17.45 -58.10
CA LYS J 691 67.28 17.18 -57.50
C LYS J 691 68.01 16.07 -58.27
N GLU J 692 69.32 16.24 -58.42
CA GLU J 692 70.11 15.23 -59.09
C GLU J 692 70.29 14.03 -58.16
N ASN J 693 70.00 12.85 -58.66
CA ASN J 693 70.20 11.61 -57.92
C ASN J 693 71.16 10.75 -58.75
N SER J 694 72.44 11.00 -58.58
CA SER J 694 73.47 10.47 -59.47
C SER J 694 74.46 9.61 -58.69
N LYS J 695 74.84 8.48 -59.28
CA LYS J 695 75.85 7.61 -58.71
C LYS J 695 77.20 7.79 -59.37
N ARG J 696 77.38 8.87 -60.12
CA ARG J 696 78.67 9.20 -60.70
C ARG J 696 79.73 9.32 -59.60
N TRP J 697 80.88 8.69 -59.84
CA TRP J 697 81.92 8.68 -58.82
C TRP J 697 82.79 9.93 -58.89
N ASN J 698 83.26 10.28 -60.09
CA ASN J 698 84.15 11.41 -60.24
C ASN J 698 83.39 12.72 -60.12
N PRO J 699 84.07 13.80 -59.75
CA PRO J 699 83.38 15.09 -59.60
C PRO J 699 82.77 15.58 -60.89
N GLU J 700 81.65 16.29 -60.77
CA GLU J 700 80.95 16.84 -61.91
C GLU J 700 81.58 18.18 -62.33
N ILE J 701 81.22 18.62 -63.52
CA ILE J 701 81.53 19.97 -63.94
C ILE J 701 80.55 20.92 -63.26
N GLN J 702 81.06 21.99 -62.69
CA GLN J 702 80.25 22.98 -62.01
C GLN J 702 80.56 24.35 -62.58
N TYR J 703 79.55 25.21 -62.61
CA TYR J 703 79.83 26.60 -62.92
C TYR J 703 80.51 27.24 -61.73
N THR J 704 81.64 27.89 -61.98
CA THR J 704 82.42 28.52 -60.93
C THR J 704 82.92 29.85 -61.43
N SER J 705 83.06 30.80 -60.50
CA SER J 705 83.75 32.03 -60.82
C SER J 705 85.25 31.76 -60.91
N ASN J 706 85.93 32.57 -61.72
CA ASN J 706 87.38 32.42 -61.85
C ASN J 706 88.06 32.84 -60.55
N TYR J 707 89.02 32.03 -60.13
CA TYR J 707 89.73 32.31 -58.88
C TYR J 707 90.75 33.43 -59.04
N TYR J 708 91.29 33.60 -60.23
CA TYR J 708 92.38 34.55 -60.45
C TYR J 708 91.89 35.98 -60.32
N LYS J 709 92.81 36.87 -59.98
CA LYS J 709 92.47 38.27 -59.75
C LYS J 709 92.03 38.95 -61.02
N SER J 710 91.24 40.01 -60.86
CA SER J 710 90.74 40.77 -61.99
C SER J 710 90.44 42.18 -61.56
N THR J 711 90.31 43.07 -62.54
CA THR J 711 90.04 44.49 -62.25
C THR J 711 88.70 44.65 -61.56
N SER J 712 87.71 43.87 -61.96
CA SER J 712 86.37 43.97 -61.40
C SER J 712 85.84 42.57 -61.11
N VAL J 713 84.88 42.52 -60.20
CA VAL J 713 84.19 41.27 -59.89
C VAL J 713 83.19 40.97 -61.00
N ASP J 714 83.20 39.75 -61.49
CA ASP J 714 82.21 39.32 -62.48
C ASP J 714 80.81 39.35 -61.88
N PHE J 715 79.84 39.80 -62.67
CA PHE J 715 78.47 39.98 -62.22
C PHE J 715 78.40 40.93 -61.04
N ALA J 716 79.09 42.07 -61.18
CA ALA J 716 79.04 43.14 -60.20
C ALA J 716 79.04 44.45 -60.96
N VAL J 717 79.11 45.53 -60.23
CA VAL J 717 79.17 46.86 -60.83
C VAL J 717 80.63 47.23 -61.01
N ASN J 718 80.89 48.11 -61.97
CA ASN J 718 82.23 48.66 -62.15
C ASN J 718 82.34 49.95 -61.35
N THR J 719 83.41 50.71 -61.60
CA THR J 719 83.61 51.95 -60.86
C THR J 719 82.59 53.02 -61.18
N GLU J 720 81.87 52.87 -62.29
CA GLU J 720 80.85 53.84 -62.70
C GLU J 720 79.44 53.42 -62.29
N GLY J 721 79.30 52.31 -61.57
CA GLY J 721 78.00 51.85 -61.16
C GLY J 721 77.25 51.04 -62.19
N VAL J 722 77.89 50.65 -63.27
CA VAL J 722 77.24 49.89 -64.33
C VAL J 722 77.33 48.41 -64.00
N TYR J 723 76.18 47.76 -63.83
CA TYR J 723 76.14 46.32 -63.68
C TYR J 723 76.28 45.66 -65.04
N SER J 724 77.11 44.63 -65.10
CA SER J 724 77.34 43.91 -66.34
C SER J 724 77.31 42.41 -66.10
N GLU J 725 76.83 41.68 -67.09
CA GLU J 725 76.91 40.23 -67.07
C GLU J 725 78.00 39.81 -68.05
N PRO J 726 79.14 39.32 -67.56
CA PRO J 726 80.28 39.13 -68.46
C PRO J 726 80.13 37.97 -69.43
N ARG J 727 79.32 36.97 -69.10
CA ARG J 727 79.18 35.79 -69.95
C ARG J 727 77.75 35.29 -69.84
N PRO J 728 77.28 34.55 -70.85
CA PRO J 728 75.99 33.87 -70.72
C PRO J 728 76.17 32.57 -69.94
N ILE J 729 75.52 32.47 -68.79
CA ILE J 729 75.59 31.25 -67.99
C ILE J 729 74.49 30.32 -68.45
N GLY J 730 74.88 29.18 -69.01
CA GLY J 730 73.91 28.18 -69.38
C GLY J 730 73.36 27.48 -68.15
N THR J 731 72.80 26.30 -68.35
CA THR J 731 72.14 25.60 -67.27
C THR J 731 72.63 24.17 -67.14
N ARG J 732 73.35 23.65 -68.12
CA ARG J 732 73.69 22.23 -68.19
C ARG J 732 75.14 22.03 -67.73
N TYR J 733 75.29 21.71 -66.46
CA TYR J 733 76.58 21.38 -65.88
C TYR J 733 76.64 20.01 -65.27
N LEU J 734 75.58 19.59 -64.58
CA LEU J 734 75.48 18.23 -64.09
C LEU J 734 75.26 17.28 -65.26
N THR J 735 75.45 15.99 -65.01
CA THR J 735 75.35 14.98 -66.05
C THR J 735 74.35 13.91 -65.68
N ARG J 736 73.75 13.33 -66.72
CA ARG J 736 72.90 12.16 -66.60
C ARG J 736 73.31 11.15 -67.66
N ASN J 737 73.06 9.88 -67.38
CA ASN J 737 73.12 8.88 -68.42
C ASN J 737 71.94 9.05 -69.37
N LEU J 738 72.10 8.53 -70.58
CA LEU J 738 71.01 8.58 -71.54
C LEU J 738 69.96 7.54 -71.20
N GLY K 221 3.07 -2.56 -87.27
CA GLY K 221 1.89 -2.75 -88.09
C GLY K 221 2.04 -2.26 -89.51
N VAL K 222 1.31 -2.90 -90.42
CA VAL K 222 1.36 -2.50 -91.83
C VAL K 222 0.82 -1.09 -92.01
N GLY K 223 -0.29 -0.77 -91.33
CA GLY K 223 -0.97 0.49 -91.50
C GLY K 223 -0.59 1.59 -90.53
N SER K 224 0.48 1.44 -89.78
CA SER K 224 0.92 2.45 -88.83
C SER K 224 2.34 2.88 -89.15
N SER K 225 2.58 4.19 -89.09
CA SER K 225 3.91 4.73 -89.32
C SER K 225 4.85 4.33 -88.19
N SER K 226 6.08 3.98 -88.55
CA SER K 226 7.09 3.58 -87.58
C SER K 226 8.00 4.73 -87.18
N GLY K 227 7.75 5.93 -87.67
CA GLY K 227 8.55 7.07 -87.29
C GLY K 227 8.05 8.32 -88.00
N ASN K 228 8.47 9.45 -87.47
CA ASN K 228 8.06 10.75 -88.00
C ASN K 228 9.24 11.42 -88.70
N TRP K 229 8.89 12.40 -89.53
CA TRP K 229 9.90 13.20 -90.23
C TRP K 229 10.50 14.20 -89.25
N HIS K 230 11.82 14.16 -89.09
CA HIS K 230 12.52 15.02 -88.15
C HIS K 230 13.68 15.68 -88.89
N CYS K 231 13.40 16.82 -89.51
CA CYS K 231 14.43 17.70 -90.03
C CYS K 231 14.36 19.00 -89.25
N ASP K 232 15.45 19.35 -88.58
CA ASP K 232 15.45 20.49 -87.69
C ASP K 232 16.87 20.75 -87.23
N SER K 233 17.09 21.94 -86.68
CA SER K 233 18.32 22.28 -85.99
C SER K 233 17.96 23.14 -84.81
N THR K 234 18.34 22.71 -83.61
CA THR K 234 18.05 23.44 -82.40
C THR K 234 19.37 23.94 -81.82
N TRP K 235 19.49 25.26 -81.69
CA TRP K 235 20.66 25.88 -81.10
C TRP K 235 20.33 26.22 -79.66
N LEU K 236 21.08 25.63 -78.72
CA LEU K 236 20.81 25.80 -77.30
C LEU K 236 22.15 25.92 -76.58
N GLY K 237 22.51 27.14 -76.22
CA GLY K 237 23.76 27.36 -75.51
C GLY K 237 24.95 27.02 -76.38
N ASP K 238 25.82 26.17 -75.85
CA ASP K 238 27.03 25.74 -76.56
C ASP K 238 26.80 24.49 -77.38
N ARG K 239 25.56 24.10 -77.60
CA ARG K 239 25.23 22.93 -78.41
C ARG K 239 24.35 23.35 -79.57
N VAL K 240 24.51 22.64 -80.70
CA VAL K 240 23.54 22.66 -81.77
C VAL K 240 23.21 21.22 -82.11
N ILE K 241 21.93 20.90 -82.18
CA ILE K 241 21.48 19.56 -82.49
C ILE K 241 20.86 19.62 -83.88
N THR K 242 21.56 19.05 -84.85
CA THR K 242 21.03 18.92 -86.20
C THR K 242 20.37 17.57 -86.32
N THR K 243 19.15 17.56 -86.85
CA THR K 243 18.48 16.32 -87.20
C THR K 243 18.00 16.43 -88.64
N SER K 244 18.22 15.39 -89.41
CA SER K 244 17.87 15.40 -90.82
C SER K 244 17.21 14.08 -91.18
N THR K 245 16.11 14.17 -91.91
CA THR K 245 15.41 12.99 -92.41
C THR K 245 15.44 13.02 -93.93
N ARG K 246 15.67 11.86 -94.53
CA ARG K 246 15.65 11.73 -95.97
C ARG K 246 14.89 10.48 -96.35
N THR K 247 14.33 10.47 -97.55
CA THR K 247 13.74 9.28 -98.13
C THR K 247 14.80 8.59 -98.98
N TRP K 248 15.00 7.31 -98.72
CA TRP K 248 15.99 6.53 -99.45
C TRP K 248 15.29 5.44 -100.26
N ALA K 249 16.01 4.94 -101.25
CA ALA K 249 15.59 3.77 -102.02
C ALA K 249 16.77 2.82 -102.12
N LEU K 250 16.55 1.58 -101.73
CA LEU K 250 17.60 0.57 -101.76
C LEU K 250 17.26 -0.48 -102.80
N PRO K 251 18.01 -0.58 -103.89
CA PRO K 251 17.78 -1.66 -104.85
C PRO K 251 18.41 -2.95 -104.34
N THR K 252 18.17 -4.02 -105.09
CA THR K 252 18.93 -5.24 -104.91
C THR K 252 20.24 -5.08 -105.65
N TYR K 253 21.35 -5.19 -104.92
CA TYR K 253 22.67 -5.03 -105.50
C TYR K 253 23.26 -6.41 -105.82
N ASN K 254 23.95 -6.50 -106.95
CA ASN K 254 24.74 -7.67 -107.33
C ASN K 254 23.89 -8.92 -107.51
N ASN K 255 22.57 -8.78 -107.62
CA ASN K 255 21.67 -9.93 -107.65
C ASN K 255 21.88 -10.82 -106.43
N HIS K 256 22.01 -10.18 -105.26
CA HIS K 256 22.20 -10.81 -103.97
C HIS K 256 23.52 -11.57 -103.85
N LEU K 257 24.49 -11.30 -104.72
CA LEU K 257 25.72 -12.05 -104.76
C LEU K 257 26.88 -11.22 -104.22
N TYR K 258 27.87 -11.92 -103.66
CA TYR K 258 29.19 -11.34 -103.44
C TYR K 258 30.04 -11.64 -104.65
N LYS K 259 30.61 -10.60 -105.26
CA LYS K 259 31.43 -10.77 -106.45
C LYS K 259 32.83 -10.29 -106.15
N GLN K 260 33.81 -11.13 -106.49
CA GLN K 260 35.18 -10.66 -106.48
C GLN K 260 35.38 -9.68 -107.62
N ILE K 261 35.99 -8.54 -107.31
CA ILE K 261 36.27 -7.50 -108.29
C ILE K 261 37.76 -7.23 -108.29
N SER K 262 38.32 -6.96 -109.47
CA SER K 262 39.75 -6.78 -109.60
C SER K 262 40.02 -5.81 -110.73
N ASN K 263 41.26 -5.34 -110.76
CA ASN K 263 41.76 -4.52 -111.86
C ASN K 263 43.26 -4.77 -111.93
N GLY K 264 43.73 -5.21 -113.10
CA GLY K 264 45.13 -5.50 -113.30
C GLY K 264 45.74 -4.63 -114.37
N THR K 265 47.01 -4.91 -114.65
CA THR K 265 47.76 -4.17 -115.66
C THR K 265 47.53 -4.75 -117.04
N ALA K 269 45.03 -0.80 -117.57
CA ALA K 269 45.21 -0.07 -116.32
C ALA K 269 46.67 -0.10 -115.87
N THR K 270 47.10 0.96 -115.21
CA THR K 270 48.45 1.02 -114.68
C THR K 270 48.54 0.31 -113.34
N ASN K 271 49.76 0.02 -112.92
CA ASN K 271 49.96 -0.62 -111.63
C ASN K 271 49.46 0.24 -110.49
N ASP K 272 49.49 1.57 -110.66
CA ASP K 272 49.03 2.46 -109.62
C ASP K 272 47.55 2.31 -109.32
N ASN K 273 46.77 1.76 -110.27
CA ASN K 273 45.32 1.67 -110.14
C ASN K 273 44.83 0.24 -109.98
N THR K 274 45.73 -0.71 -109.73
CA THR K 274 45.30 -2.09 -109.54
C THR K 274 44.61 -2.26 -108.19
N TYR K 275 43.67 -3.20 -108.13
CA TYR K 275 43.02 -3.51 -106.87
C TYR K 275 42.45 -4.91 -106.93
N PHE K 276 42.24 -5.47 -105.74
CA PHE K 276 41.48 -6.69 -105.55
C PHE K 276 40.52 -6.43 -104.41
N GLY K 277 39.27 -6.81 -104.60
CA GLY K 277 38.30 -6.59 -103.56
C GLY K 277 37.03 -7.35 -103.83
N TYR K 278 35.98 -6.97 -103.11
CA TYR K 278 34.71 -7.66 -103.22
C TYR K 278 33.58 -6.66 -103.31
N SER K 279 32.68 -6.90 -104.25
CA SER K 279 31.41 -6.21 -104.31
C SER K 279 30.39 -7.03 -103.51
N THR K 280 29.67 -6.36 -102.63
CA THR K 280 28.71 -7.04 -101.80
C THR K 280 27.29 -6.67 -102.22
N PRO K 281 26.30 -7.53 -101.92
CA PRO K 281 24.91 -7.16 -102.17
C PRO K 281 24.33 -6.15 -101.18
N TRP K 282 25.15 -5.61 -100.30
CA TRP K 282 24.68 -4.72 -99.25
C TRP K 282 24.82 -3.27 -99.67
N GLY K 283 23.85 -2.47 -99.28
CA GLY K 283 24.01 -1.03 -99.28
C GLY K 283 24.51 -0.55 -97.95
N TYR K 284 24.84 0.74 -97.89
CA TYR K 284 25.24 1.33 -96.62
C TYR K 284 24.80 2.78 -96.58
N PHE K 285 24.55 3.25 -95.36
CA PHE K 285 24.11 4.62 -95.14
C PHE K 285 25.31 5.50 -94.84
N ASP K 286 25.40 6.59 -95.59
CA ASP K 286 26.48 7.56 -95.43
C ASP K 286 25.88 8.91 -95.12
N PHE K 287 26.33 9.52 -94.03
CA PHE K 287 25.99 10.90 -93.70
C PHE K 287 27.24 11.64 -93.28
N ASN K 288 28.35 11.34 -93.95
CA ASN K 288 29.66 11.89 -93.63
C ASN K 288 29.97 13.15 -94.40
N ARG K 289 28.95 13.96 -94.69
CA ARG K 289 29.14 15.29 -95.25
C ARG K 289 28.36 16.27 -94.40
N PHE K 290 28.91 17.48 -94.25
CA PHE K 290 28.29 18.44 -93.35
C PHE K 290 26.92 18.89 -93.84
N HIS K 291 26.72 18.96 -95.15
CA HIS K 291 25.43 19.41 -95.65
C HIS K 291 24.34 18.36 -95.47
N CYS K 292 24.70 17.13 -95.08
CA CYS K 292 23.69 16.17 -94.67
C CYS K 292 22.99 16.58 -93.39
N HIS K 293 23.60 17.47 -92.62
CA HIS K 293 23.10 17.84 -91.30
C HIS K 293 22.85 19.33 -91.16
N PHE K 294 23.68 20.16 -91.78
CA PHE K 294 23.54 21.61 -91.67
C PHE K 294 22.92 22.16 -92.94
N SER K 295 21.83 22.90 -92.78
CA SER K 295 21.36 23.74 -93.86
C SER K 295 22.37 24.85 -94.09
N PRO K 296 22.38 25.45 -95.28
CA PRO K 296 23.31 26.56 -95.52
C PRO K 296 23.17 27.69 -94.52
N ARG K 297 21.94 28.00 -94.11
CA ARG K 297 21.73 29.01 -93.09
C ARG K 297 22.28 28.55 -91.74
N ASP K 298 22.08 27.28 -91.40
CA ASP K 298 22.66 26.74 -90.17
C ASP K 298 24.18 26.76 -90.22
N TRP K 299 24.75 26.43 -91.38
CA TRP K 299 26.19 26.52 -91.56
C TRP K 299 26.67 27.95 -91.36
N GLN K 300 25.93 28.92 -91.89
CA GLN K 300 26.28 30.32 -91.68
C GLN K 300 26.24 30.68 -90.20
N ARG K 301 25.17 30.26 -89.51
CA ARG K 301 25.08 30.49 -88.07
C ARG K 301 26.28 29.91 -87.34
N LEU K 302 26.70 28.71 -87.73
CA LEU K 302 27.82 28.05 -87.08
C LEU K 302 29.12 28.79 -87.33
N ILE K 303 29.41 29.10 -88.59
CA ILE K 303 30.73 29.61 -88.93
C ILE K 303 30.89 31.09 -88.65
N ASN K 304 29.81 31.86 -88.58
CA ASN K 304 29.94 33.28 -88.32
C ASN K 304 30.02 33.62 -86.84
N ASN K 305 29.80 32.65 -85.96
CA ASN K 305 29.62 32.95 -84.55
C ASN K 305 30.41 32.05 -83.62
N ASN K 306 31.12 31.05 -84.14
CA ASN K 306 31.79 30.08 -83.30
C ASN K 306 33.24 29.93 -83.73
N TRP K 307 34.12 29.83 -82.75
CA TRP K 307 35.53 29.56 -83.02
C TRP K 307 35.80 28.10 -83.29
N GLY K 308 34.89 27.23 -82.93
CA GLY K 308 35.11 25.81 -83.14
C GLY K 308 33.84 25.03 -82.88
N PHE K 309 33.86 23.79 -83.33
CA PHE K 309 32.76 22.87 -83.12
C PHE K 309 33.30 21.45 -83.24
N ARG K 310 32.53 20.52 -82.70
CA ARG K 310 32.88 19.11 -82.79
C ARG K 310 31.63 18.29 -82.55
N PRO K 311 31.51 17.12 -83.19
CA PRO K 311 30.37 16.26 -82.91
C PRO K 311 30.49 15.65 -81.53
N LYS K 312 29.34 15.44 -80.89
CA LYS K 312 29.28 14.86 -79.56
C LYS K 312 28.62 13.49 -79.56
N ARG K 313 27.43 13.39 -80.13
CA ARG K 313 26.70 12.14 -80.17
C ARG K 313 25.83 12.14 -81.42
N LEU K 314 25.43 10.95 -81.83
CA LEU K 314 24.49 10.85 -82.93
C LEU K 314 23.46 9.78 -82.62
N SER K 315 22.27 9.97 -83.16
CA SER K 315 21.24 8.96 -83.16
C SER K 315 20.79 8.76 -84.60
N PHE K 316 20.56 7.51 -84.97
CA PHE K 316 20.24 7.13 -86.33
C PHE K 316 18.95 6.32 -86.31
N LYS K 317 18.07 6.56 -87.28
CA LYS K 317 16.80 5.86 -87.32
C LYS K 317 16.47 5.46 -88.74
N LEU K 318 16.00 4.23 -88.90
CA LEU K 318 15.40 3.74 -90.12
C LEU K 318 13.94 3.39 -89.81
N PHE K 319 13.03 3.87 -90.64
CA PHE K 319 11.62 3.70 -90.34
C PHE K 319 10.81 3.89 -91.62
N ASN K 320 9.52 3.57 -91.51
CA ASN K 320 8.59 3.63 -92.64
C ASN K 320 9.13 2.84 -93.82
N ILE K 321 9.61 1.64 -93.53
CA ILE K 321 10.21 0.80 -94.54
C ILE K 321 9.11 0.22 -95.42
N GLN K 322 9.30 0.30 -96.73
CA GLN K 322 8.39 -0.30 -97.70
C GLN K 322 9.23 -1.15 -98.64
N VAL K 323 8.97 -2.45 -98.66
CA VAL K 323 9.61 -3.35 -99.60
C VAL K 323 8.64 -3.59 -100.74
N LYS K 324 9.09 -3.35 -101.96
CA LYS K 324 8.21 -3.37 -103.12
C LYS K 324 8.69 -4.40 -104.11
N GLU K 325 7.73 -5.13 -104.68
CA GLU K 325 7.99 -6.13 -105.69
C GLU K 325 7.66 -5.56 -107.06
N VAL K 326 8.55 -5.72 -108.01
CA VAL K 326 8.36 -5.26 -109.37
C VAL K 326 8.36 -6.46 -110.31
N THR K 327 7.34 -6.57 -111.14
CA THR K 327 7.20 -7.69 -112.06
C THR K 327 7.31 -7.24 -113.51
N LYS K 333 5.38 -3.28 -116.68
CA LYS K 333 5.97 -3.27 -115.35
C LYS K 333 4.98 -2.78 -114.31
N THR K 334 4.75 -3.60 -113.28
CA THR K 334 3.91 -3.24 -112.16
C THR K 334 4.72 -3.34 -110.87
N ILE K 335 4.52 -2.37 -109.98
CA ILE K 335 5.17 -2.35 -108.68
C ILE K 335 4.11 -2.55 -107.62
N ALA K 336 4.33 -3.53 -106.75
CA ALA K 336 3.39 -3.86 -105.70
C ALA K 336 4.11 -3.97 -104.38
N ASN K 337 3.39 -3.72 -103.30
CA ASN K 337 3.94 -3.92 -101.97
C ASN K 337 4.16 -5.40 -101.70
N ASN K 338 5.29 -5.71 -101.08
CA ASN K 338 5.57 -7.10 -100.61
C ASN K 338 5.56 -6.95 -99.08
N LEU K 339 4.40 -7.08 -98.44
CA LEU K 339 4.24 -6.77 -97.04
C LEU K 339 5.07 -7.68 -96.14
N THR K 340 5.34 -8.89 -96.59
CA THR K 340 6.06 -9.87 -95.77
C THR K 340 7.55 -9.89 -96.04
N SER K 341 8.04 -9.06 -96.95
CA SER K 341 9.46 -9.02 -97.24
C SER K 341 10.20 -8.21 -96.18
N THR K 342 11.48 -8.52 -96.00
CA THR K 342 12.29 -7.87 -94.99
C THR K 342 13.50 -7.18 -95.63
N ILE K 343 14.03 -6.21 -94.89
CA ILE K 343 15.35 -5.69 -95.12
C ILE K 343 16.20 -6.09 -93.92
N GLN K 344 17.50 -6.21 -94.13
CA GLN K 344 18.45 -6.50 -93.06
C GLN K 344 19.31 -5.28 -92.82
N VAL K 345 19.39 -4.86 -91.56
CA VAL K 345 20.18 -3.71 -91.17
C VAL K 345 21.05 -4.12 -90.00
N PHE K 346 22.33 -3.75 -90.07
CA PHE K 346 23.19 -3.88 -88.91
C PHE K 346 24.25 -2.80 -88.96
N THR K 347 24.75 -2.43 -87.80
CA THR K 347 25.87 -1.52 -87.68
C THR K 347 27.13 -2.31 -87.34
N ASP K 348 28.22 -2.00 -88.05
CA ASP K 348 29.51 -2.58 -87.74
C ASP K 348 30.09 -1.86 -86.52
N SER K 349 29.47 -2.15 -85.36
CA SER K 349 29.81 -1.43 -84.15
C SER K 349 31.18 -1.81 -83.61
N GLU K 350 31.66 -3.00 -83.93
CA GLU K 350 33.00 -3.43 -83.54
C GLU K 350 34.05 -3.09 -84.58
N TYR K 351 33.67 -2.42 -85.68
CA TYR K 351 34.60 -2.03 -86.73
C TYR K 351 35.34 -3.23 -87.29
N GLN K 352 34.61 -4.33 -87.48
CA GLN K 352 35.17 -5.54 -88.01
C GLN K 352 35.13 -5.60 -89.53
N LEU K 353 34.45 -4.72 -90.15
CA LEU K 353 34.41 -4.66 -91.60
C LEU K 353 35.36 -3.58 -92.10
N PRO K 354 35.86 -3.72 -93.32
CA PRO K 354 36.61 -2.61 -93.92
C PRO K 354 35.77 -1.34 -93.92
N TYR K 355 36.35 -0.27 -93.37
CA TYR K 355 35.64 0.99 -93.19
C TYR K 355 35.80 1.81 -94.46
N VAL K 356 34.74 1.88 -95.27
CA VAL K 356 34.80 2.60 -96.53
C VAL K 356 34.21 4.00 -96.43
N LEU K 357 33.60 4.36 -95.32
CA LEU K 357 33.29 5.76 -95.07
C LEU K 357 34.59 6.53 -94.86
N GLY K 358 34.51 7.84 -95.03
CA GLY K 358 35.72 8.63 -94.94
C GLY K 358 36.62 8.52 -96.13
N SER K 359 36.09 8.13 -97.29
CA SER K 359 36.82 8.20 -98.54
C SER K 359 36.17 9.18 -99.51
N ALA K 360 35.34 10.09 -98.99
CA ALA K 360 34.71 11.15 -99.77
C ALA K 360 33.91 10.58 -100.94
N HIS K 361 33.18 9.51 -100.69
CA HIS K 361 32.40 8.84 -101.72
C HIS K 361 31.02 9.48 -101.86
N GLN K 362 30.47 9.37 -103.06
CA GLN K 362 29.08 9.74 -103.28
C GLN K 362 28.16 8.77 -102.56
N GLY K 363 26.89 9.14 -102.49
CA GLY K 363 25.90 8.31 -101.84
C GLY K 363 25.52 8.75 -100.45
N CYS K 364 26.07 9.87 -99.97
CA CYS K 364 25.65 10.41 -98.70
C CYS K 364 24.21 10.92 -98.79
N LEU K 365 23.64 11.23 -97.63
CA LEU K 365 22.34 11.86 -97.60
C LEU K 365 22.39 13.17 -98.39
N PRO K 366 21.40 13.44 -99.25
CA PRO K 366 21.47 14.65 -100.07
C PRO K 366 21.39 15.89 -99.21
N PRO K 367 22.03 16.98 -99.63
CA PRO K 367 21.91 18.22 -98.85
C PRO K 367 20.49 18.73 -98.74
N PHE K 368 19.67 18.56 -99.77
CA PHE K 368 18.31 19.07 -99.77
C PHE K 368 17.37 18.04 -99.16
N PRO K 369 16.63 18.38 -98.11
CA PRO K 369 15.79 17.36 -97.43
C PRO K 369 14.73 16.75 -98.33
N ALA K 370 14.22 17.49 -99.31
CA ALA K 370 13.19 16.95 -100.19
C ALA K 370 13.76 15.93 -101.18
N ASP K 371 15.07 15.76 -101.22
CA ASP K 371 15.69 14.93 -102.24
C ASP K 371 15.66 13.46 -101.83
N VAL K 372 15.19 12.61 -102.72
CA VAL K 372 15.19 11.16 -102.50
C VAL K 372 16.46 10.59 -103.09
N PHE K 373 17.19 9.81 -102.31
CA PHE K 373 18.50 9.34 -102.73
C PHE K 373 18.57 7.82 -102.75
N MET K 374 19.43 7.32 -103.61
CA MET K 374 19.72 5.91 -103.74
C MET K 374 20.85 5.53 -102.80
N ILE K 375 20.67 4.41 -102.12
CA ILE K 375 21.69 3.94 -101.16
C ILE K 375 22.87 3.36 -101.92
N PRO K 376 24.10 3.79 -101.63
CA PRO K 376 25.25 3.25 -102.36
C PRO K 376 25.54 1.81 -101.99
N GLN K 377 26.12 1.09 -102.95
CA GLN K 377 26.46 -0.31 -102.73
C GLN K 377 27.75 -0.43 -101.96
N TYR K 378 27.76 -1.33 -100.96
CA TYR K 378 28.95 -1.54 -100.17
C TYR K 378 29.91 -2.47 -100.89
N GLY K 379 31.15 -2.01 -101.02
CA GLY K 379 32.23 -2.85 -101.48
C GLY K 379 33.48 -2.48 -100.71
N TYR K 380 34.48 -3.35 -100.78
CA TYR K 380 35.71 -3.10 -100.06
C TYR K 380 36.87 -3.67 -100.84
N LEU K 381 38.06 -3.21 -100.49
CA LEU K 381 39.29 -3.68 -101.08
C LEU K 381 40.13 -4.37 -100.04
N THR K 382 40.87 -5.37 -100.47
CA THR K 382 41.82 -6.05 -99.60
C THR K 382 43.17 -6.04 -100.29
N LEU K 383 44.14 -6.79 -99.76
CA LEU K 383 45.46 -6.78 -100.34
C LEU K 383 45.43 -7.36 -101.75
N ASN K 384 46.18 -6.73 -102.65
CA ASN K 384 46.26 -7.17 -104.03
C ASN K 384 47.69 -7.15 -104.50
N ASN K 385 47.98 -8.04 -105.45
CA ASN K 385 49.23 -8.07 -106.19
C ASN K 385 48.81 -8.01 -107.66
N GLY K 386 48.75 -6.81 -108.21
CA GLY K 386 48.10 -6.65 -109.50
C GLY K 386 46.61 -6.89 -109.34
N SER K 387 46.05 -7.73 -110.20
CA SER K 387 44.66 -8.12 -110.08
C SER K 387 44.45 -9.35 -109.21
N GLN K 388 45.52 -9.93 -108.69
CA GLN K 388 45.45 -11.14 -107.90
C GLN K 388 45.39 -10.82 -106.41
N ALA K 389 44.73 -11.69 -105.66
CA ALA K 389 44.78 -11.62 -104.22
C ALA K 389 46.03 -12.30 -103.71
N VAL K 390 46.40 -11.97 -102.47
CA VAL K 390 47.47 -12.66 -101.77
C VAL K 390 46.85 -13.46 -100.63
N GLY K 391 47.68 -14.28 -99.99
CA GLY K 391 47.19 -15.08 -98.89
C GLY K 391 46.65 -14.27 -97.73
N ARG K 392 47.12 -13.04 -97.59
CA ARG K 392 46.64 -12.17 -96.52
C ARG K 392 45.36 -11.44 -96.88
N SER K 393 44.89 -11.56 -98.12
CA SER K 393 43.65 -10.92 -98.51
C SER K 393 42.49 -11.47 -97.70
N SER K 394 41.64 -10.57 -97.22
CA SER K 394 40.51 -10.94 -96.37
C SER K 394 39.23 -10.88 -97.18
N PHE K 395 38.41 -11.91 -97.06
CA PHE K 395 37.05 -11.91 -97.59
C PHE K 395 36.08 -11.81 -96.42
N TYR K 396 35.13 -10.89 -96.54
CA TYR K 396 34.14 -10.67 -95.50
C TYR K 396 32.75 -10.96 -96.06
N CYS K 397 32.02 -11.83 -95.38
CA CYS K 397 30.62 -12.05 -95.65
C CYS K 397 29.81 -11.22 -94.66
N LEU K 398 29.04 -10.26 -95.17
CA LEU K 398 28.26 -9.41 -94.30
C LEU K 398 27.06 -10.14 -93.70
N GLU K 399 26.64 -11.25 -94.32
CA GLU K 399 25.63 -12.09 -93.69
C GLU K 399 26.17 -12.80 -92.47
N TYR K 400 27.49 -12.86 -92.31
CA TYR K 400 28.11 -13.45 -91.14
C TYR K 400 28.02 -12.54 -89.92
N PHE K 401 27.28 -11.46 -90.01
CA PHE K 401 27.04 -10.57 -88.89
C PHE K 401 25.60 -10.70 -88.41
N PRO K 402 25.34 -10.47 -87.13
CA PRO K 402 23.96 -10.36 -86.67
C PRO K 402 23.31 -9.12 -87.25
N SER K 403 22.19 -9.29 -87.93
CA SER K 403 21.46 -8.20 -88.53
C SER K 403 20.03 -8.21 -88.03
N GLN K 404 19.47 -7.03 -87.82
CA GLN K 404 18.06 -6.92 -87.54
C GLN K 404 17.31 -7.01 -88.87
N MET K 405 16.32 -7.89 -88.93
CA MET K 405 15.46 -7.99 -90.10
C MET K 405 14.19 -7.21 -89.84
N LEU K 406 13.78 -6.40 -90.81
CA LEU K 406 12.70 -5.44 -90.63
C LEU K 406 11.65 -5.68 -91.70
N ARG K 407 10.42 -5.91 -91.28
CA ARG K 407 9.30 -5.84 -92.19
C ARG K 407 8.79 -4.40 -92.24
N THR K 408 7.71 -4.19 -93.00
CA THR K 408 7.24 -2.83 -93.26
C THR K 408 6.83 -2.12 -91.97
N GLY K 409 6.44 -2.86 -90.94
CA GLY K 409 6.07 -2.26 -89.68
C GLY K 409 7.19 -2.02 -88.70
N ASN K 410 8.39 -2.49 -89.01
CA ASN K 410 9.52 -2.40 -88.09
C ASN K 410 10.34 -1.15 -88.35
N ASN K 411 11.07 -0.73 -87.33
CA ASN K 411 12.02 0.35 -87.46
C ASN K 411 13.33 -0.04 -86.81
N PHE K 412 14.40 0.63 -87.23
CA PHE K 412 15.74 0.39 -86.73
C PHE K 412 16.29 1.69 -86.17
N GLN K 413 17.00 1.61 -85.06
CA GLN K 413 17.63 2.80 -84.52
C GLN K 413 18.81 2.40 -83.66
N PHE K 414 19.79 3.29 -83.61
CA PHE K 414 20.93 3.13 -82.71
C PHE K 414 21.46 4.51 -82.39
N THR K 415 22.18 4.59 -81.27
CA THR K 415 22.83 5.81 -80.84
C THR K 415 24.32 5.58 -80.77
N TYR K 416 25.07 6.64 -80.99
CA TYR K 416 26.52 6.59 -81.00
C TYR K 416 27.05 7.83 -80.32
N THR K 417 28.10 7.67 -79.52
CA THR K 417 28.76 8.78 -78.87
C THR K 417 30.14 8.98 -79.48
N PHE K 418 30.40 10.19 -79.95
CA PHE K 418 31.72 10.51 -80.47
C PHE K 418 32.74 10.53 -79.35
N GLU K 419 33.94 10.04 -79.64
CA GLU K 419 35.03 10.17 -78.69
C GLU K 419 35.41 11.64 -78.54
N ASP K 420 36.16 11.92 -77.48
CA ASP K 420 36.65 13.29 -77.28
C ASP K 420 37.60 13.66 -78.41
N VAL K 421 37.14 14.52 -79.30
CA VAL K 421 37.91 14.93 -80.47
C VAL K 421 38.19 16.42 -80.30
N PRO K 422 39.31 16.94 -80.79
CA PRO K 422 39.55 18.39 -80.69
C PRO K 422 38.52 19.16 -81.50
N PHE K 423 38.21 20.36 -81.02
CA PHE K 423 37.36 21.27 -81.79
C PHE K 423 38.02 21.58 -83.13
N HIS K 424 37.22 21.56 -84.19
CA HIS K 424 37.72 22.06 -85.46
C HIS K 424 37.96 23.55 -85.36
N SER K 425 39.08 24.02 -85.90
CA SER K 425 39.42 25.43 -85.85
C SER K 425 38.55 26.18 -86.84
N SER K 426 37.42 26.69 -86.36
CA SER K 426 36.51 27.46 -87.19
C SER K 426 36.88 28.95 -87.16
N TYR K 427 38.15 29.22 -87.39
CA TYR K 427 38.69 30.57 -87.30
C TYR K 427 39.94 30.66 -88.16
N ALA K 428 40.26 31.87 -88.58
CA ALA K 428 41.54 32.16 -89.20
C ALA K 428 42.35 33.03 -88.27
N HIS K 429 43.66 32.83 -88.26
CA HIS K 429 44.51 33.61 -87.39
C HIS K 429 44.63 35.04 -87.90
N SER K 430 44.47 36.00 -87.00
CA SER K 430 44.64 37.41 -87.32
C SER K 430 46.08 37.86 -87.13
N GLN K 431 46.98 36.95 -86.78
CA GLN K 431 48.40 37.22 -86.69
C GLN K 431 49.15 36.18 -87.50
N SER K 432 50.28 36.58 -88.05
CA SER K 432 51.17 35.66 -88.73
C SER K 432 52.22 35.13 -87.77
N LEU K 433 52.70 33.93 -88.04
CA LEU K 433 53.67 33.29 -87.14
C LEU K 433 54.97 34.07 -87.06
N ASP K 434 55.37 34.72 -88.15
CA ASP K 434 56.59 35.52 -88.17
C ASP K 434 56.36 36.96 -87.74
N ARG K 435 55.18 37.29 -87.25
CA ARG K 435 54.83 38.64 -86.83
C ARG K 435 54.18 38.61 -85.46
N LEU K 436 54.70 37.81 -84.55
CA LEU K 436 54.17 37.69 -83.20
C LEU K 436 54.83 38.63 -82.22
N MET K 437 55.81 39.41 -82.67
CA MET K 437 56.62 40.25 -81.81
C MET K 437 56.06 41.66 -81.69
N ASN K 438 56.52 42.35 -80.66
CA ASN K 438 56.19 43.76 -80.48
C ASN K 438 56.90 44.58 -81.54
N PRO K 439 56.19 45.32 -82.38
CA PRO K 439 56.84 46.09 -83.45
C PRO K 439 57.47 47.39 -83.00
N LEU K 440 57.55 47.66 -81.70
CA LEU K 440 58.13 48.89 -81.21
C LEU K 440 59.43 48.69 -80.45
N ILE K 441 59.72 47.47 -80.00
CA ILE K 441 60.83 47.20 -79.09
C ILE K 441 61.83 46.32 -79.81
N ASP K 442 63.11 46.64 -79.64
CA ASP K 442 64.16 45.78 -80.14
C ASP K 442 64.26 44.51 -79.30
N GLN K 443 64.85 43.48 -79.90
CA GLN K 443 65.19 42.29 -79.16
C GLN K 443 66.51 42.50 -78.42
N TYR K 444 66.63 41.85 -77.27
CA TYR K 444 67.93 41.83 -76.60
C TYR K 444 68.85 40.79 -77.20
N LEU K 445 68.33 39.88 -78.01
CA LEU K 445 69.15 38.90 -78.71
C LEU K 445 69.76 39.52 -79.95
N TYR K 446 70.96 39.07 -80.29
CA TYR K 446 71.66 39.52 -81.47
C TYR K 446 71.62 38.43 -82.54
N TYR K 447 71.72 38.86 -83.79
CA TYR K 447 71.89 37.96 -84.91
C TYR K 447 73.10 38.39 -85.71
N LEU K 448 73.73 37.42 -86.38
CA LEU K 448 74.83 37.73 -87.27
C LEU K 448 74.31 38.57 -88.43
N SER K 449 74.67 39.85 -88.46
CA SER K 449 74.14 40.76 -89.46
C SER K 449 75.07 40.98 -90.64
N ARG K 450 76.37 40.86 -90.44
CA ARG K 450 77.31 40.98 -91.55
C ARG K 450 78.49 40.06 -91.33
N THR K 451 79.01 39.52 -92.43
CA THR K 451 80.22 38.73 -92.40
C THR K 451 81.36 39.36 -93.18
N GLN K 452 81.15 40.55 -93.74
CA GLN K 452 82.15 41.23 -94.55
C GLN K 452 82.10 42.72 -94.25
N THR K 453 83.27 43.34 -94.17
CA THR K 453 83.36 44.76 -93.87
C THR K 453 82.77 45.62 -94.98
N ASN K 459 86.95 44.69 -99.38
CA ASN K 459 86.39 44.35 -98.07
C ASN K 459 86.91 43.01 -97.59
N THR K 460 87.00 42.86 -96.27
CA THR K 460 87.56 41.67 -95.65
C THR K 460 86.50 41.01 -94.77
N GLN K 461 86.83 39.81 -94.31
CA GLN K 461 85.94 39.08 -93.41
C GLN K 461 85.83 39.79 -92.07
N THR K 462 84.64 39.73 -91.49
CA THR K 462 84.38 40.28 -90.17
C THR K 462 83.16 39.57 -89.61
N LEU K 463 82.83 39.88 -88.36
CA LEU K 463 81.63 39.38 -87.72
C LEU K 463 80.91 40.58 -87.10
N GLY K 464 79.83 41.01 -87.74
CA GLY K 464 78.99 42.08 -87.23
C GLY K 464 77.67 41.51 -86.75
N PHE K 465 77.26 41.94 -85.57
CA PHE K 465 76.04 41.45 -84.94
C PHE K 465 75.12 42.62 -84.65
N SER K 466 73.84 42.44 -84.95
CA SER K 466 72.83 43.46 -84.73
C SER K 466 71.69 42.87 -83.93
N GLN K 467 70.96 43.76 -83.27
CA GLN K 467 69.78 43.36 -82.54
C GLN K 467 68.57 43.41 -83.45
N GLY K 468 67.80 42.33 -83.48
CA GLY K 468 66.56 42.31 -84.23
C GLY K 468 65.61 43.37 -83.73
N GLY K 469 65.02 44.14 -84.63
CA GLY K 469 64.13 45.20 -84.24
C GLY K 469 62.96 45.34 -85.17
N PRO K 470 62.23 46.46 -85.07
CA PRO K 470 61.05 46.65 -85.92
C PRO K 470 61.35 46.63 -87.40
N ASN K 471 62.55 47.01 -87.82
CA ASN K 471 62.87 47.05 -89.23
C ASN K 471 63.49 45.76 -89.74
N THR K 472 64.30 45.09 -88.93
CA THR K 472 64.88 43.80 -89.30
C THR K 472 64.05 42.66 -88.73
N MET K 473 62.77 42.66 -89.09
CA MET K 473 61.82 41.74 -88.49
C MET K 473 62.01 40.31 -89.01
N ALA K 474 62.54 40.17 -90.23
CA ALA K 474 62.87 38.85 -90.74
C ALA K 474 64.06 38.22 -90.02
N ASN K 475 64.92 39.03 -89.41
CA ASN K 475 66.10 38.51 -88.73
C ASN K 475 65.87 38.21 -87.26
N GLN K 476 64.72 38.59 -86.71
CA GLN K 476 64.49 38.45 -85.29
C GLN K 476 64.48 37.00 -84.86
N ALA K 477 64.99 36.75 -83.66
CA ALA K 477 64.85 35.42 -83.06
C ALA K 477 63.38 35.12 -82.81
N LYS K 478 62.97 33.91 -83.13
CA LYS K 478 61.58 33.51 -83.03
C LYS K 478 61.48 32.15 -82.37
N ASN K 479 60.34 31.89 -81.75
CA ASN K 479 60.15 30.66 -80.98
C ASN K 479 59.53 29.52 -81.77
N TRP K 480 58.97 29.79 -82.94
CA TRP K 480 58.14 28.80 -83.61
C TRP K 480 58.46 28.76 -85.09
N LEU K 481 58.13 27.63 -85.71
CA LEU K 481 58.34 27.40 -87.12
C LEU K 481 57.01 27.10 -87.79
N PRO K 482 56.87 27.42 -89.08
CA PRO K 482 55.66 27.06 -89.80
C PRO K 482 55.52 25.55 -89.92
N GLY K 483 54.28 25.11 -90.08
CA GLY K 483 53.97 23.70 -90.16
C GLY K 483 54.70 23.00 -91.29
N PRO K 484 54.56 21.68 -91.34
CA PRO K 484 55.32 20.89 -92.31
C PRO K 484 54.87 21.15 -93.74
N CYS K 485 55.76 20.85 -94.67
CA CYS K 485 55.56 21.12 -96.07
C CYS K 485 55.78 19.86 -96.90
N TYR K 486 54.93 19.67 -97.91
CA TYR K 486 55.10 18.62 -98.92
C TYR K 486 54.73 19.26 -100.25
N ARG K 487 55.73 19.86 -100.90
CA ARG K 487 55.46 20.85 -101.94
C ARG K 487 54.67 20.28 -103.10
N GLN K 488 53.67 21.04 -103.53
CA GLN K 488 52.83 20.70 -104.67
C GLN K 488 53.14 21.61 -105.84
N GLN K 489 52.88 21.11 -107.05
CA GLN K 489 53.05 21.93 -108.24
C GLN K 489 51.97 23.01 -108.29
N ARG K 490 52.34 24.19 -108.75
CA ARG K 490 51.43 25.31 -108.83
C ARG K 490 50.72 25.31 -110.18
N VAL K 491 49.39 25.45 -110.14
CA VAL K 491 48.57 25.53 -111.34
C VAL K 491 47.79 26.83 -111.29
N SER K 492 47.76 27.54 -112.40
CA SER K 492 47.02 28.79 -112.50
C SER K 492 45.65 28.53 -113.11
N THR K 493 44.61 29.12 -112.52
CA THR K 493 43.29 29.07 -113.12
C THR K 493 43.24 29.85 -114.43
N THR K 494 44.16 30.79 -114.63
CA THR K 494 44.39 31.42 -115.93
C THR K 494 45.27 30.45 -116.72
N THR K 495 44.63 29.68 -117.61
CA THR K 495 45.33 28.55 -118.23
C THR K 495 46.51 29.01 -119.07
N GLY K 496 46.46 30.21 -119.64
CA GLY K 496 47.57 30.71 -120.43
C GLY K 496 48.86 30.84 -119.64
N GLN K 497 48.78 30.96 -118.32
CA GLN K 497 49.97 31.03 -117.48
C GLN K 497 50.53 29.65 -117.14
N ASN K 498 49.85 28.58 -117.51
CA ASN K 498 50.33 27.24 -117.23
C ASN K 498 51.21 26.73 -118.36
N ASN K 499 52.06 25.76 -118.01
CA ASN K 499 52.88 25.10 -119.02
C ASN K 499 52.00 24.35 -120.00
N ASN K 500 52.34 24.43 -121.28
CA ASN K 500 51.57 23.75 -122.32
C ASN K 500 51.97 22.28 -122.37
N SER K 501 51.52 21.54 -121.36
CA SER K 501 51.75 20.11 -121.27
C SER K 501 50.70 19.51 -120.34
N ASN K 502 50.56 18.21 -120.42
CA ASN K 502 49.63 17.47 -119.56
C ASN K 502 50.44 16.95 -118.37
N PHE K 503 50.46 17.73 -117.29
CA PHE K 503 51.30 17.44 -116.15
C PHE K 503 50.51 17.18 -114.87
N ALA K 504 49.20 16.95 -114.98
CA ALA K 504 48.40 16.73 -113.77
C ALA K 504 48.89 15.52 -113.01
N TRP K 505 49.25 14.44 -113.71
CA TRP K 505 49.79 13.25 -113.08
C TRP K 505 51.31 13.23 -113.03
N THR K 506 51.96 13.57 -114.14
CA THR K 506 53.42 13.49 -114.19
C THR K 506 54.07 14.44 -113.20
N ALA K 507 53.54 15.66 -113.07
CA ALA K 507 54.02 16.62 -112.10
C ALA K 507 53.24 16.57 -110.80
N GLY K 508 52.32 15.63 -110.66
CA GLY K 508 51.54 15.53 -109.44
C GLY K 508 52.40 15.18 -108.25
N THR K 509 52.01 15.72 -107.10
CA THR K 509 52.70 15.43 -105.85
C THR K 509 52.17 14.11 -105.30
N LYS K 510 53.04 13.12 -105.15
CA LYS K 510 52.64 11.75 -104.93
C LYS K 510 53.37 11.17 -103.74
N TYR K 511 52.78 10.12 -103.18
CA TYR K 511 53.49 9.24 -102.27
C TYR K 511 53.61 7.86 -102.90
N HIS K 512 54.59 7.11 -102.44
CA HIS K 512 54.92 5.80 -102.98
C HIS K 512 54.65 4.76 -101.90
N LEU K 513 53.83 3.77 -102.24
CA LEU K 513 53.46 2.73 -101.28
C LEU K 513 53.40 1.40 -102.00
N ASN K 514 54.28 0.48 -101.62
CA ASN K 514 54.32 -0.87 -102.18
C ASN K 514 54.40 -0.84 -103.70
N GLY K 515 55.33 -0.03 -104.22
CA GLY K 515 55.50 0.09 -105.64
C GLY K 515 54.35 0.75 -106.38
N ARG K 516 53.42 1.35 -105.67
CA ARG K 516 52.26 2.01 -106.26
C ARG K 516 52.35 3.49 -105.97
N ASN K 517 52.12 4.30 -106.99
CA ASN K 517 52.13 5.75 -106.84
C ASN K 517 50.70 6.25 -106.69
N SER K 518 50.47 7.04 -105.66
CA SER K 518 49.18 7.65 -105.42
C SER K 518 49.39 9.13 -105.16
N LEU K 519 48.49 9.95 -105.69
CA LEU K 519 48.55 11.38 -105.43
C LEU K 519 48.44 11.66 -103.94
N ALA K 520 49.28 12.57 -103.45
CA ALA K 520 49.12 13.10 -102.10
C ALA K 520 48.01 14.16 -102.17
N ASN K 521 46.79 13.67 -102.24
CA ASN K 521 45.63 14.47 -102.59
C ASN K 521 44.59 14.40 -101.48
N PRO K 522 44.27 15.51 -100.80
CA PRO K 522 44.87 16.82 -101.03
C PRO K 522 46.18 17.03 -100.30
N GLY K 523 46.66 16.00 -99.62
CA GLY K 523 47.90 16.09 -98.90
C GLY K 523 47.74 16.86 -97.60
N ILE K 524 48.90 17.20 -97.01
CA ILE K 524 48.90 17.89 -95.73
C ILE K 524 48.35 19.31 -95.89
N ALA K 525 47.82 19.84 -94.80
CA ALA K 525 47.20 21.16 -94.81
C ALA K 525 48.27 22.22 -95.05
N MET K 526 48.25 22.81 -96.23
CA MET K 526 49.11 23.94 -96.55
C MET K 526 48.27 25.04 -97.19
N ALA K 527 48.74 26.27 -97.05
CA ALA K 527 48.03 27.40 -97.64
C ALA K 527 47.98 27.23 -99.16
N THR K 528 46.80 27.45 -99.72
CA THR K 528 46.61 27.23 -101.16
C THR K 528 47.51 28.15 -101.97
N HIS K 529 47.64 29.40 -101.55
CA HIS K 529 48.43 30.38 -102.26
C HIS K 529 48.85 31.46 -101.27
N LYS K 530 49.80 32.28 -101.67
CA LYS K 530 50.21 33.40 -100.85
C LYS K 530 49.38 34.63 -101.21
N ASP K 531 49.78 35.78 -100.69
CA ASP K 531 49.01 37.01 -100.91
C ASP K 531 48.94 37.35 -102.39
N ASP K 532 47.75 37.75 -102.83
CA ASP K 532 47.51 38.25 -104.17
C ASP K 532 47.80 37.20 -105.25
N GLU K 533 47.61 35.93 -104.92
CA GLU K 533 47.82 34.84 -105.87
C GLU K 533 46.66 33.87 -105.84
N GLU K 534 45.43 34.40 -105.77
CA GLU K 534 44.25 33.54 -105.67
C GLU K 534 44.09 32.64 -106.89
N ARG K 535 44.62 33.06 -108.05
CA ARG K 535 44.51 32.27 -109.26
C ARG K 535 45.34 30.99 -109.21
N PHE K 536 46.26 30.87 -108.27
CA PHE K 536 47.13 29.71 -108.17
C PHE K 536 46.59 28.73 -107.15
N PHE K 537 46.69 27.45 -107.45
CA PHE K 537 46.34 26.40 -106.51
C PHE K 537 47.29 25.23 -106.68
N PRO K 538 47.55 24.48 -105.62
CA PRO K 538 48.32 23.25 -105.75
C PRO K 538 47.58 22.25 -106.63
N SER K 539 48.34 21.53 -107.46
CA SER K 539 47.73 20.70 -108.49
C SER K 539 46.81 19.64 -107.90
N ASN K 540 47.23 19.00 -106.81
CA ASN K 540 46.38 18.06 -106.10
C ASN K 540 46.45 18.33 -104.60
N GLY K 541 46.33 19.60 -104.23
CA GLY K 541 46.48 19.99 -102.84
C GLY K 541 45.29 20.71 -102.24
N ILE K 542 44.15 20.69 -102.94
CA ILE K 542 42.94 21.31 -102.45
C ILE K 542 41.76 20.39 -102.69
N LEU K 543 40.71 20.57 -101.90
CA LEU K 543 39.44 19.92 -102.18
C LEU K 543 38.76 20.64 -103.33
N ILE K 544 38.31 19.88 -104.31
CA ILE K 544 37.60 20.42 -105.47
C ILE K 544 36.23 19.79 -105.49
N PHE K 545 35.20 20.61 -105.30
CA PHE K 545 33.83 20.16 -105.39
C PHE K 545 33.27 20.50 -106.76
N GLY K 546 32.38 19.64 -107.24
CA GLY K 546 31.72 19.88 -108.51
C GLY K 546 30.45 20.69 -108.32
N LYS K 547 30.21 21.60 -109.26
CA LYS K 547 28.94 22.27 -109.30
C LYS K 547 27.86 21.26 -109.72
N GLN K 548 26.61 21.67 -109.54
CA GLN K 548 25.52 20.78 -109.92
C GLN K 548 25.59 20.45 -111.40
N ASN K 549 25.40 19.17 -111.72
CA ASN K 549 25.45 18.66 -113.08
C ASN K 549 26.84 18.77 -113.70
N ALA K 550 27.89 18.83 -112.88
CA ALA K 550 29.24 18.77 -113.40
C ALA K 550 29.54 17.37 -113.90
N ALA K 551 30.28 17.28 -115.01
CA ALA K 551 30.63 16.00 -115.58
C ALA K 551 31.51 15.19 -114.64
N ARG K 552 31.34 13.87 -114.65
CA ARG K 552 32.19 13.02 -113.86
C ARG K 552 33.65 13.09 -114.30
N ASP K 553 33.88 13.10 -115.61
CA ASP K 553 35.23 13.13 -116.17
C ASP K 553 35.44 14.41 -116.97
N ASN K 554 36.60 15.02 -116.79
CA ASN K 554 37.03 16.18 -117.56
C ASN K 554 36.00 17.31 -117.48
N ALA K 555 35.55 17.60 -116.27
CA ALA K 555 34.73 18.78 -116.05
C ALA K 555 35.60 20.03 -116.21
N ASP K 556 35.04 21.04 -116.85
CA ASP K 556 35.78 22.29 -117.03
C ASP K 556 35.92 23.01 -115.69
N TYR K 557 36.86 23.96 -115.65
CA TYR K 557 37.07 24.74 -114.44
C TYR K 557 35.81 25.47 -114.01
N SER K 558 34.98 25.87 -114.97
CA SER K 558 33.74 26.55 -114.64
C SER K 558 32.71 25.61 -114.02
N ASP K 559 32.90 24.30 -114.15
CA ASP K 559 31.97 23.33 -113.59
C ASP K 559 32.38 22.82 -112.22
N VAL K 560 33.52 23.27 -111.69
CA VAL K 560 34.01 22.79 -110.41
C VAL K 560 34.17 23.99 -109.48
N MET K 561 34.27 23.69 -108.19
CA MET K 561 34.38 24.69 -107.14
C MET K 561 35.68 24.42 -106.40
N LEU K 562 36.70 25.24 -106.65
CA LEU K 562 37.97 25.09 -105.96
C LEU K 562 37.87 25.67 -104.56
N THR K 563 38.29 24.90 -103.57
CA THR K 563 38.43 25.45 -102.24
C THR K 563 39.78 26.16 -102.11
N SER K 564 39.90 26.97 -101.07
CA SER K 564 41.14 27.69 -100.80
C SER K 564 41.44 27.63 -99.31
N GLU K 565 42.65 27.21 -98.98
CA GLU K 565 43.13 27.20 -97.60
C GLU K 565 44.03 28.40 -97.32
N GLU K 566 43.73 29.55 -97.93
CA GLU K 566 44.55 30.73 -97.73
C GLU K 566 44.50 31.25 -96.29
N GLU K 567 43.48 30.87 -95.52
CA GLU K 567 43.39 31.33 -94.14
C GLU K 567 44.54 30.84 -93.28
N ILE K 568 45.18 29.74 -93.67
CA ILE K 568 46.27 29.17 -92.88
C ILE K 568 47.63 29.64 -93.39
N LYS K 569 47.66 30.68 -94.23
CA LYS K 569 48.93 31.31 -94.60
C LYS K 569 49.71 31.75 -93.37
N THR K 570 49.01 32.12 -92.30
CA THR K 570 49.65 32.68 -91.13
C THR K 570 50.51 31.66 -90.41
N THR K 571 50.20 30.40 -90.55
CA THR K 571 50.92 29.35 -89.83
C THR K 571 51.44 28.27 -90.73
N ASN K 572 50.73 27.91 -91.78
CA ASN K 572 51.17 26.84 -92.66
C ASN K 572 51.89 27.42 -93.87
N PRO K 573 52.93 26.75 -94.35
CA PRO K 573 53.59 27.20 -95.57
C PRO K 573 52.68 27.06 -96.76
N VAL K 574 52.91 27.91 -97.77
CA VAL K 574 52.15 27.84 -99.00
C VAL K 574 52.42 26.52 -99.70
N ALA K 575 51.36 25.87 -100.18
CA ALA K 575 51.47 24.52 -100.72
C ALA K 575 52.40 24.45 -101.91
N THR K 576 52.51 25.52 -102.68
CA THR K 576 53.29 25.52 -103.91
C THR K 576 54.66 26.16 -103.75
N GLU K 577 55.04 26.52 -102.52
CA GLU K 577 56.32 27.15 -102.26
C GLU K 577 57.17 26.21 -101.41
N GLU K 578 58.47 26.47 -101.41
CA GLU K 578 59.38 25.73 -100.56
C GLU K 578 59.16 26.07 -99.09
N TYR K 579 59.47 25.10 -98.23
CA TYR K 579 59.37 25.36 -96.80
C TYR K 579 60.36 26.42 -96.35
N GLY K 580 61.57 26.36 -96.86
CA GLY K 580 62.59 27.28 -96.43
C GLY K 580 63.91 26.95 -97.08
N ILE K 581 64.98 27.45 -96.47
CA ILE K 581 66.32 27.34 -97.01
C ILE K 581 67.23 26.76 -95.92
N VAL K 582 68.03 25.77 -96.28
CA VAL K 582 69.02 25.22 -95.37
C VAL K 582 70.38 25.29 -96.04
N ALA K 583 71.43 25.23 -95.22
CA ALA K 583 72.78 25.17 -95.73
C ALA K 583 73.04 23.82 -96.40
N ASP K 584 73.76 23.85 -97.51
CA ASP K 584 74.08 22.64 -98.24
C ASP K 584 75.54 22.23 -98.14
N ASN K 585 76.38 23.05 -97.52
CA ASN K 585 77.81 22.76 -97.44
C ASN K 585 78.37 23.48 -96.22
N LEU K 586 79.70 23.45 -96.09
CA LEU K 586 80.42 24.18 -95.07
C LEU K 586 81.25 25.25 -95.77
N GLN K 587 80.87 26.50 -95.60
CA GLN K 587 81.61 27.58 -96.22
C GLN K 587 82.99 27.72 -95.60
N GLN K 588 83.98 27.99 -96.43
CA GLN K 588 85.33 28.31 -96.01
C GLN K 588 85.78 29.55 -96.77
N GLN K 589 87.01 29.99 -96.51
CA GLN K 589 87.54 31.12 -97.24
C GLN K 589 87.68 30.84 -98.73
N ASN K 590 87.69 29.58 -99.12
CA ASN K 590 87.77 29.21 -100.53
C ASN K 590 86.47 28.67 -101.11
N THR K 591 85.50 28.29 -100.29
CA THR K 591 84.24 27.76 -100.77
C THR K 591 83.10 28.67 -100.31
N ALA K 592 82.39 29.26 -101.25
CA ALA K 592 81.26 30.10 -100.92
C ALA K 592 80.13 29.24 -100.33
N PRO K 593 79.36 29.79 -99.39
CA PRO K 593 78.26 29.02 -98.82
C PRO K 593 77.21 28.70 -99.87
N GLN K 594 76.68 27.47 -99.78
CA GLN K 594 75.65 27.01 -100.69
C GLN K 594 74.38 26.74 -99.89
N ILE K 595 73.25 27.00 -100.51
CA ILE K 595 71.96 26.85 -99.84
C ILE K 595 71.14 25.79 -100.56
N GLY K 596 70.36 25.05 -99.79
CA GLY K 596 69.46 24.04 -100.31
C GLY K 596 68.02 24.47 -100.08
N THR K 597 67.18 24.26 -101.09
CA THR K 597 65.78 24.59 -101.02
C THR K 597 65.01 23.41 -100.46
N VAL K 598 64.32 23.62 -99.34
CA VAL K 598 63.58 22.55 -98.67
C VAL K 598 62.19 22.50 -99.29
N ASN K 599 61.96 21.50 -100.13
CA ASN K 599 60.67 21.30 -100.76
C ASN K 599 59.80 20.31 -100.02
N SER K 600 60.34 19.63 -99.02
CA SER K 600 59.58 18.70 -98.20
C SER K 600 60.17 18.73 -96.81
N GLN K 601 59.37 19.10 -95.82
CA GLN K 601 59.83 19.24 -94.45
C GLN K 601 58.89 18.49 -93.53
N GLY K 602 59.42 17.46 -92.86
CA GLY K 602 58.69 16.78 -91.83
C GLY K 602 58.65 17.58 -90.55
N ALA K 603 58.05 16.97 -89.53
CA ALA K 603 57.85 17.66 -88.27
C ALA K 603 59.17 18.06 -87.63
N LEU K 604 59.25 19.33 -87.24
CA LEU K 604 60.37 19.85 -86.47
C LEU K 604 59.85 20.38 -85.14
N PRO K 605 60.66 20.32 -84.09
CA PRO K 605 60.23 20.89 -82.81
C PRO K 605 59.98 22.39 -82.95
N GLY K 606 58.97 22.86 -82.24
CA GLY K 606 58.57 24.25 -82.36
C GLY K 606 57.68 24.55 -83.55
N MET K 607 57.35 23.55 -84.35
CA MET K 607 56.50 23.77 -85.51
C MET K 607 55.05 23.80 -85.08
N VAL K 608 54.28 24.73 -85.65
CA VAL K 608 52.85 24.83 -85.42
C VAL K 608 52.17 24.90 -86.77
N TRP K 609 50.94 24.40 -86.83
CA TRP K 609 50.21 24.40 -88.09
C TRP K 609 48.71 24.32 -87.81
N GLN K 610 47.93 24.65 -88.83
CA GLN K 610 46.49 24.48 -88.81
C GLN K 610 46.11 23.32 -89.70
N ASN K 611 45.00 22.68 -89.36
CA ASN K 611 44.46 21.63 -90.20
C ASN K 611 43.73 22.25 -91.39
N ARG K 612 43.39 21.40 -92.35
CA ARG K 612 42.57 21.83 -93.47
C ARG K 612 41.18 22.22 -92.96
N ASP K 613 40.60 23.22 -93.60
CA ASP K 613 39.26 23.65 -93.25
C ASP K 613 38.24 22.57 -93.62
N VAL K 614 37.14 22.56 -92.90
CA VAL K 614 36.01 21.74 -93.28
C VAL K 614 35.04 22.60 -94.10
N TYR K 615 34.21 21.94 -94.89
CA TYR K 615 33.30 22.64 -95.78
C TYR K 615 31.90 22.07 -95.62
N LEU K 616 30.91 22.89 -95.95
CA LEU K 616 29.53 22.43 -95.89
C LEU K 616 29.33 21.20 -96.76
N GLN K 617 29.98 21.16 -97.92
CA GLN K 617 29.93 20.00 -98.80
C GLN K 617 30.98 18.95 -98.47
N GLY K 618 31.89 19.22 -97.55
CA GLY K 618 33.01 18.35 -97.31
C GLY K 618 32.72 17.26 -96.31
N PRO K 619 33.68 16.35 -96.12
CA PRO K 619 33.52 15.27 -95.16
C PRO K 619 33.58 15.78 -93.72
N ILE K 620 32.97 15.01 -92.83
CA ILE K 620 32.95 15.33 -91.41
C ILE K 620 34.04 14.59 -90.66
N TRP K 621 34.12 13.27 -90.83
CA TRP K 621 35.04 12.46 -90.05
C TRP K 621 35.71 11.44 -90.96
N ALA K 622 36.83 10.91 -90.48
CA ALA K 622 37.46 9.75 -91.07
C ALA K 622 37.89 8.83 -89.94
N LYS K 623 37.93 7.54 -90.24
CA LYS K 623 38.46 6.58 -89.29
C LYS K 623 39.98 6.66 -89.30
N ILE K 624 40.56 6.86 -88.13
CA ILE K 624 42.01 6.80 -88.00
C ILE K 624 42.40 5.34 -88.20
N PRO K 625 43.28 5.03 -89.15
CA PRO K 625 43.68 3.64 -89.34
C PRO K 625 44.29 3.05 -88.08
N HIS K 626 43.96 1.80 -87.81
CA HIS K 626 44.49 1.11 -86.63
C HIS K 626 45.94 0.74 -86.91
N THR K 627 46.86 1.58 -86.47
CA THR K 627 48.28 1.36 -86.69
C THR K 627 49.03 1.58 -85.38
N ASP K 628 50.29 1.13 -85.37
CA ASP K 628 51.14 1.35 -84.22
C ASP K 628 51.37 2.83 -83.97
N GLY K 629 51.63 3.58 -85.03
CA GLY K 629 51.94 4.99 -84.88
C GLY K 629 51.21 5.81 -85.92
N ASN K 630 50.84 7.02 -85.50
CA ASN K 630 50.36 8.04 -86.41
C ASN K 630 50.88 9.37 -85.90
N PHE K 631 50.97 10.33 -86.81
CA PHE K 631 51.38 11.69 -86.45
C PHE K 631 50.24 12.63 -86.80
N HIS K 632 49.72 13.32 -85.78
CA HIS K 632 48.62 14.26 -85.91
C HIS K 632 47.50 13.64 -86.73
N PRO K 633 46.78 12.66 -86.19
CA PRO K 633 45.83 11.91 -87.01
C PRO K 633 44.58 12.70 -87.34
N SER K 634 44.77 13.85 -87.93
CA SER K 634 43.67 14.62 -88.49
C SER K 634 43.51 14.28 -89.97
N PRO K 635 42.33 13.90 -90.42
CA PRO K 635 42.17 13.46 -91.81
C PRO K 635 42.58 14.55 -92.78
N LEU K 636 43.24 14.15 -93.86
CA LEU K 636 43.85 15.14 -94.74
C LEU K 636 42.82 15.88 -95.58
N MET K 637 41.73 15.24 -95.99
CA MET K 637 40.67 15.98 -96.64
C MET K 637 39.80 16.76 -95.67
N GLY K 638 40.21 16.86 -94.43
CA GLY K 638 39.54 17.70 -93.45
C GLY K 638 38.57 16.90 -92.61
N GLY K 639 38.29 17.43 -91.42
CA GLY K 639 37.33 16.83 -90.53
C GLY K 639 37.97 16.29 -89.27
N PHE K 640 37.24 15.39 -88.63
CA PHE K 640 37.61 14.85 -87.33
C PHE K 640 38.15 13.44 -87.51
N GLY K 641 39.36 13.20 -87.03
CA GLY K 641 39.90 11.86 -87.02
C GLY K 641 39.41 11.11 -85.81
N LEU K 642 38.77 9.97 -86.01
CA LEU K 642 38.19 9.19 -84.93
C LEU K 642 38.76 7.79 -84.95
N LYS K 643 39.24 7.32 -83.79
CA LYS K 643 39.62 5.92 -83.67
C LYS K 643 38.40 5.02 -83.82
N HIS K 644 37.26 5.44 -83.28
CA HIS K 644 36.01 4.70 -83.35
C HIS K 644 34.96 5.63 -83.95
N PRO K 645 34.93 5.76 -85.26
CA PRO K 645 34.00 6.69 -85.91
C PRO K 645 32.59 6.16 -85.83
N PRO K 646 31.60 6.93 -86.29
CA PRO K 646 30.25 6.38 -86.43
C PRO K 646 30.28 5.10 -87.22
N PRO K 647 29.67 4.04 -86.70
CA PRO K 647 29.79 2.73 -87.36
C PRO K 647 29.11 2.73 -88.71
N GLN K 648 29.64 1.91 -89.61
CA GLN K 648 28.98 1.70 -90.89
C GLN K 648 27.63 1.04 -90.65
N ILE K 649 26.60 1.56 -91.33
CA ILE K 649 25.26 1.02 -91.24
C ILE K 649 24.98 0.31 -92.56
N LEU K 650 24.94 -1.01 -92.51
CA LEU K 650 24.78 -1.83 -93.70
C LEU K 650 23.33 -2.24 -93.84
N ILE K 651 22.79 -2.12 -95.03
CA ILE K 651 21.39 -2.42 -95.29
C ILE K 651 21.29 -3.27 -96.56
N LYS K 652 20.40 -4.24 -96.55
CA LYS K 652 20.23 -5.12 -97.69
C LYS K 652 18.79 -5.57 -97.76
N ASN K 653 18.26 -5.68 -98.97
CA ASN K 653 17.00 -6.37 -99.17
C ASN K 653 17.22 -7.86 -99.00
N THR K 654 16.45 -8.47 -98.12
CA THR K 654 16.55 -9.92 -97.95
C THR K 654 16.10 -10.60 -99.23
N PRO K 655 16.90 -11.49 -99.79
CA PRO K 655 16.49 -12.17 -101.03
C PRO K 655 15.22 -12.96 -100.82
N VAL K 656 14.30 -12.81 -101.76
CA VAL K 656 13.06 -13.57 -101.76
C VAL K 656 13.07 -14.47 -103.00
N PRO K 657 13.28 -15.77 -102.83
CA PRO K 657 13.35 -16.65 -104.01
C PRO K 657 12.05 -16.65 -104.78
N ALA K 658 12.18 -16.77 -106.11
CA ALA K 658 11.04 -17.12 -106.92
C ALA K 658 10.68 -18.58 -106.66
N ASP K 659 9.68 -19.08 -107.38
CA ASP K 659 9.22 -20.42 -107.11
C ASP K 659 10.33 -21.43 -107.39
N PRO K 660 10.75 -22.22 -106.41
CA PRO K 660 11.77 -23.24 -106.67
C PRO K 660 11.18 -24.39 -107.46
N PRO K 661 12.03 -25.23 -108.05
CA PRO K 661 11.51 -26.42 -108.74
C PRO K 661 10.85 -27.37 -107.75
N THR K 662 9.97 -28.19 -108.26
CA THR K 662 9.25 -29.15 -107.42
C THR K 662 10.06 -30.41 -107.14
N THR K 663 11.23 -30.55 -107.76
CA THR K 663 12.16 -31.62 -107.44
C THR K 663 13.42 -30.99 -106.86
N PHE K 664 13.98 -31.63 -105.83
CA PHE K 664 15.08 -31.03 -105.10
C PHE K 664 16.30 -30.83 -105.99
N ASN K 665 16.91 -29.65 -105.86
CA ASN K 665 18.17 -29.32 -106.50
C ASN K 665 19.08 -28.72 -105.45
N GLN K 666 20.28 -29.28 -105.32
CA GLN K 666 21.22 -28.81 -104.31
C GLN K 666 21.81 -27.45 -104.65
N SER K 667 21.74 -27.03 -105.90
CA SER K 667 22.36 -25.78 -106.32
C SER K 667 21.70 -24.60 -105.63
N LYS K 668 22.50 -23.59 -105.33
CA LYS K 668 21.96 -22.38 -104.73
C LYS K 668 20.94 -21.74 -105.67
N LEU K 669 19.89 -21.19 -105.09
CA LEU K 669 18.85 -20.56 -105.89
C LEU K 669 19.36 -19.27 -106.50
N ASN K 670 19.13 -19.10 -107.80
CA ASN K 670 19.49 -17.89 -108.50
C ASN K 670 18.29 -17.16 -109.07
N SER K 671 17.08 -17.70 -108.91
CA SER K 671 15.86 -17.06 -109.38
C SER K 671 15.23 -16.36 -108.18
N PHE K 672 15.23 -15.04 -108.21
CA PHE K 672 14.71 -14.25 -107.11
C PHE K 672 13.63 -13.29 -107.59
N ILE K 673 12.71 -13.00 -106.70
CA ILE K 673 11.71 -11.98 -106.97
C ILE K 673 12.39 -10.63 -107.02
N THR K 674 12.17 -9.89 -108.11
CA THR K 674 12.77 -8.57 -108.25
C THR K 674 12.17 -7.63 -107.21
N GLN K 675 13.03 -6.94 -106.48
CA GLN K 675 12.58 -6.32 -105.25
C GLN K 675 13.47 -5.12 -104.94
N TYR K 676 12.86 -4.09 -104.36
CA TYR K 676 13.61 -2.96 -103.84
C TYR K 676 12.86 -2.44 -102.62
N SER K 677 13.57 -1.72 -101.78
CA SER K 677 12.97 -1.15 -100.58
C SER K 677 13.16 0.36 -100.58
N THR K 678 12.23 1.02 -99.92
CA THR K 678 12.32 2.45 -99.70
C THR K 678 11.90 2.73 -98.27
N GLY K 679 12.36 3.85 -97.74
CA GLY K 679 12.00 4.21 -96.39
C GLY K 679 12.55 5.57 -96.06
N GLN K 680 12.46 5.92 -94.79
CA GLN K 680 13.00 7.17 -94.30
C GLN K 680 14.17 6.88 -93.37
N VAL K 681 15.18 7.74 -93.43
CA VAL K 681 16.34 7.65 -92.56
C VAL K 681 16.47 8.96 -91.82
N SER K 682 16.63 8.89 -90.51
CA SER K 682 16.85 10.07 -89.68
C SER K 682 18.20 9.94 -89.01
N VAL K 683 19.00 11.00 -89.10
CA VAL K 683 20.25 11.08 -88.37
C VAL K 683 20.24 12.39 -87.58
N GLU K 684 20.47 12.29 -86.28
CA GLU K 684 20.53 13.44 -85.40
C GLU K 684 21.93 13.50 -84.82
N ILE K 685 22.61 14.61 -85.02
CA ILE K 685 23.94 14.82 -84.45
C ILE K 685 23.89 16.02 -83.53
N GLU K 686 24.40 15.84 -82.32
CA GLU K 686 24.60 16.95 -81.40
C GLU K 686 26.03 17.42 -81.52
N TRP K 687 26.20 18.71 -81.79
CA TRP K 687 27.51 19.33 -81.92
C TRP K 687 27.75 20.26 -80.75
N GLU K 688 28.96 20.20 -80.21
CA GLU K 688 29.39 21.16 -79.21
C GLU K 688 30.05 22.34 -79.89
N LEU K 689 29.76 23.53 -79.41
CA LEU K 689 30.26 24.76 -80.01
C LEU K 689 31.30 25.40 -79.11
N GLN K 690 32.33 25.97 -79.73
CA GLN K 690 33.28 26.84 -79.05
C GLN K 690 32.91 28.27 -79.39
N LYS K 691 32.32 28.97 -78.44
CA LYS K 691 31.93 30.36 -78.66
C LYS K 691 33.17 31.24 -78.76
N GLU K 692 33.12 32.20 -79.68
CA GLU K 692 34.22 33.14 -79.81
C GLU K 692 34.19 34.14 -78.66
N ASN K 693 35.32 34.30 -77.99
CA ASN K 693 35.47 35.28 -76.92
C ASN K 693 36.59 36.22 -77.33
N SER K 694 36.23 37.23 -78.12
CA SER K 694 37.20 38.06 -78.81
C SER K 694 37.05 39.51 -78.40
N LYS K 695 38.18 40.18 -78.20
CA LYS K 695 38.19 41.61 -77.89
C LYS K 695 38.54 42.44 -79.11
N ARG K 696 38.47 41.86 -80.30
CA ARG K 696 38.68 42.60 -81.53
C ARG K 696 37.68 43.75 -81.62
N TRP K 697 38.18 44.93 -81.98
CA TRP K 697 37.33 46.11 -82.03
C TRP K 697 36.58 46.21 -83.35
N ASN K 698 37.30 46.08 -84.47
CA ASN K 698 36.69 46.23 -85.77
C ASN K 698 35.85 45.02 -86.13
N PRO K 699 34.87 45.18 -87.02
CA PRO K 699 34.01 44.05 -87.38
C PRO K 699 34.79 42.92 -88.04
N GLU K 700 34.32 41.70 -87.81
CA GLU K 700 34.92 40.52 -88.37
C GLU K 700 34.42 40.29 -89.79
N ILE K 701 35.13 39.42 -90.50
CA ILE K 701 34.63 38.91 -91.78
C ILE K 701 33.58 37.85 -91.49
N GLN K 702 32.44 37.94 -92.16
CA GLN K 702 31.35 37.01 -91.99
C GLN K 702 30.97 36.45 -93.34
N TYR K 703 30.53 35.20 -93.35
CA TYR K 703 29.91 34.68 -94.56
C TYR K 703 28.55 35.31 -94.74
N THR K 704 28.30 35.87 -95.91
CA THR K 704 27.05 36.52 -96.20
C THR K 704 26.61 36.15 -97.61
N SER K 705 25.30 36.11 -97.81
CA SER K 705 24.77 36.01 -99.15
C SER K 705 24.93 37.35 -99.86
N ASN K 706 25.05 37.29 -101.18
CA ASN K 706 25.17 38.51 -101.97
C ASN K 706 23.85 39.28 -101.93
N TYR K 707 23.94 40.59 -101.72
CA TYR K 707 22.74 41.41 -101.65
C TYR K 707 22.14 41.68 -103.01
N TYR K 708 22.96 41.70 -104.06
CA TYR K 708 22.52 42.08 -105.38
C TYR K 708 21.57 41.03 -105.98
N LYS K 709 20.72 41.49 -106.88
CA LYS K 709 19.70 40.63 -107.47
C LYS K 709 20.33 39.54 -108.33
N SER K 710 19.61 38.44 -108.49
CA SER K 710 20.09 37.33 -109.29
C SER K 710 18.89 36.54 -109.82
N THR K 711 19.16 35.72 -110.84
CA THR K 711 18.10 34.92 -111.43
C THR K 711 17.51 33.94 -110.44
N SER K 712 18.35 33.36 -109.58
CA SER K 712 17.91 32.37 -108.62
C SER K 712 18.54 32.68 -107.27
N VAL K 713 17.91 32.19 -106.22
CA VAL K 713 18.46 32.29 -104.87
C VAL K 713 19.56 31.27 -104.70
N ASP K 714 20.70 31.71 -104.17
CA ASP K 714 21.79 30.79 -103.87
C ASP K 714 21.37 29.80 -102.79
N PHE K 715 21.78 28.55 -102.96
CA PHE K 715 21.39 27.45 -102.07
C PHE K 715 19.87 27.30 -102.03
N ALA K 716 19.27 27.30 -103.20
CA ALA K 716 17.85 27.06 -103.37
C ALA K 716 17.66 26.20 -104.62
N VAL K 717 16.43 25.97 -104.97
CA VAL K 717 16.11 25.22 -106.17
C VAL K 717 15.95 26.19 -107.32
N ASN K 718 16.16 25.71 -108.53
CA ASN K 718 15.92 26.50 -109.73
C ASN K 718 14.49 26.24 -110.20
N THR K 719 14.17 26.68 -111.42
CA THR K 719 12.82 26.50 -111.94
C THR K 719 12.50 25.03 -112.23
N GLU K 720 13.51 24.17 -112.31
CA GLU K 720 13.30 22.76 -112.58
C GLU K 720 13.31 21.92 -111.32
N GLY K 721 13.41 22.53 -110.15
CA GLY K 721 13.42 21.79 -108.91
C GLY K 721 14.77 21.26 -108.50
N VAL K 722 15.84 21.64 -109.18
CA VAL K 722 17.17 21.14 -108.88
C VAL K 722 17.79 22.01 -107.80
N TYR K 723 18.11 21.41 -106.66
CA TYR K 723 18.86 22.10 -105.63
C TYR K 723 20.34 22.12 -105.99
N SER K 724 20.96 23.28 -105.82
CA SER K 724 22.37 23.43 -106.14
C SER K 724 23.07 24.18 -105.02
N GLU K 725 24.34 23.83 -104.80
CA GLU K 725 25.19 24.59 -103.90
C GLU K 725 26.15 25.40 -104.75
N PRO K 726 26.01 26.72 -104.81
CA PRO K 726 26.78 27.49 -105.80
C PRO K 726 28.25 27.61 -105.47
N ARG K 727 28.63 27.51 -104.20
CA ARG K 727 30.03 27.70 -103.82
C ARG K 727 30.33 26.78 -102.64
N PRO K 728 31.59 26.44 -102.42
CA PRO K 728 31.96 25.73 -101.19
C PRO K 728 32.12 26.72 -100.06
N ILE K 729 31.30 26.58 -99.02
CA ILE K 729 31.38 27.45 -97.87
C ILE K 729 32.38 26.83 -96.90
N GLY K 730 33.48 27.53 -96.67
CA GLY K 730 34.43 27.10 -95.67
C GLY K 730 33.90 27.32 -94.28
N THR K 731 34.80 27.37 -93.31
CA THR K 731 34.40 27.47 -91.93
C THR K 731 35.11 28.59 -91.19
N ARG K 732 36.18 29.14 -91.78
CA ARG K 732 37.07 30.07 -91.09
C ARG K 732 36.75 31.49 -91.52
N TYR K 733 35.93 32.17 -90.73
CA TYR K 733 35.59 33.57 -90.95
C TYR K 733 35.92 34.44 -89.76
N LEU K 734 35.68 33.97 -88.54
CA LEU K 734 36.11 34.67 -87.36
C LEU K 734 37.64 34.58 -87.23
N THR K 735 38.19 35.43 -86.38
CA THR K 735 39.63 35.51 -86.22
C THR K 735 40.05 35.29 -84.78
N ARG K 736 41.25 34.76 -84.62
CA ARG K 736 41.90 34.65 -83.33
C ARG K 736 43.34 35.13 -83.45
N ASN K 737 43.89 35.61 -82.35
CA ASN K 737 45.32 35.82 -82.29
C ASN K 737 46.03 34.47 -82.23
N LEU K 738 47.30 34.49 -82.62
CA LEU K 738 48.10 33.27 -82.55
C LEU K 738 48.50 32.99 -81.11
N GLY L 221 70.87 -22.56 -45.78
CA GLY L 221 71.69 -23.69 -45.42
C GLY L 221 72.52 -24.23 -46.56
N VAL L 222 73.68 -24.80 -46.22
CA VAL L 222 74.55 -25.38 -47.24
C VAL L 222 73.87 -26.54 -47.94
N GLY L 223 73.20 -27.40 -47.19
CA GLY L 223 72.61 -28.61 -47.72
C GLY L 223 71.17 -28.53 -48.13
N SER L 224 70.59 -27.33 -48.24
CA SER L 224 69.21 -27.17 -48.64
C SER L 224 69.12 -26.29 -49.87
N SER L 225 68.28 -26.69 -50.81
CA SER L 225 68.07 -25.91 -52.02
C SER L 225 67.37 -24.60 -51.69
N SER L 226 67.80 -23.52 -52.34
CA SER L 226 67.20 -22.21 -52.14
C SER L 226 66.15 -21.87 -53.18
N GLY L 227 65.84 -22.78 -54.07
CA GLY L 227 64.79 -22.56 -55.04
C GLY L 227 64.65 -23.75 -55.95
N ASN L 228 63.52 -23.80 -56.65
CA ASN L 228 63.18 -24.89 -57.53
C ASN L 228 63.28 -24.45 -58.98
N TRP L 229 63.37 -25.45 -59.86
CA TRP L 229 63.39 -25.21 -61.29
C TRP L 229 61.97 -24.88 -61.76
N HIS L 230 61.81 -23.72 -62.39
CA HIS L 230 60.50 -23.25 -62.84
C HIS L 230 60.62 -22.84 -64.30
N CYS L 231 60.46 -23.79 -65.21
CA CYS L 231 60.29 -23.50 -66.62
C CYS L 231 58.89 -23.94 -67.00
N ASP L 232 58.09 -22.99 -67.49
CA ASP L 232 56.69 -23.26 -67.76
C ASP L 232 56.10 -22.06 -68.49
N SER L 233 54.94 -22.29 -69.08
CA SER L 233 54.12 -21.22 -69.62
C SER L 233 52.67 -21.56 -69.36
N THR L 234 51.96 -20.69 -68.66
CA THR L 234 50.56 -20.90 -68.34
C THR L 234 49.73 -19.87 -69.09
N TRP L 235 48.84 -20.34 -69.94
CA TRP L 235 47.92 -19.50 -70.69
C TRP L 235 46.59 -19.49 -69.96
N LEU L 236 46.16 -18.31 -69.52
CA LEU L 236 44.93 -18.19 -68.74
C LEU L 236 44.22 -16.92 -69.18
N GLY L 237 43.17 -17.08 -69.98
CA GLY L 237 42.41 -15.94 -70.44
C GLY L 237 43.24 -15.05 -71.34
N ASP L 238 43.30 -13.77 -71.01
CA ASP L 238 44.05 -12.79 -71.76
C ASP L 238 45.49 -12.63 -71.27
N ARG L 239 45.95 -13.55 -70.44
CA ARG L 239 47.32 -13.51 -69.93
C ARG L 239 48.04 -14.79 -70.32
N VAL L 240 49.35 -14.65 -70.54
CA VAL L 240 50.25 -15.79 -70.57
C VAL L 240 51.41 -15.49 -69.63
N ILE L 241 51.71 -16.42 -68.75
CA ILE L 241 52.79 -16.26 -67.80
C ILE L 241 53.90 -17.22 -68.21
N THR L 242 54.97 -16.67 -68.75
CA THR L 242 56.16 -17.45 -69.07
C THR L 242 57.11 -17.40 -67.89
N THR L 243 57.60 -18.56 -67.48
CA THR L 243 58.66 -18.64 -66.50
C THR L 243 59.75 -19.52 -67.06
N SER L 244 60.99 -19.08 -66.91
CA SER L 244 62.12 -19.81 -67.46
C SER L 244 63.24 -19.83 -66.43
N THR L 245 63.83 -21.01 -66.26
CA THR L 245 64.96 -21.20 -65.38
C THR L 245 66.16 -21.64 -66.20
N ARG L 246 67.32 -21.08 -65.89
CA ARG L 246 68.56 -21.48 -66.55
C ARG L 246 69.65 -21.62 -65.51
N THR L 247 70.63 -22.45 -65.83
CA THR L 247 71.84 -22.55 -65.05
C THR L 247 72.88 -21.60 -65.63
N TRP L 248 73.45 -20.75 -64.78
CA TRP L 248 74.44 -19.79 -65.20
C TRP L 248 75.78 -20.10 -64.55
N ALA L 249 76.84 -19.57 -65.14
CA ALA L 249 78.16 -19.60 -64.56
C ALA L 249 78.75 -18.21 -64.64
N LEU L 250 79.20 -17.68 -63.51
CA LEU L 250 79.78 -16.36 -63.46
C LEU L 250 81.26 -16.44 -63.14
N PRO L 251 82.15 -16.10 -64.06
CA PRO L 251 83.57 -16.07 -63.74
C PRO L 251 83.91 -14.79 -62.99
N THR L 252 85.16 -14.71 -62.55
CA THR L 252 85.72 -13.45 -62.10
C THR L 252 86.14 -12.66 -63.33
N TYR L 253 85.57 -11.48 -63.49
CA TYR L 253 85.87 -10.63 -64.62
C TYR L 253 86.91 -9.60 -64.23
N ASN L 254 87.83 -9.31 -65.15
CA ASN L 254 88.80 -8.23 -65.02
C ASN L 254 89.75 -8.40 -63.85
N ASN L 255 89.82 -9.58 -63.26
CA ASN L 255 90.58 -9.80 -62.03
C ASN L 255 90.13 -8.85 -60.93
N HIS L 256 88.81 -8.68 -60.82
CA HIS L 256 88.15 -7.83 -59.83
C HIS L 256 88.44 -6.36 -60.02
N LEU L 257 88.93 -5.95 -61.18
CA LEU L 257 89.34 -4.57 -61.41
C LEU L 257 88.35 -3.83 -62.30
N TYR L 258 88.28 -2.52 -62.12
CA TYR L 258 87.69 -1.64 -63.10
C TYR L 258 88.79 -1.15 -64.02
N LYS L 259 88.62 -1.35 -65.31
CA LYS L 259 89.62 -0.95 -66.29
C LYS L 259 89.03 0.07 -67.22
N GLN L 260 89.74 1.18 -67.41
CA GLN L 260 89.39 2.10 -68.47
C GLN L 260 89.69 1.46 -69.82
N ILE L 261 88.73 1.52 -70.72
CA ILE L 261 88.88 0.96 -72.05
C ILE L 261 88.63 2.08 -73.06
N SER L 262 89.38 2.05 -74.16
CA SER L 262 89.30 3.12 -75.14
C SER L 262 89.61 2.56 -76.52
N ASN L 263 89.29 3.35 -77.53
CA ASN L 263 89.64 3.05 -78.90
C ASN L 263 89.77 4.39 -79.61
N GLY L 264 90.94 4.63 -80.21
CA GLY L 264 91.21 5.87 -80.89
C GLY L 264 91.51 5.65 -82.37
N THR L 265 91.83 6.75 -83.04
CA THR L 265 92.14 6.70 -84.45
C THR L 265 93.61 6.38 -84.68
N ALA L 269 91.79 2.28 -86.12
CA ALA L 269 90.35 2.46 -86.04
C ALA L 269 89.93 3.81 -86.59
N THR L 270 88.74 3.88 -87.16
CA THR L 270 88.22 5.13 -87.68
C THR L 270 87.56 5.94 -86.56
N ASN L 271 87.34 7.22 -86.85
CA ASN L 271 86.69 8.09 -85.86
C ASN L 271 85.28 7.60 -85.55
N ASP L 272 84.63 6.95 -86.51
CA ASP L 272 83.27 6.46 -86.28
C ASP L 272 83.22 5.38 -85.21
N ASN L 273 84.33 4.72 -84.92
CA ASN L 273 84.36 3.61 -83.98
C ASN L 273 85.12 3.93 -82.70
N THR L 274 85.44 5.19 -82.46
CA THR L 274 86.14 5.53 -81.23
C THR L 274 85.20 5.44 -80.03
N TYR L 275 85.77 5.13 -78.88
CA TYR L 275 84.99 5.11 -77.66
C TYR L 275 85.91 5.30 -76.46
N PHE L 276 85.31 5.73 -75.36
CA PHE L 276 85.93 5.74 -74.05
C PHE L 276 84.92 5.16 -73.08
N GLY L 277 85.36 4.25 -72.24
CA GLY L 277 84.45 3.64 -71.31
C GLY L 277 85.18 2.88 -70.24
N TYR L 278 84.44 2.04 -69.53
CA TYR L 278 85.01 1.29 -68.43
C TYR L 278 84.54 -0.15 -68.50
N SER L 279 85.48 -1.07 -68.32
CA SER L 279 85.18 -2.46 -68.09
C SER L 279 85.09 -2.69 -66.60
N THR L 280 84.02 -3.33 -66.16
CA THR L 280 83.82 -3.56 -64.75
C THR L 280 84.00 -5.04 -64.41
N PRO L 281 84.32 -5.37 -63.16
CA PRO L 281 84.38 -6.77 -62.75
C PRO L 281 83.02 -7.42 -62.57
N TRP L 282 81.94 -6.73 -62.91
CA TRP L 282 80.59 -7.23 -62.67
C TRP L 282 80.05 -7.92 -63.91
N GLY L 283 79.31 -8.98 -63.69
CA GLY L 283 78.44 -9.52 -64.70
C GLY L 283 77.05 -8.95 -64.60
N TYR L 284 76.22 -9.27 -65.57
CA TYR L 284 74.83 -8.82 -65.52
C TYR L 284 73.94 -9.85 -66.18
N PHE L 285 72.71 -9.91 -65.71
CA PHE L 285 71.74 -10.86 -66.23
C PHE L 285 70.90 -10.19 -67.32
N ASP L 286 70.84 -10.85 -68.47
CA ASP L 286 70.07 -10.36 -69.61
C ASP L 286 69.03 -11.41 -69.98
N PHE L 287 67.78 -10.99 -70.06
CA PHE L 287 66.70 -11.82 -70.59
C PHE L 287 65.86 -11.00 -71.53
N ASN L 288 66.52 -10.15 -72.32
CA ASN L 288 65.87 -9.22 -73.22
C ASN L 288 65.71 -9.79 -74.62
N ARG L 289 65.50 -11.10 -74.72
CA ARG L 289 65.13 -11.73 -75.98
C ARG L 289 63.91 -12.60 -75.73
N PHE L 290 63.04 -12.67 -76.74
CA PHE L 290 61.76 -13.35 -76.54
C PHE L 290 61.96 -14.85 -76.32
N HIS L 291 62.97 -15.45 -76.95
CA HIS L 291 63.18 -16.88 -76.77
C HIS L 291 63.72 -17.23 -75.40
N CYS L 292 64.13 -16.24 -74.61
CA CYS L 292 64.43 -16.51 -73.21
C CYS L 292 63.20 -16.89 -72.41
N HIS L 293 62.02 -16.57 -72.92
CA HIS L 293 60.77 -16.76 -72.20
C HIS L 293 59.78 -17.63 -72.95
N PHE L 294 59.71 -17.52 -74.27
CA PHE L 294 58.77 -18.28 -75.07
C PHE L 294 59.48 -19.43 -75.74
N SER L 295 58.97 -20.64 -75.53
CA SER L 295 59.36 -21.75 -76.37
C SER L 295 58.81 -21.51 -77.77
N PRO L 296 59.41 -22.14 -78.79
CA PRO L 296 58.88 -21.96 -80.16
C PRO L 296 57.41 -22.31 -80.27
N ARG L 297 56.97 -23.36 -79.58
CA ARG L 297 55.54 -23.69 -79.58
C ARG L 297 54.72 -22.62 -78.89
N ASP L 298 55.23 -22.08 -77.77
CA ASP L 298 54.54 -20.98 -77.10
C ASP L 298 54.49 -19.74 -77.99
N TRP L 299 55.58 -19.47 -78.70
CA TRP L 299 55.59 -18.37 -79.64
C TRP L 299 54.54 -18.57 -80.74
N GLN L 300 54.42 -19.80 -81.23
CA GLN L 300 53.40 -20.11 -82.22
C GLN L 300 52.00 -19.87 -81.66
N ARG L 301 51.76 -20.34 -80.44
CA ARG L 301 50.48 -20.10 -79.77
C ARG L 301 50.19 -18.61 -79.69
N LEU L 302 51.20 -17.82 -79.34
CA LEU L 302 51.02 -16.39 -79.20
C LEU L 302 50.70 -15.73 -80.53
N ILE L 303 51.51 -16.01 -81.55
CA ILE L 303 51.41 -15.25 -82.81
C ILE L 303 50.27 -15.73 -83.70
N ASN L 304 49.81 -16.97 -83.56
CA ASN L 304 48.75 -17.47 -84.41
C ASN L 304 47.37 -17.11 -83.90
N ASN L 305 47.25 -16.58 -82.69
CA ASN L 305 45.96 -16.42 -82.04
C ASN L 305 45.73 -15.06 -81.42
N ASN L 306 46.70 -14.17 -81.43
CA ASN L 306 46.57 -12.90 -80.74
C ASN L 306 46.94 -11.76 -81.67
N TRP L 307 46.17 -10.68 -81.59
CA TRP L 307 46.47 -9.48 -82.35
C TRP L 307 47.55 -8.64 -81.71
N GLY L 308 47.84 -8.88 -80.43
CA GLY L 308 48.84 -8.10 -79.75
C GLY L 308 49.18 -8.70 -78.41
N PHE L 309 50.28 -8.23 -77.86
CA PHE L 309 50.72 -8.65 -76.54
C PHE L 309 51.64 -7.58 -75.99
N ARG L 310 51.81 -7.61 -74.67
CA ARG L 310 52.72 -6.68 -74.01
C ARG L 310 53.08 -7.26 -72.65
N PRO L 311 54.30 -7.01 -72.17
CA PRO L 311 54.65 -7.46 -70.83
C PRO L 311 53.91 -6.65 -69.77
N LYS L 312 53.59 -7.32 -68.67
CA LYS L 312 52.88 -6.69 -67.57
C LYS L 312 53.73 -6.59 -66.32
N ARG L 313 54.32 -7.70 -65.89
CA ARG L 313 55.13 -7.75 -64.69
C ARG L 313 56.17 -8.84 -64.87
N LEU L 314 57.24 -8.74 -64.10
CA LEU L 314 58.22 -9.80 -64.08
C LEU L 314 58.68 -10.05 -62.65
N SER L 315 59.05 -11.30 -62.39
CA SER L 315 59.72 -11.68 -61.17
C SER L 315 61.01 -12.39 -61.55
N PHE L 316 62.07 -12.10 -60.81
CA PHE L 316 63.40 -12.61 -61.09
C PHE L 316 63.93 -13.28 -59.84
N LYS L 317 64.60 -14.41 -60.02
CA LYS L 317 65.12 -15.14 -58.88
C LYS L 317 66.53 -15.65 -59.18
N LEU L 318 67.40 -15.52 -58.19
CA LEU L 318 68.71 -16.16 -58.20
C LEU L 318 68.75 -17.11 -57.01
N PHE L 319 69.17 -18.34 -57.23
CA PHE L 319 69.10 -19.34 -56.19
C PHE L 319 70.06 -20.48 -56.52
N ASN L 320 70.22 -21.37 -55.54
CA ASN L 320 71.13 -22.51 -55.65
C ASN L 320 72.52 -22.05 -56.06
N ILE L 321 72.98 -21.00 -55.41
CA ILE L 321 74.28 -20.41 -55.72
C ILE L 321 75.38 -21.32 -55.19
N GLN L 322 76.36 -21.60 -56.03
CA GLN L 322 77.55 -22.35 -55.65
C GLN L 322 78.76 -21.53 -56.06
N VAL L 323 79.57 -21.16 -55.09
CA VAL L 323 80.83 -20.48 -55.36
C VAL L 323 81.94 -21.50 -55.26
N LYS L 324 82.73 -21.61 -56.30
CA LYS L 324 83.71 -22.69 -56.41
C LYS L 324 85.11 -22.10 -56.53
N GLU L 325 86.04 -22.73 -55.82
CA GLU L 325 87.45 -22.35 -55.85
C GLU L 325 88.20 -23.31 -56.75
N VAL L 326 89.01 -22.76 -57.64
CA VAL L 326 89.83 -23.57 -58.54
C VAL L 326 91.29 -23.27 -58.26
N THR L 327 92.08 -24.32 -58.06
CA THR L 327 93.49 -24.18 -57.73
C THR L 327 94.37 -24.75 -58.84
N LYS L 333 94.63 -29.16 -61.99
CA LYS L 333 93.52 -28.27 -61.63
C LYS L 333 92.45 -29.01 -60.85
N THR L 334 92.14 -28.50 -59.65
CA THR L 334 91.07 -29.04 -58.83
C THR L 334 90.07 -27.93 -58.54
N ILE L 335 88.78 -28.28 -58.59
CA ILE L 335 87.70 -27.36 -58.30
C ILE L 335 87.02 -27.82 -57.01
N ALA L 336 86.91 -26.92 -56.04
CA ALA L 336 86.32 -27.23 -54.76
C ALA L 336 85.29 -26.18 -54.40
N ASN L 337 84.32 -26.57 -53.60
CA ASN L 337 83.36 -25.62 -53.07
C ASN L 337 84.02 -24.67 -52.10
N ASN L 338 83.67 -23.40 -52.20
CA ASN L 338 84.05 -22.39 -51.22
C ASN L 338 82.75 -21.99 -50.53
N LEU L 339 82.42 -22.70 -49.45
CA LEU L 339 81.12 -22.55 -48.82
C LEU L 339 80.91 -21.17 -48.23
N THR L 340 81.98 -20.50 -47.83
CA THR L 340 81.88 -19.20 -47.16
C THR L 340 82.04 -18.03 -48.13
N SER L 341 82.24 -18.29 -49.42
CA SER L 341 82.36 -17.21 -50.38
C SER L 341 81.00 -16.67 -50.76
N THR L 342 80.98 -15.41 -51.19
CA THR L 342 79.74 -14.73 -51.52
C THR L 342 79.77 -14.25 -52.97
N ILE L 343 78.57 -14.05 -53.50
CA ILE L 343 78.36 -13.26 -54.70
C ILE L 343 77.60 -12.01 -54.29
N GLN L 344 77.78 -10.94 -55.04
CA GLN L 344 77.06 -9.69 -54.82
C GLN L 344 76.08 -9.48 -55.96
N VAL L 345 74.82 -9.24 -55.61
CA VAL L 345 73.78 -9.01 -56.60
C VAL L 345 73.04 -7.74 -56.21
N PHE L 346 72.82 -6.86 -57.19
CA PHE L 346 71.92 -5.74 -56.97
C PHE L 346 71.26 -5.38 -58.30
N THR L 347 70.08 -4.79 -58.19
CA THR L 347 69.38 -4.26 -59.36
C THR L 347 69.53 -2.75 -59.37
N ASP L 348 69.84 -2.20 -60.54
CA ASP L 348 69.88 -0.76 -60.73
C ASP L 348 68.44 -0.25 -60.87
N SER L 349 67.73 -0.28 -59.74
CA SER L 349 66.31 0.03 -59.74
C SER L 349 66.03 1.50 -59.99
N GLU L 350 66.99 2.37 -59.65
CA GLU L 350 66.86 3.79 -59.92
C GLU L 350 67.44 4.19 -61.26
N TYR L 351 67.92 3.24 -62.05
CA TYR L 351 68.48 3.50 -63.38
C TYR L 351 69.61 4.51 -63.31
N GLN L 352 70.46 4.37 -62.29
CA GLN L 352 71.59 5.26 -62.10
C GLN L 352 72.84 4.78 -62.84
N LEU L 353 72.84 3.62 -63.34
CA LEU L 353 73.95 3.11 -64.13
C LEU L 353 73.65 3.25 -65.62
N PRO L 354 74.69 3.35 -66.44
CA PRO L 354 74.46 3.28 -67.89
C PRO L 354 73.73 1.99 -68.24
N TYR L 355 72.63 2.12 -68.96
CA TYR L 355 71.76 1.00 -69.29
C TYR L 355 72.27 0.37 -70.57
N VAL L 356 72.92 -0.80 -70.45
CA VAL L 356 73.49 -1.46 -71.61
C VAL L 356 72.60 -2.58 -72.14
N LEU L 357 71.53 -2.92 -71.44
CA LEU L 357 70.51 -3.76 -72.05
C LEU L 357 69.81 -2.99 -73.15
N GLY L 358 69.16 -3.72 -74.04
CA GLY L 358 68.55 -3.05 -75.17
C GLY L 358 69.53 -2.61 -76.23
N SER L 359 70.71 -3.23 -76.29
CA SER L 359 71.63 -3.03 -77.39
C SER L 359 71.84 -4.32 -78.18
N ALA L 360 70.92 -5.27 -78.03
CA ALA L 360 70.95 -6.54 -78.77
C ALA L 360 72.26 -7.29 -78.57
N HIS L 361 72.74 -7.31 -77.33
CA HIS L 361 74.01 -7.96 -77.02
C HIS L 361 73.81 -9.43 -76.74
N GLN L 362 74.86 -10.20 -76.98
CA GLN L 362 74.88 -11.60 -76.57
C GLN L 362 74.94 -11.69 -75.04
N GLY L 363 74.73 -12.90 -74.55
CA GLY L 363 74.75 -13.13 -73.11
C GLY L 363 73.40 -13.23 -72.47
N CYS L 364 72.32 -13.17 -73.24
CA CYS L 364 71.00 -13.38 -72.68
C CYS L 364 70.84 -14.84 -72.27
N LEU L 365 69.76 -15.11 -71.54
CA LEU L 365 69.43 -16.48 -71.22
C LEU L 365 69.27 -17.29 -72.50
N PRO L 366 69.84 -18.50 -72.57
CA PRO L 366 69.76 -19.25 -73.81
C PRO L 366 68.33 -19.64 -74.12
N PRO L 367 67.98 -19.76 -75.40
CA PRO L 367 66.62 -20.21 -75.74
C PRO L 367 66.29 -21.59 -75.22
N PHE L 368 67.27 -22.50 -75.18
CA PHE L 368 67.02 -23.86 -74.76
C PHE L 368 67.21 -23.97 -73.25
N PRO L 369 66.21 -24.43 -72.50
CA PRO L 369 66.33 -24.45 -71.04
C PRO L 369 67.46 -25.30 -70.52
N ALA L 370 67.82 -26.38 -71.22
CA ALA L 370 68.90 -27.23 -70.76
C ALA L 370 70.28 -26.59 -70.94
N ASP L 371 70.35 -25.43 -71.57
CA ASP L 371 71.63 -24.84 -71.92
C ASP L 371 72.18 -24.04 -70.74
N VAL L 372 73.43 -24.30 -70.39
CA VAL L 372 74.11 -23.55 -69.35
C VAL L 372 74.88 -22.41 -70.00
N PHE L 373 74.68 -21.20 -69.49
CA PHE L 373 75.23 -20.02 -70.13
C PHE L 373 76.15 -19.25 -69.20
N MET L 374 77.10 -18.56 -69.81
CA MET L 374 78.04 -17.69 -69.13
C MET L 374 77.47 -16.29 -69.01
N ILE L 375 77.59 -15.70 -67.83
CA ILE L 375 77.05 -14.37 -67.59
C ILE L 375 77.95 -13.33 -68.28
N PRO L 376 77.41 -12.43 -69.08
CA PRO L 376 78.25 -11.44 -69.77
C PRO L 376 78.81 -10.42 -68.79
N GLN L 377 79.97 -9.88 -69.16
CA GLN L 377 80.62 -8.87 -68.34
C GLN L 377 80.01 -7.51 -68.56
N TYR L 378 79.76 -6.80 -67.48
CA TYR L 378 79.19 -5.46 -67.58
C TYR L 378 80.27 -4.44 -67.90
N GLY L 379 80.04 -3.67 -68.96
CA GLY L 379 80.85 -2.51 -69.24
C GLY L 379 79.96 -1.42 -69.78
N TYR L 380 80.49 -0.20 -69.80
CA TYR L 380 79.69 0.91 -70.28
C TYR L 380 80.59 1.91 -70.97
N LEU L 381 79.98 2.78 -71.74
CA LEU L 381 80.67 3.84 -72.44
C LEU L 381 80.21 5.19 -71.91
N THR L 382 81.12 6.14 -71.91
CA THR L 382 80.78 7.50 -71.54
C THR L 382 81.26 8.42 -72.66
N LEU L 383 81.24 9.72 -72.43
CA LEU L 383 81.62 10.65 -73.48
C LEU L 383 83.09 10.47 -73.83
N ASN L 384 83.40 10.51 -75.12
CA ASN L 384 84.76 10.38 -75.60
C ASN L 384 85.05 11.43 -76.66
N ASN L 385 86.33 11.79 -76.74
CA ASN L 385 86.87 12.62 -77.82
C ASN L 385 88.03 11.80 -78.37
N GLY L 386 87.74 11.02 -79.40
CA GLY L 386 88.71 10.01 -79.82
C GLY L 386 88.81 8.94 -78.75
N SER L 387 90.02 8.61 -78.35
CA SER L 387 90.23 7.67 -77.26
C SER L 387 90.29 8.35 -75.90
N GLN L 388 90.18 9.67 -75.84
CA GLN L 388 90.27 10.42 -74.61
C GLN L 388 88.90 10.66 -74.00
N ALA L 389 88.86 10.75 -72.68
CA ALA L 389 87.66 11.19 -72.01
C ALA L 389 87.60 12.70 -71.99
N VAL L 390 86.40 13.22 -71.77
CA VAL L 390 86.20 14.64 -71.56
C VAL L 390 85.81 14.85 -70.10
N GLY L 391 85.74 16.12 -69.69
CA GLY L 391 85.37 16.41 -68.32
C GLY L 391 83.99 15.95 -67.95
N ARG L 392 83.11 15.79 -68.92
CA ARG L 392 81.76 15.32 -68.66
C ARG L 392 81.67 13.80 -68.61
N SER L 393 82.75 13.09 -68.92
CA SER L 393 82.75 11.64 -68.84
C SER L 393 82.50 11.18 -67.42
N SER L 394 81.62 10.21 -67.27
CA SER L 394 81.22 9.69 -65.97
C SER L 394 81.89 8.35 -65.71
N PHE L 395 82.46 8.21 -64.52
CA PHE L 395 82.96 6.93 -64.05
C PHE L 395 82.02 6.41 -62.97
N TYR L 396 81.60 5.16 -63.10
CA TYR L 396 80.70 4.54 -62.13
C TYR L 396 81.39 3.37 -61.47
N CYS L 397 81.40 3.38 -60.15
CA CYS L 397 81.83 2.24 -59.36
C CYS L 397 80.58 1.47 -58.93
N LEU L 398 80.46 0.23 -59.38
CA LEU L 398 79.27 -0.55 -59.04
C LEU L 398 79.31 -1.02 -57.60
N GLU L 399 80.49 -1.05 -56.98
CA GLU L 399 80.55 -1.29 -55.53
C GLU L 399 79.97 -0.14 -54.74
N TYR L 400 79.82 1.03 -55.35
CA TYR L 400 79.20 2.17 -54.70
C TYR L 400 77.68 2.04 -54.61
N PHE L 401 77.14 0.88 -54.93
CA PHE L 401 75.73 0.60 -54.79
C PHE L 401 75.50 -0.38 -53.66
N PRO L 402 74.35 -0.32 -52.99
CA PRO L 402 74.00 -1.39 -52.04
C PRO L 402 73.74 -2.69 -52.79
N SER L 403 74.46 -3.73 -52.41
CA SER L 403 74.32 -5.04 -53.03
C SER L 403 74.00 -6.06 -51.97
N GLN L 404 73.14 -7.01 -52.30
CA GLN L 404 72.93 -8.16 -51.45
C GLN L 404 74.07 -9.13 -51.66
N MET L 405 74.71 -9.56 -50.58
CA MET L 405 75.74 -10.58 -50.65
C MET L 405 75.13 -11.93 -50.31
N LEU L 406 75.44 -12.94 -51.11
CA LEU L 406 74.78 -14.23 -51.04
C LEU L 406 75.83 -15.30 -50.86
N ARG L 407 75.69 -16.10 -49.80
CA ARG L 407 76.44 -17.33 -49.71
C ARG L 407 75.64 -18.44 -50.37
N THR L 408 76.17 -19.67 -50.30
CA THR L 408 75.58 -20.78 -51.05
C THR L 408 74.15 -21.07 -50.61
N GLY L 409 73.80 -20.72 -49.38
CA GLY L 409 72.44 -20.94 -48.91
C GLY L 409 71.47 -19.82 -49.16
N ASN L 410 71.93 -18.70 -49.70
CA ASN L 410 71.09 -17.53 -49.89
C ASN L 410 70.50 -17.52 -51.29
N ASN L 411 69.40 -16.79 -51.44
CA ASN L 411 68.80 -16.56 -52.74
C ASN L 411 68.45 -15.08 -52.87
N PHE L 412 68.33 -14.65 -54.11
CA PHE L 412 68.01 -13.27 -54.44
C PHE L 412 66.76 -13.26 -55.30
N GLN L 413 65.88 -12.30 -55.05
CA GLN L 413 64.69 -12.18 -55.89
C GLN L 413 64.19 -10.75 -55.85
N PHE L 414 63.57 -10.34 -56.95
CA PHE L 414 62.88 -9.06 -57.00
C PHE L 414 61.77 -9.16 -58.03
N THR L 415 60.79 -8.27 -57.88
CA THR L 415 59.68 -8.18 -58.80
C THR L 415 59.69 -6.80 -59.45
N TYR L 416 59.18 -6.75 -60.68
CA TYR L 416 59.15 -5.52 -61.45
C TYR L 416 57.82 -5.47 -62.20
N THR L 417 57.24 -4.28 -62.26
CA THR L 417 56.01 -4.05 -62.99
C THR L 417 56.31 -3.19 -64.21
N PHE L 418 55.95 -3.69 -65.38
CA PHE L 418 56.10 -2.91 -66.59
C PHE L 418 55.14 -1.72 -66.59
N GLU L 419 55.61 -0.59 -67.10
CA GLU L 419 54.72 0.54 -67.29
C GLU L 419 53.69 0.21 -68.37
N ASP L 420 52.63 1.01 -68.42
CA ASP L 420 51.63 0.84 -69.46
C ASP L 420 52.25 1.12 -70.82
N VAL L 421 52.47 0.06 -71.59
CA VAL L 421 53.12 0.16 -72.89
C VAL L 421 52.07 -0.27 -73.92
N PRO L 422 52.09 0.28 -75.14
CA PRO L 422 51.13 -0.18 -76.15
C PRO L 422 51.36 -1.64 -76.50
N PHE L 423 50.27 -2.32 -76.86
CA PHE L 423 50.39 -3.69 -77.37
C PHE L 423 51.23 -3.69 -78.63
N HIS L 424 52.13 -4.66 -78.74
CA HIS L 424 52.81 -4.86 -80.00
C HIS L 424 51.82 -5.34 -81.05
N SER L 425 51.92 -4.78 -82.25
CA SER L 425 51.01 -5.16 -83.33
C SER L 425 51.40 -6.53 -83.85
N SER L 426 50.77 -7.56 -83.29
CA SER L 426 51.01 -8.93 -83.72
C SER L 426 50.07 -9.31 -84.86
N TYR L 427 50.03 -8.45 -85.88
CA TYR L 427 49.11 -8.62 -87.00
C TYR L 427 49.68 -7.89 -88.20
N ALA L 428 49.27 -8.31 -89.37
CA ALA L 428 49.53 -7.58 -90.59
C ALA L 428 48.21 -7.03 -91.13
N HIS L 429 48.27 -5.85 -91.73
CA HIS L 429 47.05 -5.25 -92.24
C HIS L 429 46.59 -5.97 -93.50
N SER L 430 45.31 -6.29 -93.56
CA SER L 430 44.71 -6.90 -94.73
C SER L 430 44.20 -5.86 -95.72
N GLN L 431 44.43 -4.59 -95.45
CA GLN L 431 44.12 -3.51 -96.37
C GLN L 431 45.36 -2.64 -96.54
N SER L 432 45.49 -2.06 -97.71
CA SER L 432 46.54 -1.10 -97.97
C SER L 432 46.04 0.31 -97.71
N LEU L 433 46.96 1.20 -97.34
CA LEU L 433 46.57 2.56 -97.00
C LEU L 433 45.98 3.31 -98.19
N ASP L 434 46.42 3.00 -99.41
CA ASP L 434 45.90 3.64 -100.60
C ASP L 434 44.71 2.89 -101.18
N ARG L 435 44.18 1.90 -100.48
CA ARG L 435 43.05 1.11 -100.93
C ARG L 435 42.01 0.99 -99.84
N LEU L 436 41.73 2.08 -99.13
CA LEU L 436 40.76 2.10 -98.06
C LEU L 436 39.37 2.51 -98.52
N MET L 437 39.22 2.82 -99.80
CA MET L 437 37.99 3.35 -100.34
C MET L 437 37.07 2.25 -100.88
N ASN L 438 35.81 2.61 -101.04
CA ASN L 438 34.83 1.74 -101.67
C ASN L 438 35.15 1.63 -103.16
N PRO L 439 35.41 0.43 -103.69
CA PRO L 439 35.76 0.28 -105.10
C PRO L 439 34.59 0.34 -106.06
N LEU L 440 33.39 0.66 -105.59
CA LEU L 440 32.22 0.72 -106.45
C LEU L 440 31.67 2.12 -106.64
N ILE L 441 32.04 3.07 -105.78
CA ILE L 441 31.42 4.38 -105.74
C ILE L 441 32.47 5.42 -106.12
N ASP L 442 32.07 6.38 -106.95
CA ASP L 442 32.94 7.51 -107.24
C ASP L 442 33.03 8.43 -106.03
N GLN L 443 34.09 9.22 -106.01
CA GLN L 443 34.21 10.29 -105.04
C GLN L 443 33.41 11.51 -105.52
N TYR L 444 32.88 12.27 -104.58
CA TYR L 444 32.30 13.55 -104.94
C TYR L 444 33.35 14.63 -105.09
N LEU L 445 34.57 14.38 -104.63
CA LEU L 445 35.67 15.32 -104.82
C LEU L 445 36.27 15.16 -106.21
N TYR L 446 36.73 16.26 -106.76
CA TYR L 446 37.38 16.27 -108.07
C TYR L 446 38.88 16.42 -107.90
N TYR L 447 39.62 15.93 -108.89
CA TYR L 447 41.05 16.15 -108.98
C TYR L 447 41.36 16.72 -110.35
N LEU L 448 42.45 17.48 -110.43
CA LEU L 448 42.91 17.99 -111.71
C LEU L 448 43.35 16.82 -112.57
N SER L 449 42.59 16.51 -113.61
CA SER L 449 42.86 15.33 -114.42
C SER L 449 43.63 15.64 -115.70
N ARG L 450 43.48 16.84 -116.25
CA ARG L 450 44.23 17.23 -117.43
C ARG L 450 44.56 18.70 -117.38
N THR L 451 45.73 19.06 -117.90
CA THR L 451 46.13 20.45 -118.03
C THR L 451 46.30 20.86 -119.49
N GLN L 452 46.05 19.96 -120.43
CA GLN L 452 46.22 20.23 -121.85
C GLN L 452 45.09 19.58 -122.63
N THR L 453 44.60 20.27 -123.65
CA THR L 453 43.49 19.77 -124.45
C THR L 453 43.90 18.53 -125.25
N ASN L 459 47.75 21.11 -129.28
CA ASN L 459 46.94 21.21 -128.07
C ASN L 459 47.33 22.41 -127.23
N THR L 460 46.37 22.95 -126.50
CA THR L 460 46.56 24.17 -125.72
C THR L 460 46.31 23.87 -124.25
N GLN L 461 46.64 24.85 -123.41
CA GLN L 461 46.42 24.72 -121.98
C GLN L 461 44.93 24.70 -121.68
N THR L 462 44.57 23.92 -120.67
CA THR L 462 43.19 23.83 -120.18
C THR L 462 43.23 23.33 -118.75
N LEU L 463 42.07 23.28 -118.13
CA LEU L 463 41.93 22.71 -116.79
C LEU L 463 40.75 21.74 -116.84
N GLY L 464 41.06 20.45 -116.85
CA GLY L 464 40.04 19.41 -116.81
C GLY L 464 40.07 18.73 -115.45
N PHE L 465 38.89 18.54 -114.89
CA PHE L 465 38.75 17.95 -113.56
C PHE L 465 37.87 16.72 -113.66
N SER L 466 38.28 15.66 -112.98
CA SER L 466 37.54 14.40 -112.97
C SER L 466 37.31 13.97 -111.54
N GLN L 467 36.29 13.15 -111.35
CA GLN L 467 36.02 12.58 -110.04
C GLN L 467 36.77 11.27 -109.90
N GLY L 468 37.48 11.13 -108.78
CA GLY L 468 38.15 9.89 -108.49
C GLY L 468 37.17 8.75 -108.36
N GLY L 469 37.45 7.63 -109.01
CA GLY L 469 36.56 6.51 -109.00
C GLY L 469 37.28 5.19 -108.92
N PRO L 470 36.55 4.10 -109.19
CA PRO L 470 37.18 2.78 -109.09
C PRO L 470 38.36 2.58 -110.02
N ASN L 471 38.41 3.27 -111.15
CA ASN L 471 39.49 3.10 -112.09
C ASN L 471 40.64 4.06 -111.88
N THR L 472 40.35 5.30 -111.47
CA THR L 472 41.40 6.28 -111.16
C THR L 472 41.67 6.30 -109.65
N MET L 473 42.02 5.12 -109.14
CA MET L 473 42.15 4.95 -107.70
C MET L 473 43.41 5.62 -107.16
N ALA L 474 44.43 5.77 -107.99
CA ALA L 474 45.62 6.50 -107.59
C ALA L 474 45.37 7.99 -107.47
N ASN L 475 44.35 8.52 -108.15
CA ASN L 475 44.05 9.94 -108.12
C ASN L 475 43.07 10.33 -107.03
N GLN L 476 42.48 9.36 -106.35
CA GLN L 476 41.42 9.67 -105.39
C GLN L 476 41.97 10.48 -104.21
N ALA L 477 41.14 11.38 -103.71
CA ALA L 477 41.45 12.07 -102.47
C ALA L 477 41.51 11.07 -101.32
N LYS L 478 42.53 11.20 -100.48
CA LYS L 478 42.74 10.26 -99.39
C LYS L 478 43.05 11.04 -98.11
N ASN L 479 42.78 10.39 -96.99
CA ASN L 479 42.90 11.03 -95.68
C ASN L 479 44.25 10.83 -95.02
N TRP L 480 45.05 9.87 -95.49
CA TRP L 480 46.23 9.45 -94.74
C TRP L 480 47.41 9.30 -95.68
N LEU L 481 48.60 9.36 -95.09
CA LEU L 481 49.86 9.22 -95.79
C LEU L 481 50.65 8.06 -95.20
N PRO L 482 51.49 7.41 -96.01
CA PRO L 482 52.34 6.35 -95.48
C PRO L 482 53.34 6.91 -94.49
N GLY L 483 53.80 6.04 -93.59
CA GLY L 483 54.73 6.43 -92.57
C GLY L 483 56.02 7.02 -93.10
N PRO L 484 56.86 7.51 -92.21
CA PRO L 484 58.07 8.22 -92.63
C PRO L 484 59.07 7.30 -93.28
N CYS L 485 59.95 7.90 -94.08
CA CYS L 485 60.92 7.18 -94.88
C CYS L 485 62.32 7.70 -94.63
N TYR L 486 63.29 6.78 -94.55
CA TYR L 486 64.71 7.12 -94.49
C TYR L 486 65.41 6.11 -95.40
N ARG L 487 65.52 6.45 -96.68
CA ARG L 487 65.76 5.46 -97.71
C ARG L 487 67.07 4.71 -97.50
N GLN L 488 67.01 3.40 -97.68
CA GLN L 488 68.16 2.52 -97.58
C GLN L 488 68.54 2.00 -98.96
N GLN L 489 69.81 1.66 -99.12
CA GLN L 489 70.25 1.05 -100.37
C GLN L 489 69.71 -0.37 -100.48
N ARG L 490 69.35 -0.75 -101.69
CA ARG L 490 68.78 -2.06 -101.96
C ARG L 490 69.89 -3.06 -102.26
N VAL L 491 69.84 -4.22 -101.60
CA VAL L 491 70.80 -5.29 -101.82
C VAL L 491 70.00 -6.54 -102.19
N SER L 492 70.47 -7.24 -103.22
CA SER L 492 69.84 -8.47 -103.67
C SER L 492 70.55 -9.66 -103.06
N THR L 493 69.78 -10.62 -102.55
CA THR L 493 70.37 -11.87 -102.10
C THR L 493 70.94 -12.67 -103.27
N THR L 494 70.47 -12.41 -104.48
CA THR L 494 71.13 -12.91 -105.69
C THR L 494 72.30 -11.98 -105.98
N THR L 495 73.51 -12.40 -105.59
CA THR L 495 74.64 -11.49 -105.57
C THR L 495 74.98 -10.97 -106.96
N GLY L 496 74.70 -11.75 -108.01
CA GLY L 496 74.97 -11.29 -109.36
C GLY L 496 74.21 -10.05 -109.75
N GLN L 497 73.09 -9.78 -109.09
CA GLN L 497 72.31 -8.57 -109.35
C GLN L 497 72.85 -7.36 -108.61
N ASN L 498 73.82 -7.53 -107.73
CA ASN L 498 74.37 -6.42 -106.97
C ASN L 498 75.53 -5.78 -107.73
N ASN L 499 75.80 -4.52 -107.41
CA ASN L 499 76.96 -3.83 -107.96
C ASN L 499 78.23 -4.51 -107.50
N ASN L 500 79.19 -4.65 -108.41
CA ASN L 500 80.46 -5.28 -108.08
C ASN L 500 81.37 -4.26 -107.39
N SER L 501 81.03 -3.99 -106.13
CA SER L 501 81.81 -3.10 -105.29
C SER L 501 81.48 -3.41 -103.84
N ASN L 502 82.34 -2.94 -102.95
CA ASN L 502 82.14 -3.10 -101.51
C ASN L 502 81.47 -1.83 -101.00
N PHE L 503 80.14 -1.85 -100.96
CA PHE L 503 79.36 -0.67 -100.63
C PHE L 503 78.53 -0.83 -99.36
N ALA L 504 78.82 -1.83 -98.53
CA ALA L 504 78.04 -2.03 -97.32
C ALA L 504 78.12 -0.81 -96.40
N TRP L 505 79.31 -0.22 -96.28
CA TRP L 505 79.50 0.96 -95.48
C TRP L 505 79.40 2.25 -96.29
N THR L 506 80.05 2.30 -97.46
CA THR L 506 80.06 3.53 -98.24
C THR L 506 78.66 3.92 -98.70
N ALA L 507 77.86 2.94 -99.12
CA ALA L 507 76.48 3.19 -99.50
C ALA L 507 75.51 2.95 -98.35
N GLY L 508 76.01 2.68 -97.16
CA GLY L 508 75.14 2.45 -96.03
C GLY L 508 74.35 3.69 -95.65
N THR L 509 73.14 3.46 -95.18
CA THR L 509 72.29 4.54 -94.71
C THR L 509 72.67 4.88 -93.28
N LYS L 510 73.09 6.12 -93.06
CA LYS L 510 73.76 6.49 -91.84
C LYS L 510 73.13 7.73 -91.24
N TYR L 511 73.35 7.91 -89.95
CA TYR L 511 73.12 9.19 -89.30
C TYR L 511 74.44 9.74 -88.79
N HIS L 512 74.48 11.05 -88.62
CA HIS L 512 75.67 11.78 -88.25
C HIS L 512 75.46 12.37 -86.86
N LEU L 513 76.36 12.05 -85.93
CA LEU L 513 76.24 12.53 -84.56
C LEU L 513 77.62 12.88 -84.05
N ASN L 514 77.82 14.16 -83.74
CA ASN L 514 79.08 14.66 -83.19
C ASN L 514 80.27 14.25 -84.05
N GLY L 515 80.14 14.47 -85.35
CA GLY L 515 81.20 14.14 -86.28
C GLY L 515 81.45 12.66 -86.45
N ARG L 516 80.57 11.81 -85.94
CA ARG L 516 80.71 10.37 -86.03
C ARG L 516 79.58 9.82 -86.88
N ASN L 517 79.91 8.95 -87.82
CA ASN L 517 78.92 8.31 -88.68
C ASN L 517 78.58 6.95 -88.12
N SER L 518 77.29 6.69 -87.97
CA SER L 518 76.79 5.41 -87.51
C SER L 518 75.69 4.96 -88.45
N LEU L 519 75.67 3.66 -88.76
CA LEU L 519 74.60 3.14 -89.59
C LEU L 519 73.25 3.35 -88.92
N ALA L 520 72.26 3.77 -89.71
CA ALA L 520 70.88 3.80 -89.27
C ALA L 520 70.35 2.36 -89.37
N ASN L 521 70.77 1.55 -88.41
CA ASN L 521 70.63 0.10 -88.47
C ASN L 521 69.84 -0.40 -87.27
N PRO L 522 68.64 -0.96 -87.45
CA PRO L 522 68.02 -1.16 -88.75
C PRO L 522 67.24 0.06 -89.24
N GLY L 523 67.29 1.14 -88.47
CA GLY L 523 66.58 2.33 -88.84
C GLY L 523 65.10 2.25 -88.57
N ILE L 524 64.37 3.21 -89.13
CA ILE L 524 62.93 3.28 -88.91
C ILE L 524 62.24 2.11 -89.59
N ALA L 525 61.08 1.74 -89.07
CA ALA L 525 60.32 0.61 -89.59
C ALA L 525 59.82 0.92 -90.99
N MET L 526 60.40 0.27 -91.98
CA MET L 526 59.94 0.35 -93.35
C MET L 526 59.83 -1.05 -93.93
N ALA L 527 58.95 -1.20 -94.91
CA ALA L 527 58.79 -2.49 -95.56
C ALA L 527 60.09 -2.91 -96.21
N THR L 528 60.48 -4.16 -95.99
CA THR L 528 61.76 -4.65 -96.50
C THR L 528 61.81 -4.59 -98.01
N HIS L 529 60.71 -4.94 -98.67
CA HIS L 529 60.65 -4.96 -100.12
C HIS L 529 59.19 -4.82 -100.52
N LYS L 530 58.97 -4.54 -101.80
CA LYS L 530 57.61 -4.48 -102.33
C LYS L 530 57.21 -5.86 -102.84
N ASP L 531 56.08 -5.91 -103.54
CA ASP L 531 55.55 -7.18 -104.02
C ASP L 531 56.52 -7.86 -104.97
N ASP L 532 56.70 -9.16 -104.79
CA ASP L 532 57.49 -10.01 -105.69
C ASP L 532 58.95 -9.59 -105.74
N GLU L 533 59.47 -9.06 -104.64
CA GLU L 533 60.87 -8.65 -104.56
C GLU L 533 61.49 -9.15 -103.25
N GLU L 534 61.19 -10.39 -102.88
CA GLU L 534 61.68 -10.94 -101.62
C GLU L 534 63.20 -11.01 -101.60
N ARG L 535 63.84 -11.13 -102.76
CA ARG L 535 65.30 -11.21 -102.81
C ARG L 535 65.98 -9.91 -102.42
N PHE L 536 65.25 -8.80 -102.38
CA PHE L 536 65.82 -7.50 -102.06
C PHE L 536 65.63 -7.18 -100.59
N PHE L 537 66.65 -6.58 -99.98
CA PHE L 537 66.54 -6.11 -98.62
C PHE L 537 67.33 -4.81 -98.49
N PRO L 538 66.91 -3.93 -97.59
CA PRO L 538 67.73 -2.74 -97.29
C PRO L 538 69.06 -3.15 -96.69
N SER L 539 70.12 -2.44 -97.08
CA SER L 539 71.48 -2.87 -96.74
C SER L 539 71.69 -2.95 -95.24
N ASN L 540 71.18 -1.97 -94.49
CA ASN L 540 71.22 -2.02 -93.03
C ASN L 540 69.86 -1.63 -92.46
N GLY L 541 68.81 -2.21 -93.02
CA GLY L 541 67.46 -1.86 -92.63
C GLY L 541 66.62 -3.01 -92.12
N ILE L 542 67.24 -4.15 -91.84
CA ILE L 542 66.54 -5.31 -91.31
C ILE L 542 67.35 -5.92 -90.18
N LEU L 543 66.66 -6.64 -89.31
CA LEU L 543 67.34 -7.47 -88.33
C LEU L 543 67.86 -8.72 -89.01
N ILE L 544 69.12 -9.03 -88.78
CA ILE L 544 69.76 -10.21 -89.35
C ILE L 544 70.23 -11.07 -88.19
N PHE L 545 69.64 -12.25 -88.05
CA PHE L 545 70.05 -13.20 -87.04
C PHE L 545 70.96 -14.24 -87.66
N GLY L 546 71.91 -14.72 -86.86
CA GLY L 546 72.82 -15.76 -87.32
C GLY L 546 72.24 -17.13 -87.03
N LYS L 547 72.45 -18.04 -87.99
CA LYS L 547 72.15 -19.44 -87.72
C LYS L 547 73.15 -19.97 -86.70
N GLN L 548 72.83 -21.15 -86.16
CA GLN L 548 73.71 -21.76 -85.18
C GLN L 548 75.09 -21.98 -85.78
N ASN L 549 76.13 -21.63 -85.02
CA ASN L 549 77.52 -21.76 -85.43
C ASN L 549 77.87 -20.84 -86.61
N ALA L 550 77.13 -19.76 -86.79
CA ALA L 550 77.51 -18.77 -87.77
C ALA L 550 78.74 -18.01 -87.30
N ALA L 551 79.63 -17.69 -88.24
CA ALA L 551 80.85 -16.97 -87.90
C ALA L 551 80.52 -15.57 -87.38
N ARG L 552 81.34 -15.10 -86.45
CA ARG L 552 81.18 -13.74 -85.95
C ARG L 552 81.42 -12.71 -87.04
N ASP L 553 82.44 -12.91 -87.86
CA ASP L 553 82.79 -11.98 -88.92
C ASP L 553 82.66 -12.65 -90.27
N ASN L 554 82.09 -11.91 -91.23
CA ASN L 554 81.98 -12.35 -92.62
C ASN L 554 81.29 -13.71 -92.74
N ALA L 555 80.17 -13.86 -92.03
CA ALA L 555 79.32 -15.02 -92.23
C ALA L 555 78.66 -14.93 -93.59
N ASP L 556 78.58 -16.06 -94.28
CA ASP L 556 77.95 -16.08 -95.58
C ASP L 556 76.44 -15.91 -95.44
N TYR L 557 75.79 -15.57 -96.55
CA TYR L 557 74.34 -15.39 -96.53
C TYR L 557 73.62 -16.65 -96.08
N SER L 558 74.20 -17.82 -96.38
CA SER L 558 73.58 -19.07 -95.95
C SER L 558 73.70 -19.29 -94.44
N ASP L 559 74.59 -18.56 -93.77
CA ASP L 559 74.77 -18.70 -92.34
C ASP L 559 73.96 -17.71 -91.53
N VAL L 560 73.21 -16.82 -92.16
CA VAL L 560 72.45 -15.81 -91.46
C VAL L 560 70.99 -15.95 -91.85
N MET L 561 70.14 -15.34 -91.02
CA MET L 561 68.69 -15.40 -91.19
C MET L 561 68.18 -13.98 -91.35
N LEU L 562 67.84 -13.59 -92.57
CA LEU L 562 67.32 -12.26 -92.82
C LEU L 562 65.86 -12.19 -92.41
N THR L 563 65.51 -11.18 -91.64
CA THR L 563 64.11 -10.92 -91.36
C THR L 563 63.51 -10.10 -92.50
N SER L 564 62.19 -10.07 -92.55
CA SER L 564 61.48 -9.30 -93.56
C SER L 564 60.31 -8.58 -92.92
N GLU L 565 60.24 -7.27 -93.14
CA GLU L 565 59.12 -6.46 -92.69
C GLU L 565 58.13 -6.19 -93.81
N GLU L 566 57.94 -7.16 -94.70
CA GLU L 566 57.02 -6.97 -95.81
C GLU L 566 55.58 -6.84 -95.37
N GLU L 567 55.24 -7.26 -94.15
CA GLU L 567 53.87 -7.14 -93.69
C GLU L 567 53.42 -5.70 -93.55
N ILE L 568 54.35 -4.76 -93.40
CA ILE L 568 54.01 -3.36 -93.23
C ILE L 568 54.05 -2.60 -94.56
N LYS L 569 54.10 -3.31 -95.68
CA LYS L 569 53.96 -2.67 -96.98
C LYS L 569 52.68 -1.86 -97.07
N THR L 570 51.64 -2.30 -96.36
CA THR L 570 50.33 -1.68 -96.46
C THR L 570 50.32 -0.27 -95.90
N THR L 571 51.21 0.03 -94.99
CA THR L 571 51.22 1.33 -94.34
C THR L 571 52.57 2.02 -94.40
N ASN L 572 53.66 1.27 -94.32
CA ASN L 572 54.98 1.87 -94.34
C ASN L 572 55.57 1.82 -95.74
N PRO L 573 56.29 2.87 -96.14
CA PRO L 573 56.95 2.84 -97.44
C PRO L 573 58.05 1.77 -97.46
N VAL L 574 58.32 1.27 -98.68
CA VAL L 574 59.39 0.29 -98.84
C VAL L 574 60.73 0.94 -98.51
N ALA L 575 61.56 0.22 -97.75
CA ALA L 575 62.79 0.78 -97.22
C ALA L 575 63.74 1.24 -98.31
N THR L 576 63.70 0.59 -99.48
CA THR L 576 64.64 0.86 -100.55
C THR L 576 64.04 1.75 -101.64
N GLU L 577 62.84 2.25 -101.44
CA GLU L 577 62.18 3.11 -102.42
C GLU L 577 62.02 4.51 -101.84
N GLU L 578 61.80 5.46 -102.74
CA GLU L 578 61.53 6.82 -102.32
C GLU L 578 60.16 6.92 -101.64
N TYR L 579 60.04 7.89 -100.75
CA TYR L 579 58.75 8.12 -100.11
C TYR L 579 57.70 8.57 -101.11
N GLY L 580 58.08 9.46 -102.01
CA GLY L 580 57.12 10.01 -102.94
C GLY L 580 57.78 11.06 -103.81
N ILE L 581 56.94 11.88 -104.41
CA ILE L 581 57.36 12.90 -105.36
C ILE L 581 56.79 14.24 -104.93
N VAL L 582 57.63 15.27 -104.92
CA VAL L 582 57.19 16.63 -104.64
C VAL L 582 57.62 17.52 -105.80
N ALA L 583 56.94 18.65 -105.91
CA ALA L 583 57.32 19.65 -106.89
C ALA L 583 58.64 20.30 -106.51
N ASP L 584 59.47 20.55 -107.51
CA ASP L 584 60.78 21.16 -107.29
C ASP L 584 60.86 22.59 -107.79
N ASN L 585 59.83 23.09 -108.47
CA ASN L 585 59.86 24.44 -109.03
C ASN L 585 58.43 24.94 -109.17
N LEU L 586 58.29 26.09 -109.81
CA LEU L 586 56.98 26.65 -110.16
C LEU L 586 56.87 26.63 -111.66
N GLN L 587 55.99 25.77 -112.18
CA GLN L 587 55.80 25.69 -113.61
C GLN L 587 55.14 26.96 -114.14
N GLN L 588 55.59 27.40 -115.31
CA GLN L 588 55.00 28.50 -116.05
C GLN L 588 54.85 28.07 -117.50
N GLN L 589 54.30 28.95 -118.32
CA GLN L 589 54.17 28.63 -119.74
C GLN L 589 55.52 28.43 -120.41
N ASN L 590 56.60 28.92 -119.80
CA ASN L 590 57.93 28.74 -120.35
C ASN L 590 58.79 27.74 -119.59
N THR L 591 58.41 27.36 -118.37
CA THR L 591 59.18 26.42 -117.57
C THR L 591 58.33 25.19 -117.28
N ALA L 592 58.76 24.03 -117.76
CA ALA L 592 58.05 22.81 -117.50
C ALA L 592 58.15 22.44 -116.02
N PRO L 593 57.11 21.84 -115.45
CA PRO L 593 57.17 21.45 -114.04
C PRO L 593 58.26 20.43 -113.79
N GLN L 594 58.96 20.59 -112.67
CA GLN L 594 60.01 19.68 -112.26
C GLN L 594 59.60 18.99 -110.97
N ILE L 595 60.00 17.74 -110.83
CA ILE L 595 59.62 16.95 -109.66
C ILE L 595 60.88 16.55 -108.91
N GLY L 596 60.74 16.49 -107.59
CA GLY L 596 61.82 16.05 -106.71
C GLY L 596 61.45 14.73 -106.07
N THR L 597 62.43 13.83 -106.00
CA THR L 597 62.24 12.52 -105.39
C THR L 597 62.55 12.61 -103.90
N VAL L 598 61.57 12.28 -103.07
CA VAL L 598 61.71 12.37 -101.62
C VAL L 598 62.31 11.06 -101.14
N ASN L 599 63.59 11.08 -100.81
CA ASN L 599 64.28 9.91 -100.28
C ASN L 599 64.33 9.88 -98.77
N SER L 600 63.91 10.96 -98.11
CA SER L 600 63.86 11.01 -96.66
C SER L 600 62.69 11.90 -96.29
N GLN L 601 61.73 11.35 -95.55
CA GLN L 601 60.54 12.09 -95.20
C GLN L 601 60.30 11.95 -93.70
N GLY L 602 60.36 13.06 -92.98
CA GLY L 602 59.99 13.09 -91.59
C GLY L 602 58.49 13.08 -91.42
N ALA L 603 58.07 13.17 -90.16
CA ALA L 603 56.66 13.05 -89.82
C ALA L 603 55.84 14.15 -90.49
N LEU L 604 54.76 13.75 -91.15
CA LEU L 604 53.77 14.65 -91.71
C LEU L 604 52.42 14.38 -91.07
N PRO L 605 51.58 15.39 -90.92
CA PRO L 605 50.24 15.15 -90.38
C PRO L 605 49.46 14.20 -91.28
N GLY L 606 48.67 13.35 -90.66
CA GLY L 606 47.94 12.34 -91.38
C GLY L 606 48.76 11.10 -91.71
N MET L 607 50.02 11.05 -91.31
CA MET L 607 50.85 9.89 -91.58
C MET L 607 50.58 8.80 -90.56
N VAL L 608 50.50 7.56 -91.04
CA VAL L 608 50.34 6.40 -90.18
C VAL L 608 51.40 5.39 -90.56
N TRP L 609 51.82 4.58 -89.59
CA TRP L 609 52.86 3.60 -89.83
C TRP L 609 52.76 2.49 -88.80
N GLN L 610 53.41 1.38 -89.12
CA GLN L 610 53.57 0.26 -88.20
C GLN L 610 55.00 0.23 -87.69
N ASN L 611 55.17 -0.29 -86.49
CA ASN L 611 56.50 -0.51 -85.95
C ASN L 611 57.12 -1.77 -86.56
N ARG L 612 58.42 -1.92 -86.34
CA ARG L 612 59.09 -3.15 -86.74
C ARG L 612 58.52 -4.33 -85.95
N ASP L 613 58.45 -5.47 -86.62
CA ASP L 613 57.99 -6.69 -85.95
C ASP L 613 58.99 -7.13 -84.88
N VAL L 614 58.48 -7.81 -83.88
CA VAL L 614 59.34 -8.50 -82.93
C VAL L 614 59.51 -9.94 -83.37
N TYR L 615 60.58 -10.56 -82.90
CA TYR L 615 60.92 -11.91 -83.32
C TYR L 615 61.21 -12.75 -82.08
N LEU L 616 61.03 -14.06 -82.24
CA LEU L 616 61.33 -14.97 -81.15
C LEU L 616 62.78 -14.81 -80.69
N GLN L 617 63.70 -14.60 -81.63
CA GLN L 617 65.09 -14.38 -81.33
C GLN L 617 65.42 -12.91 -81.05
N GLY L 618 64.46 -12.01 -81.25
CA GLY L 618 64.73 -10.60 -81.18
C GLY L 618 64.61 -10.01 -79.80
N PRO L 619 64.96 -8.74 -79.65
CA PRO L 619 64.85 -8.07 -78.35
C PRO L 619 63.40 -7.83 -77.97
N ILE L 620 63.18 -7.70 -76.66
CA ILE L 620 61.85 -7.45 -76.11
C ILE L 620 61.65 -5.96 -75.84
N TRP L 621 62.57 -5.33 -75.13
CA TRP L 621 62.39 -3.95 -74.71
C TRP L 621 63.69 -3.19 -74.91
N ALA L 622 63.56 -1.87 -74.94
CA ALA L 622 64.71 -0.98 -74.84
C ALA L 622 64.35 0.16 -73.90
N LYS L 623 65.35 0.70 -73.24
CA LYS L 623 65.15 1.89 -72.43
C LYS L 623 65.03 3.11 -73.33
N ILE L 624 63.94 3.84 -73.17
CA ILE L 624 63.80 5.12 -73.87
C ILE L 624 64.81 6.06 -73.25
N PRO L 625 65.71 6.65 -74.03
CA PRO L 625 66.69 7.58 -73.46
C PRO L 625 66.00 8.73 -72.76
N HIS L 626 66.56 9.15 -71.63
CA HIS L 626 66.00 10.25 -70.86
C HIS L 626 66.37 11.55 -71.56
N THR L 627 65.47 12.05 -72.40
CA THR L 627 65.70 13.26 -73.16
C THR L 627 64.49 14.18 -73.04
N ASP L 628 64.68 15.43 -73.44
CA ASP L 628 63.58 16.38 -73.45
C ASP L 628 62.48 15.95 -74.41
N GLY L 629 62.86 15.49 -75.58
CA GLY L 629 61.89 15.13 -76.59
C GLY L 629 62.25 13.83 -77.26
N ASN L 630 61.22 13.08 -77.61
CA ASN L 630 61.34 11.92 -78.48
C ASN L 630 60.12 11.89 -79.37
N PHE L 631 60.26 11.24 -80.51
CA PHE L 631 59.15 11.04 -81.43
C PHE L 631 58.90 9.55 -81.58
N HIS L 632 57.70 9.11 -81.21
CA HIS L 632 57.30 7.71 -81.27
C HIS L 632 58.39 6.83 -80.67
N PRO L 633 58.58 6.86 -79.36
CA PRO L 633 59.74 6.17 -78.77
C PRO L 633 59.59 4.66 -78.77
N SER L 634 59.36 4.09 -79.91
CA SER L 634 59.40 2.66 -80.09
C SER L 634 60.79 2.25 -80.56
N PRO L 635 61.44 1.30 -79.89
CA PRO L 635 62.82 0.95 -80.24
C PRO L 635 62.92 0.49 -81.69
N LEU L 636 63.98 0.90 -82.36
CA LEU L 636 64.07 0.68 -83.81
C LEU L 636 64.33 -0.78 -84.15
N MET L 637 65.10 -1.50 -83.33
CA MET L 637 65.24 -2.93 -83.57
C MET L 637 64.04 -3.72 -83.08
N GLY L 638 62.95 -3.05 -82.73
CA GLY L 638 61.71 -3.71 -82.38
C GLY L 638 61.58 -3.89 -80.88
N GLY L 639 60.33 -4.00 -80.45
CA GLY L 639 60.02 -4.25 -79.07
C GLY L 639 59.31 -3.08 -78.41
N PHE L 640 59.38 -3.08 -77.09
CA PHE L 640 58.65 -2.13 -76.26
C PHE L 640 59.61 -1.07 -75.74
N GLY L 641 59.31 0.18 -76.01
CA GLY L 641 60.08 1.28 -75.45
C GLY L 641 59.59 1.59 -74.05
N LEU L 642 60.47 1.53 -73.06
CA LEU L 642 60.11 1.74 -71.68
C LEU L 642 60.94 2.87 -71.09
N LYS L 643 60.27 3.83 -70.46
CA LYS L 643 61.00 4.84 -69.70
C LYS L 643 61.73 4.21 -68.53
N HIS L 644 61.10 3.23 -67.88
CA HIS L 644 61.67 2.52 -66.74
C HIS L 644 61.63 1.03 -67.07
N PRO L 645 62.61 0.56 -67.83
CA PRO L 645 62.62 -0.84 -68.25
C PRO L 645 62.94 -1.75 -67.08
N PRO L 646 62.90 -3.06 -67.26
CA PRO L 646 63.40 -3.97 -66.24
C PRO L 646 64.81 -3.58 -65.84
N PRO L 647 65.07 -3.43 -64.55
CA PRO L 647 66.37 -2.91 -64.11
C PRO L 647 67.49 -3.89 -64.44
N GLN L 648 68.67 -3.33 -64.68
CA GLN L 648 69.85 -4.17 -64.83
C GLN L 648 70.13 -4.91 -63.54
N ILE L 649 70.40 -6.20 -63.64
CA ILE L 649 70.73 -7.03 -62.51
C ILE L 649 72.22 -7.33 -62.58
N LEU L 650 72.98 -6.73 -61.69
CA LEU L 650 74.43 -6.83 -61.70
C LEU L 650 74.85 -7.89 -60.69
N ILE L 651 75.77 -8.75 -61.09
CA ILE L 651 76.23 -9.84 -60.25
C ILE L 651 77.75 -9.91 -60.32
N LYS L 652 78.37 -10.19 -59.19
CA LYS L 652 79.82 -10.26 -59.12
C LYS L 652 80.22 -11.27 -58.06
N ASN L 653 81.29 -12.01 -58.33
CA ASN L 653 81.93 -12.81 -57.29
C ASN L 653 82.68 -11.87 -56.37
N THR L 654 82.38 -11.94 -55.08
CA THR L 654 83.10 -11.14 -54.12
C THR L 654 84.56 -11.57 -54.10
N PRO L 655 85.50 -10.65 -54.26
CA PRO L 655 86.92 -11.04 -54.25
C PRO L 655 87.29 -11.67 -52.92
N VAL L 656 88.00 -12.78 -52.99
CA VAL L 656 88.52 -13.47 -51.81
C VAL L 656 90.05 -13.39 -51.88
N PRO L 657 90.69 -12.55 -51.07
CA PRO L 657 92.15 -12.44 -51.16
C PRO L 657 92.84 -13.75 -50.85
N ALA L 658 93.95 -13.99 -51.54
CA ALA L 658 94.87 -15.02 -51.10
C ALA L 658 95.56 -14.56 -49.82
N ASP L 659 96.48 -15.35 -49.32
CA ASP L 659 97.11 -15.02 -48.05
C ASP L 659 97.88 -13.71 -48.17
N PRO L 660 97.56 -12.70 -47.38
CA PRO L 660 98.31 -11.46 -47.42
C PRO L 660 99.67 -11.63 -46.76
N PRO L 661 100.60 -10.72 -47.00
CA PRO L 661 101.90 -10.80 -46.30
C PRO L 661 101.71 -10.59 -44.81
N THR L 662 102.67 -11.09 -44.04
CA THR L 662 102.61 -10.98 -42.59
C THR L 662 103.10 -9.64 -42.09
N THR L 663 103.61 -8.78 -42.96
CA THR L 663 103.95 -7.41 -42.63
C THR L 663 103.05 -6.49 -43.43
N PHE L 664 102.58 -5.41 -42.80
CA PHE L 664 101.58 -4.57 -43.42
C PHE L 664 102.10 -3.92 -44.68
N ASN L 665 101.27 -3.94 -45.72
CA ASN L 665 101.52 -3.23 -46.96
C ASN L 665 100.27 -2.44 -47.31
N GLN L 666 100.43 -1.15 -47.56
CA GLN L 666 99.30 -0.29 -47.85
C GLN L 666 98.72 -0.53 -49.23
N SER L 667 99.47 -1.17 -50.12
CA SER L 667 99.03 -1.37 -51.48
C SER L 667 97.80 -2.27 -51.52
N LYS L 668 96.91 -1.99 -52.47
CA LYS L 668 95.72 -2.82 -52.63
C LYS L 668 96.14 -4.25 -52.97
N LEU L 669 95.40 -5.21 -52.43
CA LEU L 669 95.72 -6.61 -52.68
C LEU L 669 95.40 -6.97 -54.12
N ASN L 670 96.35 -7.65 -54.77
CA ASN L 670 96.15 -8.12 -56.13
C ASN L 670 96.23 -9.64 -56.23
N SER L 671 96.49 -10.32 -55.13
CA SER L 671 96.55 -11.78 -55.10
C SER L 671 95.21 -12.28 -54.57
N PHE L 672 94.44 -12.92 -55.44
CA PHE L 672 93.11 -13.38 -55.08
C PHE L 672 92.98 -14.86 -55.36
N ILE L 673 92.13 -15.50 -54.57
CA ILE L 673 91.79 -16.89 -54.81
C ILE L 673 90.97 -16.99 -56.09
N THR L 674 91.41 -17.84 -57.01
CA THR L 674 90.70 -18.01 -58.27
C THR L 674 89.35 -18.63 -58.01
N GLN L 675 88.30 -18.02 -58.54
CA GLN L 675 86.97 -18.32 -58.05
C GLN L 675 85.95 -18.06 -59.16
N TYR L 676 84.90 -18.87 -59.18
CA TYR L 676 83.77 -18.63 -60.05
C TYR L 676 82.52 -19.12 -59.34
N SER L 677 81.38 -18.61 -59.75
CA SER L 677 80.12 -19.02 -59.17
C SER L 677 79.20 -19.57 -60.24
N THR L 678 78.32 -20.46 -59.81
CA THR L 678 77.27 -20.99 -60.67
C THR L 678 75.99 -21.03 -59.85
N GLY L 679 74.87 -21.03 -60.56
CA GLY L 679 73.60 -21.08 -59.89
C GLY L 679 72.49 -21.16 -60.91
N GLN L 680 71.27 -21.03 -60.41
CA GLN L 680 70.10 -21.01 -61.27
C GLN L 680 69.48 -19.62 -61.24
N VAL L 681 68.95 -19.22 -62.38
CA VAL L 681 68.26 -17.95 -62.51
C VAL L 681 66.86 -18.24 -63.05
N SER L 682 65.86 -17.67 -62.41
CA SER L 682 64.48 -17.80 -62.85
C SER L 682 63.94 -16.42 -63.18
N VAL L 683 63.34 -16.27 -64.35
CA VAL L 683 62.64 -15.06 -64.71
C VAL L 683 61.24 -15.45 -65.14
N GLU L 684 60.24 -14.82 -64.52
CA GLU L 684 58.85 -15.04 -64.84
C GLU L 684 58.27 -13.73 -65.35
N ILE L 685 57.72 -13.76 -66.55
CA ILE L 685 57.08 -12.58 -67.13
C ILE L 685 55.62 -12.90 -67.40
N GLU L 686 54.74 -12.04 -66.93
CA GLU L 686 53.33 -12.11 -67.27
C GLU L 686 53.07 -11.18 -68.44
N TRP L 687 52.50 -11.74 -69.51
CA TRP L 687 52.17 -10.98 -70.70
C TRP L 687 50.66 -10.86 -70.82
N GLU L 688 50.20 -9.67 -71.18
CA GLU L 688 48.80 -9.46 -71.51
C GLU L 688 48.61 -9.67 -73.00
N LEU L 689 47.52 -10.34 -73.36
CA LEU L 689 47.24 -10.68 -74.74
C LEU L 689 46.08 -9.85 -75.27
N GLN L 690 46.18 -9.44 -76.53
CA GLN L 690 45.07 -8.86 -77.26
C GLN L 690 44.49 -9.94 -78.16
N LYS L 691 43.34 -10.48 -77.78
CA LYS L 691 42.71 -11.52 -78.58
C LYS L 691 42.19 -10.93 -79.89
N GLU L 692 42.34 -11.70 -80.96
CA GLU L 692 41.83 -11.28 -82.25
C GLU L 692 40.31 -11.42 -82.27
N ASN L 693 39.63 -10.37 -82.66
CA ASN L 693 38.18 -10.38 -82.81
C ASN L 693 37.88 -10.01 -84.26
N SER L 694 37.91 -11.02 -85.12
CA SER L 694 37.91 -10.81 -86.56
C SER L 694 36.72 -11.50 -87.19
N LYS L 695 36.10 -10.83 -88.15
CA LYS L 695 35.00 -11.39 -88.92
C LYS L 695 35.45 -11.86 -90.29
N ARG L 696 36.76 -12.00 -90.49
CA ARG L 696 37.28 -12.55 -91.73
C ARG L 696 36.71 -13.94 -91.97
N TRP L 697 36.27 -14.20 -93.20
CA TRP L 697 35.64 -15.47 -93.51
C TRP L 697 36.66 -16.54 -93.86
N ASN L 698 37.60 -16.21 -94.75
CA ASN L 698 38.57 -17.18 -95.20
C ASN L 698 39.64 -17.42 -94.12
N PRO L 699 40.30 -18.58 -94.15
CA PRO L 699 41.30 -18.87 -93.14
C PRO L 699 42.47 -17.89 -93.18
N GLU L 700 43.04 -17.64 -92.01
CA GLU L 700 44.18 -16.75 -91.88
C GLU L 700 45.48 -17.48 -92.19
N ILE L 701 46.53 -16.70 -92.40
CA ILE L 701 47.88 -17.25 -92.46
C ILE L 701 48.33 -17.54 -91.04
N GLN L 702 48.88 -18.73 -90.83
CA GLN L 702 49.36 -19.15 -89.53
C GLN L 702 50.79 -19.61 -89.65
N TYR L 703 51.58 -19.39 -88.60
CA TYR L 703 52.88 -20.01 -88.57
C TYR L 703 52.71 -21.51 -88.30
N THR L 704 53.33 -22.32 -89.14
CA THR L 704 53.23 -23.76 -89.02
C THR L 704 54.59 -24.38 -89.27
N SER L 705 54.85 -25.50 -88.62
CA SER L 705 56.02 -26.29 -88.97
C SER L 705 55.76 -27.00 -90.29
N ASN L 706 56.85 -27.28 -91.01
CA ASN L 706 56.72 -27.99 -92.26
C ASN L 706 56.31 -29.43 -92.01
N TYR L 707 55.35 -29.91 -92.80
CA TYR L 707 54.84 -31.26 -92.62
C TYR L 707 55.81 -32.30 -93.18
N TYR L 708 56.60 -31.94 -94.19
CA TYR L 708 57.44 -32.90 -94.88
C TYR L 708 58.59 -33.36 -94.00
N LYS L 709 59.08 -34.56 -94.29
CA LYS L 709 60.13 -35.18 -93.47
C LYS L 709 61.43 -34.40 -93.58
N SER L 710 62.27 -34.53 -92.55
CA SER L 710 63.54 -33.85 -92.51
C SER L 710 64.49 -34.63 -91.62
N THR L 711 65.79 -34.33 -91.76
CA THR L 711 66.80 -35.01 -90.98
C THR L 711 66.63 -34.73 -89.49
N SER L 712 66.25 -33.51 -89.15
CA SER L 712 66.09 -33.12 -87.75
C SER L 712 64.80 -32.32 -87.59
N VAL L 713 64.29 -32.31 -86.38
CA VAL L 713 63.13 -31.51 -86.04
C VAL L 713 63.56 -30.05 -85.91
N ASP L 714 62.81 -29.16 -86.55
CA ASP L 714 63.07 -27.73 -86.40
C ASP L 714 62.83 -27.29 -84.97
N PHE L 715 63.69 -26.41 -84.48
CA PHE L 715 63.66 -25.95 -83.09
C PHE L 715 63.79 -27.13 -82.12
N ALA L 716 64.76 -27.98 -82.40
CA ALA L 716 65.12 -29.09 -81.54
C ALA L 716 66.63 -29.23 -81.53
N VAL L 717 67.11 -30.23 -80.88
CA VAL L 717 68.55 -30.51 -80.85
C VAL L 717 68.88 -31.46 -81.99
N ASN L 718 70.13 -31.40 -82.43
CA ASN L 718 70.62 -32.34 -83.43
C ASN L 718 71.23 -33.55 -82.72
N THR L 719 71.95 -34.39 -83.46
CA THR L 719 72.55 -35.58 -82.87
C THR L 719 73.67 -35.24 -81.90
N GLU L 720 74.21 -34.02 -81.95
CA GLU L 720 75.28 -33.61 -81.05
C GLU L 720 74.77 -32.83 -79.85
N GLY L 721 73.47 -32.68 -79.69
CA GLY L 721 72.94 -31.94 -78.58
C GLY L 721 72.86 -30.46 -78.76
N VAL L 722 73.11 -29.96 -79.96
CA VAL L 722 73.11 -28.53 -80.23
C VAL L 722 71.68 -28.10 -80.57
N TYR L 723 71.13 -27.21 -79.76
CA TYR L 723 69.85 -26.60 -80.08
C TYR L 723 70.04 -25.49 -81.11
N SER L 724 69.19 -25.47 -82.12
CA SER L 724 69.28 -24.47 -83.16
C SER L 724 67.89 -23.91 -83.46
N GLU L 725 67.86 -22.63 -83.82
CA GLU L 725 66.65 -22.00 -84.31
C GLU L 725 66.78 -21.83 -85.81
N PRO L 726 66.05 -22.60 -86.62
CA PRO L 726 66.33 -22.62 -88.06
C PRO L 726 65.92 -21.36 -88.79
N ARG L 727 64.95 -20.60 -88.27
CA ARG L 727 64.46 -19.43 -88.96
C ARG L 727 64.06 -18.39 -87.92
N PRO L 728 64.03 -17.12 -88.30
CA PRO L 728 63.45 -16.11 -87.39
C PRO L 728 61.94 -16.10 -87.53
N ILE L 729 61.25 -16.41 -86.44
CA ILE L 729 59.80 -16.39 -86.44
C ILE L 729 59.33 -14.99 -86.09
N GLY L 730 58.68 -14.33 -87.03
CA GLY L 730 58.09 -13.04 -86.76
C GLY L 730 56.87 -13.15 -85.89
N THR L 731 56.04 -12.14 -85.91
CA THR L 731 54.89 -12.12 -85.03
C THR L 731 53.59 -11.82 -85.77
N ARG L 732 53.68 -11.38 -87.02
CA ARG L 732 52.52 -10.87 -87.75
C ARG L 732 52.02 -11.93 -88.73
N TYR L 733 51.03 -12.69 -88.29
CA TYR L 733 50.38 -13.69 -89.11
C TYR L 733 48.89 -13.47 -89.25
N LEU L 734 48.23 -13.09 -88.16
CA LEU L 734 46.82 -12.69 -88.24
C LEU L 734 46.70 -11.37 -88.96
N THR L 735 45.48 -11.03 -89.37
CA THR L 735 45.24 -9.83 -90.15
C THR L 735 44.20 -8.96 -89.48
N ARG L 736 44.32 -7.65 -89.72
CA ARG L 736 43.32 -6.67 -89.34
C ARG L 736 43.07 -5.75 -90.52
N ASN L 737 41.86 -5.18 -90.55
CA ASN L 737 41.62 -4.08 -91.45
C ASN L 737 42.35 -2.84 -90.95
N LEU L 738 42.58 -1.91 -91.86
CA LEU L 738 43.22 -0.66 -91.48
C LEU L 738 42.21 0.25 -90.78
N GLY M 221 2.26 -10.82 -86.65
CA GLY M 221 1.74 -9.82 -87.57
C GLY M 221 2.31 -9.92 -88.97
N VAL M 222 1.51 -9.51 -89.95
CA VAL M 222 1.97 -9.54 -91.35
C VAL M 222 3.15 -8.61 -91.54
N GLY M 223 3.08 -7.41 -90.97
CA GLY M 223 4.08 -6.39 -91.19
C GLY M 223 5.20 -6.32 -90.17
N SER M 224 5.35 -7.33 -89.32
CA SER M 224 6.42 -7.34 -88.33
C SER M 224 7.28 -8.58 -88.51
N SER M 225 8.59 -8.39 -88.41
CA SER M 225 9.53 -9.50 -88.50
C SER M 225 9.38 -10.43 -87.31
N SER M 226 9.45 -11.73 -87.56
CA SER M 226 9.34 -12.72 -86.50
C SER M 226 10.70 -13.20 -86.01
N GLY M 227 11.79 -12.63 -86.50
CA GLY M 227 13.11 -12.99 -86.03
C GLY M 227 14.15 -12.20 -86.77
N ASN M 228 15.35 -12.19 -86.19
CA ASN M 228 16.48 -11.45 -86.73
C ASN M 228 17.50 -12.40 -87.32
N TRP M 229 18.37 -11.84 -88.16
CA TRP M 229 19.46 -12.59 -88.74
C TRP M 229 20.56 -12.77 -87.70
N HIS M 230 20.92 -14.03 -87.43
CA HIS M 230 21.92 -14.35 -86.41
C HIS M 230 22.94 -15.29 -87.04
N CYS M 231 23.95 -14.73 -87.66
CA CYS M 231 25.13 -15.47 -88.08
C CYS M 231 26.31 -14.94 -87.28
N ASP M 232 26.95 -15.80 -86.52
CA ASP M 232 28.00 -15.38 -85.61
C ASP M 232 28.67 -16.60 -85.03
N SER M 233 29.84 -16.38 -84.44
CA SER M 233 30.52 -17.40 -83.64
C SER M 233 31.17 -16.68 -82.47
N THR M 234 30.82 -17.08 -81.26
CA THR M 234 31.39 -16.48 -80.06
C THR M 234 32.24 -17.53 -79.36
N TRP M 235 33.53 -17.22 -79.20
CA TRP M 235 34.46 -18.09 -78.50
C TRP M 235 34.61 -17.55 -77.08
N LEU M 236 34.25 -18.37 -76.10
CA LEU M 236 34.27 -17.94 -74.71
C LEU M 236 34.77 -19.11 -73.86
N GLY M 237 36.03 -19.04 -73.45
CA GLY M 237 36.59 -20.10 -72.63
C GLY M 237 36.68 -21.40 -73.39
N ASP M 238 36.11 -22.45 -72.80
CA ASP M 238 36.10 -23.78 -73.40
C ASP M 238 34.88 -24.03 -74.27
N ARG M 239 34.13 -22.99 -74.59
CA ARG M 239 32.96 -23.11 -75.45
C ARG M 239 33.13 -22.24 -76.69
N VAL M 240 32.56 -22.71 -77.79
CA VAL M 240 32.32 -21.87 -78.96
C VAL M 240 30.86 -22.04 -79.34
N ILE M 241 30.17 -20.93 -79.52
CA ILE M 241 28.77 -20.94 -79.90
C ILE M 241 28.69 -20.45 -81.33
N THR M 242 28.41 -21.37 -82.25
CA THR M 242 28.18 -21.02 -83.64
C THR M 242 26.69 -20.82 -83.86
N THR M 243 26.32 -19.72 -84.48
CA THR M 243 24.96 -19.51 -84.91
C THR M 243 24.98 -19.13 -86.38
N SER M 244 24.08 -19.73 -87.14
CA SER M 244 24.04 -19.50 -88.57
C SER M 244 22.60 -19.33 -89.02
N THR M 245 22.37 -18.32 -89.84
CA THR M 245 21.08 -18.05 -90.42
C THR M 245 21.17 -18.20 -91.93
N ARG M 246 20.16 -18.83 -92.53
CA ARG M 246 20.08 -18.97 -93.97
C ARG M 246 18.67 -18.67 -94.43
N THR M 247 18.56 -18.24 -95.68
CA THR M 247 17.27 -18.10 -96.33
C THR M 247 16.97 -19.39 -97.09
N TRP M 248 15.80 -19.96 -96.83
CA TRP M 248 15.40 -21.20 -97.48
C TRP M 248 14.19 -20.95 -98.37
N ALA M 249 13.97 -21.87 -99.30
CA ALA M 249 12.77 -21.89 -100.11
C ALA M 249 12.23 -23.31 -100.12
N LEU M 250 10.96 -23.46 -99.77
CA LEU M 250 10.34 -24.77 -99.72
C LEU M 250 9.27 -24.87 -100.80
N PRO M 251 9.46 -25.69 -101.82
CA PRO M 251 8.40 -25.90 -102.81
C PRO M 251 7.34 -26.85 -102.26
N THR M 252 6.28 -27.01 -103.04
CA THR M 252 5.36 -28.10 -102.82
C THR M 252 5.95 -29.36 -103.43
N TYR M 253 6.16 -30.37 -102.61
CA TYR M 253 6.74 -31.63 -103.07
C TYR M 253 5.63 -32.63 -103.34
N ASN M 254 5.81 -33.41 -104.41
CA ASN M 254 4.95 -34.55 -104.73
C ASN M 254 3.51 -34.16 -105.00
N ASN M 255 3.23 -32.87 -105.25
CA ASN M 255 1.86 -32.37 -105.37
C ASN M 255 1.04 -32.75 -104.14
N HIS M 256 1.65 -32.59 -102.96
CA HIS M 256 1.03 -32.86 -101.67
C HIS M 256 0.73 -34.33 -101.44
N LEU M 257 1.31 -35.23 -102.22
CA LEU M 257 0.98 -36.64 -102.15
C LEU M 257 2.11 -37.45 -101.50
N TYR M 258 1.73 -38.55 -100.86
CA TYR M 258 2.68 -39.59 -100.51
C TYR M 258 2.71 -40.60 -101.65
N LYS M 259 3.89 -40.85 -102.19
CA LYS M 259 4.03 -41.77 -103.30
C LYS M 259 4.91 -42.94 -102.87
N GLN M 260 4.44 -44.15 -103.12
CA GLN M 260 5.30 -45.31 -102.98
C GLN M 260 6.35 -45.28 -104.09
N ILE M 261 7.61 -45.47 -103.71
CA ILE M 261 8.72 -45.49 -104.65
C ILE M 261 9.44 -46.81 -104.51
N SER M 262 9.91 -47.36 -105.63
CA SER M 262 10.53 -48.66 -105.62
C SER M 262 11.58 -48.72 -106.72
N ASN M 263 12.42 -49.75 -106.62
CA ASN M 263 13.40 -50.06 -107.65
C ASN M 263 13.64 -51.56 -107.60
N GLY M 264 13.41 -52.24 -108.72
CA GLY M 264 13.57 -53.68 -108.80
C GLY M 264 14.63 -54.07 -109.80
N THR M 265 14.78 -55.37 -109.96
CA THR M 265 15.76 -55.92 -110.89
C THR M 265 15.19 -56.01 -112.30
N ALA M 269 18.19 -52.45 -113.00
CA ALA M 269 18.89 -52.29 -111.73
C ALA M 269 19.29 -53.64 -111.16
N THR M 270 20.40 -53.67 -110.43
CA THR M 270 20.85 -54.89 -109.79
C THR M 270 20.15 -55.08 -108.45
N ASN M 271 20.23 -56.30 -107.92
CA ASN M 271 19.63 -56.58 -106.64
C ASN M 271 20.25 -55.74 -105.53
N ASP M 272 21.53 -55.37 -105.68
CA ASP M 272 22.19 -54.56 -104.67
C ASP M 272 21.58 -53.19 -104.52
N ASN M 273 20.86 -52.70 -105.53
CA ASN M 273 20.32 -51.36 -105.54
C ASN M 273 18.80 -51.32 -105.44
N THR M 274 18.16 -52.44 -105.12
CA THR M 274 16.71 -52.45 -104.99
C THR M 274 16.29 -51.73 -103.71
N TYR M 275 15.09 -51.15 -103.75
CA TYR M 275 14.54 -50.52 -102.57
C TYR M 275 13.04 -50.44 -102.69
N PHE M 276 12.39 -50.30 -101.53
CA PHE M 276 10.99 -49.95 -101.44
C PHE M 276 10.88 -48.87 -100.38
N GLY M 277 10.15 -47.81 -100.68
CA GLY M 277 10.02 -46.74 -99.74
C GLY M 277 8.90 -45.81 -100.13
N TYR M 278 8.92 -44.63 -99.50
CA TYR M 278 7.87 -43.66 -99.74
C TYR M 278 8.47 -42.28 -99.92
N SER M 279 8.00 -41.58 -100.94
CA SER M 279 8.27 -40.16 -101.10
C SER M 279 7.15 -39.39 -100.41
N THR M 280 7.52 -38.43 -99.59
CA THR M 280 6.54 -37.66 -98.86
C THR M 280 6.47 -36.24 -99.39
N PRO M 281 5.35 -35.55 -99.19
CA PRO M 281 5.27 -34.13 -99.57
C PRO M 281 6.01 -33.20 -98.63
N TRP M 282 6.74 -33.73 -97.66
CA TRP M 282 7.40 -32.92 -96.65
C TRP M 282 8.84 -32.63 -97.03
N GLY M 283 9.28 -31.43 -96.72
CA GLY M 283 10.69 -31.14 -96.69
C GLY M 283 11.25 -31.34 -95.31
N TYR M 284 12.58 -31.25 -95.21
CA TYR M 284 13.20 -31.35 -93.90
C TYR M 284 14.44 -30.47 -93.87
N PHE M 285 14.76 -29.99 -92.68
CA PHE M 285 15.91 -29.13 -92.48
C PHE M 285 17.11 -29.97 -92.07
N ASP M 286 18.22 -29.78 -92.78
CA ASP M 286 19.45 -30.48 -92.51
C ASP M 286 20.54 -29.46 -92.23
N PHE M 287 21.22 -29.61 -91.10
CA PHE M 287 22.41 -28.84 -90.78
C PHE M 287 23.48 -29.74 -90.23
N ASN M 288 23.57 -30.95 -90.81
CA ASN M 288 24.48 -31.99 -90.36
C ASN M 288 25.81 -31.95 -91.09
N ARG M 289 26.27 -30.77 -91.46
CA ARG M 289 27.62 -30.58 -91.97
C ARG M 289 28.28 -29.45 -91.18
N PHE M 290 29.58 -29.59 -90.96
CA PHE M 290 30.27 -28.62 -90.11
C PHE M 290 30.29 -27.24 -90.71
N HIS M 291 30.36 -27.12 -92.04
CA HIS M 291 30.39 -25.80 -92.65
C HIS M 291 29.05 -25.09 -92.59
N CYS M 292 27.98 -25.78 -92.19
CA CYS M 292 26.73 -25.08 -91.89
C CYS M 292 26.86 -24.20 -90.66
N HIS M 293 27.85 -24.43 -89.83
CA HIS M 293 28.01 -23.74 -88.56
C HIS M 293 29.34 -23.02 -88.42
N PHE M 294 30.41 -23.59 -88.93
CA PHE M 294 31.74 -23.01 -88.82
C PHE M 294 32.12 -22.36 -90.14
N SER M 295 32.48 -21.08 -90.07
CA SER M 295 33.17 -20.46 -91.17
C SER M 295 34.56 -21.08 -91.30
N PRO M 296 35.17 -21.00 -92.48
CA PRO M 296 36.52 -21.56 -92.61
C PRO M 296 37.51 -20.99 -91.61
N ARG M 297 37.41 -19.69 -91.31
CA ARG M 297 38.26 -19.10 -90.30
C ARG M 297 37.95 -19.65 -88.91
N ASP M 298 36.66 -19.83 -88.61
CA ASP M 298 36.28 -20.44 -87.35
C ASP M 298 36.76 -21.88 -87.25
N TRP M 299 36.68 -22.62 -88.37
CA TRP M 299 37.21 -23.97 -88.40
C TRP M 299 38.71 -23.97 -88.14
N GLN M 300 39.43 -23.01 -88.72
CA GLN M 300 40.86 -22.89 -88.46
C GLN M 300 41.13 -22.61 -86.99
N ARG M 301 40.37 -21.68 -86.40
CA ARG M 301 40.49 -21.40 -84.97
C ARG M 301 40.29 -22.67 -84.15
N LEU M 302 39.29 -23.46 -84.52
CA LEU M 302 38.98 -24.67 -83.77
C LEU M 302 40.10 -25.69 -83.90
N ILE M 303 40.54 -25.98 -85.12
CA ILE M 303 41.45 -27.09 -85.33
C ILE M 303 42.90 -26.76 -85.01
N ASN M 304 43.28 -25.49 -85.04
CA ASN M 304 44.66 -25.14 -84.75
C ASN M 304 44.94 -24.99 -83.26
N ASN M 305 43.92 -25.01 -82.41
CA ASN M 305 44.09 -24.64 -81.02
C ASN M 305 43.44 -25.61 -80.04
N ASN M 306 42.73 -26.61 -80.51
CA ASN M 306 41.99 -27.49 -79.62
C ASN M 306 42.31 -28.94 -79.92
N TRP M 307 42.44 -29.73 -78.86
CA TRP M 307 42.65 -31.17 -79.01
C TRP M 307 41.35 -31.91 -79.27
N GLY M 308 40.21 -31.28 -79.01
CA GLY M 308 38.95 -31.95 -79.22
C GLY M 308 37.81 -30.98 -79.09
N PHE M 309 36.65 -31.42 -79.56
CA PHE M 309 35.43 -30.64 -79.46
C PHE M 309 34.26 -31.60 -79.55
N ARG M 310 33.10 -31.13 -79.10
CA ARG M 310 31.88 -31.90 -79.17
C ARG M 310 30.70 -30.95 -79.06
N PRO M 311 29.59 -31.26 -79.73
CA PRO M 311 28.40 -30.42 -79.56
C PRO M 311 27.79 -30.62 -78.18
N LYS M 312 27.22 -29.54 -77.66
CA LYS M 312 26.59 -29.56 -76.34
C LYS M 312 25.09 -29.36 -76.43
N ARG M 313 24.64 -28.31 -77.11
CA ARG M 313 23.24 -28.01 -77.22
C ARG M 313 23.02 -27.30 -78.54
N LEU M 314 21.78 -27.32 -79.02
CA LEU M 314 21.44 -26.54 -80.19
C LEU M 314 20.09 -25.88 -80.00
N SER M 315 19.93 -24.73 -80.64
CA SER M 315 18.65 -24.08 -80.75
C SER M 315 18.38 -23.83 -82.22
N PHE M 316 17.14 -24.03 -82.63
CA PHE M 316 16.74 -23.96 -84.02
C PHE M 316 15.57 -22.99 -84.12
N LYS M 317 15.57 -22.16 -85.16
CA LYS M 317 14.51 -21.18 -85.33
C LYS M 317 14.09 -21.12 -86.79
N LEU M 318 12.77 -21.06 -86.99
CA LEU M 318 12.17 -20.75 -88.28
C LEU M 318 11.39 -19.46 -88.11
N PHE M 319 11.59 -18.50 -89.01
CA PHE M 319 10.98 -17.20 -88.84
C PHE M 319 10.95 -16.48 -90.19
N ASN M 320 10.25 -15.35 -90.20
CA ASN M 320 10.07 -14.54 -91.40
C ASN M 320 9.54 -15.39 -92.54
N ILE M 321 8.54 -16.20 -92.23
CA ILE M 321 7.96 -17.11 -93.20
C ILE M 321 7.10 -16.32 -94.18
N GLN M 322 7.30 -16.58 -95.46
CA GLN M 322 6.49 -16.00 -96.52
C GLN M 322 5.98 -17.13 -97.39
N VAL M 323 4.67 -17.28 -97.45
CA VAL M 323 4.05 -18.26 -98.34
C VAL M 323 3.56 -17.51 -99.57
N LYS M 324 3.99 -17.95 -100.75
CA LYS M 324 3.75 -17.22 -101.97
C LYS M 324 2.95 -18.08 -102.94
N GLU M 325 1.99 -17.45 -103.60
CA GLU M 325 1.15 -18.10 -104.60
C GLU M 325 1.66 -17.70 -105.98
N VAL M 326 1.82 -18.68 -106.86
CA VAL M 326 2.25 -18.46 -108.22
C VAL M 326 1.15 -18.92 -109.17
N THR M 327 0.78 -18.05 -110.09
CA THR M 327 -0.30 -18.34 -111.03
C THR M 327 0.22 -18.42 -112.46
N LYS M 333 3.52 -15.62 -115.74
CA LYS M 333 3.66 -16.07 -114.36
C LYS M 333 3.77 -14.90 -113.40
N THR M 334 2.88 -14.86 -112.42
CA THR M 334 2.92 -13.85 -111.37
C THR M 334 3.02 -14.54 -110.02
N ILE M 335 3.84 -13.97 -109.13
CA ILE M 335 4.01 -14.48 -107.78
C ILE M 335 3.44 -13.45 -106.82
N ALA M 336 2.54 -13.90 -105.95
CA ALA M 336 1.89 -13.02 -104.99
C ALA M 336 1.96 -13.64 -103.61
N ASN M 337 1.93 -12.78 -102.59
CA ASN M 337 1.85 -13.26 -101.23
C ASN M 337 0.50 -13.90 -100.96
N ASN M 338 0.52 -15.02 -100.26
CA ASN M 338 -0.69 -15.65 -99.75
C ASN M 338 -0.61 -15.51 -98.23
N LEU M 339 -1.15 -14.39 -97.73
CA LEU M 339 -0.97 -14.03 -96.33
C LEU M 339 -1.61 -15.02 -95.38
N THR M 340 -2.66 -15.70 -95.81
CA THR M 340 -3.40 -16.61 -94.95
C THR M 340 -2.95 -18.06 -95.08
N SER M 341 -1.97 -18.34 -95.94
CA SER M 341 -1.48 -19.69 -96.09
C SER M 341 -0.53 -20.05 -94.95
N THR M 342 -0.44 -21.34 -94.67
CA THR M 342 0.39 -21.83 -93.59
C THR M 342 1.45 -22.80 -94.10
N ILE M 343 2.50 -22.94 -93.31
CA ILE M 343 3.42 -24.06 -93.40
C ILE M 343 3.26 -24.88 -92.13
N GLN M 344 3.55 -26.17 -92.23
CA GLN M 344 3.51 -27.06 -91.09
C GLN M 344 4.93 -27.48 -90.74
N VAL M 345 5.31 -27.33 -89.48
CA VAL M 345 6.62 -27.68 -89.00
C VAL M 345 6.46 -28.54 -87.76
N PHE M 346 7.20 -29.64 -87.71
CA PHE M 346 7.29 -30.40 -86.47
C PHE M 346 8.66 -31.08 -86.42
N THR M 347 9.11 -31.34 -85.20
CA THR M 347 10.32 -32.11 -84.98
C THR M 347 9.94 -33.51 -84.54
N ASP M 348 10.61 -34.50 -85.14
CA ASP M 348 10.44 -35.89 -84.72
C ASP M 348 11.26 -36.11 -83.44
N SER M 349 10.74 -35.52 -82.35
CA SER M 349 11.47 -35.51 -81.10
C SER M 349 11.52 -36.89 -80.44
N GLU M 350 10.55 -37.74 -80.74
CA GLU M 350 10.54 -39.12 -80.24
C GLU M 350 11.23 -40.09 -81.18
N TYR M 351 11.79 -39.60 -82.29
CA TYR M 351 12.50 -40.45 -83.24
C TYR M 351 11.61 -41.57 -83.76
N GLN M 352 10.35 -41.23 -84.03
CA GLN M 352 9.39 -42.19 -84.53
C GLN M 352 9.38 -42.30 -86.04
N LEU M 353 10.03 -41.42 -86.70
CA LEU M 353 10.15 -41.49 -88.15
C LEU M 353 11.48 -42.10 -88.54
N PRO M 354 11.57 -42.70 -89.73
CA PRO M 354 12.88 -43.11 -90.24
C PRO M 354 13.82 -41.93 -90.29
N TYR M 355 14.98 -42.09 -89.68
CA TYR M 355 15.95 -41.02 -89.55
C TYR M 355 16.84 -41.02 -90.79
N VAL M 356 16.61 -40.05 -91.67
CA VAL M 356 17.37 -39.99 -92.92
C VAL M 356 18.52 -38.99 -92.85
N LEU M 357 18.61 -38.21 -91.79
CA LEU M 357 19.84 -37.46 -91.56
C LEU M 357 20.97 -38.43 -91.23
N GLY M 358 22.20 -37.96 -91.37
CA GLY M 358 23.31 -38.85 -91.16
C GLY M 358 23.53 -39.84 -92.27
N SER M 359 23.05 -39.55 -93.48
CA SER M 359 23.39 -40.31 -94.67
C SER M 359 24.17 -39.48 -95.67
N ALA M 360 24.75 -38.38 -95.21
CA ALA M 360 25.60 -37.50 -96.04
C ALA M 360 24.86 -37.01 -97.28
N HIS M 361 23.59 -36.64 -97.10
CA HIS M 361 22.78 -36.19 -98.22
C HIS M 361 22.96 -34.71 -98.47
N GLN M 362 22.72 -34.31 -99.72
CA GLN M 362 22.67 -32.90 -100.06
C GLN M 362 21.42 -32.27 -99.44
N GLY M 363 21.38 -30.94 -99.48
CA GLY M 363 20.26 -30.21 -98.94
C GLY M 363 20.51 -29.61 -97.57
N CYS M 364 21.71 -29.74 -97.04
CA CYS M 364 22.04 -29.06 -95.80
C CYS M 364 22.09 -27.56 -96.01
N LEU M 365 22.16 -26.83 -94.91
CA LEU M 365 22.35 -25.39 -94.98
C LEU M 365 23.64 -25.10 -95.75
N PRO M 366 23.63 -24.15 -96.68
CA PRO M 366 24.83 -23.90 -97.48
C PRO M 366 25.95 -23.38 -96.61
N PRO M 367 27.21 -23.66 -96.95
CA PRO M 367 28.32 -23.10 -96.18
C PRO M 367 28.36 -21.59 -96.19
N PHE M 368 27.97 -20.96 -97.29
CA PHE M 368 28.04 -19.51 -97.40
C PHE M 368 26.74 -18.89 -96.90
N PRO M 369 26.79 -18.00 -95.91
CA PRO M 369 25.54 -17.47 -95.33
C PRO M 369 24.67 -16.73 -96.32
N ALA M 370 25.26 -16.09 -97.34
CA ALA M 370 24.46 -15.36 -98.32
C ALA M 370 23.72 -16.29 -99.27
N ASP M 371 23.95 -17.58 -99.19
CA ASP M 371 23.41 -18.52 -100.17
C ASP M 371 21.99 -18.92 -99.77
N VAL M 372 21.06 -18.81 -100.71
CA VAL M 372 19.69 -19.24 -100.51
C VAL M 372 19.55 -20.67 -101.01
N PHE M 373 19.00 -21.54 -100.17
CA PHE M 373 18.97 -22.96 -100.48
C PHE M 373 17.56 -23.50 -100.51
N MET M 374 17.39 -24.55 -101.30
CA MET M 374 16.14 -25.28 -101.43
C MET M 374 16.09 -26.39 -100.39
N ILE M 375 14.94 -26.51 -99.73
CA ILE M 375 14.78 -27.54 -98.69
C ILE M 375 14.63 -28.90 -99.35
N PRO M 376 15.39 -29.90 -98.95
CA PRO M 376 15.28 -31.22 -99.58
C PRO M 376 13.97 -31.91 -99.22
N GLN M 377 13.52 -32.77 -100.12
CA GLN M 377 12.29 -33.52 -99.90
C GLN M 377 12.53 -34.72 -99.01
N TYR M 378 11.64 -34.91 -98.03
CA TYR M 378 11.77 -36.04 -97.13
C TYR M 378 11.23 -37.30 -97.78
N GLY M 379 12.05 -38.34 -97.79
CA GLY M 379 11.60 -39.67 -98.16
C GLY M 379 12.31 -40.67 -97.28
N TYR M 380 11.79 -41.89 -97.27
CA TYR M 380 12.38 -42.92 -96.44
C TYR M 380 12.23 -44.26 -97.11
N LEU M 381 13.03 -45.21 -96.66
CA LEU M 381 12.99 -46.57 -97.14
C LEU M 381 12.54 -47.50 -96.03
N THR M 382 11.84 -48.54 -96.41
CA THR M 382 11.46 -49.58 -95.47
C THR M 382 11.91 -50.92 -96.04
N LEU M 383 11.47 -52.02 -95.43
CA LEU M 383 11.92 -53.33 -95.89
C LEU M 383 11.42 -53.59 -97.30
N ASN M 384 12.28 -54.17 -98.12
CA ASN M 384 11.95 -54.50 -99.49
C ASN M 384 12.42 -55.90 -99.83
N ASN M 385 11.71 -56.52 -100.77
CA ASN M 385 12.11 -57.78 -101.40
C ASN M 385 12.09 -57.48 -102.89
N GLY M 386 13.23 -57.08 -103.42
CA GLY M 386 13.24 -56.52 -104.76
C GLY M 386 12.55 -55.17 -104.74
N SER M 387 11.60 -54.98 -105.65
CA SER M 387 10.80 -53.77 -105.68
C SER M 387 9.54 -53.89 -104.85
N GLN M 388 9.29 -55.04 -104.24
CA GLN M 388 8.08 -55.29 -103.47
C GLN M 388 8.31 -55.00 -102.00
N ALA M 389 7.25 -54.59 -101.32
CA ALA M 389 7.27 -54.50 -99.88
C ALA M 389 6.99 -55.86 -99.26
N VAL M 390 7.37 -56.00 -98.00
CA VAL M 390 7.02 -57.18 -97.22
C VAL M 390 6.02 -56.75 -96.15
N GLY M 391 5.46 -57.72 -95.45
CA GLY M 391 4.50 -57.42 -94.41
C GLY M 391 5.07 -56.57 -93.29
N ARG M 392 6.38 -56.61 -93.08
CA ARG M 392 7.00 -55.81 -92.05
C ARG M 392 7.32 -54.40 -92.52
N SER M 393 7.10 -54.09 -93.80
CA SER M 393 7.35 -52.75 -94.29
C SER M 393 6.43 -51.75 -93.60
N SER M 394 7.00 -50.63 -93.18
CA SER M 394 6.27 -49.61 -92.45
C SER M 394 5.96 -48.44 -93.36
N PHE M 395 4.72 -47.98 -93.32
CA PHE M 395 4.32 -46.75 -93.98
C PHE M 395 4.08 -45.69 -92.91
N TYR M 396 4.66 -44.52 -93.09
CA TYR M 396 4.52 -43.42 -92.15
C TYR M 396 3.83 -42.25 -92.83
N CYS M 397 2.75 -41.78 -92.23
CA CYS M 397 2.11 -40.53 -92.63
C CYS M 397 2.61 -39.43 -91.72
N LEU M 398 3.30 -38.44 -92.28
CA LEU M 398 3.84 -37.37 -91.46
C LEU M 398 2.76 -36.42 -90.99
N GLU M 399 1.59 -36.41 -91.66
CA GLU M 399 0.46 -35.67 -91.14
C GLU M 399 -0.10 -36.30 -89.87
N TYR M 400 0.24 -37.55 -89.61
CA TYR M 400 -0.17 -38.23 -88.39
C TYR M 400 0.61 -37.76 -87.17
N PHE M 401 1.40 -36.73 -87.30
CA PHE M 401 2.13 -36.14 -86.21
C PHE M 401 1.55 -34.77 -85.86
N PRO M 402 1.64 -34.35 -84.60
CA PRO M 402 1.28 -32.96 -84.28
C PRO M 402 2.30 -32.01 -84.90
N SER M 403 1.80 -31.07 -85.68
CA SER M 403 2.64 -30.08 -86.32
C SER M 403 2.16 -28.69 -85.95
N GLN M 404 3.11 -27.78 -85.77
CA GLN M 404 2.77 -26.38 -85.63
C GLN M 404 2.50 -25.80 -87.01
N MET M 405 1.37 -25.15 -87.18
CA MET M 405 1.06 -24.46 -88.43
C MET M 405 1.39 -22.99 -88.27
N LEU M 406 2.07 -22.44 -89.26
CA LEU M 406 2.64 -21.10 -89.17
C LEU M 406 2.13 -20.27 -90.33
N ARG M 407 1.52 -19.13 -90.02
CA ARG M 407 1.28 -18.13 -91.03
C ARG M 407 2.48 -17.21 -91.11
N THR M 408 2.38 -16.18 -91.96
CA THR M 408 3.53 -15.33 -92.23
C THR M 408 4.03 -14.61 -90.98
N GLY M 409 3.16 -14.39 -89.99
CA GLY M 409 3.58 -13.75 -88.77
C GLY M 409 4.10 -14.67 -87.69
N ASN M 410 4.05 -15.97 -87.90
CA ASN M 410 4.44 -16.93 -86.88
C ASN M 410 5.89 -17.34 -87.05
N ASN M 411 6.47 -17.83 -85.96
CA ASN M 411 7.81 -18.40 -85.99
C ASN M 411 7.80 -19.71 -85.23
N PHE M 412 8.79 -20.54 -85.54
CA PHE M 412 8.95 -21.84 -84.92
C PHE M 412 10.34 -21.91 -84.30
N GLN M 413 10.42 -22.51 -83.12
CA GLN M 413 11.73 -22.69 -82.51
C GLN M 413 11.69 -23.87 -81.56
N PHE M 414 12.84 -24.52 -81.41
CA PHE M 414 12.99 -25.56 -80.41
C PHE M 414 14.47 -25.62 -80.02
N THR M 415 14.71 -26.17 -78.84
CA THR M 415 16.05 -26.38 -78.34
C THR M 415 16.29 -27.86 -78.13
N TYR M 416 17.54 -28.25 -78.28
CA TYR M 416 17.94 -29.64 -78.15
C TYR M 416 19.26 -29.70 -77.40
N THR M 417 19.39 -30.68 -76.52
CA THR M 417 20.63 -30.90 -75.79
C THR M 417 21.27 -32.20 -76.28
N PHE M 418 22.52 -32.11 -76.71
CA PHE M 418 23.26 -33.30 -77.10
C PHE M 418 23.54 -34.17 -75.89
N GLU M 419 23.47 -35.47 -76.07
CA GLU M 419 23.88 -36.39 -75.03
C GLU M 419 25.38 -36.29 -74.82
N ASP M 420 25.85 -36.82 -73.70
CA ASP M 420 27.27 -36.84 -73.43
C ASP M 420 27.98 -37.71 -74.46
N VAL M 421 28.69 -37.09 -75.38
CA VAL M 421 29.38 -37.78 -76.46
C VAL M 421 30.87 -37.57 -76.25
N PRO M 422 31.73 -38.50 -76.63
CA PRO M 422 33.17 -38.26 -76.49
C PRO M 422 33.62 -37.13 -77.38
N PHE M 423 34.65 -36.41 -76.91
CA PHE M 423 35.28 -35.39 -77.74
C PHE M 423 35.83 -36.02 -79.01
N HIS M 424 35.61 -35.36 -80.14
CA HIS M 424 36.30 -35.79 -81.35
C HIS M 424 37.78 -35.54 -81.21
N SER M 425 38.59 -36.49 -81.64
CA SER M 425 40.04 -36.37 -81.54
C SER M 425 40.52 -35.40 -82.59
N SER M 426 40.63 -34.13 -82.21
CA SER M 426 41.13 -33.09 -83.11
C SER M 426 42.65 -32.98 -83.02
N TYR M 427 43.31 -34.12 -83.13
CA TYR M 427 44.76 -34.19 -82.97
C TYR M 427 45.26 -35.42 -83.72
N ALA M 428 46.53 -35.38 -84.08
CA ALA M 428 47.22 -36.55 -84.58
C ALA M 428 48.27 -36.96 -83.57
N HIS M 429 48.48 -38.27 -83.45
CA HIS M 429 49.45 -38.76 -82.48
C HIS M 429 50.86 -38.48 -82.97
N SER M 430 51.69 -37.95 -82.06
CA SER M 430 53.10 -37.70 -82.36
C SER M 430 53.96 -38.90 -82.02
N GLN M 431 53.36 -40.01 -81.62
CA GLN M 431 54.05 -41.26 -81.39
C GLN M 431 53.33 -42.36 -82.14
N SER M 432 54.09 -43.36 -82.58
CA SER M 432 53.51 -44.53 -83.20
C SER M 432 53.30 -45.62 -82.15
N LEU M 433 52.31 -46.48 -82.39
CA LEU M 433 51.97 -47.50 -81.42
C LEU M 433 53.11 -48.49 -81.21
N ASP M 434 53.90 -48.75 -82.25
CA ASP M 434 55.03 -49.67 -82.15
C ASP M 434 56.31 -48.96 -81.72
N ARG M 435 56.23 -47.70 -81.34
CA ARG M 435 57.39 -46.92 -80.92
C ARG M 435 57.11 -46.19 -79.62
N LEU M 436 56.47 -46.87 -78.68
CA LEU M 436 56.14 -46.28 -77.38
C LEU M 436 57.21 -46.54 -76.33
N MET M 437 58.26 -47.27 -76.68
CA MET M 437 59.26 -47.70 -75.74
C MET M 437 60.43 -46.71 -75.65
N ASN M 438 61.19 -46.85 -74.58
CA ASN M 438 62.42 -46.08 -74.40
C ASN M 438 63.46 -46.59 -75.39
N PRO M 439 63.98 -45.75 -76.28
CA PRO M 439 64.95 -46.21 -77.27
C PRO M 439 66.37 -46.38 -76.75
N LEU M 440 66.59 -46.26 -75.44
CA LEU M 440 67.92 -46.39 -74.88
C LEU M 440 68.09 -47.61 -74.01
N ILE M 441 67.01 -48.23 -73.55
CA ILE M 441 67.05 -49.29 -72.55
C ILE M 441 66.57 -50.57 -73.19
N ASP M 442 67.26 -51.66 -72.90
CA ASP M 442 66.79 -52.98 -73.31
C ASP M 442 65.58 -53.39 -72.50
N GLN M 443 64.81 -54.32 -73.05
CA GLN M 443 63.75 -54.95 -72.30
C GLN M 443 64.32 -56.07 -71.44
N TYR M 444 63.70 -56.30 -70.29
CA TYR M 444 64.06 -57.48 -69.52
C TYR M 444 63.38 -58.73 -70.04
N LEU M 445 62.38 -58.60 -70.90
CA LEU M 445 61.74 -59.73 -71.53
C LEU M 445 62.56 -60.22 -72.71
N TYR M 446 62.53 -61.52 -72.94
CA TYR M 446 63.22 -62.14 -74.05
C TYR M 446 62.22 -62.52 -75.13
N TYR M 447 62.71 -62.59 -76.36
CA TYR M 447 61.95 -63.11 -77.47
C TYR M 447 62.77 -64.20 -78.16
N LEU M 448 62.07 -65.14 -78.78
CA LEU M 448 62.74 -66.17 -79.56
C LEU M 448 63.43 -65.51 -80.76
N SER M 449 64.75 -65.45 -80.74
CA SER M 449 65.50 -64.74 -81.76
C SER M 449 66.04 -65.64 -82.85
N ARG M 450 66.33 -66.90 -82.54
CA ARG M 450 66.78 -67.84 -83.55
C ARG M 450 66.26 -69.24 -83.24
N THR M 451 65.96 -69.99 -84.30
CA THR M 451 65.57 -71.38 -84.18
C THR M 451 66.57 -72.32 -84.83
N GLN M 452 67.65 -71.79 -85.39
CA GLN M 452 68.64 -72.59 -86.09
C GLN M 452 70.02 -72.06 -85.78
N THR M 453 70.97 -72.97 -85.59
CA THR M 453 72.34 -72.58 -85.25
C THR M 453 73.02 -71.84 -86.40
N ASN M 459 73.61 -76.45 -90.42
CA ASN M 459 73.06 -75.92 -89.18
C ASN M 459 71.92 -76.80 -88.67
N THR M 460 71.76 -76.83 -87.35
CA THR M 460 70.78 -77.67 -86.70
C THR M 460 69.79 -76.81 -85.92
N GLN M 461 68.73 -77.45 -85.45
CA GLN M 461 67.72 -76.76 -84.66
C GLN M 461 68.30 -76.33 -83.32
N THR M 462 67.85 -75.17 -82.85
CA THR M 462 68.24 -74.65 -81.55
C THR M 462 67.16 -73.66 -81.11
N LEU M 463 67.30 -73.15 -79.89
CA LEU M 463 66.43 -72.11 -79.37
C LEU M 463 67.32 -71.02 -78.81
N GLY M 464 67.43 -69.91 -79.53
CA GLY M 464 68.16 -68.74 -79.08
C GLY M 464 67.18 -67.64 -78.73
N PHE M 465 67.42 -67.01 -77.58
CA PHE M 465 66.55 -65.96 -77.07
C PHE M 465 67.37 -64.70 -76.86
N SER M 466 66.80 -63.57 -77.28
CA SER M 466 67.46 -62.29 -77.15
C SER M 466 66.52 -61.32 -76.45
N GLN M 467 67.10 -60.30 -75.84
CA GLN M 467 66.32 -59.24 -75.22
C GLN M 467 66.04 -58.16 -76.25
N GLY M 468 64.78 -57.77 -76.37
CA GLY M 468 64.42 -56.66 -77.22
C GLY M 468 65.10 -55.38 -76.78
N GLY M 469 65.68 -54.67 -77.73
CA GLY M 469 66.40 -53.46 -77.41
C GLY M 469 66.21 -52.38 -78.45
N PRO M 470 67.05 -51.34 -78.39
CA PRO M 470 66.90 -50.23 -79.33
C PRO M 470 67.02 -50.63 -80.79
N ASN M 471 67.77 -51.69 -81.09
CA ASN M 471 67.98 -52.10 -82.47
C ASN M 471 66.96 -53.13 -82.94
N THR M 472 66.54 -54.03 -82.07
CA THR M 472 65.51 -55.02 -82.40
C THR M 472 64.15 -54.54 -81.92
N MET M 473 63.77 -53.37 -82.40
CA MET M 473 62.57 -52.71 -81.90
C MET M 473 61.31 -53.37 -82.42
N ALA M 474 61.38 -54.02 -83.59
CA ALA M 474 60.24 -54.77 -84.08
C ALA M 474 59.98 -56.04 -83.28
N ASN M 475 60.99 -56.55 -82.58
CA ASN M 475 60.84 -57.77 -81.80
C ASN M 475 60.43 -57.52 -80.36
N GLN M 476 60.41 -56.28 -79.91
CA GLN M 476 60.14 -55.99 -78.51
C GLN M 476 58.73 -56.40 -78.11
N ALA M 477 58.61 -56.86 -76.88
CA ALA M 477 57.29 -57.10 -76.31
C ALA M 477 56.54 -55.78 -76.20
N LYS M 478 55.27 -55.79 -76.58
CA LYS M 478 54.45 -54.59 -76.60
C LYS M 478 53.11 -54.88 -75.97
N ASN M 479 52.47 -53.82 -75.46
CA ASN M 479 51.22 -53.95 -74.73
C ASN M 479 49.99 -53.80 -75.59
N TRP M 480 50.11 -53.27 -76.81
CA TRP M 480 48.93 -52.85 -77.56
C TRP M 480 49.07 -53.30 -79.01
N LEU M 481 47.92 -53.38 -79.66
CA LEU M 481 47.81 -53.76 -81.06
C LEU M 481 47.15 -52.66 -81.86
N PRO M 482 47.46 -52.53 -83.14
CA PRO M 482 46.77 -51.55 -83.98
C PRO M 482 45.31 -51.90 -84.13
N GLY M 483 44.50 -50.88 -84.40
CA GLY M 483 43.08 -51.03 -84.54
C GLY M 483 42.69 -52.03 -85.60
N PRO M 484 41.39 -52.32 -85.69
CA PRO M 484 40.92 -53.36 -86.59
C PRO M 484 41.08 -52.98 -88.05
N CYS M 485 41.11 -53.99 -88.90
CA CYS M 485 41.37 -53.83 -90.32
C CYS M 485 40.28 -54.50 -91.15
N TYR M 486 39.87 -53.83 -92.23
CA TYR M 486 38.97 -54.40 -93.22
C TYR M 486 39.52 -53.97 -94.57
N ARG M 487 40.42 -54.77 -95.13
CA ARG M 487 41.33 -54.30 -96.16
C ARG M 487 40.59 -53.82 -97.41
N GLN M 488 41.02 -52.67 -97.93
CA GLN M 488 40.48 -52.08 -99.13
C GLN M 488 41.50 -52.18 -100.26
N GLN M 489 41.00 -52.19 -101.48
CA GLN M 489 41.88 -52.19 -102.64
C GLN M 489 42.56 -50.83 -102.78
N ARG M 490 43.82 -50.86 -103.19
CA ARG M 490 44.60 -49.65 -103.33
C ARG M 490 44.44 -49.08 -104.74
N VAL M 491 44.17 -47.79 -104.82
CA VAL M 491 44.03 -47.08 -106.08
C VAL M 491 45.03 -45.93 -106.09
N SER M 492 45.74 -45.77 -107.19
CA SER M 492 46.70 -44.69 -107.34
C SER M 492 46.06 -43.53 -108.07
N THR M 493 46.27 -42.32 -107.57
CA THR M 493 45.83 -41.13 -108.29
C THR M 493 46.61 -40.94 -109.59
N THR M 494 47.81 -41.54 -109.68
CA THR M 494 48.52 -41.66 -110.95
C THR M 494 47.92 -42.85 -111.68
N THR M 495 47.02 -42.57 -112.63
CA THR M 495 46.19 -43.62 -113.21
C THR M 495 47.02 -44.68 -113.93
N GLY M 496 48.18 -44.30 -114.47
CA GLY M 496 49.02 -45.26 -115.14
C GLY M 496 49.51 -46.38 -114.25
N GLN M 497 49.55 -46.15 -112.95
CA GLN M 497 49.94 -47.19 -112.00
C GLN M 497 48.80 -48.12 -111.63
N ASN M 498 47.59 -47.84 -112.07
CA ASN M 498 46.44 -48.69 -111.76
C ASN M 498 46.28 -49.78 -112.82
N ASN M 499 45.62 -50.86 -112.42
CA ASN M 499 45.29 -51.92 -113.35
C ASN M 499 44.34 -51.39 -114.42
N ASN M 500 44.56 -51.81 -115.66
CA ASN M 500 43.73 -51.37 -116.78
C ASN M 500 42.45 -52.22 -116.81
N SER M 501 41.58 -51.93 -115.85
CA SER M 501 40.28 -52.59 -115.77
C SER M 501 39.36 -51.72 -114.94
N ASN M 502 38.06 -51.99 -115.06
CA ASN M 502 37.05 -51.27 -114.29
C ASN M 502 36.76 -52.10 -113.04
N PHE M 503 37.46 -51.79 -111.97
CA PHE M 503 37.39 -52.58 -110.74
C PHE M 503 36.85 -51.81 -109.55
N ALA M 504 36.23 -50.66 -109.78
CA ALA M 504 35.73 -49.87 -108.65
C ALA M 504 34.70 -50.64 -107.86
N TRP M 505 33.82 -51.38 -108.54
CA TRP M 505 32.82 -52.20 -107.88
C TRP M 505 33.27 -53.64 -107.70
N THR M 506 33.84 -54.25 -108.75
CA THR M 506 34.22 -55.66 -108.66
C THR M 506 35.28 -55.89 -107.60
N ALA M 507 36.26 -55.01 -107.51
CA ALA M 507 37.29 -55.09 -106.48
C ALA M 507 36.94 -54.25 -105.26
N GLY M 508 35.76 -53.66 -105.22
CA GLY M 508 35.38 -52.86 -104.07
C GLY M 508 35.27 -53.68 -102.81
N THR M 509 35.60 -53.05 -101.69
CA THR M 509 35.48 -53.70 -100.40
C THR M 509 34.04 -53.55 -99.92
N LYS M 510 33.37 -54.69 -99.71
CA LYS M 510 31.93 -54.70 -99.54
C LYS M 510 31.55 -55.48 -98.30
N TYR M 511 30.36 -55.21 -97.80
CA TYR M 511 29.70 -56.08 -96.85
C TYR M 511 28.45 -56.67 -97.48
N HIS M 512 28.03 -57.81 -96.95
CA HIS M 512 26.91 -58.57 -97.48
C HIS M 512 25.79 -58.54 -96.45
N LEU M 513 24.60 -58.11 -96.86
CA LEU M 513 23.47 -58.01 -95.96
C LEU M 513 22.22 -58.42 -96.70
N ASN M 514 21.59 -59.51 -96.26
CA ASN M 514 20.35 -60.02 -96.83
C ASN M 514 20.47 -60.20 -98.34
N GLY M 515 21.55 -60.87 -98.76
CA GLY M 515 21.78 -61.11 -100.15
C GLY M 515 22.08 -59.88 -100.99
N ARG M 516 22.33 -58.75 -100.35
CA ARG M 516 22.61 -57.50 -101.04
C ARG M 516 24.04 -57.09 -100.72
N ASN M 517 24.79 -56.72 -101.75
CA ASN M 517 26.16 -56.26 -101.58
C ASN M 517 26.18 -54.73 -101.55
N SER M 518 26.81 -54.18 -100.53
CA SER M 518 26.98 -52.74 -100.39
C SER M 518 28.45 -52.47 -100.10
N LEU M 519 28.97 -51.40 -100.69
CA LEU M 519 30.34 -51.00 -100.41
C LEU M 519 30.51 -50.68 -98.94
N ALA M 520 31.60 -51.15 -98.36
CA ALA M 520 32.02 -50.72 -97.02
C ALA M 520 32.67 -49.35 -97.17
N ASN M 521 31.83 -48.35 -97.36
CA ASN M 521 32.26 -47.03 -97.81
C ASN M 521 31.81 -45.98 -96.80
N PRO M 522 32.74 -45.28 -96.13
CA PRO M 522 34.18 -45.45 -96.29
C PRO M 522 34.75 -46.58 -95.44
N GLY M 523 33.90 -47.29 -94.73
CA GLY M 523 34.34 -48.37 -93.89
C GLY M 523 34.96 -47.89 -92.60
N ILE M 524 35.62 -48.81 -91.92
CA ILE M 524 36.23 -48.51 -90.63
C ILE M 524 37.40 -47.56 -90.82
N ALA M 525 37.70 -46.79 -89.77
CA ALA M 525 38.76 -45.80 -89.82
C ALA M 525 40.11 -46.50 -89.94
N MET M 526 40.73 -46.39 -91.11
CA MET M 526 42.08 -46.88 -91.33
C MET M 526 42.88 -45.79 -92.02
N ALA M 527 44.19 -45.84 -91.83
CA ALA M 527 45.07 -44.87 -92.47
C ALA M 527 44.94 -45.00 -93.99
N THR M 528 44.81 -43.86 -94.66
CA THR M 528 44.62 -43.86 -96.10
C THR M 528 45.80 -44.49 -96.82
N HIS M 529 47.01 -44.19 -96.36
CA HIS M 529 48.22 -44.69 -96.99
C HIS M 529 49.32 -44.67 -95.95
N LYS M 530 50.42 -45.35 -96.26
CA LYS M 530 51.58 -45.32 -95.38
C LYS M 530 52.50 -44.18 -95.79
N ASP M 531 53.70 -44.15 -95.23
CA ASP M 531 54.64 -43.07 -95.49
C ASP M 531 55.01 -43.01 -96.97
N ASP M 532 55.04 -41.79 -97.50
CA ASP M 532 55.49 -41.52 -98.87
C ASP M 532 54.63 -42.21 -99.92
N GLU M 533 53.34 -42.40 -99.64
CA GLU M 533 52.42 -43.02 -100.58
C GLU M 533 51.13 -42.22 -100.67
N GLU M 534 51.25 -40.89 -100.70
CA GLU M 534 50.07 -40.04 -100.73
C GLU M 534 49.22 -40.26 -101.96
N ARG M 535 49.83 -40.72 -103.06
CA ARG M 535 49.08 -40.96 -104.29
C ARG M 535 48.12 -42.14 -104.18
N PHE M 536 48.26 -42.98 -103.16
CA PHE M 536 47.43 -44.15 -102.99
C PHE M 536 46.29 -43.86 -102.04
N PHE M 537 45.11 -44.39 -102.37
CA PHE M 537 43.97 -44.30 -101.47
C PHE M 537 43.16 -45.59 -101.58
N PRO M 538 42.49 -45.97 -100.49
CA PRO M 538 41.56 -47.10 -100.58
C PRO M 538 40.42 -46.78 -101.54
N SER M 539 39.99 -47.79 -102.31
CA SER M 539 39.07 -47.55 -103.40
C SER M 539 37.75 -46.97 -102.91
N ASN M 540 37.23 -47.47 -101.80
CA ASN M 540 36.04 -46.92 -101.17
C ASN M 540 36.26 -46.77 -99.67
N GLY M 541 37.40 -46.23 -99.29
CA GLY M 541 37.76 -46.13 -97.89
C GLY M 541 38.06 -44.74 -97.41
N ILE M 542 37.71 -43.73 -98.20
CA ILE M 542 37.91 -42.34 -97.81
C ILE M 542 36.67 -41.53 -98.17
N LEU M 543 36.50 -40.41 -97.47
CA LEU M 543 35.50 -39.44 -97.87
C LEU M 543 36.01 -38.66 -99.07
N ILE M 544 35.19 -38.56 -100.11
CA ILE M 544 35.54 -37.82 -101.31
C ILE M 544 34.52 -36.71 -101.47
N PHE M 545 34.97 -35.47 -101.36
CA PHE M 545 34.12 -34.31 -101.58
C PHE M 545 34.33 -33.78 -102.98
N GLY M 546 33.26 -33.26 -103.56
CA GLY M 546 33.34 -32.67 -104.87
C GLY M 546 33.70 -31.19 -104.80
N LYS M 547 34.54 -30.77 -105.73
CA LYS M 547 34.77 -29.35 -105.89
C LYS M 547 33.51 -28.67 -106.41
N GLN M 548 33.48 -27.35 -106.35
CA GLN M 548 32.33 -26.61 -106.83
C GLN M 548 32.10 -26.91 -108.30
N ASN M 549 30.83 -27.17 -108.66
CA ASN M 549 30.42 -27.48 -110.02
C ASN M 549 30.99 -28.82 -110.51
N ALA M 550 31.33 -29.71 -109.60
CA ALA M 550 31.71 -31.06 -109.99
C ALA M 550 30.49 -31.83 -110.48
N ALA M 551 30.69 -32.65 -111.51
CA ALA M 551 29.59 -33.42 -112.07
C ALA M 551 29.08 -34.43 -111.07
N ARG M 552 27.77 -34.68 -111.12
CA ARG M 552 27.18 -35.70 -110.25
C ARG M 552 27.73 -37.08 -110.58
N ASP M 553 27.86 -37.41 -111.85
CA ASP M 553 28.33 -38.72 -112.28
C ASP M 553 29.63 -38.58 -113.05
N ASN M 554 30.57 -39.48 -112.75
CA ASN M 554 31.84 -39.58 -113.47
C ASN M 554 32.60 -38.24 -113.47
N ALA M 555 32.67 -37.63 -112.29
CA ALA M 555 33.54 -36.48 -112.13
C ALA M 555 35.00 -36.91 -112.19
N ASP M 556 35.82 -36.13 -112.87
CA ASP M 556 37.23 -36.45 -112.96
C ASP M 556 37.91 -36.26 -111.61
N TYR M 557 39.10 -36.83 -111.47
CA TYR M 557 39.85 -36.69 -110.23
C TYR M 557 40.15 -35.24 -109.91
N SER M 558 40.30 -34.41 -110.93
CA SER M 558 40.55 -32.99 -110.71
C SER M 558 39.31 -32.27 -110.19
N ASP M 559 38.13 -32.85 -110.33
CA ASP M 559 36.90 -32.23 -109.87
C ASP M 559 36.49 -32.68 -108.46
N VAL M 560 37.25 -33.57 -107.84
CA VAL M 560 36.89 -34.06 -106.51
C VAL M 560 38.04 -33.78 -105.57
N MET M 561 37.72 -33.86 -104.27
CA MET M 561 38.67 -33.57 -103.20
C MET M 561 38.79 -34.83 -102.35
N LEU M 562 39.89 -35.55 -102.50
CA LEU M 562 40.11 -36.75 -101.70
C LEU M 562 40.57 -36.35 -100.31
N THR M 563 39.93 -36.92 -99.29
CA THR M 563 40.44 -36.77 -97.94
C THR M 563 41.53 -37.80 -97.68
N SER M 564 42.29 -37.58 -96.63
CA SER M 564 43.34 -38.51 -96.24
C SER M 564 43.33 -38.69 -94.73
N GLU M 565 43.27 -39.94 -94.29
CA GLU M 565 43.36 -40.28 -92.88
C GLU M 565 44.76 -40.74 -92.50
N GLU M 566 45.79 -40.14 -93.11
CA GLU M 566 47.16 -40.55 -92.82
C GLU M 566 47.58 -40.21 -91.40
N GLU M 567 46.86 -39.31 -90.72
CA GLU M 567 47.23 -38.96 -89.35
C GLU M 567 47.07 -40.13 -88.40
N ILE M 568 46.24 -41.12 -88.74
CA ILE M 568 46.01 -42.26 -87.87
C ILE M 568 46.90 -43.45 -88.23
N LYS M 569 47.92 -43.22 -89.05
CA LYS M 569 48.93 -44.26 -89.30
C LYS M 569 49.54 -44.76 -88.01
N THR M 570 49.63 -43.88 -87.01
CA THR M 570 50.31 -44.22 -85.76
C THR M 570 49.58 -45.29 -84.98
N THR M 571 48.29 -45.41 -85.17
CA THR M 571 47.49 -46.35 -84.40
C THR M 571 46.66 -47.27 -85.27
N ASN M 572 46.15 -46.79 -86.39
CA ASN M 572 45.30 -47.61 -87.23
C ASN M 572 46.11 -48.21 -88.36
N PRO M 573 45.83 -49.44 -88.75
CA PRO M 573 46.52 -50.03 -89.90
C PRO M 573 46.15 -49.30 -91.18
N VAL M 574 47.07 -49.34 -92.15
CA VAL M 574 46.82 -48.73 -93.44
C VAL M 574 45.68 -49.47 -94.14
N ALA M 575 44.76 -48.70 -94.72
CA ALA M 575 43.53 -49.27 -95.26
C ALA M 575 43.79 -50.28 -96.38
N THR M 576 44.88 -50.11 -97.11
CA THR M 576 45.17 -50.94 -98.26
C THR M 576 46.19 -52.02 -97.96
N GLU M 577 46.60 -52.17 -96.71
CA GLU M 577 47.58 -53.17 -96.31
C GLU M 577 46.92 -54.20 -95.41
N GLU M 578 47.58 -55.35 -95.29
CA GLU M 578 47.11 -56.37 -94.37
C GLU M 578 47.30 -55.93 -92.93
N TYR M 579 46.46 -56.46 -92.05
CA TYR M 579 46.60 -56.16 -90.63
C TYR M 579 47.90 -56.73 -90.08
N GLY M 580 48.24 -57.95 -90.48
CA GLY M 580 49.41 -58.60 -89.94
C GLY M 580 49.53 -59.99 -90.48
N ILE M 581 50.31 -60.80 -89.76
CA ILE M 581 50.65 -62.15 -90.18
C ILE M 581 50.33 -63.10 -89.03
N VAL M 582 49.66 -64.20 -89.32
CA VAL M 582 49.40 -65.24 -88.34
C VAL M 582 49.91 -66.56 -88.88
N ALA M 583 50.15 -67.49 -87.97
CA ALA M 583 50.53 -68.84 -88.36
C ALA M 583 49.36 -69.56 -89.02
N ASP M 584 49.65 -70.32 -90.05
CA ASP M 584 48.62 -71.05 -90.78
C ASP M 584 48.69 -72.56 -90.55
N ASN M 585 49.71 -73.05 -89.85
CA ASN M 585 49.87 -74.48 -89.64
C ASN M 585 50.67 -74.69 -88.36
N LEU M 586 51.05 -75.95 -88.11
CA LEU M 586 51.93 -76.32 -87.02
C LEU M 586 53.22 -76.83 -87.63
N GLN M 587 54.29 -76.07 -87.48
CA GLN M 587 55.58 -76.48 -88.02
C GLN M 587 56.11 -77.69 -87.27
N GLN M 588 56.71 -78.61 -88.01
CA GLN M 588 57.41 -79.75 -87.46
C GLN M 588 58.76 -79.86 -88.16
N GLN M 589 59.54 -80.87 -87.77
CA GLN M 589 60.82 -81.07 -88.43
C GLN M 589 60.66 -81.41 -89.91
N ASN M 590 59.47 -81.85 -90.33
CA ASN M 590 59.21 -82.16 -91.72
C ASN M 590 58.32 -81.14 -92.43
N THR M 591 57.63 -80.27 -91.70
CA THR M 591 56.75 -79.28 -92.31
C THR M 591 57.24 -77.89 -91.93
N ALA M 592 57.62 -77.11 -92.93
CA ALA M 592 58.06 -75.74 -92.67
C ALA M 592 56.87 -74.90 -92.22
N PRO M 593 57.11 -73.93 -91.33
CA PRO M 593 56.02 -73.07 -90.88
C PRO M 593 55.42 -72.27 -92.02
N GLN M 594 54.10 -72.15 -92.01
CA GLN M 594 53.37 -71.38 -93.00
C GLN M 594 52.69 -70.20 -92.32
N ILE M 595 52.61 -69.09 -93.04
CA ILE M 595 52.04 -67.87 -92.50
C ILE M 595 50.82 -67.48 -93.31
N GLY M 596 49.84 -66.92 -92.62
CA GLY M 596 48.62 -66.42 -93.24
C GLY M 596 48.59 -64.90 -93.14
N THR M 597 48.16 -64.26 -94.21
CA THR M 597 48.04 -62.82 -94.26
C THR M 597 46.65 -62.42 -93.80
N VAL M 598 46.59 -61.61 -92.74
CA VAL M 598 45.32 -61.19 -92.16
C VAL M 598 44.86 -59.93 -92.90
N ASN M 599 43.88 -60.10 -93.78
CA ASN M 599 43.32 -58.98 -94.53
C ASN M 599 42.07 -58.41 -93.88
N SER M 600 41.55 -59.06 -92.83
CA SER M 600 40.40 -58.56 -92.10
C SER M 600 40.57 -59.00 -90.66
N GLN M 601 40.61 -58.03 -89.75
CA GLN M 601 40.84 -58.32 -88.34
C GLN M 601 39.80 -57.60 -87.52
N GLY M 602 38.96 -58.36 -86.83
CA GLY M 602 38.03 -57.79 -85.88
C GLY M 602 38.72 -57.41 -84.59
N ALA M 603 37.92 -56.94 -83.64
CA ALA M 603 38.46 -56.43 -82.39
C ALA M 603 39.22 -57.50 -81.63
N LEU M 604 40.44 -57.16 -81.21
CA LEU M 604 41.25 -57.99 -80.34
C LEU M 604 41.54 -57.23 -79.06
N PRO M 605 41.68 -57.93 -77.93
CA PRO M 605 42.04 -57.24 -76.69
C PRO M 605 43.39 -56.55 -76.83
N GLY M 606 43.50 -55.38 -76.21
CA GLY M 606 44.69 -54.58 -76.34
C GLY M 606 44.76 -53.75 -77.61
N MET M 607 43.74 -53.80 -78.45
CA MET M 607 43.73 -53.03 -79.68
C MET M 607 43.28 -51.61 -79.39
N VAL M 608 43.96 -50.64 -80.01
CA VAL M 608 43.60 -49.24 -79.90
C VAL M 608 43.52 -48.67 -81.31
N TRP M 609 42.67 -47.68 -81.49
CA TRP M 609 42.49 -47.08 -82.81
C TRP M 609 41.94 -45.67 -82.66
N GLN M 610 42.05 -44.92 -83.74
CA GLN M 610 41.45 -43.60 -83.86
C GLN M 610 40.25 -43.67 -84.80
N ASN M 611 39.29 -42.79 -84.56
CA ASN M 611 38.17 -42.67 -85.47
C ASN M 611 38.57 -41.88 -86.71
N ARG M 612 37.71 -41.92 -87.71
CA ARG M 612 37.91 -41.09 -88.89
C ARG M 612 37.83 -39.62 -88.50
N ASP M 613 38.63 -38.81 -89.18
CA ASP M 613 38.60 -37.37 -88.95
C ASP M 613 37.28 -36.78 -89.42
N VAL M 614 36.89 -35.68 -88.80
CA VAL M 614 35.79 -34.89 -89.30
C VAL M 614 36.34 -33.78 -90.19
N TYR M 615 35.50 -33.26 -91.05
CA TYR M 615 35.90 -32.26 -92.02
C TYR M 615 34.93 -31.11 -92.00
N LEU M 616 35.41 -29.94 -92.41
CA LEU M 616 34.55 -28.77 -92.48
C LEU M 616 33.35 -29.03 -93.38
N GLN M 617 33.56 -29.76 -94.48
CA GLN M 617 32.49 -30.14 -95.38
C GLN M 617 31.79 -31.43 -94.97
N GLY M 618 32.30 -32.13 -93.96
CA GLY M 618 31.81 -33.44 -93.63
C GLY M 618 30.63 -33.43 -92.68
N PRO M 619 30.07 -34.61 -92.42
CA PRO M 619 28.95 -34.71 -91.48
C PRO M 619 29.39 -34.50 -90.05
N ILE M 620 28.44 -34.08 -89.22
CA ILE M 620 28.67 -33.85 -87.81
C ILE M 620 28.27 -35.05 -86.97
N TRP M 621 27.05 -35.55 -87.16
CA TRP M 621 26.54 -36.61 -86.31
C TRP M 621 25.82 -37.64 -87.16
N ALA M 622 25.64 -38.82 -86.59
CA ALA M 622 24.76 -39.83 -87.13
C ALA M 622 23.96 -40.44 -86.00
N LYS M 623 22.77 -40.90 -86.30
CA LYS M 623 21.98 -41.63 -85.32
C LYS M 623 22.52 -43.04 -85.19
N ILE M 624 22.85 -43.43 -83.97
CA ILE M 624 23.23 -44.81 -83.71
C ILE M 624 21.97 -45.65 -83.90
N PRO M 625 21.99 -46.66 -84.76
CA PRO M 625 20.80 -47.49 -84.95
C PRO M 625 20.38 -48.14 -83.65
N HIS M 626 19.08 -48.21 -83.43
CA HIS M 626 18.53 -48.81 -82.21
C HIS M 626 18.64 -50.33 -82.36
N THR M 627 19.71 -50.90 -81.83
CA THR M 627 19.95 -52.33 -81.92
C THR M 627 20.34 -52.87 -80.55
N ASP M 628 20.30 -54.20 -80.43
CA ASP M 628 20.72 -54.84 -79.19
C ASP M 628 22.19 -54.58 -78.91
N GLY M 629 23.03 -54.67 -79.93
CA GLY M 629 24.45 -54.52 -79.74
C GLY M 629 25.05 -53.65 -80.83
N ASN M 630 26.07 -52.89 -80.42
CA ASN M 630 26.93 -52.20 -81.35
C ASN M 630 28.33 -52.24 -80.79
N PHE M 631 29.32 -52.09 -81.67
CA PHE M 631 30.71 -52.02 -81.26
C PHE M 631 31.27 -50.68 -81.69
N HIS M 632 31.72 -49.90 -80.70
CA HIS M 632 32.28 -48.57 -80.93
C HIS M 632 31.38 -47.77 -81.85
N PRO M 633 30.20 -47.35 -81.39
CA PRO M 633 29.22 -46.75 -82.30
C PRO M 633 29.60 -45.35 -82.75
N SER M 634 30.78 -45.21 -83.30
CA SER M 634 31.19 -43.98 -83.94
C SER M 634 30.89 -44.06 -85.42
N PRO M 635 30.17 -43.09 -85.99
CA PRO M 635 29.77 -43.19 -87.40
C PRO M 635 30.98 -43.31 -88.31
N LEU M 636 30.84 -44.16 -89.33
CA LEU M 636 32.01 -44.50 -90.15
C LEU M 636 32.42 -43.36 -91.05
N MET M 637 31.49 -42.56 -91.57
CA MET M 637 31.90 -41.38 -92.31
C MET M 637 32.33 -40.24 -91.40
N GLY M 638 32.52 -40.49 -90.12
CA GLY M 638 33.05 -39.52 -89.21
C GLY M 638 31.95 -38.77 -88.47
N GLY M 639 32.31 -38.26 -87.31
CA GLY M 639 31.42 -37.46 -86.51
C GLY M 639 31.04 -38.13 -85.22
N PHE M 640 29.94 -37.66 -84.65
CA PHE M 640 29.49 -38.08 -83.33
C PHE M 640 28.32 -39.04 -83.48
N GLY M 641 28.45 -40.22 -82.89
CA GLY M 641 27.34 -41.15 -82.86
C GLY M 641 26.43 -40.83 -81.70
N LEU M 642 25.16 -40.59 -81.99
CA LEU M 642 24.19 -40.19 -80.97
C LEU M 642 23.03 -41.18 -80.95
N LYS M 643 22.70 -41.68 -79.76
CA LYS M 643 21.48 -42.46 -79.62
C LYS M 643 20.25 -41.61 -79.91
N HIS M 644 20.27 -40.35 -79.46
CA HIS M 644 19.18 -39.41 -79.66
C HIS M 644 19.77 -38.17 -80.34
N PRO M 645 19.93 -38.21 -81.65
CA PRO M 645 20.55 -37.10 -82.36
C PRO M 645 19.62 -35.91 -82.42
N PRO M 646 20.06 -34.78 -82.95
CA PRO M 646 19.13 -33.68 -83.22
C PRO M 646 17.95 -34.17 -84.03
N PRO M 647 16.73 -33.89 -83.58
CA PRO M 647 15.56 -34.46 -84.24
C PRO M 647 15.40 -33.93 -85.65
N GLN M 648 14.83 -34.76 -86.52
CA GLN M 648 14.47 -34.30 -87.84
C GLN M 648 13.42 -33.20 -87.74
N ILE M 649 13.62 -32.13 -88.50
CA ILE M 649 12.68 -31.02 -88.54
C ILE M 649 11.98 -31.09 -89.89
N LEU M 650 10.71 -31.46 -89.87
CA LEU M 650 9.94 -31.66 -91.08
C LEU M 650 9.10 -30.42 -91.35
N ILE M 651 9.10 -29.98 -92.59
CA ILE M 651 8.39 -28.77 -92.97
C ILE M 651 7.62 -29.04 -94.26
N LYS M 652 6.42 -28.50 -94.35
CA LYS M 652 5.57 -28.71 -95.51
C LYS M 652 4.70 -27.48 -95.72
N ASN M 653 4.48 -27.12 -96.97
CA ASN M 653 3.45 -26.15 -97.30
C ASN M 653 2.09 -26.81 -97.13
N THR M 654 1.23 -26.21 -96.33
CA THR M 654 -0.11 -26.74 -96.16
C THR M 654 -0.85 -26.64 -97.50
N PRO M 655 -1.43 -27.72 -98.00
CA PRO M 655 -2.14 -27.64 -99.27
C PRO M 655 -3.30 -26.66 -99.19
N VAL M 656 -3.41 -25.82 -100.20
CA VAL M 656 -4.51 -24.88 -100.34
C VAL M 656 -5.31 -25.28 -101.57
N PRO M 657 -6.48 -25.87 -101.42
CA PRO M 657 -7.25 -26.31 -102.59
C PRO M 657 -7.61 -25.14 -103.48
N ALA M 658 -7.63 -25.41 -104.79
CA ALA M 658 -8.28 -24.50 -105.71
C ALA M 658 -9.79 -24.59 -105.50
N ASP M 659 -10.54 -23.86 -106.31
CA ASP M 659 -11.98 -23.83 -106.11
C ASP M 659 -12.58 -25.22 -106.30
N PRO M 660 -13.24 -25.78 -105.30
CA PRO M 660 -13.88 -27.07 -105.48
C PRO M 660 -15.12 -26.95 -106.33
N PRO M 661 -15.64 -28.06 -106.86
CA PRO M 661 -16.89 -28.00 -107.61
C PRO M 661 -18.04 -27.59 -106.69
N THR M 662 -19.09 -27.05 -107.30
CA THR M 662 -20.24 -26.61 -106.54
C THR M 662 -21.21 -27.73 -106.21
N THR M 663 -20.95 -28.94 -106.71
CA THR M 663 -21.69 -30.13 -106.33
C THR M 663 -20.73 -31.08 -105.63
N PHE M 664 -21.21 -31.73 -104.57
CA PHE M 664 -20.32 -32.51 -103.73
C PHE M 664 -19.71 -33.68 -104.50
N ASN M 665 -18.42 -33.88 -104.31
CA ASN M 665 -17.69 -35.02 -104.82
C ASN M 665 -16.88 -35.61 -103.68
N GLN M 666 -17.04 -36.92 -103.46
CA GLN M 666 -16.35 -37.58 -102.36
C GLN M 666 -14.85 -37.74 -102.62
N SER M 667 -14.43 -37.64 -103.88
CA SER M 667 -13.04 -37.87 -104.21
C SER M 667 -12.15 -36.82 -103.57
N LYS M 668 -10.94 -37.23 -103.18
CA LYS M 668 -9.99 -36.30 -102.62
C LYS M 668 -9.66 -35.21 -103.63
N LEU M 669 -9.48 -34.00 -103.14
CA LEU M 669 -9.18 -32.89 -104.02
C LEU M 669 -7.77 -33.02 -104.57
N ASN M 670 -7.62 -32.84 -105.88
CA ASN M 670 -6.33 -32.87 -106.52
C ASN M 670 -5.98 -31.55 -107.19
N SER M 671 -6.88 -30.57 -107.15
CA SER M 671 -6.63 -29.26 -107.71
C SER M 671 -6.22 -28.33 -106.57
N PHE M 672 -4.96 -27.91 -106.59
CA PHE M 672 -4.41 -27.10 -105.52
C PHE M 672 -3.82 -25.83 -106.09
N ILE M 673 -3.86 -24.78 -105.27
CA ILE M 673 -3.19 -23.54 -105.62
C ILE M 673 -1.69 -23.76 -105.59
N THR M 674 -1.01 -23.42 -106.68
CA THR M 674 0.42 -23.58 -106.75
C THR M 674 1.09 -22.64 -105.75
N GLN M 675 1.98 -23.18 -104.94
CA GLN M 675 2.39 -22.46 -103.75
C GLN M 675 3.79 -22.90 -103.34
N TYR M 676 4.55 -21.95 -102.80
CA TYR M 676 5.84 -22.26 -102.20
C TYR M 676 6.05 -21.29 -101.05
N SER M 677 6.91 -21.67 -100.13
CA SER M 677 7.22 -20.83 -98.99
C SER M 677 8.71 -20.54 -98.95
N THR M 678 9.03 -19.40 -98.37
CA THR M 678 10.40 -19.02 -98.12
C THR M 678 10.47 -18.41 -96.73
N GLY M 679 11.66 -18.46 -96.15
CA GLY M 679 11.84 -17.89 -94.82
C GLY M 679 13.28 -17.97 -94.43
N GLN M 680 13.54 -17.67 -93.16
CA GLN M 680 14.87 -17.75 -92.61
C GLN M 680 14.92 -18.87 -91.59
N VAL M 681 16.04 -19.57 -91.53
CA VAL M 681 16.28 -20.62 -90.57
C VAL M 681 17.54 -20.26 -89.80
N SER M 682 17.46 -20.35 -88.48
CA SER M 682 18.62 -20.11 -87.62
C SER M 682 18.89 -21.37 -86.83
N VAL M 683 20.14 -21.81 -86.83
CA VAL M 683 20.58 -22.91 -85.99
C VAL M 683 21.78 -22.43 -85.19
N GLU M 684 21.70 -22.56 -83.88
CA GLU M 684 22.78 -22.20 -82.96
C GLU M 684 23.24 -23.45 -82.27
N ILE M 685 24.53 -23.76 -82.38
CA ILE M 685 25.11 -24.92 -81.70
C ILE M 685 26.19 -24.42 -80.77
N GLU M 686 26.13 -24.86 -79.52
CA GLU M 686 27.20 -24.63 -78.57
C GLU M 686 28.11 -25.84 -78.56
N TRP M 687 29.39 -25.62 -78.79
CA TRP M 687 30.38 -26.68 -78.79
C TRP M 687 31.30 -26.53 -77.59
N GLU M 688 31.59 -27.64 -76.94
CA GLU M 688 32.59 -27.67 -75.89
C GLU M 688 33.94 -27.98 -76.49
N LEU M 689 34.98 -27.29 -76.02
CA LEU M 689 36.32 -27.44 -76.56
C LEU M 689 37.21 -28.15 -75.56
N GLN M 690 38.09 -28.99 -76.07
CA GLN M 690 39.18 -29.56 -75.30
C GLN M 690 40.45 -28.81 -75.66
N LYS M 691 40.89 -27.94 -74.75
CA LYS M 691 42.10 -27.16 -74.99
C LYS M 691 43.32 -28.06 -74.96
N GLU M 692 44.26 -27.80 -75.87
CA GLU M 692 45.51 -28.55 -75.89
C GLU M 692 46.38 -28.11 -74.72
N ASN M 693 46.87 -29.08 -73.96
CA ASN M 693 47.79 -28.83 -72.86
C ASN M 693 49.05 -29.64 -73.16
N SER M 694 49.93 -29.05 -73.95
CA SER M 694 51.05 -29.76 -74.55
C SER M 694 52.37 -29.12 -74.13
N LYS M 695 53.35 -29.96 -73.82
CA LYS M 695 54.69 -29.51 -73.49
C LYS M 695 55.64 -29.68 -74.65
N ARG M 696 55.11 -29.90 -75.85
CA ARG M 696 55.93 -29.96 -77.06
C ARG M 696 56.72 -28.66 -77.22
N TRP M 697 58.00 -28.80 -77.53
CA TRP M 697 58.86 -27.64 -77.63
C TRP M 697 58.79 -27.00 -79.01
N ASN M 698 58.93 -27.81 -80.06
CA ASN M 698 58.96 -27.30 -81.40
C ASN M 698 57.55 -26.90 -81.85
N PRO M 699 57.44 -26.00 -82.83
CA PRO M 699 56.12 -25.56 -83.28
C PRO M 699 55.31 -26.70 -83.88
N GLU M 700 53.99 -26.62 -83.70
CA GLU M 700 53.08 -27.61 -84.24
C GLU M 700 52.77 -27.33 -85.70
N ILE M 701 52.20 -28.32 -86.36
CA ILE M 701 51.61 -28.12 -87.68
C ILE M 701 50.26 -27.43 -87.50
N GLN M 702 50.03 -26.38 -88.28
CA GLN M 702 48.80 -25.62 -88.21
C GLN M 702 48.20 -25.54 -89.60
N TYR M 703 46.88 -25.52 -89.67
CA TYR M 703 46.25 -25.20 -90.94
C TYR M 703 46.43 -23.72 -91.23
N THR M 704 46.93 -23.41 -92.41
CA THR M 704 47.18 -22.04 -92.81
C THR M 704 46.75 -21.85 -94.25
N SER M 705 46.31 -20.65 -94.56
CA SER M 705 46.11 -20.30 -95.96
C SER M 705 47.46 -20.09 -96.63
N ASN M 706 47.50 -20.31 -97.94
CA ASN M 706 48.73 -20.10 -98.68
C ASN M 706 49.04 -18.62 -98.76
N TYR M 707 50.31 -18.28 -98.53
CA TYR M 707 50.72 -16.88 -98.54
C TYR M 707 50.84 -16.35 -99.96
N TYR M 708 51.15 -17.20 -100.93
CA TYR M 708 51.44 -16.76 -102.28
C TYR M 708 50.18 -16.25 -102.97
N LYS M 709 50.39 -15.37 -103.94
CA LYS M 709 49.28 -14.73 -104.64
C LYS M 709 48.48 -15.74 -105.45
N SER M 710 47.21 -15.40 -105.69
CA SER M 710 46.33 -16.27 -106.46
C SER M 710 45.25 -15.43 -107.10
N THR M 711 44.59 -16.02 -108.10
CA THR M 711 43.53 -15.31 -108.81
C THR M 711 42.36 -14.98 -107.88
N SER M 712 42.04 -15.89 -106.96
CA SER M 712 40.94 -15.70 -106.05
C SER M 712 41.36 -16.10 -104.64
N VAL M 713 40.65 -15.57 -103.67
CA VAL M 713 40.87 -15.93 -102.28
C VAL M 713 40.23 -17.29 -102.03
N ASP M 714 40.97 -18.18 -101.38
CA ASP M 714 40.43 -19.47 -101.00
C ASP M 714 39.31 -19.30 -99.98
N PHE M 715 38.25 -20.09 -100.13
CA PHE M 715 37.06 -19.99 -99.29
C PHE M 715 36.44 -18.61 -99.39
N ALA M 716 36.31 -18.13 -100.63
CA ALA M 716 35.64 -16.87 -100.91
C ALA M 716 34.83 -17.06 -102.19
N VAL M 717 34.23 -16.00 -102.65
CA VAL M 717 33.47 -16.03 -103.89
C VAL M 717 34.40 -15.66 -105.03
N ASN M 718 34.06 -16.12 -106.22
CA ASN M 718 34.78 -15.73 -107.42
C ASN M 718 34.11 -14.51 -108.03
N THR M 719 34.48 -14.17 -109.27
CA THR M 719 33.91 -13.00 -109.91
C THR M 719 32.44 -13.16 -110.24
N GLU M 720 31.93 -14.40 -110.26
CA GLU M 720 30.54 -14.67 -110.55
C GLU M 720 29.69 -14.83 -109.31
N GLY M 721 30.25 -14.64 -108.13
CA GLY M 721 29.50 -14.78 -106.91
C GLY M 721 29.39 -16.19 -106.38
N VAL M 722 30.11 -17.13 -106.96
CA VAL M 722 30.04 -18.53 -106.54
C VAL M 722 31.01 -18.75 -105.40
N TYR M 723 30.49 -19.15 -104.25
CA TYR M 723 31.34 -19.56 -103.14
C TYR M 723 31.83 -20.98 -103.37
N SER M 724 33.12 -21.20 -103.13
CA SER M 724 33.71 -22.51 -103.32
C SER M 724 34.61 -22.84 -102.14
N GLU M 725 34.64 -24.13 -101.81
CA GLU M 725 35.59 -24.64 -100.82
C GLU M 725 36.69 -25.36 -101.56
N PRO M 726 37.91 -24.83 -101.62
CA PRO M 726 38.92 -25.39 -102.52
C PRO M 726 39.48 -26.72 -102.06
N ARG M 727 39.45 -27.01 -100.76
CA ARG M 727 40.03 -28.24 -100.25
C ARG M 727 39.21 -28.70 -99.06
N PRO M 728 39.27 -29.99 -98.74
CA PRO M 728 38.65 -30.47 -97.49
C PRO M 728 39.60 -30.22 -96.33
N ILE M 729 39.17 -29.40 -95.38
CA ILE M 729 39.97 -29.12 -94.20
C ILE M 729 39.65 -30.17 -93.15
N GLY M 730 40.65 -30.98 -92.81
CA GLY M 730 40.48 -31.93 -91.75
C GLY M 730 40.48 -31.25 -90.40
N THR M 731 40.76 -32.00 -89.35
CA THR M 731 40.67 -31.47 -88.01
C THR M 731 41.94 -31.75 -87.21
N ARG M 732 42.81 -32.63 -87.68
CA ARG M 732 43.93 -33.12 -86.90
C ARG M 732 45.21 -32.41 -87.34
N TYR M 733 45.56 -31.36 -86.62
CA TYR M 733 46.79 -30.62 -86.85
C TYR M 733 47.68 -30.57 -85.61
N LEU M 734 47.10 -30.39 -84.44
CA LEU M 734 47.85 -30.48 -83.20
C LEU M 734 48.24 -31.94 -82.94
N THR M 735 49.18 -32.13 -82.03
CA THR M 735 49.70 -33.46 -81.75
C THR M 735 49.55 -33.80 -80.27
N ARG M 736 49.41 -35.09 -80.01
CA ARG M 736 49.45 -35.64 -78.66
C ARG M 736 50.36 -36.85 -78.66
N ASN M 737 50.94 -37.13 -77.49
CA ASN M 737 51.59 -38.42 -77.30
C ASN M 737 50.52 -39.52 -77.21
N LEU M 738 50.94 -40.74 -77.48
CA LEU M 738 50.04 -41.86 -77.35
C LEU M 738 49.84 -42.23 -75.88
N GLY N 221 2.53 -77.87 -39.47
CA GLY N 221 1.69 -78.97 -39.06
C GLY N 221 1.49 -80.03 -40.13
N VAL N 222 1.29 -81.27 -39.70
CA VAL N 222 1.06 -82.37 -40.64
C VAL N 222 -0.23 -82.14 -41.41
N GLY N 223 -1.28 -81.71 -40.73
CA GLY N 223 -2.59 -81.58 -41.33
C GLY N 223 -2.95 -80.20 -41.86
N SER N 224 -1.99 -79.31 -42.01
CA SER N 224 -2.24 -77.97 -42.53
C SER N 224 -1.38 -77.72 -43.76
N SER N 225 -1.99 -77.13 -44.78
CA SER N 225 -1.27 -76.79 -45.99
C SER N 225 -0.25 -75.68 -45.71
N SER N 226 0.93 -75.80 -46.30
CA SER N 226 1.99 -74.82 -46.14
C SER N 226 2.03 -73.79 -47.26
N GLY N 227 1.09 -73.86 -48.19
CA GLY N 227 1.03 -72.88 -49.25
C GLY N 227 -0.11 -73.19 -50.18
N ASN N 228 -0.48 -72.19 -50.97
CA ASN N 228 -1.58 -72.29 -51.90
C ASN N 228 -1.08 -72.36 -53.33
N TRP N 229 -1.96 -72.82 -54.22
CA TRP N 229 -1.66 -72.88 -55.64
C TRP N 229 -1.77 -71.49 -56.22
N HIS N 230 -0.70 -71.02 -56.85
CA HIS N 230 -0.63 -69.67 -57.41
C HIS N 230 -0.14 -69.77 -58.85
N CYS N 231 -1.06 -69.99 -59.78
CA CYS N 231 -0.78 -69.85 -61.20
C CYS N 231 -1.61 -68.69 -61.71
N ASP N 232 -0.95 -67.69 -62.26
CA ASP N 232 -1.62 -66.47 -62.65
C ASP N 232 -0.64 -65.59 -63.41
N SER N 233 -1.19 -64.60 -64.11
CA SER N 233 -0.40 -63.55 -64.72
C SER N 233 -1.19 -62.26 -64.59
N THR N 234 -0.61 -61.26 -63.94
CA THR N 234 -1.26 -59.97 -63.76
C THR N 234 -0.51 -58.93 -64.57
N TRP N 235 -1.20 -58.30 -65.50
CA TRP N 235 -0.65 -57.24 -66.31
C TRP N 235 -1.08 -55.91 -65.71
N LEU N 236 -0.11 -55.10 -65.29
CA LEU N 236 -0.41 -53.84 -64.62
C LEU N 236 0.59 -52.81 -65.11
N GLY N 237 0.14 -51.93 -66.00
CA GLY N 237 1.02 -50.88 -66.51
C GLY N 237 2.15 -51.47 -67.32
N ASP N 238 3.38 -51.09 -66.96
CA ASP N 238 4.58 -51.56 -67.63
C ASP N 238 5.15 -52.82 -67.01
N ARG N 239 4.39 -53.49 -66.15
CA ARG N 239 4.82 -54.72 -65.52
C ARG N 239 3.86 -55.85 -65.86
N VAL N 240 4.39 -57.05 -65.96
CA VAL N 240 3.59 -58.27 -65.93
C VAL N 240 4.20 -59.18 -64.88
N ILE N 241 3.37 -59.69 -63.99
CA ILE N 241 3.81 -60.60 -62.93
C ILE N 241 3.27 -61.97 -63.27
N THR N 242 4.15 -62.86 -63.70
CA THR N 242 3.79 -64.24 -63.93
C THR N 242 4.07 -65.04 -62.66
N THR N 243 3.10 -65.83 -62.24
CA THR N 243 3.32 -66.78 -61.16
C THR N 243 2.84 -68.14 -61.63
N SER N 244 3.65 -69.16 -61.35
CA SER N 244 3.33 -70.50 -61.81
C SER N 244 3.61 -71.49 -60.69
N THR N 245 2.66 -72.39 -60.48
CA THR N 245 2.80 -73.46 -59.50
C THR N 245 2.79 -74.79 -60.22
N ARG N 246 3.66 -75.70 -59.80
CA ARG N 246 3.71 -77.04 -60.35
C ARG N 246 3.85 -78.04 -59.22
N THR N 247 3.39 -79.25 -59.46
CA THR N 247 3.64 -80.37 -58.57
C THR N 247 4.88 -81.10 -59.04
N TRP N 248 5.83 -81.30 -58.13
CA TRP N 248 7.07 -81.97 -58.45
C TRP N 248 7.17 -83.27 -57.68
N ALA N 249 8.03 -84.16 -58.17
CA ALA N 249 8.38 -85.38 -57.47
C ALA N 249 9.89 -85.51 -57.48
N LEU N 250 10.48 -85.68 -56.31
CA LEU N 250 11.92 -85.81 -56.20
C LEU N 250 12.28 -87.21 -55.74
N PRO N 251 12.92 -88.03 -56.57
CA PRO N 251 13.38 -89.33 -56.12
C PRO N 251 14.67 -89.19 -55.32
N THR N 252 15.10 -90.31 -54.78
CA THR N 252 16.46 -90.41 -54.26
C THR N 252 17.40 -90.66 -55.42
N TYR N 253 18.34 -89.76 -55.63
CA TYR N 253 19.30 -89.88 -56.72
C TYR N 253 20.58 -90.51 -56.22
N ASN N 254 21.18 -91.37 -57.04
CA ASN N 254 22.50 -91.94 -56.82
C ASN N 254 22.59 -92.78 -55.56
N ASN N 255 21.46 -93.18 -54.99
CA ASN N 255 21.43 -93.87 -53.70
C ASN N 255 22.16 -93.05 -52.64
N HIS N 256 21.90 -91.73 -52.64
CA HIS N 256 22.46 -90.78 -51.70
C HIS N 256 23.97 -90.60 -51.84
N LEU N 257 24.55 -91.03 -52.95
CA LEU N 257 25.99 -91.00 -53.12
C LEU N 257 26.43 -89.91 -54.09
N TYR N 258 27.63 -89.42 -53.89
CA TYR N 258 28.34 -88.66 -54.91
C TYR N 258 29.17 -89.63 -55.72
N LYS N 259 28.98 -89.64 -57.02
CA LYS N 259 29.71 -90.54 -57.90
C LYS N 259 30.54 -89.74 -58.88
N GLN N 260 31.83 -90.08 -58.97
CA GLN N 260 32.65 -89.54 -60.04
C GLN N 260 32.18 -90.13 -61.37
N ILE N 261 31.98 -89.28 -62.36
CA ILE N 261 31.55 -89.71 -63.68
C ILE N 261 32.56 -89.21 -64.69
N SER N 262 32.83 -90.01 -65.71
CA SER N 262 33.85 -89.68 -66.69
C SER N 262 33.48 -90.26 -68.03
N ASN N 263 34.16 -89.79 -69.06
CA ASN N 263 34.05 -90.33 -70.41
C ASN N 263 35.38 -90.09 -71.08
N GLY N 264 36.02 -91.17 -71.56
CA GLY N 264 37.30 -91.10 -72.21
C GLY N 264 37.24 -91.57 -73.65
N THR N 265 38.40 -91.58 -74.27
CA THR N 265 38.53 -92.00 -75.66
C THR N 265 38.67 -93.52 -75.75
N ALA N 269 34.29 -93.19 -77.41
CA ALA N 269 34.00 -91.76 -77.45
C ALA N 269 35.19 -90.99 -78.02
N THR N 270 34.90 -89.88 -78.70
CA THR N 270 35.95 -89.05 -79.24
C THR N 270 36.47 -88.09 -78.18
N ASN N 271 37.63 -87.50 -78.46
CA ASN N 271 38.20 -86.53 -77.53
C ASN N 271 37.30 -85.33 -77.35
N ASP N 272 36.51 -84.99 -78.38
CA ASP N 272 35.62 -83.84 -78.28
C ASP N 272 34.53 -84.03 -77.23
N ASN N 273 34.24 -85.28 -76.85
CA ASN N 273 33.15 -85.58 -75.93
C ASN N 273 33.63 -86.09 -74.58
N THR N 274 34.92 -85.98 -74.29
CA THR N 274 35.43 -86.44 -73.00
C THR N 274 35.00 -85.48 -71.90
N TYR N 275 34.82 -86.02 -70.70
CA TYR N 275 34.52 -85.19 -69.55
C TYR N 275 34.92 -85.90 -68.27
N PHE N 276 35.10 -85.11 -67.23
CA PHE N 276 35.25 -85.59 -65.87
C PHE N 276 34.34 -84.73 -65.00
N GLY N 277 33.58 -85.36 -64.14
CA GLY N 277 32.68 -84.62 -63.30
C GLY N 277 32.15 -85.46 -62.18
N TYR N 278 31.09 -84.96 -61.55
CA TYR N 278 30.50 -85.65 -60.42
C TYR N 278 28.99 -85.66 -60.55
N SER N 279 28.41 -86.83 -60.30
CA SER N 279 26.98 -86.95 -60.13
C SER N 279 26.67 -86.81 -58.64
N THR N 280 25.72 -85.97 -58.31
CA THR N 280 25.37 -85.73 -56.92
C THR N 280 24.02 -86.35 -56.60
N PRO N 281 23.75 -86.64 -55.33
CA PRO N 281 22.42 -87.10 -54.93
C PRO N 281 21.37 -86.01 -54.88
N TRP N 282 21.70 -84.80 -55.31
CA TRP N 282 20.80 -83.66 -55.21
C TRP N 282 20.02 -83.47 -56.49
N GLY N 283 18.77 -83.07 -56.35
CA GLY N 283 18.04 -82.51 -57.45
C GLY N 283 18.16 -81.00 -57.47
N TYR N 284 17.64 -80.39 -58.51
CA TYR N 284 17.64 -78.94 -58.58
C TYR N 284 16.40 -78.48 -59.33
N PHE N 285 15.94 -77.28 -58.98
CA PHE N 285 14.76 -76.70 -59.60
C PHE N 285 15.18 -75.80 -60.74
N ASP N 286 14.59 -76.03 -61.91
CA ASP N 286 14.86 -75.25 -63.10
C ASP N 286 13.56 -74.63 -63.58
N PHE N 287 13.57 -73.31 -63.76
CA PHE N 287 12.46 -72.60 -64.40
C PHE N 287 13.02 -71.62 -65.41
N ASN N 288 14.06 -72.04 -66.12
CA ASN N 288 14.78 -71.21 -67.06
C ASN N 288 14.25 -71.35 -68.48
N ARG N 289 12.95 -71.57 -68.62
CA ARG N 289 12.28 -71.52 -69.91
C ARG N 289 11.08 -70.62 -69.79
N PHE N 290 10.78 -69.88 -70.87
CA PHE N 290 9.73 -68.89 -70.80
C PHE N 290 8.36 -69.52 -70.59
N HIS N 291 8.12 -70.72 -71.13
CA HIS N 291 6.82 -71.34 -70.96
C HIS N 291 6.60 -71.86 -69.54
N CYS N 292 7.64 -71.87 -68.69
CA CYS N 292 7.42 -72.13 -67.28
C CYS N 292 6.65 -71.01 -66.61
N HIS N 293 6.60 -69.84 -67.21
CA HIS N 293 6.00 -68.65 -66.61
C HIS N 293 4.90 -68.04 -67.46
N PHE N 294 5.04 -68.07 -68.77
CA PHE N 294 4.07 -67.47 -69.68
C PHE N 294 3.21 -68.56 -70.30
N SER N 295 1.90 -68.44 -70.15
CA SER N 295 0.99 -69.22 -70.97
C SER N 295 1.12 -68.74 -72.41
N PRO N 296 0.74 -69.59 -73.37
CA PRO N 296 0.80 -69.14 -74.78
C PRO N 296 0.03 -67.87 -75.03
N ARG N 297 -1.14 -67.71 -74.41
CA ARG N 297 -1.90 -66.48 -74.54
C ARG N 297 -1.16 -65.30 -73.90
N ASP N 298 -0.53 -65.53 -72.74
CA ASP N 298 0.26 -64.47 -72.12
C ASP N 298 1.47 -64.11 -72.99
N TRP N 299 2.09 -65.12 -73.59
CA TRP N 299 3.18 -64.86 -74.53
C TRP N 299 2.70 -64.03 -75.71
N GLN N 300 1.51 -64.33 -76.22
CA GLN N 300 0.94 -63.54 -77.30
C GLN N 300 0.72 -62.10 -76.86
N ARG N 301 0.14 -61.92 -75.67
CA ARG N 301 -0.04 -60.58 -75.13
C ARG N 301 1.27 -59.83 -75.05
N LEU N 302 2.33 -60.51 -74.61
CA LEU N 302 3.62 -59.88 -74.46
C LEU N 302 4.21 -59.48 -75.81
N ILE N 303 4.23 -60.41 -76.76
CA ILE N 303 4.97 -60.19 -78.00
C ILE N 303 4.20 -59.34 -79.00
N ASN N 304 2.87 -59.28 -78.92
CA ASN N 304 2.11 -58.50 -79.86
C ASN N 304 1.99 -57.03 -79.48
N ASN N 305 2.42 -56.66 -78.28
CA ASN N 305 2.14 -55.34 -77.75
C ASN N 305 3.33 -54.63 -77.13
N ASN N 306 4.48 -55.28 -77.04
CA ASN N 306 5.62 -54.71 -76.35
C ASN N 306 6.85 -54.78 -77.23
N TRP N 307 7.64 -53.70 -77.20
CA TRP N 307 8.90 -53.67 -77.92
C TRP N 307 10.01 -54.38 -77.15
N GLY N 308 9.82 -54.62 -75.87
CA GLY N 308 10.85 -55.27 -75.09
C GLY N 308 10.32 -55.66 -73.72
N PHE N 309 11.09 -56.53 -73.08
CA PHE N 309 10.76 -56.97 -71.73
C PHE N 309 12.05 -57.45 -71.08
N ARG N 310 12.02 -57.52 -69.75
CA ARG N 310 13.15 -58.02 -68.99
C ARG N 310 12.66 -58.45 -67.62
N PRO N 311 13.26 -59.48 -67.03
CA PRO N 311 12.88 -59.84 -65.67
C PRO N 311 13.37 -58.81 -64.68
N LYS N 312 12.59 -58.61 -63.62
CA LYS N 312 12.93 -57.66 -62.57
C LYS N 312 13.23 -58.35 -61.24
N ARG N 313 12.34 -59.21 -60.79
CA ARG N 313 12.50 -59.89 -59.53
C ARG N 313 11.79 -61.23 -59.62
N LEU N 314 12.19 -62.15 -58.75
CA LEU N 314 11.49 -63.41 -58.65
C LEU N 314 11.33 -63.80 -57.20
N SER N 315 10.25 -64.52 -56.92
CA SER N 315 10.05 -65.18 -55.65
C SER N 315 9.79 -66.65 -55.92
N PHE N 316 10.36 -67.50 -55.08
CA PHE N 316 10.31 -68.94 -55.26
C PHE N 316 9.77 -69.55 -53.98
N LYS N 317 8.92 -70.55 -54.10
CA LYS N 317 8.33 -71.19 -52.94
C LYS N 317 8.29 -72.69 -53.11
N LEU N 318 8.66 -73.41 -52.06
CA LEU N 318 8.46 -74.84 -51.93
C LEU N 318 7.52 -75.08 -50.77
N PHE N 319 6.49 -75.89 -50.97
CA PHE N 319 5.47 -76.04 -49.95
C PHE N 319 4.70 -77.32 -50.20
N ASN N 320 3.86 -77.69 -49.23
CA ASN N 320 3.06 -78.91 -49.28
C ASN N 320 3.96 -80.12 -49.56
N ILE N 321 5.07 -80.18 -48.84
CA ILE N 321 6.04 -81.23 -49.03
C ILE N 321 5.50 -82.52 -48.42
N GLN N 322 5.57 -83.60 -49.18
CA GLN N 322 5.22 -84.93 -48.70
C GLN N 322 6.38 -85.86 -48.99
N VAL N 323 6.95 -86.43 -47.94
CA VAL N 323 7.99 -87.43 -48.09
C VAL N 323 7.35 -88.79 -47.90
N LYS N 324 7.54 -89.67 -48.87
CA LYS N 324 6.83 -90.94 -48.90
C LYS N 324 7.83 -92.08 -48.88
N GLU N 325 7.50 -93.10 -48.11
CA GLU N 325 8.30 -94.32 -48.00
C GLU N 325 7.65 -95.40 -48.85
N VAL N 326 8.45 -96.08 -49.65
CA VAL N 326 7.99 -97.18 -50.48
C VAL N 326 8.71 -98.45 -50.07
N THR N 327 7.94 -99.50 -49.81
CA THR N 327 8.50 -100.77 -49.36
C THR N 327 8.28 -101.87 -50.38
N LYS N 333 4.30 -103.74 -53.56
CA LYS N 333 4.79 -102.39 -53.29
C LYS N 333 3.72 -101.55 -52.61
N THR N 334 4.05 -100.99 -51.45
CA THR N 334 3.18 -100.08 -50.74
C THR N 334 3.91 -98.76 -50.52
N ILE N 335 3.18 -97.66 -50.69
CA ILE N 335 3.71 -96.32 -50.48
C ILE N 335 3.01 -95.73 -49.27
N ALA N 336 3.78 -95.27 -48.31
CA ALA N 336 3.26 -94.69 -47.08
C ALA N 336 3.92 -93.36 -46.81
N ASN N 337 3.21 -92.50 -46.09
CA ASN N 337 3.80 -91.24 -45.66
C ASN N 337 4.87 -91.49 -44.60
N ASN N 338 5.97 -90.75 -44.74
CA ASN N 338 7.04 -90.76 -43.70
C ASN N 338 6.96 -89.35 -43.12
N LEU N 339 6.14 -89.15 -42.09
CA LEU N 339 5.84 -87.82 -41.58
C LEU N 339 7.07 -87.15 -40.99
N THR N 340 8.02 -87.91 -40.48
CA THR N 340 9.19 -87.36 -39.82
C THR N 340 10.39 -87.22 -40.74
N SER N 341 10.26 -87.59 -42.00
CA SER N 341 11.36 -87.46 -42.94
C SER N 341 11.47 -86.02 -43.43
N THR N 342 12.68 -85.64 -43.85
CA THR N 342 12.96 -84.29 -44.28
C THR N 342 13.47 -84.28 -45.72
N ILE N 343 13.31 -83.13 -46.35
CA ILE N 343 14.05 -82.78 -47.55
C ILE N 343 14.99 -81.64 -47.19
N GLN N 344 16.10 -81.54 -47.91
CA GLN N 344 17.04 -80.45 -47.74
C GLN N 344 16.99 -79.55 -48.96
N VAL N 345 16.82 -78.26 -48.73
CA VAL N 345 16.75 -77.27 -49.79
C VAL N 345 17.72 -76.14 -49.46
N PHE N 346 18.51 -75.74 -50.43
CA PHE N 346 19.30 -74.52 -50.29
C PHE N 346 19.48 -73.90 -51.65
N THR N 347 19.68 -72.59 -51.66
CA THR N 347 20.01 -71.85 -52.87
C THR N 347 21.49 -71.52 -52.85
N ASP N 348 22.16 -71.74 -53.98
CA ASP N 348 23.55 -71.34 -54.14
C ASP N 348 23.59 -69.84 -54.41
N SER N 349 23.29 -69.08 -53.35
CA SER N 349 23.14 -67.63 -53.48
C SER N 349 24.48 -66.94 -53.72
N GLU N 350 25.58 -67.53 -53.29
CA GLU N 350 26.90 -66.99 -53.54
C GLU N 350 27.52 -67.53 -54.84
N TYR N 351 26.79 -68.35 -55.59
CA TYR N 351 27.27 -68.90 -56.85
C TYR N 351 28.59 -69.65 -56.66
N GLN N 352 28.66 -70.42 -55.58
CA GLN N 352 29.84 -71.20 -55.27
C GLN N 352 29.82 -72.58 -55.89
N LEU N 353 28.73 -72.99 -56.42
CA LEU N 353 28.64 -74.26 -57.11
C LEU N 353 28.73 -74.06 -58.61
N PRO N 354 29.18 -75.07 -59.34
CA PRO N 354 29.09 -75.00 -60.81
C PRO N 354 27.66 -74.74 -61.24
N TYR N 355 27.48 -73.72 -62.05
CA TYR N 355 26.15 -73.27 -62.47
C TYR N 355 25.77 -74.06 -63.71
N VAL N 356 24.87 -75.02 -63.56
CA VAL N 356 24.45 -75.87 -64.66
C VAL N 356 23.14 -75.42 -65.29
N LEU N 357 22.46 -74.45 -64.69
CA LEU N 357 21.37 -73.80 -65.40
C LEU N 357 21.93 -72.99 -66.55
N GLY N 358 21.07 -72.67 -67.51
CA GLY N 358 21.56 -71.98 -68.68
C GLY N 358 22.32 -72.86 -69.64
N SER N 359 22.11 -74.16 -69.60
CA SER N 359 22.62 -75.07 -70.61
C SER N 359 21.50 -75.74 -71.39
N ALA N 360 20.30 -75.15 -71.34
CA ALA N 360 19.14 -75.63 -72.09
C ALA N 360 18.83 -77.09 -71.78
N HIS N 361 18.90 -77.45 -70.51
CA HIS N 361 18.66 -78.82 -70.10
C HIS N 361 17.19 -79.08 -69.85
N GLN N 362 16.79 -80.34 -70.01
CA GLN N 362 15.47 -80.75 -69.62
C GLN N 362 15.33 -80.71 -68.10
N GLY N 363 14.09 -80.86 -67.63
CA GLY N 363 13.82 -80.83 -66.22
C GLY N 363 13.29 -79.52 -65.69
N CYS N 364 13.04 -78.55 -66.55
CA CYS N 364 12.40 -77.33 -66.12
C CYS N 364 10.95 -77.59 -65.75
N LEU N 365 10.34 -76.60 -65.12
CA LEU N 365 8.91 -76.69 -64.84
C LEU N 365 8.15 -76.89 -66.15
N PRO N 366 7.19 -77.81 -66.19
CA PRO N 366 6.49 -78.08 -67.45
C PRO N 366 5.69 -76.87 -67.89
N PRO N 367 5.52 -76.68 -69.20
CA PRO N 367 4.69 -75.56 -69.66
C PRO N 367 3.26 -75.64 -69.19
N PHE N 368 2.70 -76.84 -69.07
CA PHE N 368 1.30 -77.00 -68.69
C PHE N 368 1.19 -77.10 -67.18
N PRO N 369 0.41 -76.22 -66.52
CA PRO N 369 0.38 -76.22 -65.06
C PRO N 369 -0.11 -77.52 -64.45
N ALA N 370 -0.98 -78.26 -65.13
CA ALA N 370 -1.49 -79.51 -64.59
C ALA N 370 -0.44 -80.63 -64.63
N ASP N 371 0.71 -80.37 -65.24
CA ASP N 371 1.69 -81.44 -65.47
C ASP N 371 2.57 -81.61 -64.24
N VAL N 372 2.69 -82.84 -63.78
CA VAL N 372 3.57 -83.17 -62.66
C VAL N 372 4.92 -83.59 -63.22
N PHE N 373 5.99 -82.99 -62.72
CA PHE N 373 7.30 -83.19 -63.29
C PHE N 373 8.28 -83.75 -62.27
N MET N 374 9.25 -84.48 -62.79
CA MET N 374 10.34 -85.04 -62.01
C MET N 374 11.49 -84.05 -61.93
N ILE N 375 12.04 -83.89 -60.73
CA ILE N 375 13.13 -82.94 -60.52
C ILE N 375 14.43 -83.53 -61.10
N PRO N 376 15.15 -82.79 -61.95
CA PRO N 376 16.37 -83.33 -62.54
C PRO N 376 17.48 -83.47 -61.51
N GLN N 377 18.37 -84.43 -61.76
CA GLN N 377 19.49 -84.67 -60.86
C GLN N 377 20.60 -83.68 -61.12
N TYR N 378 21.17 -83.13 -60.06
CA TYR N 378 22.25 -82.18 -60.18
C TYR N 378 23.57 -82.91 -60.40
N GLY N 379 24.27 -82.54 -61.46
CA GLY N 379 25.64 -82.97 -61.65
C GLY N 379 26.42 -81.82 -62.26
N TYR N 380 27.74 -81.94 -62.22
CA TYR N 380 28.58 -80.88 -62.74
C TYR N 380 29.83 -81.49 -63.33
N LEU N 381 30.51 -80.69 -64.15
CA LEU N 381 31.75 -81.07 -64.77
C LEU N 381 32.86 -80.17 -64.26
N THR N 382 34.06 -80.74 -64.16
CA THR N 382 35.23 -79.96 -63.80
C THR N 382 36.29 -80.22 -64.86
N LEU N 383 37.51 -79.76 -64.62
CA LEU N 383 38.56 -79.93 -65.62
C LEU N 383 38.86 -81.41 -65.84
N ASN N 384 39.05 -81.78 -67.09
CA ASN N 384 39.36 -83.15 -67.45
C ASN N 384 40.49 -83.19 -68.46
N ASN N 385 41.24 -84.29 -68.43
CA ASN N 385 42.23 -84.63 -69.43
C ASN N 385 41.84 -86.02 -69.90
N GLY N 386 41.04 -86.09 -70.96
CA GLY N 386 40.41 -87.35 -71.30
C GLY N 386 39.37 -87.69 -70.25
N SER N 387 39.43 -88.91 -69.73
CA SER N 387 38.56 -89.32 -68.65
C SER N 387 39.16 -89.05 -67.27
N GLN N 388 40.38 -88.52 -67.22
CA GLN N 388 41.06 -88.28 -65.96
C GLN N 388 40.84 -86.85 -65.49
N ALA N 389 40.86 -86.68 -64.18
CA ALA N 389 40.87 -85.36 -63.60
C ALA N 389 42.30 -84.82 -63.56
N VAL N 390 42.42 -83.50 -63.45
CA VAL N 390 43.69 -82.86 -63.24
C VAL N 390 43.70 -82.30 -61.81
N GLY N 391 44.87 -81.81 -61.40
CA GLY N 391 44.99 -81.26 -60.06
C GLY N 391 44.09 -80.06 -59.81
N ARG N 392 43.71 -79.35 -60.87
CA ARG N 392 42.82 -78.20 -60.74
C ARG N 392 41.35 -78.59 -60.72
N SER N 393 41.04 -79.87 -60.94
CA SER N 393 39.65 -80.30 -60.89
C SER N 393 39.08 -80.10 -59.50
N SER N 394 37.87 -79.56 -59.44
CA SER N 394 37.21 -79.24 -58.18
C SER N 394 36.13 -80.26 -57.89
N PHE N 395 36.11 -80.75 -56.66
CA PHE N 395 35.04 -81.59 -56.16
C PHE N 395 34.22 -80.76 -55.18
N TYR N 396 32.91 -80.77 -55.35
CA TYR N 396 32.00 -80.04 -54.49
C TYR N 396 31.07 -81.00 -53.78
N CYS N 397 31.03 -80.90 -52.47
CA CYS N 397 30.03 -81.60 -51.66
C CYS N 397 28.91 -80.63 -51.36
N LEU N 398 27.71 -80.94 -51.84
CA LEU N 398 26.59 -80.04 -51.62
C LEU N 398 26.09 -80.09 -50.19
N GLU N 399 26.41 -81.16 -49.45
CA GLU N 399 26.13 -81.18 -48.01
C GLU N 399 27.02 -80.21 -47.26
N TYR N 400 28.11 -79.75 -47.86
CA TYR N 400 28.97 -78.76 -47.25
C TYR N 400 28.38 -77.36 -47.31
N PHE N 401 27.12 -77.23 -47.69
CA PHE N 401 26.41 -75.97 -47.68
C PHE N 401 25.36 -75.96 -46.59
N PRO N 402 25.03 -74.80 -46.03
CA PRO N 402 23.88 -74.72 -45.14
C PRO N 402 22.59 -74.94 -45.92
N SER N 403 21.80 -75.92 -45.49
CA SER N 403 20.55 -76.25 -46.13
C SER N 403 19.42 -76.18 -45.12
N GLN N 404 18.28 -75.70 -45.55
CA GLN N 404 17.08 -75.78 -44.73
C GLN N 404 16.51 -77.20 -44.85
N MET N 405 16.27 -77.83 -43.73
CA MET N 405 15.62 -79.14 -43.72
C MET N 405 14.13 -78.96 -43.44
N LEU N 406 13.31 -79.63 -44.23
CA LEU N 406 11.87 -79.40 -44.24
C LEU N 406 11.16 -80.71 -43.97
N ARG N 407 10.33 -80.74 -42.96
CA ARG N 407 9.39 -81.83 -42.80
C ARG N 407 8.11 -81.48 -43.56
N THR N 408 7.10 -82.36 -43.45
CA THR N 408 5.90 -82.21 -44.27
C THR N 408 5.17 -80.90 -43.97
N GLY N 409 5.32 -80.37 -42.77
CA GLY N 409 4.68 -79.11 -42.42
C GLY N 409 5.46 -77.87 -42.75
N ASN N 410 6.68 -78.00 -43.22
CA ASN N 410 7.54 -76.85 -43.48
C ASN N 410 7.42 -76.40 -44.93
N ASN N 411 7.78 -75.14 -45.16
CA ASN N 411 7.88 -74.61 -46.51
C ASN N 411 9.17 -73.83 -46.65
N PHE N 412 9.60 -73.68 -47.90
CA PHE N 412 10.82 -72.96 -48.23
C PHE N 412 10.47 -71.84 -49.20
N GLN N 413 11.11 -70.70 -49.01
CA GLN N 413 10.89 -69.61 -49.95
C GLN N 413 12.10 -68.68 -49.94
N PHE N 414 12.34 -68.05 -51.08
CA PHE N 414 13.34 -67.01 -51.18
C PHE N 414 12.95 -66.06 -52.30
N THR N 415 13.47 -64.86 -52.23
CA THR N 415 13.26 -63.85 -53.25
C THR N 415 14.59 -63.48 -53.87
N TYR N 416 14.53 -63.09 -55.15
CA TYR N 416 15.73 -62.73 -55.89
C TYR N 416 15.40 -61.52 -56.75
N THR N 417 16.34 -60.61 -56.86
CA THR N 417 16.21 -59.43 -57.70
C THR N 417 17.17 -59.55 -58.87
N PHE N 418 16.64 -59.45 -60.07
CA PHE N 418 17.48 -59.45 -61.25
C PHE N 418 18.30 -58.17 -61.32
N GLU N 419 19.54 -58.29 -61.77
CA GLU N 419 20.35 -57.11 -62.03
C GLU N 419 19.77 -56.33 -63.20
N ASP N 420 20.21 -55.09 -63.33
CA ASP N 420 19.77 -54.28 -64.46
C ASP N 420 20.28 -54.90 -65.75
N VAL N 421 19.38 -55.49 -66.52
CA VAL N 421 19.72 -56.18 -67.76
C VAL N 421 19.05 -55.40 -68.88
N PRO N 422 19.61 -55.35 -70.09
CA PRO N 422 18.92 -54.68 -71.18
C PRO N 422 17.62 -55.37 -71.54
N PHE N 423 16.65 -54.59 -71.99
CA PHE N 423 15.42 -55.16 -72.51
C PHE N 423 15.73 -56.06 -73.70
N HIS N 424 15.09 -57.22 -73.74
CA HIS N 424 15.16 -58.05 -74.93
C HIS N 424 14.44 -57.33 -76.08
N SER N 425 15.05 -57.35 -77.25
CA SER N 425 14.46 -56.70 -78.41
C SER N 425 13.29 -57.54 -78.91
N SER N 426 12.10 -57.21 -78.43
CA SER N 426 10.89 -57.91 -78.86
C SER N 426 10.28 -57.24 -80.08
N TYR N 427 11.12 -57.01 -81.09
CA TYR N 427 10.73 -56.29 -82.29
C TYR N 427 11.66 -56.69 -83.41
N ALA N 428 11.17 -56.53 -84.64
CA ALA N 428 11.99 -56.64 -85.82
C ALA N 428 12.13 -55.27 -86.46
N HIS N 429 13.29 -55.00 -87.03
CA HIS N 429 13.51 -53.70 -87.65
C HIS N 429 12.74 -53.60 -88.95
N SER N 430 12.03 -52.48 -89.14
CA SER N 430 11.31 -52.21 -90.36
C SER N 430 12.19 -51.49 -91.38
N GLN N 431 13.46 -51.29 -91.08
CA GLN N 431 14.43 -50.73 -92.00
C GLN N 431 15.64 -51.64 -92.04
N SER N 432 16.28 -51.68 -93.20
CA SER N 432 17.53 -52.40 -93.34
C SER N 432 18.70 -51.45 -93.11
N LEU N 433 19.82 -52.02 -92.65
CA LEU N 433 20.98 -51.20 -92.33
C LEU N 433 21.55 -50.50 -93.55
N ASP N 434 21.45 -51.12 -94.72
CA ASP N 434 21.94 -50.52 -95.95
C ASP N 434 20.89 -49.67 -96.65
N ARG N 435 19.76 -49.43 -96.01
CA ARG N 435 18.67 -48.64 -96.57
C ARG N 435 18.19 -47.60 -95.58
N LEU N 436 19.12 -46.95 -94.89
CA LEU N 436 18.77 -45.92 -93.91
C LEU N 436 18.76 -44.53 -94.49
N MET N 437 19.05 -44.39 -95.77
CA MET N 437 19.20 -43.09 -96.41
C MET N 437 17.90 -42.62 -97.05
N ASN N 438 17.86 -41.33 -97.32
CA ASN N 438 16.75 -40.72 -98.05
C ASN N 438 16.80 -41.18 -99.50
N PRO N 439 15.77 -41.85 -100.02
CA PRO N 439 15.79 -42.35 -101.39
C PRO N 439 15.53 -41.30 -102.45
N LEU N 440 15.45 -40.02 -102.09
CA LEU N 440 15.18 -38.96 -103.05
C LEU N 440 16.34 -38.02 -103.28
N ILE N 441 17.31 -38.00 -102.37
CA ILE N 441 18.38 -37.00 -102.38
C ILE N 441 19.70 -37.70 -102.63
N ASP N 442 20.52 -37.10 -103.49
CA ASP N 442 21.87 -37.59 -103.68
C ASP N 442 22.73 -37.29 -102.46
N GLN N 443 23.80 -38.04 -102.33
CA GLN N 443 24.82 -37.73 -101.34
C GLN N 443 25.74 -36.64 -101.87
N TYR N 444 26.27 -35.83 -100.96
CA TYR N 444 27.32 -34.90 -101.36
C TYR N 444 28.68 -35.58 -101.40
N LEU N 445 28.80 -36.77 -100.84
CA LEU N 445 30.04 -37.53 -100.92
C LEU N 445 30.13 -38.25 -102.25
N TYR N 446 31.34 -38.40 -102.74
CA TYR N 446 31.61 -39.12 -103.98
C TYR N 446 32.21 -40.48 -103.68
N TYR N 447 32.02 -41.40 -104.60
CA TYR N 447 32.67 -42.70 -104.56
C TYR N 447 33.36 -42.93 -105.89
N LEU N 448 34.43 -43.72 -105.86
CA LEU N 448 35.11 -44.11 -107.09
C LEU N 448 34.17 -44.97 -107.92
N SER N 449 33.67 -44.43 -109.02
CA SER N 449 32.68 -45.11 -109.83
C SER N 449 33.27 -45.84 -111.02
N ARG N 450 34.38 -45.37 -111.57
CA ARG N 450 35.03 -46.07 -112.67
C ARG N 450 36.54 -45.91 -112.57
N THR N 451 37.26 -46.94 -112.97
CA THR N 451 38.71 -46.90 -113.06
C THR N 451 39.21 -47.05 -114.48
N GLN N 452 38.31 -47.16 -115.45
CA GLN N 452 38.67 -47.37 -116.84
C GLN N 452 37.74 -46.57 -117.74
N THR N 453 38.30 -45.96 -118.78
CA THR N 453 37.51 -45.14 -119.69
C THR N 453 36.50 -45.97 -120.47
N ASN N 459 40.31 -49.13 -124.10
CA ASN N 459 40.09 -48.25 -122.96
C ASN N 459 41.33 -48.18 -122.08
N THR N 460 41.52 -47.04 -121.43
CA THR N 460 42.69 -46.77 -120.62
C THR N 460 42.27 -46.50 -119.18
N GLN N 461 43.26 -46.45 -118.30
CA GLN N 461 43.01 -46.16 -116.90
C GLN N 461 42.52 -44.73 -116.73
N THR N 462 41.62 -44.55 -115.76
CA THR N 462 41.10 -43.24 -115.42
C THR N 462 40.57 -43.32 -114.00
N LEU N 463 40.14 -42.18 -113.47
CA LEU N 463 39.49 -42.12 -112.17
C LEU N 463 38.22 -41.31 -112.33
N GLY N 464 37.08 -42.00 -112.34
CA GLY N 464 35.79 -41.37 -112.40
C GLY N 464 35.09 -41.50 -111.06
N PHE N 465 34.51 -40.40 -110.60
CA PHE N 465 33.85 -40.33 -109.31
C PHE N 465 32.41 -39.89 -109.50
N SER N 466 31.51 -40.55 -108.80
CA SER N 466 30.09 -40.26 -108.88
C SER N 466 29.55 -40.05 -107.48
N GLN N 467 28.45 -39.32 -107.39
CA GLN N 467 27.76 -39.14 -106.13
C GLN N 467 26.76 -40.25 -105.92
N GLY N 468 26.80 -40.88 -104.76
CA GLY N 468 25.81 -41.88 -104.41
C GLY N 468 24.41 -41.28 -104.40
N GLY N 469 23.47 -41.96 -105.03
CA GLY N 469 22.12 -41.46 -105.12
C GLY N 469 21.09 -42.55 -105.00
N PRO N 470 19.84 -42.23 -105.34
CA PRO N 470 18.76 -43.22 -105.21
C PRO N 470 18.99 -44.48 -106.02
N ASN N 471 19.71 -44.40 -107.13
CA ASN N 471 19.92 -45.56 -107.99
C ASN N 471 21.18 -46.33 -107.65
N THR N 472 22.25 -45.64 -107.25
CA THR N 472 23.49 -46.29 -106.83
C THR N 472 23.53 -46.42 -105.32
N MET N 473 22.50 -47.08 -104.78
CA MET N 473 22.33 -47.13 -103.34
C MET N 473 23.33 -48.07 -102.68
N ALA N 474 23.81 -49.07 -103.42
CA ALA N 474 24.86 -49.93 -102.89
C ALA N 474 26.20 -49.22 -102.78
N ASN N 475 26.41 -48.15 -103.54
CA ASN N 475 27.67 -47.41 -103.52
C ASN N 475 27.69 -46.27 -102.52
N GLN N 476 26.55 -45.95 -101.91
CA GLN N 476 26.49 -44.79 -101.03
C GLN N 476 27.37 -44.95 -99.81
N ALA N 477 27.95 -43.84 -99.37
CA ALA N 477 28.65 -43.84 -98.10
C ALA N 477 27.67 -44.10 -96.97
N LYS N 478 28.08 -44.95 -96.02
CA LYS N 478 27.21 -45.37 -94.94
C LYS N 478 27.97 -45.30 -93.63
N ASN N 479 27.24 -45.16 -92.54
CA ASN N 479 27.84 -44.97 -91.23
C ASN N 479 28.02 -46.26 -90.45
N TRP N 480 27.39 -47.35 -90.85
CA TRP N 480 27.33 -48.53 -90.01
C TRP N 480 27.58 -49.78 -90.83
N LEU N 481 27.99 -50.84 -90.14
CA LEU N 481 28.27 -52.13 -90.72
C LEU N 481 27.39 -53.19 -90.09
N PRO N 482 27.06 -54.25 -90.82
CA PRO N 482 26.30 -55.35 -90.23
C PRO N 482 27.11 -56.05 -89.15
N GLY N 483 26.38 -56.67 -88.23
CA GLY N 483 26.99 -57.36 -87.12
C GLY N 483 27.97 -58.43 -87.52
N PRO N 484 28.66 -59.00 -86.55
CA PRO N 484 29.73 -59.95 -86.85
C PRO N 484 29.20 -61.25 -87.42
N CYS N 485 30.08 -61.95 -88.12
CA CYS N 485 29.72 -63.16 -88.85
C CYS N 485 30.64 -64.30 -88.46
N TYR N 486 30.07 -65.50 -88.31
CA TYR N 486 30.83 -66.74 -88.12
C TYR N 486 30.12 -67.79 -88.97
N ARG N 487 30.54 -67.89 -90.23
CA ARG N 487 29.71 -68.51 -91.26
C ARG N 487 29.40 -69.96 -90.95
N GLN N 488 28.14 -70.34 -91.14
CA GLN N 488 27.66 -71.69 -90.95
C GLN N 488 27.33 -72.32 -92.30
N GLN N 489 27.41 -73.64 -92.35
CA GLN N 489 27.02 -74.35 -93.55
C GLN N 489 25.51 -74.30 -93.74
N ARG N 490 25.09 -74.17 -94.99
CA ARG N 490 23.68 -74.07 -95.32
C ARG N 490 23.09 -75.45 -95.53
N VAL N 491 21.96 -75.71 -94.89
CA VAL N 491 21.24 -76.97 -95.04
C VAL N 491 19.82 -76.65 -95.50
N SER N 492 19.34 -77.39 -96.49
CA SER N 492 18.00 -77.20 -97.01
C SER N 492 17.06 -78.21 -96.36
N THR N 493 15.89 -77.73 -95.94
CA THR N 493 14.87 -78.65 -95.45
C THR N 493 14.32 -79.53 -96.57
N THR N 494 14.48 -79.12 -97.83
CA THR N 494 14.26 -79.99 -98.97
C THR N 494 15.52 -80.82 -99.14
N THR N 495 15.48 -82.06 -98.66
CA THR N 495 16.70 -82.86 -98.52
C THR N 495 17.36 -83.12 -99.87
N GLY N 496 16.56 -83.19 -100.94
CA GLY N 496 17.14 -83.41 -102.26
C GLY N 496 18.11 -82.34 -102.70
N GLN N 497 17.98 -81.13 -102.14
CA GLN N 497 18.90 -80.05 -102.46
C GLN N 497 20.18 -80.10 -101.64
N ASN N 498 20.29 -81.01 -100.68
CA ASN N 498 21.49 -81.13 -99.87
C ASN N 498 22.48 -82.09 -100.51
N ASN N 499 23.75 -81.91 -100.15
CA ASN N 499 24.79 -82.84 -100.59
C ASN N 499 24.52 -84.23 -100.00
N ASN N 500 24.72 -85.25 -100.83
CA ASN N 500 24.51 -86.63 -100.40
C ASN N 500 25.72 -87.11 -99.61
N SER N 501 25.83 -86.60 -98.39
CA SER N 501 26.87 -86.99 -97.47
C SER N 501 26.42 -86.66 -96.05
N ASN N 502 27.10 -87.26 -95.08
CA ASN N 502 26.82 -87.00 -93.67
C ASN N 502 27.80 -85.92 -93.22
N PHE N 503 27.36 -84.67 -93.30
CA PHE N 503 28.23 -83.53 -93.02
C PHE N 503 27.78 -82.70 -91.84
N ALA N 504 26.88 -83.22 -91.00
CA ALA N 504 26.39 -82.43 -89.86
C ALA N 504 27.54 -82.07 -88.93
N TRP N 505 28.46 -83.00 -88.69
CA TRP N 505 29.61 -82.74 -87.86
C TRP N 505 30.83 -82.31 -88.65
N THR N 506 31.14 -83.00 -89.76
CA THR N 506 32.34 -82.68 -90.52
C THR N 506 32.29 -81.28 -91.09
N ALA N 507 31.13 -80.87 -91.60
CA ALA N 507 30.96 -79.51 -92.09
C ALA N 507 30.39 -78.57 -91.05
N GLY N 508 30.22 -79.04 -89.81
CA GLY N 508 29.69 -78.19 -88.78
C GLY N 508 30.61 -77.03 -88.46
N THR N 509 29.99 -75.92 -88.10
CA THR N 509 30.74 -74.73 -87.70
C THR N 509 31.12 -74.86 -86.23
N LYS N 510 32.42 -74.88 -85.96
CA LYS N 510 32.93 -75.29 -84.67
C LYS N 510 33.88 -74.24 -84.12
N TYR N 511 34.07 -74.29 -82.80
CA TYR N 511 35.18 -73.62 -82.16
C TYR N 511 36.10 -74.66 -81.53
N HIS N 512 37.35 -74.27 -81.34
CA HIS N 512 38.39 -75.14 -80.84
C HIS N 512 38.83 -74.65 -79.48
N LEU N 513 38.76 -75.51 -78.48
CA LEU N 513 39.13 -75.15 -77.11
C LEU N 513 39.88 -76.31 -76.47
N ASN N 514 41.14 -76.07 -76.13
CA ASN N 514 41.98 -77.07 -75.46
C ASN N 514 41.99 -78.38 -76.22
N GLY N 515 42.23 -78.30 -77.52
CA GLY N 515 42.26 -79.48 -78.36
C GLY N 515 40.95 -80.19 -78.52
N ARG N 516 39.85 -79.58 -78.11
CA ARG N 516 38.52 -80.18 -78.20
C ARG N 516 37.70 -79.34 -79.17
N ASN N 517 37.00 -80.01 -80.08
CA ASN N 517 36.13 -79.34 -81.03
C ASN N 517 34.70 -79.39 -80.53
N SER N 518 34.05 -78.24 -80.50
CA SER N 518 32.67 -78.14 -80.11
C SER N 518 31.94 -77.31 -81.15
N LEU N 519 30.71 -77.72 -81.47
CA LEU N 519 29.91 -76.94 -82.40
C LEU N 519 29.67 -75.54 -81.85
N ALA N 520 29.79 -74.54 -82.72
CA ALA N 520 29.36 -73.19 -82.41
C ALA N 520 27.85 -73.15 -82.58
N ASN N 521 27.17 -73.72 -81.59
CA ASN N 521 25.75 -74.04 -81.69
C ASN N 521 24.98 -73.35 -80.57
N PRO N 522 24.08 -72.42 -80.86
CA PRO N 522 23.75 -71.98 -82.22
C PRO N 522 24.69 -70.91 -82.75
N GLY N 523 25.69 -70.56 -81.98
CA GLY N 523 26.64 -69.54 -82.39
C GLY N 523 26.07 -68.14 -82.26
N ILE N 524 26.78 -67.20 -82.87
CA ILE N 524 26.40 -65.79 -82.78
C ILE N 524 25.10 -65.56 -83.53
N ALA N 525 24.37 -64.54 -83.12
CA ALA N 525 23.08 -64.21 -83.72
C ALA N 525 23.28 -63.76 -85.16
N MET N 526 22.88 -64.60 -86.10
CA MET N 526 22.87 -64.23 -87.52
C MET N 526 21.53 -64.62 -88.11
N ALA N 527 21.16 -63.91 -89.17
CA ALA N 527 19.91 -64.22 -89.85
C ALA N 527 19.95 -65.65 -90.39
N THR N 528 18.86 -66.38 -90.15
CA THR N 528 18.82 -67.78 -90.55
C THR N 528 18.95 -67.94 -92.06
N HIS N 529 18.31 -67.06 -92.82
CA HIS N 529 18.34 -67.12 -94.26
C HIS N 529 18.03 -65.73 -94.80
N LYS N 530 18.27 -65.55 -96.09
CA LYS N 530 17.94 -64.29 -96.72
C LYS N 530 16.53 -64.37 -97.30
N ASP N 531 16.15 -63.38 -98.09
CA ASP N 531 14.80 -63.32 -98.63
C ASP N 531 14.50 -64.52 -99.51
N ASP N 532 13.31 -65.09 -99.33
CA ASP N 532 12.79 -66.16 -100.17
C ASP N 532 13.64 -67.43 -100.08
N GLU N 533 14.27 -67.66 -98.93
CA GLU N 533 15.08 -68.86 -98.71
C GLU N 533 14.75 -69.49 -97.37
N GLU N 534 13.46 -69.56 -97.05
CA GLU N 534 13.03 -70.09 -95.75
C GLU N 534 13.43 -71.56 -95.59
N ARG N 535 13.58 -72.29 -96.69
CA ARG N 535 13.95 -73.69 -96.62
C ARG N 535 15.39 -73.90 -96.15
N PHE N 536 16.21 -72.86 -96.14
CA PHE N 536 17.61 -72.98 -95.76
C PHE N 536 17.78 -72.57 -94.31
N PHE N 537 18.64 -73.29 -93.60
CA PHE N 537 19.01 -72.94 -92.25
C PHE N 537 20.48 -73.27 -92.02
N PRO N 538 21.16 -72.52 -91.16
CA PRO N 538 22.52 -72.90 -90.77
C PRO N 538 22.51 -74.25 -90.07
N SER N 539 23.55 -75.05 -90.35
CA SER N 539 23.53 -76.44 -89.90
C SER N 539 23.46 -76.54 -88.37
N ASN N 540 24.21 -75.70 -87.67
CA ASN N 540 24.11 -75.63 -86.21
C ASN N 540 24.03 -74.18 -85.76
N GLY N 541 23.17 -73.41 -86.42
CA GLY N 541 23.08 -71.99 -86.14
C GLY N 541 21.70 -71.51 -85.73
N ILE N 542 20.81 -72.43 -85.41
CA ILE N 542 19.45 -72.09 -84.96
C ILE N 542 19.09 -72.96 -83.77
N LEU N 543 18.15 -72.46 -82.98
CA LEU N 543 17.54 -73.28 -81.95
C LEU N 543 16.53 -74.22 -82.60
N ILE N 544 16.62 -75.50 -82.26
CA ILE N 544 15.72 -76.51 -82.78
C ILE N 544 15.01 -77.13 -81.60
N PHE N 545 13.69 -76.93 -81.53
CA PHE N 545 12.87 -77.53 -80.50
C PHE N 545 12.19 -78.78 -81.05
N GLY N 546 12.00 -79.75 -80.18
CA GLY N 546 11.32 -80.97 -80.56
C GLY N 546 9.82 -80.84 -80.35
N LYS N 547 9.06 -81.40 -81.29
CA LYS N 547 7.64 -81.52 -81.08
C LYS N 547 7.39 -82.55 -79.98
N GLN N 548 6.15 -82.58 -79.49
CA GLN N 548 5.80 -83.52 -78.44
C GLN N 548 6.05 -84.95 -78.92
N ASN N 549 6.67 -85.75 -78.06
CA ASN N 549 7.00 -87.15 -78.34
C ASN N 549 8.02 -87.29 -79.48
N ALA N 550 8.83 -86.27 -79.70
CA ALA N 550 9.94 -86.39 -80.64
C ALA N 550 11.02 -87.28 -80.05
N ALA N 551 11.64 -88.10 -80.90
CA ALA N 551 12.68 -89.00 -80.43
C ALA N 551 13.89 -88.21 -79.94
N ARG N 552 14.55 -88.76 -78.92
CA ARG N 552 15.77 -88.14 -78.42
C ARG N 552 16.87 -88.14 -79.47
N ASP N 553 17.03 -89.24 -80.19
CA ASP N 553 18.08 -89.37 -81.20
C ASP N 553 17.45 -89.55 -82.58
N ASN N 554 18.01 -88.86 -83.57
CA ASN N 554 17.62 -89.01 -84.98
C ASN N 554 16.12 -88.79 -85.17
N ALA N 555 15.61 -87.73 -84.57
CA ALA N 555 14.24 -87.31 -84.86
C ALA N 555 14.18 -86.76 -86.28
N ASP N 556 13.11 -87.09 -86.99
CA ASP N 556 12.94 -86.61 -88.34
C ASP N 556 12.64 -85.11 -88.32
N TYR N 557 12.80 -84.48 -89.49
CA TYR N 557 12.52 -83.05 -89.59
C TYR N 557 11.08 -82.74 -89.23
N SER N 558 10.16 -83.66 -89.50
CA SER N 558 8.76 -83.44 -89.14
C SER N 558 8.54 -83.49 -87.64
N ASP N 559 9.47 -84.05 -86.87
CA ASP N 559 9.33 -84.16 -85.43
C ASP N 559 10.00 -83.01 -84.68
N VAL N 560 10.64 -82.08 -85.38
CA VAL N 560 11.32 -80.98 -84.72
C VAL N 560 10.76 -79.67 -85.24
N MET N 561 11.04 -78.60 -84.50
CA MET N 561 10.54 -77.27 -84.79
C MET N 561 11.75 -76.36 -84.97
N LEU N 562 12.05 -76.03 -86.22
CA LEU N 562 13.17 -75.13 -86.49
C LEU N 562 12.76 -73.69 -86.21
N THR N 563 13.58 -72.98 -85.46
CA THR N 563 13.38 -71.55 -85.31
C THR N 563 14.02 -70.82 -86.50
N SER N 564 13.64 -69.56 -86.66
CA SER N 564 14.19 -68.74 -87.72
C SER N 564 14.49 -67.35 -87.17
N GLU N 565 15.71 -66.89 -87.39
CA GLU N 565 16.13 -65.54 -87.02
C GLU N 565 16.12 -64.61 -88.23
N GLU N 566 15.17 -64.81 -89.15
CA GLU N 566 15.12 -63.97 -90.33
C GLU N 566 14.78 -62.52 -90.02
N GLU N 567 14.22 -62.24 -88.85
CA GLU N 567 13.88 -60.87 -88.49
C GLU N 567 15.12 -59.98 -88.39
N ILE N 568 16.29 -60.56 -88.13
CA ILE N 568 17.50 -59.78 -87.98
C ILE N 568 18.30 -59.70 -89.28
N LYS N 569 17.68 -60.06 -90.41
CA LYS N 569 18.31 -59.82 -91.71
C LYS N 569 18.68 -58.36 -91.89
N THR N 570 17.91 -57.46 -91.30
CA THR N 570 18.10 -56.04 -91.50
C THR N 570 19.41 -55.54 -90.93
N THR N 571 19.93 -56.21 -89.94
CA THR N 571 21.14 -55.76 -89.26
C THR N 571 22.22 -56.84 -89.20
N ASN N 572 21.83 -58.10 -89.03
CA ASN N 572 22.82 -59.15 -88.92
C ASN N 572 23.02 -59.84 -90.26
N PRO N 573 24.25 -60.23 -90.59
CA PRO N 573 24.48 -60.98 -91.82
C PRO N 573 23.81 -62.34 -91.77
N VAL N 574 23.47 -62.86 -92.94
CA VAL N 574 22.87 -64.18 -93.02
C VAL N 574 23.89 -65.22 -92.57
N ALA N 575 23.43 -66.17 -91.75
CA ALA N 575 24.33 -67.12 -91.09
C ALA N 575 25.10 -67.97 -92.10
N THR N 576 24.52 -68.23 -93.27
CA THR N 576 25.11 -69.11 -94.25
C THR N 576 25.81 -68.37 -95.37
N GLU N 577 25.92 -67.05 -95.28
CA GLU N 577 26.56 -66.25 -96.30
C GLU N 577 27.81 -65.61 -95.72
N GLU N 578 28.70 -65.18 -96.61
CA GLU N 578 29.89 -64.46 -96.21
C GLU N 578 29.53 -63.08 -95.66
N TYR N 579 30.37 -62.58 -94.76
CA TYR N 579 30.16 -61.23 -94.23
C TYR N 579 30.31 -60.19 -95.32
N GLY N 580 31.31 -60.34 -96.18
CA GLY N 580 31.57 -59.35 -97.18
C GLY N 580 32.80 -59.70 -97.97
N ILE N 581 33.36 -58.69 -98.63
CA ILE N 581 34.49 -58.86 -99.53
C ILE N 581 35.56 -57.87 -99.13
N VAL N 582 36.80 -58.34 -99.03
CA VAL N 582 37.95 -57.48 -98.78
C VAL N 582 38.98 -57.69 -99.87
N ALA N 583 39.85 -56.70 -100.03
CA ALA N 583 40.96 -56.83 -100.96
C ALA N 583 41.97 -57.84 -100.45
N ASP N 584 42.50 -58.65 -101.37
CA ASP N 584 43.48 -59.66 -101.02
C ASP N 584 44.89 -59.34 -101.49
N ASN N 585 45.07 -58.26 -102.25
CA ASN N 585 46.38 -57.92 -102.79
C ASN N 585 46.42 -56.42 -103.06
N LEU N 586 47.50 -55.97 -103.69
CA LEU N 586 47.64 -54.59 -104.14
C LEU N 586 47.65 -54.61 -105.66
N GLN N 587 46.58 -54.09 -106.26
CA GLN N 587 46.50 -54.06 -107.72
C GLN N 587 47.52 -53.08 -108.28
N GLN N 588 48.12 -53.47 -109.39
CA GLN N 588 49.01 -52.62 -110.16
C GLN N 588 48.62 -52.72 -111.63
N GLN N 589 49.32 -52.00 -112.49
CA GLN N 589 49.05 -52.09 -113.91
C GLN N 589 49.30 -53.49 -114.46
N ASN N 590 50.07 -54.31 -113.75
CA ASN N 590 50.34 -55.67 -114.18
C ASN N 590 49.62 -56.73 -113.36
N THR N 591 49.09 -56.39 -112.18
CA THR N 591 48.40 -57.35 -111.34
C THR N 591 46.96 -56.90 -111.14
N ALA N 592 46.02 -57.71 -111.60
CA ALA N 592 44.62 -57.40 -111.42
C ALA N 592 44.24 -57.49 -109.93
N PRO N 593 43.32 -56.65 -109.47
CA PRO N 593 42.92 -56.72 -108.06
C PRO N 593 42.27 -58.05 -107.74
N GLN N 594 42.60 -58.56 -106.56
CA GLN N 594 42.04 -59.81 -106.07
C GLN N 594 41.21 -59.53 -104.82
N ILE N 595 40.13 -60.29 -104.67
CA ILE N 595 39.21 -60.09 -103.55
C ILE N 595 39.20 -61.33 -102.69
N GLY N 596 39.04 -61.12 -101.39
CA GLY N 596 38.92 -62.20 -100.43
C GLY N 596 37.52 -62.22 -99.85
N THR N 597 36.97 -63.41 -99.69
CA THR N 597 35.64 -63.59 -99.12
C THR N 597 35.77 -63.74 -97.61
N VAL N 598 35.11 -62.84 -96.87
CA VAL N 598 35.19 -62.83 -95.42
C VAL N 598 34.10 -63.77 -94.90
N ASN N 599 34.51 -64.95 -94.46
CA ASN N 599 33.59 -65.93 -93.89
C ASN N 599 33.51 -65.86 -92.37
N SER N 600 34.38 -65.08 -91.74
CA SER N 600 34.35 -64.89 -90.30
C SER N 600 34.82 -63.48 -90.02
N GLN N 601 33.97 -62.68 -89.38
CA GLN N 601 34.28 -61.28 -89.13
C GLN N 601 34.01 -60.99 -87.67
N GLY N 602 35.06 -60.64 -86.93
CA GLY N 602 34.91 -60.17 -85.57
C GLY N 602 34.43 -58.74 -85.53
N ALA N 603 34.33 -58.21 -84.32
CA ALA N 603 33.77 -56.89 -84.12
C ALA N 603 34.59 -55.82 -84.84
N LEU N 604 33.90 -54.97 -85.60
CA LEU N 604 34.47 -53.81 -86.22
C LEU N 604 33.78 -52.56 -85.72
N PRO N 605 34.47 -51.43 -85.64
CA PRO N 605 33.81 -50.19 -85.22
C PRO N 605 32.70 -49.83 -86.20
N GLY N 606 31.61 -49.29 -85.67
CA GLY N 606 30.45 -48.99 -86.47
C GLY N 606 29.55 -50.17 -86.74
N MET N 607 29.87 -51.34 -86.22
CA MET N 607 29.04 -52.52 -86.43
C MET N 607 27.88 -52.52 -85.46
N VAL N 608 26.71 -52.88 -85.96
CA VAL N 608 25.51 -53.01 -85.13
C VAL N 608 24.89 -54.37 -85.43
N TRP N 609 24.22 -54.93 -84.43
CA TRP N 609 23.61 -56.24 -84.60
C TRP N 609 22.48 -56.41 -83.60
N GLN N 610 21.65 -57.40 -83.87
CA GLN N 610 20.60 -57.83 -82.96
C GLN N 610 20.99 -59.15 -82.32
N ASN N 611 20.50 -59.37 -81.11
CA ASN N 611 20.69 -60.66 -80.47
C ASN N 611 19.71 -61.68 -81.03
N ARG N 612 19.95 -62.95 -80.69
CA ARG N 612 19.01 -63.99 -81.05
C ARG N 612 17.69 -63.76 -80.34
N ASP N 613 16.60 -64.11 -81.02
CA ASP N 613 15.28 -64.00 -80.42
C ASP N 613 15.12 -64.99 -79.27
N VAL N 614 14.27 -64.65 -78.33
CA VAL N 614 13.85 -65.59 -77.31
C VAL N 614 12.55 -66.25 -77.77
N TYR N 615 12.28 -67.41 -77.21
CA TYR N 615 11.12 -68.19 -77.60
C TYR N 615 10.36 -68.63 -76.36
N LEU N 616 9.06 -68.88 -76.55
CA LEU N 616 8.24 -69.36 -75.45
C LEU N 616 8.83 -70.65 -74.86
N GLN N 617 9.34 -71.52 -75.71
CA GLN N 617 9.98 -72.75 -75.27
C GLN N 617 11.47 -72.57 -74.95
N GLY N 618 12.04 -71.40 -75.23
CA GLY N 618 13.46 -71.21 -75.12
C GLY N 618 13.92 -70.80 -73.73
N PRO N 619 15.23 -70.72 -73.55
CA PRO N 619 15.77 -70.30 -72.25
C PRO N 619 15.53 -68.82 -71.99
N ILE N 620 15.54 -68.47 -70.71
CA ILE N 620 15.35 -67.09 -70.29
C ILE N 620 16.68 -66.41 -70.01
N TRP N 621 17.53 -67.03 -69.21
CA TRP N 621 18.77 -66.40 -68.79
C TRP N 621 19.90 -67.40 -68.86
N ALA N 622 21.13 -66.86 -68.88
CA ALA N 622 22.32 -67.66 -68.67
C ALA N 622 23.25 -66.89 -67.75
N LYS N 623 24.05 -67.62 -66.99
CA LYS N 623 25.08 -66.99 -66.19
C LYS N 623 26.23 -66.56 -67.07
N ILE N 624 26.59 -65.29 -67.01
CA ILE N 624 27.78 -64.82 -67.69
C ILE N 624 28.98 -65.43 -66.97
N PRO N 625 29.85 -66.16 -67.67
CA PRO N 625 31.00 -66.75 -66.99
C PRO N 625 31.87 -65.68 -66.34
N HIS N 626 32.38 -65.99 -65.16
CA HIS N 626 33.22 -65.06 -64.43
C HIS N 626 34.60 -65.06 -65.08
N THR N 627 34.83 -64.12 -65.98
CA THR N 627 36.08 -64.02 -66.70
C THR N 627 36.57 -62.57 -66.67
N ASP N 628 37.85 -62.40 -67.04
CA ASP N 628 38.41 -61.06 -67.13
C ASP N 628 37.70 -60.23 -68.20
N GLY N 629 37.42 -60.83 -69.35
CA GLY N 629 36.82 -60.10 -70.44
C GLY N 629 35.73 -60.91 -71.08
N ASN N 630 34.71 -60.19 -71.54
CA ASN N 630 33.70 -60.75 -72.41
C ASN N 630 33.31 -59.67 -73.41
N PHE N 631 32.78 -60.10 -74.54
CA PHE N 631 32.29 -59.17 -75.55
C PHE N 631 30.80 -59.43 -75.74
N HIS N 632 29.99 -58.40 -75.50
CA HIS N 632 28.54 -58.46 -75.61
C HIS N 632 28.02 -59.72 -74.94
N PRO N 633 28.05 -59.79 -73.61
CA PRO N 633 27.74 -61.04 -72.93
C PRO N 633 26.26 -61.38 -72.96
N SER N 634 25.69 -61.43 -74.13
CA SER N 634 24.35 -61.93 -74.32
C SER N 634 24.41 -63.42 -74.67
N PRO N 635 23.69 -64.27 -73.95
CA PRO N 635 23.80 -65.71 -74.19
C PRO N 635 23.44 -66.07 -75.63
N LEU N 636 24.20 -67.00 -76.20
CA LEU N 636 24.06 -67.27 -77.63
C LEU N 636 22.78 -68.01 -77.97
N MET N 637 22.30 -68.89 -77.09
CA MET N 637 21.00 -69.49 -77.33
C MET N 637 19.85 -68.56 -76.97
N GLY N 638 20.13 -67.29 -76.71
CA GLY N 638 19.11 -66.30 -76.48
C GLY N 638 18.83 -66.09 -75.01
N GLY N 639 18.32 -64.93 -74.69
CA GLY N 639 17.94 -64.60 -73.34
C GLY N 639 18.80 -63.51 -72.73
N PHE N 640 18.77 -63.47 -71.41
CA PHE N 640 19.42 -62.41 -70.65
C PHE N 640 20.69 -62.95 -70.03
N GLY N 641 21.80 -62.29 -70.30
CA GLY N 641 23.05 -62.64 -69.65
C GLY N 641 23.15 -61.95 -68.31
N LEU N 642 23.32 -62.73 -67.24
CA LEU N 642 23.35 -62.20 -65.90
C LEU N 642 24.65 -62.59 -65.22
N LYS N 643 25.33 -61.61 -64.63
CA LYS N 643 26.49 -61.91 -63.80
C LYS N 643 26.07 -62.70 -62.57
N HIS N 644 24.92 -62.36 -62.00
CA HIS N 644 24.37 -63.03 -60.82
C HIS N 644 22.97 -63.50 -61.18
N PRO N 645 22.84 -64.62 -61.85
CA PRO N 645 21.53 -65.10 -62.29
C PRO N 645 20.72 -65.61 -61.11
N PRO N 646 19.47 -65.99 -61.32
CA PRO N 646 18.72 -66.66 -60.26
C PRO N 646 19.50 -67.84 -59.73
N PRO N 647 19.68 -67.94 -58.42
CA PRO N 647 20.56 -68.97 -57.86
C PRO N 647 19.99 -70.36 -58.09
N GLN N 648 20.89 -71.32 -58.22
CA GLN N 648 20.48 -72.71 -58.28
C GLN N 648 19.80 -73.10 -56.97
N ILE N 649 18.66 -73.78 -57.08
CA ILE N 649 17.92 -74.25 -55.92
C ILE N 649 18.11 -75.76 -55.87
N LEU N 650 18.88 -76.22 -54.90
CA LEU N 650 19.23 -77.63 -54.78
C LEU N 650 18.32 -78.27 -53.75
N ILE N 651 17.80 -79.44 -54.08
CA ILE N 651 16.87 -80.15 -53.22
C ILE N 651 17.28 -81.61 -53.16
N LYS N 652 17.16 -82.20 -51.98
CA LYS N 652 17.55 -83.59 -51.78
C LYS N 652 16.67 -84.20 -50.70
N ASN N 653 16.30 -85.46 -50.89
CA ASN N 653 15.70 -86.22 -49.81
C ASN N 653 16.78 -86.57 -48.80
N THR N 654 16.56 -86.20 -47.55
CA THR N 654 17.52 -86.56 -46.51
C THR N 654 17.56 -88.07 -46.36
N PRO N 655 18.73 -88.69 -46.43
CA PRO N 655 18.79 -90.15 -46.29
C PRO N 655 18.26 -90.60 -44.94
N VAL N 656 17.43 -91.62 -44.97
CA VAL N 656 16.89 -92.23 -43.76
C VAL N 656 17.44 -93.66 -43.69
N PRO N 657 18.40 -93.94 -42.82
CA PRO N 657 18.97 -95.29 -42.77
C PRO N 657 17.92 -96.32 -42.42
N ALA N 658 18.07 -97.51 -42.99
CA ALA N 658 17.35 -98.67 -42.49
C ALA N 658 17.96 -99.07 -41.15
N ASP N 659 17.47 -100.16 -40.58
CA ASP N 659 17.92 -100.54 -39.25
C ASP N 659 19.41 -100.87 -39.28
N PRO N 660 20.23 -100.19 -38.51
CA PRO N 660 21.65 -100.51 -38.47
C PRO N 660 21.88 -101.79 -37.70
N PRO N 661 23.04 -102.42 -37.84
CA PRO N 661 23.35 -103.60 -37.03
C PRO N 661 23.41 -103.24 -35.55
N THR N 662 23.20 -104.24 -34.71
CA THR N 662 23.24 -104.03 -33.27
C THR N 662 24.65 -104.03 -32.70
N THR N 663 25.64 -104.33 -33.52
CA THR N 663 27.05 -104.19 -33.14
C THR N 663 27.68 -103.11 -34.00
N PHE N 664 28.53 -102.29 -33.39
CA PHE N 664 29.04 -101.12 -34.09
C PHE N 664 29.87 -101.52 -35.30
N ASN N 665 29.64 -100.81 -36.41
CA ASN N 665 30.44 -100.94 -37.61
C ASN N 665 30.81 -99.53 -38.07
N GLN N 666 32.12 -99.30 -38.27
CA GLN N 666 32.59 -97.99 -38.65
C GLN N 666 32.22 -97.63 -40.08
N SER N 667 31.90 -98.62 -40.91
CA SER N 667 31.62 -98.36 -42.32
C SER N 667 30.39 -97.48 -42.47
N LYS N 668 30.42 -96.62 -43.49
CA LYS N 668 29.26 -95.79 -43.78
C LYS N 668 28.06 -96.65 -44.09
N LEU N 669 26.89 -96.21 -43.64
CA LEU N 669 25.68 -96.97 -43.87
C LEU N 669 25.29 -96.91 -45.34
N ASN N 670 24.97 -98.06 -45.92
CA ASN N 670 24.52 -98.14 -47.29
C ASN N 670 23.11 -98.69 -47.40
N SER N 671 22.48 -99.06 -46.30
CA SER N 671 21.12 -99.57 -46.29
C SER N 671 20.21 -98.41 -45.89
N PHE N 672 19.40 -97.96 -46.83
CA PHE N 672 18.54 -96.81 -46.61
C PHE N 672 17.09 -97.17 -46.91
N ILE N 673 16.19 -96.50 -46.21
CA ILE N 673 14.78 -96.63 -46.50
C ILE N 673 14.49 -96.00 -47.85
N THR N 674 13.85 -96.75 -48.74
CA THR N 674 13.52 -96.24 -50.06
C THR N 674 12.50 -95.12 -49.92
N GLN N 675 12.77 -93.99 -50.54
CA GLN N 675 12.07 -92.78 -50.18
C GLN N 675 12.04 -91.83 -51.37
N TYR N 676 10.94 -91.09 -51.50
CA TYR N 676 10.86 -90.02 -52.46
C TYR N 676 9.97 -88.93 -51.88
N SER N 677 10.12 -87.73 -52.38
CA SER N 677 9.32 -86.61 -51.92
C SER N 677 8.55 -86.00 -53.07
N THR N 678 7.41 -85.41 -52.74
CA THR N 678 6.62 -84.66 -53.69
C THR N 678 6.15 -83.39 -53.01
N GLY N 679 5.84 -82.39 -53.80
CA GLY N 679 5.37 -81.14 -53.25
C GLY N 679 4.99 -80.20 -54.37
N GLN N 680 4.72 -78.97 -53.99
CA GLN N 680 4.40 -77.93 -54.94
C GLN N 680 5.52 -76.90 -54.95
N VAL N 681 5.80 -76.36 -56.13
CA VAL N 681 6.79 -75.32 -56.31
C VAL N 681 6.11 -74.14 -56.97
N SER N 682 6.30 -72.96 -56.42
CA SER N 682 5.78 -71.73 -56.99
C SER N 682 6.94 -70.82 -57.33
N VAL N 683 6.93 -70.30 -58.56
CA VAL N 683 7.88 -69.29 -58.97
C VAL N 683 7.11 -68.11 -59.52
N GLU N 684 7.36 -66.93 -58.99
CA GLU N 684 6.74 -65.69 -59.43
C GLU N 684 7.82 -64.79 -59.97
N ILE N 685 7.68 -64.37 -61.23
CA ILE N 685 8.63 -63.45 -61.84
C ILE N 685 7.87 -62.19 -62.24
N GLU N 686 8.40 -61.05 -61.85
CA GLU N 686 7.91 -59.76 -62.31
C GLU N 686 8.76 -59.32 -63.49
N TRP N 687 8.10 -59.04 -64.61
CA TRP N 687 8.77 -58.59 -65.82
C TRP N 687 8.41 -57.14 -66.08
N GLU N 688 9.42 -56.35 -66.45
CA GLU N 688 9.19 -55.00 -66.90
C GLU N 688 8.99 -54.99 -68.40
N LEU N 689 8.04 -54.21 -68.88
CA LEU N 689 7.68 -54.15 -70.28
C LEU N 689 8.14 -52.85 -70.90
N GLN N 690 8.60 -52.91 -72.14
CA GLN N 690 8.84 -51.74 -72.95
C GLN N 690 7.68 -51.60 -73.93
N LYS N 691 6.79 -50.66 -73.65
CA LYS N 691 5.64 -50.45 -74.53
C LYS N 691 6.09 -49.88 -75.87
N GLU N 692 5.45 -50.35 -76.93
CA GLU N 692 5.74 -49.83 -78.26
C GLU N 692 5.14 -48.45 -78.42
N ASN N 693 5.95 -47.50 -78.85
CA ASN N 693 5.50 -46.14 -79.13
C ASN N 693 5.81 -45.86 -80.60
N SER N 694 4.90 -46.28 -81.46
CA SER N 694 5.16 -46.34 -82.89
C SER N 694 4.15 -45.47 -83.65
N LYS N 695 4.64 -44.75 -84.64
CA LYS N 695 3.81 -43.95 -85.52
C LYS N 695 3.56 -44.64 -86.85
N ARG N 696 3.84 -45.93 -86.94
CA ARG N 696 3.52 -46.70 -88.13
C ARG N 696 2.04 -46.62 -88.44
N TRP N 697 1.71 -46.38 -89.70
CA TRP N 697 0.32 -46.20 -90.08
C TRP N 697 -0.36 -47.54 -90.35
N ASN N 698 0.27 -48.39 -91.15
CA ASN N 698 -0.32 -49.66 -91.52
C ASN N 698 -0.28 -50.65 -90.37
N PRO N 699 -1.16 -51.64 -90.36
CA PRO N 699 -1.17 -52.60 -89.25
C PRO N 699 0.12 -53.41 -89.17
N GLU N 700 0.49 -53.76 -87.95
CA GLU N 700 1.68 -54.56 -87.71
C GLU N 700 1.41 -56.04 -87.91
N ILE N 701 2.47 -56.81 -88.02
CA ILE N 701 2.38 -58.25 -87.96
C ILE N 701 2.18 -58.67 -86.51
N GLN N 702 1.21 -59.53 -86.27
CA GLN N 702 0.91 -60.00 -84.93
C GLN N 702 0.92 -61.52 -84.94
N TYR N 703 1.33 -62.12 -83.82
CA TYR N 703 1.14 -63.54 -83.67
C TYR N 703 -0.33 -63.82 -83.44
N THR N 704 -0.88 -64.74 -84.24
CA THR N 704 -2.29 -65.08 -84.14
C THR N 704 -2.44 -66.58 -84.28
N SER N 705 -3.45 -67.12 -83.62
CA SER N 705 -3.83 -68.50 -83.88
C SER N 705 -4.52 -68.59 -85.23
N ASN N 706 -4.43 -69.76 -85.85
CA ASN N 706 -5.08 -69.97 -87.12
C ASN N 706 -6.60 -70.01 -86.93
N TYR N 707 -7.31 -69.31 -87.81
CA TYR N 707 -8.76 -69.25 -87.69
C TYR N 707 -9.43 -70.54 -88.17
N TYR N 708 -8.80 -71.25 -89.11
CA TYR N 708 -9.42 -72.39 -89.73
C TYR N 708 -9.54 -73.56 -88.76
N LYS N 709 -10.52 -74.43 -89.01
CA LYS N 709 -10.80 -75.54 -88.11
C LYS N 709 -9.66 -76.54 -88.09
N SER N 710 -9.58 -77.28 -86.99
CA SER N 710 -8.52 -78.28 -86.83
C SER N 710 -9.01 -79.34 -85.87
N THR N 711 -8.32 -80.49 -85.89
CA THR N 711 -8.69 -81.60 -85.03
C THR N 711 -8.54 -81.23 -83.56
N SER N 712 -7.50 -80.45 -83.23
CA SER N 712 -7.23 -80.07 -81.85
C SER N 712 -6.89 -78.59 -81.80
N VAL N 713 -7.09 -78.02 -80.63
CA VAL N 713 -6.69 -76.62 -80.39
C VAL N 713 -5.19 -76.56 -80.21
N ASP N 714 -4.55 -75.63 -80.88
CA ASP N 714 -3.11 -75.42 -80.70
C ASP N 714 -2.83 -74.93 -79.29
N PHE N 715 -1.75 -75.43 -78.71
CA PHE N 715 -1.38 -75.15 -77.32
C PHE N 715 -2.49 -75.57 -76.37
N ALA N 716 -2.99 -76.78 -76.57
CA ALA N 716 -3.97 -77.38 -75.69
C ALA N 716 -3.63 -78.86 -75.55
N VAL N 717 -4.46 -79.58 -74.88
CA VAL N 717 -4.29 -81.02 -74.72
C VAL N 717 -5.03 -81.73 -75.83
N ASN N 718 -4.59 -82.93 -76.17
CA ASN N 718 -5.28 -83.76 -77.13
C ASN N 718 -6.26 -84.66 -76.38
N THR N 719 -6.80 -85.66 -77.07
CA THR N 719 -7.77 -86.55 -76.44
C THR N 719 -7.15 -87.43 -75.36
N GLU N 720 -5.83 -87.56 -75.34
CA GLU N 720 -5.13 -88.38 -74.36
C GLU N 720 -4.60 -87.56 -73.19
N GLY N 721 -4.88 -86.26 -73.16
CA GLY N 721 -4.38 -85.43 -72.07
C GLY N 721 -2.98 -84.91 -72.25
N VAL N 722 -2.38 -85.09 -73.41
CA VAL N 722 -1.01 -84.65 -73.66
C VAL N 722 -1.03 -83.21 -74.13
N TYR N 723 -0.39 -82.34 -73.36
CA TYR N 723 -0.20 -80.97 -73.79
C TYR N 723 0.95 -80.89 -74.77
N SER N 724 0.75 -80.15 -75.85
CA SER N 724 1.77 -80.01 -76.86
C SER N 724 1.89 -78.55 -77.28
N GLU N 725 3.11 -78.15 -77.62
CA GLU N 725 3.35 -76.85 -78.22
C GLU N 725 3.60 -77.04 -79.70
N PRO N 726 2.69 -76.65 -80.57
CA PRO N 726 2.83 -77.04 -81.99
C PRO N 726 3.92 -76.31 -82.74
N ARG N 727 4.31 -75.12 -82.29
CA ARG N 727 5.31 -74.34 -83.01
C ARG N 727 6.12 -73.55 -82.00
N PRO N 728 7.34 -73.15 -82.35
CA PRO N 728 8.09 -72.22 -81.50
C PRO N 728 7.63 -70.81 -81.77
N ILE N 729 7.08 -70.15 -80.75
CA ILE N 729 6.64 -68.77 -80.88
C ILE N 729 7.82 -67.87 -80.55
N GLY N 730 8.28 -67.13 -81.53
CA GLY N 730 9.32 -66.15 -81.31
C GLY N 730 8.78 -64.96 -80.54
N THR N 731 9.49 -63.84 -80.63
CA THR N 731 9.13 -62.68 -79.85
C THR N 731 9.03 -61.43 -80.71
N ARG N 732 9.52 -61.46 -81.94
CA ARG N 732 9.68 -60.28 -82.77
C ARG N 732 8.56 -60.21 -83.79
N TYR N 733 7.51 -59.48 -83.46
CA TYR N 733 6.40 -59.25 -84.35
C TYR N 733 6.15 -57.77 -84.61
N LEU N 734 6.26 -56.93 -83.59
CA LEU N 734 6.21 -55.49 -83.79
C LEU N 734 7.46 -55.02 -84.50
N THR N 735 7.41 -53.80 -85.02
CA THR N 735 8.51 -53.25 -85.79
C THR N 735 8.99 -51.94 -85.21
N ARG N 736 10.27 -51.67 -85.41
CA ARG N 736 10.89 -50.38 -85.11
C ARG N 736 11.72 -49.95 -86.30
N ASN N 737 11.89 -48.64 -86.43
CA ASN N 737 12.90 -48.13 -87.34
C ASN N 737 14.29 -48.39 -86.76
N LEU N 738 15.28 -48.40 -87.63
CA LEU N 738 16.65 -48.58 -87.18
C LEU N 738 17.17 -47.29 -86.55
N GLY O 221 69.25 -30.46 -43.68
CA GLY O 221 70.61 -30.34 -43.17
C GLY O 221 71.58 -31.34 -43.76
N VAL O 222 72.85 -30.95 -43.84
CA VAL O 222 73.88 -31.83 -44.37
C VAL O 222 74.02 -33.07 -43.50
N GLY O 223 74.03 -32.89 -42.19
CA GLY O 223 74.29 -33.96 -41.25
C GLY O 223 73.07 -34.67 -40.70
N SER O 224 71.90 -34.49 -41.29
CA SER O 224 70.69 -35.14 -40.82
C SER O 224 70.07 -35.94 -41.96
N SER O 225 69.63 -37.15 -41.64
CA SER O 225 68.96 -38.00 -42.62
C SER O 225 67.61 -37.40 -43.01
N SER O 226 67.30 -37.47 -44.30
CA SER O 226 66.03 -36.96 -44.81
C SER O 226 64.97 -38.03 -44.94
N GLY O 227 65.26 -39.25 -44.53
CA GLY O 227 64.27 -40.32 -44.56
C GLY O 227 64.87 -41.60 -44.05
N ASN O 228 63.99 -42.52 -43.71
CA ASN O 228 64.37 -43.81 -43.15
C ASN O 228 64.15 -44.92 -44.17
N TRP O 229 64.81 -46.05 -43.93
CA TRP O 229 64.66 -47.22 -44.76
C TRP O 229 63.33 -47.90 -44.43
N HIS O 230 62.48 -48.06 -45.43
CA HIS O 230 61.15 -48.64 -45.26
C HIS O 230 60.97 -49.76 -46.28
N CYS O 231 61.40 -50.96 -45.93
CA CYS O 231 61.07 -52.16 -46.68
C CYS O 231 60.22 -53.04 -45.78
N ASP O 232 59.00 -53.32 -46.23
CA ASP O 232 58.03 -54.03 -45.39
C ASP O 232 56.83 -54.40 -46.24
N SER O 233 56.03 -55.31 -45.71
CA SER O 233 54.72 -55.62 -46.27
C SER O 233 53.78 -55.88 -45.11
N THR O 234 52.71 -55.13 -45.02
CA THR O 234 51.72 -55.29 -43.97
C THR O 234 50.43 -55.80 -44.57
N TRP O 235 50.00 -56.97 -44.14
CA TRP O 235 48.75 -57.56 -44.57
C TRP O 235 47.69 -57.26 -43.53
N LEU O 236 46.64 -56.55 -43.91
CA LEU O 236 45.61 -56.12 -42.97
C LEU O 236 44.27 -56.23 -43.68
N GLY O 237 43.52 -57.29 -43.35
CA GLY O 237 42.21 -57.47 -43.95
C GLY O 237 42.32 -57.73 -45.44
N ASP O 238 41.58 -56.94 -46.22
CA ASP O 238 41.57 -57.05 -47.67
C ASP O 238 42.63 -56.18 -48.33
N ARG O 239 43.57 -55.65 -47.58
CA ARG O 239 44.65 -54.83 -48.10
C ARG O 239 45.99 -55.45 -47.79
N VAL O 240 46.94 -55.26 -48.69
CA VAL O 240 48.35 -55.47 -48.40
C VAL O 240 49.09 -54.21 -48.81
N ILE O 241 49.92 -53.70 -47.93
CA ILE O 241 50.70 -52.50 -48.20
C ILE O 241 52.14 -52.94 -48.32
N THR O 242 52.66 -52.93 -49.54
CA THR O 242 54.07 -53.20 -49.78
C THR O 242 54.82 -51.88 -49.80
N THR O 243 55.92 -51.82 -49.07
CA THR O 243 56.82 -50.68 -49.15
C THR O 243 58.22 -51.23 -49.38
N SER O 244 58.93 -50.60 -50.30
CA SER O 244 60.27 -51.06 -50.66
C SER O 244 61.19 -49.86 -50.78
N THR O 245 62.37 -49.99 -50.20
CA THR O 245 63.40 -48.97 -50.29
C THR O 245 64.61 -49.56 -51.01
N ARG O 246 65.20 -48.76 -51.89
CA ARG O 246 66.40 -49.17 -52.59
C ARG O 246 67.39 -48.01 -52.61
N THR O 247 68.66 -48.35 -52.72
CA THR O 247 69.69 -47.37 -52.95
C THR O 247 69.94 -47.26 -54.45
N TRP O 248 69.89 -46.04 -54.98
CA TRP O 248 70.09 -45.81 -56.39
C TRP O 248 71.34 -44.98 -56.61
N ALA O 249 71.86 -45.03 -57.83
CA ALA O 249 72.94 -44.18 -58.27
C ALA O 249 72.57 -43.58 -59.61
N LEU O 250 72.62 -42.27 -59.71
CA LEU O 250 72.27 -41.58 -60.95
C LEU O 250 73.51 -40.93 -61.54
N PRO O 251 73.99 -41.40 -62.68
CA PRO O 251 75.11 -40.73 -63.34
C PRO O 251 74.62 -39.49 -64.09
N THR O 252 75.57 -38.75 -64.63
CA THR O 252 75.25 -37.73 -65.60
C THR O 252 75.09 -38.41 -66.95
N TYR O 253 73.91 -38.28 -67.55
CA TYR O 253 73.62 -38.90 -68.83
C TYR O 253 73.82 -37.89 -69.95
N ASN O 254 74.37 -38.35 -71.06
CA ASN O 254 74.48 -37.60 -72.30
C ASN O 254 75.35 -36.36 -72.17
N ASN O 255 76.15 -36.26 -71.10
CA ASN O 255 76.91 -35.04 -70.80
C ASN O 255 75.98 -33.82 -70.73
N HIS O 256 74.83 -34.01 -70.08
CA HIS O 256 73.81 -32.99 -69.87
C HIS O 256 73.14 -32.53 -71.15
N LEU O 257 73.26 -33.29 -72.24
CA LEU O 257 72.75 -32.87 -73.53
C LEU O 257 71.51 -33.66 -73.92
N TYR O 258 70.65 -33.04 -74.71
CA TYR O 258 69.63 -33.74 -75.45
C TYR O 258 70.20 -34.08 -76.82
N LYS O 259 70.17 -35.36 -77.17
CA LYS O 259 70.70 -35.81 -78.44
C LYS O 259 69.59 -36.43 -79.26
N GLN O 260 69.47 -35.99 -80.52
CA GLN O 260 68.62 -36.68 -81.45
C GLN O 260 69.22 -38.05 -81.78
N ILE O 261 68.41 -39.08 -81.70
CA ILE O 261 68.84 -40.44 -82.00
C ILE O 261 67.95 -41.00 -83.09
N SER O 262 68.54 -41.78 -84.00
CA SER O 262 67.82 -42.28 -85.14
C SER O 262 68.38 -43.63 -85.54
N ASN O 263 67.63 -44.32 -86.38
CA ASN O 263 68.06 -45.57 -86.99
C ASN O 263 67.34 -45.68 -88.32
N GLY O 264 68.11 -45.81 -89.40
CA GLY O 264 67.56 -45.89 -90.73
C GLY O 264 67.91 -47.20 -91.41
N THR O 265 67.49 -47.31 -92.66
CA THR O 265 67.74 -48.51 -93.44
C THR O 265 69.10 -48.45 -94.11
N ALA O 269 70.12 -51.72 -90.89
CA ALA O 269 68.86 -51.97 -90.19
C ALA O 269 67.70 -52.06 -91.17
N THR O 270 66.70 -52.86 -90.82
CA THR O 270 65.52 -52.99 -91.65
C THR O 270 64.53 -51.87 -91.37
N ASN O 271 63.57 -51.70 -92.26
CA ASN O 271 62.55 -50.69 -92.07
C ASN O 271 61.73 -50.95 -90.81
N ASP O 272 61.59 -52.22 -90.43
CA ASP O 272 60.80 -52.56 -89.24
C ASP O 272 61.44 -52.01 -87.97
N ASN O 273 62.73 -51.71 -87.98
CA ASN O 273 63.45 -51.28 -86.79
C ASN O 273 63.88 -49.83 -86.85
N THR O 274 63.38 -49.05 -87.80
CA THR O 274 63.74 -47.64 -87.88
C THR O 274 63.07 -46.86 -86.76
N TYR O 275 63.73 -45.79 -86.33
CA TYR O 275 63.14 -44.92 -85.33
C TYR O 275 63.78 -43.54 -85.42
N PHE O 276 63.06 -42.56 -84.89
CA PHE O 276 63.58 -41.23 -84.64
C PHE O 276 63.13 -40.84 -83.25
N GLY O 277 64.05 -40.32 -82.46
CA GLY O 277 63.71 -39.95 -81.11
C GLY O 277 64.78 -39.09 -80.49
N TYR O 278 64.71 -38.96 -79.18
CA TYR O 278 65.64 -38.11 -78.47
C TYR O 278 66.14 -38.82 -77.22
N SER O 279 67.44 -38.76 -77.02
CA SER O 279 68.05 -39.16 -75.76
C SER O 279 68.14 -37.93 -74.88
N THR O 280 67.69 -38.05 -73.64
CA THR O 280 67.70 -36.93 -72.72
C THR O 280 68.74 -37.14 -71.65
N PRO O 281 69.22 -36.06 -71.02
CA PRO O 281 70.13 -36.20 -69.88
C PRO O 281 69.44 -36.63 -68.58
N TRP O 282 68.15 -36.96 -68.64
CA TRP O 282 67.39 -37.29 -67.44
C TRP O 282 67.36 -38.79 -67.21
N GLY O 283 67.42 -39.17 -65.96
CA GLY O 283 67.04 -40.51 -65.57
C GLY O 283 65.59 -40.57 -65.17
N TYR O 284 65.10 -41.77 -64.93
CA TYR O 284 63.74 -41.93 -64.47
C TYR O 284 63.64 -43.13 -63.55
N PHE O 285 62.70 -43.06 -62.61
CA PHE O 285 62.49 -44.13 -61.66
C PHE O 285 61.41 -45.07 -62.16
N ASP O 286 61.73 -46.36 -62.19
CA ASP O 286 60.81 -47.39 -62.62
C ASP O 286 60.62 -48.38 -61.49
N PHE O 287 59.37 -48.62 -61.13
CA PHE O 287 59.01 -49.69 -60.20
C PHE O 287 57.82 -50.45 -60.74
N ASN O 288 57.81 -50.66 -62.05
CA ASN O 288 56.72 -51.30 -62.77
C ASN O 288 56.91 -52.79 -62.91
N ARG O 289 57.55 -53.43 -61.93
CA ARG O 289 57.62 -54.88 -61.85
C ARG O 289 57.17 -55.30 -60.46
N PHE O 290 56.50 -56.44 -60.39
CA PHE O 290 55.92 -56.87 -59.12
C PHE O 290 56.98 -57.17 -58.08
N HIS O 291 58.13 -57.68 -58.49
CA HIS O 291 59.17 -58.00 -57.52
C HIS O 291 59.84 -56.77 -56.95
N CYS O 292 59.58 -55.58 -57.51
CA CYS O 292 60.00 -54.35 -56.85
C CYS O 292 59.27 -54.11 -55.55
N HIS O 293 58.13 -54.76 -55.36
CA HIS O 293 57.27 -54.52 -54.21
C HIS O 293 56.98 -55.77 -53.40
N PHE O 294 56.84 -56.92 -54.05
CA PHE O 294 56.54 -58.16 -53.35
C PHE O 294 57.80 -59.00 -53.24
N SER O 295 58.12 -59.39 -52.01
CA SER O 295 59.09 -60.45 -51.82
C SER O 295 58.49 -61.75 -52.33
N PRO O 296 59.33 -62.73 -52.67
CA PRO O 296 58.78 -64.01 -53.12
C PRO O 296 57.82 -64.64 -52.12
N ARG O 297 58.11 -64.53 -50.83
CA ARG O 297 57.18 -65.03 -49.82
C ARG O 297 55.90 -64.23 -49.81
N ASP O 298 55.99 -62.90 -49.96
CA ASP O 298 54.79 -62.08 -50.06
C ASP O 298 53.98 -62.43 -51.30
N TRP O 299 54.67 -62.68 -52.41
CA TRP O 299 53.99 -63.11 -53.62
C TRP O 299 53.27 -64.43 -53.40
N GLN O 300 53.91 -65.36 -52.69
CA GLN O 300 53.27 -66.62 -52.37
C GLN O 300 52.02 -66.40 -51.51
N ARG O 301 52.13 -65.54 -50.50
CA ARG O 301 50.99 -65.20 -49.67
C ARG O 301 49.85 -64.66 -50.52
N LEU O 302 50.18 -63.79 -51.47
CA LEU O 302 49.16 -63.17 -52.31
C LEU O 302 48.49 -64.21 -53.21
N ILE O 303 49.28 -65.01 -53.92
CA ILE O 303 48.73 -65.87 -54.96
C ILE O 303 48.10 -67.14 -54.41
N ASN O 304 48.49 -67.59 -53.21
CA ASN O 304 47.92 -68.82 -52.68
C ASN O 304 46.62 -68.59 -51.94
N ASN O 305 46.23 -67.35 -51.70
CA ASN O 305 45.12 -67.06 -50.81
C ASN O 305 44.12 -66.06 -51.36
N ASN O 306 44.35 -65.48 -52.52
CA ASN O 306 43.49 -64.43 -53.03
C ASN O 306 43.08 -64.75 -54.45
N TRP O 307 41.81 -64.48 -54.76
CA TRP O 307 41.30 -64.63 -56.12
C TRP O 307 41.66 -63.46 -57.00
N GLY O 308 42.06 -62.34 -56.42
CA GLY O 308 42.40 -61.18 -57.20
C GLY O 308 43.05 -60.12 -56.36
N PHE O 309 43.65 -59.16 -57.05
CA PHE O 309 44.29 -58.03 -56.39
C PHE O 309 44.37 -56.89 -57.39
N ARG O 310 44.55 -55.68 -56.87
CA ARG O 310 44.72 -54.52 -57.71
C ARG O 310 45.38 -53.43 -56.90
N PRO O 311 46.20 -52.59 -57.52
CA PRO O 311 46.78 -51.46 -56.79
C PRO O 311 45.72 -50.43 -56.47
N LYS O 312 45.88 -49.77 -55.33
CA LYS O 312 44.96 -48.74 -54.89
C LYS O 312 45.61 -47.36 -54.85
N ARG O 313 46.75 -47.24 -54.19
CA ARG O 313 47.44 -45.98 -54.07
C ARG O 313 48.92 -46.26 -53.95
N LEU O 314 49.73 -45.25 -54.26
CA LEU O 314 51.16 -45.37 -54.03
C LEU O 314 51.70 -44.07 -53.46
N SER O 315 52.74 -44.21 -52.68
CA SER O 315 53.54 -43.08 -52.21
C SER O 315 54.98 -43.33 -52.58
N PHE O 316 55.66 -42.29 -53.03
CA PHE O 316 57.02 -42.39 -53.54
C PHE O 316 57.87 -41.38 -52.79
N LYS O 317 59.09 -41.78 -52.44
CA LYS O 317 59.97 -40.91 -51.70
C LYS O 317 61.39 -41.00 -52.23
N LEU O 318 62.03 -39.83 -52.37
CA LEU O 318 63.45 -39.72 -52.63
C LEU O 318 64.07 -39.00 -51.45
N PHE O 319 65.16 -39.55 -50.92
CA PHE O 319 65.72 -39.01 -49.69
C PHE O 319 67.16 -39.47 -49.57
N ASN O 320 67.86 -38.88 -48.59
CA ASN O 320 69.27 -39.17 -48.33
C ASN O 320 70.09 -39.00 -49.60
N ILE O 321 69.83 -37.90 -50.30
CA ILE O 321 70.50 -37.62 -51.56
C ILE O 321 71.93 -37.20 -51.29
N GLN O 322 72.87 -37.80 -52.01
CA GLN O 322 74.27 -37.42 -51.97
C GLN O 322 74.73 -37.17 -53.38
N VAL O 323 75.16 -35.95 -53.66
CA VAL O 323 75.74 -35.60 -54.94
C VAL O 323 77.25 -35.60 -54.77
N LYS O 324 77.94 -36.37 -55.61
CA LYS O 324 79.36 -36.60 -55.44
C LYS O 324 80.12 -36.12 -56.66
N GLU O 325 81.25 -35.48 -56.42
CA GLU O 325 82.13 -34.99 -57.47
C GLU O 325 83.30 -35.95 -57.61
N VAL O 326 83.60 -36.33 -58.85
CA VAL O 326 84.72 -37.21 -59.13
C VAL O 326 85.71 -36.47 -60.01
N THR O 327 86.97 -36.47 -59.61
CA THR O 327 88.02 -35.76 -60.33
C THR O 327 89.05 -36.72 -60.93
N LYS O 333 91.86 -41.09 -59.38
CA LYS O 333 90.46 -40.74 -59.24
C LYS O 333 90.07 -40.59 -57.77
N THR O 334 89.53 -39.43 -57.42
CA THR O 334 89.02 -39.17 -56.09
C THR O 334 87.55 -38.76 -56.18
N ILE O 335 86.75 -39.28 -55.26
CA ILE O 335 85.33 -38.96 -55.18
C ILE O 335 85.10 -38.16 -53.91
N ALA O 336 84.48 -37.00 -54.04
CA ALA O 336 84.23 -36.12 -52.91
C ALA O 336 82.77 -35.69 -52.94
N ASN O 337 82.25 -35.36 -51.75
CA ASN O 337 80.91 -34.80 -51.66
C ASN O 337 80.88 -33.41 -52.25
N ASN O 338 79.81 -33.13 -53.01
CA ASN O 338 79.55 -31.76 -53.52
C ASN O 338 78.30 -31.33 -52.75
N LEU O 339 78.46 -30.74 -51.57
CA LEU O 339 77.35 -30.47 -50.67
C LEU O 339 76.35 -29.48 -51.26
N THR O 340 76.80 -28.59 -52.14
CA THR O 340 75.95 -27.56 -52.69
C THR O 340 75.35 -27.94 -54.04
N SER O 341 75.63 -29.13 -54.55
CA SER O 341 75.07 -29.57 -55.82
C SER O 341 73.65 -30.06 -55.63
N THR O 342 72.86 -29.97 -56.69
CA THR O 342 71.46 -30.35 -56.64
C THR O 342 71.17 -31.45 -57.65
N ILE O 343 70.09 -32.17 -57.38
CA ILE O 343 69.42 -33.00 -58.37
C ILE O 343 68.06 -32.37 -58.64
N GLN O 344 67.55 -32.60 -59.84
CA GLN O 344 66.22 -32.13 -60.21
C GLN O 344 65.29 -33.33 -60.35
N VAL O 345 64.15 -33.26 -59.68
CA VAL O 345 63.16 -34.33 -59.71
C VAL O 345 61.82 -33.70 -60.03
N PHE O 346 61.08 -34.31 -60.95
CA PHE O 346 59.70 -33.94 -61.17
C PHE O 346 58.94 -35.15 -61.64
N THR O 347 57.64 -35.16 -61.38
CA THR O 347 56.75 -36.17 -61.90
C THR O 347 55.94 -35.59 -63.04
N ASP O 348 55.84 -36.36 -64.13
CA ASP O 348 54.98 -35.97 -65.25
C ASP O 348 53.54 -36.29 -64.88
N SER O 349 53.00 -35.49 -63.97
CA SER O 349 51.68 -35.75 -63.41
C SER O 349 50.57 -35.50 -64.41
N GLU O 350 50.80 -34.63 -65.39
CA GLU O 350 49.84 -34.37 -66.44
C GLU O 350 50.03 -35.27 -67.65
N TYR O 351 50.99 -36.20 -67.59
CA TYR O 351 51.24 -37.14 -68.69
C TYR O 351 51.53 -36.39 -69.99
N GLN O 352 52.31 -35.33 -69.88
CA GLN O 352 52.68 -34.54 -71.04
C GLN O 352 53.94 -35.04 -71.73
N LEU O 353 54.64 -35.91 -71.14
CA LEU O 353 55.81 -36.50 -71.75
C LEU O 353 55.47 -37.86 -72.35
N PRO O 354 56.22 -38.29 -73.36
CA PRO O 354 56.05 -39.67 -73.84
C PRO O 354 56.26 -40.65 -72.70
N TYR O 355 55.28 -41.53 -72.52
CA TYR O 355 55.27 -42.46 -71.40
C TYR O 355 56.04 -43.71 -71.82
N VAL O 356 57.25 -43.85 -71.31
CA VAL O 356 58.10 -44.99 -71.67
C VAL O 356 58.06 -46.10 -70.64
N LEU O 357 57.42 -45.89 -69.49
CA LEU O 357 57.11 -47.00 -68.62
C LEU O 357 56.07 -47.89 -69.28
N GLY O 358 55.98 -49.13 -68.81
CA GLY O 358 55.08 -50.05 -69.46
C GLY O 358 55.57 -50.57 -70.78
N SER O 359 56.88 -50.54 -71.03
CA SER O 359 57.47 -51.21 -72.17
C SER O 359 58.41 -52.33 -71.74
N ALA O 360 58.26 -52.79 -70.49
CA ALA O 360 59.04 -53.91 -69.96
C ALA O 360 60.53 -53.66 -70.05
N HIS O 361 60.95 -52.44 -69.74
CA HIS O 361 62.35 -52.08 -69.84
C HIS O 361 63.09 -52.41 -68.55
N GLN O 362 64.40 -52.64 -68.70
CA GLN O 362 65.26 -52.78 -67.54
C GLN O 362 65.39 -51.45 -66.82
N GLY O 363 65.97 -51.51 -65.63
CA GLY O 363 66.16 -50.31 -64.84
C GLY O 363 65.15 -50.13 -63.73
N CYS O 364 64.24 -51.07 -63.53
CA CYS O 364 63.33 -51.00 -62.41
C CYS O 364 64.09 -51.21 -61.11
N LEU O 365 63.42 -50.96 -60.00
CA LEU O 365 63.99 -51.26 -58.70
C LEU O 365 64.33 -52.74 -58.63
N PRO O 366 65.51 -53.10 -58.12
CA PRO O 366 65.89 -54.51 -58.12
C PRO O 366 64.99 -55.30 -57.19
N PRO O 367 64.75 -56.58 -57.50
CA PRO O 367 63.94 -57.41 -56.59
C PRO O 367 64.54 -57.54 -55.20
N PHE O 368 65.85 -57.58 -55.09
CA PHE O 368 66.50 -57.77 -53.79
C PHE O 368 66.74 -56.42 -53.13
N PRO O 369 66.23 -56.19 -51.93
CA PRO O 369 66.36 -54.85 -51.32
C PRO O 369 67.79 -54.41 -51.10
N ALA O 370 68.71 -55.34 -50.86
CA ALA O 370 70.11 -54.97 -50.65
C ALA O 370 70.80 -54.52 -51.93
N ASP O 371 70.14 -54.64 -53.07
CA ASP O 371 70.79 -54.40 -54.34
C ASP O 371 70.77 -52.91 -54.67
N VAL O 372 71.93 -52.36 -55.01
CA VAL O 372 72.03 -50.97 -55.44
C VAL O 372 71.94 -50.92 -56.96
N PHE O 373 71.06 -50.08 -57.47
CA PHE O 373 70.77 -50.06 -58.89
C PHE O 373 71.06 -48.71 -59.51
N MET O 374 71.37 -48.75 -60.79
CA MET O 374 71.60 -47.59 -61.61
C MET O 374 70.29 -47.11 -62.23
N ILE O 375 70.06 -45.81 -62.18
CA ILE O 375 68.82 -45.25 -62.73
C ILE O 375 68.90 -45.24 -64.25
N PRO O 376 67.90 -45.76 -64.95
CA PRO O 376 67.96 -45.79 -66.41
C PRO O 376 67.81 -44.39 -67.00
N GLN O 377 68.40 -44.21 -68.18
CA GLN O 377 68.33 -42.94 -68.87
C GLN O 377 67.00 -42.79 -69.60
N TYR O 378 66.39 -41.63 -69.48
CA TYR O 378 65.12 -41.38 -70.15
C TYR O 378 65.36 -40.99 -71.60
N GLY O 379 64.69 -41.71 -72.50
CA GLY O 379 64.62 -41.33 -73.88
C GLY O 379 63.24 -41.64 -74.41
N TYR O 380 62.93 -41.07 -75.56
CA TYR O 380 61.60 -41.29 -76.13
C TYR O 380 61.71 -41.29 -77.64
N LEU O 381 60.68 -41.83 -78.26
CA LEU O 381 60.57 -41.87 -79.71
C LEU O 381 59.40 -41.03 -80.16
N THR O 382 59.54 -40.43 -81.33
CA THR O 382 58.45 -39.69 -81.93
C THR O 382 58.26 -40.22 -83.34
N LEU O 383 57.45 -39.54 -84.15
CA LEU O 383 57.18 -40.03 -85.50
C LEU O 383 58.44 -40.03 -86.33
N ASN O 384 58.64 -41.08 -87.11
CA ASN O 384 59.79 -41.20 -87.98
C ASN O 384 59.37 -41.68 -89.35
N ASN O 385 60.16 -41.28 -90.34
CA ASN O 385 60.07 -41.79 -91.71
C ASN O 385 61.48 -42.29 -92.03
N GLY O 386 61.72 -43.57 -91.78
CA GLY O 386 63.08 -44.05 -91.79
C GLY O 386 63.83 -43.48 -90.61
N SER O 387 65.00 -42.92 -90.86
CA SER O 387 65.76 -42.24 -89.82
C SER O 387 65.42 -40.76 -89.71
N GLN O 388 64.52 -40.26 -90.55
CA GLN O 388 64.17 -38.85 -90.57
C GLN O 388 62.94 -38.59 -89.71
N ALA O 389 62.88 -37.39 -89.16
CA ALA O 389 61.67 -36.94 -88.50
C ALA O 389 60.70 -36.38 -89.53
N VAL O 390 59.44 -36.30 -89.14
CA VAL O 390 58.42 -35.64 -89.93
C VAL O 390 58.01 -34.37 -89.20
N GLY O 391 57.20 -33.55 -89.88
CA GLY O 391 56.75 -32.32 -89.26
C GLY O 391 55.94 -32.52 -88.00
N ARG O 392 55.31 -33.69 -87.85
CA ARG O 392 54.53 -33.98 -86.66
C ARG O 392 55.39 -34.52 -85.53
N SER O 393 56.68 -34.77 -85.76
CA SER O 393 57.55 -35.25 -84.70
C SER O 393 57.66 -34.21 -83.59
N SER O 394 57.55 -34.67 -82.36
CA SER O 394 57.57 -33.80 -81.19
C SER O 394 58.91 -33.89 -80.50
N PHE O 395 59.48 -32.74 -80.16
CA PHE O 395 60.66 -32.65 -79.32
C PHE O 395 60.24 -32.13 -77.95
N TYR O 396 60.67 -32.81 -76.90
CA TYR O 396 60.34 -32.43 -75.54
C TYR O 396 61.61 -32.09 -74.79
N CYS O 397 61.65 -30.90 -74.20
CA CYS O 397 62.69 -30.51 -73.27
C CYS O 397 62.17 -30.75 -71.87
N LEU O 398 62.82 -31.64 -71.12
CA LEU O 398 62.35 -31.93 -69.78
C LEU O 398 62.70 -30.81 -68.81
N GLU O 399 63.65 -29.95 -69.15
CA GLU O 399 63.87 -28.74 -68.36
C GLU O 399 62.74 -27.76 -68.49
N TYR O 400 61.89 -27.91 -69.51
CA TYR O 400 60.72 -27.07 -69.69
C TYR O 400 59.60 -27.44 -68.72
N PHE O 401 59.86 -28.29 -67.75
CA PHE O 401 58.91 -28.64 -66.72
C PHE O 401 59.35 -28.06 -65.39
N PRO O 402 58.41 -27.75 -64.50
CA PRO O 402 58.79 -27.39 -63.13
C PRO O 402 59.36 -28.61 -62.42
N SER O 403 60.57 -28.46 -61.90
CA SER O 403 61.24 -29.53 -61.18
C SER O 403 61.63 -29.05 -59.80
N GLN O 404 61.51 -29.92 -58.82
CA GLN O 404 62.06 -29.64 -57.50
C GLN O 404 63.56 -29.90 -57.54
N MET O 405 64.34 -28.92 -57.10
CA MET O 405 65.78 -29.09 -56.99
C MET O 405 66.13 -29.44 -55.54
N LEU O 406 66.96 -30.45 -55.37
CA LEU O 406 67.22 -31.03 -54.06
C LEU O 406 68.71 -30.99 -53.80
N ARG O 407 69.10 -30.39 -52.69
CA ARG O 407 70.45 -30.56 -52.19
C ARG O 407 70.48 -31.77 -51.27
N THR O 408 71.65 -32.02 -50.66
CA THR O 408 71.83 -33.25 -49.90
C THR O 408 70.88 -33.34 -48.72
N GLY O 409 70.41 -32.22 -48.20
CA GLY O 409 69.48 -32.23 -47.09
C GLY O 409 68.02 -32.30 -47.47
N ASN O 410 67.70 -32.24 -48.75
CA ASN O 410 66.32 -32.21 -49.20
C ASN O 410 65.82 -33.61 -49.52
N ASN O 411 64.50 -33.76 -49.50
CA ASN O 411 63.86 -34.99 -49.92
C ASN O 411 62.68 -34.65 -50.83
N PHE O 412 62.30 -35.63 -51.64
CA PHE O 412 61.20 -35.50 -52.58
C PHE O 412 60.18 -36.59 -52.28
N GLN O 413 58.90 -36.24 -52.37
CA GLN O 413 57.88 -37.25 -52.19
C GLN O 413 56.61 -36.82 -52.90
N PHE O 414 55.85 -37.81 -53.34
CA PHE O 414 54.53 -37.57 -53.90
C PHE O 414 53.68 -38.81 -53.68
N THR O 415 52.37 -38.61 -53.70
CA THR O 415 51.42 -39.69 -53.58
C THR O 415 50.58 -39.76 -54.84
N TYR O 416 50.12 -40.96 -55.17
CA TYR O 416 49.33 -41.20 -56.35
C TYR O 416 48.24 -42.19 -56.02
N THR O 417 47.05 -41.97 -56.55
CA THR O 417 45.93 -42.87 -56.37
C THR O 417 45.63 -43.55 -57.69
N PHE O 418 45.61 -44.87 -57.68
CA PHE O 418 45.24 -45.62 -58.87
C PHE O 418 43.76 -45.43 -59.16
N GLU O 419 43.43 -45.35 -60.44
CA GLU O 419 42.04 -45.34 -60.84
C GLU O 419 41.40 -46.69 -60.54
N ASP O 420 40.07 -46.71 -60.56
CA ASP O 420 39.36 -47.97 -60.35
C ASP O 420 39.68 -48.92 -61.50
N VAL O 421 40.47 -49.93 -61.23
CA VAL O 421 40.90 -50.89 -62.25
C VAL O 421 40.30 -52.24 -61.84
N PRO O 422 39.98 -53.12 -62.78
CA PRO O 422 39.48 -54.43 -62.39
C PRO O 422 40.54 -55.23 -61.65
N PHE O 423 40.08 -56.09 -60.74
CA PHE O 423 40.99 -57.02 -60.07
C PHE O 423 41.63 -57.92 -61.11
N HIS O 424 42.94 -58.14 -60.97
CA HIS O 424 43.58 -59.15 -61.77
C HIS O 424 43.07 -60.53 -61.36
N SER O 425 42.79 -61.37 -62.35
CA SER O 425 42.27 -62.71 -62.08
C SER O 425 43.41 -63.57 -61.56
N SER O 426 43.54 -63.63 -60.24
CA SER O 426 44.55 -64.46 -59.60
C SER O 426 44.02 -65.86 -59.34
N TYR O 427 43.45 -66.46 -60.38
CA TYR O 427 42.80 -67.76 -60.27
C TYR O 427 42.79 -68.40 -61.64
N ALA O 428 42.70 -69.72 -61.66
CA ALA O 428 42.44 -70.47 -62.87
C ALA O 428 41.05 -71.09 -62.77
N HIS O 429 40.37 -71.17 -63.89
CA HIS O 429 39.03 -71.73 -63.89
C HIS O 429 39.08 -73.24 -63.71
N SER O 430 38.25 -73.74 -62.80
CA SER O 430 38.13 -75.17 -62.58
C SER O 430 37.08 -75.81 -63.48
N GLN O 431 36.50 -75.03 -64.38
CA GLN O 431 35.58 -75.53 -65.39
C GLN O 431 36.03 -75.04 -66.75
N SER O 432 35.75 -75.84 -67.77
CA SER O 432 36.01 -75.43 -69.14
C SER O 432 34.76 -74.81 -69.73
N LEU O 433 34.96 -73.91 -70.70
CA LEU O 433 33.82 -73.20 -71.28
C LEU O 433 32.88 -74.15 -72.02
N ASP O 434 33.40 -75.22 -72.60
CA ASP O 434 32.58 -76.20 -73.30
C ASP O 434 32.07 -77.29 -72.40
N ARG O 435 32.26 -77.18 -71.09
CA ARG O 435 31.84 -78.17 -70.12
C ARG O 435 31.10 -77.51 -68.96
N LEU O 436 30.24 -76.56 -69.27
CA LEU O 436 29.47 -75.85 -68.25
C LEU O 436 28.11 -76.48 -68.00
N MET O 437 27.78 -77.54 -68.71
CA MET O 437 26.46 -78.14 -68.65
C MET O 437 26.39 -79.28 -67.63
N ASN O 438 25.18 -79.62 -67.27
CA ASN O 438 24.92 -80.76 -66.40
C ASN O 438 25.21 -82.05 -67.17
N PRO O 439 26.14 -82.89 -66.70
CA PRO O 439 26.49 -84.10 -67.44
C PRO O 439 25.49 -85.25 -67.27
N LEU O 440 24.35 -85.03 -66.63
CA LEU O 440 23.38 -86.08 -66.42
C LEU O 440 22.09 -85.88 -67.19
N ILE O 441 21.82 -84.67 -67.67
CA ILE O 441 20.53 -84.31 -68.24
C ILE O 441 20.73 -83.99 -69.71
N ASP O 442 19.82 -84.47 -70.54
CA ASP O 442 19.82 -84.09 -71.94
C ASP O 442 19.35 -82.65 -72.10
N GLN O 443 19.72 -82.06 -73.22
CA GLN O 443 19.16 -80.77 -73.60
C GLN O 443 17.80 -80.95 -74.24
N TYR O 444 16.92 -79.97 -74.06
CA TYR O 444 15.68 -79.97 -74.80
C TYR O 444 15.85 -79.43 -76.22
N LEU O 445 16.98 -78.80 -76.49
CA LEU O 445 17.28 -78.34 -77.83
C LEU O 445 17.83 -79.47 -78.67
N TYR O 446 17.53 -79.43 -79.96
CA TYR O 446 18.01 -80.42 -80.91
C TYR O 446 19.12 -79.82 -81.77
N TYR O 447 19.98 -80.69 -82.27
CA TYR O 447 20.98 -80.30 -83.25
C TYR O 447 20.86 -81.24 -84.45
N LEU O 448 21.26 -80.74 -85.61
CA LEU O 448 21.30 -81.58 -86.80
C LEU O 448 22.35 -82.65 -86.61
N SER O 449 21.91 -83.90 -86.44
CA SER O 449 22.83 -84.99 -86.14
C SER O 449 23.22 -85.81 -87.35
N ARG O 450 22.36 -85.89 -88.37
CA ARG O 450 22.72 -86.60 -89.58
C ARG O 450 22.07 -85.93 -90.78
N THR O 451 22.78 -85.95 -91.90
CA THR O 451 22.26 -85.45 -93.16
C THR O 451 22.11 -86.55 -94.20
N GLN O 452 22.44 -87.79 -93.86
CA GLN O 452 22.40 -88.91 -94.78
C GLN O 452 21.88 -90.14 -94.06
N THR O 453 21.04 -90.92 -94.74
CA THR O 453 20.46 -92.12 -94.14
C THR O 453 21.52 -93.18 -93.87
N ASN O 459 22.94 -94.80 -99.62
CA ASN O 459 22.27 -93.90 -98.69
C ASN O 459 21.86 -92.61 -99.38
N THR O 460 20.79 -92.01 -98.90
CA THR O 460 20.20 -90.82 -99.50
C THR O 460 20.21 -89.67 -98.49
N GLN O 461 19.90 -88.48 -98.98
CA GLN O 461 19.83 -87.32 -98.11
C GLN O 461 18.66 -87.44 -97.14
N THR O 462 18.86 -86.93 -95.94
CA THR O 462 17.84 -86.89 -94.91
C THR O 462 18.20 -85.79 -93.93
N LEU O 463 17.31 -85.55 -92.97
CA LEU O 463 17.56 -84.61 -91.88
C LEU O 463 17.22 -85.33 -90.58
N GLY O 464 18.24 -85.74 -89.85
CA GLY O 464 18.07 -86.35 -88.55
C GLY O 464 18.53 -85.38 -87.46
N PHE O 465 17.72 -85.26 -86.43
CA PHE O 465 17.98 -84.33 -85.34
C PHE O 465 18.03 -85.11 -84.04
N SER O 466 19.02 -84.79 -83.20
CA SER O 466 19.20 -85.44 -81.92
C SER O 466 19.29 -84.38 -80.83
N GLN O 467 18.98 -84.78 -79.62
CA GLN O 467 19.13 -83.90 -78.47
C GLN O 467 20.53 -84.06 -77.90
N GLY O 468 21.21 -82.93 -77.69
CA GLY O 468 22.50 -82.94 -77.04
C GLY O 468 22.40 -83.52 -75.64
N GLY O 469 23.30 -84.42 -75.30
CA GLY O 469 23.26 -85.07 -74.02
C GLY O 469 24.64 -85.30 -73.45
N PRO O 470 24.72 -86.13 -72.41
CA PRO O 470 26.02 -86.38 -71.77
C PRO O 470 27.06 -86.96 -72.71
N ASN O 471 26.66 -87.69 -73.73
CA ASN O 471 27.61 -88.32 -74.63
C ASN O 471 27.95 -87.46 -75.84
N THR O 472 26.97 -86.72 -76.36
CA THR O 472 27.21 -85.81 -77.47
C THR O 472 27.44 -84.39 -76.96
N MET O 473 28.45 -84.27 -76.09
CA MET O 473 28.67 -83.02 -75.40
C MET O 473 29.27 -81.96 -76.31
N ALA O 474 29.99 -82.38 -77.35
CA ALA O 474 30.50 -81.44 -78.33
C ALA O 474 29.39 -80.84 -79.19
N ASN O 475 28.25 -81.52 -79.31
CA ASN O 475 27.16 -81.05 -80.14
C ASN O 475 26.16 -80.19 -79.38
N GLN O 476 26.27 -80.10 -78.06
CA GLN O 476 25.27 -79.40 -77.27
C GLN O 476 25.24 -77.92 -77.60
N ALA O 477 24.04 -77.35 -77.55
CA ALA O 477 23.90 -75.91 -77.65
C ALA O 477 24.57 -75.25 -76.45
N LYS O 478 25.30 -74.17 -76.73
CA LYS O 478 26.07 -73.49 -75.70
C LYS O 478 25.86 -71.99 -75.82
N ASN O 479 26.06 -71.29 -74.70
CA ASN O 479 25.80 -69.87 -74.64
C ASN O 479 27.00 -69.01 -74.93
N TRP O 480 28.21 -69.56 -74.91
CA TRP O 480 29.41 -68.73 -74.92
C TRP O 480 30.43 -69.31 -75.88
N LEU O 481 31.35 -68.45 -76.31
CA LEU O 481 32.42 -68.80 -77.21
C LEU O 481 33.76 -68.50 -76.57
N PRO O 482 34.80 -69.24 -76.93
CA PRO O 482 36.14 -68.94 -76.41
C PRO O 482 36.61 -67.58 -76.91
N GLY O 483 37.51 -66.98 -76.15
CA GLY O 483 38.05 -65.68 -76.45
C GLY O 483 38.69 -65.60 -77.82
N PRO O 484 39.08 -64.40 -78.21
CA PRO O 484 39.59 -64.20 -79.57
C PRO O 484 40.95 -64.85 -79.77
N CYS O 485 41.27 -65.10 -81.03
CA CYS O 485 42.47 -65.84 -81.42
C CYS O 485 43.27 -65.04 -82.44
N TYR O 486 44.58 -65.07 -82.29
CA TYR O 486 45.52 -64.51 -83.27
C TYR O 486 46.68 -65.52 -83.36
N ARG O 487 46.53 -66.50 -84.24
CA ARG O 487 47.31 -67.72 -84.14
C ARG O 487 48.80 -67.47 -84.25
N GLN O 488 49.55 -68.12 -83.36
CA GLN O 488 51.00 -68.06 -83.33
C GLN O 488 51.59 -69.39 -83.78
N GLN O 489 52.80 -69.32 -84.32
CA GLN O 489 53.50 -70.54 -84.70
C GLN O 489 53.93 -71.30 -83.45
N ARG O 490 53.86 -72.64 -83.54
CA ARG O 490 54.20 -73.49 -82.43
C ARG O 490 55.68 -73.84 -82.47
N VAL O 491 56.35 -73.69 -81.33
CA VAL O 491 57.76 -74.03 -81.20
C VAL O 491 57.88 -75.03 -80.06
N SER O 492 58.66 -76.08 -80.28
CA SER O 492 58.90 -77.11 -79.28
C SER O 492 60.19 -76.81 -78.55
N THR O 493 60.17 -76.92 -77.23
CA THR O 493 61.40 -76.83 -76.45
C THR O 493 62.32 -78.01 -76.73
N THR O 494 61.79 -79.12 -77.22
CA THR O 494 62.58 -80.21 -77.78
C THR O 494 62.94 -79.82 -79.19
N THR O 495 64.16 -79.30 -79.38
CA THR O 495 64.51 -78.66 -80.64
C THR O 495 64.44 -79.62 -81.83
N GLY O 496 64.67 -80.91 -81.60
CA GLY O 496 64.59 -81.87 -82.67
C GLY O 496 63.22 -81.97 -83.31
N GLN O 497 62.17 -81.57 -82.59
CA GLN O 497 60.83 -81.57 -83.13
C GLN O 497 60.52 -80.31 -83.94
N ASN O 498 61.41 -79.33 -83.96
CA ASN O 498 61.19 -78.10 -84.70
C ASN O 498 61.71 -78.23 -86.13
N ASN O 499 61.17 -77.42 -87.01
CA ASN O 499 61.66 -77.35 -88.38
C ASN O 499 63.09 -76.84 -88.39
N ASN O 500 63.92 -77.45 -89.23
CA ASN O 500 65.33 -77.06 -89.33
C ASN O 500 65.44 -75.83 -90.23
N SER O 501 65.03 -74.70 -89.67
CA SER O 501 65.12 -73.42 -90.34
C SER O 501 65.07 -72.33 -89.28
N ASN O 502 65.48 -71.12 -89.68
CA ASN O 502 65.45 -69.96 -88.81
C ASN O 502 64.15 -69.22 -89.10
N PHE O 503 63.10 -69.53 -88.34
CA PHE O 503 61.77 -69.01 -88.60
C PHE O 503 61.24 -68.16 -87.46
N ALA O 504 62.09 -67.72 -86.53
CA ALA O 504 61.61 -66.91 -85.42
C ALA O 504 60.96 -65.63 -85.90
N TRP O 505 61.55 -64.98 -86.91
CA TRP O 505 60.99 -63.78 -87.49
C TRP O 505 60.11 -64.05 -88.70
N THR O 506 60.57 -64.90 -89.62
CA THR O 506 59.82 -65.14 -90.85
C THR O 506 58.47 -65.77 -90.56
N ALA O 507 58.42 -66.72 -89.63
CA ALA O 507 57.16 -67.33 -89.22
C ALA O 507 56.56 -66.65 -88.01
N GLY O 508 57.15 -65.56 -87.55
CA GLY O 508 56.61 -64.87 -86.40
C GLY O 508 55.24 -64.29 -86.67
N THR O 509 54.42 -64.26 -85.62
CA THR O 509 53.09 -63.68 -85.71
C THR O 509 53.21 -62.18 -85.51
N LYS O 510 52.81 -61.41 -86.52
CA LYS O 510 53.14 -59.99 -86.58
C LYS O 510 51.89 -59.18 -86.84
N TYR O 511 51.97 -57.91 -86.50
CA TYR O 511 51.03 -56.91 -86.97
C TYR O 511 51.75 -55.91 -87.86
N HIS O 512 50.98 -55.26 -88.72
CA HIS O 512 51.51 -54.34 -89.71
C HIS O 512 51.01 -52.95 -89.39
N LEU O 513 51.93 -52.00 -89.24
CA LEU O 513 51.57 -50.63 -88.88
C LEU O 513 52.46 -49.68 -89.66
N ASN O 514 51.85 -48.88 -90.53
CA ASN O 514 52.56 -47.87 -91.32
C ASN O 514 53.74 -48.48 -92.07
N GLY O 515 53.46 -49.59 -92.75
CA GLY O 515 54.50 -50.26 -93.51
C GLY O 515 55.59 -50.90 -92.68
N ARG O 516 55.42 -50.99 -91.37
CA ARG O 516 56.41 -51.57 -90.48
C ARG O 516 55.82 -52.82 -89.86
N ASN O 517 56.60 -53.89 -89.86
CA ASN O 517 56.18 -55.15 -89.26
C ASN O 517 56.76 -55.26 -87.86
N SER O 518 55.89 -55.55 -86.90
CA SER O 518 56.29 -55.75 -85.52
C SER O 518 55.66 -57.04 -85.04
N LEU O 519 56.42 -57.80 -84.24
CA LEU O 519 55.88 -59.02 -83.66
C LEU O 519 54.68 -58.69 -82.77
N ALA O 520 53.64 -59.51 -82.88
CA ALA O 520 52.52 -59.47 -81.94
C ALA O 520 52.98 -60.22 -80.69
N ASN O 521 53.82 -59.56 -79.91
CA ASN O 521 54.58 -60.19 -78.85
C ASN O 521 54.27 -59.50 -77.53
N PRO O 522 53.67 -60.19 -76.54
CA PRO O 522 53.27 -61.59 -76.65
C PRO O 522 51.91 -61.77 -77.30
N GLY O 523 51.30 -60.68 -77.76
CA GLY O 523 50.01 -60.76 -78.38
C GLY O 523 48.89 -60.94 -77.38
N ILE O 524 47.71 -61.27 -77.90
CA ILE O 524 46.53 -61.43 -77.07
C ILE O 524 46.68 -62.66 -76.18
N ALA O 525 45.98 -62.63 -75.05
CA ALA O 525 46.06 -63.71 -74.07
C ALA O 525 45.45 -64.97 -74.65
N MET O 526 46.29 -65.94 -74.96
CA MET O 526 45.85 -67.26 -75.39
C MET O 526 46.60 -68.31 -74.60
N ALA O 527 45.98 -69.48 -74.46
CA ALA O 527 46.63 -70.58 -73.76
C ALA O 527 47.90 -70.97 -74.48
N THR O 528 48.98 -71.14 -73.70
CA THR O 528 50.28 -71.43 -74.28
C THR O 528 50.26 -72.75 -75.04
N HIS O 529 49.58 -73.75 -74.51
CA HIS O 529 49.52 -75.07 -75.11
C HIS O 529 48.27 -75.75 -74.59
N LYS O 530 47.91 -76.85 -75.24
CA LYS O 530 46.78 -77.65 -74.79
C LYS O 530 47.29 -78.72 -73.83
N ASP O 531 46.40 -79.66 -73.48
CA ASP O 531 46.75 -80.70 -72.52
C ASP O 531 47.92 -81.55 -73.01
N ASP O 532 48.86 -81.83 -72.10
CA ASP O 532 49.98 -82.73 -72.35
C ASP O 532 50.90 -82.22 -73.46
N GLU O 533 51.00 -80.92 -73.63
CA GLU O 533 51.87 -80.32 -74.64
C GLU O 533 52.68 -79.19 -74.05
N GLU O 534 53.20 -79.39 -72.84
CA GLU O 534 53.95 -78.35 -72.15
C GLU O 534 55.20 -77.94 -72.91
N ARG O 535 55.76 -78.85 -73.71
CA ARG O 535 56.96 -78.56 -74.48
C ARG O 535 56.72 -77.55 -75.59
N PHE O 536 55.47 -77.28 -75.95
CA PHE O 536 55.14 -76.36 -77.03
C PHE O 536 54.82 -74.99 -76.48
N PHE O 537 55.27 -73.96 -77.18
CA PHE O 537 54.92 -72.59 -76.84
C PHE O 537 54.77 -71.79 -78.13
N PRO O 538 53.92 -70.77 -78.11
CA PRO O 538 53.85 -69.86 -79.26
C PRO O 538 55.17 -69.13 -79.42
N SER O 539 55.57 -68.93 -80.69
CA SER O 539 56.92 -68.44 -80.97
C SER O 539 57.16 -67.07 -80.35
N ASN O 540 56.18 -66.17 -80.42
CA ASN O 540 56.26 -64.88 -79.75
C ASN O 540 54.96 -64.59 -79.01
N GLY O 541 54.47 -65.57 -78.28
CA GLY O 541 53.19 -65.45 -77.62
C GLY O 541 53.22 -65.64 -76.12
N ILE O 542 54.41 -65.65 -75.53
CA ILE O 542 54.56 -65.79 -74.09
C ILE O 542 55.61 -64.80 -73.59
N LEU O 543 55.50 -64.48 -72.32
CA LEU O 543 56.56 -63.73 -71.66
C LEU O 543 57.73 -64.66 -71.37
N ILE O 544 58.92 -64.24 -71.74
CA ILE O 544 60.13 -65.01 -71.51
C ILE O 544 61.05 -64.17 -70.64
N PHE O 545 61.29 -64.64 -69.42
CA PHE O 545 62.22 -63.98 -68.52
C PHE O 545 63.57 -64.68 -68.57
N GLY O 546 64.62 -63.89 -68.39
CA GLY O 546 65.96 -64.44 -68.36
C GLY O 546 66.34 -64.86 -66.96
N LYS O 547 67.05 -65.98 -66.86
CA LYS O 547 67.66 -66.34 -65.60
C LYS O 547 68.80 -65.37 -65.29
N GLN O 548 69.27 -65.41 -64.05
CA GLN O 548 70.35 -64.52 -63.66
C GLN O 548 71.57 -64.78 -64.54
N ASN O 549 72.20 -63.70 -65.00
CA ASN O 549 73.37 -63.74 -65.86
C ASN O 549 73.08 -64.36 -67.22
N ALA O 550 71.83 -64.32 -67.67
CA ALA O 550 71.51 -64.73 -69.03
C ALA O 550 72.04 -63.71 -70.02
N ALA O 551 72.53 -64.18 -71.15
CA ALA O 551 73.07 -63.30 -72.17
C ALA O 551 71.97 -62.41 -72.74
N ARG O 552 72.35 -61.18 -73.10
CA ARG O 552 71.41 -60.28 -73.74
C ARG O 552 70.95 -60.81 -75.09
N ASP O 553 71.87 -61.35 -75.88
CA ASP O 553 71.57 -61.85 -77.22
C ASP O 553 71.84 -63.34 -77.29
N ASN O 554 70.93 -64.08 -77.91
CA ASN O 554 71.08 -65.50 -78.18
C ASN O 554 71.36 -66.29 -76.90
N ALA O 555 70.57 -66.01 -75.87
CA ALA O 555 70.60 -66.84 -74.68
C ALA O 555 70.00 -68.20 -74.99
N ASP O 556 70.61 -69.25 -74.47
CA ASP O 556 70.10 -70.59 -74.69
C ASP O 556 68.80 -70.79 -73.92
N TYR O 557 68.06 -71.83 -74.31
CA TYR O 557 66.79 -72.11 -73.64
C TYR O 557 67.00 -72.38 -72.15
N SER O 558 68.16 -72.92 -71.78
CA SER O 558 68.44 -73.16 -70.36
C SER O 558 68.69 -71.87 -69.59
N ASP O 559 68.97 -70.77 -70.29
CA ASP O 559 69.22 -69.49 -69.64
C ASP O 559 67.99 -68.62 -69.53
N VAL O 560 66.84 -69.06 -70.04
CA VAL O 560 65.63 -68.25 -70.01
C VAL O 560 64.55 -69.03 -69.28
N MET O 561 63.52 -68.30 -68.87
CA MET O 561 62.40 -68.85 -68.11
C MET O 561 61.13 -68.60 -68.91
N LEU O 562 60.61 -69.63 -69.55
CA LEU O 562 59.38 -69.50 -70.31
C LEU O 562 58.18 -69.49 -69.37
N THR O 563 57.31 -68.52 -69.54
CA THR O 563 56.05 -68.56 -68.84
C THR O 563 55.05 -69.43 -69.60
N SER O 564 53.98 -69.80 -68.92
CA SER O 564 52.93 -70.61 -69.53
C SER O 564 51.58 -70.07 -69.11
N GLU O 565 50.72 -69.80 -70.10
CA GLU O 565 49.34 -69.39 -69.84
C GLU O 565 48.38 -70.56 -70.00
N GLU O 566 48.79 -71.76 -69.61
CA GLU O 566 47.93 -72.93 -69.76
C GLU O 566 46.70 -72.86 -68.86
N GLU O 567 46.72 -72.03 -67.83
CA GLU O 567 45.57 -71.92 -66.94
C GLU O 567 44.34 -71.39 -67.66
N ILE O 568 44.52 -70.66 -68.75
CA ILE O 568 43.40 -70.08 -69.48
C ILE O 568 42.95 -70.96 -70.64
N LYS O 569 43.39 -72.22 -70.68
CA LYS O 569 42.87 -73.19 -71.64
C LYS O 569 41.36 -73.29 -71.55
N THR O 570 40.82 -73.10 -70.34
CA THR O 570 39.39 -73.31 -70.11
C THR O 570 38.54 -72.29 -70.85
N THR O 571 39.08 -71.14 -71.13
CA THR O 571 38.31 -70.06 -71.75
C THR O 571 38.97 -69.51 -73.00
N ASN O 572 40.29 -69.44 -73.03
CA ASN O 572 40.97 -68.87 -74.19
C ASN O 572 41.44 -69.99 -75.12
N PRO O 573 41.38 -69.78 -76.43
CA PRO O 573 41.91 -70.77 -77.36
C PRO O 573 43.41 -70.89 -77.22
N VAL O 574 43.91 -72.08 -77.57
CA VAL O 574 45.36 -72.31 -77.53
C VAL O 574 46.03 -71.43 -78.57
N ALA O 575 47.14 -70.81 -78.17
CA ALA O 575 47.79 -69.80 -79.00
C ALA O 575 48.25 -70.36 -80.34
N THR O 576 48.59 -71.64 -80.39
CA THR O 576 49.15 -72.24 -81.58
C THR O 576 48.12 -73.04 -82.37
N GLU O 577 46.87 -72.99 -81.98
CA GLU O 577 45.81 -73.72 -82.67
C GLU O 577 44.84 -72.74 -83.31
N GLU O 578 44.07 -73.24 -84.26
CA GLU O 578 43.03 -72.43 -84.87
C GLU O 578 41.90 -72.16 -83.89
N TYR O 579 41.23 -71.03 -84.10
CA TYR O 579 40.08 -70.72 -83.26
C TYR O 579 38.96 -71.73 -83.46
N GLY O 580 38.70 -72.09 -84.71
CA GLY O 580 37.59 -72.98 -84.99
C GLY O 580 37.45 -73.18 -86.48
N ILE O 581 36.27 -73.64 -86.87
CA ILE O 581 35.98 -74.01 -88.25
C ILE O 581 34.73 -73.26 -88.68
N VAL O 582 34.77 -72.66 -89.86
CA VAL O 582 33.60 -72.03 -90.45
C VAL O 582 33.37 -72.61 -91.84
N ALA O 583 32.14 -72.47 -92.32
CA ALA O 583 31.82 -72.87 -93.68
C ALA O 583 32.49 -71.95 -94.68
N ASP O 584 32.99 -72.52 -95.76
CA ASP O 584 33.64 -71.75 -96.80
C ASP O 584 32.83 -71.65 -98.08
N ASN O 585 31.70 -72.34 -98.18
CA ASN O 585 30.90 -72.34 -99.40
C ASN O 585 29.46 -72.66 -99.03
N LEU O 586 28.64 -72.84 -100.06
CA LEU O 586 27.25 -73.28 -99.90
C LEU O 586 27.15 -74.67 -100.50
N GLN O 587 26.96 -75.67 -99.65
CA GLN O 587 26.84 -77.04 -100.14
C GLN O 587 25.54 -77.20 -100.91
N GLN O 588 25.61 -77.97 -102.00
CA GLN O 588 24.46 -78.37 -102.78
C GLN O 588 24.57 -79.87 -103.04
N GLN O 589 23.58 -80.41 -103.75
CA GLN O 589 23.64 -81.83 -104.09
C GLN O 589 24.83 -82.15 -104.99
N ASN O 590 25.41 -81.14 -105.65
CA ASN O 590 26.56 -81.35 -106.51
C ASN O 590 27.87 -80.81 -105.93
N THR O 591 27.82 -79.96 -104.90
CA THR O 591 29.01 -79.41 -104.29
C THR O 591 29.08 -79.82 -102.83
N ALA O 592 30.12 -80.57 -102.47
CA ALA O 592 30.31 -80.97 -101.10
C ALA O 592 30.63 -79.76 -100.23
N PRO O 593 30.19 -79.74 -98.98
CA PRO O 593 30.49 -78.62 -98.10
C PRO O 593 31.99 -78.49 -97.87
N GLN O 594 32.46 -77.25 -97.85
CA GLN O 594 33.85 -76.94 -97.60
C GLN O 594 33.97 -76.15 -96.31
N ILE O 595 35.05 -76.39 -95.57
CA ILE O 595 35.25 -75.74 -94.29
C ILE O 595 36.50 -74.88 -94.35
N GLY O 596 36.45 -73.77 -93.64
CA GLY O 596 37.58 -72.86 -93.52
C GLY O 596 38.11 -72.88 -92.09
N THR O 597 39.43 -72.89 -91.97
CA THR O 597 40.09 -72.88 -90.67
C THR O 597 40.30 -71.44 -90.23
N VAL O 598 39.73 -71.07 -89.08
CA VAL O 598 39.83 -69.72 -88.57
C VAL O 598 41.10 -69.61 -87.74
N ASN O 599 42.12 -68.98 -88.31
CA ASN O 599 43.38 -68.76 -87.63
C ASN O 599 43.47 -67.40 -86.95
N SER O 600 42.49 -66.53 -87.18
CA SER O 600 42.45 -65.23 -86.53
C SER O 600 40.98 -64.88 -86.36
N GLN O 601 40.56 -64.68 -85.11
CA GLN O 601 39.17 -64.40 -84.80
C GLN O 601 39.10 -63.19 -83.90
N GLY O 602 38.48 -62.12 -84.39
CA GLY O 602 38.19 -60.96 -83.58
C GLY O 602 37.01 -61.21 -82.67
N ALA O 603 36.64 -60.16 -81.94
CA ALA O 603 35.60 -60.28 -80.93
C ALA O 603 34.28 -60.68 -81.56
N LEU O 604 33.65 -61.70 -80.98
CA LEU O 604 32.31 -62.12 -81.33
C LEU O 604 31.41 -62.01 -80.10
N PRO O 605 30.12 -61.73 -80.29
CA PRO O 605 29.21 -61.69 -79.15
C PRO O 605 29.15 -63.05 -78.47
N GLY O 606 29.05 -63.02 -77.15
CA GLY O 606 29.09 -64.23 -76.36
C GLY O 606 30.47 -64.76 -76.09
N MET O 607 31.51 -64.08 -76.56
CA MET O 607 32.87 -64.54 -76.33
C MET O 607 33.33 -64.11 -74.94
N VAL O 608 34.02 -65.01 -74.25
CA VAL O 608 34.61 -64.72 -72.95
C VAL O 608 36.06 -65.16 -72.99
N TRP O 609 36.90 -64.47 -72.21
CA TRP O 609 38.32 -64.78 -72.20
C TRP O 609 38.93 -64.31 -70.90
N GLN O 610 40.12 -64.81 -70.62
CA GLN O 610 40.94 -64.37 -69.50
C GLN O 610 42.11 -63.55 -70.04
N ASN O 611 42.57 -62.62 -69.21
CA ASN O 611 43.77 -61.88 -69.55
C ASN O 611 45.01 -62.73 -69.29
N ARG O 612 46.14 -62.25 -69.77
CA ARG O 612 47.41 -62.88 -69.46
C ARG O 612 47.69 -62.76 -67.96
N ASP O 613 48.32 -63.80 -67.42
CA ASP O 613 48.70 -63.78 -66.02
C ASP O 613 49.77 -62.73 -65.77
N VAL O 614 49.81 -62.23 -64.54
CA VAL O 614 50.92 -61.40 -64.11
C VAL O 614 51.92 -62.29 -63.39
N TYR O 615 53.16 -61.82 -63.32
CA TYR O 615 54.24 -62.59 -62.75
C TYR O 615 55.01 -61.72 -61.75
N LEU O 616 55.66 -62.39 -60.81
CA LEU O 616 56.48 -61.68 -59.84
C LEU O 616 57.54 -60.84 -60.53
N GLN O 617 58.12 -61.36 -61.60
CA GLN O 617 59.09 -60.62 -62.40
C GLN O 617 58.47 -59.76 -63.47
N GLY O 618 57.16 -59.85 -63.68
CA GLY O 618 56.52 -59.20 -64.80
C GLY O 618 56.10 -57.78 -64.51
N PRO O 619 55.60 -57.09 -65.53
CA PRO O 619 55.12 -55.71 -65.34
C PRO O 619 53.83 -55.66 -64.55
N ILE O 620 53.60 -54.51 -63.93
CA ILE O 620 52.40 -54.27 -63.14
C ILE O 620 51.34 -53.54 -63.93
N TRP O 621 51.71 -52.43 -64.56
CA TRP O 621 50.73 -51.59 -65.25
C TRP O 621 51.30 -51.14 -66.58
N ALA O 622 50.40 -50.71 -67.46
CA ALA O 622 50.76 -50.00 -68.67
C ALA O 622 49.80 -48.84 -68.84
N LYS O 623 50.28 -47.78 -69.49
CA LYS O 623 49.42 -46.67 -69.83
C LYS O 623 48.57 -47.06 -71.02
N ILE O 624 47.25 -46.93 -70.88
CA ILE O 624 46.37 -47.11 -72.02
C ILE O 624 46.61 -45.95 -72.96
N PRO O 625 46.95 -46.19 -74.23
CA PRO O 625 47.18 -45.08 -75.15
C PRO O 625 45.93 -44.21 -75.26
N HIS O 626 46.16 -42.91 -75.35
CA HIS O 626 45.05 -41.95 -75.47
C HIS O 626 44.55 -42.00 -76.90
N THR O 627 43.51 -42.80 -77.14
CA THR O 627 42.95 -42.98 -78.47
C THR O 627 41.43 -42.84 -78.39
N ASP O 628 40.81 -42.69 -79.56
CA ASP O 628 39.36 -42.63 -79.64
C ASP O 628 38.73 -43.93 -79.17
N GLY O 629 39.29 -45.06 -79.58
CA GLY O 629 38.72 -46.34 -79.26
C GLY O 629 39.79 -47.33 -78.84
N ASN O 630 39.41 -48.19 -77.90
CA ASN O 630 40.20 -49.35 -77.56
C ASN O 630 39.24 -50.49 -77.27
N PHE O 631 39.72 -51.70 -77.40
CA PHE O 631 38.94 -52.88 -77.06
C PHE O 631 39.65 -53.64 -75.96
N HIS O 632 38.97 -53.79 -74.82
CA HIS O 632 39.49 -54.46 -73.65
C HIS O 632 40.91 -53.98 -73.35
N PRO O 633 41.06 -52.74 -72.88
CA PRO O 633 42.41 -52.17 -72.76
C PRO O 633 43.21 -52.76 -71.62
N SER O 634 43.35 -54.05 -71.62
CA SER O 634 44.26 -54.73 -70.69
C SER O 634 45.60 -54.94 -71.39
N PRO O 635 46.70 -54.51 -70.77
CA PRO O 635 48.00 -54.59 -71.44
C PRO O 635 48.33 -56.03 -71.82
N LEU O 636 48.92 -56.19 -73.00
CA LEU O 636 49.09 -57.54 -73.54
C LEU O 636 50.19 -58.31 -72.82
N MET O 637 51.25 -57.65 -72.36
CA MET O 637 52.22 -58.36 -71.55
C MET O 637 51.76 -58.53 -70.10
N GLY O 638 50.49 -58.26 -69.83
CA GLY O 638 49.92 -58.51 -68.53
C GLY O 638 49.93 -57.28 -67.64
N GLY O 639 49.03 -57.27 -66.69
CA GLY O 639 48.96 -56.20 -65.72
C GLY O 639 47.71 -55.37 -65.85
N PHE O 640 47.78 -54.18 -65.30
CA PHE O 640 46.63 -53.29 -65.20
C PHE O 640 46.76 -52.17 -66.22
N GLY O 641 45.75 -52.03 -67.06
CA GLY O 641 45.71 -50.92 -68.00
C GLY O 641 45.15 -49.69 -67.32
N LEU O 642 45.91 -48.60 -67.32
CA LEU O 642 45.52 -47.38 -66.64
C LEU O 642 45.50 -46.23 -67.62
N LYS O 643 44.40 -45.48 -67.64
CA LYS O 643 44.38 -44.24 -68.40
C LYS O 643 45.36 -43.24 -67.83
N HIS O 644 45.46 -43.18 -66.50
CA HIS O 644 46.36 -42.28 -65.79
C HIS O 644 47.24 -43.14 -64.88
N PRO O 645 48.29 -43.73 -65.42
CA PRO O 645 49.14 -44.62 -64.63
C PRO O 645 49.97 -43.83 -63.64
N PRO O 646 50.73 -44.50 -62.77
CA PRO O 646 51.69 -43.78 -61.95
C PRO O 646 52.58 -42.91 -62.80
N PRO O 647 52.72 -41.63 -62.47
CA PRO O 647 53.45 -40.71 -63.35
C PRO O 647 54.92 -41.07 -63.42
N GLN O 648 55.51 -40.76 -64.56
CA GLN O 648 56.96 -40.90 -64.70
C GLN O 648 57.65 -39.95 -63.74
N ILE O 649 58.66 -40.45 -63.04
CA ILE O 649 59.44 -39.66 -62.11
C ILE O 649 60.80 -39.45 -62.75
N LEU O 650 61.05 -38.23 -63.19
CA LEU O 650 62.27 -37.89 -63.92
C LEU O 650 63.26 -37.27 -62.94
N ILE O 651 64.51 -37.70 -63.02
CA ILE O 651 65.56 -37.25 -62.12
C ILE O 651 66.80 -36.93 -62.94
N LYS O 652 67.49 -35.87 -62.57
CA LYS O 652 68.68 -35.45 -63.28
C LYS O 652 69.62 -34.76 -62.32
N ASN O 653 70.92 -35.01 -62.49
CA ASN O 653 71.93 -34.20 -61.81
C ASN O 653 71.98 -32.84 -62.46
N THR O 654 71.81 -31.80 -61.66
CA THR O 654 71.90 -30.45 -62.19
C THR O 654 73.32 -30.20 -62.68
N PRO O 655 73.52 -29.75 -63.91
CA PRO O 655 74.88 -29.52 -64.41
C PRO O 655 75.57 -28.47 -63.56
N VAL O 656 76.82 -28.76 -63.20
CA VAL O 656 77.66 -27.82 -62.48
C VAL O 656 78.83 -27.46 -63.39
N PRO O 657 78.85 -26.27 -63.96
CA PRO O 657 79.94 -25.91 -64.88
C PRO O 657 81.29 -25.94 -64.19
N ALA O 658 82.30 -26.34 -64.94
CA ALA O 658 83.67 -26.09 -64.53
C ALA O 658 83.96 -24.60 -64.66
N ASP O 659 85.18 -24.21 -64.36
CA ASP O 659 85.50 -22.79 -64.36
C ASP O 659 85.32 -22.20 -65.76
N PRO O 660 84.46 -21.22 -65.94
CA PRO O 660 84.30 -20.59 -67.25
C PRO O 660 85.49 -19.72 -67.57
N PRO O 661 85.68 -19.35 -68.84
CA PRO O 661 86.76 -18.42 -69.18
C PRO O 661 86.52 -17.06 -68.53
N THR O 662 87.60 -16.31 -68.36
CA THR O 662 87.50 -14.99 -67.75
C THR O 662 87.09 -13.91 -68.74
N THR O 663 86.97 -14.24 -70.01
CA THR O 663 86.41 -13.35 -71.01
C THR O 663 85.12 -13.96 -71.52
N PHE O 664 84.11 -13.12 -71.74
CA PHE O 664 82.79 -13.63 -72.07
C PHE O 664 82.78 -14.38 -73.39
N ASN O 665 82.12 -15.52 -73.38
CA ASN O 665 81.87 -16.31 -74.58
C ASN O 665 80.39 -16.66 -74.61
N GLN O 666 79.73 -16.34 -75.73
CA GLN O 666 78.30 -16.59 -75.85
C GLN O 666 77.97 -18.07 -75.98
N SER O 667 78.94 -18.89 -76.35
CA SER O 667 78.68 -20.31 -76.58
C SER O 667 78.24 -20.98 -75.29
N LYS O 668 77.35 -21.96 -75.42
CA LYS O 668 76.92 -22.73 -74.27
C LYS O 668 78.11 -23.44 -73.65
N LEU O 669 78.11 -23.52 -72.33
CA LEU O 669 79.20 -24.17 -71.63
C LEU O 669 79.15 -25.68 -71.85
N ASN O 670 80.30 -26.26 -72.19
CA ASN O 670 80.41 -27.69 -72.36
C ASN O 670 81.39 -28.32 -71.39
N SER O 671 82.04 -27.52 -70.55
CA SER O 671 82.96 -28.02 -69.54
C SER O 671 82.22 -28.09 -68.22
N PHE O 672 81.97 -29.31 -67.74
CA PHE O 672 81.20 -29.51 -66.53
C PHE O 672 81.99 -30.33 -65.54
N ILE O 673 81.72 -30.10 -64.26
CA ILE O 673 82.28 -30.91 -63.21
C ILE O 673 81.67 -32.30 -63.27
N THR O 674 82.52 -33.32 -63.34
CA THR O 674 82.03 -34.69 -63.40
C THR O 674 81.35 -35.04 -62.09
N GLN O 675 80.13 -35.57 -62.19
CA GLN O 675 79.26 -35.59 -61.04
C GLN O 675 78.28 -36.75 -61.17
N TYR O 676 77.94 -37.35 -60.03
CA TYR O 676 76.88 -38.33 -59.98
C TYR O 676 76.20 -38.20 -58.63
N SER O 677 74.97 -38.69 -58.54
CA SER O 677 74.23 -38.65 -57.30
C SER O 677 73.82 -40.04 -56.90
N THR O 678 73.67 -40.23 -55.59
CA THR O 678 73.14 -41.46 -55.03
C THR O 678 72.16 -41.09 -53.93
N GLY O 679 71.26 -42.01 -53.65
CA GLY O 679 70.29 -41.76 -52.60
C GLY O 679 69.44 -43.00 -52.40
N GLN O 680 68.40 -42.83 -51.61
CA GLN O 680 67.45 -43.89 -51.37
C GLN O 680 66.11 -43.52 -51.99
N VAL O 681 65.43 -44.52 -52.51
CA VAL O 681 64.10 -44.35 -53.08
C VAL O 681 63.16 -45.30 -52.36
N SER O 682 62.03 -44.79 -51.92
CA SER O 682 61.00 -45.59 -51.27
C SER O 682 59.73 -45.51 -52.10
N VAL O 683 59.15 -46.66 -52.40
CA VAL O 683 57.85 -46.73 -53.04
C VAL O 683 56.95 -47.61 -52.19
N GLU O 684 55.80 -47.09 -51.81
CA GLU O 684 54.81 -47.82 -51.03
C GLU O 684 53.55 -47.94 -51.86
N ILE O 685 53.11 -49.17 -52.10
CA ILE O 685 51.88 -49.42 -52.84
C ILE O 685 50.92 -50.16 -51.93
N GLU O 686 49.70 -49.66 -51.85
CA GLU O 686 48.62 -50.36 -51.18
C GLU O 686 47.82 -51.14 -52.22
N TRP O 687 47.69 -52.43 -52.00
CA TRP O 687 46.95 -53.31 -52.90
C TRP O 687 45.68 -53.77 -52.21
N GLU O 688 44.57 -53.76 -52.95
CA GLU O 688 43.34 -54.35 -52.49
C GLU O 688 43.28 -55.80 -52.91
N LEU O 689 42.82 -56.66 -52.01
CA LEU O 689 42.77 -58.09 -52.24
C LEU O 689 41.33 -58.56 -52.43
N GLN O 690 41.16 -59.51 -53.34
CA GLN O 690 39.90 -60.23 -53.47
C GLN O 690 40.08 -61.59 -52.80
N LYS O 691 39.51 -61.75 -51.62
CA LYS O 691 39.62 -63.01 -50.91
C LYS O 691 38.83 -64.10 -51.63
N GLU O 692 39.40 -65.30 -51.66
CA GLU O 692 38.71 -66.43 -52.26
C GLU O 692 37.60 -66.90 -51.34
N ASN O 693 36.40 -67.03 -51.88
CA ASN O 693 35.25 -67.55 -51.15
C ASN O 693 34.77 -68.79 -51.90
N SER O 694 35.40 -69.92 -51.60
CA SER O 694 35.25 -71.13 -52.40
C SER O 694 34.71 -72.27 -51.55
N LYS O 695 33.79 -73.03 -52.12
CA LYS O 695 33.24 -74.21 -51.48
C LYS O 695 33.86 -75.49 -52.01
N ARG O 696 34.98 -75.37 -52.72
CA ARG O 696 35.72 -76.54 -53.18
C ARG O 696 36.10 -77.42 -51.99
N TRP O 697 35.88 -78.72 -52.13
CA TRP O 697 36.14 -79.63 -51.03
C TRP O 697 37.60 -80.07 -51.00
N ASN O 698 38.13 -80.50 -52.14
CA ASN O 698 39.49 -81.00 -52.20
C ASN O 698 40.49 -79.86 -52.12
N PRO O 699 41.72 -80.14 -51.69
CA PRO O 699 42.72 -79.07 -51.57
C PRO O 699 43.05 -78.44 -52.91
N GLU O 700 43.37 -77.16 -52.88
CA GLU O 700 43.73 -76.41 -54.07
C GLU O 700 45.21 -76.63 -54.40
N ILE O 701 45.57 -76.24 -55.62
CA ILE O 701 46.96 -76.14 -56.00
C ILE O 701 47.53 -74.86 -55.39
N GLN O 702 48.69 -74.98 -54.76
CA GLN O 702 49.34 -73.84 -54.14
C GLN O 702 50.76 -73.75 -54.65
N TYR O 703 51.27 -72.53 -54.77
CA TYR O 703 52.69 -72.38 -55.03
C TYR O 703 53.46 -72.74 -53.77
N THR O 704 54.44 -73.62 -53.92
CA THR O 704 55.23 -74.07 -52.78
C THR O 704 56.68 -74.16 -53.21
N SER O 705 57.57 -73.93 -52.27
CA SER O 705 58.98 -74.23 -52.50
C SER O 705 59.18 -75.74 -52.47
N ASN O 706 60.19 -76.19 -53.19
CA ASN O 706 60.51 -77.62 -53.19
C ASN O 706 61.07 -78.03 -51.85
N TYR O 707 60.57 -79.16 -51.33
CA TYR O 707 61.01 -79.63 -50.03
C TYR O 707 62.40 -80.26 -50.08
N TYR O 708 62.78 -80.82 -51.22
CA TYR O 708 64.02 -81.58 -51.32
C TYR O 708 65.23 -80.66 -51.22
N LYS O 709 66.35 -81.22 -50.78
CA LYS O 709 67.56 -80.45 -50.55
C LYS O 709 68.13 -79.91 -51.86
N SER O 710 68.88 -78.82 -51.75
CA SER O 710 69.49 -78.21 -52.92
C SER O 710 70.73 -77.44 -52.48
N THR O 711 71.58 -77.13 -53.47
CA THR O 711 72.81 -76.41 -53.18
C THR O 711 72.52 -75.02 -52.61
N SER O 712 71.49 -74.37 -53.10
CA SER O 712 71.15 -73.02 -52.67
C SER O 712 69.65 -72.93 -52.45
N VAL O 713 69.26 -71.97 -51.63
CA VAL O 713 67.84 -71.69 -51.41
C VAL O 713 67.30 -70.91 -52.60
N ASP O 714 66.16 -71.35 -53.11
CA ASP O 714 65.51 -70.63 -54.19
C ASP O 714 65.06 -69.24 -53.72
N PHE O 715 65.23 -68.25 -54.59
CA PHE O 715 64.94 -66.86 -54.25
C PHE O 715 65.78 -66.40 -53.07
N ALA O 716 67.07 -66.70 -53.14
CA ALA O 716 68.03 -66.25 -52.15
C ALA O 716 69.32 -65.91 -52.88
N VAL O 717 70.34 -65.56 -52.14
CA VAL O 717 71.63 -65.26 -52.72
C VAL O 717 72.46 -66.54 -52.74
N ASN O 718 73.41 -66.58 -53.67
CA ASN O 718 74.35 -67.70 -53.72
C ASN O 718 75.58 -67.34 -52.90
N THR O 719 76.65 -68.13 -53.03
CA THR O 719 77.86 -67.88 -52.26
C THR O 719 78.55 -66.60 -52.66
N GLU O 720 78.25 -66.05 -53.84
CA GLU O 720 78.87 -64.82 -54.31
C GLU O 720 78.02 -63.59 -54.04
N GLY O 721 76.88 -63.74 -53.36
CA GLY O 721 76.03 -62.61 -53.07
C GLY O 721 75.06 -62.24 -54.17
N VAL O 722 74.94 -63.06 -55.21
CA VAL O 722 74.07 -62.77 -56.32
C VAL O 722 72.67 -63.29 -56.01
N TYR O 723 71.69 -62.39 -55.96
CA TYR O 723 70.31 -62.79 -55.83
C TYR O 723 69.78 -63.24 -57.18
N SER O 724 69.06 -64.36 -57.19
CA SER O 724 68.51 -64.90 -58.41
C SER O 724 67.06 -65.32 -58.18
N GLU O 725 66.26 -65.18 -59.23
CA GLU O 725 64.90 -65.69 -59.24
C GLU O 725 64.89 -66.93 -60.10
N PRO O 726 64.75 -68.13 -59.53
CA PRO O 726 64.96 -69.36 -60.33
C PRO O 726 63.85 -69.64 -61.32
N ARG O 727 62.64 -69.16 -61.08
CA ARG O 727 61.52 -69.47 -61.95
C ARG O 727 60.59 -68.27 -61.99
N PRO O 728 59.78 -68.13 -63.03
CA PRO O 728 58.73 -67.11 -63.03
C PRO O 728 57.53 -67.62 -62.27
N ILE O 729 57.17 -66.95 -61.19
CA ILE O 729 56.02 -67.32 -60.39
C ILE O 729 54.80 -66.61 -60.97
N GLY O 730 53.87 -67.39 -61.50
CA GLY O 730 52.63 -66.81 -61.97
C GLY O 730 51.75 -66.40 -60.82
N THR O 731 50.46 -66.27 -61.08
CA THR O 731 49.54 -65.77 -60.08
C THR O 731 48.33 -66.68 -59.91
N ARG O 732 48.10 -67.60 -60.84
CA ARG O 732 46.86 -68.37 -60.89
C ARG O 732 47.10 -69.76 -60.31
N TYR O 733 46.78 -69.91 -59.04
CA TYR O 733 46.86 -71.18 -58.35
C TYR O 733 45.53 -71.61 -57.75
N LEU O 734 44.78 -70.68 -57.18
CA LEU O 734 43.44 -70.97 -56.71
C LEU O 734 42.52 -71.16 -57.91
N THR O 735 41.34 -71.72 -57.65
CA THR O 735 40.40 -72.04 -58.72
C THR O 735 39.06 -71.38 -58.46
N ARG O 736 38.36 -71.09 -59.56
CA ARG O 736 36.98 -70.64 -59.53
C ARG O 736 36.20 -71.42 -60.58
N ASN O 737 34.90 -71.55 -60.33
CA ASN O 737 34.01 -72.01 -61.38
C ASN O 737 33.85 -70.92 -62.43
N LEU O 738 33.45 -71.33 -63.62
CA LEU O 738 33.21 -70.36 -64.68
C LEU O 738 31.87 -69.66 -64.44
N GLY P 221 -5.89 -12.59 -86.25
CA GLY P 221 -5.06 -11.86 -87.20
C GLY P 221 -4.92 -12.55 -88.54
N VAL P 222 -4.73 -11.75 -89.60
CA VAL P 222 -4.57 -12.30 -90.94
C VAL P 222 -3.29 -13.14 -91.01
N GLY P 223 -2.21 -12.66 -90.43
CA GLY P 223 -0.92 -13.30 -90.54
C GLY P 223 -0.55 -14.26 -89.43
N SER P 224 -1.50 -14.66 -88.58
CA SER P 224 -1.22 -15.57 -87.49
C SER P 224 -2.12 -16.79 -87.62
N SER P 225 -1.54 -17.97 -87.39
CA SER P 225 -2.30 -19.21 -87.42
C SER P 225 -3.27 -19.26 -86.25
N SER P 226 -4.48 -19.75 -86.51
CA SER P 226 -5.50 -19.88 -85.49
C SER P 226 -5.56 -21.27 -84.87
N GLY P 227 -4.66 -22.16 -85.26
CA GLY P 227 -4.62 -23.48 -84.68
C GLY P 227 -3.50 -24.29 -85.30
N ASN P 228 -3.15 -25.37 -84.62
CA ASN P 228 -2.08 -26.25 -85.05
C ASN P 228 -2.63 -27.57 -85.55
N TRP P 229 -1.80 -28.28 -86.30
CA TRP P 229 -2.15 -29.60 -86.80
C TRP P 229 -2.03 -30.61 -85.66
N HIS P 230 -3.11 -31.31 -85.37
CA HIS P 230 -3.15 -32.28 -84.27
C HIS P 230 -3.71 -33.59 -84.81
N CYS P 231 -2.83 -34.42 -85.34
CA CYS P 231 -3.15 -35.81 -85.66
C CYS P 231 -2.31 -36.69 -84.75
N ASP P 232 -2.98 -37.50 -83.94
CA ASP P 232 -2.28 -38.29 -82.94
C ASP P 232 -3.26 -39.25 -82.31
N SER P 233 -2.72 -40.25 -81.61
CA SER P 233 -3.50 -41.14 -80.77
C SER P 233 -2.67 -41.44 -79.54
N THR P 234 -3.20 -41.13 -78.36
CA THR P 234 -2.52 -41.38 -77.11
C THR P 234 -3.27 -42.46 -76.36
N TRP P 235 -2.60 -43.56 -76.08
CA TRP P 235 -3.15 -44.66 -75.30
C TRP P 235 -2.66 -44.52 -73.87
N LEU P 236 -3.59 -44.35 -72.94
CA LEU P 236 -3.23 -44.12 -71.54
C LEU P 236 -4.22 -44.89 -70.67
N GLY P 237 -3.79 -46.02 -70.15
CA GLY P 237 -4.65 -46.82 -69.29
C GLY P 237 -5.83 -47.37 -70.05
N ASP P 238 -7.04 -47.12 -69.54
CA ASP P 238 -8.27 -47.58 -70.16
C ASP P 238 -8.84 -46.57 -71.14
N ARG P 239 -8.07 -45.56 -71.52
CA ARG P 239 -8.52 -44.57 -72.48
C ARG P 239 -7.59 -44.55 -73.68
N VAL P 240 -8.16 -44.25 -74.83
CA VAL P 240 -7.40 -43.86 -76.01
C VAL P 240 -7.99 -42.56 -76.52
N ILE P 241 -7.14 -41.57 -76.75
CA ILE P 241 -7.57 -40.28 -77.26
C ILE P 241 -7.08 -40.17 -78.69
N THR P 242 -7.99 -40.27 -79.64
CA THR P 242 -7.67 -40.06 -81.04
C THR P 242 -7.93 -38.60 -81.38
N THR P 243 -6.97 -37.96 -82.03
CA THR P 243 -7.18 -36.64 -82.58
C THR P 243 -6.75 -36.66 -84.03
N SER P 244 -7.57 -36.06 -84.89
CA SER P 244 -7.30 -36.07 -86.31
C SER P 244 -7.55 -34.69 -86.88
N THR P 245 -6.63 -34.23 -87.71
CA THR P 245 -6.77 -32.97 -88.39
C THR P 245 -6.81 -33.22 -89.89
N ARG P 246 -7.69 -32.51 -90.58
CA ARG P 246 -7.79 -32.61 -92.03
C ARG P 246 -7.93 -31.21 -92.61
N THR P 247 -7.50 -31.07 -93.86
CA THR P 247 -7.75 -29.86 -94.62
C THR P 247 -9.03 -30.05 -95.43
N TRP P 248 -9.94 -29.09 -95.29
CA TRP P 248 -11.21 -29.15 -95.98
C TRP P 248 -11.32 -28.01 -96.98
N ALA P 249 -12.21 -28.17 -97.94
CA ALA P 249 -12.57 -27.10 -98.87
C ALA P 249 -14.09 -27.03 -98.93
N LEU P 250 -14.63 -25.86 -98.71
CA LEU P 250 -16.08 -25.67 -98.74
C LEU P 250 -16.45 -24.78 -99.91
N PRO P 251 -17.14 -25.29 -100.92
CA PRO P 251 -17.62 -24.44 -102.00
C PRO P 251 -18.87 -23.69 -101.58
N THR P 252 -19.32 -22.81 -102.45
CA THR P 252 -20.65 -22.25 -102.32
C THR P 252 -21.64 -23.25 -102.90
N TYR P 253 -22.57 -23.71 -102.08
CA TYR P 253 -23.57 -24.68 -102.50
C TYR P 253 -24.85 -23.96 -102.89
N ASN P 254 -25.49 -24.46 -103.94
CA ASN P 254 -26.82 -24.04 -104.36
C ASN P 254 -26.89 -22.57 -104.76
N ASN P 255 -25.74 -21.93 -105.01
CA ASN P 255 -25.69 -20.49 -105.24
C ASN P 255 -26.35 -19.72 -104.11
N HIS P 256 -26.06 -20.15 -102.87
CA HIS P 256 -26.56 -19.55 -101.64
C HIS P 256 -28.07 -19.70 -101.46
N LEU P 257 -28.71 -20.60 -102.20
CA LEU P 257 -30.16 -20.73 -102.18
C LEU P 257 -30.59 -21.99 -101.44
N TYR P 258 -31.78 -21.93 -100.86
CA TYR P 258 -32.50 -23.11 -100.44
C TYR P 258 -33.40 -23.56 -101.58
N LYS P 259 -33.24 -24.79 -102.02
CA LYS P 259 -34.04 -25.31 -103.12
C LYS P 259 -34.88 -26.47 -102.64
N GLN P 260 -36.17 -26.42 -102.94
CA GLN P 260 -37.01 -27.59 -102.74
C GLN P 260 -36.61 -28.66 -103.74
N ILE P 261 -36.42 -29.88 -103.26
CA ILE P 261 -36.05 -31.02 -104.10
C ILE P 261 -37.09 -32.11 -103.90
N SER P 262 -37.41 -32.80 -104.98
CA SER P 262 -38.46 -33.81 -104.94
C SER P 262 -38.15 -34.90 -105.94
N ASN P 263 -38.87 -36.01 -105.78
CA ASN P 263 -38.81 -37.12 -106.72
C ASN P 263 -40.16 -37.81 -106.67
N GLY P 264 -40.83 -37.90 -107.82
CA GLY P 264 -42.15 -38.50 -107.90
C GLY P 264 -42.15 -39.71 -108.81
N THR P 265 -43.34 -40.27 -108.98
CA THR P 265 -43.51 -41.44 -109.82
C THR P 265 -43.71 -41.05 -111.28
N ALA P 269 -39.37 -42.84 -111.64
CA ALA P 269 -39.06 -43.34 -110.32
C ALA P 269 -40.24 -44.10 -109.73
N THR P 270 -39.95 -45.10 -108.90
CA THR P 270 -41.00 -45.86 -108.24
C THR P 270 -41.46 -45.13 -106.98
N ASN P 271 -42.61 -45.56 -106.46
CA ASN P 271 -43.12 -44.98 -105.23
C ASN P 271 -42.18 -45.21 -104.06
N ASP P 272 -41.43 -46.31 -104.09
CA ASP P 272 -40.50 -46.60 -103.01
C ASP P 272 -39.39 -45.58 -102.90
N ASN P 273 -39.11 -44.83 -103.97
CA ASN P 273 -38.00 -43.89 -104.00
C ASN P 273 -38.44 -42.43 -104.04
N THR P 274 -39.72 -42.16 -103.80
CA THR P 274 -40.18 -40.78 -103.80
C THR P 274 -39.69 -40.05 -102.56
N TYR P 275 -39.49 -38.74 -102.71
CA TYR P 275 -39.11 -37.93 -101.56
C TYR P 275 -39.49 -36.48 -101.82
N PHE P 276 -39.62 -35.74 -100.73
CA PHE P 276 -39.72 -34.29 -100.74
C PHE P 276 -38.77 -33.76 -99.70
N GLY P 277 -37.98 -32.77 -100.05
CA GLY P 277 -37.04 -32.23 -99.10
C GLY P 277 -36.49 -30.92 -99.58
N TYR P 278 -35.39 -30.51 -98.94
CA TYR P 278 -34.78 -29.23 -99.26
C TYR P 278 -33.28 -29.39 -99.36
N SER P 279 -32.72 -28.81 -100.41
CA SER P 279 -31.29 -28.63 -100.52
C SER P 279 -30.93 -27.28 -99.93
N THR P 280 -29.94 -27.26 -99.06
CA THR P 280 -29.54 -26.03 -98.41
C THR P 280 -28.18 -25.56 -98.93
N PRO P 281 -27.88 -24.27 -98.83
CA PRO P 281 -26.54 -23.78 -99.19
C PRO P 281 -25.47 -24.11 -98.17
N TRP P 282 -25.79 -24.89 -97.14
CA TRP P 282 -24.86 -25.18 -96.07
C TRP P 282 -24.12 -26.49 -96.31
N GLY P 283 -22.86 -26.50 -95.94
CA GLY P 283 -22.14 -27.75 -95.78
C GLY P 283 -22.23 -28.23 -94.35
N TYR P 284 -21.73 -29.44 -94.13
CA TYR P 284 -21.69 -29.96 -92.78
C TYR P 284 -20.47 -30.85 -92.62
N PHE P 285 -19.97 -30.91 -91.40
CA PHE P 285 -18.80 -31.71 -91.08
C PHE P 285 -19.24 -33.07 -90.57
N ASP P 286 -18.69 -34.12 -91.18
CA ASP P 286 -18.99 -35.49 -90.80
C ASP P 286 -17.69 -36.17 -90.41
N PHE P 287 -17.68 -36.77 -89.23
CA PHE P 287 -16.57 -37.63 -88.79
C PHE P 287 -17.14 -38.88 -88.16
N ASN P 288 -18.21 -39.39 -88.74
CA ASN P 288 -18.95 -40.53 -88.23
C ASN P 288 -18.47 -41.84 -88.84
N ARG P 289 -17.19 -41.94 -89.14
CA ARG P 289 -16.57 -43.20 -89.52
C ARG P 289 -15.33 -43.40 -88.66
N PHE P 290 -15.06 -44.66 -88.32
CA PHE P 290 -13.98 -44.94 -87.40
C PHE P 290 -12.62 -44.58 -87.98
N HIS P 291 -12.44 -44.71 -89.30
CA HIS P 291 -11.14 -44.39 -89.88
C HIS P 291 -10.88 -42.88 -89.93
N CYS P 292 -11.89 -42.06 -89.63
CA CYS P 292 -11.63 -40.63 -89.44
C CYS P 292 -10.80 -40.37 -88.19
N HIS P 293 -10.74 -41.33 -87.28
CA HIS P 293 -10.09 -41.15 -85.99
C HIS P 293 -9.01 -42.18 -85.71
N PHE P 294 -9.20 -43.42 -86.15
CA PHE P 294 -8.24 -44.48 -85.90
C PHE P 294 -7.44 -44.74 -87.17
N SER P 295 -6.13 -44.67 -87.05
CA SER P 295 -5.27 -45.23 -88.07
C SER P 295 -5.42 -46.74 -88.08
N PRO P 296 -5.11 -47.40 -89.20
CA PRO P 296 -5.21 -48.87 -89.22
C PRO P 296 -4.41 -49.53 -88.12
N ARG P 297 -3.22 -49.02 -87.82
CA ARG P 297 -2.44 -49.55 -86.71
C ARG P 297 -3.12 -49.30 -85.38
N ASP P 298 -3.70 -48.12 -85.19
CA ASP P 298 -4.45 -47.85 -83.97
C ASP P 298 -5.68 -48.75 -83.87
N TRP P 299 -6.35 -48.99 -84.99
CA TRP P 299 -7.47 -49.92 -84.99
C TRP P 299 -7.01 -51.31 -84.60
N GLN P 300 -5.85 -51.74 -85.10
CA GLN P 300 -5.31 -53.03 -84.71
C GLN P 300 -5.02 -53.09 -83.21
N ARG P 301 -4.40 -52.02 -82.69
CA ARG P 301 -4.15 -51.94 -81.24
C ARG P 301 -5.45 -52.07 -80.47
N LEU P 302 -6.50 -51.41 -80.93
CA LEU P 302 -7.78 -51.43 -80.24
C LEU P 302 -8.40 -52.82 -80.27
N ILE P 303 -8.48 -53.43 -81.45
CA ILE P 303 -9.26 -54.65 -81.60
C ILE P 303 -8.50 -55.89 -81.14
N ASN P 304 -7.18 -55.86 -81.11
CA ASN P 304 -6.44 -57.04 -80.69
C ASN P 304 -6.27 -57.14 -79.19
N ASN P 305 -6.63 -56.10 -78.44
CA ASN P 305 -6.29 -56.03 -77.03
C ASN P 305 -7.44 -55.64 -76.12
N ASN P 306 -8.61 -55.31 -76.67
CA ASN P 306 -9.71 -54.81 -75.87
C ASN P 306 -10.98 -55.60 -76.16
N TRP P 307 -11.73 -55.89 -75.10
CA TRP P 307 -13.02 -56.54 -75.25
C TRP P 307 -14.11 -55.56 -75.64
N GLY P 308 -13.89 -54.28 -75.48
CA GLY P 308 -14.90 -53.30 -75.81
C GLY P 308 -14.33 -51.90 -75.77
N PHE P 309 -15.09 -50.99 -76.36
CA PHE P 309 -14.74 -49.58 -76.36
C PHE P 309 -16.01 -48.78 -76.57
N ARG P 310 -15.94 -47.50 -76.21
CA ARG P 310 -17.06 -46.59 -76.41
C ARG P 310 -16.53 -45.17 -76.40
N PRO P 311 -17.12 -44.26 -77.16
CA PRO P 311 -16.71 -42.87 -77.09
C PRO P 311 -17.14 -42.24 -75.78
N LYS P 312 -16.32 -41.32 -75.29
CA LYS P 312 -16.59 -40.62 -74.04
C LYS P 312 -16.85 -39.14 -74.26
N ARG P 313 -15.96 -38.46 -74.96
CA ARG P 313 -16.11 -37.03 -75.20
C ARG P 313 -15.44 -36.72 -76.52
N LEU P 314 -15.83 -35.59 -77.11
CA LEU P 314 -15.15 -35.12 -78.30
C LEU P 314 -14.95 -33.62 -78.21
N SER P 315 -13.88 -33.17 -78.85
CA SER P 315 -13.65 -31.75 -79.07
C SER P 315 -13.43 -31.55 -80.57
N PHE P 316 -14.00 -30.47 -81.08
CA PHE P 316 -13.99 -30.17 -82.51
C PHE P 316 -13.43 -28.78 -82.71
N LYS P 317 -12.61 -28.61 -83.72
CA LYS P 317 -12.00 -27.32 -83.97
C LYS P 317 -11.99 -27.01 -85.46
N LEU P 318 -12.35 -25.77 -85.78
CA LEU P 318 -12.17 -25.21 -87.12
C LEU P 318 -11.20 -24.04 -87.01
N PHE P 319 -10.20 -24.01 -87.87
CA PHE P 319 -9.15 -23.01 -87.73
C PHE P 319 -8.41 -22.88 -89.06
N ASN P 320 -7.56 -21.86 -89.12
CA ASN P 320 -6.80 -21.53 -90.33
C ASN P 320 -7.73 -21.40 -91.53
N ILE P 321 -8.81 -20.67 -91.31
CA ILE P 321 -9.81 -20.49 -92.35
C ILE P 321 -9.29 -19.51 -93.39
N GLN P 322 -9.42 -19.89 -94.66
CA GLN P 322 -9.08 -19.02 -95.77
C GLN P 322 -10.27 -18.96 -96.69
N VAL P 323 -10.82 -17.78 -96.89
CA VAL P 323 -11.89 -17.57 -97.84
C VAL P 323 -11.29 -16.98 -99.09
N LYS P 324 -11.53 -17.61 -100.24
CA LYS P 324 -10.86 -17.26 -101.47
C LYS P 324 -11.88 -16.85 -102.52
N GLU P 325 -11.55 -15.80 -103.25
CA GLU P 325 -12.37 -15.29 -104.34
C GLU P 325 -11.78 -15.76 -105.66
N VAL P 326 -12.63 -16.29 -106.53
CA VAL P 326 -12.23 -16.75 -107.85
C VAL P 326 -12.97 -15.93 -108.90
N THR P 327 -12.22 -15.38 -109.84
CA THR P 327 -12.79 -14.53 -110.87
C THR P 327 -12.64 -15.16 -112.25
N LYS P 333 -8.82 -17.68 -115.17
CA LYS P 333 -9.26 -17.83 -113.80
C LYS P 333 -8.15 -17.49 -112.82
N THR P 334 -8.43 -16.56 -111.91
CA THR P 334 -7.51 -16.20 -110.85
C THR P 334 -8.19 -16.38 -109.50
N ILE P 335 -7.44 -16.91 -108.54
CA ILE P 335 -7.93 -17.13 -107.18
C ILE P 335 -7.17 -16.19 -106.26
N ALA P 336 -7.90 -15.40 -105.49
CA ALA P 336 -7.31 -14.44 -104.58
C ALA P 336 -7.94 -14.58 -103.21
N ASN P 337 -7.18 -14.20 -102.19
CA ASN P 337 -7.71 -14.16 -100.84
C ASN P 337 -8.75 -13.07 -100.72
N ASN P 338 -9.85 -13.39 -100.02
CA ASN P 338 -10.87 -12.38 -99.66
C ASN P 338 -10.74 -12.27 -98.14
N LEU P 339 -9.86 -11.39 -97.65
CA LEU P 339 -9.52 -11.34 -96.24
C LEU P 339 -10.71 -10.96 -95.36
N THR P 340 -11.65 -10.20 -95.89
CA THR P 340 -12.79 -9.72 -95.12
C THR P 340 -14.02 -10.61 -95.24
N SER P 341 -13.94 -11.70 -96.00
CA SER P 341 -15.07 -12.59 -96.12
C SER P 341 -15.17 -13.52 -94.92
N THR P 342 -16.38 -13.99 -94.65
CA THR P 342 -16.63 -14.83 -93.49
C THR P 342 -17.20 -16.18 -93.91
N ILE P 343 -17.05 -17.14 -93.03
CA ILE P 343 -17.82 -18.38 -93.06
C ILE P 343 -18.70 -18.37 -91.82
N GLN P 344 -19.83 -19.06 -91.92
CA GLN P 344 -20.74 -19.22 -90.80
C GLN P 344 -20.71 -20.66 -90.33
N VAL P 345 -20.50 -20.86 -89.04
CA VAL P 345 -20.44 -22.18 -88.45
C VAL P 345 -21.37 -22.19 -87.23
N PHE P 346 -22.19 -23.23 -87.13
CA PHE P 346 -22.93 -23.46 -85.91
C PHE P 346 -23.15 -24.95 -85.73
N THR P 347 -23.31 -25.36 -84.49
CA THR P 347 -23.68 -26.74 -84.17
C THR P 347 -25.14 -26.77 -83.79
N ASP P 348 -25.85 -27.76 -84.33
CA ASP P 348 -27.24 -28.00 -83.96
C ASP P 348 -27.26 -28.74 -82.60
N SER P 349 -26.90 -27.98 -81.57
CA SER P 349 -26.72 -28.57 -80.25
C SER P 349 -28.04 -28.99 -79.61
N GLU P 350 -29.14 -28.36 -80.00
CA GLU P 350 -30.46 -28.73 -79.53
C GLU P 350 -31.13 -29.77 -80.42
N TYR P 351 -30.45 -30.25 -81.46
CA TYR P 351 -31.00 -31.25 -82.36
C TYR P 351 -32.32 -30.80 -82.97
N GLN P 352 -32.38 -29.53 -83.35
CA GLN P 352 -33.57 -28.96 -83.95
C GLN P 352 -33.60 -29.11 -85.46
N LEU P 353 -32.54 -29.51 -86.05
CA LEU P 353 -32.51 -29.75 -87.47
C LEU P 353 -32.65 -31.24 -87.76
N PRO P 354 -33.15 -31.61 -88.93
CA PRO P 354 -33.12 -33.02 -89.34
C PRO P 354 -31.70 -33.55 -89.28
N TYR P 355 -31.52 -34.65 -88.56
CA TYR P 355 -30.20 -35.22 -88.33
C TYR P 355 -29.88 -36.17 -89.47
N VAL P 356 -28.99 -35.73 -90.37
CA VAL P 356 -28.64 -36.52 -91.54
C VAL P 356 -27.34 -37.29 -91.36
N LEU P 357 -26.61 -37.05 -90.28
CA LEU P 357 -25.54 -37.96 -89.93
C LEU P 357 -26.12 -39.30 -89.50
N GLY P 358 -25.28 -40.32 -89.53
CA GLY P 358 -25.80 -41.64 -89.24
C GLY P 358 -26.62 -42.24 -90.34
N SER P 359 -26.43 -41.80 -91.57
CA SER P 359 -27.01 -42.46 -92.74
C SER P 359 -25.94 -43.02 -93.65
N ALA P 360 -24.72 -43.19 -93.13
CA ALA P 360 -23.60 -43.78 -93.86
C ALA P 360 -23.31 -43.03 -95.15
N HIS P 361 -23.35 -41.71 -95.09
CA HIS P 361 -23.14 -40.89 -96.27
C HIS P 361 -21.66 -40.61 -96.48
N GLN P 362 -21.30 -40.37 -97.74
CA GLN P 362 -19.97 -39.90 -98.06
C GLN P 362 -19.78 -38.47 -97.55
N GLY P 363 -18.54 -38.03 -97.58
CA GLY P 363 -18.21 -36.70 -97.12
C GLY P 363 -17.62 -36.62 -95.74
N CYS P 364 -17.39 -37.77 -95.10
CA CYS P 364 -16.70 -37.76 -93.82
C CYS P 364 -15.24 -37.35 -94.00
N LEU P 365 -14.58 -37.10 -92.89
CA LEU P 365 -13.14 -36.84 -92.93
C LEU P 365 -12.44 -38.03 -93.57
N PRO P 366 -11.49 -37.81 -94.49
CA PRO P 366 -10.86 -38.93 -95.16
C PRO P 366 -10.04 -39.75 -94.19
N PRO P 367 -9.92 -41.06 -94.42
CA PRO P 367 -9.07 -41.87 -93.54
C PRO P 367 -7.62 -41.44 -93.53
N PHE P 368 -7.10 -40.96 -94.65
CA PHE P 368 -5.69 -40.59 -94.73
C PHE P 368 -5.52 -39.13 -94.34
N PRO P 369 -4.71 -38.81 -93.34
CA PRO P 369 -4.62 -37.42 -92.86
C PRO P 369 -4.14 -36.44 -93.93
N ALA P 370 -3.31 -36.88 -94.87
CA ALA P 370 -2.83 -35.98 -95.90
C ALA P 370 -3.90 -35.64 -96.93
N ASP P 371 -5.06 -36.26 -96.86
CA ASP P 371 -6.08 -36.12 -97.88
C ASP P 371 -6.91 -34.87 -97.63
N VAL P 372 -7.06 -34.03 -98.66
CA VAL P 372 -7.89 -32.85 -98.59
C VAL P 372 -9.27 -33.21 -99.11
N PHE P 373 -10.31 -32.90 -98.35
CA PHE P 373 -11.65 -33.34 -98.68
C PHE P 373 -12.60 -32.17 -98.84
N MET P 374 -13.61 -32.41 -99.65
CA MET P 374 -14.69 -31.47 -99.91
C MET P 374 -15.81 -31.67 -98.90
N ILE P 375 -16.30 -30.57 -98.36
CA ILE P 375 -17.38 -30.65 -97.35
C ILE P 375 -18.69 -30.98 -98.04
N PRO P 376 -19.43 -31.99 -97.58
CA PRO P 376 -20.68 -32.35 -98.24
C PRO P 376 -21.76 -31.30 -98.01
N GLN P 377 -22.68 -31.21 -98.95
CA GLN P 377 -23.77 -30.26 -98.87
C GLN P 377 -24.87 -30.79 -97.96
N TYR P 378 -25.37 -29.93 -97.08
CA TYR P 378 -26.45 -30.34 -96.19
C TYR P 378 -27.79 -30.27 -96.91
N GLY P 379 -28.53 -31.37 -96.86
CA GLY P 379 -29.90 -31.39 -97.28
C GLY P 379 -30.67 -32.30 -96.36
N TYR P 380 -32.00 -32.19 -96.41
CA TYR P 380 -32.82 -33.00 -95.55
C TYR P 380 -34.11 -33.33 -96.25
N LEU P 381 -34.80 -34.34 -95.74
CA LEU P 381 -36.08 -34.77 -96.24
C LEU P 381 -37.14 -34.55 -95.19
N THR P 382 -38.34 -34.24 -95.66
CA THR P 382 -39.48 -34.13 -94.76
C THR P 382 -40.59 -35.01 -95.30
N LEU P 383 -41.79 -34.90 -94.75
CA LEU P 383 -42.87 -35.77 -95.19
C LEU P 383 -43.22 -35.50 -96.64
N ASN P 384 -43.47 -36.57 -97.39
CA ASN P 384 -43.83 -36.46 -98.79
C ASN P 384 -44.99 -37.37 -99.10
N ASN P 385 -45.76 -36.97 -100.11
CA ASN P 385 -46.80 -37.80 -100.72
C ASN P 385 -46.47 -37.80 -102.20
N GLY P 386 -45.71 -38.81 -102.63
CA GLY P 386 -45.13 -38.75 -103.95
C GLY P 386 -44.06 -37.67 -103.98
N SER P 387 -44.13 -36.79 -104.98
CA SER P 387 -43.22 -35.65 -105.05
C SER P 387 -43.77 -34.42 -104.33
N GLN P 388 -44.97 -34.51 -103.78
CA GLN P 388 -45.60 -33.38 -103.12
C GLN P 388 -45.32 -33.38 -101.62
N ALA P 389 -45.29 -32.19 -101.05
CA ALA P 389 -45.26 -32.07 -99.61
C ALA P 389 -46.66 -32.17 -99.04
N VAL P 390 -46.74 -32.48 -97.75
CA VAL P 390 -47.99 -32.44 -97.02
C VAL P 390 -47.94 -31.27 -96.05
N GLY P 391 -49.08 -31.00 -95.40
CA GLY P 391 -49.13 -29.91 -94.45
C GLY P 391 -48.19 -30.08 -93.28
N ARG P 392 -47.84 -31.32 -92.96
CA ARG P 392 -46.92 -31.58 -91.86
C ARG P 392 -45.46 -31.47 -92.27
N SER P 393 -45.18 -31.28 -93.55
CA SER P 393 -43.81 -31.14 -94.01
C SER P 393 -43.18 -29.90 -93.39
N SER P 394 -41.96 -30.05 -92.90
CA SER P 394 -41.25 -28.98 -92.23
C SER P 394 -40.19 -28.40 -93.15
N PHE P 395 -40.13 -27.07 -93.22
CA PHE P 395 -39.06 -26.36 -93.89
C PHE P 395 -38.19 -25.72 -92.84
N TYR P 396 -36.88 -25.91 -92.95
CA TYR P 396 -35.92 -25.36 -92.00
C TYR P 396 -34.99 -24.41 -92.73
N CYS P 397 -34.90 -23.18 -92.22
CA CYS P 397 -33.90 -22.22 -92.66
C CYS P 397 -32.74 -22.29 -91.69
N LEU P 398 -31.56 -22.67 -92.17
CA LEU P 398 -30.42 -22.78 -91.28
C LEU P 398 -29.86 -21.41 -90.90
N GLU P 399 -30.18 -20.37 -91.67
CA GLU P 399 -29.85 -19.00 -91.25
C GLU P 399 -30.68 -18.58 -90.06
N TYR P 400 -31.78 -19.28 -89.78
CA TYR P 400 -32.60 -18.99 -88.61
C TYR P 400 -31.97 -19.49 -87.32
N PHE P 401 -30.73 -19.92 -87.37
CA PHE P 401 -29.98 -20.34 -86.19
C PHE P 401 -28.89 -19.33 -85.88
N PRO P 402 -28.52 -19.18 -84.62
CA PRO P 402 -27.32 -18.39 -84.30
C PRO P 402 -26.08 -19.10 -84.81
N SER P 403 -25.30 -18.40 -85.62
CA SER P 403 -24.07 -18.94 -86.18
C SER P 403 -22.91 -18.02 -85.83
N GLN P 404 -21.77 -18.62 -85.55
CA GLN P 404 -20.55 -17.84 -85.42
C GLN P 404 -20.03 -17.54 -86.81
N MET P 405 -19.75 -16.26 -87.07
CA MET P 405 -19.14 -15.86 -88.34
C MET P 405 -17.65 -15.70 -88.13
N LEU P 406 -16.87 -16.26 -89.04
CA LEU P 406 -15.43 -16.37 -88.88
C LEU P 406 -14.75 -15.73 -90.07
N ARG P 407 -13.87 -14.77 -89.80
CA ARG P 407 -12.95 -14.30 -90.82
C ARG P 407 -11.69 -15.16 -90.77
N THR P 408 -10.72 -14.82 -91.60
CA THR P 408 -9.54 -15.67 -91.77
C THR P 408 -8.76 -15.81 -90.46
N GLY P 409 -8.86 -14.84 -89.56
CA GLY P 409 -8.17 -14.93 -88.29
C GLY P 409 -8.92 -15.61 -87.18
N ASN P 410 -10.17 -16.00 -87.42
CA ASN P 410 -11.00 -16.58 -86.38
C ASN P 410 -10.93 -18.10 -86.41
N ASN P 411 -11.26 -18.70 -85.28
CA ASN P 411 -11.38 -20.15 -85.19
C ASN P 411 -12.67 -20.49 -84.45
N PHE P 412 -13.14 -21.72 -84.69
CA PHE P 412 -14.35 -22.22 -84.08
C PHE P 412 -14.02 -23.50 -83.34
N GLN P 413 -14.61 -23.68 -82.17
CA GLN P 413 -14.40 -24.92 -81.44
C GLN P 413 -15.57 -25.17 -80.52
N PHE P 414 -15.84 -26.45 -80.27
CA PHE P 414 -16.83 -26.84 -79.28
C PHE P 414 -16.44 -28.22 -78.75
N THR P 415 -16.95 -28.52 -77.57
CA THR P 415 -16.73 -29.81 -76.94
C THR P 415 -18.08 -30.49 -76.74
N TYR P 416 -18.06 -31.82 -76.77
CA TYR P 416 -19.27 -32.61 -76.63
C TYR P 416 -18.95 -33.82 -75.77
N THR P 417 -19.87 -34.18 -74.89
CA THR P 417 -19.74 -35.35 -74.05
C THR P 417 -20.74 -36.40 -74.50
N PHE P 418 -20.25 -37.59 -74.81
CA PHE P 418 -21.14 -38.69 -75.16
C PHE P 418 -21.92 -39.13 -73.93
N GLU P 419 -23.18 -39.49 -74.15
CA GLU P 419 -23.96 -40.08 -73.08
C GLU P 419 -23.40 -41.46 -72.74
N ASP P 420 -23.83 -41.97 -71.58
CA ASP P 420 -23.40 -43.31 -71.19
C ASP P 420 -23.97 -44.32 -72.16
N VAL P 421 -23.12 -44.89 -73.00
CA VAL P 421 -23.53 -45.84 -74.03
C VAL P 421 -22.87 -47.16 -73.67
N PRO P 422 -23.47 -48.30 -73.99
CA PRO P 422 -22.80 -49.57 -73.71
C PRO P 422 -21.54 -49.73 -74.54
N PHE P 423 -20.56 -50.43 -73.97
CA PHE P 423 -19.37 -50.78 -74.73
C PHE P 423 -19.74 -51.60 -75.95
N HIS P 424 -19.14 -51.29 -77.08
CA HIS P 424 -19.28 -52.16 -78.23
C HIS P 424 -18.58 -53.49 -77.95
N SER P 425 -19.22 -54.58 -78.32
CA SER P 425 -18.67 -55.91 -78.09
C SER P 425 -17.54 -56.14 -79.08
N SER P 426 -16.32 -55.82 -78.66
CA SER P 426 -15.15 -56.04 -79.50
C SER P 426 -14.57 -57.43 -79.27
N TYR P 427 -15.44 -58.43 -79.35
CA TYR P 427 -15.07 -59.81 -79.06
C TYR P 427 -16.05 -60.72 -79.77
N ALA P 428 -15.61 -61.94 -80.01
CA ALA P 428 -16.47 -63.01 -80.46
C ALA P 428 -16.60 -64.05 -79.36
N HIS P 429 -17.77 -64.64 -79.24
CA HIS P 429 -17.98 -65.64 -78.20
C HIS P 429 -17.25 -66.92 -78.54
N SER P 430 -16.53 -67.47 -77.58
CA SER P 430 -15.85 -68.75 -77.72
C SER P 430 -16.73 -69.91 -77.34
N GLN P 431 -17.99 -69.65 -77.00
CA GLN P 431 -18.98 -70.68 -76.73
C GLN P 431 -20.22 -70.40 -77.56
N SER P 432 -20.90 -71.46 -77.94
CA SER P 432 -22.17 -71.34 -78.62
C SER P 432 -23.31 -71.39 -77.61
N LEU P 433 -24.42 -70.74 -77.95
CA LEU P 433 -25.55 -70.66 -77.04
C LEU P 433 -26.14 -72.04 -76.74
N ASP P 434 -26.10 -72.95 -77.71
CA ASP P 434 -26.62 -74.29 -77.52
C ASP P 434 -25.58 -75.25 -76.96
N ARG P 435 -24.41 -74.75 -76.57
CA ARG P 435 -23.33 -75.57 -76.05
C ARG P 435 -22.78 -74.97 -74.76
N LEU P 436 -23.66 -74.50 -73.88
CA LEU P 436 -23.27 -73.90 -72.62
C LEU P 436 -23.23 -74.90 -71.48
N MET P 437 -23.57 -76.15 -71.74
CA MET P 437 -23.72 -77.16 -70.71
C MET P 437 -22.42 -77.94 -70.51
N ASN P 438 -22.36 -78.62 -69.37
CA ASN P 438 -21.26 -79.53 -69.08
C ASN P 438 -21.38 -80.75 -69.97
N PRO P 439 -20.38 -81.06 -70.80
CA PRO P 439 -20.47 -82.21 -71.70
C PRO P 439 -20.21 -83.56 -71.05
N LEU P 440 -20.08 -83.62 -69.73
CA LEU P 440 -19.82 -84.88 -69.05
C LEU P 440 -20.97 -85.35 -68.18
N ILE P 441 -21.91 -84.48 -67.85
CA ILE P 441 -22.94 -84.77 -66.86
C ILE P 441 -24.30 -84.76 -67.56
N ASP P 442 -25.13 -85.73 -67.22
CA ASP P 442 -26.50 -85.73 -67.69
C ASP P 442 -27.30 -84.65 -67.00
N GLN P 443 -28.40 -84.25 -67.63
CA GLN P 443 -29.37 -83.39 -66.99
C GLN P 443 -30.28 -84.21 -66.09
N TYR P 444 -30.74 -83.60 -65.01
CA TYR P 444 -31.79 -84.24 -64.22
C TYR P 444 -33.16 -84.03 -64.83
N LEU P 445 -33.30 -83.11 -65.78
CA LEU P 445 -34.55 -82.91 -66.48
C LEU P 445 -34.71 -83.94 -67.58
N TYR P 446 -35.95 -84.33 -67.83
CA TYR P 446 -36.27 -85.27 -68.89
C TYR P 446 -36.90 -84.54 -70.06
N TYR P 447 -36.76 -85.13 -71.24
CA TYR P 447 -37.45 -84.66 -72.43
C TYR P 447 -38.20 -85.83 -73.05
N LEU P 448 -39.29 -85.52 -73.75
CA LEU P 448 -40.01 -86.54 -74.49
C LEU P 448 -39.13 -87.08 -75.60
N SER P 449 -38.66 -88.31 -75.45
CA SER P 449 -37.71 -88.88 -76.39
C SER P 449 -38.36 -89.77 -77.44
N ARG P 450 -39.48 -90.41 -77.12
CA ARG P 450 -40.19 -91.21 -78.10
C ARG P 450 -41.68 -91.13 -77.87
N THR P 451 -42.44 -91.16 -78.95
CA THR P 451 -43.90 -91.22 -78.89
C THR P 451 -44.45 -92.50 -79.46
N GLN P 452 -43.59 -93.42 -79.92
CA GLN P 452 -44.01 -94.66 -80.54
C GLN P 452 -43.09 -95.78 -80.09
N THR P 453 -43.67 -96.95 -79.83
CA THR P 453 -42.89 -98.10 -79.36
C THR P 453 -41.93 -98.60 -80.44
N ASN P 459 -45.95 -100.93 -84.45
CA ASN P 459 -45.67 -100.14 -83.26
C ASN P 459 -46.87 -99.29 -82.86
N THR P 460 -47.01 -99.04 -81.57
CA THR P 460 -48.14 -98.32 -81.01
C THR P 460 -47.68 -97.05 -80.33
N GLN P 461 -48.63 -96.21 -79.96
CA GLN P 461 -48.32 -94.98 -79.26
C GLN P 461 -47.79 -95.28 -77.86
N THR P 462 -46.85 -94.46 -77.42
CA THR P 462 -46.28 -94.55 -76.08
C THR P 462 -45.71 -93.19 -75.72
N LEU P 463 -45.22 -93.07 -74.50
CA LEU P 463 -44.53 -91.87 -74.05
C LEU P 463 -43.24 -92.32 -73.39
N GLY P 464 -42.12 -92.13 -74.08
CA GLY P 464 -40.81 -92.43 -73.55
C GLY P 464 -40.06 -91.14 -73.27
N PHE P 465 -39.45 -91.06 -72.10
CA PHE P 465 -38.75 -89.88 -71.65
C PHE P 465 -37.30 -90.23 -71.35
N SER P 466 -36.39 -89.38 -71.80
CA SER P 466 -34.97 -89.59 -71.58
C SER P 466 -34.37 -88.34 -70.96
N GLN P 467 -33.25 -88.52 -70.29
CA GLN P 467 -32.51 -87.41 -69.73
C GLN P 467 -31.52 -86.89 -70.76
N GLY P 468 -31.53 -85.58 -70.99
CA GLY P 468 -30.56 -84.96 -71.86
C GLY P 468 -29.16 -85.17 -71.34
N GLY P 469 -28.25 -85.57 -72.22
CA GLY P 469 -26.90 -85.85 -71.82
C GLY P 469 -25.89 -85.42 -72.85
N PRO P 470 -24.65 -85.88 -72.70
CA PRO P 470 -23.60 -85.47 -73.64
C PRO P 470 -23.88 -85.83 -75.09
N ASN P 471 -24.64 -86.90 -75.33
CA ASN P 471 -24.91 -87.33 -76.69
C ASN P 471 -26.18 -86.74 -77.27
N THR P 472 -27.21 -86.54 -76.45
CA THR P 472 -28.45 -85.91 -76.89
C THR P 472 -28.44 -84.42 -76.53
N MET P 473 -27.42 -83.75 -77.02
CA MET P 473 -27.18 -82.37 -76.63
C MET P 473 -28.18 -81.41 -77.27
N ALA P 474 -28.73 -81.78 -78.43
CA ALA P 474 -29.77 -80.99 -79.05
C ALA P 474 -31.09 -81.07 -78.29
N ASN P 475 -31.30 -82.12 -77.50
CA ASN P 475 -32.54 -82.30 -76.76
C ASN P 475 -32.49 -81.70 -75.36
N GLN P 476 -31.33 -81.26 -74.90
CA GLN P 476 -31.19 -80.81 -73.52
C GLN P 476 -32.04 -79.58 -73.26
N ALA P 477 -32.57 -79.49 -72.04
CA ALA P 477 -33.23 -78.27 -71.61
C ALA P 477 -32.22 -77.14 -71.54
N LYS P 478 -32.61 -75.97 -72.04
CA LYS P 478 -31.71 -74.83 -72.12
C LYS P 478 -32.43 -73.59 -71.62
N ASN P 479 -31.65 -72.62 -71.16
CA ASN P 479 -32.19 -71.42 -70.54
C ASN P 479 -32.39 -70.27 -71.51
N TRP P 480 -31.79 -70.32 -72.70
CA TRP P 480 -31.73 -69.15 -73.55
C TRP P 480 -32.05 -69.53 -74.99
N LEU P 481 -32.46 -68.52 -75.76
CA LEU P 481 -32.80 -68.66 -77.15
C LEU P 481 -31.92 -67.75 -77.99
N PRO P 482 -31.65 -68.11 -79.24
CA PRO P 482 -30.89 -67.23 -80.12
C PRO P 482 -31.67 -65.96 -80.40
N GLY P 483 -30.94 -64.90 -80.74
CA GLY P 483 -31.52 -63.62 -81.01
C GLY P 483 -32.55 -63.64 -82.12
N PRO P 484 -33.21 -62.51 -82.33
CA PRO P 484 -34.32 -62.48 -83.29
C PRO P 484 -33.83 -62.61 -84.72
N CYS P 485 -34.76 -63.03 -85.58
CA CYS P 485 -34.46 -63.35 -86.97
C CYS P 485 -35.40 -62.59 -87.89
N TYR P 486 -34.85 -62.08 -88.99
CA TYR P 486 -35.63 -61.48 -90.09
C TYR P 486 -34.98 -61.98 -91.37
N ARG P 487 -35.44 -63.13 -91.85
CA ARG P 487 -34.67 -63.93 -92.80
C ARG P 487 -34.39 -63.18 -94.09
N GLN P 488 -33.15 -63.27 -94.55
CA GLN P 488 -32.70 -62.68 -95.79
C GLN P 488 -32.43 -63.76 -96.82
N GLN P 489 -32.55 -63.39 -98.10
CA GLN P 489 -32.23 -64.32 -99.16
C GLN P 489 -30.72 -64.55 -99.22
N ARG P 490 -30.33 -65.79 -99.51
CA ARG P 490 -28.94 -66.17 -99.57
C ARG P 490 -28.39 -65.95 -100.97
N VAL P 491 -27.24 -65.29 -101.06
CA VAL P 491 -26.56 -65.05 -102.32
C VAL P 491 -25.16 -65.63 -102.21
N SER P 492 -24.74 -66.34 -103.24
CA SER P 492 -23.41 -66.93 -103.28
C SER P 492 -22.47 -66.02 -104.06
N THR P 493 -21.28 -65.80 -103.52
CA THR P 493 -20.25 -65.07 -104.27
C THR P 493 -19.78 -65.87 -105.48
N THR P 494 -19.97 -67.19 -105.47
CA THR P 494 -19.82 -68.00 -106.67
C THR P 494 -21.10 -67.86 -107.48
N THR P 495 -21.07 -67.00 -108.50
CA THR P 495 -22.30 -66.60 -109.16
C THR P 495 -23.02 -67.78 -109.82
N GLY P 496 -22.27 -68.79 -110.25
CA GLY P 496 -22.90 -69.95 -110.86
C GLY P 496 -23.84 -70.69 -109.94
N GLN P 497 -23.67 -70.54 -108.63
CA GLN P 497 -24.57 -71.16 -107.67
C GLN P 497 -25.83 -70.35 -107.42
N ASN P 498 -25.93 -69.14 -107.97
CA ASN P 498 -27.10 -68.30 -107.78
C ASN P 498 -28.14 -68.58 -108.86
N ASN P 499 -29.39 -68.25 -108.53
CA ASN P 499 -30.45 -68.35 -109.51
C ASN P 499 -30.21 -67.37 -110.65
N ASN P 500 -30.48 -67.82 -111.87
CA ASN P 500 -30.27 -66.98 -113.06
C ASN P 500 -31.47 -66.05 -113.22
N SER P 501 -31.52 -65.05 -112.34
CA SER P 501 -32.55 -64.03 -112.39
C SER P 501 -32.03 -62.80 -111.64
N ASN P 502 -32.69 -61.67 -111.88
CA ASN P 502 -32.36 -60.42 -111.19
C ASN P 502 -33.29 -60.31 -109.99
N PHE P 503 -32.82 -60.78 -108.84
CA PHE P 503 -33.65 -60.87 -107.64
C PHE P 503 -33.12 -60.02 -106.50
N ALA P 504 -32.22 -59.08 -106.76
CA ALA P 504 -31.67 -58.27 -105.67
C ALA P 504 -32.77 -57.47 -104.99
N TRP P 505 -33.70 -56.93 -105.77
CA TRP P 505 -34.82 -56.19 -105.21
C TRP P 505 -36.06 -57.04 -105.01
N THR P 506 -36.41 -57.87 -106.00
CA THR P 506 -37.64 -58.65 -105.91
C THR P 506 -37.58 -59.65 -104.75
N ALA P 507 -36.43 -60.29 -104.57
CA ALA P 507 -36.24 -61.20 -103.45
C ALA P 507 -35.60 -60.52 -102.25
N GLY P 508 -35.41 -59.21 -102.31
CA GLY P 508 -34.81 -58.50 -101.19
C GLY P 508 -35.69 -58.55 -99.96
N THR P 509 -35.03 -58.57 -98.80
CA THR P 509 -35.73 -58.55 -97.53
C THR P 509 -36.06 -57.11 -97.18
N LYS P 510 -37.35 -56.82 -97.05
CA LYS P 510 -37.82 -55.45 -97.02
C LYS P 510 -38.74 -55.23 -95.82
N TYR P 511 -38.87 -53.96 -95.44
CA TYR P 511 -39.94 -53.54 -94.56
C TYR P 511 -40.87 -52.59 -95.32
N HIS P 512 -42.10 -52.50 -94.84
CA HIS P 512 -43.14 -51.72 -95.48
C HIS P 512 -43.51 -50.57 -94.55
N LEU P 513 -43.44 -49.35 -95.07
CA LEU P 513 -43.74 -48.17 -94.27
C LEU P 513 -44.49 -47.17 -95.14
N ASN P 514 -45.74 -46.88 -94.76
CA ASN P 514 -46.57 -45.92 -95.46
C ASN P 514 -46.65 -46.21 -96.95
N GLY P 515 -46.93 -47.48 -97.28
CA GLY P 515 -47.04 -47.88 -98.65
C GLY P 515 -45.74 -47.85 -99.43
N ARG P 516 -44.61 -47.68 -98.77
CA ARG P 516 -43.31 -47.62 -99.41
C ARG P 516 -42.49 -48.82 -98.95
N ASN P 517 -41.86 -49.49 -99.89
CA ASN P 517 -41.00 -50.62 -99.60
C ASN P 517 -39.55 -50.17 -99.54
N SER P 518 -38.88 -50.52 -98.46
CA SER P 518 -37.47 -50.22 -98.29
C SER P 518 -36.76 -51.49 -97.86
N LEU P 519 -35.55 -51.70 -98.39
CA LEU P 519 -34.76 -52.85 -97.98
C LEU P 519 -34.47 -52.78 -96.49
N ALA P 520 -34.59 -53.92 -95.82
CA ALA P 520 -34.12 -54.06 -94.44
C ALA P 520 -32.62 -54.27 -94.51
N ASN P 521 -31.91 -53.18 -94.76
CA ASN P 521 -30.51 -53.20 -95.15
C ASN P 521 -29.70 -52.38 -94.17
N PRO P 522 -28.77 -52.98 -93.41
CA PRO P 522 -28.47 -54.42 -93.44
C PRO P 522 -29.40 -55.24 -92.56
N GLY P 523 -30.38 -54.59 -91.94
CA GLY P 523 -31.30 -55.28 -91.08
C GLY P 523 -30.70 -55.61 -89.74
N ILE P 524 -31.41 -56.47 -89.01
CA ILE P 524 -30.99 -56.83 -87.66
C ILE P 524 -29.71 -57.67 -87.73
N ALA P 525 -28.94 -57.62 -86.65
CA ALA P 525 -27.66 -58.32 -86.58
C ALA P 525 -27.91 -59.83 -86.59
N MET P 526 -27.57 -60.47 -87.70
CA MET P 526 -27.60 -61.92 -87.80
C MET P 526 -26.29 -62.40 -88.41
N ALA P 527 -25.93 -63.64 -88.09
CA ALA P 527 -24.72 -64.22 -88.64
C ALA P 527 -24.81 -64.27 -90.16
N THR P 528 -23.74 -63.84 -90.82
CA THR P 528 -23.74 -63.77 -92.28
C THR P 528 -23.94 -65.15 -92.90
N HIS P 529 -23.31 -66.16 -92.32
CA HIS P 529 -23.38 -67.52 -92.85
C HIS P 529 -23.06 -68.47 -91.71
N LYS P 530 -23.35 -69.74 -91.92
CA LYS P 530 -23.01 -70.76 -90.94
C LYS P 530 -21.62 -71.31 -91.26
N ASP P 531 -21.24 -72.39 -90.58
CA ASP P 531 -19.91 -72.97 -90.74
C ASP P 531 -19.68 -73.41 -92.18
N ASP P 532 -18.49 -73.10 -92.69
CA ASP P 532 -18.03 -73.56 -94.01
C ASP P 532 -18.91 -73.05 -95.14
N GLU P 533 -19.50 -71.87 -94.98
CA GLU P 533 -20.33 -71.27 -96.01
C GLU P 533 -19.98 -69.81 -96.20
N GLU P 534 -18.68 -69.51 -96.21
CA GLU P 534 -18.22 -68.13 -96.32
C GLU P 534 -18.65 -67.49 -97.64
N ARG P 535 -18.85 -68.30 -98.68
CA ARG P 535 -19.26 -67.78 -99.98
C ARG P 535 -20.67 -67.23 -99.98
N PHE P 536 -21.47 -67.53 -98.96
CA PHE P 536 -22.86 -67.10 -98.89
C PHE P 536 -22.98 -65.84 -98.04
N PHE P 537 -23.82 -64.93 -98.47
CA PHE P 537 -24.14 -63.75 -97.69
C PHE P 537 -25.61 -63.39 -97.88
N PRO P 538 -26.23 -62.79 -96.87
CA PRO P 538 -27.58 -62.26 -97.07
C PRO P 538 -27.59 -61.16 -98.11
N SER P 539 -28.65 -61.14 -98.93
CA SER P 539 -28.66 -60.28 -100.11
C SER P 539 -28.53 -58.81 -99.73
N ASN P 540 -29.22 -58.38 -98.68
CA ASN P 540 -29.09 -57.02 -98.15
C ASN P 540 -28.95 -57.07 -96.64
N GLY P 541 -28.09 -57.96 -96.15
CA GLY P 541 -27.95 -58.15 -94.72
C GLY P 541 -26.55 -57.95 -94.19
N ILE P 542 -25.66 -57.37 -94.99
CA ILE P 542 -24.30 -57.09 -94.57
C ILE P 542 -23.90 -55.70 -95.03
N LEU P 543 -22.93 -55.13 -94.34
CA LEU P 543 -22.30 -53.91 -94.81
C LEU P 543 -21.33 -54.26 -95.95
N ILE P 544 -21.45 -53.53 -97.05
CA ILE P 544 -20.59 -53.73 -98.20
C ILE P 544 -19.85 -52.42 -98.44
N PHE P 545 -18.53 -52.46 -98.28
CA PHE P 545 -17.69 -51.31 -98.55
C PHE P 545 -17.07 -51.46 -99.93
N GLY P 546 -16.87 -50.32 -100.59
CA GLY P 546 -16.23 -50.31 -101.88
C GLY P 546 -14.72 -50.20 -101.75
N LYS P 547 -14.02 -50.93 -102.59
CA LYS P 547 -12.58 -50.73 -102.71
C LYS P 547 -12.32 -49.37 -103.34
N GLN P 548 -11.07 -48.93 -103.25
CA GLN P 548 -10.71 -47.64 -103.83
C GLN P 548 -11.01 -47.64 -105.33
N ASN P 549 -11.62 -46.55 -105.79
CA ASN P 549 -11.99 -46.37 -107.19
C ASN P 549 -13.06 -47.37 -107.65
N ALA P 550 -13.86 -47.88 -106.72
CA ALA P 550 -14.99 -48.71 -107.10
C ALA P 550 -16.07 -47.83 -107.72
N ALA P 551 -16.75 -48.36 -108.73
CA ALA P 551 -17.79 -47.61 -109.40
C ALA P 551 -18.96 -47.36 -108.46
N ARG P 552 -19.61 -46.20 -108.63
CA ARG P 552 -20.79 -45.89 -107.84
C ARG P 552 -21.93 -46.86 -108.13
N ASP P 553 -22.14 -47.20 -109.40
CA ASP P 553 -23.22 -48.08 -109.80
C ASP P 553 -22.65 -49.35 -110.44
N ASN P 554 -23.23 -50.49 -110.07
CA ASN P 554 -22.89 -51.77 -110.68
C ASN P 554 -21.40 -52.07 -110.58
N ALA P 555 -20.83 -51.86 -109.40
CA ALA P 555 -19.48 -52.31 -109.14
C ALA P 555 -19.45 -53.82 -109.07
N ASP P 556 -18.41 -54.42 -109.66
CA ASP P 556 -18.28 -55.86 -109.63
C ASP P 556 -17.93 -56.33 -108.22
N TYR P 557 -18.13 -57.63 -107.98
CA TYR P 557 -17.82 -58.19 -106.67
C TYR P 557 -16.36 -57.99 -106.31
N SER P 558 -15.47 -57.96 -107.30
CA SER P 558 -14.06 -57.73 -107.03
C SER P 558 -13.78 -56.29 -106.62
N ASP P 559 -14.70 -55.37 -106.87
CA ASP P 559 -14.52 -53.97 -106.52
C ASP P 559 -15.11 -53.61 -105.17
N VAL P 560 -15.75 -54.55 -104.48
CA VAL P 560 -16.40 -54.26 -103.21
C VAL P 560 -15.81 -55.18 -102.15
N MET P 561 -16.03 -54.80 -100.90
CA MET P 561 -15.51 -55.52 -99.75
C MET P 561 -16.69 -55.95 -98.90
N LEU P 562 -17.05 -57.23 -98.96
CA LEU P 562 -18.14 -57.74 -98.16
C LEU P 562 -17.69 -57.95 -96.72
N THR P 563 -18.46 -57.43 -95.78
CA THR P 563 -18.22 -57.75 -94.38
C THR P 563 -18.88 -59.09 -94.05
N SER P 564 -18.48 -59.66 -92.92
CA SER P 564 -19.05 -60.91 -92.45
C SER P 564 -19.29 -60.82 -90.95
N GLU P 565 -20.51 -61.14 -90.54
CA GLU P 565 -20.87 -61.21 -89.13
C GLU P 565 -20.88 -62.64 -88.63
N GLU P 566 -19.97 -63.48 -89.14
CA GLU P 566 -19.94 -64.88 -88.73
C GLU P 566 -19.56 -65.05 -87.27
N GLU P 567 -18.95 -64.04 -86.65
CA GLU P 567 -18.56 -64.15 -85.24
C GLU P 567 -19.77 -64.30 -84.33
N ILE P 568 -20.94 -63.85 -84.75
CA ILE P 568 -22.14 -63.92 -83.93
C ILE P 568 -22.98 -65.15 -84.23
N LYS P 569 -22.41 -66.13 -84.95
CA LYS P 569 -23.07 -67.42 -85.12
C LYS P 569 -23.41 -68.05 -83.78
N THR P 570 -22.59 -67.78 -82.76
CA THR P 570 -22.76 -68.43 -81.46
C THR P 570 -24.04 -68.01 -80.78
N THR P 571 -24.54 -66.84 -81.08
CA THR P 571 -25.70 -66.31 -80.39
C THR P 571 -26.81 -65.88 -81.35
N ASN P 572 -26.45 -65.33 -82.51
CA ASN P 572 -27.46 -64.86 -83.43
C ASN P 572 -27.73 -65.91 -84.50
N PRO P 573 -28.98 -66.07 -84.93
CA PRO P 573 -29.27 -66.99 -86.03
C PRO P 573 -28.64 -66.52 -87.32
N VAL P 574 -28.36 -67.48 -88.20
CA VAL P 574 -27.80 -67.16 -89.50
C VAL P 574 -28.83 -66.37 -90.30
N ALA P 575 -28.36 -65.31 -90.97
CA ALA P 575 -29.26 -64.36 -91.62
C ALA P 575 -30.08 -65.02 -92.71
N THR P 576 -29.55 -66.07 -93.35
CA THR P 576 -30.21 -66.69 -94.48
C THR P 576 -30.93 -67.97 -94.10
N GLU P 577 -30.99 -68.30 -92.82
CA GLU P 577 -31.66 -69.51 -92.36
C GLU P 577 -32.87 -69.13 -91.53
N GLU P 578 -33.77 -70.09 -91.37
CA GLU P 578 -34.92 -69.91 -90.51
C GLU P 578 -34.51 -69.83 -89.05
N TYR P 579 -35.31 -69.12 -88.25
CA TYR P 579 -35.04 -69.05 -86.82
C TYR P 579 -35.20 -70.41 -86.18
N GLY P 580 -36.24 -71.14 -86.56
CA GLY P 580 -36.51 -72.40 -85.92
C GLY P 580 -37.78 -73.01 -86.46
N ILE P 581 -38.33 -73.94 -85.69
CA ILE P 581 -39.50 -74.70 -86.10
C ILE P 581 -40.54 -74.61 -84.99
N VAL P 582 -41.79 -74.35 -85.36
CA VAL P 582 -42.89 -74.34 -84.43
C VAL P 582 -43.96 -75.28 -84.94
N ALA P 583 -44.82 -75.73 -84.02
CA ALA P 583 -45.97 -76.54 -84.39
C ALA P 583 -46.98 -75.71 -85.16
N ASP P 584 -47.57 -76.30 -86.19
CA ASP P 584 -48.56 -75.63 -87.01
C ASP P 584 -49.97 -76.14 -86.79
N ASN P 585 -50.15 -77.20 -86.01
CA ASN P 585 -51.47 -77.79 -85.81
C ASN P 585 -51.48 -78.51 -84.47
N LEU P 586 -52.56 -79.22 -84.21
CA LEU P 586 -52.70 -80.09 -83.04
C LEU P 586 -52.75 -81.52 -83.54
N GLN P 587 -51.69 -82.28 -83.28
CA GLN P 587 -51.67 -83.68 -83.70
C GLN P 587 -52.69 -84.49 -82.92
N GLN P 588 -53.34 -85.40 -83.62
CA GLN P 588 -54.24 -86.39 -83.02
C GLN P 588 -53.89 -87.75 -83.60
N GLN P 589 -54.62 -88.78 -83.16
CA GLN P 589 -54.38 -90.10 -83.71
C GLN P 589 -54.69 -90.18 -85.19
N ASN P 590 -55.47 -89.22 -85.73
CA ASN P 590 -55.78 -89.19 -87.14
C ASN P 590 -55.06 -88.09 -87.92
N THR P 591 -54.49 -87.11 -87.23
CA THR P 591 -53.78 -86.01 -87.90
C THR P 591 -52.33 -86.01 -87.46
N ALA P 592 -51.42 -86.20 -88.42
CA ALA P 592 -50.01 -86.17 -88.11
C ALA P 592 -49.58 -84.75 -87.74
N PRO P 593 -48.63 -84.60 -86.83
CA PRO P 593 -48.17 -83.25 -86.46
C PRO P 593 -47.55 -82.54 -87.64
N GLN P 594 -47.84 -81.25 -87.75
CA GLN P 594 -47.30 -80.40 -88.79
C GLN P 594 -46.41 -79.33 -88.16
N ILE P 595 -45.35 -78.98 -88.87
CA ILE P 595 -44.40 -78.01 -88.36
C ILE P 595 -44.38 -76.79 -89.27
N GLY P 596 -44.18 -75.63 -88.67
CA GLY P 596 -44.05 -74.37 -89.39
C GLY P 596 -42.63 -73.86 -89.27
N THR P 597 -42.11 -73.34 -90.38
CA THR P 597 -40.77 -72.79 -90.41
C THR P 597 -40.83 -71.31 -90.07
N VAL P 598 -40.13 -70.91 -89.02
CA VAL P 598 -40.15 -69.53 -88.54
C VAL P 598 -39.07 -68.77 -89.30
N ASN P 599 -39.49 -67.97 -90.27
CA ASN P 599 -38.58 -67.14 -91.05
C ASN P 599 -38.45 -65.73 -90.51
N SER P 600 -39.26 -65.35 -89.53
CA SER P 600 -39.18 -64.05 -88.90
C SER P 600 -39.61 -64.22 -87.45
N GLN P 601 -38.72 -63.90 -86.53
CA GLN P 601 -38.98 -64.08 -85.11
C GLN P 601 -38.64 -62.79 -84.38
N GLY P 602 -39.66 -62.19 -83.77
CA GLY P 602 -39.45 -61.05 -82.90
C GLY P 602 -38.94 -61.48 -81.55
N ALA P 603 -38.78 -60.50 -80.68
CA ALA P 603 -38.17 -60.74 -79.37
C ALA P 603 -38.99 -61.75 -78.56
N LEU P 604 -38.31 -62.75 -78.02
CA LEU P 604 -38.87 -63.70 -77.10
C LEU P 604 -38.11 -63.64 -75.78
N PRO P 605 -38.78 -63.90 -74.66
CA PRO P 605 -38.07 -63.92 -73.38
C PRO P 605 -36.99 -64.99 -73.38
N GLY P 606 -35.87 -64.68 -72.74
CA GLY P 606 -34.73 -65.56 -72.75
C GLY P 606 -33.87 -65.47 -73.99
N MET P 607 -34.21 -64.60 -74.93
CA MET P 607 -33.43 -64.46 -76.14
C MET P 607 -32.22 -63.57 -75.87
N VAL P 608 -31.07 -63.95 -76.41
CA VAL P 608 -29.86 -63.16 -76.32
C VAL P 608 -29.28 -63.02 -77.72
N TRP P 609 -28.59 -61.92 -77.97
CA TRP P 609 -28.02 -61.68 -79.28
C TRP P 609 -26.86 -60.70 -79.17
N GLN P 610 -26.07 -60.66 -80.22
CA GLN P 610 -25.00 -59.70 -80.37
C GLN P 610 -25.39 -58.66 -81.41
N ASN P 611 -24.86 -57.45 -81.25
CA ASN P 611 -25.06 -56.43 -82.26
C ASN P 611 -24.14 -56.67 -83.45
N ARG P 612 -24.39 -55.94 -84.53
CA ARG P 612 -23.49 -55.97 -85.67
C ARG P 612 -22.14 -55.41 -85.27
N ASP P 613 -21.09 -55.96 -85.85
CA ASP P 613 -19.75 -55.47 -85.61
C ASP P 613 -19.58 -54.08 -86.19
N VAL P 614 -18.67 -53.31 -85.60
CA VAL P 614 -18.25 -52.05 -86.19
C VAL P 614 -16.99 -52.31 -87.00
N TYR P 615 -16.72 -51.41 -87.93
CA TYR P 615 -15.60 -51.57 -88.84
C TYR P 615 -14.80 -50.29 -88.88
N LEU P 616 -13.52 -50.42 -89.23
CA LEU P 616 -12.68 -49.24 -89.38
C LEU P 616 -13.27 -48.26 -90.38
N GLN P 617 -13.84 -48.77 -91.46
CA GLN P 617 -14.50 -47.95 -92.46
C GLN P 617 -15.96 -47.66 -92.13
N GLY P 618 -16.51 -48.28 -91.10
CA GLY P 618 -17.92 -48.20 -90.83
C GLY P 618 -18.32 -47.01 -89.99
N PRO P 619 -19.61 -46.82 -89.81
CA PRO P 619 -20.11 -45.71 -88.98
C PRO P 619 -19.82 -45.94 -87.50
N ILE P 620 -19.77 -44.84 -86.76
CA ILE P 620 -19.53 -44.87 -85.32
C ILE P 620 -20.82 -44.80 -84.55
N TRP P 621 -21.67 -43.82 -84.85
CA TRP P 621 -22.87 -43.59 -84.07
C TRP P 621 -24.04 -43.30 -85.01
N ALA P 622 -25.24 -43.46 -84.47
CA ALA P 622 -26.45 -42.98 -85.11
C ALA P 622 -27.32 -42.33 -84.05
N LYS P 623 -28.12 -41.36 -84.48
CA LYS P 623 -29.09 -40.76 -83.58
C LYS P 623 -30.27 -41.71 -83.42
N ILE P 624 -30.59 -42.04 -82.18
CA ILE P 624 -31.80 -42.81 -81.91
C ILE P 624 -32.98 -41.90 -82.22
N PRO P 625 -33.90 -42.30 -83.10
CA PRO P 625 -35.04 -41.45 -83.41
C PRO P 625 -35.85 -41.16 -82.15
N HIS P 626 -36.33 -39.92 -82.06
CA HIS P 626 -37.12 -39.50 -80.91
C HIS P 626 -38.52 -40.08 -81.07
N THR P 627 -38.76 -41.23 -80.45
CA THR P 627 -40.03 -41.91 -80.53
C THR P 627 -40.48 -42.33 -79.14
N ASP P 628 -41.76 -42.70 -79.05
CA ASP P 628 -42.29 -43.20 -77.79
C ASP P 628 -41.60 -44.49 -77.37
N GLY P 629 -41.38 -45.39 -78.30
CA GLY P 629 -40.81 -46.68 -77.99
C GLY P 629 -39.76 -47.07 -78.99
N ASN P 630 -38.73 -47.74 -78.49
CA ASN P 630 -37.77 -48.43 -79.33
C ASN P 630 -37.39 -49.72 -78.64
N PHE P 631 -36.92 -50.68 -79.42
CA PHE P 631 -36.43 -51.94 -78.89
C PHE P 631 -34.96 -52.09 -79.24
N HIS P 632 -34.13 -52.19 -78.22
CA HIS P 632 -32.68 -52.32 -78.37
C HIS P 632 -32.16 -51.30 -79.36
N PRO P 633 -32.16 -50.01 -79.00
CA PRO P 633 -31.85 -48.98 -79.99
C PRO P 633 -30.37 -48.94 -80.38
N SER P 634 -29.86 -50.05 -80.82
CA SER P 634 -28.53 -50.11 -81.40
C SER P 634 -28.64 -49.96 -82.91
N PRO P 635 -27.92 -49.03 -83.52
CA PRO P 635 -28.07 -48.79 -84.95
C PRO P 635 -27.78 -50.06 -85.76
N LEU P 636 -28.57 -50.28 -86.80
CA LEU P 636 -28.51 -51.55 -87.51
C LEU P 636 -27.26 -51.66 -88.36
N MET P 637 -26.77 -50.57 -88.95
CA MET P 637 -25.49 -50.65 -89.64
C MET P 637 -24.30 -50.62 -88.68
N GLY P 638 -24.55 -50.78 -87.39
CA GLY P 638 -23.49 -50.90 -86.40
C GLY P 638 -23.15 -49.57 -85.76
N GLY P 639 -22.61 -49.66 -84.57
CA GLY P 639 -22.16 -48.50 -83.84
C GLY P 639 -22.97 -48.24 -82.59
N PHE P 640 -22.89 -47.01 -82.13
CA PHE P 640 -23.48 -46.60 -80.86
C PHE P 640 -24.75 -45.80 -81.13
N GLY P 641 -25.85 -46.24 -80.55
CA GLY P 641 -27.08 -45.50 -80.63
C GLY P 641 -27.11 -44.43 -79.55
N LEU P 642 -27.27 -43.17 -79.95
CA LEU P 642 -27.23 -42.05 -79.02
C LEU P 642 -28.52 -41.26 -79.13
N LYS P 643 -29.16 -41.00 -77.98
CA LYS P 643 -30.29 -40.08 -77.97
C LYS P 643 -29.84 -38.68 -78.35
N HIS P 644 -28.66 -38.28 -77.88
CA HIS P 644 -28.08 -36.96 -78.17
C HIS P 644 -26.71 -37.18 -78.77
N PRO P 645 -26.63 -37.46 -80.06
CA PRO P 645 -25.36 -37.76 -80.69
C PRO P 645 -24.52 -36.51 -80.82
N PRO P 646 -23.28 -36.61 -81.30
CA PRO P 646 -22.51 -35.43 -81.63
C PRO P 646 -23.32 -34.53 -82.55
N PRO P 647 -23.44 -33.25 -82.21
CA PRO P 647 -24.32 -32.37 -82.99
C PRO P 647 -23.80 -32.17 -84.40
N GLN P 648 -24.73 -31.94 -85.31
CA GLN P 648 -24.36 -31.57 -86.67
C GLN P 648 -23.65 -30.23 -86.65
N ILE P 649 -22.54 -30.15 -87.37
CA ILE P 649 -21.76 -28.92 -87.48
C ILE P 649 -21.99 -28.40 -88.88
N LEU P 650 -22.73 -27.31 -88.98
CA LEU P 650 -23.12 -26.73 -90.26
C LEU P 650 -22.18 -25.57 -90.59
N ILE P 651 -21.70 -25.53 -91.82
CA ILE P 651 -20.76 -24.52 -92.25
C ILE P 651 -21.21 -23.99 -93.61
N LYS P 652 -21.06 -22.67 -93.79
CA LYS P 652 -21.47 -22.05 -95.04
C LYS P 652 -20.57 -20.85 -95.30
N ASN P 653 -20.24 -20.63 -96.57
CA ASN P 653 -19.63 -19.38 -96.97
C ASN P 653 -20.68 -18.28 -96.94
N THR P 654 -20.41 -17.22 -96.21
CA THR P 654 -21.34 -16.11 -96.18
C THR P 654 -21.41 -15.48 -97.56
N PRO P 655 -22.60 -15.31 -98.14
CA PRO P 655 -22.69 -14.72 -99.47
C PRO P 655 -22.12 -13.31 -99.48
N VAL P 656 -21.31 -13.04 -100.49
CA VAL P 656 -20.76 -11.70 -100.71
C VAL P 656 -21.33 -11.18 -102.02
N PRO P 657 -22.27 -10.24 -101.97
CA PRO P 657 -22.87 -9.74 -103.22
C PRO P 657 -21.83 -9.10 -104.13
N ALA P 658 -22.03 -9.29 -105.43
CA ALA P 658 -21.34 -8.45 -106.40
C ALA P 658 -21.90 -7.04 -106.32
N ASP P 659 -21.42 -6.16 -107.19
CA ASP P 659 -21.83 -4.77 -107.12
C ASP P 659 -23.33 -4.66 -107.39
N PRO P 660 -24.11 -4.12 -106.46
CA PRO P 660 -25.53 -3.95 -106.72
C PRO P 660 -25.76 -2.80 -107.67
N PRO P 661 -26.95 -2.70 -108.26
CA PRO P 661 -27.24 -1.56 -109.12
C PRO P 661 -27.25 -0.27 -108.31
N THR P 662 -27.04 0.85 -109.00
CA THR P 662 -27.01 2.14 -108.35
C THR P 662 -28.40 2.73 -108.12
N THR P 663 -29.44 2.07 -108.62
CA THR P 663 -30.82 2.43 -108.32
C THR P 663 -31.45 1.28 -107.55
N PHE P 664 -32.26 1.61 -106.54
CA PHE P 664 -32.76 0.60 -105.64
C PHE P 664 -33.65 -0.41 -106.37
N ASN P 665 -33.44 -1.68 -106.06
CA ASN P 665 -34.29 -2.77 -106.53
C ASN P 665 -34.64 -3.62 -105.32
N GLN P 666 -35.94 -3.87 -105.13
CA GLN P 666 -36.40 -4.63 -103.98
C GLN P 666 -36.08 -6.11 -104.11
N SER P 667 -35.81 -6.59 -105.32
CA SER P 667 -35.58 -8.01 -105.53
C SER P 667 -34.32 -8.47 -104.80
N LYS P 668 -34.37 -9.70 -104.30
CA LYS P 668 -33.20 -10.27 -103.65
C LYS P 668 -32.03 -10.32 -104.61
N LEU P 669 -30.84 -10.07 -104.08
CA LEU P 669 -29.64 -10.08 -104.92
C LEU P 669 -29.32 -11.51 -105.34
N ASN P 670 -29.05 -11.69 -106.63
CA ASN P 670 -28.65 -12.98 -107.14
C ASN P 670 -27.26 -12.95 -107.76
N SER P 671 -26.61 -11.80 -107.79
CA SER P 671 -25.25 -11.66 -108.31
C SER P 671 -24.30 -11.68 -107.13
N PHE P 672 -23.52 -12.74 -107.02
CA PHE P 672 -22.62 -12.91 -105.89
C PHE P 672 -21.20 -13.12 -106.38
N ILE P 673 -20.25 -12.69 -105.56
CA ILE P 673 -18.85 -12.96 -105.82
C ILE P 673 -18.59 -14.45 -105.66
N THR P 674 -18.01 -15.07 -106.68
CA THR P 674 -17.72 -16.49 -106.62
C THR P 674 -16.66 -16.75 -105.56
N GLN P 675 -16.93 -17.70 -104.67
CA GLN P 675 -16.18 -17.75 -103.44
C GLN P 675 -16.18 -19.18 -102.91
N TYR P 676 -15.06 -19.57 -102.29
CA TYR P 676 -14.98 -20.82 -101.58
C TYR P 676 -14.04 -20.63 -100.40
N SER P 677 -14.18 -21.49 -99.41
CA SER P 677 -13.34 -21.42 -98.23
C SER P 677 -12.60 -22.73 -98.05
N THR P 678 -11.43 -22.64 -97.43
CA THR P 678 -10.66 -23.80 -97.04
C THR P 678 -10.13 -23.56 -95.65
N GLY P 679 -9.82 -24.65 -94.96
CA GLY P 679 -9.29 -24.54 -93.62
C GLY P 679 -8.93 -25.89 -93.10
N GLN P 680 -8.62 -25.94 -91.81
CA GLN P 680 -8.31 -27.18 -91.14
C GLN P 680 -9.41 -27.49 -90.12
N VAL P 681 -9.71 -28.77 -89.99
CA VAL P 681 -10.68 -29.24 -89.02
C VAL P 681 -10.00 -30.26 -88.14
N SER P 682 -10.14 -30.11 -86.83
CA SER P 682 -9.60 -31.05 -85.86
C SER P 682 -10.75 -31.64 -85.07
N VAL P 683 -10.77 -32.96 -84.97
CA VAL P 683 -11.72 -33.65 -84.10
C VAL P 683 -10.92 -34.58 -83.19
N GLU P 684 -11.13 -34.43 -81.88
CA GLU P 684 -10.49 -35.25 -80.88
C GLU P 684 -11.57 -36.03 -80.15
N ILE P 685 -11.47 -37.35 -80.16
CA ILE P 685 -12.40 -38.21 -79.45
C ILE P 685 -11.64 -39.00 -78.41
N GLU P 686 -12.12 -38.98 -77.18
CA GLU P 686 -11.62 -39.84 -76.13
C GLU P 686 -12.50 -41.08 -76.06
N TRP P 687 -11.87 -42.24 -76.16
CA TRP P 687 -12.57 -43.52 -76.09
C TRP P 687 -12.18 -44.23 -74.81
N GLU P 688 -13.18 -44.81 -74.15
CA GLU P 688 -12.95 -45.67 -73.01
C GLU P 688 -12.79 -47.10 -73.50
N LEU P 689 -11.84 -47.82 -72.93
CA LEU P 689 -11.54 -49.18 -73.34
C LEU P 689 -11.98 -50.17 -72.28
N GLN P 690 -12.49 -51.31 -72.72
CA GLN P 690 -12.73 -52.46 -71.85
C GLN P 690 -11.60 -53.45 -72.08
N LYS P 691 -10.67 -53.51 -71.13
CA LYS P 691 -9.55 -54.44 -71.24
C LYS P 691 -10.04 -55.87 -71.12
N GLU P 692 -9.45 -56.75 -71.93
CA GLU P 692 -9.78 -58.17 -71.84
C GLU P 692 -9.14 -58.77 -70.60
N ASN P 693 -9.94 -59.47 -69.81
CA ASN P 693 -9.46 -60.16 -68.63
C ASN P 693 -9.83 -61.64 -68.82
N SER P 694 -8.96 -62.36 -69.53
CA SER P 694 -9.27 -63.69 -70.02
C SER P 694 -8.27 -64.70 -69.47
N LYS P 695 -8.78 -65.86 -69.09
CA LYS P 695 -7.95 -66.96 -68.64
C LYS P 695 -7.77 -68.02 -69.71
N ARG P 696 -8.08 -67.68 -70.95
CA ARG P 696 -7.84 -68.57 -72.08
C ARG P 696 -6.36 -68.93 -72.15
N TRP P 697 -6.08 -70.22 -72.33
CA TRP P 697 -4.69 -70.67 -72.34
C TRP P 697 -4.06 -70.52 -73.72
N ASN P 698 -4.74 -70.99 -74.76
CA ASN P 698 -4.18 -70.96 -76.10
C ASN P 698 -4.23 -69.54 -76.66
N PRO P 699 -3.37 -69.23 -77.63
CA PRO P 699 -3.34 -67.88 -78.19
C PRO P 699 -4.65 -67.53 -78.88
N GLU P 700 -4.99 -66.25 -78.83
CA GLU P 700 -6.18 -65.73 -79.45
C GLU P 700 -5.95 -65.46 -80.93
N ILE P 701 -7.05 -65.28 -81.66
CA ILE P 701 -6.98 -64.77 -83.02
C ILE P 701 -6.75 -63.27 -82.95
N GLN P 702 -5.79 -62.80 -83.73
CA GLN P 702 -5.45 -61.39 -83.77
C GLN P 702 -5.50 -60.91 -85.21
N TYR P 703 -5.89 -59.65 -85.39
CA TYR P 703 -5.73 -59.06 -86.71
C TYR P 703 -4.26 -58.80 -86.97
N THR P 704 -3.76 -59.27 -88.10
CA THR P 704 -2.36 -59.11 -88.44
C THR P 704 -2.25 -58.77 -89.91
N SER P 705 -1.23 -57.99 -90.26
CA SER P 705 -0.90 -57.81 -91.65
C SER P 705 -0.26 -59.08 -92.19
N ASN P 706 -0.40 -59.30 -93.50
CA ASN P 706 0.20 -60.46 -94.12
C ASN P 706 1.72 -60.30 -94.15
N TYR P 707 2.42 -61.37 -93.79
CA TYR P 707 3.88 -61.32 -93.75
C TYR P 707 4.49 -61.39 -95.15
N TYR P 708 3.81 -62.03 -96.08
CA TYR P 708 4.37 -62.28 -97.41
C TYR P 708 4.50 -60.98 -98.20
N LYS P 709 5.44 -60.97 -99.14
CA LYS P 709 5.74 -59.79 -99.92
C LYS P 709 4.56 -59.41 -100.82
N SER P 710 4.50 -58.14 -101.17
CA SER P 710 3.44 -57.63 -102.03
C SER P 710 3.92 -56.40 -102.76
N THR P 711 3.20 -56.04 -103.82
CA THR P 711 3.57 -54.87 -104.61
C THR P 711 3.49 -53.60 -103.79
N SER P 712 2.49 -53.49 -102.92
CA SER P 712 2.28 -52.32 -102.11
C SER P 712 1.98 -52.73 -100.68
N VAL P 713 2.22 -51.80 -99.76
CA VAL P 713 1.89 -52.01 -98.36
C VAL P 713 0.38 -51.81 -98.19
N ASP P 714 -0.25 -52.74 -97.49
CA ASP P 714 -1.67 -52.60 -97.19
C ASP P 714 -1.89 -51.41 -96.27
N PHE P 715 -2.97 -50.67 -96.52
CA PHE P 715 -3.28 -49.43 -95.80
C PHE P 715 -2.14 -48.42 -95.92
N ALA P 716 -1.68 -48.24 -97.16
CA ALA P 716 -0.69 -47.24 -97.50
C ALA P 716 -1.06 -46.64 -98.83
N VAL P 717 -0.22 -45.78 -99.34
CA VAL P 717 -0.43 -45.18 -100.64
C VAL P 717 0.26 -46.02 -101.69
N ASN P 718 -0.24 -45.94 -102.92
CA ASN P 718 0.40 -46.61 -104.04
C ASN P 718 1.39 -45.64 -104.69
N THR P 719 1.88 -45.99 -105.87
CA THR P 719 2.85 -45.14 -106.56
C THR P 719 2.24 -43.82 -107.02
N GLU P 720 0.92 -43.73 -107.10
CA GLU P 720 0.24 -42.52 -107.53
C GLU P 720 -0.23 -41.66 -106.37
N GLY P 721 0.08 -42.05 -105.14
CA GLY P 721 -0.35 -41.27 -103.99
C GLY P 721 -1.74 -41.56 -103.50
N VAL P 722 -2.40 -42.60 -104.02
CA VAL P 722 -3.76 -42.93 -103.64
C VAL P 722 -3.71 -43.83 -102.41
N TYR P 723 -4.31 -43.36 -101.32
CA TYR P 723 -4.48 -44.20 -100.15
C TYR P 723 -5.66 -45.13 -100.35
N SER P 724 -5.48 -46.39 -100.00
CA SER P 724 -6.54 -47.37 -100.14
C SER P 724 -6.63 -48.22 -98.89
N GLU P 725 -7.85 -48.64 -98.58
CA GLU P 725 -8.08 -49.61 -97.52
C GLU P 725 -8.40 -50.95 -98.16
N PRO P 726 -7.50 -51.93 -98.10
CA PRO P 726 -7.69 -53.14 -98.92
C PRO P 726 -8.80 -54.05 -98.42
N ARG P 727 -9.14 -54.00 -97.14
CA ARG P 727 -10.14 -54.90 -96.60
C ARG P 727 -10.90 -54.17 -95.50
N PRO P 728 -12.12 -54.60 -95.18
CA PRO P 728 -12.81 -54.06 -94.01
C PRO P 728 -12.33 -54.79 -92.76
N ILE P 729 -11.73 -54.04 -91.84
CA ILE P 729 -11.26 -54.61 -90.59
C ILE P 729 -12.39 -54.55 -89.60
N GLY P 730 -12.88 -55.72 -89.17
CA GLY P 730 -13.88 -55.78 -88.15
C GLY P 730 -13.29 -55.45 -86.79
N THR P 731 -13.96 -55.87 -85.74
CA THR P 731 -13.54 -55.51 -84.40
C THR P 731 -13.44 -56.72 -83.49
N ARG P 732 -13.99 -57.86 -83.90
CA ARG P 732 -14.14 -59.02 -83.02
C ARG P 732 -13.05 -60.04 -83.33
N TYR P 733 -11.98 -59.98 -82.57
CA TYR P 733 -10.89 -60.93 -82.66
C TYR P 733 -10.61 -61.66 -81.36
N LEU P 734 -10.68 -60.95 -80.23
CA LEU P 734 -10.58 -61.59 -78.94
C LEU P 734 -11.85 -62.39 -78.67
N THR P 735 -11.79 -63.27 -77.67
CA THR P 735 -12.90 -64.15 -77.36
C THR P 735 -13.33 -64.00 -75.91
N ARG P 736 -14.61 -64.25 -75.68
CA ARG P 736 -15.18 -64.35 -74.35
C ARG P 736 -16.05 -65.59 -74.28
N ASN P 737 -16.19 -66.13 -73.08
CA ASN P 737 -17.22 -67.12 -72.84
C ASN P 737 -18.58 -66.45 -72.86
N LEU P 738 -19.61 -67.26 -73.11
CA LEU P 738 -20.97 -66.73 -73.09
C LEU P 738 -21.43 -66.54 -71.65
N GLY Q 221 -71.49 -29.92 -40.23
CA GLY Q 221 -72.81 -29.44 -39.91
C GLY Q 221 -73.84 -29.66 -41.01
N VAL Q 222 -75.09 -29.83 -40.62
CA VAL Q 222 -76.16 -30.03 -41.59
C VAL Q 222 -76.32 -28.79 -42.47
N GLY Q 223 -76.26 -27.61 -41.88
CA GLY Q 223 -76.52 -26.38 -42.60
C GLY Q 223 -75.31 -25.66 -43.14
N SER Q 224 -74.15 -26.30 -43.19
CA SER Q 224 -72.94 -25.68 -43.71
C SER Q 224 -72.38 -26.52 -44.84
N SER Q 225 -71.96 -25.84 -45.91
CA SER Q 225 -71.36 -26.53 -47.05
C SER Q 225 -70.00 -27.12 -46.66
N SER Q 226 -69.74 -28.32 -47.14
CA SER Q 226 -68.48 -29.00 -46.86
C SER Q 226 -67.45 -28.82 -47.97
N GLY Q 227 -67.76 -28.02 -48.97
CA GLY Q 227 -66.80 -27.74 -50.03
C GLY Q 227 -67.41 -26.83 -51.06
N ASN Q 228 -66.54 -26.25 -51.87
CA ASN Q 228 -66.93 -25.30 -52.90
C ASN Q 228 -66.78 -25.92 -54.28
N TRP Q 229 -67.46 -25.30 -55.24
CA TRP Q 229 -67.36 -25.72 -56.62
C TRP Q 229 -66.04 -25.22 -57.21
N HIS Q 230 -65.23 -26.14 -57.72
CA HIS Q 230 -63.92 -25.83 -58.26
C HIS Q 230 -63.80 -26.45 -59.64
N CYS Q 231 -64.25 -25.73 -60.65
CA CYS Q 231 -63.98 -26.06 -62.05
C CYS Q 231 -63.12 -24.96 -62.62
N ASP Q 232 -61.93 -25.32 -63.08
CA ASP Q 232 -60.95 -24.32 -63.52
C ASP Q 232 -59.79 -25.04 -64.17
N SER Q 233 -59.00 -24.28 -64.90
CA SER Q 233 -57.71 -24.74 -65.42
C SER Q 233 -56.74 -23.57 -65.34
N THR Q 234 -55.64 -23.77 -64.63
CA THR Q 234 -54.63 -22.73 -64.49
C THR Q 234 -53.38 -23.19 -65.21
N TRP Q 235 -52.95 -22.40 -66.19
CA TRP Q 235 -51.73 -22.66 -66.94
C TRP Q 235 -50.63 -21.80 -66.36
N LEU Q 236 -49.58 -22.42 -65.84
CA LEU Q 236 -48.51 -21.69 -65.18
C LEU Q 236 -47.19 -22.36 -65.56
N GLY Q 237 -46.46 -21.73 -66.48
CA GLY Q 237 -45.18 -22.28 -66.89
C GLY Q 237 -45.35 -23.60 -67.60
N ASP Q 238 -44.63 -24.61 -67.13
CA ASP Q 238 -44.67 -25.95 -67.70
C ASP Q 238 -45.72 -26.83 -67.04
N ARG Q 239 -46.62 -26.25 -66.27
CA ARG Q 239 -47.68 -26.99 -65.61
C ARG Q 239 -49.04 -26.46 -66.06
N VAL Q 240 -50.02 -27.35 -66.12
CA VAL Q 240 -51.42 -26.97 -66.18
C VAL Q 240 -52.14 -27.75 -65.10
N ILE Q 241 -52.92 -27.04 -64.29
CA ILE Q 241 -53.68 -27.66 -63.22
C ILE Q 241 -55.15 -27.60 -63.61
N THR Q 242 -55.70 -28.75 -63.98
CA THR Q 242 -57.13 -28.86 -64.27
C THR Q 242 -57.84 -29.28 -63.00
N THR Q 243 -58.91 -28.57 -62.66
CA THR Q 243 -59.78 -28.99 -61.58
C THR Q 243 -61.21 -29.00 -62.11
N SER Q 244 -61.94 -30.05 -61.79
CA SER Q 244 -63.29 -30.20 -62.29
C SER Q 244 -64.19 -30.68 -61.16
N THR Q 245 -65.35 -30.06 -61.05
CA THR Q 245 -66.36 -30.45 -60.08
C THR Q 245 -67.60 -30.91 -60.82
N ARG Q 246 -68.20 -31.98 -60.33
CA ARG Q 246 -69.45 -32.49 -60.90
C ARG Q 246 -70.40 -32.85 -59.77
N THR Q 247 -71.68 -32.81 -60.07
CA THR Q 247 -72.70 -33.32 -59.18
C THR Q 247 -72.99 -34.76 -59.55
N TRP Q 248 -72.93 -35.64 -58.56
CA TRP Q 248 -73.17 -37.06 -58.77
C TRP Q 248 -74.41 -37.50 -58.02
N ALA Q 249 -74.97 -38.62 -58.43
CA ALA Q 249 -76.05 -39.28 -57.72
C ALA Q 249 -75.70 -40.75 -57.60
N LEU Q 250 -75.74 -41.26 -56.38
CA LEU Q 250 -75.41 -42.66 -56.14
C LEU Q 250 -76.65 -43.40 -55.67
N PRO Q 251 -77.19 -44.32 -56.46
CA PRO Q 251 -78.30 -45.13 -55.99
C PRO Q 251 -77.81 -46.25 -55.07
N THR Q 252 -78.76 -46.96 -54.51
CA THR Q 252 -78.45 -48.23 -53.86
C THR Q 252 -78.35 -49.30 -54.95
N TYR Q 253 -77.19 -49.93 -55.05
CA TYR Q 253 -76.97 -50.95 -56.06
C TYR Q 253 -77.20 -52.33 -55.44
N ASN Q 254 -77.79 -53.22 -56.23
CA ASN Q 254 -77.92 -54.64 -55.89
C ASN Q 254 -78.76 -54.88 -54.64
N ASN Q 255 -79.51 -53.89 -54.18
CA ASN Q 255 -80.23 -53.97 -52.91
C ASN Q 255 -79.27 -54.31 -51.77
N HIS Q 256 -78.10 -53.66 -51.77
CA HIS Q 256 -77.05 -53.82 -50.77
C HIS Q 256 -76.41 -55.20 -50.77
N LEU Q 257 -76.59 -55.97 -51.84
CA LEU Q 257 -76.11 -57.35 -51.87
C LEU Q 257 -74.91 -57.49 -52.78
N TYR Q 258 -74.07 -58.47 -52.47
CA TYR Q 258 -73.09 -58.98 -53.41
C TYR Q 258 -73.71 -60.14 -54.16
N LYS Q 259 -73.72 -60.07 -55.47
CA LYS Q 259 -74.32 -61.12 -56.28
C LYS Q 259 -73.26 -61.73 -57.17
N GLN Q 260 -73.17 -63.05 -57.16
CA GLN Q 260 -72.37 -63.75 -58.14
C GLN Q 260 -73.02 -63.61 -59.50
N ILE Q 261 -72.23 -63.24 -60.50
CA ILE Q 261 -72.71 -63.07 -61.86
C ILE Q 261 -71.88 -63.95 -62.78
N SER Q 262 -72.52 -64.55 -63.77
CA SER Q 262 -71.85 -65.48 -64.64
C SER Q 262 -72.46 -65.42 -66.03
N ASN Q 263 -71.75 -66.01 -66.98
CA ASN Q 263 -72.24 -66.18 -68.34
C ASN Q 263 -71.58 -67.43 -68.89
N GLY Q 264 -72.38 -68.40 -69.32
CA GLY Q 264 -71.88 -69.64 -69.85
C GLY Q 264 -72.29 -69.85 -71.30
N THR Q 265 -71.92 -71.01 -71.81
CA THR Q 265 -72.23 -71.37 -73.19
C THR Q 265 -73.62 -72.00 -73.29
N ALA Q 269 -74.60 -67.87 -75.33
CA ALA Q 269 -73.32 -67.16 -75.39
C ALA Q 269 -72.20 -68.08 -75.84
N THR Q 270 -71.21 -67.52 -76.52
CA THR Q 270 -70.07 -68.30 -76.95
C THR Q 270 -69.03 -68.41 -75.82
N ASN Q 271 -68.10 -69.34 -75.99
CA ASN Q 271 -67.05 -69.51 -74.99
C ASN Q 271 -66.19 -68.26 -74.89
N ASP Q 272 -66.06 -67.49 -75.97
CA ASP Q 272 -65.25 -66.28 -75.94
C ASP Q 272 -65.83 -65.23 -75.00
N ASN Q 273 -67.11 -65.31 -74.67
CA ASN Q 273 -67.77 -64.30 -73.85
C ASN Q 273 -68.17 -64.80 -72.47
N THR Q 274 -67.67 -65.96 -72.06
CA THR Q 274 -68.01 -66.47 -70.74
C THR Q 274 -67.28 -65.67 -69.66
N TYR Q 275 -67.90 -65.59 -68.49
CA TYR Q 275 -67.25 -64.95 -67.36
C TYR Q 275 -67.86 -65.44 -66.07
N PHE Q 276 -67.09 -65.29 -65.00
CA PHE Q 276 -67.56 -65.46 -63.64
C PHE Q 276 -67.05 -64.27 -62.85
N GLY Q 277 -67.94 -63.67 -62.06
CA GLY Q 277 -67.54 -62.51 -61.30
C GLY Q 277 -68.56 -62.18 -60.25
N TYR Q 278 -68.44 -60.98 -59.72
CA TYR Q 278 -69.33 -60.54 -58.65
C TYR Q 278 -69.80 -59.13 -58.91
N SER Q 279 -71.09 -58.91 -58.75
CA SER Q 279 -71.67 -57.59 -58.70
C SER Q 279 -71.69 -57.13 -57.25
N THR Q 280 -71.20 -55.94 -56.99
CA THR Q 280 -71.14 -55.43 -55.63
C THR Q 280 -72.15 -54.31 -55.44
N PRO Q 281 -72.57 -54.04 -54.21
CA PRO Q 281 -73.45 -52.89 -53.95
C PRO Q 281 -72.72 -51.55 -53.97
N TRP Q 282 -71.45 -51.53 -54.35
CA TRP Q 282 -70.66 -50.31 -54.32
C TRP Q 282 -70.65 -49.63 -55.67
N GLY Q 283 -70.68 -48.31 -55.63
CA GLY Q 283 -70.32 -47.52 -56.78
C GLY Q 283 -68.86 -47.16 -56.76
N TYR Q 284 -68.40 -46.57 -57.85
CA TYR Q 284 -67.01 -46.12 -57.89
C TYR Q 284 -66.92 -44.87 -58.74
N PHE Q 285 -65.94 -44.02 -58.42
CA PHE Q 285 -65.74 -42.78 -59.13
C PHE Q 285 -64.70 -42.98 -60.22
N ASP Q 286 -65.05 -42.59 -61.44
CA ASP Q 286 -64.17 -42.70 -62.59
C ASP Q 286 -63.97 -41.32 -63.17
N PHE Q 287 -62.70 -40.93 -63.34
CA PHE Q 287 -62.34 -39.72 -64.06
C PHE Q 287 -61.20 -40.02 -65.00
N ASN Q 288 -61.24 -41.20 -65.63
CA ASN Q 288 -60.19 -41.70 -66.49
C ASN Q 288 -60.43 -41.35 -67.94
N ARG Q 289 -61.04 -40.20 -68.21
CA ARG Q 289 -61.15 -39.66 -69.56
C ARG Q 289 -60.66 -38.23 -69.54
N PHE Q 290 -60.02 -37.81 -70.61
CA PHE Q 290 -59.40 -36.49 -70.63
C PHE Q 290 -60.43 -35.37 -70.56
N HIS Q 291 -61.62 -35.58 -71.13
CA HIS Q 291 -62.62 -34.52 -71.09
C HIS Q 291 -63.25 -34.36 -69.71
N CYS Q 292 -62.97 -35.27 -68.77
CA CYS Q 292 -63.34 -35.04 -67.39
C CYS Q 292 -62.54 -33.90 -66.77
N HIS Q 293 -61.42 -33.53 -67.37
CA HIS Q 293 -60.50 -32.55 -66.81
C HIS Q 293 -60.23 -31.39 -67.73
N PHE Q 294 -60.15 -31.64 -69.03
CA PHE Q 294 -59.86 -30.60 -70.00
C PHE Q 294 -61.12 -30.19 -70.72
N SER Q 295 -61.42 -28.89 -70.69
CA SER Q 295 -62.40 -28.35 -71.60
C SER Q 295 -61.86 -28.43 -73.02
N PRO Q 296 -62.73 -28.42 -74.03
CA PRO Q 296 -62.23 -28.45 -75.41
C PRO Q 296 -61.25 -27.33 -75.72
N ARG Q 297 -61.50 -26.14 -75.19
CA ARG Q 297 -60.55 -25.04 -75.37
C ARG Q 297 -59.23 -25.33 -74.66
N ASP Q 298 -59.30 -25.89 -73.45
CA ASP Q 298 -58.08 -26.26 -72.75
C ASP Q 298 -57.33 -27.36 -73.50
N TRP Q 299 -58.07 -28.31 -74.05
CA TRP Q 299 -57.44 -29.35 -74.88
C TRP Q 299 -56.75 -28.73 -76.08
N GLN Q 300 -57.39 -27.74 -76.71
CA GLN Q 300 -56.76 -27.05 -77.84
C GLN Q 300 -55.49 -26.34 -77.40
N ARG Q 301 -55.54 -25.65 -76.25
CA ARG Q 301 -54.35 -25.00 -75.71
C ARG Q 301 -53.24 -26.01 -75.51
N LEU Q 302 -53.57 -27.18 -74.97
CA LEU Q 302 -52.57 -28.20 -74.70
C LEU Q 302 -51.96 -28.75 -75.99
N ILE Q 303 -52.80 -29.13 -76.94
CA ILE Q 303 -52.30 -29.86 -78.10
C ILE Q 303 -51.69 -28.95 -79.16
N ASN Q 304 -52.05 -27.67 -79.20
CA ASN Q 304 -51.50 -26.79 -80.21
C ASN Q 304 -50.16 -26.19 -79.80
N ASN Q 305 -49.73 -26.37 -78.56
CA ASN Q 305 -48.58 -25.65 -78.04
C ASN Q 305 -47.57 -26.51 -77.31
N ASN Q 306 -47.83 -27.79 -77.12
CA ASN Q 306 -46.97 -28.64 -76.32
C ASN Q 306 -46.61 -29.89 -77.09
N TRP Q 307 -45.34 -30.29 -76.97
CA TRP Q 307 -44.89 -31.54 -77.56
C TRP Q 307 -45.26 -32.75 -76.72
N GLY Q 308 -45.61 -32.54 -75.46
CA GLY Q 308 -45.94 -33.65 -74.60
C GLY Q 308 -46.53 -33.16 -73.30
N PHE Q 309 -47.14 -34.11 -72.59
CA PHE Q 309 -47.72 -33.83 -71.29
C PHE Q 309 -47.81 -35.14 -70.53
N ARG Q 310 -47.94 -35.02 -69.22
CA ARG Q 310 -48.10 -36.19 -68.36
C ARG Q 310 -48.71 -35.75 -67.05
N PRO Q 311 -49.53 -36.58 -66.43
CA PRO Q 311 -50.05 -36.23 -65.10
C PRO Q 311 -48.96 -36.29 -64.05
N LYS Q 312 -49.05 -35.41 -63.07
CA LYS Q 312 -48.10 -35.34 -61.98
C LYS Q 312 -48.71 -35.73 -60.65
N ARG Q 313 -49.82 -35.11 -60.28
CA ARG Q 313 -50.47 -35.39 -59.02
C ARG Q 313 -51.96 -35.14 -59.19
N LEU Q 314 -52.75 -35.73 -58.31
CA LEU Q 314 -54.17 -35.45 -58.30
C LEU Q 314 -54.65 -35.30 -56.87
N SER Q 315 -55.68 -34.49 -56.71
CA SER Q 315 -56.42 -34.40 -55.46
C SER Q 315 -57.89 -34.63 -55.78
N PHE Q 316 -58.55 -35.37 -54.91
CA PHE Q 316 -59.92 -35.78 -55.10
C PHE Q 316 -60.73 -35.37 -53.88
N LYS Q 317 -61.94 -34.88 -54.11
CA LYS Q 317 -62.77 -34.43 -53.00
C LYS Q 317 -64.21 -34.87 -53.21
N LEU Q 318 -64.82 -35.37 -52.13
CA LEU Q 318 -66.25 -35.61 -52.05
C LEU Q 318 -66.81 -34.70 -50.98
N PHE Q 319 -67.89 -33.98 -51.29
CA PHE Q 319 -68.40 -32.98 -50.36
C PHE Q 319 -69.85 -32.68 -50.71
N ASN Q 320 -70.49 -31.92 -49.82
CA ASN Q 320 -71.90 -31.55 -49.95
C ASN Q 320 -72.75 -32.80 -50.18
N ILE Q 321 -72.49 -33.81 -49.36
CA ILE Q 321 -73.20 -35.07 -49.48
C ILE Q 321 -74.61 -34.92 -48.93
N GLN Q 322 -75.58 -35.39 -49.70
CA GLN Q 322 -76.97 -35.42 -49.28
C GLN Q 322 -77.48 -36.83 -49.47
N VAL Q 323 -77.89 -37.48 -48.39
CA VAL Q 323 -78.51 -38.78 -48.45
C VAL Q 323 -80.01 -38.59 -48.33
N LYS Q 324 -80.75 -39.11 -49.30
CA LYS Q 324 -82.16 -38.85 -49.41
C LYS Q 324 -82.95 -40.15 -49.32
N GLU Q 325 -84.05 -40.09 -48.60
CA GLU Q 325 -84.96 -41.21 -48.43
C GLU Q 325 -86.16 -41.01 -49.35
N VAL Q 326 -86.51 -42.05 -50.09
CA VAL Q 326 -87.67 -42.02 -50.98
C VAL Q 326 -88.67 -43.06 -50.52
N THR Q 327 -89.92 -42.64 -50.35
CA THR Q 327 -90.98 -43.53 -49.86
C THR Q 327 -92.04 -43.76 -50.92
N LYS Q 333 -94.91 -40.83 -54.48
CA LYS Q 333 -93.50 -40.85 -54.14
C LYS Q 333 -93.05 -39.52 -53.55
N THR Q 334 -92.47 -39.57 -52.36
CA THR Q 334 -91.90 -38.40 -51.71
C THR Q 334 -90.44 -38.65 -51.41
N ILE Q 335 -89.61 -37.64 -51.63
CA ILE Q 335 -88.18 -37.70 -51.35
C ILE Q 335 -87.89 -36.75 -50.20
N ALA Q 336 -87.24 -37.27 -49.16
CA ALA Q 336 -86.92 -36.48 -47.99
C ALA Q 336 -85.46 -36.68 -47.63
N ASN Q 337 -84.89 -35.68 -46.98
CA ASN Q 337 -83.54 -35.80 -46.46
C ASN Q 337 -83.49 -36.81 -45.33
N ASN Q 338 -82.44 -37.64 -45.34
CA ASN Q 338 -82.17 -38.57 -44.21
C ASN Q 338 -80.88 -38.02 -43.60
N LEU Q 339 -80.97 -37.07 -42.67
CA LEU Q 339 -79.82 -36.34 -42.17
C LEU Q 339 -78.83 -37.23 -41.46
N THR Q 340 -79.28 -38.34 -40.88
CA THR Q 340 -78.43 -39.21 -40.10
C THR Q 340 -77.88 -40.38 -40.91
N SER Q 341 -78.22 -40.48 -42.19
CA SER Q 341 -77.72 -41.56 -43.02
C SER Q 341 -76.29 -41.26 -43.48
N THR Q 342 -75.54 -42.31 -43.77
CA THR Q 342 -74.15 -42.18 -44.17
C THR Q 342 -73.93 -42.79 -45.54
N ILE Q 343 -72.85 -42.34 -46.17
CA ILE Q 343 -72.24 -43.03 -47.29
C ILE Q 343 -70.88 -43.52 -46.83
N GLN Q 344 -70.41 -44.59 -47.44
CA GLN Q 344 -69.10 -45.14 -47.17
C GLN Q 344 -68.21 -44.91 -48.38
N VAL Q 345 -67.03 -44.32 -48.15
CA VAL Q 345 -66.07 -44.04 -49.20
C VAL Q 345 -64.72 -44.56 -48.76
N PHE Q 346 -64.05 -45.28 -49.66
CA PHE Q 346 -62.66 -45.63 -49.42
C PHE Q 346 -61.94 -45.72 -50.75
N THR Q 347 -60.65 -45.50 -50.73
CA THR Q 347 -59.79 -45.68 -51.88
C THR Q 347 -59.02 -46.98 -51.72
N ASP Q 348 -58.97 -47.77 -52.79
CA ASP Q 348 -58.15 -48.98 -52.82
C ASP Q 348 -56.70 -48.56 -53.05
N SER Q 349 -56.12 -47.96 -52.02
CA SER Q 349 -54.78 -47.38 -52.14
C SER Q 349 -53.70 -48.44 -52.25
N GLU Q 350 -53.98 -49.63 -51.74
CA GLU Q 350 -53.00 -50.76 -51.80
C GLU Q 350 -53.32 -51.62 -53.03
N TYR Q 351 -54.26 -51.17 -53.87
CA TYR Q 351 -54.60 -51.90 -55.10
C TYR Q 351 -54.87 -53.37 -54.76
N GLN Q 352 -55.74 -53.61 -53.77
CA GLN Q 352 -56.07 -55.00 -53.33
C GLN Q 352 -57.36 -55.45 -54.01
N LEU Q 353 -58.11 -54.51 -54.61
CA LEU Q 353 -59.38 -54.85 -55.30
C LEU Q 353 -59.11 -54.98 -56.79
N PRO Q 354 -59.83 -55.86 -57.53
CA PRO Q 354 -59.68 -55.93 -58.98
C PRO Q 354 -59.80 -54.50 -59.54
N TYR Q 355 -58.85 -54.09 -60.37
CA TYR Q 355 -58.82 -52.73 -60.90
C TYR Q 355 -59.63 -52.70 -62.19
N VAL Q 356 -60.84 -52.14 -62.12
CA VAL Q 356 -61.72 -52.11 -63.28
C VAL Q 356 -61.67 -50.78 -64.02
N LEU Q 357 -61.00 -49.77 -63.47
CA LEU Q 357 -60.68 -48.60 -64.26
C LEU Q 357 -59.69 -48.97 -65.35
N GLY Q 358 -59.61 -48.13 -66.38
CA GLY Q 358 -58.76 -48.48 -67.49
C GLY Q 358 -59.31 -49.56 -68.38
N SER Q 359 -60.62 -49.77 -68.39
CA SER Q 359 -61.28 -50.62 -69.36
C SER Q 359 -62.23 -49.82 -70.25
N ALA Q 360 -62.05 -48.51 -70.30
CA ALA Q 360 -62.82 -47.61 -71.16
C ALA Q 360 -64.32 -47.75 -70.90
N HIS Q 361 -64.70 -47.83 -69.63
CA HIS Q 361 -66.09 -48.00 -69.26
C HIS Q 361 -66.80 -46.66 -69.15
N GLN Q 362 -68.11 -46.70 -69.36
CA GLN Q 362 -68.94 -45.53 -69.11
C GLN Q 362 -69.01 -45.27 -67.61
N GLY Q 363 -69.55 -44.11 -67.26
CA GLY Q 363 -69.67 -43.73 -65.86
C GLY Q 363 -68.62 -42.76 -65.38
N CYS Q 364 -67.72 -42.30 -66.25
CA CYS Q 364 -66.78 -41.28 -65.85
C CYS Q 364 -67.50 -39.96 -65.62
N LEU Q 365 -66.77 -39.01 -65.05
CA LEU Q 365 -67.31 -37.67 -64.89
C LEU Q 365 -67.69 -37.12 -66.27
N PRO Q 366 -68.85 -36.50 -66.40
CA PRO Q 366 -69.27 -36.03 -67.73
C PRO Q 366 -68.35 -34.93 -68.21
N PRO Q 367 -68.16 -34.82 -69.53
CA PRO Q 367 -67.34 -33.72 -70.06
C PRO Q 367 -67.89 -32.34 -69.72
N PHE Q 368 -69.20 -32.19 -69.68
CA PHE Q 368 -69.80 -30.89 -69.42
C PHE Q 368 -69.99 -30.68 -67.93
N PRO Q 369 -69.43 -29.62 -67.33
CA PRO Q 369 -69.50 -29.47 -65.88
C PRO Q 369 -70.92 -29.37 -65.33
N ALA Q 370 -71.85 -28.82 -66.10
CA ALA Q 370 -73.22 -28.69 -65.63
C ALA Q 370 -73.96 -30.03 -65.59
N ASP Q 371 -73.34 -31.10 -66.09
CA ASP Q 371 -74.03 -32.36 -66.24
C ASP Q 371 -73.98 -33.15 -64.93
N VAL Q 372 -75.13 -33.62 -64.49
CA VAL Q 372 -75.22 -34.46 -63.30
C VAL Q 372 -75.18 -35.91 -63.75
N PHE Q 373 -74.29 -36.70 -63.13
CA PHE Q 373 -74.05 -38.05 -63.59
C PHE Q 373 -74.33 -39.07 -62.48
N MET Q 374 -74.69 -40.26 -62.93
CA MET Q 374 -74.92 -41.40 -62.06
C MET Q 374 -73.62 -42.17 -61.86
N ILE Q 375 -73.36 -42.54 -60.62
CA ILE Q 375 -72.13 -43.27 -60.30
C ILE Q 375 -72.26 -44.71 -60.77
N PRO Q 376 -71.30 -45.24 -61.53
CA PRO Q 376 -71.41 -46.61 -62.02
C PRO Q 376 -71.24 -47.62 -60.89
N GLN Q 377 -71.87 -48.78 -61.07
CA GLN Q 377 -71.79 -49.85 -60.08
C GLN Q 377 -70.49 -50.62 -60.22
N TYR Q 378 -69.84 -50.89 -59.10
CA TYR Q 378 -68.60 -51.63 -59.12
C TYR Q 378 -68.87 -53.12 -59.22
N GLY Q 379 -68.25 -53.76 -60.21
CA GLY Q 379 -68.23 -55.20 -60.29
C GLY Q 379 -66.87 -55.64 -60.79
N TYR Q 380 -66.58 -56.91 -60.63
CA TYR Q 380 -65.29 -57.42 -61.07
C TYR Q 380 -65.45 -58.85 -61.54
N LEU Q 381 -64.46 -59.30 -62.29
CA LEU Q 381 -64.40 -60.65 -62.79
C LEU Q 381 -63.22 -61.37 -62.18
N THR Q 382 -63.40 -62.67 -61.97
CA THR Q 382 -62.31 -63.51 -61.51
C THR Q 382 -62.18 -64.68 -62.47
N LEU Q 383 -61.38 -65.69 -62.11
CA LEU Q 383 -61.17 -66.80 -63.02
C LEU Q 383 -62.47 -67.56 -63.22
N ASN Q 384 -62.71 -67.97 -64.46
CA ASN Q 384 -63.91 -68.72 -64.81
C ASN Q 384 -63.55 -69.88 -65.71
N ASN Q 385 -64.37 -70.93 -65.63
CA ASN Q 385 -64.33 -72.06 -66.54
C ASN Q 385 -65.76 -72.16 -67.07
N GLY Q 386 -66.03 -71.53 -68.19
CA GLY Q 386 -67.40 -71.34 -68.61
C GLY Q 386 -68.09 -70.38 -67.66
N SER Q 387 -69.25 -70.77 -67.16
CA SER Q 387 -69.96 -69.99 -66.16
C SER Q 387 -69.57 -70.36 -64.74
N GLN Q 388 -68.70 -71.34 -64.57
CA GLN Q 388 -68.31 -71.81 -63.24
C GLN Q 388 -67.05 -71.12 -62.77
N ALA Q 389 -66.93 -70.97 -61.46
CA ALA Q 389 -65.69 -70.53 -60.87
C ALA Q 389 -64.74 -71.70 -60.70
N VAL Q 390 -63.47 -71.39 -60.55
CA VAL Q 390 -62.46 -72.39 -60.21
C VAL Q 390 -61.99 -72.10 -58.79
N GLY Q 391 -61.18 -73.02 -58.26
CA GLY Q 391 -60.67 -72.85 -56.91
C GLY Q 391 -59.83 -71.61 -56.73
N ARG Q 392 -59.22 -71.11 -57.81
CA ARG Q 392 -58.42 -69.91 -57.74
C ARG Q 392 -59.24 -68.64 -57.86
N SER Q 393 -60.54 -68.75 -58.12
CA SER Q 393 -61.38 -67.57 -58.20
C SER Q 393 -61.43 -66.85 -56.87
N SER Q 394 -61.29 -65.53 -56.92
CA SER Q 394 -61.24 -64.71 -55.72
C SER Q 394 -62.57 -63.99 -55.53
N PHE Q 395 -63.09 -64.02 -54.32
CA PHE Q 395 -64.23 -63.22 -53.93
C PHE Q 395 -63.75 -62.10 -53.02
N TYR Q 396 -64.16 -60.88 -53.32
CA TYR Q 396 -63.78 -59.71 -52.53
C TYR Q 396 -65.01 -59.08 -51.92
N CYS Q 397 -64.99 -58.90 -50.61
CA CYS Q 397 -65.99 -58.12 -49.91
C CYS Q 397 -65.43 -56.72 -49.70
N LEU Q 398 -66.07 -55.72 -50.29
CA LEU Q 398 -65.57 -54.36 -50.16
C LEU Q 398 -65.84 -53.79 -48.77
N GLU Q 399 -66.79 -54.37 -48.03
CA GLU Q 399 -66.95 -53.99 -46.64
C GLU Q 399 -65.80 -54.46 -45.78
N TYR Q 400 -64.99 -55.40 -46.29
CA TYR Q 400 -63.80 -55.86 -45.58
C TYR Q 400 -62.66 -54.86 -45.66
N PHE Q 401 -62.92 -53.66 -46.15
CA PHE Q 401 -61.94 -52.60 -46.20
C PHE Q 401 -62.31 -51.52 -45.20
N PRO Q 402 -61.33 -50.79 -44.66
CA PRO Q 402 -61.65 -49.60 -43.88
C PRO Q 402 -62.23 -48.51 -44.78
N SER Q 403 -63.41 -48.05 -44.43
CA SER Q 403 -64.08 -47.01 -45.19
C SER Q 403 -64.41 -45.84 -44.27
N GLN Q 404 -64.29 -44.64 -44.81
CA GLN Q 404 -64.78 -43.47 -44.10
C GLN Q 404 -66.28 -43.38 -44.30
N MET Q 405 -67.02 -43.25 -43.20
CA MET Q 405 -68.45 -43.05 -43.29
C MET Q 405 -68.76 -41.58 -43.14
N LEU Q 406 -69.61 -41.06 -44.02
CA LEU Q 406 -69.84 -39.63 -44.14
C LEU Q 406 -71.32 -39.35 -43.97
N ARG Q 407 -71.65 -38.48 -43.02
CA ARG Q 407 -72.99 -37.92 -42.98
C ARG Q 407 -73.02 -36.66 -43.84
N THR Q 408 -74.16 -35.98 -43.84
CA THR Q 408 -74.36 -34.87 -44.76
C THR Q 408 -73.37 -33.73 -44.50
N GLY Q 409 -72.85 -33.62 -43.29
CA GLY Q 409 -71.88 -32.58 -42.99
C GLY Q 409 -70.44 -32.95 -43.22
N ASN Q 410 -70.16 -34.20 -43.58
CA ASN Q 410 -68.80 -34.67 -43.75
C ASN Q 410 -68.34 -34.54 -45.19
N ASN Q 411 -67.03 -34.51 -45.38
CA ASN Q 411 -66.44 -34.54 -46.70
C ASN Q 411 -65.28 -35.53 -46.71
N PHE Q 412 -64.95 -35.99 -47.91
CA PHE Q 412 -63.89 -36.95 -48.12
C PHE Q 412 -62.89 -36.36 -49.10
N GLN Q 413 -61.61 -36.58 -48.84
CA GLN Q 413 -60.60 -36.11 -49.78
C GLN Q 413 -59.35 -36.96 -49.64
N PHE Q 414 -58.63 -37.08 -50.74
CA PHE Q 414 -57.33 -37.72 -50.74
C PHE Q 414 -56.51 -37.14 -51.88
N THR Q 415 -55.20 -37.26 -51.74
CA THR Q 415 -54.26 -36.82 -52.76
C THR Q 415 -53.47 -38.02 -53.26
N TYR Q 416 -53.06 -37.96 -54.52
CA TYR Q 416 -52.33 -39.03 -55.16
C TYR Q 416 -51.24 -38.42 -56.02
N THR Q 417 -50.07 -39.03 -56.02
CA THR Q 417 -48.97 -38.60 -56.86
C THR Q 417 -48.73 -39.64 -57.94
N PHE Q 418 -48.74 -39.21 -59.19
CA PHE Q 418 -48.43 -40.11 -60.28
C PHE Q 418 -46.96 -40.49 -60.26
N GLU Q 419 -46.68 -41.74 -60.59
CA GLU Q 419 -45.29 -42.15 -60.75
C GLU Q 419 -44.69 -41.46 -61.96
N ASP Q 420 -43.36 -41.49 -62.04
CA ASP Q 420 -42.68 -40.92 -63.19
C ASP Q 420 -43.06 -41.70 -64.44
N VAL Q 421 -43.86 -41.09 -65.29
CA VAL Q 421 -44.36 -41.74 -66.51
C VAL Q 421 -43.79 -40.94 -67.68
N PRO Q 422 -43.51 -41.56 -68.82
CA PRO Q 422 -43.03 -40.78 -69.96
C PRO Q 422 -44.09 -39.80 -70.45
N PHE Q 423 -43.62 -38.68 -70.98
CA PHE Q 423 -44.53 -37.74 -71.62
C PHE Q 423 -45.24 -38.41 -72.78
N HIS Q 424 -46.54 -38.16 -72.89
CA HIS Q 424 -47.24 -38.59 -74.10
C HIS Q 424 -46.74 -37.78 -75.28
N SER Q 425 -46.52 -38.46 -76.40
CA SER Q 425 -46.03 -37.79 -77.60
C SER Q 425 -47.17 -36.99 -78.22
N SER Q 426 -47.25 -35.72 -77.85
CA SER Q 426 -48.27 -34.82 -78.39
C SER Q 426 -47.76 -34.14 -79.66
N TYR Q 427 -47.24 -34.95 -80.57
CA TYR Q 427 -46.63 -34.45 -81.79
C TYR Q 427 -46.67 -35.54 -82.84
N ALA Q 428 -46.62 -35.13 -84.09
CA ALA Q 428 -46.42 -36.05 -85.21
C ALA Q 428 -45.06 -35.80 -85.81
N HIS Q 429 -44.42 -36.86 -86.27
CA HIS Q 429 -43.08 -36.72 -86.84
C HIS Q 429 -43.17 -36.06 -88.21
N SER Q 430 -42.32 -35.06 -88.44
CA SER Q 430 -42.23 -34.39 -89.72
C SER Q 430 -41.24 -35.07 -90.64
N GLN Q 431 -40.67 -36.19 -90.22
CA GLN Q 431 -39.79 -37.00 -91.05
C GLN Q 431 -40.28 -38.44 -90.99
N SER Q 432 -40.06 -39.17 -92.08
CA SER Q 432 -40.36 -40.58 -92.12
C SER Q 432 -39.11 -41.38 -91.77
N LEU Q 433 -39.32 -42.57 -91.22
CA LEU Q 433 -38.19 -43.39 -90.78
C LEU Q 433 -37.30 -43.81 -91.94
N ASP Q 434 -37.87 -43.99 -93.12
CA ASP Q 434 -37.11 -44.38 -94.29
C ASP Q 434 -36.58 -43.18 -95.07
N ARG Q 435 -36.74 -41.97 -94.53
CA ARG Q 435 -36.29 -40.75 -95.18
C ARG Q 435 -35.50 -39.88 -94.23
N LEU Q 436 -34.62 -40.50 -93.44
CA LEU Q 436 -33.80 -39.78 -92.48
C LEU Q 436 -32.45 -39.37 -93.04
N MET Q 437 -32.17 -39.72 -94.29
CA MET Q 437 -30.87 -39.50 -94.89
C MET Q 437 -30.79 -38.18 -95.63
N ASN Q 438 -29.57 -37.76 -95.89
CA ASN Q 438 -29.32 -36.59 -96.70
C ASN Q 438 -29.67 -36.89 -98.15
N PRO Q 439 -30.60 -36.16 -98.77
CA PRO Q 439 -31.00 -36.46 -100.14
C PRO Q 439 -30.05 -35.96 -101.21
N LEU Q 440 -28.87 -35.46 -100.84
CA LEU Q 440 -27.92 -34.95 -101.81
C LEU Q 440 -26.65 -35.77 -101.90
N ILE Q 441 -26.37 -36.61 -100.92
CA ILE Q 441 -25.09 -37.31 -100.81
C ILE Q 441 -25.33 -38.80 -100.96
N ASP Q 442 -24.47 -39.45 -101.73
CA ASP Q 442 -24.50 -40.90 -101.80
C ASP Q 442 -24.01 -41.52 -100.51
N GLN Q 443 -24.40 -42.77 -100.28
CA GLN Q 443 -23.83 -43.55 -99.20
C GLN Q 443 -22.49 -44.13 -99.63
N TYR Q 444 -21.59 -44.29 -98.67
CA TYR Q 444 -20.37 -45.03 -98.95
C TYR Q 444 -20.58 -46.53 -98.88
N LEU Q 445 -21.70 -46.98 -98.33
CA LEU Q 445 -22.04 -48.39 -98.30
C LEU Q 445 -22.64 -48.81 -99.64
N TYR Q 446 -22.39 -50.05 -100.02
CA TYR Q 446 -22.92 -50.62 -101.24
C TYR Q 446 -24.04 -51.60 -100.90
N TYR Q 447 -24.95 -51.77 -101.85
CA TYR Q 447 -25.97 -52.80 -101.77
C TYR Q 447 -25.92 -53.63 -103.03
N LEU Q 448 -26.34 -54.89 -102.92
CA LEU Q 448 -26.46 -55.75 -104.09
C LEU Q 448 -27.53 -55.20 -105.00
N SER Q 449 -27.11 -54.65 -106.15
CA SER Q 449 -28.05 -53.99 -107.05
C SER Q 449 -28.51 -54.87 -108.20
N ARG Q 450 -27.69 -55.82 -108.63
CA ARG Q 450 -28.09 -56.74 -109.68
C ARG Q 450 -27.48 -58.11 -109.43
N THR Q 451 -28.23 -59.15 -109.79
CA THR Q 451 -27.74 -60.51 -109.74
C THR Q 451 -27.66 -61.16 -111.12
N GLN Q 452 -28.01 -60.42 -112.17
CA GLN Q 452 -28.04 -60.94 -113.53
C GLN Q 452 -27.52 -59.88 -114.48
N THR Q 453 -26.73 -60.30 -115.46
CA THR Q 453 -26.15 -59.37 -116.44
C THR Q 453 -27.23 -58.74 -117.31
N ASN Q 459 -28.89 -63.64 -120.63
CA ASN Q 459 -28.17 -63.06 -119.50
C ASN Q 459 -27.76 -64.13 -118.51
N THR Q 460 -26.64 -63.91 -117.83
CA THR Q 460 -26.06 -64.86 -116.91
C THR Q 460 -26.00 -64.27 -115.50
N GLN Q 461 -25.68 -65.13 -114.54
CA GLN Q 461 -25.54 -64.68 -113.16
C GLN Q 461 -24.34 -63.75 -113.01
N THR Q 462 -24.49 -62.76 -112.14
CA THR Q 462 -23.42 -61.83 -111.82
C THR Q 462 -23.72 -61.24 -110.45
N LEU Q 463 -22.79 -60.43 -109.96
CA LEU Q 463 -22.99 -59.69 -108.71
C LEU Q 463 -22.61 -58.24 -108.99
N GLY Q 464 -23.62 -57.39 -109.10
CA GLY Q 464 -23.42 -55.97 -109.27
C GLY Q 464 -23.81 -55.24 -108.00
N PHE Q 465 -22.96 -54.31 -107.58
CA PHE Q 465 -23.16 -53.56 -106.35
C PHE Q 465 -23.18 -52.09 -106.66
N SER Q 466 -24.13 -51.38 -106.07
CA SER Q 466 -24.28 -49.94 -106.26
C SER Q 466 -24.31 -49.26 -104.92
N GLN Q 467 -23.96 -47.98 -104.92
CA GLN Q 467 -24.05 -47.16 -103.73
C GLN Q 467 -25.43 -46.54 -103.63
N GLY Q 468 -26.07 -46.68 -102.47
CA GLY Q 468 -27.33 -46.03 -102.23
C GLY Q 468 -27.20 -44.52 -102.33
N GLY Q 469 -28.11 -43.89 -103.06
CA GLY Q 469 -28.04 -42.47 -103.27
C GLY Q 469 -29.41 -41.82 -103.25
N PRO Q 470 -29.48 -40.57 -103.71
CA PRO Q 470 -30.76 -39.86 -103.69
C PRO Q 470 -31.85 -40.53 -104.50
N ASN Q 471 -31.50 -41.27 -105.54
CA ASN Q 471 -32.50 -41.90 -106.39
C ASN Q 471 -32.85 -43.31 -105.95
N THR Q 472 -31.88 -44.07 -105.44
CA THR Q 472 -32.14 -45.41 -104.93
C THR Q 472 -32.31 -45.37 -103.41
N MET Q 473 -33.28 -44.56 -102.99
CA MET Q 473 -33.45 -44.29 -101.57
C MET Q 473 -34.06 -45.47 -100.83
N ALA Q 474 -34.82 -46.30 -101.53
CA ALA Q 474 -35.34 -47.53 -100.94
C ALA Q 474 -34.25 -48.56 -100.68
N ASN Q 475 -33.14 -48.49 -101.40
CA ASN Q 475 -32.05 -49.45 -101.26
C ASN Q 475 -31.00 -49.03 -100.24
N GLN Q 476 -31.07 -47.81 -99.73
CA GLN Q 476 -30.03 -47.31 -98.86
C GLN Q 476 -29.97 -48.10 -97.55
N ALA Q 477 -28.75 -48.26 -97.05
CA ALA Q 477 -28.57 -48.82 -95.72
C ALA Q 477 -29.18 -47.88 -94.68
N LYS Q 478 -29.90 -48.45 -93.73
CA LYS Q 478 -30.62 -47.67 -92.73
C LYS Q 478 -30.38 -48.27 -91.35
N ASN Q 479 -30.51 -47.44 -90.33
CA ASN Q 479 -30.20 -47.83 -88.96
C ASN Q 479 -31.39 -48.35 -88.20
N TRP Q 480 -32.62 -48.13 -88.67
CA TRP Q 480 -33.80 -48.36 -87.85
C TRP Q 480 -34.87 -49.07 -88.66
N LEU Q 481 -35.77 -49.73 -87.96
CA LEU Q 481 -36.89 -50.44 -88.53
C LEU Q 481 -38.20 -49.89 -88.00
N PRO Q 482 -39.27 -49.97 -88.78
CA PRO Q 482 -40.58 -49.55 -88.26
C PRO Q 482 -41.04 -50.44 -87.13
N GLY Q 483 -41.89 -49.87 -86.29
CA GLY Q 483 -42.40 -50.57 -85.13
C GLY Q 483 -43.09 -51.87 -85.47
N PRO Q 484 -43.47 -52.62 -84.44
CA PRO Q 484 -44.02 -53.95 -84.66
C PRO Q 484 -45.40 -53.90 -85.29
N CYS Q 485 -45.77 -55.01 -85.92
CA CYS Q 485 -46.99 -55.11 -86.70
C CYS Q 485 -47.81 -56.31 -86.24
N TYR Q 486 -49.13 -56.12 -86.17
CA TYR Q 486 -50.08 -57.21 -85.92
C TYR Q 486 -51.26 -56.94 -86.86
N ARG Q 487 -51.17 -57.47 -88.07
CA ARG Q 487 -51.98 -56.97 -89.18
C ARG Q 487 -53.47 -57.10 -88.92
N GLN Q 488 -54.20 -56.04 -89.23
CA GLN Q 488 -55.65 -56.00 -89.10
C GLN Q 488 -56.28 -55.99 -90.48
N GLN Q 489 -57.52 -56.48 -90.55
CA GLN Q 489 -58.27 -56.44 -91.79
C GLN Q 489 -58.66 -55.01 -92.11
N ARG Q 490 -58.62 -54.67 -93.40
CA ARG Q 490 -58.95 -53.32 -93.85
C ARG Q 490 -60.44 -53.22 -94.14
N VAL Q 491 -61.07 -52.18 -93.61
CA VAL Q 491 -62.48 -51.90 -93.84
C VAL Q 491 -62.59 -50.50 -94.43
N SER Q 492 -63.40 -50.36 -95.47
CA SER Q 492 -63.62 -49.07 -96.11
C SER Q 492 -64.89 -48.44 -95.56
N THR Q 493 -64.82 -47.15 -95.24
CA THR Q 493 -66.03 -46.42 -94.86
C THR Q 493 -66.98 -46.28 -96.03
N THR Q 494 -66.49 -46.40 -97.26
CA THR Q 494 -67.34 -46.57 -98.43
C THR Q 494 -67.73 -48.02 -98.50
N THR Q 495 -68.94 -48.33 -98.04
CA THR Q 495 -69.33 -49.73 -97.81
C THR Q 495 -69.32 -50.55 -99.09
N GLY Q 496 -69.58 -49.91 -100.24
CA GLY Q 496 -69.56 -50.63 -101.50
C GLY Q 496 -68.22 -51.24 -101.83
N GLN Q 497 -67.14 -50.70 -101.26
CA GLN Q 497 -65.81 -51.25 -101.48
C GLN Q 497 -65.50 -52.43 -100.56
N ASN Q 498 -66.36 -52.73 -99.61
CA ASN Q 498 -66.15 -53.83 -98.69
C ASN Q 498 -66.72 -55.12 -99.24
N ASN Q 499 -66.18 -56.24 -98.77
CA ASN Q 499 -66.72 -57.55 -99.12
C ASN Q 499 -68.14 -57.68 -98.59
N ASN Q 500 -69.01 -58.26 -99.41
CA ASN Q 500 -70.41 -58.45 -99.02
C ASN Q 500 -70.52 -59.69 -98.14
N SER Q 501 -70.06 -59.52 -96.90
CA SER Q 501 -70.15 -60.56 -95.89
C SER Q 501 -70.02 -59.92 -94.52
N ASN Q 502 -70.42 -60.66 -93.50
CA ASN Q 502 -70.33 -60.21 -92.11
C ASN Q 502 -69.02 -60.75 -91.56
N PHE Q 503 -67.96 -59.95 -91.66
CA PHE Q 503 -66.62 -60.40 -91.28
C PHE Q 503 -66.03 -59.62 -90.14
N ALA Q 504 -66.83 -58.85 -89.39
CA ALA Q 504 -66.30 -58.07 -88.30
C ALA Q 504 -65.62 -58.95 -87.25
N TRP Q 505 -66.23 -60.09 -86.95
CA TRP Q 505 -65.67 -61.04 -86.00
C TRP Q 505 -64.85 -62.13 -86.68
N THR Q 506 -65.36 -62.72 -87.77
CA THR Q 506 -64.65 -63.83 -88.41
C THR Q 506 -63.32 -63.39 -88.96
N ALA Q 507 -63.26 -62.20 -89.57
CA ALA Q 507 -62.01 -61.65 -90.06
C ALA Q 507 -61.33 -60.73 -89.06
N GLY Q 508 -61.88 -60.63 -87.85
CA GLY Q 508 -61.29 -59.77 -86.85
C GLY Q 508 -59.90 -60.24 -86.43
N THR Q 509 -59.06 -59.29 -86.11
CA THR Q 509 -57.71 -59.59 -85.63
C THR Q 509 -57.78 -59.87 -84.14
N LYS Q 510 -57.40 -61.08 -83.75
CA LYS Q 510 -57.70 -61.59 -82.42
C LYS Q 510 -56.43 -62.12 -81.76
N TYR Q 511 -56.47 -62.21 -80.44
CA TYR Q 511 -55.52 -62.99 -79.70
C TYR Q 511 -56.25 -64.13 -79.00
N HIS Q 512 -55.50 -65.18 -78.69
CA HIS Q 512 -56.03 -66.40 -78.11
C HIS Q 512 -55.48 -66.54 -76.71
N LEU Q 513 -56.37 -66.69 -75.73
CA LEU Q 513 -55.96 -66.79 -74.33
C LEU Q 513 -56.86 -67.81 -73.64
N ASN Q 514 -56.26 -68.90 -73.19
CA ASN Q 514 -56.97 -69.95 -72.45
C ASN Q 514 -58.19 -70.44 -73.22
N GLY Q 515 -57.97 -70.74 -74.51
CA GLY Q 515 -59.05 -71.22 -75.35
C GLY Q 515 -60.13 -70.20 -75.64
N ARG Q 516 -59.91 -68.94 -75.32
CA ARG Q 516 -60.88 -67.88 -75.55
C ARG Q 516 -60.30 -66.92 -76.57
N ASN Q 517 -61.12 -66.55 -77.55
CA ASN Q 517 -60.70 -65.60 -78.57
C ASN Q 517 -61.23 -64.21 -78.20
N SER Q 518 -60.33 -63.23 -78.20
CA SER Q 518 -60.69 -61.86 -77.94
C SER Q 518 -60.08 -60.99 -79.04
N LEU Q 519 -60.82 -59.98 -79.48
CA LEU Q 519 -60.30 -59.06 -80.46
C LEU Q 519 -59.07 -58.35 -79.92
N ALA Q 520 -58.05 -58.22 -80.77
CA ALA Q 520 -56.90 -57.37 -80.46
C ALA Q 520 -57.33 -55.94 -80.77
N ASN Q 521 -58.12 -55.39 -79.86
CA ASN Q 521 -58.86 -54.16 -80.09
C ASN Q 521 -58.50 -53.13 -79.03
N PRO Q 522 -57.87 -52.00 -79.39
CA PRO Q 522 -57.51 -51.67 -80.77
C PRO Q 522 -56.18 -52.26 -81.20
N GLY Q 523 -55.55 -53.05 -80.33
CA GLY Q 523 -54.29 -53.66 -80.65
C GLY Q 523 -53.14 -52.67 -80.54
N ILE Q 524 -51.99 -53.10 -81.07
CA ILE Q 524 -50.79 -52.29 -80.99
C ILE Q 524 -50.94 -51.05 -81.86
N ALA Q 525 -50.20 -50.00 -81.50
CA ALA Q 525 -50.28 -48.73 -82.22
C ALA Q 525 -49.71 -48.90 -83.62
N MET Q 526 -50.59 -48.86 -84.62
CA MET Q 526 -50.20 -48.85 -86.01
C MET Q 526 -50.95 -47.76 -86.73
N ALA Q 527 -50.35 -47.26 -87.81
CA ALA Q 527 -50.99 -46.24 -88.60
C ALA Q 527 -52.31 -46.75 -89.16
N THR Q 528 -53.36 -45.95 -89.03
CA THR Q 528 -54.69 -46.37 -89.45
C THR Q 528 -54.74 -46.67 -90.95
N HIS Q 529 -54.06 -45.86 -91.74
CA HIS Q 529 -54.07 -46.01 -93.19
C HIS Q 529 -52.81 -45.33 -93.73
N LYS Q 530 -52.50 -45.61 -94.98
CA LYS Q 530 -51.38 -44.95 -95.63
C LYS Q 530 -51.87 -43.69 -96.32
N ASP Q 531 -51.01 -43.09 -97.14
CA ASP Q 531 -51.34 -41.84 -97.80
C ASP Q 531 -52.55 -42.01 -98.72
N ASP Q 532 -53.47 -41.03 -98.66
CA ASP Q 532 -54.62 -40.95 -99.56
C ASP Q 532 -55.55 -42.14 -99.41
N GLU Q 533 -55.63 -42.72 -98.21
CA GLU Q 533 -56.52 -43.83 -97.94
C GLU Q 533 -57.28 -43.61 -96.64
N GLU Q 534 -57.77 -42.39 -96.43
CA GLU Q 534 -58.46 -42.05 -95.20
C GLU Q 534 -59.73 -42.86 -95.02
N ARG Q 535 -60.33 -43.32 -96.11
CA ARG Q 535 -61.56 -44.11 -96.03
C ARG Q 535 -61.33 -45.49 -95.43
N PHE Q 536 -60.09 -45.95 -95.34
CA PHE Q 536 -59.78 -47.27 -94.83
C PHE Q 536 -59.40 -47.20 -93.36
N PHE Q 537 -59.85 -48.18 -92.59
CA PHE Q 537 -59.46 -48.31 -91.21
C PHE Q 537 -59.33 -49.78 -90.85
N PRO Q 538 -58.44 -50.11 -89.92
CA PRO Q 538 -58.40 -51.49 -89.42
C PRO Q 538 -59.71 -51.85 -88.73
N SER Q 539 -60.14 -53.09 -88.92
CA SER Q 539 -61.48 -53.49 -88.49
C SER Q 539 -61.67 -53.33 -87.00
N ASN Q 540 -60.67 -53.71 -86.20
CA ASN Q 540 -60.69 -53.49 -84.76
C ASN Q 540 -59.36 -52.91 -84.30
N GLY Q 541 -58.86 -51.91 -85.03
CA GLY Q 541 -57.56 -51.36 -84.74
C GLY Q 541 -57.54 -49.87 -84.44
N ILE Q 542 -58.72 -49.28 -84.22
CA ILE Q 542 -58.82 -47.86 -83.89
C ILE Q 542 -59.82 -47.69 -82.76
N LEU Q 543 -59.67 -46.58 -82.04
CA LEU Q 543 -60.67 -46.17 -81.08
C LEU Q 543 -61.85 -45.56 -81.84
N ILE Q 544 -63.05 -46.02 -81.52
CA ILE Q 544 -64.27 -45.53 -82.13
C ILE Q 544 -65.13 -44.95 -81.03
N PHE Q 545 -65.35 -43.65 -81.08
CA PHE Q 545 -66.22 -42.96 -80.13
C PHE Q 545 -67.58 -42.76 -80.76
N GLY Q 546 -68.62 -42.81 -79.92
CA GLY Q 546 -69.97 -42.58 -80.39
C GLY Q 546 -70.31 -41.10 -80.32
N LYS Q 547 -71.03 -40.64 -81.32
CA LYS Q 547 -71.62 -39.31 -81.24
C LYS Q 547 -72.71 -39.30 -80.19
N GLN Q 548 -73.14 -38.10 -79.82
CA GLN Q 548 -74.19 -37.98 -78.82
C GLN Q 548 -75.44 -38.70 -79.30
N ASN Q 549 -76.06 -39.47 -78.39
CA ASN Q 549 -77.27 -40.23 -78.67
C ASN Q 549 -77.03 -41.34 -79.69
N ALA Q 550 -75.79 -41.80 -79.84
CA ALA Q 550 -75.54 -42.97 -80.68
C ALA Q 550 -76.08 -44.22 -80.00
N ALA Q 551 -76.62 -45.13 -80.79
CA ALA Q 551 -77.17 -46.37 -80.25
C ALA Q 551 -76.08 -47.22 -79.63
N ARG Q 552 -76.43 -47.94 -78.58
CA ARG Q 552 -75.49 -48.85 -77.95
C ARG Q 552 -75.10 -49.98 -78.90
N ASP Q 553 -76.06 -50.53 -79.63
CA ASP Q 553 -75.82 -51.65 -80.53
C ASP Q 553 -76.14 -51.23 -81.96
N ASN Q 554 -75.26 -51.61 -82.89
CA ASN Q 554 -75.46 -51.41 -84.32
C ASN Q 554 -75.70 -49.94 -84.64
N ALA Q 555 -74.88 -49.07 -84.09
CA ALA Q 555 -74.89 -47.68 -84.49
C ALA Q 555 -74.34 -47.56 -85.90
N ASP Q 556 -74.96 -46.71 -86.72
CA ASP Q 556 -74.48 -46.51 -88.07
C ASP Q 556 -73.16 -45.75 -88.06
N TYR Q 557 -72.46 -45.81 -89.19
CA TYR Q 557 -71.18 -45.11 -89.30
C TYR Q 557 -71.34 -43.62 -89.07
N SER Q 558 -72.50 -43.05 -89.43
CA SER Q 558 -72.74 -41.64 -89.19
C SER Q 558 -72.93 -41.31 -87.73
N ASP Q 559 -73.20 -42.30 -86.88
CA ASP Q 559 -73.40 -42.09 -85.47
C ASP Q 559 -72.14 -42.29 -84.64
N VAL Q 560 -71.02 -42.67 -85.25
CA VAL Q 560 -69.79 -42.93 -84.53
C VAL Q 560 -68.71 -42.03 -85.07
N MET Q 561 -67.64 -41.90 -84.30
CA MET Q 561 -66.51 -41.02 -84.61
C MET Q 561 -65.27 -41.90 -84.67
N LEU Q 562 -64.79 -42.19 -85.88
CA LEU Q 562 -63.59 -42.99 -86.04
C LEU Q 562 -62.37 -42.13 -85.77
N THR Q 563 -61.47 -42.62 -84.93
CA THR Q 563 -60.18 -41.97 -84.79
C THR Q 563 -59.24 -42.44 -85.89
N SER Q 564 -58.15 -41.70 -86.08
CA SER Q 564 -57.16 -42.06 -87.07
C SER Q 564 -55.76 -41.87 -86.47
N GLU Q 565 -54.94 -42.90 -86.57
CA GLU Q 565 -53.55 -42.83 -86.15
C GLU Q 565 -52.62 -42.64 -87.34
N GLU Q 566 -53.05 -41.87 -88.34
CA GLU Q 566 -52.23 -41.66 -89.52
C GLU Q 566 -50.96 -40.86 -89.21
N GLU Q 567 -50.92 -40.15 -88.08
CA GLU Q 567 -49.74 -39.37 -87.75
C GLU Q 567 -48.52 -40.25 -87.52
N ILE Q 568 -48.72 -41.52 -87.17
CA ILE Q 568 -47.61 -42.42 -86.89
C ILE Q 568 -47.22 -43.25 -88.11
N LYS Q 569 -47.71 -42.88 -89.30
CA LYS Q 569 -47.24 -43.50 -90.54
C LYS Q 569 -45.73 -43.41 -90.67
N THR Q 570 -45.14 -42.35 -90.13
CA THR Q 570 -43.72 -42.10 -90.30
C THR Q 570 -42.86 -43.14 -89.59
N THR Q 571 -43.39 -43.76 -88.58
CA THR Q 571 -42.61 -44.71 -87.79
C THR Q 571 -43.30 -46.05 -87.63
N ASN Q 572 -44.62 -46.08 -87.52
CA ASN Q 572 -45.32 -47.33 -87.34
C ASN Q 572 -45.86 -47.84 -88.66
N PRO Q 573 -45.83 -49.15 -88.88
CA PRO Q 573 -46.42 -49.70 -90.10
C PRO Q 573 -47.92 -49.49 -90.12
N VAL Q 574 -48.47 -49.44 -91.34
CA VAL Q 574 -49.91 -49.29 -91.50
C VAL Q 574 -50.60 -50.54 -90.96
N ALA Q 575 -51.68 -50.33 -90.21
CA ALA Q 575 -52.33 -51.42 -89.49
C ALA Q 575 -52.85 -52.50 -90.43
N THR Q 576 -53.23 -52.13 -91.65
CA THR Q 576 -53.85 -53.05 -92.58
C THR Q 576 -52.87 -53.57 -93.63
N GLU Q 577 -51.60 -53.25 -93.51
CA GLU Q 577 -50.58 -53.70 -94.45
C GLU Q 577 -49.62 -54.63 -93.75
N GLU Q 578 -48.90 -55.40 -94.55
CA GLU Q 578 -47.85 -56.27 -94.03
C GLU Q 578 -46.69 -55.46 -93.50
N TYR Q 579 -45.99 -56.03 -92.51
CA TYR Q 579 -44.80 -55.36 -91.99
C TYR Q 579 -43.72 -55.26 -93.04
N GLY Q 580 -43.51 -56.33 -93.80
CA GLY Q 580 -42.44 -56.35 -94.77
C GLY Q 580 -42.36 -57.69 -95.44
N ILE Q 581 -41.21 -57.96 -96.04
CA ILE Q 581 -40.98 -59.15 -96.83
C ILE Q 581 -39.72 -59.83 -96.31
N VAL Q 582 -39.78 -61.14 -96.12
CA VAL Q 582 -38.62 -61.94 -95.75
C VAL Q 582 -38.46 -63.07 -96.74
N ALA Q 583 -37.25 -63.60 -96.81
CA ALA Q 583 -36.99 -64.76 -97.64
C ALA Q 583 -37.66 -65.99 -97.06
N ASP Q 584 -38.21 -66.82 -97.93
CA ASP Q 584 -38.89 -68.04 -97.51
C ASP Q 584 -38.12 -69.31 -97.85
N ASN Q 585 -37.01 -69.21 -98.57
CA ASN Q 585 -36.26 -70.38 -98.98
C ASN Q 585 -34.81 -69.97 -99.22
N LEU Q 586 -34.03 -70.90 -99.75
CA LEU Q 586 -32.66 -70.65 -100.16
C LEU Q 586 -32.61 -70.78 -101.67
N GLN Q 587 -32.41 -69.65 -102.36
CA GLN Q 587 -32.34 -69.69 -103.81
C GLN Q 587 -31.08 -70.39 -104.27
N GLN Q 588 -31.21 -71.18 -105.33
CA GLN Q 588 -30.09 -71.83 -106.00
C GLN Q 588 -30.26 -71.60 -107.49
N GLN Q 589 -29.32 -72.12 -108.28
CA GLN Q 589 -29.43 -71.99 -109.72
C GLN Q 589 -30.65 -72.71 -110.26
N ASN Q 590 -31.23 -73.65 -109.51
CA ASN Q 590 -32.42 -74.36 -109.93
C ASN Q 590 -33.68 -73.94 -109.19
N THR Q 591 -33.57 -73.24 -108.07
CA THR Q 591 -34.73 -72.81 -107.30
C THR Q 591 -34.76 -71.30 -107.23
N ALA Q 592 -35.81 -70.69 -107.78
CA ALA Q 592 -35.95 -69.25 -107.72
C ALA Q 592 -36.21 -68.81 -106.28
N PRO Q 593 -35.72 -67.64 -105.90
CA PRO Q 593 -35.96 -67.16 -104.53
C PRO Q 593 -37.45 -66.94 -104.28
N GLN Q 594 -37.89 -67.30 -103.08
CA GLN Q 594 -39.26 -67.13 -102.67
C GLN Q 594 -39.31 -66.15 -101.50
N ILE Q 595 -40.37 -65.36 -101.45
CA ILE Q 595 -40.51 -64.33 -100.43
C ILE Q 595 -41.74 -64.64 -99.58
N GLY Q 596 -41.64 -64.32 -98.31
CA GLY Q 596 -42.74 -64.47 -97.37
C GLY Q 596 -43.21 -63.09 -96.92
N THR Q 597 -44.53 -62.94 -96.83
CA THR Q 597 -45.14 -61.69 -96.39
C THR Q 597 -45.29 -61.73 -94.88
N VAL Q 598 -44.69 -60.77 -94.19
CA VAL Q 598 -44.71 -60.72 -92.74
C VAL Q 598 -45.96 -59.93 -92.33
N ASN Q 599 -46.98 -60.66 -91.88
CA ASN Q 599 -48.21 -60.05 -91.40
C ASN Q 599 -48.24 -59.83 -89.90
N SER Q 600 -47.25 -60.35 -89.19
CA SER Q 600 -47.14 -60.15 -87.75
C SER Q 600 -45.66 -60.13 -87.41
N GLN Q 601 -45.20 -59.02 -86.83
CA GLN Q 601 -43.79 -58.87 -86.53
C GLN Q 601 -43.65 -58.39 -85.10
N GLY Q 602 -43.02 -59.21 -84.26
CA GLY Q 602 -42.68 -58.82 -82.92
C GLY Q 602 -41.47 -57.91 -82.90
N ALA Q 603 -41.05 -57.56 -81.69
CA ALA Q 603 -39.98 -56.59 -81.53
C ALA Q 603 -38.68 -57.09 -82.15
N LEU Q 604 -38.07 -56.24 -82.96
CA LEU Q 604 -36.75 -56.48 -83.52
C LEU Q 604 -35.80 -55.38 -83.05
N PRO Q 605 -34.52 -55.67 -82.89
CA PRO Q 605 -33.57 -54.62 -82.52
C PRO Q 605 -33.52 -53.54 -83.59
N GLY Q 606 -33.37 -52.31 -83.15
CA GLY Q 606 -33.41 -51.18 -84.05
C GLY Q 606 -34.80 -50.71 -84.43
N MET Q 607 -35.84 -51.35 -83.89
CA MET Q 607 -37.20 -50.95 -84.20
C MET Q 607 -37.60 -49.77 -83.34
N VAL Q 608 -38.28 -48.80 -83.94
CA VAL Q 608 -38.81 -47.65 -83.24
C VAL Q 608 -40.28 -47.51 -83.60
N TRP Q 609 -41.07 -46.97 -82.68
CA TRP Q 609 -42.50 -46.82 -82.92
C TRP Q 609 -43.05 -45.72 -82.03
N GLN Q 610 -44.24 -45.26 -82.39
CA GLN Q 610 -45.01 -44.33 -81.59
C GLN Q 610 -46.18 -45.05 -80.94
N ASN Q 611 -46.58 -44.56 -79.77
CA ASN Q 611 -47.77 -45.08 -79.13
C ASN Q 611 -49.03 -44.53 -79.81
N ARG Q 612 -50.16 -45.12 -79.48
CA ARG Q 612 -51.43 -44.59 -79.92
C ARG Q 612 -51.65 -43.20 -79.33
N ASP Q 613 -52.29 -42.34 -80.11
CA ASP Q 613 -52.62 -41.01 -79.64
C ASP Q 613 -53.66 -41.08 -78.52
N VAL Q 614 -53.64 -40.08 -77.66
CA VAL Q 614 -54.71 -39.90 -76.69
C VAL Q 614 -55.71 -38.92 -77.27
N TYR Q 615 -56.93 -38.97 -76.75
CA TYR Q 615 -58.01 -38.15 -77.26
C TYR Q 615 -58.72 -37.46 -76.11
N LEU Q 616 -59.35 -36.33 -76.42
CA LEU Q 616 -60.11 -35.62 -75.40
C LEU Q 616 -61.17 -36.52 -74.79
N GLN Q 617 -61.81 -37.36 -75.60
CA GLN Q 617 -62.79 -38.32 -75.12
C GLN Q 617 -62.18 -39.63 -74.67
N GLY Q 618 -60.88 -39.82 -74.87
CA GLY Q 618 -60.27 -41.11 -74.62
C GLY Q 618 -59.80 -41.30 -73.19
N PRO Q 619 -59.31 -42.50 -72.89
CA PRO Q 619 -58.81 -42.77 -71.55
C PRO Q 619 -57.49 -42.07 -71.29
N ILE Q 620 -57.21 -41.85 -70.01
CA ILE Q 620 -55.97 -41.21 -69.58
C ILE Q 620 -54.92 -42.24 -69.18
N TRP Q 621 -55.27 -43.18 -68.31
CA TRP Q 621 -54.31 -44.11 -67.77
C TRP Q 621 -54.92 -45.50 -67.74
N ALA Q 622 -54.03 -46.48 -67.65
CA ALA Q 622 -54.42 -47.85 -67.34
C ALA Q 622 -53.44 -48.41 -66.33
N LYS Q 623 -53.91 -49.34 -65.52
CA LYS Q 623 -53.03 -50.04 -64.60
C LYS Q 623 -52.23 -51.09 -65.38
N ILE Q 624 -50.92 -51.03 -65.27
CA ILE Q 624 -50.06 -52.06 -65.83
C ILE Q 624 -50.31 -53.32 -65.02
N PRO Q 625 -50.71 -54.42 -65.63
CA PRO Q 625 -50.93 -55.66 -64.87
C PRO Q 625 -49.68 -56.08 -64.13
N HIS Q 626 -49.86 -56.57 -62.91
CA HIS Q 626 -48.75 -57.01 -62.09
C HIS Q 626 -48.30 -58.37 -62.61
N THR Q 627 -47.29 -58.37 -63.47
CA THR Q 627 -46.77 -59.58 -64.07
C THR Q 627 -45.26 -59.59 -63.98
N ASP Q 628 -44.68 -60.76 -64.23
CA ASP Q 628 -43.23 -60.89 -64.26
C ASP Q 628 -42.62 -60.05 -65.36
N GLY Q 629 -43.22 -60.07 -66.54
CA GLY Q 629 -42.67 -59.37 -67.67
C GLY Q 629 -43.75 -58.63 -68.44
N ASN Q 630 -43.37 -57.48 -68.96
CA ASN Q 630 -44.17 -56.76 -69.93
C ASN Q 630 -43.22 -56.15 -70.95
N PHE Q 631 -43.74 -55.87 -72.13
CA PHE Q 631 -42.98 -55.20 -73.17
C PHE Q 631 -43.66 -53.89 -73.50
N HIS Q 632 -42.96 -52.78 -73.31
CA HIS Q 632 -43.46 -51.44 -73.56
C HIS Q 632 -44.85 -51.27 -72.95
N PRO Q 633 -44.95 -51.22 -71.63
CA PRO Q 633 -46.28 -51.26 -71.00
C PRO Q 633 -47.05 -49.97 -71.17
N SER Q 634 -47.22 -49.55 -72.38
CA SER Q 634 -48.12 -48.45 -72.71
C SER Q 634 -49.48 -49.00 -73.07
N PRO Q 635 -50.56 -48.51 -72.43
CA PRO Q 635 -51.87 -49.09 -72.68
C PRO Q 635 -52.26 -48.99 -74.15
N LEU Q 636 -52.89 -50.04 -74.66
CA LEU Q 636 -53.13 -50.12 -76.09
C LEU Q 636 -54.21 -49.16 -76.57
N MET Q 637 -55.23 -48.92 -75.75
CA MET Q 637 -56.20 -47.89 -76.12
C MET Q 637 -55.69 -46.48 -75.85
N GLY Q 638 -54.40 -46.34 -75.54
CA GLY Q 638 -53.79 -45.04 -75.40
C GLY Q 638 -53.75 -44.58 -73.95
N GLY Q 639 -52.80 -43.71 -73.67
CA GLY Q 639 -52.67 -43.13 -72.35
C GLY Q 639 -51.40 -43.55 -71.65
N PHE Q 640 -51.42 -43.41 -70.33
CA PHE Q 640 -50.25 -43.62 -69.50
C PHE Q 640 -50.39 -44.95 -68.77
N GLY Q 641 -49.41 -45.82 -68.94
CA GLY Q 641 -49.38 -47.06 -68.18
C GLY Q 641 -48.76 -46.82 -66.83
N LEU Q 642 -49.49 -47.14 -65.76
CA LEU Q 642 -49.04 -46.89 -64.40
C LEU Q 642 -49.03 -48.20 -63.62
N LYS Q 643 -47.91 -48.49 -62.97
CA LYS Q 643 -47.87 -49.60 -62.03
C LYS Q 643 -48.81 -49.35 -60.86
N HIS Q 644 -48.87 -48.11 -60.39
CA HIS Q 644 -49.73 -47.70 -59.28
C HIS Q 644 -50.58 -46.54 -59.76
N PRO Q 645 -51.67 -46.84 -60.46
CA PRO Q 645 -52.51 -45.78 -61.02
C PRO Q 645 -53.29 -45.08 -59.93
N PRO Q 646 -54.03 -44.03 -60.25
CA PRO Q 646 -54.94 -43.44 -59.29
C PRO Q 646 -55.85 -44.51 -58.70
N PRO Q 647 -55.93 -44.60 -57.38
CA PRO Q 647 -56.67 -45.70 -56.76
C PRO Q 647 -58.15 -45.62 -57.07
N GLN Q 648 -58.78 -46.79 -57.12
CA GLN Q 648 -60.23 -46.83 -57.24
C GLN Q 648 -60.87 -46.21 -56.01
N ILE Q 649 -61.86 -45.36 -56.22
CA ILE Q 649 -62.58 -44.71 -55.16
C ILE Q 649 -63.96 -45.35 -55.11
N LEU Q 650 -64.20 -46.15 -54.08
CA LEU Q 650 -65.43 -46.91 -53.94
C LEU Q 650 -66.37 -46.16 -53.01
N ILE Q 651 -67.63 -46.06 -53.41
CA ILE Q 651 -68.62 -45.33 -52.65
C ILE Q 651 -69.89 -46.17 -52.57
N LYS Q 652 -70.54 -46.15 -51.41
CA LYS Q 652 -71.75 -46.92 -51.21
C LYS Q 652 -72.64 -46.20 -50.21
N ASN Q 653 -73.94 -46.25 -50.45
CA ASN Q 653 -74.90 -45.84 -49.44
C ASN Q 653 -74.94 -46.89 -48.35
N THR Q 654 -74.71 -46.47 -47.11
CA THR Q 654 -74.80 -47.40 -46.00
C THR Q 654 -76.22 -47.90 -45.87
N PRO Q 655 -76.46 -49.21 -45.84
CA PRO Q 655 -77.82 -49.71 -45.72
C PRO Q 655 -78.46 -49.23 -44.42
N VAL Q 656 -79.70 -48.76 -44.54
CA VAL Q 656 -80.49 -48.35 -43.39
C VAL Q 656 -81.69 -49.30 -43.30
N PRO Q 657 -81.70 -50.23 -42.35
CA PRO Q 657 -82.80 -51.19 -42.26
C PRO Q 657 -84.13 -50.49 -42.03
N ALA Q 658 -85.18 -51.05 -42.61
CA ALA Q 658 -86.52 -50.70 -42.19
C ALA Q 658 -86.78 -51.28 -40.81
N ASP Q 659 -87.98 -51.10 -40.30
CA ASP Q 659 -88.26 -51.54 -38.94
C ASP Q 659 -88.12 -53.06 -38.85
N PRO Q 660 -87.23 -53.56 -37.99
CA PRO Q 660 -87.11 -55.01 -37.83
C PRO Q 660 -88.30 -55.56 -37.06
N PRO Q 661 -88.51 -56.87 -37.10
CA PRO Q 661 -89.59 -57.46 -36.28
C PRO Q 661 -89.28 -57.29 -34.79
N THR Q 662 -90.34 -57.34 -34.00
CA THR Q 662 -90.18 -57.17 -32.56
C THR Q 662 -89.78 -58.46 -31.86
N THR Q 663 -89.71 -59.57 -32.58
CA THR Q 663 -89.17 -60.82 -32.08
C THR Q 663 -87.91 -61.16 -32.86
N PHE Q 664 -86.89 -61.65 -32.17
CA PHE Q 664 -85.59 -61.82 -32.80
C PHE Q 664 -85.66 -62.85 -33.93
N ASN Q 665 -85.02 -62.49 -35.04
CA ASN Q 665 -84.82 -63.38 -36.17
C ASN Q 665 -83.36 -63.34 -36.56
N GLN Q 666 -82.73 -64.52 -36.65
CA GLN Q 666 -81.32 -64.59 -36.97
C GLN Q 666 -81.03 -64.25 -38.43
N SER Q 667 -82.04 -64.31 -39.29
CA SER Q 667 -81.82 -64.09 -40.71
C SER Q 667 -81.36 -62.66 -40.96
N LYS Q 668 -80.50 -62.50 -41.96
CA LYS Q 668 -80.04 -61.18 -42.34
C LYS Q 668 -81.23 -60.33 -42.78
N LEU Q 669 -81.18 -59.05 -42.43
CA LEU Q 669 -82.27 -58.16 -42.78
C LEU Q 669 -82.27 -57.89 -44.28
N ASN Q 670 -83.43 -57.99 -44.90
CA ASN Q 670 -83.59 -57.70 -46.31
C ASN Q 670 -84.55 -56.55 -46.56
N SER Q 671 -85.14 -55.98 -45.52
CA SER Q 671 -86.05 -54.85 -45.64
C SER Q 671 -85.26 -53.59 -45.31
N PHE Q 672 -85.02 -52.76 -46.31
CA PHE Q 672 -84.22 -51.57 -46.15
C PHE Q 672 -84.99 -50.35 -46.59
N ILE Q 673 -84.67 -49.22 -45.97
CA ILE Q 673 -85.22 -47.94 -46.39
C ILE Q 673 -84.65 -47.59 -47.75
N THR Q 674 -85.53 -47.30 -48.70
CA THR Q 674 -85.07 -46.93 -50.04
C THR Q 674 -84.34 -45.60 -49.98
N GLN Q 675 -83.16 -45.56 -50.55
CA GLN Q 675 -82.24 -44.48 -50.24
C GLN Q 675 -81.30 -44.26 -51.41
N TYR Q 676 -80.93 -43.01 -51.63
CA TYR Q 676 -79.89 -42.66 -52.58
C TYR Q 676 -79.16 -41.43 -52.06
N SER Q 677 -77.95 -41.24 -52.54
CA SER Q 677 -77.15 -40.10 -52.13
C SER Q 677 -76.76 -39.27 -53.34
N THR Q 678 -76.58 -37.99 -53.11
CA THR Q 678 -76.07 -37.08 -54.12
C THR Q 678 -75.03 -36.18 -53.45
N GLY Q 679 -74.15 -35.64 -54.27
CA GLY Q 679 -73.14 -34.75 -53.74
C GLY Q 679 -72.32 -34.19 -54.87
N GLN Q 680 -71.24 -33.52 -54.50
CA GLN Q 680 -70.30 -32.98 -55.46
C GLN Q 680 -68.99 -33.71 -55.35
N VAL Q 681 -68.34 -33.91 -56.50
CA VAL Q 681 -67.04 -34.54 -56.57
C VAL Q 681 -66.10 -33.58 -57.28
N SER Q 682 -64.94 -33.35 -56.68
CA SER Q 682 -63.90 -32.51 -57.28
C SER Q 682 -62.67 -33.35 -57.51
N VAL Q 683 -62.13 -33.29 -58.71
CA VAL Q 683 -60.85 -33.91 -59.03
C VAL Q 683 -59.94 -32.84 -59.63
N GLU Q 684 -58.77 -32.67 -59.05
CA GLU Q 684 -57.77 -31.73 -59.53
C GLU Q 684 -56.55 -32.52 -59.96
N ILE Q 685 -56.14 -32.35 -61.22
CA ILE Q 685 -54.96 -33.01 -61.73
C ILE Q 685 -53.98 -31.95 -62.19
N GLU Q 686 -52.74 -32.05 -61.72
CA GLU Q 686 -51.66 -31.23 -62.21
C GLU Q 686 -50.93 -31.98 -63.30
N TRP Q 687 -50.81 -31.37 -64.47
CA TRP Q 687 -50.13 -31.95 -65.60
C TRP Q 687 -48.84 -31.19 -65.88
N GLU Q 688 -47.78 -31.92 -66.14
CA GLU Q 688 -46.53 -31.33 -66.60
C GLU Q 688 -46.53 -31.26 -68.10
N LEU Q 689 -46.05 -30.15 -68.65
CA LEU Q 689 -46.05 -29.91 -70.08
C LEU Q 689 -44.64 -29.99 -70.64
N GLN Q 690 -44.52 -30.54 -71.83
CA GLN Q 690 -43.28 -30.47 -72.62
C GLN Q 690 -43.48 -29.41 -73.68
N LYS Q 691 -42.87 -28.25 -73.47
CA LYS Q 691 -42.98 -27.17 -74.44
C LYS Q 691 -42.26 -27.53 -75.73
N GLU Q 692 -42.86 -27.16 -76.86
CA GLU Q 692 -42.21 -27.39 -78.14
C GLU Q 692 -41.09 -26.39 -78.33
N ASN Q 693 -39.91 -26.89 -78.67
CA ASN Q 693 -38.75 -26.07 -78.98
C ASN Q 693 -38.32 -26.40 -80.40
N SER Q 694 -38.97 -25.74 -81.36
CA SER Q 694 -38.88 -26.11 -82.75
C SER Q 694 -38.34 -24.96 -83.58
N LYS Q 695 -37.46 -25.28 -84.52
CA LYS Q 695 -36.92 -24.31 -85.45
C LYS Q 695 -37.59 -24.38 -86.82
N ARG Q 696 -38.73 -25.07 -86.90
CA ARG Q 696 -39.51 -25.12 -88.12
C ARG Q 696 -39.89 -23.70 -88.56
N TRP Q 697 -39.70 -23.42 -89.85
CA TRP Q 697 -39.94 -22.09 -90.36
C TRP Q 697 -41.42 -21.88 -90.70
N ASN Q 698 -42.00 -22.81 -91.45
CA ASN Q 698 -43.37 -22.67 -91.90
C ASN Q 698 -44.34 -22.93 -90.76
N PRO Q 699 -45.55 -22.41 -90.84
CA PRO Q 699 -46.52 -22.61 -89.75
C PRO Q 699 -46.89 -24.07 -89.57
N GLU Q 700 -47.17 -24.44 -88.33
CA GLU Q 700 -47.55 -25.79 -87.99
C GLU Q 700 -49.04 -26.01 -88.24
N ILE Q 701 -49.43 -27.27 -88.26
CA ILE Q 701 -50.85 -27.62 -88.23
C ILE Q 701 -51.36 -27.45 -86.81
N GLN Q 702 -52.49 -26.78 -86.67
CA GLN Q 702 -53.10 -26.54 -85.37
C GLN Q 702 -54.53 -27.02 -85.40
N TYR Q 703 -55.01 -27.50 -84.26
CA TYR Q 703 -56.43 -27.75 -84.15
C TYR Q 703 -57.16 -26.43 -84.06
N THR Q 704 -58.17 -26.26 -84.92
CA THR Q 704 -58.93 -25.03 -84.95
C THR Q 704 -60.41 -25.37 -85.13
N SER Q 705 -61.26 -24.52 -84.57
CA SER Q 705 -62.67 -24.62 -84.88
C SER Q 705 -62.92 -24.09 -86.29
N ASN Q 706 -63.97 -24.60 -86.91
CA ASN Q 706 -64.33 -24.15 -88.25
C ASN Q 706 -64.83 -22.72 -88.19
N TYR Q 707 -64.36 -21.89 -89.12
CA TYR Q 707 -64.76 -20.49 -89.15
C TYR Q 707 -66.15 -20.30 -89.71
N TYR Q 708 -66.60 -21.20 -90.59
CA TYR Q 708 -67.86 -21.02 -91.29
C TYR Q 708 -69.04 -21.18 -90.33
N LYS Q 709 -70.16 -20.56 -90.69
CA LYS Q 709 -71.33 -20.56 -89.85
C LYS Q 709 -71.94 -21.95 -89.73
N SER Q 710 -72.66 -22.18 -88.64
CA SER Q 710 -73.29 -23.47 -88.40
C SER Q 710 -74.49 -23.27 -87.50
N THR Q 711 -75.37 -24.28 -87.47
CA THR Q 711 -76.57 -24.20 -86.66
C THR Q 711 -76.23 -24.12 -85.18
N SER Q 712 -75.20 -24.82 -84.75
CA SER Q 712 -74.81 -24.84 -83.35
C SER Q 712 -73.29 -24.69 -83.24
N VAL Q 713 -72.85 -24.24 -82.08
CA VAL Q 713 -71.43 -24.16 -81.79
C VAL Q 713 -70.91 -25.55 -81.47
N ASP Q 714 -69.79 -25.91 -82.08
CA ASP Q 714 -69.16 -27.19 -81.77
C ASP Q 714 -68.66 -27.19 -80.32
N PHE Q 715 -68.84 -28.33 -79.65
CA PHE Q 715 -68.51 -28.47 -78.24
C PHE Q 715 -69.29 -27.47 -77.39
N ALA Q 716 -70.58 -27.40 -77.65
CA ALA Q 716 -71.51 -26.59 -76.88
C ALA Q 716 -72.80 -27.36 -76.74
N VAL Q 717 -73.77 -26.73 -76.14
CA VAL Q 717 -75.09 -27.34 -75.99
C VAL Q 717 -75.95 -26.94 -77.18
N ASN Q 718 -76.94 -27.78 -77.49
CA ASN Q 718 -77.90 -27.46 -78.52
C ASN Q 718 -79.10 -26.75 -77.88
N THR Q 719 -80.18 -26.60 -78.63
CA THR Q 719 -81.36 -25.91 -78.11
C THR Q 719 -82.05 -26.69 -76.99
N GLU Q 720 -81.76 -27.98 -76.86
CA GLU Q 720 -82.36 -28.81 -75.81
C GLU Q 720 -81.47 -28.97 -74.59
N GLY Q 721 -80.33 -28.30 -74.56
CA GLY Q 721 -79.44 -28.41 -73.44
C GLY Q 721 -78.50 -29.59 -73.47
N VAL Q 722 -78.43 -30.31 -74.58
CA VAL Q 722 -77.58 -31.49 -74.69
C VAL Q 722 -76.20 -31.06 -75.14
N TYR Q 723 -75.20 -31.32 -74.30
CA TYR Q 723 -73.81 -31.11 -74.69
C TYR Q 723 -73.35 -32.27 -75.56
N SER Q 724 -72.66 -31.93 -76.64
CA SER Q 724 -72.17 -32.94 -77.56
C SER Q 724 -70.72 -32.63 -77.95
N GLU Q 725 -69.95 -33.69 -78.17
CA GLU Q 725 -68.61 -33.56 -78.71
C GLU Q 725 -68.66 -33.98 -80.17
N PRO Q 726 -68.53 -33.07 -81.12
CA PRO Q 726 -68.80 -33.43 -82.53
C PRO Q 726 -67.74 -34.30 -83.16
N ARG Q 727 -66.50 -34.26 -82.67
CA ARG Q 727 -65.43 -35.02 -83.27
C ARG Q 727 -64.47 -35.45 -82.19
N PRO Q 728 -63.70 -36.52 -82.41
CA PRO Q 728 -62.63 -36.86 -81.48
C PRO Q 728 -61.40 -36.00 -81.77
N ILE Q 729 -61.00 -35.20 -80.79
CA ILE Q 729 -59.82 -34.36 -80.95
C ILE Q 729 -58.62 -35.17 -80.49
N GLY Q 730 -57.72 -35.45 -81.43
CA GLY Q 730 -56.48 -36.11 -81.09
C GLY Q 730 -55.54 -35.17 -80.36
N THR Q 731 -54.27 -35.50 -80.36
CA THR Q 731 -53.30 -34.73 -79.61
C THR Q 731 -52.11 -34.32 -80.44
N ARG Q 732 -51.94 -34.90 -81.62
CA ARG Q 732 -50.72 -34.74 -82.42
C ARG Q 732 -50.97 -33.75 -83.54
N TYR Q 733 -50.61 -32.49 -83.29
CA TYR Q 733 -50.69 -31.43 -84.28
C TYR Q 733 -49.37 -30.77 -84.55
N LEU Q 734 -48.57 -30.53 -83.51
CA LEU Q 734 -47.22 -30.04 -83.69
C LEU Q 734 -46.34 -31.14 -84.28
N THR Q 735 -45.18 -30.75 -84.78
CA THR Q 735 -44.29 -31.68 -85.44
C THR Q 735 -42.91 -31.68 -84.79
N ARG Q 736 -42.25 -32.83 -84.88
CA ARG Q 736 -40.85 -32.98 -84.50
C ARG Q 736 -40.13 -33.74 -85.60
N ASN Q 737 -38.83 -33.50 -85.69
CA ASN Q 737 -37.99 -34.38 -86.50
C ASN Q 737 -37.84 -35.72 -85.80
N LEU Q 738 -37.49 -36.73 -86.59
CA LEU Q 738 -37.27 -38.05 -86.01
C LEU Q 738 -35.90 -38.08 -85.32
N GLY R 221 -5.60 -78.59 -37.64
CA GLY R 221 -5.10 -79.80 -37.01
C GLY R 221 -5.72 -81.07 -37.53
N VAL R 222 -4.94 -82.16 -37.48
CA VAL R 222 -5.45 -83.46 -37.93
C VAL R 222 -6.61 -83.92 -37.06
N GLY R 223 -6.49 -83.76 -35.75
CA GLY R 223 -7.47 -84.26 -34.81
C GLY R 223 -8.56 -83.29 -34.39
N SER R 224 -8.71 -82.16 -35.06
CA SER R 224 -9.73 -81.18 -34.73
C SER R 224 -10.63 -80.94 -35.93
N SER R 225 -11.94 -80.88 -35.67
CA SER R 225 -12.90 -80.59 -36.72
C SER R 225 -12.74 -79.16 -37.22
N SER R 226 -12.85 -78.99 -38.54
CA SER R 226 -12.73 -77.67 -39.15
C SER R 226 -14.07 -77.01 -39.39
N GLY R 227 -15.17 -77.63 -38.98
CA GLY R 227 -16.47 -77.03 -39.12
C GLY R 227 -17.53 -77.96 -38.57
N ASN R 228 -18.70 -77.38 -38.33
CA ASN R 228 -19.83 -78.10 -37.76
C ASN R 228 -20.91 -78.33 -38.81
N TRP R 229 -21.78 -79.28 -38.51
CA TRP R 229 -22.91 -79.57 -39.38
C TRP R 229 -23.97 -78.50 -39.18
N HIS R 230 -24.36 -77.83 -40.26
CA HIS R 230 -25.33 -76.74 -40.22
C HIS R 230 -26.39 -77.00 -41.26
N CYS R 231 -27.41 -77.75 -40.89
CA CYS R 231 -28.63 -77.88 -41.69
C CYS R 231 -29.77 -77.27 -40.88
N ASP R 232 -30.39 -76.24 -41.44
CA ASP R 232 -31.40 -75.49 -40.71
C ASP R 232 -32.08 -74.54 -41.67
N SER R 233 -33.23 -74.01 -41.23
CA SER R 233 -33.89 -72.92 -41.91
C SER R 233 -34.49 -72.02 -40.84
N THR R 234 -34.11 -70.75 -40.84
CA THR R 234 -34.61 -69.80 -39.89
C THR R 234 -35.47 -68.77 -40.62
N TRP R 235 -36.73 -68.69 -40.24
CA TRP R 235 -37.66 -67.73 -40.80
C TRP R 235 -37.75 -66.54 -39.84
N LEU R 236 -37.38 -65.36 -40.32
CA LEU R 236 -37.33 -64.18 -39.46
C LEU R 236 -37.83 -63.00 -40.29
N GLY R 237 -39.07 -62.59 -40.06
CA GLY R 237 -39.62 -61.46 -40.78
C GLY R 237 -39.78 -61.77 -42.25
N ASP R 238 -39.23 -60.89 -43.08
CA ASP R 238 -39.27 -61.04 -44.53
C ASP R 238 -38.09 -61.81 -45.08
N ARG R 239 -37.33 -62.48 -44.23
CA ARG R 239 -36.19 -63.28 -44.64
C ARG R 239 -36.38 -64.73 -44.22
N VAL R 240 -35.86 -65.63 -45.02
CA VAL R 240 -35.64 -67.01 -44.61
C VAL R 240 -34.20 -67.35 -44.94
N ILE R 241 -33.49 -67.90 -43.98
CA ILE R 241 -32.10 -68.29 -44.16
C ILE R 241 -32.06 -69.81 -44.15
N THR R 242 -31.84 -70.40 -45.32
CA THR R 242 -31.65 -71.83 -45.43
C THR R 242 -30.17 -72.13 -45.37
N THR R 243 -29.79 -73.09 -44.54
CA THR R 243 -28.44 -73.60 -44.51
C THR R 243 -28.50 -75.11 -44.63
N SER R 244 -27.65 -75.66 -45.47
CA SER R 244 -27.65 -77.10 -45.70
C SER R 244 -26.23 -77.61 -45.73
N THR R 245 -26.01 -78.72 -45.05
CA THR R 245 -24.71 -79.38 -45.03
C THR R 245 -24.87 -80.76 -45.65
N ARG R 246 -23.90 -81.16 -46.45
CA ARG R 246 -23.88 -82.48 -47.05
C ARG R 246 -22.48 -83.05 -46.96
N THR R 247 -22.40 -84.36 -46.96
CA THR R 247 -21.13 -85.06 -47.08
C THR R 247 -20.89 -85.38 -48.54
N TRP R 248 -19.73 -85.00 -49.05
CA TRP R 248 -19.38 -85.23 -50.44
C TRP R 248 -18.21 -86.17 -50.53
N ALA R 249 -18.04 -86.77 -51.70
CA ALA R 249 -16.87 -87.57 -52.02
C ALA R 249 -16.37 -87.14 -53.39
N LEU R 250 -15.10 -86.79 -53.46
CA LEU R 250 -14.50 -86.34 -54.71
C LEU R 250 -13.48 -87.37 -55.19
N PRO R 251 -13.72 -88.06 -56.29
CA PRO R 251 -12.71 -88.95 -56.83
C PRO R 251 -11.66 -88.17 -57.61
N THR R 252 -10.63 -88.88 -58.03
CA THR R 252 -9.72 -88.35 -59.03
C THR R 252 -10.37 -88.52 -60.40
N TYR R 253 -10.57 -87.41 -61.09
CA TYR R 253 -11.20 -87.43 -62.41
C TYR R 253 -10.13 -87.41 -63.48
N ASN R 254 -10.36 -88.16 -64.55
CA ASN R 254 -9.55 -88.13 -65.76
C ASN R 254 -8.11 -88.55 -65.53
N ASN R 255 -7.81 -89.19 -64.40
CA ASN R 255 -6.44 -89.50 -64.02
C ASN R 255 -5.57 -88.24 -64.01
N HIS R 256 -6.13 -87.16 -63.47
CA HIS R 256 -5.48 -85.86 -63.33
C HIS R 256 -5.20 -85.18 -64.67
N LEU R 257 -5.84 -85.62 -65.74
CA LEU R 257 -5.55 -85.11 -67.08
C LEU R 257 -6.66 -84.21 -67.59
N TYR R 258 -6.29 -83.28 -68.44
CA TYR R 258 -7.25 -82.58 -69.29
C TYR R 258 -7.35 -83.34 -70.60
N LYS R 259 -8.56 -83.74 -70.98
CA LYS R 259 -8.77 -84.49 -72.19
C LYS R 259 -9.66 -83.70 -73.13
N GLN R 260 -9.23 -83.56 -74.38
CA GLN R 260 -10.12 -83.04 -75.40
C GLN R 260 -11.19 -84.07 -75.68
N ILE R 261 -12.45 -83.62 -75.71
CA ILE R 261 -13.58 -84.48 -75.97
C ILE R 261 -14.34 -83.89 -77.16
N SER R 262 -14.86 -84.77 -78.01
CA SER R 262 -15.52 -84.34 -79.23
C SER R 262 -16.61 -85.32 -79.59
N ASN R 263 -17.47 -84.89 -80.51
CA ASN R 263 -18.49 -85.75 -81.10
C ASN R 263 -18.76 -85.21 -82.48
N GLY R 264 -18.60 -86.07 -83.50
CA GLY R 264 -18.79 -85.68 -84.87
C GLY R 264 -19.90 -86.48 -85.52
N THR R 265 -20.08 -86.22 -86.82
CA THR R 265 -21.11 -86.89 -87.59
C THR R 265 -20.59 -88.22 -88.14
N ALA R 269 -23.53 -89.93 -84.88
CA ALA R 269 -24.18 -88.76 -84.30
C ALA R 269 -24.59 -87.77 -85.39
N THR R 270 -25.68 -87.05 -85.13
CA THR R 270 -26.13 -86.04 -86.07
C THR R 270 -25.38 -84.74 -85.86
N ASN R 271 -25.49 -83.85 -86.84
CA ASN R 271 -24.84 -82.54 -86.72
C ASN R 271 -25.41 -81.75 -85.56
N ASP R 272 -26.67 -81.98 -85.21
CA ASP R 272 -27.29 -81.25 -84.10
C ASP R 272 -26.63 -81.57 -82.77
N ASN R 273 -25.94 -82.70 -82.66
CA ASN R 273 -25.35 -83.15 -81.40
C ASN R 273 -23.83 -83.10 -81.40
N THR R 274 -23.22 -82.47 -82.38
CA THR R 274 -21.76 -82.37 -82.40
C THR R 274 -21.27 -81.41 -81.33
N TYR R 275 -20.07 -81.66 -80.83
CA TYR R 275 -19.46 -80.75 -79.88
C TYR R 275 -17.96 -80.93 -79.88
N PHE R 276 -17.27 -79.90 -79.42
CA PHE R 276 -15.85 -79.95 -79.10
C PHE R 276 -15.69 -79.29 -77.75
N GLY R 277 -14.94 -79.94 -76.87
CA GLY R 277 -14.74 -79.40 -75.56
C GLY R 277 -13.62 -80.09 -74.83
N TYR R 278 -13.58 -79.86 -73.53
CA TYR R 278 -12.52 -80.43 -72.72
C TYR R 278 -13.09 -81.02 -71.45
N SER R 279 -12.64 -82.22 -71.11
CA SER R 279 -12.88 -82.81 -69.82
C SER R 279 -11.72 -82.44 -68.91
N THR R 280 -12.03 -81.96 -67.73
CA THR R 280 -11.00 -81.53 -66.79
C THR R 280 -10.92 -82.49 -65.62
N PRO R 281 -9.77 -82.55 -64.94
CA PRO R 281 -9.67 -83.36 -63.73
C PRO R 281 -10.34 -82.75 -62.51
N TRP R 282 -11.06 -81.64 -62.69
CA TRP R 282 -11.66 -80.92 -61.57
C TRP R 282 -13.11 -81.34 -61.37
N GLY R 283 -13.50 -81.41 -60.12
CA GLY R 283 -14.91 -81.45 -59.79
C GLY R 283 -15.43 -80.05 -59.52
N TYR R 284 -16.74 -79.95 -59.35
CA TYR R 284 -17.33 -78.66 -59.02
C TYR R 284 -18.53 -78.88 -58.11
N PHE R 285 -18.80 -77.89 -57.28
CA PHE R 285 -19.92 -77.95 -56.35
C PHE R 285 -21.12 -77.27 -56.97
N ASP R 286 -22.25 -77.97 -56.99
CA ASP R 286 -23.50 -77.46 -57.52
C ASP R 286 -24.54 -77.49 -56.42
N PHE R 287 -25.18 -76.35 -56.19
CA PHE R 287 -26.34 -76.27 -55.31
C PHE R 287 -27.41 -75.43 -55.97
N ASN R 288 -27.56 -75.59 -57.28
CA ASN R 288 -28.47 -74.81 -58.09
C ASN R 288 -29.83 -75.48 -58.24
N ARG R 289 -30.28 -76.19 -57.22
CA ARG R 289 -31.64 -76.71 -57.15
C ARG R 289 -32.23 -76.30 -55.82
N PHE R 290 -33.53 -76.01 -55.82
CA PHE R 290 -34.16 -75.48 -54.62
C PHE R 290 -34.18 -76.51 -53.49
N HIS R 291 -34.27 -77.79 -53.80
CA HIS R 291 -34.30 -78.79 -52.74
C HIS R 291 -32.95 -78.99 -52.09
N CYS R 292 -31.87 -78.42 -52.66
CA CYS R 292 -30.61 -78.39 -51.95
C CYS R 292 -30.66 -77.50 -50.71
N HIS R 293 -31.64 -76.62 -50.64
CA HIS R 293 -31.73 -75.63 -49.57
C HIS R 293 -33.03 -75.69 -48.81
N PHE R 294 -34.14 -75.97 -49.47
CA PHE R 294 -35.45 -76.01 -48.84
C PHE R 294 -35.85 -77.46 -48.61
N SER R 295 -36.18 -77.79 -47.37
CA SER R 295 -36.89 -79.02 -47.11
C SER R 295 -38.30 -78.90 -47.69
N PRO R 296 -38.96 -80.03 -47.97
CA PRO R 296 -40.33 -79.95 -48.49
C PRO R 296 -41.26 -79.15 -47.60
N ARG R 297 -41.12 -79.29 -46.27
CA ARG R 297 -41.92 -78.48 -45.36
C ARG R 297 -41.56 -77.00 -45.46
N ASP R 298 -40.27 -76.70 -45.58
CA ASP R 298 -39.86 -75.31 -45.77
C ASP R 298 -40.38 -74.76 -47.08
N TRP R 299 -40.36 -75.58 -48.14
CA TRP R 299 -40.92 -75.17 -49.41
C TRP R 299 -42.41 -74.89 -49.28
N GLN R 300 -43.12 -75.72 -48.53
CA GLN R 300 -44.54 -75.48 -48.27
C GLN R 300 -44.75 -74.17 -47.53
N ARG R 301 -43.95 -73.92 -46.50
CA ARG R 301 -44.01 -72.66 -45.78
C ARG R 301 -43.81 -71.48 -46.72
N LEU R 302 -42.84 -71.59 -47.62
CA LEU R 302 -42.54 -70.52 -48.55
C LEU R 302 -43.69 -70.27 -49.52
N ILE R 303 -44.18 -71.34 -50.16
CA ILE R 303 -45.12 -71.15 -51.26
C ILE R 303 -46.54 -70.92 -50.79
N ASN R 304 -46.91 -71.34 -49.57
CA ASN R 304 -48.27 -71.14 -49.11
C ASN R 304 -48.49 -69.77 -48.48
N ASN R 305 -47.44 -68.99 -48.27
CA ASN R 305 -47.54 -67.78 -47.47
C ASN R 305 -46.88 -66.56 -48.10
N ASN R 306 -46.22 -66.70 -49.23
CA ASN R 306 -45.46 -65.60 -49.80
C ASN R 306 -45.83 -65.42 -51.26
N TRP R 307 -45.96 -64.16 -51.67
CA TRP R 307 -46.19 -63.84 -53.07
C TRP R 307 -44.93 -63.90 -53.90
N GLY R 308 -43.78 -63.87 -53.27
CA GLY R 308 -42.53 -63.89 -54.01
C GLY R 308 -41.35 -64.10 -53.09
N PHE R 309 -40.23 -64.44 -53.70
CA PHE R 309 -38.99 -64.62 -52.97
C PHE R 309 -37.84 -64.43 -53.95
N ARG R 310 -36.67 -64.18 -53.39
CA ARG R 310 -35.46 -64.04 -54.20
C ARG R 310 -34.26 -64.27 -53.31
N PRO R 311 -33.18 -64.83 -53.85
CA PRO R 311 -31.96 -64.96 -53.05
C PRO R 311 -31.31 -63.62 -52.82
N LYS R 312 -30.70 -63.47 -51.66
CA LYS R 312 -30.02 -62.24 -51.28
C LYS R 312 -28.52 -62.42 -51.16
N ARG R 313 -28.07 -63.41 -50.40
CA ARG R 313 -26.66 -63.66 -50.20
C ARG R 313 -26.48 -65.13 -49.95
N LEU R 314 -25.25 -65.61 -50.16
CA LEU R 314 -24.94 -66.98 -49.82
C LEU R 314 -23.57 -67.04 -49.18
N SER R 315 -23.39 -68.00 -48.30
CA SER R 315 -22.10 -68.36 -47.76
C SER R 315 -21.88 -69.85 -47.99
N PHE R 316 -20.66 -70.20 -48.36
CA PHE R 316 -20.30 -71.56 -48.75
C PHE R 316 -19.12 -71.99 -47.91
N LYS R 317 -19.13 -73.24 -47.45
CA LYS R 317 -18.06 -73.74 -46.62
C LYS R 317 -17.68 -75.14 -47.02
N LEU R 318 -16.38 -75.40 -47.09
CA LEU R 318 -15.82 -76.73 -47.21
C LEU R 318 -14.99 -77.00 -45.97
N PHE R 319 -15.20 -78.16 -45.34
CA PHE R 319 -14.56 -78.42 -44.07
C PHE R 319 -14.56 -79.91 -43.82
N ASN R 320 -13.83 -80.32 -42.77
CA ASN R 320 -13.67 -81.72 -42.40
C ASN R 320 -13.21 -82.54 -43.59
N ILE R 321 -12.21 -82.02 -44.28
CA ILE R 321 -11.69 -82.66 -45.48
C ILE R 321 -10.85 -83.86 -45.07
N GLN R 322 -11.10 -84.99 -45.72
CA GLN R 322 -10.31 -86.19 -45.52
C GLN R 322 -9.87 -86.67 -46.89
N VAL R 323 -8.56 -86.72 -47.11
CA VAL R 323 -8.01 -87.28 -48.33
C VAL R 323 -7.55 -88.69 -48.03
N LYS R 324 -8.03 -89.64 -48.81
CA LYS R 324 -7.80 -91.05 -48.52
C LYS R 324 -7.06 -91.71 -49.66
N GLU R 325 -6.11 -92.56 -49.30
CA GLU R 325 -5.33 -93.33 -50.26
C GLU R 325 -5.87 -94.75 -50.31
N VAL R 326 -6.09 -95.26 -51.51
CA VAL R 326 -6.57 -96.62 -51.71
C VAL R 326 -5.52 -97.40 -52.49
N THR R 327 -5.15 -98.56 -51.97
CA THR R 327 -4.11 -99.39 -52.59
C THR R 327 -4.69 -100.70 -53.09
N LYS R 333 -8.03 -104.61 -51.37
CA LYS R 333 -8.13 -103.16 -51.35
C LYS R 333 -8.18 -102.62 -49.92
N THR R 334 -7.25 -101.72 -49.60
CA THR R 334 -7.22 -101.05 -48.32
C THR R 334 -7.29 -99.54 -48.53
N ILE R 335 -8.06 -98.86 -47.70
CA ILE R 335 -8.21 -97.41 -47.75
C ILE R 335 -7.58 -96.85 -46.49
N ALA R 336 -6.65 -95.90 -46.66
CA ALA R 336 -5.96 -95.29 -45.55
C ALA R 336 -5.99 -93.78 -45.69
N ASN R 337 -5.90 -93.10 -44.56
CA ASN R 337 -5.78 -91.65 -44.58
C ASN R 337 -4.44 -91.23 -45.16
N ASN R 338 -4.46 -90.21 -46.00
CA ASN R 338 -3.25 -89.55 -46.47
C ASN R 338 -3.27 -88.16 -45.85
N LEU R 339 -2.68 -88.05 -44.65
CA LEU R 339 -2.82 -86.83 -43.86
C LEU R 339 -2.16 -85.63 -44.53
N THR R 340 -1.14 -85.86 -45.34
CA THR R 340 -0.39 -84.77 -45.96
C THR R 340 -0.88 -84.43 -47.36
N SER R 341 -1.90 -85.12 -47.86
CA SER R 341 -2.43 -84.82 -49.18
C SER R 341 -3.35 -83.61 -49.12
N THR R 342 -3.48 -82.92 -50.25
CA THR R 342 -4.27 -81.72 -50.34
C THR R 342 -5.36 -81.87 -51.39
N ILE R 343 -6.39 -81.04 -51.23
CA ILE R 343 -7.34 -80.75 -52.29
C ILE R 343 -7.15 -79.29 -52.67
N GLN R 344 -7.49 -78.98 -53.91
CA GLN R 344 -7.43 -77.60 -54.40
C GLN R 344 -8.85 -77.11 -54.64
N VAL R 345 -9.16 -75.96 -54.08
CA VAL R 345 -10.48 -75.35 -54.21
C VAL R 345 -10.30 -73.91 -54.64
N PHE R 346 -11.05 -73.49 -55.64
CA PHE R 346 -11.13 -72.07 -55.97
C PHE R 346 -12.51 -71.77 -56.54
N THR R 347 -12.91 -70.53 -56.39
CA THR R 347 -14.14 -70.04 -57.00
C THR R 347 -13.79 -69.19 -58.20
N ASP R 348 -14.50 -69.42 -59.31
CA ASP R 348 -14.36 -68.59 -60.50
C ASP R 348 -15.11 -67.28 -60.27
N SER R 349 -14.55 -66.46 -59.39
CA SER R 349 -15.24 -65.24 -58.96
C SER R 349 -15.30 -64.20 -60.06
N GLU R 350 -14.36 -64.22 -60.99
CA GLU R 350 -14.37 -63.32 -62.13
C GLU R 350 -15.11 -63.87 -63.33
N TYR R 351 -15.70 -65.06 -63.20
CA TYR R 351 -16.47 -65.68 -64.28
C TYR R 351 -15.61 -65.84 -65.53
N GLN R 352 -14.37 -66.24 -65.34
CA GLN R 352 -13.44 -66.43 -66.46
C GLN R 352 -13.50 -67.84 -67.03
N LEU R 353 -14.15 -68.73 -66.39
CA LEU R 353 -14.32 -70.07 -66.90
C LEU R 353 -15.68 -70.21 -67.56
N PRO R 354 -15.83 -71.14 -68.51
CA PRO R 354 -17.16 -71.46 -69.01
C PRO R 354 -18.08 -71.87 -67.87
N TYR R 355 -19.22 -71.20 -67.79
CA TYR R 355 -20.16 -71.39 -66.69
C TYR R 355 -21.09 -72.54 -67.05
N VAL R 356 -20.87 -73.70 -66.43
CA VAL R 356 -21.67 -74.88 -66.73
C VAL R 356 -22.79 -75.11 -65.73
N LEU R 357 -22.83 -74.34 -64.65
CA LEU R 357 -24.02 -74.33 -63.82
C LEU R 357 -25.17 -73.67 -64.60
N GLY R 358 -26.39 -73.93 -64.15
CA GLY R 358 -27.51 -73.42 -64.88
C GLY R 358 -27.80 -74.15 -66.18
N SER R 359 -27.36 -75.41 -66.29
CA SER R 359 -27.75 -76.27 -67.39
C SER R 359 -28.55 -77.47 -66.89
N ALA R 360 -29.08 -77.37 -65.67
CA ALA R 360 -29.94 -78.40 -65.07
C ALA R 360 -29.23 -79.75 -65.03
N HIS R 361 -27.95 -79.75 -64.67
CA HIS R 361 -27.17 -80.96 -64.63
C HIS R 361 -27.31 -81.67 -63.29
N GLN R 362 -27.12 -82.99 -63.32
CA GLN R 362 -27.03 -83.75 -62.10
C GLN R 362 -25.76 -83.40 -61.35
N GLY R 363 -25.68 -83.86 -60.10
CA GLY R 363 -24.52 -83.61 -59.28
C GLY R 363 -24.70 -82.50 -58.26
N CYS R 364 -25.89 -81.92 -58.17
CA CYS R 364 -26.15 -80.95 -57.13
C CYS R 364 -26.18 -81.63 -55.76
N LEU R 365 -26.19 -80.82 -54.72
CA LEU R 365 -26.35 -81.35 -53.38
C LEU R 365 -27.65 -82.13 -53.30
N PRO R 366 -27.66 -83.32 -52.69
CA PRO R 366 -28.87 -84.12 -52.67
C PRO R 366 -29.95 -83.43 -51.85
N PRO R 367 -31.23 -83.63 -52.19
CA PRO R 367 -32.30 -83.05 -51.38
C PRO R 367 -32.30 -83.54 -49.94
N PHE R 368 -31.93 -84.79 -49.70
CA PHE R 368 -31.97 -85.36 -48.37
C PHE R 368 -30.64 -85.11 -47.67
N PRO R 369 -30.63 -84.45 -46.50
CA PRO R 369 -29.35 -84.11 -45.86
C PRO R 369 -28.49 -85.30 -45.51
N ALA R 370 -29.10 -86.45 -45.20
CA ALA R 370 -28.32 -87.63 -44.85
C ALA R 370 -27.63 -88.26 -46.06
N ASP R 371 -27.90 -87.77 -47.26
CA ASP R 371 -27.41 -88.40 -48.46
C ASP R 371 -25.99 -87.95 -48.77
N VAL R 372 -25.10 -88.90 -49.00
CA VAL R 372 -23.72 -88.60 -49.39
C VAL R 372 -23.66 -88.62 -50.92
N PHE R 373 -23.09 -87.57 -51.49
CA PHE R 373 -23.11 -87.41 -52.94
C PHE R 373 -21.71 -87.30 -53.51
N MET R 374 -21.61 -87.73 -54.76
CA MET R 374 -20.38 -87.64 -55.53
C MET R 374 -20.31 -86.31 -56.26
N ILE R 375 -19.15 -85.68 -56.21
CA ILE R 375 -18.97 -84.38 -56.85
C ILE R 375 -18.87 -84.57 -58.37
N PRO R 376 -19.66 -83.84 -59.16
CA PRO R 376 -19.60 -84.03 -60.61
C PRO R 376 -18.30 -83.50 -61.20
N GLN R 377 -17.89 -84.10 -62.31
CA GLN R 377 -16.68 -83.68 -62.99
C GLN R 377 -16.92 -82.45 -63.83
N TYR R 378 -16.00 -81.49 -63.75
CA TYR R 378 -16.13 -80.27 -64.52
C TYR R 378 -15.63 -80.50 -65.95
N GLY R 379 -16.48 -80.16 -66.91
CA GLY R 379 -16.08 -80.09 -68.29
C GLY R 379 -16.78 -78.92 -68.94
N TYR R 380 -16.29 -78.54 -70.11
CA TYR R 380 -16.89 -77.41 -70.81
C TYR R 380 -16.79 -77.63 -72.29
N LEU R 381 -17.59 -76.87 -73.02
CA LEU R 381 -17.61 -76.90 -74.47
C LEU R 381 -17.15 -75.57 -75.01
N THR R 382 -16.48 -75.62 -76.16
CA THR R 382 -16.10 -74.40 -76.85
C THR R 382 -16.61 -74.50 -78.28
N LEU R 383 -16.18 -73.59 -79.14
CA LEU R 383 -16.67 -73.60 -80.52
C LEU R 383 -16.23 -74.87 -81.23
N ASN R 384 -17.15 -75.43 -82.01
CA ASN R 384 -16.86 -76.64 -82.76
C ASN R 384 -17.38 -76.50 -84.18
N ASN R 385 -16.72 -77.21 -85.09
CA ASN R 385 -17.17 -77.40 -86.47
C ASN R 385 -17.20 -78.91 -86.66
N GLY R 386 -18.35 -79.51 -86.41
CA GLY R 386 -18.39 -80.96 -86.30
C GLY R 386 -17.67 -81.39 -85.04
N SER R 387 -16.75 -82.34 -85.19
CA SER R 387 -15.92 -82.76 -84.08
C SER R 387 -14.63 -81.97 -83.98
N GLN R 388 -14.39 -81.03 -84.88
CA GLN R 388 -13.17 -80.26 -84.91
C GLN R 388 -13.33 -78.95 -84.16
N ALA R 389 -12.24 -78.47 -83.60
CA ALA R 389 -12.21 -77.13 -83.05
C ALA R 389 -11.93 -76.12 -84.16
N VAL R 390 -12.26 -74.86 -83.89
CA VAL R 390 -11.92 -73.76 -84.75
C VAL R 390 -10.87 -72.92 -84.05
N GLY R 391 -10.32 -71.95 -84.78
CA GLY R 391 -9.31 -71.08 -84.19
C GLY R 391 -9.81 -70.28 -83.01
N ARG R 392 -11.12 -70.04 -82.94
CA ARG R 392 -11.68 -69.29 -81.83
C ARG R 392 -11.99 -70.18 -80.62
N SER R 393 -11.81 -71.49 -80.74
CA SER R 393 -12.04 -72.39 -79.62
C SER R 393 -11.06 -72.08 -78.49
N SER R 394 -11.59 -72.01 -77.28
CA SER R 394 -10.80 -71.66 -76.10
C SER R 394 -10.51 -72.91 -75.29
N PHE R 395 -9.25 -73.06 -74.89
CA PHE R 395 -8.85 -74.08 -73.94
C PHE R 395 -8.53 -73.40 -72.62
N TYR R 396 -9.09 -73.93 -71.54
CA TYR R 396 -8.88 -73.39 -70.21
C TYR R 396 -8.19 -74.44 -69.33
N CYS R 397 -7.09 -74.04 -68.73
CA CYS R 397 -6.43 -74.83 -67.71
C CYS R 397 -6.87 -74.29 -66.36
N LEU R 398 -7.55 -75.14 -65.57
CA LEU R 398 -8.03 -74.68 -64.28
C LEU R 398 -6.90 -74.57 -63.26
N GLU R 399 -5.77 -75.23 -63.51
CA GLU R 399 -4.59 -75.01 -62.68
C GLU R 399 -4.01 -73.62 -62.90
N TYR R 400 -4.37 -72.96 -63.99
CA TYR R 400 -3.93 -71.60 -64.25
C TYR R 400 -4.67 -70.57 -63.40
N PHE R 401 -5.43 -71.01 -62.44
CA PHE R 401 -6.11 -70.14 -61.50
C PHE R 401 -5.48 -70.26 -60.12
N PRO R 402 -5.51 -69.19 -59.32
CA PRO R 402 -5.11 -69.33 -57.92
C PRO R 402 -6.12 -70.19 -57.17
N SER R 403 -5.62 -71.25 -56.54
CA SER R 403 -6.46 -72.16 -55.79
C SER R 403 -5.94 -72.26 -54.36
N GLN R 404 -6.86 -72.36 -53.41
CA GLN R 404 -6.47 -72.67 -52.05
C GLN R 404 -6.25 -74.17 -51.95
N MET R 405 -5.09 -74.56 -51.43
CA MET R 405 -4.81 -75.98 -51.18
C MET R 405 -5.10 -76.29 -49.72
N LEU R 406 -5.81 -77.39 -49.49
CA LEU R 406 -6.33 -77.70 -48.17
C LEU R 406 -5.85 -79.08 -47.77
N ARG R 407 -5.21 -79.17 -46.62
CA ARG R 407 -4.96 -80.45 -46.00
C ARG R 407 -6.15 -80.79 -45.10
N THR R 408 -6.05 -81.92 -44.39
CA THR R 408 -7.19 -82.41 -43.64
C THR R 408 -7.63 -81.45 -42.55
N GLY R 409 -6.72 -80.61 -42.06
CA GLY R 409 -7.07 -79.64 -41.04
C GLY R 409 -7.58 -78.31 -41.55
N ASN R 410 -7.56 -78.10 -42.86
CA ASN R 410 -7.94 -76.82 -43.42
C ASN R 410 -9.42 -76.81 -43.81
N ASN R 411 -9.96 -75.61 -43.91
CA ASN R 411 -11.32 -75.42 -44.41
C ASN R 411 -11.32 -74.27 -45.42
N PHE R 412 -12.33 -74.28 -46.27
CA PHE R 412 -12.51 -73.28 -47.30
C PHE R 412 -13.88 -72.63 -47.12
N GLN R 413 -13.93 -71.32 -47.32
CA GLN R 413 -15.22 -70.65 -47.25
C GLN R 413 -15.17 -69.38 -48.07
N PHE R 414 -16.33 -69.00 -48.59
CA PHE R 414 -16.49 -67.73 -49.26
C PHE R 414 -17.94 -67.29 -49.13
N THR R 415 -18.15 -65.99 -49.28
CA THR R 415 -19.47 -65.41 -49.26
C THR R 415 -19.75 -64.75 -50.60
N TYR R 416 -21.02 -64.72 -50.97
CA TYR R 416 -21.45 -64.15 -52.23
C TYR R 416 -22.74 -63.40 -52.01
N THR R 417 -22.87 -62.24 -52.65
CA THR R 417 -24.07 -61.44 -52.59
C THR R 417 -24.76 -61.48 -53.94
N PHE R 418 -26.02 -61.88 -53.94
CA PHE R 418 -26.80 -61.86 -55.17
C PHE R 418 -27.07 -60.42 -55.60
N GLU R 419 -27.04 -60.19 -56.91
CA GLU R 419 -27.44 -58.90 -57.43
C GLU R 419 -28.93 -58.70 -57.21
N ASP R 420 -29.37 -57.44 -57.35
CA ASP R 420 -30.79 -57.15 -57.22
C ASP R 420 -31.54 -57.83 -58.35
N VAL R 421 -32.28 -58.89 -58.02
CA VAL R 421 -33.01 -59.67 -59.01
C VAL R 421 -34.49 -59.50 -58.68
N PRO R 422 -35.39 -59.53 -59.66
CA PRO R 422 -36.82 -59.44 -59.34
C PRO R 422 -37.28 -60.64 -58.52
N PHE R 423 -38.25 -60.40 -57.66
CA PHE R 423 -38.89 -61.49 -56.93
C PHE R 423 -39.51 -62.47 -57.92
N HIS R 424 -39.32 -63.75 -57.65
CA HIS R 424 -40.05 -64.76 -58.41
C HIS R 424 -41.53 -64.67 -58.08
N SER R 425 -42.37 -64.74 -59.09
CA SER R 425 -43.82 -64.65 -58.90
C SER R 425 -44.31 -65.95 -58.28
N SER R 426 -44.38 -65.98 -56.96
CA SER R 426 -44.88 -67.15 -56.25
C SER R 426 -46.38 -67.06 -56.06
N TYR R 427 -47.08 -66.79 -57.15
CA TYR R 427 -48.52 -66.58 -57.12
C TYR R 427 -49.09 -66.88 -58.50
N ALA R 428 -50.36 -67.21 -58.53
CA ALA R 428 -51.11 -67.30 -59.77
C ALA R 428 -52.12 -66.17 -59.82
N HIS R 429 -52.37 -65.64 -61.00
CA HIS R 429 -53.32 -64.54 -61.12
C HIS R 429 -54.74 -65.05 -60.96
N SER R 430 -55.51 -64.35 -60.14
CA SER R 430 -56.92 -64.66 -59.95
C SER R 430 -57.81 -63.95 -60.95
N GLN R 431 -57.22 -63.22 -61.89
CA GLN R 431 -57.93 -62.59 -62.99
C GLN R 431 -57.27 -62.98 -64.29
N SER R 432 -58.06 -63.06 -65.34
CA SER R 432 -57.55 -63.28 -66.68
C SER R 432 -57.31 -61.94 -67.38
N LEU R 433 -56.36 -61.93 -68.30
CA LEU R 433 -56.02 -60.69 -68.99
C LEU R 433 -57.18 -60.16 -69.81
N ASP R 434 -58.01 -61.03 -70.36
CA ASP R 434 -59.15 -60.62 -71.15
C ASP R 434 -60.40 -60.40 -70.31
N ARG R 435 -60.27 -60.44 -68.98
CA ARG R 435 -61.40 -60.27 -68.08
C ARG R 435 -61.05 -59.27 -66.98
N LEU R 436 -60.39 -58.17 -67.36
CA LEU R 436 -60.01 -57.15 -66.41
C LEU R 436 -61.03 -56.03 -66.28
N MET R 437 -62.11 -56.11 -67.03
CA MET R 437 -63.10 -55.06 -67.11
C MET R 437 -64.24 -55.25 -66.11
N ASN R 438 -64.96 -54.18 -65.86
CA ASN R 438 -66.16 -54.21 -65.05
C ASN R 438 -67.25 -54.96 -65.80
N PRO R 439 -67.78 -56.06 -65.27
CA PRO R 439 -68.81 -56.83 -65.98
C PRO R 439 -70.20 -56.24 -65.92
N LEU R 440 -70.38 -55.03 -65.39
CA LEU R 440 -71.69 -54.43 -65.28
C LEU R 440 -71.86 -53.20 -66.16
N ILE R 441 -70.78 -52.62 -66.65
CA ILE R 441 -70.81 -51.33 -67.33
C ILE R 441 -70.37 -51.53 -68.77
N ASP R 442 -71.09 -50.90 -69.69
CA ASP R 442 -70.67 -50.88 -71.08
C ASP R 442 -69.44 -50.01 -71.25
N GLN R 443 -68.71 -50.26 -72.33
CA GLN R 443 -67.65 -49.37 -72.74
C GLN R 443 -68.22 -48.19 -73.50
N TYR R 444 -67.56 -47.04 -73.39
CA TYR R 444 -67.92 -45.91 -74.24
C TYR R 444 -67.28 -46.03 -75.62
N LEU R 445 -66.31 -46.92 -75.80
CA LEU R 445 -65.73 -47.17 -77.09
C LEU R 445 -66.61 -48.12 -77.90
N TYR R 446 -66.61 -47.92 -79.21
CA TYR R 446 -67.35 -48.77 -80.13
C TYR R 446 -66.41 -49.70 -80.87
N TYR R 447 -66.94 -50.83 -81.31
CA TYR R 447 -66.24 -51.73 -82.18
C TYR R 447 -67.10 -52.01 -83.39
N LEU R 448 -66.46 -52.33 -84.51
CA LEU R 448 -67.19 -52.72 -85.70
C LEU R 448 -67.90 -54.04 -85.44
N SER R 449 -69.22 -54.01 -85.32
CA SER R 449 -69.98 -55.18 -84.95
C SER R 449 -70.59 -55.92 -86.14
N ARG R 450 -70.89 -55.21 -87.22
CA ARG R 450 -71.41 -55.87 -88.42
C ARG R 450 -70.91 -55.14 -89.66
N THR R 451 -70.66 -55.91 -90.70
CA THR R 451 -70.30 -55.36 -92.00
C THR R 451 -71.35 -55.66 -93.07
N GLN R 452 -72.44 -56.33 -92.71
CA GLN R 452 -73.48 -56.72 -93.65
C GLN R 452 -74.83 -56.55 -93.00
N THR R 453 -75.80 -56.06 -93.77
CA THR R 453 -77.14 -55.83 -93.24
C THR R 453 -77.84 -57.13 -92.89
N ASN R 459 -78.70 -59.46 -98.50
CA ASN R 459 -78.08 -58.47 -97.63
C ASN R 459 -76.96 -57.74 -98.34
N THR R 460 -76.74 -56.49 -97.96
CA THR R 460 -75.76 -55.62 -98.58
C THR R 460 -74.73 -55.19 -97.56
N GLN R 461 -73.67 -54.57 -98.05
CA GLN R 461 -72.62 -54.06 -97.18
C GLN R 461 -73.14 -52.91 -96.34
N THR R 462 -72.64 -52.84 -95.10
CA THR R 462 -72.96 -51.77 -94.18
C THR R 462 -71.85 -51.69 -93.15
N LEU R 463 -71.94 -50.70 -92.27
CA LEU R 463 -71.01 -50.56 -91.16
C LEU R 463 -71.85 -50.34 -89.90
N GLY R 464 -71.96 -51.38 -89.08
CA GLY R 464 -72.64 -51.30 -87.81
C GLY R 464 -71.63 -51.35 -86.68
N PHE R 465 -71.81 -50.46 -85.71
CA PHE R 465 -70.89 -50.32 -84.59
C PHE R 465 -71.67 -50.51 -83.29
N SER R 466 -71.10 -51.28 -82.38
CA SER R 466 -71.71 -51.54 -81.09
C SER R 466 -70.72 -51.21 -79.99
N GLN R 467 -71.25 -50.94 -78.80
CA GLN R 467 -70.43 -50.71 -77.63
C GLN R 467 -70.16 -52.04 -76.94
N GLY R 468 -68.89 -52.30 -76.66
CA GLY R 468 -68.53 -53.48 -75.89
C GLY R 468 -69.16 -53.45 -74.52
N GLY R 469 -69.76 -54.56 -74.11
CA GLY R 469 -70.44 -54.63 -72.85
C GLY R 469 -70.26 -55.95 -72.16
N PRO R 470 -71.06 -56.20 -71.13
CA PRO R 470 -70.92 -57.46 -70.38
C PRO R 470 -71.10 -58.71 -71.22
N ASN R 471 -71.90 -58.63 -72.28
CA ASN R 471 -72.15 -59.81 -73.11
C ASN R 471 -71.18 -59.96 -74.27
N THR R 472 -70.76 -58.85 -74.87
CA THR R 472 -69.76 -58.88 -75.93
C THR R 472 -68.38 -58.61 -75.38
N MET R 473 -67.99 -59.45 -74.43
CA MET R 473 -66.76 -59.22 -73.69
C MET R 473 -65.53 -59.53 -74.53
N ALA R 474 -65.66 -60.43 -75.51
CA ALA R 474 -64.56 -60.69 -76.43
C ALA R 474 -64.30 -59.54 -77.37
N ASN R 475 -65.30 -58.68 -77.61
CA ASN R 475 -65.16 -57.56 -78.52
C ASN R 475 -64.68 -56.28 -77.85
N GLN R 476 -64.61 -56.26 -76.53
CA GLN R 476 -64.29 -55.02 -75.82
C GLN R 476 -62.88 -54.56 -76.13
N ALA R 477 -62.71 -53.24 -76.18
CA ALA R 477 -61.39 -52.66 -76.27
C ALA R 477 -60.60 -52.99 -75.01
N LYS R 478 -59.34 -53.38 -75.19
CA LYS R 478 -58.51 -53.80 -74.09
C LYS R 478 -57.13 -53.15 -74.21
N ASN R 479 -56.46 -53.03 -73.08
CA ASN R 479 -55.19 -52.32 -73.01
C ASN R 479 -53.98 -53.22 -73.18
N TRP R 480 -54.13 -54.53 -73.06
CA TRP R 480 -52.98 -55.41 -72.94
C TRP R 480 -53.18 -56.64 -73.81
N LEU R 481 -52.05 -57.27 -74.14
CA LEU R 481 -52.01 -58.47 -74.96
C LEU R 481 -51.34 -59.59 -74.18
N PRO R 482 -51.70 -60.84 -74.47
CA PRO R 482 -51.02 -61.97 -73.81
C PRO R 482 -49.57 -62.03 -74.25
N GLY R 483 -48.76 -62.64 -73.39
CA GLY R 483 -47.34 -62.76 -73.63
C GLY R 483 -47.01 -63.46 -74.94
N PRO R 484 -45.72 -63.48 -75.28
CA PRO R 484 -45.32 -64.02 -76.57
C PRO R 484 -45.51 -65.53 -76.66
N CYS R 485 -45.60 -66.00 -77.89
CA CYS R 485 -45.91 -67.40 -78.17
C CYS R 485 -44.87 -67.99 -79.11
N TYR R 486 -44.48 -69.24 -78.84
CA TYR R 486 -43.63 -70.03 -79.72
C TYR R 486 -44.22 -71.44 -79.72
N ARG R 487 -45.16 -71.68 -80.62
CA ARG R 487 -46.09 -72.79 -80.48
C ARG R 487 -45.38 -74.13 -80.44
N GLN R 488 -45.80 -74.97 -79.50
CA GLN R 488 -45.30 -76.32 -79.34
C GLN R 488 -46.35 -77.33 -79.76
N GLN R 489 -45.89 -78.51 -80.18
CA GLN R 489 -46.81 -79.58 -80.50
C GLN R 489 -47.46 -80.13 -79.25
N ARG R 490 -48.74 -80.47 -79.35
CA ARG R 490 -49.51 -80.98 -78.22
C ARG R 490 -49.37 -82.49 -78.13
N VAL R 491 -49.07 -82.98 -76.95
CA VAL R 491 -48.96 -84.41 -76.68
C VAL R 491 -49.92 -84.75 -75.55
N SER R 492 -50.67 -85.83 -75.72
CA SER R 492 -51.61 -86.29 -74.71
C SER R 492 -50.96 -87.37 -73.87
N THR R 493 -51.13 -87.27 -72.55
CA THR R 493 -50.69 -88.35 -71.68
C THR R 493 -51.51 -89.62 -71.88
N THR R 494 -52.72 -89.49 -72.43
CA THR R 494 -53.47 -90.63 -72.92
C THR R 494 -52.93 -90.96 -74.30
N THR R 495 -52.07 -91.97 -74.37
CA THR R 495 -51.29 -92.21 -75.58
C THR R 495 -52.17 -92.53 -76.78
N GLY R 496 -53.33 -93.14 -76.55
CA GLY R 496 -54.23 -93.44 -77.65
C GLY R 496 -54.71 -92.23 -78.41
N GLN R 497 -54.69 -91.06 -77.77
CA GLN R 497 -55.08 -89.82 -78.44
C GLN R 497 -53.95 -89.21 -79.26
N ASN R 498 -52.74 -89.76 -79.17
CA ASN R 498 -51.62 -89.22 -79.92
C ASN R 498 -51.52 -89.88 -81.28
N ASN R 499 -50.87 -89.17 -82.21
CA ASN R 499 -50.60 -89.73 -83.53
C ASN R 499 -49.67 -90.93 -83.39
N ASN R 500 -49.96 -91.98 -84.17
CA ASN R 500 -49.15 -93.19 -84.14
C ASN R 500 -47.91 -92.99 -85.00
N SER R 501 -46.98 -92.20 -84.46
CA SER R 501 -45.70 -91.94 -85.10
C SER R 501 -44.73 -91.46 -84.04
N ASN R 502 -43.45 -91.51 -84.38
CA ASN R 502 -42.39 -91.04 -83.50
C ASN R 502 -42.08 -89.60 -83.90
N PHE R 503 -42.73 -88.66 -83.23
CA PHE R 503 -42.64 -87.25 -83.61
C PHE R 503 -42.03 -86.38 -82.52
N ALA R 504 -41.39 -86.98 -81.51
CA ALA R 504 -40.82 -86.18 -80.43
C ALA R 504 -39.78 -85.20 -80.95
N TRP R 505 -38.96 -85.64 -81.89
CA TRP R 505 -37.95 -84.78 -82.50
C TRP R 505 -38.44 -84.14 -83.80
N THR R 506 -39.06 -84.91 -84.68
CA THR R 506 -39.47 -84.39 -85.98
C THR R 506 -40.50 -83.27 -85.82
N ALA R 507 -41.45 -83.45 -84.92
CA ALA R 507 -42.44 -82.42 -84.63
C ALA R 507 -42.03 -81.53 -83.47
N GLY R 508 -40.83 -81.71 -82.94
CA GLY R 508 -40.40 -80.89 -81.83
C GLY R 508 -40.25 -79.43 -82.22
N THR R 509 -40.53 -78.57 -81.25
CA THR R 509 -40.37 -77.13 -81.45
C THR R 509 -38.92 -76.76 -81.22
N LYS R 510 -38.27 -76.23 -82.24
CA LYS R 510 -36.84 -76.10 -82.26
C LYS R 510 -36.43 -74.68 -82.62
N TYR R 511 -35.20 -74.34 -82.25
CA TYR R 511 -34.55 -73.17 -82.79
C TYR R 511 -33.32 -73.62 -83.60
N HIS R 512 -32.91 -72.76 -84.52
CA HIS R 512 -31.83 -73.05 -85.45
C HIS R 512 -30.68 -72.10 -85.15
N LEU R 513 -29.50 -72.67 -84.90
CA LEU R 513 -28.33 -71.88 -84.56
C LEU R 513 -27.11 -72.49 -85.24
N ASN R 514 -26.50 -71.73 -86.15
CA ASN R 514 -25.29 -72.14 -86.85
C ASN R 514 -25.47 -73.51 -87.51
N GLY R 515 -26.58 -73.67 -88.22
CA GLY R 515 -26.87 -74.92 -88.89
C GLY R 515 -27.16 -76.08 -87.98
N ARG R 516 -27.36 -75.83 -86.70
CA ARG R 516 -27.65 -76.88 -85.72
C ARG R 516 -29.05 -76.67 -85.17
N ASN R 517 -29.82 -77.74 -85.12
CA ASN R 517 -31.18 -77.68 -84.59
C ASN R 517 -31.15 -78.14 -83.13
N SER R 518 -31.74 -77.33 -82.26
CA SER R 518 -31.87 -77.66 -80.85
C SER R 518 -33.31 -77.43 -80.44
N LEU R 519 -33.83 -78.32 -79.60
CA LEU R 519 -35.17 -78.14 -79.09
C LEU R 519 -35.28 -76.84 -78.31
N ALA R 520 -36.38 -76.11 -78.53
CA ALA R 520 -36.72 -74.97 -77.69
C ALA R 520 -37.34 -75.53 -76.42
N ASN R 521 -36.49 -76.05 -75.55
CA ASN R 521 -36.90 -76.89 -74.43
C ASN R 521 -36.39 -76.27 -73.13
N PRO R 522 -37.27 -75.84 -72.22
CA PRO R 522 -38.73 -75.90 -72.39
C PRO R 522 -39.29 -74.72 -73.16
N GLY R 523 -38.42 -73.85 -73.64
CA GLY R 523 -38.87 -72.70 -74.39
C GLY R 523 -39.43 -71.61 -73.49
N ILE R 524 -40.10 -70.65 -74.14
CA ILE R 524 -40.64 -69.51 -73.41
C ILE R 524 -41.79 -69.96 -72.53
N ALA R 525 -42.04 -69.20 -71.47
CA ALA R 525 -43.08 -69.53 -70.50
C ALA R 525 -44.45 -69.40 -71.16
N MET R 526 -45.09 -70.53 -71.40
CA MET R 526 -46.47 -70.55 -71.89
C MET R 526 -47.27 -71.52 -71.05
N ALA R 527 -48.58 -71.29 -70.98
CA ALA R 527 -49.45 -72.19 -70.24
C ALA R 527 -49.39 -73.58 -70.84
N THR R 528 -49.25 -74.58 -69.98
CA THR R 528 -49.10 -75.95 -70.44
C THR R 528 -50.33 -76.41 -71.22
N HIS R 529 -51.51 -76.04 -70.76
CA HIS R 529 -52.75 -76.44 -71.39
C HIS R 529 -53.82 -75.43 -70.99
N LYS R 530 -54.95 -75.48 -71.69
CA LYS R 530 -56.07 -74.62 -71.36
C LYS R 530 -56.98 -75.36 -70.37
N ASP R 531 -58.16 -74.80 -70.12
CA ASP R 531 -59.07 -75.37 -69.14
C ASP R 531 -59.49 -76.78 -69.54
N ASP R 532 -59.51 -77.68 -68.55
CA ASP R 532 -60.01 -79.04 -68.71
C ASP R 532 -59.20 -79.84 -69.73
N GLU R 533 -57.91 -79.54 -69.86
CA GLU R 533 -57.04 -80.26 -70.79
C GLU R 533 -55.73 -80.63 -70.11
N GLU R 534 -55.82 -81.09 -68.85
CA GLU R 534 -54.62 -81.41 -68.09
C GLU R 534 -53.82 -82.54 -68.73
N ARG R 535 -54.48 -83.41 -69.48
CA ARG R 535 -53.79 -84.52 -70.14
C ARG R 535 -52.86 -84.07 -71.24
N PHE R 536 -52.98 -82.83 -71.71
CA PHE R 536 -52.18 -82.32 -72.80
C PHE R 536 -50.98 -81.54 -72.27
N PHE R 537 -49.83 -81.71 -72.91
CA PHE R 537 -48.66 -80.92 -72.59
C PHE R 537 -47.89 -80.63 -73.87
N PRO R 538 -47.19 -79.50 -73.92
CA PRO R 538 -46.29 -79.25 -75.04
C PRO R 538 -45.18 -80.29 -75.08
N SER R 539 -44.82 -80.71 -76.30
CA SER R 539 -43.92 -81.84 -76.45
C SER R 539 -42.57 -81.59 -75.79
N ASN R 540 -42.02 -80.40 -75.94
CA ASN R 540 -40.80 -80.02 -75.25
C ASN R 540 -40.96 -78.64 -74.62
N GLY R 541 -42.08 -78.42 -73.96
CA GLY R 541 -42.38 -77.12 -73.41
C GLY R 541 -42.62 -77.08 -71.92
N ILE R 542 -42.27 -78.17 -71.22
CA ILE R 542 -42.43 -78.23 -69.78
C ILE R 542 -41.18 -78.87 -69.18
N LEU R 543 -40.96 -78.57 -67.90
CA LEU R 543 -39.95 -79.28 -67.14
C LEU R 543 -40.48 -80.64 -66.77
N ILE R 544 -39.69 -81.68 -67.02
CA ILE R 544 -40.07 -83.05 -66.69
C ILE R 544 -39.03 -83.58 -65.73
N PHE R 545 -39.44 -83.86 -64.50
CA PHE R 545 -38.57 -84.45 -63.50
C PHE R 545 -38.82 -85.95 -63.44
N GLY R 546 -37.75 -86.69 -63.16
CA GLY R 546 -37.86 -88.13 -63.02
C GLY R 546 -38.19 -88.50 -61.59
N LYS R 547 -39.04 -89.51 -61.44
CA LYS R 547 -39.25 -90.10 -60.13
C LYS R 547 -37.99 -90.84 -59.71
N GLN R 548 -37.93 -91.20 -58.43
CA GLN R 548 -36.77 -91.92 -57.93
C GLN R 548 -36.60 -93.22 -58.69
N ASN R 549 -35.36 -93.52 -59.09
CA ASN R 549 -35.01 -94.72 -59.84
C ASN R 549 -35.62 -94.75 -61.23
N ALA R 550 -35.95 -93.58 -61.79
CA ALA R 550 -36.38 -93.53 -63.17
C ALA R 550 -35.21 -93.78 -64.09
N ALA R 551 -35.45 -94.49 -65.18
CA ALA R 551 -34.40 -94.81 -66.14
C ALA R 551 -33.88 -93.54 -66.80
N ARG R 552 -32.58 -93.54 -67.09
CA ARG R 552 -31.99 -92.42 -67.81
C ARG R 552 -32.57 -92.26 -69.20
N ASP R 553 -32.76 -93.37 -69.91
CA ASP R 553 -33.28 -93.35 -71.28
C ASP R 553 -34.61 -94.08 -71.34
N ASN R 554 -35.56 -93.49 -72.06
CA ASN R 554 -36.86 -94.11 -72.34
C ASN R 554 -37.58 -94.51 -71.05
N ALA R 555 -37.60 -93.59 -70.09
CA ALA R 555 -38.42 -93.78 -68.91
C ALA R 555 -39.89 -93.66 -69.30
N ASP R 556 -40.72 -94.53 -68.73
CA ASP R 556 -42.15 -94.48 -69.02
C ASP R 556 -42.77 -93.25 -68.39
N TYR R 557 -43.96 -92.90 -68.85
CA TYR R 557 -44.67 -91.75 -68.30
C TYR R 557 -44.91 -91.91 -66.81
N SER R 558 -45.08 -93.14 -66.34
CA SER R 558 -45.29 -93.35 -64.91
C SER R 558 -44.01 -93.13 -64.10
N ASP R 559 -42.85 -93.11 -64.75
CA ASP R 559 -41.59 -92.89 -64.06
C ASP R 559 -41.14 -91.44 -64.04
N VAL R 560 -41.89 -90.54 -64.66
CA VAL R 560 -41.50 -89.14 -64.74
C VAL R 560 -42.61 -88.30 -64.13
N MET R 561 -42.25 -87.05 -63.80
CA MET R 561 -43.15 -86.11 -63.15
C MET R 561 -43.27 -84.90 -64.06
N LEU R 562 -44.39 -84.78 -64.76
CA LEU R 562 -44.62 -83.64 -65.64
C LEU R 562 -45.02 -82.43 -64.81
N THR R 563 -44.36 -81.31 -65.03
CA THR R 563 -44.81 -80.06 -64.45
C THR R 563 -45.92 -79.46 -65.32
N SER R 564 -46.63 -78.51 -64.74
CA SER R 564 -47.70 -77.82 -65.46
C SER R 564 -47.63 -76.33 -65.16
N GLU R 565 -47.60 -75.52 -66.21
CA GLU R 565 -47.64 -74.07 -66.07
C GLU R 565 -49.04 -73.53 -66.34
N GLU R 566 -50.08 -74.27 -65.94
CA GLU R 566 -51.45 -73.83 -66.17
C GLU R 566 -51.80 -72.58 -65.39
N GLU R 567 -51.03 -72.24 -64.34
CA GLU R 567 -51.34 -71.05 -63.57
C GLU R 567 -51.18 -69.77 -64.38
N ILE R 568 -50.39 -69.81 -65.45
CA ILE R 568 -50.16 -68.63 -66.27
C ILE R 568 -51.08 -68.58 -67.48
N LYS R 569 -52.14 -69.39 -67.49
CA LYS R 569 -53.17 -69.27 -68.51
C LYS R 569 -53.76 -67.87 -68.56
N THR R 570 -53.78 -67.19 -67.41
CA THR R 570 -54.43 -65.90 -67.30
C THR R 570 -53.70 -64.83 -68.11
N THR R 571 -52.42 -65.00 -68.32
CA THR R 571 -51.62 -64.00 -68.99
C THR R 571 -50.84 -64.55 -70.18
N ASN R 572 -50.35 -65.78 -70.08
CA ASN R 572 -49.57 -66.34 -71.17
C ASN R 572 -50.43 -67.21 -72.06
N PRO R 573 -50.19 -67.19 -73.37
CA PRO R 573 -50.94 -68.08 -74.26
C PRO R 573 -50.59 -69.53 -73.98
N VAL R 574 -51.55 -70.40 -74.30
CA VAL R 574 -51.33 -71.83 -74.14
C VAL R 574 -50.23 -72.29 -75.10
N ALA R 575 -49.31 -73.10 -74.59
CA ALA R 575 -48.12 -73.47 -75.35
C ALA R 575 -48.45 -74.19 -76.65
N THR R 576 -49.57 -74.92 -76.67
CA THR R 576 -49.92 -75.74 -77.82
C THR R 576 -50.96 -75.08 -78.72
N GLU R 577 -51.32 -73.84 -78.44
CA GLU R 577 -52.31 -73.13 -79.23
C GLU R 577 -51.65 -71.96 -79.94
N GLU R 578 -52.32 -71.47 -80.97
CA GLU R 578 -51.85 -70.28 -81.67
C GLU R 578 -51.98 -69.04 -80.78
N TYR R 579 -51.12 -68.06 -81.03
CA TYR R 579 -51.20 -66.81 -80.31
C TYR R 579 -52.50 -66.08 -80.62
N GLY R 580 -52.88 -66.06 -81.88
CA GLY R 580 -54.04 -65.30 -82.28
C GLY R 580 -54.22 -65.37 -83.78
N ILE R 581 -55.00 -64.43 -84.29
CA ILE R 581 -55.38 -64.38 -85.69
C ILE R 581 -55.05 -62.99 -86.23
N VAL R 582 -54.41 -62.94 -87.40
CA VAL R 582 -54.15 -61.68 -88.08
C VAL R 582 -54.72 -61.76 -89.48
N ALA R 583 -54.94 -60.59 -90.07
CA ALA R 583 -55.37 -60.53 -91.46
C ALA R 583 -54.24 -60.95 -92.38
N ASP R 584 -54.59 -61.70 -93.43
CA ASP R 584 -53.61 -62.16 -94.39
C ASP R 584 -53.71 -61.46 -95.74
N ASN R 585 -54.71 -60.62 -95.94
CA ASN R 585 -54.90 -59.96 -97.24
C ASN R 585 -55.67 -58.67 -97.01
N LEU R 586 -56.06 -58.02 -98.10
CA LEU R 586 -56.90 -56.84 -98.08
C LEU R 586 -58.24 -57.23 -98.71
N GLN R 587 -59.28 -57.29 -97.89
CA GLN R 587 -60.59 -57.64 -98.41
C GLN R 587 -61.13 -56.54 -99.30
N GLN R 588 -61.78 -56.93 -100.39
CA GLN R 588 -62.49 -56.03 -101.27
C GLN R 588 -63.86 -56.62 -101.55
N GLN R 589 -64.66 -55.92 -102.35
CA GLN R 589 -65.97 -56.44 -102.71
C GLN R 589 -65.86 -57.74 -103.50
N ASN R 590 -64.71 -58.02 -104.09
CA ASN R 590 -64.50 -59.26 -104.84
C ASN R 590 -63.61 -60.27 -104.13
N THR R 591 -62.87 -59.88 -103.11
CA THR R 591 -62.00 -60.79 -102.38
C THR R 591 -62.43 -60.86 -100.93
N ALA R 592 -62.83 -62.05 -100.49
CA ALA R 592 -63.21 -62.24 -99.10
C ALA R 592 -61.99 -62.10 -98.19
N PRO R 593 -62.18 -61.56 -96.99
CA PRO R 593 -61.04 -61.43 -96.07
C PRO R 593 -60.47 -62.78 -95.69
N GLN R 594 -59.16 -62.85 -95.62
CA GLN R 594 -58.44 -64.04 -95.23
C GLN R 594 -57.71 -63.80 -93.92
N ILE R 595 -57.63 -64.84 -93.11
CA ILE R 595 -57.01 -64.72 -91.80
C ILE R 595 -55.80 -65.65 -91.74
N GLY R 596 -54.78 -65.19 -91.01
CA GLY R 596 -53.57 -65.97 -90.78
C GLY R 596 -53.50 -66.36 -89.31
N THR R 597 -53.09 -67.59 -89.06
CA THR R 597 -52.94 -68.11 -87.71
C THR R 597 -51.53 -67.82 -87.23
N VAL R 598 -51.41 -67.08 -86.13
CA VAL R 598 -50.11 -66.70 -85.59
C VAL R 598 -49.65 -67.80 -84.65
N ASN R 599 -48.70 -68.62 -85.13
CA ASN R 599 -48.13 -69.69 -84.33
C ASN R 599 -46.85 -69.29 -83.63
N SER R 600 -46.31 -68.11 -83.93
CA SER R 600 -45.12 -67.61 -83.27
C SER R 600 -45.25 -66.09 -83.21
N GLN R 601 -45.24 -65.53 -82.01
CA GLN R 601 -45.42 -64.11 -81.83
C GLN R 601 -44.33 -63.59 -80.92
N GLY R 602 -43.48 -62.71 -81.45
CA GLY R 602 -42.52 -62.01 -80.65
C GLY R 602 -43.14 -60.89 -79.86
N ALA R 603 -42.29 -60.16 -79.14
CA ALA R 603 -42.78 -59.13 -78.24
C ALA R 603 -43.55 -58.05 -78.98
N LEU R 604 -44.73 -57.73 -78.49
CA LEU R 604 -45.53 -56.61 -78.97
C LEU R 604 -45.75 -55.63 -77.83
N PRO R 605 -45.87 -54.34 -78.13
CA PRO R 605 -46.17 -53.38 -77.07
C PRO R 605 -47.51 -53.69 -76.41
N GLY R 606 -47.57 -53.48 -75.10
CA GLY R 606 -48.74 -53.82 -74.35
C GLY R 606 -48.83 -55.28 -73.96
N MET R 607 -47.84 -56.09 -74.32
CA MET R 607 -47.87 -57.49 -73.96
C MET R 607 -47.38 -57.69 -72.54
N VAL R 608 -48.04 -58.56 -71.80
CA VAL R 608 -47.64 -58.92 -70.45
C VAL R 608 -47.60 -60.43 -70.37
N TRP R 609 -46.73 -60.95 -69.51
CA TRP R 609 -46.58 -62.39 -69.37
C TRP R 609 -45.99 -62.71 -68.00
N GLN R 610 -46.13 -63.97 -67.63
CA GLN R 610 -45.49 -64.52 -66.43
C GLN R 610 -44.34 -65.41 -66.84
N ASN R 611 -43.34 -65.49 -65.97
CA ASN R 611 -42.25 -66.42 -66.18
C ASN R 611 -42.69 -67.84 -65.82
N ARG R 612 -41.85 -68.81 -66.20
CA ARG R 612 -42.07 -70.17 -65.78
C ARG R 612 -41.95 -70.28 -64.26
N ASP R 613 -42.75 -71.15 -63.68
CA ASP R 613 -42.67 -71.39 -62.25
C ASP R 613 -41.36 -72.06 -61.89
N VAL R 614 -40.92 -71.83 -60.66
CA VAL R 614 -39.81 -72.59 -60.10
C VAL R 614 -40.37 -73.76 -59.31
N TYR R 615 -39.53 -74.78 -59.13
CA TYR R 615 -39.96 -76.00 -58.47
C TYR R 615 -38.95 -76.36 -57.39
N LEU R 616 -39.42 -77.11 -56.40
CA LEU R 616 -38.53 -77.58 -55.35
C LEU R 616 -37.38 -78.38 -55.93
N GLN R 617 -37.65 -79.18 -56.95
CA GLN R 617 -36.61 -79.94 -57.64
C GLN R 617 -35.94 -79.16 -58.76
N GLY R 618 -36.43 -77.97 -59.09
CA GLY R 618 -35.96 -77.25 -60.24
C GLY R 618 -34.74 -76.39 -59.98
N PRO R 619 -34.21 -75.79 -61.03
CA PRO R 619 -33.05 -74.89 -60.87
C PRO R 619 -33.44 -73.58 -60.19
N ILE R 620 -32.44 -72.96 -59.58
CA ILE R 620 -32.62 -71.69 -58.90
C ILE R 620 -32.22 -70.52 -59.78
N TRP R 621 -31.03 -70.57 -60.36
CA TRP R 621 -30.50 -69.45 -61.11
C TRP R 621 -29.84 -69.95 -62.39
N ALA R 622 -29.68 -69.03 -63.33
CA ALA R 622 -28.84 -69.25 -64.49
C ALA R 622 -28.02 -68.00 -64.74
N LYS R 623 -26.84 -68.18 -65.32
CA LYS R 623 -26.04 -67.04 -65.72
C LYS R 623 -26.61 -66.45 -67.00
N ILE R 624 -26.91 -65.17 -66.98
CA ILE R 624 -27.31 -64.46 -68.19
C ILE R 624 -26.09 -64.41 -69.09
N PRO R 625 -26.16 -64.91 -70.32
CA PRO R 625 -25.00 -64.85 -71.20
C PRO R 625 -24.55 -63.41 -71.42
N HIS R 626 -23.25 -63.23 -71.46
CA HIS R 626 -22.68 -61.89 -71.68
C HIS R 626 -22.82 -61.56 -73.15
N THR R 627 -23.89 -60.84 -73.48
CA THR R 627 -24.17 -60.47 -74.86
C THR R 627 -24.51 -58.98 -74.92
N ASP R 628 -24.51 -58.45 -76.14
CA ASP R 628 -24.90 -57.06 -76.36
C ASP R 628 -26.35 -56.83 -75.96
N GLY R 629 -27.23 -57.75 -76.33
CA GLY R 629 -28.65 -57.58 -76.08
C GLY R 629 -29.26 -58.87 -75.58
N ASN R 630 -30.23 -58.71 -74.70
CA ASN R 630 -31.11 -59.79 -74.30
C ASN R 630 -32.50 -59.21 -74.11
N PHE R 631 -33.51 -60.05 -74.23
CA PHE R 631 -34.88 -59.66 -73.98
C PHE R 631 -35.42 -60.47 -72.81
N HIS R 632 -35.82 -59.79 -71.75
CA HIS R 632 -36.35 -60.39 -70.55
C HIS R 632 -35.46 -61.55 -70.12
N PRO R 633 -34.27 -61.28 -69.61
CA PRO R 633 -33.30 -62.36 -69.37
C PRO R 633 -33.67 -63.21 -68.16
N SER R 634 -34.85 -63.75 -68.16
CA SER R 634 -35.26 -64.74 -67.18
C SER R 634 -35.00 -66.14 -67.74
N PRO R 635 -34.29 -66.99 -67.02
CA PRO R 635 -33.94 -68.30 -67.58
C PRO R 635 -35.18 -69.10 -67.94
N LEU R 636 -35.11 -69.80 -69.07
CA LEU R 636 -36.31 -70.44 -69.61
C LEU R 636 -36.73 -71.66 -68.80
N MET R 637 -35.79 -72.41 -68.25
CA MET R 637 -36.20 -73.49 -67.34
C MET R 637 -36.57 -72.98 -65.96
N GLY R 638 -36.71 -71.67 -65.79
CA GLY R 638 -37.18 -71.10 -64.56
C GLY R 638 -36.05 -70.66 -63.66
N GLY R 639 -36.35 -69.72 -62.79
CA GLY R 639 -35.41 -69.24 -61.82
C GLY R 639 -35.00 -67.80 -62.05
N PHE R 640 -33.87 -67.45 -61.47
CA PHE R 640 -33.38 -66.08 -61.47
C PHE R 640 -32.24 -65.95 -62.46
N GLY R 641 -32.38 -65.01 -63.38
CA GLY R 641 -31.30 -64.71 -64.29
C GLY R 641 -30.33 -63.74 -63.66
N LEU R 642 -29.07 -64.12 -63.57
CA LEU R 642 -28.06 -63.30 -62.91
C LEU R 642 -26.92 -63.01 -63.88
N LYS R 643 -26.56 -61.74 -63.98
CA LYS R 643 -25.36 -61.38 -64.73
C LYS R 643 -24.12 -61.96 -64.05
N HIS R 644 -24.09 -61.93 -62.72
CA HIS R 644 -22.99 -62.45 -61.92
C HIS R 644 -23.57 -63.46 -60.95
N PRO R 645 -23.78 -64.69 -61.39
CA PRO R 645 -24.40 -65.71 -60.54
C PRO R 645 -23.43 -66.16 -59.47
N PRO R 646 -23.87 -67.02 -58.55
CA PRO R 646 -22.93 -67.63 -57.62
C PRO R 646 -21.78 -68.28 -58.39
N PRO R 647 -20.55 -67.98 -58.02
CA PRO R 647 -19.41 -68.46 -58.82
C PRO R 647 -19.29 -69.96 -58.76
N GLN R 648 -18.76 -70.53 -59.84
CA GLN R 648 -18.44 -71.95 -59.84
C GLN R 648 -17.36 -72.24 -58.81
N ILE R 649 -17.56 -73.28 -58.03
CA ILE R 649 -16.60 -73.70 -57.02
C ILE R 649 -15.95 -74.97 -57.54
N LEU R 650 -14.70 -74.87 -57.92
CA LEU R 650 -13.96 -75.97 -58.53
C LEU R 650 -13.11 -76.63 -57.47
N ILE R 651 -13.14 -77.96 -57.43
CA ILE R 651 -12.41 -78.73 -56.44
C ILE R 651 -11.70 -79.88 -57.14
N LYS R 652 -10.48 -80.16 -56.69
CA LYS R 652 -9.68 -81.23 -57.28
C LYS R 652 -8.79 -81.83 -56.22
N ASN R 653 -8.61 -83.14 -56.29
CA ASN R 653 -7.57 -83.78 -55.50
C ASN R 653 -6.22 -83.45 -56.12
N THR R 654 -5.32 -82.90 -55.34
CA THR R 654 -3.99 -82.61 -55.83
C THR R 654 -3.29 -83.93 -56.18
N PRO R 655 -2.76 -84.08 -57.38
CA PRO R 655 -2.09 -85.33 -57.74
C PRO R 655 -0.91 -85.60 -56.83
N VAL R 656 -0.82 -86.83 -56.36
CA VAL R 656 0.31 -87.28 -55.54
C VAL R 656 1.05 -88.35 -56.35
N PRO R 657 2.21 -88.04 -56.89
CA PRO R 657 2.92 -89.03 -57.71
C PRO R 657 3.28 -90.26 -56.89
N ALA R 658 3.25 -91.41 -57.56
CA ALA R 658 3.89 -92.59 -57.02
C ALA R 658 5.41 -92.40 -57.10
N ASP R 659 6.15 -93.42 -56.70
CA ASP R 659 7.60 -93.28 -56.64
C ASP R 659 8.14 -93.04 -58.04
N PRO R 660 8.83 -91.93 -58.28
CA PRO R 660 9.42 -91.69 -59.59
C PRO R 660 10.64 -92.58 -59.79
N PRO R 661 11.11 -92.74 -61.02
CA PRO R 661 12.34 -93.50 -61.25
C PRO R 661 13.53 -92.79 -60.60
N THR R 662 14.56 -93.57 -60.32
CA THR R 662 15.77 -93.02 -59.70
C THR R 662 16.70 -92.37 -60.71
N THR R 663 16.40 -92.47 -62.00
CA THR R 663 17.12 -91.74 -63.03
C THR R 663 16.16 -90.75 -63.67
N PHE R 664 16.67 -89.55 -63.97
CA PHE R 664 15.79 -88.48 -64.42
C PHE R 664 15.13 -88.82 -65.75
N ASN R 665 13.83 -88.54 -65.83
CA ASN R 665 13.06 -88.65 -67.05
C ASN R 665 12.27 -87.36 -67.22
N GLN R 666 12.41 -86.74 -68.39
CA GLN R 666 11.74 -85.47 -68.63
C GLN R 666 10.23 -85.63 -68.82
N SER R 667 9.77 -86.83 -69.12
CA SER R 667 8.35 -87.04 -69.39
C SER R 667 7.52 -86.75 -68.16
N LYS R 668 6.32 -86.21 -68.39
CA LYS R 668 5.41 -85.95 -67.29
C LYS R 668 5.07 -87.25 -66.56
N LEU R 669 4.94 -87.17 -65.25
CA LEU R 669 4.64 -88.35 -64.46
C LEU R 669 3.21 -88.79 -64.72
N ASN R 670 3.02 -90.08 -64.95
CA ASN R 670 1.69 -90.65 -65.14
C ASN R 670 1.37 -91.69 -64.09
N SER R 671 2.28 -91.98 -63.18
CA SER R 671 2.05 -92.94 -62.10
C SER R 671 1.70 -92.15 -60.85
N PHE R 672 0.45 -92.25 -60.42
CA PHE R 672 -0.03 -91.48 -59.29
C PHE R 672 -0.61 -92.41 -58.24
N ILE R 673 -0.52 -91.97 -56.99
CA ILE R 673 -1.17 -92.68 -55.90
C ILE R 673 -2.67 -92.54 -56.04
N THR R 674 -3.37 -93.67 -56.04
CA THR R 674 -4.83 -93.64 -56.17
C THR R 674 -5.42 -92.98 -54.94
N GLN R 675 -6.30 -92.01 -55.16
CA GLN R 675 -6.64 -91.10 -54.09
C GLN R 675 -8.03 -90.54 -54.32
N TYR R 676 -8.77 -90.31 -53.23
CA TYR R 676 -10.03 -89.61 -53.29
C TYR R 676 -10.17 -88.82 -52.00
N SER R 677 -11.02 -87.80 -52.03
CA SER R 677 -11.26 -86.99 -50.86
C SER R 677 -12.73 -86.99 -50.52
N THR R 678 -13.01 -86.80 -49.24
CA THR R 678 -14.37 -86.64 -48.75
C THR R 678 -14.36 -85.52 -47.74
N GLY R 679 -15.53 -84.92 -47.55
CA GLY R 679 -15.64 -83.85 -46.60
C GLY R 679 -17.09 -83.40 -46.49
N GLN R 680 -17.28 -82.30 -45.80
CA GLN R 680 -18.60 -81.71 -45.66
C GLN R 680 -18.63 -80.39 -46.38
N VAL R 681 -19.77 -80.09 -46.99
CA VAL R 681 -20.00 -78.83 -47.67
C VAL R 681 -21.22 -78.19 -47.05
N SER R 682 -21.11 -76.92 -46.71
CA SER R 682 -22.21 -76.14 -46.17
C SER R 682 -22.50 -74.98 -47.11
N VAL R 683 -23.75 -74.81 -47.48
CA VAL R 683 -24.19 -73.65 -48.24
C VAL R 683 -25.35 -73.02 -47.48
N GLU R 684 -25.23 -71.73 -47.21
CA GLU R 684 -26.25 -70.96 -46.53
C GLU R 684 -26.73 -69.88 -47.48
N ILE R 685 -28.02 -69.85 -47.77
CA ILE R 685 -28.61 -68.84 -48.63
C ILE R 685 -29.65 -68.08 -47.82
N GLU R 686 -29.55 -66.76 -47.84
CA GLU R 686 -30.58 -65.90 -47.29
C GLU R 686 -31.52 -65.48 -48.40
N TRP R 687 -32.80 -65.73 -48.21
CA TRP R 687 -33.82 -65.38 -49.18
C TRP R 687 -34.69 -64.27 -48.62
N GLU R 688 -34.99 -63.29 -49.46
CA GLU R 688 -35.95 -62.26 -49.12
C GLU R 688 -37.33 -62.69 -49.57
N LEU R 689 -38.33 -62.44 -48.72
CA LEU R 689 -39.69 -62.87 -48.98
C LEU R 689 -40.57 -61.67 -49.31
N GLN R 690 -41.49 -61.87 -50.24
CA GLN R 690 -42.56 -60.92 -50.50
C GLN R 690 -43.83 -61.47 -49.84
N LYS R 691 -44.21 -60.88 -48.72
CA LYS R 691 -45.40 -61.32 -48.02
C LYS R 691 -46.65 -60.97 -48.82
N GLU R 692 -47.61 -61.89 -48.81
CA GLU R 692 -48.87 -61.63 -49.50
C GLU R 692 -49.70 -60.65 -48.69
N ASN R 693 -50.17 -59.61 -49.34
CA ASN R 693 -51.06 -58.62 -48.72
C ASN R 693 -52.34 -58.61 -49.53
N SER R 694 -53.24 -59.53 -49.20
CA SER R 694 -54.39 -59.84 -50.02
C SER R 694 -55.68 -59.60 -49.24
N LYS R 695 -56.67 -59.02 -49.90
CA LYS R 695 -57.99 -58.82 -49.32
C LYS R 695 -58.99 -59.86 -49.82
N ARG R 696 -58.50 -60.93 -50.42
CA ARG R 696 -59.36 -62.03 -50.83
C ARG R 696 -60.12 -62.57 -49.63
N TRP R 697 -61.42 -62.78 -49.81
CA TRP R 697 -62.26 -63.23 -48.70
C TRP R 697 -62.22 -64.75 -48.54
N ASN R 698 -62.41 -65.47 -49.64
CA ASN R 698 -62.47 -66.92 -49.59
C ASN R 698 -61.08 -67.50 -49.40
N PRO R 699 -60.98 -68.72 -48.86
CA PRO R 699 -59.67 -69.31 -48.63
C PRO R 699 -58.91 -69.55 -49.93
N GLU R 700 -57.59 -69.44 -49.85
CA GLU R 700 -56.72 -69.65 -50.99
C GLU R 700 -56.45 -71.14 -51.18
N ILE R 701 -55.93 -71.46 -52.36
CA ILE R 701 -55.38 -72.79 -52.60
C ILE R 701 -54.01 -72.87 -51.94
N GLN R 702 -53.79 -73.95 -51.20
CA GLN R 702 -52.53 -74.16 -50.51
C GLN R 702 -51.98 -75.52 -50.89
N TYR R 703 -50.66 -75.62 -50.94
CA TYR R 703 -50.07 -76.95 -51.07
C TYR R 703 -50.23 -77.68 -49.74
N THR R 704 -50.75 -78.90 -49.82
CA THR R 704 -50.99 -79.70 -48.63
C THR R 704 -50.61 -81.13 -48.92
N SER R 705 -50.15 -81.83 -47.90
CA SER R 705 -49.99 -83.27 -48.00
C SER R 705 -51.36 -83.93 -47.98
N ASN R 706 -51.45 -85.09 -48.60
CA ASN R 706 -52.70 -85.84 -48.60
C ASN R 706 -52.99 -86.38 -47.21
N TYR R 707 -54.23 -86.23 -46.76
CA TYR R 707 -54.60 -86.68 -45.43
C TYR R 707 -54.76 -88.19 -45.36
N TYR R 708 -55.12 -88.82 -46.47
CA TYR R 708 -55.45 -90.24 -46.47
C TYR R 708 -54.21 -91.09 -46.25
N LYS R 709 -54.43 -92.29 -45.72
CA LYS R 709 -53.33 -93.17 -45.37
C LYS R 709 -52.58 -93.64 -46.61
N SER R 710 -51.31 -94.02 -46.42
CA SER R 710 -50.48 -94.49 -47.52
C SER R 710 -49.40 -95.40 -46.96
N THR R 711 -48.80 -96.18 -47.85
CA THR R 711 -47.74 -97.10 -47.45
C THR R 711 -46.54 -96.35 -46.88
N SER R 712 -46.21 -95.21 -47.47
CA SER R 712 -45.07 -94.42 -47.04
C SER R 712 -45.45 -92.96 -46.95
N VAL R 713 -44.70 -92.22 -46.16
CA VAL R 713 -44.86 -90.77 -46.06
C VAL R 713 -44.25 -90.12 -47.30
N ASP R 714 -44.99 -89.22 -47.91
CA ASP R 714 -44.48 -88.46 -49.03
C ASP R 714 -43.32 -87.57 -48.59
N PHE R 715 -42.29 -87.49 -49.42
CA PHE R 715 -41.06 -86.76 -49.10
C PHE R 715 -40.41 -87.31 -47.84
N ALA R 716 -40.31 -88.63 -47.78
CA ALA R 716 -39.61 -89.32 -46.71
C ALA R 716 -38.86 -90.49 -47.31
N VAL R 717 -38.25 -91.28 -46.48
CA VAL R 717 -37.54 -92.46 -46.93
C VAL R 717 -38.49 -93.64 -46.91
N ASN R 718 -38.21 -94.64 -47.73
CA ASN R 718 -38.97 -95.87 -47.72
C ASN R 718 -38.28 -96.86 -46.78
N THR R 719 -38.70 -98.13 -46.83
CA THR R 719 -38.13 -99.13 -45.94
C THR R 719 -36.66 -99.43 -46.26
N GLU R 720 -36.19 -99.06 -47.45
CA GLU R 720 -34.81 -99.30 -47.85
C GLU R 720 -33.92 -98.09 -47.64
N GLY R 721 -34.45 -97.01 -47.07
CA GLY R 721 -33.65 -95.83 -46.84
C GLY R 721 -33.55 -94.89 -48.01
N VAL R 722 -34.32 -95.11 -49.07
CA VAL R 722 -34.27 -94.28 -50.25
C VAL R 722 -35.21 -93.10 -50.08
N TYR R 723 -34.65 -91.90 -50.11
CA TYR R 723 -35.48 -90.70 -50.11
C TYR R 723 -36.00 -90.45 -51.52
N SER R 724 -37.28 -90.12 -51.60
CA SER R 724 -37.92 -89.86 -52.88
C SER R 724 -38.78 -88.61 -52.79
N GLU R 725 -38.84 -87.89 -53.91
CA GLU R 725 -39.76 -86.76 -54.04
C GLU R 725 -40.91 -87.21 -54.93
N PRO R 726 -42.11 -87.41 -54.39
CA PRO R 726 -43.17 -88.06 -55.17
C PRO R 726 -43.75 -87.18 -56.27
N ARG R 727 -43.68 -85.86 -56.14
CA ARG R 727 -44.28 -84.97 -57.10
C ARG R 727 -43.42 -83.71 -57.21
N PRO R 728 -43.50 -82.99 -58.33
CA PRO R 728 -42.85 -81.67 -58.40
C PRO R 728 -43.75 -80.64 -57.77
N ILE R 729 -43.26 -80.01 -56.71
CA ILE R 729 -44.01 -78.96 -56.03
C ILE R 729 -43.69 -77.64 -56.70
N GLY R 730 -44.69 -77.03 -57.33
CA GLY R 730 -44.51 -75.73 -57.90
C GLY R 730 -44.44 -74.67 -56.84
N THR R 731 -44.71 -73.43 -57.21
CA THR R 731 -44.56 -72.33 -56.28
C THR R 731 -45.80 -71.44 -56.24
N ARG R 732 -46.71 -71.59 -57.20
CA ARG R 732 -47.81 -70.66 -57.38
C ARG R 732 -49.09 -71.28 -56.80
N TYR R 733 -49.38 -70.91 -55.56
CA TYR R 733 -50.61 -71.33 -54.89
C TYR R 733 -51.45 -70.16 -54.42
N LEU R 734 -50.82 -69.12 -53.90
CA LEU R 734 -51.53 -67.90 -53.56
C LEU R 734 -51.95 -67.18 -54.85
N THR R 735 -52.85 -66.22 -54.71
CA THR R 735 -53.39 -65.52 -55.86
C THR R 735 -53.21 -64.01 -55.72
N ARG R 736 -53.09 -63.36 -56.87
CA ARG R 736 -53.10 -61.91 -56.96
C ARG R 736 -54.04 -61.50 -58.08
N ASN R 737 -54.58 -60.29 -57.96
CA ASN R 737 -55.25 -59.68 -59.09
C ASN R 737 -54.21 -59.28 -60.13
N LEU R 738 -54.68 -59.12 -61.37
CA LEU R 738 -53.78 -58.68 -62.43
C LEU R 738 -53.54 -57.17 -62.30
N GLY S 221 1.50 -83.01 -27.01
CA GLY S 221 1.70 -83.38 -28.41
C GLY S 221 2.21 -84.79 -28.60
N VAL S 222 1.85 -85.38 -29.75
CA VAL S 222 2.30 -86.73 -30.07
C VAL S 222 3.81 -86.79 -30.20
N GLY S 223 4.39 -85.79 -30.86
CA GLY S 223 5.81 -85.79 -31.16
C GLY S 223 6.70 -85.05 -30.19
N SER S 224 6.20 -84.70 -29.01
CA SER S 224 7.00 -84.00 -28.02
C SER S 224 7.02 -84.79 -26.73
N SER S 225 8.20 -84.87 -26.12
CA SER S 225 8.35 -85.56 -24.84
C SER S 225 7.62 -84.79 -23.75
N SER S 226 6.95 -85.53 -22.85
CA SER S 226 6.23 -84.93 -21.75
C SER S 226 7.04 -84.92 -20.46
N GLY S 227 8.29 -85.36 -20.50
CA GLY S 227 9.14 -85.30 -19.33
C GLY S 227 10.50 -85.87 -19.65
N ASN S 228 11.45 -85.56 -18.78
CA ASN S 228 12.83 -85.99 -18.93
C ASN S 228 13.18 -87.07 -17.93
N TRP S 229 14.25 -87.79 -18.22
CA TRP S 229 14.77 -88.81 -17.33
C TRP S 229 15.50 -88.14 -16.17
N HIS S 230 15.08 -88.43 -14.95
CA HIS S 230 15.64 -87.81 -13.75
C HIS S 230 15.99 -88.92 -12.77
N CYS S 231 17.19 -89.48 -12.89
CA CYS S 231 17.76 -90.36 -11.89
C CYS S 231 18.98 -89.65 -11.32
N ASP S 232 18.97 -89.41 -10.02
CA ASP S 232 20.00 -88.61 -9.39
C ASP S 232 19.82 -88.68 -7.89
N SER S 233 20.87 -88.28 -7.17
CA SER S 233 20.80 -88.06 -5.73
C SER S 233 21.66 -86.86 -5.42
N THR S 234 21.08 -85.85 -4.80
CA THR S 234 21.80 -84.64 -4.44
C THR S 234 21.86 -84.55 -2.92
N TRP S 235 23.08 -84.54 -2.39
CA TRP S 235 23.30 -84.40 -0.96
C TRP S 235 23.64 -82.95 -0.68
N LEU S 236 22.82 -82.30 0.13
CA LEU S 236 22.98 -80.87 0.41
C LEU S 236 22.67 -80.66 1.89
N GLY S 237 23.71 -80.48 2.69
CA GLY S 237 23.52 -80.25 4.10
C GLY S 237 22.91 -81.45 4.79
N ASP S 238 21.81 -81.21 5.50
CA ASP S 238 21.10 -82.25 6.22
C ASP S 238 20.01 -82.90 5.39
N ARG S 239 20.00 -82.66 4.08
CA ARG S 239 19.03 -83.26 3.18
C ARG S 239 19.74 -84.09 2.13
N VAL S 240 19.08 -85.16 1.70
CA VAL S 240 19.44 -85.85 0.46
C VAL S 240 18.16 -85.99 -0.35
N ILE S 241 18.24 -85.61 -1.61
CA ILE S 241 17.10 -85.70 -2.52
C ILE S 241 17.40 -86.79 -3.51
N THR S 242 16.72 -87.93 -3.38
CA THR S 242 16.83 -89.00 -4.34
C THR S 242 15.73 -88.84 -5.37
N THR S 243 16.10 -88.93 -6.63
CA THR S 243 15.13 -88.98 -7.71
C THR S 243 15.45 -90.18 -8.59
N SER S 244 14.42 -90.93 -8.95
CA SER S 244 14.62 -92.13 -9.73
C SER S 244 13.56 -92.20 -10.82
N THR S 245 14.00 -92.51 -12.03
CA THR S 245 13.11 -92.70 -13.16
C THR S 245 13.22 -94.14 -13.63
N ARG S 246 12.08 -94.72 -13.97
CA ARG S 246 12.03 -96.07 -14.50
C ARG S 246 11.07 -96.11 -15.68
N THR S 247 11.30 -97.06 -16.57
CA THR S 247 10.35 -97.35 -17.63
C THR S 247 9.44 -98.47 -17.18
N TRP S 248 8.13 -98.25 -17.28
CA TRP S 248 7.15 -99.22 -16.86
C TRP S 248 6.35 -99.70 -18.06
N ALA S 249 5.72 -100.86 -17.90
CA ALA S 249 4.77 -101.38 -18.87
C ALA S 249 3.53 -101.82 -18.12
N LEU S 250 2.38 -101.32 -18.55
CA LEU S 250 1.12 -101.66 -17.90
C LEU S 250 0.26 -102.47 -18.85
N PRO S 251 0.01 -103.75 -18.58
CA PRO S 251 -0.91 -104.52 -19.40
C PRO S 251 -2.35 -104.20 -19.05
N THR S 252 -3.26 -104.76 -19.83
CA THR S 252 -4.65 -104.79 -19.43
C THR S 252 -4.84 -105.94 -18.45
N TYR S 253 -5.29 -105.62 -17.25
CA TYR S 253 -5.50 -106.62 -16.21
C TYR S 253 -6.95 -107.04 -16.19
N ASN S 254 -7.18 -108.34 -15.97
CA ASN S 254 -8.50 -108.90 -15.73
C ASN S 254 -9.46 -108.73 -16.91
N ASN S 255 -8.93 -108.40 -18.09
CA ASN S 255 -9.77 -108.07 -19.24
C ASN S 255 -10.74 -106.94 -18.90
N HIS S 256 -10.24 -105.93 -18.20
CA HIS S 256 -10.98 -104.74 -17.80
C HIS S 256 -12.07 -105.04 -16.78
N LEU S 257 -12.05 -106.20 -16.14
CA LEU S 257 -13.13 -106.60 -15.25
C LEU S 257 -12.70 -106.53 -13.79
N TYR S 258 -13.67 -106.31 -12.92
CA TYR S 258 -13.52 -106.56 -11.50
C TYR S 258 -13.98 -107.97 -11.22
N LYS S 259 -13.12 -108.78 -10.62
CA LYS S 259 -13.45 -110.16 -10.33
C LYS S 259 -13.41 -110.38 -8.83
N GLN S 260 -14.46 -110.98 -8.30
CA GLN S 260 -14.43 -111.46 -6.92
C GLN S 260 -13.47 -112.64 -6.85
N ILE S 261 -12.58 -112.61 -5.87
CA ILE S 261 -11.61 -113.68 -5.66
C ILE S 261 -11.78 -114.18 -4.23
N SER S 262 -11.62 -115.48 -4.05
CA SER S 262 -11.85 -116.09 -2.76
C SER S 262 -10.95 -117.30 -2.60
N ASN S 263 -10.84 -117.76 -1.37
CA ASN S 263 -10.15 -119.00 -1.04
C ASN S 263 -10.80 -119.57 0.20
N GLY S 264 -11.30 -120.80 0.12
CA GLY S 264 -11.97 -121.44 1.22
C GLY S 264 -11.26 -122.70 1.66
N THR S 265 -11.86 -123.36 2.62
CA THR S 265 -11.31 -124.60 3.17
C THR S 265 -11.73 -125.80 2.33
N ALA S 269 -7.20 -125.65 1.06
CA ALA S 269 -6.63 -124.57 1.84
C ALA S 269 -7.10 -124.63 3.29
N THR S 270 -6.25 -124.19 4.21
CA THR S 270 -6.61 -124.16 5.61
C THR S 270 -7.38 -122.89 5.93
N ASN S 271 -8.04 -122.89 7.09
CA ASN S 271 -8.79 -121.71 7.51
C ASN S 271 -7.87 -120.51 7.69
N ASP S 272 -6.61 -120.74 8.04
CA ASP S 272 -5.66 -119.65 8.24
C ASP S 272 -5.40 -118.87 6.96
N ASN S 273 -5.66 -119.48 5.79
CA ASN S 273 -5.33 -118.86 4.51
C ASN S 273 -6.57 -118.48 3.71
N THR S 274 -7.76 -118.50 4.32
CA THR S 274 -8.96 -118.11 3.61
C THR S 274 -8.99 -116.61 3.38
N TYR S 275 -9.63 -116.20 2.29
CA TYR S 275 -9.81 -114.78 2.04
C TYR S 275 -10.99 -114.58 1.11
N PHE S 276 -11.52 -113.36 1.14
CA PHE S 276 -12.48 -112.87 0.17
C PHE S 276 -12.02 -111.49 -0.23
N GLY S 277 -12.01 -111.23 -1.53
CA GLY S 277 -11.57 -109.93 -1.99
C GLY S 277 -11.93 -109.72 -3.43
N TYR S 278 -11.30 -108.72 -4.03
CA TYR S 278 -11.60 -108.37 -5.40
C TYR S 278 -10.31 -108.13 -6.16
N SER S 279 -10.23 -108.69 -7.35
CA SER S 279 -9.21 -108.36 -8.31
C SER S 279 -9.73 -107.24 -9.20
N THR S 280 -8.94 -106.19 -9.36
CA THR S 280 -9.35 -105.05 -10.15
C THR S 280 -8.57 -104.98 -11.45
N PRO S 281 -9.12 -104.34 -12.47
CA PRO S 281 -8.36 -104.12 -13.71
C PRO S 281 -7.28 -103.05 -13.61
N TRP S 282 -7.05 -102.52 -12.42
CA TRP S 282 -6.11 -101.41 -12.24
C TRP S 282 -4.74 -101.93 -11.83
N GLY S 283 -3.72 -101.26 -12.35
CA GLY S 283 -2.39 -101.40 -11.78
C GLY S 283 -2.14 -100.33 -10.75
N TYR S 284 -1.02 -100.44 -10.07
CA TYR S 284 -0.64 -99.42 -9.11
C TYR S 284 0.87 -99.28 -9.08
N PHE S 285 1.33 -98.08 -8.76
CA PHE S 285 2.75 -97.80 -8.69
C PHE S 285 3.24 -97.96 -7.26
N ASP S 286 4.30 -98.74 -7.10
CA ASP S 286 4.89 -98.99 -5.80
C ASP S 286 6.35 -98.55 -5.85
N PHE S 287 6.75 -97.71 -4.90
CA PHE S 287 8.14 -97.36 -4.70
C PHE S 287 8.47 -97.40 -3.23
N ASN S 288 7.91 -98.40 -2.54
CA ASN S 288 8.03 -98.55 -1.10
C ASN S 288 9.19 -99.45 -0.72
N ARG S 289 10.27 -99.43 -1.48
CA ARG S 289 11.52 -100.07 -1.12
C ARG S 289 12.63 -99.05 -1.26
N PHE S 290 13.63 -99.15 -0.37
CA PHE S 290 14.68 -98.14 -0.35
C PHE S 290 15.52 -98.16 -1.60
N HIS S 291 15.72 -99.33 -2.20
CA HIS S 291 16.54 -99.39 -3.40
C HIS S 291 15.84 -98.82 -4.63
N CYS S 292 14.55 -98.51 -4.52
CA CYS S 292 13.89 -97.75 -5.58
C CYS S 292 14.41 -96.32 -5.65
N HIS S 293 15.05 -95.84 -4.59
CA HIS S 293 15.48 -94.46 -4.49
C HIS S 293 16.96 -94.31 -4.24
N PHE S 294 17.56 -95.20 -3.46
CA PHE S 294 18.97 -95.12 -3.12
C PHE S 294 19.75 -96.13 -3.94
N SER S 295 20.76 -95.65 -4.67
CA SER S 295 21.75 -96.55 -5.21
C SER S 295 22.54 -97.16 -4.05
N PRO S 296 23.18 -98.32 -4.27
CA PRO S 296 23.99 -98.90 -3.20
C PRO S 296 25.05 -97.96 -2.66
N ARG S 297 25.68 -97.19 -3.54
CA ARG S 297 26.65 -96.19 -3.09
C ARG S 297 25.98 -95.09 -2.28
N ASP S 298 24.80 -94.64 -2.71
CA ASP S 298 24.05 -93.66 -1.95
C ASP S 298 23.64 -94.21 -0.59
N TRP S 299 23.23 -95.48 -0.57
CA TRP S 299 22.90 -96.12 0.70
C TRP S 299 24.12 -96.17 1.61
N GLN S 300 25.29 -96.47 1.06
CA GLN S 300 26.52 -96.46 1.84
C GLN S 300 26.80 -95.06 2.40
N ARG S 301 26.66 -94.04 1.55
CA ARG S 301 26.83 -92.66 2.01
C ARG S 301 25.88 -92.36 3.17
N LEU S 302 24.64 -92.80 3.06
CA LEU S 302 23.65 -92.53 4.09
C LEU S 302 24.00 -93.23 5.40
N ILE S 303 24.28 -94.53 5.32
CA ILE S 303 24.41 -95.33 6.54
C ILE S 303 25.77 -95.17 7.21
N ASN S 304 26.80 -94.78 6.48
CA ASN S 304 28.11 -94.65 7.10
C ASN S 304 28.34 -93.30 7.76
N ASN S 305 27.42 -92.35 7.57
CA ASN S 305 27.67 -90.98 7.98
C ASN S 305 26.54 -90.33 8.74
N ASN S 306 25.40 -91.00 8.89
CA ASN S 306 24.24 -90.39 9.51
C ASN S 306 23.70 -91.27 10.62
N TRP S 307 23.30 -90.64 11.71
CA TRP S 307 22.67 -91.36 12.81
C TRP S 307 21.20 -91.63 12.55
N GLY S 308 20.61 -90.94 11.58
CA GLY S 308 19.20 -91.16 11.30
C GLY S 308 18.80 -90.45 10.04
N PHE S 309 17.63 -90.83 9.54
CA PHE S 309 17.06 -90.21 8.35
C PHE S 309 15.57 -90.44 8.39
N ARG S 310 14.86 -89.63 7.61
CA ARG S 310 13.41 -89.77 7.49
C ARG S 310 12.98 -89.09 6.21
N PRO S 311 11.94 -89.60 5.55
CA PRO S 311 11.42 -88.91 4.37
C PRO S 311 10.72 -87.61 4.77
N LYS S 312 10.81 -86.63 3.89
CA LYS S 312 10.20 -85.32 4.11
C LYS S 312 9.08 -85.04 3.12
N ARG S 313 9.37 -85.18 1.84
CA ARG S 313 8.38 -84.91 0.80
C ARG S 313 8.70 -85.79 -0.40
N LEU S 314 7.70 -86.00 -1.24
CA LEU S 314 7.93 -86.71 -2.48
C LEU S 314 7.19 -86.02 -3.60
N SER S 315 7.75 -86.14 -4.80
CA SER S 315 7.07 -85.76 -6.02
C SER S 315 7.10 -86.95 -6.96
N PHE S 316 5.99 -87.16 -7.65
CA PHE S 316 5.79 -88.32 -8.50
C PHE S 316 5.38 -87.83 -9.88
N LYS S 317 5.92 -88.46 -10.91
CA LYS S 317 5.61 -88.04 -12.28
C LYS S 317 5.40 -89.26 -13.16
N LEU S 318 4.37 -89.18 -14.00
CA LEU S 318 4.13 -90.11 -15.09
C LEU S 318 4.21 -89.32 -16.39
N PHE S 319 4.97 -89.82 -17.35
CA PHE S 319 5.20 -89.04 -18.56
C PHE S 319 5.68 -89.99 -19.67
N ASN S 320 5.74 -89.44 -20.87
CA ASN S 320 6.13 -90.20 -22.07
C ASN S 320 5.29 -91.45 -22.20
N ILE S 321 3.99 -91.29 -22.02
CA ILE S 321 3.06 -92.40 -22.08
C ILE S 321 2.86 -92.83 -23.52
N GLN S 322 2.97 -94.13 -23.76
CA GLN S 322 2.70 -94.71 -25.06
C GLN S 322 1.71 -95.84 -24.87
N VAL S 323 0.54 -95.71 -25.49
CA VAL S 323 -0.45 -96.77 -25.48
C VAL S 323 -0.35 -97.51 -26.80
N LYS S 324 -0.18 -98.81 -26.73
CA LYS S 324 0.12 -99.61 -27.91
C LYS S 324 -0.95 -100.66 -28.12
N GLU S 325 -1.34 -100.84 -29.38
CA GLU S 325 -2.33 -101.83 -29.77
C GLU S 325 -1.60 -103.03 -30.36
N VAL S 326 -1.96 -104.22 -29.92
CA VAL S 326 -1.39 -105.46 -30.42
C VAL S 326 -2.49 -106.28 -31.06
N THR S 327 -2.25 -106.72 -32.30
CA THR S 327 -3.24 -107.48 -33.05
C THR S 327 -2.75 -108.90 -33.31
N LYS S 333 1.75 -111.43 -34.95
CA LYS S 333 1.53 -110.38 -33.98
C LYS S 333 2.22 -109.08 -34.37
N THR S 334 1.45 -108.01 -34.47
CA THR S 334 1.98 -106.68 -34.75
C THR S 334 1.58 -105.74 -33.63
N ILE S 335 2.50 -104.88 -33.23
CA ILE S 335 2.27 -103.88 -32.20
C ILE S 335 2.33 -102.51 -32.86
N ALA S 336 1.28 -101.72 -32.66
CA ALA S 336 1.18 -100.41 -33.25
C ALA S 336 0.79 -99.40 -32.18
N ASN S 337 1.18 -98.15 -32.41
CA ASN S 337 0.76 -97.07 -31.53
C ASN S 337 -0.74 -96.82 -31.68
N ASN S 338 -1.41 -96.62 -30.55
CA ASN S 338 -2.78 -96.16 -30.52
C ASN S 338 -2.73 -94.75 -29.96
N LEU S 339 -2.59 -93.76 -30.85
CA LEU S 339 -2.32 -92.40 -30.44
C LEU S 339 -3.48 -91.79 -29.66
N THR S 340 -4.70 -92.24 -29.91
CA THR S 340 -5.87 -91.67 -29.28
C THR S 340 -6.32 -92.43 -28.04
N SER S 341 -5.61 -93.48 -27.66
CA SER S 341 -5.97 -94.23 -26.47
C SER S 341 -5.46 -93.52 -25.21
N THR S 342 -6.14 -93.77 -24.10
CA THR S 342 -5.80 -93.12 -22.84
C THR S 342 -5.45 -94.14 -21.78
N ILE S 343 -4.72 -93.68 -20.79
CA ILE S 343 -4.59 -94.36 -19.50
C ILE S 343 -5.28 -93.50 -18.46
N GLN S 344 -5.76 -94.13 -17.40
CA GLN S 344 -6.37 -93.43 -16.29
C GLN S 344 -5.46 -93.54 -15.08
N VAL S 345 -5.15 -92.40 -14.48
CA VAL S 345 -4.29 -92.35 -13.29
C VAL S 345 -4.99 -91.52 -12.24
N PHE S 346 -5.02 -92.02 -11.01
CA PHE S 346 -5.45 -91.22 -9.89
C PHE S 346 -4.72 -91.68 -8.64
N THR S 347 -4.58 -90.76 -7.69
CA THR S 347 -4.03 -91.07 -6.38
C THR S 347 -5.17 -91.14 -5.38
N ASP S 348 -5.14 -92.18 -4.55
CA ASP S 348 -6.09 -92.29 -3.44
C ASP S 348 -5.63 -91.37 -2.32
N SER S 349 -5.79 -90.07 -2.56
CA SER S 349 -5.27 -89.06 -1.65
C SER S 349 -6.06 -89.01 -0.35
N GLU S 350 -7.32 -89.41 -0.37
CA GLU S 350 -8.13 -89.47 0.84
C GLU S 350 -8.05 -90.81 1.53
N TYR S 351 -7.24 -91.75 1.02
CA TYR S 351 -7.08 -93.07 1.62
C TYR S 351 -8.41 -93.79 1.75
N GLN S 352 -9.24 -93.67 0.71
CA GLN S 352 -10.54 -94.31 0.68
C GLN S 352 -10.49 -95.72 0.13
N LEU S 353 -9.42 -96.12 -0.44
CA LEU S 353 -9.27 -97.47 -0.93
C LEU S 353 -8.49 -98.31 0.06
N PRO S 354 -8.68 -99.62 0.07
CA PRO S 354 -7.81 -100.49 0.86
C PRO S 354 -6.36 -100.26 0.47
N TYR S 355 -5.53 -99.98 1.48
CA TYR S 355 -4.14 -99.64 1.26
C TYR S 355 -3.33 -100.93 1.23
N VAL S 356 -2.91 -101.34 0.03
CA VAL S 356 -2.16 -102.58 -0.14
C VAL S 356 -0.67 -102.35 -0.22
N LEU S 357 -0.21 -101.11 -0.30
CA LEU S 357 1.20 -100.84 -0.09
C LEU S 357 1.55 -101.12 1.37
N GLY S 358 2.85 -101.30 1.62
CA GLY S 358 3.24 -101.67 2.96
C GLY S 358 2.94 -103.09 3.34
N SER S 359 2.79 -103.98 2.36
CA SER S 359 2.71 -105.41 2.62
C SER S 359 3.89 -106.15 2.01
N ALA S 360 4.96 -105.43 1.70
CA ALA S 360 6.20 -105.99 1.17
C ALA S 360 5.95 -106.80 -0.10
N HIS S 361 5.12 -106.27 -0.99
CA HIS S 361 4.78 -106.95 -2.22
C HIS S 361 5.77 -106.65 -3.31
N GLN S 362 5.89 -107.58 -4.24
CA GLN S 362 6.67 -107.35 -5.45
C GLN S 362 5.97 -106.32 -6.32
N GLY S 363 6.68 -105.85 -7.34
CA GLY S 363 6.14 -104.86 -8.25
C GLY S 363 6.59 -103.45 -7.99
N CYS S 364 7.47 -103.23 -7.02
CA CYS S 364 8.04 -101.91 -6.82
C CYS S 364 8.95 -101.54 -7.98
N LEU S 365 9.35 -100.29 -8.02
CA LEU S 365 10.33 -99.85 -9.00
C LEU S 365 11.59 -100.68 -8.84
N PRO S 366 12.19 -101.16 -9.93
CA PRO S 366 13.37 -102.01 -9.81
C PRO S 366 14.53 -101.23 -9.23
N PRO S 367 15.42 -101.89 -8.48
CA PRO S 367 16.61 -101.18 -7.96
C PRO S 367 17.49 -100.62 -9.06
N PHE S 368 17.61 -101.31 -10.19
CA PHE S 368 18.50 -100.87 -11.26
C PHE S 368 17.74 -99.94 -12.20
N PRO S 369 18.22 -98.71 -12.42
CA PRO S 369 17.45 -97.76 -13.23
C PRO S 369 17.22 -98.22 -14.66
N ALA S 370 18.13 -98.99 -15.23
CA ALA S 370 17.96 -99.47 -16.60
C ALA S 370 16.88 -100.53 -16.73
N ASP S 371 16.33 -101.01 -15.61
CA ASP S 371 15.42 -102.14 -15.63
C ASP S 371 14.00 -101.67 -15.94
N VAL S 372 13.37 -102.30 -16.91
CA VAL S 372 11.98 -102.03 -17.25
C VAL S 372 11.09 -102.99 -16.48
N PHE S 373 10.10 -102.47 -15.78
CA PHE S 373 9.30 -103.28 -14.89
C PHE S 373 7.83 -103.25 -15.27
N MET S 374 7.15 -104.32 -14.92
CA MET S 374 5.72 -104.48 -15.11
C MET S 374 4.97 -103.95 -13.90
N ILE S 375 3.92 -103.20 -14.15
CA ILE S 375 3.14 -102.60 -13.05
C ILE S 375 2.28 -103.70 -12.42
N PRO S 376 2.31 -103.85 -11.10
CA PRO S 376 1.52 -104.90 -10.45
C PRO S 376 0.03 -104.59 -10.51
N GLN S 377 -0.77 -105.64 -10.50
CA GLN S 377 -2.22 -105.49 -10.53
C GLN S 377 -2.75 -105.19 -9.14
N TYR S 378 -3.66 -104.21 -9.07
CA TYR S 378 -4.26 -103.85 -7.79
C TYR S 378 -5.37 -104.81 -7.44
N GLY S 379 -5.28 -105.37 -6.24
CA GLY S 379 -6.38 -106.12 -5.66
C GLY S 379 -6.42 -105.84 -4.18
N TYR S 380 -7.54 -106.19 -3.56
CA TYR S 380 -7.68 -105.94 -2.14
C TYR S 380 -8.52 -107.04 -1.52
N LEU S 381 -8.45 -107.13 -0.20
CA LEU S 381 -9.21 -108.08 0.56
C LEU S 381 -10.17 -107.34 1.47
N THR S 382 -11.33 -107.95 1.70
CA THR S 382 -12.28 -107.42 2.64
C THR S 382 -12.63 -108.52 3.63
N LEU S 383 -13.65 -108.31 4.46
CA LEU S 383 -14.00 -109.30 5.47
C LEU S 383 -14.46 -110.58 4.80
N ASN S 384 -14.03 -111.71 5.35
CA ASN S 384 -14.39 -113.01 4.83
C ASN S 384 -14.77 -113.94 5.97
N ASN S 385 -15.64 -114.89 5.66
CA ASN S 385 -15.99 -116.01 6.53
C ASN S 385 -15.73 -117.24 5.68
N GLY S 386 -14.53 -117.80 5.77
CA GLY S 386 -14.12 -118.80 4.81
C GLY S 386 -13.93 -118.14 3.46
N SER S 387 -14.53 -118.72 2.43
CA SER S 387 -14.51 -118.13 1.10
C SER S 387 -15.68 -117.19 0.86
N GLN S 388 -16.57 -117.03 1.82
CA GLN S 388 -17.75 -116.20 1.67
C GLN S 388 -17.50 -114.79 2.20
N ALA S 389 -18.19 -113.83 1.61
CA ALA S 389 -18.21 -112.49 2.16
C ALA S 389 -19.26 -112.39 3.25
N VAL S 390 -19.11 -111.38 4.09
CA VAL S 390 -20.11 -111.04 5.09
C VAL S 390 -20.77 -109.73 4.68
N GLY S 391 -21.82 -109.36 5.40
CA GLY S 391 -22.51 -108.12 5.09
C GLY S 391 -21.65 -106.89 5.24
N ARG S 392 -20.60 -106.96 6.06
CA ARG S 392 -19.70 -105.84 6.23
C ARG S 392 -18.61 -105.79 5.18
N SER S 393 -18.52 -106.79 4.31
CA SER S 393 -17.52 -106.77 3.24
C SER S 393 -17.77 -105.60 2.31
N SER S 394 -16.69 -104.90 1.97
CA SER S 394 -16.77 -103.71 1.13
C SER S 394 -16.30 -104.05 -0.27
N PHE S 395 -17.06 -103.60 -1.26
CA PHE S 395 -16.64 -103.66 -2.65
C PHE S 395 -16.32 -102.25 -3.11
N TYR S 396 -15.17 -102.07 -3.73
CA TYR S 396 -14.73 -100.78 -4.22
C TYR S 396 -14.59 -100.82 -5.73
N CYS S 397 -15.23 -99.89 -6.40
CA CYS S 397 -15.03 -99.67 -7.83
C CYS S 397 -14.06 -98.50 -7.97
N LEU S 398 -12.90 -98.78 -8.57
CA LEU S 398 -11.91 -97.72 -8.72
C LEU S 398 -12.29 -96.74 -9.81
N GLU S 399 -13.20 -97.12 -10.72
CA GLU S 399 -13.74 -96.16 -11.66
C GLU S 399 -14.64 -95.15 -10.97
N TYR S 400 -15.09 -95.45 -9.75
CA TYR S 400 -15.90 -94.51 -8.97
C TYR S 400 -15.06 -93.39 -8.38
N PHE S 401 -13.81 -93.26 -8.77
CA PHE S 401 -12.95 -92.18 -8.35
C PHE S 401 -12.70 -91.24 -9.52
N PRO S 402 -12.47 -89.96 -9.26
CA PRO S 402 -11.99 -89.07 -10.32
C PRO S 402 -10.58 -89.46 -10.74
N SER S 403 -10.40 -89.71 -12.03
CA SER S 403 -9.10 -90.09 -12.57
C SER S 403 -8.74 -89.14 -13.69
N GLN S 404 -7.46 -88.80 -13.77
CA GLN S 404 -6.96 -88.07 -14.92
C GLN S 404 -6.76 -89.06 -16.06
N MET S 405 -7.32 -88.76 -17.22
CA MET S 405 -7.09 -89.57 -18.41
C MET S 405 -5.99 -88.93 -19.25
N LEU S 406 -5.05 -89.75 -19.70
CA LEU S 406 -3.84 -89.27 -20.33
C LEU S 406 -3.71 -89.91 -21.69
N ARG S 407 -3.58 -89.09 -22.73
CA ARG S 407 -3.15 -89.57 -24.02
C ARG S 407 -1.64 -89.52 -24.08
N THR S 408 -1.08 -89.88 -25.23
CA THR S 408 0.37 -90.02 -25.35
C THR S 408 1.10 -88.71 -25.08
N GLY S 409 0.45 -87.58 -25.30
CA GLY S 409 1.07 -86.29 -25.04
C GLY S 409 0.90 -85.76 -23.64
N ASN S 410 0.14 -86.43 -22.80
CA ASN S 410 -0.15 -85.95 -21.46
C ASN S 410 0.83 -86.52 -20.45
N ASN S 411 0.95 -85.82 -19.33
CA ASN S 411 1.73 -86.32 -18.20
C ASN S 411 0.94 -86.12 -16.92
N PHE S 412 1.29 -86.91 -15.92
CA PHE S 412 0.65 -86.88 -14.62
C PHE S 412 1.70 -86.60 -13.56
N GLN S 413 1.36 -85.78 -12.58
CA GLN S 413 2.29 -85.53 -11.50
C GLN S 413 1.52 -85.11 -10.25
N PHE S 414 2.09 -85.43 -9.10
CA PHE S 414 1.57 -84.96 -7.84
C PHE S 414 2.71 -84.89 -6.83
N THR S 415 2.52 -84.09 -5.81
CA THR S 415 3.47 -83.95 -4.73
C THR S 415 2.82 -84.38 -3.43
N TYR S 416 3.63 -84.89 -2.52
CA TYR S 416 3.16 -85.38 -1.24
C TYR S 416 4.17 -84.97 -0.18
N THR S 417 3.67 -84.57 0.98
CA THR S 417 4.50 -84.22 2.11
C THR S 417 4.33 -85.27 3.20
N PHE S 418 5.44 -85.86 3.63
CA PHE S 418 5.40 -86.80 4.74
C PHE S 418 5.06 -86.09 6.03
N GLU S 419 4.27 -86.74 6.87
CA GLU S 419 4.02 -86.21 8.20
C GLU S 419 5.31 -86.27 9.01
N ASP S 420 5.30 -85.54 10.13
CA ASP S 420 6.46 -85.57 11.02
C ASP S 420 6.60 -86.97 11.61
N VAL S 421 7.61 -87.70 11.15
CA VAL S 421 7.85 -89.08 11.57
C VAL S 421 9.18 -89.07 12.31
N PRO S 422 9.39 -89.94 13.30
CA PRO S 422 10.69 -89.98 13.96
C PRO S 422 11.77 -90.45 13.00
N PHE S 423 12.99 -89.94 13.22
CA PHE S 423 14.14 -90.42 12.46
C PHE S 423 14.31 -91.92 12.69
N HIS S 424 14.59 -92.65 11.63
CA HIS S 424 14.99 -94.04 11.79
C HIS S 424 16.35 -94.10 12.47
N SER S 425 16.50 -95.00 13.43
CA SER S 425 17.75 -95.14 14.17
C SER S 425 18.77 -95.81 13.27
N SER S 426 19.55 -94.99 12.56
CA SER S 426 20.60 -95.52 11.70
C SER S 426 21.91 -95.67 12.46
N TYR S 427 21.82 -96.34 13.61
CA TYR S 427 22.95 -96.49 14.51
C TYR S 427 22.72 -97.72 15.37
N ALA S 428 23.81 -98.28 15.87
CA ALA S 428 23.76 -99.31 16.89
C ALA S 428 24.31 -98.74 18.19
N HIS S 429 23.74 -99.17 19.30
CA HIS S 429 24.20 -98.66 20.59
C HIS S 429 25.56 -99.24 20.94
N SER S 430 26.47 -98.39 21.37
CA SER S 430 27.78 -98.82 21.82
C SER S 430 27.80 -99.14 23.31
N GLN S 431 26.64 -99.08 23.96
CA GLN S 431 26.49 -99.47 25.34
C GLN S 431 25.32 -100.44 25.45
N SER S 432 25.41 -101.34 26.40
CA SER S 432 24.31 -102.25 26.69
C SER S 432 23.45 -101.66 27.82
N LEU S 433 22.17 -102.03 27.80
CA LEU S 433 21.25 -101.48 28.79
C LEU S 433 21.62 -101.87 30.21
N ASP S 434 22.18 -103.06 30.39
CA ASP S 434 22.59 -103.53 31.71
C ASP S 434 24.01 -103.11 32.07
N ARG S 435 24.63 -102.27 31.25
CA ARG S 435 26.00 -101.81 31.48
C ARG S 435 26.10 -100.30 31.34
N LEU S 436 25.12 -99.59 31.89
CA LEU S 436 25.09 -98.13 31.82
C LEU S 436 25.75 -97.48 33.03
N MET S 437 26.23 -98.26 33.97
CA MET S 437 26.75 -97.76 35.23
C MET S 437 28.26 -97.54 35.17
N ASN S 438 28.73 -96.75 36.12
CA ASN S 438 30.17 -96.53 36.30
C ASN S 438 30.80 -97.81 36.82
N PRO S 439 31.76 -98.40 36.12
CA PRO S 439 32.38 -99.65 36.55
C PRO S 439 33.41 -99.51 37.67
N LEU S 440 33.58 -98.32 38.24
CA LEU S 440 34.56 -98.10 39.28
C LEU S 440 33.95 -97.81 40.64
N ILE S 441 32.67 -97.43 40.69
CA ILE S 441 32.04 -96.94 41.91
C ILE S 441 30.95 -97.91 42.32
N ASP S 442 30.88 -98.19 43.62
CA ASP S 442 29.79 -98.97 44.16
C ASP S 442 28.50 -98.16 44.14
N GLN S 443 27.38 -98.87 44.17
CA GLN S 443 26.10 -98.23 44.39
C GLN S 443 25.89 -97.98 45.87
N TYR S 444 25.17 -96.91 46.19
CA TYR S 444 24.74 -96.73 47.57
C TYR S 444 23.51 -97.55 47.90
N LEU S 445 22.82 -98.09 46.89
CA LEU S 445 21.69 -98.97 47.12
C LEU S 445 22.18 -100.37 47.43
N TYR S 446 21.42 -101.07 48.27
CA TYR S 446 21.72 -102.45 48.63
C TYR S 446 20.75 -103.39 47.93
N TYR S 447 21.20 -104.61 47.72
CA TYR S 447 20.35 -105.68 47.24
C TYR S 447 20.46 -106.86 48.18
N LEU S 448 19.39 -107.66 48.24
CA LEU S 448 19.41 -108.88 49.03
C LEU S 448 20.43 -109.84 48.42
N SER S 449 21.55 -110.05 49.10
CA SER S 449 22.63 -110.85 48.55
C SER S 449 22.64 -112.28 49.05
N ARG S 450 22.14 -112.53 50.25
CA ARG S 450 22.05 -113.88 50.77
C ARG S 450 20.81 -114.03 51.64
N THR S 451 20.22 -115.22 51.58
CA THR S 451 19.10 -115.56 52.44
C THR S 451 19.43 -116.70 53.39
N GLN S 452 20.65 -117.21 53.36
CA GLN S 452 21.06 -118.34 54.18
C GLN S 452 22.48 -118.11 54.67
N THR S 453 22.74 -118.46 55.92
CA THR S 453 24.06 -118.26 56.51
C THR S 453 25.11 -119.16 55.86
N ASN S 459 23.26 -124.65 57.88
CA ASN S 459 23.02 -123.22 57.71
C ASN S 459 21.56 -122.88 57.95
N THR S 460 21.31 -121.66 58.43
CA THR S 460 19.99 -121.21 58.80
C THR S 460 19.61 -120.00 57.96
N GLN S 461 18.34 -119.61 58.05
CA GLN S 461 17.86 -118.44 57.34
C GLN S 461 18.49 -117.17 57.89
N THR S 462 18.74 -116.23 57.00
CA THR S 462 19.27 -114.92 57.37
C THR S 462 18.91 -113.95 56.25
N LEU S 463 19.24 -112.68 56.46
CA LEU S 463 19.07 -111.65 55.44
C LEU S 463 20.38 -110.89 55.36
N GLY S 464 21.14 -111.15 54.31
CA GLY S 464 22.37 -110.43 54.03
C GLY S 464 22.18 -109.51 52.84
N PHE S 465 22.66 -108.29 52.99
CA PHE S 465 22.50 -107.26 51.96
C PHE S 465 23.86 -106.74 51.57
N SER S 466 24.07 -106.58 50.27
CA SER S 466 25.33 -106.09 49.73
C SER S 466 25.05 -104.92 48.81
N GLN S 467 26.06 -104.10 48.63
CA GLN S 467 25.99 -102.99 47.69
C GLN S 467 26.44 -103.46 46.32
N GLY S 468 25.63 -103.18 45.30
CA GLY S 468 26.02 -103.47 43.94
C GLY S 468 27.26 -102.71 43.55
N GLY S 469 28.21 -103.41 42.95
CA GLY S 469 29.47 -102.80 42.59
C GLY S 469 29.99 -103.29 41.26
N PRO S 470 31.26 -103.01 40.97
CA PRO S 470 31.83 -103.41 39.68
C PRO S 470 31.80 -104.91 39.44
N ASN S 471 31.85 -105.72 40.49
CA ASN S 471 31.87 -107.16 40.32
C ASN S 471 30.49 -107.78 40.34
N THR S 472 29.57 -107.26 41.14
CA THR S 472 28.18 -107.75 41.17
C THR S 472 27.31 -106.87 40.29
N MET S 473 27.69 -106.79 39.02
CA MET S 473 27.05 -105.87 38.11
C MET S 473 25.67 -106.35 37.69
N ALA S 474 25.44 -107.66 37.71
CA ALA S 474 24.12 -108.20 37.45
C ALA S 474 23.13 -107.89 38.58
N ASN S 475 23.62 -107.64 39.78
CA ASN S 475 22.75 -107.37 40.93
C ASN S 475 22.45 -105.89 41.12
N GLN S 476 23.12 -105.01 40.38
CA GLN S 476 22.97 -103.59 40.61
C GLN S 476 21.56 -103.12 40.32
N ALA S 477 21.10 -102.14 41.11
CA ALA S 477 19.85 -101.48 40.81
C ALA S 477 19.97 -100.73 39.49
N LYS S 478 18.94 -100.84 38.65
CA LYS S 478 18.95 -100.26 37.32
C LYS S 478 17.64 -99.54 37.07
N ASN S 479 17.69 -98.57 36.17
CA ASN S 479 16.53 -97.72 35.90
C ASN S 479 15.66 -98.21 34.76
N TRP S 480 16.15 -99.13 33.93
CA TRP S 480 15.47 -99.44 32.69
C TRP S 480 15.43 -100.94 32.47
N LEU S 481 14.48 -101.36 31.65
CA LEU S 481 14.27 -102.75 31.29
C LEU S 481 14.39 -102.92 29.78
N PRO S 482 14.81 -104.10 29.32
CA PRO S 482 14.86 -104.35 27.89
C PRO S 482 13.46 -104.35 27.29
N GLY S 483 13.40 -104.06 26.00
CA GLY S 483 12.16 -103.98 25.29
C GLY S 483 11.33 -105.24 25.37
N PRO S 484 10.12 -105.19 24.84
CA PRO S 484 9.20 -106.32 24.98
C PRO S 484 9.64 -107.52 24.16
N CYS S 485 9.15 -108.68 24.57
CA CYS S 485 9.55 -109.96 24.00
C CYS S 485 8.33 -110.75 23.57
N TYR S 486 8.45 -111.40 22.41
CA TYR S 486 7.45 -112.36 21.92
C TYR S 486 8.24 -113.52 21.33
N ARG S 487 8.56 -114.50 22.18
CA ARG S 487 9.64 -115.42 21.88
C ARG S 487 9.39 -116.23 20.61
N GLN S 488 10.43 -116.33 19.80
CA GLN S 488 10.41 -117.11 18.57
C GLN S 488 11.26 -118.36 18.72
N GLN S 489 10.92 -119.38 17.95
CA GLN S 489 11.72 -120.59 17.93
C GLN S 489 13.05 -120.33 17.25
N ARG S 490 14.11 -120.95 17.78
CA ARG S 490 15.45 -120.77 17.26
C ARG S 490 15.72 -121.80 16.17
N VAL S 491 16.24 -121.34 15.03
CA VAL S 491 16.61 -122.18 13.92
C VAL S 491 18.07 -121.93 13.61
N SER S 492 18.83 -123.01 13.41
CA SER S 492 20.24 -122.91 13.08
C SER S 492 20.42 -123.01 11.57
N THR S 493 21.24 -122.14 11.01
CA THR S 493 21.60 -122.27 9.60
C THR S 493 22.44 -123.52 9.35
N THR S 494 23.09 -124.05 10.39
CA THR S 494 23.69 -125.37 10.33
C THR S 494 22.57 -126.38 10.57
N THR S 495 22.06 -126.97 9.49
CA THR S 495 20.82 -127.74 9.58
C THR S 495 20.95 -128.94 10.49
N GLY S 496 22.15 -129.51 10.61
CA GLY S 496 22.35 -130.64 11.49
C GLY S 496 22.06 -130.35 12.94
N GLN S 497 22.13 -129.08 13.34
CA GLN S 497 21.80 -128.68 14.70
C GLN S 497 20.31 -128.49 14.94
N ASN S 498 19.50 -128.56 13.88
CA ASN S 498 18.06 -128.40 14.02
C ASN S 498 17.39 -129.73 14.29
N ASN S 499 16.20 -129.65 14.90
CA ASN S 499 15.39 -130.84 15.10
C ASN S 499 14.97 -131.42 13.76
N ASN S 500 15.02 -132.75 13.66
CA ASN S 500 14.65 -133.44 12.43
C ASN S 500 13.13 -133.55 12.35
N SER S 501 12.50 -132.42 12.07
CA SER S 501 11.06 -132.35 11.90
C SER S 501 10.74 -131.10 11.10
N ASN S 502 9.54 -131.06 10.55
CA ASN S 502 9.04 -129.90 9.80
C ASN S 502 8.26 -129.03 10.77
N PHE S 503 8.95 -128.06 11.37
CA PHE S 503 8.36 -127.25 12.43
C PHE S 503 8.27 -125.77 12.07
N ALA S 504 8.42 -125.42 10.79
CA ALA S 504 8.39 -124.01 10.42
C ALA S 504 7.04 -123.39 10.76
N TRP S 505 5.95 -124.13 10.53
CA TRP S 505 4.61 -123.66 10.88
C TRP S 505 4.16 -124.12 12.26
N THR S 506 4.35 -125.41 12.57
CA THR S 506 3.86 -125.93 13.84
C THR S 506 4.54 -125.26 15.03
N ALA S 507 5.83 -125.03 14.94
CA ALA S 507 6.57 -124.32 15.99
C ALA S 507 6.67 -122.82 15.70
N GLY S 508 6.03 -122.34 14.65
CA GLY S 508 6.10 -120.93 14.33
C GLY S 508 5.45 -120.08 15.40
N THR S 509 6.01 -118.89 15.58
CA THR S 509 5.45 -117.93 16.53
C THR S 509 4.33 -117.17 15.85
N LYS S 510 3.12 -117.29 16.41
CA LYS S 510 1.92 -116.88 15.72
C LYS S 510 1.09 -115.97 16.61
N TYR S 511 0.22 -115.20 15.96
CA TYR S 511 -0.87 -114.54 16.65
C TYR S 511 -2.20 -115.10 16.14
N HIS S 512 -3.23 -114.97 16.97
CA HIS S 512 -4.54 -115.52 16.70
C HIS S 512 -5.51 -114.37 16.52
N LEU S 513 -6.21 -114.36 15.39
CA LEU S 513 -7.15 -113.29 15.08
C LEU S 513 -8.36 -113.90 14.40
N ASN S 514 -9.52 -113.79 15.05
CA ASN S 514 -10.79 -114.27 14.50
C ASN S 514 -10.70 -115.73 14.08
N GLY S 515 -10.16 -116.55 14.97
CA GLY S 515 -10.01 -117.96 14.69
C GLY S 515 -9.02 -118.31 13.60
N ARG S 516 -8.21 -117.34 13.17
CA ARG S 516 -7.22 -117.55 12.12
C ARG S 516 -5.84 -117.37 12.72
N ASN S 517 -4.95 -118.30 12.42
CA ASN S 517 -3.57 -118.22 12.90
C ASN S 517 -2.70 -117.63 11.81
N SER S 518 -1.93 -116.62 12.18
CA SER S 518 -0.99 -115.98 11.26
C SER S 518 0.35 -115.88 11.97
N LEU S 519 1.43 -116.12 11.22
CA LEU S 519 2.76 -115.96 11.79
C LEU S 519 2.98 -114.54 12.26
N ALA S 520 3.58 -114.40 13.43
CA ALA S 520 4.07 -113.10 13.89
C ALA S 520 5.39 -112.84 13.18
N ASN S 521 5.28 -112.48 11.91
CA ASN S 521 6.41 -112.45 11.00
C ASN S 521 6.58 -111.07 10.41
N PRO S 522 7.68 -110.36 10.68
CA PRO S 522 8.78 -110.85 11.51
C PRO S 522 8.56 -110.61 13.00
N GLY S 523 7.40 -110.08 13.35
CA GLY S 523 7.10 -109.81 14.74
C GLY S 523 7.80 -108.57 15.25
N ILE S 524 7.77 -108.43 16.58
CA ILE S 524 8.36 -107.26 17.21
C ILE S 524 9.87 -107.29 17.06
N ALA S 525 10.48 -106.10 17.10
CA ALA S 525 11.92 -105.97 16.93
C ALA S 525 12.63 -106.60 18.12
N MET S 526 13.28 -107.73 17.88
CA MET S 526 14.13 -108.37 18.86
C MET S 526 15.45 -108.74 18.22
N ALA S 527 16.49 -108.82 19.03
CA ALA S 527 17.80 -109.21 18.54
C ALA S 527 17.74 -110.61 17.94
N THR S 528 18.31 -110.75 16.74
CA THR S 528 18.25 -112.02 16.04
C THR S 528 18.91 -113.14 16.84
N HIS S 529 20.04 -112.84 17.46
CA HIS S 529 20.79 -113.82 18.22
C HIS S 529 21.64 -113.08 19.23
N LYS S 530 22.19 -113.81 20.18
CA LYS S 530 23.09 -113.23 21.15
C LYS S 530 24.52 -113.34 20.64
N ASP S 531 25.49 -113.04 21.51
CA ASP S 531 26.88 -113.05 21.11
C ASP S 531 27.32 -114.43 20.65
N ASP S 532 28.07 -114.47 19.54
CA ASP S 532 28.70 -115.68 19.02
C ASP S 532 27.67 -116.74 18.62
N GLU S 533 26.48 -116.31 18.19
CA GLU S 533 25.44 -117.22 17.75
C GLU S 533 24.83 -116.76 16.45
N GLU S 534 25.68 -116.32 15.51
CA GLU S 534 25.20 -115.79 14.24
C GLU S 534 24.46 -116.84 13.43
N ARG S 535 24.77 -118.11 13.64
CA ARG S 535 24.10 -119.18 12.90
C ARG S 535 22.65 -119.35 13.29
N PHE S 536 22.22 -118.77 14.40
CA PHE S 536 20.85 -118.91 14.89
C PHE S 536 20.01 -117.72 14.45
N PHE S 537 18.77 -118.00 14.07
CA PHE S 537 17.82 -116.94 13.77
C PHE S 537 16.43 -117.37 14.24
N PRO S 538 15.59 -116.41 14.61
CA PRO S 538 14.20 -116.74 14.90
C PRO S 538 13.51 -117.27 13.66
N SER S 539 12.64 -118.27 13.84
CA SER S 539 12.09 -119.00 12.71
C SER S 539 11.30 -118.09 11.78
N ASN S 540 10.51 -117.17 12.34
CA ASN S 540 9.81 -116.17 11.54
C ASN S 540 9.97 -114.80 12.18
N GLY S 541 11.19 -114.47 12.56
CA GLY S 541 11.45 -113.23 13.26
C GLY S 541 12.44 -112.31 12.60
N ILE S 542 12.79 -112.57 11.35
CA ILE S 542 13.71 -111.74 10.60
C ILE S 542 13.17 -111.53 9.19
N LEU S 543 13.62 -110.45 8.57
CA LEU S 543 13.37 -110.25 7.16
C LEU S 543 14.32 -111.14 6.36
N ILE S 544 13.77 -111.88 5.41
CA ILE S 544 14.56 -112.76 4.55
C ILE S 544 14.36 -112.29 3.12
N PHE S 545 15.42 -111.81 2.50
CA PHE S 545 15.39 -111.41 1.12
C PHE S 545 15.95 -112.52 0.25
N GLY S 546 15.41 -112.64 -0.96
CA GLY S 546 15.89 -113.63 -1.90
C GLY S 546 17.02 -113.06 -2.74
N LYS S 547 18.01 -113.91 -3.00
CA LYS S 547 19.02 -113.55 -3.98
C LYS S 547 18.40 -113.54 -5.37
N GLN S 548 19.12 -112.97 -6.32
CA GLN S 548 18.62 -112.92 -7.69
C GLN S 548 18.37 -114.32 -8.20
N ASN S 549 17.20 -114.50 -8.84
CA ASN S 549 16.78 -115.78 -9.40
C ASN S 549 16.53 -116.84 -8.33
N ALA S 550 16.23 -116.40 -7.10
CA ALA S 550 15.82 -117.35 -6.08
C ALA S 550 14.41 -117.86 -6.38
N ALA S 551 14.18 -119.13 -6.10
CA ALA S 551 12.88 -119.73 -6.37
C ALA S 551 11.82 -119.10 -5.48
N ARG S 552 10.60 -119.00 -6.02
CA ARG S 552 9.48 -118.50 -5.23
C ARG S 552 9.17 -119.42 -4.06
N ASP S 553 9.18 -120.72 -4.28
CA ASP S 553 8.85 -121.69 -3.25
C ASP S 553 10.05 -122.58 -2.96
N ASN S 554 10.30 -122.82 -1.68
CA ASN S 554 11.33 -123.76 -1.22
C ASN S 554 12.70 -123.38 -1.79
N ALA S 555 13.04 -122.10 -1.71
CA ALA S 555 14.39 -121.68 -2.02
C ALA S 555 15.34 -122.18 -0.94
N ASP S 556 16.51 -122.64 -1.36
CA ASP S 556 17.49 -123.12 -0.40
C ASP S 556 18.07 -121.95 0.38
N TYR S 557 18.71 -122.26 1.51
CA TYR S 557 19.32 -121.23 2.33
C TYR S 557 20.37 -120.44 1.55
N SER S 558 21.05 -121.08 0.60
CA SER S 558 22.03 -120.38 -0.20
C SER S 558 21.39 -119.41 -1.18
N ASP S 559 20.09 -119.54 -1.45
CA ASP S 559 19.40 -118.65 -2.37
C ASP S 559 18.72 -117.48 -1.69
N VAL S 560 18.79 -117.38 -0.36
CA VAL S 560 18.13 -116.30 0.36
C VAL S 560 19.18 -115.55 1.16
N MET S 561 18.79 -114.35 1.60
CA MET S 561 19.66 -113.46 2.33
C MET S 561 18.99 -113.17 3.67
N LEU S 562 19.49 -113.78 4.74
CA LEU S 562 18.94 -113.56 6.06
C LEU S 562 19.45 -112.23 6.60
N THR S 563 18.54 -111.41 7.10
CA THR S 563 18.95 -110.22 7.83
C THR S 563 19.24 -110.59 9.28
N SER S 564 19.93 -109.68 9.97
CA SER S 564 20.23 -109.89 11.38
C SER S 564 20.01 -108.58 12.13
N GLU S 565 19.25 -108.65 13.20
CA GLU S 565 19.02 -107.51 14.09
C GLU S 565 19.90 -107.61 15.33
N GLU S 566 21.12 -108.13 15.19
CA GLU S 566 21.99 -108.27 16.35
C GLU S 566 22.43 -106.93 16.93
N GLU S 567 22.31 -105.84 16.16
CA GLU S 567 22.71 -104.54 16.66
C GLU S 567 21.85 -104.09 17.84
N ILE S 568 20.63 -104.61 17.98
CA ILE S 568 19.75 -104.22 19.05
C ILE S 568 19.83 -105.17 20.24
N LYS S 569 20.85 -106.02 20.29
CA LYS S 569 21.11 -106.82 21.49
C LYS S 569 21.24 -105.95 22.72
N THR S 570 21.74 -104.73 22.55
CA THR S 570 22.04 -103.85 23.67
C THR S 570 20.77 -103.42 24.40
N THR S 571 19.66 -103.39 23.71
CA THR S 571 18.42 -102.90 24.29
C THR S 571 17.27 -103.88 24.15
N ASN S 572 17.20 -104.61 23.05
CA ASN S 572 16.10 -105.53 22.85
C ASN S 572 16.50 -106.94 23.24
N PRO S 573 15.60 -107.71 23.84
CA PRO S 573 15.91 -109.10 24.16
C PRO S 573 16.11 -109.92 22.89
N VAL S 574 16.89 -110.98 23.02
CA VAL S 574 17.12 -111.88 21.90
C VAL S 574 15.81 -112.56 21.53
N ALA S 575 15.53 -112.63 20.23
CA ALA S 575 14.24 -113.11 19.76
C ALA S 575 13.96 -114.54 20.18
N THR S 576 15.00 -115.35 20.33
CA THR S 576 14.84 -116.77 20.62
C THR S 576 15.05 -117.10 22.09
N GLU S 577 15.22 -116.10 22.93
CA GLU S 577 15.43 -116.30 24.36
C GLU S 577 14.24 -115.74 25.13
N GLU S 578 14.13 -116.19 26.37
CA GLU S 578 13.11 -115.66 27.26
C GLU S 578 13.41 -114.23 27.65
N TYR S 579 12.35 -113.47 27.94
CA TYR S 579 12.55 -112.10 28.39
C TYR S 579 13.26 -112.06 29.74
N GLY S 580 12.88 -112.94 30.65
CA GLY S 580 13.44 -112.92 31.97
C GLY S 580 12.79 -113.96 32.85
N ILE S 581 12.93 -113.77 34.15
CA ILE S 581 12.46 -114.72 35.14
C ILE S 581 11.59 -113.97 36.14
N VAL S 582 10.43 -114.53 36.47
CA VAL S 582 9.57 -113.98 37.51
C VAL S 582 9.27 -115.07 38.53
N ALA S 583 8.88 -114.64 39.71
CA ALA S 583 8.45 -115.58 40.74
C ALA S 583 7.13 -116.23 40.36
N ASP S 584 7.01 -117.52 40.64
CA ASP S 584 5.80 -118.25 40.34
C ASP S 584 4.98 -118.62 41.56
N ASN S 585 5.50 -118.36 42.76
CA ASN S 585 4.81 -118.75 43.99
C ASN S 585 5.27 -117.83 45.11
N LEU S 586 4.84 -118.15 46.33
CA LEU S 586 5.28 -117.45 47.53
C LEU S 586 6.10 -118.45 48.35
N GLN S 587 7.40 -118.22 48.43
CA GLN S 587 8.27 -119.10 49.20
C GLN S 587 7.96 -118.98 50.68
N GLN S 588 7.98 -120.12 51.37
CA GLN S 588 7.88 -120.19 52.82
C GLN S 588 8.96 -121.10 53.32
N GLN S 589 9.02 -121.29 54.65
CA GLN S 589 10.00 -122.20 55.21
C GLN S 589 9.77 -123.64 54.75
N ASN S 590 8.57 -123.96 54.26
CA ASN S 590 8.27 -125.30 53.77
C ASN S 590 8.17 -125.39 52.25
N THR S 591 8.05 -124.26 51.55
CA THR S 591 7.92 -124.28 50.09
C THR S 591 9.08 -123.49 49.50
N ALA S 592 9.91 -124.18 48.71
CA ALA S 592 11.02 -123.51 48.04
C ALA S 592 10.50 -122.55 46.98
N PRO S 593 11.18 -121.43 46.77
CA PRO S 593 10.73 -120.50 45.74
C PRO S 593 10.77 -121.12 44.36
N GLN S 594 9.76 -120.80 43.56
CA GLN S 594 9.66 -121.27 42.19
C GLN S 594 9.73 -120.10 41.25
N ILE S 595 10.34 -120.31 40.09
CA ILE S 595 10.52 -119.24 39.12
C ILE S 595 9.79 -119.61 37.84
N GLY S 596 9.26 -118.58 37.19
CA GLY S 596 8.59 -118.72 35.91
C GLY S 596 9.40 -118.05 34.82
N THR S 597 9.49 -118.71 33.68
CA THR S 597 10.21 -118.19 32.53
C THR S 597 9.27 -117.34 31.68
N VAL S 598 9.60 -116.07 31.49
CA VAL S 598 8.76 -115.15 30.75
C VAL S 598 9.14 -115.26 29.28
N ASN S 599 8.30 -115.93 28.50
CA ASN S 599 8.52 -116.08 27.07
C ASN S 599 7.76 -115.04 26.25
N SER S 600 6.91 -114.25 26.88
CA SER S 600 6.20 -113.19 26.21
C SER S 600 5.98 -112.07 27.21
N GLN S 601 6.51 -110.89 26.91
CA GLN S 601 6.43 -109.77 27.83
C GLN S 601 5.93 -108.55 27.08
N GLY S 602 4.77 -108.05 27.48
CA GLY S 602 4.26 -106.81 26.96
C GLY S 602 4.97 -105.62 27.59
N ALA S 603 4.51 -104.43 27.22
CA ALA S 603 5.16 -103.21 27.65
C ALA S 603 5.13 -103.07 29.16
N LEU S 604 6.29 -102.79 29.74
CA LEU S 604 6.42 -102.47 31.15
C LEU S 604 7.01 -101.06 31.29
N PRO S 605 6.66 -100.33 32.34
CA PRO S 605 7.27 -99.02 32.54
C PRO S 605 8.77 -99.13 32.71
N GLY S 606 9.48 -98.15 32.17
CA GLY S 606 10.92 -98.19 32.17
C GLY S 606 11.53 -99.03 31.08
N MET S 607 10.72 -99.63 30.21
CA MET S 607 11.24 -100.45 29.13
C MET S 607 11.65 -99.56 27.97
N VAL S 608 12.79 -99.88 27.37
CA VAL S 608 13.28 -99.19 26.18
C VAL S 608 13.63 -100.24 25.14
N TRP S 609 13.51 -99.86 23.88
CA TRP S 609 13.79 -100.81 22.80
C TRP S 609 14.12 -100.04 21.53
N GLN S 610 14.72 -100.75 20.59
CA GLN S 610 14.97 -100.24 19.25
C GLN S 610 14.01 -100.89 18.27
N ASN S 611 13.70 -100.16 17.21
CA ASN S 611 12.91 -100.73 16.13
C ASN S 611 13.77 -101.64 15.26
N ARG S 612 13.11 -102.39 14.40
CA ARG S 612 13.82 -103.18 13.40
C ARG S 612 14.57 -102.26 12.45
N ASP S 613 15.72 -102.72 12.01
CA ASP S 613 16.49 -101.96 11.03
C ASP S 613 15.77 -101.91 9.69
N VAL S 614 16.04 -100.87 8.94
CA VAL S 614 15.61 -100.81 7.55
C VAL S 614 16.75 -101.30 6.68
N TYR S 615 16.41 -101.73 5.47
CA TYR S 615 17.38 -102.30 4.56
C TYR S 615 17.23 -101.65 3.19
N LEU S 616 18.32 -101.67 2.42
CA LEU S 616 18.27 -101.14 1.07
C LEU S 616 17.19 -101.84 0.25
N GLN S 617 17.04 -103.14 0.44
CA GLN S 617 15.99 -103.90 -0.23
C GLN S 617 14.66 -103.89 0.51
N GLY S 618 14.62 -103.34 1.71
CA GLY S 618 13.45 -103.44 2.55
C GLY S 618 12.42 -102.35 2.30
N PRO S 619 11.28 -102.47 2.97
CA PRO S 619 10.24 -101.44 2.83
C PRO S 619 10.63 -100.14 3.51
N ILE S 620 10.02 -99.06 3.04
CA ILE S 620 10.25 -97.73 3.58
C ILE S 620 9.19 -97.34 4.60
N TRP S 621 7.92 -97.48 4.23
CA TRP S 621 6.83 -97.02 5.08
C TRP S 621 5.72 -98.04 5.09
N ALA S 622 4.87 -97.94 6.10
CA ALA S 622 3.61 -98.66 6.14
C ALA S 622 2.53 -97.70 6.63
N LYS S 623 1.30 -97.94 6.20
CA LYS S 623 0.18 -97.17 6.72
C LYS S 623 -0.18 -97.69 8.10
N ILE S 624 -0.21 -96.79 9.07
CA ILE S 624 -0.70 -97.15 10.40
C ILE S 624 -2.19 -97.40 10.26
N PRO S 625 -2.68 -98.58 10.64
CA PRO S 625 -4.13 -98.83 10.53
C PRO S 625 -4.92 -97.82 11.33
N HIS S 626 -6.05 -97.40 10.76
CA HIS S 626 -6.92 -96.44 11.43
C HIS S 626 -7.68 -97.16 12.53
N THR S 627 -7.16 -97.10 13.75
CA THR S 627 -7.77 -97.77 14.88
C THR S 627 -7.85 -96.80 16.05
N ASP S 628 -8.63 -97.19 17.06
CA ASP S 628 -8.73 -96.40 18.27
C ASP S 628 -7.39 -96.31 19.00
N GLY S 629 -6.69 -97.42 19.09
CA GLY S 629 -5.45 -97.46 19.82
C GLY S 629 -4.39 -98.23 19.06
N ASN S 630 -3.16 -97.76 19.21
CA ASN S 630 -1.99 -98.50 18.77
C ASN S 630 -0.89 -98.27 19.80
N PHE S 631 0.05 -99.19 19.85
CA PHE S 631 1.21 -99.06 20.73
C PHE S 631 2.45 -99.05 19.86
N HIS S 632 3.20 -97.95 19.95
CA HIS S 632 4.43 -97.75 19.18
C HIS S 632 4.21 -98.12 17.72
N PRO S 633 3.44 -97.32 16.98
CA PRO S 633 3.04 -97.74 15.63
C PRO S 633 4.18 -97.67 14.63
N SER S 634 5.25 -98.34 14.92
CA SER S 634 6.34 -98.53 13.97
C SER S 634 6.14 -99.85 13.25
N PRO S 635 6.14 -99.87 11.91
CA PRO S 635 5.83 -101.10 11.18
C PRO S 635 6.83 -102.20 11.54
N LEU S 636 6.31 -103.42 11.67
CA LEU S 636 7.13 -104.51 12.20
C LEU S 636 8.17 -104.98 11.21
N MET S 637 7.89 -104.96 9.91
CA MET S 637 8.94 -105.27 8.95
C MET S 637 9.89 -104.10 8.73
N GLY S 638 9.81 -103.07 9.54
CA GLY S 638 10.73 -101.96 9.51
C GLY S 638 10.21 -100.81 8.68
N GLY S 639 10.72 -99.63 8.98
CA GLY S 639 10.38 -98.44 8.25
C GLY S 639 9.60 -97.45 9.08
N PHE S 640 8.92 -96.55 8.38
CA PHE S 640 8.23 -95.43 8.99
C PHE S 640 6.73 -95.71 9.00
N GLY S 641 6.13 -95.65 10.18
CA GLY S 641 4.69 -95.76 10.29
C GLY S 641 4.05 -94.42 10.04
N LEU S 642 3.15 -94.35 9.06
CA LEU S 642 2.52 -93.10 8.68
C LEU S 642 1.01 -93.24 8.78
N LYS S 643 0.37 -92.29 9.46
CA LYS S 643 -1.09 -92.24 9.43
C LYS S 643 -1.59 -91.93 8.03
N HIS S 644 -0.89 -91.06 7.31
CA HIS S 644 -1.23 -90.68 5.95
C HIS S 644 -0.01 -90.93 5.08
N PRO S 645 0.19 -92.16 4.65
CA PRO S 645 1.38 -92.50 3.88
C PRO S 645 1.28 -91.93 2.47
N PRO S 646 2.32 -92.07 1.66
CA PRO S 646 2.20 -91.73 0.25
C PRO S 646 1.01 -92.42 -0.37
N PRO S 647 0.14 -91.68 -1.05
CA PRO S 647 -1.10 -92.29 -1.54
C PRO S 647 -0.84 -93.32 -2.60
N GLN S 648 -1.73 -94.31 -2.66
CA GLN S 648 -1.67 -95.27 -3.74
C GLN S 648 -1.92 -94.57 -5.07
N ILE S 649 -1.10 -94.88 -6.06
CA ILE S 649 -1.23 -94.33 -7.39
C ILE S 649 -1.76 -95.44 -8.28
N LEU S 650 -3.01 -95.34 -8.68
CA LEU S 650 -3.68 -96.36 -9.46
C LEU S 650 -3.65 -95.97 -10.93
N ILE S 651 -3.32 -96.94 -11.78
CA ILE S 651 -3.19 -96.69 -13.21
C ILE S 651 -3.90 -97.82 -13.95
N LYS S 652 -4.57 -97.46 -15.04
CA LYS S 652 -5.31 -98.44 -15.83
C LYS S 652 -5.32 -98.00 -17.28
N ASN S 653 -5.21 -98.96 -18.18
CA ASN S 653 -5.49 -98.70 -19.59
C ASN S 653 -6.98 -98.54 -19.77
N THR S 654 -7.41 -97.43 -20.33
CA THR S 654 -8.82 -97.23 -20.60
C THR S 654 -9.28 -98.25 -21.62
N PRO S 655 -10.34 -99.01 -21.35
CA PRO S 655 -10.79 -100.00 -22.32
C PRO S 655 -11.19 -99.34 -23.63
N VAL S 656 -10.73 -99.92 -24.73
CA VAL S 656 -11.10 -99.48 -26.07
C VAL S 656 -11.90 -100.61 -26.72
N PRO S 657 -13.21 -100.46 -26.85
CA PRO S 657 -14.01 -101.54 -27.43
C PRO S 657 -13.59 -101.85 -28.86
N ALA S 658 -13.67 -103.12 -29.22
CA ALA S 658 -13.64 -103.49 -30.61
C ALA S 658 -14.93 -103.06 -31.28
N ASP S 659 -15.10 -103.38 -32.55
CA ASP S 659 -16.27 -102.91 -33.27
C ASP S 659 -17.53 -103.51 -32.65
N PRO S 660 -18.46 -102.69 -32.18
CA PRO S 660 -19.70 -103.22 -31.65
C PRO S 660 -20.60 -103.71 -32.76
N PRO S 661 -21.61 -104.52 -32.44
CA PRO S 661 -22.56 -104.93 -33.48
C PRO S 661 -23.33 -103.73 -34.02
N THR S 662 -23.85 -103.88 -35.23
CA THR S 662 -24.60 -102.81 -35.86
C THR S 662 -26.06 -102.77 -35.41
N THR S 663 -26.49 -103.72 -34.61
CA THR S 663 -27.80 -103.68 -33.97
C THR S 663 -27.59 -103.59 -32.46
N PHE S 664 -28.42 -102.78 -31.80
CA PHE S 664 -28.19 -102.49 -30.40
C PHE S 664 -28.30 -103.74 -29.54
N ASN S 665 -27.36 -103.88 -28.62
CA ASN S 665 -27.37 -104.92 -27.60
C ASN S 665 -27.13 -104.26 -26.26
N GLN S 666 -28.00 -104.52 -25.29
CA GLN S 666 -27.88 -103.90 -23.98
C GLN S 666 -26.73 -104.48 -23.17
N SER S 667 -26.25 -105.66 -23.54
CA SER S 667 -25.20 -106.32 -22.75
C SER S 667 -23.92 -105.50 -22.78
N LYS S 668 -23.20 -105.53 -21.66
CA LYS S 668 -21.92 -104.85 -21.60
C LYS S 668 -20.96 -105.41 -22.65
N LEU S 669 -20.16 -104.54 -23.24
CA LEU S 669 -19.23 -104.97 -24.26
C LEU S 669 -18.11 -105.79 -23.62
N ASN S 670 -17.81 -106.94 -24.23
CA ASN S 670 -16.71 -107.77 -23.78
C ASN S 670 -15.63 -107.94 -24.83
N SER S 671 -15.82 -107.37 -26.02
CA SER S 671 -14.83 -107.42 -27.08
C SER S 671 -14.04 -106.12 -27.06
N PHE S 672 -12.77 -106.21 -26.69
CA PHE S 672 -11.93 -105.04 -26.55
C PHE S 672 -10.69 -105.18 -27.40
N ILE S 673 -10.18 -104.03 -27.85
CA ILE S 673 -8.91 -104.00 -28.54
C ILE S 673 -7.81 -104.34 -27.56
N THR S 674 -6.98 -105.32 -27.91
CA THR S 674 -5.88 -105.72 -27.03
C THR S 674 -4.87 -104.59 -26.96
N GLN S 675 -4.49 -104.22 -25.74
CA GLN S 675 -3.84 -102.95 -25.56
C GLN S 675 -2.96 -103.01 -24.31
N TYR S 676 -1.84 -102.31 -24.37
CA TYR S 676 -1.00 -102.11 -23.20
C TYR S 676 -0.35 -100.75 -23.31
N SER S 677 0.08 -100.22 -22.19
CA SER S 677 0.74 -98.92 -22.16
C SER S 677 2.12 -99.05 -21.55
N THR S 678 3.00 -98.16 -21.98
CA THR S 678 4.32 -98.03 -21.40
C THR S 678 4.62 -96.56 -21.23
N GLY S 679 5.53 -96.26 -20.32
CA GLY S 679 5.91 -94.89 -20.08
C GLY S 679 7.03 -94.83 -19.09
N GLN S 680 7.33 -93.62 -18.64
CA GLN S 680 8.34 -93.40 -17.63
C GLN S 680 7.67 -92.90 -16.37
N VAL S 681 8.20 -93.33 -15.22
CA VAL S 681 7.74 -92.90 -13.93
C VAL S 681 8.92 -92.31 -13.18
N SER S 682 8.73 -91.13 -12.61
CA SER S 682 9.75 -90.47 -11.81
C SER S 682 9.21 -90.29 -10.40
N VAL S 683 9.99 -90.70 -9.42
CA VAL S 683 9.67 -90.42 -8.02
C VAL S 683 10.88 -89.74 -7.39
N GLU S 684 10.65 -88.59 -6.79
CA GLU S 684 11.67 -87.82 -6.11
C GLU S 684 11.30 -87.75 -4.64
N ILE S 685 12.19 -88.22 -3.77
CA ILE S 685 11.97 -88.15 -2.33
C ILE S 685 13.08 -87.32 -1.71
N GLU S 686 12.70 -86.34 -0.91
CA GLU S 686 13.65 -85.59 -0.11
C GLU S 686 13.70 -86.21 1.28
N TRP S 687 14.90 -86.57 1.71
CA TRP S 687 15.12 -87.17 3.01
C TRP S 687 15.87 -86.19 3.90
N GLU S 688 15.44 -86.08 5.14
CA GLU S 688 16.18 -85.32 6.14
C GLU S 688 17.15 -86.24 6.85
N LEU S 689 18.36 -85.75 7.09
CA LEU S 689 19.42 -86.54 7.69
C LEU S 689 19.68 -86.07 9.11
N GLN S 690 19.97 -87.03 9.99
CA GLN S 690 20.48 -86.74 11.32
C GLN S 690 21.98 -87.01 11.30
N LYS S 691 22.77 -85.94 11.27
CA LYS S 691 24.22 -86.09 11.26
C LYS S 691 24.71 -86.64 12.59
N GLU S 692 25.69 -87.53 12.52
CA GLU S 692 26.29 -88.07 13.74
C GLU S 692 27.18 -87.02 14.38
N ASN S 693 26.98 -86.78 15.66
CA ASN S 693 27.81 -85.86 16.43
C ASN S 693 28.41 -86.66 17.58
N SER S 694 29.52 -87.33 17.28
CA SER S 694 30.08 -88.35 18.17
C SER S 694 31.49 -87.98 18.58
N LYS S 695 31.79 -88.20 19.86
CA LYS S 695 33.13 -87.98 20.38
C LYS S 695 33.90 -89.28 20.53
N ARG S 696 33.42 -90.36 19.91
CA ARG S 696 34.14 -91.61 19.89
C ARG S 696 35.53 -91.42 19.30
N TRP S 697 36.53 -91.99 19.97
CA TRP S 697 37.91 -91.80 19.52
C TRP S 697 38.30 -92.80 18.44
N ASN S 698 38.02 -94.08 18.67
CA ASN S 698 38.42 -95.11 17.75
C ASN S 698 37.52 -95.11 16.52
N PRO S 699 38.00 -95.62 15.39
CA PRO S 699 37.20 -95.62 14.17
C PRO S 699 35.92 -96.45 14.32
N GLU S 700 34.89 -96.02 13.63
CA GLU S 700 33.61 -96.70 13.64
C GLU S 700 33.60 -97.86 12.65
N ILE S 701 32.62 -98.72 12.79
CA ILE S 701 32.33 -99.74 11.78
C ILE S 701 31.61 -99.05 10.63
N GLN S 702 32.06 -99.32 9.42
CA GLN S 702 31.48 -98.74 8.22
C GLN S 702 31.13 -99.87 7.26
N TYR S 703 30.06 -99.67 6.50
CA TYR S 703 29.80 -100.58 5.41
C TYR S 703 30.81 -100.32 4.30
N THR S 704 31.47 -101.37 3.85
CA THR S 704 32.47 -101.26 2.81
C THR S 704 32.33 -102.42 1.84
N SER S 705 32.68 -102.16 0.59
CA SER S 705 32.81 -103.24 -0.36
C SER S 705 34.07 -104.03 -0.06
N ASN S 706 34.06 -105.31 -0.42
CA ASN S 706 35.24 -106.14 -0.22
C ASN S 706 36.34 -105.70 -1.17
N TYR S 707 37.56 -105.60 -0.64
CA TYR S 707 38.69 -105.16 -1.45
C TYR S 707 39.18 -106.26 -2.37
N TYR S 708 39.02 -107.52 -1.97
CA TYR S 708 39.60 -108.64 -2.71
C TYR S 708 38.91 -108.83 -4.06
N LYS S 709 39.63 -109.42 -5.00
CA LYS S 709 39.13 -109.59 -6.35
C LYS S 709 37.96 -110.57 -6.38
N SER S 710 37.13 -110.42 -7.41
CA SER S 710 35.97 -111.28 -7.56
C SER S 710 35.58 -111.35 -9.04
N THR S 711 34.78 -112.35 -9.38
CA THR S 711 34.35 -112.52 -10.76
C THR S 711 33.52 -111.34 -11.24
N SER S 712 32.68 -110.79 -10.36
CA SER S 712 31.82 -109.69 -10.72
C SER S 712 31.85 -108.65 -9.61
N VAL S 713 31.50 -107.42 -9.98
CA VAL S 713 31.38 -106.34 -9.01
C VAL S 713 30.07 -106.51 -8.26
N ASP S 714 30.14 -106.40 -6.93
CA ASP S 714 28.93 -106.45 -6.13
C ASP S 714 28.05 -105.25 -6.43
N PHE S 715 26.73 -105.48 -6.47
CA PHE S 715 25.75 -104.46 -6.84
C PHE S 715 26.05 -103.90 -8.23
N ALA S 716 26.27 -104.81 -9.16
CA ALA S 716 26.46 -104.48 -10.57
C ALA S 716 25.77 -105.55 -11.40
N VAL S 717 25.91 -105.46 -12.68
CA VAL S 717 25.36 -106.45 -13.60
C VAL S 717 26.40 -107.53 -13.84
N ASN S 718 25.93 -108.71 -14.18
CA ASN S 718 26.83 -109.79 -14.58
C ASN S 718 27.01 -109.76 -16.10
N THR S 719 27.60 -110.81 -16.66
CA THR S 719 27.84 -110.85 -18.09
C THR S 719 26.55 -110.94 -18.89
N GLU S 720 25.44 -111.32 -18.27
CA GLU S 720 24.16 -111.43 -18.96
C GLU S 720 23.28 -110.20 -18.78
N GLY S 721 23.78 -109.17 -18.11
CA GLY S 721 22.99 -107.98 -17.91
C GLY S 721 22.07 -108.01 -16.71
N VAL S 722 22.17 -109.03 -15.87
CA VAL S 722 21.30 -109.17 -14.72
C VAL S 722 21.90 -108.40 -13.55
N TYR S 723 21.16 -107.40 -13.06
CA TYR S 723 21.56 -106.72 -11.84
C TYR S 723 21.17 -107.55 -10.63
N SER S 724 22.09 -107.65 -9.68
CA SER S 724 21.84 -108.43 -8.48
C SER S 724 22.31 -107.66 -7.26
N GLU S 725 21.60 -107.85 -6.15
CA GLU S 725 22.02 -107.33 -4.87
C GLU S 725 22.56 -108.48 -4.05
N PRO S 726 23.87 -108.56 -3.82
CA PRO S 726 24.44 -109.78 -3.23
C PRO S 726 24.12 -109.96 -1.76
N ARG S 727 23.84 -108.90 -1.03
CA ARG S 727 23.60 -109.00 0.41
C ARG S 727 22.58 -107.95 0.80
N PRO S 728 21.87 -108.16 1.90
CA PRO S 728 21.01 -107.09 2.44
C PRO S 728 21.86 -106.12 3.25
N ILE S 729 21.90 -104.87 2.82
CA ILE S 729 22.64 -103.85 3.53
C ILE S 729 21.72 -103.23 4.56
N GLY S 730 22.05 -103.42 5.83
CA GLY S 730 21.31 -102.79 6.89
C GLY S 730 21.61 -101.31 6.96
N THR S 731 21.34 -100.70 8.10
CA THR S 731 21.47 -99.26 8.22
C THR S 731 22.30 -98.87 9.43
N ARG S 732 22.55 -99.80 10.34
CA ARG S 732 23.14 -99.49 11.64
C ARG S 732 24.63 -99.86 11.63
N TYR S 733 25.45 -98.87 11.35
CA TYR S 733 26.91 -99.03 11.38
C TYR S 733 27.59 -98.06 12.33
N LEU S 734 27.13 -96.82 12.37
CA LEU S 734 27.62 -95.88 13.37
C LEU S 734 27.09 -96.26 14.74
N THR S 735 27.69 -95.67 15.78
CA THR S 735 27.34 -96.02 17.14
C THR S 735 26.94 -94.78 17.93
N ARG S 736 26.07 -95.01 18.92
CA ARG S 736 25.71 -94.02 19.90
C ARG S 736 25.77 -94.63 21.28
N ASN S 737 26.01 -93.80 22.28
CA ASN S 737 25.79 -94.23 23.65
C ASN S 737 24.29 -94.36 23.92
N LEU S 738 23.97 -95.15 24.94
CA LEU S 738 22.58 -95.29 25.31
C LEU S 738 22.11 -94.06 26.09
N GLY T 221 -39.37 -65.70 41.92
CA GLY T 221 -40.71 -65.59 42.45
C GLY T 221 -41.40 -66.93 42.67
N VAL T 222 -42.30 -66.96 43.66
CA VAL T 222 -43.05 -68.19 43.94
C VAL T 222 -43.93 -68.57 42.75
N GLY T 223 -44.60 -67.59 42.15
CA GLY T 223 -45.55 -67.83 41.10
C GLY T 223 -45.04 -67.73 39.68
N SER T 224 -43.72 -67.70 39.49
CA SER T 224 -43.15 -67.62 38.15
C SER T 224 -42.22 -68.80 37.92
N SER T 225 -42.30 -69.39 36.74
CA SER T 225 -41.43 -70.49 36.37
C SER T 225 -39.99 -70.01 36.22
N SER T 226 -39.05 -70.82 36.70
CA SER T 226 -37.63 -70.49 36.62
C SER T 226 -36.96 -71.12 35.42
N GLY T 227 -37.69 -71.82 34.58
CA GLY T 227 -37.12 -72.40 33.38
C GLY T 227 -38.18 -73.15 32.61
N ASN T 228 -37.86 -73.41 31.35
CA ASN T 228 -38.76 -74.09 30.43
C ASN T 228 -38.29 -75.51 30.16
N TRP T 229 -39.22 -76.31 29.67
CA TRP T 229 -38.91 -77.68 29.27
C TRP T 229 -38.17 -77.67 27.95
N HIS T 230 -36.98 -78.25 27.92
CA HIS T 230 -36.13 -78.26 26.73
C HIS T 230 -35.69 -79.70 26.47
N CYS T 231 -36.50 -80.45 25.75
CA CYS T 231 -36.11 -81.74 25.21
C CYS T 231 -36.10 -81.61 23.69
N ASP T 232 -34.94 -81.84 23.09
CA ASP T 232 -34.78 -81.62 21.66
C ASP T 232 -33.43 -82.16 21.23
N SER T 233 -33.27 -82.31 19.93
CA SER T 233 -31.99 -82.61 19.32
C SER T 233 -31.92 -81.85 18.01
N THR T 234 -30.91 -81.00 17.86
CA THR T 234 -30.74 -80.23 16.65
C THR T 234 -29.47 -80.70 15.96
N TRP T 235 -29.62 -81.19 14.72
CA TRP T 235 -28.50 -81.61 13.90
C TRP T 235 -28.16 -80.50 12.95
N LEU T 236 -26.93 -79.99 13.05
CA LEU T 236 -26.50 -78.84 12.25
C LEU T 236 -25.07 -79.08 11.83
N GLY T 237 -24.88 -79.47 10.57
CA GLY T 237 -23.54 -79.71 10.07
C GLY T 237 -22.88 -80.87 10.77
N ASP T 238 -21.69 -80.64 11.30
CA ASP T 238 -20.92 -81.65 12.01
C ASP T 238 -21.20 -81.66 13.50
N ARG T 239 -22.26 -80.99 13.94
CA ARG T 239 -22.65 -80.97 15.34
C ARG T 239 -24.05 -81.52 15.49
N VAL T 240 -24.29 -82.17 16.63
CA VAL T 240 -25.64 -82.45 17.09
C VAL T 240 -25.73 -81.97 18.53
N ILE T 241 -26.75 -81.20 18.83
CA ILE T 241 -26.96 -80.67 20.17
C ILE T 241 -28.17 -81.39 20.75
N THR T 242 -27.92 -82.28 21.70
CA THR T 242 -29.00 -82.95 22.42
C THR T 242 -29.29 -82.16 23.69
N THR T 243 -30.56 -81.88 23.92
CA THR T 243 -30.99 -81.31 25.18
C THR T 243 -32.13 -82.16 25.72
N SER T 244 -32.06 -82.45 27.01
CA SER T 244 -33.05 -83.31 27.64
C SER T 244 -33.45 -82.71 28.97
N THR T 245 -34.75 -82.70 29.23
CA THR T 245 -35.31 -82.24 30.48
C THR T 245 -36.03 -83.40 31.15
N ARG T 246 -35.85 -83.51 32.46
CA ARG T 246 -36.53 -84.54 33.24
C ARG T 246 -37.05 -83.91 34.51
N THR T 247 -38.10 -84.52 35.06
CA THR T 247 -38.59 -84.16 36.38
C THR T 247 -37.95 -85.11 37.39
N TRP T 248 -37.35 -84.53 38.43
CA TRP T 248 -36.69 -85.31 39.46
C TRP T 248 -37.40 -85.12 40.78
N ALA T 249 -37.16 -86.06 41.69
CA ALA T 249 -37.61 -85.96 43.06
C ALA T 249 -36.44 -86.31 43.97
N LEU T 250 -36.13 -85.42 44.90
CA LEU T 250 -35.03 -85.63 45.81
C LEU T 250 -35.55 -85.81 47.22
N PRO T 251 -35.44 -87.00 47.81
CA PRO T 251 -35.82 -87.17 49.21
C PRO T 251 -34.74 -86.63 50.14
N THR T 252 -35.05 -86.65 51.42
CA THR T 252 -34.03 -86.46 52.44
C THR T 252 -33.32 -87.79 52.64
N TYR T 253 -32.02 -87.81 52.41
CA TYR T 253 -31.23 -89.03 52.55
C TYR T 253 -30.57 -89.06 53.91
N ASN T 254 -30.51 -90.23 54.51
CA ASN T 254 -29.76 -90.49 55.73
C ASN T 254 -30.25 -89.69 56.92
N ASN T 255 -31.44 -89.11 56.85
CA ASN T 255 -31.94 -88.19 57.88
C ASN T 255 -30.95 -87.06 58.11
N HIS T 256 -30.42 -86.52 57.01
CA HIS T 256 -29.48 -85.40 56.99
C HIS T 256 -28.12 -85.74 57.62
N LEU T 257 -27.81 -87.02 57.78
CA LEU T 257 -26.61 -87.43 58.48
C LEU T 257 -25.58 -87.99 57.51
N TYR T 258 -24.31 -87.85 57.87
CA TYR T 258 -23.23 -88.62 57.27
C TYR T 258 -23.04 -89.87 58.09
N LYS T 259 -23.11 -91.03 57.45
CA LYS T 259 -22.97 -92.29 58.15
C LYS T 259 -21.76 -93.03 57.59
N GLN T 260 -20.90 -93.49 58.48
CA GLN T 260 -19.85 -94.41 58.09
C GLN T 260 -20.48 -95.75 57.73
N ILE T 261 -20.09 -96.29 56.59
CA ILE T 261 -20.60 -97.56 56.11
C ILE T 261 -19.41 -98.48 55.87
N SER T 262 -19.59 -99.75 56.17
CA SER T 262 -18.49 -100.71 56.07
C SER T 262 -19.04 -102.08 55.73
N ASN T 263 -18.14 -102.96 55.33
CA ASN T 263 -18.44 -104.36 55.11
C ASN T 263 -17.17 -105.14 55.37
N GLY T 264 -17.23 -106.09 56.29
CA GLY T 264 -16.09 -106.89 56.66
C GLY T 264 -16.31 -108.37 56.37
N THR T 265 -15.31 -109.15 56.75
CA THR T 265 -15.37 -110.60 56.55
C THR T 265 -16.09 -111.28 57.71
N ALA T 269 -19.41 -111.84 54.40
CA ALA T 269 -18.82 -111.28 53.18
C ALA T 269 -17.38 -111.73 53.02
N THR T 270 -16.95 -111.86 51.77
CA THR T 270 -15.57 -112.24 51.50
C THR T 270 -14.68 -111.01 51.52
N ASN T 271 -13.36 -111.26 51.59
CA ASN T 271 -12.42 -110.16 51.59
C ASN T 271 -12.49 -109.37 50.29
N ASP T 272 -12.87 -110.02 49.19
CA ASP T 272 -12.96 -109.33 47.91
C ASP T 272 -14.03 -108.25 47.90
N ASN T 273 -15.01 -108.32 48.82
CA ASN T 273 -16.13 -107.41 48.83
C ASN T 273 -16.11 -106.46 50.03
N THR T 274 -15.01 -106.40 50.77
CA THR T 274 -14.94 -105.49 51.90
C THR T 274 -14.83 -104.05 51.44
N TYR T 275 -15.35 -103.14 52.25
CA TYR T 275 -15.21 -101.72 51.94
C TYR T 275 -15.36 -100.91 53.22
N PHE T 276 -14.84 -99.70 53.17
CA PHE T 276 -15.08 -98.67 54.17
C PHE T 276 -15.39 -97.40 53.41
N GLY T 277 -16.44 -96.71 53.83
CA GLY T 277 -16.82 -95.49 53.15
C GLY T 277 -17.81 -94.70 53.95
N TYR T 278 -18.44 -93.75 53.27
CA TYR T 278 -19.39 -92.88 53.93
C TYR T 278 -20.62 -92.71 53.08
N SER T 279 -21.77 -92.82 53.71
CA SER T 279 -23.04 -92.44 53.12
C SER T 279 -23.31 -90.99 53.47
N THR T 280 -23.63 -90.19 52.48
CA THR T 280 -23.88 -88.78 52.69
C THR T 280 -25.37 -88.46 52.55
N PRO T 281 -25.83 -87.37 53.15
CA PRO T 281 -27.21 -86.94 52.94
C PRO T 281 -27.46 -86.28 51.59
N TRP T 282 -26.47 -86.28 50.70
CA TRP T 282 -26.57 -85.58 49.44
C TRP T 282 -27.01 -86.53 48.33
N GLY T 283 -27.84 -86.01 47.44
CA GLY T 283 -28.04 -86.66 46.16
C GLY T 283 -27.09 -86.12 45.12
N TYR T 284 -27.11 -86.75 43.96
CA TYR T 284 -26.29 -86.25 42.86
C TYR T 284 -26.99 -86.52 41.54
N PHE T 285 -26.71 -85.67 40.57
CA PHE T 285 -27.31 -85.79 39.25
C PHE T 285 -26.38 -86.57 38.34
N ASP T 286 -26.92 -87.60 37.71
CA ASP T 286 -26.18 -88.43 36.78
C ASP T 286 -26.86 -88.38 35.42
N PHE T 287 -26.10 -88.06 34.38
CA PHE T 287 -26.55 -88.17 33.01
C PHE T 287 -25.47 -88.81 32.17
N ASN T 288 -24.81 -89.80 32.74
CA ASN T 288 -23.68 -90.48 32.13
C ASN T 288 -24.11 -91.72 31.35
N ARG T 289 -25.30 -91.69 30.76
CA ARG T 289 -25.72 -92.72 29.83
C ARG T 289 -26.21 -92.04 28.56
N PHE T 290 -25.97 -92.68 27.42
CA PHE T 290 -26.28 -92.05 26.15
C PHE T 290 -27.77 -91.84 25.96
N HIS T 291 -28.61 -92.74 26.50
CA HIS T 291 -30.05 -92.57 26.32
C HIS T 291 -30.61 -91.44 27.17
N CYS T 292 -29.82 -90.87 28.09
CA CYS T 292 -30.24 -89.65 28.75
C CYS T 292 -30.29 -88.48 27.79
N HIS T 293 -29.63 -88.57 26.65
CA HIS T 293 -29.49 -87.47 25.72
C HIS T 293 -29.99 -87.80 24.33
N PHE T 294 -29.80 -89.03 23.87
CA PHE T 294 -30.20 -89.43 22.53
C PHE T 294 -31.48 -90.25 22.62
N SER T 295 -32.50 -89.82 21.88
CA SER T 295 -33.63 -90.69 21.62
C SER T 295 -33.16 -91.83 20.73
N PRO T 296 -33.88 -92.96 20.75
CA PRO T 296 -33.49 -94.08 19.88
C PRO T 296 -33.40 -93.68 18.41
N ARG T 297 -34.31 -92.83 17.94
CA ARG T 297 -34.21 -92.34 16.56
C ARG T 297 -32.99 -91.46 16.38
N ASP T 298 -32.69 -90.61 17.36
CA ASP T 298 -31.47 -89.79 17.27
C ASP T 298 -30.23 -90.67 17.30
N TRP T 299 -30.24 -91.72 18.12
CA TRP T 299 -29.13 -92.67 18.12
C TRP T 299 -28.97 -93.34 16.77
N GLN T 300 -30.09 -93.70 16.13
CA GLN T 300 -30.03 -94.28 14.80
C GLN T 300 -29.44 -93.29 13.80
N ARG T 301 -29.88 -92.03 13.86
CA ARG T 301 -29.31 -90.99 13.00
C ARG T 301 -27.81 -90.89 13.19
N LEU T 302 -27.37 -90.94 14.45
CA LEU T 302 -25.95 -90.80 14.74
C LEU T 302 -25.15 -91.99 14.20
N ILE T 303 -25.60 -93.21 14.50
CA ILE T 303 -24.79 -94.37 14.21
C ILE T 303 -24.88 -94.83 12.76
N ASN T 304 -25.93 -94.47 12.04
CA ASN T 304 -26.05 -94.90 10.66
C ASN T 304 -25.34 -93.97 9.69
N ASN T 305 -24.86 -92.82 10.14
CA ASN T 305 -24.39 -91.79 9.24
C ASN T 305 -23.05 -91.19 9.62
N ASN T 306 -22.48 -91.56 10.76
CA ASN T 306 -21.26 -90.93 11.24
C ASN T 306 -20.23 -91.98 11.58
N TRP T 307 -18.98 -91.70 11.22
CA TRP T 307 -17.87 -92.57 11.59
C TRP T 307 -17.42 -92.36 13.03
N GLY T 308 -17.80 -91.25 13.64
CA GLY T 308 -17.37 -90.98 14.99
C GLY T 308 -18.11 -89.80 15.56
N PHE T 309 -18.01 -89.68 16.88
CA PHE T 309 -18.61 -88.56 17.59
C PHE T 309 -17.89 -88.40 18.91
N ARG T 310 -18.04 -87.22 19.49
CA ARG T 310 -17.44 -86.94 20.79
C ARG T 310 -18.17 -85.77 21.41
N PRO T 311 -18.31 -85.73 22.72
CA PRO T 311 -18.91 -84.56 23.37
C PRO T 311 -17.98 -83.36 23.28
N LYS T 312 -18.59 -82.18 23.16
CA LYS T 312 -17.85 -80.94 23.08
C LYS T 312 -18.07 -80.05 24.30
N ARG T 313 -19.32 -79.79 24.64
CA ARG T 313 -19.66 -78.94 25.76
C ARG T 313 -20.99 -79.39 26.33
N LEU T 314 -21.25 -79.04 27.56
CA LEU T 314 -22.55 -79.29 28.16
C LEU T 314 -23.00 -78.09 28.96
N SER T 315 -24.31 -77.92 29.02
CA SER T 315 -24.93 -76.97 29.93
C SER T 315 -25.96 -77.72 30.74
N PHE T 316 -26.03 -77.39 32.02
CA PHE T 316 -26.87 -78.08 32.98
C PHE T 316 -27.74 -77.06 33.68
N LYS T 317 -29.01 -77.39 33.90
CA LYS T 317 -29.92 -76.46 34.54
C LYS T 317 -30.79 -77.18 35.54
N LEU T 318 -30.97 -76.56 36.71
CA LEU T 318 -31.95 -76.96 37.69
C LEU T 318 -32.94 -75.82 37.86
N PHE T 319 -34.22 -76.12 37.80
CA PHE T 319 -35.22 -75.06 37.80
C PHE T 319 -36.57 -75.63 38.21
N ASN T 320 -37.52 -74.74 38.43
CA ASN T 320 -38.86 -75.09 38.88
C ASN T 320 -38.79 -75.96 40.12
N ILE T 321 -37.96 -75.55 41.06
CA ILE T 321 -37.75 -76.30 42.28
C ILE T 321 -38.96 -76.14 43.19
N GLN T 322 -39.47 -77.25 43.71
CA GLN T 322 -40.54 -77.25 44.68
C GLN T 322 -40.09 -78.08 45.87
N VAL T 323 -40.01 -77.46 47.04
CA VAL T 323 -39.71 -78.16 48.27
C VAL T 323 -41.02 -78.38 49.00
N LYS T 324 -41.30 -79.63 49.34
CA LYS T 324 -42.60 -80.01 49.88
C LYS T 324 -42.43 -80.61 51.26
N GLU T 325 -43.33 -80.23 52.15
CA GLU T 325 -43.37 -80.74 53.51
C GLU T 325 -44.45 -81.80 53.61
N VAL T 326 -44.12 -82.94 54.20
CA VAL T 326 -45.07 -84.03 54.40
C VAL T 326 -45.23 -84.26 55.90
N THR T 327 -46.47 -84.28 56.36
CA THR T 327 -46.76 -84.46 57.79
C THR T 327 -47.48 -85.76 58.04
N LYS T 333 -51.62 -88.61 55.95
CA LYS T 333 -50.47 -87.94 55.33
C LYS T 333 -50.91 -86.81 54.42
N THR T 334 -50.40 -85.61 54.67
CA THR T 334 -50.65 -84.45 53.84
C THR T 334 -49.32 -83.89 53.36
N ILE T 335 -49.28 -83.49 52.09
CA ILE T 335 -48.10 -82.90 51.48
C ILE T 335 -48.43 -81.44 51.17
N ALA T 336 -47.59 -80.54 51.65
CA ALA T 336 -47.78 -79.11 51.46
C ALA T 336 -46.49 -78.48 50.95
N ASN T 337 -46.64 -77.38 50.24
CA ASN T 337 -45.48 -76.61 49.82
C ASN T 337 -44.81 -75.96 51.02
N ASN T 338 -43.48 -76.01 51.02
CA ASN T 338 -42.67 -75.27 52.03
C ASN T 338 -41.99 -74.19 51.19
N LEU T 339 -42.61 -73.03 51.03
CA LEU T 339 -42.14 -72.00 50.11
C LEU T 339 -40.78 -71.44 50.52
N THR T 340 -40.47 -71.45 51.81
CA THR T 340 -39.24 -70.86 52.31
C THR T 340 -38.11 -71.87 52.47
N SER T 341 -38.35 -73.13 52.15
CA SER T 341 -37.30 -74.14 52.25
C SER T 341 -36.37 -74.06 51.05
N THR T 342 -35.14 -74.51 51.26
CA THR T 342 -34.11 -74.45 50.22
C THR T 342 -33.59 -75.84 49.90
N ILE T 343 -33.02 -75.95 48.72
CA ILE T 343 -32.13 -77.05 48.36
C ILE T 343 -30.75 -76.47 48.17
N GLN T 344 -29.74 -77.29 48.38
CA GLN T 344 -28.35 -76.88 48.17
C GLN T 344 -27.80 -77.65 46.98
N VAL T 345 -27.22 -76.91 46.04
CA VAL T 345 -26.66 -77.50 44.83
C VAL T 345 -25.25 -76.94 44.67
N PHE T 346 -24.29 -77.82 44.39
CA PHE T 346 -22.97 -77.38 43.99
C PHE T 346 -22.37 -78.41 43.05
N THR T 347 -21.47 -77.96 42.20
CA THR T 347 -20.70 -78.84 41.33
C THR T 347 -19.29 -78.97 41.90
N ASP T 348 -18.80 -80.21 41.95
CA ASP T 348 -17.42 -80.46 42.34
C ASP T 348 -16.51 -80.14 41.14
N SER T 349 -16.40 -78.84 40.86
CA SER T 349 -15.70 -78.38 39.67
C SER T 349 -14.19 -78.59 39.78
N GLU T 350 -13.65 -78.62 40.99
CA GLU T 350 -12.24 -78.91 41.21
C GLU T 350 -11.95 -80.38 41.38
N TYR T 351 -12.96 -81.25 41.28
CA TYR T 351 -12.80 -82.69 41.42
C TYR T 351 -12.15 -83.04 42.76
N GLN T 352 -12.60 -82.37 43.80
CA GLN T 352 -12.09 -82.61 45.15
C GLN T 352 -12.85 -83.69 45.88
N LEU T 353 -13.94 -84.12 45.38
CA LEU T 353 -14.69 -85.21 45.97
C LEU T 353 -14.40 -86.51 45.25
N PRO T 354 -14.55 -87.64 45.92
CA PRO T 354 -14.48 -88.93 45.22
C PRO T 354 -15.50 -88.96 44.08
N TYR T 355 -15.00 -89.27 42.89
CA TYR T 355 -15.81 -89.23 41.68
C TYR T 355 -16.49 -90.59 41.52
N VAL T 356 -17.79 -90.63 41.81
CA VAL T 356 -18.54 -91.88 41.75
C VAL T 356 -19.32 -92.04 40.45
N LEU T 357 -19.38 -91.00 39.62
CA LEU T 357 -19.85 -91.19 38.26
C LEU T 357 -18.86 -92.03 37.48
N GLY T 358 -19.32 -92.61 36.39
CA GLY T 358 -18.45 -93.51 35.66
C GLY T 358 -18.25 -94.84 36.32
N SER T 359 -19.17 -95.27 37.17
CA SER T 359 -19.18 -96.63 37.69
C SER T 359 -20.43 -97.38 37.25
N ALA T 360 -21.10 -96.89 36.20
CA ALA T 360 -22.27 -97.53 35.61
C ALA T 360 -23.38 -97.75 36.64
N HIS T 361 -23.60 -96.74 37.48
CA HIS T 361 -24.60 -96.84 38.53
C HIS T 361 -25.97 -96.44 38.02
N GLN T 362 -27.00 -96.98 38.67
CA GLN T 362 -28.35 -96.53 38.42
C GLN T 362 -28.54 -95.12 38.95
N GLY T 363 -29.67 -94.52 38.58
CA GLY T 363 -29.98 -93.18 39.02
C GLY T 363 -29.72 -92.11 37.99
N CYS T 364 -29.31 -92.48 36.78
CA CYS T 364 -29.16 -91.50 35.72
C CYS T 364 -30.53 -90.99 35.29
N LEU T 365 -30.53 -89.94 34.49
CA LEU T 365 -31.76 -89.45 33.90
C LEU T 365 -32.42 -90.57 33.10
N PRO T 366 -33.73 -90.77 33.24
CA PRO T 366 -34.36 -91.88 32.54
C PRO T 366 -34.30 -91.68 31.04
N PRO T 367 -34.25 -92.75 30.25
CA PRO T 367 -34.27 -92.59 28.79
C PRO T 367 -35.53 -91.93 28.29
N PHE T 368 -36.67 -92.18 28.91
CA PHE T 368 -37.93 -91.63 28.43
C PHE T 368 -38.18 -90.27 29.07
N PRO T 369 -38.36 -89.21 28.29
CA PRO T 369 -38.50 -87.87 28.88
C PRO T 369 -39.67 -87.73 29.83
N ALA T 370 -40.76 -88.45 29.60
CA ALA T 370 -41.91 -88.34 30.49
C ALA T 370 -41.69 -89.00 31.84
N ASP T 371 -40.56 -89.68 32.03
CA ASP T 371 -40.34 -90.45 33.23
C ASP T 371 -39.80 -89.57 34.34
N VAL T 372 -40.42 -89.65 35.51
CA VAL T 372 -39.96 -88.93 36.69
C VAL T 372 -39.06 -89.85 37.49
N PHE T 373 -37.87 -89.36 37.83
CA PHE T 373 -36.87 -90.21 38.46
C PHE T 373 -36.45 -89.67 39.81
N MET T 374 -36.02 -90.60 40.65
CA MET T 374 -35.50 -90.31 41.97
C MET T 374 -34.00 -90.08 41.90
N ILE T 375 -33.53 -89.04 42.58
CA ILE T 375 -32.11 -88.69 42.56
C ILE T 375 -31.35 -89.69 43.44
N PRO T 376 -30.28 -90.30 42.93
CA PRO T 376 -29.54 -91.27 43.75
C PRO T 376 -28.78 -90.60 44.88
N GLN T 377 -28.57 -91.35 45.95
CA GLN T 377 -27.86 -90.84 47.10
C GLN T 377 -26.35 -90.92 46.86
N TYR T 378 -25.66 -89.85 47.22
CA TYR T 378 -24.21 -89.80 47.05
C TYR T 378 -23.53 -90.52 48.21
N GLY T 379 -22.68 -91.47 47.87
CA GLY T 379 -21.79 -92.07 48.83
C GLY T 379 -20.45 -92.32 48.16
N TYR T 380 -19.43 -92.58 48.99
CA TYR T 380 -18.11 -92.82 48.44
C TYR T 380 -17.38 -93.81 49.31
N LEU T 381 -16.32 -94.38 48.74
CA LEU T 381 -15.47 -95.31 49.44
C LEU T 381 -14.08 -94.72 49.59
N THR T 382 -13.44 -95.07 50.69
CA THR T 382 -12.05 -94.67 50.90
C THR T 382 -11.26 -95.92 51.21
N LEU T 383 -10.01 -95.77 51.64
CA LEU T 383 -9.18 -96.93 51.91
C LEU T 383 -9.75 -97.74 53.06
N ASN T 384 -9.72 -99.06 52.92
CA ASN T 384 -10.22 -99.96 53.93
C ASN T 384 -9.24 -101.10 54.16
N ASN T 385 -9.26 -101.63 55.37
CA ASN T 385 -8.56 -102.85 55.73
C ASN T 385 -9.64 -103.74 56.35
N GLY T 386 -10.27 -104.57 55.53
CA GLY T 386 -11.47 -105.23 55.98
C GLY T 386 -12.59 -104.22 56.09
N SER T 387 -13.27 -104.22 57.23
CA SER T 387 -14.29 -103.23 57.53
C SER T 387 -13.73 -102.00 58.22
N GLN T 388 -12.44 -101.97 58.51
CA GLN T 388 -11.82 -100.87 59.23
C GLN T 388 -11.24 -99.86 58.26
N ALA T 389 -11.20 -98.61 58.70
CA ALA T 389 -10.47 -97.59 57.97
C ALA T 389 -9.01 -97.62 58.37
N VAL T 390 -8.18 -97.04 57.51
CA VAL T 390 -6.78 -96.84 57.81
C VAL T 390 -6.54 -95.35 58.00
N GLY T 391 -5.34 -95.00 58.45
CA GLY T 391 -5.02 -93.60 58.66
C GLY T 391 -5.09 -92.76 57.41
N ARG T 392 -4.93 -93.37 56.24
CA ARG T 392 -5.02 -92.65 54.98
C ARG T 392 -6.45 -92.51 54.48
N SER T 393 -7.41 -93.13 55.15
CA SER T 393 -8.81 -92.99 54.75
C SER T 393 -9.26 -91.54 54.87
N SER T 394 -9.94 -91.06 53.85
CA SER T 394 -10.39 -89.67 53.78
C SER T 394 -11.88 -89.59 54.08
N PHE T 395 -12.25 -88.66 54.94
CA PHE T 395 -13.64 -88.33 55.18
C PHE T 395 -13.91 -86.97 54.55
N TYR T 396 -14.99 -86.88 53.77
CA TYR T 396 -15.38 -85.66 53.10
C TYR T 396 -16.73 -85.20 53.60
N CYS T 397 -16.80 -83.96 54.06
CA CYS T 397 -18.06 -83.31 54.38
C CYS T 397 -18.45 -82.46 53.17
N LEU T 398 -19.58 -82.79 52.56
CA LEU T 398 -20.01 -82.04 51.39
C LEU T 398 -20.55 -80.67 51.77
N GLU T 399 -20.94 -80.46 53.02
CA GLU T 399 -21.28 -79.12 53.49
C GLU T 399 -20.05 -78.24 53.57
N TYR T 400 -18.85 -78.82 53.56
CA TYR T 400 -17.62 -78.05 53.55
C TYR T 400 -17.31 -77.45 52.19
N PHE T 401 -18.25 -77.51 51.27
CA PHE T 401 -18.12 -76.90 49.96
C PHE T 401 -19.06 -75.71 49.84
N PRO T 402 -18.71 -74.70 49.05
CA PRO T 402 -19.67 -73.64 48.74
C PRO T 402 -20.79 -74.20 47.89
N SER T 403 -22.03 -74.03 48.36
CA SER T 403 -23.20 -74.51 47.65
C SER T 403 -24.15 -73.34 47.43
N GLN T 404 -24.80 -73.33 46.26
CA GLN T 404 -25.88 -72.40 46.03
C GLN T 404 -27.13 -72.94 46.71
N MET T 405 -27.78 -72.11 47.51
CA MET T 405 -29.05 -72.48 48.13
C MET T 405 -30.17 -71.89 47.31
N LEU T 406 -31.18 -72.71 47.03
CA LEU T 406 -32.24 -72.36 46.09
C LEU T 406 -33.58 -72.48 46.78
N ARG T 407 -34.35 -71.41 46.78
CA ARG T 407 -35.75 -71.51 47.12
C ARG T 407 -36.56 -71.82 45.86
N THR T 408 -37.88 -71.87 46.01
CA THR T 408 -38.73 -72.33 44.91
C THR T 408 -38.62 -71.42 43.69
N GLY T 409 -38.26 -70.16 43.87
CA GLY T 409 -38.10 -69.25 42.76
C GLY T 409 -36.74 -69.22 42.12
N ASN T 410 -35.77 -69.93 42.68
CA ASN T 410 -34.41 -69.89 42.20
C ASN T 410 -34.14 -71.01 41.20
N ASN T 411 -33.12 -70.81 40.38
CA ASN T 411 -32.66 -71.85 39.47
C ASN T 411 -31.14 -71.93 39.54
N PHE T 412 -30.63 -73.08 39.14
CA PHE T 412 -29.20 -73.34 39.13
C PHE T 412 -28.78 -73.73 37.73
N GLN T 413 -27.63 -73.24 37.31
CA GLN T 413 -27.12 -73.64 36.00
C GLN T 413 -25.61 -73.50 35.97
N PHE T 414 -24.98 -74.34 35.16
CA PHE T 414 -23.56 -74.23 34.90
C PHE T 414 -23.27 -74.81 33.53
N THR T 415 -22.15 -74.39 32.96
CA THR T 415 -21.70 -74.89 31.68
C THR T 415 -20.35 -75.57 31.87
N TYR T 416 -20.09 -76.56 31.02
CA TYR T 416 -18.86 -77.32 31.09
C TYR T 416 -18.39 -77.59 29.67
N THR T 417 -17.08 -77.51 29.47
CA THR T 417 -16.48 -77.81 28.18
C THR T 417 -15.67 -79.09 28.29
N PHE T 418 -15.97 -80.04 27.43
CA PHE T 418 -15.20 -81.27 27.39
C PHE T 418 -13.80 -81.00 26.86
N GLU T 419 -12.82 -81.68 27.44
CA GLU T 419 -11.48 -81.62 26.90
C GLU T 419 -11.43 -82.28 25.53
N ASP T 420 -10.36 -82.01 24.80
CA ASP T 420 -10.18 -82.65 23.50
C ASP T 420 -10.03 -84.14 23.68
N VAL T 421 -11.05 -84.89 23.32
CA VAL T 421 -11.08 -86.35 23.49
C VAL T 421 -11.12 -86.95 22.09
N PRO T 422 -10.54 -88.12 21.85
CA PRO T 422 -10.66 -88.72 20.53
C PRO T 422 -12.09 -89.07 20.19
N PHE T 423 -12.42 -89.01 18.90
CA PHE T 423 -13.72 -89.46 18.44
C PHE T 423 -13.90 -90.93 18.78
N HIS T 424 -15.08 -91.29 19.26
CA HIS T 424 -15.40 -92.70 19.41
C HIS T 424 -15.51 -93.33 18.03
N SER T 425 -14.95 -94.52 17.87
CA SER T 425 -14.99 -95.22 16.59
C SER T 425 -16.38 -95.76 16.36
N SER T 426 -17.21 -94.98 15.69
CA SER T 426 -18.57 -95.41 15.37
C SER T 426 -18.61 -96.15 14.04
N TYR T 427 -17.72 -97.13 13.91
CA TYR T 427 -17.56 -97.87 12.67
C TYR T 427 -16.94 -99.22 12.98
N ALA T 428 -17.18 -100.17 12.10
CA ALA T 428 -16.48 -101.45 12.14
C ALA T 428 -15.55 -101.53 10.94
N HIS T 429 -14.41 -102.17 11.12
CA HIS T 429 -13.45 -102.27 10.03
C HIS T 429 -13.94 -103.27 9.00
N SER T 430 -13.87 -102.88 7.73
CA SER T 430 -14.23 -103.76 6.62
C SER T 430 -13.04 -104.57 6.14
N GLN T 431 -11.89 -104.46 6.81
CA GLN T 431 -10.73 -105.26 6.53
C GLN T 431 -10.24 -105.87 7.83
N SER T 432 -9.66 -107.06 7.73
CA SER T 432 -9.03 -107.69 8.87
C SER T 432 -7.54 -107.34 8.90
N LEU T 433 -6.98 -107.35 10.11
CA LEU T 433 -5.58 -106.96 10.27
C LEU T 433 -4.63 -107.91 9.55
N ASP T 434 -5.00 -109.19 9.47
CA ASP T 434 -4.17 -110.17 8.78
C ASP T 434 -4.50 -110.28 7.30
N ARG T 435 -5.34 -109.40 6.78
CA ARG T 435 -5.74 -109.41 5.38
C ARG T 435 -5.62 -108.03 4.77
N LEU T 436 -4.54 -107.33 5.07
CA LEU T 436 -4.31 -105.98 4.56
C LEU T 436 -3.49 -105.98 3.28
N MET T 437 -3.08 -107.14 2.80
CA MET T 437 -2.19 -107.26 1.67
C MET T 437 -2.95 -107.41 0.36
N ASN T 438 -2.23 -107.16 -0.73
CA ASN T 438 -2.75 -107.39 -2.06
C ASN T 438 -2.86 -108.88 -2.31
N PRO T 439 -4.06 -109.41 -2.60
CA PRO T 439 -4.23 -110.85 -2.78
C PRO T 439 -3.78 -111.37 -4.15
N LEU T 440 -3.15 -110.54 -4.97
CA LEU T 440 -2.71 -110.96 -6.29
C LEU T 440 -1.21 -111.02 -6.45
N ILE T 441 -0.45 -110.38 -5.57
CA ILE T 441 0.98 -110.21 -5.72
C ILE T 441 1.70 -110.95 -4.61
N ASP T 442 2.76 -111.64 -4.96
CA ASP T 442 3.61 -112.26 -3.97
C ASP T 442 4.40 -111.21 -3.21
N GLN T 443 4.85 -111.57 -2.03
CA GLN T 443 5.79 -110.74 -1.29
C GLN T 443 7.21 -110.99 -1.81
N TYR T 444 8.03 -109.95 -1.75
CA TYR T 444 9.45 -110.16 -2.03
C TYR T 444 10.19 -110.71 -0.82
N LEU T 445 9.58 -110.68 0.35
CA LEU T 445 10.17 -111.27 1.55
C LEU T 445 9.91 -112.77 1.57
N TYR T 446 10.87 -113.49 2.12
CA TYR T 446 10.77 -114.94 2.27
C TYR T 446 10.48 -115.28 3.72
N TYR T 447 9.85 -116.44 3.91
CA TYR T 447 9.66 -117.01 5.23
C TYR T 447 10.18 -118.44 5.22
N LEU T 448 10.61 -118.91 6.38
CA LEU T 448 11.02 -120.29 6.52
C LEU T 448 9.83 -121.20 6.29
N SER T 449 9.80 -121.90 5.17
CA SER T 449 8.64 -122.71 4.81
C SER T 449 8.79 -124.17 5.16
N ARG T 450 10.01 -124.70 5.18
CA ARG T 450 10.23 -126.09 5.58
C ARG T 450 11.55 -126.20 6.31
N THR T 451 11.58 -127.10 7.29
CA THR T 451 12.80 -127.44 8.01
C THR T 451 13.22 -128.88 7.79
N GLN T 452 12.49 -129.63 6.99
CA GLN T 452 12.77 -131.05 6.76
C GLN T 452 12.51 -131.37 5.29
N THR T 453 13.38 -132.19 4.71
CA THR T 453 13.25 -132.56 3.31
C THR T 453 12.01 -133.39 3.05
N ASN T 459 13.59 -138.60 5.90
CA ASN T 459 13.84 -137.18 5.61
C ASN T 459 14.84 -136.59 6.59
N THR T 460 15.59 -135.61 6.12
CA THR T 460 16.65 -134.98 6.90
C THR T 460 16.36 -133.51 7.08
N GLN T 461 17.15 -132.87 7.94
CA GLN T 461 17.01 -131.45 8.18
C GLN T 461 17.40 -130.66 6.95
N THR T 462 16.71 -129.55 6.72
CA THR T 462 17.00 -128.64 5.63
C THR T 462 16.42 -127.28 6.00
N LEU T 463 16.68 -126.30 5.15
CA LEU T 463 16.10 -124.96 5.30
C LEU T 463 15.51 -124.57 3.95
N GLY T 464 14.19 -124.63 3.84
CA GLY T 464 13.49 -124.20 2.65
C GLY T 464 12.75 -122.90 2.94
N PHE T 465 12.87 -121.97 2.01
CA PHE T 465 12.28 -120.64 2.15
C PHE T 465 11.35 -120.38 0.97
N SER T 466 10.19 -119.83 1.27
CA SER T 466 9.20 -119.52 0.25
C SER T 466 8.78 -118.08 0.40
N GLN T 467 8.28 -117.52 -0.69
CA GLN T 467 7.74 -116.17 -0.68
C GLN T 467 6.26 -116.22 -0.32
N GLY T 468 5.86 -115.40 0.64
CA GLY T 468 4.47 -115.28 0.99
C GLY T 468 3.66 -114.79 -0.18
N GLY T 469 2.53 -115.43 -0.45
CA GLY T 469 1.72 -115.08 -1.59
C GLY T 469 0.24 -115.18 -1.29
N PRO T 470 -0.58 -115.15 -2.34
CA PRO T 470 -2.03 -115.20 -2.14
C PRO T 470 -2.51 -116.45 -1.43
N ASN T 471 -1.78 -117.56 -1.58
CA ASN T 471 -2.22 -118.82 -0.97
C ASN T 471 -1.63 -119.04 0.41
N THR T 472 -0.40 -118.61 0.65
CA THR T 472 0.22 -118.72 1.97
C THR T 472 0.08 -117.40 2.72
N MET T 473 -1.16 -116.98 2.87
CA MET T 473 -1.45 -115.65 3.41
C MET T 473 -1.19 -115.60 4.92
N ALA T 474 -1.31 -116.73 5.61
CA ALA T 474 -0.97 -116.79 7.02
C ALA T 474 0.52 -116.66 7.27
N ASN T 475 1.35 -116.98 6.28
CA ASN T 475 2.80 -116.92 6.42
C ASN T 475 3.39 -115.58 6.02
N GLN T 476 2.61 -114.70 5.43
CA GLN T 476 3.15 -113.46 4.90
C GLN T 476 3.70 -112.57 6.01
N ALA T 477 4.77 -111.86 5.69
CA ALA T 477 5.27 -110.84 6.60
C ALA T 477 4.24 -109.73 6.73
N LYS T 478 4.03 -109.27 7.96
CA LYS T 478 3.01 -108.29 8.25
C LYS T 478 3.59 -107.21 9.18
N ASN T 479 2.99 -106.04 9.12
CA ASN T 479 3.50 -104.88 9.85
C ASN T 479 2.88 -104.70 11.22
N TRP T 480 1.77 -105.37 11.52
CA TRP T 480 0.98 -105.03 12.70
C TRP T 480 0.55 -106.30 13.41
N LEU T 481 0.24 -106.15 14.69
CA LEU T 481 -0.22 -107.22 15.54
C LEU T 481 -1.60 -106.88 16.11
N PRO T 482 -2.41 -107.90 16.41
CA PRO T 482 -3.69 -107.63 17.04
C PRO T 482 -3.50 -107.06 18.43
N GLY T 483 -4.51 -106.33 18.90
CA GLY T 483 -4.48 -105.69 20.19
C GLY T 483 -4.24 -106.66 21.33
N PRO T 484 -4.07 -106.11 22.52
CA PRO T 484 -3.70 -106.95 23.67
C PRO T 484 -4.85 -107.86 24.10
N CYS T 485 -4.48 -108.93 24.80
CA CYS T 485 -5.40 -109.98 25.19
C CYS T 485 -5.31 -110.23 26.68
N TYR T 486 -6.47 -110.45 27.30
CA TYR T 486 -6.56 -110.87 28.70
C TYR T 486 -7.68 -111.92 28.73
N ARG T 487 -7.31 -113.17 28.51
CA ARG T 487 -8.28 -114.18 28.09
C ARG T 487 -9.38 -114.40 29.12
N GLN T 488 -10.60 -114.47 28.63
CA GLN T 488 -11.78 -114.73 29.44
C GLN T 488 -12.31 -116.12 29.16
N GLN T 489 -12.99 -116.69 30.15
CA GLN T 489 -13.64 -117.98 29.97
C GLN T 489 -14.84 -117.84 29.03
N ARG T 490 -15.03 -118.85 28.19
CA ARG T 490 -16.11 -118.84 27.22
C ARG T 490 -17.36 -119.45 27.83
N VAL T 491 -18.48 -118.76 27.68
CA VAL T 491 -19.78 -119.23 28.14
C VAL T 491 -20.72 -119.26 26.95
N SER T 492 -21.47 -120.35 26.83
CA SER T 492 -22.44 -120.51 25.75
C SER T 492 -23.82 -120.11 26.25
N THR T 493 -24.54 -119.34 25.45
CA THR T 493 -25.94 -119.05 25.77
C THR T 493 -26.80 -120.30 25.66
N THR T 494 -26.35 -121.30 24.92
CA THR T 494 -26.96 -122.63 24.96
C THR T 494 -26.38 -123.34 26.18
N THR T 495 -27.15 -123.35 27.27
CA THR T 495 -26.60 -123.77 28.56
C THR T 495 -26.12 -125.21 28.56
N GLY T 496 -26.73 -126.07 27.73
CA GLY T 496 -26.30 -127.45 27.65
C GLY T 496 -24.88 -127.62 27.19
N GLN T 497 -24.33 -126.63 26.48
CA GLN T 497 -22.94 -126.68 26.05
C GLN T 497 -21.97 -126.21 27.12
N ASN T 498 -22.46 -125.70 28.25
CA ASN T 498 -21.60 -125.23 29.31
C ASN T 498 -21.28 -126.36 30.29
N ASN T 499 -20.16 -126.21 30.99
CA ASN T 499 -19.81 -127.14 32.04
C ASN T 499 -20.84 -127.10 33.16
N ASN T 500 -21.21 -128.27 33.67
CA ASN T 500 -22.20 -128.36 34.74
C ASN T 500 -21.52 -128.05 36.07
N SER T 501 -21.23 -126.77 36.27
CA SER T 501 -20.65 -126.29 37.51
C SER T 501 -20.92 -124.79 37.60
N ASN T 502 -20.77 -124.26 38.82
CA ASN T 502 -20.94 -122.84 39.07
C ASN T 502 -19.57 -122.20 38.99
N PHE T 503 -19.21 -121.70 37.80
CA PHE T 503 -17.87 -121.20 37.55
C PHE T 503 -17.85 -119.72 37.20
N ALA T 504 -18.94 -118.99 37.44
CA ALA T 504 -18.97 -117.58 37.08
C ALA T 504 -17.89 -116.80 37.82
N TRP T 505 -17.67 -117.11 39.09
CA TRP T 505 -16.64 -116.47 39.88
C TRP T 505 -15.33 -117.26 39.89
N THR T 506 -15.40 -118.58 40.09
CA THR T 506 -14.18 -119.38 40.20
C THR T 506 -13.38 -119.35 38.90
N ALA T 507 -14.06 -119.44 37.76
CA ALA T 507 -13.42 -119.34 36.47
C ALA T 507 -13.43 -117.93 35.91
N GLY T 508 -13.90 -116.96 36.68
CA GLY T 508 -13.94 -115.60 36.20
C GLY T 508 -12.54 -115.04 35.98
N THR T 509 -12.44 -114.17 34.98
CA THR T 509 -11.18 -113.51 34.68
C THR T 509 -11.04 -112.31 35.60
N LYS T 510 -10.00 -112.29 36.42
CA LYS T 510 -9.91 -111.37 37.53
C LYS T 510 -8.57 -110.67 37.51
N TYR T 511 -8.52 -109.53 38.20
CA TYR T 511 -7.28 -108.90 38.57
C TYR T 511 -7.15 -108.90 40.09
N HIS T 512 -5.92 -108.81 40.55
CA HIS T 512 -5.59 -108.89 41.97
C HIS T 512 -5.04 -107.54 42.40
N LEU T 513 -5.65 -106.95 43.43
CA LEU T 513 -5.24 -105.64 43.92
C LEU T 513 -5.33 -105.63 45.43
N ASN T 514 -4.17 -105.48 46.09
CA ASN T 514 -4.08 -105.40 47.54
C ASN T 514 -4.78 -106.59 48.21
N GLY T 515 -4.45 -107.78 47.71
CA GLY T 515 -5.02 -109.00 48.26
C GLY T 515 -6.50 -109.17 48.01
N ARG T 516 -7.09 -108.36 47.14
CA ARG T 516 -8.51 -108.42 46.82
C ARG T 516 -8.65 -108.82 45.36
N ASN T 517 -9.53 -109.78 45.10
CA ASN T 517 -9.80 -110.22 43.74
C ASN T 517 -11.04 -109.52 43.23
N SER T 518 -10.93 -108.93 42.05
CA SER T 518 -12.05 -108.27 41.39
C SER T 518 -12.10 -108.77 39.95
N LEU T 519 -13.32 -108.98 39.46
CA LEU T 519 -13.47 -109.39 38.06
C LEU T 519 -12.91 -108.32 37.15
N ALA T 520 -12.20 -108.76 36.11
CA ALA T 520 -11.80 -107.87 35.02
C ALA T 520 -13.01 -107.72 34.11
N ASN T 521 -13.96 -106.92 34.57
CA ASN T 521 -15.30 -106.86 33.99
C ASN T 521 -15.61 -105.44 33.56
N PRO T 522 -15.80 -105.18 32.25
CA PRO T 522 -15.74 -106.19 31.19
C PRO T 522 -14.33 -106.44 30.70
N GLY T 523 -13.35 -105.79 31.30
CA GLY T 523 -11.98 -105.97 30.90
C GLY T 523 -11.66 -105.21 29.61
N ILE T 524 -10.50 -105.54 29.05
CA ILE T 524 -10.02 -104.85 27.86
C ILE T 524 -10.92 -105.20 26.67
N ALA T 525 -10.95 -104.31 25.70
CA ALA T 525 -11.80 -104.49 24.52
C ALA T 525 -11.28 -105.65 23.70
N MET T 526 -12.01 -106.75 23.70
CA MET T 526 -11.73 -107.89 22.84
C MET T 526 -13.01 -108.32 22.15
N ALA T 527 -12.84 -108.96 20.99
CA ALA T 527 -14.00 -109.45 20.26
C ALA T 527 -14.74 -110.48 21.10
N THR T 528 -16.06 -110.35 21.15
CA THR T 528 -16.87 -111.23 21.99
C THR T 528 -16.74 -112.68 21.54
N HIS T 529 -16.72 -112.91 20.25
CA HIS T 529 -16.64 -114.25 19.70
C HIS T 529 -16.07 -114.15 18.29
N LYS T 530 -15.67 -115.29 17.75
CA LYS T 530 -15.19 -115.33 16.38
C LYS T 530 -16.36 -115.62 15.45
N ASP T 531 -16.06 -115.89 14.18
CA ASP T 531 -17.09 -116.11 13.18
C ASP T 531 -17.97 -117.31 13.55
N ASP T 532 -19.28 -117.13 13.38
CA ASP T 532 -20.26 -118.21 13.55
C ASP T 532 -20.29 -118.76 14.97
N GLU T 533 -19.98 -117.92 15.96
CA GLU T 533 -20.00 -118.33 17.36
C GLU T 533 -20.72 -117.29 18.20
N GLU T 534 -21.84 -116.79 17.70
CA GLU T 534 -22.57 -115.74 18.40
C GLU T 534 -23.09 -116.21 19.75
N ARG T 535 -23.31 -117.52 19.91
CA ARG T 535 -23.80 -118.06 21.17
C ARG T 535 -22.77 -117.98 22.30
N PHE T 536 -21.51 -117.73 21.97
CA PHE T 536 -20.44 -117.69 22.96
C PHE T 536 -20.17 -116.26 23.37
N PHE T 537 -19.92 -116.06 24.66
CA PHE T 537 -19.51 -114.76 25.16
C PHE T 537 -18.51 -114.95 26.28
N PRO T 538 -17.58 -114.01 26.47
CA PRO T 538 -16.71 -114.06 27.64
C PRO T 538 -17.52 -113.93 28.91
N SER T 539 -17.11 -114.68 29.95
CA SER T 539 -17.93 -114.80 31.15
C SER T 539 -18.15 -113.45 31.81
N ASN T 540 -17.12 -112.62 31.89
CA ASN T 540 -17.24 -111.26 32.40
C ASN T 540 -16.52 -110.29 31.48
N GLY T 541 -16.75 -110.43 30.18
CA GLY T 541 -16.04 -109.62 29.20
C GLY T 541 -16.92 -108.81 28.29
N ILE T 542 -18.21 -108.70 28.61
CA ILE T 542 -19.14 -107.92 27.82
C ILE T 542 -20.02 -107.10 28.76
N LEU T 543 -20.56 -106.01 28.21
CA LEU T 543 -21.60 -105.27 28.91
C LEU T 543 -22.92 -106.03 28.79
N ILE T 544 -23.58 -106.23 29.91
CA ILE T 544 -24.86 -106.91 29.95
C ILE T 544 -25.88 -105.94 30.52
N PHE T 545 -26.85 -105.56 29.70
CA PHE T 545 -27.94 -104.70 30.13
C PHE T 545 -29.16 -105.54 30.44
N GLY T 546 -29.94 -105.09 31.41
CA GLY T 546 -31.15 -105.77 31.78
C GLY T 546 -32.33 -105.25 30.97
N LYS T 547 -33.20 -106.16 30.57
CA LYS T 547 -34.46 -105.76 29.99
C LYS T 547 -35.32 -105.10 31.06
N GLN T 548 -36.39 -104.43 30.62
CA GLN T 548 -37.27 -103.78 31.57
C GLN T 548 -37.84 -104.81 32.54
N ASN T 549 -37.85 -104.45 33.82
CA ASN T 549 -38.34 -105.30 34.91
C ASN T 549 -37.51 -106.56 35.09
N ALA T 550 -36.25 -106.53 34.67
CA ALA T 550 -35.36 -107.64 34.98
C ALA T 550 -35.01 -107.63 36.45
N ALA T 551 -34.90 -108.82 37.03
CA ALA T 551 -34.59 -108.95 38.44
C ALA T 551 -33.18 -108.42 38.73
N ARG T 552 -33.02 -107.84 39.91
CA ARG T 552 -31.70 -107.37 40.32
C ARG T 552 -30.72 -108.53 40.47
N ASP T 553 -31.17 -109.64 41.06
CA ASP T 553 -30.31 -110.79 41.29
C ASP T 553 -30.83 -111.99 40.53
N ASN T 554 -29.93 -112.73 39.90
CA ASN T 554 -30.24 -113.99 39.22
C ASN T 554 -31.33 -113.80 38.17
N ALA T 555 -31.19 -112.76 37.36
CA ALA T 555 -32.04 -112.61 36.20
C ALA T 555 -31.70 -113.67 35.17
N ASP T 556 -32.72 -114.24 34.55
CA ASP T 556 -32.49 -115.25 33.53
C ASP T 556 -31.90 -114.62 32.28
N TYR T 557 -31.33 -115.47 31.42
CA TYR T 557 -30.74 -114.97 30.19
C TYR T 557 -31.77 -114.25 29.32
N SER T 558 -33.03 -114.66 29.40
CA SER T 558 -34.07 -114.00 28.64
C SER T 558 -34.40 -112.61 29.18
N ASP T 559 -34.00 -112.31 30.41
CA ASP T 559 -34.27 -111.01 31.02
C ASP T 559 -33.12 -110.02 30.84
N VAL T 560 -32.02 -110.43 30.22
CA VAL T 560 -30.87 -109.54 30.06
C VAL T 560 -30.57 -109.41 28.57
N MET T 561 -29.79 -108.38 28.26
CA MET T 561 -29.43 -108.05 26.89
C MET T 561 -27.90 -108.10 26.80
N LEU T 562 -27.37 -109.15 26.19
CA LEU T 562 -25.93 -109.28 26.02
C LEU T 562 -25.47 -108.40 24.86
N THR T 563 -24.45 -107.60 25.11
CA THR T 563 -23.81 -106.89 24.01
C THR T 563 -22.80 -107.80 23.33
N SER T 564 -22.38 -107.40 22.13
CA SER T 564 -21.39 -108.16 21.38
C SER T 564 -20.40 -107.19 20.76
N GLU T 565 -19.12 -107.44 20.99
CA GLU T 565 -18.04 -106.67 20.37
C GLU T 565 -17.44 -107.41 19.19
N GLU T 566 -18.27 -108.14 18.44
CA GLU T 566 -17.76 -108.89 17.29
C GLU T 566 -17.24 -108.00 16.19
N GLU T 567 -17.62 -106.72 16.16
CA GLU T 567 -17.14 -105.82 15.12
C GLU T 567 -15.64 -105.62 15.18
N ILE T 568 -15.01 -105.83 16.35
CA ILE T 568 -13.58 -105.62 16.50
C ILE T 568 -12.80 -106.91 16.32
N LYS T 569 -13.43 -107.97 15.78
CA LYS T 569 -12.71 -109.16 15.40
C LYS T 569 -11.56 -108.85 14.45
N THR T 570 -11.73 -107.83 13.63
CA THR T 570 -10.74 -107.51 12.60
C THR T 570 -9.42 -107.05 13.19
N THR T 571 -9.44 -106.50 14.37
CA THR T 571 -8.25 -105.95 14.98
C THR T 571 -7.97 -106.49 16.36
N ASN T 572 -9.00 -106.75 17.15
CA ASN T 572 -8.80 -107.23 18.51
C ASN T 572 -8.93 -108.75 18.55
N PRO T 573 -8.13 -109.42 19.37
CA PRO T 573 -8.27 -110.86 19.52
C PRO T 573 -9.60 -111.20 20.18
N VAL T 574 -10.09 -112.41 19.89
CA VAL T 574 -11.33 -112.87 20.51
C VAL T 574 -11.11 -113.03 22.00
N ALA T 575 -12.09 -112.56 22.79
CA ALA T 575 -11.93 -112.51 24.23
C ALA T 575 -11.70 -113.87 24.85
N THR T 576 -12.24 -114.93 24.25
CA THR T 576 -12.20 -116.27 24.81
C THR T 576 -11.12 -117.13 24.17
N GLU T 577 -10.30 -116.56 23.30
CA GLU T 577 -9.25 -117.30 22.63
C GLU T 577 -7.89 -116.78 23.09
N GLU T 578 -6.87 -117.59 22.86
CA GLU T 578 -5.50 -117.17 23.14
C GLU T 578 -5.06 -116.08 22.17
N TYR T 579 -4.14 -115.24 22.64
CA TYR T 579 -3.59 -114.21 21.76
C TYR T 579 -2.81 -114.83 20.62
N GLY T 580 -2.02 -115.84 20.92
CA GLY T 580 -1.16 -116.43 19.91
C GLY T 580 -0.30 -117.51 20.50
N ILE T 581 0.77 -117.83 19.79
CA ILE T 581 1.67 -118.92 20.14
C ILE T 581 3.08 -118.38 20.17
N VAL T 582 3.83 -118.71 21.22
CA VAL T 582 5.24 -118.36 21.30
C VAL T 582 6.03 -119.63 21.56
N ALA T 583 7.33 -119.56 21.24
CA ALA T 583 8.23 -120.66 21.54
C ALA T 583 8.45 -120.77 23.04
N ASP T 584 8.49 -122.00 23.53
CA ASP T 584 8.70 -122.26 24.95
C ASP T 584 10.07 -122.83 25.26
N ASN T 585 10.88 -123.14 24.26
CA ASN T 585 12.19 -123.74 24.49
C ASN T 585 13.09 -123.42 23.31
N LEU T 586 14.26 -124.03 23.29
CA LEU T 586 15.20 -123.95 22.17
C LEU T 586 15.28 -125.33 21.55
N GLN T 587 14.74 -125.48 20.35
CA GLN T 587 14.79 -126.76 19.67
C GLN T 587 16.23 -127.10 19.27
N GLN T 588 16.58 -128.36 19.42
CA GLN T 588 17.85 -128.91 18.95
C GLN T 588 17.55 -130.20 18.21
N GLN T 589 18.60 -130.84 17.70
CA GLN T 589 18.42 -132.11 17.01
C GLN T 589 17.87 -133.19 17.95
N ASN T 590 17.99 -133.00 19.26
CA ASN T 590 17.47 -133.96 20.22
C ASN T 590 16.23 -133.47 20.96
N THR T 591 15.91 -132.18 20.91
CA THR T 591 14.74 -131.65 21.59
C THR T 591 13.80 -131.03 20.57
N ALA T 592 12.60 -131.57 20.47
CA ALA T 592 11.61 -131.03 19.56
C ALA T 592 11.15 -129.66 20.05
N PRO T 593 10.84 -128.74 19.13
CA PRO T 593 10.37 -127.43 19.55
C PRO T 593 9.07 -127.51 20.32
N GLN T 594 8.97 -126.69 21.35
CA GLN T 594 7.77 -126.61 22.17
C GLN T 594 7.16 -125.23 22.03
N ILE T 595 5.83 -125.17 22.08
CA ILE T 595 5.13 -123.91 21.90
C ILE T 595 4.35 -123.60 23.17
N GLY T 596 4.25 -122.32 23.47
CA GLY T 596 3.47 -121.83 24.60
C GLY T 596 2.28 -121.04 24.10
N THR T 597 1.14 -121.25 24.75
CA THR T 597 -0.09 -120.56 24.40
C THR T 597 -0.18 -119.27 25.21
N VAL T 598 -0.26 -118.14 24.50
CA VAL T 598 -0.29 -116.83 25.14
C VAL T 598 -1.74 -116.51 25.46
N ASN T 599 -2.11 -116.64 26.73
CA ASN T 599 -3.46 -116.32 27.19
C ASN T 599 -3.57 -114.90 27.74
N SER T 600 -2.46 -114.20 27.88
CA SER T 600 -2.47 -112.82 28.34
C SER T 600 -1.31 -112.11 27.67
N GLN T 601 -1.60 -111.08 26.90
CA GLN T 601 -0.57 -110.36 26.15
C GLN T 601 -0.72 -108.88 26.39
N GLY T 602 0.29 -108.28 27.01
CA GLY T 602 0.34 -106.84 27.15
C GLY T 602 0.75 -106.18 25.86
N ALA T 603 0.89 -104.86 25.93
CA ALA T 603 1.16 -104.07 24.73
C ALA T 603 2.49 -104.47 24.09
N LEU T 604 2.45 -104.70 22.79
CA LEU T 604 3.63 -104.95 21.99
C LEU T 604 3.72 -103.88 20.91
N PRO T 605 4.92 -103.51 20.49
CA PRO T 605 5.04 -102.54 19.39
C PRO T 605 4.41 -103.08 18.13
N GLY T 606 3.79 -102.19 17.37
CA GLY T 606 3.06 -102.59 16.19
C GLY T 606 1.67 -103.11 16.45
N MET T 607 1.23 -103.14 17.70
CA MET T 607 -0.10 -103.63 18.03
C MET T 607 -1.12 -102.52 17.80
N VAL T 608 -2.26 -102.90 17.24
CA VAL T 608 -3.37 -101.98 17.03
C VAL T 608 -4.62 -102.64 17.57
N TRP T 609 -5.56 -101.82 18.03
CA TRP T 609 -6.79 -102.37 18.60
C TRP T 609 -7.88 -101.31 18.53
N GLN T 610 -9.11 -101.77 18.71
CA GLN T 610 -10.27 -100.91 18.83
C GLN T 610 -10.75 -100.91 20.27
N ASN T 611 -11.36 -99.80 20.68
CA ASN T 611 -11.97 -99.74 21.99
C ASN T 611 -13.31 -100.46 21.97
N ARG T 612 -13.85 -100.67 23.17
CA ARG T 612 -15.20 -101.22 23.28
C ARG T 612 -16.20 -100.24 22.69
N ASP T 613 -17.25 -100.78 22.09
CA ASP T 613 -18.31 -99.96 21.54
C ASP T 613 -19.07 -99.25 22.66
N VAL T 614 -19.64 -98.11 22.34
CA VAL T 614 -20.59 -97.47 23.24
C VAL T 614 -22.00 -97.89 22.83
N TYR T 615 -22.92 -97.76 23.76
CA TYR T 615 -24.29 -98.20 23.54
C TYR T 615 -25.24 -97.11 23.97
N LEU T 616 -26.43 -97.13 23.38
CA LEU T 616 -27.46 -96.16 23.75
C LEU T 616 -27.75 -96.22 25.25
N GLN T 617 -27.75 -97.43 25.82
CA GLN T 617 -27.95 -97.62 27.25
C GLN T 617 -26.66 -97.53 28.05
N GLY T 618 -25.51 -97.44 27.38
CA GLY T 618 -24.23 -97.54 28.06
C GLY T 618 -23.73 -96.21 28.58
N PRO T 619 -22.61 -96.25 29.30
CA PRO T 619 -22.01 -95.03 29.83
C PRO T 619 -21.38 -94.19 28.72
N ILE T 620 -21.27 -92.89 29.01
CA ILE T 620 -20.68 -91.94 28.08
C ILE T 620 -19.22 -91.69 28.40
N TRP T 621 -18.91 -91.36 29.64
CA TRP T 621 -17.57 -90.97 30.03
C TRP T 621 -17.20 -91.63 31.34
N ALA T 622 -15.90 -91.67 31.61
CA ALA T 622 -15.37 -92.01 32.92
C ALA T 622 -14.24 -91.05 33.23
N LYS T 623 -14.04 -90.80 34.51
CA LYS T 623 -12.90 -90.01 34.94
C LYS T 623 -11.65 -90.87 34.89
N ILE T 624 -10.63 -90.41 34.17
CA ILE T 624 -9.34 -91.07 34.18
C ILE T 624 -8.76 -90.87 35.57
N PRO T 625 -8.41 -91.93 36.29
CA PRO T 625 -7.84 -91.76 37.62
C PRO T 625 -6.57 -90.93 37.57
N HIS T 626 -6.40 -90.08 38.57
CA HIS T 626 -5.22 -89.22 38.65
C HIS T 626 -4.06 -90.06 39.11
N THR T 627 -3.27 -90.56 38.17
CA THR T 627 -2.14 -91.42 38.47
C THR T 627 -0.92 -90.93 37.69
N ASP T 628 0.24 -91.44 38.09
CA ASP T 628 1.47 -91.13 37.38
C ASP T 628 1.44 -91.64 35.94
N GLY T 629 0.95 -92.86 35.76
CA GLY T 629 0.94 -93.46 34.45
C GLY T 629 -0.38 -94.15 34.17
N ASN T 630 -0.78 -94.09 32.91
CA ASN T 630 -1.87 -94.91 32.41
C ASN T 630 -1.50 -95.33 30.99
N PHE T 631 -2.10 -96.42 30.56
CA PHE T 631 -1.92 -96.90 29.19
C PHE T 631 -3.28 -96.89 28.50
N HIS T 632 -3.37 -96.13 27.41
CA HIS T 632 -4.59 -95.98 26.63
C HIS T 632 -5.78 -95.75 27.55
N PRO T 633 -5.88 -94.57 28.17
CA PRO T 633 -6.90 -94.37 29.20
C PRO T 633 -8.30 -94.25 28.65
N SER T 634 -8.72 -95.23 27.89
CA SER T 634 -10.10 -95.33 27.45
C SER T 634 -10.86 -96.23 28.42
N PRO T 635 -11.99 -95.76 28.96
CA PRO T 635 -12.70 -96.54 29.98
C PRO T 635 -13.08 -97.91 29.45
N LEU T 636 -12.96 -98.93 30.30
CA LEU T 636 -13.12 -100.30 29.83
C LEU T 636 -14.57 -100.65 29.54
N MET T 637 -15.53 -100.10 30.30
CA MET T 637 -16.92 -100.31 29.93
C MET T 637 -17.37 -99.41 28.78
N GLY T 638 -16.43 -98.75 28.12
CA GLY T 638 -16.72 -97.97 26.94
C GLY T 638 -16.93 -96.50 27.26
N GLY T 639 -16.71 -95.68 26.24
CA GLY T 639 -16.94 -94.26 26.36
C GLY T 639 -15.66 -93.46 26.28
N PHE T 640 -15.73 -92.23 26.79
CA PHE T 640 -14.66 -91.27 26.68
C PHE T 640 -13.96 -91.14 28.02
N GLY T 641 -12.65 -91.35 28.02
CA GLY T 641 -11.87 -91.13 29.21
C GLY T 641 -11.49 -89.67 29.32
N LEU T 642 -11.86 -89.04 30.43
CA LEU T 642 -11.63 -87.62 30.64
C LEU T 642 -10.82 -87.40 31.89
N LYS T 643 -9.75 -86.62 31.78
CA LYS T 643 -9.02 -86.19 32.97
C LYS T 643 -9.90 -85.30 33.85
N HIS T 644 -10.69 -84.44 33.21
CA HIS T 644 -11.60 -83.53 33.90
C HIS T 644 -12.99 -83.75 33.34
N PRO T 645 -13.70 -84.77 33.82
CA PRO T 645 -15.00 -85.11 33.28
C PRO T 645 -16.04 -84.07 33.70
N PRO T 646 -17.27 -84.18 33.23
CA PRO T 646 -18.34 -83.33 33.75
C PRO T 646 -18.39 -83.45 35.26
N PRO T 647 -18.38 -82.32 35.97
CA PRO T 647 -18.29 -82.37 37.43
C PRO T 647 -19.52 -83.00 38.05
N GLN T 648 -19.32 -83.65 39.19
CA GLN T 648 -20.45 -84.15 39.95
C GLN T 648 -21.31 -83.00 40.42
N ILE T 649 -22.62 -83.13 40.26
CA ILE T 649 -23.57 -82.13 40.70
C ILE T 649 -24.27 -82.68 41.92
N LEU T 650 -23.96 -82.12 43.08
CA LEU T 650 -24.48 -82.62 44.35
C LEU T 650 -25.66 -81.76 44.76
N ILE T 651 -26.73 -82.40 45.20
CA ILE T 651 -27.95 -81.72 45.57
C ILE T 651 -28.45 -82.29 46.89
N LYS T 652 -28.96 -81.43 47.75
CA LYS T 652 -29.45 -81.84 49.06
C LYS T 652 -30.58 -80.92 49.48
N ASN T 653 -31.58 -81.51 50.13
CA ASN T 653 -32.58 -80.70 50.82
C ASN T 653 -31.95 -80.12 52.07
N THR T 654 -32.01 -78.81 52.21
CA THR T 654 -31.49 -78.18 53.41
C THR T 654 -32.32 -78.63 54.61
N PRO T 655 -31.71 -79.14 55.67
CA PRO T 655 -32.50 -79.58 56.83
C PRO T 655 -33.27 -78.43 57.43
N VAL T 656 -34.54 -78.68 57.72
CA VAL T 656 -35.40 -77.71 58.38
C VAL T 656 -35.77 -78.30 59.75
N PRO T 657 -35.21 -77.79 60.84
CA PRO T 657 -35.49 -78.36 62.15
C PRO T 657 -36.97 -78.24 62.49
N ALA T 658 -37.47 -79.24 63.20
CA ALA T 658 -38.75 -79.10 63.87
C ALA T 658 -38.57 -78.14 65.05
N ASP T 659 -39.63 -77.95 65.81
CA ASP T 659 -39.56 -76.97 66.89
C ASP T 659 -38.53 -77.41 67.92
N PRO T 660 -37.51 -76.61 68.19
CA PRO T 660 -36.53 -76.96 69.21
C PRO T 660 -37.12 -76.79 70.60
N PRO T 661 -36.51 -77.37 71.63
CA PRO T 661 -36.98 -77.14 72.99
C PRO T 661 -36.82 -75.67 73.37
N THR T 662 -37.62 -75.25 74.35
CA THR T 662 -37.57 -73.88 74.81
C THR T 662 -36.45 -73.62 75.81
N THR T 663 -35.74 -74.66 76.23
CA THR T 663 -34.53 -74.52 77.03
C THR T 663 -33.36 -75.02 76.22
N PHE T 664 -32.23 -74.32 76.33
CA PHE T 664 -31.10 -74.60 75.47
C PHE T 664 -30.55 -76.00 75.69
N ASN T 665 -30.28 -76.70 74.59
CA ASN T 665 -29.61 -77.98 74.61
C ASN T 665 -28.48 -77.93 73.59
N GLN T 666 -27.26 -78.27 74.04
CA GLN T 666 -26.10 -78.22 73.17
C GLN T 666 -26.10 -79.31 72.12
N SER T 667 -26.88 -80.36 72.32
CA SER T 667 -26.86 -81.49 71.40
C SER T 667 -27.36 -81.07 70.02
N LYS T 668 -26.79 -81.68 68.99
CA LYS T 668 -27.25 -81.39 67.63
C LYS T 668 -28.71 -81.79 67.49
N LEU T 669 -29.45 -80.99 66.72
CA LEU T 669 -30.86 -81.26 66.53
C LEU T 669 -31.04 -82.50 65.67
N ASN T 670 -31.92 -83.40 66.10
CA ASN T 670 -32.24 -84.59 65.33
C ASN T 670 -33.71 -84.63 64.93
N SER T 671 -34.50 -83.66 65.33
CA SER T 671 -35.91 -83.58 64.98
C SER T 671 -36.04 -82.61 63.80
N PHE T 672 -36.38 -83.14 62.64
CA PHE T 672 -36.46 -82.34 61.43
C PHE T 672 -37.83 -82.49 60.79
N ILE T 673 -38.24 -81.42 60.11
CA ILE T 673 -39.46 -81.47 59.32
C ILE T 673 -39.24 -82.40 58.14
N THR T 674 -40.13 -83.38 57.98
CA THR T 674 -40.02 -84.32 56.87
C THR T 674 -40.24 -83.58 55.57
N GLN T 675 -39.33 -83.76 54.62
CA GLN T 675 -39.25 -82.85 53.50
C GLN T 675 -38.65 -83.56 52.30
N TYR T 676 -39.13 -83.20 51.12
CA TYR T 676 -38.52 -83.64 49.87
C TYR T 676 -38.68 -82.52 48.86
N SER T 677 -37.85 -82.56 47.84
CA SER T 677 -37.90 -81.57 46.78
C SER T 677 -38.11 -82.25 45.44
N THR T 678 -38.74 -81.50 44.54
CA THR T 678 -38.90 -81.93 43.16
C THR T 678 -38.61 -80.74 42.27
N GLY T 679 -38.25 -81.03 41.03
CA GLY T 679 -37.97 -79.97 40.10
C GLY T 679 -37.67 -80.55 38.74
N GLN T 680 -37.23 -79.68 37.85
CA GLN T 680 -36.83 -80.10 36.51
C GLN T 680 -35.32 -79.93 36.36
N VAL T 681 -34.71 -80.85 35.63
CA VAL T 681 -33.30 -80.80 35.32
C VAL T 681 -33.15 -80.82 33.82
N SER T 682 -32.36 -79.91 33.29
CA SER T 682 -32.06 -79.87 31.87
C SER T 682 -30.57 -80.05 31.68
N VAL T 683 -30.19 -80.96 30.79
CA VAL T 683 -28.81 -81.13 30.38
C VAL T 683 -28.75 -81.04 28.87
N GLU T 684 -27.90 -80.15 28.37
CA GLU T 684 -27.70 -79.97 26.95
C GLU T 684 -26.25 -80.32 26.63
N ILE T 685 -26.05 -81.27 25.73
CA ILE T 685 -24.71 -81.66 25.31
C ILE T 685 -24.58 -81.40 23.82
N GLU T 686 -23.53 -80.70 23.43
CA GLU T 686 -23.18 -80.55 22.03
C GLU T 686 -22.15 -81.62 21.67
N TRP T 687 -22.46 -82.40 20.64
CA TRP T 687 -21.58 -83.45 20.17
C TRP T 687 -21.02 -83.06 18.80
N GLU T 688 -19.74 -83.29 18.62
CA GLU T 688 -19.11 -83.14 17.31
C GLU T 688 -19.18 -84.47 16.58
N LEU T 689 -19.48 -84.42 15.29
CA LEU T 689 -19.66 -85.61 14.47
C LEU T 689 -18.50 -85.75 13.50
N GLN T 690 -18.07 -86.99 13.28
CA GLN T 690 -17.16 -87.34 12.21
C GLN T 690 -17.97 -87.94 11.08
N LYS T 691 -18.18 -87.17 10.02
CA LYS T 691 -18.95 -87.67 8.88
C LYS T 691 -18.17 -88.76 8.15
N GLU T 692 -18.90 -89.78 7.71
CA GLU T 692 -18.27 -90.84 6.94
C GLU T 692 -17.98 -90.35 5.53
N ASN T 693 -16.75 -90.53 5.09
CA ASN T 693 -16.34 -90.18 3.74
C ASN T 693 -15.82 -91.47 3.10
N SER T 694 -16.74 -92.25 2.54
CA SER T 694 -16.47 -93.61 2.12
C SER T 694 -16.76 -93.77 0.64
N LYS T 695 -15.87 -94.50 -0.04
CA LYS T 695 -16.06 -94.83 -1.44
C LYS T 695 -16.56 -96.25 -1.63
N ARG T 696 -17.05 -96.87 -0.56
CA ARG T 696 -17.67 -98.18 -0.67
C ARG T 696 -18.83 -98.15 -1.66
N TRP T 697 -18.87 -99.15 -2.54
CA TRP T 697 -19.89 -99.17 -3.57
C TRP T 697 -21.18 -99.79 -3.07
N ASN T 698 -21.10 -100.96 -2.44
CA ASN T 698 -22.28 -101.67 -1.99
C ASN T 698 -22.87 -100.99 -0.75
N PRO T 699 -24.16 -101.19 -0.50
CA PRO T 699 -24.78 -100.56 0.66
C PRO T 699 -24.18 -101.03 1.97
N GLU T 700 -24.16 -100.13 2.95
CA GLU T 700 -23.65 -100.44 4.27
C GLU T 700 -24.70 -101.13 5.12
N ILE T 701 -24.26 -101.71 6.21
CA ILE T 701 -25.16 -102.19 7.25
C ILE T 701 -25.64 -100.99 8.05
N GLN T 702 -26.95 -100.92 8.26
CA GLN T 702 -27.55 -99.84 9.01
C GLN T 702 -28.40 -100.41 10.12
N TYR T 703 -28.47 -99.71 11.23
CA TYR T 703 -29.44 -100.08 12.25
C TYR T 703 -30.84 -99.70 11.75
N THR T 704 -31.75 -100.66 11.80
CA THR T 704 -33.10 -100.43 11.33
C THR T 704 -34.07 -101.11 12.29
N SER T 705 -35.25 -100.53 12.41
CA SER T 705 -36.32 -101.21 13.11
C SER T 705 -36.86 -102.34 12.24
N ASN T 706 -37.40 -103.37 12.89
CA ASN T 706 -37.98 -104.47 12.16
C ASN T 706 -39.25 -104.03 11.46
N TYR T 707 -39.39 -104.43 10.19
CA TYR T 707 -40.55 -104.03 9.42
C TYR T 707 -41.79 -104.82 9.80
N TYR T 708 -41.61 -106.06 10.26
CA TYR T 708 -42.73 -106.95 10.52
C TYR T 708 -43.56 -106.48 11.71
N LYS T 709 -44.83 -106.86 11.71
CA LYS T 709 -45.75 -106.42 12.74
C LYS T 709 -45.38 -106.98 14.11
N SER T 710 -45.80 -106.29 15.15
CA SER T 710 -45.52 -106.72 16.51
C SER T 710 -46.58 -106.16 17.44
N THR T 711 -46.66 -106.74 18.63
CA THR T 711 -47.65 -106.31 19.62
C THR T 711 -47.42 -104.86 20.03
N SER T 712 -46.16 -104.46 20.16
CA SER T 712 -45.81 -103.12 20.60
C SER T 712 -44.69 -102.58 19.72
N VAL T 713 -44.60 -101.26 19.67
CA VAL T 713 -43.51 -100.60 18.97
C VAL T 713 -42.25 -100.69 19.82
N ASP T 714 -41.15 -101.07 19.19
CA ASP T 714 -39.86 -101.09 19.89
C ASP T 714 -39.45 -99.68 20.27
N PHE T 715 -38.89 -99.54 21.46
CA PHE T 715 -38.52 -98.25 22.03
C PHE T 715 -39.73 -97.33 22.14
N ALA T 716 -40.81 -97.88 22.67
CA ALA T 716 -42.02 -97.13 22.96
C ALA T 716 -42.58 -97.63 24.28
N VAL T 717 -43.72 -97.13 24.64
CA VAL T 717 -44.39 -97.57 25.85
C VAL T 717 -45.33 -98.71 25.51
N ASN T 718 -45.62 -99.55 26.49
CA ASN T 718 -46.60 -100.60 26.32
C ASN T 718 -47.97 -100.09 26.77
N THR T 719 -48.94 -100.98 26.92
CA THR T 719 -50.28 -100.58 27.32
C THR T 719 -50.34 -100.05 28.74
N GLU T 720 -49.32 -100.33 29.56
CA GLU T 720 -49.28 -99.87 30.94
C GLU T 720 -48.46 -98.61 31.12
N GLY T 721 -47.94 -98.03 30.03
CA GLY T 721 -47.15 -96.83 30.14
C GLY T 721 -45.69 -97.05 30.44
N VAL T 722 -45.23 -98.29 30.41
CA VAL T 722 -43.84 -98.60 30.73
C VAL T 722 -43.01 -98.47 29.46
N TYR T 723 -42.03 -97.56 29.49
CA TYR T 723 -41.07 -97.47 28.40
C TYR T 723 -40.02 -98.54 28.56
N SER T 724 -39.69 -99.21 27.46
CA SER T 724 -38.70 -100.27 27.47
C SER T 724 -37.76 -100.11 26.30
N GLU T 725 -36.51 -100.50 26.52
CA GLU T 725 -35.52 -100.58 25.45
C GLU T 725 -35.33 -102.06 25.12
N PRO T 726 -35.80 -102.53 23.96
CA PRO T 726 -35.82 -103.98 23.73
C PRO T 726 -34.46 -104.58 23.48
N ARG T 727 -33.49 -103.81 23.00
CA ARG T 727 -32.19 -104.35 22.67
C ARG T 727 -31.13 -103.29 22.95
N PRO T 728 -29.88 -103.68 23.17
CA PRO T 728 -28.80 -102.70 23.25
C PRO T 728 -28.36 -102.32 21.84
N ILE T 729 -28.51 -101.04 21.50
CA ILE T 729 -28.08 -100.56 20.20
C ILE T 729 -26.63 -100.14 20.30
N GLY T 730 -25.76 -100.84 19.60
CA GLY T 730 -24.36 -100.45 19.53
C GLY T 730 -24.18 -99.21 18.70
N THR T 731 -22.97 -98.99 18.22
CA THR T 731 -22.66 -97.78 17.50
C THR T 731 -21.97 -98.06 16.17
N ARG T 732 -21.50 -99.29 15.96
CA ARG T 732 -20.64 -99.62 14.83
C ARG T 732 -21.46 -100.31 13.74
N TYR T 733 -21.93 -99.54 12.78
CA TYR T 733 -22.66 -100.05 11.63
C TYR T 733 -22.01 -99.68 10.31
N LEU T 734 -21.50 -98.46 10.19
CA LEU T 734 -20.73 -98.09 9.03
C LEU T 734 -19.38 -98.78 9.06
N THR T 735 -18.70 -98.77 7.92
CA THR T 735 -17.43 -99.48 7.79
C THR T 735 -16.33 -98.55 7.32
N ARG T 736 -15.11 -98.87 7.73
CA ARG T 736 -13.90 -98.22 7.25
C ARG T 736 -12.88 -99.29 6.89
N ASN T 737 -12.00 -98.95 5.97
CA ASN T 737 -10.82 -99.76 5.76
C ASN T 737 -9.87 -99.60 6.94
N LEU T 738 -9.00 -100.58 7.11
CA LEU T 738 -8.01 -100.49 8.16
C LEU T 738 -6.88 -99.54 7.76
N GLY U 221 42.57 -64.05 41.35
CA GLY U 221 43.72 -63.79 42.20
C GLY U 221 43.99 -64.90 43.21
N VAL U 222 45.26 -65.04 43.58
CA VAL U 222 45.64 -66.06 44.56
C VAL U 222 45.01 -65.77 45.91
N GLY U 223 45.03 -64.51 46.32
CA GLY U 223 44.56 -64.12 47.64
C GLY U 223 43.13 -63.67 47.74
N SER U 224 42.32 -63.90 46.72
CA SER U 224 40.91 -63.50 46.74
C SER U 224 40.02 -64.71 46.53
N SER U 225 38.96 -64.81 47.30
CA SER U 225 38.00 -65.89 47.15
C SER U 225 37.25 -65.77 45.83
N SER U 226 37.05 -66.90 45.17
CA SER U 226 36.32 -66.92 43.91
C SER U 226 34.85 -67.25 44.07
N GLY U 227 34.37 -67.40 45.29
CA GLY U 227 32.96 -67.65 45.52
C GLY U 227 32.70 -67.78 47.00
N ASN U 228 31.42 -67.67 47.34
CA ASN U 228 30.96 -67.72 48.72
C ASN U 228 30.23 -69.02 48.99
N TRP U 229 30.12 -69.34 50.27
CA TRP U 229 29.38 -70.52 50.71
C TRP U 229 27.89 -70.22 50.62
N HIS U 230 27.15 -71.04 49.87
CA HIS U 230 25.73 -70.85 49.65
C HIS U 230 25.02 -72.16 49.94
N CYS U 231 24.67 -72.38 51.20
CA CYS U 231 23.77 -73.46 51.59
C CYS U 231 22.50 -72.81 52.15
N ASP U 232 21.38 -73.10 51.52
CA ASP U 232 20.14 -72.43 51.87
C ASP U 232 19.00 -73.11 51.13
N SER U 233 17.78 -72.84 51.59
CA SER U 233 16.57 -73.20 50.88
C SER U 233 15.58 -72.09 51.06
N THR U 234 15.11 -71.51 49.96
CA THR U 234 14.14 -70.43 49.99
C THR U 234 12.82 -70.94 49.41
N TRP U 235 11.78 -70.90 50.21
CA TRP U 235 10.44 -71.29 49.79
C TRP U 235 9.68 -70.02 49.44
N LEU U 236 9.25 -69.91 48.19
CA LEU U 236 8.58 -68.70 47.72
C LEU U 236 7.45 -69.14 46.78
N GLY U 237 6.22 -69.09 47.29
CA GLY U 237 5.08 -69.46 46.47
C GLY U 237 5.13 -70.93 46.10
N ASP U 238 5.02 -71.20 44.79
CA ASP U 238 5.04 -72.56 44.28
C ASP U 238 6.45 -73.03 43.91
N ARG U 239 7.47 -72.31 44.35
CA ARG U 239 8.85 -72.68 44.11
C ARG U 239 9.59 -72.89 45.42
N VAL U 240 10.54 -73.80 45.41
CA VAL U 240 11.55 -73.88 46.45
C VAL U 240 12.90 -73.94 45.76
N ILE U 241 13.82 -73.08 46.19
CA ILE U 241 15.15 -73.02 45.63
C ILE U 241 16.11 -73.57 46.67
N THR U 242 16.62 -74.77 46.43
CA THR U 242 17.63 -75.35 47.29
C THR U 242 19.01 -75.01 46.71
N THR U 243 19.88 -74.52 47.56
CA THR U 243 21.28 -74.34 47.20
C THR U 243 22.14 -75.01 48.25
N SER U 244 23.14 -75.75 47.79
CA SER U 244 24.00 -76.49 48.69
C SER U 244 25.44 -76.32 48.26
N THR U 245 26.30 -76.07 49.23
CA THR U 245 27.74 -75.96 49.00
C THR U 245 28.44 -77.06 49.77
N ARG U 246 29.43 -77.67 49.16
CA ARG U 246 30.24 -78.69 49.80
C ARG U 246 31.70 -78.44 49.48
N THR U 247 32.57 -78.91 50.36
CA THR U 247 33.99 -78.94 50.10
C THR U 247 34.35 -80.30 49.53
N TRP U 248 35.03 -80.30 48.40
CA TRP U 248 35.43 -81.54 47.74
C TRP U 248 36.94 -81.65 47.72
N ALA U 249 37.41 -82.88 47.51
CA ALA U 249 38.82 -83.15 47.29
C ALA U 249 38.93 -84.08 46.10
N LEU U 250 39.74 -83.68 45.12
CA LEU U 250 39.91 -84.48 43.91
C LEU U 250 41.34 -85.00 43.86
N PRO U 251 41.55 -86.30 43.98
CA PRO U 251 42.89 -86.85 43.81
C PRO U 251 43.23 -86.97 42.34
N THR U 252 44.47 -87.35 42.09
CA THR U 252 44.86 -87.80 40.76
C THR U 252 44.42 -89.25 40.60
N TYR U 253 43.57 -89.52 39.63
CA TYR U 253 43.06 -90.85 39.39
C TYR U 253 43.88 -91.52 38.30
N ASN U 254 44.14 -92.82 38.46
CA ASN U 254 44.75 -93.67 37.45
C ASN U 254 46.15 -93.24 37.06
N ASN U 255 46.79 -92.39 37.86
CA ASN U 255 48.08 -91.80 37.51
C ASN U 255 48.01 -91.10 36.15
N HIS U 256 46.91 -90.37 35.94
CA HIS U 256 46.65 -89.59 34.73
C HIS U 256 46.43 -90.46 33.50
N LEU U 257 46.18 -91.75 33.67
CA LEU U 257 46.07 -92.67 32.55
C LEU U 257 44.64 -93.09 32.30
N TYR U 258 44.34 -93.41 31.05
CA TYR U 258 43.15 -94.16 30.69
C TYR U 258 43.51 -95.63 30.69
N LYS U 259 42.78 -96.42 31.46
CA LYS U 259 43.06 -97.85 31.55
C LYS U 259 41.85 -98.62 31.06
N GLN U 260 42.09 -99.57 30.16
CA GLN U 260 41.06 -100.52 29.81
C GLN U 260 40.81 -101.44 30.99
N ILE U 261 39.54 -101.62 31.35
CA ILE U 261 39.15 -102.48 32.45
C ILE U 261 38.18 -103.52 31.93
N SER U 262 38.28 -104.74 32.43
CA SER U 262 37.47 -105.84 31.94
C SER U 262 37.20 -106.81 33.06
N ASN U 263 36.24 -107.69 32.82
CA ASN U 263 35.94 -108.80 33.71
C ASN U 263 35.38 -109.91 32.85
N GLY U 264 36.01 -111.09 32.90
CA GLY U 264 35.59 -112.22 32.11
C GLY U 264 35.18 -113.40 32.98
N THR U 265 34.86 -114.49 32.31
CA THR U 265 34.44 -115.70 33.00
C THR U 265 35.64 -116.55 33.40
N ALA U 269 34.41 -115.06 37.69
CA ALA U 269 33.19 -114.27 37.49
C ALA U 269 32.24 -114.99 36.52
N THR U 270 30.94 -114.77 36.71
CA THR U 270 29.96 -115.37 35.83
C THR U 270 29.76 -114.49 34.60
N ASN U 271 29.12 -115.06 33.58
CA ASN U 271 28.85 -114.31 32.37
C ASN U 271 27.94 -113.13 32.64
N ASP U 272 27.07 -113.23 33.66
CA ASP U 272 26.17 -112.14 33.99
C ASP U 272 26.91 -110.89 34.45
N ASN U 273 28.15 -111.03 34.92
CA ASN U 273 28.89 -109.92 35.48
C ASN U 273 30.08 -109.51 34.63
N THR U 274 30.17 -109.98 33.39
CA THR U 274 31.27 -109.58 32.53
C THR U 274 31.09 -108.15 32.06
N TYR U 275 32.21 -107.47 31.82
CA TYR U 275 32.15 -106.13 31.28
C TYR U 275 33.46 -105.81 30.58
N PHE U 276 33.39 -104.83 29.68
CA PHE U 276 34.55 -104.19 29.09
C PHE U 276 34.31 -102.70 29.15
N GLY U 277 35.31 -101.96 29.59
CA GLY U 277 35.15 -100.53 29.70
C GLY U 277 36.47 -99.85 29.89
N TYR U 278 36.40 -98.59 30.32
CA TYR U 278 37.60 -97.80 30.50
C TYR U 278 37.52 -97.03 31.81
N SER U 279 38.62 -97.07 32.55
CA SER U 279 38.81 -96.20 33.69
C SER U 279 39.52 -94.94 33.20
N THR U 280 38.99 -93.78 33.57
CA THR U 280 39.57 -92.53 33.13
C THR U 280 40.24 -91.82 34.29
N PRO U 281 41.21 -90.94 34.03
CA PRO U 281 41.79 -90.12 35.09
C PRO U 281 40.90 -88.99 35.58
N TRP U 282 39.66 -88.93 35.11
CA TRP U 282 38.77 -87.83 35.43
C TRP U 282 37.88 -88.18 36.61
N GLY U 283 37.62 -87.20 37.45
CA GLY U 283 36.53 -87.28 38.39
C GLY U 283 35.28 -86.66 37.81
N TYR U 284 34.18 -86.82 38.53
CA TYR U 284 32.93 -86.21 38.10
C TYR U 284 32.12 -85.81 39.32
N PHE U 285 31.32 -84.76 39.16
CA PHE U 285 30.49 -84.26 40.23
C PHE U 285 29.10 -84.87 40.12
N ASP U 286 28.63 -85.44 41.22
CA ASP U 286 27.33 -86.06 41.31
C ASP U 286 26.53 -85.37 42.40
N PHE U 287 25.33 -84.90 42.05
CA PHE U 287 24.38 -84.39 43.03
C PHE U 287 23.01 -84.95 42.72
N ASN U 288 22.97 -86.21 42.33
CA ASN U 288 21.76 -86.89 41.90
C ASN U 288 21.08 -87.63 43.04
N ARG U 289 21.17 -87.10 44.26
CA ARG U 289 20.41 -87.58 45.39
C ARG U 289 19.71 -86.41 46.04
N PHE U 290 18.50 -86.64 46.55
CA PHE U 290 17.70 -85.55 47.07
C PHE U 290 18.33 -84.92 48.30
N HIS U 291 19.02 -85.71 49.13
CA HIS U 291 19.63 -85.13 50.32
C HIS U 291 20.84 -84.27 50.02
N CYS U 292 21.33 -84.28 48.78
CA CYS U 292 22.34 -83.31 48.38
C CYS U 292 21.78 -81.90 48.35
N HIS U 293 20.46 -81.75 48.29
CA HIS U 293 19.81 -80.46 48.13
C HIS U 293 18.82 -80.14 49.22
N PHE U 294 18.10 -81.14 49.73
CA PHE U 294 17.10 -80.93 50.76
C PHE U 294 17.65 -81.38 52.10
N SER U 295 17.62 -80.48 53.07
CA SER U 295 17.79 -80.88 54.45
C SER U 295 16.60 -81.73 54.87
N PRO U 296 16.76 -82.56 55.90
CA PRO U 296 15.61 -83.37 56.35
C PRO U 296 14.40 -82.51 56.71
N ARG U 297 14.62 -81.35 57.33
CA ARG U 297 13.51 -80.46 57.61
C ARG U 297 12.89 -79.90 56.33
N ASP U 298 13.73 -79.56 55.35
CA ASP U 298 13.22 -79.10 54.07
C ASP U 298 12.45 -80.20 53.36
N TRP U 299 12.95 -81.44 53.45
CA TRP U 299 12.22 -82.57 52.90
C TRP U 299 10.86 -82.74 53.57
N GLN U 300 10.82 -82.57 54.90
CA GLN U 300 9.55 -82.62 55.60
C GLN U 300 8.60 -81.54 55.14
N ARG U 301 9.11 -80.31 54.99
CA ARG U 301 8.30 -79.22 54.47
C ARG U 301 7.74 -79.57 53.10
N LEU U 302 8.56 -80.16 52.25
CA LEU U 302 8.13 -80.51 50.90
C LEU U 302 7.05 -81.58 50.91
N ILE U 303 7.29 -82.67 51.64
CA ILE U 303 6.43 -83.84 51.54
C ILE U 303 5.15 -83.71 52.36
N ASN U 304 5.14 -82.87 53.40
CA ASN U 304 3.94 -82.75 54.21
C ASN U 304 2.95 -81.74 53.65
N ASN U 305 3.32 -80.99 52.63
CA ASN U 305 2.51 -79.86 52.20
C ASN U 305 2.28 -79.78 50.70
N ASN U 306 2.88 -80.67 49.91
CA ASN U 306 2.81 -80.57 48.47
C ASN U 306 2.37 -81.91 47.88
N TRP U 307 1.51 -81.83 46.87
CA TRP U 307 1.10 -83.03 46.14
C TRP U 307 2.12 -83.46 45.11
N GLY U 308 3.04 -82.58 44.75
CA GLY U 308 4.03 -82.92 43.75
C GLY U 308 5.11 -81.86 43.68
N PHE U 309 6.19 -82.24 43.02
CA PHE U 309 7.30 -81.33 42.81
C PHE U 309 8.09 -81.83 41.61
N ARG U 310 8.88 -80.93 41.03
CA ARG U 310 9.73 -81.29 39.90
C ARG U 310 10.84 -80.26 39.81
N PRO U 311 12.03 -80.66 39.38
CA PRO U 311 13.10 -79.68 39.17
C PRO U 311 12.79 -78.79 37.97
N LYS U 312 13.22 -77.55 38.06
CA LYS U 312 13.02 -76.58 37.00
C LYS U 312 14.32 -76.15 36.35
N ARG U 313 15.28 -75.71 37.15
CA ARG U 313 16.56 -75.26 36.64
C ARG U 313 17.62 -75.53 37.69
N LEU U 314 18.86 -75.59 37.27
CA LEU U 314 19.96 -75.69 38.21
C LEU U 314 21.09 -74.79 37.79
N SER U 315 21.84 -74.32 38.79
CA SER U 315 23.09 -73.62 38.57
C SER U 315 24.15 -74.32 39.39
N PHE U 316 25.33 -74.46 38.80
CA PHE U 316 26.42 -75.22 39.39
C PHE U 316 27.65 -74.32 39.43
N LYS U 317 28.40 -74.38 40.52
CA LYS U 317 29.58 -73.53 40.66
C LYS U 317 30.72 -74.31 41.27
N LEU U 318 31.91 -74.12 40.69
CA LEU U 318 33.16 -74.58 41.28
C LEU U 318 34.00 -73.36 41.58
N PHE U 319 34.54 -73.28 42.79
CA PHE U 319 35.24 -72.08 43.20
C PHE U 319 36.15 -72.40 44.37
N ASN U 320 36.99 -71.43 44.73
CA ASN U 320 37.97 -71.57 45.80
C ASN U 320 38.82 -72.81 45.58
N ILE U 321 39.28 -72.97 44.35
CA ILE U 321 40.07 -74.13 43.98
C ILE U 321 41.46 -74.00 44.55
N GLN U 322 41.95 -75.06 45.19
CA GLN U 322 43.30 -75.12 45.69
C GLN U 322 43.92 -76.40 45.17
N VAL U 323 44.99 -76.27 44.39
CA VAL U 323 45.75 -77.42 43.91
C VAL U 323 46.98 -77.55 44.79
N LYS U 324 47.16 -78.72 45.38
CA LYS U 324 48.20 -78.92 46.38
C LYS U 324 49.16 -79.99 45.93
N GLU U 325 50.44 -79.73 46.17
CA GLU U 325 51.51 -80.67 45.85
C GLU U 325 51.95 -81.38 47.12
N VAL U 326 52.05 -82.70 47.04
CA VAL U 326 52.50 -83.51 48.17
C VAL U 326 53.79 -84.21 47.79
N THR U 327 54.80 -84.08 48.64
CA THR U 327 56.11 -84.66 48.38
C THR U 327 56.44 -85.75 49.40
N LYS U 333 56.19 -86.55 54.75
CA LYS U 333 55.23 -86.01 53.79
C LYS U 333 54.89 -84.56 54.09
N THR U 334 55.09 -83.70 53.10
CA THR U 334 54.71 -82.29 53.19
C THR U 334 53.76 -81.95 52.07
N ILE U 335 52.74 -81.16 52.39
CA ILE U 335 51.75 -80.70 51.42
C ILE U 335 51.92 -79.20 51.26
N ALA U 336 52.08 -78.76 50.01
CA ALA U 336 52.29 -77.37 49.70
C ALA U 336 51.34 -76.94 48.60
N ASN U 337 51.02 -75.66 48.58
CA ASN U 337 50.23 -75.11 47.48
C ASN U 337 51.04 -75.11 46.20
N ASN U 338 50.36 -75.49 45.10
CA ASN U 338 50.96 -75.38 43.74
C ASN U 338 50.12 -74.29 43.08
N LEU U 339 50.51 -73.03 43.22
CA LEU U 339 49.68 -71.91 42.80
C LEU U 339 49.47 -71.88 41.30
N THR U 340 50.40 -72.42 40.52
CA THR U 340 50.32 -72.37 39.07
C THR U 340 49.70 -73.62 38.47
N SER U 341 49.31 -74.59 39.28
CA SER U 341 48.67 -75.79 38.76
C SER U 341 47.21 -75.54 38.44
N THR U 342 46.69 -76.33 37.51
CA THR U 342 45.32 -76.17 37.06
C THR U 342 44.51 -77.45 37.28
N ILE U 343 43.20 -77.27 37.33
CA ILE U 343 42.25 -78.35 37.17
C ILE U 343 41.51 -78.11 35.87
N GLN U 344 41.04 -79.18 35.26
CA GLN U 344 40.24 -79.10 34.04
C GLN U 344 38.81 -79.50 34.36
N VAL U 345 37.87 -78.66 33.98
CA VAL U 345 36.46 -78.90 34.22
C VAL U 345 35.72 -78.70 32.91
N PHE U 346 34.84 -79.63 32.56
CA PHE U 346 33.92 -79.42 31.46
C PHE U 346 32.64 -80.18 31.74
N THR U 347 31.55 -79.69 31.16
CA THR U 347 30.28 -80.38 31.20
C THR U 347 30.02 -81.05 29.87
N ASP U 348 29.58 -82.30 29.91
CA ASP U 348 29.17 -83.03 28.71
C ASP U 348 27.77 -82.54 28.32
N SER U 349 27.73 -81.30 27.82
CA SER U 349 26.46 -80.64 27.55
C SER U 349 25.75 -81.25 26.34
N GLU U 350 26.51 -81.84 25.43
CA GLU U 350 25.93 -82.52 24.27
C GLU U 350 25.66 -84.00 24.53
N TYR U 351 25.91 -84.48 25.75
CA TYR U 351 25.67 -85.87 26.12
C TYR U 351 26.40 -86.83 25.19
N GLN U 352 27.64 -86.47 24.86
CA GLN U 352 28.47 -87.29 24.00
C GLN U 352 29.27 -88.34 24.75
N LEU U 353 29.31 -88.26 26.02
CA LEU U 353 29.98 -89.26 26.83
C LEU U 353 28.97 -90.26 27.38
N PRO U 354 29.41 -91.48 27.69
CA PRO U 354 28.53 -92.40 28.41
C PRO U 354 28.06 -91.78 29.71
N TYR U 355 26.75 -91.77 29.91
CA TYR U 355 26.14 -91.10 31.06
C TYR U 355 26.09 -92.09 32.21
N VAL U 356 26.98 -91.91 33.18
CA VAL U 356 27.06 -92.83 34.31
C VAL U 356 26.32 -92.31 35.54
N LEU U 357 25.84 -91.07 35.52
CA LEU U 357 24.91 -90.65 36.53
C LEU U 357 23.59 -91.40 36.34
N GLY U 358 22.78 -91.41 37.40
CA GLY U 358 21.56 -92.18 37.31
C GLY U 358 21.76 -93.68 37.40
N SER U 359 22.87 -94.12 37.99
CA SER U 359 23.05 -95.53 38.32
C SER U 359 23.16 -95.74 39.83
N ALA U 360 22.69 -94.76 40.61
CA ALA U 360 22.66 -94.83 42.07
C ALA U 360 24.04 -95.10 42.65
N HIS U 361 25.05 -94.44 42.11
CA HIS U 361 26.42 -94.65 42.55
C HIS U 361 26.75 -93.75 43.74
N GLN U 362 27.70 -94.22 44.54
CA GLN U 362 28.26 -93.39 45.60
C GLN U 362 29.07 -92.25 45.00
N GLY U 363 29.44 -91.30 45.84
CA GLY U 363 30.21 -90.16 45.40
C GLY U 363 29.41 -88.90 45.18
N CYS U 364 28.12 -88.91 45.46
CA CYS U 364 27.33 -87.69 45.40
C CYS U 364 27.76 -86.74 46.51
N LEU U 365 27.27 -85.51 46.41
CA LEU U 365 27.49 -84.55 47.48
C LEU U 365 26.92 -85.12 48.78
N PRO U 366 27.66 -85.02 49.89
CA PRO U 366 27.17 -85.61 51.14
C PRO U 366 25.91 -84.91 51.62
N PRO U 367 25.02 -85.62 52.30
CA PRO U 367 23.82 -84.96 52.84
C PRO U 367 24.14 -83.87 53.84
N PHE U 368 25.20 -84.02 54.63
CA PHE U 368 25.53 -83.04 55.65
C PHE U 368 26.45 -81.98 55.07
N PRO U 369 26.08 -80.70 55.13
CA PRO U 369 26.90 -79.67 54.48
C PRO U 369 28.31 -79.57 55.01
N ALA U 370 28.53 -79.88 56.29
CA ALA U 370 29.88 -79.80 56.86
C ALA U 370 30.78 -80.92 56.37
N ASP U 371 30.25 -81.89 55.62
CA ASP U 371 31.01 -83.07 55.26
C ASP U 371 31.85 -82.80 54.02
N VAL U 372 33.14 -83.12 54.10
CA VAL U 372 34.04 -83.00 52.96
C VAL U 372 34.08 -84.34 52.25
N PHE U 373 33.88 -84.31 50.94
CA PHE U 373 33.74 -85.55 50.18
C PHE U 373 34.79 -85.65 49.08
N MET U 374 35.11 -86.89 48.75
CA MET U 374 36.02 -87.22 47.68
C MET U 374 35.25 -87.37 46.37
N ILE U 375 35.79 -86.79 45.32
CA ILE U 375 35.13 -86.83 44.00
C ILE U 375 35.30 -88.21 43.40
N PRO U 376 34.22 -88.86 42.96
CA PRO U 376 34.35 -90.21 42.39
C PRO U 376 35.06 -90.20 41.05
N GLN U 377 35.72 -91.31 40.74
CA GLN U 377 36.43 -91.43 39.47
C GLN U 377 35.47 -91.79 38.36
N TYR U 378 35.62 -91.12 37.22
CA TYR U 378 34.77 -91.39 36.08
C TYR U 378 35.28 -92.62 35.32
N GLY U 379 34.38 -93.57 35.11
CA GLY U 379 34.64 -94.67 34.23
C GLY U 379 33.36 -95.01 33.49
N TYR U 380 33.49 -95.78 32.41
CA TYR U 380 32.32 -96.13 31.63
C TYR U 380 32.51 -97.51 31.06
N LEU U 381 31.40 -98.09 30.63
CA LEU U 381 31.38 -99.40 30.01
C LEU U 381 30.93 -99.26 28.57
N THR U 382 31.47 -100.13 27.72
CA THR U 382 31.03 -100.20 26.34
C THR U 382 30.66 -101.64 26.04
N LEU U 383 30.44 -101.95 24.77
CA LEU U 383 30.02 -103.32 24.42
C LEU U 383 31.13 -104.30 24.75
N ASN U 384 30.74 -105.44 25.30
CA ASN U 384 31.68 -106.49 25.65
C ASN U 384 31.16 -107.84 25.19
N ASN U 385 32.09 -108.74 24.92
CA ASN U 385 31.82 -110.15 24.67
C ASN U 385 32.72 -110.89 25.66
N GLY U 386 32.17 -111.20 26.83
CA GLY U 386 33.02 -111.65 27.92
C GLY U 386 33.88 -110.50 28.39
N SER U 387 35.18 -110.73 28.50
CA SER U 387 36.12 -109.68 28.85
C SER U 387 36.67 -108.95 27.62
N GLN U 388 36.28 -109.35 26.42
CA GLN U 388 36.79 -108.77 25.21
C GLN U 388 35.87 -107.67 24.71
N ALA U 389 36.45 -106.70 24.02
CA ALA U 389 35.67 -105.71 23.31
C ALA U 389 35.26 -106.24 21.95
N VAL U 390 34.24 -105.62 21.38
CA VAL U 390 33.83 -105.90 20.02
C VAL U 390 34.16 -104.68 19.17
N GLY U 391 34.00 -104.83 17.86
CA GLY U 391 34.29 -103.73 16.97
C GLY U 391 33.42 -102.51 17.21
N ARG U 392 32.24 -102.70 17.78
CA ARG U 392 31.36 -101.58 18.08
C ARG U 392 31.68 -100.92 19.41
N SER U 393 32.61 -101.46 20.18
CA SER U 393 32.98 -100.85 21.44
C SER U 393 33.59 -99.47 21.21
N SER U 394 33.16 -98.50 22.00
CA SER U 394 33.59 -97.13 21.86
C SER U 394 34.59 -96.78 22.94
N PHE U 395 35.69 -96.15 22.54
CA PHE U 395 36.64 -95.58 23.47
C PHE U 395 36.51 -94.07 23.42
N TYR U 396 36.41 -93.44 24.59
CA TYR U 396 36.26 -92.00 24.71
C TYR U 396 37.45 -91.43 25.46
N CYS U 397 38.11 -90.46 24.84
CA CYS U 397 39.12 -89.66 25.51
C CYS U 397 38.47 -88.38 25.99
N LEU U 398 38.46 -88.17 27.30
CA LEU U 398 37.82 -86.97 27.83
C LEU U 398 38.66 -85.73 27.60
N GLU U 399 39.96 -85.88 27.34
CA GLU U 399 40.78 -84.76 26.91
C GLU U 399 40.40 -84.30 25.51
N TYR U 400 39.69 -85.12 24.75
CA TYR U 400 39.21 -84.74 23.44
C TYR U 400 38.02 -83.79 23.50
N PHE U 401 37.70 -83.29 24.66
CA PHE U 401 36.64 -82.31 24.84
C PHE U 401 37.24 -80.96 25.21
N PRO U 402 36.58 -79.86 24.84
CA PRO U 402 37.01 -78.55 25.36
C PRO U 402 36.74 -78.47 26.85
N SER U 403 37.79 -78.18 27.61
CA SER U 403 37.68 -78.06 29.06
C SER U 403 38.19 -76.69 29.49
N GLN U 404 37.53 -76.12 30.48
CA GLN U 404 38.05 -74.92 31.11
C GLN U 404 39.14 -75.33 32.09
N MET U 405 40.30 -74.71 31.98
CA MET U 405 41.38 -74.93 32.93
C MET U 405 41.37 -73.83 33.97
N LEU U 406 41.47 -74.21 35.23
CA LEU U 406 41.28 -73.29 36.34
C LEU U 406 42.50 -73.31 37.23
N ARG U 407 43.09 -72.15 37.46
CA ARG U 407 44.07 -72.01 38.51
C ARG U 407 43.35 -71.66 39.81
N THR U 408 44.12 -71.41 40.87
CA THR U 408 43.53 -71.23 42.19
C THR U 408 42.61 -70.01 42.24
N GLY U 409 42.83 -69.03 41.37
CA GLY U 409 41.98 -67.86 41.34
C GLY U 409 40.77 -67.95 40.46
N ASN U 410 40.62 -69.03 39.71
CA ASN U 410 39.54 -69.16 38.75
C ASN U 410 38.35 -69.90 39.37
N ASN U 411 37.19 -69.68 38.78
CA ASN U 411 35.99 -70.41 39.16
C ASN U 411 35.28 -70.88 37.90
N PHE U 412 34.46 -71.91 38.08
CA PHE U 412 33.70 -72.51 37.00
C PHE U 412 32.23 -72.47 37.36
N GLN U 413 31.38 -72.18 36.39
CA GLN U 413 29.95 -72.20 36.65
C GLN U 413 29.20 -72.45 35.36
N PHE U 414 28.04 -73.08 35.50
CA PHE U 414 27.14 -73.24 34.38
C PHE U 414 25.72 -73.36 34.92
N THR U 415 24.76 -73.06 34.06
CA THR U 415 23.35 -73.18 34.38
C THR U 415 22.71 -74.19 33.46
N TYR U 416 21.68 -74.85 33.96
CA TYR U 416 20.98 -75.88 33.21
C TYR U 416 19.49 -75.74 33.50
N THR U 417 18.67 -75.92 32.46
CA THR U 417 17.24 -75.88 32.59
C THR U 417 16.68 -77.28 32.38
N PHE U 418 15.93 -77.77 33.34
CA PHE U 418 15.27 -79.06 33.21
C PHE U 418 14.18 -78.98 32.14
N GLU U 419 14.04 -80.05 31.37
CA GLU U 419 12.94 -80.14 30.44
C GLU U 419 11.63 -80.26 31.21
N ASP U 420 10.52 -80.04 30.51
CA ASP U 420 9.22 -80.20 31.13
C ASP U 420 9.01 -81.65 31.51
N VAL U 421 9.07 -81.95 32.81
CA VAL U 421 8.95 -83.30 33.31
C VAL U 421 7.67 -83.34 34.15
N PRO U 422 6.97 -84.47 34.23
CA PRO U 422 5.78 -84.51 35.08
C PRO U 422 6.16 -84.35 36.55
N PHE U 423 5.24 -83.75 37.30
CA PHE U 423 5.41 -83.68 38.75
C PHE U 423 5.50 -85.07 39.33
N HIS U 424 6.44 -85.27 40.25
CA HIS U 424 6.44 -86.51 41.01
C HIS U 424 5.22 -86.56 41.91
N SER U 425 4.58 -87.72 41.96
CA SER U 425 3.38 -87.89 42.77
C SER U 425 3.79 -87.96 44.23
N SER U 426 3.78 -86.80 44.89
CA SER U 426 4.10 -86.73 46.32
C SER U 426 2.85 -86.93 47.17
N TYR U 427 2.11 -88.00 46.86
CA TYR U 427 0.84 -88.27 47.52
C TYR U 427 0.55 -89.75 47.40
N ALA U 428 -0.26 -90.24 48.32
CA ALA U 428 -0.82 -91.57 48.22
C ALA U 428 -2.31 -91.46 47.97
N HIS U 429 -2.85 -92.39 47.19
CA HIS U 429 -4.26 -92.34 46.88
C HIS U 429 -5.10 -92.75 48.09
N SER U 430 -6.12 -91.98 48.39
CA SER U 430 -7.05 -92.29 49.47
C SER U 430 -8.20 -93.15 48.99
N GLN U 431 -8.18 -93.56 47.74
CA GLN U 431 -9.16 -94.49 47.19
C GLN U 431 -8.41 -95.62 46.49
N SER U 432 -9.02 -96.80 46.51
CA SER U 432 -8.49 -97.93 45.78
C SER U 432 -9.13 -98.00 44.40
N LEU U 433 -8.40 -98.57 43.45
CA LEU U 433 -8.88 -98.64 42.07
C LEU U 433 -10.15 -99.47 41.95
N ASP U 434 -10.29 -100.50 42.77
CA ASP U 434 -11.46 -101.36 42.75
C ASP U 434 -12.57 -100.85 43.66
N ARG U 435 -12.43 -99.66 44.23
CA ARG U 435 -13.40 -99.08 45.13
C ARG U 435 -13.72 -97.65 44.73
N LEU U 436 -13.87 -97.40 43.44
CA LEU U 436 -14.16 -96.07 42.93
C LEU U 436 -15.66 -95.82 42.77
N MET U 437 -16.48 -96.81 43.07
CA MET U 437 -17.90 -96.74 42.84
C MET U 437 -18.67 -96.22 44.05
N ASN U 438 -19.89 -95.80 43.80
CA ASN U 438 -20.80 -95.40 44.85
C ASN U 438 -21.24 -96.64 45.63
N PRO U 439 -20.99 -96.70 46.93
CA PRO U 439 -21.34 -97.89 47.71
C PRO U 439 -22.81 -98.00 48.09
N LEU U 440 -23.67 -97.11 47.58
CA LEU U 440 -25.08 -97.15 47.91
C LEU U 440 -25.98 -97.53 46.75
N ILE U 441 -25.48 -97.45 45.53
CA ILE U 441 -26.30 -97.60 44.32
C ILE U 441 -25.85 -98.84 43.58
N ASP U 442 -26.83 -99.61 43.10
CA ASP U 442 -26.52 -100.73 42.23
C ASP U 442 -26.07 -100.23 40.86
N GLN U 443 -25.36 -101.10 40.15
CA GLN U 443 -25.07 -100.85 38.76
C GLN U 443 -26.24 -101.24 37.89
N TYR U 444 -26.42 -100.54 36.78
CA TYR U 444 -27.39 -100.99 35.80
C TYR U 444 -26.85 -102.09 34.92
N LEU U 445 -25.54 -102.32 34.94
CA LEU U 445 -24.94 -103.41 34.19
C LEU U 445 -25.07 -104.71 34.98
N TYR U 446 -25.22 -105.80 34.25
CA TYR U 446 -25.32 -107.13 34.83
C TYR U 446 -24.01 -107.89 34.63
N TYR U 447 -23.76 -108.84 35.52
CA TYR U 447 -22.66 -109.76 35.37
C TYR U 447 -23.21 -111.18 35.49
N LEU U 448 -22.52 -112.12 34.86
CA LEU U 448 -22.88 -113.52 34.99
C LEU U 448 -22.63 -113.96 36.43
N SER U 449 -23.71 -114.19 37.17
CA SER U 449 -23.59 -114.50 38.59
C SER U 449 -23.65 -115.98 38.90
N ARG U 450 -24.34 -116.76 38.08
CA ARG U 450 -24.38 -118.20 38.28
C ARG U 450 -24.43 -118.92 36.93
N THR U 451 -23.79 -120.08 36.86
CA THR U 451 -23.86 -120.93 35.69
C THR U 451 -24.53 -122.27 35.99
N GLN U 452 -24.99 -122.49 37.22
CA GLN U 452 -25.59 -123.74 37.62
C GLN U 452 -26.76 -123.46 38.55
N THR U 453 -27.84 -124.20 38.38
CA THR U 453 -29.04 -124.01 39.19
C THR U 453 -28.80 -124.36 40.66
N ASN U 459 -28.16 -130.45 40.21
CA ASN U 459 -28.26 -129.14 39.58
C ASN U 459 -27.82 -129.20 38.13
N THR U 460 -28.40 -128.35 37.30
CA THR U 460 -28.15 -128.32 35.88
C THR U 460 -27.57 -126.98 35.46
N GLN U 461 -27.12 -126.91 34.22
CA GLN U 461 -26.58 -125.67 33.69
C GLN U 461 -27.67 -124.62 33.54
N THR U 462 -27.29 -123.38 33.79
CA THR U 462 -28.19 -122.24 33.64
C THR U 462 -27.34 -121.00 33.43
N LEU U 463 -28.00 -119.88 33.18
CA LEU U 463 -27.33 -118.58 33.08
C LEU U 463 -28.10 -117.61 33.96
N GLY U 464 -27.54 -117.29 35.12
CA GLY U 464 -28.11 -116.31 36.03
C GLY U 464 -27.26 -115.05 36.01
N PHE U 465 -27.93 -113.91 35.92
CA PHE U 465 -27.26 -112.62 35.83
C PHE U 465 -27.74 -111.73 36.98
N SER U 466 -26.81 -111.05 37.61
CA SER U 466 -27.12 -110.16 38.72
C SER U 466 -26.51 -108.80 38.45
N GLN U 467 -27.07 -107.78 39.09
CA GLN U 467 -26.53 -106.44 39.01
C GLN U 467 -25.51 -106.25 40.11
N GLY U 468 -24.33 -105.75 39.73
CA GLY U 468 -23.32 -105.41 40.71
C GLY U 468 -23.82 -104.34 41.66
N GLY U 469 -23.61 -104.55 42.95
CA GLY U 469 -24.10 -103.62 43.94
C GLY U 469 -23.13 -103.46 45.09
N PRO U 470 -23.61 -102.84 46.17
CA PRO U 470 -22.72 -102.60 47.32
C PRO U 470 -22.13 -103.86 47.92
N ASN U 471 -22.81 -105.00 47.81
CA ASN U 471 -22.32 -106.22 48.41
C ASN U 471 -21.48 -107.06 47.46
N THR U 472 -21.82 -107.07 46.17
CA THR U 472 -21.03 -107.78 45.17
C THR U 472 -20.08 -106.82 44.46
N MET U 473 -19.25 -106.18 45.28
CA MET U 473 -18.40 -105.10 44.78
C MET U 473 -17.24 -105.65 43.94
N ALA U 474 -16.82 -106.89 44.20
CA ALA U 474 -15.80 -107.51 43.38
C ALA U 474 -16.32 -107.86 41.99
N ASN U 475 -17.63 -108.02 41.82
CA ASN U 475 -18.21 -108.38 40.54
C ASN U 475 -18.60 -107.18 39.68
N GLN U 476 -18.53 -105.96 40.23
CA GLN U 476 -19.02 -104.81 39.51
C GLN U 476 -18.18 -104.53 38.27
N ALA U 477 -18.85 -104.05 37.23
CA ALA U 477 -18.14 -103.57 36.06
C ALA U 477 -17.30 -102.35 36.43
N LYS U 478 -16.07 -102.33 35.93
CA LYS U 478 -15.12 -101.28 36.27
C LYS U 478 -14.44 -100.79 35.01
N ASN U 479 -13.96 -99.56 35.07
CA ASN U 479 -13.37 -98.90 33.91
C ASN U 479 -11.87 -99.06 33.80
N TRP U 480 -11.19 -99.48 34.86
CA TRP U 480 -9.74 -99.41 34.91
C TRP U 480 -9.16 -100.68 35.48
N LEU U 481 -7.90 -100.92 35.16
CA LEU U 481 -7.15 -102.07 35.61
C LEU U 481 -5.92 -101.63 36.39
N PRO U 482 -5.46 -102.43 37.34
CA PRO U 482 -4.23 -102.09 38.05
C PRO U 482 -3.03 -102.12 37.11
N GLY U 483 -2.01 -101.37 37.47
CA GLY U 483 -0.81 -101.26 36.68
C GLY U 483 -0.14 -102.59 36.40
N PRO U 484 0.88 -102.56 35.57
CA PRO U 484 1.51 -103.81 35.13
C PRO U 484 2.27 -104.49 36.26
N CYS U 485 2.47 -105.79 36.08
CA CYS U 485 3.06 -106.64 37.10
C CYS U 485 4.24 -107.41 36.52
N TYR U 486 5.30 -107.53 37.31
CA TYR U 486 6.45 -108.39 37.00
C TYR U 486 6.83 -109.07 38.31
N ARG U 487 6.22 -110.21 38.59
CA ARG U 487 6.15 -110.72 39.95
C ARG U 487 7.53 -111.01 40.53
N GLN U 488 7.72 -110.59 41.77
CA GLN U 488 8.94 -110.81 42.53
C GLN U 488 8.71 -111.84 43.62
N GLN U 489 9.78 -112.53 44.00
CA GLN U 489 9.70 -113.46 45.12
C GLN U 489 9.52 -112.71 46.42
N ARG U 490 8.72 -113.26 47.32
CA ARG U 490 8.44 -112.65 48.60
C ARG U 490 9.46 -113.09 49.63
N VAL U 491 10.02 -112.13 50.35
CA VAL U 491 10.98 -112.40 51.42
C VAL U 491 10.44 -111.78 52.70
N SER U 492 10.50 -112.53 53.79
CA SER U 492 10.04 -112.04 55.08
C SER U 492 11.23 -111.52 55.88
N THR U 493 11.06 -110.35 56.50
CA THR U 493 12.08 -109.86 57.41
C THR U 493 12.19 -110.72 58.65
N THR U 494 11.14 -111.48 58.97
CA THR U 494 11.22 -112.54 59.97
C THR U 494 11.83 -113.76 59.28
N THR U 495 13.13 -113.96 59.49
CA THR U 495 13.88 -114.91 58.68
C THR U 495 13.35 -116.34 58.84
N GLY U 496 12.80 -116.67 60.01
CA GLY U 496 12.25 -118.00 60.23
C GLY U 496 11.12 -118.35 59.28
N GLN U 497 10.43 -117.34 58.74
CA GLN U 497 9.37 -117.59 57.78
C GLN U 497 9.88 -117.79 56.36
N ASN U 498 11.17 -117.60 56.12
CA ASN U 498 11.73 -117.77 54.79
C ASN U 498 12.19 -119.20 54.58
N ASN U 499 12.26 -119.59 53.30
CA ASN U 499 12.79 -120.90 52.96
C ASN U 499 14.26 -120.99 53.35
N ASN U 500 14.65 -122.13 53.89
CA ASN U 500 16.02 -122.35 54.32
C ASN U 500 16.88 -122.71 53.10
N SER U 501 17.14 -121.69 52.29
CA SER U 501 17.98 -121.83 51.12
C SER U 501 18.50 -120.46 50.73
N ASN U 502 19.54 -120.44 49.92
CA ASN U 502 20.11 -119.20 49.41
C ASN U 502 19.48 -118.94 48.03
N PHE U 503 18.39 -118.18 48.03
CA PHE U 503 17.61 -117.96 46.82
C PHE U 503 17.59 -116.50 46.37
N ALA U 504 18.47 -115.66 46.90
CA ALA U 504 18.45 -114.25 46.52
C ALA U 504 18.68 -114.09 45.02
N TRP U 505 19.59 -114.87 44.46
CA TRP U 505 19.86 -114.82 43.03
C TRP U 505 19.07 -115.86 42.25
N THR U 506 19.02 -117.11 42.73
CA THR U 506 18.35 -118.17 42.00
C THR U 506 16.86 -117.90 41.85
N ALA U 507 16.22 -117.41 42.90
CA ALA U 507 14.81 -117.03 42.84
C ALA U 507 14.63 -115.56 42.53
N GLY U 508 15.70 -114.84 42.24
CA GLY U 508 15.57 -113.43 41.93
C GLY U 508 14.79 -113.20 40.65
N THR U 509 14.06 -112.09 40.63
CA THR U 509 13.30 -111.71 39.44
C THR U 509 14.24 -110.97 38.50
N LYS U 510 14.42 -111.52 37.30
CA LYS U 510 15.48 -111.10 36.41
C LYS U 510 14.94 -110.80 35.04
N TYR U 511 15.71 -110.01 34.29
CA TYR U 511 15.52 -109.89 32.85
C TYR U 511 16.74 -110.46 32.14
N HIS U 512 16.53 -110.84 30.90
CA HIS U 512 17.55 -111.51 30.08
C HIS U 512 17.90 -110.58 28.92
N LEU U 513 19.18 -110.25 28.80
CA LEU U 513 19.64 -109.35 27.75
C LEU U 513 20.97 -109.86 27.21
N ASN U 514 20.98 -110.23 25.92
CA ASN U 514 22.18 -110.69 25.23
C ASN U 514 22.85 -111.83 26.01
N GLY U 515 22.06 -112.82 26.39
CA GLY U 515 22.57 -113.96 27.13
C GLY U 515 23.06 -113.65 28.52
N ARG U 516 22.77 -112.47 29.04
CA ARG U 516 23.20 -112.05 30.37
C ARG U 516 21.97 -111.87 31.23
N ASN U 517 22.00 -112.41 32.44
CA ASN U 517 20.91 -112.27 33.38
C ASN U 517 21.22 -111.14 34.35
N SER U 518 20.28 -110.23 34.50
CA SER U 518 20.40 -109.11 35.43
C SER U 518 19.12 -109.05 36.25
N LEU U 519 19.27 -108.77 37.54
CA LEU U 519 18.09 -108.59 38.38
C LEU U 519 17.24 -107.44 37.88
N ALA U 520 15.92 -107.66 37.87
CA ALA U 520 14.97 -106.58 37.64
C ALA U 520 14.83 -105.82 38.95
N ASN U 521 15.84 -105.02 39.24
CA ASN U 521 16.05 -104.43 40.55
C ASN U 521 16.09 -102.92 40.44
N PRO U 522 15.14 -102.18 41.03
CA PRO U 522 14.02 -102.74 41.79
C PRO U 522 12.84 -103.13 40.91
N GLY U 523 13.00 -103.02 39.61
CA GLY U 523 11.93 -103.38 38.70
C GLY U 523 10.84 -102.32 38.65
N ILE U 524 9.72 -102.71 38.04
CA ILE U 524 8.61 -101.79 37.87
C ILE U 524 7.98 -101.47 39.22
N ALA U 525 7.35 -100.31 39.31
CA ALA U 525 6.74 -99.85 40.55
C ALA U 525 5.56 -100.74 40.89
N MET U 526 5.71 -101.54 41.93
CA MET U 526 4.63 -102.35 42.48
C MET U 526 4.61 -102.17 43.98
N ALA U 527 3.42 -102.36 44.56
CA ALA U 527 3.28 -102.27 46.01
C ALA U 527 4.17 -103.31 46.68
N THR U 528 4.90 -102.87 47.70
CA THR U 528 5.84 -103.76 48.38
C THR U 528 5.13 -104.95 49.01
N HIS U 529 3.97 -104.71 49.61
CA HIS U 529 3.22 -105.74 50.29
C HIS U 529 1.76 -105.30 50.34
N LYS U 530 0.90 -106.23 50.67
CA LYS U 530 -0.51 -105.91 50.84
C LYS U 530 -0.78 -105.54 52.30
N ASP U 531 -2.05 -105.42 52.65
CA ASP U 531 -2.41 -105.01 54.00
C ASP U 531 -1.91 -105.99 55.04
N ASP U 532 -1.36 -105.45 56.13
CA ASP U 532 -0.93 -106.23 57.30
C ASP U 532 0.18 -107.22 56.96
N GLU U 533 1.02 -106.89 55.99
CA GLU U 533 2.14 -107.75 55.59
C GLU U 533 3.41 -106.93 55.45
N GLU U 534 3.64 -106.01 56.38
CA GLU U 534 4.81 -105.13 56.30
C GLU U 534 6.11 -105.90 56.38
N ARG U 535 6.10 -107.08 57.00
CA ARG U 535 7.32 -107.88 57.11
C ARG U 535 7.77 -108.46 55.78
N PHE U 536 6.91 -108.45 54.76
CA PHE U 536 7.23 -109.02 53.46
C PHE U 536 7.70 -107.95 52.51
N PHE U 537 8.71 -108.27 51.71
CA PHE U 537 9.17 -107.39 50.67
C PHE U 537 9.59 -108.22 49.46
N PRO U 538 9.45 -107.66 48.26
CA PRO U 538 10.00 -108.33 47.07
C PRO U 538 11.51 -108.46 47.18
N SER U 539 12.03 -109.60 46.72
CA SER U 539 13.44 -109.92 46.97
C SER U 539 14.37 -108.88 46.35
N ASN U 540 14.08 -108.43 45.14
CA ASN U 540 14.83 -107.35 44.51
C ASN U 540 13.88 -106.33 43.91
N GLY U 541 12.86 -105.95 44.68
CA GLY U 541 11.84 -105.06 44.17
C GLY U 541 11.65 -103.78 44.95
N ILE U 542 12.59 -103.46 45.85
CA ILE U 542 12.54 -102.25 46.64
C ILE U 542 13.92 -101.61 46.67
N LEU U 543 13.94 -100.31 46.92
CA LEU U 543 15.20 -99.63 47.21
C LEU U 543 15.60 -99.94 48.64
N ILE U 544 16.85 -100.34 48.82
CA ILE U 544 17.39 -100.66 50.14
C ILE U 544 18.55 -99.71 50.38
N PHE U 545 18.42 -98.84 51.36
CA PHE U 545 19.48 -97.94 51.76
C PHE U 545 20.20 -98.50 52.97
N GLY U 546 21.50 -98.24 53.04
CA GLY U 546 22.29 -98.68 54.17
C GLY U 546 22.28 -97.62 55.27
N LYS U 547 22.21 -98.10 56.50
CA LYS U 547 22.42 -97.21 57.63
C LYS U 547 23.89 -96.78 57.66
N GLN U 548 24.17 -95.75 58.45
CA GLN U 548 25.54 -95.27 58.56
C GLN U 548 26.45 -96.39 59.04
N ASN U 549 27.61 -96.52 58.39
CA ASN U 549 28.61 -97.54 58.69
C ASN U 549 28.11 -98.95 58.42
N ALA U 550 27.13 -99.10 57.52
CA ALA U 550 26.73 -100.42 57.09
C ALA U 550 27.81 -101.03 56.21
N ALA U 551 28.02 -102.34 56.35
CA ALA U 551 29.04 -103.02 55.57
C ALA U 551 28.67 -103.00 54.08
N ARG U 552 29.70 -102.93 53.25
CA ARG U 552 29.48 -103.00 51.80
C ARG U 552 28.89 -104.33 51.38
N ASP U 553 29.41 -105.42 51.95
CA ASP U 553 28.96 -106.77 51.60
C ASP U 553 28.34 -107.44 52.81
N ASN U 554 27.21 -108.13 52.59
CA ASN U 554 26.56 -108.93 53.60
C ASN U 554 26.25 -108.12 54.86
N ALA U 555 25.69 -106.93 54.67
CA ALA U 555 25.17 -106.18 55.79
C ALA U 555 23.92 -106.85 56.33
N ASP U 556 23.80 -106.90 57.64
CA ASP U 556 22.63 -107.50 58.26
C ASP U 556 21.40 -106.65 58.03
N TYR U 557 20.23 -107.26 58.23
CA TYR U 557 18.99 -106.52 58.04
C TYR U 557 18.91 -105.31 58.96
N SER U 558 19.52 -105.39 60.14
CA SER U 558 19.52 -104.26 61.06
C SER U 558 20.41 -103.12 60.57
N ASP U 559 21.30 -103.38 59.62
CA ASP U 559 22.20 -102.36 59.09
C ASP U 559 21.67 -101.69 57.83
N VAL U 560 20.51 -102.10 57.32
CA VAL U 560 19.97 -101.55 56.10
C VAL U 560 18.59 -100.98 56.38
N MET U 561 18.13 -100.14 55.47
CA MET U 561 16.85 -99.45 55.58
C MET U 561 16.01 -99.84 54.38
N LEU U 562 15.04 -100.72 54.60
CA LEU U 562 14.15 -101.13 53.52
C LEU U 562 13.11 -100.05 53.27
N THR U 563 12.95 -99.67 52.01
CA THR U 563 11.84 -98.81 51.64
C THR U 563 10.58 -99.64 51.43
N SER U 564 9.44 -98.97 51.42
CA SER U 564 8.17 -99.64 51.18
C SER U 564 7.33 -98.80 50.24
N GLU U 565 6.85 -99.43 49.18
CA GLU U 565 5.92 -98.78 48.23
C GLU U 565 4.49 -99.19 48.51
N GLU U 566 4.12 -99.37 49.77
CA GLU U 566 2.77 -99.78 50.10
C GLU U 566 1.74 -98.71 49.77
N GLU U 567 2.16 -97.46 49.59
CA GLU U 567 1.20 -96.40 49.27
C GLU U 567 0.55 -96.62 47.91
N ILE U 568 1.17 -97.37 47.02
CA ILE U 568 0.63 -97.60 45.69
C ILE U 568 -0.17 -98.90 45.62
N LYS U 569 -0.51 -99.50 46.76
CA LYS U 569 -1.41 -100.63 46.78
C LYS U 569 -2.73 -100.30 46.08
N THR U 570 -3.14 -99.04 46.15
CA THR U 570 -4.45 -98.64 45.63
C THR U 570 -4.52 -98.77 44.13
N THR U 571 -3.40 -98.69 43.45
CA THR U 571 -3.39 -98.71 42.00
C THR U 571 -2.45 -99.75 41.42
N ASN U 572 -1.31 -99.99 42.06
CA ASN U 572 -0.37 -100.96 41.53
C ASN U 572 -0.55 -102.31 42.22
N PRO U 573 -0.40 -103.40 41.48
CA PRO U 573 -0.46 -104.73 42.11
C PRO U 573 0.70 -104.93 43.07
N VAL U 574 0.47 -105.78 44.05
CA VAL U 574 1.52 -106.11 45.01
C VAL U 574 2.64 -106.84 44.30
N ALA U 575 3.88 -106.45 44.61
CA ALA U 575 5.03 -106.94 43.87
C ALA U 575 5.19 -108.45 43.97
N THR U 576 4.74 -109.04 45.07
CA THR U 576 4.94 -110.47 45.32
C THR U 576 3.70 -111.29 45.02
N GLU U 577 2.66 -110.68 44.47
CA GLU U 577 1.43 -111.38 44.16
C GLU U 577 1.24 -111.41 42.65
N GLU U 578 0.39 -112.32 42.20
CA GLU U 578 0.03 -112.37 40.80
C GLU U 578 -0.81 -111.18 40.40
N TYR U 579 -0.72 -110.81 39.12
CA TYR U 579 -1.53 -109.71 38.62
C TYR U 579 -3.02 -110.06 38.67
N GLY U 580 -3.35 -111.28 38.28
CA GLY U 580 -4.74 -111.67 38.22
C GLY U 580 -4.87 -113.07 37.67
N ILE U 581 -6.08 -113.38 37.21
CA ILE U 581 -6.43 -114.71 36.74
C ILE U 581 -7.02 -114.59 35.35
N VAL U 582 -6.56 -115.44 34.43
CA VAL U 582 -7.13 -115.51 33.09
C VAL U 582 -7.54 -116.95 32.82
N ALA U 583 -8.45 -117.10 31.85
CA ALA U 583 -8.85 -118.42 31.41
C ALA U 583 -7.71 -119.11 30.67
N ASP U 584 -7.55 -120.40 30.90
CA ASP U 584 -6.51 -121.17 30.27
C ASP U 584 -7.03 -122.14 29.22
N ASN U 585 -8.35 -122.29 29.08
CA ASN U 585 -8.92 -123.23 28.14
C ASN U 585 -10.30 -122.76 27.75
N LEU U 586 -11.02 -123.59 27.01
CA LEU U 586 -12.42 -123.35 26.66
C LEU U 586 -13.25 -124.41 27.37
N GLN U 587 -14.03 -123.99 28.36
CA GLN U 587 -14.87 -124.93 29.08
C GLN U 587 -15.99 -125.44 28.19
N GLN U 588 -16.28 -126.73 28.33
CA GLN U 588 -17.40 -127.38 27.68
C GLN U 588 -18.14 -128.20 28.72
N GLN U 589 -19.21 -128.87 28.31
CA GLN U 589 -19.94 -129.73 29.22
C GLN U 589 -19.08 -130.89 29.72
N ASN U 590 -18.00 -131.20 29.02
CA ASN U 590 -17.10 -132.28 29.43
C ASN U 590 -15.77 -131.79 29.99
N THR U 591 -15.41 -130.53 29.77
CA THR U 591 -14.13 -129.99 30.25
C THR U 591 -14.43 -128.84 31.20
N ALA U 592 -14.01 -129.00 32.46
CA ALA U 592 -14.18 -127.93 33.43
C ALA U 592 -13.28 -126.75 33.08
N PRO U 593 -13.73 -125.52 33.35
CA PRO U 593 -12.89 -124.36 33.05
C PRO U 593 -11.61 -124.37 33.86
N GLN U 594 -10.53 -123.99 33.22
CA GLN U 594 -9.22 -123.90 33.85
C GLN U 594 -8.76 -122.44 33.87
N ILE U 595 -8.06 -122.07 34.93
CA ILE U 595 -7.62 -120.70 35.10
C ILE U 595 -6.09 -120.67 35.12
N GLY U 596 -5.55 -119.59 34.57
CA GLY U 596 -4.12 -119.36 34.57
C GLY U 596 -3.79 -118.17 35.47
N THR U 597 -2.72 -118.30 36.22
CA THR U 597 -2.26 -117.24 37.11
C THR U 597 -1.30 -116.34 36.36
N VAL U 598 -1.63 -115.05 36.28
CA VAL U 598 -0.83 -114.09 35.54
C VAL U 598 0.23 -113.55 36.49
N ASN U 599 1.46 -114.01 36.34
CA ASN U 599 2.58 -113.55 37.14
C ASN U 599 3.37 -112.44 36.48
N SER U 600 3.08 -112.13 35.22
CA SER U 600 3.72 -111.04 34.51
C SER U 600 2.72 -110.47 33.54
N GLN U 601 2.40 -109.19 33.68
CA GLN U 601 1.39 -108.55 32.86
C GLN U 601 1.96 -107.26 32.31
N GLY U 602 2.08 -107.18 30.99
CA GLY U 602 2.45 -105.95 30.34
C GLY U 602 1.28 -105.00 30.25
N ALA U 603 1.53 -103.87 29.60
CA ALA U 603 0.53 -102.81 29.55
C ALA U 603 -0.75 -103.28 28.86
N LEU U 604 -1.88 -103.02 29.51
CA LEU U 604 -3.19 -103.26 28.95
C LEU U 604 -3.95 -101.93 28.90
N PRO U 605 -4.83 -101.76 27.92
CA PRO U 605 -5.64 -100.53 27.88
C PRO U 605 -6.50 -100.41 29.12
N GLY U 606 -6.66 -99.19 29.60
CA GLY U 606 -7.36 -98.95 30.83
C GLY U 606 -6.54 -99.16 32.09
N MET U 607 -5.28 -99.53 31.96
CA MET U 607 -4.43 -99.74 33.11
C MET U 607 -3.90 -98.41 33.62
N VAL U 608 -3.89 -98.25 34.94
CA VAL U 608 -3.32 -97.08 35.59
C VAL U 608 -2.38 -97.55 36.67
N TRP U 609 -1.36 -96.74 36.95
CA TRP U 609 -0.37 -97.11 37.94
C TRP U 609 0.32 -95.86 38.47
N GLN U 610 0.99 -96.03 39.59
CA GLN U 610 1.84 -95.01 40.17
C GLN U 610 3.29 -95.39 39.98
N ASN U 611 4.16 -94.38 39.90
CA ASN U 611 5.58 -94.62 39.86
C ASN U 611 6.10 -94.94 41.26
N ARG U 612 7.34 -95.42 41.31
CA ARG U 612 8.01 -95.60 42.59
C ARG U 612 8.19 -94.26 43.28
N ASP U 613 8.09 -94.27 44.60
CA ASP U 613 8.32 -93.07 45.37
C ASP U 613 9.78 -92.65 45.29
N VAL U 614 10.02 -91.35 45.44
CA VAL U 614 11.36 -90.86 45.63
C VAL U 614 11.65 -90.73 47.11
N TYR U 615 12.92 -90.72 47.46
CA TYR U 615 13.34 -90.69 48.85
C TYR U 615 14.39 -89.61 49.04
N LEU U 616 14.48 -89.12 50.27
CA LEU U 616 15.48 -88.12 50.60
C LEU U 616 16.89 -88.64 50.26
N GLN U 617 17.14 -89.91 50.51
CA GLN U 617 18.41 -90.53 50.17
C GLN U 617 18.45 -91.06 48.74
N GLY U 618 17.34 -91.05 48.03
CA GLY U 618 17.26 -91.68 46.74
C GLY U 618 17.69 -90.81 45.58
N PRO U 619 17.75 -91.38 44.39
CA PRO U 619 18.12 -90.61 43.20
C PRO U 619 17.03 -89.62 42.80
N ILE U 620 17.46 -88.58 42.10
CA ILE U 620 16.55 -87.55 41.61
C ILE U 620 16.15 -87.79 40.16
N TRP U 621 17.12 -88.01 39.28
CA TRP U 621 16.84 -88.14 37.86
C TRP U 621 17.65 -89.29 37.28
N ALA U 622 17.21 -89.75 36.12
CA ALA U 622 17.99 -90.64 35.29
C ALA U 622 17.87 -90.17 33.85
N LYS U 623 18.91 -90.45 33.07
CA LYS U 623 18.85 -90.18 31.65
C LYS U 623 18.02 -91.25 30.96
N ILE U 624 16.99 -90.83 30.23
CA ILE U 624 16.23 -91.75 29.41
C ILE U 624 17.16 -92.21 28.29
N PRO U 625 17.38 -93.51 28.13
CA PRO U 625 18.25 -93.97 27.05
C PRO U 625 17.73 -93.52 25.70
N HIS U 626 18.66 -93.14 24.83
CA HIS U 626 18.30 -92.70 23.48
C HIS U 626 17.96 -93.92 22.65
N THR U 627 16.67 -94.24 22.57
CA THR U 627 16.19 -95.40 21.85
C THR U 627 15.02 -95.00 20.96
N ASP U 628 14.67 -95.88 20.03
CA ASP U 628 13.52 -95.66 19.18
C ASP U 628 12.24 -95.61 19.99
N GLY U 629 12.09 -96.51 20.93
CA GLY U 629 10.87 -96.60 21.71
C GLY U 629 11.16 -96.79 23.18
N ASN U 630 10.31 -96.19 23.99
CA ASN U 630 10.27 -96.48 25.42
C ASN U 630 8.82 -96.45 25.85
N PHE U 631 8.54 -97.13 26.95
CA PHE U 631 7.20 -97.12 27.53
C PHE U 631 7.29 -96.54 28.93
N HIS U 632 6.57 -95.44 29.14
CA HIS U 632 6.54 -94.73 30.42
C HIS U 632 7.95 -94.54 30.94
N PRO U 633 8.76 -93.68 30.32
CA PRO U 633 10.18 -93.61 30.67
C PRO U 633 10.42 -92.94 32.01
N SER U 634 9.81 -93.45 33.04
CA SER U 634 10.10 -93.05 34.40
C SER U 634 11.14 -94.00 34.99
N PRO U 635 12.24 -93.49 35.53
CA PRO U 635 13.31 -94.38 36.01
C PRO U 635 12.79 -95.33 37.08
N LEU U 636 13.26 -96.57 37.02
CA LEU U 636 12.68 -97.60 37.87
C LEU U 636 13.09 -97.45 39.33
N MET U 637 14.31 -96.98 39.61
CA MET U 637 14.66 -96.68 40.99
C MET U 637 14.08 -95.36 41.47
N GLY U 638 13.18 -94.76 40.71
CA GLY U 638 12.47 -93.57 41.13
C GLY U 638 13.12 -92.31 40.60
N GLY U 639 12.32 -91.27 40.50
CA GLY U 639 12.80 -89.98 40.09
C GLY U 639 12.25 -89.54 38.75
N PHE U 640 12.95 -88.60 38.13
CA PHE U 640 12.50 -87.96 36.92
C PHE U 640 13.31 -88.49 35.75
N GLY U 641 12.62 -89.01 34.74
CA GLY U 641 13.27 -89.43 33.52
C GLY U 641 13.47 -88.25 32.61
N LEU U 642 14.71 -87.98 32.22
CA LEU U 642 15.02 -86.82 31.40
C LEU U 642 15.73 -87.27 30.13
N LYS U 643 15.25 -86.80 28.98
CA LYS U 643 15.97 -87.02 27.73
C LYS U 643 17.31 -86.30 27.78
N HIS U 644 17.34 -85.10 28.34
CA HIS U 644 18.55 -84.29 28.46
C HIS U 644 18.73 -83.95 29.94
N PRO U 645 19.29 -84.85 30.73
CA PRO U 645 19.43 -84.63 32.16
C PRO U 645 20.49 -83.59 32.44
N PRO U 646 20.68 -83.21 33.70
CA PRO U 646 21.82 -82.36 34.04
C PRO U 646 23.10 -82.98 33.52
N PRO U 647 23.92 -82.22 32.79
CA PRO U 647 25.10 -82.81 32.16
C PRO U 647 26.11 -83.28 33.18
N GLN U 648 26.85 -84.31 32.80
CA GLN U 648 27.97 -84.75 33.61
C GLN U 648 29.02 -83.65 33.69
N ILE U 649 29.50 -83.40 34.89
CA ILE U 649 30.54 -82.40 35.12
C ILE U 649 31.81 -83.15 35.43
N LEU U 650 32.74 -83.14 34.49
CA LEU U 650 33.99 -83.89 34.60
C LEU U 650 35.09 -82.97 35.08
N ILE U 651 35.87 -83.44 36.04
CA ILE U 651 36.92 -82.64 36.63
C ILE U 651 38.17 -83.50 36.74
N LYS U 652 39.32 -82.88 36.48
CA LYS U 652 40.59 -83.60 36.52
C LYS U 652 41.69 -82.64 36.94
N ASN U 653 42.62 -83.13 37.74
CA ASN U 653 43.86 -82.40 37.96
C ASN U 653 44.72 -82.48 36.72
N THR U 654 45.12 -81.33 36.20
CA THR U 654 45.99 -81.32 35.04
C THR U 654 47.34 -81.93 35.43
N PRO U 655 47.82 -82.92 34.69
CA PRO U 655 49.11 -83.52 35.05
C PRO U 655 50.22 -82.49 35.00
N VAL U 656 51.06 -82.51 36.04
CA VAL U 656 52.23 -81.65 36.11
C VAL U 656 53.46 -82.57 36.09
N PRO U 657 54.19 -82.64 34.98
CA PRO U 657 55.34 -83.54 34.92
C PRO U 657 56.39 -83.17 35.96
N ALA U 658 57.04 -84.20 36.49
CA ALA U 658 58.29 -83.99 37.21
C ALA U 658 59.37 -83.59 36.22
N ASP U 659 60.59 -83.41 36.71
CA ASP U 659 61.64 -82.93 35.85
C ASP U 659 61.92 -83.95 34.74
N PRO U 660 61.79 -83.57 33.47
CA PRO U 660 62.10 -84.49 32.39
C PRO U 660 63.59 -84.67 32.26
N PRO U 661 64.04 -85.71 31.56
CA PRO U 661 65.48 -85.86 31.32
C PRO U 661 66.01 -84.72 30.47
N THR U 662 67.30 -84.48 30.57
CA THR U 662 67.93 -83.42 29.80
C THR U 662 68.27 -83.83 28.38
N THR U 663 68.07 -85.09 28.02
CA THR U 663 68.18 -85.54 26.65
C THR U 663 66.81 -86.01 26.18
N PHE U 664 66.47 -85.70 24.94
CA PHE U 664 65.12 -85.93 24.47
C PHE U 664 64.78 -87.41 24.47
N ASN U 665 63.58 -87.72 24.94
CA ASN U 665 63.01 -89.06 24.88
C ASN U 665 61.60 -88.94 24.33
N GLN U 666 61.31 -89.71 23.28
CA GLN U 666 60.00 -89.64 22.64
C GLN U 666 58.90 -90.26 23.49
N SER U 667 59.26 -91.09 24.46
CA SER U 667 58.26 -91.79 25.26
C SER U 667 57.43 -90.79 26.06
N LYS U 668 56.15 -91.12 26.23
CA LYS U 668 55.29 -90.28 27.06
C LYS U 668 55.82 -90.21 28.48
N LEU U 669 55.69 -89.04 29.09
CA LEU U 669 56.17 -88.85 30.44
C LEU U 669 55.30 -89.63 31.42
N ASN U 670 55.93 -90.37 32.33
CA ASN U 670 55.22 -91.08 33.36
C ASN U 670 55.61 -90.62 34.75
N SER U 671 56.54 -89.68 34.87
CA SER U 671 56.95 -89.13 36.15
C SER U 671 56.21 -87.81 36.36
N PHE U 672 55.29 -87.80 37.31
CA PHE U 672 54.45 -86.63 37.55
C PHE U 672 54.57 -86.19 38.99
N ILE U 673 54.40 -84.89 39.20
CA ILE U 673 54.33 -84.36 40.55
C ILE U 673 53.05 -84.83 41.20
N THR U 674 53.18 -85.42 42.39
CA THR U 674 52.01 -85.92 43.10
C THR U 674 51.16 -84.73 43.53
N GLN U 675 49.86 -84.80 43.22
CA GLN U 675 49.06 -83.60 43.26
C GLN U 675 47.60 -83.97 43.52
N TYR U 676 46.91 -83.10 44.24
CA TYR U 676 45.47 -83.22 44.41
C TYR U 676 44.90 -81.82 44.52
N SER U 677 43.61 -81.70 44.26
CA SER U 677 42.94 -80.42 44.34
C SER U 677 41.79 -80.51 45.32
N THR U 678 41.47 -79.37 45.91
CA THR U 678 40.30 -79.23 46.76
C THR U 678 39.64 -77.91 46.42
N GLY U 679 38.35 -77.83 46.73
CA GLY U 679 37.63 -76.61 46.47
C GLY U 679 36.22 -76.74 46.99
N GLN U 680 35.40 -75.76 46.64
CA GLN U 680 34.00 -75.76 47.01
C GLN U 680 33.15 -75.93 45.75
N VAL U 681 32.06 -76.66 45.90
CA VAL U 681 31.10 -76.86 44.83
C VAL U 681 29.74 -76.40 45.32
N SER U 682 29.08 -75.59 44.52
CA SER U 682 27.73 -75.11 44.82
C SER U 682 26.80 -75.60 43.74
N VAL U 683 25.69 -76.19 44.14
CA VAL U 683 24.62 -76.56 43.23
C VAL U 683 23.33 -75.96 43.75
N GLU U 684 22.65 -75.20 42.90
CA GLU U 684 21.37 -74.59 43.23
C GLU U 684 20.33 -75.15 42.30
N ILE U 685 19.28 -75.75 42.86
CA ILE U 685 18.18 -76.28 42.07
C ILE U 685 16.91 -75.56 42.47
N GLU U 686 16.18 -75.06 41.48
CA GLU U 686 14.85 -74.52 41.69
C GLU U 686 13.84 -75.61 41.40
N TRP U 687 12.97 -75.88 42.36
CA TRP U 687 11.93 -76.88 42.23
C TRP U 687 10.57 -76.20 42.18
N GLU U 688 9.73 -76.66 41.27
CA GLU U 688 8.34 -76.23 41.22
C GLU U 688 7.51 -77.15 42.09
N LEU U 689 6.58 -76.57 42.84
CA LEU U 689 5.75 -77.32 43.76
C LEU U 689 4.32 -77.40 43.25
N GLN U 690 3.70 -78.54 43.47
CA GLN U 690 2.25 -78.71 43.27
C GLN U 690 1.60 -78.66 44.65
N LYS U 691 0.96 -77.54 44.95
CA LYS U 691 0.28 -77.38 46.23
C LYS U 691 -0.93 -78.30 46.31
N GLU U 692 -1.14 -78.89 47.47
CA GLU U 692 -2.30 -79.73 47.68
C GLU U 692 -3.55 -78.86 47.81
N ASN U 693 -4.57 -79.19 47.03
CA ASN U 693 -5.86 -78.50 47.10
C ASN U 693 -6.91 -79.56 47.43
N SER U 694 -7.05 -79.84 48.72
CA SER U 694 -7.80 -81.00 49.19
C SER U 694 -8.95 -80.55 50.09
N LYS U 695 -10.09 -81.19 49.92
CA LYS U 695 -11.25 -80.94 50.76
C LYS U 695 -11.44 -82.02 51.81
N ARG U 696 -10.40 -82.84 52.03
CA ARG U 696 -10.43 -83.83 53.08
C ARG U 696 -10.68 -83.16 54.43
N TRP U 697 -11.60 -83.75 55.21
CA TRP U 697 -11.97 -83.14 56.48
C TRP U 697 -11.02 -83.55 57.60
N ASN U 698 -10.75 -84.85 57.72
CA ASN U 698 -9.91 -85.35 58.80
C ASN U 698 -8.45 -85.02 58.53
N PRO U 699 -7.62 -84.98 59.57
CA PRO U 699 -6.21 -84.65 59.37
C PRO U 699 -5.50 -85.70 58.54
N GLU U 700 -4.51 -85.23 57.78
CA GLU U 700 -3.71 -86.09 56.93
C GLU U 700 -2.59 -86.75 57.74
N ILE U 701 -2.00 -87.77 57.15
CA ILE U 701 -0.77 -88.35 57.67
C ILE U 701 0.38 -87.42 57.30
N GLN U 702 1.23 -87.11 58.26
CA GLN U 702 2.36 -86.24 58.04
C GLN U 702 3.62 -86.93 58.52
N TYR U 703 4.73 -86.67 57.85
CA TYR U 703 6.00 -87.11 58.40
C TYR U 703 6.35 -86.25 59.60
N THR U 704 6.66 -86.90 60.71
CA THR U 704 6.99 -86.20 61.94
C THR U 704 8.15 -86.90 62.61
N SER U 705 8.96 -86.11 63.32
CA SER U 705 9.95 -86.71 64.19
C SER U 705 9.26 -87.28 65.43
N ASN U 706 9.89 -88.30 66.01
CA ASN U 706 9.35 -88.90 67.22
C ASN U 706 9.47 -87.93 68.37
N TYR U 707 8.40 -87.81 69.15
CA TYR U 707 8.40 -86.89 70.28
C TYR U 707 9.19 -87.42 71.47
N TYR U 708 9.26 -88.75 71.61
CA TYR U 708 9.86 -89.36 72.78
C TYR U 708 11.37 -89.15 72.81
N LYS U 709 11.94 -89.17 74.01
CA LYS U 709 13.35 -88.90 74.19
C LYS U 709 14.21 -89.98 73.55
N SER U 710 15.44 -89.61 73.20
CA SER U 710 16.37 -90.55 72.59
C SER U 710 17.79 -90.10 72.89
N THR U 711 18.73 -91.02 72.70
CA THR U 711 20.13 -90.73 72.95
C THR U 711 20.65 -89.64 72.02
N SER U 712 20.21 -89.64 70.77
CA SER U 712 20.66 -88.67 69.79
C SER U 712 19.45 -88.16 69.01
N VAL U 713 19.62 -86.98 68.43
CA VAL U 713 18.61 -86.40 67.56
C VAL U 713 18.68 -87.10 66.21
N ASP U 714 17.52 -87.50 65.69
CA ASP U 714 17.47 -88.08 64.36
C ASP U 714 17.85 -87.06 63.32
N PHE U 715 18.61 -87.49 62.31
CA PHE U 715 19.14 -86.61 61.27
C PHE U 715 20.02 -85.53 61.88
N ALA U 716 20.90 -85.93 62.77
CA ALA U 716 21.89 -85.05 63.38
C ALA U 716 23.19 -85.82 63.51
N VAL U 717 24.16 -85.22 64.11
CA VAL U 717 25.45 -85.87 64.35
C VAL U 717 25.40 -86.53 65.71
N ASN U 718 26.21 -87.57 65.88
CA ASN U 718 26.36 -88.21 67.17
C ASN U 718 27.52 -87.55 67.92
N THR U 719 27.96 -88.18 69.02
CA THR U 719 29.04 -87.61 69.80
C THR U 719 30.38 -87.62 69.08
N GLU U 720 30.51 -88.42 68.02
CA GLU U 720 31.74 -88.50 67.25
C GLU U 720 31.72 -87.63 66.01
N GLY U 721 30.66 -86.85 65.80
CA GLY U 721 30.58 -86.01 64.63
C GLY U 721 30.06 -86.68 63.39
N VAL U 722 29.56 -87.91 63.48
CA VAL U 722 29.09 -88.65 62.33
C VAL U 722 27.63 -88.29 62.10
N TYR U 723 27.33 -87.73 60.93
CA TYR U 723 25.95 -87.51 60.52
C TYR U 723 25.35 -88.80 60.01
N SER U 724 24.14 -89.10 60.44
CA SER U 724 23.46 -90.31 60.03
C SER U 724 22.02 -89.99 59.65
N GLU U 725 21.51 -90.73 58.68
CA GLU U 725 20.10 -90.68 58.32
C GLU U 725 19.44 -91.94 58.87
N PRO U 726 18.61 -91.84 59.91
CA PRO U 726 18.15 -93.06 60.58
C PRO U 726 17.14 -93.86 59.78
N ARG U 727 16.40 -93.24 58.88
CA ARG U 727 15.37 -93.94 58.13
C ARG U 727 15.28 -93.34 56.75
N PRO U 728 14.77 -94.09 55.77
CA PRO U 728 14.49 -93.50 54.46
C PRO U 728 13.15 -92.78 54.51
N ILE U 729 13.18 -91.47 54.27
CA ILE U 729 11.95 -90.68 54.26
C ILE U 729 11.40 -90.72 52.84
N GLY U 730 10.23 -91.31 52.68
CA GLY U 730 9.56 -91.29 51.40
C GLY U 730 8.99 -89.93 51.10
N THR U 731 8.03 -89.87 50.20
CA THR U 731 7.49 -88.59 49.77
C THR U 731 5.97 -88.56 49.84
N ARG U 732 5.32 -89.70 50.01
CA ARG U 732 3.88 -89.82 49.88
C ARG U 732 3.24 -89.87 51.27
N TYR U 733 2.81 -88.70 51.74
CA TYR U 733 2.10 -88.58 53.01
C TYR U 733 0.73 -87.96 52.86
N LEU U 734 0.61 -86.93 52.01
CA LEU U 734 -0.69 -86.38 51.69
C LEU U 734 -1.47 -87.37 50.83
N THR U 735 -2.78 -87.13 50.72
CA THR U 735 -3.65 -88.03 50.00
C THR U 735 -4.41 -87.30 48.90
N ARG U 736 -4.74 -88.05 47.85
CA ARG U 736 -5.62 -87.60 46.80
C ARG U 736 -6.64 -88.69 46.51
N ASN U 737 -7.80 -88.27 46.01
CA ASN U 737 -8.72 -89.23 45.44
C ASN U 737 -8.16 -89.75 44.11
N LEU U 738 -8.64 -90.91 43.69
CA LEU U 738 -8.22 -91.45 42.42
C LEU U 738 -8.94 -90.73 41.28
N GLY V 221 -6.22 -81.81 -29.94
CA GLY V 221 -5.07 -82.54 -30.41
C GLY V 221 -5.26 -84.04 -30.39
N VAL V 222 -4.58 -84.73 -31.32
CA VAL V 222 -4.65 -86.19 -31.39
C VAL V 222 -4.09 -86.81 -30.12
N GLY V 223 -2.96 -86.30 -29.65
CA GLY V 223 -2.26 -86.88 -28.52
C GLY V 223 -2.57 -86.30 -27.16
N SER V 224 -3.62 -85.52 -27.04
CA SER V 224 -4.00 -84.93 -25.75
C SER V 224 -5.42 -85.33 -25.40
N SER V 225 -5.62 -85.69 -24.13
CA SER V 225 -6.94 -86.04 -23.64
C SER V 225 -7.85 -84.81 -23.64
N SER V 226 -9.10 -85.01 -24.04
CA SER V 226 -10.09 -83.94 -24.07
C SER V 226 -10.96 -83.90 -22.82
N GLY V 227 -10.69 -84.76 -21.86
CA GLY V 227 -11.44 -84.73 -20.61
C GLY V 227 -10.95 -85.83 -19.69
N ASN V 228 -11.31 -85.68 -18.43
CA ASN V 228 -10.89 -86.59 -17.38
C ASN V 228 -12.07 -87.44 -16.92
N TRP V 229 -11.73 -88.55 -16.27
CA TRP V 229 -12.74 -89.43 -15.69
C TRP V 229 -13.28 -88.81 -14.41
N HIS V 230 -14.60 -88.61 -14.36
CA HIS V 230 -15.26 -87.98 -13.22
C HIS V 230 -16.41 -88.85 -12.78
N CYS V 231 -16.13 -89.81 -11.91
CA CYS V 231 -17.16 -90.57 -11.21
C CYS V 231 -17.02 -90.24 -9.73
N ASP V 232 -18.08 -89.68 -9.15
CA ASP V 232 -18.02 -89.20 -7.79
C ASP V 232 -19.42 -88.82 -7.34
N SER V 233 -19.58 -88.67 -6.03
CA SER V 233 -20.78 -88.09 -5.46
C SER V 233 -20.35 -87.25 -4.27
N THR V 234 -20.70 -85.98 -4.30
CA THR V 234 -20.35 -85.06 -3.22
C THR V 234 -21.64 -84.64 -2.52
N TRP V 235 -21.72 -84.93 -1.23
CA TRP V 235 -22.86 -84.53 -0.40
C TRP V 235 -22.46 -83.28 0.35
N LEU V 236 -23.19 -82.20 0.12
CA LEU V 236 -22.87 -80.91 0.73
C LEU V 236 -24.18 -80.23 1.12
N GLY V 237 -24.50 -80.27 2.40
CA GLY V 237 -25.71 -79.63 2.88
C GLY V 237 -26.94 -80.31 2.32
N ASP V 238 -27.82 -79.52 1.71
CA ASP V 238 -29.06 -80.02 1.12
C ASP V 238 -28.89 -80.42 -0.33
N ARG V 239 -27.67 -80.53 -0.82
CA ARG V 239 -27.40 -80.93 -2.18
C ARG V 239 -26.56 -82.19 -2.19
N VAL V 240 -26.77 -83.02 -3.20
CA VAL V 240 -25.84 -84.08 -3.57
C VAL V 240 -25.56 -83.94 -5.06
N ILE V 241 -24.29 -83.94 -5.42
CA ILE V 241 -23.87 -83.83 -6.80
C ILE V 241 -23.31 -85.17 -7.22
N THR V 242 -24.06 -85.90 -8.03
CA THR V 242 -23.58 -87.15 -8.60
C THR V 242 -22.94 -86.86 -9.95
N THR V 243 -21.76 -87.38 -10.17
CA THR V 243 -21.13 -87.34 -11.48
C THR V 243 -20.70 -88.75 -11.84
N SER V 244 -20.98 -89.14 -13.08
CA SER V 244 -20.67 -90.49 -13.52
C SER V 244 -20.06 -90.43 -14.90
N THR V 245 -18.99 -91.18 -15.09
CA THR V 245 -18.33 -91.30 -16.38
C THR V 245 -18.42 -92.75 -16.84
N ARG V 246 -18.69 -92.93 -18.12
CA ARG V 246 -18.73 -94.26 -18.71
C ARG V 246 -18.01 -94.24 -20.05
N THR V 247 -17.51 -95.39 -20.44
CA THR V 247 -16.96 -95.58 -21.78
C THR V 247 -18.07 -96.14 -22.66
N TRP V 248 -18.29 -95.49 -23.79
CA TRP V 248 -19.32 -95.90 -24.73
C TRP V 248 -18.69 -96.34 -26.04
N ALA V 249 -19.46 -97.11 -26.81
CA ALA V 249 -19.09 -97.47 -28.17
C ALA V 249 -20.29 -97.24 -29.06
N LEU V 250 -20.08 -96.47 -30.12
CA LEU V 250 -21.16 -96.16 -31.05
C LEU V 250 -20.89 -96.82 -32.39
N PRO V 251 -21.67 -97.80 -32.80
CA PRO V 251 -21.52 -98.37 -34.14
C PRO V 251 -22.15 -97.47 -35.18
N THR V 252 -21.96 -97.83 -36.44
CA THR V 252 -22.75 -97.25 -37.51
C THR V 252 -24.09 -97.97 -37.55
N TYR V 253 -25.17 -97.23 -37.38
CA TYR V 253 -26.51 -97.79 -37.37
C TYR V 253 -27.13 -97.64 -38.74
N ASN V 254 -27.87 -98.66 -39.17
CA ASN V 254 -28.70 -98.63 -40.36
C ASN V 254 -27.89 -98.43 -41.64
N ASN V 255 -26.57 -98.62 -41.60
CA ASN V 255 -25.70 -98.30 -42.72
C ASN V 255 -25.88 -96.85 -43.17
N HIS V 256 -25.97 -95.95 -42.19
CA HIS V 256 -26.13 -94.51 -42.38
C HIS V 256 -27.46 -94.13 -43.01
N LEU V 257 -28.45 -95.02 -42.99
CA LEU V 257 -29.71 -94.77 -43.67
C LEU V 257 -30.83 -94.50 -42.68
N TYR V 258 -31.81 -93.73 -43.13
CA TYR V 258 -33.10 -93.67 -42.46
C TYR V 258 -34.01 -94.70 -43.11
N LYS V 259 -34.56 -95.59 -42.30
CA LYS V 259 -35.43 -96.63 -42.81
C LYS V 259 -36.81 -96.48 -42.21
N GLN V 260 -37.82 -96.50 -43.06
CA GLN V 260 -39.18 -96.61 -42.57
C GLN V 260 -39.40 -98.00 -42.00
N ILE V 261 -39.96 -98.05 -40.80
CA ILE V 261 -40.25 -99.31 -40.12
C ILE V 261 -41.73 -99.35 -39.80
N SER V 262 -42.32 -100.53 -39.90
CA SER V 262 -43.75 -100.68 -39.72
C SER V 262 -44.05 -102.06 -39.16
N ASN V 263 -45.28 -102.20 -38.68
CA ASN V 263 -45.80 -103.48 -38.23
C ASN V 263 -47.29 -103.43 -38.43
N GLY V 264 -47.82 -104.39 -39.20
CA GLY V 264 -49.24 -104.45 -39.50
C GLY V 264 -49.87 -105.74 -38.99
N THR V 265 -51.15 -105.87 -39.29
CA THR V 265 -51.90 -107.05 -38.88
C THR V 265 -51.74 -108.18 -39.88
N ALA V 269 -49.16 -110.01 -36.40
CA ALA V 269 -49.28 -109.06 -35.30
C ALA V 269 -50.72 -108.58 -35.14
N THR V 270 -51.10 -108.26 -33.91
CA THR V 270 -52.44 -107.76 -33.64
C THR V 270 -52.48 -106.26 -33.88
N ASN V 271 -53.71 -105.74 -33.98
CA ASN V 271 -53.88 -104.30 -34.17
C ASN V 271 -53.32 -103.51 -33.01
N ASP V 272 -53.31 -104.09 -31.80
CA ASP V 272 -52.80 -103.39 -30.64
C ASP V 272 -51.30 -103.12 -30.75
N ASN V 273 -50.59 -103.85 -31.58
CA ASN V 273 -49.14 -103.73 -31.69
C ASN V 273 -48.68 -103.14 -33.01
N THR V 274 -49.58 -102.58 -33.80
CA THR V 274 -49.18 -101.97 -35.06
C THR V 274 -48.45 -100.66 -34.81
N TYR V 275 -47.53 -100.33 -35.72
CA TYR V 275 -46.85 -99.05 -35.64
C TYR V 275 -46.32 -98.67 -37.02
N PHE V 276 -46.07 -97.38 -37.17
CA PHE V 276 -45.34 -96.83 -38.29
C PHE V 276 -44.33 -95.85 -37.73
N GLY V 277 -43.10 -95.94 -38.18
CA GLY V 277 -42.08 -95.07 -37.67
C GLY V 277 -40.85 -95.10 -38.53
N TYR V 278 -39.77 -94.57 -37.99
CA TYR V 278 -38.53 -94.49 -38.72
C TYR V 278 -37.37 -94.92 -37.84
N SER V 279 -36.51 -95.75 -38.40
CA SER V 279 -35.22 -96.06 -37.81
C SER V 279 -34.20 -95.07 -38.36
N THR V 280 -33.43 -94.46 -37.48
CA THR V 280 -32.45 -93.49 -37.89
C THR V 280 -31.04 -94.03 -37.72
N PRO V 281 -30.07 -93.51 -38.46
CA PRO V 281 -28.67 -93.90 -38.25
C PRO V 281 -28.04 -93.30 -37.00
N TRP V 282 -28.81 -92.61 -36.18
CA TRP V 282 -28.29 -91.91 -35.02
C TRP V 282 -28.40 -92.77 -33.76
N GLY V 283 -27.40 -92.68 -32.92
CA GLY V 283 -27.53 -93.14 -31.56
C GLY V 283 -27.96 -92.01 -30.65
N TYR V 284 -28.25 -92.35 -29.40
CA TYR V 284 -28.60 -91.34 -28.43
C TYR V 284 -28.11 -91.76 -27.07
N PHE V 285 -27.81 -90.76 -26.24
CA PHE V 285 -27.33 -91.01 -24.89
C PHE V 285 -28.49 -90.98 -23.91
N ASP V 286 -28.60 -92.02 -23.10
CA ASP V 286 -29.64 -92.15 -22.11
C ASP V 286 -28.98 -92.30 -20.74
N PHE V 287 -29.39 -91.45 -19.81
CA PHE V 287 -29.00 -91.58 -18.41
C PHE V 287 -30.22 -91.38 -17.53
N ASN V 288 -31.35 -91.91 -17.98
CA ASN V 288 -32.64 -91.73 -17.32
C ASN V 288 -32.94 -92.87 -16.36
N ARG V 289 -31.92 -93.42 -15.72
CA ARG V 289 -32.10 -94.36 -14.63
C ARG V 289 -31.25 -93.90 -13.46
N PHE V 290 -31.77 -94.12 -12.24
CA PHE V 290 -31.10 -93.59 -11.07
C PHE V 290 -29.73 -94.23 -10.85
N HIS V 291 -29.58 -95.50 -11.20
CA HIS V 291 -28.29 -96.15 -10.99
C HIS V 291 -27.23 -95.67 -11.97
N CYS V 292 -27.60 -94.91 -12.99
CA CYS V 292 -26.60 -94.24 -13.81
C CYS V 292 -25.85 -93.17 -13.04
N HIS V 293 -26.41 -92.70 -11.93
CA HIS V 293 -25.86 -91.59 -11.17
C HIS V 293 -25.57 -91.94 -9.72
N PHE V 294 -26.40 -92.76 -9.10
CA PHE V 294 -26.23 -93.12 -7.70
C PHE V 294 -25.63 -94.52 -7.60
N SER V 295 -24.51 -94.63 -6.89
CA SER V 295 -24.07 -95.93 -6.46
C SER V 295 -25.04 -96.49 -5.44
N PRO V 296 -25.09 -97.80 -5.25
CA PRO V 296 -26.00 -98.36 -4.24
C PRO V 296 -25.79 -97.77 -2.86
N ARG V 297 -24.54 -97.51 -2.47
CA ARG V 297 -24.27 -96.86 -1.19
C ARG V 297 -24.79 -95.43 -1.20
N ASP V 298 -24.61 -94.71 -2.30
CA ASP V 298 -25.15 -93.36 -2.39
C ASP V 298 -26.67 -93.38 -2.35
N TRP V 299 -27.28 -94.35 -3.00
CA TRP V 299 -28.73 -94.51 -2.91
C TRP V 299 -29.17 -94.76 -1.49
N GLN V 300 -28.43 -95.59 -0.75
CA GLN V 300 -28.73 -95.83 0.64
C GLN V 300 -28.62 -94.55 1.45
N ARG V 301 -27.56 -93.78 1.24
CA ARG V 301 -27.40 -92.49 1.91
C ARG V 301 -28.60 -91.60 1.63
N LEU V 302 -29.04 -91.56 0.38
CA LEU V 302 -30.16 -90.71 0.00
C LEU V 302 -31.46 -91.15 0.68
N ILE V 303 -31.79 -92.43 0.58
CA ILE V 303 -33.10 -92.88 0.99
C ILE V 303 -33.21 -93.08 2.50
N ASN V 304 -32.11 -93.29 3.21
CA ASN V 304 -32.19 -93.49 4.65
C ASN V 304 -32.21 -92.20 5.43
N ASN V 305 -31.99 -91.06 4.79
CA ASN V 305 -31.75 -89.82 5.51
C ASN V 305 -32.54 -88.64 4.98
N ASN V 306 -33.27 -88.79 3.89
CA ASN V 306 -33.94 -87.67 3.27
C ASN V 306 -35.41 -87.99 3.04
N TRP V 307 -36.27 -87.01 3.29
CA TRP V 307 -37.69 -87.15 3.00
C TRP V 307 -38.01 -86.93 1.54
N GLY V 308 -37.10 -86.33 0.78
CA GLY V 308 -37.36 -86.07 -0.62
C GLY V 308 -36.11 -85.61 -1.32
N PHE V 309 -36.18 -85.65 -2.64
CA PHE V 309 -35.10 -85.19 -3.47
C PHE V 309 -35.66 -84.84 -4.84
N ARG V 310 -34.90 -84.05 -5.58
CA ARG V 310 -35.29 -83.67 -6.94
C ARG V 310 -34.06 -83.22 -7.68
N PRO V 311 -33.99 -83.46 -8.98
CA PRO V 311 -32.86 -82.94 -9.76
C PRO V 311 -32.95 -81.43 -9.90
N LYS V 312 -31.78 -80.79 -9.92
CA LYS V 312 -31.69 -79.35 -10.07
C LYS V 312 -31.06 -78.93 -11.39
N ARG V 313 -29.90 -79.48 -11.70
CA ARG V 313 -29.20 -79.14 -12.92
C ARG V 313 -28.37 -80.33 -13.34
N LEU V 314 -28.01 -80.37 -14.62
CA LEU V 314 -27.11 -81.40 -15.10
C LEU V 314 -26.11 -80.79 -16.06
N SER V 315 -24.93 -81.39 -16.08
CA SER V 315 -23.92 -81.10 -17.08
C SER V 315 -23.53 -82.42 -17.74
N PHE V 316 -23.35 -82.37 -19.05
CA PHE V 316 -23.08 -83.55 -19.85
C PHE V 316 -21.83 -83.31 -20.65
N LYS V 317 -20.97 -84.32 -20.76
CA LYS V 317 -19.72 -84.16 -21.48
C LYS V 317 -19.45 -85.41 -22.34
N LEU V 318 -19.02 -85.16 -23.57
CA LEU V 318 -18.46 -86.19 -24.44
C LEU V 318 -17.02 -85.83 -24.71
N PHE V 319 -16.12 -86.79 -24.56
CA PHE V 319 -14.70 -86.48 -24.67
C PHE V 319 -13.94 -87.77 -24.93
N ASN V 320 -12.65 -87.61 -25.24
CA ASN V 320 -11.76 -88.71 -25.57
C ASN V 320 -12.36 -89.58 -26.68
N ILE V 321 -12.86 -88.91 -27.70
CA ILE V 321 -13.52 -89.58 -28.80
C ILE V 321 -12.47 -90.25 -29.67
N GLN V 322 -12.70 -91.52 -30.00
CA GLN V 322 -11.85 -92.27 -30.91
C GLN V 322 -12.73 -92.87 -31.98
N VAL V 323 -12.51 -92.48 -33.23
CA VAL V 323 -13.21 -93.07 -34.36
C VAL V 323 -12.29 -94.09 -34.99
N LYS V 324 -12.77 -95.32 -35.13
CA LYS V 324 -11.94 -96.43 -35.53
C LYS V 324 -12.47 -97.04 -36.82
N GLU V 325 -11.56 -97.36 -37.72
CA GLU V 325 -11.87 -98.00 -38.99
C GLU V 325 -11.57 -99.49 -38.88
N VAL V 326 -12.51 -100.31 -39.32
CA VAL V 326 -12.34 -101.76 -39.31
C VAL V 326 -12.42 -102.25 -40.74
N THR V 327 -11.42 -103.05 -41.15
CA THR V 327 -11.35 -103.56 -42.50
C THR V 327 -11.49 -105.07 -42.53
N LYS V 333 -9.59 -109.39 -39.86
CA LYS V 333 -10.13 -108.11 -39.40
C LYS V 333 -9.08 -107.31 -38.65
N THR V 334 -8.85 -106.08 -39.10
CA THR V 334 -7.96 -105.15 -38.43
C THR V 334 -8.72 -103.88 -38.10
N ILE V 335 -8.47 -103.35 -36.90
CA ILE V 335 -9.08 -102.11 -36.44
C ILE V 335 -7.98 -101.07 -36.34
N ALA V 336 -8.19 -99.92 -36.99
CA ALA V 336 -7.22 -98.85 -36.99
C ALA V 336 -7.90 -97.54 -36.66
N ASN V 337 -7.13 -96.62 -36.10
CA ASN V 337 -7.64 -95.28 -35.85
C ASN V 337 -7.88 -94.54 -37.16
N ASN V 338 -9.01 -93.83 -37.22
CA ASN V 338 -9.31 -92.94 -38.37
C ASN V 338 -9.23 -91.55 -37.74
N LEU V 339 -8.05 -90.93 -37.71
CA LEU V 339 -7.84 -89.69 -36.97
C LEU V 339 -8.65 -88.53 -37.52
N THR V 340 -8.97 -88.56 -38.80
CA THR V 340 -9.68 -87.46 -39.44
C THR V 340 -11.18 -87.67 -39.51
N SER V 341 -11.69 -88.79 -38.99
CA SER V 341 -13.12 -89.04 -38.99
C SER V 341 -13.79 -88.27 -37.86
N THR V 342 -15.08 -87.97 -38.05
CA THR V 342 -15.84 -87.20 -37.09
C THR V 342 -17.04 -87.99 -36.59
N ILE V 343 -17.52 -87.59 -35.43
CA ILE V 343 -18.85 -87.93 -34.95
C ILE V 343 -19.66 -86.64 -34.92
N GLN V 344 -20.97 -86.78 -35.06
CA GLN V 344 -21.88 -85.64 -34.97
C GLN V 344 -22.70 -85.78 -33.71
N VAL V 345 -22.72 -84.72 -32.90
CA VAL V 345 -23.47 -84.70 -31.65
C VAL V 345 -24.31 -83.43 -31.63
N PHE V 346 -25.58 -83.57 -31.28
CA PHE V 346 -26.41 -82.41 -31.00
C PHE V 346 -27.45 -82.78 -29.96
N THR V 347 -27.90 -81.78 -29.22
CA THR V 347 -28.98 -81.93 -28.28
C THR V 347 -30.25 -81.33 -28.88
N ASP V 348 -31.35 -82.07 -28.77
CA ASP V 348 -32.66 -81.56 -29.18
C ASP V 348 -33.16 -80.62 -28.08
N SER V 349 -32.51 -79.45 -28.01
CA SER V 349 -32.78 -78.51 -26.93
C SER V 349 -34.15 -77.85 -27.07
N GLU V 350 -34.67 -77.76 -28.29
CA GLU V 350 -36.00 -77.22 -28.52
C GLU V 350 -37.08 -78.29 -28.50
N TYR V 351 -36.72 -79.55 -28.23
CA TYR V 351 -37.68 -80.65 -28.15
C TYR V 351 -38.47 -80.78 -29.45
N GLN V 352 -37.77 -80.63 -30.57
CA GLN V 352 -38.39 -80.73 -31.88
C GLN V 352 -38.40 -82.15 -32.41
N LEU V 353 -37.72 -83.04 -31.80
CA LEU V 353 -37.73 -84.43 -32.20
C LEU V 353 -38.68 -85.22 -31.30
N PRO V 354 -39.21 -86.33 -31.79
CA PRO V 354 -39.96 -87.24 -30.91
C PRO V 354 -39.09 -87.66 -29.73
N TYR V 355 -39.61 -87.45 -28.54
CA TYR V 355 -38.87 -87.71 -27.31
C TYR V 355 -39.06 -89.16 -26.92
N VAL V 356 -38.02 -89.98 -27.14
CA VAL V 356 -38.11 -91.40 -26.86
C VAL V 356 -37.49 -91.77 -25.52
N LEU V 357 -36.83 -90.84 -24.85
CA LEU V 357 -36.48 -91.06 -23.47
C LEU V 357 -37.75 -91.08 -22.62
N GLY V 358 -37.63 -91.65 -21.43
CA GLY V 358 -38.82 -91.77 -20.61
C GLY V 358 -39.77 -92.86 -21.07
N SER V 359 -39.29 -93.85 -21.82
CA SER V 359 -40.06 -95.04 -22.13
C SER V 359 -39.43 -96.28 -21.52
N ALA V 360 -38.56 -96.10 -20.53
CA ALA V 360 -37.92 -97.19 -19.79
C ALA V 360 -37.18 -98.14 -20.73
N HIS V 361 -36.47 -97.58 -21.70
CA HIS V 361 -35.74 -98.36 -22.67
C HIS V 361 -34.36 -98.74 -22.17
N GLN V 362 -33.84 -99.85 -22.67
CA GLN V 362 -32.46 -100.22 -22.44
C GLN V 362 -31.53 -99.25 -23.16
N GLY V 363 -30.25 -99.34 -22.84
CA GLY V 363 -29.26 -98.48 -23.45
C GLY V 363 -28.83 -97.31 -22.60
N CYS V 364 -29.33 -97.20 -21.37
CA CYS V 364 -28.84 -96.17 -20.48
C CYS V 364 -27.40 -96.45 -20.06
N LEU V 365 -26.79 -95.47 -19.42
CA LEU V 365 -25.47 -95.69 -18.86
C LEU V 365 -25.52 -96.85 -17.88
N PRO V 366 -24.56 -97.76 -17.92
CA PRO V 366 -24.62 -98.92 -17.04
C PRO V 366 -24.47 -98.51 -15.59
N PRO V 367 -25.09 -99.24 -14.66
CA PRO V 367 -24.93 -98.91 -13.24
C PRO V 367 -23.49 -99.00 -12.77
N PHE V 368 -22.71 -99.93 -13.29
CA PHE V 368 -21.34 -100.13 -12.86
C PHE V 368 -20.41 -99.25 -13.68
N PRO V 369 -19.62 -98.37 -13.05
CA PRO V 369 -18.79 -97.44 -13.83
C PRO V 369 -17.78 -98.12 -14.73
N ALA V 370 -17.28 -99.29 -14.36
CA ALA V 370 -16.30 -99.99 -15.19
C ALA V 370 -16.92 -100.58 -16.43
N ASP V 371 -18.24 -100.54 -16.57
CA ASP V 371 -18.91 -101.22 -17.66
C ASP V 371 -18.91 -100.37 -18.92
N VAL V 372 -18.49 -100.95 -20.03
CA VAL V 372 -18.51 -100.28 -21.32
C VAL V 372 -19.82 -100.63 -22.02
N PHE V 373 -20.54 -99.63 -22.49
CA PHE V 373 -21.88 -99.84 -23.02
C PHE V 373 -21.99 -99.37 -24.46
N MET V 374 -22.90 -100.01 -25.17
CA MET V 374 -23.23 -99.68 -26.54
C MET V 374 -24.33 -98.63 -26.57
N ILE V 375 -24.15 -97.63 -27.41
CA ILE V 375 -25.14 -96.55 -27.51
C ILE V 375 -26.37 -97.05 -28.27
N PRO V 376 -27.57 -96.88 -27.73
CA PRO V 376 -28.77 -97.38 -28.43
C PRO V 376 -29.07 -96.57 -29.68
N GLN V 377 -29.71 -97.23 -30.64
CA GLN V 377 -30.08 -96.58 -31.88
C GLN V 377 -31.34 -95.75 -31.71
N TYR V 378 -31.34 -94.54 -32.24
CA TYR V 378 -32.50 -93.68 -32.15
C TYR V 378 -33.52 -94.05 -33.21
N GLY V 379 -34.74 -94.29 -32.78
CA GLY V 379 -35.86 -94.42 -33.69
C GLY V 379 -37.08 -93.78 -33.05
N TYR V 380 -38.08 -93.54 -33.87
CA TYR V 380 -39.29 -92.91 -33.36
C TYR V 380 -40.49 -93.44 -34.11
N LEU V 381 -41.65 -93.23 -33.51
CA LEU V 381 -42.92 -93.61 -34.10
C LEU V 381 -43.74 -92.37 -34.39
N THR V 382 -44.52 -92.45 -35.46
CA THR V 382 -45.45 -91.39 -35.79
C THR V 382 -46.83 -92.00 -35.95
N LEU V 383 -47.78 -91.24 -36.45
CA LEU V 383 -49.14 -91.76 -36.59
C LEU V 383 -49.17 -92.91 -37.58
N ASN V 384 -49.93 -93.95 -37.25
CA ASN V 384 -50.07 -95.11 -38.10
C ASN V 384 -51.53 -95.52 -38.18
N ASN V 385 -51.86 -96.13 -39.32
CA ASN V 385 -53.15 -96.80 -39.53
C ASN V 385 -52.77 -98.21 -39.96
N GLY V 386 -52.70 -99.12 -39.00
CA GLY V 386 -52.09 -100.41 -39.27
C GLY V 386 -50.60 -100.22 -39.50
N SER V 387 -50.10 -100.78 -40.59
CA SER V 387 -48.70 -100.58 -40.98
C SER V 387 -48.51 -99.37 -41.87
N GLN V 388 -49.57 -98.66 -42.22
CA GLN V 388 -49.50 -97.53 -43.12
C GLN V 388 -49.38 -96.23 -42.34
N ALA V 389 -48.71 -95.27 -42.96
CA ALA V 389 -48.71 -93.92 -42.42
C ALA V 389 -49.97 -93.17 -42.87
N VAL V 390 -50.28 -92.11 -42.15
CA VAL V 390 -51.34 -91.20 -42.55
C VAL V 390 -50.70 -89.88 -42.96
N GLY V 391 -51.52 -88.98 -43.51
CA GLY V 391 -51.01 -87.70 -43.94
C GLY V 391 -50.42 -86.88 -42.82
N ARG V 392 -50.85 -87.12 -41.58
CA ARG V 392 -50.32 -86.39 -40.45
C ARG V 392 -49.03 -87.00 -39.90
N SER V 393 -48.61 -88.15 -40.43
CA SER V 393 -47.36 -88.75 -39.99
C SER V 393 -46.18 -87.85 -40.30
N SER V 394 -45.29 -87.70 -39.33
CA SER V 394 -44.15 -86.80 -39.45
C SER V 394 -42.89 -87.62 -39.69
N PHE V 395 -42.10 -87.20 -40.66
CA PHE V 395 -40.77 -87.73 -40.89
C PHE V 395 -39.75 -86.69 -40.44
N TYR V 396 -38.78 -87.11 -39.64
CA TYR V 396 -37.75 -86.23 -39.14
C TYR V 396 -36.40 -86.71 -39.64
N CYS V 397 -35.66 -85.80 -40.27
CA CYS V 397 -34.27 -86.01 -40.62
C CYS V 397 -33.41 -85.37 -39.54
N LEU V 398 -32.63 -86.17 -38.84
CA LEU V 398 -31.81 -85.62 -37.77
C LEU V 398 -30.60 -84.87 -38.31
N GLU V 399 -30.23 -85.12 -39.57
CA GLU V 399 -29.22 -84.28 -40.22
C GLU V 399 -29.74 -82.88 -40.48
N TYR V 400 -31.05 -82.67 -40.44
CA TYR V 400 -31.64 -81.36 -40.60
C TYR V 400 -31.49 -80.50 -39.36
N PHE V 401 -30.71 -80.94 -38.39
CA PHE V 401 -30.42 -80.18 -37.20
C PHE V 401 -28.97 -79.71 -37.22
N PRO V 402 -28.66 -78.58 -36.60
CA PRO V 402 -27.26 -78.22 -36.41
C PRO V 402 -26.60 -79.17 -35.43
N SER V 403 -25.50 -79.80 -35.86
CA SER V 403 -24.77 -80.74 -35.04
C SER V 403 -23.33 -80.29 -34.95
N GLN V 404 -22.74 -80.47 -33.77
CA GLN V 404 -21.30 -80.28 -33.62
C GLN V 404 -20.60 -81.53 -34.16
N MET V 405 -19.65 -81.34 -35.04
CA MET V 405 -18.83 -82.44 -35.53
C MET V 405 -17.53 -82.47 -34.77
N LEU V 406 -17.13 -83.67 -34.32
CA LEU V 406 -16.03 -83.83 -33.39
C LEU V 406 -15.03 -84.78 -34.00
N ARG V 407 -13.78 -84.35 -34.11
CA ARG V 407 -12.69 -85.27 -34.38
C ARG V 407 -12.15 -85.79 -33.06
N THR V 408 -11.09 -86.59 -33.13
CA THR V 408 -10.59 -87.27 -31.94
C THR V 408 -10.12 -86.30 -30.88
N GLY V 409 -9.72 -85.09 -31.26
CA GLY V 409 -9.28 -84.11 -30.29
C GLY V 409 -10.37 -83.22 -29.74
N ASN V 410 -11.59 -83.34 -30.23
CA ASN V 410 -12.68 -82.47 -29.82
C ASN V 410 -13.48 -83.09 -28.68
N ASN V 411 -14.17 -82.23 -27.94
CA ASN V 411 -15.09 -82.68 -26.92
C ASN V 411 -16.39 -81.90 -27.05
N PHE V 412 -17.45 -82.48 -26.50
CA PHE V 412 -18.78 -81.90 -26.53
C PHE V 412 -19.28 -81.78 -25.10
N GLN V 413 -19.94 -80.67 -24.80
CA GLN V 413 -20.52 -80.52 -23.48
C GLN V 413 -21.69 -79.55 -23.54
N PHE V 414 -22.64 -79.77 -22.65
CA PHE V 414 -23.74 -78.83 -22.47
C PHE V 414 -24.24 -78.95 -21.04
N THR V 415 -24.90 -77.90 -20.59
CA THR V 415 -25.51 -77.86 -19.27
C THR V 415 -27.01 -77.68 -19.41
N TYR V 416 -27.74 -78.21 -18.45
CA TYR V 416 -29.19 -78.16 -18.46
C TYR V 416 -29.66 -77.90 -17.03
N THR V 417 -30.69 -77.06 -16.91
CA THR V 417 -31.30 -76.78 -15.62
C THR V 417 -32.68 -77.39 -15.58
N PHE V 418 -32.94 -78.21 -14.57
CA PHE V 418 -34.26 -78.77 -14.39
C PHE V 418 -35.25 -77.69 -13.97
N GLU V 419 -36.47 -77.79 -14.49
CA GLU V 419 -37.52 -76.89 -14.03
C GLU V 419 -37.86 -77.20 -12.58
N ASP V 420 -38.56 -76.28 -11.95
CA ASP V 420 -39.01 -76.51 -10.58
C ASP V 420 -39.98 -77.67 -10.54
N VAL V 421 -39.54 -78.80 -10.02
CA VAL V 421 -40.35 -80.01 -9.97
C VAL V 421 -40.58 -80.32 -8.51
N PRO V 422 -41.71 -80.92 -8.12
CA PRO V 422 -41.89 -81.28 -6.72
C PRO V 422 -40.88 -82.33 -6.27
N PHE V 423 -40.52 -82.26 -4.99
CA PHE V 423 -39.68 -83.30 -4.42
C PHE V 423 -40.38 -84.65 -4.52
N HIS V 424 -39.62 -85.66 -4.89
CA HIS V 424 -40.15 -87.01 -4.81
C HIS V 424 -40.35 -87.39 -3.35
N SER V 425 -41.48 -88.03 -3.05
CA SER V 425 -41.78 -88.41 -1.68
C SER V 425 -40.92 -89.62 -1.32
N SER V 426 -39.77 -89.35 -0.72
CA SER V 426 -38.87 -90.41 -0.28
C SER V 426 -39.20 -90.84 1.14
N TYR V 427 -40.47 -91.12 1.38
CA TYR V 427 -40.97 -91.45 2.71
C TYR V 427 -42.25 -92.26 2.56
N ALA V 428 -42.56 -93.02 3.59
CA ALA V 428 -43.84 -93.68 3.71
C ALA V 428 -44.60 -93.05 4.87
N HIS V 429 -45.91 -92.94 4.72
CA HIS V 429 -46.71 -92.33 5.77
C HIS V 429 -46.82 -93.27 6.96
N SER V 430 -46.59 -92.73 8.16
CA SER V 430 -46.75 -93.48 9.39
C SER V 430 -48.17 -93.40 9.93
N GLN V 431 -49.07 -92.77 9.20
CA GLN V 431 -50.48 -92.72 9.55
C GLN V 431 -51.29 -93.14 8.33
N SER V 432 -52.43 -93.76 8.58
CA SER V 432 -53.35 -94.09 7.51
C SER V 432 -54.39 -92.99 7.36
N LEU V 433 -54.92 -92.85 6.15
CA LEU V 433 -55.86 -91.77 5.87
C LEU V 433 -57.13 -91.91 6.67
N ASP V 434 -57.55 -93.14 6.96
CA ASP V 434 -58.76 -93.38 7.75
C ASP V 434 -58.48 -93.43 9.24
N ARG V 435 -57.27 -93.11 9.66
CA ARG V 435 -56.87 -93.14 11.06
C ARG V 435 -56.18 -91.86 11.45
N LEU V 436 -56.69 -90.72 11.00
CA LEU V 436 -56.11 -89.42 11.30
C LEU V 436 -56.72 -88.77 12.53
N MET V 437 -57.69 -89.42 13.15
CA MET V 437 -58.44 -88.85 14.25
C MET V 437 -57.84 -89.20 15.60
N ASN V 438 -58.24 -88.43 16.60
CA ASN V 438 -57.88 -88.72 17.98
C ASN V 438 -58.61 -89.96 18.44
N PRO V 439 -57.91 -91.02 18.87
CA PRO V 439 -58.57 -92.26 19.28
C PRO V 439 -59.17 -92.23 20.67
N LEU V 440 -59.19 -91.08 21.34
CA LEU V 440 -59.73 -90.98 22.70
C LEU V 440 -60.99 -90.16 22.78
N ILE V 441 -61.30 -89.35 21.78
CA ILE V 441 -62.38 -88.37 21.84
C ILE V 441 -63.43 -88.75 20.81
N ASP V 442 -64.70 -88.66 21.22
CA ASP V 442 -65.79 -88.83 20.28
C ASP V 442 -65.88 -87.64 19.34
N GLN V 443 -66.52 -87.86 18.21
CA GLN V 443 -66.86 -86.77 17.33
C GLN V 443 -68.14 -86.10 17.81
N TYR V 444 -68.25 -84.80 17.56
CA TYR V 444 -69.52 -84.13 17.80
C TYR V 444 -70.49 -84.34 16.65
N LEU V 445 -70.02 -84.83 15.51
CA LEU V 445 -70.89 -85.15 14.39
C LEU V 445 -71.53 -86.53 14.60
N TYR V 446 -72.75 -86.66 14.12
CA TYR V 446 -73.48 -87.91 14.19
C TYR V 446 -73.50 -88.58 12.82
N TYR V 447 -73.65 -89.89 12.83
CA TYR V 447 -73.87 -90.67 11.63
C TYR V 447 -75.09 -91.53 11.82
N LEU V 448 -75.77 -91.84 10.72
CA LEU V 448 -76.90 -92.77 10.77
C LEU V 448 -76.40 -94.14 11.18
N SER V 449 -76.72 -94.56 12.39
CA SER V 449 -76.21 -95.81 12.93
C SER V 449 -77.17 -96.98 12.79
N ARG V 450 -78.47 -96.72 12.78
CA ARG V 450 -79.44 -97.78 12.59
C ARG V 450 -80.64 -97.25 11.82
N THR V 451 -81.21 -98.12 10.98
CA THR V 451 -82.44 -97.80 10.27
C THR V 451 -83.58 -98.71 10.67
N GLN V 452 -83.37 -99.61 11.62
CA GLN V 452 -84.38 -100.57 12.04
C GLN V 452 -84.29 -100.76 13.55
N THR V 453 -85.43 -100.87 14.20
CA THR V 453 -85.47 -101.02 15.65
C THR V 453 -84.90 -102.37 16.09
N ASN V 459 -89.26 -106.13 13.96
CA ASN V 459 -88.66 -104.81 14.02
C ASN V 459 -89.20 -103.90 12.92
N THR V 460 -89.24 -102.61 13.20
CA THR V 460 -89.82 -101.62 12.30
C THR V 460 -88.75 -100.60 11.91
N GLN V 461 -89.09 -99.78 10.93
CA GLN V 461 -88.17 -98.73 10.49
C GLN V 461 -88.01 -97.68 11.58
N THR V 462 -86.79 -97.14 11.66
CA THR V 462 -86.48 -96.07 12.60
C THR V 462 -85.25 -95.34 12.06
N LEU V 463 -84.87 -94.27 12.74
CA LEU V 463 -83.65 -93.54 12.42
C LEU V 463 -82.89 -93.35 13.73
N GLY V 464 -81.82 -94.12 13.90
CA GLY V 464 -80.95 -93.99 15.05
C GLY V 464 -79.62 -93.39 14.61
N PHE V 465 -79.15 -92.41 15.39
CA PHE V 465 -77.93 -91.69 15.07
C PHE V 465 -76.97 -91.83 16.24
N SER V 466 -75.71 -92.08 15.93
CA SER V 466 -74.68 -92.23 16.93
C SER V 466 -73.51 -91.31 16.59
N GLN V 467 -72.73 -90.97 17.62
CA GLN V 467 -71.54 -90.18 17.42
C GLN V 467 -70.36 -91.11 17.14
N GLY V 468 -69.62 -90.81 16.09
CA GLY V 468 -68.42 -91.55 15.79
C GLY V 468 -67.41 -91.42 16.91
N GLY V 469 -66.84 -92.54 17.34
CA GLY V 469 -65.91 -92.54 18.44
C GLY V 469 -64.77 -93.50 18.23
N PRO V 470 -64.02 -93.77 19.30
CA PRO V 470 -62.86 -94.66 19.18
C PRO V 470 -63.20 -96.06 18.68
N ASN V 471 -64.42 -96.54 18.95
CA ASN V 471 -64.78 -97.89 18.56
C ASN V 471 -65.45 -97.94 17.20
N THR V 472 -66.25 -96.94 16.85
CA THR V 472 -66.88 -96.86 15.53
C THR V 472 -66.05 -95.98 14.59
N MET V 473 -64.79 -96.36 14.44
CA MET V 473 -63.84 -95.53 13.72
C MET V 473 -64.09 -95.56 12.23
N ALA V 474 -64.66 -96.64 11.72
CA ALA V 474 -65.04 -96.71 10.32
C ALA V 474 -66.22 -95.80 9.98
N ASN V 475 -67.03 -95.45 10.96
CA ASN V 475 -68.20 -94.61 10.74
C ASN V 475 -67.93 -93.14 10.92
N GLN V 476 -66.75 -92.76 11.40
CA GLN V 476 -66.48 -91.37 11.72
C GLN V 476 -66.49 -90.50 10.47
N ALA V 477 -66.95 -89.27 10.63
CA ALA V 477 -66.83 -88.29 9.57
C ALA V 477 -65.37 -87.99 9.32
N LYS V 478 -64.99 -87.92 8.05
CA LYS V 478 -63.61 -87.74 7.65
C LYS V 478 -63.53 -86.67 6.56
N ASN V 479 -62.37 -86.04 6.47
CA ASN V 479 -62.18 -84.93 5.55
C ASN V 479 -61.63 -85.33 4.20
N TRP V 480 -61.09 -86.54 4.06
CA TRP V 480 -60.32 -86.88 2.88
C TRP V 480 -60.69 -88.27 2.38
N LEU V 481 -60.41 -88.50 1.11
CA LEU V 481 -60.68 -89.76 0.45
C LEU V 481 -59.37 -90.34 -0.10
N PRO V 482 -59.28 -91.66 -0.21
CA PRO V 482 -58.09 -92.26 -0.82
C PRO V 482 -58.01 -91.90 -2.28
N GLY V 483 -56.77 -91.94 -2.80
CA GLY V 483 -56.51 -91.58 -4.17
C GLY V 483 -57.29 -92.41 -5.17
N PRO V 484 -57.18 -92.04 -6.44
CA PRO V 484 -58.01 -92.69 -7.46
C PRO V 484 -57.60 -94.13 -7.70
N CYS V 485 -58.54 -94.89 -8.25
CA CYS V 485 -58.38 -96.33 -8.43
C CYS V 485 -58.66 -96.71 -9.88
N TYR V 486 -57.85 -97.62 -10.41
CA TYR V 486 -58.07 -98.23 -11.72
C TYR V 486 -57.73 -99.71 -11.55
N ARG V 487 -58.74 -100.49 -11.16
CA ARG V 487 -58.49 -101.79 -10.55
C ARG V 487 -57.74 -102.74 -11.50
N GLN V 488 -56.76 -103.42 -10.95
CA GLN V 488 -55.96 -104.40 -11.65
C GLN V 488 -56.29 -105.80 -11.15
N GLN V 489 -56.09 -106.79 -12.01
CA GLN V 489 -56.27 -108.17 -11.60
C GLN V 489 -55.17 -108.59 -10.65
N ARG V 490 -55.53 -109.40 -9.66
CA ARG V 490 -54.59 -109.85 -8.65
C ARG V 490 -53.93 -111.14 -9.11
N VAL V 491 -52.61 -111.19 -9.00
CA VAL V 491 -51.82 -112.37 -9.34
C VAL V 491 -51.01 -112.75 -8.12
N SER V 492 -50.99 -114.04 -7.80
CA SER V 492 -50.23 -114.54 -6.67
C SER V 492 -48.89 -115.08 -7.16
N THR V 493 -47.82 -114.73 -6.45
CA THR V 493 -46.53 -115.32 -6.74
C THR V 493 -46.50 -116.81 -6.42
N THR V 494 -47.40 -117.27 -5.55
CA THR V 494 -47.66 -118.70 -5.36
C THR V 494 -48.59 -119.13 -6.49
N THR V 495 -48.01 -119.73 -7.54
CA THR V 495 -48.75 -119.95 -8.78
C THR V 495 -49.95 -120.87 -8.57
N GLY V 496 -49.89 -121.77 -7.60
CA GLY V 496 -51.01 -122.65 -7.34
C GLY V 496 -52.28 -121.92 -6.93
N GLN V 497 -52.14 -120.70 -6.40
CA GLN V 497 -53.29 -119.90 -6.03
C GLN V 497 -53.88 -119.13 -7.21
N ASN V 498 -53.24 -119.16 -8.36
CA ASN V 498 -53.74 -118.45 -9.53
C ASN V 498 -54.68 -119.34 -10.33
N ASN V 499 -55.55 -118.69 -11.10
CA ASN V 499 -56.42 -119.41 -12.02
C ASN V 499 -55.58 -120.11 -13.09
N ASN V 500 -55.97 -121.34 -13.40
CA ASN V 500 -55.25 -122.13 -14.40
C ASN V 500 -55.69 -121.70 -15.79
N SER V 501 -55.22 -120.52 -16.19
CA SER V 501 -55.49 -119.98 -17.51
C SER V 501 -54.43 -118.93 -17.81
N ASN V 502 -54.31 -118.60 -19.09
CA ASN V 502 -53.38 -117.58 -19.55
C ASN V 502 -54.15 -116.26 -19.63
N PHE V 503 -54.12 -115.49 -18.55
CA PHE V 503 -54.92 -114.29 -18.44
C PHE V 503 -54.09 -113.02 -18.30
N ALA V 504 -52.80 -113.07 -18.60
CA ALA V 504 -51.96 -111.89 -18.45
C ALA V 504 -52.46 -110.75 -19.34
N TRP V 505 -52.87 -111.07 -20.57
CA TRP V 505 -53.40 -110.08 -21.48
C TRP V 505 -54.92 -110.00 -21.43
N THR V 506 -55.61 -111.14 -21.44
CA THR V 506 -57.07 -111.12 -21.49
C THR V 506 -57.66 -110.47 -20.25
N ALA V 507 -57.09 -110.76 -19.08
CA ALA V 507 -57.51 -110.12 -17.83
C ALA V 507 -56.70 -108.89 -17.50
N GLY V 508 -55.79 -108.48 -18.38
CA GLY V 508 -54.98 -107.32 -18.11
C GLY V 508 -55.80 -106.05 -18.03
N THR V 509 -55.36 -105.14 -17.18
CA THR V 509 -56.01 -103.84 -17.04
C THR V 509 -55.48 -102.92 -18.13
N LYS V 510 -56.38 -102.46 -18.98
CA LYS V 510 -56.00 -101.81 -20.23
C LYS V 510 -56.70 -100.47 -20.38
N TYR V 511 -56.12 -99.63 -21.22
CA TYR V 511 -56.83 -98.48 -21.74
C TYR V 511 -57.00 -98.62 -23.24
N HIS V 512 -57.98 -97.92 -23.77
CA HIS V 512 -58.37 -98.01 -25.17
C HIS V 512 -58.08 -96.67 -25.83
N LEU V 513 -57.29 -96.69 -26.90
CA LEU V 513 -56.92 -95.47 -27.59
C LEU V 513 -56.92 -95.73 -29.09
N ASN V 514 -57.81 -95.05 -29.81
CA ASN V 514 -57.90 -95.15 -31.26
C ASN V 514 -58.03 -96.61 -31.71
N GLY V 515 -58.95 -97.33 -31.07
CA GLY V 515 -59.18 -98.71 -31.40
C GLY V 515 -58.05 -99.65 -31.05
N ARG V 516 -57.06 -99.19 -30.29
CA ARG V 516 -55.91 -99.99 -29.90
C ARG V 516 -55.95 -100.18 -28.39
N ASN V 517 -55.75 -101.42 -27.95
CA ASN V 517 -55.71 -101.74 -26.54
C ASN V 517 -54.27 -101.78 -26.07
N SER V 518 -53.98 -101.06 -25.00
CA SER V 518 -52.66 -101.05 -24.39
C SER V 518 -52.83 -101.28 -22.90
N LEU V 519 -51.92 -102.06 -22.32
CA LEU V 519 -51.95 -102.27 -20.89
C LEU V 519 -51.78 -100.95 -20.15
N ALA V 520 -52.57 -100.75 -19.10
CA ALA V 520 -52.35 -99.65 -18.17
C ALA V 520 -51.22 -100.07 -17.24
N ASN V 521 -50.01 -100.02 -17.76
CA ASN V 521 -48.85 -100.65 -17.15
C ASN V 521 -47.77 -99.59 -16.91
N PRO V 522 -47.41 -99.30 -15.65
CA PRO V 522 -47.97 -99.93 -14.45
C PRO V 522 -49.26 -99.27 -13.99
N GLY V 523 -49.74 -98.29 -14.74
CA GLY V 523 -50.95 -97.59 -14.37
C GLY V 523 -50.73 -96.60 -13.24
N ILE V 524 -51.85 -96.14 -12.68
CA ILE V 524 -51.79 -95.14 -11.62
C ILE V 524 -51.21 -95.75 -10.36
N ALA V 525 -50.63 -94.91 -9.52
CA ALA V 525 -49.97 -95.35 -8.30
C ALA V 525 -51.03 -95.88 -7.33
N MET V 526 -51.03 -97.19 -7.14
CA MET V 526 -51.88 -97.83 -6.14
C MET V 526 -51.03 -98.80 -5.33
N ALA V 527 -51.46 -99.05 -4.11
CA ALA V 527 -50.75 -100.00 -3.26
C ALA V 527 -50.76 -101.37 -3.89
N THR V 528 -49.59 -102.02 -3.91
CA THR V 528 -49.45 -103.31 -4.57
C THR V 528 -50.35 -104.35 -3.93
N HIS V 529 -50.44 -104.34 -2.61
CA HIS V 529 -51.24 -105.31 -1.87
C HIS V 529 -51.59 -104.70 -0.52
N LYS V 530 -52.53 -105.33 0.17
CA LYS V 530 -52.89 -104.89 1.50
C LYS V 530 -52.04 -105.64 2.51
N ASP V 531 -52.38 -105.50 3.79
CA ASP V 531 -51.61 -106.12 4.86
C ASP V 531 -51.57 -107.63 4.71
N ASP V 532 -50.38 -108.20 4.92
CA ASP V 532 -50.18 -109.65 4.95
C ASP V 532 -50.53 -110.33 3.63
N GLU V 533 -50.37 -109.62 2.51
CA GLU V 533 -50.64 -110.16 1.20
C GLU V 533 -49.50 -109.86 0.24
N GLU V 534 -48.27 -110.00 0.71
CA GLU V 534 -47.11 -109.66 -0.10
C GLU V 534 -47.01 -110.54 -1.34
N ARG V 535 -47.56 -111.75 -1.30
CA ARG V 535 -47.52 -112.64 -2.44
C ARG V 535 -48.38 -112.16 -3.61
N PHE V 536 -49.27 -111.21 -3.38
CA PHE V 536 -50.17 -110.72 -4.42
C PHE V 536 -49.61 -109.46 -5.04
N PHE V 537 -49.76 -109.35 -6.36
CA PHE V 537 -49.40 -108.13 -7.06
C PHE V 537 -50.39 -107.89 -8.19
N PRO V 538 -50.63 -106.63 -8.55
CA PRO V 538 -51.44 -106.36 -9.74
C PRO V 538 -50.75 -106.89 -10.99
N SER V 539 -51.55 -107.43 -11.91
CA SER V 539 -51.00 -108.16 -13.04
C SER V 539 -50.09 -107.28 -13.89
N ASN V 540 -50.48 -106.04 -14.14
CA ASN V 540 -49.64 -105.08 -14.84
C ASN V 540 -49.64 -103.75 -14.11
N GLY V 541 -49.48 -103.80 -12.79
CA GLY V 541 -49.57 -102.60 -11.97
C GLY V 541 -48.34 -102.30 -11.14
N ILE V 542 -47.23 -102.98 -11.42
CA ILE V 542 -45.99 -102.75 -10.71
C ILE V 542 -44.83 -102.72 -11.72
N LEU V 543 -43.76 -102.06 -11.32
CA LEU V 543 -42.52 -102.14 -12.07
C LEU V 543 -41.85 -103.47 -11.78
N ILE V 544 -41.46 -104.18 -12.83
CA ILE V 544 -40.79 -105.46 -12.71
C ILE V 544 -39.43 -105.33 -13.36
N PHE V 545 -38.38 -105.43 -12.56
CA PHE V 545 -37.01 -105.40 -13.06
C PHE V 545 -36.49 -106.82 -13.19
N GLY V 546 -35.64 -107.04 -14.19
CA GLY V 546 -35.03 -108.33 -14.39
C GLY V 546 -33.73 -108.43 -13.61
N LYS V 547 -33.51 -109.61 -13.05
CA LYS V 547 -32.22 -109.91 -12.48
C LYS V 547 -31.18 -110.02 -13.59
N GLN V 548 -29.91 -110.00 -13.21
CA GLN V 548 -28.85 -110.10 -14.20
C GLN V 548 -28.99 -111.40 -14.98
N ASN V 549 -28.85 -111.31 -16.30
CA ASN V 549 -28.96 -112.44 -17.22
C ASN V 549 -30.37 -113.02 -17.26
N ALA V 550 -31.38 -112.23 -16.91
CA ALA V 550 -32.75 -112.67 -17.08
C ALA V 550 -33.10 -112.69 -18.57
N ALA V 551 -33.88 -113.70 -18.96
CA ALA V 551 -34.28 -113.82 -20.36
C ALA V 551 -35.16 -112.66 -20.77
N ARG V 552 -35.02 -112.25 -22.04
CA ARG V 552 -35.87 -111.20 -22.57
C ARG V 552 -37.33 -111.61 -22.59
N ASP V 553 -37.61 -112.85 -23.00
CA ASP V 553 -38.98 -113.35 -23.10
C ASP V 553 -39.18 -114.51 -22.13
N ASN V 554 -40.33 -114.50 -21.44
CA ASN V 554 -40.74 -115.59 -20.57
C ASN V 554 -39.69 -115.91 -19.52
N ALA V 555 -39.18 -114.86 -18.88
CA ALA V 555 -38.33 -115.05 -17.71
C ALA V 555 -39.17 -115.57 -16.55
N ASP V 556 -38.62 -116.52 -15.81
CA ASP V 556 -39.32 -117.06 -14.66
C ASP V 556 -39.41 -116.03 -13.55
N TYR V 557 -40.32 -116.27 -12.60
CA TYR V 557 -40.46 -115.35 -11.49
C TYR V 557 -39.18 -115.22 -10.69
N SER V 558 -38.36 -116.28 -10.65
CA SER V 558 -37.09 -116.20 -9.94
C SER V 558 -36.07 -115.34 -10.67
N ASP V 559 -36.29 -115.05 -11.95
CA ASP V 559 -35.37 -114.22 -12.72
C ASP V 559 -35.75 -112.76 -12.75
N VAL V 560 -36.86 -112.37 -12.12
CA VAL V 560 -37.30 -110.99 -12.15
C VAL V 560 -37.41 -110.49 -10.72
N MET V 561 -37.47 -109.17 -10.59
CA MET V 561 -37.52 -108.49 -9.30
C MET V 561 -38.79 -107.66 -9.27
N LEU V 562 -39.81 -108.14 -8.55
CA LEU V 562 -41.05 -107.40 -8.43
C LEU V 562 -40.88 -106.27 -7.43
N THR V 563 -41.29 -105.07 -7.83
CA THR V 563 -41.37 -103.98 -6.89
C THR V 563 -42.69 -104.05 -6.13
N SER V 564 -42.76 -103.31 -5.02
CA SER V 564 -43.96 -103.26 -4.22
C SER V 564 -44.21 -101.83 -3.79
N GLU V 565 -45.42 -101.34 -4.04
CA GLU V 565 -45.85 -100.02 -3.59
C GLU V 565 -46.71 -100.11 -2.34
N GLU V 566 -46.41 -101.06 -1.45
CA GLU V 566 -47.20 -101.23 -0.24
C GLU V 566 -47.07 -100.03 0.71
N GLU V 567 -46.04 -99.20 0.56
CA GLU V 567 -45.89 -98.05 1.42
C GLU V 567 -47.02 -97.04 1.27
N ILE V 568 -47.70 -97.04 0.13
CA ILE V 568 -48.77 -96.09 -0.12
C ILE V 568 -50.14 -96.68 0.21
N LYS V 569 -50.19 -97.80 0.93
CA LYS V 569 -51.44 -98.33 1.45
C LYS V 569 -52.17 -97.28 2.28
N THR V 570 -51.42 -96.42 2.95
CA THR V 570 -52.00 -95.46 3.88
C THR V 570 -52.87 -94.43 3.17
N THR V 571 -52.59 -94.17 1.91
CA THR V 571 -53.31 -93.13 1.19
C THR V 571 -53.90 -93.63 -0.12
N ASN V 572 -53.22 -94.53 -0.82
CA ASN V 572 -53.72 -95.02 -2.09
C ASN V 572 -54.46 -96.33 -1.90
N PRO V 573 -55.54 -96.54 -2.65
CA PRO V 573 -56.24 -97.82 -2.58
C PRO V 573 -55.37 -98.94 -3.13
N VAL V 574 -55.62 -100.15 -2.64
CA VAL V 574 -54.90 -101.32 -3.12
C VAL V 574 -55.23 -101.55 -4.58
N ALA V 575 -54.20 -101.84 -5.38
CA ALA V 575 -54.37 -101.91 -6.83
C ALA V 575 -55.34 -102.99 -7.25
N THR V 576 -55.45 -104.06 -6.47
CA THR V 576 -56.27 -105.21 -6.83
C THR V 576 -57.62 -105.22 -6.12
N GLU V 577 -57.94 -104.16 -5.39
CA GLU V 577 -59.19 -104.07 -4.66
C GLU V 577 -60.04 -102.95 -5.25
N GLU V 578 -61.33 -103.00 -4.96
CA GLU V 578 -62.23 -101.94 -5.35
C GLU V 578 -61.95 -100.66 -4.58
N TYR V 579 -62.25 -99.53 -5.21
CA TYR V 579 -62.09 -98.25 -4.52
C TYR V 579 -63.04 -98.15 -3.33
N GLY V 580 -64.28 -98.57 -3.51
CA GLY V 580 -65.26 -98.43 -2.46
C GLY V 580 -66.60 -98.90 -2.94
N ILE V 581 -67.63 -98.47 -2.23
CA ILE V 581 -69.00 -98.90 -2.46
C ILE V 581 -69.88 -97.67 -2.63
N VAL V 582 -70.73 -97.67 -3.65
CA VAL V 582 -71.70 -96.61 -3.85
C VAL V 582 -73.09 -97.23 -3.96
N ALA V 583 -74.09 -96.41 -3.71
CA ALA V 583 -75.47 -96.84 -3.89
C ALA V 583 -75.77 -97.03 -5.36
N ASP V 584 -76.54 -98.08 -5.67
CA ASP V 584 -76.91 -98.38 -7.04
C ASP V 584 -78.38 -98.12 -7.33
N ASN V 585 -79.18 -97.77 -6.34
CA ASN V 585 -80.61 -97.57 -6.53
C ASN V 585 -81.12 -96.62 -5.45
N LEU V 586 -82.43 -96.46 -5.39
CA LEU V 586 -83.10 -95.70 -4.35
C LEU V 586 -83.92 -96.68 -3.53
N GLN V 587 -83.51 -96.93 -2.30
CA GLN V 587 -84.23 -97.84 -1.45
C GLN V 587 -85.59 -97.26 -1.07
N GLN V 588 -86.61 -98.12 -1.04
CA GLN V 588 -87.94 -97.78 -0.56
C GLN V 588 -88.38 -98.88 0.38
N GLN V 589 -89.58 -98.74 0.93
CA GLN V 589 -90.12 -99.78 1.80
C GLN V 589 -90.31 -101.10 1.06
N ASN V 590 -90.36 -101.08 -0.27
CA ASN V 590 -90.51 -102.29 -1.05
C ASN V 590 -89.25 -102.70 -1.79
N THR V 591 -88.26 -101.83 -1.93
CA THR V 591 -87.02 -102.15 -2.63
C THR V 591 -85.85 -102.02 -1.66
N ALA V 592 -85.15 -103.12 -1.43
CA ALA V 592 -83.99 -103.10 -0.56
C ALA V 592 -82.87 -102.31 -1.23
N PRO V 593 -82.06 -101.61 -0.44
CA PRO V 593 -80.95 -100.84 -1.03
C PRO V 593 -79.96 -101.76 -1.71
N GLN V 594 -79.45 -101.31 -2.85
CA GLN V 594 -78.46 -102.05 -3.62
C GLN V 594 -77.17 -101.24 -3.66
N ILE V 595 -76.05 -101.93 -3.65
CA ILE V 595 -74.75 -101.29 -3.63
C ILE V 595 -73.98 -101.65 -4.89
N GLY V 596 -73.20 -100.71 -5.37
CA GLY V 596 -72.34 -100.91 -6.53
C GLY V 596 -70.88 -100.86 -6.09
N THR V 597 -70.09 -101.78 -6.64
CA THR V 597 -68.67 -101.85 -6.35
C THR V 597 -67.91 -100.96 -7.33
N VAL V 598 -67.18 -99.98 -6.80
CA VAL V 598 -66.44 -99.03 -7.62
C VAL V 598 -65.08 -99.64 -7.91
N ASN V 599 -64.91 -100.13 -9.13
CA ASN V 599 -63.63 -100.69 -9.57
C ASN V 599 -62.77 -99.69 -10.31
N SER V 600 -63.29 -98.51 -10.62
CA SER V 600 -62.53 -97.46 -11.27
C SER V 600 -63.06 -96.13 -10.77
N GLN V 601 -62.21 -95.34 -10.14
CA GLN V 601 -62.63 -94.08 -9.56
C GLN V 601 -61.68 -92.98 -10.01
N GLY V 602 -62.21 -92.02 -10.75
CA GLY V 602 -61.45 -90.84 -11.10
C GLY V 602 -61.36 -89.87 -9.95
N ALA V 603 -60.74 -88.74 -10.22
CA ALA V 603 -60.46 -87.76 -9.16
C ALA V 603 -61.75 -87.25 -8.54
N LEU V 604 -61.80 -87.28 -7.21
CA LEU V 604 -62.87 -86.69 -6.43
C LEU V 604 -62.30 -85.62 -5.52
N PRO V 605 -63.07 -84.57 -5.22
CA PRO V 605 -62.58 -83.56 -4.29
C PRO V 605 -62.30 -84.17 -2.93
N GLY V 606 -61.24 -83.67 -2.28
CA GLY V 606 -60.81 -84.24 -1.03
C GLY V 606 -59.97 -85.48 -1.15
N MET V 607 -59.68 -85.93 -2.36
CA MET V 607 -58.87 -87.12 -2.54
C MET V 607 -57.40 -86.77 -2.44
N VAL V 608 -56.64 -87.62 -1.76
CA VAL V 608 -55.20 -87.47 -1.65
C VAL V 608 -54.55 -88.80 -2.03
N TRP V 609 -53.34 -88.72 -2.56
CA TRP V 609 -52.65 -89.93 -2.98
C TRP V 609 -51.16 -89.68 -3.03
N GLN V 610 -50.41 -90.77 -3.07
CA GLN V 610 -48.98 -90.74 -3.27
C GLN V 610 -48.65 -91.22 -4.68
N ASN V 611 -47.54 -90.71 -5.20
CA ASN V 611 -47.05 -91.20 -6.48
C ASN V 611 -46.35 -92.55 -6.30
N ARG V 612 -46.08 -93.20 -7.43
CA ARG V 612 -45.27 -94.41 -7.40
C ARG V 612 -43.87 -94.09 -6.91
N ASP V 613 -43.29 -95.03 -6.18
CA ASP V 613 -41.92 -94.87 -5.72
C ASP V 613 -40.95 -94.90 -6.90
N VAL V 614 -39.82 -94.24 -6.71
CA VAL V 614 -38.72 -94.38 -7.66
C VAL V 614 -37.78 -95.44 -7.13
N TYR V 615 -36.97 -96.00 -8.03
CA TYR V 615 -36.08 -97.10 -7.69
C TYR V 615 -34.70 -96.80 -8.23
N LEU V 616 -33.70 -97.40 -7.58
CA LEU V 616 -32.33 -97.24 -8.05
C LEU V 616 -32.20 -97.67 -9.50
N GLN V 617 -32.88 -98.74 -9.89
CA GLN V 617 -32.89 -99.21 -11.26
C GLN V 617 -33.95 -98.54 -12.12
N GLY V 618 -34.82 -97.73 -11.54
CA GLY V 618 -35.95 -97.19 -12.24
C GLY V 618 -35.67 -95.90 -12.99
N PRO V 619 -36.64 -95.42 -13.74
CA PRO V 619 -36.47 -94.16 -14.47
C PRO V 619 -36.46 -92.96 -13.53
N ILE V 620 -35.85 -91.89 -13.99
CA ILE V 620 -35.77 -90.64 -13.25
C ILE V 620 -36.85 -89.66 -13.67
N TRP V 621 -36.97 -89.41 -14.96
CA TRP V 621 -37.87 -88.39 -15.46
C TRP V 621 -38.60 -88.91 -16.68
N ALA V 622 -39.71 -88.26 -16.99
CA ALA V 622 -40.40 -88.42 -18.26
C ALA V 622 -40.81 -87.06 -18.77
N LYS V 623 -40.89 -86.93 -20.08
CA LYS V 623 -41.41 -85.72 -20.67
C LYS V 623 -42.93 -85.71 -20.54
N ILE V 624 -43.47 -84.65 -19.96
CA ILE V 624 -44.91 -84.46 -19.93
C ILE V 624 -45.34 -84.17 -21.36
N PRO V 625 -46.27 -84.95 -21.93
CA PRO V 625 -46.70 -84.70 -23.30
C PRO V 625 -47.28 -83.29 -23.43
N HIS V 626 -46.99 -82.66 -24.55
CA HIS V 626 -47.48 -81.31 -24.80
C HIS V 626 -48.94 -81.40 -25.20
N THR V 627 -49.83 -81.23 -24.22
CA THR V 627 -51.26 -81.33 -24.44
C THR V 627 -51.96 -80.15 -23.80
N ASP V 628 -53.23 -79.96 -24.18
CA ASP V 628 -54.02 -78.91 -23.57
C ASP V 628 -54.21 -79.15 -22.09
N GLY V 629 -54.48 -80.38 -21.70
CA GLY V 629 -54.76 -80.69 -20.31
C GLY V 629 -54.05 -81.94 -19.88
N ASN V 630 -53.63 -81.93 -18.62
CA ASN V 630 -53.16 -83.14 -17.95
C ASN V 630 -53.63 -83.07 -16.52
N PHE V 631 -53.74 -84.23 -15.89
CA PHE V 631 -54.08 -84.32 -14.48
C PHE V 631 -52.94 -84.97 -13.73
N HIS V 632 -52.38 -84.24 -12.77
CA HIS V 632 -51.25 -84.69 -11.96
C HIS V 632 -50.18 -85.29 -12.85
N PRO V 633 -49.47 -84.49 -13.63
CA PRO V 633 -48.56 -85.05 -14.63
C PRO V 633 -47.31 -85.65 -14.04
N SER V 634 -47.48 -86.57 -13.13
CA SER V 634 -46.38 -87.38 -12.62
C SER V 634 -46.29 -88.67 -13.41
N PRO V 635 -45.13 -89.00 -13.96
CA PRO V 635 -45.03 -90.19 -14.81
C PRO V 635 -45.45 -91.45 -14.07
N LEU V 636 -46.16 -92.33 -14.77
CA LEU V 636 -46.78 -93.46 -14.10
C LEU V 636 -45.76 -94.52 -13.69
N MET V 637 -44.70 -94.71 -14.47
CA MET V 637 -43.64 -95.62 -14.01
C MET V 637 -42.72 -94.96 -12.99
N GLY V 638 -43.10 -93.81 -12.48
CA GLY V 638 -42.37 -93.16 -11.42
C GLY V 638 -41.38 -92.13 -11.93
N GLY V 639 -41.06 -91.18 -11.08
CA GLY V 639 -40.08 -90.17 -11.38
C GLY V 639 -40.68 -88.79 -11.49
N PHE V 640 -39.95 -87.91 -12.16
CA PHE V 640 -40.29 -86.51 -12.24
C PHE V 640 -40.86 -86.21 -13.62
N GLY V 641 -42.06 -85.65 -13.65
CA GLY V 641 -42.63 -85.20 -14.89
C GLY V 641 -42.13 -83.82 -15.23
N LEU V 642 -41.52 -83.67 -16.42
CA LEU V 642 -40.92 -82.42 -16.82
C LEU V 642 -41.53 -81.97 -18.15
N LYS V 643 -41.97 -80.72 -18.20
CA LYS V 643 -42.38 -80.14 -19.47
C LYS V 643 -41.20 -80.03 -20.42
N HIS V 644 -40.03 -79.68 -19.89
CA HIS V 644 -38.80 -79.55 -20.65
C HIS V 644 -37.75 -80.43 -20.00
N PRO V 645 -37.77 -81.73 -20.30
CA PRO V 645 -36.84 -82.65 -19.66
C PRO V 645 -35.44 -82.45 -20.18
N PRO V 646 -34.44 -83.16 -19.63
CA PRO V 646 -33.12 -83.15 -20.24
C PRO V 646 -33.20 -83.50 -21.70
N PRO V 647 -32.61 -82.68 -22.56
CA PRO V 647 -32.78 -82.89 -24.00
C PRO V 647 -32.15 -84.19 -24.47
N GLN V 648 -32.73 -84.76 -25.50
CA GLN V 648 -32.12 -85.92 -26.14
C GLN V 648 -30.78 -85.52 -26.74
N ILE V 649 -29.77 -86.35 -26.49
CA ILE V 649 -28.43 -86.13 -27.03
C ILE V 649 -28.22 -87.16 -28.13
N LEU V 650 -28.22 -86.70 -29.36
CA LEU V 650 -28.12 -87.57 -30.52
C LEU V 650 -26.68 -87.60 -31.00
N ILE V 651 -26.18 -88.79 -31.29
CA ILE V 651 -24.80 -88.98 -31.70
C ILE V 651 -24.77 -89.91 -32.90
N LYS V 652 -23.90 -89.62 -33.85
CA LYS V 652 -23.79 -90.42 -35.06
C LYS V 652 -22.36 -90.38 -35.57
N ASN V 653 -21.89 -91.51 -36.07
CA ASN V 653 -20.64 -91.52 -36.82
C ASN V 653 -20.90 -90.87 -38.18
N THR V 654 -20.12 -89.86 -38.51
CA THR V 654 -20.24 -89.24 -39.82
C THR V 654 -19.86 -90.25 -40.89
N PRO V 655 -20.71 -90.47 -41.89
CA PRO V 655 -20.36 -91.44 -42.93
C PRO V 655 -19.09 -91.02 -43.65
N VAL V 656 -18.20 -91.98 -43.85
CA VAL V 656 -16.98 -91.78 -44.61
C VAL V 656 -17.06 -92.67 -45.85
N PRO V 657 -17.30 -92.10 -47.03
CA PRO V 657 -17.43 -92.92 -48.24
C PRO V 657 -16.16 -93.69 -48.52
N ALA V 658 -16.34 -94.90 -49.04
CA ALA V 658 -15.23 -95.60 -49.68
C ALA V 658 -14.90 -94.89 -50.99
N ASP V 659 -13.95 -95.44 -51.72
CA ASP V 659 -13.51 -94.76 -52.94
C ASP V 659 -14.66 -94.69 -53.94
N PRO V 660 -15.05 -93.51 -54.37
CA PRO V 660 -16.11 -93.39 -55.37
C PRO V 660 -15.59 -93.79 -56.74
N PRO V 661 -16.46 -94.06 -57.70
CA PRO V 661 -16.01 -94.35 -59.05
C PRO V 661 -15.34 -93.13 -59.66
N THR V 662 -14.49 -93.38 -60.65
CA THR V 662 -13.77 -92.29 -61.30
C THR V 662 -14.60 -91.60 -62.39
N THR V 663 -15.80 -92.11 -62.67
CA THR V 663 -16.74 -91.45 -63.55
C THR V 663 -17.96 -91.06 -62.73
N PHE V 664 -18.50 -89.88 -62.99
CA PHE V 664 -19.55 -89.35 -62.14
C PHE V 664 -20.81 -90.22 -62.18
N ASN V 665 -21.37 -90.47 -61.02
CA ASN V 665 -22.65 -91.15 -60.87
C ASN V 665 -23.51 -90.31 -59.93
N GLN V 666 -24.72 -89.99 -60.37
CA GLN V 666 -25.61 -89.14 -59.58
C GLN V 666 -26.17 -89.89 -58.38
N SER V 667 -26.14 -91.21 -58.38
CA SER V 667 -26.74 -91.99 -57.31
C SER V 667 -26.02 -91.72 -55.99
N LYS V 668 -26.79 -91.74 -54.91
CA LYS V 668 -26.20 -91.57 -53.59
C LYS V 668 -25.20 -92.69 -53.32
N LEU V 669 -24.11 -92.34 -52.64
CA LEU V 669 -23.09 -93.32 -52.35
C LEU V 669 -23.60 -94.30 -51.30
N ASN V 670 -23.39 -95.59 -51.55
CA ASN V 670 -23.76 -96.63 -50.61
C ASN V 670 -22.55 -97.44 -50.14
N SER V 671 -21.36 -97.14 -50.65
CA SER V 671 -20.15 -97.82 -50.24
C SER V 671 -19.45 -96.93 -49.22
N PHE V 672 -19.41 -97.37 -47.97
CA PHE V 672 -18.84 -96.59 -46.89
C PHE V 672 -17.76 -97.38 -46.18
N ILE V 673 -16.80 -96.65 -45.64
CA ILE V 673 -15.78 -97.26 -44.80
C ILE V 673 -16.43 -97.72 -43.51
N THR V 674 -16.23 -98.99 -43.16
CA THR V 674 -16.80 -99.52 -41.94
C THR V 674 -16.14 -98.86 -40.74
N GLN V 675 -16.95 -98.36 -39.83
CA GLN V 675 -16.45 -97.40 -38.85
C GLN V 675 -17.30 -97.47 -37.60
N TYR V 676 -16.64 -97.27 -36.45
CA TYR V 676 -17.34 -97.10 -35.19
C TYR V 676 -16.53 -96.14 -34.34
N SER V 677 -17.20 -95.54 -33.36
CA SER V 677 -16.54 -94.61 -32.47
C SER V 677 -16.70 -95.09 -31.03
N THR V 678 -15.72 -94.69 -30.22
CA THR V 678 -15.77 -94.94 -28.79
C THR V 678 -15.29 -93.67 -28.10
N GLY V 679 -15.70 -93.53 -26.85
CA GLY V 679 -15.29 -92.37 -26.09
C GLY V 679 -15.80 -92.47 -24.68
N GLN V 680 -15.65 -91.39 -23.95
CA GLN V 680 -16.15 -91.30 -22.59
C GLN V 680 -17.28 -90.30 -22.54
N VAL V 681 -18.27 -90.60 -21.70
CA VAL V 681 -19.40 -89.72 -21.47
C VAL V 681 -19.47 -89.44 -19.98
N SER V 682 -19.59 -88.16 -19.63
CA SER V 682 -19.74 -87.74 -18.25
C SER V 682 -21.08 -87.04 -18.10
N VAL V 683 -21.85 -87.43 -17.11
CA VAL V 683 -23.08 -86.73 -16.75
C VAL V 683 -23.00 -86.41 -15.26
N GLU V 684 -23.18 -85.14 -14.95
CA GLU V 684 -23.19 -84.66 -13.57
C GLU V 684 -24.56 -84.09 -13.27
N ILE V 685 -25.22 -84.62 -12.26
CA ILE V 685 -26.53 -84.12 -11.84
C ILE V 685 -26.43 -83.62 -10.41
N GLU V 686 -26.89 -82.40 -10.18
CA GLU V 686 -27.03 -81.88 -8.83
C GLU V 686 -28.45 -82.12 -8.36
N TRP V 687 -28.59 -82.77 -7.23
CA TRP V 687 -29.89 -83.06 -6.64
C TRP V 687 -30.07 -82.24 -5.38
N GLU V 688 -31.26 -81.67 -5.22
CA GLU V 688 -31.63 -81.02 -3.98
C GLU V 688 -32.29 -82.02 -3.05
N LEU V 689 -31.94 -81.96 -1.78
CA LEU V 689 -32.44 -82.91 -0.79
C LEU V 689 -33.44 -82.23 0.15
N GLN V 690 -34.46 -82.96 0.52
CA GLN V 690 -35.37 -82.57 1.59
C GLN V 690 -34.98 -83.36 2.83
N LYS V 691 -34.32 -82.70 3.78
CA LYS V 691 -33.92 -83.36 5.00
C LYS V 691 -35.14 -83.71 5.85
N GLU V 692 -35.10 -84.87 6.47
CA GLU V 692 -36.18 -85.28 7.36
C GLU V 692 -36.07 -84.51 8.66
N ASN V 693 -37.17 -83.89 9.08
CA ASN V 693 -37.26 -83.18 10.34
C ASN V 693 -38.38 -83.84 11.15
N SER V 694 -38.02 -84.92 11.84
CA SER V 694 -38.99 -85.81 12.45
C SER V 694 -38.79 -85.89 13.95
N LYS V 695 -39.90 -85.88 14.69
CA LYS V 695 -39.86 -86.05 16.13
C LYS V 695 -40.23 -87.46 16.55
N ARG V 696 -40.22 -88.40 15.62
CA ARG V 696 -40.45 -89.80 15.93
C ARG V 696 -39.43 -90.27 16.95
N TRP V 697 -39.91 -90.98 17.98
CA TRP V 697 -39.03 -91.42 19.05
C TRP V 697 -38.33 -92.72 18.71
N ASN V 698 -39.09 -93.71 18.25
CA ASN V 698 -38.53 -95.03 17.97
C ASN V 698 -37.73 -94.99 16.67
N PRO V 699 -36.78 -95.92 16.51
CA PRO V 699 -35.96 -95.92 15.29
C PRO V 699 -36.79 -96.16 14.05
N GLU V 700 -36.34 -95.57 12.95
CA GLU V 700 -36.99 -95.72 11.66
C GLU V 700 -36.55 -97.00 10.97
N ILE V 701 -37.30 -97.39 9.95
CA ILE V 701 -36.87 -98.43 9.04
C ILE V 701 -35.82 -97.85 8.11
N GLN V 702 -34.72 -98.55 7.94
CA GLN V 702 -33.65 -98.12 7.07
C GLN V 702 -33.32 -99.23 6.09
N TYR V 703 -32.91 -98.86 4.89
CA TYR V 703 -32.36 -99.85 3.99
C TYR V 703 -30.98 -100.25 4.49
N THR V 704 -30.76 -101.55 4.63
CA THR V 704 -29.50 -102.06 5.12
C THR V 704 -29.12 -103.29 4.31
N SER V 705 -27.82 -103.50 4.15
CA SER V 705 -27.35 -104.77 3.61
C SER V 705 -27.51 -105.85 4.67
N ASN V 706 -27.66 -107.08 4.20
CA ASN V 706 -27.78 -108.21 5.12
C ASN V 706 -26.45 -108.46 5.80
N TYR V 707 -26.49 -108.67 7.12
CA TYR V 707 -25.28 -108.88 7.88
C TYR V 707 -24.71 -110.29 7.67
N TYR V 708 -25.58 -111.26 7.38
CA TYR V 708 -25.16 -112.66 7.32
C TYR V 708 -24.27 -112.91 6.11
N LYS V 709 -23.43 -113.94 6.22
CA LYS V 709 -22.46 -114.24 5.18
C LYS V 709 -23.15 -114.70 3.90
N SER V 710 -22.46 -114.52 2.79
CA SER V 710 -22.99 -114.91 1.50
C SER V 710 -21.84 -115.19 0.54
N THR V 711 -22.16 -115.88 -0.55
CA THR V 711 -21.14 -116.23 -1.53
C THR V 711 -20.55 -114.98 -2.18
N SER V 712 -21.37 -113.97 -2.42
CA SER V 712 -20.93 -112.75 -3.06
C SER V 712 -21.50 -111.55 -2.33
N VAL V 713 -20.84 -110.42 -2.48
CA VAL V 713 -21.34 -109.16 -1.94
C VAL V 713 -22.46 -108.65 -2.81
N ASP V 714 -23.56 -108.25 -2.19
CA ASP V 714 -24.66 -107.66 -2.93
C ASP V 714 -24.23 -106.33 -3.54
N PHE V 715 -24.69 -106.08 -4.76
CA PHE V 715 -24.29 -104.90 -5.52
C PHE V 715 -22.78 -104.84 -5.71
N ALA V 716 -22.21 -105.98 -6.11
CA ALA V 716 -20.80 -106.09 -6.45
C ALA V 716 -20.69 -107.00 -7.65
N VAL V 717 -19.47 -107.29 -8.04
CA VAL V 717 -19.21 -108.21 -9.13
C VAL V 717 -19.06 -109.61 -8.58
N ASN V 718 -19.34 -110.60 -9.42
CA ASN V 718 -19.12 -111.99 -9.05
C ASN V 718 -17.71 -112.40 -9.51
N THR V 719 -17.43 -113.70 -9.48
CA THR V 719 -16.11 -114.17 -9.87
C THR V 719 -15.83 -113.98 -11.35
N GLU V 720 -16.86 -113.77 -12.16
CA GLU V 720 -16.70 -113.58 -13.60
C GLU V 720 -16.68 -112.11 -14.00
N GLY V 721 -16.73 -111.20 -13.04
CA GLY V 721 -16.72 -109.78 -13.35
C GLY V 721 -18.06 -109.19 -13.68
N VAL V 722 -19.14 -109.93 -13.49
CA VAL V 722 -20.47 -109.45 -13.82
C VAL V 722 -21.03 -108.69 -12.63
N TYR V 723 -21.32 -107.41 -12.83
CA TYR V 723 -22.02 -106.63 -11.82
C TYR V 723 -23.50 -106.95 -11.86
N SER V 724 -24.10 -107.14 -10.69
CA SER V 724 -25.51 -107.45 -10.60
C SER V 724 -26.16 -106.61 -9.51
N GLU V 725 -27.41 -106.26 -9.73
CA GLU V 725 -28.22 -105.62 -8.70
C GLU V 725 -29.19 -106.66 -8.16
N PRO V 726 -29.02 -107.14 -6.93
CA PRO V 726 -29.81 -108.30 -6.50
C PRO V 726 -31.26 -107.99 -6.21
N ARG V 727 -31.60 -106.75 -5.90
CA ARG V 727 -32.97 -106.40 -5.56
C ARG V 727 -33.26 -105.00 -6.03
N PRO V 728 -34.52 -104.65 -6.25
CA PRO V 728 -34.86 -103.25 -6.52
C PRO V 728 -34.96 -102.48 -5.22
N ILE V 729 -34.10 -101.48 -5.05
CA ILE V 729 -34.12 -100.65 -3.85
C ILE V 729 -35.10 -99.50 -4.09
N GLY V 730 -36.17 -99.48 -3.33
CA GLY V 730 -37.10 -98.37 -3.39
C GLY V 730 -36.52 -97.14 -2.75
N THR V 731 -37.38 -96.21 -2.37
CA THR V 731 -36.92 -94.95 -1.85
C THR V 731 -37.58 -94.60 -0.53
N ARG V 732 -38.66 -95.30 -0.15
CA ARG V 732 -39.50 -94.92 0.98
C ARG V 732 -39.16 -95.78 2.18
N TYR V 733 -38.29 -95.28 3.04
CA TYR V 733 -37.93 -95.93 4.28
C TYR V 733 -38.20 -95.08 5.50
N LEU V 734 -37.92 -93.78 5.42
CA LEU V 734 -38.30 -92.87 6.49
C LEU V 734 -39.81 -92.68 6.49
N THR V 735 -40.32 -92.12 7.59
CA THR V 735 -41.75 -91.96 7.76
C THR V 735 -42.12 -90.52 8.03
N ARG V 736 -43.33 -90.16 7.61
CA ARG V 736 -43.94 -88.88 7.94
C ARG V 736 -45.36 -89.13 8.42
N ASN V 737 -45.87 -88.21 9.23
CA ASN V 737 -47.29 -88.18 9.50
C ASN V 737 -48.03 -87.69 8.26
N LEU V 738 -49.31 -88.02 8.21
CA LEU V 738 -50.13 -87.55 7.10
C LEU V 738 -50.49 -86.08 7.31
N GLY W 221 -73.01 -34.37 -33.34
CA GLY W 221 -73.86 -33.65 -34.27
C GLY W 221 -74.75 -34.54 -35.12
N VAL W 222 -75.90 -34.02 -35.51
CA VAL W 222 -76.83 -34.77 -36.35
C VAL W 222 -76.19 -35.08 -37.70
N GLY W 223 -75.53 -34.11 -38.29
CA GLY W 223 -74.99 -34.24 -39.63
C GLY W 223 -73.55 -34.69 -39.73
N SER W 224 -72.96 -35.19 -38.66
CA SER W 224 -71.58 -35.65 -38.68
C SER W 224 -71.52 -37.10 -38.24
N SER W 225 -70.72 -37.89 -38.95
CA SER W 225 -70.53 -39.29 -38.60
C SER W 225 -69.78 -39.42 -37.28
N SER W 226 -70.21 -40.36 -36.44
CA SER W 226 -69.57 -40.60 -35.16
C SER W 226 -68.55 -41.72 -35.21
N GLY W 227 -68.29 -42.28 -36.37
CA GLY W 227 -67.28 -43.31 -36.49
C GLY W 227 -67.20 -43.79 -37.93
N ASN W 228 -66.10 -44.46 -38.22
CA ASN W 228 -65.81 -44.95 -39.56
C ASN W 228 -65.95 -46.47 -39.60
N TRP W 229 -66.09 -46.99 -40.81
CA TRP W 229 -66.15 -48.42 -41.03
C TRP W 229 -64.75 -49.01 -40.94
N HIS W 230 -64.58 -49.97 -40.03
CA HIS W 230 -63.27 -50.58 -39.79
C HIS W 230 -63.44 -52.10 -39.84
N CYS W 231 -63.33 -52.66 -41.04
CA CYS W 231 -63.20 -54.09 -41.23
C CYS W 231 -61.83 -54.35 -41.81
N ASP W 232 -61.02 -55.13 -41.10
CA ASP W 232 -59.64 -55.33 -41.49
C ASP W 232 -59.04 -56.42 -40.60
N SER W 233 -57.91 -56.94 -41.04
CA SER W 233 -57.08 -57.82 -40.23
C SER W 233 -55.64 -57.49 -40.53
N THR W 234 -54.88 -57.13 -39.50
CA THR W 234 -53.48 -56.79 -39.65
C THR W 234 -52.65 -57.85 -38.94
N TRP W 235 -51.80 -58.53 -39.70
CA TRP W 235 -50.89 -59.53 -39.16
C TRP W 235 -49.53 -58.88 -38.96
N LEU W 236 -49.06 -58.85 -37.73
CA LEU W 236 -47.81 -58.16 -37.41
C LEU W 236 -47.08 -59.01 -36.37
N GLY W 237 -46.06 -59.74 -36.82
CA GLY W 237 -45.29 -60.56 -35.90
C GLY W 237 -46.13 -61.69 -35.32
N ASP W 238 -46.14 -61.77 -33.99
CA ASP W 238 -46.89 -62.79 -33.28
C ASP W 238 -48.30 -62.32 -32.92
N ARG W 239 -48.76 -61.23 -33.51
CA ARG W 239 -50.10 -60.73 -33.27
C ARG W 239 -50.88 -60.68 -34.57
N VAL W 240 -52.18 -60.89 -34.47
CA VAL W 240 -53.12 -60.53 -35.53
C VAL W 240 -54.22 -59.71 -34.90
N ILE W 241 -54.52 -58.57 -35.49
CA ILE W 241 -55.57 -57.69 -35.00
C ILE W 241 -56.71 -57.76 -36.00
N THR W 242 -57.79 -58.41 -35.61
CA THR W 242 -59.00 -58.44 -36.42
C THR W 242 -59.92 -57.31 -35.96
N THR W 243 -60.42 -56.55 -36.92
CA THR W 243 -61.44 -55.56 -36.64
C THR W 243 -62.59 -55.79 -37.62
N SER W 244 -63.80 -55.75 -37.11
CA SER W 244 -64.97 -56.01 -37.92
C SER W 244 -66.05 -55.00 -37.59
N THR W 245 -66.66 -54.45 -38.62
CA THR W 245 -67.77 -53.53 -38.47
C THR W 245 -69.01 -54.14 -39.12
N ARG W 246 -70.15 -53.98 -38.45
CA ARG W 246 -71.41 -54.47 -38.99
C ARG W 246 -72.47 -53.40 -38.76
N THR W 247 -73.48 -53.42 -39.61
CA THR W 247 -74.67 -52.61 -39.41
C THR W 247 -75.70 -53.43 -38.66
N TRP W 248 -76.22 -52.89 -37.58
CA TRP W 248 -77.20 -53.57 -36.75
C TRP W 248 -78.51 -52.82 -36.80
N ALA W 249 -79.59 -53.53 -36.44
CA ALA W 249 -80.90 -52.92 -36.24
C ALA W 249 -81.45 -53.44 -34.93
N LEU W 250 -81.84 -52.52 -34.06
CA LEU W 250 -82.38 -52.89 -32.75
C LEU W 250 -83.86 -52.52 -32.69
N PRO W 251 -84.77 -53.48 -32.63
CA PRO W 251 -86.18 -53.14 -32.44
C PRO W 251 -86.46 -52.83 -30.98
N THR W 252 -87.68 -52.41 -30.73
CA THR W 252 -88.19 -52.37 -29.37
C THR W 252 -88.64 -53.77 -28.98
N TYR W 253 -88.04 -54.32 -27.95
CA TYR W 253 -88.36 -55.66 -27.49
C TYR W 253 -89.36 -55.58 -26.34
N ASN W 254 -90.31 -56.52 -26.33
CA ASN W 254 -91.24 -56.73 -25.23
C ASN W 254 -92.15 -55.53 -24.98
N ASN W 255 -92.23 -54.60 -25.92
CA ASN W 255 -92.95 -53.34 -25.72
C ASN W 255 -92.44 -52.62 -24.48
N HIS W 256 -91.11 -52.60 -24.32
CA HIS W 256 -90.40 -51.94 -23.23
C HIS W 256 -90.66 -52.59 -21.88
N LEU W 257 -91.18 -53.81 -21.85
CA LEU W 257 -91.56 -54.45 -20.59
C LEU W 257 -90.58 -55.56 -20.22
N TYR W 258 -90.48 -55.80 -18.92
CA TYR W 258 -89.89 -57.02 -18.41
C TYR W 258 -91.02 -58.03 -18.21
N LYS W 259 -90.89 -59.19 -18.82
CA LYS W 259 -91.92 -60.21 -18.71
C LYS W 259 -91.33 -61.45 -18.06
N GLN W 260 -92.02 -61.95 -17.05
CA GLN W 260 -91.68 -63.26 -16.51
C GLN W 260 -92.05 -64.32 -17.53
N ILE W 261 -91.12 -65.23 -17.80
CA ILE W 261 -91.33 -66.31 -18.75
C ILE W 261 -91.08 -67.63 -18.03
N SER W 262 -91.88 -68.63 -18.36
CA SER W 262 -91.80 -69.92 -17.67
C SER W 262 -92.18 -71.03 -18.63
N ASN W 263 -91.87 -72.24 -18.21
CA ASN W 263 -92.28 -73.45 -18.92
C ASN W 263 -92.39 -74.54 -17.87
N GLY W 264 -93.58 -75.16 -17.78
CA GLY W 264 -93.84 -76.19 -16.81
C GLY W 264 -94.20 -77.50 -17.49
N THR W 265 -94.51 -78.48 -16.65
CA THR W 265 -94.87 -79.80 -17.13
C THR W 265 -96.36 -79.88 -17.46
N ALA W 269 -94.70 -79.98 -21.87
CA ALA W 269 -93.24 -80.00 -21.71
C ALA W 269 -92.82 -80.97 -20.62
N THR W 270 -91.64 -81.55 -20.79
CA THR W 270 -91.11 -82.46 -19.78
C THR W 270 -90.40 -81.68 -18.69
N ASN W 271 -90.15 -82.36 -17.56
CA ASN W 271 -89.44 -81.72 -16.46
C ASN W 271 -88.04 -81.30 -16.87
N ASP W 272 -87.43 -82.02 -17.82
CA ASP W 272 -86.08 -81.69 -18.26
C ASP W 272 -86.02 -80.33 -18.94
N ASN W 273 -87.14 -79.82 -19.43
CA ASN W 273 -87.17 -78.57 -20.19
C ASN W 273 -87.87 -77.44 -19.46
N THR W 274 -88.16 -77.60 -18.17
CA THR W 274 -88.80 -76.52 -17.43
C THR W 274 -87.83 -75.39 -17.17
N TYR W 275 -88.37 -74.18 -17.07
CA TYR W 275 -87.54 -73.03 -16.73
C TYR W 275 -88.41 -71.94 -16.14
N PHE W 276 -87.76 -71.05 -15.41
CA PHE W 276 -88.33 -69.79 -14.97
C PHE W 276 -87.30 -68.72 -15.24
N GLY W 277 -87.74 -67.62 -15.83
CA GLY W 277 -86.81 -66.56 -16.13
C GLY W 277 -87.52 -65.29 -16.49
N TYR W 278 -86.79 -64.37 -17.09
CA TYR W 278 -87.33 -63.07 -17.43
C TYR W 278 -86.90 -62.69 -18.84
N SER W 279 -87.86 -62.21 -19.61
CA SER W 279 -87.58 -61.56 -20.88
C SER W 279 -87.44 -60.07 -20.62
N THR W 280 -86.38 -59.48 -21.12
CA THR W 280 -86.13 -58.07 -20.91
C THR W 280 -86.35 -57.28 -22.18
N PRO W 281 -86.62 -55.99 -22.09
CA PRO W 281 -86.71 -55.15 -23.29
C PRO W 281 -85.36 -54.79 -23.89
N TRP W 282 -84.28 -55.37 -23.39
CA TRP W 282 -82.93 -55.02 -23.84
C TRP W 282 -82.45 -55.98 -24.90
N GLY W 283 -81.72 -55.45 -25.86
CA GLY W 283 -80.91 -56.26 -26.73
C GLY W 283 -79.50 -56.38 -26.20
N TYR W 284 -78.72 -57.23 -26.83
CA TYR W 284 -77.33 -57.36 -26.45
C TYR W 284 -76.48 -57.67 -27.67
N PHE W 285 -75.23 -57.24 -27.62
CA PHE W 285 -74.30 -57.46 -28.71
C PHE W 285 -73.49 -58.72 -28.46
N ASP W 286 -73.48 -59.60 -29.44
CA ASP W 286 -72.74 -60.85 -29.37
C ASP W 286 -71.75 -60.90 -30.52
N PHE W 287 -70.48 -61.14 -30.19
CA PHE W 287 -69.46 -61.40 -31.18
C PHE W 287 -68.62 -62.58 -30.74
N ASN W 288 -69.29 -63.58 -30.16
CA ASN W 288 -68.64 -64.75 -29.59
C ASN W 288 -68.54 -65.90 -30.58
N ARG W 289 -68.38 -65.59 -31.86
CA ARG W 289 -68.07 -66.58 -32.87
C ARG W 289 -66.86 -66.11 -33.65
N PHE W 290 -66.02 -67.05 -34.07
CA PHE W 290 -64.77 -66.69 -34.71
C PHE W 290 -64.99 -66.00 -36.05
N HIS W 291 -66.04 -66.37 -36.78
CA HIS W 291 -66.28 -65.75 -38.07
C HIS W 291 -66.79 -64.32 -37.95
N CYS W 292 -67.13 -63.87 -36.74
CA CYS W 292 -67.40 -62.45 -36.53
C CYS W 292 -66.14 -61.61 -36.69
N HIS W 293 -64.98 -62.22 -36.59
CA HIS W 293 -63.70 -61.52 -36.59
C HIS W 293 -62.76 -61.97 -37.68
N PHE W 294 -62.75 -63.26 -38.00
CA PHE W 294 -61.85 -63.80 -39.00
C PHE W 294 -62.62 -64.05 -40.30
N SER W 295 -62.13 -63.48 -41.38
CA SER W 295 -62.56 -63.91 -42.69
C SER W 295 -62.07 -65.33 -42.93
N PRO W 296 -62.72 -66.08 -43.82
CA PRO W 296 -62.24 -67.44 -44.11
C PRO W 296 -60.78 -67.48 -44.53
N ARG W 297 -60.33 -66.50 -45.32
CA ARG W 297 -58.92 -66.43 -45.68
C ARG W 297 -58.05 -66.13 -44.48
N ASP W 298 -58.50 -65.24 -43.59
CA ASP W 298 -57.76 -64.97 -42.36
C ASP W 298 -57.72 -66.20 -41.48
N TRP W 299 -58.83 -66.93 -41.41
CA TRP W 299 -58.84 -68.19 -40.66
C TRP W 299 -57.84 -69.18 -41.23
N GLN W 300 -57.76 -69.26 -42.56
CA GLN W 300 -56.78 -70.13 -43.21
C GLN W 300 -55.36 -69.70 -42.86
N ARG W 301 -55.09 -68.40 -42.92
CA ARG W 301 -53.78 -67.87 -42.52
C ARG W 301 -53.45 -68.28 -41.10
N LEU W 302 -54.43 -68.18 -40.20
CA LEU W 302 -54.20 -68.50 -38.80
C LEU W 302 -53.91 -69.98 -38.61
N ILE W 303 -54.76 -70.85 -39.17
CA ILE W 303 -54.69 -72.27 -38.87
C ILE W 303 -53.60 -73.00 -39.64
N ASN W 304 -53.17 -72.47 -40.79
CA ASN W 304 -52.14 -73.16 -41.55
C ASN W 304 -50.73 -72.82 -41.11
N ASN W 305 -50.57 -71.85 -40.22
CA ASN W 305 -49.25 -71.32 -39.92
C ASN W 305 -48.96 -71.17 -38.44
N ASN W 306 -49.90 -71.43 -37.57
CA ASN W 306 -49.72 -71.19 -36.15
C ASN W 306 -50.09 -72.43 -35.35
N TRP W 307 -49.30 -72.71 -34.33
CA TRP W 307 -49.59 -73.81 -33.42
C TRP W 307 -50.63 -73.43 -32.37
N GLY W 308 -50.88 -72.14 -32.19
CA GLY W 308 -51.84 -71.73 -31.20
C GLY W 308 -52.13 -70.25 -31.33
N PHE W 309 -53.22 -69.85 -30.67
CA PHE W 309 -53.61 -68.46 -30.64
C PHE W 309 -54.49 -68.24 -29.42
N ARG W 310 -54.61 -66.99 -29.02
CA ARG W 310 -55.47 -66.63 -27.90
C ARG W 310 -55.81 -65.16 -28.00
N PRO W 311 -56.99 -64.75 -27.57
CA PRO W 311 -57.31 -63.32 -27.56
C PRO W 311 -56.52 -62.60 -26.49
N LYS W 312 -56.16 -61.36 -26.78
CA LYS W 312 -55.40 -60.53 -25.86
C LYS W 312 -56.21 -59.35 -25.35
N ARG W 313 -56.81 -58.57 -26.24
CA ARG W 313 -57.58 -57.40 -25.86
C ARG W 313 -58.65 -57.19 -26.92
N LEU W 314 -59.70 -56.47 -26.54
CA LEU W 314 -60.71 -56.10 -27.51
C LEU W 314 -61.11 -54.65 -27.28
N SER W 315 -61.51 -53.99 -28.36
CA SER W 315 -62.15 -52.70 -28.31
C SER W 315 -63.46 -52.79 -29.06
N PHE W 316 -64.48 -52.16 -28.51
CA PHE W 316 -65.83 -52.24 -29.03
C PHE W 316 -66.34 -50.83 -29.26
N LYS W 317 -67.05 -50.62 -30.36
CA LYS W 317 -67.56 -49.29 -30.68
C LYS W 317 -68.97 -49.37 -31.21
N LEU W 318 -69.81 -48.48 -30.73
CA LEU W 318 -71.14 -48.23 -31.29
C LEU W 318 -71.15 -46.80 -31.81
N PHE W 319 -71.62 -46.61 -33.04
CA PHE W 319 -71.54 -45.30 -33.66
C PHE W 319 -72.53 -45.23 -34.80
N ASN W 320 -72.69 -44.02 -35.34
CA ASN W 320 -73.63 -43.74 -36.42
C ASN W 320 -75.03 -44.24 -36.06
N ILE W 321 -75.43 -43.93 -34.85
CA ILE W 321 -76.72 -44.39 -34.34
C ILE W 321 -77.82 -43.57 -34.99
N GLN W 322 -78.84 -44.26 -35.49
CA GLN W 322 -80.03 -43.63 -36.04
C GLN W 322 -81.23 -44.24 -35.36
N VAL W 323 -82.00 -43.43 -34.65
CA VAL W 323 -83.26 -43.87 -34.06
C VAL W 323 -84.38 -43.41 -34.96
N LYS W 324 -85.22 -44.35 -35.37
CA LYS W 324 -86.23 -44.08 -36.38
C LYS W 324 -87.61 -44.35 -35.82
N GLU W 325 -88.54 -43.46 -36.15
CA GLU W 325 -89.93 -43.57 -35.75
C GLU W 325 -90.74 -44.10 -36.92
N VAL W 326 -91.57 -45.10 -36.66
CA VAL W 326 -92.44 -45.68 -37.67
C VAL W 326 -93.89 -45.46 -37.25
N THR W 327 -94.69 -44.92 -38.16
CA THR W 327 -96.09 -44.62 -37.88
C THR W 327 -97.01 -45.47 -38.73
N LYS W 333 -97.49 -47.04 -43.89
CA LYS W 333 -96.36 -47.00 -42.99
C LYS W 333 -95.28 -46.05 -43.47
N THR W 334 -94.91 -45.10 -42.62
CA THR W 334 -93.82 -44.17 -42.91
C THR W 334 -92.78 -44.27 -41.80
N ILE W 335 -91.52 -44.25 -42.19
CA ILE W 335 -90.39 -44.27 -41.27
C ILE W 335 -89.69 -42.94 -41.32
N ALA W 336 -89.53 -42.31 -40.16
CA ALA W 336 -88.89 -41.01 -40.08
C ALA W 336 -87.83 -41.03 -39.00
N ASN W 337 -86.84 -40.16 -39.15
CA ASN W 337 -85.83 -40.00 -38.11
C ASN W 337 -86.44 -39.36 -36.89
N ASN W 338 -86.04 -39.87 -35.71
CA ASN W 338 -86.42 -39.26 -34.41
C ASN W 338 -85.09 -38.74 -33.88
N LEU W 339 -84.69 -37.52 -34.23
CA LEU W 339 -83.36 -37.00 -33.93
C LEU W 339 -83.10 -36.89 -32.45
N THR W 340 -84.14 -36.69 -31.64
CA THR W 340 -83.99 -36.48 -30.22
C THR W 340 -84.14 -37.76 -29.40
N SER W 341 -84.39 -38.90 -30.05
CA SER W 341 -84.52 -40.14 -29.33
C SER W 341 -83.16 -40.71 -28.98
N THR W 342 -83.12 -41.52 -27.92
CA THR W 342 -81.88 -42.09 -27.43
C THR W 342 -81.95 -43.61 -27.44
N ILE W 343 -80.77 -44.21 -27.45
CA ILE W 343 -80.58 -45.61 -27.09
C ILE W 343 -79.78 -45.62 -25.81
N GLN W 344 -79.95 -46.68 -25.02
CA GLN W 344 -79.19 -46.87 -23.81
C GLN W 344 -78.25 -48.05 -23.99
N VAL W 345 -76.97 -47.84 -23.70
CA VAL W 345 -75.96 -48.87 -23.83
C VAL W 345 -75.18 -48.92 -22.53
N PHE W 346 -74.97 -50.12 -22.02
CA PHE W 346 -74.03 -50.31 -20.92
C PHE W 346 -73.41 -51.69 -21.02
N THR W 347 -72.22 -51.81 -20.48
CA THR W 347 -71.55 -53.09 -20.36
C THR W 347 -71.65 -53.58 -18.93
N ASP W 348 -71.99 -54.87 -18.77
CA ASP W 348 -71.99 -55.50 -17.46
C ASP W 348 -70.55 -55.83 -17.07
N SER W 349 -69.80 -54.77 -16.77
CA SER W 349 -68.37 -54.92 -16.54
C SER W 349 -68.07 -55.62 -15.22
N GLU W 350 -68.98 -55.56 -14.26
CA GLU W 350 -68.84 -56.27 -12.99
C GLU W 350 -69.45 -57.65 -13.03
N TYR W 351 -69.98 -58.08 -14.17
CA TYR W 351 -70.58 -59.41 -14.31
C TYR W 351 -71.68 -59.63 -13.29
N GLN W 352 -72.50 -58.60 -13.08
CA GLN W 352 -73.60 -58.68 -12.15
C GLN W 352 -74.89 -59.20 -12.78
N LEU W 353 -74.93 -59.30 -14.04
CA LEU W 353 -76.09 -59.86 -14.72
C LEU W 353 -75.84 -61.31 -15.08
N PRO W 354 -76.90 -62.10 -15.22
CA PRO W 354 -76.72 -63.46 -15.75
C PRO W 354 -76.04 -63.40 -17.12
N TYR W 355 -74.96 -64.16 -17.25
CA TYR W 355 -74.13 -64.12 -18.45
C TYR W 355 -74.70 -65.13 -19.44
N VAL W 356 -75.38 -64.63 -20.47
CA VAL W 356 -76.00 -65.50 -21.46
C VAL W 356 -75.16 -65.67 -22.71
N LEU W 357 -74.08 -64.92 -22.85
CA LEU W 357 -73.11 -65.26 -23.88
C LEU W 357 -72.42 -66.58 -23.52
N GLY W 358 -71.82 -67.20 -24.52
CA GLY W 358 -71.24 -68.49 -24.28
C GLY W 358 -72.24 -69.62 -24.15
N SER W 359 -73.44 -69.45 -24.72
CA SER W 359 -74.39 -70.53 -24.84
C SER W 359 -74.66 -70.86 -26.31
N ALA W 360 -73.77 -70.44 -27.20
CA ALA W 360 -73.85 -70.73 -28.63
C ALA W 360 -75.17 -70.28 -29.23
N HIS W 361 -75.61 -69.08 -28.84
CA HIS W 361 -76.87 -68.55 -29.31
C HIS W 361 -76.70 -67.81 -30.62
N GLN W 362 -77.78 -67.77 -31.40
CA GLN W 362 -77.83 -66.95 -32.58
C GLN W 362 -77.83 -65.47 -32.19
N GLY W 363 -77.64 -64.61 -33.18
CA GLY W 363 -77.62 -63.18 -32.95
C GLY W 363 -76.24 -62.57 -32.88
N CYS W 364 -75.19 -63.35 -33.10
CA CYS W 364 -73.86 -62.79 -33.18
C CYS W 364 -73.72 -61.93 -34.43
N LEU W 365 -72.63 -61.19 -34.50
CA LEU W 365 -72.32 -60.45 -35.70
C LEU W 365 -72.22 -61.41 -36.88
N PRO W 366 -72.83 -61.09 -38.03
CA PRO W 366 -72.82 -62.02 -39.14
C PRO W 366 -71.41 -62.23 -39.67
N PRO W 367 -71.10 -63.41 -40.19
CA PRO W 367 -69.76 -63.62 -40.78
C PRO W 367 -69.46 -62.69 -41.93
N PHE W 368 -70.45 -62.35 -42.74
CA PHE W 368 -70.23 -61.52 -43.91
C PHE W 368 -70.37 -60.05 -43.53
N PRO W 369 -69.35 -59.21 -43.76
CA PRO W 369 -69.41 -57.82 -43.31
C PRO W 369 -70.55 -57.03 -43.91
N ALA W 370 -70.97 -57.34 -45.13
CA ALA W 370 -72.06 -56.61 -45.78
C ALA W 370 -73.41 -56.94 -45.16
N ASP W 371 -73.48 -57.92 -44.26
CA ASP W 371 -74.75 -58.40 -43.77
C ASP W 371 -75.23 -57.53 -42.62
N VAL W 372 -76.48 -57.08 -42.72
CA VAL W 372 -77.12 -56.30 -41.65
C VAL W 372 -77.86 -57.26 -40.74
N PHE W 373 -77.62 -57.18 -39.44
CA PHE W 373 -78.17 -58.15 -38.51
C PHE W 373 -79.04 -57.48 -37.46
N MET W 374 -79.98 -58.26 -36.96
CA MET W 374 -80.88 -57.87 -35.89
C MET W 374 -80.26 -58.22 -34.54
N ILE W 375 -80.33 -57.29 -33.61
CA ILE W 375 -79.75 -57.50 -32.28
C ILE W 375 -80.65 -58.45 -31.49
N PRO W 376 -80.11 -59.52 -30.91
CA PRO W 376 -80.95 -60.46 -30.16
C PRO W 376 -81.45 -59.85 -28.86
N GLN W 377 -82.61 -60.34 -28.43
CA GLN W 377 -83.21 -59.86 -27.20
C GLN W 377 -82.56 -60.53 -25.98
N TYR W 378 -82.26 -59.73 -24.97
CA TYR W 378 -81.66 -60.26 -23.76
C TYR W 378 -82.72 -60.87 -22.86
N GLY W 379 -82.51 -62.12 -22.48
CA GLY W 379 -83.30 -62.74 -21.44
C GLY W 379 -82.39 -63.62 -20.61
N TYR W 380 -82.89 -64.01 -19.44
CA TYR W 380 -82.09 -64.84 -18.56
C TYR W 380 -82.99 -65.79 -17.80
N LEU W 381 -82.38 -66.82 -17.24
CA LEU W 381 -83.08 -67.79 -16.43
C LEU W 381 -82.55 -67.73 -15.01
N THR W 382 -83.45 -68.00 -14.07
CA THR W 382 -83.05 -68.10 -12.68
C THR W 382 -83.54 -69.45 -12.15
N LEU W 383 -83.48 -69.65 -10.84
CA LEU W 383 -83.89 -70.93 -10.28
C LEU W 383 -85.37 -71.16 -10.50
N ASN W 384 -85.71 -72.39 -10.86
CA ASN W 384 -87.09 -72.77 -11.10
C ASN W 384 -87.40 -74.09 -10.43
N ASN W 385 -88.67 -74.26 -10.07
CA ASN W 385 -89.22 -75.53 -9.61
C ASN W 385 -90.42 -75.77 -10.52
N GLY W 386 -90.19 -76.50 -11.60
CA GLY W 386 -91.20 -76.55 -12.64
C GLY W 386 -91.28 -75.20 -13.33
N SER W 387 -92.49 -74.68 -13.46
CA SER W 387 -92.70 -73.34 -13.99
C SER W 387 -92.69 -72.27 -12.92
N GLN W 388 -92.53 -72.64 -11.66
CA GLN W 388 -92.57 -71.70 -10.55
C GLN W 388 -91.17 -71.25 -10.19
N ALA W 389 -91.08 -70.02 -9.68
CA ALA W 389 -89.85 -69.55 -9.10
C ALA W 389 -89.75 -70.02 -7.65
N VAL W 390 -88.52 -70.01 -7.13
CA VAL W 390 -88.29 -70.26 -5.72
C VAL W 390 -87.84 -68.96 -5.08
N GLY W 391 -87.73 -68.97 -3.75
CA GLY W 391 -87.30 -67.78 -3.04
C GLY W 391 -85.92 -67.30 -3.42
N ARG W 392 -85.07 -68.20 -3.91
CA ARG W 392 -83.74 -67.83 -4.32
C ARG W 392 -83.68 -67.32 -5.75
N SER W 393 -84.79 -67.34 -6.48
CA SER W 393 -84.82 -66.82 -7.84
C SER W 393 -84.53 -65.32 -7.82
N SER W 394 -83.67 -64.90 -8.74
CA SER W 394 -83.24 -63.51 -8.81
C SER W 394 -83.94 -62.82 -9.98
N PHE W 395 -84.47 -61.64 -9.73
CA PHE W 395 -84.99 -60.76 -10.77
C PHE W 395 -84.02 -59.60 -10.95
N TYR W 396 -83.64 -59.34 -12.18
CA TYR W 396 -82.72 -58.26 -12.50
C TYR W 396 -83.42 -57.23 -13.38
N CYS W 397 -83.38 -55.98 -12.95
CA CYS W 397 -83.81 -54.86 -13.78
C CYS W 397 -82.57 -54.24 -14.41
N LEU W 398 -82.49 -54.28 -15.72
CA LEU W 398 -81.32 -53.74 -16.40
C LEU W 398 -81.32 -52.22 -16.39
N GLU W 399 -82.47 -51.59 -16.16
CA GLU W 399 -82.49 -50.15 -15.95
C GLU W 399 -81.85 -49.77 -14.62
N TYR W 400 -81.69 -50.74 -13.72
CA TYR W 400 -81.02 -50.49 -12.45
C TYR W 400 -79.50 -50.40 -12.59
N PHE W 401 -79.01 -50.35 -13.81
CA PHE W 401 -77.60 -50.17 -14.08
C PHE W 401 -77.35 -48.78 -14.67
N PRO W 402 -76.18 -48.20 -14.44
CA PRO W 402 -75.82 -46.97 -15.15
C PRO W 402 -75.63 -47.28 -16.63
N SER W 403 -76.36 -46.56 -17.47
CA SER W 403 -76.27 -46.74 -18.92
C SER W 403 -75.94 -45.40 -19.56
N GLN W 404 -75.12 -45.44 -20.59
CA GLN W 404 -74.91 -44.28 -21.42
C GLN W 404 -76.08 -44.14 -22.37
N MET W 405 -76.69 -42.97 -22.41
CA MET W 405 -77.75 -42.69 -23.37
C MET W 405 -77.16 -41.94 -24.55
N LEU W 406 -77.53 -42.38 -25.75
CA LEU W 406 -76.90 -41.91 -26.97
C LEU W 406 -77.97 -41.37 -27.91
N ARG W 407 -77.80 -40.12 -28.32
CA ARG W 407 -78.59 -39.61 -29.43
C ARG W 407 -77.85 -39.92 -30.74
N THR W 408 -78.40 -39.44 -31.85
CA THR W 408 -77.87 -39.82 -33.15
C THR W 408 -76.43 -39.35 -33.34
N GLY W 409 -76.02 -38.29 -32.64
CA GLY W 409 -74.66 -37.82 -32.75
C GLY W 409 -73.67 -38.44 -31.81
N ASN W 410 -74.12 -39.29 -30.89
CA ASN W 410 -73.26 -39.87 -29.88
C ASN W 410 -72.71 -41.22 -30.34
N ASN W 411 -71.60 -41.61 -29.73
CA ASN W 411 -71.05 -42.93 -29.94
C ASN W 411 -70.66 -43.54 -28.60
N PHE W 412 -70.58 -44.85 -28.58
CA PHE W 412 -70.22 -45.62 -27.39
C PHE W 412 -69.00 -46.46 -27.70
N GLN W 413 -68.10 -46.55 -26.74
CA GLN W 413 -66.94 -47.42 -26.93
C GLN W 413 -66.39 -47.84 -25.58
N PHE W 414 -65.80 -49.03 -25.57
CA PHE W 414 -65.09 -49.51 -24.40
C PHE W 414 -64.01 -50.47 -24.85
N THR W 415 -63.02 -50.64 -24.00
CA THR W 415 -61.93 -51.57 -24.25
C THR W 415 -61.93 -52.62 -23.15
N TYR W 416 -61.47 -53.81 -23.51
CA TYR W 416 -61.42 -54.94 -22.59
C TYR W 416 -60.13 -55.69 -22.81
N THR W 417 -59.51 -56.14 -21.73
CA THR W 417 -58.30 -56.95 -21.79
C THR W 417 -58.63 -58.36 -21.36
N PHE W 418 -58.31 -59.33 -22.20
CA PHE W 418 -58.49 -60.73 -21.84
C PHE W 418 -57.50 -61.11 -20.76
N GLU W 419 -57.94 -61.95 -19.84
CA GLU W 419 -57.04 -62.51 -18.85
C GLU W 419 -56.06 -63.46 -19.54
N ASP W 420 -54.99 -63.79 -18.83
CA ASP W 420 -54.02 -64.74 -19.36
C ASP W 420 -54.69 -66.10 -19.51
N VAL W 421 -54.96 -66.50 -20.76
CA VAL W 421 -55.64 -67.74 -21.05
C VAL W 421 -54.65 -68.61 -21.81
N PRO W 422 -54.70 -69.93 -21.69
CA PRO W 422 -53.79 -70.77 -22.48
C PRO W 422 -54.07 -70.64 -23.97
N PHE W 423 -53.01 -70.78 -24.76
CA PHE W 423 -53.18 -70.83 -26.21
C PHE W 423 -54.07 -72.00 -26.58
N HIS W 424 -54.99 -71.78 -27.51
CA HIS W 424 -55.72 -72.89 -28.07
C HIS W 424 -54.78 -73.75 -28.90
N SER W 425 -54.91 -75.06 -28.74
CA SER W 425 -54.05 -75.99 -29.47
C SER W 425 -54.49 -76.04 -30.92
N SER W 426 -53.86 -75.20 -31.75
CA SER W 426 -54.16 -75.17 -33.17
C SER W 426 -53.27 -76.15 -33.92
N TYR W 427 -53.24 -77.39 -33.44
CA TYR W 427 -52.37 -78.41 -33.99
C TYR W 427 -52.96 -79.77 -33.64
N ALA W 428 -52.60 -80.76 -34.44
CA ALA W 428 -52.89 -82.15 -34.13
C ALA W 428 -51.57 -82.86 -33.83
N HIS W 429 -51.61 -83.80 -32.89
CA HIS W 429 -50.41 -84.51 -32.53
C HIS W 429 -50.01 -85.48 -33.63
N SER W 430 -48.74 -85.48 -33.99
CA SER W 430 -48.20 -86.40 -34.97
C SER W 430 -47.70 -87.68 -34.33
N GLN W 431 -47.89 -87.83 -33.02
CA GLN W 431 -47.58 -89.05 -32.30
C GLN W 431 -48.80 -89.45 -31.48
N SER W 432 -48.95 -90.76 -31.30
CA SER W 432 -49.99 -91.28 -30.43
C SER W 432 -49.44 -91.49 -29.03
N LEU W 433 -50.33 -91.40 -28.04
CA LEU W 433 -49.90 -91.52 -26.65
C LEU W 433 -49.32 -92.90 -26.35
N ASP W 434 -49.82 -93.93 -27.00
CA ASP W 434 -49.32 -95.29 -26.80
C ASP W 434 -48.17 -95.63 -27.73
N ARG W 435 -47.64 -94.66 -28.47
CA ARG W 435 -46.55 -94.87 -29.40
C ARG W 435 -45.47 -93.83 -29.20
N LEU W 436 -45.15 -93.51 -27.95
CA LEU W 436 -44.13 -92.52 -27.63
C LEU W 436 -42.76 -93.12 -27.45
N MET W 437 -42.64 -94.43 -27.56
CA MET W 437 -41.42 -95.15 -27.27
C MET W 437 -40.55 -95.33 -28.51
N ASN W 438 -39.29 -95.63 -28.27
CA ASN W 438 -38.35 -95.98 -29.33
C ASN W 438 -38.72 -97.34 -29.90
N PRO W 439 -39.03 -97.45 -31.18
CA PRO W 439 -39.44 -98.73 -31.76
C PRO W 439 -38.30 -99.69 -32.05
N LEU W 440 -37.08 -99.38 -31.64
CA LEU W 440 -35.93 -100.25 -31.90
C LEU W 440 -35.36 -100.89 -30.65
N ILE W 441 -35.67 -100.36 -29.48
CA ILE W 441 -35.02 -100.77 -28.24
C ILE W 441 -36.05 -101.42 -27.34
N ASP W 442 -35.66 -102.52 -26.71
CA ASP W 442 -36.50 -103.14 -25.70
C ASP W 442 -36.53 -102.28 -24.44
N GLN W 443 -37.57 -102.49 -23.64
CA GLN W 443 -37.62 -101.91 -22.31
C GLN W 443 -36.82 -102.77 -21.35
N TYR W 444 -36.23 -102.13 -20.35
CA TYR W 444 -35.63 -102.89 -19.27
C TYR W 444 -36.66 -103.36 -18.25
N LEU W 445 -37.87 -102.81 -18.30
CA LEU W 445 -38.95 -103.27 -17.44
C LEU W 445 -39.59 -104.52 -18.01
N TYR W 446 -40.06 -105.38 -17.12
CA TYR W 446 -40.75 -106.60 -17.50
C TYR W 446 -42.24 -106.45 -17.25
N TYR W 447 -43.01 -107.22 -18.00
CA TYR W 447 -44.44 -107.33 -17.77
C TYR W 447 -44.79 -108.81 -17.66
N LEU W 448 -45.85 -109.10 -16.92
CA LEU W 448 -46.36 -110.47 -16.83
C LEU W 448 -46.86 -110.89 -18.20
N SER W 449 -46.14 -111.80 -18.85
CA SER W 449 -46.47 -112.19 -20.21
C SER W 449 -47.27 -113.47 -20.29
N ARG W 450 -47.11 -114.38 -19.34
CA ARG W 450 -47.89 -115.60 -19.32
C ARG W 450 -48.18 -116.02 -17.89
N THR W 451 -49.35 -116.60 -17.68
CA THR W 451 -49.73 -117.16 -16.39
C THR W 451 -49.94 -118.66 -16.46
N GLN W 452 -49.74 -119.27 -17.62
CA GLN W 452 -49.96 -120.70 -17.82
C GLN W 452 -48.87 -121.25 -18.71
N THR W 453 -48.40 -122.45 -18.40
CA THR W 453 -47.33 -123.08 -19.17
C THR W 453 -47.80 -123.44 -20.57
N ASN W 459 -51.72 -127.98 -19.27
CA ASN W 459 -50.88 -126.88 -18.83
C ASN W 459 -51.21 -126.47 -17.41
N THR W 460 -50.20 -125.97 -16.70
CA THR W 460 -50.33 -125.61 -15.29
C THR W 460 -50.04 -124.13 -15.11
N GLN W 461 -50.32 -123.64 -13.91
CA GLN W 461 -50.05 -122.25 -13.60
C GLN W 461 -48.55 -121.98 -13.56
N THR W 462 -48.17 -120.79 -14.00
CA THR W 462 -46.79 -120.34 -13.97
C THR W 462 -46.79 -118.83 -14.00
N LEU W 463 -45.60 -118.25 -13.88
CA LEU W 463 -45.43 -116.80 -14.01
C LEU W 463 -44.28 -116.57 -14.98
N GLY W 464 -44.61 -116.16 -16.20
CA GLY W 464 -43.63 -115.82 -17.20
C GLY W 464 -43.63 -114.31 -17.41
N PHE W 465 -42.43 -113.74 -17.46
CA PHE W 465 -42.26 -112.31 -17.60
C PHE W 465 -41.41 -112.03 -18.83
N SER W 466 -41.83 -111.03 -19.61
CA SER W 466 -41.14 -110.65 -20.82
C SER W 466 -40.86 -109.16 -20.78
N GLN W 467 -39.86 -108.75 -21.53
CA GLN W 467 -39.54 -107.34 -21.68
C GLN W 467 -40.34 -106.76 -22.84
N GLY W 468 -41.01 -105.64 -22.60
CA GLY W 468 -41.70 -104.94 -23.65
C GLY W 468 -40.74 -104.49 -24.72
N GLY W 469 -41.08 -104.73 -25.98
CA GLY W 469 -40.21 -104.39 -27.07
C GLY W 469 -40.96 -103.88 -28.27
N PRO W 470 -40.28 -103.81 -29.41
CA PRO W 470 -40.93 -103.28 -30.63
C PRO W 470 -42.15 -104.06 -31.05
N ASN W 471 -42.21 -105.36 -30.75
CA ASN W 471 -43.33 -106.18 -31.19
C ASN W 471 -44.45 -106.24 -30.17
N THR W 472 -44.12 -106.26 -28.88
CA THR W 472 -45.12 -106.24 -27.81
C THR W 472 -45.34 -104.82 -27.31
N MET W 473 -45.71 -103.95 -28.24
CA MET W 473 -45.78 -102.53 -27.94
C MET W 473 -47.01 -102.20 -27.09
N ALA W 474 -48.06 -103.00 -27.18
CA ALA W 474 -49.22 -102.83 -26.32
C ALA W 474 -48.92 -103.20 -24.88
N ASN W 475 -47.91 -104.03 -24.63
CA ASN W 475 -47.58 -104.47 -23.28
C ASN W 475 -46.56 -103.58 -22.60
N GLN W 476 -45.95 -102.64 -23.31
CA GLN W 476 -44.87 -101.85 -22.76
C GLN W 476 -45.35 -100.99 -21.61
N ALA W 477 -44.48 -100.81 -20.62
CA ALA W 477 -44.73 -99.85 -19.56
C ALA W 477 -44.77 -98.45 -20.15
N LYS W 478 -45.74 -97.66 -19.71
CA LYS W 478 -45.96 -96.33 -20.24
C LYS W 478 -46.20 -95.36 -19.11
N ASN W 479 -45.91 -94.09 -19.37
CA ASN W 479 -45.96 -93.06 -18.34
C ASN W 479 -47.30 -92.33 -18.28
N TRP W 480 -48.14 -92.45 -19.30
CA TRP W 480 -49.29 -91.58 -19.42
C TRP W 480 -50.52 -92.38 -19.83
N LEU W 481 -51.68 -91.82 -19.53
CA LEU W 481 -52.97 -92.40 -19.84
C LEU W 481 -53.76 -91.47 -20.73
N PRO W 482 -54.65 -92.00 -21.58
CA PRO W 482 -55.51 -91.14 -22.37
C PRO W 482 -56.47 -90.36 -21.50
N GLY W 483 -56.90 -89.22 -22.02
CA GLY W 483 -57.79 -88.34 -21.30
C GLY W 483 -59.08 -89.01 -20.86
N PRO W 484 -59.88 -88.28 -20.08
CA PRO W 484 -61.08 -88.89 -19.50
C PRO W 484 -62.14 -89.19 -20.55
N CYS W 485 -63.02 -90.11 -20.19
CA CYS W 485 -64.03 -90.62 -21.10
C CYS W 485 -65.41 -90.51 -20.47
N TYR W 486 -66.40 -90.12 -21.28
CA TYR W 486 -67.82 -90.13 -20.90
C TYR W 486 -68.56 -90.66 -22.11
N ARG W 487 -68.71 -91.97 -22.19
CA ARG W 487 -69.01 -92.63 -23.46
C ARG W 487 -70.34 -92.17 -24.05
N GLN W 488 -70.32 -91.91 -25.35
CA GLN W 488 -71.49 -91.51 -26.12
C GLN W 488 -71.91 -92.64 -27.03
N GLN W 489 -73.20 -92.66 -27.36
CA GLN W 489 -73.71 -93.63 -28.32
C GLN W 489 -73.20 -93.31 -29.72
N ARG W 490 -72.89 -94.35 -30.48
CA ARG W 490 -72.37 -94.18 -31.83
C ARG W 490 -73.52 -94.13 -32.82
N VAL W 491 -73.48 -93.14 -33.71
CA VAL W 491 -74.47 -92.97 -34.77
C VAL W 491 -73.72 -92.96 -36.10
N SER W 492 -74.24 -93.69 -37.06
CA SER W 492 -73.66 -93.75 -38.39
C SER W 492 -74.38 -92.77 -39.30
N THR W 493 -73.61 -92.00 -40.08
CA THR W 493 -74.21 -91.16 -41.11
C THR W 493 -74.85 -91.99 -42.22
N THR W 494 -74.43 -93.24 -42.38
CA THR W 494 -75.13 -94.22 -43.20
C THR W 494 -76.28 -94.75 -42.37
N THR W 495 -77.49 -94.22 -42.60
CA THR W 495 -78.60 -94.47 -41.69
C THR W 495 -78.98 -95.94 -41.63
N GLY W 496 -78.75 -96.69 -42.71
CA GLY W 496 -79.06 -98.11 -42.70
C GLY W 496 -78.27 -98.89 -41.67
N GLN W 497 -77.12 -98.38 -41.24
CA GLN W 497 -76.33 -99.03 -40.22
C GLN W 497 -76.80 -98.70 -38.80
N ASN W 498 -77.75 -97.79 -38.65
CA ASN W 498 -78.25 -97.42 -37.34
C ASN W 498 -79.42 -98.31 -36.94
N ASN W 499 -79.64 -98.39 -35.63
CA ASN W 499 -80.80 -99.12 -35.12
C ASN W 499 -82.07 -98.42 -35.56
N ASN W 500 -83.07 -99.22 -35.95
CA ASN W 500 -84.35 -98.67 -36.40
C ASN W 500 -85.19 -98.31 -35.18
N SER W 501 -84.81 -97.22 -34.53
CA SER W 501 -85.54 -96.69 -33.40
C SER W 501 -85.16 -95.22 -33.24
N ASN W 502 -85.98 -94.51 -32.48
CA ASN W 502 -85.74 -93.09 -32.18
C ASN W 502 -85.01 -93.04 -30.85
N PHE W 503 -83.68 -93.02 -30.90
CA PHE W 503 -82.86 -93.12 -29.70
C PHE W 503 -82.00 -91.88 -29.47
N ALA W 504 -82.28 -90.77 -30.16
CA ALA W 504 -81.46 -89.57 -29.99
C ALA W 504 -81.48 -89.09 -28.54
N TRP W 505 -82.65 -89.13 -27.91
CA TRP W 505 -82.78 -88.74 -26.51
C TRP W 505 -82.67 -89.92 -25.56
N THR W 506 -83.37 -91.03 -25.86
CA THR W 506 -83.37 -92.16 -24.93
C THR W 506 -81.98 -92.75 -24.76
N ALA W 507 -81.22 -92.87 -25.85
CA ALA W 507 -79.85 -93.34 -25.79
C ALA W 507 -78.84 -92.20 -25.68
N GLY W 508 -79.31 -90.97 -25.55
CA GLY W 508 -78.41 -89.85 -25.44
C GLY W 508 -77.57 -89.91 -24.18
N THR W 509 -76.35 -89.41 -24.28
CA THR W 509 -75.46 -89.34 -23.14
C THR W 509 -75.77 -88.09 -22.35
N LYS W 510 -76.17 -88.26 -21.10
CA LYS W 510 -76.78 -87.19 -20.33
C LYS W 510 -76.09 -87.04 -18.99
N TYR W 511 -76.26 -85.87 -18.39
CA TYR W 511 -75.97 -85.67 -16.99
C TYR W 511 -77.26 -85.32 -16.26
N HIS W 512 -77.25 -85.59 -14.96
CA HIS W 512 -78.42 -85.42 -14.11
C HIS W 512 -78.15 -84.31 -13.12
N LEU W 513 -79.02 -83.30 -13.09
CA LEU W 513 -78.85 -82.16 -12.21
C LEU W 513 -80.20 -81.75 -11.67
N ASN W 514 -80.36 -81.86 -10.35
CA ASN W 514 -81.58 -81.46 -9.65
C ASN W 514 -82.81 -82.12 -10.27
N GLY W 515 -82.71 -83.44 -10.47
CA GLY W 515 -83.82 -84.17 -11.05
C GLY W 515 -84.12 -83.86 -12.50
N ARG W 516 -83.23 -83.12 -13.17
CA ARG W 516 -83.42 -82.75 -14.57
C ARG W 516 -82.33 -83.42 -15.39
N ASN W 517 -82.72 -84.01 -16.51
CA ASN W 517 -81.78 -84.65 -17.41
C ASN W 517 -81.45 -83.70 -18.55
N SER W 518 -80.17 -83.50 -18.79
CA SER W 518 -79.69 -82.67 -19.88
C SER W 518 -78.63 -83.45 -20.64
N LEU W 519 -78.65 -83.33 -21.96
CA LEU W 519 -77.62 -83.97 -22.76
C LEU W 519 -76.25 -83.44 -22.40
N ALA W 520 -75.28 -84.35 -22.29
CA ALA W 520 -73.88 -83.97 -22.17
C ALA W 520 -73.40 -83.63 -23.58
N ASN W 521 -73.80 -82.45 -24.03
CA ASN W 521 -73.69 -82.05 -25.42
C ASN W 521 -72.88 -80.77 -25.54
N PRO W 522 -71.70 -80.78 -26.18
CA PRO W 522 -71.12 -81.97 -26.80
C PRO W 522 -70.34 -82.84 -25.83
N GLY W 523 -70.34 -82.46 -24.56
CA GLY W 523 -69.61 -83.22 -23.57
C GLY W 523 -68.12 -82.96 -23.62
N ILE W 524 -67.38 -83.82 -22.91
CA ILE W 524 -65.94 -83.67 -22.82
C ILE W 524 -65.30 -83.95 -24.18
N ALA W 525 -64.12 -83.38 -24.39
CA ALA W 525 -63.42 -83.52 -25.66
C ALA W 525 -62.96 -84.96 -25.84
N MET W 526 -63.60 -85.68 -26.75
CA MET W 526 -63.17 -87.02 -27.11
C MET W 526 -63.12 -87.12 -28.63
N ALA W 527 -62.28 -88.02 -29.12
CA ALA W 527 -62.18 -88.24 -30.55
C ALA W 527 -63.52 -88.69 -31.11
N THR W 528 -63.93 -88.08 -32.21
CA THR W 528 -65.24 -88.36 -32.80
C THR W 528 -65.34 -89.82 -33.22
N HIS W 529 -64.27 -90.36 -33.79
CA HIS W 529 -64.26 -91.73 -34.27
C HIS W 529 -62.81 -92.19 -34.32
N LYS W 530 -62.63 -93.50 -34.47
CA LYS W 530 -61.30 -94.05 -34.62
C LYS W 530 -60.94 -94.11 -36.11
N ASP W 531 -59.84 -94.77 -36.42
CA ASP W 531 -59.36 -94.84 -37.80
C ASP W 531 -60.39 -95.51 -38.70
N ASP W 532 -60.59 -94.92 -39.88
CA ASP W 532 -61.42 -95.48 -40.94
C ASP W 532 -62.89 -95.61 -40.50
N GLU W 533 -63.35 -94.73 -39.63
CA GLU W 533 -64.74 -94.75 -39.16
C GLU W 533 -65.32 -93.35 -39.21
N GLU W 534 -65.04 -92.61 -40.28
CA GLU W 534 -65.50 -91.22 -40.38
C GLU W 534 -67.02 -91.13 -40.39
N ARG W 535 -67.71 -92.19 -40.84
CA ARG W 535 -69.16 -92.18 -40.88
C ARG W 535 -69.80 -92.20 -39.50
N PHE W 536 -69.03 -92.52 -38.46
CA PHE W 536 -69.56 -92.63 -37.11
C PHE W 536 -69.31 -91.34 -36.35
N PHE W 537 -70.29 -90.92 -35.55
CA PHE W 537 -70.12 -89.79 -34.67
C PHE W 537 -70.87 -90.06 -33.37
N PRO W 538 -70.40 -89.49 -32.26
CA PRO W 538 -71.18 -89.57 -31.02
C PRO W 538 -72.50 -88.84 -31.18
N SER W 539 -73.55 -89.41 -30.58
CA SER W 539 -74.90 -88.92 -30.84
C SER W 539 -75.06 -87.47 -30.43
N ASN W 540 -74.51 -87.08 -29.28
CA ASN W 540 -74.49 -85.69 -28.85
C ASN W 540 -73.12 -85.30 -28.36
N GLY W 541 -72.10 -85.67 -29.13
CA GLY W 541 -70.73 -85.44 -28.71
C GLY W 541 -69.89 -84.62 -29.67
N ILE W 542 -70.53 -83.97 -30.64
CA ILE W 542 -69.84 -83.12 -31.60
C ILE W 542 -70.63 -81.84 -31.79
N LEU W 543 -69.93 -80.79 -32.22
CA LEU W 543 -70.59 -79.59 -32.66
C LEU W 543 -71.17 -79.81 -34.05
N ILE W 544 -72.44 -79.48 -34.23
CA ILE W 544 -73.12 -79.62 -35.50
C ILE W 544 -73.57 -78.24 -35.94
N PHE W 545 -73.01 -77.75 -37.03
CA PHE W 545 -73.40 -76.48 -37.60
C PHE W 545 -74.36 -76.70 -38.75
N GLY W 546 -75.30 -75.78 -38.92
CA GLY W 546 -76.24 -75.85 -40.00
C GLY W 546 -75.70 -75.17 -41.24
N LYS W 547 -75.96 -75.77 -42.40
CA LYS W 547 -75.69 -75.08 -43.64
C LYS W 547 -76.66 -73.91 -43.80
N GLN W 548 -76.35 -73.04 -44.75
CA GLN W 548 -77.22 -71.90 -44.99
C GLN W 548 -78.63 -72.36 -45.34
N ASN W 549 -79.62 -71.73 -44.72
CA ASN W 549 -81.03 -72.04 -44.93
C ASN W 549 -81.40 -73.43 -44.43
N ALA W 550 -80.64 -73.97 -43.48
CA ALA W 550 -81.03 -75.22 -42.83
C ALA W 550 -82.22 -74.97 -41.92
N ALA W 551 -83.13 -75.94 -41.88
CA ALA W 551 -84.32 -75.82 -41.05
C ALA W 551 -83.94 -75.79 -39.58
N ARG W 552 -84.72 -75.03 -38.80
CA ARG W 552 -84.50 -74.99 -37.36
C ARG W 552 -84.75 -76.35 -36.72
N ASP W 553 -85.81 -77.04 -37.14
CA ASP W 553 -86.18 -78.32 -36.58
C ASP W 553 -86.10 -79.40 -37.65
N ASN W 554 -85.54 -80.55 -37.29
CA ASN W 554 -85.50 -81.74 -38.13
C ASN W 554 -84.84 -81.43 -39.48
N ALA W 555 -83.71 -80.74 -39.43
CA ALA W 555 -82.90 -80.58 -40.63
C ALA W 555 -82.28 -81.92 -41.00
N ASP W 556 -82.26 -82.21 -42.30
CA ASP W 556 -81.67 -83.45 -42.77
C ASP W 556 -80.15 -83.41 -42.60
N TYR W 557 -79.54 -84.59 -42.66
CA TYR W 557 -78.08 -84.67 -42.53
C TYR W 557 -77.38 -83.85 -43.62
N SER W 558 -77.99 -83.75 -44.80
CA SER W 558 -77.40 -82.96 -45.86
C SER W 558 -77.47 -81.46 -45.59
N ASP W 559 -78.32 -81.04 -44.65
CA ASP W 559 -78.45 -79.62 -44.32
C ASP W 559 -77.59 -79.19 -43.15
N VAL W 560 -76.84 -80.10 -42.54
CA VAL W 560 -76.03 -79.77 -41.38
C VAL W 560 -74.58 -80.13 -41.68
N MET W 561 -73.69 -79.57 -40.89
CA MET W 561 -72.24 -79.74 -41.05
C MET W 561 -71.72 -80.36 -39.76
N LEU W 562 -71.41 -81.65 -39.80
CA LEU W 562 -70.86 -82.32 -38.64
C LEU W 562 -69.39 -81.99 -38.49
N THR W 563 -68.99 -81.58 -37.30
CA THR W 563 -67.57 -81.45 -37.02
C THR W 563 -66.98 -82.80 -36.63
N SER W 564 -65.66 -82.89 -36.66
CA SER W 564 -64.97 -84.11 -36.27
C SER W 564 -63.77 -83.77 -35.43
N GLU W 565 -63.67 -84.39 -34.26
CA GLU W 565 -62.51 -84.24 -33.39
C GLU W 565 -61.56 -85.42 -33.52
N GLU W 566 -61.42 -85.96 -34.74
CA GLU W 566 -60.53 -87.10 -34.94
C GLU W 566 -59.07 -86.76 -34.73
N GLU W 567 -58.71 -85.48 -34.75
CA GLU W 567 -57.31 -85.10 -34.54
C GLU W 567 -56.83 -85.45 -33.14
N ILE W 568 -57.73 -85.58 -32.17
CA ILE W 568 -57.35 -85.88 -30.80
C ILE W 568 -57.42 -87.37 -30.50
N LYS W 569 -57.52 -88.21 -31.54
CA LYS W 569 -57.41 -89.65 -31.34
C LYS W 569 -56.11 -90.02 -30.65
N THR W 570 -55.06 -89.24 -30.87
CA THR W 570 -53.74 -89.56 -30.37
C THR W 570 -53.68 -89.48 -28.85
N THR W 571 -54.53 -88.69 -28.25
CA THR W 571 -54.48 -88.48 -26.82
C THR W 571 -55.82 -88.72 -26.13
N ASN W 572 -56.92 -88.39 -26.78
CA ASN W 572 -58.22 -88.57 -26.16
C ASN W 572 -58.86 -89.86 -26.63
N PRO W 573 -59.57 -90.56 -25.75
CA PRO W 573 -60.28 -91.77 -26.17
C PRO W 573 -61.39 -91.42 -27.14
N VAL W 574 -61.72 -92.39 -27.99
CA VAL W 574 -62.82 -92.22 -28.93
C VAL W 574 -64.13 -92.08 -28.16
N ALA W 575 -64.95 -91.11 -28.58
CA ALA W 575 -66.14 -90.75 -27.83
C ALA W 575 -67.12 -91.91 -27.72
N THR W 576 -67.15 -92.81 -28.70
CA THR W 576 -68.11 -93.89 -28.75
C THR W 576 -67.54 -95.21 -28.27
N GLU W 577 -66.31 -95.22 -27.78
CA GLU W 577 -65.67 -96.43 -27.31
C GLU W 577 -65.46 -96.34 -25.80
N GLU W 578 -65.23 -97.49 -25.19
CA GLU W 578 -64.91 -97.54 -23.78
C GLU W 578 -63.53 -96.97 -23.52
N TYR W 579 -63.34 -96.43 -22.31
CA TYR W 579 -62.03 -95.93 -21.94
C TYR W 579 -61.00 -97.05 -21.88
N GLY W 580 -61.39 -98.17 -21.30
CA GLY W 580 -60.46 -99.26 -21.11
C GLY W 580 -61.11 -100.39 -20.37
N ILE W 581 -60.26 -101.25 -19.80
CA ILE W 581 -60.70 -102.46 -19.13
C ILE W 581 -60.08 -102.49 -17.74
N VAL W 582 -60.90 -102.79 -16.74
CA VAL W 582 -60.41 -102.97 -15.37
C VAL W 582 -60.85 -104.34 -14.88
N ALA W 583 -60.15 -104.83 -13.86
CA ALA W 583 -60.54 -106.06 -13.21
C ALA W 583 -61.83 -105.87 -12.42
N ASP W 584 -62.69 -106.88 -12.48
CA ASP W 584 -63.97 -106.83 -11.78
C ASP W 584 -64.03 -107.76 -10.58
N ASN W 585 -63.02 -108.59 -10.36
CA ASN W 585 -63.03 -109.54 -9.27
C ASN W 585 -61.60 -109.87 -8.88
N LEU W 586 -61.44 -110.86 -8.01
CA LEU W 586 -60.14 -111.39 -7.63
C LEU W 586 -60.07 -112.82 -8.14
N GLN W 587 -59.23 -113.05 -9.14
CA GLN W 587 -59.10 -114.39 -9.69
C GLN W 587 -58.43 -115.31 -8.68
N GLN W 588 -58.92 -116.55 -8.61
CA GLN W 588 -58.32 -117.61 -7.81
C GLN W 588 -58.22 -118.85 -8.70
N GLN W 589 -57.68 -119.93 -8.14
CA GLN W 589 -57.61 -121.18 -8.89
C GLN W 589 -58.99 -121.71 -9.25
N ASN W 590 -60.03 -121.27 -8.55
CA ASN W 590 -61.40 -121.69 -8.85
C ASN W 590 -62.24 -120.63 -9.53
N THR W 591 -61.83 -119.37 -9.52
CA THR W 591 -62.60 -118.29 -10.13
C THR W 591 -61.77 -117.65 -11.23
N ALA W 592 -62.25 -117.72 -12.46
CA ALA W 592 -61.55 -117.09 -13.57
C ALA W 592 -61.62 -115.58 -13.43
N PRO W 593 -60.58 -114.87 -13.86
CA PRO W 593 -60.60 -113.41 -13.78
C PRO W 593 -61.71 -112.83 -14.63
N GLN W 594 -62.36 -111.80 -14.10
CA GLN W 594 -63.41 -111.09 -14.80
C GLN W 594 -62.97 -109.66 -15.05
N ILE W 595 -63.40 -109.11 -16.19
CA ILE W 595 -63.01 -107.77 -16.58
C ILE W 595 -64.24 -106.89 -16.67
N GLY W 596 -64.07 -105.63 -16.31
CA GLY W 596 -65.12 -104.63 -16.42
C GLY W 596 -64.76 -103.62 -17.47
N THR W 597 -65.76 -103.23 -18.27
CA THR W 597 -65.59 -102.24 -19.32
C THR W 597 -65.84 -100.86 -18.75
N VAL W 598 -64.83 -99.98 -18.84
CA VAL W 598 -64.93 -98.64 -18.29
C VAL W 598 -65.54 -97.75 -19.36
N ASN W 599 -66.81 -97.41 -19.19
CA ASN W 599 -67.51 -96.53 -20.11
C ASN W 599 -67.51 -95.08 -19.64
N SER W 600 -67.04 -94.80 -18.44
CA SER W 600 -66.94 -93.45 -17.93
C SER W 600 -65.74 -93.41 -17.00
N GLN W 601 -64.77 -92.57 -17.32
CA GLN W 601 -63.54 -92.49 -16.55
C GLN W 601 -63.25 -91.03 -16.22
N GLY W 602 -63.25 -90.71 -14.94
CA GLY W 602 -62.84 -89.40 -14.49
C GLY W 602 -61.34 -89.27 -14.49
N ALA W 603 -60.87 -88.12 -14.02
CA ALA W 603 -59.45 -87.80 -14.08
C ALA W 603 -58.63 -88.81 -13.28
N LEU W 604 -57.58 -89.33 -13.91
CA LEU W 604 -56.60 -90.17 -13.25
C LEU W 604 -55.23 -89.51 -13.36
N PRO W 605 -54.35 -89.72 -12.39
CA PRO W 605 -53.00 -89.16 -12.49
C PRO W 605 -52.29 -89.73 -13.71
N GLY W 606 -51.49 -88.89 -14.35
CA GLY W 606 -50.82 -89.27 -15.57
C GLY W 606 -51.67 -89.17 -16.81
N MET W 607 -52.92 -88.73 -16.68
CA MET W 607 -53.79 -88.62 -17.84
C MET W 607 -53.51 -87.30 -18.56
N VAL W 608 -53.49 -87.36 -19.88
CA VAL W 608 -53.32 -86.18 -20.72
C VAL W 608 -54.42 -86.20 -21.76
N TRP W 609 -54.83 -85.00 -22.20
CA TRP W 609 -55.90 -84.90 -23.18
C TRP W 609 -55.79 -83.57 -23.90
N GLN W 610 -56.49 -83.50 -25.03
CA GLN W 610 -56.64 -82.27 -25.79
C GLN W 610 -58.05 -81.74 -25.61
N ASN W 611 -58.19 -80.43 -25.71
CA ASN W 611 -59.51 -79.81 -25.70
C ASN W 611 -60.18 -79.98 -27.06
N ARG W 612 -61.48 -79.69 -27.10
CA ARG W 612 -62.19 -79.66 -28.37
C ARG W 612 -61.62 -78.56 -29.26
N ASP W 613 -61.60 -78.82 -30.55
CA ASP W 613 -61.16 -77.82 -31.51
C ASP W 613 -62.12 -76.64 -31.55
N VAL W 614 -61.59 -75.48 -31.91
CA VAL W 614 -62.44 -74.34 -32.21
C VAL W 614 -62.67 -74.30 -33.72
N TYR W 615 -63.74 -73.63 -34.13
CA TYR W 615 -64.12 -73.58 -35.52
C TYR W 615 -64.39 -72.15 -35.91
N LEU W 616 -64.25 -71.88 -37.21
CA LEU W 616 -64.55 -70.54 -37.72
C LEU W 616 -65.96 -70.13 -37.37
N GLN W 617 -66.90 -71.06 -37.44
CA GLN W 617 -68.29 -70.81 -37.07
C GLN W 617 -68.56 -71.00 -35.58
N GLY W 618 -67.59 -71.51 -34.83
CA GLY W 618 -67.83 -71.88 -33.46
C GLY W 618 -67.65 -70.75 -32.47
N PRO W 619 -67.95 -71.02 -31.20
CA PRO W 619 -67.77 -70.01 -30.17
C PRO W 619 -66.30 -69.75 -29.86
N ILE W 620 -66.04 -68.56 -29.34
CA ILE W 620 -64.69 -68.16 -28.96
C ILE W 620 -64.42 -68.38 -27.49
N TRP W 621 -65.31 -67.88 -26.63
CA TRP W 621 -65.08 -67.93 -25.19
C TRP W 621 -66.37 -68.32 -24.48
N ALA W 622 -66.21 -68.77 -23.25
CA ALA W 622 -67.33 -68.94 -22.33
C ALA W 622 -66.90 -68.42 -20.97
N LYS W 623 -67.87 -67.94 -20.21
CA LYS W 623 -67.61 -67.55 -18.83
C LYS W 623 -67.49 -68.80 -17.98
N ILE W 624 -66.38 -68.91 -17.26
CA ILE W 624 -66.23 -69.98 -16.28
C ILE W 624 -67.20 -69.66 -15.15
N PRO W 625 -68.10 -70.57 -14.81
CA PRO W 625 -69.04 -70.31 -13.72
C PRO W 625 -68.30 -70.03 -12.41
N HIS W 626 -68.81 -69.07 -11.65
CA HIS W 626 -68.20 -68.71 -10.39
C HIS W 626 -68.56 -69.78 -9.37
N THR W 627 -67.67 -70.75 -9.19
CA THR W 627 -67.89 -71.86 -8.27
C THR W 627 -66.66 -72.06 -7.40
N ASP W 628 -66.84 -72.83 -6.34
CA ASP W 628 -65.71 -73.17 -5.48
C ASP W 628 -64.66 -73.97 -6.23
N GLY W 629 -65.08 -74.92 -7.02
CA GLY W 629 -64.16 -75.80 -7.72
C GLY W 629 -64.58 -76.01 -9.15
N ASN W 630 -63.58 -76.12 -10.02
CA ASN W 630 -63.77 -76.57 -11.37
C ASN W 630 -62.57 -77.44 -11.74
N PHE W 631 -62.77 -78.31 -12.71
CA PHE W 631 -61.69 -79.14 -13.22
C PHE W 631 -61.50 -78.82 -14.70
N HIS W 632 -60.29 -78.36 -15.04
CA HIS W 632 -59.93 -77.98 -16.40
C HIS W 632 -61.02 -77.11 -17.01
N PRO W 633 -61.16 -75.87 -16.56
CA PRO W 633 -62.31 -75.07 -16.98
C PRO W 633 -62.21 -74.58 -18.41
N SER W 634 -62.04 -75.50 -19.32
CA SER W 634 -62.12 -75.20 -20.75
C SER W 634 -63.53 -75.48 -21.23
N PRO W 635 -64.18 -74.53 -21.89
CA PRO W 635 -65.58 -74.72 -22.28
C PRO W 635 -65.74 -75.94 -23.17
N LEU W 636 -66.82 -76.69 -22.97
CA LEU W 636 -66.96 -77.97 -23.63
C LEU W 636 -67.27 -77.83 -25.11
N MET W 637 -68.03 -76.80 -25.51
CA MET W 637 -68.22 -76.57 -26.93
C MET W 637 -67.02 -75.89 -27.57
N GLY W 638 -65.90 -75.80 -26.86
CA GLY W 638 -64.68 -75.29 -27.42
C GLY W 638 -64.49 -73.81 -27.12
N GLY W 639 -63.23 -73.40 -27.13
CA GLY W 639 -62.88 -72.02 -26.94
C GLY W 639 -62.12 -71.78 -25.65
N PHE W 640 -62.14 -70.53 -25.22
CA PHE W 640 -61.36 -70.07 -24.08
C PHE W 640 -62.27 -69.89 -22.89
N GLY W 641 -61.94 -70.55 -21.79
CA GLY W 641 -62.67 -70.34 -20.56
C GLY W 641 -62.12 -69.14 -19.82
N LEU W 642 -62.97 -68.16 -19.54
CA LEU W 642 -62.55 -66.92 -18.91
C LEU W 642 -63.33 -66.71 -17.63
N LYS W 643 -62.62 -66.43 -16.54
CA LYS W 643 -63.29 -66.02 -15.32
C LYS W 643 -64.00 -64.68 -15.51
N HIS W 644 -63.38 -63.77 -16.26
CA HIS W 644 -63.91 -62.45 -16.55
C HIS W 644 -63.94 -62.29 -18.07
N PRO W 645 -64.95 -62.83 -18.73
CA PRO W 645 -65.01 -62.78 -20.19
C PRO W 645 -65.31 -61.38 -20.66
N PRO W 646 -65.31 -61.14 -21.97
CA PRO W 646 -65.80 -59.86 -22.48
C PRO W 646 -67.18 -59.57 -21.94
N PRO W 647 -67.39 -58.40 -21.38
CA PRO W 647 -68.66 -58.12 -20.71
C PRO W 647 -69.81 -58.08 -21.69
N GLN W 648 -70.99 -58.45 -21.20
CA GLN W 648 -72.20 -58.31 -21.99
C GLN W 648 -72.44 -56.84 -22.28
N ILE W 649 -72.76 -56.53 -23.53
CA ILE W 649 -73.07 -55.17 -23.95
C ILE W 649 -74.57 -55.12 -24.20
N LEU W 650 -75.28 -54.44 -23.31
CA LEU W 650 -76.73 -54.37 -23.36
C LEU W 650 -77.14 -53.08 -24.03
N ILE W 651 -78.10 -53.16 -24.94
CA ILE W 651 -78.56 -52.00 -25.70
C ILE W 651 -80.08 -52.02 -25.73
N LYS W 652 -80.67 -50.83 -25.61
CA LYS W 652 -82.11 -50.71 -25.61
C LYS W 652 -82.51 -49.37 -26.21
N ASN W 653 -83.60 -49.38 -26.96
CA ASN W 653 -84.21 -48.12 -27.36
C ASN W 653 -84.92 -47.51 -26.16
N THR W 654 -84.58 -46.28 -25.82
CA THR W 654 -85.23 -45.61 -24.72
C THR W 654 -86.71 -45.41 -25.08
N PRO W 655 -87.64 -45.83 -24.22
CA PRO W 655 -89.06 -45.66 -24.55
C PRO W 655 -89.40 -44.19 -24.70
N VAL W 656 -90.14 -43.88 -25.76
CA VAL W 656 -90.64 -42.54 -26.01
C VAL W 656 -92.16 -42.60 -25.91
N PRO W 657 -92.76 -42.08 -24.85
CA PRO W 657 -94.21 -42.16 -24.71
C PRO W 657 -94.92 -41.43 -25.83
N ALA W 658 -96.07 -41.97 -26.23
CA ALA W 658 -97.00 -41.21 -27.03
C ALA W 658 -97.62 -40.13 -26.16
N ASP W 659 -98.55 -39.37 -26.73
CA ASP W 659 -99.12 -38.26 -25.99
C ASP W 659 -99.86 -38.77 -24.76
N PRO W 660 -99.49 -38.35 -23.56
CA PRO W 660 -100.21 -38.78 -22.37
C PRO W 660 -101.55 -38.07 -22.28
N PRO W 661 -102.47 -38.55 -21.45
CA PRO W 661 -103.73 -37.84 -21.26
C PRO W 661 -103.49 -36.49 -20.60
N THR W 662 -104.43 -35.58 -20.80
CA THR W 662 -104.32 -34.25 -20.24
C THR W 662 -104.76 -34.18 -18.78
N THR W 663 -105.28 -35.27 -18.23
CA THR W 663 -105.57 -35.38 -16.82
C THR W 663 -104.67 -36.46 -16.23
N PHE W 664 -104.17 -36.21 -15.02
CA PHE W 664 -103.16 -37.09 -14.46
C PHE W 664 -103.71 -38.49 -14.22
N ASN W 665 -102.91 -39.49 -14.60
CA ASN W 665 -103.18 -40.88 -14.32
C ASN W 665 -101.93 -41.49 -13.72
N GLN W 666 -102.08 -42.13 -12.57
CA GLN W 666 -100.93 -42.71 -11.88
C GLN W 666 -100.40 -43.96 -12.58
N SER W 667 -101.21 -44.58 -13.44
CA SER W 667 -100.81 -45.83 -14.07
C SER W 667 -99.60 -45.60 -14.98
N LYS W 668 -98.73 -46.61 -15.04
CA LYS W 668 -97.59 -46.52 -15.94
C LYS W 668 -98.05 -46.38 -17.38
N LEU W 669 -97.32 -45.59 -18.15
CA LEU W 669 -97.68 -45.37 -19.53
C LEU W 669 -97.43 -46.62 -20.34
N ASN W 670 -98.41 -47.01 -21.16
CA ASN W 670 -98.28 -48.14 -22.05
C ASN W 670 -98.39 -47.76 -23.51
N SER W 671 -98.63 -46.48 -23.81
CA SER W 671 -98.73 -45.99 -25.17
C SER W 671 -97.39 -45.37 -25.54
N PHE W 672 -96.66 -46.01 -26.44
CA PHE W 672 -95.33 -45.56 -26.80
C PHE W 672 -95.24 -45.35 -28.30
N ILE W 673 -94.39 -44.42 -28.69
CA ILE W 673 -94.08 -44.21 -30.10
C ILE W 673 -93.32 -45.42 -30.62
N THR W 674 -93.82 -46.01 -31.70
CA THR W 674 -93.15 -47.16 -32.28
C THR W 674 -91.81 -46.74 -32.84
N GLN W 675 -90.76 -47.48 -32.48
CA GLN W 675 -89.42 -46.96 -32.64
C GLN W 675 -88.45 -48.11 -32.78
N TYR W 676 -87.42 -47.90 -33.59
CA TYR W 676 -86.31 -48.83 -33.68
C TYR W 676 -85.05 -48.02 -33.97
N SER W 677 -83.91 -48.60 -33.67
CA SER W 677 -82.64 -47.95 -33.90
C SER W 677 -81.77 -48.82 -34.80
N THR W 678 -80.90 -48.15 -35.54
CA THR W 678 -79.90 -48.82 -36.35
C THR W 678 -78.59 -48.07 -36.18
N GLY W 679 -77.50 -48.76 -36.44
CA GLY W 679 -76.21 -48.14 -36.33
C GLY W 679 -75.13 -49.11 -36.76
N GLN W 680 -73.90 -48.72 -36.53
CA GLN W 680 -72.76 -49.56 -36.82
C GLN W 680 -72.09 -49.99 -35.52
N VAL W 681 -71.60 -51.22 -35.50
CA VAL W 681 -70.88 -51.76 -34.37
C VAL W 681 -69.52 -52.22 -34.88
N SER W 682 -68.47 -51.82 -34.17
CA SER W 682 -67.11 -52.23 -34.47
C SER W 682 -66.55 -52.99 -33.28
N VAL W 683 -65.99 -54.16 -33.55
CA VAL W 683 -65.28 -54.92 -32.54
C VAL W 683 -63.89 -55.23 -33.09
N GLU W 684 -62.87 -54.86 -32.33
CA GLU W 684 -61.48 -55.12 -32.69
C GLU W 684 -60.90 -56.04 -31.63
N ILE W 685 -60.39 -57.19 -32.05
CA ILE W 685 -59.75 -58.13 -31.15
C ILE W 685 -58.31 -58.32 -31.59
N GLU W 686 -57.38 -58.18 -30.66
CA GLU W 686 -55.99 -58.51 -30.88
C GLU W 686 -55.74 -59.92 -30.38
N TRP W 687 -55.22 -60.76 -31.27
CA TRP W 687 -54.92 -62.15 -30.94
C TRP W 687 -53.41 -62.34 -30.92
N GLU W 688 -52.92 -63.06 -29.92
CA GLU W 688 -51.54 -63.47 -29.88
C GLU W 688 -51.40 -64.82 -30.56
N LEU W 689 -50.35 -64.98 -31.34
CA LEU W 689 -50.12 -66.20 -32.12
C LEU W 689 -48.96 -66.98 -31.53
N GLN W 690 -49.10 -68.30 -31.55
CA GLN W 690 -47.99 -69.21 -31.27
C GLN W 690 -47.48 -69.74 -32.60
N LYS W 691 -46.33 -69.24 -33.03
CA LYS W 691 -45.75 -69.67 -34.29
C LYS W 691 -45.27 -71.12 -34.17
N GLU W 692 -45.48 -71.89 -35.23
CA GLU W 692 -45.00 -73.25 -35.26
C GLU W 692 -43.49 -73.26 -35.46
N ASN W 693 -42.78 -73.98 -34.60
CA ASN W 693 -41.34 -74.16 -34.71
C ASN W 693 -41.09 -75.66 -34.84
N SER W 694 -41.18 -76.15 -36.07
CA SER W 694 -41.22 -77.58 -36.33
C SER W 694 -40.07 -77.99 -37.23
N LYS W 695 -39.47 -79.13 -36.91
CA LYS W 695 -38.41 -79.70 -37.72
C LYS W 695 -38.92 -80.85 -38.59
N ARG W 696 -40.23 -80.97 -38.74
CA ARG W 696 -40.82 -81.94 -39.64
C ARG W 696 -40.29 -81.74 -41.05
N TRP W 697 -39.90 -82.84 -41.69
CA TRP W 697 -39.32 -82.74 -43.02
C TRP W 697 -40.39 -82.71 -44.11
N ASN W 698 -41.34 -83.63 -44.05
CA ASN W 698 -42.35 -83.73 -45.07
C ASN W 698 -43.38 -82.60 -44.92
N PRO W 699 -44.07 -82.26 -46.00
CA PRO W 699 -45.05 -81.16 -45.93
C PRO W 699 -46.19 -81.49 -44.97
N GLU W 700 -46.72 -80.45 -44.34
CA GLU W 700 -47.82 -80.58 -43.41
C GLU W 700 -49.15 -80.61 -44.16
N ILE W 701 -50.19 -81.03 -43.46
CA ILE W 701 -51.55 -80.87 -43.94
C ILE W 701 -51.96 -79.42 -43.75
N GLN W 702 -52.53 -78.83 -44.79
CA GLN W 702 -52.97 -77.46 -44.76
C GLN W 702 -54.42 -77.39 -45.18
N TYR W 703 -55.16 -76.45 -44.62
CA TYR W 703 -56.49 -76.18 -45.14
C TYR W 703 -56.35 -75.47 -46.48
N THR W 704 -57.02 -75.98 -47.50
CA THR W 704 -56.94 -75.40 -48.82
C THR W 704 -58.33 -75.42 -49.44
N SER W 705 -58.59 -74.44 -50.29
CA SER W 705 -59.79 -74.48 -51.11
C SER W 705 -59.60 -75.51 -52.22
N ASN W 706 -60.72 -76.09 -52.67
CA ASN W 706 -60.66 -77.05 -53.75
C ASN W 706 -60.27 -76.36 -55.04
N TYR W 707 -59.34 -76.99 -55.78
CA TYR W 707 -58.88 -76.39 -57.03
C TYR W 707 -59.90 -76.57 -58.16
N TYR W 708 -60.69 -77.62 -58.11
CA TYR W 708 -61.59 -77.96 -59.21
C TYR W 708 -62.72 -76.94 -59.32
N LYS W 709 -63.26 -76.82 -60.53
CA LYS W 709 -64.29 -75.83 -60.81
C LYS W 709 -65.57 -76.14 -60.07
N SER W 710 -66.36 -75.10 -59.83
CA SER W 710 -67.63 -75.25 -59.14
C SER W 710 -68.57 -74.14 -59.55
N THR W 711 -69.85 -74.34 -59.27
CA THR W 711 -70.86 -73.34 -59.63
C THR W 711 -70.63 -72.03 -58.90
N SER W 712 -70.20 -72.09 -57.65
CA SER W 712 -69.99 -70.91 -56.84
C SER W 712 -68.67 -71.04 -56.09
N VAL W 713 -68.12 -69.90 -55.69
CA VAL W 713 -66.93 -69.88 -54.87
C VAL W 713 -67.31 -70.20 -53.44
N ASP W 714 -66.56 -71.11 -52.82
CA ASP W 714 -66.78 -71.42 -51.41
C ASP W 714 -66.48 -70.21 -50.55
N PHE W 715 -67.30 -69.99 -49.52
CA PHE W 715 -67.20 -68.83 -48.65
C PHE W 715 -67.34 -67.54 -49.45
N ALA W 716 -68.35 -67.51 -50.31
CA ALA W 716 -68.70 -66.32 -51.08
C ALA W 716 -70.21 -66.25 -51.16
N VAL W 717 -70.70 -65.29 -51.88
CA VAL W 717 -72.13 -65.14 -52.09
C VAL W 717 -72.53 -65.91 -53.33
N ASN W 718 -73.79 -66.31 -53.39
CA ASN W 718 -74.34 -66.95 -54.57
C ASN W 718 -74.96 -65.87 -55.46
N THR W 719 -75.72 -66.29 -56.47
CA THR W 719 -76.33 -65.34 -57.39
C THR W 719 -77.41 -64.49 -56.72
N GLU W 720 -77.92 -64.91 -55.56
CA GLU W 720 -78.94 -64.18 -54.85
C GLU W 720 -78.38 -63.29 -53.75
N GLY W 721 -77.07 -63.23 -53.61
CA GLY W 721 -76.47 -62.41 -52.58
C GLY W 721 -76.36 -63.06 -51.22
N VAL W 722 -76.64 -64.36 -51.12
CA VAL W 722 -76.61 -65.06 -49.84
C VAL W 722 -75.19 -65.56 -49.60
N TYR W 723 -74.59 -65.09 -48.52
CA TYR W 723 -73.30 -65.62 -48.09
C TYR W 723 -73.51 -66.94 -47.37
N SER W 724 -72.69 -67.93 -47.69
CA SER W 724 -72.78 -69.23 -47.07
C SER W 724 -71.40 -69.73 -46.69
N GLU W 725 -71.34 -70.48 -45.59
CA GLU W 725 -70.14 -71.17 -45.19
C GLU W 725 -70.32 -72.64 -45.51
N PRO W 726 -69.64 -73.19 -46.51
CA PRO W 726 -69.97 -74.54 -46.98
C PRO W 726 -69.54 -75.64 -46.03
N ARG W 727 -68.54 -75.42 -45.18
CA ARG W 727 -68.05 -76.45 -44.30
C ARG W 727 -67.58 -75.81 -43.02
N PRO W 728 -67.53 -76.56 -41.92
CA PRO W 728 -66.90 -76.05 -40.69
C PRO W 728 -65.39 -76.22 -40.78
N ILE W 729 -64.67 -75.11 -40.75
CA ILE W 729 -63.22 -75.15 -40.80
C ILE W 729 -62.71 -75.28 -39.37
N GLY W 730 -62.08 -76.40 -39.07
CA GLY W 730 -61.46 -76.56 -37.78
C GLY W 730 -60.20 -75.73 -37.66
N THR W 731 -59.34 -76.09 -36.74
CA THR W 731 -58.17 -75.29 -36.46
C THR W 731 -56.89 -76.12 -36.47
N ARG W 732 -56.99 -77.45 -36.44
CA ARG W 732 -55.86 -78.33 -36.23
C ARG W 732 -55.42 -78.92 -37.57
N TYR W 733 -54.44 -78.29 -38.19
CA TYR W 733 -53.84 -78.77 -39.42
C TYR W 733 -52.35 -79.00 -39.30
N LEU W 734 -51.64 -78.12 -38.62
CA LEU W 734 -50.24 -78.35 -38.33
C LEU W 734 -50.10 -79.46 -37.29
N THR W 735 -48.89 -79.98 -37.16
CA THR W 735 -48.64 -81.11 -36.27
C THR W 735 -47.55 -80.79 -35.26
N ARG W 736 -47.65 -81.43 -34.11
CA ARG W 736 -46.61 -81.40 -33.08
C ARG W 736 -46.38 -82.81 -32.60
N ASN W 737 -45.17 -83.05 -32.11
CA ASN W 737 -44.92 -84.27 -31.36
C ASN W 737 -45.60 -84.17 -30.00
N LEU W 738 -45.84 -85.33 -29.40
CA LEU W 738 -46.43 -85.34 -28.07
C LEU W 738 -45.38 -85.00 -27.02
N GLY X 221 -46.59 -62.80 38.84
CA GLY X 221 -46.89 -62.78 40.26
C GLY X 221 -48.09 -63.61 40.64
N VAL X 222 -48.08 -64.12 41.88
CA VAL X 222 -49.19 -64.92 42.37
C VAL X 222 -50.47 -64.10 42.44
N GLY X 223 -50.36 -62.88 42.93
CA GLY X 223 -51.52 -62.03 43.15
C GLY X 223 -51.88 -61.08 42.05
N SER X 224 -51.32 -61.24 40.86
CA SER X 224 -51.63 -60.37 39.73
C SER X 224 -52.16 -61.20 38.57
N SER X 225 -53.20 -60.69 37.93
CA SER X 225 -53.77 -61.35 36.75
C SER X 225 -52.79 -61.30 35.59
N SER X 226 -52.69 -62.40 34.86
CA SER X 226 -51.81 -62.48 33.70
C SER X 226 -52.53 -62.21 32.39
N GLY X 227 -53.81 -61.85 32.44
CA GLY X 227 -54.54 -61.51 31.24
C GLY X 227 -55.96 -61.17 31.57
N ASN X 228 -56.62 -60.52 30.63
CA ASN X 228 -57.99 -60.06 30.78
C ASN X 228 -58.93 -60.89 29.93
N TRP X 229 -60.21 -60.83 30.28
CA TRP X 229 -61.25 -61.50 29.52
C TRP X 229 -61.53 -60.72 28.24
N HIS X 230 -61.38 -61.37 27.10
CA HIS X 230 -61.57 -60.73 25.79
C HIS X 230 -62.53 -61.59 24.97
N CYS X 231 -63.81 -61.34 25.13
CA CYS X 231 -64.83 -61.89 24.24
C CYS X 231 -65.47 -60.71 23.51
N ASP X 232 -65.37 -60.71 22.19
CA ASP X 232 -65.82 -59.58 21.40
C ASP X 232 -65.78 -59.96 19.93
N SER X 233 -66.45 -59.15 19.13
CA SER X 233 -66.34 -59.23 17.67
C SER X 233 -66.39 -57.81 17.15
N THR X 234 -65.36 -57.41 16.42
CA THR X 234 -65.29 -56.07 15.85
C THR X 234 -65.37 -56.19 14.34
N TRP X 235 -66.39 -55.57 13.75
CA TRP X 235 -66.57 -55.54 12.31
C TRP X 235 -66.04 -54.22 11.80
N LEU X 236 -65.03 -54.27 10.93
CA LEU X 236 -64.38 -53.05 10.45
C LEU X 236 -64.07 -53.27 8.97
N GLY X 237 -64.88 -52.66 8.11
CA GLY X 237 -64.64 -52.79 6.68
C GLY X 237 -64.84 -54.20 6.21
N ASP X 238 -63.84 -54.73 5.52
CA ASP X 238 -63.86 -56.08 5.00
C ASP X 238 -63.29 -57.10 5.97
N ARG X 239 -63.09 -56.72 7.23
CA ARG X 239 -62.58 -57.62 8.24
C ARG X 239 -63.59 -57.74 9.38
N VAL X 240 -63.63 -58.92 9.99
CA VAL X 240 -64.25 -59.10 11.28
C VAL X 240 -63.24 -59.81 12.17
N ILE X 241 -63.03 -59.27 13.36
CA ILE X 241 -62.10 -59.84 14.32
C ILE X 241 -62.92 -60.42 15.46
N THR X 242 -63.00 -61.74 15.52
CA THR X 242 -63.64 -62.42 16.62
C THR X 242 -62.59 -62.76 17.67
N THR X 243 -62.89 -62.43 18.91
CA THR X 243 -62.07 -62.86 20.02
C THR X 243 -62.97 -63.53 21.05
N SER X 244 -62.52 -64.66 21.57
CA SER X 244 -63.32 -65.41 22.51
C SER X 244 -62.44 -65.89 23.64
N THR X 245 -62.93 -65.74 24.86
CA THR X 245 -62.25 -66.22 26.05
C THR X 245 -63.11 -67.27 26.72
N ARG X 246 -62.48 -68.33 27.20
CA ARG X 246 -63.18 -69.38 27.92
C ARG X 246 -62.35 -69.78 29.13
N THR X 247 -63.03 -70.29 30.15
CA THR X 247 -62.38 -70.89 31.29
C THR X 247 -62.26 -72.39 31.03
N TRP X 248 -61.06 -72.92 31.16
CA TRP X 248 -60.80 -74.33 30.94
C TRP X 248 -60.36 -75.00 32.23
N ALA X 249 -60.49 -76.31 32.27
CA ALA X 249 -59.96 -77.12 33.35
C ALA X 249 -59.22 -78.30 32.74
N LEU X 250 -57.96 -78.47 33.13
CA LEU X 250 -57.14 -79.55 32.61
C LEU X 250 -56.85 -80.55 33.70
N PRO X 251 -57.36 -81.77 33.63
CA PRO X 251 -57.00 -82.79 34.60
C PRO X 251 -55.64 -83.38 34.27
N THR X 252 -55.18 -84.24 35.16
CA THR X 252 -54.06 -85.11 34.84
C THR X 252 -54.59 -86.29 34.05
N TYR X 253 -54.10 -86.46 32.84
CA TYR X 253 -54.52 -87.54 31.96
C TYR X 253 -53.56 -88.71 32.07
N ASN X 254 -54.10 -89.92 32.06
CA ASN X 254 -53.34 -91.16 31.96
C ASN X 254 -52.41 -91.38 33.14
N ASN X 255 -52.60 -90.65 34.25
CA ASN X 255 -51.67 -90.68 35.37
C ASN X 255 -50.25 -90.35 34.92
N HIS X 256 -50.13 -89.35 34.06
CA HIS X 256 -48.88 -88.85 33.51
C HIS X 256 -48.18 -89.86 32.60
N LEU X 257 -48.88 -90.89 32.13
CA LEU X 257 -48.26 -91.95 31.37
C LEU X 257 -48.63 -91.87 29.89
N TYR X 258 -47.74 -92.36 29.05
CA TYR X 258 -48.08 -92.68 27.67
C TYR X 258 -48.50 -94.15 27.63
N LYS X 259 -49.69 -94.40 27.11
CA LYS X 259 -50.20 -95.75 27.04
C LYS X 259 -50.44 -96.13 25.60
N GLN X 260 -49.92 -97.29 25.21
CA GLN X 260 -50.29 -97.86 23.92
C GLN X 260 -51.73 -98.31 23.97
N ILE X 261 -52.50 -97.93 22.96
CA ILE X 261 -53.91 -98.28 22.86
C ILE X 261 -54.12 -99.00 21.53
N SER X 262 -54.99 -100.00 21.55
CA SER X 262 -55.21 -100.81 20.35
C SER X 262 -56.64 -101.32 20.34
N ASN X 263 -57.03 -101.81 19.19
CA ASN X 263 -58.32 -102.48 19.01
C ASN X 263 -58.14 -103.49 17.90
N GLY X 264 -58.42 -104.76 18.19
CA GLY X 264 -58.28 -105.82 17.23
C GLY X 264 -59.60 -106.51 16.94
N THR X 265 -59.51 -107.54 16.12
CA THR X 265 -60.69 -108.31 15.73
C THR X 265 -60.97 -109.41 16.75
N ALA X 269 -64.57 -106.55 17.79
CA ALA X 269 -64.48 -105.46 16.83
C ALA X 269 -64.19 -106.00 15.43
N THR X 270 -64.70 -105.29 14.41
CA THR X 270 -64.44 -105.68 13.04
C THR X 270 -63.09 -105.12 12.58
N ASN X 271 -62.62 -105.67 11.46
CA ASN X 271 -61.36 -105.18 10.90
C ASN X 271 -61.45 -103.72 10.50
N ASP X 272 -62.64 -103.25 10.14
CA ASP X 272 -62.80 -101.86 9.74
C ASP X 272 -62.53 -100.90 10.88
N ASN X 273 -62.61 -101.35 12.12
CA ASN X 273 -62.47 -100.49 13.28
C ASN X 273 -61.19 -100.75 14.08
N THR X 274 -60.26 -101.52 13.53
CA THR X 274 -59.02 -101.78 14.24
C THR X 274 -58.13 -100.53 14.24
N TYR X 275 -57.32 -100.39 15.28
CA TYR X 275 -56.38 -99.30 15.33
C TYR X 275 -55.24 -99.66 16.28
N PHE X 276 -54.12 -98.98 16.09
CA PHE X 276 -53.01 -98.97 17.02
C PHE X 276 -52.59 -97.53 17.20
N GLY X 277 -52.39 -97.12 18.43
CA GLY X 277 -52.01 -95.75 18.69
C GLY X 277 -51.53 -95.57 20.09
N TYR X 278 -51.46 -94.31 20.51
CA TYR X 278 -50.95 -94.00 21.83
C TYR X 278 -51.85 -92.96 22.49
N SER X 279 -52.17 -93.20 23.74
CA SER X 279 -52.80 -92.20 24.59
C SER X 279 -51.69 -91.45 25.33
N THR X 280 -51.76 -90.14 25.29
CA THR X 280 -50.73 -89.32 25.92
C THR X 280 -51.29 -88.64 27.16
N PRO X 281 -50.43 -88.26 28.11
CA PRO X 281 -50.88 -87.49 29.26
C PRO X 281 -51.17 -86.03 28.95
N TRP X 282 -51.12 -85.62 27.69
CA TRP X 282 -51.28 -84.24 27.30
C TRP X 282 -52.71 -83.94 26.92
N GLY X 283 -53.18 -82.76 27.27
CA GLY X 283 -54.37 -82.20 26.68
C GLY X 283 -54.02 -81.34 25.49
N TYR X 284 -55.05 -80.90 24.78
CA TYR X 284 -54.83 -80.00 23.66
C TYR X 284 -56.00 -79.05 23.55
N PHE X 285 -55.72 -77.86 23.02
CA PHE X 285 -56.74 -76.84 22.86
C PHE X 285 -57.30 -76.92 21.45
N ASP X 286 -58.61 -76.98 21.35
CA ASP X 286 -59.32 -77.04 20.09
C ASP X 286 -60.27 -75.86 20.00
N PHE X 287 -60.17 -75.09 18.93
CA PHE X 287 -61.12 -74.05 18.61
C PHE X 287 -61.49 -74.13 17.14
N ASN X 288 -61.62 -75.35 16.64
CA ASN X 288 -61.87 -75.61 15.23
C ASN X 288 -63.36 -75.75 14.92
N ARG X 289 -64.19 -75.01 15.63
CA ARG X 289 -65.61 -74.89 15.31
C ARG X 289 -65.95 -73.42 15.24
N PHE X 290 -66.86 -73.07 14.34
CA PHE X 290 -67.16 -71.66 14.12
C PHE X 290 -67.82 -71.02 15.32
N HIS X 291 -68.62 -71.78 16.08
CA HIS X 291 -69.27 -71.19 17.24
C HIS X 291 -68.31 -70.93 18.39
N CYS X 292 -67.08 -71.42 18.31
CA CYS X 292 -66.06 -71.01 19.27
C CYS X 292 -65.68 -69.55 19.11
N HIS X 293 -65.99 -68.95 17.96
CA HIS X 293 -65.58 -67.60 17.64
C HIS X 293 -66.73 -66.69 17.29
N PHE X 294 -67.76 -67.19 16.63
CA PHE X 294 -68.90 -66.39 16.22
C PHE X 294 -70.07 -66.66 17.15
N SER X 295 -70.61 -65.59 17.74
CA SER X 295 -71.91 -65.69 18.36
C SER X 295 -72.96 -65.91 17.28
N PRO X 296 -74.11 -66.46 17.64
CA PRO X 296 -75.16 -66.65 16.62
C PRO X 296 -75.54 -65.36 15.91
N ARG X 297 -75.59 -64.24 16.63
CA ARG X 297 -75.85 -62.96 16.00
C ARG X 297 -74.71 -62.55 15.07
N ASP X 298 -73.47 -62.79 15.49
CA ASP X 298 -72.33 -62.52 14.61
C ASP X 298 -72.36 -63.40 13.38
N TRP X 299 -72.73 -64.67 13.55
CA TRP X 299 -72.89 -65.56 12.41
C TRP X 299 -73.96 -65.05 11.46
N GLN X 300 -75.06 -64.55 12.00
CA GLN X 300 -76.11 -63.97 11.17
C GLN X 300 -75.59 -62.76 10.40
N ARG X 301 -74.85 -61.88 11.09
CA ARG X 301 -74.25 -60.73 10.42
C ARG X 301 -73.35 -61.18 9.28
N LEU X 302 -72.56 -62.23 9.51
CA LEU X 302 -71.64 -62.71 8.50
C LEU X 302 -72.39 -63.28 7.30
N ILE X 303 -73.34 -64.17 7.55
CA ILE X 303 -73.94 -64.93 6.45
C ILE X 303 -75.01 -64.14 5.71
N ASN X 304 -75.62 -63.14 6.32
CA ASN X 304 -76.66 -62.39 5.64
C ASN X 304 -76.11 -61.26 4.78
N ASN X 305 -74.81 -60.96 4.87
CA ASN X 305 -74.27 -59.77 4.24
C ASN X 305 -73.00 -59.99 3.45
N ASN X 306 -72.45 -61.20 3.44
CA ASN X 306 -71.18 -61.44 2.80
C ASN X 306 -71.27 -62.63 1.86
N TRP X 307 -70.64 -62.50 0.70
CA TRP X 307 -70.57 -63.59 -0.25
C TRP X 307 -69.50 -64.60 0.13
N GLY X 308 -68.58 -64.24 1.01
CA GLY X 308 -67.51 -65.15 1.37
C GLY X 308 -66.73 -64.62 2.54
N PHE X 309 -65.96 -65.51 3.14
CA PHE X 309 -65.09 -65.15 4.25
C PHE X 309 -63.98 -66.18 4.32
N ARG X 310 -62.91 -65.80 5.00
CA ARG X 310 -61.79 -66.71 5.20
C ARG X 310 -60.98 -66.22 6.39
N PRO X 311 -60.37 -67.11 7.16
CA PRO X 311 -59.51 -66.66 8.25
C PRO X 311 -58.22 -66.07 7.70
N LYS X 312 -57.71 -65.08 8.41
CA LYS X 312 -56.48 -64.39 8.03
C LYS X 312 -55.35 -64.64 9.02
N ARG X 313 -55.60 -64.40 10.30
CA ARG X 313 -54.59 -64.58 11.33
C ARG X 313 -55.30 -64.95 12.62
N LEU X 314 -54.55 -65.55 13.53
CA LEU X 314 -55.09 -65.82 14.85
C LEU X 314 -54.04 -65.52 15.90
N SER X 315 -54.51 -65.12 17.07
CA SER X 315 -53.68 -65.01 18.25
C SER X 315 -54.32 -65.82 19.35
N PHE X 316 -53.49 -66.52 20.11
CA PHE X 316 -53.94 -67.45 21.14
C PHE X 316 -53.27 -67.07 22.45
N LYS X 317 -54.02 -67.13 23.54
CA LYS X 317 -53.47 -66.76 24.84
C LYS X 317 -53.93 -67.74 25.90
N LEU X 318 -52.99 -68.13 26.76
CA LEU X 318 -53.28 -68.86 27.99
C LEU X 318 -52.84 -67.99 29.15
N PHE X 319 -53.71 -67.82 30.14
CA PHE X 319 -53.42 -66.89 31.21
C PHE X 319 -54.28 -67.22 32.42
N ASN X 320 -53.97 -66.56 33.53
CA ASN X 320 -54.67 -66.78 34.81
C ASN X 320 -54.67 -68.27 35.16
N ILE X 321 -53.51 -68.88 35.01
CA ILE X 321 -53.36 -70.30 35.27
C ILE X 321 -53.38 -70.55 36.77
N GLN X 322 -54.18 -71.51 37.20
CA GLN X 322 -54.23 -71.94 38.58
C GLN X 322 -54.04 -73.44 38.60
N VAL X 323 -52.98 -73.91 39.25
CA VAL X 323 -52.76 -75.32 39.45
C VAL X 323 -53.19 -75.67 40.86
N LYS X 324 -54.07 -76.65 40.97
CA LYS X 324 -54.71 -76.96 42.24
C LYS X 324 -54.41 -78.39 42.65
N GLU X 325 -54.13 -78.57 43.94
CA GLU X 325 -53.85 -79.87 44.52
C GLU X 325 -55.10 -80.35 45.23
N VAL X 326 -55.48 -81.59 44.99
CA VAL X 326 -56.64 -82.20 45.64
C VAL X 326 -56.16 -83.40 46.46
N THR X 327 -56.55 -83.44 47.72
CA THR X 327 -56.13 -84.50 48.63
C THR X 327 -57.31 -85.35 49.08
N LYS X 333 -62.38 -84.64 50.86
CA LYS X 333 -61.64 -84.06 49.75
C LYS X 333 -61.47 -82.55 49.92
N THR X 334 -60.23 -82.09 49.89
CA THR X 334 -59.90 -80.68 49.96
C THR X 334 -59.09 -80.30 48.72
N ILE X 335 -59.40 -79.14 48.16
CA ILE X 335 -58.69 -78.60 47.00
C ILE X 335 -57.94 -77.36 47.45
N ALA X 336 -56.64 -77.33 47.19
CA ALA X 336 -55.79 -76.23 47.58
C ALA X 336 -54.96 -75.78 46.40
N ASN X 337 -54.56 -74.51 46.42
CA ASN X 337 -53.66 -74.00 45.41
C ASN X 337 -52.27 -74.61 45.59
N ASN X 338 -51.66 -75.00 44.47
CA ASN X 338 -50.26 -75.40 44.44
C ASN X 338 -49.53 -74.30 43.68
N LEU X 339 -49.07 -73.28 44.41
CA LEU X 339 -48.54 -72.08 43.78
C LEU X 339 -47.27 -72.35 42.98
N THR X 340 -46.50 -73.37 43.35
CA THR X 340 -45.24 -73.65 42.69
C THR X 340 -45.36 -74.71 41.60
N SER X 341 -46.55 -75.23 41.35
CA SER X 341 -46.73 -76.20 40.29
C SER X 341 -46.80 -75.52 38.93
N THR X 342 -46.45 -76.27 37.90
CA THR X 342 -46.41 -75.75 36.55
C THR X 342 -47.32 -76.54 35.63
N ILE X 343 -47.71 -75.89 34.54
CA ILE X 343 -48.26 -76.56 33.37
C ILE X 343 -47.25 -76.40 32.25
N GLN X 344 -47.26 -77.34 31.32
CA GLN X 344 -46.40 -77.27 30.14
C GLN X 344 -47.28 -77.04 28.92
N VAL X 345 -46.93 -76.03 28.14
CA VAL X 345 -47.66 -75.68 26.93
C VAL X 345 -46.66 -75.56 25.80
N PHE X 346 -46.97 -76.16 24.65
CA PHE X 346 -46.21 -75.91 23.45
C PHE X 346 -47.13 -76.05 22.25
N THR X 347 -46.78 -75.37 21.18
CA THR X 347 -47.46 -75.51 19.91
C THR X 347 -46.61 -76.35 18.97
N ASP X 348 -47.25 -77.30 18.30
CA ASP X 348 -46.59 -78.09 17.27
C ASP X 348 -46.50 -77.24 16.00
N SER X 349 -45.62 -76.24 16.06
CA SER X 349 -45.53 -75.26 14.99
C SER X 349 -44.91 -75.85 13.73
N GLU X 350 -44.09 -76.88 13.86
CA GLU X 350 -43.51 -77.57 12.71
C GLU X 350 -44.35 -78.72 12.23
N TYR X 351 -45.52 -78.95 12.84
CA TYR X 351 -46.43 -80.02 12.43
C TYR X 351 -45.74 -81.37 12.47
N GLN X 352 -44.95 -81.60 13.51
CA GLN X 352 -44.22 -82.84 13.69
C GLN X 352 -45.02 -83.88 14.45
N LEU X 353 -46.11 -83.52 15.02
CA LEU X 353 -46.97 -84.46 15.70
C LEU X 353 -48.13 -84.85 14.80
N PRO X 354 -48.71 -86.03 15.01
CA PRO X 354 -49.95 -86.37 14.31
C PRO X 354 -51.01 -85.31 14.59
N TYR X 355 -51.57 -84.77 13.52
CA TYR X 355 -52.53 -83.68 13.61
C TYR X 355 -53.92 -84.27 13.80
N VAL X 356 -54.44 -84.18 15.02
CA VAL X 356 -55.75 -84.76 15.34
C VAL X 356 -56.86 -83.72 15.32
N LEU X 357 -56.53 -82.44 15.19
CA LEU X 357 -57.56 -81.47 14.88
C LEU X 357 -58.07 -81.71 13.46
N GLY X 358 -59.25 -81.17 13.19
CA GLY X 358 -59.84 -81.44 11.90
C GLY X 358 -60.41 -82.83 11.74
N SER X 359 -60.74 -83.49 12.85
CA SER X 359 -61.49 -84.74 12.81
C SER X 359 -62.86 -84.58 13.47
N ALA X 360 -63.32 -83.34 13.62
CA ALA X 360 -64.64 -83.04 14.16
C ALA X 360 -64.83 -83.64 15.55
N HIS X 361 -63.80 -83.54 16.38
CA HIS X 361 -63.84 -84.12 17.71
C HIS X 361 -64.45 -83.15 18.72
N GLN X 362 -65.03 -83.71 19.77
CA GLN X 362 -65.48 -82.91 20.89
C GLN X 362 -64.29 -82.33 21.63
N GLY X 363 -64.57 -81.40 22.53
CA GLY X 363 -63.52 -80.76 23.30
C GLY X 363 -63.11 -79.40 22.82
N CYS X 364 -63.77 -78.87 21.80
CA CYS X 364 -63.51 -77.51 21.38
C CYS X 364 -64.00 -76.52 22.44
N LEU X 365 -63.62 -75.27 22.26
CA LEU X 365 -64.14 -74.22 23.13
C LEU X 365 -65.67 -74.20 23.03
N PRO X 366 -66.37 -74.11 24.15
CA PRO X 366 -67.83 -74.16 24.09
C PRO X 366 -68.39 -72.95 23.35
N PRO X 367 -69.52 -73.10 22.67
CA PRO X 367 -70.12 -71.94 22.00
C PRO X 367 -70.50 -70.82 22.96
N PHE X 368 -70.93 -71.15 24.18
CA PHE X 368 -71.36 -70.14 25.13
C PHE X 368 -70.18 -69.66 25.96
N PRO X 369 -69.87 -68.36 25.97
CA PRO X 369 -68.67 -67.90 26.67
C PRO X 369 -68.67 -68.19 28.16
N ALA X 370 -69.83 -68.23 28.80
CA ALA X 370 -69.88 -68.51 30.23
C ALA X 370 -69.60 -69.96 30.56
N ASP X 371 -69.45 -70.81 29.54
CA ASP X 371 -69.34 -72.24 29.78
C ASP X 371 -67.89 -72.62 30.08
N VAL X 372 -67.67 -73.35 31.16
CA VAL X 372 -66.36 -73.85 31.52
C VAL X 372 -66.21 -75.24 30.94
N PHE X 373 -65.10 -75.48 30.23
CA PHE X 373 -64.94 -76.72 29.49
C PHE X 373 -63.69 -77.46 29.93
N MET X 374 -63.76 -78.77 29.77
CA MET X 374 -62.65 -79.68 30.06
C MET X 374 -61.80 -79.84 28.81
N ILE X 375 -60.48 -79.78 29.00
CA ILE X 375 -59.56 -79.91 27.87
C ILE X 375 -59.49 -81.36 27.43
N PRO X 376 -59.67 -81.67 26.15
CA PRO X 376 -59.62 -83.06 25.70
C PRO X 376 -58.21 -83.63 25.78
N GLN X 377 -58.15 -84.95 25.96
CA GLN X 377 -56.86 -85.63 26.04
C GLN X 377 -56.31 -85.88 24.65
N TYR X 378 -55.02 -85.61 24.48
CA TYR X 378 -54.38 -85.84 23.19
C TYR X 378 -54.01 -87.30 23.03
N GLY X 379 -54.46 -87.88 21.92
CA GLY X 379 -54.00 -89.19 21.51
C GLY X 379 -53.87 -89.20 20.01
N TYR X 380 -53.17 -90.20 19.50
CA TYR X 380 -52.98 -90.29 18.06
C TYR X 380 -52.92 -91.75 17.66
N LEU X 381 -53.10 -91.97 16.37
CA LEU X 381 -53.03 -93.30 15.77
C LEU X 381 -51.86 -93.36 14.81
N THR X 382 -51.27 -94.54 14.73
CA THR X 382 -50.22 -94.78 13.77
C THR X 382 -50.60 -96.02 12.96
N LEU X 383 -49.67 -96.54 12.17
CA LEU X 383 -49.99 -97.69 11.33
C LEU X 383 -50.29 -98.90 12.20
N ASN X 384 -51.32 -99.65 11.81
CA ASN X 384 -51.71 -100.85 12.53
C ASN X 384 -51.97 -101.99 11.56
N ASN X 385 -51.77 -103.20 12.04
CA ASN X 385 -52.15 -104.43 11.36
C ASN X 385 -53.02 -105.17 12.38
N GLY X 386 -54.33 -104.97 12.30
CA GLY X 386 -55.18 -105.41 13.38
C GLY X 386 -54.91 -104.56 14.62
N SER X 387 -54.69 -105.22 15.74
CA SER X 387 -54.31 -104.54 16.97
C SER X 387 -52.81 -104.38 17.13
N GLN X 388 -52.03 -104.90 16.20
CA GLN X 388 -50.58 -104.86 16.28
C GLN X 388 -50.03 -103.66 15.53
N ALA X 389 -48.89 -103.17 16.01
CA ALA X 389 -48.14 -102.17 15.27
C ALA X 389 -47.28 -102.84 14.22
N VAL X 390 -46.86 -102.05 13.24
CA VAL X 390 -45.89 -102.49 12.24
C VAL X 390 -44.60 -101.72 12.49
N GLY X 391 -43.55 -102.12 11.77
CA GLY X 391 -42.27 -101.45 11.92
C GLY X 391 -42.30 -99.99 11.56
N ARG X 392 -43.24 -99.59 10.71
CA ARG X 392 -43.37 -98.19 10.33
C ARG X 392 -44.19 -97.38 11.32
N SER X 393 -44.78 -98.02 12.32
CA SER X 393 -45.56 -97.29 13.31
C SER X 393 -44.65 -96.33 14.09
N SER X 394 -45.14 -95.11 14.26
CA SER X 394 -44.37 -94.07 14.92
C SER X 394 -44.88 -93.85 16.33
N PHE X 395 -43.96 -93.78 17.28
CA PHE X 395 -44.27 -93.39 18.65
C PHE X 395 -43.71 -91.98 18.87
N TYR X 396 -44.55 -91.10 19.41
CA TYR X 396 -44.17 -89.73 19.68
C TYR X 396 -44.24 -89.46 21.17
N CYS X 397 -43.15 -88.98 21.74
CA CYS X 397 -43.13 -88.47 23.09
C CYS X 397 -43.28 -86.96 23.03
N LEU X 398 -44.36 -86.44 23.60
CA LEU X 398 -44.58 -85.00 23.55
C LEU X 398 -43.66 -84.24 24.50
N GLU X 399 -43.09 -84.93 25.50
CA GLU X 399 -42.05 -84.32 26.30
C GLU X 399 -40.78 -84.11 25.52
N TYR X 400 -40.63 -84.78 24.38
CA TYR X 400 -39.48 -84.58 23.51
C TYR X 400 -39.55 -83.29 22.72
N PHE X 401 -40.49 -82.42 23.04
CA PHE X 401 -40.62 -81.13 22.43
C PHE X 401 -40.26 -80.04 23.42
N PRO X 402 -39.74 -78.91 22.96
CA PRO X 402 -39.58 -77.76 23.87
C PRO X 402 -40.95 -77.22 24.26
N SER X 403 -41.19 -77.14 25.57
CA SER X 403 -42.44 -76.64 26.10
C SER X 403 -42.16 -75.49 27.05
N GLN X 404 -43.03 -74.50 27.02
CA GLN X 404 -42.98 -73.45 28.02
C GLN X 404 -43.65 -73.97 29.29
N MET X 405 -42.97 -73.87 30.42
CA MET X 405 -43.55 -74.23 31.70
C MET X 405 -44.06 -72.97 32.38
N LEU X 406 -45.28 -73.04 32.90
CA LEU X 406 -45.98 -71.87 33.40
C LEU X 406 -46.38 -72.12 34.85
N ARG X 407 -45.98 -71.23 35.73
CA ARG X 407 -46.55 -71.20 37.06
C ARG X 407 -47.77 -70.29 37.05
N THR X 408 -48.38 -70.10 38.22
CA THR X 408 -49.66 -69.39 38.28
C THR X 408 -49.54 -67.95 37.80
N GLY X 409 -48.35 -67.36 37.87
CA GLY X 409 -48.16 -66.01 37.40
C GLY X 409 -47.79 -65.87 35.95
N ASN X 410 -47.56 -66.97 35.25
CA ASN X 410 -47.12 -66.93 33.87
C ASN X 410 -48.29 -67.00 32.90
N ASN X 411 -48.06 -66.53 31.69
CA ASN X 411 -49.03 -66.66 30.62
C ASN X 411 -48.32 -67.14 29.36
N PHE X 412 -49.10 -67.72 28.46
CA PHE X 412 -48.61 -68.25 27.20
C PHE X 412 -49.37 -67.59 26.07
N GLN X 413 -48.67 -67.26 25.00
CA GLN X 413 -49.35 -66.70 23.84
C GLN X 413 -48.54 -66.97 22.59
N PHE X 414 -49.24 -67.08 21.47
CA PHE X 414 -48.60 -67.17 20.18
C PHE X 414 -49.56 -66.62 19.13
N THR X 415 -48.99 -66.23 18.00
CA THR X 415 -49.75 -65.74 16.87
C THR X 415 -49.51 -66.64 15.68
N TYR X 416 -50.51 -66.74 14.82
CA TYR X 416 -50.46 -67.59 13.65
C TYR X 416 -51.10 -66.85 12.50
N THR X 417 -50.52 -66.98 11.31
CA THR X 417 -51.06 -66.39 10.10
C THR X 417 -51.56 -67.50 9.19
N PHE X 418 -52.82 -67.42 8.80
CA PHE X 418 -53.37 -68.38 7.85
C PHE X 418 -52.74 -68.17 6.49
N GLU X 419 -52.50 -69.27 5.79
CA GLU X 419 -52.06 -69.18 4.41
C GLU X 419 -53.18 -68.63 3.55
N ASP X 420 -52.83 -68.19 2.34
CA ASP X 420 -53.84 -67.71 1.41
C ASP X 420 -54.77 -68.85 1.03
N VAL X 421 -55.99 -68.81 1.55
CA VAL X 421 -56.97 -69.87 1.32
C VAL X 421 -58.11 -69.23 0.52
N PRO X 422 -58.81 -69.96 -0.33
CA PRO X 422 -59.95 -69.37 -1.04
C PRO X 422 -61.06 -68.99 -0.06
N PHE X 423 -61.79 -67.94 -0.41
CA PHE X 423 -62.97 -67.57 0.35
C PHE X 423 -63.97 -68.72 0.33
N HIS X 424 -64.56 -69.00 1.48
CA HIS X 424 -65.68 -69.93 1.49
C HIS X 424 -66.86 -69.32 0.78
N SER X 425 -67.53 -70.12 -0.04
CA SER X 425 -68.68 -69.64 -0.81
C SER X 425 -69.86 -69.48 0.14
N SER X 426 -70.02 -68.27 0.68
CA SER X 426 -71.14 -67.98 1.57
C SER X 426 -72.34 -67.49 0.77
N TYR X 427 -72.69 -68.24 -0.27
CA TYR X 427 -73.76 -67.87 -1.18
C TYR X 427 -74.30 -69.13 -1.84
N ALA X 428 -75.53 -69.04 -2.30
CA ALA X 428 -76.11 -70.06 -3.16
C ALA X 428 -76.30 -69.48 -4.54
N HIS X 429 -76.12 -70.32 -5.56
CA HIS X 429 -76.27 -69.83 -6.92
C HIS X 429 -77.74 -69.60 -7.24
N SER X 430 -78.04 -68.45 -7.83
CA SER X 430 -79.38 -68.14 -8.29
C SER X 430 -79.64 -68.61 -9.71
N GLN X 431 -78.69 -69.30 -10.30
CA GLN X 431 -78.84 -69.91 -11.61
C GLN X 431 -78.42 -71.36 -11.52
N SER X 432 -79.05 -72.20 -12.33
CA SER X 432 -78.67 -73.59 -12.44
C SER X 432 -77.68 -73.77 -13.58
N LEU X 433 -76.82 -74.78 -13.47
CA LEU X 433 -75.79 -74.99 -14.48
C LEU X 433 -76.39 -75.33 -15.84
N ASP X 434 -77.52 -75.99 -15.87
CA ASP X 434 -78.18 -76.34 -17.12
C ASP X 434 -79.14 -75.26 -17.61
N ARG X 435 -79.15 -74.10 -16.95
CA ARG X 435 -80.03 -73.01 -17.30
C ARG X 435 -79.25 -71.70 -17.40
N LEU X 436 -78.07 -71.74 -18.00
CA LEU X 436 -77.23 -70.56 -18.14
C LEU X 436 -77.46 -69.84 -19.46
N MET X 437 -78.34 -70.35 -20.29
CA MET X 437 -78.55 -69.83 -21.64
C MET X 437 -79.66 -68.79 -21.68
N ASN X 438 -79.66 -68.02 -22.76
CA ASN X 438 -80.73 -67.08 -23.03
C ASN X 438 -82.00 -67.83 -23.39
N PRO X 439 -83.09 -67.67 -22.65
CA PRO X 439 -84.32 -68.41 -22.93
C PRO X 439 -85.14 -67.87 -24.10
N LEU X 440 -84.64 -66.90 -24.84
CA LEU X 440 -85.38 -66.33 -25.95
C LEU X 440 -84.76 -66.64 -27.31
N ILE X 441 -83.51 -67.05 -27.36
CA ILE X 441 -82.77 -67.18 -28.61
C ILE X 441 -82.42 -68.64 -28.83
N ASP X 442 -82.59 -69.09 -30.05
CA ASP X 442 -82.15 -70.43 -30.42
C ASP X 442 -80.62 -70.49 -30.46
N GLN X 443 -80.10 -71.70 -30.35
CA GLN X 443 -78.69 -71.93 -30.60
C GLN X 443 -78.44 -72.06 -32.09
N TYR X 444 -77.25 -71.65 -32.52
CA TYR X 444 -76.86 -71.93 -33.90
C TYR X 444 -76.31 -73.34 -34.04
N LEU X 445 -76.01 -74.02 -32.94
CA LEU X 445 -75.59 -75.41 -32.98
C LEU X 445 -76.79 -76.32 -33.10
N TYR X 446 -76.59 -77.44 -33.80
CA TYR X 446 -77.62 -78.44 -33.96
C TYR X 446 -77.32 -79.65 -33.08
N TYR X 447 -78.37 -80.37 -32.72
CA TYR X 447 -78.24 -81.65 -32.03
C TYR X 447 -79.03 -82.68 -32.82
N LEU X 448 -78.60 -83.94 -32.70
CA LEU X 448 -79.35 -85.03 -33.30
C LEU X 448 -80.70 -85.15 -32.60
N SER X 449 -81.76 -84.79 -33.30
CA SER X 449 -83.09 -84.76 -32.68
C SER X 449 -83.91 -86.00 -32.97
N ARG X 450 -83.70 -86.66 -34.10
CA ARG X 450 -84.41 -87.89 -34.40
C ARG X 450 -83.51 -88.84 -35.18
N THR X 451 -83.68 -90.13 -34.93
CA THR X 451 -82.98 -91.16 -35.67
C THR X 451 -83.93 -92.04 -36.46
N GLN X 452 -85.24 -91.77 -36.40
CA GLN X 452 -86.24 -92.58 -37.07
C GLN X 452 -87.31 -91.66 -37.65
N THR X 453 -87.78 -92.00 -38.85
CA THR X 453 -88.78 -91.18 -39.52
C THR X 453 -90.12 -91.23 -38.80
N ASN X 459 -91.76 -97.03 -39.90
CA ASN X 459 -90.76 -95.98 -39.93
C ASN X 459 -89.37 -96.55 -40.15
N THR X 460 -88.51 -95.77 -40.79
CA THR X 460 -87.17 -96.20 -41.16
C THR X 460 -86.14 -95.31 -40.49
N GLN X 461 -84.88 -95.71 -40.59
CA GLN X 461 -83.80 -94.92 -40.03
C GLN X 461 -83.63 -93.62 -40.80
N THR X 462 -83.26 -92.58 -40.06
CA THR X 462 -82.99 -91.28 -40.64
C THR X 462 -82.09 -90.52 -39.67
N LEU X 463 -81.66 -89.34 -40.08
CA LEU X 463 -80.90 -88.44 -39.22
C LEU X 463 -81.56 -87.06 -39.30
N GLY X 464 -82.28 -86.69 -38.26
CA GLY X 464 -82.88 -85.38 -38.14
C GLY X 464 -82.16 -84.57 -37.10
N PHE X 465 -81.87 -83.32 -37.45
CA PHE X 465 -81.11 -82.42 -36.58
C PHE X 465 -81.94 -81.17 -36.33
N SER X 466 -81.96 -80.73 -35.08
CA SER X 466 -82.70 -79.56 -34.68
C SER X 466 -81.77 -78.62 -33.92
N GLN X 467 -82.14 -77.35 -33.91
CA GLN X 467 -81.41 -76.36 -33.15
C GLN X 467 -81.99 -76.28 -31.74
N GLY X 468 -81.12 -76.36 -30.75
CA GLY X 468 -81.54 -76.17 -29.37
C GLY X 468 -82.13 -74.80 -29.16
N GLY X 469 -83.28 -74.74 -28.50
CA GLY X 469 -83.95 -73.49 -28.30
C GLY X 469 -84.60 -73.41 -26.93
N PRO X 470 -85.47 -72.41 -26.75
CA PRO X 470 -86.12 -72.24 -25.44
C PRO X 470 -86.92 -73.43 -24.98
N ASN X 471 -87.46 -74.23 -25.90
CA ASN X 471 -88.28 -75.37 -25.52
C ASN X 471 -87.49 -76.66 -25.38
N THR X 472 -86.47 -76.86 -26.21
CA THR X 472 -85.61 -78.04 -26.11
C THR X 472 -84.34 -77.69 -25.32
N MET X 473 -84.56 -77.22 -24.10
CA MET X 473 -83.47 -76.69 -23.30
C MET X 473 -82.58 -77.80 -22.76
N ALA X 474 -83.13 -78.99 -22.58
CA ALA X 474 -82.32 -80.14 -22.18
C ALA X 474 -81.39 -80.60 -23.28
N ASN X 475 -81.70 -80.31 -24.55
CA ASN X 475 -80.89 -80.74 -25.67
C ASN X 475 -79.83 -79.74 -26.07
N GLN X 476 -79.84 -78.53 -25.50
CA GLN X 476 -78.93 -77.49 -25.93
C GLN X 476 -77.48 -77.86 -25.64
N ALA X 477 -76.60 -77.44 -26.54
CA ALA X 477 -75.18 -77.55 -26.29
C ALA X 477 -74.80 -76.68 -25.10
N LYS X 478 -73.97 -77.22 -24.22
CA LYS X 478 -73.59 -76.54 -22.98
C LYS X 478 -72.10 -76.66 -22.78
N ASN X 479 -71.55 -75.71 -22.03
CA ASN X 479 -70.11 -75.62 -21.84
C ASN X 479 -69.61 -76.34 -20.60
N TRP X 480 -70.48 -76.70 -19.67
CA TRP X 480 -70.05 -77.15 -18.36
C TRP X 480 -70.84 -78.37 -17.93
N LEU X 481 -70.25 -79.12 -17.00
CA LEU X 481 -70.84 -80.31 -16.44
C LEU X 481 -70.98 -80.16 -14.93
N PRO X 482 -71.97 -80.82 -14.33
CA PRO X 482 -72.08 -80.79 -12.87
C PRO X 482 -70.90 -81.48 -12.23
N GLY X 483 -70.63 -81.08 -10.98
CA GLY X 483 -69.52 -81.62 -10.23
C GLY X 483 -69.55 -83.12 -10.08
N PRO X 484 -68.50 -83.67 -9.52
CA PRO X 484 -68.37 -85.13 -9.44
C PRO X 484 -69.38 -85.74 -8.49
N CYS X 485 -69.64 -87.03 -8.69
CA CYS X 485 -70.66 -87.75 -7.97
C CYS X 485 -70.08 -89.02 -7.35
N TYR X 486 -70.49 -89.31 -6.12
CA TYR X 486 -70.17 -90.59 -5.45
C TYR X 486 -71.45 -91.00 -4.74
N ARG X 487 -72.31 -91.74 -5.44
CA ARG X 487 -73.71 -91.84 -5.07
C ARG X 487 -73.89 -92.46 -3.68
N GLN X 488 -74.78 -91.84 -2.91
CA GLN X 488 -75.13 -92.30 -1.57
C GLN X 488 -76.54 -92.86 -1.59
N GLN X 489 -76.81 -93.78 -0.65
CA GLN X 489 -78.15 -94.32 -0.50
C GLN X 489 -79.08 -93.25 0.07
N ARG X 490 -80.31 -93.24 -0.40
CA ARG X 490 -81.30 -92.26 0.03
C ARG X 490 -82.05 -92.79 1.25
N VAL X 491 -82.16 -91.95 2.27
CA VAL X 491 -82.90 -92.27 3.48
C VAL X 491 -83.95 -91.20 3.68
N SER X 492 -85.17 -91.62 4.00
CA SER X 492 -86.27 -90.71 4.25
C SER X 492 -86.41 -90.47 5.75
N THR X 493 -86.57 -89.20 6.14
CA THR X 493 -86.89 -88.91 7.52
C THR X 493 -88.26 -89.41 7.92
N THR X 494 -89.15 -89.64 6.95
CA THR X 494 -90.38 -90.37 7.17
C THR X 494 -90.03 -91.86 7.13
N THR X 495 -89.88 -92.46 8.31
CA THR X 495 -89.30 -93.79 8.39
C THR X 495 -90.12 -94.84 7.66
N GLY X 496 -91.44 -94.64 7.57
CA GLY X 496 -92.28 -95.59 6.86
C GLY X 496 -91.94 -95.72 5.39
N GLN X 497 -91.29 -94.71 4.81
CA GLN X 497 -90.87 -94.77 3.42
C GLN X 497 -89.55 -95.49 3.24
N ASN X 498 -88.86 -95.85 4.31
CA ASN X 498 -87.58 -96.53 4.23
C ASN X 498 -87.79 -98.04 4.18
N ASN X 499 -86.79 -98.73 3.64
CA ASN X 499 -86.80 -100.18 3.64
C ASN X 499 -86.73 -100.70 5.07
N ASN X 500 -87.50 -101.73 5.36
CA ASN X 500 -87.52 -102.32 6.70
C ASN X 500 -86.32 -103.26 6.86
N SER X 501 -85.16 -102.64 7.00
CA SER X 501 -83.92 -103.37 7.23
C SER X 501 -82.91 -102.41 7.84
N ASN X 502 -81.87 -102.98 8.43
CA ASN X 502 -80.79 -102.19 9.03
C ASN X 502 -79.70 -102.07 7.98
N PHE X 503 -79.75 -100.98 7.21
CA PHE X 503 -78.84 -100.81 6.08
C PHE X 503 -77.93 -99.60 6.22
N ALA X 504 -77.81 -99.04 7.42
CA ALA X 504 -76.97 -97.86 7.59
C ALA X 504 -75.52 -98.16 7.21
N TRP X 505 -75.02 -99.34 7.59
CA TRP X 505 -73.68 -99.75 7.25
C TRP X 505 -73.62 -100.59 5.98
N THR X 506 -74.51 -101.57 5.84
CA THR X 506 -74.46 -102.47 4.69
C THR X 506 -74.69 -101.71 3.38
N ALA X 507 -75.63 -100.78 3.37
CA ALA X 507 -75.88 -99.95 2.22
C ALA X 507 -75.13 -98.63 2.27
N GLY X 508 -74.27 -98.44 3.26
CA GLY X 508 -73.52 -97.20 3.37
C GLY X 508 -72.56 -97.03 2.22
N THR X 509 -72.36 -95.78 1.83
CA THR X 509 -71.41 -95.45 0.78
C THR X 509 -70.02 -95.36 1.38
N LYS X 510 -69.12 -96.22 0.92
CA LYS X 510 -67.85 -96.45 1.59
C LYS X 510 -66.70 -96.31 0.62
N TYR X 511 -65.53 -96.08 1.18
CA TYR X 511 -64.27 -96.25 0.45
C TYR X 511 -63.48 -97.38 1.10
N HIS X 512 -62.60 -97.96 0.32
CA HIS X 512 -61.81 -99.12 0.71
C HIS X 512 -60.35 -98.70 0.78
N LEU X 513 -59.72 -98.91 1.93
CA LEU X 513 -58.32 -98.53 2.12
C LEU X 513 -57.63 -99.59 2.94
N ASN X 514 -56.64 -100.25 2.32
CA ASN X 514 -55.83 -101.28 2.99
C ASN X 514 -56.71 -102.35 3.62
N GLY X 515 -57.66 -102.85 2.84
CA GLY X 515 -58.57 -103.88 3.32
C GLY X 515 -59.52 -103.44 4.39
N ARG X 516 -59.63 -102.15 4.64
CA ARG X 516 -60.51 -101.60 5.66
C ARG X 516 -61.59 -100.77 4.98
N ASN X 517 -62.84 -100.97 5.37
CA ASN X 517 -63.95 -100.21 4.83
C ASN X 517 -64.29 -99.07 5.77
N SER X 518 -64.38 -97.87 5.23
CA SER X 518 -64.75 -96.69 5.99
C SER X 518 -65.84 -95.97 5.23
N LEU X 519 -66.82 -95.44 5.94
CA LEU X 519 -67.86 -94.65 5.31
C LEU X 519 -67.27 -93.44 4.62
N ALA X 520 -67.73 -93.15 3.41
CA ALA X 520 -67.43 -91.90 2.73
C ALA X 520 -68.34 -90.85 3.34
N ASN X 521 -68.00 -90.41 4.55
CA ASN X 521 -68.87 -89.64 5.40
C ASN X 521 -68.20 -88.32 5.77
N PRO X 522 -68.74 -87.17 5.35
CA PRO X 522 -69.96 -87.07 4.55
C PRO X 522 -69.70 -87.22 3.05
N GLY X 523 -68.47 -87.49 2.68
CA GLY X 523 -68.14 -87.65 1.28
C GLY X 523 -68.04 -86.32 0.56
N ILE X 524 -67.99 -86.40 -0.77
CA ILE X 524 -67.85 -85.22 -1.60
C ILE X 524 -69.11 -84.38 -1.51
N ALA X 525 -68.95 -83.07 -1.76
CA ALA X 525 -70.06 -82.14 -1.67
C ALA X 525 -71.07 -82.42 -2.78
N MET X 526 -72.22 -82.94 -2.41
CA MET X 526 -73.32 -83.14 -3.33
C MET X 526 -74.59 -82.60 -2.69
N ALA X 527 -75.53 -82.20 -3.55
CA ALA X 527 -76.81 -81.72 -3.05
C ALA X 527 -77.52 -82.80 -2.25
N THR X 528 -78.03 -82.42 -1.07
CA THR X 528 -78.65 -83.39 -0.18
C THR X 528 -79.85 -84.04 -0.84
N HIS X 529 -80.65 -83.25 -1.55
CA HIS X 529 -81.86 -83.74 -2.19
C HIS X 529 -82.20 -82.81 -3.33
N LYS X 530 -83.09 -83.26 -4.20
CA LYS X 530 -83.56 -82.41 -5.29
C LYS X 530 -84.79 -81.62 -4.82
N ASP X 531 -85.45 -80.96 -5.77
CA ASP X 531 -86.60 -80.12 -5.44
C ASP X 531 -87.71 -80.94 -4.80
N ASP X 532 -88.29 -80.38 -3.74
CA ASP X 532 -89.47 -80.95 -3.08
C ASP X 532 -89.19 -82.32 -2.48
N GLU X 533 -87.96 -82.57 -2.06
CA GLU X 533 -87.59 -83.85 -1.45
C GLU X 533 -86.77 -83.61 -0.19
N GLU X 534 -87.18 -82.64 0.62
CA GLU X 534 -86.43 -82.29 1.82
C GLU X 534 -86.36 -83.44 2.81
N ARG X 535 -87.35 -84.34 2.78
CA ARG X 535 -87.36 -85.47 3.70
C ARG X 535 -86.27 -86.49 3.40
N PHE X 536 -85.64 -86.42 2.24
CA PHE X 536 -84.61 -87.37 1.85
C PHE X 536 -83.23 -86.80 2.13
N PHE X 537 -82.34 -87.67 2.61
CA PHE X 537 -80.95 -87.30 2.80
C PHE X 537 -80.07 -88.48 2.46
N PRO X 538 -78.85 -88.24 1.99
CA PRO X 538 -77.89 -89.33 1.82
C PRO X 538 -77.57 -89.97 3.17
N SER X 539 -77.41 -91.30 3.16
CA SER X 539 -77.32 -92.04 4.41
C SER X 539 -76.11 -91.59 5.24
N ASN X 540 -74.98 -91.38 4.59
CA ASN X 540 -73.80 -90.83 5.26
C ASN X 540 -73.18 -89.73 4.41
N GLY X 541 -74.03 -88.82 3.94
CA GLY X 541 -73.58 -87.78 3.04
C GLY X 541 -73.86 -86.36 3.51
N ILE X 542 -74.24 -86.21 4.78
CA ILE X 542 -74.50 -84.90 5.35
C ILE X 542 -73.87 -84.82 6.73
N LEU X 543 -73.60 -83.60 7.16
CA LEU X 543 -73.22 -83.37 8.55
C LEU X 543 -74.47 -83.44 9.42
N ILE X 544 -74.39 -84.21 10.50
CA ILE X 544 -75.48 -84.36 11.44
C ILE X 544 -75.00 -83.89 12.79
N PHE X 545 -75.58 -82.81 13.28
CA PHE X 545 -75.26 -82.28 14.59
C PHE X 545 -76.32 -82.75 15.59
N GLY X 546 -75.88 -82.98 16.83
CA GLY X 546 -76.79 -83.37 17.88
C GLY X 546 -77.38 -82.15 18.58
N LYS X 547 -78.65 -82.25 18.92
CA LYS X 547 -79.24 -81.25 19.78
C LYS X 547 -78.66 -81.38 21.18
N GLN X 548 -78.89 -80.37 22.01
CA GLN X 548 -78.39 -80.41 23.36
C GLN X 548 -78.94 -81.63 24.10
N ASN X 549 -78.06 -82.32 24.81
CA ASN X 549 -78.39 -83.52 25.57
C ASN X 549 -78.82 -84.68 24.68
N ALA X 550 -78.39 -84.68 23.41
CA ALA X 550 -78.63 -85.83 22.56
C ALA X 550 -77.73 -86.98 23.00
N ALA X 551 -78.27 -88.20 22.93
CA ALA X 551 -77.53 -89.37 23.32
C ALA X 551 -76.33 -89.60 22.40
N ARG X 552 -75.25 -90.11 22.98
CA ARG X 552 -74.07 -90.44 22.18
C ARG X 552 -74.38 -91.54 21.17
N ASP X 553 -75.11 -92.57 21.58
CA ASP X 553 -75.43 -93.70 20.72
C ASP X 553 -76.94 -93.78 20.52
N ASN X 554 -77.33 -94.03 19.27
CA ASN X 554 -78.73 -94.28 18.91
C ASN X 554 -79.64 -93.12 19.35
N ALA X 555 -79.20 -91.91 19.07
CA ALA X 555 -80.07 -90.75 19.26
C ALA X 555 -81.17 -90.79 18.22
N ASP X 556 -82.38 -90.44 18.64
CA ASP X 556 -83.51 -90.43 17.72
C ASP X 556 -83.36 -89.26 16.75
N TYR X 557 -84.12 -89.33 15.65
CA TYR X 557 -84.08 -88.26 14.66
C TYR X 557 -84.47 -86.92 15.26
N SER X 558 -85.34 -86.92 16.27
CA SER X 558 -85.73 -85.68 16.92
C SER X 558 -84.61 -85.10 17.78
N ASP X 559 -83.59 -85.89 18.11
CA ASP X 559 -82.49 -85.43 18.93
C ASP X 559 -81.30 -84.95 18.11
N VAL X 560 -81.37 -85.03 16.79
CA VAL X 560 -80.25 -84.63 15.94
C VAL X 560 -80.71 -83.55 14.98
N MET X 561 -79.75 -82.85 14.40
CA MET X 561 -80.00 -81.74 13.49
C MET X 561 -79.35 -82.09 12.17
N LEU X 562 -80.16 -82.46 11.18
CA LEU X 562 -79.64 -82.78 9.86
C LEU X 562 -79.34 -81.50 9.10
N THR X 563 -78.14 -81.40 8.54
CA THR X 563 -77.84 -80.32 7.63
C THR X 563 -78.35 -80.67 6.23
N SER X 564 -78.44 -79.64 5.39
CA SER X 564 -78.88 -79.84 4.01
C SER X 564 -78.00 -79.02 3.09
N GLU X 565 -77.45 -79.67 2.07
CA GLU X 565 -76.68 -78.99 1.03
C GLU X 565 -77.50 -78.77 -0.22
N GLU X 566 -78.79 -78.48 -0.06
CA GLU X 566 -79.66 -78.27 -1.22
C GLU X 566 -79.29 -77.02 -2.00
N GLU X 567 -78.55 -76.09 -1.40
CA GLU X 567 -78.16 -74.88 -2.11
C GLU X 567 -77.26 -75.17 -3.30
N ILE X 568 -76.55 -76.29 -3.30
CA ILE X 568 -75.64 -76.63 -4.38
C ILE X 568 -76.30 -77.53 -5.43
N LYS X 569 -77.63 -77.65 -5.40
CA LYS X 569 -78.35 -78.34 -6.47
C LYS X 569 -78.02 -77.75 -7.83
N THR X 570 -77.74 -76.44 -7.85
CA THR X 570 -77.55 -75.74 -9.11
C THR X 570 -76.29 -76.19 -9.84
N THR X 571 -75.32 -76.69 -9.10
CA THR X 571 -74.04 -77.08 -9.70
C THR X 571 -73.64 -78.50 -9.36
N ASN X 572 -73.94 -78.97 -8.16
CA ASN X 572 -73.54 -80.32 -7.78
C ASN X 572 -74.68 -81.29 -7.99
N PRO X 573 -74.39 -82.51 -8.42
CA PRO X 573 -75.45 -83.52 -8.53
C PRO X 573 -76.00 -83.88 -7.17
N VAL X 574 -77.26 -84.32 -7.18
CA VAL X 574 -77.90 -84.76 -5.94
C VAL X 574 -77.19 -86.00 -5.43
N ALA X 575 -76.93 -86.03 -4.12
CA ALA X 575 -76.11 -87.07 -3.53
C ALA X 575 -76.70 -88.46 -3.71
N THR X 576 -78.03 -88.56 -3.79
CA THR X 576 -78.70 -89.85 -3.86
C THR X 576 -79.13 -90.21 -5.27
N GLU X 577 -78.74 -89.42 -6.26
CA GLU X 577 -79.09 -89.68 -7.65
C GLU X 577 -77.85 -90.00 -8.44
N GLU X 578 -78.05 -90.62 -9.60
CA GLU X 578 -76.95 -90.89 -10.51
C GLU X 578 -76.41 -89.61 -11.11
N TYR X 579 -75.13 -89.62 -11.47
CA TYR X 579 -74.54 -88.47 -12.13
C TYR X 579 -75.17 -88.24 -13.49
N GLY X 580 -75.39 -89.31 -14.24
CA GLY X 580 -75.90 -89.17 -15.58
C GLY X 580 -75.98 -90.51 -16.26
N ILE X 581 -76.05 -90.47 -17.58
CA ILE X 581 -76.23 -91.64 -18.40
C ILE X 581 -75.15 -91.67 -19.47
N VAL X 582 -74.51 -92.82 -19.65
CA VAL X 582 -73.54 -93.02 -20.71
C VAL X 582 -73.96 -94.22 -21.54
N ALA X 583 -73.44 -94.27 -22.77
CA ALA X 583 -73.67 -95.42 -23.63
C ALA X 583 -72.92 -96.63 -23.09
N ASP X 584 -73.55 -97.79 -23.17
CA ASP X 584 -72.95 -99.02 -22.70
C ASP X 584 -72.55 -99.97 -23.83
N ASN X 585 -72.88 -99.65 -25.08
CA ASN X 585 -72.58 -100.53 -26.20
C ASN X 585 -72.49 -99.68 -27.46
N LEU X 586 -72.37 -100.37 -28.60
CA LEU X 586 -72.41 -99.73 -29.90
C LEU X 586 -73.67 -100.20 -30.61
N GLN X 587 -74.62 -99.29 -30.78
CA GLN X 587 -75.86 -99.65 -31.45
C GLN X 587 -75.61 -99.93 -32.92
N GLN X 588 -76.30 -100.95 -33.44
CA GLN X 588 -76.31 -101.28 -34.85
C GLN X 588 -77.75 -101.49 -35.26
N GLN X 589 -77.97 -101.80 -36.54
CA GLN X 589 -79.31 -102.08 -37.01
C GLN X 589 -79.90 -103.32 -36.34
N ASN X 590 -79.08 -104.18 -35.75
CA ASN X 590 -79.56 -105.35 -35.05
C ASN X 590 -79.45 -105.26 -33.54
N THR X 591 -78.69 -104.32 -33.00
CA THR X 591 -78.53 -104.18 -31.55
C THR X 591 -79.03 -102.81 -31.14
N ALA X 592 -80.05 -102.78 -30.29
CA ALA X 592 -80.57 -101.52 -29.78
C ALA X 592 -79.55 -100.88 -28.86
N PRO X 593 -79.48 -99.55 -28.84
CA PRO X 593 -78.54 -98.88 -27.94
C PRO X 593 -78.85 -99.16 -26.48
N GLN X 594 -77.81 -99.36 -25.70
CA GLN X 594 -77.93 -99.60 -24.27
C GLN X 594 -77.27 -98.46 -23.51
N ILE X 595 -77.84 -98.12 -22.37
CA ILE X 595 -77.36 -97.00 -21.58
C ILE X 595 -76.89 -97.52 -20.23
N GLY X 596 -75.85 -96.89 -19.70
CA GLY X 596 -75.32 -97.19 -18.39
C GLY X 596 -75.56 -96.03 -17.46
N THR X 597 -75.95 -96.35 -16.23
CA THR X 597 -76.21 -95.34 -15.20
C THR X 597 -74.92 -95.07 -14.45
N VAL X 598 -74.47 -93.82 -14.47
CA VAL X 598 -73.22 -93.42 -13.83
C VAL X 598 -73.54 -93.08 -12.37
N ASN X 599 -73.18 -93.99 -11.47
CA ASN X 599 -73.38 -93.78 -10.04
C ASN X 599 -72.14 -93.24 -9.35
N SER X 600 -71.02 -93.16 -10.05
CA SER X 600 -69.80 -92.60 -9.51
C SER X 600 -69.05 -91.95 -10.65
N GLN X 601 -68.80 -90.65 -10.57
CA GLN X 601 -68.16 -89.91 -11.63
C GLN X 601 -67.02 -89.09 -11.05
N GLY X 602 -65.80 -89.40 -11.45
CA GLY X 602 -64.66 -88.59 -11.10
C GLY X 602 -64.60 -87.32 -11.94
N ALA X 603 -63.54 -86.56 -11.72
CA ALA X 603 -63.41 -85.26 -12.36
C ALA X 603 -63.38 -85.38 -13.87
N LEU X 604 -64.21 -84.59 -14.54
CA LEU X 604 -64.20 -84.46 -15.98
C LEU X 604 -63.90 -83.01 -16.35
N PRO X 605 -63.26 -82.77 -17.48
CA PRO X 605 -63.02 -81.39 -17.91
C PRO X 605 -64.34 -80.66 -18.13
N GLY X 606 -64.36 -79.38 -17.77
CA GLY X 606 -65.56 -78.61 -17.83
C GLY X 606 -66.49 -78.78 -16.65
N MET X 607 -66.11 -79.61 -15.68
CA MET X 607 -66.95 -79.82 -14.51
C MET X 607 -66.74 -78.69 -13.51
N VAL X 608 -67.85 -78.23 -12.93
CA VAL X 608 -67.80 -77.21 -11.88
C VAL X 608 -68.64 -77.72 -10.71
N TRP X 609 -68.27 -77.30 -9.51
CA TRP X 609 -68.98 -77.74 -8.32
C TRP X 609 -68.76 -76.74 -7.19
N GLN X 610 -69.61 -76.85 -6.19
CA GLN X 610 -69.48 -76.10 -4.95
C GLN X 610 -69.00 -77.02 -3.84
N ASN X 611 -68.29 -76.45 -2.87
CA ASN X 611 -67.91 -77.19 -1.70
C ASN X 611 -69.09 -77.32 -0.74
N ARG X 612 -68.92 -78.19 0.25
CA ARG X 612 -69.91 -78.28 1.32
C ARG X 612 -69.97 -76.98 2.09
N ASP X 613 -71.16 -76.63 2.54
CA ASP X 613 -71.33 -75.43 3.35
C ASP X 613 -70.64 -75.60 4.70
N VAL X 614 -70.25 -74.49 5.29
CA VAL X 614 -69.80 -74.48 6.66
C VAL X 614 -70.98 -74.11 7.56
N TYR X 615 -70.88 -74.47 8.82
CA TYR X 615 -71.96 -74.26 9.76
C TYR X 615 -71.41 -73.62 11.02
N LEU X 616 -72.29 -72.91 11.73
CA LEU X 616 -71.89 -72.31 12.99
C LEU X 616 -71.35 -73.34 13.96
N GLN X 617 -71.95 -74.53 13.98
CA GLN X 617 -71.49 -75.63 14.80
C GLN X 617 -70.42 -76.48 14.12
N GLY X 618 -70.13 -76.24 12.85
CA GLY X 618 -69.26 -77.09 12.10
C GLY X 618 -67.79 -76.75 12.23
N PRO X 619 -66.94 -77.59 11.63
CA PRO X 619 -65.50 -77.32 11.66
C PRO X 619 -65.12 -76.13 10.79
N ILE X 620 -63.99 -75.52 11.12
CA ILE X 620 -63.46 -74.39 10.38
C ILE X 620 -62.41 -74.83 9.36
N TRP X 621 -61.41 -75.59 9.80
CA TRP X 621 -60.30 -75.95 8.95
C TRP X 621 -59.96 -77.41 9.15
N ALA X 622 -59.24 -77.95 8.17
CA ALA X 622 -58.60 -79.26 8.30
C ALA X 622 -57.20 -79.15 7.71
N LYS X 623 -56.30 -79.96 8.24
CA LYS X 623 -54.96 -80.05 7.67
C LYS X 623 -55.03 -80.87 6.39
N ILE X 624 -54.54 -80.30 5.30
CA ILE X 624 -54.39 -81.07 4.06
C ILE X 624 -53.29 -82.09 4.31
N PRO X 625 -53.55 -83.38 4.13
CA PRO X 625 -52.51 -84.38 4.34
C PRO X 625 -51.31 -84.12 3.43
N HIS X 626 -50.12 -84.33 3.98
CA HIS X 626 -48.90 -84.12 3.23
C HIS X 626 -48.71 -85.31 2.28
N THR X 627 -49.16 -85.14 1.04
CA THR X 627 -49.10 -86.19 0.04
C THR X 627 -48.54 -85.62 -1.25
N ASP X 628 -48.15 -86.53 -2.15
CA ASP X 628 -47.68 -86.11 -3.46
C ASP X 628 -48.76 -85.40 -4.24
N GLY X 629 -49.98 -85.93 -4.21
CA GLY X 629 -51.07 -85.37 -4.98
C GLY X 629 -52.33 -85.29 -4.17
N ASN X 630 -53.10 -84.24 -4.44
CA ASN X 630 -54.46 -84.13 -3.96
C ASN X 630 -55.28 -83.48 -5.05
N PHE X 631 -56.58 -83.71 -5.01
CA PHE X 631 -57.50 -83.08 -5.95
C PHE X 631 -58.48 -82.24 -5.15
N HIS X 632 -58.50 -80.93 -5.43
CA HIS X 632 -59.36 -79.97 -4.75
C HIS X 632 -59.31 -80.18 -3.25
N PRO X 633 -58.21 -79.85 -2.60
CA PRO X 633 -58.05 -80.22 -1.19
C PRO X 633 -58.91 -79.38 -0.26
N SER X 634 -60.19 -79.37 -0.50
CA SER X 634 -61.14 -78.78 0.41
C SER X 634 -61.69 -79.86 1.34
N PRO X 635 -61.63 -79.67 2.65
CA PRO X 635 -62.04 -80.73 3.56
C PRO X 635 -63.49 -81.13 3.33
N LEU X 636 -63.75 -82.43 3.41
CA LEU X 636 -65.06 -82.93 3.00
C LEU X 636 -66.16 -82.58 4.01
N MET X 637 -65.85 -82.54 5.30
CA MET X 637 -66.85 -82.05 6.24
C MET X 637 -66.96 -80.54 6.25
N GLY X 638 -66.35 -79.87 5.29
CA GLY X 638 -66.51 -78.45 5.13
C GLY X 638 -65.38 -77.68 5.80
N GLY X 639 -65.16 -76.48 5.30
CA GLY X 639 -64.17 -75.58 5.86
C GLY X 639 -63.01 -75.33 4.93
N PHE X 640 -61.91 -74.88 5.53
CA PHE X 640 -60.75 -74.44 4.79
C PHE X 640 -59.67 -75.51 4.89
N GLY X 641 -59.18 -75.97 3.74
CA GLY X 641 -58.06 -76.89 3.72
C GLY X 641 -56.77 -76.12 3.80
N LEU X 642 -55.94 -76.42 4.79
CA LEU X 642 -54.70 -75.71 5.02
C LEU X 642 -53.54 -76.68 5.01
N LYS X 643 -52.50 -76.37 4.23
CA LYS X 643 -51.27 -77.13 4.30
C LYS X 643 -50.62 -76.97 5.68
N HIS X 644 -50.68 -75.76 6.22
CA HIS X 644 -50.12 -75.43 7.53
C HIS X 644 -51.23 -74.83 8.37
N PRO X 645 -52.07 -75.66 8.97
CA PRO X 645 -53.20 -75.15 9.73
C PRO X 645 -52.74 -74.54 11.03
N PRO X 646 -53.65 -73.94 11.81
CA PRO X 646 -53.29 -73.52 13.16
C PRO X 646 -52.67 -74.67 13.93
N PRO X 647 -51.50 -74.46 14.52
CA PRO X 647 -50.78 -75.56 15.15
C PRO X 647 -51.54 -76.11 16.35
N GLN X 648 -51.35 -77.40 16.60
CA GLN X 648 -51.89 -78.00 17.80
C GLN X 648 -51.23 -77.38 19.02
N ILE X 649 -52.04 -77.03 20.00
CA ILE X 649 -51.56 -76.45 21.26
C ILE X 649 -51.71 -77.51 22.32
N LEU X 650 -50.59 -78.07 22.76
CA LEU X 650 -50.58 -79.17 23.71
C LEU X 650 -50.32 -78.62 25.09
N ILE X 651 -51.10 -79.08 26.06
CA ILE X 651 -51.00 -78.61 27.44
C ILE X 651 -51.01 -79.81 28.37
N LYS X 652 -50.21 -79.74 29.42
CA LYS X 652 -50.12 -80.83 30.38
C LYS X 652 -49.79 -80.27 31.75
N ASN X 653 -50.39 -80.85 32.77
CA ASN X 653 -49.94 -80.59 34.14
C ASN X 653 -48.61 -81.28 34.35
N THR X 654 -47.61 -80.52 34.77
CA THR X 654 -46.32 -81.11 35.07
C THR X 654 -46.47 -82.05 36.26
N PRO X 655 -46.03 -83.31 36.14
CA PRO X 655 -46.17 -84.23 37.27
C PRO X 655 -45.41 -83.72 38.49
N VAL X 656 -46.06 -83.78 39.63
CA VAL X 656 -45.45 -83.42 40.92
C VAL X 656 -45.38 -84.70 41.75
N PRO X 657 -44.22 -85.29 41.93
CA PRO X 657 -44.14 -86.54 42.70
C PRO X 657 -44.59 -86.33 44.13
N ALA X 658 -45.22 -87.36 44.68
CA ALA X 658 -45.41 -87.44 46.11
C ALA X 658 -44.05 -87.72 46.76
N ASP X 659 -44.04 -87.88 48.07
CA ASP X 659 -42.78 -88.05 48.76
C ASP X 659 -42.09 -89.33 48.30
N PRO X 660 -40.89 -89.26 47.77
CA PRO X 660 -40.18 -90.46 47.37
C PRO X 660 -39.67 -91.21 48.58
N PRO X 661 -39.30 -92.48 48.43
CA PRO X 661 -38.70 -93.20 49.56
C PRO X 661 -37.36 -92.58 49.95
N THR X 662 -36.96 -92.81 51.20
CA THR X 662 -35.71 -92.26 51.69
C THR X 662 -34.50 -93.09 51.31
N THR X 663 -34.71 -94.25 50.67
CA THR X 663 -33.65 -95.04 50.10
C THR X 663 -33.83 -95.07 48.59
N PHE X 664 -32.73 -94.98 47.86
CA PHE X 664 -32.81 -94.81 46.42
C PHE X 664 -33.46 -96.02 45.76
N ASN X 665 -34.36 -95.74 44.82
CA ASN X 665 -34.98 -96.75 43.98
C ASN X 665 -34.88 -96.27 42.53
N GLN X 666 -34.33 -97.12 41.67
CA GLN X 666 -34.15 -96.74 40.27
C GLN X 666 -35.47 -96.68 39.50
N SER X 667 -36.51 -97.32 40.02
CA SER X 667 -37.77 -97.39 39.30
C SER X 667 -38.37 -96.00 39.15
N LYS X 668 -39.04 -95.78 38.01
CA LYS X 668 -39.72 -94.51 37.79
C LYS X 668 -40.77 -94.29 38.86
N LEU X 669 -40.93 -93.04 39.28
CA LEU X 669 -41.90 -92.72 40.31
C LEU X 669 -43.31 -92.85 39.75
N ASN X 670 -44.17 -93.53 40.50
CA ASN X 670 -45.57 -93.66 40.12
C ASN X 670 -46.50 -93.04 41.15
N SER X 671 -45.98 -92.49 42.24
CA SER X 671 -46.78 -91.83 43.26
C SER X 671 -46.69 -90.33 43.01
N PHE X 672 -47.81 -89.75 42.60
CA PHE X 672 -47.85 -88.34 42.24
C PHE X 672 -48.92 -87.63 43.05
N ILE X 673 -48.68 -86.35 43.30
CA ILE X 673 -49.68 -85.51 43.93
C ILE X 673 -50.83 -85.31 42.95
N THR X 674 -52.05 -85.60 43.40
CA THR X 674 -53.22 -85.43 42.55
C THR X 674 -53.43 -83.95 42.26
N GLN X 675 -53.58 -83.63 40.99
CA GLN X 675 -53.42 -82.25 40.58
C GLN X 675 -54.23 -81.99 39.32
N TYR X 676 -54.76 -80.78 39.22
CA TYR X 676 -55.41 -80.32 38.00
C TYR X 676 -55.17 -78.82 37.89
N SER X 677 -55.28 -78.32 36.66
CA SER X 677 -55.09 -76.90 36.42
C SER X 677 -56.33 -76.32 35.78
N THR X 678 -56.54 -75.04 36.03
CA THR X 678 -57.59 -74.28 35.39
C THR X 678 -57.03 -72.93 34.98
N GLY X 679 -57.66 -72.32 34.00
CA GLY X 679 -57.20 -71.02 33.54
C GLY X 679 -58.15 -70.49 32.49
N GLN X 680 -57.73 -69.41 31.87
CA GLN X 680 -58.49 -68.81 30.79
C GLN X 680 -57.72 -68.97 29.50
N VAL X 681 -58.45 -69.19 28.41
CA VAL X 681 -57.88 -69.29 27.08
C VAL X 681 -58.56 -68.25 26.20
N SER X 682 -57.76 -67.48 25.48
CA SER X 682 -58.28 -66.49 24.54
C SER X 682 -57.79 -66.85 23.15
N VAL X 683 -58.70 -66.89 22.20
CA VAL X 683 -58.36 -67.05 20.80
C VAL X 683 -59.00 -65.92 20.02
N GLU X 684 -58.19 -65.19 19.27
CA GLU X 684 -58.64 -64.10 18.43
C GLU X 684 -58.36 -64.46 16.98
N ILE X 685 -59.39 -64.47 16.15
CA ILE X 685 -59.23 -64.75 14.74
C ILE X 685 -59.71 -63.54 13.95
N GLU X 686 -58.89 -63.08 13.03
CA GLU X 686 -59.29 -62.05 12.08
C GLU X 686 -59.74 -62.73 10.80
N TRP X 687 -60.96 -62.42 10.37
CA TRP X 687 -61.53 -62.97 9.16
C TRP X 687 -61.64 -61.89 8.11
N GLU X 688 -61.28 -62.22 6.89
CA GLU X 688 -61.51 -61.33 5.76
C GLU X 688 -62.87 -61.65 5.14
N LEU X 689 -63.60 -60.61 4.78
CA LEU X 689 -64.94 -60.74 4.25
C LEU X 689 -64.97 -60.43 2.77
N GLN X 690 -65.77 -61.17 2.02
CA GLN X 690 -66.11 -60.84 0.65
C GLN X 690 -67.49 -60.21 0.64
N LYS X 691 -67.55 -58.90 0.47
CA LYS X 691 -68.82 -58.21 0.44
C LYS X 691 -69.59 -58.58 -0.82
N GLU X 692 -70.91 -58.74 -0.66
CA GLU X 692 -71.75 -59.02 -1.82
C GLU X 692 -71.94 -57.76 -2.64
N ASN X 693 -71.69 -57.86 -3.93
CA ASN X 693 -71.89 -56.77 -4.87
C ASN X 693 -72.90 -57.26 -5.91
N SER X 694 -74.17 -57.14 -5.58
CA SER X 694 -75.25 -57.79 -6.32
C SER X 694 -76.22 -56.74 -6.85
N LYS X 695 -76.66 -56.94 -8.09
CA LYS X 695 -77.66 -56.10 -8.71
C LYS X 695 -79.03 -56.75 -8.70
N ARG X 696 -79.21 -57.80 -7.89
CA ARG X 696 -80.51 -58.42 -7.72
C ARG X 696 -81.53 -57.39 -7.23
N TRP X 697 -82.70 -57.38 -7.86
CA TRP X 697 -83.72 -56.40 -7.52
C TRP X 697 -84.55 -56.84 -6.32
N ASN X 698 -85.05 -58.07 -6.35
CA ASN X 698 -85.92 -58.56 -5.30
C ASN X 698 -85.12 -58.87 -4.03
N PRO X 699 -85.76 -58.86 -2.88
CA PRO X 699 -85.03 -59.13 -1.63
C PRO X 699 -84.45 -60.53 -1.60
N GLU X 700 -83.31 -60.66 -0.93
CA GLU X 700 -82.64 -61.94 -0.78
C GLU X 700 -83.24 -62.74 0.37
N ILE X 701 -82.92 -64.01 0.40
CA ILE X 701 -83.21 -64.85 1.56
C ILE X 701 -82.18 -64.53 2.63
N GLN X 702 -82.65 -64.31 3.85
CA GLN X 702 -81.78 -64.00 4.97
C GLN X 702 -82.08 -64.96 6.11
N TYR X 703 -81.05 -65.29 6.87
CA TYR X 703 -81.30 -66.02 8.10
C TYR X 703 -81.93 -65.08 9.11
N THR X 704 -83.05 -65.50 9.68
CA THR X 704 -83.76 -64.68 10.64
C THR X 704 -84.25 -65.56 11.78
N SER X 705 -84.34 -64.98 12.96
CA SER X 705 -85.02 -65.66 14.05
C SER X 705 -86.52 -65.62 13.82
N ASN X 706 -87.21 -66.62 14.36
CA ASN X 706 -88.66 -66.66 14.23
C ASN X 706 -89.28 -65.55 15.05
N TYR X 707 -90.25 -64.86 14.46
CA TYR X 707 -90.90 -63.75 15.15
C TYR X 707 -91.90 -64.24 16.19
N TYR X 708 -92.49 -65.41 16.00
CA TYR X 708 -93.55 -65.88 16.86
C TYR X 708 -93.03 -66.24 18.25
N LYS X 709 -93.91 -66.17 19.23
CA LYS X 709 -93.54 -66.39 20.62
C LYS X 709 -93.12 -67.84 20.84
N SER X 710 -92.30 -68.04 21.88
CA SER X 710 -91.81 -69.37 22.21
C SER X 710 -91.47 -69.41 23.69
N THR X 711 -91.35 -70.64 24.21
CA THR X 711 -91.03 -70.81 25.62
C THR X 711 -89.66 -70.25 25.96
N SER X 712 -88.70 -70.39 25.06
CA SER X 712 -87.34 -69.93 25.28
C SER X 712 -86.83 -69.23 24.03
N VAL X 713 -85.84 -68.37 24.23
CA VAL X 713 -85.18 -67.70 23.12
C VAL X 713 -84.22 -68.68 22.46
N ASP X 714 -84.29 -68.76 21.13
CA ASP X 714 -83.35 -69.59 20.39
C ASP X 714 -81.93 -69.06 20.56
N PHE X 715 -80.98 -69.98 20.70
CA PHE X 715 -79.58 -69.64 20.96
C PHE X 715 -79.44 -68.82 22.24
N ALA X 716 -80.11 -69.30 23.29
CA ALA X 716 -80.00 -68.72 24.61
C ALA X 716 -80.00 -69.85 25.62
N VAL X 717 -80.01 -69.50 26.87
CA VAL X 717 -80.06 -70.49 27.94
C VAL X 717 -81.51 -70.75 28.30
N ASN X 718 -81.78 -71.93 28.83
CA ASN X 718 -83.10 -72.24 29.34
C ASN X 718 -83.17 -71.88 30.82
N THR X 719 -84.22 -72.33 31.50
CA THR X 719 -84.37 -72.02 32.92
C THR X 719 -83.32 -72.69 33.78
N GLU X 720 -82.65 -73.72 33.28
CA GLU X 720 -81.62 -74.44 34.02
C GLU X 720 -80.22 -73.95 33.71
N GLY X 721 -80.07 -72.92 32.88
CA GLY X 721 -78.77 -72.42 32.53
C GLY X 721 -78.07 -73.15 31.40
N VAL X 722 -78.77 -74.04 30.72
CA VAL X 722 -78.17 -74.82 29.64
C VAL X 722 -78.29 -74.03 28.34
N TYR X 723 -77.15 -73.70 27.74
CA TYR X 723 -77.14 -73.10 26.42
C TYR X 723 -77.35 -74.17 25.37
N SER X 724 -78.22 -73.88 24.40
CA SER X 724 -78.50 -74.83 23.34
C SER X 724 -78.50 -74.12 22.00
N GLU X 725 -78.07 -74.84 20.97
CA GLU X 725 -78.19 -74.36 19.60
C GLU X 725 -79.32 -75.12 18.94
N PRO X 726 -80.45 -74.48 18.67
CA PRO X 726 -81.64 -75.25 18.24
C PRO X 726 -81.54 -75.79 16.83
N ARG X 727 -80.75 -75.19 15.96
CA ARG X 727 -80.67 -75.62 14.57
C ARG X 727 -79.26 -75.39 14.07
N PRO X 728 -78.83 -76.13 13.04
CA PRO X 728 -77.55 -75.81 12.40
C PRO X 728 -77.74 -74.67 11.41
N ILE X 729 -77.05 -73.56 11.66
CA ILE X 729 -77.13 -72.41 10.77
C ILE X 729 -76.07 -72.59 9.69
N GLY X 730 -76.51 -72.74 8.45
CA GLY X 730 -75.58 -72.79 7.35
C GLY X 730 -75.00 -71.44 7.05
N THR X 731 -74.49 -71.26 5.85
CA THR X 731 -73.80 -70.03 5.51
C THR X 731 -74.33 -69.42 4.22
N ARG X 732 -75.09 -70.18 3.43
CA ARG X 732 -75.47 -69.79 2.08
C ARG X 732 -76.90 -69.25 2.08
N TYR X 733 -77.02 -67.93 2.17
CA TYR X 733 -78.31 -67.26 2.11
C TYR X 733 -78.37 -66.23 1.00
N LEU X 734 -77.29 -65.48 0.79
CA LEU X 734 -77.22 -64.58 -0.35
C LEU X 734 -77.06 -65.40 -1.64
N THR X 735 -77.28 -64.74 -2.76
CA THR X 735 -77.24 -65.41 -4.05
C THR X 735 -76.25 -64.76 -4.99
N ARG X 736 -75.70 -65.57 -5.90
CA ARG X 736 -74.89 -65.10 -7.00
C ARG X 736 -75.35 -65.78 -8.27
N ASN X 737 -75.12 -65.11 -9.40
CA ASN X 737 -75.25 -65.78 -10.67
C ASN X 737 -74.10 -66.77 -10.85
N LEU X 738 -74.31 -67.74 -11.72
CA LEU X 738 -73.26 -68.70 -12.01
C LEU X 738 -72.21 -68.06 -12.94
N GLY Y 221 1.72 -0.86 87.30
CA GLY Y 221 1.50 0.34 88.10
C GLY Y 221 1.05 0.06 89.51
N VAL Y 222 1.40 0.97 90.43
CA VAL Y 222 1.02 0.82 91.83
C VAL Y 222 -0.50 0.84 91.97
N GLY Y 223 -1.16 1.76 91.27
CA GLY Y 223 -2.58 1.98 91.41
C GLY Y 223 -3.47 1.25 90.44
N SER Y 224 -2.95 0.28 89.71
CA SER Y 224 -3.74 -0.49 88.76
C SER Y 224 -3.68 -1.98 89.09
N SER Y 225 -4.83 -2.63 89.02
CA SER Y 225 -4.89 -4.06 89.27
C SER Y 225 -4.17 -4.83 88.17
N SER Y 226 -3.44 -5.87 88.56
CA SER Y 226 -2.71 -6.69 87.61
C SER Y 226 -3.48 -7.95 87.21
N GLY Y 227 -4.70 -8.11 87.69
CA GLY Y 227 -5.50 -9.24 87.30
C GLY Y 227 -6.85 -9.19 87.99
N ASN Y 228 -7.77 -9.97 87.46
CA ASN Y 228 -9.13 -10.02 87.95
C ASN Y 228 -9.40 -11.33 88.67
N TRP Y 229 -10.45 -11.33 89.48
CA TRP Y 229 -10.88 -12.53 90.18
C TRP Y 229 -11.59 -13.45 89.20
N HIS Y 230 -11.11 -14.69 89.07
CA HIS Y 230 -11.66 -15.65 88.13
C HIS Y 230 -11.92 -16.95 88.88
N CYS Y 231 -13.09 -17.07 89.49
CA CYS Y 231 -13.59 -18.33 90.02
C CYS Y 231 -14.81 -18.71 89.22
N ASP Y 232 -14.75 -19.86 88.56
CA ASP Y 232 -15.82 -20.26 87.65
C ASP Y 232 -15.58 -21.69 87.23
N SER Y 233 -16.62 -22.30 86.66
CA SER Y 233 -16.51 -23.59 85.99
C SER Y 233 -17.42 -23.54 84.79
N THR Y 234 -16.86 -23.77 83.60
CA THR Y 234 -17.63 -23.77 82.38
C THR Y 234 -17.64 -25.18 81.82
N TRP Y 235 -18.84 -25.75 81.68
CA TRP Y 235 -19.02 -27.06 81.10
C TRP Y 235 -19.42 -26.89 79.64
N LEU Y 236 -18.60 -27.42 78.74
CA LEU Y 236 -18.82 -27.23 77.31
C LEU Y 236 -18.48 -28.54 76.61
N GLY Y 237 -19.50 -29.30 76.23
CA GLY Y 237 -19.26 -30.55 75.55
C GLY Y 237 -18.57 -31.56 76.45
N ASP Y 238 -17.46 -32.10 75.95
CA ASP Y 238 -16.66 -33.08 76.68
C ASP Y 238 -15.57 -32.44 77.52
N ARG Y 239 -15.63 -31.12 77.72
CA ARG Y 239 -14.66 -30.41 78.53
C ARG Y 239 -15.37 -29.71 79.69
N VAL Y 240 -14.67 -29.61 80.81
CA VAL Y 240 -15.04 -28.69 81.87
C VAL Y 240 -13.79 -27.88 82.21
N ILE Y 241 -13.93 -26.57 82.25
CA ILE Y 241 -12.83 -25.69 82.58
C ILE Y 241 -13.11 -25.10 83.96
N THR Y 242 -12.36 -25.56 84.95
CA THR Y 242 -12.44 -25.01 86.29
C THR Y 242 -11.39 -23.92 86.43
N THR Y 243 -11.80 -22.76 86.93
CA THR Y 243 -10.86 -21.71 87.28
C THR Y 243 -11.17 -21.28 88.71
N SER Y 244 -10.12 -21.13 89.50
CA SER Y 244 -10.28 -20.78 90.90
C SER Y 244 -9.26 -19.72 91.26
N THR Y 245 -9.73 -18.69 91.98
CA THR Y 245 -8.87 -17.63 92.48
C THR Y 245 -8.92 -17.65 93.99
N ARG Y 246 -7.76 -17.46 94.61
CA ARG Y 246 -7.66 -17.38 96.06
C ARG Y 246 -6.74 -16.23 96.43
N THR Y 247 -6.96 -15.71 97.62
CA THR Y 247 -6.04 -14.74 98.21
C THR Y 247 -5.05 -15.48 99.08
N TRP Y 248 -3.77 -15.25 98.86
CA TRP Y 248 -2.72 -15.90 99.61
C TRP Y 248 -1.94 -14.87 100.42
N ALA Y 249 -1.24 -15.37 101.44
CA ALA Y 249 -0.31 -14.57 102.21
C ALA Y 249 0.98 -15.35 102.34
N LEU Y 250 2.09 -14.73 101.97
CA LEU Y 250 3.38 -15.39 102.03
C LEU Y 250 4.25 -14.70 103.08
N PRO Y 251 4.58 -15.35 104.18
CA PRO Y 251 5.50 -14.76 105.14
C PRO Y 251 6.93 -14.93 104.67
N THR Y 252 7.84 -14.32 105.42
CA THR Y 252 9.25 -14.64 105.27
C THR Y 252 9.54 -15.92 106.04
N TYR Y 253 10.01 -16.94 105.34
CA TYR Y 253 10.30 -18.22 105.95
C TYR Y 253 11.79 -18.31 106.29
N ASN Y 254 12.08 -18.91 107.43
CA ASN Y 254 13.44 -19.25 107.84
C ASN Y 254 14.33 -18.03 108.02
N ASN Y 255 13.76 -16.84 108.11
CA ASN Y 255 14.53 -15.60 108.13
C ASN Y 255 15.46 -15.51 106.92
N HIS Y 256 14.93 -15.88 105.76
CA HIS Y 256 15.62 -15.85 104.48
C HIS Y 256 16.77 -16.85 104.40
N LEU Y 257 16.83 -17.83 105.28
CA LEU Y 257 17.95 -18.75 105.34
C LEU Y 257 17.57 -20.13 104.83
N TYR Y 258 18.57 -20.83 104.30
CA TYR Y 258 18.47 -22.26 104.09
C TYR Y 258 19.01 -22.95 105.32
N LYS Y 259 18.22 -23.82 105.93
CA LYS Y 259 18.64 -24.51 107.13
C LYS Y 259 18.65 -26.01 106.86
N GLN Y 260 19.76 -26.65 107.22
CA GLN Y 260 19.80 -28.10 107.23
C GLN Y 260 18.91 -28.60 108.36
N ILE Y 261 18.05 -29.56 108.05
CA ILE Y 261 17.15 -30.15 109.03
C ILE Y 261 17.39 -31.65 109.04
N SER Y 262 17.30 -32.24 110.23
CA SER Y 262 17.61 -33.65 110.38
C SER Y 262 16.78 -34.23 111.52
N ASN Y 263 16.74 -35.55 111.56
CA ASN Y 263 16.13 -36.28 112.66
C ASN Y 263 16.85 -37.61 112.76
N GLY Y 264 17.41 -37.90 113.94
CA GLY Y 264 18.16 -39.11 114.17
C GLY Y 264 17.51 -39.96 115.25
N THR Y 265 18.20 -41.06 115.55
CA THR Y 265 17.72 -41.99 116.56
C THR Y 265 18.18 -41.57 117.95
N ALA Y 269 13.60 -40.53 118.38
CA ALA Y 269 12.99 -40.96 117.13
C ALA Y 269 13.52 -42.33 116.71
N THR Y 270 12.68 -43.10 116.03
CA THR Y 270 13.10 -44.40 115.55
C THR Y 270 13.82 -44.26 114.20
N ASN Y 271 14.52 -45.33 113.82
CA ASN Y 271 15.21 -45.31 112.53
C ASN Y 271 14.24 -45.15 111.37
N ASP Y 272 13.00 -45.62 111.53
CA ASP Y 272 12.02 -45.50 110.46
C ASP Y 272 11.68 -44.06 110.15
N ASN Y 273 11.91 -43.14 111.08
CA ASN Y 273 11.52 -41.75 110.93
C ASN Y 273 12.71 -40.81 110.77
N THR Y 274 13.90 -41.33 110.55
CA THR Y 274 15.06 -40.46 110.37
C THR Y 274 15.01 -39.77 109.01
N TYR Y 275 15.58 -38.58 108.95
CA TYR Y 275 15.68 -37.88 107.68
C TYR Y 275 16.81 -36.87 107.75
N PHE Y 276 17.29 -36.50 106.57
CA PHE Y 276 18.18 -35.37 106.38
C PHE Y 276 17.65 -34.57 105.21
N GLY Y 277 17.57 -33.26 105.37
CA GLY Y 277 17.05 -32.44 104.32
C GLY Y 277 17.34 -30.98 104.57
N TYR Y 278 16.65 -30.13 103.83
CA TYR Y 278 16.88 -28.71 103.93
C TYR Y 278 15.55 -27.97 103.98
N SER Y 279 15.46 -27.03 104.90
CA SER Y 279 14.37 -26.07 104.93
C SER Y 279 14.81 -24.85 104.13
N THR Y 280 13.97 -24.41 103.22
CA THR Y 280 14.29 -23.27 102.38
C THR Y 280 13.46 -22.06 102.77
N PRO Y 281 13.93 -20.85 102.46
CA PRO Y 281 13.12 -19.66 102.68
C PRO Y 281 12.00 -19.47 101.67
N TRP Y 282 11.78 -20.44 100.79
CA TRP Y 282 10.80 -20.31 99.73
C TRP Y 282 9.47 -20.92 100.12
N GLY Y 283 8.40 -20.28 99.71
CA GLY Y 283 7.11 -20.92 99.70
C GLY Y 283 6.83 -21.57 98.36
N TYR Y 284 5.74 -22.30 98.30
CA TYR Y 284 5.35 -22.91 97.03
C TYR Y 284 3.83 -22.97 96.95
N PHE Y 285 3.33 -22.92 95.73
CA PHE Y 285 1.89 -22.96 95.49
C PHE Y 285 1.47 -24.39 95.20
N ASP Y 286 0.46 -24.85 95.93
CA ASP Y 286 -0.08 -26.18 95.78
C ASP Y 286 -1.56 -26.07 95.43
N PHE Y 287 -1.96 -26.72 94.35
CA PHE Y 287 -3.36 -26.87 94.00
C PHE Y 287 -3.63 -28.31 93.58
N ASN Y 288 -2.99 -29.23 94.29
CA ASN Y 288 -3.06 -30.66 93.98
C ASN Y 288 -4.16 -31.36 94.75
N ARG Y 289 -5.26 -30.68 95.01
CA ARG Y 289 -6.46 -31.29 95.55
C ARG Y 289 -7.64 -30.90 94.67
N PHE Y 290 -8.58 -31.82 94.51
CA PHE Y 290 -9.69 -31.58 93.58
C PHE Y 290 -10.57 -30.44 94.04
N HIS Y 291 -10.73 -30.25 95.35
CA HIS Y 291 -11.60 -29.17 95.83
C HIS Y 291 -10.97 -27.79 95.64
N CYS Y 292 -9.69 -27.73 95.27
CA CYS Y 292 -9.11 -26.45 94.86
C CYS Y 292 -9.71 -25.96 93.55
N HIS Y 293 -10.33 -26.84 92.79
CA HIS Y 293 -10.82 -26.52 91.46
C HIS Y 293 -12.31 -26.79 91.29
N PHE Y 294 -12.83 -27.84 91.90
CA PHE Y 294 -14.23 -28.20 91.78
C PHE Y 294 -14.98 -27.79 93.03
N SER Y 295 -16.04 -27.00 92.84
CA SER Y 295 -17.01 -26.83 93.89
C SER Y 295 -17.73 -28.15 94.13
N PRO Y 296 -18.31 -28.34 95.32
CA PRO Y 296 -19.04 -29.59 95.56
C PRO Y 296 -20.13 -29.85 94.54
N ARG Y 297 -20.84 -28.80 94.11
CA ARG Y 297 -21.84 -28.96 93.06
C ARG Y 297 -21.19 -29.35 91.73
N ASP Y 298 -20.05 -28.73 91.41
CA ASP Y 298 -19.33 -29.11 90.20
C ASP Y 298 -18.84 -30.54 90.28
N TRP Y 299 -18.36 -30.95 91.45
CA TRP Y 299 -17.96 -32.34 91.64
C TRP Y 299 -19.14 -33.28 91.44
N GLN Y 300 -20.31 -32.90 91.95
CA GLN Y 300 -21.51 -33.70 91.73
C GLN Y 300 -21.84 -33.81 90.24
N ARG Y 301 -21.79 -32.68 89.53
CA ARG Y 301 -22.00 -32.69 88.09
C ARG Y 301 -21.04 -33.63 87.40
N LEU Y 302 -19.78 -33.61 87.81
CA LEU Y 302 -18.77 -34.45 87.18
C LEU Y 302 -19.04 -35.92 87.44
N ILE Y 303 -19.25 -36.29 88.71
CA ILE Y 303 -19.29 -37.70 89.07
C ILE Y 303 -20.63 -38.35 88.78
N ASN Y 304 -21.71 -37.59 88.67
CA ASN Y 304 -23.01 -38.19 88.40
C ASN Y 304 -23.27 -38.40 86.92
N ASN Y 305 -22.42 -37.87 86.05
CA ASN Y 305 -22.73 -37.84 84.63
C ASN Y 305 -21.60 -38.30 83.73
N ASN Y 306 -20.42 -38.61 84.27
CA ASN Y 306 -19.27 -38.93 83.45
C ASN Y 306 -18.65 -40.24 83.92
N TRP Y 307 -18.24 -41.05 82.95
CA TRP Y 307 -17.53 -42.28 83.26
C TRP Y 307 -16.07 -42.04 83.54
N GLY Y 308 -15.54 -40.88 83.18
CA GLY Y 308 -14.13 -40.61 83.42
C GLY Y 308 -13.82 -39.17 83.14
N PHE Y 309 -12.65 -38.77 83.62
CA PHE Y 309 -12.16 -37.42 83.39
C PHE Y 309 -10.65 -37.45 83.54
N ARG Y 310 -10.01 -36.42 83.00
CA ARG Y 310 -8.57 -36.27 83.11
C ARG Y 310 -8.21 -34.82 82.86
N PRO Y 311 -7.17 -34.31 83.51
CA PRO Y 311 -6.72 -32.95 83.22
C PRO Y 311 -6.08 -32.87 81.85
N LYS Y 312 -6.27 -31.74 81.19
CA LYS Y 312 -5.71 -31.49 79.86
C LYS Y 312 -4.64 -30.42 79.87
N ARG Y 313 -4.96 -29.25 80.42
CA ARG Y 313 -4.04 -28.13 80.46
C ARG Y 313 -4.35 -27.31 81.69
N LEU Y 314 -3.38 -26.52 82.12
CA LEU Y 314 -3.62 -25.58 83.20
C LEU Y 314 -2.94 -24.26 82.89
N SER Y 315 -3.54 -23.19 83.39
CA SER Y 315 -2.93 -21.88 83.40
C SER Y 315 -2.92 -21.38 84.83
N PHE Y 316 -1.83 -20.74 85.21
CA PHE Y 316 -1.61 -20.28 86.57
C PHE Y 316 -1.28 -18.80 86.53
N LYS Y 317 -1.82 -18.05 87.48
CA LYS Y 317 -1.59 -16.61 87.51
C LYS Y 317 -1.34 -16.14 88.93
N LEU Y 318 -0.34 -15.28 89.09
CA LEU Y 318 -0.11 -14.54 90.31
C LEU Y 318 -0.27 -13.06 89.97
N PHE Y 319 -1.04 -12.34 90.78
CA PHE Y 319 -1.36 -10.96 90.46
C PHE Y 319 -1.82 -10.24 91.71
N ASN Y 320 -1.96 -8.93 91.59
CA ASN Y 320 -2.34 -8.05 92.69
C ASN Y 320 -1.45 -8.28 93.90
N ILE Y 321 -0.16 -8.33 93.63
CA ILE Y 321 0.82 -8.59 94.67
C ILE Y 321 0.99 -7.35 95.53
N GLN Y 322 0.94 -7.55 96.84
CA GLN Y 322 1.19 -6.48 97.80
C GLN Y 322 2.25 -6.97 98.76
N VAL Y 323 3.39 -6.29 98.80
CA VAL Y 323 4.44 -6.58 99.77
C VAL Y 323 4.32 -5.56 100.89
N LYS Y 324 4.22 -6.04 102.11
CA LYS Y 324 3.92 -5.20 103.25
C LYS Y 324 5.04 -5.28 104.28
N GLU Y 325 5.39 -4.14 104.83
CA GLU Y 325 6.40 -4.03 105.86
C GLU Y 325 5.72 -3.88 107.21
N VAL Y 326 6.16 -4.66 108.19
CA VAL Y 326 5.63 -4.62 109.54
C VAL Y 326 6.74 -4.20 110.48
N THR Y 327 6.48 -3.19 111.30
CA THR Y 327 7.48 -2.67 112.23
C THR Y 327 7.06 -2.90 113.68
N LYS Y 333 2.63 -2.38 116.77
CA LYS Y 333 2.84 -2.95 115.44
C LYS Y 333 2.06 -2.20 114.38
N THR Y 334 2.78 -1.73 113.35
CA THR Y 334 2.18 -1.07 112.21
C THR Y 334 2.57 -1.81 110.93
N ILE Y 335 1.61 -1.96 110.04
CA ILE Y 335 1.83 -2.61 108.75
C ILE Y 335 1.69 -1.55 107.66
N ALA Y 336 2.69 -1.44 106.81
CA ALA Y 336 2.71 -0.45 105.75
C ALA Y 336 3.08 -1.13 104.44
N ASN Y 337 2.62 -0.54 103.34
CA ASN Y 337 3.02 -1.01 102.03
C ASN Y 337 4.49 -0.71 101.79
N ASN Y 338 5.19 -1.68 101.21
CA ASN Y 338 6.54 -1.49 100.71
C ASN Y 338 6.44 -1.58 99.20
N LEU Y 339 6.21 -0.43 98.56
CA LEU Y 339 5.89 -0.40 97.14
C LEU Y 339 7.04 -0.88 96.28
N THR Y 340 8.28 -0.73 96.75
CA THR Y 340 9.45 -1.08 95.96
C THR Y 340 9.97 -2.48 96.26
N SER Y 341 9.34 -3.21 97.16
CA SER Y 341 9.77 -4.56 97.48
C SER Y 341 9.27 -5.54 96.42
N THR Y 342 10.00 -6.64 96.27
CA THR Y 342 9.68 -7.64 95.28
C THR Y 342 9.42 -9.00 95.92
N ILE Y 343 8.71 -9.83 95.18
CA ILE Y 343 8.65 -11.26 95.43
C ILE Y 343 9.33 -11.94 94.25
N GLN Y 344 9.89 -13.12 94.49
CA GLN Y 344 10.50 -13.92 93.44
C GLN Y 344 9.64 -15.14 93.20
N VAL Y 345 9.29 -15.38 91.94
CA VAL Y 345 8.48 -16.51 91.55
C VAL Y 345 9.18 -17.22 90.40
N PHE Y 346 9.28 -18.54 90.49
CA PHE Y 346 9.71 -19.32 89.34
C PHE Y 346 9.05 -20.68 89.41
N THR Y 347 8.89 -21.30 88.24
CA THR Y 347 8.41 -22.66 88.14
C THR Y 347 9.57 -23.59 87.84
N ASP Y 348 9.63 -24.71 88.56
CA ASP Y 348 10.63 -25.74 88.28
C ASP Y 348 10.17 -26.53 87.06
N SER Y 349 10.25 -25.87 85.90
CA SER Y 349 9.71 -26.45 84.67
C SER Y 349 10.54 -27.63 84.17
N GLU Y 350 11.82 -27.67 84.52
CA GLU Y 350 12.67 -28.80 84.16
C GLU Y 350 12.70 -29.88 85.22
N TYR Y 351 11.92 -29.73 86.29
CA TYR Y 351 11.84 -30.72 87.36
C TYR Y 351 13.21 -31.00 87.96
N GLN Y 352 13.99 -29.95 88.14
CA GLN Y 352 15.32 -30.06 88.71
C GLN Y 352 15.33 -29.98 90.23
N LEU Y 353 14.26 -29.62 90.82
CA LEU Y 353 14.15 -29.59 92.26
C LEU Y 353 13.46 -30.85 92.77
N PRO Y 354 13.72 -31.25 94.01
CA PRO Y 354 12.92 -32.33 94.61
C PRO Y 354 11.44 -31.96 94.57
N TYR Y 355 10.65 -32.86 94.02
CA TYR Y 355 9.22 -32.63 93.81
C TYR Y 355 8.48 -33.04 95.06
N VAL Y 356 8.04 -32.06 95.85
CA VAL Y 356 7.35 -32.33 97.11
C VAL Y 356 5.84 -32.26 96.98
N LEU Y 357 5.32 -31.82 95.84
CA LEU Y 357 3.91 -32.00 95.57
C LEU Y 357 3.62 -33.48 95.38
N GLY Y 358 2.35 -33.84 95.52
CA GLY Y 358 2.03 -35.25 95.45
C GLY Y 358 2.42 -36.04 96.67
N SER Y 359 2.57 -35.39 97.81
CA SER Y 359 2.74 -36.09 99.08
C SER Y 359 1.57 -35.80 100.03
N ALA Y 360 0.45 -35.33 99.48
CA ALA Y 360 -0.78 -35.08 100.23
C ALA Y 360 -0.54 -34.11 101.38
N HIS Y 361 0.23 -33.07 101.14
CA HIS Y 361 0.57 -32.10 102.17
C HIS Y 361 -0.48 -31.01 102.27
N GLN Y 362 -0.58 -30.44 103.46
CA GLN Y 362 -1.41 -29.26 103.65
C GLN Y 362 -0.80 -28.07 102.92
N GLY Y 363 -1.56 -26.99 102.83
CA GLY Y 363 -1.11 -25.80 102.16
C GLY Y 363 -1.62 -25.62 100.76
N CYS Y 364 -2.48 -26.51 100.28
CA CYS Y 364 -3.11 -26.31 98.99
C CYS Y 364 -4.07 -25.14 99.05
N LEU Y 365 -4.54 -24.72 97.88
CA LEU Y 365 -5.57 -23.70 97.81
C LEU Y 365 -6.79 -24.18 98.58
N PRO Y 366 -7.39 -23.33 99.42
CA PRO Y 366 -8.53 -23.79 100.23
C PRO Y 366 -9.71 -24.14 99.34
N PRO Y 367 -10.53 -25.09 99.76
CA PRO Y 367 -11.73 -25.42 98.97
C PRO Y 367 -12.68 -24.26 98.82
N PHE Y 368 -12.81 -23.41 99.84
CA PHE Y 368 -13.75 -22.30 99.81
C PHE Y 368 -13.09 -21.08 99.19
N PRO Y 369 -13.63 -20.51 98.11
CA PRO Y 369 -12.95 -19.39 97.45
C PRO Y 369 -12.74 -18.17 98.33
N ALA Y 370 -13.63 -17.93 99.29
CA ALA Y 370 -13.48 -16.76 100.16
C ALA Y 370 -12.36 -16.94 101.17
N ASP Y 371 -11.75 -18.11 101.24
CA ASP Y 371 -10.78 -18.41 102.28
C ASP Y 371 -9.40 -17.90 101.89
N VAL Y 372 -8.77 -17.14 102.78
CA VAL Y 372 -7.41 -16.67 102.57
C VAL Y 372 -6.46 -17.66 103.21
N PHE Y 373 -5.46 -18.10 102.45
CA PHE Y 373 -4.58 -19.16 102.90
C PHE Y 373 -3.13 -18.72 102.94
N MET Y 374 -2.39 -19.35 103.83
CA MET Y 374 -0.96 -19.15 103.98
C MET Y 374 -0.20 -20.10 103.06
N ILE Y 375 0.81 -19.57 102.39
CA ILE Y 375 1.60 -20.37 101.46
C ILE Y 375 2.54 -21.28 102.24
N PRO Y 376 2.55 -22.59 101.98
CA PRO Y 376 3.42 -23.48 102.73
C PRO Y 376 4.89 -23.26 102.40
N GLN Y 377 5.75 -23.56 103.37
CA GLN Y 377 7.18 -23.42 103.18
C GLN Y 377 7.75 -24.61 102.43
N TYR Y 378 8.60 -24.32 101.45
CA TYR Y 378 9.23 -25.38 100.68
C TYR Y 378 10.40 -25.97 101.44
N GLY Y 379 10.39 -27.28 101.58
CA GLY Y 379 11.53 -28.02 102.07
C GLY Y 379 11.63 -29.33 101.33
N TYR Y 380 12.78 -29.96 101.42
CA TYR Y 380 12.97 -31.22 100.73
C TYR Y 380 13.88 -32.12 101.54
N LEU Y 381 13.85 -33.39 101.20
CA LEU Y 381 14.70 -34.38 101.83
C LEU Y 381 15.65 -34.96 100.80
N THR Y 382 16.84 -35.31 101.27
CA THR Y 382 17.80 -35.99 100.43
C THR Y 382 18.24 -37.25 101.14
N LEU Y 383 19.28 -37.92 100.64
CA LEU Y 383 19.71 -39.16 101.24
C LEU Y 383 20.21 -38.92 102.66
N ASN Y 384 19.86 -39.82 103.57
CA ASN Y 384 20.27 -39.73 104.95
C ASN Y 384 20.73 -41.08 105.45
N ASN Y 385 21.65 -41.04 106.42
CA ASN Y 385 22.08 -42.21 107.18
C ASN Y 385 21.86 -41.81 108.64
N GLY Y 386 20.69 -42.14 109.17
CA GLY Y 386 20.29 -41.56 110.45
C GLY Y 386 20.02 -40.09 110.26
N SER Y 387 20.62 -39.26 111.12
CA SER Y 387 20.51 -37.82 110.98
C SER Y 387 21.62 -37.23 110.12
N GLN Y 388 22.54 -38.05 109.63
CA GLN Y 388 23.67 -37.58 108.86
C GLN Y 388 23.37 -37.65 107.37
N ALA Y 389 23.98 -36.74 106.62
CA ALA Y 389 23.96 -36.84 105.17
C ALA Y 389 25.04 -37.80 104.69
N VAL Y 390 24.87 -38.27 103.46
CA VAL Y 390 25.89 -39.06 102.80
C VAL Y 390 26.45 -38.22 101.65
N GLY Y 391 27.52 -38.73 101.03
CA GLY Y 391 28.13 -38.01 99.94
C GLY Y 391 27.20 -37.80 98.76
N ARG Y 392 26.21 -38.66 98.60
CA ARG Y 392 25.25 -38.51 97.52
C ARG Y 392 24.12 -37.56 97.85
N SER Y 393 24.05 -37.04 99.07
CA SER Y 393 23.02 -36.09 99.43
C SER Y 393 23.17 -34.82 98.61
N SER Y 394 22.05 -34.33 98.10
CA SER Y 394 22.04 -33.16 97.23
C SER Y 394 21.53 -31.95 98.01
N PHE Y 395 22.23 -30.84 97.89
CA PHE Y 395 21.77 -29.57 98.40
C PHE Y 395 21.36 -28.70 97.21
N TYR Y 396 20.18 -28.10 97.30
CA TYR Y 396 19.65 -27.25 96.24
C TYR Y 396 19.46 -25.85 96.77
N CYS Y 397 20.04 -24.88 96.09
CA CYS Y 397 19.77 -23.47 96.33
C CYS Y 397 18.73 -23.02 95.32
N LEU Y 398 17.57 -22.60 95.81
CA LEU Y 398 16.52 -22.17 94.89
C LEU Y 398 16.81 -20.80 94.30
N GLU Y 399 17.70 -20.02 94.92
CA GLU Y 399 18.17 -18.79 94.29
C GLU Y 399 19.04 -19.09 93.08
N TYR Y 400 19.55 -20.30 92.95
CA TYR Y 400 20.32 -20.71 91.79
C TYR Y 400 19.46 -20.95 90.56
N PHE Y 401 18.20 -20.60 90.62
CA PHE Y 401 17.30 -20.70 89.49
C PHE Y 401 16.95 -19.31 88.98
N PRO Y 402 16.67 -19.17 87.69
CA PRO Y 402 16.11 -17.90 87.21
C PRO Y 402 14.70 -17.70 87.76
N SER Y 403 14.49 -16.57 88.42
CA SER Y 403 13.20 -16.24 89.00
C SER Y 403 12.74 -14.90 88.46
N GLN Y 404 11.45 -14.79 88.23
CA GLN Y 404 10.86 -13.49 87.92
C GLN Y 404 10.67 -12.73 89.23
N MET Y 405 11.17 -11.51 89.29
CA MET Y 405 10.95 -10.65 90.45
C MET Y 405 9.79 -9.71 90.15
N LEU Y 406 8.88 -9.59 91.10
CA LEU Y 406 7.62 -8.90 90.89
C LEU Y 406 7.47 -7.82 91.93
N ARG Y 407 7.27 -6.59 91.50
CA ARG Y 407 6.82 -5.54 92.39
C ARG Y 407 5.29 -5.54 92.41
N THR Y 408 4.71 -4.59 93.14
CA THR Y 408 3.28 -4.60 93.36
C THR Y 408 2.49 -4.47 92.06
N GLY Y 409 3.07 -3.87 91.04
CA GLY Y 409 2.40 -3.74 89.76
C GLY Y 409 2.59 -4.89 88.81
N ASN Y 410 3.42 -5.86 89.15
CA ASN Y 410 3.72 -6.96 88.25
C ASN Y 410 2.81 -8.15 88.50
N ASN Y 411 2.70 -8.99 87.49
CA ASN Y 411 1.99 -10.26 87.63
C ASN Y 411 2.81 -11.37 87.01
N PHE Y 412 2.53 -12.59 87.44
CA PHE Y 412 3.22 -13.78 86.97
C PHE Y 412 2.19 -14.74 86.41
N GLN Y 413 2.53 -15.39 85.30
CA GLN Y 413 1.63 -16.39 84.76
C GLN Y 413 2.42 -17.39 83.93
N PHE Y 414 1.91 -18.61 83.89
CA PHE Y 414 2.45 -19.64 83.02
C PHE Y 414 1.34 -20.62 82.69
N THR Y 415 1.54 -21.32 81.58
CA THR Y 415 0.61 -22.35 81.14
C THR Y 415 1.34 -23.69 81.11
N TYR Y 416 0.58 -24.75 81.33
CA TYR Y 416 1.12 -26.09 81.36
C TYR Y 416 0.13 -27.02 80.67
N THR Y 417 0.66 -27.97 79.91
CA THR Y 417 -0.15 -28.97 79.25
C THR Y 417 0.11 -30.32 79.89
N PHE Y 418 -0.95 -30.97 80.34
CA PHE Y 418 -0.82 -32.31 80.89
C PHE Y 418 -0.47 -33.29 79.78
N GLU Y 419 0.38 -34.25 80.11
CA GLU Y 419 0.64 -35.34 79.18
C GLU Y 419 -0.60 -36.20 79.01
N ASP Y 420 -0.60 -37.01 77.97
CA ASP Y 420 -1.71 -37.93 77.75
C ASP Y 420 -1.76 -38.93 78.89
N VAL Y 421 -2.75 -38.79 79.77
CA VAL Y 421 -2.90 -39.64 80.94
C VAL Y 421 -4.21 -40.40 80.76
N PRO Y 422 -4.32 -41.62 81.27
CA PRO Y 422 -5.61 -42.33 81.15
C PRO Y 422 -6.70 -41.62 81.93
N PHE Y 423 -7.93 -41.73 81.43
CA PHE Y 423 -9.07 -41.23 82.17
C PHE Y 423 -9.17 -41.93 83.52
N HIS Y 424 -9.45 -41.16 84.57
CA HIS Y 424 -9.77 -41.78 85.84
C HIS Y 424 -11.10 -42.51 85.72
N SER Y 425 -11.17 -43.72 86.28
CA SER Y 425 -12.38 -44.52 86.22
C SER Y 425 -13.40 -43.93 87.18
N SER Y 426 -14.24 -43.05 86.67
CA SER Y 426 -15.30 -42.44 87.47
C SER Y 426 -16.56 -43.28 87.42
N TYR Y 427 -16.40 -44.58 87.69
CA TYR Y 427 -17.49 -45.54 87.59
C TYR Y 427 -17.17 -46.72 88.46
N ALA Y 428 -18.21 -47.43 88.87
CA ALA Y 428 -18.06 -48.72 89.52
C ALA Y 428 -18.60 -49.79 88.59
N HIS Y 429 -17.97 -50.96 88.62
CA HIS Y 429 -18.40 -52.04 87.74
C HIS Y 429 -19.71 -52.63 88.24
N SER Y 430 -20.66 -52.81 87.32
CA SER Y 430 -21.93 -53.45 87.63
C SER Y 430 -21.87 -54.95 87.45
N GLN Y 431 -20.70 -55.49 87.14
CA GLN Y 431 -20.47 -56.92 87.07
C GLN Y 431 -19.26 -57.26 87.91
N SER Y 432 -19.27 -58.46 88.47
CA SER Y 432 -18.12 -58.97 89.19
C SER Y 432 -17.25 -59.81 88.25
N LEU Y 433 -15.96 -59.85 88.55
CA LEU Y 433 -15.02 -60.56 87.68
C LEU Y 433 -15.31 -62.04 87.62
N ASP Y 434 -15.82 -62.62 88.70
CA ASP Y 434 -16.15 -64.03 88.73
C ASP Y 434 -17.57 -64.32 88.28
N ARG Y 435 -18.27 -63.31 87.77
CA ARG Y 435 -19.65 -63.45 87.32
C ARG Y 435 -19.82 -62.85 85.94
N LEU Y 436 -18.87 -63.08 85.05
CA LEU Y 436 -18.92 -62.56 83.69
C LEU Y 436 -19.56 -63.52 82.71
N MET Y 437 -19.97 -64.70 83.16
CA MET Y 437 -20.47 -65.75 82.31
C MET Y 437 -21.98 -65.69 82.16
N ASN Y 438 -22.47 -66.37 81.14
CA ASN Y 438 -23.90 -66.55 80.93
C ASN Y 438 -24.45 -67.48 82.00
N PRO Y 439 -25.40 -67.04 82.81
CA PRO Y 439 -25.94 -67.89 83.88
C PRO Y 439 -26.93 -68.95 83.42
N LEU Y 440 -27.14 -69.12 82.12
CA LEU Y 440 -28.09 -70.10 81.62
C LEU Y 440 -27.45 -71.26 80.89
N ILE Y 441 -26.19 -71.13 80.46
CA ILE Y 441 -25.56 -72.08 79.59
C ILE Y 441 -24.39 -72.73 80.33
N ASP Y 442 -24.27 -74.04 80.18
CA ASP Y 442 -23.12 -74.74 80.72
C ASP Y 442 -21.87 -74.41 79.90
N GLN Y 443 -20.73 -74.61 80.53
CA GLN Y 443 -19.47 -74.54 79.80
C GLN Y 443 -19.21 -75.86 79.08
N TYR Y 444 -18.53 -75.78 77.95
CA TYR Y 444 -18.06 -77.00 77.30
C TYR Y 444 -16.78 -77.52 77.93
N LEU Y 445 -16.11 -76.71 78.75
CA LEU Y 445 -14.93 -77.14 79.46
C LEU Y 445 -15.33 -77.91 80.72
N TYR Y 446 -14.51 -78.88 81.08
CA TYR Y 446 -14.72 -79.68 82.28
C TYR Y 446 -13.73 -79.25 83.36
N TYR Y 447 -14.13 -79.48 84.60
CA TYR Y 447 -13.24 -79.31 85.74
C TYR Y 447 -13.25 -80.59 86.55
N LEU Y 448 -12.15 -80.84 87.25
CA LEU Y 448 -12.08 -81.98 88.16
C LEU Y 448 -13.07 -81.75 89.30
N SER Y 449 -14.15 -82.52 89.32
CA SER Y 449 -15.22 -82.31 90.29
C SER Y 449 -15.13 -83.24 91.48
N ARG Y 450 -14.57 -84.44 91.32
CA ARG Y 450 -14.39 -85.35 92.43
C ARG Y 450 -13.12 -86.15 92.25
N THR Y 451 -12.47 -86.45 93.38
CA THR Y 451 -11.30 -87.32 93.38
C THR Y 451 -11.54 -88.59 94.17
N GLN Y 452 -12.73 -88.79 94.71
CA GLN Y 452 -13.06 -89.94 95.52
C GLN Y 452 -14.47 -90.41 95.21
N THR Y 453 -14.65 -91.72 95.15
CA THR Y 453 -15.97 -92.29 94.82
C THR Y 453 -16.99 -92.00 95.91
N ASN Y 459 -14.79 -95.56 100.40
CA ASN Y 459 -14.63 -94.93 99.09
C ASN Y 459 -13.18 -94.98 98.63
N THR Y 460 -12.98 -95.03 97.33
CA THR Y 460 -11.67 -95.17 96.72
C THR Y 460 -11.38 -93.98 95.84
N GLN Y 461 -10.13 -93.88 95.39
CA GLN Y 461 -9.74 -92.81 94.50
C GLN Y 461 -10.41 -92.96 93.14
N THR Y 462 -10.74 -91.82 92.55
CA THR Y 462 -11.33 -91.79 91.21
C THR Y 462 -11.05 -90.40 90.63
N LEU Y 463 -11.44 -90.21 89.37
CA LEU Y 463 -11.36 -88.92 88.72
C LEU Y 463 -12.71 -88.66 88.07
N GLY Y 464 -13.50 -87.78 88.68
CA GLY Y 464 -14.77 -87.35 88.14
C GLY Y 464 -14.68 -85.93 87.64
N PHE Y 465 -15.20 -85.70 86.44
CA PHE Y 465 -15.13 -84.40 85.80
C PHE Y 465 -16.54 -83.92 85.49
N SER Y 466 -16.80 -82.65 85.76
CA SER Y 466 -18.10 -82.06 85.51
C SER Y 466 -17.92 -80.79 84.69
N GLN Y 467 -18.98 -80.41 84.00
CA GLN Y 467 -18.99 -79.16 83.25
C GLN Y 467 -19.47 -78.04 84.15
N GLY Y 468 -18.71 -76.95 84.18
CA GLY Y 468 -19.13 -75.78 84.90
C GLY Y 468 -20.43 -75.23 84.35
N GLY Y 469 -21.37 -74.92 85.24
CA GLY Y 469 -22.66 -74.46 84.82
C GLY Y 469 -23.20 -73.38 85.73
N PRO Y 470 -24.50 -73.08 85.60
CA PRO Y 470 -25.09 -72.02 86.42
C PRO Y 470 -25.00 -72.26 87.91
N ASN Y 471 -24.95 -73.52 88.34
CA ASN Y 471 -24.92 -73.82 89.77
C ASN Y 471 -23.50 -73.97 90.31
N THR Y 472 -22.58 -74.51 89.52
CA THR Y 472 -21.18 -74.62 89.91
C THR Y 472 -20.37 -73.46 89.33
N MET Y 473 -20.82 -72.26 89.68
CA MET Y 473 -20.25 -71.07 89.07
C MET Y 473 -18.87 -70.75 89.61
N ALA Y 474 -18.57 -71.19 90.84
CA ALA Y 474 -17.22 -71.04 91.38
C ALA Y 474 -16.22 -71.96 90.69
N ASN Y 475 -16.67 -73.04 90.09
CA ASN Y 475 -15.78 -74.00 89.44
C ASN Y 475 -15.55 -73.70 87.96
N GLN Y 476 -16.29 -72.75 87.39
CA GLN Y 476 -16.21 -72.51 85.96
C GLN Y 476 -14.82 -72.00 85.56
N ALA Y 477 -14.40 -72.42 84.36
CA ALA Y 477 -13.18 -71.86 83.78
C ALA Y 477 -13.39 -70.38 83.51
N LYS Y 478 -12.39 -69.58 83.84
CA LYS Y 478 -12.48 -68.14 83.71
C LYS Y 478 -11.21 -67.60 83.06
N ASN Y 479 -11.35 -66.44 82.43
CA ASN Y 479 -10.25 -65.85 81.67
C ASN Y 479 -9.40 -64.89 82.47
N TRP Y 480 -9.86 -64.42 83.62
CA TRP Y 480 -9.21 -63.30 84.29
C TRP Y 480 -9.10 -63.58 85.78
N LEU Y 481 -8.16 -62.88 86.41
CA LEU Y 481 -7.90 -62.97 87.82
C LEU Y 481 -8.07 -61.61 88.48
N PRO Y 482 -8.44 -61.58 89.75
CA PRO Y 482 -8.53 -60.29 90.46
C PRO Y 482 -7.16 -59.66 90.59
N GLY Y 483 -7.16 -58.34 90.73
CA GLY Y 483 -5.95 -57.58 90.83
C GLY Y 483 -5.06 -58.01 91.98
N PRO Y 484 -3.87 -57.43 92.05
CA PRO Y 484 -2.89 -57.87 93.04
C PRO Y 484 -3.30 -57.51 94.45
N CYS Y 485 -2.73 -58.24 95.41
CA CYS Y 485 -3.09 -58.12 96.81
C CYS Y 485 -1.84 -57.90 97.66
N TYR Y 486 -1.97 -57.02 98.65
CA TYR Y 486 -0.94 -56.80 99.67
C TYR Y 486 -1.69 -56.66 100.98
N ARG Y 487 -1.94 -57.79 101.65
CA ARG Y 487 -2.98 -57.85 102.67
C ARG Y 487 -2.73 -56.89 103.82
N GLN Y 488 -3.79 -56.21 104.23
CA GLN Y 488 -3.78 -55.28 105.35
C GLN Y 488 -4.55 -55.87 106.52
N GLN Y 489 -4.19 -55.45 107.73
CA GLN Y 489 -4.94 -55.86 108.90
C GLN Y 489 -6.30 -55.20 108.92
N ARG Y 490 -7.30 -55.95 109.38
CA ARG Y 490 -8.67 -55.46 109.42
C ARG Y 490 -8.93 -54.77 110.76
N VAL Y 491 -9.50 -53.58 110.69
CA VAL Y 491 -9.87 -52.81 111.87
C VAL Y 491 -11.36 -52.52 111.78
N SER Y 492 -12.07 -52.70 112.89
CA SER Y 492 -13.49 -52.43 112.96
C SER Y 492 -13.72 -51.04 113.55
N THR Y 493 -14.62 -50.28 112.92
CA THR Y 493 -15.01 -49.00 113.51
C THR Y 493 -15.79 -49.20 114.81
N THR Y 494 -16.37 -50.39 115.00
CA THR Y 494 -16.91 -50.80 116.30
C THR Y 494 -15.73 -51.29 117.13
N THR Y 495 -15.23 -50.41 118.02
CA THR Y 495 -13.96 -50.67 118.67
C THR Y 495 -13.99 -51.94 119.53
N GLY Y 496 -15.15 -52.28 120.06
CA GLY Y 496 -15.26 -53.49 120.87
C GLY Y 496 -14.93 -54.75 120.11
N GLN Y 497 -15.05 -54.73 118.79
CA GLN Y 497 -14.70 -55.88 117.97
C GLN Y 497 -13.21 -55.96 117.66
N ASN Y 498 -12.43 -54.95 118.03
CA ASN Y 498 -11.00 -54.95 117.77
C ASN Y 498 -10.25 -55.60 118.93
N ASN Y 499 -9.06 -56.09 118.61
CA ASN Y 499 -8.17 -56.62 119.64
C ASN Y 499 -7.78 -55.52 120.61
N ASN Y 500 -7.76 -55.86 121.90
CA ASN Y 500 -7.40 -54.88 122.93
C ASN Y 500 -5.88 -54.77 123.00
N SER Y 501 -5.32 -54.11 122.00
CA SER Y 501 -3.89 -53.84 121.94
C SER Y 501 -3.66 -52.67 120.99
N ASN Y 502 -2.48 -52.09 121.09
CA ASN Y 502 -2.09 -50.98 120.22
C ASN Y 502 -1.31 -51.59 119.06
N PHE Y 503 -2.01 -51.89 117.97
CA PHE Y 503 -1.43 -52.60 116.84
C PHE Y 503 -1.43 -51.79 115.56
N ALA Y 504 -1.65 -50.47 115.64
CA ALA Y 504 -1.69 -49.66 114.42
C ALA Y 504 -0.38 -49.73 113.67
N TRP Y 505 0.74 -49.69 114.40
CA TRP Y 505 2.06 -49.80 113.79
C TRP Y 505 2.58 -51.23 113.78
N THR Y 506 2.46 -51.95 114.89
CA THR Y 506 3.04 -53.29 114.97
C THR Y 506 2.38 -54.23 113.98
N ALA Y 507 1.06 -54.14 113.84
CA ALA Y 507 0.33 -54.93 112.85
C ALA Y 507 0.14 -54.21 111.54
N GLY Y 508 0.72 -53.01 111.40
CA GLY Y 508 0.57 -52.28 110.16
C GLY Y 508 1.21 -52.99 108.99
N THR Y 509 0.60 -52.81 107.83
CA THR Y 509 1.13 -53.38 106.59
C THR Y 509 2.20 -52.44 106.06
N LYS Y 510 3.42 -52.93 105.94
CA LYS Y 510 4.58 -52.09 105.73
C LYS Y 510 5.40 -52.60 104.55
N TYR Y 511 6.20 -51.71 104.00
CA TYR Y 511 7.29 -52.09 103.12
C TYR Y 511 8.61 -51.72 103.76
N HIS Y 512 9.66 -52.41 103.33
CA HIS Y 512 10.99 -52.27 103.90
C HIS Y 512 11.90 -51.68 102.84
N LEU Y 513 12.55 -50.56 103.16
CA LEU Y 513 13.42 -49.88 102.22
C LEU Y 513 14.65 -49.37 102.95
N ASN Y 514 15.82 -49.89 102.60
CA ASN Y 514 17.09 -49.47 103.18
C ASN Y 514 17.05 -49.54 104.71
N GLY Y 515 16.59 -50.67 105.22
CA GLY Y 515 16.51 -50.86 106.65
C GLY Y 515 15.49 -49.99 107.36
N ARG Y 516 14.62 -49.31 106.61
CA ARG Y 516 13.61 -48.44 107.18
C ARG Y 516 12.24 -49.02 106.86
N ASN Y 517 11.39 -49.08 107.88
CA ASN Y 517 10.03 -49.57 107.71
C ASN Y 517 9.08 -48.39 107.52
N SER Y 518 8.28 -48.45 106.47
CA SER Y 518 7.27 -47.44 106.20
C SER Y 518 5.95 -48.15 105.93
N LEU Y 519 4.87 -47.57 106.43
CA LEU Y 519 3.56 -48.11 106.15
C LEU Y 519 3.27 -48.12 104.65
N ALA Y 520 2.71 -49.22 104.17
CA ALA Y 520 2.18 -49.27 102.80
C ALA Y 520 0.82 -48.59 102.85
N ASN Y 521 0.86 -47.26 102.90
CA ASN Y 521 -0.30 -46.44 103.22
C ASN Y 521 -0.56 -45.46 102.09
N PRO Y 522 -1.68 -45.54 101.39
CA PRO Y 522 -2.73 -46.53 101.61
C PRO Y 522 -2.46 -47.86 100.90
N GLY Y 523 -1.33 -47.97 100.25
CA GLY Y 523 -0.99 -49.17 99.54
C GLY Y 523 -1.73 -49.31 98.23
N ILE Y 524 -1.66 -50.51 97.67
CA ILE Y 524 -2.28 -50.78 96.38
C ILE Y 524 -3.79 -50.72 96.51
N ALA Y 525 -4.46 -50.41 95.40
CA ALA Y 525 -5.91 -50.28 95.38
C ALA Y 525 -6.55 -51.64 95.62
N MET Y 526 -7.15 -51.80 96.79
CA MET Y 526 -7.93 -52.98 97.12
C MET Y 526 -9.25 -52.55 97.72
N ALA Y 527 -10.25 -53.41 97.57
CA ALA Y 527 -11.56 -53.12 98.15
C ALA Y 527 -11.44 -53.00 99.66
N THR Y 528 -12.06 -51.95 100.21
CA THR Y 528 -11.95 -51.68 101.63
C THR Y 528 -12.52 -52.82 102.46
N HIS Y 529 -13.65 -53.38 102.01
CA HIS Y 529 -14.33 -54.44 102.74
C HIS Y 529 -15.17 -55.21 101.74
N LYS Y 530 -15.64 -56.37 102.15
CA LYS Y 530 -16.54 -57.15 101.32
C LYS Y 530 -17.98 -56.77 101.64
N ASP Y 531 -18.93 -57.54 101.11
CA ASP Y 531 -20.34 -57.23 101.30
C ASP Y 531 -20.72 -57.27 102.77
N ASP Y 532 -21.51 -56.27 103.18
CA ASP Y 532 -22.08 -56.19 104.52
C ASP Y 532 -21.02 -56.09 105.61
N GLU Y 533 -19.88 -55.50 105.30
CA GLU Y 533 -18.80 -55.32 106.27
C GLU Y 533 -18.26 -53.89 106.22
N GLU Y 534 -19.18 -52.92 106.13
CA GLU Y 534 -18.77 -51.53 106.03
C GLU Y 534 -18.00 -51.06 107.25
N ARG Y 535 -18.24 -51.67 108.41
CA ARG Y 535 -17.55 -51.28 109.63
C ARG Y 535 -16.07 -51.63 109.60
N PHE Y 536 -15.63 -52.48 108.68
CA PHE Y 536 -14.24 -52.91 108.61
C PHE Y 536 -13.48 -52.08 107.60
N PHE Y 537 -12.24 -51.75 107.93
CA PHE Y 537 -11.36 -51.07 107.00
C PHE Y 537 -9.93 -51.58 107.19
N PRO Y 538 -9.12 -51.58 106.14
CA PRO Y 538 -7.70 -51.89 106.31
C PRO Y 538 -7.04 -50.84 107.19
N SER Y 539 -6.12 -51.30 108.05
CA SER Y 539 -5.57 -50.43 109.07
C SER Y 539 -4.86 -49.22 108.47
N ASN Y 540 -4.10 -49.42 107.41
CA ASN Y 540 -3.48 -48.31 106.69
C ASN Y 540 -3.69 -48.48 105.19
N GLY Y 541 -4.92 -48.80 104.79
CA GLY Y 541 -5.20 -49.10 103.41
C GLY Y 541 -6.27 -48.22 102.78
N ILE Y 542 -6.64 -47.13 103.45
CA ILE Y 542 -7.64 -46.21 102.94
C ILE Y 542 -7.16 -44.78 103.16
N LEU Y 543 -7.68 -43.87 102.36
CA LEU Y 543 -7.50 -42.46 102.61
C LEU Y 543 -8.43 -42.04 103.74
N ILE Y 544 -7.88 -41.34 104.73
CA ILE Y 544 -8.64 -40.85 105.85
C ILE Y 544 -8.52 -39.33 105.86
N PHE Y 545 -9.63 -38.66 105.65
CA PHE Y 545 -9.67 -37.21 105.71
C PHE Y 545 -10.20 -36.77 107.06
N GLY Y 546 -9.71 -35.64 107.54
CA GLY Y 546 -10.17 -35.09 108.80
C GLY Y 546 -11.35 -34.16 108.57
N LYS Y 547 -12.31 -34.23 109.49
CA LYS Y 547 -13.37 -33.25 109.50
C LYS Y 547 -12.80 -31.90 109.91
N GLN Y 548 -13.59 -30.86 109.71
CA GLN Y 548 -13.14 -29.52 110.07
C GLN Y 548 -12.82 -29.47 111.55
N ASN Y 549 -11.68 -28.85 111.89
CA ASN Y 549 -11.21 -28.70 113.26
C ASN Y 549 -10.87 -30.05 113.90
N ALA Y 550 -10.55 -31.05 113.10
CA ALA Y 550 -10.05 -32.31 113.66
C ALA Y 550 -8.63 -32.11 114.18
N ALA Y 551 -8.33 -32.76 115.29
CA ALA Y 551 -7.02 -32.65 115.89
C ALA Y 551 -5.95 -33.24 114.97
N ARG Y 552 -4.77 -32.63 115.01
CA ARG Y 552 -3.64 -33.15 114.24
C ARG Y 552 -3.24 -34.54 114.72
N ASP Y 553 -3.19 -34.74 116.03
CA ASP Y 553 -2.77 -36.02 116.61
C ASP Y 553 -3.93 -36.62 117.40
N ASN Y 554 -4.11 -37.93 117.22
CA ASN Y 554 -5.08 -38.71 118.00
C ASN Y 554 -6.49 -38.13 117.88
N ALA Y 555 -6.89 -37.81 116.65
CA ALA Y 555 -8.27 -37.45 116.41
C ALA Y 555 -9.15 -38.68 116.56
N ASP Y 556 -10.31 -38.49 117.18
CA ASP Y 556 -11.24 -39.60 117.36
C ASP Y 556 -11.84 -40.00 116.02
N TYR Y 557 -12.42 -41.20 115.99
CA TYR Y 557 -13.05 -41.67 114.76
C TYR Y 557 -14.17 -40.74 114.30
N SER Y 558 -14.84 -40.08 115.24
CA SER Y 558 -15.89 -39.14 114.87
C SER Y 558 -15.34 -37.87 114.24
N ASP Y 559 -14.05 -37.60 114.40
CA ASP Y 559 -13.42 -36.40 113.83
C ASP Y 559 -12.78 -36.64 112.47
N VAL Y 560 -12.82 -37.88 111.96
CA VAL Y 560 -12.18 -38.19 110.69
C VAL Y 560 -13.23 -38.76 109.76
N MET Y 561 -12.90 -38.77 108.47
CA MET Y 561 -13.78 -39.23 107.41
C MET Y 561 -13.07 -40.37 106.70
N LEU Y 562 -13.51 -41.60 106.96
CA LEU Y 562 -12.93 -42.76 106.30
C LEU Y 562 -13.48 -42.88 104.89
N THR Y 563 -12.59 -43.03 103.91
CA THR Y 563 -13.04 -43.36 102.58
C THR Y 563 -13.26 -44.88 102.46
N SER Y 564 -13.96 -45.28 101.41
CA SER Y 564 -14.21 -46.68 101.16
C SER Y 564 -14.04 -46.97 99.68
N GLU Y 565 -13.22 -47.97 99.38
CA GLU Y 565 -13.03 -48.44 98.01
C GLU Y 565 -13.85 -49.70 97.73
N GLU Y 566 -15.04 -49.79 98.32
CA GLU Y 566 -15.87 -50.97 98.12
C GLU Y 566 -16.35 -51.11 96.68
N GLU Y 567 -16.32 -50.04 95.89
CA GLU Y 567 -16.76 -50.12 94.50
C GLU Y 567 -15.89 -51.05 93.67
N ILE Y 568 -14.65 -51.28 94.08
CA ILE Y 568 -13.74 -52.13 93.33
C ILE Y 568 -13.73 -53.56 93.85
N LYS Y 569 -14.70 -53.93 94.68
CA LYS Y 569 -14.88 -55.33 95.07
C LYS Y 569 -15.01 -56.23 93.85
N THR Y 570 -15.58 -55.71 92.77
CA THR Y 570 -15.87 -56.51 91.59
C THR Y 570 -14.60 -56.99 90.90
N THR Y 571 -13.52 -56.28 91.06
CA THR Y 571 -12.29 -56.60 90.36
C THR Y 571 -11.09 -56.72 91.29
N ASN Y 572 -11.03 -55.91 92.33
CA ASN Y 572 -9.89 -55.97 93.23
C ASN Y 572 -10.21 -56.80 94.45
N PRO Y 573 -9.24 -57.57 94.95
CA PRO Y 573 -9.47 -58.32 96.18
C PRO Y 573 -9.67 -57.40 97.37
N VAL Y 574 -10.40 -57.89 98.36
CA VAL Y 574 -10.62 -57.12 99.58
C VAL Y 574 -9.29 -56.93 100.30
N ALA Y 575 -9.06 -55.70 100.77
CA ALA Y 575 -7.75 -55.35 101.32
C ALA Y 575 -7.39 -56.19 102.53
N THR Y 576 -8.38 -56.64 103.29
CA THR Y 576 -8.14 -57.36 104.54
C THR Y 576 -8.28 -58.86 104.39
N GLU Y 577 -8.47 -59.35 103.17
CA GLU Y 577 -8.62 -60.77 102.92
C GLU Y 577 -7.44 -61.27 102.10
N GLU Y 578 -7.25 -62.58 102.12
CA GLU Y 578 -6.23 -63.20 101.31
C GLU Y 578 -6.59 -63.13 99.82
N TYR Y 579 -5.57 -63.12 98.98
CA TYR Y 579 -5.82 -63.12 97.54
C TYR Y 579 -6.47 -64.41 97.11
N GLY Y 580 -6.01 -65.53 97.63
CA GLY Y 580 -6.53 -66.81 97.21
C GLY Y 580 -5.79 -67.93 97.90
N ILE Y 581 -5.90 -69.11 97.30
CA ILE Y 581 -5.34 -70.34 97.86
C ILE Y 581 -4.48 -71.00 96.80
N VAL Y 582 -3.29 -71.43 97.19
CA VAL Y 582 -2.41 -72.19 96.30
C VAL Y 582 -2.02 -73.49 97.01
N ALA Y 583 -1.61 -74.46 96.20
CA ALA Y 583 -1.11 -75.71 96.74
C ALA Y 583 0.23 -75.48 97.42
N ASP Y 584 0.44 -76.15 98.55
CA ASP Y 584 1.67 -76.03 99.31
C ASP Y 584 2.54 -77.27 99.24
N ASN Y 585 2.07 -78.36 98.63
CA ASN Y 585 2.81 -79.60 98.57
C ASN Y 585 2.35 -80.39 97.36
N LEU Y 586 2.84 -81.63 97.26
CA LEU Y 586 2.41 -82.57 96.23
C LEU Y 586 1.67 -83.70 96.94
N GLN Y 587 0.37 -83.76 96.74
CA GLN Y 587 -0.42 -84.82 97.37
C GLN Y 587 -0.07 -86.16 96.77
N GLN Y 588 -0.01 -87.19 97.62
CA GLN Y 588 0.15 -88.57 97.22
C GLN Y 588 -0.88 -89.40 97.97
N GLN Y 589 -0.87 -90.71 97.73
CA GLN Y 589 -1.78 -91.58 98.45
C GLN Y 589 -1.49 -91.59 99.94
N ASN Y 590 -0.31 -91.18 100.37
CA ASN Y 590 0.04 -91.12 101.77
C ASN Y 590 0.10 -89.70 102.34
N THR Y 591 0.14 -88.67 101.50
CA THR Y 591 0.21 -87.29 101.96
C THR Y 591 -1.02 -86.54 101.47
N ALA Y 592 -1.83 -86.05 102.39
CA ALA Y 592 -2.99 -85.26 102.02
C ALA Y 592 -2.56 -83.93 101.43
N PRO Y 593 -3.31 -83.41 100.46
CA PRO Y 593 -2.94 -82.11 99.88
C PRO Y 593 -3.00 -81.00 100.92
N GLN Y 594 -2.04 -80.10 100.83
CA GLN Y 594 -1.96 -78.95 101.72
C GLN Y 594 -2.12 -77.67 100.90
N ILE Y 595 -2.76 -76.68 101.50
CA ILE Y 595 -3.03 -75.44 100.81
C ILE Y 595 -2.33 -74.30 101.53
N GLY Y 596 -1.88 -73.33 100.75
CA GLY Y 596 -1.24 -72.13 101.27
C GLY Y 596 -2.13 -70.93 101.01
N THR Y 597 -2.22 -70.05 102.01
CA THR Y 597 -3.02 -68.84 101.90
C THR Y 597 -2.15 -67.72 101.34
N VAL Y 598 -2.56 -67.16 100.20
CA VAL Y 598 -1.79 -66.12 99.53
C VAL Y 598 -2.22 -64.79 100.12
N ASN Y 599 -1.38 -64.22 100.99
CA ASN Y 599 -1.64 -62.92 101.60
C ASN Y 599 -0.97 -61.78 100.84
N SER Y 600 -0.13 -62.08 99.86
CA SER Y 600 0.51 -61.06 99.03
C SER Y 600 0.70 -61.65 97.65
N GLN Y 601 0.09 -61.02 96.65
CA GLN Y 601 0.15 -61.53 95.30
C GLN Y 601 0.56 -60.41 94.36
N GLY Y 602 1.71 -60.57 93.71
CA GLY Y 602 2.13 -59.66 92.68
C GLY Y 602 1.40 -59.92 91.39
N ALA Y 603 1.78 -59.16 90.36
CA ALA Y 603 1.09 -59.21 89.09
C ALA Y 603 1.16 -60.61 88.48
N LEU Y 604 0.00 -61.11 88.07
CA LEU Y 604 -0.10 -62.35 87.31
C LEU Y 604 -0.74 -62.07 85.97
N PRO Y 605 -0.39 -62.82 84.93
CA PRO Y 605 -1.05 -62.62 83.63
C PRO Y 605 -2.55 -62.89 83.75
N GLY Y 606 -3.32 -62.10 83.02
CA GLY Y 606 -4.76 -62.19 83.11
C GLY Y 606 -5.36 -61.44 84.27
N MET Y 607 -4.55 -60.79 85.09
CA MET Y 607 -5.07 -60.05 86.23
C MET Y 607 -5.57 -58.68 85.77
N VAL Y 608 -6.72 -58.28 86.31
CA VAL Y 608 -7.27 -56.96 86.05
C VAL Y 608 -7.61 -56.33 87.39
N TRP Y 609 -7.55 -55.00 87.43
CA TRP Y 609 -7.82 -54.29 88.68
C TRP Y 609 -8.24 -52.87 88.37
N GLN Y 610 -8.83 -52.23 89.37
CA GLN Y 610 -9.16 -50.81 89.32
C GLN Y 610 -8.21 -50.05 90.22
N ASN Y 611 -7.98 -48.78 89.86
CA ASN Y 611 -7.20 -47.91 90.71
C ASN Y 611 -8.04 -47.41 91.88
N ARG Y 612 -7.37 -46.81 92.85
CA ARG Y 612 -8.08 -46.16 93.94
C ARG Y 612 -8.90 -44.99 93.39
N ASP Y 613 -10.06 -44.78 94.01
CA ASP Y 613 -10.90 -43.66 93.63
C ASP Y 613 -10.22 -42.34 94.00
N VAL Y 614 -10.58 -41.30 93.26
CA VAL Y 614 -10.19 -39.95 93.63
C VAL Y 614 -11.34 -39.33 94.41
N TYR Y 615 -11.02 -38.31 95.19
CA TYR Y 615 -11.99 -37.67 96.06
C TYR Y 615 -11.93 -36.17 95.88
N LEU Y 616 -13.04 -35.51 96.18
CA LEU Y 616 -13.08 -34.05 96.11
C LEU Y 616 -11.99 -33.44 96.98
N GLN Y 617 -11.75 -34.02 98.16
CA GLN Y 617 -10.70 -33.57 99.06
C GLN Y 617 -9.35 -34.20 98.76
N GLY Y 618 -9.29 -35.18 97.85
CA GLY Y 618 -8.09 -35.93 97.64
C GLY Y 618 -7.13 -35.32 96.65
N PRO Y 619 -5.96 -35.92 96.50
CA PRO Y 619 -4.97 -35.41 95.54
C PRO Y 619 -5.40 -35.66 94.10
N ILE Y 620 -4.87 -34.84 93.21
CA ILE Y 620 -5.15 -34.94 91.78
C ILE Y 620 -4.06 -35.73 91.06
N TRP Y 621 -2.81 -35.36 91.25
CA TRP Y 621 -1.72 -35.96 90.50
C TRP Y 621 -0.56 -36.24 91.44
N ALA Y 622 0.33 -37.12 90.99
CA ALA Y 622 1.63 -37.32 91.60
C ALA Y 622 2.66 -37.43 90.50
N LYS Y 623 3.88 -37.03 90.81
CA LYS Y 623 4.99 -37.22 89.89
C LYS Y 623 5.42 -38.68 89.92
N ILE Y 624 5.44 -39.32 88.76
CA ILE Y 624 5.99 -40.65 88.66
C ILE Y 624 7.49 -40.52 88.89
N PRO Y 625 8.06 -41.24 89.85
CA PRO Y 625 9.51 -41.14 90.09
C PRO Y 625 10.28 -41.54 88.84
N HIS Y 626 11.36 -40.82 88.58
CA HIS Y 626 12.21 -41.09 87.43
C HIS Y 626 13.04 -42.32 87.73
N THR Y 627 12.57 -43.48 87.29
CA THR Y 627 13.24 -44.75 87.54
C THR Y 627 13.31 -45.55 86.25
N ASP Y 628 14.16 -46.57 86.26
CA ASP Y 628 14.26 -47.47 85.12
C ASP Y 628 12.95 -48.19 84.86
N GLY Y 629 12.30 -48.66 85.91
CA GLY Y 629 11.10 -49.43 85.76
C GLY Y 629 10.05 -49.01 86.77
N ASN Y 630 8.81 -49.07 86.33
CA ASN Y 630 7.66 -48.95 87.22
C ASN Y 630 6.59 -49.90 86.70
N PHE Y 631 5.70 -50.30 87.60
CA PHE Y 631 4.57 -51.14 87.23
C PHE Y 631 3.29 -50.38 87.54
N HIS Y 632 2.49 -50.14 86.50
CA HIS Y 632 1.23 -49.42 86.60
C HIS Y 632 1.43 -48.14 87.41
N PRO Y 633 2.11 -47.15 86.86
CA PRO Y 633 2.48 -45.99 87.68
C PRO Y 633 1.31 -45.07 87.98
N SER Y 634 0.28 -45.62 88.56
CA SER Y 634 -0.83 -44.84 89.08
C SER Y 634 -0.58 -44.56 90.56
N PRO Y 635 -0.63 -43.31 90.99
CA PRO Y 635 -0.29 -42.99 92.38
C PRO Y 635 -1.22 -43.73 93.35
N LEU Y 636 -0.63 -44.20 94.45
CA LEU Y 636 -1.37 -45.10 95.32
C LEU Y 636 -2.44 -44.37 96.14
N MET Y 637 -2.20 -43.11 96.53
CA MET Y 637 -3.26 -42.35 97.16
C MET Y 637 -4.28 -41.82 96.16
N GLY Y 638 -4.21 -42.27 94.92
CA GLY Y 638 -5.20 -41.91 93.92
C GLY Y 638 -4.76 -40.74 93.07
N GLY Y 639 -5.33 -40.68 91.88
CA GLY Y 639 -5.07 -39.59 90.97
C GLY Y 639 -4.32 -40.03 89.73
N PHE Y 640 -3.70 -39.04 89.09
CA PHE Y 640 -3.06 -39.23 87.81
C PHE Y 640 -1.55 -39.25 88.01
N GLY Y 641 -0.91 -40.32 87.55
CA GLY Y 641 0.53 -40.38 87.57
C GLY Y 641 1.11 -39.68 86.35
N LEU Y 642 1.95 -38.69 86.56
CA LEU Y 642 2.51 -37.90 85.48
C LEU Y 642 4.03 -37.96 85.53
N LYS Y 643 4.65 -38.27 84.39
CA LYS Y 643 6.10 -38.16 84.29
C LYS Y 643 6.53 -36.72 84.44
N HIS Y 644 5.77 -35.79 83.86
CA HIS Y 644 6.04 -34.36 83.92
C HIS Y 644 4.80 -33.68 84.49
N PRO Y 645 4.65 -33.67 85.81
CA PRO Y 645 3.45 -33.11 86.42
C PRO Y 645 3.47 -31.59 86.32
N PRO Y 646 2.41 -30.91 86.75
CA PRO Y 646 2.45 -29.47 86.86
C PRO Y 646 3.66 -29.04 87.68
N PRO Y 647 4.47 -28.12 87.17
CA PRO Y 647 5.73 -27.80 87.84
C PRO Y 647 5.47 -27.13 89.19
N GLN Y 648 6.40 -27.34 90.10
CA GLN Y 648 6.36 -26.62 91.37
C GLN Y 648 6.53 -25.13 91.11
N ILE Y 649 5.69 -24.34 91.76
CA ILE Y 649 5.75 -22.89 91.66
C ILE Y 649 6.29 -22.38 92.97
N LEU Y 650 7.53 -21.89 92.95
CA LEU Y 650 8.22 -21.45 94.14
C LEU Y 650 8.11 -19.94 94.25
N ILE Y 651 7.80 -19.46 95.44
CA ILE Y 651 7.61 -18.03 95.68
C ILE Y 651 8.34 -17.65 96.95
N LYS Y 652 8.96 -16.48 96.94
CA LYS Y 652 9.71 -16.01 98.09
C LYS Y 652 9.65 -14.49 98.13
N ASN Y 653 9.55 -13.94 99.33
CA ASN Y 653 9.77 -12.52 99.53
C ASN Y 653 11.25 -12.22 99.38
N THR Y 654 11.59 -11.31 98.48
CA THR Y 654 12.98 -10.92 98.33
C THR Y 654 13.45 -10.25 99.61
N PRO Y 655 14.56 -10.70 100.20
CA PRO Y 655 15.03 -10.07 101.45
C PRO Y 655 15.35 -8.61 101.21
N VAL Y 656 14.88 -7.77 102.14
CA VAL Y 656 15.18 -6.35 102.13
C VAL Y 656 16.01 -6.04 103.37
N PRO Y 657 17.31 -5.80 103.24
CA PRO Y 657 18.14 -5.56 104.41
C PRO Y 657 17.68 -4.33 105.18
N ALA Y 658 17.81 -4.39 106.49
CA ALA Y 658 17.74 -3.19 107.30
C ALA Y 658 19.00 -2.35 107.05
N ASP Y 659 19.12 -1.24 107.75
CA ASP Y 659 20.24 -0.35 107.49
C ASP Y 659 21.56 -1.06 107.81
N PRO Y 660 22.46 -1.19 106.85
CA PRO Y 660 23.75 -1.82 107.14
C PRO Y 660 24.63 -0.87 107.93
N PRO Y 661 25.69 -1.37 108.55
CA PRO Y 661 26.62 -0.47 109.24
C PRO Y 661 27.31 0.46 108.25
N THR Y 662 27.79 1.58 108.76
CA THR Y 662 28.47 2.55 107.91
C THR Y 662 29.93 2.22 107.67
N THR Y 663 30.45 1.17 108.30
CA THR Y 663 31.77 0.64 108.02
C THR Y 663 31.61 -0.75 107.46
N PHE Y 664 32.42 -1.08 106.46
CA PHE Y 664 32.23 -2.33 105.73
C PHE Y 664 32.43 -3.54 106.64
N ASN Y 665 31.53 -4.51 106.52
CA ASN Y 665 31.64 -5.79 107.18
C ASN Y 665 31.41 -6.87 106.14
N GLN Y 666 32.33 -7.82 106.03
CA GLN Y 666 32.22 -8.87 105.04
C GLN Y 666 31.13 -9.88 105.36
N SER Y 667 30.70 -9.94 106.62
CA SER Y 667 29.72 -10.94 107.03
C SER Y 667 28.40 -10.71 106.31
N LYS Y 668 27.72 -11.82 106.01
CA LYS Y 668 26.41 -11.72 105.38
C LYS Y 668 25.45 -10.96 106.30
N LEU Y 669 24.59 -10.17 105.69
CA LEU Y 669 23.63 -9.39 106.46
C LEU Y 669 22.57 -10.30 107.06
N ASN Y 670 22.31 -10.12 108.36
CA ASN Y 670 21.28 -10.86 109.04
C ASN Y 670 20.17 -9.97 109.59
N SER Y 671 20.29 -8.65 109.41
CA SER Y 671 19.27 -7.71 109.84
C SER Y 671 18.42 -7.36 108.63
N PHE Y 672 17.17 -7.80 108.64
CA PHE Y 672 16.27 -7.61 107.51
C PHE Y 672 15.01 -6.90 107.97
N ILE Y 673 14.43 -6.15 107.05
CA ILE Y 673 13.13 -5.54 107.28
C ILE Y 673 12.08 -6.64 107.33
N THR Y 674 11.29 -6.67 108.41
CA THR Y 674 10.25 -7.67 108.54
C THR Y 674 9.19 -7.43 107.48
N GLN Y 675 8.84 -8.49 106.76
CA GLN Y 675 8.12 -8.30 105.51
C GLN Y 675 7.30 -9.53 105.21
N TYR Y 676 6.14 -9.32 104.61
CA TYR Y 676 5.33 -10.41 104.07
C TYR Y 676 4.61 -9.89 102.84
N SER Y 677 4.20 -10.81 102.00
CA SER Y 677 3.48 -10.47 100.79
C SER Y 677 2.12 -11.14 100.76
N THR Y 678 1.19 -10.50 100.08
CA THR Y 678 -0.12 -11.08 99.84
C THR Y 678 -0.49 -10.78 98.40
N GLY Y 679 -1.38 -11.61 97.86
CA GLY Y 679 -1.82 -11.41 96.50
C GLY Y 679 -2.91 -12.39 96.17
N GLN Y 680 -3.24 -12.44 94.90
CA GLN Y 680 -4.23 -13.38 94.40
C GLN Y 680 -3.54 -14.39 93.49
N VAL Y 681 -4.01 -15.63 93.56
CA VAL Y 681 -3.52 -16.70 92.72
C VAL Y 681 -4.70 -17.27 91.96
N SER Y 682 -4.56 -17.43 90.66
CA SER Y 682 -5.57 -18.04 89.81
C SER Y 682 -4.99 -19.28 89.17
N VAL Y 683 -5.72 -20.39 89.26
CA VAL Y 683 -5.36 -21.60 88.55
C VAL Y 683 -6.57 -22.04 87.75
N GLU Y 684 -6.38 -22.24 86.46
CA GLU Y 684 -7.43 -22.70 85.55
C GLU Y 684 -7.00 -24.04 85.00
N ILE Y 685 -7.83 -25.06 85.20
CA ILE Y 685 -7.57 -26.38 84.66
C ILE Y 685 -8.69 -26.76 83.73
N GLU Y 686 -8.34 -27.19 82.53
CA GLU Y 686 -9.29 -27.76 81.59
C GLU Y 686 -9.26 -29.28 81.73
N TRP Y 687 -10.43 -29.85 81.99
CA TRP Y 687 -10.57 -31.29 82.14
C TRP Y 687 -11.34 -31.85 80.96
N GLU Y 688 -10.87 -32.98 80.44
CA GLU Y 688 -11.60 -33.72 79.43
C GLU Y 688 -12.51 -34.73 80.12
N LEU Y 689 -13.72 -34.87 79.62
CA LEU Y 689 -14.72 -35.74 80.22
C LEU Y 689 -14.95 -36.96 79.32
N GLN Y 690 -15.15 -38.10 79.96
CA GLN Y 690 -15.64 -39.30 79.29
C GLN Y 690 -17.12 -39.44 79.59
N LYS Y 691 -17.97 -39.12 78.62
CA LYS Y 691 -19.40 -39.22 78.82
C LYS Y 691 -19.82 -40.68 78.94
N GLU Y 692 -20.75 -40.95 79.84
CA GLU Y 692 -21.28 -42.30 79.98
C GLU Y 692 -22.20 -42.61 78.81
N ASN Y 693 -21.96 -43.74 78.17
CA ASN Y 693 -22.81 -44.23 77.09
C ASN Y 693 -23.33 -45.60 77.50
N SER Y 694 -24.42 -45.59 78.26
CA SER Y 694 -24.88 -46.78 78.96
C SER Y 694 -26.30 -47.12 78.54
N LYS Y 695 -26.55 -48.41 78.35
CA LYS Y 695 -27.87 -48.91 78.03
C LYS Y 695 -28.56 -49.51 79.24
N ARG Y 696 -28.05 -49.23 80.44
CA ARG Y 696 -28.71 -49.64 81.66
C ARG Y 696 -30.13 -49.10 81.72
N TRP Y 697 -31.08 -49.96 82.08
CA TRP Y 697 -32.48 -49.55 82.08
C TRP Y 697 -32.85 -48.87 83.39
N ASN Y 698 -32.50 -49.48 84.52
CA ASN Y 698 -32.88 -48.95 85.81
C ASN Y 698 -32.03 -47.74 86.17
N PRO Y 699 -32.52 -46.86 87.04
CA PRO Y 699 -31.76 -45.66 87.39
C PRO Y 699 -30.45 -46.00 88.08
N GLU Y 700 -29.45 -45.16 87.85
CA GLU Y 700 -28.15 -45.31 88.45
C GLU Y 700 -28.12 -44.75 89.86
N ILE Y 701 -27.08 -45.12 90.60
CA ILE Y 701 -26.79 -44.46 91.86
C ILE Y 701 -26.15 -43.11 91.57
N GLN Y 702 -26.62 -42.08 92.23
CA GLN Y 702 -26.11 -40.73 92.04
C GLN Y 702 -25.74 -40.15 93.40
N TYR Y 703 -24.71 -39.33 93.41
CA TYR Y 703 -24.45 -38.56 94.62
C TYR Y 703 -25.50 -37.47 94.76
N THR Y 704 -26.13 -37.42 95.93
CA THR Y 704 -27.18 -36.45 96.18
C THR Y 704 -27.01 -35.90 97.58
N SER Y 705 -27.41 -34.65 97.75
CA SER Y 705 -27.52 -34.10 99.10
C SER Y 705 -28.74 -34.69 99.79
N ASN Y 706 -28.67 -34.76 101.10
CA ASN Y 706 -29.79 -35.27 101.87
C ASN Y 706 -30.96 -34.29 101.81
N TYR Y 707 -32.15 -34.82 101.58
CA TYR Y 707 -33.33 -33.97 101.47
C TYR Y 707 -33.81 -33.48 102.83
N TYR Y 708 -33.57 -34.24 103.89
CA TYR Y 708 -34.11 -33.93 105.20
C TYR Y 708 -33.46 -32.68 105.78
N LYS Y 709 -34.19 -32.01 106.68
CA LYS Y 709 -33.73 -30.76 107.25
C LYS Y 709 -32.50 -30.98 108.14
N SER Y 710 -31.72 -29.92 108.31
CA SER Y 710 -30.52 -29.99 109.12
C SER Y 710 -30.20 -28.60 109.64
N THR Y 711 -29.36 -28.55 110.66
CA THR Y 711 -28.97 -27.27 111.26
C THR Y 711 -28.21 -26.41 110.26
N SER Y 712 -27.38 -27.02 109.43
CA SER Y 712 -26.58 -26.29 108.47
C SER Y 712 -26.63 -27.00 107.13
N VAL Y 713 -26.36 -26.25 106.07
CA VAL Y 713 -26.25 -26.82 104.74
C VAL Y 713 -24.91 -27.52 104.60
N ASP Y 714 -24.93 -28.75 104.08
CA ASP Y 714 -23.69 -29.47 103.82
C ASP Y 714 -22.88 -28.75 102.75
N PHE Y 715 -21.56 -28.72 102.94
CA PHE Y 715 -20.66 -27.99 102.05
C PHE Y 715 -21.02 -26.51 101.98
N ALA Y 716 -21.25 -25.93 103.15
CA ALA Y 716 -21.49 -24.50 103.29
C ALA Y 716 -20.79 -24.03 104.55
N VAL Y 717 -20.97 -22.78 104.87
CA VAL Y 717 -20.40 -22.21 106.08
C VAL Y 717 -21.40 -22.37 107.21
N ASN Y 718 -20.89 -22.40 108.43
CA ASN Y 718 -21.75 -22.42 109.62
C ASN Y 718 -21.98 -20.98 110.07
N THR Y 719 -22.53 -20.81 111.27
CA THR Y 719 -22.82 -19.47 111.77
C THR Y 719 -21.56 -18.67 112.07
N GLU Y 720 -20.41 -19.33 112.18
CA GLU Y 720 -19.15 -18.66 112.47
C GLU Y 720 -18.33 -18.39 111.21
N GLY Y 721 -18.85 -18.72 110.04
CA GLY Y 721 -18.13 -18.49 108.81
C GLY Y 721 -17.15 -19.59 108.44
N VAL Y 722 -17.18 -20.71 109.13
CA VAL Y 722 -16.25 -21.81 108.87
C VAL Y 722 -16.85 -22.70 107.79
N TYR Y 723 -16.15 -22.81 106.66
CA TYR Y 723 -16.53 -23.76 105.64
C TYR Y 723 -16.06 -25.15 106.03
N SER Y 724 -16.94 -26.13 105.86
CA SER Y 724 -16.61 -27.51 106.20
C SER Y 724 -17.07 -28.43 105.08
N GLU Y 725 -16.32 -29.50 104.90
CA GLU Y 725 -16.71 -30.58 104.00
C GLU Y 725 -17.17 -31.76 104.85
N PRO Y 726 -18.46 -32.07 104.90
CA PRO Y 726 -18.94 -33.03 105.89
C PRO Y 726 -18.56 -34.46 105.58
N ARG Y 727 -18.32 -34.81 104.32
CA ARG Y 727 -18.02 -36.19 103.97
C ARG Y 727 -17.03 -36.17 102.81
N PRO Y 728 -16.28 -37.25 102.62
CA PRO Y 728 -15.45 -37.37 101.41
C PRO Y 728 -16.32 -37.88 100.26
N ILE Y 729 -16.44 -37.07 99.21
CA ILE Y 729 -17.21 -37.46 98.05
C ILE Y 729 -16.28 -38.19 97.10
N GLY Y 730 -16.55 -39.47 96.89
CA GLY Y 730 -15.81 -40.24 95.92
C GLY Y 730 -16.18 -39.85 94.51
N THR Y 731 -15.90 -40.71 93.56
CA THR Y 731 -16.10 -40.38 92.16
C THR Y 731 -16.90 -41.46 91.44
N ARG Y 732 -17.08 -42.63 92.03
CA ARG Y 732 -17.64 -43.79 91.34
C ARG Y 732 -19.09 -43.96 91.75
N TYR Y 733 -19.99 -43.42 90.94
CA TYR Y 733 -21.43 -43.58 91.13
C TYR Y 733 -22.11 -44.20 89.94
N LEU Y 734 -21.72 -43.83 88.73
CA LEU Y 734 -22.21 -44.50 87.54
C LEU Y 734 -21.62 -45.89 87.45
N THR Y 735 -22.21 -46.71 86.59
CA THR Y 735 -21.80 -48.10 86.46
C THR Y 735 -21.43 -48.44 85.02
N ARG Y 736 -20.52 -49.39 84.89
CA ARG Y 736 -20.18 -49.99 83.61
C ARG Y 736 -20.15 -51.50 83.76
N ASN Y 737 -20.39 -52.20 82.66
CA ASN Y 737 -20.10 -53.61 82.62
C ASN Y 737 -18.60 -53.83 82.61
N LEU Y 738 -18.19 -55.03 83.02
CA LEU Y 738 -16.78 -55.36 82.98
C LEU Y 738 -16.36 -55.67 81.55
N GLY Z 221 44.12 -58.57 47.39
CA GLY Z 221 45.48 -58.97 47.06
C GLY Z 221 46.25 -59.55 48.23
N VAL Z 222 47.19 -60.45 47.92
CA VAL Z 222 48.00 -61.08 48.96
C VAL Z 222 48.85 -60.03 49.66
N GLY Z 223 49.45 -59.11 48.91
CA GLY Z 223 50.38 -58.15 49.44
C GLY Z 223 49.81 -56.81 49.82
N SER Z 224 48.50 -56.68 49.90
CA SER Z 224 47.86 -55.42 50.27
C SER Z 224 46.98 -55.62 51.50
N SER Z 225 47.06 -54.68 52.43
CA SER Z 225 46.24 -54.72 53.61
C SER Z 225 44.77 -54.51 53.26
N SER Z 226 43.89 -55.26 53.90
CA SER Z 226 42.46 -55.14 53.67
C SER Z 226 41.76 -54.26 54.68
N GLY Z 227 42.51 -53.64 55.59
CA GLY Z 227 41.92 -52.72 56.54
C GLY Z 227 42.99 -52.17 57.46
N ASN Z 228 42.63 -51.08 58.12
CA ASN Z 228 43.53 -50.38 59.01
C ASN Z 228 43.13 -50.60 60.46
N TRP Z 229 44.08 -50.34 61.35
CA TRP Z 229 43.83 -50.42 62.79
C TRP Z 229 43.04 -49.19 63.23
N HIS Z 230 41.87 -49.41 63.83
CA HIS Z 230 40.98 -48.33 64.26
C HIS Z 230 40.61 -48.57 65.71
N CYS Z 231 41.43 -48.07 66.62
CA CYS Z 231 41.09 -48.00 68.03
C CYS Z 231 41.01 -46.53 68.40
N ASP Z 232 39.85 -46.08 68.85
CA ASP Z 232 39.63 -44.66 69.10
C ASP Z 232 38.30 -44.50 69.80
N SER Z 233 38.10 -43.32 70.37
CA SER Z 233 36.81 -42.91 70.89
C SER Z 233 36.65 -41.43 70.59
N THR Z 234 35.60 -41.07 69.88
CA THR Z 234 35.34 -39.68 69.53
C THR Z 234 34.07 -39.24 70.25
N TRP Z 235 34.21 -38.22 71.09
CA TRP Z 235 33.09 -37.64 71.81
C TRP Z 235 32.64 -36.40 71.05
N LEU Z 236 31.40 -36.39 70.60
CA LEU Z 236 30.89 -35.29 69.78
C LEU Z 236 29.44 -35.04 70.20
N GLY Z 237 29.23 -33.98 70.97
CA GLY Z 237 27.89 -33.65 71.41
C GLY Z 237 27.32 -34.72 72.31
N ASP Z 238 26.14 -35.21 71.96
CA ASP Z 238 25.44 -36.23 72.72
C ASP Z 238 25.78 -37.63 72.25
N ARG Z 239 26.83 -37.79 71.43
CA ARG Z 239 27.26 -39.09 70.96
C ARG Z 239 28.69 -39.34 71.37
N VAL Z 240 29.01 -40.61 71.62
CA VAL Z 240 30.38 -41.07 71.69
C VAL Z 240 30.50 -42.27 70.76
N ILE Z 241 31.50 -42.26 69.90
CA ILE Z 241 31.73 -43.35 68.96
C ILE Z 241 32.99 -44.07 69.42
N THR Z 242 32.82 -45.25 69.97
CA THR Z 242 33.95 -46.10 70.32
C THR Z 242 34.25 -47.02 69.16
N THR Z 243 35.52 -47.11 68.78
CA THR Z 243 35.96 -48.09 67.82
C THR Z 243 37.15 -48.82 68.41
N SER Z 244 37.15 -50.14 68.28
CA SER Z 244 38.21 -50.94 68.86
C SER Z 244 38.62 -52.00 67.85
N THR Z 245 39.93 -52.16 67.71
CA THR Z 245 40.51 -53.19 66.85
C THR Z 245 41.31 -54.15 67.70
N ARG Z 246 41.18 -55.44 67.41
CA ARG Z 246 41.95 -56.46 68.09
C ARG Z 246 42.48 -57.45 67.08
N THR Z 247 43.57 -58.10 67.44
CA THR Z 247 44.09 -59.22 66.67
C THR Z 247 43.54 -60.50 67.26
N TRP Z 248 42.95 -61.33 66.41
CA TRP Z 248 42.37 -62.59 66.85
C TRP Z 248 43.11 -63.75 66.22
N ALA Z 249 42.96 -64.92 66.82
CA ALA Z 249 43.44 -66.17 66.26
C ALA Z 249 42.33 -67.20 66.34
N LEU Z 250 42.01 -67.80 65.22
CA LEU Z 250 40.95 -68.80 65.16
C LEU Z 250 41.54 -70.17 64.88
N PRO Z 251 41.50 -71.10 65.81
CA PRO Z 251 41.95 -72.46 65.52
C PRO Z 251 40.87 -73.22 64.76
N THR Z 252 41.23 -74.42 64.34
CA THR Z 252 40.24 -75.38 63.88
C THR Z 252 39.61 -76.04 65.10
N TYR Z 253 38.31 -75.89 65.25
CA TYR Z 253 37.59 -76.44 66.37
C TYR Z 253 36.96 -77.78 65.99
N ASN Z 254 37.00 -78.73 66.92
CA ASN Z 254 36.30 -80.00 66.80
C ASN Z 254 36.80 -80.85 65.64
N ASN Z 255 37.95 -80.53 65.07
CA ASN Z 255 38.44 -81.19 63.86
C ASN Z 255 37.41 -81.09 62.74
N HIS Z 256 36.81 -79.91 62.60
CA HIS Z 256 35.81 -79.59 61.58
C HIS Z 256 34.50 -80.35 61.76
N LEU Z 257 34.26 -80.94 62.93
CA LEU Z 257 33.10 -81.79 63.14
C LEU Z 257 32.06 -81.09 64.01
N TYR Z 258 30.80 -81.47 63.81
CA TYR Z 258 29.75 -81.20 64.77
C TYR Z 258 29.64 -82.38 65.70
N LYS Z 259 29.76 -82.13 67.00
CA LYS Z 259 29.70 -83.20 67.98
C LYS Z 259 28.51 -82.97 68.90
N GLN Z 260 27.71 -84.01 69.08
CA GLN Z 260 26.70 -83.98 70.12
C GLN Z 260 27.38 -84.03 71.47
N ILE Z 261 26.98 -83.13 72.37
CA ILE Z 261 27.53 -83.06 73.72
C ILE Z 261 26.38 -83.18 74.70
N SER Z 262 26.64 -83.88 75.80
CA SER Z 262 25.59 -84.14 76.78
C SER Z 262 26.19 -84.22 78.16
N ASN Z 263 25.32 -84.17 79.16
CA ASN Z 263 25.69 -84.39 80.54
C ASN Z 263 24.47 -84.94 81.24
N GLY Z 264 24.62 -86.12 81.85
CA GLY Z 264 23.53 -86.78 82.53
C GLY Z 264 23.82 -86.96 84.01
N THR Z 265 22.88 -87.63 84.67
CA THR Z 265 23.00 -87.88 86.10
C THR Z 265 23.79 -89.15 86.35
N ALA Z 269 27.01 -86.04 87.81
CA ALA Z 269 26.36 -84.75 87.70
C ALA Z 269 24.94 -84.80 88.23
N THR Z 270 24.46 -83.69 88.77
CA THR Z 270 23.10 -83.62 89.27
C THR Z 270 22.14 -83.29 88.12
N ASN Z 271 20.85 -83.51 88.39
CA ASN Z 271 19.85 -83.19 87.38
C ASN Z 271 19.83 -81.71 87.04
N ASP Z 272 20.20 -80.86 88.00
CA ASP Z 272 20.21 -79.42 87.76
C ASP Z 272 21.22 -79.02 86.70
N ASN Z 273 22.23 -79.86 86.43
CA ASN Z 273 23.31 -79.53 85.52
C ASN Z 273 23.29 -80.36 84.24
N THR Z 274 22.21 -81.09 83.99
CA THR Z 274 22.15 -81.89 82.77
C THR Z 274 21.93 -80.99 81.55
N TYR Z 275 22.44 -81.44 80.42
CA TYR Z 275 22.22 -80.71 79.17
C TYR Z 275 22.38 -81.66 78.00
N PHE Z 276 21.79 -81.25 76.88
CA PHE Z 276 22.02 -81.86 75.58
C PHE Z 276 22.24 -80.73 74.60
N GLY Z 277 23.26 -80.84 73.79
CA GLY Z 277 23.54 -79.80 72.84
C GLY Z 277 24.53 -80.25 71.80
N TYR Z 278 25.08 -79.28 71.09
CA TYR Z 278 26.01 -79.58 70.01
C TYR Z 278 27.20 -78.65 70.09
N SER Z 279 28.38 -79.23 69.95
CA SER Z 279 29.60 -78.48 69.72
C SER Z 279 29.81 -78.33 68.23
N THR Z 280 30.06 -77.13 67.77
CA THR Z 280 30.24 -76.87 66.36
C THR Z 280 31.70 -76.56 66.05
N PRO Z 281 32.14 -76.76 64.81
CA PRO Z 281 33.49 -76.36 64.42
C PRO Z 281 33.64 -74.85 64.22
N TRP Z 282 32.62 -74.06 64.53
CA TRP Z 282 32.64 -72.63 64.28
C TRP Z 282 33.09 -71.88 65.51
N GLY Z 283 33.85 -70.82 65.28
CA GLY Z 283 34.05 -69.81 66.29
C GLY Z 283 33.03 -68.70 66.15
N TYR Z 284 33.04 -67.79 67.11
CA TYR Z 284 32.16 -66.65 67.03
C TYR Z 284 32.82 -65.45 67.69
N PHE Z 285 32.46 -64.27 67.19
CA PHE Z 285 33.02 -63.03 67.71
C PHE Z 285 32.10 -62.45 68.77
N ASP Z 286 32.67 -62.15 69.93
CA ASP Z 286 31.94 -61.58 71.04
C ASP Z 286 32.57 -60.25 71.40
N PHE Z 287 31.75 -59.20 71.45
CA PHE Z 287 32.16 -57.91 71.96
C PHE Z 287 31.09 -57.36 72.89
N ASN Z 288 30.50 -58.26 73.67
CA ASN Z 288 29.38 -57.94 74.55
C ASN Z 288 29.85 -57.58 75.96
N ARG Z 289 31.00 -56.96 76.08
CA ARG Z 289 31.46 -56.37 77.33
C ARG Z 289 31.86 -54.93 77.07
N PHE Z 290 31.61 -54.07 78.05
CA PHE Z 290 31.84 -52.65 77.84
C PHE Z 290 33.32 -52.34 77.65
N HIS Z 291 34.21 -53.09 78.31
CA HIS Z 291 35.63 -52.79 78.16
C HIS Z 291 36.17 -53.21 76.80
N CYS Z 292 35.39 -53.93 76.00
CA CYS Z 292 35.77 -54.16 74.61
C CYS Z 292 35.72 -52.88 73.79
N HIS Z 293 35.02 -51.86 74.28
CA HIS Z 293 34.80 -50.63 73.54
C HIS Z 293 35.25 -49.39 74.28
N PHE Z 294 35.11 -49.35 75.59
CA PHE Z 294 35.49 -48.21 76.38
C PHE Z 294 36.81 -48.47 77.09
N SER Z 295 37.77 -47.59 76.88
CA SER Z 295 38.94 -47.56 77.74
C SER Z 295 38.51 -47.12 79.13
N PRO Z 296 39.28 -47.45 80.16
CA PRO Z 296 38.91 -47.00 81.51
C PRO Z 296 38.74 -45.49 81.61
N ARG Z 297 39.59 -44.72 80.92
CA ARG Z 297 39.42 -43.27 80.90
C ARG Z 297 38.15 -42.87 80.16
N ASP Z 298 37.83 -43.55 79.06
CA ASP Z 298 36.58 -43.28 78.36
C ASP Z 298 35.38 -43.63 79.23
N TRP Z 299 35.48 -44.74 79.97
CA TRP Z 299 34.42 -45.11 80.90
C TRP Z 299 34.25 -44.04 81.97
N GLN Z 300 35.36 -43.51 82.48
CA GLN Z 300 35.29 -42.42 83.45
C GLN Z 300 34.60 -41.20 82.86
N ARG Z 301 35.00 -40.83 81.63
CA ARG Z 301 34.34 -39.72 80.94
C ARG Z 301 32.84 -39.94 80.83
N LEU Z 302 32.45 -41.16 80.49
CA LEU Z 302 31.03 -41.47 80.34
C LEU Z 302 30.28 -41.38 81.66
N ILE Z 303 30.80 -42.03 82.69
CA ILE Z 303 30.04 -42.17 83.93
C ILE Z 303 30.10 -40.93 84.82
N ASN Z 304 31.10 -40.09 84.67
CA ASN Z 304 31.19 -38.91 85.51
C ASN Z 304 30.41 -37.72 84.97
N ASN Z 305 29.89 -37.82 83.75
CA ASN Z 305 29.33 -36.66 83.08
C ASN Z 305 27.97 -36.90 82.43
N ASN Z 306 27.46 -38.12 82.46
CA ASN Z 306 26.23 -38.44 81.75
C ASN Z 306 25.26 -39.15 82.67
N TRP Z 307 23.99 -38.79 82.56
CA TRP Z 307 22.94 -39.46 83.31
C TRP Z 307 22.53 -40.77 82.66
N GLY Z 308 22.88 -40.98 81.40
CA GLY Z 308 22.50 -42.20 80.74
C GLY Z 308 23.19 -42.33 79.41
N PHE Z 309 23.13 -43.54 78.88
CA PHE Z 309 23.71 -43.83 77.58
C PHE Z 309 23.01 -45.07 77.02
N ARG Z 310 23.12 -45.24 75.70
CA ARG Z 310 22.56 -46.41 75.05
C ARG Z 310 23.26 -46.58 73.71
N PRO Z 311 23.44 -47.81 73.26
CA PRO Z 311 24.01 -48.02 71.92
C PRO Z 311 23.02 -47.61 70.85
N LYS Z 312 23.55 -47.09 69.75
CA LYS Z 312 22.74 -46.65 68.62
C LYS Z 312 22.97 -47.51 67.38
N ARG Z 313 24.21 -47.68 66.98
CA ARG Z 313 24.55 -48.46 65.80
C ARG Z 313 25.92 -49.07 66.01
N LEU Z 314 26.20 -50.12 65.25
CA LEU Z 314 27.54 -50.69 65.27
C LEU Z 314 27.95 -51.06 63.86
N SER Z 315 29.25 -50.99 63.62
CA SER Z 315 29.86 -51.51 62.41
C SER Z 315 30.95 -52.47 62.83
N PHE Z 316 31.06 -53.58 62.10
CA PHE Z 316 31.96 -54.66 62.42
C PHE Z 316 32.80 -54.95 61.19
N LYS Z 317 34.09 -55.20 61.40
CA LYS Z 317 34.98 -55.47 60.28
C LYS Z 317 35.93 -56.61 60.61
N LEU Z 318 36.11 -57.50 59.65
CA LEU Z 318 37.15 -58.51 59.67
C LEU Z 318 38.08 -58.25 58.50
N PHE Z 319 39.37 -58.22 58.76
CA PHE Z 319 40.32 -57.84 57.71
C PHE Z 319 41.71 -58.35 58.08
N ASN Z 320 42.62 -58.22 57.12
CA ASN Z 320 44.00 -58.70 57.26
C ASN Z 320 44.01 -60.15 57.70
N ILE Z 321 43.20 -60.95 57.04
CA ILE Z 321 43.07 -62.36 57.36
C ILE Z 321 44.30 -63.10 56.87
N GLN Z 322 44.88 -63.92 57.74
CA GLN Z 322 45.99 -64.79 57.39
C GLN Z 322 45.63 -66.20 57.81
N VAL Z 323 45.56 -67.11 56.85
CA VAL Z 323 45.34 -68.51 57.14
C VAL Z 323 46.68 -69.21 57.07
N LYS Z 324 47.04 -69.91 58.13
CA LYS Z 324 48.37 -70.47 58.27
C LYS Z 324 48.29 -71.98 58.41
N GLU Z 325 49.20 -72.66 57.73
CA GLU Z 325 49.31 -74.12 57.78
C GLU Z 325 50.45 -74.49 58.70
N VAL Z 326 50.20 -75.43 59.61
CA VAL Z 326 51.21 -75.91 60.54
C VAL Z 326 51.42 -77.40 60.28
N THR Z 327 52.69 -77.78 60.10
CA THR Z 327 53.04 -79.17 59.80
C THR Z 327 53.84 -79.79 60.93
N LYS Z 333 58.02 -78.50 64.14
CA LYS Z 333 56.83 -77.77 63.75
C LYS Z 333 57.18 -76.52 62.95
N THR Z 334 56.62 -76.41 61.76
CA THR Z 334 56.78 -75.23 60.92
C THR Z 334 55.40 -74.66 60.59
N ILE Z 335 55.30 -73.34 60.63
CA ILE Z 335 54.07 -72.63 60.29
C ILE Z 335 54.31 -71.86 59.00
N ALA Z 336 53.44 -72.07 58.02
CA ALA Z 336 53.56 -71.42 56.73
C ALA Z 336 52.22 -70.81 56.34
N ASN Z 337 52.28 -69.78 55.51
CA ASN Z 337 51.08 -69.19 54.97
C ASN Z 337 50.42 -70.15 53.99
N ASN Z 338 49.09 -70.24 54.09
CA ASN Z 338 48.29 -71.00 53.09
C ASN Z 338 47.51 -69.91 52.37
N LEU Z 339 48.07 -69.35 51.29
CA LEU Z 339 47.51 -68.17 50.64
C LEU Z 339 46.15 -68.46 50.02
N THR Z 340 45.88 -69.70 49.63
CA THR Z 340 44.64 -70.05 48.95
C THR Z 340 43.58 -70.57 49.90
N SER Z 341 43.86 -70.65 51.19
CA SER Z 341 42.87 -71.12 52.15
C SER Z 341 41.89 -70.01 52.49
N THR Z 342 40.70 -70.42 52.90
CA THR Z 342 39.63 -69.47 53.21
C THR Z 342 39.17 -69.63 54.64
N ILE Z 343 38.57 -68.57 55.15
CA ILE Z 343 37.72 -68.62 56.33
C ILE Z 343 36.30 -68.34 55.89
N GLN Z 344 35.35 -68.85 56.64
CA GLN Z 344 33.93 -68.60 56.38
C GLN Z 344 33.37 -67.73 57.51
N VAL Z 345 32.74 -66.63 57.14
CA VAL Z 345 32.15 -65.71 58.09
C VAL Z 345 30.71 -65.45 57.67
N PHE Z 346 29.80 -65.52 58.62
CA PHE Z 346 28.44 -65.05 58.39
C PHE Z 346 27.86 -64.53 59.69
N THR Z 347 26.90 -63.62 59.56
CA THR Z 347 26.15 -63.13 60.70
C THR Z 347 24.77 -63.77 60.69
N ASP Z 348 24.34 -64.23 61.86
CA ASP Z 348 22.99 -64.75 62.04
C ASP Z 348 22.03 -63.56 62.14
N SER Z 349 21.84 -62.90 61.00
CA SER Z 349 21.07 -61.66 60.97
C SER Z 349 19.58 -61.90 61.20
N GLU Z 350 19.09 -63.09 60.87
CA GLU Z 350 17.70 -63.45 61.11
C GLU Z 350 17.50 -64.11 62.47
N TYR Z 351 18.55 -64.22 63.27
CA TYR Z 351 18.46 -64.82 64.61
C TYR Z 351 17.89 -66.23 64.55
N GLN Z 352 18.33 -66.99 63.55
CA GLN Z 352 17.89 -68.36 63.36
C GLN Z 352 18.73 -69.37 64.13
N LEU Z 353 19.82 -68.97 64.66
CA LEU Z 353 20.65 -69.84 65.47
C LEU Z 353 20.39 -69.58 66.94
N PRO Z 354 20.63 -70.57 67.79
CA PRO Z 354 20.60 -70.31 69.24
C PRO Z 354 21.56 -69.20 69.59
N TYR Z 355 21.05 -68.18 70.28
CA TYR Z 355 21.82 -66.99 70.61
C TYR Z 355 22.56 -67.24 71.91
N VAL Z 356 23.86 -67.47 71.81
CA VAL Z 356 24.67 -67.76 73.00
C VAL Z 356 25.41 -66.55 73.52
N LEU Z 357 25.38 -65.42 72.81
CA LEU Z 357 25.82 -64.17 73.40
C LEU Z 357 24.84 -63.76 74.49
N GLY Z 358 25.29 -62.88 75.37
CA GLY Z 358 24.44 -62.53 76.48
C GLY Z 358 24.33 -63.58 77.56
N SER Z 359 25.30 -64.48 77.64
CA SER Z 359 25.41 -65.41 78.76
C SER Z 359 26.68 -65.15 79.57
N ALA Z 360 27.27 -63.98 79.41
CA ALA Z 360 28.46 -63.56 80.17
C ALA Z 360 29.61 -64.54 80.00
N HIS Z 361 29.81 -65.02 78.78
CA HIS Z 361 30.85 -65.98 78.50
C HIS Z 361 32.19 -65.31 78.22
N GLN Z 362 33.25 -66.04 78.50
CA GLN Z 362 34.58 -65.60 78.11
C GLN Z 362 34.72 -65.64 76.59
N GLY Z 363 35.80 -65.04 76.10
CA GLY Z 363 36.05 -65.01 74.68
C GLY Z 363 35.70 -63.71 74.00
N CYS Z 364 35.27 -62.71 74.75
CA CYS Z 364 35.03 -61.40 74.17
C CYS Z 364 36.37 -60.76 73.77
N LEU Z 365 36.27 -59.67 73.03
CA LEU Z 365 37.45 -58.89 72.71
C LEU Z 365 38.14 -58.45 74.00
N PRO Z 366 39.46 -58.59 74.10
CA PRO Z 366 40.13 -58.25 75.35
C PRO Z 366 40.01 -56.76 75.64
N PRO Z 367 39.97 -56.37 76.91
CA PRO Z 367 39.94 -54.93 77.23
C PRO Z 367 41.14 -54.17 76.72
N PHE Z 368 42.32 -54.79 76.71
CA PHE Z 368 43.53 -54.10 76.30
C PHE Z 368 43.73 -54.26 74.80
N PRO Z 369 43.84 -53.18 74.04
CA PRO Z 369 43.92 -53.30 72.57
C PRO Z 369 45.11 -54.09 72.08
N ALA Z 370 46.23 -54.06 72.81
CA ALA Z 370 47.41 -54.79 72.39
C ALA Z 370 47.27 -56.30 72.57
N ASP Z 371 46.19 -56.75 73.20
CA ASP Z 371 46.04 -58.15 73.56
C ASP Z 371 45.50 -58.95 72.39
N VAL Z 372 46.17 -60.04 72.07
CA VAL Z 372 45.72 -60.96 71.02
C VAL Z 372 44.89 -62.05 71.67
N PHE Z 373 43.69 -62.28 71.15
CA PHE Z 373 42.76 -63.19 71.79
C PHE Z 373 42.37 -64.33 70.86
N MET Z 374 42.02 -65.44 71.49
CA MET Z 374 41.53 -66.63 70.82
C MET Z 374 40.01 -66.56 70.67
N ILE Z 375 39.53 -66.89 69.48
CA ILE Z 375 38.08 -66.84 69.22
C ILE Z 375 37.40 -68.02 69.90
N PRO Z 376 36.35 -67.80 70.69
CA PRO Z 376 35.69 -68.91 71.37
C PRO Z 376 34.94 -69.80 70.40
N GLN Z 377 34.82 -71.07 70.78
CA GLN Z 377 34.10 -72.04 69.96
C GLN Z 377 32.60 -71.91 70.16
N TYR Z 378 31.86 -71.94 69.06
CA TYR Z 378 30.42 -71.85 69.13
C TYR Z 378 29.82 -73.20 69.46
N GLY Z 379 28.99 -73.23 70.50
CA GLY Z 379 28.18 -74.37 70.80
C GLY Z 379 26.83 -73.89 71.30
N TYR Z 380 25.86 -74.80 71.31
CA TYR Z 380 24.53 -74.42 71.75
C TYR Z 380 23.88 -75.60 72.45
N LEU Z 381 22.84 -75.30 73.20
CA LEU Z 381 22.06 -76.30 73.90
C LEU Z 381 20.65 -76.31 73.34
N THR Z 382 20.06 -77.50 73.34
CA THR Z 382 18.67 -77.64 72.95
C THR Z 382 17.94 -78.37 74.07
N LEU Z 383 16.71 -78.80 73.83
CA LEU Z 383 15.96 -79.46 74.87
C LEU Z 383 16.61 -80.78 75.25
N ASN Z 384 16.64 -81.06 76.55
CA ASN Z 384 17.22 -82.30 77.05
C ASN Z 384 16.31 -82.91 78.10
N ASN Z 385 16.39 -84.23 78.20
CA ASN Z 385 15.78 -85.01 79.28
C ASN Z 385 16.93 -85.80 79.87
N GLY Z 386 17.55 -85.26 80.90
CA GLY Z 386 18.81 -85.83 81.35
C GLY Z 386 19.87 -85.57 80.30
N SER Z 387 20.60 -86.62 79.93
CA SER Z 387 21.57 -86.52 78.86
C SER Z 387 20.99 -86.82 77.49
N GLN Z 388 19.70 -87.15 77.42
CA GLN Z 388 19.06 -87.51 76.17
C GLN Z 388 18.38 -86.31 75.54
N ALA Z 389 18.30 -86.33 74.22
CA ALA Z 389 17.50 -85.35 73.50
C ALA Z 389 16.05 -85.80 73.47
N VAL Z 390 15.16 -84.85 73.21
CA VAL Z 390 13.76 -85.14 72.99
C VAL Z 390 13.47 -84.86 71.52
N GLY Z 391 12.26 -85.23 71.09
CA GLY Z 391 11.88 -85.01 69.71
C GLY Z 391 11.86 -83.55 69.31
N ARG Z 392 11.69 -82.65 70.28
CA ARG Z 392 11.69 -81.23 69.99
C ARG Z 392 13.10 -80.63 69.96
N SER Z 393 14.12 -81.42 70.30
CA SER Z 393 15.48 -80.91 70.25
C SER Z 393 15.86 -80.55 68.82
N SER Z 394 16.49 -79.39 68.66
CA SER Z 394 16.86 -78.87 67.36
C SER Z 394 18.34 -79.06 67.13
N PHE Z 395 18.71 -79.56 65.96
CA PHE Z 395 20.08 -79.60 65.51
C PHE Z 395 20.27 -78.55 64.43
N TYR Z 396 21.31 -77.74 64.55
CA TYR Z 396 21.61 -76.70 63.59
C TYR Z 396 22.96 -76.96 62.95
N CYS Z 397 22.97 -77.00 61.63
CA CYS Z 397 24.22 -77.03 60.87
C CYS Z 397 24.52 -75.61 60.43
N LEU Z 398 25.64 -75.06 60.88
CA LEU Z 398 25.98 -73.70 60.54
C LEU Z 398 26.47 -73.59 59.10
N GLU Z 399 26.89 -74.70 58.49
CA GLU Z 399 27.17 -74.69 57.06
C GLU Z 399 25.91 -74.54 56.24
N TYR Z 400 24.74 -74.78 56.83
CA TYR Z 400 23.47 -74.59 56.16
C TYR Z 400 23.09 -73.13 56.03
N PHE Z 401 24.00 -72.23 56.35
CA PHE Z 401 23.78 -70.81 56.20
C PHE Z 401 24.66 -70.27 55.07
N PRO Z 402 24.23 -69.21 54.38
CA PRO Z 402 25.13 -68.54 53.44
C PRO Z 402 26.25 -67.85 54.21
N SER Z 403 27.48 -68.18 53.85
CA SER Z 403 28.65 -67.60 54.48
C SER Z 403 29.53 -66.97 53.43
N GLN Z 404 30.13 -65.84 53.76
CA GLN Z 404 31.15 -65.26 52.91
C GLN Z 404 32.45 -66.01 53.16
N MET Z 405 33.09 -66.48 52.09
CA MET Z 405 34.40 -67.12 52.20
C MET Z 405 35.47 -66.09 51.86
N LEU Z 406 36.51 -66.03 52.69
CA LEU Z 406 37.50 -64.98 52.61
C LEU Z 406 38.87 -65.61 52.46
N ARG Z 407 39.59 -65.22 51.43
CA ARG Z 407 41.01 -65.52 51.35
C ARG Z 407 41.78 -64.39 52.03
N THR Z 408 43.11 -64.47 51.98
CA THR Z 408 43.93 -63.53 52.73
C THR Z 408 43.74 -62.10 52.27
N GLY Z 409 43.32 -61.89 51.02
CA GLY Z 409 43.08 -60.55 50.53
C GLY Z 409 41.69 -60.01 50.75
N ASN Z 410 40.78 -60.81 51.28
CA ASN Z 410 39.40 -60.40 51.45
C ASN Z 410 39.17 -59.83 52.84
N ASN Z 411 38.11 -59.04 52.95
CA ASN Z 411 37.67 -58.54 54.23
C ASN Z 411 36.15 -58.69 54.34
N PHE Z 412 35.68 -58.71 55.57
CA PHE Z 412 34.27 -58.86 55.87
C PHE Z 412 33.82 -57.67 56.71
N GLN Z 413 32.62 -57.18 56.43
CA GLN Z 413 32.09 -56.11 57.24
C GLN Z 413 30.58 -56.11 57.18
N PHE Z 414 29.97 -55.64 58.25
CA PHE Z 414 28.54 -55.42 58.28
C PHE Z 414 28.22 -54.32 59.28
N THR Z 415 27.07 -53.71 59.11
CA THR Z 415 26.59 -52.68 60.01
C THR Z 415 25.29 -53.13 60.64
N TYR Z 416 25.05 -52.66 61.86
CA TYR Z 416 23.86 -53.04 62.61
C TYR Z 416 23.36 -51.80 63.32
N THR Z 417 22.04 -51.64 63.36
CA THR Z 417 21.40 -50.55 64.08
C THR Z 417 20.68 -51.10 65.28
N PHE Z 418 20.99 -50.58 66.45
CA PHE Z 418 20.28 -50.97 67.66
C PHE Z 418 18.85 -50.46 67.62
N GLU Z 419 17.93 -51.27 68.12
CA GLU Z 419 16.56 -50.80 68.28
C GLU Z 419 16.50 -49.72 69.34
N ASP Z 420 15.39 -49.00 69.36
CA ASP Z 420 15.20 -47.97 70.38
C ASP Z 420 15.12 -48.63 71.75
N VAL Z 421 16.17 -48.47 72.55
CA VAL Z 421 16.28 -49.09 73.86
C VAL Z 421 16.31 -47.96 74.87
N PRO Z 422 15.78 -48.14 76.08
CA PRO Z 422 15.87 -47.07 77.07
C PRO Z 422 17.32 -46.79 77.46
N PHE Z 423 17.59 -45.53 77.79
CA PHE Z 423 18.89 -45.17 78.32
C PHE Z 423 19.16 -45.95 79.61
N HIS Z 424 20.38 -46.47 79.74
CA HIS Z 424 20.77 -47.03 81.02
C HIS Z 424 20.87 -45.91 82.06
N SER Z 425 20.36 -46.17 83.25
CA SER Z 425 20.38 -45.19 84.32
C SER Z 425 21.79 -45.08 84.86
N SER Z 426 22.56 -44.14 84.30
CA SER Z 426 23.93 -43.90 84.76
C SER Z 426 23.95 -42.88 85.88
N TYR Z 427 23.11 -43.11 86.89
CA TYR Z 427 22.94 -42.18 87.99
C TYR Z 427 22.42 -42.94 89.19
N ALA Z 428 22.66 -42.39 90.37
CA ALA Z 428 22.03 -42.86 91.59
C ALA Z 428 21.07 -41.80 92.08
N HIS Z 429 19.96 -42.24 92.67
CA HIS Z 429 18.98 -41.30 93.15
C HIS Z 429 19.48 -40.61 94.41
N SER Z 430 19.34 -39.28 94.45
CA SER Z 430 19.70 -38.50 95.63
C SER Z 430 18.54 -38.36 96.59
N GLN Z 431 17.42 -39.01 96.30
CA GLN Z 431 16.28 -39.05 97.20
C GLN Z 431 15.87 -40.51 97.38
N SER Z 432 15.34 -40.82 98.55
CA SER Z 432 14.79 -42.13 98.82
C SER Z 432 13.29 -42.14 98.53
N LEU Z 433 12.77 -43.30 98.17
CA LEU Z 433 11.36 -43.40 97.80
C LEU Z 433 10.45 -43.07 98.98
N ASP Z 434 10.87 -43.38 100.20
CA ASP Z 434 10.07 -43.08 101.37
C ASP Z 434 10.34 -41.69 101.93
N ARG Z 435 11.12 -40.88 101.23
CA ARG Z 435 11.48 -39.54 101.68
C ARG Z 435 11.26 -38.53 100.57
N LEU Z 436 10.16 -38.65 99.84
CA LEU Z 436 9.83 -37.75 98.75
C LEU Z 436 8.97 -36.58 99.18
N MET Z 437 8.61 -36.52 100.45
CA MET Z 437 7.67 -35.53 100.96
C MET Z 437 8.40 -34.29 101.49
N ASN Z 438 7.63 -33.23 101.64
CA ASN Z 438 8.11 -32.00 102.26
C ASN Z 438 8.30 -32.25 103.75
N PRO Z 439 9.50 -32.08 104.29
CA PRO Z 439 9.74 -32.34 105.71
C PRO Z 439 9.27 -31.24 106.65
N LEU Z 440 8.57 -30.23 106.16
CA LEU Z 440 8.11 -29.13 106.99
C LEU Z 440 6.60 -29.08 107.15
N ILE Z 441 5.85 -29.75 106.29
CA ILE Z 441 4.40 -29.62 106.22
C ILE Z 441 3.77 -30.94 106.60
N ASP Z 442 2.72 -30.88 107.42
CA ASP Z 442 1.94 -32.07 107.71
C ASP Z 442 1.13 -32.49 106.50
N GLN Z 443 0.74 -33.76 106.48
CA GLN Z 443 -0.21 -34.24 105.50
C GLN Z 443 -1.63 -33.89 105.95
N TYR Z 444 -2.51 -33.66 104.98
CA TYR Z 444 -3.92 -33.54 105.31
C TYR Z 444 -4.59 -34.89 105.48
N LEU Z 445 -3.94 -35.96 105.04
CA LEU Z 445 -4.45 -37.31 105.24
C LEU Z 445 -4.13 -37.79 106.65
N TYR Z 446 -5.01 -38.60 107.19
CA TYR Z 446 -4.83 -39.19 108.50
C TYR Z 446 -4.47 -40.66 108.37
N TYR Z 447 -3.78 -41.17 109.39
CA TYR Z 447 -3.51 -42.60 109.50
C TYR Z 447 -3.96 -43.06 110.87
N LEU Z 448 -4.33 -44.34 110.95
CA LEU Z 448 -4.66 -44.93 112.24
C LEU Z 448 -3.43 -44.94 113.12
N SER Z 449 -3.41 -44.10 114.15
CA SER Z 449 -2.23 -43.95 114.98
C SER Z 449 -2.28 -44.75 116.26
N ARG Z 450 -3.48 -45.01 116.81
CA ARG Z 450 -3.61 -45.83 118.00
C ARG Z 450 -4.90 -46.63 117.92
N THR Z 451 -4.84 -47.85 118.46
CA THR Z 451 -6.02 -48.69 118.59
C THR Z 451 -6.38 -48.97 120.04
N GLN Z 452 -5.64 -48.41 120.99
CA GLN Z 452 -5.85 -48.66 122.41
C GLN Z 452 -5.63 -47.36 123.17
N THR Z 453 -6.47 -47.12 124.17
CA THR Z 453 -6.38 -45.89 124.96
C THR Z 453 -5.10 -45.85 125.79
N ASN Z 459 -6.32 -50.28 129.85
CA ASN Z 459 -6.65 -49.58 128.63
C ASN Z 459 -7.64 -50.37 127.79
N THR Z 460 -8.46 -49.65 127.03
CA THR Z 460 -9.52 -50.24 126.23
C THR Z 460 -9.30 -49.93 124.77
N GLN Z 461 -10.09 -50.58 123.92
CA GLN Z 461 -10.01 -50.34 122.48
C GLN Z 461 -10.49 -48.93 122.15
N THR Z 462 -9.86 -48.35 121.15
CA THR Z 462 -10.23 -47.04 120.65
C THR Z 462 -9.72 -46.92 119.22
N LEU Z 463 -10.06 -45.83 118.57
CA LEU Z 463 -9.54 -45.51 117.23
C LEU Z 463 -9.02 -44.08 117.27
N GLY Z 464 -7.71 -43.93 117.31
CA GLY Z 464 -7.06 -42.63 117.26
C GLY Z 464 -6.38 -42.45 115.91
N PHE Z 465 -6.59 -41.28 115.33
CA PHE Z 465 -6.06 -40.96 114.01
C PHE Z 465 -5.20 -39.72 114.10
N SER Z 466 -4.04 -39.76 113.45
CA SER Z 466 -3.11 -38.66 113.45
C SER Z 466 -2.76 -38.31 112.01
N GLN Z 467 -2.32 -37.07 111.81
CA GLN Z 467 -1.86 -36.63 110.51
C GLN Z 467 -0.37 -36.92 110.40
N GLY Z 468 0.02 -37.56 109.29
CA GLY Z 468 1.43 -37.77 109.03
C GLY Z 468 2.17 -36.46 108.89
N GLY Z 469 3.31 -36.35 109.56
CA GLY Z 469 4.06 -35.12 109.55
C GLY Z 469 5.55 -35.37 109.50
N PRO Z 470 6.33 -34.32 109.77
CA PRO Z 470 7.79 -34.45 109.71
C PRO Z 470 8.35 -35.49 110.65
N ASN Z 471 7.69 -35.75 111.77
CA ASN Z 471 8.20 -36.69 112.74
C ASN Z 471 7.69 -38.11 112.53
N THR Z 472 6.44 -38.26 112.11
CA THR Z 472 5.87 -39.57 111.80
C THR Z 472 5.97 -39.86 110.30
N MET Z 473 7.20 -39.80 109.81
CA MET Z 473 7.43 -39.89 108.38
C MET Z 473 7.23 -41.30 107.86
N ALA Z 474 7.43 -42.30 108.71
CA ALA Z 474 7.15 -43.67 108.32
C ALA Z 474 5.66 -43.94 108.17
N ASN Z 475 4.81 -43.15 108.83
CA ASN Z 475 3.36 -43.36 108.78
C ASN Z 475 2.69 -42.57 107.65
N GLN Z 476 3.41 -41.69 106.98
CA GLN Z 476 2.78 -40.83 105.99
C GLN Z 476 2.23 -41.63 104.82
N ALA Z 477 1.11 -41.15 104.28
CA ALA Z 477 0.60 -41.70 103.05
C ALA Z 477 1.57 -41.43 101.91
N LYS Z 478 1.81 -42.44 101.08
CA LYS Z 478 2.78 -42.35 100.02
C LYS Z 478 2.19 -42.91 98.74
N ASN Z 479 2.72 -42.46 97.61
CA ASN Z 479 2.18 -42.81 96.30
C ASN Z 479 2.85 -44.02 95.68
N TRP Z 480 4.00 -44.45 96.17
CA TRP Z 480 4.80 -45.42 95.45
C TRP Z 480 5.33 -46.48 96.41
N LEU Z 481 5.68 -47.63 95.84
CA LEU Z 481 6.22 -48.75 96.57
C LEU Z 481 7.59 -49.11 96.01
N PRO Z 482 8.47 -49.67 96.84
CA PRO Z 482 9.77 -50.13 96.34
C PRO Z 482 9.59 -51.28 95.37
N GLY Z 483 10.58 -51.42 94.49
CA GLY Z 483 10.56 -52.45 93.48
C GLY Z 483 10.41 -53.85 94.03
N PRO Z 484 10.25 -54.82 93.14
CA PRO Z 484 9.97 -56.19 93.59
C PRO Z 484 11.18 -56.82 94.27
N CYS Z 485 10.88 -57.84 95.07
CA CYS Z 485 11.88 -58.49 95.90
C CYS Z 485 11.86 -59.99 95.67
N TYR Z 486 13.05 -60.59 95.63
CA TYR Z 486 13.21 -62.04 95.59
C TYR Z 486 14.38 -62.35 96.52
N ARG Z 487 14.07 -62.56 97.80
CA ARG Z 487 15.07 -62.43 98.86
C ARG Z 487 16.21 -63.42 98.68
N GLN Z 488 17.42 -62.92 98.87
CA GLN Z 488 18.64 -63.71 98.81
C GLN Z 488 19.24 -63.86 100.20
N GLN Z 489 19.98 -64.94 100.39
CA GLN Z 489 20.68 -65.14 101.65
C GLN Z 489 21.83 -64.16 101.78
N ARG Z 490 22.04 -63.67 102.98
CA ARG Z 490 23.09 -62.69 103.25
C ARG Z 490 24.40 -63.40 103.59
N VAL Z 491 25.47 -62.98 102.94
CA VAL Z 491 26.81 -63.51 103.20
C VAL Z 491 27.71 -62.34 103.57
N SER Z 492 28.50 -62.53 104.61
CA SER Z 492 29.44 -61.52 105.07
C SER Z 492 30.82 -61.79 104.48
N THR Z 493 31.47 -60.75 103.97
CA THR Z 493 32.86 -60.89 103.55
C THR Z 493 33.78 -61.15 104.73
N THR Z 494 33.36 -60.78 105.93
CA THR Z 494 34.02 -61.21 107.16
C THR Z 494 33.53 -62.62 107.46
N THR Z 495 34.34 -63.62 107.11
CA THR Z 495 33.86 -65.00 107.10
C THR Z 495 33.46 -65.47 108.49
N GLY Z 496 34.08 -64.93 109.54
CA GLY Z 496 33.72 -65.32 110.89
C GLY Z 496 32.29 -65.01 111.25
N GLN Z 497 31.66 -64.05 110.56
CA GLN Z 497 30.27 -63.73 110.79
C GLN Z 497 29.31 -64.64 110.05
N ASN Z 498 29.81 -65.53 109.19
CA ASN Z 498 28.97 -66.43 108.43
C ASN Z 498 28.74 -67.73 109.21
N ASN Z 499 27.65 -68.40 108.87
CA ASN Z 499 27.38 -69.71 109.43
C ASN Z 499 28.45 -70.70 109.00
N ASN Z 500 28.89 -71.53 109.93
CA ASN Z 500 29.93 -72.53 109.64
C ASN Z 500 29.28 -73.74 108.95
N SER Z 501 28.94 -73.52 107.69
CA SER Z 501 28.37 -74.57 106.85
C SER Z 501 28.57 -74.17 105.40
N ASN Z 502 28.44 -75.15 104.51
CA ASN Z 502 28.55 -74.94 103.07
C ASN Z 502 27.14 -74.73 102.55
N PHE Z 503 26.72 -73.47 102.46
CA PHE Z 503 25.34 -73.15 102.11
C PHE Z 503 25.24 -72.34 100.83
N ALA Z 504 26.30 -72.27 100.02
CA ALA Z 504 26.24 -71.49 98.80
C ALA Z 504 25.15 -72.00 97.87
N TRP Z 505 24.99 -73.31 97.76
CA TRP Z 505 23.95 -73.90 96.94
C TRP Z 505 22.69 -74.23 97.73
N THR Z 506 22.84 -74.83 98.91
CA THR Z 506 21.67 -75.25 99.68
C THR Z 506 20.82 -74.05 100.10
N ALA Z 507 21.46 -72.97 100.53
CA ALA Z 507 20.76 -71.75 100.88
C ALA Z 507 20.68 -70.77 99.71
N GLY Z 508 21.14 -71.17 98.53
CA GLY Z 508 21.08 -70.29 97.39
C GLY Z 508 19.66 -69.96 96.99
N THR Z 509 19.47 -68.75 96.49
CA THR Z 509 18.17 -68.32 96.00
C THR Z 509 18.01 -68.81 94.57
N LYS Z 510 16.99 -69.64 94.34
CA LYS Z 510 16.89 -70.40 93.12
C LYS Z 510 15.52 -70.22 92.49
N TYR Z 511 15.44 -70.51 91.21
CA TYR Z 511 14.19 -70.73 90.53
C TYR Z 511 14.12 -72.17 90.05
N HIS Z 512 12.89 -72.65 89.87
CA HIS Z 512 12.62 -74.03 89.50
C HIS Z 512 12.02 -74.05 88.10
N LEU Z 513 12.63 -74.80 87.20
CA LEU Z 513 12.18 -74.86 85.82
C LEU Z 513 12.31 -76.29 85.32
N ASN Z 514 11.18 -76.91 85.00
CA ASN Z 514 11.14 -78.28 84.47
C ASN Z 514 11.91 -79.25 85.37
N GLY Z 515 11.63 -79.18 86.66
CA GLY Z 515 12.29 -80.05 87.61
C GLY Z 515 13.76 -79.79 87.81
N ARG Z 516 14.28 -78.68 87.29
CA ARG Z 516 15.68 -78.33 87.40
C ARG Z 516 15.80 -77.07 88.24
N ASN Z 517 16.71 -77.08 89.20
CA ASN Z 517 16.96 -75.92 90.04
C ASN Z 517 18.15 -75.14 89.50
N SER Z 518 17.96 -73.85 89.32
CA SER Z 518 19.01 -72.95 88.87
C SER Z 518 19.04 -71.76 89.80
N LEU Z 519 20.24 -71.29 90.11
CA LEU Z 519 20.37 -70.09 90.93
C LEU Z 519 19.73 -68.91 90.24
N ALA Z 520 18.99 -68.10 91.00
CA ALA Z 520 18.51 -66.81 90.53
C ALA Z 520 19.68 -65.84 90.64
N ASN Z 521 20.61 -65.97 89.70
CA ASN Z 521 21.92 -65.35 89.77
C ASN Z 521 22.14 -64.47 88.56
N PRO Z 522 22.27 -63.14 88.72
CA PRO Z 522 22.23 -62.45 90.01
C PRO Z 522 20.81 -62.13 90.46
N GLY Z 523 19.82 -62.56 89.70
CA GLY Z 523 18.45 -62.29 90.05
C GLY Z 523 18.04 -60.87 89.74
N ILE Z 524 16.87 -60.49 90.27
CA ILE Z 524 16.34 -59.16 90.02
C ILE Z 524 17.19 -58.11 90.71
N ALA Z 525 17.16 -56.90 90.17
CA ALA Z 525 17.96 -55.80 90.68
C ALA Z 525 17.47 -55.41 92.07
N MET Z 526 18.26 -55.72 93.08
CA MET Z 526 18.00 -55.29 94.44
C MET Z 526 19.27 -54.71 95.03
N ALA Z 527 19.10 -53.82 96.00
CA ALA Z 527 20.25 -53.23 96.67
C ALA Z 527 21.07 -54.32 97.35
N THR Z 528 22.39 -54.26 97.15
CA THR Z 528 23.27 -55.29 97.69
C THR Z 528 23.20 -55.33 99.20
N HIS Z 529 23.14 -54.18 99.85
CA HIS Z 529 23.12 -54.09 101.30
C HIS Z 529 22.49 -52.75 101.66
N LYS Z 530 22.13 -52.62 102.93
CA LYS Z 530 21.61 -51.36 103.43
C LYS Z 530 22.75 -50.51 103.95
N ASP Z 531 22.42 -49.41 104.62
CA ASP Z 531 23.43 -48.49 105.11
C ASP Z 531 24.37 -49.16 106.09
N ASP Z 532 25.67 -48.88 105.94
CA ASP Z 532 26.71 -49.34 106.87
C ASP Z 532 26.81 -50.85 106.93
N GLU Z 533 26.50 -51.54 105.84
CA GLU Z 533 26.59 -53.00 105.77
C GLU Z 533 27.28 -53.44 104.50
N GLU Z 534 28.37 -52.73 104.13
CA GLU Z 534 29.06 -53.03 102.90
C GLU Z 534 29.65 -54.43 102.89
N ARG Z 535 29.95 -54.99 104.08
CA ARG Z 535 30.51 -56.33 104.16
C ARG Z 535 29.52 -57.41 103.76
N PHE Z 536 28.24 -57.10 103.68
CA PHE Z 536 27.20 -58.08 103.36
C PHE Z 536 26.87 -58.03 101.88
N PHE Z 537 26.66 -59.19 101.28
CA PHE Z 537 26.20 -59.28 99.92
C PHE Z 537 25.25 -60.46 99.78
N PRO Z 538 24.29 -60.37 98.86
CA PRO Z 538 23.46 -61.53 98.57
C PRO Z 538 24.31 -62.67 98.01
N SER Z 539 23.98 -63.90 98.40
CA SER Z 539 24.85 -65.03 98.10
C SER Z 539 25.02 -65.23 96.60
N ASN Z 540 23.95 -65.09 95.84
CA ASN Z 540 24.03 -65.13 94.38
C ASN Z 540 23.22 -64.00 93.77
N GLY Z 541 23.40 -62.79 94.32
CA GLY Z 541 22.62 -61.65 93.90
C GLY Z 541 23.43 -60.47 93.39
N ILE Z 542 24.72 -60.68 93.13
CA ILE Z 542 25.59 -59.64 92.61
C ILE Z 542 26.45 -60.22 91.50
N LEU Z 543 26.92 -59.34 90.63
CA LEU Z 543 27.95 -59.71 89.67
C LEU Z 543 29.29 -59.77 90.37
N ILE Z 544 30.01 -60.86 90.18
CA ILE Z 544 31.33 -61.06 90.77
C ILE Z 544 32.31 -61.22 89.63
N PHE Z 545 33.22 -60.27 89.50
CA PHE Z 545 34.28 -60.35 88.51
C PHE Z 545 35.56 -60.86 89.15
N GLY Z 546 36.34 -61.60 88.38
CA GLY Z 546 37.61 -62.10 88.87
C GLY Z 546 38.71 -61.10 88.60
N LYS Z 547 39.62 -60.98 89.55
CA LYS Z 547 40.83 -60.24 89.31
C LYS Z 547 41.70 -61.00 88.31
N GLN Z 548 42.71 -60.32 87.79
CA GLN Z 548 43.60 -60.96 86.83
C GLN Z 548 44.26 -62.18 87.46
N ASN Z 549 44.29 -63.28 86.71
CA ASN Z 549 44.87 -64.54 87.15
C ASN Z 549 44.11 -65.16 88.32
N ALA Z 550 42.83 -64.82 88.48
CA ALA Z 550 42.01 -65.51 89.46
C ALA Z 550 41.72 -66.92 88.99
N ALA Z 551 41.70 -67.86 89.95
CA ALA Z 551 41.43 -69.25 89.62
C ALA Z 551 40.01 -69.42 89.08
N ARG Z 552 39.87 -70.37 88.15
CA ARG Z 552 38.54 -70.67 87.63
C ARG Z 552 37.63 -71.23 88.72
N ASP Z 553 38.15 -72.12 89.56
CA ASP Z 553 37.36 -72.75 90.62
C ASP Z 553 37.93 -72.37 91.98
N ASN Z 554 37.02 -72.07 92.91
CA ASN Z 554 37.37 -71.80 94.31
C ASN Z 554 38.41 -70.69 94.43
N ALA Z 555 38.19 -69.60 93.70
CA ALA Z 555 39.00 -68.41 93.90
C ALA Z 555 38.68 -67.79 95.25
N ASP Z 556 39.70 -67.34 95.95
CA ASP Z 556 39.49 -66.71 97.24
C ASP Z 556 38.82 -65.35 97.05
N TYR Z 557 38.26 -64.83 98.16
CA TYR Z 557 37.61 -63.53 98.10
C TYR Z 557 38.57 -62.44 97.66
N SER Z 558 39.84 -62.58 97.98
CA SER Z 558 40.83 -61.59 97.55
C SER Z 558 41.10 -61.64 96.06
N ASP Z 559 40.73 -62.74 95.39
CA ASP Z 559 40.95 -62.89 93.96
C ASP Z 559 39.75 -62.47 93.12
N VAL Z 560 38.66 -62.06 93.74
CA VAL Z 560 37.46 -61.68 93.00
C VAL Z 560 37.09 -60.25 93.36
N MET Z 561 36.24 -59.66 92.52
CA MET Z 561 35.81 -58.28 92.66
C MET Z 561 34.30 -58.29 92.78
N LEU Z 562 33.80 -58.08 94.00
CA LEU Z 562 32.36 -58.03 94.22
C LEU Z 562 31.82 -56.67 93.77
N THR Z 563 30.76 -56.69 92.98
CA THR Z 563 30.06 -55.47 92.68
C THR Z 563 29.06 -55.16 93.79
N SER Z 564 28.59 -53.93 93.82
CA SER Z 564 27.61 -53.51 94.81
C SER Z 564 26.54 -52.66 94.14
N GLU Z 565 25.29 -53.02 94.33
CA GLU Z 565 24.15 -52.24 93.84
C GLU Z 565 23.55 -51.39 94.95
N GLU Z 566 24.38 -50.87 95.85
CA GLU Z 566 23.87 -50.05 96.95
C GLU Z 566 23.27 -48.74 96.46
N GLU Z 567 23.58 -48.30 95.25
CA GLU Z 567 23.02 -47.06 94.76
C GLU Z 567 21.51 -47.13 94.59
N ILE Z 568 20.95 -48.32 94.45
CA ILE Z 568 19.51 -48.48 94.26
C ILE Z 568 18.79 -48.75 95.56
N LYS Z 569 19.45 -48.55 96.70
CA LYS Z 569 18.77 -48.60 98.00
C LYS Z 569 17.58 -47.67 98.04
N THR Z 570 17.66 -46.55 97.32
CA THR Z 570 16.63 -45.52 97.39
C THR Z 570 15.31 -46.00 96.81
N THR Z 571 15.35 -46.94 95.92
CA THR Z 571 14.14 -47.40 95.24
C THR Z 571 13.94 -48.91 95.32
N ASN Z 572 15.02 -49.68 95.28
CA ASN Z 572 14.88 -51.13 95.31
C ASN Z 572 15.10 -51.64 96.72
N PRO Z 573 14.35 -52.66 97.13
CA PRO Z 573 14.59 -53.27 98.44
C PRO Z 573 15.95 -53.93 98.50
N VAL Z 574 16.49 -54.01 99.72
CA VAL Z 574 17.77 -54.69 99.92
C VAL Z 574 17.62 -56.17 99.61
N ALA Z 575 18.59 -56.71 98.87
CA ALA Z 575 18.48 -58.07 98.36
C ALA Z 575 18.36 -59.10 99.47
N THR Z 576 18.93 -58.83 100.64
CA THR Z 576 18.96 -59.79 101.72
C THR Z 576 17.92 -59.52 102.79
N GLU Z 577 17.03 -58.56 102.56
CA GLU Z 577 15.99 -58.21 103.51
C GLU Z 577 14.63 -58.54 102.92
N GLU Z 578 13.65 -58.64 103.80
CA GLU Z 578 12.27 -58.84 103.35
C GLU Z 578 11.74 -57.59 102.65
N TYR Z 579 10.79 -57.82 101.74
CA TYR Z 579 10.16 -56.69 101.07
C TYR Z 579 9.37 -55.84 102.05
N GLY Z 580 8.64 -56.49 102.95
CA GLY Z 580 7.79 -55.76 103.86
C GLY Z 580 7.00 -56.71 104.72
N ILE Z 581 5.93 -56.18 105.29
CA ILE Z 581 5.10 -56.91 106.24
C ILE Z 581 3.66 -56.83 105.78
N VAL Z 582 2.96 -57.97 105.78
CA VAL Z 582 1.55 -58.02 105.47
C VAL Z 582 0.82 -58.70 106.62
N ALA Z 583 -0.47 -58.45 106.70
CA ALA Z 583 -1.31 -59.12 107.68
C ALA Z 583 -1.47 -60.59 107.32
N ASP Z 584 -1.44 -61.45 108.33
CA ASP Z 584 -1.58 -62.88 108.12
C ASP Z 584 -2.91 -63.43 108.61
N ASN Z 585 -3.74 -62.63 109.26
CA ASN Z 585 -5.00 -63.10 109.81
C ASN Z 585 -5.96 -61.92 109.92
N LEU Z 586 -7.10 -62.15 110.53
CA LEU Z 586 -8.07 -61.12 110.85
C LEU Z 586 -8.11 -60.97 112.36
N GLN Z 587 -7.62 -59.85 112.87
CA GLN Z 587 -7.63 -59.62 114.30
C GLN Z 587 -9.05 -59.42 114.79
N GLN Z 588 -9.34 -59.99 115.97
CA GLN Z 588 -10.59 -59.78 116.67
C GLN Z 588 -10.26 -59.47 118.12
N GLN Z 589 -11.29 -59.24 118.93
CA GLN Z 589 -11.06 -58.99 120.35
C GLN Z 589 -10.44 -60.19 121.04
N ASN Z 590 -10.52 -61.38 120.45
CA ASN Z 590 -9.91 -62.56 121.03
C ASN Z 590 -8.67 -63.05 120.30
N THR Z 591 -8.41 -62.58 119.08
CA THR Z 591 -7.25 -63.00 118.30
C THR Z 591 -6.38 -61.78 118.01
N ALA Z 592 -5.15 -61.80 118.53
CA ALA Z 592 -4.23 -60.72 118.25
C ALA Z 592 -3.83 -60.72 116.78
N PRO Z 593 -3.60 -59.54 116.20
CA PRO Z 593 -3.18 -59.50 114.80
C PRO Z 593 -1.85 -60.18 114.59
N GLN Z 594 -1.74 -60.90 113.48
CA GLN Z 594 -0.53 -61.59 113.10
C GLN Z 594 0.01 -60.99 111.81
N ILE Z 595 1.32 -60.94 111.69
CA ILE Z 595 1.96 -60.35 110.54
C ILE Z 595 2.78 -61.41 109.80
N GLY Z 596 2.82 -61.28 108.48
CA GLY Z 596 3.60 -62.15 107.64
C GLY Z 596 4.74 -61.37 107.01
N THR Z 597 5.90 -62.00 106.96
CA THR Z 597 7.08 -61.38 106.37
C THR Z 597 7.14 -61.72 104.88
N VAL Z 598 7.13 -60.69 104.04
CA VAL Z 598 7.12 -60.88 102.58
C VAL Z 598 8.57 -61.01 102.13
N ASN Z 599 8.99 -62.24 101.83
CA ASN Z 599 10.33 -62.50 101.33
C ASN Z 599 10.40 -62.57 99.82
N SER Z 600 9.26 -62.53 99.15
CA SER Z 600 9.22 -62.53 97.70
C SER Z 600 7.99 -61.73 97.28
N GLN Z 601 8.20 -60.66 96.53
CA GLN Z 601 7.11 -59.78 96.14
C GLN Z 601 7.20 -59.53 94.65
N GLY Z 602 6.17 -59.97 93.93
CA GLY Z 602 6.06 -59.65 92.52
C GLY Z 602 5.56 -58.24 92.31
N ALA Z 603 5.37 -57.89 91.04
CA ALA Z 603 5.01 -56.52 90.70
C ALA Z 603 3.69 -56.12 91.33
N LEU Z 604 3.69 -54.95 91.96
CA LEU Z 604 2.50 -54.32 92.50
C LEU Z 604 2.31 -52.96 91.84
N PRO Z 605 1.08 -52.51 91.65
CA PRO Z 605 0.86 -51.17 91.10
C PRO Z 605 1.48 -50.11 91.99
N GLY Z 606 2.03 -49.08 91.36
CA GLY Z 606 2.73 -48.06 92.09
C GLY Z 606 4.16 -48.41 92.45
N MET Z 607 4.64 -49.58 92.06
CA MET Z 607 6.00 -49.97 92.37
C MET Z 607 6.95 -49.35 91.36
N VAL Z 608 8.09 -48.87 91.86
CA VAL Z 608 9.14 -48.34 91.01
C VAL Z 608 10.45 -48.99 91.42
N TRP Z 609 11.37 -49.12 90.47
CA TRP Z 609 12.64 -49.77 90.74
C TRP Z 609 13.67 -49.32 89.73
N GLN Z 610 14.92 -49.56 90.07
CA GLN Z 610 16.05 -49.34 89.17
C GLN Z 610 16.57 -50.69 88.68
N ASN Z 611 17.14 -50.69 87.49
CA ASN Z 611 17.80 -51.88 86.98
C ASN Z 611 19.17 -52.03 87.62
N ARG Z 612 19.76 -53.20 87.43
CA ARG Z 612 21.14 -53.41 87.85
C ARG Z 612 22.07 -52.49 87.08
N ASP Z 613 23.12 -52.04 87.76
CA ASP Z 613 24.11 -51.20 87.10
C ASP Z 613 24.88 -52.01 86.06
N VAL Z 614 25.38 -51.32 85.05
CA VAL Z 614 26.33 -51.91 84.13
C VAL Z 614 27.73 -51.58 84.60
N TYR Z 615 28.69 -52.38 84.15
CA TYR Z 615 30.08 -52.25 84.58
C TYR Z 615 30.98 -52.26 83.37
N LEU Z 616 32.15 -51.65 83.54
CA LEU Z 616 33.14 -51.63 82.47
C LEU Z 616 33.48 -53.06 82.04
N GLN Z 617 33.58 -53.97 82.99
CA GLN Z 617 33.82 -55.38 82.70
C GLN Z 617 32.56 -56.17 82.42
N GLY Z 618 31.39 -55.58 82.60
CA GLY Z 618 30.15 -56.31 82.51
C GLY Z 618 29.59 -56.41 81.11
N PRO Z 619 28.50 -57.17 80.96
CA PRO Z 619 27.86 -57.30 79.65
C PRO Z 619 27.15 -56.02 79.23
N ILE Z 620 26.99 -55.88 77.93
CA ILE Z 620 26.31 -54.72 77.35
C ILE Z 620 24.85 -55.03 77.05
N TRP Z 621 24.57 -56.12 76.36
CA TRP Z 621 23.23 -56.43 75.91
C TRP Z 621 22.95 -57.90 76.12
N ALA Z 622 21.66 -58.23 76.13
CA ALA Z 622 21.20 -59.60 76.05
C ALA Z 622 20.03 -59.66 75.09
N LYS Z 623 19.86 -60.80 74.44
CA LYS Z 623 18.70 -61.01 73.60
C LYS Z 623 17.49 -61.30 74.48
N ILE Z 624 16.43 -60.52 74.30
CA ILE Z 624 15.18 -60.81 74.97
C ILE Z 624 14.63 -62.10 74.37
N PRO Z 625 14.37 -63.12 75.16
CA PRO Z 625 13.84 -64.37 74.59
C PRO Z 625 12.52 -64.11 73.87
N HIS Z 626 12.35 -64.79 72.75
CA HIS Z 626 11.13 -64.66 71.95
C HIS Z 626 10.02 -65.43 72.65
N THR Z 627 9.23 -64.73 73.45
CA THR Z 627 8.15 -65.35 74.20
C THR Z 627 6.89 -64.51 74.04
N ASP Z 628 5.76 -65.11 74.44
CA ASP Z 628 4.50 -64.40 74.41
C ASP Z 628 4.51 -63.21 75.35
N GLY Z 629 5.05 -63.39 76.55
CA GLY Z 629 5.04 -62.34 77.53
C GLY Z 629 6.38 -62.23 78.23
N ASN Z 630 6.74 -61.00 78.57
CA ASN Z 630 7.85 -60.73 79.46
C ASN Z 630 7.46 -59.54 80.33
N PHE Z 631 8.09 -59.43 81.48
CA PHE Z 631 7.88 -58.31 82.36
C PHE Z 631 9.21 -57.58 82.54
N HIS Z 632 9.23 -56.31 82.15
CA HIS Z 632 10.41 -55.45 82.22
C HIS Z 632 11.62 -56.19 81.65
N PRO Z 633 11.68 -56.40 80.34
CA PRO Z 633 12.73 -57.27 79.79
C PRO Z 633 14.10 -56.63 79.80
N SER Z 634 14.53 -56.21 80.95
CA SER Z 634 15.90 -55.75 81.15
C SER Z 634 16.75 -56.92 81.65
N PRO Z 635 17.86 -57.22 81.00
CA PRO Z 635 18.64 -58.40 81.39
C PRO Z 635 19.09 -58.30 82.84
N LEU Z 636 19.05 -59.44 83.53
CA LEU Z 636 19.26 -59.43 84.97
C LEU Z 636 20.71 -59.18 85.34
N MET Z 637 21.67 -59.68 84.55
CA MET Z 637 23.05 -59.33 84.80
C MET Z 637 23.40 -57.93 84.31
N GLY Z 638 22.42 -57.14 83.93
CA GLY Z 638 22.63 -55.77 83.55
C GLY Z 638 22.78 -55.59 82.06
N GLY Z 639 22.48 -54.39 81.61
CA GLY Z 639 22.63 -54.03 80.22
C GLY Z 639 21.31 -53.77 79.53
N PHE Z 640 21.35 -53.86 78.21
CA PHE Z 640 20.22 -53.50 77.37
C PHE Z 640 19.57 -54.77 76.85
N GLY Z 641 18.27 -54.90 77.09
CA GLY Z 641 17.52 -56.00 76.53
C GLY Z 641 17.07 -55.66 75.12
N LEU Z 642 17.45 -56.49 74.17
CA LEU Z 642 17.15 -56.23 72.76
C LEU Z 642 16.39 -57.40 72.18
N LYS Z 643 15.26 -57.11 71.52
CA LYS Z 643 14.56 -58.14 70.77
C LYS Z 643 15.43 -58.63 69.61
N HIS Z 644 16.15 -57.72 68.96
CA HIS Z 644 17.03 -58.04 67.84
C HIS Z 644 18.42 -57.50 68.19
N PRO Z 645 19.18 -58.25 68.98
CA PRO Z 645 20.50 -57.77 69.41
C PRO Z 645 21.48 -57.79 68.26
N PRO Z 646 22.71 -57.31 68.47
CA PRO Z 646 23.74 -57.49 67.46
C PRO Z 646 23.86 -58.96 67.09
N PRO Z 647 23.82 -59.27 65.79
CA PRO Z 647 23.78 -60.67 65.38
C PRO Z 647 25.07 -61.39 65.74
N GLN Z 648 24.93 -62.69 65.99
CA GLN Z 648 26.11 -63.52 66.18
C GLN Z 648 26.93 -63.55 64.90
N ILE Z 649 28.23 -63.37 65.03
CA ILE Z 649 29.16 -63.41 63.91
C ILE Z 649 29.93 -64.71 64.02
N LEU Z 650 29.63 -65.66 63.13
CA LEU Z 650 30.21 -66.99 63.17
C LEU Z 650 31.37 -67.04 62.18
N ILE Z 651 32.48 -67.61 62.61
CA ILE Z 651 33.69 -67.68 61.80
C ILE Z 651 34.25 -69.09 61.91
N LYS Z 652 34.75 -69.60 60.78
CA LYS Z 652 35.31 -70.94 60.75
C LYS Z 652 36.40 -71.00 59.71
N ASN Z 653 37.46 -71.75 60.01
CA ASN Z 653 38.44 -72.09 59.00
C ASN Z 653 37.83 -73.13 58.07
N THR Z 654 37.82 -72.84 56.78
CA THR Z 654 37.32 -73.81 55.82
C THR Z 654 38.22 -75.04 55.83
N PRO Z 655 37.67 -76.24 56.00
CA PRO Z 655 38.51 -77.43 56.02
C PRO Z 655 39.26 -77.59 54.70
N VAL Z 656 40.54 -77.88 54.81
CA VAL Z 656 41.38 -78.17 53.65
C VAL Z 656 41.82 -79.63 53.75
N PRO Z 657 41.27 -80.53 52.94
CA PRO Z 657 41.64 -81.94 53.05
C PRO Z 657 43.12 -82.14 52.78
N ALA Z 658 43.70 -83.10 53.48
CA ALA Z 658 44.99 -83.63 53.08
C ALA Z 658 44.81 -84.46 51.81
N ASP Z 659 45.88 -85.07 51.33
CA ASP Z 659 45.80 -85.78 50.07
C ASP Z 659 44.83 -86.95 50.19
N PRO Z 660 43.78 -86.99 49.38
CA PRO Z 660 42.86 -88.13 49.43
C PRO Z 660 43.50 -89.35 48.80
N PRO Z 661 42.94 -90.53 49.04
CA PRO Z 661 43.46 -91.73 48.38
C PRO Z 661 43.24 -91.65 46.87
N THR Z 662 44.04 -92.40 46.13
CA THR Z 662 43.94 -92.39 44.68
C THR Z 662 42.85 -93.32 44.17
N THR Z 663 42.20 -94.07 45.03
CA THR Z 663 41.03 -94.86 44.69
C THR Z 663 39.84 -94.31 45.47
N PHE Z 664 38.69 -94.24 44.81
CA PHE Z 664 37.55 -93.57 45.40
C PHE Z 664 37.08 -94.26 46.67
N ASN Z 665 36.80 -93.45 47.69
CA ASN Z 665 36.20 -93.91 48.93
C ASN Z 665 35.03 -92.99 49.24
N GLN Z 666 33.86 -93.58 49.47
CA GLN Z 666 32.66 -92.80 49.73
C GLN Z 666 32.68 -92.14 51.11
N SER Z 667 33.52 -92.63 52.02
CA SER Z 667 33.52 -92.12 53.38
C SER Z 667 33.96 -90.66 53.39
N LYS Z 668 33.38 -89.90 54.32
CA LYS Z 668 33.77 -88.51 54.47
C LYS Z 668 35.24 -88.42 54.83
N LEU Z 669 35.90 -87.41 54.31
CA LEU Z 669 37.32 -87.23 54.57
C LEU Z 669 37.53 -86.80 56.00
N ASN Z 670 38.47 -87.45 56.68
CA ASN Z 670 38.83 -87.08 58.05
C ASN Z 670 40.28 -86.65 58.17
N SER Z 671 41.04 -86.68 57.08
CA SER Z 671 42.42 -86.24 57.07
C SER Z 671 42.47 -84.83 56.53
N PHE Z 672 42.79 -83.86 57.39
CA PHE Z 672 42.77 -82.47 57.01
C PHE Z 672 44.12 -81.84 57.31
N ILE Z 673 44.46 -80.84 56.50
CA ILE Z 673 45.65 -80.04 56.76
C ILE Z 673 45.44 -79.23 58.02
N THR Z 674 46.38 -79.34 58.96
CA THR Z 674 46.27 -78.60 60.21
C THR Z 674 46.41 -77.11 59.92
N GLN Z 675 45.47 -76.33 60.44
CA GLN Z 675 45.31 -74.98 59.92
C GLN Z 675 44.70 -74.10 61.00
N TYR Z 676 45.11 -72.84 61.02
CA TYR Z 676 44.50 -71.83 61.86
C TYR Z 676 44.56 -70.51 61.13
N SER Z 677 43.68 -69.60 61.52
CA SER Z 677 43.66 -68.28 60.90
C SER Z 677 43.85 -67.21 61.97
N THR Z 678 44.40 -66.09 61.54
CA THR Z 678 44.53 -64.92 62.37
C THR Z 678 44.15 -63.71 61.54
N GLY Z 679 43.76 -62.65 62.22
CA GLY Z 679 43.40 -61.43 61.53
C GLY Z 679 43.09 -60.35 62.52
N GLN Z 680 42.56 -59.25 62.01
CA GLN Z 680 42.13 -58.14 62.84
C GLN Z 680 40.63 -58.02 62.78
N VAL Z 681 40.04 -57.65 63.91
CA VAL Z 681 38.61 -57.42 64.01
C VAL Z 681 38.40 -56.00 64.52
N SER Z 682 37.54 -55.26 63.85
CA SER Z 682 37.19 -53.91 64.28
C SER Z 682 35.70 -53.87 64.57
N VAL Z 683 35.35 -53.33 65.73
CA VAL Z 683 33.96 -53.07 66.06
C VAL Z 683 33.84 -51.61 66.47
N GLU Z 684 32.94 -50.90 65.82
CA GLU Z 684 32.66 -49.50 66.11
C GLU Z 684 31.23 -49.39 66.59
N ILE Z 685 31.04 -48.85 67.79
CA ILE Z 685 29.71 -48.64 68.34
C ILE Z 685 29.52 -47.16 68.58
N GLU Z 686 28.42 -46.62 68.09
CA GLU Z 686 28.01 -45.26 68.40
C GLU Z 686 27.03 -45.31 69.56
N TRP Z 687 27.33 -44.57 70.62
CA TRP Z 687 26.50 -44.50 71.79
C TRP Z 687 25.87 -43.12 71.89
N GLU Z 688 24.58 -43.07 72.21
CA GLU Z 688 23.92 -41.82 72.51
C GLU Z 688 24.02 -41.55 74.00
N LEU Z 689 24.27 -40.29 74.35
CA LEU Z 689 24.47 -39.89 75.73
C LEU Z 689 23.30 -39.08 76.22
N GLN Z 690 22.93 -39.28 77.48
CA GLN Z 690 21.99 -38.42 78.18
C GLN Z 690 22.79 -37.51 79.09
N LYS Z 691 22.93 -36.25 78.69
CA LYS Z 691 23.67 -35.29 79.49
C LYS Z 691 22.94 -34.99 80.78
N GLU Z 692 23.69 -34.86 81.87
CA GLU Z 692 23.09 -34.49 83.14
C GLU Z 692 22.72 -33.01 83.13
N ASN Z 693 21.48 -32.72 83.49
CA ASN Z 693 21.00 -31.34 83.61
C ASN Z 693 20.53 -31.17 85.05
N SER Z 694 21.47 -30.86 85.93
CA SER Z 694 21.25 -30.91 87.37
C SER Z 694 21.49 -29.54 87.98
N LYS Z 695 20.63 -29.17 88.92
CA LYS Z 695 20.77 -27.93 89.68
C LYS Z 695 21.34 -28.18 91.07
N ARG Z 696 21.91 -29.35 91.29
CA ARG Z 696 22.59 -29.65 92.54
C ARG Z 696 23.70 -28.65 92.79
N TRP Z 697 23.77 -28.13 94.01
CA TRP Z 697 24.75 -27.10 94.32
C TRP Z 697 26.09 -27.70 94.71
N ASN Z 698 26.08 -28.68 95.61
CA ASN Z 698 27.32 -29.26 96.09
C ASN Z 698 27.92 -30.20 95.05
N PRO Z 699 29.22 -30.44 95.11
CA PRO Z 699 29.86 -31.30 94.11
C PRO Z 699 29.32 -32.72 94.16
N GLU Z 700 29.30 -33.36 93.00
CA GLU Z 700 28.85 -34.73 92.88
C GLU Z 700 29.97 -35.71 93.23
N ILE Z 701 29.59 -36.95 93.45
CA ILE Z 701 30.55 -38.03 93.54
C ILE Z 701 31.00 -38.39 92.14
N GLN Z 702 32.31 -38.51 91.94
CA GLN Z 702 32.89 -38.84 90.66
C GLN Z 702 33.81 -40.03 90.82
N TYR Z 703 33.87 -40.86 89.79
CA TYR Z 703 34.90 -41.87 89.78
C TYR Z 703 36.26 -41.23 89.53
N THR Z 704 37.22 -41.53 90.39
CA THR Z 704 38.54 -40.95 90.28
C THR Z 704 39.57 -42.02 90.57
N SER Z 705 40.73 -41.89 89.94
CA SER Z 705 41.86 -42.72 90.33
C SER Z 705 42.42 -42.23 91.65
N ASN Z 706 43.03 -43.14 92.39
CA ASN Z 706 43.63 -42.76 93.66
C ASN Z 706 44.86 -41.89 93.42
N TYR Z 707 44.98 -40.82 94.19
CA TYR Z 707 46.09 -39.90 94.02
C TYR Z 707 47.38 -40.45 94.60
N TYR Z 708 47.28 -41.29 95.63
CA TYR Z 708 48.45 -41.75 96.35
C TYR Z 708 49.29 -42.69 95.50
N LYS Z 709 50.58 -42.75 95.81
CA LYS Z 709 51.52 -43.55 95.02
C LYS Z 709 51.23 -45.03 95.14
N SER Z 710 51.65 -45.78 94.13
CA SER Z 710 51.45 -47.22 94.11
C SER Z 710 52.51 -47.86 93.24
N THR Z 711 52.66 -49.18 93.42
CA THR Z 711 53.67 -49.92 92.66
C THR Z 711 53.37 -49.87 91.16
N SER Z 712 52.09 -49.92 90.79
CA SER Z 712 51.70 -49.93 89.40
C SER Z 712 50.52 -48.99 89.21
N VAL Z 713 50.35 -48.54 87.97
CA VAL Z 713 49.21 -47.71 87.61
C VAL Z 713 47.99 -48.59 87.46
N ASP Z 714 46.88 -48.18 88.07
CA ASP Z 714 45.63 -48.91 87.92
C ASP Z 714 45.16 -48.85 86.47
N PHE Z 715 44.63 -49.97 85.99
CA PHE Z 715 44.21 -50.11 84.59
C PHE Z 715 45.38 -49.85 83.64
N ALA Z 716 46.50 -50.48 83.95
CA ALA Z 716 47.69 -50.45 83.11
C ALA Z 716 48.32 -51.83 83.15
N VAL Z 717 49.45 -51.97 82.50
CA VAL Z 717 50.19 -53.22 82.51
C VAL Z 717 51.17 -53.20 83.66
N ASN Z 718 51.54 -54.38 84.14
CA ASN Z 718 52.57 -54.52 85.15
C ASN Z 718 53.92 -54.70 84.47
N THR Z 719 54.94 -55.08 85.24
CA THR Z 719 56.27 -55.26 84.68
C THR Z 719 56.34 -56.44 83.71
N GLU Z 720 55.38 -57.35 83.76
CA GLU Z 720 55.36 -58.51 82.89
C GLU Z 720 54.48 -58.32 81.65
N GLY Z 721 53.91 -57.14 81.47
CA GLY Z 721 53.06 -56.89 80.34
C GLY Z 721 51.62 -57.32 80.50
N VAL Z 722 51.21 -57.71 81.71
CA VAL Z 722 49.86 -58.18 81.94
C VAL Z 722 48.98 -56.99 82.26
N TYR Z 723 47.96 -56.76 81.43
CA TYR Z 723 46.96 -55.76 81.71
C TYR Z 723 45.96 -56.30 82.73
N SER Z 724 45.64 -55.49 83.73
CA SER Z 724 44.71 -55.89 84.76
C SER Z 724 43.70 -54.78 85.02
N GLU Z 725 42.48 -55.18 85.36
CA GLU Z 725 41.48 -54.24 85.82
C GLU Z 725 41.34 -54.40 87.32
N PRO Z 726 41.80 -53.43 88.13
CA PRO Z 726 41.88 -53.68 89.57
C PRO Z 726 40.54 -53.70 90.28
N ARG Z 727 39.52 -53.05 89.73
CA ARG Z 727 38.23 -52.97 90.40
C ARG Z 727 37.14 -52.95 89.34
N PRO Z 728 35.92 -53.35 89.69
CA PRO Z 728 34.79 -53.17 88.77
C PRO Z 728 34.28 -51.74 88.87
N ILE Z 729 34.35 -51.00 87.78
CA ILE Z 729 33.86 -49.63 87.75
C ILE Z 729 32.38 -49.68 87.36
N GLY Z 730 31.52 -49.27 88.29
CA GLY Z 730 30.12 -49.16 87.99
C GLY Z 730 29.84 -47.98 87.09
N THR Z 731 28.60 -47.53 87.08
CA THR Z 731 28.21 -46.48 86.18
C THR Z 731 27.48 -45.34 86.90
N ARG Z 732 27.07 -45.54 88.14
CA ARG Z 732 26.18 -44.63 88.85
C ARG Z 732 27.00 -43.78 89.82
N TYR Z 733 27.39 -42.60 89.37
CA TYR Z 733 28.11 -41.64 90.20
C TYR Z 733 27.39 -40.30 90.30
N LEU Z 734 26.83 -39.82 89.19
CA LEU Z 734 25.99 -38.64 89.24
C LEU Z 734 24.67 -38.96 89.95
N THR Z 735 23.95 -37.91 90.32
CA THR Z 735 22.72 -38.07 91.08
C THR Z 735 21.56 -37.40 90.38
N ARG Z 736 20.37 -37.95 90.60
CA ARG Z 736 19.11 -37.35 90.19
C ARG Z 736 18.14 -37.40 91.35
N ASN Z 737 17.20 -36.45 91.36
CA ASN Z 737 16.06 -36.59 92.24
C ASN Z 737 15.15 -37.69 91.75
N LEU Z 738 14.33 -38.21 92.64
CA LEU Z 738 13.38 -39.23 92.26
C LEU Z 738 12.20 -38.60 91.53
N GLY AA 221 -37.76 -61.64 49.01
CA GLY AA 221 -38.88 -62.42 48.54
C GLY AA 221 -39.06 -63.74 49.26
N VAL AA 222 -40.31 -64.21 49.34
CA VAL AA 222 -40.60 -65.48 50.01
C VAL AA 222 -39.93 -66.62 49.27
N GLY AA 223 -39.99 -66.62 47.95
CA GLY AA 223 -39.51 -67.72 47.14
C GLY AA 223 -38.10 -67.59 46.63
N SER AA 224 -37.30 -66.67 47.14
CA SER AA 224 -35.93 -66.49 46.71
C SER AA 224 -34.99 -66.62 47.90
N SER AA 225 -33.90 -67.34 47.69
CA SER AA 225 -32.88 -67.49 48.73
C SER AA 225 -32.19 -66.16 49.01
N SER AA 226 -31.95 -65.88 50.28
CA SER AA 226 -31.28 -64.66 50.68
C SER AA 226 -29.78 -64.83 50.89
N GLY AA 227 -29.26 -66.02 50.61
CA GLY AA 227 -27.83 -66.25 50.74
C GLY AA 227 -27.50 -67.67 50.38
N ASN AA 228 -26.22 -67.90 50.11
CA ASN AA 228 -25.72 -69.20 49.71
C ASN AA 228 -24.91 -69.83 50.82
N TRP AA 229 -24.73 -71.14 50.71
CA TRP AA 229 -23.92 -71.88 51.66
C TRP AA 229 -22.45 -71.64 51.35
N HIS AA 230 -21.71 -71.15 52.34
CA HIS AA 230 -20.30 -70.81 52.18
C HIS AA 230 -19.51 -71.46 53.30
N CYS AA 231 -19.10 -72.71 53.10
CA CYS AA 231 -18.13 -73.37 53.95
C CYS AA 231 -16.89 -73.63 53.12
N ASP AA 232 -15.76 -73.07 53.56
CA ASP AA 232 -14.55 -73.13 52.76
C ASP AA 232 -13.41 -72.59 53.60
N SER AA 233 -12.20 -72.87 53.14
CA SER AA 233 -10.99 -72.26 53.68
C SER AA 233 -10.04 -72.02 52.52
N THR AA 234 -9.65 -70.77 52.32
CA THR AA 234 -8.74 -70.41 51.25
C THR AA 234 -7.43 -69.96 51.87
N TRP AA 235 -6.35 -70.66 51.54
CA TRP AA 235 -5.01 -70.30 51.99
C TRP AA 235 -4.32 -69.54 50.87
N LEU AA 236 -3.95 -68.30 51.15
CA LEU AA 236 -3.36 -67.43 50.14
C LEU AA 236 -2.24 -66.63 50.80
N GLY AA 237 -1.01 -67.03 50.55
CA GLY AA 237 0.12 -66.31 51.13
C GLY AA 237 0.14 -66.43 52.63
N ASP AA 238 0.21 -65.28 53.30
CA ASP AA 238 0.24 -65.21 54.75
C ASP AA 238 -1.15 -65.10 55.36
N ARG AA 239 -2.19 -65.33 54.58
CA ARG AA 239 -3.57 -65.29 55.06
C ARG AA 239 -4.23 -66.63 54.86
N VAL AA 240 -5.13 -66.97 55.77
CA VAL AA 240 -6.10 -68.02 55.55
C VAL AA 240 -7.48 -67.45 55.87
N ILE AA 241 -8.42 -67.64 54.96
CA ILE AA 241 -9.78 -67.15 55.13
C ILE AA 241 -10.67 -68.36 55.35
N THR AA 242 -11.12 -68.55 56.58
CA THR AA 242 -12.08 -69.58 56.90
C THR AA 242 -13.48 -69.01 56.81
N THR AA 243 -14.35 -69.71 56.11
CA THR AA 243 -15.77 -69.37 56.11
C THR AA 243 -16.56 -70.61 56.44
N SER AA 244 -17.54 -70.47 57.32
CA SER AA 244 -18.32 -71.60 57.76
C SER AA 244 -19.78 -71.22 57.80
N THR AA 245 -20.62 -72.10 57.27
CA THR AA 245 -22.06 -71.92 57.29
C THR AA 245 -22.68 -73.04 58.11
N ARG AA 246 -23.66 -72.69 58.93
CA ARG AA 246 -24.39 -73.67 59.72
C ARG AA 246 -25.88 -73.36 59.64
N THR AA 247 -26.69 -74.39 59.83
CA THR AA 247 -28.11 -74.22 60.00
C THR AA 247 -28.42 -74.13 61.48
N TRP AA 248 -29.14 -73.09 61.87
CA TRP AA 248 -29.50 -72.87 63.26
C TRP AA 248 -31.00 -72.98 63.44
N ALA AA 249 -31.42 -73.20 64.68
CA ALA AA 249 -32.82 -73.14 65.06
C ALA AA 249 -32.93 -72.31 66.32
N LEU AA 250 -33.78 -71.30 66.28
CA LEU AA 250 -33.97 -70.42 67.43
C LEU AA 250 -35.36 -70.61 68.00
N PRO AA 251 -35.50 -71.15 69.20
CA PRO AA 251 -36.82 -71.23 69.83
C PRO AA 251 -37.21 -69.89 70.42
N THR AA 252 -38.44 -69.83 70.91
CA THR AA 252 -38.84 -68.73 71.77
C THR AA 252 -38.34 -69.04 73.18
N TYR AA 253 -37.52 -68.15 73.71
CA TYR AA 253 -36.95 -68.31 75.04
C TYR AA 253 -37.77 -67.53 76.05
N ASN AA 254 -37.96 -68.13 77.23
CA ASN AA 254 -38.55 -67.46 78.38
C ASN AA 254 -40.00 -67.04 78.15
N ASN AA 255 -40.64 -67.56 77.11
CA ASN AA 255 -41.98 -67.09 76.71
C ASN AA 255 -41.99 -65.58 76.49
N HIS AA 256 -40.94 -65.10 75.82
CA HIS AA 256 -40.76 -63.69 75.46
C HIS AA 256 -40.55 -62.79 76.67
N LEU AA 257 -40.21 -63.35 77.82
CA LEU AA 257 -40.11 -62.57 79.06
C LEU AA 257 -38.66 -62.39 79.48
N TYR AA 258 -38.40 -61.29 80.17
CA TYR AA 258 -37.18 -61.15 80.95
C TYR AA 258 -37.46 -61.62 82.35
N LYS AA 259 -36.67 -62.56 82.83
CA LYS AA 259 -36.87 -63.12 84.17
C LYS AA 259 -35.64 -62.83 85.01
N GLN AA 260 -35.87 -62.30 86.21
CA GLN AA 260 -34.80 -62.22 87.17
C GLN AA 260 -34.47 -63.62 87.66
N ILE AA 261 -33.18 -63.95 87.67
CA ILE AA 261 -32.70 -65.25 88.12
C ILE AA 261 -31.70 -65.02 89.24
N SER AA 262 -31.73 -65.90 90.23
CA SER AA 262 -30.88 -65.74 91.40
C SER AA 262 -30.51 -67.11 91.95
N ASN AA 263 -29.53 -67.10 92.83
CA ASN AA 263 -29.13 -68.28 93.58
C ASN AA 263 -28.55 -67.79 94.89
N GLY AA 264 -29.12 -68.24 96.01
CA GLY AA 264 -28.67 -67.83 97.32
C GLY AA 264 -28.17 -69.01 98.13
N THR AA 265 -27.82 -68.71 99.38
CA THR AA 265 -27.31 -69.73 100.29
C THR AA 265 -28.45 -70.43 101.01
N ALA AA 269 -27.14 -73.95 98.17
CA ALA AA 269 -25.98 -73.45 97.46
C ALA AA 269 -25.03 -72.73 98.40
N THR AA 270 -23.74 -72.77 98.10
CA THR AA 270 -22.75 -72.08 98.90
C THR AA 270 -22.65 -70.62 98.45
N ASN AA 271 -22.01 -69.80 99.31
CA ASN AA 271 -21.82 -68.41 98.97
C ASN AA 271 -20.97 -68.24 97.72
N ASP AA 272 -20.06 -69.20 97.46
CA ASP AA 272 -19.20 -69.11 96.30
C ASP AA 272 -19.99 -69.20 94.99
N ASN AA 273 -21.20 -69.74 95.03
CA ASN AA 273 -21.98 -69.96 93.82
C ASN AA 273 -23.21 -69.08 93.73
N THR AA 274 -23.33 -68.07 94.58
CA THR AA 274 -24.48 -67.17 94.53
C THR AA 274 -24.38 -66.27 93.30
N TYR AA 275 -25.54 -65.88 92.79
CA TYR AA 275 -25.57 -64.93 91.69
C TYR AA 275 -26.92 -64.24 91.66
N PHE AA 276 -26.94 -63.08 91.01
CA PHE AA 276 -28.14 -62.38 90.64
C PHE AA 276 -27.98 -61.94 89.20
N GLY AA 277 -29.00 -62.18 88.39
CA GLY AA 277 -28.91 -61.82 87.00
C GLY AA 277 -30.26 -61.86 86.35
N TYR AA 278 -30.24 -61.85 85.01
CA TYR AA 278 -31.46 -61.83 84.25
C TYR AA 278 -31.38 -62.82 83.11
N SER AA 279 -32.44 -63.59 82.94
CA SER AA 279 -32.63 -64.41 81.76
C SER AA 279 -33.43 -63.58 80.75
N THR AA 280 -32.96 -63.54 79.53
CA THR AA 280 -33.60 -62.76 78.50
C THR AA 280 -34.27 -63.67 77.47
N PRO AA 281 -35.28 -63.17 76.76
CA PRO AA 281 -35.87 -63.95 75.67
C PRO AA 281 -35.03 -64.01 74.42
N TRP AA 282 -33.81 -63.49 74.45
CA TRP AA 282 -32.96 -63.40 73.27
C TRP AA 282 -32.01 -64.58 73.20
N GLY AA 283 -31.78 -65.05 72.00
CA GLY AA 283 -30.65 -65.91 71.73
C GLY AA 283 -29.44 -65.11 71.29
N TYR AA 284 -28.31 -65.78 71.16
CA TYR AA 284 -27.13 -65.11 70.67
C TYR AA 284 -26.29 -66.10 69.88
N PHE AA 285 -25.55 -65.57 68.91
CA PHE AA 285 -24.70 -66.39 68.06
C PHE AA 285 -23.29 -66.41 68.62
N ASP AA 286 -22.76 -67.61 68.79
CA ASP AA 286 -21.42 -67.81 69.30
C ASP AA 286 -20.61 -68.59 68.27
N PHE AA 287 -19.46 -68.06 67.89
CA PHE AA 287 -18.51 -68.77 67.07
C PHE AA 287 -17.11 -68.59 67.65
N ASN AA 288 -17.03 -68.61 68.97
CA ASN AA 288 -15.79 -68.36 69.70
C ASN AA 288 -15.04 -69.65 70.01
N ARG AA 289 -15.11 -70.63 69.12
CA ARG AA 289 -14.29 -71.83 69.19
C ARG AA 289 -13.62 -72.03 67.84
N PHE AA 290 -12.39 -72.52 67.86
CA PHE AA 290 -11.63 -72.62 66.63
C PHE AA 290 -12.25 -73.62 65.66
N HIS AA 291 -12.86 -74.69 66.17
CA HIS AA 291 -13.46 -75.67 65.27
C HIS AA 291 -14.72 -75.17 64.59
N CYS AA 292 -15.26 -74.03 65.02
CA CYS AA 292 -16.32 -73.38 64.26
C CYS AA 292 -15.83 -72.88 62.91
N HIS AA 293 -14.54 -72.72 62.74
CA HIS AA 293 -13.96 -72.12 61.55
C HIS AA 293 -12.94 -73.01 60.87
N PHE AA 294 -12.15 -73.76 61.62
CA PHE AA 294 -11.13 -74.62 61.06
C PHE AA 294 -11.61 -76.07 61.06
N SER AA 295 -11.59 -76.70 59.90
CA SER AA 295 -11.69 -78.13 59.85
C SER AA 295 -10.44 -78.74 60.48
N PRO AA 296 -10.52 -80.00 60.95
CA PRO AA 296 -9.32 -80.62 61.52
C PRO AA 296 -8.14 -80.63 60.55
N ARG AA 297 -8.39 -80.84 59.26
CA ARG AA 297 -7.33 -80.78 58.28
C ARG AA 297 -6.79 -79.36 58.13
N ASP AA 298 -7.67 -78.36 58.16
CA ASP AA 298 -7.23 -76.98 58.12
C ASP AA 298 -6.43 -76.62 59.36
N TRP AA 299 -6.86 -77.12 60.52
CA TRP AA 299 -6.10 -76.92 61.74
C TRP AA 299 -4.71 -77.55 61.64
N GLN AA 300 -4.63 -78.74 61.05
CA GLN AA 300 -3.33 -79.38 60.83
C GLN AA 300 -2.45 -78.53 59.92
N ARG AA 301 -3.04 -78.03 58.82
CA ARG AA 301 -2.30 -77.14 57.93
C ARG AA 301 -1.77 -75.93 58.68
N LEU AA 302 -2.59 -75.36 59.54
CA LEU AA 302 -2.19 -74.17 60.28
C LEU AA 302 -1.06 -74.47 61.25
N ILE AA 303 -1.22 -75.52 62.06
CA ILE AA 303 -0.30 -75.74 63.16
C ILE AA 303 1.00 -76.42 62.73
N ASN AA 304 1.00 -77.13 61.61
CA ASN AA 304 2.21 -77.80 61.18
C ASN AA 304 3.14 -76.90 60.38
N ASN AA 305 2.70 -75.71 60.00
CA ASN AA 305 3.42 -74.90 59.04
C ASN AA 305 3.60 -73.45 59.45
N ASN AA 306 3.01 -73.02 60.55
CA ASN AA 306 3.03 -71.62 60.92
C ASN AA 306 3.51 -71.46 62.36
N TRP AA 307 4.34 -70.44 62.59
CA TRP AA 307 4.78 -70.12 63.92
C TRP AA 307 3.74 -69.33 64.70
N GLY AA 308 2.76 -68.75 64.01
CA GLY AA 308 1.77 -67.96 64.70
C GLY AA 308 0.64 -67.61 63.76
N PHE AA 309 -0.45 -67.16 64.37
CA PHE AA 309 -1.62 -66.72 63.62
C PHE AA 309 -2.42 -65.78 64.51
N ARG AA 310 -3.28 -65.00 63.87
CA ARG AA 310 -4.15 -64.08 64.59
C ARG AA 310 -5.31 -63.73 63.69
N PRO AA 311 -6.50 -63.50 64.25
CA PRO AA 311 -7.62 -63.05 63.42
C PRO AA 311 -7.40 -61.62 62.96
N LYS AA 312 -7.89 -61.33 61.76
CA LYS AA 312 -7.77 -60.00 61.18
C LYS AA 312 -9.12 -59.31 61.02
N ARG AA 313 -10.07 -59.99 60.40
CA ARG AA 313 -11.40 -59.43 60.18
C ARG AA 313 -12.39 -60.57 60.13
N LEU AA 314 -13.65 -60.24 60.36
CA LEU AA 314 -14.70 -61.23 60.21
C LEU AA 314 -15.90 -60.60 59.52
N SER AA 315 -16.62 -61.42 58.78
CA SER AA 315 -17.92 -61.06 58.25
C SER AA 315 -18.92 -62.12 58.69
N PHE AA 316 -20.11 -61.67 59.05
CA PHE AA 316 -21.14 -62.51 59.62
C PHE AA 316 -22.41 -62.32 58.80
N LYS AA 317 -23.12 -63.41 58.53
CA LYS AA 317 -24.33 -63.34 57.73
C LYS AA 317 -25.41 -64.22 58.33
N LEU AA 318 -26.62 -63.68 58.37
CA LEU AA 318 -27.83 -64.44 58.66
C LEU AA 318 -28.71 -64.38 57.43
N PHE AA 319 -29.22 -65.53 57.00
CA PHE AA 319 -29.96 -65.57 55.75
C PHE AA 319 -30.81 -66.83 55.72
N ASN AA 320 -31.68 -66.90 54.71
CA ASN AA 320 -32.62 -68.00 54.54
C ASN AA 320 -33.42 -68.24 55.81
N ILE AA 321 -33.91 -67.16 56.38
CA ILE AA 321 -34.64 -67.20 57.63
C ILE AA 321 -36.03 -67.77 57.37
N GLN AA 322 -36.43 -68.74 58.18
CA GLN AA 322 -37.76 -69.30 58.14
C GLN AA 322 -38.34 -69.25 59.54
N VAL AA 323 -39.43 -68.52 59.70
CA VAL AA 323 -40.15 -68.48 60.97
C VAL AA 323 -41.34 -69.42 60.85
N LYS AA 324 -41.45 -70.34 61.78
CA LYS AA 324 -42.42 -71.41 61.69
C LYS AA 324 -43.36 -71.37 62.89
N GLU AA 325 -44.64 -71.58 62.61
CA GLU AA 325 -45.67 -71.62 63.64
C GLU AA 325 -46.01 -73.08 63.93
N VAL AA 326 -46.06 -73.43 65.19
CA VAL AA 326 -46.42 -74.78 65.62
C VAL AA 326 -47.69 -74.71 66.46
N THR AA 327 -48.67 -75.53 66.10
CA THR AA 327 -49.96 -75.54 66.78
C THR AA 327 -50.21 -76.84 67.50
N LYS AA 333 -49.71 -82.16 66.52
CA LYS AA 333 -48.82 -81.04 66.29
C LYS AA 333 -48.54 -80.84 64.81
N THR AA 334 -48.82 -79.64 64.32
CA THR AA 334 -48.51 -79.27 62.95
C THR AA 334 -47.61 -78.04 62.94
N ILE AA 335 -46.63 -78.04 62.05
CA ILE AA 335 -45.69 -76.93 61.90
C ILE AA 335 -45.96 -76.30 60.53
N ALA AA 336 -46.18 -75.00 60.53
CA ALA AA 336 -46.47 -74.27 59.30
C ALA AA 336 -45.59 -73.04 59.23
N ASN AA 337 -45.33 -72.59 58.00
CA ASN AA 337 -44.61 -71.35 57.80
C ASN AA 337 -45.46 -70.17 58.24
N ASN AA 338 -44.81 -69.22 58.93
CA ASN AA 338 -45.46 -67.92 59.28
C ASN AA 338 -44.70 -66.91 58.44
N LEU AA 339 -45.15 -66.66 57.21
CA LEU AA 339 -44.40 -65.86 56.25
C LEU AA 339 -44.24 -64.43 56.70
N THR AA 340 -45.17 -63.91 57.49
CA THR AA 340 -45.14 -62.52 57.90
C THR AA 340 -44.48 -62.30 59.26
N SER AA 341 -44.01 -63.37 59.90
CA SER AA 341 -43.34 -63.23 61.18
C SER AA 341 -41.90 -62.76 60.99
N THR AA 342 -41.37 -62.11 62.02
CA THR AA 342 -40.03 -61.56 61.97
C THR AA 342 -39.15 -62.14 63.07
N ILE AA 343 -37.86 -62.07 62.83
CA ILE AA 343 -36.85 -62.21 63.88
C ILE AA 343 -36.18 -60.86 64.03
N GLN AA 344 -35.67 -60.60 65.23
CA GLN AA 344 -34.93 -59.38 65.50
C GLN AA 344 -33.47 -59.74 65.74
N VAL AA 345 -32.58 -59.06 65.02
CA VAL AA 345 -31.15 -59.29 65.13
C VAL AA 345 -30.47 -57.94 65.33
N PHE AA 346 -29.56 -57.88 66.29
CA PHE AA 346 -28.69 -56.72 66.41
C PHE AA 346 -27.36 -57.17 66.99
N THR AA 347 -26.33 -56.40 66.68
CA THR AA 347 -25.02 -56.60 67.27
C THR AA 347 -24.78 -55.54 68.32
N ASP AA 348 -24.27 -55.95 69.47
CA ASP AA 348 -23.87 -55.03 70.52
C ASP AA 348 -22.52 -54.43 70.14
N SER AA 349 -22.56 -53.56 69.12
CA SER AA 349 -21.33 -53.02 68.54
C SER AA 349 -20.64 -52.03 69.47
N GLU AA 350 -21.38 -51.39 70.36
CA GLU AA 350 -20.81 -50.50 71.35
C GLU AA 350 -20.46 -51.19 72.65
N TYR AA 351 -20.65 -52.51 72.73
CA TYR AA 351 -20.31 -53.29 73.92
C TYR AA 351 -21.05 -52.75 75.15
N GLN AA 352 -22.31 -52.39 74.96
CA GLN AA 352 -23.13 -51.88 76.04
C GLN AA 352 -23.85 -52.96 76.82
N LEU AA 353 -23.84 -54.15 76.34
CA LEU AA 353 -24.43 -55.26 77.06
C LEU AA 353 -23.36 -56.06 77.79
N PRO AA 354 -23.72 -56.75 78.87
CA PRO AA 354 -22.76 -57.68 79.48
C PRO AA 354 -22.28 -58.69 78.45
N TYR AA 355 -20.97 -58.80 78.32
CA TYR AA 355 -20.36 -59.65 77.32
C TYR AA 355 -20.21 -61.05 77.89
N VAL AA 356 -21.07 -61.96 77.43
CA VAL AA 356 -21.06 -63.33 77.94
C VAL AA 356 -20.30 -64.29 77.03
N LEU AA 357 -19.90 -63.86 75.85
CA LEU AA 357 -18.94 -64.63 75.08
C LEU AA 357 -17.60 -64.62 75.81
N GLY AA 358 -16.75 -65.58 75.46
CA GLY AA 358 -15.49 -65.70 76.17
C GLY AA 358 -15.62 -66.26 77.55
N SER AA 359 -16.68 -67.01 77.83
CA SER AA 359 -16.78 -67.78 79.07
C SER AA 359 -16.82 -69.27 78.78
N ALA AA 360 -16.37 -69.68 77.59
CA ALA AA 360 -16.28 -71.09 77.20
C ALA AA 360 -17.63 -71.79 77.32
N HIS AA 361 -18.69 -71.12 76.90
CA HIS AA 361 -20.03 -71.68 77.00
C HIS AA 361 -20.37 -72.54 75.80
N GLN AA 362 -21.27 -73.49 76.01
CA GLN AA 362 -21.82 -74.26 74.91
C GLN AA 362 -22.71 -73.36 74.05
N GLY AA 363 -23.09 -73.88 72.90
CA GLY AA 363 -23.94 -73.14 71.99
C GLY AA 363 -23.21 -72.49 70.84
N CYS AA 364 -21.91 -72.70 70.71
CA CYS AA 364 -21.20 -72.21 69.55
C CYS AA 364 -21.63 -72.98 68.31
N LEU AA 365 -21.20 -72.48 67.16
CA LEU AA 365 -21.43 -73.19 65.92
C LEU AA 365 -20.79 -74.57 66.01
N PRO AA 366 -21.49 -75.63 65.58
CA PRO AA 366 -20.93 -76.97 65.73
C PRO AA 366 -19.70 -77.14 64.87
N PRO AA 367 -18.74 -77.97 65.29
CA PRO AA 367 -17.56 -78.21 64.45
C PRO AA 367 -17.90 -78.82 63.11
N PHE AA 368 -18.91 -79.68 63.05
CA PHE AA 368 -19.26 -80.35 61.80
C PHE AA 368 -20.25 -79.51 61.02
N PRO AA 369 -19.95 -79.14 59.77
CA PRO AA 369 -20.85 -78.24 59.02
C PRO AA 369 -22.24 -78.78 58.82
N ALA AA 370 -22.40 -80.10 58.71
CA ALA AA 370 -23.71 -80.68 58.51
C ALA AA 370 -24.59 -80.63 59.75
N ASP AA 371 -24.03 -80.19 60.88
CA ASP AA 371 -24.74 -80.26 62.15
C ASP AA 371 -25.64 -79.06 62.32
N VAL AA 372 -26.91 -79.29 62.64
CA VAL AA 372 -27.86 -78.22 62.92
C VAL AA 372 -27.86 -77.97 64.42
N PHE AA 373 -27.70 -76.71 64.81
CA PHE AA 373 -27.53 -76.38 66.22
C PHE AA 373 -28.60 -75.43 66.71
N MET AA 374 -28.87 -75.52 68.00
CA MET AA 374 -29.80 -74.65 68.70
C MET AA 374 -29.08 -73.42 69.21
N ILE AA 375 -29.69 -72.27 69.02
CA ILE AA 375 -29.06 -71.01 69.46
C ILE AA 375 -29.19 -70.89 70.97
N PRO AA 376 -28.10 -70.63 71.69
CA PRO AA 376 -28.18 -70.52 73.15
C PRO AA 376 -28.94 -69.28 73.59
N GLN AA 377 -29.55 -69.37 74.76
CA GLN AA 377 -30.30 -68.26 75.31
C GLN AA 377 -29.36 -67.26 75.98
N TYR AA 378 -29.59 -65.98 75.71
CA TYR AA 378 -28.77 -64.94 76.30
C TYR AA 378 -29.23 -64.64 77.72
N GLY AA 379 -28.30 -64.70 78.65
CA GLY AA 379 -28.53 -64.22 79.99
C GLY AA 379 -27.27 -63.56 80.49
N TYR AA 380 -27.40 -62.80 81.58
CA TYR AA 380 -26.25 -62.11 82.11
C TYR AA 380 -26.38 -62.01 83.62
N LEU AA 381 -25.26 -61.74 84.26
CA LEU AA 381 -25.20 -61.56 85.70
C LEU AA 381 -24.80 -60.14 86.01
N THR AA 382 -25.33 -59.64 87.12
CA THR AA 382 -24.94 -58.32 87.60
C THR AA 382 -24.50 -58.48 89.06
N LEU AA 383 -24.31 -57.37 89.76
CA LEU AA 383 -23.85 -57.45 91.13
C LEU AA 383 -24.88 -58.13 92.01
N ASN AA 384 -24.41 -58.99 92.90
CA ASN AA 384 -25.29 -59.70 93.81
C ASN AA 384 -24.72 -59.67 95.22
N ASN AA 385 -25.61 -59.74 96.20
CA ASN AA 385 -25.29 -59.94 97.60
C ASN AA 385 -26.10 -61.17 98.02
N GLY AA 386 -25.50 -62.34 97.91
CA GLY AA 386 -26.28 -63.56 98.02
C GLY AA 386 -27.18 -63.68 96.81
N SER AA 387 -28.46 -63.93 97.04
CA SER AA 387 -29.45 -63.96 95.97
C SER AA 387 -30.07 -62.61 95.69
N GLN AA 388 -29.70 -61.58 96.45
CA GLN AA 388 -30.29 -60.26 96.30
C GLN AA 388 -29.44 -59.39 95.38
N ALA AA 389 -30.10 -58.47 94.70
CA ALA AA 389 -29.40 -57.44 93.97
C ALA AA 389 -29.01 -56.30 94.89
N VAL AA 390 -28.04 -55.52 94.45
CA VAL AA 390 -27.67 -54.29 95.14
C VAL AA 390 -28.09 -53.12 94.26
N GLY AA 391 -27.98 -51.91 94.82
CA GLY AA 391 -28.35 -50.73 94.06
C GLY AA 391 -27.54 -50.53 92.81
N ARG AA 392 -26.33 -51.07 92.76
CA ARG AA 392 -25.50 -50.96 91.57
C ARG AA 392 -25.80 -52.02 90.53
N SER AA 393 -26.67 -52.97 90.83
CA SER AA 393 -27.03 -54.00 89.86
C SER AA 393 -27.71 -53.36 88.66
N SER AA 394 -27.30 -53.78 87.48
CA SER AA 394 -27.81 -53.23 86.22
C SER AA 394 -28.80 -54.20 85.59
N PHE AA 395 -29.93 -53.68 85.16
CA PHE AA 395 -30.89 -54.42 84.35
C PHE AA 395 -30.82 -53.89 82.94
N TYR AA 396 -30.71 -54.80 81.97
CA TYR AA 396 -30.64 -54.43 80.57
C TYR AA 396 -31.82 -55.02 79.83
N CYS AA 397 -32.55 -54.17 79.12
CA CYS AA 397 -33.58 -54.60 78.20
C CYS AA 397 -32.98 -54.61 76.80
N LEU AA 398 -32.92 -55.78 76.18
CA LEU AA 398 -32.33 -55.87 74.86
C LEU AA 398 -33.25 -55.30 73.79
N GLU AA 399 -34.55 -55.17 74.08
CA GLU AA 399 -35.43 -54.45 73.17
C GLU AA 399 -35.13 -52.96 73.16
N TYR AA 400 -34.40 -52.47 74.16
CA TYR AA 400 -34.00 -51.07 74.20
C TYR AA 400 -32.85 -50.78 73.24
N PHE AA 401 -32.51 -51.70 72.38
CA PHE AA 401 -31.50 -51.51 71.36
C PHE AA 401 -32.15 -51.45 69.99
N PRO AA 402 -31.57 -50.73 69.04
CA PRO AA 402 -32.04 -50.82 67.66
C PRO AA 402 -31.73 -52.20 67.08
N SER AA 403 -32.76 -52.88 66.60
CA SER AA 403 -32.60 -54.20 66.02
C SER AA 403 -33.17 -54.20 64.62
N GLN AA 404 -32.50 -54.93 63.73
CA GLN AA 404 -33.05 -55.17 62.41
C GLN AA 404 -34.09 -56.28 62.53
N MET AA 405 -35.28 -56.04 62.02
CA MET AA 405 -36.31 -57.06 61.97
C MET AA 405 -36.32 -57.69 60.59
N LEU AA 406 -36.36 -59.02 60.55
CA LEU AA 406 -36.17 -59.78 59.32
C LEU AA 406 -37.36 -60.68 59.10
N ARG AA 407 -38.00 -60.56 57.94
CA ARG AA 407 -38.94 -61.57 57.51
C ARG AA 407 -38.19 -62.63 56.73
N THR AA 408 -38.94 -63.60 56.20
CA THR AA 408 -38.32 -64.76 55.57
C THR AA 408 -37.46 -64.38 54.37
N GLY AA 409 -37.76 -63.26 53.72
CA GLY AA 409 -36.97 -62.82 52.59
C GLY AA 409 -35.79 -61.94 52.92
N ASN AA 410 -35.61 -61.57 54.18
CA ASN AA 410 -34.55 -60.65 54.57
C ASN AA 410 -33.32 -61.41 55.01
N ASN AA 411 -32.19 -60.72 54.96
CA ASN AA 411 -30.94 -61.26 55.49
C ASN AA 411 -30.25 -60.18 56.32
N PHE AA 412 -29.38 -60.63 57.20
CA PHE AA 412 -28.62 -59.76 58.09
C PHE AA 412 -27.14 -60.03 57.87
N GLN AA 413 -26.35 -58.97 57.88
CA GLN AA 413 -24.91 -59.14 57.76
C GLN AA 413 -24.20 -57.96 58.38
N PHE AA 414 -23.00 -58.23 58.90
CA PHE AA 414 -22.13 -57.17 59.37
C PHE AA 414 -20.70 -57.66 59.26
N THR AA 415 -19.78 -56.69 59.22
CA THR AA 415 -18.36 -56.97 59.18
C THR AA 415 -17.70 -56.39 60.41
N TYR AA 416 -16.62 -57.02 60.83
CA TYR AA 416 -15.89 -56.60 62.02
C TYR AA 416 -14.41 -56.75 61.75
N THR AA 417 -13.63 -55.79 62.21
CA THR AA 417 -12.18 -55.82 62.09
C THR AA 417 -11.56 -56.04 63.46
N PHE AA 418 -10.74 -57.07 63.59
CA PHE AA 418 -10.04 -57.31 64.83
C PHE AA 418 -8.99 -56.23 65.05
N GLU AA 419 -8.83 -55.83 66.31
CA GLU AA 419 -7.75 -54.92 66.65
C GLU AA 419 -6.42 -55.62 66.47
N ASP AA 420 -5.35 -54.83 66.44
CA ASP AA 420 -4.02 -55.40 66.34
C ASP AA 420 -3.72 -56.22 67.59
N VAL AA 421 -3.72 -57.54 67.45
CA VAL AA 421 -3.51 -58.44 68.58
C VAL AA 421 -2.20 -59.18 68.30
N PRO AA 422 -1.44 -59.57 69.31
CA PRO AA 422 -0.22 -60.34 69.04
C PRO AA 422 -0.55 -61.69 68.43
N PHE AA 423 0.37 -62.18 67.59
CA PHE AA 423 0.24 -63.53 67.07
C PHE AA 423 0.24 -64.53 68.21
N HIS AA 424 -0.65 -65.51 68.13
CA HIS AA 424 -0.56 -66.62 69.06
C HIS AA 424 0.69 -67.43 68.78
N SER AA 425 1.39 -67.81 69.84
CA SER AA 425 2.63 -68.58 69.70
C SER AA 425 2.27 -70.01 69.30
N SER AA 426 2.25 -70.26 68.00
CA SER AA 426 1.97 -71.60 67.49
C SER AA 426 3.26 -72.40 67.36
N TYR AA 427 4.05 -72.42 68.43
CA TYR AA 427 5.35 -73.06 68.44
C TYR AA 427 5.71 -73.41 69.87
N ALA AA 428 6.58 -74.39 70.02
CA ALA AA 428 7.20 -74.70 71.28
C ALA AA 428 8.68 -74.34 71.20
N HIS AA 429 9.23 -73.87 72.31
CA HIS AA 429 10.63 -73.49 72.31
C HIS AA 429 11.52 -74.72 72.29
N SER AA 430 12.52 -74.71 71.41
CA SER AA 430 13.50 -75.78 71.33
C SER AA 430 14.69 -75.55 72.27
N GLN AA 431 14.63 -74.49 73.06
CA GLN AA 431 15.64 -74.22 74.08
C GLN AA 431 14.93 -73.96 75.39
N SER AA 432 15.59 -74.32 76.48
CA SER AA 432 15.09 -74.02 77.81
C SER AA 432 15.69 -72.70 78.29
N LEU AA 433 14.95 -72.01 79.16
CA LEU AA 433 15.39 -70.70 79.64
C LEU AA 433 16.68 -70.79 80.43
N ASP AA 434 16.91 -71.90 81.14
CA ASP AA 434 18.13 -72.08 81.91
C ASP AA 434 19.24 -72.73 81.10
N ARG AA 435 19.05 -72.90 79.80
CA ARG AA 435 20.04 -73.52 78.92
C ARG AA 435 20.26 -72.67 77.67
N LEU AA 436 20.35 -71.36 77.86
CA LEU AA 436 20.55 -70.44 76.74
C LEU AA 436 22.03 -70.13 76.50
N MET AA 437 22.91 -70.69 77.31
CA MET AA 437 24.32 -70.36 77.27
C MET AA 437 25.10 -71.31 76.37
N ASN AA 438 26.29 -70.88 76.00
CA ASN AA 438 27.22 -71.71 75.25
C ASN AA 438 27.74 -72.81 76.16
N PRO AA 439 27.55 -74.08 75.82
CA PRO AA 439 27.99 -75.19 76.68
C PRO AA 439 29.48 -75.50 76.60
N LEU AA 440 30.27 -74.69 75.90
CA LEU AA 440 31.69 -74.94 75.76
C LEU AA 440 32.56 -73.91 76.47
N ILE AA 441 32.02 -72.76 76.80
CA ILE AA 441 32.80 -71.62 77.29
C ILE AA 441 32.38 -71.33 78.72
N ASP AA 442 33.38 -71.08 79.57
CA ASP AA 442 33.10 -70.63 80.92
C ASP AA 442 32.58 -69.20 80.91
N GLN AA 443 31.90 -68.84 81.98
CA GLN AA 443 31.53 -67.45 82.20
C GLN AA 443 32.69 -66.70 82.81
N TYR AA 444 32.80 -65.41 82.49
CA TYR AA 444 33.75 -64.57 83.19
C TYR AA 444 33.23 -64.11 84.54
N LEU AA 445 31.94 -64.27 84.80
CA LEU AA 445 31.37 -63.96 86.09
C LEU AA 445 31.60 -65.10 87.06
N TYR AA 446 31.78 -64.74 88.33
CA TYR AA 446 31.96 -65.71 89.40
C TYR AA 446 30.69 -65.83 90.23
N TYR AA 447 30.52 -66.99 90.84
CA TYR AA 447 29.47 -67.19 91.81
C TYR AA 447 30.09 -67.74 93.10
N LEU AA 448 29.43 -67.46 94.21
CA LEU AA 448 29.86 -68.02 95.48
C LEU AA 448 29.70 -69.53 95.45
N SER AA 449 30.80 -70.26 95.40
CA SER AA 449 30.75 -71.71 95.23
C SER AA 449 30.90 -72.46 96.53
N ARG AA 450 31.59 -71.90 97.53
CA ARG AA 450 31.71 -72.54 98.82
C ARG AA 450 31.76 -71.49 99.91
N THR AA 451 31.17 -71.83 101.06
CA THR AA 451 31.24 -70.99 102.24
C THR AA 451 31.99 -71.65 103.39
N GLN AA 452 32.50 -72.87 103.18
CA GLN AA 452 33.17 -73.62 104.22
C GLN AA 452 34.36 -74.34 103.61
N THR AA 453 35.48 -74.38 104.33
CA THR AA 453 36.69 -75.02 103.85
C THR AA 453 36.51 -76.53 103.71
N ASN AA 459 36.19 -78.08 109.65
CA ASN AA 459 36.19 -77.06 108.61
C ASN AA 459 35.69 -75.72 109.15
N THR AA 460 36.20 -74.64 108.57
CA THR AA 460 35.91 -73.28 109.02
C THR AA 460 35.25 -72.51 107.90
N GLN AA 461 34.74 -71.33 108.25
CA GLN AA 461 34.12 -70.46 107.26
C GLN AA 461 35.16 -69.94 106.28
N THR AA 462 34.72 -69.79 105.03
CA THR AA 462 35.55 -69.23 103.97
C THR AA 462 34.63 -68.69 102.90
N LEU AA 463 35.22 -68.06 101.89
CA LEU AA 463 34.49 -67.59 100.72
C LEU AA 463 35.24 -68.08 99.49
N GLY AA 464 34.70 -69.10 98.83
CA GLY AA 464 35.26 -69.62 97.60
C GLY AA 464 34.35 -69.25 96.44
N PHE AA 465 34.95 -68.76 95.37
CA PHE AA 465 34.22 -68.32 94.20
C PHE AA 465 34.70 -69.09 92.98
N SER AA 466 33.75 -69.52 92.16
CA SER AA 466 34.06 -70.27 90.96
C SER AA 466 33.36 -69.61 89.77
N GLN AA 467 33.90 -69.87 88.60
CA GLN AA 467 33.30 -69.39 87.36
C GLN AA 467 32.30 -70.42 86.86
N GLY AA 468 31.09 -69.97 86.56
CA GLY AA 468 30.09 -70.84 85.96
C GLY AA 468 30.57 -71.38 84.63
N GLY AA 469 30.42 -72.67 84.43
CA GLY AA 469 30.90 -73.29 83.21
C GLY AA 469 29.96 -74.37 82.72
N PRO AA 470 30.44 -75.18 81.78
CA PRO AA 470 29.59 -76.23 81.21
C PRO AA 470 29.08 -77.22 82.23
N ASN AA 471 29.82 -77.46 83.31
CA ASN AA 471 29.41 -78.44 84.31
C ASN AA 471 28.59 -77.84 85.43
N THR AA 472 28.88 -76.61 85.84
CA THR AA 472 28.09 -75.93 86.86
C THR AA 472 27.07 -75.00 86.21
N MET AA 473 26.23 -75.61 85.38
CA MET AA 473 25.32 -74.84 84.55
C MET AA 473 24.16 -74.28 85.37
N ALA AA 474 23.81 -74.94 86.48
CA ALA AA 474 22.80 -74.41 87.37
C ALA AA 474 23.28 -73.18 88.13
N ASN AA 475 24.58 -73.01 88.28
CA ASN AA 475 25.14 -71.88 89.01
C ASN AA 475 25.43 -70.67 88.13
N GLN AA 476 25.33 -70.80 86.82
CA GLN AA 476 25.72 -69.73 85.92
C GLN AA 476 24.83 -68.51 86.10
N ALA AA 477 25.44 -67.34 85.95
CA ALA AA 477 24.66 -66.11 85.89
C ALA AA 477 23.78 -66.11 84.66
N LYS AA 478 22.52 -65.70 84.83
CA LYS AA 478 21.55 -65.74 83.77
C LYS AA 478 20.79 -64.43 83.74
N ASN AA 479 20.25 -64.12 82.56
CA ASN AA 479 19.59 -62.84 82.34
C ASN AA 479 18.09 -62.86 82.58
N TRP AA 480 17.47 -64.04 82.66
CA TRP AA 480 16.03 -64.13 82.63
C TRP AA 480 15.53 -65.10 83.68
N LEU AA 481 14.28 -64.94 84.05
CA LEU AA 481 13.60 -65.78 85.02
C LEU AA 481 12.38 -66.43 84.40
N PRO AA 482 11.99 -67.61 84.87
CA PRO AA 482 10.77 -68.23 84.37
C PRO AA 482 9.55 -67.41 84.74
N GLY AA 483 8.50 -67.57 83.94
CA GLY AA 483 7.27 -66.84 84.14
C GLY AA 483 6.67 -67.03 85.52
N PRO AA 484 5.60 -66.28 85.79
CA PRO AA 484 5.03 -66.29 87.14
C PRO AA 484 4.35 -67.62 87.45
N CYS AA 485 4.21 -67.87 88.74
CA CYS AA 485 3.70 -69.15 89.25
C CYS AA 485 2.54 -68.90 90.21
N TYR AA 486 1.51 -69.74 90.11
CA TYR AA 486 0.40 -69.78 91.06
C TYR AA 486 0.10 -71.26 91.29
N ARG AA 487 0.78 -71.85 92.26
CA ARG AA 487 0.92 -73.30 92.32
C ARG AA 487 -0.42 -74.00 92.44
N GLN AA 488 -0.58 -75.06 91.67
CA GLN AA 488 -1.77 -75.90 91.68
C GLN AA 488 -1.44 -77.26 92.29
N GLN AA 489 -2.46 -77.89 92.85
CA GLN AA 489 -2.28 -79.24 93.39
C GLN AA 489 -2.12 -80.23 92.25
N ARG AA 490 -1.25 -81.21 92.47
CA ARG AA 490 -0.95 -82.22 91.46
C ARG AA 490 -1.91 -83.39 91.59
N VAL AA 491 -2.50 -83.79 90.47
CA VAL AA 491 -3.40 -84.93 90.41
C VAL AA 491 -2.84 -85.92 89.39
N SER AA 492 -2.82 -87.19 89.75
CA SER AA 492 -2.35 -88.24 88.87
C SER AA 492 -3.53 -88.89 88.17
N THR AA 493 -3.40 -89.09 86.86
CA THR AA 493 -4.41 -89.86 86.13
C THR AA 493 -4.42 -91.31 86.56
N THR AA 494 -3.33 -91.80 87.13
CA THR AA 494 -3.32 -93.09 87.83
C THR AA 494 -3.89 -92.85 89.21
N THR AA 495 -5.18 -93.18 89.40
CA THR AA 495 -5.90 -92.76 90.59
C THR AA 495 -5.29 -93.34 91.86
N GLY AA 496 -4.69 -94.52 91.77
CA GLY AA 496 -4.06 -95.11 92.95
C GLY AA 496 -2.95 -94.28 93.54
N GLN AA 497 -2.34 -93.40 92.74
CA GLN AA 497 -1.30 -92.52 93.24
C GLN AA 497 -1.84 -91.26 93.89
N ASN AA 498 -3.15 -91.04 93.84
CA ASN AA 498 -3.76 -89.87 94.44
C ASN AA 498 -4.13 -90.15 95.90
N ASN AA 499 -4.23 -89.07 96.67
CA ASN AA 499 -4.72 -89.17 98.03
C ASN AA 499 -6.16 -89.66 98.05
N ASN AA 500 -6.47 -90.55 98.98
CA ASN AA 500 -7.82 -91.09 99.08
C ASN AA 500 -8.69 -90.10 99.85
N SER AA 501 -9.04 -89.02 99.16
CA SER AA 501 -9.92 -88.00 99.70
C SER AA 501 -10.52 -87.21 98.54
N ASN AA 502 -11.59 -86.50 98.82
CA ASN AA 502 -12.24 -85.65 97.83
C ASN AA 502 -11.67 -84.24 98.00
N PHE AA 503 -10.63 -83.93 97.24
CA PHE AA 503 -9.90 -82.68 97.39
C PHE AA 503 -9.96 -81.79 96.16
N ALA AA 504 -10.87 -82.07 95.23
CA ALA AA 504 -10.94 -81.26 94.01
C ALA AA 504 -11.22 -79.80 94.33
N TRP AA 505 -12.11 -79.56 95.29
CA TRP AA 505 -12.44 -78.20 95.72
C TRP AA 505 -11.62 -77.76 96.92
N THR AA 506 -11.50 -78.61 97.95
CA THR AA 506 -10.80 -78.22 99.16
C THR AA 506 -9.34 -77.91 98.90
N ALA AA 507 -8.68 -78.72 98.07
CA ALA AA 507 -7.30 -78.49 97.68
C ALA AA 507 -7.19 -77.70 96.38
N GLY AA 508 -8.32 -77.25 95.83
CA GLY AA 508 -8.27 -76.51 94.59
C GLY AA 508 -7.55 -75.18 94.75
N THR AA 509 -6.88 -74.77 93.69
CA THR AA 509 -6.19 -73.49 93.66
C THR AA 509 -7.20 -72.41 93.31
N LYS AA 510 -7.38 -71.46 94.22
CA LYS AA 510 -8.50 -70.54 94.15
C LYS AA 510 -8.02 -69.11 94.28
N TYR AA 511 -8.86 -68.19 93.81
CA TYR AA 511 -8.74 -66.79 94.14
C TYR AA 511 -9.95 -66.36 94.94
N HIS AA 512 -9.77 -65.29 95.71
CA HIS AA 512 -10.77 -64.77 96.62
C HIS AA 512 -11.21 -63.40 96.13
N LEU AA 513 -12.51 -63.24 95.91
CA LEU AA 513 -13.06 -61.99 95.41
C LEU AA 513 -14.37 -61.70 96.12
N ASN AA 514 -14.41 -60.62 96.87
CA ASN AA 514 -15.61 -60.17 97.58
C ASN AA 514 -16.20 -61.29 98.44
N GLY AA 515 -15.34 -61.93 99.21
CA GLY AA 515 -15.77 -63.01 100.07
C GLY AA 515 -16.22 -64.26 99.36
N ARG AA 516 -15.98 -64.35 98.06
CA ARG AA 516 -16.37 -65.50 97.26
C ARG AA 516 -15.12 -66.20 96.76
N ASN AA 517 -15.08 -67.52 96.89
CA ASN AA 517 -13.96 -68.31 96.42
C ASN AA 517 -14.30 -68.88 95.05
N SER AA 518 -13.41 -68.69 94.10
CA SER AA 518 -13.55 -69.23 92.76
C SER AA 518 -12.24 -69.91 92.39
N LEU AA 519 -12.36 -71.05 91.71
CA LEU AA 519 -11.17 -71.74 91.24
C LEU AA 519 -10.38 -70.85 90.28
N ALA AA 520 -9.06 -70.84 90.44
CA ALA AA 520 -8.18 -70.23 89.46
C ALA AA 520 -8.03 -71.23 88.32
N ASN AA 521 -9.07 -71.30 87.50
CA ASN AA 521 -9.25 -72.37 86.53
C ASN AA 521 -9.38 -71.78 85.14
N PRO AA 522 -8.45 -72.05 84.22
CA PRO AA 522 -7.28 -72.90 84.44
C PRO AA 522 -6.11 -72.14 85.07
N GLY AA 523 -6.32 -70.88 85.38
CA GLY AA 523 -5.26 -70.07 85.97
C GLY AA 523 -4.24 -69.63 84.94
N ILE AA 524 -3.12 -69.13 85.47
CA ILE AA 524 -2.06 -68.61 84.61
C ILE AA 524 -1.40 -69.77 83.85
N ALA AA 525 -0.82 -69.43 82.71
CA ALA AA 525 -0.19 -70.43 81.85
C ALA AA 525 1.04 -70.99 82.54
N MET AA 526 0.96 -72.24 82.98
CA MET AA 526 2.10 -72.95 83.52
C MET AA 526 2.18 -74.33 82.87
N ALA AA 527 3.38 -74.87 82.83
CA ALA AA 527 3.58 -76.20 82.28
C ALA AA 527 2.77 -77.22 83.07
N THR AA 528 2.06 -78.08 82.35
CA THR AA 528 1.18 -79.05 83.01
C THR AA 528 1.97 -79.99 83.91
N HIS AA 529 3.14 -80.42 83.44
CA HIS AA 529 3.97 -81.36 84.18
C HIS AA 529 5.40 -81.18 83.70
N LYS AA 530 6.33 -81.75 84.45
CA LYS AA 530 7.73 -81.74 84.03
C LYS AA 530 8.02 -82.99 83.21
N ASP AA 531 9.30 -83.23 82.93
CA ASP AA 531 9.69 -84.35 82.10
C ASP AA 531 9.26 -85.68 82.72
N ASP AA 532 8.73 -86.57 81.88
CA ASP AA 532 8.39 -87.93 82.26
C ASP AA 532 7.31 -87.98 83.35
N GLU AA 533 6.42 -87.00 83.38
CA GLU AA 533 5.34 -86.96 84.35
C GLU AA 533 4.03 -86.63 83.67
N GLU AA 534 3.78 -87.24 82.50
CA GLU AA 534 2.57 -86.94 81.74
C GLU AA 534 1.31 -87.31 82.50
N ARG AA 535 1.40 -88.29 83.41
CA ARG AA 535 0.24 -88.70 84.18
C ARG AA 535 -0.23 -87.64 85.18
N PHE AA 536 0.59 -86.64 85.46
CA PHE AA 536 0.25 -85.61 86.43
C PHE AA 536 -0.32 -84.38 85.72
N PHE AA 537 -1.34 -83.78 86.33
CA PHE AA 537 -1.87 -82.53 85.84
C PHE AA 537 -2.29 -81.68 87.03
N PRO AA 538 -2.23 -80.35 86.88
CA PRO AA 538 -2.78 -79.47 87.92
C PRO AA 538 -4.28 -79.69 88.05
N SER AA 539 -4.76 -79.65 89.30
CA SER AA 539 -6.14 -80.05 89.58
C SER AA 539 -7.14 -79.19 88.83
N ASN AA 540 -6.92 -77.88 88.78
CA ASN AA 540 -7.74 -76.98 87.97
C ASN AA 540 -6.87 -76.04 87.18
N GLY AA 541 -5.85 -76.59 86.53
CA GLY AA 541 -4.89 -75.78 85.81
C GLY AA 541 -4.74 -76.11 84.34
N ILE AA 542 -5.66 -76.90 83.79
CA ILE AA 542 -5.64 -77.27 82.39
C ILE AA 542 -7.06 -77.16 81.83
N LEU AA 543 -7.14 -76.97 80.52
CA LEU AA 543 -8.40 -77.10 79.83
C LEU AA 543 -8.75 -78.58 79.67
N ILE AA 544 -9.96 -78.94 80.04
CA ILE AA 544 -10.43 -80.31 79.93
C ILE AA 544 -11.65 -80.31 79.01
N PHE AA 545 -11.51 -80.95 77.86
CA PHE AA 545 -12.60 -81.08 76.93
C PHE AA 545 -13.25 -82.46 77.10
N GLY AA 546 -14.56 -82.50 76.88
CA GLY AA 546 -15.28 -83.75 76.95
C GLY AA 546 -15.29 -84.46 75.62
N LYS AA 547 -15.15 -85.77 75.66
CA LYS AA 547 -15.37 -86.56 74.46
C LYS AA 547 -16.85 -86.53 74.10
N GLN AA 548 -17.16 -86.97 72.89
CA GLN AA 548 -18.54 -86.98 72.45
C GLN AA 548 -19.38 -87.85 73.39
N ASN AA 549 -20.55 -87.33 73.76
CA ASN AA 549 -21.49 -88.00 74.66
C ASN AA 549 -20.92 -88.16 76.07
N ALA AA 550 -19.98 -87.30 76.46
CA ALA AA 550 -19.52 -87.30 77.84
C ALA AA 550 -20.60 -86.71 78.73
N ALA AA 551 -20.74 -87.27 79.93
CA ALA AA 551 -21.74 -86.80 80.88
C ALA AA 551 -21.43 -85.37 81.31
N ARG AA 552 -22.50 -84.60 81.56
CA ARG AA 552 -22.32 -83.25 82.06
C ARG AA 552 -21.69 -83.25 83.45
N ASP AA 553 -22.12 -84.15 84.32
CA ASP AA 553 -21.62 -84.22 85.68
C ASP AA 553 -20.93 -85.56 85.92
N ASN AA 554 -19.77 -85.50 86.59
CA ASN AA 554 -19.04 -86.69 87.01
C ASN AA 554 -18.73 -87.60 85.83
N ALA AA 555 -18.24 -87.01 84.74
CA ALA AA 555 -17.72 -87.81 83.65
C ALA AA 555 -16.42 -88.48 84.08
N ASP AA 556 -16.25 -89.73 83.69
CA ASP AA 556 -15.03 -90.44 84.03
C ASP AA 556 -13.85 -89.89 83.24
N TYR AA 557 -12.64 -90.21 83.71
CA TYR AA 557 -11.44 -89.74 83.02
C TYR AA 557 -11.40 -90.22 81.58
N SER AA 558 -11.96 -91.40 81.31
CA SER AA 558 -11.99 -91.90 79.95
C SER AA 558 -12.95 -91.12 79.05
N ASP AA 559 -13.86 -90.35 79.63
CA ASP AA 559 -14.82 -89.57 78.87
C ASP AA 559 -14.38 -88.14 78.62
N VAL AA 560 -13.22 -87.74 79.13
CA VAL AA 560 -12.75 -86.37 78.97
C VAL AA 560 -11.40 -86.40 78.29
N MET AA 561 -11.01 -85.23 77.77
CA MET AA 561 -9.77 -85.06 77.03
C MET AA 561 -8.95 -84.01 77.77
N LEU AA 562 -7.92 -84.44 78.49
CA LEU AA 562 -7.06 -83.50 79.19
C LEU AA 562 -6.08 -82.87 78.21
N THR AA 563 -5.99 -81.54 78.24
CA THR AA 563 -4.94 -80.88 77.50
C THR AA 563 -3.65 -80.87 78.32
N SER AA 564 -2.55 -80.58 77.65
CA SER AA 564 -1.25 -80.52 78.30
C SER AA 564 -0.49 -79.31 77.78
N GLU AA 565 -0.01 -78.48 78.70
CA GLU AA 565 0.84 -77.34 78.35
C GLU AA 565 2.31 -77.65 78.60
N GLU AA 566 2.72 -78.89 78.35
CA GLU AA 566 4.11 -79.26 78.59
C GLU AA 566 5.07 -78.56 77.64
N GLU AA 567 4.59 -78.01 76.52
CA GLU AA 567 5.47 -77.32 75.60
C GLU AA 567 6.09 -76.08 76.20
N ILE AA 568 5.47 -75.50 77.23
CA ILE AA 568 5.97 -74.28 77.85
C ILE AA 568 6.83 -74.59 79.08
N LYS AA 569 7.24 -75.84 79.26
CA LYS AA 569 8.21 -76.17 80.30
C LYS AA 569 9.48 -75.35 80.16
N THR AA 570 9.83 -74.99 78.93
CA THR AA 570 11.09 -74.30 78.67
C THR AA 570 11.11 -72.91 79.27
N THR AA 571 9.97 -72.30 79.45
CA THR AA 571 9.90 -70.94 79.93
C THR AA 571 9.00 -70.77 81.14
N ASN AA 572 7.90 -71.51 81.21
CA ASN AA 572 6.99 -71.37 82.32
C ASN AA 572 7.26 -72.43 83.38
N PRO AA 573 7.14 -72.08 84.65
CA PRO AA 573 7.29 -73.09 85.70
C PRO AA 573 6.18 -74.13 85.63
N VAL AA 574 6.50 -75.33 86.12
CA VAL AA 574 5.50 -76.39 86.16
C VAL AA 574 4.38 -76.01 87.12
N ALA AA 575 3.15 -76.23 86.69
CA ALA AA 575 1.99 -75.75 87.44
C ALA AA 575 1.92 -76.33 88.84
N THR AA 576 2.43 -77.55 89.04
CA THR AA 576 2.31 -78.24 90.31
C THR AA 576 3.58 -78.16 91.15
N GLU AA 577 4.56 -77.39 90.70
CA GLU AA 577 5.82 -77.25 91.42
C GLU AA 577 5.96 -75.82 91.92
N GLU AA 578 6.84 -75.65 92.89
CA GLU AA 578 7.15 -74.31 93.38
C GLU AA 578 7.91 -73.51 92.34
N TYR AA 579 7.75 -72.19 92.41
CA TYR AA 579 8.49 -71.33 91.50
C TYR AA 579 9.98 -71.41 91.77
N GLY AA 580 10.38 -71.42 93.03
CA GLY AA 580 11.78 -71.40 93.37
C GLY AA 580 11.96 -71.34 94.86
N ILE AA 581 13.16 -70.93 95.26
CA ILE AA 581 13.56 -70.89 96.66
C ILE AA 581 14.10 -69.49 96.96
N VAL AA 582 13.65 -68.93 98.08
CA VAL AA 582 14.17 -67.65 98.56
C VAL AA 582 14.65 -67.83 99.98
N ALA AA 583 15.53 -66.92 100.40
CA ALA AA 583 15.97 -66.89 101.79
C ALA AA 583 14.85 -66.47 102.71
N ASP AA 584 14.76 -67.11 103.87
CA ASP AA 584 13.74 -66.81 104.84
C ASP AA 584 14.27 -66.10 106.08
N ASN AA 585 15.58 -65.94 106.20
CA ASN AA 585 16.17 -65.33 107.39
C ASN AA 585 17.51 -64.73 107.01
N LEU AA 586 18.25 -64.26 108.01
CA LEU AA 586 19.62 -63.78 107.84
C LEU AA 586 20.53 -64.74 108.59
N GLN AA 587 21.31 -65.51 107.84
CA GLN AA 587 22.23 -66.45 108.46
C GLN AA 587 23.33 -65.71 109.20
N GLN AA 588 23.70 -66.24 110.36
CA GLN AA 588 24.83 -65.77 111.14
C GLN AA 588 25.65 -66.99 111.56
N GLN AA 589 26.74 -66.74 112.29
CA GLN AA 589 27.54 -67.85 112.77
C GLN AA 589 26.76 -68.73 113.74
N ASN AA 590 25.67 -68.22 114.32
CA ASN AA 590 24.84 -69.01 115.23
C ASN AA 590 23.51 -69.45 114.64
N THR AA 591 23.07 -68.86 113.53
CA THR AA 591 21.80 -69.21 112.92
C THR AA 591 22.06 -69.74 111.51
N ALA AA 592 21.70 -70.98 111.27
CA ALA AA 592 21.85 -71.56 109.94
C ALA AA 592 20.88 -70.90 108.98
N PRO AA 593 21.28 -70.74 107.71
CA PRO AA 593 20.37 -70.13 106.73
C PRO AA 593 19.12 -70.97 106.53
N GLN AA 594 17.99 -70.29 106.41
CA GLN AA 594 16.70 -70.93 106.17
C GLN AA 594 16.18 -70.51 104.81
N ILE AA 595 15.50 -71.42 104.15
CA ILE AA 595 14.99 -71.18 102.82
C ILE AA 595 13.48 -71.26 102.83
N GLY AA 596 12.85 -70.43 102.00
CA GLY AA 596 11.41 -70.42 101.83
C GLY AA 596 11.06 -70.91 100.43
N THR AA 597 10.02 -71.73 100.35
CA THR AA 597 9.54 -72.27 99.09
C THR AA 597 8.51 -71.30 98.50
N VAL AA 598 8.78 -70.80 97.30
CA VAL AA 598 7.90 -69.83 96.65
C VAL AA 598 6.86 -70.62 95.88
N ASN AA 599 5.64 -70.68 96.42
CA ASN AA 599 4.52 -71.35 95.76
C ASN AA 599 3.66 -70.41 94.95
N SER AA 600 3.89 -69.11 95.05
CA SER AA 600 3.16 -68.12 94.27
C SER AA 600 4.10 -66.96 94.00
N GLN AA 601 4.36 -66.68 92.72
CA GLN AA 601 5.30 -65.65 92.34
C GLN AA 601 4.65 -64.75 91.31
N GLY AA 602 4.48 -63.48 91.68
CA GLY AA 602 4.03 -62.48 90.73
C GLY AA 602 5.14 -62.05 89.82
N ALA AA 603 4.81 -61.08 88.96
CA ALA AA 603 5.75 -60.64 87.94
C ALA AA 603 7.02 -60.08 88.56
N LEU AA 604 8.16 -60.56 88.07
CA LEU AA 604 9.47 -60.03 88.41
C LEU AA 604 10.15 -59.53 87.15
N PRO AA 605 10.99 -58.50 87.27
CA PRO AA 605 11.72 -58.03 86.09
C PRO AA 605 12.62 -59.13 85.54
N GLY AA 606 12.74 -59.19 84.23
CA GLY AA 606 13.47 -60.25 83.58
C GLY AA 606 12.72 -61.54 83.41
N MET AA 607 11.46 -61.59 83.84
CA MET AA 607 10.67 -62.80 83.71
C MET AA 607 10.09 -62.89 82.31
N VAL AA 608 10.13 -64.08 81.74
CA VAL AA 608 9.53 -64.35 80.44
C VAL AA 608 8.64 -65.58 80.57
N TRP AA 609 7.59 -65.63 79.76
CA TRP AA 609 6.66 -66.74 79.83
C TRP AA 609 5.92 -66.88 78.51
N GLN AA 610 5.31 -68.03 78.32
CA GLN AA 610 4.43 -68.30 77.20
C GLN AA 610 2.99 -68.32 77.68
N ASN AA 611 2.08 -67.95 76.78
CA ASN AA 611 0.66 -68.07 77.08
C ASN AA 611 0.21 -69.52 76.95
N ARG AA 612 -0.99 -69.79 77.43
CA ARG AA 612 -1.60 -71.08 77.22
C ARG AA 612 -1.84 -71.32 75.74
N ASP AA 613 -1.69 -72.57 75.33
CA ASP AA 613 -1.95 -72.94 73.94
C ASP AA 613 -3.44 -72.79 73.62
N VAL AA 614 -3.72 -72.55 72.37
CA VAL AA 614 -5.09 -72.62 71.88
C VAL AA 614 -5.32 -74.01 71.29
N TYR AA 615 -6.58 -74.40 71.23
CA TYR AA 615 -6.95 -75.72 70.76
C TYR AA 615 -8.04 -75.61 69.72
N LEU AA 616 -8.11 -76.63 68.87
CA LEU AA 616 -9.16 -76.67 67.86
C LEU AA 616 -10.54 -76.59 68.50
N GLN AA 617 -10.72 -77.24 69.64
CA GLN AA 617 -11.97 -77.18 70.38
C GLN AA 617 -12.03 -76.00 71.34
N GLY AA 618 -10.96 -75.26 71.52
CA GLY AA 618 -10.88 -74.24 72.53
C GLY AA 618 -11.41 -72.89 72.08
N PRO AA 619 -11.47 -71.94 73.01
CA PRO AA 619 -11.93 -70.59 72.67
C PRO AA 619 -10.91 -69.84 71.82
N ILE AA 620 -11.41 -68.87 71.08
CA ILE AA 620 -10.58 -68.03 70.22
C ILE AA 620 -10.21 -66.72 70.90
N TRP AA 621 -11.20 -66.00 71.43
CA TRP AA 621 -10.97 -64.69 71.99
C TRP AA 621 -11.74 -64.55 73.29
N ALA AA 622 -11.32 -63.57 74.08
CA ALA AA 622 -12.08 -63.10 75.22
C ALA AA 622 -12.04 -61.58 75.23
N LYS AA 623 -13.09 -60.99 75.78
CA LYS AA 623 -13.10 -59.55 75.98
C LYS AA 623 -12.23 -59.20 77.18
N ILE AA 624 -11.26 -58.32 76.98
CA ILE AA 624 -10.49 -57.80 78.09
C ILE AA 624 -11.43 -56.93 78.92
N PRO AA 625 -11.59 -57.20 80.21
CA PRO AA 625 -12.48 -56.37 81.03
C PRO AA 625 -12.03 -54.92 81.01
N HIS AA 626 -13.01 -54.02 80.96
CA HIS AA 626 -12.72 -52.59 80.95
C HIS AA 626 -12.34 -52.17 82.36
N THR AA 627 -11.05 -52.14 82.64
CA THR AA 627 -10.53 -51.79 83.95
C THR AA 627 -9.42 -50.77 83.81
N ASP AA 628 -9.06 -50.15 84.94
CA ASP AA 628 -7.95 -49.22 84.96
C ASP AA 628 -6.65 -49.90 84.60
N GLY AA 629 -6.42 -51.09 85.15
CA GLY AA 629 -5.17 -51.78 84.94
C GLY AA 629 -5.40 -53.24 84.67
N ASN AA 630 -4.55 -53.79 83.81
CA ASN AA 630 -4.44 -55.22 83.62
C ASN AA 630 -2.98 -55.54 83.41
N PHE AA 631 -2.61 -56.79 83.69
CA PHE AA 631 -1.26 -57.27 83.44
C PHE AA 631 -1.34 -58.41 82.44
N HIS AA 632 -0.66 -58.24 81.31
CA HIS AA 632 -0.63 -59.21 80.23
C HIS AA 632 -2.03 -59.71 79.94
N PRO AA 633 -2.89 -58.89 79.35
CA PRO AA 633 -4.30 -59.27 79.22
C PRO AA 633 -4.53 -60.34 78.17
N SER AA 634 -3.86 -61.45 78.31
CA SER AA 634 -4.12 -62.63 77.50
C SER AA 634 -5.08 -63.54 78.25
N PRO AA 635 -6.20 -63.94 77.64
CA PRO AA 635 -7.19 -64.73 78.36
C PRO AA 635 -6.60 -66.02 78.90
N LEU AA 636 -7.00 -66.39 80.11
CA LEU AA 636 -6.34 -67.50 80.80
C LEU AA 636 -6.71 -68.85 80.19
N MET AA 637 -7.93 -69.02 79.71
CA MET AA 637 -8.24 -70.26 78.99
C MET AA 637 -7.72 -70.26 77.57
N GLY AA 638 -6.88 -69.30 77.22
CA GLY AA 638 -6.21 -69.29 75.94
C GLY AA 638 -6.95 -68.42 74.92
N GLY AA 639 -6.21 -67.95 73.94
CA GLY AA 639 -6.77 -67.18 72.87
C GLY AA 639 -6.28 -65.74 72.87
N PHE AA 640 -7.05 -64.90 72.20
CA PHE AA 640 -6.69 -63.52 71.96
C PHE AA 640 -7.50 -62.62 72.88
N GLY AA 641 -6.83 -61.80 73.66
CA GLY AA 641 -7.50 -60.81 74.47
C GLY AA 641 -7.79 -59.57 73.65
N LEU AA 642 -9.06 -59.18 73.56
CA LEU AA 642 -9.46 -58.05 72.74
C LEU AA 642 -10.19 -57.04 73.60
N LYS AA 643 -9.77 -55.78 73.50
CA LYS AA 643 -10.53 -54.70 74.13
C LYS AA 643 -11.91 -54.58 73.49
N HIS AA 644 -11.98 -54.73 72.17
CA HIS AA 644 -13.22 -54.65 71.40
C HIS AA 644 -13.35 -55.95 70.62
N PRO AA 645 -13.84 -57.00 71.25
CA PRO AA 645 -13.94 -58.30 70.59
C PRO AA 645 -15.05 -58.29 69.55
N PRO AA 646 -15.21 -59.37 68.79
CA PRO AA 646 -16.38 -59.48 67.93
C PRO AA 646 -17.65 -59.25 68.72
N PRO AA 647 -18.52 -58.37 68.26
CA PRO AA 647 -19.69 -58.00 69.07
C PRO AA 647 -20.64 -59.17 69.22
N GLN AA 648 -21.34 -59.18 70.35
CA GLN AA 648 -22.40 -60.15 70.55
C GLN AA 648 -23.50 -59.93 69.53
N ILE AA 649 -23.96 -61.01 68.91
CA ILE AA 649 -25.03 -60.96 67.94
C ILE AA 649 -26.26 -61.55 68.60
N LEU AA 650 -27.22 -60.70 68.91
CA LEU AA 650 -28.41 -61.11 69.64
C LEU AA 650 -29.54 -61.33 68.65
N ILE AA 651 -30.27 -62.43 68.82
CA ILE AA 651 -31.34 -62.80 67.91
C ILE AA 651 -32.55 -63.22 68.73
N LYS AA 652 -33.73 -62.84 68.28
CA LYS AA 652 -34.96 -63.18 68.99
C LYS AA 652 -36.09 -63.32 67.99
N ASN AA 653 -36.97 -64.28 68.24
CA ASN AA 653 -38.23 -64.33 67.52
C ASN AA 653 -39.13 -63.21 68.02
N THR AA 654 -39.60 -62.38 67.12
CA THR AA 654 -40.52 -61.32 67.50
C THR AA 654 -41.81 -61.95 68.01
N PRO AA 655 -42.28 -61.59 69.20
CA PRO AA 655 -43.51 -62.19 69.71
C PRO AA 655 -44.68 -61.87 68.79
N VAL AA 656 -45.48 -62.90 68.50
CA VAL AA 656 -46.69 -62.76 67.71
C VAL AA 656 -47.86 -63.09 68.63
N PRO AA 657 -48.63 -62.11 69.08
CA PRO AA 657 -49.74 -62.39 69.98
C PRO AA 657 -50.77 -63.31 69.35
N ALA AA 658 -51.35 -64.17 70.18
CA ALA AA 658 -52.57 -64.85 69.79
C ALA AA 658 -53.71 -63.84 69.77
N ASP AA 659 -54.91 -64.31 69.48
CA ASP AA 659 -56.03 -63.39 69.35
C ASP AA 659 -56.29 -62.68 70.67
N PRO AA 660 -56.22 -61.36 70.71
CA PRO AA 660 -56.52 -60.64 71.95
C PRO AA 660 -58.01 -60.65 72.21
N PRO AA 661 -58.44 -60.33 73.43
CA PRO AA 661 -59.87 -60.23 73.71
C PRO AA 661 -60.48 -59.08 72.93
N THR AA 662 -61.79 -59.16 72.72
CA THR AA 662 -62.49 -58.15 71.96
C THR AA 662 -62.87 -56.94 72.81
N THR AA 663 -62.61 -56.99 74.12
CA THR AA 663 -62.75 -55.85 75.00
C THR AA 663 -61.38 -55.48 75.54
N PHE AA 664 -61.10 -54.18 75.62
CA PHE AA 664 -59.76 -53.74 75.95
C PHE AA 664 -59.34 -54.19 77.35
N ASN AA 665 -58.11 -54.68 77.44
CA ASN AA 665 -57.47 -55.02 78.70
C ASN AA 665 -56.09 -54.39 78.71
N GLN AA 666 -55.80 -53.63 79.77
CA GLN AA 666 -54.52 -52.94 79.86
C GLN AA 666 -53.36 -53.87 80.13
N SER AA 667 -53.64 -55.08 80.62
CA SER AA 667 -52.59 -56.00 80.99
C SER AA 667 -51.78 -56.42 79.77
N LYS AA 668 -50.48 -56.62 79.97
CA LYS AA 668 -49.63 -57.07 78.88
C LYS AA 668 -50.11 -58.43 78.38
N LEU AA 669 -50.02 -58.63 77.07
CA LEU AA 669 -50.47 -59.88 76.49
C LEU AA 669 -49.52 -61.00 76.86
N ASN AA 670 -50.08 -62.13 77.30
CA ASN AA 670 -49.30 -63.30 77.62
C ASN AA 670 -49.65 -64.50 76.76
N SER AA 671 -50.61 -64.35 75.86
CA SER AA 671 -51.01 -65.42 74.94
C SER AA 671 -50.33 -65.15 73.61
N PHE AA 672 -49.38 -66.00 73.26
CA PHE AA 672 -48.60 -65.81 72.04
C PHE AA 672 -48.69 -67.05 71.17
N ILE AA 673 -48.58 -66.82 69.86
CA ILE AA 673 -48.48 -67.93 68.92
C ILE AA 673 -47.16 -68.63 69.12
N THR AA 674 -47.22 -69.95 69.32
CA THR AA 674 -46.00 -70.72 69.50
C THR AA 674 -45.19 -70.71 68.21
N GLN AA 675 -43.91 -70.38 68.33
CA GLN AA 675 -43.16 -69.98 67.15
C GLN AA 675 -41.68 -70.27 67.36
N TYR AA 676 -41.01 -70.65 66.28
CA TYR AA 676 -39.56 -70.78 66.29
C TYR AA 676 -39.06 -70.41 64.91
N SER AA 677 -37.79 -70.05 64.84
CA SER AA 677 -37.18 -69.69 63.57
C SER AA 677 -35.98 -70.58 63.30
N THR AA 678 -35.70 -70.77 62.02
CA THR AA 678 -34.52 -71.47 61.57
C THR AA 678 -33.93 -70.70 60.41
N GLY AA 679 -32.65 -70.90 60.19
CA GLY AA 679 -31.99 -70.22 59.09
C GLY AA 679 -30.56 -70.69 58.99
N GLN AA 680 -29.82 -70.01 58.15
CA GLN AA 680 -28.40 -70.28 57.98
C GLN AA 680 -27.59 -69.11 58.51
N VAL AA 681 -26.45 -69.43 59.11
CA VAL AA 681 -25.53 -68.43 59.61
C VAL AA 681 -24.18 -68.68 58.96
N SER AA 682 -23.58 -67.62 58.43
CA SER AA 682 -22.25 -67.70 57.83
C SER AA 682 -21.33 -66.78 58.60
N VAL AA 683 -20.18 -67.29 59.00
CA VAL AA 683 -19.13 -66.47 59.59
C VAL AA 683 -17.85 -66.72 58.81
N GLU AA 684 -17.24 -65.65 58.34
CA GLU AA 684 -15.99 -65.69 57.60
C GLU AA 684 -14.95 -64.94 58.41
N ILE AA 685 -13.85 -65.60 58.75
CA ILE AA 685 -12.76 -64.97 59.47
C ILE AA 685 -11.51 -65.06 58.62
N GLU AA 686 -10.85 -63.93 58.44
CA GLU AA 686 -9.55 -63.88 57.80
C GLU AA 686 -8.48 -63.90 58.89
N TRP AA 687 -7.58 -64.86 58.79
CA TRP AA 687 -6.48 -65.00 59.75
C TRP AA 687 -5.18 -64.66 59.08
N GLU AA 688 -4.33 -63.91 59.77
CA GLU AA 688 -2.98 -63.66 59.32
C GLU AA 688 -2.07 -64.72 59.89
N LEU AA 689 -1.14 -65.21 59.07
CA LEU AA 689 -0.24 -66.28 59.45
C LEU AA 689 1.17 -65.75 59.63
N GLN AA 690 1.87 -66.29 60.63
CA GLN AA 690 3.30 -66.08 60.79
C GLN AA 690 4.00 -67.33 60.28
N LYS AA 691 4.60 -67.23 59.10
CA LYS AA 691 5.31 -68.35 58.53
C LYS AA 691 6.57 -68.66 59.32
N GLU AA 692 6.85 -69.94 59.50
CA GLU AA 692 8.06 -70.35 60.19
C GLU AA 692 9.26 -70.13 59.28
N ASN AA 693 10.28 -69.45 59.80
CA ASN AA 693 11.52 -69.23 59.08
C ASN AA 693 12.63 -69.83 59.94
N SER AA 694 12.85 -71.13 59.79
CA SER AA 694 13.67 -71.90 60.70
C SER AA 694 14.82 -72.55 59.95
N LYS AA 695 16.00 -72.53 60.56
CA LYS AA 695 17.17 -73.20 60.02
C LYS AA 695 17.44 -74.52 60.71
N ARG AA 696 16.47 -75.04 61.44
CA ARG AA 696 16.57 -76.36 62.05
C ARG AA 696 16.84 -77.40 60.97
N TRP AA 697 17.82 -78.28 61.24
CA TRP AA 697 18.21 -79.28 60.25
C TRP AA 697 17.32 -80.51 60.32
N ASN AA 698 17.11 -81.05 61.52
CA ASN AA 698 16.35 -82.27 61.68
C ASN AA 698 14.86 -81.99 61.51
N PRO AA 699 14.07 -83.00 61.16
CA PRO AA 699 12.64 -82.78 60.96
C PRO AA 699 11.95 -82.36 62.25
N GLU AA 700 10.90 -81.55 62.08
CA GLU AA 700 10.12 -81.06 63.20
C GLU AA 700 9.07 -82.08 63.61
N ILE AA 701 8.51 -81.89 64.79
CA ILE AA 701 7.33 -82.62 65.21
C ILE AA 701 6.12 -82.03 64.50
N GLN AA 702 5.30 -82.88 63.92
CA GLN AA 702 4.11 -82.46 63.21
C GLN AA 702 2.91 -83.20 63.76
N TYR AA 703 1.77 -82.53 63.76
CA TYR AA 703 0.54 -83.26 64.06
C TYR AA 703 0.20 -84.14 62.87
N THR AA 704 -0.04 -85.42 63.14
CA THR AA 704 -0.36 -86.38 62.09
C THR AA 704 -1.47 -87.29 62.58
N SER AA 705 -2.28 -87.75 61.65
CA SER AA 705 -3.21 -88.81 61.96
C SER AA 705 -2.46 -90.13 62.10
N ASN AA 706 -3.01 -91.03 62.90
CA ASN AA 706 -2.39 -92.35 63.05
C ASN AA 706 -2.52 -93.15 61.77
N TYR AA 707 -1.43 -93.78 61.37
CA TYR AA 707 -1.44 -94.56 60.14
C TYR AA 707 -2.16 -95.89 60.30
N TYR AA 708 -2.16 -96.45 61.50
CA TYR AA 708 -2.68 -97.78 61.73
C TYR AA 708 -4.19 -97.81 61.58
N LYS AA 709 -4.71 -98.99 61.24
CA LYS AA 709 -6.14 -99.15 60.97
C LYS AA 709 -6.96 -98.93 62.24
N SER AA 710 -8.22 -98.55 62.05
CA SER AA 710 -9.12 -98.31 63.16
C SER AA 710 -10.55 -98.52 62.69
N THR AA 711 -11.45 -98.68 63.67
CA THR AA 711 -12.85 -98.91 63.35
C THR AA 711 -13.45 -97.71 62.64
N SER AA 712 -13.06 -96.50 63.02
CA SER AA 712 -13.59 -95.28 62.43
C SER AA 712 -12.45 -94.32 62.15
N VAL AA 713 -12.70 -93.41 61.22
CA VAL AA 713 -11.75 -92.35 60.92
C VAL AA 713 -11.83 -91.29 62.01
N ASP AA 714 -10.68 -90.87 62.52
CA ASP AA 714 -10.63 -89.80 63.50
C ASP AA 714 -11.11 -88.49 62.87
N PHE AA 715 -11.88 -87.72 63.63
CA PHE AA 715 -12.50 -86.49 63.15
C PHE AA 715 -13.41 -86.76 61.95
N ALA AA 716 -14.24 -87.79 62.09
CA ALA AA 716 -15.24 -88.12 61.10
C ALA AA 716 -16.50 -88.56 61.85
N VAL AA 717 -17.48 -88.98 61.10
CA VAL AA 717 -18.71 -89.49 61.69
C VAL AA 717 -18.59 -90.98 61.89
N ASN AA 718 -19.34 -91.50 62.84
CA ASN AA 718 -19.41 -92.94 63.05
C ASN AA 718 -20.57 -93.50 62.22
N THR AA 719 -20.94 -94.76 62.48
CA THR AA 719 -22.02 -95.38 61.73
C THR AA 719 -23.37 -94.77 62.02
N GLU AA 720 -23.51 -94.02 63.12
CA GLU AA 720 -24.76 -93.38 63.49
C GLU AA 720 -24.83 -91.92 63.06
N GLY AA 721 -23.82 -91.43 62.36
CA GLY AA 721 -23.82 -90.05 61.92
C GLY AA 721 -23.32 -89.06 62.94
N VAL AA 722 -22.76 -89.52 64.05
CA VAL AA 722 -22.28 -88.63 65.10
C VAL AA 722 -20.85 -88.22 64.79
N TYR AA 723 -20.63 -86.93 64.62
CA TYR AA 723 -19.29 -86.41 64.49
C TYR AA 723 -18.63 -86.30 65.86
N SER AA 724 -17.39 -86.74 65.94
CA SER AA 724 -16.67 -86.69 67.20
C SER AA 724 -15.26 -86.17 66.97
N GLU AA 725 -14.74 -85.45 67.97
CA GLU AA 725 -13.36 -85.03 67.98
C GLU AA 725 -12.62 -85.91 68.97
N PRO AA 726 -11.76 -86.82 68.52
CA PRO AA 726 -11.21 -87.82 69.44
C PRO AA 726 -10.19 -87.28 70.42
N ARG AA 727 -9.51 -86.19 70.09
CA ARG AA 727 -8.47 -85.65 70.95
C ARG AA 727 -8.47 -84.14 70.83
N PRO AA 728 -7.95 -83.43 71.83
CA PRO AA 728 -7.75 -81.98 71.67
C PRO AA 728 -6.45 -81.73 70.93
N ILE AA 729 -6.55 -81.10 69.77
CA ILE AA 729 -5.37 -80.78 68.98
C ILE AA 729 -4.87 -79.41 69.44
N GLY AA 730 -3.68 -79.39 70.02
CA GLY AA 730 -3.05 -78.14 70.38
C GLY AA 730 -2.57 -77.39 69.16
N THR AA 731 -1.64 -76.48 69.36
CA THR AA 731 -1.19 -75.63 68.28
C THR AA 731 0.33 -75.61 68.17
N ARG AA 732 1.04 -76.10 69.17
CA ARG AA 732 2.49 -75.94 69.27
C ARG AA 732 3.18 -77.24 68.84
N TYR AA 733 3.56 -77.30 67.58
CA TYR AA 733 4.31 -78.42 67.03
C TYR AA 733 5.64 -78.01 66.43
N LEU AA 734 5.68 -76.88 65.72
CA LEU AA 734 6.94 -76.33 65.26
C LEU AA 734 7.74 -75.79 66.43
N THR AA 735 9.02 -75.55 66.20
CA THR AA 735 9.91 -75.11 67.26
C THR AA 735 10.60 -73.80 66.89
N ARG AA 736 10.93 -73.03 67.91
CA ARG AA 736 11.75 -71.84 67.80
C ARG AA 736 12.81 -71.86 68.88
N ASN AA 737 13.92 -71.20 68.61
CA ASN AA 737 14.87 -70.92 69.67
C ASN AA 737 14.29 -69.85 70.60
N LEU AA 738 14.82 -69.80 71.82
CA LEU AA 738 14.38 -68.79 72.75
C LEU AA 738 15.01 -67.45 72.40
N GLY BA 221 9.26 2.68 86.80
CA GLY BA 221 8.14 2.85 87.70
C GLY BA 221 8.40 2.36 89.11
N VAL BA 222 7.72 2.98 90.08
CA VAL BA 222 7.88 2.59 91.48
C VAL BA 222 7.39 1.17 91.69
N GLY BA 223 6.25 0.82 91.09
CA GLY BA 223 5.63 -0.46 91.32
C GLY BA 223 5.95 -1.55 90.32
N SER BA 224 6.97 -1.37 89.49
CA SER BA 224 7.36 -2.38 88.51
C SER BA 224 8.81 -2.78 88.73
N SER BA 225 9.07 -4.07 88.65
CA SER BA 225 10.42 -4.58 88.78
C SER BA 225 11.27 -4.14 87.59
N SER BA 226 12.52 -3.77 87.87
CA SER BA 226 13.44 -3.35 86.81
C SER BA 226 14.35 -4.47 86.35
N GLY BA 227 14.17 -5.68 86.86
CA GLY BA 227 14.97 -6.80 86.41
C GLY BA 227 14.56 -8.05 87.16
N ASN BA 228 14.97 -9.19 86.61
CA ASN BA 228 14.63 -10.49 87.15
C ASN BA 228 15.87 -11.13 87.78
N TRP BA 229 15.61 -12.12 88.63
CA TRP BA 229 16.68 -12.90 89.24
C TRP BA 229 17.24 -13.88 88.22
N HIS BA 230 18.53 -13.80 87.97
CA HIS BA 230 19.20 -14.65 86.97
C HIS BA 230 20.42 -15.28 87.62
N CYS BA 231 20.21 -16.42 88.28
CA CYS BA 231 21.31 -17.28 88.73
C CYS BA 231 21.21 -18.57 87.94
N ASP BA 232 22.25 -18.89 87.20
CA ASP BA 232 22.22 -20.04 86.30
C ASP BA 232 23.61 -20.26 85.75
N SER BA 233 23.81 -21.44 85.18
CA SER BA 233 25.00 -21.76 84.40
C SER BA 233 24.58 -22.63 83.24
N THR BA 234 24.85 -22.18 82.03
CA THR BA 234 24.51 -22.93 80.84
C THR BA 234 25.79 -23.40 80.16
N TRP BA 235 25.93 -24.71 80.03
CA TRP BA 235 27.07 -25.30 79.35
C TRP BA 235 26.65 -25.64 77.93
N LEU BA 236 27.32 -25.04 76.96
CA LEU BA 236 26.95 -25.22 75.55
C LEU BA 236 28.24 -25.30 74.74
N GLY BA 237 28.60 -26.51 74.35
CA GLY BA 237 29.79 -26.71 73.55
C GLY BA 237 31.04 -26.34 74.33
N ASP BA 238 31.86 -25.46 73.75
CA ASP BA 238 33.09 -25.01 74.36
C ASP BA 238 32.90 -23.76 75.21
N ARG BA 239 31.66 -23.40 75.51
CA ARG BA 239 31.36 -22.24 76.34
C ARG BA 239 30.59 -22.67 77.58
N VAL BA 240 30.80 -21.97 78.67
CA VAL BA 240 29.91 -22.01 79.82
C VAL BA 240 29.58 -20.57 80.18
N ILE BA 241 28.29 -20.29 80.33
CA ILE BA 241 27.83 -18.96 80.68
C ILE BA 241 27.32 -19.03 82.11
N THR BA 242 28.07 -18.45 83.03
CA THR BA 242 27.64 -18.33 84.41
C THR BA 242 26.94 -16.99 84.59
N THR BA 243 25.77 -17.02 85.21
CA THR BA 243 25.10 -15.79 85.61
C THR BA 243 24.73 -15.93 87.07
N SER BA 244 24.98 -14.86 87.83
CA SER BA 244 24.72 -14.89 89.25
C SER BA 244 24.06 -13.58 89.67
N THR BA 245 23.02 -13.70 90.48
CA THR BA 245 22.33 -12.55 91.03
C THR BA 245 22.47 -12.57 92.53
N ARG BA 246 22.70 -11.40 93.11
CA ARG BA 246 22.79 -11.27 94.56
C ARG BA 246 22.03 -10.03 94.99
N THR BA 247 21.56 -10.05 96.23
CA THR BA 247 20.99 -8.87 96.86
C THR BA 247 22.08 -8.15 97.63
N TRP BA 248 22.23 -6.86 97.36
CA TRP BA 248 23.25 -6.06 98.01
C TRP BA 248 22.59 -4.99 98.88
N ALA BA 249 23.37 -4.47 99.81
CA ALA BA 249 22.97 -3.32 100.61
C ALA BA 249 24.12 -2.33 100.62
N LEU BA 250 23.85 -1.09 100.25
CA LEU BA 250 24.87 -0.06 100.21
C LEU BA 250 24.58 0.98 101.27
N PRO BA 251 25.40 1.11 102.30
CA PRO BA 251 25.22 2.17 103.27
C PRO BA 251 25.78 3.49 102.72
N THR BA 252 25.56 4.54 103.48
CA THR BA 252 26.28 5.78 103.25
C THR BA 252 27.65 5.66 103.90
N TYR BA 253 28.69 5.79 103.09
CA TYR BA 253 30.05 5.67 103.57
C TYR BA 253 30.62 7.06 103.85
N ASN BA 254 31.40 7.17 104.93
CA ASN BA 254 32.18 8.36 105.24
C ASN BA 254 31.32 9.59 105.49
N ASN BA 255 30.02 9.42 105.70
CA ASN BA 255 29.08 10.54 105.80
C ASN BA 255 29.18 11.43 104.56
N HIS BA 256 29.26 10.80 103.39
CA HIS BA 256 29.33 11.44 102.08
C HIS BA 256 30.62 12.22 101.87
N LEU BA 257 31.65 11.98 102.67
CA LEU BA 257 32.88 12.76 102.62
C LEU BA 257 34.01 11.97 102.00
N TYR BA 258 34.93 12.69 101.38
CA TYR BA 258 36.24 12.15 101.06
C TYR BA 258 37.18 12.46 102.21
N LYS BA 259 37.80 11.45 102.77
CA LYS BA 259 38.70 11.64 103.90
C LYS BA 259 40.10 11.19 103.50
N GLN BA 260 41.08 12.05 103.76
CA GLN BA 260 42.47 11.62 103.66
C GLN BA 260 42.76 10.64 104.77
N ILE BA 261 43.38 9.52 104.42
CA ILE BA 261 43.74 8.50 105.39
C ILE BA 261 45.25 8.25 105.27
N SER BA 262 45.89 8.01 106.40
CA SER BA 262 47.33 7.85 106.42
C SER BA 262 47.72 6.90 107.54
N ASN BA 263 48.97 6.45 107.48
CA ASN BA 263 49.57 5.65 108.53
C ASN BA 263 51.05 5.94 108.50
N GLY BA 264 51.61 6.39 109.63
CA GLY BA 264 53.01 6.73 109.72
C GLY BA 264 53.72 5.87 110.76
N THR BA 265 54.99 6.18 110.94
CA THR BA 265 55.82 5.45 111.89
C THR BA 265 55.68 6.03 113.30
N ALA BA 269 53.33 2.01 114.00
CA ALA BA 269 53.43 1.29 112.74
C ALA BA 269 54.85 1.36 112.19
N THR BA 270 55.26 0.31 111.48
CA THR BA 270 56.57 0.29 110.88
C THR BA 270 56.54 1.00 109.52
N ASN BA 271 57.73 1.32 109.02
CA ASN BA 271 57.82 1.97 107.72
C ASN BA 271 57.27 1.08 106.61
N ASP BA 272 57.33 -0.23 106.77
CA ASP BA 272 56.82 -1.15 105.77
C ASP BA 272 55.31 -1.03 105.59
N ASN BA 273 54.60 -0.50 106.58
CA ASN BA 273 53.15 -0.44 106.56
C ASN BA 273 52.61 0.97 106.44
N THR BA 274 53.46 1.94 106.11
CA THR BA 274 52.98 3.31 105.97
C THR BA 274 52.19 3.45 104.68
N TYR BA 275 51.24 4.37 104.68
CA TYR BA 275 50.49 4.67 103.48
C TYR BA 275 49.89 6.06 103.57
N PHE BA 276 49.57 6.60 102.40
CA PHE BA 276 48.77 7.81 102.27
C PHE BA 276 47.74 7.53 101.19
N GLY BA 277 46.49 7.87 101.47
CA GLY BA 277 45.45 7.62 100.52
C GLY BA 277 44.20 8.36 100.87
N TYR BA 278 43.10 7.95 100.23
CA TYR BA 278 41.83 8.61 100.43
C TYR BA 278 40.73 7.58 100.60
N SER BA 279 39.90 7.80 101.60
CA SER BA 279 38.65 7.07 101.75
C SER BA 279 37.56 7.86 101.05
N THR BA 280 36.80 7.19 100.21
CA THR BA 280 35.75 7.83 99.45
C THR BA 280 34.38 7.43 99.97
N PRO BA 281 33.35 8.25 99.74
CA PRO BA 281 31.99 7.85 100.09
C PRO BA 281 31.37 6.83 99.15
N TRP BA 282 32.14 6.31 98.21
CA TRP BA 282 31.62 5.41 97.20
C TRP BA 282 31.83 3.96 97.60
N GLY BA 283 30.85 3.13 97.28
CA GLY BA 283 31.05 1.70 97.27
C GLY BA 283 31.46 1.22 95.90
N TYR BA 284 31.81 -0.06 95.82
CA TYR BA 284 32.15 -0.63 94.54
C TYR BA 284 31.73 -2.09 94.51
N PHE BA 285 31.40 -2.57 93.31
CA PHE BA 285 30.98 -3.95 93.13
C PHE BA 285 32.18 -4.80 92.75
N ASP BA 286 32.37 -5.88 93.48
CA ASP BA 286 33.45 -6.83 93.25
C ASP BA 286 32.85 -8.20 92.97
N PHE BA 287 33.25 -8.80 91.86
CA PHE BA 287 32.92 -10.18 91.55
C PHE BA 287 34.15 -10.88 91.04
N ASN BA 288 35.30 -10.57 91.63
CA ASN BA 288 36.60 -11.08 91.21
C ASN BA 288 36.99 -12.33 91.96
N ARG BA 289 36.02 -13.16 92.33
CA ARG BA 289 36.29 -14.49 92.85
C ARG BA 289 35.47 -15.49 92.07
N PHE BA 290 36.03 -16.68 91.88
CA PHE BA 290 35.38 -17.66 91.01
C PHE BA 290 34.06 -18.14 91.61
N HIS BA 291 33.96 -18.22 92.94
CA HIS BA 291 32.71 -18.69 93.53
C HIS BA 291 31.58 -17.66 93.43
N CYS BA 292 31.89 -16.44 93.01
CA CYS BA 292 30.83 -15.50 92.68
C CYS BA 292 30.05 -15.94 91.45
N HIS BA 293 30.62 -16.80 90.64
CA HIS BA 293 30.05 -17.19 89.36
C HIS BA 293 29.82 -18.69 89.24
N PHE BA 294 30.71 -19.50 89.78
CA PHE BA 294 30.62 -20.95 89.69
C PHE BA 294 30.10 -21.51 91.00
N SER BA 295 29.02 -22.28 90.92
CA SER BA 295 28.64 -23.13 92.03
C SER BA 295 29.69 -24.22 92.18
N PRO BA 296 29.81 -24.81 93.38
CA PRO BA 296 30.78 -25.90 93.55
C PRO BA 296 30.59 -27.03 92.55
N ARG BA 297 29.34 -27.37 92.24
CA ARG BA 297 29.09 -28.39 91.23
C ARG BA 297 29.53 -27.92 89.84
N ASP BA 298 29.27 -26.65 89.52
CA ASP BA 298 29.74 -26.11 88.26
C ASP BA 298 31.27 -26.08 88.20
N TRP BA 299 31.91 -25.75 89.31
CA TRP BA 299 33.35 -25.79 89.38
C TRP BA 299 33.86 -27.20 89.14
N GLN BA 300 33.19 -28.20 89.73
CA GLN BA 300 33.56 -29.59 89.50
C GLN BA 300 33.41 -29.95 88.02
N ARG BA 301 32.30 -29.56 87.41
CA ARG BA 301 32.10 -29.79 85.98
C ARG BA 301 33.23 -29.18 85.17
N LEU BA 302 33.64 -27.97 85.53
CA LEU BA 302 34.70 -27.28 84.80
C LEU BA 302 36.03 -27.99 84.94
N ILE BA 303 36.43 -28.29 86.19
CA ILE BA 303 37.78 -28.77 86.43
C ILE BA 303 37.96 -30.25 86.13
N ASN BA 304 36.90 -31.04 86.14
CA ASN BA 304 37.03 -32.46 85.87
C ASN BA 304 37.02 -32.79 84.39
N ASN BA 305 36.70 -31.83 83.53
CA ASN BA 305 36.44 -32.13 82.13
C ASN BA 305 37.14 -31.22 81.15
N ASN BA 306 37.85 -30.19 81.62
CA ASN BA 306 38.44 -29.20 80.73
C ASN BA 306 39.91 -29.02 81.06
N TRP BA 307 40.72 -28.91 80.01
CA TRP BA 307 42.13 -28.60 80.19
C TRP BA 307 42.39 -27.13 80.43
N GLY BA 308 41.43 -26.28 80.15
CA GLY BA 308 41.62 -24.87 80.34
C GLY BA 308 40.33 -24.12 80.17
N PHE BA 309 40.36 -22.87 80.63
CA PHE BA 309 39.21 -21.98 80.50
C PHE BA 309 39.71 -20.55 80.58
N ARG BA 310 38.90 -19.64 80.09
CA ARG BA 310 39.22 -18.21 80.16
C ARG BA 310 37.92 -17.42 80.02
N PRO BA 311 37.82 -16.27 80.66
CA PRO BA 311 36.64 -15.43 80.47
C PRO BA 311 36.65 -14.82 79.08
N LYS BA 312 35.45 -14.64 78.52
CA LYS BA 312 35.28 -14.06 77.21
C LYS BA 312 34.59 -12.71 77.25
N ARG BA 313 33.44 -12.65 77.91
CA ARG BA 313 32.68 -11.41 78.00
C ARG BA 313 31.90 -11.44 79.31
N LEU BA 314 31.51 -10.25 79.76
CA LEU BA 314 30.64 -10.17 80.92
C LEU BA 314 29.57 -9.12 80.68
N SER BA 315 28.42 -9.35 81.30
CA SER BA 315 27.36 -8.37 81.39
C SER BA 315 27.02 -8.18 82.85
N PHE BA 316 26.79 -6.94 83.23
CA PHE BA 316 26.55 -6.56 84.62
C PHE BA 316 25.25 -5.79 84.69
N LYS BA 317 24.45 -6.05 85.71
CA LYS BA 317 23.17 -5.39 85.85
C LYS BA 317 22.93 -4.99 87.30
N LEU BA 318 22.44 -3.77 87.48
CA LEU BA 318 21.91 -3.29 88.75
C LEU BA 318 20.44 -2.99 88.55
N PHE BA 319 19.60 -3.49 89.45
CA PHE BA 319 18.16 -3.36 89.24
C PHE BA 319 17.46 -3.56 90.57
N ASN BA 320 16.15 -3.28 90.56
CA ASN BA 320 15.30 -3.36 91.75
C ASN BA 320 15.90 -2.55 92.90
N ILE BA 321 16.33 -1.35 92.58
CA ILE BA 321 16.98 -0.48 93.54
C ILE BA 321 15.94 0.08 94.50
N GLN BA 322 16.22 -0.01 95.79
CA GLN BA 322 15.38 0.57 96.82
C GLN BA 322 16.26 1.44 97.69
N VAL BA 323 15.96 2.73 97.74
CA VAL BA 323 16.65 3.65 98.63
C VAL BA 323 15.76 3.88 99.84
N LYS BA 324 16.30 3.64 101.02
CA LYS BA 324 15.51 3.64 102.23
C LYS BA 324 16.03 4.69 103.20
N GLU BA 325 15.10 5.39 103.83
CA GLU BA 325 15.40 6.40 104.83
C GLU BA 325 15.18 5.81 106.21
N VAL BA 326 16.15 6.01 107.09
CA VAL BA 326 16.05 5.54 108.47
C VAL BA 326 16.11 6.74 109.40
N THR BA 327 15.14 6.82 110.31
CA THR BA 327 15.03 7.93 111.23
C THR BA 327 15.26 7.49 112.67
N LYS BA 333 13.66 3.49 115.98
CA LYS BA 333 14.16 3.50 114.60
C LYS BA 333 13.10 2.98 113.63
N THR BA 334 12.79 3.79 112.63
CA THR BA 334 11.87 3.40 111.57
C THR BA 334 12.58 3.52 110.22
N ILE BA 335 12.35 2.56 109.35
CA ILE BA 335 12.91 2.54 108.01
C ILE BA 335 11.77 2.72 107.02
N ALA BA 336 11.90 3.71 106.15
CA ALA BA 336 10.87 4.01 105.17
C ALA BA 336 11.50 4.13 103.80
N ASN BA 337 10.70 3.86 102.77
CA ASN BA 337 11.15 4.08 101.40
C ASN BA 337 11.30 5.56 101.13
N ASN BA 338 12.40 5.91 100.42
CA ASN BA 338 12.60 7.30 99.93
C ASN BA 338 12.48 7.14 98.42
N LEU BA 339 11.27 7.24 97.87
CA LEU BA 339 11.02 6.92 96.47
C LEU BA 339 11.76 7.85 95.51
N THR BA 340 12.04 9.08 95.94
CA THR BA 340 12.66 10.07 95.08
C THR BA 340 14.18 10.14 95.24
N SER BA 341 14.75 9.32 96.11
CA SER BA 341 16.19 9.31 96.28
C SER BA 341 16.87 8.53 95.18
N THR BA 342 18.13 8.86 94.92
CA THR BA 342 18.88 8.24 93.85
C THR BA 342 20.14 7.57 94.39
N ILE BA 343 20.64 6.63 93.62
CA ILE BA 343 21.99 6.13 93.75
C ILE BA 343 22.74 6.55 92.49
N GLN BA 344 24.05 6.71 92.61
CA GLN BA 344 24.91 7.02 91.48
C GLN BA 344 25.78 5.83 91.17
N VAL BA 345 25.77 5.41 89.91
CA VAL BA 345 26.57 4.27 89.46
C VAL BA 345 27.34 4.69 88.23
N PHE BA 346 28.64 4.38 88.20
CA PHE BA 346 29.41 4.52 86.98
C PHE BA 346 30.49 3.47 86.96
N THR BA 347 30.92 3.12 85.76
CA THR BA 347 32.05 2.23 85.57
C THR BA 347 33.26 3.05 85.15
N ASP BA 348 34.40 2.76 85.77
CA ASP BA 348 35.66 3.38 85.37
C ASP BA 348 36.16 2.68 84.10
N SER BA 349 35.46 2.95 82.99
CA SER BA 349 35.72 2.24 81.75
C SER BA 349 37.04 2.64 81.13
N GLU BA 350 37.51 3.86 81.41
CA GLU BA 350 38.81 4.31 80.92
C GLU BA 350 39.94 4.01 81.90
N TYR BA 351 39.65 3.33 83.00
CA TYR BA 351 40.67 2.95 83.99
C TYR BA 351 41.42 4.18 84.50
N GLN BA 352 40.68 5.25 84.74
CA GLN BA 352 41.25 6.49 85.24
C GLN BA 352 41.32 6.55 86.75
N LEU BA 353 40.69 5.66 87.41
CA LEU BA 353 40.77 5.58 88.86
C LEU BA 353 41.78 4.54 89.29
N PRO BA 354 42.36 4.68 90.48
CA PRO BA 354 43.18 3.59 91.02
C PRO BA 354 42.37 2.30 91.08
N TYR BA 355 42.94 1.26 90.49
CA TYR BA 355 42.25 -0.03 90.35
C TYR BA 355 42.52 -0.84 91.61
N VAL BA 356 41.52 -0.94 92.48
CA VAL BA 356 41.69 -1.66 93.74
C VAL BA 356 41.15 -3.08 93.69
N LEU BA 357 40.45 -3.45 92.61
CA LEU BA 357 40.16 -4.85 92.39
C LEU BA 357 41.46 -5.60 92.09
N GLY BA 358 41.43 -6.90 92.26
CA GLY BA 358 42.65 -7.66 92.09
C GLY BA 358 43.63 -7.51 93.21
N SER BA 359 43.17 -7.15 94.40
CA SER BA 359 43.99 -7.20 95.60
C SER BA 359 43.45 -8.20 96.61
N ALA BA 360 42.61 -9.13 96.16
CA ALA BA 360 42.06 -10.20 96.98
C ALA BA 360 41.32 -9.65 98.20
N HIS BA 361 40.55 -8.59 98.00
CA HIS BA 361 39.83 -7.96 99.09
C HIS BA 361 38.48 -8.62 99.33
N GLN BA 362 38.02 -8.52 100.56
CA GLN BA 362 36.67 -8.93 100.88
C GLN BA 362 35.66 -7.98 100.24
N GLY BA 363 34.40 -8.38 100.26
CA GLY BA 363 33.35 -7.58 99.68
C GLY BA 363 32.89 -8.04 98.31
N CYS BA 364 33.42 -9.14 97.80
CA CYS BA 364 32.92 -9.69 96.55
C CYS BA 364 31.51 -10.24 96.76
N LEU BA 365 30.87 -10.57 95.64
CA LEU BA 365 29.58 -11.23 95.71
C LEU BA 365 29.73 -12.53 96.49
N PRO BA 366 28.81 -12.83 97.41
CA PRO BA 366 28.97 -14.04 98.22
C PRO BA 366 28.86 -15.28 97.36
N PRO BA 367 29.55 -16.35 97.74
CA PRO BA 367 29.42 -17.60 96.98
C PRO BA 367 28.00 -18.15 96.96
N PHE BA 368 27.25 -17.98 98.06
CA PHE BA 368 25.91 -18.53 98.14
C PHE BA 368 24.90 -17.53 97.60
N PRO BA 369 24.09 -17.88 96.61
CA PRO BA 369 23.18 -16.89 96.00
C PRO BA 369 22.18 -16.31 96.98
N ALA BA 370 21.75 -17.06 97.98
CA ALA BA 370 20.78 -16.55 98.95
C ALA BA 370 21.38 -15.52 99.89
N ASP BA 371 22.69 -15.30 99.83
CA ASP BA 371 23.36 -14.46 100.81
C ASP BA 371 23.27 -13.00 100.39
N VAL BA 372 22.84 -12.15 101.32
CA VAL BA 372 22.79 -10.72 101.10
C VAL BA 372 24.08 -10.11 101.61
N PHE BA 373 24.74 -9.31 100.77
CA PHE BA 373 26.06 -8.80 101.10
C PHE BA 373 26.09 -7.28 101.11
N MET BA 374 27.00 -6.77 101.91
CA MET BA 374 27.27 -5.35 102.03
C MET BA 374 28.32 -4.93 101.00
N ILE BA 375 28.06 -3.81 100.33
CA ILE BA 375 28.98 -3.33 99.30
C ILE BA 375 30.21 -2.72 99.97
N PRO BA 376 31.42 -3.11 99.60
CA PRO BA 376 32.62 -2.55 100.25
C PRO BA 376 32.83 -1.09 99.87
N GLN BA 377 33.46 -0.37 100.77
CA GLN BA 377 33.76 1.04 100.55
C GLN BA 377 34.99 1.20 99.67
N TYR BA 378 34.89 2.10 98.68
CA TYR BA 378 36.02 2.34 97.80
C TYR BA 378 37.01 3.29 98.46
N GLY BA 379 38.27 2.87 98.50
CA GLY BA 379 39.35 3.73 98.87
C GLY BA 379 40.55 3.40 98.01
N TYR BA 380 41.53 4.30 98.01
CA TYR BA 380 42.71 4.06 97.20
C TYR BA 380 43.91 4.68 97.90
N LEU BA 381 45.08 4.24 97.46
CA LEU BA 381 46.34 4.74 97.98
C LEU BA 381 47.09 5.45 96.86
N THR BA 382 47.84 6.48 97.25
CA THR BA 382 48.70 7.17 96.31
C THR BA 382 50.09 7.20 96.90
N LEU BA 383 50.99 7.97 96.31
CA LEU BA 383 52.36 7.99 96.79
C LEU BA 383 52.42 8.57 98.19
N ASN BA 384 53.25 7.96 99.04
CA ASN BA 384 53.41 8.41 100.41
C ASN BA 384 54.88 8.44 100.77
N ASN BA 385 55.22 9.33 101.70
CA ASN BA 385 56.52 9.38 102.35
C ASN BA 385 56.20 9.32 103.84
N GLY BA 386 56.20 8.11 104.39
CA GLY BA 386 55.65 7.94 105.73
C GLY BA 386 54.15 8.14 105.68
N SER BA 387 53.63 8.97 106.57
CA SER BA 387 52.22 9.33 106.56
C SER BA 387 51.93 10.54 105.70
N GLN BA 388 52.94 11.16 105.11
CA GLN BA 388 52.78 12.37 104.33
C GLN BA 388 52.62 12.04 102.85
N ALA BA 389 51.89 12.89 102.15
CA ALA BA 389 51.84 12.82 100.71
C ALA BA 389 53.03 13.53 100.11
N VAL BA 390 53.32 13.21 98.85
CA VAL BA 390 54.32 13.93 98.08
C VAL BA 390 53.60 14.71 96.99
N GLY BA 391 54.35 15.55 96.28
CA GLY BA 391 53.76 16.34 95.23
C GLY BA 391 53.17 15.51 94.11
N ARG BA 392 53.65 14.29 93.92
CA ARG BA 392 53.13 13.41 92.90
C ARG BA 392 51.90 12.65 93.35
N SER BA 393 51.51 12.76 94.61
CA SER BA 393 50.31 12.08 95.09
C SER BA 393 49.08 12.60 94.38
N SER BA 394 48.23 11.68 93.95
CA SER BA 394 47.04 12.03 93.20
C SER BA 394 45.81 11.93 94.08
N PHE BA 395 44.96 12.95 94.03
CA PHE BA 395 43.66 12.92 94.65
C PHE BA 395 42.60 12.78 93.56
N TYR BA 396 41.68 11.84 93.75
CA TYR BA 396 40.62 11.59 92.78
C TYR BA 396 39.28 11.85 93.44
N CYS BA 397 38.47 12.70 92.81
CA CYS BA 397 37.08 12.89 93.18
C CYS BA 397 36.24 12.03 92.26
N LEU BA 398 35.53 11.06 92.82
CA LEU BA 398 34.72 10.19 91.99
C LEU BA 398 33.46 10.88 91.49
N GLU BA 399 33.05 11.98 92.14
CA GLU BA 399 31.97 12.79 91.59
C GLU BA 399 32.41 13.52 90.33
N TYR BA 400 33.71 13.62 90.08
CA TYR BA 400 34.23 14.21 88.86
C TYR BA 400 34.08 13.30 87.65
N PHE BA 401 33.36 12.20 87.79
CA PHE BA 401 33.07 11.31 86.70
C PHE BA 401 31.60 11.39 86.32
N PRO BA 402 31.26 11.15 85.07
CA PRO BA 402 29.84 11.02 84.70
C PRO BA 402 29.27 9.75 85.33
N SER BA 403 28.20 9.92 86.09
CA SER BA 403 27.54 8.80 86.75
C SER BA 403 26.08 8.77 86.35
N GLN BA 404 25.54 7.58 86.17
CA GLN BA 404 24.11 7.43 86.01
C GLN BA 404 23.46 7.50 87.36
N MET BA 405 22.45 8.35 87.51
CA MET BA 405 21.68 8.42 88.74
C MET BA 405 20.41 7.62 88.57
N LEU BA 406 20.10 6.80 89.57
CA LEU BA 406 19.03 5.82 89.46
C LEU BA 406 18.06 6.03 90.61
N ARG BA 407 16.78 6.22 90.28
CA ARG BA 407 15.74 6.13 91.27
C ARG BA 407 15.27 4.68 91.36
N THR BA 408 14.25 4.44 92.19
CA THR BA 408 13.84 3.08 92.46
C THR BA 408 13.35 2.35 91.22
N GLY BA 409 12.88 3.07 90.22
CA GLY BA 409 12.43 2.46 88.99
C GLY BA 409 13.48 2.25 87.93
N ASN BA 410 14.69 2.75 88.16
CA ASN BA 410 15.74 2.69 87.16
C ASN BA 410 16.62 1.46 87.35
N ASN BA 411 17.29 1.06 86.28
CA ASN BA 411 18.27 0.00 86.34
C ASN BA 411 19.52 0.43 85.60
N PHE BA 412 20.63 -0.21 85.94
CA PHE BA 412 21.93 0.06 85.35
C PHE BA 412 22.47 -1.22 84.76
N GLN BA 413 23.09 -1.12 83.58
CA GLN BA 413 23.71 -2.30 83.00
C GLN BA 413 24.82 -1.87 82.06
N PHE BA 414 25.82 -2.74 81.95
CA PHE BA 414 26.88 -2.55 80.97
C PHE BA 414 27.43 -3.92 80.60
N THR BA 415 28.06 -3.97 79.43
CA THR BA 415 28.70 -5.18 78.95
C THR BA 415 30.18 -4.91 78.78
N TYR BA 416 30.98 -5.96 78.95
CA TYR BA 416 32.43 -5.86 78.85
C TYR BA 416 32.93 -7.10 78.13
N THR BA 417 33.92 -6.91 77.26
CA THR BA 417 34.56 -8.01 76.56
C THR BA 417 35.98 -8.16 77.07
N PHE BA 418 36.30 -9.37 77.51
CA PHE BA 418 37.66 -9.65 77.94
C PHE BA 418 38.60 -9.65 76.75
N GLU BA 419 39.81 -9.14 76.95
CA GLU BA 419 40.83 -9.23 75.93
C GLU BA 419 41.24 -10.69 75.75
N ASP BA 420 41.92 -10.96 74.65
CA ASP BA 420 42.42 -12.31 74.40
C ASP BA 420 43.46 -12.65 75.45
N VAL BA 421 43.09 -13.54 76.38
CA VAL BA 421 43.96 -13.91 77.48
C VAL BA 421 44.26 -15.39 77.29
N PRO BA 422 45.43 -15.90 77.70
CA PRO BA 422 45.68 -17.33 77.59
C PRO BA 422 44.75 -18.13 78.47
N PHE BA 423 44.42 -19.33 78.02
CA PHE BA 423 43.66 -20.26 78.84
C PHE BA 423 44.41 -20.55 80.13
N HIS BA 424 43.70 -20.56 81.24
CA HIS BA 424 44.31 -21.05 82.47
C HIS BA 424 44.57 -22.54 82.35
N SER BA 425 45.74 -22.96 82.81
CA SER BA 425 46.12 -24.37 82.74
C SER BA 425 45.33 -25.14 83.79
N SER BA 426 44.19 -25.67 83.38
CA SER BA 426 43.36 -26.48 84.28
C SER BA 426 43.77 -27.95 84.22
N TYR BA 427 45.06 -28.19 84.37
CA TYR BA 427 45.62 -29.52 84.23
C TYR BA 427 46.93 -29.58 85.00
N ALA BA 428 47.31 -30.77 85.39
CA ALA BA 428 48.63 -31.04 85.92
C ALA BA 428 49.41 -31.89 84.93
N HIS BA 429 50.70 -31.66 84.83
CA HIS BA 429 51.51 -32.42 83.89
C HIS BA 429 51.71 -33.84 84.39
N SER BA 430 51.50 -34.81 83.51
CA SER BA 430 51.74 -36.21 83.81
C SER BA 430 53.16 -36.62 83.51
N GLN BA 431 54.01 -35.69 83.11
CA GLN BA 431 55.42 -35.93 82.91
C GLN BA 431 56.21 -34.87 83.66
N SER BA 432 57.39 -35.24 84.12
CA SER BA 432 58.29 -34.29 84.75
C SER BA 432 59.26 -33.75 83.71
N LEU BA 433 59.73 -32.52 83.95
CA LEU BA 433 60.61 -31.87 82.98
C LEU BA 433 61.93 -32.62 82.81
N ASP BA 434 62.41 -33.25 83.87
CA ASP BA 434 63.65 -34.01 83.80
C ASP BA 434 63.43 -35.46 83.38
N ARG BA 435 62.21 -35.82 82.99
CA ARG BA 435 61.88 -37.18 82.58
C ARG BA 435 61.13 -37.17 81.27
N LEU BA 436 61.57 -36.35 80.31
CA LEU BA 436 60.94 -36.26 79.01
C LEU BA 436 61.56 -37.18 77.98
N MET BA 437 62.58 -37.92 78.36
CA MET BA 437 63.35 -38.74 77.44
C MET BA 437 62.81 -40.17 77.36
N ASN BA 438 63.21 -40.85 76.31
CA ASN BA 438 62.91 -42.27 76.15
C ASN BA 438 63.73 -43.07 77.16
N PRO BA 439 63.09 -43.83 78.04
CA PRO BA 439 63.82 -44.58 79.06
C PRO BA 439 64.47 -45.87 78.57
N LEU BA 440 64.46 -46.13 77.26
CA LEU BA 440 65.04 -47.35 76.72
C LEU BA 440 66.27 -47.11 75.87
N ILE BA 441 66.49 -45.89 75.41
CA ILE BA 441 67.52 -45.59 74.42
C ILE BA 441 68.56 -44.68 75.06
N ASP BA 442 69.82 -44.97 74.81
CA ASP BA 442 70.90 -44.09 75.23
C ASP BA 442 70.89 -42.81 74.39
N GLN BA 443 71.49 -41.78 74.94
CA GLN BA 443 71.75 -40.57 74.19
C GLN BA 443 73.01 -40.75 73.35
N TYR BA 444 73.04 -40.10 72.19
CA TYR BA 444 74.29 -40.04 71.44
C TYR BA 444 75.23 -38.98 71.96
N LEU BA 445 74.74 -38.08 72.81
CA LEU BA 445 75.59 -37.08 73.44
C LEU BA 445 76.30 -37.69 74.65
N TYR BA 446 77.51 -37.20 74.89
CA TYR BA 446 78.30 -37.63 76.03
C TYR BA 446 78.30 -36.55 77.10
N TYR BA 447 78.52 -36.98 78.33
CA TYR BA 447 78.74 -36.06 79.44
C TYR BA 447 80.01 -36.46 80.15
N LEU BA 448 80.66 -35.48 80.78
CA LEU BA 448 81.83 -35.76 81.59
C LEU BA 448 81.42 -36.61 82.78
N SER BA 449 81.81 -37.88 82.77
CA SER BA 449 81.38 -38.81 83.81
C SER BA 449 82.39 -39.00 84.92
N ARG BA 450 83.68 -38.85 84.63
CA ARG BA 450 84.70 -38.95 85.67
C ARG BA 450 85.84 -37.99 85.36
N THR BA 451 86.42 -37.44 86.42
CA THR BA 451 87.61 -36.60 86.31
C THR BA 451 88.81 -37.22 87.00
N GLN BA 452 88.67 -38.42 87.57
CA GLN BA 452 89.74 -39.07 88.30
C GLN BA 452 89.72 -40.56 88.01
N THR BA 453 90.90 -41.15 87.85
CA THR BA 453 90.99 -42.58 87.53
C THR BA 453 90.50 -43.44 88.68
N ASN BA 459 94.97 -42.40 92.77
CA ASN BA 459 94.30 -42.07 91.51
C ASN BA 459 94.76 -40.71 90.99
N THR BA 460 94.75 -40.56 89.68
CA THR BA 460 95.24 -39.37 89.02
C THR BA 460 94.10 -38.74 88.21
N GLN BA 461 94.37 -37.53 87.73
CA GLN BA 461 93.39 -36.83 86.90
C GLN BA 461 93.20 -37.53 85.57
N THR BA 462 91.97 -37.50 85.08
CA THR BA 462 91.63 -38.06 83.78
C THR BA 462 90.35 -37.38 83.31
N LEU BA 463 89.95 -37.70 82.09
CA LEU BA 463 88.68 -37.23 81.53
C LEU BA 463 87.95 -38.45 80.97
N GLY BA 464 86.94 -38.91 81.69
CA GLY BA 464 86.10 -40.00 81.23
C GLY BA 464 84.72 -39.47 80.85
N PHE BA 465 84.24 -39.91 79.70
CA PHE BA 465 82.97 -39.45 79.15
C PHE BA 465 82.06 -40.65 78.95
N SER BA 466 80.80 -40.49 79.33
CA SER BA 466 79.81 -41.54 79.19
C SER BA 466 78.60 -40.99 78.47
N GLN BA 467 77.84 -41.88 77.86
CA GLN BA 467 76.59 -41.51 77.21
C GLN BA 467 75.46 -41.61 78.23
N GLY BA 468 74.67 -40.55 78.30
CA GLY BA 468 73.48 -40.56 79.14
C GLY BA 468 72.52 -41.64 78.70
N GLY BA 469 72.02 -42.42 79.65
CA GLY BA 469 71.14 -43.51 79.32
C GLY BA 469 70.04 -43.67 80.34
N PRO BA 470 69.34 -44.81 80.29
CA PRO BA 470 68.22 -45.04 81.21
C PRO BA 470 68.63 -44.99 82.68
N ASN BA 471 69.87 -45.35 83.00
CA ASN BA 471 70.29 -45.38 84.40
C ASN BA 471 70.91 -44.07 84.86
N THR BA 472 71.64 -43.38 83.99
CA THR BA 472 72.22 -42.07 84.32
C THR BA 472 71.32 -40.96 83.80
N MET BA 473 70.07 -41.00 84.26
CA MET BA 473 69.06 -40.10 83.73
C MET BA 473 69.25 -38.68 84.24
N ALA BA 474 69.86 -38.51 85.41
CA ALA BA 474 70.18 -37.18 85.90
C ALA BA 474 71.30 -36.52 85.11
N ASN BA 475 72.14 -37.30 84.43
CA ASN BA 475 73.25 -36.77 83.67
C ASN BA 475 72.91 -36.48 82.21
N GLN BA 476 71.73 -36.88 81.75
CA GLN BA 476 71.40 -36.76 80.34
C GLN BA 476 71.32 -35.29 79.93
N ALA BA 477 71.74 -35.03 78.70
CA ALA BA 477 71.52 -33.72 78.11
C ALA BA 477 70.04 -33.45 77.95
N LYS BA 478 69.61 -32.25 78.31
CA LYS BA 478 68.21 -31.89 78.31
C LYS BA 478 68.04 -30.53 77.66
N ASN BA 479 66.84 -30.29 77.12
CA ASN BA 479 66.56 -29.08 76.37
C ASN BA 479 65.97 -27.95 77.20
N TRP BA 480 65.50 -28.23 78.42
CA TRP BA 480 64.70 -27.26 79.14
C TRP BA 480 65.13 -27.21 80.60
N LEU BA 481 64.81 -26.09 81.24
CA LEU BA 481 65.11 -25.85 82.63
C LEU BA 481 63.84 -25.59 83.41
N PRO BA 482 63.79 -25.91 84.69
CA PRO BA 482 62.62 -25.58 85.50
C PRO BA 482 62.46 -24.08 85.62
N GLY BA 483 61.23 -23.66 85.88
CA GLY BA 483 60.89 -22.27 85.99
C GLY BA 483 61.68 -21.55 87.06
N PRO BA 484 61.51 -20.23 87.13
CA PRO BA 484 62.32 -19.43 88.03
C PRO BA 484 61.97 -19.68 89.49
N CYS BA 485 62.93 -19.36 90.35
CA CYS BA 485 62.84 -19.64 91.77
C CYS BA 485 63.09 -18.38 92.58
N TYR BA 486 62.30 -18.21 93.65
CA TYR BA 486 62.52 -17.15 94.64
C TYR BA 486 62.26 -17.80 96.00
N ARG BA 487 63.32 -18.37 96.58
CA ARG BA 487 63.16 -19.37 97.63
C ARG BA 487 62.43 -18.82 98.84
N GLN BA 488 61.49 -19.61 99.35
CA GLN BA 488 60.73 -19.28 100.54
C GLN BA 488 61.14 -20.19 101.68
N GLN BA 489 60.95 -19.70 102.91
CA GLN BA 489 61.23 -20.51 104.08
C GLN BA 489 60.18 -21.60 104.22
N ARG BA 490 60.62 -22.78 104.64
CA ARG BA 490 59.74 -23.93 104.79
C ARG BA 490 59.13 -23.94 106.18
N VAL BA 491 57.82 -24.12 106.24
CA VAL BA 491 57.08 -24.21 107.50
C VAL BA 491 56.33 -25.53 107.50
N SER BA 492 56.39 -26.25 108.61
CA SER BA 492 55.70 -27.51 108.77
C SER BA 492 54.37 -27.28 109.47
N THR BA 493 53.31 -27.90 108.96
CA THR BA 493 52.04 -27.88 109.66
C THR BA 493 52.10 -28.66 110.96
N THR BA 494 53.05 -29.58 111.09
CA THR BA 494 53.39 -30.20 112.37
C THR BA 494 54.29 -29.22 113.10
N THR BA 495 53.72 -28.46 114.03
CA THR BA 495 54.42 -27.32 114.61
C THR BA 495 55.67 -27.74 115.36
N GLY BA 496 55.70 -28.94 115.92
CA GLY BA 496 56.87 -29.41 116.62
C GLY BA 496 58.11 -29.51 115.75
N GLN BA 497 57.93 -29.63 114.44
CA GLN BA 497 59.06 -29.67 113.51
C GLN BA 497 59.56 -28.28 113.13
N ASN BA 498 58.87 -27.22 113.56
CA ASN BA 498 59.30 -25.87 113.24
C ASN BA 498 60.24 -25.34 114.31
N ASN BA 499 61.05 -24.36 113.90
CA ASN BA 499 61.92 -23.68 114.85
C ASN BA 499 61.09 -22.94 115.88
N ASN BA 500 61.53 -23.01 117.14
CA ASN BA 500 60.81 -22.35 118.24
C ASN BA 500 61.19 -20.86 118.25
N SER BA 501 60.64 -20.15 117.28
CA SER BA 501 60.83 -18.71 117.17
C SER BA 501 59.70 -18.14 116.32
N ASN BA 502 59.52 -16.82 116.42
CA ASN BA 502 58.52 -16.12 115.62
C ASN BA 502 59.23 -15.58 114.39
N PHE BA 503 59.19 -16.37 113.31
CA PHE BA 503 59.94 -16.05 112.10
C PHE BA 503 59.06 -15.82 110.89
N ALA BA 504 57.75 -15.62 111.08
CA ALA BA 504 56.87 -15.43 109.94
C ALA BA 504 57.27 -14.20 109.14
N TRP BA 505 57.65 -13.12 109.82
CA TRP BA 505 58.10 -11.91 109.15
C TRP BA 505 59.61 -11.85 109.00
N THR BA 506 60.36 -12.17 110.05
CA THR BA 506 61.82 -12.05 110.00
C THR BA 506 62.41 -12.99 108.97
N ALA BA 507 61.90 -14.22 108.88
CA ALA BA 507 62.35 -15.16 107.87
C ALA BA 507 61.47 -15.14 106.62
N GLY BA 508 60.52 -14.22 106.56
CA GLY BA 508 59.65 -14.15 105.40
C GLY BA 508 60.42 -13.78 104.15
N THR BA 509 59.96 -14.31 103.02
CA THR BA 509 60.54 -14.01 101.73
C THR BA 509 59.94 -12.71 101.22
N LYS BA 510 60.78 -11.71 101.02
CA LYS BA 510 60.31 -10.34 100.83
C LYS BA 510 60.94 -9.74 99.58
N TYR BA 511 60.30 -8.70 99.07
CA TYR BA 511 60.91 -7.81 98.11
C TYR BA 511 61.04 -6.42 98.74
N HIS BA 512 61.97 -5.65 98.21
CA HIS BA 512 62.31 -4.34 98.72
C HIS BA 512 61.93 -3.30 97.67
N LEU BA 513 61.11 -2.34 98.06
CA LEU BA 513 60.65 -1.31 97.13
C LEU BA 513 60.61 0.02 97.86
N ASN BA 514 61.43 0.97 97.41
CA ASN BA 514 61.48 2.32 97.97
C ASN BA 514 61.67 2.29 99.50
N GLY BA 515 62.65 1.50 99.93
CA GLY BA 515 62.93 1.38 101.35
C GLY BA 515 61.86 0.70 102.16
N ARG BA 516 60.89 0.08 101.52
CA ARG BA 516 59.79 -0.61 102.20
C ARG BA 516 59.89 -2.10 101.90
N ASN BA 517 59.77 -2.91 102.93
CA ASN BA 517 59.79 -4.35 102.77
C ASN BA 517 58.37 -4.88 102.72
N SER BA 518 58.09 -5.68 101.71
CA SER BA 518 56.80 -6.33 101.56
C SER BA 518 57.03 -7.81 101.30
N LEU BA 519 56.19 -8.64 101.88
CA LEU BA 519 56.27 -10.08 101.62
C LEU BA 519 56.06 -10.35 100.14
N ALA BA 520 56.88 -11.25 99.58
CA ALA BA 520 56.64 -11.79 98.25
C ALA BA 520 55.57 -12.86 98.40
N ASN BA 521 54.34 -12.41 98.56
CA ASN BA 521 53.23 -13.25 99.00
C ASN BA 521 52.12 -13.20 97.97
N PRO BA 522 51.78 -14.31 97.30
CA PRO BA 522 52.42 -15.62 97.50
C PRO BA 522 53.69 -15.78 96.66
N GLY BA 523 54.09 -14.74 95.96
CA GLY BA 523 55.27 -14.81 95.15
C GLY BA 523 55.04 -15.58 93.86
N ILE BA 524 56.16 -15.90 93.20
CA ILE BA 524 56.09 -16.58 91.91
C ILE BA 524 55.58 -18.00 92.11
N ALA BA 525 54.99 -18.55 91.06
CA ALA BA 525 54.41 -19.89 91.11
C ALA BA 525 55.52 -20.93 91.27
N MET BA 526 55.60 -21.52 92.45
CA MET BA 526 56.51 -22.63 92.71
C MET BA 526 55.74 -23.74 93.40
N ALA BA 527 56.23 -24.96 93.22
CA ALA BA 527 55.61 -26.10 93.88
C ALA BA 527 55.65 -25.93 95.39
N THR BA 528 54.52 -26.19 96.04
CA THR BA 528 54.43 -25.97 97.48
C THR BA 528 55.40 -26.87 98.23
N HIS BA 529 55.55 -28.12 97.79
CA HIS BA 529 56.41 -29.08 98.45
C HIS BA 529 56.77 -30.14 97.43
N LYS BA 530 57.77 -30.93 97.77
CA LYS BA 530 58.16 -32.05 96.91
C LYS BA 530 57.39 -33.29 97.32
N ASP BA 531 57.77 -34.44 96.77
CA ASP BA 531 57.07 -35.69 97.04
C ASP BA 531 57.11 -36.03 98.53
N ASP BA 532 55.96 -36.46 99.05
CA ASP BA 532 55.83 -36.97 100.41
C ASP BA 532 56.16 -35.92 101.46
N GLU BA 533 55.91 -34.64 101.16
CA GLU BA 533 56.18 -33.55 102.09
C GLU BA 533 54.99 -32.60 102.14
N GLU BA 534 53.78 -33.15 102.17
CA GLU BA 534 52.57 -32.34 102.15
C GLU BA 534 52.47 -31.45 103.38
N ARG BA 535 53.09 -31.85 104.49
CA ARG BA 535 53.05 -31.05 105.71
C ARG BA 535 53.84 -29.76 105.60
N PHE BA 536 54.69 -29.61 104.59
CA PHE BA 536 55.52 -28.44 104.42
C PHE BA 536 54.88 -27.47 103.45
N PHE BA 537 54.98 -26.18 103.75
CA PHE BA 537 54.53 -25.15 102.84
C PHE BA 537 55.46 -23.95 102.95
N PRO BA 538 55.63 -23.20 101.86
CA PRO BA 538 56.37 -21.95 101.95
C PRO BA 538 55.67 -20.98 102.87
N SER BA 539 56.47 -20.23 103.65
CA SER BA 539 55.91 -19.42 104.72
C SER BA 539 54.92 -18.38 104.20
N ASN BA 540 55.25 -17.73 103.08
CA ASN BA 540 54.32 -16.81 102.43
C ASN BA 540 54.30 -17.08 100.93
N GLY BA 541 54.18 -18.35 100.56
CA GLY BA 541 54.24 -18.73 99.18
C GLY BA 541 53.03 -19.48 98.67
N ILE BA 542 51.95 -19.49 99.44
CA ILE BA 542 50.71 -20.15 99.04
C ILE BA 542 49.53 -19.25 99.38
N LEU BA 543 48.44 -19.47 98.66
CA LEU BA 543 47.17 -18.85 99.03
C LEU BA 543 46.58 -19.58 100.22
N ILE BA 544 46.19 -18.83 101.23
CA ILE BA 544 45.59 -19.39 102.43
C ILE BA 544 44.21 -18.80 102.56
N PHE BA 545 43.19 -19.64 102.45
CA PHE BA 545 41.81 -19.23 102.64
C PHE BA 545 41.36 -19.58 104.03
N GLY BA 546 40.48 -18.75 104.59
CA GLY BA 546 39.93 -18.99 105.90
C GLY BA 546 38.67 -19.84 105.80
N LYS BA 547 38.53 -20.76 106.75
CA LYS BA 547 37.27 -21.45 106.88
C LYS BA 547 36.20 -20.48 107.38
N GLN BA 548 34.95 -20.91 107.29
CA GLN BA 548 33.86 -20.06 107.74
C GLN BA 548 34.04 -19.72 109.22
N ASN BA 549 33.85 -18.44 109.56
CA ASN BA 549 33.98 -17.93 110.91
C ASN BA 549 35.41 -18.02 111.43
N ALA BA 550 36.39 -18.04 110.53
CA ALA BA 550 37.78 -17.95 110.96
C ALA BA 550 38.08 -16.53 111.44
N ALA BA 551 38.90 -16.43 112.48
CA ALA BA 551 39.24 -15.13 113.03
C ALA BA 551 40.05 -14.32 112.02
N ARG BA 552 39.84 -13.00 112.06
CA ARG BA 552 40.62 -12.12 111.20
C ARG BA 552 42.10 -12.15 111.55
N ASP BA 553 42.43 -12.16 112.83
CA ASP BA 553 43.81 -12.15 113.29
C ASP BA 553 44.11 -13.42 114.07
N ASN BA 554 45.28 -14.01 113.80
CA ASN BA 554 45.78 -15.16 114.54
C ASN BA 554 44.78 -16.31 114.54
N ALA BA 555 44.25 -16.62 113.36
CA ALA BA 555 43.45 -17.82 113.20
C ALA BA 555 44.36 -19.04 113.29
N ASP BA 556 43.88 -20.07 113.97
CA ASP BA 556 44.66 -21.30 114.09
C ASP BA 556 44.72 -22.02 112.76
N TYR BA 557 45.68 -22.94 112.65
CA TYR BA 557 45.82 -23.71 111.42
C TYR BA 557 44.55 -24.47 111.09
N SER BA 558 43.80 -24.90 112.11
CA SER BA 558 42.55 -25.60 111.86
C SER BA 558 41.47 -24.70 111.31
N ASP BA 559 41.61 -23.38 111.44
CA ASP BA 559 40.63 -22.43 110.94
C ASP BA 559 40.93 -21.91 109.54
N VAL BA 560 42.04 -22.34 108.93
CA VAL BA 560 42.42 -21.86 107.62
C VAL BA 560 42.55 -23.05 106.68
N MET BA 561 42.54 -22.74 105.39
CA MET BA 561 42.61 -23.74 104.33
C MET BA 561 43.84 -23.44 103.49
N LEU BA 562 44.89 -24.23 103.68
CA LEU BA 562 46.11 -24.05 102.90
C LEU BA 562 45.92 -24.64 101.50
N THR BA 563 46.26 -23.86 100.49
CA THR BA 563 46.31 -24.40 99.15
C THR BA 563 47.66 -25.08 98.92
N SER BA 564 47.72 -25.88 97.87
CA SER BA 564 48.96 -26.57 97.52
C SER BA 564 49.16 -26.51 96.02
N GLU BA 565 50.32 -26.05 95.59
CA GLU BA 565 50.70 -26.04 94.19
C GLU BA 565 51.61 -27.21 93.85
N GLU BA 566 51.39 -28.37 94.46
CA GLU BA 566 52.23 -29.53 94.21
C GLU BA 566 52.07 -30.06 92.78
N GLU BA 567 51.00 -29.70 92.08
CA GLU BA 567 50.81 -30.16 90.71
C GLU BA 567 51.89 -29.64 89.77
N ILE BA 568 52.53 -28.52 90.11
CA ILE BA 568 53.54 -27.93 89.25
C ILE BA 568 54.95 -28.36 89.65
N LYS BA 569 55.07 -29.40 90.49
CA LYS BA 569 56.38 -29.99 90.77
C LYS BA 569 57.08 -30.42 89.49
N THR BA 570 56.31 -30.81 88.48
CA THR BA 570 56.88 -31.35 87.25
C THR BA 570 57.66 -30.31 86.47
N THR BA 571 57.33 -29.06 86.64
CA THR BA 571 57.96 -28.00 85.86
C THR BA 571 58.53 -26.89 86.73
N ASN BA 572 57.87 -26.56 87.83
CA ASN BA 572 58.36 -25.47 88.67
C ASN BA 572 59.18 -26.03 89.83
N PRO BA 573 60.23 -25.34 90.23
CA PRO BA 573 60.99 -25.77 91.41
C PRO BA 573 60.16 -25.66 92.67
N VAL BA 574 60.49 -26.49 93.64
CA VAL BA 574 59.80 -26.44 94.93
C VAL BA 574 60.10 -25.11 95.61
N ALA BA 575 59.06 -24.49 96.17
CA ALA BA 575 59.17 -23.14 96.70
C ALA BA 575 60.19 -23.04 97.82
N THR BA 576 60.39 -24.11 98.57
CA THR BA 576 61.25 -24.09 99.74
C THR BA 576 62.62 -24.70 99.48
N GLU BA 577 62.91 -25.05 98.24
CA GLU BA 577 64.19 -25.63 97.88
C GLU BA 577 64.95 -24.68 96.97
N GLU BA 578 66.25 -24.92 96.88
CA GLU BA 578 67.09 -24.15 95.97
C GLU BA 578 66.76 -24.49 94.52
N TYR BA 579 66.99 -23.52 93.63
CA TYR BA 579 66.78 -23.78 92.21
C TYR BA 579 67.76 -24.82 91.70
N GLY BA 580 69.02 -24.72 92.12
CA GLY BA 580 70.03 -25.62 91.61
C GLY BA 580 71.38 -25.25 92.16
N ILE BA 581 72.42 -25.73 91.48
CA ILE BA 581 73.79 -25.58 91.92
C ILE BA 581 74.59 -24.99 90.77
N VAL BA 582 75.40 -23.98 91.06
CA VAL BA 582 76.32 -23.40 90.09
C VAL BA 582 77.72 -23.43 90.66
N ALA BA 583 78.70 -23.35 89.77
CA ALA BA 583 80.09 -23.25 90.18
C ALA BA 583 80.35 -21.90 90.82
N ASP BA 584 81.15 -21.90 91.88
CA ASP BA 584 81.49 -20.68 92.59
C ASP BA 584 82.93 -20.24 92.38
N ASN BA 585 83.75 -21.04 91.71
CA ASN BA 585 85.16 -20.72 91.52
C ASN BA 585 85.65 -21.43 90.27
N LEU BA 586 86.96 -21.35 90.05
CA LEU BA 586 87.62 -22.07 88.97
C LEU BA 586 88.53 -23.11 89.60
N GLN BA 587 88.17 -24.38 89.46
CA GLN BA 587 88.98 -25.44 90.03
C GLN BA 587 90.31 -25.54 89.30
N GLN BA 588 91.37 -25.79 90.07
CA GLN BA 588 92.69 -26.06 89.55
C GLN BA 588 93.24 -27.29 90.28
N GLN BA 589 94.45 -27.71 89.92
CA GLN BA 589 95.05 -28.83 90.61
C GLN BA 589 95.29 -28.54 92.08
N ASN BA 590 95.30 -27.26 92.49
CA ASN BA 590 95.48 -26.90 93.88
C ASN BA 590 94.22 -26.40 94.56
N THR BA 591 93.17 -26.04 93.80
CA THR BA 591 91.93 -25.55 94.38
C THR BA 591 90.80 -26.48 93.99
N ALA BA 592 90.17 -27.09 94.99
CA ALA BA 592 89.03 -27.96 94.73
C ALA BA 592 87.85 -27.13 94.24
N PRO BA 593 87.03 -27.69 93.34
CA PRO BA 593 85.86 -26.96 92.85
C PRO BA 593 84.89 -26.65 93.98
N GLN BA 594 84.33 -25.45 93.94
CA GLN BA 594 83.35 -25.01 94.91
C GLN BA 594 82.02 -24.77 94.21
N ILE BA 595 80.94 -25.06 94.91
CA ILE BA 595 79.60 -24.95 94.34
C ILE BA 595 78.81 -23.91 95.12
N GLY BA 596 77.96 -23.19 94.40
CA GLY BA 596 77.08 -22.20 94.99
C GLY BA 596 75.63 -22.67 94.87
N THR BA 597 74.87 -22.48 95.93
CA THR BA 597 73.47 -22.85 95.96
C THR BA 597 72.63 -21.69 95.46
N VAL BA 598 71.86 -21.91 94.40
CA VAL BA 598 71.05 -20.87 93.78
C VAL BA 598 69.71 -20.85 94.49
N ASN BA 599 69.52 -19.85 95.36
CA ASN BA 599 68.27 -19.69 96.08
C ASN BA 599 67.32 -18.72 95.40
N SER BA 600 67.77 -18.03 94.37
CA SER BA 600 66.93 -17.11 93.60
C SER BA 600 67.43 -17.14 92.17
N GLN BA 601 66.55 -17.52 91.25
CA GLN BA 601 66.93 -17.66 89.85
C GLN BA 601 65.90 -16.93 89.00
N GLY BA 602 66.36 -15.89 88.30
CA GLY BA 602 65.54 -15.22 87.32
C GLY BA 602 65.43 -16.01 86.04
N ALA BA 603 64.74 -15.43 85.07
CA ALA BA 603 64.45 -16.13 83.83
C ALA BA 603 65.74 -16.50 83.10
N LEU BA 604 65.84 -17.76 82.69
CA LEU BA 604 66.90 -18.26 81.85
C LEU BA 604 66.31 -18.81 80.56
N PRO BA 605 67.03 -18.71 79.45
CA PRO BA 605 66.52 -19.30 78.20
C PRO BA 605 66.34 -20.81 78.36
N GLY BA 606 65.28 -21.31 77.73
CA GLY BA 606 64.92 -22.70 77.87
C GLY BA 606 64.13 -23.02 79.12
N MET BA 607 63.83 -22.03 79.96
CA MET BA 607 63.08 -22.28 81.16
C MET BA 607 61.60 -22.34 80.84
N VAL BA 608 60.91 -23.28 81.46
CA VAL BA 608 59.46 -23.41 81.34
C VAL BA 608 58.87 -23.52 82.73
N TRP BA 609 57.64 -23.05 82.88
CA TRP BA 609 57.00 -23.07 84.20
C TRP BA 609 55.50 -23.01 84.02
N GLN BA 610 54.80 -23.36 85.09
CA GLN BA 610 53.36 -23.24 85.18
C GLN BA 610 53.00 -22.08 86.10
N ASN BA 611 51.86 -21.46 85.83
CA ASN BA 611 51.35 -20.44 86.72
C ASN BA 611 50.72 -21.07 87.95
N ARG BA 612 50.44 -20.23 88.94
CA ARG BA 612 49.71 -20.68 90.11
C ARG BA 612 48.30 -21.11 89.70
N ASP BA 613 47.79 -22.13 90.38
CA ASP BA 613 46.44 -22.59 90.13
C ASP BA 613 45.43 -21.53 90.56
N VAL BA 614 44.27 -21.55 89.93
CA VAL BA 614 43.15 -20.75 90.40
C VAL BA 614 42.28 -21.65 91.28
N TYR BA 615 41.47 -21.02 92.13
CA TYR BA 615 40.66 -21.72 93.09
C TYR BA 615 39.24 -21.19 93.02
N LEU BA 616 38.29 -22.04 93.43
CA LEU BA 616 36.90 -21.62 93.47
C LEU BA 616 36.74 -20.39 94.35
N GLN BA 617 37.46 -20.33 95.46
CA GLN BA 617 37.45 -19.17 96.35
C GLN BA 617 38.44 -18.09 95.95
N GLY BA 618 39.29 -18.35 94.96
CA GLY BA 618 40.37 -17.45 94.63
C GLY BA 618 39.98 -16.36 93.66
N PRO BA 619 40.91 -15.43 93.41
CA PRO BA 619 40.65 -14.36 92.45
C PRO BA 619 40.62 -14.86 91.02
N ILE BA 620 39.92 -14.11 90.17
CA ILE BA 620 39.80 -14.43 88.76
C ILE BA 620 40.82 -13.67 87.93
N TRP BA 621 40.87 -12.34 88.10
CA TRP BA 621 41.72 -11.51 87.26
C TRP BA 621 42.42 -10.48 88.11
N ALA BA 622 43.49 -9.92 87.55
CA ALA BA 622 44.14 -8.74 88.10
C ALA BA 622 44.46 -7.81 86.95
N LYS BA 623 44.49 -6.51 87.24
CA LYS BA 623 44.93 -5.55 86.26
C LYS BA 623 46.44 -5.58 86.16
N ILE BA 624 46.95 -5.78 84.95
CA ILE BA 624 48.38 -5.67 84.71
C ILE BA 624 48.74 -4.20 84.88
N PRO BA 625 49.69 -3.87 85.76
CA PRO BA 625 50.05 -2.47 85.93
C PRO BA 625 50.56 -1.88 84.63
N HIS BA 626 50.19 -0.63 84.40
CA HIS BA 626 50.60 0.06 83.18
C HIS BA 626 52.06 0.48 83.35
N THR BA 627 52.97 -0.34 82.85
CA THR BA 627 54.39 -0.09 82.96
C THR BA 627 55.05 -0.28 81.60
N ASP BA 628 56.29 0.20 81.50
CA ASP BA 628 57.07 0.00 80.28
C ASP BA 628 57.31 -1.48 80.03
N GLY BA 629 57.66 -2.22 81.05
CA GLY BA 629 58.00 -3.62 80.89
C GLY BA 629 57.37 -4.46 81.97
N ASN BA 630 57.00 -5.67 81.58
CA ASN BA 630 56.62 -6.71 82.52
C ASN BA 630 57.14 -8.02 81.98
N PHE BA 631 57.31 -8.98 82.87
CA PHE BA 631 57.73 -10.32 82.49
C PHE BA 631 56.64 -11.30 82.91
N HIS BA 632 56.08 -12.01 81.94
CA HIS BA 632 55.00 -12.97 82.14
C HIS BA 632 53.93 -12.38 83.04
N PRO BA 633 53.16 -11.42 82.56
CA PRO BA 633 52.24 -10.68 83.44
C PRO BA 633 51.04 -11.52 83.87
N SER BA 634 51.30 -12.66 84.44
CA SER BA 634 50.26 -13.45 85.08
C SER BA 634 50.21 -13.12 86.56
N PRO BA 635 49.04 -12.76 87.09
CA PRO BA 635 48.98 -12.33 88.50
C PRO BA 635 49.48 -13.42 89.43
N LEU BA 636 50.21 -13.00 90.46
CA LEU BA 636 50.91 -13.96 91.30
C LEU BA 636 49.96 -14.73 92.21
N MET BA 637 48.88 -14.11 92.68
CA MET BA 637 47.89 -14.88 93.43
C MET BA 637 46.98 -15.68 92.52
N GLY BA 638 47.31 -15.79 91.24
CA GLY BA 638 46.58 -16.63 90.32
C GLY BA 638 45.53 -15.86 89.54
N GLY BA 639 45.19 -16.39 88.38
CA GLY BA 639 44.15 -15.83 87.56
C GLY BA 639 44.68 -15.25 86.26
N PHE BA 640 43.89 -14.38 85.68
CA PHE BA 640 44.15 -13.84 84.36
C PHE BA 640 44.65 -12.41 84.50
N GLY BA 641 45.82 -12.15 83.92
CA GLY BA 641 46.33 -10.79 83.88
C GLY BA 641 45.74 -10.05 82.70
N LEU BA 642 45.08 -8.93 82.95
CA LEU BA 642 44.40 -8.16 81.92
C LEU BA 642 44.94 -6.74 81.90
N LYS BA 643 45.32 -6.27 80.72
CA LYS BA 643 45.65 -4.87 80.57
C LYS BA 643 44.44 -4.00 80.81
N HIS BA 644 43.26 -4.44 80.35
CA HIS BA 644 42.01 -3.73 80.51
C HIS BA 644 41.02 -4.69 81.18
N PRO BA 645 41.10 -4.82 82.50
CA PRO BA 645 40.24 -5.77 83.21
C PRO BA 645 38.81 -5.28 83.23
N PRO BA 646 37.88 -6.07 83.76
CA PRO BA 646 36.53 -5.57 83.99
C PRO BA 646 36.58 -4.28 84.78
N PRO BA 647 35.91 -3.23 84.31
CA PRO BA 647 36.04 -1.93 84.96
C PRO BA 647 35.46 -1.94 86.36
N GLN BA 648 36.03 -1.11 87.22
CA GLN BA 648 35.46 -0.90 88.54
C GLN BA 648 34.08 -0.28 88.40
N ILE BA 649 33.12 -0.82 89.15
CA ILE BA 649 31.76 -0.32 89.16
C ILE BA 649 31.56 0.39 90.49
N LEU BA 650 31.49 1.70 90.45
CA LEU BA 650 31.40 2.52 91.65
C LEU BA 650 29.94 2.89 91.88
N ILE BA 651 29.49 2.76 93.13
CA ILE BA 651 28.11 3.03 93.48
C ILE BA 651 28.08 3.86 94.75
N LYS BA 652 27.17 4.81 94.81
CA LYS BA 652 27.06 5.69 95.96
C LYS BA 652 25.60 6.11 96.13
N ASN BA 653 25.17 6.21 97.38
CA ASN BA 653 23.91 6.86 97.67
C ASN BA 653 24.08 8.36 97.49
N THR BA 654 23.23 8.95 96.66
CA THR BA 654 23.28 10.39 96.49
C THR BA 654 22.91 11.07 97.80
N PRO BA 655 23.73 11.98 98.31
CA PRO BA 655 23.40 12.65 99.57
C PRO BA 655 22.08 13.40 99.45
N VAL BA 656 21.24 13.23 100.45
CA VAL BA 656 19.97 13.96 100.55
C VAL BA 656 20.07 14.86 101.78
N PRO BA 657 20.22 16.16 101.61
CA PRO BA 657 20.36 17.05 102.77
C PRO BA 657 19.12 17.01 103.64
N ALA BA 658 19.34 17.13 104.95
CA ALA BA 658 18.26 17.46 105.85
C ALA BA 658 17.83 18.90 105.61
N ASP BA 659 16.89 19.39 106.40
CA ASP BA 659 16.37 20.72 106.16
C ASP BA 659 17.48 21.75 106.37
N PRO BA 660 17.80 22.56 105.36
CA PRO BA 660 18.80 23.59 105.54
C PRO BA 660 18.25 24.74 106.38
N PRO BA 661 19.11 25.59 106.91
CA PRO BA 661 18.62 26.77 107.63
C PRO BA 661 17.86 27.70 106.70
N THR BA 662 16.99 28.51 107.27
CA THR BA 662 16.20 29.44 106.48
C THR BA 662 16.95 30.73 106.15
N THR BA 663 18.16 30.90 106.68
CA THR BA 663 19.04 31.99 106.29
C THR BA 663 20.27 31.39 105.62
N PHE BA 664 20.73 32.04 104.56
CA PHE BA 664 21.79 31.46 103.75
C PHE BA 664 23.08 31.30 104.54
N ASN BA 665 23.70 30.14 104.38
CA ASN BA 665 25.01 29.85 104.93
C ASN BA 665 25.87 29.27 103.81
N GLN BA 666 27.05 29.84 103.60
CA GLN BA 666 27.91 29.40 102.52
C GLN BA 666 28.57 28.05 102.81
N SER BA 667 28.60 27.64 104.07
CA SER BA 667 29.28 26.41 104.44
C SER BA 667 28.59 25.21 103.80
N LYS BA 668 29.39 24.22 103.44
CA LYS BA 668 28.84 22.99 102.87
C LYS BA 668 27.92 22.33 103.88
N LEU BA 669 26.84 21.75 103.38
CA LEU BA 669 25.88 21.10 104.25
C LEU BA 669 26.47 19.83 104.83
N ASN BA 670 26.33 19.65 106.14
CA ASN BA 670 26.77 18.44 106.80
C ASN BA 670 25.64 17.68 107.47
N SER BA 671 24.41 18.19 107.40
CA SER BA 671 23.24 17.52 107.95
C SER BA 671 22.54 16.81 106.81
N PHE BA 672 22.57 15.49 106.83
CA PHE BA 672 22.00 14.69 105.76
C PHE BA 672 20.99 13.70 106.33
N ILE BA 673 20.00 13.38 105.49
CA ILE BA 673 19.05 12.35 105.84
C ILE BA 673 19.77 10.99 105.84
N THR BA 674 19.65 10.26 106.94
CA THR BA 674 20.29 8.96 107.03
C THR BA 674 19.65 8.00 106.04
N GLN BA 675 20.47 7.34 105.25
CA GLN BA 675 19.95 6.70 104.06
C GLN BA 675 20.84 5.53 103.68
N TYR BA 676 20.22 4.48 103.15
CA TYR BA 676 20.95 3.37 102.57
C TYR BA 676 20.13 2.83 101.41
N SER BA 677 20.80 2.13 100.52
CA SER BA 677 20.13 1.54 99.37
C SER BA 677 20.36 0.04 99.35
N THR BA 678 19.40 -0.66 98.76
CA THR BA 678 19.51 -2.08 98.52
C THR BA 678 18.99 -2.36 97.13
N GLY BA 679 19.44 -3.47 96.57
CA GLY BA 679 18.99 -3.85 95.25
C GLY BA 679 19.56 -5.20 94.88
N GLN BA 680 19.38 -5.55 93.62
CA GLN BA 680 19.92 -6.78 93.09
C GLN BA 680 21.01 -6.46 92.08
N VAL BA 681 22.04 -7.29 92.06
CA VAL BA 681 23.14 -7.17 91.12
C VAL BA 681 23.24 -8.49 90.37
N SER BA 682 23.31 -8.41 89.04
CA SER BA 682 23.49 -9.58 88.20
C SER BA 682 24.79 -9.43 87.44
N VAL BA 683 25.61 -10.46 87.47
CA VAL BA 683 26.82 -10.51 86.64
C VAL BA 683 26.78 -11.81 85.86
N GLU BA 684 26.91 -11.71 84.55
CA GLU BA 684 26.94 -12.85 83.66
C GLU BA 684 28.29 -12.88 82.98
N ILE BA 685 29.02 -13.98 83.12
CA ILE BA 685 30.31 -14.15 82.47
C ILE BA 685 30.23 -15.36 81.55
N GLU BA 686 30.63 -15.17 80.31
CA GLU BA 686 30.80 -16.27 79.37
C GLU BA 686 32.25 -16.71 79.39
N TRP BA 687 32.47 -17.99 79.65
CA TRP BA 687 33.80 -18.57 79.68
C TRP BA 687 33.98 -19.50 78.49
N GLU BA 688 35.14 -19.41 77.86
CA GLU BA 688 35.52 -20.36 76.84
C GLU BA 688 36.27 -21.52 77.47
N LEU BA 689 35.97 -22.73 77.01
CA LEU BA 689 36.54 -23.93 77.58
C LEU BA 689 37.53 -24.55 76.59
N GLN BA 690 38.62 -25.09 77.14
CA GLN BA 690 39.54 -25.93 76.40
C GLN BA 690 39.24 -27.38 76.76
N LYS BA 691 38.58 -28.10 75.86
CA LYS BA 691 38.26 -29.49 76.10
C LYS BA 691 39.52 -30.34 76.11
N GLU BA 692 39.56 -31.30 77.03
CA GLU BA 692 40.69 -32.22 77.08
C GLU BA 692 40.60 -33.21 75.93
N ASN BA 693 41.68 -33.35 75.19
CA ASN BA 693 41.78 -34.32 74.10
C ASN BA 693 42.96 -35.23 74.44
N SER BA 694 42.68 -36.25 75.24
CA SER BA 694 43.72 -37.05 75.86
C SER BA 694 43.57 -38.51 75.46
N LYS BA 695 44.69 -39.15 75.17
CA LYS BA 695 44.72 -40.57 74.87
C LYS BA 695 45.18 -41.41 76.06
N ARG BA 696 45.19 -40.81 77.25
CA ARG BA 696 45.49 -41.55 78.47
C ARG BA 696 44.54 -42.72 78.62
N TRP BA 697 45.09 -43.89 78.95
CA TRP BA 697 44.28 -45.09 79.05
C TRP BA 697 43.63 -45.21 80.43
N ASN BA 698 44.42 -45.06 81.48
CA ASN BA 698 43.92 -45.24 82.83
C ASN BA 698 43.07 -44.04 83.25
N PRO BA 699 42.17 -44.23 84.21
CA PRO BA 699 41.30 -43.12 84.63
C PRO BA 699 42.10 -41.97 85.23
N GLU BA 700 41.58 -40.77 85.04
CA GLU BA 700 42.20 -39.56 85.56
C GLU BA 700 41.79 -39.34 87.01
N ILE BA 701 42.52 -38.46 87.67
CA ILE BA 701 42.11 -37.95 88.97
C ILE BA 701 41.02 -36.93 88.77
N GLN BA 702 39.94 -37.05 89.52
CA GLN BA 702 38.80 -36.14 89.43
C GLN BA 702 38.50 -35.60 90.80
N TYR BA 703 38.04 -34.35 90.85
CA TYR BA 703 37.50 -33.85 92.10
C TYR BA 703 36.17 -34.52 92.38
N THR BA 704 36.02 -35.08 93.56
CA THR BA 704 34.80 -35.77 93.94
C THR BA 704 34.46 -35.41 95.38
N SER BA 705 33.16 -35.40 95.67
CA SER BA 705 32.74 -35.30 97.05
C SER BA 705 32.98 -36.64 97.74
N ASN BA 706 33.19 -36.58 99.05
CA ASN BA 706 33.39 -37.80 99.82
C ASN BA 706 32.10 -38.60 99.88
N TYR BA 707 32.21 -39.90 99.66
CA TYR BA 707 31.03 -40.76 99.67
C TYR BA 707 30.54 -41.04 101.08
N TYR BA 708 31.44 -41.03 102.06
CA TYR BA 708 31.10 -41.43 103.42
C TYR BA 708 30.17 -40.41 104.08
N LYS BA 709 29.40 -40.89 105.05
CA LYS BA 709 28.40 -40.05 105.70
C LYS BA 709 29.06 -38.94 106.52
N SER BA 710 28.33 -37.87 106.73
CA SER BA 710 28.83 -36.73 107.50
C SER BA 710 27.66 -35.99 108.11
N THR BA 711 27.97 -35.16 109.10
CA THR BA 711 26.94 -34.39 109.78
C THR BA 711 26.26 -33.41 108.83
N SER BA 712 27.02 -32.82 107.91
CA SER BA 712 26.49 -31.84 106.98
C SER BA 712 27.04 -32.13 105.59
N VAL BA 713 26.31 -31.65 104.60
CA VAL BA 713 26.75 -31.76 103.21
C VAL BA 713 27.83 -30.70 102.96
N ASP BA 714 28.93 -31.10 102.35
CA ASP BA 714 29.97 -30.16 101.98
C ASP BA 714 29.45 -29.19 100.94
N PHE BA 715 29.84 -27.92 101.08
CA PHE BA 715 29.35 -26.84 100.21
C PHE BA 715 27.84 -26.72 100.28
N ALA BA 716 27.32 -26.74 101.50
CA ALA BA 716 25.91 -26.53 101.76
C ALA BA 716 25.79 -25.68 103.02
N VAL BA 717 24.58 -25.48 103.46
CA VAL BA 717 24.34 -24.74 104.68
C VAL BA 717 24.27 -25.71 105.84
N ASN BA 718 24.57 -25.22 107.04
CA ASN BA 718 24.43 -26.01 108.24
C ASN BA 718 23.04 -25.79 108.82
N THR BA 719 22.81 -26.24 110.05
CA THR BA 719 21.51 -26.09 110.68
C THR BA 719 21.17 -24.64 110.99
N GLU BA 720 22.15 -23.75 111.00
CA GLU BA 720 21.94 -22.34 111.28
C GLU BA 720 21.82 -21.50 110.03
N GLY BA 721 21.86 -22.12 108.85
CA GLY BA 721 21.77 -21.37 107.62
C GLY BA 721 23.07 -20.80 107.11
N VAL BA 722 24.19 -21.16 107.70
CA VAL BA 722 25.49 -20.62 107.31
C VAL BA 722 26.04 -21.49 106.19
N TYR BA 723 26.27 -20.88 105.03
CA TYR BA 723 26.95 -21.55 103.94
C TYR BA 723 28.45 -21.53 104.21
N SER BA 724 29.09 -22.67 103.99
CA SER BA 724 30.53 -22.78 104.20
C SER BA 724 31.16 -23.53 103.04
N GLU BA 725 32.40 -23.14 102.74
CA GLU BA 725 33.21 -23.87 101.77
C GLU BA 725 34.25 -24.66 102.54
N PRO BA 726 34.15 -25.98 102.61
CA PRO BA 726 35.01 -26.73 103.54
C PRO BA 726 36.45 -26.82 103.11
N ARG BA 727 36.74 -26.71 101.82
CA ARG BA 727 38.10 -26.86 101.33
C ARG BA 727 38.30 -25.95 100.13
N PRO BA 728 39.53 -25.56 99.83
CA PRO BA 728 39.80 -24.84 98.57
C PRO BA 728 39.89 -25.84 97.43
N ILE BA 729 39.00 -25.71 96.46
CA ILE BA 729 39.02 -26.58 95.30
C ILE BA 729 39.92 -25.95 94.25
N GLY BA 730 41.02 -26.60 93.95
CA GLY BA 730 41.89 -26.16 92.89
C GLY BA 730 41.27 -26.40 91.54
N THR BA 731 42.10 -26.41 90.50
CA THR BA 731 41.59 -26.53 89.15
C THR BA 731 42.28 -27.64 88.37
N ARG BA 732 43.40 -28.16 88.88
CA ARG BA 732 44.27 -29.06 88.13
C ARG BA 732 44.02 -30.49 88.58
N TYR BA 733 43.15 -31.18 87.85
CA TYR BA 733 42.87 -32.60 88.09
C TYR BA 733 43.14 -33.46 86.88
N LEU BA 734 42.80 -32.99 85.69
CA LEU BA 734 43.16 -33.68 84.46
C LEU BA 734 44.66 -33.56 84.24
N THR BA 735 45.18 -34.39 83.33
CA THR BA 735 46.62 -34.44 83.08
C THR BA 735 46.91 -34.21 81.61
N ARG BA 736 48.09 -33.65 81.36
CA ARG BA 736 48.64 -33.52 80.03
C ARG BA 736 50.09 -33.97 80.05
N ASN BA 737 50.57 -34.43 78.90
CA ASN BA 737 52.01 -34.60 78.74
C ASN BA 737 52.68 -33.25 78.64
N LEU BA 738 53.97 -33.22 78.94
CA LEU BA 738 54.73 -31.99 78.81
C LEU BA 738 55.02 -31.70 77.34
N GLY CA 221 73.40 24.34 40.53
CA GLY CA 221 74.16 25.50 40.12
C GLY CA 221 75.06 26.07 41.20
N VAL CA 222 76.18 26.66 40.78
CA VAL CA 222 77.11 27.27 41.73
C VAL CA 222 76.45 28.42 42.48
N GLY CA 223 75.70 29.25 41.78
CA GLY CA 223 75.13 30.45 42.35
C GLY CA 223 73.71 30.33 42.86
N SER CA 224 73.18 29.13 43.01
CA SER CA 224 71.83 28.92 43.50
C SER CA 224 71.86 28.05 44.74
N SER CA 225 71.08 28.43 45.74
CA SER CA 225 70.97 27.64 46.97
C SER CA 225 70.28 26.32 46.68
N SER CA 226 70.79 25.24 47.30
CA SER CA 226 70.21 23.92 47.14
C SER CA 226 69.24 23.56 48.25
N GLY CA 227 68.97 24.47 49.16
CA GLY CA 227 68.01 24.21 50.22
C GLY CA 227 67.90 25.41 51.13
N ASN CA 228 66.82 25.42 51.89
CA ASN CA 228 66.52 26.52 52.81
C ASN CA 228 66.72 26.08 54.25
N TRP CA 229 66.86 27.07 55.12
CA TRP CA 229 66.98 26.83 56.55
C TRP CA 229 65.62 26.48 57.11
N HIS CA 230 65.52 25.31 57.75
CA HIS CA 230 64.26 24.81 58.30
C HIS CA 230 64.51 24.39 59.75
N CYS CA 231 64.38 25.34 60.66
CA CYS CA 231 64.32 25.06 62.09
C CYS CA 231 62.93 25.46 62.57
N ASP CA 232 62.20 24.50 63.10
CA ASP CA 232 60.81 24.73 63.48
C ASP CA 232 60.31 23.52 64.25
N SER CA 233 59.18 23.72 64.92
CA SER CA 233 58.43 22.63 65.52
C SER CA 233 56.96 22.94 65.36
N THR CA 234 56.23 22.04 64.72
CA THR CA 234 54.81 22.22 64.50
C THR CA 234 54.06 21.17 65.30
N TRP CA 235 53.22 21.63 66.22
CA TRP CA 235 52.38 20.75 67.02
C TRP CA 235 51.00 20.71 66.40
N LEU CA 236 50.57 19.53 65.99
CA LEU CA 236 49.30 19.37 65.29
C LEU CA 236 48.65 18.09 65.78
N GLY CA 237 47.66 18.23 66.66
CA GLY CA 237 46.96 17.06 67.17
C GLY CA 237 47.88 16.20 68.01
N ASP CA 238 47.94 14.92 67.67
CA ASP CA 238 48.77 13.95 68.37
C ASP CA 238 50.16 13.83 67.78
N ARG CA 239 50.55 14.76 66.91
CA ARG CA 239 51.87 14.75 66.31
C ARG CA 239 52.59 16.04 66.65
N VAL CA 240 53.91 15.95 66.77
CA VAL CA 240 54.78 17.11 66.74
C VAL CA 240 55.87 16.83 65.72
N ILE CA 241 56.09 17.77 64.81
CA ILE CA 241 57.11 17.64 63.79
C ILE CA 241 58.22 18.62 64.12
N THR CA 242 59.35 18.10 64.58
CA THR CA 242 60.53 18.91 64.82
C THR CA 242 61.39 18.89 63.58
N THR CA 243 61.82 20.06 63.14
CA THR CA 243 62.81 20.16 62.08
C THR CA 243 63.91 21.07 62.55
N SER CA 244 65.15 20.66 62.32
CA SER CA 244 66.30 21.42 62.78
C SER CA 244 67.34 21.48 61.68
N THR CA 245 67.88 22.65 61.46
CA THR CA 245 68.95 22.87 60.50
C THR CA 245 70.18 23.35 61.24
N ARG CA 246 71.34 22.82 60.84
CA ARG CA 246 72.61 23.23 61.42
C ARG CA 246 73.62 23.42 60.30
N THR CA 247 74.60 24.26 60.56
CA THR CA 247 75.75 24.39 59.68
C THR CA 247 76.85 23.48 60.18
N TRP CA 248 77.37 22.64 59.31
CA TRP CA 248 78.42 21.70 59.65
C TRP CA 248 79.70 22.04 58.90
N ALA CA 249 80.81 21.54 59.41
CA ALA CA 249 82.09 21.60 58.73
C ALA CA 249 82.73 20.22 58.78
N LEU CA 250 83.10 19.71 57.62
CA LEU CA 250 83.71 18.39 57.53
C LEU CA 250 85.16 18.53 57.11
N PRO CA 251 86.11 18.21 57.97
CA PRO CA 251 87.51 18.20 57.54
C PRO CA 251 87.83 16.93 56.77
N THR CA 252 89.04 16.89 56.24
CA THR CA 252 89.60 15.64 55.74
C THR CA 252 90.13 14.85 56.93
N TYR CA 253 89.60 13.66 57.15
CA TYR CA 253 90.01 12.83 58.25
C TYR CA 253 91.05 11.82 57.78
N ASN CA 254 92.03 11.56 58.63
CA ASN CA 254 93.02 10.50 58.44
C ASN CA 254 93.87 10.69 57.19
N ASN CA 255 93.88 11.89 56.61
CA ASN CA 255 94.54 12.12 55.33
C ASN CA 255 94.03 11.15 54.27
N HIS CA 256 92.71 10.95 54.25
CA HIS CA 256 92.01 10.09 53.30
C HIS CA 256 92.34 8.61 53.47
N LEU CA 257 92.92 8.22 54.60
CA LEU CA 257 93.38 6.85 54.79
C LEU CA 257 92.49 6.09 55.76
N TYR CA 258 92.43 4.78 55.57
CA TYR CA 258 91.93 3.87 56.59
C TYR CA 258 93.10 3.43 57.43
N LYS CA 259 93.02 3.62 58.74
CA LYS CA 259 94.11 3.24 59.63
C LYS CA 259 93.61 2.21 60.61
N GLN CA 260 94.36 1.13 60.74
CA GLN CA 260 94.11 0.18 61.82
C GLN CA 260 94.49 0.84 63.14
N ILE CA 261 93.60 0.76 64.13
CA ILE CA 261 93.82 1.32 65.45
C ILE CA 261 93.67 0.21 66.46
N SER CA 262 94.51 0.24 67.50
CA SER CA 262 94.51 -0.82 68.49
C SER CA 262 94.92 -0.25 69.84
N ASN CA 263 94.68 -1.04 70.87
CA ASN CA 263 95.13 -0.74 72.22
C ASN CA 263 95.34 -2.07 72.92
N GLY CA 264 96.56 -2.29 73.42
CA GLY CA 264 96.90 -3.52 74.09
C GLY CA 264 97.30 -3.29 75.53
N THR CA 265 97.69 -4.37 76.18
CA THR CA 265 98.11 -4.32 77.57
C THR CA 265 99.58 -3.96 77.69
N ALA CA 269 97.76 0.10 79.26
CA ALA CA 269 96.33 -0.12 79.28
C ALA CA 269 95.99 -1.48 79.87
N THR CA 270 94.83 -1.58 80.52
CA THR CA 270 94.39 -2.85 81.08
C THR CA 270 93.69 -3.67 80.01
N ASN CA 271 93.51 -4.95 80.30
CA ASN CA 271 92.81 -5.84 79.37
C ASN CA 271 91.37 -5.39 79.15
N ASP CA 272 90.77 -4.74 80.16
CA ASP CA 272 89.39 -4.29 80.03
C ASP CA 272 89.23 -3.22 78.97
N ASN CA 273 90.31 -2.53 78.60
CA ASN CA 273 90.24 -1.42 77.67
C ASN CA 273 90.91 -1.71 76.33
N THR CA 274 91.25 -2.97 76.06
CA THR CA 274 91.86 -3.31 74.78
C THR CA 274 90.85 -3.23 73.66
N TYR CA 275 91.33 -2.91 72.47
CA TYR CA 275 90.45 -2.92 71.30
C TYR CA 275 91.29 -3.08 70.05
N PHE CA 276 90.62 -3.53 68.99
CA PHE CA 276 91.15 -3.52 67.63
C PHE CA 276 90.05 -2.98 66.75
N GLY CA 277 90.41 -2.04 65.87
CA GLY CA 277 89.41 -1.46 65.01
C GLY CA 277 90.06 -0.69 63.90
N TYR CA 278 89.24 0.13 63.24
CA TYR CA 278 89.72 0.90 62.10
C TYR CA 278 89.22 2.32 62.20
N SER CA 279 90.12 3.26 61.97
CA SER CA 279 89.76 4.65 61.77
C SER CA 279 89.56 4.87 60.27
N THR CA 280 88.45 5.48 59.91
CA THR CA 280 88.14 5.71 58.51
C THR CA 280 88.26 7.19 58.18
N PRO CA 281 88.48 7.52 56.91
CA PRO CA 281 88.47 8.93 56.49
C PRO CA 281 87.09 9.55 56.40
N TRP CA 282 86.05 8.83 56.82
CA TRP CA 282 84.69 9.29 56.68
C TRP CA 282 84.21 9.97 57.96
N GLY CA 283 83.42 11.02 57.78
CA GLY CA 283 82.63 11.54 58.86
C GLY CA 283 81.25 10.92 58.86
N TYR CA 284 80.48 11.23 59.89
CA TYR CA 284 79.11 10.74 59.94
C TYR CA 284 78.24 11.75 60.65
N PHE CA 285 76.98 11.79 60.28
CA PHE CA 285 76.02 12.70 60.87
C PHE CA 285 75.29 12.02 62.02
N ASP CA 286 75.28 12.67 63.16
CA ASP CA 286 74.62 12.17 64.35
C ASP CA 286 73.58 13.19 64.79
N PHE CA 287 72.34 12.75 64.97
CA PHE CA 287 71.29 13.55 65.57
C PHE CA 287 70.54 12.71 66.58
N ASN CA 288 71.27 11.88 67.30
CA ASN CA 288 70.71 10.94 68.26
C ASN CA 288 70.63 11.50 69.66
N ARG CA 289 70.41 12.81 69.79
CA ARG CA 289 70.11 13.43 71.06
C ARG CA 289 68.85 14.26 70.90
N PHE CA 290 68.05 14.31 71.97
CA PHE CA 290 66.76 14.97 71.87
C PHE CA 290 66.89 16.46 71.64
N HIS CA 291 67.94 17.09 72.19
CA HIS CA 291 68.09 18.52 72.00
C HIS CA 291 68.53 18.89 70.59
N CYS CA 292 68.90 17.92 69.77
CA CYS CA 292 69.10 18.18 68.35
C CYS CA 292 67.80 18.53 67.65
N HIS CA 293 66.67 18.18 68.24
CA HIS CA 293 65.36 18.34 67.61
C HIS CA 293 64.40 19.19 68.43
N PHE CA 294 64.44 19.07 69.75
CA PHE CA 294 63.54 19.81 70.62
C PHE CA 294 64.27 20.98 71.24
N SER CA 295 63.71 22.18 71.06
CA SER CA 295 64.13 23.30 71.88
C SER CA 295 63.70 23.05 73.32
N PRO CA 296 64.34 23.70 74.28
CA PRO CA 296 63.92 23.51 75.68
C PRO CA 296 62.46 23.81 75.90
N ARG CA 297 61.94 24.85 75.25
CA ARG CA 297 60.51 25.15 75.35
C ARG CA 297 59.67 24.05 74.71
N ASP CA 298 60.11 23.52 73.57
CA ASP CA 298 59.40 22.41 72.95
C ASP CA 298 59.45 21.18 73.83
N TRP CA 299 60.59 20.93 74.46
CA TRP CA 299 60.69 19.83 75.41
C TRP CA 299 59.73 20.00 76.58
N GLN CA 300 59.61 21.23 77.08
CA GLN CA 300 58.65 21.52 78.13
C GLN CA 300 57.23 21.25 77.67
N ARG CA 301 56.89 21.70 76.47
CA ARG CA 301 55.57 21.43 75.90
C ARG CA 301 55.31 19.94 75.84
N LEU CA 302 56.32 19.18 75.42
CA LEU CA 302 56.16 17.73 75.29
C LEU CA 302 55.95 17.07 76.64
N ILE CA 303 56.82 17.37 77.60
CA ILE CA 303 56.82 16.62 78.85
C ILE CA 303 55.76 17.07 79.83
N ASN CA 304 55.25 18.30 79.72
CA ASN CA 304 54.24 18.76 80.65
C ASN CA 304 52.83 18.37 80.24
N ASN CA 305 52.64 17.83 79.04
CA ASN CA 305 51.31 17.65 78.49
C ASN CA 305 51.06 16.29 77.89
N ASN CA 306 52.07 15.41 77.82
CA ASN CA 306 51.92 14.14 77.14
C ASN CA 306 52.38 13.01 78.05
N TRP CA 307 51.63 11.91 78.02
CA TRP CA 307 52.02 10.72 78.75
C TRP CA 307 53.06 9.91 78.02
N GLY CA 308 53.26 10.15 76.75
CA GLY CA 308 54.23 9.40 75.99
C GLY CA 308 54.45 9.99 74.63
N PHE CA 309 55.53 9.56 74.00
CA PHE CA 309 55.86 9.99 72.65
C PHE CA 309 56.76 8.94 72.03
N ARG CA 310 56.84 8.97 70.71
CA ARG CA 310 57.71 8.07 69.98
C ARG CA 310 57.97 8.65 68.61
N PRO CA 311 59.16 8.43 68.04
CA PRO CA 311 59.41 8.89 66.67
C PRO CA 311 58.60 8.06 65.68
N LYS CA 312 58.19 8.71 64.61
CA LYS CA 312 57.42 8.07 63.54
C LYS CA 312 58.18 8.00 62.24
N ARG CA 313 58.70 9.12 61.77
CA ARG CA 313 59.43 9.18 60.52
C ARG CA 313 60.45 10.30 60.62
N LEU CA 314 61.47 10.22 59.77
CA LEU CA 314 62.43 11.31 59.69
C LEU CA 314 62.76 11.57 58.24
N SER CA 315 63.08 12.83 57.95
CA SER CA 315 63.66 13.21 56.68
C SER CA 315 64.96 13.96 56.96
N PHE CA 316 65.96 13.71 56.15
CA PHE CA 316 67.29 14.23 56.34
C PHE CA 316 67.72 14.92 55.05
N LYS CA 317 68.37 16.07 55.18
CA LYS CA 317 68.80 16.81 54.01
C LYS CA 317 70.20 17.37 54.21
N LEU CA 318 71.02 17.24 53.16
CA LEU CA 318 72.30 17.92 53.07
C LEU CA 318 72.23 18.86 51.88
N PHE CA 319 72.63 20.11 52.08
CA PHE CA 319 72.46 21.11 51.04
C PHE CA 319 73.40 22.27 51.30
N ASN CA 320 73.49 23.17 50.32
CA ASN CA 320 74.37 24.33 50.36
C ASN CA 320 75.80 23.90 50.67
N ILE CA 321 76.23 22.86 49.99
CA ILE CA 321 77.56 22.31 50.20
C ILE CA 321 78.60 23.24 49.60
N GLN CA 322 79.63 23.54 50.38
CA GLN CA 322 80.77 24.32 49.91
C GLN CA 322 82.02 23.54 50.23
N VAL CA 323 82.78 23.18 49.20
CA VAL CA 323 84.07 22.53 49.38
C VAL CA 323 85.14 23.59 49.19
N LYS CA 324 86.00 23.72 50.19
CA LYS CA 324 86.96 24.81 50.21
C LYS CA 324 88.38 24.26 50.23
N GLU CA 325 89.24 24.91 49.46
CA GLU CA 325 90.65 24.57 49.39
C GLU CA 325 91.45 25.54 50.23
N VAL CA 326 92.34 25.02 51.07
CA VAL CA 326 93.20 25.84 51.90
C VAL CA 326 94.65 25.59 51.52
N THR CA 327 95.38 26.66 51.26
CA THR CA 327 96.77 26.56 50.83
C THR CA 327 97.72 27.14 51.87
N LYS CA 333 98.09 31.57 55.00
CA LYS CA 333 96.98 30.65 54.72
C LYS CA 333 95.84 31.36 54.02
N THR CA 334 95.45 30.84 52.85
CA THR CA 334 94.31 31.35 52.11
C THR CA 334 93.32 30.22 51.89
N ILE CA 335 92.03 30.54 52.03
CA ILE CA 335 90.95 29.60 51.81
C ILE CA 335 90.18 30.03 50.58
N ALA CA 336 90.02 29.13 49.63
CA ALA CA 336 89.34 29.42 48.38
C ALA CA 336 88.31 28.35 48.10
N ASN CA 337 87.27 28.72 47.37
CA ASN CA 337 86.29 27.74 46.92
C ASN CA 337 86.91 26.80 45.89
N ASN CA 338 86.60 25.51 46.03
CA ASN CA 338 86.99 24.50 45.01
C ASN CA 338 85.65 24.08 44.40
N LEU CA 339 85.18 24.78 43.37
CA LEU CA 339 83.84 24.60 42.84
C LEU CA 339 83.62 23.21 42.26
N THR CA 340 84.67 22.57 41.78
CA THR CA 340 84.56 21.28 41.14
C THR CA 340 84.81 20.11 42.07
N SER CA 341 85.09 20.37 43.35
CA SER CA 341 85.33 19.31 44.30
C SER CA 341 84.00 18.72 44.77
N THR CA 342 84.04 17.47 45.20
CA THR CA 342 82.85 16.76 45.63
C THR CA 342 82.99 16.29 47.07
N ILE CA 343 81.84 16.05 47.69
CA ILE CA 343 81.75 15.25 48.90
C ILE CA 343 80.98 13.99 48.53
N GLN CA 344 81.24 12.92 49.28
CA GLN CA 344 80.54 11.66 49.10
C GLN CA 344 79.66 11.42 50.31
N VAL CA 345 78.38 11.15 50.06
CA VAL CA 345 77.41 10.89 51.11
C VAL CA 345 76.68 9.61 50.78
N PHE CA 346 76.54 8.73 51.76
CA PHE CA 346 75.67 7.58 51.61
C PHE CA 346 75.11 7.21 52.98
N THR CA 347 73.94 6.59 52.97
CA THR CA 347 73.35 6.04 54.17
C THR CA 347 73.53 4.53 54.17
N ASP CA 348 73.94 4.00 55.32
CA ASP CA 348 74.03 2.55 55.51
C ASP CA 348 72.62 2.01 55.75
N SER CA 349 71.83 2.02 54.67
CA SER CA 349 70.42 1.68 54.78
C SER CA 349 70.20 0.19 55.04
N GLU CA 350 71.14 -0.64 54.64
CA GLU CA 350 71.07 -2.07 54.92
C GLU CA 350 71.76 -2.45 56.22
N TYR CA 351 72.27 -1.49 56.97
CA TYR CA 351 72.92 -1.74 58.24
C TYR CA 351 74.08 -2.72 58.10
N GLN CA 352 74.84 -2.55 57.02
CA GLN CA 352 75.98 -3.41 56.75
C GLN CA 352 77.27 -2.91 57.40
N LEU CA 353 77.27 -1.74 57.90
CA LEU CA 353 78.42 -1.22 58.60
C LEU CA 353 78.24 -1.35 60.10
N PRO CA 354 79.33 -1.43 60.86
CA PRO CA 354 79.21 -1.35 62.32
C PRO CA 354 78.48 -0.08 62.72
N TYR CA 355 77.42 -0.25 63.52
CA TYR CA 355 76.56 0.86 63.91
C TYR CA 355 77.15 1.50 65.15
N VAL CA 356 77.76 2.68 64.99
CA VAL CA 356 78.40 3.36 66.10
C VAL CA 356 77.51 4.45 66.70
N LEU CA 357 76.39 4.77 66.08
CA LEU CA 357 75.40 5.59 66.74
C LEU CA 357 74.80 4.79 67.90
N GLY CA 358 74.19 5.51 68.83
CA GLY CA 358 73.68 4.84 70.01
C GLY CA 358 74.74 4.42 70.99
N SER CA 359 75.91 5.06 70.96
CA SER CA 359 76.92 4.89 72.00
C SER CA 359 77.14 6.18 72.77
N ALA CA 360 76.20 7.12 72.69
CA ALA CA 360 76.24 8.38 73.42
C ALA CA 360 77.52 9.16 73.13
N HIS CA 361 77.91 9.19 71.87
CA HIS CA 361 79.13 9.88 71.46
C HIS CA 361 78.88 11.35 71.19
N GLN CA 362 79.92 12.14 71.36
CA GLN CA 362 79.88 13.53 70.95
C GLN CA 362 79.83 13.63 69.43
N GLY CA 363 79.55 14.83 68.94
CA GLY CA 363 79.47 15.06 67.52
C GLY CA 363 78.07 15.13 66.97
N CYS CA 364 77.05 15.04 67.82
CA CYS CA 364 75.69 15.22 67.35
C CYS CA 364 75.46 16.67 66.95
N LEU CA 365 74.33 16.91 66.31
CA LEU CA 365 73.94 18.27 66.00
C LEU CA 365 73.85 19.08 67.30
N PRO CA 366 74.39 20.29 67.33
CA PRO CA 366 74.39 21.06 68.57
C PRO CA 366 72.97 21.41 68.99
N PRO CA 367 72.70 21.52 70.29
CA PRO CA 367 71.37 21.94 70.72
C PRO CA 367 70.97 23.31 70.23
N PHE CA 368 71.91 24.24 70.12
CA PHE CA 368 71.61 25.60 69.72
C PHE CA 368 71.68 25.71 68.20
N PRO CA 369 70.62 26.14 67.53
CA PRO CA 369 70.63 26.15 66.05
C PRO CA 369 71.70 27.04 65.45
N ALA CA 370 72.09 28.12 66.12
CA ALA CA 370 73.12 29.01 65.59
C ALA CA 370 74.51 28.40 65.67
N ASP CA 371 74.65 27.25 66.30
CA ASP CA 371 75.97 26.68 66.55
C ASP CA 371 76.45 25.90 65.34
N VAL CA 372 77.67 26.19 64.90
CA VAL CA 372 78.29 25.46 63.80
C VAL CA 372 79.14 24.34 64.40
N PHE CA 373 78.94 23.12 63.91
CA PHE CA 373 79.56 21.96 64.51
C PHE CA 373 80.43 21.21 63.51
N MET CA 374 81.44 20.55 64.06
CA MET CA 374 82.35 19.70 63.31
C MET CA 374 81.79 18.28 63.24
N ILE CA 375 81.86 17.70 62.04
CA ILE CA 375 81.34 16.34 61.86
C ILE CA 375 82.31 15.34 62.47
N PRO CA 376 81.83 14.42 63.31
CA PRO CA 376 82.74 13.46 63.93
C PRO CA 376 83.27 12.45 62.92
N GLN CA 377 84.47 11.93 63.20
CA GLN CA 377 85.08 10.94 62.33
C GLN CA 377 84.53 9.56 62.60
N TYR CA 378 84.22 8.84 61.53
CA TYR CA 378 83.68 7.50 61.67
C TYR CA 378 84.81 6.50 61.91
N GLY CA 379 84.67 5.74 62.99
CA GLY CA 379 85.54 4.60 63.22
C GLY CA 379 84.71 3.48 63.81
N TYR CA 380 85.27 2.28 63.80
CA TYR CA 380 84.53 1.14 64.33
C TYR CA 380 85.52 0.16 64.95
N LEU CA 381 84.98 -0.72 65.77
CA LEU CA 381 85.74 -1.76 66.41
C LEU CA 381 85.27 -3.12 65.91
N THR CA 382 86.21 -4.05 65.84
CA THR CA 382 85.88 -5.41 65.50
C THR CA 382 86.46 -6.32 66.58
N LEU CA 383 86.45 -7.63 66.36
CA LEU CA 383 86.94 -8.54 67.38
C LEU CA 383 88.43 -8.33 67.62
N ASN CA 384 88.82 -8.37 68.89
CA ASN CA 384 90.20 -8.20 69.26
C ASN CA 384 90.60 -9.23 70.30
N ASN CA 385 91.89 -9.57 70.30
CA ASN CA 385 92.52 -10.37 71.33
C ASN CA 385 93.70 -9.53 71.80
N GLY CA 386 93.48 -8.74 72.85
CA GLY CA 386 94.44 -7.72 73.19
C GLY CA 386 94.43 -6.64 72.13
N SER CA 387 95.60 -6.29 71.63
CA SER CA 387 95.73 -5.34 70.53
C SER CA 387 95.70 -6.02 69.17
N GLN CA 388 95.60 -7.35 69.12
CA GLN CA 388 95.64 -8.09 67.88
C GLN CA 388 94.22 -8.36 67.38
N ALA CA 389 94.10 -8.45 66.07
CA ALA CA 389 92.86 -8.93 65.47
C ALA CA 389 92.84 -10.45 65.46
N VAL CA 390 91.64 -11.00 65.33
CA VAL CA 390 91.46 -12.42 65.13
C VAL CA 390 90.97 -12.64 63.70
N GLY CA 391 90.91 -13.90 63.30
CA GLY CA 391 90.45 -14.22 61.96
C GLY CA 391 89.03 -13.78 61.68
N ARG CA 392 88.21 -13.65 62.72
CA ARG CA 392 86.84 -13.20 62.56
C ARG CA 392 86.71 -11.69 62.52
N SER CA 393 87.80 -10.96 62.74
CA SER CA 393 87.75 -9.51 62.68
C SER CA 393 87.39 -9.06 61.26
N SER CA 394 86.47 -8.10 61.19
CA SER CA 394 85.98 -7.60 59.91
C SER CA 394 86.59 -6.25 59.61
N PHE CA 395 87.07 -6.09 58.39
CA PHE CA 395 87.50 -4.80 57.88
C PHE CA 395 86.46 -4.31 56.86
N TYR CA 396 86.04 -3.07 57.02
CA TYR CA 396 85.05 -2.48 56.13
C TYR CA 396 85.66 -1.28 55.41
N CYS CA 397 85.58 -1.30 54.10
CA CYS CA 397 85.92 -0.14 53.28
C CYS CA 397 84.63 0.59 52.95
N LEU CA 398 84.50 1.83 53.41
CA LEU CA 398 83.28 2.58 53.15
C LEU CA 398 83.20 3.06 51.71
N GLU CA 399 84.32 3.10 51.00
CA GLU CA 399 84.28 3.35 49.56
C GLU CA 399 83.67 2.18 48.81
N TYR CA 400 83.59 1.01 49.44
CA TYR CA 400 82.96 -0.15 48.83
C TYR CA 400 81.44 -0.06 48.84
N PHE CA 401 80.90 1.09 49.20
CA PHE CA 401 79.47 1.33 49.16
C PHE CA 401 79.14 2.31 48.05
N PRO CA 402 77.94 2.22 47.47
CA PRO CA 402 77.49 3.28 46.55
C PRO CA 402 77.26 4.57 47.32
N SER CA 403 77.92 5.63 46.89
CA SER CA 403 77.79 6.93 47.52
C SER CA 403 77.38 7.95 46.47
N GLN CA 404 76.52 8.87 46.88
CA GLN CA 404 76.21 10.01 46.04
C GLN CA 404 77.35 11.02 46.17
N MET CA 405 77.89 11.46 45.04
CA MET CA 405 78.91 12.51 45.04
C MET CA 405 78.24 13.84 44.74
N LEU CA 406 78.58 14.85 45.52
CA LEU CA 406 77.88 16.13 45.49
C LEU CA 406 78.89 17.23 45.24
N ARG CA 407 78.65 18.02 44.20
CA ARG CA 407 79.37 19.27 44.04
C ARG CA 407 78.59 20.36 44.77
N THR CA 408 79.08 21.60 44.65
CA THR CA 408 78.52 22.69 45.45
C THR CA 408 77.05 22.95 45.11
N GLY CA 409 76.61 22.60 43.91
CA GLY CA 409 75.23 22.78 43.54
C GLY CA 409 74.31 21.63 43.87
N ASN CA 410 74.83 20.53 44.36
CA ASN CA 410 74.03 19.34 44.63
C ASN CA 410 73.55 19.32 46.06
N ASN CA 411 72.48 18.57 46.29
CA ASN CA 411 71.98 18.32 47.62
C ASN CA 411 71.68 16.83 47.79
N PHE CA 412 71.66 16.40 49.02
CA PHE CA 412 71.39 15.01 49.38
C PHE CA 412 70.20 14.97 50.32
N GLN CA 413 69.33 13.99 50.13
CA GLN CA 413 68.23 13.84 51.05
C GLN CA 413 67.75 12.39 51.05
N PHE CA 414 67.22 11.97 52.19
CA PHE CA 414 66.58 10.68 52.30
C PHE CA 414 65.53 10.75 53.39
N THR CA 415 64.58 9.83 53.32
CA THR CA 415 63.53 9.71 54.32
C THR CA 415 63.63 8.35 54.97
N TYR CA 416 63.21 8.28 56.22
CA TYR CA 416 63.26 7.06 56.99
C TYR CA 416 62.00 6.96 57.83
N THR CA 417 61.45 5.77 57.94
CA THR CA 417 60.27 5.51 58.76
C THR CA 417 60.69 4.66 59.95
N PHE CA 418 60.39 5.14 61.15
CA PHE CA 418 60.65 4.36 62.35
C PHE CA 418 59.72 3.17 62.41
N GLU CA 419 60.25 2.05 62.88
CA GLU CA 419 59.40 0.90 63.13
C GLU CA 419 58.45 1.19 64.28
N ASP CA 420 57.43 0.36 64.41
CA ASP CA 420 56.50 0.51 65.52
C ASP CA 420 57.23 0.26 66.83
N VAL CA 421 57.47 1.31 67.59
CA VAL CA 421 58.21 1.23 68.84
C VAL CA 421 57.23 1.63 69.94
N PRO CA 422 57.35 1.10 71.16
CA PRO CA 422 56.45 1.53 72.23
C PRO CA 422 56.68 3.00 72.58
N PHE CA 423 55.60 3.66 73.00
CA PHE CA 423 55.71 5.02 73.50
C PHE CA 423 56.64 5.04 74.70
N HIS CA 424 57.52 6.04 74.74
CA HIS CA 424 58.29 6.25 75.95
C HIS CA 424 57.37 6.71 77.07
N SER CA 425 57.56 6.16 78.26
CA SER CA 425 56.73 6.51 79.41
C SER CA 425 57.11 7.90 79.89
N SER CA 426 56.41 8.91 79.39
CA SER CA 426 56.65 10.29 79.80
C SER CA 426 55.79 10.64 81.00
N TYR CA 427 55.84 9.79 82.02
CA TYR CA 427 55.01 9.94 83.20
C TYR CA 427 55.68 9.21 84.35
N ALA CA 428 55.34 9.63 85.56
CA ALA CA 428 55.71 8.91 86.76
C ALA CA 428 54.44 8.33 87.38
N HIS CA 429 54.57 7.15 87.98
CA HIS CA 429 53.41 6.52 88.58
C HIS CA 429 53.03 7.23 89.87
N SER CA 430 51.74 7.52 90.02
CA SER CA 430 51.22 8.12 91.23
C SER CA 430 50.81 7.08 92.26
N GLN CA 431 51.05 5.80 91.97
CA GLN CA 431 50.83 4.71 92.90
C GLN CA 431 52.09 3.88 92.98
N SER CA 432 52.33 3.29 94.15
CA SER CA 432 53.42 2.36 94.33
C SER CA 432 52.93 0.94 94.11
N LEU CA 433 53.84 0.08 93.67
CA LEU CA 433 53.47 -1.30 93.36
C LEU CA 433 52.97 -2.05 94.59
N ASP CA 434 53.51 -1.73 95.76
CA ASP CA 434 53.09 -2.38 96.99
C ASP CA 434 51.92 -1.68 97.65
N ARG CA 435 51.32 -0.69 96.99
CA ARG CA 435 50.20 0.07 97.53
C ARG CA 435 49.07 0.16 96.51
N LEU CA 436 48.79 -0.94 95.83
CA LEU CA 436 47.73 -0.97 94.82
C LEU CA 436 46.40 -1.41 95.39
N MET CA 437 46.34 -1.73 96.67
CA MET CA 437 45.17 -2.29 97.30
C MET CA 437 44.27 -1.22 97.91
N ASN CA 438 43.03 -1.61 98.16
CA ASN CA 438 42.08 -0.76 98.86
C ASN CA 438 42.50 -0.64 100.32
N PRO CA 439 42.76 0.56 100.81
CA PRO CA 439 43.22 0.72 102.20
C PRO CA 439 42.12 0.64 103.25
N LEU CA 440 40.89 0.28 102.86
CA LEU CA 440 39.80 0.20 103.81
C LEU CA 440 39.29 -1.22 104.03
N ILE CA 441 39.61 -2.15 103.16
CA ILE CA 441 39.03 -3.49 103.17
C ILE CA 441 40.13 -4.50 103.46
N ASP CA 442 39.81 -5.46 104.31
CA ASP CA 442 40.73 -6.57 104.54
C ASP CA 442 40.77 -7.49 103.33
N GLN CA 443 41.84 -8.26 103.24
CA GLN CA 443 41.90 -9.32 102.27
C GLN CA 443 41.18 -10.55 102.79
N TYR CA 444 40.60 -11.33 101.88
CA TYR CA 444 40.08 -12.63 102.29
C TYR CA 444 41.16 -13.68 102.37
N LEU CA 445 42.35 -13.41 101.82
CA LEU CA 445 43.47 -14.30 101.94
C LEU CA 445 44.16 -14.13 103.27
N TYR CA 446 44.70 -15.22 103.79
CA TYR CA 446 45.43 -15.21 105.04
C TYR CA 446 46.93 -15.33 104.78
N TYR CA 447 47.72 -14.83 105.71
CA TYR CA 447 49.15 -15.01 105.69
C TYR CA 447 49.58 -15.57 107.04
N LEU CA 448 50.68 -16.30 107.04
CA LEU CA 448 51.25 -16.79 108.28
C LEU CA 448 51.73 -15.61 109.11
N SER CA 449 51.04 -15.31 110.20
CA SER CA 449 51.33 -14.13 111.00
C SER CA 449 52.20 -14.42 112.22
N ARG CA 450 52.12 -15.62 112.77
CA ARG CA 450 52.96 -15.99 113.89
C ARG CA 450 53.32 -17.46 113.82
N THR CA 451 54.53 -17.79 114.25
CA THR CA 451 54.98 -19.16 114.36
C THR CA 451 55.26 -19.57 115.80
N GLN CA 452 55.05 -18.67 116.76
CA GLN CA 452 55.34 -18.93 118.15
C GLN CA 452 54.25 -18.31 119.01
N THR CA 453 53.85 -19.02 120.06
CA THR CA 453 52.80 -18.54 120.95
C THR CA 453 53.22 -17.29 121.71
N ASN CA 459 57.41 -19.78 125.46
CA ASN CA 459 56.53 -19.88 124.30
C ASN CA 459 56.89 -21.09 123.44
N THR CA 460 55.89 -21.65 122.78
CA THR CA 460 56.06 -22.87 121.99
C THR CA 460 55.69 -22.57 120.54
N GLN CA 461 55.99 -23.54 119.68
CA GLN CA 461 55.66 -23.41 118.27
C GLN CA 461 54.15 -23.44 118.07
N THR CA 462 53.69 -22.66 117.09
CA THR CA 462 52.30 -22.62 116.71
C THR CA 462 52.22 -22.11 115.28
N LEU CA 463 51.01 -22.09 114.74
CA LEU CA 463 50.75 -21.53 113.42
C LEU CA 463 49.56 -20.60 113.55
N GLY CA 464 49.84 -19.29 113.55
CA GLY CA 464 48.80 -18.28 113.57
C GLY CA 464 48.71 -17.60 112.22
N PHE CA 465 47.49 -17.43 111.74
CA PHE CA 465 47.24 -16.86 110.43
C PHE CA 465 46.34 -15.65 110.58
N SER CA 466 46.67 -14.57 109.88
CA SER CA 466 45.91 -13.34 109.93
C SER CA 466 45.56 -12.92 108.51
N GLN CA 467 44.51 -12.13 108.40
CA GLN CA 467 44.12 -11.55 107.12
C GLN CA 467 44.84 -10.23 106.92
N GLY CA 468 45.46 -10.08 105.75
CA GLY CA 468 46.08 -8.81 105.41
C GLY CA 468 45.06 -7.70 105.36
N GLY CA 469 45.37 -6.58 105.98
CA GLY CA 469 44.44 -5.48 106.04
C GLY CA 469 45.12 -4.14 105.91
N PRO CA 470 44.39 -3.07 106.22
CA PRO CA 470 44.97 -1.72 106.09
C PRO CA 470 46.21 -1.50 106.92
N ASN CA 471 46.36 -2.20 108.05
CA ASN CA 471 47.50 -1.99 108.92
C ASN CA 471 48.66 -2.93 108.61
N THR CA 472 48.38 -4.17 108.23
CA THR CA 472 49.41 -5.12 107.84
C THR CA 472 49.57 -5.14 106.33
N MET CA 473 49.87 -3.96 105.79
CA MET CA 473 49.88 -3.79 104.34
C MET CA 473 51.11 -4.42 103.71
N ALA CA 474 52.20 -4.53 104.47
CA ALA CA 474 53.38 -5.24 103.98
C ALA CA 474 53.16 -6.75 103.88
N ASN CA 475 52.21 -7.29 104.63
CA ASN CA 475 51.94 -8.72 104.63
C ASN CA 475 50.89 -9.14 103.60
N GLN CA 476 50.22 -8.19 102.96
CA GLN CA 476 49.12 -8.52 102.08
C GLN CA 476 49.59 -9.31 100.87
N ALA CA 477 48.75 -10.24 100.43
CA ALA CA 477 49.00 -10.92 99.17
C ALA CA 477 48.94 -9.92 98.02
N LYS CA 478 49.89 -10.03 97.10
CA LYS CA 478 50.02 -9.09 96.01
C LYS CA 478 50.25 -9.85 94.71
N ASN CA 479 49.88 -9.21 93.61
CA ASN CA 479 49.93 -9.86 92.30
C ASN CA 479 51.22 -9.62 91.55
N TRP CA 480 52.03 -8.64 91.96
CA TRP CA 480 53.13 -8.20 91.13
C TRP CA 480 54.38 -8.01 91.96
N LEU CA 481 55.53 -8.05 91.30
CA LEU CA 481 56.82 -7.88 91.90
C LEU CA 481 57.54 -6.69 91.27
N PRO CA 482 58.42 -6.02 92.02
CA PRO CA 482 59.21 -4.94 91.42
C PRO CA 482 60.15 -5.48 90.37
N GLY CA 483 60.51 -4.60 89.43
CA GLY CA 483 61.38 -4.96 88.34
C GLY CA 483 62.71 -5.52 88.79
N PRO CA 484 63.51 -5.98 87.83
CA PRO CA 484 64.75 -6.67 88.16
C PRO CA 484 65.79 -5.72 88.75
N CYS CA 485 66.73 -6.31 89.47
CA CYS CA 485 67.74 -5.56 90.21
C CYS CA 485 69.14 -6.05 89.85
N TYR CA 486 70.07 -5.11 89.72
CA TYR CA 486 71.49 -5.40 89.54
C TYR CA 486 72.22 -4.37 90.40
N ARG CA 487 72.43 -4.71 91.67
CA ARG CA 487 72.73 -3.72 92.69
C ARG CA 487 74.00 -2.94 92.39
N GLN CA 488 73.92 -1.62 92.56
CA GLN CA 488 75.04 -0.72 92.38
C GLN CA 488 75.49 -0.18 93.74
N GLN CA 489 76.76 0.19 93.80
CA GLN CA 489 77.28 0.81 95.01
C GLN CA 489 76.71 2.22 95.17
N ARG CA 490 76.43 2.59 96.41
CA ARG CA 490 75.85 3.89 96.70
C ARG CA 490 76.96 4.91 96.93
N VAL CA 491 76.84 6.06 96.28
CA VAL CA 491 77.77 7.17 96.42
C VAL CA 491 76.98 8.39 96.86
N SER CA 492 77.50 9.10 97.84
CA SER CA 492 76.88 10.31 98.35
C SER CA 492 77.51 11.53 97.69
N THR CA 493 76.68 12.47 97.24
CA THR CA 493 77.20 13.73 96.74
C THR CA 493 77.83 14.55 97.86
N THR CA 494 77.47 14.28 99.10
CA THR CA 494 78.20 14.79 100.27
C THR CA 494 79.41 13.89 100.47
N THR CA 495 80.56 14.35 100.00
CA THR CA 495 81.72 13.46 99.90
C THR CA 495 82.17 12.95 101.26
N GLY CA 496 81.95 13.73 102.33
CA GLY CA 496 82.33 13.28 103.65
C GLY CA 496 81.62 12.01 104.10
N GLN CA 497 80.47 11.72 103.51
CA GLN CA 497 79.75 10.49 103.83
C GLN CA 497 80.24 9.29 103.05
N ASN CA 498 81.15 9.48 102.10
CA ASN CA 498 81.68 8.38 101.32
C ASN CA 498 82.91 7.78 101.98
N ASN CA 499 83.18 6.52 101.64
CA ASN CA 499 84.39 5.87 102.12
C ASN CA 499 85.62 6.57 101.55
N ASN CA 500 86.63 6.74 102.40
CA ASN CA 500 87.86 7.40 101.98
C ASN CA 500 88.74 6.40 101.21
N SER CA 501 88.32 6.12 99.99
CA SER CA 501 89.05 5.25 99.10
C SER CA 501 88.62 5.55 97.68
N ASN CA 502 89.42 5.09 96.72
CA ASN CA 502 89.12 5.25 95.30
C ASN CA 502 88.44 3.97 94.85
N PHE CA 503 87.10 3.95 94.89
CA PHE CA 503 86.34 2.75 94.63
C PHE CA 503 85.43 2.88 93.42
N ALA CA 504 85.62 3.90 92.57
CA ALA CA 504 84.75 4.08 91.43
C ALA CA 504 84.80 2.86 90.50
N TRP CA 505 85.99 2.30 90.30
CA TRP CA 505 86.15 1.12 89.47
C TRP CA 505 86.14 -0.17 90.29
N THR CA 506 86.88 -0.21 91.41
CA THR CA 506 86.98 -1.43 92.19
C THR CA 506 85.62 -1.86 92.74
N ALA CA 507 84.83 -0.91 93.23
CA ALA CA 507 83.48 -1.18 93.70
C ALA CA 507 82.44 -0.97 92.62
N GLY CA 508 82.84 -0.68 91.40
CA GLY CA 508 81.89 -0.48 90.34
C GLY CA 508 81.09 -1.73 90.02
N THR CA 509 79.84 -1.53 89.64
CA THR CA 509 79.00 -2.64 89.23
C THR CA 509 79.27 -2.97 87.78
N LYS CA 510 79.72 -4.19 87.53
CA LYS CA 510 80.31 -4.55 86.25
C LYS CA 510 79.66 -5.81 85.70
N TYR CA 511 79.80 -5.98 84.39
CA TYR CA 511 79.54 -7.27 83.76
C TYR CA 511 80.84 -7.79 83.17
N HIS CA 512 80.90 -9.10 83.00
CA HIS CA 512 82.09 -9.80 82.54
C HIS CA 512 81.78 -10.39 81.16
N LEU CA 513 82.61 -10.05 80.17
CA LEU CA 513 82.41 -10.53 78.81
C LEU CA 513 83.75 -10.86 78.20
N ASN CA 514 83.97 -12.13 77.88
CA ASN CA 514 85.20 -12.60 77.23
C ASN CA 514 86.44 -12.16 78.01
N GLY CA 515 86.40 -12.39 79.32
CA GLY CA 515 87.51 -12.02 80.17
C GLY CA 515 87.75 -10.53 80.33
N ARG CA 516 86.80 -9.71 79.87
CA ARG CA 516 86.92 -8.27 79.96
C ARG CA 516 85.83 -7.75 80.89
N ASN CA 517 86.22 -6.87 81.80
CA ASN CA 517 85.28 -6.26 82.74
C ASN CA 517 84.86 -4.90 82.20
N SER CA 518 83.56 -4.67 82.14
CA SER CA 518 83.00 -3.40 81.72
C SER CA 518 81.95 -2.99 82.74
N LEU CA 519 81.92 -1.69 83.05
CA LEU CA 519 80.89 -1.18 83.95
C LEU CA 519 79.51 -1.43 83.38
N ALA CA 520 78.60 -1.87 84.25
CA ALA CA 520 77.18 -1.93 83.90
C ALA CA 520 76.63 -0.52 84.04
N ASN CA 521 76.95 0.31 83.05
CA ASN CA 521 76.78 1.75 83.13
C ASN CA 521 75.90 2.22 81.98
N PRO CA 522 74.70 2.76 82.24
CA PRO CA 522 74.16 2.95 83.59
C PRO CA 522 73.46 1.71 84.12
N GLY CA 523 73.48 0.63 83.36
CA GLY CA 523 72.84 -0.59 83.78
C GLY CA 523 71.33 -0.53 83.62
N ILE CA 524 70.67 -1.51 84.23
CA ILE CA 524 69.22 -1.62 84.12
C ILE CA 524 68.54 -0.46 84.85
N ALA CA 525 67.34 -0.13 84.41
CA ALA CA 525 66.60 0.98 84.98
C ALA CA 525 66.21 0.66 86.40
N MET CA 526 66.84 1.33 87.36
CA MET CA 526 66.47 1.23 88.76
C MET CA 526 66.37 2.64 89.34
N ALA CA 527 65.56 2.77 90.38
CA ALA CA 527 65.42 4.06 91.05
C ALA CA 527 66.76 4.51 91.60
N THR CA 528 67.09 5.77 91.35
CA THR CA 528 68.40 6.30 91.77
C THR CA 528 68.55 6.24 93.27
N HIS CA 529 67.50 6.55 94.01
CA HIS CA 529 67.54 6.58 95.47
C HIS CA 529 66.12 6.41 95.97
N LYS CA 530 65.99 6.13 97.26
CA LYS CA 530 64.69 6.02 97.87
C LYS CA 530 64.28 7.39 98.42
N ASP CA 531 63.20 7.42 99.19
CA ASP CA 531 62.68 8.68 99.71
C ASP CA 531 63.70 9.38 100.59
N ASP CA 532 63.83 10.69 100.41
CA ASP CA 532 64.67 11.55 101.24
C ASP CA 532 66.14 11.18 101.18
N GLU CA 533 66.59 10.65 100.06
CA GLU CA 533 67.99 10.28 99.87
C GLU CA 533 68.51 10.79 98.53
N GLU CA 534 68.14 12.02 98.18
CA GLU CA 534 68.53 12.58 96.89
C GLU CA 534 70.05 12.70 96.75
N ARG CA 535 70.76 12.82 97.87
CA ARG CA 535 72.22 12.94 97.82
C ARG CA 535 72.89 11.66 97.38
N PHE CA 536 72.20 10.53 97.37
CA PHE CA 536 72.78 9.24 97.03
C PHE CA 536 72.48 8.92 95.57
N PHE CA 537 73.47 8.35 94.89
CA PHE CA 537 73.29 7.86 93.54
C PHE CA 537 74.09 6.59 93.35
N PRO CA 538 73.63 5.69 92.48
CA PRO CA 538 74.45 4.54 92.13
C PRO CA 538 75.73 4.98 91.44
N SER CA 539 76.82 4.28 91.74
CA SER CA 539 78.14 4.75 91.32
C SER CA 539 78.24 4.83 89.80
N ASN CA 540 77.72 3.84 89.09
CA ASN CA 540 77.65 3.89 87.64
C ASN CA 540 76.26 3.47 87.16
N GLY CA 541 75.24 4.03 87.79
CA GLY CA 541 73.88 3.64 87.50
C GLY CA 541 72.97 4.76 87.06
N ILE CA 542 73.54 5.92 86.73
CA ILE CA 542 72.77 7.06 86.26
C ILE CA 542 73.49 7.69 85.07
N LEU CA 543 72.72 8.39 84.25
CA LEU CA 543 73.30 9.23 83.21
C LEU CA 543 73.84 10.50 83.86
N ILE CA 544 75.08 10.84 83.55
CA ILE CA 544 75.71 12.04 84.06
C ILE CA 544 76.08 12.91 82.87
N PHE CA 545 75.45 14.07 82.78
CA PHE CA 545 75.77 15.04 81.74
C PHE CA 545 76.70 16.10 82.30
N GLY CA 546 77.57 16.60 81.43
CA GLY CA 546 78.49 17.66 81.82
C GLY CA 546 77.87 19.01 81.58
N LYS CA 547 78.12 19.92 82.51
CA LYS CA 547 77.76 21.32 82.27
C LYS CA 547 78.66 21.88 81.18
N GLN CA 548 78.28 23.05 80.67
CA GLN CA 548 79.08 23.67 79.63
C GLN CA 548 80.49 23.94 80.14
N ASN CA 549 81.47 23.60 79.30
CA ASN CA 549 82.89 23.77 79.61
C ASN CA 549 83.35 22.87 80.75
N ALA CA 550 82.64 21.76 80.99
CA ALA CA 550 83.13 20.78 81.95
C ALA CA 550 84.34 20.05 81.38
N ALA CA 551 85.29 19.75 82.25
CA ALA CA 551 86.50 19.06 81.82
C ALA CA 551 86.18 17.65 81.34
N ARG CA 552 86.94 17.20 80.34
CA ARG CA 552 86.78 15.84 79.85
C ARG CA 552 87.12 14.82 80.93
N ASP CA 553 88.20 15.05 81.67
CA ASP CA 553 88.64 14.13 82.70
C ASP CA 553 88.60 14.79 84.07
N ASN CA 554 88.10 14.05 85.06
CA ASN CA 554 88.09 14.48 86.45
C ASN CA 554 87.37 15.82 86.62
N ALA CA 555 86.21 15.94 85.99
CA ALA CA 555 85.35 17.09 86.26
C ALA CA 555 84.79 16.98 87.67
N ASP CA 556 84.73 18.11 88.36
CA ASP CA 556 84.18 18.13 89.71
C ASP CA 556 82.68 17.91 89.67
N TYR CA 557 82.12 17.56 90.81
CA TYR CA 557 80.68 17.34 90.90
C TYR CA 557 79.90 18.58 90.51
N SER CA 558 80.46 19.77 90.76
CA SER CA 558 79.79 21.00 90.38
C SER CA 558 79.80 21.21 88.87
N ASP CA 559 80.65 20.52 88.14
CA ASP CA 559 80.73 20.65 86.69
C ASP CA 559 79.88 19.64 85.94
N VAL CA 560 79.21 18.73 86.64
CA VAL CA 560 78.42 17.70 85.98
C VAL CA 560 76.98 17.80 86.46
N MET CA 561 76.09 17.18 85.71
CA MET CA 561 74.66 17.20 85.98
C MET CA 561 74.20 15.75 86.17
N LEU CA 562 73.97 15.38 87.42
CA LEU CA 562 73.49 14.03 87.71
C LEU CA 562 72.00 13.93 87.40
N THR CA 563 71.62 12.90 86.65
CA THR CA 563 70.21 12.61 86.48
C THR CA 563 69.72 11.77 87.66
N SER CA 564 68.40 11.71 87.81
CA SER CA 564 67.79 10.93 88.86
C SER CA 564 66.60 10.18 88.30
N GLU CA 565 66.58 8.87 88.53
CA GLU CA 565 65.45 8.02 88.16
C GLU CA 565 64.55 7.74 89.35
N GLU CA 566 64.39 8.71 90.25
CA GLU CA 566 63.57 8.50 91.43
C GLU CA 566 62.09 8.32 91.09
N GLU CA 567 61.66 8.73 89.90
CA GLU CA 567 60.26 8.58 89.53
C GLU CA 567 59.84 7.12 89.43
N ILE CA 568 60.79 6.21 89.21
CA ILE CA 568 60.47 4.80 89.06
C ILE CA 568 60.63 4.04 90.38
N LYS CA 569 60.73 4.76 91.51
CA LYS CA 569 60.70 4.12 92.81
C LYS CA 569 59.45 3.27 92.99
N THR CA 570 58.35 3.69 92.36
CA THR CA 570 57.07 3.03 92.54
C THR CA 570 57.05 1.62 91.99
N THR CA 571 57.89 1.34 91.02
CA THR CA 571 57.88 0.05 90.36
C THR CA 571 59.25 -0.60 90.33
N ASN CA 572 60.31 0.18 90.18
CA ASN CA 572 61.65 -0.41 90.10
C ASN CA 572 62.33 -0.35 91.45
N PRO CA 573 63.10 -1.36 91.80
CA PRO CA 573 63.86 -1.31 93.05
C PRO CA 573 64.92 -0.23 93.00
N VAL CA 574 65.27 0.28 94.18
CA VAL CA 574 66.32 1.29 94.28
C VAL CA 574 67.65 0.68 93.84
N ALA CA 575 68.40 1.43 93.03
CA ALA CA 575 69.61 0.88 92.41
C ALA CA 575 70.65 0.46 93.44
N THR CA 576 70.67 1.11 94.60
CA THR CA 576 71.69 0.86 95.60
C THR CA 576 71.21 -0.04 96.73
N GLU CA 577 70.00 -0.58 96.61
CA GLU CA 577 69.44 -1.44 97.63
C GLU CA 577 69.27 -2.86 97.08
N GLU CA 578 69.14 -3.81 97.98
CA GLU CA 578 68.87 -5.18 97.58
C GLU CA 578 67.46 -5.31 97.01
N TYR CA 579 67.29 -6.29 96.13
CA TYR CA 579 65.96 -6.55 95.57
C TYR CA 579 65.01 -7.02 96.65
N GLY CA 580 65.48 -7.90 97.53
CA GLY CA 580 64.60 -8.47 98.52
C GLY CA 580 65.34 -9.50 99.34
N ILE CA 581 64.57 -10.35 99.99
CA ILE CA 581 65.08 -11.35 100.92
C ILE CA 581 64.52 -12.70 100.52
N VAL CA 582 65.38 -13.72 100.46
CA VAL CA 582 64.96 -15.08 100.21
C VAL CA 582 65.48 -15.97 101.33
N ALA CA 583 64.84 -17.11 101.49
CA ALA CA 583 65.32 -18.11 102.44
C ALA CA 583 66.63 -18.71 101.97
N ASP CA 584 67.54 -18.94 102.90
CA ASP CA 584 68.83 -19.53 102.59
C ASP CA 584 68.98 -20.96 103.07
N ASN CA 585 68.02 -21.48 103.83
CA ASN CA 585 68.12 -22.82 104.38
C ASN CA 585 66.73 -23.36 104.64
N LEU CA 586 66.65 -24.52 105.28
CA LEU CA 586 65.40 -25.11 105.71
C LEU CA 586 65.38 -25.08 107.24
N GLN CA 587 64.52 -24.25 107.81
CA GLN CA 587 64.44 -24.16 109.26
C GLN CA 587 63.85 -25.44 109.83
N GLN CA 588 64.40 -25.88 110.96
CA GLN CA 588 63.88 -26.99 111.73
C GLN CA 588 63.82 -26.55 113.19
N GLN CA 589 63.37 -27.46 114.05
CA GLN CA 589 63.32 -27.15 115.48
C GLN CA 589 64.72 -26.91 116.04
N ASN CA 590 65.76 -27.37 115.37
CA ASN CA 590 67.12 -27.15 115.82
C ASN CA 590 67.90 -26.13 115.00
N THR CA 591 67.42 -25.77 113.80
CA THR CA 591 68.11 -24.80 112.96
C THR CA 591 67.21 -23.60 112.73
N ALA CA 592 67.64 -22.43 113.18
CA ALA CA 592 66.88 -21.22 112.97
C ALA CA 592 66.88 -20.86 111.48
N PRO CA 593 65.78 -20.28 110.99
CA PRO CA 593 65.73 -19.90 109.58
C PRO CA 593 66.77 -18.85 109.25
N GLN CA 594 67.39 -18.98 108.09
CA GLN CA 594 68.39 -18.05 107.60
C GLN CA 594 67.87 -17.38 106.34
N ILE CA 595 68.23 -16.11 106.17
CA ILE CA 595 67.75 -15.33 105.05
C ILE CA 595 68.94 -14.91 104.20
N GLY CA 596 68.71 -14.85 102.89
CA GLY CA 596 69.70 -14.39 101.94
C GLY CA 596 69.26 -13.07 101.33
N THR CA 597 70.21 -12.15 101.18
CA THR CA 597 69.94 -10.85 100.60
C THR CA 597 70.14 -10.94 99.08
N VAL CA 598 69.10 -10.63 98.33
CA VAL CA 598 69.14 -10.72 96.87
C VAL CA 598 69.66 -9.40 96.35
N ASN CA 599 70.93 -9.38 95.93
CA ASN CA 599 71.55 -8.20 95.36
C ASN CA 599 71.49 -8.18 93.84
N SER CA 600 71.05 -9.26 93.22
CA SER CA 600 70.90 -9.31 91.78
C SER CA 600 69.72 -10.24 91.48
N GLN CA 601 68.70 -9.71 90.82
CA GLN CA 601 67.49 -10.48 90.54
C GLN CA 601 67.15 -10.35 89.07
N GLY CA 602 67.18 -11.46 88.36
CA GLY CA 602 66.72 -11.49 86.99
C GLY CA 602 65.21 -11.52 86.93
N ALA CA 603 64.71 -11.62 85.70
CA ALA CA 603 63.28 -11.54 85.47
C ALA CA 603 62.53 -12.65 86.19
N LEU CA 604 61.49 -12.28 86.93
CA LEU CA 604 60.58 -13.21 87.55
C LEU CA 604 59.17 -12.97 87.02
N PRO CA 605 58.35 -14.01 86.93
CA PRO CA 605 56.96 -13.81 86.49
C PRO CA 605 56.24 -12.87 87.44
N GLY CA 606 55.37 -12.04 86.87
CA GLY CA 606 54.69 -11.03 87.65
C GLY CA 606 55.49 -9.79 87.92
N MET CA 607 56.71 -9.70 87.43
CA MET CA 607 57.53 -8.53 87.64
C MET CA 607 57.15 -7.44 86.64
N VAL CA 608 57.09 -6.21 87.13
CA VAL CA 608 56.83 -5.05 86.28
C VAL CA 608 57.89 -4.01 86.59
N TRP CA 609 58.22 -3.19 85.58
CA TRP CA 609 59.25 -2.18 85.75
C TRP CA 609 59.06 -1.08 84.73
N GLN CA 610 59.70 0.05 85.00
CA GLN CA 610 59.76 1.16 84.08
C GLN CA 610 61.15 1.24 83.46
N ASN CA 611 61.22 1.76 82.25
CA ASN CA 611 62.50 2.00 81.62
C ASN CA 611 63.13 3.27 82.19
N ARG CA 612 64.40 3.46 81.87
CA ARG CA 612 65.06 4.71 82.22
C ARG CA 612 64.41 5.87 81.48
N ASP CA 613 64.37 7.02 82.14
CA ASP CA 613 63.83 8.22 81.52
C ASP CA 613 64.74 8.68 80.39
N VAL CA 614 64.14 9.36 79.43
CA VAL CA 614 64.91 10.06 78.41
C VAL CA 614 65.08 11.50 78.85
N TYR CA 615 66.09 12.15 78.30
CA TYR CA 615 66.44 13.51 78.68
C TYR CA 615 66.61 14.36 77.44
N LEU CA 616 66.42 15.66 77.61
CA LEU CA 616 66.62 16.58 76.49
C LEU CA 616 68.03 16.46 75.94
N GLN CA 617 69.02 16.28 76.81
CA GLN CA 617 70.40 16.08 76.39
C GLN CA 617 70.73 14.62 76.10
N GLY CA 618 69.81 13.69 76.37
CA GLY CA 618 70.12 12.28 76.28
C GLY CA 618 69.92 11.71 74.90
N PRO CA 619 70.28 10.43 74.74
CA PRO CA 619 70.09 9.76 73.45
C PRO CA 619 68.62 9.49 73.17
N ILE CA 620 68.32 9.35 71.89
CA ILE CA 620 66.96 9.06 71.44
C ILE CA 620 66.76 7.57 71.17
N TRP CA 621 67.66 6.96 70.41
CA TRP CA 621 67.49 5.59 69.99
C TRP CA 621 68.81 4.85 70.09
N ALA CA 622 68.72 3.53 70.13
CA ALA CA 622 69.87 2.66 69.96
C ALA CA 622 69.47 1.52 69.04
N LYS CA 623 70.45 1.00 68.32
CA LYS CA 623 70.21 -0.19 67.51
C LYS CA 623 70.18 -1.41 68.42
N ILE CA 624 69.11 -2.17 68.34
CA ILE CA 624 69.05 -3.45 69.04
C ILE CA 624 70.04 -4.38 68.35
N PRO CA 625 71.00 -4.94 69.07
CA PRO CA 625 71.97 -5.84 68.43
C PRO CA 625 71.25 -7.02 67.78
N HIS CA 626 71.74 -7.41 66.61
CA HIS CA 626 71.17 -8.53 65.89
C HIS CA 626 71.61 -9.82 66.56
N THR CA 627 70.79 -10.34 67.45
CA THR CA 627 71.09 -11.55 68.20
C THR CA 627 69.91 -12.50 68.16
N ASP CA 628 70.16 -13.74 68.55
CA ASP CA 628 69.09 -14.72 68.63
C ASP CA 628 68.05 -14.32 69.67
N GLY CA 629 68.50 -13.85 70.81
CA GLY CA 629 67.59 -13.51 71.89
C GLY CA 629 67.97 -12.20 72.54
N ASN CA 630 66.95 -11.47 72.96
CA ASN CA 630 67.11 -10.31 73.82
C ASN CA 630 65.95 -10.31 74.79
N PHE CA 631 66.14 -9.65 75.92
CA PHE CA 631 65.09 -9.49 76.92
C PHE CA 631 64.83 -8.00 77.08
N HIS CA 632 63.60 -7.59 76.80
CA HIS CA 632 63.16 -6.20 76.89
C HIS CA 632 64.19 -5.29 76.22
N PRO CA 633 64.28 -5.31 74.89
CA PRO CA 633 65.38 -4.61 74.23
C PRO CA 633 65.20 -3.10 74.23
N SER CA 634 65.04 -2.53 75.40
CA SER CA 634 65.05 -1.09 75.57
C SER CA 634 66.45 -0.65 75.94
N PRO CA 635 67.04 0.31 75.22
CA PRO CA 635 68.43 0.70 75.48
C PRO CA 635 68.61 1.16 76.91
N LEU CA 636 69.74 0.77 77.51
CA LEU CA 636 69.92 1.00 78.94
C LEU CA 636 70.17 2.47 79.26
N MET CA 637 70.87 3.21 78.39
CA MET CA 637 70.99 4.65 78.62
C MET CA 637 69.73 5.40 78.22
N GLY CA 638 68.64 4.71 77.95
CA GLY CA 638 67.36 5.33 77.68
C GLY CA 638 67.11 5.51 76.20
N GLY CA 639 65.83 5.58 75.86
CA GLY CA 639 65.43 5.82 74.50
C GLY CA 639 64.71 4.65 73.90
N PHE CA 640 64.68 4.63 72.58
CA PHE CA 640 63.90 3.66 71.81
C PHE CA 640 64.86 2.64 71.22
N GLY CA 641 64.61 1.36 71.50
CA GLY CA 641 65.36 0.30 70.89
C GLY CA 641 64.78 -0.03 69.53
N LEU CA 642 65.60 0.05 68.48
CA LEU CA 642 65.13 -0.18 67.12
C LEU CA 642 65.94 -1.28 66.48
N LYS CA 643 65.26 -2.26 65.90
CA LYS CA 643 65.95 -3.25 65.09
C LYS CA 643 66.58 -2.61 63.86
N HIS CA 644 65.88 -1.65 63.27
CA HIS CA 644 66.35 -0.92 62.09
C HIS CA 644 66.30 0.56 62.43
N PRO CA 645 67.32 1.07 63.11
CA PRO CA 645 67.32 2.47 63.52
C PRO CA 645 67.54 3.38 62.34
N PRO CA 646 67.48 4.70 62.53
CA PRO CA 646 67.88 5.61 61.46
C PRO CA 646 69.27 5.26 60.96
N PRO CA 647 69.43 5.11 59.66
CA PRO CA 647 70.71 4.63 59.14
C PRO CA 647 71.83 5.62 59.38
N GLN CA 648 73.03 5.10 59.53
CA GLN CA 648 74.21 5.96 59.60
C GLN CA 648 74.37 6.71 58.29
N ILE CA 649 74.63 8.01 58.38
CA ILE CA 649 74.85 8.85 57.22
C ILE CA 649 76.32 9.18 57.20
N LEU CA 650 77.03 8.59 56.24
CA LEU CA 650 78.48 8.73 56.14
C LEU CA 650 78.81 9.80 55.11
N ILE CA 651 79.73 10.69 55.45
CA ILE CA 651 80.09 11.80 54.58
C ILE CA 651 81.61 11.89 54.55
N LYS CA 652 82.15 12.19 53.37
CA LYS CA 652 83.59 12.31 53.20
C LYS CA 652 83.89 13.31 52.11
N ASN CA 653 84.95 14.08 52.30
CA ASN CA 653 85.49 14.89 51.22
C ASN CA 653 86.20 13.97 50.24
N THR CA 654 85.80 14.04 48.98
CA THR CA 654 86.47 13.24 47.97
C THR CA 654 87.91 13.71 47.84
N PRO CA 655 88.90 12.82 47.94
CA PRO CA 655 90.29 13.25 47.82
C PRO CA 655 90.56 13.89 46.47
N VAL CA 656 91.25 15.02 46.49
CA VAL CA 656 91.66 15.71 45.28
C VAL CA 656 93.19 15.68 45.25
N PRO CA 657 93.80 14.86 44.39
CA PRO CA 657 95.25 14.77 44.36
C PRO CA 657 95.88 16.11 44.01
N ALA CA 658 97.04 16.36 44.62
CA ALA CA 658 97.90 17.42 44.12
C ALA CA 658 98.51 16.96 42.79
N ASP CA 659 99.37 17.79 42.22
CA ASP CA 659 99.91 17.48 40.91
C ASP CA 659 100.72 16.19 40.97
N PRO CA 660 100.37 15.16 40.21
CA PRO CA 660 101.16 13.94 40.20
C PRO CA 660 102.45 14.14 39.45
N PRO CA 661 103.43 13.26 39.62
CA PRO CA 661 104.66 13.37 38.83
C PRO CA 661 104.37 13.16 37.35
N THR CA 662 105.26 13.69 36.52
CA THR CA 662 105.10 13.57 35.08
C THR CA 662 105.59 12.23 34.54
N THR CA 663 106.19 11.40 35.37
CA THR CA 663 106.54 10.03 35.02
C THR CA 663 105.71 9.09 35.88
N PHE CA 664 105.24 8.00 35.27
CA PHE CA 664 104.30 7.13 35.97
C PHE CA 664 104.93 6.50 37.20
N ASN CA 665 104.17 6.49 38.29
CA ASN CA 665 104.52 5.79 39.51
C ASN CA 665 103.33 4.97 39.95
N GLN CA 666 103.54 3.68 40.18
CA GLN CA 666 102.45 2.79 40.56
C GLN CA 666 101.96 3.03 41.97
N SER CA 667 102.76 3.69 42.81
CA SER CA 667 102.41 3.88 44.20
C SER CA 667 101.16 4.75 44.32
N LYS CA 668 100.35 4.45 45.33
CA LYS CA 668 99.17 5.26 45.57
C LYS CA 668 99.57 6.69 45.88
N LEU CA 669 98.77 7.64 45.41
CA LEU CA 669 99.07 9.04 45.63
C LEU CA 669 98.85 9.39 47.09
N ASN CA 670 99.82 10.09 47.67
CA ASN CA 670 99.71 10.56 49.03
C ASN CA 670 99.76 12.07 49.13
N SER CA 671 99.92 12.77 48.02
CA SER CA 671 99.94 14.22 47.98
C SER CA 671 98.56 14.70 47.56
N PHE CA 672 97.83 15.31 48.47
CA PHE CA 672 96.47 15.74 48.23
C PHE CA 672 96.32 17.22 48.50
N ILE CA 673 95.40 17.84 47.77
CA ILE CA 673 95.04 19.23 48.04
C ILE CA 673 94.33 19.30 49.37
N THR CA 674 94.81 20.16 50.26
CA THR CA 674 94.18 20.31 51.57
C THR CA 674 92.79 20.90 51.40
N GLN CA 675 91.81 20.27 52.02
CA GLN CA 675 90.44 20.53 51.63
C GLN CA 675 89.51 20.24 52.80
N TYR CA 676 88.45 21.02 52.90
CA TYR CA 676 87.38 20.76 53.84
C TYR CA 676 86.08 21.23 53.22
N SER CA 677 84.98 20.69 53.71
CA SER CA 677 83.67 21.06 53.22
C SER CA 677 82.82 21.59 54.36
N THR CA 678 81.88 22.47 53.99
CA THR CA 678 80.89 22.96 54.92
C THR CA 678 79.55 22.98 54.21
N GLY CA 679 78.49 22.94 54.98
CA GLY CA 679 77.16 22.97 54.41
C GLY CA 679 76.13 23.02 55.50
N GLN CA 680 74.89 22.85 55.10
CA GLN CA 680 73.78 22.81 56.04
C GLN CA 680 73.19 21.41 56.05
N VAL CA 681 72.76 20.98 57.22
CA VAL CA 681 72.11 19.70 57.42
C VAL CA 681 70.75 19.96 58.04
N SER CA 682 69.71 19.37 57.48
CA SER CA 682 68.37 19.45 58.02
C SER CA 682 67.90 18.07 58.38
N VAL CA 683 67.38 17.92 59.59
CA VAL CA 683 66.74 16.68 60.02
C VAL CA 683 65.35 17.03 60.53
N GLU CA 684 64.34 16.38 59.99
CA GLU CA 684 62.96 16.56 60.39
C GLU CA 684 62.46 15.24 60.95
N ILE CA 685 62.00 15.25 62.20
CA ILE CA 685 61.44 14.06 62.82
C ILE CA 685 59.99 14.35 63.18
N GLU CA 686 59.10 13.46 62.79
CA GLU CA 686 57.71 13.50 63.23
C GLU CA 686 57.56 12.58 64.42
N TRP CA 687 57.05 13.11 65.52
CA TRP CA 687 56.83 12.34 66.73
C TRP CA 687 55.34 12.19 66.96
N GLU CA 688 54.93 10.98 67.34
CA GLU CA 688 53.56 10.75 67.77
C GLU CA 688 53.47 10.96 69.27
N LEU CA 689 52.40 11.59 69.71
CA LEU CA 689 52.21 11.93 71.11
C LEU CA 689 51.11 11.07 71.72
N GLN CA 690 51.31 10.68 72.96
CA GLN CA 690 50.26 10.06 73.78
C GLN CA 690 49.73 11.13 74.72
N LYS CA 691 48.54 11.64 74.42
CA LYS CA 691 47.95 12.66 75.27
C LYS CA 691 47.54 12.07 76.61
N GLU CA 692 47.75 12.84 77.66
CA GLU CA 692 47.33 12.40 79.00
C GLU CA 692 45.82 12.52 79.12
N ASN CA 693 45.19 11.44 79.55
CA ASN CA 693 43.76 11.42 79.81
C ASN CA 693 43.57 11.04 81.28
N SER CA 694 43.65 12.05 82.13
CA SER CA 694 43.76 11.85 83.57
C SER CA 694 42.59 12.51 84.29
N LYS CA 695 42.06 11.82 85.29
CA LYS CA 695 41.01 12.36 86.13
C LYS CA 695 41.53 12.84 87.47
N ARG CA 696 42.85 13.01 87.58
CA ARG CA 696 43.45 13.58 88.77
C ARG CA 696 42.87 14.96 89.05
N TRP CA 697 42.51 15.19 90.31
CA TRP CA 697 41.87 16.45 90.67
C TRP CA 697 42.89 17.55 90.94
N ASN CA 698 43.89 17.24 91.76
CA ASN CA 698 44.87 18.24 92.14
C ASN CA 698 45.85 18.50 90.99
N PRO CA 699 46.48 19.67 90.97
CA PRO CA 699 47.41 19.99 89.88
C PRO CA 699 48.60 19.04 89.85
N GLU CA 700 49.09 18.80 88.64
CA GLU CA 700 50.23 17.94 88.43
C GLU CA 700 51.53 18.71 88.65
N ILE CA 701 52.61 17.96 88.78
CA ILE CA 701 53.95 18.54 88.74
C ILE CA 701 54.29 18.83 87.29
N GLN CA 702 54.80 20.04 87.04
CA GLN CA 702 55.16 20.46 85.71
C GLN CA 702 56.60 20.97 85.74
N TYR CA 703 57.30 20.76 84.63
CA TYR CA 703 58.60 21.41 84.50
C TYR CA 703 58.37 22.90 84.25
N THR CA 704 59.03 23.73 85.04
CA THR CA 704 58.89 25.17 84.93
C THR CA 704 60.24 25.82 85.08
N SER CA 705 60.42 26.95 84.41
CA SER CA 705 61.58 27.77 84.68
C SER CA 705 61.42 28.48 86.01
N ASN CA 706 62.54 28.78 86.65
CA ASN CA 706 62.49 29.50 87.92
C ASN CA 706 62.02 30.92 87.70
N TYR CA 707 61.11 31.38 88.55
CA TYR CA 707 60.56 32.72 88.41
C TYR CA 707 61.54 33.78 88.90
N TYR CA 708 62.40 33.44 89.85
CA TYR CA 708 63.27 34.42 90.49
C TYR CA 708 64.34 34.91 89.52
N LYS CA 709 64.83 36.13 89.77
CA LYS CA 709 65.79 36.76 88.89
C LYS CA 709 67.12 36.02 88.90
N SER CA 710 67.87 36.17 87.80
CA SER CA 710 69.17 35.52 87.68
C SER CA 710 70.03 36.32 86.71
N THR CA 711 71.33 36.06 86.77
CA THR CA 711 72.27 36.76 85.91
C THR CA 711 72.00 36.48 84.44
N SER CA 712 71.63 35.24 84.12
CA SER CA 712 71.38 34.85 82.75
C SER CA 712 70.10 34.02 82.68
N VAL CA 713 69.51 33.99 81.50
CA VAL CA 713 68.35 33.16 81.26
C VAL CA 713 68.79 31.72 81.09
N ASP CA 714 68.11 30.80 81.78
CA ASP CA 714 68.40 29.39 81.62
C ASP CA 714 68.06 28.94 80.20
N PHE CA 715 68.92 28.07 79.64
CA PHE CA 715 68.79 27.61 78.26
C PHE CA 715 68.83 28.79 77.29
N ALA CA 716 69.81 29.66 77.50
CA ALA CA 716 70.06 30.78 76.62
C ALA CA 716 71.57 30.95 76.52
N VAL CA 717 71.98 31.98 75.81
CA VAL CA 717 73.39 32.29 75.68
C VAL CA 717 73.79 33.24 76.80
N ASN CA 718 75.07 33.23 77.15
CA ASN CA 718 75.60 34.18 78.11
C ASN CA 718 76.13 35.39 77.36
N THR CA 719 76.88 36.25 78.05
CA THR CA 719 77.41 37.45 77.42
C THR CA 719 78.47 37.15 76.36
N GLU CA 720 79.04 35.95 76.37
CA GLU CA 720 80.05 35.56 75.41
C GLU CA 720 79.48 34.76 74.25
N GLY CA 721 78.17 34.58 74.18
CA GLY CA 721 77.57 33.83 73.10
C GLY CA 721 77.55 32.34 73.29
N VAL CA 722 77.90 31.85 74.47
CA VAL CA 722 77.95 30.42 74.74
C VAL CA 722 76.57 29.96 75.18
N TYR CA 723 75.97 29.05 74.42
CA TYR CA 723 74.74 28.42 74.83
C TYR CA 723 75.04 27.31 75.83
N SER CA 724 74.25 27.28 76.90
CA SER CA 724 74.44 26.28 77.94
C SER CA 724 73.10 25.68 78.34
N GLU CA 725 73.13 24.40 78.69
CA GLU CA 725 71.97 23.74 79.27
C GLU CA 725 72.21 23.58 80.76
N PRO CA 726 71.51 24.32 81.62
CA PRO CA 726 71.91 24.36 83.03
C PRO CA 726 71.58 23.08 83.79
N ARG CA 727 70.59 22.31 83.34
CA ARG CA 727 70.18 21.12 84.07
C ARG CA 727 69.73 20.08 83.06
N PRO CA 728 69.76 18.80 83.43
CA PRO CA 728 69.14 17.77 82.57
C PRO CA 728 67.64 17.72 82.82
N ILE CA 729 66.87 18.01 81.79
CA ILE CA 729 65.42 17.97 81.89
C ILE CA 729 64.97 16.55 81.57
N GLY CA 730 64.40 15.88 82.55
CA GLY CA 730 63.84 14.57 82.32
C GLY CA 730 62.56 14.66 81.54
N THR CA 731 61.74 13.62 81.62
CA THR CA 731 60.54 13.56 80.82
C THR CA 731 59.30 13.25 81.65
N ARG CA 732 59.48 12.80 82.89
CA ARG CA 732 58.40 12.27 83.71
C ARG CA 732 57.95 13.32 84.71
N TYR CA 733 56.92 14.05 84.35
CA TYR CA 733 56.29 15.04 85.22
C TYR CA 733 54.82 14.78 85.46
N LEU CA 734 54.09 14.37 84.43
CA LEU CA 734 52.71 13.95 84.61
C LEU CA 734 52.67 12.61 85.34
N THR CA 735 51.49 12.26 85.83
CA THR CA 735 51.33 11.06 86.62
C THR CA 735 50.27 10.14 86.03
N ARG CA 736 50.44 8.85 86.25
CA ARG CA 736 49.45 7.84 85.95
C ARG CA 736 49.30 6.92 87.14
N ASN CA 737 48.12 6.32 87.26
CA ASN CA 737 47.96 5.21 88.17
C ASN CA 737 48.69 4.00 87.63
N LEU CA 738 49.01 3.06 88.52
CA LEU CA 738 49.64 1.83 88.09
C LEU CA 738 48.61 0.90 87.46
N GLY DA 221 51.07 -54.36 45.36
CA GLY DA 221 51.43 -55.68 44.87
C GLY DA 221 52.68 -56.25 45.50
N VAL DA 222 52.74 -57.58 45.59
CA VAL DA 222 53.91 -58.25 46.15
C VAL DA 222 55.14 -57.98 45.29
N GLY DA 223 55.00 -58.06 43.98
CA GLY DA 223 56.11 -57.96 43.07
C GLY DA 223 56.38 -56.58 42.50
N SER DA 224 55.80 -55.53 43.06
CA SER DA 224 56.02 -54.18 42.58
C SER DA 224 56.55 -53.31 43.72
N SER DA 225 57.54 -52.49 43.41
CA SER DA 225 58.10 -51.57 44.39
C SER DA 225 57.08 -50.50 44.74
N SER DA 226 57.00 -50.15 46.02
CA SER DA 226 56.09 -49.13 46.50
C SER DA 226 56.75 -47.76 46.63
N GLY DA 227 58.00 -47.63 46.24
CA GLY DA 227 58.66 -46.35 46.28
C GLY DA 227 60.09 -46.48 45.78
N ASN DA 228 60.67 -45.34 45.45
CA ASN DA 228 62.02 -45.28 44.91
C ASN DA 228 62.97 -44.69 45.95
N TRP DA 229 64.26 -44.93 45.73
CA TRP DA 229 65.30 -44.38 46.57
C TRP DA 229 65.49 -42.91 46.22
N HIS DA 230 65.35 -42.04 47.22
CA HIS DA 230 65.45 -40.59 47.02
C HIS DA 230 66.42 -40.04 48.06
N CYS DA 231 67.71 -40.04 47.72
CA CYS DA 231 68.71 -39.32 48.49
C CYS DA 231 69.26 -38.23 47.59
N ASP DA 232 69.12 -36.98 48.02
CA ASP DA 232 69.48 -35.85 47.17
C ASP DA 232 69.40 -34.59 48.01
N SER DA 233 70.00 -33.53 47.47
CA SER DA 233 69.84 -32.19 48.01
C SER DA 233 69.81 -31.23 46.83
N THR DA 234 68.73 -30.48 46.72
CA THR DA 234 68.57 -29.50 45.65
C THR DA 234 68.61 -28.11 46.24
N TRP DA 235 69.57 -27.31 45.80
CA TRP DA 235 69.69 -25.93 46.23
C TRP DA 235 69.07 -25.04 45.15
N LEU DA 236 68.04 -24.30 45.51
CA LEU DA 236 67.31 -23.48 44.55
C LEU DA 236 66.95 -22.16 45.24
N GLY DA 237 67.70 -21.11 44.91
CA GLY DA 237 67.42 -19.81 45.48
C GLY DA 237 67.67 -19.81 46.97
N ASP DA 238 66.67 -19.37 47.74
CA ASP DA 238 66.75 -19.31 49.18
C ASP DA 238 66.26 -20.58 49.85
N ARG DA 239 66.10 -21.65 49.10
CA ARG DA 239 65.67 -22.93 49.65
C ARG DA 239 66.72 -24.00 49.36
N VAL DA 240 66.84 -24.94 50.27
CA VAL DA 240 67.52 -26.21 50.01
C VAL DA 240 66.57 -27.32 50.44
N ILE DA 241 66.38 -28.29 49.56
CA ILE DA 241 65.52 -29.42 49.82
C ILE DA 241 66.41 -30.64 49.98
N THR DA 242 66.55 -31.11 51.20
CA THR DA 242 67.28 -32.34 51.48
C THR DA 242 66.29 -33.49 51.50
N THR DA 243 66.61 -34.55 50.78
CA THR DA 243 65.85 -35.79 50.86
C THR DA 243 66.82 -36.91 51.13
N SER DA 244 66.45 -37.79 52.05
CA SER DA 244 67.33 -38.88 52.44
C SER DA 244 66.50 -40.15 52.56
N THR DA 245 67.03 -41.23 52.00
CA THR DA 245 66.42 -42.54 52.10
C THR DA 245 67.36 -43.47 52.86
N ARG DA 246 66.80 -44.28 53.73
CA ARG DA 246 67.58 -45.28 54.46
C ARG DA 246 66.81 -46.58 54.49
N THR DA 247 67.56 -47.66 54.62
CA THR DA 247 66.97 -48.98 54.86
C THR DA 247 66.92 -49.22 56.36
N TRP DA 248 65.75 -49.58 56.86
CA TRP DA 248 65.56 -49.82 58.27
C TRP DA 248 65.21 -51.28 58.51
N ALA DA 249 65.41 -51.72 59.74
CA ALA DA 249 64.96 -53.03 60.19
C ALA DA 249 64.24 -52.86 61.52
N LEU DA 250 63.02 -53.36 61.60
CA LEU DA 250 62.24 -53.24 62.81
C LEU DA 250 62.04 -54.61 63.43
N PRO DA 251 62.61 -54.90 64.59
CA PRO DA 251 62.34 -56.17 65.25
C PRO DA 251 61.00 -56.11 65.98
N THR DA 252 60.61 -57.25 66.52
CA THR DA 252 59.52 -57.28 67.48
C THR DA 252 60.09 -56.88 68.84
N TYR DA 253 59.56 -55.81 69.41
CA TYR DA 253 60.01 -55.31 70.69
C TYR DA 253 59.11 -55.83 71.80
N ASN DA 254 59.71 -56.17 72.94
CA ASN DA 254 59.02 -56.52 74.15
C ASN DA 254 58.14 -57.76 74.02
N ASN DA 255 58.33 -58.55 72.98
CA ASN DA 255 57.45 -59.67 72.68
C ASN DA 255 56.00 -59.21 72.57
N HIS DA 256 55.79 -58.07 71.90
CA HIS DA 256 54.50 -57.47 71.65
C HIS DA 256 53.82 -56.97 72.92
N LEU DA 257 54.55 -56.81 74.01
CA LEU DA 257 53.96 -56.46 75.29
C LEU DA 257 54.28 -55.02 75.66
N TYR DA 258 53.39 -54.41 76.44
CA TYR DA 258 53.68 -53.20 77.17
C TYR DA 258 54.18 -53.59 78.55
N LYS DA 259 55.36 -53.13 78.92
CA LYS DA 259 55.94 -53.47 80.20
C LYS DA 259 56.13 -52.21 81.01
N GLN DA 260 55.67 -52.24 82.25
CA GLN DA 260 56.01 -51.18 83.19
C GLN DA 260 57.49 -51.29 83.55
N ILE DA 261 58.19 -50.18 83.47
CA ILE DA 261 59.62 -50.12 83.79
C ILE DA 261 59.81 -49.08 84.88
N SER DA 262 60.73 -49.37 85.80
CA SER DA 262 60.95 -48.49 86.93
C SER DA 262 62.40 -48.57 87.36
N ASN DA 263 62.77 -47.61 88.20
CA ASN DA 263 64.09 -47.60 88.82
C ASN DA 263 63.92 -46.87 90.15
N GLY DA 264 64.28 -47.53 91.25
CA GLY DA 264 64.15 -46.96 92.57
C GLY DA 264 65.49 -46.85 93.26
N THR DA 265 65.43 -46.39 94.50
CA THR DA 265 66.63 -46.22 95.32
C THR DA 265 67.01 -47.51 96.02
N ALA DA 269 70.50 -47.41 92.86
CA ALA DA 269 70.31 -46.16 92.13
C ALA DA 269 70.00 -45.02 93.10
N THR DA 270 70.43 -43.81 92.73
CA THR DA 270 70.14 -42.65 93.55
C THR DA 270 68.76 -42.10 93.23
N ASN DA 271 68.26 -41.23 94.11
CA ASN DA 271 66.96 -40.61 93.87
C ASN DA 271 66.96 -39.77 92.62
N ASP DA 272 68.11 -39.21 92.24
CA ASP DA 272 68.20 -38.39 91.04
C ASP DA 272 67.92 -39.17 89.77
N ASN DA 273 68.06 -40.50 89.81
CA ASN DA 273 67.92 -41.33 88.63
C ASN DA 273 66.69 -42.22 88.67
N THR DA 274 65.77 -42.00 89.60
CA THR DA 274 64.58 -42.81 89.66
C THR DA 274 63.63 -42.47 88.52
N TYR DA 275 62.86 -43.45 88.09
CA TYR DA 275 61.85 -43.20 87.07
C TYR DA 275 60.77 -44.26 87.15
N PHE DA 276 59.61 -43.92 86.60
CA PHE DA 276 58.53 -44.86 86.35
C PHE DA 276 58.05 -44.59 84.94
N GLY DA 277 57.88 -45.65 84.16
CA GLY DA 277 57.44 -45.47 82.80
C GLY DA 277 57.00 -46.77 82.19
N TYR DA 278 56.88 -46.76 80.87
CA TYR DA 278 56.41 -47.93 80.16
C TYR DA 278 57.27 -48.18 78.95
N SER DA 279 57.66 -49.43 78.76
CA SER DA 279 58.26 -49.89 77.53
C SER DA 279 57.14 -50.40 76.62
N THR DA 280 57.13 -49.95 75.38
CA THR DA 280 56.10 -50.34 74.45
C THR DA 280 56.66 -51.28 73.39
N PRO DA 281 55.82 -52.09 72.76
CA PRO DA 281 56.28 -52.91 71.63
C PRO DA 281 56.47 -52.14 70.34
N TRP DA 282 56.36 -50.82 70.37
CA TRP DA 282 56.43 -50.00 69.17
C TRP DA 282 57.84 -49.47 68.96
N GLY DA 283 58.25 -49.41 67.71
CA GLY DA 283 59.38 -48.61 67.33
C GLY DA 283 58.95 -47.24 66.91
N TYR DA 284 59.94 -46.37 66.67
CA TYR DA 284 59.63 -45.04 66.19
C TYR DA 284 60.75 -44.57 65.28
N PHE DA 285 60.39 -43.71 64.33
CA PHE DA 285 61.34 -43.17 63.39
C PHE DA 285 61.85 -41.83 63.88
N ASP DA 286 63.17 -41.69 63.93
CA ASP DA 286 63.83 -40.48 64.36
C ASP DA 286 64.72 -39.97 63.24
N PHE DA 287 64.53 -38.72 62.86
CA PHE DA 287 65.43 -38.04 61.94
C PHE DA 287 65.74 -36.65 62.46
N ASN DA 288 65.92 -36.56 63.78
CA ASN DA 288 66.13 -35.30 64.48
C ASN DA 288 67.60 -34.99 64.65
N ARG DA 289 68.43 -35.37 63.68
CA ARG DA 289 69.82 -34.96 63.63
C ARG DA 289 70.09 -34.41 62.23
N PHE DA 290 70.95 -33.39 62.17
CA PHE DA 290 71.17 -32.72 60.90
C PHE DA 290 71.83 -33.63 59.88
N HIS DA 291 72.70 -34.55 60.33
CA HIS DA 291 73.37 -35.43 59.37
C HIS DA 291 72.43 -36.48 58.80
N CYS DA 292 71.22 -36.63 59.33
CA CYS DA 292 70.22 -37.45 58.67
C CYS DA 292 69.77 -36.85 57.35
N HIS DA 293 70.00 -35.56 57.15
CA HIS DA 293 69.51 -34.84 55.98
C HIS DA 293 70.60 -34.17 55.18
N PHE DA 294 71.63 -33.65 55.84
CA PHE DA 294 72.71 -32.95 55.16
C PHE DA 294 73.93 -33.85 55.08
N SER DA 295 74.43 -34.05 53.86
CA SER DA 295 75.75 -34.60 53.70
C SER DA 295 76.77 -33.60 54.22
N PRO DA 296 77.97 -34.05 54.59
CA PRO DA 296 78.98 -33.09 55.05
C PRO DA 296 79.27 -31.99 54.04
N ARG DA 297 79.29 -32.33 52.76
CA ARG DA 297 79.46 -31.30 51.74
C ARG DA 297 78.27 -30.35 51.69
N ASP DA 298 77.06 -30.88 51.83
CA ASP DA 298 75.88 -30.03 51.88
C ASP DA 298 75.91 -29.14 53.12
N TRP DA 299 76.35 -29.69 54.25
CA TRP DA 299 76.51 -28.88 55.45
C TRP DA 299 77.51 -27.76 55.23
N GLN DA 300 78.62 -28.06 54.55
CA GLN DA 300 79.60 -27.04 54.22
C GLN DA 300 78.99 -25.95 53.34
N ARG DA 301 78.24 -26.36 52.32
CA ARG DA 301 77.55 -25.40 51.47
C ARG DA 301 76.63 -24.51 52.29
N LEU DA 302 75.91 -25.09 53.23
CA LEU DA 302 74.97 -24.33 54.05
C LEU DA 302 75.71 -23.34 54.95
N ILE DA 303 76.72 -23.81 55.68
CA ILE DA 303 77.31 -22.98 56.72
C ILE DA 303 78.31 -21.98 56.18
N ASN DA 304 78.90 -22.20 55.00
CA ASN DA 304 79.87 -21.27 54.46
C ASN DA 304 79.23 -20.12 53.69
N ASN DA 305 77.93 -20.17 53.44
CA ASN DA 305 77.30 -19.24 52.52
C ASN DA 305 76.02 -18.62 53.03
N ASN DA 306 75.53 -19.02 54.19
CA ASN DA 306 74.24 -18.56 54.68
C ASN DA 306 74.37 -18.04 56.10
N TRP DA 307 73.69 -16.94 56.37
CA TRP DA 307 73.63 -16.39 57.72
C TRP DA 307 72.64 -17.11 58.60
N GLY DA 308 71.73 -17.87 58.00
CA GLY DA 308 70.73 -18.57 58.79
C GLY DA 308 69.97 -19.55 57.94
N PHE DA 309 69.26 -20.43 58.62
CA PHE DA 309 68.41 -21.41 57.96
C PHE DA 309 67.36 -21.87 58.95
N ARG DA 310 66.29 -22.44 58.41
CA ARG DA 310 65.22 -22.98 59.25
C ARG DA 310 64.44 -23.99 58.43
N PRO DA 311 63.91 -25.03 59.06
CA PRO DA 311 63.06 -25.97 58.32
C PRO DA 311 61.73 -25.32 57.97
N LYS DA 312 61.19 -25.71 56.82
CA LYS DA 312 59.92 -25.19 56.35
C LYS DA 312 58.85 -26.26 56.30
N ARG DA 313 59.13 -27.39 55.66
CA ARG DA 313 58.16 -28.47 55.54
C ARG DA 313 58.94 -29.77 55.45
N LEU DA 314 58.26 -30.87 55.76
CA LEU DA 314 58.85 -32.18 55.57
C LEU DA 314 57.81 -33.12 54.98
N SER DA 315 58.31 -34.08 54.22
CA SER DA 315 57.52 -35.21 53.76
C SER DA 315 58.25 -36.48 54.16
N PHE DA 316 57.48 -37.46 54.61
CA PHE DA 316 58.01 -38.70 55.14
C PHE DA 316 57.37 -39.85 54.40
N LYS DA 317 58.16 -40.87 54.07
CA LYS DA 317 57.65 -42.01 53.33
C LYS DA 317 58.19 -43.30 53.90
N LEU DA 318 57.31 -44.29 54.04
CA LEU DA 318 57.68 -45.67 54.32
C LEU DA 318 57.24 -46.51 53.14
N PHE DA 319 58.13 -47.35 52.62
CA PHE DA 319 57.83 -48.09 51.41
C PHE DA 319 58.75 -49.29 51.32
N ASN DA 320 58.45 -50.15 50.35
CA ASN DA 320 59.20 -51.39 50.12
C ASN DA 320 59.29 -52.20 51.40
N ILE DA 321 58.15 -52.32 52.08
CA ILE DA 321 58.10 -53.03 53.35
C ILE DA 321 58.17 -54.52 53.10
N GLN DA 322 59.04 -55.18 53.85
CA GLN DA 322 59.16 -56.63 53.82
C GLN DA 322 59.06 -57.14 55.24
N VAL DA 323 58.04 -57.95 55.51
CA VAL DA 323 57.89 -58.60 56.80
C VAL DA 323 58.40 -60.02 56.67
N LYS DA 324 59.33 -60.40 57.51
CA LYS DA 324 60.03 -61.66 57.38
C LYS DA 324 59.81 -62.52 58.62
N GLU DA 325 59.59 -63.80 58.38
CA GLU DA 325 59.41 -64.79 59.44
C GLU DA 325 60.70 -65.56 59.62
N VAL DA 326 61.14 -65.70 60.85
CA VAL DA 326 62.34 -66.46 61.18
C VAL DA 326 61.95 -67.63 62.08
N THR DA 327 62.39 -68.82 61.69
CA THR DA 327 62.06 -70.04 62.43
C THR DA 327 63.30 -70.67 63.04
N LYS DA 333 68.39 -71.87 61.61
CA LYS DA 333 67.58 -70.67 61.44
C LYS DA 333 67.34 -70.37 59.97
N THR DA 334 66.08 -70.27 59.59
CA THR DA 334 65.69 -69.88 58.25
C THR DA 334 64.81 -68.64 58.30
N ILE DA 335 65.04 -67.72 57.37
CA ILE DA 335 64.26 -66.50 57.26
C ILE DA 335 63.46 -66.57 55.98
N ALA DA 336 62.15 -66.37 56.09
CA ALA DA 336 61.26 -66.44 54.95
C ALA DA 336 60.37 -65.21 54.93
N ASN DA 337 59.91 -64.84 53.73
CA ASN DA 337 58.94 -63.78 53.61
C ASN DA 337 57.60 -64.22 54.18
N ASN DA 338 56.96 -63.31 54.91
CA ASN DA 338 55.59 -63.47 55.36
C ASN DA 338 54.77 -62.44 54.59
N LEU DA 339 54.29 -62.83 53.42
CA LEU DA 339 53.67 -61.89 52.49
C LEU DA 339 52.40 -61.28 53.06
N THR DA 340 51.70 -61.99 53.92
CA THR DA 340 50.43 -61.53 54.46
C THR DA 340 50.55 -60.82 55.79
N SER DA 341 51.77 -60.68 56.32
CA SER DA 341 51.95 -59.99 57.59
C SER DA 341 51.95 -58.48 57.37
N THR DA 342 51.58 -57.75 58.42
CA THR DA 342 51.48 -56.31 58.35
C THR DA 342 52.40 -55.64 59.37
N ILE DA 343 52.71 -54.39 59.08
CA ILE DA 343 53.25 -53.48 60.07
C ILE DA 343 52.19 -52.41 60.31
N GLN DA 344 52.22 -51.82 61.50
CA GLN DA 344 51.31 -50.73 61.85
C GLN DA 344 52.12 -49.45 61.98
N VAL DA 345 51.69 -48.41 61.29
CA VAL DA 345 52.37 -47.12 61.32
C VAL DA 345 51.32 -46.05 61.60
N PHE DA 346 51.63 -45.15 62.53
CA PHE DA 346 50.81 -43.96 62.70
C PHE DA 346 51.69 -42.84 63.19
N THR DA 347 51.27 -41.61 62.90
CA THR DA 347 51.92 -40.42 63.41
C THR DA 347 51.07 -39.85 64.54
N ASP DA 348 51.74 -39.48 65.63
CA ASP DA 348 51.08 -38.79 66.73
C ASP DA 348 50.89 -37.33 66.34
N SER DA 349 49.98 -37.10 65.40
CA SER DA 349 49.79 -35.78 64.82
C SER DA 349 49.15 -34.81 65.79
N GLU DA 350 48.40 -35.31 66.76
CA GLU DA 350 47.81 -34.47 67.80
C GLU DA 350 48.70 -34.33 69.02
N TYR DA 351 49.89 -34.92 69.00
CA TYR DA 351 50.84 -34.83 70.10
C TYR DA 351 50.21 -35.33 71.41
N GLN DA 352 49.48 -36.43 71.30
CA GLN DA 352 48.82 -37.03 72.45
C GLN DA 352 49.71 -38.04 73.17
N LEU DA 353 50.78 -38.41 72.60
CA LEU DA 353 51.73 -39.30 73.25
C LEU DA 353 52.87 -38.52 73.87
N PRO DA 354 53.51 -39.06 74.90
CA PRO DA 354 54.75 -38.44 75.39
C PRO DA 354 55.76 -38.32 74.26
N TYR DA 355 56.26 -37.11 74.07
CA TYR DA 355 57.16 -36.80 72.97
C TYR DA 355 58.58 -37.10 73.42
N VAL DA 356 59.14 -38.21 72.92
CA VAL DA 356 60.48 -38.61 73.32
C VAL DA 356 61.55 -38.21 72.31
N LEU DA 357 61.15 -37.70 71.14
CA LEU DA 357 62.11 -37.04 70.29
C LEU DA 357 62.58 -35.76 70.94
N GLY DA 358 63.72 -35.26 70.48
CA GLY DA 358 64.28 -34.09 71.13
C GLY DA 358 64.91 -34.36 72.47
N SER DA 359 65.31 -35.61 72.73
CA SER DA 359 66.13 -35.92 73.90
C SER DA 359 67.49 -36.43 73.50
N ALA DA 360 67.91 -36.15 72.26
CA ALA DA 360 69.23 -36.51 71.75
C ALA DA 360 69.49 -38.01 71.87
N HIS DA 361 68.50 -38.82 71.55
CA HIS DA 361 68.62 -40.26 71.66
C HIS DA 361 69.22 -40.86 70.40
N GLN DA 362 69.86 -42.01 70.57
CA GLN DA 362 70.31 -42.79 69.44
C GLN DA 362 69.11 -43.37 68.70
N GLY DA 363 69.37 -43.91 67.52
CA GLY DA 363 68.34 -44.49 66.71
C GLY DA 363 67.83 -43.63 65.58
N CYS DA 364 68.43 -42.45 65.39
CA CYS DA 364 68.08 -41.63 64.25
C CYS DA 364 68.56 -42.30 62.96
N LEU DA 365 68.11 -41.76 61.83
CA LEU DA 365 68.60 -42.22 60.55
C LEU DA 365 70.13 -42.05 60.50
N PRO DA 366 70.87 -43.04 60.03
CA PRO DA 366 72.32 -42.93 60.05
C PRO DA 366 72.79 -41.82 59.12
N PRO DA 367 73.91 -41.16 59.44
CA PRO DA 367 74.42 -40.13 58.53
C PRO DA 367 74.77 -40.66 57.16
N PHE DA 368 75.26 -41.89 57.06
CA PHE DA 368 75.68 -42.45 55.78
C PHE DA 368 74.51 -43.14 55.11
N PRO DA 369 74.14 -42.76 53.88
CA PRO DA 369 72.93 -43.34 53.26
C PRO DA 369 73.00 -44.84 53.07
N ALA DA 370 74.19 -45.40 52.85
CA ALA DA 370 74.31 -46.84 52.66
C ALA DA 370 74.10 -47.62 53.94
N ASP DA 371 73.97 -46.95 55.08
CA ASP DA 371 73.93 -47.62 56.36
C ASP DA 371 72.52 -48.10 56.67
N VAL DA 372 72.38 -49.37 57.03
CA VAL DA 372 71.11 -49.93 57.44
C VAL DA 372 71.00 -49.83 58.95
N PHE DA 373 69.90 -49.29 59.43
CA PHE DA 373 69.76 -49.00 60.86
C PHE DA 373 68.57 -49.71 61.45
N MET DA 374 68.70 -49.98 62.75
CA MET DA 374 67.65 -50.59 63.56
C MET DA 374 66.76 -49.50 64.15
N ILE DA 375 65.45 -49.72 64.07
CA ILE DA 375 64.49 -48.74 64.59
C ILE DA 375 64.48 -48.80 66.10
N PRO DA 376 64.64 -47.67 66.80
CA PRO DA 376 64.65 -47.70 68.26
C PRO DA 376 63.27 -48.02 68.83
N GLN DA 377 63.28 -48.61 70.02
CA GLN DA 377 62.04 -48.97 70.69
C GLN DA 377 61.45 -47.75 71.40
N TYR DA 378 60.14 -47.57 71.24
CA TYR DA 378 59.46 -46.45 71.88
C TYR DA 378 59.17 -46.79 73.34
N GLY DA 379 59.59 -45.91 74.22
CA GLY DA 379 59.19 -45.95 75.61
C GLY DA 379 59.01 -44.54 76.11
N TYR DA 380 58.34 -44.41 77.25
CA TYR DA 380 58.10 -43.09 77.79
C TYR DA 380 58.11 -43.17 79.31
N LEU DA 381 58.25 -42.01 79.93
CA LEU DA 381 58.23 -41.88 81.37
C LEU DA 381 57.03 -41.05 81.78
N THR DA 382 56.50 -41.37 82.94
CA THR DA 382 55.42 -40.59 83.52
C THR DA 382 55.83 -40.21 84.93
N LEU DA 383 54.90 -39.67 85.71
CA LEU DA 383 55.25 -39.23 87.05
C LEU DA 383 55.65 -40.41 87.92
N ASN DA 384 56.69 -40.23 88.72
CA ASN DA 384 57.18 -41.27 89.61
C ASN DA 384 57.46 -40.70 90.98
N ASN DA 385 57.33 -41.55 91.98
CA ASN DA 385 57.75 -41.29 93.35
C ASN DA 385 58.69 -42.44 93.70
N GLY DA 386 59.99 -42.23 93.48
CA GLY DA 386 60.90 -43.36 93.52
C GLY DA 386 60.63 -44.26 92.34
N SER DA 387 60.49 -45.56 92.61
CA SER DA 387 60.13 -46.51 91.57
C SER DA 387 58.62 -46.68 91.44
N GLN DA 388 57.84 -46.00 92.25
CA GLN DA 388 56.39 -46.15 92.24
C GLN DA 388 55.75 -45.09 91.36
N ALA DA 389 54.60 -45.44 90.79
CA ALA DA 389 53.78 -44.46 90.11
C ALA DA 389 52.91 -43.73 91.11
N VAL DA 390 52.43 -42.56 90.70
CA VAL DA 390 51.44 -41.82 91.46
C VAL DA 390 50.12 -41.86 90.71
N GLY DA 391 49.07 -41.37 91.35
CA GLY DA 391 47.77 -41.36 90.72
C GLY DA 391 47.72 -40.56 89.45
N ARG DA 392 48.59 -39.57 89.30
CA ARG DA 392 48.63 -38.76 88.09
C ARG DA 392 49.46 -39.40 86.99
N SER DA 393 50.11 -40.52 87.24
CA SER DA 393 50.88 -41.19 86.20
C SER DA 393 49.96 -41.66 85.09
N SER DA 394 50.38 -41.42 83.86
CA SER DA 394 49.59 -41.75 82.69
C SER DA 394 50.14 -43.00 82.02
N PHE DA 395 49.25 -43.92 81.67
CA PHE DA 395 49.59 -45.07 80.85
C PHE DA 395 48.98 -44.86 79.48
N TYR DA 396 49.79 -45.05 78.44
CA TYR DA 396 49.33 -44.89 77.07
C TYR DA 396 49.46 -46.22 76.34
N CYS DA 397 48.36 -46.65 75.74
CA CYS DA 397 48.36 -47.78 74.82
C CYS DA 397 48.43 -47.23 73.40
N LEU DA 398 49.50 -47.55 72.69
CA LEU DA 398 49.65 -47.03 71.34
C LEU DA 398 48.73 -47.74 70.36
N GLU DA 399 48.24 -48.92 70.71
CA GLU DA 399 47.19 -49.56 69.90
C GLU DA 399 45.88 -48.81 70.00
N TYR DA 400 45.72 -47.95 71.01
CA TYR DA 400 44.53 -47.12 71.14
C TYR DA 400 44.52 -45.96 70.16
N PHE DA 401 45.43 -45.93 69.21
CA PHE DA 401 45.46 -44.93 68.17
C PHE DA 401 45.07 -45.55 66.83
N PRO DA 402 44.48 -44.78 65.93
CA PRO DA 402 44.30 -45.28 64.56
C PRO DA 402 45.66 -45.42 63.88
N SER DA 403 45.93 -46.62 63.37
CA SER DA 403 47.18 -46.90 62.69
C SER DA 403 46.88 -47.45 61.31
N GLN DA 404 47.69 -47.06 60.34
CA GLN DA 404 47.63 -47.69 59.03
C GLN DA 404 48.37 -49.01 59.10
N MET DA 405 47.73 -50.08 58.65
CA MET DA 405 48.37 -51.37 58.57
C MET DA 405 48.84 -51.60 57.14
N LEU DA 406 50.07 -52.05 57.00
CA LEU DA 406 50.74 -52.12 55.71
C LEU DA 406 51.20 -53.54 55.47
N ARG DA 407 50.79 -54.13 54.35
CA ARG DA 407 51.41 -55.34 53.88
C ARG DA 407 52.58 -54.98 52.98
N THR DA 408 53.22 -56.00 52.40
CA THR DA 408 54.45 -55.77 51.66
C THR DA 408 54.24 -54.86 50.46
N GLY DA 409 53.03 -54.81 49.92
CA GLY DA 409 52.75 -53.93 48.79
C GLY DA 409 52.33 -52.53 49.14
N ASN DA 410 52.14 -52.23 50.41
CA ASN DA 410 51.63 -50.94 50.84
C ASN DA 410 52.78 -49.99 51.17
N ASN DA 411 52.47 -48.70 51.12
CA ASN DA 411 53.41 -47.68 51.56
C ASN DA 411 52.68 -46.67 52.43
N PHE DA 412 53.46 -45.97 53.24
CA PHE DA 412 52.95 -44.97 54.16
C PHE DA 412 53.64 -43.64 53.87
N GLN DA 413 52.88 -42.56 53.92
CA GLN DA 413 53.50 -41.26 53.74
C GLN DA 413 52.64 -40.20 54.42
N PHE DA 414 53.32 -39.14 54.86
CA PHE DA 414 52.63 -37.97 55.38
C PHE DA 414 53.52 -36.77 55.17
N THR DA 415 52.90 -35.59 55.17
CA THR DA 415 53.59 -34.33 55.04
C THR DA 415 53.36 -33.50 56.29
N TYR DA 416 54.32 -32.67 56.61
CA TYR DA 416 54.26 -31.83 57.80
C TYR DA 416 54.84 -30.47 57.44
N THR DA 417 54.21 -29.42 57.96
CA THR DA 417 54.68 -28.06 57.77
C THR DA 417 55.20 -27.53 59.10
N PHE DA 418 56.45 -27.07 59.10
CA PHE DA 418 57.01 -26.46 60.29
C PHE DA 418 56.33 -25.12 60.56
N GLU DA 419 56.11 -24.82 61.83
CA GLU DA 419 55.62 -23.51 62.20
C GLU DA 419 56.69 -22.46 61.91
N ASP DA 420 56.26 -21.20 61.90
CA ASP DA 420 57.21 -20.12 61.70
C ASP DA 420 58.18 -20.07 62.87
N VAL DA 421 59.42 -20.47 62.62
CA VAL DA 421 60.44 -20.55 63.66
C VAL DA 421 61.52 -19.55 63.26
N PRO DA 422 62.22 -18.92 64.21
CA PRO DA 422 63.30 -18.01 63.83
C PRO DA 422 64.43 -18.75 63.12
N PHE DA 423 65.09 -18.06 62.21
CA PHE DA 423 66.28 -18.61 61.58
C PHE DA 423 67.34 -18.89 62.63
N HIS DA 424 67.98 -20.05 62.51
CA HIS DA 424 69.14 -20.30 63.34
C HIS DA 424 70.27 -19.36 62.95
N SER DA 425 70.95 -18.81 63.94
CA SER DA 425 72.04 -17.87 63.69
C SER DA 425 73.25 -18.65 63.19
N SER DA 426 73.35 -18.78 61.87
CA SER DA 426 74.50 -19.46 61.27
C SER DA 426 75.64 -18.49 61.02
N TYR DA 427 76.00 -17.75 62.05
CA TYR DA 427 77.01 -16.70 61.95
C TYR DA 427 77.58 -16.45 63.33
N ALA DA 428 78.80 -15.92 63.35
CA ALA DA 428 79.39 -15.41 64.57
C ALA DA 428 79.51 -13.90 64.45
N HIS DA 429 79.34 -13.21 65.57
CA HIS DA 429 79.41 -11.76 65.55
C HIS DA 429 80.85 -11.31 65.38
N SER DA 430 81.06 -10.37 64.48
CA SER DA 430 82.38 -9.77 64.26
C SER DA 430 82.60 -8.56 65.16
N GLN DA 431 81.66 -8.26 66.04
CA GLN DA 431 81.80 -7.22 67.03
C GLN DA 431 81.46 -7.79 68.39
N SER DA 432 82.10 -7.25 69.42
CA SER DA 432 81.78 -7.61 70.78
C SER DA 432 80.77 -6.62 71.35
N LEU DA 433 79.97 -7.10 72.30
CA LEU DA 433 78.91 -6.27 72.87
C LEU DA 433 79.47 -5.05 73.59
N ASP DA 434 80.65 -5.18 74.20
CA ASP DA 434 81.27 -4.06 74.90
C ASP DA 434 82.15 -3.22 73.99
N ARG DA 435 82.13 -3.47 72.69
CA ARG DA 435 82.94 -2.74 71.73
C ARG DA 435 82.10 -2.28 70.55
N LEU DA 436 80.90 -1.79 70.83
CA LEU DA 436 79.99 -1.32 69.79
C LEU DA 436 80.14 0.17 69.52
N MET DA 437 81.01 0.85 70.23
CA MET DA 437 81.14 2.29 70.16
C MET DA 437 82.20 2.72 69.15
N ASN DA 438 82.12 3.98 68.78
CA ASN DA 438 83.13 4.59 67.92
C ASN DA 438 84.42 4.76 68.71
N PRO DA 439 85.53 4.17 68.27
CA PRO DA 439 86.78 4.26 69.02
C PRO DA 439 87.53 5.57 68.85
N LEU DA 440 86.95 6.57 68.19
CA LEU DA 440 87.62 7.83 67.98
C LEU DA 440 86.98 8.99 68.72
N ILE DA 441 85.75 8.84 69.18
CA ILE DA 441 84.96 9.94 69.73
C ILE DA 441 84.69 9.67 71.19
N ASP DA 442 84.83 10.70 72.01
CA ASP DA 442 84.45 10.60 73.40
C ASP DA 442 82.92 10.55 73.53
N GLN DA 443 82.47 10.02 74.66
CA GLN DA 443 81.07 10.12 75.01
C GLN DA 443 80.77 11.47 75.62
N TYR DA 444 79.55 11.96 75.40
CA TYR DA 444 79.12 13.13 76.13
C TYR DA 444 78.64 12.81 77.54
N LEU DA 445 78.41 11.54 77.84
CA LEU DA 445 78.05 11.11 79.18
C LEU DA 445 79.30 10.99 80.04
N TYR DA 446 79.14 11.28 81.32
CA TYR DA 446 80.21 11.17 82.30
C TYR DA 446 80.00 9.94 83.16
N TYR DA 447 81.09 9.43 83.70
CA TYR DA 447 81.06 8.37 84.68
C TYR DA 447 81.88 8.81 85.89
N LEU DA 448 81.51 8.29 87.06
CA LEU DA 448 82.29 8.54 88.26
C LEU DA 448 83.67 7.91 88.10
N SER DA 449 84.70 8.74 87.94
CA SER DA 449 86.03 8.24 87.66
C SER DA 449 86.92 8.16 88.90
N ARG DA 450 86.69 9.00 89.90
CA ARG DA 450 87.45 8.94 91.13
C ARG DA 450 86.57 9.33 92.31
N THR DA 451 86.82 8.68 93.44
CA THR DA 451 86.14 9.03 94.68
C THR DA 451 87.12 9.54 95.74
N GLN DA 452 88.40 9.65 95.41
CA GLN DA 452 89.42 10.07 96.35
C GLN DA 452 90.42 10.97 95.63
N THR DA 453 90.86 12.03 96.32
CA THR DA 453 91.79 12.97 95.72
C THR DA 453 93.16 12.33 95.48
N ASN DA 459 95.06 11.61 101.27
CA ASN DA 459 94.00 11.92 100.32
C ASN DA 459 92.64 11.88 100.99
N THR DA 460 91.71 12.70 100.48
CA THR DA 460 90.38 12.84 101.05
C THR DA 460 89.33 12.44 100.03
N GLN DA 461 88.10 12.33 100.49
CA GLN DA 461 86.99 12.00 99.61
C GLN DA 461 86.73 13.13 98.63
N THR DA 462 86.35 12.76 97.41
CA THR DA 462 85.98 13.70 96.37
C THR DA 462 85.09 12.97 95.39
N LEU DA 463 84.58 13.71 94.41
CA LEU DA 463 83.81 13.14 93.31
C LEU DA 463 84.38 13.69 92.01
N GLY DA 464 85.13 12.86 91.31
CA GLY DA 464 85.67 13.21 90.01
C GLY DA 464 84.94 12.44 88.92
N PHE DA 465 84.56 13.15 87.86
CA PHE DA 465 83.81 12.57 86.77
C PHE DA 465 84.57 12.76 85.48
N SER DA 466 84.62 11.73 84.66
CA SER DA 466 85.31 11.76 83.39
C SER DA 466 84.37 11.29 82.29
N GLN DA 467 84.67 11.71 81.07
CA GLN DA 467 83.91 11.26 79.92
C GLN DA 467 84.54 9.98 79.37
N GLY DA 468 83.71 8.97 79.15
CA GLY DA 468 84.17 7.75 78.53
C GLY DA 468 84.70 8.01 77.14
N GLY DA 469 85.86 7.47 76.83
CA GLY DA 469 86.49 7.70 75.56
C GLY DA 469 87.17 6.47 75.03
N PRO DA 470 88.00 6.66 74.00
CA PRO DA 470 88.68 5.51 73.38
C PRO DA 470 89.56 4.73 74.35
N ASN DA 471 90.11 5.38 75.37
CA ASN DA 471 91.00 4.70 76.29
C ASN DA 471 90.28 4.12 77.50
N THR DA 472 89.25 4.79 78.00
CA THR DA 472 88.44 4.27 79.10
C THR DA 472 87.20 3.58 78.57
N MET DA 473 87.44 2.58 77.73
CA MET DA 473 86.35 1.94 77.01
C MET DA 473 85.53 1.03 77.92
N ALA DA 474 86.15 0.50 78.97
CA ALA DA 474 85.42 -0.28 79.96
C ALA DA 474 84.47 0.57 80.79
N ASN DA 475 84.72 1.88 80.89
CA ASN DA 475 83.89 2.76 81.69
C ASN DA 475 82.76 3.40 80.91
N GLN DA 476 82.73 3.24 79.60
CA GLN DA 476 81.76 3.94 78.77
C GLN DA 476 80.35 3.48 79.09
N ALA DA 477 79.41 4.42 79.00
CA ALA DA 477 78.00 4.07 79.08
C ALA DA 477 77.62 3.21 77.89
N LYS DA 478 76.86 2.15 78.16
CA LYS DA 478 76.49 1.19 77.13
C LYS DA 478 75.01 0.88 77.24
N ASN DA 479 74.44 0.45 76.12
CA ASN DA 479 73.00 0.22 76.03
C ASN DA 479 72.59 -1.21 76.33
N TRP DA 480 73.52 -2.16 76.34
CA TRP DA 480 73.15 -3.56 76.36
C TRP DA 480 74.02 -4.32 77.34
N LEU DA 481 73.50 -5.47 77.78
CA LEU DA 481 74.18 -6.35 78.71
C LEU DA 481 74.36 -7.72 78.08
N PRO DA 482 75.40 -8.46 78.48
CA PRO DA 482 75.57 -9.82 77.98
C PRO DA 482 74.45 -10.71 78.47
N GLY DA 483 74.20 -11.78 77.71
CA GLY DA 483 73.15 -12.70 78.01
C GLY DA 483 73.26 -13.33 79.38
N PRO DA 484 72.25 -14.09 79.77
CA PRO DA 484 72.21 -14.63 81.13
C PRO DA 484 73.28 -15.68 81.37
N CYS DA 485 73.59 -15.88 82.64
CA CYS DA 485 74.68 -16.75 83.05
C CYS DA 485 74.18 -17.76 84.08
N TYR DA 486 74.65 -18.99 83.95
CA TYR DA 486 74.43 -20.05 84.95
C TYR DA 486 75.75 -20.80 85.07
N ARG DA 487 76.61 -20.31 85.96
CA ARG DA 487 78.04 -20.63 85.89
C ARG DA 487 78.29 -22.14 86.02
N GLN DA 488 79.17 -22.62 85.16
CA GLN DA 488 79.60 -24.02 85.16
C GLN DA 488 81.04 -24.12 85.64
N GLN DA 489 81.38 -25.28 86.19
CA GLN DA 489 82.75 -25.52 86.61
C GLN DA 489 83.64 -25.68 85.38
N ARG DA 490 84.86 -25.17 85.48
CA ARG DA 490 85.81 -25.21 84.38
C ARG DA 490 86.64 -26.49 84.46
N VAL DA 491 86.74 -27.19 83.34
CA VAL DA 491 87.54 -28.40 83.23
C VAL DA 491 88.55 -28.19 82.11
N SER DA 492 89.79 -28.57 82.37
CA SER DA 492 90.85 -28.47 81.37
C SER DA 492 91.04 -29.80 80.68
N THR DA 493 91.15 -29.75 79.34
CA THR DA 493 91.49 -30.96 78.60
C THR DA 493 92.91 -31.43 78.90
N THR DA 494 93.76 -30.54 79.40
CA THR DA 494 95.04 -30.92 79.98
C THR DA 494 94.77 -31.36 81.40
N THR DA 495 94.70 -32.68 81.61
CA THR DA 495 94.18 -33.21 82.86
C THR DA 495 95.03 -32.80 84.06
N GLY DA 496 96.33 -32.60 83.85
CA GLY DA 496 97.19 -32.18 84.94
C GLY DA 496 96.80 -30.86 85.55
N GLN DA 497 96.09 -30.01 84.80
CA GLN DA 497 95.62 -28.73 85.32
C GLN DA 497 94.32 -28.85 86.10
N ASN DA 498 93.71 -30.03 86.13
CA ASN DA 498 92.46 -30.22 86.85
C ASN DA 498 92.73 -30.65 88.29
N ASN DA 499 91.76 -30.40 89.15
CA ASN DA 499 91.84 -30.86 90.53
C ASN DA 499 91.84 -32.39 90.56
N ASN DA 500 92.68 -32.95 91.42
CA ASN DA 500 92.78 -34.41 91.55
C ASN DA 500 91.64 -34.91 92.43
N SER DA 501 90.45 -34.92 91.84
CA SER DA 501 89.26 -35.42 92.50
C SER DA 501 88.23 -35.75 91.43
N ASN DA 502 87.24 -36.55 91.82
CA ASN DA 502 86.14 -36.91 90.93
C ASN DA 502 85.00 -35.94 91.19
N PHE DA 503 84.97 -34.85 90.41
CA PHE DA 503 84.02 -33.77 90.63
C PHE DA 503 83.05 -33.57 89.48
N ALA DA 504 82.94 -34.53 88.57
CA ALA DA 504 82.05 -34.37 87.43
C ALA DA 504 80.61 -34.18 87.88
N TRP DA 505 80.19 -34.93 88.90
CA TRP DA 505 78.85 -34.81 89.44
C TRP DA 505 78.79 -33.88 90.64
N THR DA 506 79.73 -34.01 91.59
CA THR DA 506 79.68 -33.21 92.80
C THR DA 506 79.82 -31.72 92.50
N ALA DA 507 80.72 -31.37 91.59
CA ALA DA 507 80.88 -29.99 91.15
C ALA DA 507 80.06 -29.66 89.92
N GLY DA 508 79.23 -30.60 89.45
CA GLY DA 508 78.43 -30.34 88.28
C GLY DA 508 77.42 -29.23 88.52
N THR DA 509 77.14 -28.49 87.46
CA THR DA 509 76.14 -27.43 87.52
C THR DA 509 74.77 -28.05 87.30
N LYS DA 510 73.89 -27.92 88.29
CA LYS DA 510 72.67 -28.70 88.34
C LYS DA 510 71.48 -27.80 88.56
N TYR DA 511 70.31 -28.31 88.21
CA TYR DA 511 69.05 -27.75 88.65
C TYR DA 511 68.33 -28.75 89.54
N HIS DA 512 67.45 -28.24 90.37
CA HIS DA 512 66.73 -29.02 91.37
C HIS DA 512 65.26 -29.02 91.01
N LEU DA 513 64.68 -30.21 90.87
CA LEU DA 513 63.29 -30.34 90.49
C LEU DA 513 62.66 -31.49 91.26
N ASN DA 514 61.70 -31.17 92.12
CA ASN DA 514 60.97 -32.16 92.91
C ASN DA 514 61.92 -33.06 93.69
N GLY DA 515 62.86 -32.43 94.38
CA GLY DA 515 63.83 -33.17 95.16
C GLY DA 515 64.81 -33.99 94.37
N ARG DA 516 64.86 -33.82 93.06
CA ARG DA 516 65.75 -34.56 92.18
C ARG DA 516 66.76 -33.59 91.58
N ASN DA 517 68.02 -33.97 91.60
CA ASN DA 517 69.08 -33.16 91.01
C ASN DA 517 69.40 -33.68 89.62
N SER DA 518 69.39 -32.77 88.65
CA SER DA 518 69.74 -33.10 87.28
C SER DA 518 70.76 -32.09 86.79
N LEU DA 519 71.74 -32.55 86.03
CA LEU DA 519 72.72 -31.65 85.46
C LEU DA 519 72.03 -30.64 84.55
N ALA DA 520 72.45 -29.38 84.64
CA ALA DA 520 72.05 -28.35 83.68
C ALA DA 520 72.94 -28.54 82.46
N ASN DA 521 72.61 -29.58 81.68
CA ASN DA 521 73.48 -30.10 80.63
C ASN DA 521 72.76 -30.05 79.30
N PRO DA 522 73.21 -29.27 78.32
CA PRO DA 522 74.40 -28.41 78.44
C PRO DA 522 74.10 -27.06 79.06
N GLY DA 523 72.87 -26.85 79.49
CA GLY DA 523 72.49 -25.60 80.09
C GLY DA 523 72.30 -24.50 79.07
N ILE DA 524 72.21 -23.27 79.58
CA ILE DA 524 71.98 -22.12 78.72
C ILE DA 524 73.20 -21.86 77.86
N ALA DA 525 72.97 -21.23 76.71
CA ALA DA 525 74.02 -20.96 75.75
C ALA DA 525 74.99 -19.94 76.33
N MET DA 526 76.19 -20.41 76.68
CA MET DA 526 77.27 -19.54 77.11
C MET DA 526 78.53 -19.90 76.35
N ALA DA 527 79.42 -18.93 76.21
CA ALA DA 527 80.69 -19.18 75.54
C ALA DA 527 81.48 -20.24 76.29
N THR DA 528 82.00 -21.20 75.53
CA THR DA 528 82.71 -22.32 76.15
C THR DA 528 83.93 -21.85 76.93
N HIS DA 529 84.65 -20.88 76.38
CA HIS DA 529 85.86 -20.38 77.01
C HIS DA 529 86.11 -18.97 76.47
N LYS DA 530 87.00 -18.26 77.14
CA LYS DA 530 87.38 -16.93 76.66
C LYS DA 530 88.58 -17.06 75.73
N ASP DA 531 89.18 -15.92 75.38
CA ASP DA 531 90.29 -15.91 74.44
C ASP DA 531 91.46 -16.71 74.97
N ASP DA 532 92.06 -17.52 74.08
CA ASP DA 532 93.28 -18.26 74.37
C ASP DA 532 93.10 -19.28 75.48
N GLU DA 533 91.90 -19.82 75.63
CA GLU DA 533 91.61 -20.83 76.65
C GLU DA 533 90.83 -21.97 76.06
N GLU DA 534 91.21 -22.42 74.86
CA GLU DA 534 90.49 -23.48 74.18
C GLU DA 534 90.53 -24.78 74.95
N ARG DA 535 91.55 -24.99 75.78
CA ARG DA 535 91.66 -26.22 76.56
C ARG DA 535 90.61 -26.32 77.65
N PHE DA 536 89.93 -25.22 77.99
CA PHE DA 536 88.94 -25.21 79.05
C PHE DA 536 87.55 -25.37 78.47
N PHE DA 537 86.72 -26.14 79.17
CA PHE DA 537 85.32 -26.27 78.81
C PHE DA 537 84.48 -26.38 80.07
N PRO DA 538 83.24 -25.92 80.03
CA PRO DA 538 82.33 -26.15 81.17
C PRO DA 538 82.08 -27.64 81.35
N SER DA 539 82.01 -28.07 82.61
CA SER DA 539 81.98 -29.49 82.92
C SER DA 539 80.79 -30.18 82.28
N ASN DA 540 79.62 -29.57 82.32
CA ASN DA 540 78.44 -30.08 81.64
C ASN DA 540 77.74 -28.97 80.87
N GLY DA 541 78.53 -28.18 80.14
CA GLY DA 541 77.99 -27.02 79.45
C GLY DA 541 78.22 -27.01 77.96
N ILE DA 542 78.62 -28.14 77.39
CA ILE DA 542 78.85 -28.26 75.95
C ILE DA 542 78.26 -29.57 75.47
N LEU DA 543 77.94 -29.61 74.18
CA LEU DA 543 77.62 -30.87 73.53
C LEU DA 543 78.88 -31.65 73.27
N ILE DA 544 78.89 -32.92 73.67
CA ILE DA 544 80.03 -33.80 73.47
C ILE DA 544 79.55 -34.95 72.61
N PHE DA 545 80.11 -35.04 71.40
CA PHE DA 545 79.82 -36.14 70.50
C PHE DA 545 80.92 -37.18 70.59
N GLY DA 546 80.54 -38.44 70.42
CA GLY DA 546 81.51 -39.51 70.43
C GLY DA 546 82.05 -39.76 69.02
N LYS DA 547 83.34 -40.04 68.96
CA LYS DA 547 83.91 -40.51 67.71
C LYS DA 547 83.39 -41.91 67.42
N GLN DA 548 83.61 -42.36 66.19
CA GLN DA 548 83.15 -43.68 65.81
C GLN DA 548 83.78 -44.73 66.71
N ASN DA 549 82.97 -45.68 67.17
CA ASN DA 549 83.39 -46.77 68.06
C ASN DA 549 83.85 -46.26 69.42
N ALA DA 550 83.37 -45.09 69.83
CA ALA DA 550 83.63 -44.64 71.19
C ALA DA 550 82.82 -45.46 72.17
N ALA DA 551 83.42 -45.76 73.33
CA ALA DA 551 82.74 -46.55 74.34
C ALA DA 551 81.53 -45.80 74.89
N ARG DA 552 80.49 -46.57 75.24
CA ARG DA 552 79.31 -45.97 75.84
C ARG DA 552 79.63 -45.35 77.20
N ASP DA 553 80.44 -46.03 78.01
CA ASP DA 553 80.78 -45.56 79.34
C ASP DA 553 82.28 -45.31 79.44
N ASN DA 554 82.64 -44.19 80.05
CA ASN DA 554 84.04 -43.86 80.35
C ASN DA 554 84.89 -43.86 79.08
N ALA DA 555 84.39 -43.23 78.03
CA ALA DA 555 85.20 -43.01 76.85
C ALA DA 555 86.27 -41.97 77.17
N ASP DA 556 87.48 -42.20 76.67
CA ASP DA 556 88.56 -41.27 76.90
C ASP DA 556 88.32 -39.98 76.12
N TYR DA 557 89.05 -38.93 76.50
CA TYR DA 557 88.91 -37.65 75.82
C TYR DA 557 89.25 -37.79 74.34
N SER DA 558 90.17 -38.69 73.99
CA SER DA 558 90.52 -38.89 72.59
C SER DA 558 89.40 -39.57 71.80
N ASP DA 559 88.44 -40.19 72.49
CA ASP DA 559 87.33 -40.87 71.83
C ASP DA 559 86.10 -40.00 71.68
N VAL DA 560 86.12 -38.78 72.18
CA VAL DA 560 84.95 -37.91 72.11
C VAL DA 560 85.33 -36.63 71.37
N MET DA 561 84.31 -35.91 70.94
CA MET DA 561 84.47 -34.68 70.16
C MET DA 561 83.79 -33.57 70.94
N LEU DA 562 84.58 -32.72 71.59
CA LEU DA 562 84.03 -31.59 72.33
C LEU DA 562 83.64 -30.48 71.36
N THR DA 563 82.42 -29.98 71.50
CA THR DA 563 82.04 -28.79 70.77
C THR DA 563 82.52 -27.55 71.53
N SER DA 564 82.52 -26.42 70.83
CA SER DA 564 82.91 -25.16 71.44
C SER DA 564 81.97 -24.07 70.98
N GLU DA 565 81.41 -23.34 71.94
CA GLU DA 565 80.56 -22.18 71.66
C GLU DA 565 81.33 -20.88 71.82
N GLU DA 566 82.61 -20.87 71.46
CA GLU DA 566 83.42 -19.67 71.60
C GLU DA 566 82.96 -18.55 70.67
N GLU DA 567 82.20 -18.86 69.63
CA GLU DA 567 81.73 -17.81 68.72
C GLU DA 567 80.79 -16.82 69.41
N ILE DA 568 80.15 -17.22 70.50
CA ILE DA 568 79.21 -16.36 71.20
C ILE DA 568 79.87 -15.62 72.36
N LYS DA 569 81.21 -15.62 72.42
CA LYS DA 569 81.92 -14.79 73.39
C LYS DA 569 81.52 -13.33 73.26
N THR DA 570 81.17 -12.89 72.05
CA THR DA 570 80.90 -11.50 71.79
C THR DA 570 79.64 -11.02 72.50
N THR DA 571 78.72 -11.92 72.78
CA THR DA 571 77.45 -11.55 73.38
C THR DA 571 77.13 -12.34 74.63
N ASN DA 572 77.50 -13.60 74.68
CA ASN DA 572 77.18 -14.41 75.85
C ASN DA 572 78.36 -14.48 76.80
N PRO DA 573 78.12 -14.47 78.10
CA PRO DA 573 79.21 -14.62 79.05
C PRO DA 573 79.84 -16.00 78.94
N VAL DA 574 81.12 -16.08 79.31
CA VAL DA 574 81.82 -17.35 79.31
C VAL DA 574 81.20 -18.27 80.35
N ALA DA 575 81.00 -19.53 79.96
CA ALA DA 575 80.24 -20.46 80.80
C ALA DA 575 80.91 -20.69 82.15
N THR DA 576 82.22 -20.58 82.22
CA THR DA 576 82.96 -20.89 83.43
C THR DA 576 83.35 -19.65 84.21
N GLU DA 577 82.89 -18.48 83.80
CA GLU DA 577 83.21 -17.23 84.47
C GLU DA 577 81.95 -16.64 85.08
N GLU DA 578 82.14 -15.74 86.03
CA GLU DA 578 81.02 -15.02 86.61
C GLU DA 578 80.40 -14.07 85.60
N TYR DA 579 79.11 -13.80 85.79
CA TYR DA 579 78.44 -12.84 84.92
C TYR DA 579 79.00 -11.44 85.12
N GLY DA 580 79.24 -11.06 86.35
CA GLY DA 580 79.70 -9.72 86.63
C GLY DA 580 79.82 -9.50 88.12
N ILE DA 581 79.85 -8.23 88.50
CA ILE DA 581 80.06 -7.82 89.87
C ILE DA 581 78.94 -6.87 90.27
N VAL DA 582 78.36 -7.10 91.45
CA VAL DA 582 77.36 -6.20 92.00
C VAL DA 582 77.81 -5.78 93.40
N ALA DA 583 77.25 -4.66 93.85
CA ALA DA 583 77.51 -4.20 95.21
C ALA DA 583 76.84 -5.13 96.21
N ASP DA 584 77.53 -5.39 97.32
CA ASP DA 584 77.00 -6.25 98.36
C ASP DA 584 76.60 -5.51 99.62
N ASN DA 585 76.87 -4.21 99.70
CA ASN DA 585 76.58 -3.45 100.91
C ASN DA 585 76.40 -1.98 100.52
N LEU DA 586 76.28 -1.13 101.53
CA LEU DA 586 76.23 0.32 101.34
C LEU DA 586 77.49 0.90 101.96
N GLN DA 587 78.40 1.40 101.13
CA GLN DA 587 79.62 1.97 101.63
C GLN DA 587 79.34 3.27 102.38
N GLN DA 588 80.05 3.46 103.48
CA GLN DA 588 80.04 4.70 104.25
C GLN DA 588 81.47 5.10 104.53
N GLN DA 589 81.64 6.22 105.23
CA GLN DA 589 82.99 6.64 105.59
C GLN DA 589 83.68 5.64 106.52
N ASN DA 590 82.90 4.77 107.17
CA ASN DA 590 83.48 3.76 108.05
C ASN DA 590 83.42 2.35 107.49
N THR DA 591 82.63 2.10 106.45
CA THR DA 591 82.52 0.77 105.86
C THR DA 591 82.96 0.83 104.40
N ALA DA 592 84.01 0.10 104.07
CA ALA DA 592 84.48 0.04 102.70
C ALA DA 592 83.46 -0.69 101.83
N PRO DA 593 83.32 -0.28 100.57
CA PRO DA 593 82.38 -0.96 99.69
C PRO DA 593 82.76 -2.41 99.47
N GLN DA 594 81.75 -3.28 99.45
CA GLN DA 594 81.94 -4.69 99.22
C GLN DA 594 81.26 -5.09 97.92
N ILE DA 595 81.86 -6.03 97.21
CA ILE DA 595 81.34 -6.46 95.92
C ILE DA 595 80.96 -7.93 96.00
N GLY DA 596 79.90 -8.27 95.27
CA GLY DA 596 79.43 -9.64 95.16
C GLY DA 596 79.65 -10.14 93.74
N THR DA 597 80.10 -11.39 93.64
CA THR DA 597 80.34 -12.02 92.35
C THR DA 597 79.06 -12.72 91.89
N VAL DA 598 78.56 -12.32 90.73
CA VAL DA 598 77.31 -12.86 90.20
C VAL DA 598 77.66 -14.12 89.41
N ASN DA 599 77.39 -15.28 89.99
CA ASN DA 599 77.63 -16.55 89.33
C ASN DA 599 76.39 -17.10 88.63
N SER DA 600 75.23 -16.47 88.83
CA SER DA 600 74.00 -16.87 88.16
C SER DA 600 73.18 -15.61 87.96
N GLN DA 601 72.87 -15.31 86.70
CA GLN DA 601 72.16 -14.09 86.37
C GLN DA 601 71.00 -14.44 85.44
N GLY DA 602 69.79 -14.21 85.90
CA GLY DA 602 68.62 -14.34 85.07
C GLY DA 602 68.46 -13.15 84.15
N ALA DA 603 67.37 -13.17 83.39
CA ALA DA 603 67.16 -12.16 82.36
C ALA DA 603 67.08 -10.77 82.97
N LEU DA 604 67.84 -9.84 82.40
CA LEU DA 604 67.77 -8.43 82.74
C LEU DA 604 67.39 -7.64 81.49
N PRO DA 605 66.69 -6.53 81.65
CA PRO DA 605 66.37 -5.70 80.49
C PRO DA 605 67.64 -5.20 79.82
N GLY DA 606 67.61 -5.13 78.49
CA GLY DA 606 68.77 -4.76 77.74
C GLY DA 606 69.75 -5.89 77.49
N MET DA 607 69.45 -7.09 77.98
CA MET DA 607 70.34 -8.22 77.77
C MET DA 607 70.11 -8.81 76.40
N VAL DA 608 71.21 -9.16 75.73
CA VAL DA 608 71.15 -9.83 74.44
C VAL DA 608 72.05 -11.07 74.50
N TRP DA 609 71.70 -12.09 73.73
CA TRP DA 609 72.48 -13.32 73.75
C TRP DA 609 72.25 -14.08 72.46
N GLN DA 610 73.13 -15.02 72.20
CA GLN DA 610 73.02 -15.97 71.10
C GLN DA 610 72.62 -17.33 71.64
N ASN DA 611 71.93 -18.09 70.81
CA ASN DA 611 71.62 -19.47 71.16
C ASN DA 611 72.84 -20.35 70.93
N ARG DA 612 72.76 -21.57 71.44
CA ARG DA 612 73.78 -22.56 71.15
C ARG DA 612 73.80 -22.88 69.66
N ASP DA 613 75.00 -23.13 69.15
CA ASP DA 613 75.14 -23.52 67.75
C ASP DA 613 74.50 -24.88 67.50
N VAL DA 614 74.07 -25.11 66.28
CA VAL DA 614 73.66 -26.43 65.85
C VAL DA 614 74.85 -27.09 65.17
N TYR DA 615 74.83 -28.41 65.11
CA TYR DA 615 75.93 -29.18 64.57
C TYR DA 615 75.39 -30.20 63.57
N LEU DA 616 76.26 -30.61 62.65
CA LEU DA 616 75.88 -31.62 61.68
C LEU DA 616 75.42 -32.90 62.39
N GLN DA 617 76.09 -33.26 63.48
CA GLN DA 617 75.72 -34.42 64.28
C GLN DA 617 74.67 -34.09 65.34
N GLY DA 618 74.32 -32.83 65.52
CA GLY DA 618 73.46 -32.43 66.61
C GLY DA 618 71.99 -32.51 66.30
N PRO DA 619 71.16 -32.26 67.30
CA PRO DA 619 69.70 -32.28 67.09
C PRO DA 619 69.23 -31.09 66.26
N ILE DA 620 68.08 -31.27 65.63
CA ILE DA 620 67.48 -30.23 64.80
C ILE DA 620 66.42 -29.47 65.58
N TRP DA 621 65.48 -30.17 66.20
CA TRP DA 621 64.35 -29.54 66.85
C TRP DA 621 64.09 -30.20 68.20
N ALA DA 622 63.37 -29.49 69.04
CA ALA DA 622 62.80 -30.05 70.25
C ALA DA 622 61.37 -29.54 70.40
N LYS DA 623 60.54 -30.34 71.03
CA LYS DA 623 59.19 -29.90 71.34
C LYS DA 623 59.24 -28.95 72.53
N ILE DA 624 58.69 -27.75 72.36
CA ILE DA 624 58.54 -26.84 73.48
C ILE DA 624 57.50 -27.45 74.41
N PRO DA 625 57.82 -27.66 75.68
CA PRO DA 625 56.84 -28.24 76.60
C PRO DA 625 55.59 -27.37 76.68
N HIS DA 626 54.44 -28.01 76.75
CA HIS DA 626 53.18 -27.29 76.84
C HIS DA 626 53.03 -26.78 78.27
N THR DA 627 53.42 -25.54 78.49
CA THR DA 627 53.37 -24.92 79.81
C THR DA 627 52.74 -23.55 79.70
N ASP DA 628 52.36 -23.00 80.86
CA ASP DA 628 51.82 -21.65 80.91
C ASP DA 628 52.84 -20.63 80.44
N GLY DA 629 54.08 -20.77 80.89
CA GLY DA 629 55.11 -19.80 80.56
C GLY DA 629 56.40 -20.49 80.19
N ASN DA 630 57.10 -19.86 79.25
CA ASN DA 630 58.47 -20.21 78.94
C ASN DA 630 59.21 -18.93 78.64
N PHE DA 631 60.53 -18.96 78.80
CA PHE DA 631 61.38 -17.84 78.47
C PHE DA 631 62.34 -18.27 77.38
N HIS DA 632 62.29 -17.60 76.23
CA HIS DA 632 63.12 -17.88 75.08
C HIS DA 632 63.14 -19.37 74.80
N PRO DA 633 62.03 -19.94 74.32
CA PRO DA 633 61.95 -21.41 74.22
C PRO DA 633 62.80 -21.98 73.10
N SER DA 634 64.07 -21.68 73.12
CA SER DA 634 65.02 -22.31 72.22
C SER DA 634 65.66 -23.50 72.94
N PRO DA 635 65.64 -24.69 72.34
CA PRO DA 635 66.15 -25.87 73.04
C PRO DA 635 67.59 -25.69 73.44
N LEU DA 636 67.93 -26.17 74.64
CA LEU DA 636 69.24 -25.89 75.20
C LEU DA 636 70.36 -26.66 74.51
N MET DA 637 70.09 -27.89 74.06
CA MET DA 637 71.10 -28.58 73.27
C MET DA 637 71.13 -28.11 71.82
N GLY DA 638 70.46 -27.01 71.52
CA GLY DA 638 70.53 -26.40 70.21
C GLY DA 638 69.39 -26.85 69.31
N GLY DA 639 69.09 -26.01 68.34
CA GLY DA 639 68.09 -26.31 67.36
C GLY DA 639 66.88 -25.41 67.45
N PHE DA 640 65.78 -25.88 66.88
CA PHE DA 640 64.57 -25.10 66.75
C PHE DA 640 63.55 -25.59 67.77
N GLY DA 641 63.05 -24.67 68.59
CA GLY DA 641 61.97 -25.00 69.50
C GLY DA 641 60.64 -24.90 68.79
N LEU DA 642 59.88 -25.97 68.79
CA LEU DA 642 58.60 -26.03 68.09
C LEU DA 642 57.49 -26.38 69.05
N LYS DA 643 56.42 -25.59 69.04
CA LYS DA 643 55.23 -25.97 69.79
C LYS DA 643 54.62 -27.25 69.22
N HIS DA 644 54.63 -27.38 67.90
CA HIS DA 644 54.11 -28.55 67.20
C HIS DA 644 55.22 -29.09 66.31
N PRO DA 645 56.12 -29.88 66.88
CA PRO DA 645 57.26 -30.39 66.11
C PRO DA 645 56.81 -31.45 65.13
N PRO DA 646 57.72 -31.95 64.28
CA PRO DA 646 57.37 -33.10 63.47
C PRO DA 646 56.84 -34.23 64.33
N PRO DA 647 55.69 -34.79 63.98
CA PRO DA 647 55.05 -35.77 64.86
C PRO DA 647 55.88 -37.04 64.96
N GLN DA 648 55.77 -37.69 66.12
CA GLN DA 648 56.39 -39.00 66.27
C GLN DA 648 55.74 -39.99 65.33
N ILE DA 649 56.57 -40.77 64.64
CA ILE DA 649 56.10 -41.79 63.72
C ILE DA 649 56.34 -43.13 64.39
N LEU DA 650 55.27 -43.77 64.80
CA LEU DA 650 55.34 -45.03 65.55
C LEU DA 650 55.12 -46.18 64.60
N ILE DA 651 55.95 -47.21 64.69
CA ILE DA 651 55.87 -48.35 63.81
C ILE DA 651 55.98 -49.62 64.65
N LYS DA 652 55.21 -50.64 64.27
CA LYS DA 652 55.21 -51.89 65.00
C LYS DA 652 54.91 -53.02 64.05
N ASN DA 653 55.56 -54.16 64.25
CA ASN DA 653 55.15 -55.38 63.58
C ASN DA 653 53.87 -55.88 64.21
N THR DA 654 52.85 -56.08 63.40
CA THR DA 654 51.60 -56.62 63.91
C THR DA 654 51.84 -58.04 64.41
N PRO DA 655 51.47 -58.35 65.65
CA PRO DA 655 51.70 -59.71 66.16
C PRO DA 655 50.95 -60.73 65.32
N VAL DA 656 51.64 -61.81 64.98
CA VAL DA 656 51.07 -62.92 64.26
C VAL DA 656 51.10 -64.13 65.19
N PRO DA 657 49.97 -64.55 65.75
CA PRO DA 657 49.99 -65.68 66.69
C PRO DA 657 50.48 -66.94 66.02
N ALA DA 658 51.18 -67.76 66.81
CA ALA DA 658 51.42 -69.13 66.41
C ALA DA 658 50.10 -69.90 66.52
N ASP DA 659 50.15 -71.20 66.24
CA ASP DA 659 48.92 -71.97 66.24
C ASP DA 659 48.29 -71.98 67.62
N PRO DA 660 47.06 -71.50 67.77
CA PRO DA 660 46.39 -71.54 69.07
C PRO DA 660 45.97 -72.95 69.39
N PRO DA 661 45.65 -73.24 70.66
CA PRO DA 661 45.13 -74.57 70.99
C PRO DA 661 43.79 -74.80 70.34
N THR DA 662 43.45 -76.07 70.18
CA THR DA 662 42.18 -76.44 69.54
C THR DA 662 41.01 -76.40 70.51
N THR DA 663 41.26 -76.15 71.79
CA THR DA 663 40.22 -75.91 72.77
C THR DA 663 40.34 -74.48 73.27
N PHE DA 664 39.21 -73.82 73.45
CA PHE DA 664 39.23 -72.40 73.76
C PHE DA 664 39.92 -72.12 75.09
N ASN DA 665 40.77 -71.11 75.09
CA ASN DA 665 41.40 -70.60 76.29
C ASN DA 665 41.23 -69.09 76.30
N GLN DA 666 40.70 -68.55 77.40
CA GLN DA 666 40.45 -67.12 77.49
C GLN DA 666 41.73 -66.31 77.64
N SER DA 667 42.82 -66.94 78.04
CA SER DA 667 44.05 -66.22 78.28
C SER DA 667 44.58 -65.60 77.00
N LYS DA 668 45.19 -64.43 77.12
CA LYS DA 668 45.80 -63.78 75.98
C LYS DA 668 46.88 -64.67 75.38
N LEU DA 669 46.98 -64.67 74.06
CA LEU DA 669 47.97 -65.48 73.39
C LEU DA 669 49.36 -64.93 73.64
N ASN DA 670 50.29 -65.80 74.01
CA ASN DA 670 51.68 -65.42 74.19
C ASN DA 670 52.62 -66.15 73.25
N SER DA 671 52.10 -67.04 72.41
CA SER DA 671 52.90 -67.75 71.43
C SER DA 671 52.74 -67.04 70.09
N PHE DA 672 53.81 -66.41 69.63
CA PHE DA 672 53.76 -65.63 68.41
C PHE DA 672 54.83 -66.12 67.44
N ILE DA 673 54.52 -65.96 66.16
CA ILE DA 673 55.51 -66.23 65.12
C ILE DA 673 56.61 -65.18 65.20
N THR DA 674 57.85 -65.65 65.29
CA THR DA 674 58.98 -64.72 65.37
C THR DA 674 59.11 -63.97 64.04
N GLN DA 675 59.19 -62.65 64.14
CA GLN DA 675 58.95 -61.83 62.97
C GLN DA 675 59.70 -60.52 63.09
N TYR DA 676 60.17 -60.02 61.96
CA TYR DA 676 60.74 -58.68 61.88
C TYR DA 676 60.42 -58.11 60.52
N SER DA 677 60.46 -56.79 60.43
CA SER DA 677 60.20 -56.12 59.18
C SER DA 677 61.39 -55.27 58.78
N THR DA 678 61.53 -55.08 57.48
CA THR DA 678 62.53 -54.18 56.93
C THR DA 678 61.87 -53.40 55.81
N GLY DA 679 62.43 -52.24 55.52
CA GLY DA 679 61.90 -51.42 54.45
C GLY DA 679 62.78 -50.21 54.24
N GLN DA 680 62.29 -49.30 53.43
CA GLN DA 680 62.97 -48.04 53.19
C GLN DA 680 62.16 -46.90 53.77
N VAL DA 681 62.86 -45.92 54.30
CA VAL DA 681 62.25 -44.71 54.84
C VAL DA 681 62.85 -43.53 54.11
N SER DA 682 61.99 -42.63 53.64
CA SER DA 682 62.41 -41.41 53.00
C SER DA 682 61.90 -40.22 53.80
N VAL DA 683 62.78 -39.28 54.10
CA VAL DA 683 62.38 -38.03 54.71
C VAL DA 683 62.94 -36.90 53.87
N GLU DA 684 62.06 -36.00 53.45
CA GLU DA 684 62.43 -34.83 52.66
C GLU DA 684 62.12 -33.60 53.48
N ILE DA 685 63.11 -32.76 53.73
CA ILE DA 685 62.93 -31.51 54.45
C ILE DA 685 63.32 -30.36 53.53
N GLU DA 686 62.43 -29.39 53.41
CA GLU DA 686 62.74 -28.14 52.74
C GLU DA 686 63.19 -27.12 53.76
N TRP DA 687 64.37 -26.56 53.57
CA TRP DA 687 64.92 -25.56 54.46
C TRP DA 687 64.95 -24.21 53.76
N GLU DA 688 64.56 -23.17 54.48
CA GLU DA 688 64.70 -21.81 54.00
C GLU DA 688 66.04 -21.27 54.43
N LEU DA 689 66.71 -20.55 53.54
CA LEU DA 689 68.04 -20.03 53.79
C LEU DA 689 67.99 -18.51 53.96
N GLN DA 690 68.81 -18.00 54.87
CA GLN DA 690 69.07 -16.58 55.00
C GLN DA 690 70.42 -16.31 54.35
N LYS DA 691 70.41 -15.73 53.16
CA LYS DA 691 71.65 -15.41 52.47
C LYS DA 691 72.40 -14.30 53.18
N GLU DA 692 73.71 -14.43 53.24
CA GLU DA 692 74.53 -13.39 53.85
C GLU DA 692 74.61 -12.21 52.91
N ASN DA 693 74.33 -11.02 53.43
CA ASN DA 693 74.45 -9.78 52.68
C ASN DA 693 75.43 -8.90 53.45
N SER DA 694 76.72 -9.10 53.18
CA SER DA 694 77.79 -8.55 53.99
C SER DA 694 78.69 -7.67 53.14
N LYS DA 695 79.09 -6.54 53.70
CA LYS DA 695 80.03 -5.64 53.06
C LYS DA 695 81.43 -5.78 53.62
N ARG DA 696 81.69 -6.86 54.35
CA ARG DA 696 83.03 -7.16 54.84
C ARG DA 696 84.01 -7.25 53.68
N TRP DA 697 85.16 -6.60 53.83
CA TRP DA 697 86.13 -6.55 52.74
C TRP DA 697 87.03 -7.79 52.75
N ASN DA 698 87.58 -8.12 53.90
CA ASN DA 698 88.52 -9.23 54.00
C ASN DA 698 87.78 -10.56 53.92
N PRO DA 699 88.46 -11.63 53.52
CA PRO DA 699 87.79 -12.93 53.40
C PRO DA 699 87.29 -13.44 54.74
N GLU DA 700 86.18 -14.17 54.69
CA GLU DA 700 85.58 -14.75 55.88
C GLU DA 700 86.27 -16.05 56.25
N ILE DA 701 86.01 -16.51 57.46
CA ILE DA 701 86.38 -17.85 57.86
C ILE DA 701 85.37 -18.82 57.25
N GLN DA 702 85.88 -19.89 56.65
CA GLN DA 702 85.04 -20.89 56.02
C GLN DA 702 85.43 -22.25 56.56
N TYR DA 703 84.44 -23.14 56.67
CA TYR DA 703 84.77 -24.52 56.96
C TYR DA 703 85.39 -25.15 55.71
N THR DA 704 86.56 -25.76 55.89
CA THR DA 704 87.26 -26.37 54.78
C THR DA 704 87.83 -27.71 55.23
N SER DA 705 87.93 -28.64 54.30
CA SER DA 705 88.68 -29.85 54.57
C SER DA 705 90.16 -29.55 54.56
N ASN DA 706 90.92 -30.34 55.31
CA ASN DA 706 92.37 -30.16 55.33
C ASN DA 706 92.97 -30.55 53.99
N TYR DA 707 93.88 -29.72 53.50
CA TYR DA 707 94.50 -29.98 52.20
C TYR DA 707 95.56 -31.08 52.29
N TYR DA 708 96.19 -31.24 53.45
CA TYR DA 708 97.31 -32.15 53.58
C TYR DA 708 96.85 -33.60 53.48
N LYS DA 709 97.78 -34.47 53.07
CA LYS DA 709 97.46 -35.87 52.86
C LYS DA 709 97.11 -36.57 54.17
N SER DA 710 96.34 -37.65 54.06
CA SER DA 710 95.94 -38.42 55.23
C SER DA 710 95.66 -39.85 54.81
N THR DA 711 95.62 -40.73 55.81
CA THR DA 711 95.36 -42.14 55.53
C THR DA 711 93.98 -42.34 54.94
N SER DA 712 92.99 -41.58 55.41
CA SER DA 712 91.63 -41.72 54.94
C SER DA 712 91.04 -40.34 54.69
N VAL DA 713 90.02 -40.31 53.86
CA VAL DA 713 89.27 -39.08 53.60
C VAL DA 713 88.35 -38.82 54.78
N ASP DA 714 88.36 -37.58 55.27
CA ASP DA 714 87.44 -37.19 56.32
C ASP DA 714 86.01 -37.25 55.83
N PHE DA 715 85.11 -37.72 56.69
CA PHE DA 715 83.71 -37.93 56.34
C PHE DA 715 83.57 -38.89 55.16
N ALA DA 716 84.30 -40.00 55.24
CA ALA DA 716 84.21 -41.08 54.28
C ALA DA 716 84.30 -42.39 55.03
N VAL DA 717 84.34 -43.47 54.31
CA VAL DA 717 84.48 -44.79 54.90
C VAL DA 717 85.95 -45.13 54.96
N ASN DA 718 86.31 -46.00 55.90
CA ASN DA 718 87.67 -46.52 55.99
C ASN DA 718 87.76 -47.80 55.18
N THR DA 719 88.85 -48.54 55.35
CA THR DA 719 89.04 -49.76 54.59
C THR DA 719 88.06 -50.86 54.99
N GLU DA 720 87.42 -50.74 56.15
CA GLU DA 720 86.46 -51.73 56.62
C GLU DA 720 85.02 -51.34 56.31
N GLY DA 721 84.80 -50.24 55.61
CA GLY DA 721 83.46 -49.82 55.30
C GLY DA 721 82.77 -49.01 56.37
N VAL DA 722 83.48 -48.60 57.41
CA VAL DA 722 82.88 -47.86 58.51
C VAL DA 722 82.91 -46.38 58.18
N TYR DA 723 81.74 -45.77 58.10
CA TYR DA 723 81.65 -44.33 57.95
C TYR DA 723 81.87 -43.66 59.30
N SER DA 724 82.68 -42.61 59.31
CA SER DA 724 82.98 -41.89 60.52
C SER DA 724 82.89 -40.39 60.27
N GLU DA 725 82.47 -39.67 61.31
CA GLU DA 725 82.51 -38.22 61.29
C GLU DA 725 83.65 -37.77 62.18
N PRO DA 726 84.74 -37.25 61.62
CA PRO DA 726 85.94 -37.03 62.43
C PRO DA 726 85.83 -35.87 63.41
N ARG DA 727 84.98 -34.90 63.15
CA ARG DA 727 84.87 -33.72 64.00
C ARG DA 727 83.43 -33.25 64.00
N PRO DA 728 83.00 -32.53 65.03
CA PRO DA 728 81.69 -31.88 64.99
C PRO DA 728 81.78 -30.58 64.22
N ILE DA 729 81.05 -30.50 63.11
CA ILE DA 729 81.03 -29.28 62.30
C ILE DA 729 79.94 -28.38 62.86
N GLY DA 730 80.34 -27.23 63.38
CA GLY DA 730 79.39 -26.25 63.82
C GLY DA 730 78.72 -25.57 62.65
N THR DA 731 78.16 -24.40 62.88
CA THR DA 731 77.40 -23.72 61.85
C THR DA 731 77.84 -22.28 61.68
N ARG DA 732 78.63 -21.74 62.60
CA ARG DA 732 78.93 -20.31 62.66
C ARG DA 732 80.32 -20.07 62.10
N TYR DA 733 80.39 -19.74 60.82
CA TYR DA 733 81.63 -19.39 60.15
C TYR DA 733 81.60 -18.01 59.53
N LEU DA 734 80.48 -17.63 58.92
CA LEU DA 734 80.32 -16.27 58.44
C LEU DA 734 80.16 -15.31 59.63
N THR DA 735 80.29 -14.03 59.36
CA THR DA 735 80.26 -13.03 60.41
C THR DA 735 79.20 -11.98 60.12
N ARG DA 736 78.65 -11.40 61.20
CA ARG DA 736 77.78 -10.25 61.14
C ARG DA 736 78.23 -9.24 62.17
N ASN DA 737 77.92 -7.98 61.91
CA ASN DA 737 78.04 -6.97 62.96
C ASN DA 737 76.94 -7.18 63.98
N LEU DA 738 77.17 -6.65 65.18
CA LEU DA 738 76.16 -6.73 66.21
C LEU DA 738 75.05 -5.70 65.95
N GLY EA 221 1.36 83.05 26.92
CA GLY EA 221 1.64 83.41 28.30
C GLY EA 221 2.13 84.84 28.46
N VAL EA 222 1.84 85.43 29.62
CA VAL EA 222 2.28 86.79 29.91
C VAL EA 222 3.80 86.87 29.94
N GLY EA 223 4.45 85.90 30.56
CA GLY EA 223 5.88 85.94 30.76
C GLY EA 223 6.72 85.22 29.72
N SER EA 224 6.15 84.85 28.58
CA SER EA 224 6.88 84.17 27.53
C SER EA 224 6.79 84.96 26.23
N SER EA 225 7.92 85.07 25.55
CA SER EA 225 7.96 85.76 24.26
C SER EA 225 7.18 84.98 23.22
N SER EA 226 6.44 85.69 22.38
CA SER EA 226 5.65 85.08 21.32
C SER EA 226 6.37 85.07 19.98
N GLY EA 227 7.61 85.55 19.93
CA GLY EA 227 8.36 85.52 18.70
C GLY EA 227 9.73 86.12 18.93
N ASN EA 228 10.62 85.84 17.98
CA ASN EA 228 11.99 86.30 18.05
C ASN EA 228 12.25 87.39 17.02
N TRP EA 229 13.33 88.13 17.24
CA TRP EA 229 13.75 89.17 16.31
C TRP EA 229 14.41 88.51 15.10
N HIS EA 230 13.89 88.79 13.91
CA HIS EA 230 14.38 88.19 12.67
C HIS EA 230 14.63 89.31 11.66
N CYS EA 231 15.82 89.89 11.71
CA CYS EA 231 16.30 90.78 10.67
C CYS EA 231 17.49 90.11 10.01
N ASP EA 232 17.39 89.85 8.72
CA ASP EA 232 18.40 89.09 8.01
C ASP EA 232 18.11 89.15 6.52
N SER EA 233 19.11 88.78 5.74
CA SER EA 233 18.94 88.56 4.31
C SER EA 233 19.81 87.38 3.93
N THR EA 234 19.21 86.35 3.37
CA THR EA 234 19.93 85.16 2.95
C THR EA 234 19.88 85.08 1.43
N TRP EA 235 21.06 85.09 0.81
CA TRP EA 235 21.19 84.95 -0.63
C TRP EA 235 21.54 83.52 -0.94
N LEU EA 236 20.68 82.84 -1.69
CA LEU EA 236 20.85 81.42 -1.99
C LEU EA 236 20.44 81.18 -3.43
N GLY EA 237 21.43 81.05 -4.30
CA GLY EA 237 21.14 80.80 -5.71
C GLY EA 237 20.45 81.98 -6.34
N ASP EA 238 19.31 81.72 -6.98
CA ASP EA 238 18.52 82.74 -7.64
C ASP EA 238 17.49 83.37 -6.73
N ARG EA 239 17.57 83.13 -5.43
CA ARG EA 239 16.65 83.70 -4.46
C ARG EA 239 17.42 84.56 -3.46
N VAL EA 240 16.77 85.61 -2.98
CA VAL EA 240 17.19 86.30 -1.78
C VAL EA 240 15.98 86.41 -0.87
N ILE EA 241 16.15 86.04 0.39
CA ILE EA 241 15.09 86.09 1.37
C ILE EA 241 15.43 87.20 2.34
N THR EA 242 14.71 88.30 2.25
CA THR EA 242 14.85 89.40 3.21
C THR EA 242 13.84 89.20 4.31
N THR EA 243 14.29 89.30 5.55
CA THR EA 243 13.40 89.33 6.69
C THR EA 243 13.77 90.54 7.54
N SER EA 244 12.75 91.26 7.98
CA SER EA 244 12.97 92.47 8.75
C SER EA 244 12.00 92.50 9.91
N THR EA 245 12.51 92.85 11.07
CA THR EA 245 11.70 93.00 12.28
C THR EA 245 11.80 94.45 12.73
N ARG EA 246 10.67 95.01 13.15
CA ARG EA 246 10.62 96.35 13.69
C ARG EA 246 9.75 96.37 14.93
N THR EA 247 10.02 97.32 15.80
CA THR EA 247 9.15 97.59 16.94
C THR EA 247 8.18 98.69 16.54
N TRP EA 248 6.89 98.43 16.74
CA TRP EA 248 5.85 99.38 16.39
C TRP EA 248 5.14 99.84 17.65
N ALA EA 249 4.46 100.98 17.54
CA ALA EA 249 3.58 101.48 18.57
C ALA EA 249 2.26 101.89 17.91
N LEU EA 250 1.16 101.36 18.42
CA LEU EA 250 -0.15 101.67 17.88
C LEU EA 250 -0.96 102.46 18.88
N PRO EA 251 -1.25 103.72 18.63
CA PRO EA 251 -2.13 104.47 19.52
C PRO EA 251 -3.59 104.11 19.27
N THR EA 252 -4.45 104.66 20.11
CA THR EA 252 -5.87 104.65 19.82
C THR EA 252 -6.16 105.80 18.86
N TYR EA 253 -6.68 105.47 17.68
CA TYR EA 253 -6.99 106.45 16.67
C TYR EA 253 -8.46 106.84 16.75
N ASN EA 254 -8.73 108.12 16.54
CA ASN EA 254 -10.08 108.66 16.41
C ASN EA 254 -10.94 108.47 17.65
N ASN EA 255 -10.33 108.16 18.79
CA ASN EA 255 -11.07 107.80 20.01
C ASN EA 255 -12.04 106.65 19.74
N HIS EA 256 -11.56 105.65 19.00
CA HIS EA 256 -12.29 104.44 18.64
C HIS EA 256 -13.47 104.71 17.71
N LEU EA 257 -13.52 105.87 17.07
CA LEU EA 257 -14.66 106.25 16.26
C LEU EA 257 -14.34 106.18 14.77
N TYR EA 258 -15.37 105.94 13.97
CA TYR EA 258 -15.32 106.19 12.54
C TYR EA 258 -15.84 107.59 12.30
N LYS EA 259 -15.05 108.42 11.65
CA LYS EA 259 -15.43 109.79 11.38
C LYS EA 259 -15.50 110.01 9.87
N GLN EA 260 -16.61 110.59 9.43
CA GLN EA 260 -16.68 111.06 8.05
C GLN EA 260 -15.77 112.27 7.90
N ILE EA 261 -14.94 112.25 6.87
CA ILE EA 261 -14.03 113.35 6.59
C ILE EA 261 -14.30 113.84 5.17
N SER EA 262 -14.20 115.15 4.99
CA SER EA 262 -14.52 115.75 3.70
C SER EA 262 -13.67 116.99 3.49
N ASN EA 263 -13.67 117.45 2.25
CA ASN EA 263 -13.03 118.70 1.88
C ASN EA 263 -13.79 119.25 0.68
N GLY EA 264 -14.31 120.46 0.81
CA GLY EA 264 -15.08 121.09 -0.23
C GLY EA 264 -14.43 122.36 -0.73
N THR EA 265 -15.12 123.03 -1.65
CA THR EA 265 -14.64 124.26 -2.23
C THR EA 265 -15.03 125.45 -1.37
N ALA EA 269 -10.41 125.42 -0.42
CA ALA EA 269 -9.86 124.36 -1.25
C ALA EA 269 -10.44 124.41 -2.66
N THR EA 270 -9.65 123.98 -3.63
CA THR EA 270 -10.11 123.94 -5.01
C THR EA 270 -10.87 122.65 -5.27
N ASN EA 271 -11.61 122.63 -6.38
CA ASN EA 271 -12.36 121.44 -6.75
C ASN EA 271 -11.42 120.25 -7.00
N ASP EA 272 -10.20 120.52 -7.44
CA ASP EA 272 -9.25 119.45 -7.70
C ASP EA 272 -8.87 118.68 -6.44
N ASN EA 273 -9.06 119.28 -5.26
CA ASN EA 273 -8.63 118.68 -4.01
C ASN EA 273 -9.80 118.26 -3.12
N THR EA 274 -11.02 118.26 -3.64
CA THR EA 274 -12.15 117.83 -2.84
C THR EA 274 -12.14 116.34 -2.62
N TYR EA 275 -12.69 115.91 -1.48
CA TYR EA 275 -12.81 114.48 -1.21
C TYR EA 275 -13.91 114.25 -0.21
N PHE EA 276 -14.41 113.03 -0.21
CA PHE EA 276 -15.29 112.51 0.83
C PHE EA 276 -14.77 111.13 1.20
N GLY EA 277 -14.66 110.88 2.49
CA GLY EA 277 -14.15 109.60 2.92
C GLY EA 277 -14.41 109.39 4.39
N TYR EA 278 -13.71 108.40 4.94
CA TYR EA 278 -13.89 108.04 6.33
C TYR EA 278 -12.55 107.83 7.00
N SER EA 279 -12.41 108.40 8.18
CA SER EA 279 -11.30 108.09 9.06
C SER EA 279 -11.73 106.96 9.97
N THR EA 280 -10.91 105.93 10.08
CA THR EA 280 -11.24 104.78 10.89
C THR EA 280 -10.36 104.74 12.14
N PRO EA 281 -10.81 104.08 13.20
CA PRO EA 281 -9.96 103.89 14.37
C PRO EA 281 -8.86 102.84 14.20
N TRP EA 282 -8.70 102.31 12.99
CA TRP EA 282 -7.76 101.24 12.74
C TRP EA 282 -6.43 101.78 12.24
N GLY EA 283 -5.36 101.14 12.68
CA GLY EA 283 -4.09 101.31 12.02
C GLY EA 283 -3.88 100.24 10.97
N TYR EA 284 -2.80 100.39 10.21
CA TYR EA 284 -2.48 99.37 9.23
C TYR EA 284 -0.97 99.27 9.09
N PHE EA 285 -0.50 98.09 8.73
CA PHE EA 285 0.92 97.83 8.56
C PHE EA 285 1.29 98.01 7.10
N ASP EA 286 2.31 98.81 6.87
CA ASP EA 286 2.81 99.09 5.53
C ASP EA 286 4.28 98.68 5.48
N PHE EA 287 4.62 97.85 4.51
CA PHE EA 287 6.01 97.53 4.20
C PHE EA 287 6.22 97.59 2.70
N ASN EA 288 5.59 98.57 2.06
CA ASN EA 288 5.61 98.72 0.62
C ASN EA 288 6.72 99.64 0.14
N ARG EA 289 7.85 99.64 0.84
CA ARG EA 289 9.05 100.32 0.38
C ARG EA 289 10.21 99.33 0.44
N PHE EA 290 11.13 99.46 -0.52
CA PHE EA 290 12.19 98.47 -0.62
C PHE EA 290 13.12 98.52 0.57
N HIS EA 291 13.34 99.69 1.17
CA HIS EA 291 14.25 99.77 2.30
C HIS EA 291 13.65 99.18 3.57
N CYS EA 292 12.35 98.84 3.57
CA CYS EA 292 11.80 98.06 4.66
C CYS EA 292 12.36 96.65 4.69
N HIS EA 293 12.93 96.19 3.60
CA HIS EA 293 13.38 94.82 3.46
C HIS EA 293 14.85 94.70 3.10
N PHE EA 294 15.37 95.61 2.27
CA PHE EA 294 16.76 95.57 1.85
C PHE EA 294 17.56 96.59 2.61
N SER EA 295 18.64 96.15 3.25
CA SER EA 295 19.64 97.07 3.72
C SER EA 295 20.33 97.70 2.51
N PRO EA 296 20.95 98.86 2.69
CA PRO EA 296 21.66 99.47 1.55
C PRO EA 296 22.71 98.56 0.95
N ARG EA 297 23.42 97.80 1.78
CA ARG EA 297 24.38 96.82 1.25
C ARG EA 297 23.68 95.71 0.50
N ASP EA 298 22.55 95.24 1.02
CA ASP EA 298 21.77 94.22 0.30
C ASP EA 298 21.24 94.77 -1.02
N TRP EA 299 20.81 96.03 -1.02
CA TRP EA 299 20.38 96.66 -2.26
C TRP EA 299 21.52 96.74 -3.25
N GLN EA 300 22.71 97.06 -2.78
CA GLN EA 300 23.89 97.08 -3.66
C GLN EA 300 24.16 95.69 -4.22
N ARG EA 301 24.11 94.67 -3.38
CA ARG EA 301 24.27 93.29 -3.84
C ARG EA 301 23.26 92.97 -4.93
N LEU EA 302 22.02 93.38 -4.73
CA LEU EA 302 20.96 93.09 -5.69
C LEU EA 302 21.21 93.79 -7.02
N ILE EA 303 21.45 95.10 -6.97
CA ILE EA 303 21.47 95.89 -8.19
C ILE EA 303 22.78 95.78 -8.96
N ASN EA 304 23.88 95.42 -8.30
CA ASN EA 304 25.15 95.31 -9.01
C ASN EA 304 25.35 93.97 -9.69
N ASN EA 305 24.49 92.99 -9.43
CA ASN EA 305 24.74 91.63 -9.85
C ASN EA 305 23.56 90.95 -10.54
N ASN EA 306 22.41 91.60 -10.61
CA ASN EA 306 21.22 90.95 -11.14
C ASN EA 306 20.58 91.83 -12.21
N TRP EA 307 20.12 91.18 -13.27
CA TRP EA 307 19.38 91.87 -14.32
C TRP EA 307 17.93 92.12 -13.95
N GLY EA 308 17.43 91.42 -12.95
CA GLY EA 308 16.04 91.59 -12.57
C GLY EA 308 15.76 90.88 -11.27
N PHE EA 309 14.61 91.23 -10.70
CA PHE EA 309 14.15 90.60 -9.47
C PHE EA 309 12.65 90.79 -9.39
N ARG EA 310 12.02 89.96 -8.57
CA ARG EA 310 10.58 90.06 -8.34
C ARG EA 310 10.25 89.38 -7.04
N PRO EA 311 9.25 89.85 -6.31
CA PRO EA 311 8.83 89.16 -5.09
C PRO EA 311 8.14 87.85 -5.43
N LYS EA 312 8.34 86.86 -4.57
CA LYS EA 312 7.73 85.54 -4.75
C LYS EA 312 6.70 85.23 -3.68
N ARG EA 313 7.07 85.37 -2.42
CA ARG EA 313 6.18 85.09 -1.31
C ARG EA 313 6.55 85.97 -0.15
N LEU EA 314 5.61 86.16 0.77
CA LEU EA 314 5.91 86.88 1.99
C LEU EA 314 5.26 86.17 3.17
N SER EA 315 5.91 86.30 4.31
CA SER EA 315 5.33 85.91 5.59
C SER EA 315 5.39 87.10 6.52
N PHE EA 316 4.33 87.29 7.29
CA PHE EA 316 4.17 88.44 8.15
C PHE EA 316 3.87 87.95 9.55
N LYS EA 317 4.46 88.58 10.55
CA LYS EA 317 4.27 88.16 11.93
C LYS EA 317 4.09 89.36 12.83
N LEU EA 318 3.12 89.27 13.74
CA LEU EA 318 2.95 90.19 14.84
C LEU EA 318 3.14 89.41 16.12
N PHE EA 319 3.96 89.93 17.03
CA PHE EA 319 4.29 89.17 18.23
C PHE EA 319 4.81 90.12 19.29
N ASN EA 320 4.99 89.58 20.49
CA ASN EA 320 5.44 90.34 21.66
C ASN EA 320 4.57 91.58 21.86
N ILE EA 321 3.27 91.37 21.77
CA ILE EA 321 2.32 92.47 21.89
C ILE EA 321 2.22 92.88 23.34
N GLN EA 322 2.31 94.19 23.57
CA GLN EA 322 2.12 94.77 24.89
C GLN EA 322 1.09 95.86 24.77
N VAL EA 323 -0.03 95.72 25.47
CA VAL EA 323 -1.05 96.75 25.54
C VAL EA 323 -0.87 97.49 26.86
N LYS EA 324 -0.73 98.79 26.78
CA LYS EA 324 -0.38 99.61 27.93
C LYS EA 324 -1.45 100.63 28.21
N GLU EA 325 -1.75 100.80 29.48
CA GLU EA 325 -2.72 101.77 29.96
C GLU EA 325 -1.99 102.98 30.49
N VAL EA 326 -2.42 104.16 30.08
CA VAL EA 326 -1.83 105.42 30.53
C VAL EA 326 -2.91 106.21 31.27
N THR EA 327 -2.59 106.66 32.47
CA THR EA 327 -3.54 107.40 33.31
C THR EA 327 -3.08 108.83 33.53
N LYS EA 333 1.47 111.48 34.84
CA LYS EA 333 1.20 110.41 33.87
C LYS EA 333 1.95 109.14 34.23
N THR EA 334 1.21 108.05 34.38
CA THR EA 334 1.80 106.73 34.62
C THR EA 334 1.34 105.77 33.53
N ILE EA 335 2.26 104.94 33.06
CA ILE EA 335 1.98 103.93 32.05
C ILE EA 335 2.11 102.57 32.70
N ALA EA 336 1.08 101.76 32.58
CA ALA EA 336 1.05 100.43 33.17
C ALA EA 336 0.61 99.41 32.14
N ASN EA 337 1.05 98.17 32.33
CA ASN EA 337 0.59 97.09 31.49
C ASN EA 337 -0.88 96.81 31.74
N ASN EA 338 -1.63 96.58 30.67
CA ASN EA 338 -2.99 96.09 30.73
C ASN EA 338 -2.95 94.67 30.17
N LEU EA 339 -2.71 93.70 31.05
CA LEU EA 339 -2.43 92.34 30.62
C LEU EA 339 -3.64 91.70 29.93
N THR EA 340 -4.84 92.12 30.26
CA THR EA 340 -6.05 91.52 29.72
C THR EA 340 -6.59 92.26 28.51
N SER EA 341 -5.96 93.34 28.08
CA SER EA 341 -6.41 94.08 26.92
C SER EA 341 -5.98 93.37 25.63
N THR EA 342 -6.73 93.60 24.57
CA THR EA 342 -6.48 92.96 23.30
C THR EA 342 -6.23 94.00 22.21
N ILE EA 343 -5.56 93.54 21.16
CA ILE EA 343 -5.53 94.23 19.88
C ILE EA 343 -6.28 93.34 18.89
N GLN EA 344 -6.85 93.96 17.87
CA GLN EA 344 -7.52 93.24 16.80
C GLN EA 344 -6.71 93.38 15.52
N VAL EA 345 -6.41 92.25 14.90
CA VAL EA 345 -5.64 92.22 13.66
C VAL EA 345 -6.39 91.37 12.65
N PHE EA 346 -6.53 91.87 11.43
CA PHE EA 346 -7.02 91.05 10.34
C PHE EA 346 -6.39 91.52 9.05
N THR EA 347 -6.29 90.62 8.10
CA THR EA 347 -5.85 90.94 6.75
C THR EA 347 -7.05 90.98 5.83
N ASP EA 348 -7.12 92.01 5.00
CA ASP EA 348 -8.14 92.11 3.96
C ASP EA 348 -7.74 91.20 2.80
N SER EA 349 -7.85 89.89 3.07
CA SER EA 349 -7.37 88.89 2.11
C SER EA 349 -8.24 88.82 0.87
N GLU EA 350 -9.51 89.19 0.99
CA GLU EA 350 -10.41 89.23 -0.16
C GLU EA 350 -10.43 90.58 -0.86
N TYR EA 351 -9.60 91.53 -0.40
CA TYR EA 351 -9.51 92.85 -1.01
C TYR EA 351 -10.87 93.54 -1.04
N GLN EA 352 -11.61 93.40 0.05
CA GLN EA 352 -12.93 94.01 0.17
C GLN EA 352 -12.88 95.43 0.72
N LEU EA 353 -11.78 95.84 1.21
CA LEU EA 353 -11.63 97.19 1.69
C LEU EA 353 -10.94 98.06 0.64
N PRO EA 354 -11.16 99.37 0.66
CA PRO EA 354 -10.37 100.25 -0.19
C PRO EA 354 -8.89 100.06 0.08
N TYR EA 355 -8.13 99.81 -0.97
CA TYR EA 355 -6.72 99.50 -0.87
C TYR EA 355 -5.94 100.80 -0.88
N VAL EA 356 -5.45 101.22 0.27
CA VAL EA 356 -4.73 102.48 0.39
C VAL EA 356 -3.22 102.30 0.36
N LEU EA 357 -2.72 101.07 0.41
CA LEU EA 357 -1.32 100.84 0.10
C LEU EA 357 -1.08 101.12 -1.38
N GLY EA 358 0.18 101.33 -1.72
CA GLY EA 358 0.46 101.70 -3.09
C GLY EA 358 0.10 103.12 -3.45
N SER EA 359 0.00 104.00 -2.46
CA SER EA 359 -0.14 105.43 -2.70
C SER EA 359 1.07 106.20 -2.18
N ALA EA 360 2.18 105.51 -1.95
CA ALA EA 360 3.44 106.11 -1.51
C ALA EA 360 3.27 106.91 -0.23
N HIS EA 361 2.51 106.35 0.71
CA HIS EA 361 2.23 107.03 1.97
C HIS EA 361 3.33 106.76 2.99
N GLN EA 362 3.48 107.70 3.92
CA GLN EA 362 4.35 107.49 5.05
C GLN EA 362 3.74 106.44 5.98
N GLY EA 363 4.53 105.98 6.94
CA GLY EA 363 4.08 104.99 7.88
C GLY EA 363 4.55 103.58 7.59
N CYS EA 364 5.37 103.39 6.56
CA CYS EA 364 5.95 102.08 6.32
C CYS EA 364 6.95 101.75 7.42
N LEU EA 365 7.38 100.49 7.43
CA LEU EA 365 8.43 100.08 8.33
C LEU EA 365 9.68 100.94 8.08
N PRO EA 366 10.33 101.44 9.12
CA PRO EA 366 11.47 102.32 8.91
C PRO EA 366 12.61 101.57 8.25
N PRO EA 367 13.43 102.25 7.44
CA PRO EA 367 14.59 101.57 6.84
C PRO EA 367 15.57 101.04 7.87
N PHE EA 368 15.75 101.72 8.98
CA PHE EA 368 16.72 101.31 9.99
C PHE EA 368 16.06 100.36 10.98
N PRO EA 369 16.58 99.14 11.16
CA PRO EA 369 15.91 98.18 12.04
C PRO EA 369 15.76 98.63 13.48
N ALA EA 370 16.69 99.43 13.99
CA ALA EA 370 16.60 99.90 15.37
C ALA EA 370 15.51 100.94 15.57
N ASP EA 371 14.87 101.39 14.49
CA ASP EA 371 13.93 102.50 14.58
C ASP EA 371 12.56 102.00 14.99
N VAL EA 372 11.99 102.62 16.00
CA VAL EA 372 10.63 102.30 16.44
C VAL EA 372 9.67 103.26 15.73
N PHE EA 373 8.63 102.69 15.11
CA PHE EA 373 7.75 103.48 14.28
C PHE EA 373 6.31 103.42 14.76
N MET EA 374 5.59 104.48 14.47
CA MET EA 374 4.17 104.60 14.76
C MET EA 374 3.35 104.05 13.60
N ILE EA 375 2.34 103.26 13.92
CA ILE EA 375 1.49 102.66 12.89
C ILE EA 375 0.57 103.72 12.32
N PRO EA 376 0.50 103.88 11.00
CA PRO EA 376 -0.37 104.91 10.42
C PRO EA 376 -1.84 104.55 10.57
N GLN EA 377 -2.67 105.60 10.63
CA GLN EA 377 -4.10 105.41 10.76
C GLN EA 377 -4.73 105.08 9.41
N TYR EA 378 -5.61 104.09 9.41
CA TYR EA 378 -6.29 103.71 8.17
C TYR EA 378 -7.46 104.65 7.90
N GLY EA 379 -7.47 105.21 6.70
CA GLY EA 379 -8.61 105.92 6.21
C GLY EA 379 -8.77 105.64 4.73
N TYR EA 380 -9.93 105.96 4.20
CA TYR EA 380 -10.17 105.71 2.79
C TYR EA 380 -11.08 106.78 2.23
N LEU EA 381 -11.10 106.87 0.91
CA LEU EA 381 -11.94 107.80 0.20
C LEU EA 381 -12.95 107.04 -0.63
N THR EA 382 -14.13 107.63 -0.78
CA THR EA 382 -15.14 107.06 -1.66
C THR EA 382 -15.59 108.15 -2.62
N LEU EA 383 -16.65 107.91 -3.36
CA LEU EA 383 -17.10 108.90 -4.34
C LEU EA 383 -17.54 110.17 -3.64
N ASN EA 384 -17.17 111.31 -4.22
CA ASN EA 384 -17.54 112.60 -3.67
C ASN EA 384 -18.03 113.51 -4.79
N ASN EA 385 -18.89 114.45 -4.40
CA ASN EA 385 -19.33 115.55 -5.25
C ASN EA 385 -19.04 116.80 -4.42
N GLY EA 386 -17.86 117.38 -4.61
CA GLY EA 386 -17.42 118.40 -3.67
C GLY EA 386 -17.11 117.74 -2.33
N SER EA 387 -17.64 118.31 -1.27
CA SER EA 387 -17.52 117.71 0.06
C SER EA 387 -18.63 116.75 0.39
N GLN EA 388 -19.59 116.56 -0.51
CA GLN EA 388 -20.74 115.70 -0.27
C GLN EA 388 -20.49 114.31 -0.82
N ALA EA 389 -21.11 113.33 -0.19
CA ALA EA 389 -21.14 111.99 -0.74
C ALA EA 389 -22.26 111.86 -1.75
N VAL EA 390 -22.15 110.85 -2.60
CA VAL EA 390 -23.21 110.48 -3.52
C VAL EA 390 -23.80 109.16 -3.07
N GLY EA 391 -24.90 108.76 -3.70
CA GLY EA 391 -25.52 107.51 -3.35
C GLY EA 391 -24.64 106.30 -3.56
N ARG EA 392 -23.66 106.40 -4.46
CA ARG EA 392 -22.74 105.30 -4.70
C ARG EA 392 -21.58 105.28 -3.72
N SER EA 393 -21.45 106.27 -2.86
CA SER EA 393 -20.39 106.29 -1.88
C SER EA 393 -20.53 105.11 -0.92
N SER EA 394 -19.42 104.43 -0.66
CA SER EA 394 -19.41 103.25 0.17
C SER EA 394 -18.84 103.59 1.54
N PHE EA 395 -19.52 103.14 2.59
CA PHE EA 395 -19.00 103.21 3.94
C PHE EA 395 -18.62 101.79 4.38
N TYR EA 396 -17.42 101.65 4.91
CA TYR EA 396 -16.91 100.37 5.37
C TYR EA 396 -16.66 100.42 6.86
N CYS EA 397 -17.23 99.48 7.59
CA CYS EA 397 -16.92 99.26 8.99
C CYS EA 397 -15.92 98.13 9.06
N LEU EA 398 -14.72 98.42 9.58
CA LEU EA 398 -13.69 97.40 9.65
C LEU EA 398 -13.97 96.40 10.76
N GLU EA 399 -14.82 96.76 11.74
CA GLU EA 399 -15.28 95.79 12.71
C GLU EA 399 -16.20 94.75 12.08
N TYR EA 400 -16.75 95.04 10.91
CA TYR EA 400 -17.57 94.09 10.19
C TYR EA 400 -16.77 92.98 9.53
N PHE EA 401 -15.48 92.88 9.84
CA PHE EA 401 -14.63 91.83 9.36
C PHE EA 401 -14.26 90.89 10.50
N PRO EA 402 -14.01 89.61 10.23
CA PRO EA 402 -13.44 88.74 11.25
C PRO EA 402 -12.02 89.17 11.56
N SER EA 403 -11.76 89.43 12.83
CA SER EA 403 -10.44 89.84 13.28
C SER EA 403 -9.96 88.90 14.36
N GLN EA 404 -8.67 88.60 14.36
CA GLN EA 404 -8.07 87.88 15.46
C GLN EA 404 -7.82 88.88 16.59
N MET EA 405 -8.28 88.56 17.79
CA MET EA 405 -7.99 89.37 18.96
C MET EA 405 -6.83 88.77 19.71
N LEU EA 406 -5.87 89.61 20.09
CA LEU EA 406 -4.60 89.16 20.64
C LEU EA 406 -4.39 89.80 21.99
N ARG EA 407 -4.17 88.98 23.01
CA ARG EA 407 -3.66 89.49 24.27
C ARG EA 407 -2.14 89.47 24.22
N THR EA 408 -1.52 89.84 25.34
CA THR EA 408 -0.07 90.02 25.34
C THR EA 408 0.68 88.73 25.03
N GLY EA 409 0.07 87.59 25.29
CA GLY EA 409 0.70 86.32 24.99
C GLY EA 409 0.46 85.77 23.60
N ASN EA 410 -0.39 86.43 22.82
CA ASN EA 410 -0.76 85.93 21.50
C ASN EA 410 0.13 86.53 20.42
N ASN EA 411 0.19 85.84 19.30
CA ASN EA 411 0.86 86.35 18.12
C ASN EA 411 -0.01 86.14 16.89
N PHE EA 412 0.25 86.92 15.87
CA PHE EA 412 -0.48 86.87 14.61
C PHE EA 412 0.51 86.62 13.49
N GLN EA 413 0.11 85.80 12.54
CA GLN EA 413 0.96 85.57 11.38
C GLN EA 413 0.12 85.13 10.21
N PHE EA 414 0.60 85.46 9.02
CA PHE EA 414 0.00 84.97 7.79
C PHE EA 414 1.07 84.93 6.71
N THR EA 415 0.82 84.12 5.70
CA THR EA 415 1.70 84.01 4.55
C THR EA 415 0.94 84.42 3.31
N TYR EA 416 1.68 84.95 2.34
CA TYR EA 416 1.11 85.42 1.09
C TYR EA 416 2.04 85.04 -0.04
N THR EA 417 1.46 84.63 -1.16
CA THR EA 417 2.23 84.30 -2.35
C THR EA 417 1.95 85.34 -3.42
N PHE EA 418 3.00 85.95 -3.93
CA PHE EA 418 2.86 86.90 -5.02
C PHE EA 418 2.45 86.17 -6.29
N GLU EA 419 1.59 86.80 -7.07
CA GLU EA 419 1.26 86.27 -8.38
C GLU EA 419 2.48 86.36 -9.30
N ASP EA 420 2.41 85.63 -10.40
CA ASP EA 420 3.50 85.69 -11.37
C ASP EA 420 3.57 87.08 -11.97
N VAL EA 421 4.59 87.84 -11.58
CA VAL EA 421 4.75 89.22 -12.02
C VAL EA 421 6.03 89.26 -12.85
N PRO EA 422 6.14 90.12 -13.86
CA PRO EA 422 7.40 90.20 -14.60
C PRO EA 422 8.53 90.69 -13.72
N PHE EA 423 9.74 90.22 -14.03
CA PHE EA 423 10.92 90.73 -13.36
C PHE EA 423 11.05 92.23 -13.61
N HIS EA 424 11.39 92.96 -12.56
CA HIS EA 424 11.74 94.37 -12.76
C HIS EA 424 13.04 94.45 -13.53
N SER EA 425 13.09 95.37 -14.50
CA SER EA 425 14.29 95.53 -15.32
C SER EA 425 15.36 96.23 -14.49
N SER EA 426 16.20 95.44 -13.85
CA SER EA 426 17.30 95.98 -13.06
C SER EA 426 18.55 96.17 -13.91
N TYR EA 427 18.36 96.84 -15.05
CA TYR EA 427 19.42 97.01 -16.03
C TYR EA 427 19.09 98.23 -16.87
N ALA EA 428 20.14 98.82 -17.45
CA ALA EA 428 19.98 99.85 -18.46
C ALA EA 428 20.45 99.29 -19.79
N HIS EA 429 19.80 99.70 -20.86
CA HIS EA 429 20.16 99.20 -22.18
C HIS EA 429 21.48 99.83 -22.63
N SER EA 430 22.39 98.99 -23.12
CA SER EA 430 23.65 99.46 -23.67
C SER EA 430 23.54 99.77 -25.16
N GLN EA 431 22.35 99.68 -25.72
CA GLN EA 431 22.09 100.07 -27.10
C GLN EA 431 20.89 101.00 -27.12
N SER EA 432 20.89 101.92 -28.07
CA SER EA 432 19.76 102.79 -28.28
C SER EA 432 18.84 102.18 -29.33
N LEU EA 433 17.55 102.51 -29.24
CA LEU EA 433 16.57 101.94 -30.14
C LEU EA 433 16.82 102.35 -31.59
N ASP EA 434 17.34 103.54 -31.81
CA ASP EA 434 17.64 104.01 -33.15
C ASP EA 434 19.03 103.64 -33.61
N ARG EA 435 19.75 102.82 -32.85
CA ARG EA 435 21.10 102.40 -33.17
C ARG EA 435 21.24 100.89 -33.04
N LEU EA 436 20.25 100.15 -33.52
CA LEU EA 436 20.27 98.69 -33.46
C LEU EA 436 20.85 98.05 -34.70
N MET EA 437 21.24 98.85 -35.68
CA MET EA 437 21.68 98.36 -36.97
C MET EA 437 23.19 98.16 -37.02
N ASN EA 438 23.63 97.40 -38.00
CA ASN EA 438 25.04 97.21 -38.29
C ASN EA 438 25.60 98.51 -38.85
N PRO EA 439 26.60 99.12 -38.21
CA PRO EA 439 27.15 100.39 -38.70
C PRO EA 439 28.09 100.27 -39.87
N LEU EA 440 28.25 99.08 -40.46
CA LEU EA 440 29.16 98.89 -41.58
C LEU EA 440 28.46 98.58 -42.89
N ILE EA 441 27.21 98.17 -42.84
CA ILE EA 441 26.50 97.66 -44.01
C ILE EA 441 25.36 98.60 -44.35
N ASP EA 442 25.19 98.88 -45.64
CA ASP EA 442 24.04 99.64 -46.09
C ASP EA 442 22.77 98.80 -45.99
N GLN EA 443 21.64 99.47 -45.94
CA GLN EA 443 20.36 98.80 -46.06
C GLN EA 443 20.05 98.54 -47.53
N TYR EA 444 19.34 97.45 -47.79
CA TYR EA 444 18.81 97.25 -49.13
C TYR EA 444 17.53 98.04 -49.38
N LEU EA 445 16.92 98.57 -48.32
CA LEU EA 445 15.76 99.43 -48.47
C LEU EA 445 16.18 100.84 -48.80
N TYR EA 446 15.35 101.52 -49.59
CA TYR EA 446 15.58 102.90 -49.97
C TYR EA 446 14.65 103.82 -49.20
N TYR EA 447 15.07 105.06 -49.03
CA TYR EA 447 14.23 106.11 -48.47
C TYR EA 447 14.24 107.28 -49.43
N LEU EA 448 13.16 108.05 -49.42
CA LEU EA 448 13.10 109.27 -50.20
C LEU EA 448 14.13 110.25 -49.66
N SER EA 449 15.19 110.49 -50.42
CA SER EA 449 16.29 111.32 -49.95
C SER EA 449 16.22 112.75 -50.45
N ARG EA 450 15.63 112.98 -51.61
CA ARG EA 450 15.48 114.34 -52.12
C ARG EA 450 14.17 114.46 -52.89
N THR EA 451 13.54 115.63 -52.79
CA THR EA 451 12.36 115.95 -53.57
C THR EA 451 12.59 117.08 -54.54
N GLN EA 452 13.80 117.63 -54.60
CA GLN EA 452 14.13 118.76 -55.45
C GLN EA 452 15.51 118.57 -56.04
N THR EA 453 15.67 118.93 -57.31
CA THR EA 453 16.94 118.76 -58.00
C THR EA 453 18.02 119.68 -57.41
N ASN EA 459 15.88 125.13 -59.29
CA ASN EA 459 15.70 123.69 -59.10
C ASN EA 459 14.23 123.31 -59.23
N THR EA 460 13.98 122.09 -59.71
CA THR EA 460 12.65 121.60 -59.98
C THR EA 460 12.36 120.38 -59.11
N GLN EA 461 11.10 119.97 -59.12
CA GLN EA 461 10.70 118.79 -58.37
C GLN EA 461 11.31 117.53 -58.97
N THR EA 462 11.65 116.60 -58.09
CA THR EA 462 12.19 115.30 -58.49
C THR EA 462 11.94 114.31 -57.36
N LEU EA 463 12.29 113.06 -57.60
CA LEU EA 463 12.21 112.03 -56.57
C LEU EA 463 13.55 111.30 -56.57
N GLY EA 464 14.38 111.57 -55.58
CA GLY EA 464 15.64 110.89 -55.40
C GLY EA 464 15.56 109.97 -54.19
N PHE EA 465 16.05 108.75 -54.38
CA PHE EA 465 16.00 107.73 -53.34
C PHE EA 465 17.40 107.24 -53.05
N SER EA 466 17.71 107.09 -51.77
CA SER EA 466 19.01 106.64 -51.33
C SER EA 466 18.83 105.46 -50.39
N GLN EA 467 19.87 104.65 -50.28
CA GLN EA 467 19.89 103.56 -49.34
C GLN EA 467 20.43 104.03 -48.00
N GLY EA 468 19.70 103.73 -46.94
CA GLY EA 468 20.17 104.03 -45.61
C GLY EA 468 21.47 103.31 -45.31
N GLY EA 469 22.44 104.02 -44.77
CA GLY EA 469 23.74 103.45 -44.50
C GLY EA 469 24.34 103.96 -43.22
N PRO EA 470 25.63 103.70 -43.02
CA PRO EA 470 26.29 104.12 -41.78
C PRO EA 470 26.23 105.62 -41.53
N ASN EA 471 26.18 106.44 -42.58
CA ASN EA 471 26.18 107.88 -42.42
C ASN EA 471 24.78 108.47 -42.33
N THR EA 472 23.83 107.92 -43.06
CA THR EA 472 22.43 108.37 -42.99
C THR EA 472 21.64 107.47 -42.05
N MET EA 473 22.12 107.41 -40.81
CA MET EA 473 21.56 106.46 -39.85
C MET EA 473 20.21 106.92 -39.34
N ALA EA 474 19.95 108.22 -39.36
CA ALA EA 474 18.63 108.72 -38.99
C ALA EA 474 17.57 108.39 -40.04
N ASN EA 475 17.98 108.15 -41.28
CA ASN EA 475 17.05 107.85 -42.36
C ASN EA 475 16.76 106.37 -42.53
N GLN EA 476 17.50 105.51 -41.84
CA GLN EA 476 17.38 104.08 -42.07
C GLN EA 476 15.99 103.57 -41.67
N ALA EA 477 15.52 102.59 -42.42
CA ALA EA 477 14.30 101.89 -42.03
C ALA EA 477 14.54 101.15 -40.73
N LYS EA 478 13.57 101.23 -39.82
CA LYS EA 478 13.69 100.64 -38.50
C LYS EA 478 12.42 99.91 -38.15
N ASN EA 479 12.56 98.94 -37.25
CA ASN EA 479 11.45 98.05 -36.91
C ASN EA 479 10.64 98.52 -35.70
N TRP EA 480 11.17 99.46 -34.91
CA TRP EA 480 10.58 99.75 -33.62
C TRP EA 480 10.50 101.26 -33.40
N LEU EA 481 9.61 101.65 -32.50
CA LEU EA 481 9.39 103.03 -32.13
C LEU EA 481 9.63 103.22 -30.65
N PRO EA 482 10.04 104.40 -30.22
CA PRO EA 482 10.19 104.66 -28.78
C PRO EA 482 8.83 104.62 -28.10
N GLY EA 483 8.88 104.32 -26.80
CA GLY EA 483 7.69 104.22 -26.00
C GLY EA 483 6.83 105.47 -26.02
N PRO EA 484 5.66 105.37 -25.41
CA PRO EA 484 4.70 106.48 -25.47
C PRO EA 484 5.18 107.69 -24.69
N CYS EA 485 4.63 108.84 -25.07
CA CYS EA 485 5.04 110.13 -24.52
C CYS EA 485 3.83 110.89 -24.00
N TYR EA 486 4.01 111.55 -22.85
CA TYR EA 486 3.02 112.47 -22.29
C TYR EA 486 3.82 113.66 -21.76
N ARG EA 487 4.06 114.64 -22.63
CA ARG EA 487 5.14 115.60 -22.41
C ARG EA 487 4.96 116.39 -21.13
N GLN EA 488 6.05 116.54 -20.39
CA GLN EA 488 6.10 117.31 -19.16
C GLN EA 488 6.90 118.57 -19.37
N GLN EA 489 6.59 119.60 -18.57
CA GLN EA 489 7.36 120.83 -18.61
C GLN EA 489 8.75 120.60 -18.03
N ARG EA 490 9.75 121.24 -18.63
CA ARG EA 490 11.12 121.09 -18.21
C ARG EA 490 11.45 122.13 -17.14
N VAL EA 491 12.05 121.68 -16.05
CA VAL EA 491 12.49 122.54 -14.96
C VAL EA 491 13.98 122.33 -14.77
N SER EA 492 14.71 123.41 -14.62
CA SER EA 492 16.16 123.36 -14.39
C SER EA 492 16.43 123.47 -12.90
N THR EA 493 17.32 122.62 -12.40
CA THR EA 493 17.78 122.76 -11.02
C THR EA 493 18.61 124.02 -10.83
N THR EA 494 19.16 124.57 -11.90
CA THR EA 494 19.73 125.92 -11.89
C THR EA 494 18.57 126.89 -12.05
N THR EA 495 18.12 127.47 -10.94
CA THR EA 495 16.86 128.20 -10.93
C THR EA 495 16.90 129.41 -11.86
N GLY EA 496 18.07 130.01 -12.06
CA GLY EA 496 18.18 131.14 -12.95
C GLY EA 496 17.78 130.84 -14.38
N GLN EA 497 17.86 129.57 -14.78
CA GLN EA 497 17.44 129.17 -16.12
C GLN EA 497 15.95 128.94 -16.25
N ASN EA 498 15.21 129.00 -15.14
CA ASN EA 498 13.77 128.79 -15.16
C ASN EA 498 13.05 130.10 -15.38
N ASN EA 499 11.83 130.00 -15.91
CA ASN EA 499 10.97 131.16 -16.06
C ASN EA 499 10.64 131.74 -14.69
N ASN EA 500 10.66 133.07 -14.59
CA ASN EA 500 10.36 133.75 -13.33
C ASN EA 500 8.85 133.82 -13.15
N SER EA 501 8.27 132.67 -12.82
CA SER EA 501 6.85 132.56 -12.54
C SER EA 501 6.62 131.30 -11.72
N ASN EA 502 5.45 131.23 -11.09
CA ASN EA 502 5.05 130.07 -10.31
C ASN EA 502 4.22 129.19 -11.22
N PHE EA 503 4.88 128.22 -11.88
CA PHE EA 503 4.24 127.40 -12.89
C PHE EA 503 4.21 125.92 -12.52
N ALA EA 504 4.47 125.57 -11.26
CA ALA EA 504 4.49 124.16 -10.88
C ALA EA 504 3.14 123.51 -11.12
N TRP EA 505 2.05 124.22 -10.83
CA TRP EA 505 0.71 123.71 -11.07
C TRP EA 505 0.14 124.17 -12.41
N THR EA 506 0.29 125.46 -12.74
CA THR EA 506 -0.31 125.97 -13.96
C THR EA 506 0.29 125.31 -15.21
N ALA EA 507 1.60 125.11 -15.21
CA ALA EA 507 2.27 124.41 -16.30
C ALA EA 507 2.44 122.92 -16.03
N GLY EA 508 1.88 122.43 -14.92
CA GLY EA 508 2.01 121.02 -14.62
C GLY EA 508 1.31 120.15 -15.64
N THR EA 509 1.88 118.97 -15.87
CA THR EA 509 1.29 118.01 -16.77
C THR EA 509 0.23 117.22 -16.02
N LYS EA 510 -1.02 117.30 -16.48
CA LYS EA 510 -2.15 116.86 -15.71
C LYS EA 510 -3.02 115.93 -16.53
N TYR EA 511 -3.83 115.15 -15.83
CA TYR EA 511 -4.95 114.46 -16.43
C TYR EA 511 -6.24 114.99 -15.83
N HIS EA 512 -7.32 114.82 -16.58
CA HIS EA 512 -8.63 115.35 -16.23
C HIS EA 512 -9.57 114.18 -15.97
N LEU EA 513 -10.17 114.14 -14.79
CA LEU EA 513 -11.05 113.05 -14.42
C LEU EA 513 -12.24 113.63 -13.65
N ASN EA 514 -13.43 113.49 -14.21
CA ASN EA 514 -14.67 113.94 -13.58
C ASN EA 514 -14.59 115.40 -13.17
N GLY EA 515 -14.13 116.24 -14.09
CA GLY EA 515 -14.01 117.65 -13.82
C GLY EA 515 -12.95 118.01 -12.81
N ARG EA 516 -12.08 117.08 -12.43
CA ARG EA 516 -11.02 117.31 -11.46
C ARG EA 516 -9.68 117.16 -12.16
N ASN EA 517 -8.80 118.11 -11.93
CA ASN EA 517 -7.46 118.08 -12.49
C ASN EA 517 -6.49 117.50 -11.47
N SER EA 518 -5.72 116.51 -11.90
CA SER EA 518 -4.71 115.90 -11.06
C SER EA 518 -3.42 115.83 -11.85
N LEU EA 519 -2.30 116.09 -11.18
CA LEU EA 519 -1.01 115.97 -11.85
C LEU EA 519 -0.79 114.55 -12.33
N ALA EA 520 -0.26 114.42 -13.55
CA ALA EA 520 0.22 113.14 -14.05
C ALA EA 520 1.59 112.91 -13.44
N ASN EA 521 1.59 112.55 -12.16
CA ASN EA 521 2.77 112.57 -11.33
C ASN EA 521 3.02 111.18 -10.75
N PRO EA 522 4.12 110.50 -11.10
CA PRO EA 522 5.15 111.01 -12.01
C PRO EA 522 4.83 110.77 -13.48
N GLY EA 523 3.66 110.21 -13.74
CA GLY EA 523 3.26 109.93 -15.11
C GLY EA 523 3.95 108.71 -15.67
N ILE EA 524 3.83 108.56 -16.99
CA ILE EA 524 4.40 107.40 -17.66
C ILE EA 524 5.92 107.47 -17.63
N ALA EA 525 6.55 106.31 -17.72
CA ALA EA 525 8.01 106.21 -17.64
C ALA EA 525 8.62 106.86 -18.87
N MET EA 526 9.25 108.01 -18.69
CA MET EA 526 10.01 108.66 -19.74
C MET EA 526 11.36 109.07 -19.18
N ALA EA 527 12.34 109.17 -20.07
CA ALA EA 527 13.66 109.59 -19.66
C ALA EA 527 13.62 110.98 -19.06
N THR EA 528 14.27 111.15 -17.91
CA THR EA 528 14.23 112.42 -17.21
C THR EA 528 14.80 113.55 -18.04
N HIS EA 529 15.89 113.28 -18.75
CA HIS EA 529 16.56 114.28 -19.56
C HIS EA 529 17.36 113.55 -20.62
N LYS EA 530 17.81 114.31 -21.62
CA LYS EA 530 18.66 113.74 -22.66
C LYS EA 530 20.12 113.89 -22.25
N ASP EA 531 21.03 113.61 -23.17
CA ASP EA 531 22.45 113.66 -22.89
C ASP EA 531 22.88 115.05 -22.45
N ASP EA 532 23.71 115.11 -21.41
CA ASP EA 532 24.33 116.33 -20.93
C ASP EA 532 23.31 117.37 -20.46
N GLU EA 533 22.18 116.91 -19.94
CA GLU EA 533 21.14 117.80 -19.43
C GLU EA 533 20.64 117.32 -18.08
N GLU EA 534 21.57 116.89 -17.22
CA GLU EA 534 21.19 116.36 -15.92
C GLU EA 534 20.48 117.39 -15.05
N ARG EA 535 20.75 118.68 -15.27
CA ARG EA 535 20.11 119.73 -14.50
C ARG EA 535 18.62 119.86 -14.78
N PHE EA 536 18.13 119.27 -15.86
CA PHE EA 536 16.73 119.37 -16.25
C PHE EA 536 15.95 118.17 -15.75
N PHE EA 537 14.74 118.40 -15.28
CA PHE EA 537 13.84 117.34 -14.91
C PHE EA 537 12.42 117.72 -15.27
N PRO EA 538 11.57 116.74 -15.59
CA PRO EA 538 10.15 117.04 -15.78
C PRO EA 538 9.54 117.55 -14.48
N SER EA 539 8.64 118.53 -14.61
CA SER EA 539 8.15 119.25 -13.43
C SER EA 539 7.45 118.31 -12.45
N ASN EA 540 6.64 117.38 -12.95
CA ASN EA 540 6.04 116.36 -12.11
C ASN EA 540 6.18 114.99 -12.76
N GLY EA 541 7.38 114.69 -13.23
CA GLY EA 541 7.61 113.46 -13.95
C GLY EA 541 8.69 112.56 -13.37
N ILE EA 542 9.11 112.84 -12.14
CA ILE EA 542 10.11 112.03 -11.45
C ILE EA 542 9.67 111.81 -10.02
N LEU EA 543 10.18 110.74 -9.43
CA LEU EA 543 10.05 110.54 -8.00
C LEU EA 543 11.03 111.44 -7.27
N ILE EA 544 10.53 112.17 -6.28
CA ILE EA 544 11.35 113.07 -5.48
C ILE EA 544 11.26 112.60 -4.04
N PHE EA 545 12.39 112.15 -3.51
CA PHE EA 545 12.47 111.75 -2.11
C PHE EA 545 13.06 112.88 -1.29
N GLY EA 546 12.61 112.99 -0.05
CA GLY EA 546 13.13 113.99 0.86
C GLY EA 546 14.33 113.45 1.61
N LYS EA 547 15.32 114.32 1.79
CA LYS EA 547 16.40 113.99 2.70
C LYS EA 547 15.88 113.97 4.13
N GLN EA 548 16.69 113.42 5.03
CA GLN EA 548 16.29 113.35 6.43
C GLN EA 548 16.02 114.75 6.96
N ASN EA 549 14.92 114.90 7.69
CA ASN EA 549 14.50 116.17 8.28
C ASN EA 549 14.15 117.21 7.22
N ALA EA 550 13.77 116.77 6.02
CA ALA EA 550 13.25 117.71 5.04
C ALA EA 550 11.87 118.18 5.43
N ALA EA 551 11.58 119.46 5.17
CA ALA EA 551 10.30 120.01 5.53
C ALA EA 551 9.18 119.36 4.72
N ARG EA 552 8.01 119.23 5.35
CA ARG EA 552 6.85 118.69 4.64
C ARG EA 552 6.43 119.60 3.50
N ASP EA 553 6.42 120.92 3.72
CA ASP EA 553 6.00 121.88 2.71
C ASP EA 553 7.15 122.79 2.34
N ASN EA 554 7.31 123.04 1.04
CA ASN EA 554 8.28 123.99 0.51
C ASN EA 554 9.70 123.66 0.98
N ALA EA 555 10.06 122.38 0.88
CA ALA EA 555 11.44 122.00 1.09
C ALA EA 555 12.30 122.51 -0.05
N ASP EA 556 13.48 123.01 0.28
CA ASP EA 556 14.38 123.52 -0.75
C ASP EA 556 14.93 122.35 -1.57
N TYR EA 557 15.47 122.68 -2.75
CA TYR EA 557 16.05 121.66 -3.60
C TYR EA 557 17.17 120.90 -2.91
N SER EA 558 17.89 121.56 -2.01
CA SER EA 558 18.96 120.89 -1.27
C SER EA 558 18.41 119.90 -0.25
N ASP EA 559 17.13 120.00 0.10
CA ASP EA 559 16.53 119.09 1.08
C ASP EA 559 15.84 117.90 0.45
N VAL EA 560 15.81 117.81 -0.88
CA VAL EA 560 15.13 116.72 -1.56
C VAL EA 560 16.13 115.99 -2.44
N MET EA 561 15.74 114.78 -2.84
CA MET EA 561 16.59 113.90 -3.64
C MET EA 561 15.82 113.60 -4.93
N LEU EA 562 16.23 114.23 -6.02
CA LEU EA 562 15.60 113.98 -7.30
C LEU EA 562 16.10 112.67 -7.88
N THR EA 563 15.17 111.82 -8.31
CA THR EA 563 15.56 110.65 -9.07
C THR EA 563 15.74 111.02 -10.54
N SER EA 564 16.39 110.13 -11.28
CA SER EA 564 16.60 110.34 -12.71
C SER EA 564 16.36 109.03 -13.43
N GLU EA 565 15.51 109.08 -14.45
CA GLU EA 565 15.25 107.93 -15.32
C GLU EA 565 16.02 108.05 -16.63
N GLU EA 566 17.24 108.60 -16.57
CA GLU EA 566 18.04 108.77 -17.79
C GLU EA 566 18.46 107.43 -18.39
N GLU EA 567 18.42 106.35 -17.62
CA GLU EA 567 18.82 105.05 -18.16
C GLU EA 567 17.89 104.58 -19.27
N ILE EA 568 16.66 105.07 -19.31
CA ILE EA 568 15.69 104.65 -20.32
C ILE EA 568 15.67 105.60 -21.52
N LYS EA 569 16.67 106.48 -21.64
CA LYS EA 569 16.82 107.28 -22.84
C LYS EA 569 16.88 106.42 -24.10
N THR EA 570 17.43 105.21 -23.96
CA THR EA 570 17.66 104.35 -25.10
C THR EA 570 16.36 103.88 -25.74
N THR EA 571 15.29 103.82 -24.97
CA THR EA 571 14.03 103.29 -25.46
C THR EA 571 12.87 104.25 -25.24
N ASN EA 572 12.86 104.98 -24.13
CA ASN EA 572 11.75 105.87 -23.85
C ASN EA 572 12.09 107.29 -24.28
N PRO EA 573 11.13 108.03 -24.80
CA PRO EA 573 11.38 109.43 -25.14
C PRO EA 573 11.64 110.25 -23.89
N VAL EA 574 12.40 111.33 -24.07
CA VAL EA 574 12.68 112.24 -22.96
C VAL EA 574 11.38 112.90 -22.51
N ALA EA 575 11.19 112.96 -21.19
CA ALA EA 575 9.92 113.40 -20.63
C ALA EA 575 9.59 114.83 -21.03
N THR EA 576 10.59 115.67 -21.26
CA THR EA 576 10.37 117.08 -21.53
C THR EA 576 10.47 117.41 -23.01
N GLU EA 577 10.60 116.41 -23.86
CA GLU EA 577 10.71 116.62 -25.30
C GLU EA 577 9.49 116.03 -25.99
N GLU EA 578 9.27 116.47 -27.22
CA GLU EA 578 8.20 115.92 -28.03
C GLU EA 578 8.52 114.48 -28.44
N TYR EA 579 7.45 113.71 -28.66
CA TYR EA 579 7.65 112.34 -29.12
C TYR EA 579 8.27 112.33 -30.51
N GLY EA 580 7.79 113.19 -31.39
CA GLY EA 580 8.25 113.18 -32.75
C GLY EA 580 7.52 114.20 -33.58
N ILE EA 581 7.57 114.01 -34.89
CA ILE EA 581 7.01 114.95 -35.84
C ILE EA 581 6.09 114.17 -36.78
N VAL EA 582 4.89 114.71 -37.03
CA VAL EA 582 3.97 114.14 -37.99
C VAL EA 582 3.58 115.22 -38.99
N ALA EA 583 3.11 114.78 -40.15
CA ALA EA 583 2.60 115.70 -41.14
C ALA EA 583 1.28 116.31 -40.66
N ASP EA 584 1.11 117.59 -40.93
CA ASP EA 584 -0.09 118.31 -40.54
C ASP EA 584 -1.00 118.65 -41.71
N ASN EA 585 -0.58 118.41 -42.94
CA ASN EA 585 -1.36 118.78 -44.12
C ASN EA 585 -0.96 117.86 -45.27
N LEU EA 586 -1.48 118.17 -46.44
CA LEU EA 586 -1.11 117.49 -47.69
C LEU EA 586 -0.37 118.50 -48.55
N GLN EA 587 0.92 118.31 -48.73
CA GLN EA 587 1.69 119.21 -49.55
C GLN EA 587 1.29 119.08 -51.01
N GLN EA 588 1.24 120.21 -51.71
CA GLN EA 588 1.02 120.28 -53.13
C GLN EA 588 2.05 121.23 -53.72
N GLN EA 589 2.01 121.41 -55.04
CA GLN EA 589 2.93 122.35 -55.67
C GLN EA 589 2.69 123.77 -55.20
N ASN EA 590 1.53 124.07 -54.62
CA ASN EA 590 1.23 125.39 -54.10
C ASN EA 590 1.23 125.49 -52.59
N THR EA 591 1.19 124.36 -51.88
CA THR EA 591 1.17 124.36 -50.42
C THR EA 591 2.39 123.63 -49.90
N ALA EA 592 3.25 124.32 -49.18
CA ALA EA 592 4.42 123.69 -48.60
C ALA EA 592 4.00 122.72 -47.50
N PRO EA 593 4.73 121.62 -47.34
CA PRO EA 593 4.38 120.66 -46.29
C PRO EA 593 4.50 121.29 -44.91
N GLN EA 594 3.56 120.95 -44.04
CA GLN EA 594 3.55 121.43 -42.67
C GLN EA 594 3.71 120.25 -41.73
N ILE EA 595 4.40 120.47 -40.62
CA ILE EA 595 4.68 119.42 -39.66
C ILE EA 595 4.03 119.76 -38.34
N GLY EA 596 3.57 118.72 -37.64
CA GLY EA 596 2.99 118.85 -36.32
C GLY EA 596 3.90 118.20 -35.30
N THR EA 597 4.05 118.87 -34.16
CA THR EA 597 4.87 118.36 -33.07
C THR EA 597 4.01 117.50 -32.15
N VAL EA 598 4.39 116.23 -32.00
CA VAL EA 598 3.63 115.28 -31.19
C VAL EA 598 4.11 115.42 -29.76
N ASN EA 599 3.31 116.06 -28.92
CA ASN EA 599 3.63 116.22 -27.51
C ASN EA 599 2.96 115.16 -26.63
N SER EA 600 2.09 114.35 -27.20
CA SER EA 600 1.45 113.26 -26.47
C SER EA 600 1.20 112.15 -27.46
N GLN EA 601 1.77 110.99 -27.21
CA GLN EA 601 1.66 109.85 -28.12
C GLN EA 601 1.24 108.63 -27.34
N GLY EA 602 0.06 108.10 -27.65
CA GLY EA 602 -0.37 106.84 -27.10
C GLY EA 602 0.31 105.68 -27.78
N ALA EA 603 -0.09 104.48 -27.37
CA ALA EA 603 0.57 103.26 -27.85
C ALA EA 603 0.43 103.12 -29.36
N LEU EA 604 1.55 102.87 -30.03
CA LEU EA 604 1.60 102.55 -31.44
C LEU EA 604 2.20 101.17 -31.61
N PRO EA 605 1.79 100.43 -32.64
CA PRO EA 605 2.41 99.13 -32.89
C PRO EA 605 3.90 99.28 -33.16
N GLY EA 606 4.67 98.32 -32.68
CA GLY EA 606 6.11 98.39 -32.78
C GLY EA 606 6.77 99.25 -31.72
N MET EA 607 6.01 99.83 -30.81
CA MET EA 607 6.58 100.66 -29.77
C MET EA 607 7.10 99.79 -28.64
N VAL EA 608 8.28 100.13 -28.12
CA VAL EA 608 8.86 99.45 -26.98
C VAL EA 608 9.26 100.51 -25.97
N TRP EA 609 9.24 100.13 -24.69
CA TRP EA 609 9.58 101.09 -23.63
C TRP EA 609 10.02 100.32 -22.39
N GLN EA 610 10.65 101.05 -21.50
CA GLN EA 610 11.02 100.56 -20.19
C GLN EA 610 10.13 101.18 -19.14
N ASN EA 611 9.91 100.46 -18.05
CA ASN EA 611 9.18 101.00 -16.93
C ASN EA 611 10.08 101.93 -16.11
N ARG EA 612 9.47 102.67 -15.20
CA ARG EA 612 10.22 103.47 -14.27
C ARG EA 612 11.05 102.58 -13.37
N ASP EA 613 12.24 103.06 -13.01
CA ASP EA 613 13.09 102.32 -12.10
C ASP EA 613 12.47 102.26 -10.71
N VAL EA 614 12.82 101.22 -9.97
CA VAL EA 614 12.48 101.16 -8.56
C VAL EA 614 13.68 101.67 -7.77
N TYR EA 615 13.41 102.10 -6.54
CA TYR EA 615 14.43 102.70 -5.70
C TYR EA 615 14.40 102.04 -4.33
N LEU EA 616 15.54 102.10 -3.64
CA LEU EA 616 15.60 101.56 -2.30
C LEU EA 616 14.57 102.23 -1.39
N GLN EA 617 14.37 103.53 -1.56
CA GLN EA 617 13.35 104.27 -0.82
C GLN EA 617 11.98 104.22 -1.46
N GLY EA 618 11.86 103.67 -2.66
CA GLY EA 618 10.63 103.73 -3.41
C GLY EA 618 9.66 102.62 -3.09
N PRO EA 619 8.46 102.70 -3.68
CA PRO EA 619 7.46 101.66 -3.47
C PRO EA 619 7.83 100.36 -4.17
N ILE EA 620 7.28 99.27 -3.66
CA ILE EA 620 7.51 97.95 -4.22
C ILE EA 620 6.39 97.54 -5.16
N TRP EA 621 5.15 97.63 -4.70
CA TRP EA 621 4.02 97.15 -5.46
C TRP EA 621 2.87 98.15 -5.40
N ALA EA 622 1.95 98.02 -6.34
CA ALA EA 622 0.68 98.70 -6.29
C ALA EA 622 -0.40 97.72 -6.70
N LYS EA 623 -1.60 97.92 -6.18
CA LYS EA 623 -2.74 97.13 -6.61
C LYS EA 623 -3.22 97.65 -7.97
N ILE EA 624 -3.29 96.74 -8.94
CA ILE EA 624 -3.89 97.09 -10.22
C ILE EA 624 -5.37 97.30 -9.98
N PRO EA 625 -5.92 98.46 -10.32
CA PRO EA 625 -7.35 98.68 -10.11
C PRO EA 625 -8.18 97.65 -10.86
N HIS EA 626 -9.25 97.20 -10.21
CA HIS EA 626 -10.14 96.21 -10.80
C HIS EA 626 -11.00 96.92 -11.85
N THR EA 627 -10.57 96.86 -13.10
CA THR EA 627 -11.27 97.51 -14.20
C THR EA 627 -11.41 96.55 -15.36
N ASP EA 628 -12.28 96.91 -16.29
CA ASP EA 628 -12.45 96.11 -17.50
C ASP EA 628 -11.17 96.07 -18.32
N GLY EA 629 -10.49 97.19 -18.46
CA GLY EA 629 -9.30 97.26 -19.28
C GLY EA 629 -8.21 98.06 -18.60
N ASN EA 630 -6.99 97.62 -18.84
CA ASN EA 630 -5.81 98.39 -18.49
C ASN EA 630 -4.79 98.18 -19.59
N PHE EA 631 -3.88 99.14 -19.71
CA PHE EA 631 -2.78 99.03 -20.66
C PHE EA 631 -1.47 99.04 -19.88
N HIS EA 632 -0.70 97.97 -20.02
CA HIS EA 632 0.59 97.80 -19.35
C HIS EA 632 0.45 98.17 -17.88
N PRO EA 633 -0.24 97.35 -17.08
CA PRO EA 633 -0.55 97.75 -15.71
C PRO EA 633 0.65 97.73 -14.79
N SER EA 634 1.70 98.42 -15.16
CA SER EA 634 2.83 98.64 -14.29
C SER EA 634 2.66 99.96 -13.55
N PRO EA 635 2.75 99.97 -12.23
CA PRO EA 635 2.48 101.20 -11.48
C PRO EA 635 3.41 102.32 -11.91
N LEU EA 636 2.85 103.52 -11.99
CA LEU EA 636 3.60 104.63 -12.59
C LEU EA 636 4.71 105.14 -11.67
N MET EA 637 4.51 105.11 -10.35
CA MET EA 637 5.63 105.44 -9.47
C MET EA 637 6.61 104.30 -9.31
N GLY EA 638 6.50 103.27 -10.13
CA GLY EA 638 7.46 102.19 -10.15
C GLY EA 638 7.03 101.01 -9.29
N GLY EA 639 7.55 99.85 -9.63
CA GLY EA 639 7.29 98.65 -8.88
C GLY EA 639 6.48 97.64 -9.65
N PHE EA 640 5.87 96.73 -8.90
CA PHE EA 640 5.16 95.59 -9.47
C PHE EA 640 3.67 95.83 -9.37
N GLY EA 641 2.98 95.75 -10.51
CA GLY EA 641 1.54 95.83 -10.50
C GLY EA 641 0.95 94.48 -10.21
N LEU EA 642 0.12 94.38 -9.18
CA LEU EA 642 -0.44 93.11 -8.75
C LEU EA 642 -1.96 93.22 -8.74
N LYS EA 643 -2.62 92.25 -9.36
CA LYS EA 643 -4.07 92.16 -9.24
C LYS EA 643 -4.46 91.85 -7.81
N HIS EA 644 -3.70 90.99 -7.14
CA HIS EA 644 -3.94 90.60 -5.75
C HIS EA 644 -2.66 90.89 -4.97
N PRO EA 645 -2.46 92.13 -4.56
CA PRO EA 645 -1.22 92.50 -3.87
C PRO EA 645 -1.21 91.92 -2.47
N PRO EA 646 -0.11 92.09 -1.73
CA PRO EA 646 -0.12 91.74 -0.32
C PRO EA 646 -1.28 92.41 0.39
N PRO EA 647 -2.09 91.65 1.12
CA PRO EA 647 -3.31 92.22 1.70
C PRO EA 647 -2.99 93.27 2.75
N GLN EA 648 -3.90 94.23 2.87
CA GLN EA 648 -3.79 95.20 3.95
C GLN EA 648 -3.93 94.50 5.29
N ILE EA 649 -3.05 94.83 6.22
CA ILE EA 649 -3.07 94.27 7.56
C ILE EA 649 -3.56 95.37 8.48
N LEU EA 650 -4.78 95.23 8.97
CA LEU EA 650 -5.42 96.24 9.79
C LEU EA 650 -5.26 95.86 11.26
N ILE EA 651 -4.89 96.82 12.08
CA ILE EA 651 -4.66 96.58 13.50
C ILE EA 651 -5.34 97.69 14.29
N LYS EA 652 -5.92 97.33 15.42
CA LYS EA 652 -6.63 98.29 16.26
C LYS EA 652 -6.52 97.84 17.71
N ASN EA 653 -6.37 98.81 18.61
CA ASN EA 653 -6.54 98.54 20.02
C ASN EA 653 -8.02 98.35 20.31
N THR EA 654 -8.36 97.22 20.91
CA THR EA 654 -9.75 96.99 21.27
C THR EA 654 -10.16 98.00 22.33
N PRO EA 655 -11.25 98.74 22.14
CA PRO EA 655 -11.66 99.72 23.14
C PRO EA 655 -11.95 99.05 24.47
N VAL EA 656 -11.43 99.64 25.54
CA VAL EA 656 -11.69 99.19 26.90
C VAL EA 656 -12.46 100.30 27.60
N PRO EA 657 -13.76 100.12 27.83
CA PRO EA 657 -14.55 101.19 28.47
C PRO EA 657 -14.03 101.50 29.86
N ALA EA 658 -14.12 102.78 30.22
CA ALA EA 658 -13.99 103.14 31.62
C ALA EA 658 -15.23 102.68 32.37
N ASP EA 659 -15.30 103.00 33.65
CA ASP EA 659 -16.41 102.50 34.45
C ASP EA 659 -17.72 103.06 33.93
N PRO EA 660 -18.66 102.22 33.53
CA PRO EA 660 -19.96 102.71 33.08
C PRO EA 660 -20.79 103.19 34.26
N PRO EA 661 -21.84 103.97 34.02
CA PRO EA 661 -22.71 104.36 35.12
C PRO EA 661 -23.42 103.15 35.71
N THR EA 662 -23.85 103.28 36.96
CA THR EA 662 -24.53 102.19 37.64
C THR EA 662 -26.01 102.11 37.29
N THR EA 663 -26.53 103.05 36.52
CA THR EA 663 -27.87 102.98 35.99
C THR EA 663 -27.77 102.89 34.47
N PHE EA 664 -28.63 102.06 33.86
CA PHE EA 664 -28.49 101.77 32.45
C PHE EA 664 -28.70 103.02 31.60
N ASN EA 665 -27.82 103.18 30.62
CA ASN EA 665 -27.94 104.22 29.60
C ASN EA 665 -27.76 103.56 28.24
N GLN EA 666 -28.73 103.81 27.35
CA GLN EA 666 -28.67 103.19 26.03
C GLN EA 666 -27.61 103.79 25.14
N SER EA 667 -27.13 104.99 25.47
CA SER EA 667 -26.16 105.66 24.61
C SER EA 667 -24.86 104.88 24.54
N LYS EA 668 -24.22 104.93 23.38
CA LYS EA 668 -22.93 104.28 23.22
C LYS EA 668 -21.93 104.87 24.20
N LEU EA 669 -21.06 104.02 24.73
CA LEU EA 669 -20.06 104.47 25.68
C LEU EA 669 -19.01 105.32 24.96
N ASN EA 670 -18.69 106.47 25.55
CA ASN EA 670 -17.65 107.34 25.02
C ASN EA 670 -16.50 107.53 26.00
N SER EA 671 -16.59 106.95 27.19
CA SER EA 671 -15.53 107.04 28.19
C SER EA 671 -14.72 105.76 28.11
N PHE EA 672 -13.48 105.88 27.65
CA PHE EA 672 -12.62 104.73 27.44
C PHE EA 672 -11.32 104.90 28.20
N ILE EA 673 -10.76 103.77 28.60
CA ILE EA 673 -9.44 103.76 29.22
C ILE EA 673 -8.41 104.14 28.15
N THR EA 674 -7.59 105.14 28.44
CA THR EA 674 -6.57 105.56 27.50
C THR EA 674 -5.54 104.46 27.34
N GLN EA 675 -5.25 104.10 26.10
CA GLN EA 675 -4.57 102.83 25.86
C GLN EA 675 -3.79 102.92 24.56
N TYR EA 676 -2.65 102.25 24.53
CA TYR EA 676 -1.89 102.07 23.31
C TYR EA 676 -1.20 100.72 23.38
N SER EA 677 -0.83 100.20 22.21
CA SER EA 677 -0.15 98.92 22.15
C SER EA 677 1.18 99.08 21.44
N THR EA 678 2.11 98.22 21.80
CA THR EA 678 3.39 98.13 21.14
C THR EA 678 3.71 96.66 20.93
N GLY EA 679 4.56 96.39 19.96
CA GLY EA 679 4.96 95.03 19.70
C GLY EA 679 6.01 95.00 18.62
N GLN EA 680 6.30 93.79 18.16
CA GLN EA 680 7.24 93.60 17.08
C GLN EA 680 6.50 93.08 15.86
N VAL EA 681 6.93 93.52 14.69
CA VAL EA 681 6.39 93.08 13.42
C VAL EA 681 7.52 92.51 12.60
N SER EA 682 7.33 91.33 12.04
CA SER EA 682 8.29 90.70 11.16
C SER EA 682 7.66 90.49 9.81
N VAL EA 683 8.37 90.91 8.76
CA VAL EA 683 7.95 90.64 7.40
C VAL EA 683 9.13 89.99 6.69
N GLU EA 684 8.88 88.83 6.09
CA GLU EA 684 9.87 88.09 5.34
C GLU EA 684 9.39 88.01 3.90
N ILE EA 685 10.20 88.49 2.97
CA ILE EA 685 9.89 88.42 1.55
C ILE EA 685 10.98 87.62 0.85
N GLU EA 686 10.56 86.63 0.08
CA GLU EA 686 11.47 85.90 -0.79
C GLU EA 686 11.41 86.51 -2.18
N TRP EA 687 12.55 86.91 -2.69
CA TRP EA 687 12.66 87.51 -4.01
C TRP EA 687 13.38 86.55 -4.95
N GLU EA 688 12.87 86.43 -6.15
CA GLU EA 688 13.55 85.68 -7.20
C GLU EA 688 14.44 86.64 -7.98
N LEU EA 689 15.65 86.17 -8.31
CA LEU EA 689 16.64 86.98 -8.99
C LEU EA 689 16.81 86.52 -10.42
N GLN EA 690 17.00 87.48 -11.32
CA GLN EA 690 17.43 87.21 -12.68
C GLN EA 690 18.92 87.52 -12.77
N LYS EA 691 19.74 86.47 -12.80
CA LYS EA 691 21.17 86.66 -12.89
C LYS EA 691 21.55 87.21 -14.25
N GLU EA 692 22.52 88.12 -14.25
CA GLU EA 692 23.01 88.68 -15.51
C GLU EA 692 23.89 87.65 -16.21
N ASN EA 693 23.59 87.40 -17.47
CA ASN EA 693 24.38 86.51 -18.30
C ASN EA 693 24.88 87.33 -19.49
N SER EA 694 26.00 88.02 -19.29
CA SER EA 694 26.46 89.05 -20.19
C SER EA 694 27.85 88.71 -20.71
N LYS EA 695 28.06 88.94 -22.01
CA LYS EA 695 29.36 88.76 -22.63
C LYS EA 695 30.08 90.08 -22.84
N ARG EA 696 29.62 91.13 -22.17
CA ARG EA 696 30.31 92.41 -22.20
C ARG EA 696 31.74 92.26 -21.71
N TRP EA 697 32.68 92.85 -22.45
CA TRP EA 697 34.09 92.70 -22.12
C TRP EA 697 34.53 93.71 -21.07
N ASN EA 698 34.21 94.97 -21.28
CA ASN EA 698 34.64 96.03 -20.38
C ASN EA 698 33.83 95.99 -19.09
N PRO EA 699 34.39 96.53 -18.00
CA PRO EA 699 33.66 96.51 -16.72
C PRO EA 699 32.36 97.30 -16.78
N GLU EA 700 31.39 96.84 -16.01
CA GLU EA 700 30.10 97.49 -15.93
C GLU EA 700 30.14 98.66 -14.94
N ILE EA 701 29.12 99.49 -15.02
CA ILE EA 701 28.88 100.49 -13.99
C ILE EA 701 28.27 99.80 -12.78
N GLN EA 702 28.80 100.09 -11.60
CA GLN EA 702 28.31 99.49 -10.38
C GLN EA 702 28.01 100.60 -9.38
N TYR EA 703 27.00 100.38 -8.55
CA TYR EA 703 26.80 101.28 -7.44
C TYR EA 703 27.89 101.05 -6.41
N THR EA 704 28.55 102.12 -6.00
CA THR EA 704 29.64 102.02 -5.05
C THR EA 704 29.53 103.18 -4.07
N SER EA 705 29.97 102.94 -2.84
CA SER EA 705 30.14 104.04 -1.91
C SER EA 705 31.37 104.85 -2.29
N ASN EA 706 31.35 106.12 -1.94
CA ASN EA 706 32.49 106.98 -2.22
C ASN EA 706 33.67 106.58 -1.34
N TYR EA 707 34.84 106.50 -1.97
CA TYR EA 707 36.04 106.09 -1.24
C TYR EA 707 36.58 107.21 -0.35
N TYR EA 708 36.35 108.46 -0.74
CA TYR EA 708 36.95 109.59 -0.05
C TYR EA 708 36.35 109.78 1.34
N LYS EA 709 37.13 110.38 2.23
CA LYS EA 709 36.72 110.54 3.62
C LYS EA 709 35.53 111.49 3.73
N SER EA 710 34.77 111.33 4.82
CA SER EA 710 33.61 112.15 5.06
C SER EA 710 33.34 112.20 6.56
N THR EA 711 32.53 113.18 6.95
CA THR EA 711 32.20 113.36 8.36
C THR EA 711 31.44 112.15 8.90
N SER EA 712 30.56 111.59 8.08
CA SER EA 712 29.74 110.46 8.50
C SER EA 712 29.72 109.41 7.39
N VAL EA 713 29.43 108.18 7.78
CA VAL EA 713 29.26 107.10 6.83
C VAL EA 713 27.90 107.23 6.16
N ASP EA 714 27.88 107.12 4.84
CA ASP EA 714 26.61 107.14 4.12
C ASP EA 714 25.78 105.92 4.49
N PHE EA 715 24.48 106.13 4.63
CA PHE EA 715 23.55 105.07 5.07
C PHE EA 715 23.95 104.53 6.44
N ALA EA 716 24.23 105.45 7.35
CA ALA EA 716 24.52 105.12 8.74
C ALA EA 716 23.87 106.17 9.61
N VAL EA 717 24.10 106.09 10.89
CA VAL EA 717 23.58 107.06 11.83
C VAL EA 717 24.62 108.17 12.01
N ASN EA 718 24.16 109.34 12.39
CA ASN EA 718 25.04 110.44 12.71
C ASN EA 718 25.34 110.41 14.21
N THR EA 719 25.93 111.48 14.73
CA THR EA 719 26.28 111.52 16.15
C THR EA 719 25.05 111.59 17.04
N GLU EA 720 23.89 111.93 16.50
CA GLU EA 720 22.66 112.01 17.27
C GLU EA 720 21.80 110.77 17.15
N GLY EA 721 22.27 109.74 16.46
CA GLY EA 721 21.51 108.53 16.30
C GLY EA 721 20.50 108.55 15.18
N VAL EA 722 20.51 109.56 14.33
CA VAL EA 722 19.55 109.68 13.25
C VAL EA 722 20.09 108.92 12.04
N TYR EA 723 19.35 107.91 11.60
CA TYR EA 723 19.66 107.23 10.36
C TYR EA 723 19.18 108.05 9.18
N SER EA 724 20.02 108.19 8.16
CA SER EA 724 19.67 108.95 6.99
C SER EA 724 20.06 108.18 5.74
N GLU EA 725 19.27 108.36 4.69
CA GLU EA 725 19.61 107.85 3.37
C GLU EA 725 20.06 109.01 2.51
N PRO EA 726 21.35 109.11 2.19
CA PRO EA 726 21.84 110.36 1.56
C PRO EA 726 21.41 110.53 0.12
N ARG EA 727 21.12 109.45 -0.59
CA ARG EA 727 20.76 109.56 -2.00
C ARG EA 727 19.74 108.48 -2.31
N PRO EA 728 18.95 108.67 -3.38
CA PRO EA 728 18.09 107.58 -3.85
C PRO EA 728 18.90 106.63 -4.72
N ILE EA 729 19.00 105.38 -4.29
CA ILE EA 729 19.72 104.37 -5.06
C ILE EA 729 18.74 103.74 -6.02
N GLY EA 730 18.97 103.92 -7.31
CA GLY EA 730 18.17 103.27 -8.31
C GLY EA 730 18.49 101.80 -8.39
N THR EA 731 18.16 101.19 -9.51
CA THR EA 731 18.32 99.75 -9.64
C THR EA 731 19.07 99.38 -10.92
N ARG EA 732 19.23 100.32 -11.85
CA ARG EA 732 19.74 100.02 -13.19
C ARG EA 732 21.21 100.42 -13.28
N TYR EA 733 22.08 99.46 -13.06
CA TYR EA 733 23.52 99.65 -13.19
C TYR EA 733 24.15 98.71 -14.18
N LEU EA 734 23.73 97.45 -14.20
CA LEU EA 734 24.16 96.52 -15.23
C LEU EA 734 23.53 96.89 -16.56
N THR EA 735 24.07 96.32 -17.64
CA THR EA 735 23.62 96.65 -18.98
C THR EA 735 23.18 95.41 -19.74
N ARG EA 736 22.25 95.61 -20.65
CA ARG EA 736 21.84 94.60 -21.61
C ARG EA 736 21.79 95.22 -22.98
N ASN EA 737 21.97 94.39 -24.01
CA ASN EA 737 21.65 94.82 -25.35
C ASN EA 737 20.14 94.91 -25.51
N LEU EA 738 19.71 95.68 -26.50
CA LEU EA 738 18.29 95.79 -26.78
C LEU EA 738 17.81 94.55 -27.51
N GLY FA 221 -43.92 64.64 -38.90
CA GLY FA 221 -45.29 64.50 -39.34
C GLY FA 221 -46.03 65.81 -39.50
N VAL FA 222 -47.00 65.82 -40.42
CA VAL FA 222 -47.80 67.03 -40.65
C VAL FA 222 -48.59 67.39 -39.40
N GLY FA 223 -49.19 66.39 -38.76
CA GLY FA 223 -50.08 66.61 -37.64
C GLY FA 223 -49.46 66.53 -36.26
N SER FA 224 -48.14 66.53 -36.16
CA SER FA 224 -47.46 66.47 -34.88
C SER FA 224 -46.55 67.67 -34.71
N SER FA 225 -46.57 68.25 -33.52
CA SER FA 225 -45.70 69.38 -33.21
C SER FA 225 -44.24 68.93 -33.17
N SER FA 226 -43.36 69.76 -33.72
CA SER FA 226 -41.94 69.46 -33.73
C SER FA 226 -41.18 70.13 -32.60
N GLY FA 227 -41.88 70.80 -31.70
CA GLY FA 227 -41.24 71.40 -30.54
C GLY FA 227 -42.26 72.12 -29.69
N ASN FA 228 -41.85 72.40 -28.47
CA ASN FA 228 -42.70 73.04 -27.48
C ASN FA 228 -42.25 74.48 -27.24
N TRP FA 229 -43.15 75.27 -26.68
CA TRP FA 229 -42.86 76.64 -26.31
C TRP FA 229 -42.02 76.65 -25.04
N HIS FA 230 -40.84 77.26 -25.11
CA HIS FA 230 -39.91 77.29 -23.98
C HIS FA 230 -39.49 78.74 -23.76
N CYS FA 231 -40.27 79.47 -22.97
CA CYS FA 231 -39.87 80.77 -22.45
C CYS FA 231 -39.74 80.65 -20.95
N ASP FA 232 -38.55 80.91 -20.43
CA ASP FA 232 -38.28 80.68 -19.01
C ASP FA 232 -36.92 81.26 -18.69
N SER FA 233 -36.67 81.42 -17.39
CA SER FA 233 -35.36 81.75 -16.88
C SER FA 233 -35.18 80.99 -15.58
N THR FA 234 -34.15 80.18 -15.50
CA THR FA 234 -33.86 79.40 -14.31
C THR FA 234 -32.56 79.91 -13.70
N TRP FA 235 -32.63 80.39 -12.47
CA TRP FA 235 -31.47 80.85 -11.73
C TRP FA 235 -31.03 79.73 -10.80
N LEU FA 236 -29.80 79.26 -10.99
CA LEU FA 236 -29.29 78.12 -10.22
C LEU FA 236 -27.82 78.41 -9.91
N GLY FA 237 -27.56 78.81 -8.67
CA GLY FA 237 -26.19 79.07 -8.26
C GLY FA 237 -25.62 80.25 -9.01
N ASP FA 238 -24.46 80.05 -9.63
CA ASP FA 238 -23.77 81.07 -10.39
C ASP FA 238 -24.16 81.09 -11.85
N ARG FA 239 -25.23 80.39 -12.22
CA ARG FA 239 -25.72 80.36 -13.59
C ARG FA 239 -27.14 80.87 -13.63
N VAL FA 240 -27.48 81.51 -14.75
CA VAL FA 240 -28.87 81.76 -15.12
C VAL FA 240 -29.04 81.27 -16.55
N ILE FA 241 -30.07 80.47 -16.78
CA ILE FA 241 -30.37 79.94 -18.09
C ILE FA 241 -31.62 80.62 -18.59
N THR FA 242 -31.48 81.52 -19.54
CA THR FA 242 -32.60 82.16 -20.19
C THR FA 242 -32.97 81.37 -21.42
N THR FA 243 -34.25 81.05 -21.57
CA THR FA 243 -34.75 80.46 -22.80
C THR FA 243 -35.94 81.28 -23.26
N SER FA 244 -35.98 81.59 -24.55
CA SER FA 244 -37.04 82.41 -25.10
C SER FA 244 -37.52 81.81 -26.40
N THR FA 245 -38.83 81.75 -26.55
CA THR FA 245 -39.46 81.28 -27.78
C THR FA 245 -40.25 82.42 -28.38
N ARG FA 246 -40.18 82.54 -29.71
CA ARG FA 246 -40.94 83.55 -30.43
C ARG FA 246 -41.53 82.91 -31.67
N THR FA 247 -42.64 83.48 -32.13
CA THR FA 247 -43.21 83.12 -33.42
C THR FA 247 -42.67 84.07 -34.47
N TRP FA 248 -42.13 83.52 -35.55
CA TRP FA 248 -41.57 84.31 -36.62
C TRP FA 248 -42.37 84.10 -37.90
N ALA FA 249 -42.21 85.05 -38.81
CA ALA FA 249 -42.75 84.93 -40.16
C ALA FA 249 -41.67 85.31 -41.14
N LEU FA 250 -41.41 84.42 -42.10
CA LEU FA 250 -40.37 84.66 -43.09
C LEU FA 250 -41.00 84.83 -44.46
N PRO FA 251 -40.96 86.02 -45.05
CA PRO FA 251 -41.45 86.18 -46.41
C PRO FA 251 -40.43 85.67 -47.42
N THR FA 252 -40.83 85.67 -48.68
CA THR FA 252 -39.87 85.51 -49.76
C THR FA 252 -39.23 86.86 -50.01
N TYR FA 253 -37.90 86.92 -49.88
CA TYR FA 253 -37.16 88.14 -50.07
C TYR FA 253 -36.59 88.19 -51.48
N ASN FA 254 -36.61 89.37 -52.08
CA ASN FA 254 -35.96 89.65 -53.36
C ASN FA 254 -36.52 88.83 -54.51
N ASN FA 255 -37.68 88.22 -54.34
CA ASN FA 255 -38.23 87.29 -55.33
C ASN FA 255 -37.23 86.17 -55.64
N HIS FA 256 -36.61 85.66 -54.58
CA HIS FA 256 -35.64 84.57 -54.64
C HIS FA 256 -34.34 84.94 -55.35
N LEU FA 257 -34.08 86.23 -55.54
CA LEU FA 257 -32.93 86.67 -56.32
C LEU FA 257 -31.84 87.25 -55.43
N TYR FA 258 -30.61 87.14 -55.88
CA TYR FA 258 -29.52 87.93 -55.36
C TYR FA 258 -29.41 89.19 -56.19
N LYS FA 259 -29.47 90.35 -55.55
CA LYS FA 259 -29.40 91.61 -56.25
C LYS FA 259 -28.18 92.38 -55.79
N GLN FA 260 -27.39 92.86 -56.74
CA GLN FA 260 -26.35 93.80 -56.42
C GLN FA 260 -26.98 95.13 -56.01
N ILE FA 261 -26.53 95.68 -54.89
CA ILE FA 261 -27.03 96.95 -54.39
C ILE FA 261 -25.85 97.89 -54.23
N SER FA 262 -26.08 99.17 -54.52
CA SER FA 262 -25.00 100.14 -54.50
C SER FA 262 -25.57 101.50 -54.12
N ASN FA 263 -24.65 102.40 -53.78
CA ASN FA 263 -24.98 103.80 -53.53
C ASN FA 263 -23.75 104.60 -53.89
N GLY FA 264 -23.90 105.56 -54.80
CA GLY FA 264 -22.80 106.38 -55.26
C GLY FA 264 -23.04 107.84 -54.95
N THR FA 265 -22.10 108.66 -55.40
CA THR FA 265 -22.18 110.10 -55.19
C THR FA 265 -23.00 110.77 -56.29
N ALA FA 269 -26.08 111.24 -52.76
CA ALA FA 269 -25.40 110.70 -51.59
C ALA FA 269 -23.96 111.19 -51.53
N THR FA 270 -23.44 111.34 -50.31
CA THR FA 270 -22.06 111.75 -50.14
C THR FA 270 -21.13 110.54 -50.23
N ASN FA 271 -19.84 110.82 -50.39
CA ASN FA 271 -18.86 109.75 -50.45
C ASN FA 271 -18.82 108.96 -49.16
N ASP FA 272 -19.13 109.60 -48.03
CA ASP FA 272 -19.12 108.92 -46.74
C ASP FA 272 -20.16 107.80 -46.67
N ASN FA 273 -21.19 107.86 -47.50
CA ASN FA 273 -22.29 106.90 -47.44
C ASN FA 273 -22.34 105.96 -48.64
N THR FA 274 -21.30 105.92 -49.45
CA THR FA 274 -21.28 105.02 -50.59
C THR FA 274 -21.11 103.58 -50.13
N TYR FA 275 -21.66 102.65 -50.90
CA TYR FA 275 -21.46 101.25 -50.62
C TYR FA 275 -21.69 100.43 -51.87
N PHE FA 276 -21.13 99.23 -51.87
CA PHE FA 276 -21.42 98.19 -52.85
C PHE FA 276 -21.64 96.91 -52.07
N GLY FA 277 -22.70 96.20 -52.41
CA GLY FA 277 -22.99 94.97 -51.70
C GLY FA 277 -24.02 94.16 -52.43
N TYR FA 278 -24.57 93.19 -51.72
CA TYR FA 278 -25.54 92.30 -52.31
C TYR FA 278 -26.71 92.09 -51.37
N SER FA 279 -27.91 92.18 -51.91
CA SER FA 279 -29.11 91.76 -51.22
C SER FA 279 -29.38 90.31 -51.56
N THR FA 280 -29.61 89.50 -50.55
CA THR FA 280 -29.83 88.08 -50.74
C THR FA 280 -31.29 87.73 -50.50
N PRO FA 281 -31.78 86.63 -51.06
CA PRO FA 281 -33.13 86.16 -50.75
C PRO FA 281 -33.26 85.50 -49.39
N TRP FA 282 -32.21 85.52 -48.58
CA TRP FA 282 -32.20 84.82 -47.31
C TRP FA 282 -32.59 85.76 -46.17
N GLY FA 283 -33.33 85.22 -45.22
CA GLY FA 283 -33.46 85.87 -43.94
C GLY FA 283 -32.43 85.36 -42.97
N TYR FA 284 -32.37 85.98 -41.80
CA TYR FA 284 -31.46 85.52 -40.77
C TYR FA 284 -32.07 85.77 -39.40
N PHE FA 285 -31.71 84.92 -38.45
CA PHE FA 285 -32.21 85.03 -37.10
C PHE FA 285 -31.24 85.83 -36.25
N ASP FA 286 -31.76 86.84 -35.58
CA ASP FA 286 -30.97 87.70 -34.70
C ASP FA 286 -31.55 87.64 -33.31
N PHE FA 287 -30.71 87.33 -32.34
CA PHE FA 287 -31.07 87.42 -30.92
C PHE FA 287 -29.95 88.09 -30.16
N ASN FA 288 -29.35 89.11 -30.78
CA ASN FA 288 -28.20 89.81 -30.24
C ASN FA 288 -28.60 91.04 -29.44
N ARG FA 289 -29.74 90.99 -28.76
CA ARG FA 289 -30.13 92.00 -27.80
C ARG FA 289 -30.50 91.31 -26.50
N PHE FA 290 -30.19 91.96 -25.38
CA PHE FA 290 -30.40 91.32 -24.09
C PHE FA 290 -31.87 91.07 -23.80
N HIS FA 291 -32.76 91.95 -24.27
CA HIS FA 291 -34.18 91.74 -24.00
C HIS FA 291 -34.78 90.61 -24.80
N CYS FA 292 -34.05 90.06 -25.77
CA CYS FA 292 -34.48 88.82 -26.41
C CYS FA 292 -34.43 87.65 -25.45
N HIS FA 293 -33.69 87.76 -24.36
CA HIS FA 293 -33.45 86.66 -23.44
C HIS FA 293 -33.86 86.98 -22.01
N PHE FA 294 -33.66 88.22 -21.57
CA PHE FA 294 -33.99 88.61 -20.21
C PHE FA 294 -35.28 89.40 -20.20
N SER FA 295 -36.24 88.94 -19.39
CA SER FA 295 -37.36 89.77 -19.05
C SER FA 295 -36.87 90.94 -18.20
N PRO FA 296 -37.62 92.05 -18.16
CA PRO FA 296 -37.18 93.18 -17.32
C PRO FA 296 -36.97 92.78 -15.87
N ARG FA 297 -37.83 91.91 -15.33
CA ARG FA 297 -37.63 91.42 -13.97
C ARG FA 297 -36.37 90.57 -13.86
N ASP FA 298 -36.11 89.73 -14.86
CA ASP FA 298 -34.87 88.95 -14.87
C ASP FA 298 -33.66 89.86 -14.98
N TRP FA 299 -33.75 90.90 -15.80
CA TRP FA 299 -32.68 91.87 -15.88
C TRP FA 299 -32.44 92.56 -14.54
N GLN FA 300 -33.52 92.89 -13.83
CA GLN FA 300 -33.38 93.46 -12.50
C GLN FA 300 -32.69 92.49 -11.55
N ARG FA 301 -33.11 91.22 -11.58
CA ARG FA 301 -32.46 90.20 -10.76
C ARG FA 301 -30.97 90.13 -11.07
N LEU FA 302 -30.61 90.19 -12.35
CA LEU FA 302 -29.22 90.10 -12.74
C LEU FA 302 -28.42 91.30 -12.26
N ILE FA 303 -28.91 92.51 -12.52
CA ILE FA 303 -28.11 93.71 -12.29
C ILE FA 303 -28.09 94.15 -10.84
N ASN FA 304 -29.10 93.78 -10.05
CA ASN FA 304 -29.12 94.19 -8.66
C ASN FA 304 -28.33 93.29 -7.74
N ASN FA 305 -27.85 92.14 -8.24
CA ASN FA 305 -27.29 91.13 -7.38
C ASN FA 305 -25.97 90.56 -7.85
N ASN FA 306 -25.49 90.95 -9.02
CA ASN FA 306 -24.29 90.35 -9.59
C ASN FA 306 -23.31 91.43 -10.00
N TRP FA 307 -22.03 91.18 -9.75
CA TRP FA 307 -20.98 92.07 -10.18
C TRP FA 307 -20.62 91.87 -11.64
N GLY FA 308 -21.01 90.75 -12.23
CA GLY FA 308 -20.69 90.50 -13.61
C GLY FA 308 -21.43 89.29 -14.13
N PHE FA 309 -21.44 89.17 -15.45
CA PHE FA 309 -22.05 88.04 -16.11
C PHE FA 309 -21.42 87.89 -17.49
N ARG FA 310 -21.57 86.71 -18.05
CA ARG FA 310 -21.07 86.44 -19.39
C ARG FA 310 -21.82 85.25 -19.95
N PRO FA 311 -22.04 85.21 -21.26
CA PRO FA 311 -22.67 84.03 -21.85
C PRO FA 311 -21.71 82.85 -21.84
N LYS FA 312 -22.27 81.65 -21.68
CA LYS FA 312 -21.49 80.43 -21.66
C LYS FA 312 -21.77 79.54 -22.85
N ARG FA 313 -23.04 79.25 -23.10
CA ARG FA 313 -23.44 78.37 -24.20
C ARG FA 313 -24.82 78.80 -24.65
N LEU FA 314 -25.16 78.44 -25.88
CA LEU FA 314 -26.50 78.66 -26.37
C LEU FA 314 -26.98 77.45 -27.15
N SER FA 315 -28.28 77.24 -27.12
CA SER FA 315 -28.95 76.28 -27.97
C SER FA 315 -30.05 77.00 -28.72
N PHE FA 316 -30.20 76.67 -29.98
CA PHE FA 316 -31.13 77.34 -30.88
C PHE FA 316 -32.01 76.29 -31.52
N LYS FA 317 -33.30 76.59 -31.64
CA LYS FA 317 -34.24 75.64 -32.21
C LYS FA 317 -35.20 76.34 -33.16
N LEU FA 318 -35.44 75.72 -34.30
CA LEU FA 318 -36.50 76.08 -35.21
C LEU FA 318 -37.47 74.92 -35.30
N PHE FA 319 -38.76 75.19 -35.15
CA PHE FA 319 -39.72 74.10 -35.08
C PHE FA 319 -41.11 74.64 -35.40
N ASN FA 320 -42.05 73.72 -35.55
CA ASN FA 320 -43.43 74.03 -35.91
C ASN FA 320 -43.47 74.91 -37.15
N ILE FA 321 -42.70 74.51 -38.14
CA ILE FA 321 -42.61 75.28 -39.38
C ILE FA 321 -43.87 75.07 -40.19
N GLN FA 322 -44.44 76.18 -40.68
CA GLN FA 322 -45.58 76.14 -41.57
C GLN FA 322 -45.24 76.99 -42.79
N VAL FA 323 -45.23 76.36 -43.95
CA VAL FA 323 -45.04 77.08 -45.20
C VAL FA 323 -46.39 77.26 -45.84
N LYS FA 324 -46.73 78.51 -46.15
CA LYS FA 324 -48.06 78.84 -46.60
C LYS FA 324 -48.02 79.45 -47.98
N GLU FA 325 -48.97 79.05 -48.81
CA GLU FA 325 -49.12 79.55 -50.17
C GLU FA 325 -50.24 80.59 -50.19
N VAL FA 326 -49.98 81.74 -50.79
CA VAL FA 326 -50.97 82.80 -50.93
C VAL FA 326 -51.24 83.03 -52.41
N THR FA 327 -52.51 83.01 -52.79
CA THR FA 327 -52.91 83.18 -54.18
C THR FA 327 -53.68 84.47 -54.38
N LYS FA 333 -57.71 87.21 -52.00
CA LYS FA 333 -56.51 86.57 -51.47
C LYS FA 333 -56.86 85.44 -50.52
N THR FA 334 -56.34 84.24 -50.82
CA THR FA 334 -56.49 83.08 -49.96
C THR FA 334 -55.12 82.56 -49.57
N ILE FA 335 -54.98 82.16 -48.32
CA ILE FA 335 -53.75 81.59 -47.80
C ILE FA 335 -54.02 80.13 -47.46
N ALA FA 336 -53.19 79.25 -48.01
CA ALA FA 336 -53.33 77.82 -47.80
C ALA FA 336 -52.00 77.23 -47.40
N ASN FA 337 -52.06 76.12 -46.67
CA ASN FA 337 -50.86 75.38 -46.33
C ASN FA 337 -50.27 74.74 -47.58
N ASN FA 338 -48.94 74.83 -47.67
CA ASN FA 338 -48.19 74.10 -48.74
C ASN FA 338 -47.41 73.05 -47.96
N LEU FA 339 -48.00 71.87 -47.75
CA LEU FA 339 -47.42 70.86 -46.87
C LEU FA 339 -46.10 70.32 -47.37
N THR FA 340 -45.88 70.35 -48.69
CA THR FA 340 -44.67 69.79 -49.27
C THR FA 340 -43.58 70.82 -49.51
N SER FA 341 -43.83 72.08 -49.17
CA SER FA 341 -42.82 73.11 -49.35
C SER FA 341 -41.79 73.05 -48.22
N THR FA 342 -40.59 73.54 -48.51
CA THR FA 342 -39.50 73.51 -47.56
C THR FA 342 -38.99 74.91 -47.27
N ILE FA 343 -38.34 75.04 -46.13
CA ILE FA 343 -37.46 76.15 -45.84
C ILE FA 343 -36.05 75.60 -45.74
N GLN FA 344 -35.07 76.45 -46.04
CA GLN FA 344 -33.67 76.09 -45.92
C GLN FA 344 -33.06 76.86 -44.78
N VAL FA 345 -32.39 76.14 -43.87
CA VAL FA 345 -31.74 76.74 -42.71
C VAL FA 345 -30.33 76.23 -42.65
N PHE FA 346 -29.37 77.13 -42.44
CA PHE FA 346 -28.01 76.72 -42.13
C PHE FA 346 -27.38 77.77 -41.25
N THR FA 347 -26.41 77.33 -40.46
CA THR FA 347 -25.60 78.24 -39.66
C THR FA 347 -24.24 78.41 -40.32
N ASP FA 348 -23.79 79.65 -40.40
CA ASP FA 348 -22.43 79.95 -40.89
C ASP FA 348 -21.44 79.65 -39.76
N SER FA 349 -21.27 78.35 -39.51
CA SER FA 349 -20.47 77.91 -38.36
C SER FA 349 -18.99 78.15 -38.57
N GLU FA 350 -18.54 78.21 -39.82
CA GLU FA 350 -17.15 78.52 -40.13
C GLU FA 350 -16.91 80.01 -40.33
N TYR FA 351 -17.95 80.84 -40.16
CA TYR FA 351 -17.82 82.28 -40.30
C TYR FA 351 -17.28 82.66 -41.68
N GLN FA 352 -17.78 81.97 -42.70
CA GLN FA 352 -17.38 82.22 -44.08
C GLN FA 352 -18.22 83.29 -44.75
N LEU FA 353 -19.28 83.68 -44.17
CA LEU FA 353 -20.10 84.75 -44.71
C LEU FA 353 -19.79 86.07 -44.01
N PRO FA 354 -20.02 87.19 -44.66
CA PRO FA 354 -19.94 88.47 -43.97
C PRO FA 354 -20.85 88.48 -42.76
N TYR FA 355 -20.29 88.80 -41.61
CA TYR FA 355 -21.01 88.75 -40.34
C TYR FA 355 -21.72 90.09 -40.13
N VAL FA 356 -23.03 90.09 -40.33
CA VAL FA 356 -23.80 91.33 -40.21
C VAL FA 356 -24.49 91.47 -38.86
N LEU FA 357 -24.46 90.43 -38.02
CA LEU FA 357 -24.84 90.61 -36.64
C LEU FA 357 -23.81 91.48 -35.94
N GLY FA 358 -24.21 92.05 -34.81
CA GLY FA 358 -23.31 92.97 -34.14
C GLY FA 358 -23.19 94.32 -34.82
N SER FA 359 -24.18 94.71 -35.60
CA SER FA 359 -24.27 96.07 -36.12
C SER FA 359 -25.50 96.79 -35.59
N ALA FA 360 -26.07 96.28 -34.49
CA ALA FA 360 -27.22 96.89 -33.82
C ALA FA 360 -28.40 97.07 -34.77
N HIS FA 361 -28.66 96.07 -35.58
CA HIS FA 361 -29.74 96.14 -36.56
C HIS FA 361 -31.05 95.70 -35.96
N GLN FA 362 -32.14 96.22 -36.52
CA GLN FA 362 -33.46 95.75 -36.18
C GLN FA 362 -33.65 94.33 -36.70
N GLY FA 363 -34.73 93.69 -36.26
CA GLY FA 363 -35.04 92.34 -36.66
C GLY FA 363 -34.67 91.28 -35.65
N CYS FA 364 -34.19 91.66 -34.48
CA CYS FA 364 -33.95 90.69 -33.43
C CYS FA 364 -35.27 90.15 -32.90
N LEU FA 365 -35.17 89.09 -32.11
CA LEU FA 365 -36.35 88.57 -31.44
C LEU FA 365 -36.97 89.68 -30.59
N PRO FA 366 -38.30 89.85 -30.63
CA PRO FA 366 -38.91 90.94 -29.89
C PRO FA 366 -38.74 90.74 -28.40
N PRO FA 367 -38.65 91.82 -27.62
CA PRO FA 367 -38.56 91.66 -26.16
C PRO FA 367 -39.77 90.96 -25.56
N PHE FA 368 -40.97 91.19 -26.10
CA PHE FA 368 -42.17 90.61 -25.54
C PHE FA 368 -42.43 89.24 -26.16
N PRO FA 369 -42.53 88.18 -25.36
CA PRO FA 369 -42.67 86.84 -25.94
C PRO FA 369 -43.90 86.65 -26.80
N ALA FA 370 -45.00 87.36 -26.51
CA ALA FA 370 -46.21 87.22 -27.30
C ALA FA 370 -46.09 87.88 -28.67
N ASP FA 371 -45.00 88.59 -28.93
CA ASP FA 371 -44.88 89.36 -30.15
C ASP FA 371 -44.40 88.50 -31.30
N VAL FA 372 -45.11 88.55 -32.42
CA VAL FA 372 -44.73 87.85 -33.63
C VAL FA 372 -43.89 88.79 -34.49
N PHE FA 373 -42.73 88.33 -34.92
CA PHE FA 373 -41.79 89.20 -35.61
C PHE FA 373 -41.46 88.67 -37.00
N MET FA 374 -41.12 89.62 -37.87
CA MET FA 374 -40.69 89.34 -39.22
C MET FA 374 -39.17 89.14 -39.25
N ILE FA 375 -38.74 88.12 -39.97
CA ILE FA 375 -37.31 87.80 -40.05
C ILE FA 375 -36.64 88.81 -40.97
N PRO FA 376 -35.56 89.46 -40.55
CA PRO FA 376 -34.90 90.44 -41.42
C PRO FA 376 -34.20 89.79 -42.60
N GLN FA 377 -34.10 90.55 -43.68
CA GLN FA 377 -33.44 90.05 -44.88
C GLN FA 377 -31.93 90.17 -44.76
N TYR FA 378 -31.24 89.11 -45.16
CA TYR FA 378 -29.78 89.12 -45.10
C TYR FA 378 -29.21 89.84 -46.30
N GLY FA 379 -28.35 90.81 -46.02
CA GLY FA 379 -27.55 91.43 -47.05
C GLY FA 379 -26.18 91.72 -46.48
N TYR FA 380 -25.23 92.00 -47.37
CA TYR FA 380 -23.88 92.27 -46.92
C TYR FA 380 -23.24 93.28 -47.84
N LEU FA 381 -22.16 93.87 -47.34
CA LEU FA 381 -21.38 94.83 -48.10
C LEU FA 381 -19.99 94.28 -48.35
N THR FA 382 -19.43 94.64 -49.49
CA THR FA 382 -18.06 94.28 -49.79
C THR FA 382 -17.32 95.55 -50.17
N LEU FA 383 -16.11 95.42 -50.70
CA LEU FA 383 -15.33 96.60 -51.02
C LEU FA 383 -16.00 97.40 -52.13
N ASN FA 384 -16.00 98.71 -51.98
CA ASN FA 384 -16.59 99.60 -52.96
C ASN FA 384 -15.65 100.76 -53.24
N ASN FA 385 -15.77 101.29 -54.46
CA ASN FA 385 -15.14 102.54 -54.87
C ASN FA 385 -16.28 103.39 -55.41
N GLY FA 386 -16.86 104.21 -54.54
CA GLY FA 386 -18.12 104.85 -54.90
C GLY FA 386 -19.21 103.80 -54.94
N SER FA 387 -19.97 103.78 -56.03
CA SER FA 387 -20.98 102.77 -56.25
C SER FA 387 -20.45 101.55 -56.99
N GLN FA 388 -19.17 101.55 -57.36
CA GLN FA 388 -18.58 100.47 -58.13
C GLN FA 388 -17.91 99.47 -57.20
N ALA FA 389 -17.87 98.22 -57.64
CA ALA FA 389 -17.08 97.22 -56.97
C ALA FA 389 -15.64 97.29 -57.47
N VAL FA 390 -14.73 96.73 -56.68
CA VAL FA 390 -13.35 96.56 -57.08
C VAL FA 390 -13.09 95.08 -57.28
N GLY FA 391 -11.92 94.75 -57.82
CA GLY FA 391 -11.57 93.37 -58.05
C GLY FA 391 -11.55 92.52 -56.80
N ARG FA 392 -11.31 93.15 -55.64
CA ARG FA 392 -11.30 92.43 -54.39
C ARG FA 392 -12.67 92.25 -53.78
N SER FA 393 -13.71 92.84 -54.38
CA SER FA 393 -15.06 92.67 -53.87
C SER FA 393 -15.48 91.21 -53.97
N SER FA 394 -16.08 90.71 -52.90
CA SER FA 394 -16.48 89.32 -52.81
C SER FA 394 -17.98 89.20 -52.99
N PHE FA 395 -18.40 88.26 -53.83
CA PHE FA 395 -19.79 87.88 -53.97
C PHE FA 395 -19.98 86.52 -53.31
N TYR FA 396 -21.00 86.42 -52.47
CA TYR FA 396 -21.31 85.18 -51.77
C TYR FA 396 -22.69 84.69 -52.18
N CYS FA 397 -22.75 83.44 -52.62
CA CYS FA 397 -24.02 82.77 -52.85
C CYS FA 397 -24.30 81.90 -51.62
N LEU FA 398 -25.39 82.20 -50.93
CA LEU FA 398 -25.70 81.44 -49.73
C LEU FA 398 -26.24 80.06 -50.07
N GLU FA 399 -26.72 79.85 -51.30
CA GLU FA 399 -27.05 78.50 -51.74
C GLU FA 399 -25.81 77.63 -51.90
N TYR FA 400 -24.63 78.25 -51.98
CA TYR FA 400 -23.38 77.51 -52.06
C TYR FA 400 -22.96 76.92 -50.72
N PHE FA 401 -23.83 76.96 -49.73
CA PHE FA 401 -23.60 76.35 -48.44
C PHE FA 401 -24.49 75.14 -48.26
N PRO FA 402 -24.06 74.14 -47.49
CA PRO FA 402 -24.97 73.06 -47.12
C PRO FA 402 -26.05 73.60 -46.19
N SER FA 403 -27.30 73.39 -46.57
CA SER FA 403 -28.43 73.84 -45.78
C SER FA 403 -29.34 72.65 -45.49
N GLN FA 404 -29.90 72.63 -44.28
CA GLN FA 404 -30.93 71.67 -43.97
C GLN FA 404 -32.25 72.17 -44.55
N MET FA 405 -32.93 71.33 -45.31
CA MET FA 405 -34.25 71.68 -45.83
C MET FA 405 -35.30 71.05 -44.94
N LEU FA 406 -36.30 71.84 -44.58
CA LEU FA 406 -37.27 71.46 -43.56
C LEU FA 406 -38.67 71.55 -44.16
N ARG FA 407 -39.42 70.47 -44.10
CA ARG FA 407 -40.83 70.52 -44.35
C ARG FA 407 -41.56 70.82 -43.04
N THR FA 408 -42.89 70.84 -43.09
CA THR FA 408 -43.66 71.27 -41.93
C THR FA 408 -43.44 70.37 -40.72
N GLY FA 409 -43.07 69.12 -40.93
CA GLY FA 409 -42.81 68.21 -39.83
C GLY FA 409 -41.40 68.22 -39.29
N ASN FA 410 -40.50 68.96 -39.92
CA ASN FA 410 -39.10 68.95 -39.53
C ASN FA 410 -38.80 70.07 -38.56
N ASN FA 411 -37.72 69.91 -37.81
CA ASN FA 411 -37.21 70.95 -36.95
C ASN FA 411 -35.70 71.06 -37.12
N PHE FA 412 -35.19 72.23 -36.76
CA PHE FA 412 -33.77 72.53 -36.86
C PHE FA 412 -33.26 72.93 -35.48
N GLN FA 413 -32.06 72.47 -35.14
CA GLN FA 413 -31.48 72.88 -33.88
C GLN FA 413 -29.97 72.79 -33.96
N PHE FA 414 -29.30 73.65 -33.20
CA PHE FA 414 -27.87 73.56 -33.04
C PHE FA 414 -27.50 74.15 -31.69
N THR FA 415 -26.33 73.77 -31.20
CA THR FA 415 -25.79 74.28 -29.96
C THR FA 415 -24.48 74.99 -30.24
N TYR FA 416 -24.19 75.99 -29.41
CA TYR FA 416 -22.98 76.78 -29.56
C TYR FA 416 -22.41 77.06 -28.19
N THR FA 417 -21.10 77.01 -28.07
CA THR FA 417 -20.40 77.32 -26.84
C THR FA 417 -19.65 78.62 -27.00
N PHE FA 418 -19.91 79.58 -26.12
CA PHE FA 418 -19.17 80.83 -26.14
C PHE FA 418 -17.73 80.59 -25.72
N GLU FA 419 -16.82 81.30 -26.36
CA GLU FA 419 -15.43 81.27 -25.92
C GLU FA 419 -15.30 81.93 -24.56
N ASP FA 420 -14.17 81.69 -23.90
CA ASP FA 420 -13.92 82.33 -22.62
C ASP FA 420 -13.82 83.83 -22.81
N VAL FA 421 -14.83 84.56 -22.37
CA VAL FA 421 -14.90 86.01 -22.54
C VAL FA 421 -14.85 86.61 -21.14
N PRO FA 422 -14.30 87.79 -20.95
CA PRO FA 422 -14.33 88.40 -19.61
C PRO FA 422 -15.75 88.71 -19.18
N PHE FA 423 -15.98 88.64 -17.88
CA PHE FA 423 -17.25 89.06 -17.32
C PHE FA 423 -17.50 90.53 -17.64
N HIS FA 424 -18.72 90.85 -18.04
CA HIS FA 424 -19.08 92.25 -18.15
C HIS FA 424 -19.11 92.88 -16.77
N SER FA 425 -18.56 94.09 -16.66
CA SER FA 425 -18.53 94.79 -15.37
C SER FA 425 -19.92 95.29 -15.05
N SER FA 426 -20.68 94.50 -14.32
CA SER FA 426 -22.02 94.88 -13.90
C SER FA 426 -21.97 95.63 -12.57
N TYR FA 427 -21.11 96.63 -12.50
CA TYR FA 427 -20.87 97.37 -11.27
C TYR FA 427 -20.33 98.74 -11.63
N ALA FA 428 -20.51 99.69 -10.74
CA ALA FA 428 -19.86 100.98 -10.82
C ALA FA 428 -18.85 101.08 -9.69
N HIS FA 429 -17.74 101.75 -9.95
CA HIS FA 429 -16.70 101.89 -8.94
C HIS FA 429 -17.14 102.87 -7.86
N SER FA 430 -16.98 102.48 -6.61
CA SER FA 430 -17.27 103.36 -5.48
C SER FA 430 -16.07 104.19 -5.08
N GLN FA 431 -14.98 104.10 -5.84
CA GLN FA 431 -13.81 104.94 -5.64
C GLN FA 431 -13.43 105.57 -6.97
N SER FA 432 -12.87 106.76 -6.90
CA SER FA 432 -12.34 107.41 -8.09
C SER FA 432 -10.86 107.10 -8.23
N LEU FA 433 -10.38 107.12 -9.48
CA LEU FA 433 -8.99 106.76 -9.73
C LEU FA 433 -8.02 107.74 -9.08
N ASP FA 434 -8.41 109.01 -8.97
CA ASP FA 434 -7.56 110.01 -8.36
C ASP FA 434 -7.78 110.11 -6.85
N ARG FA 435 -8.56 109.21 -6.27
CA ARG FA 435 -8.86 109.22 -4.85
C ARG FA 435 -8.66 107.84 -4.25
N LEU FA 436 -7.59 107.16 -4.64
CA LEU FA 436 -7.28 105.83 -4.14
C LEU FA 436 -6.37 105.84 -2.92
N MET FA 437 -5.96 107.02 -2.47
CA MET FA 437 -4.99 107.17 -1.41
C MET FA 437 -5.65 107.29 -0.04
N ASN FA 438 -4.86 107.06 0.98
CA ASN FA 438 -5.29 107.28 2.35
C ASN FA 438 -5.42 108.77 2.61
N PRO FA 439 -6.61 109.26 2.99
CA PRO FA 439 -6.80 110.70 3.19
C PRO FA 439 -6.27 111.23 4.51
N LEU FA 440 -5.56 110.42 5.29
CA LEU FA 440 -5.04 110.86 6.58
C LEU FA 440 -3.53 110.96 6.63
N ILE FA 441 -2.83 110.33 5.69
CA ILE FA 441 -1.38 110.19 5.74
C ILE FA 441 -0.77 110.95 4.58
N ASP FA 442 0.30 111.67 4.86
CA ASP FA 442 1.07 112.31 3.80
C ASP FA 442 1.82 111.28 2.99
N GLN FA 443 2.18 111.65 1.77
CA GLN FA 443 3.09 110.85 0.98
C GLN FA 443 4.53 111.13 1.40
N TYR FA 444 5.37 110.12 1.27
CA TYR FA 444 6.80 110.36 1.45
C TYR FA 444 7.45 110.92 0.19
N LEU FA 445 6.74 110.87 -0.94
CA LEU FA 445 7.23 111.48 -2.17
C LEU FA 445 6.95 112.97 -2.17
N TYR FA 446 7.84 113.73 -2.80
CA TYR FA 446 7.68 115.16 -2.94
C TYR FA 446 7.28 115.51 -4.36
N TYR FA 447 6.62 116.64 -4.50
CA TYR FA 447 6.31 117.21 -5.80
C TYR FA 447 6.80 118.64 -5.82
N LEU FA 448 7.14 119.12 -7.02
CA LEU FA 448 7.50 120.52 -7.19
C LEU FA 448 6.30 121.39 -6.88
N SER FA 449 6.33 122.10 -5.75
CA SER FA 449 5.19 122.87 -5.30
C SER FA 449 5.27 124.34 -5.65
N ARG FA 450 6.48 124.90 -5.78
CA ARG FA 450 6.62 126.29 -6.19
C ARG FA 450 7.89 126.45 -7.01
N THR FA 451 7.83 127.34 -7.99
CA THR FA 451 8.99 127.71 -8.79
C THR FA 451 9.39 129.16 -8.60
N GLN FA 452 8.69 129.90 -7.75
CA GLN FA 452 8.95 131.31 -7.54
C GLN FA 452 8.79 131.63 -6.07
N THR FA 453 9.68 132.47 -5.54
CA THR FA 453 9.65 132.84 -4.13
C THR FA 453 8.40 133.65 -3.78
N ASN FA 459 9.65 138.88 -6.74
CA ASN FA 459 9.94 137.48 -6.47
C ASN FA 459 10.88 136.91 -7.52
N THR FA 460 11.69 135.94 -7.11
CA THR FA 460 12.71 135.35 -7.96
C THR FA 460 12.45 133.86 -8.13
N GLN FA 461 13.19 133.25 -9.04
CA GLN FA 461 13.06 131.82 -9.26
C GLN FA 461 13.58 131.04 -8.06
N THR FA 462 12.92 129.92 -7.79
CA THR FA 462 13.31 129.01 -6.73
C THR FA 462 12.74 127.63 -7.05
N LEU FA 463 13.09 126.66 -6.23
CA LEU FA 463 12.53 125.31 -6.33
C LEU FA 463 12.06 124.92 -4.94
N GLY FA 464 10.74 124.93 -4.74
CA GLY FA 464 10.14 124.49 -3.50
C GLY FA 464 9.41 123.17 -3.73
N PHE FA 465 9.63 122.24 -2.82
CA PHE FA 465 9.06 120.90 -2.92
C PHE FA 465 8.23 120.62 -1.69
N SER FA 466 7.05 120.04 -1.89
CA SER FA 466 6.16 119.70 -0.81
C SER FA 466 5.76 118.25 -0.92
N GLN FA 467 5.35 117.68 0.20
CA GLN FA 467 4.85 116.32 0.22
C GLN FA 467 3.35 116.33 -0.02
N GLY FA 468 2.90 115.51 -0.96
CA GLY FA 468 1.48 115.35 -1.20
C GLY FA 468 0.77 114.84 0.03
N GLY FA 469 -0.34 115.46 0.38
CA GLY FA 469 -1.06 115.08 1.56
C GLY FA 469 -2.55 115.15 1.38
N PRO FA 470 -3.29 115.10 2.48
CA PRO FA 470 -4.77 115.11 2.39
C PRO FA 470 -5.32 116.36 1.72
N ASN FA 471 -4.63 117.48 1.81
CA ASN FA 471 -5.12 118.72 1.24
C ASN FA 471 -4.65 118.95 -0.18
N THR FA 472 -3.43 118.56 -0.51
CA THR FA 472 -2.90 118.67 -1.87
C THR FA 472 -3.06 117.35 -2.61
N MET FA 473 -4.31 116.90 -2.68
CA MET FA 473 -4.59 115.57 -3.19
C MET FA 473 -4.45 115.52 -4.71
N ALA FA 474 -4.64 116.65 -5.39
CA ALA FA 474 -4.41 116.71 -6.82
C ALA FA 474 -2.93 116.62 -7.17
N ASN FA 475 -2.04 116.97 -6.25
CA ASN FA 475 -0.61 116.94 -6.50
C ASN FA 475 0.04 115.62 -6.15
N GLN FA 476 -0.67 114.72 -5.50
CA GLN FA 476 -0.06 113.48 -5.01
C GLN FA 476 0.42 112.62 -6.16
N ALA FA 477 1.54 111.92 -5.92
CA ALA FA 477 2.00 110.91 -6.85
C ALA FA 477 0.98 109.78 -6.91
N LYS FA 478 0.70 109.33 -8.13
CA LYS FA 478 -0.31 108.30 -8.35
C LYS FA 478 0.22 107.26 -9.31
N ASN FA 479 -0.34 106.06 -9.22
CA ASN FA 479 0.14 104.92 -9.98
C ASN FA 479 -0.57 104.72 -11.30
N TRP FA 480 -1.72 105.36 -11.51
CA TRP FA 480 -2.57 105.01 -12.64
C TRP FA 480 -3.09 106.26 -13.31
N LEU FA 481 -3.49 106.09 -14.57
CA LEU FA 481 -4.04 107.16 -15.39
C LEU FA 481 -5.43 106.79 -15.86
N PRO FA 482 -6.30 107.77 -16.09
CA PRO FA 482 -7.62 107.48 -16.63
C PRO FA 482 -7.51 106.92 -18.04
N GLY FA 483 -8.53 106.16 -18.42
CA GLY FA 483 -8.57 105.52 -19.71
C GLY FA 483 -8.44 106.48 -20.86
N PRO FA 484 -8.35 105.94 -22.07
CA PRO FA 484 -8.09 106.79 -23.24
C PRO FA 484 -9.27 107.67 -23.58
N CYS FA 485 -8.98 108.75 -24.30
CA CYS FA 485 -9.96 109.78 -24.62
C CYS FA 485 -9.99 110.02 -26.13
N TYR FA 486 -11.19 110.21 -26.66
CA TYR FA 486 -11.40 110.64 -28.05
C TYR FA 486 -12.54 111.65 -28.00
N ARG FA 487 -12.19 112.91 -27.80
CA ARG FA 487 -13.14 113.90 -27.31
C ARG FA 487 -14.32 114.08 -28.26
N GLN FA 488 -15.51 114.13 -27.69
CA GLN FA 488 -16.74 114.35 -28.41
C GLN FA 488 -17.30 115.73 -28.09
N GLN FA 489 -18.06 116.28 -29.03
CA GLN FA 489 -18.72 117.56 -28.80
C GLN FA 489 -19.84 117.40 -27.78
N ARG FA 490 -20.00 118.39 -26.92
CA ARG FA 490 -21.01 118.35 -25.88
C ARG FA 490 -22.31 118.93 -26.40
N VAL FA 491 -23.41 118.22 -26.16
CA VAL FA 491 -24.74 118.65 -26.54
C VAL FA 491 -25.60 118.67 -25.28
N SER FA 492 -26.36 119.74 -25.10
CA SER FA 492 -27.25 119.87 -23.96
C SER FA 492 -28.66 119.44 -24.36
N THR FA 493 -29.30 118.64 -23.51
CA THR FA 493 -30.71 118.32 -23.73
C THR FA 493 -31.59 119.54 -23.56
N THR FA 494 -31.12 120.56 -22.84
CA THR FA 494 -31.75 121.88 -22.84
C THR FA 494 -31.29 122.60 -24.10
N THR FA 495 -32.13 122.60 -25.13
CA THR FA 495 -31.69 123.02 -26.45
C THR FA 495 -31.25 124.47 -26.47
N GLY FA 496 -31.82 125.31 -25.61
CA GLY FA 496 -31.42 126.70 -25.57
C GLY FA 496 -29.96 126.91 -25.21
N GLN FA 497 -29.35 125.94 -24.55
CA GLN FA 497 -27.93 126.03 -24.21
C GLN FA 497 -27.03 125.57 -25.35
N ASN FA 498 -27.59 125.06 -26.43
CA ASN FA 498 -26.79 124.60 -27.57
C ASN FA 498 -26.57 125.74 -28.56
N ASN FA 499 -25.51 125.62 -29.34
CA ASN FA 499 -25.25 126.57 -30.41
C ASN FA 499 -26.36 126.49 -31.45
N ASN FA 500 -26.80 127.65 -31.94
CA ASN FA 500 -27.86 127.72 -32.94
C ASN FA 500 -27.27 127.43 -34.31
N SER FA 501 -26.97 126.15 -34.53
CA SER FA 501 -26.46 125.67 -35.81
C SER FA 501 -26.71 124.19 -35.88
N ASN FA 502 -26.63 123.65 -37.10
CA ASN FA 502 -26.78 122.22 -37.34
C ASN FA 502 -25.38 121.62 -37.37
N PHE FA 503 -24.94 121.14 -36.21
CA PHE FA 503 -23.57 120.66 -36.06
C PHE FA 503 -23.48 119.18 -35.70
N ALA FA 504 -24.57 118.43 -35.87
CA ALA FA 504 -24.54 117.01 -35.51
C ALA FA 504 -23.50 116.27 -36.32
N TRP FA 505 -23.38 116.58 -37.61
CA TRP FA 505 -22.38 115.96 -38.47
C TRP FA 505 -21.10 116.78 -38.57
N THR FA 506 -21.22 118.10 -38.77
CA THR FA 506 -20.04 118.93 -38.96
C THR FA 506 -19.15 118.93 -37.72
N ALA FA 507 -19.75 119.00 -36.54
CA ALA FA 507 -19.00 118.92 -35.29
C ALA FA 507 -18.94 117.51 -34.74
N GLY FA 508 -19.44 116.53 -35.48
CA GLY FA 508 -19.41 115.16 -35.00
C GLY FA 508 -17.98 114.64 -34.87
N THR FA 509 -17.79 113.78 -33.88
CA THR FA 509 -16.50 113.14 -33.68
C THR FA 509 -16.39 111.94 -34.61
N LYS FA 510 -15.42 111.96 -35.50
CA LYS FA 510 -15.37 111.04 -36.62
C LYS FA 510 -14.02 110.37 -36.70
N TYR FA 511 -14.00 109.23 -37.38
CA TYR FA 511 -12.77 108.63 -37.84
C TYR FA 511 -12.75 108.63 -39.37
N HIS FA 512 -11.55 108.57 -39.92
CA HIS FA 512 -11.33 108.65 -41.35
C HIS FA 512 -10.77 107.32 -41.83
N LEU FA 513 -11.45 106.71 -42.81
CA LEU FA 513 -11.04 105.42 -43.33
C LEU FA 513 -11.23 105.42 -44.83
N ASN FA 514 -10.13 105.27 -45.56
CA ASN FA 514 -10.15 105.20 -47.03
C ASN FA 514 -10.91 106.38 -47.63
N GLY FA 515 -10.58 107.58 -47.18
CA GLY FA 515 -11.22 108.77 -47.67
C GLY FA 515 -12.68 108.91 -47.31
N ARG FA 516 -13.19 108.08 -46.40
CA ARG FA 516 -14.57 108.11 -45.99
C ARG FA 516 -14.63 108.51 -44.52
N ASN FA 517 -15.51 109.44 -44.19
CA ASN FA 517 -15.69 109.88 -42.82
C ASN FA 517 -16.88 109.14 -42.21
N SER FA 518 -16.67 108.56 -41.05
CA SER FA 518 -17.71 107.88 -40.30
C SER FA 518 -17.67 108.38 -38.88
N LEU FA 519 -18.85 108.56 -38.29
CA LEU FA 519 -18.92 108.96 -36.89
C LEU FA 519 -18.27 107.91 -36.01
N ALA FA 520 -17.49 108.36 -35.03
CA ALA FA 520 -16.99 107.49 -33.97
C ALA FA 520 -18.13 107.31 -32.98
N ASN FA 521 -19.09 106.49 -33.37
CA ASN FA 521 -20.39 106.40 -32.70
C ASN FA 521 -20.63 104.97 -32.24
N PRO FA 522 -20.73 104.71 -30.93
CA PRO FA 522 -20.61 105.72 -29.88
C PRO FA 522 -19.17 106.00 -29.48
N GLY FA 523 -18.22 105.39 -30.16
CA GLY FA 523 -16.83 105.58 -29.85
C GLY FA 523 -16.40 104.84 -28.61
N ILE FA 524 -15.20 105.20 -28.12
CA ILE FA 524 -14.64 104.53 -26.96
C ILE FA 524 -15.45 104.86 -25.71
N ALA FA 525 -15.40 103.97 -24.74
CA ALA FA 525 -16.15 104.13 -23.50
C ALA FA 525 -15.61 105.31 -22.72
N MET FA 526 -16.37 106.38 -22.66
CA MET FA 526 -16.04 107.53 -21.83
C MET FA 526 -17.28 107.93 -21.05
N ALA FA 527 -17.06 108.56 -19.91
CA ALA FA 527 -18.16 109.04 -19.10
C ALA FA 527 -18.99 110.05 -19.88
N THR FA 528 -20.31 109.87 -19.84
CA THR FA 528 -21.20 110.74 -20.62
C THR FA 528 -21.07 112.19 -20.18
N HIS FA 529 -20.96 112.43 -18.88
CA HIS FA 529 -20.89 113.77 -18.34
C HIS FA 529 -20.21 113.68 -16.98
N LYS FA 530 -19.80 114.83 -16.47
CA LYS FA 530 -19.22 114.88 -15.14
C LYS FA 530 -20.33 115.15 -14.12
N ASP FA 531 -19.94 115.42 -12.87
CA ASP FA 531 -20.91 115.62 -11.81
C ASP FA 531 -21.84 116.80 -12.11
N ASP FA 532 -23.13 116.59 -11.85
CA ASP FA 532 -24.15 117.63 -11.95
C ASP FA 532 -24.29 118.18 -13.36
N GLU FA 533 -24.04 117.35 -14.37
CA GLU FA 533 -24.16 117.76 -15.76
C GLU FA 533 -24.91 116.71 -16.55
N GLU FA 534 -25.98 116.17 -15.97
CA GLU FA 534 -26.75 115.10 -16.63
C GLU FA 534 -27.36 115.56 -17.93
N ARG FA 535 -27.63 116.87 -18.07
CA ARG FA 535 -28.22 117.39 -19.29
C ARG FA 535 -27.28 117.33 -20.48
N PHE FA 536 -25.98 117.13 -20.25
CA PHE FA 536 -25.00 117.11 -21.32
C PHE FA 536 -24.71 115.67 -21.75
N PHE FA 537 -24.55 115.48 -23.06
CA PHE FA 537 -24.15 114.20 -23.59
C PHE FA 537 -23.23 114.42 -24.78
N PRO FA 538 -22.30 113.50 -25.02
CA PRO FA 538 -21.51 113.57 -26.26
C PRO FA 538 -22.40 113.41 -27.47
N SER FA 539 -22.10 114.17 -28.53
CA SER FA 539 -23.01 114.27 -29.66
C SER FA 539 -23.24 112.91 -30.32
N ASN FA 540 -22.19 112.11 -30.47
CA ASN FA 540 -22.33 110.75 -30.97
C ASN FA 540 -21.51 109.80 -30.10
N GLY FA 541 -21.65 109.94 -28.79
CA GLY FA 541 -20.85 109.15 -27.87
C GLY FA 541 -21.65 108.32 -26.89
N ILE FA 542 -22.94 108.17 -27.12
CA ILE FA 542 -23.81 107.37 -26.27
C ILE FA 542 -24.73 106.53 -27.13
N LEU FA 543 -25.20 105.42 -26.56
CA LEU FA 543 -26.26 104.66 -27.18
C LEU FA 543 -27.58 105.38 -26.97
N ILE FA 544 -28.34 105.56 -28.04
CA ILE FA 544 -29.64 106.21 -27.98
C ILE FA 544 -30.67 105.22 -28.47
N PHE FA 545 -31.56 104.81 -27.58
CA PHE FA 545 -32.65 103.93 -27.93
C PHE FA 545 -33.92 104.73 -28.16
N GLY FA 546 -34.75 104.26 -29.08
CA GLY FA 546 -36.01 104.91 -29.35
C GLY FA 546 -37.10 104.36 -28.45
N LYS FA 547 -37.97 105.26 -28.00
CA LYS FA 547 -39.17 104.82 -27.33
C LYS FA 547 -40.09 104.14 -28.33
N GLN FA 548 -41.11 103.45 -27.82
CA GLN FA 548 -42.04 102.77 -28.70
C GLN FA 548 -42.72 103.77 -29.63
N ASN FA 549 -42.79 103.42 -30.91
CA ASN FA 549 -43.40 104.24 -31.95
C ASN FA 549 -42.60 105.53 -32.20
N ALA FA 550 -41.31 105.54 -31.87
CA ALA FA 550 -40.48 106.66 -32.24
C ALA FA 550 -40.24 106.67 -33.74
N ALA FA 551 -40.20 107.86 -34.32
CA ALA FA 551 -39.99 107.99 -35.75
C ALA FA 551 -38.59 107.50 -36.13
N ARG FA 552 -38.50 106.92 -37.33
CA ARG FA 552 -37.21 106.49 -37.83
C ARG FA 552 -36.27 107.67 -38.06
N ASP FA 553 -36.78 108.77 -38.61
CA ASP FA 553 -35.98 109.95 -38.90
C ASP FA 553 -36.49 111.13 -38.10
N ASN FA 554 -35.54 111.89 -37.53
CA ASN FA 554 -35.83 113.14 -36.84
C ASN FA 554 -36.84 112.93 -35.71
N ALA FA 555 -36.62 111.89 -34.91
CA ALA FA 555 -37.38 111.72 -33.69
C ALA FA 555 -37.00 112.80 -32.69
N ASP FA 556 -37.98 113.34 -32.00
CA ASP FA 556 -37.71 114.35 -31.00
C ASP FA 556 -37.01 113.74 -29.80
N TYR FA 557 -36.40 114.60 -28.98
CA TYR FA 557 -35.71 114.12 -27.79
C TYR FA 557 -36.65 113.38 -26.85
N SER FA 558 -37.94 113.76 -26.84
CA SER FA 558 -38.90 113.06 -26.00
C SER FA 558 -39.23 111.67 -26.52
N ASP FA 559 -38.91 111.38 -27.78
CA ASP FA 559 -39.18 110.07 -28.36
C ASP FA 559 -38.01 109.12 -28.27
N VAL FA 560 -36.88 109.55 -27.73
CA VAL FA 560 -35.70 108.70 -27.65
C VAL FA 560 -35.28 108.56 -26.19
N MET FA 561 -34.46 107.56 -25.93
CA MET FA 561 -33.99 107.23 -24.59
C MET FA 561 -32.46 107.32 -24.62
N LEU FA 562 -31.92 108.40 -24.05
CA LEU FA 562 -30.47 108.56 -23.98
C LEU FA 562 -29.92 107.69 -22.86
N THR FA 563 -28.89 106.91 -23.18
CA THR FA 563 -28.16 106.23 -22.13
C THR FA 563 -27.12 107.16 -21.52
N SER FA 564 -26.61 106.77 -20.36
CA SER FA 564 -25.58 107.55 -19.68
C SER FA 564 -24.53 106.62 -19.13
N GLU FA 565 -23.28 106.89 -19.46
CA GLU FA 565 -22.14 106.15 -18.91
C GLU FA 565 -21.47 106.91 -17.78
N GLU FA 566 -22.26 107.62 -16.97
CA GLU FA 566 -21.69 108.39 -15.87
C GLU FA 566 -21.07 107.50 -14.79
N GLU FA 567 -21.41 106.22 -14.76
CA GLU FA 567 -20.84 105.33 -13.75
C GLU FA 567 -19.34 105.16 -13.92
N ILE FA 568 -18.80 105.39 -15.12
CA ILE FA 568 -17.39 105.22 -15.38
C ILE FA 568 -16.63 106.54 -15.25
N LYS FA 569 -17.24 107.56 -14.66
CA LYS FA 569 -16.52 108.79 -14.33
C LYS FA 569 -15.30 108.51 -13.48
N THR FA 570 -15.38 107.47 -12.65
CA THR FA 570 -14.32 107.18 -11.69
C THR FA 570 -13.03 106.75 -12.37
N THR FA 571 -13.13 106.21 -13.55
CA THR FA 571 -11.96 105.68 -14.24
C THR FA 571 -11.79 106.23 -15.65
N ASN FA 572 -12.89 106.46 -16.36
CA ASN FA 572 -12.80 106.95 -17.72
C ASN FA 572 -12.97 108.46 -17.76
N PRO FA 573 -12.24 109.15 -18.62
CA PRO FA 573 -12.45 110.59 -18.77
C PRO FA 573 -13.82 110.90 -19.33
N VAL FA 574 -14.31 112.08 -19.01
CA VAL FA 574 -15.60 112.52 -19.53
C VAL FA 574 -15.50 112.69 -21.04
N ALA FA 575 -16.51 112.19 -21.75
CA ALA FA 575 -16.45 112.14 -23.21
C ALA FA 575 -16.32 113.52 -23.84
N THR FA 576 -16.84 114.55 -23.19
CA THR FA 576 -16.87 115.88 -23.76
C THR FA 576 -15.77 116.77 -23.20
N GLU FA 577 -14.87 116.23 -22.40
CA GLU FA 577 -13.79 117.00 -21.80
C GLU FA 577 -12.46 116.51 -22.34
N GLU FA 578 -11.44 117.35 -22.20
CA GLU FA 578 -10.10 116.96 -22.58
C GLU FA 578 -9.56 115.88 -21.65
N TYR FA 579 -8.65 115.06 -22.18
CA TYR FA 579 -8.02 114.05 -21.34
C TYR FA 579 -7.17 114.69 -20.26
N GLY FA 580 -6.42 115.73 -20.61
CA GLY FA 580 -5.52 116.33 -19.66
C GLY FA 580 -4.73 117.43 -20.32
N ILE FA 581 -3.62 117.78 -19.68
CA ILE FA 581 -2.78 118.90 -20.10
C ILE FA 581 -1.35 118.39 -20.23
N VAL FA 582 -0.69 118.74 -21.32
CA VAL FA 582 0.72 118.42 -21.51
C VAL FA 582 1.46 119.71 -21.83
N ALA FA 583 2.77 119.67 -21.60
CA ALA FA 583 3.62 120.79 -21.97
C ALA FA 583 3.72 120.91 -23.47
N ASP FA 584 3.71 122.14 -23.97
CA ASP FA 584 3.80 122.40 -25.39
C ASP FA 584 5.14 123.00 -25.81
N ASN FA 585 6.01 123.34 -24.87
CA ASN FA 585 7.28 123.98 -25.19
C ASN FA 585 8.27 123.68 -24.07
N LEU FA 586 9.43 124.32 -24.14
CA LEU FA 586 10.43 124.26 -23.09
C LEU FA 586 10.54 125.64 -22.48
N GLN FA 587 10.08 125.77 -21.24
CA GLN FA 587 10.15 127.06 -20.57
C GLN FA 587 11.60 127.43 -20.27
N GLN FA 588 11.91 128.71 -20.45
CA GLN FA 588 13.19 129.29 -20.07
C GLN FA 588 12.92 130.58 -19.30
N GLN FA 589 13.99 131.24 -18.88
CA GLN FA 589 13.82 132.50 -18.18
C GLN FA 589 13.18 133.57 -19.07
N ASN FA 590 13.22 133.38 -20.39
CA ASN FA 590 12.60 134.33 -21.31
C ASN FA 590 11.32 133.82 -21.95
N THR FA 591 11.03 132.51 -21.89
CA THR FA 591 9.83 131.94 -22.49
C THR FA 591 8.99 131.31 -21.40
N ALA FA 592 7.78 131.82 -21.21
CA ALA FA 592 6.87 131.25 -20.23
C ALA FA 592 6.42 129.87 -20.68
N PRO FA 593 6.20 128.95 -19.75
CA PRO FA 593 5.74 127.61 -20.12
C PRO FA 593 4.38 127.67 -20.79
N GLN FA 594 4.21 126.84 -21.83
CA GLN FA 594 2.97 126.73 -22.55
C GLN FA 594 2.41 125.33 -22.38
N ILE FA 595 1.09 125.24 -22.33
CA ILE FA 595 0.42 123.98 -22.10
C ILE FA 595 -0.45 123.64 -23.31
N GLY FA 596 -0.52 122.35 -23.61
CA GLY FA 596 -1.37 121.84 -24.67
C GLY FA 596 -2.50 121.03 -24.09
N THR FA 597 -3.69 121.20 -24.65
CA THR FA 597 -4.88 120.48 -24.22
C THR FA 597 -4.98 119.19 -25.02
N VAL FA 598 -4.98 118.06 -24.32
CA VAL FA 598 -5.03 116.75 -24.95
C VAL FA 598 -6.50 116.39 -25.16
N ASN FA 599 -6.96 116.50 -26.40
CA ASN FA 599 -8.32 116.16 -26.76
C ASN FA 599 -8.45 114.74 -27.29
N SER FA 600 -7.34 114.06 -27.53
CA SER FA 600 -7.35 112.68 -27.97
C SER FA 600 -6.12 112.00 -27.39
N GLN FA 601 -6.32 110.97 -26.60
CA GLN FA 601 -5.23 110.29 -25.93
C GLN FA 601 -5.35 108.80 -26.17
N GLY FA 602 -4.38 108.21 -26.85
CA GLY FA 602 -4.30 106.78 -27.00
C GLY FA 602 -3.77 106.12 -25.75
N ALA FA 603 -3.61 104.81 -25.82
CA ALA FA 603 -3.23 104.03 -24.65
C ALA FA 603 -1.88 104.47 -24.11
N LEU FA 604 -1.83 104.71 -22.81
CA LEU FA 604 -0.61 104.98 -22.09
C LEU FA 604 -0.41 103.91 -21.02
N PRO FA 605 0.83 103.57 -20.69
CA PRO FA 605 1.06 102.61 -19.61
C PRO FA 605 0.51 103.13 -18.30
N GLY FA 606 -0.04 102.23 -17.50
CA GLY FA 606 -0.69 102.60 -16.27
C GLY FA 606 -2.11 103.10 -16.44
N MET FA 607 -2.64 103.11 -17.65
CA MET FA 607 -3.99 103.57 -17.88
C MET FA 607 -4.97 102.44 -17.58
N VAL FA 608 -6.07 102.78 -16.93
CA VAL FA 608 -7.14 101.84 -16.65
C VAL FA 608 -8.45 102.47 -17.09
N TRP FA 609 -9.40 101.62 -17.49
CA TRP FA 609 -10.68 102.13 -17.96
C TRP FA 609 -11.73 101.05 -17.82
N GLN FA 610 -12.99 101.49 -17.90
CA GLN FA 610 -14.13 100.59 -17.94
C GLN FA 610 -14.71 100.58 -19.34
N ASN FA 611 -15.32 99.46 -19.71
CA ASN FA 611 -16.02 99.37 -20.97
C ASN FA 611 -17.38 100.07 -20.86
N ARG FA 612 -18.01 100.26 -22.01
CA ARG FA 612 -19.37 100.77 -22.02
C ARG FA 612 -20.30 99.77 -21.36
N ASP FA 613 -21.31 100.28 -20.68
CA ASP FA 613 -22.31 99.43 -20.06
C ASP FA 613 -23.14 98.71 -21.13
N VAL FA 614 -23.65 97.55 -20.77
CA VAL FA 614 -24.65 96.89 -21.60
C VAL FA 614 -26.03 97.26 -21.09
N TYR FA 615 -27.02 97.12 -21.96
CA TYR FA 615 -28.38 97.53 -21.64
C TYR FA 615 -29.32 96.40 -22.00
N LEU FA 616 -30.48 96.40 -21.33
CA LEU FA 616 -31.50 95.40 -21.62
C LEU FA 616 -31.90 95.46 -23.09
N GLN FA 617 -31.98 96.65 -23.66
CA GLN FA 617 -32.28 96.84 -25.07
C GLN FA 617 -31.05 96.79 -25.96
N GLY FA 618 -29.85 96.73 -25.38
CA GLY FA 618 -28.64 96.86 -26.15
C GLY FA 618 -28.13 95.55 -26.70
N PRO FA 619 -27.07 95.61 -27.51
CA PRO FA 619 -26.48 94.40 -28.07
C PRO FA 619 -25.76 93.58 -27.01
N ILE FA 620 -25.63 92.29 -27.30
CA ILE FA 620 -24.95 91.36 -26.42
C ILE FA 620 -23.50 91.14 -26.85
N TRP FA 621 -23.29 90.81 -28.12
CA TRP FA 621 -21.96 90.46 -28.59
C TRP FA 621 -21.71 91.12 -29.93
N ALA FA 622 -20.43 91.20 -30.28
CA ALA FA 622 -20.01 91.54 -31.63
C ALA FA 622 -18.88 90.62 -32.03
N LYS FA 623 -18.77 90.37 -33.32
CA LYS FA 623 -17.64 89.62 -33.83
C LYS FA 623 -16.41 90.51 -33.87
N ILE FA 624 -15.33 90.06 -33.22
CA ILE FA 624 -14.06 90.76 -33.33
C ILE FA 624 -13.58 90.57 -34.76
N PRO FA 625 -13.31 91.64 -35.50
CA PRO FA 625 -12.82 91.50 -36.87
C PRO FA 625 -11.54 90.69 -36.91
N HIS FA 626 -11.42 89.83 -37.92
CA HIS FA 626 -10.23 89.01 -38.08
C HIS FA 626 -9.12 89.88 -38.63
N THR FA 627 -8.29 90.41 -37.75
CA THR FA 627 -7.19 91.28 -38.13
C THR FA 627 -5.91 90.84 -37.44
N ASP FA 628 -4.80 91.37 -37.92
CA ASP FA 628 -3.50 91.09 -37.29
C ASP FA 628 -3.46 91.60 -35.86
N GLY FA 629 -3.96 92.80 -35.65
CA GLY FA 629 -3.90 93.41 -34.33
C GLY FA 629 -5.21 94.07 -33.97
N ASN FA 630 -5.51 94.00 -32.68
CA ASN FA 630 -6.58 94.79 -32.09
C ASN FA 630 -6.13 95.22 -30.71
N PHE FA 631 -6.72 96.30 -30.22
CA PHE FA 631 -6.46 96.78 -28.88
C PHE FA 631 -7.75 96.74 -28.09
N HIS FA 632 -7.75 95.97 -27.01
CA HIS FA 632 -8.91 95.80 -26.14
C HIS FA 632 -10.15 95.53 -26.97
N PRO FA 633 -10.26 94.35 -27.58
CA PRO FA 633 -11.35 94.13 -28.53
C PRO FA 633 -12.71 93.97 -27.88
N SER FA 634 -13.09 94.94 -27.10
CA SER FA 634 -14.44 95.02 -26.55
C SER FA 634 -15.29 95.88 -27.47
N PRO FA 635 -16.44 95.39 -27.93
CA PRO FA 635 -17.24 96.16 -28.90
C PRO FA 635 -17.63 97.52 -28.33
N LEU FA 636 -17.59 98.53 -29.19
CA LEU FA 636 -17.75 99.89 -28.71
C LEU FA 636 -19.18 100.21 -28.32
N MET FA 637 -20.17 99.64 -28.99
CA MET FA 637 -21.55 99.80 -28.53
C MET FA 637 -21.88 98.90 -27.36
N GLY FA 638 -20.88 98.27 -26.76
CA GLY FA 638 -21.08 97.48 -25.56
C GLY FA 638 -21.28 96.01 -25.86
N GLY FA 639 -20.96 95.19 -24.89
CA GLY FA 639 -21.15 93.77 -24.98
C GLY FA 639 -19.85 92.99 -25.00
N PHE FA 640 -19.93 91.78 -25.49
CA PHE FA 640 -18.83 90.83 -25.46
C PHE FA 640 -18.22 90.72 -26.85
N GLY FA 641 -16.93 90.97 -26.94
CA GLY FA 641 -16.23 90.77 -28.19
C GLY FA 641 -15.83 89.31 -28.33
N LEU FA 642 -16.26 88.67 -29.41
CA LEU FA 642 -16.00 87.26 -29.63
C LEU FA 642 -15.28 87.05 -30.95
N LYS FA 643 -14.18 86.30 -30.91
CA LYS FA 643 -13.54 85.90 -32.15
C LYS FA 643 -14.45 84.98 -32.96
N HIS FA 644 -15.17 84.09 -32.27
CA HIS FA 644 -16.10 83.17 -32.89
C HIS FA 644 -17.46 83.36 -32.23
N PRO FA 645 -18.21 84.36 -32.66
CA PRO FA 645 -19.50 84.66 -32.03
C PRO FA 645 -20.52 83.59 -32.37
N PRO FA 646 -21.73 83.67 -31.81
CA PRO FA 646 -22.80 82.80 -32.26
C PRO FA 646 -22.97 82.90 -33.76
N PRO FA 647 -22.99 81.78 -34.47
CA PRO FA 647 -23.01 81.84 -35.93
C PRO FA 647 -24.29 82.44 -36.46
N GLN FA 648 -24.18 83.08 -37.61
CA GLN FA 648 -25.38 83.56 -38.30
C GLN FA 648 -26.23 82.38 -38.69
N ILE FA 649 -27.54 82.48 -38.45
CA ILE FA 649 -28.50 81.45 -38.80
C ILE FA 649 -29.29 81.99 -39.98
N LEU FA 650 -29.05 81.45 -41.15
CA LEU FA 650 -29.67 81.92 -42.38
C LEU FA 650 -30.86 81.02 -42.71
N ILE FA 651 -31.97 81.65 -43.07
CA ILE FA 651 -33.21 80.93 -43.35
C ILE FA 651 -33.80 81.49 -44.63
N LYS FA 652 -34.36 80.61 -45.46
CA LYS FA 652 -34.95 81.01 -46.72
C LYS FA 652 -36.08 80.06 -47.07
N ASN FA 653 -37.15 80.62 -47.63
CA ASN FA 653 -38.17 79.79 -48.25
C ASN FA 653 -37.62 79.23 -49.55
N THR FA 654 -37.65 77.91 -49.69
CA THR FA 654 -37.20 77.29 -50.93
C THR FA 654 -38.13 77.72 -52.06
N PRO FA 655 -37.61 78.26 -53.15
CA PRO FA 655 -38.49 78.68 -54.25
C PRO FA 655 -39.28 77.50 -54.80
N VAL FA 656 -40.57 77.71 -55.00
CA VAL FA 656 -41.45 76.73 -55.60
C VAL FA 656 -41.93 77.31 -56.93
N PRO FA 657 -41.43 76.81 -58.06
CA PRO FA 657 -41.84 77.37 -59.34
C PRO FA 657 -43.32 77.21 -59.58
N ALA FA 658 -43.91 78.21 -60.25
CA ALA FA 658 -45.22 78.02 -60.83
C ALA FA 658 -45.10 77.07 -62.02
N ASP FA 659 -46.21 76.84 -62.71
CA ASP FA 659 -46.20 75.88 -63.79
C ASP FA 659 -45.25 76.34 -64.89
N PRO FA 660 -44.23 75.55 -65.23
CA PRO FA 660 -43.34 75.93 -66.32
C PRO FA 660 -44.02 75.74 -67.66
N PRO FA 661 -43.50 76.33 -68.72
CA PRO FA 661 -44.07 76.10 -70.05
C PRO FA 661 -43.90 74.64 -70.46
N THR FA 662 -44.75 74.19 -71.36
CA THR FA 662 -44.70 72.81 -71.83
C THR FA 662 -43.65 72.59 -72.91
N THR FA 663 -42.99 73.64 -73.38
CA THR FA 663 -41.86 73.54 -74.27
C THR FA 663 -40.63 74.06 -73.55
N PHE FA 664 -39.49 73.39 -73.74
CA PHE FA 664 -38.32 73.70 -72.94
C PHE FA 664 -37.83 75.12 -73.22
N ASN FA 665 -37.49 75.82 -72.14
CA ASN FA 665 -36.85 77.13 -72.20
C ASN FA 665 -35.64 77.10 -71.28
N GLN FA 666 -34.49 77.47 -71.81
CA GLN FA 666 -33.26 77.44 -71.02
C GLN FA 666 -33.21 78.54 -69.96
N SER FA 667 -34.03 79.58 -70.11
CA SER FA 667 -33.97 80.70 -69.20
C SER FA 667 -34.37 80.27 -67.79
N LYS FA 668 -33.73 80.89 -66.80
CA LYS FA 668 -34.08 80.60 -65.42
C LYS FA 668 -35.54 80.96 -65.17
N LEU FA 669 -36.20 80.15 -64.35
CA LEU FA 669 -37.59 80.37 -64.05
C LEU FA 669 -37.75 81.61 -63.17
N ASN FA 670 -38.68 82.49 -63.54
CA ASN FA 670 -38.98 83.67 -62.75
C ASN FA 670 -40.41 83.68 -62.25
N SER FA 671 -41.21 82.68 -62.60
CA SER FA 671 -42.59 82.57 -62.13
C SER FA 671 -42.60 81.60 -60.96
N PHE FA 672 -42.87 82.12 -59.77
CA PHE FA 672 -42.84 81.33 -58.56
C PHE FA 672 -44.16 81.43 -57.83
N ILE FA 673 -44.50 80.37 -57.11
CA ILE FA 673 -45.65 80.38 -56.24
C ILE FA 673 -45.38 81.31 -55.08
N THR FA 674 -46.28 82.27 -54.86
CA THR FA 674 -46.11 83.21 -53.76
C THR FA 674 -46.22 82.47 -52.43
N GLN FA 675 -45.25 82.68 -51.56
CA GLN FA 675 -45.07 81.77 -50.45
C GLN FA 675 -44.41 82.49 -49.30
N TYR FA 676 -44.78 82.12 -48.08
CA TYR FA 676 -44.10 82.58 -46.88
C TYR FA 676 -44.16 81.47 -45.86
N SER FA 677 -43.26 81.52 -44.91
CA SER FA 677 -43.21 80.52 -43.85
C SER FA 677 -43.33 81.19 -42.50
N THR FA 678 -43.87 80.45 -41.55
CA THR FA 678 -43.94 80.88 -40.16
C THR FA 678 -43.57 79.69 -39.30
N GLY FA 679 -43.13 79.99 -38.09
CA GLY FA 679 -42.76 78.94 -37.17
C GLY FA 679 -42.38 79.52 -35.84
N GLN FA 680 -41.84 78.68 -34.99
CA GLN FA 680 -41.36 79.09 -33.69
C GLN FA 680 -39.85 78.97 -33.64
N VAL FA 681 -39.21 79.90 -32.96
CA VAL FA 681 -37.77 79.89 -32.75
C VAL FA 681 -37.52 79.92 -31.25
N SER FA 682 -36.66 79.03 -30.79
CA SER FA 682 -36.26 78.98 -29.40
C SER FA 682 -34.77 79.21 -29.31
N VAL FA 683 -34.36 80.13 -28.45
CA VAL FA 683 -32.95 80.34 -28.14
C VAL FA 683 -32.77 80.25 -26.64
N GLU FA 684 -31.88 79.39 -26.20
CA GLU FA 684 -31.56 79.20 -24.80
C GLU FA 684 -30.10 79.59 -24.59
N ILE FA 685 -29.86 80.55 -23.70
CA ILE FA 685 -28.51 80.98 -23.38
C ILE FA 685 -28.27 80.73 -21.90
N GLU FA 686 -27.17 80.06 -21.59
CA GLU FA 686 -26.72 79.92 -20.22
C GLU FA 686 -25.70 81.00 -19.93
N TRP FA 687 -25.95 81.77 -18.88
CA TRP FA 687 -25.07 82.85 -18.47
C TRP FA 687 -24.40 82.48 -17.15
N GLU FA 688 -23.10 82.74 -17.05
CA GLU FA 688 -22.39 82.61 -15.80
C GLU FA 688 -22.44 83.94 -15.06
N LEU FA 689 -22.65 83.88 -13.75
CA LEU FA 689 -22.79 85.06 -12.93
C LEU FA 689 -21.57 85.24 -12.05
N GLN FA 690 -21.16 86.49 -11.86
CA GLN FA 690 -20.18 86.86 -10.85
C GLN FA 690 -20.92 87.45 -9.67
N LYS FA 691 -21.04 86.67 -8.60
CA LYS FA 691 -21.73 87.15 -7.41
C LYS FA 691 -20.94 88.25 -6.74
N GLU FA 692 -21.65 89.26 -6.24
CA GLU FA 692 -21.00 90.34 -5.52
C GLU FA 692 -20.59 89.85 -4.13
N ASN FA 693 -19.33 90.07 -3.78
CA ASN FA 693 -18.81 89.74 -2.46
C ASN FA 693 -18.29 91.02 -1.85
N SER FA 694 -19.19 91.79 -1.24
CA SER FA 694 -18.92 93.15 -0.84
C SER FA 694 -19.10 93.31 0.66
N LYS FA 695 -18.20 94.06 1.27
CA LYS FA 695 -18.28 94.38 2.69
C LYS FA 695 -18.81 95.80 2.92
N ARG FA 696 -19.40 96.40 1.89
CA ARG FA 696 -20.03 97.70 2.03
C ARG FA 696 -21.12 97.64 3.10
N TRP FA 697 -21.12 98.64 3.98
CA TRP FA 697 -22.06 98.63 5.09
C TRP FA 697 -23.40 99.23 4.69
N ASN FA 698 -23.40 100.39 4.05
CA ASN FA 698 -24.62 101.06 3.69
C ASN FA 698 -25.28 100.39 2.50
N PRO FA 699 -26.60 100.55 2.34
CA PRO FA 699 -27.29 99.89 1.23
C PRO FA 699 -26.79 100.39 -0.13
N GLU FA 700 -26.82 99.48 -1.10
CA GLU FA 700 -26.41 99.80 -2.46
C GLU FA 700 -27.54 100.46 -3.23
N ILE FA 701 -27.18 101.06 -4.35
CA ILE FA 701 -28.17 101.51 -5.32
C ILE FA 701 -28.69 100.30 -6.08
N GLN FA 702 -30.00 100.20 -6.20
CA GLN FA 702 -30.62 99.10 -6.90
C GLN FA 702 -31.57 99.65 -7.95
N TYR FA 703 -31.70 98.94 -9.06
CA TYR FA 703 -32.76 99.28 -9.99
C TYR FA 703 -34.09 98.88 -9.40
N THR FA 704 -35.03 99.81 -9.38
CA THR FA 704 -36.35 99.56 -8.82
C THR FA 704 -37.39 100.20 -9.70
N SER FA 705 -38.57 99.59 -9.74
CA SER FA 705 -39.70 100.24 -10.36
C SER FA 705 -40.20 101.35 -9.46
N ASN FA 706 -40.81 102.37 -10.07
CA ASN FA 706 -41.36 103.46 -9.30
C ASN FA 706 -42.58 102.99 -8.50
N TYR FA 707 -42.63 103.38 -7.23
CA TYR FA 707 -43.72 102.96 -6.37
C TYR FA 707 -45.01 103.73 -6.67
N TYR FA 708 -44.89 104.96 -7.14
CA TYR FA 708 -46.05 105.83 -7.31
C TYR FA 708 -46.95 105.33 -8.44
N LYS FA 709 -48.23 105.69 -8.35
CA LYS FA 709 -49.22 105.21 -9.32
C LYS FA 709 -48.96 105.79 -10.70
N SER FA 710 -49.43 105.07 -11.71
CA SER FA 710 -49.26 105.50 -13.09
C SER FA 710 -50.38 104.92 -13.94
N THR FA 711 -50.55 105.51 -15.12
CA THR FA 711 -51.60 105.04 -16.03
C THR FA 711 -51.36 103.61 -16.47
N SER FA 712 -50.09 103.24 -16.69
CA SER FA 712 -49.76 101.91 -17.15
C SER FA 712 -48.56 101.40 -16.35
N VAL FA 713 -48.43 100.08 -16.32
CA VAL FA 713 -47.27 99.44 -15.70
C VAL FA 713 -46.08 99.56 -16.63
N ASP FA 714 -44.95 99.97 -16.08
CA ASP FA 714 -43.72 100.03 -16.86
C ASP FA 714 -43.30 98.62 -17.28
N PHE FA 715 -42.81 98.50 -18.51
CA PHE FA 715 -42.45 97.22 -19.10
C PHE FA 715 -43.65 96.27 -19.12
N ALA FA 716 -44.78 96.80 -19.58
CA ALA FA 716 -45.98 96.01 -19.77
C ALA FA 716 -46.66 96.50 -21.05
N VAL FA 717 -47.80 95.97 -21.33
CA VAL FA 717 -48.58 96.38 -22.49
C VAL FA 717 -49.51 97.50 -22.08
N ASN FA 718 -49.89 98.33 -23.03
CA ASN FA 718 -50.89 99.36 -22.80
C ASN FA 718 -52.27 98.80 -23.15
N THR FA 719 -53.27 99.68 -23.23
CA THR FA 719 -54.63 99.24 -23.53
C THR FA 719 -54.76 98.71 -24.94
N GLU FA 720 -53.82 99.02 -25.84
CA GLU FA 720 -53.87 98.56 -27.20
C GLU FA 720 -53.03 97.32 -27.45
N GLY FA 721 -52.44 96.75 -26.41
CA GLY FA 721 -51.62 95.57 -26.57
C GLY FA 721 -50.19 95.82 -26.97
N VAL FA 722 -49.74 97.08 -26.97
CA VAL FA 722 -48.39 97.42 -27.39
C VAL FA 722 -47.47 97.32 -26.19
N TYR FA 723 -46.49 96.44 -26.28
CA TYR FA 723 -45.44 96.36 -25.27
C TYR FA 723 -44.43 97.47 -25.51
N SER FA 724 -44.05 98.14 -24.43
CA SER FA 724 -43.08 99.23 -24.52
C SER FA 724 -42.05 99.09 -23.41
N GLU FA 725 -40.83 99.51 -23.72
CA GLU FA 725 -39.78 99.62 -22.73
C GLU FA 725 -39.59 101.09 -22.41
N PRO FA 726 -39.99 101.57 -21.23
CA PRO FA 726 -40.03 103.01 -21.00
C PRO FA 726 -38.67 103.65 -20.84
N ARG FA 727 -37.66 102.91 -20.43
CA ARG FA 727 -36.34 103.47 -20.19
C ARG FA 727 -35.29 102.43 -20.55
N PRO FA 728 -34.07 102.87 -20.86
CA PRO FA 728 -32.97 101.90 -21.02
C PRO FA 728 -32.41 101.54 -19.64
N ILE FA 729 -32.51 100.27 -19.29
CA ILE FA 729 -31.98 99.79 -18.03
C ILE FA 729 -30.52 99.40 -18.24
N GLY FA 730 -29.62 100.13 -17.60
CA GLY FA 730 -28.22 99.78 -17.63
C GLY FA 730 -27.95 98.54 -16.81
N THR FA 731 -26.70 98.35 -16.43
CA THR FA 731 -26.31 97.15 -15.73
C THR FA 731 -25.54 97.46 -14.45
N ARG FA 732 -25.08 98.69 -14.27
CA ARG FA 732 -24.15 99.04 -13.20
C ARG FA 732 -24.91 99.72 -12.06
N TYR FA 733 -25.28 98.93 -11.08
CA TYR FA 733 -25.94 99.43 -9.87
C TYR FA 733 -25.19 99.07 -8.61
N LEU FA 734 -24.65 97.87 -8.52
CA LEU FA 734 -23.78 97.52 -7.42
C LEU FA 734 -22.45 98.25 -7.54
N THR FA 735 -21.69 98.25 -6.45
CA THR FA 735 -20.44 98.99 -6.41
C THR FA 735 -19.28 98.08 -6.04
N ARG FA 736 -18.11 98.45 -6.53
CA ARG FA 736 -16.85 97.83 -6.14
C ARG FA 736 -15.83 98.92 -5.84
N ASN FA 737 -14.88 98.59 -4.99
CA ASN FA 737 -13.70 99.44 -4.87
C ASN FA 737 -12.85 99.30 -6.11
N LEU FA 738 -12.01 100.30 -6.35
CA LEU FA 738 -11.09 100.24 -7.47
C LEU FA 738 -9.92 99.31 -7.15
N GLY GA 221 37.86 65.05 -44.24
CA GLY GA 221 38.96 64.82 -45.17
C GLY GA 221 39.12 65.93 -46.19
N VAL GA 222 40.36 66.11 -46.65
CA VAL GA 222 40.64 67.13 -47.66
C VAL GA 222 39.92 66.82 -48.96
N GLY GA 223 39.93 65.56 -49.38
CA GLY GA 223 39.40 65.16 -50.65
C GLY GA 223 37.97 64.66 -50.65
N SER GA 224 37.22 64.88 -49.58
CA SER GA 224 35.84 64.45 -49.50
C SER GA 224 34.93 65.65 -49.21
N SER GA 225 33.81 65.70 -49.91
CA SER GA 225 32.84 66.76 -49.70
C SER GA 225 32.20 66.62 -48.33
N SER GA 226 32.00 67.75 -47.65
CA SER GA 226 31.38 67.76 -46.33
C SER GA 226 29.89 68.05 -46.39
N GLY GA 227 29.31 68.19 -47.58
CA GLY GA 227 27.89 68.40 -47.70
C GLY GA 227 27.51 68.52 -49.16
N ASN GA 228 26.21 68.38 -49.41
CA ASN GA 228 25.67 68.42 -50.75
C ASN GA 228 24.89 69.70 -50.97
N TRP GA 229 24.67 70.02 -52.24
CA TRP GA 229 23.87 71.17 -52.62
C TRP GA 229 22.40 70.84 -52.43
N HIS GA 230 21.71 71.64 -51.62
CA HIS GA 230 20.30 71.41 -51.30
C HIS GA 230 19.53 72.70 -51.54
N CYS GA 231 19.09 72.91 -52.77
CA CYS GA 231 18.14 73.96 -53.09
C CYS GA 231 16.86 73.29 -53.55
N ASP GA 232 15.77 73.55 -52.84
CA ASP GA 232 14.52 72.85 -53.11
C ASP GA 232 13.43 73.50 -52.30
N SER GA 233 12.18 73.19 -52.66
CA SER GA 233 11.03 73.54 -51.86
C SER GA 233 10.04 72.39 -51.97
N THR GA 234 9.67 71.81 -50.84
CA THR GA 234 8.73 70.70 -50.80
C THR GA 234 7.46 71.18 -50.13
N TRP GA 235 6.35 71.11 -50.86
CA TRP GA 235 5.04 71.46 -50.34
C TRP GA 235 4.33 70.18 -49.94
N LEU GA 236 3.99 70.06 -48.66
CA LEU GA 236 3.39 68.83 -48.14
C LEU GA 236 2.33 69.25 -47.12
N GLY GA 237 1.07 69.17 -47.54
CA GLY GA 237 -0.03 69.52 -46.64
C GLY GA 237 0.01 70.98 -46.27
N ASP GA 238 0.00 71.25 -44.96
CA ASP GA 238 0.02 72.60 -44.44
C ASP GA 238 1.43 73.11 -44.19
N ARG GA 239 2.45 72.42 -44.70
CA ARG GA 239 3.83 72.82 -44.56
C ARG GA 239 4.45 73.05 -45.92
N VAL GA 240 5.39 73.99 -45.98
CA VAL GA 240 6.32 74.09 -47.08
C VAL GA 240 7.72 74.17 -46.49
N ILE GA 241 8.62 73.35 -46.99
CA ILE GA 241 9.99 73.32 -46.52
C ILE GA 241 10.86 73.88 -47.63
N THR GA 242 11.35 75.10 -47.43
CA THR GA 242 12.29 75.71 -48.35
C THR GA 242 13.70 75.40 -47.89
N THR GA 243 14.54 74.94 -48.79
CA THR GA 243 15.95 74.79 -48.53
C THR GA 243 16.72 75.49 -49.64
N SER GA 244 17.73 76.25 -49.25
CA SER GA 244 18.51 77.01 -50.21
C SER GA 244 19.98 76.88 -49.89
N THR GA 245 20.77 76.64 -50.91
CA THR GA 245 22.22 76.57 -50.79
C THR GA 245 22.83 77.68 -51.61
N ARG GA 246 23.86 78.32 -51.06
CA ARG GA 246 24.58 79.36 -51.77
C ARG GA 246 26.07 79.15 -51.55
N THR GA 247 26.86 79.64 -52.49
CA THR GA 247 28.31 79.70 -52.34
C THR GA 247 28.67 81.08 -51.79
N TRP GA 248 29.43 81.10 -50.71
CA TRP GA 248 29.84 82.34 -50.08
C TRP GA 248 31.34 82.50 -50.17
N ALA GA 249 31.80 83.73 -50.00
CA ALA GA 249 33.21 84.04 -49.88
C ALA GA 249 33.39 84.97 -48.70
N LEU GA 250 34.26 84.60 -47.78
CA LEU GA 250 34.51 85.39 -46.59
C LEU GA 250 35.92 85.95 -46.64
N PRO GA 251 36.09 87.26 -46.78
CA PRO GA 251 37.43 87.85 -46.71
C PRO GA 251 37.87 87.97 -45.25
N THR GA 252 39.12 88.38 -45.09
CA THR GA 252 39.58 88.85 -43.79
C THR GA 252 39.13 90.29 -43.62
N TYR GA 253 38.34 90.53 -42.57
CA TYR GA 253 37.83 91.86 -42.29
C TYR GA 253 38.70 92.55 -41.27
N ASN GA 254 38.91 93.85 -41.46
CA ASN GA 254 39.57 94.71 -40.48
C ASN GA 254 41.00 94.32 -40.21
N ASN GA 255 41.61 93.49 -41.05
CA ASN GA 255 42.94 92.93 -40.78
C ASN GA 255 42.98 92.23 -39.43
N HIS GA 256 41.92 91.47 -39.14
CA HIS GA 256 41.75 90.69 -37.91
C HIS GA 256 41.61 91.56 -36.67
N LEU GA 257 41.30 92.84 -36.82
CA LEU GA 257 41.27 93.76 -35.69
C LEU GA 257 39.84 94.13 -35.34
N TYR GA 258 39.64 94.45 -34.06
CA TYR GA 258 38.45 95.18 -33.63
C TYR GA 258 38.77 96.65 -33.65
N LYS GA 259 37.97 97.43 -34.36
CA LYS GA 259 38.20 98.85 -34.47
C LYS GA 259 37.02 99.60 -33.89
N GLN GA 260 37.29 100.55 -33.01
CA GLN GA 260 36.26 101.49 -32.59
C GLN GA 260 35.90 102.40 -33.75
N ILE GA 261 34.62 102.54 -34.02
CA ILE GA 261 34.12 103.39 -35.09
C ILE GA 261 33.17 104.40 -34.49
N SER GA 262 33.20 105.63 -35.01
CA SER GA 262 32.41 106.71 -34.45
C SER GA 262 32.03 107.67 -35.55
N ASN GA 263 31.07 108.53 -35.24
CA ASN GA 263 30.67 109.63 -36.11
C ASN GA 263 30.15 110.72 -35.21
N GLY GA 264 30.75 111.91 -35.30
CA GLY GA 264 30.36 113.04 -34.48
C GLY GA 264 29.86 114.20 -35.32
N THR GA 265 29.55 115.29 -34.63
CA THR GA 265 29.06 116.49 -35.28
C THR GA 265 30.20 117.35 -35.77
N ALA GA 269 28.70 115.83 -39.96
CA ALA GA 269 27.52 115.03 -39.67
C ALA GA 269 26.63 115.71 -38.64
N THR GA 270 25.33 115.47 -38.74
CA THR GA 270 24.39 116.04 -37.79
C THR GA 270 24.30 115.16 -36.55
N ASN GA 271 23.72 115.72 -35.48
CA ASN GA 271 23.56 114.96 -34.26
C ASN GA 271 22.66 113.75 -34.47
N ASP GA 272 21.73 113.83 -35.41
CA ASP GA 272 20.83 112.72 -35.68
C ASP GA 272 21.56 111.49 -36.20
N ASN GA 273 22.76 111.67 -36.75
CA ASN GA 273 23.49 110.57 -37.37
C ASN GA 273 24.74 110.18 -36.61
N THR GA 274 24.91 110.66 -35.38
CA THR GA 274 26.08 110.30 -34.60
C THR GA 274 25.98 108.84 -34.12
N TYR GA 275 27.13 108.20 -33.95
CA TYR GA 275 27.14 106.86 -33.40
C TYR GA 275 28.51 106.57 -32.81
N PHE GA 276 28.52 105.59 -31.91
CA PHE GA 276 29.74 104.99 -31.40
C PHE GA 276 29.53 103.48 -31.45
N GLY GA 277 30.52 102.77 -31.96
CA GLY GA 277 30.38 101.34 -32.06
C GLY GA 277 31.71 100.70 -32.35
N TYR GA 278 31.64 99.44 -32.77
CA TYR GA 278 32.84 98.67 -33.04
C TYR GA 278 32.68 97.91 -34.32
N SER GA 279 33.72 97.96 -35.15
CA SER GA 279 33.85 97.10 -36.30
C SER GA 279 34.63 95.86 -35.87
N THR GA 280 34.12 94.70 -36.20
CA THR GA 280 34.75 93.45 -35.80
C THR GA 280 35.35 92.76 -37.01
N PRO GA 281 36.34 91.91 -36.81
CA PRO GA 281 36.88 91.10 -37.92
C PRO GA 281 35.99 89.94 -38.34
N TRP GA 282 34.78 89.84 -37.79
CA TRP GA 282 33.90 88.72 -38.05
C TRP GA 282 32.91 89.06 -39.16
N GLY GA 283 32.63 88.07 -39.98
CA GLY GA 283 31.46 88.12 -40.83
C GLY GA 283 30.27 87.48 -40.17
N TYR GA 284 29.12 87.60 -40.81
CA TYR GA 284 27.94 86.95 -40.30
C TYR GA 284 27.04 86.54 -41.44
N PHE GA 285 26.29 85.47 -41.22
CA PHE GA 285 25.39 84.95 -42.23
C PHE GA 285 24.00 85.52 -42.03
N ASP GA 286 23.44 86.08 -43.09
CA ASP GA 286 22.11 86.66 -43.08
C ASP GA 286 21.26 85.95 -44.11
N PHE GA 287 20.11 85.46 -43.69
CA PHE GA 287 19.09 84.93 -44.58
C PHE GA 287 17.73 85.44 -44.18
N ASN GA 288 17.69 86.71 -43.78
CA ASN GA 288 16.49 87.35 -43.28
C ASN GA 288 15.72 88.07 -44.37
N ARG GA 289 15.74 87.55 -45.58
CA ARG GA 289 14.88 88.01 -46.66
C ARG GA 289 14.17 86.82 -47.25
N PHE GA 290 12.92 87.03 -47.68
CA PHE GA 290 12.12 85.91 -48.13
C PHE GA 290 12.67 85.30 -49.42
N HIS GA 291 13.28 86.09 -50.28
CA HIS GA 291 13.80 85.54 -51.51
C HIS GA 291 15.06 84.71 -51.31
N CYS GA 292 15.64 84.72 -50.10
CA CYS GA 292 16.69 83.78 -49.77
C CYS GA 292 16.18 82.35 -49.71
N HIS GA 293 14.87 82.18 -49.55
CA HIS GA 293 14.27 80.88 -49.35
C HIS GA 293 13.21 80.53 -50.37
N PHE GA 294 12.43 81.50 -50.81
CA PHE GA 294 11.36 81.28 -51.78
C PHE GA 294 11.80 81.73 -53.15
N SER GA 295 11.72 80.83 -54.12
CA SER GA 295 11.79 81.24 -55.51
C SER GA 295 10.54 82.05 -55.84
N PRO GA 296 10.61 82.89 -56.87
CA PRO GA 296 9.41 83.66 -57.25
C PRO GA 296 8.20 82.78 -57.52
N ARG GA 297 8.40 81.62 -58.15
CA ARG GA 297 7.30 80.69 -58.35
C ARG GA 297 6.79 80.13 -57.03
N ASP GA 298 7.71 79.80 -56.11
CA ASP GA 298 7.30 79.34 -54.79
C ASP GA 298 6.55 80.43 -54.05
N TRP GA 299 7.01 81.67 -54.17
CA TRP GA 299 6.30 82.79 -53.55
C TRP GA 299 4.90 82.92 -54.13
N GLN GA 300 4.76 82.75 -55.45
CA GLN GA 300 3.45 82.77 -56.07
C GLN GA 300 2.56 81.65 -55.53
N ARG GA 301 3.11 80.45 -55.42
CA ARG GA 301 2.36 79.34 -54.84
C ARG GA 301 1.89 79.67 -53.43
N LEU GA 302 2.76 80.29 -52.64
CA LEU GA 302 2.42 80.61 -51.27
C LEU GA 302 1.32 81.67 -51.21
N ILE GA 303 1.48 82.77 -51.94
CA ILE GA 303 0.59 83.92 -51.78
C ILE GA 303 -0.73 83.74 -52.51
N ASN GA 304 -0.80 82.91 -53.54
CA ASN GA 304 -2.05 82.75 -54.28
C ASN GA 304 -2.98 81.72 -53.64
N ASN GA 305 -2.52 80.98 -52.64
CA ASN GA 305 -3.26 79.83 -52.16
C ASN GA 305 -3.38 79.76 -50.65
N ASN GA 306 -2.75 80.66 -49.91
CA ASN GA 306 -2.72 80.55 -48.46
C ASN GA 306 -3.14 81.88 -47.84
N TRP GA 307 -3.92 81.79 -46.77
CA TRP GA 307 -4.31 82.98 -46.02
C TRP GA 307 -3.23 83.43 -45.06
N GLY GA 308 -2.26 82.57 -44.77
CA GLY GA 308 -1.22 82.94 -43.85
C GLY GA 308 -0.11 81.91 -43.85
N PHE GA 309 1.01 82.32 -43.27
CA PHE GA 309 2.16 81.43 -43.14
C PHE GA 309 3.01 81.95 -41.99
N ARG GA 310 3.87 81.08 -41.48
CA ARG GA 310 4.79 81.46 -40.42
C ARG GA 310 5.93 80.46 -40.41
N PRO GA 311 7.13 80.89 -40.06
CA PRO GA 311 8.23 79.93 -39.93
C PRO GA 311 8.04 79.05 -38.71
N LYS GA 312 8.49 77.80 -38.83
CA LYS GA 312 8.39 76.83 -37.75
C LYS GA 312 9.75 76.44 -37.20
N ARG GA 313 10.67 76.03 -38.07
CA ARG GA 313 11.99 75.61 -37.66
C ARG GA 313 12.95 75.90 -38.79
N LEU GA 314 14.23 75.99 -38.45
CA LEU GA 314 15.25 76.12 -39.48
C LEU GA 314 16.44 75.24 -39.14
N SER GA 315 17.12 74.78 -40.18
CA SER GA 315 18.40 74.13 -40.06
C SER GA 315 19.38 74.86 -40.95
N PHE GA 316 20.59 75.03 -40.45
CA PHE GA 316 21.62 75.80 -41.11
C PHE GA 316 22.86 74.93 -41.24
N LYS GA 317 23.54 75.01 -42.38
CA LYS GA 317 24.71 74.20 -42.61
C LYS GA 317 25.80 75.01 -43.29
N LEU GA 318 27.03 74.85 -42.81
CA LEU GA 318 28.22 75.34 -43.47
C LEU GA 318 29.07 74.13 -43.84
N PHE GA 319 29.53 74.08 -45.08
CA PHE GA 319 30.22 72.88 -45.55
C PHE GA 319 31.04 73.23 -46.79
N ASN GA 320 31.87 72.28 -47.20
CA ASN GA 320 32.77 72.44 -48.34
C ASN GA 320 33.60 73.71 -48.19
N ILE GA 321 34.14 73.89 -46.99
CA ILE GA 321 34.92 75.07 -46.68
C ILE GA 321 36.28 74.96 -47.34
N GLN GA 322 36.68 76.03 -48.02
CA GLN GA 322 38.00 76.14 -48.61
C GLN GA 322 38.63 77.43 -48.13
N VAL GA 323 39.75 77.33 -47.44
CA VAL GA 323 40.51 78.49 -47.02
C VAL GA 323 41.67 78.65 -47.98
N LYS GA 324 41.78 79.82 -48.58
CA LYS GA 324 42.74 80.05 -49.65
C LYS GA 324 43.71 81.14 -49.27
N GLU GA 325 44.97 80.92 -49.60
CA GLU GA 325 46.04 81.88 -49.36
C GLU GA 325 46.35 82.60 -50.65
N VAL GA 326 46.44 83.92 -50.59
CA VAL GA 326 46.77 84.74 -51.75
C VAL GA 326 48.08 85.48 -51.45
N THR GA 327 49.03 85.37 -52.39
CA THR GA 327 50.34 85.99 -52.22
C THR GA 327 50.58 87.08 -53.24
N LYS GA 333 49.91 87.86 -58.58
CA LYS GA 333 49.03 87.31 -57.55
C LYS GA 333 48.71 85.85 -57.82
N THR GA 334 48.99 84.99 -56.84
CA THR GA 334 48.66 83.58 -56.91
C THR GA 334 47.79 83.21 -55.72
N ILE GA 335 46.77 82.39 -55.97
CA ILE GA 335 45.87 81.91 -54.94
C ILE GA 335 46.09 80.41 -54.78
N ALA GA 336 46.35 79.99 -53.55
CA ALA GA 336 46.61 78.60 -53.26
C ALA GA 336 45.77 78.15 -52.08
N ASN GA 337 45.47 76.86 -52.04
CA ASN GA 337 44.78 76.29 -50.90
C ASN GA 337 45.68 76.32 -49.68
N ASN GA 338 45.07 76.68 -48.53
CA ASN GA 338 45.77 76.59 -47.21
C ASN GA 338 45.01 75.48 -46.50
N LEU GA 339 45.42 74.22 -46.68
CA LEU GA 339 44.65 73.07 -46.19
C LEU GA 339 44.54 73.05 -44.68
N THR GA 340 45.52 73.62 -43.97
CA THR GA 340 45.54 73.56 -42.52
C THR GA 340 44.94 74.80 -41.87
N SER GA 341 44.46 75.76 -42.65
CA SER GA 341 43.84 76.94 -42.09
C SER GA 341 42.41 76.65 -41.65
N THR GA 342 41.93 77.43 -40.69
CA THR GA 342 40.61 77.24 -40.14
C THR GA 342 39.76 78.49 -40.32
N ILE GA 343 38.46 78.28 -40.28
CA ILE GA 343 37.49 79.34 -40.04
C ILE GA 343 36.85 79.08 -38.69
N GLN GA 344 36.38 80.14 -38.04
CA GLN GA 344 35.69 80.04 -36.77
C GLN GA 344 34.23 80.40 -36.98
N VAL GA 345 33.34 79.53 -36.54
CA VAL GA 345 31.90 79.74 -36.67
C VAL GA 345 31.27 79.53 -35.31
N PHE GA 346 30.40 80.44 -34.91
CA PHE GA 346 29.57 80.21 -33.74
C PHE GA 346 28.24 80.94 -33.92
N THR GA 347 27.21 80.42 -33.27
CA THR GA 347 25.92 81.07 -33.23
C THR GA 347 25.75 81.74 -31.87
N ASP GA 348 25.27 82.99 -31.89
CA ASP GA 348 24.93 83.69 -30.65
C ASP GA 348 23.58 83.17 -30.17
N SER GA 349 23.61 81.94 -29.67
CA SER GA 349 22.37 81.24 -29.30
C SER GA 349 21.74 81.83 -28.05
N GLU GA 350 22.54 82.45 -27.18
CA GLU GA 350 22.03 83.12 -26.00
C GLU GA 350 21.71 84.58 -26.23
N TYR GA 351 21.86 85.06 -27.46
CA TYR GA 351 21.55 86.45 -27.81
C TYR GA 351 22.34 87.42 -26.93
N GLN GA 352 23.60 87.10 -26.71
CA GLN GA 352 24.47 87.94 -25.90
C GLN GA 352 25.19 89.01 -26.72
N LEU GA 353 25.14 88.93 -27.98
CA LEU GA 353 25.72 89.95 -28.84
C LEU GA 353 24.65 90.92 -29.32
N PRO GA 354 25.04 92.15 -29.64
CA PRO GA 354 24.08 93.05 -30.30
C PRO GA 354 23.54 92.42 -31.57
N TYR GA 355 22.22 92.36 -31.66
CA TYR GA 355 21.54 91.69 -32.76
C TYR GA 355 21.39 92.67 -33.91
N VAL GA 356 22.20 92.52 -34.95
CA VAL GA 356 22.18 93.43 -36.08
C VAL GA 356 21.37 92.90 -37.25
N LEU GA 357 20.93 91.65 -37.20
CA LEU GA 357 19.92 91.20 -38.14
C LEU GA 357 18.60 91.91 -37.85
N GLY GA 358 17.72 91.91 -38.85
CA GLY GA 358 16.49 92.65 -38.68
C GLY GA 358 16.66 94.14 -38.78
N SER GA 359 17.70 94.62 -39.44
CA SER GA 359 17.83 96.03 -39.79
C SER GA 359 17.82 96.24 -41.30
N ALA GA 360 17.32 95.24 -42.04
CA ALA GA 360 17.18 95.32 -43.49
C ALA GA 360 18.51 95.62 -44.17
N HIS GA 361 19.57 94.99 -43.72
CA HIS GA 361 20.90 95.23 -44.25
C HIS GA 361 21.17 94.35 -45.46
N GLN GA 362 22.06 94.82 -46.33
CA GLN GA 362 22.54 94.01 -47.42
C GLN GA 362 23.43 92.90 -46.88
N GLY GA 363 23.76 91.95 -47.75
CA GLY GA 363 24.59 90.83 -47.37
C GLY GA 363 23.85 89.56 -47.10
N CYS GA 364 22.53 89.53 -47.28
CA CYS GA 364 21.78 88.30 -47.16
C CYS GA 364 22.14 87.35 -48.30
N LEU GA 365 21.70 86.12 -48.17
CA LEU GA 365 21.87 85.15 -49.25
C LEU GA 365 21.19 85.70 -50.51
N PRO GA 366 21.84 85.63 -51.67
CA PRO GA 366 21.26 86.20 -52.87
C PRO GA 366 19.99 85.47 -53.26
N PRO GA 367 19.03 86.17 -53.87
CA PRO GA 367 17.81 85.47 -54.33
C PRO GA 367 18.09 84.38 -55.35
N PHE GA 368 19.08 84.57 -56.22
CA PHE GA 368 19.36 83.59 -57.26
C PHE GA 368 20.35 82.56 -56.75
N PRO GA 369 20.01 81.27 -56.78
CA PRO GA 369 20.90 80.25 -56.19
C PRO GA 369 22.27 80.19 -56.83
N ALA GA 370 22.40 80.50 -58.11
CA ALA GA 370 23.69 80.46 -58.78
C ALA GA 370 24.60 81.61 -58.35
N ASP GA 371 24.10 82.55 -57.58
CA ASP GA 371 24.86 83.75 -57.26
C ASP GA 371 25.79 83.51 -56.09
N VAL GA 372 27.06 83.85 -56.26
CA VAL GA 372 28.05 83.76 -55.20
C VAL GA 372 28.11 85.10 -54.48
N PHE GA 373 27.99 85.08 -53.17
CA PHE GA 373 27.89 86.30 -52.40
C PHE GA 373 29.00 86.43 -51.38
N MET GA 374 29.31 87.68 -51.07
CA MET GA 374 30.29 88.05 -50.06
C MET GA 374 29.61 88.17 -48.70
N ILE GA 375 30.24 87.60 -47.68
CA ILE GA 375 29.68 87.63 -46.33
C ILE GA 375 29.86 89.02 -45.74
N PRO GA 376 28.80 89.64 -45.23
CA PRO GA 376 28.95 91.00 -44.67
C PRO GA 376 29.74 91.00 -43.38
N GLN GA 377 30.39 92.12 -43.12
CA GLN GA 377 31.19 92.27 -41.91
C GLN GA 377 30.30 92.61 -40.72
N TYR GA 378 30.55 91.94 -39.60
CA TYR GA 378 29.78 92.19 -38.40
C TYR GA 378 30.30 93.43 -37.69
N GLY GA 379 29.40 94.37 -37.41
CA GLY GA 379 29.69 95.47 -36.53
C GLY GA 379 28.46 95.77 -35.70
N TYR GA 380 28.66 96.54 -34.65
CA TYR GA 380 27.54 96.87 -33.78
C TYR GA 380 27.73 98.26 -33.23
N LEU GA 381 26.63 98.81 -32.72
CA LEU GA 381 26.64 100.12 -32.09
C LEU GA 381 26.28 99.98 -30.63
N THR GA 382 26.86 100.85 -29.82
CA THR GA 382 26.52 100.90 -28.41
C THR GA 382 26.14 102.33 -28.08
N LEU GA 383 26.00 102.65 -26.80
CA LEU GA 383 25.58 104.00 -26.42
C LEU GA 383 26.64 105.02 -26.82
N ASN GA 384 26.18 106.15 -27.34
CA ASN GA 384 27.07 107.22 -27.76
C ASN GA 384 26.55 108.55 -27.27
N ASN GA 385 27.47 109.48 -27.06
CA ASN GA 385 27.19 110.89 -26.79
C ASN GA 385 27.99 111.64 -27.85
N GLY GA 386 27.36 111.93 -28.98
CA GLY GA 386 28.11 112.40 -30.12
C GLY GA 386 28.96 111.27 -30.66
N SER GA 387 30.25 111.54 -30.86
CA SER GA 387 31.19 110.52 -31.27
C SER GA 387 31.83 109.80 -30.09
N GLN GA 388 31.52 110.19 -28.87
CA GLN GA 388 32.13 109.63 -27.69
C GLN GA 388 31.28 108.50 -27.12
N ALA GA 389 31.94 107.54 -26.49
CA ALA GA 389 31.23 106.54 -25.73
C ALA GA 389 30.91 107.06 -24.34
N VAL GA 390 29.95 106.42 -23.69
CA VAL GA 390 29.63 106.69 -22.31
C VAL GA 390 30.05 105.48 -21.48
N GLY GA 391 29.99 105.62 -20.15
CA GLY GA 391 30.36 104.53 -19.29
C GLY GA 391 29.51 103.29 -19.47
N ARG GA 392 28.29 103.44 -19.96
CA ARG GA 392 27.42 102.31 -20.19
C ARG GA 392 27.65 101.65 -21.54
N SER GA 393 28.51 102.22 -22.38
CA SER GA 393 28.81 101.61 -23.67
C SER GA 393 29.47 100.25 -23.47
N SER GA 394 29.00 99.27 -24.24
CA SER GA 394 29.48 97.91 -24.12
C SER GA 394 30.42 97.59 -25.28
N PHE GA 395 31.54 96.98 -24.95
CA PHE GA 395 32.45 96.44 -25.96
C PHE GA 395 32.35 94.92 -25.90
N TYR GA 396 32.18 94.29 -27.06
CA TYR GA 396 32.07 92.85 -27.17
C TYR GA 396 33.22 92.31 -27.99
N CYS GA 397 33.93 91.35 -27.43
CA CYS GA 397 34.92 90.58 -28.18
C CYS GA 397 34.27 89.28 -28.61
N LEU GA 398 34.17 89.06 -29.91
CA LEU GA 398 33.52 87.85 -30.40
C LEU GA 398 34.42 86.63 -30.22
N GLU GA 399 35.72 86.83 -30.05
CA GLU GA 399 36.59 85.72 -29.69
C GLU GA 399 36.33 85.25 -28.27
N TYR GA 400 35.66 86.05 -27.46
CA TYR GA 400 35.28 85.67 -26.11
C TYR GA 400 34.12 84.69 -26.09
N PHE GA 401 33.72 84.17 -27.23
CA PHE GA 401 32.68 83.17 -27.33
C PHE GA 401 33.29 81.84 -27.74
N PRO GA 402 32.69 80.73 -27.33
CA PRO GA 402 33.10 79.43 -27.88
C PRO GA 402 32.73 79.34 -29.34
N SER GA 403 33.72 79.07 -30.18
CA SER GA 403 33.52 78.95 -31.61
C SER GA 403 34.02 77.59 -32.08
N GLN GA 404 33.32 77.00 -33.03
CA GLN GA 404 33.82 75.81 -33.69
C GLN GA 404 34.82 76.25 -34.75
N MET GA 405 36.01 75.65 -34.72
CA MET GA 405 37.01 75.91 -35.75
C MET GA 405 36.95 74.80 -36.78
N LEU GA 406 36.95 75.18 -38.05
CA LEU GA 406 36.70 74.26 -39.15
C LEU GA 406 37.86 74.31 -40.12
N ARG GA 407 38.46 73.16 -40.39
CA ARG GA 407 39.36 73.05 -41.52
C ARG GA 407 38.55 72.67 -42.75
N THR GA 408 39.25 72.45 -43.86
CA THR GA 408 38.58 72.24 -45.13
C THR GA 408 37.69 71.01 -45.13
N GLY GA 409 38.00 70.03 -44.28
CA GLY GA 409 37.18 68.84 -44.19
C GLY GA 409 36.04 68.90 -43.21
N ASN GA 410 35.92 69.98 -42.46
CA ASN GA 410 34.89 70.08 -41.42
C ASN GA 410 33.65 70.78 -41.96
N ASN GA 411 32.54 70.54 -41.28
CA ASN GA 411 31.30 71.24 -41.58
C ASN GA 411 30.67 71.70 -40.27
N PHE GA 412 29.82 72.71 -40.39
CA PHE GA 412 29.12 73.29 -39.25
C PHE GA 412 27.62 73.21 -39.51
N GLN GA 413 26.86 72.90 -38.48
CA GLN GA 413 25.42 72.89 -38.64
C GLN GA 413 24.76 73.12 -37.30
N PHE GA 414 23.57 73.72 -37.34
CA PHE GA 414 22.74 73.85 -36.16
C PHE GA 414 21.30 73.93 -36.60
N THR GA 415 20.40 73.62 -35.68
CA THR GA 415 18.97 73.69 -35.90
C THR GA 415 18.37 74.70 -34.93
N TYR GA 416 17.29 75.33 -35.36
CA TYR GA 416 16.61 76.34 -34.56
C TYR GA 416 15.12 76.16 -34.74
N THR GA 417 14.38 76.32 -33.65
CA THR GA 417 12.93 76.25 -33.67
C THR GA 417 12.37 77.64 -33.42
N PHE GA 418 11.52 78.10 -34.33
CA PHE GA 418 10.86 79.38 -34.13
C PHE GA 418 9.84 79.27 -33.00
N GLU GA 419 9.74 80.34 -32.21
CA GLU GA 419 8.70 80.40 -31.21
C GLU GA 419 7.33 80.49 -31.89
N ASP GA 420 6.29 80.24 -31.11
CA ASP GA 420 4.94 80.36 -31.63
C ASP GA 420 4.66 81.82 -31.99
N VAL GA 421 4.62 82.10 -33.29
CA VAL GA 421 4.43 83.46 -33.79
C VAL GA 421 3.10 83.46 -34.52
N PRO GA 422 2.36 84.57 -34.55
CA PRO GA 422 1.12 84.58 -35.32
C PRO GA 422 1.39 84.43 -36.81
N PHE GA 423 0.43 83.81 -37.50
CA PHE GA 423 0.51 83.74 -38.95
C PHE GA 423 0.52 85.14 -39.53
N HIS GA 424 1.38 85.35 -40.52
CA HIS GA 424 1.30 86.59 -41.28
C HIS GA 424 0.01 86.62 -42.09
N SER GA 425 -0.66 87.76 -42.09
CA SER GA 425 -1.91 87.90 -42.81
C SER GA 425 -1.62 87.97 -44.31
N SER GA 426 -1.65 86.81 -44.96
CA SER GA 426 -1.42 86.75 -46.41
C SER GA 426 -2.73 86.91 -47.15
N TYR GA 427 -3.48 87.96 -46.81
CA TYR GA 427 -4.79 88.20 -47.37
C TYR GA 427 -5.11 89.67 -47.23
N ALA GA 428 -6.01 90.14 -48.08
CA ALA GA 428 -6.59 91.46 -47.96
C ALA GA 428 -8.06 91.31 -47.59
N HIS GA 429 -8.56 92.23 -46.77
CA HIS GA 429 -9.95 92.14 -46.35
C HIS GA 429 -10.87 92.53 -47.51
N SER GA 430 -11.90 91.72 -47.73
CA SER GA 430 -12.90 92.02 -48.74
C SER GA 430 -14.04 92.85 -48.19
N GLN GA 431 -13.95 93.27 -46.93
CA GLN GA 431 -14.90 94.17 -46.31
C GLN GA 431 -14.14 95.32 -45.68
N SER GA 432 -14.77 96.48 -45.64
CA SER GA 432 -14.23 97.63 -44.95
C SER GA 432 -14.77 97.69 -43.53
N LEU GA 433 -13.98 98.27 -42.64
CA LEU GA 433 -14.37 98.32 -41.23
C LEU GA 433 -15.64 99.13 -41.02
N ASP GA 434 -15.86 100.16 -41.82
CA ASP GA 434 -17.05 100.99 -41.72
C ASP GA 434 -18.21 100.46 -42.54
N ARG GA 435 -18.07 99.26 -43.12
CA ARG GA 435 -19.10 98.66 -43.95
C ARG GA 435 -19.35 97.22 -43.53
N LEU GA 436 -19.40 96.97 -42.23
CA LEU GA 436 -19.62 95.63 -41.71
C LEU GA 436 -21.10 95.34 -41.44
N MET GA 437 -21.96 96.30 -41.68
CA MET GA 437 -23.37 96.20 -41.34
C MET GA 437 -24.21 95.67 -42.49
N ASN GA 438 -25.40 95.21 -42.16
CA ASN GA 438 -26.38 94.79 -43.15
C ASN GA 438 -26.89 96.02 -43.88
N PRO GA 439 -26.74 96.09 -45.20
CA PRO GA 439 -27.17 97.27 -45.96
C PRO GA 439 -28.67 97.33 -46.23
N LEU GA 440 -29.47 96.43 -45.65
CA LEU GA 440 -30.89 96.42 -45.88
C LEU GA 440 -31.72 96.78 -44.66
N ILE GA 441 -31.13 96.72 -43.47
CA ILE GA 441 -31.86 96.84 -42.23
C ILE GA 441 -31.40 98.10 -41.51
N ASP GA 442 -32.35 98.84 -40.96
CA ASP GA 442 -32.01 99.97 -40.12
C ASP GA 442 -31.45 99.50 -38.78
N GLN GA 443 -30.72 100.38 -38.12
CA GLN GA 443 -30.31 100.13 -36.76
C GLN GA 443 -31.44 100.50 -35.81
N TYR GA 444 -31.51 99.79 -34.69
CA TYR GA 444 -32.42 100.21 -33.63
C TYR GA 444 -31.84 101.33 -32.79
N LEU GA 445 -30.55 101.60 -32.91
CA LEU GA 445 -29.93 102.71 -32.21
C LEU GA 445 -30.16 104.00 -32.98
N TYR GA 446 -30.27 105.09 -32.24
CA TYR GA 446 -30.44 106.41 -32.82
C TYR GA 446 -29.15 107.20 -32.70
N TYR GA 447 -28.99 108.16 -33.61
CA TYR GA 447 -27.90 109.11 -33.54
C TYR GA 447 -28.49 110.51 -33.62
N LEU GA 448 -27.78 111.47 -33.03
CA LEU GA 448 -28.18 112.87 -33.15
C LEU GA 448 -28.06 113.30 -34.60
N SER GA 449 -29.19 113.51 -35.26
CA SER GA 449 -29.19 113.81 -36.68
C SER GA 449 -29.31 115.29 -36.98
N ARG GA 450 -29.95 116.08 -36.12
CA ARG GA 450 -30.03 117.51 -36.31
C ARG GA 450 -30.01 118.21 -34.96
N THR GA 451 -29.40 119.39 -34.95
CA THR GA 451 -29.39 120.25 -33.77
C THR GA 451 -30.12 121.56 -34.01
N GLN GA 452 -30.67 121.77 -35.21
CA GLN GA 452 -31.33 123.00 -35.57
C GLN GA 452 -32.56 122.69 -36.41
N THR GA 453 -33.64 123.42 -36.17
CA THR GA 453 -34.89 123.19 -36.89
C THR GA 453 -34.76 123.54 -38.37
N ASN GA 459 -34.25 129.64 -37.96
CA ASN GA 459 -34.27 128.34 -37.32
C ASN GA 459 -33.73 128.42 -35.90
N THR GA 460 -34.23 127.54 -35.04
CA THR GA 460 -33.88 127.53 -33.64
C THR GA 460 -33.24 126.19 -33.27
N GLN GA 461 -32.69 126.15 -32.06
CA GLN GA 461 -32.08 124.92 -31.57
C GLN GA 461 -33.14 123.84 -31.35
N THR GA 462 -32.75 122.60 -31.62
CA THR GA 462 -33.61 121.44 -31.40
C THR GA 462 -32.70 120.22 -31.27
N LEU GA 463 -33.32 119.09 -30.96
CA LEU GA 463 -32.60 117.82 -30.92
C LEU GA 463 -33.42 116.82 -31.74
N GLY GA 464 -32.94 116.51 -32.94
CA GLY GA 464 -33.55 115.51 -33.79
C GLY GA 464 -32.66 114.28 -33.84
N PHE GA 465 -33.30 113.12 -33.71
CA PHE GA 465 -32.59 111.85 -33.67
C PHE GA 465 -33.13 110.95 -34.77
N SER GA 466 -32.23 110.29 -35.48
CA SER GA 466 -32.59 109.39 -36.56
C SER GA 466 -31.93 108.05 -36.33
N GLN GA 467 -32.52 107.02 -36.94
CA GLN GA 467 -31.95 105.69 -36.90
C GLN GA 467 -30.99 105.52 -38.07
N GLY GA 468 -29.78 105.05 -37.77
CA GLY GA 468 -28.84 104.74 -38.83
C GLY GA 468 -29.37 103.66 -39.73
N GLY GA 469 -29.27 103.86 -41.04
CA GLY GA 469 -29.80 102.93 -41.99
C GLY GA 469 -28.91 102.79 -43.21
N PRO GA 470 -29.44 102.16 -44.26
CA PRO GA 470 -28.64 101.94 -45.47
C PRO GA 470 -28.12 103.21 -46.10
N ASN GA 471 -28.82 104.32 -45.95
CA ASN GA 471 -28.41 105.57 -46.57
C ASN GA 471 -27.52 106.43 -45.68
N THR GA 472 -27.77 106.43 -44.38
CA THR GA 472 -26.93 107.16 -43.43
C THR GA 472 -25.90 106.22 -42.81
N MET GA 473 -25.12 105.60 -43.67
CA MET GA 473 -24.21 104.55 -43.23
C MET GA 473 -23.01 105.13 -42.49
N ALA GA 474 -22.64 106.37 -42.78
CA ALA GA 474 -21.58 107.02 -42.03
C ALA GA 474 -22.00 107.36 -40.60
N ASN GA 475 -23.31 107.48 -40.34
CA ASN GA 475 -23.80 107.83 -39.02
C ASN GA 475 -24.09 106.63 -38.15
N GLN GA 476 -24.04 105.42 -38.69
CA GLN GA 476 -24.43 104.24 -37.95
C GLN GA 476 -23.51 104.00 -36.76
N ALA GA 477 -24.09 103.49 -35.68
CA ALA GA 477 -23.29 103.03 -34.56
C ALA GA 477 -22.44 101.84 -34.98
N LYS GA 478 -21.18 101.84 -34.58
CA LYS GA 478 -20.24 100.82 -34.99
C LYS GA 478 -19.44 100.35 -33.78
N ASN GA 479 -18.94 99.12 -33.88
CA ASN GA 479 -18.26 98.49 -32.76
C ASN GA 479 -16.75 98.69 -32.76
N TRP GA 480 -16.17 99.12 -33.87
CA TRP GA 480 -14.73 99.08 -34.01
C TRP GA 480 -14.22 100.38 -34.64
N LEU GA 481 -12.94 100.65 -34.40
CA LEU GA 481 -12.26 101.81 -34.91
C LEU GA 481 -11.07 101.39 -35.77
N PRO GA 482 -10.70 102.21 -36.75
CA PRO GA 482 -9.51 101.90 -37.54
C PRO GA 482 -8.26 101.96 -36.69
N GLY GA 483 -7.24 101.23 -37.13
CA GLY GA 483 -6.00 101.15 -36.43
C GLY GA 483 -5.35 102.50 -36.20
N PRO GA 484 -4.25 102.50 -35.44
CA PRO GA 484 -3.63 103.76 -35.04
C PRO GA 484 -2.98 104.46 -36.23
N CYS GA 485 -2.80 105.77 -36.06
CA CYS GA 485 -2.30 106.64 -37.12
C CYS GA 485 -1.11 107.44 -36.63
N TYR GA 486 -0.10 107.59 -37.49
CA TYR GA 486 1.04 108.47 -37.27
C TYR GA 486 1.31 109.15 -38.61
N ARG GA 487 0.65 110.28 -38.84
CA ARG GA 487 0.48 110.79 -40.18
C ARG GA 487 1.80 111.11 -40.87
N GLN GA 488 1.91 110.70 -42.11
CA GLN GA 488 3.07 110.95 -42.95
C GLN GA 488 2.73 111.97 -44.03
N GLN GA 489 3.76 112.67 -44.49
CA GLN GA 489 3.56 113.61 -45.59
C GLN GA 489 3.32 112.85 -46.89
N ARG GA 490 2.44 113.39 -47.72
CA ARG GA 490 2.08 112.76 -48.98
C ARG GA 490 3.02 113.24 -50.08
N VAL GA 491 3.55 112.29 -50.85
CA VAL GA 491 4.42 112.58 -51.98
C VAL GA 491 3.80 111.93 -53.21
N SER GA 492 3.77 112.68 -54.30
CA SER GA 492 3.24 112.19 -55.56
C SER GA 492 4.37 111.70 -56.44
N THR GA 493 4.18 110.52 -57.04
CA THR GA 493 5.15 110.05 -58.03
C THR GA 493 5.15 110.93 -59.28
N THR GA 494 4.07 111.65 -59.52
CA THR GA 494 4.04 112.72 -60.53
C THR GA 494 4.67 113.94 -59.87
N THR GA 495 5.95 114.18 -60.18
CA THR GA 495 6.72 115.16 -59.42
C THR GA 495 6.15 116.57 -59.54
N GLY GA 496 5.50 116.88 -60.67
CA GLY GA 496 4.92 118.20 -60.84
C GLY GA 496 3.85 118.51 -59.83
N GLN GA 497 3.23 117.50 -59.23
CA GLN GA 497 2.22 117.71 -58.19
C GLN GA 497 2.83 117.92 -56.82
N ASN GA 498 4.15 117.77 -56.67
CA ASN GA 498 4.80 117.96 -55.38
C ASN GA 498 5.23 119.40 -55.21
N ASN GA 499 5.37 119.80 -53.94
CA ASN GA 499 5.90 121.12 -53.63
C ASN GA 499 7.33 121.24 -54.13
N ASN GA 500 7.65 122.40 -54.69
CA ASN GA 500 8.99 122.64 -55.22
C ASN GA 500 9.92 123.03 -54.07
N SER GA 501 10.27 122.02 -53.28
CA SER GA 501 11.19 122.18 -52.17
C SER GA 501 11.76 120.82 -51.82
N ASN GA 502 12.86 120.83 -51.08
CA ASN GA 502 13.50 119.61 -50.61
C ASN GA 502 12.98 119.33 -49.21
N PHE GA 503 11.92 118.54 -49.12
CA PHE GA 503 11.23 118.31 -47.85
C PHE GA 503 11.26 116.86 -47.42
N ALA GA 504 12.13 116.03 -48.00
CA ALA GA 504 12.18 114.62 -47.62
C ALA GA 504 12.51 114.46 -46.14
N TRP GA 505 13.45 115.27 -45.64
CA TRP GA 505 13.81 115.24 -44.24
C TRP GA 505 13.05 116.26 -43.40
N THR GA 506 12.94 117.50 -43.88
CA THR GA 506 12.31 118.54 -43.10
C THR GA 506 10.84 118.23 -42.84
N ALA GA 507 10.14 117.72 -43.85
CA ALA GA 507 8.75 117.31 -43.70
C ALA GA 507 8.61 115.84 -43.37
N GLY GA 508 9.73 115.14 -43.15
CA GLY GA 508 9.66 113.73 -42.83
C GLY GA 508 8.98 113.48 -41.50
N THR GA 509 8.27 112.35 -41.43
CA THR GA 509 7.62 111.96 -40.20
C THR GA 509 8.64 111.24 -39.32
N LYS GA 510 8.88 111.80 -38.14
CA LYS GA 510 10.03 111.41 -37.33
C LYS GA 510 9.59 111.08 -35.91
N TYR GA 511 10.43 110.33 -35.23
CA TYR GA 511 10.35 110.21 -33.78
C TYR GA 511 11.60 110.80 -33.16
N HIS GA 512 11.48 111.19 -31.90
CA HIS GA 512 12.53 111.87 -31.16
C HIS GA 512 13.00 110.96 -30.04
N LEU GA 513 14.29 110.66 -29.99
CA LEU GA 513 14.84 109.77 -28.98
C LEU GA 513 16.19 110.31 -28.55
N ASN GA 514 16.28 110.69 -27.27
CA ASN GA 514 17.52 111.19 -26.67
C ASN GA 514 18.11 112.33 -27.48
N GLY GA 515 17.26 113.30 -27.81
CA GLY GA 515 17.69 114.45 -28.57
C GLY GA 515 18.08 114.16 -30.01
N ARG GA 516 17.79 112.96 -30.50
CA ARG GA 516 18.13 112.56 -31.85
C ARG GA 516 16.84 112.34 -32.63
N ASN GA 517 16.77 112.89 -33.84
CA ASN GA 517 15.62 112.72 -34.70
C ASN GA 517 15.90 111.60 -35.69
N SER GA 518 14.97 110.66 -35.77
CA SER GA 518 15.05 109.55 -36.71
C SER GA 518 13.72 109.45 -37.43
N LEU GA 519 13.77 109.17 -38.72
CA LEU GA 519 12.55 108.96 -39.49
C LEU GA 519 11.76 107.79 -38.92
N ALA GA 520 10.45 107.98 -38.81
CA ALA GA 520 9.53 106.88 -38.51
C ALA GA 520 9.33 106.11 -39.81
N ASN GA 521 10.33 105.33 -40.17
CA ASN GA 521 10.45 104.75 -41.51
C ASN GA 521 10.55 103.24 -41.40
N PRO GA 522 9.58 102.48 -41.91
CA PRO GA 522 8.39 103.00 -42.60
C PRO GA 522 7.27 103.38 -41.63
N GLY GA 523 7.52 103.26 -40.34
CA GLY GA 523 6.51 103.59 -39.36
C GLY GA 523 5.46 102.51 -39.23
N ILE GA 524 4.38 102.88 -38.55
CA ILE GA 524 3.30 101.92 -38.29
C ILE GA 524 2.58 101.59 -39.60
N ALA GA 525 1.97 100.41 -39.63
CA ALA GA 525 1.29 99.93 -40.82
C ALA GA 525 0.06 100.79 -41.09
N MET GA 526 0.13 101.61 -42.13
CA MET GA 526 -1.01 102.37 -42.60
C MET GA 526 -1.14 102.19 -44.10
N ALA GA 527 -2.36 102.37 -44.60
CA ALA GA 527 -2.61 102.27 -46.02
C ALA GA 527 -1.80 103.33 -46.76
N THR GA 528 -1.14 102.90 -47.83
CA THR GA 528 -0.26 103.81 -48.57
C THR GA 528 -1.05 104.98 -49.15
N HIS GA 529 -2.25 104.71 -49.67
CA HIS GA 529 -3.07 105.72 -50.29
C HIS GA 529 -4.51 105.24 -50.23
N LYS GA 530 -5.43 106.16 -50.51
CA LYS GA 530 -6.83 105.80 -50.57
C LYS GA 530 -7.19 105.43 -52.00
N ASP GA 531 -8.48 105.27 -52.27
CA ASP GA 531 -8.94 104.85 -53.59
C ASP GA 531 -8.52 105.84 -54.66
N ASP GA 532 -8.04 105.32 -55.79
CA ASP GA 532 -7.72 106.10 -56.98
C ASP GA 532 -6.61 107.12 -56.72
N GLU GA 533 -5.70 106.81 -55.81
CA GLU GA 533 -4.58 107.70 -55.50
C GLU GA 533 -3.28 106.92 -55.45
N GLU GA 534 -3.09 106.00 -56.40
CA GLU GA 534 -1.91 105.14 -56.41
C GLU GA 534 -0.62 105.95 -56.56
N ARG GA 535 -0.71 107.13 -57.19
CA ARG GA 535 0.47 107.96 -57.38
C ARG GA 535 1.00 108.55 -56.09
N PHE GA 536 0.22 108.52 -55.01
CA PHE GA 536 0.61 109.10 -53.74
C PHE GA 536 1.19 108.04 -52.83
N PHE GA 537 2.24 108.40 -52.11
CA PHE GA 537 2.80 107.52 -51.09
C PHE GA 537 3.28 108.36 -49.91
N PRO GA 538 3.25 107.81 -48.71
CA PRO GA 538 3.86 108.49 -47.57
C PRO GA 538 5.35 108.65 -47.78
N SER GA 539 5.88 109.81 -47.36
CA SER GA 539 7.26 110.16 -47.71
C SER GA 539 8.26 109.16 -47.17
N ASN GA 540 8.06 108.70 -45.94
CA ASN GA 540 8.89 107.63 -45.37
C ASN GA 540 8.00 106.59 -44.69
N GLY GA 541 6.95 106.18 -45.39
CA GLY GA 541 5.98 105.26 -44.81
C GLY GA 541 5.77 103.98 -45.58
N ILE GA 542 6.66 103.69 -46.54
CA ILE GA 542 6.57 102.47 -47.32
C ILE GA 542 7.97 101.88 -47.45
N LEU GA 543 8.01 100.57 -47.70
CA LEU GA 543 9.24 99.92 -48.08
C LEU GA 543 9.54 100.24 -49.55
N ILE GA 544 10.76 100.68 -49.81
CA ILE GA 544 11.20 100.99 -51.15
C ILE GA 544 12.38 100.09 -51.49
N PHE GA 545 12.18 99.21 -52.46
CA PHE GA 545 13.24 98.33 -52.93
C PHE GA 545 13.86 98.92 -54.19
N GLY GA 546 15.15 98.69 -54.35
CA GLY GA 546 15.84 99.14 -55.54
C GLY GA 546 15.78 98.09 -56.64
N LYS GA 547 15.61 98.56 -57.86
CA LYS GA 547 15.77 97.67 -59.00
C LYS GA 547 17.24 97.27 -59.13
N GLN GA 548 17.48 96.26 -59.95
CA GLN GA 548 18.85 95.81 -60.15
C GLN GA 548 19.71 96.95 -60.70
N ASN GA 549 20.90 97.11 -60.13
CA ASN GA 549 21.85 98.15 -60.51
C ASN GA 549 21.33 99.55 -60.20
N ALA GA 550 20.43 99.68 -59.24
CA ALA GA 550 20.02 101.00 -58.77
C ALA GA 550 21.14 101.63 -57.97
N ALA GA 551 21.30 102.94 -58.13
CA ALA GA 551 22.36 103.64 -57.42
C ALA GA 551 22.11 103.63 -55.91
N ARG GA 552 23.19 103.58 -55.15
CA ARG GA 552 23.07 103.64 -53.70
C ARG GA 552 22.49 104.96 -53.23
N ASP GA 553 22.93 106.07 -53.83
CA ASP GA 553 22.48 107.39 -53.44
C ASP GA 553 21.76 108.06 -54.61
N ASN GA 554 20.63 108.71 -54.31
CA ASN GA 554 19.88 109.51 -55.27
C ASN GA 554 19.50 108.68 -56.50
N ALA GA 555 18.99 107.48 -56.27
CA ALA GA 555 18.41 106.70 -57.35
C ALA GA 555 17.11 107.36 -57.80
N ASP GA 556 16.90 107.40 -59.11
CA ASP GA 556 15.67 107.97 -59.64
C ASP GA 556 14.49 107.09 -59.31
N TYR GA 557 13.28 107.65 -59.42
CA TYR GA 557 12.07 106.89 -59.16
C TYR GA 557 11.96 105.68 -60.07
N SER GA 558 12.48 105.78 -61.29
CA SER GA 558 12.45 104.64 -62.21
C SER GA 558 13.40 103.53 -61.78
N ASP GA 559 14.35 103.81 -60.90
CA ASP GA 559 15.30 102.81 -60.44
C ASP GA 559 14.89 102.13 -59.15
N VAL GA 560 13.76 102.52 -58.56
CA VAL GA 560 13.32 101.95 -57.30
C VAL GA 560 11.95 101.35 -57.48
N MET GA 561 11.57 100.49 -56.53
CA MET GA 561 10.30 99.77 -56.56
C MET GA 561 9.53 100.15 -55.30
N LEU GA 562 8.53 101.00 -55.45
CA LEU GA 562 7.71 101.39 -54.30
C LEU GA 562 6.72 100.29 -53.98
N THR GA 563 6.67 99.90 -52.70
CA THR GA 563 5.61 99.01 -52.26
C THR GA 563 4.35 99.82 -51.97
N SER GA 564 3.23 99.12 -51.86
CA SER GA 564 1.96 99.75 -51.54
C SER GA 564 1.21 98.88 -50.54
N GLU GA 565 0.78 99.50 -49.44
CA GLU GA 565 -0.04 98.84 -48.44
C GLU GA 565 -1.51 99.21 -48.60
N GLU GA 566 -1.97 99.38 -49.84
CA GLU GA 566 -3.35 99.76 -50.08
C GLU GA 566 -4.33 98.66 -49.67
N GLU GA 567 -3.87 97.42 -49.52
CA GLU GA 567 -4.77 96.34 -49.13
C GLU GA 567 -5.34 96.54 -47.74
N ILE GA 568 -4.66 97.31 -46.88
CA ILE GA 568 -5.11 97.53 -45.52
C ILE GA 568 -5.93 98.81 -45.38
N LYS GA 569 -6.37 99.39 -46.51
CA LYS GA 569 -7.31 100.51 -46.46
C LYS GA 569 -8.56 100.14 -45.68
N THR GA 570 -8.95 98.88 -45.71
CA THR GA 570 -10.19 98.44 -45.10
C THR GA 570 -10.16 98.56 -43.59
N THR GA 571 -9.00 98.52 -43.00
CA THR GA 571 -8.88 98.53 -41.55
C THR GA 571 -7.94 99.60 -41.05
N ASN GA 572 -6.85 99.87 -41.76
CA ASN GA 572 -5.89 100.86 -41.31
C ASN GA 572 -6.16 102.21 -41.98
N PRO GA 573 -5.98 103.31 -41.24
CA PRO GA 573 -6.12 104.62 -41.86
C PRO GA 573 -5.04 104.86 -42.90
N VAL GA 574 -5.36 105.70 -43.87
CA VAL GA 574 -4.40 106.06 -44.91
C VAL GA 574 -3.24 106.82 -44.28
N ALA GA 575 -2.03 106.46 -44.67
CA ALA GA 575 -0.82 106.98 -44.02
C ALA GA 575 -0.72 108.49 -44.13
N THR GA 576 -1.25 109.07 -45.20
CA THR GA 576 -1.12 110.50 -45.46
C THR GA 576 -2.35 111.29 -45.07
N GLU GA 577 -3.33 110.66 -44.44
CA GLU GA 577 -4.55 111.33 -44.04
C GLU GA 577 -4.64 111.35 -42.52
N GLU GA 578 -5.48 112.23 -42.01
CA GLU GA 578 -5.74 112.29 -40.59
C GLU GA 578 -6.51 111.06 -40.12
N TYR GA 579 -6.32 110.70 -38.86
CA TYR GA 579 -7.07 109.58 -38.30
C TYR GA 579 -8.56 109.90 -38.24
N GLY GA 580 -8.89 111.12 -37.84
CA GLY GA 580 -10.29 111.46 -37.67
C GLY GA 580 -10.42 112.86 -37.11
N ILE GA 581 -11.58 113.14 -36.57
CA ILE GA 581 -11.94 114.46 -36.07
C ILE GA 581 -12.42 114.33 -34.64
N VAL GA 582 -11.92 115.19 -33.76
CA VAL GA 582 -12.39 115.25 -32.39
C VAL GA 582 -12.82 116.68 -32.08
N ALA GA 583 -13.66 116.81 -31.05
CA ALA GA 583 -14.06 118.12 -30.58
C ALA GA 583 -12.89 118.83 -29.93
N ASP GA 584 -12.78 120.13 -30.17
CA ASP GA 584 -11.72 120.93 -29.61
C ASP GA 584 -12.19 121.89 -28.52
N ASN GA 585 -13.48 122.00 -28.29
CA ASN GA 585 -14.01 122.94 -27.31
C ASN GA 585 -15.36 122.42 -26.82
N LEU GA 586 -16.04 123.24 -26.03
CA LEU GA 586 -17.40 122.97 -25.58
C LEU GA 586 -18.31 124.01 -26.23
N GLN GA 587 -19.14 123.55 -27.16
CA GLN GA 587 -20.06 124.47 -27.82
C GLN GA 587 -21.12 124.96 -26.85
N GLN GA 588 -21.45 126.24 -26.97
CA GLN GA 588 -22.55 126.86 -26.23
C GLN GA 588 -23.37 127.66 -27.23
N GLN GA 589 -24.43 128.30 -26.72
CA GLN GA 589 -25.25 129.15 -27.59
C GLN GA 589 -24.46 130.32 -28.15
N ASN GA 590 -23.33 130.68 -27.53
CA ASN GA 590 -22.49 131.77 -28.00
C ASN GA 590 -21.20 131.31 -28.66
N THR GA 591 -20.78 130.06 -28.47
CA THR GA 591 -19.54 129.56 -29.04
C THR GA 591 -19.87 128.40 -29.97
N ALA GA 592 -19.55 128.55 -31.25
CA ALA GA 592 -19.76 127.49 -32.21
C ALA GA 592 -18.81 126.33 -31.92
N PRO GA 593 -19.24 125.10 -32.16
CA PRO GA 593 -18.36 123.95 -31.93
C PRO GA 593 -17.14 124.00 -32.82
N GLN GA 594 -15.99 123.63 -32.26
CA GLN GA 594 -14.74 123.58 -32.98
C GLN GA 594 -14.26 122.14 -33.03
N ILE GA 595 -13.62 121.79 -34.14
CA ILE GA 595 -13.15 120.43 -34.35
C ILE GA 595 -11.64 120.43 -34.48
N GLY GA 596 -11.02 119.38 -33.97
CA GLY GA 596 -9.59 119.17 -34.07
C GLY GA 596 -9.30 117.99 -34.99
N THR GA 597 -8.28 118.14 -35.83
CA THR GA 597 -7.88 117.10 -36.75
C THR GA 597 -6.83 116.23 -36.07
N VAL GA 598 -7.13 114.93 -35.95
CA VAL GA 598 -6.26 113.99 -35.28
C VAL GA 598 -5.26 113.47 -36.31
N ASN GA 599 -4.02 113.97 -36.23
CA ASN GA 599 -2.96 113.53 -37.13
C ASN GA 599 -2.09 112.45 -36.51
N SER GA 600 -2.28 112.13 -35.24
CA SER GA 600 -1.56 111.06 -34.58
C SER GA 600 -2.49 110.46 -33.54
N GLN GA 601 -2.77 109.17 -33.67
CA GLN GA 601 -3.70 108.50 -32.78
C GLN GA 601 -3.06 107.23 -32.27
N GLY GA 602 -2.84 107.16 -30.96
CA GLY GA 602 -2.40 105.94 -30.33
C GLY GA 602 -3.53 104.96 -30.16
N ALA GA 603 -3.22 103.83 -29.53
CA ALA GA 603 -4.18 102.75 -29.41
C ALA GA 603 -5.42 103.19 -28.64
N LEU GA 604 -6.58 102.90 -29.20
CA LEU GA 604 -7.86 103.10 -28.55
C LEU GA 604 -8.57 101.76 -28.44
N PRO GA 605 -9.38 101.56 -27.39
CA PRO GA 605 -10.15 100.32 -27.30
C PRO GA 605 -11.10 100.18 -28.48
N GLY GA 606 -11.26 98.95 -28.95
CA GLY GA 606 -12.04 98.69 -30.13
C GLY GA 606 -11.32 98.92 -31.43
N MET GA 607 -10.05 99.32 -31.39
CA MET GA 607 -9.31 99.55 -32.61
C MET GA 607 -8.78 98.23 -33.15
N VAL GA 608 -8.86 98.07 -34.48
CA VAL GA 608 -8.31 96.91 -35.16
C VAL GA 608 -7.46 97.41 -36.31
N TRP GA 609 -6.45 96.63 -36.66
CA TRP GA 609 -5.53 97.02 -37.72
C TRP GA 609 -4.85 95.79 -38.30
N GLN GA 610 -4.28 95.97 -39.47
CA GLN GA 610 -3.44 94.97 -40.11
C GLN GA 610 -1.98 95.39 -40.03
N ASN GA 611 -1.10 94.40 -40.00
CA ASN GA 611 0.32 94.69 -40.07
C ASN GA 611 0.73 95.01 -41.50
N ARG GA 612 1.94 95.51 -41.64
CA ARG GA 612 2.51 95.72 -42.96
C ARG GA 612 2.69 94.38 -43.66
N ASP GA 613 2.49 94.39 -44.98
CA ASP GA 613 2.70 93.19 -45.76
C ASP GA 613 4.17 92.80 -45.79
N VAL GA 614 4.42 91.52 -45.97
CA VAL GA 614 5.77 91.05 -46.23
C VAL GA 614 5.94 90.93 -47.74
N TYR GA 615 7.19 90.95 -48.18
CA TYR GA 615 7.51 90.94 -49.59
C TYR GA 615 8.56 89.88 -49.85
N LEU GA 616 8.58 89.39 -51.10
CA LEU GA 616 9.58 88.42 -51.49
C LEU GA 616 10.99 88.96 -51.26
N GLN GA 617 11.19 90.25 -51.52
CA GLN GA 617 12.47 90.91 -51.27
C GLN GA 617 12.60 91.44 -49.85
N GLY GA 618 11.54 91.39 -49.06
CA GLY GA 618 11.53 92.03 -47.77
C GLY GA 618 12.07 91.17 -46.65
N PRO GA 619 12.20 91.74 -45.46
CA PRO GA 619 12.68 90.98 -44.31
C PRO GA 619 11.65 89.96 -43.83
N ILE GA 620 12.15 88.94 -43.15
CA ILE GA 620 11.31 87.88 -42.60
C ILE GA 620 11.00 88.13 -41.13
N TRP GA 621 12.02 88.37 -40.33
CA TRP GA 621 11.85 88.49 -38.89
C TRP GA 621 12.67 89.65 -38.37
N ALA GA 622 12.31 90.09 -37.17
CA ALA GA 622 13.12 91.01 -36.40
C ALA GA 622 13.12 90.54 -34.96
N LYS GA 623 14.20 90.85 -34.25
CA LYS GA 623 14.25 90.58 -32.83
C LYS GA 623 13.44 91.63 -32.09
N ILE GA 624 12.48 91.18 -31.29
CA ILE GA 624 11.76 92.10 -30.41
C ILE GA 624 12.75 92.57 -29.36
N PRO GA 625 12.95 93.88 -29.21
CA PRO GA 625 13.90 94.37 -28.20
C PRO GA 625 13.49 93.90 -26.81
N HIS GA 626 14.47 93.55 -26.01
CA HIS GA 626 14.23 93.09 -24.65
C HIS GA 626 13.92 94.30 -23.79
N THR GA 627 12.63 94.58 -23.63
CA THR GA 627 12.18 95.74 -22.86
C THR GA 627 11.09 95.31 -21.90
N ASP GA 628 10.78 96.19 -20.95
CA ASP GA 628 9.70 95.93 -20.01
C ASP GA 628 8.36 95.86 -20.73
N GLY GA 629 8.13 96.75 -21.66
CA GLY GA 629 6.85 96.81 -22.34
C GLY GA 629 7.03 97.01 -23.82
N ASN GA 630 6.13 96.39 -24.59
CA ASN GA 630 5.99 96.67 -26.00
C ASN GA 630 4.50 96.61 -26.32
N PHE GA 631 4.13 97.28 -27.40
CA PHE GA 631 2.76 97.24 -27.89
C PHE GA 631 2.76 96.65 -29.28
N HIS GA 632 2.06 95.53 -29.45
CA HIS GA 632 1.95 94.82 -30.71
C HIS GA 632 3.33 94.67 -31.34
N PRO GA 633 4.19 93.83 -30.78
CA PRO GA 633 5.59 93.79 -31.23
C PRO GA 633 5.75 93.13 -32.59
N SER GA 634 5.05 93.63 -33.56
CA SER GA 634 5.26 93.24 -34.95
C SER GA 634 6.22 94.21 -35.61
N PRO GA 635 7.30 93.73 -36.22
CA PRO GA 635 8.31 94.63 -36.78
C PRO GA 635 7.70 95.57 -37.82
N LEU GA 636 8.13 96.83 -37.79
CA LEU GA 636 7.47 97.84 -38.60
C LEU GA 636 7.78 97.69 -40.08
N MET GA 637 8.98 97.25 -40.44
CA MET GA 637 9.24 96.96 -41.85
C MET GA 637 8.65 95.63 -42.28
N GLY GA 638 7.83 95.02 -41.46
CA GLY GA 638 7.12 93.81 -41.82
C GLY GA 638 7.85 92.56 -41.35
N GLY GA 639 7.08 91.50 -41.19
CA GLY GA 639 7.62 90.21 -40.82
C GLY GA 639 7.18 89.77 -39.44
N PHE GA 640 7.94 88.85 -38.88
CA PHE GA 640 7.60 88.20 -37.64
C PHE GA 640 8.47 88.75 -36.53
N GLY GA 641 7.85 89.26 -35.48
CA GLY GA 641 8.58 89.69 -34.31
C GLY GA 641 8.86 88.51 -33.40
N LEU GA 642 10.14 88.27 -33.11
CA LEU GA 642 10.54 87.13 -32.31
C LEU GA 642 11.33 87.60 -31.09
N LYS GA 643 10.94 87.12 -29.92
CA LYS GA 643 11.75 87.35 -28.73
C LYS GA 643 13.10 86.67 -28.86
N HIS GA 644 13.12 85.47 -29.43
CA HIS GA 644 14.34 84.69 -29.65
C HIS GA 644 14.41 84.35 -31.12
N PRO GA 645 14.90 85.27 -31.95
CA PRO GA 645 14.93 85.06 -33.38
C PRO GA 645 16.00 84.03 -33.74
N PRO GA 646 16.11 83.66 -35.01
CA PRO GA 646 17.24 82.84 -35.43
C PRO GA 646 18.54 83.49 -35.01
N PRO GA 647 19.42 82.75 -34.36
CA PRO GA 647 20.62 83.36 -33.79
C PRO GA 647 21.56 83.86 -34.88
N GLN GA 648 22.30 84.92 -34.55
CA GLN GA 648 23.34 85.39 -35.46
C GLN GA 648 24.40 84.31 -35.61
N ILE GA 649 24.81 84.07 -36.84
CA ILE GA 649 25.85 83.10 -37.15
C ILE GA 649 27.08 83.88 -37.55
N LEU GA 650 28.08 83.89 -36.67
CA LEU GA 650 29.28 84.67 -36.86
C LEU GA 650 30.37 83.78 -37.44
N ILE GA 651 31.08 84.26 -38.44
CA ILE GA 651 32.10 83.49 -39.12
C ILE GA 651 33.32 84.38 -39.31
N LYS GA 652 34.50 83.80 -39.13
CA LYS GA 652 35.74 84.54 -39.27
C LYS GA 652 36.84 83.61 -39.76
N ASN GA 653 37.69 84.13 -40.62
CA ASN GA 653 38.93 83.43 -40.95
C ASN GA 653 39.88 83.53 -39.76
N THR GA 654 40.33 82.39 -39.27
CA THR GA 654 41.30 82.40 -38.19
C THR GA 654 42.59 83.04 -38.67
N PRO GA 655 43.11 84.05 -37.96
CA PRO GA 655 44.35 84.69 -38.41
C PRO GA 655 45.49 83.68 -38.44
N VAL GA 656 46.25 83.71 -39.53
CA VAL GA 656 47.44 82.89 -39.69
C VAL GA 656 48.63 83.84 -39.76
N PRO GA 657 49.44 83.93 -38.71
CA PRO GA 657 50.57 84.86 -38.73
C PRO GA 657 51.55 84.53 -39.85
N ALA GA 658 52.14 85.56 -40.42
CA ALA GA 658 53.32 85.38 -41.22
C ALA GA 658 54.49 85.01 -40.31
N ASP GA 659 55.67 84.86 -40.90
CA ASP GA 659 56.81 84.41 -40.11
C ASP GA 659 57.13 85.43 -39.03
N PRO GA 660 57.10 85.05 -37.75
CA PRO GA 660 57.46 85.98 -36.70
C PRO GA 660 58.97 86.20 -36.67
N PRO GA 661 59.43 87.25 -36.01
CA PRO GA 661 60.87 87.44 -35.87
C PRO GA 661 61.49 86.32 -35.05
N THR GA 662 62.79 86.12 -35.25
CA THR GA 662 63.50 85.06 -34.54
C THR GA 662 63.93 85.47 -33.14
N THR GA 663 63.72 86.73 -32.77
CA THR GA 663 63.92 87.20 -31.41
C THR GA 663 62.57 87.63 -30.85
N PHE GA 664 62.34 87.31 -29.57
CA PHE GA 664 61.01 87.50 -29.00
C PHE GA 664 60.63 88.98 -28.98
N ASN GA 665 59.39 89.25 -29.37
CA ASN GA 665 58.80 90.57 -29.27
C ASN GA 665 57.44 90.42 -28.61
N GLN GA 666 57.20 91.19 -27.55
CA GLN GA 666 55.95 91.09 -26.82
C GLN GA 666 54.78 91.67 -27.58
N SER GA 667 55.04 92.52 -28.58
CA SER GA 667 53.97 93.19 -29.30
C SER GA 667 53.11 92.17 -30.04
N LYS GA 668 51.81 92.47 -30.13
CA LYS GA 668 50.91 91.61 -30.88
C LYS GA 668 51.35 91.54 -32.33
N LEU GA 669 51.20 90.38 -32.93
CA LEU GA 669 51.59 90.20 -34.32
C LEU GA 669 50.63 90.94 -35.23
N ASN GA 670 51.17 91.70 -36.18
CA ASN GA 670 50.38 92.40 -37.16
C ASN GA 670 50.67 91.95 -38.59
N SER GA 671 51.61 91.02 -38.77
CA SER GA 671 51.94 90.49 -40.07
C SER GA 671 51.21 89.15 -40.22
N PHE GA 672 50.23 89.11 -41.10
CA PHE GA 672 49.42 87.93 -41.29
C PHE GA 672 49.44 87.49 -42.74
N ILE GA 673 49.29 86.18 -42.93
CA ILE GA 673 49.15 85.64 -44.27
C ILE GA 673 47.80 86.09 -44.84
N THR GA 674 47.82 86.69 -46.02
CA THR GA 674 46.59 87.14 -46.65
C THR GA 674 45.74 85.94 -47.01
N GLN GA 675 44.48 85.97 -46.62
CA GLN GA 675 43.69 84.75 -46.59
C GLN GA 675 42.23 85.09 -46.75
N TYR GA 676 41.50 84.21 -47.43
CA TYR GA 676 40.05 84.29 -47.49
C TYR GA 676 39.51 82.87 -47.57
N SER GA 677 38.25 82.72 -47.20
CA SER GA 677 37.61 81.42 -47.24
C SER GA 677 36.38 81.47 -48.12
N THR GA 678 36.05 80.33 -48.70
CA THR GA 678 34.83 80.16 -49.46
C THR GA 678 34.23 78.82 -49.08
N GLY GA 679 32.92 78.71 -49.29
CA GLY GA 679 32.24 77.48 -48.97
C GLY GA 679 30.80 77.57 -49.40
N GLN GA 680 30.04 76.57 -48.99
CA GLN GA 680 28.62 76.54 -49.26
C GLN GA 680 27.86 76.68 -47.95
N VAL GA 681 26.74 77.38 -48.02
CA VAL GA 681 25.85 77.56 -46.87
C VAL GA 681 24.48 77.06 -47.27
N SER GA 682 23.89 76.23 -46.42
CA SER GA 682 22.54 75.73 -46.63
C SER GA 682 21.67 76.19 -45.47
N VAL GA 683 20.52 76.76 -45.80
CA VAL GA 683 19.52 77.10 -44.81
C VAL GA 683 18.20 76.47 -45.24
N GLU GA 684 17.61 75.69 -44.34
CA GLU GA 684 16.33 75.04 -44.58
C GLU GA 684 15.34 75.59 -43.57
N ILE GA 685 14.23 76.15 -44.06
CA ILE GA 685 13.19 76.66 -43.19
C ILE GA 685 11.90 75.91 -43.49
N GLU GA 686 11.26 75.40 -42.46
CA GLU GA 686 9.94 74.82 -42.57
C GLU GA 686 8.92 75.88 -42.21
N TRP GA 687 7.98 76.12 -43.12
CA TRP GA 687 6.92 77.10 -42.91
C TRP GA 687 5.60 76.39 -42.75
N GLU GA 688 4.80 76.83 -41.79
CA GLU GA 688 3.44 76.36 -41.64
C GLU GA 688 2.52 77.26 -42.44
N LEU GA 689 1.56 76.65 -43.12
CA LEU GA 689 0.64 77.38 -43.98
C LEU GA 689 -0.75 77.42 -43.37
N GLN GA 690 -1.42 78.55 -43.55
CA GLN GA 690 -2.84 78.69 -43.25
C GLN GA 690 -3.59 78.61 -44.56
N LYS GA 691 -4.23 77.48 -44.83
CA LYS GA 691 -4.99 77.31 -46.05
C LYS GA 691 -6.23 78.19 -46.04
N GLU GA 692 -6.53 78.77 -47.19
CA GLU GA 692 -7.74 79.59 -47.31
C GLU GA 692 -8.96 78.69 -47.35
N ASN GA 693 -9.93 78.99 -46.50
CA ASN GA 693 -11.20 78.27 -46.48
C ASN GA 693 -12.30 79.30 -46.73
N SER GA 694 -12.54 79.58 -48.00
CA SER GA 694 -13.35 80.71 -48.42
C SER GA 694 -14.54 80.23 -49.24
N LYS GA 695 -15.70 80.84 -48.98
CA LYS GA 695 -16.91 80.57 -49.73
C LYS GA 695 -17.19 81.65 -50.77
N ARG GA 696 -16.21 82.48 -51.06
CA ARG GA 696 -16.33 83.48 -52.12
C ARG GA 696 -16.66 82.80 -53.44
N TRP GA 697 -17.65 83.35 -54.15
CA TRP GA 697 -18.09 82.74 -55.39
C TRP GA 697 -17.23 83.17 -56.57
N ASN GA 698 -17.01 84.48 -56.71
CA ASN GA 698 -16.26 85.00 -57.84
C ASN GA 698 -14.78 84.72 -57.68
N PRO GA 699 -14.02 84.68 -58.78
CA PRO GA 699 -12.60 84.39 -58.68
C PRO GA 699 -11.85 85.45 -57.90
N GLU GA 700 -10.79 85.02 -57.22
CA GLU GA 700 -9.96 85.90 -56.43
C GLU GA 700 -8.92 86.58 -57.32
N ILE GA 701 -8.31 87.63 -56.77
CA ILE GA 701 -7.13 88.22 -57.39
C ILE GA 701 -5.94 87.33 -57.09
N GLN GA 702 -5.16 87.04 -58.11
CA GLN GA 702 -3.99 86.19 -57.97
C GLN GA 702 -2.79 86.92 -58.54
N TYR GA 703 -1.62 86.69 -57.96
CA TYR GA 703 -0.41 87.16 -58.60
C TYR GA 703 -0.13 86.31 -59.83
N THR GA 704 0.08 86.97 -60.95
CA THR GA 704 0.34 86.27 -62.20
C THR GA 704 1.43 86.99 -62.96
N SER GA 705 2.21 86.24 -63.72
CA SER GA 705 3.12 86.85 -64.66
C SER GA 705 2.34 87.41 -65.84
N ASN GA 706 2.89 88.44 -66.46
CA ASN GA 706 2.25 89.02 -67.63
C ASN GA 706 2.31 88.06 -68.80
N TYR GA 707 1.19 87.91 -69.50
CA TYR GA 707 1.12 86.99 -70.62
C TYR GA 707 1.82 87.54 -71.86
N TYR GA 708 1.84 88.86 -72.00
CA TYR GA 708 2.35 89.49 -73.22
C TYR GA 708 3.86 89.32 -73.34
N LYS GA 709 4.33 89.35 -74.58
CA LYS GA 709 5.74 89.12 -74.87
C LYS GA 709 6.62 90.22 -74.30
N SER GA 710 7.87 89.89 -74.04
CA SER GA 710 8.82 90.85 -73.50
C SER GA 710 10.23 90.43 -73.89
N THR GA 711 11.15 91.38 -73.76
CA THR GA 711 12.54 91.12 -74.12
C THR GA 711 13.15 90.04 -73.24
N SER GA 712 12.79 90.04 -71.96
CA SER GA 712 13.33 89.08 -71.01
C SER GA 712 12.21 88.54 -70.14
N VAL GA 713 12.45 87.36 -69.59
CA VAL GA 713 11.52 86.76 -68.64
C VAL GA 713 11.67 87.46 -67.30
N ASP GA 714 10.54 87.83 -66.69
CA ASP GA 714 10.57 88.42 -65.37
C ASP GA 714 11.06 87.39 -64.35
N PHE GA 715 11.87 87.86 -63.40
CA PHE GA 715 12.50 86.99 -62.40
C PHE GA 715 13.36 85.92 -63.08
N ALA GA 716 14.17 86.36 -64.03
CA ALA GA 716 15.12 85.50 -64.70
C ALA GA 716 16.40 86.31 -64.92
N VAL GA 717 17.34 85.72 -65.60
CA VAL GA 717 18.58 86.40 -65.93
C VAL GA 717 18.42 87.06 -67.29
N ASN GA 718 19.20 88.12 -67.51
CA ASN GA 718 19.24 88.76 -68.80
C ASN GA 718 20.35 88.14 -69.64
N THR GA 719 20.70 88.77 -70.76
CA THR GA 719 21.73 88.23 -71.63
C THR GA 719 23.12 88.27 -71.00
N GLU GA 720 23.30 89.08 -69.95
CA GLU GA 720 24.58 89.18 -69.28
C GLU GA 720 24.67 88.32 -68.03
N GLY GA 721 23.65 87.53 -67.75
CA GLY GA 721 23.68 86.67 -66.58
C GLY GA 721 23.24 87.34 -65.29
N VAL GA 722 22.70 88.54 -65.36
CA VAL GA 722 22.29 89.27 -64.18
C VAL GA 722 20.85 88.89 -63.84
N TYR GA 723 20.66 88.32 -62.66
CA TYR GA 723 19.33 88.05 -62.15
C TYR GA 723 18.74 89.34 -61.59
N SER GA 724 17.48 89.60 -61.93
CA SER GA 724 16.80 90.79 -61.47
C SER GA 724 15.40 90.44 -61.00
N GLU GA 725 14.94 91.17 -59.99
CA GLU GA 725 13.57 91.08 -59.53
C GLU GA 725 12.84 92.32 -60.02
N PRO GA 726 11.94 92.20 -61.00
CA PRO GA 726 11.40 93.41 -61.64
C PRO GA 726 10.43 94.19 -60.78
N ARG GA 727 9.77 93.56 -59.81
CA ARG GA 727 8.77 94.22 -59.00
C ARG GA 727 8.81 93.63 -57.61
N PRO GA 728 8.35 94.37 -56.59
CA PRO GA 728 8.17 93.77 -55.27
C PRO GA 728 6.86 93.01 -55.22
N ILE GA 729 6.93 91.70 -54.99
CA ILE GA 729 5.73 90.89 -54.89
C ILE GA 729 5.28 90.90 -53.43
N GLY GA 730 4.12 91.47 -53.19
CA GLY GA 730 3.54 91.43 -51.86
C GLY GA 730 3.02 90.06 -51.53
N THR GA 731 2.13 89.98 -50.56
CA THR GA 731 1.67 88.70 -50.09
C THR GA 731 0.14 88.62 -50.05
N ARG GA 732 -0.54 89.75 -50.17
CA ARG GA 732 -1.98 89.83 -49.94
C ARG GA 732 -2.72 89.85 -51.28
N TYR GA 733 -3.15 88.68 -51.72
CA TYR GA 733 -3.94 88.54 -52.93
C TYR GA 733 -5.28 87.87 -52.68
N LEU GA 734 -5.33 86.85 -51.83
CA LEU GA 734 -6.58 86.27 -51.42
C LEU GA 734 -7.33 87.23 -50.51
N THR GA 735 -8.60 86.96 -50.30
CA THR GA 735 -9.45 87.85 -49.52
C THR GA 735 -10.11 87.10 -48.38
N ARG GA 736 -10.38 87.84 -47.30
CA ARG GA 736 -11.18 87.36 -46.18
C ARG GA 736 -12.20 88.43 -45.82
N ASN GA 737 -13.31 88.00 -45.25
CA ASN GA 737 -14.21 88.94 -44.60
C ASN GA 737 -13.57 89.45 -43.32
N LEU GA 738 -14.05 90.61 -42.87
CA LEU GA 738 -13.56 91.16 -41.62
C LEU GA 738 -14.17 90.42 -40.45
N GLY HA 221 -6.09 81.64 30.39
CA GLY HA 221 -4.93 82.41 30.79
C GLY HA 221 -5.16 83.91 30.78
N VAL HA 222 -4.43 84.61 31.66
CA VAL HA 222 -4.54 86.06 31.72
C VAL HA 222 -4.08 86.70 30.43
N GLY HA 223 -2.98 86.22 29.87
CA GLY HA 223 -2.38 86.83 28.70
C GLY HA 223 -2.77 86.24 27.37
N SER HA 224 -3.81 85.42 27.31
CA SER HA 224 -4.26 84.82 26.06
C SER HA 224 -5.71 85.18 25.81
N SER HA 225 -6.01 85.54 24.56
CA SER HA 225 -7.38 85.86 24.17
C SER HA 225 -8.25 84.62 24.23
N SER HA 226 -9.48 84.78 24.72
CA SER HA 226 -10.43 83.68 24.81
C SER HA 226 -11.38 83.62 23.64
N GLY HA 227 -11.22 84.49 22.65
CA GLY HA 227 -12.05 84.44 21.47
C GLY HA 227 -11.66 85.53 20.52
N ASN HA 228 -12.11 85.38 19.28
CA ASN HA 228 -11.78 86.30 18.20
C ASN HA 228 -13.01 87.13 17.83
N TRP HA 229 -12.76 88.24 17.15
CA TRP HA 229 -13.82 89.10 16.66
C TRP HA 229 -14.43 88.46 15.42
N HIS HA 230 -15.74 88.23 15.46
CA HIS HA 230 -16.46 87.57 14.37
C HIS HA 230 -17.68 88.42 14.01
N CYS HA 231 -17.48 89.39 13.13
CA CYS HA 231 -18.57 90.11 12.50
C CYS HA 231 -18.53 89.78 11.03
N ASP HA 232 -19.62 89.21 10.52
CA ASP HA 232 -19.65 88.72 9.15
C ASP HA 232 -21.07 88.31 8.81
N SER HA 233 -21.32 88.15 7.52
CA SER HA 233 -22.54 87.53 7.03
C SER HA 233 -22.17 86.71 5.81
N THR HA 234 -22.48 85.42 5.86
CA THR HA 234 -22.20 84.51 4.76
C THR HA 234 -23.51 84.06 4.16
N TRP HA 235 -23.70 84.35 2.88
CA TRP HA 235 -24.88 83.93 2.14
C TRP HA 235 -24.52 82.69 1.35
N LEU HA 236 -25.21 81.58 1.63
CA LEU HA 236 -24.88 80.30 1.00
C LEU HA 236 -26.20 79.59 0.71
N GLY HA 237 -26.61 79.61 -0.55
CA GLY HA 237 -27.85 78.94 -0.93
C GLY HA 237 -29.05 79.59 -0.30
N ASP HA 238 -29.86 78.79 0.38
CA ASP HA 238 -31.06 79.26 1.05
C ASP HA 238 -30.80 79.65 2.50
N ARG HA 239 -29.55 79.80 2.89
CA ARG HA 239 -29.19 80.21 4.23
C ARG HA 239 -28.38 81.50 4.18
N VAL HA 240 -28.54 82.33 5.21
CA VAL HA 240 -27.61 83.40 5.50
C VAL HA 240 -27.23 83.27 6.98
N ILE HA 241 -25.93 83.30 7.24
CA ILE HA 241 -25.42 83.20 8.60
C ILE HA 241 -24.86 84.56 8.96
N THR HA 242 -25.56 85.27 9.83
CA THR HA 242 -25.08 86.53 10.36
C THR HA 242 -24.35 86.26 11.67
N THR HA 243 -23.15 86.81 11.80
CA THR HA 243 -22.44 86.79 13.06
C THR HA 243 -22.02 88.21 13.39
N SER HA 244 -22.22 88.59 14.63
CA SER HA 244 -21.90 89.94 15.06
C SER HA 244 -21.20 89.91 16.40
N THR HA 245 -20.14 90.68 16.51
CA THR HA 245 -19.39 90.82 17.75
C THR HA 245 -19.48 92.27 18.21
N ARG HA 246 -19.66 92.45 19.51
CA ARG HA 246 -19.69 93.78 20.10
C ARG HA 246 -18.88 93.77 21.38
N THR HA 247 -18.38 94.94 21.74
CA THR HA 247 -17.75 95.14 23.03
C THR HA 247 -18.80 95.67 24.00
N TRP HA 248 -18.91 95.01 25.15
CA TRP HA 248 -19.89 95.41 26.15
C TRP HA 248 -19.18 95.87 27.41
N ALA HA 249 -19.90 96.61 28.23
CA ALA HA 249 -19.45 96.99 29.56
C ALA HA 249 -20.57 96.72 30.54
N LEU HA 250 -20.28 95.96 31.59
CA LEU HA 250 -21.28 95.63 32.59
C LEU HA 250 -20.92 96.29 33.90
N PRO HA 251 -21.71 97.25 34.37
CA PRO HA 251 -21.46 97.82 35.69
C PRO HA 251 -22.01 96.90 36.78
N THR HA 252 -21.72 97.28 38.02
CA THR HA 252 -22.43 96.68 39.14
C THR HA 252 -23.77 97.37 39.28
N TYR HA 253 -24.84 96.60 39.19
CA TYR HA 253 -26.20 97.13 39.27
C TYR HA 253 -26.71 96.97 40.69
N ASN HA 254 -27.45 97.96 41.17
CA ASN HA 254 -28.18 97.91 42.43
C ASN HA 254 -27.28 97.74 43.64
N ASN HA 255 -25.98 97.96 43.50
CA ASN HA 255 -25.02 97.66 44.56
C ASN HA 255 -25.13 96.20 45.02
N HIS HA 256 -25.27 95.31 44.04
CA HIS HA 256 -25.37 93.86 44.24
C HIS HA 256 -26.64 93.45 44.96
N LEU HA 257 -27.65 94.31 45.03
CA LEU HA 257 -28.86 94.04 45.79
C LEU HA 257 -30.03 93.74 44.88
N TYR HA 258 -30.96 92.94 45.40
CA TYR HA 258 -32.30 92.84 44.84
C TYR HA 258 -33.17 93.85 45.54
N LYS HA 259 -33.81 94.73 44.76
CA LYS HA 259 -34.67 95.75 45.34
C LYS HA 259 -36.09 95.56 44.84
N GLN HA 260 -37.03 95.56 45.77
CA GLN HA 260 -38.43 95.63 45.39
C GLN HA 260 -38.72 97.01 44.82
N ILE HA 261 -39.37 97.06 43.67
CA ILE HA 261 -39.74 98.30 43.01
C ILE HA 261 -41.24 98.30 42.79
N SER HA 262 -41.84 99.47 42.95
CA SER HA 262 -43.29 99.58 42.86
C SER HA 262 -43.66 100.94 42.33
N ASN HA 263 -44.92 101.06 41.93
CA ASN HA 263 -45.51 102.33 41.53
C ASN HA 263 -46.98 102.25 41.84
N GLY HA 264 -47.48 103.19 42.65
CA GLY HA 264 -48.86 103.21 43.05
C GLY HA 264 -49.56 104.48 42.58
N THR HA 265 -50.82 104.59 42.98
CA THR HA 265 -51.64 105.74 42.62
C THR HA 265 -51.43 106.88 43.61
N ALA HA 269 -49.16 108.77 39.94
CA ALA HA 269 -49.33 107.81 38.86
C ALA HA 269 -50.77 107.31 38.80
N THR HA 270 -51.23 106.98 37.60
CA THR HA 270 -52.56 106.43 37.43
C THR HA 270 -52.56 104.93 37.68
N ASN HA 271 -53.75 104.38 37.86
CA ASN HA 271 -53.88 102.94 38.06
C ASN HA 271 -53.38 102.16 36.86
N ASP HA 272 -53.48 102.74 35.66
CA ASP HA 272 -53.03 102.06 34.46
C ASP HA 272 -51.53 101.82 34.46
N ASN HA 273 -50.76 102.57 35.25
CA ASN HA 273 -49.32 102.49 35.24
C ASN HA 273 -48.75 101.91 36.53
N THR HA 274 -49.58 101.33 37.39
CA THR HA 274 -49.07 100.73 38.61
C THR HA 274 -48.32 99.44 38.31
N TYR HA 275 -47.34 99.14 39.15
CA TYR HA 275 -46.63 97.88 39.02
C TYR HA 275 -46.00 97.51 40.35
N PHE HA 276 -45.70 96.22 40.49
CA PHE HA 276 -44.88 95.69 41.56
C PHE HA 276 -43.89 94.74 40.91
N GLY HA 277 -42.63 94.86 41.28
CA GLY HA 277 -41.63 94.00 40.70
C GLY HA 277 -40.34 94.07 41.47
N TYR HA 278 -39.29 93.57 40.84
CA TYR HA 278 -37.99 93.52 41.48
C TYR HA 278 -36.91 93.98 40.53
N SER HA 279 -36.03 94.83 41.03
CA SER HA 279 -34.81 95.17 40.34
C SER HA 279 -33.72 94.22 40.81
N THR HA 280 -33.01 93.62 39.88
CA THR HA 280 -31.97 92.67 40.22
C THR HA 280 -30.60 93.26 39.96
N PRO HA 281 -29.55 92.75 40.62
CA PRO HA 281 -28.19 93.18 40.31
C PRO HA 281 -27.64 92.60 39.02
N TRP HA 282 -28.45 91.88 38.25
CA TRP HA 282 -27.99 91.20 37.06
C TRP HA 282 -28.22 92.05 35.82
N GLY HA 283 -27.27 91.98 34.90
CA GLY HA 283 -27.51 92.44 33.55
C GLY HA 283 -27.98 91.31 32.68
N TYR HA 284 -28.36 91.64 31.46
CA TYR HA 284 -28.76 90.61 30.51
C TYR HA 284 -28.39 91.05 29.11
N PHE HA 285 -28.12 90.05 28.26
CA PHE HA 285 -27.74 90.31 26.88
C PHE HA 285 -28.97 90.25 26.00
N ASP HA 286 -29.15 91.29 25.20
CA ASP HA 286 -30.27 91.39 24.29
C ASP HA 286 -29.72 91.56 22.87
N PHE HA 287 -30.17 90.70 21.96
CA PHE HA 287 -29.89 90.83 20.54
C PHE HA 287 -31.16 90.60 19.75
N ASN HA 288 -32.27 91.10 20.29
CA ASN HA 288 -33.60 90.89 19.72
C ASN HA 288 -34.00 92.02 18.78
N ARG HA 289 -33.05 92.60 18.07
CA ARG HA 289 -33.32 93.53 17.00
C ARG HA 289 -32.56 93.09 15.76
N PHE HA 290 -33.16 93.29 14.60
CA PHE HA 290 -32.56 92.77 13.38
C PHE HA 290 -31.23 93.45 13.06
N HIS HA 291 -31.08 94.74 13.40
CA HIS HA 291 -29.83 95.41 13.09
C HIS HA 291 -28.69 94.96 13.99
N CYS HA 292 -28.97 94.19 15.04
CA CYS HA 292 -27.90 93.55 15.79
C CYS HA 292 -27.18 92.49 14.95
N HIS HA 293 -27.80 92.02 13.89
CA HIS HA 293 -27.27 90.92 13.10
C HIS HA 293 -27.10 91.26 11.63
N PHE HA 294 -28.00 92.06 11.07
CA PHE HA 294 -27.93 92.43 9.66
C PHE HA 294 -27.38 93.84 9.52
N SER HA 295 -26.33 93.99 8.73
CA SER HA 295 -25.93 95.30 8.27
C SER HA 295 -27.00 95.82 7.32
N PRO HA 296 -27.09 97.14 7.14
CA PRO HA 296 -28.09 97.67 6.20
C PRO HA 296 -27.96 97.08 4.81
N ARG HA 297 -26.74 96.86 4.33
CA ARG HA 297 -26.55 96.22 3.04
C ARG HA 297 -27.01 94.77 3.07
N ASP HA 298 -26.74 94.05 4.16
CA ASP HA 298 -27.24 92.69 4.29
C ASP HA 298 -28.77 92.67 4.36
N TRP HA 299 -29.36 93.64 5.05
CA TRP HA 299 -30.81 93.75 5.07
C TRP HA 299 -31.36 93.99 3.68
N GLN HA 300 -30.69 94.84 2.90
CA GLN HA 300 -31.10 95.07 1.52
C GLN HA 300 -31.02 93.79 0.70
N ARG HA 301 -29.92 93.06 0.84
CA ARG HA 301 -29.78 91.77 0.16
C ARG HA 301 -30.92 90.83 0.52
N LEU HA 302 -31.28 90.80 1.81
CA LEU HA 302 -32.35 89.91 2.26
C LEU HA 302 -33.70 90.32 1.68
N ILE HA 303 -34.05 91.60 1.81
CA ILE HA 303 -35.41 92.02 1.48
C ILE HA 303 -35.63 92.21 -0.02
N ASN HA 304 -34.60 92.45 -0.80
CA ASN HA 304 -34.78 92.64 -2.23
C ASN HA 304 -34.83 91.34 -3.02
N ASN HA 305 -34.52 90.21 -2.39
CA ASN HA 305 -34.32 88.98 -3.12
C ASN HA 305 -35.03 87.77 -2.54
N ASN HA 306 -35.68 87.91 -1.40
CA ASN HA 306 -36.28 86.77 -0.72
C ASN HA 306 -37.73 87.06 -0.38
N TRP HA 307 -38.58 86.05 -0.58
CA TRP HA 307 -39.98 86.16 -0.19
C TRP HA 307 -40.19 85.94 1.29
N GLY HA 308 -39.21 85.36 1.98
CA GLY HA 308 -39.37 85.10 3.39
C GLY HA 308 -38.06 84.67 4.00
N PHE HA 309 -38.04 84.71 5.32
CA PHE HA 309 -36.88 84.28 6.08
C PHE HA 309 -37.34 83.91 7.47
N ARG HA 310 -36.51 83.14 8.17
CA ARG HA 310 -36.79 82.76 9.54
C ARG HA 310 -35.49 82.34 10.21
N PRO HA 311 -35.34 82.58 11.49
CA PRO HA 311 -34.14 82.09 12.19
C PRO HA 311 -34.18 80.58 12.33
N LYS HA 312 -33.00 79.97 12.27
CA LYS HA 312 -32.87 78.53 12.41
C LYS HA 312 -32.13 78.13 13.68
N ARG HA 313 -30.96 78.70 13.91
CA ARG HA 313 -30.17 78.38 15.08
C ARG HA 313 -29.35 79.60 15.44
N LEU HA 314 -28.90 79.64 16.69
CA LEU HA 314 -28.00 80.70 17.10
C LEU HA 314 -26.90 80.12 17.98
N SER HA 315 -25.74 80.74 17.92
CA SER HA 315 -24.65 80.49 18.85
C SER HA 315 -24.26 81.81 19.47
N PHE HA 316 -23.98 81.77 20.77
CA PHE HA 316 -23.68 82.96 21.55
C PHE HA 316 -22.36 82.75 22.26
N LYS HA 317 -21.53 83.78 22.30
CA LYS HA 317 -20.23 83.67 22.93
C LYS HA 317 -19.94 84.90 23.76
N LEU HA 318 -19.40 84.68 24.96
CA LEU HA 318 -18.82 85.71 25.80
C LEU HA 318 -17.34 85.39 25.96
N PHE HA 319 -16.48 86.38 25.75
CA PHE HA 319 -15.05 86.11 25.76
C PHE HA 319 -14.30 87.41 25.96
N ASN HA 320 -13.00 87.27 26.18
CA ASN HA 320 -12.11 88.41 26.44
C ASN HA 320 -12.65 89.26 27.59
N ILE HA 321 -13.06 88.58 28.65
CA ILE HA 321 -13.65 89.23 29.80
C ILE HA 321 -12.55 89.94 30.59
N GLN HA 322 -12.79 91.19 30.93
CA GLN HA 322 -11.90 91.96 31.77
C GLN HA 322 -12.73 92.54 32.91
N VAL HA 323 -12.40 92.16 34.13
CA VAL HA 323 -13.03 92.74 35.32
C VAL HA 323 -12.09 93.79 35.88
N LYS HA 324 -12.59 95.00 36.04
CA LYS HA 324 -11.76 96.13 36.40
C LYS HA 324 -12.21 96.72 37.72
N GLU HA 325 -11.25 97.07 38.55
CA GLU HA 325 -11.49 97.71 39.83
C GLU HA 325 -11.23 99.20 39.71
N VAL HA 326 -12.16 100.00 40.20
CA VAL HA 326 -12.03 101.45 40.19
C VAL HA 326 -12.01 101.96 41.63
N THR HA 327 -11.01 102.77 41.95
CA THR HA 327 -10.85 103.28 43.31
C THR HA 327 -11.03 104.78 43.35
N LYS HA 333 -9.43 109.15 40.55
CA LYS HA 333 -9.97 107.87 40.13
C LYS HA 333 -8.97 107.08 39.29
N THR HA 334 -8.67 105.87 39.74
CA THR HA 334 -7.80 104.95 39.00
C THR HA 334 -8.55 103.66 38.72
N ILE HA 335 -8.38 103.14 37.52
CA ILE HA 335 -8.98 101.89 37.10
C ILE HA 335 -7.87 100.87 36.92
N ALA HA 336 -8.01 99.72 37.58
CA ALA HA 336 -7.01 98.67 37.52
C ALA HA 336 -7.69 97.35 37.22
N ASN HA 337 -6.93 96.44 36.61
CA ASN HA 337 -7.43 95.09 36.40
C ASN HA 337 -7.55 94.35 37.72
N ASN HA 338 -8.66 93.61 37.87
CA ASN HA 338 -8.84 92.71 39.03
C ASN HA 338 -8.78 91.32 38.40
N LEU HA 339 -7.59 90.73 38.28
CA LEU HA 339 -7.39 89.50 37.53
C LEU HA 339 -8.14 88.32 38.14
N THR HA 340 -8.38 88.34 39.44
CA THR HA 340 -9.01 87.23 40.13
C THR HA 340 -10.51 87.40 40.29
N SER HA 341 -11.07 88.50 39.82
CA SER HA 341 -12.50 88.70 39.92
C SER HA 341 -13.25 87.92 38.84
N THR HA 342 -14.49 87.60 39.13
CA THR HA 342 -15.31 86.80 38.22
C THR HA 342 -16.56 87.56 37.81
N ILE HA 343 -17.11 87.15 36.68
CA ILE HA 343 -18.48 87.46 36.30
C ILE HA 343 -19.26 86.15 36.33
N GLN HA 344 -20.55 86.25 36.57
CA GLN HA 344 -21.44 85.10 36.54
C GLN HA 344 -22.36 85.20 35.34
N VAL HA 345 -22.41 84.15 34.54
CA VAL HA 345 -23.25 84.11 33.35
C VAL HA 345 -24.06 82.82 33.40
N PHE HA 346 -25.35 82.93 33.13
CA PHE HA 346 -26.17 81.75 32.91
C PHE HA 346 -27.28 82.10 31.94
N THR HA 347 -27.75 81.07 31.24
CA THR HA 347 -28.92 81.20 30.38
C THR HA 347 -30.11 80.57 31.06
N ASP HA 348 -31.24 81.28 31.04
CA ASP HA 348 -32.50 80.73 31.54
C ASP HA 348 -33.06 79.78 30.49
N SER HA 349 -32.39 78.63 30.37
CA SER HA 349 -32.72 77.68 29.31
C SER HA 349 -34.05 76.99 29.55
N GLU HA 350 -34.48 76.88 30.80
CA GLU HA 350 -35.78 76.32 31.12
C GLU HA 350 -36.88 77.36 31.18
N TYR HA 351 -36.58 78.62 30.88
CA TYR HA 351 -37.57 79.70 30.88
C TYR HA 351 -38.26 79.80 32.23
N GLN HA 352 -37.48 79.68 33.29
CA GLN HA 352 -38.01 79.77 34.64
C GLN HA 352 -38.02 81.19 35.18
N LEU HA 353 -37.40 82.09 34.52
CA LEU HA 353 -37.42 83.48 34.92
C LEU HA 353 -38.44 84.24 34.09
N PRO HA 354 -38.98 85.34 34.62
CA PRO HA 354 -39.80 86.22 33.79
C PRO HA 354 -39.04 86.67 32.56
N TYR HA 355 -39.64 86.45 31.40
CA TYR HA 355 -38.99 86.73 30.12
C TYR HA 355 -39.25 88.18 29.75
N VAL HA 356 -38.22 89.01 29.90
CA VAL HA 356 -38.36 90.43 29.62
C VAL HA 356 -37.84 90.81 28.25
N LEU HA 357 -37.20 89.91 27.53
CA LEU HA 357 -36.97 90.13 26.12
C LEU HA 357 -38.29 90.12 25.37
N GLY HA 358 -38.28 90.68 24.18
CA GLY HA 358 -39.52 90.79 23.45
C GLY HA 358 -40.47 91.85 23.97
N SER HA 359 -39.95 92.85 24.68
CA SER HA 359 -40.73 94.02 25.05
C SER HA 359 -40.18 95.27 24.40
N ALA HA 360 -39.38 95.11 23.35
CA ALA HA 360 -38.82 96.22 22.58
C ALA HA 360 -38.04 97.18 23.45
N HIS HA 361 -37.25 96.64 24.36
CA HIS HA 361 -36.48 97.46 25.29
C HIS HA 361 -35.14 97.86 24.68
N GLN HA 362 -34.62 98.98 25.16
CA GLN HA 362 -33.27 99.38 24.82
C GLN HA 362 -32.27 98.44 25.47
N GLY HA 363 -31.01 98.56 25.06
CA GLY HA 363 -29.96 97.73 25.58
C GLY HA 363 -29.56 96.57 24.71
N CYS HA 364 -30.15 96.45 23.53
CA CYS HA 364 -29.70 95.43 22.59
C CYS HA 364 -28.30 95.76 22.08
N LEU HA 365 -27.70 94.78 21.40
CA LEU HA 365 -26.44 95.02 20.75
C LEU HA 365 -26.59 96.19 19.76
N PRO HA 366 -25.64 97.13 19.74
CA PRO HA 366 -25.80 98.28 18.86
C PRO HA 366 -25.75 97.87 17.40
N PRO HA 367 -26.46 98.57 16.53
CA PRO HA 367 -26.38 98.25 15.10
C PRO HA 367 -24.98 98.37 14.53
N PHE HA 368 -24.20 99.33 15.00
CA PHE HA 368 -22.87 99.56 14.46
C PHE HA 368 -21.85 98.71 15.21
N PRO HA 369 -21.09 97.85 14.52
CA PRO HA 369 -20.18 96.94 15.24
C PRO HA 369 -19.12 97.65 16.07
N ALA HA 370 -18.68 98.84 15.65
CA ALA HA 370 -17.67 99.55 16.42
C ALA HA 370 -18.20 100.14 17.71
N ASP HA 371 -19.51 100.05 17.94
CA ASP HA 371 -20.12 100.73 19.08
C ASP HA 371 -20.01 99.87 20.33
N VAL HA 372 -19.53 100.46 21.41
CA VAL HA 372 -19.44 99.79 22.70
C VAL HA 372 -20.71 100.12 23.48
N PHE HA 373 -21.36 99.09 24.00
CA PHE HA 373 -22.66 99.27 24.63
C PHE HA 373 -22.65 98.81 26.07
N MET HA 374 -23.53 99.42 26.86
CA MET HA 374 -23.74 99.09 28.24
C MET HA 374 -24.82 98.01 28.35
N ILE HA 375 -24.56 97.01 29.18
CA ILE HA 375 -25.51 95.91 29.35
C ILE HA 375 -26.69 96.38 30.19
N PRO HA 376 -27.93 96.19 29.74
CA PRO HA 376 -29.08 96.64 30.52
C PRO HA 376 -29.27 95.83 31.78
N GLN HA 377 -29.85 96.47 32.79
CA GLN HA 377 -30.12 95.81 34.06
C GLN HA 377 -31.37 94.96 33.97
N TYR HA 378 -31.29 93.75 34.51
CA TYR HA 378 -32.44 92.86 34.49
C TYR HA 378 -33.38 93.20 35.64
N GLY HA 379 -34.64 93.42 35.30
CA GLY HA 379 -35.69 93.52 36.27
C GLY HA 379 -36.94 92.85 35.73
N TYR HA 380 -37.89 92.58 36.62
CA TYR HA 380 -39.10 91.93 36.18
C TYR HA 380 -40.26 92.42 37.02
N LEU HA 381 -41.46 92.17 36.51
CA LEU HA 381 -42.68 92.53 37.19
C LEU HA 381 -43.46 91.27 37.55
N THR HA 382 -44.15 91.33 38.66
CA THR HA 382 -45.03 90.24 39.05
C THR HA 382 -46.41 90.83 39.32
N LEU HA 383 -47.31 90.04 39.89
CA LEU HA 383 -48.66 90.53 40.13
C LEU HA 383 -48.66 91.68 41.12
N ASN HA 384 -49.46 92.70 40.83
CA ASN HA 384 -49.57 93.85 41.70
C ASN HA 384 -51.02 94.23 41.89
N ASN HA 385 -51.29 94.84 43.04
CA ASN HA 385 -52.57 95.47 43.35
C ASN HA 385 -52.21 96.89 43.76
N GLY HA 386 -52.22 97.80 42.79
CA GLY HA 386 -51.63 99.10 43.02
C GLY HA 386 -50.12 98.95 43.14
N SER HA 387 -49.56 99.52 44.19
CA SER HA 387 -48.14 99.37 44.48
C SER HA 387 -47.85 98.16 45.36
N GLN HA 388 -48.86 97.43 45.78
CA GLN HA 388 -48.69 96.30 46.67
C GLN HA 388 -48.59 94.99 45.89
N ALA HA 389 -47.87 94.05 46.45
CA ALA HA 389 -47.86 92.70 45.91
C ALA HA 389 -49.07 91.93 46.45
N VAL HA 390 -49.41 90.85 45.75
CA VAL HA 390 -50.41 89.92 46.22
C VAL HA 390 -49.71 88.62 46.59
N GLY HA 391 -50.47 87.71 47.20
CA GLY HA 391 -49.90 86.43 47.59
C GLY HA 391 -49.37 85.62 46.43
N ARG HA 392 -49.89 85.85 45.23
CA ARG HA 392 -49.42 85.14 44.06
C ARG HA 392 -48.19 85.78 43.42
N SER HA 393 -47.77 86.93 43.92
CA SER HA 393 -46.57 87.57 43.39
C SER HA 393 -45.35 86.70 43.61
N SER HA 394 -44.53 86.56 42.57
CA SER HA 394 -43.36 85.70 42.61
C SER HA 394 -42.11 86.55 42.76
N PHE HA 395 -41.24 86.15 43.67
CA PHE HA 395 -39.91 86.72 43.80
C PHE HA 395 -38.90 85.70 43.30
N TYR HA 396 -38.00 86.15 42.42
CA TYR HA 396 -36.98 85.29 41.85
C TYR HA 396 -35.61 85.79 42.25
N CYS HA 397 -34.81 84.91 42.83
CA CYS HA 397 -33.40 85.16 43.08
C CYS HA 397 -32.61 84.54 41.94
N LEU HA 398 -31.90 85.36 41.17
CA LEU HA 398 -31.14 84.84 40.05
C LEU HA 398 -29.89 84.10 40.51
N GLU HA 399 -29.42 84.36 41.74
CA GLU HA 399 -28.36 83.55 42.30
C GLU HA 399 -28.81 82.13 42.60
N TYR HA 400 -30.12 81.90 42.66
CA TYR HA 400 -30.66 80.57 42.86
C TYR HA 400 -30.59 79.72 41.61
N PHE HA 401 -29.89 80.17 40.59
CA PHE HA 401 -29.67 79.41 39.38
C PHE HA 401 -28.21 79.00 39.29
N PRO HA 402 -27.91 77.86 38.65
CA PRO HA 402 -26.51 77.54 38.36
C PRO HA 402 -25.95 78.51 37.33
N SER HA 403 -24.85 79.16 37.69
CA SER HA 403 -24.19 80.11 36.81
C SER HA 403 -22.75 79.71 36.61
N GLN HA 404 -22.25 79.91 35.41
CA GLN HA 404 -20.83 79.75 35.15
C GLN HA 404 -20.13 81.02 35.63
N MET HA 405 -19.10 80.85 36.46
CA MET HA 405 -18.28 81.98 36.88
C MET HA 405 -17.04 82.04 36.02
N LEU HA 406 -16.71 83.23 35.55
CA LEU HA 406 -15.68 83.42 34.54
C LEU HA 406 -14.66 84.41 35.08
N ARG HA 407 -13.40 84.00 35.11
CA ARG HA 407 -12.31 84.95 35.29
C ARG HA 407 -11.88 85.48 33.94
N THR HA 408 -10.84 86.31 33.94
CA THR HA 408 -10.45 87.01 32.71
C THR HA 408 -10.03 86.05 31.61
N GLY HA 409 -9.57 84.85 31.97
CA GLY HA 409 -9.19 83.87 30.97
C GLY HA 409 -10.28 82.96 30.49
N ASN HA 410 -11.47 83.04 31.07
CA ASN HA 410 -12.56 82.14 30.73
C ASN HA 410 -13.45 82.74 29.67
N ASN HA 411 -14.17 81.88 28.97
CA ASN HA 411 -15.18 82.29 28.02
C ASN HA 411 -16.45 81.48 28.23
N PHE HA 412 -17.56 82.04 27.77
CA PHE HA 412 -18.86 81.42 27.89
C PHE HA 412 -19.46 81.28 26.51
N GLN HA 413 -20.12 80.16 26.26
CA GLN HA 413 -20.79 79.99 24.98
C GLN HA 413 -21.92 79.00 25.12
N PHE HA 414 -22.94 79.19 24.30
CA PHE HA 414 -24.04 78.23 24.20
C PHE HA 414 -24.64 78.33 22.81
N THR HA 415 -25.30 77.26 22.41
CA THR HA 415 -26.00 77.20 21.15
C THR HA 415 -27.48 76.99 21.39
N TYR HA 416 -28.29 77.51 20.48
CA TYR HA 416 -29.73 77.41 20.59
C TYR HA 416 -30.30 77.14 19.21
N THR HA 417 -31.32 76.28 19.15
CA THR HA 417 -32.01 75.98 17.92
C THR HA 417 -33.41 76.56 17.98
N PHE HA 418 -33.76 77.37 16.99
CA PHE HA 418 -35.11 77.90 16.90
C PHE HA 418 -36.08 76.79 16.56
N GLU HA 419 -37.26 76.84 17.15
CA GLU HA 419 -38.32 75.93 16.78
C GLU HA 419 -38.78 76.23 15.36
N ASP HA 420 -39.51 75.29 14.77
CA ASP HA 420 -40.05 75.50 13.44
C ASP HA 420 -41.06 76.64 13.48
N VAL HA 421 -40.68 77.79 12.93
CA VAL HA 421 -41.51 78.98 12.95
C VAL HA 421 -41.87 79.27 11.48
N PRO HA 422 -43.03 79.85 11.19
CA PRO HA 422 -43.32 80.20 9.81
C PRO HA 422 -42.37 81.27 9.29
N PHE HA 423 -42.10 81.21 7.99
CA PHE HA 423 -41.34 82.27 7.35
C PHE HA 423 -42.05 83.60 7.50
N HIS HA 424 -41.30 84.64 7.83
CA HIS HA 424 -41.87 85.97 7.77
C HIS HA 424 -42.19 86.34 6.33
N SER HA 425 -43.34 86.95 6.12
CA SER HA 425 -43.76 87.33 4.77
C SER HA 425 -42.96 88.55 4.35
N SER HA 426 -41.84 88.31 3.68
CA SER HA 426 -41.01 89.39 3.17
C SER HA 426 -41.45 89.81 1.77
N TYR HA 427 -42.74 90.06 1.63
CA TYR HA 427 -43.34 90.37 0.34
C TYR HA 427 -44.62 91.15 0.58
N ALA HA 428 -45.02 91.91 -0.42
CA ALA HA 428 -46.33 92.53 -0.45
C ALA HA 428 -47.16 91.88 -1.55
N HIS HA 429 -48.45 91.75 -1.31
CA HIS HA 429 -49.30 91.12 -2.30
C HIS HA 429 -49.53 92.05 -3.48
N SER HA 430 -49.38 91.51 -4.68
CA SER HA 430 -49.64 92.25 -5.91
C SER HA 430 -51.09 92.14 -6.34
N GLN HA 431 -51.92 91.49 -5.55
CA GLN HA 431 -53.34 91.41 -5.79
C GLN HA 431 -54.07 91.80 -4.52
N SER HA 432 -55.24 92.40 -4.68
CA SER HA 432 -56.11 92.70 -3.56
C SER HA 432 -57.09 91.57 -3.34
N LEU HA 433 -57.52 91.43 -2.08
CA LEU HA 433 -58.41 90.32 -1.73
C LEU HA 433 -59.75 90.43 -2.45
N ASP HA 434 -60.23 91.65 -2.70
CA ASP HA 434 -61.49 91.85 -3.39
C ASP HA 434 -61.33 91.92 -4.91
N ARG HA 435 -60.14 91.62 -5.41
CA ARG HA 435 -59.84 91.66 -6.85
C ARG HA 435 -59.14 90.39 -7.29
N LEU HA 436 -59.59 89.24 -6.80
CA LEU HA 436 -59.00 87.96 -7.14
C LEU HA 436 -59.69 87.29 -8.32
N MET HA 437 -60.71 87.91 -8.87
CA MET HA 437 -61.53 87.32 -9.91
C MET HA 437 -61.04 87.69 -11.30
N ASN HA 438 -61.49 86.92 -12.28
CA ASN HA 438 -61.23 87.20 -13.68
C ASN HA 438 -62.03 88.43 -14.09
N PRO HA 439 -61.38 89.50 -14.55
CA PRO HA 439 -62.10 90.73 -14.91
C PRO HA 439 -62.80 90.68 -16.26
N LEU HA 440 -62.84 89.53 -16.93
CA LEU HA 440 -63.47 89.42 -18.24
C LEU HA 440 -64.73 88.57 -18.24
N ILE HA 441 -64.92 87.74 -17.21
CA ILE HA 441 -65.99 86.75 -17.20
C ILE HA 441 -66.98 87.09 -16.10
N ASP HA 442 -68.26 86.97 -16.42
CA ASP HA 442 -69.28 87.12 -15.40
C ASP HA 442 -69.28 85.93 -14.47
N GLN HA 443 -69.84 86.13 -13.28
CA GLN HA 443 -70.09 85.03 -12.38
C GLN HA 443 -71.38 84.33 -12.76
N TYR HA 444 -71.44 83.03 -12.51
CA TYR HA 444 -72.71 82.33 -12.65
C TYR HA 444 -73.60 82.51 -11.43
N LEU HA 445 -73.06 83.02 -10.34
CA LEU HA 445 -73.86 83.32 -9.16
C LEU HA 445 -74.54 84.67 -9.33
N TYR HA 446 -75.73 84.78 -8.75
CA TYR HA 446 -76.50 86.02 -8.77
C TYR HA 446 -76.44 86.69 -7.41
N TYR HA 447 -76.61 87.99 -7.41
CA TYR HA 447 -76.76 88.76 -6.18
C TYR HA 447 -78.02 89.59 -6.29
N LEU HA 448 -78.62 89.89 -5.15
CA LEU HA 448 -79.78 90.78 -5.11
C LEU HA 448 -79.34 92.16 -5.56
N SER HA 449 -79.77 92.58 -6.75
CA SER HA 449 -79.31 93.85 -7.31
C SER HA 449 -80.30 94.98 -7.10
N ARG HA 450 -81.59 94.69 -7.00
CA ARG HA 450 -82.57 95.73 -6.74
C ARG HA 450 -83.69 95.17 -5.88
N THR HA 451 -84.23 96.01 -5.01
CA THR HA 451 -85.40 95.68 -4.21
C THR HA 451 -86.59 96.56 -4.53
N GLN HA 452 -86.46 97.48 -5.48
CA GLN HA 452 -87.52 98.40 -5.83
C GLN HA 452 -87.55 98.59 -7.34
N THR HA 453 -88.75 98.66 -7.91
CA THR HA 453 -88.89 98.82 -9.35
C THR HA 453 -88.39 100.17 -9.83
N ASN HA 459 -92.67 103.83 -7.39
CA ASN HA 459 -92.05 102.52 -7.50
C ASN HA 459 -92.48 101.61 -6.37
N THR HA 460 -92.51 100.31 -6.64
CA THR HA 460 -92.99 99.31 -5.69
C THR HA 460 -91.88 98.32 -5.39
N GLN HA 461 -92.12 97.48 -4.39
CA GLN HA 461 -91.15 96.46 -4.02
C GLN HA 461 -91.03 95.42 -5.12
N THR HA 462 -89.82 94.90 -5.29
CA THR HA 462 -89.54 93.85 -6.25
C THR HA 462 -88.27 93.14 -5.80
N LEU HA 463 -87.91 92.08 -6.51
CA LEU HA 463 -86.65 91.38 -6.28
C LEU HA 463 -85.98 91.21 -7.63
N GLY HA 464 -84.95 92.01 -7.88
CA GLY HA 464 -84.15 91.90 -9.08
C GLY HA 464 -82.78 91.33 -8.74
N PHE HA 465 -82.35 90.37 -9.55
CA PHE HA 465 -81.09 89.68 -9.33
C PHE HA 465 -80.22 89.84 -10.56
N SER HA 466 -78.94 90.12 -10.35
CA SER HA 466 -77.99 90.29 -11.42
C SER HA 466 -76.79 89.40 -11.16
N GLN HA 467 -76.07 89.09 -12.24
CA GLN HA 467 -74.85 88.33 -12.13
C GLN HA 467 -73.68 89.28 -11.94
N GLY HA 468 -72.85 89.01 -10.94
CA GLY HA 468 -71.64 89.78 -10.73
C GLY HA 468 -70.72 89.67 -11.92
N GLY HA 469 -70.22 90.80 -12.39
CA GLY HA 469 -69.36 90.82 -13.55
C GLY HA 469 -68.24 91.81 -13.42
N PRO HA 470 -67.58 92.10 -14.54
CA PRO HA 470 -66.43 93.02 -14.50
C PRO HA 470 -66.77 94.40 -13.99
N ASN HA 471 -68.02 94.86 -14.18
CA ASN HA 471 -68.39 96.20 -13.74
C ASN HA 471 -68.96 96.25 -12.34
N THR HA 472 -69.70 95.22 -11.93
CA THR HA 472 -70.23 95.13 -10.58
C THR HA 472 -69.33 94.27 -9.71
N MET HA 473 -68.06 94.68 -9.64
CA MET HA 473 -67.05 93.86 -9.00
C MET HA 473 -67.18 93.89 -7.48
N ALA HA 474 -67.75 94.97 -6.93
CA ALA HA 474 -68.01 95.03 -5.51
C ALA HA 474 -69.14 94.09 -5.09
N ASN HA 475 -70.02 93.72 -6.02
CA ASN HA 475 -71.15 92.85 -5.71
C ASN HA 475 -70.85 91.37 -5.90
N GLN HA 476 -69.71 91.03 -6.48
CA GLN HA 476 -69.41 89.65 -6.81
C GLN HA 476 -69.32 88.79 -5.56
N ALA HA 477 -69.77 87.54 -5.69
CA ALA HA 477 -69.54 86.57 -4.64
C ALA HA 477 -68.05 86.30 -4.49
N LYS HA 478 -67.59 86.24 -3.25
CA LYS HA 478 -66.17 86.09 -2.96
C LYS HA 478 -65.99 85.03 -1.88
N ASN HA 479 -64.81 84.42 -1.87
CA ASN HA 479 -64.53 83.32 -0.98
C ASN HA 479 -63.89 83.74 0.34
N TRP HA 480 -63.38 84.96 0.44
CA TRP HA 480 -62.53 85.32 1.56
C TRP HA 480 -62.90 86.70 2.09
N LEU HA 481 -62.54 86.94 3.33
CA LEU HA 481 -62.78 88.19 4.01
C LEU HA 481 -61.46 88.80 4.47
N PRO HA 482 -61.39 90.13 4.57
CA PRO HA 482 -60.19 90.76 5.10
C PRO HA 482 -59.97 90.40 6.55
N GLY HA 483 -58.72 90.47 6.97
CA GLY HA 483 -58.34 90.13 8.32
C GLY HA 483 -59.07 90.93 9.37
N PRO HA 484 -58.87 90.57 10.63
CA PRO HA 484 -59.63 91.20 11.72
C PRO HA 484 -59.24 92.66 11.93
N CYS HA 485 -60.15 93.40 12.54
CA CYS HA 485 -60.02 94.83 12.72
C CYS HA 485 -60.20 95.20 14.17
N TYR HA 486 -59.38 96.13 14.66
CA TYR HA 486 -59.53 96.74 15.97
C TYR HA 486 -59.25 98.23 15.78
N ARG HA 487 -60.29 98.99 15.46
CA ARG HA 487 -60.12 100.29 14.84
C ARG HA 487 -59.33 101.26 15.72
N GLN HA 488 -58.40 101.96 15.10
CA GLN HA 488 -57.58 102.97 15.75
C GLN HA 488 -57.98 104.35 15.27
N GLN HA 489 -57.74 105.34 16.12
CA GLN HA 489 -57.99 106.73 15.73
C GLN HA 489 -56.97 107.17 14.69
N ARG HA 490 -57.42 107.96 13.74
CA ARG HA 490 -56.57 108.45 12.67
C ARG HA 490 -55.91 109.75 13.07
N VAL HA 491 -54.59 109.82 12.88
CA VAL HA 491 -53.82 111.03 13.15
C VAL HA 491 -53.11 111.43 11.88
N SER HA 492 -53.14 112.72 11.56
CA SER HA 492 -52.48 113.25 10.38
C SER HA 492 -51.13 113.81 10.77
N THR HA 493 -50.10 113.49 9.98
CA THR HA 493 -48.80 114.12 10.18
C THR HA 493 -48.84 115.60 9.86
N THR HA 494 -49.81 116.04 9.06
CA THR HA 494 -50.11 117.45 8.90
C THR HA 494 -50.97 117.86 10.09
N THR HA 495 -50.34 118.49 11.08
CA THR HA 495 -50.98 118.69 12.37
C THR HA 495 -52.23 119.57 12.26
N GLY HA 496 -52.25 120.48 11.29
CA GLY HA 496 -53.42 121.32 11.12
C GLY HA 496 -54.69 120.57 10.79
N GLN HA 497 -54.56 119.35 10.25
CA GLN HA 497 -55.72 118.52 9.96
C GLN HA 497 -56.20 117.73 11.18
N ASN HA 498 -55.47 117.78 12.29
CA ASN HA 498 -55.87 117.06 13.48
C ASN HA 498 -56.77 117.92 14.36
N ASN HA 499 -57.56 117.25 15.19
CA ASN HA 499 -58.38 117.96 16.17
C ASN HA 499 -57.49 118.68 17.16
N ASN HA 500 -57.88 119.91 17.52
CA ASN HA 500 -57.12 120.71 18.45
C ASN HA 500 -57.45 120.27 19.88
N SER HA 501 -56.93 119.11 20.24
CA SER HA 501 -57.08 118.56 21.58
C SER HA 501 -55.98 117.54 21.80
N ASN HA 502 -55.75 117.21 23.07
CA ASN HA 502 -54.76 116.21 23.45
C ASN HA 502 -55.50 114.88 23.59
N PHE HA 503 -55.52 114.11 22.51
CA PHE HA 503 -56.31 112.88 22.45
C PHE HA 503 -55.45 111.64 22.26
N ALA HA 504 -54.14 111.72 22.46
CA ALA HA 504 -53.29 110.56 22.25
C ALA HA 504 -53.69 109.41 23.18
N TRP HA 505 -54.02 109.73 24.42
CA TRP HA 505 -54.47 108.72 25.38
C TRP HA 505 -55.97 108.60 25.45
N THR HA 506 -56.69 109.72 25.50
CA THR HA 506 -58.15 109.67 25.64
C THR HA 506 -58.81 109.00 24.45
N ALA HA 507 -58.34 109.30 23.24
CA ALA HA 507 -58.83 108.65 22.04
C ALA HA 507 -58.00 107.44 21.64
N GLY HA 508 -57.03 107.06 22.46
CA GLY HA 508 -56.21 105.91 22.12
C GLY HA 508 -57.00 104.62 22.10
N THR HA 509 -56.60 103.73 21.22
CA THR HA 509 -57.22 102.41 21.13
C THR HA 509 -56.60 101.50 22.17
N LYS HA 510 -57.42 101.02 23.10
CA LYS HA 510 -56.93 100.39 24.31
C LYS HA 510 -57.59 99.03 24.51
N TYR HA 511 -56.93 98.21 25.30
CA TYR HA 511 -57.56 97.03 25.87
C TYR HA 511 -57.62 97.17 27.38
N HIS HA 512 -58.56 96.46 27.98
CA HIS HA 512 -58.84 96.53 29.41
C HIS HA 512 -58.48 95.20 30.03
N LEU HA 513 -57.62 95.24 31.05
CA LEU HA 513 -57.16 94.02 31.71
C LEU HA 513 -57.06 94.29 33.20
N ASN HA 514 -57.88 93.59 33.99
CA ASN HA 514 -57.88 93.69 35.45
C ASN HA 514 -58.01 95.14 35.90
N GLY HA 515 -58.99 95.84 35.34
CA GLY HA 515 -59.22 97.22 35.68
C GLY HA 515 -58.14 98.18 35.26
N ARG HA 516 -57.20 97.75 34.42
CA ARG HA 516 -56.11 98.58 33.95
C ARG HA 516 -56.25 98.76 32.45
N ASN HA 517 -56.12 100.00 32.00
CA ASN HA 517 -56.19 100.31 30.58
C ASN HA 517 -54.79 100.40 30.01
N SER HA 518 -54.56 99.69 28.92
CA SER HA 518 -53.28 99.71 28.22
C SER HA 518 -53.57 99.93 26.74
N LEU HA 519 -52.73 100.74 26.10
CA LEU HA 519 -52.86 100.95 24.67
C LEU HA 519 -52.70 99.63 23.92
N ALA HA 520 -53.57 99.41 22.94
CA ALA HA 520 -53.38 98.31 21.99
C ALA HA 520 -52.35 98.77 20.98
N ASN HA 521 -51.09 98.74 21.41
CA ASN HA 521 -50.00 99.40 20.72
C ASN HA 521 -48.91 98.38 20.40
N PRO HA 522 -48.63 98.09 19.13
CA PRO HA 522 -49.30 98.70 17.97
C PRO HA 522 -50.60 98.01 17.59
N GLY HA 523 -51.00 97.01 18.37
CA GLY HA 523 -52.21 96.29 18.09
C GLY HA 523 -52.05 95.31 16.95
N ILE HA 524 -53.19 94.81 16.47
CA ILE HA 524 -53.19 93.81 15.42
C ILE HA 524 -52.71 94.44 14.11
N ALA HA 525 -52.17 93.60 13.24
CA ALA HA 525 -51.63 94.07 11.97
C ALA HA 525 -52.75 94.57 11.08
N MET HA 526 -52.81 95.88 10.89
CA MET HA 526 -53.74 96.50 9.96
C MET HA 526 -52.97 97.49 9.10
N ALA HA 527 -53.50 97.72 7.89
CA ALA HA 527 -52.89 98.69 7.00
C ALA HA 527 -52.88 100.06 7.64
N THR HA 528 -51.72 100.73 7.57
CA THR HA 528 -51.57 102.03 8.22
C THR HA 528 -52.55 103.05 7.65
N HIS HA 529 -52.73 103.03 6.34
CA HIS HA 529 -53.60 103.98 5.66
C HIS HA 529 -54.02 103.36 4.34
N LYS HA 530 -55.03 103.96 3.73
CA LYS HA 530 -55.48 103.51 2.42
C LYS HA 530 -54.72 104.29 1.34
N ASP HA 531 -55.15 104.14 0.09
CA ASP HA 531 -54.47 104.76 -1.03
C ASP HA 531 -54.47 106.28 -0.88
N ASP HA 532 -53.32 106.89 -1.16
CA ASP HA 532 -53.15 108.34 -1.22
C ASP HA 532 -53.42 109.00 0.12
N GLU HA 533 -53.16 108.31 1.22
CA GLU HA 533 -53.35 108.86 2.56
C GLU HA 533 -52.14 108.56 3.43
N GLU HA 534 -50.94 108.74 2.87
CA GLU HA 534 -49.72 108.43 3.60
C GLU HA 534 -49.55 109.30 4.83
N ARG HA 535 -50.14 110.50 4.82
CA ARG HA 535 -50.03 111.40 5.96
C ARG HA 535 -50.79 110.91 7.18
N PHE HA 536 -51.68 109.93 7.03
CA PHE HA 536 -52.48 109.42 8.12
C PHE HA 536 -51.85 108.18 8.71
N PHE HA 537 -51.90 108.06 10.03
CA PHE HA 537 -51.47 106.85 10.71
C PHE HA 537 -52.36 106.59 11.90
N PRO HA 538 -52.55 105.33 12.28
CA PRO HA 538 -53.25 105.04 13.52
C PRO HA 538 -52.49 105.58 14.72
N SER HA 539 -53.24 106.10 15.70
CA SER HA 539 -52.62 106.85 16.79
C SER HA 539 -51.63 106.00 17.57
N ASN HA 540 -51.98 104.74 17.84
CA ASN HA 540 -51.06 103.80 18.47
C ASN HA 540 -51.09 102.47 17.74
N GLY HA 541 -51.02 102.53 16.42
CA GLY HA 541 -51.13 101.33 15.61
C GLY HA 541 -49.96 101.06 14.69
N ILE HA 542 -48.85 101.77 14.90
CA ILE HA 542 -47.65 101.57 14.10
C ILE HA 542 -46.44 101.56 15.01
N LEU HA 543 -45.37 100.93 14.54
CA LEU HA 543 -44.09 101.04 15.20
C LEU HA 543 -43.48 102.39 14.86
N ILE HA 544 -43.03 103.11 15.89
CA ILE HA 544 -42.40 104.41 15.71
C ILE HA 544 -40.99 104.31 16.27
N PHE HA 545 -40.01 104.44 15.40
CA PHE HA 545 -38.61 104.45 15.79
C PHE HA 545 -38.11 105.88 15.89
N GLY HA 546 -37.20 106.11 16.82
CA GLY HA 546 -36.61 107.42 16.98
C GLY HA 546 -35.38 107.56 16.10
N LYS HA 547 -35.23 108.74 15.53
CA LYS HA 547 -33.97 109.07 14.87
C LYS HA 547 -32.87 109.20 15.90
N GLN HA 548 -31.63 109.23 15.43
CA GLN HA 548 -30.51 109.35 16.34
C GLN HA 548 -30.62 110.64 17.13
N ASN HA 549 -30.39 110.56 18.45
CA ASN HA 549 -30.45 111.68 19.36
C ASN HA 549 -31.87 112.23 19.50
N ALA HA 550 -32.89 111.41 19.23
CA ALA HA 550 -34.26 111.82 19.51
C ALA HA 550 -34.50 111.84 21.00
N ALA HA 551 -35.27 112.82 21.46
CA ALA HA 551 -35.57 112.94 22.88
C ALA HA 551 -36.39 111.75 23.36
N ARG HA 552 -36.15 111.35 24.61
CA ARG HA 552 -36.93 110.27 25.20
C ARG HA 552 -38.40 110.65 25.33
N ASP HA 553 -38.68 111.88 25.75
CA ASP HA 553 -40.05 112.35 25.95
C ASP HA 553 -40.34 113.50 25.00
N ASN HA 554 -41.54 113.47 24.40
CA ASN HA 554 -42.05 114.55 23.56
C ASN HA 554 -41.07 114.88 22.43
N ALA HA 555 -40.60 113.85 21.75
CA ALA HA 555 -39.84 114.06 20.53
C ALA HA 555 -40.77 114.56 19.44
N ASP HA 556 -40.30 115.52 18.66
CA ASP HA 556 -41.10 116.05 17.57
C ASP HA 556 -41.23 115.01 16.46
N TYR HA 557 -42.21 115.22 15.58
CA TYR HA 557 -42.42 114.30 14.47
C TYR HA 557 -41.18 114.19 13.59
N SER HA 558 -40.41 115.28 13.49
CA SER HA 558 -39.18 115.24 12.69
C SER HA 558 -38.09 114.40 13.35
N ASP HA 559 -38.21 114.10 14.64
CA ASP HA 559 -37.22 113.31 15.35
C ASP HA 559 -37.56 111.83 15.40
N VAL HA 560 -38.69 111.42 14.85
CA VAL HA 560 -39.10 110.03 14.90
C VAL HA 560 -39.30 109.52 13.49
N MET HA 561 -39.34 108.19 13.36
CA MET HA 561 -39.46 107.51 12.08
C MET HA 561 -40.72 106.66 12.15
N LEU HA 562 -41.78 107.10 11.49
CA LEU HA 562 -43.02 106.34 11.46
C LEU HA 562 -42.90 105.21 10.46
N THR HA 563 -43.24 104.00 10.89
CA THR HA 563 -43.36 102.90 9.95
C THR HA 563 -44.73 102.94 9.28
N SER HA 564 -44.87 102.20 8.19
CA SER HA 564 -46.13 102.12 7.47
C SER HA 564 -46.37 100.68 7.06
N GLU HA 565 -47.55 100.16 7.40
CA GLU HA 565 -47.97 98.83 6.98
C GLU HA 565 -48.92 98.91 5.79
N GLU HA 566 -48.71 99.86 4.89
CA GLU HA 566 -49.58 100.00 3.73
C GLU HA 566 -49.50 98.81 2.78
N GLU HA 567 -48.44 98.01 2.86
CA GLU HA 567 -48.32 96.85 1.98
C GLU HA 567 -49.40 95.82 2.22
N ILE HA 568 -50.00 95.80 3.40
CA ILE HA 568 -51.04 94.83 3.73
C ILE HA 568 -52.44 95.38 3.49
N LYS HA 569 -52.56 96.50 2.79
CA LYS HA 569 -53.86 96.99 2.36
C LYS HA 569 -54.62 95.93 1.57
N THR HA 570 -53.90 95.08 0.85
CA THR HA 570 -54.53 94.11 -0.03
C THR HA 570 -55.31 93.06 0.74
N THR HA 571 -54.94 92.80 1.97
CA THR HA 571 -55.57 91.75 2.75
C THR HA 571 -56.08 92.24 4.10
N ASN HA 572 -55.38 93.16 4.74
CA ASN HA 572 -55.80 93.62 6.05
C ASN HA 572 -56.58 94.92 5.91
N PRO HA 573 -57.61 95.11 6.74
CA PRO HA 573 -58.35 96.38 6.72
C PRO HA 573 -57.46 97.51 7.20
N VAL HA 574 -57.78 98.71 6.73
CA VAL HA 574 -57.06 99.90 7.17
C VAL HA 574 -57.29 100.13 8.64
N ALA HA 575 -56.21 100.44 9.37
CA ALA HA 575 -56.28 100.51 10.83
C ALA HA 575 -57.24 101.56 11.32
N THR HA 576 -57.43 102.63 10.55
CA THR HA 576 -58.26 103.75 10.97
C THR HA 576 -59.65 103.73 10.35
N GLU HA 577 -60.00 102.67 9.64
CA GLU HA 577 -61.30 102.54 9.02
C GLU HA 577 -62.07 101.41 9.66
N GLU HA 578 -63.38 101.43 9.46
CA GLU HA 578 -64.23 100.34 9.92
C GLU HA 578 -63.96 99.07 9.13
N TYR HA 579 -64.19 97.92 9.78
CA TYR HA 579 -64.05 96.65 9.07
C TYR HA 579 -65.07 96.53 7.96
N GLY HA 580 -66.31 96.92 8.23
CA GLY HA 580 -67.36 96.74 7.26
C GLY HA 580 -68.68 97.19 7.82
N ILE HA 581 -69.75 96.73 7.19
CA ILE HA 581 -71.11 97.13 7.53
C ILE HA 581 -71.94 95.87 7.75
N VAL HA 582 -72.71 95.86 8.83
CA VAL HA 582 -73.64 94.77 9.11
C VAL HA 582 -75.03 95.35 9.31
N ALA HA 583 -76.03 94.51 9.14
CA ALA HA 583 -77.40 94.91 9.41
C ALA HA 583 -77.60 95.09 10.91
N ASP HA 584 -78.37 96.12 11.27
CA ASP HA 584 -78.65 96.41 12.66
C ASP HA 584 -80.08 96.11 13.06
N ASN HA 585 -80.94 95.75 12.12
CA ASN HA 585 -82.35 95.50 12.41
C ASN HA 585 -82.91 94.55 11.37
N LEU HA 586 -84.21 94.35 11.42
CA LEU HA 586 -84.94 93.57 10.42
C LEU HA 586 -85.85 94.54 9.66
N GLN HA 587 -85.53 94.79 8.41
CA GLN HA 587 -86.34 95.70 7.61
C GLN HA 587 -87.71 95.07 7.32
N GLN HA 588 -88.73 95.90 7.37
CA GLN HA 588 -90.09 95.53 6.98
C GLN HA 588 -90.63 96.62 6.08
N GLN HA 589 -91.87 96.45 5.62
CA GLN HA 589 -92.49 97.47 4.80
C GLN HA 589 -92.66 98.78 5.54
N ASN HA 590 -92.61 98.76 6.88
CA ASN HA 590 -92.74 99.97 7.68
C ASN HA 590 -91.44 100.42 8.31
N THR HA 591 -90.41 99.57 8.37
CA THR HA 591 -89.14 99.92 8.98
C THR HA 591 -88.05 99.82 7.94
N ALA HA 592 -87.39 100.94 7.66
CA ALA HA 592 -86.29 100.94 6.72
C ALA HA 592 -85.10 100.19 7.29
N PRO HA 593 -84.34 99.50 6.45
CA PRO HA 593 -83.17 98.77 6.95
C PRO HA 593 -82.15 99.72 7.56
N GLN HA 594 -81.56 99.28 8.66
CA GLN HA 594 -80.53 100.03 9.35
C GLN HA 594 -79.22 99.26 9.31
N ILE HA 595 -78.12 99.99 9.22
CA ILE HA 595 -76.80 99.37 9.10
C ILE HA 595 -75.97 99.76 10.31
N GLY HA 596 -75.13 98.83 10.73
CA GLY HA 596 -74.19 99.06 11.81
C GLY HA 596 -72.77 99.05 11.28
N THR HA 597 -71.96 99.98 11.78
CA THR HA 597 -70.57 100.09 11.38
C THR HA 597 -69.72 99.22 12.30
N VAL HA 598 -69.00 98.26 11.72
CA VAL HA 598 -68.19 97.33 12.48
C VAL HA 598 -66.82 97.97 12.68
N ASN HA 599 -66.57 98.47 13.89
CA ASN HA 599 -65.29 99.06 14.23
C ASN HA 599 -64.34 98.08 14.91
N SER HA 600 -64.81 96.89 15.25
CA SER HA 600 -63.98 95.86 15.83
C SER HA 600 -64.52 94.52 15.38
N GLN HA 601 -63.69 93.75 14.69
CA GLN HA 601 -64.13 92.47 14.14
C GLN HA 601 -63.12 91.41 14.52
N GLY HA 602 -63.56 90.43 15.30
CA GLY HA 602 -62.76 89.27 15.59
C GLY HA 602 -62.72 88.31 14.43
N ALA HA 603 -62.05 87.18 14.65
CA ALA HA 603 -61.83 86.22 13.59
C ALA HA 603 -63.14 85.68 13.05
N LEU HA 604 -63.29 85.69 11.73
CA LEU HA 604 -64.40 85.08 11.03
C LEU HA 604 -63.87 84.02 10.08
N PRO HA 605 -64.62 82.95 9.84
CA PRO HA 605 -64.18 81.95 8.87
C PRO HA 605 -64.02 82.57 7.50
N GLY HA 606 -63.00 82.11 6.78
CA GLY HA 606 -62.67 82.67 5.49
C GLY HA 606 -61.85 83.93 5.55
N MET HA 607 -61.50 84.41 6.74
CA MET HA 607 -60.70 85.61 6.87
C MET HA 607 -59.24 85.29 6.65
N VAL HA 608 -58.55 86.16 5.93
CA VAL HA 608 -57.11 86.04 5.71
C VAL HA 608 -56.48 87.39 6.04
N TRP HA 609 -55.23 87.35 6.49
CA TRP HA 609 -54.55 88.58 6.87
C TRP HA 609 -53.05 88.36 6.80
N GLN HA 610 -52.32 89.46 6.79
CA GLN HA 610 -50.88 89.48 6.87
C GLN HA 610 -50.45 89.97 8.25
N ASN HA 611 -49.30 89.49 8.71
CA ASN HA 611 -48.74 89.99 9.95
C ASN HA 611 -48.09 91.35 9.71
N ARG HA 612 -47.75 92.01 10.81
CA ARG HA 612 -46.98 93.24 10.73
C ARG HA 612 -45.60 92.95 10.14
N ASP HA 613 -45.10 93.91 9.37
CA ASP HA 613 -43.77 93.78 8.82
C ASP HA 613 -42.72 93.83 9.92
N VAL HA 614 -41.58 93.20 9.67
CA VAL HA 614 -40.42 93.37 10.52
C VAL HA 614 -39.54 94.45 9.92
N TYR HA 615 -38.70 95.04 10.77
CA TYR HA 615 -37.87 96.16 10.36
C TYR HA 615 -36.43 95.90 10.80
N LEU HA 616 -35.50 96.52 10.09
CA LEU HA 616 -34.09 96.40 10.45
C LEU HA 616 -33.87 96.83 11.89
N GLN HA 617 -34.55 97.88 12.32
CA GLN HA 617 -34.48 98.35 13.70
C GLN HA 617 -35.45 97.66 14.63
N GLY HA 618 -36.34 96.82 14.11
CA GLY HA 618 -37.41 96.26 14.89
C GLY HA 618 -37.03 94.98 15.61
N PRO HA 619 -37.94 94.47 16.44
CA PRO HA 619 -37.69 93.22 17.14
C PRO HA 619 -37.72 92.02 16.21
N ILE HA 620 -37.03 90.97 16.63
CA ILE HA 620 -36.98 89.72 15.88
C ILE HA 620 -38.00 88.71 16.38
N TRP HA 621 -38.03 88.46 17.68
CA TRP HA 621 -38.87 87.42 18.23
C TRP HA 621 -39.52 87.92 19.51
N ALA HA 622 -40.59 87.24 19.90
CA ALA HA 622 -41.18 87.40 21.21
C ALA HA 622 -41.52 86.02 21.75
N LYS HA 623 -41.51 85.89 23.07
CA LYS HA 623 -41.95 84.66 23.69
C LYS HA 623 -43.48 84.62 23.67
N ILE HA 624 -44.02 83.54 23.12
CA ILE HA 624 -45.46 83.32 23.20
C ILE HA 624 -45.79 83.03 24.65
N PRO HA 625 -46.69 83.78 25.29
CA PRO HA 625 -47.02 83.51 26.68
C PRO HA 625 -47.54 82.10 26.85
N HIS HA 626 -47.15 81.46 27.95
CA HIS HA 626 -47.59 80.10 28.24
C HIS HA 626 -49.02 80.16 28.74
N THR HA 627 -49.98 79.98 27.83
CA THR HA 627 -51.39 80.04 28.16
C THR HA 627 -52.10 78.84 27.57
N ASP HA 628 -53.33 78.62 28.03
CA ASP HA 628 -54.16 77.54 27.49
C ASP HA 628 -54.45 77.77 26.01
N GLY HA 629 -54.79 79.00 25.65
CA GLY HA 629 -55.16 79.30 24.29
C GLY HA 629 -54.51 80.57 23.80
N ASN HA 630 -54.18 80.57 22.52
CA ASN HA 630 -53.80 81.78 21.83
C ASN HA 630 -54.38 81.71 20.42
N PHE HA 631 -54.55 82.87 19.80
CA PHE HA 631 -55.00 82.93 18.42
C PHE HA 631 -53.93 83.61 17.60
N HIS HA 632 -53.41 82.90 16.59
CA HIS HA 632 -52.37 83.37 15.71
C HIS HA 632 -51.25 84.02 16.52
N PRO HA 633 -50.46 83.23 17.24
CA PRO HA 633 -49.50 83.81 18.19
C PRO HA 633 -48.30 84.45 17.49
N SER HA 634 -48.57 85.36 16.61
CA SER HA 634 -47.53 86.18 16.02
C SER HA 634 -47.42 87.48 16.79
N PRO HA 635 -46.22 87.85 17.26
CA PRO HA 635 -46.10 89.04 18.11
C PRO HA 635 -46.60 90.28 17.40
N LEU HA 636 -47.28 91.14 18.15
CA LEU HA 636 -47.97 92.27 17.52
C LEU HA 636 -47.00 93.34 17.05
N MET HA 637 -45.90 93.58 17.75
CA MET HA 637 -44.91 94.49 17.21
C MET HA 637 -44.04 93.86 16.14
N GLY HA 638 -44.42 92.69 15.64
CA GLY HA 638 -43.76 92.07 14.53
C GLY HA 638 -42.70 91.06 14.97
N GLY HA 639 -42.42 90.12 14.10
CA GLY HA 639 -41.40 89.14 14.34
C GLY HA 639 -41.96 87.74 14.48
N PHE HA 640 -41.17 86.88 15.10
CA PHE HA 640 -41.46 85.47 15.20
C PHE HA 640 -41.92 85.16 16.62
N GLY HA 641 -43.10 84.57 16.73
CA GLY HA 641 -43.57 84.10 18.01
C GLY HA 641 -43.00 82.74 18.32
N LEU HA 642 -42.31 82.61 19.44
CA LEU HA 642 -41.66 81.37 19.81
C LEU HA 642 -42.15 80.91 21.18
N LYS HA 643 -42.57 79.65 21.25
CA LYS HA 643 -42.87 79.06 22.55
C LYS HA 643 -41.62 78.99 23.41
N HIS HA 644 -40.48 78.66 22.80
CA HIS HA 644 -39.19 78.56 23.48
C HIS HA 644 -38.22 79.47 22.75
N PRO HA 645 -38.24 80.76 23.05
CA PRO HA 645 -37.39 81.71 22.34
C PRO HA 645 -35.94 81.55 22.76
N PRO HA 646 -35.02 82.28 22.14
CA PRO HA 646 -33.65 82.30 22.65
C PRO HA 646 -33.64 82.65 24.13
N PRO HA 647 -32.96 81.85 24.95
CA PRO HA 647 -33.03 82.05 26.39
C PRO HA 647 -32.40 83.36 26.81
N GLN HA 648 -32.92 83.93 27.88
CA GLN HA 648 -32.30 85.11 28.47
C GLN HA 648 -30.90 84.74 28.97
N ILE HA 649 -29.93 85.59 28.65
CA ILE HA 649 -28.56 85.42 29.09
C ILE HA 649 -28.29 86.44 30.17
N LEU HA 650 -28.19 85.99 31.41
CA LEU HA 650 -28.03 86.86 32.56
C LEU HA 650 -26.56 86.93 32.93
N ILE HA 651 -26.08 88.13 33.19
CA ILE HA 651 -24.67 88.35 33.50
C ILE HA 651 -24.59 89.29 34.69
N LYS HA 652 -23.64 89.02 35.58
CA LYS HA 652 -23.46 89.83 36.77
C LYS HA 652 -22.00 89.81 37.17
N ASN HA 653 -21.52 90.97 37.65
CA ASN HA 653 -20.23 91.00 38.31
C ASN HA 653 -20.36 90.36 39.68
N THR HA 654 -19.54 89.35 39.95
CA THR HA 654 -19.55 88.73 41.25
C THR HA 654 -19.12 89.76 42.30
N PRO HA 655 -19.90 89.96 43.36
CA PRO HA 655 -19.50 90.95 44.37
C PRO HA 655 -18.18 90.56 45.01
N VAL HA 656 -17.29 91.54 45.14
CA VAL HA 656 -16.01 91.37 45.81
C VAL HA 656 -16.04 92.25 47.06
N PRO HA 657 -16.17 91.67 48.25
CA PRO HA 657 -16.24 92.49 49.46
C PRO HA 657 -14.98 93.31 49.65
N ALA HA 658 -15.14 94.51 50.19
CA ALA HA 658 -14.01 95.23 50.74
C ALA HA 658 -13.56 94.54 52.02
N ASP HA 659 -12.58 95.11 52.69
CA ASP HA 659 -12.03 94.45 53.87
C ASP HA 659 -13.11 94.35 54.95
N PRO HA 660 -13.44 93.15 55.41
CA PRO HA 660 -14.42 93.01 56.48
C PRO HA 660 -13.80 93.42 57.80
N PRO HA 661 -14.62 93.67 58.82
CA PRO HA 661 -14.07 93.98 60.14
C PRO HA 661 -13.33 92.77 60.70
N THR HA 662 -12.42 93.04 61.62
CA THR HA 662 -11.63 91.98 62.23
C THR HA 662 -12.36 91.27 63.36
N THR HA 663 -13.54 91.74 63.74
CA THR HA 663 -14.41 91.06 64.68
C THR HA 663 -15.67 90.64 63.95
N PHE HA 664 -16.17 89.45 64.25
CA PHE HA 664 -17.27 88.89 63.48
C PHE HA 664 -18.52 89.73 63.61
N ASN HA 665 -19.18 89.96 62.49
CA ASN HA 665 -20.49 90.60 62.43
C ASN HA 665 -21.39 89.75 61.56
N GLN HA 666 -22.56 89.39 62.09
CA GLN HA 666 -23.48 88.53 61.35
C GLN HA 666 -24.15 89.25 60.19
N SER HA 667 -24.15 90.59 60.21
CA SER HA 667 -24.85 91.34 59.18
C SER HA 667 -24.22 91.09 57.81
N LYS HA 668 -25.06 91.09 56.79
CA LYS HA 668 -24.56 90.93 55.42
C LYS HA 668 -23.61 92.07 55.09
N LEU HA 669 -22.57 91.75 54.33
CA LEU HA 669 -21.59 92.76 53.96
C LEU HA 669 -22.20 93.73 52.96
N ASN HA 670 -22.00 95.02 53.20
CA ASN HA 670 -22.46 96.05 52.28
C ASN HA 670 -21.33 96.88 51.73
N SER HA 671 -20.09 96.61 52.15
CA SER HA 671 -18.93 97.33 51.65
C SER HA 671 -18.28 96.45 50.59
N PHE HA 672 -18.34 96.90 49.34
CA PHE HA 672 -17.84 96.13 48.22
C PHE HA 672 -16.83 96.95 47.44
N ILE HA 673 -15.88 96.24 46.82
CA ILE HA 673 -14.95 96.87 45.91
C ILE HA 673 -15.70 97.31 44.67
N THR HA 674 -15.55 98.59 44.32
CA THR HA 674 -16.23 99.11 43.13
C THR HA 674 -15.64 98.46 41.90
N GLN HA 675 -16.51 97.94 41.03
CA GLN HA 675 -16.05 96.99 40.03
C GLN HA 675 -16.99 97.04 38.84
N TYR HA 676 -16.41 96.85 37.66
CA TYR HA 676 -17.19 96.67 36.44
C TYR HA 676 -16.43 95.72 35.54
N SER HA 677 -17.14 95.11 34.61
CA SER HA 677 -16.53 94.19 33.67
C SER HA 677 -16.80 94.66 32.25
N THR HA 678 -15.88 94.30 31.36
CA THR HA 678 -16.03 94.54 29.94
C THR HA 678 -15.57 93.29 29.22
N GLY HA 679 -16.07 93.12 28.01
CA GLY HA 679 -15.68 91.97 27.22
C GLY HA 679 -16.30 92.07 25.84
N GLN HA 680 -16.17 90.98 25.10
CA GLN HA 680 -16.76 90.88 23.79
C GLN HA 680 -17.88 89.85 23.81
N VAL HA 681 -18.92 90.12 23.05
CA VAL HA 681 -20.06 89.21 22.90
C VAL HA 681 -20.22 88.93 21.42
N SER HA 682 -20.33 87.66 21.08
CA SER HA 682 -20.57 87.23 19.71
C SER HA 682 -21.90 86.49 19.66
N VAL HA 683 -22.75 86.87 18.72
CA VAL HA 683 -23.98 86.14 18.45
C VAL HA 683 -24.01 85.81 16.97
N GLU HA 684 -24.18 84.53 16.66
CA GLU HA 684 -24.27 84.06 15.29
C GLU HA 684 -25.64 83.45 15.10
N ILE HA 685 -26.40 83.96 14.13
CA ILE HA 685 -27.71 83.43 13.80
C ILE HA 685 -27.70 82.94 12.37
N GLU HA 686 -28.14 81.71 12.17
CA GLU HA 686 -28.37 81.17 10.83
C GLU HA 686 -29.83 81.38 10.48
N TRP HA 687 -30.06 82.03 9.35
CA TRP HA 687 -31.41 82.28 8.86
C TRP HA 687 -31.65 81.45 7.61
N GLU HA 688 -32.84 80.86 7.54
CA GLU HA 688 -33.28 80.18 6.33
C GLU HA 688 -34.03 81.18 5.45
N LEU HA 689 -33.77 81.13 4.15
CA LEU HA 689 -34.37 82.05 3.21
C LEU HA 689 -35.41 81.35 2.35
N GLN HA 690 -36.48 82.07 2.05
CA GLN HA 690 -37.45 81.65 1.04
C GLN HA 690 -37.18 82.44 -0.22
N LYS HA 691 -36.57 81.80 -1.21
CA LYS HA 691 -36.28 82.46 -2.47
C LYS HA 691 -37.56 82.78 -3.22
N GLU HA 692 -37.59 83.96 -3.84
CA GLU HA 692 -38.74 84.32 -4.65
C GLU HA 692 -38.71 83.55 -5.96
N ASN HA 693 -39.83 82.92 -6.29
CA ASN HA 693 -39.99 82.19 -7.54
C ASN HA 693 -41.18 82.83 -8.26
N SER HA 694 -40.90 83.91 -8.98
CA SER HA 694 -41.93 84.78 -9.52
C SER HA 694 -41.83 84.86 -11.03
N LYS HA 695 -42.99 84.83 -11.69
CA LYS HA 695 -43.07 84.99 -13.13
C LYS HA 695 -43.50 86.39 -13.53
N ARG HA 696 -43.45 87.33 -12.59
CA ARG HA 696 -43.73 88.73 -12.88
C ARG HA 696 -42.80 89.23 -13.98
N TRP HA 697 -43.37 89.92 -14.97
CA TRP HA 697 -42.59 90.38 -16.10
C TRP HA 697 -41.90 91.71 -15.81
N ASN HA 698 -42.64 92.68 -15.29
CA ASN HA 698 -42.10 94.00 -15.05
C ASN HA 698 -41.20 93.99 -13.82
N PRO HA 699 -40.28 94.94 -13.72
CA PRO HA 699 -39.36 94.96 -12.57
C PRO HA 699 -40.11 95.19 -11.27
N GLU HA 700 -39.56 94.60 -10.21
CA GLU HA 700 -40.13 94.74 -8.88
C GLU HA 700 -39.67 96.03 -8.21
N ILE HA 701 -40.35 96.40 -7.14
CA ILE HA 701 -39.88 97.45 -6.27
C ILE HA 701 -38.76 96.90 -5.40
N GLN HA 702 -37.67 97.63 -5.32
CA GLN HA 702 -36.52 97.22 -4.53
C GLN HA 702 -36.15 98.35 -3.59
N TYR HA 703 -35.65 97.98 -2.41
CA TYR HA 703 -35.07 99.00 -1.56
C TYR HA 703 -33.73 99.44 -2.15
N THR HA 704 -33.56 100.74 -2.31
CA THR HA 704 -32.35 101.28 -2.88
C THR HA 704 -31.94 102.52 -2.10
N SER HA 705 -30.64 102.76 -2.04
CA SER HA 705 -30.16 104.03 -1.54
C SER HA 705 -30.42 105.11 -2.58
N ASN HA 706 -30.58 106.34 -2.10
CA ASN HA 706 -30.79 107.47 -3.00
C ASN HA 706 -29.51 107.75 -3.78
N TYR HA 707 -29.66 107.95 -5.09
CA TYR HA 707 -28.50 108.20 -5.94
C TYR HA 707 -27.97 109.62 -5.77
N TYR HA 708 -28.83 110.56 -5.42
CA TYR HA 708 -28.44 111.97 -5.39
C TYR HA 708 -27.48 112.25 -4.25
N LYS HA 709 -26.67 113.29 -4.41
CA LYS HA 709 -25.64 113.62 -3.44
C LYS HA 709 -26.25 114.07 -2.12
N SER HA 710 -25.47 113.91 -1.05
CA SER HA 710 -25.92 114.28 0.27
C SER HA 710 -24.71 114.59 1.14
N THR HA 711 -24.97 115.28 2.25
CA THR HA 711 -23.90 115.66 3.16
C THR HA 711 -23.22 114.42 3.75
N SER HA 712 -24.00 113.39 4.06
CA SER HA 712 -23.47 112.18 4.67
C SER HA 712 -24.07 110.97 3.98
N VAL HA 713 -23.37 109.86 4.08
CA VAL HA 713 -23.88 108.58 3.57
C VAL HA 713 -24.92 108.05 4.53
N ASP HA 714 -26.06 107.62 3.98
CA ASP HA 714 -27.09 106.99 4.80
C ASP HA 714 -26.58 105.68 5.38
N PHE HA 715 -26.93 105.42 6.63
CA PHE HA 715 -26.45 104.25 7.36
C PHE HA 715 -24.93 104.24 7.45
N ALA HA 716 -24.37 105.39 7.80
CA ALA HA 716 -22.95 105.53 8.03
C ALA HA 716 -22.76 106.45 9.22
N VAL HA 717 -21.53 106.76 9.52
CA VAL HA 717 -21.21 107.69 10.60
C VAL HA 717 -21.14 109.10 10.03
N ASN HA 718 -21.39 110.07 10.89
CA ASN HA 718 -21.22 111.47 10.51
C ASN HA 718 -19.81 111.91 10.86
N THR HA 719 -19.55 113.22 10.82
CA THR HA 719 -18.21 113.73 11.11
C THR HA 719 -17.83 113.55 12.56
N GLU HA 720 -18.80 113.31 13.45
CA GLU HA 720 -18.53 113.12 14.87
C GLU HA 720 -18.44 111.65 15.27
N GLY HA 721 -18.53 110.74 14.31
CA GLY HA 721 -18.46 109.33 14.62
C GLY HA 721 -19.76 108.71 15.05
N VAL HA 722 -20.87 109.42 14.94
CA VAL HA 722 -22.16 108.91 15.37
C VAL HA 722 -22.79 108.14 14.21
N TYR HA 723 -23.04 106.85 14.44
CA TYR HA 723 -23.78 106.05 13.48
C TYR HA 723 -25.27 106.32 13.63
N SER HA 724 -25.95 106.50 12.50
CA SER HA 724 -27.38 106.77 12.52
C SER HA 724 -28.07 105.92 11.47
N GLU HA 725 -29.30 105.55 11.78
CA GLU HA 725 -30.17 104.88 10.81
C GLU HA 725 -31.20 105.89 10.35
N PRO HA 726 -31.12 106.38 9.11
CA PRO HA 726 -31.97 107.52 8.73
C PRO HA 726 -33.43 107.17 8.56
N ARG HA 727 -33.77 105.92 8.26
CA ARG HA 727 -35.15 105.55 8.01
C ARG HA 727 -35.36 104.13 8.52
N PRO HA 728 -36.59 103.75 8.82
CA PRO HA 728 -36.88 102.33 9.11
C PRO HA 728 -37.05 101.57 7.81
N ILE HA 729 -36.19 100.58 7.59
CA ILE HA 729 -36.28 99.76 6.40
C ILE HA 729 -37.20 98.59 6.71
N GLY HA 730 -38.32 98.54 6.02
CA GLY HA 730 -39.22 97.41 6.15
C GLY HA 730 -38.65 96.19 5.46
N THR HA 731 -39.51 95.24 5.15
CA THR HA 731 -39.07 93.98 4.59
C THR HA 731 -39.82 93.62 3.33
N ARG HA 732 -40.93 94.29 3.03
CA ARG HA 732 -41.84 93.88 1.97
C ARG HA 732 -41.60 94.76 0.74
N TYR HA 733 -40.80 94.27 -0.17
CA TYR HA 733 -40.53 94.94 -1.44
C TYR HA 733 -40.87 94.07 -2.64
N LEU HA 734 -40.56 92.78 -2.59
CA LEU HA 734 -40.99 91.86 -3.61
C LEU HA 734 -42.50 91.63 -3.52
N THR HA 735 -43.06 91.06 -4.57
CA THR HA 735 -44.50 90.87 -4.65
C THR HA 735 -44.85 89.41 -4.88
N ARG HA 736 -46.02 89.02 -4.39
CA ARG HA 736 -46.62 87.73 -4.67
C ARG HA 736 -48.07 87.94 -5.03
N ASN HA 737 -48.61 87.01 -5.82
CA ASN HA 737 -50.04 86.95 -5.98
C ASN HA 737 -50.68 86.44 -4.70
N LEU HA 738 -51.97 86.74 -4.54
CA LEU HA 738 -52.69 86.25 -3.38
C LEU HA 738 -53.04 84.77 -3.57
N GLY IA 221 -71.26 32.56 38.56
CA GLY IA 221 -72.01 31.82 39.55
C GLY IA 221 -72.86 32.69 40.46
N VAL IA 222 -73.97 32.13 40.94
CA VAL IA 222 -74.85 32.86 41.84
C VAL IA 222 -74.14 33.19 43.14
N GLY IA 223 -73.39 32.23 43.69
CA GLY IA 223 -72.77 32.38 44.98
C GLY IA 223 -71.33 32.86 44.97
N SER IA 224 -70.84 33.37 43.86
CA SER IA 224 -69.47 33.88 43.78
C SER IA 224 -69.48 35.33 43.34
N SER IA 225 -68.66 36.14 43.99
CA SER IA 225 -68.52 37.54 43.64
C SER IA 225 -67.88 37.68 42.25
N SER IA 226 -68.39 38.62 41.47
CA SER IA 226 -67.86 38.86 40.13
C SER IA 226 -66.85 40.01 40.11
N GLY IA 227 -66.53 40.58 41.25
CA GLY IA 227 -65.54 41.63 41.30
C GLY IA 227 -65.36 42.11 42.72
N ASN IA 228 -64.26 42.81 42.94
CA ASN IA 228 -63.90 43.33 44.26
C ASN IA 228 -64.07 44.83 44.31
N TRP IA 229 -64.13 45.34 45.53
CA TRP IA 229 -64.22 46.78 45.77
C TRP IA 229 -62.84 47.40 45.55
N HIS IA 230 -62.75 48.36 44.64
CA HIS IA 230 -61.49 49.01 44.29
C HIS IA 230 -61.69 50.53 44.37
N CYS IA 231 -61.51 51.08 45.55
CA CYS IA 231 -61.41 52.52 45.74
C CYS IA 231 -60.00 52.82 46.22
N ASP IA 232 -59.27 53.61 45.46
CA ASP IA 232 -57.87 53.86 45.74
C ASP IA 232 -57.36 54.95 44.82
N SER IA 233 -56.21 55.50 45.17
CA SER IA 233 -55.47 56.40 44.30
C SER IA 233 -54.00 56.11 44.50
N THR IA 234 -53.31 55.76 43.42
CA THR IA 234 -51.88 55.46 43.47
C THR IA 234 -51.14 56.54 42.70
N TRP IA 235 -50.26 57.24 43.39
CA TRP IA 235 -49.42 58.26 42.80
C TRP IA 235 -48.06 57.65 42.50
N LEU IA 236 -47.67 57.63 41.24
CA LEU IA 236 -46.43 56.98 40.82
C LEU IA 236 -45.79 57.84 39.74
N GLY IA 237 -44.77 58.60 40.11
CA GLY IA 237 -44.09 59.43 39.14
C GLY IA 237 -45.00 60.53 38.62
N ASP IA 238 -45.10 60.62 37.30
CA ASP IA 238 -45.93 61.61 36.64
C ASP IA 238 -47.35 61.12 36.39
N ARG IA 239 -47.75 60.01 37.00
CA ARG IA 239 -49.08 59.47 36.86
C ARG IA 239 -49.76 59.40 38.22
N VAL IA 240 -51.07 59.58 38.21
CA VAL IA 240 -51.91 59.21 39.33
C VAL IA 240 -53.05 58.36 38.78
N ILE IA 241 -53.28 57.22 39.39
CA ILE IA 241 -54.34 56.31 38.99
C ILE IA 241 -55.40 56.34 40.06
N THR IA 242 -56.53 56.97 39.75
CA THR IA 242 -57.68 56.98 40.64
C THR IA 242 -58.59 55.82 40.26
N THR IA 243 -59.00 55.05 41.23
CA THR IA 243 -60.01 54.04 41.04
C THR IA 243 -61.09 54.23 42.09
N SER IA 244 -62.34 54.16 41.67
CA SER IA 244 -63.45 54.39 42.57
C SER IA 244 -64.53 53.35 42.31
N THR IA 245 -65.04 52.79 43.39
CA THR IA 245 -66.15 51.84 43.33
C THR IA 245 -67.34 52.43 44.05
N ARG IA 246 -68.52 52.24 43.48
CA ARG IA 246 -69.76 52.68 44.10
C ARG IA 246 -70.80 51.60 43.94
N THR IA 247 -71.76 51.60 44.87
CA THR IA 247 -72.93 50.75 44.76
C THR IA 247 -74.03 51.54 44.08
N TRP IA 248 -74.61 50.98 43.03
CA TRP IA 248 -75.66 51.65 42.28
C TRP IA 248 -76.96 50.86 42.41
N ALA IA 249 -78.06 51.53 42.13
CA ALA IA 249 -79.37 50.90 42.03
C ALA IA 249 -80.04 51.40 40.76
N LEU IA 250 -80.47 50.47 39.92
CA LEU IA 250 -81.11 50.83 38.67
C LEU IA 250 -82.57 50.42 38.70
N PRO IA 251 -83.51 51.35 38.72
CA PRO IA 251 -84.92 50.99 38.62
C PRO IA 251 -85.30 50.66 37.20
N THR IA 252 -86.52 50.21 37.03
CA THR IA 252 -87.13 50.16 35.71
C THR IA 252 -87.65 51.54 35.37
N TYR IA 253 -87.13 52.11 34.28
CA TYR IA 253 -87.52 53.44 33.84
C TYR IA 253 -88.60 53.34 32.78
N ASN IA 254 -89.57 54.25 32.84
CA ASN IA 254 -90.58 54.43 31.80
C ASN IA 254 -91.47 53.21 31.62
N ASN IA 255 -91.46 52.28 32.57
CA ASN IA 255 -92.16 51.00 32.41
C ASN IA 255 -91.72 50.29 31.14
N HIS IA 256 -90.42 50.31 30.90
CA HIS IA 256 -89.76 49.66 29.75
C HIS IA 256 -90.13 50.31 28.42
N LEU IA 257 -90.68 51.51 28.42
CA LEU IA 257 -91.17 52.14 27.20
C LEU IA 257 -90.26 53.27 26.76
N TYR IA 258 -90.24 53.52 25.46
CA TYR IA 258 -89.73 54.76 24.90
C TYR IA 258 -90.89 55.73 24.78
N LYS IA 259 -90.75 56.90 25.38
CA LYS IA 259 -91.81 57.90 25.35
C LYS IA 259 -91.31 59.14 24.66
N GLN IA 260 -92.08 59.62 23.70
CA GLN IA 260 -91.81 60.94 23.14
C GLN IA 260 -92.13 62.00 24.19
N ILE IA 261 -91.20 62.93 24.39
CA ILE IA 261 -91.37 64.01 25.35
C ILE IA 261 -91.21 65.32 24.62
N SER IA 262 -92.01 66.32 25.01
CA SER IA 262 -92.02 67.59 24.32
C SER IA 262 -92.35 68.70 25.30
N ASN IA 263 -92.10 69.92 24.86
CA ASN IA 263 -92.49 71.11 25.59
C ASN IA 263 -92.71 72.20 24.56
N GLY IA 264 -93.91 72.79 24.56
CA GLY IA 264 -94.27 73.82 23.62
C GLY IA 264 -94.60 75.12 24.31
N THR IA 265 -95.01 76.09 23.50
CA THR IA 265 -95.37 77.40 24.00
C THR IA 265 -96.83 77.44 24.44
N ALA IA 269 -94.85 77.59 28.71
CA ALA IA 269 -93.42 77.64 28.46
C ALA IA 269 -93.09 78.63 27.34
N THR IA 270 -91.91 79.24 27.42
CA THR IA 270 -91.49 80.16 26.38
C THR IA 270 -90.84 79.39 25.24
N ASN IA 271 -90.68 80.07 24.10
CA ASN IA 271 -90.05 79.45 22.95
C ASN IA 271 -88.61 79.07 23.26
N ASP IA 272 -87.95 79.80 24.15
CA ASP IA 272 -86.57 79.50 24.50
C ASP IA 272 -86.42 78.15 25.17
N ASN IA 273 -87.49 77.61 25.75
CA ASN IA 273 -87.43 76.37 26.50
C ASN IA 273 -88.16 75.22 25.82
N THR IA 274 -88.53 75.37 24.56
CA THR IA 274 -89.20 74.27 23.86
C THR IA 274 -88.23 73.16 23.54
N TYR IA 275 -88.74 71.95 23.48
CA TYR IA 275 -87.90 70.82 23.07
C TYR IA 275 -88.80 69.70 22.56
N PHE IA 276 -88.18 68.83 21.76
CA PHE IA 276 -88.74 67.55 21.36
C PHE IA 276 -87.67 66.51 21.56
N GLY IA 277 -88.03 65.40 22.18
CA GLY IA 277 -87.06 64.36 22.42
C GLY IA 277 -87.72 63.08 22.83
N TYR IA 278 -86.91 62.18 23.37
CA TYR IA 278 -87.40 60.87 23.75
C TYR IA 278 -86.86 60.50 25.12
N SER IA 279 -87.75 60.00 25.96
CA SER IA 279 -87.37 59.36 27.20
C SER IA 279 -87.21 57.87 26.93
N THR IA 280 -86.10 57.30 27.36
CA THR IA 280 -85.82 55.89 27.12
C THR IA 280 -85.93 55.11 28.41
N PRO IA 281 -86.18 53.80 28.34
CA PRO IA 281 -86.16 52.96 29.54
C PRO IA 281 -84.75 52.65 30.05
N TRP IA 282 -83.73 53.25 29.46
CA TRP IA 282 -82.36 52.93 29.81
C TRP IA 282 -81.82 53.91 30.84
N GLY IA 283 -81.01 53.39 31.75
CA GLY IA 283 -80.16 54.24 32.55
C GLY IA 283 -78.80 54.39 31.92
N TYR IA 284 -77.98 55.25 32.50
CA TYR IA 284 -76.63 55.41 32.01
C TYR IA 284 -75.71 55.75 33.17
N PHE IA 285 -74.45 55.36 33.03
CA PHE IA 285 -73.46 55.59 34.06
C PHE IA 285 -72.70 56.87 33.75
N ASP IA 286 -72.64 57.76 34.73
CA ASP IA 286 -71.94 59.03 34.60
C ASP IA 286 -70.86 59.10 35.68
N PHE IA 287 -69.64 59.37 35.26
CA PHE IA 287 -68.55 59.66 36.18
C PHE IA 287 -67.77 60.87 35.68
N ASN IA 288 -68.50 61.84 35.14
CA ASN IA 288 -67.93 63.03 34.53
C ASN IA 288 -67.79 64.17 35.51
N ARG IA 289 -67.53 63.87 36.78
CA ARG IA 289 -67.17 64.87 37.77
C ARG IA 289 -65.89 64.43 38.46
N PHE IA 290 -65.06 65.40 38.80
CA PHE IA 290 -63.75 65.06 39.35
C PHE IA 290 -63.85 64.38 40.71
N HIS IA 291 -64.87 64.72 41.51
CA HIS IA 291 -64.98 64.10 42.82
C HIS IA 291 -65.47 62.65 42.73
N CYS IA 292 -65.89 62.19 41.55
CA CYS IA 292 -66.14 60.77 41.37
C CYS IA 292 -64.86 59.96 41.43
N HIS IA 293 -63.71 60.60 41.25
CA HIS IA 293 -62.42 59.93 41.16
C HIS IA 293 -61.41 60.40 42.18
N PHE IA 294 -61.41 61.69 42.49
CA PHE IA 294 -60.45 62.26 43.43
C PHE IA 294 -61.13 62.49 44.77
N SER IA 295 -60.55 61.93 45.83
CA SER IA 295 -60.91 62.36 47.16
C SER IA 295 -60.43 63.79 47.37
N PRO IA 296 -61.04 64.52 48.30
CA PRO IA 296 -60.56 65.89 48.55
C PRO IA 296 -59.08 65.97 48.87
N ARG IA 297 -58.56 65.00 49.62
CA ARG IA 297 -57.12 64.97 49.88
C ARG IA 297 -56.33 64.69 48.61
N ASP IA 298 -56.82 63.79 47.77
CA ASP IA 298 -56.17 63.54 46.49
C ASP IA 298 -56.22 64.76 45.60
N TRP IA 299 -57.34 65.47 45.61
CA TRP IA 299 -57.44 66.72 44.87
C TRP IA 299 -56.43 67.74 45.38
N GLN IA 300 -56.26 67.83 46.69
CA GLN IA 300 -55.26 68.72 47.26
C GLN IA 300 -53.86 68.32 46.81
N ARG IA 301 -53.55 67.03 46.85
CA ARG IA 301 -52.26 66.55 46.36
C ARG IA 301 -52.04 66.95 44.91
N LEU IA 302 -53.08 66.82 44.09
CA LEU IA 302 -52.96 67.15 42.68
C LEU IA 302 -52.73 68.65 42.48
N ILE IA 303 -53.56 69.49 43.09
CA ILE IA 303 -53.54 70.91 42.78
C ILE IA 303 -52.42 71.66 43.47
N ASN IA 304 -51.89 71.16 44.59
CA ASN IA 304 -50.83 71.86 45.28
C ASN IA 304 -49.45 71.56 44.74
N ASN IA 305 -49.33 70.59 43.83
CA ASN IA 305 -48.02 70.08 43.44
C ASN IA 305 -47.82 69.95 41.94
N ASN IA 306 -48.84 70.19 41.14
CA ASN IA 306 -48.76 69.95 39.71
C ASN IA 306 -49.21 71.18 38.95
N TRP IA 307 -48.50 71.48 37.87
CA TRP IA 307 -48.89 72.56 36.98
C TRP IA 307 -49.99 72.16 36.02
N GLY IA 308 -50.22 70.87 35.85
CA GLY IA 308 -51.24 70.42 34.93
C GLY IA 308 -51.48 68.94 35.08
N PHE IA 309 -52.60 68.51 34.51
CA PHE IA 309 -52.97 67.12 34.50
C PHE IA 309 -53.92 66.88 33.34
N ARG IA 310 -54.04 65.62 32.96
CA ARG IA 310 -54.97 65.24 31.89
C ARG IA 310 -55.26 63.76 32.02
N PRO IA 311 -56.46 63.32 31.68
CA PRO IA 311 -56.75 61.89 31.69
C PRO IA 311 -56.00 61.18 30.56
N LYS IA 312 -55.61 59.95 30.82
CA LYS IA 312 -54.90 59.13 29.85
C LYS IA 312 -55.71 57.93 29.39
N ARG IA 313 -56.21 57.15 30.33
CA ARG IA 313 -57.00 55.96 30.01
C ARG IA 313 -57.98 55.72 31.14
N LEU IA 314 -59.03 54.97 30.84
CA LEU IA 314 -59.95 54.57 31.88
C LEU IA 314 -60.34 53.12 31.67
N SER IA 315 -60.64 52.46 32.78
CA SER IA 315 -61.25 51.14 32.78
C SER IA 315 -62.51 51.20 33.62
N PHE IA 316 -63.54 50.54 33.15
CA PHE IA 316 -64.86 50.60 33.76
C PHE IA 316 -65.31 49.17 34.02
N LYS IA 317 -65.93 48.94 35.17
CA LYS IA 317 -66.38 47.60 35.52
C LYS IA 317 -67.76 47.65 36.16
N LEU IA 318 -68.61 46.73 35.75
CA LEU IA 318 -69.88 46.45 36.39
C LEU IA 318 -69.83 45.02 36.91
N PHE IA 319 -70.19 44.82 38.17
CA PHE IA 319 -70.04 43.52 38.78
C PHE IA 319 -70.94 43.42 40.00
N ASN IA 320 -71.03 42.21 40.54
CA ASN IA 320 -71.88 41.90 41.69
C ASN IA 320 -73.31 42.37 41.44
N ILE IA 321 -73.81 42.06 40.25
CA ILE IA 321 -75.13 42.48 39.83
C ILE IA 321 -76.17 41.63 40.56
N GLN IA 322 -77.16 42.30 41.13
CA GLN IA 322 -78.29 41.63 41.76
C GLN IA 322 -79.55 42.22 41.17
N VAL IA 323 -80.35 41.39 40.53
CA VAL IA 323 -81.65 41.79 40.02
C VAL IA 323 -82.70 41.31 41.00
N LYS IA 324 -83.53 42.22 41.47
CA LYS IA 324 -84.46 41.94 42.55
C LYS IA 324 -85.89 42.16 42.09
N GLU IA 325 -86.77 41.25 42.49
CA GLU IA 325 -88.18 41.32 42.19
C GLU IA 325 -88.92 41.83 43.42
N VAL IA 326 -89.79 42.80 43.22
CA VAL IA 326 -90.60 43.37 44.30
C VAL IA 326 -92.07 43.12 43.97
N THR IA 327 -92.79 42.55 44.94
CA THR IA 327 -94.20 42.22 44.76
C THR IA 327 -95.09 43.05 45.67
N LYS IA 333 -95.22 44.61 50.87
CA LYS IA 333 -94.16 44.61 49.87
C LYS IA 333 -93.02 43.68 50.28
N THR IA 334 -92.69 42.74 49.41
CA THR IA 334 -91.56 41.84 49.62
C THR IA 334 -90.61 41.96 48.44
N ILE IA 335 -89.31 41.97 48.74
CA ILE IA 335 -88.27 42.02 47.73
C ILE IA 335 -87.53 40.70 47.73
N ALA IA 336 -87.43 40.08 46.57
CA ALA IA 336 -86.78 38.79 46.43
C ALA IA 336 -85.79 38.84 45.28
N ASN IA 337 -84.77 38.00 45.36
CA ASN IA 337 -83.84 37.86 44.26
C ASN IA 337 -84.51 37.20 43.07
N ASN IA 338 -84.22 37.73 41.87
CA ASN IA 338 -84.67 37.11 40.60
C ASN IA 338 -83.37 36.62 39.97
N LEU IA 339 -82.92 35.41 40.30
CA LEU IA 339 -81.60 34.92 39.91
C LEU IA 339 -81.44 34.82 38.40
N THR IA 340 -82.54 34.59 37.68
CA THR IA 340 -82.47 34.38 36.24
C THR IA 340 -82.73 35.65 35.44
N SER IA 341 -82.96 36.78 36.11
CA SER IA 341 -83.17 38.04 35.40
C SER IA 341 -81.85 38.63 34.95
N THR IA 342 -81.91 39.44 33.90
CA THR IA 342 -80.72 40.04 33.32
C THR IA 342 -80.82 41.56 33.34
N ILE IA 343 -79.66 42.18 33.26
CA ILE IA 343 -79.53 43.58 32.88
C ILE IA 343 -78.82 43.63 31.55
N GLN IA 344 -79.08 44.67 30.78
CA GLN IA 344 -78.42 44.89 29.50
C GLN IA 344 -77.49 46.09 29.63
N VAL IA 345 -76.25 45.91 29.24
CA VAL IA 345 -75.24 46.96 29.29
C VAL IA 345 -74.56 47.03 27.95
N PHE IA 346 -74.41 48.24 27.42
CA PHE IA 346 -73.57 48.45 26.26
C PHE IA 346 -72.98 49.84 26.32
N THR IA 347 -71.82 50.00 25.69
CA THR IA 347 -71.20 51.29 25.52
C THR IA 347 -71.42 51.78 24.11
N ASP IA 348 -71.80 53.05 23.97
CA ASP IA 348 -71.92 53.68 22.67
C ASP IA 348 -70.52 54.05 22.18
N SER IA 349 -69.76 53.01 21.83
CA SER IA 349 -68.36 53.19 21.48
C SER IA 349 -68.17 53.90 20.15
N GLU IA 350 -69.15 53.80 19.26
CA GLU IA 350 -69.10 54.52 17.99
C GLU IA 350 -69.76 55.89 18.06
N TYR IA 351 -70.22 56.31 19.24
CA TYR IA 351 -70.83 57.62 19.43
C TYR IA 351 -72.01 57.82 18.49
N GLN IA 352 -72.81 56.77 18.33
CA GLN IA 352 -73.98 56.81 17.49
C GLN IA 352 -75.23 57.30 18.21
N LEU IA 353 -75.19 57.41 19.47
CA LEU IA 353 -76.30 57.93 20.24
C LEU IA 353 -76.07 59.39 20.57
N PRO IA 354 -77.13 60.16 20.79
CA PRO IA 354 -76.95 61.51 21.31
C PRO IA 354 -76.18 61.48 22.62
N TYR IA 355 -75.10 62.26 22.67
CA TYR IA 355 -74.19 62.25 23.82
C TYR IA 355 -74.71 63.24 24.84
N VAL IA 356 -75.30 62.73 25.92
CA VAL IA 356 -75.88 63.58 26.96
C VAL IA 356 -74.96 63.77 28.14
N LEU IA 357 -73.84 63.05 28.20
CA LEU IA 357 -72.81 63.42 29.15
C LEU IA 357 -72.19 64.75 28.74
N GLY IA 358 -71.53 65.38 29.70
CA GLY IA 358 -70.99 66.70 29.41
C GLY IA 358 -72.03 67.79 29.37
N SER IA 359 -73.18 67.60 30.01
CA SER IA 359 -74.16 68.66 30.21
C SER IA 359 -74.32 68.98 31.69
N ALA IA 360 -73.36 68.58 32.51
CA ALA IA 360 -73.34 68.88 33.95
C ALA IA 360 -74.60 68.38 34.64
N HIS IA 361 -75.04 67.18 34.28
CA HIS IA 361 -76.25 66.61 34.84
C HIS IA 361 -75.97 65.88 36.15
N GLN IA 362 -77.00 65.81 36.99
CA GLN IA 362 -76.93 64.98 38.17
C GLN IA 362 -76.93 63.51 37.78
N GLY IA 363 -76.65 62.67 38.76
CA GLY IA 363 -76.60 61.24 38.52
C GLY IA 363 -75.22 60.66 38.35
N CYS IA 364 -74.18 61.47 38.50
CA CYS IA 364 -72.83 60.94 38.48
C CYS IA 364 -72.58 60.09 39.73
N LEU IA 365 -71.47 59.37 39.70
CA LEU IA 365 -71.04 58.64 40.89
C LEU IA 365 -70.89 59.61 42.06
N PRO IA 366 -71.40 59.26 43.24
CA PRO IA 366 -71.34 60.20 44.36
C PRO IA 366 -69.89 60.45 44.77
N PRO IA 367 -69.58 61.63 45.28
CA PRO IA 367 -68.21 61.89 45.76
C PRO IA 367 -67.80 60.96 46.89
N PHE IA 368 -68.73 60.60 47.78
CA PHE IA 368 -68.40 59.76 48.93
C PHE IA 368 -68.53 58.30 48.55
N PRO IA 369 -67.47 57.50 48.70
CA PRO IA 369 -67.54 56.09 48.26
C PRO IA 369 -68.61 55.27 48.94
N ALA IA 370 -68.94 55.58 50.20
CA ALA IA 370 -69.96 54.82 50.91
C ALA IA 370 -71.37 55.12 50.40
N ASP IA 371 -71.53 56.09 49.51
CA ASP IA 371 -72.84 56.55 49.10
C ASP IA 371 -73.39 55.65 48.00
N VAL IA 372 -74.61 55.17 48.18
CA VAL IA 372 -75.30 54.39 47.16
C VAL IA 372 -76.14 55.33 46.31
N PHE IA 373 -75.99 55.25 45.00
CA PHE IA 373 -76.63 56.19 44.11
C PHE IA 373 -77.55 55.51 43.12
N MET IA 374 -78.55 56.27 42.70
CA MET IA 374 -79.50 55.85 41.70
C MET IA 374 -79.00 56.22 40.30
N ILE IA 375 -79.11 55.28 39.38
CA ILE IA 375 -78.63 55.50 38.01
C ILE IA 375 -79.60 56.44 37.29
N PRO IA 376 -79.14 57.51 36.66
CA PRO IA 376 -80.05 58.43 35.98
C PRO IA 376 -80.64 57.81 34.73
N GLN IA 377 -81.83 58.26 34.37
CA GLN IA 377 -82.50 57.78 33.18
C GLN IA 377 -81.97 58.45 31.94
N TYR IA 378 -81.72 57.66 30.90
CA TYR IA 378 -81.22 58.21 29.65
C TYR IA 378 -82.36 58.78 28.83
N GLY IA 379 -82.21 60.04 28.43
CA GLY IA 379 -83.09 60.64 27.46
C GLY IA 379 -82.27 61.54 26.56
N TYR IA 380 -82.86 61.92 25.44
CA TYR IA 380 -82.14 62.77 24.50
C TYR IA 380 -83.12 63.69 23.81
N LEU IA 381 -82.58 64.73 23.21
CA LEU IA 381 -83.34 65.69 22.45
C LEU IA 381 -82.93 65.65 20.99
N THR IA 382 -83.89 65.89 20.12
CA THR IA 382 -83.61 66.00 18.70
C THR IA 382 -84.17 67.32 18.21
N LEU IA 383 -84.21 67.53 16.90
CA LEU IA 383 -84.68 68.79 16.38
C LEU IA 383 -86.15 69.00 16.71
N ASN IA 384 -86.50 70.22 17.08
CA ASN IA 384 -87.86 70.56 17.42
C ASN IA 384 -88.25 71.88 16.78
N ASN IA 385 -89.55 72.01 16.51
CA ASN IA 385 -90.16 73.27 16.09
C ASN IA 385 -91.30 73.47 17.08
N GLY IA 386 -91.02 74.21 18.15
CA GLY IA 386 -91.94 74.24 19.26
C GLY IA 386 -91.94 72.89 19.94
N SER IA 387 -93.13 72.34 20.16
CA SER IA 387 -93.26 71.00 20.71
C SER IA 387 -93.30 69.92 19.64
N GLN IA 388 -93.24 70.30 18.37
CA GLN IA 388 -93.34 69.35 17.28
C GLN IA 388 -91.95 68.93 16.80
N ALA IA 389 -91.87 67.71 16.30
CA ALA IA 389 -90.68 67.27 15.62
C ALA IA 389 -90.70 67.74 14.17
N VAL IA 390 -89.52 67.75 13.56
CA VAL IA 390 -89.38 68.01 12.14
C VAL IA 390 -88.94 66.72 11.47
N GLY IA 391 -88.93 66.73 10.14
CA GLY IA 391 -88.53 65.56 9.40
C GLY IA 391 -87.11 65.12 9.68
N ARG IA 392 -86.25 66.03 10.10
CA ARG IA 392 -84.88 65.70 10.42
C ARG IA 392 -84.70 65.19 11.84
N SER IA 393 -85.77 65.19 12.64
CA SER IA 393 -85.68 64.66 13.99
C SER IA 393 -85.37 63.18 13.97
N SER IA 394 -84.42 62.77 14.81
CA SER IA 394 -83.96 61.39 14.86
C SER IA 394 -84.55 60.69 16.07
N PHE IA 395 -85.07 59.49 15.86
CA PHE IA 395 -85.48 58.61 16.94
C PHE IA 395 -84.48 57.47 17.04
N TYR IA 396 -84.01 57.22 18.25
CA TYR IA 396 -83.03 56.16 18.50
C TYR IA 396 -83.64 55.12 19.42
N CYS IA 397 -83.61 53.87 18.99
CA CYS IA 397 -83.94 52.74 19.84
C CYS IA 397 -82.65 52.16 20.38
N LEU IA 398 -82.48 52.19 21.70
CA LEU IA 398 -81.25 51.68 22.28
C LEU IA 398 -81.21 50.17 22.27
N GLU IA 399 -82.35 49.50 22.12
CA GLU IA 399 -82.35 48.06 21.91
C GLU IA 399 -81.81 47.71 20.54
N TYR IA 400 -81.74 48.67 19.62
CA TYR IA 400 -81.15 48.44 18.31
C TYR IA 400 -79.63 48.38 18.35
N PHE IA 401 -79.05 48.35 19.52
CA PHE IA 401 -77.61 48.20 19.69
C PHE IA 401 -77.30 46.83 20.26
N PRO IA 402 -76.12 46.28 19.94
CA PRO IA 402 -75.69 45.06 20.64
C PRO IA 402 -75.39 45.37 22.10
N SER IA 403 -76.03 44.64 22.99
CA SER IA 403 -75.85 44.81 24.42
C SER IA 403 -75.44 43.50 25.03
N GLN IA 404 -74.55 43.56 26.01
CA GLN IA 404 -74.25 42.39 26.82
C GLN IA 404 -75.35 42.23 27.86
N MET IA 405 -75.92 41.03 27.93
CA MET IA 405 -76.91 40.73 28.96
C MET IA 405 -76.23 40.01 30.10
N LEU IA 406 -76.51 40.43 31.32
CA LEU IA 406 -75.77 39.98 32.50
C LEU IA 406 -76.76 39.42 33.51
N ARG IA 407 -76.55 38.18 33.91
CA ARG IA 407 -77.23 37.65 35.08
C ARG IA 407 -76.41 37.97 36.31
N THR IA 408 -76.87 37.49 37.47
CA THR IA 408 -76.25 37.87 38.73
C THR IA 408 -74.79 37.44 38.82
N GLY IA 409 -74.41 36.40 38.09
CA GLY IA 409 -73.03 35.95 38.09
C GLY IA 409 -72.13 36.60 37.08
N ASN IA 410 -72.67 37.44 36.21
CA ASN IA 410 -71.89 38.03 35.13
C ASN IA 410 -71.34 39.40 35.55
N ASN IA 411 -70.29 39.81 34.86
CA ASN IA 411 -69.75 41.15 35.04
C ASN IA 411 -69.48 41.77 33.68
N PHE IA 412 -69.43 43.09 33.65
CA PHE IA 412 -69.18 43.85 32.44
C PHE IA 412 -67.96 44.73 32.65
N GLN IA 413 -67.13 44.85 31.64
CA GLN IA 413 -65.99 45.73 31.74
C GLN IA 413 -65.55 46.18 30.36
N PHE IA 414 -64.99 47.37 30.30
CA PHE IA 414 -64.37 47.87 29.08
C PHE IA 414 -63.30 48.87 29.46
N THR IA 415 -62.36 49.06 28.53
CA THR IA 415 -61.29 50.02 28.70
C THR IA 415 -61.39 51.07 27.61
N TYR IA 416 -60.94 52.27 27.93
CA TYR IA 416 -60.99 53.39 27.01
C TYR IA 416 -59.71 54.18 27.15
N THR IA 417 -59.18 54.64 26.03
CA THR IA 417 -57.99 55.48 26.01
C THR IA 417 -58.39 56.89 25.60
N PHE IA 418 -58.03 57.86 26.42
CA PHE IA 418 -58.27 59.25 26.07
C PHE IA 418 -57.37 59.66 24.92
N GLU IA 419 -57.91 60.49 24.03
CA GLU IA 419 -57.09 61.07 22.99
C GLU IA 419 -56.09 62.04 23.60
N ASP IA 420 -55.07 62.40 22.81
CA ASP IA 420 -54.10 63.37 23.28
C ASP IA 420 -54.78 64.72 23.47
N VAL IA 421 -54.97 65.11 24.73
CA VAL IA 421 -55.67 66.34 25.08
C VAL IA 421 -54.64 67.24 25.77
N PRO IA 422 -54.73 68.56 25.64
CA PRO IA 422 -53.79 69.41 26.37
C PRO IA 422 -53.96 69.28 27.87
N PHE IA 423 -52.86 69.44 28.59
CA PHE IA 423 -52.91 69.49 30.04
C PHE IA 423 -53.80 70.65 30.48
N HIS IA 424 -54.65 70.39 31.47
CA HIS IA 424 -55.37 71.48 32.10
C HIS IA 424 -54.39 72.38 32.84
N SER IA 425 -54.56 73.68 32.71
CA SER IA 425 -53.67 74.64 33.37
C SER IA 425 -54.01 74.67 34.85
N SER IA 426 -53.31 73.85 35.62
CA SER IA 426 -53.49 73.81 37.07
C SER IA 426 -52.58 74.81 37.76
N TYR IA 427 -52.62 76.05 37.27
CA TYR IA 427 -51.74 77.10 37.75
C TYR IA 427 -52.38 78.44 37.45
N ALA IA 428 -51.99 79.44 38.22
CA ALA IA 428 -52.34 80.82 37.93
C ALA IA 428 -51.07 81.56 37.53
N HIS IA 429 -51.20 82.50 36.61
CA HIS IA 429 -50.03 83.24 36.16
C HIS IA 429 -49.59 84.23 37.23
N SER IA 430 -48.29 84.24 37.50
CA SER IA 430 -47.70 85.19 38.44
C SER IA 430 -47.29 86.48 37.76
N GLN IA 431 -47.58 86.62 36.47
CA GLN IA 431 -47.35 87.85 35.73
C GLN IA 431 -48.63 88.23 35.00
N SER IA 432 -48.83 89.52 34.83
CA SER IA 432 -49.95 90.01 34.05
C SER IA 432 -49.51 90.24 32.60
N LEU IA 433 -50.46 90.13 31.68
CA LEU IA 433 -50.13 90.26 30.27
C LEU IA 433 -49.61 91.65 29.93
N ASP IA 434 -50.09 92.67 30.62
CA ASP IA 434 -49.64 94.04 30.38
C ASP IA 434 -48.43 94.41 31.22
N ARG IA 435 -47.83 93.46 31.92
CA ARG IA 435 -46.68 93.69 32.78
C ARG IA 435 -45.58 92.68 32.49
N LEU IA 436 -45.35 92.37 31.23
CA LEU IA 436 -44.34 91.40 30.83
C LEU IA 436 -42.99 92.05 30.55
N MET IA 437 -42.90 93.36 30.65
CA MET IA 437 -41.72 94.10 30.28
C MET IA 437 -40.76 94.30 31.46
N ASN IA 438 -39.53 94.64 31.12
CA ASN IA 438 -38.54 95.02 32.11
C ASN IA 438 -38.90 96.37 32.70
N PRO IA 439 -39.12 96.46 34.01
CA PRO IA 439 -39.51 97.73 34.62
C PRO IA 439 -38.38 98.72 34.83
N LEU IA 440 -37.19 98.44 34.33
CA LEU IA 440 -36.05 99.34 34.51
C LEU IA 440 -35.57 99.99 33.23
N ILE IA 441 -35.96 99.46 32.07
CA ILE IA 441 -35.41 99.87 30.79
C ILE IA 441 -36.52 100.51 29.96
N ASP IA 442 -36.20 101.62 29.31
CA ASP IA 442 -37.13 102.21 28.36
C ASP IA 442 -37.24 101.35 27.11
N GLN IA 443 -38.33 101.53 26.39
CA GLN IA 443 -38.46 100.95 25.07
C GLN IA 443 -37.75 101.82 24.04
N TYR IA 444 -37.22 101.19 23.00
CA TYR IA 444 -36.72 101.98 21.89
C TYR IA 444 -37.84 102.42 20.94
N LEU IA 445 -39.02 101.84 21.07
CA LEU IA 445 -40.17 102.26 20.30
C LEU IA 445 -40.81 103.50 20.91
N TYR IA 446 -41.36 104.35 20.07
CA TYR IA 446 -42.04 105.55 20.49
C TYR IA 446 -43.55 105.37 20.35
N TYR IA 447 -44.29 106.11 21.15
CA TYR IA 447 -45.73 106.20 21.03
C TYR IA 447 -46.13 107.66 20.94
N LEU IA 448 -47.25 107.93 20.28
CA LEU IA 448 -47.78 109.27 20.23
C LEU IA 448 -48.20 109.69 21.63
N SER IA 449 -47.45 110.62 22.23
CA SER IA 449 -47.70 110.99 23.62
C SER IA 449 -48.52 112.27 23.76
N ARG IA 450 -48.45 113.18 22.79
CA ARG IA 450 -49.26 114.37 22.83
C ARG IA 450 -49.66 114.78 21.42
N THR IA 451 -50.86 115.32 21.30
CA THR IA 451 -51.34 115.88 20.04
C THR IA 451 -51.59 117.38 20.12
N GLN IA 452 -51.32 118.00 21.27
CA GLN IA 452 -51.57 119.40 21.48
C GLN IA 452 -50.43 120.00 22.31
N THR IA 453 -50.01 121.21 21.95
CA THR IA 453 -48.91 121.86 22.64
C THR IA 453 -49.27 122.21 24.08
N ASN IA 459 -53.40 126.66 23.06
CA ASN IA 459 -52.55 125.57 22.56
C ASN IA 459 -52.98 125.15 21.16
N THR IA 460 -52.02 124.68 20.39
CA THR IA 460 -52.24 124.31 18.99
C THR IA 460 -51.93 122.84 18.80
N GLN IA 461 -52.28 122.34 17.61
CA GLN IA 461 -51.99 120.96 17.27
C GLN IA 461 -50.49 120.73 17.13
N THR IA 462 -50.06 119.54 17.54
CA THR IA 462 -48.67 119.14 17.42
C THR IA 462 -48.63 117.62 17.43
N LEU IA 463 -47.44 117.07 17.24
CA LEU IA 463 -47.22 115.63 17.35
C LEU IA 463 -46.00 115.43 18.23
N GLY IA 464 -46.24 115.02 19.48
CA GLY IA 464 -45.18 114.69 20.41
C GLY IA 464 -45.13 113.19 20.62
N PHE IA 465 -43.91 112.65 20.58
CA PHE IA 465 -43.68 111.22 20.71
C PHE IA 465 -42.76 110.96 21.87
N SER IA 466 -43.09 109.96 22.68
CA SER IA 466 -42.29 109.60 23.84
C SER IA 466 -41.98 108.11 23.78
N GLN IA 467 -40.91 107.73 24.45
CA GLN IA 467 -40.56 106.32 24.57
C GLN IA 467 -41.25 105.73 25.79
N GLY IA 468 -41.92 104.59 25.59
CA GLY IA 468 -42.50 103.87 26.70
C GLY IA 468 -41.46 103.45 27.69
N GLY IA 469 -41.72 103.69 28.98
CA GLY IA 469 -40.76 103.37 30.00
C GLY IA 469 -41.42 102.84 31.25
N PRO IA 470 -40.65 102.79 32.34
CA PRO IA 470 -41.19 102.24 33.59
C PRO IA 470 -42.40 102.99 34.12
N ASN IA 471 -42.52 104.29 33.82
CA ASN IA 471 -43.62 105.08 34.34
C ASN IA 471 -44.82 105.12 33.39
N THR IA 472 -44.58 105.13 32.08
CA THR IA 472 -45.66 105.09 31.09
C THR IA 472 -45.87 103.67 30.60
N MET IA 473 -46.15 102.79 31.56
CA MET IA 473 -46.21 101.36 31.26
C MET IA 473 -47.48 101.01 30.50
N ALA IA 474 -48.55 101.79 30.67
CA ALA IA 474 -49.76 101.57 29.90
C ALA IA 474 -49.58 101.95 28.43
N ASN IA 475 -48.61 102.82 28.12
CA ASN IA 475 -48.39 103.25 26.75
C ASN IA 475 -47.40 102.39 26.00
N GLN IA 476 -46.71 101.47 26.66
CA GLN IA 476 -45.66 100.71 26.03
C GLN IA 476 -46.19 99.83 24.91
N ALA IA 477 -45.39 99.67 23.87
CA ALA IA 477 -45.70 98.71 22.83
C ALA IA 477 -45.66 97.30 23.41
N LYS IA 478 -46.64 96.50 23.06
CA LYS IA 478 -46.79 95.16 23.60
C LYS IA 478 -47.08 94.17 22.48
N ASN IA 479 -46.74 92.92 22.71
CA ASN IA 479 -46.85 91.89 21.70
C ASN IA 479 -48.16 91.12 21.73
N TRP IA 480 -48.93 91.22 22.81
CA TRP IA 480 -50.05 90.33 23.01
C TRP IA 480 -51.26 91.10 23.50
N LEU IA 481 -52.43 90.50 23.29
CA LEU IA 481 -53.70 91.06 23.70
C LEU IA 481 -54.42 90.10 24.64
N PRO IA 482 -55.24 90.61 25.54
CA PRO IA 482 -56.02 89.73 26.41
C PRO IA 482 -57.02 88.92 25.60
N GLY IA 483 -57.39 87.77 26.15
CA GLY IA 483 -58.31 86.87 25.50
C GLY IA 483 -59.64 87.51 25.15
N PRO IA 484 -60.47 86.77 24.43
CA PRO IA 484 -61.72 87.33 23.93
C PRO IA 484 -62.72 87.61 25.06
N CYS IA 485 -63.64 88.50 24.77
CA CYS IA 485 -64.60 88.99 25.74
C CYS IA 485 -66.02 88.85 25.22
N TYR IA 486 -66.93 88.44 26.10
CA TYR IA 486 -68.37 88.41 25.82
C TYR IA 486 -69.04 88.92 27.09
N ARG IA 487 -69.22 90.23 27.18
CA ARG IA 487 -69.45 90.89 28.46
C ARG IA 487 -70.72 90.39 29.15
N GLN IA 488 -70.59 90.13 30.44
CA GLN IA 488 -71.69 89.70 31.28
C GLN IA 488 -72.08 90.83 32.23
N GLN IA 489 -73.35 90.81 32.66
CA GLN IA 489 -73.80 91.77 33.65
C GLN IA 489 -73.19 91.46 35.01
N ARG IA 490 -72.86 92.51 35.75
CA ARG IA 490 -72.23 92.36 37.05
C ARG IA 490 -73.31 92.28 38.12
N VAL IA 491 -73.18 91.29 39.00
CA VAL IA 491 -74.08 91.11 40.13
C VAL IA 491 -73.24 91.10 41.40
N SER IA 492 -73.71 91.82 42.41
CA SER IA 492 -73.03 91.89 43.70
C SER IA 492 -73.66 90.90 44.66
N THR IA 493 -72.82 90.16 45.38
CA THR IA 493 -73.32 89.30 46.44
C THR IA 493 -73.90 90.11 47.59
N THR IA 494 -73.49 91.37 47.72
CA THR IA 494 -74.17 92.33 48.60
C THR IA 494 -75.39 92.84 47.84
N THR IA 495 -76.56 92.28 48.17
CA THR IA 495 -77.74 92.49 47.34
C THR IA 495 -78.15 93.96 47.31
N GLY IA 496 -77.87 94.72 48.37
CA GLY IA 496 -78.22 96.13 48.37
C GLY IA 496 -77.52 96.93 47.29
N GLN IA 497 -76.39 96.44 46.79
CA GLN IA 497 -75.70 97.11 45.71
C GLN IA 497 -76.26 96.77 44.34
N ASN IA 498 -77.19 95.84 44.25
CA ASN IA 498 -77.78 95.45 42.98
C ASN IA 498 -78.99 96.31 42.66
N ASN IA 499 -79.31 96.40 41.37
CA ASN IA 499 -80.52 97.08 40.94
C ASN IA 499 -81.74 96.36 41.48
N ASN IA 500 -82.72 97.12 41.93
CA ASN IA 500 -83.95 96.54 42.47
C ASN IA 500 -84.88 96.17 41.33
N SER IA 501 -84.52 95.09 40.65
CA SER IA 501 -85.30 94.53 39.57
C SER IA 501 -84.90 93.08 39.38
N ASN IA 502 -85.76 92.34 38.68
CA ASN IA 502 -85.50 90.94 38.37
C ASN IA 502 -84.88 90.90 36.98
N PHE IA 503 -83.54 90.91 36.95
CA PHE IA 503 -82.81 91.02 35.68
C PHE IA 503 -81.94 89.81 35.40
N ALA IA 504 -82.14 88.70 36.09
CA ALA IA 504 -81.31 87.52 35.87
C ALA IA 504 -81.43 87.03 34.43
N TRP IA 505 -82.63 87.04 33.88
CA TRP IA 505 -82.86 86.65 32.50
C TRP IA 505 -82.85 87.83 31.54
N THR IA 506 -83.54 88.93 31.88
CA THR IA 506 -83.65 90.06 30.97
C THR IA 506 -82.28 90.68 30.70
N ALA IA 507 -81.45 90.81 31.73
CA ALA IA 507 -80.10 91.32 31.57
C ALA IA 507 -79.08 90.21 31.39
N GLY IA 508 -79.53 88.97 31.29
CA GLY IA 508 -78.60 87.87 31.12
C GLY IA 508 -77.86 87.95 29.80
N THR IA 509 -76.62 87.48 29.81
CA THR IA 509 -75.81 87.43 28.60
C THR IA 509 -76.15 86.17 27.84
N LYS IA 510 -76.64 86.33 26.62
CA LYS IA 510 -77.27 85.25 25.90
C LYS IA 510 -76.69 85.11 24.50
N TYR IA 511 -76.87 83.93 23.93
CA TYR IA 511 -76.68 83.74 22.51
C TYR IA 511 -78.00 83.36 21.87
N HIS IA 512 -78.10 83.62 20.57
CA HIS IA 512 -79.32 83.43 19.81
C HIS IA 512 -79.09 82.32 18.80
N LEU IA 513 -79.94 81.30 18.83
CA LEU IA 513 -79.80 80.15 17.94
C LEU IA 513 -81.18 79.71 17.49
N ASN IA 514 -81.43 79.82 16.19
CA ASN IA 514 -82.69 79.39 15.59
C ASN IA 514 -83.88 80.02 16.30
N GLY IA 515 -83.82 81.33 16.49
CA GLY IA 515 -84.89 82.05 17.15
C GLY IA 515 -85.07 81.72 18.60
N ARG IA 516 -84.12 81.01 19.22
CA ARG IA 516 -84.20 80.64 20.62
C ARG IA 516 -83.08 81.32 21.37
N ASN IA 517 -83.40 81.93 22.51
CA ASN IA 517 -82.41 82.58 23.34
C ASN IA 517 -81.98 81.64 24.45
N SER IA 518 -80.67 81.46 24.59
CA SER IA 518 -80.10 80.65 25.65
C SER IA 518 -79.00 81.46 26.33
N LEU IA 519 -78.92 81.33 27.65
CA LEU IA 519 -77.86 82.01 28.39
C LEU IA 519 -76.50 81.52 27.91
N ALA IA 520 -75.57 82.45 27.74
CA ALA IA 520 -74.16 82.10 27.52
C ALA IA 520 -73.58 81.77 28.89
N ASN IA 521 -73.92 80.58 29.37
CA ASN IA 521 -73.70 80.19 30.75
C ASN IA 521 -72.85 78.93 30.81
N PRO IA 522 -71.63 78.98 31.36
CA PRO IA 522 -71.04 80.18 31.94
C PRO IA 522 -70.35 81.06 30.91
N GLY IA 523 -70.43 80.69 29.65
CA GLY IA 523 -69.80 81.46 28.60
C GLY IA 523 -68.30 81.24 28.54
N ILE IA 524 -67.64 82.11 27.79
CA ILE IA 524 -66.20 82.00 27.61
C ILE IA 524 -65.48 82.31 28.91
N ALA IA 525 -64.27 81.75 29.04
CA ALA IA 525 -63.48 81.93 30.25
C ALA IA 525 -63.05 83.37 30.38
N MET IA 526 -63.63 84.08 31.34
CA MET IA 526 -63.21 85.43 31.68
C MET IA 526 -63.06 85.53 33.19
N ALA IA 527 -62.21 86.46 33.61
CA ALA IA 527 -62.01 86.67 35.04
C ALA IA 527 -63.32 87.09 35.69
N THR IA 528 -63.63 86.46 36.83
CA THR IA 528 -64.89 86.72 37.50
C THR IA 528 -65.01 88.18 37.92
N HIS IA 529 -63.91 88.75 38.42
CA HIS IA 529 -63.90 90.12 38.90
C HIS IA 529 -62.47 90.61 38.85
N LYS IA 530 -62.31 91.92 38.99
CA LYS IA 530 -60.98 92.50 39.04
C LYS IA 530 -60.52 92.58 40.49
N ASP IA 531 -59.42 93.27 40.73
CA ASP IA 531 -58.85 93.35 42.07
C ASP IA 531 -59.82 93.99 43.05
N ASP IA 532 -59.92 93.40 44.23
CA ASP IA 532 -60.70 93.94 45.35
C ASP IA 532 -62.18 94.05 45.03
N GLU IA 533 -62.69 93.14 44.19
CA GLU IA 533 -64.10 93.12 43.82
C GLU IA 533 -64.65 91.71 43.90
N GLU IA 534 -64.27 90.97 44.95
CA GLU IA 534 -64.69 89.58 45.09
C GLU IA 534 -66.21 89.45 45.20
N ARG IA 535 -66.88 90.49 45.70
CA ARG IA 535 -68.33 90.45 45.85
C ARG IA 535 -69.06 90.46 44.51
N PHE IA 536 -68.39 90.79 43.42
CA PHE IA 536 -69.01 90.88 42.11
C PHE IA 536 -68.78 89.59 41.33
N PHE IA 537 -69.80 89.16 40.62
CA PHE IA 537 -69.68 88.03 39.72
C PHE IA 537 -70.52 88.27 38.48
N PRO IA 538 -70.12 87.73 37.34
CA PRO IA 538 -70.98 87.78 36.15
C PRO IA 538 -72.27 87.02 36.40
N SER IA 539 -73.38 87.56 35.88
CA SER IA 539 -74.69 87.03 36.24
C SER IA 539 -74.85 85.57 35.84
N ASN IA 540 -74.37 85.20 34.66
CA ASN IA 540 -74.36 83.81 34.24
C ASN IA 540 -73.00 83.46 33.65
N GLY IA 541 -71.94 83.85 34.34
CA GLY IA 541 -70.59 83.66 33.82
C GLY IA 541 -69.68 82.86 34.71
N ILE IA 542 -70.23 82.19 35.73
CA ILE IA 542 -69.45 81.36 36.64
C ILE IA 542 -70.19 80.06 36.88
N LEU IA 543 -69.43 79.04 37.26
CA LEU IA 543 -70.04 77.82 37.75
C LEU IA 543 -70.51 78.03 39.18
N ILE IA 544 -71.76 77.65 39.44
CA ILE IA 544 -72.34 77.79 40.77
C ILE IA 544 -72.73 76.39 41.22
N PHE IA 545 -72.08 75.92 42.27
CA PHE IA 545 -72.39 74.63 42.87
C PHE IA 545 -73.28 74.85 44.09
N GLY IA 546 -74.18 73.90 44.32
CA GLY IA 546 -75.04 73.95 45.47
C GLY IA 546 -74.39 73.27 46.67
N LYS IA 547 -74.59 73.87 47.83
CA LYS IA 547 -74.21 73.19 49.06
C LYS IA 547 -75.13 72.00 49.29
N GLN IA 548 -74.74 71.14 50.22
CA GLN IA 548 -75.56 69.97 50.51
C GLN IA 548 -76.94 70.40 50.97
N ASN IA 549 -77.97 69.74 50.43
CA ASN IA 549 -79.36 70.02 50.73
C ASN IA 549 -79.81 71.40 50.25
N ALA IA 550 -79.12 71.96 49.26
CA ALA IA 550 -79.59 73.19 48.64
C ALA IA 550 -80.84 72.92 47.82
N ALA IA 551 -81.78 73.86 47.85
CA ALA IA 551 -83.01 73.71 47.10
C ALA IA 551 -82.74 73.68 45.61
N ARG IA 552 -83.55 72.90 44.89
CA ARG IA 552 -83.44 72.87 43.43
C ARG IA 552 -83.77 74.22 42.81
N ASP IA 553 -84.82 74.88 43.30
CA ASP IA 553 -85.26 76.17 42.77
C ASP IA 553 -85.13 77.24 43.84
N ASN IA 554 -84.63 78.41 43.43
CA ASN IA 554 -84.55 79.59 44.28
C ASN IA 554 -83.80 79.30 45.58
N ALA IA 555 -82.65 78.65 45.45
CA ALA IA 555 -81.75 78.51 46.58
C ALA IA 555 -81.15 79.86 46.92
N ASP IA 556 -81.04 80.16 48.21
CA ASP IA 556 -80.45 81.42 48.63
C ASP IA 556 -78.95 81.41 48.35
N TYR IA 557 -78.35 82.60 48.36
CA TYR IA 557 -76.92 82.71 48.13
C TYR IA 557 -76.12 81.92 49.16
N SER IA 558 -76.63 81.81 50.37
CA SER IA 558 -75.96 81.03 51.40
C SER IA 558 -76.00 79.54 51.13
N ASP IA 559 -76.91 79.08 50.26
CA ASP IA 559 -77.03 77.67 49.95
C ASP IA 559 -76.24 77.25 48.71
N VAL IA 560 -75.56 78.18 48.05
CA VAL IA 560 -74.82 77.87 46.84
C VAL IA 560 -73.37 78.26 47.04
N MET IA 561 -72.53 77.73 46.17
CA MET IA 561 -71.08 77.93 46.22
C MET IA 561 -70.66 78.57 44.90
N LEU IA 562 -70.38 79.86 44.93
CA LEU IA 562 -69.94 80.54 43.72
C LEU IA 562 -68.46 80.25 43.48
N THR IA 563 -68.14 79.86 42.25
CA THR IA 563 -66.75 79.75 41.88
C THR IA 563 -66.23 81.12 41.44
N SER IA 564 -64.91 81.24 41.38
CA SER IA 564 -64.28 82.48 40.95
C SER IA 564 -63.13 82.16 40.02
N GLU IA 565 -63.13 82.79 38.85
CA GLU IA 565 -62.04 82.67 37.89
C GLU IA 565 -61.11 83.87 37.96
N GLU IA 566 -60.89 84.42 39.15
CA GLU IA 566 -60.03 85.58 39.30
C GLU IA 566 -58.57 85.27 38.97
N GLU IA 567 -58.17 84.01 38.97
CA GLU IA 567 -56.79 83.66 38.67
C GLU IA 567 -56.42 84.02 37.24
N ILE IA 568 -57.39 84.13 36.34
CA ILE IA 568 -57.12 84.43 34.94
C ILE IA 568 -57.25 85.92 34.65
N LYS IA 569 -57.30 86.76 35.68
CA LYS IA 569 -57.23 88.21 35.49
C LYS IA 569 -56.00 88.61 34.70
N THR IA 570 -54.92 87.85 34.86
CA THR IA 570 -53.64 88.21 34.25
C THR IA 570 -53.69 88.13 32.73
N THR IA 571 -54.55 87.32 32.20
CA THR IA 571 -54.61 87.11 30.75
C THR IA 571 -55.99 87.32 30.17
N ASN IA 572 -57.04 86.95 30.90
CA ASN IA 572 -58.39 87.09 30.38
C ASN IA 572 -59.02 88.38 30.88
N PRO IA 573 -59.80 89.05 30.06
CA PRO IA 573 -60.53 90.24 30.54
C PRO IA 573 -61.55 89.88 31.59
N VAL IA 574 -61.85 90.84 32.45
CA VAL IA 574 -62.87 90.63 33.47
C VAL IA 574 -64.23 90.46 32.81
N ALA IA 575 -64.99 89.47 33.27
CA ALA IA 575 -66.23 89.08 32.61
C ALA IA 575 -67.24 90.22 32.57
N THR IA 576 -67.20 91.11 33.56
CA THR IA 576 -68.19 92.17 33.67
C THR IA 576 -67.69 93.51 33.16
N GLU IA 577 -66.50 93.54 32.57
CA GLU IA 577 -65.93 94.77 32.05
C GLU IA 577 -65.83 94.68 30.54
N GLU IA 578 -65.68 95.84 29.92
CA GLU IA 578 -65.46 95.90 28.48
C GLU IA 578 -64.08 95.35 28.13
N TYR IA 579 -63.96 94.82 26.91
CA TYR IA 579 -62.67 94.34 26.45
C TYR IA 579 -61.68 95.50 26.30
N GLY IA 580 -62.14 96.61 25.76
CA GLY IA 580 -61.25 97.72 25.51
C GLY IA 580 -61.98 98.84 24.82
N ILE IA 581 -61.21 99.71 24.19
CA ILE IA 581 -61.72 100.92 23.55
C ILE IA 581 -61.21 100.95 22.12
N VAL IA 582 -62.10 101.24 21.18
CA VAL IA 582 -61.71 101.43 19.79
C VAL IA 582 -62.23 102.78 19.32
N ALA IA 583 -61.61 103.29 18.26
CA ALA IA 583 -62.07 104.52 17.64
C ALA IA 583 -63.41 104.29 16.95
N ASP IA 584 -64.30 105.27 17.07
CA ASP IA 584 -65.61 105.19 16.47
C ASP IA 584 -65.78 106.12 15.27
N ASN IA 585 -64.81 106.97 14.97
CA ASN IA 585 -64.93 107.93 13.89
C ASN IA 585 -63.54 108.29 13.40
N LEU IA 586 -63.47 109.27 12.51
CA LEU IA 586 -62.21 109.84 12.05
C LEU IA 586 -62.15 111.28 12.55
N GLN IA 587 -61.25 111.53 13.49
CA GLN IA 587 -61.10 112.87 14.02
C GLN IA 587 -60.54 113.80 12.97
N GLN IA 588 -61.05 115.04 12.94
CA GLN IA 588 -60.54 116.11 12.11
C GLN IA 588 -60.41 117.34 12.98
N GLN IA 589 -59.95 118.44 12.39
CA GLN IA 589 -59.84 119.68 13.13
C GLN IA 589 -61.21 120.19 13.58
N ASN IA 590 -62.30 119.72 12.97
CA ASN IA 590 -63.64 120.11 13.36
C ASN IA 590 -64.41 119.03 14.10
N THR IA 591 -63.97 117.77 14.05
CA THR IA 591 -64.66 116.68 14.72
C THR IA 591 -63.73 116.06 15.76
N ALA IA 592 -64.13 116.13 17.03
CA ALA IA 592 -63.33 115.52 18.08
C ALA IA 592 -63.37 114.00 17.94
N PRO IA 593 -62.29 113.32 18.30
CA PRO IA 593 -62.28 111.86 18.21
C PRO IA 593 -63.30 111.24 19.15
N GLN IA 594 -63.96 110.19 18.67
CA GLN IA 594 -64.95 109.46 19.43
C GLN IA 594 -64.46 108.05 19.66
N ILE IA 595 -64.79 107.50 20.82
CA ILE IA 595 -64.33 106.16 21.18
C ILE IA 595 -65.54 105.25 21.35
N GLY IA 596 -65.37 104.00 20.99
CA GLY IA 596 -66.37 102.97 21.16
C GLY IA 596 -65.92 101.96 22.19
N THR IA 597 -66.84 101.55 23.06
CA THR IA 597 -66.57 100.58 24.10
C THR IA 597 -66.83 99.18 23.55
N VAL IA 598 -65.80 98.33 23.56
CA VAL IA 598 -65.90 96.98 23.01
C VAL IA 598 -66.40 96.08 24.13
N ASN IA 599 -67.69 95.71 24.04
CA ASN IA 599 -68.29 94.82 25.01
C ASN IA 599 -68.29 93.37 24.55
N SER IA 600 -67.90 93.11 23.31
CA SER IA 600 -67.79 91.75 22.79
C SER IA 600 -66.67 91.73 21.79
N GLN IA 601 -65.65 90.92 22.04
CA GLN IA 601 -64.48 90.87 21.18
C GLN IA 601 -64.18 89.42 20.83
N GLY IA 602 -64.27 89.10 19.55
CA GLY IA 602 -63.86 87.80 19.06
C GLY IA 602 -62.35 87.71 18.96
N ALA IA 603 -61.89 86.57 18.45
CA ALA IA 603 -60.47 86.29 18.41
C ALA IA 603 -59.73 87.30 17.56
N LEU IA 604 -58.65 87.86 18.11
CA LEU IA 604 -57.74 88.72 17.39
C LEU IA 604 -56.35 88.10 17.40
N PRO IA 605 -55.55 88.33 16.36
CA PRO IA 605 -54.19 87.81 16.37
C PRO IA 605 -53.40 88.40 17.53
N GLY IA 606 -52.53 87.58 18.11
CA GLY IA 606 -51.80 87.97 19.28
C GLY IA 606 -52.55 87.85 20.57
N MET IA 607 -53.80 87.39 20.54
CA MET IA 607 -54.58 87.24 21.75
C MET IA 607 -54.21 85.95 22.45
N VAL IA 608 -54.09 86.00 23.77
CA VAL IA 608 -53.84 84.83 24.59
C VAL IA 608 -54.86 84.81 25.72
N TRP IA 609 -55.20 83.61 26.18
CA TRP IA 609 -56.19 83.48 27.24
C TRP IA 609 -56.00 82.16 27.94
N GLN IA 610 -56.62 82.07 29.13
CA GLN IA 610 -56.69 80.84 29.89
C GLN IA 610 -58.09 80.28 29.81
N ASN IA 611 -58.19 78.96 29.93
CA ASN IA 611 -59.49 78.32 30.01
C ASN IA 611 -60.06 78.47 31.41
N ARG IA 612 -61.34 78.14 31.54
CA ARG IA 612 -61.96 78.10 32.86
C ARG IA 612 -61.30 77.00 33.70
N ASP IA 613 -61.20 77.27 34.99
CA ASP IA 613 -60.66 76.29 35.91
C ASP IA 613 -61.59 75.09 36.02
N VAL IA 614 -61.01 73.94 36.34
CA VAL IA 614 -61.80 72.77 36.71
C VAL IA 614 -61.91 72.73 38.22
N TYR IA 615 -62.93 72.04 38.70
CA TYR IA 615 -63.22 71.98 40.12
C TYR IA 615 -63.42 70.53 40.54
N LEU IA 616 -63.19 70.27 41.82
CA LEU IA 616 -63.41 68.93 42.34
C LEU IA 616 -64.83 68.48 42.11
N GLN IA 617 -65.80 69.39 42.24
CA GLN IA 617 -67.19 69.10 41.97
C GLN IA 617 -67.57 69.28 40.51
N GLY IA 618 -66.67 69.82 39.69
CA GLY IA 618 -67.02 70.19 38.33
C GLY IA 618 -66.88 69.06 37.34
N PRO IA 619 -67.29 69.32 36.09
CA PRO IA 619 -67.15 68.31 35.04
C PRO IA 619 -65.71 68.09 34.64
N ILE IA 620 -65.45 66.90 34.09
CA ILE IA 620 -64.12 66.53 33.62
C ILE IA 620 -63.98 66.75 32.13
N TRP IA 621 -64.90 66.24 31.33
CA TRP IA 621 -64.79 66.29 29.90
C TRP IA 621 -66.13 66.65 29.28
N ALA IA 622 -66.07 67.10 28.03
CA ALA IA 622 -67.24 67.24 27.21
C ALA IA 622 -66.91 66.72 25.81
N LYS IA 623 -67.92 66.23 25.12
CA LYS IA 623 -67.75 65.84 23.73
C LYS IA 623 -67.72 67.08 22.86
N ILE IA 624 -66.66 67.23 22.08
CA ILE IA 624 -66.61 68.29 21.08
C ILE IA 624 -67.66 67.95 20.02
N PRO IA 625 -68.61 68.84 19.75
CA PRO IA 625 -69.61 68.55 18.73
C PRO IA 625 -68.96 68.30 17.39
N HIS IA 626 -69.49 67.33 16.66
CA HIS IA 626 -68.98 66.97 15.34
C HIS IA 626 -69.43 68.03 14.35
N THR IA 627 -68.59 69.02 14.11
CA THR IA 627 -68.91 70.12 13.21
C THR IA 627 -67.73 70.35 12.27
N ASP IA 628 -68.01 71.13 11.21
CA ASP IA 628 -66.96 71.49 10.28
C ASP IA 628 -65.88 72.32 10.94
N GLY IA 629 -66.27 73.27 11.77
CA GLY IA 629 -65.32 74.16 12.40
C GLY IA 629 -65.63 74.36 13.87
N ASN IA 630 -64.58 74.50 14.65
CA ASN IA 630 -64.68 74.95 16.02
C ASN IA 630 -63.49 75.84 16.30
N PHE IA 631 -63.63 76.72 17.28
CA PHE IA 631 -62.54 77.56 17.72
C PHE IA 631 -62.24 77.26 19.17
N HIS IA 632 -61.01 76.83 19.43
CA HIS IA 632 -60.53 76.46 20.76
C HIS IA 632 -61.55 75.56 21.44
N PRO IA 633 -61.69 74.32 21.00
CA PRO IA 633 -62.79 73.48 21.50
C PRO IA 633 -62.58 73.00 22.93
N SER IA 634 -62.36 73.92 23.82
CA SER IA 634 -62.33 73.62 25.25
C SER IA 634 -63.71 73.88 25.83
N PRO IA 635 -64.28 72.90 26.54
CA PRO IA 635 -65.67 73.06 27.03
C PRO IA 635 -65.78 74.27 27.94
N LEU IA 636 -66.89 74.99 27.80
CA LEU IA 636 -67.02 76.28 28.47
C LEU IA 636 -67.23 76.13 29.97
N MET IA 637 -67.92 75.09 30.43
CA MET IA 637 -68.00 74.85 31.86
C MET IA 637 -66.74 74.20 32.40
N GLY IA 638 -65.68 74.14 31.62
CA GLY IA 638 -64.40 73.66 32.08
C GLY IA 638 -64.19 72.19 31.78
N GLY IA 639 -62.93 71.80 31.69
CA GLY IA 639 -62.57 70.43 31.48
C GLY IA 639 -61.90 70.21 30.14
N PHE IA 640 -61.91 68.97 29.71
CA PHE IA 640 -61.20 68.53 28.52
C PHE IA 640 -62.20 68.31 27.39
N GLY IA 641 -61.96 68.99 26.27
CA GLY IA 641 -62.77 68.76 25.09
C GLY IA 641 -62.24 67.57 24.33
N LEU IA 642 -63.09 66.57 24.10
CA LEU IA 642 -62.68 65.34 23.45
C LEU IA 642 -63.56 65.10 22.22
N LYS IA 643 -62.91 64.84 21.08
CA LYS IA 643 -63.65 64.41 19.91
C LYS IA 643 -64.32 63.06 20.16
N HIS IA 644 -63.61 62.16 20.85
CA HIS IA 644 -64.11 60.84 21.19
C HIS IA 644 -64.01 60.68 22.70
N PRO IA 645 -64.98 61.18 23.43
CA PRO IA 645 -64.93 61.14 24.88
C PRO IA 645 -65.17 59.73 25.39
N PRO IA 646 -65.07 59.50 26.69
CA PRO IA 646 -65.49 58.20 27.23
C PRO IA 646 -66.90 57.87 26.80
N PRO IA 647 -67.12 56.69 26.23
CA PRO IA 647 -68.43 56.38 25.66
C PRO IA 647 -69.50 56.32 26.74
N GLN IA 648 -70.72 56.66 26.33
CA GLN IA 648 -71.86 56.49 27.20
C GLN IA 648 -72.05 55.01 27.51
N ILE IA 649 -72.27 54.69 28.77
CA ILE IA 649 -72.51 53.33 29.21
C ILE IA 649 -73.98 53.24 29.56
N LEU IA 650 -74.75 52.55 28.74
CA LEU IA 650 -76.18 52.44 28.89
C LEU IA 650 -76.52 51.13 29.58
N ILE IA 651 -77.40 51.19 30.57
CA ILE IA 651 -77.78 50.03 31.35
C ILE IA 651 -79.29 50.01 31.49
N LYS IA 652 -79.87 48.80 31.42
CA LYS IA 652 -81.30 48.65 31.52
C LYS IA 652 -81.61 47.30 32.14
N ASN IA 653 -82.65 47.27 32.98
CA ASN IA 653 -83.21 46.01 33.42
C ASN IA 653 -83.97 45.38 32.26
N THR IA 654 -83.62 44.15 31.91
CA THR IA 654 -84.35 43.46 30.86
C THR IA 654 -85.79 43.23 31.31
N PRO IA 655 -86.78 43.63 30.54
CA PRO IA 655 -88.17 43.42 30.96
C PRO IA 655 -88.46 41.95 31.14
N VAL IA 656 -89.12 41.62 32.25
CA VAL IA 656 -89.57 40.26 32.53
C VAL IA 656 -91.09 40.28 32.54
N PRO IA 657 -91.74 39.75 31.52
CA PRO IA 657 -93.21 39.80 31.48
C PRO IA 657 -93.82 39.06 32.66
N ALA IA 658 -94.94 39.56 33.14
CA ALA IA 658 -95.80 38.78 34.00
C ALA IA 658 -96.47 37.69 33.18
N ASP IA 659 -97.32 36.91 33.81
CA ASP IA 659 -97.91 35.77 33.12
C ASP IA 659 -98.76 36.27 31.94
N PRO IA 660 -98.46 35.86 30.72
CA PRO IA 660 -99.27 36.26 29.59
C PRO IA 660 -100.60 35.51 29.60
N PRO IA 661 -101.59 35.98 28.83
CA PRO IA 661 -102.84 35.24 28.73
C PRO IA 661 -102.61 33.90 28.06
N THR IA 662 -103.52 32.96 28.32
CA THR IA 662 -103.41 31.62 27.75
C THR IA 662 -103.95 31.54 26.33
N THR IA 663 -104.54 32.62 25.82
CA THR IA 663 -104.94 32.73 24.43
C THR IA 663 -104.11 33.82 23.78
N PHE IA 664 -103.68 33.58 22.54
CA PHE IA 664 -102.75 34.49 21.91
C PHE IA 664 -103.34 35.87 21.71
N ASN IA 665 -102.54 36.89 22.03
CA ASN IA 665 -102.88 38.28 21.77
C ASN IA 665 -101.68 38.92 21.09
N GLN IA 666 -101.92 39.56 19.94
CA GLN IA 666 -100.84 40.16 19.18
C GLN IA 666 -100.30 41.43 19.84
N SER IA 667 -101.05 42.03 20.75
CA SER IA 667 -100.65 43.28 21.35
C SER IA 667 -99.37 43.09 22.18
N LYS IA 668 -98.53 44.11 22.18
CA LYS IA 668 -97.32 44.06 22.98
C LYS IA 668 -97.67 43.91 24.46
N LEU IA 669 -96.87 43.14 25.16
CA LEU IA 669 -97.12 42.90 26.57
C LEU IA 669 -96.84 44.17 27.37
N ASN IA 670 -97.77 44.53 28.26
CA ASN IA 670 -97.60 45.67 29.13
C ASN IA 670 -97.61 45.28 30.60
N SER IA 671 -97.79 44.01 30.91
CA SER IA 671 -97.77 43.53 32.28
C SER IA 671 -96.39 42.92 32.54
N PHE IA 672 -95.62 43.58 33.39
CA PHE IA 672 -94.26 43.17 33.66
C PHE IA 672 -94.06 42.97 35.15
N ILE IA 673 -93.16 42.06 35.47
CA ILE IA 673 -92.75 41.85 36.85
C ILE IA 673 -91.98 43.08 37.32
N THR IA 674 -92.41 43.66 38.44
CA THR IA 674 -91.74 44.83 38.97
C THR IA 674 -90.34 44.45 39.43
N GLN IA 675 -89.34 45.20 38.99
CA GLN IA 675 -87.98 44.73 39.06
C GLN IA 675 -87.02 45.90 39.13
N TYR IA 676 -85.94 45.71 39.87
CA TYR IA 676 -84.85 46.67 39.88
C TYR IA 676 -83.55 45.90 40.08
N SER IA 677 -82.45 46.52 39.68
CA SER IA 677 -81.15 45.89 39.83
C SER IA 677 -80.24 46.77 40.66
N THR IA 678 -79.31 46.13 41.33
CA THR IA 678 -78.27 46.82 42.07
C THR IA 678 -76.96 46.11 41.81
N GLY IA 679 -75.87 46.83 41.99
CA GLY IA 679 -74.57 46.25 41.78
C GLY IA 679 -73.49 47.24 42.14
N GLN IA 680 -72.27 46.87 41.81
CA GLN IA 680 -71.13 47.75 42.03
C GLN IA 680 -70.58 48.19 40.69
N VAL IA 681 -70.11 49.43 40.64
CA VAL IA 681 -69.49 49.99 39.45
C VAL IA 681 -68.11 50.48 39.85
N SER IA 682 -67.11 50.11 39.08
CA SER IA 682 -65.74 50.55 39.28
C SER IA 682 -65.29 51.33 38.05
N VAL IA 683 -64.74 52.51 38.28
CA VAL IA 683 -64.12 53.28 37.22
C VAL IA 683 -62.70 53.63 37.67
N GLU IA 684 -61.73 53.29 36.84
CA GLU IA 684 -60.33 53.59 37.09
C GLU IA 684 -59.84 54.52 36.01
N ILE IA 685 -59.34 55.69 36.39
CA ILE IA 685 -58.78 56.63 35.44
C ILE IA 685 -57.32 56.86 35.78
N GLU IA 686 -56.46 56.74 34.78
CA GLU IA 686 -55.07 57.10 34.90
C GLU IA 686 -54.89 58.53 34.39
N TRP IA 687 -54.33 59.38 35.23
CA TRP IA 687 -54.08 60.77 34.89
C TRP IA 687 -52.59 61.00 34.76
N GLU IA 688 -52.20 61.73 33.73
CA GLU IA 688 -50.83 62.19 33.58
C GLU IA 688 -50.67 63.54 34.25
N LEU IA 689 -49.57 63.73 34.96
CA LEU IA 689 -49.32 64.94 35.71
C LEU IA 689 -48.22 65.76 35.05
N GLN IA 690 -48.39 67.07 35.08
CA GLN IA 690 -47.33 68.01 34.72
C GLN IA 690 -46.74 68.56 36.01
N LYS IA 691 -45.55 68.07 36.36
CA LYS IA 691 -44.89 68.54 37.57
C LYS IA 691 -44.46 69.98 37.43
N GLU IA 692 -44.61 70.74 38.50
CA GLU IA 692 -44.16 72.13 38.49
C GLU IA 692 -42.64 72.17 38.58
N ASN IA 693 -42.02 72.91 37.68
CA ASN IA 693 -40.58 73.12 37.68
C ASN IA 693 -40.35 74.63 37.78
N SER IA 694 -40.37 75.12 39.02
CA SER IA 694 -40.44 76.56 39.28
C SER IA 694 -39.23 76.99 40.10
N LYS IA 695 -38.68 78.15 39.73
CA LYS IA 695 -37.58 78.75 40.48
C LYS IA 695 -38.05 79.88 41.37
N ARG IA 696 -39.35 79.96 41.62
CA ARG IA 696 -39.90 80.93 42.56
C ARG IA 696 -39.27 80.74 43.93
N TRP IA 697 -38.86 81.84 44.54
CA TRP IA 697 -38.18 81.77 45.83
C TRP IA 697 -39.16 81.70 46.98
N ASN IA 698 -40.14 82.61 47.00
CA ASN IA 698 -41.08 82.68 48.09
C ASN IA 698 -42.09 81.53 48.02
N PRO IA 699 -42.69 81.16 49.15
CA PRO IA 699 -43.65 80.05 49.13
C PRO IA 699 -44.86 80.35 48.26
N GLU IA 700 -45.40 79.29 47.67
CA GLU IA 700 -46.57 79.38 46.83
C GLU IA 700 -47.84 79.39 47.67
N ILE IA 701 -48.94 79.78 47.04
CA ILE IA 701 -50.26 79.59 47.62
C ILE IA 701 -50.65 78.13 47.46
N GLN IA 702 -51.13 77.53 48.54
CA GLN IA 702 -51.53 76.14 48.53
C GLN IA 702 -52.95 76.04 49.06
N TYR IA 703 -53.71 75.08 48.56
CA TYR IA 703 -54.97 74.77 49.18
C TYR IA 703 -54.72 74.07 50.49
N THR IA 704 -55.33 74.57 51.56
CA THR IA 704 -55.15 73.99 52.89
C THR IA 704 -56.49 73.97 53.59
N SER IA 705 -56.67 72.98 54.45
CA SER IA 705 -57.80 73.00 55.37
C SER IA 705 -57.56 74.05 56.45
N ASN IA 706 -58.65 74.58 56.98
CA ASN IA 706 -58.54 75.55 58.06
C ASN IA 706 -58.04 74.88 59.32
N TYR IA 707 -57.08 75.52 59.99
CA TYR IA 707 -56.51 74.95 61.20
C TYR IA 707 -57.45 75.09 62.40
N TYR IA 708 -58.29 76.13 62.40
CA TYR IA 708 -59.10 76.44 63.56
C TYR IA 708 -60.19 75.40 63.77
N LYS IA 709 -60.64 75.27 65.01
CA LYS IA 709 -61.62 74.25 65.37
C LYS IA 709 -62.96 74.53 64.71
N SER IA 710 -63.75 73.46 64.54
CA SER IA 710 -65.05 73.58 63.93
C SER IA 710 -65.93 72.44 64.42
N THR IA 711 -67.24 72.61 64.22
CA THR IA 711 -68.19 71.60 64.66
C THR IA 711 -67.98 70.29 63.91
N SER IA 712 -67.66 70.37 62.63
CA SER IA 712 -67.47 69.18 61.80
C SER IA 712 -66.22 69.34 60.96
N VAL IA 713 -65.67 68.22 60.53
CA VAL IA 713 -64.53 68.22 59.63
C VAL IA 713 -65.03 68.54 58.23
N ASP IA 714 -64.35 69.46 57.55
CA ASP IA 714 -64.67 69.77 56.16
C ASP IA 714 -64.40 68.56 55.28
N PHE IA 715 -65.29 68.32 54.32
CA PHE IA 715 -65.23 67.16 53.45
C PHE IA 715 -65.27 65.87 54.25
N ALA IA 716 -66.22 65.82 55.19
CA ALA IA 716 -66.48 64.62 55.97
C ALA IA 716 -67.98 64.51 56.16
N VAL IA 717 -68.39 63.54 56.92
CA VAL IA 717 -69.80 63.35 57.22
C VAL IA 717 -70.13 64.11 58.49
N ASN IA 718 -71.40 64.48 58.64
CA ASN IA 718 -71.87 65.11 59.86
C ASN IA 718 -72.39 64.02 60.80
N THR IA 719 -73.09 64.42 61.86
CA THR IA 719 -73.62 63.45 62.81
C THR IA 719 -74.71 62.58 62.22
N GLU IA 720 -75.31 62.98 61.11
CA GLU IA 720 -76.37 62.23 60.47
C GLU IA 720 -75.87 61.35 59.33
N GLY IA 721 -74.57 61.32 59.09
CA GLY IA 721 -74.02 60.53 58.02
C GLY IA 721 -74.03 61.17 56.66
N VAL IA 722 -74.35 62.45 56.58
CA VAL IA 722 -74.42 63.16 55.31
C VAL IA 722 -73.05 63.69 54.97
N TYR IA 723 -72.50 63.24 53.84
CA TYR IA 723 -71.27 63.80 53.33
C TYR IA 723 -71.56 65.11 52.61
N SER IA 724 -70.74 66.12 52.87
CA SER IA 724 -70.91 67.42 52.27
C SER IA 724 -69.58 67.95 51.79
N GLU IA 725 -69.62 68.70 50.69
CA GLU IA 725 -68.47 69.42 50.20
C GLU IA 725 -68.66 70.89 50.53
N PRO IA 726 -67.91 71.45 51.48
CA PRO IA 726 -68.25 72.80 51.98
C PRO IA 726 -67.92 73.91 51.00
N ARG IA 727 -66.97 73.70 50.09
CA ARG IA 727 -66.58 74.76 49.17
C ARG IA 727 -66.18 74.12 47.85
N PRO IA 728 -66.23 74.89 46.75
CA PRO IA 728 -65.68 74.38 45.49
C PRO IA 728 -64.17 74.59 45.47
N ILE IA 729 -63.43 73.50 45.39
CA ILE IA 729 -61.98 73.57 45.32
C ILE IA 729 -61.58 73.71 43.86
N GLY IA 730 -61.00 74.84 43.52
CA GLY IA 730 -60.47 75.02 42.18
C GLY IA 730 -59.21 74.22 41.98
N THR IA 731 -58.43 74.60 40.99
CA THR IA 731 -57.25 73.83 40.64
C THR IA 731 -56.00 74.70 40.56
N ARG IA 732 -56.15 76.02 40.53
CA ARG IA 732 -55.05 76.94 40.24
C ARG IA 732 -54.53 77.54 41.55
N TYR IA 733 -53.49 76.93 42.09
CA TYR IA 733 -52.82 77.43 43.28
C TYR IA 733 -51.35 77.70 43.05
N LEU IA 734 -50.66 76.83 42.32
CA LEU IA 734 -49.30 77.10 41.93
C LEU IA 734 -49.26 78.21 40.89
N THR IA 735 -48.07 78.76 40.67
CA THR IA 735 -47.92 79.89 39.76
C THR IA 735 -46.90 79.59 38.68
N ARG IA 736 -47.10 80.23 37.53
CA ARG IA 736 -46.14 80.23 36.44
C ARG IA 736 -45.97 81.65 35.93
N ASN IA 737 -44.80 81.92 35.37
CA ASN IA 737 -44.64 83.14 34.60
C ASN IA 737 -45.42 83.02 33.30
N LEU IA 738 -45.73 84.18 32.72
CA LEU IA 738 -46.42 84.18 31.43
C LEU IA 738 -45.44 83.85 30.31
N GLY JA 221 -50.82 61.56 -35.31
CA GLY JA 221 -51.23 61.52 -36.70
C GLY JA 221 -52.47 62.33 -37.01
N VAL JA 222 -52.56 62.84 -38.23
CA VAL JA 222 -53.72 63.61 -38.64
C VAL JA 222 -54.98 62.76 -38.62
N GLY JA 223 -54.88 61.53 -39.12
CA GLY JA 223 -56.03 60.66 -39.27
C GLY JA 223 -56.29 59.70 -38.13
N SER JA 224 -55.65 59.87 -36.98
CA SER JA 224 -55.86 58.99 -35.84
C SER JA 224 -56.31 59.81 -34.64
N SER JA 225 -57.31 59.28 -33.92
CA SER JA 225 -57.80 59.94 -32.72
C SER JA 225 -56.73 59.90 -31.63
N SER JA 226 -56.61 61.01 -30.90
CA SER JA 226 -55.65 61.12 -29.81
C SER JA 226 -56.27 60.81 -28.45
N GLY JA 227 -57.54 60.43 -28.41
CA GLY JA 227 -58.16 60.08 -27.16
C GLY JA 227 -59.60 59.70 -27.39
N ASN JA 228 -60.17 59.03 -26.40
CA ASN JA 228 -61.53 58.53 -26.45
C ASN JA 228 -62.43 59.35 -25.54
N TRP JA 229 -63.74 59.25 -25.79
CA TRP JA 229 -64.73 59.91 -24.96
C TRP JA 229 -64.91 59.11 -23.67
N HIS JA 230 -64.70 59.77 -22.54
CA HIS JA 230 -64.77 59.13 -21.22
C HIS JA 230 -65.69 59.96 -20.34
N CYS JA 231 -66.98 59.69 -20.39
CA CYS JA 231 -67.94 60.20 -19.43
C CYS JA 231 -68.49 59.02 -18.67
N ASP JA 232 -68.30 59.02 -17.35
CA ASP JA 232 -68.67 57.87 -16.54
C ASP JA 232 -68.53 58.25 -15.08
N SER JA 233 -69.12 57.43 -14.22
CA SER JA 233 -68.90 57.51 -12.79
C SER JA 233 -68.88 56.10 -12.25
N THR JA 234 -67.79 55.71 -11.61
CA THR JA 234 -67.65 54.38 -11.03
C THR JA 234 -67.62 54.50 -9.53
N TRP JA 235 -68.58 53.86 -8.87
CA TRP JA 235 -68.65 53.83 -7.42
C TRP JA 235 -68.05 52.51 -6.95
N LEU JA 236 -66.99 52.60 -6.15
CA LEU JA 236 -66.27 51.40 -5.71
C LEU JA 236 -65.87 51.62 -4.27
N GLY JA 237 -66.59 51.00 -3.35
CA GLY JA 237 -66.26 51.12 -1.94
C GLY JA 237 -66.45 52.54 -1.45
N ASP JA 238 -65.41 53.10 -0.84
CA ASP JA 238 -65.44 54.45 -0.31
C ASP JA 238 -64.96 55.48 -1.32
N ARG JA 239 -64.85 55.10 -2.59
CA ARG JA 239 -64.44 56.02 -3.65
C ARG JA 239 -65.52 56.11 -4.71
N VAL JA 240 -65.63 57.28 -5.31
CA VAL JA 240 -66.36 57.45 -6.56
C VAL JA 240 -65.43 58.18 -7.51
N ILE JA 241 -65.29 57.64 -8.72
CA ILE JA 241 -64.45 58.23 -9.74
C ILE JA 241 -65.36 58.79 -10.82
N THR JA 242 -65.48 60.11 -10.86
CA THR JA 242 -66.22 60.78 -11.92
C THR JA 242 -65.26 61.14 -13.04
N THR JA 243 -65.64 60.81 -14.26
CA THR JA 243 -64.90 61.26 -15.43
C THR JA 243 -65.90 61.89 -16.39
N SER JA 244 -65.52 63.03 -16.94
CA SER JA 244 -66.40 63.77 -17.81
C SER JA 244 -65.62 64.27 -19.01
N THR JA 245 -66.18 64.09 -20.19
CA THR JA 245 -65.60 64.60 -21.43
C THR JA 245 -66.54 65.62 -22.04
N ARG JA 246 -65.97 66.70 -22.55
CA ARG JA 246 -66.75 67.73 -23.22
C ARG JA 246 -66.01 68.15 -24.48
N THR JA 247 -66.79 68.64 -25.45
CA THR JA 247 -66.22 69.26 -26.63
C THR JA 247 -66.13 70.76 -26.39
N TRP JA 248 -64.95 71.32 -26.61
CA TRP JA 248 -64.72 72.73 -26.40
C TRP JA 248 -64.39 73.40 -27.72
N ALA JA 249 -64.55 74.72 -27.75
CA ALA JA 249 -64.12 75.55 -28.86
C ALA JA 249 -63.36 76.73 -28.30
N LEU JA 250 -62.15 76.94 -28.79
CA LEU JA 250 -61.32 78.04 -28.32
C LEU JA 250 -61.13 79.05 -29.44
N PRO JA 251 -61.68 80.25 -29.32
CA PRO JA 251 -61.41 81.28 -30.32
C PRO JA 251 -60.04 81.92 -30.09
N THR JA 252 -59.66 82.78 -31.01
CA THR JA 252 -58.54 83.67 -30.77
C THR JA 252 -59.05 84.85 -29.94
N TYR JA 253 -58.47 85.03 -28.77
CA TYR JA 253 -58.87 86.10 -27.87
C TYR JA 253 -57.94 87.29 -28.05
N ASN JA 254 -58.52 88.49 -27.99
CA ASN JA 254 -57.78 89.74 -27.95
C ASN JA 254 -56.94 89.99 -29.20
N ASN JA 255 -57.19 89.25 -30.27
CA ASN JA 255 -56.35 89.31 -31.47
C ASN JA 255 -54.89 89.02 -31.12
N HIS JA 256 -54.69 88.02 -30.27
CA HIS JA 256 -53.38 87.56 -29.81
C HIS JA 256 -52.65 88.58 -28.95
N LEU JA 257 -53.33 89.59 -28.44
CA LEU JA 257 -52.68 90.67 -27.71
C LEU JA 257 -52.96 90.57 -26.22
N TYR JA 258 -52.02 91.09 -25.44
CA TYR JA 258 -52.26 91.40 -24.04
C TYR JA 258 -52.72 92.85 -23.97
N LYS JA 259 -53.87 93.09 -23.37
CA LYS JA 259 -54.42 94.43 -23.26
C LYS JA 259 -54.55 94.80 -21.80
N GLN JA 260 -54.03 95.97 -21.45
CA GLN JA 260 -54.32 96.53 -20.13
C GLN JA 260 -55.78 96.94 -20.08
N ILE JA 261 -56.47 96.54 -19.02
CA ILE JA 261 -57.86 96.86 -18.82
C ILE JA 261 -58.00 97.56 -17.48
N SER JA 262 -58.89 98.55 -17.43
CA SER JA 262 -59.04 99.36 -16.23
C SER JA 262 -60.48 99.83 -16.12
N ASN JA 263 -60.80 100.32 -14.93
CA ASN JA 263 -62.10 100.95 -14.67
C ASN JA 263 -61.87 101.97 -13.56
N GLY JA 264 -62.19 103.22 -13.83
CA GLY JA 264 -62.00 104.30 -12.89
C GLY JA 264 -63.31 104.95 -12.50
N THR JA 265 -63.20 105.99 -11.68
CA THR JA 265 -64.37 106.73 -11.22
C THR JA 265 -64.76 107.81 -12.21
N ALA JA 269 -68.34 104.86 -12.99
CA ALA JA 269 -68.16 103.78 -12.04
C ALA JA 269 -67.78 104.32 -10.67
N THR JA 270 -68.19 103.60 -9.62
CA THR JA 270 -67.84 104.00 -8.26
C THR JA 270 -66.46 103.48 -7.90
N ASN JA 271 -65.91 104.04 -6.82
CA ASN JA 271 -64.61 103.59 -6.35
C ASN JA 271 -64.63 102.12 -5.94
N ASP JA 272 -65.78 101.62 -5.50
CA ASP JA 272 -65.88 100.23 -5.09
C ASP JA 272 -65.67 99.27 -6.25
N ASN JA 273 -65.84 99.72 -7.48
CA ASN JA 273 -65.76 98.87 -8.66
C ASN JA 273 -64.57 99.16 -9.53
N THR JA 274 -63.61 99.95 -9.06
CA THR JA 274 -62.42 100.23 -9.85
C THR JA 274 -61.51 99.01 -9.92
N TYR JA 275 -60.79 98.89 -11.02
CA TYR JA 275 -59.81 97.83 -11.14
C TYR JA 275 -58.75 98.21 -12.16
N PHE JA 276 -57.60 97.56 -12.05
CA PHE JA 276 -56.56 97.58 -13.06
C PHE JA 276 -56.12 96.15 -13.27
N GLY JA 277 -56.00 95.74 -14.51
CA GLY JA 277 -55.61 94.39 -14.80
C GLY JA 277 -55.23 94.21 -16.24
N TYR JA 278 -55.15 92.96 -16.65
CA TYR JA 278 -54.74 92.64 -18.01
C TYR JA 278 -55.65 91.59 -18.60
N SER JA 279 -56.08 91.82 -19.82
CA SER JA 279 -56.73 90.81 -20.63
C SER JA 279 -55.66 90.10 -21.44
N THR JA 280 -55.69 88.77 -21.40
CA THR JA 280 -54.69 87.98 -22.11
C THR JA 280 -55.32 87.29 -23.31
N PRO JA 281 -54.52 86.93 -24.31
CA PRO JA 281 -55.04 86.14 -25.43
C PRO JA 281 -55.26 84.67 -25.10
N TRP JA 282 -55.11 84.28 -23.84
CA TRP JA 282 -55.21 82.88 -23.45
C TRP JA 282 -56.61 82.55 -22.96
N GLY JA 283 -57.05 81.36 -23.29
CA GLY JA 283 -58.19 80.77 -22.61
C GLY JA 283 -57.74 79.91 -21.45
N TYR JA 284 -58.70 79.45 -20.67
CA TYR JA 284 -58.38 78.56 -19.57
C TYR JA 284 -59.52 77.57 -19.37
N PHE JA 285 -59.17 76.40 -18.88
CA PHE JA 285 -60.15 75.35 -18.63
C PHE JA 285 -60.61 75.41 -17.18
N ASP JA 286 -61.91 75.45 -16.99
CA ASP JA 286 -62.52 75.49 -15.68
C ASP JA 286 -63.44 74.29 -15.52
N PHE JA 287 -63.24 73.53 -14.46
CA PHE JA 287 -64.15 72.45 -14.08
C PHE JA 287 -64.41 72.53 -12.58
N ASN JA 288 -64.53 73.76 -12.08
CA ASN JA 288 -64.68 74.02 -10.65
C ASN JA 288 -66.15 74.11 -10.25
N ARG JA 289 -67.02 73.35 -10.89
CA ARG JA 289 -68.39 73.19 -10.46
C ARG JA 289 -68.70 71.71 -10.38
N PHE JA 290 -69.53 71.34 -9.41
CA PHE JA 290 -69.78 69.93 -9.17
C PHE JA 290 -70.51 69.27 -10.32
N HIS JA 291 -71.38 70.00 -11.03
CA HIS JA 291 -72.10 69.40 -12.13
C HIS JA 291 -71.22 69.16 -13.35
N CYS JA 292 -69.99 69.69 -13.35
CA CYS JA 292 -69.03 69.29 -14.39
C CYS JA 292 -68.62 67.84 -14.25
N HIS JA 293 -68.82 67.24 -13.09
CA HIS JA 293 -68.35 65.91 -12.79
C HIS JA 293 -69.46 64.96 -12.37
N PHE JA 294 -70.44 65.44 -11.62
CA PHE JA 294 -71.53 64.61 -11.15
C PHE JA 294 -72.77 64.84 -11.99
N SER JA 295 -73.32 63.77 -12.53
CA SER JA 295 -74.67 63.83 -13.06
C SER JA 295 -75.64 64.02 -11.91
N PRO JA 296 -76.83 64.54 -12.18
CA PRO JA 296 -77.81 64.71 -11.08
C PRO JA 296 -78.09 63.41 -10.35
N ARG JA 297 -78.17 62.29 -11.07
CA ARG JA 297 -78.35 61.00 -10.42
C ARG JA 297 -77.14 60.63 -9.57
N ASP JA 298 -75.94 60.90 -10.08
CA ASP JA 298 -74.74 60.65 -9.29
C ASP JA 298 -74.70 61.54 -8.06
N TRP JA 299 -75.12 62.80 -8.21
CA TRP JA 299 -75.21 63.68 -7.06
C TRP JA 299 -76.19 63.15 -6.03
N GLN JA 300 -77.33 62.62 -6.49
CA GLN JA 300 -78.29 62.02 -5.59
C GLN JA 300 -77.69 60.82 -4.86
N ARG JA 301 -76.98 59.95 -5.59
CA ARG JA 301 -76.30 58.83 -4.99
C ARG JA 301 -75.34 59.30 -3.90
N LEU JA 302 -74.59 60.36 -4.18
CA LEU JA 302 -73.61 60.87 -3.24
C LEU JA 302 -74.28 61.42 -1.99
N ILE JA 303 -75.28 62.29 -2.17
CA ILE JA 303 -75.82 63.03 -1.03
C ILE JA 303 -76.81 62.22 -0.21
N ASN JA 304 -77.44 61.20 -0.78
CA ASN JA 304 -78.40 60.41 -0.03
C ASN JA 304 -77.77 59.31 0.79
N ASN JA 305 -76.48 59.05 0.61
CA ASN JA 305 -75.86 57.87 1.18
C ASN JA 305 -74.54 58.12 1.89
N ASN JA 306 -74.02 59.34 1.86
CA ASN JA 306 -72.71 59.61 2.40
C ASN JA 306 -72.77 60.80 3.35
N TRP JA 307 -72.05 60.69 4.46
CA TRP JA 307 -71.93 61.79 5.40
C TRP JA 307 -70.92 62.83 4.95
N GLY JA 308 -70.06 62.48 4.02
CA GLY JA 308 -69.06 63.42 3.56
C GLY JA 308 -68.34 62.90 2.35
N PHE JA 309 -67.63 63.82 1.69
CA PHE JA 309 -66.84 63.48 0.53
C PHE JA 309 -65.76 64.54 0.37
N ARG JA 310 -64.73 64.19 -0.38
CA ARG JA 310 -63.65 65.12 -0.66
C ARG JA 310 -62.92 64.64 -1.91
N PRO JA 311 -62.40 65.56 -2.72
CA PRO JA 311 -61.60 65.13 -3.86
C PRO JA 311 -60.27 64.56 -3.42
N LYS JA 312 -59.78 63.58 -4.17
CA LYS JA 312 -58.51 62.93 -3.88
C LYS JA 312 -57.46 63.21 -4.94
N ARG JA 313 -57.80 62.97 -6.20
CA ARG JA 313 -56.88 63.17 -7.29
C ARG JA 313 -57.68 63.51 -8.54
N LEU JA 314 -57.01 64.14 -9.49
CA LEU JA 314 -57.65 64.39 -10.77
C LEU JA 314 -56.67 64.11 -11.89
N SER JA 315 -57.20 63.70 -13.03
CA SER JA 315 -56.47 63.60 -14.27
C SER JA 315 -57.21 64.41 -15.32
N PHE JA 316 -56.45 65.12 -16.14
CA PHE JA 316 -57.00 66.04 -17.12
C PHE JA 316 -56.42 65.68 -18.47
N LYS JA 317 -57.24 65.71 -19.52
CA LYS JA 317 -56.77 65.36 -20.85
C LYS JA 317 -57.34 66.32 -21.88
N LEU JA 318 -56.48 66.74 -22.80
CA LEU JA 318 -56.87 67.46 -24.00
C LEU JA 318 -56.50 66.59 -25.19
N PHE JA 319 -57.43 66.40 -26.11
CA PHE JA 319 -57.19 65.48 -27.22
C PHE JA 319 -58.15 65.79 -28.35
N ASN JA 320 -57.90 65.14 -29.49
CA ASN JA 320 -58.69 65.34 -30.70
C ASN JA 320 -58.76 66.82 -31.06
N ILE JA 321 -57.60 67.46 -30.99
CA ILE JA 321 -57.51 68.88 -31.26
C ILE JA 321 -57.64 69.13 -32.75
N GLN JA 322 -58.50 70.08 -33.12
CA GLN JA 322 -58.65 70.50 -34.50
C GLN JA 322 -58.51 72.02 -34.53
N VAL JA 323 -57.51 72.50 -35.25
CA VAL JA 323 -57.33 73.93 -35.47
C VAL JA 323 -57.88 74.26 -36.83
N LYS JA 324 -58.79 75.21 -36.89
CA LYS JA 324 -59.52 75.50 -38.11
C LYS JA 324 -59.28 76.94 -38.54
N GLU JA 325 -59.11 77.12 -39.84
CA GLU JA 325 -58.91 78.43 -40.44
C GLU JA 325 -60.22 78.88 -41.07
N VAL JA 326 -60.62 80.11 -40.80
CA VAL JA 326 -61.82 80.70 -41.36
C VAL JA 326 -61.43 81.90 -42.20
N THR JA 327 -61.91 81.93 -43.45
CA THR JA 327 -61.59 83.00 -44.38
C THR JA 327 -62.82 83.82 -44.73
N LYS JA 333 -67.99 82.98 -46.15
CA LYS JA 333 -67.15 82.41 -45.09
C LYS JA 333 -66.96 80.91 -45.28
N THR JA 334 -65.70 80.49 -45.35
CA THR JA 334 -65.36 79.08 -45.43
C THR JA 334 -64.45 78.72 -44.26
N ILE JA 335 -64.68 77.56 -43.67
CA ILE JA 335 -63.88 77.04 -42.58
C ILE JA 335 -63.13 75.82 -43.07
N ALA JA 336 -61.81 75.83 -42.91
CA ALA JA 336 -60.97 74.75 -43.36
C ALA JA 336 -60.04 74.31 -42.24
N ASN JA 337 -59.62 73.06 -42.29
CA ASN JA 337 -58.63 72.57 -41.34
C ASN JA 337 -57.28 73.22 -41.62
N ASN JA 338 -56.59 73.61 -40.56
CA ASN JA 338 -55.20 74.05 -40.63
C ASN JA 338 -54.39 72.97 -39.92
N LEU JA 339 -53.96 71.98 -40.68
CA LEU JA 339 -53.35 70.78 -40.10
C LEU JA 339 -52.05 71.08 -39.38
N THR JA 340 -51.34 72.12 -39.81
CA THR JA 340 -50.03 72.44 -39.25
C THR JA 340 -50.10 73.49 -38.15
N SER JA 341 -51.27 73.98 -37.81
CA SER JA 341 -51.40 74.95 -36.74
C SER JA 341 -51.37 74.27 -35.38
N THR JA 342 -50.95 75.03 -34.38
CA THR JA 342 -50.80 74.51 -33.03
C THR JA 342 -51.67 75.27 -32.05
N ILE JA 343 -51.96 74.62 -30.94
CA ILE JA 343 -52.44 75.28 -29.73
C ILE JA 343 -51.35 75.14 -28.68
N GLN JA 344 -51.31 76.08 -27.75
CA GLN JA 344 -50.38 76.04 -26.64
C GLN JA 344 -51.15 75.78 -25.35
N VAL JA 345 -50.72 74.79 -24.60
CA VAL JA 345 -51.35 74.42 -23.34
C VAL JA 345 -50.27 74.32 -22.28
N PHE JA 346 -50.52 74.92 -21.13
CA PHE JA 346 -49.67 74.68 -19.98
C PHE JA 346 -50.50 74.81 -18.71
N THR JA 347 -50.06 74.13 -17.67
CA THR JA 347 -50.66 74.26 -16.35
C THR JA 347 -49.76 75.12 -15.49
N ASP JA 348 -50.37 76.06 -14.77
CA ASP JA 348 -49.65 76.87 -13.79
C ASP JA 348 -49.45 76.03 -12.53
N SER JA 349 -48.56 75.05 -12.65
CA SER JA 349 -48.36 74.06 -11.58
C SER JA 349 -47.67 74.67 -10.37
N GLU JA 350 -46.89 75.72 -10.57
CA GLU JA 350 -46.24 76.43 -9.47
C GLU JA 350 -47.09 77.56 -8.92
N TYR JA 351 -48.29 77.76 -9.44
CA TYR JA 351 -49.20 78.81 -8.97
C TYR JA 351 -48.55 80.18 -9.06
N GLN JA 352 -47.84 80.41 -10.15
CA GLN JA 352 -47.16 81.68 -10.38
C GLN JA 352 -48.04 82.70 -11.09
N LEU JA 353 -49.14 82.31 -11.57
CA LEU JA 353 -50.08 83.22 -12.19
C LEU JA 353 -51.18 83.59 -11.21
N PRO JA 354 -51.80 84.76 -11.37
CA PRO JA 354 -53.00 85.06 -10.59
C PRO JA 354 -54.05 83.98 -10.79
N TYR JA 355 -54.53 83.42 -9.68
CA TYR JA 355 -55.46 82.30 -9.70
C TYR JA 355 -56.87 82.86 -9.79
N VAL JA 356 -57.47 82.76 -10.98
CA VAL JA 356 -58.81 83.30 -11.20
C VAL JA 356 -59.90 82.23 -11.10
N LEU JA 357 -59.53 80.97 -10.99
CA LEU JA 357 -60.51 79.97 -10.61
C LEU JA 357 -60.92 80.19 -9.16
N GLY JA 358 -62.07 79.62 -8.80
CA GLY JA 358 -62.56 79.89 -7.47
C GLY JA 358 -63.15 81.26 -7.28
N SER JA 359 -63.58 81.91 -8.35
CA SER JA 359 -64.36 83.14 -8.26
C SER JA 359 -65.76 82.95 -8.82
N ALA JA 360 -66.21 81.70 -8.93
CA ALA JA 360 -67.55 81.36 -9.39
C ALA JA 360 -67.86 81.96 -10.76
N HIS JA 361 -66.89 81.89 -11.65
CA HIS JA 361 -67.04 82.46 -12.99
C HIS JA 361 -67.70 81.47 -13.94
N GLN JA 362 -68.37 82.02 -14.95
CA GLN JA 362 -68.87 81.20 -16.03
C GLN JA 362 -67.72 80.66 -16.86
N GLY JA 363 -68.04 79.72 -17.74
CA GLY JA 363 -67.04 79.11 -18.59
C GLY JA 363 -66.57 77.75 -18.13
N CYS JA 364 -67.14 77.21 -17.06
CA CYS JA 364 -66.80 75.85 -16.66
C CYS JA 364 -67.36 74.86 -17.68
N LEU JA 365 -66.93 73.62 -17.54
CA LEU JA 365 -67.47 72.55 -18.37
C LEU JA 365 -68.99 72.49 -18.16
N PRO JA 366 -69.78 72.38 -19.23
CA PRO JA 366 -71.23 72.39 -19.06
C PRO JA 366 -71.69 71.17 -18.28
N PRO JA 367 -72.79 71.30 -17.53
CA PRO JA 367 -73.31 70.12 -16.82
C PRO JA 367 -73.72 69.00 -17.75
N PHE JA 368 -74.25 69.31 -18.93
CA PHE JA 368 -74.72 68.30 -19.84
C PHE JA 368 -73.59 67.84 -20.75
N PRO JA 369 -73.25 66.55 -20.79
CA PRO JA 369 -72.10 66.11 -21.58
C PRO JA 369 -72.20 66.40 -23.06
N ALA JA 370 -73.42 66.41 -23.61
CA ALA JA 370 -73.58 66.69 -25.05
C ALA JA 370 -73.34 68.15 -25.39
N ASP JA 371 -73.16 69.00 -24.39
CA ASP JA 371 -73.08 70.44 -24.63
C ASP JA 371 -71.67 70.84 -25.03
N VAL JA 372 -71.57 71.58 -26.12
CA VAL JA 372 -70.28 72.11 -26.57
C VAL JA 372 -70.13 73.52 -26.01
N PHE JA 373 -68.99 73.78 -25.37
CA PHE JA 373 -68.80 75.02 -24.66
C PHE JA 373 -67.60 75.80 -25.19
N MET JA 374 -67.69 77.10 -25.03
CA MET JA 374 -66.64 78.03 -25.37
C MET JA 374 -65.69 78.22 -24.20
N ILE JA 375 -64.40 78.20 -24.48
CA ILE JA 375 -63.40 78.34 -23.42
C ILE JA 375 -63.33 79.80 -22.99
N PRO JA 376 -63.43 80.10 -21.69
CA PRO JA 376 -63.38 81.49 -21.26
C PRO JA 376 -62.01 82.11 -21.43
N GLN JA 377 -61.98 83.42 -21.62
CA GLN JA 377 -60.73 84.13 -21.78
C GLN JA 377 -60.08 84.41 -20.44
N TYR JA 378 -58.78 84.17 -20.36
CA TYR JA 378 -58.06 84.40 -19.12
C TYR JA 378 -57.71 85.88 -18.99
N GLY JA 379 -58.09 86.45 -17.85
CA GLY JA 379 -57.63 87.76 -17.47
C GLY JA 379 -57.39 87.79 -15.98
N TYR JA 380 -56.69 88.81 -15.52
CA TYR JA 380 -56.39 88.91 -14.12
C TYR JA 380 -56.34 90.37 -13.70
N LEU JA 381 -56.43 90.58 -12.40
CA LEU JA 381 -56.36 91.90 -11.82
C LEU JA 381 -55.13 92.01 -10.95
N THR JA 382 -54.56 93.20 -10.91
CA THR JA 382 -53.44 93.47 -10.02
C THR JA 382 -53.79 94.69 -9.20
N LEU JA 383 -52.82 95.24 -8.46
CA LEU JA 383 -53.11 96.38 -7.61
C LEU JA 383 -53.51 97.59 -8.45
N ASN JA 384 -54.51 98.31 -7.98
CA ASN JA 384 -54.99 99.50 -8.67
C ASN JA 384 -55.21 100.63 -7.68
N ASN JA 385 -55.07 101.85 -8.19
CA ASN JA 385 -55.44 103.07 -7.48
C ASN JA 385 -56.39 103.78 -8.43
N GLY JA 386 -57.69 103.54 -8.26
CA GLY JA 386 -58.63 103.96 -9.28
C GLY JA 386 -58.43 103.13 -10.52
N SER JA 387 -58.30 103.79 -11.67
CA SER JA 387 -58.00 103.10 -12.92
C SER JA 387 -56.51 102.99 -13.17
N GLN JA 388 -55.68 103.53 -12.30
CA GLN JA 388 -54.24 103.53 -12.49
C GLN JA 388 -53.60 102.34 -11.79
N ALA JA 389 -52.49 101.89 -12.34
CA ALA JA 389 -51.67 100.90 -11.66
C ALA JA 389 -50.75 101.59 -10.67
N VAL JA 390 -50.24 100.82 -9.72
CA VAL JA 390 -49.22 101.28 -8.81
C VAL JA 390 -47.93 100.55 -9.15
N GLY JA 391 -46.83 100.97 -8.50
CA GLY JA 391 -45.56 100.34 -8.74
C GLY JA 391 -45.52 98.87 -8.39
N ARG JA 392 -46.39 98.45 -7.47
CA ARG JA 392 -46.46 97.05 -7.08
C ARG JA 392 -47.33 96.22 -8.00
N SER JA 393 -48.01 96.84 -8.96
CA SER JA 393 -48.82 96.09 -9.90
C SER JA 393 -47.96 95.15 -10.74
N SER JA 394 -48.41 93.92 -10.88
CA SER JA 394 -47.67 92.89 -11.59
C SER JA 394 -48.28 92.67 -12.97
N PHE JA 395 -47.43 92.62 -13.98
CA PHE JA 395 -47.83 92.21 -15.32
C PHE JA 395 -47.26 90.83 -15.59
N TYR JA 396 -48.10 89.93 -16.07
CA TYR JA 396 -47.70 88.56 -16.36
C TYR JA 396 -47.88 88.30 -17.84
N CYS JA 397 -46.82 87.82 -18.48
CA CYS JA 397 -46.89 87.32 -19.84
C CYS JA 397 -47.00 85.81 -19.76
N LEU JA 398 -48.10 85.26 -20.26
CA LEU JA 398 -48.28 83.82 -20.19
C LEU JA 398 -47.42 83.09 -21.21
N GLU JA 399 -46.94 83.78 -22.24
CA GLU JA 399 -45.94 83.20 -23.13
C GLU JA 399 -44.60 83.03 -22.43
N TYR JA 400 -44.38 83.69 -21.31
CA TYR JA 400 -43.17 83.53 -20.52
C TYR JA 400 -43.17 82.23 -19.73
N PHE JA 401 -44.10 81.36 -19.97
CA PHE JA 401 -44.15 80.05 -19.35
C PHE JA 401 -43.83 78.97 -20.38
N PRO JA 402 -43.26 77.85 -19.96
CA PRO JA 402 -43.14 76.70 -20.87
C PRO JA 402 -44.51 76.14 -21.17
N SER JA 403 -44.84 76.04 -22.44
CA SER JA 403 -46.12 75.52 -22.90
C SER JA 403 -45.88 74.37 -23.86
N GLN JA 404 -46.72 73.34 -23.77
CA GLN JA 404 -46.72 72.30 -24.78
C GLN JA 404 -47.49 72.81 -25.99
N MET JA 405 -46.89 72.72 -27.17
CA MET JA 405 -47.57 73.07 -28.40
C MET JA 405 -48.09 71.79 -29.05
N LEU JA 406 -49.34 71.83 -29.47
CA LEU JA 406 -50.06 70.65 -29.93
C LEU JA 406 -50.57 70.88 -31.33
N ARG JA 407 -50.21 70.00 -32.25
CA ARG JA 407 -50.87 69.96 -33.54
C ARG JA 407 -52.07 69.02 -33.42
N THR JA 408 -52.75 68.81 -34.55
CA THR JA 408 -54.00 68.07 -34.53
C THR JA 408 -53.81 66.63 -34.06
N GLY JA 409 -52.63 66.07 -34.22
CA GLY JA 409 -52.37 64.73 -33.76
C GLY JA 409 -51.88 64.60 -32.33
N ASN JA 410 -51.64 65.71 -31.65
CA ASN JA 410 -51.10 65.68 -30.31
C ASN JA 410 -52.20 65.72 -29.27
N ASN JA 411 -51.87 65.26 -28.07
CA ASN JA 411 -52.76 65.37 -26.93
C ASN JA 411 -51.97 65.86 -25.73
N PHE JA 412 -52.70 66.43 -24.78
CA PHE JA 412 -52.14 66.97 -23.56
C PHE JA 412 -52.81 66.29 -22.37
N GLN JA 413 -52.02 65.98 -21.35
CA GLN JA 413 -52.60 65.40 -20.16
C GLN JA 413 -51.70 65.69 -18.96
N PHE JA 414 -52.33 65.79 -17.80
CA PHE JA 414 -51.60 65.90 -16.55
C PHE JA 414 -52.46 65.34 -15.44
N THR JA 415 -51.80 64.94 -14.35
CA THR JA 415 -52.47 64.44 -13.18
C THR JA 415 -52.16 65.36 -12.01
N TYR JA 416 -53.11 65.42 -11.07
CA TYR JA 416 -52.98 66.27 -9.91
C TYR JA 416 -53.53 65.52 -8.71
N THR JA 417 -52.86 65.67 -7.57
CA THR JA 417 -53.30 65.06 -6.32
C THR JA 417 -53.76 66.17 -5.38
N PHE JA 418 -54.99 66.05 -4.90
CA PHE JA 418 -55.49 67.00 -3.92
C PHE JA 418 -54.76 66.81 -2.59
N GLU JA 419 -54.50 67.92 -1.92
CA GLU JA 419 -53.96 67.84 -0.57
C GLU JA 419 -55.01 67.26 0.37
N ASP JA 420 -54.55 66.84 1.54
CA ASP JA 420 -55.48 66.33 2.54
C ASP JA 420 -56.41 67.45 2.98
N VAL JA 421 -57.66 67.38 2.57
CA VAL JA 421 -58.65 68.40 2.87
C VAL JA 421 -59.72 67.74 3.74
N PRO JA 422 -60.37 68.45 4.64
CA PRO JA 422 -61.44 67.82 5.43
C PRO JA 422 -62.61 67.43 4.54
N PHE JA 423 -63.29 66.36 4.94
CA PHE JA 423 -64.51 65.96 4.26
C PHE JA 423 -65.54 67.08 4.35
N HIS JA 424 -66.21 67.35 3.25
CA HIS JA 424 -67.35 68.25 3.31
C HIS JA 424 -68.46 67.60 4.12
N SER JA 425 -69.09 68.39 4.98
CA SER JA 425 -70.17 67.88 5.83
C SER JA 425 -71.41 67.69 4.97
N SER JA 426 -71.58 66.48 4.44
CA SER JA 426 -72.75 66.15 3.64
C SER JA 426 -73.87 65.64 4.52
N TYR JA 427 -74.18 66.39 5.58
CA TYR JA 427 -75.16 65.98 6.57
C TYR JA 427 -75.68 67.23 7.26
N ALA JA 428 -76.88 67.12 7.81
CA ALA JA 428 -77.41 68.12 8.70
C ALA JA 428 -77.50 67.54 10.10
N HIS JA 429 -77.26 68.37 11.10
CA HIS JA 429 -77.30 67.89 12.47
C HIS JA 429 -78.74 67.62 12.91
N SER JA 430 -78.96 66.47 13.51
CA SER JA 430 -80.27 66.12 14.06
C SER JA 430 -80.43 66.58 15.49
N GLN JA 431 -79.45 67.30 16.02
CA GLN JA 431 -79.53 67.91 17.34
C GLN JA 431 -79.15 69.38 17.22
N SER JA 432 -79.74 70.20 18.07
CA SER JA 432 -79.39 71.59 18.16
C SER JA 432 -78.32 71.79 19.23
N LEU JA 433 -77.51 72.83 19.05
CA LEU JA 433 -76.40 73.07 19.98
C LEU JA 433 -76.90 73.39 21.38
N ASP JA 434 -78.06 74.03 21.49
CA ASP JA 434 -78.63 74.36 22.79
C ASP JA 434 -79.52 73.26 23.34
N ARG JA 435 -79.55 72.10 22.69
CA ARG JA 435 -80.38 70.97 23.11
C ARG JA 435 -79.57 69.69 23.14
N LEU JA 436 -78.35 69.77 23.65
CA LEU JA 436 -77.47 68.61 23.74
C LEU JA 436 -77.58 67.88 25.06
N MET JA 437 -78.41 68.37 25.97
CA MET JA 437 -78.51 67.85 27.32
C MET JA 437 -79.59 66.78 27.44
N ASN JA 438 -79.50 66.02 28.51
CA ASN JA 438 -80.52 65.04 28.87
C ASN JA 438 -81.77 65.77 29.31
N PRO JA 439 -82.91 65.57 28.66
CA PRO JA 439 -84.13 66.29 29.02
C PRO JA 439 -84.86 65.73 30.23
N LEU JA 440 -84.27 64.77 30.95
CA LEU JA 440 -84.92 64.19 32.11
C LEU JA 440 -84.22 64.51 33.42
N ILE JA 441 -82.97 64.95 33.38
CA ILE JA 441 -82.15 65.09 34.56
C ILE JA 441 -81.83 66.57 34.76
N ASP JA 442 -81.91 67.03 36.01
CA ASP JA 442 -81.48 68.36 36.33
C ASP JA 442 -79.96 68.46 36.28
N GLN JA 443 -79.48 69.68 36.11
CA GLN JA 443 -78.06 69.95 36.26
C GLN JA 443 -77.71 70.10 37.73
N TYR JA 444 -76.48 69.71 38.08
CA TYR JA 444 -76.00 70.00 39.41
C TYR JA 444 -75.48 71.43 39.53
N LEU JA 445 -75.28 72.11 38.41
CA LEU JA 445 -74.87 73.50 38.42
C LEU JA 445 -76.10 74.40 38.63
N TYR JA 446 -75.88 75.51 39.30
CA TYR JA 446 -76.91 76.49 39.54
C TYR JA 446 -76.71 77.70 38.64
N TYR JA 447 -77.80 78.40 38.37
CA TYR JA 447 -77.75 79.68 37.67
C TYR JA 447 -78.51 80.70 38.50
N LEU JA 448 -78.12 81.96 38.37
CA LEU JA 448 -78.85 83.04 39.01
C LEU JA 448 -80.24 83.13 38.41
N SER JA 449 -81.26 82.74 39.18
CA SER JA 449 -82.61 82.67 38.67
C SER JA 449 -83.45 83.88 39.02
N ARG JA 450 -83.17 84.55 40.13
CA ARG JA 450 -83.89 85.77 40.48
C ARG JA 450 -82.96 86.74 41.20
N THR JA 451 -83.18 88.03 40.94
CA THR JA 451 -82.46 89.07 41.65
C THR JA 451 -83.38 89.93 42.50
N GLN JA 452 -84.66 89.62 42.55
CA GLN JA 452 -85.64 90.41 43.28
C GLN JA 452 -86.64 89.47 43.94
N THR JA 453 -87.03 89.79 45.17
CA THR JA 453 -87.96 88.96 45.92
C THR JA 453 -89.36 88.96 45.28
N ASN JA 459 -91.05 94.73 46.51
CA ASN JA 459 -90.03 93.71 46.46
C ASN JA 459 -88.64 94.31 46.58
N THR JA 460 -87.72 93.56 47.16
CA THR JA 460 -86.37 94.01 47.43
C THR JA 460 -85.37 93.14 46.69
N GLN JA 461 -84.12 93.58 46.69
CA GLN JA 461 -83.05 92.83 46.06
C GLN JA 461 -82.79 91.53 46.80
N THR JA 462 -82.46 90.48 46.05
CA THR JA 462 -82.11 89.19 46.61
C THR JA 462 -81.27 88.46 45.57
N LEU JA 463 -80.78 87.28 45.95
CA LEU JA 463 -80.06 86.41 45.03
C LEU JA 463 -80.67 85.02 45.17
N GLY JA 464 -81.46 84.63 44.17
CA GLY JA 464 -82.04 83.30 44.11
C GLY JA 464 -81.36 82.50 43.01
N PHE JA 465 -81.02 81.27 43.34
CA PHE JA 465 -80.31 80.38 42.42
C PHE JA 465 -81.12 79.12 42.22
N SER JA 466 -81.22 78.68 40.98
CA SER JA 466 -81.96 77.48 40.63
C SER JA 466 -81.06 76.57 39.82
N GLN JA 467 -81.40 75.29 39.82
CA GLN JA 467 -80.70 74.31 39.00
C GLN JA 467 -81.37 74.22 37.64
N GLY JA 468 -80.58 74.31 36.59
CA GLY JA 468 -81.09 74.12 35.25
C GLY JA 468 -81.66 72.74 35.08
N GLY JA 469 -82.86 72.65 34.51
CA GLY JA 469 -83.52 71.38 34.35
C GLY JA 469 -84.25 71.28 33.03
N PRO JA 470 -85.11 70.27 32.92
CA PRO JA 470 -85.85 70.06 31.66
C PRO JA 470 -86.71 71.25 31.26
N ASN JA 471 -87.19 72.03 32.21
CA ASN JA 471 -88.08 73.15 31.90
C ASN JA 471 -87.33 74.45 31.70
N THR JA 472 -86.26 74.69 32.45
CA THR JA 472 -85.43 75.87 32.29
C THR JA 472 -84.22 75.56 31.41
N MET JA 473 -84.52 75.08 30.21
CA MET JA 473 -83.47 74.58 29.33
C MET JA 473 -82.65 75.71 28.73
N ALA JA 474 -83.25 76.90 28.59
CA ALA JA 474 -82.49 78.06 28.14
C ALA JA 474 -81.49 78.55 29.17
N ASN JA 475 -81.71 78.24 30.45
CA ASN JA 475 -80.84 78.70 31.51
C ASN JA 475 -79.71 77.72 31.83
N GLN JA 476 -79.74 76.52 31.26
CA GLN JA 476 -78.78 75.50 31.63
C GLN JA 476 -77.36 75.90 31.24
N ALA JA 477 -76.40 75.50 32.08
CA ALA JA 477 -75.01 75.65 31.71
C ALA JA 477 -74.70 74.79 30.50
N LYS JA 478 -73.95 75.36 29.56
CA LYS JA 478 -73.64 74.69 28.31
C LYS JA 478 -72.17 74.84 27.99
N ASN JA 479 -71.65 73.90 27.21
CA ASN JA 479 -70.23 73.85 26.92
C ASN JA 479 -69.84 74.58 25.65
N TRP JA 480 -70.79 74.92 24.78
CA TRP JA 480 -70.46 75.37 23.44
C TRP JA 480 -71.30 76.57 23.06
N LEU JA 481 -70.81 77.33 22.10
CA LEU JA 481 -71.47 78.51 21.58
C LEU JA 481 -71.71 78.36 20.10
N PRO JA 482 -72.75 78.99 19.56
CA PRO JA 482 -72.97 78.96 18.11
C PRO JA 482 -71.85 79.68 17.38
N GLY JA 483 -71.67 79.28 16.12
CA GLY JA 483 -70.62 79.84 15.30
C GLY JA 483 -70.71 81.35 15.15
N PRO JA 484 -69.71 81.92 14.51
CA PRO JA 484 -69.63 83.38 14.43
C PRO JA 484 -70.72 83.97 13.55
N CYS JA 485 -71.00 85.25 13.77
CA CYS JA 485 -72.08 85.95 13.12
C CYS JA 485 -71.58 87.23 12.48
N TYR JA 486 -72.08 87.51 11.27
CA TYR JA 486 -71.85 88.78 10.58
C TYR JA 486 -73.19 89.17 9.96
N ARG JA 487 -74.01 89.88 10.72
CA ARG JA 487 -75.44 89.97 10.45
C ARG JA 487 -75.74 90.56 9.09
N GLN JA 488 -76.66 89.92 8.38
CA GLN JA 488 -77.11 90.38 7.08
C GLN JA 488 -78.54 90.91 7.18
N GLN JA 489 -78.89 91.81 6.27
CA GLN JA 489 -80.25 92.31 6.21
C GLN JA 489 -81.19 91.22 5.71
N ARG JA 490 -82.39 91.18 6.28
CA ARG JA 490 -83.37 90.18 5.91
C ARG JA 490 -84.23 90.69 4.76
N VAL JA 491 -84.39 89.85 3.74
CA VAL JA 491 -85.22 90.15 2.59
C VAL JA 491 -86.26 89.05 2.47
N SER JA 492 -87.50 89.43 2.24
CA SER JA 492 -88.60 88.49 2.06
C SER JA 492 -88.85 88.25 0.58
N THR JA 493 -89.00 86.98 0.21
CA THR JA 493 -89.40 86.67 -1.16
C THR JA 493 -90.82 87.15 -1.45
N THR JA 494 -91.63 87.34 -0.42
CA THR JA 494 -92.90 88.05 -0.55
C THR JA 494 -92.58 89.54 -0.53
N THR JA 495 -92.54 90.15 -1.72
CA THR JA 495 -91.99 91.50 -1.85
C THR JA 495 -92.80 92.52 -1.05
N GLY JA 496 -94.09 92.29 -0.87
CA GLY JA 496 -94.90 93.22 -0.10
C GLY JA 496 -94.46 93.36 1.33
N GLN JA 497 -93.76 92.37 1.88
CA GLN JA 497 -93.23 92.44 3.23
C GLN JA 497 -91.91 93.20 3.32
N ASN JA 498 -91.32 93.57 2.19
CA ASN JA 498 -90.06 94.28 2.19
C ASN JA 498 -90.29 95.79 2.24
N ASN JA 499 -89.28 96.50 2.72
CA ASN JA 499 -89.32 97.96 2.72
C ASN JA 499 -89.37 98.47 1.29
N ASN JA 500 -90.18 99.49 1.06
CA ASN JA 500 -90.32 100.08 -0.27
C ASN JA 500 -89.17 101.04 -0.52
N SER JA 501 -87.99 100.46 -0.75
CA SER JA 501 -86.79 101.21 -1.07
C SER JA 501 -85.81 100.27 -1.76
N ASN JA 502 -84.83 100.87 -2.42
CA ASN JA 502 -83.78 100.11 -3.09
C ASN JA 502 -82.60 100.01 -2.12
N PHE JA 503 -82.57 98.94 -1.34
CA PHE JA 503 -81.58 98.78 -0.28
C PHE JA 503 -80.66 97.60 -0.49
N ALA JA 504 -80.61 97.04 -1.69
CA ALA JA 504 -79.74 95.88 -1.92
C ALA JA 504 -78.28 96.21 -1.65
N TRP JA 505 -77.84 97.40 -2.07
CA TRP JA 505 -76.48 97.84 -1.83
C TRP JA 505 -76.36 98.69 -0.56
N THR JA 506 -77.27 99.65 -0.36
CA THR JA 506 -77.15 100.54 0.79
C THR JA 506 -77.27 99.79 2.10
N ALA JA 507 -78.19 98.83 2.18
CA ALA JA 507 -78.33 98.00 3.35
C ALA JA 507 -77.55 96.70 3.24
N GLY JA 508 -76.76 96.53 2.19
CA GLY JA 508 -75.99 95.31 2.03
C GLY JA 508 -74.95 95.17 3.12
N THR JA 509 -74.68 93.92 3.49
CA THR JA 509 -73.65 93.61 4.45
C THR JA 509 -72.31 93.57 3.75
N LYS JA 510 -71.40 94.44 4.16
CA LYS JA 510 -70.20 94.70 3.39
C LYS JA 510 -68.97 94.60 4.28
N TYR JA 511 -67.83 94.38 3.64
CA TYR JA 511 -66.54 94.60 4.27
C TYR JA 511 -65.82 95.75 3.57
N HIS JA 512 -64.90 96.35 4.30
CA HIS JA 512 -64.17 97.52 3.84
C HIS JA 512 -62.70 97.14 3.67
N LEU JA 513 -62.17 97.37 2.48
CA LEU JA 513 -60.78 97.02 2.18
C LEU JA 513 -60.17 98.10 1.33
N ASN JA 514 -59.16 98.78 1.85
CA ASN JA 514 -58.43 99.83 1.14
C ASN JA 514 -59.38 100.88 0.57
N GLY JA 515 -60.28 101.36 1.42
CA GLY JA 515 -61.24 102.36 1.01
C GLY JA 515 -62.26 101.89 0.00
N ARG JA 516 -62.36 100.59 -0.24
CA ARG JA 516 -63.30 100.03 -1.19
C ARG JA 516 -64.30 99.18 -0.43
N ASN JA 517 -65.57 99.35 -0.73
CA ASN JA 517 -66.62 98.56 -0.12
C ASN JA 517 -67.00 97.41 -1.03
N SER JA 518 -67.02 96.21 -0.48
CA SER JA 518 -67.42 95.02 -1.22
C SER JA 518 -68.43 94.26 -0.37
N LEU JA 519 -69.45 93.71 -1.02
CA LEU JA 519 -70.42 92.90 -0.31
C LEU JA 519 -69.74 91.71 0.33
N ALA JA 520 -70.13 91.41 1.57
CA ALA JA 520 -69.74 90.16 2.22
C ALA JA 520 -70.67 89.08 1.68
N ASN JA 521 -70.40 88.66 0.46
CA ASN JA 521 -71.32 87.86 -0.34
C ASN JA 521 -70.64 86.57 -0.75
N PRO JA 522 -71.12 85.40 -0.30
CA PRO JA 522 -72.27 85.27 0.60
C PRO JA 522 -71.91 85.43 2.06
N GLY JA 523 -70.66 85.73 2.35
CA GLY JA 523 -70.23 85.89 3.72
C GLY JA 523 -70.05 84.57 4.43
N ILE JA 524 -69.91 84.67 5.75
CA ILE JA 524 -69.68 83.47 6.56
C ILE JA 524 -70.92 82.60 6.58
N ALA JA 525 -70.71 81.31 6.81
CA ALA JA 525 -71.79 80.35 6.79
C ALA JA 525 -72.73 80.60 7.98
N MET JA 526 -73.92 81.10 7.69
CA MET JA 526 -74.96 81.26 8.69
C MET JA 526 -76.25 80.70 8.15
N ALA JA 527 -77.12 80.27 9.06
CA ALA JA 527 -78.42 79.75 8.66
C ALA JA 527 -79.20 80.81 7.91
N THR JA 528 -79.79 80.43 6.77
CA THR JA 528 -80.50 81.38 5.93
C THR JA 528 -81.67 81.99 6.67
N HIS JA 529 -82.40 81.19 7.45
CA HIS JA 529 -83.56 81.66 8.16
C HIS JA 529 -83.79 80.71 9.34
N LYS JA 530 -84.64 81.13 10.26
CA LYS JA 530 -85.00 80.28 11.38
C LYS JA 530 -86.23 79.46 11.01
N ASP JA 531 -86.82 78.78 11.99
CA ASP JA 531 -87.96 77.92 11.75
C ASP JA 531 -89.14 78.71 11.18
N ASP JA 532 -89.79 78.14 10.17
CA ASP JA 532 -91.02 78.67 9.59
C ASP JA 532 -90.82 80.06 8.98
N GLU JA 533 -89.63 80.33 8.48
CA GLU JA 533 -89.33 81.61 7.84
C GLU JA 533 -88.60 81.39 6.52
N GLU JA 534 -89.05 80.41 5.74
CA GLU JA 534 -88.38 80.08 4.50
C GLU JA 534 -88.41 81.23 3.50
N ARG JA 535 -89.41 82.10 3.60
CA ARG JA 535 -89.52 83.24 2.70
C ARG JA 535 -88.44 84.27 2.91
N PHE JA 536 -87.72 84.23 4.03
CA PHE JA 536 -86.69 85.20 4.35
C PHE JA 536 -85.32 84.68 3.96
N PHE JA 537 -84.49 85.55 3.42
CA PHE JA 537 -83.11 85.22 3.12
C PHE JA 537 -82.23 86.44 3.40
N PRO JA 538 -80.98 86.22 3.79
CA PRO JA 538 -80.04 87.34 3.89
C PRO JA 538 -79.83 87.98 2.52
N SER JA 539 -79.71 89.31 2.52
CA SER JA 539 -79.72 90.05 1.27
C SER JA 539 -78.57 89.64 0.36
N ASN JA 540 -77.37 89.45 0.92
CA ASN JA 540 -76.24 88.93 0.17
C ASN JA 540 -75.55 87.85 0.96
N GLY JA 541 -76.32 86.92 1.51
CA GLY JA 541 -75.79 85.89 2.35
C GLY JA 541 -76.06 84.47 1.90
N ILE JA 542 -76.52 84.30 0.67
CA ILE JA 542 -76.79 82.98 0.11
C ILE JA 542 -76.27 82.93 -1.31
N LEU JA 543 -75.99 81.71 -1.77
CA LEU JA 543 -75.71 81.48 -3.17
C LEU JA 543 -77.01 81.52 -3.95
N ILE JA 544 -77.04 82.30 -5.03
CA ILE JA 544 -78.21 82.41 -5.88
C ILE JA 544 -77.80 81.95 -7.27
N PHE JA 545 -78.40 80.85 -7.71
CA PHE JA 545 -78.17 80.34 -9.06
C PHE JA 545 -79.29 80.79 -9.96
N GLY JA 546 -78.95 81.02 -11.23
CA GLY JA 546 -79.94 81.39 -12.21
C GLY JA 546 -80.55 80.15 -12.87
N LYS JA 547 -81.85 80.22 -13.11
CA LYS JA 547 -82.48 79.20 -13.93
C LYS JA 547 -82.00 79.35 -15.38
N GLN JA 548 -82.27 78.33 -16.18
CA GLN JA 548 -81.86 78.38 -17.57
C GLN JA 548 -82.49 79.58 -18.26
N ASN JA 549 -81.68 80.30 -19.04
CA ASN JA 549 -82.10 81.49 -19.78
C ASN JA 549 -82.49 82.63 -18.84
N ALA JA 550 -81.98 82.64 -17.62
CA ALA JA 550 -82.17 83.79 -16.75
C ALA JA 550 -81.35 84.97 -17.25
N ALA JA 551 -81.91 86.17 -17.14
CA ALA JA 551 -81.22 87.36 -17.59
C ALA JA 551 -79.97 87.62 -16.76
N ARG JA 552 -78.94 88.15 -17.41
CA ARG JA 552 -77.72 88.52 -16.70
C ARG JA 552 -77.98 89.61 -15.66
N ASP JA 553 -78.77 90.62 -16.02
CA ASP JA 553 -79.05 91.73 -15.15
C ASP JA 553 -80.54 91.79 -14.82
N ASN JA 554 -80.86 92.03 -13.55
CA ASN JA 554 -82.23 92.23 -13.09
C ASN JA 554 -83.13 91.06 -13.48
N ALA JA 555 -82.65 89.85 -13.22
CA ALA JA 555 -83.50 88.68 -13.35
C ALA JA 555 -84.53 88.69 -12.22
N ASP JA 556 -85.76 88.31 -12.57
CA ASP JA 556 -86.81 88.27 -11.57
C ASP JA 556 -86.57 87.10 -10.61
N TYR JA 557 -87.24 87.16 -9.46
CA TYR JA 557 -87.11 86.09 -8.47
C TYR JA 557 -87.50 84.74 -9.05
N SER JA 558 -88.45 84.72 -9.99
CA SER JA 558 -88.84 83.47 -10.61
C SER JA 558 -87.77 82.92 -11.55
N ASP JA 559 -86.81 83.73 -11.96
CA ASP JA 559 -85.75 83.30 -12.85
C ASP JA 559 -84.49 82.85 -12.12
N VAL JA 560 -84.47 82.93 -10.80
CA VAL JA 560 -83.29 82.57 -10.03
C VAL JA 560 -83.66 81.47 -9.04
N MET JA 561 -82.63 80.80 -8.53
CA MET JA 561 -82.79 79.68 -7.61
C MET JA 561 -82.05 80.04 -6.34
N LEU JA 562 -82.80 80.40 -5.29
CA LEU JA 562 -82.19 80.73 -4.01
C LEU JA 562 -81.80 79.45 -3.29
N THR JA 563 -80.57 79.39 -2.81
CA THR JA 563 -80.19 78.32 -1.92
C THR JA 563 -80.60 78.65 -0.49
N SER JA 564 -80.60 77.64 0.36
CA SER JA 564 -80.94 77.82 1.76
C SER JA 564 -79.98 77.01 2.62
N GLU JA 565 -79.38 77.68 3.60
CA GLU JA 565 -78.51 77.03 4.57
C GLU JA 565 -79.24 76.78 5.89
N GLU JA 566 -80.53 76.47 5.82
CA GLU JA 566 -81.30 76.24 7.04
C GLU JA 566 -80.84 75.00 7.79
N GLU JA 567 -80.12 74.09 7.14
CA GLU JA 567 -79.67 72.88 7.82
C GLU JA 567 -78.69 73.20 8.94
N ILE JA 568 -78.01 74.34 8.88
CA ILE JA 568 -77.03 74.70 9.90
C ILE JA 568 -77.63 75.59 10.99
N LYS JA 569 -78.96 75.68 11.06
CA LYS JA 569 -79.61 76.35 12.17
C LYS JA 569 -79.18 75.76 13.51
N THR JA 570 -78.87 74.46 13.51
CA THR JA 570 -78.56 73.77 14.75
C THR JA 570 -77.26 74.25 15.38
N THR JA 571 -76.37 74.78 14.59
CA THR JA 571 -75.07 75.18 15.08
C THR JA 571 -74.72 76.63 14.72
N ASN JA 572 -75.12 77.08 13.55
CA ASN JA 572 -74.77 78.44 13.13
C ASN JA 572 -75.93 79.38 13.43
N PRO JA 573 -75.64 80.62 13.84
CA PRO JA 573 -76.70 81.60 14.04
C PRO JA 573 -77.37 81.95 12.71
N VAL JA 574 -78.63 82.36 12.81
CA VAL JA 574 -79.37 82.78 11.63
C VAL JA 574 -78.73 84.03 11.06
N ALA JA 575 -78.57 84.07 9.73
CA ALA JA 575 -77.82 85.13 9.08
C ALA JA 575 -78.43 86.50 9.32
N THR JA 576 -79.75 86.57 9.49
CA THR JA 576 -80.45 87.83 9.61
C THR JA 576 -80.78 88.18 11.05
N GLU JA 577 -80.30 87.42 12.02
CA GLU JA 577 -80.57 87.66 13.41
C GLU JA 577 -79.27 88.02 14.12
N GLU JA 578 -79.41 88.63 15.29
CA GLU JA 578 -78.25 88.93 16.11
C GLU JA 578 -77.64 87.66 16.68
N TYR JA 579 -76.33 87.71 16.94
CA TYR JA 579 -75.67 86.57 17.55
C TYR JA 579 -76.19 86.32 18.96
N GLY JA 580 -76.38 87.39 19.72
CA GLY JA 580 -76.79 87.23 21.10
C GLY JA 580 -76.85 88.58 21.78
N ILE JA 581 -76.83 88.54 23.10
CA ILE JA 581 -76.98 89.71 23.94
C ILE JA 581 -75.83 89.76 24.92
N VAL JA 582 -75.22 90.94 25.05
CA VAL JA 582 -74.17 91.16 26.05
C VAL JA 582 -74.56 92.35 26.91
N ALA JA 583 -73.95 92.40 28.10
CA ALA JA 583 -74.15 93.55 28.96
C ALA JA 583 -73.47 94.78 28.38
N ASP JA 584 -74.13 95.93 28.51
CA ASP JA 584 -73.59 97.18 27.99
C ASP JA 584 -73.13 98.13 29.09
N ASN JA 585 -73.36 97.80 30.36
CA ASN JA 585 -73.01 98.68 31.45
C ASN JA 585 -72.80 97.85 32.71
N LEU JA 586 -72.62 98.53 33.83
CA LEU JA 586 -72.54 97.91 35.15
C LEU JA 586 -73.77 98.34 35.93
N GLN JA 587 -74.68 97.40 36.18
CA GLN JA 587 -75.87 97.73 36.93
C GLN JA 587 -75.53 98.03 38.38
N GLN JA 588 -76.21 99.03 38.94
CA GLN JA 588 -76.12 99.36 40.35
C GLN JA 588 -77.54 99.54 40.87
N GLN JA 589 -77.66 99.84 42.16
CA GLN JA 589 -78.98 100.09 42.72
C GLN JA 589 -79.65 101.30 42.10
N ASN JA 590 -78.88 102.18 41.45
CA ASN JA 590 -79.45 103.35 40.80
C ASN JA 590 -79.45 103.26 39.27
N THR JA 591 -78.70 102.34 38.68
CA THR JA 591 -78.64 102.20 37.23
C THR JA 591 -79.14 100.81 36.85
N ALA JA 592 -80.22 100.76 36.08
CA ALA JA 592 -80.73 99.49 35.61
C ALA JA 592 -79.78 98.87 34.61
N PRO JA 593 -79.66 97.54 34.59
CA PRO JA 593 -78.77 96.89 33.63
C PRO JA 593 -79.20 97.17 32.20
N GLN JA 594 -78.22 97.39 31.33
CA GLN JA 594 -78.45 97.63 29.92
C GLN JA 594 -77.82 96.50 29.11
N ILE JA 595 -78.47 96.15 28.02
CA ILE JA 595 -78.01 95.04 27.18
C ILE JA 595 -77.66 95.57 25.80
N GLY JA 596 -76.64 94.96 25.22
CA GLY JA 596 -76.21 95.29 23.87
C GLY JA 596 -76.49 94.10 22.94
N THR JA 597 -76.98 94.42 21.75
CA THR JA 597 -77.28 93.41 20.75
C THR JA 597 -76.04 93.16 19.90
N VAL JA 598 -75.57 91.91 19.89
CA VAL JA 598 -74.36 91.56 19.16
C VAL JA 598 -74.77 91.21 17.73
N ASN JA 599 -74.51 92.13 16.80
CA ASN JA 599 -74.79 91.91 15.40
C ASN JA 599 -73.60 91.39 14.62
N SER JA 600 -72.42 91.35 15.23
CA SER JA 600 -71.23 90.81 14.60
C SER JA 600 -70.39 90.19 15.69
N GLN JA 601 -70.12 88.89 15.58
CA GLN JA 601 -69.37 88.17 16.60
C GLN JA 601 -68.26 87.38 15.94
N GLY JA 602 -67.03 87.71 16.26
CA GLY JA 602 -65.89 86.93 15.83
C GLY JA 602 -65.74 85.68 16.65
N ALA JA 603 -64.68 84.94 16.35
CA ALA JA 603 -64.47 83.64 16.98
C ALA JA 603 -64.34 83.78 18.49
N LEU JA 604 -65.09 82.95 19.21
CA LEU JA 604 -64.98 82.82 20.65
C LEU JA 604 -64.62 81.39 20.99
N PRO JA 605 -63.89 81.16 22.08
CA PRO JA 605 -63.59 79.78 22.49
C PRO JA 605 -64.87 79.03 22.79
N GLY JA 606 -64.88 77.76 22.44
CA GLY JA 606 -66.06 76.94 22.59
C GLY JA 606 -67.07 77.10 21.47
N MET JA 607 -66.79 77.92 20.48
CA MET JA 607 -67.72 78.12 19.38
C MET JA 607 -67.55 76.99 18.37
N VAL JA 608 -68.67 76.51 17.86
CA VAL JA 608 -68.69 75.49 16.82
C VAL JA 608 -69.61 75.96 15.71
N TRP JA 609 -69.32 75.55 14.48
CA TRP JA 609 -70.13 75.98 13.35
C TRP JA 609 -69.97 74.99 12.21
N GLN JA 610 -70.89 75.08 11.26
CA GLN JA 610 -70.83 74.32 10.03
C GLN JA 610 -70.45 75.26 8.88
N ASN JA 611 -69.80 74.70 7.87
CA ASN JA 611 -69.53 75.46 6.67
C ASN JA 611 -70.77 75.55 5.80
N ARG JA 612 -70.70 76.42 4.80
CA ARG JA 612 -71.76 76.49 3.81
C ARG JA 612 -71.85 75.18 3.04
N ASP JA 613 -73.06 74.80 2.67
CA ASP JA 613 -73.26 73.60 1.87
C ASP JA 613 -72.67 73.79 0.48
N VAL JA 614 -72.29 72.68 -0.14
CA VAL JA 614 -71.94 72.69 -1.55
C VAL JA 614 -73.17 72.28 -2.34
N TYR JA 615 -73.18 72.65 -3.61
CA TYR JA 615 -74.32 72.41 -4.48
C TYR JA 615 -73.84 71.78 -5.77
N LEU JA 616 -74.75 71.05 -6.42
CA LEU JA 616 -74.44 70.45 -7.70
C LEU JA 616 -73.99 71.50 -8.70
N GLN JA 617 -74.62 72.67 -8.67
CA GLN JA 617 -74.25 73.78 -9.53
C GLN JA 617 -73.16 74.66 -8.93
N GLY JA 618 -72.77 74.42 -7.69
CA GLY JA 618 -71.86 75.31 -6.99
C GLY JA 618 -70.40 75.00 -7.22
N PRO JA 619 -69.53 75.85 -6.70
CA PRO JA 619 -68.09 75.62 -6.83
C PRO JA 619 -67.61 74.45 -5.99
N ILE JA 620 -66.50 73.87 -6.41
CA ILE JA 620 -65.88 72.75 -5.70
C ILE JA 620 -64.78 73.21 -4.77
N TRP JA 621 -63.84 74.00 -5.27
CA TRP JA 621 -62.68 74.39 -4.50
C TRP JA 621 -62.38 75.87 -4.72
N ALA JA 622 -61.61 76.43 -3.80
CA ALA JA 622 -61.01 77.74 -3.97
C ALA JA 622 -59.57 77.66 -3.49
N LYS JA 623 -58.73 78.50 -4.08
CA LYS JA 623 -57.37 78.62 -3.61
C LYS JA 623 -57.35 79.45 -2.33
N ILE JA 624 -56.77 78.90 -1.27
CA ILE JA 624 -56.56 79.67 -0.05
C ILE JA 624 -55.51 80.71 -0.37
N PRO JA 625 -55.79 82.00 -0.17
CA PRO JA 625 -54.78 83.02 -0.46
C PRO JA 625 -53.53 82.79 0.36
N HIS JA 626 -52.39 83.03 -0.28
CA HIS JA 626 -51.10 82.85 0.39
C HIS JA 626 -50.88 84.04 1.32
N THR JA 627 -51.24 83.87 2.59
CA THR JA 627 -51.12 84.92 3.58
C THR JA 627 -50.46 84.36 4.83
N ASP JA 628 -50.03 85.28 5.70
CA ASP JA 628 -49.45 84.88 6.98
C ASP JA 628 -50.47 84.15 7.84
N GLY JA 629 -51.69 84.64 7.88
CA GLY JA 629 -52.69 84.05 8.73
C GLY JA 629 -54.02 83.94 8.01
N ASN JA 630 -54.74 82.88 8.34
CA ASN JA 630 -56.13 82.72 7.95
C ASN JA 630 -56.85 82.05 9.11
N PHE JA 631 -58.15 82.26 9.16
CA PHE JA 631 -58.99 81.60 10.15
C PHE JA 631 -60.00 80.74 9.43
N HIS JA 632 -59.96 79.43 9.71
CA HIS JA 632 -60.85 78.44 9.10
C HIS JA 632 -60.91 78.66 7.60
N PRO JA 633 -59.85 78.36 6.87
CA PRO JA 633 -59.80 78.72 5.45
C PRO JA 633 -60.71 77.87 4.58
N SER JA 634 -61.96 77.82 4.92
CA SER JA 634 -62.97 77.20 4.07
C SER JA 634 -63.61 78.27 3.20
N PRO JA 635 -63.64 78.08 1.88
CA PRO JA 635 -64.15 79.13 0.99
C PRO JA 635 -65.58 79.50 1.33
N LEU JA 636 -65.88 80.79 1.27
CA LEU JA 636 -67.17 81.26 1.78
C LEU JA 636 -68.32 80.89 0.85
N MET JA 637 -68.12 80.84 -0.46
CA MET JA 637 -69.16 80.33 -1.32
C MET JA 637 -69.24 78.82 -1.33
N GLY JA 638 -68.54 78.16 -0.41
CA GLY JA 638 -68.64 76.73 -0.25
C GLY JA 638 -67.55 75.99 -0.99
N GLY JA 639 -67.27 74.80 -0.51
CA GLY JA 639 -66.31 73.93 -1.15
C GLY JA 639 -65.07 73.71 -0.30
N PHE JA 640 -64.01 73.29 -0.98
CA PHE JA 640 -62.78 72.88 -0.32
C PHE JA 640 -61.73 73.97 -0.50
N GLY JA 641 -61.19 74.45 0.61
CA GLY JA 641 -60.09 75.39 0.56
C GLY JA 641 -58.79 74.66 0.38
N LEU JA 642 -58.05 74.98 -0.68
CA LEU JA 642 -56.80 74.29 -0.98
C LEU JA 642 -55.66 75.29 -1.06
N LYS JA 643 -54.58 75.01 -0.36
CA LYS JA 643 -53.37 75.81 -0.52
C LYS JA 643 -52.82 75.66 -1.93
N HIS JA 644 -52.87 74.44 -2.48
CA HIS JA 644 -52.40 74.14 -3.82
C HIS JA 644 -53.56 73.49 -4.58
N PRO JA 645 -54.46 74.30 -5.12
CA PRO JA 645 -55.63 73.77 -5.79
C PRO JA 645 -55.25 73.16 -7.13
N PRO JA 646 -56.19 72.55 -7.84
CA PRO JA 646 -55.92 72.13 -9.21
C PRO JA 646 -55.38 73.30 -10.02
N PRO JA 647 -54.26 73.11 -10.70
CA PRO JA 647 -53.62 74.24 -11.37
C PRO JA 647 -54.47 74.76 -12.51
N GLN JA 648 -54.35 76.06 -12.77
CA GLN JA 648 -54.98 76.65 -13.94
C GLN JA 648 -54.40 76.03 -15.20
N ILE JA 649 -55.27 75.66 -16.12
CA ILE JA 649 -54.86 75.09 -17.41
C ILE JA 649 -55.11 76.16 -18.45
N LEU JA 650 -54.04 76.74 -18.97
CA LEU JA 650 -54.12 77.84 -19.91
C LEU JA 650 -53.95 77.29 -21.32
N ILE JA 651 -54.80 77.74 -22.24
CA ILE JA 651 -54.81 77.26 -23.60
C ILE JA 651 -54.92 78.46 -24.54
N LYS JA 652 -54.18 78.41 -25.64
CA LYS JA 652 -54.18 79.50 -26.60
C LYS JA 652 -53.95 78.95 -27.99
N ASN JA 653 -54.62 79.51 -28.98
CA ASN JA 653 -54.27 79.26 -30.37
C ASN JA 653 -52.98 79.99 -30.68
N THR JA 654 -52.00 79.25 -31.16
CA THR JA 654 -50.74 79.87 -31.56
C THR JA 654 -51.00 80.81 -32.73
N PRO JA 655 -50.59 82.07 -32.65
CA PRO JA 655 -50.83 82.98 -33.77
C PRO JA 655 -50.15 82.50 -35.03
N VAL JA 656 -50.89 82.54 -36.13
CA VAL JA 656 -50.36 82.20 -37.45
C VAL JA 656 -50.39 83.47 -38.29
N PRO JA 657 -49.24 84.10 -38.55
CA PRO JA 657 -49.25 85.34 -39.32
C PRO JA 657 -49.81 85.13 -40.72
N ALA JA 658 -50.50 86.14 -41.21
CA ALA JA 658 -50.78 86.22 -42.64
C ALA JA 658 -49.49 86.53 -43.38
N ASP JA 659 -49.58 86.68 -44.69
CA ASP JA 659 -48.38 86.88 -45.47
C ASP JA 659 -47.69 88.19 -45.06
N PRO JA 660 -46.45 88.14 -44.60
CA PRO JA 660 -45.74 89.37 -44.26
C PRO JA 660 -45.34 90.12 -45.51
N PRO JA 661 -44.99 91.40 -45.39
CA PRO JA 661 -44.50 92.13 -46.56
C PRO JA 661 -43.18 91.54 -47.04
N THR JA 662 -42.87 91.78 -48.31
CA THR JA 662 -41.65 91.27 -48.90
C THR JA 662 -40.44 92.14 -48.60
N THR JA 663 -40.63 93.29 -47.95
CA THR JA 663 -39.54 94.10 -47.46
C THR JA 663 -39.62 94.13 -45.93
N PHE JA 664 -38.46 94.07 -45.29
CA PHE JA 664 -38.44 93.90 -43.85
C PHE JA 664 -39.07 95.09 -43.13
N ASN JA 665 -39.89 94.79 -42.14
CA ASN JA 665 -40.47 95.79 -41.25
C ASN JA 665 -40.26 95.31 -39.82
N GLN JA 666 -39.68 96.17 -38.99
CA GLN JA 666 -39.38 95.80 -37.61
C GLN JA 666 -40.63 95.71 -36.75
N SER JA 667 -41.74 96.32 -37.18
CA SER JA 667 -42.94 96.36 -36.38
C SER JA 667 -43.49 94.96 -36.18
N LYS JA 668 -44.07 94.72 -35.00
CA LYS JA 668 -44.70 93.44 -34.73
C LYS JA 668 -45.82 93.19 -35.73
N LEU JA 669 -45.97 91.93 -36.13
CA LEU JA 669 -47.01 91.58 -37.09
C LEU JA 669 -48.37 91.67 -36.44
N ASN JA 670 -49.31 92.33 -37.12
CA ASN JA 670 -50.67 92.43 -36.64
C ASN JA 670 -51.66 91.78 -37.60
N SER JA 671 -51.20 91.26 -38.72
CA SER JA 671 -52.06 90.57 -39.69
C SER JA 671 -51.92 89.07 -39.45
N PHE JA 672 -52.99 88.46 -38.95
CA PHE JA 672 -52.97 87.06 -38.60
C PHE JA 672 -54.08 86.32 -39.33
N ILE JA 673 -53.83 85.04 -39.60
CA ILE JA 673 -54.85 84.17 -40.15
C ILE JA 673 -55.92 83.95 -39.09
N THR JA 674 -57.18 84.21 -39.46
CA THR JA 674 -58.27 84.01 -38.51
C THR JA 674 -58.42 82.53 -38.22
N GLN JA 675 -58.48 82.19 -36.93
CA GLN JA 675 -58.25 80.82 -36.54
C GLN JA 675 -58.96 80.55 -35.23
N TYR JA 676 -59.46 79.33 -35.09
CA TYR JA 676 -60.00 78.85 -33.83
C TYR JA 676 -59.70 77.36 -33.73
N SER JA 677 -59.73 76.86 -32.51
CA SER JA 677 -59.48 75.45 -32.28
C SER JA 677 -60.67 74.83 -31.55
N THR JA 678 -60.85 73.54 -31.78
CA THR JA 678 -61.84 72.76 -31.07
C THR JA 678 -61.21 71.44 -30.70
N GLY JA 679 -61.76 70.80 -29.68
CA GLY JA 679 -61.24 69.52 -29.26
C GLY JA 679 -62.09 68.97 -28.15
N GLN JA 680 -61.60 67.89 -27.55
CA GLN JA 680 -62.26 67.28 -26.42
C GLN JA 680 -61.41 67.45 -25.18
N VAL JA 681 -62.06 67.66 -24.05
CA VAL JA 681 -61.39 67.77 -22.76
C VAL JA 681 -61.98 66.72 -21.84
N SER JA 682 -61.12 65.97 -21.18
CA SER JA 682 -61.54 64.97 -20.20
C SER JA 682 -60.97 65.35 -18.85
N VAL JA 683 -61.81 65.35 -17.84
CA VAL JA 683 -61.37 65.53 -16.47
C VAL JA 683 -61.92 64.38 -15.64
N GLU JA 684 -61.03 63.68 -14.95
CA GLU JA 684 -61.41 62.58 -14.08
C GLU JA 684 -61.02 62.95 -12.66
N ILE JA 685 -62.00 62.93 -11.76
CA ILE JA 685 -61.74 63.22 -10.35
C ILE JA 685 -62.14 61.99 -9.54
N GLU JA 686 -61.24 61.55 -8.69
CA GLU JA 686 -61.54 60.52 -7.71
C GLU JA 686 -61.91 61.19 -6.40
N TRP JA 687 -63.09 60.85 -5.88
CA TRP JA 687 -63.59 61.39 -4.63
C TRP JA 687 -63.60 60.29 -3.58
N GLU JA 688 -63.16 60.64 -2.38
CA GLU JA 688 -63.28 59.75 -1.23
C GLU JA 688 -64.60 60.03 -0.54
N LEU JA 689 -65.28 58.97 -0.12
CA LEU JA 689 -66.58 59.08 0.51
C LEU JA 689 -66.49 58.76 1.99
N GLN JA 690 -67.25 59.48 2.79
CA GLN JA 690 -67.48 59.15 4.19
C GLN JA 690 -68.84 58.49 4.30
N LYS JA 691 -68.86 57.18 4.46
CA LYS JA 691 -70.11 56.45 4.59
C LYS JA 691 -70.80 56.80 5.90
N GLU JA 692 -72.12 56.93 5.84
CA GLU JA 692 -72.89 57.20 7.04
C GLU JA 692 -72.98 55.93 7.88
N ASN JA 693 -72.64 56.05 9.15
CA ASN JA 693 -72.76 54.94 10.10
C ASN JA 693 -73.70 55.40 11.21
N SER JA 694 -74.99 55.25 10.97
CA SER JA 694 -76.01 55.87 11.80
C SER JA 694 -76.92 54.81 12.39
N LYS JA 695 -77.27 54.99 13.66
CA LYS JA 695 -78.22 54.13 14.34
C LYS JA 695 -79.61 54.75 14.43
N ARG JA 696 -79.86 55.78 13.65
CA ARG JA 696 -81.19 56.38 13.57
C ARG JA 696 -82.21 55.33 13.16
N TRP JA 697 -83.34 55.29 13.86
CA TRP JA 697 -84.34 54.27 13.59
C TRP JA 697 -85.27 54.69 12.46
N ASN JA 698 -85.79 55.91 12.52
CA ASN JA 698 -86.75 56.36 11.54
C ASN JA 698 -86.05 56.70 10.23
N PRO JA 699 -86.77 56.68 9.11
CA PRO JA 699 -86.14 56.97 7.82
C PRO JA 699 -85.60 58.38 7.75
N GLU JA 700 -84.52 58.54 6.99
CA GLU JA 700 -83.90 59.83 6.81
C GLU JA 700 -84.61 60.62 5.70
N ILE JA 701 -84.31 61.91 5.65
CA ILE JA 701 -84.70 62.72 4.51
C ILE JA 701 -83.74 62.44 3.37
N GLN JA 702 -84.29 62.20 2.18
CA GLN JA 702 -83.51 61.90 1.00
C GLN JA 702 -83.91 62.86 -0.10
N TYR JA 703 -82.94 63.22 -0.95
CA TYR JA 703 -83.30 63.93 -2.15
C TYR JA 703 -83.98 62.97 -3.11
N THR JA 704 -85.15 63.37 -3.60
CA THR JA 704 -85.91 62.54 -4.51
C THR JA 704 -86.50 63.40 -5.60
N SER JA 705 -86.65 62.82 -6.78
CA SER JA 705 -87.42 63.47 -7.83
C SER JA 705 -88.91 63.40 -7.48
N ASN JA 706 -89.65 64.38 -7.97
CA ASN JA 706 -91.09 64.39 -7.73
C ASN JA 706 -91.75 63.26 -8.51
N TYR JA 707 -92.66 62.54 -7.85
CA TYR JA 707 -93.33 61.42 -8.48
C TYR JA 707 -94.41 61.87 -9.46
N TYR JA 708 -95.00 63.03 -9.22
CA TYR JA 708 -96.15 63.49 -10.01
C TYR JA 708 -95.73 63.85 -11.42
N LYS JA 709 -96.69 63.76 -12.35
CA LYS JA 709 -96.41 63.99 -13.75
C LYS JA 709 -96.04 65.44 -14.01
N SER JA 710 -95.30 65.66 -15.09
CA SER JA 710 -94.88 67.01 -15.46
C SER JA 710 -94.64 67.06 -16.96
N THR JA 711 -94.60 68.28 -17.49
CA THR JA 711 -94.39 68.46 -18.92
C THR JA 711 -93.03 67.93 -19.35
N SER JA 712 -92.01 68.11 -18.53
CA SER JA 712 -90.67 67.67 -18.84
C SER JA 712 -90.05 66.98 -17.64
N VAL JA 713 -89.05 66.15 -17.91
CA VAL JA 713 -88.30 65.50 -16.85
C VAL JA 713 -87.32 66.51 -16.25
N ASP JA 714 -87.28 66.58 -14.93
CA ASP JA 714 -86.32 67.43 -14.26
C ASP JA 714 -84.90 66.95 -14.52
N PHE JA 715 -83.99 67.89 -14.73
CA PHE JA 715 -82.60 67.59 -15.09
C PHE JA 715 -82.53 66.77 -16.38
N ALA JA 716 -83.28 67.23 -17.38
CA ALA JA 716 -83.26 66.64 -18.71
C ALA JA 716 -83.37 67.78 -19.71
N VAL JA 717 -83.44 67.43 -20.96
CA VAL JA 717 -83.61 68.42 -22.03
C VAL JA 717 -85.09 68.63 -22.28
N ASN JA 718 -85.43 69.80 -22.78
CA ASN JA 718 -86.79 70.08 -23.20
C ASN JA 718 -86.95 69.73 -24.68
N THR JA 719 -88.06 70.15 -25.28
CA THR JA 719 -88.30 69.82 -26.68
C THR JA 719 -87.34 70.53 -27.62
N GLU JA 720 -86.65 71.57 -27.16
CA GLU JA 720 -85.70 72.30 -27.98
C GLU JA 720 -84.26 71.86 -27.76
N GLY JA 721 -84.04 70.84 -26.95
CA GLY JA 721 -82.69 70.37 -26.69
C GLY JA 721 -81.95 71.12 -25.62
N VAL JA 722 -82.61 71.99 -24.88
CA VAL JA 722 -81.96 72.78 -23.85
C VAL JA 722 -81.96 72.00 -22.55
N TYR JA 723 -80.78 71.70 -22.04
CA TYR JA 723 -80.66 71.10 -20.73
C TYR JA 723 -80.81 72.16 -19.65
N SER JA 724 -81.59 71.86 -18.63
CA SER JA 724 -81.83 72.80 -17.55
C SER JA 724 -81.71 72.08 -16.21
N GLU JA 725 -81.23 72.82 -15.22
CA GLU JA 725 -81.24 72.34 -13.84
C GLU JA 725 -82.34 73.07 -13.10
N PRO JA 726 -83.43 72.41 -12.73
CA PRO JA 726 -84.60 73.14 -12.23
C PRO JA 726 -84.42 73.69 -10.83
N ARG JA 727 -83.55 73.10 -10.02
CA ARG JA 727 -83.38 73.54 -8.64
C ARG JA 727 -81.93 73.36 -8.25
N PRO JA 728 -81.45 74.09 -7.25
CA PRO JA 728 -80.12 73.82 -6.69
C PRO JA 728 -80.22 72.67 -5.70
N ILE JA 729 -79.51 71.58 -5.99
CA ILE JA 729 -79.49 70.43 -5.10
C ILE JA 729 -78.36 70.63 -4.11
N GLY JA 730 -78.72 70.77 -2.84
CA GLY JA 730 -77.72 70.86 -1.80
C GLY JA 730 -77.09 69.51 -1.55
N THR JA 731 -76.48 69.35 -0.40
CA THR JA 731 -75.74 68.13 -0.11
C THR JA 731 -76.15 67.52 1.22
N ARG JA 732 -76.88 68.25 2.06
CA ARG JA 732 -77.15 67.85 3.44
C ARG JA 732 -78.56 67.29 3.54
N TYR JA 733 -78.65 65.97 3.45
CA TYR JA 733 -79.92 65.25 3.61
C TYR JA 733 -79.87 64.23 4.72
N LEU JA 734 -78.77 63.50 4.85
CA LEU JA 734 -78.59 62.62 5.99
C LEU JA 734 -78.36 63.43 7.25
N THR JA 735 -78.47 62.77 8.40
CA THR JA 735 -78.37 63.45 9.68
C THR JA 735 -77.29 62.81 10.55
N ARG JA 736 -76.71 63.63 11.41
CA ARG JA 736 -75.80 63.20 12.45
C ARG JA 736 -76.18 63.86 13.75
N ASN JA 737 -75.86 63.20 14.86
CA ASN JA 737 -75.91 63.88 16.14
C ASN JA 737 -74.78 64.89 16.24
N LEU JA 738 -74.95 65.86 17.12
CA LEU JA 738 -73.90 66.84 17.34
C LEU JA 738 -72.78 66.23 18.18
N GLY KA 221 74.35 33.78 30.93
CA GLY KA 221 75.42 32.94 31.45
C GLY KA 221 76.78 33.63 31.44
N VAL KA 222 77.63 33.24 32.39
CA VAL KA 222 78.98 33.80 32.48
C VAL KA 222 79.78 33.46 31.23
N GLY KA 223 79.69 32.22 30.77
CA GLY KA 223 80.50 31.74 29.67
C GLY KA 223 79.88 31.81 28.30
N SER KA 224 78.78 32.53 28.14
CA SER KA 224 78.12 32.68 26.84
C SER KA 224 78.03 34.14 26.46
N SER KA 225 78.33 34.43 25.19
CA SER KA 225 78.22 35.79 24.69
C SER KA 225 76.77 36.23 24.66
N SER KA 226 76.53 37.49 25.03
CA SER KA 226 75.19 38.05 25.03
C SER KA 226 74.88 38.84 23.77
N GLY KA 227 75.79 38.87 22.81
CA GLY KA 227 75.54 39.55 21.56
C GLY KA 227 76.74 39.44 20.65
N ASN KA 228 76.51 39.71 19.38
CA ASN KA 228 77.54 39.62 18.36
C ASN KA 228 77.95 41.00 17.89
N TRP KA 229 79.12 41.05 17.25
CA TRP KA 229 79.62 42.29 16.68
C TRP KA 229 78.88 42.57 15.37
N HIS KA 230 78.25 43.74 15.29
CA HIS KA 230 77.46 44.12 14.13
C HIS KA 230 77.91 45.51 13.69
N CYS KA 231 78.92 45.55 12.83
CA CYS KA 231 79.30 46.76 12.12
C CYS KA 231 79.06 46.51 10.64
N ASP KA 232 78.19 47.31 10.04
CA ASP KA 232 77.78 47.07 8.66
C ASP KA 232 76.96 48.26 8.19
N SER KA 233 76.80 48.33 6.87
CA SER KA 233 75.86 49.26 6.26
C SER KA 233 75.24 48.56 5.08
N THR KA 234 73.91 48.46 5.08
CA THR KA 234 73.19 47.82 4.00
C THR KA 234 72.37 48.86 3.27
N TRP KA 235 72.65 49.03 1.98
CA TRP KA 235 71.92 49.95 1.13
C TRP KA 235 70.88 49.16 0.36
N LEU KA 236 69.61 49.49 0.55
CA LEU KA 236 68.52 48.73 -0.06
C LEU KA 236 67.45 49.73 -0.47
N GLY KA 237 67.39 50.03 -1.77
CA GLY KA 237 66.40 50.95 -2.27
C GLY KA 237 66.62 52.35 -1.73
N ASP KA 238 65.56 52.92 -1.16
CA ASP KA 238 65.61 54.26 -0.59
C ASP KA 238 66.01 54.26 0.88
N ARG KA 239 66.52 53.14 1.39
CA ARG KA 239 66.96 53.05 2.76
C ARG KA 239 68.44 52.68 2.81
N VAL KA 240 69.12 53.17 3.83
CA VAL KA 240 70.42 52.66 4.23
C VAL KA 240 70.36 52.37 5.71
N ILE KA 241 70.77 51.17 6.11
CA ILE KA 241 70.78 50.76 7.50
C ILE KA 241 72.23 50.69 7.94
N THR KA 242 72.65 51.65 8.75
CA THR KA 242 73.97 51.63 9.35
C THR KA 242 73.88 50.96 10.70
N THR KA 243 74.78 50.02 10.95
CA THR KA 243 74.92 49.42 12.27
C THR KA 243 76.38 49.50 12.66
N SER KA 244 76.64 49.91 13.89
CA SER KA 244 78.00 50.07 14.36
C SER KA 244 78.12 49.51 15.75
N THR KA 245 79.18 48.75 15.98
CA THR KA 245 79.49 48.19 17.28
C THR KA 245 80.82 48.76 17.76
N ARG KA 246 80.87 49.10 19.03
CA ARG KA 246 82.11 49.59 19.64
C ARG KA 246 82.29 48.93 20.99
N THR KA 247 83.55 48.84 21.41
CA THR KA 247 83.88 48.41 22.76
C THR KA 247 84.02 49.64 23.63
N TRP KA 248 83.30 49.66 24.75
CA TRP KA 248 83.33 50.78 25.67
C TRP KA 248 83.94 50.36 27.00
N ALA KA 249 84.39 51.34 27.76
CA ALA KA 249 84.83 51.14 29.13
C ALA KA 249 84.18 52.20 30.00
N LEU KA 250 83.51 51.77 31.05
CA LEU KA 250 82.84 52.69 31.96
C LEU KA 250 83.52 52.67 33.31
N PRO KA 251 84.17 53.75 33.72
CA PRO KA 251 84.73 53.80 35.07
C PRO KA 251 83.65 54.12 36.09
N THR KA 252 84.04 54.07 37.35
CA THR KA 252 83.20 54.64 38.40
C THR KA 252 83.44 56.15 38.41
N TYR KA 253 82.37 56.91 38.21
CA TYR KA 253 82.45 58.36 38.19
C TYR KA 253 82.08 58.91 39.55
N ASN KA 254 82.78 59.96 39.98
CA ASN KA 254 82.45 60.74 41.16
C ASN KA 254 82.51 59.93 42.44
N ASN KA 255 83.12 58.75 42.43
CA ASN KA 255 83.10 57.84 43.57
C ASN KA 255 81.66 57.54 43.99
N HIS KA 256 80.81 57.30 42.99
CA HIS KA 256 79.40 56.97 43.17
C HIS KA 256 78.57 58.10 43.76
N LEU KA 257 79.08 59.32 43.75
CA LEU KA 257 78.42 60.44 44.40
C LEU KA 257 77.81 61.39 43.38
N TYR KA 258 76.74 62.06 43.79
CA TYR KA 258 76.25 63.24 43.10
C TYR KA 258 76.91 64.46 43.73
N LYS KA 259 77.58 65.27 42.93
CA LYS KA 259 78.27 66.44 43.44
C LYS KA 259 77.66 67.69 42.81
N GLN KA 260 77.33 68.65 43.65
CA GLN KA 260 76.98 69.97 43.14
C GLN KA 260 78.23 70.63 42.57
N ILE KA 261 78.12 71.16 41.36
CA ILE KA 261 79.21 71.85 40.69
C ILE KA 261 78.76 73.25 40.34
N SER KA 262 79.67 74.20 40.46
CA SER KA 262 79.33 75.60 40.24
C SER KA 262 80.55 76.34 39.70
N ASN KA 263 80.28 77.53 39.19
CA ASN KA 263 81.32 78.44 38.76
C ASN KA 263 80.78 79.85 38.93
N GLY KA 264 81.48 80.67 39.71
CA GLY KA 264 81.05 82.02 39.98
C GLY KA 264 82.06 83.04 39.47
N THR KA 265 81.75 84.31 39.75
CA THR KA 265 82.61 85.40 39.33
C THR KA 265 83.72 85.65 40.36
N ALA KA 269 86.37 83.78 36.94
CA ALA KA 269 85.45 83.56 35.83
C ALA KA 269 84.53 84.75 35.63
N THR KA 270 84.13 84.98 34.39
CA THR KA 270 83.21 86.07 34.10
C THR KA 270 81.77 85.61 34.31
N ASN KA 271 80.87 86.60 34.38
CA ASN KA 271 79.45 86.27 34.56
C ASN KA 271 78.91 85.47 33.39
N ASP KA 272 79.49 85.64 32.19
CA ASP KA 272 79.04 84.90 31.02
C ASP KA 272 79.28 83.41 31.16
N ASN KA 273 80.18 82.99 32.03
CA ASN KA 273 80.56 81.59 32.16
C ASN KA 273 80.14 80.97 33.48
N THR KA 274 79.28 81.64 34.24
CA THR KA 274 78.82 81.08 35.50
C THR KA 274 77.84 79.94 35.26
N TYR KA 275 77.81 78.99 36.17
CA TYR KA 275 76.85 77.91 36.09
C TYR KA 275 76.63 77.31 37.46
N PHE KA 276 75.50 76.64 37.61
CA PHE KA 276 75.21 75.79 38.74
C PHE KA 276 74.63 74.49 38.17
N GLY KA 277 75.12 73.37 38.65
CA GLY KA 277 74.64 72.11 38.16
C GLY KA 277 75.08 70.97 39.04
N TYR KA 278 74.96 69.77 38.50
CA TYR KA 278 75.28 68.58 39.27
C TYR KA 278 76.09 67.63 38.42
N SER KA 279 77.15 67.10 39.00
CA SER KA 279 77.89 65.98 38.43
C SER KA 279 77.30 64.70 38.99
N THR KA 280 76.99 63.76 38.12
CA THR KA 280 76.39 62.51 38.53
C THR KA 280 77.39 61.37 38.40
N PRO KA 281 77.20 60.29 39.16
CA PRO KA 281 78.04 59.10 38.97
C PRO KA 281 77.72 58.29 37.74
N TRP KA 282 76.82 58.77 36.88
CA TRP KA 282 76.36 58.02 35.72
C TRP KA 282 77.16 58.40 34.49
N GLY KA 283 77.43 57.41 33.66
CA GLY KA 283 77.84 57.67 32.31
C GLY KA 283 76.66 57.69 31.37
N TYR KA 284 76.91 58.06 30.12
CA TYR KA 284 75.84 58.04 29.13
C TYR KA 284 76.43 57.70 27.77
N PHE KA 285 75.61 57.07 26.94
CA PHE KA 285 76.03 56.68 25.61
C PHE KA 285 75.63 57.76 24.61
N ASP KA 286 76.60 58.19 23.82
CA ASP KA 286 76.39 59.20 22.80
C ASP KA 286 76.77 58.62 21.45
N PHE KA 287 75.85 58.69 20.50
CA PHE KA 287 76.14 58.36 19.11
C PHE KA 287 75.56 59.43 18.21
N ASN KA 288 75.66 60.68 18.64
CA ASN KA 288 75.08 61.82 17.95
C ASN KA 288 76.06 62.48 16.99
N ARG KA 289 76.94 61.69 16.38
CA ARG KA 289 77.79 62.16 15.30
C ARG KA 289 77.65 61.19 14.14
N PHE KA 290 77.71 61.73 12.92
CA PHE KA 290 77.46 60.90 11.75
C PHE KA 290 78.52 59.84 11.56
N HIS KA 291 79.77 60.12 11.94
CA HIS KA 291 80.82 59.12 11.76
C HIS KA 291 80.71 57.97 12.76
N CYS KA 292 79.84 58.08 13.76
CA CYS KA 292 79.54 56.93 14.59
C CYS KA 292 78.79 55.85 13.82
N HIS KA 293 78.20 56.21 12.70
CA HIS KA 293 77.34 55.30 11.93
C HIS KA 293 77.79 55.12 10.49
N PHE KA 294 78.30 56.18 9.86
CA PHE KA 294 78.72 56.11 8.47
C PHE KA 294 80.24 56.02 8.40
N SER KA 295 80.74 55.00 7.72
CA SER KA 295 82.12 54.99 7.31
C SER KA 295 82.33 56.11 6.28
N PRO KA 296 83.56 56.58 6.12
CA PRO KA 296 83.80 57.61 5.09
C PRO KA 296 83.34 57.20 3.71
N ARG KA 297 83.53 55.93 3.34
CA ARG KA 297 83.03 55.44 2.06
C ARG KA 297 81.51 55.45 2.03
N ASP KA 298 80.87 55.05 3.13
CA ASP KA 298 79.41 55.11 3.20
C ASP KA 298 78.92 56.54 3.11
N TRP KA 299 79.63 57.46 3.77
CA TRP KA 299 79.28 58.87 3.67
C TRP KA 299 79.40 59.36 2.23
N GLN KA 300 80.45 58.93 1.53
CA GLN KA 300 80.60 59.28 0.12
C GLN KA 300 79.44 58.73 -0.71
N ARG KA 301 79.07 57.47 -0.48
CA ARG KA 301 77.92 56.88 -1.16
C ARG KA 301 76.67 57.70 -0.92
N LEU KA 302 76.47 58.14 0.32
CA LEU KA 302 75.28 58.90 0.66
C LEU KA 302 75.27 60.26 -0.03
N ILE KA 303 76.37 61.01 0.08
CA ILE KA 303 76.37 62.40 -0.36
C ILE KA 303 76.54 62.55 -1.86
N ASN KA 304 77.12 61.57 -2.55
CA ASN KA 304 77.31 61.69 -3.99
C ASN KA 304 76.10 61.26 -4.79
N ASN KA 305 75.10 60.67 -4.15
CA ASN KA 305 74.02 60.03 -4.89
C ASN KA 305 72.63 60.38 -4.38
N ASN KA 306 72.50 61.14 -3.32
CA ASN KA 306 71.21 61.41 -2.71
C ASN KA 306 71.02 62.89 -2.51
N TRP KA 307 69.80 63.37 -2.79
CA TRP KA 307 69.46 64.75 -2.53
C TRP KA 307 69.11 65.00 -1.07
N GLY KA 308 68.85 63.95 -0.32
CA GLY KA 308 68.49 64.14 1.07
C GLY KA 308 68.46 62.82 1.79
N PHE KA 309 68.45 62.91 3.11
CA PHE KA 309 68.36 61.74 3.96
C PHE KA 309 67.81 62.18 5.31
N ARG KA 310 67.30 61.21 6.06
CA ARG KA 310 66.80 61.47 7.40
C ARG KA 310 66.77 60.16 8.17
N PRO KA 311 67.00 60.19 9.47
CA PRO KA 311 66.87 58.97 10.27
C PRO KA 311 65.42 58.55 10.38
N LYS KA 312 65.21 57.24 10.42
CA LYS KA 312 63.88 56.67 10.54
C LYS KA 312 63.66 55.95 11.86
N ARG KA 313 64.57 55.04 12.22
CA ARG KA 313 64.46 54.28 13.44
C ARG KA 313 65.86 53.93 13.90
N LEU KA 314 65.98 53.61 15.18
CA LEU KA 314 67.25 53.11 15.69
C LEU KA 314 66.99 51.97 16.66
N SER KA 315 67.95 51.07 16.71
CA SER KA 315 68.00 50.04 17.74
C SER KA 315 69.35 50.11 18.41
N PHE KA 316 69.35 49.95 19.72
CA PHE KA 316 70.53 50.11 20.54
C PHE KA 316 70.71 48.85 21.38
N LYS KA 317 71.95 48.39 21.51
CA LYS KA 317 72.21 47.18 22.26
C LYS KA 317 73.44 47.35 23.13
N LEU KA 318 73.35 46.87 24.36
CA LEU KA 318 74.47 46.71 25.26
C LEU KA 318 74.62 45.23 25.56
N PHE KA 319 75.83 44.70 25.43
CA PHE KA 319 76.01 43.26 25.57
C PHE KA 319 77.48 42.98 25.87
N ASN KA 320 77.75 41.72 26.20
CA ASN KA 320 79.09 41.26 26.57
C ASN KA 320 79.66 42.13 27.67
N ILE KA 321 78.85 42.39 28.67
CA ILE KA 321 79.25 43.24 29.78
C ILE KA 321 80.22 42.49 30.66
N GLN KA 322 81.32 43.13 31.01
CA GLN KA 322 82.30 42.60 31.94
C GLN KA 322 82.54 43.66 33.01
N VAL KA 323 82.24 43.33 34.25
CA VAL KA 323 82.53 44.20 35.38
C VAL KA 323 83.79 43.69 36.04
N LYS KA 324 84.78 44.55 36.18
CA LYS KA 324 86.09 44.15 36.63
C LYS KA 324 86.47 44.87 37.91
N GLU KA 325 87.06 44.14 38.83
CA GLU KA 325 87.53 44.66 40.10
C GLU KA 325 89.03 44.88 40.02
N VAL KA 326 89.49 46.05 40.44
CA VAL KA 326 90.90 46.38 40.46
C VAL KA 326 91.33 46.64 41.90
N THR KA 327 92.39 45.97 42.33
CA THR KA 327 92.88 46.09 43.70
C THR KA 327 94.25 46.73 43.74
N LYS KA 333 99.01 46.35 41.17
CA LYS KA 333 97.64 46.43 40.69
C LYS KA 333 97.24 45.16 39.93
N THR KA 334 96.16 44.54 40.38
CA THR KA 334 95.60 43.37 39.71
C THR KA 334 94.14 43.65 39.35
N ILE KA 335 93.76 43.22 38.15
CA ILE KA 335 92.39 43.37 37.66
C ILE KA 335 91.78 41.99 37.56
N ALA KA 336 90.62 41.82 38.19
CA ALA KA 336 89.93 40.53 38.21
C ALA KA 336 88.48 40.74 37.84
N ASN KA 337 87.88 39.69 37.28
CA ASN KA 337 86.45 39.72 37.00
C ASN KA 337 85.66 39.72 38.30
N ASN KA 338 84.62 40.53 38.34
CA ASN KA 338 83.64 40.51 39.42
C ASN KA 338 82.34 40.00 38.78
N LEU KA 339 82.18 38.67 38.79
CA LEU KA 339 81.11 38.04 38.04
C LEU KA 339 79.73 38.43 38.57
N THR KA 340 79.62 38.76 39.84
CA THR KA 340 78.34 39.07 40.46
C THR KA 340 78.02 40.56 40.49
N SER KA 341 78.91 41.39 39.98
CA SER KA 341 78.66 42.82 39.96
C SER KA 341 77.74 43.19 38.81
N THR KA 342 77.03 44.30 38.96
CA THR KA 342 76.06 44.74 37.98
C THR KA 342 76.42 46.14 37.47
N ILE KA 343 75.90 46.43 36.29
CA ILE KA 343 75.78 47.79 35.79
C ILE KA 343 74.30 48.12 35.72
N GLN KA 344 73.99 49.41 35.84
CA GLN KA 344 72.61 49.88 35.72
C GLN KA 344 72.49 50.68 34.43
N VAL KA 345 71.51 50.34 33.62
CA VAL KA 345 71.25 51.02 32.36
C VAL KA 345 69.78 51.38 32.30
N PHE KA 346 69.49 52.62 31.93
CA PHE KA 346 68.12 53.01 31.61
C PHE KA 346 68.15 54.09 30.56
N THR KA 347 67.06 54.17 29.80
CA THR KA 347 66.86 55.24 28.84
C THR KA 347 65.87 56.23 29.41
N ASP KA 348 66.19 57.51 29.28
CA ASP KA 348 65.26 58.58 29.66
C ASP KA 348 64.23 58.73 28.54
N SER KA 349 63.35 57.72 28.47
CA SER KA 349 62.39 57.64 27.37
C SER KA 349 61.31 58.71 27.48
N GLU KA 350 61.02 59.19 28.68
CA GLU KA 350 60.06 60.27 28.88
C GLU KA 350 60.71 61.64 28.86
N TYR KA 351 62.02 61.72 28.61
CA TYR KA 351 62.73 62.99 28.53
C TYR KA 351 62.56 63.80 29.81
N GLN KA 352 62.64 63.10 30.94
CA GLN KA 352 62.51 63.74 32.24
C GLN KA 352 63.83 64.24 32.79
N LEU KA 353 64.90 63.88 32.21
CA LEU KA 353 66.20 64.37 32.61
C LEU KA 353 66.65 65.51 31.72
N PRO KA 354 67.50 66.40 32.22
CA PRO KA 354 68.12 67.39 31.33
C PRO KA 354 68.84 66.70 30.18
N TYR KA 355 68.49 67.10 28.96
CA TYR KA 355 69.00 66.47 27.76
C TYR KA 355 70.32 67.14 27.39
N VAL KA 356 71.43 66.44 27.64
CA VAL KA 356 72.74 66.99 27.38
C VAL KA 356 73.33 66.51 26.05
N LEU KA 357 72.68 65.56 25.38
CA LEU KA 357 73.04 65.29 24.00
C LEU KA 357 72.64 66.48 23.13
N GLY KA 358 73.24 66.55 21.95
CA GLY KA 358 72.98 67.70 21.12
C GLY KA 358 73.67 68.96 21.58
N SER KA 359 74.75 68.85 22.34
CA SER KA 359 75.61 69.98 22.66
C SER KA 359 77.00 69.80 22.08
N ALA KA 360 77.14 68.91 21.10
CA ALA KA 360 78.40 68.66 20.39
C ALA KA 360 79.52 68.29 21.36
N HIS KA 361 79.22 67.45 22.33
CA HIS KA 361 80.18 67.05 23.33
C HIS KA 361 81.00 65.86 22.86
N GLN KA 362 82.21 65.75 23.39
CA GLN KA 362 83.02 64.58 23.18
C GLN KA 362 82.41 63.38 23.91
N GLY KA 363 82.93 62.21 23.62
CA GLY KA 363 82.45 60.99 24.23
C GLY KA 363 81.51 60.18 23.38
N CYS KA 364 81.25 60.59 22.13
CA CYS KA 364 80.46 59.78 21.23
C CYS KA 364 81.23 58.52 20.86
N LEU KA 365 80.53 57.59 20.22
CA LEU KA 365 81.17 56.42 19.68
C LEU KA 365 82.27 56.84 18.71
N PRO KA 366 83.46 56.24 18.79
CA PRO KA 366 84.55 56.68 17.92
C PRO KA 366 84.23 56.39 16.47
N PRO KA 367 84.73 57.21 15.53
CA PRO KA 367 84.50 56.91 14.12
C PRO KA 367 85.08 55.57 13.68
N PHE KA 368 86.21 55.17 14.23
CA PHE KA 368 86.86 53.93 13.83
C PHE KA 368 86.33 52.77 14.65
N PRO KA 369 85.78 51.73 14.02
CA PRO KA 369 85.17 50.64 14.80
C PRO KA 369 86.14 49.93 15.73
N ALA KA 370 87.42 49.84 15.38
CA ALA KA 370 88.38 49.18 16.24
C ALA KA 370 88.71 49.98 17.49
N ASP KA 371 88.22 51.20 17.60
CA ASP KA 371 88.61 52.08 18.68
C ASP KA 371 87.78 51.81 19.93
N VAL KA 372 88.45 51.62 21.06
CA VAL KA 372 87.79 51.45 22.33
C VAL KA 372 87.67 52.80 23.01
N PHE KA 373 86.47 53.15 23.45
CA PHE KA 373 86.21 54.49 23.96
C PHE KA 373 85.71 54.45 25.39
N MET KA 374 86.00 55.53 26.10
CA MET KA 374 85.54 55.75 27.45
C MET KA 374 84.19 56.44 27.45
N ILE KA 375 83.28 55.95 28.29
CA ILE KA 375 81.93 56.52 28.35
C ILE KA 375 81.98 57.85 29.08
N PRO KA 376 81.43 58.92 28.53
CA PRO KA 376 81.48 60.22 29.20
C PRO KA 376 80.59 60.25 30.44
N GLN KA 377 80.97 61.09 31.39
CA GLN KA 377 80.22 61.23 32.61
C GLN KA 377 79.03 62.15 32.41
N TYR KA 378 77.88 61.74 32.92
CA TYR KA 378 76.67 62.55 32.80
C TYR KA 378 76.66 63.64 33.85
N GLY KA 379 76.48 64.87 33.40
CA GLY KA 379 76.21 65.98 34.28
C GLY KA 379 75.22 66.90 33.62
N TYR KA 380 74.64 67.79 34.41
CA TYR KA 380 73.64 68.70 33.86
C TYR KA 380 73.72 70.01 34.59
N LEU KA 381 73.14 71.03 33.99
CA LEU KA 381 73.07 72.36 34.55
C LEU KA 381 71.63 72.72 34.82
N THR KA 382 71.42 73.50 35.86
CA THR KA 382 70.09 74.01 36.15
C THR KA 382 70.21 75.53 36.30
N LEU KA 383 69.16 76.18 36.78
CA LEU KA 383 69.19 77.63 36.89
C LEU KA 383 70.25 78.07 37.90
N ASN KA 384 70.97 79.12 37.56
CA ASN KA 384 72.00 79.65 38.43
C ASN KA 384 71.90 81.16 38.49
N ASN KA 385 72.35 81.71 39.62
CA ASN KA 385 72.54 83.14 39.83
C ASN KA 385 73.99 83.27 40.28
N GLY KA 386 74.89 83.49 39.33
CA GLY KA 386 76.30 83.36 39.64
C GLY KA 386 76.61 81.89 39.89
N SER KA 387 77.28 81.62 40.99
CA SER KA 387 77.56 80.24 41.40
C SER KA 387 76.47 79.67 42.29
N GLN KA 388 75.44 80.44 42.61
CA GLN KA 388 74.38 80.00 43.49
C GLN KA 388 73.21 79.44 42.70
N ALA KA 389 72.51 78.49 43.31
CA ALA KA 389 71.25 78.04 42.76
C ALA KA 389 70.12 78.97 43.17
N VAL KA 390 69.03 78.89 42.43
CA VAL KA 390 67.81 79.60 42.80
C VAL KA 390 66.77 78.56 43.21
N GLY KA 391 65.65 79.05 43.73
CA GLY KA 391 64.60 78.13 44.15
C GLY KA 391 64.05 77.28 43.03
N ARG KA 392 64.15 77.75 41.79
CA ARG KA 392 63.67 76.99 40.65
C ARG KA 392 64.68 75.98 40.15
N SER KA 393 65.89 75.96 40.70
CA SER KA 393 66.89 74.99 40.29
C SER KA 393 66.42 73.58 40.61
N SER KA 394 66.60 72.69 39.65
CA SER KA 394 66.14 71.31 39.78
C SER KA 394 67.33 70.40 40.05
N PHE KA 395 67.18 69.52 41.04
CA PHE KA 395 68.13 68.45 41.29
C PHE KA 395 67.50 67.15 40.86
N TYR KA 396 68.23 66.36 40.08
CA TYR KA 396 67.75 65.08 39.58
C TYR KA 396 68.64 63.97 40.12
N CYS KA 397 68.02 62.99 40.75
CA CYS KA 397 68.70 61.75 41.13
C CYS KA 397 68.39 60.72 40.06
N LEU KA 398 69.43 60.24 39.39
CA LEU KA 398 69.22 59.26 38.32
C LEU KA 398 68.89 57.89 38.88
N GLU KA 399 69.23 57.63 40.15
CA GLU KA 399 68.76 56.41 40.79
C GLU KA 399 67.26 56.43 41.03
N TYR KA 400 66.64 57.59 40.97
CA TYR KA 400 65.19 57.71 41.10
C TYR KA 400 64.46 57.26 39.85
N PHE KA 401 65.15 56.67 38.90
CA PHE KA 401 64.55 56.12 37.70
C PHE KA 401 64.61 54.59 37.75
N PRO KA 402 63.65 53.92 37.12
CA PRO KA 402 63.79 52.47 36.95
C PRO KA 402 64.93 52.16 36.00
N SER KA 403 65.87 51.35 36.46
CA SER KA 403 67.02 50.96 35.66
C SER KA 403 67.09 49.44 35.59
N GLN KA 404 67.48 48.93 34.43
CA GLN KA 404 67.79 47.52 34.31
C GLN KA 404 69.18 47.28 34.87
N MET KA 405 69.31 46.33 35.78
CA MET KA 405 70.62 45.95 36.30
C MET KA 405 71.09 44.71 35.55
N LEU KA 406 72.36 44.74 35.13
CA LEU KA 406 72.90 43.73 34.23
C LEU KA 406 74.12 43.13 34.86
N ARG KA 407 74.13 41.81 34.99
CA ARG KA 407 75.35 41.09 35.31
C ARG KA 407 76.06 40.74 34.00
N THR KA 408 77.16 40.01 34.11
CA THR KA 408 78.00 39.76 32.94
C THR KA 408 77.26 38.98 31.86
N GLY KA 409 76.25 38.20 32.24
CA GLY KA 409 75.48 37.44 31.27
C GLY KA 409 74.30 38.15 30.68
N ASN KA 410 73.99 39.35 31.15
CA ASN KA 410 72.81 40.07 30.70
C ASN KA 410 73.14 41.02 29.56
N ASN KA 411 72.13 41.37 28.79
CA ASN KA 411 72.26 42.39 27.76
C ASN KA 411 71.08 43.35 27.85
N PHE KA 412 71.29 44.54 27.29
CA PHE KA 412 70.29 45.59 27.28
C PHE KA 412 70.04 46.00 25.85
N GLN KA 413 68.77 46.25 25.52
CA GLN KA 413 68.46 46.72 24.18
C GLN KA 413 67.16 47.49 24.21
N PHE KA 414 67.06 48.45 23.30
CA PHE KA 414 65.81 49.18 23.08
C PHE KA 414 65.78 49.66 21.65
N THR KA 415 64.58 49.93 21.17
CA THR KA 415 64.37 50.46 19.85
C THR KA 415 63.70 51.82 19.96
N TYR KA 416 63.97 52.68 18.99
CA TYR KA 416 63.43 54.03 18.96
C TYR KA 416 63.06 54.36 17.54
N THR KA 417 61.93 55.05 17.37
CA THR KA 417 61.48 55.51 16.06
C THR KA 417 61.59 57.02 16.01
N PHE KA 418 62.30 57.52 15.01
CA PHE KA 418 62.39 58.96 14.81
C PHE KA 418 61.04 59.51 14.36
N GLU KA 419 60.71 60.69 14.85
CA GLU KA 419 59.53 61.38 14.36
C GLU KA 419 59.74 61.79 12.90
N ASP KA 420 58.64 62.13 12.24
CA ASP KA 420 58.72 62.61 10.87
C ASP KA 420 59.49 63.92 10.83
N VAL KA 421 60.72 63.87 10.34
CA VAL KA 421 61.60 65.04 10.30
C VAL KA 421 61.84 65.35 8.82
N PRO KA 422 62.03 66.59 8.43
CA PRO KA 422 62.33 66.87 7.02
C PRO KA 422 63.66 66.27 6.62
N PHE KA 423 63.75 65.89 5.34
CA PHE KA 423 65.01 65.44 4.80
C PHE KA 423 66.05 66.55 4.90
N HIS KA 424 67.26 66.18 5.31
CA HIS KA 424 68.35 67.14 5.23
C HIS KA 424 68.68 67.43 3.77
N SER KA 425 68.89 68.70 3.45
CA SER KA 425 69.19 69.11 2.09
C SER KA 425 70.61 68.68 1.76
N SER KA 426 70.76 67.50 1.19
CA SER KA 426 72.07 67.01 0.77
C SER KA 426 72.39 67.44 -0.65
N TYR KA 427 72.23 68.74 -0.90
CA TYR KA 427 72.40 69.30 -2.24
C TYR KA 427 72.72 70.77 -2.11
N ALA KA 428 73.37 71.31 -3.13
CA ALA KA 428 73.56 72.74 -3.27
C ALA KA 428 72.73 73.22 -4.44
N HIS KA 429 72.19 74.43 -4.33
CA HIS KA 429 71.37 74.95 -5.40
C HIS KA 429 72.24 75.36 -6.59
N SER KA 430 71.83 74.95 -7.77
CA SER KA 430 72.51 75.33 -9.00
C SER KA 430 71.96 76.63 -9.58
N GLN KA 431 71.05 77.28 -8.88
CA GLN KA 431 70.54 78.59 -9.25
C GLN KA 431 70.64 79.51 -8.04
N SER KA 432 70.85 80.79 -8.30
CA SER KA 432 70.83 81.79 -7.25
C SER KA 432 69.43 82.39 -7.13
N LEU KA 433 69.10 82.85 -5.93
CA LEU KA 433 67.77 83.38 -5.69
C LEU KA 433 67.49 84.62 -6.51
N ASP KA 434 68.50 85.43 -6.79
CA ASP KA 434 68.35 86.63 -7.60
C ASP KA 434 68.52 86.36 -9.08
N ARG KA 435 68.63 85.10 -9.49
CA ARG KA 435 68.81 84.73 -10.89
C ARG KA 435 67.84 83.63 -11.28
N LEU KA 436 66.60 83.75 -10.84
CA LEU KA 436 65.57 82.75 -11.15
C LEU KA 436 64.78 83.09 -12.41
N MET KA 437 65.08 84.21 -13.03
CA MET KA 437 64.31 84.72 -14.15
C MET KA 437 64.87 84.25 -15.48
N ASN KA 438 64.03 84.35 -16.51
CA ASN KA 438 64.44 84.09 -17.88
C ASN KA 438 65.39 85.20 -18.33
N PRO KA 439 66.62 84.88 -18.72
CA PRO KA 439 67.58 85.91 -19.14
C PRO KA 439 67.37 86.44 -20.54
N LEU KA 440 66.30 86.07 -21.23
CA LEU KA 440 66.05 86.53 -22.59
C LEU KA 440 64.86 87.44 -22.71
N ILE KA 441 63.98 87.47 -21.73
CA ILE KA 441 62.69 88.16 -21.82
C ILE KA 441 62.67 89.30 -20.82
N ASP KA 442 62.17 90.45 -21.26
CA ASP KA 442 61.95 91.55 -20.33
C ASP KA 442 60.77 91.24 -19.41
N GLN KA 443 60.75 91.94 -18.28
CA GLN KA 443 59.58 91.91 -17.42
C GLN KA 443 58.53 92.88 -17.93
N TYR KA 444 57.27 92.54 -17.71
CA TYR KA 444 56.22 93.51 -17.97
C TYR KA 444 56.07 94.53 -16.85
N LEU KA 445 56.66 94.25 -15.70
CA LEU KA 445 56.66 95.20 -14.59
C LEU KA 445 57.73 96.26 -14.79
N TYR KA 446 57.45 97.46 -14.32
CA TYR KA 446 58.39 98.56 -14.40
C TYR KA 446 58.98 98.83 -13.02
N TYR KA 447 60.16 99.41 -13.02
CA TYR KA 447 60.80 99.89 -11.81
C TYR KA 447 61.20 101.34 -12.02
N LEU KA 448 61.25 102.09 -10.92
CA LEU KA 448 61.74 103.47 -10.98
C LEU KA 448 63.20 103.45 -11.36
N SER KA 449 63.51 103.88 -12.58
CA SER KA 449 64.88 103.80 -13.08
C SER KA 449 65.65 105.10 -12.95
N ARG KA 450 64.98 106.24 -12.98
CA ARG KA 450 65.64 107.52 -12.78
C ARG KA 450 64.73 108.48 -12.04
N THR KA 451 65.32 109.32 -11.21
CA THR KA 451 64.61 110.37 -10.52
C THR KA 451 65.09 111.77 -10.93
N GLN KA 452 66.04 111.85 -11.85
CA GLN KA 452 66.61 113.11 -12.29
C GLN KA 452 66.84 113.07 -13.79
N THR KA 453 66.56 114.17 -14.46
CA THR KA 453 66.73 114.25 -15.91
C THR KA 453 68.20 114.15 -16.32
N ASN KA 459 70.23 119.55 -14.23
CA ASN KA 459 69.19 118.54 -14.30
C ASN KA 459 68.14 118.75 -13.22
N THR KA 460 66.91 118.36 -13.52
CA THR KA 460 65.78 118.58 -12.64
C THR KA 460 65.17 117.24 -12.25
N GLN KA 461 64.25 117.30 -11.28
CA GLN KA 461 63.57 116.10 -10.84
C GLN KA 461 62.65 115.57 -11.95
N THR KA 462 62.55 114.24 -12.00
CA THR KA 462 61.67 113.57 -12.95
C THR KA 462 61.38 112.18 -12.40
N LEU KA 463 60.51 111.46 -13.09
CA LEU KA 463 60.23 110.06 -12.76
C LEU KA 463 60.33 109.26 -14.05
N GLY KA 464 61.42 108.51 -14.19
CA GLY KA 464 61.61 107.62 -15.32
C GLY KA 464 61.48 106.19 -14.87
N PHE KA 465 60.74 105.41 -15.64
CA PHE KA 465 60.47 104.01 -15.32
C PHE KA 465 60.93 103.14 -16.47
N SER KA 466 61.59 102.04 -16.12
CA SER KA 466 62.10 101.10 -17.10
C SER KA 466 61.61 99.71 -16.76
N GLN KA 467 61.58 98.85 -17.76
CA GLN KA 467 61.24 97.45 -17.56
C GLN KA 467 62.50 96.66 -17.25
N GLY KA 468 62.44 95.88 -16.18
CA GLY KA 468 63.54 94.99 -15.85
C GLY KA 468 63.78 93.99 -16.96
N GLY KA 469 65.03 93.82 -17.35
CA GLY KA 469 65.36 92.93 -18.43
C GLY KA 469 66.64 92.18 -18.20
N PRO KA 470 67.17 91.56 -19.24
CA PRO KA 470 68.40 90.76 -19.09
C PRO KA 470 69.59 91.56 -18.58
N ASN KA 471 69.64 92.86 -18.87
CA ASN KA 471 70.77 93.67 -18.46
C ASN KA 471 70.58 94.33 -17.11
N THR KA 472 69.37 94.75 -16.79
CA THR KA 472 69.06 95.34 -15.49
C THR KA 472 68.48 94.28 -14.56
N MET KA 473 69.26 93.23 -14.37
CA MET KA 473 68.77 92.05 -13.64
C MET KA 473 68.69 92.32 -12.15
N ALA KA 474 69.52 93.23 -11.63
CA ALA KA 474 69.42 93.62 -10.24
C ALA KA 474 68.17 94.43 -9.95
N ASN KA 475 67.58 95.07 -10.95
CA ASN KA 475 66.40 95.89 -10.76
C ASN KA 475 65.09 95.13 -10.95
N GLN KA 476 65.15 93.90 -11.42
CA GLN KA 476 63.94 93.16 -11.75
C GLN KA 476 63.10 92.90 -10.51
N ALA KA 477 61.79 92.93 -10.70
CA ALA KA 477 60.88 92.50 -9.64
C ALA KA 477 61.08 91.02 -9.37
N LYS KA 478 61.11 90.66 -8.09
CA LYS KA 478 61.40 89.30 -7.67
C LYS KA 478 60.40 88.89 -6.60
N ASN KA 479 60.19 87.58 -6.49
CA ASN KA 479 59.20 87.04 -5.59
C ASN KA 479 59.74 86.67 -4.21
N TRP KA 480 61.05 86.58 -4.05
CA TRP KA 480 61.61 85.98 -2.85
C TRP KA 480 62.77 86.80 -2.35
N LEU KA 481 63.06 86.64 -1.06
CA LEU KA 481 64.15 87.31 -0.38
C LEU KA 481 65.12 86.30 0.19
N PRO KA 482 66.40 86.65 0.32
CA PRO KA 482 67.35 85.75 0.96
C PRO KA 482 67.00 85.55 2.42
N GLY KA 483 67.44 84.42 2.96
CA GLY KA 483 67.17 84.07 4.34
C GLY KA 483 67.66 85.10 5.32
N PRO KA 484 67.34 84.89 6.60
CA PRO KA 484 67.65 85.90 7.62
C PRO KA 484 69.14 86.00 7.88
N CYS KA 485 69.53 87.15 8.42
CA CYS KA 485 70.94 87.48 8.63
C CYS KA 485 71.17 87.89 10.07
N TYR KA 486 72.29 87.44 10.63
CA TYR KA 486 72.77 87.88 11.95
C TYR KA 486 74.28 88.06 11.81
N ARG KA 487 74.68 89.26 11.40
CA ARG KA 487 76.01 89.45 10.82
C ARG KA 487 77.12 89.08 11.78
N GLN KA 488 78.11 88.36 11.27
CA GLN KA 488 79.29 87.96 12.00
C GLN KA 488 80.50 88.73 11.51
N GLN KA 489 81.49 88.89 12.39
CA GLN KA 489 82.74 89.52 12.00
C GLN KA 489 83.52 88.61 11.07
N ARG KA 490 84.18 89.21 10.08
CA ARG KA 490 84.94 88.46 9.10
C ARG KA 490 86.37 88.28 9.59
N VAL KA 491 86.86 87.05 9.52
CA VAL KA 491 88.23 86.72 9.88
C VAL KA 491 88.88 86.05 8.68
N SER KA 492 90.10 86.47 8.37
CA SER KA 492 90.86 85.90 7.27
C SER KA 492 91.81 84.84 7.79
N THR KA 493 91.85 83.70 7.10
CA THR KA 493 92.84 82.68 7.42
C THR KA 493 94.26 83.15 7.12
N THR KA 494 94.40 84.14 6.25
CA THR KA 494 95.66 84.86 6.08
C THR KA 494 95.74 85.89 7.18
N THR KA 495 96.48 85.57 8.24
CA THR KA 495 96.42 86.35 9.47
C THR KA 495 96.87 87.79 9.26
N GLY KA 496 97.76 88.03 8.31
CA GLY KA 496 98.21 89.38 8.04
C GLY KA 496 97.11 90.31 7.59
N GLN KA 497 96.03 89.77 7.05
CA GLN KA 497 94.89 90.58 6.64
C GLN KA 497 93.94 90.89 7.80
N ASN KA 498 94.16 90.32 8.97
CA ASN KA 498 93.31 90.56 10.11
C ASN KA 498 93.81 91.76 10.92
N ASN KA 499 92.89 92.36 11.66
CA ASN KA 499 93.26 93.44 12.57
C ASN KA 499 94.19 92.90 13.65
N ASN KA 500 95.20 93.69 13.99
CA ASN KA 500 96.18 93.29 15.01
C ASN KA 500 95.59 93.59 16.39
N SER KA 501 94.63 92.74 16.78
CA SER KA 501 94.01 92.83 18.08
C SER KA 501 93.38 91.49 18.39
N ASN KA 502 93.06 91.28 19.66
CA ASN KA 502 92.41 90.06 20.12
C ASN KA 502 90.92 90.35 20.18
N PHE KA 503 90.21 90.04 19.08
CA PHE KA 503 88.81 90.40 18.94
C PHE KA 503 87.90 89.19 18.80
N ALA KA 504 88.38 87.99 19.13
CA ALA KA 504 87.55 86.80 18.98
C ALA KA 504 86.30 86.90 19.84
N TRP KA 505 86.44 87.41 21.07
CA TRP KA 505 85.31 87.60 21.96
C TRP KA 505 84.71 88.99 21.88
N THR KA 506 85.56 90.03 21.89
CA THR KA 506 85.05 91.40 21.90
C THR KA 506 84.27 91.72 20.64
N ALA KA 507 84.75 91.26 19.49
CA ALA KA 507 84.03 91.43 18.23
C ALA KA 507 83.16 90.24 17.89
N GLY KA 508 83.06 89.26 18.79
CA GLY KA 508 82.24 88.11 18.51
C GLY KA 508 80.77 88.45 18.40
N THR KA 509 80.08 87.72 17.54
CA THR KA 509 78.65 87.90 17.38
C THR KA 509 77.93 87.10 18.46
N LYS KA 510 77.17 87.80 19.30
CA LYS KA 510 76.68 87.25 20.54
C LYS KA 510 75.18 87.46 20.65
N TYR KA 511 74.56 86.65 21.49
CA TYR KA 511 73.22 86.92 21.99
C TYR KA 511 73.27 87.15 23.49
N HIS KA 512 72.27 87.86 23.99
CA HIS KA 512 72.20 88.27 25.38
C HIS KA 512 71.02 87.56 26.02
N LEU KA 513 71.28 86.84 27.12
CA LEU KA 513 70.24 86.08 27.79
C LEU KA 513 70.46 86.19 29.29
N ASN KA 514 69.51 86.81 29.98
CA ASN KA 514 69.55 86.96 31.44
C ASN KA 514 70.87 87.57 31.90
N GLY KA 515 71.24 88.67 31.26
CA GLY KA 515 72.47 89.36 31.60
C GLY KA 515 73.73 88.60 31.29
N ARG KA 516 73.65 87.50 30.54
CA ARG KA 516 74.79 86.69 30.18
C ARG KA 516 75.00 86.77 28.69
N ASN KA 517 76.23 86.98 28.26
CA ASN KA 517 76.57 87.03 26.85
C ASN KA 517 77.11 85.68 26.41
N SER KA 518 76.55 85.15 25.34
CA SER KA 518 76.99 83.91 24.75
C SER KA 518 77.18 84.12 23.26
N LEU KA 519 78.24 83.52 22.71
CA LEU KA 519 78.45 83.60 21.28
C LEU KA 519 77.28 82.97 20.53
N ALA KA 520 76.85 83.64 19.46
CA ALA KA 520 75.90 83.06 18.52
C ALA KA 520 76.69 82.12 17.61
N ASN KA 521 77.04 80.97 18.16
CA ASN KA 521 78.03 80.07 17.59
C ASN KA 521 77.41 78.71 17.34
N PRO KA 522 77.28 78.25 16.09
CA PRO KA 522 77.71 78.97 14.90
C PRO KA 522 76.66 79.96 14.40
N GLY KA 523 75.56 80.08 15.12
CA GLY KA 523 74.51 80.99 14.71
C GLY KA 523 73.67 80.44 13.58
N ILE KA 524 72.87 81.33 13.00
CA ILE KA 524 71.97 80.92 11.93
C ILE KA 524 72.77 80.57 10.68
N ALA KA 525 72.18 79.72 9.84
CA ALA KA 525 72.84 79.25 8.64
C ALA KA 525 73.01 80.39 7.66
N MET KA 526 74.24 80.84 7.48
CA MET KA 526 74.58 81.83 6.48
C MET KA 526 75.80 81.35 5.71
N ALA KA 527 75.91 81.83 4.47
CA ALA KA 527 77.05 81.46 3.65
C ALA KA 527 78.33 81.94 4.31
N THR KA 528 79.33 81.05 4.36
CA THR KA 528 80.59 81.38 5.03
C THR KA 528 81.28 82.56 4.39
N HIS KA 529 81.26 82.63 3.07
CA HIS KA 529 81.93 83.68 2.32
C HIS KA 529 81.26 83.79 0.96
N LYS KA 530 81.54 84.88 0.27
CA LYS KA 530 81.04 85.05 -1.08
C LYS KA 530 82.04 84.49 -2.07
N ASP KA 531 81.82 84.75 -3.36
CA ASP KA 531 82.68 84.21 -4.41
C ASP KA 531 84.12 84.70 -4.23
N ASP KA 532 85.06 83.77 -4.40
CA ASP KA 532 86.49 84.06 -4.42
C ASP KA 532 86.98 84.63 -3.09
N GLU KA 533 86.36 84.25 -1.99
CA GLU KA 533 86.75 84.72 -0.67
C GLU KA 533 86.82 83.55 0.32
N GLU KA 534 87.38 82.43 -0.14
CA GLU KA 534 87.43 81.23 0.70
C GLU KA 534 88.27 81.46 1.95
N ARG KA 535 89.23 82.38 1.91
CA ARG KA 535 90.06 82.66 3.07
C ARG KA 535 89.31 83.32 4.21
N PHE KA 536 88.11 83.84 3.96
CA PHE KA 536 87.33 84.53 4.97
C PHE KA 536 86.31 83.59 5.59
N PHE KA 537 86.13 83.71 6.89
CA PHE KA 537 85.10 82.97 7.60
C PHE KA 537 84.52 83.85 8.69
N PRO KA 538 83.25 83.65 9.03
CA PRO KA 538 82.68 84.33 10.20
C PRO KA 538 83.40 83.89 11.47
N SER KA 539 83.61 84.83 12.39
CA SER KA 539 84.47 84.57 13.54
C SER KA 539 83.93 83.43 14.39
N ASN KA 540 82.63 83.39 14.62
CA ASN KA 540 82.00 82.28 15.31
C ASN KA 540 80.75 81.83 14.56
N GLY KA 541 80.87 81.67 13.25
CA GLY KA 541 79.74 81.34 12.43
C GLY KA 541 79.88 80.07 11.61
N ILE KA 542 80.89 79.26 11.93
CA ILE KA 542 81.11 78.00 11.23
C ILE KA 542 81.43 76.92 12.26
N LEU KA 543 81.18 75.68 11.87
CA LEU KA 543 81.66 74.54 12.65
C LEU KA 543 83.15 74.37 12.39
N ILE KA 544 83.93 74.24 13.46
CA ILE KA 544 85.36 74.04 13.36
C ILE KA 544 85.67 72.72 14.04
N PHE KA 545 86.14 71.76 13.26
CA PHE KA 545 86.56 70.48 13.78
C PHE KA 545 88.08 70.46 13.95
N GLY KA 546 88.54 69.75 14.97
CA GLY KA 546 89.95 69.61 15.20
C GLY KA 546 90.51 68.42 14.45
N LYS KA 547 91.71 68.59 13.90
CA LYS KA 547 92.43 67.46 13.36
C LYS KA 547 92.86 66.54 14.50
N GLN KA 548 93.28 65.33 14.14
CA GLN KA 548 93.71 64.38 15.15
C GLN KA 548 94.88 64.96 15.94
N ASN KA 549 94.80 64.81 17.27
CA ASN KA 549 95.82 65.31 18.20
C ASN KA 549 95.90 66.83 18.21
N ALA KA 550 94.81 67.51 17.84
CA ALA KA 550 94.77 68.96 17.99
C ALA KA 550 94.64 69.32 19.47
N ALA KA 551 95.31 70.39 19.86
CA ALA KA 551 95.27 70.83 21.25
C ALA KA 551 93.86 71.27 21.64
N ARG KA 552 93.51 71.02 22.90
CA ARG KA 552 92.22 71.48 23.41
C ARG KA 552 92.12 73.00 23.40
N ASP KA 553 93.18 73.67 23.81
CA ASP KA 553 93.19 75.13 23.89
C ASP KA 553 94.24 75.70 22.94
N ASN KA 554 93.86 76.76 22.23
CA ASN KA 554 94.77 77.52 21.37
C ASN KA 554 95.44 76.61 20.33
N ALA KA 555 94.63 75.77 19.69
CA ALA KA 555 95.11 75.02 18.55
C ALA KA 555 95.35 75.97 17.38
N ASP KA 556 96.44 75.76 16.66
CA ASP KA 556 96.74 76.59 15.51
C ASP KA 556 95.76 76.30 14.38
N TYR KA 557 95.70 77.23 13.42
CA TYR KA 557 94.81 77.05 12.28
C TYR KA 557 95.13 75.77 11.52
N SER KA 558 96.40 75.36 11.49
CA SER KA 558 96.77 74.13 10.81
C SER KA 558 96.28 72.90 11.55
N ASP KA 559 95.92 73.02 12.82
CA ASP KA 559 95.43 71.88 13.61
C ASP KA 559 93.92 71.75 13.61
N VAL KA 560 93.20 72.65 12.96
CA VAL KA 560 91.75 72.61 12.94
C VAL KA 560 91.26 72.52 11.51
N MET KA 561 90.01 72.13 11.36
CA MET KA 561 89.37 71.94 10.07
C MET KA 561 88.18 72.86 10.00
N LEU KA 562 88.29 73.96 9.26
CA LEU KA 562 87.18 74.88 9.10
C LEU KA 562 86.18 74.33 8.10
N THR KA 563 84.91 74.32 8.48
CA THR KA 563 83.88 74.02 7.52
C THR KA 563 83.51 75.27 6.72
N SER KA 564 82.82 75.07 5.61
CA SER KA 564 82.39 76.18 4.78
C SER KA 564 80.96 75.93 4.33
N GLU KA 565 80.09 76.91 4.55
CA GLU KA 565 78.71 76.86 4.08
C GLU KA 565 78.53 77.68 2.81
N GLU KA 566 79.55 77.70 1.94
CA GLU KA 566 79.46 78.48 0.72
C GLU KA 566 78.40 77.96 -0.25
N GLU KA 567 77.95 76.71 -0.08
CA GLU KA 567 76.94 76.16 -0.96
C GLU KA 567 75.62 76.89 -0.84
N ILE KA 568 75.36 77.54 0.28
CA ILE KA 568 74.10 78.25 0.50
C ILE KA 568 74.20 79.73 0.15
N LYS KA 569 75.26 80.13 -0.55
CA LYS KA 569 75.34 81.49 -1.09
C LYS KA 569 74.13 81.81 -1.96
N THR KA 570 73.58 80.80 -2.62
CA THR KA 570 72.50 81.02 -3.57
C THR KA 570 71.22 81.49 -2.90
N THR KA 571 71.05 81.17 -1.64
CA THR KA 571 69.82 81.50 -0.94
C THR KA 571 70.06 82.24 0.37
N ASN KA 572 71.12 81.92 1.08
CA ASN KA 572 71.39 82.57 2.35
C ASN KA 572 72.38 83.70 2.18
N PRO KA 573 72.20 84.81 2.90
CA PRO KA 573 73.18 85.89 2.84
C PRO KA 573 74.51 85.45 3.41
N VAL KA 574 75.58 86.09 2.94
CA VAL KA 574 76.91 85.80 3.45
C VAL KA 574 76.99 86.22 4.91
N ALA KA 575 77.58 85.36 5.73
CA ALA KA 575 77.57 85.55 7.18
C ALA KA 575 78.26 86.85 7.60
N THR KA 576 79.24 87.30 6.83
CA THR KA 576 80.03 88.46 7.19
C THR KA 576 79.60 89.72 6.45
N GLU KA 577 78.52 89.66 5.70
CA GLU KA 577 78.03 90.80 4.95
C GLU KA 577 76.68 91.23 5.50
N GLU KA 578 76.30 92.45 5.19
CA GLU KA 578 74.99 92.95 5.55
C GLU KA 578 73.89 92.25 4.76
N TYR KA 579 72.71 92.16 5.36
CA TYR KA 579 71.58 91.57 4.67
C TYR KA 579 71.18 92.41 3.46
N GLY KA 580 71.17 93.73 3.63
CA GLY KA 580 70.72 94.59 2.56
C GLY KA 580 70.71 96.03 3.01
N ILE KA 581 69.96 96.84 2.28
CA ILE KA 581 69.91 98.27 2.49
C ILE KA 581 68.45 98.68 2.61
N VAL KA 582 68.14 99.50 3.63
CA VAL KA 582 66.82 100.06 3.79
C VAL KA 582 66.93 101.57 3.88
N ALA KA 583 65.83 102.24 3.60
CA ALA KA 583 65.77 103.69 3.76
C ALA KA 583 65.82 104.06 5.23
N ASP KA 584 66.54 105.13 5.54
CA ASP KA 584 66.68 105.60 6.91
C ASP KA 584 65.93 106.90 7.17
N ASN KA 585 65.35 107.52 6.14
CA ASN KA 585 64.67 108.81 6.31
C ASN KA 585 63.65 108.95 5.21
N LEU KA 586 63.04 110.13 5.12
CA LEU KA 586 62.13 110.49 4.06
C LEU KA 586 62.79 111.59 3.23
N GLN KA 587 63.18 111.26 2.01
CA GLN KA 587 63.82 112.25 1.15
C GLN KA 587 62.82 113.32 0.75
N GLN KA 588 63.29 114.56 0.71
CA GLN KA 588 62.53 115.70 0.20
C GLN KA 588 63.44 116.47 -0.74
N GLN KA 589 62.92 117.56 -1.30
CA GLN KA 589 63.74 118.39 -2.17
C GLN KA 589 64.89 119.02 -1.42
N ASN KA 590 64.82 119.09 -0.10
CA ASN KA 590 65.90 119.65 0.71
C ASN KA 590 66.70 118.61 1.47
N THR KA 591 66.21 117.38 1.61
CA THR KA 591 66.91 116.33 2.34
C THR KA 591 67.21 115.17 1.39
N ALA KA 592 68.49 114.89 1.19
CA ALA KA 592 68.87 113.77 0.35
C ALA KA 592 68.49 112.46 1.02
N PRO KA 593 68.11 111.45 0.25
CA PRO KA 593 67.75 110.15 0.84
C PRO KA 593 68.94 109.53 1.56
N GLN KA 594 68.66 108.92 2.70
CA GLN KA 594 69.67 108.24 3.50
C GLN KA 594 69.34 106.76 3.55
N ILE KA 595 70.38 105.94 3.58
CA ILE KA 595 70.21 104.49 3.57
C ILE KA 595 70.78 103.92 4.85
N GLY KA 596 70.14 102.87 5.34
CA GLY KA 596 70.60 102.14 6.51
C GLY KA 596 71.06 100.75 6.10
N THR KA 597 72.17 100.31 6.69
CA THR KA 597 72.73 99.00 6.42
C THR KA 597 72.12 98.00 7.40
N VAL KA 598 71.46 96.97 6.87
CA VAL KA 598 70.79 95.98 7.69
C VAL KA 598 71.81 94.90 8.02
N ASN KA 599 72.31 94.91 9.26
CA ASN KA 599 73.26 93.91 9.72
C ASN KA 599 72.60 92.77 10.47
N SER KA 600 71.31 92.87 10.74
CA SER KA 600 70.55 91.81 11.39
C SER KA 600 69.14 91.87 10.86
N GLN KA 601 68.69 90.78 10.25
CA GLN KA 601 67.37 90.75 9.63
C GLN KA 601 66.65 89.50 10.09
N GLY KA 602 65.54 89.67 10.80
CA GLY KA 602 64.68 88.57 11.16
C GLY KA 602 63.83 88.14 9.99
N ALA KA 603 62.96 87.17 10.25
CA ALA KA 603 62.16 86.58 9.20
C ALA KA 603 61.26 87.61 8.54
N LEU KA 604 61.29 87.64 7.21
CA LEU KA 604 60.40 88.45 6.41
C LEU KA 604 59.59 87.53 5.50
N PRO KA 605 58.35 87.90 5.16
CA PRO KA 605 57.58 87.08 4.22
C PRO KA 605 58.28 87.01 2.88
N GLY KA 606 58.18 85.85 2.25
CA GLY KA 606 58.88 85.61 1.01
C GLY KA 606 60.33 85.23 1.16
N MET KA 607 60.83 85.14 2.39
CA MET KA 607 62.22 84.77 2.60
C MET KA 607 62.38 83.26 2.53
N VAL KA 608 63.45 82.82 1.87
CA VAL KA 608 63.80 81.41 1.79
C VAL KA 608 65.24 81.26 2.19
N TRP KA 609 65.58 80.10 2.75
CA TRP KA 609 66.94 79.87 3.20
C TRP KA 609 67.20 78.37 3.27
N GLN KA 610 68.48 78.04 3.34
CA GLN KA 610 68.93 76.68 3.57
C GLN KA 610 69.46 76.55 4.99
N ASN KA 611 69.35 75.35 5.53
CA ASN KA 611 69.95 75.07 6.82
C ASN KA 611 71.46 74.86 6.67
N ARG KA 612 72.14 74.84 7.81
CA ARG KA 612 73.54 74.48 7.82
C ARG KA 612 73.73 73.04 7.36
N ASP KA 613 74.82 72.80 6.65
CA ASP KA 613 75.14 71.46 6.22
C ASP KA 613 75.47 70.57 7.41
N VAL KA 614 75.23 69.28 7.25
CA VAL KA 614 75.71 68.31 8.20
C VAL KA 614 77.04 67.76 7.71
N TYR KA 615 77.82 67.21 8.63
CA TYR KA 615 79.16 66.73 8.32
C TYR KA 615 79.34 65.34 8.88
N LEU KA 616 80.25 64.59 8.27
CA LEU KA 616 80.55 63.25 8.76
C LEU KA 616 80.98 63.29 10.23
N GLN KA 617 81.74 64.31 10.61
CA GLN KA 617 82.15 64.49 11.99
C GLN KA 617 81.15 65.27 12.82
N GLY KA 618 80.10 65.81 12.20
CA GLY KA 618 79.20 66.71 12.88
C GLY KA 618 78.07 66.00 13.61
N PRO KA 619 77.27 66.78 14.35
CA PRO KA 619 76.13 66.20 15.05
C PRO KA 619 75.03 65.78 14.10
N ILE KA 620 74.21 64.84 14.57
CA ILE KA 620 73.08 64.34 13.79
C ILE KA 620 71.78 65.03 14.18
N TRP KA 621 71.48 65.08 15.47
CA TRP KA 621 70.21 65.60 15.94
C TRP KA 621 70.43 66.47 17.15
N ALA KA 622 69.44 67.31 17.44
CA ALA KA 622 69.34 68.02 18.70
C ALA KA 622 67.90 67.97 19.17
N LYS KA 623 67.74 68.02 20.49
CA LYS KA 623 66.40 68.11 21.05
C LYS KA 623 65.89 69.53 20.89
N ILE KA 624 64.72 69.67 20.28
CA ILE KA 624 64.06 70.97 20.22
C ILE KA 624 63.62 71.30 21.64
N PRO KA 625 64.04 72.43 22.19
CA PRO KA 625 63.61 72.79 23.55
C PRO KA 625 62.10 72.86 23.64
N HIS KA 626 61.57 72.38 24.76
CA HIS KA 626 60.13 72.39 25.00
C HIS KA 626 59.73 73.81 25.36
N THR KA 627 59.29 74.57 24.37
CA THR KA 627 58.90 75.96 24.57
C THR KA 627 57.56 76.21 23.90
N ASP KA 628 56.95 77.34 24.24
CA ASP KA 628 55.70 77.74 23.61
C ASP KA 628 55.89 77.97 22.12
N GLY KA 629 56.97 78.64 21.74
CA GLY KA 629 57.18 78.98 20.35
C GLY KA 629 58.62 78.73 19.95
N ASN KA 630 58.78 78.32 18.71
CA ASN KA 630 60.08 78.27 18.06
C ASN KA 630 59.89 78.67 16.61
N PHE KA 631 60.96 79.15 16.00
CA PHE KA 631 60.94 79.49 14.59
C PHE KA 631 61.96 78.61 13.87
N HIS KA 632 61.48 77.83 12.91
CA HIS KA 632 62.29 76.90 12.13
C HIS KA 632 63.21 76.12 13.05
N PRO KA 633 62.68 75.18 13.84
CA PRO KA 633 63.49 74.53 14.87
C PRO KA 633 64.50 73.54 14.30
N SER KA 634 65.32 74.01 13.40
CA SER KA 634 66.45 73.23 12.92
C SER KA 634 67.69 73.59 13.72
N PRO KA 635 68.39 72.62 14.31
CA PRO KA 635 69.51 72.93 15.18
C PRO KA 635 70.57 73.74 14.44
N LEU KA 636 71.14 74.71 15.15
CA LEU KA 636 72.02 75.67 14.47
C LEU KA 636 73.37 75.05 14.10
N MET KA 637 73.90 74.14 14.91
CA MET KA 637 75.10 73.44 14.49
C MET KA 637 74.81 72.34 13.48
N GLY KA 638 73.61 72.30 12.93
CA GLY KA 638 73.27 71.38 11.88
C GLY KA 638 72.63 70.10 12.40
N GLY KA 639 71.86 69.47 11.54
CA GLY KA 639 71.23 68.22 11.85
C GLY KA 639 69.72 68.32 11.91
N PHE KA 640 69.13 67.36 12.59
CA PHE KA 640 67.69 67.19 12.65
C PHE KA 640 67.18 67.65 14.02
N GLY KA 641 66.26 68.60 14.01
CA GLY KA 641 65.62 69.00 15.24
C GLY KA 641 64.48 68.07 15.57
N LEU KA 642 64.53 67.46 16.76
CA LEU KA 642 63.53 66.49 17.16
C LEU KA 642 62.88 66.92 18.46
N LYS KA 643 61.55 66.92 18.49
CA LYS KA 643 60.85 67.13 19.75
C LYS KA 643 61.13 66.00 20.72
N HIS KA 644 61.20 64.77 20.21
CA HIS KA 644 61.47 63.57 21.00
C HIS KA 644 62.67 62.88 20.37
N PRO KA 645 63.88 63.32 20.68
CA PRO KA 645 65.08 62.76 20.07
C PRO KA 645 65.34 61.37 20.62
N PRO KA 646 66.35 60.67 20.10
CA PRO KA 646 66.78 59.42 20.73
C PRO KA 646 67.05 59.64 22.20
N PRO KA 647 66.46 58.82 23.07
CA PRO KA 647 66.57 59.08 24.51
C PRO KA 647 68.00 58.92 25.00
N GLN KA 648 68.33 59.68 26.03
CA GLN KA 648 69.60 59.50 26.70
C GLN KA 648 69.67 58.11 27.31
N ILE KA 649 70.79 57.43 27.10
CA ILE KA 649 71.02 56.11 27.65
C ILE KA 649 72.04 56.27 28.77
N LEU KA 650 71.59 56.13 30.01
CA LEU KA 650 72.42 56.34 31.18
C LEU KA 650 72.92 55.00 31.68
N ILE KA 651 74.21 54.94 32.00
CA ILE KA 651 74.83 53.70 32.45
C ILE KA 651 75.70 54.01 33.65
N LYS KA 652 75.70 53.10 34.62
CA LYS KA 652 76.48 53.29 35.84
C LYS KA 652 76.90 51.94 36.37
N ASN KA 653 78.11 51.88 36.89
CA ASN KA 653 78.52 50.72 37.68
C ASN KA 653 77.81 50.76 39.02
N THR KA 654 77.11 49.69 39.35
CA THR KA 654 76.45 49.61 40.65
C THR KA 654 77.51 49.61 41.73
N PRO KA 655 77.42 50.49 42.72
CA PRO KA 655 78.43 50.50 43.78
C PRO KA 655 78.45 49.18 44.53
N VAL KA 656 79.65 48.67 44.76
CA VAL KA 656 79.86 47.46 45.54
C VAL KA 656 80.63 47.86 46.78
N PRO KA 657 80.00 47.91 47.95
CA PRO KA 657 80.70 48.32 49.17
C PRO KA 657 81.86 47.39 49.49
N ALA KA 658 82.92 47.98 50.02
CA ALA KA 658 83.93 47.17 50.68
C ALA KA 658 83.36 46.63 52.00
N ASP KA 659 84.18 45.93 52.76
CA ASP KA 659 83.67 45.32 53.97
C ASP KA 659 83.19 46.37 54.95
N PRO KA 660 81.93 46.37 55.36
CA PRO KA 660 81.45 47.33 56.34
C PRO KA 660 81.97 46.99 57.72
N PRO KA 661 81.91 47.92 58.65
CA PRO KA 661 82.31 47.60 60.03
C PRO KA 661 81.38 46.57 60.63
N THR KA 662 81.87 45.87 61.64
CA THR KA 662 81.08 44.84 62.30
C THR KA 662 80.14 45.41 63.35
N THR KA 663 80.21 46.70 63.62
CA THR KA 663 79.25 47.38 64.47
C THR KA 663 78.49 48.40 63.62
N PHE KA 664 77.19 48.51 63.85
CA PHE KA 664 76.35 49.31 62.97
C PHE KA 664 76.76 50.78 63.01
N ASN KA 665 76.82 51.38 61.83
CA ASN KA 665 77.03 52.81 61.67
C ASN KA 665 75.98 53.33 60.70
N GLN KA 666 75.25 54.36 61.12
CA GLN KA 666 74.18 54.91 60.30
C GLN KA 666 74.70 55.68 59.09
N SER KA 667 75.97 56.09 59.11
CA SER KA 667 76.52 56.90 58.04
C SER KA 667 76.54 56.12 56.74
N LYS KA 668 76.32 56.83 55.64
CA LYS KA 668 76.38 56.20 54.33
C LYS KA 668 77.78 55.62 54.10
N LEU KA 669 77.83 54.48 53.44
CA LEU KA 669 79.10 53.84 53.16
C LEU KA 669 79.88 54.63 52.13
N ASN KA 670 81.15 54.88 52.41
CA ASN KA 670 82.03 55.55 51.47
C ASN KA 670 83.20 54.69 51.03
N SER KA 671 83.31 53.48 51.56
CA SER KA 671 84.36 52.55 51.18
C SER KA 671 83.78 51.57 50.17
N PHE KA 672 84.24 51.67 48.93
CA PHE KA 672 83.71 50.86 47.84
C PHE KA 672 84.83 50.11 47.17
N ILE KA 673 84.47 48.94 46.64
CA ILE KA 673 85.40 48.17 45.82
C ILE KA 673 85.65 48.92 44.52
N THR KA 674 86.92 49.16 44.20
CA THR KA 674 87.26 49.86 42.97
C THR KA 674 86.88 48.99 41.78
N GLN KA 675 86.15 49.59 40.83
CA GLN KA 675 85.44 48.77 39.87
C GLN KA 675 85.24 49.57 38.60
N TYR KA 676 85.29 48.88 37.46
CA TYR KA 676 84.93 49.46 36.18
C TYR KA 676 84.31 48.37 35.34
N SER KA 677 83.54 48.78 34.34
CA SER KA 677 82.90 47.84 33.45
C SER KA 677 83.32 48.12 32.01
N THR KA 678 83.30 47.06 31.22
CA THR KA 678 83.54 47.17 29.79
C THR KA 678 82.52 46.28 29.09
N GLY KA 679 82.26 46.59 27.83
CA GLY KA 679 81.33 45.81 27.06
C GLY KA 679 81.29 46.31 25.64
N GLN KA 680 80.33 45.79 24.90
CA GLN KA 680 80.11 46.21 23.53
C GLN KA 680 78.78 46.94 23.43
N VAL KA 681 78.75 47.97 22.59
CA VAL KA 681 77.55 48.74 22.33
C VAL KA 681 77.28 48.68 20.83
N SER KA 682 76.05 48.36 20.47
CA SER KA 682 75.64 48.35 19.08
C SER KA 682 74.52 49.36 18.90
N VAL KA 683 74.65 50.21 17.89
CA VAL KA 683 73.60 51.13 17.49
C VAL KA 683 73.34 50.93 16.01
N GLU KA 684 72.09 50.67 15.67
CA GLU KA 684 71.65 50.49 14.29
C GLU KA 684 70.67 51.59 13.96
N ILE KA 685 70.96 52.37 12.93
CA ILE KA 685 70.07 53.44 12.49
C ILE KA 685 69.66 53.15 11.05
N GLU KA 686 68.36 53.17 10.80
CA GLU KA 686 67.84 53.10 9.43
C GLU KA 686 67.60 54.52 8.95
N TRP KA 687 68.19 54.85 7.81
CA TRP KA 687 68.04 56.17 7.21
C TRP KA 687 67.23 56.04 5.93
N GLU KA 688 66.30 56.97 5.73
CA GLU KA 688 65.58 57.08 4.47
C GLU KA 688 66.33 58.03 3.55
N LEU KA 689 66.40 57.67 2.28
CA LEU KA 689 67.15 58.43 1.30
C LEU KA 689 66.19 59.13 0.35
N GLN KA 690 66.56 60.35 -0.05
CA GLN KA 690 65.90 61.05 -1.14
C GLN KA 690 66.80 60.94 -2.36
N LYS KA 691 66.41 60.08 -3.30
CA LYS KA 691 67.20 59.91 -4.51
C LYS KA 691 67.13 61.16 -5.38
N GLU KA 692 68.26 61.51 -5.98
CA GLU KA 692 68.29 62.64 -6.89
C GLU KA 692 67.62 62.27 -8.20
N ASN KA 693 66.68 63.09 -8.63
CA ASN KA 693 66.01 62.92 -9.91
C ASN KA 693 66.28 64.18 -10.73
N SER KA 694 67.41 64.20 -11.41
CA SER KA 694 67.94 65.41 -12.01
C SER KA 694 68.12 65.21 -13.51
N LYS KA 695 67.75 66.25 -14.27
CA LYS KA 695 67.94 66.26 -15.71
C LYS KA 695 69.16 67.07 -16.12
N ARG KA 696 70.02 67.39 -15.17
CA ARG KA 696 71.28 68.07 -15.47
C ARG KA 696 72.09 67.26 -16.48
N TRP KA 697 72.62 67.93 -17.49
CA TRP KA 697 73.34 67.23 -18.54
C TRP KA 697 74.80 67.02 -18.17
N ASN KA 698 75.47 68.08 -17.71
CA ASN KA 698 76.88 68.00 -17.40
C ASN KA 698 77.10 67.24 -16.09
N PRO KA 699 78.29 66.67 -15.89
CA PRO KA 699 78.53 65.91 -14.66
C PRO KA 699 78.47 66.78 -13.43
N GLU KA 700 78.04 66.17 -12.33
CA GLU KA 700 77.93 66.86 -11.06
C GLU KA 700 79.27 66.88 -10.34
N ILE KA 701 79.36 67.73 -9.33
CA ILE KA 701 80.48 67.69 -8.40
C ILE KA 701 80.26 66.53 -7.45
N GLN KA 702 81.29 65.73 -7.26
CA GLN KA 702 81.22 64.58 -6.37
C GLN KA 702 82.36 64.65 -5.37
N TYR KA 703 82.12 64.16 -4.16
CA TYR KA 703 83.24 64.00 -3.25
C TYR KA 703 84.09 62.82 -3.70
N THR KA 704 85.38 63.06 -3.83
CA THR KA 704 86.30 62.03 -4.29
C THR KA 704 87.57 62.09 -3.45
N SER KA 705 88.20 60.95 -3.28
CA SER KA 705 89.53 60.93 -2.70
C SER KA 705 90.53 61.43 -3.74
N ASN KA 706 91.62 62.00 -3.26
CA ASN KA 706 92.67 62.47 -4.16
C ASN KA 706 93.36 61.29 -4.82
N TYR KA 707 93.57 61.39 -6.13
CA TYR KA 707 94.19 60.30 -6.87
C TYR KA 707 95.70 60.24 -6.64
N TYR KA 708 96.32 61.39 -6.35
CA TYR KA 708 97.77 61.47 -6.26
C TYR KA 708 98.29 60.73 -5.03
N LYS KA 709 99.54 60.29 -5.10
CA LYS KA 709 100.13 59.49 -4.04
C LYS KA 709 100.31 60.31 -2.77
N SER KA 710 100.35 59.61 -1.64
CA SER KA 710 100.51 60.27 -0.35
C SER KA 710 101.14 59.29 0.63
N THR KA 711 101.67 59.84 1.71
CA THR KA 711 102.31 59.01 2.72
C THR KA 711 101.33 58.04 3.37
N SER KA 712 100.09 58.48 3.57
CA SER KA 712 99.07 57.65 4.21
C SER KA 712 97.77 57.78 3.44
N VAL KA 713 96.92 56.78 3.60
CA VAL KA 713 95.58 56.82 3.02
C VAL KA 713 94.71 57.72 3.88
N ASP KA 714 93.98 58.61 3.22
CA ASP KA 714 93.02 59.46 3.93
C ASP KA 714 91.91 58.62 4.53
N PHE KA 715 91.50 58.97 5.75
CA PHE KA 715 90.50 58.22 6.50
C PHE KA 715 90.97 56.77 6.72
N ALA KA 716 92.21 56.63 7.14
CA ALA KA 716 92.79 55.35 7.50
C ALA KA 716 93.66 55.55 8.72
N VAL KA 717 94.33 54.52 9.14
CA VAL KA 717 95.26 54.60 10.25
C VAL KA 717 96.64 54.92 9.72
N ASN KA 718 97.46 55.53 10.56
CA ASN KA 718 98.85 55.77 10.22
C ASN KA 718 99.70 54.60 10.71
N THR KA 719 101.02 54.76 10.71
CA THR KA 719 101.90 53.69 11.12
C THR KA 719 101.79 53.38 12.61
N GLU KA 720 101.22 54.30 13.40
CA GLU KA 720 101.06 54.10 14.84
C GLU KA 720 99.69 53.59 15.21
N GLY KA 721 98.83 53.31 14.24
CA GLY KA 721 97.50 52.83 14.54
C GLY KA 721 96.47 53.90 14.83
N VAL KA 722 96.82 55.17 14.62
CA VAL KA 722 95.91 56.27 14.93
C VAL KA 722 95.04 56.52 13.71
N TYR KA 723 93.73 56.38 13.90
CA TYR KA 723 92.78 56.75 12.86
C TYR KA 723 92.57 58.25 12.88
N SER KA 724 92.58 58.86 11.70
CA SER KA 724 92.40 60.30 11.59
C SER KA 724 91.43 60.61 10.47
N GLU KA 725 90.66 61.67 10.65
CA GLU KA 725 89.81 62.21 9.61
C GLU KA 725 90.47 63.46 9.07
N PRO KA 726 91.01 63.45 7.85
CA PRO KA 726 91.84 64.57 7.41
C PRO KA 726 91.07 65.84 7.10
N ARG KA 727 89.79 65.74 6.76
CA ARG KA 727 89.01 66.90 6.38
C ARG KA 727 87.58 66.70 6.84
N PRO KA 728 86.83 67.78 7.02
CA PRO KA 728 85.38 67.63 7.27
C PRO KA 728 84.66 67.44 5.95
N ILE KA 729 84.00 66.30 5.79
CA ILE KA 729 83.24 66.03 4.58
C ILE KA 729 81.83 66.56 4.79
N GLY KA 730 81.47 67.56 4.00
CA GLY KA 730 80.11 68.06 4.03
C GLY KA 730 79.15 67.09 3.38
N THR KA 731 78.00 67.58 2.97
CA THR KA 731 76.97 66.72 2.44
C THR KA 731 76.44 67.22 1.11
N ARG KA 732 76.75 68.45 0.72
CA ARG KA 732 76.13 69.10 -0.43
C ARG KA 732 77.08 69.06 -1.62
N TYR KA 733 76.91 68.05 -2.46
CA TYR KA 733 77.68 67.92 -3.70
C TYR KA 733 76.79 67.87 -4.93
N LEU KA 734 75.67 67.17 -4.86
CA LEU KA 734 74.71 67.20 -5.94
C LEU KA 734 74.02 68.57 -5.98
N THR KA 735 73.35 68.85 -7.09
CA THR KA 735 72.73 70.14 -7.31
C THR KA 735 71.24 69.99 -7.59
N ARG KA 736 70.49 71.02 -7.21
CA ARG KA 736 69.09 71.16 -7.57
C ARG KA 736 68.85 72.58 -8.06
N ASN KA 737 67.84 72.72 -8.90
CA ASN KA 737 67.34 74.05 -9.20
C ASN KA 737 66.61 74.61 -7.99
N LEU KA 738 66.49 75.92 -7.95
CA LEU KA 738 65.74 76.55 -6.87
C LEU KA 738 64.25 76.40 -7.10
N GLY LA 221 7.20 80.79 32.40
CA GLY LA 221 6.22 81.35 33.30
C GLY LA 221 6.74 82.50 34.14
N VAL LA 222 5.85 83.41 34.52
CA VAL LA 222 6.23 84.55 35.34
C VAL LA 222 6.71 84.08 36.71
N GLY LA 223 6.01 83.13 37.30
CA GLY LA 223 6.28 82.68 38.65
C GLY LA 223 7.19 81.48 38.79
N SER LA 224 7.88 81.08 37.73
CA SER LA 224 8.78 79.94 37.78
C SER LA 224 10.19 80.36 37.36
N SER LA 225 11.18 79.89 38.10
CA SER LA 225 12.56 80.17 37.77
C SER LA 225 12.96 79.49 36.46
N SER LA 226 13.72 80.20 35.64
CA SER LA 226 14.18 79.66 34.37
C SER LA 226 15.58 79.08 34.45
N GLY LA 227 16.17 79.03 35.63
CA GLY LA 227 17.48 78.43 35.79
C GLY LA 227 17.93 78.53 37.22
N ASN LA 228 18.93 77.72 37.55
CA ASN LA 228 19.46 77.65 38.90
C ASN LA 228 20.84 78.28 38.97
N TRP LA 229 21.26 78.61 40.18
CA TRP LA 229 22.58 79.15 40.42
C TRP LA 229 23.60 78.03 40.35
N HIS LA 230 24.59 78.17 39.47
CA HIS LA 230 25.61 77.15 39.25
C HIS LA 230 26.97 77.82 39.33
N CYS LA 231 27.51 77.92 40.54
CA CYS LA 231 28.91 78.29 40.74
C CYS LA 231 29.61 77.08 41.36
N ASP LA 232 30.62 76.58 40.67
CA ASP LA 232 31.27 75.35 41.09
C ASP LA 232 32.51 75.14 40.24
N SER LA 233 33.37 74.25 40.70
CA SER LA 233 34.50 73.77 39.92
C SER LA 233 34.66 72.29 40.24
N THR LA 234 34.59 71.45 39.22
CA THR LA 234 34.75 70.01 39.39
C THR LA 234 36.04 69.58 38.71
N TRP LA 235 36.95 69.02 39.50
CA TRP LA 235 38.21 68.49 39.00
C TRP LA 235 38.06 66.99 38.81
N LEU LA 236 38.20 66.52 37.59
CA LEU LA 236 37.99 65.10 37.28
C LEU LA 236 39.06 64.68 36.27
N GLY LA 237 40.08 63.98 36.75
CA GLY LA 237 41.13 63.51 35.86
C GLY LA 237 41.91 64.68 35.27
N ASP LA 238 42.01 64.70 33.96
CA ASP LA 238 42.73 65.74 33.24
C ASP LA 238 41.84 66.90 32.84
N ARG LA 239 40.63 66.98 33.41
CA ARG LA 239 39.71 68.07 33.13
C ARG LA 239 39.38 68.80 34.42
N VAL LA 240 39.14 70.10 34.30
CA VAL LA 240 38.48 70.87 35.33
C VAL LA 240 37.34 71.63 34.67
N ILE LA 241 36.15 71.54 35.25
CA ILE LA 241 34.99 72.22 34.72
C ILE LA 241 34.64 73.33 35.69
N THR LA 242 34.91 74.57 35.30
CA THR LA 242 34.51 75.73 36.07
C THR LA 242 33.15 76.20 35.59
N THR LA 243 32.24 76.43 36.53
CA THR LA 243 30.98 77.06 36.21
C THR LA 243 30.79 78.22 37.17
N SER LA 244 30.36 79.35 36.63
CA SER LA 244 30.19 80.54 37.43
C SER LA 244 28.88 81.22 37.07
N THR LA 245 28.13 81.63 38.08
CA THR LA 245 26.90 82.36 37.90
C THR LA 245 27.05 83.73 38.53
N ARG LA 246 26.54 84.74 37.83
CA ARG LA 246 26.54 86.10 38.35
C ARG LA 246 25.19 86.74 38.10
N THR LA 247 24.86 87.72 38.91
CA THR LA 247 23.70 88.56 38.69
C THR LA 247 24.14 89.80 37.94
N TRP LA 248 23.47 90.08 36.82
CA TRP LA 248 23.80 91.23 36.00
C TRP LA 248 22.65 92.22 35.99
N ALA LA 249 22.97 93.45 35.63
CA ALA LA 249 21.97 94.48 35.39
C ALA LA 249 22.28 95.16 34.08
N LEU LA 250 21.30 95.21 33.19
CA LEU LA 250 21.49 95.83 31.88
C LEU LA 250 20.65 97.08 31.78
N PRO LA 251 21.25 98.26 31.72
CA PRO LA 251 20.47 99.48 31.49
C PRO LA 251 20.11 99.62 30.03
N THR LA 252 19.30 100.63 29.75
CA THR LA 252 19.12 101.07 28.38
C THR LA 252 20.30 101.96 28.00
N TYR LA 253 21.03 101.57 26.98
CA TYR LA 253 22.20 102.31 26.54
C TYR LA 253 21.81 103.22 25.38
N ASN LA 254 22.37 104.42 25.37
CA ASN LA 254 22.28 105.35 24.24
C ASN LA 254 20.85 105.80 23.96
N ASN LA 255 19.93 105.58 24.88
CA ASN LA 255 18.50 105.84 24.64
C ASN LA 255 18.02 105.08 23.41
N HIS LA 256 18.46 103.83 23.28
CA HIS LA 256 18.10 102.92 22.19
C HIS LA 256 18.64 103.36 20.84
N LEU LA 257 19.62 104.26 20.82
CA LEU LA 257 20.11 104.82 19.57
C LEU LA 257 21.50 104.27 19.23
N TYR LA 258 21.79 104.22 17.94
CA TYR LA 258 23.15 104.08 17.45
C TYR LA 258 23.72 105.47 17.24
N LYS LA 259 24.84 105.76 17.87
CA LYS LA 259 25.45 107.08 17.75
C LYS LA 259 26.83 106.93 17.13
N GLN LA 260 27.10 107.73 16.11
CA GLN LA 260 28.45 107.84 15.60
C GLN LA 260 29.31 108.56 16.63
N ILE LA 261 30.47 108.00 16.93
CA ILE LA 261 31.41 108.57 17.89
C ILE LA 261 32.73 108.77 17.19
N SER LA 262 33.41 109.86 17.52
CA SER LA 262 34.66 110.21 16.86
C SER LA 262 35.55 110.94 17.82
N ASN LA 263 36.82 111.05 17.42
CA ASN LA 263 37.81 111.86 18.14
C ASN LA 263 38.82 112.33 17.11
N GLY LA 264 39.00 113.64 17.00
CA GLY LA 264 39.90 114.23 16.04
C GLY LA 264 41.00 115.01 16.73
N THR LA 265 41.84 115.62 15.90
CA THR LA 265 42.95 116.43 16.39
C THR LA 265 42.52 117.85 16.69
N ALA LA 269 43.09 116.38 21.12
CA ALA LA 269 43.59 115.01 21.01
C ALA LA 269 44.67 114.92 19.93
N THR LA 270 45.61 114.01 20.13
CA THR LA 270 46.67 113.80 19.14
C THR LA 270 46.18 112.86 18.06
N ASN LA 271 46.93 112.84 16.95
CA ASN LA 271 46.58 111.94 15.86
C ASN LA 271 46.66 110.48 16.28
N ASP LA 272 47.52 110.17 17.25
CA ASP LA 272 47.65 108.80 17.71
C ASP LA 272 46.37 108.28 18.37
N ASN LA 273 45.51 109.17 18.83
CA ASN LA 273 44.32 108.79 19.58
C ASN LA 273 43.03 109.07 18.82
N THR LA 274 43.11 109.36 17.53
CA THR LA 274 41.90 109.60 16.76
C THR LA 274 41.16 108.29 16.50
N TYR LA 275 39.84 108.39 16.39
CA TYR LA 275 39.04 107.23 16.04
C TYR LA 275 37.73 107.67 15.43
N PHE LA 276 37.13 106.75 14.68
CA PHE LA 276 35.76 106.86 14.21
C PHE LA 276 35.09 105.53 14.49
N GLY LA 277 33.90 105.58 15.05
CA GLY LA 277 33.21 104.35 15.37
C GLY LA 277 31.77 104.62 15.69
N TYR LA 278 31.13 103.61 16.29
CA TYR LA 278 29.73 103.69 16.61
C TYR LA 278 29.48 103.19 18.01
N SER LA 279 28.69 103.93 18.77
CA SER LA 279 28.15 103.47 20.03
C SER LA 279 26.79 102.84 19.75
N THR LA 280 26.58 101.64 20.26
CA THR LA 280 25.34 100.93 20.03
C THR LA 280 24.51 100.89 21.30
N PRO LA 281 23.20 100.71 21.18
CA PRO LA 281 22.36 100.52 22.37
C PRO LA 281 22.47 99.14 23.00
N TRP LA 282 23.38 98.31 22.52
CA TRP LA 282 23.49 96.94 22.98
C TRP LA 282 24.55 96.82 24.07
N GLY LA 283 24.26 95.97 25.04
CA GLY LA 283 25.29 95.49 25.93
C GLY LA 283 25.88 94.20 25.43
N TYR LA 284 26.93 93.75 26.09
CA TYR LA 284 27.53 92.47 25.73
C TYR LA 284 28.08 91.81 26.98
N PHE LA 285 28.09 90.48 26.95
CA PHE LA 285 28.59 89.69 28.07
C PHE LA 285 30.05 89.35 27.84
N ASP LA 286 30.88 89.66 28.84
CA ASP LA 286 32.31 89.38 28.80
C ASP LA 286 32.65 88.47 29.96
N PHE LA 287 33.31 87.36 29.67
CA PHE LA 287 33.89 86.49 30.68
C PHE LA 287 35.29 86.09 30.28
N ASN LA 288 36.01 87.05 29.69
CA ASN LA 288 37.34 86.83 29.15
C ASN LA 288 38.44 87.13 30.16
N ARG LA 289 38.18 86.89 31.44
CA ARG LA 289 39.19 86.95 32.47
C ARG LA 289 39.14 85.66 33.27
N PHE LA 290 40.31 85.20 33.71
CA PHE LA 290 40.36 83.89 34.36
C PHE LA 290 39.63 83.90 35.69
N HIS LA 291 39.61 85.02 36.40
CA HIS LA 291 38.91 85.04 37.69
C HIS LA 291 37.40 85.05 37.54
N CYS LA 292 36.88 85.21 36.32
CA CYS LA 292 35.47 84.98 36.09
C CYS LA 292 35.09 83.52 36.25
N HIS LA 293 36.06 82.63 36.19
CA HIS LA 293 35.82 81.19 36.20
C HIS LA 293 36.54 80.46 37.32
N PHE LA 294 37.76 80.88 37.65
CA PHE LA 294 38.54 80.25 38.68
C PHE LA 294 38.51 81.06 39.96
N SER LA 295 38.11 80.43 41.05
CA SER LA 295 38.34 81.00 42.36
C SER LA 295 39.85 81.02 42.62
N PRO LA 296 40.31 81.89 43.51
CA PRO LA 296 41.75 81.90 43.82
C PRO LA 296 42.27 80.54 44.28
N ARG LA 297 41.48 79.81 45.06
CA ARG LA 297 41.88 78.47 45.45
C ARG LA 297 41.92 77.52 44.26
N ASP LA 298 40.94 77.64 43.35
CA ASP LA 298 40.97 76.83 42.14
C ASP LA 298 42.15 77.19 41.26
N TRP LA 299 42.48 78.48 41.18
CA TRP LA 299 43.66 78.90 40.45
C TRP LA 299 44.92 78.30 41.06
N GLN LA 300 45.00 78.28 42.40
CA GLN LA 300 46.13 77.65 43.06
C GLN LA 300 46.21 76.17 42.73
N ARG LA 301 45.08 75.48 42.79
CA ARG LA 301 45.04 74.07 42.40
C ARG LA 301 45.56 73.87 40.99
N LEU LA 302 45.14 74.75 40.08
CA LEU LA 302 45.56 74.62 38.68
C LEU LA 302 47.05 74.84 38.53
N ILE LA 303 47.57 75.94 39.08
CA ILE LA 303 48.94 76.35 38.79
C ILE LA 303 49.97 75.57 39.60
N ASN LA 304 49.61 75.01 40.74
CA ASN LA 304 50.58 74.28 41.55
C ASN LA 304 50.73 72.84 41.12
N ASN LA 305 49.90 72.34 40.23
CA ASN LA 305 49.84 70.92 39.95
C ASN LA 305 49.84 70.56 38.47
N ASN LA 306 49.78 71.54 37.58
CA ASN LA 306 49.64 71.27 36.17
C ASN LA 306 50.69 72.02 35.37
N TRP LA 307 51.26 71.35 34.37
CA TRP LA 307 52.21 71.98 33.47
C TRP LA 307 51.52 72.81 32.40
N GLY LA 308 50.23 72.62 32.20
CA GLY LA 308 49.52 73.37 31.18
C GLY LA 308 48.03 73.16 31.29
N PHE LA 309 47.31 74.03 30.61
CA PHE LA 309 45.87 73.93 30.54
C PHE LA 309 45.40 74.67 29.30
N ARG LA 310 44.18 74.36 28.88
CA ARG LA 310 43.57 75.03 27.74
C ARG LA 310 42.08 74.85 27.82
N PRO LA 311 41.30 75.83 27.36
CA PRO LA 311 39.85 75.65 27.32
C PRO LA 311 39.45 74.64 26.26
N LYS LA 312 38.39 73.90 26.54
CA LYS LA 312 37.89 72.89 25.62
C LYS LA 312 36.51 73.26 25.07
N ARG LA 313 35.57 73.56 25.95
CA ARG LA 313 34.22 73.89 25.54
C ARG LA 313 33.64 74.84 26.57
N LEU LA 314 32.61 75.58 26.16
CA LEU LA 314 31.89 76.42 27.10
C LEU LA 314 30.40 76.31 26.85
N SER LA 315 29.64 76.48 27.92
CA SER LA 315 28.20 76.64 27.83
C SER LA 315 27.84 77.92 28.56
N PHE LA 316 26.90 78.67 27.99
CA PHE LA 316 26.52 79.97 28.47
C PHE LA 316 25.02 79.98 28.67
N LYS LA 317 24.55 80.59 29.76
CA LYS LA 317 23.13 80.62 30.04
C LYS LA 317 22.73 81.99 30.56
N LEU LA 318 21.60 82.48 30.05
CA LEU LA 318 20.92 83.64 30.57
C LEU LA 318 19.56 83.19 31.08
N PHE LA 319 19.20 83.58 32.30
CA PHE LA 319 17.98 83.07 32.90
C PHE LA 319 17.55 83.99 34.03
N ASN LA 320 16.35 83.75 34.53
CA ASN LA 320 15.75 84.55 35.60
C ASN LA 320 15.76 86.03 35.21
N ILE LA 321 15.37 86.29 33.99
CA ILE LA 321 15.37 87.65 33.46
C ILE LA 321 14.21 88.42 34.08
N GLN LA 322 14.51 89.62 34.57
CA GLN LA 322 13.51 90.54 35.09
C GLN LA 322 13.69 91.87 34.39
N VAL LA 323 12.69 92.31 33.67
CA VAL LA 323 12.68 93.62 33.04
C VAL LA 323 11.86 94.55 33.92
N LYS LA 324 12.45 95.66 34.33
CA LYS LA 324 11.85 96.54 35.31
C LYS LA 324 11.63 97.92 34.72
N GLU LA 325 10.48 98.50 35.03
CA GLU LA 325 10.13 99.83 34.60
C GLU LA 325 10.33 100.79 35.77
N VAL LA 326 11.00 101.91 35.51
CA VAL LA 326 11.23 102.94 36.51
C VAL LA 326 10.55 104.22 36.05
N THR LA 327 9.75 104.81 36.93
CA THR LA 327 9.00 106.02 36.62
C THR LA 327 9.48 107.19 37.47
N LYS LA 333 10.69 108.24 42.65
CA LYS LA 333 11.07 107.15 41.76
C LYS LA 333 10.52 105.82 42.26
N THR LA 334 9.76 105.14 41.41
CA THR LA 334 9.25 103.80 41.69
C THR LA 334 9.71 102.84 40.61
N ILE LA 335 10.10 101.64 41.02
CA ILE LA 335 10.53 100.59 40.12
C ILE LA 335 9.50 99.47 40.17
N ALA LA 336 9.00 99.10 39.01
CA ALA LA 336 7.98 98.06 38.91
C ALA LA 336 8.39 97.05 37.85
N ASN LA 337 7.89 95.83 38.02
CA ASN LA 337 8.10 94.81 37.00
C ASN LA 337 7.32 95.15 35.74
N ASN LA 338 7.98 94.94 34.60
CA ASN LA 338 7.29 95.06 33.29
C ASN LA 338 7.27 93.61 32.78
N LEU LA 339 6.22 92.86 33.11
CA LEU LA 339 6.19 91.42 32.83
C LEU LA 339 6.20 91.12 31.34
N THR LA 340 5.67 92.02 30.52
CA THR LA 340 5.56 91.78 29.09
C THR LA 340 6.73 92.35 28.29
N SER LA 341 7.69 92.97 28.95
CA SER LA 341 8.85 93.51 28.25
C SER LA 341 9.84 92.41 27.93
N THR LA 342 10.63 92.63 26.88
CA THR LA 342 11.59 91.64 26.43
C THR LA 342 13.01 92.22 26.46
N ILE LA 343 13.97 91.31 26.50
CA ILE LA 343 15.35 91.60 26.16
C ILE LA 343 15.67 90.83 24.90
N GLN LA 344 16.61 91.34 24.13
CA GLN LA 344 17.08 90.67 22.92
C GLN LA 344 18.50 90.19 23.14
N VAL LA 345 18.73 88.90 22.87
CA VAL LA 345 20.05 88.29 23.03
C VAL LA 345 20.38 87.56 21.75
N PHE LA 346 21.60 87.76 21.26
CA PHE LA 346 22.10 86.93 20.18
C PHE LA 346 23.61 86.80 20.32
N THR LA 347 24.14 85.72 19.78
CA THR LA 347 25.58 85.51 19.71
C THR LA 347 26.03 85.76 18.28
N ASP LA 348 27.11 86.51 18.14
CA ASP LA 348 27.74 86.72 16.84
C ASP LA 348 28.55 85.45 16.49
N SER LA 349 27.81 84.39 16.18
CA SER LA 349 28.43 83.08 15.97
C SER LA 349 29.21 83.02 14.67
N GLU LA 350 28.87 83.85 13.69
CA GLU LA 350 29.61 83.93 12.45
C GLU LA 350 30.71 84.97 12.47
N TYR LA 351 30.91 85.64 13.62
CA TYR LA 351 31.95 86.65 13.76
C TYR LA 351 31.81 87.75 12.72
N GLN LA 352 30.59 88.17 12.49
CA GLN LA 352 30.30 89.22 11.53
C GLN LA 352 30.34 90.61 12.14
N LEU LA 353 30.39 90.71 13.41
CA LEU LA 353 30.53 91.98 14.08
C LEU LA 353 31.97 92.25 14.46
N PRO LA 354 32.37 93.51 14.58
CA PRO LA 354 33.68 93.80 15.14
C PRO LA 354 33.83 93.17 16.51
N TYR LA 355 34.90 92.40 16.68
CA TYR LA 355 35.13 91.63 17.90
C TYR LA 355 35.87 92.52 18.88
N VAL LA 356 35.14 93.00 19.90
CA VAL LA 356 35.73 93.90 20.89
C VAL LA 356 36.16 93.19 22.16
N LEU LA 357 35.81 91.91 22.31
CA LEU LA 357 36.43 91.12 23.35
C LEU LA 357 37.91 90.92 23.03
N GLY LA 358 38.68 90.57 24.05
CA GLY LA 358 40.11 90.46 23.83
C GLY LA 358 40.82 91.78 23.70
N SER LA 359 40.25 92.85 24.24
CA SER LA 359 40.95 94.12 24.37
C SER LA 359 41.14 94.51 25.83
N ALA LA 360 41.02 93.53 26.73
CA ALA LA 360 41.25 93.72 28.16
C ALA LA 360 40.36 94.83 28.73
N HIS LA 361 39.10 94.83 28.32
CA HIS LA 361 38.16 95.85 28.75
C HIS LA 361 37.50 95.46 30.07
N GLN LA 362 37.09 96.48 30.81
CA GLN LA 362 36.26 96.26 31.99
C GLN LA 362 34.88 95.76 31.57
N GLY LA 363 34.11 95.30 32.56
CA GLY LA 363 32.78 94.80 32.31
C GLY LA 363 32.68 93.30 32.27
N CYS LA 364 33.76 92.58 32.51
CA CYS LA 364 33.67 91.13 32.60
C CYS LA 364 32.89 90.74 33.86
N LEU LA 365 32.56 89.45 33.93
CA LEU LA 365 31.94 88.92 35.13
C LEU LA 365 32.85 89.18 36.32
N PRO LA 366 32.32 89.65 37.45
CA PRO LA 366 33.19 89.97 38.58
C PRO LA 366 33.85 88.72 39.13
N PRO LA 367 35.05 88.84 39.68
CA PRO LA 367 35.70 87.66 40.29
C PRO LA 367 34.90 87.08 41.44
N PHE LA 368 34.22 87.90 42.23
CA PHE LA 368 33.49 87.44 43.39
C PHE LA 368 32.07 87.07 42.99
N PRO LA 369 31.63 85.82 43.22
CA PRO LA 369 30.29 85.41 42.75
C PRO LA 369 29.15 86.23 43.33
N ALA LA 370 29.29 86.74 44.54
CA ALA LA 370 28.22 87.53 45.14
C ALA LA 370 28.09 88.91 44.52
N ASP LA 371 28.99 89.28 43.63
CA ASP LA 371 29.04 90.65 43.12
C ASP LA 371 28.08 90.79 41.96
N VAL LA 372 27.24 91.81 42.01
CA VAL LA 372 26.31 92.14 40.92
C VAL LA 372 26.98 93.15 40.02
N PHE LA 373 27.00 92.88 38.72
CA PHE LA 373 27.75 93.70 37.79
C PHE LA 373 26.86 94.28 36.72
N MET LA 374 27.28 95.43 36.21
CA MET LA 374 26.64 96.12 35.12
C MET LA 374 27.19 95.65 33.79
N ILE LA 375 26.32 95.39 32.84
CA ILE LA 375 26.73 94.90 31.53
C ILE LA 375 27.35 96.04 30.73
N PRO LA 376 28.55 95.88 30.18
CA PRO LA 376 29.16 96.97 29.42
C PRO LA 376 28.45 97.23 28.10
N GLN LA 377 28.52 98.48 27.65
CA GLN LA 377 27.90 98.87 26.40
C GLN LA 377 28.76 98.48 25.22
N TYR LA 378 28.13 97.91 24.20
CA TYR LA 378 28.87 97.49 23.00
C TYR LA 378 29.09 98.69 22.10
N GLY LA 379 30.34 98.90 21.73
CA GLY LA 379 30.69 99.85 20.69
C GLY LA 379 31.83 99.28 19.88
N TYR LA 380 32.06 99.87 18.72
CA TYR LA 380 33.12 99.37 17.86
C TYR LA 380 33.73 100.53 17.10
N LEU LA 381 34.92 100.29 16.57
CA LEU LA 381 35.62 101.26 15.76
C LEU LA 381 35.76 100.73 14.34
N THR LA 382 35.74 101.65 13.39
CA THR LA 382 35.99 101.30 12.00
C THR LA 382 37.10 102.20 11.49
N LEU LA 383 37.33 102.19 10.19
CA LEU LA 383 38.41 102.99 9.64
C LEU LA 383 38.13 104.47 9.84
N ASN LA 384 39.17 105.21 10.20
CA ASN LA 384 39.05 106.65 10.42
C ASN LA 384 40.21 107.37 9.76
N ASN LA 385 39.95 108.62 9.36
CA ASN LA 385 40.97 109.56 8.91
C ASN LA 385 40.77 110.78 9.80
N GLY LA 386 41.52 110.82 10.90
CA GLY LA 386 41.20 111.81 11.93
C GLY LA 386 39.89 111.43 12.59
N SER LA 387 39.00 112.41 12.69
CA SER LA 387 37.66 112.15 13.20
C SER LA 387 36.67 111.77 12.11
N GLN LA 388 37.09 111.73 10.86
CA GLN LA 388 36.21 111.44 9.75
C GLN LA 388 36.27 109.96 9.40
N ALA LA 389 35.16 109.45 8.88
CA ALA LA 389 35.14 108.13 8.31
C ALA LA 389 35.64 108.17 6.87
N VAL LA 390 36.04 107.01 6.38
CA VAL LA 390 36.39 106.84 4.98
C VAL LA 390 35.33 105.98 4.32
N GLY LA 391 35.41 105.87 3.00
CA GLY LA 391 34.44 105.05 2.29
C GLY LA 391 34.45 103.60 2.69
N ARG LA 392 35.58 103.11 3.20
CA ARG LA 392 35.67 101.72 3.64
C ARG LA 392 35.17 101.52 5.06
N SER LA 393 34.82 102.59 5.77
CA SER LA 393 34.28 102.46 7.11
C SER LA 393 32.97 101.68 7.09
N SER LA 394 32.84 100.74 8.00
CA SER LA 394 31.67 99.87 8.08
C SER LA 394 30.77 100.31 9.23
N PHE LA 395 29.48 100.41 8.94
CA PHE LA 395 28.47 100.62 9.96
C PHE LA 395 27.69 99.32 10.15
N TYR LA 396 27.55 98.89 11.39
CA TYR LA 396 26.83 97.67 11.70
C TYR LA 396 25.61 97.99 12.55
N CYS LA 397 24.45 97.53 12.11
CA CYS LA 397 23.24 97.57 12.91
C CYS LA 397 23.07 96.20 13.55
N LEU LA 398 23.10 96.16 14.88
CA LEU LA 398 22.97 94.88 15.57
C LEU LA 398 21.54 94.37 15.54
N GLU LA 399 20.57 95.24 15.28
CA GLU LA 399 19.20 94.76 15.04
C GLU LA 399 19.09 94.02 13.72
N TYR LA 400 20.07 94.18 12.83
CA TYR LA 400 20.09 93.45 11.58
C TYR LA 400 20.51 92.00 11.75
N PHE LA 401 20.60 91.53 12.98
CA PHE LA 401 20.90 90.14 13.27
C PHE LA 401 19.67 89.46 13.84
N PRO LA 402 19.53 88.15 13.63
CA PRO LA 402 18.47 87.41 14.34
C PRO LA 402 18.79 87.35 15.82
N SER LA 403 17.86 87.80 16.65
CA SER LA 403 18.02 87.81 18.09
C SER LA 403 16.87 87.06 18.72
N GLN LA 404 17.16 86.32 19.77
CA GLN LA 404 16.12 85.73 20.59
C GLN LA 404 15.58 86.80 21.51
N MET LA 405 14.26 86.99 21.51
CA MET LA 405 13.62 87.91 22.45
C MET LA 405 13.09 87.11 23.64
N LEU LA 406 13.36 87.62 24.84
CA LEU LA 406 13.11 86.88 26.07
C LEU LA 406 12.23 87.73 26.97
N ARG LA 407 11.09 87.17 27.37
CA ARG LA 407 10.34 87.75 28.46
C ARG LA 407 10.84 87.16 29.77
N THR LA 408 10.19 87.54 30.87
CA THR LA 408 10.69 87.18 32.20
C THR LA 408 10.73 85.68 32.40
N GLY LA 409 9.90 84.93 31.70
CA GLY LA 409 9.89 83.48 31.82
C GLY LA 409 10.83 82.74 30.90
N ASN LA 410 11.51 83.44 30.00
CA ASN LA 410 12.36 82.81 29.02
C ASN LA 410 13.80 82.76 29.49
N ASN LA 411 14.56 81.83 28.92
CA ASN LA 411 15.99 81.76 29.15
C ASN LA 411 16.71 81.58 27.83
N PHE LA 412 17.98 81.94 27.84
CA PHE LA 412 18.83 81.85 26.67
C PHE LA 412 20.04 80.99 27.00
N GLN LA 413 20.44 80.15 26.06
CA GLN LA 413 21.64 79.36 26.29
C GLN LA 413 22.25 78.98 24.96
N PHE LA 414 23.57 78.81 24.97
CA PHE LA 414 24.28 78.28 23.82
C PHE LA 414 25.55 77.59 24.31
N THR LA 415 26.06 76.70 23.48
CA THR LA 415 27.29 76.00 23.76
C THR LA 415 28.31 76.33 22.68
N TYR LA 416 29.58 76.30 23.06
CA TYR LA 416 30.66 76.63 22.16
C TYR LA 416 31.80 75.68 22.42
N THR LA 417 32.46 75.23 21.36
CA THR LA 417 33.62 74.36 21.46
C THR LA 417 34.86 75.13 21.03
N PHE LA 418 35.86 75.18 21.90
CA PHE LA 418 37.11 75.81 21.54
C PHE LA 418 37.84 74.99 20.49
N GLU LA 419 38.48 75.68 19.57
CA GLU LA 419 39.34 75.00 18.61
C GLU LA 419 40.54 74.41 19.33
N ASP LA 420 41.23 73.51 18.65
CA ASP LA 420 42.45 72.92 19.21
C ASP LA 420 43.49 74.01 19.37
N VAL LA 421 43.75 74.41 20.60
CA VAL LA 421 44.69 75.47 20.90
C VAL LA 421 45.84 74.84 21.70
N PRO LA 422 47.06 75.34 21.59
CA PRO LA 422 48.13 74.76 22.41
C PRO LA 422 47.89 75.01 23.89
N PHE LA 423 48.36 74.07 24.71
CA PHE LA 423 48.33 74.26 26.14
C PHE LA 423 49.13 75.50 26.52
N HIS LA 424 48.58 76.31 27.42
CA HIS LA 424 49.38 77.38 27.99
C HIS LA 424 50.49 76.79 28.84
N SER LA 425 51.69 77.35 28.71
CA SER LA 425 52.84 76.87 29.46
C SER LA 425 52.70 77.31 30.91
N SER LA 426 52.11 76.45 31.73
CA SER LA 426 51.95 76.74 33.15
C SER LA 426 53.16 76.24 33.94
N TYR LA 427 54.34 76.62 33.48
CA TYR LA 427 55.59 76.16 34.05
C TYR LA 427 56.67 77.17 33.72
N ALA LA 428 57.72 77.17 34.53
CA ALA LA 428 58.93 77.90 34.23
C ALA LA 428 60.04 76.90 33.96
N HIS LA 429 60.94 77.24 33.04
CA HIS LA 429 62.03 76.33 32.71
C HIS LA 429 63.05 76.31 33.83
N SER LA 430 63.46 75.11 34.22
CA SER LA 430 64.50 74.93 35.22
C SER LA 430 65.89 74.89 34.60
N GLN LA 431 65.99 75.10 33.29
CA GLN LA 431 67.25 75.21 32.60
C GLN LA 431 67.23 76.47 31.76
N SER LA 432 68.41 77.05 31.59
CA SER LA 432 68.57 78.20 30.71
C SER LA 432 68.99 77.73 29.33
N LEU LA 433 68.62 78.53 28.32
CA LEU LA 433 68.91 78.14 26.94
C LEU LA 433 70.40 78.06 26.66
N ASP LA 434 71.20 78.88 27.33
CA ASP LA 434 72.65 78.87 27.15
C ASP LA 434 73.34 77.91 28.10
N ARG LA 435 72.58 77.09 28.84
CA ARG LA 435 73.14 76.15 29.80
C ARG LA 435 72.51 74.77 29.60
N LEU LA 436 72.36 74.35 28.36
CA LEU LA 436 71.76 73.05 28.05
C LEU LA 436 72.81 71.96 27.90
N MET LA 437 74.08 72.29 28.03
CA MET LA 437 75.17 71.37 27.76
C MET LA 437 75.61 70.64 29.04
N ASN LA 438 76.32 69.54 28.82
CA ASN LA 438 76.94 68.80 29.90
C ASN LA 438 78.08 69.62 30.48
N PRO LA 439 78.06 69.96 31.76
CA PRO LA 439 79.12 70.79 32.35
C PRO LA 439 80.40 70.04 32.68
N LEU LA 440 80.53 68.78 32.29
CA LEU LA 440 81.71 68.00 32.58
C LEU LA 440 82.54 67.65 31.35
N ILE LA 441 81.96 67.74 30.17
CA ILE LA 441 82.58 67.26 28.94
C ILE LA 441 82.87 68.44 28.03
N ASP LA 442 84.04 68.43 27.42
CA ASP LA 442 84.37 69.42 26.41
C ASP LA 442 83.58 69.14 25.14
N GLN LA 443 83.44 70.17 24.33
CA GLN LA 443 82.90 70.00 22.99
C GLN LA 443 84.00 69.53 22.04
N TYR LA 444 83.60 68.75 21.04
CA TYR LA 444 84.55 68.43 19.99
C TYR LA 444 84.66 69.54 18.96
N LEU LA 445 83.74 70.49 18.97
CA LEU LA 445 83.82 71.64 18.10
C LEU LA 445 84.78 72.68 18.68
N TYR LA 446 85.44 73.39 17.79
CA TYR LA 446 86.36 74.46 18.17
C TYR LA 446 85.72 75.82 17.90
N TYR LA 447 86.17 76.81 18.64
CA TYR LA 447 85.80 78.20 18.38
C TYR LA 447 87.08 79.02 18.28
N LEU LA 448 87.00 80.10 17.52
CA LEU LA 448 88.12 81.04 17.45
C LEU LA 448 88.33 81.67 18.82
N SER LA 449 89.42 81.31 19.49
CA SER LA 449 89.64 81.77 20.85
C SER LA 449 90.59 82.96 20.94
N ARG LA 450 91.51 83.09 19.99
CA ARG LA 450 92.40 84.24 19.98
C ARG LA 450 92.72 84.64 18.54
N THR LA 451 92.87 85.93 18.32
CA THR LA 451 93.31 86.46 17.04
C THR LA 451 94.65 87.15 17.12
N GLN LA 452 95.27 87.19 18.29
CA GLN LA 452 96.53 87.88 18.50
C GLN LA 452 97.41 87.06 19.43
N THR LA 453 98.70 87.01 19.13
CA THR LA 453 99.63 86.24 19.94
C THR LA 453 99.79 86.81 21.34
N ASN LA 459 102.78 92.01 20.02
CA ASN LA 459 102.03 90.84 19.58
C ASN LA 459 101.55 90.99 18.15
N THR LA 460 101.44 89.87 17.44
CA THR LA 460 101.09 89.85 16.03
C THR LA 460 99.79 89.07 15.84
N GLN LA 461 99.26 89.16 14.63
CA GLN LA 461 98.04 88.43 14.30
C GLN LA 461 98.30 86.93 14.29
N THR LA 462 97.30 86.17 14.72
CA THR LA 462 97.34 84.72 14.72
C THR LA 462 95.91 84.22 14.71
N LEU LA 463 95.76 82.91 14.62
CA LEU LA 463 94.46 82.25 14.72
C LEU LA 463 94.60 81.11 15.72
N GLY LA 464 94.10 81.30 16.92
CA GLY LA 464 94.07 80.28 17.94
C GLY LA 464 92.66 79.77 18.14
N PHE LA 465 92.52 78.45 18.20
CA PHE LA 465 91.23 77.81 18.32
C PHE LA 465 91.21 76.94 19.57
N SER LA 466 90.13 77.01 20.32
CA SER LA 466 89.98 76.24 21.53
C SER LA 466 88.67 75.48 21.48
N GLN LA 467 88.60 74.40 22.26
CA GLN LA 467 87.38 73.64 22.38
C GLN LA 467 86.55 74.20 23.52
N GLY LA 468 85.27 74.46 23.25
CA GLY LA 468 84.35 74.89 24.28
C GLY LA 468 84.23 73.84 25.37
N GLY LA 469 84.33 74.26 26.61
CA GLY LA 469 84.28 73.35 27.72
C GLY LA 469 83.51 73.90 28.90
N PRO LA 470 83.66 73.25 30.05
CA PRO LA 470 82.92 73.70 31.25
C PRO LA 470 83.23 75.11 31.67
N ASN LA 471 84.44 75.61 31.38
CA ASN LA 471 84.82 76.95 31.81
C ASN LA 471 84.53 78.01 30.75
N THR LA 472 84.68 77.68 29.47
CA THR LA 472 84.35 78.60 28.39
C THR LA 472 82.95 78.33 27.86
N MET LA 473 81.99 78.39 28.77
CA MET LA 473 80.63 77.99 28.46
C MET LA 473 79.93 79.01 27.57
N ALA LA 474 80.33 80.27 27.66
CA ALA LA 474 79.79 81.29 26.77
C ALA LA 474 80.27 81.12 25.33
N ASN LA 475 81.40 80.45 25.12
CA ASN LA 475 81.94 80.26 23.79
C ASN LA 475 81.46 78.99 23.11
N GLN LA 476 80.77 78.11 23.83
CA GLN LA 476 80.40 76.82 23.28
C GLN LA 476 79.44 76.96 22.10
N ALA LA 477 79.59 76.07 21.14
CA ALA LA 477 78.62 75.98 20.06
C ALA LA 477 77.28 75.55 20.63
N LYS LA 478 76.22 76.20 20.16
CA LYS LA 478 74.88 75.96 20.67
C LYS LA 478 73.91 75.83 19.52
N ASN LA 479 72.81 75.14 19.76
CA ASN LA 479 71.84 74.83 18.72
C ASN LA 479 70.71 75.85 18.63
N TRP LA 480 70.52 76.69 19.64
CA TRP LA 480 69.31 77.49 19.72
C TRP LA 480 69.65 78.92 20.11
N LEU LA 481 68.73 79.82 19.78
CA LEU LA 481 68.84 81.22 20.08
C LEU LA 481 67.67 81.68 20.94
N PRO LA 482 67.86 82.69 21.77
CA PRO LA 482 66.74 83.23 22.55
C PRO LA 482 65.70 83.85 21.64
N GLY LA 483 64.48 83.90 22.14
CA GLY LA 483 63.36 84.43 21.39
C GLY LA 483 63.57 85.86 20.93
N PRO LA 484 62.63 86.36 20.13
CA PRO LA 484 62.81 87.68 19.54
C PRO LA 484 62.72 88.79 20.57
N CYS LA 485 63.29 89.93 20.21
CA CYS LA 485 63.41 91.07 21.10
C CYS LA 485 62.86 92.32 20.44
N TYR LA 486 62.15 93.13 21.23
CA TYR LA 486 61.69 94.46 20.82
C TYR LA 486 61.91 95.36 22.03
N ARG LA 487 63.10 95.95 22.12
CA ARG LA 487 63.60 96.47 23.38
C ARG LA 487 62.70 97.57 23.95
N GLN LA 488 62.44 97.48 25.25
CA GLN LA 488 61.66 98.45 25.98
C GLN LA 488 62.56 99.25 26.91
N GLN LA 489 62.14 100.47 27.21
CA GLN LA 489 62.87 101.29 28.17
C GLN LA 489 62.70 100.73 29.57
N ARG LA 490 63.77 100.80 30.36
CA ARG LA 490 63.76 100.27 31.71
C ARG LA 490 63.31 101.35 32.69
N VAL LA 491 62.37 100.99 33.55
CA VAL LA 491 61.87 101.88 34.59
C VAL LA 491 62.07 101.19 35.93
N SER LA 492 62.57 101.93 36.90
CA SER LA 492 62.79 101.42 38.25
C SER LA 492 61.61 101.79 39.13
N THR LA 493 61.14 100.82 39.91
CA THR LA 493 60.12 101.12 40.91
C THR LA 493 60.67 102.01 42.01
N THR LA 494 61.98 102.03 42.20
CA THR LA 494 62.64 103.04 43.03
C THR LA 494 62.78 104.29 42.18
N THR LA 495 61.87 105.24 42.38
CA THR LA 495 61.75 106.37 41.46
C THR LA 495 63.02 107.21 41.41
N GLY LA 496 63.77 107.27 42.50
CA GLY LA 496 65.01 108.03 42.50
C GLY LA 496 66.03 107.55 41.50
N GLN LA 497 65.94 106.28 41.09
CA GLN LA 497 66.85 105.74 40.08
C GLN LA 497 66.40 106.06 38.66
N ASN LA 498 65.23 106.64 38.47
CA ASN LA 498 64.73 106.97 37.15
C ASN LA 498 65.18 108.36 36.74
N ASN LA 499 65.22 108.58 35.42
CA ASN LA 499 65.52 109.91 34.90
C ASN LA 499 64.42 110.88 35.31
N ASN LA 500 64.83 112.08 35.69
CA ASN LA 500 63.89 113.11 36.10
C ASN LA 500 63.28 113.78 34.87
N SER LA 501 62.39 113.04 34.22
CA SER LA 501 61.67 113.53 33.05
C SER LA 501 60.42 112.68 32.88
N ASN LA 502 59.48 113.20 32.10
CA ASN LA 502 58.24 112.49 31.79
C ASN LA 502 58.46 111.77 30.46
N PHE LA 503 58.89 110.51 30.55
CA PHE LA 503 59.28 109.75 29.36
C PHE LA 503 58.40 108.53 29.14
N ALA LA 504 57.25 108.43 29.80
CA ALA LA 504 56.41 107.25 29.63
C ALA LA 504 55.98 107.09 28.19
N TRP LA 505 55.63 108.20 27.52
CA TRP LA 505 55.24 108.17 26.12
C TRP LA 505 56.42 108.45 25.18
N THR LA 506 57.22 109.47 25.48
CA THR LA 506 58.30 109.85 24.58
C THR LA 506 59.33 108.74 24.44
N ALA LA 507 59.67 108.07 25.54
CA ALA LA 507 60.57 106.94 25.52
C ALA LA 507 59.84 105.61 25.40
N GLY LA 508 58.52 105.63 25.26
CA GLY LA 508 57.78 104.40 25.15
C GLY LA 508 58.14 103.62 23.91
N THR LA 509 58.08 102.30 24.02
CA THR LA 509 58.34 101.43 22.90
C THR LA 509 57.06 101.29 22.08
N LYS LA 510 57.12 101.70 20.83
CA LYS LA 510 55.92 101.91 20.03
C LYS LA 510 56.03 101.18 18.70
N TYR LA 511 54.88 100.94 18.10
CA TYR LA 511 54.81 100.58 16.70
C TYR LA 511 54.09 101.68 15.93
N HIS LA 512 54.35 101.74 14.63
CA HIS LA 512 53.82 102.78 13.76
C HIS LA 512 52.88 102.13 12.76
N LEU LA 513 51.65 102.62 12.71
CA LEU LA 513 50.65 102.05 11.81
C LEU LA 513 49.81 103.18 11.23
N ASN LA 514 49.89 103.35 9.91
CA ASN LA 514 49.12 104.35 9.18
C ASN LA 514 49.31 105.74 9.80
N GLY LA 515 50.58 106.10 10.01
CA GLY LA 515 50.90 107.40 10.58
C GLY LA 515 50.47 107.58 12.02
N ARG LA 516 50.07 106.52 12.70
CA ARG LA 516 49.63 106.58 14.08
C ARG LA 516 50.60 105.80 14.94
N ASN LA 517 51.01 106.38 16.05
CA ASN LA 517 51.91 105.72 16.98
C ASN LA 517 51.10 105.11 18.11
N SER LA 518 51.34 103.84 18.37
CA SER LA 518 50.70 103.12 19.46
C SER LA 518 51.77 102.39 20.25
N LEU LA 519 51.63 102.39 21.57
CA LEU LA 519 52.56 101.65 22.41
C LEU LA 519 52.53 100.17 22.05
N ALA LA 520 53.72 99.57 21.99
CA ALA LA 520 53.83 98.11 21.89
C ALA LA 520 53.63 97.57 23.30
N ASN LA 521 52.39 97.55 23.73
CA ASN LA 521 52.02 97.34 25.12
C ASN LA 521 51.08 96.15 25.23
N PRO LA 522 51.49 95.06 25.90
CA PRO LA 522 52.78 94.91 26.55
C PRO LA 522 53.88 94.44 25.60
N GLY LA 523 53.56 94.31 24.33
CA GLY LA 523 54.53 93.87 23.35
C GLY LA 523 54.79 92.38 23.44
N ILE LA 524 55.85 91.96 22.75
CA ILE LA 524 56.20 90.54 22.69
C ILE LA 524 56.66 90.06 24.07
N ALA LA 525 56.50 88.76 24.30
CA ALA LA 525 56.86 88.17 25.58
C ALA LA 525 58.37 88.22 25.77
N MET LA 526 58.81 89.08 26.69
CA MET LA 526 60.20 89.13 27.08
C MET LA 526 60.28 89.14 28.60
N ALA LA 527 61.41 88.66 29.12
CA ALA LA 527 61.62 88.65 30.56
C ALA LA 527 61.58 90.08 31.09
N THR LA 528 60.83 90.27 32.18
CA THR LA 528 60.66 91.60 32.74
C THR LA 528 61.99 92.20 33.17
N HIS LA 529 62.85 91.38 33.78
CA HIS LA 529 64.13 91.83 34.29
C HIS LA 529 65.06 90.63 34.36
N LYS LA 530 66.34 90.90 34.53
CA LYS LA 530 67.30 89.83 34.72
C LYS LA 530 67.45 89.54 36.20
N ASP LA 531 68.44 88.72 36.55
CA ASP LA 531 68.64 88.32 37.94
C ASP LA 531 68.91 89.52 38.84
N ASP LA 532 68.26 89.53 40.00
CA ASP LA 532 68.48 90.53 41.05
C ASP LA 532 68.14 91.93 40.60
N GLU LA 533 67.16 92.06 39.70
CA GLU LA 533 66.72 93.37 39.21
C GLU LA 533 65.21 93.45 39.21
N GLU LA 534 64.58 92.95 40.28
CA GLU LA 534 63.13 92.92 40.35
C GLU LA 534 62.53 94.32 40.33
N ARG LA 535 63.28 95.33 40.78
CA ARG LA 535 62.78 96.69 40.80
C ARG LA 535 62.62 97.28 39.41
N PHE LA 536 63.19 96.66 38.38
CA PHE LA 536 63.14 97.17 37.03
C PHE LA 536 62.02 96.48 36.25
N PHE LA 537 61.32 97.27 35.43
CA PHE LA 537 60.33 96.71 34.54
C PHE LA 537 60.35 97.49 33.23
N PRO LA 538 60.00 96.84 32.12
CA PRO LA 538 59.84 97.58 30.86
C PRO LA 538 58.71 98.58 30.98
N SER LA 539 58.90 99.76 30.37
CA SER LA 539 57.98 100.87 30.60
C SER LA 539 56.57 100.53 30.16
N ASN LA 540 56.41 99.86 29.03
CA ASN LA 540 55.10 99.37 28.59
C ASN LA 540 55.22 97.93 28.11
N GLY LA 541 55.89 97.11 28.91
CA GLY LA 541 56.14 95.74 28.51
C GLY LA 541 55.63 94.69 29.48
N ILE LA 542 54.79 95.09 30.42
CA ILE LA 542 54.20 94.17 31.38
C ILE LA 542 52.73 94.48 31.54
N LEU LA 543 51.97 93.47 31.97
CA LEU LA 543 50.60 93.70 32.39
C LEU LA 543 50.60 94.34 33.76
N ILE LA 544 49.84 95.42 33.92
CA ILE LA 544 49.72 96.12 35.18
C ILE LA 544 48.27 96.09 35.58
N PHE LA 545 47.97 95.41 36.68
CA PHE LA 545 46.63 95.36 37.22
C PHE LA 545 46.50 96.36 38.35
N GLY LA 546 45.32 96.93 38.50
CA GLY LA 546 45.04 97.86 39.56
C GLY LA 546 44.56 97.14 40.81
N LYS LA 547 45.01 97.60 41.96
CA LYS LA 547 44.44 97.13 43.20
C LYS LA 547 43.01 97.65 43.32
N GLN LA 548 42.27 97.09 44.27
CA GLN LA 548 40.89 97.52 44.47
C GLN LA 548 40.86 99.01 44.80
N ASN LA 549 39.94 99.72 44.17
CA ASN LA 549 39.75 101.16 44.34
C ASN LA 549 40.95 101.96 43.85
N ALA LA 550 41.73 101.41 42.93
CA ALA LA 550 42.78 102.20 42.29
C ALA LA 550 42.17 103.23 41.35
N ALA LA 551 42.78 104.40 41.31
CA ALA LA 551 42.28 105.47 40.46
C ALA LA 551 42.40 105.08 38.99
N ARG LA 552 41.45 105.54 38.19
CA ARG LA 552 41.51 105.31 36.75
C ARG LA 552 42.72 105.99 36.12
N ASP LA 553 43.00 107.23 36.53
CA ASP LA 553 44.10 108.00 35.98
C ASP LA 553 45.12 108.31 37.06
N ASN LA 554 46.40 108.16 36.72
CA ASN LA 554 47.52 108.53 37.59
C ASN LA 554 47.41 107.83 38.95
N ALA LA 555 47.16 106.53 38.91
CA ALA LA 555 47.26 105.73 40.13
C ALA LA 555 48.71 105.60 40.53
N ASP LA 556 48.97 105.70 41.83
CA ASP LA 556 50.32 105.57 42.32
C ASP LA 556 50.79 104.13 42.18
N TYR LA 557 52.11 103.94 42.27
CA TYR LA 557 52.67 102.60 42.17
C TYR LA 557 52.12 101.68 43.25
N SER LA 558 51.80 102.23 44.42
CA SER LA 558 51.24 101.42 45.49
C SER LA 558 49.81 100.98 45.19
N ASP LA 559 49.13 101.62 44.24
CA ASP LA 559 47.77 101.27 43.89
C ASP LA 559 47.68 100.29 42.73
N VAL LA 560 48.80 99.89 42.14
CA VAL LA 560 48.78 99.00 41.00
C VAL LA 560 49.59 97.75 41.34
N MET LA 561 49.39 96.72 40.54
CA MET LA 561 50.03 95.42 40.73
C MET LA 561 50.81 95.11 39.47
N LEU LA 562 52.13 95.26 39.53
CA LEU LA 562 52.97 94.95 38.38
C LEU LA 562 53.15 93.44 38.27
N THR LA 563 52.93 92.91 37.08
CA THR LA 563 53.29 91.53 36.82
C THR LA 563 54.77 91.44 36.46
N SER LA 564 55.29 90.21 36.52
CA SER LA 564 56.68 89.98 36.16
C SER LA 564 56.77 88.71 35.34
N GLU LA 565 57.42 88.81 34.18
CA GLU LA 565 57.69 87.66 33.32
C GLU LA 565 59.12 87.16 33.50
N GLU LA 566 59.65 87.23 34.72
CA GLU LA 566 61.01 86.78 34.96
C GLU LA 566 61.19 85.28 34.76
N GLU LA 567 60.10 84.51 34.79
CA GLU LA 567 60.21 83.07 34.60
C GLU LA 567 60.74 82.71 33.21
N ILE LA 568 60.58 83.59 32.23
CA ILE LA 568 61.00 83.31 30.87
C ILE LA 568 62.39 83.87 30.58
N LYS LA 569 63.13 84.27 31.62
CA LYS LA 569 64.54 84.65 31.46
C LYS LA 569 65.33 83.53 30.79
N THR LA 570 64.94 82.28 31.03
CA THR LA 570 65.70 81.15 30.55
C THR LA 570 65.67 81.04 29.04
N THR LA 571 64.66 81.57 28.41
CA THR LA 571 64.51 81.43 26.97
C THR LA 571 64.30 82.76 26.26
N ASN LA 572 63.60 83.70 26.89
CA ASN LA 572 63.34 84.97 26.25
C ASN LA 572 64.34 86.02 26.73
N PRO LA 573 64.78 86.90 25.83
CA PRO LA 573 65.66 87.99 26.26
C PRO LA 573 64.94 88.94 27.20
N VAL LA 574 65.74 89.59 28.05
CA VAL LA 574 65.18 90.57 28.97
C VAL LA 574 64.62 91.74 28.18
N ALA LA 575 63.42 92.19 28.58
CA ALA LA 575 62.70 93.20 27.79
C ALA LA 575 63.47 94.50 27.68
N THR LA 576 64.29 94.83 28.67
CA THR LA 576 64.98 96.11 28.72
C THR LA 576 66.43 96.01 28.27
N GLU LA 577 66.85 94.85 27.79
CA GLU LA 577 68.22 94.64 27.35
C GLU LA 577 68.23 94.40 25.85
N GLU LA 578 69.41 94.57 25.26
CA GLU LA 578 69.59 94.26 23.85
C GLU LA 578 69.52 92.75 23.61
N TYR LA 579 69.10 92.39 22.40
CA TYR LA 579 69.07 90.96 22.05
C TYR LA 579 70.47 90.38 22.02
N GLY LA 580 71.41 91.12 21.45
CA GLY LA 580 72.75 90.61 21.30
C GLY LA 580 73.62 91.59 20.56
N ILE LA 581 74.71 91.08 20.02
CA ILE LA 581 75.73 91.88 19.36
C ILE LA 581 75.99 91.29 17.98
N VAL LA 582 76.02 92.15 16.96
CA VAL LA 582 76.38 91.73 15.62
C VAL LA 582 77.52 92.60 15.12
N ALA LA 583 78.24 92.09 14.13
CA ALA LA 583 79.28 92.86 13.50
C ALA LA 583 78.69 94.00 12.69
N ASP LA 584 79.35 95.15 12.73
CA ASP LA 584 78.88 96.32 12.01
C ASP LA 584 79.76 96.68 10.82
N ASN LA 585 80.88 96.00 10.62
CA ASN LA 585 81.80 96.33 9.54
C ASN LA 585 82.60 95.08 9.20
N LEU LA 586 83.59 95.25 8.33
CA LEU LA 586 84.54 94.20 7.99
C LEU LA 586 85.90 94.63 8.52
N GLN LA 587 86.39 93.93 9.55
CA GLN LA 587 87.68 94.26 10.10
C GLN LA 587 88.79 93.92 9.12
N GLN LA 588 89.80 94.79 9.07
CA GLN LA 588 91.02 94.58 8.30
C GLN LA 588 92.19 94.92 9.19
N GLN LA 589 93.40 94.77 8.66
CA GLN LA 589 94.58 95.13 9.43
C GLN LA 589 94.62 96.60 9.77
N ASN LA 590 93.86 97.43 9.06
CA ASN LA 590 93.80 98.87 9.33
C ASN LA 590 92.50 99.32 9.97
N THR LA 591 91.45 98.50 9.95
CA THR LA 591 90.17 98.87 10.54
C THR LA 591 89.82 97.88 11.64
N ALA LA 592 89.71 98.38 12.87
CA ALA LA 592 89.33 97.53 13.98
C ALA LA 592 87.88 97.08 13.83
N PRO LA 593 87.56 95.86 14.26
CA PRO LA 593 86.18 95.40 14.16
C PRO LA 593 85.23 96.25 14.98
N GLN LA 594 84.06 96.51 14.43
CA GLN LA 594 83.02 97.28 15.10
C GLN LA 594 81.81 96.39 15.33
N ILE LA 595 81.14 96.62 16.45
CA ILE LA 595 80.00 95.81 16.83
C ILE LA 595 78.76 96.68 16.89
N GLY LA 596 77.63 96.08 16.52
CA GLY LA 596 76.34 96.74 16.58
C GLY LA 596 75.48 96.07 17.64
N THR LA 597 74.77 96.89 18.40
CA THR LA 597 73.88 96.41 19.45
C THR LA 597 72.49 96.18 18.85
N VAL LA 598 72.01 94.94 18.95
CA VAL LA 598 70.73 94.57 18.38
C VAL LA 598 69.65 94.86 19.42
N ASN LA 599 68.92 95.94 19.23
CA ASN LA 599 67.82 96.32 20.11
C ASN LA 599 66.47 95.82 19.64
N SER LA 600 66.40 95.28 18.44
CA SER LA 600 65.17 94.71 17.91
C SER LA 600 65.55 93.56 17.01
N GLN LA 601 65.07 92.36 17.33
CA GLN LA 601 65.43 91.16 16.59
C GLN LA 601 64.17 90.41 16.25
N GLY LA 602 63.88 90.28 14.96
CA GLY LA 602 62.81 89.45 14.49
C GLY LA 602 63.19 87.99 14.53
N ALA LA 603 62.26 87.15 14.05
CA ALA LA 603 62.44 85.71 14.13
C ALA LA 603 63.68 85.26 13.37
N LEU LA 604 64.51 84.45 14.02
CA LEU LA 604 65.64 83.81 13.40
C LEU LA 604 65.48 82.30 13.52
N PRO LA 605 65.98 81.54 12.57
CA PRO LA 605 65.92 80.07 12.70
C PRO LA 605 66.67 79.60 13.92
N GLY LA 606 66.13 78.58 14.57
CA GLY LA 606 66.69 78.10 15.80
C GLY LA 606 66.28 78.89 17.03
N MET LA 607 65.46 79.91 16.88
CA MET LA 607 65.03 80.71 18.00
C MET LA 607 63.88 80.01 18.72
N VAL LA 608 63.92 80.03 20.04
CA VAL LA 608 62.85 79.49 20.87
C VAL LA 608 62.46 80.54 21.89
N TRP LA 609 61.20 80.52 22.30
CA TRP LA 609 60.72 81.51 23.26
C TRP LA 609 59.49 80.98 23.97
N GLN LA 610 59.17 81.63 25.08
CA GLN LA 610 57.94 81.37 25.82
C GLN LA 610 56.98 82.52 25.61
N ASN LA 611 55.69 82.21 25.69
CA ASN LA 611 54.67 83.24 25.64
C ASN LA 611 54.59 83.95 27.00
N ARG LA 612 53.87 85.06 27.00
CA ARG LA 612 53.58 85.74 28.26
C ARG LA 612 52.72 84.85 29.14
N ASP LA 613 52.94 84.94 30.44
CA ASP LA 613 52.13 84.20 31.39
C ASP LA 613 50.70 84.71 31.40
N VAL LA 614 49.78 83.84 31.74
CA VAL LA 614 48.41 84.25 32.02
C VAL LA 614 48.27 84.47 33.52
N TYR LA 615 47.28 85.25 33.90
CA TYR LA 615 47.06 85.63 35.28
C TYR LA 615 45.61 85.39 35.65
N LEU LA 616 45.38 85.20 36.95
CA LEU LA 616 44.02 85.02 37.43
C LEU LA 616 43.16 86.22 37.05
N GLN LA 617 43.72 87.43 37.12
CA GLN LA 617 43.02 88.64 36.72
C GLN LA 617 43.15 88.94 35.23
N GLY LA 618 43.96 88.18 34.50
CA GLY LA 618 44.26 88.51 33.13
C GLY LA 618 43.28 87.94 32.13
N PRO LA 619 43.46 88.31 30.87
CA PRO LA 619 42.57 87.79 29.81
C PRO LA 619 42.83 86.31 29.54
N ILE LA 620 41.82 85.65 29.01
CA ILE LA 620 41.89 84.24 28.65
C ILE LA 620 42.21 84.05 27.17
N TRP LA 621 41.47 84.71 26.29
CA TRP LA 621 41.61 84.49 24.87
C TRP LA 621 41.57 85.82 24.14
N ALA LA 622 42.07 85.80 22.91
CA ALA LA 622 41.88 86.89 21.98
C ALA LA 622 41.55 86.30 20.61
N LYS LA 623 40.80 87.05 19.83
CA LYS LA 623 40.53 86.65 18.45
C LYS LA 623 41.76 86.94 17.61
N ILE LA 624 42.26 85.92 16.92
CA ILE LA 624 43.34 86.13 15.96
C ILE LA 624 42.73 86.92 14.80
N PRO LA 625 43.29 88.08 14.46
CA PRO LA 625 42.75 88.85 13.35
C PRO LA 625 42.76 88.04 12.06
N HIS LA 626 41.70 88.18 11.27
CA HIS LA 626 41.59 87.47 10.00
C HIS LA 626 42.50 88.16 9.00
N THR LA 627 43.71 87.65 8.85
CA THR LA 627 44.70 88.22 7.94
C THR LA 627 45.32 87.11 7.11
N ASP LA 628 46.01 87.52 6.05
CA ASP LA 628 46.73 86.56 5.21
C ASP LA 628 47.82 85.85 5.99
N GLY LA 629 48.56 86.59 6.80
CA GLY LA 629 49.67 86.02 7.52
C GLY LA 629 49.71 86.50 8.95
N ASN LA 630 50.13 85.61 9.84
CA ASN LA 630 50.48 85.97 11.20
C ASN LA 630 51.67 85.13 11.59
N PHE LA 631 52.42 85.62 12.57
CA PHE LA 631 53.54 84.89 13.12
C PHE LA 631 53.28 84.62 14.58
N HIS LA 632 53.24 83.34 14.95
CA HIS LA 632 52.98 82.89 16.32
C HIS LA 632 51.79 83.63 16.89
N PRO LA 633 50.58 83.35 16.42
CA PRO LA 633 49.42 84.16 16.80
C PRO LA 633 48.97 83.92 18.24
N SER LA 634 49.88 84.08 19.16
CA SER LA 634 49.54 84.08 20.57
C SER LA 634 49.33 85.51 21.04
N PRO LA 635 48.20 85.81 21.67
CA PRO LA 635 47.90 87.20 22.03
C PRO LA 635 48.98 87.76 22.95
N LEU LA 636 49.32 89.03 22.72
CA LEU LA 636 50.48 89.60 23.40
C LEU LA 636 50.20 89.88 24.87
N MET LA 637 48.98 90.25 25.24
CA MET LA 637 48.68 90.37 26.66
C MET LA 637 48.41 89.01 27.31
N GLY LA 638 48.73 87.93 26.63
CA GLY LA 638 48.64 86.60 27.20
C GLY LA 638 47.32 85.92 26.88
N GLY LA 639 47.35 84.60 26.92
CA GLY LA 639 46.17 83.81 26.71
C GLY LA 639 46.23 83.00 25.43
N PHE LA 640 45.06 82.59 24.98
CA PHE LA 640 44.91 81.68 23.86
C PHE LA 640 44.45 82.47 22.64
N GLY LA 641 45.21 82.36 21.56
CA GLY LA 641 44.79 82.96 20.31
C GLY LA 641 43.86 82.03 19.58
N LEU LA 642 42.66 82.49 19.26
CA LEU LA 642 41.64 81.68 18.63
C LEU LA 642 41.20 82.32 17.32
N LYS LA 643 41.20 81.54 16.25
CA LYS LA 643 40.61 82.02 15.00
C LYS LA 643 39.12 82.24 15.17
N HIS LA 644 38.45 81.35 15.91
CA HIS LA 644 37.02 81.43 16.17
C HIS LA 644 36.83 81.41 17.68
N PRO LA 645 36.98 82.56 18.34
CA PRO LA 645 36.89 82.61 19.79
C PRO LA 645 35.46 82.43 20.24
N PRO LA 646 35.21 82.37 21.55
CA PRO LA 646 33.84 82.41 22.04
C PRO LA 646 33.11 83.60 21.46
N PRO LA 647 31.93 83.39 20.87
CA PRO LA 647 31.26 84.49 20.18
C PRO LA 647 30.83 85.58 21.13
N GLN LA 648 30.78 86.80 20.63
CA GLN LA 648 30.23 87.91 21.40
C GLN LA 648 28.76 87.65 21.66
N ILE LA 649 28.34 87.86 22.89
CA ILE LA 649 26.94 87.69 23.29
C ILE LA 649 26.38 89.09 23.50
N LEU LA 650 25.53 89.53 22.60
CA LEU LA 650 24.98 90.87 22.62
C LEU LA 650 23.60 90.83 23.27
N ILE LA 651 23.34 91.77 24.15
CA ILE LA 651 22.09 91.83 24.89
C ILE LA 651 21.58 93.26 24.89
N LYS LA 652 20.28 93.42 24.74
CA LYS LA 652 19.68 94.74 24.71
C LYS LA 652 18.27 94.67 25.29
N ASN LA 653 17.89 95.70 26.02
CA ASN LA 653 16.49 95.87 26.39
C ASN LA 653 15.72 96.31 25.16
N THR LA 654 14.67 95.57 24.83
CA THR LA 654 13.83 95.95 23.70
C THR LA 654 13.15 97.28 24.02
N PRO LA 655 13.25 98.27 23.16
CA PRO LA 655 12.61 99.56 23.46
C PRO LA 655 11.10 99.39 23.58
N VAL LA 656 10.54 99.99 24.62
CA VAL LA 656 9.11 100.03 24.84
C VAL LA 656 8.66 101.48 24.71
N PRO LA 657 7.99 101.85 23.63
CA PRO LA 657 7.58 103.24 23.46
C PRO LA 657 6.63 103.68 24.56
N ALA LA 658 6.75 104.94 24.94
CA ALA LA 658 5.71 105.58 25.72
C ALA LA 658 4.49 105.80 24.82
N ASP LA 659 3.46 106.43 25.36
CA ASP LA 659 2.23 106.58 24.59
C ASP LA 659 2.49 107.43 23.37
N PRO LA 660 2.24 106.92 22.16
CA PRO LA 660 2.42 107.72 20.96
C PRO LA 660 1.30 108.74 20.83
N PRO LA 661 1.47 109.76 20.00
CA PRO LA 661 0.38 110.70 19.77
C PRO LA 661 -0.79 110.02 19.11
N THR LA 662 -1.98 110.61 19.27
CA THR LA 662 -3.18 110.04 18.68
C THR LA 662 -3.37 110.42 17.23
N THR LA 663 -2.51 111.27 16.68
CA THR LA 663 -2.47 111.55 15.26
C THR LA 663 -1.15 111.06 14.71
N PHE LA 664 -1.19 110.48 13.52
CA PHE LA 664 0.00 109.82 12.97
C PHE LA 664 1.13 110.80 12.75
N ASN LA 665 2.33 110.39 13.15
CA ASN LA 665 3.56 111.12 12.88
C ASN LA 665 4.57 110.14 12.32
N GLN LA 666 5.14 110.47 11.17
CA GLN LA 666 6.09 109.57 10.52
C GLN LA 666 7.43 109.51 11.24
N SER LA 667 7.72 110.49 12.09
CA SER LA 667 9.01 110.54 12.75
C SER LA 667 9.19 109.34 13.68
N LYS LA 668 10.42 108.86 13.78
CA LYS LA 668 10.72 107.77 14.69
C LYS LA 668 10.40 108.18 16.11
N LEU LA 669 9.89 107.23 16.88
CA LEU LA 669 9.53 107.51 18.27
C LEU LA 669 10.78 107.71 19.10
N ASN LA 670 10.80 108.78 19.90
CA ASN LA 670 11.90 109.04 20.81
C ASN LA 670 11.47 109.05 22.26
N SER LA 671 10.18 108.85 22.53
CA SER LA 671 9.67 108.79 23.90
C SER LA 671 9.51 107.32 24.27
N PHE LA 672 10.35 106.87 25.20
CA PHE LA 672 10.37 105.47 25.58
C PHE LA 672 10.16 105.34 27.08
N ILE LA 673 9.57 104.22 27.47
CA ILE LA 673 9.44 103.89 28.88
C ILE LA 673 10.83 103.58 29.43
N THR LA 674 11.19 104.26 30.52
CA THR LA 674 12.50 104.03 31.13
C THR LA 674 12.54 102.63 31.71
N GLN LA 675 13.59 101.90 31.36
CA GLN LA 675 13.55 100.45 31.56
C GLN LA 675 14.96 99.92 31.73
N TYR LA 676 15.09 98.90 32.56
CA TYR LA 676 16.33 98.17 32.68
C TYR LA 676 15.99 96.71 32.99
N SER LA 677 16.94 95.83 32.70
CA SER LA 677 16.74 94.42 32.96
C SER LA 677 17.83 93.91 33.89
N THR LA 678 17.48 92.87 34.63
CA THR LA 678 18.43 92.17 35.48
C THR LA 678 18.17 90.68 35.32
N GLY LA 679 19.18 89.90 35.60
CA GLY LA 679 19.04 88.45 35.51
C GLY LA 679 20.30 87.78 35.99
N GLN LA 680 20.35 86.48 35.76
CA GLN LA 680 21.53 85.69 36.09
C GLN LA 680 22.17 85.20 34.81
N VAL LA 681 23.49 85.15 34.83
CA VAL LA 681 24.28 84.64 33.72
C VAL LA 681 25.15 83.51 34.24
N SER LA 682 25.14 82.38 33.56
CA SER LA 682 25.97 81.25 33.90
C SER LA 682 26.90 80.96 32.73
N VAL LA 683 28.19 80.82 33.01
CA VAL LA 683 29.16 80.39 32.03
C VAL LA 683 29.91 79.20 32.61
N GLU LA 684 29.92 78.11 31.87
CA GLU LA 684 30.62 76.90 32.26
C GLU LA 684 31.71 76.63 31.23
N ILE LA 685 32.95 76.55 31.68
CA ILE LA 685 34.07 76.25 30.79
C ILE LA 685 34.72 74.96 31.26
N GLU LA 686 34.91 74.03 30.34
CA GLU LA 686 35.69 72.83 30.60
C GLU LA 686 37.11 73.07 30.13
N TRP LA 687 38.07 72.88 31.03
CA TRP LA 687 39.48 73.05 30.74
C TRP LA 687 40.16 71.69 30.75
N GLU LA 688 41.02 71.47 29.76
CA GLU LA 688 41.88 70.30 29.76
C GLU LA 688 43.19 70.63 30.45
N LEU LA 689 43.67 69.69 31.26
CA LEU LA 689 44.88 69.90 32.05
C LEU LA 689 46.03 69.07 31.50
N GLN LA 690 47.22 69.64 31.54
CA GLN LA 690 48.45 68.90 31.29
C GLN LA 690 49.10 68.61 32.64
N LYS LA 691 48.99 67.37 33.09
CA LYS LA 691 49.59 66.99 34.36
C LYS LA 691 51.11 67.02 34.28
N GLU LA 692 51.73 67.49 35.34
CA GLU LA 692 53.18 67.49 35.39
C GLU LA 692 53.69 66.08 35.62
N ASN LA 693 54.63 65.65 34.79
CA ASN LA 693 55.28 64.35 34.93
C ASN LA 693 56.77 64.62 35.07
N SER LA 694 57.18 64.89 36.30
CA SER LA 694 58.51 65.42 36.59
C SER LA 694 59.27 64.48 37.51
N LYS LA 695 60.55 64.29 37.23
CA LYS LA 695 61.43 63.50 38.08
C LYS LA 695 62.32 64.37 38.95
N ARG LA 696 61.98 65.65 39.06
CA ARG LA 696 62.69 66.55 39.97
C ARG LA 696 62.64 66.00 41.39
N TRP LA 697 63.80 66.01 42.05
CA TRP LA 697 63.88 65.44 43.39
C TRP LA 697 63.47 66.45 44.45
N ASN LA 698 64.01 67.66 44.39
CA ASN LA 698 63.74 68.67 45.40
C ASN LA 698 62.35 69.25 45.21
N PRO LA 699 61.76 69.81 46.27
CA PRO LA 699 60.42 70.36 46.16
C PRO LA 699 60.35 71.53 45.19
N GLU LA 700 59.21 71.66 44.54
CA GLU LA 700 58.98 72.73 43.59
C GLU LA 700 58.55 74.00 44.31
N ILE LA 701 58.60 75.11 43.59
CA ILE LA 701 57.99 76.35 44.05
C ILE LA 701 56.49 76.25 43.83
N GLN LA 702 55.73 76.60 44.85
CA GLN LA 702 54.28 76.56 44.79
C GLN LA 702 53.72 77.90 45.18
N TYR LA 703 52.60 78.28 44.58
CA TYR LA 703 51.89 79.44 45.09
C TYR LA 703 51.24 79.08 46.42
N THR LA 704 51.48 79.91 47.42
CA THR LA 704 50.94 79.67 48.75
C THR LA 704 50.47 80.98 49.34
N SER LA 705 49.44 80.91 50.17
CA SER LA 705 49.07 82.07 50.97
C SER LA 705 50.08 82.24 52.09
N ASN LA 706 50.23 83.49 52.53
CA ASN LA 706 51.14 83.78 53.62
C ASN LA 706 50.61 83.20 54.92
N TYR LA 707 51.48 82.56 55.68
CA TYR LA 707 51.06 81.93 56.93
C TYR LA 707 50.87 82.95 58.03
N TYR LA 708 51.58 84.07 57.99
CA TYR LA 708 51.58 85.03 59.07
C TYR LA 708 50.24 85.76 59.15
N LYS LA 709 49.92 86.24 60.35
CA LYS LA 709 48.64 86.88 60.60
C LYS LA 709 48.51 88.19 59.83
N SER LA 710 47.27 88.58 59.57
CA SER LA 710 47.00 89.81 58.85
C SER LA 710 45.63 90.32 59.23
N THR LA 711 45.39 91.60 58.93
CA THR LA 711 44.11 92.22 59.26
C THR LA 711 42.96 91.55 58.51
N SER LA 712 43.19 91.16 57.27
CA SER LA 712 42.16 90.55 56.45
C SER LA 712 42.75 89.34 55.72
N VAL LA 713 41.87 88.43 55.33
CA VAL LA 713 42.25 87.29 54.53
C VAL LA 713 42.46 87.73 53.09
N ASP LA 714 43.58 87.33 52.50
CA ASP LA 714 43.83 87.62 51.09
C ASP LA 714 42.81 86.91 50.21
N PHE LA 715 42.35 87.60 49.18
CA PHE LA 715 41.30 87.11 48.29
C PHE LA 715 40.03 86.81 49.07
N ALA LA 716 39.64 87.76 49.91
CA ALA LA 716 38.39 87.71 50.65
C ALA LA 716 37.82 89.11 50.70
N VAL LA 717 36.73 89.25 51.41
CA VAL LA 717 36.10 90.56 51.58
C VAL LA 717 36.67 91.21 52.83
N ASN LA 718 36.62 92.53 52.86
CA ASN LA 718 37.02 93.28 54.04
C ASN LA 718 35.78 93.51 54.91
N THR LA 719 35.90 94.39 55.91
CA THR LA 719 34.78 94.65 56.80
C THR LA 719 33.63 95.37 56.10
N GLU LA 720 33.88 95.98 54.94
CA GLU LA 720 32.86 96.69 54.20
C GLU LA 720 32.24 95.85 53.09
N GLY LA 721 32.62 94.58 52.97
CA GLY LA 721 32.07 93.73 51.94
C GLY LA 721 32.75 93.84 50.60
N VAL LA 722 33.87 94.54 50.51
CA VAL LA 722 34.57 94.71 49.25
C VAL LA 722 35.52 93.55 49.04
N TYR LA 723 35.31 92.81 47.96
CA TYR LA 723 36.24 91.77 47.57
C TYR LA 723 37.43 92.40 46.85
N SER LA 724 38.63 91.95 47.21
CA SER LA 724 39.84 92.48 46.61
C SER LA 724 40.77 91.33 46.26
N GLU LA 725 41.52 91.53 45.16
CA GLU LA 725 42.59 90.62 44.80
C GLU LA 725 43.90 91.28 45.13
N PRO LA 726 44.63 90.83 46.16
CA PRO LA 726 45.78 91.61 46.64
C PRO LA 726 46.98 91.57 45.71
N ARG LA 727 47.12 90.53 44.89
CA ARG LA 727 48.28 90.40 44.03
C ARG LA 727 47.86 89.73 42.74
N PRO LA 728 48.60 89.92 41.66
CA PRO LA 728 48.36 89.14 40.44
C PRO LA 728 49.02 87.78 40.56
N ILE LA 729 48.22 86.72 40.52
CA ILE LA 729 48.75 85.37 40.59
C ILE LA 729 49.05 84.92 39.18
N GLY LA 730 50.33 84.68 38.91
CA GLY LA 730 50.72 84.14 37.63
C GLY LA 730 50.36 82.68 37.53
N THR LA 731 51.00 81.98 36.62
CA THR LA 731 50.66 80.60 36.36
C THR LA 731 51.87 79.68 36.42
N ARG LA 732 53.08 80.23 36.40
CA ARG LA 732 54.29 79.45 36.22
C ARG LA 732 54.98 79.26 37.57
N TYR LA 733 54.70 78.12 38.20
CA TYR LA 733 55.33 77.74 39.45
C TYR LA 733 56.05 76.41 39.37
N LEU LA 734 55.47 75.43 38.68
CA LEU LA 734 56.17 74.19 38.42
C LEU LA 734 57.28 74.42 37.40
N THR LA 735 58.18 73.46 37.30
CA THR LA 735 59.35 73.59 36.44
C THR LA 735 59.42 72.44 35.45
N ARG LA 736 60.01 72.73 34.30
CA ARG LA 736 60.35 71.73 33.30
C ARG LA 736 61.78 71.97 32.84
N ASN LA 737 62.42 70.91 32.37
CA ASN LA 737 63.66 71.07 31.65
C ASN LA 737 63.37 71.67 30.27
N LEU LA 738 64.38 72.27 29.68
CA LEU LA 738 64.24 72.81 28.35
C LEU LA 738 64.27 71.69 27.31
N GLY MA 221 44.23 64.46 -38.86
CA GLY MA 221 44.14 64.71 -40.29
C GLY MA 221 44.53 66.12 -40.69
N VAL MA 222 45.04 66.26 -41.91
CA VAL MA 222 45.44 67.57 -42.41
C VAL MA 222 44.23 68.49 -42.52
N GLY MA 223 43.11 67.98 -43.01
CA GLY MA 223 41.94 68.78 -43.29
C GLY MA 223 40.90 68.82 -42.20
N SER MA 224 41.21 68.36 -40.99
CA SER MA 224 40.27 68.38 -39.88
C SER MA 224 40.85 69.17 -38.73
N SER MA 225 40.01 70.00 -38.10
CA SER MA 225 40.42 70.76 -36.94
C SER MA 225 40.68 69.84 -35.76
N SER MA 226 41.73 70.13 -35.01
CA SER MA 226 42.08 69.34 -33.83
C SER MA 226 41.55 69.94 -32.54
N GLY MA 227 40.79 71.02 -32.62
CA GLY MA 227 40.20 71.61 -31.44
C GLY MA 227 39.40 72.84 -31.80
N ASN MA 228 38.56 73.24 -30.87
CA ASN MA 228 37.67 74.38 -31.07
C ASN MA 228 38.13 75.56 -30.22
N TRP MA 229 37.64 76.73 -30.59
CA TRP MA 229 37.91 77.95 -29.84
C TRP MA 229 37.05 77.97 -28.59
N HIS MA 230 37.70 78.08 -27.43
CA HIS MA 230 37.01 78.05 -26.14
C HIS MA 230 37.48 79.25 -25.33
N CYS MA 231 36.81 80.38 -25.51
CA CYS MA 231 36.96 81.53 -24.63
C CYS MA 231 35.63 81.74 -23.94
N ASP MA 232 35.64 81.67 -22.61
CA ASP MA 232 34.41 81.73 -21.85
C ASP MA 232 34.74 81.83 -20.38
N SER MA 233 33.74 82.20 -19.59
CA SER MA 233 33.83 82.15 -18.14
C SER MA 233 32.47 81.73 -17.63
N THR MA 234 32.41 80.63 -16.89
CA THR MA 234 31.17 80.12 -16.33
C THR MA 234 31.22 80.26 -14.82
N TRP MA 235 30.30 81.03 -14.26
CA TRP MA 235 30.18 81.20 -12.83
C TRP MA 235 29.09 80.26 -12.33
N LEU MA 236 29.46 79.35 -11.44
CA LEU MA 236 28.53 78.33 -10.96
C LEU MA 236 28.81 78.13 -9.47
N GLY MA 237 27.95 78.69 -8.64
CA GLY MA 237 28.11 78.54 -7.20
C GLY MA 237 29.38 79.21 -6.71
N ASP MA 238 30.20 78.44 -5.99
CA ASP MA 238 31.45 78.93 -5.45
C ASP MA 238 32.63 78.72 -6.41
N ARG MA 239 32.36 78.39 -7.66
CA ARG MA 239 33.39 78.20 -8.66
C ARG MA 239 33.20 79.17 -9.81
N VAL MA 240 34.30 79.59 -10.41
CA VAL MA 240 34.29 80.23 -11.71
C VAL MA 240 35.31 79.50 -12.57
N ILE MA 241 34.90 79.10 -13.76
CA ILE MA 241 35.77 78.41 -14.69
C ILE MA 241 36.06 79.35 -15.84
N THR MA 242 37.28 79.87 -15.88
CA THR MA 242 37.72 80.70 -16.99
C THR MA 242 38.41 79.80 -18.01
N THR MA 243 38.03 79.96 -19.27
CA THR MA 243 38.74 79.31 -20.36
C THR MA 243 39.07 80.37 -21.39
N SER MA 244 40.30 80.33 -21.88
CA SER MA 244 40.76 81.32 -22.83
C SER MA 244 41.53 80.63 -23.94
N THR MA 245 41.24 81.03 -25.17
CA THR MA 245 41.95 80.53 -26.34
C THR MA 245 42.66 81.69 -27.01
N ARG MA 246 43.88 81.45 -27.45
CA ARG MA 246 44.64 82.44 -28.18
C ARG MA 246 45.32 81.78 -29.37
N THR MA 247 45.59 82.58 -30.39
CA THR MA 247 46.41 82.15 -31.51
C THR MA 247 47.85 82.55 -31.23
N TRP MA 248 48.76 81.59 -31.33
CA TRP MA 248 50.17 81.83 -31.09
C TRP MA 248 50.96 81.62 -32.36
N ALA MA 249 52.16 82.18 -32.38
CA ALA MA 249 53.13 81.94 -33.44
C ALA MA 249 54.46 81.64 -32.79
N LEU MA 250 55.06 80.51 -33.17
CA LEU MA 250 56.34 80.11 -32.61
C LEU MA 250 57.40 80.15 -33.69
N PRO MA 251 58.37 81.05 -33.61
CA PRO MA 251 59.48 81.04 -34.55
C PRO MA 251 60.49 79.97 -34.19
N THR MA 252 61.47 79.80 -35.06
CA THR MA 252 62.65 79.05 -34.71
C THR MA 252 63.58 79.95 -33.91
N TYR MA 253 63.88 79.56 -32.69
CA TYR MA 253 64.74 80.35 -31.81
C TYR MA 253 66.16 79.83 -31.88
N ASN MA 254 67.12 80.75 -31.86
CA ASN MA 254 68.54 80.44 -31.74
C ASN MA 254 69.09 79.63 -32.90
N ASN MA 255 68.36 79.54 -34.01
CA ASN MA 255 68.71 78.67 -35.12
C ASN MA 255 68.88 77.23 -34.64
N HIS MA 256 67.95 76.78 -33.78
CA HIS MA 256 67.90 75.44 -33.22
C HIS MA 256 69.07 75.14 -32.29
N LEU MA 257 69.79 76.14 -31.82
CA LEU MA 257 70.98 75.93 -31.02
C LEU MA 257 70.74 76.28 -29.57
N TYR MA 258 71.50 75.61 -28.69
CA TYR MA 258 71.66 76.06 -27.32
C TYR MA 258 72.89 76.95 -27.26
N LYS MA 259 72.73 78.17 -26.77
CA LYS MA 259 73.82 79.11 -26.69
C LYS MA 259 74.08 79.47 -25.24
N GLN MA 260 75.33 79.38 -24.83
CA GLN MA 260 75.73 79.93 -23.54
C GLN MA 260 75.65 81.44 -23.62
N ILE MA 261 75.01 82.06 -22.63
CA ILE MA 261 74.88 83.50 -22.55
C ILE MA 261 75.45 83.95 -21.22
N SER MA 262 76.10 85.11 -21.22
CA SER MA 262 76.77 85.60 -20.04
C SER MA 262 76.77 87.12 -20.05
N ASN MA 263 77.09 87.68 -18.89
CA ASN MA 263 77.28 89.11 -18.73
C ASN MA 263 78.26 89.31 -17.60
N GLY MA 264 79.37 89.99 -17.87
CA GLY MA 264 80.41 90.22 -16.90
C GLY MA 264 80.61 91.70 -16.63
N THR MA 265 81.59 91.97 -15.79
CA THR MA 265 81.91 93.35 -15.42
C THR MA 265 82.87 93.97 -16.42
N ALA MA 269 78.99 96.39 -17.57
CA ALA MA 269 77.98 95.95 -16.62
C ALA MA 269 78.55 95.88 -15.21
N THR MA 270 77.69 96.12 -14.22
CA THR MA 270 78.12 96.04 -12.84
C THR MA 270 78.04 94.60 -12.35
N ASN MA 271 78.69 94.34 -11.22
CA ASN MA 271 78.65 92.99 -10.65
C ASN MA 271 77.24 92.59 -10.27
N ASP MA 272 76.38 93.56 -9.93
CA ASP MA 272 75.01 93.25 -9.56
C ASP MA 272 74.21 92.66 -10.70
N ASN MA 273 74.65 92.87 -11.95
CA ASN MA 273 73.90 92.43 -13.11
C ASN MA 273 74.59 91.31 -13.88
N THR MA 274 75.62 90.69 -13.30
CA THR MA 274 76.29 89.60 -13.98
C THR MA 274 75.41 88.35 -13.98
N TYR MA 275 75.58 87.53 -15.01
CA TYR MA 275 74.87 86.26 -15.06
C TYR MA 275 75.61 85.31 -15.98
N PHE MA 276 75.33 84.03 -15.78
CA PHE MA 276 75.72 82.96 -16.68
C PHE MA 276 74.50 82.07 -16.87
N GLY MA 277 74.21 81.74 -18.11
CA GLY MA 277 73.05 80.92 -18.37
C GLY MA 277 73.07 80.39 -19.77
N TYR MA 278 71.92 79.90 -20.21
CA TYR MA 278 71.81 79.29 -21.52
C TYR MA 278 70.55 79.77 -22.20
N SER MA 279 70.69 80.14 -23.46
CA SER MA 279 69.56 80.39 -24.34
C SER MA 279 69.25 79.09 -25.05
N THR MA 280 67.98 78.69 -25.04
CA THR MA 280 67.57 77.46 -25.66
C THR MA 280 66.77 77.73 -26.93
N PRO MA 281 66.71 76.78 -27.86
CA PRO MA 281 65.86 76.93 -29.03
C PRO MA 281 64.37 76.71 -28.75
N TRP MA 282 63.99 76.55 -27.49
CA TRP MA 282 62.62 76.24 -27.13
C TRP MA 282 61.86 77.50 -26.77
N GLY MA 283 60.59 77.52 -27.16
CA GLY MA 283 59.66 78.47 -26.59
C GLY MA 283 58.94 77.87 -25.41
N TYR MA 284 58.17 78.70 -24.73
CA TYR MA 284 57.37 78.21 -23.62
C TYR MA 284 56.08 78.99 -23.54
N PHE MA 285 55.04 78.33 -23.03
CA PHE MA 285 53.74 78.95 -22.90
C PHE MA 285 53.59 79.52 -21.49
N ASP MA 286 53.21 80.79 -21.42
CA ASP MA 286 53.01 81.49 -20.17
C ASP MA 286 51.58 82.00 -20.12
N PHE MA 287 50.87 81.65 -19.05
CA PHE MA 287 49.55 82.21 -18.77
C PHE MA 287 49.48 82.59 -17.30
N ASN MA 288 50.58 83.14 -16.79
CA ASN MA 288 50.71 83.48 -15.39
C ASN MA 288 50.34 84.93 -15.11
N ARG MA 289 49.38 85.47 -15.84
CA ARG MA 289 48.78 86.76 -15.55
C ARG MA 289 47.28 86.58 -15.51
N PHE MA 290 46.63 87.34 -14.63
CA PHE MA 290 45.20 87.15 -14.42
C PHE MA 290 44.40 87.55 -15.66
N HIS MA 291 44.85 88.53 -16.42
CA HIS MA 291 44.10 88.93 -17.60
C HIS MA 291 44.20 87.93 -18.74
N CYS MA 292 45.07 86.93 -18.62
CA CYS MA 292 45.05 85.83 -19.57
C CYS MA 292 43.79 84.99 -19.42
N HIS MA 293 43.11 85.09 -18.29
CA HIS MA 293 41.97 84.24 -17.97
C HIS MA 293 40.71 85.03 -17.67
N PHE MA 294 40.83 86.18 -17.01
CA PHE MA 294 39.69 86.98 -16.64
C PHE MA 294 39.56 88.17 -17.58
N SER MA 295 38.39 88.31 -18.20
CA SER MA 295 38.05 89.55 -18.84
C SER MA 295 37.89 90.63 -17.77
N PRO MA 296 38.03 91.91 -18.15
CA PRO MA 296 37.84 92.96 -17.15
C PRO MA 296 36.48 92.89 -16.46
N ARG MA 297 35.43 92.55 -17.21
CA ARG MA 297 34.12 92.38 -16.59
C ARG MA 297 34.10 91.18 -15.65
N ASP MA 298 34.75 90.08 -16.04
CA ASP MA 298 34.85 88.93 -15.15
C ASP MA 298 35.65 89.28 -13.90
N TRP MA 299 36.72 90.05 -14.07
CA TRP MA 299 37.49 90.51 -12.92
C TRP MA 299 36.63 91.37 -11.99
N GLN MA 300 35.80 92.24 -12.56
CA GLN MA 300 34.89 93.03 -11.76
C GLN MA 300 33.91 92.14 -10.99
N ARG MA 301 33.34 91.15 -11.68
CA ARG MA 301 32.46 90.20 -11.02
C ARG MA 301 33.15 89.52 -9.85
N LEU MA 302 34.40 89.13 -10.06
CA LEU MA 302 35.16 88.43 -9.02
C LEU MA 302 35.42 89.35 -7.82
N ILE MA 303 35.94 90.55 -8.08
CA ILE MA 303 36.42 91.38 -6.99
C ILE MA 303 35.31 92.13 -6.27
N ASN MA 304 34.17 92.35 -6.91
CA ASN MA 304 33.10 93.09 -6.26
C ASN MA 304 32.21 92.20 -5.40
N ASN MA 305 32.37 90.89 -5.47
CA ASN MA 305 31.42 89.99 -4.86
C ASN MA 305 32.03 88.87 -4.03
N ASN MA 306 33.35 88.76 -4.00
CA ASN MA 306 34.00 87.65 -3.33
C ASN MA 306 35.07 88.15 -2.38
N TRP MA 307 35.14 87.53 -1.21
CA TRP MA 307 36.18 87.85 -0.24
C TRP MA 307 37.49 87.17 -0.59
N GLY MA 308 37.47 86.17 -1.44
CA GLY MA 308 38.69 85.47 -1.78
C GLY MA 308 38.48 84.54 -2.94
N PHE MA 309 39.59 84.10 -3.51
CA PHE MA 309 39.56 83.15 -4.60
C PHE MA 309 40.92 82.45 -4.65
N ARG MA 310 40.94 81.30 -5.31
CA ARG MA 310 42.16 80.54 -5.48
C ARG MA 310 41.99 79.61 -6.66
N PRO MA 311 43.05 79.32 -7.40
CA PRO MA 311 42.95 78.34 -8.48
C PRO MA 311 42.80 76.94 -7.92
N LYS MA 312 42.05 76.11 -8.63
CA LYS MA 312 41.82 74.73 -8.24
C LYS MA 312 42.45 73.74 -9.20
N ARG MA 313 42.17 73.88 -10.49
CA ARG MA 313 42.69 72.98 -11.49
C ARG MA 313 42.83 73.74 -12.79
N LEU MA 314 43.66 73.24 -13.68
CA LEU MA 314 43.76 73.81 -15.01
C LEU MA 314 43.85 72.70 -16.04
N SER MA 315 43.33 72.99 -17.22
CA SER MA 315 43.53 72.16 -18.39
C SER MA 315 44.11 73.03 -19.50
N PHE MA 316 45.06 72.47 -20.23
CA PHE MA 316 45.80 73.19 -21.24
C PHE MA 316 45.70 72.41 -22.54
N LYS MA 317 45.52 73.12 -23.65
CA LYS MA 317 45.38 72.47 -24.94
C LYS MA 317 46.17 73.21 -26.00
N LEU MA 318 46.87 72.45 -26.84
CA LEU MA 318 47.48 72.94 -28.06
C LEU MA 318 46.83 72.23 -29.22
N PHE MA 319 46.40 72.98 -30.23
CA PHE MA 319 45.64 72.37 -31.32
C PHE MA 319 45.69 73.28 -32.53
N ASN MA 320 45.20 72.76 -33.65
CA ASN MA 320 45.19 73.46 -34.92
C ASN MA 320 46.60 73.95 -35.27
N ILE MA 321 47.56 73.07 -35.09
CA ILE MA 321 48.96 73.41 -35.32
C ILE MA 321 49.20 73.48 -36.82
N GLN MA 322 49.85 74.55 -37.25
CA GLN MA 322 50.27 74.73 -38.63
C GLN MA 322 51.75 75.05 -38.63
N VAL MA 323 52.55 74.21 -39.24
CA VAL MA 323 53.97 74.47 -39.41
C VAL MA 323 54.18 74.97 -40.83
N LYS MA 324 54.81 76.14 -40.95
CA LYS MA 324 54.90 76.82 -42.23
C LYS MA 324 56.36 77.01 -42.61
N GLU MA 325 56.65 76.79 -43.89
CA GLU MA 325 57.98 76.96 -44.45
C GLU MA 325 58.03 78.28 -45.19
N VAL MA 326 59.06 79.06 -44.93
CA VAL MA 326 59.26 80.35 -45.60
C VAL MA 326 60.57 80.28 -46.39
N THR MA 327 60.49 80.66 -47.66
CA THR MA 327 61.65 80.60 -48.54
C THR MA 327 62.07 81.99 -48.99
N LYS MA 333 59.73 86.51 -50.89
CA LYS MA 333 59.40 85.63 -49.77
C LYS MA 333 58.05 84.96 -49.97
N THR MA 334 58.03 83.63 -49.92
CA THR MA 334 56.81 82.86 -49.99
C THR MA 334 56.70 81.98 -48.75
N ILE MA 335 55.49 81.89 -48.21
CA ILE MA 335 55.21 81.06 -47.05
C ILE MA 335 54.30 79.93 -47.50
N ALA MA 336 54.71 78.69 -47.20
CA ALA MA 336 53.96 77.52 -47.60
C ALA MA 336 53.79 76.60 -46.40
N ASN MA 337 52.73 75.80 -46.43
CA ASN MA 337 52.54 74.79 -45.41
C ASN MA 337 53.59 73.69 -45.55
N ASN MA 338 54.11 73.25 -44.40
CA ASN MA 338 55.02 72.07 -44.37
C ASN MA 338 54.19 71.03 -43.62
N LEU MA 339 53.38 70.24 -44.33
CA LEU MA 339 52.41 69.34 -43.71
C LEU MA 339 53.08 68.25 -42.89
N THR MA 340 54.30 67.87 -43.23
CA THR MA 340 54.98 66.78 -42.55
C THR MA 340 55.91 67.26 -41.44
N SER MA 341 55.99 68.56 -41.21
CA SER MA 341 56.84 69.07 -40.14
C SER MA 341 56.15 68.94 -38.79
N THR MA 342 56.95 68.85 -37.74
CA THR MA 342 56.44 68.66 -36.39
C THR MA 342 56.87 69.81 -35.49
N ILE MA 343 56.10 69.97 -34.41
CA ILE MA 343 56.53 70.72 -33.24
C ILE MA 343 56.69 69.74 -32.11
N GLN MA 344 57.55 70.08 -31.16
CA GLN MA 344 57.75 69.27 -29.96
C GLN MA 344 57.22 70.03 -28.76
N VAL MA 345 56.37 69.37 -27.99
CA VAL MA 345 55.78 69.95 -26.80
C VAL MA 345 55.97 68.99 -25.65
N PHE MA 346 56.41 69.50 -24.51
CA PHE MA 346 56.41 68.72 -23.29
C PHE MA 346 56.21 69.65 -22.11
N THR MA 347 55.66 69.10 -21.04
CA THR MA 347 55.54 69.82 -19.78
C THR MA 347 56.60 69.31 -18.82
N ASP MA 348 57.27 70.24 -18.14
CA ASP MA 348 58.21 69.89 -17.09
C ASP MA 348 57.43 69.54 -15.83
N SER MA 349 56.77 68.38 -15.89
CA SER MA 349 55.86 67.98 -14.83
C SER MA 349 56.60 67.61 -13.54
N GLU MA 350 57.86 67.18 -13.65
CA GLU MA 350 58.67 66.88 -12.49
C GLU MA 350 59.46 68.07 -12.00
N TYR MA 351 59.30 69.24 -12.62
CA TYR MA 351 60.00 70.45 -12.23
C TYR MA 351 61.51 70.26 -12.23
N GLN MA 352 61.99 69.57 -13.26
CA GLN MA 352 63.41 69.31 -13.40
C GLN MA 352 64.14 70.41 -14.17
N LEU MA 353 63.45 71.29 -14.76
CA LEU MA 353 64.06 72.41 -15.44
C LEU MA 353 64.02 73.65 -14.56
N PRO MA 354 64.94 74.59 -14.76
CA PRO MA 354 64.82 75.88 -14.09
C PRO MA 354 63.49 76.52 -14.40
N TYR MA 355 62.76 76.89 -13.35
CA TYR MA 355 61.41 77.42 -13.47
C TYR MA 355 61.51 78.92 -13.68
N VAL MA 356 61.27 79.37 -14.92
CA VAL MA 356 61.38 80.78 -15.24
C VAL MA 356 60.04 81.48 -15.26
N LEU MA 357 58.93 80.75 -15.14
CA LEU MA 357 57.67 81.39 -14.87
C LEU MA 357 57.68 81.97 -13.47
N GLY MA 358 56.78 82.91 -13.21
CA GLY MA 358 56.81 83.57 -11.93
C GLY MA 358 57.93 84.57 -11.77
N SER MA 359 58.46 85.09 -12.87
CA SER MA 359 59.38 86.22 -12.83
C SER MA 359 58.79 87.45 -13.52
N ALA MA 360 57.48 87.46 -13.69
CA ALA MA 360 56.75 88.60 -14.27
C ALA MA 360 57.29 88.97 -15.65
N HIS MA 361 57.56 87.95 -16.46
CA HIS MA 361 58.11 88.16 -17.79
C HIS MA 361 57.01 88.40 -18.81
N GLN MA 362 57.37 89.12 -19.87
CA GLN MA 362 56.48 89.25 -21.01
C GLN MA 362 56.35 87.92 -21.74
N GLY MA 363 55.39 87.86 -22.65
CA GLY MA 363 55.16 86.66 -23.42
C GLY MA 363 54.01 85.82 -22.95
N CYS MA 364 53.27 86.27 -21.94
CA CYS MA 364 52.06 85.57 -21.53
C CYS MA 364 51.00 85.70 -22.61
N LEU MA 365 49.94 84.92 -22.45
CA LEU MA 365 48.79 85.04 -23.33
C LEU MA 365 48.26 86.46 -23.27
N PRO MA 366 47.95 87.09 -24.41
CA PRO MA 366 47.51 88.48 -24.38
C PRO MA 366 46.18 88.60 -23.66
N PRO MA 367 45.92 89.74 -23.01
CA PRO MA 367 44.61 89.92 -22.36
C PRO MA 367 43.45 89.88 -23.35
N PHE MA 368 43.64 90.38 -24.56
CA PHE MA 368 42.56 90.45 -25.54
C PHE MA 368 42.53 89.15 -26.35
N PRO MA 369 41.41 88.43 -26.37
CA PRO MA 369 41.38 87.13 -27.06
C PRO MA 369 41.69 87.21 -28.54
N ALA MA 370 41.35 88.31 -29.20
CA ALA MA 370 41.62 88.43 -30.63
C ALA MA 370 43.09 88.64 -30.93
N ASP MA 371 43.93 88.81 -29.91
CA ASP MA 371 45.32 89.18 -30.11
C ASP MA 371 46.16 87.94 -30.38
N VAL MA 372 46.94 87.97 -31.45
CA VAL MA 372 47.86 86.89 -31.77
C VAL MA 372 49.21 87.22 -31.18
N PHE MA 373 49.78 86.28 -30.43
CA PHE MA 373 51.00 86.55 -29.68
C PHE MA 373 52.13 85.62 -30.09
N MET MA 374 53.34 86.12 -29.93
CA MET MA 374 54.56 85.38 -30.17
C MET MA 374 54.99 84.64 -28.89
N ILE MA 375 55.37 83.38 -29.06
CA ILE MA 375 55.77 82.57 -27.91
C ILE MA 375 57.16 83.00 -27.46
N PRO MA 376 57.37 83.29 -26.17
CA PRO MA 376 58.68 83.72 -25.71
C PRO MA 376 59.70 82.59 -25.74
N GLN MA 377 60.96 82.97 -25.91
CA GLN MA 377 62.03 81.99 -25.95
C GLN MA 377 62.43 81.57 -24.55
N TYR MA 378 62.61 80.27 -24.35
CA TYR MA 378 63.00 79.76 -23.05
C TYR MA 378 64.51 79.90 -22.86
N GLY MA 379 64.89 80.53 -21.76
CA GLY MA 379 66.26 80.55 -21.32
C GLY MA 379 66.29 80.45 -19.81
N TYR MA 380 67.47 80.13 -19.28
CA TYR MA 380 67.58 80.00 -17.85
C TYR MA 380 68.96 80.45 -17.41
N LEU MA 381 69.08 80.70 -16.12
CA LEU MA 381 70.34 81.09 -15.51
C LEU MA 381 70.78 80.02 -14.53
N THR MA 382 72.08 79.87 -14.43
CA THR MA 382 72.65 78.97 -13.43
C THR MA 382 73.67 79.75 -12.62
N LEU MA 383 74.46 79.06 -11.80
CA LEU MA 383 75.42 79.77 -10.96
C LEU MA 383 76.47 80.45 -11.81
N ASN MA 384 76.83 81.67 -11.43
CA ASN MA 384 77.83 82.43 -12.15
C ASN MA 384 78.80 83.07 -11.16
N ASN MA 385 80.02 83.29 -11.63
CA ASN MA 385 81.04 84.08 -10.94
C ASN MA 385 81.47 85.12 -11.96
N GLY MA 386 80.83 86.28 -11.92
CA GLY MA 386 80.98 87.22 -13.01
C GLY MA 386 80.30 86.66 -14.24
N SER MA 387 81.02 86.66 -15.36
CA SER MA 387 80.51 86.06 -16.59
C SER MA 387 80.89 84.60 -16.71
N GLN MA 388 81.62 84.04 -15.75
CA GLN MA 388 82.07 82.66 -15.81
C GLN MA 388 81.10 81.75 -15.07
N ALA MA 389 81.03 80.51 -15.53
CA ALA MA 389 80.33 79.48 -14.80
C ALA MA 389 81.23 78.90 -13.71
N VAL MA 390 80.61 78.26 -12.73
CA VAL MA 390 81.33 77.51 -11.73
C VAL MA 390 81.04 76.03 -11.95
N GLY MA 391 81.76 75.19 -11.21
CA GLY MA 391 81.56 73.76 -11.34
C GLY MA 391 80.16 73.30 -11.01
N ARG MA 392 79.45 74.06 -10.18
CA ARG MA 392 78.09 73.72 -9.81
C ARG MA 392 77.07 74.20 -10.83
N SER MA 393 77.49 74.97 -11.83
CA SER MA 393 76.56 75.43 -12.86
C SER MA 393 75.98 74.25 -13.62
N SER MA 394 74.68 74.28 -13.82
CA SER MA 394 73.96 73.20 -14.48
C SER MA 394 73.62 73.60 -15.90
N PHE MA 395 73.87 72.69 -16.84
CA PHE MA 395 73.42 72.83 -18.21
C PHE MA 395 72.30 71.84 -18.45
N TYR MA 396 71.20 72.32 -19.01
CA TYR MA 396 70.03 71.49 -19.29
C TYR MA 396 69.79 71.46 -20.79
N CYS MA 397 69.71 70.25 -21.34
CA CYS MA 397 69.26 70.04 -22.71
C CYS MA 397 67.79 69.68 -22.66
N LEU MA 398 66.95 70.51 -23.27
CA LEU MA 398 65.52 70.24 -23.24
C LEU MA 398 65.14 69.11 -24.17
N GLU MA 399 66.00 68.79 -25.15
CA GLU MA 399 65.78 67.58 -25.95
C GLU MA 399 66.00 66.33 -25.14
N TYR MA 400 66.66 66.43 -23.99
CA TYR MA 400 66.85 65.30 -23.10
C TYR MA 400 65.58 64.94 -22.33
N PHE MA 401 64.46 65.54 -22.68
CA PHE MA 401 63.18 65.22 -22.09
C PHE MA 401 62.30 64.51 -23.09
N PRO MA 402 61.40 63.64 -22.64
CA PRO MA 402 60.38 63.10 -23.55
C PRO MA 402 59.43 64.19 -23.99
N SER MA 403 59.30 64.37 -25.29
CA SER MA 403 58.42 65.38 -25.85
C SER MA 403 57.45 64.72 -26.81
N GLN MA 404 56.22 65.19 -26.82
CA GLN MA 404 55.27 64.79 -27.83
C GLN MA 404 55.56 65.57 -29.11
N MET MA 405 55.70 64.88 -30.22
CA MET MA 405 55.88 65.54 -31.51
C MET MA 405 54.54 65.58 -32.22
N LEU MA 406 54.20 66.75 -32.76
CA LEU MA 406 52.88 67.01 -33.29
C LEU MA 406 52.99 67.46 -34.74
N ARG MA 407 52.32 66.76 -35.63
CA ARG MA 407 52.12 67.27 -36.97
C ARG MA 407 50.85 68.12 -36.99
N THR MA 408 50.49 68.61 -38.18
CA THR MA 408 49.40 69.57 -38.28
C THR MA 408 48.07 68.98 -37.80
N GLY MA 409 47.92 67.66 -37.87
CA GLY MA 409 46.70 67.03 -37.41
C GLY MA 409 46.66 66.66 -35.95
N ASN MA 410 47.77 66.83 -35.23
CA ASN MA 410 47.85 66.41 -33.85
C ASN MA 410 47.50 67.55 -32.91
N ASN MA 411 47.12 67.19 -31.69
CA ASN MA 411 46.89 68.16 -30.64
C ASN MA 411 47.55 67.68 -29.36
N PHE MA 412 47.83 68.62 -28.47
CA PHE MA 412 48.46 68.35 -27.20
C PHE MA 412 47.56 68.86 -26.08
N GLN MA 413 47.46 68.11 -25.00
CA GLN MA 413 46.69 68.58 -23.88
C GLN MA 413 47.18 67.92 -22.60
N PHE MA 414 47.04 68.63 -21.49
CA PHE MA 414 47.32 68.07 -20.18
C PHE MA 414 46.46 68.81 -19.16
N THR MA 415 46.25 68.15 -18.04
CA THR MA 415 45.51 68.72 -16.92
C THR MA 415 46.42 68.82 -15.72
N TYR MA 416 46.16 69.81 -14.88
CA TYR MA 416 46.96 70.06 -13.69
C TYR MA 416 46.03 70.43 -12.55
N THR MA 417 46.31 69.94 -11.36
CA THR MA 417 45.56 70.27 -10.17
C THR MA 417 46.41 71.13 -9.26
N PHE MA 418 45.91 72.30 -8.90
CA PHE MA 418 46.61 73.14 -7.95
C PHE MA 418 46.60 72.50 -6.56
N GLU MA 419 47.71 72.66 -5.84
CA GLU MA 419 47.74 72.23 -4.46
C GLU MA 419 46.83 73.11 -3.63
N ASP MA 420 46.52 72.66 -2.42
CA ASP MA 420 45.70 73.45 -1.52
C ASP MA 420 46.46 74.71 -1.14
N VAL MA 421 46.02 75.85 -1.68
CA VAL MA 421 46.68 77.13 -1.45
C VAL MA 421 45.67 78.00 -0.70
N PRO MA 422 46.11 78.92 0.15
CA PRO MA 422 45.16 79.79 0.82
C PRO MA 422 44.45 80.70 -0.17
N PHE MA 423 43.20 81.04 0.15
CA PHE MA 423 42.49 82.02 -0.64
C PHE MA 423 43.22 83.35 -0.62
N HIS MA 424 43.32 83.98 -1.79
CA HIS MA 424 43.82 85.34 -1.81
C HIS MA 424 42.83 86.26 -1.12
N SER MA 425 43.34 87.17 -0.30
CA SER MA 425 42.48 88.10 0.43
C SER MA 425 41.96 89.15 -0.54
N SER MA 426 40.78 88.89 -1.09
CA SER MA 426 40.15 89.83 -2.01
C SER MA 426 39.27 90.81 -1.24
N TYR MA 427 39.84 91.41 -0.21
CA TYR MA 427 39.12 92.30 0.69
C TYR MA 427 40.10 93.24 1.35
N ALA MA 428 39.60 94.38 1.78
CA ALA MA 428 40.34 95.28 2.64
C ALA MA 428 39.71 95.28 4.02
N HIS MA 429 40.53 95.41 5.05
CA HIS MA 429 40.01 95.40 6.40
C HIS MA 429 39.29 96.72 6.69
N SER MA 430 38.09 96.62 7.27
CA SER MA 430 37.33 97.79 7.69
C SER MA 430 37.67 98.21 9.10
N GLN MA 431 38.62 97.55 9.73
CA GLN MA 431 39.12 97.92 11.05
C GLN MA 431 40.64 98.00 10.98
N SER MA 432 41.19 98.90 11.79
CA SER MA 432 42.64 99.00 11.93
C SER MA 432 43.10 98.14 13.10
N LEU MA 433 44.35 97.68 13.01
CA LEU MA 433 44.88 96.79 14.04
C LEU MA 433 44.96 97.47 15.39
N ASP MA 434 45.22 98.78 15.41
CA ASP MA 434 45.29 99.53 16.66
C ASP MA 434 43.94 100.07 17.10
N ARG MA 435 42.86 99.69 16.43
CA ARG MA 435 41.52 100.16 16.75
C ARG MA 435 40.56 98.98 16.84
N LEU MA 436 40.98 97.90 17.46
CA LEU MA 436 40.15 96.71 17.61
C LEU MA 436 39.37 96.69 18.91
N MET MA 437 39.53 97.71 19.74
CA MET MA 437 38.96 97.75 21.07
C MET MA 437 37.59 98.45 21.08
N ASN MA 438 36.85 98.20 22.15
CA ASN MA 438 35.59 98.90 22.39
C ASN MA 438 35.88 100.35 22.73
N PRO MA 439 35.37 101.31 21.97
CA PRO MA 439 35.65 102.73 22.24
C PRO MA 439 34.85 103.33 23.37
N LEU MA 440 34.09 102.54 24.12
CA LEU MA 440 33.28 103.06 25.21
C LEU MA 440 33.75 102.61 26.59
N ILE MA 441 34.55 101.56 26.66
CA ILE MA 441 34.90 100.92 27.91
C ILE MA 441 36.39 101.10 28.16
N ASP MA 442 36.74 101.43 29.40
CA ASP MA 442 38.14 101.46 29.79
C ASP MA 442 38.71 100.04 29.86
N GLN MA 443 40.02 99.96 29.77
CA GLN MA 443 40.71 98.71 30.05
C GLN MA 443 40.89 98.54 31.55
N TYR MA 444 40.88 97.29 32.00
CA TYR MA 444 41.26 97.04 33.38
C TYR MA 444 42.77 97.00 33.56
N LEU MA 445 43.53 96.93 32.47
CA LEU MA 445 44.97 96.99 32.54
C LEU MA 445 45.44 98.44 32.65
N TYR MA 446 46.53 98.63 33.36
CA TYR MA 446 47.14 99.94 33.52
C TYR MA 446 48.39 100.05 32.66
N TYR MA 447 48.73 101.28 32.30
CA TYR MA 447 49.98 101.58 31.63
C TYR MA 447 50.68 102.68 32.40
N LEU MA 448 52.00 102.69 32.32
CA LEU MA 448 52.78 103.77 32.92
C LEU MA 448 52.45 105.07 32.20
N SER MA 449 51.73 105.98 32.87
CA SER MA 449 51.28 107.20 32.23
C SER MA 449 52.16 108.40 32.51
N ARG MA 450 52.83 108.43 33.66
CA ARG MA 450 53.74 109.52 33.97
C ARG MA 450 54.92 109.00 34.77
N THR MA 451 56.08 109.58 34.53
CA THR MA 451 57.28 109.29 35.31
C THR MA 451 57.78 110.50 36.09
N GLN MA 452 57.08 111.62 36.00
CA GLN MA 452 57.50 112.85 36.66
C GLN MA 452 56.27 113.56 37.21
N THR MA 453 56.40 114.13 38.40
CA THR MA 453 55.27 114.81 39.05
C THR MA 453 54.88 116.07 38.29
N ASN MA 459 59.78 119.59 39.44
CA ASN MA 459 59.12 118.30 39.47
C ASN MA 459 60.12 117.18 39.73
N THR MA 460 59.66 116.12 40.38
CA THR MA 460 60.51 115.00 40.78
C THR MA 460 60.02 113.72 40.11
N GLN MA 461 60.83 112.68 40.24
CA GLN MA 461 60.46 111.39 39.70
C GLN MA 461 59.28 110.80 40.45
N THR MA 462 58.44 110.09 39.71
CA THR MA 462 57.29 109.40 40.28
C THR MA 462 56.90 108.29 39.31
N LEU MA 463 55.91 107.50 39.71
CA LEU MA 463 55.35 106.47 38.85
C LEU MA 463 53.83 106.62 38.91
N GLY MA 464 53.25 107.16 37.83
CA GLY MA 464 51.82 107.29 37.70
C GLY MA 464 51.31 106.31 36.66
N PHE MA 465 50.23 105.62 36.99
CA PHE MA 465 49.66 104.61 36.13
C PHE MA 465 48.21 104.96 35.84
N SER MA 466 47.82 104.82 34.59
CA SER MA 466 46.46 105.11 34.16
C SER MA 466 45.91 103.92 33.42
N GLN MA 467 44.59 103.83 33.37
CA GLN MA 467 43.91 102.79 32.61
C GLN MA 467 43.67 103.30 31.19
N GLY MA 468 44.06 102.49 30.22
CA GLY MA 468 43.78 102.81 28.83
C GLY MA 468 42.29 102.90 28.59
N GLY MA 469 41.86 103.95 27.92
CA GLY MA 469 40.46 104.17 27.67
C GLY MA 469 40.19 104.73 26.29
N PRO MA 470 38.97 105.21 26.09
CA PRO MA 470 38.60 105.74 24.77
C PRO MA 470 39.47 106.89 24.30
N ASN MA 471 40.02 107.68 25.22
CA ASN MA 471 40.82 108.83 24.84
C ASN MA 471 42.30 108.52 24.74
N THR MA 472 42.83 107.64 25.59
CA THR MA 472 44.22 107.21 25.51
C THR MA 472 44.34 105.90 24.75
N MET MA 473 43.84 105.93 23.52
CA MET MA 473 43.72 104.71 22.74
C MET MA 473 45.08 104.24 22.22
N ALA MA 474 46.03 105.16 22.05
CA ALA MA 474 47.38 104.78 21.68
C ALA MA 474 48.12 104.07 22.81
N ASN MA 475 47.70 104.28 24.06
CA ASN MA 475 48.36 103.68 25.20
C ASN MA 475 47.76 102.34 25.60
N GLN MA 476 46.64 101.95 25.02
CA GLN MA 476 45.95 100.74 25.46
C GLN MA 476 46.79 99.50 25.20
N ALA MA 477 46.67 98.53 26.11
CA ALA MA 477 47.26 97.23 25.88
C ALA MA 477 46.59 96.57 24.70
N LYS MA 478 47.40 95.96 23.84
CA LYS MA 478 46.91 95.36 22.61
C LYS MA 478 47.53 93.99 22.43
N ASN MA 479 46.83 93.14 21.68
CA ASN MA 479 47.24 91.75 21.52
C ASN MA 479 48.11 91.50 20.29
N TRP MA 480 48.17 92.44 19.36
CA TRP MA 480 48.76 92.16 18.06
C TRP MA 480 49.65 93.31 17.63
N LEU MA 481 50.57 92.99 16.73
CA LEU MA 481 51.51 93.94 16.16
C LEU MA 481 51.35 94.00 14.65
N PRO MA 482 51.66 95.15 14.04
CA PRO MA 482 51.62 95.22 12.58
C PRO MA 482 52.67 94.33 11.97
N GLY MA 483 52.41 93.93 10.73
CA GLY MA 483 53.30 93.05 10.01
C GLY MA 483 54.71 93.58 9.88
N PRO MA 484 55.60 92.77 9.34
CA PRO MA 484 57.01 93.14 9.29
C PRO MA 484 57.27 94.29 8.32
N CYS MA 485 58.39 94.96 8.54
CA CYS MA 485 58.75 96.16 7.79
C CYS MA 485 60.14 96.03 7.22
N TYR MA 486 60.32 96.50 5.99
CA TYR MA 486 61.62 96.61 5.34
C TYR MA 486 61.60 97.95 4.60
N ARG MA 487 62.00 99.01 5.30
CA ARG MA 487 61.63 100.36 4.89
C ARG MA 487 62.17 100.73 3.52
N GLN MA 488 61.32 101.33 2.72
CA GLN MA 488 61.65 101.81 1.39
C GLN MA 488 61.71 103.32 1.37
N GLN MA 489 62.50 103.87 0.45
CA GLN MA 489 62.55 105.31 0.27
C GLN MA 489 61.25 105.82 -0.33
N ARG MA 490 60.82 106.99 0.12
CA ARG MA 490 59.58 107.58 -0.34
C ARG MA 490 59.84 108.45 -1.56
N VAL MA 491 59.03 108.26 -2.60
CA VAL MA 491 59.11 109.05 -3.82
C VAL MA 491 57.75 109.67 -4.06
N SER MA 492 57.74 110.95 -4.39
CA SER MA 492 56.52 111.69 -4.67
C SER MA 492 56.28 111.71 -6.18
N THR MA 493 55.04 111.44 -6.58
CA THR MA 493 54.68 111.61 -7.98
C THR MA 493 54.70 113.07 -8.40
N THR MA 494 54.60 113.99 -7.45
CA THR MA 494 54.89 115.40 -7.68
C THR MA 494 56.39 115.57 -7.61
N THR MA 495 57.04 115.62 -8.78
CA THR MA 495 58.49 115.51 -8.84
C THR MA 495 59.18 116.65 -8.11
N GLY MA 496 58.55 117.82 -8.04
CA GLY MA 496 59.14 118.94 -7.34
C GLY MA 496 59.36 118.69 -5.87
N GLN MA 497 58.61 117.76 -5.28
CA GLN MA 497 58.79 117.39 -3.88
C GLN MA 497 59.91 116.39 -3.66
N ASN MA 498 60.49 115.85 -4.73
CA ASN MA 498 61.57 114.88 -4.60
C ASN MA 498 62.92 115.58 -4.54
N ASN MA 499 63.88 114.88 -3.96
CA ASN MA 499 65.25 115.38 -3.95
C ASN MA 499 65.79 115.46 -5.37
N ASN MA 500 66.52 116.53 -5.66
CA ASN MA 500 67.08 116.74 -6.99
C ASN MA 500 68.37 115.92 -7.11
N SER MA 501 68.19 114.61 -7.25
CA SER MA 501 69.29 113.68 -7.44
C SER MA 501 68.73 112.41 -8.05
N ASN MA 502 69.63 111.60 -8.61
CA ASN MA 502 69.27 110.32 -9.19
C ASN MA 502 69.50 109.26 -8.12
N PHE MA 503 68.46 108.95 -7.36
CA PHE MA 503 68.57 108.06 -6.21
C PHE MA 503 67.73 106.79 -6.36
N ALA MA 504 67.27 106.47 -7.56
CA ALA MA 504 66.45 105.27 -7.73
C ALA MA 504 67.20 104.03 -7.33
N TRP MA 505 68.48 103.95 -7.68
CA TRP MA 505 69.32 102.82 -7.31
C TRP MA 505 70.11 103.07 -6.02
N THR MA 506 70.73 104.24 -5.89
CA THR MA 506 71.57 104.51 -4.73
C THR MA 506 70.75 104.49 -3.44
N ALA MA 507 69.56 105.07 -3.46
CA ALA MA 507 68.67 105.03 -2.32
C ALA MA 507 67.68 103.88 -2.37
N GLY MA 508 67.82 103.00 -3.36
CA GLY MA 508 66.90 101.88 -3.45
C GLY MA 508 67.05 100.92 -2.29
N THR MA 509 65.92 100.32 -1.92
CA THR MA 509 65.91 99.33 -0.86
C THR MA 509 66.31 97.99 -1.43
N LYS MA 510 67.40 97.43 -0.94
CA LYS MA 510 68.06 96.31 -1.57
C LYS MA 510 68.30 95.19 -0.58
N TYR MA 511 68.48 93.99 -1.13
CA TYR MA 511 69.05 92.89 -0.38
C TYR MA 511 70.39 92.51 -1.00
N HIS MA 512 71.23 91.88 -0.17
CA HIS MA 512 72.59 91.53 -0.55
C HIS MA 512 72.69 90.01 -0.59
N LEU MA 513 73.12 89.46 -1.72
CA LEU MA 513 73.23 88.03 -1.90
C LEU MA 513 74.49 87.71 -2.68
N ASN MA 514 75.42 87.01 -2.04
CA ASN MA 514 76.67 86.59 -2.68
C ASN MA 514 77.40 87.78 -3.31
N GLY MA 515 77.54 88.84 -2.54
CA GLY MA 515 78.21 90.02 -3.03
C GLY MA 515 77.50 90.77 -4.12
N ARG MA 516 76.24 90.43 -4.39
CA ARG MA 516 75.45 91.07 -5.44
C ARG MA 516 74.29 91.81 -4.78
N ASN MA 517 74.07 93.05 -5.20
CA ASN MA 517 72.98 93.85 -4.69
C ASN MA 517 71.81 93.77 -5.67
N SER MA 518 70.64 93.46 -5.14
CA SER MA 518 69.41 93.41 -5.92
C SER MA 518 68.35 94.20 -5.18
N LEU MA 519 67.54 94.94 -5.93
CA LEU MA 519 66.44 95.66 -5.32
C LEU MA 519 65.48 94.69 -4.64
N ALA MA 520 65.04 95.06 -3.44
CA ALA MA 520 63.93 94.36 -2.78
C ALA MA 520 62.65 94.87 -3.41
N ASN MA 521 62.39 94.38 -4.62
CA ASN MA 521 61.38 94.93 -5.51
C ASN MA 521 60.37 93.84 -5.87
N PRO MA 522 59.10 93.97 -5.48
CA PRO MA 522 58.57 95.10 -4.70
C PRO MA 522 58.78 94.93 -3.20
N GLY MA 523 59.44 93.86 -2.80
CA GLY MA 523 59.67 93.61 -1.40
C GLY MA 523 58.44 93.09 -0.70
N ILE MA 524 58.51 93.09 0.64
CA ILE MA 524 57.43 92.57 1.45
C ILE MA 524 56.20 93.47 1.33
N ALA MA 525 55.04 92.90 1.56
CA ALA MA 525 53.77 93.62 1.44
C ALA MA 525 53.69 94.67 2.53
N MET MA 526 53.80 95.93 2.14
CA MET MA 526 53.59 97.05 3.05
C MET MA 526 52.67 98.06 2.38
N ALA MA 527 51.97 98.82 3.21
CA ALA MA 527 51.08 99.86 2.68
C ALA MA 527 51.89 100.86 1.88
N THR MA 528 51.38 101.20 0.70
CA THR MA 528 52.10 102.11 -0.20
C THR MA 528 52.29 103.47 0.44
N HIS MA 529 51.28 103.97 1.13
CA HIS MA 529 51.32 105.28 1.75
C HIS MA 529 50.30 105.30 2.88
N LYS MA 530 50.40 106.31 3.73
CA LYS MA 530 49.43 106.47 4.80
C LYS MA 530 48.29 107.36 4.31
N ASP MA 531 47.42 107.78 5.22
CA ASP MA 531 46.25 108.56 4.86
C ASP MA 531 46.66 109.88 4.20
N ASP MA 532 45.96 110.23 3.13
CA ASP MA 532 46.11 111.52 2.45
C ASP MA 532 47.52 111.71 1.88
N GLU MA 533 48.17 110.63 1.49
CA GLU MA 533 49.51 110.69 0.90
C GLU MA 533 49.58 109.82 -0.34
N GLU MA 534 48.54 109.87 -1.17
CA GLU MA 534 48.49 109.03 -2.36
C GLU MA 534 49.62 109.35 -3.34
N ARG MA 535 50.13 110.58 -3.32
CA ARG MA 535 51.21 110.96 -4.21
C ARG MA 535 52.53 110.28 -3.88
N PHE MA 536 52.65 109.68 -2.70
CA PHE MA 536 53.89 109.04 -2.28
C PHE MA 536 53.83 107.54 -2.55
N PHE MA 537 54.95 106.99 -2.99
CA PHE MA 537 55.07 105.56 -3.16
C PHE MA 537 56.48 105.12 -2.79
N PRO MA 538 56.64 103.90 -2.31
CA PRO MA 538 58.00 103.37 -2.10
C PRO MA 538 58.73 103.26 -3.43
N SER MA 539 60.02 103.56 -3.40
CA SER MA 539 60.78 103.70 -4.65
C SER MA 539 60.79 102.41 -5.44
N ASN MA 540 60.95 101.26 -4.78
CA ASN MA 540 60.85 99.97 -5.44
C ASN MA 540 60.00 99.03 -4.60
N GLY MA 541 58.84 99.53 -4.15
CA GLY MA 541 57.99 98.76 -3.26
C GLY MA 541 56.59 98.55 -3.76
N ILE MA 542 56.33 98.83 -5.04
CA ILE MA 542 55.02 98.64 -5.63
C ILE MA 542 55.19 98.00 -7.00
N LEU MA 543 54.14 97.32 -7.44
CA LEU MA 543 54.07 96.87 -8.83
C LEU MA 543 53.74 98.05 -9.72
N ILE MA 544 54.52 98.22 -10.78
CA ILE MA 544 54.31 99.30 -11.73
C ILE MA 544 54.05 98.66 -13.08
N PHE MA 545 52.85 98.83 -13.60
CA PHE MA 545 52.49 98.35 -14.92
C PHE MA 545 52.60 99.48 -15.93
N GLY MA 546 52.97 99.13 -17.15
CA GLY MA 546 53.06 100.10 -18.21
C GLY MA 546 51.73 100.23 -18.94
N LYS MA 547 51.40 101.46 -19.30
CA LYS MA 547 50.27 101.67 -20.19
C LYS MA 547 50.62 101.14 -21.58
N GLN MA 548 49.60 101.02 -22.42
CA GLN MA 548 49.84 100.53 -23.77
C GLN MA 548 50.81 101.45 -24.49
N ASN MA 549 51.78 100.84 -25.19
CA ASN MA 549 52.82 101.56 -25.93
C ASN MA 549 53.74 102.36 -25.02
N ALA MA 550 53.86 101.98 -23.76
CA ALA MA 550 54.85 102.59 -22.90
C ALA MA 550 56.24 102.14 -23.30
N ALA MA 551 57.21 103.05 -23.22
CA ALA MA 551 58.58 102.73 -23.60
C ALA MA 551 59.16 101.70 -22.64
N ARG MA 552 60.03 100.84 -23.19
CA ARG MA 552 60.71 99.87 -22.37
C ARG MA 552 61.63 100.52 -21.35
N ASP MA 553 62.35 101.56 -21.76
CA ASP MA 553 63.29 102.25 -20.89
C ASP MA 553 62.87 103.70 -20.71
N ASN MA 554 62.94 104.18 -19.47
CA ASN MA 554 62.70 105.58 -19.13
C ASN MA 554 61.31 106.04 -19.61
N ALA MA 555 60.31 105.22 -19.34
CA ALA MA 555 58.94 105.65 -19.56
C ALA MA 555 58.57 106.71 -18.54
N ASP MA 556 57.86 107.74 -18.99
CA ASP MA 556 57.44 108.80 -18.09
C ASP MA 556 56.38 108.29 -17.13
N TYR MA 557 56.16 109.04 -16.05
CA TYR MA 557 55.16 108.66 -15.08
C TYR MA 557 53.77 108.56 -15.70
N SER MA 558 53.50 109.38 -16.73
CA SER MA 558 52.21 109.31 -17.40
C SER MA 558 52.06 108.05 -18.24
N ASP MA 559 53.15 107.36 -18.55
CA ASP MA 559 53.10 106.14 -19.34
C ASP MA 559 53.03 104.87 -18.51
N VAL MA 560 53.06 104.97 -17.19
CA VAL MA 560 53.05 103.81 -16.33
C VAL MA 560 51.86 103.90 -15.40
N MET MA 561 51.51 102.76 -14.81
CA MET MA 561 50.37 102.63 -13.91
C MET MA 561 50.88 102.16 -12.57
N LEU MA 562 50.95 103.06 -11.60
CA LEU MA 562 51.39 102.69 -10.26
C LEU MA 562 50.26 101.99 -9.52
N THR MA 563 50.58 100.84 -8.94
CA THR MA 563 49.64 100.21 -8.03
C THR MA 563 49.76 100.83 -6.64
N SER MA 564 48.75 100.58 -5.81
CA SER MA 564 48.76 101.08 -4.44
C SER MA 564 48.27 99.99 -3.51
N GLU MA 565 49.04 99.69 -2.48
CA GLU MA 565 48.64 98.75 -1.43
C GLU MA 565 48.13 99.48 -0.20
N GLU MA 566 47.44 100.60 -0.39
CA GLU MA 566 46.93 101.35 0.75
C GLU MA 566 45.85 100.60 1.53
N GLU MA 567 45.24 99.57 0.93
CA GLU MA 567 44.21 98.82 1.63
C GLU MA 567 44.76 98.08 2.84
N ILE MA 568 46.06 97.79 2.86
CA ILE MA 568 46.66 97.06 3.97
C ILE MA 568 47.28 97.99 5.01
N LYS MA 569 46.95 99.29 4.96
CA LYS MA 569 47.33 100.21 6.03
C LYS MA 569 46.85 99.73 7.38
N THR MA 570 45.72 99.02 7.40
CA THR MA 570 45.10 98.62 8.65
C THR MA 570 45.93 97.60 9.40
N THR MA 571 46.74 96.85 8.70
CA THR MA 571 47.51 95.78 9.31
C THR MA 571 49.00 95.87 9.01
N ASN MA 572 49.37 96.30 7.81
CA ASN MA 572 50.77 96.37 7.46
C ASN MA 572 51.30 97.78 7.65
N PRO MA 573 52.55 97.91 8.11
CA PRO MA 573 53.14 99.25 8.22
C PRO MA 573 53.32 99.88 6.85
N VAL MA 574 53.32 101.21 6.83
CA VAL MA 574 53.54 101.94 5.60
C VAL MA 574 54.96 101.68 5.11
N ALA MA 575 55.09 101.43 3.81
CA ALA MA 575 56.37 101.00 3.24
C ALA MA 575 57.46 102.03 3.44
N THR MA 576 57.11 103.31 3.50
CA THR MA 576 58.09 104.38 3.57
C THR MA 576 58.27 104.92 4.97
N GLU MA 577 57.64 104.31 5.97
CA GLU MA 577 57.73 104.74 7.34
C GLU MA 577 58.44 103.69 8.17
N GLU MA 578 58.93 104.11 9.32
CA GLU MA 578 59.54 103.17 10.26
C GLU MA 578 58.49 102.24 10.86
N TYR MA 579 58.94 101.05 11.24
CA TYR MA 579 58.03 100.10 11.89
C TYR MA 579 57.57 100.65 13.24
N GLY MA 580 58.50 101.21 14.00
CA GLY MA 580 58.17 101.67 15.33
C GLY MA 580 59.40 102.20 16.03
N ILE MA 581 59.31 102.27 17.35
CA ILE MA 581 60.33 102.86 18.18
C ILE MA 581 60.70 101.86 19.26
N VAL MA 582 62.00 101.65 19.48
CA VAL MA 582 62.49 100.82 20.56
C VAL MA 582 63.46 101.62 21.40
N ALA MA 583 63.65 101.18 22.63
CA ALA MA 583 64.65 101.79 23.51
C ALA MA 583 66.05 101.48 23.00
N ASP MA 584 66.94 102.46 23.09
CA ASP MA 584 68.31 102.30 22.65
C ASP MA 584 69.30 102.26 23.79
N ASN MA 585 68.87 102.48 25.03
CA ASN MA 585 69.77 102.51 26.16
C ASN MA 585 68.99 102.16 27.42
N LEU MA 586 69.65 102.29 28.57
CA LEU MA 586 69.01 102.13 29.87
C LEU MA 586 69.02 103.48 30.55
N GLN MA 587 67.83 104.08 30.69
CA GLN MA 587 67.74 105.38 31.34
C GLN MA 587 68.06 105.26 32.81
N GLN MA 588 68.78 106.26 33.33
CA GLN MA 588 69.07 106.40 34.75
C GLN MA 588 68.77 107.84 35.14
N GLN MA 589 68.97 108.15 36.42
CA GLN MA 589 68.77 109.53 36.87
C GLN MA 589 69.74 110.49 36.19
N ASN MA 590 70.85 109.99 35.64
CA ASN MA 590 71.81 110.82 34.95
C ASN MA 590 71.79 110.68 33.43
N THR MA 591 71.17 109.63 32.90
CA THR MA 591 71.12 109.41 31.45
C THR MA 591 69.66 109.41 31.01
N ALA MA 592 69.31 110.37 30.14
CA ALA MA 592 67.96 110.41 29.61
C ALA MA 592 67.71 109.23 28.69
N PRO MA 593 66.49 108.71 28.66
CA PRO MA 593 66.19 107.58 27.77
C PRO MA 593 66.38 107.96 26.31
N GLN MA 594 66.93 107.03 25.55
CA GLN MA 594 67.15 107.21 24.13
C GLN MA 594 66.30 106.20 23.36
N ILE MA 595 65.82 106.61 22.21
CA ILE MA 595 64.94 105.77 21.40
C ILE MA 595 65.61 105.48 20.06
N GLY MA 596 65.37 104.27 19.56
CA GLY MA 596 65.87 103.86 18.26
C GLY MA 596 64.71 103.69 17.30
N THR MA 597 64.90 104.14 16.07
CA THR MA 597 63.89 104.03 15.03
C THR MA 597 64.08 102.71 14.30
N VAL MA 598 63.04 101.88 14.31
CA VAL MA 598 63.10 100.56 13.69
C VAL MA 598 62.72 100.72 12.23
N ASN MA 599 63.70 100.68 11.34
CA ASN MA 599 63.47 100.78 9.91
C ASN MA 599 63.38 99.42 9.24
N SER MA 600 63.67 98.34 9.96
CA SER MA 600 63.56 96.99 9.43
C SER MA 600 63.18 96.09 10.58
N GLN MA 601 62.04 95.42 10.47
CA GLN MA 601 61.55 94.58 11.54
C GLN MA 601 61.17 93.22 10.97
N GLY MA 602 61.85 92.18 11.41
CA GLY MA 602 61.49 90.83 11.08
C GLY MA 602 60.31 90.36 11.89
N ALA MA 603 59.93 89.10 11.68
CA ALA MA 603 58.75 88.55 12.30
C ALA MA 603 58.84 88.59 13.82
N LEU MA 604 57.81 89.10 14.45
CA LEU MA 604 57.65 89.07 15.90
C LEU MA 604 56.38 88.32 16.25
N PRO MA 605 56.36 87.64 17.40
CA PRO MA 605 55.12 86.97 17.81
C PRO MA 605 53.99 87.96 17.98
N GLY MA 606 52.79 87.54 17.61
CA GLY MA 606 51.65 88.42 17.63
C GLY MA 606 51.53 89.33 16.44
N MET MA 607 52.45 89.25 15.49
CA MET MA 607 52.39 90.09 14.30
C MET MA 607 51.42 89.50 13.30
N VAL MA 608 50.63 90.37 12.68
CA VAL MA 608 49.70 89.98 11.62
C VAL MA 608 49.92 90.91 10.45
N TRP MA 609 49.67 90.41 9.25
CA TRP MA 609 49.88 91.22 8.05
C TRP MA 609 49.03 90.66 6.92
N GLN MA 610 48.87 91.48 5.89
CA GLN MA 610 48.23 91.09 4.65
C GLN MA 610 49.27 90.93 3.56
N ASN MA 611 48.99 90.06 2.61
CA ASN MA 611 49.85 89.93 1.44
C ASN MA 611 49.58 91.07 0.46
N ARG MA 612 50.48 91.20 -0.50
CA ARG MA 612 50.26 92.14 -1.58
C ARG MA 612 49.02 91.74 -2.39
N ASP MA 613 48.29 92.74 -2.86
CA ASP MA 613 47.13 92.49 -3.70
C ASP MA 613 47.55 91.89 -5.03
N VAL MA 614 46.65 91.13 -5.62
CA VAL MA 614 46.82 90.68 -6.99
C VAL MA 614 46.09 91.65 -7.91
N TYR MA 615 46.49 91.66 -9.17
CA TYR MA 615 45.94 92.61 -10.14
C TYR MA 615 45.55 91.85 -11.38
N LEU MA 616 44.61 92.43 -12.13
CA LEU MA 616 44.18 91.83 -13.39
C LEU MA 616 45.37 91.67 -14.32
N GLN MA 617 46.28 92.63 -14.34
CA GLN MA 617 47.49 92.56 -15.14
C GLN MA 617 48.64 91.84 -14.43
N GLY MA 618 48.48 91.49 -13.16
CA GLY MA 618 49.57 90.98 -12.37
C GLY MA 618 49.73 89.48 -12.47
N PRO MA 619 50.80 88.96 -11.86
CA PRO MA 619 51.02 87.52 -11.87
C PRO MA 619 50.03 86.77 -11.00
N ILE MA 620 49.84 85.51 -11.32
CA ILE MA 620 48.93 84.63 -10.58
C ILE MA 620 49.68 83.80 -9.54
N TRP MA 621 50.74 83.12 -9.95
CA TRP MA 621 51.43 82.20 -9.07
C TRP MA 621 52.93 82.37 -9.24
N ALA MA 622 53.67 81.89 -8.24
CA ALA MA 622 55.10 81.72 -8.34
C ALA MA 622 55.46 80.37 -7.73
N LYS MA 623 56.54 79.79 -8.23
CA LYS MA 623 57.06 78.57 -7.63
C LYS MA 623 57.79 78.93 -6.34
N ILE MA 624 57.40 78.29 -5.25
CA ILE MA 624 58.15 78.42 -4.00
C ILE MA 624 59.48 77.72 -4.20
N PRO MA 625 60.61 78.42 -4.01
CA PRO MA 625 61.91 77.76 -4.20
C PRO MA 625 62.03 76.56 -3.28
N HIS MA 626 62.64 75.50 -3.79
CA HIS MA 626 62.85 74.29 -3.01
C HIS MA 626 64.00 74.53 -2.05
N THR MA 627 63.68 74.92 -0.82
CA THR MA 627 64.67 75.21 0.19
C THR MA 627 64.30 74.51 1.49
N ASP MA 628 65.26 74.47 2.41
CA ASP MA 628 65.01 73.90 3.72
C ASP MA 628 63.95 74.70 4.48
N GLY MA 629 64.04 76.02 4.41
CA GLY MA 629 63.14 76.86 5.16
C GLY MA 629 62.65 78.02 4.33
N ASN MA 630 61.40 78.39 4.57
CA ASN MA 630 60.85 79.62 4.06
C ASN MA 630 59.93 80.20 5.12
N PHE MA 631 59.72 81.50 5.07
CA PHE MA 631 58.80 82.16 5.97
C PHE MA 631 57.69 82.80 5.15
N HIS MA 632 56.46 82.38 5.41
CA HIS MA 632 55.26 82.86 4.71
C HIS MA 632 55.52 82.86 3.20
N PRO MA 633 55.59 81.70 2.57
CA PRO MA 633 56.01 81.65 1.16
C PRO MA 633 54.96 82.17 0.21
N SER MA 634 54.51 83.37 0.43
CA SER MA 634 53.65 84.06 -0.51
C SER MA 634 54.50 84.93 -1.43
N PRO MA 635 54.37 84.79 -2.74
CA PRO MA 635 55.24 85.53 -3.66
C PRO MA 635 55.13 87.03 -3.44
N LEU MA 636 56.27 87.71 -3.51
CA LEU MA 636 56.30 89.12 -3.13
C LEU MA 636 55.62 90.01 -4.15
N MET MA 637 55.71 89.70 -5.43
CA MET MA 637 54.93 90.47 -6.41
C MET MA 637 53.48 90.06 -6.44
N GLY MA 638 53.03 89.27 -5.47
CA GLY MA 638 51.63 88.93 -5.33
C GLY MA 638 51.29 87.61 -5.99
N GLY MA 639 50.23 87.00 -5.51
CA GLY MA 639 49.73 85.77 -6.07
C GLY MA 639 49.86 84.60 -5.12
N PHE MA 640 49.83 83.42 -5.69
CA PHE MA 640 49.79 82.17 -4.93
C PHE MA 640 51.16 81.51 -5.00
N GLY MA 641 51.74 81.23 -3.84
CA GLY MA 641 52.97 80.48 -3.78
C GLY MA 641 52.69 79.00 -3.85
N LEU MA 642 53.26 78.31 -4.82
CA LEU MA 642 53.01 76.90 -5.03
C LEU MA 642 54.32 76.14 -4.99
N LYS MA 643 54.35 75.06 -4.19
CA LYS MA 643 55.49 74.16 -4.23
C LYS MA 643 55.57 73.48 -5.59
N HIS MA 644 54.43 73.11 -6.16
CA HIS MA 644 54.34 72.46 -7.45
C HIS MA 644 53.41 73.29 -8.33
N PRO MA 645 53.92 74.35 -8.93
CA PRO MA 645 53.08 75.24 -9.73
C PRO MA 645 52.68 74.58 -11.03
N PRO MA 646 51.84 75.22 -11.83
CA PRO MA 646 51.58 74.72 -13.17
C PRO MA 646 52.89 74.51 -13.92
N PRO MA 647 53.09 73.33 -14.49
CA PRO MA 647 54.39 73.02 -15.09
C PRO MA 647 54.67 73.90 -16.29
N GLN MA 648 55.95 74.16 -16.51
CA GLN MA 648 56.36 74.85 -17.73
C GLN MA 648 56.02 74.01 -18.95
N ILE MA 649 55.44 74.63 -19.95
CA ILE MA 649 55.08 73.97 -21.19
C ILE MA 649 56.06 74.45 -22.25
N LEU MA 650 56.96 73.58 -22.66
CA LEU MA 650 58.02 73.92 -23.59
C LEU MA 650 57.62 73.48 -24.98
N ILE MA 651 57.81 74.36 -25.96
CA ILE MA 651 57.42 74.09 -27.33
C ILE MA 651 58.57 74.49 -28.25
N LYS MA 652 58.79 73.69 -29.29
CA LYS MA 652 59.87 73.96 -30.22
C LYS MA 652 59.47 73.44 -31.59
N ASN MA 653 59.84 74.18 -32.63
CA ASN MA 653 59.77 73.66 -33.99
C ASN MA 653 60.87 72.63 -34.17
N THR MA 654 60.50 71.43 -34.58
CA THR MA 654 61.50 70.41 -34.84
C THR MA 654 62.36 70.85 -36.02
N PRO MA 655 63.68 70.86 -35.88
CA PRO MA 655 64.52 71.28 -37.00
C PRO MA 655 64.33 70.38 -38.20
N VAL MA 656 64.18 71.00 -39.37
CA VAL MA 656 64.07 70.28 -40.63
C VAL MA 656 65.31 70.65 -41.46
N PRO MA 657 66.28 69.74 -41.60
CA PRO MA 657 67.48 70.07 -42.35
C PRO MA 657 67.17 70.41 -43.79
N ALA MA 658 67.93 71.35 -44.34
CA ALA MA 658 67.97 71.52 -45.78
C ALA MA 658 68.71 70.34 -46.39
N ASP MA 659 68.89 70.36 -47.70
CA ASP MA 659 69.48 69.22 -48.37
C ASP MA 659 70.91 69.02 -47.88
N PRO MA 660 71.24 67.86 -47.31
CA PRO MA 660 72.60 67.60 -46.89
C PRO MA 660 73.50 67.35 -48.09
N PRO MA 661 74.82 67.43 -47.92
CA PRO MA 661 75.72 67.09 -49.02
C PRO MA 661 75.58 65.63 -49.39
N THR MA 662 75.96 65.31 -50.62
CA THR MA 662 75.88 63.94 -51.10
C THR MA 662 77.07 63.09 -50.68
N THR MA 663 78.06 63.69 -50.04
CA THR MA 663 79.16 62.95 -49.43
C THR MA 663 79.10 63.16 -47.93
N PHE MA 664 79.36 62.10 -47.17
CA PHE MA 664 79.16 62.14 -45.74
C PHE MA 664 80.07 63.17 -45.07
N ASN MA 665 79.48 63.93 -44.16
CA ASN MA 665 80.21 64.87 -43.31
C ASN MA 665 79.76 64.63 -41.88
N GLN MA 666 80.73 64.42 -40.98
CA GLN MA 666 80.40 64.14 -39.59
C GLN MA 666 79.90 65.36 -38.85
N SER MA 667 80.15 66.55 -39.37
CA SER MA 667 79.78 67.77 -38.68
C SER MA 667 78.26 67.88 -38.56
N LYS MA 668 77.82 68.45 -37.44
CA LYS MA 668 76.38 68.66 -37.24
C LYS MA 668 75.85 69.56 -38.34
N LEU MA 669 74.63 69.28 -38.78
CA LEU MA 669 74.02 70.08 -39.83
C LEU MA 669 73.66 71.45 -39.30
N ASN MA 670 74.01 72.48 -40.05
CA ASN MA 670 73.66 73.85 -39.71
C ASN MA 670 72.78 74.51 -40.76
N SER MA 671 72.47 73.81 -41.85
CA SER MA 671 71.60 74.33 -42.88
C SER MA 671 70.21 73.76 -42.66
N PHE MA 672 69.28 74.62 -42.28
CA PHE MA 672 67.93 74.19 -41.94
C PHE MA 672 66.92 74.95 -42.78
N ILE MA 673 65.79 74.29 -43.05
CA ILE MA 673 64.68 74.94 -43.70
C ILE MA 673 64.09 75.97 -42.75
N THR MA 674 63.96 77.20 -43.22
CA THR MA 674 63.40 78.25 -42.39
C THR MA 674 61.93 77.96 -42.13
N GLN MA 675 61.54 78.01 -40.86
CA GLN MA 675 60.29 77.41 -40.47
C GLN MA 675 59.75 78.10 -39.23
N TYR MA 676 58.43 78.20 -39.16
CA TYR MA 676 57.76 78.66 -37.96
C TYR MA 676 56.42 77.93 -37.85
N SER MA 677 55.89 77.89 -36.65
CA SER MA 677 54.61 77.24 -36.42
C SER MA 677 53.64 78.22 -35.81
N THR MA 678 52.36 77.98 -36.08
CA THR MA 678 51.28 78.72 -35.47
C THR MA 678 50.20 77.75 -35.07
N GLY MA 679 49.39 78.15 -34.11
CA GLY MA 679 48.31 77.29 -33.66
C GLY MA 679 47.47 78.02 -32.64
N GLN MA 680 46.58 77.27 -32.02
CA GLN MA 680 45.74 77.79 -30.97
C GLN MA 680 46.12 77.14 -29.66
N VAL MA 681 46.06 77.92 -28.58
CA VAL MA 681 46.33 77.43 -27.24
C VAL MA 681 45.10 77.73 -26.39
N SER MA 682 44.62 76.74 -25.67
CA SER MA 682 43.51 76.90 -24.75
C SER MA 682 43.99 76.58 -23.34
N VAL MA 683 43.69 77.47 -22.41
CA VAL MA 683 43.93 77.22 -21.00
C VAL MA 683 42.63 77.45 -20.25
N GLU MA 684 42.22 76.45 -19.48
CA GLU MA 684 41.01 76.53 -18.67
C GLU MA 684 41.42 76.40 -17.22
N ILE MA 685 41.07 77.38 -16.41
CA ILE MA 685 41.36 77.36 -14.98
C ILE MA 685 40.05 77.42 -14.23
N GLU MA 686 39.86 76.49 -13.30
CA GLU MA 686 38.75 76.54 -12.37
C GLU MA 686 39.21 77.21 -11.09
N TRP MA 687 38.50 78.25 -10.69
CA TRP MA 687 38.81 79.00 -9.49
C TRP MA 687 37.72 78.76 -8.45
N GLU MA 688 38.14 78.54 -7.21
CA GLU MA 688 37.20 78.47 -6.10
C GLU MA 688 37.03 79.87 -5.51
N LEU MA 689 35.79 80.21 -5.18
CA LEU MA 689 35.46 81.53 -4.67
C LEU MA 689 35.12 81.46 -3.18
N GLN MA 690 35.54 82.49 -2.45
CA GLN MA 690 35.09 82.71 -1.09
C GLN MA 690 34.04 83.80 -1.11
N LYS MA 691 32.78 83.41 -0.96
CA LYS MA 691 31.70 84.38 -0.97
C LYS MA 691 31.77 85.26 0.28
N GLU MA 692 31.48 86.54 0.10
CA GLU MA 692 31.44 87.45 1.23
C GLU MA 692 30.17 87.20 2.04
N ASN MA 693 30.33 87.03 3.34
CA ASN MA 693 29.21 86.86 4.25
C ASN MA 693 29.32 87.99 5.28
N SER MA 694 28.78 89.14 4.93
CA SER MA 694 29.01 90.38 5.66
C SER MA 694 27.70 90.96 6.16
N LYS MA 695 27.71 91.45 7.39
CA LYS MA 695 26.57 92.12 7.97
C LYS MA 695 26.72 93.64 7.95
N ARG MA 696 27.66 94.14 7.16
CA ARG MA 696 27.81 95.58 6.97
C ARG MA 696 26.51 96.18 6.45
N TRP MA 697 26.10 97.29 7.04
CA TRP MA 697 24.84 97.90 6.67
C TRP MA 697 24.99 98.83 5.46
N ASN MA 698 25.98 99.71 5.50
CA ASN MA 698 26.17 100.68 4.44
C ASN MA 698 26.76 100.00 3.20
N PRO MA 699 26.56 100.60 2.02
CA PRO MA 699 27.08 99.98 0.79
C PRO MA 699 28.60 99.91 0.80
N GLU MA 700 29.12 98.87 0.15
CA GLU MA 700 30.55 98.66 0.03
C GLU MA 700 31.12 99.49 -1.11
N ILE MA 701 32.44 99.61 -1.12
CA ILE MA 701 33.14 100.15 -2.27
C ILE MA 701 33.21 99.05 -3.34
N GLN MA 702 32.87 99.40 -4.57
CA GLN MA 702 32.88 98.47 -5.67
C GLN MA 702 33.72 99.06 -6.80
N TYR MA 703 34.39 98.19 -7.54
CA TYR MA 703 35.01 98.65 -8.77
C TYR MA 703 33.93 98.91 -9.80
N THR MA 704 33.97 100.11 -10.39
CA THR MA 704 32.98 100.49 -11.37
C THR MA 704 33.66 101.23 -12.50
N SER MA 705 33.12 101.10 -13.70
CA SER MA 705 33.54 101.94 -14.79
C SER MA 705 33.00 103.36 -14.59
N ASN MA 706 33.72 104.33 -15.13
CA ASN MA 706 33.27 105.72 -15.03
C ASN MA 706 32.03 105.92 -15.88
N TYR MA 707 31.04 106.60 -15.31
CA TYR MA 707 29.79 106.84 -16.02
C TYR MA 707 29.93 107.92 -17.08
N TYR MA 708 30.83 108.87 -16.88
CA TYR MA 708 30.95 110.03 -17.76
C TYR MA 708 31.48 109.63 -19.13
N LYS MA 709 31.13 110.43 -20.14
CA LYS MA 709 31.50 110.13 -21.52
C LYS MA 709 33.01 110.21 -21.71
N SER MA 710 33.49 109.49 -22.73
CA SER MA 710 34.91 109.48 -23.03
C SER MA 710 35.10 109.14 -24.50
N THR MA 711 36.30 109.44 -25.00
CA THR MA 711 36.60 109.19 -26.41
C THR MA 711 36.53 107.70 -26.73
N SER MA 712 36.98 106.85 -25.80
CA SER MA 712 37.00 105.42 -26.01
C SER MA 712 36.48 104.72 -24.76
N VAL MA 713 36.01 103.50 -24.94
CA VAL MA 713 35.58 102.67 -23.83
C VAL MA 713 36.81 102.11 -23.14
N ASP MA 714 36.84 102.20 -21.82
CA ASP MA 714 37.92 101.60 -21.05
C ASP MA 714 37.91 100.10 -21.19
N PHE MA 715 39.10 99.50 -21.30
CA PHE MA 715 39.25 98.07 -21.53
C PHE MA 715 38.55 97.65 -22.83
N ALA MA 716 38.80 98.42 -23.88
CA ALA MA 716 38.31 98.11 -25.21
C ALA MA 716 39.40 98.47 -26.20
N VAL MA 717 39.09 98.34 -27.46
CA VAL MA 717 40.03 98.71 -28.51
C VAL MA 717 39.78 100.16 -28.90
N ASN MA 718 40.82 100.81 -29.42
CA ASN MA 718 40.68 102.15 -29.94
C ASN MA 718 40.35 102.07 -31.44
N THR MA 719 40.43 103.20 -32.14
CA THR MA 719 40.11 103.22 -33.56
C THR MA 719 41.12 102.44 -34.40
N GLU MA 720 42.30 102.16 -33.86
CA GLU MA 720 43.33 101.43 -34.58
C GLU MA 720 43.34 99.95 -34.24
N GLY MA 721 42.40 99.48 -33.42
CA GLY MA 721 42.37 98.08 -33.05
C GLY MA 721 43.25 97.69 -31.90
N VAL MA 722 43.85 98.65 -31.21
CA VAL MA 722 44.77 98.37 -30.11
C VAL MA 722 43.96 98.23 -28.83
N TYR MA 723 44.02 97.06 -28.22
CA TYR MA 723 43.43 96.87 -26.91
C TYR MA 723 44.35 97.44 -25.84
N SER MA 724 43.78 98.16 -24.90
CA SER MA 724 44.55 98.77 -23.82
C SER MA 724 43.84 98.55 -22.49
N GLU MA 725 44.65 98.40 -21.45
CA GLU MA 725 44.14 98.36 -20.09
C GLU MA 725 44.46 99.69 -19.44
N PRO MA 726 43.47 100.56 -19.19
CA PRO MA 726 43.79 101.93 -18.77
C PRO MA 726 44.31 102.04 -17.36
N ARG MA 727 43.99 101.11 -16.48
CA ARG MA 727 44.40 101.20 -15.09
C ARG MA 727 44.65 99.80 -14.56
N PRO MA 728 45.45 99.66 -13.52
CA PRO MA 728 45.58 98.36 -12.85
C PRO MA 728 44.42 98.16 -11.89
N ILE MA 729 43.61 97.14 -12.14
CA ILE MA 729 42.49 96.84 -11.26
C ILE MA 729 42.98 95.91 -10.17
N GLY MA 730 42.96 96.39 -8.93
CA GLY MA 730 43.30 95.56 -7.81
C GLY MA 730 42.20 94.56 -7.52
N THR MA 731 42.19 94.02 -6.31
CA THR MA 731 41.26 92.97 -5.98
C THR MA 731 40.49 93.28 -4.70
N ARG MA 732 40.92 94.27 -3.92
CA ARG MA 732 40.40 94.51 -2.58
C ARG MA 732 39.42 95.68 -2.62
N TYR MA 733 38.15 95.35 -2.73
CA TYR MA 733 37.07 96.33 -2.70
C TYR MA 733 36.06 96.05 -1.60
N LEU MA 734 35.70 94.80 -1.38
CA LEU MA 734 34.87 94.44 -0.25
C LEU MA 734 35.67 94.58 1.04
N THR MA 735 34.95 94.58 2.16
CA THR MA 735 35.57 94.80 3.46
C THR MA 735 35.27 93.65 4.41
N ARG MA 736 36.19 93.42 5.33
CA ARG MA 736 36.01 92.51 6.44
C ARG MA 736 36.47 93.19 7.72
N ASN MA 737 35.90 92.77 8.84
CA ASN MA 737 36.46 93.13 10.12
C ASN MA 737 37.77 92.39 10.34
N LEU MA 738 38.60 92.92 11.21
CA LEU MA 738 39.84 92.25 11.54
C LEU MA 738 39.58 91.08 12.47
N GLY NA 221 71.42 32.23 38.58
CA GLY NA 221 72.74 32.14 37.98
C GLY NA 221 73.72 33.17 38.51
N VAL NA 222 75.01 32.81 38.49
CA VAL NA 222 76.04 33.72 38.95
C VAL NA 222 76.10 34.96 38.06
N GLY NA 223 76.02 34.78 36.75
CA GLY NA 223 76.18 35.86 35.81
C GLY NA 223 74.91 36.54 35.34
N SER NA 224 73.79 36.32 36.00
CA SER NA 224 72.53 36.94 35.63
C SER NA 224 71.97 37.73 36.82
N SER NA 225 71.48 38.93 36.52
CA SER NA 225 70.87 39.76 37.55
C SER NA 225 69.57 39.12 38.04
N SER NA 226 69.34 39.19 39.36
CA SER NA 226 68.13 38.65 39.94
C SER NA 226 67.05 39.70 40.16
N GLY NA 227 67.28 40.93 39.72
CA GLY NA 227 66.28 41.95 39.83
C GLY NA 227 66.80 43.26 39.27
N ASN NA 228 65.87 44.16 39.01
CA ASN NA 228 66.18 45.45 38.43
C ASN NA 228 66.01 46.56 39.46
N TRP NA 229 66.61 47.70 39.16
CA TRP NA 229 66.49 48.88 40.00
C TRP NA 229 65.13 49.51 39.77
N HIS NA 230 64.35 49.66 40.83
CA HIS NA 230 63.00 50.21 40.75
C HIS NA 230 62.86 51.31 41.79
N CYS NA 231 63.23 52.53 41.41
CA CYS NA 231 62.93 53.73 42.18
C CYS NA 231 61.99 54.57 41.35
N ASP NA 232 60.80 54.83 41.88
CA ASP NA 232 59.78 55.52 41.12
C ASP NA 232 58.62 55.85 42.05
N SER NA 233 57.76 56.75 41.58
CA SER NA 233 56.49 57.01 42.23
C SER NA 233 55.47 57.27 41.14
N THR NA 234 54.41 56.48 41.13
CA THR NA 234 53.34 56.61 40.15
C THR NA 234 52.08 57.09 40.86
N TRP NA 235 51.58 58.25 40.45
CA TRP NA 235 50.36 58.81 40.98
C TRP NA 235 49.23 58.48 40.00
N LEU NA 236 48.24 57.74 40.46
CA LEU NA 236 47.15 57.29 39.61
C LEU NA 236 45.86 57.37 40.41
N GLY NA 237 45.06 58.40 40.13
CA GLY NA 237 43.80 58.55 40.82
C GLY NA 237 44.01 58.81 42.30
N ASP NA 238 43.35 58.00 43.13
CA ASP NA 238 43.44 58.12 44.58
C ASP NA 238 44.56 57.28 45.17
N ARG NA 239 45.46 56.77 44.34
CA ARG NA 239 46.59 55.97 44.80
C ARG NA 239 47.89 56.64 44.37
N VAL NA 240 48.91 56.46 45.21
CA VAL NA 240 50.28 56.71 44.82
C VAL NA 240 51.09 55.47 45.19
N ILE NA 241 51.86 54.98 44.23
CA ILE NA 241 52.70 53.81 44.44
C ILE NA 241 54.14 54.27 44.46
N THR NA 242 54.74 54.28 45.65
CA THR NA 242 56.14 54.58 45.78
C THR NA 242 56.93 53.29 45.75
N THR NA 243 57.98 53.26 44.93
CA THR NA 243 58.92 52.15 44.95
C THR NA 243 60.31 52.72 45.08
N SER NA 244 61.11 52.12 45.95
CA SER NA 244 62.45 52.61 46.20
C SER NA 244 63.40 51.43 46.26
N THR NA 245 64.55 51.59 45.59
CA THR NA 245 65.60 50.60 45.61
C THR NA 245 66.84 51.21 46.24
N ARG NA 246 67.51 50.44 47.08
CA ARG NA 246 68.76 50.88 47.70
C ARG NA 246 69.76 49.75 47.64
N THR NA 247 71.03 50.11 47.66
CA THR NA 247 72.11 49.15 47.82
C THR NA 247 72.46 49.06 49.29
N TRP NA 248 72.48 47.85 49.81
CA TRP NA 248 72.78 47.61 51.21
C TRP NA 248 74.07 46.82 51.33
N ALA NA 249 74.66 46.88 52.52
CA ALA NA 249 75.81 46.05 52.87
C ALA NA 249 75.54 45.46 54.24
N LEU NA 250 75.64 44.14 54.33
CA LEU NA 250 75.39 43.45 55.59
C LEU NA 250 76.69 42.83 56.09
N PRO NA 251 77.25 43.31 57.20
CA PRO NA 251 78.43 42.67 57.78
C PRO NA 251 78.02 41.42 58.56
N THR NA 252 79.03 40.71 59.02
CA THR NA 252 78.80 39.68 60.03
C THR NA 252 78.73 40.36 61.38
N TYR NA 253 77.60 40.20 62.05
CA TYR NA 253 77.38 40.81 63.36
C TYR NA 253 77.70 39.81 64.46
N ASN NA 254 78.30 40.30 65.53
CA ASN NA 254 78.53 39.54 66.76
C ASN NA 254 79.42 38.32 66.56
N ASN NA 255 80.14 38.24 65.44
CA ASN NA 255 80.89 37.04 65.09
C ASN NA 255 80.00 35.81 65.09
N HIS NA 256 78.81 35.96 64.52
CA HIS NA 256 77.80 34.91 64.37
C HIS NA 256 77.24 34.44 65.71
N LEU NA 257 77.42 35.21 66.78
CA LEU NA 257 77.01 34.78 68.11
C LEU NA 257 75.78 35.53 68.58
N TYR NA 258 75.00 34.88 69.44
CA TYR NA 258 74.01 35.56 70.26
C TYR NA 258 74.67 35.93 71.57
N LYS NA 259 74.63 37.20 71.93
CA LYS NA 259 75.24 37.66 73.15
C LYS NA 259 74.17 38.26 74.06
N GLN NA 260 74.17 37.82 75.31
CA GLN NA 260 73.37 38.49 76.31
C GLN NA 260 73.96 39.86 76.59
N ILE NA 261 73.12 40.88 76.58
CA ILE NA 261 73.54 42.25 76.84
C ILE NA 261 72.71 42.78 78.00
N SER NA 262 73.34 43.58 78.85
CA SER NA 262 72.70 44.07 80.05
C SER NA 262 73.25 45.43 80.41
N ASN NA 263 72.54 46.12 81.30
CA ASN NA 263 72.99 47.37 81.88
C ASN NA 263 72.36 47.46 83.25
N GLY NA 264 73.20 47.61 84.29
CA GLY NA 264 72.75 47.68 85.64
C GLY NA 264 73.11 49.01 86.29
N THR NA 265 72.78 49.11 87.57
CA THR NA 265 73.05 50.31 88.33
C THR NA 265 74.47 50.28 88.91
N ALA NA 269 75.16 53.57 85.62
CA ALA NA 269 73.85 53.78 85.02
C ALA NA 269 72.76 53.86 86.07
N THR NA 270 71.72 54.62 85.79
CA THR NA 270 70.60 54.73 86.72
C THR NA 270 69.62 53.59 86.50
N ASN NA 271 68.73 53.40 87.47
CA ASN NA 271 67.73 52.35 87.34
C ASN NA 271 66.81 52.60 86.16
N ASP NA 272 66.61 53.86 85.78
CA ASP NA 272 65.74 54.18 84.65
C ASP NA 272 66.29 53.65 83.34
N ASN NA 273 67.59 53.37 83.26
CA ASN NA 273 68.23 52.96 82.01
C ASN NA 273 68.69 51.51 82.05
N THR NA 274 68.29 50.73 83.03
CA THR NA 274 68.68 49.34 83.08
C THR NA 274 67.97 48.53 82.01
N TYR NA 275 68.62 47.48 81.52
CA TYR NA 275 67.98 46.59 80.58
C TYR NA 275 68.65 45.23 80.61
N PHE NA 276 67.93 44.23 80.15
CA PHE NA 276 68.45 42.91 79.86
C PHE NA 276 67.92 42.51 78.50
N GLY NA 277 68.80 42.01 77.65
CA GLY NA 277 68.37 41.62 76.33
C GLY NA 277 69.41 40.79 75.64
N TYR NA 278 69.25 40.66 74.33
CA TYR NA 278 70.15 39.84 73.55
C TYR NA 278 70.53 40.56 72.27
N SER NA 279 71.82 40.53 71.97
CA SER NA 279 72.32 40.94 70.68
C SER NA 279 72.39 39.71 69.79
N THR NA 280 71.85 39.82 68.59
CA THR NA 280 71.81 38.70 67.67
C THR NA 280 72.76 38.92 66.51
N PRO NA 281 73.22 37.87 65.86
CA PRO NA 281 74.03 38.02 64.66
C PRO NA 281 73.25 38.43 63.42
N TRP NA 282 71.97 38.73 63.56
CA TRP NA 282 71.12 39.04 62.43
C TRP NA 282 71.03 40.55 62.21
N GLY NA 283 70.98 40.93 60.94
CA GLY NA 283 70.55 42.26 60.59
C GLY NA 283 69.07 42.27 60.30
N TYR NA 284 68.53 43.46 60.09
CA TYR NA 284 67.13 43.58 59.73
C TYR NA 284 66.94 44.78 58.82
N PHE NA 285 65.94 44.70 57.96
CA PHE NA 285 65.64 45.75 57.01
C PHE NA 285 64.58 46.66 57.60
N ASP NA 286 64.87 47.96 57.59
CA ASP NA 286 63.95 48.97 58.11
C ASP NA 286 63.66 49.96 56.99
N PHE NA 287 62.37 50.17 56.72
CA PHE NA 287 61.92 51.21 55.82
C PHE NA 287 60.76 51.95 56.44
N ASN NA 288 60.84 52.16 57.75
CA ASN NA 288 59.78 52.77 58.54
C ASN NA 288 59.95 54.27 58.67
N ARG NA 289 60.49 54.93 57.64
CA ARG NA 289 60.51 56.37 57.56
C ARG NA 289 59.96 56.78 56.21
N PHE NA 290 59.25 57.91 56.18
CA PHE NA 290 58.57 58.32 54.97
C PHE NA 290 59.55 58.65 53.85
N HIS NA 291 60.72 59.18 54.18
CA HIS NA 291 61.68 59.53 53.13
C HIS NA 291 62.34 58.31 52.51
N CYS NA 292 62.14 57.12 53.08
CA CYS NA 292 62.55 55.90 52.40
C CYS NA 292 61.72 55.64 51.16
N HIS NA 293 60.56 56.26 51.05
CA HIS NA 293 59.63 55.99 49.97
C HIS NA 293 59.25 57.23 49.18
N PHE NA 294 59.13 58.38 49.83
CA PHE NA 294 58.75 59.62 49.17
C PHE NA 294 59.97 60.48 48.96
N SER NA 295 60.20 60.88 47.72
CA SER NA 295 61.12 61.97 47.45
C SER NA 295 60.53 63.26 48.00
N PRO NA 296 61.37 64.25 48.29
CA PRO NA 296 60.82 65.53 48.78
C PRO NA 296 59.78 66.13 47.86
N ARG NA 297 59.97 66.02 46.54
CA ARG NA 297 58.96 66.50 45.60
C ARG NA 297 57.70 65.66 45.69
N ASP NA 298 57.84 64.34 45.83
CA ASP NA 298 56.66 63.49 46.01
C ASP NA 298 55.94 63.81 47.31
N TRP NA 299 56.70 64.08 48.37
CA TRP NA 299 56.10 64.50 49.63
C TRP NA 299 55.33 65.80 49.46
N GLN NA 300 55.90 66.74 48.71
CA GLN NA 300 55.20 67.99 48.42
C GLN NA 300 53.90 67.74 47.66
N ARG NA 301 53.96 66.88 46.63
CA ARG NA 301 52.77 66.51 45.89
C ARG NA 301 51.71 65.93 46.83
N LEU NA 302 52.13 65.08 47.75
CA LEU NA 302 51.19 64.44 48.67
C LEU NA 302 50.56 65.46 49.60
N ILE NA 303 51.38 66.28 50.26
CA ILE NA 303 50.88 67.13 51.33
C ILE NA 303 50.18 68.38 50.83
N ASN NA 304 50.48 68.85 49.62
CA ASN NA 304 49.84 70.05 49.12
C ASN NA 304 48.49 69.79 48.48
N ASN NA 305 48.11 68.54 48.27
CA ASN NA 305 46.96 68.22 47.46
C ASN NA 305 46.01 67.20 48.07
N ASN NA 306 46.35 66.62 49.22
CA ASN NA 306 45.55 65.55 49.80
C ASN NA 306 45.23 65.87 51.24
N TRP NA 307 43.99 65.56 51.63
CA TRP NA 307 43.59 65.70 53.03
C TRP NA 307 44.05 64.54 53.89
N GLY NA 308 44.43 63.43 53.27
CA GLY NA 308 44.85 62.28 54.04
C GLY NA 308 45.46 61.23 53.13
N PHE NA 309 46.14 60.29 53.78
CA PHE NA 309 46.74 59.18 53.09
C PHE NA 309 46.94 58.05 54.08
N ARG NA 310 47.11 56.85 53.54
CA ARG NA 310 47.36 55.68 54.37
C ARG NA 310 48.00 54.61 53.51
N PRO NA 311 48.88 53.79 54.06
CA PRO NA 311 49.43 52.69 53.30
C PRO NA 311 48.38 51.61 53.06
N LYS NA 312 48.48 50.96 51.90
CA LYS NA 312 47.55 49.91 51.52
C LYS NA 312 48.22 48.55 51.44
N ARG NA 313 49.32 48.46 50.70
CA ARG NA 313 50.03 47.21 50.54
C ARG NA 313 51.49 47.52 50.30
N LEU NA 314 52.35 46.54 50.55
CA LEU NA 314 53.76 46.70 50.23
C LEU NA 314 54.28 45.42 49.62
N SER NA 315 55.27 45.57 48.75
CA SER NA 315 56.06 44.46 48.24
C SER NA 315 57.52 44.76 48.50
N PHE NA 316 58.25 43.74 48.90
CA PHE NA 316 59.63 43.86 49.32
C PHE NA 316 60.46 42.88 48.50
N LYS NA 317 61.63 43.30 48.06
CA LYS NA 317 62.48 42.45 47.26
C LYS NA 317 63.94 42.57 47.69
N LEU NA 318 64.60 41.43 47.78
CA LEU NA 318 66.05 41.35 47.94
C LEU NA 318 66.61 40.65 46.72
N PHE NA 319 67.63 41.23 46.10
CA PHE NA 319 68.13 40.69 44.84
C PHE NA 319 69.54 41.20 44.61
N ASN NA 320 70.17 40.63 43.58
CA ASN NA 320 71.56 40.94 43.23
C ASN NA 320 72.47 40.79 44.44
N ILE NA 321 72.29 39.70 45.15
CA ILE NA 321 73.05 39.43 46.37
C ILE NA 321 74.47 39.05 45.98
N GLN NA 322 75.44 39.67 46.64
CA GLN NA 322 76.84 39.33 46.48
C GLN NA 322 77.41 39.09 47.86
N VAL NA 323 77.90 37.88 48.11
CA VAL NA 323 78.58 37.55 49.35
C VAL NA 323 80.07 37.59 49.08
N LYS NA 324 80.80 38.38 49.86
CA LYS NA 324 82.20 38.64 49.59
C LYS NA 324 83.05 38.18 50.76
N GLU NA 325 84.18 37.56 50.43
CA GLU NA 325 85.15 37.10 51.41
C GLU NA 325 86.29 38.09 51.47
N VAL NA 326 86.67 38.48 52.67
CA VAL NA 326 87.79 39.40 52.89
C VAL NA 326 88.86 38.67 53.69
N THR NA 327 90.09 38.71 53.20
CA THR NA 327 91.21 38.03 53.85
C THR NA 327 92.25 39.02 54.35
N LYS NA 333 94.84 43.45 52.61
CA LYS NA 333 93.43 43.06 52.57
C LYS NA 333 92.94 42.91 51.14
N THR NA 334 92.41 41.72 50.83
CA THR NA 334 91.81 41.45 49.54
C THR NA 334 90.37 41.01 49.73
N ILE NA 335 89.48 41.50 48.87
CA ILE NA 335 88.07 41.15 48.90
C ILE NA 335 87.77 40.35 47.64
N ALA NA 336 87.19 39.17 47.82
CA ALA NA 336 86.88 38.28 46.72
C ALA NA 336 85.44 37.81 46.84
N ASN NA 337 84.84 37.48 45.70
CA ASN NA 337 83.52 36.88 45.71
C ASN NA 337 83.56 35.49 46.29
N ASN NA 338 82.56 35.18 47.13
CA ASN NA 338 82.38 33.80 47.66
C ASN NA 338 81.08 33.35 46.98
N LEU NA 339 81.17 32.76 45.79
CA LEU NA 339 80.00 32.46 44.98
C LEU NA 339 79.08 31.45 45.64
N THR NA 340 79.61 30.57 46.47
CA THR NA 340 78.82 29.52 47.09
C THR NA 340 78.32 29.88 48.48
N SER NA 341 78.62 31.08 48.97
CA SER NA 341 78.13 31.50 50.27
C SER NA 341 76.68 31.95 50.18
N THR NA 342 75.98 31.86 51.30
CA THR NA 342 74.57 32.20 51.37
C THR NA 342 74.32 33.30 52.38
N ILE NA 343 73.20 33.98 52.19
CA ILE NA 343 72.58 34.79 53.23
C ILE NA 343 71.27 34.13 53.60
N GLN NA 344 70.83 34.35 54.82
CA GLN NA 344 69.55 33.84 55.30
C GLN NA 344 68.61 35.01 55.50
N VAL NA 345 67.43 34.92 54.91
CA VAL NA 345 66.41 35.96 55.02
C VAL NA 345 65.11 35.31 55.43
N PHE NA 346 64.43 35.89 56.41
CA PHE NA 346 63.07 35.49 56.71
C PHE NA 346 62.31 36.69 57.25
N THR NA 347 61.01 36.66 57.08
CA THR NA 347 60.13 37.65 57.66
C THR NA 347 59.43 37.05 58.86
N ASP NA 348 59.38 37.81 59.96
CA ASP NA 348 58.62 37.42 61.14
C ASP NA 348 57.14 37.70 60.88
N SER NA 349 56.56 36.87 60.00
CA SER NA 349 55.20 37.11 59.53
C SER NA 349 54.17 36.82 60.61
N GLU NA 350 54.50 35.96 61.57
CA GLU NA 350 53.61 35.68 62.70
C GLU NA 350 53.87 36.59 63.88
N TYR NA 351 54.79 37.54 63.77
CA TYR NA 351 55.11 38.48 64.83
C TYR NA 351 55.51 37.76 66.11
N GLN NA 352 56.31 36.70 65.95
CA GLN NA 352 56.77 35.92 67.08
C GLN NA 352 58.07 36.46 67.68
N LEU NA 353 58.70 37.35 67.04
CA LEU NA 353 59.90 37.97 67.56
C LEU NA 353 59.57 39.31 68.19
N PRO NA 354 60.37 39.77 69.14
CA PRO NA 354 60.21 41.15 69.63
C PRO NA 354 60.31 42.13 68.47
N TYR NA 355 59.30 42.98 68.37
CA TYR NA 355 59.19 43.91 67.25
C TYR NA 355 59.95 45.18 67.61
N VAL NA 356 61.12 45.36 67.01
CA VAL NA 356 61.96 46.52 67.32
C VAL NA 356 61.82 47.63 66.29
N LEU NA 357 61.11 47.40 65.20
CA LEU NA 357 60.71 48.50 64.35
C LEU NA 357 59.69 49.36 65.09
N GLY NA 358 59.53 50.59 64.62
CA GLY NA 358 58.66 51.49 65.33
C GLY NA 358 59.23 52.03 66.63
N SER NA 359 60.56 52.03 66.76
CA SER NA 359 61.22 52.71 67.87
C SER NA 359 62.09 53.86 67.36
N ALA NA 360 61.84 54.31 66.14
CA ALA NA 360 62.54 55.45 65.54
C ALA NA 360 64.05 55.24 65.53
N HIS NA 361 64.47 54.04 65.19
CA HIS NA 361 65.89 53.70 65.18
C HIS NA 361 66.53 54.06 63.86
N GLN NA 362 67.83 54.31 63.90
CA GLN NA 362 68.61 54.48 62.70
C GLN NA 362 68.72 53.15 61.96
N GLY NA 363 69.20 53.22 60.73
CA GLY NA 363 69.37 52.03 59.92
C GLY NA 363 68.28 51.82 58.89
N CYS NA 364 67.34 52.73 58.76
CA CYS NA 364 66.36 52.64 57.70
C CYS NA 364 67.02 52.88 56.35
N LEU NA 365 66.27 52.59 55.30
CA LEU NA 365 66.74 52.91 53.96
C LEU NA 365 67.03 54.40 53.87
N PRO NA 366 68.16 54.79 53.27
CA PRO NA 366 68.51 56.21 53.24
C PRO NA 366 67.52 56.98 52.39
N PRO NA 367 67.27 58.25 52.71
CA PRO NA 367 66.38 59.05 51.86
C PRO NA 367 66.87 59.20 50.43
N PHE NA 368 68.17 59.27 50.22
CA PHE NA 368 68.72 59.48 48.89
C PHE NA 368 68.95 58.13 48.22
N PRO NA 369 68.35 57.89 47.04
CA PRO NA 369 68.47 56.56 46.42
C PRO NA 369 69.90 56.15 46.11
N ALA NA 370 70.78 57.10 45.80
CA ALA NA 370 72.16 56.76 45.48
C ALA NA 370 72.95 56.34 46.70
N ASP NA 371 72.38 56.43 47.89
CA ASP NA 371 73.13 56.21 49.12
C ASP NA 371 73.16 54.73 49.44
N VAL NA 372 74.36 54.21 49.70
CA VAL NA 372 74.53 52.82 50.12
C VAL NA 372 74.54 52.78 51.64
N PHE NA 373 73.73 51.91 52.22
CA PHE NA 373 73.54 51.89 53.66
C PHE NA 373 73.91 50.55 54.26
N MET NA 374 74.31 50.60 55.51
CA MET NA 374 74.63 49.43 56.31
C MET NA 374 73.38 48.93 57.03
N ILE NA 375 73.19 47.63 56.99
CA ILE NA 375 72.00 47.02 57.61
C ILE NA 375 72.19 47.02 59.13
N PRO NA 376 71.23 47.52 59.90
CA PRO NA 376 71.40 47.55 61.36
C PRO NA 376 71.32 46.16 61.96
N GLN NA 377 71.99 45.99 63.10
CA GLN NA 377 72.01 44.71 63.79
C GLN NA 377 70.74 44.54 64.61
N TYR NA 378 70.15 43.35 64.53
CA TYR NA 378 68.95 43.07 65.29
C TYR NA 378 69.29 42.71 66.72
N GLY NA 379 68.68 43.41 67.66
CA GLY NA 379 68.72 43.03 69.05
C GLY NA 379 67.36 43.30 69.68
N TYR NA 380 67.15 42.73 70.84
CA TYR NA 380 65.88 42.92 71.50
C TYR NA 380 66.09 42.92 73.00
N LEU NA 381 65.08 43.43 73.71
CA LEU NA 381 65.08 43.47 75.16
C LEU NA 381 63.96 42.60 75.69
N THR NA 382 64.21 42.00 76.85
CA THR NA 382 63.19 41.25 77.52
C THR NA 382 63.08 41.78 78.95
N LEU NA 383 62.35 41.07 79.81
CA LEU NA 383 62.17 41.56 81.17
C LEU NA 383 63.49 41.58 81.90
N ASN NA 384 63.71 42.64 82.68
CA ASN NA 384 64.93 42.79 83.45
C ASN NA 384 64.60 43.26 84.86
N ASN NA 385 65.46 42.89 85.80
CA ASN NA 385 65.47 43.39 87.17
C ASN NA 385 66.87 43.93 87.37
N GLY NA 386 67.06 45.22 87.11
CA GLY NA 386 68.41 45.74 87.03
C GLY NA 386 69.08 45.18 85.79
N SER NA 387 70.28 44.64 85.95
CA SER NA 387 70.98 43.99 84.87
C SER NA 387 70.67 42.49 84.78
N GLN NA 388 69.85 41.97 85.68
CA GLN NA 388 69.54 40.56 85.72
C GLN NA 388 68.26 40.27 84.96
N ALA NA 389 68.19 39.06 84.40
CA ALA NA 389 66.95 38.58 83.84
C ALA NA 389 66.07 37.99 84.94
N VAL NA 390 64.78 37.89 84.64
CA VAL NA 390 63.84 37.20 85.50
C VAL NA 390 63.40 35.92 84.81
N GLY NA 391 62.67 35.09 85.53
CA GLY NA 391 62.20 33.84 84.95
C GLY NA 391 61.31 34.02 83.76
N ARG NA 392 60.64 35.17 83.65
CA ARG NA 392 59.77 35.44 82.52
C ARG NA 392 60.52 36.00 81.33
N SER NA 393 61.82 36.28 81.46
CA SER NA 393 62.60 36.78 80.34
C SER NA 393 62.66 35.74 79.24
N SER NA 394 62.45 36.20 78.01
CA SER NA 394 62.40 35.33 76.85
C SER NA 394 63.69 35.44 76.06
N PHE NA 395 64.26 34.31 75.68
CA PHE NA 395 65.38 34.26 74.76
C PHE NA 395 64.87 33.73 73.43
N TYR NA 396 65.21 34.42 72.34
CA TYR NA 396 64.79 34.03 71.01
C TYR NA 396 66.01 33.71 70.17
N CYS NA 397 66.03 32.52 69.59
CA CYS NA 397 67.02 32.16 68.58
C CYS NA 397 66.40 32.37 67.21
N LEU NA 398 66.97 33.28 66.43
CA LEU NA 398 66.40 33.56 65.12
C LEU NA 398 66.70 32.45 64.13
N GLU NA 399 67.70 31.61 64.40
CA GLU NA 399 67.89 30.42 63.59
C GLU NA 399 66.79 29.40 63.81
N TYR NA 400 66.02 29.54 64.88
CA TYR NA 400 64.88 28.67 65.13
C TYR NA 400 63.69 29.00 64.26
N PHE NA 401 63.85 29.86 63.28
CA PHE NA 401 62.82 30.19 62.32
C PHE NA 401 63.17 29.61 60.96
N PRO NA 402 62.18 29.28 60.14
CA PRO NA 402 62.47 28.93 58.75
C PRO NA 402 62.96 30.15 57.99
N SER NA 403 64.13 30.04 57.39
CA SER NA 403 64.72 31.13 56.62
C SER NA 403 65.03 30.64 55.22
N GLN NA 404 64.82 31.52 54.25
CA GLN NA 404 65.28 31.25 52.90
C GLN NA 404 66.77 31.54 52.83
N MET NA 405 67.54 30.58 52.32
CA MET NA 405 68.96 30.80 52.11
C MET NA 405 69.19 31.14 50.65
N LEU NA 406 69.99 32.18 50.42
CA LEU NA 406 70.13 32.76 49.09
C LEU NA 406 71.60 32.77 48.72
N ARG NA 407 71.92 32.17 47.58
CA ARG NA 407 73.23 32.37 46.98
C ARG NA 407 73.17 33.58 46.07
N THR NA 408 74.27 33.87 45.38
CA THR NA 408 74.37 35.10 44.61
C THR NA 408 73.34 35.16 43.49
N GLY NA 409 72.86 34.02 43.01
CA GLY NA 409 71.85 34.01 41.98
C GLY NA 409 70.42 34.04 42.46
N ASN NA 410 70.20 33.98 43.75
CA ASN NA 410 68.85 33.92 44.30
C ASN NA 410 68.34 35.31 44.66
N ASN NA 411 67.02 35.42 44.73
CA ASN NA 411 66.38 36.63 45.21
C ASN NA 411 65.29 36.27 46.20
N PHE NA 412 64.94 37.24 47.03
CA PHE NA 412 63.91 37.08 48.04
C PHE NA 412 62.84 38.14 47.83
N GLN NA 413 61.59 37.76 48.00
CA GLN NA 413 60.53 38.74 47.90
C GLN NA 413 59.32 38.29 48.70
N PHE NA 414 58.57 39.26 49.20
CA PHE NA 414 57.30 38.98 49.84
C PHE NA 414 56.40 40.20 49.69
N THR NA 415 55.12 39.96 49.82
CA THR NA 415 54.12 41.02 49.75
C THR NA 415 53.38 41.07 51.08
N TYR NA 416 52.92 42.26 51.43
CA TYR NA 416 52.21 42.48 52.67
C TYR NA 416 51.07 43.45 52.42
N THR NA 417 49.93 43.19 53.04
CA THR NA 417 48.78 44.07 52.94
C THR NA 417 48.55 44.74 54.29
N PHE NA 418 48.50 46.07 54.26
CA PHE NA 418 48.19 46.80 55.49
C PHE NA 418 46.75 46.58 55.88
N GLU NA 419 46.52 46.49 57.18
CA GLU NA 419 45.15 46.44 57.67
C GLU NA 419 44.47 47.77 57.43
N ASP NA 420 43.14 47.77 57.54
CA ASP NA 420 42.38 49.00 57.39
C ASP NA 420 42.76 49.96 58.51
N VAL NA 421 43.50 51.00 58.18
CA VAL NA 421 43.98 51.97 59.16
C VAL NA 421 43.33 53.29 58.81
N PRO NA 422 43.04 54.17 59.77
CA PRO NA 422 42.48 55.48 59.41
C PRO NA 422 43.47 56.30 58.60
N PHE NA 423 42.93 57.13 57.72
CA PHE NA 423 43.75 58.09 56.99
C PHE NA 423 44.46 59.01 57.97
N HIS NA 424 45.74 59.27 57.74
CA HIS NA 424 46.41 60.30 58.49
C HIS NA 424 45.83 61.65 58.13
N SER NA 425 45.61 62.49 59.14
CA SER NA 425 45.04 63.81 58.91
C SER NA 425 46.11 64.70 58.30
N SER NA 426 46.14 64.76 56.98
CA SER NA 426 47.08 65.62 56.27
C SER NA 426 46.51 67.00 56.05
N TYR NA 427 45.99 67.60 57.13
CA TYR NA 427 45.32 68.87 57.07
C TYR NA 427 45.38 69.51 58.44
N ALA NA 428 45.25 70.84 58.45
CA ALA NA 428 45.07 71.58 59.68
C ALA NA 428 43.66 72.16 59.68
N HIS NA 429 43.06 72.24 60.86
CA HIS NA 429 41.71 72.75 60.94
C HIS NA 429 41.71 74.26 60.76
N SER NA 430 40.80 74.74 59.91
CA SER NA 430 40.62 76.18 59.71
C SER NA 430 39.64 76.78 60.67
N GLN NA 431 39.14 75.99 61.62
CA GLN NA 431 38.28 76.47 62.69
C GLN NA 431 38.84 75.99 64.01
N SER NA 432 38.63 76.78 65.05
CA SER NA 432 38.98 76.38 66.40
C SER NA 432 37.79 75.74 67.08
N LEU NA 433 38.08 74.85 68.03
CA LEU NA 433 37.01 74.11 68.70
C LEU NA 433 36.10 75.03 69.50
N ASP NA 434 36.64 76.12 70.04
CA ASP NA 434 35.85 77.07 70.81
C ASP NA 434 35.24 78.16 69.94
N ARG NA 435 35.35 78.04 68.62
CA ARG NA 435 34.83 79.02 67.69
C ARG NA 435 34.02 78.35 66.58
N LEU NA 436 33.20 77.36 66.95
CA LEU NA 436 32.39 76.64 66.00
C LEU NA 436 31.00 77.23 65.84
N MET NA 437 30.70 78.29 66.56
CA MET NA 437 29.37 78.86 66.62
C MET NA 437 29.19 79.99 65.60
N ASN NA 438 27.94 80.29 65.32
CA ASN NA 438 27.59 81.43 64.48
C ASN NA 438 27.91 82.72 65.23
N PRO NA 439 28.78 83.58 64.69
CA PRO NA 439 29.14 84.81 65.39
C PRO NA 439 28.11 85.93 65.31
N LEU NA 440 26.94 85.68 64.75
CA LEU NA 440 25.92 86.71 64.62
C LEU NA 440 24.70 86.47 65.48
N ILE NA 441 24.50 85.26 65.97
CA ILE NA 441 23.26 84.87 66.63
C ILE NA 441 23.57 84.55 68.08
N ASP NA 442 22.71 85.02 68.98
CA ASP NA 442 22.81 84.64 70.38
C ASP NA 442 22.41 83.18 70.56
N GLN NA 443 22.86 82.61 71.66
CA GLN NA 443 22.37 81.30 72.07
C GLN NA 443 21.05 81.45 72.81
N TYR NA 444 20.20 80.44 72.69
CA TYR NA 444 19.01 80.42 73.53
C TYR NA 444 19.30 79.88 74.92
N LEU NA 445 20.46 79.28 75.12
CA LEU NA 445 20.88 78.83 76.43
C LEU NA 445 21.45 79.99 77.24
N TYR NA 446 21.24 79.93 78.54
CA TYR NA 446 21.77 80.93 79.46
C TYR NA 446 22.95 80.36 80.23
N TYR NA 447 23.82 81.26 80.67
CA TYR NA 447 24.89 80.90 81.58
C TYR NA 447 24.85 81.83 82.77
N LEU NA 448 25.33 81.35 83.91
CA LEU NA 448 25.44 82.18 85.09
C LEU NA 448 26.44 83.29 84.83
N SER NA 449 25.96 84.52 84.69
CA SER NA 449 26.83 85.63 84.31
C SER NA 449 27.29 86.46 85.50
N ARG NA 450 26.51 86.53 86.57
CA ARG NA 450 26.92 87.25 87.76
C ARG NA 450 26.39 86.55 88.99
N THR NA 451 27.17 86.60 90.07
CA THR NA 451 26.76 86.09 91.37
C THR NA 451 26.66 87.19 92.41
N GLN NA 452 26.93 88.43 92.04
CA GLN NA 452 26.93 89.56 92.97
C GLN NA 452 26.33 90.76 92.29
N THR NA 453 25.53 91.53 93.03
CA THR NA 453 24.87 92.71 92.47
C THR NA 453 25.87 93.79 92.12
N ASN NA 459 27.66 95.47 97.76
CA ASN NA 459 26.96 94.54 96.87
C ASN NA 459 26.63 93.24 97.60
N THR NA 460 25.54 92.62 97.20
CA THR NA 460 25.04 91.41 97.83
C THR NA 460 25.00 90.27 96.83
N GLN NA 461 24.75 89.07 97.34
CA GLN NA 461 24.64 87.90 96.48
C GLN NA 461 23.41 87.98 95.60
N THR NA 462 23.54 87.49 94.38
CA THR NA 462 22.44 87.42 93.44
C THR NA 462 22.75 86.33 92.43
N LEU NA 463 21.80 86.07 91.54
CA LEU NA 463 22.01 85.13 90.43
C LEU NA 463 21.56 85.83 89.16
N GLY NA 464 22.51 86.27 88.35
CA GLY NA 464 22.22 86.87 87.06
C GLY NA 464 22.63 85.92 85.96
N PHE NA 465 21.75 85.77 84.98
CA PHE NA 465 21.95 84.85 83.87
C PHE NA 465 21.89 85.63 82.56
N SER NA 466 22.83 85.33 81.66
CA SER NA 466 22.89 85.98 80.38
C SER NA 466 22.94 84.92 79.28
N GLN NA 467 22.52 85.32 78.09
CA GLN NA 467 22.61 84.44 76.94
C GLN NA 467 23.97 84.63 76.26
N GLY NA 468 24.64 83.52 76.00
CA GLY NA 468 25.88 83.57 75.26
C GLY NA 468 25.68 84.13 73.88
N GLY NA 469 26.52 85.07 73.47
CA GLY NA 469 26.38 85.71 72.20
C GLY NA 469 27.72 85.97 71.54
N PRO NA 470 27.70 86.80 70.49
CA PRO NA 470 28.94 87.08 69.76
C PRO NA 470 30.04 87.69 70.61
N ASN NA 471 29.68 88.42 71.66
CA ASN NA 471 30.68 89.07 72.49
C ASN NA 471 31.12 88.22 73.68
N THR NA 472 30.22 87.45 74.26
CA THR NA 472 30.55 86.55 75.36
C THR NA 472 30.78 85.14 74.83
N MET NA 473 31.72 85.04 73.90
CA MET NA 473 31.93 83.79 73.18
C MET NA 473 32.62 82.76 74.04
N ALA NA 474 33.40 83.20 75.03
CA ALA NA 474 34.01 82.26 75.97
C ALA NA 474 32.98 81.64 76.91
N ASN NA 475 31.83 82.29 77.11
CA ASN NA 475 30.81 81.80 78.02
C ASN NA 475 29.79 80.91 77.34
N GLN NA 476 29.81 80.82 76.01
CA GLN NA 476 28.77 80.09 75.30
C GLN NA 476 28.80 78.61 75.62
N ALA NA 477 27.61 78.01 75.66
CA ALA NA 477 27.52 76.57 75.77
C ALA NA 477 28.10 75.91 74.53
N LYS NA 478 28.89 74.87 74.75
CA LYS NA 478 29.60 74.20 73.67
C LYS NA 478 29.44 72.70 73.80
N ASN NA 479 29.57 72.00 72.67
CA ASN NA 479 29.34 70.57 72.62
C ASN NA 479 30.59 69.74 72.83
N TRP NA 480 31.77 70.32 72.73
CA TRP NA 480 32.99 69.54 72.64
C TRP NA 480 34.07 70.13 73.53
N LEU NA 481 35.03 69.30 73.89
CA LEU NA 481 36.15 69.67 74.71
C LEU NA 481 37.46 69.41 73.97
N PRO NA 482 38.50 70.18 74.26
CA PRO NA 482 39.80 69.90 73.65
C PRO NA 482 40.35 68.57 74.11
N GLY NA 483 41.20 67.98 73.28
CA GLY NA 483 41.80 66.70 73.55
C GLY NA 483 42.53 66.64 74.86
N PRO NA 484 42.99 65.45 75.23
CA PRO NA 484 43.60 65.26 76.54
C PRO NA 484 44.95 65.96 76.64
N CYS NA 485 45.35 66.21 77.88
CA CYS NA 485 46.55 66.97 78.18
C CYS NA 485 47.44 66.21 79.15
N TYR NA 486 48.75 66.25 78.89
CA TYR NA 486 49.76 65.73 79.81
C TYR NA 486 50.89 66.76 79.81
N ARG NA 487 50.79 67.74 80.70
CA ARG NA 487 51.53 68.99 80.55
C ARG NA 487 53.03 68.77 80.54
N GLN NA 488 53.69 69.44 79.61
CA GLN NA 488 55.14 69.42 79.47
C GLN NA 488 55.73 70.75 79.88
N GLN NA 489 56.97 70.73 80.33
CA GLN NA 489 57.68 71.96 80.66
C GLN NA 489 57.99 72.74 79.39
N ARG NA 490 57.89 74.05 79.48
CA ARG NA 490 58.12 74.93 78.34
C ARG NA 490 59.60 75.31 78.27
N VAL NA 491 60.19 75.17 77.10
CA VAL NA 491 61.57 75.55 76.85
C VAL NA 491 61.59 76.55 75.72
N SER NA 492 62.35 77.62 75.88
CA SER NA 492 62.49 78.65 74.86
C SER NA 492 63.75 78.39 74.04
N THR NA 493 63.62 78.49 72.72
CA THR NA 493 64.80 78.43 71.87
C THR NA 493 65.71 79.64 72.07
N THR NA 494 65.18 80.74 72.60
CA THR NA 494 65.99 81.84 73.09
C THR NA 494 66.45 81.46 74.49
N THR NA 495 67.70 80.99 74.59
CA THR NA 495 68.16 80.35 75.82
C THR NA 495 68.14 81.30 77.00
N GLY NA 496 68.32 82.60 76.76
CA GLY NA 496 68.30 83.56 77.84
C GLY NA 496 66.97 83.62 78.57
N GLN NA 497 65.89 83.20 77.93
CA GLN NA 497 64.58 83.16 78.57
C GLN NA 497 64.37 81.90 79.39
N ASN NA 498 65.29 80.95 79.35
CA ASN NA 498 65.15 79.71 80.10
C ASN NA 498 65.78 79.86 81.48
N ASN NA 499 65.31 79.03 82.41
CA ASN NA 499 65.90 78.98 83.74
C ASN NA 499 67.34 78.50 83.65
N ASN NA 500 68.21 79.14 84.42
CA ASN NA 500 69.64 78.78 84.42
C ASN NA 500 69.84 77.55 85.31
N SER NA 501 69.42 76.41 84.78
CA SER NA 501 69.59 75.13 85.44
C SER NA 501 69.49 74.04 84.39
N ASN NA 502 69.96 72.86 84.76
CA ASN NA 502 69.90 71.69 83.89
C ASN NA 502 68.64 70.92 84.28
N PHE NA 503 67.54 71.20 83.59
CA PHE NA 503 66.24 70.65 83.94
C PHE NA 503 65.64 69.77 82.85
N ALA NA 504 66.44 69.35 81.87
CA ALA NA 504 65.89 68.54 80.79
C ALA NA 504 65.32 67.23 81.32
N TRP NA 505 66.00 66.62 82.28
CA TRP NA 505 65.51 65.39 82.90
C TRP NA 505 64.72 65.65 84.17
N THR NA 506 65.22 66.51 85.06
CA THR NA 506 64.56 66.73 86.33
C THR NA 506 63.17 67.33 86.15
N ALA NA 507 63.03 68.27 85.22
CA ALA NA 507 61.74 68.85 84.90
C ALA NA 507 61.06 68.15 83.73
N GLY NA 508 61.64 67.08 83.23
CA GLY NA 508 61.05 66.37 82.12
C GLY NA 508 59.71 65.76 82.49
N THR NA 509 58.81 65.71 81.51
CA THR NA 509 57.52 65.09 81.69
C THR NA 509 57.66 63.59 81.48
N LYS NA 510 57.35 62.82 82.51
CA LYS NA 510 57.71 61.41 82.55
C LYS NA 510 56.51 60.56 82.90
N TYR NA 511 56.60 59.29 82.55
CA TYR NA 511 55.72 58.28 83.09
C TYR NA 511 56.53 57.29 83.92
N HIS NA 512 55.85 56.63 84.84
CA HIS NA 512 56.46 55.72 85.80
C HIS NA 512 55.96 54.32 85.51
N LEU NA 513 56.90 53.40 85.29
CA LEU NA 513 56.55 52.01 84.97
C LEU NA 513 57.52 51.09 85.67
N ASN NA 514 56.99 50.27 86.58
CA ASN NA 514 57.78 49.29 87.32
C ASN NA 514 59.00 49.93 87.98
N GLY NA 515 58.75 51.03 88.68
CA GLY NA 515 59.82 51.73 89.37
C GLY NA 515 60.83 52.38 88.46
N ARG NA 516 60.57 52.47 87.17
CA ARG NA 516 61.47 53.08 86.20
C ARG NA 516 60.81 54.31 85.64
N ASN NA 517 61.56 55.41 85.57
CA ASN NA 517 61.06 56.65 85.01
C ASN NA 517 61.53 56.77 83.57
N SER NA 518 60.59 57.03 82.68
CA SER NA 518 60.88 57.24 81.26
C SER NA 518 60.19 58.52 80.82
N LEU NA 519 60.87 59.29 79.98
CA LEU NA 519 60.25 60.49 79.44
C LEU NA 519 59.01 60.15 78.64
N ALA NA 520 57.95 60.94 78.83
CA ALA NA 520 56.78 60.86 77.96
C ALA NA 520 57.13 61.62 76.69
N ASN NA 521 57.92 60.98 75.86
CA ASN NA 521 58.59 61.63 74.73
C ASN NA 521 58.21 60.93 73.44
N PRO NA 522 57.51 61.61 72.51
CA PRO NA 522 57.08 62.99 72.64
C PRO NA 522 55.76 63.14 73.39
N GLY NA 523 55.22 62.03 73.88
CA GLY NA 523 53.98 62.08 74.60
C GLY NA 523 52.79 62.23 73.68
N ILE NA 524 51.64 62.54 74.30
CA ILE NA 524 50.40 62.67 73.55
C ILE NA 524 50.45 63.89 72.64
N ALA NA 525 49.68 63.85 71.57
CA ALA NA 525 49.67 64.92 70.59
C ALA NA 525 49.06 66.17 71.21
N MET NA 526 49.89 67.17 71.46
CA MET NA 526 49.45 68.48 71.92
C MET NA 526 50.12 69.54 71.08
N ALA NA 527 49.45 70.69 70.98
CA ALA NA 527 50.02 71.81 70.25
C ALA NA 527 51.35 72.23 70.86
N THR NA 528 52.35 72.42 70.01
CA THR NA 528 53.68 72.76 70.50
C THR NA 528 53.68 74.07 71.27
N HIS NA 529 52.95 75.05 70.77
CA HIS NA 529 52.90 76.37 71.38
C HIS NA 529 51.60 77.03 70.96
N LYS NA 530 51.25 78.11 71.63
CA LYS NA 530 50.08 78.87 71.26
C LYS NA 530 50.48 79.97 70.26
N ASP NA 531 49.56 80.88 69.98
CA ASP NA 531 49.80 81.93 68.99
C ASP NA 531 50.98 82.81 69.41
N ASP NA 532 51.84 83.11 68.43
CA ASP NA 532 52.96 84.04 68.60
C ASP NA 532 53.96 83.56 69.64
N GLU NA 533 54.12 82.25 69.80
CA GLU NA 533 55.06 81.68 70.74
C GLU NA 533 55.87 80.57 70.10
N GLU NA 534 56.29 80.78 68.85
CA GLU NA 534 57.01 79.76 68.11
C GLU NA 534 58.33 79.39 68.78
N ARG NA 535 58.92 80.32 69.54
CA ARG NA 535 60.18 80.04 70.21
C ARG NA 535 60.04 79.03 71.34
N PHE NA 536 58.83 78.74 71.79
CA PHE NA 536 58.61 77.82 72.89
C PHE NA 536 58.28 76.43 72.36
N PHE NA 537 58.81 75.42 73.03
CA PHE NA 537 58.48 74.03 72.72
C PHE NA 537 58.43 73.23 74.00
N PRO NA 538 57.60 72.19 74.06
CA PRO NA 538 57.64 71.28 75.21
C PRO NA 538 58.99 70.59 75.28
N SER NA 539 59.49 70.40 76.50
CA SER NA 539 60.86 69.94 76.69
C SER NA 539 61.09 68.57 76.05
N ASN NA 540 60.14 67.65 76.20
CA ASN NA 540 60.21 66.36 75.52
C ASN NA 540 58.87 66.04 74.88
N GLY NA 541 58.30 67.01 74.19
CA GLY NA 541 56.97 66.85 73.61
C GLY NA 541 56.89 67.04 72.12
N ILE NA 542 58.04 67.08 71.44
CA ILE NA 542 58.09 67.23 70.00
C ILE NA 542 59.11 66.26 69.43
N LEU NA 543 58.93 65.93 68.16
CA LEU NA 543 59.95 65.20 67.42
C LEU NA 543 61.07 66.17 67.05
N ILE NA 544 62.30 65.78 67.33
CA ILE NA 544 63.47 66.58 67.02
C ILE NA 544 64.34 65.76 66.08
N PHE NA 545 64.49 66.23 64.86
CA PHE NA 545 65.36 65.60 63.89
C PHE NA 545 66.69 66.34 63.84
N GLY NA 546 67.75 65.57 63.58
CA GLY NA 546 69.07 66.16 63.46
C GLY NA 546 69.35 66.57 62.03
N LYS NA 547 70.01 67.72 61.88
CA LYS NA 547 70.52 68.09 60.58
C LYS NA 547 71.65 67.15 60.19
N GLN NA 548 72.03 67.20 58.92
CA GLN NA 548 73.11 66.34 58.45
C GLN NA 548 74.38 66.63 59.24
N ASN NA 549 75.06 65.56 59.66
CA ASN NA 549 76.30 65.65 60.42
C ASN NA 549 76.09 66.26 61.81
N ALA NA 550 74.87 66.17 62.34
CA ALA NA 550 74.65 66.58 63.72
C ALA NA 550 75.27 65.57 64.67
N ALA NA 551 75.83 66.07 65.76
CA ALA NA 551 76.46 65.20 66.74
C ALA NA 551 75.43 64.28 67.39
N ARG NA 552 75.86 63.06 67.72
CA ARG NA 552 74.99 62.14 68.42
C ARG NA 552 74.62 62.66 69.81
N ASP NA 553 75.58 63.22 70.53
CA ASP NA 553 75.37 63.71 71.88
C ASP NA 553 75.61 65.22 71.93
N ASN NA 554 74.72 65.93 72.62
CA ASN NA 554 74.86 67.35 72.88
C ASN NA 554 75.02 68.15 71.58
N ALA NA 555 74.17 67.85 70.61
CA ALA NA 555 74.09 68.68 69.42
C ALA NA 555 73.48 70.02 69.78
N ASP NA 556 74.03 71.09 69.21
CA ASP NA 556 73.50 72.41 69.47
C ASP NA 556 72.13 72.58 68.80
N TYR NA 557 71.40 73.60 69.24
CA TYR NA 557 70.09 73.86 68.66
C TYR NA 557 70.18 74.12 67.17
N SER NA 558 71.29 74.69 66.70
CA SER NA 558 71.46 74.94 65.28
C SER NA 558 71.69 73.65 64.49
N ASP NA 559 72.04 72.56 65.16
CA ASP NA 559 72.28 71.29 64.50
C ASP NA 559 71.07 70.38 64.48
N VAL NA 560 69.95 70.80 65.07
CA VAL NA 560 68.77 69.96 65.13
C VAL NA 560 67.60 70.70 64.47
N MET NA 561 66.57 69.95 64.14
CA MET NA 561 65.39 70.47 63.47
C MET NA 561 64.20 70.18 64.36
N LEU NA 562 63.69 71.21 65.04
CA LEU NA 562 62.52 71.05 65.88
C LEU NA 562 61.26 71.01 65.03
N THR NA 563 60.42 70.02 65.27
CA THR NA 563 59.11 70.02 64.65
C THR NA 563 58.15 70.86 65.48
N SER NA 564 57.02 71.21 64.89
CA SER NA 564 56.01 71.99 65.58
C SER NA 564 54.63 71.42 65.25
N GLU NA 565 53.86 71.14 66.29
CA GLU NA 565 52.48 70.69 66.14
C GLU NA 565 51.50 71.83 66.37
N GLU NA 566 51.86 73.04 65.95
CA GLU NA 566 50.99 74.18 66.16
C GLU NA 566 49.69 74.09 65.35
N GLU NA 567 49.66 73.25 64.32
CA GLU NA 567 48.44 73.11 63.52
C GLU NA 567 47.28 72.55 64.32
N ILE NA 568 47.55 71.82 65.40
CA ILE NA 568 46.51 71.22 66.21
C ILE NA 568 46.12 72.10 67.39
N LYS NA 569 46.54 73.37 67.40
CA LYS NA 569 46.06 74.32 68.40
C LYS NA 569 44.54 74.38 68.42
N THR NA 570 43.92 74.18 67.25
CA THR NA 570 42.48 74.35 67.13
C THR NA 570 41.71 73.31 67.92
N THR NA 571 42.30 72.17 68.16
CA THR NA 571 41.60 71.09 68.84
C THR NA 571 42.36 70.54 70.04
N ASN NA 572 43.68 70.50 69.98
CA ASN NA 572 44.46 69.96 71.08
C ASN NA 572 44.97 71.09 71.97
N PRO NA 573 45.00 70.87 73.28
CA PRO NA 573 45.58 71.88 74.17
C PRO NA 573 47.06 72.05 73.92
N VAL NA 574 47.56 73.25 74.24
CA VAL NA 574 48.99 73.51 74.10
C VAL NA 574 49.76 72.65 75.08
N ALA NA 575 50.86 72.05 74.60
CA ALA NA 575 51.58 71.06 75.39
C ALA NA 575 52.13 71.63 76.69
N THR NA 576 52.43 72.92 76.71
CA THR NA 576 53.06 73.55 77.86
C THR NA 576 52.09 74.32 78.73
N GLU NA 577 50.79 74.24 78.43
CA GLU NA 577 49.77 74.95 79.19
C GLU NA 577 48.88 73.93 79.89
N GLU NA 578 48.17 74.41 80.90
CA GLU NA 578 47.20 73.59 81.59
C GLU NA 578 46.00 73.29 80.69
N TYR NA 579 45.37 72.14 80.94
CA TYR NA 579 44.18 71.79 80.19
C TYR NA 579 43.05 72.77 80.47
N GLY NA 580 42.88 73.14 81.73
CA GLY NA 580 41.77 73.99 82.10
C GLY NA 580 41.74 74.20 83.59
N ILE NA 581 40.57 74.62 84.06
CA ILE NA 581 40.37 74.98 85.47
C ILE NA 581 39.17 74.22 85.99
N VAL NA 582 39.31 73.61 87.17
CA VAL NA 582 38.21 72.95 87.83
C VAL NA 582 38.07 73.53 89.24
N ALA NA 583 36.87 73.36 89.80
CA ALA NA 583 36.64 73.75 91.18
C ALA NA 583 37.41 72.85 92.12
N ASP NA 584 37.97 73.44 93.18
CA ASP NA 584 38.72 72.69 94.17
C ASP NA 584 38.01 72.57 95.50
N ASN NA 585 36.87 73.23 95.68
CA ASN NA 585 36.16 73.21 96.96
C ASN NA 585 34.68 73.49 96.70
N LEU NA 586 33.93 73.65 97.77
CA LEU NA 586 32.53 74.05 97.71
C LEU NA 586 32.43 75.45 98.32
N GLN NA 587 32.16 76.45 97.48
CA GLN NA 587 32.04 77.80 97.99
C GLN NA 587 30.79 77.95 98.85
N GLN NA 588 30.93 78.70 99.93
CA GLN NA 588 29.82 79.08 100.79
C GLN NA 588 29.92 80.57 101.05
N GLN NA 589 28.98 81.10 101.82
CA GLN NA 589 29.03 82.52 102.17
C GLN NA 589 30.26 82.86 102.98
N ASN NA 590 30.91 81.87 103.60
CA ASN NA 590 32.12 82.12 104.36
C ASN NA 590 33.39 81.61 103.69
N THR NA 591 33.29 80.76 102.66
CA THR NA 591 34.45 80.23 101.98
C THR NA 591 34.40 80.65 100.51
N ALA NA 592 35.40 81.42 100.08
CA ALA NA 592 35.47 81.82 98.69
C ALA NA 592 35.76 80.62 97.81
N PRO NA 593 35.22 80.59 96.59
CA PRO NA 593 35.50 79.47 95.70
C PRO NA 593 36.98 79.38 95.35
N GLN NA 594 37.48 78.15 95.30
CA GLN NA 594 38.85 77.88 94.95
C GLN NA 594 38.89 77.09 93.65
N ILE NA 595 39.91 77.36 92.84
CA ILE NA 595 40.04 76.71 91.54
C ILE NA 595 41.31 75.88 91.52
N GLY NA 596 41.24 74.77 90.81
CA GLY NA 596 42.38 73.89 90.60
C GLY NA 596 42.81 73.92 89.15
N THR NA 597 44.11 73.96 88.92
CA THR NA 597 44.67 73.97 87.58
C THR NA 597 44.89 72.53 87.13
N VAL NA 598 44.25 72.15 86.02
CA VAL NA 598 44.33 70.79 85.51
C VAL NA 598 45.55 70.73 84.59
N ASN NA 599 46.62 70.11 85.09
CA ASN NA 599 47.84 69.92 84.31
C ASN NA 599 47.91 68.57 83.63
N SER NA 600 46.97 67.68 83.93
CA SER NA 600 46.91 66.38 83.28
C SER NA 600 45.45 65.98 83.21
N GLN NA 601 44.95 65.77 82.00
CA GLN NA 601 43.55 65.46 81.79
C GLN NA 601 43.43 64.24 80.90
N GLY NA 602 42.88 63.16 81.43
CA GLY NA 602 42.57 62.00 80.64
C GLY NA 602 41.31 62.21 79.82
N ALA NA 603 40.93 61.16 79.11
CA ALA NA 603 39.81 61.25 78.18
C ALA NA 603 38.52 61.62 78.91
N LEU NA 604 37.83 62.62 78.38
CA LEU NA 604 36.51 63.00 78.83
C LEU NA 604 35.53 62.87 77.68
N PRO NA 605 34.27 62.55 77.95
CA PRO NA 605 33.28 62.49 76.87
C PRO NA 605 33.14 63.84 76.20
N GLY NA 606 32.94 63.82 74.89
CA GLY NA 606 32.89 65.03 74.10
C GLY NA 606 34.24 65.59 73.74
N MET NA 607 35.32 64.94 74.12
CA MET NA 607 36.65 65.43 73.80
C MET NA 607 37.02 65.01 72.38
N VAL NA 608 37.64 65.93 71.64
CA VAL NA 608 38.13 65.65 70.31
C VAL NA 608 39.58 66.11 70.24
N TRP NA 609 40.37 65.45 69.40
CA TRP NA 609 41.78 65.80 69.29
C TRP NA 609 42.31 65.34 67.94
N GLN NA 610 43.46 65.88 67.58
CA GLN NA 610 44.21 65.45 66.41
C GLN NA 610 45.43 64.67 66.85
N ASN NA 611 45.86 63.75 66.00
CA ASN NA 611 47.09 63.03 66.25
C ASN NA 611 48.29 63.91 65.89
N ARG NA 612 49.47 63.46 66.30
CA ARG NA 612 50.70 64.13 65.89
C ARG NA 612 50.87 64.02 64.38
N ASP NA 613 51.42 65.06 63.79
CA ASP NA 613 51.70 65.05 62.37
C ASP NA 613 52.79 64.03 62.04
N VAL NA 614 52.75 63.52 60.82
CA VAL NA 614 53.84 62.73 60.30
C VAL NA 614 54.78 63.64 59.52
N TYR NA 615 56.01 63.20 59.35
CA TYR NA 615 57.03 64.00 58.71
C TYR NA 615 57.73 63.15 57.66
N LEU NA 616 58.30 63.84 56.66
CA LEU NA 616 59.06 63.14 55.63
C LEU NA 616 60.19 62.32 56.25
N GLN NA 617 60.84 62.87 57.28
CA GLN NA 617 61.89 62.15 58.01
C GLN NA 617 61.36 61.28 59.13
N GLY NA 618 60.07 61.34 59.42
CA GLY NA 618 59.53 60.67 60.58
C GLY NA 618 59.12 59.24 60.33
N PRO NA 619 58.71 58.54 61.38
CA PRO NA 619 58.26 57.15 61.23
C PRO NA 619 56.92 57.07 60.53
N ILE NA 620 56.68 55.91 59.93
CA ILE NA 620 55.43 55.63 59.23
C ILE NA 620 54.44 54.88 60.10
N TRP NA 621 54.88 53.78 60.70
CA TRP NA 621 53.99 52.92 61.45
C TRP NA 621 54.66 52.49 62.74
N ALA NA 622 53.84 52.04 63.68
CA ALA NA 622 54.31 51.33 64.85
C ALA NA 622 53.39 50.15 65.10
N LYS NA 623 53.94 49.10 65.70
CA LYS NA 623 53.13 47.98 66.11
C LYS NA 623 52.36 48.34 67.36
N ILE NA 624 51.05 48.18 67.32
CA ILE NA 624 50.23 48.34 68.51
C ILE NA 624 50.57 47.19 69.44
N PRO NA 625 50.99 47.43 70.67
CA PRO NA 625 51.32 46.34 71.58
C PRO NA 625 50.11 45.44 71.78
N HIS NA 626 50.36 44.13 71.85
CA HIS NA 626 49.30 43.16 72.06
C HIS NA 626 48.90 43.20 73.52
N THR NA 627 47.86 43.97 73.83
CA THR NA 627 47.39 44.13 75.20
C THR NA 627 45.88 43.96 75.22
N ASP NA 628 45.36 43.79 76.44
CA ASP NA 628 43.91 43.69 76.62
C ASP NA 628 43.22 44.98 76.20
N GLY NA 629 43.78 46.12 76.57
CA GLY NA 629 43.15 47.39 76.29
C GLY NA 629 44.16 48.40 75.80
N ASN NA 630 43.70 49.24 74.89
CA ASN NA 630 44.44 50.43 74.49
C ASN NA 630 43.42 51.54 74.26
N PHE NA 631 43.88 52.77 74.36
CA PHE NA 631 43.04 53.93 74.09
C PHE NA 631 43.66 54.70 72.93
N HIS NA 632 42.89 54.83 71.84
CA HIS NA 632 43.32 55.52 70.63
C HIS NA 632 44.71 55.06 70.24
N PRO NA 633 44.87 53.83 69.76
CA PRO NA 633 46.21 53.29 69.55
C PRO NA 633 46.92 53.91 68.35
N SER NA 634 47.02 55.20 68.33
CA SER NA 634 47.84 55.91 67.36
C SER NA 634 49.22 56.14 67.94
N PRO NA 635 50.29 55.75 67.25
CA PRO NA 635 51.63 55.86 67.83
C PRO NA 635 51.96 57.30 68.18
N LEU NA 636 52.62 57.49 69.32
CA LEU NA 636 52.80 58.84 69.84
C LEU NA 636 53.82 59.64 69.04
N MET NA 637 54.86 59.00 68.51
CA MET NA 637 55.76 59.73 67.62
C MET NA 637 55.18 59.88 66.23
N GLY NA 638 53.91 59.58 66.04
CA GLY NA 638 53.23 59.81 64.78
C GLY NA 638 53.22 58.58 63.89
N GLY NA 639 52.24 58.55 63.01
CA GLY NA 639 52.14 57.49 62.05
C GLY NA 639 50.91 56.62 62.27
N PHE NA 640 50.97 55.42 61.72
CA PHE NA 640 49.85 54.51 61.70
C PHE NA 640 50.08 53.40 62.71
N GLY NA 641 49.14 53.23 63.62
CA GLY NA 641 49.20 52.13 64.55
C GLY NA 641 48.62 50.88 63.92
N LEU NA 642 49.41 49.81 63.86
CA LEU NA 642 48.99 48.59 63.21
C LEU NA 642 49.08 47.43 64.18
N LYS NA 643 48.00 46.65 64.29
CA LYS NA 643 48.06 45.41 65.05
C LYS NA 643 49.02 44.44 64.40
N HIS NA 644 49.03 44.38 63.07
CA HIS NA 644 49.91 43.51 62.30
C HIS NA 644 50.69 44.37 61.33
N PRO NA 645 51.77 45.00 61.79
CA PRO NA 645 52.53 45.91 60.95
C PRO NA 645 53.30 45.14 59.89
N PRO NA 646 53.98 45.83 58.98
CA PRO NA 646 54.90 45.13 58.08
C PRO NA 646 55.87 44.28 58.88
N PRO NA 647 56.02 43.01 58.53
CA PRO NA 647 56.82 42.11 59.35
C PRO NA 647 58.29 42.50 59.32
N GLN NA 648 58.98 42.21 60.42
CA GLN NA 648 60.42 42.39 60.44
C GLN NA 648 61.07 41.45 59.44
N ILE NA 649 62.00 41.98 58.66
CA ILE NA 649 62.74 41.21 57.68
C ILE NA 649 64.15 41.03 58.23
N LEU NA 650 64.47 39.82 58.65
CA LEU NA 650 65.74 39.51 59.27
C LEU NA 650 66.68 38.92 58.24
N ILE NA 651 67.91 39.39 58.22
CA ILE NA 651 68.90 38.95 57.26
C ILE NA 651 70.20 38.67 57.98
N LYS NA 652 70.89 37.61 57.56
CA LYS NA 652 72.15 37.24 58.18
C LYS NA 652 73.04 36.57 57.15
N ASN NA 653 74.33 36.85 57.23
CA ASN NA 653 75.31 36.07 56.48
C ASN NA 653 75.43 34.70 57.12
N THR NA 654 75.23 33.65 56.34
CA THR NA 654 75.41 32.31 56.86
C THR NA 654 76.86 32.10 57.24
N PRO NA 655 77.16 31.66 58.46
CA PRO NA 655 78.56 31.47 58.84
C PRO NA 655 79.22 30.43 57.96
N VAL NA 656 80.42 30.75 57.50
CA VAL NA 656 81.24 29.83 56.72
C VAL NA 656 82.48 29.51 57.55
N PRO NA 657 82.57 28.31 58.12
CA PRO NA 657 83.73 27.99 58.96
C PRO NA 657 85.02 28.05 58.18
N ALA NA 658 86.08 28.47 58.85
CA ALA NA 658 87.42 28.26 58.34
C ALA NA 658 87.75 26.77 58.44
N ASP NA 659 88.97 26.41 58.06
CA ASP NA 659 89.31 25.00 58.03
C ASP NA 659 89.25 24.42 59.44
N PRO NA 660 88.43 23.40 59.69
CA PRO NA 660 88.38 22.78 61.00
C PRO NA 660 89.62 21.94 61.24
N PRO NA 661 89.90 21.58 62.48
CA PRO NA 661 91.03 20.67 62.74
C PRO NA 661 90.77 19.31 62.12
N THR NA 662 91.86 18.59 61.87
CA THR NA 662 91.75 17.26 61.26
C THR NA 662 91.45 16.17 62.28
N THR NA 663 91.40 16.50 63.56
CA THR NA 663 90.95 15.60 64.60
C THR NA 663 89.68 16.18 65.20
N PHE NA 664 88.71 15.31 65.50
CA PHE NA 664 87.40 15.78 65.91
C PHE NA 664 87.47 16.54 67.23
N ASN NA 665 86.77 17.67 67.27
CA ASN NA 665 86.59 18.45 68.49
C ASN NA 665 85.11 18.75 68.63
N GLN NA 666 84.55 18.43 69.79
CA GLN NA 666 83.12 18.64 70.01
C GLN NA 666 82.77 20.11 70.17
N SER NA 667 83.74 20.96 70.47
CA SER NA 667 83.45 22.36 70.72
C SER NA 667 82.92 23.03 69.46
N LYS NA 668 82.01 23.98 69.66
CA LYS NA 668 81.47 24.74 68.54
C LYS NA 668 82.60 25.48 67.84
N LEU NA 669 82.50 25.56 66.51
CA LEU NA 669 83.53 26.23 65.74
C LEU NA 669 83.45 27.74 65.97
N ASN NA 670 84.61 28.34 66.23
CA ASN NA 670 84.69 29.78 66.39
C ASN NA 670 85.59 30.44 65.35
N SER NA 671 86.19 29.66 64.46
CA SER NA 671 87.03 30.17 63.39
C SER NA 671 86.18 30.23 62.12
N PHE NA 672 85.88 31.43 61.66
CA PHE NA 672 85.01 31.61 60.52
C PHE NA 672 85.71 32.46 59.47
N ILE NA 673 85.36 32.20 58.21
CA ILE NA 673 85.82 33.04 57.11
C ILE NA 673 85.18 34.41 57.23
N THR NA 674 86.01 35.45 57.23
CA THR NA 674 85.50 36.80 57.33
C THR NA 674 84.70 37.13 56.08
N GLN NA 675 83.48 37.64 56.27
CA GLN NA 675 82.53 37.64 55.18
C GLN NA 675 81.53 38.77 55.38
N TYR NA 676 81.10 39.35 54.27
CA TYR NA 676 80.00 40.31 54.30
C TYR NA 676 79.24 40.16 52.99
N SER NA 677 78.00 40.62 53.00
CA SER NA 677 77.17 40.56 51.81
C SER NA 677 76.69 41.95 51.45
N THR NA 678 76.44 42.12 50.15
CA THR NA 678 75.85 43.34 49.63
C THR NA 678 74.80 42.94 48.61
N GLY NA 679 73.85 43.83 48.39
CA GLY NA 679 72.82 43.57 47.42
C GLY NA 679 71.93 44.78 47.28
N GLN NA 680 70.84 44.58 46.56
CA GLN NA 680 69.84 45.62 46.39
C GLN NA 680 68.56 45.22 47.10
N VAL NA 681 67.89 46.20 47.68
CA VAL NA 681 66.61 46.00 48.34
C VAL NA 681 65.61 46.93 47.69
N SER NA 682 64.45 46.38 47.33
CA SER NA 682 63.36 47.16 46.76
C SER NA 682 62.16 47.05 47.69
N VAL NA 683 61.57 48.19 48.02
CA VAL NA 683 60.32 48.22 48.75
C VAL NA 683 59.35 49.08 47.97
N GLU NA 684 58.18 48.53 47.68
CA GLU NA 684 57.13 49.23 46.97
C GLU NA 684 55.92 49.32 47.90
N ILE NA 685 55.46 50.54 48.16
CA ILE NA 685 54.29 50.76 48.99
C ILE NA 685 53.24 51.48 48.16
N GLU NA 686 52.03 50.94 48.16
CA GLU NA 686 50.89 51.62 47.57
C GLU NA 686 50.16 52.37 48.67
N TRP NA 687 49.97 53.67 48.45
CA TRP NA 687 49.27 54.52 49.40
C TRP NA 687 47.94 54.95 48.81
N GLU NA 688 46.90 54.91 49.63
CA GLU NA 688 45.61 55.47 49.25
C GLU NA 688 45.56 56.92 49.68
N LEU NA 689 45.00 57.76 48.82
CA LEU NA 689 44.94 59.19 49.05
C LEU NA 689 43.51 59.63 49.34
N GLN NA 690 43.37 60.56 50.26
CA GLN NA 690 42.12 61.27 50.49
C GLN NA 690 42.22 62.62 49.81
N LYS NA 691 41.55 62.77 48.68
CA LYS NA 691 41.57 64.03 47.96
C LYS NA 691 40.82 65.11 48.73
N GLU NA 692 41.35 66.32 48.72
CA GLU NA 692 40.68 67.44 49.37
C GLU NA 692 39.50 67.87 48.53
N ASN NA 693 38.33 67.98 49.16
CA ASN NA 693 37.13 68.46 48.51
C ASN NA 693 36.67 69.69 49.30
N SER NA 694 37.24 70.83 48.96
CA SER NA 694 37.12 72.04 49.76
C SER NA 694 36.49 73.16 48.95
N LYS NA 695 35.59 73.90 49.59
CA LYS NA 695 34.98 75.06 48.98
C LYS NA 695 35.60 76.37 49.47
N ARG NA 696 36.77 76.28 50.11
CA ARG NA 696 37.50 77.46 50.51
C ARG NA 696 37.78 78.35 49.30
N TRP NA 697 37.54 79.64 49.45
CA TRP NA 697 37.70 80.56 48.33
C TRP NA 697 39.14 81.03 48.20
N ASN NA 698 39.74 81.48 49.30
CA ASN NA 698 41.09 82.02 49.27
C ASN NA 698 42.10 80.90 49.11
N PRO NA 699 43.29 81.21 48.59
CA PRO NA 699 44.30 80.16 48.40
C PRO NA 699 44.74 79.55 49.71
N GLU NA 700 45.10 78.27 49.65
CA GLU NA 700 45.57 77.53 50.81
C GLU NA 700 47.05 77.78 51.04
N ILE NA 701 47.51 77.42 52.22
CA ILE NA 701 48.94 77.35 52.50
C ILE NA 701 49.49 76.09 51.87
N GLN NA 702 50.60 76.23 51.15
CA GLN NA 702 51.23 75.11 50.48
C GLN NA 702 52.69 75.05 50.90
N TYR NA 703 53.23 73.85 50.96
CA TYR NA 703 54.66 73.74 51.12
C TYR NA 703 55.34 74.10 49.81
N THR NA 704 56.30 75.02 49.88
CA THR NA 704 56.99 75.48 48.71
C THR NA 704 58.47 75.62 49.03
N SER NA 705 59.31 75.40 48.01
CA SER NA 705 60.71 75.74 48.15
C SER NA 705 60.88 77.25 48.11
N ASN NA 706 61.93 77.73 48.75
CA ASN NA 706 62.21 79.17 48.73
C ASN NA 706 62.65 79.59 47.34
N TYR NA 707 62.09 80.70 46.87
CA TYR NA 707 62.42 81.20 45.53
C TYR NA 707 63.80 81.86 45.48
N TYR NA 708 64.24 82.43 46.60
CA TYR NA 708 65.46 83.21 46.61
C TYR NA 708 66.69 82.32 46.42
N LYS NA 709 67.76 82.92 45.90
CA LYS NA 709 68.97 82.17 45.58
C LYS NA 709 69.64 81.65 46.85
N SER NA 710 70.42 80.59 46.68
CA SER NA 710 71.12 79.98 47.80
C SER NA 710 72.35 79.25 47.28
N THR NA 711 73.27 78.96 48.20
CA THR NA 711 74.49 78.27 47.82
C THR NA 711 74.21 76.88 47.28
N SER NA 712 73.22 76.19 47.85
CA SER NA 712 72.89 74.84 47.43
C SER NA 712 71.38 74.71 47.32
N VAL NA 713 70.95 73.74 46.53
CA VAL NA 713 69.53 73.42 46.42
C VAL NA 713 69.11 72.63 47.65
N ASP NA 714 67.98 73.04 48.23
CA ASP NA 714 67.43 72.30 49.36
C ASP NA 714 66.99 70.91 48.91
N PHE NA 715 67.25 69.92 49.78
CA PHE NA 715 66.98 68.52 49.47
C PHE NA 715 67.73 68.08 48.22
N ALA NA 716 69.02 68.42 48.19
CA ALA NA 716 69.92 67.99 47.13
C ALA NA 716 71.26 67.68 47.78
N VAL NA 717 72.23 67.36 46.97
CA VAL NA 717 73.57 67.09 47.44
C VAL NA 717 74.37 68.39 47.41
N ASN NA 718 75.38 68.47 48.26
CA ASN NA 718 76.29 69.60 48.25
C ASN NA 718 77.47 69.27 47.34
N THR NA 719 78.52 70.09 47.40
CA THR NA 719 79.67 69.87 46.54
C THR NA 719 80.44 68.60 46.89
N GLU NA 720 80.23 68.05 48.08
CA GLU NA 720 80.91 66.83 48.51
C GLU NA 720 80.07 65.59 48.30
N GLY NA 721 78.89 65.71 47.70
CA GLY NA 721 78.06 64.56 47.48
C GLY NA 721 77.17 64.17 48.64
N VAL NA 722 77.11 64.98 49.68
CA VAL NA 722 76.32 64.67 50.86
C VAL NA 722 74.89 65.16 50.65
N TYR NA 723 73.94 64.23 50.67
CA TYR NA 723 72.54 64.59 50.65
C TYR NA 723 72.10 65.04 52.03
N SER NA 724 71.35 66.13 52.08
CA SER NA 724 70.88 66.66 53.35
C SER NA 724 69.41 67.04 53.23
N GLU NA 725 68.68 66.88 54.33
CA GLU NA 725 67.33 67.37 54.43
C GLU NA 725 67.33 68.61 55.30
N PRO NA 726 67.13 69.81 54.74
CA PRO NA 726 67.36 71.02 55.51
C PRO NA 726 66.32 71.30 56.59
N ARG NA 727 65.11 70.78 56.43
CA ARG NA 727 64.05 71.06 57.39
C ARG NA 727 63.16 69.83 57.49
N PRO NA 728 62.43 69.68 58.59
CA PRO NA 728 61.41 68.63 58.66
C PRO NA 728 60.13 69.11 57.99
N ILE NA 729 59.73 68.43 56.93
CA ILE NA 729 58.50 68.78 56.23
C ILE NA 729 57.36 68.04 56.90
N GLY NA 730 56.44 68.78 57.50
CA GLY NA 730 55.25 68.18 58.05
C GLY NA 730 54.30 67.75 56.97
N THR NA 731 53.04 67.58 57.32
CA THR NA 731 52.07 67.05 56.38
C THR NA 731 50.82 67.93 56.31
N ARG NA 732 50.63 68.85 57.25
CA ARG NA 732 49.38 69.58 57.39
C ARG NA 732 49.54 70.98 56.80
N TYR NA 733 49.14 71.12 55.55
CA TYR NA 733 49.12 72.40 54.86
C TYR NA 733 47.75 72.79 54.36
N LEU NA 734 46.99 71.84 53.83
CA LEU NA 734 45.60 72.10 53.47
C LEU NA 734 44.77 72.26 54.74
N THR NA 735 43.56 72.79 54.56
CA THR NA 735 42.70 73.08 55.70
C THR NA 735 41.35 72.40 55.54
N ARG NA 736 40.75 72.08 56.68
CA ARG NA 736 39.38 71.61 56.76
C ARG NA 736 38.65 72.37 57.84
N ASN NA 737 37.34 72.47 57.70
CA ASN NA 737 36.51 72.91 58.81
C ASN NA 737 36.46 71.81 59.87
N LEU NA 738 36.14 72.22 61.09
CA LEU NA 738 35.99 71.25 62.16
C LEU NA 738 34.66 70.51 62.02
N GLY OA 221 8.21 10.97 86.28
CA GLY OA 221 7.78 9.97 87.23
C GLY OA 221 8.46 10.08 88.59
N VAL OA 222 7.74 9.65 89.63
CA VAL OA 222 8.29 9.70 90.98
C VAL OA 222 9.50 8.78 91.10
N GLY OA 223 9.43 7.59 90.52
CA GLY OA 223 10.46 6.60 90.67
C GLY OA 223 11.51 6.55 89.58
N SER OA 224 11.58 7.56 88.72
CA SER OA 224 12.56 7.61 87.65
C SER OA 224 13.41 8.86 87.76
N SER OA 225 14.71 8.70 87.58
CA SER OA 225 15.62 9.84 87.61
C SER OA 225 15.36 10.76 86.42
N SER OA 226 15.42 12.06 86.66
CA SER OA 226 15.21 13.05 85.63
C SER OA 226 16.52 13.56 85.02
N GLY OA 227 17.65 13.02 85.44
CA GLY OA 227 18.92 13.41 84.87
C GLY OA 227 20.04 12.65 85.53
N ASN OA 228 21.20 12.67 84.87
CA ASN OA 228 22.37 11.95 85.32
C ASN OA 228 23.42 12.94 85.84
N TRP OA 229 24.35 12.40 86.61
CA TRP OA 229 25.47 13.17 87.12
C TRP OA 229 26.49 13.38 86.01
N HIS OA 230 26.79 14.64 85.70
CA HIS OA 230 27.70 14.99 84.61
C HIS OA 230 28.74 15.95 85.16
N CYS OA 231 29.82 15.42 85.72
CA CYS OA 231 31.01 16.19 86.05
C CYS OA 231 32.14 15.68 85.17
N ASP OA 232 32.70 16.57 84.35
CA ASP OA 232 33.68 16.16 83.37
C ASP OA 232 34.28 17.42 82.75
N SER OA 233 35.41 17.22 82.07
CA SER OA 233 36.00 18.24 81.23
C SER OA 233 36.59 17.54 80.02
N THR OA 234 36.15 17.93 78.84
CA THR OA 234 36.63 17.35 77.60
C THR OA 234 37.41 18.42 76.84
N TRP OA 235 38.68 18.14 76.58
CA TRP OA 235 39.54 19.02 75.81
C TRP OA 235 39.60 18.49 74.40
N LEU OA 236 39.16 19.31 73.44
CA LEU OA 236 39.08 18.87 72.05
C LEU OA 236 39.49 20.06 71.18
N GLY OA 237 40.71 20.02 70.68
CA GLY OA 237 41.18 21.08 69.81
C GLY OA 237 41.29 22.39 70.56
N ASP OA 238 40.67 23.43 70.02
CA ASP OA 238 40.68 24.76 70.62
C ASP OA 238 39.51 24.98 71.56
N ARG OA 239 38.81 23.92 71.96
CA ARG OA 239 37.70 24.01 72.89
C ARG OA 239 37.98 23.15 74.11
N VAL OA 240 37.48 23.60 75.25
CA VAL OA 240 37.35 22.76 76.43
C VAL OA 240 35.92 22.89 76.92
N ILE OA 241 35.27 21.77 77.15
CA ILE OA 241 33.89 21.74 77.63
C ILE OA 241 33.92 21.25 79.06
N THR OA 242 33.70 22.17 80.00
CA THR OA 242 33.58 21.81 81.41
C THR OA 242 32.12 21.58 81.72
N THR OA 243 31.83 20.46 82.38
CA THR OA 243 30.50 20.22 82.91
C THR OA 243 30.63 19.84 84.37
N SER OA 244 29.78 20.42 85.20
CA SER OA 244 29.86 20.19 86.63
C SER OA 244 28.45 19.98 87.17
N THR OA 245 28.31 18.97 88.01
CA THR OA 245 27.06 18.68 88.68
C THR OA 245 27.26 18.83 90.18
N ARG OA 246 26.28 19.43 90.84
CA ARG OA 246 26.31 19.57 92.29
C ARG OA 246 24.95 19.24 92.86
N THR OA 247 24.93 18.81 94.11
CA THR OA 247 23.70 18.64 94.84
C THR OA 247 23.42 19.92 95.62
N TRP OA 248 22.22 20.45 95.46
CA TRP OA 248 21.83 21.69 96.14
C TRP OA 248 20.70 21.41 97.11
N ALA OA 249 20.53 22.32 98.06
CA ALA OA 249 19.38 22.32 98.95
C ALA OA 249 18.82 23.71 99.00
N LEU OA 250 17.52 23.84 98.74
CA LEU OA 250 16.87 25.13 98.74
C LEU OA 250 15.88 25.20 99.90
N PRO OA 251 16.12 26.03 100.90
CA PRO OA 251 15.13 26.22 101.96
C PRO OA 251 14.01 27.14 101.49
N THR OA 252 13.01 27.28 102.35
CA THR OA 252 12.04 28.34 102.19
C THR OA 252 12.64 29.62 102.76
N TYR OA 253 12.78 30.64 101.93
CA TYR OA 253 13.35 31.91 102.35
C TYR OA 253 12.24 32.87 102.70
N ASN OA 254 12.47 33.66 103.75
CA ASN OA 254 11.62 34.78 104.13
C ASN OA 254 10.21 34.36 104.52
N ASN OA 255 9.98 33.07 104.77
CA ASN OA 255 8.64 32.53 104.99
C ASN OA 255 7.72 32.88 103.83
N HIS OA 256 8.24 32.75 102.61
CA HIS OA 256 7.53 32.99 101.36
C HIS OA 256 7.18 34.46 101.16
N LEU OA 257 7.79 35.37 101.90
CA LEU OA 257 7.42 36.78 101.85
C LEU OA 257 8.47 37.60 101.12
N TYR OA 258 8.03 38.70 100.52
CA TYR OA 258 8.92 39.77 100.09
C TYR OA 258 9.00 40.77 101.23
N LYS OA 259 10.21 41.06 101.68
CA LYS OA 259 10.41 41.99 102.78
C LYS OA 259 11.24 43.16 102.29
N GLN OA 260 10.76 44.36 102.57
CA GLN OA 260 11.57 45.55 102.38
C GLN OA 260 12.70 45.54 103.40
N ILE OA 261 13.92 45.77 102.93
CA ILE OA 261 15.09 45.81 103.79
C ILE OA 261 15.78 47.16 103.60
N SER OA 262 16.30 47.71 104.67
CA SER OA 262 16.90 49.03 104.63
C SER OA 262 18.03 49.12 105.64
N ASN OA 263 18.82 50.16 105.49
CA ASN OA 263 19.86 50.50 106.45
C ASN OA 263 20.05 52.00 106.38
N GLY OA 264 19.90 52.68 107.51
CA GLY OA 264 20.03 54.12 107.58
C GLY OA 264 21.15 54.54 108.50
N THR OA 265 21.27 55.85 108.66
CA THR OA 265 22.30 56.42 109.50
C THR OA 265 21.84 56.49 110.96
N ALA OA 269 24.98 53.02 111.43
CA ALA OA 269 25.57 52.87 110.12
C ALA OA 269 25.91 54.23 109.51
N THR OA 270 26.96 54.28 108.71
CA THR OA 270 27.33 55.51 108.04
C THR OA 270 26.53 55.68 106.76
N ASN OA 271 26.55 56.91 106.23
CA ASN OA 271 25.84 57.18 104.98
C ASN OA 271 26.40 56.35 103.83
N ASP OA 272 27.69 56.01 103.89
CA ASP OA 272 28.31 55.22 102.83
C ASP OA 272 27.72 53.82 102.73
N ASN OA 273 27.09 53.32 103.79
CA ASN OA 273 26.58 51.97 103.83
C ASN OA 273 25.05 51.89 103.85
N THR OA 274 24.37 53.00 103.58
CA THR OA 274 22.91 52.97 103.55
C THR OA 274 22.42 52.25 102.31
N TYR OA 275 21.24 51.63 102.44
CA TYR OA 275 20.63 50.99 101.29
C TYR OA 275 19.14 50.86 101.52
N PHE OA 276 18.42 50.71 100.43
CA PHE OA 276 17.02 50.33 100.42
C PHE OA 276 16.86 49.24 99.38
N GLY OA 277 16.18 48.17 99.73
CA GLY OA 277 16.00 47.09 98.80
C GLY OA 277 14.95 46.13 99.26
N TYR OA 278 14.94 44.96 98.64
CA TYR OA 278 13.93 43.95 98.96
C TYR OA 278 14.58 42.60 99.09
N SER OA 279 14.20 41.89 100.13
CA SER OA 279 14.52 40.48 100.27
C SER OA 279 13.37 39.67 99.68
N THR OA 280 13.71 38.72 98.82
CA THR OA 280 12.69 37.92 98.16
C THR OA 280 12.70 36.50 98.71
N PRO OA 281 11.59 35.78 98.59
CA PRO OA 281 11.57 34.37 98.97
C PRO OA 281 12.26 33.45 97.97
N TRP OA 282 12.90 33.99 96.96
CA TRP OA 282 13.51 33.21 95.90
C TRP OA 282 14.98 32.95 96.18
N GLY OA 283 15.43 31.76 95.84
CA GLY OA 283 16.84 31.51 95.70
C GLY OA 283 17.30 31.72 94.28
N TYR OA 284 18.61 31.66 94.08
CA TYR OA 284 19.14 31.78 92.73
C TYR OA 284 20.39 30.93 92.61
N PHE OA 285 20.64 30.46 91.40
CA PHE OA 285 21.79 29.62 91.12
C PHE OA 285 22.94 30.48 90.62
N ASP OA 286 24.09 30.33 91.25
CA ASP OA 286 25.30 31.06 90.89
C ASP OA 286 26.38 30.07 90.54
N PHE OA 287 26.96 30.24 89.36
CA PHE OA 287 28.15 29.48 88.96
C PHE OA 287 29.15 30.43 88.32
N ASN OA 288 29.26 31.63 88.90
CA ASN OA 288 30.10 32.70 88.38
C ASN OA 288 31.48 32.69 89.01
N ARG OA 289 32.01 31.51 89.35
CA ARG OA 289 33.39 31.35 89.76
C ARG OA 289 34.01 30.26 88.93
N PHE OA 290 35.29 30.42 88.61
CA PHE OA 290 35.95 29.47 87.71
C PHE OA 290 36.04 28.08 88.31
N HIS OA 291 36.20 27.97 89.63
CA HIS OA 291 36.32 26.66 90.24
C HIS OA 291 35.00 25.90 90.27
N CYS OA 292 33.88 26.57 89.95
CA CYS OA 292 32.63 25.85 89.73
C CYS OA 292 32.69 24.96 88.51
N HIS OA 293 33.62 25.21 87.61
CA HIS OA 293 33.70 24.53 86.32
C HIS OA 293 35.04 23.85 86.08
N PHE OA 294 36.13 24.44 86.52
CA PHE OA 294 37.46 23.90 86.32
C PHE OA 294 37.95 23.25 87.60
N SER OA 295 38.34 21.99 87.51
CA SER OA 295 39.12 21.38 88.56
C SER OA 295 40.50 22.04 88.58
N PRO OA 296 41.20 21.98 89.71
CA PRO OA 296 42.55 22.57 89.75
C PRO OA 296 43.46 22.02 88.67
N ARG OA 297 43.37 20.72 88.39
CA ARG OA 297 44.17 20.15 87.30
C ARG OA 297 43.73 20.69 85.95
N ASP OA 298 42.42 20.85 85.74
CA ASP OA 298 41.94 21.44 84.51
C ASP OA 298 42.38 22.89 84.38
N TRP OA 299 42.36 23.62 85.49
CA TRP OA 299 42.86 24.99 85.50
C TRP OA 299 44.34 25.03 85.13
N GLN OA 300 45.12 24.08 85.66
CA GLN OA 300 46.53 23.99 85.29
C GLN OA 300 46.69 23.71 83.81
N ARG OA 301 45.91 22.78 83.27
CA ARG OA 301 45.94 22.49 81.84
C ARG OA 301 45.65 23.75 81.04
N LEU OA 302 44.65 24.52 81.47
CA LEU OA 302 44.27 25.72 80.76
C LEU OA 302 45.37 26.78 80.79
N ILE OA 303 45.89 27.08 81.99
CA ILE OA 303 46.79 28.22 82.13
C ILE OA 303 48.21 27.92 81.70
N ASN OA 304 48.63 26.65 81.70
CA ASN OA 304 50.00 26.35 81.31
C ASN OA 304 50.17 26.20 79.81
N ASN OA 305 49.09 26.19 79.04
CA ASN OA 305 49.16 25.83 77.64
C ASN OA 305 48.42 26.77 76.71
N ASN OA 306 47.71 27.76 77.22
CA ASN OA 306 46.89 28.62 76.39
C ASN OA 306 47.19 30.08 76.67
N TRP OA 307 47.24 30.87 75.61
CA TRP OA 307 47.41 32.31 75.75
C TRP OA 307 46.12 33.02 76.10
N GLY OA 308 44.99 32.36 75.92
CA GLY OA 308 43.73 33.00 76.23
C GLY OA 308 42.60 32.00 76.17
N PHE OA 309 41.47 32.41 76.73
CA PHE OA 309 40.27 31.60 76.71
C PHE OA 309 39.08 32.53 76.89
N ARG OA 310 37.91 32.03 76.52
CA ARG OA 310 36.67 32.78 76.68
C ARG OA 310 35.52 31.80 76.66
N PRO OA 311 34.44 32.08 77.41
CA PRO OA 311 33.26 31.22 77.33
C PRO OA 311 32.57 31.39 76.00
N LYS OA 312 31.98 30.31 75.51
CA LYS OA 312 31.25 30.30 74.25
C LYS OA 312 29.76 30.07 74.44
N ARG OA 313 29.40 29.00 75.15
CA ARG OA 313 28.01 28.67 75.37
C ARG OA 313 27.91 27.95 76.70
N LEU OA 314 26.71 27.94 77.26
CA LEU OA 314 26.47 27.16 78.46
C LEU OA 314 25.13 26.47 78.36
N SER OA 315 25.05 25.32 79.00
CA SER OA 315 23.78 24.62 79.22
C SER OA 315 23.64 24.38 80.70
N PHE OA 316 22.42 24.55 81.20
CA PHE OA 316 22.13 24.46 82.62
C PHE OA 316 20.99 23.47 82.80
N LYS OA 317 21.09 22.64 83.84
CA LYS OA 317 20.07 21.64 84.08
C LYS OA 317 19.75 21.55 85.56
N LEU OA 318 18.46 21.47 85.87
CA LEU OA 318 17.96 21.14 87.20
C LEU OA 318 17.20 19.84 87.08
N PHE OA 319 17.49 18.90 87.97
CA PHE OA 319 16.90 17.56 87.83
C PHE OA 319 17.00 16.86 89.18
N ASN OA 320 16.33 15.70 89.25
CA ASN OA 320 16.24 14.89 90.45
C ASN OA 320 15.78 15.73 91.63
N ILE OA 321 14.74 16.51 91.39
CA ILE OA 321 14.21 17.41 92.41
C ILE OA 321 13.45 16.61 93.44
N GLN OA 322 13.73 16.87 94.71
CA GLN OA 322 13.01 16.26 95.82
C GLN OA 322 12.54 17.39 96.73
N VAL OA 323 11.23 17.51 96.89
CA VAL OA 323 10.66 18.46 97.82
C VAL OA 323 10.28 17.70 99.08
N LYS OA 324 10.78 18.16 100.22
CA LYS OA 324 10.65 17.43 101.45
C LYS OA 324 9.90 18.27 102.48
N GLU OA 325 9.01 17.61 103.21
CA GLU OA 325 8.23 18.23 104.27
C GLU OA 325 8.84 17.85 105.61
N VAL OA 326 9.05 18.85 106.47
CA VAL OA 326 9.59 18.64 107.80
C VAL OA 326 8.54 19.07 108.82
N THR OA 327 8.25 18.19 109.77
CA THR OA 327 7.24 18.46 110.78
C THR OA 327 7.86 18.54 112.18
N LYS OA 333 11.45 15.84 115.20
CA LYS OA 333 11.48 16.29 113.82
C LYS OA 333 11.55 15.11 112.85
N THR OA 334 10.60 15.05 111.94
CA THR OA 334 10.59 14.05 110.88
C THR OA 334 10.56 14.74 109.53
N ILE OA 335 11.33 14.20 108.59
CA ILE OA 335 11.39 14.70 107.23
C ILE OA 335 10.78 13.66 106.31
N ALA OA 336 9.81 14.08 105.51
CA ALA OA 336 9.11 13.18 104.60
C ALA OA 336 9.07 13.80 103.22
N ASN OA 337 8.99 12.94 102.21
CA ASN OA 337 8.80 13.41 100.85
C ASN OA 337 7.41 14.02 100.68
N ASN OA 338 7.36 15.16 99.97
CA ASN OA 338 6.07 15.78 99.58
C ASN OA 338 6.03 15.61 98.07
N LEU OA 339 5.52 14.47 97.58
CA LEU OA 339 5.61 14.10 96.17
C LEU OA 339 4.88 15.09 95.27
N THR OA 340 3.84 15.74 95.77
CA THR OA 340 3.02 16.63 94.98
C THR OA 340 3.44 18.09 95.07
N SER OA 341 4.48 18.39 95.85
CA SER OA 341 4.94 19.76 95.97
C SER OA 341 5.79 20.15 94.77
N THR OA 342 5.85 21.44 94.49
CA THR OA 342 6.58 21.94 93.34
C THR OA 342 7.64 22.94 93.77
N ILE OA 343 8.63 23.11 92.90
CA ILE OA 343 9.53 24.25 92.94
C ILE OA 343 9.25 25.06 91.69
N GLN OA 344 9.52 26.36 91.76
CA GLN OA 344 9.38 27.25 90.63
C GLN OA 344 10.75 27.70 90.18
N VAL OA 345 11.04 27.55 88.90
CA VAL OA 345 12.31 27.94 88.32
C VAL OA 345 12.04 28.79 87.10
N PHE OA 346 12.74 29.92 86.99
CA PHE OA 346 12.73 30.68 85.76
C PHE OA 346 14.06 31.39 85.60
N THR OA 347 14.42 31.66 84.36
CA THR OA 347 15.60 32.45 84.04
C THR OA 347 15.16 33.85 83.65
N ASP OA 348 15.83 34.86 84.18
CA ASP OA 348 15.61 36.24 83.78
C ASP OA 348 16.32 36.48 82.44
N SER OA 349 15.74 35.87 81.40
CA SER OA 349 16.38 35.89 80.09
C SER OA 349 16.34 37.26 79.44
N GLU OA 350 15.38 38.09 79.80
CA GLU OA 350 15.30 39.46 79.30
C GLU OA 350 16.02 40.44 80.19
N TYR OA 351 16.68 39.98 81.26
CA TYR OA 351 17.44 40.84 82.16
C TYR OA 351 16.55 41.94 82.74
N GLN OA 352 15.33 41.58 83.10
CA GLN OA 352 14.38 42.51 83.66
C GLN OA 352 14.49 42.62 85.18
N LEU OA 353 15.20 41.76 85.80
CA LEU OA 353 15.42 41.83 87.23
C LEU OA 353 16.77 42.47 87.53
N PRO OA 354 16.92 43.08 88.70
CA PRO OA 354 18.25 43.53 89.12
C PRO OA 354 19.23 42.36 89.10
N TYR OA 355 20.34 42.56 88.40
CA TYR OA 355 21.33 41.50 88.20
C TYR OA 355 22.30 41.53 89.37
N VAL OA 356 22.16 40.56 90.27
CA VAL OA 356 23.01 40.51 91.46
C VAL OA 356 24.17 39.55 91.31
N LEU OA 357 24.21 38.76 90.24
CA LEU OA 357 25.43 38.05 89.92
C LEU OA 357 26.50 39.05 89.50
N GLY OA 358 27.75 38.60 89.56
CA GLY OA 358 28.83 39.53 89.27
C GLY OA 358 29.11 40.51 90.37
N SER OA 359 28.72 40.21 91.60
CA SER OA 359 29.13 41.00 92.76
C SER OA 359 30.00 40.18 93.71
N ALA OA 360 30.57 39.09 93.20
CA ALA OA 360 31.49 38.23 93.97
C ALA OA 360 30.86 37.73 95.26
N HIS OA 361 29.60 37.32 95.19
CA HIS OA 361 28.87 36.86 96.35
C HIS OA 361 29.11 35.37 96.58
N GLN OA 362 28.98 34.98 97.85
CA GLN OA 362 28.97 33.57 98.19
C GLN OA 362 27.71 32.91 97.66
N GLY OA 363 27.70 31.58 97.71
CA GLY OA 363 26.57 30.82 97.24
C GLY OA 363 26.72 30.23 95.87
N CYS OA 364 27.89 30.38 95.23
CA CYS OA 364 28.14 29.72 93.98
C CYS OA 364 28.25 28.21 94.19
N LEU OA 365 28.25 27.48 93.08
CA LEU OA 365 28.49 26.05 93.15
C LEU OA 365 29.84 25.79 93.81
N PRO OA 366 29.92 24.84 94.75
CA PRO OA 366 31.17 24.63 95.45
C PRO OA 366 32.25 24.12 94.51
N PRO OA 367 33.51 24.45 94.76
CA PRO OA 367 34.59 23.91 93.90
C PRO OA 367 34.66 22.39 93.90
N PHE OA 368 34.37 21.76 95.04
CA PHE OA 368 34.48 20.31 95.14
C PHE OA 368 33.17 19.66 94.73
N PRO OA 369 33.16 18.77 93.74
CA PRO OA 369 31.89 18.21 93.25
C PRO OA 369 31.11 17.45 94.31
N ALA OA 370 31.78 16.82 95.27
CA ALA OA 370 31.08 16.07 96.31
C ALA OA 370 30.38 16.99 97.31
N ASP OA 371 30.58 18.29 97.22
CA ASP OA 371 30.08 19.21 98.22
C ASP OA 371 28.63 19.57 97.94
N VAL OA 372 27.78 19.44 98.94
CA VAL OA 372 26.38 19.84 98.84
C VAL OA 372 26.25 21.27 99.35
N PHE OA 373 25.62 22.12 98.55
CA PHE OA 373 25.58 23.54 98.86
C PHE OA 373 24.15 24.05 99.00
N MET OA 374 24.02 25.10 99.80
CA MET OA 374 22.77 25.79 100.02
C MET OA 374 22.61 26.90 98.98
N ILE OA 375 21.42 26.99 98.42
CA ILE OA 375 21.15 28.01 97.40
C ILE OA 375 21.01 29.38 98.07
N PRO OA 376 21.73 30.39 97.60
CA PRO OA 376 21.62 31.71 98.25
C PRO OA 376 20.27 32.36 97.97
N GLN OA 377 19.86 33.21 98.90
CA GLN OA 377 18.61 33.92 98.79
C GLN OA 377 18.75 35.13 97.87
N TYR OA 378 17.80 35.30 96.97
CA TYR OA 378 17.83 36.43 96.07
C TYR OA 378 17.30 37.68 96.75
N GLY OA 379 18.10 38.74 96.70
CA GLY OA 379 17.65 40.05 97.10
C GLY OA 379 18.25 41.08 96.18
N TYR OA 380 17.71 42.28 96.20
CA TYR OA 380 18.22 43.32 95.33
C TYR OA 380 18.08 44.67 96.02
N LEU OA 381 18.81 45.63 95.50
CA LEU OA 381 18.77 47.00 95.99
C LEU OA 381 18.24 47.91 94.92
N THR OA 382 17.53 48.95 95.35
CA THR OA 382 17.05 49.96 94.44
C THR OA 382 17.51 51.31 94.96
N LEU OA 383 17.01 52.40 94.40
CA LEU OA 383 17.45 53.72 94.82
C LEU OA 383 17.05 53.97 96.27
N ASN OA 384 17.96 54.58 97.02
CA ASN OA 384 17.72 54.89 98.42
C ASN OA 384 18.18 56.31 98.72
N ASN OA 385 17.53 56.91 99.71
CA ASN OA 385 17.93 58.17 100.30
C ASN OA 385 18.03 57.88 101.80
N GLY OA 386 19.23 57.51 102.25
CA GLY OA 386 19.33 56.95 103.58
C GLY OA 386 18.68 55.59 103.62
N SER OA 387 17.81 55.37 104.59
CA SER OA 387 17.04 54.15 104.67
C SER OA 387 15.72 54.24 103.93
N GLN OA 388 15.40 55.39 103.35
CA GLN OA 388 14.13 55.59 102.67
C GLN OA 388 14.26 55.31 101.18
N ALA OA 389 13.16 54.86 100.59
CA ALA OA 389 13.08 54.77 99.14
C ALA OA 389 12.72 56.14 98.55
N VAL OA 390 13.00 56.28 97.27
CA VAL OA 390 12.57 57.44 96.51
C VAL OA 390 11.51 56.99 95.52
N GLY OA 391 10.88 57.95 94.86
CA GLY OA 391 9.85 57.63 93.89
C GLY OA 391 10.35 56.80 92.74
N ARG OA 392 11.64 56.87 92.43
CA ARG OA 392 12.21 56.08 91.36
C ARG OA 392 12.60 54.67 91.80
N SER OA 393 12.48 54.36 93.09
CA SER OA 393 12.80 53.02 93.56
C SER OA 393 11.86 52.01 92.94
N SER OA 394 12.42 50.90 92.48
CA SER OA 394 11.66 49.86 91.80
C SER OA 394 11.45 48.68 92.73
N PHE OA 395 10.22 48.19 92.79
CA PHE OA 395 9.90 46.94 93.47
C PHE OA 395 9.61 45.89 92.43
N TYR OA 396 10.23 44.72 92.56
CA TYR OA 396 10.05 43.63 91.63
C TYR OA 396 9.44 42.44 92.36
N CYS OA 397 8.33 41.93 91.84
CA CYS OA 397 7.76 40.68 92.28
C CYS OA 397 8.23 39.59 91.33
N LEU OA 398 8.96 38.62 91.84
CA LEU OA 398 9.47 37.57 90.98
C LEU OA 398 8.38 36.58 90.60
N GLU OA 399 7.28 36.54 91.34
CA GLU OA 399 6.11 35.78 90.91
C GLU OA 399 5.45 36.40 89.69
N TYR OA 400 5.75 37.65 89.40
CA TYR OA 400 5.22 38.32 88.21
C TYR OA 400 5.94 37.87 86.95
N PHE OA 401 6.76 36.85 87.01
CA PHE OA 401 7.42 36.27 85.86
C PHE OA 401 6.85 34.90 85.56
N PRO OA 402 6.85 34.48 84.30
CA PRO OA 402 6.51 33.09 84.00
C PRO OA 402 7.59 32.16 84.54
N SER OA 403 7.18 31.20 85.35
CA SER OA 403 8.09 30.24 85.94
C SER OA 403 7.62 28.84 85.61
N GLN OA 404 8.57 27.95 85.35
CA GLN OA 404 8.25 26.54 85.24
C GLN OA 404 8.10 25.96 86.63
N MET OA 405 6.99 25.28 86.88
CA MET OA 405 6.81 24.58 88.15
C MET OA 405 7.16 23.12 87.97
N LEU OA 406 7.92 22.59 88.91
CA LEU OA 406 8.51 21.27 88.77
C LEU OA 406 8.11 20.43 89.97
N ARG OA 407 7.51 19.27 89.71
CA ARG OA 407 7.36 18.27 90.73
C ARG OA 407 8.59 17.37 90.71
N THR OA 408 8.58 16.34 91.57
CA THR OA 408 9.77 15.52 91.75
C THR OA 408 10.20 14.81 90.48
N GLY OA 409 9.27 14.58 89.56
CA GLY OA 409 9.60 13.94 88.30
C GLY OA 409 10.02 14.86 87.19
N ASN OA 410 9.95 16.17 87.40
CA ASN OA 410 10.25 17.13 86.35
C ASN OA 410 11.70 17.58 86.42
N ASN OA 411 12.18 18.08 85.28
CA ASN OA 411 13.50 18.68 85.22
C ASN OA 411 13.41 20.00 84.46
N PHE OA 412 14.39 20.85 84.70
CA PHE OA 412 14.48 22.15 84.07
C PHE OA 412 15.81 22.26 83.36
N GLN OA 413 15.81 22.86 82.18
CA GLN OA 413 17.05 23.08 81.47
C GLN OA 413 16.92 24.25 80.53
N PHE OA 414 18.04 24.93 80.29
CA PHE OA 414 18.10 25.97 79.29
C PHE OA 414 19.52 26.07 78.79
N THR OA 415 19.68 26.63 77.60
CA THR OA 415 20.97 26.85 76.99
C THR OA 415 21.16 28.34 76.78
N TYR OA 416 22.41 28.77 76.83
CA TYR OA 416 22.76 30.18 76.68
C TYR OA 416 24.02 30.27 75.84
N THR OA 417 24.07 31.24 74.95
CA THR OA 417 25.24 31.49 74.13
C THR OA 417 25.88 32.80 74.57
N PHE OA 418 27.15 32.75 74.90
CA PHE OA 418 27.88 33.96 75.24
C PHE OA 418 28.06 34.83 74.01
N GLU OA 419 27.97 36.14 74.21
CA GLU OA 419 28.28 37.06 73.14
C GLU OA 419 29.78 36.99 72.83
N ASP OA 420 30.15 37.54 71.67
CA ASP OA 420 31.55 37.59 71.29
C ASP OA 420 32.29 38.49 72.28
N VAL OA 421 33.10 37.87 73.14
CA VAL OA 421 33.83 38.59 74.17
C VAL OA 421 35.31 38.41 73.85
N PRO OA 422 36.18 39.37 74.17
CA PRO OA 422 37.61 39.16 73.92
C PRO OA 422 38.15 38.04 74.78
N PHE OA 423 39.16 37.34 74.24
CA PHE OA 423 39.87 36.34 75.01
C PHE OA 423 40.50 36.99 76.24
N HIS OA 424 40.38 36.33 77.38
CA HIS OA 424 41.14 36.77 78.54
C HIS OA 424 42.63 36.56 78.29
N SER OA 425 43.43 37.54 78.66
CA SER OA 425 44.88 37.45 78.45
C SER OA 425 45.45 36.49 79.47
N SER OA 426 45.57 35.23 79.08
CA SER OA 426 46.15 34.20 79.94
C SER OA 426 47.66 34.12 79.74
N TYR OA 427 48.31 35.28 79.81
CA TYR OA 427 49.73 35.39 79.55
C TYR OA 427 50.26 36.63 80.25
N ALA OA 428 51.54 36.62 80.52
CA ALA OA 428 52.25 37.80 80.98
C ALA OA 428 53.21 38.26 79.89
N HIS OA 429 53.38 39.56 79.75
CA HIS OA 429 54.26 40.07 78.72
C HIS OA 429 55.71 39.82 79.10
N SER OA 430 56.49 39.31 78.14
CA SER OA 430 57.91 39.10 78.32
C SER OA 430 58.73 40.32 77.93
N GLN OA 431 58.06 41.42 77.57
CA GLN OA 431 58.71 42.68 77.30
C GLN OA 431 58.01 43.77 78.09
N SER OA 432 58.78 44.78 78.48
CA SER OA 432 58.23 45.95 79.14
C SER OA 432 57.91 47.02 78.11
N LEU OA 433 56.92 47.84 78.42
CA LEU OA 433 56.49 48.88 77.48
C LEU OA 433 57.58 49.89 77.19
N ASP OA 434 58.44 50.17 78.17
CA ASP OA 434 59.54 51.11 77.99
C ASP OA 434 60.79 50.44 77.47
N ARG OA 435 60.72 49.17 77.09
CA ARG OA 435 61.87 48.41 76.59
C ARG OA 435 61.51 47.69 75.31
N LEU OA 436 60.79 48.35 74.42
CA LEU OA 436 60.38 47.75 73.15
C LEU OA 436 61.35 48.04 72.03
N MET OA 437 62.41 48.78 72.30
CA MET OA 437 63.33 49.24 71.29
C MET OA 437 64.52 48.29 71.11
N ASN OA 438 65.19 48.43 69.99
CA ASN OA 438 66.43 47.71 69.73
C ASN OA 438 67.52 48.25 70.63
N PRO OA 439 68.13 47.42 71.48
CA PRO OA 439 69.15 47.90 72.40
C PRO OA 439 70.53 48.10 71.77
N LEU OA 440 70.65 47.98 70.45
CA LEU OA 440 71.94 48.15 69.80
C LEU OA 440 72.02 49.38 68.91
N ILE OA 441 70.89 49.96 68.54
CA ILE OA 441 70.83 51.02 67.55
C ILE OA 441 70.36 52.30 68.21
N ASP OA 442 71.01 53.40 67.88
CA ASP OA 442 70.54 54.70 68.33
C ASP OA 442 69.26 55.09 67.60
N GLN OA 443 68.50 55.99 68.21
CA GLN OA 443 67.38 56.60 67.54
C GLN OA 443 67.86 57.73 66.64
N TYR OA 444 67.15 57.95 65.53
CA TYR OA 444 67.42 59.14 64.74
C TYR OA 444 66.75 60.38 65.30
N LEU OA 445 65.82 60.21 66.25
CA LEU OA 445 65.20 61.33 66.92
C LEU OA 445 66.10 61.84 68.03
N TYR OA 446 66.04 63.14 68.27
CA TYR OA 446 66.80 63.77 69.33
C TYR OA 446 65.87 64.13 70.48
N TYR OA 447 66.44 64.22 71.67
CA TYR OA 447 65.75 64.73 72.84
C TYR OA 447 66.59 65.83 73.46
N LEU OA 448 65.93 66.75 74.13
CA LEU OA 448 66.63 67.79 74.87
C LEU OA 448 67.41 67.16 76.00
N SER OA 449 68.73 67.13 75.88
CA SER OA 449 69.57 66.44 76.85
C SER OA 449 70.16 67.36 77.90
N ARG OA 450 70.40 68.62 77.57
CA ARG OA 450 70.90 69.58 78.54
C ARG OA 450 70.32 70.96 78.28
N THR OA 451 70.08 71.70 79.36
CA THR OA 451 69.64 73.08 79.26
C THR OA 451 70.66 74.05 79.84
N GLN OA 452 71.80 73.55 80.32
CA GLN OA 452 72.82 74.38 80.96
C GLN OA 452 74.20 73.88 80.54
N THR OA 453 75.11 74.81 80.28
CA THR OA 453 76.45 74.45 79.85
C THR OA 453 77.23 73.74 80.95
N ASN OA 459 78.00 78.36 84.91
CA ASN OA 459 77.37 77.82 83.72
C ASN OA 459 76.18 78.65 83.28
N THR OA 460 75.92 78.68 81.99
CA THR OA 460 74.87 79.50 81.41
C THR OA 460 73.85 78.62 80.71
N GLN OA 461 72.74 79.24 80.31
CA GLN OA 461 71.70 78.52 79.60
C GLN OA 461 72.19 78.09 78.21
N THR OA 462 71.74 76.93 77.78
CA THR OA 462 72.04 76.41 76.46
C THR OA 462 70.96 75.40 76.09
N LEU OA 463 71.03 74.90 74.87
CA LEU OA 463 70.14 73.83 74.42
C LEU OA 463 71.02 72.76 73.79
N GLY OA 464 71.20 71.66 74.49
CA GLY OA 464 71.93 70.51 73.99
C GLY OA 464 70.96 69.37 73.71
N PHE OA 465 71.13 68.75 72.55
CA PHE OA 465 70.25 67.68 72.10
C PHE OA 465 71.08 66.44 71.83
N SER OA 466 70.57 65.30 72.29
CA SER OA 466 71.25 64.03 72.10
C SER OA 466 70.28 63.04 71.48
N GLN OA 467 70.85 62.04 70.83
CA GLN OA 467 70.05 60.96 70.27
C GLN OA 467 69.87 59.86 71.31
N GLY OA 468 68.63 59.44 71.52
CA GLY OA 468 68.36 58.33 72.40
C GLY OA 468 69.04 57.07 71.91
N GLY OA 469 69.71 56.37 72.81
CA GLY OA 469 70.43 55.19 72.44
C GLY OA 469 70.34 54.10 73.49
N PRO OA 470 71.20 53.09 73.37
CA PRO OA 470 71.15 51.96 74.32
C PRO OA 470 71.36 52.38 75.76
N ASN OA 471 72.11 53.45 76.01
CA ASN OA 471 72.40 53.86 77.37
C ASN OA 471 71.40 54.87 77.91
N THR OA 472 70.89 55.77 77.08
CA THR OA 472 69.87 56.72 77.48
C THR OA 472 68.49 56.22 77.10
N MET OA 473 68.17 55.03 77.60
CA MET OA 473 66.97 54.33 77.19
C MET OA 473 65.72 54.97 77.80
N ALA OA 474 65.87 55.62 78.96
CA ALA OA 474 64.75 56.35 79.55
C ALA OA 474 64.40 57.60 78.77
N ASN OA 475 65.34 58.14 77.99
CA ASN OA 475 65.10 59.36 77.23
C ASN OA 475 64.59 59.10 75.82
N GLN OA 476 64.56 57.85 75.38
CA GLN OA 476 64.21 57.56 73.99
C GLN OA 476 62.76 57.93 73.70
N ALA OA 477 62.53 58.39 72.47
CA ALA OA 477 61.18 58.59 72.01
C ALA OA 477 60.45 57.25 71.94
N LYS OA 478 59.21 57.24 72.42
CA LYS OA 478 58.43 56.02 72.50
C LYS OA 478 57.03 56.27 71.97
N ASN OA 479 56.39 55.19 71.51
CA ASN OA 479 55.10 55.30 70.87
C ASN OA 479 53.92 55.10 71.82
N TRP OA 480 54.15 54.59 73.03
CA TRP OA 480 53.04 54.15 73.86
C TRP OA 480 53.26 54.59 75.29
N LEU OA 481 52.17 54.65 76.04
CA LEU OA 481 52.16 55.03 77.42
C LEU OA 481 51.57 53.91 78.28
N PRO OA 482 51.99 53.79 79.54
CA PRO OA 482 51.38 52.79 80.41
C PRO OA 482 49.93 53.11 80.66
N GLY OA 483 49.18 52.07 81.00
CA GLY OA 483 47.76 52.19 81.24
C GLY OA 483 47.42 53.18 82.33
N PRO OA 484 46.13 53.42 82.51
CA PRO OA 484 45.70 54.47 83.45
C PRO OA 484 45.97 54.08 84.89
N CYS OA 485 46.03 55.10 85.74
CA CYS OA 485 46.41 54.94 87.13
C CYS OA 485 45.36 55.59 88.04
N TYR OA 486 45.05 54.91 89.14
CA TYR OA 486 44.20 55.46 90.21
C TYR OA 486 44.86 55.03 91.52
N ARG OA 487 45.79 55.87 92.00
CA ARG OA 487 46.77 55.42 92.97
C ARG OA 487 46.13 54.92 94.27
N GLN OA 488 46.64 53.78 94.74
CA GLN OA 488 46.20 53.18 95.98
C GLN OA 488 47.30 53.31 97.03
N GLN OA 489 46.88 53.30 98.30
CA GLN OA 489 47.84 53.33 99.38
C GLN OA 489 48.57 52.00 99.48
N ARG OA 490 49.85 52.04 99.79
CA ARG OA 490 50.68 50.86 99.87
C ARG OA 490 50.62 50.29 101.29
N VAL OA 491 50.39 48.98 101.39
CA VAL OA 491 50.37 48.29 102.66
C VAL OA 491 51.39 47.15 102.58
N SER OA 492 52.18 47.01 103.63
CA SER OA 492 53.18 45.95 103.72
C SER OA 492 52.62 44.77 104.49
N THR OA 493 52.82 43.57 103.97
CA THR OA 493 52.47 42.37 104.73
C THR OA 493 53.36 42.21 105.96
N THR OA 494 54.53 42.83 105.97
CA THR OA 494 55.33 42.98 107.18
C THR OA 494 54.76 44.15 107.95
N THR OA 495 53.94 43.85 108.97
CA THR OA 495 53.13 44.88 109.60
C THR OA 495 53.98 45.97 110.27
N GLY OA 496 55.18 45.61 110.72
CA GLY OA 496 56.05 46.60 111.33
C GLY OA 496 56.45 47.72 110.41
N GLN OA 497 56.39 47.50 109.09
CA GLN OA 497 56.69 48.54 108.12
C GLN OA 497 55.50 49.45 107.85
N ASN OA 498 54.33 49.14 108.37
CA ASN OA 498 53.14 49.95 108.15
C ASN OA 498 53.04 51.04 109.22
N ASN OA 499 52.32 52.10 108.86
CA ASN OA 499 52.03 53.16 109.82
C ASN OA 499 51.17 52.61 110.95
N ASN OA 500 51.48 53.03 112.17
CA ASN OA 500 50.74 52.56 113.34
C ASN OA 500 49.45 53.39 113.47
N SER OA 501 48.51 53.07 112.59
CA SER OA 501 47.20 53.70 112.60
C SER OA 501 46.24 52.81 111.84
N ASN OA 502 44.95 53.04 112.05
CA ASN OA 502 43.89 52.31 111.36
C ASN OA 502 43.50 53.12 110.13
N PHE OA 503 44.13 52.83 109.00
CA PHE OA 503 43.95 53.62 107.79
C PHE OA 503 43.34 52.84 106.64
N ALA OA 504 42.78 51.66 106.91
CA ALA OA 504 42.21 50.86 105.83
C ALA OA 504 41.10 51.62 105.11
N TRP OA 505 40.25 52.32 105.85
CA TRP OA 505 39.20 53.12 105.27
C TRP OA 505 39.59 54.57 105.06
N THR OA 506 40.22 55.20 106.05
CA THR OA 506 40.56 56.62 105.95
C THR OA 506 41.54 56.87 104.81
N ALA OA 507 42.53 56.01 104.65
CA ALA OA 507 43.48 56.12 103.55
C ALA OA 507 43.06 55.28 102.35
N GLY OA 508 41.90 54.66 102.40
CA GLY OA 508 41.46 53.84 101.29
C GLY OA 508 41.23 54.66 100.04
N THR OA 509 41.50 54.04 98.89
CA THR OA 509 41.26 54.68 97.61
C THR OA 509 39.80 54.50 97.23
N LYS OA 510 39.09 55.61 97.08
CA LYS OA 510 37.64 55.59 97.02
C LYS OA 510 37.15 56.36 95.80
N TYR OA 511 35.93 56.06 95.40
CA TYR OA 511 35.18 56.91 94.50
C TYR OA 511 33.97 57.47 95.22
N HIS OA 512 33.49 58.59 94.71
CA HIS OA 512 32.38 59.33 95.32
C HIS OA 512 31.20 59.28 94.38
N LEU OA 513 30.06 58.81 94.88
CA LEU OA 513 28.86 58.68 94.06
C LEU OA 513 27.65 59.07 94.90
N ASN OA 514 26.97 60.14 94.50
CA ASN OA 514 25.76 60.61 95.16
C ASN OA 514 25.99 60.81 96.65
N GLY OA 515 27.07 61.49 96.99
CA GLY OA 515 27.40 61.74 98.38
C GLY OA 515 27.79 60.53 99.17
N ARG OA 516 28.02 59.39 98.53
CA ARG OA 516 28.39 58.16 99.19
C ARG OA 516 29.80 57.78 98.76
N ASN OA 517 30.63 57.43 99.73
CA ASN OA 517 31.99 57.00 99.47
C ASN OA 517 32.04 55.48 99.44
N SER OA 518 32.62 54.94 98.37
CA SER OA 518 32.81 53.52 98.22
C SER OA 518 34.26 53.27 97.82
N LEU OA 519 34.85 52.22 98.37
CA LEU OA 519 36.21 51.85 97.99
C LEU OA 519 36.27 51.54 96.51
N ALA OA 520 37.32 52.03 95.85
CA ALA OA 520 37.64 51.61 94.49
C ALA OA 520 38.34 50.26 94.59
N ASN OA 521 37.54 49.23 94.85
CA ASN OA 521 38.03 47.93 95.26
C ASN OA 521 37.54 46.87 94.29
N PRO OA 522 38.44 46.19 93.55
CA PRO OA 522 39.88 46.40 93.60
C PRO OA 522 40.36 47.53 92.71
N GLY OA 523 39.43 48.22 92.08
CA GLY OA 523 39.79 49.32 91.20
C GLY OA 523 40.33 48.84 89.87
N ILE OA 524 40.92 49.80 89.14
CA ILE OA 524 41.43 49.50 87.81
C ILE OA 524 42.64 48.57 87.92
N ALA OA 525 42.88 47.83 86.84
CA ALA OA 525 43.97 46.85 86.82
C ALA OA 525 45.30 47.58 86.84
N MET OA 526 46.00 47.49 87.97
CA MET OA 526 47.35 48.01 88.09
C MET OA 526 48.23 46.95 88.72
N ALA OA 527 49.53 47.02 88.43
CA ALA OA 527 50.46 46.09 89.01
C ALA OA 527 50.45 46.21 90.52
N THR OA 528 50.40 45.07 91.20
CA THR OA 528 50.31 45.06 92.65
C THR OA 528 51.52 45.72 93.29
N HIS OA 529 52.70 45.46 92.75
CA HIS OA 529 53.95 45.98 93.28
C HIS OA 529 54.97 45.99 92.16
N LYS OA 530 56.07 46.69 92.40
CA LYS OA 530 57.16 46.69 91.43
C LYS OA 530 58.13 45.58 91.78
N ASP OA 531 59.29 45.57 91.13
CA ASP OA 531 60.27 44.52 91.32
C ASP OA 531 60.75 44.47 92.76
N ASP OA 532 60.85 43.26 93.30
CA ASP OA 532 61.41 43.00 94.63
C ASP OA 532 60.61 43.67 95.74
N GLU OA 533 59.30 43.82 95.55
CA GLU OA 533 58.44 44.42 96.56
C GLU OA 533 57.17 43.60 96.73
N GLU OA 534 57.33 42.27 96.77
CA GLU OA 534 56.17 41.38 96.87
C GLU OA 534 55.41 41.59 98.17
N ARG OA 535 56.09 42.06 99.21
CA ARG OA 535 55.43 42.29 100.49
C ARG OA 535 54.44 43.44 100.46
N PHE OA 536 54.48 44.28 99.43
CA PHE OA 536 53.61 45.44 99.33
C PHE OA 536 52.40 45.11 98.46
N PHE OA 537 51.24 45.60 98.87
CA PHE OA 537 50.04 45.49 98.06
C PHE OA 537 49.21 46.77 98.22
N PRO OA 538 48.45 47.13 97.19
CA PRO OA 538 47.50 48.24 97.35
C PRO OA 538 46.44 47.89 98.39
N SER OA 539 46.06 48.89 99.18
CA SER OA 539 45.21 48.62 100.34
C SER OA 539 43.88 48.02 99.95
N ASN OA 540 43.27 48.51 98.88
CA ASN OA 540 42.04 47.91 98.34
C ASN OA 540 42.16 47.77 96.83
N GLY OA 541 43.29 47.25 96.36
CA GLY OA 541 43.54 47.17 94.95
C GLY OA 541 43.84 45.78 94.44
N ILE OA 542 43.58 44.76 95.25
CA ILE OA 542 43.79 43.37 94.85
C ILE OA 542 42.60 42.54 95.29
N LEU OA 543 42.40 41.42 94.61
CA LEU OA 543 41.46 40.42 95.08
C LEU OA 543 42.08 39.65 96.24
N ILE OA 544 41.33 39.53 97.33
CA ILE OA 544 41.78 38.80 98.50
C ILE OA 544 40.80 37.67 98.74
N PHE OA 545 41.28 36.45 98.60
CA PHE OA 545 40.48 35.26 98.87
C PHE OA 545 40.80 34.74 100.27
N GLY OA 546 39.79 34.19 100.91
CA GLY OA 546 39.97 33.60 102.22
C GLY OA 546 40.36 32.15 102.11
N LYS OA 547 41.27 31.73 102.99
CA LYS OA 547 41.56 30.32 103.12
C LYS OA 547 40.36 29.62 103.73
N GLN OA 548 40.36 28.30 103.67
CA GLN OA 548 39.26 27.53 104.24
C GLN OA 548 39.14 27.83 105.73
N ASN OA 549 37.89 28.04 106.17
CA ASN OA 549 37.57 28.36 107.56
C ASN OA 549 38.14 29.69 108.00
N ALA OA 550 38.39 30.61 107.06
CA ALA OA 550 38.77 31.97 107.44
C ALA OA 550 37.57 32.69 108.02
N ALA OA 551 37.82 33.52 109.03
CA ALA OA 551 36.75 34.26 109.67
C ALA OA 551 36.13 35.27 108.70
N ARG OA 552 34.83 35.48 108.85
CA ARG OA 552 34.15 36.49 108.03
C ARG OA 552 34.68 37.89 108.31
N ASP OA 553 34.90 38.22 109.58
CA ASP OA 553 35.36 39.54 109.98
C ASP OA 553 36.73 39.43 110.64
N ASN OA 554 37.62 40.35 110.28
CA ASN OA 554 38.94 40.49 110.90
C ASN OA 554 39.72 39.17 110.84
N ALA OA 555 39.73 38.56 109.67
CA ALA OA 555 40.61 37.42 109.45
C ALA OA 555 42.05 37.91 109.40
N ASP OA 556 42.95 37.13 110.01
CA ASP OA 556 44.35 37.49 110.00
C ASP OA 556 44.94 37.30 108.61
N TYR OA 557 46.10 37.92 108.39
CA TYR OA 557 46.76 37.80 107.09
C TYR OA 557 47.06 36.35 106.75
N SER OA 558 47.32 35.52 107.76
CA SER OA 558 47.58 34.11 107.52
C SER OA 558 46.33 33.35 107.08
N ASP OA 559 45.15 33.92 107.31
CA ASP OA 559 43.90 33.26 106.93
C ASP OA 559 43.38 33.70 105.57
N VAL OA 560 44.06 34.60 104.89
CA VAL OA 560 43.61 35.09 103.60
C VAL OA 560 44.69 34.84 102.56
N MET OA 561 44.27 34.91 101.30
CA MET OA 561 45.15 34.64 100.16
C MET OA 561 45.18 35.89 99.31
N LEU OA 562 46.26 36.65 99.38
CA LEU OA 562 46.39 37.85 98.56
C LEU OA 562 46.76 37.46 97.14
N THR OA 563 46.03 38.01 96.18
CA THR OA 563 46.46 37.87 94.78
C THR OA 563 47.49 38.93 94.45
N SER OA 564 48.18 38.74 93.34
CA SER OA 564 49.18 39.69 92.88
C SER OA 564 49.04 39.86 91.38
N GLU OA 565 48.94 41.11 90.94
CA GLU OA 565 48.92 41.46 89.53
C GLU OA 565 50.27 41.95 89.05
N GLU OA 566 51.35 41.38 89.59
CA GLU OA 566 52.69 41.81 89.20
C GLU OA 566 53.01 41.48 87.75
N GLU OA 567 52.27 40.56 87.12
CA GLU OA 567 52.53 40.22 85.73
C GLU OA 567 52.28 41.39 84.79
N ILE OA 568 51.45 42.35 85.19
CA ILE OA 568 51.13 43.49 84.35
C ILE OA 568 52.01 44.69 84.64
N LYS OA 569 53.11 44.50 85.39
CA LYS OA 569 54.10 45.56 85.56
C LYS OA 569 54.61 46.08 84.22
N THR OA 570 54.64 45.20 83.21
CA THR OA 570 55.23 45.55 81.93
C THR OA 570 54.41 46.61 81.20
N THR OA 571 53.14 46.69 81.49
CA THR OA 571 52.26 47.61 80.78
C THR OA 571 51.46 48.51 81.70
N ASN OA 572 51.05 48.01 82.86
CA ASN OA 572 50.25 48.82 83.76
C ASN OA 572 51.13 49.43 84.84
N PRO OA 573 50.85 50.66 85.24
CA PRO OA 573 51.60 51.27 86.34
C PRO OA 573 51.35 50.54 87.65
N VAL OA 574 52.33 50.60 88.54
CA VAL OA 574 52.18 49.99 89.85
C VAL OA 574 51.08 50.70 90.62
N ALA OA 575 50.22 49.90 91.27
CA ALA OA 575 49.02 50.45 91.90
C ALA OA 575 49.35 51.46 92.99
N THR OA 576 50.49 51.32 93.65
CA THR OA 576 50.84 52.17 94.78
C THR OA 576 51.82 53.27 94.41
N GLU OA 577 52.13 53.43 93.13
CA GLU OA 577 53.05 54.44 92.66
C GLU OA 577 52.30 55.45 91.81
N GLU OA 578 52.92 56.61 91.64
CA GLU OA 578 52.36 57.63 90.76
C GLU OA 578 52.46 57.20 89.31
N TYR OA 579 51.53 57.70 88.49
CA TYR OA 579 51.58 57.41 87.07
C TYR OA 579 52.83 58.01 86.43
N GLY OA 580 53.16 59.23 86.79
CA GLY OA 580 54.27 59.91 86.17
C GLY OA 580 54.40 61.31 86.70
N ILE OA 581 55.11 62.13 85.94
CA ILE OA 581 55.44 63.50 86.33
C ILE OA 581 55.02 64.43 85.20
N VAL OA 582 54.34 65.52 85.54
CA VAL OA 582 53.99 66.54 84.58
C VAL OA 582 54.50 67.88 85.09
N ALA OA 583 54.65 68.82 84.16
CA ALA OA 583 55.03 70.17 84.53
C ALA OA 583 53.89 70.86 85.26
N ASP OA 584 54.23 71.63 86.29
CA ASP OA 584 53.24 72.35 87.08
C ASP OA 584 53.26 73.85 86.84
N ASN OA 585 54.21 74.36 86.07
CA ASN OA 585 54.33 75.80 85.85
C ASN OA 585 55.03 76.03 84.53
N LEU OA 586 55.34 77.30 84.25
CA LEU OA 586 56.13 77.69 83.09
C LEU OA 586 57.46 78.23 83.60
N GLN OA 587 58.54 77.48 83.37
CA GLN OA 587 59.84 77.94 83.82
C GLN OA 587 60.28 79.16 83.03
N GLN OA 588 60.91 80.09 83.73
CA GLN OA 588 61.54 81.26 83.13
C GLN OA 588 62.93 81.40 83.73
N GLN OA 589 63.67 82.41 83.30
CA GLN OA 589 64.99 82.65 83.86
C GLN OA 589 64.91 82.99 85.34
N ASN OA 590 63.76 83.40 85.84
CA ASN OA 590 63.59 83.71 87.25
C ASN OA 590 62.78 82.67 88.02
N THR OA 591 62.06 81.78 87.35
CA THR OA 591 61.25 80.76 88.01
C THR OA 591 61.75 79.39 87.60
N ALA OA 592 62.22 78.62 88.57
CA ALA OA 592 62.66 77.26 88.29
C ALA OA 592 61.47 76.39 87.92
N PRO OA 593 61.68 75.42 87.02
CA PRO OA 593 60.56 74.55 86.64
C PRO OA 593 60.08 73.73 87.83
N GLN OA 594 58.77 73.57 87.90
CA GLN OA 594 58.13 72.79 88.95
C GLN OA 594 57.43 71.59 88.32
N ILE OA 595 57.44 70.48 89.04
CA ILE OA 595 56.86 69.25 88.55
C ILE OA 595 55.70 68.84 89.43
N GLY OA 596 54.69 68.24 88.82
CA GLY OA 596 53.54 67.71 89.53
C GLY OA 596 53.52 66.19 89.43
N THR OA 597 53.20 65.55 90.54
CA THR OA 597 53.12 64.10 90.59
C THR OA 597 51.71 63.66 90.23
N VAL OA 598 51.59 62.85 89.18
CA VAL OA 598 50.29 62.40 88.68
C VAL OA 598 49.93 61.13 89.45
N ASN OA 599 49.00 61.27 90.40
CA ASN OA 599 48.52 60.14 91.18
C ASN OA 599 47.24 59.55 90.63
N SER OA 600 46.64 60.18 89.64
CA SER OA 600 45.45 59.66 88.99
C SER OA 600 45.50 60.09 87.54
N GLN OA 601 45.51 59.13 86.62
CA GLN OA 601 45.62 59.42 85.21
C GLN OA 601 44.53 58.67 84.46
N GLY OA 602 43.63 59.41 83.83
CA GLY OA 602 42.66 58.82 82.95
C GLY OA 602 43.26 58.45 81.61
N ALA OA 603 42.40 57.97 80.73
CA ALA OA 603 42.86 57.46 79.44
C ALA OA 603 43.54 58.55 78.63
N LEU OA 604 44.73 58.25 78.11
CA LEU OA 604 45.46 59.09 77.19
C LEU OA 604 45.67 58.33 75.89
N PRO OA 605 45.71 59.03 74.75
CA PRO OA 605 46.00 58.35 73.50
C PRO OA 605 47.37 57.70 73.54
N GLY OA 606 47.46 56.54 72.91
CA GLY OA 606 48.68 55.76 72.95
C GLY OA 606 48.86 54.93 74.20
N MET OA 607 47.90 54.96 75.12
CA MET OA 607 48.01 54.19 76.35
C MET OA 607 47.58 52.76 76.08
N VAL OA 608 48.32 51.82 76.66
CA VAL OA 608 47.98 50.40 76.57
C VAL OA 608 48.01 49.84 77.99
N TRP OA 609 47.21 48.82 78.23
CA TRP OA 609 47.14 48.22 79.56
C TRP OA 609 46.62 46.80 79.45
N GLN OA 610 46.82 46.05 80.51
CA GLN OA 610 46.28 44.72 80.68
C GLN OA 610 45.15 44.75 81.69
N ASN OA 611 44.18 43.85 81.53
CA ASN OA 611 43.13 43.70 82.53
C ASN OA 611 43.65 42.93 83.73
N ARG OA 612 42.86 42.95 84.79
CA ARG OA 612 43.17 42.12 85.95
C ARG OA 612 43.09 40.65 85.57
N ASP OA 613 43.97 39.86 86.18
CA ASP OA 613 43.95 38.42 85.95
C ASP OA 613 42.68 37.80 86.52
N VAL OA 614 42.28 36.69 85.93
CA VAL OA 614 41.23 35.87 86.51
C VAL OA 614 41.88 34.78 87.35
N TYR OA 615 41.11 34.24 88.28
CA TYR OA 615 41.61 33.25 89.21
C TYR OA 615 40.66 32.07 89.25
N LEU OA 616 41.21 30.91 89.63
CA LEU OA 616 40.38 29.72 89.77
C LEU OA 616 39.25 29.96 90.75
N GLN OA 617 39.52 30.69 91.83
CA GLN OA 617 38.50 31.05 92.81
C GLN OA 617 37.75 32.32 92.45
N GLY OA 618 38.17 33.03 91.41
CA GLY OA 618 37.62 34.33 91.11
C GLY OA 618 36.38 34.30 90.25
N PRO OA 619 35.77 35.45 90.04
CA PRO OA 619 34.58 35.52 89.19
C PRO OA 619 34.92 35.32 87.72
N ILE OA 620 33.92 34.89 86.97
CA ILE OA 620 34.05 34.66 85.53
C ILE OA 620 33.56 35.85 84.72
N TRP OA 621 32.36 36.31 85.00
CA TRP OA 621 31.75 37.36 84.19
C TRP OA 621 31.06 38.37 85.10
N ALA OA 622 30.82 39.54 84.55
CA ALA OA 622 29.95 40.54 85.15
C ALA OA 622 29.07 41.13 84.07
N LYS OA 623 27.88 41.55 84.47
CA LYS OA 623 27.00 42.26 83.55
C LYS OA 623 27.51 43.69 83.38
N ILE OA 624 27.74 44.08 82.14
CA ILE OA 624 28.06 45.48 81.85
C ILE OA 624 26.80 46.29 82.13
N PRO OA 625 26.86 47.29 83.00
CA PRO OA 625 25.66 48.09 83.27
C PRO OA 625 25.14 48.73 81.99
N HIS OA 626 23.82 48.76 81.87
CA HIS OA 626 23.18 49.36 80.70
C HIS OA 626 23.24 50.88 80.85
N THR OA 627 24.26 51.47 80.24
CA THR OA 627 24.48 52.90 80.31
C THR OA 627 24.74 53.46 78.91
N ASP OA 628 24.67 54.77 78.80
CA ASP OA 628 24.98 55.43 77.53
C ASP OA 628 26.43 55.21 77.14
N GLY OA 629 27.34 55.32 78.10
CA GLY OA 629 28.76 55.20 77.81
C GLY OA 629 29.45 54.35 78.85
N ASN OA 630 30.45 53.62 78.37
CA ASN OA 630 31.40 52.94 79.23
C ASN OA 630 32.76 53.02 78.57
N PHE OA 631 33.80 52.90 79.38
CA PHE OA 631 35.16 52.86 78.86
C PHE OA 631 35.78 51.53 79.25
N HIS OA 632 36.19 50.77 78.25
CA HIS OA 632 36.79 49.45 78.42
C HIS OA 632 35.98 48.63 79.41
N PRO OA 633 34.78 48.19 79.04
CA PRO OA 633 33.89 47.56 80.02
C PRO OA 633 34.34 46.17 80.42
N SER OA 634 35.55 46.06 80.89
CA SER OA 634 36.03 44.84 81.50
C SER OA 634 35.84 44.91 83.01
N PRO OA 635 35.19 43.93 83.62
CA PRO OA 635 34.88 44.02 85.06
C PRO OA 635 36.16 44.17 85.87
N LEU OA 636 36.08 45.01 86.90
CA LEU OA 636 37.28 45.39 87.63
C LEU OA 636 37.80 44.26 88.51
N MET OA 637 36.92 43.44 89.08
CA MET OA 637 37.41 42.26 89.80
C MET OA 637 37.80 41.13 88.87
N GLY OA 638 37.88 41.39 87.57
CA GLY OA 638 38.38 40.43 86.62
C GLY OA 638 37.26 39.66 85.96
N GLY OA 639 37.54 39.15 84.77
CA GLY OA 639 36.61 38.33 84.04
C GLY OA 639 36.12 38.99 82.77
N PHE OA 640 34.99 38.50 82.30
CA PHE OA 640 34.44 38.90 81.01
C PHE OA 640 33.26 39.83 81.25
N GLY OA 641 33.32 41.01 80.65
CA GLY OA 641 32.19 41.91 80.69
C GLY OA 641 31.20 41.57 79.61
N LEU OA 642 29.96 41.30 79.98
CA LEU OA 642 28.93 40.88 79.04
C LEU OA 642 27.75 41.83 79.11
N LYS OA 643 27.32 42.33 77.95
CA LYS OA 643 26.08 43.08 77.90
C LYS OA 643 24.89 42.19 78.28
N HIS OA 644 24.91 40.94 77.82
CA HIS OA 644 23.86 39.96 78.11
C HIS OA 644 24.53 38.75 78.73
N PRO OA 645 24.78 38.79 80.03
CA PRO OA 645 25.49 37.70 80.69
C PRO OA 645 24.58 36.48 80.81
N PRO OA 646 25.09 35.36 81.33
CA PRO OA 646 24.22 34.25 81.64
C PRO OA 646 23.08 34.71 82.55
N PRO OA 647 21.85 34.39 82.19
CA PRO OA 647 20.71 34.94 82.93
C PRO OA 647 20.67 34.40 84.35
N GLN OA 648 20.13 35.22 85.25
CA GLN OA 648 19.88 34.76 86.60
C GLN OA 648 18.86 33.64 86.58
N ILE OA 649 19.13 32.56 87.31
CA ILE OA 649 18.24 31.43 87.43
C ILE OA 649 17.64 31.48 88.81
N LEU OA 650 16.36 31.82 88.89
CA LEU OA 650 15.67 32.01 90.16
C LEU OA 650 14.89 30.75 90.48
N ILE OA 651 14.98 30.30 91.72
CA ILE OA 651 14.33 29.08 92.15
C ILE OA 651 13.66 29.33 93.49
N LYS OA 652 12.48 28.76 93.67
CA LYS OA 652 11.72 28.95 94.89
C LYS OA 652 10.89 27.70 95.15
N ASN OA 653 10.77 27.34 96.42
CA ASN OA 653 9.78 26.34 96.83
C ASN OA 653 8.41 26.97 96.75
N THR OA 654 7.50 26.34 96.02
CA THR OA 654 6.14 26.84 95.96
C THR OA 654 5.50 26.72 97.33
N PRO OA 655 4.93 27.79 97.87
CA PRO OA 655 4.32 27.69 99.20
C PRO OA 655 3.19 26.69 99.20
N VAL OA 656 3.17 25.84 100.23
CA VAL OA 656 2.11 24.88 100.43
C VAL OA 656 1.39 25.26 101.73
N PRO OA 657 0.19 25.81 101.65
CA PRO OA 657 -0.49 26.24 102.88
C PRO OA 657 -0.76 25.06 103.80
N ALA OA 658 -0.69 25.34 105.09
CA ALA OA 658 -1.26 24.41 106.06
C ALA OA 658 -2.78 24.46 105.97
N ASP OA 659 -3.45 23.72 106.83
CA ASP OA 659 -4.90 23.64 106.72
C ASP OA 659 -5.52 25.01 106.97
N PRO OA 660 -6.27 25.57 106.02
CA PRO OA 660 -6.92 26.85 106.24
C PRO OA 660 -8.09 26.69 107.19
N PRO OA 661 -8.59 27.79 107.75
CA PRO OA 661 -9.80 27.70 108.58
C PRO OA 661 -10.99 27.26 107.76
N THR OA 662 -11.98 26.70 108.44
CA THR OA 662 -13.18 26.22 107.76
C THR OA 662 -14.19 27.33 107.51
N THR OA 663 -13.93 28.53 107.99
CA THR OA 663 -14.72 29.71 107.66
C THR OA 663 -13.84 30.68 106.90
N PHE OA 664 -14.41 31.31 105.88
CA PHE OA 664 -13.60 32.12 104.97
C PHE OA 664 -12.97 33.30 105.70
N ASN OA 665 -11.69 33.53 105.41
CA ASN OA 665 -10.96 34.69 105.87
C ASN OA 665 -10.25 35.31 104.68
N GLN OA 666 -10.46 36.60 104.46
CA GLN OA 666 -9.87 37.27 103.31
C GLN OA 666 -8.37 37.48 103.47
N SER OA 667 -7.85 37.38 104.69
CA SER OA 667 -6.44 37.66 104.93
C SER OA 667 -5.57 36.63 104.22
N LYS OA 668 -4.41 37.07 103.75
CA LYS OA 668 -3.48 36.16 103.11
C LYS OA 668 -3.05 35.08 104.10
N LEU OA 669 -2.87 33.87 103.59
CA LEU OA 669 -2.49 32.76 104.45
C LEU OA 669 -1.04 32.93 104.90
N ASN OA 670 -0.80 32.76 106.19
CA ASN OA 670 0.54 32.82 106.74
C ASN OA 670 0.97 31.51 107.39
N SER OA 671 0.10 30.51 107.40
CA SER OA 671 0.41 29.20 107.95
C SER OA 671 0.77 28.29 106.78
N PHE OA 672 2.03 27.90 106.70
CA PHE OA 672 2.52 27.10 105.59
C PHE OA 672 3.19 25.84 106.12
N ILE OA 673 3.11 24.80 105.31
CA ILE OA 673 3.83 23.57 105.60
C ILE OA 673 5.32 23.83 105.47
N THR OA 674 6.08 23.50 106.51
CA THR OA 674 7.52 23.70 106.47
C THR OA 674 8.14 22.78 105.43
N GLN OA 675 8.96 23.34 104.55
CA GLN OA 675 9.29 22.63 103.33
C GLN OA 675 10.64 23.10 102.82
N TYR OA 676 11.39 22.18 102.24
CA TYR OA 676 12.62 22.52 101.54
C TYR OA 676 12.76 21.55 100.38
N SER OA 677 13.55 21.96 99.40
CA SER OA 677 13.80 21.12 98.23
C SER OA 677 15.29 20.87 98.08
N THR OA 678 15.59 19.73 97.49
CA THR OA 678 16.96 19.38 97.13
C THR OA 678 16.94 18.78 95.73
N GLY OA 679 18.07 18.86 95.07
CA GLY OA 679 18.17 18.29 93.74
C GLY OA 679 19.59 18.40 93.25
N GLN OA 680 19.76 18.11 91.97
CA GLN OA 680 21.04 18.22 91.32
C GLN OA 680 20.98 19.35 90.29
N VAL OA 681 22.09 20.06 90.16
CA VAL OA 681 22.22 21.13 89.18
C VAL OA 681 23.44 20.80 88.32
N SER OA 682 23.27 20.87 87.01
CA SER OA 682 24.36 20.67 86.07
C SER OA 682 24.54 21.94 85.26
N VAL OA 683 25.78 22.40 85.18
CA VAL OA 683 26.13 23.51 84.30
C VAL OA 683 27.28 23.06 83.41
N GLU OA 684 27.09 23.19 82.11
CA GLU OA 684 28.11 22.85 81.13
C GLU OA 684 28.49 24.12 80.39
N ILE OA 685 29.78 24.46 80.42
CA ILE OA 685 30.28 25.63 79.70
C ILE OA 685 31.30 25.16 78.69
N GLU OA 686 31.14 25.59 77.44
CA GLU OA 686 32.14 25.39 76.42
C GLU OA 686 33.02 26.63 76.35
N TRP OA 687 34.32 26.43 76.48
CA TRP OA 687 35.29 27.52 76.42
C TRP OA 687 36.12 27.39 75.15
N GLU OA 688 36.33 28.51 74.47
CA GLU OA 688 37.26 28.55 73.36
C GLU OA 688 38.64 28.91 73.87
N LEU OA 689 39.65 28.24 73.32
CA LEU OA 689 41.03 28.42 73.75
C LEU OA 689 41.83 29.15 72.70
N GLN OA 690 42.72 30.02 73.15
CA GLN OA 690 43.74 30.62 72.29
C GLN OA 690 45.05 29.89 72.55
N LYS OA 691 45.44 29.03 71.62
CA LYS OA 691 46.68 28.29 71.77
C LYS OA 691 47.87 29.22 71.66
N GLU OA 692 48.88 28.98 72.49
CA GLU OA 692 50.10 29.76 72.42
C GLU OA 692 50.91 29.34 71.20
N ASN OA 693 51.31 30.32 70.39
CA ASN OA 693 52.16 30.09 69.24
C ASN OA 693 53.41 30.93 69.44
N SER OA 694 54.37 30.36 70.17
CA SER OA 694 55.51 31.11 70.68
C SER OA 694 56.81 30.50 70.16
N LYS OA 695 57.74 31.36 69.79
CA LYS OA 695 59.07 30.95 69.36
C LYS OA 695 60.10 31.14 70.46
N ARG OA 696 59.65 31.35 71.70
CA ARG OA 696 60.55 31.42 72.83
C ARG OA 696 61.38 30.15 72.94
N TRP OA 697 62.68 30.32 73.14
CA TRP OA 697 63.58 29.17 73.18
C TRP OA 697 63.62 28.54 74.57
N ASN OA 698 63.81 29.36 75.60
CA ASN OA 698 63.95 28.85 76.94
C ASN OA 698 62.59 28.42 77.49
N PRO OA 699 62.58 27.51 78.47
CA PRO OA 699 61.29 27.04 79.02
C PRO OA 699 60.51 28.16 79.68
N GLU OA 700 59.19 28.05 79.60
CA GLU OA 700 58.29 29.01 80.20
C GLU OA 700 58.09 28.72 81.67
N ILE OA 701 57.54 29.71 82.37
CA ILE OA 701 57.05 29.50 83.73
C ILE OA 701 55.72 28.77 83.65
N GLN OA 702 55.57 27.72 84.45
CA GLN OA 702 54.36 26.93 84.47
C GLN OA 702 53.87 26.83 85.90
N TYR OA 703 52.55 26.77 86.06
CA TYR OA 703 52.02 26.44 87.37
C TYR OA 703 52.26 24.97 87.65
N THR OA 704 52.86 24.68 88.80
CA THR OA 704 53.16 23.31 89.17
C THR OA 704 52.86 23.11 90.64
N SER OA 705 52.46 21.90 90.99
CA SER OA 705 52.38 21.54 92.39
C SER OA 705 53.77 21.37 92.96
N ASN OA 706 53.90 21.61 94.26
CA ASN OA 706 55.19 21.42 94.92
C ASN OA 706 55.55 19.95 94.97
N TYR OA 707 56.80 19.64 94.64
CA TYR OA 707 57.24 18.26 94.63
C TYR OA 707 57.48 17.72 96.03
N TYR OA 708 57.84 18.58 96.97
CA TYR OA 708 58.23 18.16 98.30
C TYR OA 708 57.04 17.61 99.08
N LYS OA 709 57.33 16.73 100.04
CA LYS OA 709 56.29 16.06 100.81
C LYS OA 709 55.54 17.05 101.68
N SER OA 710 54.30 16.69 102.01
CA SER OA 710 53.45 17.54 102.84
C SER OA 710 52.44 16.67 103.56
N THR OA 711 51.85 17.24 104.60
CA THR OA 711 50.86 16.51 105.39
C THR OA 711 49.63 16.15 104.54
N SER OA 712 49.23 17.05 103.65
CA SER OA 712 48.05 16.84 102.83
C SER OA 712 48.37 17.24 101.39
N VAL OA 713 47.60 16.69 100.47
CA VAL OA 713 47.71 17.06 99.07
C VAL OA 713 47.02 18.41 98.86
N ASP OA 714 47.70 19.31 98.16
CA ASP OA 714 47.09 20.59 97.83
C ASP OA 714 45.91 20.38 96.90
N PHE OA 715 44.85 21.15 97.12
CA PHE OA 715 43.60 21.02 96.36
C PHE OA 715 43.02 19.61 96.51
N ALA OA 716 42.98 19.14 97.75
CA ALA OA 716 42.37 17.87 98.09
C ALA OA 716 41.65 18.04 99.41
N VAL OA 717 41.11 16.96 99.92
CA VAL OA 717 40.44 16.97 101.21
C VAL OA 717 41.46 16.63 102.28
N ASN OA 718 41.20 17.08 103.50
CA ASN OA 718 42.02 16.72 104.64
C ASN OA 718 41.42 15.47 105.30
N THR OA 719 41.90 15.15 106.50
CA THR OA 719 41.41 13.96 107.19
C THR OA 719 39.96 14.09 107.63
N GLU OA 720 39.42 15.31 107.67
CA GLU OA 720 38.04 15.54 108.07
C GLU OA 720 37.10 15.68 106.90
N GLY OA 721 37.59 15.50 105.67
CA GLY OA 721 36.74 15.63 104.51
C GLY OA 721 36.56 17.04 104.00
N VAL OA 722 37.30 18.00 104.52
CA VAL OA 722 37.16 19.39 104.11
C VAL OA 722 38.05 19.63 102.90
N TYR OA 723 37.44 20.02 101.79
CA TYR OA 723 38.19 20.45 100.63
C TYR OA 723 38.65 21.88 100.81
N SER OA 724 39.92 22.13 100.48
CA SER OA 724 40.49 23.46 100.63
C SER OA 724 41.27 23.82 99.38
N GLU OA 725 41.27 25.10 99.05
CA GLU OA 725 42.13 25.63 98.00
C GLU OA 725 43.26 26.38 98.66
N PRO OA 726 44.49 25.88 98.62
CA PRO OA 726 45.55 26.47 99.45
C PRO OA 726 46.04 27.81 98.95
N ARG OA 727 45.91 28.10 97.67
CA ARG OA 727 46.43 29.34 97.10
C ARG OA 727 45.51 29.78 95.99
N PRO OA 728 45.51 31.08 95.66
CA PRO OA 728 44.80 31.53 94.46
C PRO OA 728 45.66 31.30 93.24
N ILE OA 729 45.18 30.47 92.32
CA ILE OA 729 45.90 30.20 91.09
C ILE OA 729 45.49 31.24 90.07
N GLY OA 730 46.43 32.08 89.65
CA GLY OA 730 46.17 33.03 88.60
C GLY OA 730 46.09 32.35 87.26
N THR OA 731 46.26 33.11 86.20
CA THR OA 731 46.09 32.58 84.86
C THR OA 731 47.28 32.88 83.98
N ARG OA 732 48.17 33.78 84.38
CA ARG OA 732 49.22 34.30 83.52
C ARG OA 732 50.55 33.63 83.87
N TYR OA 733 50.87 32.59 83.12
CA TYR OA 733 52.13 31.88 83.26
C TYR OA 733 52.92 31.84 81.96
N LEU OA 734 52.27 31.65 80.83
CA LEU OA 734 52.93 31.76 79.55
C LEU OA 734 53.26 33.22 79.26
N THR OA 735 54.12 33.44 78.27
CA THR OA 735 54.58 34.78 77.96
C THR OA 735 54.33 35.12 76.50
N ARG OA 736 54.13 36.40 76.25
CA ARG OA 736 54.07 36.95 74.91
C ARG OA 736 54.95 38.19 74.84
N ASN OA 737 55.43 38.48 73.64
CA ASN OA 737 56.02 39.79 73.39
C ASN OA 737 54.94 40.85 73.39
N LEU OA 738 55.34 42.08 73.61
CA LEU OA 738 54.39 43.19 73.56
C LEU OA 738 54.08 43.54 72.11
N GLY PA 221 3.36 77.92 39.27
CA GLY PA 221 2.47 79.01 38.91
C GLY PA 221 2.31 80.06 40.00
N VAL PA 222 2.05 81.30 39.59
CA VAL PA 222 1.86 82.39 40.54
C VAL PA 222 0.65 82.13 41.41
N GLY PA 223 -0.45 81.67 40.80
CA GLY PA 223 -1.71 81.50 41.50
C GLY PA 223 -1.99 80.13 42.06
N SER PA 224 -0.99 79.25 42.13
CA SER PA 224 -1.18 77.92 42.67
C SER PA 224 -0.22 77.69 43.83
N SER PA 225 -0.74 77.08 44.89
CA SER PA 225 0.08 76.75 46.05
C SER PA 225 1.11 75.68 45.69
N SER PA 226 2.33 75.84 46.19
CA SER PA 226 3.39 74.87 45.94
C SER PA 226 3.54 73.86 47.07
N GLY PA 227 2.67 73.89 48.07
CA GLY PA 227 2.71 72.91 49.13
C GLY PA 227 1.63 73.21 50.14
N ASN PA 228 1.35 72.19 50.95
CA ASN PA 228 0.31 72.26 51.96
C ASN PA 228 0.92 72.34 53.35
N TRP PA 229 0.10 72.79 54.29
CA TRP PA 229 0.50 72.86 55.69
C TRP PA 229 0.46 71.46 56.29
N HIS PA 230 1.59 71.01 56.83
CA HIS PA 230 1.73 69.67 57.39
C HIS PA 230 2.32 69.79 58.78
N CYS PA 231 1.47 69.98 59.78
CA CYS PA 231 1.85 69.86 61.17
C CYS PA 231 1.09 68.68 61.75
N ASP PA 232 1.82 67.69 62.24
CA ASP PA 232 1.21 66.45 62.68
C ASP PA 232 2.26 65.60 63.37
N SER PA 233 1.79 64.61 64.11
CA SER PA 233 2.65 63.56 64.65
C SER PA 233 1.89 62.26 64.58
N THR PA 234 2.45 61.27 63.89
CA THR PA 234 1.81 59.97 63.75
C THR PA 234 2.66 58.95 64.50
N TRP PA 235 2.04 58.31 65.48
CA TRP PA 235 2.68 57.25 66.25
C TRP PA 235 2.24 55.91 65.68
N LEU PA 236 3.19 55.13 65.20
CA LEU PA 236 2.87 53.86 64.55
C LEU PA 236 3.95 52.85 64.96
N GLY PA 237 3.58 51.97 65.88
CA GLY PA 237 4.52 50.95 66.32
C GLY PA 237 5.69 51.57 67.05
N ASP PA 238 6.90 51.21 66.60
CA ASP PA 238 8.13 51.72 67.19
C ASP PA 238 8.62 52.99 66.52
N ARG PA 239 7.78 53.64 65.72
CA ARG PA 239 8.13 54.88 65.07
C ARG PA 239 7.17 55.97 65.48
N VAL PA 240 7.68 57.20 65.53
CA VAL PA 240 6.85 58.39 65.57
C VAL PA 240 7.36 59.32 64.47
N ILE PA 241 6.46 59.81 63.64
CA ILE PA 241 6.79 60.72 62.57
C ILE PA 241 6.24 62.08 62.94
N THR PA 242 7.13 63.00 63.31
CA THR PA 242 6.75 64.37 63.56
C THR PA 242 6.93 65.17 62.28
N THR PA 243 5.91 65.94 61.92
CA THR PA 243 6.02 66.89 60.83
C THR PA 243 5.55 68.24 61.34
N SER PA 244 6.30 69.27 61.01
CA SER PA 244 5.98 70.61 61.49
C SER PA 244 6.15 71.59 60.35
N THR PA 245 5.18 72.49 60.21
CA THR PA 245 5.22 73.55 59.22
C THR PA 245 5.22 74.88 59.94
N ARG PA 246 6.03 75.80 59.46
CA ARG PA 246 6.08 77.16 60.01
C ARG PA 246 6.13 78.15 58.86
N THR PA 247 5.65 79.36 59.15
CA THR PA 247 5.80 80.48 58.24
C THR PA 247 7.06 81.24 58.62
N TRP PA 248 7.93 81.47 57.64
CA TRP PA 248 9.17 82.16 57.87
C TRP PA 248 9.18 83.48 57.09
N ALA PA 249 10.05 84.38 57.52
CA ALA PA 249 10.32 85.61 56.79
C ALA PA 249 11.82 85.78 56.69
N LEU PA 250 12.32 85.97 55.49
CA LEU PA 250 13.75 86.12 55.26
C LEU PA 250 14.04 87.54 54.79
N PRO PA 251 14.71 88.36 55.57
CA PRO PA 251 15.11 89.69 55.09
C PRO PA 251 16.33 89.58 54.20
N THR PA 252 16.70 90.71 53.62
CA THR PA 252 18.01 90.84 53.00
C THR PA 252 19.03 91.12 54.10
N TYR PA 253 20.01 90.24 54.23
CA TYR PA 253 21.04 90.38 55.26
C TYR PA 253 22.26 91.04 54.66
N ASN PA 254 22.90 91.92 55.44
CA ASN PA 254 24.18 92.51 55.13
C ASN PA 254 24.15 93.36 53.87
N ASN PA 255 22.97 93.73 53.37
CA ASN PA 255 22.84 94.42 52.09
C ASN PA 255 23.50 93.62 50.97
N HIS PA 256 23.28 92.30 50.99
CA HIS PA 256 23.79 91.35 50.01
C HIS PA 256 25.32 91.21 50.05
N LEU PA 257 25.97 91.66 51.11
CA LEU PA 257 27.42 91.67 51.17
C LEU PA 257 27.94 90.59 52.11
N TYR PA 258 29.16 90.13 51.82
CA TYR PA 258 29.95 89.39 52.78
C TYR PA 258 30.82 90.38 53.54
N LYS PA 259 30.72 90.38 54.85
CA LYS PA 259 31.50 91.31 55.66
C LYS PA 259 32.41 90.53 56.58
N GLN PA 260 33.69 90.90 56.59
CA GLN PA 260 34.59 90.38 57.59
C GLN PA 260 34.22 90.97 58.94
N ILE PA 261 34.11 90.12 59.95
CA ILE PA 261 33.76 90.53 61.31
C ILE PA 261 34.86 90.05 62.23
N SER PA 262 35.18 90.87 63.23
CA SER PA 262 36.28 90.56 64.13
C SER PA 262 35.99 91.14 65.50
N ASN PA 263 36.76 90.69 66.47
CA ASN PA 263 36.74 91.22 67.83
C ASN PA 263 38.13 91.02 68.40
N GLY PA 264 38.75 92.11 68.83
CA GLY PA 264 40.09 92.06 69.38
C GLY PA 264 40.12 92.55 70.83
N THR PA 265 41.33 92.59 71.36
CA THR PA 265 41.53 93.02 72.74
C THR PA 265 41.66 94.53 72.82
N ALA PA 269 37.41 94.10 74.79
CA ALA PA 269 37.17 92.66 74.86
C ALA PA 269 38.40 91.92 75.34
N THR PA 270 38.19 90.81 76.03
CA THR PA 270 39.31 90.01 76.50
C THR PA 270 39.77 89.05 75.40
N ASN PA 271 40.97 88.49 75.60
CA ASN PA 271 41.49 87.54 74.63
C ASN PA 271 40.61 86.31 74.51
N ASP PA 272 39.91 85.95 75.58
CA ASP PA 272 39.03 84.79 75.56
C ASP PA 272 37.87 84.95 74.59
N ASN PA 273 37.52 86.18 74.23
CA ASN PA 273 36.36 86.45 73.40
C ASN PA 273 36.73 86.98 72.02
N THR PA 274 38.00 86.90 71.63
CA THR PA 274 38.39 87.37 70.31
C THR PA 274 37.91 86.40 69.24
N TYR PA 275 37.64 86.94 68.06
CA TYR PA 275 37.27 86.09 66.93
C TYR PA 275 37.56 86.81 65.64
N PHE PA 276 37.68 86.02 64.58
CA PHE PA 276 37.71 86.51 63.20
C PHE PA 276 36.78 85.63 62.41
N GLY PA 277 35.93 86.24 61.61
CA GLY PA 277 35.00 85.46 60.83
C GLY PA 277 34.35 86.30 59.76
N TYR PA 278 33.27 85.77 59.21
CA TYR PA 278 32.58 86.44 58.12
C TYR PA 278 31.09 86.41 58.36
N SER PA 279 30.46 87.56 58.16
CA SER PA 279 29.01 87.66 58.08
C SER PA 279 28.60 87.51 56.62
N THR PA 280 27.66 86.64 56.36
CA THR PA 280 27.21 86.39 55.00
C THR PA 280 25.82 86.97 54.78
N PRO PA 281 25.45 87.26 53.54
CA PRO PA 281 24.09 87.68 53.24
C PRO PA 281 23.07 86.56 53.26
N TRP PA 282 23.46 85.36 53.67
CA TRP PA 282 22.59 84.20 53.64
C TRP PA 282 21.91 83.98 54.97
N GLY PA 283 20.67 83.56 54.92
CA GLY PA 283 20.03 82.98 56.07
C GLY PA 283 20.18 81.48 56.07
N TYR PA 284 19.76 80.86 57.16
CA TYR PA 284 19.79 79.41 57.22
C TYR PA 284 18.62 78.91 58.06
N PHE PA 285 18.17 77.70 57.75
CA PHE PA 285 17.05 77.10 58.45
C PHE PA 285 17.58 76.20 59.56
N ASP PA 286 17.07 76.42 60.76
CA ASP PA 286 17.44 75.65 61.93
C ASP PA 286 16.20 74.99 62.50
N PHE PA 287 16.26 73.68 62.69
CA PHE PA 287 15.22 72.94 63.40
C PHE PA 287 15.88 71.97 64.36
N ASN PA 288 16.96 72.43 64.99
CA ASN PA 288 17.77 71.61 65.89
C ASN PA 288 17.34 71.74 67.34
N ARG PA 289 16.04 71.93 67.58
CA ARG PA 289 15.47 71.87 68.91
C ARG PA 289 14.28 70.92 68.88
N PHE PA 290 14.09 70.20 69.97
CA PHE PA 290 13.06 69.17 69.98
C PHE PA 290 11.66 69.76 69.87
N HIS PA 291 11.44 70.97 70.42
CA HIS PA 291 10.11 71.55 70.35
C HIS PA 291 9.78 72.06 68.95
N CYS PA 292 10.74 72.09 68.04
CA CYS PA 292 10.42 72.35 66.64
C CYS PA 292 9.62 71.21 66.02
N HIS PA 293 9.65 70.04 66.64
CA HIS PA 293 9.05 68.84 66.09
C HIS PA 293 8.02 68.21 67.01
N PHE PA 294 8.27 68.22 68.31
CA PHE PA 294 7.37 67.61 69.28
C PHE PA 294 6.53 68.68 69.95
N SER PA 295 5.21 68.52 69.90
CA SER PA 295 4.35 69.27 70.79
C SER PA 295 4.59 68.80 72.22
N PRO PA 296 4.27 69.64 73.21
CA PRO PA 296 4.44 69.20 74.60
C PRO PA 296 3.71 67.91 74.91
N ARG PA 297 2.52 67.72 74.37
CA ARG PA 297 1.80 66.47 74.55
C ARG PA 297 2.52 65.32 73.86
N ASP PA 298 3.06 65.55 72.66
CA ASP PA 298 3.84 64.52 71.99
C ASP PA 298 5.10 64.19 72.77
N TRP PA 299 5.75 65.21 73.33
CA TRP PA 299 6.91 64.99 74.17
C TRP PA 299 6.54 64.14 75.38
N GLN PA 300 5.39 64.42 75.99
CA GLN PA 300 4.92 63.61 77.11
C GLN PA 300 4.69 62.17 76.69
N ARG PA 301 4.03 61.96 75.54
CA ARG PA 301 3.84 60.63 75.01
C ARG PA 301 5.17 59.91 74.83
N LEU PA 302 6.17 60.62 74.31
CA LEU PA 302 7.47 60.01 74.07
C LEU PA 302 8.15 59.63 75.37
N ILE PA 303 8.23 60.57 76.32
CA ILE PA 303 9.06 60.36 77.50
C ILE PA 303 8.39 59.50 78.55
N ASN PA 304 7.06 59.40 78.57
CA ASN PA 304 6.39 58.60 79.58
C ASN PA 304 6.29 57.13 79.19
N ASN PA 305 6.63 56.77 77.97
CA ASN PA 305 6.34 55.44 77.45
C ASN PA 305 7.51 54.77 76.75
N ASN PA 306 8.62 55.44 76.58
CA ASN PA 306 9.73 54.90 75.81
C ASN PA 306 11.02 54.99 76.59
N TRP PA 307 11.83 53.94 76.50
CA TRP PA 307 13.15 53.94 77.12
C TRP PA 307 14.16 54.68 76.28
N GLY PA 308 13.88 54.92 75.02
CA GLY PA 308 14.83 55.59 74.16
C GLY PA 308 14.20 55.97 72.85
N PHE PA 309 14.89 56.85 72.14
CA PHE PA 309 14.46 57.28 70.83
C PHE PA 309 15.68 57.80 70.08
N ARG PA 310 15.56 57.87 68.76
CA ARG PA 310 16.62 58.40 67.93
C ARG PA 310 16.02 58.81 66.59
N PRO PA 311 16.54 59.85 65.96
CA PRO PA 311 16.06 60.21 64.63
C PRO PA 311 16.50 59.18 63.60
N LYS PA 312 15.65 58.97 62.60
CA LYS PA 312 15.94 58.03 61.53
C LYS PA 312 16.12 58.71 60.19
N ARG PA 313 15.17 59.55 59.80
CA ARG PA 313 15.23 60.24 58.52
C ARG PA 313 14.50 61.56 58.67
N LEU PA 314 14.81 62.48 57.77
CA LEU PA 314 14.06 63.73 57.74
C LEU PA 314 13.79 64.12 56.30
N SER PA 315 12.68 64.80 56.10
CA SER PA 315 12.36 65.45 54.85
C SER PA 315 12.08 66.91 55.13
N PHE PA 316 12.57 67.78 54.26
CA PHE PA 316 12.50 69.22 54.44
C PHE PA 316 11.86 69.82 53.20
N LYS PA 317 10.99 70.80 53.39
CA LYS PA 317 10.30 71.41 52.27
C LYS PA 317 10.23 72.91 52.44
N LEU PA 318 10.50 73.64 51.37
CA LEU PA 318 10.26 75.07 51.27
C LEU PA 318 9.23 75.28 50.16
N PHE PA 319 8.20 76.06 50.45
CA PHE PA 319 7.10 76.19 49.50
C PHE PA 319 6.32 77.45 49.82
N ASN PA 320 5.41 77.79 48.90
CA ASN PA 320 4.58 79.00 49.01
C ASN PA 320 5.47 80.22 49.22
N ILE PA 321 6.52 80.31 48.44
CA ILE PA 321 7.48 81.40 48.55
C ILE PA 321 6.86 82.66 47.98
N GLN PA 322 6.96 83.75 48.73
CA GLN PA 322 6.53 85.07 48.28
C GLN PA 322 7.68 86.03 48.48
N VAL PA 323 8.17 86.61 47.39
CA VAL PA 323 9.20 87.63 47.46
C VAL PA 323 8.51 88.98 47.33
N LYS PA 324 8.75 89.87 48.28
CA LYS PA 324 8.01 91.11 48.37
C LYS PA 324 8.97 92.29 48.28
N GLU PA 325 8.55 93.30 47.53
CA GLU PA 325 9.31 94.52 47.37
C GLU PA 325 8.70 95.60 48.25
N VAL PA 326 9.55 96.29 49.00
CA VAL PA 326 9.12 97.38 49.86
C VAL PA 326 9.78 98.67 49.39
N THR PA 327 8.96 99.70 49.20
CA THR PA 327 9.45 100.99 48.70
C THR PA 327 9.29 102.08 49.75
N LYS PA 333 5.50 103.86 53.20
CA LYS PA 333 6.00 102.52 52.90
C LYS PA 333 4.91 101.64 52.31
N THR PA 334 5.17 101.09 51.12
CA THR PA 334 4.27 100.16 50.47
C THR PA 334 5.01 98.86 50.20
N ILE PA 335 4.33 97.75 50.42
CA ILE PA 335 4.87 96.42 50.18
C ILE PA 335 4.10 95.81 49.01
N ALA PA 336 4.82 95.36 48.00
CA ALA PA 336 4.22 94.78 46.81
C ALA PA 336 4.89 93.46 46.49
N ASN PA 337 4.15 92.58 45.83
CA ASN PA 337 4.73 91.34 45.35
C ASN PA 337 5.72 91.61 44.23
N ASN PA 338 6.85 90.93 44.26
CA ASN PA 338 7.81 90.92 43.17
C ASN PA 338 7.76 89.50 42.59
N LEU PA 339 6.86 89.30 41.62
CA LEU PA 339 6.56 87.96 41.13
C LEU PA 339 7.76 87.32 40.46
N THR PA 340 8.66 88.11 39.88
CA THR PA 340 9.78 87.59 39.14
C THR PA 340 11.05 87.48 39.96
N SER PA 341 11.01 87.85 41.24
CA SER PA 341 12.18 87.74 42.09
C SER PA 341 12.36 86.30 42.57
N THR PA 342 13.60 85.97 42.89
CA THR PA 342 13.94 84.63 43.31
C THR PA 342 14.57 84.63 44.70
N ILE PA 343 14.48 83.47 45.34
CA ILE PA 343 15.32 83.15 46.49
C ILE PA 343 16.25 82.02 46.05
N GLN PA 344 17.40 81.95 46.70
CA GLN PA 344 18.37 80.88 46.45
C GLN PA 344 18.43 79.99 47.67
N VAL PA 345 18.27 78.69 47.46
CA VAL PA 345 18.31 77.70 48.53
C VAL PA 345 19.28 76.60 48.12
N PHE PA 346 20.15 76.21 49.03
CA PHE PA 346 20.95 75.03 48.83
C PHE PA 346 21.25 74.40 50.18
N THR PA 347 21.48 73.10 50.17
CA THR PA 347 21.93 72.37 51.34
C THR PA 347 23.40 72.08 51.22
N ASP PA 348 24.15 72.32 52.30
CA ASP PA 348 25.55 71.96 52.36
C ASP PA 348 25.65 70.45 52.61
N SER PA 349 25.31 69.68 51.58
CA SER PA 349 25.20 68.23 51.72
C SER PA 349 26.56 67.57 51.87
N GLU PA 350 27.61 68.20 51.36
CA GLU PA 350 28.97 67.70 51.52
C GLU PA 350 29.66 68.24 52.75
N TYR PA 351 28.97 69.04 53.56
CA TYR PA 351 29.53 69.61 54.79
C TYR PA 351 30.80 70.39 54.50
N GLN PA 352 30.78 71.16 53.42
CA GLN PA 352 31.92 71.97 53.02
C GLN PA 352 31.91 73.35 53.66
N LEU PA 353 30.85 73.74 54.25
CA LEU PA 353 30.78 75.01 54.94
C LEU PA 353 30.99 74.81 56.44
N PRO PA 354 31.45 75.83 57.14
CA PRO PA 354 31.48 75.76 58.60
C PRO PA 354 30.09 75.47 59.14
N TYR PA 355 30.00 74.43 59.96
CA TYR PA 355 28.71 73.96 60.47
C TYR PA 355 28.40 74.73 61.74
N VAL PA 356 27.46 75.68 61.64
CA VAL PA 356 27.10 76.51 62.78
C VAL PA 356 25.86 76.03 63.50
N LEU PA 357 25.16 75.05 62.96
CA LEU PA 357 24.14 74.37 63.74
C LEU PA 357 24.81 73.57 64.85
N GLY PA 358 24.02 73.23 65.87
CA GLY PA 358 24.62 72.56 67.01
C GLY PA 358 25.43 73.46 67.90
N SER PA 359 25.17 74.76 67.88
CA SER PA 359 25.75 75.67 68.85
C SER PA 359 24.67 76.31 69.72
N ALA PA 360 23.48 75.70 69.76
CA ALA PA 360 22.37 76.15 70.59
C ALA PA 360 21.99 77.60 70.30
N HIS PA 361 21.97 77.96 69.03
CA HIS PA 361 21.67 79.33 68.63
C HIS PA 361 20.17 79.55 68.49
N GLN PA 362 19.75 80.78 68.68
CA GLN PA 362 18.39 81.18 68.39
C GLN PA 362 18.14 81.13 66.88
N GLY PA 363 16.88 81.24 66.51
CA GLY PA 363 16.50 81.22 65.11
C GLY PA 363 15.96 79.89 64.63
N CYS PA 364 15.81 78.91 65.51
CA CYS PA 364 15.17 77.66 65.12
C CYS PA 364 13.69 77.90 64.85
N LEU PA 365 13.05 76.89 64.29
CA LEU PA 365 11.61 76.94 64.10
C LEU PA 365 10.95 77.13 65.46
N PRO PA 366 9.96 78.01 65.57
CA PRO PA 366 9.36 78.27 66.87
C PRO PA 366 8.61 77.04 67.38
N PRO PA 367 8.54 76.84 68.69
CA PRO PA 367 7.78 75.71 69.22
C PRO PA 367 6.31 75.76 68.85
N PHE PA 368 5.72 76.94 68.78
CA PHE PA 368 4.30 77.07 68.50
C PHE PA 368 4.08 77.16 67.00
N PRO PA 369 3.28 76.26 66.40
CA PRO PA 369 3.13 76.26 64.94
C PRO PA 369 2.57 77.55 64.37
N ALA PA 370 1.73 78.26 65.12
CA ALA PA 370 1.16 79.50 64.62
C ALA PA 370 2.17 80.63 64.58
N ASP PA 371 3.37 80.42 65.10
CA ASP PA 371 4.33 81.50 65.26
C ASP PA 371 5.11 81.69 63.97
N VAL PA 372 5.18 82.93 63.49
CA VAL PA 372 5.96 83.28 62.32
C VAL PA 372 7.33 83.74 62.78
N PHE PA 373 8.38 83.17 62.20
CA PHE PA 373 9.73 83.41 62.68
C PHE PA 373 10.61 83.99 61.59
N MET PA 374 11.61 84.73 62.04
CA MET PA 374 12.62 85.32 61.18
C MET PA 374 13.78 84.36 61.01
N ILE PA 375 14.25 84.22 59.79
CA ILE PA 375 15.35 83.30 59.49
C ILE PA 375 16.65 83.91 59.98
N PRO PA 376 17.45 83.19 60.77
CA PRO PA 376 18.71 83.77 61.26
C PRO PA 376 19.73 83.93 60.15
N GLN PA 377 20.61 84.92 60.34
CA GLN PA 377 21.66 85.19 59.37
C GLN PA 377 22.83 84.22 59.55
N TYR PA 378 23.31 83.69 58.44
CA TYR PA 378 24.44 82.76 58.49
C TYR PA 378 25.74 83.53 58.60
N GLY PA 379 26.53 83.18 59.62
CA GLY PA 379 27.89 83.64 59.71
C GLY PA 379 28.75 82.51 60.25
N TYR PA 380 30.05 82.67 60.11
CA TYR PA 380 30.95 81.62 60.58
C TYR PA 380 32.24 82.26 61.07
N LEU PA 381 32.98 81.49 61.83
CA LEU PA 381 34.27 81.90 62.36
C LEU PA 381 35.36 81.03 61.78
N THR PA 382 36.52 81.62 61.59
CA THR PA 382 37.69 80.88 61.15
C THR PA 382 38.82 81.16 62.13
N LEU PA 383 40.03 80.74 61.80
CA LEU PA 383 41.14 80.93 62.72
C LEU PA 383 41.42 82.42 62.91
N ASN PA 384 41.69 82.79 64.15
CA ASN PA 384 41.99 84.18 64.48
C ASN PA 384 43.19 84.24 65.41
N ASN PA 385 43.91 85.37 65.32
CA ASN PA 385 44.97 85.73 66.26
C ASN PA 385 44.57 87.11 66.75
N GLY PA 386 43.86 87.16 67.87
CA GLY PA 386 43.22 88.40 68.25
C GLY PA 386 42.10 88.72 67.28
N SER PA 387 42.09 89.94 66.77
CA SER PA 387 41.13 90.32 65.74
C SER PA 387 41.64 90.07 64.33
N GLN PA 388 42.85 89.57 64.18
CA GLN PA 388 43.45 89.35 62.88
C GLN PA 388 43.23 87.91 62.42
N ALA PA 389 43.16 87.74 61.11
CA ALA PA 389 43.17 86.42 60.53
C ALA PA 389 44.60 85.92 60.40
N VAL PA 390 44.74 84.60 60.27
CA VAL PA 390 46.01 83.98 59.96
C VAL PA 390 45.93 83.43 58.54
N GLY PA 391 47.08 82.97 58.04
CA GLY PA 391 47.11 82.42 56.70
C GLY PA 391 46.23 81.20 56.53
N ARG PA 392 45.95 80.48 57.60
CA ARG PA 392 45.09 79.31 57.53
C ARG PA 392 43.61 79.67 57.62
N SER PA 393 43.27 80.93 57.87
CA SER PA 393 41.88 81.33 57.91
C SER PA 393 41.21 81.11 56.57
N SER PA 394 40.01 80.53 56.60
CA SER PA 394 39.28 80.20 55.40
C SER PA 394 38.15 81.20 55.19
N PHE PA 395 38.03 81.69 53.96
CA PHE PA 395 36.90 82.49 53.54
C PHE PA 395 36.03 81.66 52.62
N TYR PA 396 34.73 81.62 52.89
CA TYR PA 396 33.78 80.86 52.10
C TYR PA 396 32.78 81.80 51.45
N CYS PA 397 32.64 81.70 50.15
CA CYS PA 397 31.58 82.38 49.42
C CYS PA 397 30.46 81.37 49.19
N LEU PA 398 29.30 81.65 49.76
CA LEU PA 398 28.19 80.72 49.62
C LEU PA 398 27.58 80.77 48.23
N GLU PA 399 27.82 81.84 47.47
CA GLU PA 399 27.44 81.85 46.06
C GLU PA 399 28.28 80.90 45.24
N TYR PA 400 29.42 80.47 45.77
CA TYR PA 400 30.28 79.49 45.10
C TYR PA 400 29.72 78.08 45.19
N PHE PA 401 28.49 77.92 45.67
CA PHE PA 401 27.82 76.65 45.71
C PHE PA 401 26.69 76.61 44.70
N PRO PA 402 26.35 75.45 44.16
CA PRO PA 402 25.14 75.33 43.36
C PRO PA 402 23.90 75.53 44.24
N SER PA 403 23.06 76.48 43.86
CA SER PA 403 21.85 76.78 44.60
C SER PA 403 20.67 76.68 43.66
N GLN PA 404 19.56 76.17 44.17
CA GLN PA 404 18.31 76.22 43.45
C GLN PA 404 17.72 77.61 43.61
N MET PA 405 17.36 78.25 42.50
CA MET PA 405 16.69 79.54 42.55
C MET PA 405 15.20 79.32 42.38
N LEU PA 406 14.41 79.96 43.23
CA LEU PA 406 12.99 79.70 43.34
C LEU PA 406 12.23 81.00 43.14
N ARG PA 407 11.32 81.00 42.17
CA ARG PA 407 10.34 82.07 42.09
C ARG PA 407 9.13 81.69 42.94
N THR PA 408 8.10 82.53 42.91
CA THR PA 408 6.97 82.36 43.81
C THR PA 408 6.24 81.04 43.56
N GLY PA 409 6.33 80.50 42.36
CA GLY PA 409 5.69 79.23 42.05
C GLY PA 409 6.52 78.00 42.33
N ASN PA 410 7.78 78.16 42.71
CA ASN PA 410 8.68 77.04 42.90
C ASN PA 410 8.68 76.59 44.35
N ASN PA 411 9.08 75.34 44.56
CA ASN PA 411 9.29 74.81 45.89
C ASN PA 411 10.61 74.06 45.94
N PHE PA 412 11.13 73.93 47.14
CA PHE PA 412 12.39 73.25 47.39
C PHE PA 412 12.15 72.12 48.38
N GLN PA 413 12.80 70.99 48.16
CA GLN PA 413 12.68 69.89 49.10
C GLN PA 413 13.90 68.99 49.00
N PHE PA 414 14.24 68.38 50.12
CA PHE PA 414 15.27 67.36 50.15
C PHE PA 414 14.98 66.40 51.29
N THR PA 415 15.54 65.22 51.19
CA THR PA 415 15.42 64.21 52.22
C THR PA 415 16.81 63.87 52.75
N TYR PA 416 16.86 63.48 54.01
CA TYR PA 416 18.11 63.15 54.67
C TYR PA 416 17.87 61.94 55.56
N THR PA 417 18.85 61.05 55.58
CA THR PA 417 18.80 59.87 56.43
C THR PA 417 19.85 60.01 57.53
N PHE PA 418 19.41 59.90 58.77
CA PHE PA 418 20.33 59.93 59.89
C PHE PA 418 21.18 58.67 59.89
N GLU PA 419 22.45 58.82 60.25
CA GLU PA 419 23.30 57.66 60.45
C GLU PA 419 22.83 56.87 61.66
N ASP PA 420 23.31 55.64 61.76
CA ASP PA 420 22.97 54.82 62.92
C ASP PA 420 23.56 55.45 64.17
N VAL PA 421 22.71 56.02 65.00
CA VAL PA 421 23.13 56.71 66.21
C VAL PA 421 22.55 55.93 67.38
N PRO PA 422 23.20 55.89 68.54
CA PRO PA 422 22.61 55.19 69.68
C PRO PA 422 21.32 55.87 70.13
N PHE PA 423 20.41 55.05 70.66
CA PHE PA 423 19.20 55.60 71.27
C PHE PA 423 19.57 56.51 72.42
N HIS PA 424 18.91 57.65 72.51
CA HIS PA 424 19.05 58.47 73.70
C HIS PA 424 18.44 57.75 74.89
N SER PA 425 19.12 57.79 76.02
CA SER PA 425 18.65 57.11 77.22
C SER PA 425 17.49 57.92 77.81
N SER PA 426 16.28 57.56 77.41
CA SER PA 426 15.08 58.23 77.92
C SER PA 426 14.59 57.54 79.19
N TYR PA 427 15.51 57.34 80.13
CA TYR PA 427 15.22 56.62 81.36
C TYR PA 427 16.22 57.04 82.41
N ALA PA 428 15.82 56.86 83.66
CA ALA PA 428 16.73 57.00 84.79
C ALA PA 428 16.95 55.64 85.41
N HIS PA 429 18.15 55.40 85.90
CA HIS PA 429 18.44 54.10 86.50
C HIS PA 429 17.77 53.98 87.85
N SER PA 430 17.12 52.85 88.08
CA SER PA 430 16.49 52.56 89.37
C SER PA 430 17.46 51.87 90.32
N GLN PA 431 18.70 51.70 89.91
CA GLN PA 431 19.75 51.16 90.77
C GLN PA 431 20.94 52.10 90.73
N SER PA 432 21.67 52.16 91.83
CA SER PA 432 22.91 52.91 91.88
C SER PA 432 24.08 51.99 91.56
N LEU PA 433 25.14 52.59 91.02
CA LEU PA 433 26.30 51.80 90.61
C LEU PA 433 26.97 51.11 91.80
N ASP PA 434 26.95 51.73 92.97
CA ASP PA 434 27.54 51.16 94.17
C ASP PA 434 26.57 50.27 94.93
N ARG PA 435 25.40 50.00 94.37
CA ARG PA 435 24.37 49.18 95.01
C ARG PA 435 23.85 48.13 94.06
N LEU PA 436 24.74 47.50 93.30
CA LEU PA 436 24.35 46.48 92.35
C LEU PA 436 24.41 45.07 92.94
N MET PA 437 24.81 44.94 94.19
CA MET PA 437 25.03 43.66 94.82
C MET PA 437 23.79 43.15 95.54
N ASN PA 438 23.80 41.85 95.82
CA ASN PA 438 22.77 41.23 96.63
C ASN PA 438 22.92 41.69 98.07
N PRO PA 439 21.91 42.32 98.66
CA PRO PA 439 22.03 42.82 100.03
C PRO PA 439 21.85 41.77 101.11
N LEU PA 440 21.78 40.49 100.75
CA LEU PA 440 21.61 39.43 101.73
C LEU PA 440 22.81 38.51 101.87
N ILE PA 441 23.71 38.52 100.89
CA ILE PA 441 24.80 37.56 100.82
C ILE PA 441 26.12 38.28 100.97
N ASP PA 442 27.01 37.69 101.76
CA ASP PA 442 28.36 38.22 101.86
C ASP PA 442 29.14 37.95 100.58
N GLN PA 443 30.18 38.73 100.37
CA GLN PA 443 31.13 38.43 99.32
C GLN PA 443 32.12 37.38 99.77
N TYR PA 444 32.59 36.57 98.83
CA TYR PA 444 33.69 35.68 99.15
C TYR PA 444 35.04 36.39 99.09
N LEU PA 445 35.08 37.58 98.52
CA LEU PA 445 36.30 38.37 98.51
C LEU PA 445 36.47 39.10 99.84
N TYR PA 446 37.71 39.29 100.24
CA TYR PA 446 38.06 40.00 101.45
C TYR PA 446 38.60 41.38 101.11
N TYR PA 447 38.45 42.30 102.04
CA TYR PA 447 39.07 43.60 101.95
C TYR PA 447 39.85 43.86 103.23
N LEU PA 448 40.89 44.68 103.13
CA LEU PA 448 41.65 45.09 104.30
C LEU PA 448 40.75 45.92 105.20
N SER PA 449 40.35 45.37 106.33
CA SER PA 449 39.40 46.03 107.21
C SER PA 449 40.05 46.78 108.36
N ARG PA 450 41.21 46.33 108.82
CA ARG PA 450 41.92 47.04 109.87
C ARG PA 450 43.42 46.92 109.66
N THR PA 451 44.14 47.98 110.02
CA THR PA 451 45.60 47.97 109.99
C THR PA 451 46.20 48.14 111.38
N GLN PA 452 45.37 48.24 112.42
CA GLN PA 452 45.83 48.45 113.77
C GLN PA 452 44.99 47.62 114.73
N THR PA 453 45.63 47.03 115.73
CA THR PA 453 44.93 46.20 116.69
C THR PA 453 43.96 47.00 117.55
N ASN PA 459 47.95 50.26 120.89
CA ASN PA 459 47.66 49.37 119.77
C ASN PA 459 48.84 49.33 118.80
N THR PA 460 49.01 48.19 118.14
CA THR PA 460 50.12 47.95 117.24
C THR PA 460 49.61 47.68 115.83
N GLN PA 461 50.54 47.65 114.89
CA GLN PA 461 50.19 47.35 113.51
C GLN PA 461 49.73 45.91 113.37
N THR PA 462 48.76 45.70 112.48
CA THR PA 462 48.25 44.38 112.16
C THR PA 462 47.62 44.44 110.79
N LEU PA 463 47.18 43.29 110.30
CA LEU PA 463 46.44 43.21 109.03
C LEU PA 463 45.20 42.38 109.31
N GLY PA 464 44.05 43.03 109.39
CA GLY PA 464 42.77 42.37 109.55
C GLY PA 464 41.97 42.48 108.25
N PHE PA 465 41.40 41.36 107.84
CA PHE PA 465 40.65 41.28 106.60
C PHE PA 465 39.24 40.81 106.90
N SER PA 466 38.27 41.45 106.27
CA SER PA 466 36.87 41.11 106.44
C SER PA 466 36.24 40.89 105.09
N GLN PA 467 35.15 40.14 105.08
CA GLN PA 467 34.38 39.93 103.88
C GLN PA 467 33.32 41.02 103.75
N GLY PA 468 33.26 41.64 102.58
CA GLY PA 468 32.23 42.62 102.31
C GLY PA 468 30.86 41.99 102.39
N GLY PA 469 29.94 42.65 103.09
CA GLY PA 469 28.62 42.11 103.29
C GLY PA 469 27.55 43.18 103.23
N PRO PA 470 26.35 42.82 103.67
CA PRO PA 470 25.24 43.78 103.62
C PRO PA 470 25.49 45.05 104.42
N ASN PA 471 26.29 44.98 105.47
CA ASN PA 471 26.53 46.15 106.31
C ASN PA 471 27.75 46.96 105.88
N THR PA 472 28.79 46.29 105.40
CA THR PA 472 29.98 46.97 104.89
C THR PA 472 29.91 47.10 103.38
N MET PA 473 28.84 47.73 102.92
CA MET PA 473 28.55 47.78 101.50
C MET PA 473 29.48 48.74 100.77
N ALA PA 474 29.99 49.75 101.47
CA ALA PA 474 30.97 50.65 100.87
C ALA PA 474 32.31 49.96 100.66
N ASN PA 475 32.61 48.90 101.40
CA ASN PA 475 33.88 48.20 101.28
C ASN PA 475 33.86 47.06 100.28
N GLN PA 476 32.70 46.71 99.75
CA GLN PA 476 32.59 45.54 98.90
C GLN PA 476 33.38 45.73 97.60
N ALA PA 477 33.95 44.63 97.12
CA ALA PA 477 34.55 44.64 95.80
C ALA PA 477 33.49 44.88 94.74
N LYS PA 478 33.81 45.73 93.79
CA LYS PA 478 32.84 46.13 92.76
C LYS PA 478 33.53 46.09 91.40
N ASN PA 479 32.70 45.91 90.36
CA ASN PA 479 33.21 45.75 89.01
C ASN PA 479 33.32 47.04 88.22
N TRP PA 480 32.68 48.11 88.68
CA TRP PA 480 32.53 49.29 87.83
C TRP PA 480 32.81 50.54 88.64
N LEU PA 481 33.14 51.61 87.92
CA LEU PA 481 33.43 52.91 88.49
C LEU PA 481 32.47 53.95 87.91
N PRO PA 482 32.18 55.00 88.67
CA PRO PA 482 31.34 56.08 88.14
C PRO PA 482 32.05 56.80 87.00
N GLY PA 483 31.26 57.40 86.14
CA GLY PA 483 31.75 58.10 84.98
C GLY PA 483 32.74 59.19 85.32
N PRO PA 484 33.34 59.78 84.29
CA PRO PA 484 34.40 60.76 84.52
C PRO PA 484 33.88 62.05 85.13
N CYS PA 485 34.79 62.77 85.76
CA CYS PA 485 34.46 63.98 86.52
C CYS PA 485 35.33 65.14 86.06
N TYR PA 486 34.71 66.32 85.96
CA TYR PA 486 35.42 67.58 85.71
C TYR PA 486 34.74 68.61 86.62
N ARG PA 487 35.25 68.72 87.84
CA ARG PA 487 34.48 69.33 88.92
C ARG PA 487 34.12 70.78 88.64
N GLN PA 488 32.86 71.11 88.92
CA GLN PA 488 32.34 72.45 88.77
C GLN PA 488 32.09 73.07 90.13
N GLN PA 489 32.14 74.40 90.18
CA GLN PA 489 31.83 75.11 91.41
C GLN PA 489 30.34 75.01 91.71
N ARG PA 490 30.00 74.87 92.99
CA ARG PA 490 28.62 74.73 93.42
C ARG PA 490 28.02 76.10 93.68
N VAL PA 491 26.84 76.34 93.12
CA VAL PA 491 26.10 77.57 93.32
C VAL PA 491 24.73 77.21 93.89
N SER PA 492 24.30 77.94 94.90
CA SER PA 492 23.01 77.73 95.52
C SER PA 492 22.00 78.70 94.94
N THR PA 493 20.82 78.20 94.61
CA THR PA 493 19.73 79.09 94.20
C THR PA 493 19.25 79.96 95.35
N THR PA 494 19.51 79.55 96.59
CA THR PA 494 19.35 80.41 97.76
C THR PA 494 20.60 81.29 97.83
N THR PA 495 20.49 82.52 97.35
CA THR PA 495 21.67 83.34 97.13
C THR PA 495 22.42 83.63 98.43
N GLY PA 496 21.72 83.68 99.55
CA GLY PA 496 22.38 83.92 100.82
C GLY PA 496 23.40 82.86 101.19
N GLN PA 497 23.27 81.66 100.64
CA GLN PA 497 24.23 80.60 100.89
C GLN PA 497 25.46 80.68 99.99
N ASN PA 498 25.47 81.59 99.02
CA ASN PA 498 26.60 81.74 98.12
C ASN PA 498 27.61 82.73 98.69
N ASN PA 499 28.85 82.58 98.23
CA ASN PA 499 29.89 83.54 98.60
C ASN PA 499 29.55 84.91 98.04
N ASN PA 500 29.79 85.94 98.85
CA ASN PA 500 29.50 87.31 98.43
C ASN PA 500 30.65 87.82 97.56
N SER PA 501 30.67 87.32 96.33
CA SER PA 501 31.65 87.73 95.33
C SER PA 501 31.09 87.38 93.97
N ASN PA 502 31.69 88.00 92.94
CA ASN PA 502 31.31 87.73 91.55
C ASN PA 502 32.28 86.68 91.03
N PHE PA 503 31.88 85.42 91.13
CA PHE PA 503 32.76 84.30 90.79
C PHE PA 503 32.24 83.46 89.65
N ALA PA 504 31.27 83.96 88.88
CA ALA PA 504 30.72 83.17 87.79
C ALA PA 504 31.81 82.82 86.77
N TRP PA 505 32.68 83.76 86.46
CA TRP PA 505 33.78 83.55 85.54
C TRP PA 505 35.07 83.14 86.25
N THR PA 506 35.43 83.84 87.33
CA THR PA 506 36.69 83.56 88.00
C THR PA 506 36.73 82.16 88.57
N ALA PA 507 35.62 81.71 89.17
CA ALA PA 507 35.51 80.35 89.68
C ALA PA 507 34.89 79.40 88.67
N GLY PA 508 34.63 79.86 87.45
CA GLY PA 508 34.04 79.00 86.46
C GLY PA 508 34.96 77.86 86.07
N THR PA 509 34.35 76.72 85.75
CA THR PA 509 35.09 75.57 85.30
C THR PA 509 35.37 75.70 83.81
N LYS PA 510 36.64 75.75 83.45
CA LYS PA 510 37.04 76.17 82.12
C LYS PA 510 37.98 75.15 81.50
N TYR PA 511 38.06 75.21 80.17
CA TYR PA 511 39.15 74.56 79.46
C TYR PA 511 39.99 75.62 78.76
N HIS PA 512 41.23 75.26 78.48
CA HIS PA 512 42.21 76.16 77.90
C HIS PA 512 42.56 75.67 76.51
N LEU PA 513 42.40 76.55 75.51
CA LEU PA 513 42.67 76.18 74.13
C LEU PA 513 43.34 77.36 73.43
N ASN PA 514 44.58 77.15 73.00
CA ASN PA 514 45.35 78.16 72.27
C ASN PA 514 45.39 79.49 73.03
N GLY PA 515 45.71 79.41 74.32
CA GLY PA 515 45.79 80.59 75.14
C GLY PA 515 44.47 81.28 75.40
N ARG PA 516 43.35 80.64 75.07
CA ARG PA 516 42.02 81.19 75.27
C ARG PA 516 41.28 80.34 76.29
N ASN PA 517 40.65 80.99 77.26
CA ASN PA 517 39.87 80.30 78.26
C ASN PA 517 38.40 80.32 77.87
N SER PA 518 37.78 79.16 77.88
CA SER PA 518 36.36 79.02 77.59
C SER PA 518 35.75 78.17 78.68
N LEU PA 519 34.53 78.54 79.09
CA LEU PA 519 33.82 77.75 80.08
C LEU PA 519 33.58 76.33 79.55
N ALA PA 520 33.79 75.34 80.41
CA ALA PA 520 33.37 73.98 80.12
C ALA PA 520 31.87 73.90 80.40
N ASN PA 521 31.11 74.45 79.47
CA ASN PA 521 29.69 74.75 79.67
C ASN PA 521 28.87 74.03 78.60
N PRO PA 522 28.02 73.07 78.97
CA PRO PA 522 27.79 72.63 80.34
C PRO PA 522 28.79 71.58 80.81
N GLY PA 523 29.75 71.26 79.96
CA GLY PA 523 30.75 70.27 80.30
C GLY PA 523 30.21 68.86 80.21
N ILE PA 524 30.99 67.93 80.77
CA ILE PA 524 30.63 66.52 80.70
C ILE PA 524 29.40 66.26 81.56
N ALA PA 525 28.67 65.20 81.20
CA ALA PA 525 27.43 64.86 81.89
C ALA PA 525 27.75 64.40 83.31
N MET PA 526 27.41 65.23 84.28
CA MET PA 526 27.51 64.87 85.69
C MET PA 526 26.20 65.22 86.38
N ALA PA 527 25.92 64.51 87.47
CA ALA PA 527 24.72 64.79 88.23
C ALA PA 527 24.76 66.21 88.77
N THR PA 528 23.64 66.92 88.62
CA THR PA 528 23.58 68.32 89.02
C THR PA 528 23.83 68.48 90.50
N HIS PA 529 23.27 67.59 91.30
CA HIS PA 529 23.40 67.65 92.75
C HIS PA 529 23.17 66.26 93.31
N LYS PA 530 23.51 66.08 94.57
CA LYS PA 530 23.26 64.80 95.23
C LYS PA 530 21.89 64.85 95.90
N ASP PA 531 21.59 63.85 96.72
CA ASP PA 531 20.29 63.76 97.36
C ASP PA 531 20.03 64.96 98.26
N ASP PA 532 18.80 65.49 98.17
CA ASP PA 532 18.32 66.57 99.05
C ASP PA 532 19.13 67.85 98.89
N GLU PA 533 19.67 68.09 97.71
CA GLU PA 533 20.43 69.31 97.42
C GLU PA 533 19.99 69.92 96.11
N GLU PA 534 18.68 69.97 95.88
CA GLU PA 534 18.15 70.50 94.63
C GLU PA 534 18.50 71.96 94.43
N ARG PA 535 18.70 72.71 95.52
CA ARG PA 535 19.04 74.12 95.42
C ARG PA 535 20.42 74.36 94.84
N PHE PA 536 21.27 73.34 94.79
CA PHE PA 536 22.63 73.48 94.31
C PHE PA 536 22.72 73.09 92.84
N PHE PA 537 23.50 73.84 92.07
CA PHE PA 537 23.78 73.48 90.69
C PHE PA 537 25.22 73.85 90.37
N PRO PA 538 25.85 73.11 89.45
CA PRO PA 538 27.16 73.53 88.97
C PRO PA 538 27.08 74.88 88.27
N SER PA 539 28.11 75.70 88.46
CA SER PA 539 28.03 77.10 88.02
C SER PA 539 27.84 77.19 86.51
N ASN PA 540 28.55 76.37 85.74
CA ASN PA 540 28.36 76.30 84.30
C ASN PA 540 28.28 74.85 83.86
N GLY PA 541 27.49 74.05 84.57
CA GLY PA 541 27.41 72.64 84.31
C GLY PA 541 26.02 72.12 84.00
N ILE PA 542 25.07 73.01 83.74
CA ILE PA 542 23.71 72.63 83.40
C ILE PA 542 23.24 73.50 82.24
N LEU PA 543 22.26 72.98 81.51
CA LEU PA 543 21.54 73.77 80.53
C LEU PA 543 20.57 74.69 81.26
N ILE PA 544 20.60 75.97 80.92
CA ILE PA 544 19.71 76.96 81.50
C ILE PA 544 18.90 77.56 80.37
N PHE PA 545 17.60 77.32 80.40
CA PHE PA 545 16.68 77.90 79.43
C PHE PA 545 16.01 79.12 80.03
N GLY PA 546 15.74 80.10 79.19
CA GLY PA 546 15.05 81.30 79.61
C GLY PA 546 13.55 81.13 79.51
N LYS PA 547 12.84 81.67 80.50
CA LYS PA 547 11.41 81.76 80.39
C LYS PA 547 11.05 82.78 79.32
N GLN PA 548 9.78 82.78 78.92
CA GLN PA 548 9.34 83.71 77.90
C GLN PA 548 9.57 85.14 78.36
N ASN PA 549 10.11 85.96 77.46
CA ASN PA 549 10.43 87.37 77.72
C ASN PA 549 11.52 87.53 78.77
N ALA PA 550 12.38 86.52 78.93
CA ALA PA 550 13.54 86.69 79.80
C ALA PA 550 14.55 87.61 79.12
N ALA PA 551 15.21 88.43 79.92
CA ALA PA 551 16.19 89.36 79.39
C ALA PA 551 17.38 88.60 78.80
N ARG PA 552 17.96 89.17 77.74
CA ARG PA 552 19.15 88.58 77.15
C ARG PA 552 20.33 88.60 78.12
N ASP PA 553 20.51 89.71 78.83
CA ASP PA 553 21.62 89.87 79.76
C ASP PA 553 21.09 90.04 81.18
N ASN PA 554 21.74 89.36 82.13
CA ASN PA 554 21.45 89.50 83.55
C ASN PA 554 19.97 89.24 83.86
N ALA PA 555 19.45 88.17 83.30
CA ALA PA 555 18.12 87.71 83.68
C ALA PA 555 18.17 87.16 85.10
N ASP PA 556 17.15 87.48 85.89
CA ASP PA 556 17.09 86.98 87.25
C ASP PA 556 16.83 85.48 87.26
N TYR PA 557 17.09 84.85 88.41
CA TYR PA 557 16.86 83.42 88.53
C TYR PA 557 15.40 83.07 88.28
N SER PA 558 14.48 83.97 88.60
CA SER PA 558 13.07 83.71 88.35
C SER PA 558 12.73 83.76 86.87
N ASP PA 559 13.59 84.34 86.04
CA ASP PA 559 13.35 84.44 84.60
C ASP PA 559 13.98 83.31 83.81
N VAL PA 560 14.70 82.40 84.46
CA VAL PA 560 15.37 81.31 83.76
C VAL PA 560 14.87 79.99 84.31
N MET PA 561 15.11 78.94 83.55
CA MET PA 561 14.68 77.59 83.88
C MET PA 561 15.92 76.71 83.98
N LEU PA 562 16.32 76.37 85.19
CA LEU PA 562 17.47 75.52 85.39
C LEU PA 562 17.08 74.07 85.13
N THR PA 563 17.86 73.38 84.32
CA THR PA 563 17.69 71.94 84.19
C THR PA 563 18.43 71.23 85.32
N SER PA 564 18.10 69.96 85.51
CA SER PA 564 18.75 69.15 86.53
C SER PA 564 19.04 67.77 85.96
N GLU PA 565 20.30 67.35 86.07
CA GLU PA 565 20.70 66.00 85.68
C GLU PA 565 20.81 65.08 86.88
N GLU PA 566 19.93 65.25 87.87
CA GLU PA 566 19.98 64.42 89.07
C GLU PA 566 19.66 62.96 88.78
N GLU PA 567 19.02 62.66 87.65
CA GLU PA 567 18.70 61.28 87.32
C GLU PA 567 19.95 60.42 87.12
N ILE PA 568 21.07 61.03 86.78
CA ILE PA 568 22.30 60.28 86.54
C ILE PA 568 23.19 60.22 87.78
N LYS PA 569 22.65 60.57 88.95
CA LYS PA 569 23.37 60.35 90.20
C LYS PA 569 23.79 58.90 90.36
N THR PA 570 23.00 57.98 89.81
CA THR PA 570 23.23 56.56 90.01
C THR PA 570 24.52 56.10 89.34
N THR PA 571 24.96 56.78 88.31
CA THR PA 571 26.11 56.36 87.55
C THR PA 571 27.16 57.46 87.40
N ASN PA 572 26.73 58.71 87.27
CA ASN PA 572 27.68 59.80 87.09
C ASN PA 572 27.96 60.49 88.42
N PRO PA 573 29.21 60.90 88.64
CA PRO PA 573 29.50 61.66 89.86
C PRO PA 573 28.80 63.01 89.85
N VAL PA 574 28.53 63.52 91.06
CA VAL PA 574 27.91 64.83 91.18
C VAL PA 574 28.86 65.89 90.65
N ALA PA 575 28.32 66.82 89.87
CA ALA PA 575 29.15 67.80 89.16
C ALA PA 575 29.96 68.66 90.10
N THR PA 576 29.47 68.91 91.31
CA THR PA 576 30.10 69.82 92.24
C THR PA 576 30.91 69.08 93.31
N GLU PA 577 31.04 67.77 93.21
CA GLU PA 577 31.77 66.99 94.17
C GLU PA 577 33.00 66.38 93.51
N GLU PA 578 33.95 65.97 94.34
CA GLU PA 578 35.13 65.27 93.84
C GLU PA 578 34.76 63.89 93.32
N TYR PA 579 35.56 63.41 92.37
CA TYR PA 579 35.34 62.07 91.85
C TYR PA 579 35.59 61.03 92.93
N GLY PA 580 36.65 61.21 93.70
CA GLY PA 580 37.00 60.22 94.69
C GLY PA 580 38.29 60.60 95.39
N ILE PA 581 38.91 59.61 96.00
CA ILE PA 581 40.09 59.80 96.82
C ILE PA 581 41.17 58.84 96.33
N VAL PA 582 42.39 59.35 96.16
CA VAL PA 582 43.53 58.50 95.81
C VAL PA 582 44.63 58.76 96.83
N ALA PA 583 45.54 57.79 96.92
CA ALA PA 583 46.71 57.94 97.77
C ALA PA 583 47.65 58.99 97.19
N ASP PA 584 48.23 59.80 98.06
CA ASP PA 584 49.15 60.84 97.64
C ASP PA 584 50.60 60.55 98.01
N ASN PA 585 50.86 59.48 98.76
CA ASN PA 585 52.21 59.18 99.20
C ASN PA 585 52.31 57.67 99.46
N LEU PA 586 53.44 57.25 100.01
CA LEU PA 586 53.66 55.88 100.45
C LEU PA 586 53.77 55.90 101.97
N GLN PA 587 52.76 55.36 102.64
CA GLN PA 587 52.80 55.32 104.10
C GLN PA 587 53.87 54.38 104.59
N GLN PA 588 54.55 54.77 105.65
CA GLN PA 588 55.52 53.95 106.35
C GLN PA 588 55.22 54.05 107.84
N GLN PA 589 56.01 53.34 108.64
CA GLN PA 589 55.83 53.42 110.09
C GLN PA 589 56.09 54.83 110.62
N ASN PA 590 56.80 55.67 109.86
CA ASN PA 590 57.06 57.04 110.27
C ASN PA 590 56.25 58.08 109.50
N THR PA 591 55.65 57.72 108.37
CA THR PA 591 54.87 58.66 107.57
C THR PA 591 53.43 58.18 107.48
N ALA PA 592 52.50 58.97 108.01
CA ALA PA 592 51.10 58.61 107.92
C ALA PA 592 50.62 58.70 106.47
N PRO PA 593 49.69 57.83 106.08
CA PRO PA 593 49.19 57.88 104.71
C PRO PA 593 48.49 59.20 104.43
N GLN PA 594 48.70 59.72 103.24
CA GLN PA 594 48.08 60.95 102.78
C GLN PA 594 47.17 60.65 101.60
N ILE PA 595 46.06 61.38 101.53
CA ILE PA 595 45.07 61.16 100.48
C ILE PA 595 44.96 62.40 99.63
N GLY PA 596 44.72 62.19 98.34
CA GLY PA 596 44.50 63.26 97.39
C GLY PA 596 43.06 63.24 96.91
N THR PA 597 42.47 64.42 96.79
CA THR PA 597 41.10 64.57 96.33
C THR PA 597 41.11 64.71 94.82
N VAL PA 598 40.43 63.81 94.13
CA VAL PA 598 40.39 63.79 92.66
C VAL PA 598 39.24 64.70 92.23
N ASN PA 599 39.60 65.89 91.76
CA ASN PA 599 38.61 66.85 91.26
C ASN PA 599 38.43 66.78 89.75
N SER PA 600 39.26 66.01 89.06
CA SER PA 600 39.13 65.83 87.62
C SER PA 600 39.62 64.43 87.31
N GLN PA 601 38.75 63.60 86.74
CA GLN PA 601 39.07 62.21 86.45
C GLN PA 601 38.70 61.91 85.01
N GLY PA 602 39.70 61.58 84.21
CA GLY PA 602 39.47 61.11 82.87
C GLY PA 602 39.02 59.66 82.86
N ALA PA 603 38.85 59.13 81.66
CA ALA PA 603 38.30 57.79 81.50
C ALA PA 603 39.20 56.75 82.16
N LEU PA 604 38.59 55.90 82.96
CA LEU PA 604 39.25 54.74 83.55
C LEU PA 604 38.53 53.47 83.09
N PRO PA 605 39.26 52.36 82.96
CA PRO PA 605 38.58 51.11 82.59
C PRO PA 605 37.57 50.72 83.65
N GLY PA 606 36.46 50.15 83.20
CA GLY PA 606 35.37 49.82 84.08
C GLY PA 606 34.46 50.98 84.42
N MET PA 607 34.72 52.17 83.88
CA MET PA 607 33.88 53.31 84.15
C MET PA 607 32.64 53.28 83.27
N VAL PA 608 31.49 53.61 83.85
CA VAL PA 608 30.25 53.71 83.11
C VAL PA 608 29.62 55.06 83.45
N TRP PA 609 28.86 55.60 82.51
CA TRP PA 609 28.23 56.90 82.73
C TRP PA 609 27.03 57.04 81.81
N GLN PA 610 26.20 58.01 82.13
CA GLN PA 610 25.07 58.40 81.31
C GLN PA 610 25.37 59.74 80.64
N ASN PA 611 24.79 59.95 79.47
CA ASN PA 611 24.89 61.23 78.81
C ASN PA 611 23.94 62.23 79.46
N ARG PA 612 24.13 63.50 79.10
CA ARG PA 612 23.19 64.52 79.52
C ARG PA 612 21.82 64.26 78.91
N ASP PA 613 20.77 64.58 79.67
CA ASP PA 613 19.42 64.43 79.17
C ASP PA 613 19.15 65.42 78.04
N VAL PA 614 18.24 65.05 77.15
CA VAL PA 614 17.73 65.98 76.17
C VAL PA 614 16.45 66.60 76.72
N TYR PA 615 16.10 67.76 76.18
CA TYR PA 615 14.96 68.52 76.66
C TYR PA 615 14.10 68.93 75.48
N LEU PA 616 12.82 69.16 75.76
CA LEU PA 616 11.91 69.62 74.73
C LEU PA 616 12.40 70.91 74.09
N GLN PA 617 12.97 71.80 74.91
CA GLN PA 617 13.55 73.04 74.43
C GLN PA 617 15.00 72.89 74.00
N GLY PA 618 15.62 71.75 74.23
CA GLY PA 618 17.03 71.59 74.01
C GLY PA 618 17.40 71.19 72.60
N PRO PA 619 18.70 71.15 72.31
CA PRO PA 619 19.15 70.74 70.99
C PRO PA 619 18.94 69.25 70.74
N ILE PA 620 18.85 68.90 69.47
CA ILE PA 620 18.67 67.51 69.05
C ILE PA 620 19.99 66.86 68.69
N TRP PA 621 20.77 67.50 67.82
CA TRP PA 621 21.99 66.90 67.32
C TRP PA 621 23.10 67.94 67.30
N ALA PA 622 24.33 67.44 67.22
CA ALA PA 622 25.49 68.26 66.93
C ALA PA 622 26.37 67.51 65.94
N LYS PA 623 27.09 68.26 65.14
CA LYS PA 623 28.07 67.66 64.25
C LYS PA 623 29.31 67.26 65.05
N ILE PA 624 29.69 66.00 64.96
CA ILE PA 624 30.94 65.56 65.56
C ILE PA 624 32.06 66.20 64.76
N PRO PA 625 32.96 66.95 65.38
CA PRO PA 625 34.05 67.57 64.63
C PRO PA 625 34.88 66.52 63.91
N HIS PA 626 35.30 66.84 62.70
CA HIS PA 626 36.11 65.93 61.91
C HIS PA 626 37.53 65.97 62.45
N THR PA 627 37.85 65.03 63.33
CA THR PA 627 39.16 64.96 63.97
C THR PA 627 39.69 63.53 63.90
N ASP PA 628 40.97 63.39 64.17
CA ASP PA 628 41.58 62.07 64.23
C ASP PA 628 40.98 61.23 65.34
N GLY PA 629 40.77 61.82 66.50
CA GLY PA 629 40.27 61.07 67.64
C GLY PA 629 39.20 61.85 68.37
N ASN PA 630 38.24 61.11 68.89
CA ASN PA 630 37.27 61.64 69.83
C ASN PA 630 36.99 60.56 70.85
N PHE PA 631 36.54 60.97 72.02
CA PHE PA 631 36.15 60.03 73.07
C PHE PA 631 34.67 60.25 73.36
N HIS PA 632 33.87 59.21 73.18
CA HIS PA 632 32.44 59.23 73.40
C HIS PA 632 31.83 60.47 72.76
N PRO PA 633 31.76 60.54 71.43
CA PRO PA 633 31.36 61.79 70.78
C PRO PA 633 29.89 62.08 70.92
N SER PA 634 29.41 62.13 72.13
CA SER PA 634 28.07 62.59 72.42
C SER PA 634 28.11 64.07 72.76
N PRO PA 635 27.32 64.92 72.11
CA PRO PA 635 27.41 66.36 72.34
C PRO PA 635 27.15 66.70 73.79
N LEU PA 636 27.93 67.66 74.30
CA LEU PA 636 27.89 67.92 75.74
C LEU PA 636 26.62 68.63 76.17
N MET PA 637 26.05 69.50 75.34
CA MET PA 637 24.76 70.07 75.67
C MET PA 637 23.61 69.11 75.39
N GLY PA 638 23.91 67.85 75.12
CA GLY PA 638 22.90 66.83 74.96
C GLY PA 638 22.52 66.62 73.50
N GLY PA 639 22.01 65.43 73.23
CA GLY PA 639 21.53 65.09 71.91
C GLY PA 639 22.37 64.02 71.24
N PHE PA 640 22.26 63.98 69.93
CA PHE PA 640 22.87 62.94 69.12
C PHE PA 640 24.08 63.51 68.40
N GLY PA 641 25.23 62.88 68.60
CA GLY PA 641 26.42 63.25 67.86
C GLY PA 641 26.43 62.57 66.51
N LEU PA 642 26.51 63.36 65.45
CA LEU PA 642 26.45 62.83 64.08
C LEU PA 642 27.70 63.25 63.32
N LYS PA 643 28.35 62.28 62.69
CA LYS PA 643 29.44 62.61 61.77
C LYS PA 643 28.90 63.40 60.58
N HIS PA 644 27.73 63.02 60.09
CA HIS PA 644 27.08 63.68 58.95
C HIS PA 644 25.68 64.10 59.41
N PRO PA 645 25.58 65.24 60.09
CA PRO PA 645 24.30 65.68 60.62
C PRO PA 645 23.38 66.16 59.51
N PRO PA 646 22.15 66.51 59.81
CA PRO PA 646 21.31 67.16 58.81
C PRO PA 646 22.02 68.37 58.22
N PRO PA 647 22.10 68.46 56.90
CA PRO PA 647 22.90 69.51 56.29
C PRO PA 647 22.32 70.88 56.56
N GLN PA 648 23.20 71.87 56.62
CA GLN PA 648 22.76 73.25 56.71
C GLN PA 648 21.99 73.62 55.46
N ILE PA 649 20.84 74.27 55.65
CA ILE PA 649 20.01 74.72 54.55
C ILE PA 649 20.15 76.24 54.48
N LEU PA 650 20.83 76.72 53.46
CA LEU PA 650 21.15 78.13 53.31
C LEU PA 650 20.14 78.75 52.35
N ILE PA 651 19.62 79.91 52.73
CA ILE PA 651 18.61 80.59 51.93
C ILE PA 651 18.98 82.06 51.85
N LYS PA 652 18.76 82.65 50.68
CA LYS PA 652 19.08 84.04 50.45
C LYS PA 652 18.11 84.63 49.44
N ASN PA 653 17.73 85.88 49.65
CA ASN PA 653 17.04 86.62 48.62
C ASN PA 653 18.04 87.00 47.54
N THR PA 654 17.74 86.63 46.30
CA THR PA 654 18.60 87.01 45.20
C THR PA 654 18.60 88.52 45.05
N PRO PA 655 19.75 89.17 45.03
CA PRO PA 655 19.77 90.63 44.89
C PRO PA 655 19.12 91.05 43.58
N VAL PA 656 18.26 92.06 43.67
CA VAL PA 656 17.63 92.66 42.50
C VAL PA 656 18.13 94.09 42.40
N PRO PA 657 19.02 94.40 41.45
CA PRO PA 657 19.55 95.76 41.36
C PRO PA 657 18.45 96.77 41.09
N ALA PA 658 18.61 97.96 41.66
CA ALA PA 658 17.84 99.10 41.21
C ALA PA 658 18.33 99.52 39.82
N ASP PA 659 17.77 100.59 39.30
CA ASP PA 659 18.11 100.99 37.94
C ASP PA 659 19.59 101.36 37.87
N PRO PA 660 20.38 100.69 37.03
CA PRO PA 660 21.78 101.05 36.88
C PRO PA 660 21.91 102.34 36.11
N PRO PA 661 23.08 102.99 36.16
CA PRO PA 661 23.28 104.18 35.33
C PRO PA 661 23.26 103.82 33.85
N THR PA 662 22.96 104.82 33.03
CA THR PA 662 22.89 104.60 31.59
C THR PA 662 24.25 104.64 30.91
N THR PA 663 25.30 104.96 31.66
CA THR PA 663 26.68 104.86 31.17
C THR PA 663 27.39 103.79 31.99
N PHE PA 664 28.22 103.00 31.33
CA PHE PA 664 28.80 101.84 31.98
C PHE PA 664 29.72 102.26 33.13
N ASN PA 665 29.58 101.55 34.25
CA ASN PA 665 30.47 101.69 35.39
C ASN PA 665 30.91 100.30 35.81
N GLN PA 666 32.22 100.11 35.93
CA GLN PA 666 32.76 98.80 36.27
C GLN PA 666 32.51 98.44 37.72
N SER PA 667 32.22 99.42 38.57
CA SER PA 667 32.06 99.16 39.99
C SER PA 667 30.87 98.25 40.24
N LYS PA 668 30.99 97.39 41.25
CA LYS PA 668 29.88 96.52 41.62
C LYS PA 668 28.67 97.37 42.02
N LEU PA 669 27.49 96.89 41.66
CA LEU PA 669 26.27 97.61 41.98
C LEU PA 669 26.00 97.54 43.47
N ASN PA 670 25.69 98.69 44.08
CA ASN PA 670 25.33 98.76 45.48
C ASN PA 670 23.93 99.27 45.70
N SER PA 671 23.22 99.63 44.63
CA SER PA 671 21.85 100.10 44.72
C SER PA 671 20.93 98.93 44.39
N PHE PA 672 20.20 98.45 45.39
CA PHE PA 672 19.36 97.27 45.23
C PHE PA 672 17.93 97.60 45.64
N ILE PA 673 17.00 96.91 45.00
CA ILE PA 673 15.60 97.01 45.39
C ILE PA 673 15.43 96.37 46.76
N THR PA 674 14.85 97.11 47.69
CA THR PA 674 14.63 96.58 49.03
C THR PA 674 13.63 95.45 48.97
N GLN PA 675 13.98 94.31 49.57
CA GLN PA 675 13.27 93.09 49.27
C GLN PA 675 13.36 92.14 50.45
N TYR PA 676 12.30 91.38 50.66
CA TYR PA 676 12.31 90.30 51.63
C TYR PA 676 11.41 89.19 51.10
N SER PA 677 11.62 87.98 51.59
CA SER PA 677 10.81 86.85 51.19
C SER PA 677 10.16 86.23 52.40
N THR PA 678 9.01 85.61 52.15
CA THR PA 678 8.32 84.83 53.16
C THR PA 678 7.83 83.56 52.50
N GLY PA 679 7.60 82.55 53.32
CA GLY PA 679 7.11 81.29 52.81
C GLY PA 679 6.84 80.34 53.95
N GLN PA 680 6.58 79.10 53.59
CA GLN PA 680 6.36 78.05 54.57
C GLN PA 680 7.50 77.05 54.49
N VAL PA 681 7.88 76.53 55.64
CA VAL PA 681 8.91 75.51 55.75
C VAL PA 681 8.30 74.31 56.45
N SER PA 682 8.49 73.13 55.89
CA SER PA 682 8.04 71.89 56.49
C SER PA 682 9.25 71.01 56.76
N VAL PA 683 9.34 70.50 57.97
CA VAL PA 683 10.35 69.52 58.32
C VAL PA 683 9.63 68.31 58.92
N GLU PA 684 9.88 67.14 58.37
CA GLU PA 684 9.33 65.89 58.85
C GLU PA 684 10.46 65.01 59.32
N ILE PA 685 10.43 64.59 60.58
CA ILE PA 685 11.43 63.70 61.13
C ILE PA 685 10.76 62.42 61.58
N GLU PA 686 11.28 61.28 61.14
CA GLU PA 686 10.86 60.00 61.64
C GLU PA 686 11.80 59.58 62.76
N TRP PA 687 11.23 59.27 63.92
CA TRP PA 687 11.99 58.84 65.07
C TRP PA 687 11.70 57.39 65.36
N GLU PA 688 12.75 56.63 65.66
CA GLU PA 688 12.59 55.26 66.12
C GLU PA 688 12.50 55.26 67.64
N LEU PA 689 11.60 54.45 68.17
CA LEU PA 689 11.36 54.39 69.60
C LEU PA 689 11.89 53.09 70.18
N GLN PA 690 12.43 53.18 71.39
CA GLN PA 690 12.76 52.01 72.19
C GLN PA 690 11.68 51.84 73.23
N LYS PA 691 10.79 50.88 73.03
CA LYS PA 691 9.73 50.63 73.98
C LYS PA 691 10.28 50.08 75.29
N GLU PA 692 9.71 50.54 76.39
CA GLU PA 692 10.12 50.03 77.69
C GLU PA 692 9.56 48.63 77.90
N ASN PA 693 10.43 47.70 78.27
CA ASN PA 693 10.02 46.33 78.58
C ASN PA 693 10.45 46.07 80.02
N SER PA 694 9.60 46.46 80.96
CA SER PA 694 9.96 46.53 82.36
C SER PA 694 9.03 45.64 83.18
N LYS PA 695 9.62 44.93 84.14
CA LYS PA 695 8.86 44.11 85.08
C LYS PA 695 8.69 44.79 86.42
N ARG PA 696 8.94 46.09 86.49
CA ARG PA 696 8.70 46.86 87.70
C ARG PA 696 7.24 46.74 88.11
N TRP PA 697 7.02 46.49 89.40
CA TRP PA 697 5.66 46.28 89.89
C TRP PA 697 4.97 47.60 90.21
N ASN PA 698 5.63 48.46 90.95
CA ASN PA 698 5.04 49.72 91.37
C ASN PA 698 4.99 50.70 90.21
N PRO PA 699 4.07 51.68 90.27
CA PRO PA 699 3.96 52.63 89.17
C PRO PA 699 5.22 53.47 89.00
N GLU PA 700 5.49 53.84 87.75
CA GLU PA 700 6.64 54.66 87.42
C GLU PA 700 6.34 56.13 87.66
N ILE PA 701 7.39 56.93 87.67
CA ILE PA 701 7.25 58.37 87.62
C ILE PA 701 6.94 58.78 86.19
N GLN PA 702 5.94 59.63 86.02
CA GLN PA 702 5.53 60.09 84.71
C GLN PA 702 5.49 61.60 84.71
N TYR PA 703 5.81 62.20 83.57
CA TYR PA 703 5.58 63.62 83.44
C TYR PA 703 4.09 63.87 83.32
N THR PA 704 3.57 64.77 84.15
CA THR PA 704 2.15 65.07 84.16
C THR PA 704 1.97 66.57 84.31
N SER PA 705 0.90 67.08 83.73
CA SER PA 705 0.50 68.45 84.01
C SER PA 705 -0.09 68.53 85.41
N ASN PA 706 0.03 69.70 86.02
CA ASN PA 706 -0.55 69.90 87.34
C ASN PA 706 -2.07 69.90 87.26
N TYR PA 707 -2.70 69.18 88.19
CA TYR PA 707 -4.16 69.09 88.18
C TYR PA 707 -4.82 70.35 88.71
N TYR PA 708 -4.13 71.08 89.60
CA TYR PA 708 -4.74 72.21 90.27
C TYR PA 708 -4.96 73.37 89.30
N LYS PA 709 -5.93 74.22 89.63
CA LYS PA 709 -6.32 75.32 88.76
C LYS PA 709 -5.20 76.34 88.65
N SER PA 710 -5.21 77.09 87.54
CA SER PA 710 -4.21 78.11 87.31
C SER PA 710 -4.79 79.16 86.38
N THR PA 711 -4.13 80.33 86.36
CA THR PA 711 -4.59 81.43 85.52
C THR PA 711 -4.53 81.06 84.04
N SER PA 712 -3.51 80.31 83.65
CA SER PA 712 -3.34 79.93 82.25
C SER PA 712 -2.96 78.46 82.18
N VAL PA 713 -3.22 77.87 81.01
CA VAL PA 713 -2.82 76.50 80.76
C VAL PA 713 -1.32 76.47 80.45
N ASP PA 714 -0.60 75.55 81.09
CA ASP PA 714 0.81 75.38 80.80
C ASP PA 714 1.00 74.90 79.37
N PHE PA 715 2.03 75.44 78.71
CA PHE PA 715 2.30 75.15 77.31
C PHE PA 715 1.11 75.54 76.43
N ALA PA 716 0.60 76.74 76.67
CA ALA PA 716 -0.46 77.32 75.87
C ALA PA 716 -0.17 78.81 75.71
N VAL PA 717 -1.07 79.51 75.09
CA VAL PA 717 -0.93 80.94 74.92
C VAL PA 717 -1.61 81.63 76.09
N ASN PA 718 -1.18 82.85 76.39
CA ASN PA 718 -1.82 83.67 77.39
C ASN PA 718 -2.87 84.54 76.72
N THR PA 719 -3.39 85.52 77.45
CA THR PA 719 -4.43 86.39 76.90
C THR PA 719 -3.91 87.28 75.78
N GLU PA 720 -2.59 87.45 75.67
CA GLU PA 720 -1.99 88.28 74.63
C GLU PA 720 -1.53 87.47 73.43
N GLY PA 721 -1.77 86.17 73.41
CA GLY PA 721 -1.34 85.35 72.31
C GLY PA 721 0.08 84.87 72.37
N VAL PA 722 0.77 85.06 73.48
CA VAL PA 722 2.16 84.66 73.62
C VAL PA 722 2.21 83.22 74.09
N TYR PA 723 2.81 82.36 73.28
CA TYR PA 723 3.07 81.00 73.69
C TYR PA 723 4.30 80.95 74.59
N SER PA 724 4.19 80.21 75.68
CA SER PA 724 5.29 80.09 76.62
C SER PA 724 5.47 78.63 77.03
N GLU PA 725 6.72 78.26 77.28
CA GLU PA 725 7.04 76.98 77.85
C GLU PA 725 7.40 77.18 79.31
N PRO PA 726 6.56 76.76 80.25
CA PRO PA 726 6.79 77.17 81.65
C PRO PA 726 7.95 76.46 82.31
N ARG PA 727 8.34 75.28 81.85
CA ARG PA 727 9.40 74.52 82.48
C ARG PA 727 10.16 73.76 81.41
N PRO PA 728 11.42 73.39 81.68
CA PRO PA 728 12.12 72.48 80.77
C PRO PA 728 11.72 71.04 81.08
N ILE PA 729 11.11 70.38 80.10
CA ILE PA 729 10.71 68.99 80.27
C ILE PA 729 11.89 68.12 79.84
N GLY PA 730 12.44 67.39 80.80
CA GLY PA 730 13.48 66.44 80.49
C GLY PA 730 12.92 65.23 79.77
N THR PA 731 13.66 64.13 79.79
CA THR PA 731 13.27 62.96 79.04
C THR PA 731 13.28 61.70 79.91
N ARG PA 732 13.86 61.75 81.09
CA ARG PA 732 14.11 60.57 81.91
C ARG PA 732 13.06 60.49 83.02
N TYR PA 733 12.01 59.73 82.76
CA TYR PA 733 10.97 59.46 83.73
C TYR PA 733 10.78 57.98 84.01
N LEU PA 734 10.84 57.14 82.99
CA LEU PA 734 10.84 55.71 83.18
C LEU PA 734 12.15 55.26 83.81
N THR PA 735 12.17 54.04 84.31
CA THR PA 735 13.34 53.53 85.01
C THR PA 735 13.81 52.22 84.38
N ARG PA 736 15.11 51.98 84.51
CA ARG PA 736 15.73 50.73 84.16
C ARG PA 736 16.66 50.30 85.27
N ASN PA 737 16.87 49.00 85.39
CA ASN PA 737 17.96 48.52 86.22
C ASN PA 737 19.30 48.82 85.55
N LEU PA 738 20.35 48.85 86.35
CA LEU PA 738 21.67 49.06 85.79
C LEU PA 738 22.18 47.78 85.14
N GLY QA 221 0.03 12.52 86.44
CA GLY QA 221 0.94 11.82 87.33
C GLY QA 221 1.16 12.51 88.66
N VAL QA 222 1.44 11.71 89.70
CA VAL QA 222 1.70 12.27 91.02
C VAL QA 222 2.94 13.15 91.01
N GLY QA 223 3.99 12.69 90.35
CA GLY QA 223 5.27 13.37 90.36
C GLY QA 223 5.54 14.32 89.23
N SER QA 224 4.52 14.70 88.46
CA SER QA 224 4.69 15.62 87.35
C SER QA 224 3.77 16.83 87.54
N SER QA 225 4.31 18.01 87.28
CA SER QA 225 3.52 19.23 87.37
C SER QA 225 2.47 19.26 86.26
N SER QA 226 1.27 19.72 86.62
CA SER QA 226 0.17 19.82 85.66
C SER QA 226 0.03 21.21 85.06
N GLY QA 227 0.94 22.11 85.39
CA GLY QA 227 0.91 23.44 84.80
C GLY QA 227 2.03 24.28 85.35
N ASN QA 228 2.31 25.37 84.64
CA ASN QA 228 3.39 26.27 84.98
C ASN QA 228 2.85 27.58 85.54
N TRP QA 229 3.71 28.31 86.22
CA TRP QA 229 3.36 29.62 86.75
C TRP QA 229 3.39 30.63 85.61
N HIS QA 230 2.26 31.32 85.40
CA HIS QA 230 2.11 32.27 84.30
C HIS QA 230 1.57 33.58 84.88
N CYS QA 231 2.47 34.43 85.34
CA CYS QA 231 2.13 35.81 85.69
C CYS QA 231 2.87 36.71 84.72
N ASP QA 232 2.13 37.50 83.96
CA ASP QA 232 2.74 38.31 82.91
C ASP QA 232 1.69 39.26 82.36
N SER QA 233 2.15 40.26 81.63
CA SER QA 233 1.29 41.12 80.85
C SER QA 233 2.02 41.44 79.56
N THR QA 234 1.42 41.13 78.43
CA THR QA 234 2.01 41.39 77.13
C THR QA 234 1.17 42.45 76.43
N TRP QA 235 1.80 43.57 76.11
CA TRP QA 235 1.16 44.65 75.37
C TRP QA 235 1.55 44.52 73.91
N LEU QA 236 0.56 44.34 73.04
CA LEU QA 236 0.81 44.11 71.63
C LEU QA 236 -0.25 44.86 70.84
N GLY QA 237 0.12 46.00 70.28
CA GLY QA 237 -0.83 46.77 69.49
C GLY QA 237 -1.96 47.29 70.35
N ASP QA 238 -3.19 47.01 69.92
CA ASP QA 238 -4.39 47.44 70.61
C ASP QA 238 -4.87 46.41 71.64
N ARG QA 239 -4.05 45.43 71.96
CA ARG QA 239 -4.39 44.42 72.95
C ARG QA 239 -3.38 44.44 74.07
N VAL QA 240 -3.86 44.12 75.27
CA VAL QA 240 -3.00 43.74 76.39
C VAL QA 240 -3.53 42.43 76.94
N ILE QA 241 -2.63 41.46 77.11
CA ILE QA 241 -3.00 40.16 77.64
C ILE QA 241 -2.39 40.06 79.03
N THR QA 242 -3.25 40.14 80.05
CA THR QA 242 -2.82 39.94 81.42
C THR QA 242 -3.02 38.47 81.77
N THR QA 243 -2.00 37.87 82.35
CA THR QA 243 -2.12 36.53 82.91
C THR QA 243 -1.60 36.57 84.33
N SER QA 244 -2.34 35.95 85.24
CA SER QA 244 -1.97 35.97 86.65
C SER QA 244 -2.15 34.58 87.22
N THR QA 245 -1.16 34.14 87.98
CA THR QA 245 -1.21 32.87 88.68
C THR QA 245 -1.15 33.13 90.18
N ARG QA 246 -1.96 32.40 90.92
CA ARG QA 246 -1.96 32.49 92.38
C ARG QA 246 -2.01 31.09 92.97
N THR QA 247 -1.50 30.97 94.18
CA THR QA 247 -1.66 29.75 94.95
C THR QA 247 -2.87 29.90 95.85
N TRP QA 248 -3.78 28.93 95.78
CA TRP QA 248 -5.00 28.95 96.56
C TRP QA 248 -4.99 27.80 97.56
N ALA QA 249 -5.83 27.94 98.59
CA ALA QA 249 -6.09 26.87 99.53
C ALA QA 249 -7.59 26.77 99.71
N LEU QA 250 -8.13 25.57 99.52
CA LEU QA 250 -9.56 25.35 99.65
C LEU QA 250 -9.83 24.44 100.85
N PRO QA 251 -10.45 24.94 101.90
CA PRO QA 251 -10.83 24.08 103.02
C PRO QA 251 -12.09 23.30 102.68
N THR QA 252 -12.45 22.41 103.58
CA THR QA 252 -13.78 21.82 103.55
C THR QA 252 -14.75 22.79 104.20
N TYR QA 253 -15.74 23.22 103.45
CA TYR QA 253 -16.73 24.17 103.94
C TYR QA 253 -17.96 23.42 104.42
N ASN QA 254 -18.54 23.90 105.53
CA ASN QA 254 -19.83 23.44 106.03
C ASN QA 254 -19.82 21.98 106.44
N ASN QA 255 -18.65 21.37 106.59
CA ASN QA 255 -18.55 19.93 106.83
C ASN QA 255 -19.27 19.14 105.74
N HIS QA 256 -19.08 19.58 104.50
CA HIS QA 256 -19.65 18.97 103.29
C HIS QA 256 -21.17 19.09 103.23
N LEU QA 257 -21.77 19.97 104.01
CA LEU QA 257 -23.22 20.05 104.09
C LEU QA 257 -23.74 21.30 103.39
N TYR QA 258 -24.97 21.21 102.91
CA TYR QA 258 -25.74 22.38 102.54
C TYR QA 258 -26.57 22.79 103.75
N LYS QA 259 -26.42 24.04 104.16
CA LYS QA 259 -27.14 24.54 105.32
C LYS QA 259 -28.04 25.68 104.90
N GLN QA 260 -29.31 25.60 105.30
CA GLN QA 260 -30.19 26.74 105.17
C GLN QA 260 -29.75 27.82 106.14
N ILE QA 261 -29.62 29.04 105.65
CA ILE QA 261 -29.22 30.19 106.45
C ILE QA 261 -30.30 31.25 106.33
N SER QA 262 -30.56 31.94 107.43
CA SER QA 262 -31.64 32.92 107.47
C SER QA 262 -31.28 34.03 108.44
N ASN QA 263 -32.03 35.12 108.34
CA ASN QA 263 -31.94 36.23 109.28
C ASN QA 263 -33.31 36.87 109.32
N GLY QA 264 -33.90 36.95 110.52
CA GLY QA 264 -35.21 37.52 110.70
C GLY QA 264 -35.18 38.74 111.60
N THR QA 265 -36.37 39.26 111.86
CA THR QA 265 -36.51 40.43 112.72
C THR QA 265 -36.60 40.03 114.18
N ALA QA 269 -32.29 41.93 114.23
CA ALA QA 269 -32.08 42.44 112.89
C ALA QA 269 -33.32 43.17 112.38
N THR QA 270 -33.11 44.17 111.55
CA THR QA 270 -34.23 44.90 110.96
C THR QA 270 -34.76 44.17 109.74
N ASN QA 271 -35.96 44.57 109.31
CA ASN QA 271 -36.54 43.96 108.12
C ASN QA 271 -35.69 44.23 106.88
N ASP QA 272 -34.97 45.34 106.86
CA ASP QA 272 -34.12 45.67 105.71
C ASP QA 272 -32.99 44.67 105.52
N ASN QA 273 -32.62 43.92 106.56
CA ASN QA 273 -31.49 43.01 106.51
C ASN QA 273 -31.89 41.55 106.59
N THR QA 274 -33.18 41.24 106.44
CA THR QA 274 -33.60 39.85 106.48
C THR QA 274 -33.19 39.13 105.20
N TYR QA 275 -32.94 37.83 105.32
CA TYR QA 275 -32.63 37.02 104.15
C TYR QA 275 -32.95 35.57 104.44
N PHE QA 276 -33.14 34.82 103.35
CA PHE QA 276 -33.20 33.37 103.38
C PHE QA 276 -32.32 32.87 102.26
N GLY QA 277 -31.49 31.89 102.55
CA GLY QA 277 -30.60 31.38 101.54
C GLY QA 277 -29.98 30.08 101.97
N TYR QA 278 -28.92 29.70 101.26
CA TYR QA 278 -28.26 28.44 101.53
C TYR QA 278 -26.77 28.63 101.52
N SER QA 279 -26.11 28.07 102.52
CA SER QA 279 -24.67 27.92 102.54
C SER QA 279 -24.32 26.59 101.92
N THR QA 280 -23.39 26.59 100.98
CA THR QA 280 -23.01 25.37 100.30
C THR QA 280 -21.61 24.94 100.72
N PRO QA 281 -21.29 23.65 100.59
CA PRO QA 281 -19.92 23.20 100.86
C PRO QA 281 -18.93 23.56 99.76
N TRP QA 282 -19.34 24.33 98.76
CA TRP QA 282 -18.50 24.64 97.63
C TRP QA 282 -17.77 25.96 97.82
N GLY QA 283 -16.54 26.01 97.36
CA GLY QA 283 -15.87 27.28 97.15
C GLY QA 283 -16.07 27.75 95.73
N TYR QA 284 -15.62 28.97 95.47
CA TYR QA 284 -15.70 29.49 94.12
C TYR QA 284 -14.51 30.41 93.87
N PHE QA 285 -14.11 30.48 92.62
CA PHE QA 285 -12.97 31.32 92.22
C PHE QA 285 -13.48 32.67 91.75
N ASP QA 286 -12.92 33.72 92.32
CA ASP QA 286 -13.28 35.08 91.97
C ASP QA 286 -12.03 35.81 91.48
N PHE QA 287 -12.11 36.40 90.30
CA PHE QA 287 -11.08 37.28 89.80
C PHE QA 287 -11.72 38.52 89.20
N ASN QA 288 -12.76 39.01 89.86
CA ASN QA 288 -13.56 40.13 89.40
C ASN QA 288 -13.07 41.45 89.97
N ARG QA 289 -11.77 41.58 90.19
CA ARG QA 289 -11.15 42.85 90.52
C ARG QA 289 -9.99 43.09 89.59
N PHE QA 290 -9.77 44.36 89.23
CA PHE QA 290 -8.76 44.67 88.22
C PHE QA 290 -7.36 44.33 88.71
N HIS QA 291 -7.10 44.47 90.00
CA HIS QA 291 -5.75 44.18 90.49
C HIS QA 291 -5.45 42.69 90.52
N CYS QA 292 -6.45 41.84 90.30
CA CYS QA 292 -6.17 40.42 90.08
C CYS QA 292 -5.43 40.19 88.78
N HIS QA 293 -5.46 41.13 87.86
CA HIS QA 293 -4.90 40.97 86.53
C HIS QA 293 -3.87 42.02 86.19
N PHE QA 294 -4.06 43.25 86.63
CA PHE QA 294 -3.15 44.34 86.32
C PHE QA 294 -2.26 44.63 87.52
N SER QA 295 -0.95 44.59 87.30
CA SER QA 295 -0.04 45.17 88.27
C SER QA 295 -0.24 46.68 88.29
N PRO QA 296 0.13 47.35 89.38
CA PRO QA 296 0.00 48.81 89.41
C PRO QA 296 0.71 49.50 88.26
N ARG QA 297 1.88 49.01 87.87
CA ARG QA 297 2.57 49.56 86.71
C ARG QA 297 1.80 49.29 85.43
N ASP QA 298 1.23 48.10 85.28
CA ASP QA 298 0.40 47.81 84.13
C ASP QA 298 -0.85 48.68 84.10
N TRP QA 299 -1.44 48.90 85.28
CA TRP QA 299 -2.58 49.81 85.36
C TRP QA 299 -2.18 51.21 84.94
N GLN QA 300 -1.00 51.67 85.35
CA GLN QA 300 -0.52 52.97 84.92
C GLN QA 300 -0.35 53.03 83.41
N ARG QA 301 0.26 51.99 82.84
CA ARG QA 301 0.41 51.90 81.39
C ARG QA 301 -0.95 52.01 80.70
N LEU QA 302 -1.95 51.31 81.25
CA LEU QA 302 -3.27 51.30 80.64
C LEU QA 302 -3.92 52.68 80.72
N ILE QA 303 -3.94 53.28 81.91
CA ILE QA 303 -4.72 54.49 82.12
C ILE QA 303 -4.04 55.74 81.61
N ASN QA 304 -2.72 55.75 81.47
CA ASN QA 304 -2.04 56.95 81.01
C ASN QA 304 -1.98 57.04 79.50
N ASN QA 305 -2.37 56.01 78.77
CA ASN QA 305 -2.14 55.93 77.34
C ASN QA 305 -3.34 55.52 76.52
N ASN QA 306 -4.46 55.17 77.15
CA ASN QA 306 -5.60 54.63 76.42
C ASN QA 306 -6.85 55.39 76.81
N TRP QA 307 -7.69 55.66 75.81
CA TRP QA 307 -8.98 56.28 76.06
C TRP QA 307 -10.03 55.28 76.53
N GLY QA 308 -9.76 53.99 76.34
CA GLY QA 308 -10.73 52.99 76.75
C GLY QA 308 -10.14 51.61 76.67
N PHE QA 309 -10.84 50.68 77.30
CA PHE QA 309 -10.45 49.28 77.28
C PHE QA 309 -11.68 48.44 77.57
N ARG QA 310 -11.60 47.17 77.21
CA ARG QA 310 -12.67 46.23 77.49
C ARG QA 310 -12.11 44.83 77.43
N PRO QA 311 -12.62 43.91 78.24
CA PRO QA 311 -12.18 42.52 78.14
C PRO QA 311 -12.69 41.88 76.85
N LYS QA 312 -11.89 40.98 76.30
CA LYS QA 312 -12.23 40.28 75.09
C LYS QA 312 -12.45 38.80 75.31
N ARG QA 313 -11.49 38.13 75.95
CA ARG QA 313 -11.58 36.70 76.20
C ARG QA 313 -10.81 36.40 77.47
N LEU QA 314 -11.12 35.27 78.08
CA LEU QA 314 -10.35 34.82 79.22
C LEU QA 314 -10.12 33.32 79.12
N SER QA 315 -9.00 32.89 79.67
CA SER QA 315 -8.72 31.48 79.88
C SER QA 315 -8.38 31.28 81.35
N PHE QA 316 -8.88 30.19 81.90
CA PHE QA 316 -8.76 29.91 83.33
C PHE QA 316 -8.16 28.53 83.48
N LYS QA 317 -7.26 28.37 84.43
CA LYS QA 317 -6.60 27.09 84.64
C LYS QA 317 -6.48 26.78 86.12
N LEU QA 318 -6.77 25.54 86.47
CA LEU QA 318 -6.49 24.98 87.79
C LEU QA 318 -5.51 23.84 87.60
N PHE QA 319 -4.44 23.84 88.39
CA PHE QA 319 -3.38 22.86 88.17
C PHE QA 319 -2.55 22.74 89.44
N ASN QA 320 -1.67 21.75 89.45
CA ASN QA 320 -0.81 21.45 90.59
C ASN QA 320 -1.64 21.28 91.85
N ILE QA 321 -2.73 20.53 91.72
CA ILE QA 321 -3.64 20.32 92.82
C ILE QA 321 -3.02 19.36 93.81
N GLN QA 322 -3.07 19.73 95.09
CA GLN QA 322 -2.62 18.88 96.18
C GLN QA 322 -3.75 18.79 97.19
N VAL QA 323 -4.26 17.59 97.42
CA VAL QA 323 -5.26 17.35 98.45
C VAL QA 323 -4.54 16.77 99.65
N LYS QA 324 -4.72 17.41 100.80
CA LYS QA 324 -3.95 17.07 101.99
C LYS QA 324 -4.87 16.64 103.11
N GLU QA 325 -4.47 15.60 103.81
CA GLU QA 325 -5.20 15.07 104.95
C GLU QA 325 -4.53 15.56 106.23
N VAL QA 326 -5.33 16.07 107.16
CA VAL QA 326 -4.84 16.53 108.45
C VAL QA 326 -5.48 15.70 109.54
N THR QA 327 -4.65 15.16 110.43
CA THR QA 327 -5.12 14.29 111.51
C THR QA 327 -4.89 14.93 112.87
N LYS QA 333 -0.94 17.54 115.51
CA LYS QA 333 -1.48 17.69 114.17
C LYS QA 333 -0.43 17.38 113.11
N THR QA 334 -0.76 16.44 112.23
CA THR QA 334 0.09 16.09 111.11
C THR QA 334 -0.68 16.27 109.81
N ILE QA 335 -0.03 16.82 108.80
CA ILE QA 335 -0.61 17.02 107.47
C ILE QA 335 0.11 16.09 106.51
N ALA QA 336 -0.66 15.30 105.79
CA ALA QA 336 -0.12 14.34 104.84
C ALA QA 336 -0.84 14.47 103.50
N ASN QA 337 -0.14 14.11 102.44
CA ASN QA 337 -0.78 14.06 101.13
C ASN QA 337 -1.80 12.93 101.08
N ASN QA 338 -2.94 13.22 100.48
CA ASN QA 338 -3.93 12.20 100.15
C ASN QA 338 -3.93 12.10 98.62
N LEU QA 339 -3.08 11.23 98.10
CA LEU QA 339 -2.84 11.19 96.66
C LEU QA 339 -4.08 10.77 95.87
N THR QA 340 -4.97 10.00 96.48
CA THR QA 340 -6.13 9.49 95.79
C THR QA 340 -7.38 10.34 95.99
N SER QA 341 -7.28 11.43 96.74
CA SER QA 341 -8.42 12.31 96.95
C SER QA 341 -8.62 13.22 95.76
N THR QA 342 -9.86 13.66 95.58
CA THR QA 342 -10.22 14.50 94.45
C THR QA 342 -10.79 15.83 94.91
N ILE QA 343 -10.72 16.81 94.02
CA ILE QA 343 -11.52 18.02 94.10
C ILE QA 343 -12.49 17.98 92.94
N GLN QA 344 -13.62 18.64 93.11
CA GLN QA 344 -14.62 18.78 92.06
C GLN QA 344 -14.66 20.22 91.60
N VAL QA 345 -14.54 20.43 90.29
CA VAL QA 345 -14.57 21.75 89.70
C VAL QA 345 -15.57 21.74 88.57
N PHE QA 346 -16.43 22.75 88.51
CA PHE QA 346 -17.27 22.96 87.35
C PHE QA 346 -17.53 24.45 87.19
N THR QA 347 -17.79 24.86 85.96
CA THR QA 347 -18.22 26.21 85.67
C THR QA 347 -19.71 26.22 85.40
N ASP QA 348 -20.40 27.19 86.00
CA ASP QA 348 -21.82 27.40 85.72
C ASP QA 348 -21.94 28.13 84.38
N SER QA 349 -21.65 27.38 83.31
CA SER QA 349 -21.58 27.97 81.98
C SER QA 349 -22.96 28.36 81.46
N GLU QA 350 -24.00 27.70 81.91
CA GLU QA 350 -25.36 28.05 81.54
C GLU QA 350 -26.00 29.06 82.47
N TYR QA 351 -25.26 29.54 83.46
CA TYR QA 351 -25.76 30.55 84.40
C TYR QA 351 -27.02 30.06 85.11
N GLN QA 352 -27.02 28.80 85.49
CA GLN QA 352 -28.15 28.19 86.18
C GLN QA 352 -28.08 28.35 87.68
N LEU QA 353 -26.99 28.76 88.19
CA LEU QA 353 -26.86 29.02 89.62
C LEU QA 353 -27.02 30.50 89.91
N PRO QA 354 -27.44 30.85 91.11
CA PRO QA 354 -27.41 32.26 91.51
C PRO QA 354 -26.01 32.82 91.36
N TYR QA 355 -25.91 33.93 90.64
CA TYR QA 355 -24.63 34.54 90.31
C TYR QA 355 -24.25 35.49 91.43
N VAL QA 356 -23.29 35.07 92.26
CA VAL QA 356 -22.88 35.87 93.40
C VAL QA 356 -21.62 36.68 93.13
N LEU QA 357 -20.96 36.46 92.00
CA LEU QA 357 -19.94 37.39 91.57
C LEU QA 357 -20.58 38.72 91.19
N GLY QA 358 -19.77 39.76 91.16
CA GLY QA 358 -20.34 41.06 90.90
C GLY QA 358 -21.10 41.65 92.07
N SER QA 359 -20.81 41.21 93.29
CA SER QA 359 -21.32 41.86 94.48
C SER QA 359 -20.19 42.44 95.32
N ALA QA 360 -19.02 42.64 94.71
CA ALA QA 360 -17.87 43.26 95.36
C ALA QA 360 -17.47 42.52 96.63
N HIS QA 361 -17.48 41.20 96.57
CA HIS QA 361 -17.16 40.38 97.73
C HIS QA 361 -15.67 40.14 97.83
N GLN QA 362 -15.21 39.91 99.06
CA GLN QA 362 -13.85 39.48 99.29
C GLN QA 362 -13.66 38.06 98.75
N GLY QA 363 -12.40 37.63 98.69
CA GLY QA 363 -12.08 36.31 98.21
C GLY QA 363 -11.59 36.26 96.79
N CYS QA 364 -11.43 37.40 96.13
CA CYS QA 364 -10.84 37.42 94.81
C CYS QA 364 -9.36 37.04 94.89
N LEU QA 365 -8.77 36.82 93.73
CA LEU QA 365 -7.34 36.59 93.67
C LEU QA 365 -6.62 37.80 94.25
N PRO QA 366 -5.60 37.59 95.11
CA PRO QA 366 -4.94 38.73 95.73
C PRO QA 366 -4.22 39.58 94.71
N PRO QA 367 -4.11 40.88 94.93
CA PRO QA 367 -3.36 41.72 93.99
C PRO QA 367 -1.90 41.32 93.87
N PHE QA 368 -1.28 40.87 94.95
CA PHE QA 368 0.14 40.52 94.93
C PHE QA 368 0.30 39.07 94.52
N PRO QA 369 1.06 38.77 93.46
CA PRO QA 369 1.15 37.37 92.99
C PRO QA 369 1.72 36.41 94.01
N ALA QA 370 2.61 36.87 94.90
CA ALA QA 370 3.19 35.99 95.89
C ALA QA 370 2.21 35.62 96.99
N ASP QA 371 1.02 36.22 97.00
CA ASP QA 371 0.09 36.04 98.10
C ASP QA 371 -0.73 34.77 97.91
N VAL QA 372 -0.78 33.94 98.93
CA VAL QA 372 -1.60 32.73 98.92
C VAL QA 372 -2.94 33.07 99.54
N PHE QA 373 -4.02 32.72 98.85
CA PHE QA 373 -5.34 33.13 99.28
C PHE QA 373 -6.25 31.93 99.51
N MET QA 374 -7.21 32.15 100.40
CA MET QA 374 -8.23 31.18 100.73
C MET QA 374 -9.43 31.36 99.80
N ILE QA 375 -9.94 30.25 99.29
CA ILE QA 375 -11.08 30.30 98.37
C ILE QA 375 -12.35 30.60 99.15
N PRO QA 376 -13.14 31.58 98.76
CA PRO QA 376 -14.36 31.91 99.50
C PRO QA 376 -15.41 30.84 99.34
N GLN QA 377 -16.27 30.72 100.35
CA GLN QA 377 -17.33 29.74 100.35
C GLN QA 377 -18.52 30.25 99.53
N TYR QA 378 -19.06 29.38 98.69
CA TYR QA 378 -20.20 29.74 97.87
C TYR QA 378 -21.48 29.65 98.67
N GLY QA 379 -22.25 30.73 98.69
CA GLY QA 379 -23.59 30.72 99.21
C GLY QA 379 -24.45 31.60 98.34
N TYR QA 380 -25.76 31.46 98.49
CA TYR QA 380 -26.67 32.26 97.69
C TYR QA 380 -27.91 32.56 98.49
N LEU QA 381 -28.65 33.55 98.02
CA LEU QA 381 -29.91 33.94 98.63
C LEU QA 381 -31.05 33.70 97.65
N THR QA 382 -32.20 33.36 98.20
CA THR QA 382 -33.39 33.21 97.40
C THR QA 382 -34.47 34.08 98.01
N LEU QA 383 -35.71 33.93 97.56
CA LEU QA 383 -36.79 34.77 98.07
C LEU QA 383 -37.02 34.48 99.55
N ASN QA 384 -37.24 35.55 100.30
CA ASN QA 384 -37.49 35.43 101.74
C ASN QA 384 -38.66 36.32 102.13
N ASN QA 385 -39.34 35.90 103.19
CA ASN QA 385 -40.37 36.69 103.87
C ASN QA 385 -39.92 36.71 105.33
N GLY QA 386 -39.16 37.74 105.70
CA GLY QA 386 -38.47 37.69 106.97
C GLY QA 386 -37.38 36.64 106.92
N SER QA 387 -37.35 35.77 107.92
CA SER QA 387 -36.42 34.65 107.93
C SER QA 387 -36.98 33.41 107.25
N GLN QA 388 -38.23 33.46 106.77
CA GLN QA 388 -38.87 32.31 106.17
C GLN QA 388 -38.70 32.32 104.67
N ALA QA 389 -38.69 31.13 104.08
CA ALA QA 389 -38.75 31.01 102.64
C ALA QA 389 -40.20 31.08 102.17
N VAL QA 390 -40.37 31.37 100.89
CA VAL QA 390 -41.68 31.31 100.26
C VAL QA 390 -41.67 30.14 99.28
N GLY QA 391 -42.84 29.85 98.73
CA GLY QA 391 -42.93 28.75 97.78
C GLY QA 391 -42.09 28.95 96.54
N ARG QA 392 -41.78 30.19 96.19
CA ARG QA 392 -40.95 30.48 95.03
C ARG QA 392 -39.47 30.41 95.34
N SER QA 393 -39.09 30.23 96.60
CA SER QA 393 -37.68 30.11 96.95
C SER QA 393 -37.06 28.89 96.29
N SER QA 394 -35.89 29.07 95.71
CA SER QA 394 -35.21 28.02 94.99
C SER QA 394 -34.07 27.47 95.83
N PHE QA 395 -33.98 26.15 95.89
CA PHE QA 395 -32.84 25.47 96.49
C PHE QA 395 -32.02 24.83 95.37
N TYR QA 396 -30.72 25.07 95.38
CA TYR QA 396 -29.82 24.53 94.38
C TYR QA 396 -28.82 23.60 95.03
N CYS QA 397 -28.73 22.39 94.51
CA CYS QA 397 -27.68 21.45 94.88
C CYS QA 397 -26.60 21.54 93.81
N LEU QA 398 -25.40 21.95 94.22
CA LEU QA 398 -24.32 22.08 93.25
C LEU QA 398 -23.77 20.74 92.83
N GLU QA 399 -24.00 19.69 93.62
CA GLU QA 399 -23.67 18.34 93.18
C GLU QA 399 -24.57 17.89 92.04
N TYR QA 400 -25.71 18.55 91.84
CA TYR QA 400 -26.59 18.25 90.74
C TYR QA 400 -26.07 18.77 89.41
N PHE QA 401 -24.85 19.24 89.36
CA PHE QA 401 -24.20 19.67 88.14
C PHE QA 401 -23.10 18.69 87.75
N PRO QA 402 -22.82 18.54 86.46
CA PRO QA 402 -21.63 17.79 86.05
C PRO QA 402 -20.38 18.53 86.47
N SER QA 403 -19.52 17.84 87.23
CA SER QA 403 -18.27 18.41 87.70
C SER QA 403 -17.12 17.52 87.27
N GLN QA 404 -16.01 18.15 86.90
CA GLN QA 404 -14.79 17.41 86.69
C GLN QA 404 -14.15 17.11 88.04
N MET QA 405 -13.83 15.85 88.28
CA MET QA 405 -13.12 15.47 89.48
C MET QA 405 -11.64 15.34 89.17
N LEU QA 406 -10.81 15.92 90.03
CA LEU QA 406 -9.39 16.07 89.76
C LEU QA 406 -8.61 15.44 90.89
N ARG QA 407 -7.73 14.50 90.57
CA ARG QA 407 -6.72 14.06 91.51
C ARG QA 407 -5.50 14.95 91.38
N THR QA 408 -4.45 14.63 92.13
CA THR QA 408 -3.29 15.50 92.21
C THR QA 408 -2.61 15.67 90.86
N GLY QA 409 -2.75 14.70 89.96
CA GLY QA 409 -2.16 14.81 88.64
C GLY QA 409 -3.00 15.47 87.59
N ASN QA 410 -4.25 15.82 87.92
CA ASN QA 410 -5.16 16.38 86.94
C ASN QA 410 -5.12 17.90 86.97
N ASN QA 411 -5.55 18.51 85.87
CA ASN QA 411 -5.73 19.95 85.80
C ASN QA 411 -7.06 20.26 85.16
N PHE QA 412 -7.54 21.46 85.42
CA PHE QA 412 -8.81 21.95 84.90
C PHE QA 412 -8.56 23.23 84.14
N GLN QA 413 -9.25 23.39 83.02
CA GLN QA 413 -9.12 24.64 82.28
C GLN QA 413 -10.36 24.86 81.44
N PHE QA 414 -10.67 26.13 81.22
CA PHE QA 414 -11.74 26.50 80.30
C PHE QA 414 -11.44 27.88 79.75
N THR QA 415 -12.02 28.17 78.60
CA THR QA 415 -11.89 29.47 77.97
C THR QA 415 -13.27 30.11 77.86
N TYR QA 416 -13.28 31.44 77.90
CA TYR QA 416 -14.51 32.20 77.85
C TYR QA 416 -14.28 33.41 76.97
N THR QA 417 -15.28 33.75 76.16
CA THR QA 417 -15.23 34.93 75.31
C THR QA 417 -16.22 35.96 75.84
N PHE QA 418 -15.75 37.16 76.11
CA PHE QA 418 -16.64 38.23 76.52
C PHE QA 418 -17.52 38.65 75.35
N GLU QA 419 -18.76 38.98 75.67
CA GLU QA 419 -19.64 39.55 74.65
C GLU QA 419 -19.15 40.94 74.27
N ASP QA 420 -19.65 41.44 73.15
CA ASP QA 420 -19.30 42.79 72.73
C ASP QA 420 -19.82 43.79 73.75
N VAL QA 421 -18.92 44.37 74.53
CA VAL QA 421 -19.27 45.31 75.59
C VAL QA 421 -18.69 46.66 75.18
N PRO QA 422 -19.29 47.78 75.54
CA PRO QA 422 -18.67 49.06 75.22
C PRO QA 422 -17.36 49.25 75.95
N PHE QA 423 -16.45 49.98 75.32
CA PHE QA 423 -15.21 50.35 75.98
C PHE QA 423 -15.51 51.17 77.23
N HIS QA 424 -14.82 50.87 78.32
CA HIS QA 424 -14.90 51.75 79.47
C HIS QA 424 -14.25 53.09 79.14
N SER QA 425 -14.91 54.16 79.56
CA SER QA 425 -14.40 55.50 79.30
C SER QA 425 -13.21 55.77 80.20
N SER QA 426 -12.01 55.48 79.69
CA SER QA 426 -10.78 55.73 80.44
C SER QA 426 -10.27 57.13 80.18
N TYR QA 427 -11.15 58.11 80.32
CA TYR QA 427 -10.84 59.49 80.01
C TYR QA 427 -11.79 60.39 80.78
N ALA QA 428 -11.35 61.62 81.00
CA ALA QA 428 -12.21 62.66 81.52
C ALA QA 428 -12.44 63.69 80.42
N HIS QA 429 -13.63 64.27 80.40
CA HIS QA 429 -13.94 65.25 79.37
C HIS QA 429 -13.23 66.55 79.66
N SER QA 430 -12.58 67.11 78.64
CA SER QA 430 -11.93 68.41 78.75
C SER QA 430 -12.86 69.55 78.42
N GLN QA 431 -14.14 69.26 78.18
CA GLN QA 431 -15.17 70.26 77.99
C GLN QA 431 -16.33 69.96 78.89
N SER QA 432 -17.02 71.01 79.33
CA SER QA 432 -18.23 70.85 80.10
C SER QA 432 -19.45 70.87 79.18
N LEU QA 433 -20.51 70.19 79.60
CA LEU QA 433 -21.70 70.08 78.77
C LEU QA 433 -22.35 71.44 78.52
N ASP QA 434 -22.26 72.35 79.47
CA ASP QA 434 -22.82 73.69 79.33
C ASP QA 434 -21.85 74.66 78.69
N ARG QA 435 -20.71 74.20 78.22
CA ARG QA 435 -19.68 75.05 77.62
C ARG QA 435 -19.22 74.45 76.30
N LEU QA 436 -20.15 73.97 75.49
CA LEU QA 436 -19.82 73.37 74.20
C LEU QA 436 -19.90 74.37 73.06
N MET QA 437 -20.25 75.61 73.35
CA MET QA 437 -20.49 76.62 72.34
C MET QA 437 -19.24 77.44 72.04
N ASN QA 438 -19.27 78.11 70.90
CA ASN QA 438 -18.22 79.05 70.53
C ASN QA 438 -18.31 80.27 71.43
N PRO QA 439 -17.26 80.61 72.18
CA PRO QA 439 -17.31 81.75 73.09
C PRO QA 439 -17.14 83.10 72.43
N LEU QA 440 -17.11 83.17 71.11
CA LEU QA 440 -16.93 84.43 70.40
C LEU QA 440 -18.15 84.88 69.62
N ILE QA 441 -19.09 83.98 69.35
CA ILE QA 441 -20.19 84.24 68.45
C ILE QA 441 -21.49 84.20 69.23
N ASP QA 442 -22.37 85.16 68.96
CA ASP QA 442 -23.70 85.12 69.54
C ASP QA 442 -24.52 84.01 68.90
N GLN QA 443 -25.56 83.60 69.61
CA GLN QA 443 -26.55 82.71 69.04
C GLN QA 443 -27.55 83.50 68.21
N TYR QA 444 -28.07 82.87 67.16
CA TYR QA 444 -29.19 83.49 66.46
C TYR QA 444 -30.51 83.25 67.16
N LEU QA 445 -30.55 82.32 68.11
CA LEU QA 445 -31.74 82.10 68.90
C LEU QA 445 -31.85 83.12 70.01
N TYR QA 446 -33.07 83.48 70.36
CA TYR QA 446 -33.35 84.41 71.43
C TYR QA 446 -33.87 83.67 72.65
N TYR QA 447 -33.66 84.26 73.81
CA TYR QA 447 -34.26 83.77 75.05
C TYR QA 447 -34.98 84.93 75.72
N LEU QA 448 -36.01 84.58 76.50
CA LEU QA 448 -36.71 85.59 77.29
C LEU QA 448 -35.75 86.15 78.33
N SER QA 449 -35.33 87.39 78.16
CA SER QA 449 -34.34 87.99 79.03
C SER QA 449 -34.92 88.86 80.12
N ARG QA 450 -36.08 89.47 79.89
CA ARG QA 450 -36.74 90.25 80.92
C ARG QA 450 -38.24 90.13 80.79
N THR QA 451 -38.93 90.14 81.93
CA THR QA 451 -40.38 90.17 81.97
C THR QA 451 -40.93 91.45 82.59
N GLN QA 452 -40.06 92.37 82.97
CA GLN QA 452 -40.47 93.61 83.63
C GLN QA 452 -39.61 94.75 83.12
N THR QA 453 -40.23 95.91 82.90
CA THR QA 453 -39.51 97.07 82.38
C THR QA 453 -38.49 97.60 83.38
N ASN QA 459 -42.28 99.83 87.67
CA ASN QA 459 -42.06 99.04 86.46
C ASN QA 459 -43.27 98.17 86.16
N THR QA 460 -43.49 97.91 84.88
CA THR QA 460 -44.64 97.17 84.41
C THR QA 460 -44.18 95.90 83.69
N GLN QA 461 -45.15 95.04 83.39
CA GLN QA 461 -44.85 93.81 82.66
C GLN QA 461 -44.43 94.14 81.23
N THR QA 462 -43.51 93.33 80.72
CA THR QA 462 -43.04 93.44 79.35
C THR QA 462 -42.45 92.10 78.95
N LEU QA 463 -42.06 91.99 77.69
CA LEU QA 463 -41.37 90.80 77.18
C LEU QA 463 -40.14 91.29 76.43
N GLY QA 464 -38.98 91.13 77.04
CA GLY QA 464 -37.72 91.46 76.42
C GLY QA 464 -36.97 90.18 76.08
N PHE QA 465 -36.43 90.12 74.87
CA PHE QA 465 -35.73 88.95 74.37
C PHE QA 465 -34.32 89.34 73.97
N SER QA 466 -33.36 88.53 74.35
CA SER QA 466 -31.96 88.77 74.03
C SER QA 466 -31.38 87.53 73.37
N GLN QA 467 -30.32 87.74 72.62
CA GLN QA 467 -29.59 86.63 72.00
C GLN QA 467 -28.52 86.15 72.96
N GLY QA 468 -28.48 84.84 73.18
CA GLY QA 468 -27.44 84.25 73.98
C GLY QA 468 -26.08 84.49 73.36
N GLY QA 469 -25.12 84.91 74.17
CA GLY QA 469 -23.81 85.23 73.68
C GLY QA 469 -22.72 84.82 74.63
N PRO QA 470 -21.50 85.32 74.39
CA PRO QA 470 -20.38 84.93 75.25
C PRO QA 470 -20.57 85.29 76.72
N ASN QA 471 -21.32 86.34 77.02
CA ASN QA 471 -21.51 86.76 78.40
C ASN QA 471 -22.72 86.13 79.06
N THR QA 472 -23.80 85.91 78.32
CA THR QA 472 -24.98 85.25 78.85
C THR QA 472 -24.97 83.77 78.48
N MET QA 473 -23.89 83.11 78.91
CA MET QA 473 -23.66 81.74 78.49
C MET QA 473 -24.58 80.76 79.20
N ALA QA 474 -25.05 81.12 80.40
CA ALA QA 474 -26.03 80.30 81.09
C ALA QA 474 -27.40 80.34 80.42
N ASN QA 475 -27.69 81.39 79.66
CA ASN QA 475 -28.98 81.54 79.01
C ASN QA 475 -29.03 80.95 77.61
N GLN QA 476 -27.89 80.53 77.07
CA GLN QA 476 -27.85 80.08 75.68
C GLN QA 476 -28.67 78.82 75.49
N ALA QA 477 -29.28 78.73 74.30
CA ALA QA 477 -29.94 77.49 73.91
C ALA QA 477 -28.90 76.39 73.77
N LYS QA 478 -29.24 75.21 74.29
CA LYS QA 478 -28.31 74.09 74.30
C LYS QA 478 -29.03 72.83 73.86
N ASN QA 479 -28.26 71.89 73.34
CA ASN QA 479 -28.81 70.68 72.77
C ASN QA 479 -28.91 69.51 73.75
N TRP QA 480 -28.24 69.59 74.89
CA TRP QA 480 -28.08 68.41 75.73
C TRP QA 480 -28.31 68.78 77.19
N LEU QA 481 -28.64 67.77 77.97
CA LEU QA 481 -28.87 67.90 79.40
C LEU QA 481 -27.92 67.01 80.18
N PRO QA 482 -27.56 67.38 81.40
CA PRO QA 482 -26.73 66.51 82.22
C PRO QA 482 -27.45 65.22 82.57
N GLY QA 483 -26.66 64.19 82.83
CA GLY QA 483 -27.19 62.89 83.15
C GLY QA 483 -28.14 62.89 84.33
N PRO QA 484 -28.76 61.74 84.58
CA PRO QA 484 -29.79 61.67 85.61
C PRO QA 484 -29.21 61.83 87.01
N CYS QA 485 -30.07 62.22 87.93
CA CYS QA 485 -29.69 62.54 89.30
C CYS QA 485 -30.54 61.76 90.29
N TYR QA 486 -29.90 61.28 91.35
CA TYR QA 486 -30.58 60.66 92.49
C TYR QA 486 -29.86 61.17 93.73
N ARG QA 487 -30.31 62.31 94.25
CA ARG QA 487 -29.50 63.13 95.13
C ARG QA 487 -29.10 62.38 96.41
N GLN QA 488 -27.83 62.51 96.77
CA GLN QA 488 -27.28 61.93 97.97
C GLN QA 488 -26.97 63.01 98.98
N GLN QA 489 -26.97 62.65 100.26
CA GLN QA 489 -26.60 63.58 101.30
C GLN QA 489 -25.10 63.85 101.25
N ARG QA 490 -24.73 65.10 101.52
CA ARG QA 490 -23.34 65.51 101.47
C ARG QA 490 -22.69 65.30 102.83
N VAL QA 491 -21.52 64.68 102.84
CA VAL QA 491 -20.74 64.45 104.04
C VAL QA 491 -19.37 65.07 103.83
N SER QA 492 -18.89 65.79 104.83
CA SER QA 492 -17.57 66.41 104.79
C SER QA 492 -16.57 65.52 105.49
N THR QA 493 -15.40 65.33 104.86
CA THR QA 493 -14.31 64.64 105.53
C THR QA 493 -13.77 65.44 106.71
N THR QA 494 -13.99 66.75 106.72
CA THR QA 494 -13.77 67.57 107.91
C THR QA 494 -15.00 67.41 108.79
N THR QA 495 -14.88 66.55 109.81
CA THR QA 495 -16.04 66.12 110.56
C THR QA 495 -16.74 67.27 111.27
N GLY QA 496 -15.99 68.31 111.66
CA GLY QA 496 -16.60 69.44 112.31
C GLY QA 496 -17.63 70.16 111.46
N GLN QA 497 -17.55 70.01 110.14
CA GLN QA 497 -18.53 70.62 109.24
C GLN QA 497 -19.78 69.77 109.09
N ASN QA 498 -19.81 68.56 109.64
CA ASN QA 498 -20.96 67.69 109.53
C ASN QA 498 -21.93 67.94 110.68
N ASN QA 499 -23.19 67.58 110.45
CA ASN QA 499 -24.19 67.65 111.50
C ASN QA 499 -23.84 66.68 112.62
N ASN QA 500 -24.02 67.12 113.86
CA ASN QA 500 -23.71 66.30 115.02
C ASN QA 500 -24.87 65.33 115.27
N SER QA 501 -24.95 64.33 114.40
CA SER QA 501 -25.95 63.28 114.52
C SER QA 501 -25.46 62.08 113.73
N ASN QA 502 -26.08 60.92 114.01
CA ASN QA 502 -25.76 59.69 113.31
C ASN QA 502 -26.78 59.54 112.17
N PHE QA 503 -26.40 60.04 110.99
CA PHE QA 503 -27.32 60.10 109.86
C PHE QA 503 -26.86 59.26 108.68
N ALA QA 504 -25.90 58.35 108.87
CA ALA QA 504 -25.42 57.55 107.75
C ALA QA 504 -26.54 56.72 107.14
N TRP QA 505 -27.41 56.16 107.98
CA TRP QA 505 -28.55 55.38 107.51
C TRP QA 505 -29.81 56.21 107.40
N THR QA 506 -30.12 57.03 108.42
CA THR QA 506 -31.37 57.78 108.41
C THR QA 506 -31.42 58.77 107.27
N ALA QA 507 -30.31 59.44 106.99
CA ALA QA 507 -30.21 60.36 105.86
C ALA QA 507 -29.65 59.70 104.62
N GLY QA 508 -29.43 58.39 104.66
CA GLY QA 508 -28.89 57.70 103.51
C GLY QA 508 -29.85 57.72 102.33
N THR QA 509 -29.29 57.77 101.14
CA THR QA 509 -30.08 57.72 99.92
C THR QA 509 -30.39 56.27 99.59
N LYS QA 510 -31.67 55.94 99.56
CA LYS QA 510 -32.12 54.56 99.55
C LYS QA 510 -33.11 54.32 98.44
N TYR QA 511 -33.24 53.06 98.06
CA TYR QA 511 -34.36 52.61 97.26
C TYR QA 511 -35.20 51.63 98.08
N HIS QA 512 -36.45 51.52 97.69
CA HIS QA 512 -37.43 50.71 98.39
C HIS QA 512 -37.85 49.55 97.51
N LEU QA 513 -37.70 48.33 98.01
CA LEU QA 513 -38.02 47.14 97.23
C LEU QA 513 -38.69 46.12 98.15
N ASN QA 514 -39.95 45.81 97.86
CA ASN QA 514 -40.72 44.82 98.62
C ASN QA 514 -40.69 45.12 100.12
N GLY QA 515 -40.98 46.37 100.45
CA GLY QA 515 -40.98 46.78 101.85
C GLY QA 515 -39.64 46.77 102.53
N ARG QA 516 -38.55 46.63 101.78
CA ARG QA 516 -37.21 46.61 102.32
C ARG QA 516 -36.46 47.82 101.82
N ASN QA 517 -35.78 48.51 102.71
CA ASN QA 517 -34.98 49.67 102.35
C ASN QA 517 -33.52 49.25 102.18
N SER QA 518 -32.94 49.61 101.07
CA SER QA 518 -31.54 49.34 100.79
C SER QA 518 -30.88 50.64 100.32
N LEU QA 519 -29.66 50.87 100.75
CA LEU QA 519 -28.93 52.05 100.29
C LEU QA 519 -28.74 51.99 98.78
N ALA QA 520 -28.94 53.13 98.12
CA ALA QA 520 -28.58 53.27 96.71
C ALA QA 520 -27.08 53.52 96.68
N ASN QA 521 -26.33 52.44 96.88
CA ASN QA 521 -24.90 52.51 97.17
C ASN QA 521 -24.14 51.70 96.12
N PRO QA 522 -23.28 52.33 95.30
CA PRO QA 522 -23.03 53.77 95.31
C PRO QA 522 -24.04 54.57 94.50
N GLY QA 523 -25.04 53.90 93.96
CA GLY QA 523 -26.05 54.56 93.16
C GLY QA 523 -25.55 54.90 91.77
N ILE QA 524 -26.33 55.75 91.10
CA ILE QA 524 -26.01 56.13 89.73
C ILE QA 524 -24.75 56.99 89.71
N ALA QA 525 -24.06 56.97 88.58
CA ALA QA 525 -22.81 57.70 88.42
C ALA QA 525 -23.09 59.19 88.46
N MET QA 526 -22.69 59.84 89.53
CA MET QA 526 -22.75 61.29 89.64
C MET QA 526 -21.41 61.80 90.15
N ALA QA 527 -21.11 63.05 89.81
CA ALA QA 527 -19.88 63.66 90.27
C ALA QA 527 -19.86 63.72 91.79
N THR QA 528 -18.73 63.32 92.37
CA THR QA 528 -18.63 63.24 93.83
C THR QA 528 -18.82 64.62 94.45
N HIS QA 529 -18.25 65.64 93.84
CA HIS QA 529 -18.31 66.99 94.37
C HIS QA 529 -18.10 67.95 93.21
N LYS QA 530 -18.41 69.22 93.46
CA LYS QA 530 -18.16 70.25 92.45
C LYS QA 530 -16.76 70.83 92.66
N ASP QA 531 -16.47 71.92 91.96
CA ASP QA 531 -15.15 72.53 92.03
C ASP QA 531 -14.83 72.98 93.45
N ASP QA 532 -13.59 72.70 93.87
CA ASP QA 532 -13.05 73.18 95.15
C ASP QA 532 -13.83 72.64 96.35
N GLU QA 533 -14.40 71.45 96.23
CA GLU QA 533 -15.14 70.82 97.31
C GLU QA 533 -14.74 69.37 97.47
N GLU QA 534 -13.44 69.10 97.38
CA GLU QA 534 -12.94 67.73 97.46
C GLU QA 534 -13.25 67.09 98.82
N ARG QA 535 -13.40 67.89 99.86
CA ARG QA 535 -13.70 67.36 101.19
C ARG QA 535 -15.10 66.77 101.28
N PHE QA 536 -15.97 67.06 100.33
CA PHE QA 536 -17.35 66.60 100.36
C PHE QA 536 -17.49 65.34 99.52
N PHE QA 537 -18.29 64.39 100.02
CA PHE QA 537 -18.62 63.21 99.25
C PHE QA 537 -20.06 62.82 99.55
N PRO QA 538 -20.74 62.19 98.59
CA PRO QA 538 -22.07 61.64 98.87
C PRO QA 538 -21.97 60.54 99.92
N SER QA 539 -22.97 60.50 100.81
CA SER QA 539 -22.88 59.62 101.98
C SER QA 539 -22.74 58.16 101.60
N ASN QA 540 -23.50 57.72 100.59
CA ASN QA 540 -23.35 56.37 100.06
C ASN QA 540 -23.33 56.41 98.54
N GLY QA 541 -22.54 57.32 97.99
CA GLY QA 541 -22.50 57.51 96.56
C GLY QA 541 -21.14 57.35 95.92
N ILE QA 542 -20.18 56.79 96.65
CA ILE QA 542 -18.85 56.56 96.14
C ILE QA 542 -18.38 55.17 96.57
N LEU QA 543 -17.45 54.62 95.80
CA LEU QA 543 -16.75 53.42 96.22
C LEU QA 543 -15.72 53.79 97.29
N ILE QA 544 -15.74 53.06 98.39
CA ILE QA 544 -14.81 53.28 99.50
C ILE QA 544 -14.02 52.00 99.68
N PHE QA 545 -12.72 52.06 99.42
CA PHE QA 545 -11.82 50.94 99.62
C PHE QA 545 -11.11 51.10 100.95
N GLY QA 546 -10.84 49.97 101.59
CA GLY QA 546 -10.11 49.99 102.85
C GLY QA 546 -8.61 49.91 102.60
N LYS QA 547 -7.86 50.65 103.39
CA LYS QA 547 -6.42 50.49 103.40
C LYS QA 547 -6.08 49.13 104.01
N GLN QA 548 -4.83 48.72 103.83
CA GLN QA 548 -4.39 47.45 104.39
C GLN QA 548 -4.59 47.43 105.89
N ASN QA 549 -5.13 46.33 106.40
CA ASN QA 549 -5.40 46.15 107.82
C ASN QA 549 -6.46 47.11 108.36
N ALA QA 550 -7.33 47.62 107.49
CA ALA QA 550 -8.45 48.41 107.95
C ALA QA 550 -9.47 47.51 108.64
N ALA QA 551 -10.07 48.01 109.70
CA ALA QA 551 -11.05 47.24 110.45
C ALA QA 551 -12.28 46.96 109.59
N ARG QA 552 -12.88 45.79 109.81
CA ARG QA 552 -14.11 45.45 109.11
C ARG QA 552 -15.24 46.39 109.49
N ASP QA 553 -15.37 46.71 110.76
CA ASP QA 553 -16.45 47.58 111.25
C ASP QA 553 -15.86 48.85 111.84
N ASN QA 554 -16.49 49.98 111.51
CA ASN QA 554 -16.15 51.28 112.10
C ASN QA 554 -14.67 51.62 111.89
N ALA QA 555 -14.19 51.41 110.67
CA ALA QA 555 -12.86 51.89 110.32
C ALA QA 555 -12.88 53.41 110.25
N ASP QA 556 -11.82 54.03 110.76
CA ASP QA 556 -11.73 55.48 110.72
C ASP QA 556 -11.50 55.95 109.29
N TYR QA 557 -11.74 57.24 109.07
CA TYR QA 557 -11.54 57.81 107.76
C TYR QA 557 -10.10 57.64 107.28
N SER QA 558 -9.14 57.64 108.20
CA SER QA 558 -7.75 57.45 107.83
C SER QA 558 -7.46 56.02 107.39
N ASP QA 559 -8.34 55.08 107.71
CA ASP QA 559 -8.14 53.68 107.34
C ASP QA 559 -8.83 53.30 106.04
N VAL QA 560 -9.55 54.22 105.41
CA VAL QA 560 -10.27 53.92 104.18
C VAL QA 560 -9.79 54.85 103.08
N MET QA 561 -10.09 54.47 101.85
CA MET QA 561 -9.67 55.20 100.66
C MET QA 561 -10.93 55.60 99.90
N LEU QA 562 -11.30 56.87 99.99
CA LEU QA 562 -12.47 57.37 99.27
C LEU QA 562 -12.12 57.58 97.82
N THR QA 563 -12.95 57.05 96.92
CA THR QA 563 -12.82 57.37 95.52
C THR QA 563 -13.53 58.69 95.22
N SER QA 564 -13.23 59.26 94.07
CA SER QA 564 -13.86 60.50 93.66
C SER QA 564 -14.21 60.41 92.17
N GLU QA 565 -15.47 60.69 91.86
CA GLU QA 565 -15.93 60.75 90.47
C GLU QA 565 -16.02 62.19 89.98
N GLU QA 566 -15.09 63.05 90.42
CA GLU QA 566 -15.13 64.44 90.01
C GLU QA 566 -14.85 64.63 88.52
N GLU QA 567 -14.27 63.62 87.86
CA GLU QA 567 -13.99 63.75 86.44
C GLU QA 567 -15.25 63.87 85.61
N ILE QA 568 -16.38 63.38 86.11
CA ILE QA 568 -17.63 63.42 85.38
C ILE QA 568 -18.47 64.64 85.74
N LYS QA 569 -17.89 65.63 86.42
CA LYS QA 569 -18.56 66.91 86.64
C LYS QA 569 -19.01 67.53 85.33
N THR QA 570 -18.27 67.28 84.25
CA THR QA 570 -18.54 67.92 82.97
C THR QA 570 -19.86 67.46 82.38
N THR QA 571 -20.30 66.28 82.72
CA THR QA 571 -21.51 65.73 82.12
C THR QA 571 -22.53 65.26 83.15
N ASN QA 572 -22.08 64.73 84.28
CA ASN QA 572 -23.01 64.24 85.27
C ASN QA 572 -23.22 65.28 86.36
N PRO QA 573 -24.44 65.40 86.88
CA PRO QA 573 -24.67 66.32 88.00
C PRO QA 573 -23.93 65.87 89.23
N VAL QA 574 -23.61 66.83 90.09
CA VAL QA 574 -22.96 66.53 91.35
C VAL QA 574 -23.90 65.71 92.22
N ALA QA 575 -23.36 64.66 92.85
CA ALA QA 575 -24.19 63.69 93.57
C ALA QA 575 -24.95 64.33 94.72
N THR QA 576 -24.40 65.38 95.32
CA THR QA 576 -24.98 66.00 96.49
C THR QA 576 -25.77 67.26 96.17
N GLU QA 577 -25.93 67.59 94.90
CA GLU QA 577 -26.65 68.78 94.48
C GLU QA 577 -27.92 68.37 93.74
N GLU QA 578 -28.84 69.31 93.66
CA GLU QA 578 -30.06 69.09 92.88
C GLU QA 578 -29.75 69.02 91.39
N TYR QA 579 -30.59 68.29 90.66
CA TYR QA 579 -30.42 68.23 89.21
C TYR QA 579 -30.66 69.59 88.58
N GLY QA 580 -31.69 70.29 89.03
CA GLY QA 580 -32.04 71.55 88.42
C GLY QA 580 -33.27 72.12 89.05
N ILE QA 581 -33.90 73.04 88.33
CA ILE QA 581 -35.06 73.78 88.82
C ILE QA 581 -36.16 73.66 87.79
N VAL QA 582 -37.38 73.36 88.25
CA VAL QA 582 -38.56 73.32 87.39
C VAL QA 582 -39.62 74.24 87.98
N ALA QA 583 -40.54 74.66 87.12
CA ALA QA 583 -41.67 75.45 87.58
C ALA QA 583 -42.61 74.59 88.42
N ASP QA 584 -43.13 75.17 89.49
CA ASP QA 584 -44.04 74.47 90.37
C ASP QA 584 -45.49 74.95 90.27
N ASN QA 585 -45.75 76.00 89.50
CA ASN QA 585 -47.10 76.55 89.39
C ASN QA 585 -47.22 77.28 88.06
N LEU QA 586 -48.33 77.97 87.88
CA LEU QA 586 -48.57 78.82 86.73
C LEU QA 586 -48.63 80.26 87.23
N GLN QA 587 -47.61 81.04 86.88
CA GLN QA 587 -47.58 82.43 87.32
C GLN QA 587 -48.68 83.22 86.62
N GLN QA 588 -49.31 84.12 87.36
CA GLN QA 588 -50.27 85.08 86.84
C GLN QA 588 -49.92 86.45 87.39
N GLN QA 589 -50.70 87.46 87.00
CA GLN QA 589 -50.46 88.79 87.53
C GLN QA 589 -50.66 88.85 89.03
N ASN QA 590 -51.37 87.89 89.62
CA ASN QA 590 -51.58 87.85 91.05
C ASN QA 590 -50.78 86.77 91.77
N THR QA 591 -50.23 85.79 91.06
CA THR QA 591 -49.46 84.72 91.67
C THR QA 591 -48.03 84.75 91.12
N ALA QA 592 -47.07 84.97 92.00
CA ALA QA 592 -45.68 84.97 91.60
C ALA QA 592 -45.25 83.56 91.20
N PRO QA 593 -44.35 83.43 90.22
CA PRO QA 593 -43.90 82.11 89.82
C PRO QA 593 -43.17 81.41 90.95
N GLN QA 594 -43.43 80.11 91.07
CA GLN QA 594 -42.78 79.28 92.08
C GLN QA 594 -41.93 78.23 91.38
N ILE QA 595 -40.81 77.89 92.01
CA ILE QA 595 -39.87 76.96 91.43
C ILE QA 595 -39.75 75.74 92.34
N GLY QA 596 -39.56 74.58 91.71
CA GLY QA 596 -39.34 73.34 92.42
C GLY QA 596 -37.93 72.85 92.20
N THR QA 597 -37.32 72.35 93.26
CA THR QA 597 -35.96 71.82 93.20
C THR QA 597 -36.02 70.34 92.86
N VAL QA 598 -35.38 69.96 91.76
CA VAL QA 598 -35.40 68.58 91.28
C VAL QA 598 -34.25 67.86 91.97
N ASN QA 599 -34.58 67.03 92.97
CA ASN QA 599 -33.59 66.24 93.68
C ASN QA 599 -33.47 64.83 93.12
N SER QA 600 -34.34 64.44 92.21
CA SER QA 600 -34.27 63.14 91.57
C SER QA 600 -34.80 63.29 90.16
N GLN QA 601 -33.97 62.98 89.17
CA GLN QA 601 -34.35 63.16 87.77
C GLN QA 601 -34.04 61.89 87.01
N GLY QA 602 -35.08 61.25 86.48
CA GLY QA 602 -34.90 60.13 85.61
C GLY QA 602 -34.48 60.57 84.21
N ALA QA 603 -34.37 59.59 83.33
CA ALA QA 603 -33.87 59.86 81.98
C ALA QA 603 -34.76 60.83 81.24
N LEU QA 604 -34.15 61.85 80.66
CA LEU QA 604 -34.81 62.79 79.78
C LEU QA 604 -34.14 62.74 78.41
N PRO QA 605 -34.90 62.98 77.34
CA PRO QA 605 -34.28 63.03 76.01
C PRO QA 605 -33.23 64.12 75.94
N GLY QA 606 -32.16 63.85 75.21
CA GLY QA 606 -31.05 64.75 75.15
C GLY QA 606 -30.10 64.68 76.31
N MET QA 607 -30.34 63.80 77.28
CA MET QA 607 -29.46 63.68 78.42
C MET QA 607 -28.26 62.82 78.07
N VAL QA 608 -27.09 63.23 78.52
CA VAL QA 608 -25.86 62.47 78.34
C VAL QA 608 -25.18 62.35 79.71
N TRP QA 609 -24.44 61.26 79.89
CA TRP QA 609 -23.78 61.03 81.17
C TRP QA 609 -22.61 60.09 80.97
N GLN QA 610 -21.74 60.07 81.96
CA GLN QA 610 -20.64 59.13 82.04
C GLN QA 610 -20.93 58.09 83.11
N ASN QA 611 -20.38 56.89 82.91
CA ASN QA 611 -20.48 55.86 83.92
C ASN QA 611 -19.48 56.13 85.03
N ARG QA 612 -19.64 55.40 86.13
CA ARG QA 612 -18.66 55.44 87.20
C ARG QA 612 -17.33 54.92 86.70
N ASP QA 613 -16.25 55.50 87.21
CA ASP QA 613 -14.92 55.04 86.87
C ASP QA 613 -14.67 53.64 87.43
N VAL QA 614 -13.79 52.91 86.78
CA VAL QA 614 -13.30 51.67 87.33
C VAL QA 614 -11.99 51.95 88.04
N TYR QA 615 -11.62 51.07 88.96
CA TYR QA 615 -10.44 51.25 89.79
C TYR QA 615 -9.62 49.98 89.77
N LEU QA 616 -8.32 50.14 90.03
CA LEU QA 616 -7.43 49.00 90.10
C LEU QA 616 -7.93 48.00 91.16
N GLN QA 617 -8.44 48.50 92.28
CA GLN QA 617 -9.00 47.65 93.32
C GLN QA 617 -10.47 47.33 93.10
N GLY QA 618 -11.11 47.94 92.10
CA GLY QA 618 -12.54 47.82 91.93
C GLY QA 618 -12.96 46.61 91.13
N PRO QA 619 -14.27 46.40 91.04
CA PRO QA 619 -14.78 45.28 90.24
C PRO QA 619 -14.61 45.51 88.75
N ILE QA 620 -14.59 44.41 88.01
CA ILE QA 620 -14.45 44.45 86.56
C ILE QA 620 -15.80 44.35 85.87
N TRP QA 621 -16.60 43.35 86.23
CA TRP QA 621 -17.85 43.09 85.55
C TRP QA 621 -18.93 42.77 86.56
N ALA QA 622 -20.17 42.90 86.11
CA ALA QA 622 -21.32 42.39 86.83
C ALA QA 622 -22.24 41.71 85.85
N LYS QA 623 -22.99 40.73 86.33
CA LYS QA 623 -24.02 40.11 85.50
C LYS QA 623 -25.22 41.02 85.43
N ILE QA 624 -25.64 41.35 84.21
CA ILE QA 624 -26.89 42.09 84.03
C ILE QA 624 -28.01 41.14 84.42
N PRO QA 625 -28.88 41.52 85.36
CA PRO QA 625 -29.97 40.64 85.75
C PRO QA 625 -30.86 40.32 84.56
N HIS QA 626 -31.31 39.08 84.50
CA HIS QA 626 -32.17 38.64 83.41
C HIS QA 626 -33.57 39.18 83.68
N THR QA 627 -33.88 40.32 83.08
CA THR QA 627 -35.17 40.98 83.26
C THR QA 627 -35.72 41.38 81.90
N ASP QA 628 -37.01 41.73 81.90
CA ASP QA 628 -37.65 42.21 80.68
C ASP QA 628 -37.03 43.51 80.21
N GLY QA 629 -36.77 44.42 81.13
CA GLY QA 629 -36.24 45.72 80.77
C GLY QA 629 -35.13 46.14 81.70
N ASN QA 630 -34.16 46.84 81.13
CA ASN QA 630 -33.16 47.54 81.90
C ASN QA 630 -32.87 48.85 81.18
N PHE QA 631 -32.36 49.82 81.93
CA PHE QA 631 -31.95 51.09 81.36
C PHE QA 631 -30.46 51.27 81.61
N HIS QA 632 -29.71 51.41 80.53
CA HIS QA 632 -28.26 51.57 80.57
C HIS QA 632 -27.64 50.56 81.53
N PRO QA 633 -27.62 49.27 81.16
CA PRO QA 633 -27.22 48.25 82.13
C PRO QA 633 -25.72 48.24 82.40
N SER QA 634 -25.21 49.37 82.81
CA SER QA 634 -23.84 49.46 83.29
C SER QA 634 -23.84 49.31 84.81
N PRO QA 635 -23.05 48.39 85.37
CA PRO QA 635 -23.10 48.16 86.81
C PRO QA 635 -22.77 49.43 87.59
N LEU QA 636 -23.50 49.63 88.69
CA LEU QA 636 -23.42 50.90 89.39
C LEU QA 636 -22.10 51.06 90.15
N MET QA 637 -21.55 49.97 90.70
CA MET QA 637 -20.23 50.08 91.29
C MET QA 637 -19.12 50.09 90.25
N GLY QA 638 -19.46 50.23 88.98
CA GLY QA 638 -18.48 50.39 87.93
C GLY QA 638 -18.15 49.06 87.26
N GLY QA 639 -17.69 49.16 86.02
CA GLY QA 639 -17.27 48.01 85.28
C GLY QA 639 -18.17 47.74 84.08
N PHE QA 640 -18.10 46.50 83.61
CA PHE QA 640 -18.76 46.08 82.39
C PHE QA 640 -19.98 45.25 82.75
N GLY QA 641 -21.14 45.67 82.25
CA GLY QA 641 -22.34 44.88 82.42
C GLY QA 641 -22.42 43.82 81.34
N LEU QA 642 -22.52 42.56 81.75
CA LEU QA 642 -22.52 41.45 80.82
C LEU QA 642 -23.77 40.61 81.02
N LYS QA 643 -24.48 40.34 79.93
CA LYS QA 643 -25.59 39.39 79.98
C LYS QA 643 -25.08 38.00 80.33
N HIS QA 644 -23.93 37.63 79.78
CA HIS QA 644 -23.31 36.33 80.02
C HIS QA 644 -21.89 36.59 80.52
N PRO QA 645 -21.74 36.87 81.80
CA PRO QA 645 -20.42 37.20 82.35
C PRO QA 645 -19.54 35.96 82.42
N PRO QA 646 -18.28 36.11 82.80
CA PRO QA 646 -17.46 34.93 83.07
C PRO QA 646 -18.16 34.01 84.05
N PRO QA 647 -18.28 32.73 83.72
CA PRO QA 647 -19.08 31.83 84.55
C PRO QA 647 -18.47 31.64 85.92
N GLN QA 648 -19.32 31.40 86.90
CA GLN QA 648 -18.83 31.04 88.23
C GLN QA 648 -18.09 29.72 88.16
N ILE QA 649 -16.93 29.66 88.79
CA ILE QA 649 -16.12 28.45 88.85
C ILE QA 649 -16.23 27.91 90.26
N LEU QA 650 -16.95 26.81 90.41
CA LEU QA 650 -17.22 26.23 91.72
C LEU QA 650 -16.24 25.10 91.97
N ILE QA 651 -15.67 25.07 93.17
CA ILE QA 651 -14.66 24.07 93.53
C ILE QA 651 -15.00 23.53 94.90
N LYS QA 652 -14.81 22.23 95.08
CA LYS QA 652 -15.11 21.58 96.34
C LYS QA 652 -14.17 20.41 96.55
N ASN QA 653 -13.74 20.21 97.79
CA ASN QA 653 -13.07 18.97 98.14
C ASN QA 653 -14.10 17.85 98.18
N THR QA 654 -13.86 16.79 97.43
CA THR QA 654 -14.74 15.65 97.47
C THR QA 654 -14.70 15.03 98.85
N PRO QA 655 -15.84 14.83 99.51
CA PRO QA 655 -15.83 14.24 100.85
C PRO QA 655 -15.22 12.84 100.81
N VAL QA 656 -14.33 12.58 101.76
CA VAL QA 656 -13.73 11.27 101.94
C VAL QA 656 -14.20 10.73 103.28
N PRO QA 657 -15.11 9.77 103.31
CA PRO QA 657 -15.61 9.26 104.59
C PRO QA 657 -14.49 8.65 105.42
N ALA QA 658 -14.60 8.82 106.73
CA ALA QA 658 -13.81 8.01 107.65
C ALA QA 658 -14.35 6.58 107.61
N ASP QA 659 -13.78 5.72 108.44
CA ASP QA 659 -14.16 4.32 108.40
C ASP QA 659 -15.63 4.16 108.78
N PRO QA 660 -16.47 3.61 107.91
CA PRO QA 660 -17.86 3.40 108.25
C PRO QA 660 -18.00 2.24 109.23
N PRO QA 661 -19.14 2.11 109.91
CA PRO QA 661 -19.34 0.96 110.78
C PRO QA 661 -19.38 -0.33 109.97
N THR QA 662 -19.08 -1.43 110.65
CA THR QA 662 -19.07 -2.73 109.98
C THR QA 662 -20.46 -3.35 109.86
N THR QA 663 -21.47 -2.72 110.43
CA THR QA 663 -22.86 -3.11 110.23
C THR QA 663 -23.58 -1.98 109.52
N PHE QA 664 -24.44 -2.34 108.57
CA PHE QA 664 -25.03 -1.33 107.71
C PHE QA 664 -25.89 -0.35 108.50
N ASN QA 665 -25.74 0.93 108.18
CA ASN QA 665 -26.58 1.99 108.70
C ASN QA 665 -27.04 2.84 107.54
N GLN QA 666 -28.35 3.05 107.43
CA GLN QA 666 -28.91 3.81 106.33
C GLN QA 666 -28.62 5.29 106.43
N SER QA 667 -28.27 5.78 107.62
CA SER QA 667 -28.06 7.20 107.81
C SER QA 667 -26.88 7.69 106.99
N LYS QA 668 -26.99 8.92 106.51
CA LYS QA 668 -25.90 9.52 105.76
C LYS QA 668 -24.65 9.61 106.64
N LEU QA 669 -23.50 9.39 106.03
CA LEU QA 669 -22.26 9.43 106.77
C LEU QA 669 -21.93 10.86 107.17
N ASN QA 670 -21.57 11.05 108.44
CA ASN QA 670 -21.16 12.35 108.93
C ASN QA 670 -19.74 12.35 109.45
N SER QA 671 -19.06 11.23 109.42
CA SER QA 671 -17.67 11.12 109.84
C SER QA 671 -16.80 11.15 108.59
N PHE QA 672 -16.05 12.24 108.43
CA PHE QA 672 -15.24 12.44 107.24
C PHE QA 672 -13.79 12.68 107.64
N ILE QA 673 -12.90 12.27 106.74
CA ILE QA 673 -11.49 12.58 106.91
C ILE QA 673 -11.29 14.08 106.73
N THR QA 674 -10.65 14.71 107.70
CA THR QA 674 -10.40 16.13 107.62
C THR QA 674 -9.42 16.41 106.48
N GLN QA 675 -9.78 17.36 105.63
CA GLN QA 675 -9.12 17.44 104.34
C GLN QA 675 -9.19 18.86 103.81
N TYR QA 676 -8.14 19.27 103.13
CA TYR QA 676 -8.14 20.54 102.40
C TYR QA 676 -7.29 20.36 101.16
N SER QA 677 -7.51 21.22 100.18
CA SER QA 677 -6.76 21.18 98.95
C SER QA 677 -6.07 22.50 98.71
N THR QA 678 -4.95 22.44 98.01
CA THR QA 678 -4.24 23.62 97.57
C THR QA 678 -3.80 23.39 96.14
N GLY QA 679 -3.57 24.48 95.43
CA GLY QA 679 -3.14 24.38 94.05
C GLY QA 679 -2.84 25.76 93.51
N GLN QA 680 -2.63 25.80 92.21
CA GLN QA 680 -2.40 27.05 91.52
C GLN QA 680 -3.57 27.33 90.58
N VAL QA 681 -3.93 28.60 90.47
CA VAL QA 681 -4.97 29.05 89.58
C VAL QA 681 -4.37 30.09 88.65
N SER QA 682 -4.61 29.93 87.35
CA SER QA 682 -4.17 30.88 86.36
C SER QA 682 -5.38 31.45 85.64
N VAL QA 683 -5.45 32.76 85.55
CA VAL QA 683 -6.47 33.43 84.75
C VAL QA 683 -5.77 34.37 83.79
N GLU QA 684 -6.07 34.22 82.51
CA GLU QA 684 -5.52 35.06 81.45
C GLU QA 684 -6.67 35.81 80.81
N ILE QA 685 -6.60 37.14 80.81
CA ILE QA 685 -7.61 37.97 80.17
C ILE QA 685 -6.94 38.78 79.08
N GLU QA 686 -7.51 38.75 77.89
CA GLU QA 686 -7.10 39.62 76.80
C GLU QA 686 -8.01 40.83 76.80
N TRP QA 687 -7.42 42.02 76.85
CA TRP QA 687 -8.15 43.27 76.84
C TRP QA 687 -7.87 44.00 75.54
N GLU QA 688 -8.93 44.55 74.95
CA GLU QA 688 -8.80 45.42 73.80
C GLU QA 688 -8.66 46.85 74.27
N LEU QA 689 -7.76 47.59 73.64
CA LEU QA 689 -7.46 48.96 74.03
C LEU QA 689 -8.01 49.94 73.00
N GLN QA 690 -8.50 51.06 73.49
CA GLN QA 690 -8.84 52.21 72.64
C GLN QA 690 -7.72 53.22 72.78
N LYS QA 691 -6.86 53.31 71.77
CA LYS QA 691 -5.76 54.27 71.80
C LYS QA 691 -6.29 55.69 71.72
N GLU QA 692 -5.67 56.58 72.49
CA GLU QA 692 -6.05 57.99 72.42
C GLU QA 692 -5.50 58.61 71.14
N ASN QA 693 -6.39 59.28 70.41
CA ASN QA 693 -6.01 59.99 69.20
C ASN QA 693 -6.39 61.45 69.42
N SER QA 694 -5.50 62.19 70.06
CA SER QA 694 -5.80 63.52 70.58
C SER QA 694 -4.88 64.55 69.96
N LYS QA 695 -5.44 65.71 69.61
CA LYS QA 695 -4.67 66.82 69.11
C LYS QA 695 -4.44 67.88 70.17
N ARG QA 696 -4.66 67.54 71.43
CA ARG QA 696 -4.35 68.43 72.54
C ARG QA 696 -2.88 68.82 72.50
N TRP QA 697 -2.61 70.12 72.67
CA TRP QA 697 -1.25 70.61 72.57
C TRP QA 697 -0.51 70.48 73.89
N ASN QA 698 -1.12 70.93 74.98
CA ASN QA 698 -0.48 70.92 76.28
C ASN QA 698 -0.44 69.50 76.85
N PRO QA 699 0.50 69.22 77.75
CA PRO QA 699 0.59 67.86 78.31
C PRO QA 699 -0.65 67.48 79.09
N GLU QA 700 -0.96 66.19 79.06
CA GLU QA 700 -2.10 65.64 79.76
C GLU QA 700 -1.74 65.38 81.23
N ILE QA 701 -2.78 65.17 82.03
CA ILE QA 701 -2.61 64.66 83.38
C ILE QA 701 -2.34 63.17 83.29
N GLN QA 702 -1.33 62.72 84.00
CA GLN QA 702 -0.95 61.31 84.01
C GLN QA 702 -0.88 60.83 85.45
N TYR QA 703 -1.21 59.58 85.67
CA TYR QA 703 -0.95 58.99 86.96
C TYR QA 703 0.54 58.76 87.11
N THR QA 704 1.10 59.25 88.20
CA THR QA 704 2.53 59.12 88.45
C THR QA 704 2.75 58.78 89.90
N SER QA 705 3.82 58.04 90.17
CA SER QA 705 4.25 57.87 91.54
C SER QA 705 4.90 59.14 92.04
N ASN QA 706 4.84 59.36 93.34
CA ASN QA 706 5.46 60.53 93.93
C ASN QA 706 6.98 60.41 93.85
N TYR QA 707 7.62 61.50 93.44
CA TYR QA 707 9.08 61.49 93.30
C TYR QA 707 9.79 61.57 94.65
N TYR QA 708 9.16 62.20 95.64
CA TYR QA 708 9.81 62.46 96.91
C TYR QA 708 10.03 61.17 97.69
N LYS QA 709 11.03 61.18 98.56
CA LYS QA 709 11.42 60.00 99.31
C LYS QA 709 10.32 59.61 100.29
N SER QA 710 10.31 58.32 100.65
CA SER QA 710 9.33 57.79 101.58
C SER QA 710 9.89 56.57 102.26
N THR QA 711 9.27 56.19 103.38
CA THR QA 711 9.73 55.04 104.14
C THR QA 711 9.61 53.76 103.32
N SER QA 712 8.55 53.63 102.53
CA SER QA 712 8.32 52.45 101.74
C SER QA 712 7.91 52.85 100.32
N VAL QA 713 8.10 51.93 99.38
CA VAL QA 713 7.66 52.13 98.02
C VAL QA 713 6.16 51.90 97.95
N ASP QA 714 5.45 52.81 97.31
CA ASP QA 714 4.01 52.63 97.11
C ASP QA 714 3.75 51.43 96.21
N PHE QA 715 2.72 50.66 96.53
CA PHE QA 715 2.40 49.42 95.82
C PHE QA 715 3.56 48.44 95.88
N ALA QA 716 4.11 48.27 97.08
CA ALA QA 716 5.15 47.30 97.33
C ALA QA 716 4.89 46.69 98.71
N VAL QA 717 5.79 45.85 99.14
CA VAL QA 717 5.69 45.24 100.45
C VAL QA 717 6.43 46.10 101.45
N ASN QA 718 6.03 46.02 102.71
CA ASN QA 718 6.73 46.70 103.78
C ASN QA 718 7.78 45.76 104.36
N THR QA 719 8.35 46.11 105.51
CA THR QA 719 9.38 45.29 106.12
C THR QA 719 8.85 43.96 106.63
N GLU QA 720 7.53 43.84 106.79
CA GLU QA 720 6.92 42.60 107.27
C GLU QA 720 6.40 41.73 106.15
N GLY QA 721 6.60 42.12 104.90
CA GLY QA 721 6.11 41.34 103.79
C GLY QA 721 4.68 41.60 103.39
N VAL QA 722 4.04 42.62 103.96
CA VAL QA 722 2.64 42.91 103.67
C VAL QA 722 2.58 43.81 102.45
N TYR QA 723 1.92 43.33 101.41
CA TYR QA 723 1.65 44.16 100.25
C TYR QA 723 0.45 45.06 100.53
N SER QA 724 0.57 46.32 100.17
CA SER QA 724 -0.49 47.29 100.40
C SER QA 724 -0.70 48.13 99.16
N GLU QA 725 -1.95 48.52 98.93
CA GLU QA 725 -2.28 49.48 97.90
C GLU QA 725 -2.58 50.81 98.57
N PRO QA 726 -1.72 51.81 98.44
CA PRO QA 726 -1.88 53.02 99.27
C PRO QA 726 -3.04 53.90 98.85
N ARG QA 727 -3.48 53.84 97.61
CA ARG QA 727 -4.53 54.72 97.13
C ARG QA 727 -5.35 53.97 96.10
N PRO QA 728 -6.60 54.36 95.87
CA PRO QA 728 -7.36 53.81 94.74
C PRO QA 728 -6.98 54.55 93.47
N ILE QA 729 -6.43 53.82 92.50
CA ILE QA 729 -6.06 54.41 91.22
C ILE QA 729 -7.27 54.31 90.31
N GLY QA 730 -7.81 55.47 89.94
CA GLY QA 730 -8.88 55.50 88.98
C GLY QA 730 -8.38 55.19 87.58
N THR QA 731 -9.15 55.59 86.58
CA THR QA 731 -8.82 55.24 85.22
C THR QA 731 -8.82 56.45 84.30
N ARG QA 732 -9.36 57.58 84.74
CA ARG QA 732 -9.61 58.73 83.89
C ARG QA 732 -8.53 59.78 84.12
N TYR QA 733 -7.51 59.75 83.29
CA TYR QA 733 -6.44 60.73 83.30
C TYR QA 733 -6.27 61.45 81.99
N LEU QA 734 -6.39 60.75 80.87
CA LEU QA 734 -6.41 61.40 79.57
C LEU QA 734 -7.72 62.16 79.40
N THR QA 735 -7.75 63.03 78.39
CA THR QA 735 -8.91 63.89 78.17
C THR QA 735 -9.43 63.73 76.76
N ARG QA 736 -10.74 63.95 76.61
CA ARG QA 736 -11.40 64.04 75.32
C ARG QA 736 -12.30 65.25 75.32
N ASN QA 737 -12.55 65.79 74.13
CA ASN QA 737 -13.61 66.75 73.97
C ASN QA 737 -14.96 66.05 74.09
N LEU QA 738 -15.98 66.82 74.41
CA LEU QA 738 -17.31 66.26 74.48
C LEU QA 738 -17.88 66.06 73.08
N GLY RA 221 -69.14 28.18 45.32
CA GLY RA 221 -70.48 27.66 45.09
C GLY RA 221 -71.42 27.87 46.26
N VAL RA 222 -72.70 27.98 45.96
CA VAL RA 222 -73.71 28.16 47.01
C VAL RA 222 -73.76 26.94 47.90
N GLY RA 223 -73.72 25.75 47.31
CA GLY RA 223 -73.90 24.52 48.04
C GLY RA 223 -72.63 23.82 48.50
N SER RA 224 -71.49 24.49 48.45
CA SER RA 224 -70.23 23.91 48.89
C SER RA 224 -69.61 24.76 49.99
N SER RA 225 -69.10 24.10 51.01
CA SER RA 225 -68.43 24.79 52.10
C SER RA 225 -67.12 25.42 51.62
N SER RA 226 -66.85 26.63 52.08
CA SER RA 226 -65.63 27.33 51.71
C SER RA 226 -64.52 27.17 52.73
N GLY RA 227 -64.74 26.38 53.77
CA GLY RA 227 -63.70 26.13 54.74
C GLY RA 227 -64.22 25.20 55.83
N ASN RA 228 -63.27 24.63 56.56
CA ASN RA 228 -63.57 23.67 57.61
C ASN RA 228 -63.34 24.30 58.98
N TRP RA 229 -63.92 23.68 59.99
CA TRP RA 229 -63.74 24.09 61.37
C TRP RA 229 -62.37 23.63 61.85
N HIS RA 230 -61.55 24.58 62.30
CA HIS RA 230 -60.18 24.30 62.75
C HIS RA 230 -59.99 24.92 64.12
N CYS RA 231 -60.35 24.18 65.16
CA CYS RA 231 -59.99 24.52 66.53
C CYS RA 231 -59.05 23.43 67.03
N ASP RA 232 -57.83 23.83 67.41
CA ASP RA 232 -56.82 22.87 67.77
C ASP RA 232 -55.63 23.61 68.35
N SER RA 233 -54.77 22.86 69.02
CA SER RA 233 -53.46 23.36 69.44
C SER RA 233 -52.47 22.22 69.29
N THR RA 234 -51.43 22.43 68.51
CA THR RA 234 -50.40 21.43 68.28
C THR RA 234 -49.11 21.92 68.91
N TRP RA 235 -48.60 21.15 69.87
CA TRP RA 235 -47.33 21.44 70.51
C TRP RA 235 -46.25 20.59 69.86
N LEU RA 236 -45.26 21.25 69.27
CA LEU RA 236 -44.22 20.54 68.53
C LEU RA 236 -42.89 21.24 68.81
N GLY RA 237 -42.09 20.64 69.68
CA GLY RA 237 -40.80 21.21 70.00
C GLY RA 237 -40.94 22.53 70.72
N ASP RA 238 -40.28 23.56 70.19
CA ASP RA 238 -40.32 24.89 70.77
C ASP RA 238 -41.43 25.75 70.19
N ARG RA 239 -42.37 25.15 69.48
CA ARG RA 239 -43.51 25.86 68.91
C ARG RA 239 -44.81 25.29 69.46
N VAL RA 240 -45.79 26.16 69.59
CA VAL RA 240 -47.18 25.74 69.75
C VAL RA 240 -48.00 26.51 68.73
N ILE RA 241 -48.82 25.78 67.97
CA ILE RA 241 -49.67 26.38 66.96
C ILE RA 241 -51.10 26.29 67.46
N THR RA 242 -51.65 27.42 67.87
CA THR RA 242 -53.06 27.49 68.25
C THR RA 242 -53.88 27.88 67.03
N THR RA 243 -54.95 27.15 66.78
CA THR RA 243 -55.91 27.54 65.77
C THR RA 243 -57.29 27.53 66.40
N SER RA 244 -58.06 28.56 66.13
CA SER RA 244 -59.39 28.68 66.72
C SER RA 244 -60.37 29.13 65.67
N THR RA 245 -61.52 28.48 65.64
CA THR RA 245 -62.61 28.84 64.74
C THR RA 245 -63.81 29.27 65.58
N ARG RA 246 -64.47 30.32 65.13
CA ARG RA 246 -65.67 30.80 65.79
C ARG RA 246 -66.72 31.13 64.73
N THR RA 247 -67.98 31.07 65.14
CA THR RA 247 -69.07 31.55 64.30
C THR RA 247 -69.37 32.99 64.69
N TRP RA 248 -69.40 33.87 63.70
CA TRP RA 248 -69.66 35.28 63.94
C TRP RA 248 -70.97 35.68 63.28
N ALA RA 249 -71.51 36.79 63.74
CA ALA RA 249 -72.66 37.43 63.10
C ALA RA 249 -72.37 38.91 62.96
N LEU RA 250 -72.49 39.42 61.75
CA LEU RA 250 -72.22 40.83 61.49
C LEU RA 250 -73.51 41.53 61.11
N PRO RA 251 -74.01 42.44 61.93
CA PRO RA 251 -75.18 43.22 61.54
C PRO RA 251 -74.78 44.35 60.60
N THR RA 252 -75.79 45.04 60.10
CA THR RA 252 -75.56 46.31 59.44
C THR RA 252 -75.42 47.38 60.52
N TYR RA 253 -74.27 48.04 60.54
CA TYR RA 253 -73.99 49.08 61.51
C TYR RA 253 -74.29 50.44 60.93
N ASN RA 254 -74.85 51.32 61.75
CA ASN RA 254 -75.05 52.73 61.42
C ASN RA 254 -75.97 52.96 60.25
N ASN RA 255 -76.73 51.94 59.84
CA ASN RA 255 -77.54 52.00 58.62
C ASN RA 255 -76.68 52.37 57.41
N HIS RA 256 -75.49 51.75 57.34
CA HIS RA 256 -74.52 51.92 56.27
C HIS RA 256 -73.92 53.32 56.23
N LEU RA 257 -74.05 54.11 57.29
CA LEU RA 257 -73.60 55.49 57.29
C LEU RA 257 -72.34 55.66 58.12
N TYR RA 258 -71.54 56.66 57.74
CA TYR RA 258 -70.51 57.19 58.62
C TYR RA 258 -71.11 58.34 59.40
N LYS RA 259 -71.03 58.27 60.72
CA LYS RA 259 -71.59 59.30 61.56
C LYS RA 259 -70.48 59.94 62.38
N GLN RA 260 -70.43 61.27 62.36
CA GLN RA 260 -69.57 61.98 63.29
C GLN RA 260 -70.12 61.83 64.69
N ILE RA 261 -69.26 61.47 65.63
CA ILE RA 261 -69.64 61.30 67.03
C ILE RA 261 -68.76 62.20 67.87
N SER RA 262 -69.34 62.77 68.92
CA SER RA 262 -68.63 63.73 69.74
C SER RA 262 -69.14 63.65 71.16
N ASN RA 263 -68.39 64.26 72.06
CA ASN RA 263 -68.78 64.42 73.45
C ASN RA 263 -68.10 65.69 73.95
N GLY RA 264 -68.90 66.63 74.45
CA GLY RA 264 -68.40 67.89 74.93
C GLY RA 264 -68.70 68.09 76.41
N THR RA 265 -68.33 69.26 76.89
CA THR RA 265 -68.55 69.60 78.29
C THR RA 265 -69.93 70.20 78.49
N ALA RA 269 -70.65 66.06 80.59
CA ALA RA 269 -69.37 65.38 80.55
C ALA RA 269 -68.24 66.34 80.92
N THR RA 270 -67.18 65.79 81.53
CA THR RA 270 -66.04 66.60 81.89
C THR RA 270 -65.09 66.73 80.69
N ASN RA 271 -64.18 67.69 80.79
CA ASN RA 271 -63.20 67.88 79.72
C ASN RA 271 -62.32 66.66 79.55
N ASP RA 272 -62.10 65.89 80.62
CA ASP RA 272 -61.26 64.70 80.53
C ASP RA 272 -61.87 63.63 79.63
N ASN RA 273 -63.18 63.69 79.39
CA ASN RA 273 -63.87 62.65 78.63
C ASN RA 273 -64.38 63.15 77.28
N THR RA 274 -63.95 64.32 76.83
CA THR RA 274 -64.39 64.82 75.55
C THR RA 274 -63.72 64.05 74.41
N TYR RA 275 -64.42 63.94 73.29
CA TYR RA 275 -63.83 63.31 72.12
C TYR RA 275 -64.54 63.80 70.88
N PHE RA 276 -63.86 63.65 69.75
CA PHE RA 276 -64.43 63.82 68.43
C PHE RA 276 -63.96 62.64 67.60
N GLY RA 277 -64.87 62.01 66.89
CA GLY RA 277 -64.50 60.87 66.08
C GLY RA 277 -65.59 60.51 65.12
N TYR RA 278 -65.48 59.31 64.57
CA TYR RA 278 -66.42 58.86 63.57
C TYR RA 278 -66.84 57.43 63.86
N SER RA 279 -68.14 57.18 63.79
CA SER RA 279 -68.68 55.84 63.79
C SER RA 279 -68.80 55.39 62.33
N THR RA 280 -68.29 54.20 62.04
CA THR RA 280 -68.32 53.69 60.69
C THR RA 280 -69.31 52.55 60.58
N PRO RA 281 -69.82 52.27 59.37
CA PRO RA 281 -70.67 51.10 59.17
C PRO RA 281 -69.93 49.78 59.14
N TRP RA 282 -68.63 49.79 59.42
CA TRP RA 282 -67.81 48.60 59.32
C TRP RA 282 -67.69 47.90 60.67
N GLY RA 283 -67.69 46.59 60.64
CA GLY RA 283 -67.23 45.81 61.77
C GLY RA 283 -65.76 45.49 61.64
N TYR RA 284 -65.20 44.90 62.69
CA TYR RA 284 -63.81 44.49 62.63
C TYR RA 284 -63.63 43.23 63.47
N PHE RA 285 -62.66 42.42 63.08
CA PHE RA 285 -62.37 41.18 63.78
C PHE RA 285 -61.26 41.42 64.78
N ASP RA 286 -61.51 41.02 66.02
CA ASP RA 286 -60.56 41.15 67.10
C ASP RA 286 -60.27 39.78 67.67
N PHE RA 287 -58.99 39.42 67.75
CA PHE RA 287 -58.55 38.22 68.43
C PHE RA 287 -57.35 38.55 69.30
N ASN RA 288 -57.37 39.72 69.91
CA ASN RA 288 -56.27 40.24 70.71
C ASN RA 288 -56.40 39.90 72.17
N ARG RA 289 -56.96 38.74 72.48
CA ARG RA 289 -56.96 38.19 73.83
C ARG RA 289 -56.44 36.77 73.77
N PHE RA 290 -55.71 36.37 74.81
CA PHE RA 290 -55.06 35.07 74.77
C PHE RA 290 -56.06 33.93 74.78
N HIS RA 291 -57.22 34.10 75.43
CA HIS RA 291 -58.19 33.02 75.46
C HIS RA 291 -58.91 32.84 74.12
N CYS RA 292 -58.72 33.76 73.17
CA CYS RA 292 -59.18 33.51 71.82
C CYS RA 292 -58.41 32.39 71.14
N HIS RA 293 -57.23 32.06 71.66
CA HIS RA 293 -56.34 31.10 71.04
C HIS RA 293 -55.97 29.95 71.94
N PHE RA 294 -55.80 30.20 73.23
CA PHE RA 294 -55.41 29.16 74.18
C PHE RA 294 -56.62 28.71 74.98
N SER RA 295 -56.88 27.42 74.98
CA SER RA 295 -57.78 26.85 75.95
C SER RA 295 -57.13 26.94 77.33
N PRO RA 296 -57.94 26.91 78.39
CA PRO RA 296 -57.34 26.96 79.73
C PRO RA 296 -56.31 25.87 79.97
N ARG RA 297 -56.56 24.66 79.46
CA ARG RA 297 -55.58 23.60 79.58
C ARG RA 297 -54.32 23.92 78.76
N ASP RA 298 -54.50 24.47 77.56
CA ASP RA 298 -53.33 24.88 76.78
C ASP RA 298 -52.57 25.99 77.47
N TRP RA 299 -53.27 26.93 78.08
CA TRP RA 299 -52.62 27.98 78.86
C TRP RA 299 -51.83 27.38 80.01
N GLN RA 300 -52.39 26.38 80.69
CA GLN RA 300 -51.67 25.70 81.76
C GLN RA 300 -50.42 25.03 81.23
N ARG RA 301 -50.54 24.33 80.09
CA ARG RA 301 -49.36 23.72 79.46
C ARG RA 301 -48.30 24.75 79.18
N LEU RA 302 -48.70 25.91 78.67
CA LEU RA 302 -47.75 26.96 78.33
C LEU RA 302 -47.06 27.51 79.56
N ILE RA 303 -47.83 27.88 80.58
CA ILE RA 303 -47.28 28.62 81.71
C ILE RA 303 -46.57 27.73 82.71
N ASN RA 304 -46.90 26.44 82.77
CA ASN RA 304 -46.25 25.57 83.74
C ASN RA 304 -44.93 25.00 83.24
N ASN RA 305 -44.59 25.20 81.98
CA ASN RA 305 -43.47 24.50 81.37
C ASN RA 305 -42.53 25.39 80.57
N ASN RA 306 -42.84 26.66 80.40
CA ASN RA 306 -42.06 27.53 79.55
C ASN RA 306 -41.67 28.80 80.29
N TRP RA 307 -40.44 29.23 80.07
CA TRP RA 307 -39.97 30.49 80.64
C TRP RA 307 -40.43 31.68 79.82
N GLY RA 308 -40.86 31.46 78.59
CA GLY RA 308 -41.28 32.56 77.76
C GLY RA 308 -41.95 32.07 76.51
N PHE RA 309 -42.63 32.99 75.84
CA PHE RA 309 -43.29 32.69 74.58
C PHE RA 309 -43.47 34.01 73.83
N ARG RA 310 -43.69 33.89 72.53
CA ARG RA 310 -43.95 35.06 71.70
C ARG RA 310 -44.64 34.59 70.43
N PRO RA 311 -45.52 35.40 69.87
CA PRO RA 311 -46.13 35.04 68.58
C PRO RA 311 -45.11 35.13 67.46
N LYS RA 312 -45.27 34.24 66.49
CA LYS RA 312 -44.38 34.20 65.33
C LYS RA 312 -45.10 34.56 64.04
N ARG RA 313 -46.22 33.93 63.75
CA ARG RA 313 -46.96 34.19 62.55
C ARG RA 313 -48.43 33.90 62.82
N LEU RA 314 -49.29 34.46 62.00
CA LEU RA 314 -50.71 34.15 62.10
C LEU RA 314 -51.29 33.99 60.71
N SER RA 315 -52.30 33.15 60.61
CA SER RA 315 -53.13 33.04 59.43
C SER RA 315 -54.58 33.23 59.85
N PHE RA 316 -55.32 33.95 59.02
CA PHE RA 316 -56.69 34.33 59.32
C PHE RA 316 -57.56 33.90 58.17
N LYS RA 317 -58.74 33.38 58.48
CA LYS RA 317 -59.64 32.91 57.43
C LYS RA 317 -61.07 33.32 57.74
N LEU RA 318 -61.77 33.79 56.71
CA LEU RA 318 -63.21 33.99 56.74
C LEU RA 318 -63.83 33.07 55.70
N PHE RA 319 -64.85 32.34 56.09
CA PHE RA 319 -65.41 31.33 55.21
C PHE RA 319 -66.82 30.98 55.66
N ASN RA 320 -67.50 30.21 54.81
CA ASN RA 320 -68.89 29.81 55.05
C ASN RA 320 -69.76 31.02 55.32
N ILE RA 321 -69.58 32.04 54.50
CA ILE RA 321 -70.30 33.29 54.67
C ILE RA 321 -71.74 33.09 54.23
N GLN RA 322 -72.67 33.55 55.07
CA GLN RA 322 -74.09 33.54 54.74
C GLN RA 322 -74.62 34.95 54.97
N VAL RA 323 -75.12 35.57 53.92
CA VAL RA 323 -75.78 36.86 54.03
C VAL RA 323 -77.27 36.63 54.03
N LYS RA 324 -77.94 37.14 55.04
CA LYS RA 324 -79.35 36.84 55.26
C LYS RA 324 -80.17 38.11 55.23
N GLU RA 325 -81.32 38.03 54.58
CA GLU RA 325 -82.27 39.12 54.49
C GLU RA 325 -83.39 38.90 55.48
N VAL RA 326 -83.72 39.93 56.25
CA VAL RA 326 -84.80 39.87 57.22
C VAL RA 326 -85.86 40.89 56.83
N THR RA 327 -87.10 40.44 56.75
CA THR RA 327 -88.21 41.30 56.35
C THR RA 327 -89.20 41.49 57.48
N LYS RA 333 -91.74 38.51 61.22
CA LYS RA 333 -90.36 38.55 60.79
C LYS RA 333 -89.92 37.24 60.18
N THR RA 334 -89.43 37.30 58.94
CA THR RA 334 -88.88 36.15 58.26
C THR RA 334 -87.45 36.44 57.84
N ILE RA 335 -86.58 35.44 58.00
CA ILE RA 335 -85.18 35.54 57.63
C ILE RA 335 -84.94 34.60 56.46
N ALA RA 336 -84.39 35.13 55.38
CA ALA RA 336 -84.13 34.36 54.17
C ALA RA 336 -82.71 34.59 53.72
N ASN RA 337 -82.16 33.60 53.01
CA ASN RA 337 -80.85 33.75 52.41
C ASN RA 337 -80.92 34.76 51.27
N ASN RA 338 -79.89 35.62 51.22
CA ASN RA 338 -79.71 36.55 50.08
C ASN RA 338 -78.46 36.01 49.39
N LEU RA 339 -78.61 35.09 48.44
CA LEU RA 339 -77.47 34.38 47.86
C LEU RA 339 -76.55 35.31 47.08
N THR RA 340 -77.08 36.39 46.54
CA THR RA 340 -76.30 37.30 45.70
C THR RA 340 -75.73 38.47 46.47
N SER RA 341 -75.98 38.56 47.77
CA SER RA 341 -75.44 39.66 48.57
C SER RA 341 -73.99 39.39 48.91
N THR RA 342 -73.24 40.46 49.16
CA THR RA 342 -71.83 40.37 49.44
C THR RA 342 -71.51 40.98 50.81
N ILE RA 343 -70.38 40.56 51.35
CA ILE RA 343 -69.71 41.26 52.43
C ILE RA 343 -68.41 41.79 51.87
N GLN RA 344 -67.91 42.87 52.46
CA GLN RA 344 -66.64 43.45 52.08
C GLN RA 344 -65.65 43.24 53.22
N VAL RA 345 -64.49 42.69 52.91
CA VAL RA 345 -63.45 42.43 53.89
C VAL RA 345 -62.14 43.00 53.35
N PHE RA 346 -61.42 43.72 54.20
CA PHE RA 346 -60.07 44.10 53.86
C PHE RA 346 -59.26 44.21 55.14
N THR RA 347 -57.95 44.03 55.01
CA THR RA 347 -57.03 44.24 56.11
C THR RA 347 -56.30 45.55 55.89
N ASP RA 348 -56.20 46.35 56.96
CA ASP RA 348 -55.42 47.57 56.94
C ASP RA 348 -53.94 47.19 57.06
N SER RA 349 -53.41 46.61 55.99
CA SER RA 349 -52.06 46.06 56.02
C SER RA 349 -51.00 47.15 56.05
N GLU RA 350 -51.32 48.33 55.54
CA GLU RA 350 -50.40 49.47 55.61
C GLU RA 350 -50.59 50.31 56.85
N TYR RA 351 -51.49 49.91 57.75
CA TYR RA 351 -51.75 50.64 59.00
C TYR RA 351 -52.11 52.09 58.73
N GLN RA 352 -52.94 52.30 57.71
CA GLN RA 352 -53.40 53.63 57.33
C GLN RA 352 -54.66 54.05 58.07
N LEU RA 353 -55.29 53.18 58.75
CA LEU RA 353 -56.45 53.51 59.55
C LEU RA 353 -56.06 53.67 61.01
N PRO RA 354 -56.82 54.45 61.76
CA PRO RA 354 -56.61 54.47 63.22
C PRO RA 354 -56.72 53.06 63.79
N TYR RA 355 -55.69 52.66 64.53
CA TYR RA 355 -55.60 51.31 65.05
C TYR RA 355 -56.31 51.27 66.39
N VAL RA 356 -57.51 50.67 66.41
CA VAL RA 356 -58.30 50.61 67.63
C VAL RA 356 -58.17 49.29 68.35
N LEU RA 357 -57.50 48.30 67.77
CA LEU RA 357 -57.10 47.14 68.53
C LEU RA 357 -56.04 47.54 69.55
N GLY RA 358 -55.87 46.70 70.56
CA GLY RA 358 -54.95 47.07 71.61
C GLY RA 358 -55.46 48.13 72.54
N SER RA 359 -56.77 48.30 72.63
CA SER RA 359 -57.38 49.14 73.66
C SER RA 359 -58.24 48.32 74.62
N ALA RA 360 -58.03 47.00 74.65
CA ALA RA 360 -58.72 46.10 75.56
C ALA RA 360 -60.23 46.20 75.42
N HIS RA 361 -60.69 46.27 74.18
CA HIS RA 361 -62.12 46.40 73.91
C HIS RA 361 -62.80 45.05 73.85
N GLN RA 362 -64.09 45.05 74.15
CA GLN RA 362 -64.90 43.87 73.95
C GLN RA 362 -65.08 43.59 72.46
N GLY RA 363 -65.61 42.42 72.14
CA GLY RA 363 -65.83 42.03 70.77
C GLY RA 363 -64.79 41.11 70.21
N CYS RA 364 -63.83 40.67 71.01
CA CYS RA 364 -62.88 39.66 70.55
C CYS RA 364 -63.58 38.32 70.37
N LEU RA 365 -62.88 37.40 69.74
CA LEU RA 365 -63.38 36.04 69.62
C LEU RA 365 -63.65 35.49 71.01
N PRO RA 366 -64.79 34.84 71.24
CA PRO RA 366 -65.10 34.35 72.59
C PRO RA 366 -64.12 33.28 73.01
N PRO RA 367 -63.84 33.17 74.31
CA PRO RA 367 -62.95 32.10 74.77
C PRO RA 367 -63.48 30.70 74.48
N PHE RA 368 -64.79 30.51 74.52
CA PHE RA 368 -65.39 29.20 74.31
C PHE RA 368 -65.66 29.00 72.83
N PRO RA 369 -65.12 27.94 72.20
CA PRO RA 369 -65.30 27.79 70.75
C PRO RA 369 -66.74 27.65 70.31
N ALA RA 370 -67.61 27.08 71.15
CA ALA RA 370 -69.01 26.92 70.77
C ALA RA 370 -69.77 28.24 70.79
N ASP RA 371 -69.15 29.32 71.24
CA ASP RA 371 -69.86 30.57 71.44
C ASP RA 371 -69.92 31.35 70.14
N VAL RA 372 -71.12 31.79 69.78
CA VAL RA 372 -71.31 32.64 68.60
C VAL RA 372 -71.28 34.09 69.04
N PHE RA 373 -70.45 34.90 68.37
CA PHE RA 373 -70.22 36.25 68.81
C PHE RA 373 -70.60 37.26 67.73
N MET RA 374 -70.96 38.44 68.20
CA MET RA 374 -71.27 39.58 67.35
C MET RA 374 -70.02 40.38 67.06
N ILE RA 375 -69.86 40.76 65.80
CA ILE RA 375 -68.66 41.52 65.40
C ILE RA 375 -68.79 42.96 65.87
N PRO RA 376 -67.80 43.51 66.56
CA PRO RA 376 -67.91 44.88 67.06
C PRO RA 376 -67.85 45.90 65.93
N GLN RA 377 -68.49 47.03 66.15
CA GLN RA 377 -68.51 48.10 65.16
C GLN RA 377 -67.21 48.90 65.22
N TYR RA 378 -66.67 49.19 64.05
CA TYR RA 378 -65.44 49.96 63.97
C TYR RA 378 -65.75 51.45 64.10
N GLY RA 379 -65.07 52.10 65.04
CA GLY RA 379 -65.08 53.54 65.12
C GLY RA 379 -63.70 54.01 65.53
N TYR RA 380 -63.45 55.30 65.35
CA TYR RA 380 -62.15 55.83 65.69
C TYR RA 380 -62.30 57.26 66.18
N LEU RA 381 -61.27 57.73 66.85
CA LEU RA 381 -61.21 59.09 67.35
C LEU RA 381 -60.10 59.84 66.65
N THR RA 382 -60.33 61.13 66.47
CA THR RA 382 -59.30 61.99 65.92
C THR RA 382 -59.13 63.17 66.87
N LEU RA 383 -58.39 64.19 66.46
CA LEU RA 383 -58.14 65.32 67.34
C LEU RA 383 -59.44 66.05 67.65
N ASN RA 384 -59.60 66.45 68.90
CA ASN RA 384 -60.78 67.16 69.33
C ASN RA 384 -60.39 68.34 70.20
N ASN RA 385 -61.23 69.37 70.18
CA ASN RA 385 -61.17 70.51 71.10
C ASN RA 385 -62.55 70.57 71.72
N GLY RA 386 -62.72 69.92 72.86
CA GLY RA 386 -64.06 69.71 73.37
C GLY RA 386 -64.79 68.72 72.48
N SER RA 387 -66.00 69.09 72.07
CA SER RA 387 -66.75 68.29 71.12
C SER RA 387 -66.48 68.67 69.68
N GLN RA 388 -65.64 69.66 69.44
CA GLN RA 388 -65.36 70.14 68.10
C GLN RA 388 -64.12 69.48 67.53
N ALA RA 389 -64.10 69.34 66.21
CA ALA RA 389 -62.89 68.93 65.54
C ALA RA 389 -61.99 70.13 65.30
N VAL RA 390 -60.72 69.85 65.05
CA VAL RA 390 -59.77 70.86 64.65
C VAL RA 390 -59.39 70.60 63.19
N GLY RA 391 -58.65 71.53 62.60
CA GLY RA 391 -58.24 71.37 61.23
C GLY RA 391 -57.37 70.15 60.98
N ARG RA 392 -56.68 69.67 62.01
CA ARG RA 392 -55.85 68.49 61.88
C ARG RA 392 -56.63 67.20 62.06
N SER RA 393 -57.91 67.28 62.42
CA SER RA 393 -58.72 66.07 62.57
C SER RA 393 -58.84 65.35 61.23
N SER RA 394 -58.66 64.04 61.27
CA SER RA 394 -58.68 63.22 60.07
C SER RA 394 -60.00 62.46 59.98
N PHE RA 395 -60.60 62.48 58.80
CA PHE RA 395 -61.76 61.65 58.50
C PHE RA 395 -61.32 60.55 57.55
N TYR RA 396 -61.67 59.32 57.88
CA TYR RA 396 -61.31 58.16 57.07
C TYR RA 396 -62.58 57.49 56.55
N CYS RA 397 -62.64 57.32 55.23
CA CYS RA 397 -63.68 56.51 54.61
C CYS RA 397 -63.09 55.13 54.36
N LEU RA 398 -63.67 54.12 54.99
CA LEU RA 398 -63.14 52.77 54.82
C LEU RA 398 -63.50 52.18 53.46
N GLU RA 399 -64.51 52.74 52.79
CA GLU RA 399 -64.76 52.36 51.41
C GLU RA 399 -63.68 52.86 50.48
N TYR RA 400 -62.87 53.81 50.91
CA TYR RA 400 -61.74 54.30 50.13
C TYR RA 400 -60.57 53.33 50.13
N PHE RA 401 -60.76 52.13 50.64
CA PHE RA 401 -59.76 51.09 50.61
C PHE RA 401 -60.17 49.99 49.64
N PRO RA 402 -59.21 49.30 49.03
CA PRO RA 402 -59.56 48.09 48.27
C PRO RA 402 -60.05 47.01 49.21
N SER RA 403 -61.25 46.50 48.94
CA SER RA 403 -61.83 45.45 49.76
C SER RA 403 -62.19 44.28 48.86
N GLN RA 404 -62.00 43.07 49.39
CA GLN RA 404 -62.51 41.89 48.71
C GLN RA 404 -63.99 41.77 49.01
N MET RA 405 -64.81 41.63 47.98
CA MET RA 405 -66.23 41.39 48.16
C MET RA 405 -66.50 39.89 48.03
N LEU RA 406 -67.28 39.37 48.97
CA LEU RA 406 -67.46 37.93 49.11
C LEU RA 406 -68.95 37.61 49.05
N ARG RA 407 -69.31 36.74 48.13
CA ARG RA 407 -70.64 36.13 48.18
C ARG RA 407 -70.57 34.88 49.04
N THR RA 408 -71.70 34.17 49.12
CA THR RA 408 -71.80 33.05 50.05
C THR RA 408 -70.80 31.94 49.73
N GLY RA 409 -70.37 31.84 48.47
CA GLY RA 409 -69.40 30.83 48.09
C GLY RA 409 -67.95 31.24 48.23
N ASN RA 410 -67.68 32.48 48.57
CA ASN RA 410 -66.32 32.99 48.64
C ASN RA 410 -65.76 32.88 50.05
N ASN RA 411 -64.44 32.87 50.13
CA ASN RA 411 -63.75 32.92 51.41
C ASN RA 411 -62.63 33.94 51.34
N PHE RA 412 -62.22 34.41 52.51
CA PHE RA 412 -61.18 35.40 52.64
C PHE RA 412 -60.09 34.84 53.55
N GLN RA 413 -58.84 35.09 53.20
CA GLN RA 413 -57.75 34.65 54.06
C GLN RA 413 -56.54 35.52 53.84
N PHE RA 414 -55.74 35.67 54.89
CA PHE RA 414 -54.46 36.33 54.79
C PHE RA 414 -53.54 35.78 55.86
N THR RA 415 -52.25 35.93 55.63
CA THR RA 415 -51.23 35.52 56.58
C THR RA 415 -50.45 36.74 57.02
N TYR RA 416 -49.94 36.68 58.24
CA TYR RA 416 -49.19 37.77 58.83
C TYR RA 416 -48.03 37.18 59.62
N THR RA 417 -46.87 37.83 59.53
CA THR RA 417 -45.70 37.42 60.29
C THR RA 417 -45.41 38.48 61.35
N PHE RA 418 -45.32 38.04 62.60
CA PHE RA 418 -44.97 38.95 63.67
C PHE RA 418 -43.51 39.36 63.53
N GLU RA 419 -43.23 40.62 63.85
CA GLU RA 419 -41.85 41.07 63.91
C GLU RA 419 -41.14 40.39 65.07
N ASP RA 420 -39.81 40.47 65.05
CA ASP RA 420 -39.03 39.91 66.15
C ASP RA 420 -39.33 40.68 67.42
N VAL RA 421 -40.07 40.06 68.34
CA VAL RA 421 -40.48 40.68 69.58
C VAL RA 421 -39.82 39.91 70.70
N PRO RA 422 -39.47 40.53 71.83
CA PRO RA 422 -38.90 39.77 72.93
C PRO RA 422 -39.88 38.76 73.50
N PHE RA 423 -39.36 37.65 73.98
CA PHE RA 423 -40.19 36.69 74.69
C PHE RA 423 -40.83 37.34 75.90
N HIS RA 424 -42.11 37.07 76.11
CA HIS RA 424 -42.73 37.47 77.35
C HIS RA 424 -42.13 36.68 78.50
N SER RA 425 -41.85 37.35 79.60
CA SER RA 425 -41.26 36.70 80.77
C SER RA 425 -42.33 35.87 81.45
N SER RA 426 -42.41 34.60 81.09
CA SER RA 426 -43.36 33.68 81.71
C SER RA 426 -42.74 33.02 82.93
N TYR RA 427 -42.18 33.84 83.81
CA TYR RA 427 -41.47 33.35 84.99
C TYR RA 427 -41.47 34.45 86.03
N ALA RA 428 -41.31 34.04 87.28
CA ALA RA 428 -41.06 34.96 88.37
C ALA RA 428 -39.64 34.75 88.88
N HIS RA 429 -38.99 35.82 89.29
CA HIS RA 429 -37.63 35.71 89.76
C HIS RA 429 -37.60 35.04 91.13
N SER RA 430 -36.71 34.08 91.30
CA SER RA 430 -36.51 33.41 92.58
C SER RA 430 -35.47 34.12 93.42
N GLN RA 431 -34.95 35.25 92.96
CA GLN RA 431 -34.05 36.08 93.72
C GLN RA 431 -34.57 37.51 93.71
N SER RA 432 -34.30 38.24 94.78
CA SER RA 432 -34.62 39.65 94.84
C SER RA 432 -33.42 40.47 94.40
N LEU RA 433 -33.71 41.66 93.87
CA LEU RA 433 -32.63 42.50 93.35
C LEU RA 433 -31.67 42.94 94.44
N ASP RA 434 -32.16 43.13 95.66
CA ASP RA 434 -31.32 43.53 96.78
C ASP RA 434 -30.71 42.34 97.51
N ARG RA 435 -30.87 41.13 96.99
CA ARG RA 435 -30.36 39.92 97.60
C ARG RA 435 -29.61 39.08 96.59
N LEU RA 436 -28.81 39.71 95.74
CA LEU RA 436 -28.04 39.02 94.72
C LEU RA 436 -26.65 38.63 95.19
N MET RA 437 -26.28 38.99 96.40
CA MET RA 437 -24.94 38.82 96.91
C MET RA 437 -24.77 37.48 97.65
N ASN RA 438 -23.52 37.09 97.81
CA ASN RA 438 -23.18 35.92 98.61
C ASN RA 438 -23.43 36.23 100.08
N PRO RA 439 -24.30 35.48 100.76
CA PRO RA 439 -24.62 35.76 102.17
C PRO RA 439 -23.56 35.30 103.16
N LEU RA 440 -22.41 34.81 102.70
CA LEU RA 440 -21.37 34.33 103.60
C LEU RA 440 -20.13 35.19 103.60
N ILE RA 441 -19.94 36.03 102.60
CA ILE RA 441 -18.70 36.76 102.40
C ILE RA 441 -18.96 38.25 102.57
N ASP RA 442 -18.05 38.92 103.27
CA ASP RA 442 -18.12 40.37 103.36
C ASP RA 442 -17.74 41.00 102.02
N GLN RA 443 -18.17 42.24 101.84
CA GLN RA 443 -17.70 43.03 100.72
C GLN RA 443 -16.35 43.64 101.05
N TYR RA 444 -15.52 43.83 100.02
CA TYR RA 444 -14.31 44.61 100.22
C TYR RA 444 -14.57 46.11 100.17
N LEU RA 445 -15.73 46.51 99.69
CA LEU RA 445 -16.11 47.92 99.70
C LEU RA 445 -16.63 48.32 101.07
N TYR RA 446 -16.37 49.56 101.44
CA TYR RA 446 -16.84 50.12 102.68
C TYR RA 446 -18.00 51.07 102.43
N TYR RA 447 -18.83 51.23 103.45
CA TYR RA 447 -19.89 52.23 103.44
C TYR RA 447 -19.78 53.06 104.70
N LEU RA 448 -20.23 54.30 104.61
CA LEU RA 448 -20.28 55.16 105.79
C LEU RA 448 -21.26 54.59 106.78
N SER RA 449 -20.76 54.05 107.89
CA SER RA 449 -21.61 53.37 108.86
C SER RA 449 -22.00 54.24 110.04
N ARG RA 450 -21.19 55.21 110.42
CA ARG RA 450 -21.54 56.12 111.49
C ARG RA 450 -20.98 57.50 111.20
N THR RA 451 -21.72 58.52 111.61
CA THR RA 451 -21.27 59.90 111.53
C THR RA 451 -21.11 60.54 112.90
N GLN RA 452 -21.37 59.80 113.97
CA GLN RA 452 -21.31 60.32 115.32
C GLN RA 452 -20.69 59.28 116.24
N THR RA 453 -19.85 59.72 117.16
CA THR RA 453 -19.18 58.81 118.08
C THR RA 453 -20.17 58.15 119.04
N ASN RA 459 -21.72 63.00 122.47
CA ASN RA 459 -21.06 62.44 121.29
C ASN RA 459 -20.75 63.52 120.28
N THR RA 460 -19.68 63.32 119.52
CA THR RA 460 -19.19 64.30 118.56
C THR RA 460 -19.22 63.70 117.16
N GLN RA 461 -18.99 64.56 116.17
CA GLN RA 461 -18.94 64.12 114.79
C GLN RA 461 -17.73 63.22 114.55
N THR RA 462 -17.92 62.24 113.69
CA THR RA 462 -16.85 61.33 113.30
C THR RA 462 -17.24 60.73 111.94
N LEU RA 463 -16.32 59.95 111.38
CA LEU RA 463 -16.59 59.20 110.16
C LEU RA 463 -16.15 57.77 110.40
N GLY RA 464 -17.13 56.87 110.59
CA GLY RA 464 -16.88 55.46 110.74
C GLY RA 464 -17.35 54.72 109.50
N PHE RA 465 -16.51 53.82 109.03
CA PHE RA 465 -16.78 53.06 107.81
C PHE RA 465 -16.74 51.58 108.12
N SER RA 466 -17.70 50.86 107.59
CA SER RA 466 -17.81 49.42 107.80
C SER RA 466 -17.92 48.73 106.45
N GLN RA 467 -17.54 47.46 106.43
CA GLN RA 467 -17.69 46.64 105.24
C GLN RA 467 -19.06 45.99 105.26
N GLY RA 468 -19.78 46.11 104.14
CA GLY RA 468 -21.05 45.42 104.00
C GLY RA 468 -20.87 43.93 104.08
N GLY RA 469 -21.71 43.27 104.87
CA GLY RA 469 -21.59 41.85 105.07
C GLY RA 469 -22.94 41.16 105.15
N PRO RA 470 -22.94 39.92 105.61
CA PRO RA 470 -24.20 39.16 105.69
C PRO RA 470 -25.25 39.81 106.56
N ASN RA 471 -24.84 40.57 107.58
CA ASN RA 471 -25.80 41.17 108.51
C ASN RA 471 -26.21 42.57 108.08
N THR RA 472 -25.31 43.35 107.52
CA THR RA 472 -25.63 44.69 107.02
C THR RA 472 -25.91 44.64 105.52
N MET RA 473 -26.88 43.81 105.17
CA MET RA 473 -27.15 43.53 103.76
C MET RA 473 -27.84 44.70 103.08
N ALA RA 474 -28.57 45.52 103.83
CA ALA RA 474 -29.16 46.72 103.28
C ALA RA 474 -28.11 47.78 102.95
N ASN RA 475 -26.95 47.74 103.59
CA ASN RA 475 -25.90 48.72 103.37
C ASN RA 475 -24.93 48.33 102.27
N GLN RA 476 -25.00 47.12 101.77
CA GLN RA 476 -24.01 46.63 100.82
C GLN RA 476 -24.06 47.42 99.52
N ALA RA 477 -22.89 47.61 98.92
CA ALA RA 477 -22.83 48.17 97.58
C ALA RA 477 -23.48 47.22 96.59
N LYS RA 478 -24.28 47.77 95.69
CA LYS RA 478 -25.04 46.98 94.75
C LYS RA 478 -24.92 47.59 93.36
N ASN RA 479 -25.11 46.75 92.35
CA ASN RA 479 -24.90 47.15 90.97
C ASN RA 479 -26.17 47.64 90.29
N TRP RA 480 -27.34 47.38 90.85
CA TRP RA 480 -28.58 47.60 90.11
C TRP RA 480 -29.61 48.27 91.00
N LEU RA 481 -30.58 48.90 90.37
CA LEU RA 481 -31.67 49.59 91.02
C LEU RA 481 -33.00 49.00 90.58
N PRO RA 482 -34.02 49.07 91.43
CA PRO RA 482 -35.34 48.60 91.02
C PRO RA 482 -35.90 49.47 89.92
N GLY RA 483 -36.81 48.89 89.15
CA GLY RA 483 -37.41 49.58 88.04
C GLY RA 483 -38.12 50.86 88.41
N PRO RA 484 -38.58 51.60 87.42
CA PRO RA 484 -39.15 52.92 87.67
C PRO RA 484 -40.48 52.83 88.41
N CYS RA 485 -40.83 53.93 89.06
CA CYS RA 485 -42.00 54.00 89.92
C CYS RA 485 -42.87 55.18 89.53
N TYR RA 486 -44.19 54.96 89.56
CA TYR RA 486 -45.18 56.02 89.38
C TYR RA 486 -46.28 55.73 90.40
N ARG RA 487 -46.12 56.26 91.60
CA ARG RA 487 -46.84 55.73 92.76
C ARG RA 487 -48.35 55.83 92.61
N GLN RA 488 -49.03 54.75 92.97
CA GLN RA 488 -50.48 54.67 92.95
C GLN RA 488 -51.01 54.65 94.37
N GLN RA 489 -52.25 55.10 94.53
CA GLN RA 489 -52.90 55.04 95.82
C GLN RA 489 -53.24 53.61 96.18
N ARG RA 490 -53.10 53.27 97.45
CA ARG RA 490 -53.36 51.91 97.92
C ARG RA 490 -54.82 51.77 98.32
N VAL RA 491 -55.46 50.72 97.84
CA VAL RA 491 -56.84 50.40 98.16
C VAL RA 491 -56.87 49.00 98.75
N SER RA 492 -57.60 48.84 99.85
CA SER RA 492 -57.75 47.55 100.50
C SER RA 492 -59.03 46.89 100.04
N THR RA 493 -58.96 45.59 99.71
CA THR RA 493 -60.17 44.84 99.43
C THR RA 493 -61.04 44.68 100.66
N THR RA 494 -60.46 44.81 101.85
CA THR RA 494 -61.22 44.95 103.09
C THR RA 494 -61.65 46.41 103.19
N THR RA 495 -62.90 46.68 102.81
CA THR RA 495 -63.33 48.07 102.61
C THR RA 495 -63.25 48.89 103.90
N GLY RA 496 -63.41 48.24 105.05
CA GLY RA 496 -63.32 48.96 106.31
C GLY RA 496 -61.97 49.61 106.55
N GLN RA 497 -60.93 49.10 105.90
CA GLN RA 497 -59.59 49.68 106.02
C GLN RA 497 -59.39 50.86 105.08
N ASN RA 498 -60.33 51.14 104.20
CA ASN RA 498 -60.20 52.25 103.26
C ASN RA 498 -60.77 53.53 103.87
N ASN RA 499 -60.28 54.66 103.35
CA ASN RA 499 -60.83 55.94 103.75
C ASN RA 499 -62.29 56.05 103.32
N ASN RA 500 -63.12 56.60 104.20
CA ASN RA 500 -64.54 56.76 103.91
C ASN RA 500 -64.74 57.99 103.03
N SER RA 501 -64.38 57.84 101.77
CA SER RA 501 -64.55 58.88 100.78
C SER RA 501 -64.52 58.23 99.40
N ASN RA 502 -65.02 58.96 98.41
CA ASN RA 502 -65.00 58.51 97.02
C ASN RA 502 -63.75 59.10 96.37
N PHE RA 503 -62.67 58.33 96.39
CA PHE RA 503 -61.37 58.80 95.93
C PHE RA 503 -60.84 58.02 94.73
N ALA RA 504 -61.68 57.25 94.05
CA ALA RA 504 -61.19 56.47 92.92
C ALA RA 504 -60.63 57.37 91.84
N TRP RA 505 -61.29 58.50 91.57
CA TRP RA 505 -60.81 59.46 90.59
C TRP RA 505 -59.98 60.57 91.20
N THR RA 506 -60.43 61.14 92.33
CA THR RA 506 -59.71 62.27 92.91
C THR RA 506 -58.31 61.86 93.37
N ALA RA 507 -58.18 60.69 93.97
CA ALA RA 507 -56.88 60.17 94.37
C ALA RA 507 -56.27 59.26 93.32
N GLY RA 508 -56.90 59.15 92.15
CA GLY RA 508 -56.35 58.30 91.12
C GLY RA 508 -55.02 58.81 90.60
N THR RA 509 -54.17 57.87 90.22
CA THR RA 509 -52.88 58.21 89.64
C THR RA 509 -53.06 58.49 88.16
N LYS RA 510 -52.74 59.71 87.74
CA LYS RA 510 -53.14 60.20 86.44
C LYS RA 510 -51.94 60.77 85.70
N TYR RA 511 -52.08 60.85 84.39
CA TYR RA 511 -51.20 61.67 83.56
C TYR RA 511 -52.01 62.78 82.93
N HIS RA 512 -51.30 63.85 82.57
CA HIS RA 512 -51.91 65.05 82.03
C HIS RA 512 -51.47 65.22 80.58
N LEU RA 513 -52.43 65.32 79.67
CA LEU RA 513 -52.13 65.44 78.25
C LEU RA 513 -53.10 66.44 77.63
N ASN RA 514 -52.56 67.55 77.14
CA ASN RA 514 -53.34 68.58 76.45
C ASN RA 514 -54.51 69.04 77.32
N GLY RA 515 -54.22 69.35 78.58
CA GLY RA 515 -55.24 69.79 79.50
C GLY RA 515 -56.28 68.76 79.87
N ARG RA 516 -56.04 67.50 79.53
CA ARG RA 516 -56.97 66.41 79.82
C ARG RA 516 -56.30 65.46 80.79
N ASN RA 517 -57.02 65.08 81.83
CA ASN RA 517 -56.52 64.13 82.82
C ASN RA 517 -57.03 62.74 82.49
N SER RA 518 -56.11 61.78 82.43
CA SER RA 518 -56.45 60.40 82.19
C SER RA 518 -55.75 59.55 83.23
N LEU RA 519 -56.43 58.52 83.73
CA LEU RA 519 -55.81 57.61 84.67
C LEU RA 519 -54.61 56.93 84.05
N ALA RA 520 -53.53 56.83 84.81
CA ALA RA 520 -52.38 56.01 84.43
C ALA RA 520 -52.76 54.57 84.76
N ASN RA 521 -53.59 54.00 83.90
CA ASN RA 521 -54.28 52.74 84.19
C ASN RA 521 -53.96 51.73 83.11
N PRO RA 522 -53.29 50.62 83.42
CA PRO RA 522 -52.82 50.29 84.77
C PRO RA 522 -51.47 50.92 85.10
N GLY RA 523 -50.94 51.72 84.19
CA GLY RA 523 -49.67 52.36 84.41
C GLY RA 523 -48.50 51.40 84.23
N ILE RA 524 -47.34 51.86 84.67
CA ILE RA 524 -46.12 51.08 84.50
C ILE RA 524 -46.18 49.84 85.38
N ALA RA 525 -45.44 48.81 84.97
CA ALA RA 525 -45.43 47.55 85.69
C ALA RA 525 -44.78 47.72 87.04
N MET RA 526 -45.58 47.66 88.10
CA MET RA 526 -45.08 47.67 89.47
C MET RA 526 -45.75 46.54 90.24
N ALA RA 527 -45.07 46.08 91.27
CA ALA RA 527 -45.63 45.03 92.11
C ALA RA 527 -46.92 45.52 92.75
N THR RA 528 -47.95 44.68 92.71
CA THR RA 528 -49.26 45.07 93.22
C THR RA 528 -49.20 45.37 94.70
N HIS RA 529 -48.45 44.58 95.46
CA HIS RA 529 -48.35 44.73 96.90
C HIS RA 529 -47.04 44.08 97.34
N LYS RA 530 -46.65 44.37 98.57
CA LYS RA 530 -45.47 43.74 99.14
C LYS RA 530 -45.88 42.47 99.87
N ASP RA 531 -44.95 41.88 100.61
CA ASP RA 531 -45.20 40.62 101.30
C ASP RA 531 -46.34 40.77 102.30
N ASP RA 532 -47.23 39.77 102.31
CA ASP RA 532 -48.32 39.66 103.28
C ASP RA 532 -49.29 40.82 103.20
N GLU RA 533 -49.47 41.39 102.01
CA GLU RA 533 -50.40 42.49 101.80
C GLU RA 533 -51.25 42.25 100.57
N GLU RA 534 -51.72 41.02 100.40
CA GLU RA 534 -52.49 40.66 99.21
C GLU RA 534 -53.79 41.45 99.13
N ARG RA 535 -54.33 41.88 100.26
CA ARG RA 535 -55.57 42.64 100.27
C ARG RA 535 -55.42 44.03 99.65
N PHE RA 536 -54.21 44.52 99.48
CA PHE RA 536 -53.96 45.85 98.95
C PHE RA 536 -53.69 45.78 97.46
N PHE RA 537 -54.22 46.75 96.72
CA PHE RA 537 -53.93 46.89 95.31
C PHE RA 537 -53.86 48.36 94.96
N PRO RA 538 -53.06 48.72 93.95
CA PRO RA 538 -53.08 50.09 93.46
C PRO RA 538 -54.44 50.42 92.86
N SER RA 539 -54.90 51.66 93.09
CA SER RA 539 -56.27 52.01 92.77
C SER RA 539 -56.56 51.85 91.28
N ASN RA 540 -55.63 52.25 90.42
CA ASN RA 540 -55.75 52.02 88.98
C ASN RA 540 -54.45 51.49 88.43
N GLY RA 541 -53.87 50.50 89.11
CA GLY RA 541 -52.58 49.99 88.73
C GLY RA 541 -52.55 48.50 88.44
N ILE RA 542 -53.71 47.87 88.29
CA ILE RA 542 -53.81 46.46 87.98
C ILE RA 542 -54.88 46.26 86.91
N LEU RA 543 -54.75 45.16 86.19
CA LEU RA 543 -55.82 44.72 85.31
C LEU RA 543 -56.92 44.09 86.14
N ILE RA 544 -58.15 44.52 85.91
CA ILE RA 544 -59.32 43.99 86.61
C ILE RA 544 -60.24 43.37 85.57
N PHE RA 545 -60.42 42.07 85.63
CA PHE RA 545 -61.34 41.37 84.75
C PHE RA 545 -62.65 41.13 85.47
N GLY RA 546 -63.74 41.15 84.72
CA GLY RA 546 -65.04 40.89 85.28
C GLY RA 546 -65.36 39.40 85.23
N LYS RA 547 -66.00 38.93 86.29
CA LYS RA 547 -66.54 37.58 86.24
C LYS RA 547 -67.71 37.54 85.27
N GLN RA 548 -68.13 36.34 84.93
CA GLN RA 548 -69.25 36.20 84.01
C GLN RA 548 -70.49 36.87 84.57
N ASN RA 549 -71.18 37.62 83.72
CA ASN RA 549 -72.38 38.36 84.08
C ASN RA 549 -72.11 39.48 85.09
N ALA RA 550 -70.88 39.97 85.14
CA ALA RA 550 -70.59 41.14 85.96
C ALA RA 550 -71.20 42.38 85.33
N ALA RA 551 -71.71 43.28 86.16
CA ALA RA 551 -72.33 44.50 85.66
C ALA RA 551 -71.30 45.38 84.97
N ARG RA 552 -71.75 46.08 83.94
CA ARG RA 552 -70.88 47.03 83.25
C ARG RA 552 -70.46 48.16 84.17
N ASP RA 553 -71.38 48.69 84.96
CA ASP RA 553 -71.10 49.81 85.86
C ASP RA 553 -71.30 49.38 87.30
N ASN RA 554 -70.37 49.79 88.16
CA ASN RA 554 -70.46 49.59 89.61
C ASN RA 554 -70.65 48.11 89.95
N ALA RA 555 -69.84 47.26 89.32
CA ALA RA 555 -69.78 45.87 89.73
C ALA RA 555 -69.12 45.76 91.10
N ASP RA 556 -69.67 44.91 91.95
CA ASP RA 556 -69.10 44.71 93.27
C ASP RA 556 -67.76 43.99 93.17
N TYR RA 557 -66.98 44.06 94.24
CA TYR RA 557 -65.68 43.40 94.26
C TYR RA 557 -65.82 41.90 94.04
N SER RA 558 -66.93 41.30 94.48
CA SER RA 558 -67.14 39.88 94.26
C SER RA 558 -67.44 39.55 92.80
N ASP RA 559 -67.79 40.54 91.99
CA ASP RA 559 -68.09 40.33 90.58
C ASP RA 559 -66.89 40.56 89.67
N VAL RA 560 -65.75 40.96 90.21
CA VAL RA 560 -64.58 41.25 89.40
C VAL RA 560 -63.43 40.37 89.86
N MET RA 561 -62.43 40.27 89.00
CA MET RA 561 -61.26 39.43 89.23
C MET RA 561 -60.03 40.33 89.21
N LEU RA 562 -59.49 40.64 90.38
CA LEU RA 562 -58.29 41.46 90.46
C LEU RA 562 -57.07 40.63 90.10
N THR RA 563 -56.24 41.15 89.20
CA THR RA 563 -54.95 40.53 88.96
C THR RA 563 -53.95 41.03 90.00
N SER RA 564 -52.83 40.32 90.09
CA SER RA 564 -51.77 40.70 91.02
C SER RA 564 -50.43 40.54 90.33
N GLU RA 565 -49.62 41.60 90.36
CA GLU RA 565 -48.26 41.56 89.83
C GLU RA 565 -47.25 41.39 90.95
N GLU RA 566 -47.58 40.62 91.99
CA GLU RA 566 -46.67 40.43 93.11
C GLU RA 566 -45.42 39.66 92.70
N GLU RA 567 -45.44 38.95 91.58
CA GLU RA 567 -44.26 38.20 91.15
C GLU RA 567 -43.08 39.11 90.83
N ILE RA 568 -43.34 40.37 90.50
CA ILE RA 568 -42.28 41.30 90.15
C ILE RA 568 -41.83 42.14 91.35
N LYS RA 569 -42.22 41.75 92.56
CA LYS RA 569 -41.68 42.38 93.76
C LYS RA 569 -40.15 42.33 93.78
N THR RA 570 -39.58 41.29 93.19
CA THR RA 570 -38.15 41.08 93.26
C THR RA 570 -37.37 42.14 92.51
N THR RA 571 -37.99 42.75 91.52
CA THR RA 571 -37.29 43.71 90.68
C THR RA 571 -38.02 45.04 90.58
N ASN RA 572 -39.35 45.03 90.57
CA ASN RA 572 -40.09 46.27 90.44
C ASN RA 572 -40.54 46.77 91.80
N PRO RA 573 -40.53 48.08 92.01
CA PRO RA 573 -41.05 48.62 93.27
C PRO RA 573 -42.53 48.37 93.40
N VAL RA 574 -43.00 48.29 94.65
CA VAL RA 574 -44.41 48.12 94.91
C VAL RA 574 -45.17 49.35 94.44
N ALA RA 575 -46.30 49.11 93.75
CA ALA RA 575 -47.03 50.19 93.09
C ALA RA 575 -47.50 51.24 94.07
N THR RA 576 -47.78 50.87 95.31
CA THR RA 576 -48.35 51.77 96.29
C THR RA 576 -47.32 52.32 97.26
N GLU RA 577 -46.05 52.03 97.05
CA GLU RA 577 -44.98 52.50 97.91
C GLU RA 577 -44.09 53.47 97.16
N GLU RA 578 -43.33 54.25 97.90
CA GLU RA 578 -42.36 55.14 97.30
C GLU RA 578 -41.21 54.35 96.68
N TYR RA 579 -40.60 54.95 95.66
CA TYR RA 579 -39.43 54.31 95.04
C TYR RA 579 -38.28 54.24 96.03
N GLY RA 580 -38.04 55.32 96.77
CA GLY RA 580 -36.91 55.36 97.65
C GLY RA 580 -36.82 56.70 98.33
N ILE RA 581 -35.63 57.00 98.83
CA ILE RA 581 -35.38 58.20 99.61
C ILE RA 581 -34.17 58.91 99.00
N VAL RA 582 -34.29 60.22 98.82
CA VAL RA 582 -33.17 61.03 98.36
C VAL RA 582 -32.97 62.18 99.34
N ALA RA 583 -31.76 62.73 99.32
CA ALA RA 583 -31.47 63.90 100.13
C ALA RA 583 -32.22 65.11 99.60
N ASP RA 584 -32.72 65.94 100.51
CA ASP RA 584 -33.47 67.13 100.14
C ASP RA 584 -32.70 68.41 100.42
N ASN RA 585 -31.54 68.34 101.06
CA ASN RA 585 -30.79 69.54 101.42
C ASN RA 585 -29.32 69.16 101.55
N LEU RA 586 -28.53 70.11 102.03
CA LEU RA 586 -27.13 69.90 102.34
C LEU RA 586 -26.96 70.03 103.84
N GLN RA 587 -26.70 68.91 104.52
CA GLN RA 587 -26.52 68.95 105.96
C GLN RA 587 -25.25 69.69 106.32
N GLN RA 588 -25.32 70.47 107.39
CA GLN RA 588 -24.18 71.15 107.99
C GLN RA 588 -24.23 70.92 109.49
N GLN RA 589 -23.24 71.45 110.20
CA GLN RA 589 -23.24 71.33 111.64
C GLN RA 589 -24.45 72.02 112.28
N ASN RA 590 -25.09 72.94 111.57
CA ASN RA 590 -26.27 73.62 112.07
C ASN RA 590 -27.58 73.17 111.43
N THR RA 591 -27.53 72.47 110.29
CA THR RA 591 -28.73 72.02 109.62
C THR RA 591 -28.72 70.49 109.54
N ALA RA 592 -29.71 69.87 110.17
CA ALA RA 592 -29.82 68.43 110.12
C ALA RA 592 -30.18 67.98 108.71
N PRO RA 593 -29.68 66.82 108.28
CA PRO RA 593 -30.02 66.34 106.93
C PRO RA 593 -31.51 66.08 106.79
N GLN RA 594 -32.04 66.43 105.64
CA GLN RA 594 -33.44 66.21 105.31
C GLN RA 594 -33.55 65.24 104.16
N ILE RA 595 -34.58 64.41 104.18
CA ILE RA 595 -34.77 63.39 103.16
C ILE RA 595 -36.07 63.67 102.42
N GLY RA 596 -36.05 63.35 101.12
CA GLY RA 596 -37.22 63.47 100.28
C GLY RA 596 -37.70 62.09 99.85
N THR RA 597 -39.00 61.90 99.86
CA THR RA 597 -39.61 60.63 99.47
C THR RA 597 -39.88 60.66 97.98
N VAL RA 598 -39.30 59.72 97.24
CA VAL RA 598 -39.43 59.67 95.79
C VAL RA 598 -40.68 58.86 95.48
N ASN RA 599 -41.75 59.55 95.09
CA ASN RA 599 -43.00 58.91 94.72
C ASN RA 599 -43.13 58.69 93.22
N SER RA 600 -42.21 59.23 92.43
CA SER RA 600 -42.19 59.04 90.99
C SER RA 600 -40.74 59.05 90.55
N GLN RA 601 -40.30 57.96 89.94
CA GLN RA 601 -38.91 57.84 89.53
C GLN RA 601 -38.86 57.37 88.09
N GLY RA 602 -38.31 58.20 87.22
CA GLY RA 602 -38.07 57.82 85.85
C GLY RA 602 -36.83 56.94 85.75
N ALA RA 603 -36.50 56.59 84.51
CA ALA RA 603 -35.42 55.66 84.27
C ALA RA 603 -34.09 56.19 84.80
N LEU RA 604 -33.39 55.35 85.55
CA LEU RA 604 -32.05 55.62 86.02
C LEU RA 604 -31.11 54.54 85.49
N PRO RA 605 -29.85 54.87 85.23
CA PRO RA 605 -28.90 53.85 84.80
C PRO RA 605 -28.75 52.77 85.86
N GLY RA 606 -28.60 51.53 85.41
CA GLY RA 606 -28.54 50.41 86.31
C GLY RA 606 -29.89 49.91 86.77
N MET RA 607 -30.98 50.52 86.32
CA MET RA 607 -32.31 50.08 86.72
C MET RA 607 -32.73 48.89 85.89
N VAL RA 608 -33.36 47.91 86.54
CA VAL RA 608 -33.90 46.75 85.87
C VAL RA 608 -35.33 46.57 86.34
N TRP RA 609 -36.17 46.00 85.49
CA TRP RA 609 -37.58 45.82 85.82
C TRP RA 609 -38.17 44.71 84.98
N GLN RA 610 -39.31 44.23 85.41
CA GLN RA 610 -40.12 43.27 84.67
C GLN RA 610 -41.34 43.97 84.11
N ASN RA 611 -41.82 43.47 82.98
CA ASN RA 611 -43.07 43.95 82.43
C ASN RA 611 -44.25 43.37 83.19
N ARG RA 612 -45.42 43.94 82.93
CA ARG RA 612 -46.65 43.37 83.47
C ARG RA 612 -46.87 41.98 82.90
N ASP RA 613 -47.43 41.10 83.72
CA ASP RA 613 -47.76 39.76 83.26
C ASP RA 613 -48.88 39.80 82.24
N VAL RA 614 -48.90 38.81 81.37
CA VAL RA 614 -50.03 38.60 80.48
C VAL RA 614 -50.97 37.59 81.14
N TYR RA 615 -52.22 37.60 80.71
CA TYR RA 615 -53.24 36.76 81.30
C TYR RA 615 -54.01 36.05 80.19
N LEU RA 616 -54.59 34.92 80.54
CA LEU RA 616 -55.40 34.18 79.58
C LEU RA 616 -56.53 35.05 79.05
N GLN RA 617 -57.12 35.88 79.90
CA GLN RA 617 -58.16 36.80 79.50
C GLN RA 617 -57.61 38.14 79.00
N GLY RA 618 -56.32 38.37 79.11
CA GLY RA 618 -55.75 39.66 78.82
C GLY RA 618 -55.38 39.87 77.37
N PRO RA 619 -54.97 41.08 77.03
CA PRO RA 619 -54.56 41.36 75.65
C PRO RA 619 -53.24 40.69 75.30
N ILE RA 620 -53.05 40.48 74.00
CA ILE RA 620 -51.83 39.87 73.48
C ILE RA 620 -50.84 40.92 73.01
N TRP RA 621 -51.29 41.85 72.17
CA TRP RA 621 -50.38 42.81 71.57
C TRP RA 621 -51.02 44.19 71.58
N ALA RA 622 -50.17 45.20 71.42
CA ALA RA 622 -50.61 46.55 71.16
C ALA RA 622 -49.72 47.14 70.07
N LYS RA 623 -50.28 48.05 69.30
CA LYS RA 623 -49.48 48.77 68.32
C LYS RA 623 -48.67 49.83 69.03
N ILE RA 624 -47.35 49.80 68.83
CA ILE RA 624 -46.49 50.86 69.33
C ILE RA 624 -46.83 52.12 68.54
N PRO RA 625 -47.20 53.22 69.19
CA PRO RA 625 -47.51 54.43 68.44
C PRO RA 625 -46.33 54.88 67.62
N HIS RA 626 -46.61 55.37 66.42
CA HIS RA 626 -45.57 55.84 65.51
C HIS RA 626 -45.12 57.21 66.00
N THR RA 627 -44.05 57.24 66.79
CA THR RA 627 -43.52 58.47 67.35
C THR RA 627 -42.02 58.51 67.15
N ASP RA 628 -41.45 59.70 67.37
CA ASP RA 628 -40.01 59.86 67.27
C ASP RA 628 -39.30 59.03 68.34
N GLY RA 629 -39.82 59.05 69.55
CA GLY RA 629 -39.17 58.35 70.65
C GLY RA 629 -40.17 57.59 71.48
N ASN RA 630 -39.72 56.45 71.98
CA ASN RA 630 -40.43 55.71 73.01
C ASN RA 630 -39.40 55.12 73.95
N PHE RA 631 -39.83 54.84 75.17
CA PHE RA 631 -38.97 54.18 76.15
C PHE RA 631 -39.60 52.86 76.52
N HIS RA 632 -38.88 51.77 76.28
CA HIS RA 632 -39.33 50.42 76.56
C HIS RA 632 -40.76 50.22 76.06
N PRO RA 633 -40.95 50.16 74.74
CA PRO RA 633 -42.32 50.16 74.21
C PRO RA 633 -43.05 48.86 74.43
N SER RA 634 -43.13 48.43 75.66
CA SER RA 634 -43.95 47.30 76.04
C SER RA 634 -45.31 47.81 76.51
N PRO RA 635 -46.41 47.31 75.95
CA PRO RA 635 -47.72 47.86 76.29
C PRO RA 635 -48.00 47.74 77.78
N LEU RA 636 -48.61 48.78 78.34
CA LEU RA 636 -48.75 48.85 79.79
C LEU RA 636 -49.77 47.87 80.33
N MET RA 637 -50.85 47.59 79.59
CA MET RA 637 -51.76 46.53 80.03
C MET RA 637 -51.23 45.15 79.72
N GLY RA 638 -49.97 45.03 79.33
CA GLY RA 638 -49.34 43.75 79.13
C GLY RA 638 -49.39 43.31 77.68
N GLY RA 639 -48.44 42.45 77.33
CA GLY RA 639 -48.39 41.88 76.01
C GLY RA 639 -47.19 42.33 75.22
N PHE RA 640 -47.30 42.18 73.92
CA PHE RA 640 -46.20 42.43 73.00
C PHE RA 640 -46.42 43.75 72.29
N GLY RA 641 -45.45 44.64 72.37
CA GLY RA 641 -45.51 45.87 71.63
C GLY RA 641 -44.98 45.65 70.22
N LEU RA 642 -45.80 45.96 69.21
CA LEU RA 642 -45.44 45.72 67.83
C LEU RA 642 -45.52 47.03 67.06
N LYS RA 643 -44.45 47.34 66.31
CA LYS RA 643 -44.52 48.46 65.38
C LYS RA 643 -45.53 48.18 64.28
N HIS RA 644 -45.59 46.95 63.81
CA HIS RA 644 -46.51 46.52 62.77
C HIS RA 644 -47.31 45.33 63.31
N PRO RA 645 -48.34 45.60 64.09
CA PRO RA 645 -49.11 44.52 64.71
C PRO RA 645 -49.94 43.80 63.67
N PRO RA 646 -50.65 42.73 64.05
CA PRO RA 646 -51.61 42.12 63.14
C PRO RA 646 -52.58 43.17 62.63
N PRO RA 647 -52.76 43.25 61.32
CA PRO RA 647 -53.56 44.33 60.76
C PRO RA 647 -55.02 44.22 61.16
N GLN RA 648 -55.68 45.36 61.27
CA GLN RA 648 -57.11 45.38 61.49
C GLN RA 648 -57.81 44.73 60.31
N ILE RA 649 -58.76 43.86 60.60
CA ILE RA 649 -59.56 43.19 59.58
C ILE RA 649 -60.95 43.80 59.63
N LEU RA 650 -61.28 44.59 58.62
CA LEU RA 650 -62.54 45.32 58.57
C LEU RA 650 -63.52 44.54 57.71
N ILE RA 651 -64.74 44.41 58.20
CA ILE RA 651 -65.78 43.66 57.51
C ILE RA 651 -67.07 44.48 57.53
N LYS RA 652 -67.79 44.43 56.42
CA LYS RA 652 -69.04 45.17 56.30
C LYS RA 652 -69.98 44.43 55.37
N ASN RA 653 -71.27 44.45 55.71
CA ASN RA 653 -72.28 44.02 54.77
C ASN RA 653 -72.42 45.06 53.68
N THR RA 654 -72.28 44.65 52.43
CA THR RA 654 -72.46 45.57 51.33
C THR RA 654 -73.91 46.03 51.31
N PRO RA 655 -74.17 47.33 51.29
CA PRO RA 655 -75.56 47.80 51.27
C PRO RA 655 -76.28 47.31 50.03
N VAL RA 656 -77.49 46.81 50.24
CA VAL RA 656 -78.36 46.38 49.15
C VAL RA 656 -79.58 47.30 49.14
N PRO RA 657 -79.67 48.22 48.19
CA PRO RA 657 -80.81 49.15 48.19
C PRO RA 657 -82.13 48.42 48.05
N ALA RA 658 -83.15 48.96 48.70
CA ALA RA 658 -84.51 48.57 48.38
C ALA RA 658 -84.88 49.15 47.02
N ASP RA 659 -86.12 48.94 46.60
CA ASP RA 659 -86.50 49.38 45.27
C ASP RA 659 -86.40 50.89 45.16
N PRO RA 660 -85.60 51.42 44.24
CA PRO RA 660 -85.52 52.87 44.08
C PRO RA 660 -86.77 53.39 43.39
N PRO RA 661 -87.02 54.69 43.46
CA PRO RA 661 -88.16 55.25 42.71
C PRO RA 661 -87.96 55.09 41.22
N THR RA 662 -89.07 55.10 40.49
CA THR RA 662 -89.02 54.95 39.05
C THR RA 662 -88.70 56.25 38.32
N THR RA 663 -88.61 57.36 39.04
CA THR RA 663 -88.13 58.62 38.50
C THR RA 663 -86.83 58.98 39.20
N PHE RA 664 -85.87 59.51 38.42
CA PHE RA 664 -84.54 59.72 38.96
C PHE RA 664 -84.55 60.73 40.09
N ASN RA 665 -83.82 60.39 41.16
CA ASN RA 665 -83.58 61.29 42.28
C ASN RA 665 -82.08 61.29 42.55
N GLN RA 666 -81.48 62.48 42.60
CA GLN RA 666 -80.05 62.58 42.82
C GLN RA 666 -79.65 62.25 44.25
N SER RA 667 -80.59 62.29 45.18
CA SER RA 667 -80.26 62.08 46.59
C SER RA 667 -79.75 60.66 46.80
N LYS RA 668 -78.81 60.52 47.73
CA LYS RA 668 -78.30 59.20 48.07
C LYS RA 668 -79.43 58.32 48.60
N LEU RA 669 -79.38 57.05 48.25
CA LEU RA 669 -80.42 56.12 48.67
C LEU RA 669 -80.30 55.87 50.17
N ASN RA 670 -81.42 55.94 50.87
CA ASN RA 670 -81.47 55.64 52.29
C ASN RA 670 -82.38 54.47 52.61
N SER RA 671 -83.04 53.89 51.61
CA SER RA 671 -83.89 52.74 51.79
C SER RA 671 -83.10 51.50 51.41
N PHE RA 672 -82.77 50.67 52.39
CA PHE RA 672 -81.94 49.50 52.17
C PHE RA 672 -82.66 48.25 52.67
N ILE RA 673 -82.36 47.14 52.01
CA ILE RA 673 -82.84 45.85 52.47
C ILE RA 673 -82.17 45.51 53.79
N THR RA 674 -82.96 45.20 54.80
CA THR RA 674 -82.41 44.84 56.10
C THR RA 674 -81.65 43.53 55.98
N GLN RA 675 -80.42 43.52 56.48
CA GLN RA 675 -79.50 42.46 56.10
C GLN RA 675 -78.48 42.27 57.20
N TYR RA 676 -78.05 41.03 57.39
CA TYR RA 676 -76.95 40.71 58.26
C TYR RA 676 -76.23 39.50 57.68
N SER RA 677 -74.98 39.33 58.07
CA SER RA 677 -74.19 38.21 57.61
C SER RA 677 -73.70 37.40 58.79
N THR RA 678 -73.49 36.12 58.53
CA THR RA 678 -72.88 35.23 59.51
C THR RA 678 -71.88 34.35 58.77
N GLY RA 679 -70.92 33.84 59.51
CA GLY RA 679 -69.93 32.97 58.92
C GLY RA 679 -69.02 32.44 59.98
N GLN RA 680 -67.95 31.78 59.53
CA GLN RA 680 -66.94 31.27 60.43
C GLN RA 680 -65.65 32.03 60.22
N VAL RA 681 -64.93 32.25 61.31
CA VAL RA 681 -63.63 32.92 61.29
C VAL RA 681 -62.62 31.98 61.92
N SER RA 682 -61.51 31.78 61.26
CA SER RA 682 -60.42 30.96 61.78
C SER RA 682 -59.18 31.84 61.92
N VAL RA 683 -58.56 31.78 63.08
CA VAL RA 683 -57.27 32.44 63.30
C VAL RA 683 -56.31 31.39 63.84
N GLU RA 684 -55.17 31.26 63.18
CA GLU RA 684 -54.12 30.35 63.58
C GLU RA 684 -52.89 31.16 63.93
N ILE RA 685 -52.39 31.02 65.15
CA ILE RA 685 -51.18 31.70 65.57
C ILE RA 685 -50.14 30.66 65.96
N GLU RA 686 -48.95 30.80 65.40
CA GLU RA 686 -47.81 30.00 65.81
C GLU RA 686 -47.03 30.77 66.85
N TRP RA 687 -46.80 30.15 68.00
CA TRP RA 687 -46.06 30.76 69.09
C TRP RA 687 -44.74 30.03 69.26
N GLU RA 688 -43.68 30.79 69.46
CA GLU RA 688 -42.39 30.23 69.81
C GLU RA 688 -42.27 30.16 71.32
N LEU RA 689 -41.74 29.06 71.83
CA LEU RA 689 -41.63 28.82 73.26
C LEU RA 689 -40.18 28.93 73.71
N GLN RA 690 -39.98 29.49 74.89
CA GLN RA 690 -38.69 29.46 75.58
C GLN RA 690 -38.79 28.39 76.65
N LYS RA 691 -38.16 27.25 76.41
CA LYS RA 691 -38.18 26.17 77.38
C LYS RA 691 -37.37 26.53 78.61
N GLU RA 692 -37.88 26.16 79.78
CA GLU RA 692 -37.15 26.40 81.01
C GLU RA 692 -35.98 25.43 81.12
N ASN RA 693 -34.80 25.97 81.38
CA ASN RA 693 -33.61 25.17 81.59
C ASN RA 693 -33.09 25.51 82.98
N SER RA 694 -33.65 24.84 83.98
CA SER RA 694 -33.47 25.22 85.38
C SER RA 694 -32.83 24.07 86.16
N LYS RA 695 -31.90 24.42 87.04
CA LYS RA 695 -31.27 23.46 87.93
C LYS RA 695 -31.85 23.52 89.33
N ARG RA 696 -32.99 24.18 89.49
CA ARG RA 696 -33.68 24.20 90.77
C ARG RA 696 -33.99 22.78 91.23
N TRP RA 697 -33.70 22.51 92.50
CA TRP RA 697 -33.88 21.17 93.03
C TRP RA 697 -35.31 20.92 93.48
N ASN RA 698 -35.86 21.84 94.27
CA ASN RA 698 -37.19 21.67 94.82
C ASN RA 698 -38.25 21.91 93.74
N PRO RA 699 -39.44 21.35 93.92
CA PRO RA 699 -40.49 21.52 92.90
C PRO RA 699 -40.90 22.98 92.75
N GLU RA 700 -41.28 23.33 91.53
CA GLU RA 700 -41.73 24.68 91.22
C GLU RA 700 -43.20 24.85 91.58
N ILE RA 701 -43.62 26.11 91.63
CA ILE RA 701 -45.04 26.43 91.70
C ILE RA 701 -45.65 26.23 90.32
N GLN RA 702 -46.77 25.54 90.26
CA GLN RA 702 -47.46 25.28 89.01
C GLN RA 702 -48.90 25.73 89.14
N TYR RA 703 -49.47 26.20 88.04
CA TYR RA 703 -50.90 26.42 88.03
C TYR RA 703 -51.61 25.08 87.99
N THR RA 704 -52.54 24.88 88.92
CA THR RA 704 -53.28 23.63 89.01
C THR RA 704 -54.73 23.93 89.29
N SER RA 705 -55.61 23.06 88.79
CA SER RA 705 -56.99 23.12 89.21
C SER RA 705 -57.13 22.59 90.63
N ASN RA 706 -58.15 23.08 91.33
CA ASN RA 706 -58.39 22.62 92.68
C ASN RA 706 -58.86 21.17 92.67
N TYR RA 707 -58.30 20.36 93.56
CA TYR RA 707 -58.66 18.95 93.61
C TYR RA 707 -60.01 18.72 94.26
N TYR RA 708 -60.41 19.61 95.18
CA TYR RA 708 -61.61 19.40 95.97
C TYR RA 708 -62.87 19.54 95.10
N LYS RA 709 -63.94 18.88 95.55
CA LYS RA 709 -65.18 18.85 94.79
C LYS RA 709 -65.82 20.23 94.71
N SER RA 710 -66.62 20.44 93.68
CA SER RA 710 -67.30 21.71 93.48
C SER RA 710 -68.56 21.47 92.67
N THR RA 711 -69.46 22.47 92.71
CA THR RA 711 -70.72 22.36 91.99
C THR RA 711 -70.48 22.28 90.48
N SER RA 712 -69.50 23.01 89.98
CA SER RA 712 -69.21 23.03 88.56
C SER RA 712 -67.71 22.94 88.34
N VAL RA 713 -67.33 22.49 87.15
CA VAL RA 713 -65.93 22.44 86.76
C VAL RA 713 -65.47 23.85 86.41
N ASP RA 714 -64.33 24.24 86.93
CA ASP RA 714 -63.75 25.53 86.57
C ASP RA 714 -63.37 25.54 85.10
N PHE RA 715 -63.61 26.67 84.44
CA PHE RA 715 -63.38 26.83 83.01
C PHE RA 715 -64.21 25.80 82.22
N ALA RA 716 -65.47 25.70 82.57
CA ALA RA 716 -66.43 24.86 81.87
C ALA RA 716 -67.76 25.60 81.82
N VAL RA 717 -68.75 24.96 81.29
CA VAL RA 717 -70.09 25.53 81.24
C VAL RA 717 -70.85 25.12 82.49
N ASN RA 718 -71.82 25.92 82.87
CA ASN RA 718 -72.71 25.57 83.96
C ASN RA 718 -73.92 24.83 83.41
N THR RA 719 -74.96 24.66 84.24
CA THR RA 719 -76.15 23.94 83.80
C THR RA 719 -76.93 24.71 82.74
N GLU RA 720 -76.69 25.99 82.58
CA GLU RA 720 -77.39 26.82 81.59
C GLU RA 720 -76.58 26.99 80.32
N GLY RA 721 -75.43 26.35 80.20
CA GLY RA 721 -74.62 26.48 79.01
C GLY RA 721 -73.72 27.68 78.98
N VAL RA 722 -73.59 28.41 80.08
CA VAL RA 722 -72.77 29.61 80.13
C VAL RA 722 -71.34 29.22 80.47
N TYR RA 723 -70.42 29.51 79.57
CA TYR RA 723 -69.00 29.33 79.86
C TYR RA 723 -68.50 30.49 80.69
N SER RA 724 -67.73 30.17 81.72
CA SER RA 724 -67.20 31.19 82.61
C SER RA 724 -65.73 30.92 82.88
N GLU RA 725 -64.97 32.00 83.05
CA GLU RA 725 -63.59 31.91 83.50
C GLU RA 725 -63.54 32.33 84.95
N PRO RA 726 -63.33 31.41 85.89
CA PRO RA 726 -63.50 31.77 87.30
C PRO RA 726 -62.42 32.67 87.87
N ARG RA 727 -61.23 32.66 87.29
CA ARG RA 727 -60.12 33.45 87.82
C ARG RA 727 -59.25 33.91 86.66
N PRO RA 728 -58.49 34.99 86.84
CA PRO RA 728 -57.50 35.36 85.83
C PRO RA 728 -56.24 34.54 86.03
N ILE RA 729 -55.88 33.74 85.03
CA ILE RA 729 -54.68 32.93 85.09
C ILE RA 729 -53.53 33.77 84.56
N GLY RA 730 -52.58 34.08 85.42
CA GLY RA 730 -51.38 34.76 84.99
C GLY RA 730 -50.48 33.84 84.20
N THR RA 731 -49.21 34.20 84.11
CA THR RA 731 -48.29 33.47 83.28
C THR RA 731 -47.02 33.08 84.04
N ARG RA 732 -46.78 33.67 85.20
CA ARG RA 732 -45.51 33.54 85.90
C ARG RA 732 -45.65 32.54 87.04
N TYR RA 733 -45.28 31.30 86.77
CA TYR RA 733 -45.27 30.24 87.76
C TYR RA 733 -43.90 29.60 87.92
N LEU RA 734 -43.18 29.39 86.82
CA LEU RA 734 -41.81 28.93 86.91
C LEU RA 734 -40.92 30.06 87.44
N THR RA 735 -39.71 29.69 87.85
CA THR RA 735 -38.80 30.65 88.45
C THR RA 735 -37.48 30.68 87.70
N ARG RA 736 -36.83 31.85 87.75
CA ARG RA 736 -35.48 32.04 87.27
C ARG RA 736 -34.69 32.81 88.31
N ASN RA 737 -33.38 32.60 88.32
CA ASN RA 737 -32.52 33.50 89.06
C ASN RA 737 -32.45 34.84 88.35
N LEU RA 738 -32.07 35.87 89.10
CA LEU RA 738 -31.91 37.19 88.52
C LEU RA 738 -30.61 37.26 87.73
N GLY SA 221 -4.86 78.50 38.04
CA GLY SA 221 -4.43 79.71 37.37
C GLY SA 221 -5.04 80.97 37.93
N VAL SA 222 -4.31 82.08 37.82
CA VAL SA 222 -4.81 83.36 38.32
C VAL SA 222 -6.04 83.79 37.54
N GLY SA 223 -6.02 83.63 36.22
CA GLY SA 223 -7.08 84.11 35.36
C GLY SA 223 -8.15 83.11 35.01
N SER SA 224 -8.22 81.98 35.70
CA SER SA 224 -9.25 80.98 35.44
C SER SA 224 -10.06 80.72 36.70
N SER SA 225 -11.36 80.61 36.53
CA SER SA 225 -12.24 80.30 37.65
C SER SA 225 -12.02 78.88 38.14
N SER SA 226 -12.02 78.70 39.45
CA SER SA 226 -11.83 77.39 40.05
C SER SA 226 -13.14 76.70 40.39
N GLY SA 227 -14.27 77.30 40.05
CA GLY SA 227 -15.55 76.66 40.29
C GLY SA 227 -16.67 77.56 39.82
N ASN SA 228 -17.84 76.96 39.67
CA ASN SA 228 -19.01 77.65 39.18
C ASN SA 228 -20.02 77.85 40.31
N TRP SA 229 -20.94 78.78 40.08
CA TRP SA 229 -22.02 79.04 41.02
C TRP SA 229 -23.06 77.94 40.90
N HIS SA 230 -23.35 77.26 42.00
CA HIS SA 230 -24.29 76.15 42.02
C HIS SA 230 -25.28 76.38 43.15
N CYS SA 231 -26.35 77.11 42.85
CA CYS SA 231 -27.50 77.20 43.74
C CYS SA 231 -28.68 76.56 43.02
N ASP SA 232 -29.24 75.52 43.62
CA ASP SA 232 -30.28 74.75 42.96
C ASP SA 232 -30.87 73.77 43.96
N SER SA 233 -32.02 73.22 43.61
CA SER SA 233 -32.61 72.11 44.33
C SER SA 233 -33.26 71.20 43.31
N THR SA 234 -32.85 69.95 43.28
CA THR SA 234 -33.40 68.97 42.36
C THR SA 234 -34.17 67.93 43.15
N TRP SA 235 -35.46 67.82 42.86
CA TRP SA 235 -36.33 66.83 43.49
C TRP SA 235 -36.45 65.64 42.54
N LEU SA 236 -36.02 64.48 42.98
CA LEU SA 236 -36.00 63.29 42.13
C LEU SA 236 -36.41 62.10 42.99
N GLY SA 237 -37.65 61.66 42.83
CA GLY SA 237 -38.13 60.51 43.60
C GLY SA 237 -38.18 60.82 45.08
N ASP SA 238 -37.54 59.96 45.87
CA ASP SA 238 -37.49 60.10 47.31
C ASP SA 238 -36.29 60.90 47.78
N ARG SA 239 -35.60 61.59 46.87
CA ARG SA 239 -34.46 62.42 47.22
C ARG SA 239 -34.72 63.86 46.80
N VAL SA 240 -34.17 64.77 47.57
CA VAL SA 240 -34.02 66.16 47.14
C VAL SA 240 -32.56 66.54 47.37
N ILE SA 241 -31.93 67.11 46.36
CA ILE SA 241 -30.55 67.53 46.44
C ILE SA 241 -30.54 69.06 46.43
N THR SA 242 -30.25 69.64 47.57
CA THR SA 242 -30.09 71.08 47.68
C THR SA 242 -28.62 71.42 47.50
N THR SA 243 -28.34 72.38 46.65
CA THR SA 243 -27.00 72.93 46.53
C THR SA 243 -27.10 74.44 46.66
N SER SA 244 -26.20 75.02 47.43
CA SER SA 244 -26.23 76.45 47.67
C SER SA 244 -24.82 76.99 47.59
N THR SA 245 -24.67 78.11 46.89
CA THR SA 245 -23.40 78.81 46.78
C THR SA 245 -23.55 80.18 47.41
N ARG SA 246 -22.53 80.60 48.15
CA ARG SA 246 -22.50 81.92 48.75
C ARG SA 246 -21.13 82.52 48.56
N THR SA 247 -21.08 83.85 48.55
CA THR SA 247 -19.82 84.57 48.58
C THR SA 247 -19.49 84.90 50.02
N TRP SA 248 -18.28 84.54 50.44
CA TRP SA 248 -17.83 84.78 51.81
C TRP SA 248 -16.68 85.76 51.81
N ALA SA 249 -16.45 86.37 52.97
CA ALA SA 249 -15.28 87.19 53.21
C ALA SA 249 -14.67 86.77 54.54
N LEU SA 250 -13.39 86.46 54.52
CA LEU SA 250 -12.69 86.02 55.72
C LEU SA 250 -11.67 87.07 56.11
N PRO SA 251 -11.84 87.76 57.23
CA PRO SA 251 -10.81 88.69 57.70
C PRO SA 251 -9.69 87.92 58.40
N THR SA 252 -8.66 88.66 58.75
CA THR SA 252 -7.66 88.14 59.68
C THR SA 252 -8.21 88.30 61.09
N TYR SA 253 -8.34 87.19 61.80
CA TYR SA 253 -8.87 87.20 63.16
C TYR SA 253 -7.73 87.20 64.15
N ASN SA 254 -7.90 87.95 65.24
CA ASN SA 254 -7.00 87.94 66.39
C ASN SA 254 -5.59 88.40 66.05
N ASN SA 255 -5.39 89.04 64.90
CA ASN SA 255 -4.05 89.38 64.42
C ASN SA 255 -3.17 88.15 64.35
N HIS SA 256 -3.74 87.06 63.85
CA HIS SA 256 -3.06 85.77 63.67
C HIS SA 256 -2.67 85.10 64.97
N LEU SA 257 -3.24 85.52 66.09
CA LEU SA 257 -2.84 85.02 67.40
C LEU SA 257 -3.90 84.10 67.98
N TYR SA 258 -3.44 83.17 68.82
CA TYR SA 258 -4.32 82.46 69.73
C TYR SA 258 -4.34 83.21 71.04
N LYS SA 259 -5.52 83.57 71.50
CA LYS SA 259 -5.66 84.32 72.73
C LYS SA 259 -6.47 83.51 73.73
N GLN SA 260 -5.94 83.38 74.94
CA GLN SA 260 -6.74 82.85 76.03
C GLN SA 260 -7.82 83.84 76.39
N ILE SA 261 -9.06 83.36 76.50
CA ILE SA 261 -10.20 84.19 76.86
C ILE SA 261 -10.86 83.59 78.09
N SER SA 262 -11.33 84.46 78.98
CA SER SA 262 -11.89 84.01 80.23
C SER SA 262 -12.97 84.96 80.69
N ASN SA 263 -13.75 84.51 81.65
CA ASN SA 263 -14.74 85.34 82.32
C ASN SA 263 -14.90 84.80 83.72
N GLY SA 264 -14.69 85.65 84.72
CA GLY SA 264 -14.78 85.27 86.11
C GLY SA 264 -15.85 86.04 86.84
N THR SA 265 -15.93 85.77 88.14
CA THR SA 265 -16.92 86.42 88.99
C THR SA 265 -16.40 87.76 89.50
N ALA SA 269 -19.61 89.39 86.47
CA ALA SA 269 -20.26 88.21 85.93
C ALA SA 269 -20.58 87.22 87.05
N THR SA 270 -21.65 86.46 86.86
CA THR SA 270 -22.02 85.44 87.84
C THR SA 270 -21.25 84.16 87.56
N ASN SA 271 -21.27 83.26 88.56
CA ASN SA 271 -20.60 81.98 88.39
C ASN SA 271 -21.22 81.17 87.26
N ASP SA 272 -22.51 81.36 87.00
CA ASP SA 272 -23.18 80.63 85.95
C ASP SA 272 -22.63 80.96 84.57
N ASN SA 273 -21.98 82.10 84.41
CA ASN SA 273 -21.51 82.56 83.12
C ASN SA 273 -19.99 82.56 83.00
N THR SA 274 -19.28 81.94 83.93
CA THR SA 274 -17.83 81.89 83.85
C THR SA 274 -17.39 80.94 82.75
N TYR SA 275 -16.24 81.22 82.16
CA TYR SA 275 -15.68 80.32 81.17
C TYR SA 275 -14.19 80.54 81.07
N PHE SA 276 -13.50 79.52 80.55
CA PHE SA 276 -12.12 79.61 80.13
C PHE SA 276 -12.03 78.96 78.76
N GLY SA 277 -11.36 79.62 77.84
CA GLY SA 277 -11.26 79.08 76.51
C GLY SA 277 -10.20 79.80 75.72
N TYR SA 278 -10.25 79.58 74.41
CA TYR SA 278 -9.26 80.17 73.52
C TYR SA 278 -9.95 80.74 72.30
N SER SA 279 -9.55 81.95 71.94
CA SER SA 279 -9.89 82.54 70.66
C SER SA 279 -8.78 82.20 69.67
N THR SA 280 -9.17 81.71 68.51
CA THR SA 280 -8.21 81.31 67.51
C THR SA 280 -8.23 82.27 66.33
N PRO SA 281 -7.14 82.37 65.58
CA PRO SA 281 -7.15 83.17 64.36
C PRO SA 281 -7.90 82.54 63.19
N TRP SA 282 -8.57 81.41 63.41
CA TRP SA 282 -9.22 80.68 62.34
C TRP SA 282 -10.69 81.06 62.24
N GLY SA 283 -11.19 81.13 61.03
CA GLY SA 283 -12.61 81.12 60.80
C GLY SA 283 -13.11 79.71 60.57
N TYR SA 284 -14.42 79.58 60.49
CA TYR SA 284 -15.00 78.27 60.20
C TYR SA 284 -16.28 78.46 59.39
N PHE SA 285 -16.58 77.47 58.57
CA PHE SA 285 -17.76 77.49 57.74
C PHE SA 285 -18.90 76.78 58.44
N ASP SA 286 -20.05 77.46 58.54
CA ASP SA 286 -21.24 76.92 59.16
C ASP SA 286 -22.36 76.92 58.14
N PHE SA 287 -22.99 75.77 57.95
CA PHE SA 287 -24.20 75.66 57.15
C PHE SA 287 -25.20 74.79 57.88
N ASN SA 288 -25.25 74.96 59.21
CA ASN SA 288 -26.09 74.15 60.08
C ASN SA 288 -27.44 74.78 60.32
N ARG SA 289 -27.98 75.48 59.34
CA ARG SA 289 -29.35 75.96 59.37
C ARG SA 289 -30.04 75.54 58.08
N PHE SA 290 -31.33 75.22 58.18
CA PHE SA 290 -32.03 74.68 57.03
C PHE SA 290 -32.15 75.70 55.91
N HIS SA 291 -32.27 76.99 56.23
CA HIS SA 291 -32.39 77.97 55.17
C HIS SA 291 -31.09 78.22 54.42
N CYS SA 292 -29.97 77.67 54.91
CA CYS SA 292 -28.75 77.66 54.11
C CYS SA 292 -28.87 76.79 52.88
N HIS SA 293 -29.83 75.87 52.88
CA HIS SA 293 -29.97 74.87 51.82
C HIS SA 293 -31.33 74.91 51.15
N PHE SA 294 -32.39 75.16 51.90
CA PHE SA 294 -33.74 75.17 51.36
C PHE SA 294 -34.20 76.61 51.17
N SER SA 295 -34.62 76.93 49.95
CA SER SA 295 -35.38 78.14 49.74
C SER SA 295 -36.74 77.98 50.42
N PRO SA 296 -37.40 79.09 50.75
CA PRO SA 296 -38.73 78.98 51.37
C PRO SA 296 -39.71 78.16 50.54
N ARG SA 297 -39.66 78.29 49.22
CA ARG SA 297 -40.51 77.47 48.36
C ARG SA 297 -40.10 76.00 48.43
N ASP SA 298 -38.80 75.73 48.46
CA ASP SA 298 -38.35 74.35 48.61
C ASP SA 298 -38.75 73.79 49.97
N TRP SA 299 -38.67 74.61 51.02
CA TRP SA 299 -39.14 74.18 52.33
C TRP SA 299 -40.63 73.87 52.30
N GLN SA 300 -41.41 74.68 51.60
CA GLN SA 300 -42.84 74.40 51.45
C GLN SA 300 -43.06 73.09 50.73
N ARG SA 301 -42.33 72.86 49.63
CA ARG SA 301 -42.42 71.59 48.91
C ARG SA 301 -42.12 70.43 49.84
N LEU SA 302 -41.08 70.56 50.68
CA LEU SA 302 -40.69 69.49 51.57
C LEU SA 302 -41.76 69.22 52.63
N ILE SA 303 -42.23 70.27 53.30
CA ILE SA 303 -43.09 70.07 54.46
C ILE SA 303 -44.54 69.80 54.10
N ASN SA 304 -44.99 70.20 52.91
CA ASN SA 304 -46.38 69.96 52.54
C ASN SA 304 -46.62 68.60 51.93
N ASN SA 305 -45.56 67.84 51.65
CA ASN SA 305 -45.69 66.64 50.86
C ASN SA 305 -44.96 65.42 51.43
N ASN SA 306 -44.22 65.58 52.51
CA ASN SA 306 -43.39 64.51 53.03
C ASN SA 306 -43.65 64.32 54.51
N TRP SA 307 -43.71 63.06 54.93
CA TRP SA 307 -43.85 62.73 56.34
C TRP SA 307 -42.53 62.81 57.08
N GLY SA 308 -41.41 62.82 56.35
CA GLY SA 308 -40.13 62.88 57.01
C GLY SA 308 -39.02 63.11 56.00
N PHE SA 309 -37.87 63.48 56.54
CA PHE SA 309 -36.69 63.69 55.72
C PHE SA 309 -35.47 63.54 56.61
N ARG SA 310 -34.32 63.31 55.98
CA ARG SA 310 -33.07 63.20 56.70
C ARG SA 310 -31.94 63.46 55.72
N PRO SA 311 -30.84 64.05 56.17
CA PRO SA 311 -29.68 64.22 55.29
C PRO SA 311 -29.02 62.87 55.01
N LYS SA 312 -28.48 62.75 53.80
CA LYS SA 312 -27.80 61.53 53.38
C LYS SA 312 -26.32 61.75 53.16
N ARG SA 313 -25.96 62.75 52.36
CA ARG SA 313 -24.57 63.03 52.07
C ARG SA 313 -24.44 64.52 51.80
N LEU SA 314 -23.22 65.02 51.93
CA LEU SA 314 -22.96 66.40 51.57
C LEU SA 314 -21.64 66.50 50.83
N SER SA 315 -21.56 67.48 49.94
CA SER SA 315 -20.32 67.86 49.30
C SER SA 315 -20.12 69.34 49.53
N PHE SA 316 -18.89 69.73 49.81
CA PHE SA 316 -18.54 71.09 50.16
C PHE SA 316 -17.43 71.56 49.24
N LYS SA 317 -17.51 72.80 48.79
CA LYS SA 317 -16.51 73.32 47.88
C LYS SA 317 -16.14 74.75 48.26
N LEU SA 318 -14.84 75.03 48.24
CA LEU SA 318 -14.31 76.38 48.32
C LEU SA 318 -13.57 76.67 47.02
N PHE SA 319 -13.86 77.81 46.41
CA PHE SA 319 -13.32 78.10 45.09
C PHE SA 319 -13.38 79.59 44.85
N ASN SA 320 -12.74 80.01 43.76
CA ASN SA 320 -12.63 81.41 43.37
C ASN SA 320 -12.11 82.25 44.52
N ILE SA 321 -11.06 81.75 45.14
CA ILE SA 321 -10.46 82.41 46.30
C ILE SA 321 -9.69 83.63 45.83
N GLN SA 322 -9.92 84.75 46.49
CA GLN SA 322 -9.17 85.98 46.25
C GLN SA 322 -8.65 86.47 47.58
N VAL SA 323 -7.33 86.55 47.70
CA VAL SA 323 -6.69 87.12 48.89
C VAL SA 323 -6.29 88.54 48.55
N LYS SA 324 -6.74 89.48 49.37
CA LYS SA 324 -6.58 90.89 49.05
C LYS SA 324 -5.78 91.58 50.15
N GLU SA 325 -4.88 92.45 49.72
CA GLU SA 325 -4.05 93.23 50.62
C GLU SA 325 -4.62 94.64 50.71
N VAL SA 326 -4.76 95.15 51.93
CA VAL SA 326 -5.26 96.49 52.17
C VAL SA 326 -4.17 97.29 52.86
N THR SA 327 -3.87 98.47 52.32
CA THR SA 327 -2.81 99.32 52.86
C THR SA 327 -3.39 100.62 53.41
N LYS SA 333 -6.94 104.44 51.94
CA LYS SA 333 -7.01 102.99 51.92
C LYS SA 333 -7.14 102.45 50.51
N THR SA 334 -6.22 101.57 50.12
CA THR SA 334 -6.27 100.90 48.83
C THR SA 334 -6.28 99.40 49.06
N ILE SA 335 -7.10 98.70 48.28
CA ILE SA 335 -7.19 97.25 48.33
C ILE SA 335 -6.65 96.69 47.03
N ALA SA 336 -5.69 95.77 47.14
CA ALA SA 336 -5.05 95.18 45.98
C ALA SA 336 -5.04 93.67 46.12
N ASN SA 337 -5.02 92.99 44.98
CA ASN SA 337 -4.86 91.55 45.00
C ASN SA 337 -3.47 91.15 45.47
N ASN SA 338 -3.42 90.12 46.30
CA ASN SA 338 -2.12 89.52 46.73
C ASN SA 338 -2.16 88.14 46.08
N LEU SA 339 -1.68 88.02 44.84
CA LEU SA 339 -1.83 86.80 44.05
C LEU SA 339 -1.10 85.63 44.66
N THR SA 340 -0.03 85.87 45.41
CA THR SA 340 0.79 84.80 45.97
C THR SA 340 0.40 84.45 47.39
N SER SA 341 -0.59 85.11 47.96
CA SER SA 341 -1.02 84.81 49.32
C SER SA 341 -1.91 83.56 49.33
N THR SA 342 -1.93 82.89 50.47
CA THR SA 342 -2.69 81.66 50.62
C THR SA 342 -3.72 81.78 51.73
N ILE SA 343 -4.72 80.93 51.65
CA ILE SA 343 -5.59 80.62 52.77
C ILE SA 343 -5.33 79.17 53.14
N GLN SA 344 -5.57 78.83 54.40
CA GLN SA 344 -5.44 77.46 54.89
C GLN SA 344 -6.82 76.94 55.23
N VAL SA 345 -7.16 75.78 54.68
CA VAL SA 345 -8.44 75.14 54.92
C VAL SA 345 -8.19 73.70 55.33
N PHE SA 346 -8.86 73.26 56.38
CA PHE SA 346 -8.88 71.85 56.71
C PHE SA 346 -10.20 71.51 57.38
N THR SA 347 -10.60 70.26 57.25
CA THR SA 347 -11.75 69.73 57.95
C THR SA 347 -11.30 68.90 59.13
N ASP SA 348 -11.92 69.12 60.28
CA ASP SA 348 -11.68 68.28 61.46
C ASP SA 348 -12.42 66.97 61.28
N SER SA 349 -11.91 66.15 60.36
CA SER SA 349 -12.59 64.92 59.98
C SER SA 349 -12.54 63.86 61.08
N GLU SA 350 -11.54 63.92 61.94
CA GLU SA 350 -11.45 63.01 63.08
C GLU SA 350 -12.11 63.55 64.32
N TYR SA 351 -12.74 64.73 64.24
CA TYR SA 351 -13.44 65.34 65.38
C TYR SA 351 -12.51 65.50 66.57
N GLN SA 352 -11.29 65.93 66.29
CA GLN SA 352 -10.30 66.15 67.33
C GLN SA 352 -10.34 67.55 67.90
N LEU SA 353 -11.05 68.43 67.31
CA LEU SA 353 -11.22 69.77 67.84
C LEU SA 353 -12.53 69.88 68.59
N PRO SA 354 -12.64 70.80 69.54
CA PRO SA 354 -13.93 71.08 70.15
C PRO SA 354 -14.94 71.47 69.08
N TYR SA 355 -16.07 70.78 69.08
CA TYR SA 355 -17.09 70.94 68.05
C TYR SA 355 -18.03 72.07 68.48
N VAL SA 356 -17.89 73.23 67.85
CA VAL SA 356 -18.69 74.39 68.21
C VAL SA 356 -19.88 74.58 67.30
N LEU SA 357 -19.98 73.82 66.21
CA LEU SA 357 -21.22 73.78 65.48
C LEU SA 357 -22.29 73.09 66.33
N GLY SA 358 -23.54 73.32 65.97
CA GLY SA 358 -24.60 72.78 66.79
C GLY SA 358 -24.81 73.51 68.09
N SER SA 359 -24.40 74.77 68.18
CA SER SA 359 -24.74 75.63 69.31
C SER SA 359 -25.60 76.81 68.86
N ALA SA 360 -26.22 76.70 67.68
CA ALA SA 360 -27.13 77.71 67.16
C ALA SA 360 -26.46 79.07 67.07
N HIS SA 361 -25.23 79.09 66.61
CA HIS SA 361 -24.47 80.34 66.52
C HIS SA 361 -24.73 81.04 65.19
N GLN SA 362 -24.57 82.35 65.21
CA GLN SA 362 -24.59 83.13 63.98
C GLN SA 362 -23.36 82.80 63.14
N GLY SA 363 -23.38 83.28 61.90
CA GLY SA 363 -22.29 83.04 60.99
C GLY SA 363 -22.51 81.93 59.99
N CYS SA 364 -23.69 81.32 59.99
CA CYS SA 364 -24.01 80.34 58.96
C CYS SA 364 -24.14 81.02 57.60
N LEU SA 365 -24.20 80.21 56.57
CA LEU SA 365 -24.48 80.72 55.23
C LEU SA 365 -25.81 81.48 55.25
N PRO SA 366 -25.88 82.67 54.65
CA PRO SA 366 -27.12 83.44 54.72
C PRO SA 366 -28.23 82.72 53.98
N PRO SA 367 -29.48 82.90 54.40
CA PRO SA 367 -30.60 82.28 53.68
C PRO SA 367 -30.71 82.77 52.24
N PHE SA 368 -30.40 84.03 51.98
CA PHE SA 368 -30.55 84.59 50.65
C PHE SA 368 -29.26 84.37 49.85
N PRO SA 369 -29.31 83.72 48.69
CA PRO SA 369 -28.08 83.42 47.96
C PRO SA 369 -27.28 84.63 47.55
N ALA SA 370 -27.93 85.76 47.28
CA ALA SA 370 -27.21 86.97 46.89
C ALA SA 370 -26.45 87.60 48.04
N ASP SA 371 -26.62 87.11 49.25
CA ASP SA 371 -26.06 87.76 50.42
C ASP SA 371 -24.62 87.33 50.62
N VAL SA 372 -23.73 88.31 50.78
CA VAL SA 372 -22.33 88.05 51.08
C VAL SA 372 -22.14 88.07 52.59
N PHE SA 373 -21.52 87.03 53.13
CA PHE SA 373 -21.44 86.87 54.57
C PHE SA 373 -19.99 86.81 55.04
N MET SA 374 -19.80 87.23 56.27
CA MET SA 374 -18.52 87.18 56.96
C MET SA 374 -18.37 85.84 57.68
N ILE SA 375 -17.20 85.24 57.55
CA ILE SA 375 -16.95 83.94 58.17
C ILE SA 375 -16.75 84.13 59.67
N PRO SA 376 -17.45 83.40 60.53
CA PRO SA 376 -17.29 83.58 61.97
C PRO SA 376 -15.94 83.09 62.46
N GLN SA 377 -15.47 83.70 63.54
CA GLN SA 377 -14.20 83.32 64.13
C GLN SA 377 -14.35 82.07 64.98
N TYR SA 378 -13.42 81.14 64.83
CA TYR SA 378 -13.45 79.92 65.62
C TYR SA 378 -12.87 80.16 67.00
N GLY SA 379 -13.64 79.80 68.02
CA GLY SA 379 -13.14 79.75 69.37
C GLY SA 379 -13.76 78.56 70.06
N TYR SA 380 -13.17 78.19 71.20
CA TYR SA 380 -13.68 77.04 71.92
C TYR SA 380 -13.49 77.27 73.41
N LEU SA 381 -14.22 76.49 74.20
CA LEU SA 381 -14.13 76.52 75.64
C LEU SA 381 -13.60 75.19 76.14
N THR SA 382 -12.86 75.26 77.24
CA THR SA 382 -12.38 74.06 77.89
C THR SA 382 -12.79 74.14 79.36
N LEU SA 383 -12.28 73.24 80.18
CA LEU SA 383 -12.67 73.24 81.59
C LEU SA 383 -12.21 74.51 82.27
N ASN SA 384 -13.07 75.07 83.11
CA ASN SA 384 -12.77 76.27 83.85
C ASN SA 384 -13.19 76.13 85.30
N ASN SA 385 -12.48 76.86 86.17
CA ASN SA 385 -12.83 77.02 87.57
C ASN SA 385 -12.89 78.54 87.76
N GLY SA 386 -14.08 79.11 87.60
CA GLY SA 386 -14.15 80.55 87.50
C GLY SA 386 -13.53 81.01 86.19
N SER SA 387 -12.64 81.98 86.26
CA SER SA 387 -11.89 82.43 85.10
C SER SA 387 -10.59 81.66 84.91
N GLN SA 388 -10.27 80.74 85.79
CA GLN SA 388 -9.02 79.99 85.73
C GLN SA 388 -9.21 78.67 85.00
N ALA SA 389 -8.14 78.22 84.36
CA ALA SA 389 -8.12 76.88 83.81
C ALA SA 389 -7.74 75.88 84.89
N VAL SA 390 -8.06 74.62 84.63
CA VAL SA 390 -7.63 73.53 85.48
C VAL SA 390 -6.61 72.70 84.69
N GLY SA 391 -5.98 71.75 85.38
CA GLY SA 391 -5.00 70.92 84.72
C GLY SA 391 -5.57 70.10 83.59
N ARG SA 392 -6.86 69.82 83.60
CA ARG SA 392 -7.49 69.07 82.54
C ARG SA 392 -7.90 69.94 81.36
N SER SA 393 -7.75 71.26 81.47
CA SER SA 393 -8.08 72.14 80.36
C SER SA 393 -7.19 71.85 79.16
N SER SA 394 -7.80 71.78 77.99
CA SER SA 394 -7.10 71.45 76.76
C SER SA 394 -6.89 72.70 75.93
N PHE SA 395 -5.67 72.89 75.44
CA PHE SA 395 -5.36 73.91 74.47
C PHE SA 395 -5.13 73.25 73.13
N TYR SA 396 -5.77 73.77 72.09
CA TYR SA 396 -5.65 73.23 70.74
C TYR SA 396 -5.05 74.28 69.84
N CYS SA 397 -3.98 73.92 69.15
CA CYS SA 397 -3.42 74.73 68.07
C CYS SA 397 -3.94 74.18 66.76
N LEU SA 398 -4.69 74.99 66.02
CA LEU SA 398 -5.26 74.52 64.78
C LEU SA 398 -4.20 74.45 63.68
N GLU SA 399 -3.08 75.13 63.84
CA GLU SA 399 -1.95 74.94 62.93
C GLU SA 399 -1.32 73.58 63.10
N TYR SA 400 -1.59 72.91 64.22
CA TYR SA 400 -1.10 71.56 64.45
C TYR SA 400 -1.86 70.51 63.66
N PHE SA 401 -2.71 70.93 62.74
CA PHE SA 401 -3.42 70.04 61.86
C PHE SA 401 -2.89 70.18 60.44
N PRO SA 402 -2.97 69.12 59.64
CA PRO SA 402 -2.67 69.26 58.21
C PRO SA 402 -3.74 70.09 57.54
N SER SA 403 -3.33 71.16 56.88
CA SER SA 403 -4.24 72.05 56.18
C SER SA 403 -3.83 72.16 54.74
N GLN SA 404 -4.81 72.23 53.85
CA GLN SA 404 -4.54 72.55 52.46
C GLN SA 404 -4.35 74.06 52.36
N MET SA 405 -3.25 74.49 51.74
CA MET SA 405 -3.03 75.90 51.48
C MET SA 405 -3.43 76.21 50.04
N LEU SA 406 -4.18 77.29 49.87
CA LEU SA 406 -4.81 77.60 48.59
C LEU SA 406 -4.39 78.98 48.16
N ARG SA 407 -3.82 79.08 46.97
CA ARG SA 407 -3.66 80.38 46.33
C ARG SA 407 -4.91 80.69 45.52
N THR SA 408 -4.90 81.81 44.82
CA THR SA 408 -6.11 82.28 44.14
C THR SA 408 -6.59 81.30 43.08
N GLY SA 409 -5.71 80.48 42.53
CA GLY SA 409 -6.10 79.51 41.55
C GLY SA 409 -6.54 78.17 42.08
N ASN SA 410 -6.42 77.95 43.38
CA ASN SA 410 -6.73 76.66 43.98
C ASN SA 410 -8.17 76.61 44.47
N ASN SA 411 -8.68 75.40 44.60
CA ASN SA 411 -9.98 75.17 45.20
C ASN SA 411 -9.89 74.03 46.20
N PHE SA 412 -10.83 74.02 47.12
CA PHE SA 412 -10.91 73.01 48.17
C PHE SA 412 -12.27 72.33 48.08
N GLN SA 413 -12.28 71.02 48.29
CA GLN SA 413 -13.55 70.32 48.30
C GLN SA 413 -13.41 69.04 49.11
N PHE SA 414 -14.52 68.64 49.72
CA PHE SA 414 -14.60 67.36 50.39
C PHE SA 414 -16.04 66.89 50.38
N THR SA 415 -16.21 65.58 50.53
CA THR SA 415 -17.52 64.97 50.61
C THR SA 415 -17.68 64.31 51.96
N TYR SA 416 -18.91 64.24 52.42
CA TYR SA 416 -19.24 63.66 53.72
C TYR SA 416 -20.52 62.87 53.58
N THR SA 417 -20.58 61.72 54.24
CA THR SA 417 -21.77 60.89 54.25
C THR SA 417 -22.35 60.91 55.66
N PHE SA 418 -23.62 61.28 55.75
CA PHE SA 418 -24.31 61.24 57.03
C PHE SA 418 -24.51 59.80 57.47
N GLU SA 419 -24.37 59.56 58.77
CA GLU SA 419 -24.71 58.26 59.33
C GLU SA 419 -26.20 58.02 59.21
N ASP SA 420 -26.60 56.76 59.37
CA ASP SA 420 -28.02 56.43 59.35
C ASP SA 420 -28.70 57.10 60.54
N VAL SA 421 -29.49 58.13 60.26
CA VAL SA 421 -30.16 58.89 61.30
C VAL SA 421 -31.66 58.69 61.08
N PRO SA 422 -32.49 58.71 62.13
CA PRO SA 422 -33.93 58.57 61.90
C PRO SA 422 -34.47 59.75 61.12
N PHE SA 423 -35.52 59.49 60.34
CA PHE SA 423 -36.23 60.56 59.66
C PHE SA 423 -36.79 61.54 60.68
N HIS SA 424 -36.66 62.82 60.41
CA HIS SA 424 -37.36 63.80 61.23
C HIS SA 424 -38.86 63.67 61.00
N SER SA 425 -39.63 63.73 62.07
CA SER SA 425 -41.07 63.60 61.98
C SER SA 425 -41.64 64.89 61.41
N SER SA 426 -41.80 64.92 60.09
CA SER SA 426 -42.38 66.07 59.41
C SER SA 426 -43.90 65.95 59.33
N TYR SA 427 -44.51 65.66 60.47
CA TYR SA 427 -45.94 65.41 60.54
C TYR SA 427 -46.41 65.70 61.96
N ALA SA 428 -47.69 65.99 62.09
CA ALA SA 428 -48.35 66.06 63.38
C ALA SA 428 -49.33 64.91 63.49
N HIS SA 429 -49.48 64.38 64.69
CA HIS SA 429 -50.38 63.26 64.89
C HIS SA 429 -51.82 63.72 64.82
N SER SA 430 -52.64 63.00 64.06
CA SER SA 430 -54.06 63.29 63.98
C SER SA 430 -54.86 62.55 65.04
N GLN SA 431 -54.18 61.84 65.94
CA GLN SA 431 -54.80 61.19 67.07
C GLN SA 431 -54.05 61.59 68.32
N SER SA 432 -54.77 61.65 69.43
CA SER SA 432 -54.16 61.89 70.73
C SER SA 432 -53.86 60.56 71.41
N LEU SA 433 -52.83 60.57 72.26
CA LEU SA 433 -52.41 59.34 72.92
C LEU SA 433 -53.49 58.77 73.83
N ASP SA 434 -54.30 59.63 74.44
CA ASP SA 434 -55.38 59.19 75.30
C ASP SA 434 -56.67 58.94 74.55
N ARG SA 435 -56.65 58.98 73.22
CA ARG SA 435 -57.83 58.78 72.40
C ARG SA 435 -57.54 57.79 71.28
N LEU SA 436 -56.83 56.72 71.60
CA LEU SA 436 -56.48 55.69 70.62
C LEU SA 436 -57.49 54.56 70.57
N MET SA 437 -58.51 54.61 71.40
CA MET SA 437 -59.46 53.53 71.55
C MET SA 437 -60.67 53.70 70.63
N ASN SA 438 -61.39 52.61 70.44
CA ASN SA 438 -62.65 52.62 69.71
C ASN SA 438 -63.69 53.33 70.55
N PRO SA 439 -64.30 54.41 70.06
CA PRO SA 439 -65.28 55.16 70.84
C PRO SA 439 -66.66 54.54 70.88
N LEU SA 440 -66.84 53.33 70.35
CA LEU SA 440 -68.15 52.68 70.35
C LEU SA 440 -68.23 51.46 71.24
N ILE SA 441 -67.09 50.89 71.64
CA ILE SA 441 -67.04 49.61 72.32
C ILE SA 441 -66.51 49.82 73.73
N ASP SA 442 -67.14 49.17 74.70
CA ASP SA 442 -66.62 49.17 76.04
C ASP SA 442 -65.36 48.33 76.13
N GLN SA 443 -64.56 48.60 77.16
CA GLN SA 443 -63.45 47.73 77.49
C GLN SA 443 -63.93 46.53 78.29
N TYR SA 444 -63.25 45.41 78.11
CA TYR SA 444 -63.52 44.27 79.00
C TYR SA 444 -62.80 44.41 80.33
N LEU SA 445 -61.84 45.32 80.43
CA LEU SA 445 -61.17 45.59 81.68
C LEU SA 445 -62.01 46.51 82.55
N TYR SA 446 -61.91 46.32 83.86
CA TYR SA 446 -62.61 47.15 84.83
C TYR SA 446 -61.63 48.09 85.50
N TYR SA 447 -62.17 49.21 85.98
CA TYR SA 447 -61.42 50.14 86.80
C TYR SA 447 -62.21 50.40 88.08
N LEU SA 448 -61.49 50.72 89.14
CA LEU SA 448 -62.14 51.11 90.39
C LEU SA 448 -62.90 52.41 90.17
N SER SA 449 -64.23 52.34 90.15
CA SER SA 449 -65.05 53.49 89.84
C SER SA 449 -65.59 54.21 91.06
N ARG SA 450 -65.79 53.50 92.17
CA ARG SA 450 -66.23 54.14 93.40
C ARG SA 450 -65.63 53.43 94.59
N THR SA 451 -65.32 54.20 95.63
CA THR SA 451 -64.86 53.67 96.90
C THR SA 451 -65.83 53.94 98.04
N GLN SA 452 -66.96 54.58 97.76
CA GLN SA 452 -67.94 54.94 98.78
C GLN SA 452 -69.33 54.74 98.22
N THR SA 453 -70.23 54.23 99.05
CA THR SA 453 -71.60 53.96 98.63
C THR SA 453 -72.36 55.25 98.33
N ASN SA 459 -72.86 57.55 103.99
CA ASN SA 459 -72.29 56.58 103.07
C ASN SA 459 -71.10 55.88 103.70
N THR SA 460 -70.88 54.63 103.30
CA THR SA 460 -69.84 53.79 103.85
C THR SA 460 -68.86 53.39 102.76
N GLN SA 461 -67.75 52.79 103.17
CA GLN SA 461 -66.76 52.31 102.23
C GLN SA 461 -67.31 51.14 101.41
N THR SA 462 -66.90 51.09 100.15
CA THR SA 462 -67.26 50.02 99.25
C THR SA 462 -66.22 49.96 98.14
N LEU SA 463 -66.35 48.97 97.28
CA LEU SA 463 -65.50 48.84 96.10
C LEU SA 463 -66.43 48.61 94.90
N GLY SA 464 -66.62 49.65 94.09
CA GLY SA 464 -67.39 49.55 92.87
C GLY SA 464 -66.47 49.62 91.67
N PHE SA 465 -66.69 48.73 90.72
CA PHE SA 465 -65.86 48.61 89.54
C PHE SA 465 -66.73 48.77 88.31
N SER SA 466 -66.24 49.55 87.35
CA SER SA 466 -66.96 49.80 86.11
C SER SA 466 -66.03 49.49 84.94
N GLN SA 467 -66.65 49.22 83.80
CA GLN SA 467 -65.90 49.01 82.57
C GLN SA 467 -65.72 50.35 81.87
N GLY SA 468 -64.48 50.64 81.48
CA GLY SA 468 -64.21 51.83 80.70
C GLY SA 468 -64.93 51.77 79.37
N GLY SA 469 -65.59 52.87 79.02
CA GLY SA 469 -66.36 52.92 77.80
C GLY SA 469 -66.25 54.25 77.10
N PRO SA 470 -67.15 54.49 76.13
CA PRO SA 470 -67.09 55.74 75.37
C PRO SA 470 -67.24 56.98 76.23
N ASN SA 471 -67.95 56.89 77.35
CA ASN SA 471 -68.18 58.05 78.19
C ASN SA 471 -67.14 58.22 79.28
N THR SA 472 -66.64 57.14 79.84
CA THR SA 472 -65.57 57.19 80.84
C THR SA 472 -64.22 56.96 80.18
N MET SA 473 -63.92 57.80 79.21
CA MET SA 473 -62.75 57.60 78.38
C MET SA 473 -61.47 57.95 79.13
N ALA SA 474 -61.54 58.84 80.12
CA ALA SA 474 -60.39 59.14 80.96
C ALA SA 474 -60.04 57.98 81.88
N ASN SA 475 -60.99 57.10 82.18
CA ASN SA 475 -60.76 55.98 83.09
C ASN SA 475 -60.29 54.72 82.37
N GLN SA 476 -60.32 54.69 81.05
CA GLN SA 476 -60.02 53.47 80.32
C GLN SA 476 -58.58 53.04 80.53
N ALA SA 477 -58.39 51.72 80.57
CA ALA SA 477 -57.04 51.18 80.56
C ALA SA 477 -56.35 51.52 79.24
N LYS SA 478 -55.10 51.95 79.33
CA LYS SA 478 -54.34 52.40 78.17
C LYS SA 478 -52.96 51.78 78.20
N ASN SA 479 -52.36 51.67 77.02
CA ASN SA 479 -51.09 51.00 76.86
C ASN SA 479 -49.88 51.93 76.93
N TRP SA 480 -50.09 53.23 76.84
CA TRP SA 480 -48.97 54.15 76.64
C TRP SA 480 -49.12 55.37 77.52
N LEU SA 481 -48.00 56.02 77.77
CA LEU SA 481 -47.93 57.22 78.57
C LEU SA 481 -47.35 58.36 77.76
N PRO SA 482 -47.72 59.61 78.07
CA PRO SA 482 -47.11 60.75 77.38
C PRO SA 482 -45.64 60.85 77.70
N GLY SA 483 -44.90 61.47 76.79
CA GLY SA 483 -43.48 61.63 76.93
C GLY SA 483 -43.07 62.34 78.21
N PRO SA 484 -41.76 62.40 78.45
CA PRO SA 484 -41.27 62.94 79.72
C PRO SA 484 -41.51 64.44 79.82
N CYS SA 485 -41.51 64.92 81.06
CA CYS SA 485 -41.84 66.30 81.36
C CYS SA 485 -40.74 66.92 82.22
N TYR SA 486 -40.41 68.18 81.93
CA TYR SA 486 -39.51 69.00 82.75
C TYR SA 486 -40.14 70.39 82.79
N ARG SA 487 -41.02 70.61 83.76
CA ARG SA 487 -41.99 71.69 83.67
C ARG SA 487 -41.31 73.06 83.58
N GLN SA 488 -41.83 73.88 82.69
CA GLN SA 488 -41.36 75.24 82.49
C GLN SA 488 -42.42 76.22 82.99
N GLN SA 489 -41.96 77.41 83.37
CA GLN SA 489 -42.87 78.47 83.77
C GLN SA 489 -43.63 78.99 82.55
N ARG SA 490 -44.90 79.30 82.75
CA ARG SA 490 -45.76 79.79 81.69
C ARG SA 490 -45.67 81.30 81.60
N VAL SA 491 -45.46 81.81 80.39
CA VAL SA 491 -45.42 83.23 80.12
C VAL SA 491 -46.46 83.55 79.06
N SER SA 492 -47.22 84.61 79.28
CA SER SA 492 -48.25 85.04 78.35
C SER SA 492 -47.69 86.14 77.46
N THR SA 493 -47.94 86.04 76.15
CA THR SA 493 -47.60 87.13 75.26
C THR SA 493 -48.44 88.37 75.51
N THR SA 494 -49.59 88.21 76.15
CA THR SA 494 -50.35 89.34 76.70
C THR SA 494 -49.71 89.68 78.04
N THR SA 495 -48.87 90.71 78.04
CA THR SA 495 -48.01 90.97 79.20
C THR SA 495 -48.81 91.27 80.45
N GLY SA 496 -50.01 91.85 80.31
CA GLY SA 496 -50.83 92.14 81.47
C GLY SA 496 -51.22 90.91 82.26
N GLN SA 497 -51.22 89.74 81.63
CA GLN SA 497 -51.53 88.50 82.32
C GLN SA 497 -50.33 87.91 83.05
N ASN SA 498 -49.14 88.49 82.88
CA ASN SA 498 -47.95 87.98 83.54
C ASN SA 498 -47.77 88.64 84.90
N ASN SA 499 -47.04 87.95 85.77
CA ASN SA 499 -46.69 88.52 87.07
C ASN SA 499 -45.80 89.73 86.88
N ASN SA 500 -46.06 90.77 87.66
CA ASN SA 500 -45.28 92.01 87.57
C ASN SA 500 -43.98 91.84 88.34
N SER SA 501 -43.07 91.07 87.74
CA SER SA 501 -41.75 90.84 88.29
C SER SA 501 -40.85 90.39 87.16
N ASN SA 502 -39.54 90.47 87.41
CA ASN SA 502 -38.53 90.04 86.44
C ASN SA 502 -38.15 88.60 86.83
N PHE SA 503 -38.84 87.64 86.21
CA PHE SA 503 -38.68 86.23 86.57
C PHE SA 503 -38.14 85.38 85.44
N ALA SA 504 -37.59 85.99 84.40
CA ALA SA 504 -37.08 85.20 83.27
C ALA SA 504 -35.98 84.26 83.71
N TRP SA 505 -35.09 84.72 84.60
CA TRP SA 505 -34.03 83.89 85.12
C TRP SA 505 -34.40 83.23 86.45
N THR SA 506 -34.97 84.00 87.38
CA THR SA 506 -35.27 83.46 88.70
C THR SA 506 -36.29 82.32 88.62
N ALA SA 507 -37.31 82.46 87.79
CA ALA SA 507 -38.28 81.41 87.58
C ALA SA 507 -37.94 80.53 86.38
N GLY SA 508 -36.79 80.74 85.76
CA GLY SA 508 -36.41 79.94 84.62
C GLY SA 508 -36.20 78.48 84.99
N THR SA 509 -36.53 77.61 84.05
CA THR SA 509 -36.32 76.18 84.25
C THR SA 509 -34.89 75.84 83.90
N LYS SA 510 -34.15 75.33 84.88
CA LYS SA 510 -32.72 75.23 84.79
C LYS SA 510 -32.24 73.83 85.12
N TYR SA 511 -31.05 73.51 84.66
CA TYR SA 511 -30.31 72.36 85.15
C TYR SA 511 -29.06 72.84 85.87
N HIS SA 512 -28.56 72.00 86.76
CA HIS SA 512 -27.42 72.31 87.61
C HIS SA 512 -26.27 71.40 87.22
N LEU SA 513 -25.13 71.99 86.89
CA LEU SA 513 -23.96 71.23 86.47
C LEU SA 513 -22.71 71.87 87.05
N ASN SA 514 -22.02 71.13 87.92
CA ASN SA 514 -20.78 71.57 88.53
C ASN SA 514 -20.94 72.94 89.20
N GLY SA 515 -22.00 73.06 90.00
CA GLY SA 515 -22.28 74.30 90.69
C GLY SA 515 -22.66 75.46 89.80
N ARG SA 516 -22.95 75.21 88.53
CA ARG SA 516 -23.32 76.24 87.58
C ARG SA 516 -24.75 76.00 87.14
N ASN SA 517 -25.56 77.05 87.14
CA ASN SA 517 -26.94 76.96 86.70
C ASN SA 517 -27.04 77.41 85.25
N SER SA 518 -27.66 76.59 84.42
CA SER SA 518 -27.90 76.92 83.03
C SER SA 518 -29.36 76.66 82.73
N LEU SA 519 -29.96 77.53 81.92
CA LEU SA 519 -31.34 77.32 81.50
C LEU SA 519 -31.47 76.01 80.74
N ALA SA 520 -32.52 75.26 81.03
CA ALA SA 520 -32.89 74.10 80.22
C ALA SA 520 -33.63 74.65 79.00
N ASN SA 521 -32.85 75.20 78.08
CA ASN SA 521 -33.36 76.01 76.99
C ASN SA 521 -32.94 75.42 75.65
N PRO SA 522 -33.87 74.96 74.81
CA PRO SA 522 -35.31 74.99 75.08
C PRO SA 522 -35.79 73.79 75.89
N GLY SA 523 -34.86 72.94 76.31
CA GLY SA 523 -35.23 71.78 77.08
C GLY SA 523 -35.82 70.68 76.23
N ILE SA 524 -36.42 69.70 76.91
CA ILE SA 524 -36.99 68.55 76.23
C ILE SA 524 -38.21 68.97 75.43
N ALA SA 525 -38.50 68.20 74.39
CA ALA SA 525 -39.63 68.51 73.51
C ALA SA 525 -40.93 68.34 74.26
N MET SA 526 -41.59 69.45 74.56
CA MET SA 526 -42.93 69.43 75.13
C MET SA 526 -43.81 70.39 74.36
N ALA SA 527 -45.11 70.12 74.38
CA ALA SA 527 -46.06 71.00 73.71
C ALA SA 527 -46.00 72.40 74.31
N THR SA 528 -45.94 73.39 73.43
CA THR SA 528 -45.79 74.78 73.89
C THR SA 528 -46.97 75.20 74.76
N HIS SA 529 -48.18 74.80 74.38
CA HIS SA 529 -49.38 75.18 75.10
C HIS SA 529 -50.45 74.13 74.78
N LYS SA 530 -51.51 74.15 75.56
CA LYS SA 530 -52.64 73.27 75.30
C LYS SA 530 -53.64 73.98 74.39
N ASP SA 531 -54.81 73.39 74.22
CA ASP SA 531 -55.81 73.94 73.32
C ASP SA 531 -56.24 75.34 73.75
N ASP SA 532 -56.35 76.23 72.77
CA ASP SA 532 -56.87 77.59 72.96
C ASP SA 532 -56.01 78.41 73.91
N GLU SA 533 -54.71 78.14 73.96
CA GLU SA 533 -53.80 78.88 74.82
C GLU SA 533 -52.55 79.28 74.03
N GLU SA 534 -52.73 79.73 72.80
CA GLU SA 534 -51.61 80.09 71.95
C GLU SA 534 -50.79 81.23 72.53
N ARG SA 535 -51.41 82.09 73.34
CA ARG SA 535 -50.70 83.22 73.94
C ARG SA 535 -49.68 82.79 74.98
N PHE SA 536 -49.74 81.55 75.45
CA PHE SA 536 -48.84 81.07 76.48
C PHE SA 536 -47.68 80.31 75.85
N PHE SA 537 -46.49 80.51 76.41
CA PHE SA 537 -45.32 79.75 76.01
C PHE SA 537 -44.46 79.48 77.22
N PRO SA 538 -43.72 78.37 77.23
CA PRO SA 538 -42.74 78.14 78.29
C PRO SA 538 -41.65 79.21 78.25
N SER SA 539 -41.22 79.63 79.43
CA SER SA 539 -40.34 80.79 79.52
C SER SA 539 -39.03 80.58 78.76
N ASN SA 540 -38.45 79.39 78.87
CA ASN SA 540 -37.26 79.05 78.08
C ASN SA 540 -37.44 77.66 77.48
N GLY SA 541 -38.60 77.42 76.89
CA GLY SA 541 -38.90 76.10 76.37
C GLY SA 541 -39.26 76.06 74.90
N ILE SA 542 -38.99 77.15 74.18
CA ILE SA 542 -39.25 77.23 72.75
C ILE SA 542 -38.06 77.88 72.07
N LEU SA 543 -37.92 77.59 70.77
CA LEU SA 543 -36.99 78.33 69.94
C LEU SA 543 -37.58 79.68 69.60
N ILE SA 544 -36.80 80.73 69.80
CA ILE SA 544 -37.24 82.09 69.50
C ILE SA 544 -36.28 82.65 68.47
N PHE SA 545 -36.79 82.92 67.28
CA PHE SA 545 -36.01 83.53 66.22
C PHE SA 545 -36.29 85.02 66.18
N GLY SA 546 -35.28 85.79 65.82
CA GLY SA 546 -35.42 87.22 65.69
C GLY SA 546 -35.87 87.60 64.29
N LYS SA 547 -36.75 88.58 64.20
CA LYS SA 547 -37.07 89.16 62.91
C LYS SA 547 -35.87 89.94 62.40
N GLN SA 548 -35.90 90.30 61.13
CA GLN SA 548 -34.80 91.04 60.55
C GLN SA 548 -34.61 92.36 61.29
N ASN SA 549 -33.35 92.68 61.60
CA ASN SA 549 -32.97 93.89 62.31
C ASN SA 549 -33.50 93.89 63.76
N ALA SA 550 -33.75 92.73 64.33
CA ALA SA 550 -34.08 92.66 65.74
C ALA SA 550 -32.84 92.94 66.57
N ALA SA 551 -33.04 93.64 67.70
CA ALA SA 551 -31.92 93.99 68.56
C ALA SA 551 -31.32 92.73 69.18
N ARG SA 552 -30.00 92.77 69.39
CA ARG SA 552 -29.33 91.66 70.05
C ARG SA 552 -29.82 91.50 71.49
N ASP SA 553 -29.98 92.60 72.21
CA ASP SA 553 -30.39 92.57 73.60
C ASP SA 553 -31.74 93.26 73.77
N ASN SA 554 -32.62 92.65 74.55
CA ASN SA 554 -33.91 93.23 74.93
C ASN SA 554 -34.72 93.61 73.68
N ALA SA 555 -34.79 92.70 72.73
CA ALA SA 555 -35.71 92.86 71.62
C ALA SA 555 -37.14 92.70 72.11
N ASP SA 556 -38.03 93.55 71.61
CA ASP SA 556 -39.43 93.48 72.00
C ASP SA 556 -40.06 92.22 71.40
N TYR SA 557 -41.21 91.84 71.96
CA TYR SA 557 -41.92 90.67 71.46
C TYR SA 557 -42.28 90.82 69.98
N SER SA 558 -42.52 92.05 69.53
CA SER SA 558 -42.83 92.27 68.12
C SER SA 558 -41.61 92.07 67.22
N ASP SA 559 -40.41 92.08 67.79
CA ASP SA 559 -39.19 91.90 67.00
C ASP SA 559 -38.70 90.46 66.96
N VAL SA 560 -39.39 89.54 67.64
CA VAL SA 560 -38.97 88.15 67.66
C VAL SA 560 -40.09 87.27 67.13
N MET SA 561 -39.72 86.05 66.78
CA MET SA 561 -40.65 85.07 66.21
C MET SA 561 -40.67 83.86 67.12
N LEU SA 562 -41.73 83.72 67.90
CA LEU SA 562 -41.86 82.56 68.78
C LEU SA 562 -42.30 81.35 67.99
N THR SA 563 -41.59 80.24 68.17
CA THR SA 563 -42.06 78.98 67.61
C THR SA 563 -43.08 78.36 68.55
N SER SA 564 -43.81 77.38 68.03
CA SER SA 564 -44.80 76.66 68.82
C SER SA 564 -44.72 75.19 68.51
N GLU SA 565 -44.59 74.38 69.56
CA GLU SA 565 -44.61 72.92 69.43
C GLU SA 565 -45.97 72.35 69.79
N GLU SA 566 -47.05 73.06 69.46
CA GLU SA 566 -48.38 72.59 69.80
C GLU SA 566 -48.76 71.32 69.04
N GLU SA 567 -48.07 71.01 67.94
CA GLU SA 567 -48.40 69.81 67.18
C GLU SA 567 -48.15 68.55 67.99
N ILE SA 568 -47.28 68.59 68.99
CA ILE SA 568 -46.96 67.41 69.80
C ILE SA 568 -47.80 67.35 71.07
N LYS SA 569 -48.87 68.14 71.16
CA LYS SA 569 -49.82 67.99 72.25
C LYS SA 569 -50.36 66.57 72.34
N THR SA 570 -50.47 65.90 71.19
CA THR SA 570 -51.09 64.58 71.13
C THR SA 570 -50.27 63.53 71.87
N THR SA 571 -48.98 63.74 72.00
CA THR SA 571 -48.10 62.75 72.61
C THR SA 571 -47.26 63.33 73.73
N ASN SA 572 -46.80 64.57 73.61
CA ASN SA 572 -45.96 65.15 74.63
C ASN SA 572 -46.78 66.00 75.58
N PRO SA 573 -46.45 65.98 76.87
CA PRO SA 573 -47.15 66.85 77.82
C PRO SA 573 -46.87 68.31 77.52
N VAL SA 574 -47.82 69.17 77.90
CA VAL SA 574 -47.64 70.60 77.74
C VAL SA 574 -46.50 71.08 78.62
N ALA SA 575 -45.64 71.93 78.04
CA ALA SA 575 -44.40 72.31 78.71
C ALA SA 575 -44.65 73.04 80.03
N THR SA 576 -45.78 73.74 80.14
CA THR SA 576 -46.07 74.54 81.31
C THR SA 576 -47.02 73.86 82.28
N GLU SA 577 -47.38 72.61 82.03
CA GLU SA 577 -48.28 71.87 82.88
C GLU SA 577 -47.54 70.72 83.54
N GLU SA 578 -48.13 70.20 84.61
CA GLU SA 578 -47.59 69.03 85.27
C GLU SA 578 -47.75 67.80 84.41
N TYR SA 579 -46.83 66.84 84.59
CA TYR SA 579 -46.94 65.58 83.86
C TYR SA 579 -48.20 64.83 84.27
N GLY SA 580 -48.48 64.79 85.57
CA GLY SA 580 -49.60 64.02 86.05
C GLY SA 580 -49.67 64.06 87.55
N ILE SA 581 -50.38 63.11 88.11
CA ILE SA 581 -50.66 63.04 89.54
C ILE SA 581 -50.26 61.67 90.04
N VAL SA 582 -49.54 61.64 91.16
CA VAL SA 582 -49.19 60.39 91.82
C VAL SA 582 -49.66 60.45 93.27
N ALA SA 583 -49.81 59.28 93.87
CA ALA SA 583 -50.14 59.21 95.28
C ALA SA 583 -48.95 59.66 96.13
N ASP SA 584 -49.24 60.39 97.19
CA ASP SA 584 -48.21 60.88 98.08
C ASP SA 584 -48.19 60.18 99.44
N ASN SA 585 -49.15 59.32 99.72
CA ASN SA 585 -49.24 58.66 101.01
C ASN SA 585 -49.99 57.34 100.84
N LEU SA 586 -50.28 56.68 101.96
CA LEU SA 586 -51.10 55.49 101.99
C LEU SA 586 -52.39 55.84 102.71
N GLN SA 587 -53.50 55.88 101.97
CA GLN SA 587 -54.78 56.19 102.59
C GLN SA 587 -55.21 55.07 103.51
N GLN SA 588 -55.80 55.45 104.64
CA GLN SA 588 -56.42 54.53 105.58
C GLN SA 588 -57.77 55.09 105.96
N GLN SA 589 -58.49 54.37 106.80
CA GLN SA 589 -59.78 54.86 107.27
C GLN SA 589 -59.66 56.16 108.04
N ASN SA 590 -58.46 56.48 108.56
CA ASN SA 590 -58.25 57.71 109.29
C ASN SA 590 -57.44 58.75 108.52
N THR SA 591 -56.76 58.37 107.44
CA THR SA 591 -55.96 59.31 106.65
C THR SA 591 -56.51 59.36 105.24
N ALA SA 592 -56.96 60.54 104.82
CA ALA SA 592 -57.45 60.72 103.48
C ALA SA 592 -56.30 60.60 102.48
N PRO SA 593 -56.56 60.07 101.30
CA PRO SA 593 -55.49 59.96 100.29
C PRO SA 593 -54.97 61.33 99.88
N GLN SA 594 -53.67 61.43 99.70
CA GLN SA 594 -53.01 62.64 99.27
C GLN SA 594 -52.37 62.42 97.92
N ILE SA 595 -52.37 63.45 97.10
CA ILE SA 595 -51.85 63.36 95.74
C ILE SA 595 -50.67 64.30 95.60
N GLY SA 596 -49.70 63.88 94.81
CA GLY SA 596 -48.53 64.69 94.48
C GLY SA 596 -48.57 65.08 93.01
N THR SA 597 -48.22 66.32 92.73
CA THR SA 597 -48.18 66.84 91.38
C THR SA 597 -46.79 66.59 90.79
N VAL SA 598 -46.73 65.85 89.69
CA VAL SA 598 -45.47 65.50 89.05
C VAL SA 598 -45.11 66.62 88.10
N ASN SA 599 -44.15 67.45 88.49
CA ASN SA 599 -43.66 68.54 87.66
C ASN SA 599 -42.42 68.17 86.86
N SER SA 600 -41.84 67.01 87.13
CA SER SA 600 -40.69 66.54 86.38
C SER SA 600 -40.77 65.02 86.34
N GLN SA 601 -40.85 64.46 85.14
CA GLN SA 601 -41.00 63.03 84.97
C GLN SA 601 -39.97 62.54 83.98
N GLY SA 602 -39.07 61.68 84.44
CA GLY SA 602 -38.14 61.00 83.57
C GLY SA 602 -38.79 59.87 82.83
N ALA SA 603 -37.99 59.16 82.06
CA ALA SA 603 -38.51 58.11 81.18
C ALA SA 603 -39.19 57.01 81.98
N LEU SA 604 -40.39 56.66 81.57
CA LEU SA 604 -41.13 55.53 82.11
C LEU SA 604 -41.42 54.54 80.99
N PRO SA 605 -41.48 53.25 81.30
CA PRO SA 605 -41.83 52.28 80.26
C PRO SA 605 -43.21 52.56 79.70
N GLY SA 606 -43.36 52.34 78.40
CA GLY SA 606 -44.60 52.66 77.72
C GLY SA 606 -44.75 54.11 77.34
N MET SA 607 -43.76 54.95 77.64
CA MET SA 607 -43.85 56.36 77.29
C MET SA 607 -43.46 56.55 75.83
N VAL SA 608 -44.21 57.41 75.14
CA VAL SA 608 -43.90 57.78 73.77
C VAL SA 608 -43.91 59.30 73.68
N TRP SA 609 -43.11 59.84 72.76
CA TRP SA 609 -43.02 61.27 72.61
C TRP SA 609 -42.54 61.61 71.21
N GLN SA 610 -42.72 62.87 70.85
CA GLN SA 610 -42.20 63.43 69.62
C GLN SA 610 -41.03 64.35 69.94
N ASN SA 611 -40.11 64.47 68.99
CA ASN SA 611 -39.03 65.42 69.13
C ASN SA 611 -39.52 66.83 68.80
N ARG SA 612 -38.69 67.81 69.12
CA ARG SA 612 -38.98 69.17 68.72
C ARG SA 612 -38.96 69.28 67.20
N ASP SA 613 -39.83 70.13 66.67
CA ASP SA 613 -39.85 70.37 65.25
C ASP SA 613 -38.58 71.07 64.79
N VAL SA 614 -38.24 70.86 63.53
CA VAL SA 614 -37.19 71.64 62.91
C VAL SA 614 -37.83 72.80 62.16
N TYR SA 615 -37.05 73.84 61.90
CA TYR SA 615 -37.54 75.04 61.29
C TYR SA 615 -36.62 75.43 60.14
N LEU SA 616 -37.19 76.17 59.19
CA LEU SA 616 -36.39 76.66 58.07
C LEU SA 616 -35.21 77.48 58.57
N GLN SA 617 -35.42 78.28 59.61
CA GLN SA 617 -34.36 79.07 60.23
C GLN SA 617 -33.59 78.31 61.30
N GLY SA 618 -34.02 77.10 61.65
CA GLY SA 618 -33.46 76.40 62.77
C GLY SA 618 -32.25 75.56 62.42
N PRO SA 619 -31.61 74.98 63.42
CA PRO SA 619 -30.46 74.12 63.19
C PRO SA 619 -30.86 72.80 62.53
N ILE SA 620 -29.89 72.20 61.85
CA ILE SA 620 -30.09 70.92 61.18
C ILE SA 620 -29.60 69.76 62.03
N TRP SA 621 -28.37 69.84 62.52
CA TRP SA 621 -27.75 68.73 63.24
C TRP SA 621 -27.02 69.26 64.45
N ALA SA 622 -26.76 68.35 65.38
CA ALA SA 622 -25.85 68.59 66.49
C ALA SA 622 -24.99 67.35 66.66
N LYS SA 623 -23.77 67.55 67.16
CA LYS SA 623 -22.91 66.44 67.50
C LYS SA 623 -23.38 65.84 68.82
N ILE SA 624 -23.65 64.54 68.81
CA ILE SA 624 -23.95 63.84 70.05
C ILE SA 624 -22.66 63.81 70.86
N PRO SA 625 -22.66 64.31 72.09
CA PRO SA 625 -21.42 64.28 72.89
C PRO SA 625 -20.94 62.86 73.08
N HIS SA 626 -19.62 62.70 73.02
CA HIS SA 626 -19.00 61.39 73.19
C HIS SA 626 -19.03 61.05 74.67
N THR SA 627 -20.05 60.30 75.09
CA THR SA 627 -20.23 59.91 76.48
C THR SA 627 -20.52 58.43 76.56
N ASP SA 628 -20.42 57.90 77.78
CA ASP SA 628 -20.77 56.50 78.00
C ASP SA 628 -22.24 56.24 77.72
N GLY SA 629 -23.11 57.14 78.17
CA GLY SA 629 -24.53 56.92 78.01
C GLY SA 629 -25.22 58.19 77.56
N ASN SA 630 -26.24 58.01 76.75
CA ASN SA 630 -27.18 59.07 76.42
C ASN SA 630 -28.55 58.45 76.33
N PHE SA 631 -29.58 59.28 76.51
CA PHE SA 631 -30.95 58.83 76.37
C PHE SA 631 -31.59 59.65 75.25
N HIS SA 632 -32.05 58.94 74.21
CA HIS SA 632 -32.69 59.54 73.05
C HIS SA 632 -31.86 60.72 72.55
N PRO SA 633 -30.69 60.48 71.97
CA PRO SA 633 -29.78 61.58 71.66
C PRO SA 633 -30.25 62.43 70.48
N SER SA 634 -31.44 62.93 70.57
CA SER SA 634 -31.95 63.91 69.62
C SER SA 634 -31.68 65.31 70.16
N PRO SA 635 -31.05 66.19 69.39
CA PRO SA 635 -30.68 67.51 69.93
C PRO SA 635 -31.92 68.27 70.38
N LEU SA 636 -31.79 68.98 71.50
CA LEU SA 636 -32.95 69.58 72.13
C LEU SA 636 -33.47 70.78 71.36
N MET SA 637 -32.59 71.57 70.73
CA MET SA 637 -33.09 72.63 69.86
C MET SA 637 -33.55 72.12 68.51
N GLY SA 638 -33.66 70.81 68.35
CA GLY SA 638 -34.22 70.23 67.16
C GLY SA 638 -33.13 69.81 66.17
N GLY SA 639 -33.48 68.86 65.32
CA GLY SA 639 -32.60 68.41 64.29
C GLY SA 639 -32.14 66.97 64.48
N PHE SA 640 -31.04 66.66 63.83
CA PHE SA 640 -30.52 65.29 63.78
C PHE SA 640 -29.31 65.19 64.69
N GLY SA 641 -29.35 64.25 65.63
CA GLY SA 641 -28.20 63.97 66.46
C GLY SA 641 -27.26 63.03 65.76
N LEU SA 642 -26.02 63.44 65.57
CA LEU SA 642 -25.04 62.66 64.83
C LEU SA 642 -23.83 62.40 65.72
N LYS SA 643 -23.43 61.13 65.80
CA LYS SA 643 -22.17 60.80 66.45
C LYS SA 643 -20.99 61.41 65.70
N HIS SA 644 -21.06 61.38 64.36
CA HIS SA 644 -20.04 61.93 63.48
C HIS SA 644 -20.70 62.93 62.56
N PRO SA 645 -20.92 64.15 63.02
CA PRO SA 645 -21.62 65.15 62.22
C PRO SA 645 -20.75 65.63 61.08
N PRO SA 646 -21.27 66.47 60.19
CA PRO SA 646 -20.41 67.11 59.20
C PRO SA 646 -19.24 67.79 59.89
N PRO SA 647 -18.02 67.52 59.43
CA PRO SA 647 -16.84 68.02 60.14
C PRO SA 647 -16.76 69.54 60.07
N GLN SA 648 -16.17 70.12 61.12
CA GLN SA 648 -15.89 71.54 61.10
C GLN SA 648 -14.89 71.85 59.99
N ILE SA 649 -15.18 72.89 59.22
CA ILE SA 649 -14.30 73.33 58.15
C ILE SA 649 -13.65 74.62 58.62
N LEU SA 650 -12.36 74.54 58.92
CA LEU SA 650 -11.62 75.67 59.47
C LEU SA 650 -10.86 76.36 58.35
N ILE SA 651 -10.92 77.67 58.32
CA ILE SA 651 -10.30 78.47 57.28
C ILE SA 651 -9.56 79.63 57.92
N LYS SA 652 -8.38 79.95 57.39
CA LYS SA 652 -7.58 81.03 57.93
C LYS SA 652 -6.78 81.66 56.80
N ASN SA 653 -6.62 82.97 56.86
CA ASN SA 653 -5.66 83.64 56.01
C ASN SA 653 -4.26 83.35 56.53
N THR SA 654 -3.41 82.82 55.66
CA THR SA 654 -2.04 82.57 56.06
C THR SA 654 -1.35 83.90 56.36
N PRO SA 655 -0.74 84.05 57.53
CA PRO SA 655 -0.08 85.33 57.84
C PRO SA 655 1.03 85.62 56.85
N VAL SA 656 1.06 86.85 56.37
CA VAL SA 656 2.11 87.34 55.48
C VAL SA 656 2.87 88.42 56.23
N PRO SA 657 4.09 88.14 56.69
CA PRO SA 657 4.83 89.15 57.46
C PRO SA 657 5.11 90.39 56.62
N ALA SA 658 5.09 91.54 57.28
CA ALA SA 658 5.66 92.74 56.70
C ALA SA 658 7.18 92.58 56.66
N ASP SA 659 7.86 93.62 56.21
CA ASP SA 659 9.30 93.51 56.05
C ASP SA 659 9.96 93.29 57.41
N PRO SA 660 10.69 92.20 57.60
CA PRO SA 660 11.38 91.98 58.86
C PRO SA 660 12.59 92.89 58.97
N PRO SA 661 13.14 93.06 60.17
CA PRO SA 661 14.36 93.85 60.30
C PRO SA 661 15.52 93.18 59.58
N THR SA 662 16.51 93.98 59.23
CA THR SA 662 17.68 93.46 58.52
C THR SA 662 18.70 92.84 59.45
N THR SA 663 18.50 92.92 60.76
CA THR SA 663 19.30 92.22 61.74
C THR SA 663 18.42 91.20 62.45
N PHE SA 664 18.97 90.02 62.71
CA PHE SA 664 18.16 88.93 63.22
C PHE SA 664 17.58 89.26 64.58
N ASN SA 665 16.30 88.94 64.76
CA ASN SA 665 15.62 89.04 66.04
C ASN SA 665 14.88 87.72 66.26
N GLN SA 666 15.11 87.10 67.42
CA GLN SA 666 14.50 85.81 67.71
C GLN SA 666 13.01 85.94 68.00
N SER SA 667 12.54 87.13 68.33
CA SER SA 667 11.14 87.31 68.70
C SER SA 667 10.22 86.98 67.54
N LYS SA 668 9.06 86.42 67.85
CA LYS SA 668 8.07 86.14 66.82
C LYS SA 668 7.66 87.43 66.13
N LEU SA 669 7.44 87.35 64.83
CA LEU SA 669 7.04 88.51 64.06
C LEU SA 669 5.63 88.92 64.42
N ASN SA 670 5.43 90.21 64.67
CA ASN SA 670 4.10 90.74 64.95
C ASN SA 670 3.67 91.77 63.93
N SER SA 671 4.52 92.09 62.95
CA SER SA 671 4.18 93.03 61.90
C SER SA 671 3.76 92.23 60.68
N PHE SA 672 2.49 92.31 60.33
CA PHE SA 672 1.94 91.53 59.24
C PHE SA 672 1.26 92.44 58.23
N ILE SA 673 1.27 92.00 56.99
CA ILE SA 673 0.53 92.69 55.95
C ILE SA 673 -0.96 92.52 56.20
N THR SA 674 -1.68 93.63 56.25
CA THR SA 674 -3.12 93.56 56.47
C THR SA 674 -3.79 92.89 55.29
N GLN SA 675 -4.62 91.90 55.58
CA GLN SA 675 -5.02 90.98 54.53
C GLN SA 675 -6.38 90.38 54.87
N TYR SA 676 -7.18 90.14 53.84
CA TYR SA 676 -8.41 89.40 53.97
C TYR SA 676 -8.64 88.61 52.70
N SER SA 677 -9.44 87.57 52.79
CA SER SA 677 -9.75 86.75 51.65
C SER SA 677 -11.25 86.72 51.41
N THR SA 678 -11.61 86.52 50.15
CA THR SA 678 -12.99 86.33 49.76
C THR SA 678 -13.03 85.20 48.75
N GLY SA 679 -14.20 84.58 48.65
CA GLY SA 679 -14.35 83.50 47.70
C GLY SA 679 -15.79 83.02 47.70
N GLN SA 680 -16.00 81.91 47.02
CA GLN SA 680 -17.31 81.28 46.97
C GLN SA 680 -17.26 79.96 47.71
N VAL SA 681 -18.35 79.63 48.38
CA VAL SA 681 -18.49 78.38 49.08
C VAL SA 681 -19.75 77.69 48.55
N SER SA 682 -19.62 76.42 48.19
CA SER SA 682 -20.75 75.63 47.74
C SER SA 682 -20.92 74.46 48.70
N VAL SA 683 -22.15 74.26 49.16
CA VAL SA 683 -22.51 73.09 49.94
C VAL SA 683 -23.70 72.42 49.27
N GLU SA 684 -23.56 71.14 48.98
CA GLU SA 684 -24.62 70.35 48.38
C GLU SA 684 -24.99 69.25 49.36
N ILE SA 685 -26.26 69.20 49.75
CA ILE SA 685 -26.76 68.17 50.64
C ILE SA 685 -27.84 67.38 49.91
N GLU SA 686 -27.70 66.06 49.92
CA GLU SA 686 -28.75 65.18 49.44
C GLU SA 686 -29.59 64.73 50.62
N TRP SA 687 -30.89 64.96 50.53
CA TRP SA 687 -31.83 64.58 51.57
C TRP SA 687 -32.70 63.44 51.08
N GLU SA 688 -32.92 62.46 51.93
CA GLU SA 688 -33.88 61.40 51.66
C GLU SA 688 -35.23 61.81 52.20
N LEU SA 689 -36.28 61.52 51.43
CA LEU SA 689 -37.64 61.92 51.79
C LEU SA 689 -38.46 60.70 52.18
N GLN SA 690 -39.30 60.88 53.17
CA GLN SA 690 -40.34 59.91 53.51
C GLN SA 690 -41.65 60.42 52.94
N LYS SA 691 -42.10 59.81 51.85
CA LYS SA 691 -43.36 60.22 51.23
C LYS SA 691 -44.53 59.85 52.13
N GLU SA 692 -45.51 60.74 52.20
CA GLU SA 692 -46.72 60.45 52.97
C GLU SA 692 -47.58 59.46 52.21
N ASN SA 693 -47.98 58.39 52.90
CA ASN SA 693 -48.88 57.39 52.34
C ASN SA 693 -50.10 57.35 53.25
N SER SA 694 -51.04 58.25 52.98
CA SER SA 694 -52.15 58.52 53.88
C SER SA 694 -53.47 58.26 53.20
N LYS SA 695 -54.39 57.64 53.93
CA LYS SA 695 -55.75 57.41 53.45
C LYS SA 695 -56.73 58.42 54.01
N ARG SA 696 -56.24 59.51 54.58
CA ARG SA 696 -57.10 60.59 55.06
C ARG SA 696 -57.95 61.11 53.91
N TRP SA 697 -59.24 61.29 54.18
CA TRP SA 697 -60.17 61.71 53.14
C TRP SA 697 -60.18 63.23 52.99
N ASN SA 698 -60.31 63.95 54.09
CA ASN SA 698 -60.41 65.40 54.04
C ASN SA 698 -59.05 66.02 53.75
N PRO SA 699 -59.01 67.23 53.21
CA PRO SA 699 -57.73 67.87 52.89
C PRO SA 699 -56.89 68.11 54.13
N GLU SA 700 -55.58 68.04 53.95
CA GLU SA 700 -54.64 68.27 55.02
C GLU SA 700 -54.39 69.77 55.21
N ILE SA 701 -53.79 70.10 56.34
CA ILE SA 701 -53.26 71.45 56.54
C ILE SA 701 -51.95 71.56 55.79
N GLN SA 702 -51.80 72.65 55.04
CA GLN SA 702 -50.61 72.89 54.25
C GLN SA 702 -50.06 74.26 54.60
N TYR SA 703 -48.75 74.40 54.54
CA TYR SA 703 -48.18 75.73 54.63
C TYR SA 703 -48.45 76.47 53.34
N THR SA 704 -49.00 77.67 53.44
CA THR SA 704 -49.34 78.46 52.27
C THR SA 704 -48.98 79.91 52.54
N SER SA 705 -48.61 80.62 51.48
CA SER SA 705 -48.49 82.06 51.59
C SER SA 705 -49.87 82.68 51.66
N ASN SA 706 -49.94 83.85 52.30
CA ASN SA 706 -51.21 84.56 52.38
C ASN SA 706 -51.60 85.09 51.02
N TYR SA 707 -52.87 84.91 50.66
CA TYR SA 707 -53.35 85.35 49.35
C TYR SA 707 -53.56 86.85 49.30
N TYR SA 708 -53.86 87.48 50.44
CA TYR SA 708 -54.22 88.89 50.46
C TYR SA 708 -53.02 89.76 50.15
N LYS SA 709 -53.29 90.96 49.64
CA LYS SA 709 -52.25 91.87 49.21
C LYS SA 709 -51.43 92.37 50.39
N SER SA 710 -50.19 92.77 50.11
CA SER SA 710 -49.30 93.27 51.15
C SER SA 710 -48.28 94.19 50.51
N THR SA 711 -47.63 94.98 51.37
CA THR SA 711 -46.63 95.93 50.89
C THR SA 711 -45.45 95.22 50.24
N SER SA 712 -45.05 94.09 50.79
CA SER SA 712 -43.92 93.33 50.28
C SER SA 712 -44.28 91.86 50.23
N VAL SA 713 -43.56 91.13 49.38
CA VAL SA 713 -43.71 89.69 49.29
C VAL SA 713 -42.99 89.05 50.48
N ASP SA 714 -43.67 88.12 51.13
CA ASP SA 714 -43.04 87.38 52.22
C ASP SA 714 -41.90 86.53 51.68
N PHE SA 715 -40.81 86.47 52.45
CA PHE SA 715 -39.59 85.77 52.03
C PHE SA 715 -39.05 86.34 50.73
N ALA SA 716 -38.98 87.66 50.67
CA ALA SA 716 -38.39 88.37 49.55
C ALA SA 716 -37.62 89.55 50.11
N VAL SA 717 -37.09 90.36 49.23
CA VAL SA 717 -36.38 91.56 49.62
C VAL SA 717 -37.36 92.71 49.67
N ASN SA 718 -37.04 93.72 50.48
CA ASN SA 718 -37.83 94.94 50.52
C ASN SA 718 -37.25 95.94 49.54
N THR SA 719 -37.68 97.19 49.62
CA THR SA 719 -37.19 98.21 48.70
C THR SA 719 -35.73 98.55 48.91
N GLU SA 720 -35.16 98.19 50.06
CA GLU SA 720 -33.76 98.46 50.36
C GLU SA 720 -32.85 97.27 50.08
N GLY SA 721 -33.40 96.19 49.54
CA GLY SA 721 -32.59 95.03 49.26
C GLY SA 721 -32.38 94.08 50.42
N VAL SA 722 -33.09 94.29 51.53
CA VAL SA 722 -32.92 93.46 52.71
C VAL SA 722 -33.84 92.25 52.60
N TYR SA 723 -33.26 91.07 52.58
CA TYR SA 723 -34.04 89.84 52.65
C TYR SA 723 -34.47 89.58 54.09
N SER SA 724 -35.73 89.22 54.26
CA SER SA 724 -36.27 88.95 55.59
C SER SA 724 -37.10 87.68 55.56
N GLU SA 725 -37.06 86.95 56.67
CA GLU SA 725 -37.93 85.82 56.87
C GLU SA 725 -39.03 86.23 57.84
N PRO SA 726 -40.27 86.39 57.39
CA PRO SA 726 -41.28 87.01 58.25
C PRO SA 726 -41.76 86.13 59.38
N ARG SA 727 -41.66 84.81 59.25
CA ARG SA 727 -42.17 83.90 60.26
C ARG SA 727 -41.28 82.68 60.30
N PRO SA 728 -41.26 81.95 61.41
CA PRO SA 728 -40.57 80.66 61.44
C PRO SA 728 -41.49 79.58 60.86
N ILE SA 729 -41.07 78.96 59.77
CA ILE SA 729 -41.84 77.90 59.16
C ILE SA 729 -41.43 76.59 59.80
N GLY SA 730 -42.37 75.96 60.50
CA GLY SA 730 -42.12 74.66 61.05
C GLY SA 730 -42.11 73.60 59.97
N THR SA 731 -42.30 72.35 60.36
CA THR SA 731 -42.19 71.26 59.43
C THR SA 731 -43.41 70.35 59.48
N ARG SA 732 -44.26 70.46 60.50
CA ARG SA 732 -45.33 69.51 60.76
C ARG SA 732 -46.65 70.09 60.28
N TYR SA 733 -47.03 69.73 59.06
CA TYR SA 733 -48.30 70.11 58.48
C TYR SA 733 -49.15 68.92 58.07
N LEU SA 734 -48.53 67.89 57.49
CA LEU SA 734 -49.24 66.65 57.22
C LEU SA 734 -49.53 65.93 58.53
N THR SA 735 -50.42 64.94 58.45
CA THR SA 735 -50.87 64.23 59.64
C THR SA 735 -50.65 62.73 59.48
N ARG SA 736 -50.44 62.08 60.61
CA ARG SA 736 -50.40 60.63 60.72
C ARG SA 736 -51.25 60.18 61.89
N ASN SA 737 -51.76 58.97 61.81
CA ASN SA 737 -52.33 58.35 62.99
C ASN SA 737 -51.22 57.97 63.96
N LEU SA 738 -51.58 57.81 65.21
CA LEU SA 738 -50.61 57.38 66.21
C LEU SA 738 -50.34 55.89 66.07
N GLY TA 221 -3.97 5.23 87.11
CA GLY TA 221 -2.95 5.89 87.90
C GLY TA 221 -3.41 6.34 89.27
N VAL TA 222 -2.47 6.37 90.22
CA VAL TA 222 -2.80 6.81 91.58
C VAL TA 222 -3.25 8.26 91.58
N GLY TA 223 -2.54 9.11 90.85
CA GLY TA 223 -2.79 10.53 90.86
C GLY TA 223 -3.72 11.07 89.80
N SER TA 224 -4.45 10.21 89.10
CA SER TA 224 -5.38 10.65 88.07
C SER TA 224 -6.78 10.15 88.39
N SER TA 225 -7.76 11.02 88.21
CA SER TA 225 -9.16 10.66 88.42
C SER TA 225 -9.61 9.64 87.38
N SER TA 226 -10.38 8.66 87.82
CA SER TA 226 -10.91 7.63 86.92
C SER TA 226 -12.31 7.93 86.45
N GLY TA 227 -12.87 9.08 86.80
CA GLY TA 227 -14.18 9.46 86.32
C GLY TA 227 -14.57 10.80 86.89
N ASN TA 228 -15.58 11.39 86.26
CA ASN TA 228 -16.07 12.70 86.64
C ASN TA 228 -17.44 12.60 87.31
N TRP TA 229 -17.79 13.66 88.02
CA TRP TA 229 -19.09 13.75 88.66
C TRP TA 229 -20.15 14.06 87.61
N HIS TA 230 -21.16 13.20 87.50
CA HIS TA 230 -22.21 13.34 86.50
C HIS TA 230 -23.56 13.24 87.20
N CYS TA 231 -24.05 14.37 87.70
CA CYS TA 231 -25.43 14.48 88.17
C CYS TA 231 -26.13 15.47 87.23
N ASP TA 232 -27.18 15.00 86.58
CA ASP TA 232 -27.85 15.80 85.58
C ASP TA 232 -29.12 15.09 85.15
N SER TA 233 -29.99 15.85 84.48
CA SER TA 233 -31.15 15.28 83.80
C SER TA 233 -31.35 16.06 82.52
N THR TA 234 -31.34 15.36 81.40
CA THR TA 234 -31.52 15.99 80.10
C THR TA 234 -32.84 15.52 79.52
N TRP TA 235 -33.74 16.45 79.27
CA TRP TA 235 -35.02 16.18 78.64
C TRP TA 235 -34.92 16.48 77.16
N LEU TA 236 -35.13 15.47 76.33
CA LEU TA 236 -34.97 15.63 74.89
C LEU TA 236 -36.06 14.82 74.21
N GLY TA 237 -37.09 15.53 73.73
CA GLY TA 237 -38.18 14.86 73.04
C GLY TA 237 -38.96 13.95 73.99
N ASP TA 238 -39.10 12.70 73.59
CA ASP TA 238 -39.82 11.70 74.37
C ASP TA 238 -38.91 10.94 75.32
N ARG TA 239 -37.68 11.42 75.53
CA ARG TA 239 -36.75 10.79 76.44
C ARG TA 239 -36.34 11.78 77.53
N VAL TA 240 -36.08 11.24 78.72
CA VAL TA 240 -35.36 11.96 79.76
C VAL TA 240 -34.24 11.06 80.22
N ILE TA 241 -33.03 11.60 80.28
CA ILE TA 241 -31.87 10.86 80.72
C ILE TA 241 -31.45 11.42 82.07
N THR TA 242 -31.70 10.66 83.12
CA THR TA 242 -31.26 11.01 84.45
C THR TA 242 -29.90 10.38 84.70
N THR TA 243 -28.95 11.16 85.18
CA THR TA 243 -27.68 10.63 85.64
C THR TA 243 -27.42 11.17 87.03
N SER TA 244 -26.99 10.29 87.91
CA SER TA 244 -26.76 10.67 89.30
C SER TA 244 -25.45 10.06 89.77
N THR TA 245 -24.66 10.88 90.45
CA THR TA 245 -23.41 10.44 91.04
C THR TA 245 -23.50 10.60 92.55
N ARG TA 246 -22.99 9.62 93.28
CA ARG TA 246 -22.95 9.67 94.72
C ARG TA 246 -21.59 9.19 95.20
N THR TA 247 -21.20 9.66 96.38
CA THR TA 247 -20.02 9.14 97.06
C THR TA 247 -20.47 8.04 98.01
N TRP TA 248 -19.84 6.88 97.90
CA TRP TA 248 -20.16 5.74 98.74
C TRP TA 248 -18.98 5.40 99.64
N ALA TA 249 -19.28 4.66 100.70
CA ALA TA 249 -18.26 4.09 101.57
C ALA TA 249 -18.62 2.64 101.80
N LEU TA 250 -17.66 1.75 101.54
CA LEU TA 250 -17.89 0.32 101.71
C LEU TA 250 -17.02 -0.19 102.84
N PRO TA 251 -17.59 -0.61 103.96
CA PRO TA 251 -16.78 -1.22 105.02
C PRO TA 251 -16.47 -2.67 104.67
N THR TA 252 -15.65 -3.28 105.51
CA THR TA 252 -15.50 -4.72 105.48
C THR TA 252 -16.67 -5.33 106.25
N TYR TA 253 -17.45 -6.15 105.58
CA TYR TA 253 -18.60 -6.79 106.19
C TYR TA 253 -18.24 -8.19 106.66
N ASN TA 254 -18.77 -8.57 107.82
CA ASN TA 254 -18.69 -9.92 108.34
C ASN TA 254 -17.27 -10.37 108.63
N ASN TA 255 -16.31 -9.45 108.69
CA ASN TA 255 -14.90 -9.79 108.80
C ASN TA 255 -14.47 -10.74 107.68
N HIS TA 256 -14.94 -10.45 106.46
CA HIS TA 256 -14.64 -11.20 105.25
C HIS TA 256 -15.23 -12.61 105.26
N LEU TA 257 -16.18 -12.89 106.13
CA LEU TA 257 -16.71 -14.24 106.29
C LEU TA 257 -18.12 -14.35 105.71
N TYR TA 258 -18.46 -15.56 105.26
CA TYR TA 258 -19.83 -15.93 105.03
C TYR TA 258 -20.37 -16.56 106.29
N LYS TA 259 -21.46 -16.03 106.81
CA LYS TA 259 -22.05 -16.53 108.04
C LYS TA 259 -23.45 -17.06 107.75
N GLN TA 260 -23.74 -18.27 108.19
CA GLN TA 260 -25.10 -18.76 108.19
C GLN TA 260 -25.91 -17.98 109.23
N ILE TA 261 -27.06 -17.48 108.82
CA ILE TA 261 -27.95 -16.75 109.70
C ILE TA 261 -29.30 -17.43 109.72
N SER TA 262 -29.94 -17.45 110.88
CA SER TA 262 -31.19 -18.16 111.05
C SER TA 262 -32.04 -17.46 112.09
N ASN TA 263 -33.31 -17.84 112.11
CA ASN TA 263 -34.25 -17.39 113.13
C ASN TA 263 -35.28 -18.49 113.28
N GLY TA 264 -35.43 -19.01 114.50
CA GLY TA 264 -36.36 -20.07 114.78
C GLY TA 264 -37.42 -19.65 115.78
N THR TA 265 -38.26 -20.61 116.13
CA THR TA 265 -39.33 -20.36 117.08
C THR TA 265 -38.85 -20.55 118.51
N ALA TA 269 -39.31 -15.87 118.55
CA ALA TA 269 -39.85 -15.53 117.23
C ALA TA 269 -40.96 -16.48 116.84
N THR TA 270 -41.93 -15.99 116.08
CA THR TA 270 -43.01 -16.83 115.61
C THR TA 270 -42.60 -17.57 114.35
N ASN TA 271 -43.38 -18.60 114.00
CA ASN TA 271 -43.10 -19.36 112.79
C ASN TA 271 -43.20 -18.49 111.55
N ASP TA 272 -44.03 -17.45 111.59
CA ASP TA 272 -44.18 -16.57 110.43
C ASP TA 272 -42.90 -15.81 110.12
N ASN TA 273 -41.99 -15.67 111.08
CA ASN TA 273 -40.79 -14.88 110.91
C ASN TA 273 -39.51 -15.72 110.88
N THR TA 274 -39.63 -17.04 110.76
CA THR TA 274 -38.45 -17.88 110.69
C THR TA 274 -37.75 -17.72 109.35
N TYR TA 275 -36.43 -17.90 109.36
CA TYR TA 275 -35.69 -17.87 108.12
C TYR TA 275 -34.38 -18.63 108.29
N PHE TA 276 -33.82 -19.05 107.17
CA PHE TA 276 -32.47 -19.57 107.08
C PHE TA 276 -31.83 -18.90 105.88
N GLY TA 277 -30.61 -18.41 106.06
CA GLY TA 277 -29.95 -17.74 104.97
C GLY TA 277 -28.49 -17.55 105.27
N TYR TA 278 -27.86 -16.68 104.49
CA TYR TA 278 -26.44 -16.44 104.63
C TYR TA 278 -26.16 -14.96 104.57
N SER TA 279 -25.33 -14.51 105.49
CA SER TA 279 -24.75 -13.18 105.44
C SER TA 279 -23.43 -13.27 104.70
N THR TA 280 -23.22 -12.41 103.73
CA THR TA 280 -22.01 -12.44 102.92
C THR TA 280 -21.13 -11.24 103.26
N PRO TA 281 -19.83 -11.33 103.01
CA PRO TA 281 -18.96 -10.16 103.18
C PRO TA 281 -19.08 -9.13 102.08
N TRP TA 282 -20.03 -9.29 101.16
CA TRP TA 282 -20.17 -8.42 100.01
C TRP TA 282 -21.17 -7.32 100.28
N GLY TA 283 -20.88 -6.13 99.77
CA GLY TA 283 -21.89 -5.11 99.64
C GLY TA 283 -22.53 -5.17 98.28
N TYR TA 284 -23.57 -4.37 98.10
CA TYR TA 284 -24.22 -4.29 96.79
C TYR TA 284 -24.73 -2.89 96.58
N PHE TA 285 -24.79 -2.49 95.32
CA PHE TA 285 -25.27 -1.16 94.94
C PHE TA 285 -26.75 -1.24 94.60
N ASP TA 286 -27.53 -0.36 95.23
CA ASP TA 286 -28.95 -0.28 95.00
C ASP TA 286 -29.29 1.12 94.53
N PHE TA 287 -29.98 1.21 93.41
CA PHE TA 287 -30.54 2.47 92.92
C PHE TA 287 -31.97 2.24 92.46
N ASN TA 288 -32.69 1.40 93.21
CA ASN TA 288 -34.04 1.00 92.87
C ASN TA 288 -35.09 1.88 93.53
N ARG TA 289 -34.80 3.16 93.70
CA ARG TA 289 -35.78 4.15 94.12
C ARG TA 289 -35.72 5.31 93.14
N PHE TA 290 -36.88 5.91 92.89
CA PHE TA 290 -36.95 6.95 91.86
C PHE TA 290 -36.17 8.19 92.26
N HIS TA 291 -36.09 8.50 93.55
CA HIS TA 291 -35.36 9.70 93.96
C HIS TA 291 -33.85 9.51 93.85
N CYS TA 292 -33.37 8.29 93.60
CA CYS TA 292 -31.96 8.11 93.26
C CYS TA 292 -31.63 8.73 91.92
N HIS TA 293 -32.62 8.97 91.08
CA HIS TA 293 -32.42 9.43 89.72
C HIS TA 293 -33.13 10.73 89.41
N PHE TA 294 -34.31 10.95 89.96
CA PHE TA 294 -35.08 12.15 89.70
C PHE TA 294 -34.97 13.10 90.89
N SER TA 295 -34.55 14.33 90.61
CA SER TA 295 -34.73 15.38 91.59
C SER TA 295 -36.21 15.67 91.73
N PRO TA 296 -36.62 16.26 92.86
CA PRO TA 296 -38.05 16.58 93.02
C PRO TA 296 -38.59 17.45 91.89
N ARG TA 297 -37.80 18.40 91.42
CA ARG TA 297 -38.21 19.22 90.27
C ARG TA 297 -38.32 18.38 89.01
N ASP TA 298 -37.37 17.46 88.80
CA ASP TA 298 -37.45 16.57 87.65
C ASP TA 298 -38.67 15.66 87.76
N TRP TA 299 -38.96 15.18 88.96
CA TRP TA 299 -40.17 14.39 89.17
C TRP TA 299 -41.42 15.19 88.84
N GLN TA 300 -41.44 16.45 89.24
CA GLN TA 300 -42.56 17.32 88.90
C GLN TA 300 -42.70 17.48 87.40
N ARG TA 301 -41.58 17.72 86.71
CA ARG TA 301 -41.59 17.81 85.26
C ARG TA 301 -42.16 16.55 84.64
N LEU TA 302 -41.76 15.39 85.17
CA LEU TA 302 -42.22 14.12 84.62
C LEU TA 302 -43.72 13.93 84.84
N ILE TA 303 -44.19 14.13 86.07
CA ILE TA 303 -45.56 13.76 86.41
C ILE TA 303 -46.57 14.79 85.98
N ASN TA 304 -46.19 16.05 85.79
CA ASN TA 304 -47.15 17.06 85.39
C ASN TA 304 -47.36 17.12 83.89
N ASN TA 305 -46.56 16.41 83.10
CA ASN TA 305 -46.55 16.60 81.66
C ASN TA 305 -46.61 15.31 80.86
N ASN TA 306 -46.56 14.15 81.50
CA ASN TA 306 -46.47 12.89 80.79
C ASN TA 306 -47.54 11.94 81.29
N TRP TA 307 -48.15 11.21 80.35
CA TRP TA 307 -49.12 10.18 80.71
C TRP TA 307 -48.45 8.89 81.13
N GLY TA 308 -47.17 8.73 80.83
CA GLY TA 308 -46.49 7.50 81.20
C GLY TA 308 -45.00 7.64 80.98
N PHE TA 309 -44.27 6.69 81.56
CA PHE TA 309 -42.83 6.63 81.40
C PHE TA 309 -42.39 5.21 81.69
N ARG TA 310 -41.19 4.87 81.22
CA ARG TA 310 -40.62 3.57 81.47
C ARG TA 310 -39.12 3.66 81.28
N PRO TA 311 -38.34 2.89 82.02
CA PRO TA 311 -36.89 2.87 81.79
C PRO TA 311 -36.57 2.18 80.48
N LYS TA 312 -35.52 2.65 79.83
CA LYS TA 312 -35.06 2.09 78.57
C LYS TA 312 -33.70 1.42 78.68
N ARG TA 313 -32.72 2.13 79.22
CA ARG TA 313 -31.38 1.60 79.36
C ARG TA 313 -30.74 2.27 80.57
N LEU TA 314 -29.71 1.62 81.10
CA LEU TA 314 -28.94 2.23 82.17
C LEU TA 314 -27.46 1.98 81.93
N SER TA 315 -26.65 2.92 82.40
CA SER TA 315 -25.21 2.75 82.49
C SER TA 315 -24.79 3.02 83.92
N PHE TA 316 -23.86 2.22 84.41
CA PHE TA 316 -23.43 2.26 85.78
C PHE TA 316 -21.92 2.41 85.80
N LYS TA 317 -21.41 3.24 86.71
CA LYS TA 317 -19.97 3.46 86.77
C LYS TA 317 -19.51 3.49 88.23
N LEU TA 318 -18.39 2.83 88.48
CA LEU TA 318 -17.66 2.95 89.73
C LEU TA 318 -16.29 3.53 89.41
N PHE TA 319 -15.88 4.55 90.16
CA PHE TA 319 -14.66 5.26 89.82
C PHE TA 319 -14.17 6.02 91.04
N ASN TA 320 -12.96 6.55 90.92
CA ASN TA 320 -12.30 7.28 92.00
C ASN TA 320 -12.29 6.46 93.28
N ILE TA 321 -11.93 5.20 93.14
CA ILE TA 321 -11.91 4.27 94.25
C ILE TA 321 -10.72 4.57 95.15
N GLN TA 322 -10.97 4.66 96.45
CA GLN TA 322 -9.92 4.85 97.44
C GLN TA 322 -10.10 3.76 98.48
N VAL TA 323 -9.10 2.91 98.64
CA VAL TA 323 -9.10 1.90 99.69
C VAL TA 323 -8.22 2.41 100.81
N LYS TA 324 -8.77 2.46 102.01
CA LYS TA 324 -8.10 3.10 103.13
C LYS TA 324 -7.89 2.11 104.25
N GLU TA 325 -6.70 2.18 104.85
CA GLU TA 325 -6.32 1.34 105.98
C GLU TA 325 -6.47 2.14 107.26
N VAL TA 326 -7.11 1.55 108.25
CA VAL TA 326 -7.29 2.18 109.56
C VAL TA 326 -6.59 1.33 110.61
N THR TA 327 -5.74 1.97 111.41
CA THR TA 327 -4.97 1.26 112.43
C THR TA 327 -5.39 1.71 113.83
N LYS TA 333 -6.40 6.31 116.51
CA LYS TA 333 -6.82 5.82 115.21
C LYS TA 333 -6.30 6.70 114.08
N THR TA 334 -5.59 6.09 113.14
CA THR TA 334 -5.10 6.78 111.95
C THR TA 334 -5.63 6.07 110.71
N ILE TA 335 -6.03 6.85 109.73
CA ILE TA 335 -6.52 6.34 108.45
C ILE TA 335 -5.52 6.72 107.38
N ALA TA 336 -5.06 5.72 106.63
CA ALA TA 336 -4.08 5.94 105.58
C ALA TA 336 -4.54 5.27 104.30
N ASN TA 337 -4.08 5.80 103.17
CA ASN TA 337 -4.35 5.16 101.90
C ASN TA 337 -3.60 3.85 101.79
N ASN TA 338 -4.29 2.84 101.26
CA ASN TA 338 -3.66 1.53 100.93
C ASN TA 338 -3.68 1.50 99.40
N LEU TA 339 -2.66 2.04 98.75
CA LEU TA 339 -2.67 2.24 97.30
C LEU TA 339 -2.73 0.93 96.54
N THR TA 340 -2.22 -0.15 97.11
CA THR TA 340 -2.16 -1.44 96.43
C THR TA 340 -3.34 -2.34 96.76
N SER TA 341 -4.27 -1.89 97.59
CA SER TA 341 -5.43 -2.71 97.92
C SER TA 341 -6.47 -2.63 96.81
N THR TA 342 -7.28 -3.67 96.72
CA THR TA 342 -8.29 -3.76 95.68
C THR TA 342 -9.69 -3.88 96.27
N ILE TA 343 -10.67 -3.53 95.46
CA ILE TA 343 -12.05 -3.91 95.68
C ILE TA 343 -12.43 -4.86 94.56
N GLN TA 344 -13.39 -5.73 94.83
CA GLN TA 344 -13.92 -6.65 93.83
C GLN TA 344 -15.34 -6.24 93.49
N VAL TA 345 -15.62 -6.08 92.20
CA VAL TA 345 -16.93 -5.71 91.72
C VAL TA 345 -17.34 -6.69 90.63
N PHE TA 346 -18.57 -7.18 90.70
CA PHE TA 346 -19.13 -7.93 89.59
C PHE TA 346 -20.63 -7.72 89.57
N THR TA 347 -21.20 -7.85 88.39
CA THR TA 347 -22.65 -7.83 88.22
C THR TA 347 -23.15 -9.25 88.02
N ASP TA 348 -24.22 -9.60 88.72
CA ASP TA 348 -24.88 -10.88 88.52
C ASP TA 348 -25.74 -10.80 87.25
N SER TA 349 -25.04 -10.77 86.12
CA SER TA 349 -25.69 -10.53 84.84
C SER TA 349 -26.53 -11.73 84.40
N GLU TA 350 -26.19 -12.92 84.86
CA GLU TA 350 -26.97 -14.12 84.56
C GLU TA 350 -28.05 -14.39 85.60
N TYR TA 351 -28.19 -13.52 86.60
CA TYR TA 351 -29.21 -13.66 87.64
C TYR TA 351 -29.08 -15.00 88.35
N GLN TA 352 -27.84 -15.39 88.63
CA GLN TA 352 -27.55 -16.64 89.31
C GLN TA 352 -27.54 -16.50 90.82
N LEU TA 353 -27.55 -15.33 91.32
CA LEU TA 353 -27.62 -15.10 92.74
C LEU TA 353 -29.05 -14.79 93.16
N PRO TA 354 -29.41 -15.07 94.42
CA PRO TA 354 -30.69 -14.59 94.92
C PRO TA 354 -30.81 -13.09 94.76
N TYR TA 355 -31.89 -12.66 94.12
CA TYR TA 355 -32.10 -11.26 93.79
C TYR TA 355 -32.78 -10.58 94.97
N VAL TA 356 -32.01 -9.79 95.72
CA VAL TA 356 -32.54 -9.12 96.91
C VAL TA 356 -32.94 -7.68 96.64
N LEU TA 357 -32.63 -7.14 95.47
CA LEU TA 357 -33.23 -5.89 95.07
C LEU TA 357 -34.72 -6.09 94.84
N GLY TA 358 -35.46 -5.00 94.85
CA GLY TA 358 -36.90 -5.13 94.73
C GLY TA 358 -37.58 -5.65 95.97
N SER TA 359 -36.96 -5.50 97.14
CA SER TA 359 -37.63 -5.77 98.41
C SER TA 359 -37.76 -4.50 99.24
N ALA TA 360 -37.64 -3.34 98.59
CA ALA TA 360 -37.80 -2.03 99.24
C ALA TA 360 -36.86 -1.87 100.43
N HIS TA 361 -35.63 -2.30 100.27
CA HIS TA 361 -34.64 -2.22 101.33
C HIS TA 361 -33.94 -0.88 101.36
N GLN TA 362 -33.47 -0.51 102.54
CA GLN TA 362 -32.62 0.67 102.68
C GLN TA 362 -31.27 0.39 102.02
N GLY TA 363 -30.49 1.45 101.87
CA GLY TA 363 -29.18 1.34 101.27
C GLY TA 363 -29.10 1.77 99.84
N CYS TA 364 -30.20 2.26 99.26
CA CYS TA 364 -30.14 2.81 97.92
C CYS TA 364 -29.33 4.10 97.92
N LEU TA 365 -29.03 4.57 96.71
CA LEU TA 365 -28.38 5.86 96.57
C LEU TA 365 -29.25 6.94 97.22
N PRO TA 366 -28.67 7.83 98.01
CA PRO TA 366 -29.48 8.83 98.70
C PRO TA 366 -30.15 9.77 97.71
N PRO TA 367 -31.33 10.28 98.04
CA PRO TA 367 -31.98 11.24 97.14
C PRO TA 367 -31.16 12.51 96.92
N PHE TA 368 -30.44 12.96 97.94
CA PHE TA 368 -29.67 14.21 97.83
C PHE TA 368 -28.28 13.90 97.30
N PRO TA 369 -27.86 14.51 96.19
CA PRO TA 369 -26.55 14.16 95.60
C PRO TA 369 -25.37 14.42 96.52
N ALA TA 370 -25.45 15.41 97.39
CA ALA TA 370 -24.35 15.70 98.29
C ALA TA 370 -24.20 14.67 99.40
N ASP TA 371 -25.14 13.73 99.50
CA ASP TA 371 -25.16 12.81 100.62
C ASP TA 371 -24.24 11.63 100.36
N VAL TA 372 -23.37 11.35 101.32
CA VAL TA 372 -22.48 10.19 101.25
C VAL TA 372 -23.15 9.02 101.95
N PHE TA 373 -23.22 7.88 101.28
CA PHE TA 373 -23.99 6.76 101.79
C PHE TA 373 -23.11 5.53 101.97
N MET TA 374 -23.52 4.69 102.91
CA MET TA 374 -22.90 3.42 103.20
C MET TA 374 -23.52 2.33 102.35
N ILE TA 375 -22.67 1.49 101.77
CA ILE TA 375 -23.16 0.41 100.90
C ILE TA 375 -23.76 -0.69 101.76
N PRO TA 376 -24.98 -1.13 101.48
CA PRO TA 376 -25.60 -2.18 102.30
C PRO TA 376 -24.93 -3.53 102.10
N GLN TA 377 -24.98 -4.35 103.13
CA GLN TA 377 -24.39 -5.68 103.08
C GLN TA 377 -25.31 -6.66 102.36
N TYR TA 378 -24.73 -7.45 101.48
CA TYR TA 378 -25.51 -8.43 100.75
C TYR TA 378 -25.74 -9.68 101.60
N GLY TA 379 -27.00 -10.05 101.73
CA GLY TA 379 -27.35 -11.33 102.30
C GLY TA 379 -28.54 -11.88 101.55
N TYR TA 380 -28.79 -13.17 101.74
CA TYR TA 380 -29.91 -13.80 101.04
C TYR TA 380 -30.50 -14.87 101.91
N LEU TA 381 -31.72 -15.27 101.56
CA LEU TA 381 -32.42 -16.33 102.25
C LEU TA 381 -32.63 -17.50 101.31
N THR TA 382 -32.62 -18.69 101.87
CA THR TA 382 -32.92 -19.89 101.11
C THR TA 382 -34.02 -20.64 101.84
N LEU TA 383 -34.30 -21.86 101.42
CA LEU TA 383 -35.38 -22.62 102.05
C LEU TA 383 -35.05 -22.91 103.50
N ASN TA 384 -36.06 -22.77 104.36
CA ASN TA 384 -35.90 -23.02 105.79
C ASN TA 384 -37.07 -23.84 106.30
N ASN TA 385 -36.79 -24.61 107.35
CA ASN TA 385 -37.79 -25.32 108.14
C ASN TA 385 -37.54 -24.87 109.57
N GLY TA 386 -38.24 -23.82 109.99
CA GLY TA 386 -37.87 -23.17 111.23
C GLY TA 386 -36.55 -22.46 111.04
N SER TA 387 -35.61 -22.70 111.97
CA SER TA 387 -34.26 -22.16 111.84
C SER TA 387 -33.33 -23.09 111.10
N GLN TA 388 -33.80 -24.26 110.67
CA GLN TA 388 -32.97 -25.25 110.02
C GLN TA 388 -33.07 -25.10 108.50
N ALA TA 389 -31.99 -25.47 107.82
CA ALA TA 389 -32.03 -25.59 106.39
C ALA TA 389 -32.57 -26.94 105.99
N VAL TA 390 -33.03 -27.04 104.75
CA VAL TA 390 -33.43 -28.31 104.15
C VAL TA 390 -32.41 -28.67 103.09
N GLY TA 391 -32.54 -29.89 102.56
CA GLY TA 391 -31.62 -30.33 101.53
C GLY TA 391 -31.66 -29.49 100.28
N ARG TA 392 -32.77 -28.82 100.02
CA ARG TA 392 -32.89 -27.97 98.86
C ARG TA 392 -32.33 -26.57 99.09
N SER TA 393 -31.93 -26.24 100.32
CA SER TA 393 -31.36 -24.94 100.60
C SER TA 393 -30.06 -24.75 99.81
N SER TA 394 -29.92 -23.58 99.21
CA SER TA 394 -28.78 -23.26 98.37
C SER TA 394 -27.83 -22.35 99.11
N PHE TA 395 -26.54 -22.67 99.07
CA PHE TA 395 -25.50 -21.80 99.55
C PHE TA 395 -24.75 -21.23 98.35
N TYR TA 396 -24.57 -19.92 98.33
CA TYR TA 396 -23.87 -19.25 97.24
C TYR TA 396 -22.62 -18.57 97.78
N CYS TA 397 -21.49 -18.88 97.16
CA CYS TA 397 -20.25 -18.17 97.41
C CYS TA 397 -20.09 -17.13 96.31
N LEU TA 398 -20.07 -15.86 96.70
CA LEU TA 398 -19.96 -14.81 95.70
C LEU TA 398 -18.54 -14.70 95.15
N GLU TA 399 -17.55 -15.25 95.86
CA GLU TA 399 -16.21 -15.36 95.29
C GLU TA 399 -16.16 -16.38 94.16
N TYR TA 400 -17.17 -17.25 94.06
CA TYR TA 400 -17.26 -18.20 92.98
C TYR TA 400 -17.70 -17.56 91.67
N PHE TA 401 -17.76 -16.25 91.61
CA PHE TA 401 -18.09 -15.52 90.41
C PHE TA 401 -16.86 -14.80 89.89
N PRO TA 402 -16.75 -14.59 88.58
CA PRO TA 402 -15.70 -13.70 88.07
C PRO TA 402 -15.97 -12.27 88.50
N SER TA 403 -14.99 -11.66 89.15
CA SER TA 403 -15.10 -10.29 89.61
C SER TA 403 -13.95 -9.49 89.06
N GLN TA 404 -14.23 -8.24 88.71
CA GLN TA 404 -13.17 -7.31 88.37
C GLN TA 404 -12.56 -6.78 89.67
N MET TA 405 -11.25 -6.86 89.79
CA MET TA 405 -10.55 -6.29 90.93
C MET TA 405 -10.01 -4.93 90.55
N LEU TA 406 -10.21 -3.95 91.42
CA LEU TA 406 -9.94 -2.56 91.10
C LEU TA 406 -9.00 -2.00 92.15
N ARG TA 407 -7.87 -1.46 91.71
CA ARG TA 407 -7.06 -0.63 92.57
C ARG TA 407 -7.53 0.81 92.45
N THR TA 408 -6.84 1.72 93.14
CA THR TA 408 -7.31 3.09 93.24
C THR TA 408 -7.37 3.78 91.87
N GLY TA 409 -6.57 3.33 90.91
CA GLY TA 409 -6.61 3.90 89.58
C GLY TA 409 -7.60 3.29 88.63
N ASN TA 410 -8.28 2.22 89.03
CA ASN TA 410 -9.19 1.51 88.14
C ASN TA 410 -10.62 2.02 88.30
N ASN TA 411 -11.41 1.79 87.27
CA ASN TA 411 -12.83 2.08 87.32
C ASN TA 411 -13.60 0.89 86.76
N PHE TA 412 -14.87 0.81 87.15
CA PHE TA 412 -15.77 -0.24 86.72
C PHE TA 412 -16.97 0.38 86.05
N GLN TA 413 -17.44 -0.23 84.97
CA GLN TA 413 -18.64 0.26 84.34
C GLN TA 413 -19.32 -0.86 83.58
N PHE TA 414 -20.63 -0.77 83.47
CA PHE TA 414 -21.40 -1.67 82.62
C PHE TA 414 -22.66 -0.96 82.18
N THR TA 415 -23.23 -1.45 81.08
CA THR TA 415 -24.47 -0.92 80.55
C THR TA 415 -25.52 -2.03 80.57
N TYR TA 416 -26.77 -1.63 80.70
CA TYR TA 416 -27.88 -2.57 80.76
C TYR TA 416 -29.03 -1.98 79.98
N THR TA 417 -29.74 -2.83 79.24
CA THR TA 417 -30.91 -2.43 78.50
C THR TA 417 -32.14 -3.05 79.13
N PHE TA 418 -33.10 -2.21 79.48
CA PHE TA 418 -34.36 -2.72 80.02
C PHE TA 418 -35.14 -3.44 78.93
N GLU TA 419 -35.80 -4.52 79.32
CA GLU TA 419 -36.71 -5.18 78.40
C GLU TA 419 -37.90 -4.29 78.11
N ASP TA 420 -38.64 -4.63 77.05
CA ASP TA 420 -39.84 -3.88 76.73
C ASP TA 420 -40.86 -4.05 77.84
N VAL TA 421 -41.07 -3.00 78.63
CA VAL TA 421 -41.97 -3.03 79.77
C VAL TA 421 -43.09 -2.05 79.45
N PRO TA 422 -44.32 -2.26 79.93
CA PRO TA 422 -45.37 -1.28 79.69
C PRO TA 422 -45.07 0.03 80.38
N PHE TA 423 -45.53 1.11 79.77
CA PHE TA 423 -45.44 2.42 80.41
C PHE TA 423 -46.20 2.40 81.72
N HIS TA 424 -45.60 2.99 82.76
CA HIS TA 424 -46.35 3.21 83.98
C HIS TA 424 -47.44 4.23 83.74
N SER TA 425 -48.64 3.95 84.27
CA SER TA 425 -49.76 4.85 84.09
C SER TA 425 -49.56 6.08 84.96
N SER TA 426 -48.97 7.11 84.38
CA SER TA 426 -48.76 8.36 85.10
C SER TA 426 -49.95 9.29 84.93
N TYR TA 427 -51.13 8.76 85.18
CA TYR TA 427 -52.38 9.49 84.97
C TYR TA 427 -53.44 8.88 85.85
N ALA TA 428 -54.45 9.67 86.15
CA ALA TA 428 -55.66 9.19 86.79
C ALA TA 428 -56.81 9.28 85.80
N HIS TA 429 -57.72 8.33 85.87
CA HIS TA 429 -58.84 8.33 84.94
C HIS TA 429 -59.83 9.42 85.30
N SER TA 430 -60.26 10.19 84.30
CA SER TA 430 -61.27 11.21 84.49
C SER TA 430 -62.67 10.67 84.29
N GLN TA 431 -62.81 9.37 84.09
CA GLN TA 431 -64.09 8.70 84.01
C GLN TA 431 -64.08 7.52 84.95
N SER TA 432 -65.25 7.20 85.49
CA SER TA 432 -65.41 6.00 86.30
C SER TA 432 -65.88 4.84 85.43
N LEU TA 433 -65.54 3.64 85.85
CA LEU TA 433 -65.88 2.46 85.06
C LEU TA 433 -67.39 2.27 84.94
N ASP TA 434 -68.13 2.65 85.97
CA ASP TA 434 -69.58 2.52 85.95
C ASP TA 434 -70.27 3.75 85.37
N ARG TA 435 -69.51 4.68 84.80
CA ARG TA 435 -70.05 5.90 84.23
C ARG TA 435 -69.47 6.14 82.84
N LEU TA 436 -69.36 5.09 82.05
CA LEU TA 436 -68.82 5.19 80.70
C LEU TA 436 -69.89 5.42 79.65
N MET TA 437 -71.15 5.48 80.05
CA MET TA 437 -72.27 5.55 79.13
C MET TA 437 -72.69 6.99 78.85
N ASN TA 438 -73.43 7.15 77.77
CA ASN TA 438 -74.03 8.43 77.44
C ASN TA 438 -75.14 8.75 78.43
N PRO TA 439 -75.05 9.86 79.17
CA PRO TA 439 -76.07 10.18 80.16
C PRO TA 439 -77.36 10.76 79.61
N LEU TA 440 -77.54 10.79 78.29
CA LEU TA 440 -78.74 11.35 77.69
C LEU TA 440 -79.61 10.32 77.00
N ILE TA 441 -79.07 9.15 76.69
CA ILE TA 441 -79.75 8.16 75.87
C ILE TA 441 -80.03 6.92 76.70
N ASP TA 442 -81.24 6.38 76.55
CA ASP TA 442 -81.57 5.11 77.18
C ASP TA 442 -80.82 3.98 76.48
N GLN TA 443 -80.68 2.88 77.20
CA GLN TA 443 -80.21 1.65 76.59
C GLN TA 443 -81.35 0.94 75.88
N TYR TA 444 -81.01 0.22 74.81
CA TYR TA 444 -82.00 -0.65 74.21
C TYR TA 444 -82.11 -1.98 74.94
N LEU TA 445 -81.17 -2.29 75.81
CA LEU TA 445 -81.26 -3.48 76.63
C LEU TA 445 -82.16 -3.24 77.83
N TYR TA 446 -82.84 -4.29 78.26
CA TYR TA 446 -83.71 -4.25 79.42
C TYR TA 446 -83.05 -4.95 80.59
N TYR TA 447 -83.44 -4.55 81.78
CA TYR TA 447 -83.05 -5.24 83.00
C TYR TA 447 -84.31 -5.57 83.79
N LEU TA 448 -84.24 -6.64 84.58
CA LEU TA 448 -85.33 -6.97 85.47
C LEU TA 448 -85.48 -5.89 86.52
N SER TA 449 -86.54 -5.09 86.43
CA SER TA 449 -86.71 -3.94 87.31
C SER TA 449 -87.62 -4.21 88.49
N ARG TA 450 -88.57 -5.13 88.36
CA ARG TA 450 -89.43 -5.49 89.47
C ARG TA 450 -89.80 -6.96 89.40
N THR TA 451 -89.92 -7.59 90.56
CA THR TA 451 -90.38 -8.96 90.66
C THR TA 451 -91.70 -9.07 91.41
N GLN TA 452 -92.29 -7.95 91.83
CA GLN TA 452 -93.52 -7.95 92.61
C GLN TA 452 -94.39 -6.78 92.14
N THR TA 453 -95.68 -7.02 92.05
CA THR TA 453 -96.62 -5.98 91.60
C THR TA 453 -96.70 -4.83 92.59
N ASN TA 459 -99.60 -7.66 97.21
CA ASN TA 459 -98.90 -7.72 95.93
C ASN TA 459 -98.47 -9.14 95.61
N THR TA 460 -98.42 -9.46 94.32
CA THR TA 460 -98.11 -10.79 93.84
C THR TA 460 -96.84 -10.76 93.00
N GLN TA 461 -96.34 -11.95 92.68
CA GLN TA 461 -95.17 -12.06 91.84
C GLN TA 461 -95.46 -11.59 90.42
N THR TA 462 -94.46 -10.96 89.81
CA THR TA 462 -94.55 -10.51 88.43
C THR TA 462 -93.13 -10.38 87.90
N LEU TA 463 -93.02 -10.06 86.62
CA LEU TA 463 -91.73 -9.78 85.99
C LEU TA 463 -91.88 -8.48 85.23
N GLY TA 464 -91.30 -7.40 85.78
CA GLY TA 464 -91.28 -6.12 85.12
C GLY TA 464 -89.87 -5.81 84.66
N PHE TA 465 -89.77 -5.34 83.43
CA PHE TA 465 -88.48 -5.04 82.81
C PHE TA 465 -88.46 -3.59 82.37
N SER TA 466 -87.34 -2.92 82.64
CA SER TA 466 -87.17 -1.53 82.29
C SER TA 466 -85.88 -1.38 81.51
N GLN TA 467 -85.81 -0.30 80.74
CA GLN TA 467 -84.60 0.03 80.00
C GLN TA 467 -83.72 0.91 80.87
N GLY TA 468 -82.44 0.54 80.98
CA GLY TA 468 -81.49 1.36 81.69
C GLY TA 468 -81.36 2.72 81.03
N GLY TA 469 -81.39 3.77 81.83
CA GLY TA 469 -81.33 5.11 81.31
C GLY TA 469 -80.52 6.03 82.18
N PRO TA 470 -80.63 7.34 81.94
CA PRO TA 470 -79.83 8.31 82.71
C PRO TA 470 -80.10 8.26 84.20
N ASN TA 471 -81.30 7.86 84.62
CA ASN TA 471 -81.64 7.85 86.04
C ASN TA 471 -81.35 6.51 86.70
N THR TA 472 -81.56 5.40 85.99
CA THR TA 472 -81.24 4.08 86.51
C THR TA 472 -79.86 3.62 86.02
N MET TA 473 -78.87 4.45 86.35
CA MET TA 473 -77.54 4.23 85.81
C MET TA 473 -76.84 3.06 86.48
N ALA TA 474 -77.21 2.75 87.71
CA ALA TA 474 -76.68 1.57 88.38
C ALA TA 474 -77.21 0.28 87.78
N ASN TA 475 -78.35 0.32 87.11
CA ASN TA 475 -78.96 -0.87 86.54
C ASN TA 475 -78.53 -1.12 85.09
N GLN TA 476 -77.84 -0.19 84.47
CA GLN TA 476 -77.53 -0.30 83.06
C GLN TA 476 -76.60 -1.48 82.78
N ALA TA 477 -76.82 -2.11 81.64
CA ALA TA 477 -75.88 -3.13 81.17
C ALA TA 477 -74.53 -2.49 80.91
N LYS TA 478 -73.47 -3.17 81.34
CA LYS TA 478 -72.13 -2.63 81.22
C LYS TA 478 -71.19 -3.72 80.71
N ASN TA 479 -70.11 -3.29 80.08
CA ASN TA 479 -69.18 -4.20 79.43
C ASN TA 479 -68.02 -4.65 80.32
N TRP TA 480 -67.78 -3.96 81.43
CA TRP TA 480 -66.55 -4.17 82.18
C TRP TA 480 -66.83 -4.25 83.66
N LEU TA 481 -65.91 -4.86 84.38
CA LEU TA 481 -65.97 -5.02 85.81
C LEU TA 481 -64.76 -4.39 86.48
N PRO TA 482 -64.90 -3.91 87.71
CA PRO TA 482 -63.74 -3.38 88.42
C PRO TA 482 -62.71 -4.47 88.69
N GLY TA 483 -61.46 -4.04 88.85
CA GLY TA 483 -60.37 -4.94 89.07
C GLY TA 483 -60.56 -5.82 90.28
N PRO TA 484 -59.65 -6.76 90.47
CA PRO TA 484 -59.80 -7.75 91.54
C PRO TA 484 -59.64 -7.12 92.92
N CYS TA 485 -60.20 -7.81 93.91
CA CYS TA 485 -60.26 -7.32 95.27
C CYS TA 485 -59.70 -8.36 96.23
N TYR TA 486 -58.94 -7.89 97.22
CA TYR TA 486 -58.47 -8.71 98.33
C TYR TA 486 -58.61 -7.85 99.58
N ARG TA 487 -59.79 -7.92 100.20
CA ARG TA 487 -60.23 -6.87 101.13
C ARG TA 487 -59.29 -6.71 102.31
N GLN TA 488 -58.98 -5.46 102.62
CA GLN TA 488 -58.15 -5.10 103.75
C GLN TA 488 -59.00 -4.45 104.84
N GLN TA 489 -58.53 -4.55 106.08
CA GLN TA 489 -59.21 -3.90 107.18
C GLN TA 489 -59.01 -2.39 107.09
N ARG TA 490 -60.04 -1.64 107.43
CA ARG TA 490 -60.01 -0.19 107.37
C ARG TA 490 -59.49 0.38 108.68
N VAL TA 491 -58.53 1.29 108.59
CA VAL TA 491 -57.96 1.99 109.73
C VAL TA 491 -58.14 3.48 109.51
N SER TA 492 -58.59 4.18 110.54
CA SER TA 492 -58.78 5.62 110.49
C SER TA 492 -57.55 6.31 111.08
N THR TA 493 -57.07 7.35 110.39
CA THR TA 493 -56.02 8.17 110.95
C THR TA 493 -56.50 8.96 112.16
N THR TA 494 -57.81 9.15 112.30
CA THR TA 494 -58.41 9.64 113.54
C THR TA 494 -58.55 8.44 114.46
N THR TA 495 -57.61 8.30 115.39
CA THR TA 495 -57.49 7.06 116.16
C THR TA 495 -58.74 6.78 116.99
N GLY TA 496 -59.46 7.81 117.42
CA GLY TA 496 -60.67 7.60 118.19
C GLY TA 496 -61.74 6.83 117.44
N GLN TA 497 -61.69 6.85 116.12
CA GLN TA 497 -62.65 6.09 115.32
C GLN TA 497 -62.24 4.63 115.14
N ASN TA 498 -61.06 4.24 115.60
CA ASN TA 498 -60.61 2.86 115.48
C ASN TA 498 -61.03 2.05 116.68
N ASN TA 499 -61.11 0.73 116.47
CA ASN TA 499 -61.39 -0.18 117.56
C ASN TA 499 -60.27 -0.13 118.58
N ASN TA 500 -60.63 -0.15 119.87
CA ASN TA 500 -59.64 -0.10 120.94
C ASN TA 500 -59.07 -1.50 121.16
N SER TA 501 -58.22 -1.90 120.22
CA SER TA 501 -57.53 -3.17 120.28
C SER TA 501 -56.31 -3.10 119.38
N ASN TA 502 -55.39 -4.03 119.59
CA ASN TA 502 -54.18 -4.14 118.78
C ASN TA 502 -54.46 -5.15 117.68
N PHE TA 503 -54.91 -4.66 116.53
CA PHE TA 503 -55.36 -5.53 115.45
C PHE TA 503 -54.53 -5.38 114.18
N ALA TA 504 -53.36 -4.76 114.26
CA ALA TA 504 -52.55 -4.56 113.06
C ALA TA 504 -52.17 -5.89 112.43
N TRP TA 505 -51.83 -6.88 113.26
CA TRP TA 505 -51.49 -8.21 112.78
C TRP TA 505 -52.68 -9.16 112.79
N THR TA 506 -53.45 -9.18 113.88
CA THR TA 506 -54.55 -10.13 113.99
C THR TA 506 -55.61 -9.87 112.93
N ALA TA 507 -55.93 -8.62 112.67
CA ALA TA 507 -56.86 -8.25 111.61
C ALA TA 507 -56.17 -7.96 110.29
N GLY TA 508 -54.86 -8.14 110.22
CA GLY TA 508 -54.15 -7.87 108.99
C GLY TA 508 -54.58 -8.79 107.87
N THR TA 509 -54.55 -8.25 106.66
CA THR TA 509 -54.87 -9.04 105.48
C THR TA 509 -53.62 -9.80 105.05
N LYS TA 510 -53.71 -11.12 105.04
CA LYS TA 510 -52.53 -11.98 104.94
C LYS TA 510 -52.72 -13.01 103.84
N TYR TA 511 -51.60 -13.53 103.38
CA TYR TA 511 -51.58 -14.74 102.59
C TYR TA 511 -50.85 -15.84 103.36
N HIS TA 512 -51.17 -17.07 103.01
CA HIS TA 512 -50.65 -18.25 103.70
C HIS TA 512 -49.76 -19.01 102.74
N LEU TA 513 -48.51 -19.25 103.13
CA LEU TA 513 -47.55 -19.94 102.28
C LEU TA 513 -46.71 -20.88 103.13
N ASN TA 514 -46.83 -22.17 102.88
CA ASN TA 514 -46.06 -23.20 103.58
C ASN TA 514 -46.20 -23.06 105.10
N GLY TA 515 -47.44 -22.93 105.55
CA GLY TA 515 -47.71 -22.80 106.97
C GLY TA 515 -47.23 -21.51 107.59
N ARG TA 516 -46.82 -20.54 106.78
CA ARG TA 516 -46.33 -19.25 107.27
C ARG TA 516 -47.29 -18.17 106.82
N ASN TA 517 -47.66 -17.29 107.74
CA ASN TA 517 -48.54 -16.18 107.45
C ASN TA 517 -47.71 -14.94 107.19
N SER TA 518 -47.97 -14.28 106.08
CA SER TA 518 -47.31 -13.03 105.72
C SER TA 518 -48.37 -12.02 105.32
N LEU TA 519 -48.18 -10.77 105.73
CA LEU TA 519 -49.10 -9.73 105.33
C LEU TA 519 -49.13 -9.59 103.82
N ALA TA 520 -50.33 -9.43 103.26
CA ALA TA 520 -50.48 -9.06 101.85
C ALA TA 520 -50.25 -7.55 101.78
N ASN TA 521 -48.98 -7.18 101.85
CA ASN TA 521 -48.57 -5.79 102.09
C ASN TA 521 -47.67 -5.34 100.95
N PRO TA 522 -48.07 -4.35 100.15
CA PRO TA 522 -49.35 -3.65 100.26
C PRO TA 522 -50.49 -4.38 99.56
N GLY TA 523 -50.21 -5.55 99.01
CA GLY TA 523 -51.23 -6.30 98.32
C GLY TA 523 -51.53 -5.74 96.95
N ILE TA 524 -52.63 -6.23 96.37
CA ILE TA 524 -53.01 -5.83 95.03
C ILE TA 524 -53.44 -4.36 95.02
N ALA TA 525 -53.30 -3.73 93.86
CA ALA TA 525 -53.63 -2.32 93.72
C ALA TA 525 -55.12 -2.12 93.87
N MET TA 526 -55.51 -1.52 94.99
CA MET TA 526 -56.89 -1.12 95.22
C MET TA 526 -56.92 0.31 95.70
N ALA TA 527 -58.04 0.99 95.45
CA ALA TA 527 -58.20 2.35 95.91
C ALA TA 527 -58.11 2.41 97.43
N THR TA 528 -57.32 3.36 97.93
CA THR TA 528 -57.09 3.46 99.36
C THR TA 528 -58.39 3.72 100.12
N HIS TA 529 -59.25 4.57 99.56
CA HIS TA 529 -60.49 4.94 100.20
C HIS TA 529 -61.44 5.42 99.12
N LYS TA 530 -62.71 5.54 99.47
CA LYS TA 530 -63.70 6.07 98.55
C LYS TA 530 -63.80 7.58 98.75
N ASP TA 531 -64.80 8.20 98.12
CA ASP TA 531 -64.96 9.64 98.18
C ASP TA 531 -65.16 10.11 99.62
N ASP TA 532 -64.48 11.20 99.97
CA ASP TA 532 -64.64 11.89 101.26
C ASP TA 532 -64.27 10.99 102.44
N GLU TA 533 -63.33 10.08 102.24
CA GLU TA 533 -62.87 9.19 103.31
C GLU TA 533 -61.35 9.13 103.33
N GLU TA 534 -60.70 10.28 103.17
CA GLU TA 534 -59.25 10.33 103.11
C GLU TA 534 -58.61 9.85 104.42
N ARG TA 535 -59.33 9.97 105.54
CA ARG TA 535 -58.80 9.54 106.82
C ARG TA 535 -58.67 8.03 106.93
N PHE TA 536 -59.30 7.28 106.04
CA PHE TA 536 -59.27 5.82 106.09
C PHE TA 536 -58.20 5.27 105.16
N PHE TA 537 -57.51 4.24 105.61
CA PHE TA 537 -56.57 3.53 104.77
C PHE TA 537 -56.62 2.05 105.09
N PRO TA 538 -56.32 1.19 104.11
CA PRO TA 538 -56.18 -0.24 104.41
C PRO TA 538 -55.02 -0.47 105.36
N SER TA 539 -55.21 -1.41 106.28
CA SER TA 539 -54.25 -1.58 107.38
C SER TA 539 -52.86 -1.91 106.87
N ASN TA 540 -52.76 -2.78 105.86
CA ASN TA 540 -51.49 -3.09 105.22
C ASN TA 540 -51.65 -3.07 103.71
N GLY TA 541 -52.32 -2.04 103.20
CA GLY TA 541 -52.63 -1.97 101.78
C GLY TA 541 -52.10 -0.74 101.08
N ILE TA 542 -51.21 0.01 101.73
CA ILE TA 542 -50.62 1.20 101.14
C ILE TA 542 -49.13 1.22 101.44
N LEU TA 543 -48.39 1.92 100.59
CA LEU TA 543 -47.00 2.21 100.89
C LEU TA 543 -46.93 3.32 101.92
N ILE TA 544 -46.15 3.10 102.97
CA ILE TA 544 -45.96 4.06 104.04
C ILE TA 544 -44.49 4.42 104.08
N PHE TA 545 -44.18 5.67 103.77
CA PHE TA 545 -42.82 6.17 103.85
C PHE TA 545 -42.62 6.92 105.16
N GLY TA 546 -41.41 6.84 105.70
CA GLY TA 546 -41.09 7.55 106.91
C GLY TA 546 -40.58 8.94 106.59
N LYS TA 547 -40.98 9.90 107.42
CA LYS TA 547 -40.37 11.21 107.35
C LYS TA 547 -38.93 11.13 107.83
N GLN TA 548 -38.17 12.19 107.57
CA GLN TA 548 -36.78 12.21 108.00
C GLN TA 548 -36.69 12.05 109.51
N ASN TA 549 -35.77 11.19 109.95
CA ASN TA 549 -35.55 10.90 111.37
C ASN TA 549 -36.74 10.20 112.01
N ALA TA 550 -37.57 9.52 111.23
CA ALA TA 550 -38.62 8.70 111.81
C ALA TA 550 -38.01 7.47 112.46
N ALA TA 551 -38.60 7.06 113.58
CA ALA TA 551 -38.10 5.91 114.30
C ALA TA 551 -38.29 4.64 113.48
N ARG TA 552 -37.34 3.71 113.63
CA ARG TA 552 -37.46 2.43 112.95
C ARG TA 552 -38.68 1.65 113.45
N ASP TA 553 -38.91 1.64 114.76
CA ASP TA 553 -40.01 0.91 115.35
C ASP TA 553 -40.98 1.87 116.02
N ASN TA 554 -42.28 1.61 115.82
CA ASN TA 554 -43.35 2.36 116.48
C ASN TA 554 -43.22 3.86 116.24
N ALA TA 555 -43.00 4.23 115.00
CA ALA TA 555 -43.07 5.63 114.63
C ALA TA 555 -44.52 6.10 114.68
N ASP TA 556 -44.73 7.31 115.19
CA ASP TA 556 -46.07 7.84 115.28
C ASP TA 556 -46.59 8.19 113.88
N TYR TA 557 -47.90 8.36 113.77
CA TYR TA 557 -48.50 8.71 112.49
C TYR TA 557 -47.93 10.01 111.94
N SER TA 558 -47.56 10.94 112.83
CA SER TA 558 -46.98 12.19 112.38
C SER TA 558 -45.57 12.02 111.82
N ASP TA 559 -44.92 10.90 112.10
CA ASP TA 559 -43.57 10.63 111.61
C ASP TA 559 -43.55 9.84 110.32
N VAL TA 560 -44.69 9.44 109.79
CA VAL TA 560 -44.74 8.65 108.57
C VAL TA 560 -45.58 9.38 107.53
N MET TA 561 -45.42 8.95 106.29
CA MET TA 561 -46.09 9.56 105.15
C MET TA 561 -46.93 8.48 104.48
N LEU TA 562 -48.23 8.53 104.68
CA LEU TA 562 -49.12 7.56 104.06
C LEU TA 562 -49.35 7.94 102.60
N THR TA 563 -49.18 6.96 101.71
CA THR TA 563 -49.58 7.17 100.33
C THR TA 563 -51.07 6.90 100.18
N SER TA 564 -51.63 7.35 99.07
CA SER TA 564 -53.03 7.13 98.78
C SER TA 564 -53.19 6.75 97.31
N GLU TA 565 -53.87 5.64 97.06
CA GLU TA 565 -54.20 5.20 95.71
C GLU TA 565 -55.63 5.56 95.34
N GLU TA 566 -56.12 6.71 95.81
CA GLU TA 566 -57.49 7.11 95.52
C GLU TA 566 -57.70 7.41 94.04
N GLU TA 567 -56.64 7.64 93.28
CA GLU TA 567 -56.80 7.93 91.85
C GLU TA 567 -57.37 6.74 91.09
N ILE TA 568 -57.23 5.52 91.61
CA ILE TA 568 -57.71 4.34 90.93
C ILE TA 568 -59.09 3.92 91.43
N LYS TA 569 -59.79 4.80 92.15
CA LYS TA 569 -61.18 4.56 92.50
C LYS TA 569 -62.03 4.30 91.27
N THR TA 570 -61.67 4.92 90.15
CA THR TA 570 -62.47 4.85 88.94
C THR TA 570 -62.50 3.45 88.36
N THR TA 571 -61.50 2.65 88.63
CA THR TA 571 -61.39 1.33 88.04
C THR TA 571 -61.18 0.23 89.07
N ASN TA 572 -60.43 0.51 90.12
CA ASN TA 572 -60.17 -0.51 91.12
C ASN TA 572 -61.11 -0.38 92.29
N PRO TA 573 -61.56 -1.48 92.87
CA PRO TA 573 -62.40 -1.40 94.06
C PRO TA 573 -61.64 -0.82 95.24
N VAL TA 574 -62.37 -0.21 96.16
CA VAL TA 574 -61.76 0.33 97.36
C VAL TA 574 -61.20 -0.80 98.20
N ALA TA 575 -59.98 -0.61 98.71
CA ALA TA 575 -59.27 -1.68 99.38
C ALA TA 575 -60.00 -2.19 100.61
N THR TA 576 -60.77 -1.33 101.27
CA THR TA 576 -61.43 -1.67 102.51
C THR TA 576 -62.89 -2.03 102.33
N GLU TA 577 -63.37 -2.10 101.10
CA GLU TA 577 -64.76 -2.42 100.81
C GLU TA 577 -64.83 -3.76 100.09
N GLU TA 578 -66.02 -4.34 100.12
CA GLU TA 578 -66.25 -5.58 99.39
C GLU TA 578 -66.24 -5.33 97.88
N TYR TA 579 -65.86 -6.36 97.13
CA TYR TA 579 -65.88 -6.25 95.68
C TYR TA 579 -67.30 -6.06 95.16
N GLY TA 580 -68.24 -6.81 95.72
CA GLY TA 580 -69.60 -6.75 95.22
C GLY TA 580 -70.46 -7.76 95.95
N ILE TA 581 -71.59 -8.07 95.34
CA ILE TA 581 -72.60 -8.93 95.92
C ILE TA 581 -72.93 -10.03 94.94
N VAL TA 582 -72.97 -11.27 95.42
CA VAL TA 582 -73.40 -12.41 94.62
C VAL TA 582 -74.53 -13.12 95.32
N ALA TA 583 -75.30 -13.88 94.54
CA ALA TA 583 -76.34 -14.71 95.12
C ALA TA 583 -75.74 -15.85 95.92
N ASP TA 584 -76.37 -16.16 97.05
CA ASP TA 584 -75.91 -17.22 97.92
C ASP TA 584 -76.81 -18.45 97.91
N ASN TA 585 -77.95 -18.38 97.25
CA ASN TA 585 -78.91 -19.48 97.24
C ASN TA 585 -79.75 -19.40 95.98
N LEU TA 586 -80.77 -20.25 95.90
CA LEU TA 586 -81.75 -20.22 94.83
C LEU TA 586 -83.08 -19.82 95.45
N GLN TA 587 -83.55 -18.61 95.13
CA GLN TA 587 -84.81 -18.15 95.67
C GLN TA 587 -85.97 -18.95 95.08
N GLN TA 588 -86.94 -19.25 95.92
CA GLN TA 588 -88.19 -19.87 95.52
C GLN TA 588 -89.33 -19.11 96.16
N GLN TA 589 -90.57 -19.54 95.89
CA GLN TA 589 -91.71 -18.89 96.52
C GLN TA 589 -91.69 -19.04 98.03
N ASN TA 590 -90.94 -20.00 98.56
CA ASN TA 590 -90.84 -20.20 100.01
C ASN TA 590 -89.51 -19.77 100.59
N THR TA 591 -88.48 -19.55 99.77
CA THR TA 591 -87.16 -19.15 100.26
C THR TA 591 -86.81 -17.79 99.67
N ALA TA 592 -86.64 -16.79 100.52
CA ALA TA 592 -86.24 -15.48 100.05
C ALA TA 592 -84.81 -15.51 99.52
N PRO TA 593 -84.50 -14.73 98.50
CA PRO TA 593 -83.14 -14.71 97.98
C PRO TA 593 -82.15 -14.22 99.02
N GLN TA 594 -80.99 -14.86 99.04
CA GLN TA 594 -79.90 -14.50 99.94
C GLN TA 594 -78.71 -14.02 99.13
N ILE TA 595 -78.00 -13.05 99.68
CA ILE TA 595 -76.86 -12.46 98.99
C ILE TA 595 -75.60 -12.72 99.79
N GLY TA 596 -74.50 -12.91 99.08
CA GLY TA 596 -73.18 -13.09 99.67
C GLY TA 596 -72.31 -11.89 99.35
N THR TA 597 -71.56 -11.46 100.34
CA THR TA 597 -70.64 -10.33 100.18
C THR TA 597 -69.28 -10.85 99.72
N VAL TA 598 -68.83 -10.38 98.56
CA VAL TA 598 -67.57 -10.84 97.98
C VAL TA 598 -66.46 -9.96 98.56
N ASN TA 599 -65.70 -10.52 99.50
CA ASN TA 599 -64.58 -9.81 100.09
C ASN TA 599 -63.25 -10.15 99.43
N SER TA 600 -63.24 -11.11 98.52
CA SER TA 600 -62.04 -11.46 97.77
C SER TA 600 -62.48 -11.94 96.41
N GLN TA 601 -62.02 -11.26 95.36
CA GLN TA 601 -62.43 -11.58 94.00
C GLN TA 601 -61.20 -11.69 93.12
N GLY TA 602 -60.97 -12.89 92.59
CA GLY TA 602 -59.92 -13.09 91.61
C GLY TA 602 -60.35 -12.58 90.25
N ALA TA 603 -59.46 -12.79 89.29
CA ALA TA 603 -59.67 -12.25 87.96
C ALA TA 603 -60.95 -12.81 87.32
N LEU TA 604 -61.77 -11.91 86.80
CA LEU TA 604 -62.94 -12.26 86.02
C LEU TA 604 -62.82 -11.67 84.63
N PRO TA 605 -63.37 -12.32 83.62
CA PRO TA 605 -63.34 -11.73 82.27
C PRO TA 605 -64.07 -10.41 82.25
N GLY TA 606 -63.53 -9.47 81.46
CA GLY TA 606 -64.05 -8.13 81.42
C GLY TA 606 -63.59 -7.24 82.53
N MET TA 607 -62.74 -7.73 83.43
CA MET TA 607 -62.25 -6.92 84.52
C MET TA 607 -61.10 -6.06 84.05
N VAL TA 608 -61.08 -4.80 84.48
CA VAL TA 608 -60.00 -3.88 84.20
C VAL TA 608 -59.55 -3.25 85.51
N TRP TA 609 -58.28 -2.88 85.58
CA TRP TA 609 -57.74 -2.31 86.80
C TRP TA 609 -56.50 -1.50 86.48
N GLN TA 610 -56.13 -0.66 87.43
CA GLN TA 610 -54.89 0.09 87.38
C GLN TA 610 -53.90 -0.50 88.37
N ASN TA 611 -52.62 -0.35 88.05
CA ASN TA 611 -51.58 -0.75 88.98
C ASN TA 611 -51.42 0.30 90.07
N ARG TA 612 -50.68 -0.06 91.11
CA ARG TA 612 -50.32 0.90 92.14
C ARG TA 612 -49.45 2.00 91.54
N ASP TA 613 -49.62 3.21 92.06
CA ASP TA 613 -48.81 4.32 91.63
C ASP TA 613 -47.35 4.13 92.06
N VAL TA 614 -46.45 4.72 91.30
CA VAL TA 614 -45.06 4.81 91.74
C VAL TA 614 -44.87 6.17 92.42
N TYR TA 615 -43.84 6.23 93.24
CA TYR TA 615 -43.57 7.43 94.03
C TYR TA 615 -42.11 7.82 93.88
N LEU TA 616 -41.84 9.11 94.09
CA LEU TA 616 -40.47 9.59 94.03
C LEU TA 616 -39.59 8.83 95.01
N GLN TA 617 -40.11 8.52 96.20
CA GLN TA 617 -39.40 7.73 97.19
C GLN TA 617 -39.58 6.24 97.01
N GLY TA 618 -40.43 5.80 96.10
CA GLY TA 618 -40.77 4.41 95.97
C GLY TA 618 -39.85 3.61 95.10
N PRO TA 619 -40.05 2.30 95.05
CA PRO TA 619 -39.23 1.45 94.18
C PRO TA 619 -39.53 1.67 92.71
N ILE TA 620 -38.54 1.34 91.87
CA ILE TA 620 -38.67 1.45 90.43
C ILE TA 620 -39.05 0.13 89.79
N TRP TA 621 -38.32 -0.93 90.11
CA TRP TA 621 -38.52 -2.21 89.45
C TRP TA 621 -38.46 -3.33 90.49
N ALA TA 622 -39.01 -4.48 90.10
CA ALA TA 622 -38.82 -5.72 90.83
C ALA TA 622 -38.56 -6.82 89.82
N LYS TA 623 -37.81 -7.82 90.26
CA LYS TA 623 -37.61 -9.01 89.43
C LYS TA 623 -38.86 -9.86 89.49
N ILE TA 624 -39.41 -10.18 88.32
CA ILE TA 624 -40.51 -11.14 88.24
C ILE TA 624 -39.93 -12.50 88.61
N PRO TA 625 -40.48 -13.17 89.61
CA PRO TA 625 -39.95 -14.50 89.98
C PRO TA 625 -40.03 -15.45 88.81
N HIS TA 626 -39.00 -16.27 88.66
CA HIS TA 626 -38.94 -17.24 87.57
C HIS TA 626 -39.86 -18.40 87.94
N THR TA 627 -41.09 -18.34 87.45
CA THR TA 627 -42.10 -19.36 87.73
C THR TA 627 -42.77 -19.79 86.44
N ASP TA 628 -43.50 -20.90 86.52
CA ASP TA 628 -44.26 -21.37 85.38
C ASP TA 628 -45.34 -20.38 84.99
N GLY TA 629 -46.04 -19.83 85.97
CA GLY TA 629 -47.15 -18.93 85.69
C GLY TA 629 -47.11 -17.74 86.61
N ASN TA 630 -47.53 -16.60 86.06
CA ASN TA 630 -47.81 -15.42 86.84
C ASN TA 630 -49.03 -14.75 86.21
N PHE TA 631 -49.71 -13.96 87.01
CA PHE TA 631 -50.85 -13.17 86.54
C PHE TA 631 -50.53 -11.70 86.74
N HIS TA 632 -50.51 -10.95 85.64
CA HIS TA 632 -50.22 -9.53 85.63
C HIS TA 632 -48.98 -9.25 86.48
N PRO TA 633 -47.81 -9.63 86.01
CA PRO TA 633 -46.62 -9.56 86.87
C PRO TA 633 -46.12 -8.13 87.07
N SER TA 634 -46.98 -7.29 87.55
CA SER TA 634 -46.61 -5.96 87.98
C SER TA 634 -46.34 -5.98 89.48
N PRO TA 635 -45.17 -5.49 89.93
CA PRO TA 635 -44.83 -5.60 91.35
C PRO TA 635 -45.86 -4.89 92.22
N LEU TA 636 -46.18 -5.50 93.35
CA LEU TA 636 -47.30 -5.01 94.16
C LEU TA 636 -46.96 -3.71 94.87
N MET TA 637 -45.72 -3.50 95.30
CA MET TA 637 -45.36 -2.20 95.84
C MET TA 637 -45.11 -1.16 94.77
N GLY TA 638 -45.47 -1.46 93.52
CA GLY TA 638 -45.40 -0.50 92.45
C GLY TA 638 -44.11 -0.62 91.65
N GLY TA 639 -44.18 -0.16 90.42
CA GLY TA 639 -43.03 -0.14 89.56
C GLY TA 639 -43.14 -1.09 88.39
N PHE TA 640 -42.00 -1.41 87.82
CA PHE TA 640 -41.92 -2.19 86.60
C PHE TA 640 -41.49 -3.61 86.94
N GLY TA 641 -42.27 -4.58 86.52
CA GLY TA 641 -41.89 -5.96 86.67
C GLY TA 641 -41.00 -6.39 85.52
N LEU TA 642 -39.80 -6.87 85.83
CA LEU TA 642 -38.84 -7.24 84.81
C LEU TA 642 -38.42 -8.68 85.00
N LYS TA 643 -38.49 -9.47 83.91
CA LYS TA 643 -37.93 -10.81 83.94
C LYS TA 643 -36.42 -10.76 84.15
N HIS TA 644 -35.75 -9.79 83.53
CA HIS TA 644 -34.31 -9.59 83.64
C HIS TA 644 -34.07 -8.16 84.09
N PRO TA 645 -34.17 -7.91 85.39
CA PRO TA 645 -34.03 -6.54 85.90
C PRO TA 645 -32.58 -6.10 85.83
N PRO TA 646 -32.29 -4.85 86.17
CA PRO TA 646 -30.90 -4.43 86.31
C PRO TA 646 -30.17 -5.37 87.24
N PRO TA 647 -29.02 -5.89 86.81
CA PRO TA 647 -28.33 -6.92 87.61
C PRO TA 647 -27.84 -6.36 88.93
N GLN TA 648 -27.79 -7.23 89.92
CA GLN TA 648 -27.18 -6.87 91.19
C GLN TA 648 -25.70 -6.58 90.98
N ILE TA 649 -25.23 -5.49 91.55
CA ILE TA 649 -23.84 -5.10 91.48
C ILE TA 649 -23.24 -5.35 92.84
N LEU TA 650 -22.40 -6.37 92.94
CA LEU TA 650 -21.82 -6.79 94.20
C LEU TA 650 -20.42 -6.20 94.32
N ILE TA 651 -20.10 -5.66 95.48
CA ILE TA 651 -18.82 -5.02 95.73
C ILE TA 651 -18.28 -5.48 97.07
N LYS TA 652 -16.98 -5.70 97.13
CA LYS TA 652 -16.34 -6.17 98.34
C LYS TA 652 -14.92 -5.63 98.41
N ASN TA 653 -14.49 -5.28 99.60
CA ASN TA 653 -13.08 -5.02 99.84
C ASN TA 653 -12.33 -6.34 99.83
N THR TA 654 -11.32 -6.45 98.99
CA THR TA 654 -10.51 -7.66 98.97
C THR TA 654 -9.79 -7.80 100.30
N PRO TA 655 -9.89 -8.92 100.98
CA PRO TA 655 -9.20 -9.08 102.26
C PRO TA 655 -7.70 -8.94 102.09
N VAL TA 656 -7.10 -8.16 102.98
CA VAL TA 656 -5.65 -8.00 103.02
C VAL TA 656 -5.17 -8.58 104.34
N PRO TA 657 -4.52 -9.75 104.32
CA PRO TA 657 -4.08 -10.36 105.58
C PRO TA 657 -3.09 -9.48 106.31
N ALA TA 658 -3.16 -9.52 107.64
CA ALA TA 658 -2.07 -9.01 108.44
C ALA TA 658 -0.89 -9.97 108.32
N ASP TA 659 0.18 -9.67 109.05
CA ASP TA 659 1.38 -10.48 108.91
C ASP TA 659 1.10 -11.92 109.34
N PRO TA 660 1.29 -12.90 108.47
CA PRO TA 660 1.09 -14.29 108.85
C PRO TA 660 2.23 -14.76 109.74
N PRO TA 661 2.06 -15.87 110.44
CA PRO TA 661 3.17 -16.41 111.23
C PRO TA 661 4.30 -16.86 110.32
N THR TA 662 5.51 -16.92 110.89
CA THR TA 662 6.67 -17.32 110.13
C THR TA 662 6.82 -18.83 110.02
N THR TA 663 5.96 -19.59 110.68
CA THR TA 663 5.88 -21.03 110.51
C THR TA 663 4.52 -21.37 109.91
N PHE TA 664 4.51 -22.32 108.98
CA PHE TA 664 3.30 -22.59 108.23
C PHE TA 664 2.17 -23.08 109.12
N ASN TA 665 0.98 -22.54 108.90
CA ASN TA 665 -0.24 -23.00 109.55
C ASN TA 665 -1.29 -23.19 108.48
N GLN TA 666 -1.90 -24.37 108.45
CA GLN TA 666 -2.89 -24.68 107.43
C GLN TA 666 -4.20 -23.94 107.64
N SER TA 667 -4.45 -23.44 108.84
CA SER TA 667 -5.71 -22.80 109.15
C SER TA 667 -5.88 -21.54 108.32
N LYS TA 668 -7.12 -21.26 107.94
CA LYS TA 668 -7.42 -20.04 107.20
C LYS TA 668 -7.03 -18.82 108.03
N LEU TA 669 -6.53 -17.81 107.35
CA LEU TA 669 -6.11 -16.60 108.05
C LEU TA 669 -7.33 -15.83 108.55
N ASN TA 670 -7.28 -15.42 109.81
CA ASN TA 670 -8.34 -14.61 110.38
C ASN TA 670 -7.86 -13.25 110.84
N SER TA 671 -6.57 -12.96 110.69
CA SER TA 671 -6.02 -11.67 111.05
C SER TA 671 -5.89 -10.85 109.77
N PHE TA 672 -6.69 -9.80 109.66
CA PHE TA 672 -6.74 -8.99 108.46
C PHE TA 672 -6.49 -7.53 108.81
N ILE TA 673 -5.91 -6.82 107.85
CA ILE TA 673 -5.75 -5.39 107.98
C ILE TA 673 -7.12 -4.73 107.91
N THR TA 674 -7.43 -3.91 108.91
CA THR TA 674 -8.71 -3.22 108.93
C THR TA 674 -8.77 -2.23 107.79
N GLN TA 675 -9.86 -2.29 107.02
CA GLN TA 675 -9.84 -1.66 105.72
C GLN TA 675 -11.25 -1.29 105.31
N TYR TA 676 -11.39 -0.18 104.61
CA TYR TA 676 -12.65 0.21 104.00
C TYR TA 676 -12.33 0.95 102.72
N SER TA 677 -13.30 0.98 101.82
CA SER TA 677 -13.13 1.68 100.55
C SER TA 677 -14.20 2.75 100.40
N THR TA 678 -13.85 3.77 99.64
CA THR TA 678 -14.79 4.81 99.27
C THR TA 678 -14.57 5.14 97.81
N GLY TA 679 -15.60 5.68 97.19
CA GLY TA 679 -15.49 6.04 95.79
C GLY TA 679 -16.75 6.74 95.35
N GLN TA 680 -16.85 6.94 94.04
CA GLN TA 680 -18.02 7.53 93.45
C GLN TA 680 -18.73 6.50 92.59
N VAL TA 681 -20.05 6.56 92.60
CA VAL TA 681 -20.89 5.69 91.78
C VAL TA 681 -21.76 6.57 90.92
N SER TA 682 -21.80 6.27 89.62
CA SER TA 682 -22.65 6.98 88.69
C SER TA 682 -23.63 5.99 88.08
N VAL TA 683 -24.91 6.34 88.10
CA VAL TA 683 -25.93 5.56 87.40
C VAL TA 683 -26.69 6.51 86.49
N GLU TA 684 -26.76 6.16 85.21
CA GLU TA 684 -27.48 6.93 84.21
C GLU TA 684 -28.60 6.06 83.68
N ILE TA 685 -29.83 6.54 83.77
CA ILE TA 685 -30.98 5.83 83.25
C ILE TA 685 -31.66 6.71 82.21
N GLU TA 686 -31.90 6.13 81.04
CA GLU TA 686 -32.69 6.78 80.02
C GLU TA 686 -34.13 6.30 80.15
N TRP TA 687 -35.05 7.23 80.27
CA TRP TA 687 -36.47 6.93 80.39
C TRP TA 687 -37.20 7.38 79.14
N GLU TA 688 -38.09 6.55 78.65
CA GLU TA 688 -38.98 6.94 77.56
C GLU TA 688 -40.25 7.53 78.15
N LEU TA 689 -40.74 8.60 77.54
CA LEU TA 689 -41.90 9.31 78.03
C LEU TA 689 -43.09 9.09 77.11
N GLN TA 690 -44.26 8.98 77.69
CA GLN TA 690 -45.52 9.00 76.96
C GLN TA 690 -46.13 10.39 77.14
N LYS TA 691 -46.04 11.20 76.10
CA LYS TA 691 -46.59 12.55 76.17
C LYS TA 691 -48.11 12.50 76.21
N GLU TA 692 -48.70 13.37 77.02
CA GLU TA 692 -50.15 13.46 77.10
C GLU TA 692 -50.69 14.14 75.85
N ASN TA 693 -51.66 13.51 75.21
CA ASN TA 693 -52.33 14.07 74.05
C ASN TA 693 -53.81 14.16 74.39
N SER TA 694 -54.18 15.25 75.06
CA SER TA 694 -55.47 15.39 75.69
C SER TA 694 -56.22 16.58 75.13
N LYS TA 695 -57.52 16.40 74.90
CA LYS TA 695 -58.39 17.47 74.45
C LYS TA 695 -59.22 18.04 75.59
N ARG TA 696 -58.85 17.75 76.83
CA ARG TA 696 -59.50 18.34 77.98
C ARG TA 696 -59.42 19.85 77.92
N TRP TA 697 -60.55 20.51 78.17
CA TRP TA 697 -60.60 21.96 78.07
C TRP TA 697 -60.13 22.63 79.34
N ASN TA 698 -60.64 22.21 80.49
CA ASN TA 698 -60.32 22.84 81.75
C ASN TA 698 -58.91 22.43 82.20
N PRO TA 699 -58.27 23.25 83.04
CA PRO TA 699 -56.91 22.93 83.48
C PRO TA 699 -56.86 21.64 84.28
N GLU TA 700 -55.73 20.95 84.15
CA GLU TA 700 -55.51 19.70 84.87
C GLU TA 700 -55.02 19.97 86.28
N ILE TA 701 -55.07 18.94 87.10
CA ILE TA 701 -54.42 18.97 88.40
C ILE TA 701 -52.93 18.75 88.19
N GLN TA 702 -52.12 19.59 88.82
CA GLN TA 702 -50.67 19.51 88.69
C GLN TA 702 -50.07 19.45 90.08
N TYR TA 703 -48.97 18.73 90.20
CA TYR TA 703 -48.21 18.82 91.44
C TYR TA 703 -47.51 20.17 91.50
N THR TA 704 -47.70 20.88 92.61
CA THR TA 704 -47.12 22.19 92.78
C THR TA 704 -46.60 22.32 94.20
N SER TA 705 -45.54 23.10 94.35
CA SER TA 705 -45.12 23.48 95.69
C SER TA 705 -46.08 24.52 96.26
N ASN TA 706 -46.19 24.54 97.58
CA ASN TA 706 -47.05 25.50 98.23
C ASN TA 706 -46.48 26.91 98.08
N TYR TA 707 -47.35 27.85 97.73
CA TYR TA 707 -46.90 29.22 97.53
C TYR TA 707 -46.63 29.94 98.85
N TYR TA 708 -47.33 29.56 99.91
CA TYR TA 708 -47.26 30.28 101.16
C TYR TA 708 -45.90 30.09 101.84
N LYS TA 709 -45.53 31.07 102.66
CA LYS TA 709 -44.22 31.08 103.30
C LYS TA 709 -44.09 29.92 104.28
N SER TA 710 -42.85 29.51 104.54
CA SER TA 710 -42.58 28.43 105.46
C SER TA 710 -41.17 28.60 106.02
N THR TA 711 -40.91 27.90 107.12
CA THR TA 711 -39.61 27.99 107.77
C THR TA 711 -38.51 27.46 106.86
N SER TA 712 -38.79 26.41 106.10
CA SER TA 712 -37.81 25.81 105.22
C SER TA 712 -38.44 25.51 103.88
N VAL TA 713 -37.60 25.41 102.87
CA VAL TA 713 -38.05 25.02 101.53
C VAL TA 713 -38.30 23.52 101.51
N ASP TA 714 -39.45 23.12 100.97
CA ASP TA 714 -39.73 21.70 100.81
C ASP TA 714 -38.76 21.07 99.83
N PHE TA 715 -38.32 19.86 100.14
CA PHE TA 715 -37.32 19.14 99.36
C PHE TA 715 -36.02 19.95 99.28
N ALA TA 716 -35.58 20.44 100.43
CA ALA TA 716 -34.32 21.13 100.56
C ALA TA 716 -33.69 20.70 101.88
N VAL TA 717 -32.59 21.30 102.21
CA VAL TA 717 -31.92 21.04 103.47
C VAL TA 717 -32.42 22.02 104.52
N ASN TA 718 -32.35 21.64 105.77
CA ASN TA 718 -32.67 22.53 106.87
C ASN TA 718 -31.41 23.24 107.32
N THR TA 719 -31.47 23.91 108.47
CA THR TA 719 -30.31 24.64 108.97
C THR TA 719 -29.17 23.73 109.38
N GLU TA 720 -29.44 22.44 109.59
CA GLU TA 720 -28.43 21.48 110.01
C GLU TA 720 -27.87 20.69 108.84
N GLY TA 721 -28.29 20.99 107.62
CA GLY TA 721 -27.80 20.27 106.46
C GLY TA 721 -28.52 18.98 106.15
N VAL TA 722 -29.63 18.70 106.83
CA VAL TA 722 -30.37 17.47 106.63
C VAL TA 722 -31.35 17.67 105.49
N TYR TA 723 -31.19 16.88 104.43
CA TYR TA 723 -32.17 16.85 103.36
C TYR TA 723 -33.36 16.01 103.77
N SER TA 724 -34.55 16.52 103.51
CA SER TA 724 -35.78 15.80 103.85
C SER TA 724 -36.75 15.86 102.69
N GLU TA 725 -37.52 14.78 102.55
CA GLU TA 725 -38.63 14.76 101.61
C GLU TA 725 -39.93 14.89 102.40
N PRO TA 726 -40.62 16.02 102.32
CA PRO TA 726 -41.73 16.26 103.25
C PRO TA 726 -42.96 15.42 102.96
N ARG TA 727 -43.16 14.98 101.73
CA ARG TA 727 -44.36 14.24 101.37
C ARG TA 727 -43.99 13.22 100.31
N PRO TA 728 -44.78 12.15 100.18
CA PRO TA 728 -44.59 11.24 99.04
C PRO TA 728 -45.28 11.80 97.81
N ILE TA 729 -44.51 12.09 96.78
CA ILE TA 729 -45.07 12.59 95.53
C ILE TA 729 -45.44 11.40 94.66
N GLY TA 730 -46.73 11.25 94.41
CA GLY TA 730 -47.18 10.22 93.50
C GLY TA 730 -46.86 10.58 92.07
N THR TA 731 -47.56 9.97 91.13
CA THR TA 731 -47.25 10.15 89.73
C THR TA 731 -48.48 10.52 88.92
N ARG TA 732 -49.67 10.37 89.47
CA ARG TA 732 -50.92 10.47 88.73
C ARG TA 732 -51.56 11.83 89.00
N TYR TA 733 -51.29 12.78 88.12
CA TYR TA 733 -51.89 14.10 88.17
C TYR TA 733 -52.64 14.47 86.91
N LEU TA 734 -52.12 14.11 85.75
CA LEU TA 734 -52.85 14.27 84.51
C LEU TA 734 -53.99 13.27 84.44
N THR TA 735 -54.91 13.50 83.52
CA THR TA 735 -56.11 12.66 83.42
C THR TA 735 -56.25 12.10 82.01
N ARG TA 736 -56.87 10.92 81.95
CA ARG TA 736 -57.27 10.31 80.70
C ARG TA 736 -58.71 9.83 80.84
N ASN TA 737 -59.39 9.74 79.70
CA ASN TA 737 -60.65 9.03 79.67
C ASN TA 737 -60.39 7.54 79.79
N LEU TA 738 -61.42 6.80 80.21
CA LEU TA 738 -61.29 5.36 80.29
C LEU TA 738 -61.40 4.75 78.91
N GLY UA 221 -43.94 -56.19 50.35
CA GLY UA 221 -43.89 -57.63 50.14
C GLY UA 221 -44.26 -58.44 51.36
N VAL UA 222 -44.81 -59.63 51.12
CA VAL UA 222 -45.19 -60.51 52.23
C VAL UA 222 -43.96 -60.93 53.02
N GLY UA 223 -42.88 -61.28 52.33
CA GLY UA 223 -41.70 -61.81 52.96
C GLY UA 223 -40.61 -60.82 53.31
N SER UA 224 -40.89 -59.53 53.27
CA SER UA 224 -39.91 -58.51 53.60
C SER UA 224 -40.43 -57.64 54.74
N SER UA 225 -39.54 -57.35 55.69
CA SER UA 225 -39.90 -56.47 56.80
C SER UA 225 -40.14 -55.05 56.31
N SER UA 226 -41.16 -54.40 56.86
CA SER UA 226 -41.48 -53.03 56.50
C SER UA 226 -40.89 -52.01 57.46
N GLY UA 227 -40.11 -52.44 58.43
CA GLY UA 227 -39.47 -51.52 59.34
C GLY UA 227 -38.65 -52.29 60.36
N ASN UA 228 -37.75 -51.56 61.01
CA ASN UA 228 -36.84 -52.13 61.99
C ASN UA 228 -37.24 -51.69 63.39
N TRP UA 229 -36.73 -52.43 64.37
CA TRP UA 229 -36.95 -52.10 65.78
C TRP UA 229 -36.04 -50.94 66.16
N HIS UA 230 -36.64 -49.86 66.66
CA HIS UA 230 -35.91 -48.64 67.00
C HIS UA 230 -36.31 -48.24 68.42
N CYS UA 231 -35.63 -48.79 69.41
CA CYS UA 231 -35.72 -48.32 70.79
C CYS UA 231 -34.36 -47.77 71.16
N ASP UA 232 -34.32 -46.49 71.52
CA ASP UA 232 -33.06 -45.81 71.77
C ASP UA 232 -33.35 -44.44 72.33
N SER UA 233 -32.31 -43.84 72.90
CA SER UA 233 -32.33 -42.45 73.31
C SER UA 233 -30.97 -41.86 73.03
N THR UA 234 -30.92 -40.81 72.22
CA THR UA 234 -29.67 -40.17 71.87
C THR UA 234 -29.67 -38.77 72.49
N TRP UA 235 -28.69 -38.51 73.35
CA TRP UA 235 -28.53 -37.21 73.97
C TRP UA 235 -27.45 -36.46 73.20
N LEU UA 236 -27.81 -35.32 72.62
CA LEU UA 236 -26.89 -34.56 71.79
C LEU UA 236 -27.12 -33.08 72.07
N GLY UA 237 -26.22 -32.49 72.84
CA GLY UA 237 -26.33 -31.08 73.16
C GLY UA 237 -27.56 -30.79 73.99
N ASP UA 238 -28.37 -29.85 73.53
CA ASP UA 238 -29.60 -29.47 74.20
C ASP UA 238 -30.81 -30.26 73.75
N ARG UA 239 -30.59 -31.36 73.03
CA ARG UA 239 -31.67 -32.22 72.57
C ARG UA 239 -31.48 -33.61 73.11
N VAL UA 240 -32.59 -34.29 73.36
CA VAL UA 240 -32.62 -35.73 73.55
C VAL UA 240 -33.69 -36.29 72.63
N ILE UA 241 -33.32 -37.30 71.85
CA ILE UA 241 -34.24 -37.94 70.93
C ILE UA 241 -34.56 -39.31 71.48
N THR UA 242 -35.77 -39.49 72.00
CA THR UA 242 -36.23 -40.79 72.45
C THR UA 242 -36.97 -41.46 71.30
N THR UA 243 -36.64 -42.71 71.03
CA THR UA 243 -37.39 -43.52 70.10
C THR UA 243 -37.74 -44.82 70.79
N SER UA 244 -38.98 -45.24 70.64
CA SER UA 244 -39.45 -46.45 71.30
C SER UA 244 -40.29 -47.26 70.32
N THR UA 245 -40.03 -48.56 70.29
CA THR UA 245 -40.79 -49.49 69.48
C THR UA 245 -41.49 -50.48 70.38
N ARG UA 246 -42.73 -50.80 70.06
CA ARG UA 246 -43.50 -51.78 70.80
C ARG UA 246 -44.23 -52.67 69.82
N THR UA 247 -44.52 -53.89 70.27
CA THR UA 247 -45.39 -54.78 69.53
C THR UA 247 -46.81 -54.62 70.05
N TRP UA 248 -47.74 -54.39 69.14
CA TRP UA 248 -49.14 -54.19 69.50
C TRP UA 248 -49.98 -55.31 68.92
N ALA UA 249 -51.16 -55.48 69.50
CA ALA UA 249 -52.17 -56.38 68.96
C ALA UA 249 -53.50 -55.63 68.93
N LEU UA 250 -54.14 -55.62 67.76
CA LEU UA 250 -55.40 -54.93 67.61
C LEU UA 250 -56.51 -55.94 67.34
N PRO UA 251 -57.44 -56.12 68.26
CA PRO UA 251 -58.59 -56.99 67.99
C PRO UA 251 -59.61 -56.28 67.12
N THR UA 252 -60.63 -57.02 66.72
CA THR UA 252 -61.81 -56.41 66.16
C THR UA 252 -62.69 -55.92 67.31
N TYR UA 253 -62.95 -54.63 67.34
CA TYR UA 253 -63.75 -54.03 68.39
C TYR UA 253 -65.20 -53.90 67.93
N ASN UA 254 -66.13 -54.14 68.84
CA ASN UA 254 -67.55 -53.89 68.65
C ASN UA 254 -68.16 -54.72 67.52
N ASN UA 255 -67.47 -55.76 67.06
CA ASN UA 255 -67.89 -56.53 65.89
C ASN UA 255 -68.08 -55.61 64.69
N HIS UA 256 -67.14 -54.69 64.51
CA HIS UA 256 -67.09 -53.73 63.41
C HIS UA 256 -68.23 -52.72 63.46
N LEU UA 257 -68.92 -52.57 64.59
CA LEU UA 257 -70.09 -51.72 64.69
C LEU UA 257 -69.79 -50.45 65.47
N TYR UA 258 -70.52 -49.39 65.14
CA TYR UA 258 -70.62 -48.23 66.00
C TYR UA 258 -71.82 -48.43 66.91
N LYS UA 259 -71.61 -48.35 68.21
CA LYS UA 259 -72.69 -48.55 69.17
C LYS UA 259 -72.88 -47.28 69.98
N GLN UA 260 -74.12 -46.83 70.07
CA GLN UA 260 -74.45 -45.78 71.02
C GLN UA 260 -74.34 -46.32 72.43
N ILE UA 261 -73.65 -45.60 73.29
CA ILE UA 261 -73.47 -45.99 74.69
C ILE UA 261 -73.98 -44.86 75.56
N SER UA 262 -74.60 -45.22 76.67
CA SER UA 262 -75.23 -44.24 77.54
C SER UA 262 -75.18 -44.73 78.97
N ASN UA 263 -75.44 -43.80 79.89
CA ASN UA 263 -75.59 -44.11 81.30
C ASN UA 263 -76.52 -43.06 81.87
N GLY UA 264 -77.63 -43.51 82.47
CA GLY UA 264 -78.62 -42.64 83.04
C GLY UA 264 -78.77 -42.84 84.54
N THR UA 265 -79.71 -42.11 85.10
CA THR UA 265 -79.99 -42.19 86.53
C THR UA 265 -80.96 -43.33 86.84
N ALA UA 269 -77.06 -45.27 88.63
CA ALA UA 269 -76.03 -44.26 88.48
C ALA UA 269 -76.55 -42.88 88.88
N THR UA 270 -75.66 -42.05 89.39
CA THR UA 270 -76.04 -40.70 89.76
C THR UA 270 -75.98 -39.77 88.54
N ASN UA 271 -76.59 -38.60 88.68
CA ASN UA 271 -76.57 -37.63 87.59
C ASN UA 271 -75.14 -37.19 87.28
N ASP UA 272 -74.26 -37.19 88.28
CA ASP UA 272 -72.88 -36.77 88.06
C ASP UA 272 -72.14 -37.70 87.09
N ASN UA 273 -72.61 -38.93 86.91
CA ASN UA 273 -71.92 -39.92 86.10
C ASN UA 273 -72.67 -40.27 84.82
N THR UA 274 -73.69 -39.50 84.46
CA THR UA 274 -74.41 -39.78 83.23
C THR UA 274 -73.58 -39.41 82.01
N TYR UA 275 -73.79 -40.12 80.91
CA TYR UA 275 -73.13 -39.78 79.67
C TYR UA 275 -73.92 -40.33 78.50
N PHE UA 276 -73.67 -39.72 77.34
CA PHE UA 276 -74.12 -40.24 76.06
C PHE UA 276 -72.93 -40.18 75.12
N GLY UA 277 -72.69 -41.24 74.40
CA GLY UA 277 -71.57 -41.27 73.50
C GLY UA 277 -71.65 -42.42 72.54
N TYR UA 278 -70.52 -42.69 71.90
CA TYR UA 278 -70.48 -43.75 70.91
C TYR UA 278 -69.23 -44.59 71.10
N SER UA 279 -69.40 -45.90 71.06
CA SER UA 279 -68.30 -46.83 70.97
C SER UA 279 -68.04 -47.11 69.50
N THR UA 280 -66.80 -47.01 69.08
CA THR UA 280 -66.44 -47.22 67.71
C THR UA 280 -65.68 -48.52 67.53
N PRO UA 281 -65.69 -49.10 66.34
CA PRO UA 281 -64.86 -50.29 66.07
C PRO UA 281 -63.38 -49.98 65.90
N TRP UA 282 -62.95 -48.75 66.14
CA TRP UA 282 -61.59 -48.34 65.90
C TRP UA 282 -60.78 -48.42 67.19
N GLY UA 283 -59.52 -48.83 67.04
CA GLY UA 283 -58.54 -48.62 68.08
C GLY UA 283 -57.80 -47.32 67.86
N TYR UA 284 -56.98 -46.96 68.84
CA TYR UA 284 -56.16 -45.78 68.69
C TYR UA 284 -54.85 -45.98 69.42
N PHE UA 285 -53.81 -45.32 68.93
CA PHE UA 285 -52.48 -45.42 69.50
C PHE UA 285 -52.27 -44.27 70.48
N ASP UA 286 -51.86 -44.62 71.69
CA ASP UA 286 -51.59 -43.66 72.74
C ASP UA 286 -50.14 -43.82 73.18
N PHE UA 287 -49.40 -42.70 73.17
CA PHE UA 287 -48.07 -42.65 73.74
C PHE UA 287 -47.93 -41.40 74.57
N ASN UA 288 -49.00 -41.05 75.28
CA ASN UA 288 -49.07 -39.82 76.06
C ASN UA 288 -48.65 -40.03 77.51
N ARG UA 289 -47.70 -40.93 77.75
CA ARG UA 289 -47.06 -41.06 79.04
C ARG UA 289 -45.56 -41.02 78.84
N PHE UA 290 -44.86 -40.44 79.81
CA PHE UA 290 -43.43 -40.22 79.65
C PHE UA 290 -42.66 -41.54 79.59
N HIS UA 291 -43.13 -42.56 80.31
CA HIS UA 291 -42.40 -43.83 80.30
C HIS UA 291 -42.58 -44.59 78.98
N CYS UA 292 -43.47 -44.13 78.11
CA CYS UA 292 -43.51 -44.67 76.75
C CYS UA 292 -42.26 -44.30 75.96
N HIS UA 293 -41.54 -43.28 76.39
CA HIS UA 293 -40.41 -42.74 75.65
C HIS UA 293 -39.12 -42.73 76.45
N PHE UA 294 -39.19 -42.47 77.75
CA PHE UA 294 -38.00 -42.41 78.59
C PHE UA 294 -37.89 -43.69 79.40
N SER UA 295 -36.74 -44.34 79.30
CA SER UA 295 -36.39 -45.36 80.26
C SER UA 295 -36.16 -44.69 81.61
N PRO UA 296 -36.28 -45.45 82.70
CA PRO UA 296 -36.02 -44.85 84.02
C PRO UA 296 -34.64 -44.21 84.13
N ARG UA 297 -33.63 -44.83 83.53
CA ARG UA 297 -32.31 -44.23 83.51
C ARG UA 297 -32.28 -42.95 82.68
N ASP UA 298 -32.97 -42.95 81.54
CA ASP UA 298 -33.07 -41.74 80.73
C ASP UA 298 -33.83 -40.65 81.48
N TRP UA 299 -34.88 -41.03 82.21
CA TRP UA 299 -35.59 -40.06 83.03
C TRP UA 299 -34.68 -39.48 84.10
N GLN UA 300 -33.84 -40.32 84.72
CA GLN UA 300 -32.89 -39.83 85.69
C GLN UA 300 -31.90 -38.86 85.05
N ARG UA 301 -31.38 -39.20 83.88
CA ARG UA 301 -30.50 -38.30 83.15
C ARG UA 301 -31.17 -36.96 82.90
N LEU UA 302 -32.45 -36.99 82.51
CA LEU UA 302 -33.16 -35.77 82.21
C LEU UA 302 -33.37 -34.92 83.47
N ILE UA 303 -33.87 -35.53 84.54
CA ILE UA 303 -34.29 -34.74 85.69
C ILE UA 303 -33.14 -34.34 86.59
N ASN UA 304 -32.01 -35.05 86.56
CA ASN UA 304 -30.90 -34.68 87.43
C ASN UA 304 -30.00 -33.62 86.83
N ASN UA 305 -30.20 -33.26 85.57
CA ASN UA 305 -29.24 -32.42 84.86
C ASN UA 305 -29.86 -31.26 84.10
N ASN UA 306 -31.18 -31.16 84.05
CA ASN UA 306 -31.83 -30.16 83.23
C ASN UA 306 -32.85 -29.39 84.05
N TRP UA 307 -32.89 -28.08 83.84
CA TRP UA 307 -33.89 -27.24 84.47
C TRP UA 307 -35.24 -27.31 83.78
N GLY UA 308 -35.28 -27.80 82.55
CA GLY UA 308 -36.53 -27.87 81.83
C GLY UA 308 -36.37 -28.68 80.56
N PHE UA 309 -37.52 -29.06 80.02
CA PHE UA 309 -37.56 -29.79 78.76
C PHE UA 309 -38.92 -29.57 78.14
N ARG UA 310 -38.99 -29.83 76.84
CA ARG UA 310 -40.26 -29.72 76.11
C ARG UA 310 -40.15 -30.54 74.85
N PRO UA 311 -41.24 -31.13 74.38
CA PRO UA 311 -41.20 -31.84 73.10
C PRO UA 311 -41.07 -30.86 71.95
N LYS UA 312 -40.37 -31.30 70.91
CA LYS UA 312 -40.15 -30.50 69.73
C LYS UA 312 -40.84 -31.07 68.50
N ARG UA 313 -40.61 -32.34 68.21
CA ARG UA 313 -41.19 -33.00 67.05
C ARG UA 313 -41.36 -34.47 67.38
N LEU UA 314 -42.24 -35.13 66.64
CA LEU UA 314 -42.37 -36.56 66.76
C LEU UA 314 -42.52 -37.19 65.39
N SER UA 315 -42.05 -38.42 65.27
CA SER UA 315 -42.30 -39.26 64.12
C SER UA 315 -42.90 -40.56 64.61
N PHE UA 316 -43.88 -41.05 63.89
CA PHE UA 316 -44.64 -42.23 64.27
C PHE UA 316 -44.60 -43.22 63.12
N LYS UA 317 -44.46 -44.50 63.43
CA LYS UA 317 -44.38 -45.51 62.40
C LYS UA 317 -45.18 -46.74 62.80
N LEU UA 318 -45.94 -47.26 61.84
CA LEU UA 318 -46.57 -48.57 61.95
C LEU UA 318 -45.99 -49.46 60.86
N PHE UA 319 -45.58 -50.66 61.24
CA PHE UA 319 -44.87 -51.52 60.30
C PHE UA 319 -44.94 -52.95 60.77
N ASN UA 320 -44.50 -53.86 59.91
CA ASN UA 320 -44.52 -55.29 60.16
C ASN UA 320 -45.92 -55.74 60.58
N ILE UA 321 -46.90 -55.27 59.83
CA ILE UA 321 -48.29 -55.56 60.13
C ILE UA 321 -48.60 -56.99 59.74
N GLN UA 322 -49.23 -57.72 60.64
CA GLN UA 322 -49.69 -59.07 60.38
C GLN UA 322 -51.17 -59.14 60.74
N VAL UA 323 -52.01 -59.43 59.77
CA VAL UA 323 -53.43 -59.64 60.02
C VAL UA 323 -53.67 -61.14 60.06
N LYS UA 324 -54.27 -61.61 61.14
CA LYS UA 324 -54.40 -63.04 61.39
C LYS UA 324 -55.87 -63.42 61.50
N GLU UA 325 -56.20 -64.55 60.89
CA GLU UA 325 -57.54 -65.11 60.93
C GLU UA 325 -57.58 -66.23 61.95
N VAL UA 326 -58.59 -66.20 62.81
CA VAL UA 326 -58.78 -67.24 63.82
C VAL UA 326 -60.10 -67.93 63.56
N THR UA 327 -60.08 -69.25 63.50
CA THR UA 327 -61.27 -70.04 63.22
C THR UA 327 -61.66 -70.90 64.40
N LYS UA 333 -59.28 -74.20 68.00
CA LYS UA 333 -58.94 -72.87 67.51
C LYS UA 333 -57.61 -72.88 66.76
N THR UA 334 -57.63 -72.41 65.52
CA THR UA 334 -56.43 -72.26 64.72
C THR UA 334 -56.29 -70.82 64.27
N ILE UA 335 -55.07 -70.29 64.32
CA ILE UA 335 -54.76 -68.94 63.89
C ILE UA 335 -53.91 -69.03 62.64
N ALA UA 336 -54.34 -68.35 61.58
CA ALA UA 336 -53.62 -68.37 60.31
C ALA UA 336 -53.45 -66.95 59.81
N ASN UA 337 -52.41 -66.75 59.01
CA ASN UA 337 -52.20 -65.47 58.36
C ASN UA 337 -53.28 -65.23 57.32
N ASN UA 338 -53.78 -63.99 57.28
CA ASN UA 338 -54.72 -63.55 56.21
C ASN UA 338 -53.90 -62.53 55.42
N LEU UA 339 -53.12 -62.98 54.43
CA LEU UA 339 -52.16 -62.13 53.75
C LEU UA 339 -52.82 -60.98 53.00
N THR UA 340 -54.07 -61.14 52.57
CA THR UA 340 -54.75 -60.14 51.78
C THR UA 340 -55.62 -59.22 52.61
N SER UA 341 -55.67 -59.41 53.92
CA SER UA 341 -56.46 -58.54 54.78
C SER UA 341 -55.73 -57.24 55.05
N THR UA 342 -56.49 -56.19 55.35
CA THR UA 342 -55.94 -54.87 55.57
C THR UA 342 -56.30 -54.36 56.96
N ILE UA 343 -55.50 -53.42 57.42
CA ILE UA 343 -55.86 -52.55 58.53
C ILE UA 343 -56.00 -51.14 57.96
N GLN UA 344 -56.82 -50.33 58.61
CA GLN UA 344 -57.01 -48.94 58.23
C GLN UA 344 -56.40 -48.05 59.30
N VAL UA 345 -55.55 -47.13 58.89
CA VAL UA 345 -54.90 -46.21 59.80
C VAL UA 345 -55.07 -44.80 59.27
N PHE UA 346 -55.46 -43.87 60.13
CA PHE UA 346 -55.43 -42.47 59.77
C PHE UA 346 -55.17 -41.65 61.02
N THR UA 347 -54.59 -40.48 60.83
CA THR UA 347 -54.42 -39.51 61.90
C THR UA 347 -55.45 -38.41 61.75
N ASP UA 348 -56.07 -38.06 62.88
CA ASP UA 348 -56.99 -36.92 62.91
C ASP UA 348 -56.16 -35.64 62.95
N SER UA 349 -55.55 -35.33 61.81
CA SER UA 349 -54.61 -34.22 61.73
C SER UA 349 -55.30 -32.88 61.82
N GLU UA 350 -56.57 -32.80 61.42
CA GLU UA 350 -57.35 -31.59 61.53
C GLU UA 350 -58.10 -31.49 62.85
N TYR UA 351 -57.92 -32.45 63.76
CA TYR UA 351 -58.57 -32.45 65.06
C TYR UA 351 -60.09 -32.35 64.92
N GLN UA 352 -60.63 -33.09 63.97
CA GLN UA 352 -62.06 -33.11 63.72
C GLN UA 352 -62.79 -34.16 64.55
N LEU UA 353 -62.09 -35.03 65.17
CA LEU UA 353 -62.70 -36.02 66.04
C LEU UA 353 -62.60 -35.58 67.49
N PRO UA 354 -63.49 -36.04 68.35
CA PRO UA 354 -63.32 -35.81 69.79
C PRO UA 354 -61.98 -36.34 70.25
N TYR UA 355 -61.21 -35.48 70.90
CA TYR UA 355 -59.85 -35.81 71.31
C TYR UA 355 -59.91 -36.48 72.68
N VAL UA 356 -59.71 -37.80 72.70
CA VAL UA 356 -59.79 -38.56 73.94
C VAL UA 356 -58.43 -38.83 74.54
N LEU UA 357 -57.35 -38.52 73.85
CA LEU UA 357 -56.05 -38.49 74.50
C LEU UA 357 -56.02 -37.34 75.50
N GLY UA 358 -55.08 -37.43 76.43
CA GLY UA 358 -55.04 -36.42 77.47
C GLY UA 358 -56.12 -36.56 78.50
N SER UA 359 -56.68 -37.75 78.67
CA SER UA 359 -57.57 -38.05 79.78
C SER UA 359 -56.98 -39.11 80.70
N ALA UA 360 -55.66 -39.31 80.62
CA ALA UA 360 -54.93 -40.24 81.49
C ALA UA 360 -55.51 -41.65 81.41
N HIS UA 361 -55.83 -42.09 80.20
CA HIS UA 361 -56.43 -43.41 80.00
C HIS UA 361 -55.36 -44.47 79.86
N GLN UA 362 -55.73 -45.69 80.22
CA GLN UA 362 -54.89 -46.84 79.97
C GLN UA 362 -54.81 -47.11 78.46
N GLY UA 363 -53.90 -47.98 78.07
CA GLY UA 363 -53.72 -48.33 76.69
C GLY UA 363 -52.57 -47.64 76.00
N CYS UA 364 -51.78 -46.85 76.73
CA CYS UA 364 -50.59 -46.28 76.15
C CYS UA 364 -49.56 -47.37 75.88
N LEU UA 365 -48.51 -46.99 75.15
CA LEU UA 365 -47.40 -47.90 74.95
C LEU UA 365 -46.83 -48.31 76.30
N PRO UA 366 -46.54 -49.59 76.52
CA PRO UA 366 -46.07 -50.02 77.83
C PRO UA 366 -44.70 -49.41 78.13
N PRO UA 367 -44.40 -49.16 79.40
CA PRO UA 367 -43.07 -48.65 79.73
C PRO UA 367 -41.94 -49.59 79.34
N PHE UA 368 -42.16 -50.90 79.44
CA PHE UA 368 -41.11 -51.87 79.14
C PHE UA 368 -41.15 -52.23 77.67
N PRO UA 369 -40.04 -52.05 76.94
CA PRO UA 369 -40.08 -52.28 75.48
C PRO UA 369 -40.43 -53.71 75.10
N ALA UA 370 -40.09 -54.69 75.92
CA ALA UA 370 -40.40 -56.08 75.59
C ALA UA 370 -41.89 -56.39 75.75
N ASP UA 371 -42.67 -55.46 76.27
CA ASP UA 371 -44.06 -55.73 76.60
C ASP UA 371 -44.95 -55.57 75.36
N VAL UA 372 -45.76 -56.58 75.08
CA VAL UA 372 -46.73 -56.51 73.99
C VAL UA 372 -48.05 -56.02 74.55
N PHE UA 373 -48.61 -55.00 73.91
CA PHE UA 373 -49.80 -54.34 74.45
C PHE UA 373 -50.96 -54.40 73.48
N MET UA 374 -52.15 -54.37 74.05
CA MET UA 374 -53.40 -54.33 73.31
C MET UA 374 -53.79 -52.89 73.03
N ILE UA 375 -54.22 -52.63 71.80
CA ILE UA 375 -54.60 -51.28 71.41
C ILE UA 375 -55.97 -50.94 72.01
N PRO UA 376 -56.11 -49.81 72.71
CA PRO UA 376 -57.41 -49.48 73.30
C PRO UA 376 -58.44 -49.13 72.26
N GLN UA 377 -59.70 -49.37 72.61
CA GLN UA 377 -60.80 -49.07 71.71
C GLN UA 377 -61.16 -47.60 71.77
N TYR UA 378 -61.37 -46.99 70.61
CA TYR UA 378 -61.73 -45.59 70.55
C TYR UA 378 -63.21 -45.42 70.80
N GLY UA 379 -63.54 -44.56 71.76
CA GLY UA 379 -64.90 -44.11 71.97
C GLY UA 379 -64.87 -42.65 72.34
N TYR UA 380 -66.04 -42.02 72.27
CA TYR UA 380 -66.11 -40.61 72.59
C TYR UA 380 -67.46 -40.30 73.20
N LEU UA 381 -67.53 -39.16 73.86
CA LEU UA 381 -68.75 -38.68 74.47
C LEU UA 381 -69.18 -37.40 73.79
N THR UA 382 -70.48 -37.21 73.72
CA THR UA 382 -71.03 -35.97 73.20
C THR UA 382 -72.00 -35.42 74.24
N LEU UA 383 -72.78 -34.41 73.87
CA LEU UA 383 -73.70 -33.81 74.83
C LEU UA 383 -74.76 -34.81 75.25
N ASN UA 384 -75.08 -34.82 76.54
CA ASN UA 384 -76.08 -35.71 77.08
C ASN UA 384 -76.99 -34.96 78.03
N ASN UA 385 -78.23 -35.44 78.12
CA ASN UA 385 -79.20 -35.01 79.12
C ASN UA 385 -79.63 -36.30 79.82
N GLY UA 386 -78.96 -36.64 80.90
CA GLY UA 386 -79.12 -37.98 81.46
C GLY UA 386 -78.51 -38.99 80.52
N SER UA 387 -79.26 -40.03 80.18
CA SER UA 387 -78.83 -41.01 79.21
C SER UA 387 -79.23 -40.66 77.78
N GLN UA 388 -79.93 -39.56 77.59
CA GLN UA 388 -80.43 -39.16 76.28
C GLN UA 388 -79.46 -38.19 75.62
N ALA UA 389 -79.45 -38.24 74.29
CA ALA UA 389 -78.74 -37.22 73.53
C ALA UA 389 -79.63 -36.00 73.36
N VAL UA 390 -78.98 -34.88 73.04
CA VAL UA 390 -79.69 -33.67 72.67
C VAL UA 390 -79.45 -33.42 71.19
N GLY UA 391 -80.16 -32.43 70.65
CA GLY UA 391 -80.00 -32.10 69.24
C GLY UA 391 -78.61 -31.67 68.86
N ARG UA 392 -77.85 -31.15 69.82
CA ARG UA 392 -76.47 -30.72 69.57
C ARG UA 392 -75.47 -31.87 69.67
N SER UA 393 -75.91 -33.06 70.08
CA SER UA 393 -75.02 -34.20 70.17
C SER UA 393 -74.50 -34.56 68.78
N SER UA 394 -73.19 -34.80 68.71
CA SER UA 394 -72.53 -35.09 67.45
C SER UA 394 -72.23 -36.57 67.36
N PHE UA 395 -72.55 -37.16 66.21
CA PHE UA 395 -72.14 -38.53 65.89
C PHE UA 395 -71.05 -38.46 64.84
N TYR UA 396 -69.96 -39.19 65.07
CA TYR UA 396 -68.83 -39.22 64.16
C TYR UA 396 -68.63 -40.63 63.64
N CYS UA 397 -68.60 -40.77 62.32
CA CYS UA 397 -68.22 -42.01 61.67
C CYS UA 397 -66.75 -41.88 61.29
N LEU UA 398 -65.92 -42.75 61.86
CA LEU UA 398 -64.49 -42.67 61.56
C LEU UA 398 -64.17 -43.21 60.18
N GLU UA 399 -65.07 -44.01 59.59
CA GLU UA 399 -64.92 -44.39 58.20
C GLU UA 399 -65.13 -43.22 57.26
N TYR UA 400 -65.76 -42.15 57.74
CA TYR UA 400 -65.94 -40.94 56.96
C TYR UA 400 -64.65 -40.13 56.82
N PHE UA 401 -63.53 -40.67 57.24
CA PHE UA 401 -62.24 -40.04 57.09
C PHE UA 401 -61.41 -40.79 56.05
N PRO UA 402 -60.52 -40.11 55.34
CA PRO UA 402 -59.56 -40.83 54.51
C PRO UA 402 -58.59 -41.62 55.37
N SER UA 403 -58.50 -42.91 55.12
CA SER UA 403 -57.62 -43.79 55.86
C SER UA 403 -56.71 -44.51 54.90
N GLN UA 404 -55.46 -44.70 55.31
CA GLN UA 404 -54.55 -45.56 54.57
C GLN UA 404 -54.87 -47.01 54.92
N MET UA 405 -55.08 -47.84 53.91
CA MET UA 405 -55.28 -49.26 54.13
C MET UA 405 -53.97 -49.98 53.90
N LEU UA 406 -53.63 -50.87 54.82
CA LEU UA 406 -52.30 -51.50 54.86
C LEU UA 406 -52.47 -53.00 54.82
N ARG UA 407 -51.84 -53.65 53.85
CA ARG UA 407 -51.68 -55.08 53.90
C ARG UA 407 -50.39 -55.41 54.66
N THR UA 408 -50.06 -56.69 54.73
CA THR UA 408 -48.95 -57.13 55.57
C THR UA 408 -47.62 -56.53 55.12
N GLY UA 409 -47.50 -56.17 53.84
CA GLY UA 409 -46.28 -55.56 53.34
C GLY UA 409 -46.20 -54.06 53.46
N ASN UA 410 -47.28 -53.41 53.88
CA ASN UA 410 -47.33 -51.96 53.93
C ASN UA 410 -46.92 -51.44 55.30
N ASN UA 411 -46.49 -50.19 55.33
CA ASN UA 411 -46.20 -49.50 56.57
C ASN UA 411 -46.83 -48.12 56.53
N PHE UA 412 -47.05 -47.57 57.72
CA PHE UA 412 -47.64 -46.26 57.90
C PHE UA 412 -46.69 -45.40 58.70
N GLN UA 413 -46.58 -44.13 58.33
CA GLN UA 413 -45.74 -43.23 59.10
C GLN UA 413 -46.21 -41.80 58.89
N PHE UA 414 -46.01 -40.98 59.92
CA PHE UA 414 -46.25 -39.56 59.82
C PHE UA 414 -45.35 -38.84 60.80
N THR UA 415 -45.11 -37.57 60.54
CA THR UA 415 -44.32 -36.72 61.41
C THR UA 415 -45.19 -35.58 61.90
N TYR UA 416 -44.86 -35.11 63.10
CA TYR UA 416 -45.62 -34.04 63.74
C TYR UA 416 -44.63 -33.11 64.42
N THR UA 417 -44.89 -31.82 64.35
CA THR UA 417 -44.08 -30.81 65.01
C THR UA 417 -44.89 -30.20 66.14
N PHE UA 418 -44.34 -30.23 67.35
CA PHE UA 418 -44.98 -29.59 68.48
C PHE UA 418 -44.94 -28.08 68.31
N GLU UA 419 -46.01 -27.42 68.72
CA GLU UA 419 -46.00 -25.96 68.75
C GLU UA 419 -45.03 -25.49 69.83
N ASP UA 420 -44.70 -24.20 69.76
CA ASP UA 420 -43.82 -23.62 70.78
C ASP UA 420 -44.54 -23.65 72.12
N VAL UA 421 -44.09 -24.53 73.01
CA VAL UA 421 -44.70 -24.71 74.32
C VAL UA 421 -43.66 -24.29 75.34
N PRO UA 422 -44.04 -23.76 76.50
CA PRO UA 422 -43.04 -23.42 77.51
C PRO UA 422 -42.34 -24.67 78.03
N PHE UA 423 -41.08 -24.52 78.41
CA PHE UA 423 -40.36 -25.59 79.06
C PHE UA 423 -41.07 -25.98 80.34
N HIS UA 424 -41.18 -27.28 80.58
CA HIS UA 424 -41.65 -27.73 81.88
C HIS UA 424 -40.61 -27.39 82.94
N SER UA 425 -41.07 -26.89 84.08
CA SER UA 425 -40.16 -26.51 85.17
C SER UA 425 -39.65 -27.78 85.83
N SER UA 426 -38.50 -28.25 85.36
CA SER UA 426 -37.87 -29.43 85.94
C SER UA 426 -36.93 -29.04 87.08
N TYR UA 427 -37.45 -28.24 88.00
CA TYR UA 427 -36.67 -27.70 89.10
C TYR UA 427 -37.62 -27.34 90.23
N ALA UA 428 -37.07 -27.31 91.43
CA ALA UA 428 -37.76 -26.76 92.59
C ALA UA 428 -37.08 -25.47 93.01
N HIS UA 429 -37.85 -24.51 93.48
CA HIS UA 429 -37.28 -23.24 93.89
C HIS UA 429 -36.52 -23.40 95.20
N SER UA 430 -35.31 -22.86 95.24
CA SER UA 430 -34.51 -22.86 96.45
C SER UA 430 -34.77 -21.63 97.32
N GLN UA 431 -35.73 -20.81 96.91
CA GLN UA 431 -36.16 -19.67 97.70
C GLN UA 431 -37.68 -19.72 97.83
N SER UA 432 -38.18 -19.22 98.95
CA SER UA 432 -39.62 -19.08 99.13
C SER UA 432 -40.06 -17.69 98.71
N LEU UA 433 -41.32 -17.59 98.29
CA LEU UA 433 -41.84 -16.32 97.79
C LEU UA 433 -41.86 -15.26 98.88
N ASP UA 434 -42.07 -15.64 100.13
CA ASP UA 434 -42.09 -14.71 101.24
C ASP UA 434 -40.71 -14.49 101.84
N ARG UA 435 -39.67 -15.02 101.23
CA ARG UA 435 -38.30 -14.90 101.72
C ARG UA 435 -37.36 -14.48 100.61
N LEU UA 436 -37.80 -13.52 99.79
CA LEU UA 436 -36.98 -13.03 98.69
C LEU UA 436 -36.15 -11.82 99.06
N MET UA 437 -36.27 -11.35 100.28
CA MET UA 437 -35.64 -10.11 100.72
C MET UA 437 -34.27 -10.36 101.34
N ASN UA 438 -33.49 -9.30 101.42
CA ASN UA 438 -32.20 -9.32 102.10
C ASN UA 438 -32.44 -9.45 103.59
N PRO UA 439 -31.94 -10.50 104.25
CA PRO UA 439 -32.18 -10.68 105.68
C PRO UA 439 -31.31 -9.82 106.59
N LEU UA 440 -30.55 -8.87 106.05
CA LEU UA 440 -29.69 -8.03 106.86
C LEU UA 440 -30.11 -6.58 106.88
N ILE UA 441 -30.95 -6.15 105.95
CA ILE UA 441 -31.27 -4.74 105.75
C ILE UA 441 -32.74 -4.53 106.05
N ASP UA 442 -33.04 -3.45 106.76
CA ASP UA 442 -34.42 -3.06 106.97
C ASP UA 442 -35.01 -2.52 105.68
N GLN UA 443 -36.34 -2.54 105.62
CA GLN UA 443 -37.04 -1.87 104.54
C GLN UA 443 -37.18 -0.39 104.87
N TYR UA 444 -37.19 0.44 103.82
CA TYR UA 444 -37.53 1.84 104.03
C TYR UA 444 -39.03 2.06 104.11
N LEU UA 445 -39.83 1.08 103.72
CA LEU UA 445 -41.26 1.16 103.85
C LEU UA 445 -41.69 0.81 105.28
N TYR UA 446 -42.76 1.45 105.73
CA TYR UA 446 -43.32 1.20 107.04
C TYR UA 446 -44.60 0.38 106.92
N TYR UA 447 -44.91 -0.34 107.97
CA TYR UA 447 -46.17 -1.03 108.10
C TYR UA 447 -46.82 -0.64 109.42
N LEU UA 448 -48.15 -0.69 109.45
CA LEU UA 448 -48.86 -0.45 110.69
C LEU UA 448 -48.54 -1.55 111.68
N SER UA 449 -47.78 -1.22 112.72
CA SER UA 449 -47.30 -2.23 113.66
C SER UA 449 -48.14 -2.32 114.92
N ARG UA 450 -48.78 -1.23 115.33
CA ARG UA 450 -49.65 -1.26 116.50
C ARG UA 450 -50.80 -0.30 116.30
N THR UA 451 -51.97 -0.68 116.82
CA THR UA 451 -53.14 0.17 116.83
C THR UA 451 -53.57 0.54 118.24
N GLN UA 452 -52.85 0.09 119.26
CA GLN UA 452 -53.21 0.33 120.65
C GLN UA 452 -51.94 0.60 121.45
N THR UA 453 -52.02 1.56 122.37
CA THR UA 453 -50.85 1.91 123.18
C THR UA 453 -50.45 0.79 124.12
N ASN UA 459 -55.21 0.88 128.00
CA ASN UA 459 -54.59 1.31 126.75
C ASN UA 459 -55.61 1.93 125.82
N THR UA 460 -55.16 2.87 125.00
CA THR UA 460 -56.01 3.63 124.10
C THR UA 460 -55.59 3.40 122.66
N GLN UA 461 -56.43 3.87 121.74
CA GLN UA 461 -56.11 3.75 120.33
C GLN UA 461 -54.91 4.62 119.96
N THR UA 462 -54.11 4.12 119.03
CA THR UA 462 -52.96 4.85 118.51
C THR UA 462 -52.63 4.28 117.15
N LEU UA 463 -51.67 4.89 116.48
CA LEU UA 463 -51.15 4.38 115.22
C LEU UA 463 -49.63 4.35 115.32
N GLY UA 464 -49.08 3.15 115.48
CA GLY UA 464 -47.65 2.94 115.50
C GLY UA 464 -47.21 2.25 114.22
N PHE UA 465 -46.13 2.76 113.64
CA PHE UA 465 -45.62 2.26 112.38
C PHE UA 465 -44.17 1.83 112.57
N SER UA 466 -43.82 0.67 112.02
CA SER UA 466 -42.48 0.14 112.12
C SER UA 466 -41.99 -0.20 110.72
N GLN UA 467 -40.67 -0.25 110.59
CA GLN UA 467 -40.05 -0.66 109.35
C GLN UA 467 -39.85 -2.16 109.36
N GLY UA 468 -40.29 -2.83 108.29
CA GLY UA 468 -40.05 -4.25 108.14
C GLY UA 468 -38.57 -4.55 108.10
N GLY UA 469 -38.14 -5.53 108.87
CA GLY UA 469 -36.74 -5.86 108.95
C GLY UA 469 -36.51 -7.36 109.03
N PRO UA 470 -35.28 -7.74 109.39
CA PRO UA 470 -34.95 -9.17 109.46
C PRO UA 470 -35.81 -9.95 110.43
N ASN UA 471 -36.30 -9.32 111.49
CA ASN UA 471 -37.09 -10.01 112.49
C ASN UA 471 -38.58 -9.98 112.21
N THR UA 472 -39.09 -8.88 111.66
CA THR UA 472 -40.49 -8.78 111.29
C THR UA 472 -40.68 -9.09 109.80
N MET UA 473 -40.23 -10.27 109.43
CA MET UA 473 -40.16 -10.64 108.02
C MET UA 473 -41.55 -10.93 107.46
N ALA UA 474 -42.48 -11.37 108.31
CA ALA UA 474 -43.85 -11.56 107.88
C ALA UA 474 -44.56 -10.24 107.59
N ASN UA 475 -44.10 -9.14 108.18
CA ASN UA 475 -44.74 -7.84 108.00
C ASN UA 475 -44.16 -7.05 106.83
N GLN UA 476 -43.07 -7.51 106.23
CA GLN UA 476 -42.39 -6.73 105.20
C GLN UA 476 -43.28 -6.55 103.97
N ALA UA 477 -43.15 -5.39 103.35
CA ALA UA 477 -43.78 -5.17 102.06
C ALA UA 477 -43.17 -6.11 101.03
N LYS UA 478 -44.03 -6.71 100.21
CA LYS UA 478 -43.60 -7.69 99.23
C LYS UA 478 -44.26 -7.41 97.89
N ASN UA 479 -43.61 -7.87 96.83
CA ASN UA 479 -44.06 -7.57 95.47
C ASN UA 479 -44.98 -8.63 94.89
N TRP UA 480 -45.05 -9.82 95.48
CA TRP UA 480 -45.69 -10.94 94.83
C TRP UA 480 -46.57 -11.69 95.81
N LEU UA 481 -47.53 -12.42 95.26
CA LEU UA 481 -48.46 -13.23 96.02
C LEU UA 481 -48.35 -14.69 95.59
N PRO UA 482 -48.65 -15.62 96.48
CA PRO UA 482 -48.66 -17.04 96.09
C PRO UA 482 -49.76 -17.31 95.09
N GLY UA 483 -49.56 -18.35 94.31
CA GLY UA 483 -50.49 -18.74 93.28
C GLY UA 483 -51.89 -18.99 93.80
N PRO UA 484 -52.82 -19.22 92.88
CA PRO UA 484 -54.23 -19.34 93.28
C PRO UA 484 -54.49 -20.62 94.05
N CYS UA 485 -55.58 -20.61 94.81
CA CYS UA 485 -55.93 -21.68 95.72
C CYS UA 485 -57.36 -22.15 95.47
N TYR UA 486 -57.56 -23.47 95.53
CA TYR UA 486 -58.88 -24.09 95.47
C TYR UA 486 -58.85 -25.21 96.51
N ARG UA 487 -59.20 -24.87 97.74
CA ARG UA 487 -58.81 -25.69 98.89
C ARG UA 487 -59.39 -27.10 98.81
N GLN UA 488 -58.55 -28.07 99.11
CA GLN UA 488 -58.92 -29.48 99.15
C GLN UA 488 -58.94 -29.97 100.58
N GLN UA 489 -59.74 -31.00 100.83
CA GLN UA 489 -59.77 -31.62 102.14
C GLN UA 489 -58.47 -32.39 102.39
N ARG UA 490 -58.00 -32.34 103.63
CA ARG UA 490 -56.76 -33.00 103.99
C ARG UA 490 -57.04 -34.43 104.44
N VAL UA 491 -56.28 -35.37 103.90
CA VAL UA 491 -56.38 -36.78 104.26
C VAL UA 491 -55.02 -37.24 104.73
N SER UA 492 -54.98 -37.96 105.84
CA SER UA 492 -53.75 -38.50 106.40
C SER UA 492 -53.56 -39.93 105.94
N THR UA 493 -52.35 -40.27 105.50
CA THR UA 493 -52.04 -41.65 105.21
C THR UA 493 -52.04 -42.51 106.46
N THR UA 494 -51.87 -41.91 107.64
CA THR UA 494 -52.13 -42.56 108.91
C THR UA 494 -53.64 -42.52 109.14
N THR UA 495 -54.32 -43.63 108.84
CA THR UA 495 -55.77 -43.60 108.78
C THR UA 495 -56.41 -43.26 110.12
N GLY UA 496 -55.75 -43.59 111.22
CA GLY UA 496 -56.28 -43.26 112.53
C GLY UA 496 -56.45 -41.77 112.76
N GLN UA 497 -55.71 -40.94 112.04
CA GLN UA 497 -55.84 -39.50 112.14
C GLN UA 497 -56.98 -38.95 111.30
N ASN UA 498 -57.61 -39.77 110.47
CA ASN UA 498 -58.71 -39.31 109.63
C ASN UA 498 -60.03 -39.44 110.36
N ASN UA 499 -61.00 -38.64 109.92
CA ASN UA 499 -62.35 -38.75 110.44
C ASN UA 499 -62.94 -40.11 110.09
N ASN UA 500 -63.65 -40.71 111.04
CA ASN UA 500 -64.26 -42.01 110.83
C ASN UA 500 -65.57 -41.84 110.06
N SER UA 501 -65.42 -41.55 108.78
CA SER UA 501 -66.55 -41.41 107.88
C SER UA 501 -66.05 -41.60 106.45
N ASN UA 502 -66.99 -41.86 105.54
CA ASN UA 502 -66.69 -42.01 104.13
C ASN UA 502 -66.91 -40.66 103.47
N PHE UA 503 -65.84 -39.87 103.38
CA PHE UA 503 -65.93 -38.49 102.91
C PHE UA 503 -65.15 -38.25 101.64
N ALA UA 504 -64.73 -39.30 100.93
CA ALA UA 504 -63.95 -39.10 99.72
C ALA UA 504 -64.73 -38.30 98.68
N TRP UA 505 -66.02 -38.57 98.54
CA TRP UA 505 -66.87 -37.83 97.62
C TRP UA 505 -67.60 -36.68 98.29
N THR UA 506 -68.18 -36.91 99.47
CA THR UA 506 -68.97 -35.87 100.13
C THR UA 506 -68.11 -34.67 100.49
N ALA UA 507 -66.91 -34.90 100.99
CA ALA UA 507 -65.97 -33.82 101.28
C ALA UA 507 -65.03 -33.53 100.13
N GLY UA 508 -65.22 -34.19 98.99
CA GLY UA 508 -64.34 -33.95 97.86
C GLY UA 508 -64.45 -32.53 97.34
N THR UA 509 -63.34 -32.03 96.84
CA THR UA 509 -63.31 -30.70 96.24
C THR UA 509 -63.78 -30.81 94.80
N LYS UA 510 -64.86 -30.13 94.46
CA LYS UA 510 -65.57 -30.38 93.23
C LYS UA 510 -65.80 -29.07 92.48
N TYR UA 511 -66.04 -29.20 91.19
CA TYR UA 511 -66.62 -28.13 90.41
C TYR UA 511 -67.98 -28.55 89.89
N HIS UA 512 -68.81 -27.55 89.59
CA HIS UA 512 -70.19 -27.76 89.18
C HIS UA 512 -70.32 -27.31 87.73
N LEU UA 513 -70.81 -28.20 86.88
CA LEU UA 513 -70.96 -27.90 85.46
C LEU UA 513 -72.25 -28.52 84.96
N ASN UA 514 -73.19 -27.67 84.53
CA ASN UA 514 -74.47 -28.09 83.98
C ASN UA 514 -75.19 -29.06 84.92
N GLY UA 515 -75.27 -28.67 86.19
CA GLY UA 515 -75.93 -29.48 87.18
C GLY UA 515 -75.23 -30.78 87.51
N ARG UA 516 -74.00 -30.96 87.06
CA ARG UA 516 -73.24 -32.17 87.31
C ARG UA 516 -72.03 -31.81 88.17
N ASN UA 517 -71.80 -32.61 89.20
CA ASN UA 517 -70.66 -32.41 90.09
C ASN UA 517 -69.53 -33.33 89.66
N SER UA 518 -68.35 -32.77 89.49
CA SER UA 518 -67.16 -33.52 89.15
C SER UA 518 -66.05 -33.11 90.09
N LEU UA 519 -65.24 -34.07 90.53
CA LEU UA 519 -64.11 -33.75 91.37
C LEU UA 519 -63.14 -32.82 90.64
N ALA UA 520 -62.64 -31.81 91.35
CA ALA UA 520 -61.55 -31.00 90.85
C ALA UA 520 -60.27 -31.79 91.08
N ASN UA 521 -60.07 -32.78 90.22
CA ASN UA 521 -59.07 -33.83 90.43
C ASN UA 521 -58.11 -33.85 89.25
N PRO UA 522 -56.82 -33.56 89.45
CA PRO UA 522 -56.24 -33.19 90.75
C PRO UA 522 -56.39 -31.71 91.07
N GLY UA 523 -57.07 -30.97 90.20
CA GLY UA 523 -57.25 -29.56 90.42
C GLY UA 523 -56.01 -28.76 90.11
N ILE UA 524 -56.04 -27.50 90.54
CA ILE UA 524 -54.93 -26.59 90.26
C ILE UA 524 -53.70 -27.02 91.04
N ALA UA 525 -52.54 -26.64 90.51
CA ALA UA 525 -51.27 -27.02 91.12
C ALA UA 525 -51.11 -26.32 92.46
N MET UA 526 -51.20 -27.09 93.54
CA MET UA 526 -50.93 -26.59 94.87
C MET UA 526 -50.02 -27.57 95.58
N ALA UA 527 -49.26 -27.05 96.54
CA ALA UA 527 -48.37 -27.90 97.32
C ALA UA 527 -49.17 -28.96 98.06
N THR UA 528 -48.70 -30.20 97.98
CA THR UA 528 -49.42 -31.31 98.58
C THR UA 528 -49.56 -31.14 100.09
N HIS UA 529 -48.51 -30.67 100.73
CA HIS UA 529 -48.50 -30.51 102.18
C HIS UA 529 -47.44 -29.46 102.52
N LYS UA 530 -47.47 -28.98 103.75
CA LYS UA 530 -46.47 -28.05 104.21
C LYS UA 530 -45.32 -28.82 104.84
N ASP UA 531 -44.41 -28.10 105.50
CA ASP UA 531 -43.24 -28.73 106.10
C ASP UA 531 -43.64 -29.76 107.15
N ASP UA 532 -42.96 -30.91 107.11
CA ASP UA 532 -43.11 -31.96 108.12
C ASP UA 532 -44.52 -32.52 108.18
N GLU UA 533 -45.22 -32.54 107.05
CA GLU UA 533 -46.58 -33.08 106.98
C GLU UA 533 -46.72 -33.98 105.75
N GLU UA 534 -45.71 -34.82 105.50
CA GLU UA 534 -45.71 -35.68 104.33
C GLU UA 534 -46.87 -36.66 104.35
N ARG UA 535 -47.35 -37.02 105.55
CA ARG UA 535 -48.45 -37.96 105.67
C ARG UA 535 -49.78 -37.40 105.17
N PHE UA 536 -49.87 -36.09 104.97
CA PHE UA 536 -51.11 -35.45 104.55
C PHE UA 536 -51.10 -35.23 103.05
N PHE UA 537 -52.24 -35.45 102.42
CA PHE UA 537 -52.40 -35.15 101.01
C PHE UA 537 -53.81 -34.62 100.77
N PRO UA 538 -53.99 -33.77 99.77
CA PRO UA 538 -55.35 -33.38 99.39
C PRO UA 538 -56.13 -34.58 98.88
N SER UA 539 -57.43 -34.61 99.23
CA SER UA 539 -58.21 -35.82 98.99
C SER UA 539 -58.29 -36.17 97.51
N ASN UA 540 -58.46 -35.16 96.65
CA ASN UA 540 -58.41 -35.38 95.20
C ASN UA 540 -57.55 -34.30 94.55
N GLY UA 541 -56.38 -34.07 95.12
CA GLY UA 541 -55.52 -33.00 94.65
C GLY UA 541 -54.13 -33.44 94.24
N ILE UA 542 -53.91 -34.74 94.09
CA ILE UA 542 -52.63 -35.28 93.67
C ILE UA 542 -52.87 -36.38 92.64
N LEU UA 543 -51.85 -36.61 91.82
CA LEU UA 543 -51.84 -37.78 90.95
C LEU UA 543 -51.52 -39.01 91.78
N ILE UA 544 -52.32 -40.05 91.63
CA ILE UA 544 -52.11 -41.31 92.34
C ILE UA 544 -51.93 -42.39 91.29
N PHE UA 545 -50.74 -42.96 91.25
CA PHE UA 545 -50.44 -44.07 90.36
C PHE UA 545 -50.55 -45.38 91.12
N GLY UA 546 -50.99 -46.41 90.41
CA GLY UA 546 -51.09 -47.73 91.00
C GLY UA 546 -49.78 -48.49 90.85
N LYS UA 547 -49.42 -49.24 91.89
CA LYS UA 547 -48.33 -50.18 91.76
C LYS UA 547 -48.74 -51.31 90.84
N GLN UA 548 -47.76 -52.10 90.42
CA GLN UA 548 -48.05 -53.21 89.53
C GLN UA 548 -49.03 -54.17 90.20
N ASN UA 549 -50.04 -54.60 89.44
CA ASN UA 549 -51.08 -55.52 89.92
C ASN UA 549 -51.95 -54.89 91.01
N ALA UA 550 -52.03 -53.57 91.04
CA ALA UA 550 -52.98 -52.91 91.94
C ALA UA 550 -54.40 -53.12 91.43
N ALA UA 551 -55.33 -53.30 92.36
CA ALA UA 551 -56.72 -53.52 91.99
C ALA UA 551 -57.30 -52.29 91.33
N ARG UA 552 -58.20 -52.51 90.37
CA ARG UA 552 -58.88 -51.40 89.73
C ARG UA 552 -59.74 -50.62 90.73
N ASP UA 553 -60.46 -51.32 91.59
CA ASP UA 553 -61.35 -50.69 92.56
C ASP UA 553 -60.88 -50.99 93.98
N ASN UA 554 -60.90 -49.97 94.83
CA ASN UA 554 -60.60 -50.10 96.25
C ASN UA 554 -59.23 -50.73 96.48
N ALA UA 555 -58.23 -50.24 95.76
CA ALA UA 555 -56.86 -50.61 96.04
C ALA UA 555 -56.43 -50.00 97.36
N ASP UA 556 -55.71 -50.77 98.16
CA ASP UA 556 -55.23 -50.27 99.44
C ASP UA 556 -54.15 -49.22 99.22
N TYR UA 557 -53.87 -48.45 100.27
CA TYR UA 557 -52.84 -47.42 100.18
C TYR UA 557 -51.48 -48.02 99.84
N SER UA 558 -51.23 -49.26 100.27
CA SER UA 558 -49.97 -49.91 99.95
C SER UA 558 -49.88 -50.31 98.49
N ASP UA 559 -51.00 -50.36 97.77
CA ASP UA 559 -51.01 -50.73 96.37
C ASP UA 559 -50.95 -49.53 95.43
N VAL UA 560 -50.92 -48.30 95.95
CA VAL UA 560 -50.91 -47.12 95.11
C VAL UA 560 -49.68 -46.30 95.46
N MET UA 561 -49.34 -45.38 94.55
CA MET UA 561 -48.17 -44.54 94.66
C MET UA 561 -48.65 -43.08 94.66
N LEU UA 562 -48.66 -42.46 95.82
CA LEU UA 562 -49.06 -41.06 95.92
C LEU UA 562 -47.93 -40.17 95.45
N THR UA 563 -48.25 -39.24 94.55
CA THR UA 563 -47.29 -38.20 94.21
C THR UA 563 -47.35 -37.07 95.24
N SER UA 564 -46.33 -36.24 95.23
CA SER UA 564 -46.28 -35.10 96.14
C SER UA 564 -45.77 -33.88 95.38
N GLU UA 565 -46.52 -32.79 95.47
CA GLU UA 565 -46.11 -31.51 94.88
C GLU UA 565 -45.53 -30.59 95.94
N GLU UA 566 -44.81 -31.14 96.92
CA GLU UA 566 -44.25 -30.31 97.98
C GLU UA 566 -43.17 -29.37 97.47
N GLU UA 567 -42.60 -29.62 96.29
CA GLU UA 567 -41.57 -28.74 95.76
C GLU UA 567 -42.09 -27.34 95.46
N ILE UA 568 -43.39 -27.20 95.24
CA ILE UA 568 -43.98 -25.90 94.93
C ILE UA 568 -44.53 -25.20 96.16
N LYS UA 569 -44.16 -25.67 97.36
CA LYS UA 569 -44.49 -24.94 98.58
C LYS UA 569 -43.97 -23.52 98.53
N THR UA 570 -42.86 -23.30 97.85
CA THR UA 570 -42.20 -22.00 97.83
C THR UA 570 -43.04 -20.95 97.13
N THR UA 571 -43.89 -21.35 96.22
CA THR UA 571 -44.66 -20.41 95.44
C THR UA 571 -46.16 -20.69 95.48
N ASN UA 572 -46.56 -21.95 95.52
CA ASN UA 572 -47.98 -22.27 95.52
C ASN UA 572 -48.46 -22.53 96.94
N PRO UA 573 -49.68 -22.11 97.26
CA PRO UA 573 -50.24 -22.40 98.58
C PRO UA 573 -50.45 -23.90 98.75
N VAL UA 574 -50.41 -24.34 100.00
CA VAL UA 574 -50.66 -25.74 100.32
C VAL UA 574 -52.10 -26.08 99.97
N ALA UA 575 -52.28 -27.23 99.32
CA ALA UA 575 -53.59 -27.59 98.77
C ALA UA 575 -54.66 -27.71 99.85
N THR UA 576 -54.27 -28.07 101.07
CA THR UA 576 -55.21 -28.31 102.14
C THR UA 576 -55.32 -27.15 103.11
N GLU UA 577 -54.68 -26.03 102.82
CA GLU UA 577 -54.71 -24.87 103.67
C GLU UA 577 -55.42 -23.73 102.96
N GLU UA 578 -55.85 -22.75 103.74
CA GLU UA 578 -56.46 -21.55 103.18
C GLU UA 578 -55.42 -20.72 102.44
N TYR UA 579 -55.88 -19.97 101.45
CA TYR UA 579 -54.97 -19.07 100.73
C TYR UA 579 -54.45 -17.98 101.65
N GLY UA 580 -55.33 -17.41 102.47
CA GLY UA 580 -54.94 -16.31 103.31
C GLY UA 580 -56.12 -15.78 104.08
N ILE UA 581 -55.99 -14.56 104.56
CA ILE UA 581 -56.97 -13.93 105.42
C ILE UA 581 -57.33 -12.57 104.83
N VAL UA 582 -58.62 -12.27 104.75
CA VAL UA 582 -59.09 -10.97 104.31
C VAL UA 582 -60.02 -10.40 105.39
N ALA UA 583 -60.17 -9.09 105.36
CA ALA UA 583 -61.12 -8.43 106.24
C ALA UA 583 -62.55 -8.78 105.84
N ASP UA 584 -63.40 -8.99 106.84
CA ASP UA 584 -64.79 -9.31 106.60
C ASP UA 584 -65.75 -8.19 106.95
N ASN UA 585 -65.26 -7.10 107.54
CA ASN UA 585 -66.13 -6.01 107.96
C ASN UA 585 -65.30 -4.73 107.99
N LEU UA 586 -65.91 -3.67 108.50
CA LEU UA 586 -65.25 -2.39 108.75
C LEU UA 586 -65.18 -2.19 110.25
N GLN UA 587 -63.98 -2.27 110.81
CA GLN UA 587 -63.83 -2.08 112.25
C GLN UA 587 -64.10 -0.63 112.62
N GLN UA 588 -64.78 -0.43 113.74
CA GLN UA 588 -65.00 0.88 114.34
C GLN UA 588 -64.66 0.78 115.82
N GLN UA 589 -64.80 1.90 116.53
CA GLN UA 589 -64.56 1.87 117.96
C GLN UA 589 -65.52 0.96 118.70
N ASN UA 590 -66.66 0.61 118.09
CA ASN UA 590 -67.62 -0.28 118.70
C ASN UA 590 -67.67 -1.66 118.08
N THR UA 591 -67.09 -1.86 116.89
CA THR UA 591 -67.09 -3.16 116.23
C THR UA 591 -65.65 -3.62 116.03
N ALA UA 592 -65.31 -4.75 116.64
CA ALA UA 592 -63.99 -5.30 116.49
C ALA UA 592 -63.80 -5.81 115.05
N PRO UA 593 -62.59 -5.70 114.51
CA PRO UA 593 -62.35 -6.19 113.15
C PRO UA 593 -62.58 -7.69 113.06
N GLN UA 594 -63.19 -8.11 111.95
CA GLN UA 594 -63.45 -9.50 111.67
C GLN UA 594 -62.67 -9.92 110.44
N ILE UA 595 -62.20 -11.17 110.44
CA ILE UA 595 -61.39 -11.68 109.36
C ILE UA 595 -62.11 -12.84 108.69
N GLY UA 596 -61.93 -12.95 107.38
CA GLY UA 596 -62.47 -14.03 106.59
C GLY UA 596 -61.35 -14.91 106.09
N THR UA 597 -61.57 -16.22 106.13
CA THR UA 597 -60.60 -17.19 105.67
C THR UA 597 -60.85 -17.47 104.18
N VAL UA 598 -59.85 -17.21 103.35
CA VAL UA 598 -59.96 -17.38 101.92
C VAL UA 598 -59.62 -18.83 101.59
N ASN UA 599 -60.64 -19.63 101.30
CA ASN UA 599 -60.45 -21.03 100.93
C ASN UA 599 -60.43 -21.23 99.44
N SER UA 600 -60.72 -20.20 98.65
CA SER UA 600 -60.66 -20.28 97.20
C SER UA 600 -60.27 -18.90 96.69
N GLN UA 601 -59.15 -18.83 95.98
CA GLN UA 601 -58.64 -17.55 95.51
C GLN UA 601 -58.31 -17.68 94.04
N GLY UA 602 -59.01 -16.91 93.21
CA GLY UA 602 -58.70 -16.81 91.81
C GLY UA 602 -57.49 -15.92 91.58
N ALA UA 603 -57.17 -15.72 90.30
CA ALA UA 603 -55.97 -14.99 89.94
C ALA UA 603 -56.02 -13.56 90.45
N LEU UA 604 -54.94 -13.15 91.11
CA LEU UA 604 -54.73 -11.78 91.54
C LEU UA 604 -53.47 -11.24 90.88
N PRO UA 605 -53.42 -9.94 90.60
CA PRO UA 605 -52.19 -9.36 90.04
C PRO UA 605 -51.03 -9.55 91.01
N GLY UA 606 -49.86 -9.78 90.45
CA GLY UA 606 -48.69 -10.08 91.25
C GLY UA 606 -48.60 -11.51 91.73
N MET UA 607 -49.55 -12.36 91.37
CA MET UA 607 -49.51 -13.74 91.81
C MET UA 607 -48.59 -14.54 90.89
N VAL UA 608 -47.79 -15.42 91.49
CA VAL UA 608 -46.92 -16.32 90.75
C VAL UA 608 -47.15 -17.72 91.27
N TRP UA 609 -46.97 -18.71 90.40
CA TRP UA 609 -47.19 -20.09 90.79
C TRP UA 609 -46.40 -21.01 89.87
N GLN UA 610 -46.25 -22.25 90.32
CA GLN UA 610 -45.66 -23.32 89.53
C GLN UA 610 -46.76 -24.28 89.08
N ASN UA 611 -46.53 -24.91 87.94
CA ASN UA 611 -47.44 -25.95 87.49
C ASN UA 611 -47.18 -27.24 88.24
N ARG UA 612 -48.10 -28.18 88.08
CA ARG UA 612 -47.90 -29.51 88.63
C ARG UA 612 -46.70 -30.17 87.95
N ASP UA 613 -45.97 -30.97 88.73
CA ASP UA 613 -44.84 -31.70 88.18
C ASP UA 613 -45.33 -32.77 87.20
N VAL UA 614 -44.46 -33.10 86.26
CA VAL UA 614 -44.70 -34.26 85.40
C VAL UA 614 -43.97 -35.45 86.01
N TYR UA 615 -44.42 -36.64 85.64
CA TYR UA 615 -43.88 -37.87 86.20
C TYR UA 615 -43.55 -38.83 85.07
N LEU UA 616 -42.61 -39.74 85.36
CA LEU UA 616 -42.26 -40.75 84.38
C LEU UA 616 -43.48 -41.56 83.96
N GLN UA 617 -44.37 -41.86 84.90
CA GLN UA 617 -45.61 -42.56 84.62
C GLN UA 617 -46.74 -41.63 84.21
N GLY UA 618 -46.55 -40.32 84.28
CA GLY UA 618 -47.62 -39.38 84.09
C GLY UA 618 -47.84 -39.00 82.64
N PRO UA 619 -48.89 -38.23 82.38
CA PRO UA 619 -49.15 -37.77 81.01
C PRO UA 619 -48.15 -36.73 80.55
N ILE UA 620 -48.00 -36.64 79.23
CA ILE UA 620 -47.10 -35.68 78.62
C ILE UA 620 -47.82 -34.42 78.18
N TRP UA 621 -48.92 -34.55 77.44
CA TRP UA 621 -49.60 -33.41 76.88
C TRP UA 621 -51.10 -33.58 77.04
N ALA UA 622 -51.81 -32.47 76.92
CA ALA UA 622 -53.25 -32.47 76.78
C ALA UA 622 -53.62 -31.46 75.72
N LYS UA 623 -54.73 -31.71 75.05
CA LYS UA 623 -55.26 -30.74 74.10
C LYS UA 623 -55.94 -29.63 74.87
N ILE UA 624 -55.52 -28.39 74.60
CA ILE UA 624 -56.22 -27.23 75.15
C ILE UA 624 -57.58 -27.18 74.47
N PRO UA 625 -58.67 -27.17 75.22
CA PRO UA 625 -60.00 -27.11 74.60
C PRO UA 625 -60.13 -25.85 73.76
N HIS UA 626 -60.78 -25.99 72.61
CA HIS UA 626 -60.99 -24.86 71.72
C HIS UA 626 -62.10 -23.99 72.29
N THR UA 627 -61.73 -22.96 73.03
CA THR UA 627 -62.67 -22.07 73.67
C THR UA 627 -62.27 -20.63 73.41
N ASP UA 628 -63.20 -19.72 73.69
CA ASP UA 628 -62.91 -18.30 73.56
C ASP UA 628 -61.81 -17.87 74.52
N GLY UA 629 -61.88 -18.34 75.75
CA GLY UA 629 -60.92 -17.92 76.75
C GLY UA 629 -60.43 -19.09 77.57
N ASN UA 630 -59.17 -19.02 77.95
CA ASN UA 630 -58.60 -19.90 78.95
C ASN UA 630 -57.64 -19.10 79.79
N PHE UA 631 -57.39 -19.57 80.99
CA PHE UA 631 -56.42 -18.95 81.88
C PHE UA 631 -55.33 -19.97 82.18
N HIS UA 632 -54.09 -19.62 81.82
CA HIS UA 632 -52.92 -20.46 82.01
C HIS UA 632 -53.23 -21.88 81.54
N PRO UA 633 -53.34 -22.11 80.25
CA PRO UA 633 -53.82 -23.41 79.77
C PRO UA 633 -52.78 -24.52 79.91
N SER UA 634 -52.30 -24.70 81.11
CA SER UA 634 -51.46 -25.84 81.43
C SER UA 634 -52.32 -26.96 82.00
N PRO UA 635 -52.23 -28.16 81.45
CA PRO UA 635 -53.13 -29.24 81.89
C PRO UA 635 -52.96 -29.52 83.37
N LEU UA 636 -54.09 -29.77 84.04
CA LEU UA 636 -54.07 -29.85 85.49
C LEU UA 636 -53.40 -31.13 85.99
N MET UA 637 -53.54 -32.24 85.29
CA MET UA 637 -52.79 -33.43 85.67
C MET UA 637 -51.33 -33.37 85.24
N GLY UA 638 -50.87 -32.21 84.77
CA GLY UA 638 -49.49 -32.02 84.45
C GLY UA 638 -49.20 -32.22 82.97
N GLY UA 639 -48.14 -31.59 82.51
CA GLY UA 639 -47.69 -31.75 81.15
C GLY UA 639 -47.82 -30.47 80.35
N PHE UA 640 -47.84 -30.64 79.04
CA PHE UA 640 -47.81 -29.53 78.10
C PHE UA 640 -49.20 -29.34 77.50
N GLY UA 641 -49.73 -28.14 77.63
CA GLY UA 641 -50.98 -27.82 76.98
C GLY UA 641 -50.75 -27.41 75.55
N LEU UA 642 -51.38 -28.10 74.60
CA LEU UA 642 -51.17 -27.86 73.19
C LEU UA 642 -52.50 -27.54 72.53
N LYS UA 643 -52.52 -26.44 71.77
CA LYS UA 643 -53.69 -26.16 70.94
C LYS UA 643 -53.84 -27.24 69.87
N HIS UA 644 -52.72 -27.68 69.29
CA HIS UA 644 -52.70 -28.71 68.26
C HIS UA 644 -51.78 -29.82 68.74
N PRO UA 645 -52.29 -30.72 69.57
CA PRO UA 645 -51.45 -31.78 70.13
C PRO UA 645 -51.11 -32.81 69.08
N PRO UA 646 -50.28 -33.79 69.41
CA PRO UA 646 -50.09 -34.92 68.50
C PRO UA 646 -51.43 -35.52 68.11
N PRO UA 647 -51.68 -35.69 66.82
CA PRO UA 647 -53.01 -36.12 66.38
C PRO UA 647 -53.31 -37.54 66.84
N GLN UA 648 -54.60 -37.80 67.06
CA GLN UA 648 -55.03 -39.15 67.34
C GLN UA 648 -54.74 -40.04 66.15
N ILE UA 649 -54.19 -41.21 66.40
CA ILE UA 649 -53.89 -42.18 65.36
C ILE UA 649 -54.89 -43.31 65.53
N LEU UA 650 -55.84 -43.40 64.60
CA LEU UA 650 -56.92 -44.36 64.67
C LEU UA 650 -56.57 -45.56 63.79
N ILE UA 651 -56.78 -46.75 64.32
CA ILE UA 651 -56.45 -47.98 63.61
C ILE UA 651 -57.61 -48.95 63.75
N LYS UA 652 -57.90 -49.67 62.67
CA LYS UA 652 -58.99 -50.63 62.66
C LYS UA 652 -58.66 -51.76 61.73
N ASN UA 653 -59.06 -52.97 62.11
CA ASN UA 653 -59.05 -54.09 61.19
C ASN UA 653 -60.18 -53.91 60.19
N THR UA 654 -59.85 -53.92 58.91
CA THR UA 654 -60.89 -53.82 57.89
C THR UA 654 -61.78 -55.06 57.97
N PRO UA 655 -63.10 -54.89 58.07
CA PRO UA 655 -63.96 -56.07 58.15
C PRO UA 655 -63.83 -56.93 56.90
N VAL UA 656 -63.71 -58.23 57.11
CA VAL UA 656 -63.68 -59.20 56.03
C VAL UA 656 -64.93 -60.07 56.16
N PRO UA 657 -65.92 -59.90 55.29
CA PRO UA 657 -67.15 -60.68 55.41
C PRO UA 657 -66.88 -62.16 55.26
N ALA UA 658 -67.64 -62.96 56.01
CA ALA UA 658 -67.72 -64.37 55.72
C ALA UA 658 -68.51 -64.56 54.42
N ASP UA 659 -68.73 -65.81 54.04
CA ASP UA 659 -69.38 -66.07 52.76
C ASP UA 659 -70.80 -65.50 52.78
N PRO UA 660 -71.13 -64.59 51.87
CA PRO UA 660 -72.49 -64.06 51.82
C PRO UA 660 -73.43 -65.09 51.23
N PRO UA 661 -74.74 -64.93 51.41
CA PRO UA 661 -75.69 -65.84 50.76
C PRO UA 661 -75.62 -65.73 49.26
N THR UA 662 -76.04 -66.79 48.58
CA THR UA 662 -76.01 -66.81 47.12
C THR UA 662 -77.21 -66.11 46.49
N THR UA 663 -78.16 -65.66 47.30
CA THR UA 663 -79.25 -64.82 46.84
C THR UA 663 -79.13 -63.47 47.51
N PHE UA 664 -79.40 -62.40 46.74
CA PHE UA 664 -79.14 -61.07 47.24
C PHE UA 664 -79.99 -60.74 48.45
N ASN UA 665 -79.36 -60.13 49.45
CA ASN UA 665 -80.03 -59.60 50.63
C ASN UA 665 -79.54 -58.19 50.85
N GLN UA 666 -80.47 -57.24 50.96
CA GLN UA 666 -80.11 -55.85 51.13
C GLN UA 666 -79.55 -55.54 52.51
N SER UA 667 -79.79 -56.41 53.48
CA SER UA 667 -79.35 -56.15 54.84
C SER UA 667 -77.84 -56.10 54.92
N LYS UA 668 -77.33 -55.24 55.80
CA LYS UA 668 -75.89 -55.16 56.01
C LYS UA 668 -75.36 -56.50 56.50
N LEU UA 669 -74.17 -56.86 56.05
CA LEU UA 669 -73.58 -58.12 56.45
C LEU UA 669 -73.16 -58.06 57.91
N ASN UA 670 -73.52 -59.10 58.66
CA ASN UA 670 -73.12 -59.22 60.05
C ASN UA 670 -72.27 -60.45 60.31
N SER UA 671 -72.01 -61.26 59.30
CA SER UA 671 -71.17 -62.44 59.42
C SER UA 671 -69.79 -62.07 58.90
N PHE UA 672 -68.82 -62.00 59.80
CA PHE UA 672 -67.47 -61.59 59.45
C PHE UA 672 -66.47 -62.65 59.86
N ILE UA 673 -65.37 -62.72 59.12
CA ILE UA 673 -64.27 -63.58 59.49
C ILE UA 673 -63.61 -63.03 60.74
N THR UA 674 -63.47 -63.87 61.76
CA THR UA 674 -62.85 -63.43 63.01
C THR UA 674 -61.38 -63.12 62.75
N GLN UA 675 -60.95 -61.95 63.19
CA GLN UA 675 -59.69 -61.42 62.69
C GLN UA 675 -59.10 -60.47 63.72
N TYR UA 676 -57.77 -60.48 63.79
CA TYR UA 676 -57.05 -59.50 64.59
C TYR UA 676 -55.73 -59.20 63.88
N SER UA 677 -55.16 -58.07 64.20
CA SER UA 677 -53.88 -57.67 63.62
C SER UA 677 -52.87 -57.43 64.71
N THR UA 678 -51.60 -57.64 64.34
CA THR UA 678 -50.49 -57.33 65.21
C THR UA 678 -49.41 -56.67 64.36
N GLY UA 679 -48.56 -55.90 65.02
CA GLY UA 679 -47.50 -55.24 64.32
C GLY UA 679 -46.60 -54.52 65.29
N GLN UA 680 -45.71 -53.72 64.75
CA GLN UA 680 -44.82 -52.91 65.55
C GLN UA 680 -45.16 -51.45 65.36
N VAL UA 681 -45.05 -50.68 66.43
CA VAL UA 681 -45.27 -49.25 66.41
C VAL UA 681 -44.02 -48.57 66.93
N SER UA 682 -43.54 -47.58 66.19
CA SER UA 682 -42.39 -46.79 66.60
C SER UA 682 -42.82 -45.35 66.76
N VAL UA 683 -42.47 -44.75 67.89
CA VAL UA 683 -42.67 -43.33 68.11
C VAL UA 683 -41.34 -42.72 68.51
N GLU UA 684 -40.92 -41.69 67.80
CA GLU UA 684 -39.68 -40.98 68.08
C GLU UA 684 -40.04 -39.54 68.43
N ILE UA 685 -39.63 -39.11 69.61
CA ILE UA 685 -39.88 -37.73 70.05
C ILE UA 685 -38.53 -37.07 70.29
N GLU UA 686 -38.34 -35.89 69.71
CA GLU UA 686 -37.19 -35.06 70.00
C GLU UA 686 -37.59 -34.05 71.06
N TRP UA 687 -36.84 -34.02 72.16
CA TRP UA 687 -37.08 -33.11 73.25
C TRP UA 687 -35.96 -32.08 73.31
N GLU UA 688 -36.34 -30.83 73.52
CA GLU UA 688 -35.37 -29.78 73.77
C GLU UA 688 -35.14 -29.67 75.27
N LEU UA 689 -33.89 -29.49 75.66
CA LEU UA 689 -33.50 -29.43 77.06
C LEU UA 689 -33.11 -28.02 77.45
N GLN UA 690 -33.48 -27.64 78.67
CA GLN UA 690 -32.98 -26.43 79.29
C GLN UA 690 -31.90 -26.82 80.29
N LYS UA 691 -30.64 -26.60 79.92
CA LYS UA 691 -29.54 -26.94 80.80
C LYS UA 691 -29.53 -26.03 82.02
N GLU UA 692 -29.22 -26.61 83.17
CA GLU UA 692 -29.12 -25.83 84.40
C GLU UA 692 -27.83 -25.02 84.37
N ASN UA 693 -27.94 -23.73 84.62
CA ASN UA 693 -26.80 -22.84 84.72
C ASN UA 693 -26.83 -22.22 86.12
N SER UA 694 -26.28 -22.94 87.07
CA SER UA 694 -26.46 -22.63 88.48
C SER UA 694 -25.11 -22.38 89.15
N LYS UA 695 -25.07 -21.37 90.01
CA LYS UA 695 -23.88 -21.06 90.79
C LYS UA 695 -24.00 -21.56 92.21
N ARG UA 696 -24.96 -22.44 92.48
CA ARG UA 696 -25.07 -23.07 93.78
C ARG UA 696 -23.78 -23.79 94.14
N TRP UA 697 -23.32 -23.60 95.37
CA TRP UA 697 -22.06 -24.18 95.80
C TRP UA 697 -22.23 -25.61 96.28
N ASN UA 698 -23.20 -25.82 97.17
CA ASN UA 698 -23.40 -27.13 97.76
C ASN UA 698 -24.05 -28.08 96.75
N PRO UA 699 -23.88 -29.39 96.93
CA PRO UA 699 -24.45 -30.35 95.97
C PRO UA 699 -25.97 -30.28 95.96
N GLU UA 700 -26.53 -30.55 94.80
CA GLU UA 700 -27.98 -30.56 94.61
C GLU UA 700 -28.56 -31.90 95.05
N ILE UA 701 -29.88 -31.91 95.21
CA ILE UA 701 -30.62 -33.15 95.37
C ILE UA 701 -30.75 -33.81 94.01
N GLN UA 702 -30.45 -35.10 93.94
CA GLN UA 702 -30.53 -35.85 92.71
C GLN UA 702 -31.39 -37.08 92.93
N TYR UA 703 -32.10 -37.49 91.89
CA TYR UA 703 -32.75 -38.78 91.97
C TYR UA 703 -31.71 -39.88 91.85
N THR UA 704 -31.73 -40.80 92.79
CA THR UA 704 -30.76 -41.89 92.81
C THR UA 704 -31.47 -43.18 93.18
N SER UA 705 -30.97 -44.28 92.65
CA SER UA 705 -31.42 -45.58 93.13
C SER UA 705 -30.83 -45.85 94.51
N ASN UA 706 -31.54 -46.65 95.29
CA ASN UA 706 -31.06 -47.01 96.61
C ASN UA 706 -29.84 -47.91 96.50
N TYR UA 707 -28.81 -47.62 97.29
CA TYR UA 707 -27.58 -48.39 97.24
C TYR UA 707 -27.73 -49.75 97.93
N TYR UA 708 -28.61 -49.83 98.93
CA TYR UA 708 -28.72 -51.02 99.75
C TYR UA 708 -29.31 -52.18 98.96
N LYS UA 709 -28.99 -53.40 99.38
CA LYS UA 709 -29.41 -54.60 98.68
C LYS UA 709 -30.92 -54.78 98.74
N SER UA 710 -31.45 -55.50 97.77
CA SER UA 710 -32.88 -55.75 97.70
C SER UA 710 -33.13 -57.03 96.93
N THR UA 711 -34.34 -57.57 97.09
CA THR UA 711 -34.70 -58.81 96.41
C THR UA 711 -34.68 -58.64 94.90
N SER UA 712 -35.11 -57.48 94.42
CA SER UA 712 -35.18 -57.22 92.99
C SER UA 712 -34.64 -55.83 92.71
N VAL UA 713 -34.21 -55.63 91.47
CA VAL UA 713 -33.76 -54.32 91.02
C VAL UA 713 -34.98 -53.46 90.76
N ASP UA 714 -34.95 -52.23 91.26
CA ASP UA 714 -36.03 -51.29 90.98
C ASP UA 714 -36.05 -50.93 89.50
N PHE UA 715 -37.26 -50.83 88.95
CA PHE UA 715 -37.46 -50.59 87.52
C PHE UA 715 -36.83 -51.70 86.69
N ALA UA 716 -37.08 -52.93 87.09
CA ALA UA 716 -36.65 -54.10 86.36
C ALA UA 716 -37.76 -55.14 86.43
N VAL UA 717 -37.52 -56.29 85.90
CA VAL UA 717 -38.47 -57.38 85.94
C VAL UA 717 -38.20 -58.22 87.19
N ASN UA 718 -39.23 -58.89 87.67
CA ASN UA 718 -39.08 -59.82 88.78
C ASN UA 718 -38.82 -61.21 88.22
N THR UA 719 -38.89 -62.24 89.06
CA THR UA 719 -38.63 -63.59 88.63
C THR UA 719 -39.68 -64.12 87.66
N GLU UA 720 -40.85 -63.49 87.60
CA GLU UA 720 -41.91 -63.90 86.71
C GLU UA 720 -41.95 -63.11 85.41
N GLY UA 721 -41.01 -62.21 85.20
CA GLY UA 721 -40.99 -61.43 84.00
C GLY UA 721 -41.85 -60.19 84.02
N VAL UA 722 -42.40 -59.82 85.17
CA VAL UA 722 -43.27 -58.67 85.28
C VAL UA 722 -42.42 -57.43 85.53
N TYR UA 723 -42.49 -56.48 84.62
CA TYR UA 723 -41.86 -55.19 84.83
C TYR UA 723 -42.73 -54.33 85.74
N SER UA 724 -42.10 -53.69 86.70
CA SER UA 724 -42.82 -52.85 87.65
C SER UA 724 -42.08 -51.53 87.83
N GLU UA 725 -42.84 -50.47 88.06
CA GLU UA 725 -42.29 -49.18 88.44
C GLU UA 725 -42.55 -48.98 89.92
N PRO UA 726 -41.53 -49.05 90.77
CA PRO UA 726 -41.79 -49.09 92.22
C PRO UA 726 -42.26 -47.76 92.79
N ARG UA 727 -41.93 -46.65 92.17
CA ARG UA 727 -42.28 -45.35 92.72
C ARG UA 727 -42.56 -44.39 91.57
N PRO UA 728 -43.33 -43.34 91.80
CA PRO UA 728 -43.47 -42.29 90.78
C PRO UA 728 -42.27 -41.34 90.86
N ILE UA 729 -41.51 -41.27 89.78
CA ILE UA 729 -40.36 -40.37 89.74
C ILE UA 729 -40.84 -39.03 89.22
N GLY UA 730 -40.76 -38.01 90.06
CA GLY UA 730 -41.07 -36.67 89.64
C GLY UA 730 -40.00 -36.12 88.74
N THR UA 731 -39.95 -34.80 88.63
CA THR UA 731 -39.05 -34.17 87.70
C THR UA 731 -38.23 -33.08 88.37
N ARG UA 732 -38.60 -32.64 89.57
CA ARG UA 732 -38.03 -31.47 90.20
C ARG UA 732 -37.02 -31.89 91.26
N TYR UA 733 -35.75 -31.93 90.86
CA TYR UA 733 -34.65 -32.24 91.77
C TYR UA 733 -33.61 -31.14 91.82
N LEU UA 734 -33.28 -30.54 90.69
CA LEU UA 734 -32.42 -29.38 90.67
C LEU UA 734 -33.16 -28.17 91.25
N THR UA 735 -32.40 -27.13 91.57
CA THR UA 735 -32.97 -25.96 92.21
C THR UA 735 -32.66 -24.70 91.42
N ARG UA 736 -33.56 -23.73 91.53
CA ARG UA 736 -33.37 -22.39 91.01
C ARG UA 736 -33.76 -21.38 92.08
N ASN UA 737 -33.16 -20.20 92.00
CA ASN UA 737 -33.67 -19.09 92.78
C ASN UA 737 -34.98 -18.61 92.18
N LEU UA 738 -35.77 -17.93 93.01
CA LEU UA 738 -37.02 -17.38 92.52
C LEU UA 738 -36.75 -16.13 91.69
N GLY VA 221 -72.30 20.47 44.47
CA GLY VA 221 -73.38 21.25 43.89
C GLY VA 221 -74.72 21.07 44.57
N VAL VA 222 -75.54 22.11 44.54
CA VAL VA 222 -76.87 22.05 45.15
C VAL VA 222 -77.72 21.00 44.45
N GLY VA 223 -77.68 20.95 43.13
CA GLY VA 223 -78.54 20.08 42.36
C GLY VA 223 -77.97 18.74 41.98
N SER VA 224 -76.86 18.33 42.58
CA SER VA 224 -76.25 17.04 42.26
C SER VA 224 -76.13 16.21 43.54
N SER VA 225 -76.46 14.93 43.42
CA SER VA 225 -76.34 14.01 44.54
C SER VA 225 -74.88 13.80 44.90
N SER VA 226 -74.59 13.76 46.20
CA SER VA 226 -73.24 13.53 46.69
C SER VA 226 -72.96 12.08 47.02
N GLY VA 227 -73.90 11.20 46.78
CA GLY VA 227 -73.68 9.78 47.02
C GLY VA 227 -74.92 8.99 46.67
N ASN VA 228 -74.72 7.69 46.52
CA ASN VA 228 -75.78 6.78 46.15
C ASN VA 228 -76.18 5.90 47.32
N TRP VA 229 -77.37 5.32 47.21
CA TRP VA 229 -77.86 4.39 48.22
C TRP VA 229 -77.16 3.05 48.05
N HIS VA 230 -76.51 2.58 49.10
CA HIS VA 230 -75.73 1.35 49.07
C HIS VA 230 -76.16 0.48 50.26
N CYS VA 231 -77.21 -0.30 50.07
CA CYS VA 231 -77.58 -1.36 51.00
C CYS VA 231 -77.40 -2.68 50.29
N ASP VA 232 -76.54 -3.53 50.82
CA ASP VA 232 -76.19 -4.77 50.15
C ASP VA 232 -75.35 -5.62 51.09
N SER VA 233 -75.23 -6.89 50.75
CA SER VA 233 -74.29 -7.79 51.40
C SER VA 233 -73.72 -8.71 50.34
N THR VA 234 -72.41 -8.71 50.18
CA THR VA 234 -71.73 -9.54 49.21
C THR VA 234 -70.93 -10.59 49.95
N TRP VA 235 -71.24 -11.86 49.71
CA TRP VA 235 -70.52 -12.98 50.28
C TRP VA 235 -69.53 -13.48 49.25
N LEU VA 236 -68.24 -13.42 49.58
CA LEU VA 236 -67.18 -13.80 48.63
C LEU VA 236 -66.11 -14.54 49.41
N GLY VA 237 -66.09 -15.87 49.27
CA GLY VA 237 -65.09 -16.66 49.96
C GLY VA 237 -65.26 -16.59 51.46
N ASP VA 238 -64.18 -16.24 52.15
CA ASP VA 238 -64.16 -16.12 53.60
C ASP VA 238 -64.51 -14.73 54.08
N ARG VA 239 -65.03 -13.88 53.20
CA ARG VA 239 -65.42 -12.53 53.56
C ARG VA 239 -66.90 -12.34 53.27
N VAL VA 240 -67.54 -11.51 54.09
CA VAL VA 240 -68.84 -10.94 53.78
C VAL VA 240 -68.73 -9.43 53.97
N ILE VA 241 -69.17 -8.67 52.98
CA ILE VA 241 -69.13 -7.22 53.03
C ILE VA 241 -70.56 -6.75 53.15
N THR VA 242 -70.93 -6.27 54.33
CA THR VA 242 -72.23 -5.67 54.54
C THR VA 242 -72.11 -4.17 54.34
N THR VA 243 -73.02 -3.61 53.55
CA THR VA 243 -73.13 -2.17 53.42
C THR VA 243 -74.57 -1.79 53.66
N SER VA 244 -74.77 -0.75 54.46
CA SER VA 244 -76.12 -0.32 54.80
C SER VA 244 -76.20 1.18 54.71
N THR VA 245 -77.27 1.67 54.10
CA THR VA 245 -77.56 3.08 54.00
C THR VA 245 -78.84 3.38 54.73
N ARG VA 246 -78.86 4.49 55.47
CA ARG VA 246 -80.05 4.94 56.17
C ARG VA 246 -80.20 6.44 55.97
N THR VA 247 -81.44 6.89 56.06
CA THR VA 247 -81.74 8.32 56.10
C THR VA 247 -81.81 8.76 57.55
N TRP VA 248 -81.06 9.80 57.89
CA TRP VA 248 -81.02 10.31 59.25
C TRP VA 248 -81.59 11.72 59.28
N ALA VA 249 -81.99 12.14 60.47
CA ALA VA 249 -82.39 13.52 60.73
C ALA VA 249 -81.68 13.98 61.99
N LEU VA 250 -80.99 15.11 61.89
CA LEU VA 250 -80.26 15.65 63.03
C LEU VA 250 -80.90 16.95 63.46
N PRO VA 251 -81.50 17.02 64.63
CA PRO VA 251 -82.01 18.30 65.14
C PRO VA 251 -80.88 19.13 65.72
N THR VA 252 -81.24 20.35 66.09
CA THR VA 252 -80.35 21.14 66.93
C THR VA 252 -80.54 20.70 68.37
N TYR VA 253 -79.46 20.23 68.99
CA TYR VA 253 -79.51 19.75 70.36
C TYR VA 253 -79.06 20.86 71.30
N ASN VA 254 -79.73 20.95 72.45
CA ASN VA 254 -79.33 21.81 73.56
C ASN VA 254 -79.37 23.29 73.21
N ASN VA 255 -80.02 23.66 72.10
CA ASN VA 255 -79.98 25.03 71.60
C ASN VA 255 -78.54 25.49 71.39
N HIS VA 256 -77.72 24.60 70.81
CA HIS VA 256 -76.31 24.83 70.51
C HIS VA 256 -75.44 25.01 71.74
N LEU VA 257 -75.92 24.62 72.92
CA LEU VA 257 -75.20 24.87 74.15
C LEU VA 257 -74.60 23.59 74.71
N TYR VA 258 -73.51 23.73 75.44
CA TYR VA 258 -73.01 22.70 76.33
C TYR VA 258 -73.62 22.93 77.70
N LYS VA 259 -74.30 21.93 78.23
CA LYS VA 259 -74.93 22.05 79.53
C LYS VA 259 -74.33 21.05 80.49
N GLN VA 260 -73.94 21.51 81.66
CA GLN VA 260 -73.57 20.61 82.74
C GLN VA 260 -74.82 19.90 83.23
N ILE VA 261 -74.74 18.58 83.35
CA ILE VA 261 -75.84 17.76 83.82
C ILE VA 261 -75.37 16.97 85.03
N SER VA 262 -76.24 16.80 86.00
CA SER VA 262 -75.88 16.15 87.24
C SER VA 262 -77.08 15.42 87.81
N ASN VA 263 -76.81 14.56 88.77
CA ASN VA 263 -77.84 13.88 89.54
C ASN VA 263 -77.26 13.58 90.90
N GLY VA 264 -77.91 14.07 91.96
CA GLY VA 264 -77.44 13.89 93.30
C GLY VA 264 -78.43 13.11 94.15
N THR VA 265 -78.09 12.97 95.43
CA THR VA 265 -78.93 12.25 96.36
C THR VA 265 -79.99 13.18 96.96
N ALA VA 269 -82.81 10.60 94.21
CA ALA VA 269 -81.94 9.59 93.61
C ALA VA 269 -81.00 9.00 94.65
N THR VA 270 -80.63 7.74 94.46
CA THR VA 270 -79.70 7.09 95.36
C THR VA 270 -78.26 7.41 94.95
N ASN VA 271 -77.33 7.13 95.86
CA ASN VA 271 -75.92 7.36 95.56
C ASN VA 271 -75.45 6.51 94.41
N ASP VA 272 -76.06 5.33 94.21
CA ASP VA 272 -75.67 4.44 93.13
C ASP VA 272 -75.94 5.05 91.77
N ASN VA 273 -76.83 6.03 91.67
CA ASN VA 273 -77.24 6.61 90.39
C ASN VA 273 -76.77 8.04 90.22
N THR VA 274 -75.89 8.53 91.07
CA THR VA 274 -75.39 9.89 90.91
C THR VA 274 -74.45 10.00 89.73
N TYR VA 275 -74.42 11.17 89.11
CA TYR VA 275 -73.48 11.40 88.02
C TYR VA 275 -73.24 12.89 87.89
N PHE VA 276 -72.12 13.22 87.26
CA PHE VA 276 -71.81 14.55 86.79
C PHE VA 276 -71.28 14.41 85.37
N GLY VA 277 -71.79 15.24 84.48
CA GLY VA 277 -71.35 15.15 83.11
C GLY VA 277 -71.78 16.36 82.32
N TYR VA 278 -71.71 16.24 81.01
CA TYR VA 278 -72.04 17.34 80.13
C TYR VA 278 -72.91 16.86 78.99
N SER VA 279 -73.96 17.61 78.71
CA SER VA 279 -74.74 17.45 77.50
C SER VA 279 -74.17 18.37 76.44
N THR VA 280 -73.92 17.83 75.26
CA THR VA 280 -73.34 18.61 74.19
C THR VA 280 -74.36 18.86 73.10
N PRO VA 281 -74.18 19.92 72.31
CA PRO VA 281 -75.06 20.15 71.16
C PRO VA 281 -74.79 19.22 69.98
N TRP VA 282 -73.92 18.24 70.14
CA TRP VA 282 -73.52 17.37 69.04
C TRP VA 282 -74.35 16.09 69.04
N GLY VA 283 -74.67 15.63 67.85
CA GLY VA 283 -75.13 14.27 67.67
C GLY VA 283 -73.97 13.35 67.36
N TYR VA 284 -74.26 12.06 67.32
CA TYR VA 284 -73.24 11.10 66.95
C TYR VA 284 -73.88 9.94 66.22
N PHE VA 285 -73.11 9.32 65.33
CA PHE VA 285 -73.57 8.20 64.55
C PHE VA 285 -73.19 6.90 65.25
N ASP VA 286 -74.17 6.03 65.45
CA ASP VA 286 -73.98 4.74 66.07
C ASP VA 286 -74.42 3.66 65.10
N PHE VA 287 -73.54 2.70 64.84
CA PHE VA 287 -73.88 1.51 64.10
C PHE VA 287 -73.30 0.29 64.80
N ASN VA 288 -73.35 0.31 66.13
CA ASN VA 288 -72.77 -0.73 66.97
C ASN VA 288 -73.77 -1.81 67.32
N ARG VA 289 -74.69 -2.12 66.42
CA ARG VA 289 -75.56 -3.27 66.54
C ARG VA 289 -75.49 -4.07 65.26
N PHE VA 290 -75.58 -5.39 65.39
CA PHE VA 290 -75.39 -6.25 64.23
C PHE VA 290 -76.49 -6.05 63.20
N HIS VA 291 -77.72 -5.76 63.62
CA HIS VA 291 -78.80 -5.58 62.66
C HIS VA 291 -78.69 -4.28 61.88
N CYS VA 292 -77.78 -3.39 62.27
CA CYS VA 292 -77.47 -2.23 61.42
C CYS VA 292 -76.78 -2.65 60.14
N HIS VA 293 -76.21 -3.84 60.09
CA HIS VA 293 -75.42 -4.30 58.97
C HIS VA 293 -75.92 -5.60 58.36
N PHE VA 294 -76.43 -6.51 59.17
CA PHE VA 294 -76.89 -7.80 58.69
C PHE VA 294 -78.42 -7.79 58.63
N SER VA 295 -78.96 -8.11 57.47
CA SER VA 295 -80.36 -8.46 57.39
C SER VA 295 -80.58 -9.79 58.11
N PRO VA 296 -81.81 -10.06 58.56
CA PRO VA 296 -82.05 -11.35 59.22
C PRO VA 296 -81.64 -12.55 58.37
N ARG VA 297 -81.89 -12.48 57.06
CA ARG VA 297 -81.44 -13.56 56.18
C ARG VA 297 -79.93 -13.62 56.11
N ASP VA 298 -79.26 -12.47 56.07
CA ASP VA 298 -77.80 -12.47 56.09
C ASP VA 298 -77.27 -13.01 57.41
N TRP VA 299 -77.93 -12.66 58.51
CA TRP VA 299 -77.56 -13.22 59.81
C TRP VA 299 -77.71 -14.74 59.81
N GLN VA 300 -78.79 -15.23 59.21
CA GLN VA 300 -78.98 -16.68 59.11
C GLN VA 300 -77.88 -17.32 58.29
N ARG VA 301 -77.53 -16.71 57.16
CA ARG VA 301 -76.42 -17.19 56.34
C ARG VA 301 -75.14 -17.26 57.15
N LEU VA 302 -74.88 -16.23 57.95
CA LEU VA 302 -73.66 -16.18 58.74
C LEU VA 302 -73.64 -17.26 59.80
N ILE VA 303 -74.72 -17.37 60.59
CA ILE VA 303 -74.69 -18.23 61.76
C ILE VA 303 -74.92 -19.69 61.44
N ASN VA 304 -75.55 -20.01 60.31
CA ASN VA 304 -75.78 -21.41 59.99
C ASN VA 304 -74.62 -22.07 59.28
N ASN VA 305 -73.60 -21.31 58.88
CA ASN VA 305 -72.57 -21.82 58.00
C ASN VA 305 -71.15 -21.50 58.44
N ASN VA 306 -70.97 -20.72 59.51
CA ASN VA 306 -69.64 -20.27 59.89
C ASN VA 306 -69.41 -20.56 61.36
N TRP VA 307 -68.20 -21.00 61.68
CA TRP VA 307 -67.80 -21.21 63.06
C TRP VA 307 -67.41 -19.91 63.75
N GLY VA 308 -67.14 -18.87 62.99
CA GLY VA 308 -66.73 -17.62 63.59
C GLY VA 308 -66.70 -16.52 62.57
N PHE VA 309 -66.65 -15.29 63.07
CA PHE VA 309 -66.56 -14.12 62.23
C PHE VA 309 -65.95 -13.00 63.05
N ARG VA 310 -65.44 -12.00 62.35
CA ARG VA 310 -64.88 -10.82 63.00
C ARG VA 310 -64.86 -9.68 62.01
N PRO VA 311 -65.03 -8.44 62.46
CA PRO VA 311 -64.92 -7.32 61.54
C PRO VA 311 -63.48 -7.11 61.13
N LYS VA 312 -63.29 -6.65 59.90
CA LYS VA 312 -61.98 -6.39 59.35
C LYS VA 312 -61.74 -4.92 59.08
N ARG VA 313 -62.65 -4.28 58.35
CA ARG VA 313 -62.51 -2.87 58.02
C ARG VA 313 -63.90 -2.29 57.88
N LEU VA 314 -63.99 -0.97 57.99
CA LEU VA 314 -65.25 -0.30 57.73
C LEU VA 314 -64.99 0.97 56.94
N SER VA 315 -65.97 1.35 56.14
CA SER VA 315 -66.01 2.63 55.48
C SER VA 315 -67.33 3.29 55.82
N PHE VA 316 -67.29 4.59 56.07
CA PHE VA 316 -68.44 5.35 56.53
C PHE VA 316 -68.62 6.53 55.61
N LYS VA 317 -69.86 6.84 55.26
CA LYS VA 317 -70.13 7.94 54.35
C LYS VA 317 -71.33 8.74 54.83
N LEU VA 318 -71.19 10.07 54.77
CA LEU VA 318 -72.30 10.99 54.94
C LEU VA 318 -72.47 11.76 53.64
N PHE VA 319 -73.69 11.83 53.14
CA PHE VA 319 -73.91 12.42 51.83
C PHE VA 319 -75.37 12.83 51.70
N ASN VA 320 -75.66 13.55 50.62
CA ASN VA 320 -76.99 14.08 50.35
C ASN VA 320 -77.52 14.85 51.54
N ILE VA 321 -76.66 15.71 52.08
CA ILE VA 321 -77.00 16.50 53.25
C ILE VA 321 -77.95 17.61 52.86
N GLN VA 322 -79.03 17.75 53.62
CA GLN VA 322 -79.98 18.83 53.45
C GLN VA 322 -80.16 19.51 54.79
N VAL VA 323 -79.82 20.78 54.86
CA VAL VA 323 -80.05 21.58 56.05
C VAL VA 323 -81.30 22.40 55.82
N LYS VA 324 -82.26 22.29 56.72
CA LYS VA 324 -83.57 22.88 56.53
C LYS VA 324 -83.88 23.86 57.63
N GLU VA 325 -84.46 24.99 57.25
CA GLU VA 325 -84.87 26.03 58.16
C GLU VA 325 -86.37 25.93 58.39
N VAL VA 326 -86.78 25.97 59.65
CA VAL VA 326 -88.18 25.92 60.03
C VAL VA 326 -88.55 27.22 60.74
N THR VA 327 -89.62 27.86 60.28
CA THR VA 327 -90.04 29.13 60.84
C THR VA 327 -91.40 29.01 61.52
N LYS VA 333 -96.25 26.81 60.51
CA LYS VA 333 -94.90 26.29 60.38
C LYS VA 333 -94.56 25.97 58.93
N THR VA 334 -93.48 26.56 58.44
CA THR VA 334 -92.97 26.29 57.10
C THR VA 334 -91.53 25.81 57.20
N ILE VA 335 -91.19 24.81 56.41
CA ILE VA 335 -89.85 24.27 56.35
C ILE VA 335 -89.26 24.60 54.98
N ALA VA 336 -88.09 25.21 54.97
CA ALA VA 336 -87.44 25.62 53.74
C ALA VA 336 -85.99 25.16 53.76
N ASN VA 337 -85.44 24.96 52.58
CA ASN VA 337 -84.02 24.65 52.46
C ASN VA 337 -83.19 25.86 52.84
N ASN VA 338 -82.13 25.61 53.59
CA ASN VA 338 -81.11 26.61 53.87
C ASN VA 338 -79.85 26.14 53.14
N LEU VA 339 -79.72 26.57 51.88
CA LEU VA 339 -78.68 26.03 51.01
C LEU VA 339 -77.29 26.37 51.50
N THR VA 340 -77.13 27.47 52.21
CA THR VA 340 -75.81 27.92 52.65
C THR VA 340 -75.46 27.47 54.06
N SER VA 341 -76.35 26.74 54.72
CA SER VA 341 -76.06 26.26 56.06
C SER VA 341 -75.17 25.02 56.01
N THR VA 342 -74.43 24.82 57.09
CA THR VA 342 -73.49 23.71 57.16
C THR VA 342 -73.82 22.79 58.33
N ILE VA 343 -73.33 21.57 58.22
CA ILE VA 343 -73.21 20.66 59.35
C ILE VA 343 -71.72 20.46 59.58
N GLN VA 344 -71.37 20.15 60.82
CA GLN VA 344 -69.99 19.85 61.19
C GLN VA 344 -69.88 18.38 61.54
N VAL VA 345 -68.94 17.69 60.92
CA VAL VA 345 -68.71 16.27 61.16
C VAL VA 345 -67.23 16.06 61.44
N PHE VA 346 -66.93 15.31 62.48
CA PHE VA 346 -65.57 14.86 62.69
C PHE VA 346 -65.60 13.51 63.38
N THR VA 347 -64.55 12.74 63.18
CA THR VA 347 -64.35 11.49 63.88
C THR VA 347 -63.31 11.68 64.97
N ASP VA 348 -63.60 11.16 66.15
CA ASP VA 348 -62.63 11.16 67.25
C ASP VA 348 -61.63 10.03 67.01
N SER VA 349 -60.78 10.26 66.00
CA SER VA 349 -59.86 9.21 65.54
C SER VA 349 -58.75 8.95 66.55
N GLU VA 350 -58.41 9.93 67.37
CA GLU VA 350 -57.42 9.76 68.43
C GLU VA 350 -58.03 9.31 69.74
N TYR VA 351 -59.35 9.07 69.78
CA TYR VA 351 -60.03 8.62 70.98
C TYR VA 351 -59.80 9.57 72.15
N GLN VA 352 -59.85 10.87 71.86
CA GLN VA 352 -59.65 11.89 72.86
C GLN VA 352 -60.94 12.29 73.56
N LEU VA 353 -62.05 11.88 73.07
CA LEU VA 353 -63.32 12.15 73.71
C LEU VA 353 -63.76 10.94 74.53
N PRO VA 354 -64.59 11.16 75.56
CA PRO VA 354 -65.20 10.01 76.23
C PRO VA 354 -65.97 9.16 75.24
N TYR VA 355 -65.66 7.87 75.23
CA TYR VA 355 -66.24 6.93 74.27
C TYR VA 355 -67.54 6.41 74.83
N VAL VA 356 -68.66 6.90 74.28
CA VAL VA 356 -69.98 6.51 74.77
C VAL VA 356 -70.61 5.42 73.92
N LEU VA 357 -70.02 5.07 72.79
CA LEU VA 357 -70.42 3.86 72.11
C LEU VA 357 -70.03 2.65 72.94
N GLY VA 358 -70.67 1.52 72.66
CA GLY VA 358 -70.42 0.36 73.48
C GLY VA 358 -71.05 0.41 74.84
N SER VA 359 -72.11 1.20 75.01
CA SER VA 359 -72.93 1.16 76.22
C SER VA 359 -74.35 0.71 75.91
N ALA VA 360 -74.54 0.07 74.75
CA ALA VA 360 -75.82 -0.49 74.35
C ALA VA 360 -76.93 0.56 74.34
N HIS VA 361 -76.60 1.74 73.84
CA HIS VA 361 -77.54 2.85 73.81
C HIS VA 361 -78.41 2.80 72.57
N GLN VA 362 -79.60 3.37 72.67
CA GLN VA 362 -80.46 3.57 71.52
C GLN VA 362 -79.84 4.62 70.60
N GLY VA 363 -80.40 4.73 69.40
CA GLY VA 363 -79.93 5.68 68.43
C GLY VA 363 -79.04 5.10 67.36
N CYS VA 364 -78.83 3.80 67.36
CA CYS VA 364 -78.09 3.18 66.27
C CYS VA 364 -78.90 3.24 64.98
N LEU VA 365 -78.25 2.90 63.88
CA LEU VA 365 -78.94 2.79 62.61
C LEU VA 365 -80.06 1.76 62.75
N PRO VA 366 -81.26 2.06 62.25
CA PRO VA 366 -82.37 1.12 62.43
C PRO VA 366 -82.10 -0.17 61.67
N PRO VA 367 -82.62 -1.29 62.17
CA PRO VA 367 -82.44 -2.56 61.43
C PRO VA 367 -83.08 -2.54 60.06
N PHE VA 368 -84.19 -1.85 59.88
CA PHE VA 368 -84.89 -1.84 58.61
C PHE VA 368 -84.36 -0.69 57.75
N PRO VA 369 -83.86 -0.97 56.55
CA PRO VA 369 -83.26 0.11 55.74
C PRO VA 369 -84.20 1.24 55.39
N ALA VA 370 -85.49 0.96 55.25
CA ALA VA 370 -86.44 2.02 54.92
C ALA VA 370 -86.71 2.95 56.08
N ASP VA 371 -86.18 2.66 57.26
CA ASP VA 371 -86.53 3.41 58.46
C ASP VA 371 -85.65 4.65 58.57
N VAL VA 372 -86.28 5.80 58.77
CA VAL VA 372 -85.58 7.06 58.98
C VAL VA 372 -85.41 7.26 60.47
N PHE VA 373 -84.18 7.53 60.90
CA PHE VA 373 -83.88 7.59 62.32
C PHE VA 373 -83.32 8.95 62.72
N MET VA 374 -83.55 9.28 63.97
CA MET VA 374 -83.05 10.48 64.60
C MET VA 374 -81.67 10.22 65.21
N ILE VA 375 -80.76 11.15 64.97
CA ILE VA 375 -79.39 10.99 65.49
C ILE VA 375 -79.37 11.28 66.98
N PRO VA 376 -78.82 10.38 67.79
CA PRO VA 376 -78.80 10.61 69.24
C PRO VA 376 -77.88 11.75 69.64
N GLN VA 377 -78.21 12.40 70.74
CA GLN VA 377 -77.40 13.50 71.24
C GLN VA 377 -76.20 12.98 72.00
N TYR VA 378 -75.04 13.57 71.73
CA TYR VA 378 -73.82 13.17 72.42
C TYR VA 378 -73.74 13.82 73.79
N GLY VA 379 -73.54 12.99 74.81
CA GLY VA 379 -73.22 13.47 76.13
C GLY VA 379 -72.22 12.52 76.75
N TYR VA 380 -71.59 12.98 77.82
CA TYR VA 380 -70.60 12.14 78.48
C TYR VA 380 -70.61 12.42 79.96
N LEU VA 381 -70.03 11.49 80.71
CA LEU VA 381 -69.91 11.61 82.14
C LEU VA 381 -68.44 11.71 82.52
N THR VA 382 -68.18 12.45 83.58
CA THR VA 382 -66.83 12.54 84.12
C THR VA 382 -66.90 12.20 85.60
N LEU VA 383 -65.82 12.41 86.34
CA LEU VA 383 -65.82 12.06 87.75
C LEU VA 383 -66.82 12.91 88.51
N ASN VA 384 -67.52 12.27 89.43
CA ASN VA 384 -68.52 12.95 90.25
C ASN VA 384 -68.37 12.53 91.70
N ASN VA 385 -68.76 13.44 92.59
CA ASN VA 385 -68.91 13.18 94.02
C ASN VA 385 -70.33 13.61 94.33
N GLY VA 386 -71.26 12.65 94.27
CA GLY VA 386 -72.66 13.03 94.29
C GLY VA 386 -73.01 13.74 93.00
N SER VA 387 -73.65 14.89 93.11
CA SER VA 387 -73.95 15.72 91.95
C SER VA 387 -72.84 16.72 91.64
N GLN VA 388 -71.78 16.74 92.44
CA GLN VA 388 -70.70 17.70 92.26
C GLN VA 388 -69.57 17.09 91.43
N ALA VA 389 -68.87 17.95 90.71
CA ALA VA 389 -67.65 17.55 90.06
C ALA VA 389 -66.49 17.62 91.04
N VAL VA 390 -65.42 16.91 90.69
CA VAL VA 390 -64.17 17.00 91.43
C VAL VA 390 -63.15 17.69 90.54
N GLY VA 391 -61.99 18.00 91.12
CA GLY VA 391 -60.96 18.66 90.36
C GLY VA 391 -60.46 17.86 89.17
N ARG VA 392 -60.59 16.53 89.23
CA ARG VA 392 -60.17 15.69 88.13
C ARG VA 392 -61.24 15.56 87.05
N SER VA 393 -62.43 16.11 87.25
CA SER VA 393 -63.46 16.06 86.24
C SER VA 393 -63.03 16.79 84.99
N SER VA 394 -63.25 16.18 83.84
CA SER VA 394 -62.83 16.73 82.56
C SER VA 394 -64.02 17.30 81.83
N PHE VA 395 -63.86 18.52 81.31
CA PHE VA 395 -64.83 19.11 80.40
C PHE VA 395 -64.25 19.11 79.00
N TYR VA 396 -65.03 18.64 78.04
CA TYR VA 396 -64.61 18.56 76.65
C TYR VA 396 -65.50 19.45 75.80
N CYS VA 397 -64.89 20.35 75.04
CA CYS VA 397 -65.57 21.11 74.02
C CYS VA 397 -65.33 20.42 72.69
N LEU VA 398 -66.41 19.95 72.06
CA LEU VA 398 -66.25 19.25 70.79
C LEU VA 398 -65.95 20.21 69.65
N GLU VA 399 -66.24 21.50 69.82
CA GLU VA 399 -65.78 22.49 68.85
C GLU VA 399 -64.28 22.67 68.89
N TYR VA 400 -63.63 22.22 69.96
CA TYR VA 400 -62.18 22.28 70.06
C TYR VA 400 -61.50 21.21 69.21
N PHE VA 401 -62.24 20.52 68.37
CA PHE VA 401 -61.70 19.54 67.45
C PHE VA 401 -61.80 20.07 66.02
N PRO VA 402 -60.88 19.67 65.15
CA PRO VA 402 -61.06 19.97 63.71
C PRO VA 402 -62.24 19.19 63.17
N SER VA 403 -63.18 19.92 62.57
CA SER VA 403 -64.37 19.32 61.99
C SER VA 403 -64.48 19.73 60.54
N GLN VA 404 -64.93 18.80 59.71
CA GLN VA 404 -65.28 19.14 58.34
C GLN VA 404 -66.66 19.79 58.34
N MET VA 405 -66.77 20.95 57.73
CA MET VA 405 -68.06 21.60 57.57
C MET VA 405 -68.61 21.30 56.18
N LEU VA 406 -69.88 20.92 56.12
CA LEU VA 406 -70.47 20.40 54.91
C LEU VA 406 -71.70 21.23 54.57
N ARG VA 407 -71.73 21.77 53.37
CA ARG VA 407 -72.96 22.32 52.84
C ARG VA 407 -73.72 21.21 52.10
N THR VA 408 -74.84 21.57 51.49
CA THR VA 408 -75.72 20.56 50.91
C THR VA 408 -75.04 19.77 49.80
N GLY VA 409 -74.05 20.36 49.14
CA GLY VA 409 -73.33 19.65 48.09
C GLY VA 409 -72.15 18.83 48.54
N ASN VA 410 -71.79 18.90 49.81
CA ASN VA 410 -70.61 18.21 50.32
C ASN VA 410 -70.97 16.84 50.87
N ASN VA 411 -69.96 15.98 50.92
CA ASN VA 411 -70.10 14.68 51.55
C ASN VA 411 -68.90 14.43 52.45
N PHE VA 412 -69.10 13.53 53.41
CA PHE VA 412 -68.08 13.15 54.37
C PHE VA 412 -67.86 11.65 54.29
N GLN VA 413 -66.61 11.24 54.38
CA GLN VA 413 -66.33 9.82 54.40
C GLN VA 413 -65.01 9.56 55.09
N PHE VA 414 -64.91 8.39 55.71
CA PHE VA 414 -63.66 7.92 56.28
C PHE VA 414 -63.66 6.41 56.29
N THR VA 415 -62.47 5.85 56.35
CA THR VA 415 -62.30 4.41 56.43
C THR VA 415 -61.59 4.07 57.72
N TYR VA 416 -61.87 2.88 58.24
CA TYR VA 416 -61.30 2.42 59.48
C TYR VA 416 -60.96 0.95 59.35
N THR VA 417 -59.83 0.54 59.91
CA THR VA 417 -59.42 -0.85 59.90
C THR VA 417 -59.48 -1.37 61.33
N PHE VA 418 -60.22 -2.47 61.51
CA PHE VA 418 -60.28 -3.11 62.81
C PHE VA 418 -58.94 -3.74 63.14
N GLU VA 419 -58.55 -3.67 64.41
CA GLU VA 419 -57.37 -4.39 64.86
C GLU VA 419 -57.62 -5.88 64.79
N ASP VA 420 -56.54 -6.65 64.88
CA ASP VA 420 -56.67 -8.10 64.89
C ASP VA 420 -57.40 -8.53 66.16
N VAL VA 421 -58.65 -8.96 66.00
CA VAL VA 421 -59.49 -9.34 67.11
C VAL VA 421 -59.77 -10.83 66.95
N PRO VA 422 -59.96 -11.59 68.02
CA PRO VA 422 -60.29 -13.01 67.85
C PRO VA 422 -61.66 -13.17 67.19
N PHE VA 423 -61.80 -14.25 66.44
CA PHE VA 423 -63.09 -14.60 65.88
C PHE VA 423 -64.10 -14.82 67.00
N HIS VA 424 -65.30 -14.29 66.83
CA HIS VA 424 -66.36 -14.64 67.74
C HIS VA 424 -66.73 -16.11 67.57
N SER VA 425 -66.93 -16.80 68.68
CA SER VA 425 -67.27 -18.22 68.65
C SER VA 425 -68.71 -18.37 68.19
N SER VA 426 -68.91 -18.54 66.89
CA SER VA 426 -70.25 -18.73 66.33
C SER VA 426 -70.60 -20.21 66.31
N TYR VA 427 -70.42 -20.87 67.45
CA TYR VA 427 -70.62 -22.30 67.57
C TYR VA 427 -70.91 -22.64 69.02
N ALA VA 428 -71.57 -23.75 69.22
CA ALA VA 428 -71.72 -24.34 70.54
C ALA VA 428 -70.93 -25.63 70.60
N HIS VA 429 -70.35 -25.92 71.76
CA HIS VA 429 -69.56 -27.13 71.90
C HIS VA 429 -70.46 -28.35 71.93
N SER VA 430 -70.10 -29.36 71.16
CA SER VA 430 -70.81 -30.63 71.15
C SER VA 430 -70.25 -31.60 72.18
N GLN VA 431 -69.30 -31.16 72.98
CA GLN VA 431 -68.77 -31.94 74.10
C GLN VA 431 -68.80 -31.08 75.34
N SER VA 432 -68.98 -31.73 76.48
CA SER VA 432 -68.90 -31.06 77.76
C SER VA 432 -67.50 -31.17 78.32
N LEU VA 433 -67.11 -30.18 79.13
CA LEU VA 433 -65.76 -30.16 79.66
C LEU VA 433 -65.47 -31.35 80.56
N ASP VA 434 -66.48 -31.84 81.28
CA ASP VA 434 -66.32 -32.99 82.16
C ASP VA 434 -66.55 -34.31 81.44
N ARG VA 435 -66.70 -34.29 80.13
CA ARG VA 435 -66.95 -35.48 79.33
C ARG VA 435 -66.02 -35.53 78.13
N LEU VA 436 -64.75 -35.19 78.33
CA LEU VA 436 -63.77 -35.20 77.26
C LEU VA 436 -63.01 -36.51 77.16
N MET VA 437 -63.30 -37.46 78.03
CA MET VA 437 -62.56 -38.69 78.12
C MET VA 437 -63.18 -39.81 77.28
N ASN VA 438 -62.39 -40.82 77.03
CA ASN VA 438 -62.85 -42.03 76.36
C ASN VA 438 -63.78 -42.79 77.30
N PRO VA 439 -65.03 -43.03 76.92
CA PRO VA 439 -65.97 -43.71 77.80
C PRO VA 439 -65.81 -45.23 77.85
N LEU VA 440 -64.77 -45.78 77.24
CA LEU VA 440 -64.56 -47.22 77.23
C LEU VA 440 -63.34 -47.67 78.02
N ILE VA 441 -62.43 -46.76 78.33
CA ILE VA 441 -61.13 -47.11 78.90
C ILE VA 441 -61.04 -46.52 80.29
N ASP VA 442 -60.53 -47.29 81.23
CA ASP VA 442 -60.25 -46.78 82.56
C ASP VA 442 -59.05 -45.85 82.53
N GLN VA 443 -58.97 -44.99 83.53
CA GLN VA 443 -57.78 -44.20 83.74
C GLN VA 443 -56.72 -45.02 84.46
N TYR VA 444 -55.45 -44.73 84.17
CA TYR VA 444 -54.39 -45.32 84.96
C TYR VA 444 -54.17 -44.58 86.27
N LEU VA 445 -54.73 -43.38 86.40
CA LEU VA 445 -54.66 -42.63 87.65
C LEU VA 445 -55.71 -43.14 88.62
N TYR VA 446 -55.39 -43.09 89.90
CA TYR VA 446 -56.30 -43.48 90.97
C TYR VA 446 -56.83 -42.25 91.67
N TYR VA 447 -58.00 -42.39 92.26
CA TYR VA 447 -58.58 -41.38 93.13
C TYR VA 447 -58.96 -42.03 94.45
N LEU VA 448 -58.94 -41.24 95.50
CA LEU VA 448 -59.40 -41.71 96.80
C LEU VA 448 -60.88 -42.03 96.73
N SER VA 449 -61.22 -43.31 96.76
CA SER VA 449 -62.60 -43.73 96.57
C SER VA 449 -63.34 -44.00 97.87
N ARG VA 450 -62.63 -44.40 98.93
CA ARG VA 450 -63.26 -44.61 100.22
C ARG VA 450 -62.30 -44.23 101.33
N THR VA 451 -62.84 -43.69 102.42
CA THR VA 451 -62.07 -43.39 103.62
C THR VA 451 -62.53 -44.21 104.81
N GLN VA 452 -63.51 -45.09 104.63
CA GLN VA 452 -64.06 -45.89 105.72
C GLN VA 452 -64.36 -47.29 105.21
N THR VA 453 -64.07 -48.29 106.03
CA THR VA 453 -64.28 -49.68 105.64
C THR VA 453 -65.76 -50.00 105.47
N ASN VA 459 -67.58 -49.68 111.33
CA ASN VA 459 -66.58 -49.45 110.31
C ASN VA 459 -65.48 -48.53 110.83
N THR VA 460 -64.27 -48.72 110.32
CA THR VA 460 -63.10 -47.97 110.75
C THR VA 460 -62.52 -47.20 109.59
N GLN VA 461 -61.57 -46.32 109.91
CA GLN VA 461 -60.89 -45.55 108.89
C GLN VA 461 -60.03 -46.45 108.00
N THR VA 462 -59.98 -46.08 106.73
CA THR VA 462 -59.15 -46.79 105.76
C THR VA 462 -58.87 -45.83 104.61
N LEU VA 463 -58.05 -46.28 103.67
CA LEU VA 463 -57.78 -45.53 102.45
C LEU VA 463 -57.96 -46.50 101.28
N GLY VA 464 -59.06 -46.37 100.56
CA GLY VA 464 -59.32 -47.15 99.37
C GLY VA 464 -59.21 -46.27 98.15
N PHE VA 465 -58.51 -46.78 97.13
CA PHE VA 465 -58.27 -46.03 95.91
C PHE VA 465 -58.80 -46.83 94.73
N SER VA 466 -59.47 -46.14 93.82
CA SER VA 466 -60.04 -46.76 92.65
C SER VA 466 -59.57 -46.00 91.41
N GLN VA 467 -59.60 -46.68 90.28
CA GLN VA 467 -59.28 -46.06 89.00
C GLN VA 467 -60.56 -45.48 88.40
N GLY VA 468 -60.48 -44.21 88.00
CA GLY VA 468 -61.59 -43.60 87.30
C GLY VA 468 -61.89 -44.32 86.01
N GLY VA 469 -63.16 -44.60 85.77
CA GLY VA 469 -63.55 -45.34 84.60
C GLY VA 469 -64.85 -44.83 84.01
N PRO VA 470 -65.43 -45.62 83.09
CA PRO VA 470 -66.67 -45.19 82.44
C PRO VA 470 -67.81 -44.93 83.40
N ASN VA 471 -67.85 -45.62 84.53
CA ASN VA 471 -68.95 -45.46 85.47
C ASN VA 471 -68.68 -44.40 86.53
N THR VA 472 -67.44 -44.26 86.98
CA THR VA 472 -67.08 -43.22 87.94
C THR VA 472 -66.49 -42.01 87.20
N MET VA 473 -67.30 -41.48 86.29
CA MET VA 473 -66.82 -40.44 85.41
C MET VA 473 -66.68 -39.10 86.12
N ALA VA 474 -67.46 -38.88 87.18
CA ALA VA 474 -67.31 -37.69 87.99
C ALA VA 474 -66.02 -37.70 88.80
N ASN VA 475 -65.45 -38.87 89.07
CA ASN VA 475 -64.24 -38.98 89.87
C ASN VA 475 -62.96 -38.95 89.04
N GLN VA 476 -63.07 -39.00 87.72
CA GLN VA 476 -61.89 -39.11 86.89
C GLN VA 476 -61.01 -37.88 86.99
N ALA VA 477 -59.71 -38.09 86.91
CA ALA VA 477 -58.78 -36.99 86.80
C ALA VA 477 -59.01 -36.24 85.50
N LYS VA 478 -59.01 -34.92 85.57
CA LYS VA 478 -59.31 -34.09 84.42
C LYS VA 478 -58.29 -32.96 84.33
N ASN VA 479 -58.11 -32.45 83.12
CA ASN VA 479 -57.09 -31.45 82.86
C ASN VA 479 -57.59 -30.02 82.96
N TRP VA 480 -58.90 -29.80 82.97
CA TRP VA 480 -59.44 -28.46 82.80
C TRP VA 480 -60.56 -28.21 83.79
N LEU VA 481 -60.81 -26.93 84.04
CA LEU VA 481 -61.85 -26.48 84.94
C LEU VA 481 -62.82 -25.58 84.19
N PRO VA 482 -64.09 -25.54 84.62
CA PRO VA 482 -65.04 -24.62 83.99
C PRO VA 482 -64.64 -23.18 84.26
N GLY VA 483 -65.10 -22.30 83.38
CA GLY VA 483 -64.78 -20.89 83.47
C GLY VA 483 -65.21 -20.27 84.78
N PRO VA 484 -64.85 -19.01 84.97
CA PRO VA 484 -65.10 -18.35 86.25
C PRO VA 484 -66.58 -18.10 86.48
N CYS VA 485 -66.92 -17.94 87.76
CA CYS VA 485 -68.30 -17.81 88.19
C CYS VA 485 -68.47 -16.57 89.05
N TYR VA 486 -69.59 -15.87 88.84
CA TYR VA 486 -70.00 -14.75 89.69
C TYR VA 486 -71.51 -14.90 89.86
N ARG VA 487 -71.91 -15.66 90.90
CA ARG VA 487 -73.24 -16.23 90.94
C ARG VA 487 -74.33 -15.17 90.93
N GLN VA 488 -75.36 -15.42 90.12
CA GLN VA 488 -76.52 -14.56 90.02
C GLN VA 488 -77.72 -15.24 90.64
N GLN VA 489 -78.67 -14.43 91.10
CA GLN VA 489 -79.91 -14.96 91.62
C GLN VA 489 -80.76 -15.54 90.49
N ARG VA 490 -81.43 -16.64 90.76
CA ARG VA 490 -82.25 -17.32 89.77
C ARG VA 490 -83.67 -16.76 89.80
N VAL VA 491 -84.19 -16.43 88.63
CA VAL VA 491 -85.55 -15.94 88.48
C VAL VA 491 -86.27 -16.86 87.49
N SER VA 492 -87.49 -17.25 87.83
CA SER VA 492 -88.30 -18.09 86.99
C SER VA 492 -89.25 -17.23 86.16
N THR VA 493 -89.34 -17.53 84.87
CA THR VA 493 -90.35 -16.87 84.04
C THR VA 493 -91.76 -17.28 84.44
N THR VA 494 -91.91 -18.42 85.11
CA THR VA 494 -93.16 -18.77 85.78
C THR VA 494 -93.18 -18.04 87.12
N THR VA 495 -93.88 -16.92 87.17
CA THR VA 495 -93.76 -16.00 88.30
C THR VA 495 -94.18 -16.66 89.61
N GLY VA 496 -95.11 -17.61 89.57
CA GLY VA 496 -95.53 -18.28 90.78
C GLY VA 496 -94.42 -19.02 91.48
N GLN VA 497 -93.37 -19.40 90.76
CA GLN VA 497 -92.22 -20.07 91.36
C GLN VA 497 -91.23 -19.10 91.99
N ASN VA 498 -91.42 -17.80 91.81
CA ASN VA 498 -90.52 -16.81 92.38
C ASN VA 498 -90.96 -16.42 93.78
N ASN VA 499 -90.01 -15.93 94.56
CA ASN VA 499 -90.31 -15.40 95.88
C ASN VA 499 -91.21 -14.18 95.75
N ASN VA 500 -92.21 -14.09 96.63
CA ASN VA 500 -93.14 -12.96 96.61
C ASN VA 500 -92.51 -11.77 97.32
N SER VA 501 -91.55 -11.16 96.61
CA SER VA 501 -90.88 -9.96 97.08
C SER VA 501 -90.27 -9.26 95.88
N ASN VA 502 -89.93 -7.99 96.07
CA ASN VA 502 -89.28 -7.19 95.04
C ASN VA 502 -87.78 -7.27 95.29
N PHE VA 503 -87.13 -8.22 94.62
CA PHE VA 503 -85.72 -8.51 94.86
C PHE VA 503 -84.84 -8.28 93.65
N ALA VA 504 -85.34 -7.58 92.63
CA ALA VA 504 -84.55 -7.36 91.43
C ALA VA 504 -83.27 -6.61 91.75
N TRP VA 505 -83.35 -5.61 92.62
CA TRP VA 505 -82.19 -4.84 93.04
C TRP VA 505 -81.57 -5.39 94.32
N THR VA 506 -82.38 -5.68 95.33
CA THR VA 506 -81.84 -6.11 96.61
C THR VA 506 -81.08 -7.43 96.48
N ALA VA 507 -81.62 -8.37 95.71
CA ALA VA 507 -80.95 -9.63 95.45
C ALA VA 507 -80.11 -9.59 94.17
N GLY VA 508 -80.01 -8.44 93.53
CA GLY VA 508 -79.23 -8.35 92.32
C GLY VA 508 -77.76 -8.61 92.56
N THR VA 509 -77.12 -9.21 91.56
CA THR VA 509 -75.69 -9.46 91.63
C THR VA 509 -74.95 -8.19 91.20
N LYS VA 510 -74.15 -7.65 92.10
CA LYS VA 510 -73.62 -6.31 91.94
C LYS VA 510 -72.11 -6.30 92.14
N TYR VA 511 -71.49 -5.26 91.60
CA TYR VA 511 -70.13 -4.92 91.98
C TYR VA 511 -70.13 -3.56 92.67
N HIS VA 512 -69.09 -3.34 93.47
CA HIS VA 512 -68.95 -2.15 94.29
C HIS VA 512 -67.77 -1.34 93.78
N LEU VA 513 -68.01 -0.08 93.45
CA LEU VA 513 -66.97 0.78 92.91
C LEU VA 513 -67.13 2.17 93.50
N ASN VA 514 -66.14 2.61 94.27
CA ASN VA 514 -66.12 3.94 94.87
C ASN VA 514 -67.41 4.22 95.65
N GLY VA 515 -67.78 3.27 96.50
CA GLY VA 515 -68.97 3.40 97.30
C GLY VA 515 -70.27 3.39 96.52
N ARG VA 516 -70.24 3.02 95.26
CA ARG VA 516 -71.42 2.97 94.41
C ARG VA 516 -71.66 1.53 94.01
N ASN VA 517 -72.91 1.09 94.12
CA ASN VA 517 -73.29 -0.26 93.74
C ASN VA 517 -73.88 -0.22 92.34
N SER VA 518 -73.38 -1.09 91.48
CA SER VA 518 -73.88 -1.24 90.13
C SER VA 518 -74.11 -2.71 89.86
N LEU VA 519 -75.20 -3.01 89.16
CA LEU VA 519 -75.46 -4.40 88.78
C LEU VA 519 -74.33 -4.94 87.91
N ALA VA 520 -73.93 -6.17 88.20
CA ALA VA 520 -73.02 -6.91 87.31
C ALA VA 520 -73.87 -7.45 86.17
N ASN VA 521 -74.23 -6.55 85.25
CA ASN VA 521 -75.26 -6.80 84.26
C ASN VA 521 -74.69 -6.60 82.87
N PRO VA 522 -74.61 -7.64 82.04
CA PRO VA 522 -75.07 -9.00 82.37
C PRO VA 522 -74.01 -9.81 83.10
N GLY VA 523 -72.88 -9.20 83.40
CA GLY VA 523 -71.83 -9.89 84.10
C GLY VA 523 -71.04 -10.81 83.18
N ILE VA 524 -70.24 -11.67 83.81
CA ILE VA 524 -69.39 -12.58 83.07
C ILE VA 524 -70.24 -13.62 82.35
N ALA VA 525 -69.70 -14.16 81.26
CA ALA VA 525 -70.41 -15.14 80.46
C ALA VA 525 -70.59 -16.43 81.25
N MET VA 526 -71.82 -16.71 81.66
CA MET VA 526 -72.17 -17.96 82.29
C MET VA 526 -73.42 -18.51 81.63
N ALA VA 527 -73.56 -19.83 81.69
CA ALA VA 527 -74.74 -20.47 81.13
C ALA VA 527 -76.00 -19.96 81.84
N THR VA 528 -77.00 -19.61 81.05
CA THR VA 528 -78.22 -19.04 81.60
C THR VA 528 -78.91 -20.00 82.56
N HIS VA 529 -78.94 -21.28 82.20
CA HIS VA 529 -79.60 -22.30 82.99
C HIS VA 529 -78.98 -23.64 82.64
N LYS VA 530 -79.26 -24.64 83.47
CA LYS VA 530 -78.80 -25.98 83.18
C LYS VA 530 -79.86 -26.72 82.36
N ASP VA 531 -79.67 -28.03 82.20
CA ASP VA 531 -80.59 -28.83 81.39
C ASP VA 531 -82.01 -28.79 81.95
N ASP VA 532 -82.98 -28.63 81.05
CA ASP VA 532 -84.40 -28.70 81.37
C ASP VA 532 -84.83 -27.60 82.36
N GLU VA 533 -84.16 -26.45 82.33
CA GLU VA 533 -84.50 -25.34 83.20
C GLU VA 533 -84.57 -24.05 82.40
N GLU VA 534 -85.17 -24.10 81.22
CA GLU VA 534 -85.23 -22.93 80.35
C GLU VA 534 -86.01 -21.79 80.98
N ARG VA 535 -86.95 -22.09 81.89
CA ARG VA 535 -87.74 -21.07 82.54
C ARG VA 535 -86.92 -20.21 83.51
N PHE VA 536 -85.72 -20.64 83.88
CA PHE VA 536 -84.89 -19.93 84.82
C PHE VA 536 -83.87 -19.06 84.09
N PHE VA 537 -83.64 -17.87 84.61
CA PHE VA 537 -82.60 -17.00 84.10
C PHE VA 537 -81.96 -16.25 85.25
N PRO VA 538 -80.68 -15.90 85.13
CA PRO VA 538 -80.07 -15.03 86.13
C PRO VA 538 -80.75 -13.65 86.13
N SER VA 539 -80.90 -13.08 87.32
CA SER VA 539 -81.73 -11.88 87.47
C SER VA 539 -81.19 -10.73 86.64
N ASN VA 540 -79.87 -10.54 86.63
CA ASN VA 540 -79.25 -9.54 85.77
C ASN VA 540 -78.04 -10.14 85.07
N GLY VA 541 -78.22 -11.34 84.50
CA GLY VA 541 -77.11 -12.04 83.89
C GLY VA 541 -77.33 -12.41 82.44
N ILE VA 542 -78.33 -11.83 81.80
CA ILE VA 542 -78.61 -12.07 80.39
C ILE VA 542 -78.93 -10.76 79.71
N LEU VA 543 -78.73 -10.73 78.40
CA LEU VA 543 -79.21 -9.62 77.59
C LEU VA 543 -80.71 -9.77 77.39
N ILE VA 544 -81.45 -8.69 77.64
CA ILE VA 544 -82.89 -8.69 77.47
C ILE VA 544 -83.22 -7.62 76.44
N PHE VA 545 -83.74 -8.04 75.30
CA PHE VA 545 -84.17 -7.12 74.27
C PHE VA 545 -85.68 -6.93 74.36
N GLY VA 546 -86.12 -5.72 74.02
CA GLY VA 546 -87.53 -5.42 74.01
C GLY VA 546 -88.14 -5.75 72.66
N LYS VA 547 -89.35 -6.28 72.70
CA LYS VA 547 -90.13 -6.42 71.48
C LYS VA 547 -90.54 -5.04 70.98
N GLN VA 548 -91.00 -4.98 69.74
CA GLN VA 548 -91.43 -3.71 69.18
C GLN VA 548 -92.54 -3.12 70.02
N ASN VA 549 -92.42 -1.82 70.30
CA ASN VA 549 -93.39 -1.06 71.09
C ASN VA 549 -93.42 -1.53 72.55
N ALA VA 550 -92.35 -2.13 73.03
CA ALA VA 550 -92.25 -2.45 74.45
C ALA VA 550 -92.07 -1.17 75.25
N ALA VA 551 -92.70 -1.12 76.42
CA ALA VA 551 -92.59 0.06 77.27
C ALA VA 551 -91.16 0.25 77.76
N ARG VA 552 -90.77 1.51 77.92
CA ARG VA 552 -89.45 1.82 78.46
C ARG VA 552 -89.32 1.33 79.90
N ASP VA 553 -90.34 1.52 80.71
CA ASP VA 553 -90.32 1.14 82.11
C ASP VA 553 -91.38 0.09 82.39
N ASN VA 554 -91.00 -0.93 83.17
CA ASN VA 554 -91.92 -1.97 83.63
C ASN VA 554 -92.64 -2.64 82.47
N ALA VA 555 -91.88 -3.00 81.44
CA ALA VA 555 -92.43 -3.84 80.39
C ALA VA 555 -92.68 -5.24 80.92
N ASP VA 556 -93.79 -5.83 80.54
CA ASP VA 556 -94.12 -7.17 80.98
C ASP VA 556 -93.19 -8.18 80.31
N TYR VA 557 -93.13 -9.38 80.88
CA TYR VA 557 -92.30 -10.43 80.31
C TYR VA 557 -92.67 -10.74 78.87
N SER VA 558 -93.95 -10.60 78.53
CA SER VA 558 -94.38 -10.84 77.15
C SER VA 558 -93.90 -9.77 76.20
N ASP VA 559 -93.48 -8.61 76.70
CA ASP VA 559 -93.00 -7.52 75.86
C ASP VA 559 -91.50 -7.51 75.68
N VAL VA 560 -90.78 -8.44 76.30
CA VAL VA 560 -89.33 -8.47 76.21
C VAL VA 560 -88.90 -9.81 75.65
N MET VA 561 -87.65 -9.86 75.19
CA MET VA 561 -87.08 -11.05 74.57
C MET VA 561 -85.85 -11.43 75.39
N LEU VA 562 -85.97 -12.48 76.19
CA LEU VA 562 -84.84 -12.95 76.98
C LEU VA 562 -83.90 -13.75 76.11
N THR VA 563 -82.61 -13.42 76.18
CA THR VA 563 -81.62 -14.27 75.54
C THR VA 563 -81.25 -15.42 76.47
N SER VA 564 -80.61 -16.43 75.89
CA SER VA 564 -80.17 -17.58 76.68
C SER VA 564 -78.77 -17.96 76.24
N GLU VA 565 -77.87 -18.08 77.21
CA GLU VA 565 -76.51 -18.56 76.97
C GLU VA 565 -76.36 -20.02 77.34
N GLU VA 566 -77.40 -20.82 77.11
CA GLU VA 566 -77.33 -22.24 77.46
C GLU VA 566 -76.32 -23.00 76.62
N GLU VA 567 -75.90 -22.47 75.47
CA GLU VA 567 -74.94 -23.16 74.64
C GLU VA 567 -73.58 -23.31 75.32
N ILE VA 568 -73.27 -22.46 76.29
CA ILE VA 568 -71.99 -22.51 76.98
C ILE VA 568 -72.07 -23.30 78.28
N LYS VA 569 -73.14 -24.07 78.47
CA LYS VA 569 -73.20 -25.01 79.60
C LYS VA 569 -72.01 -25.96 79.58
N THR VA 570 -71.52 -26.28 78.39
CA THR VA 570 -70.47 -27.29 78.25
C THR VA 570 -69.16 -26.83 78.88
N THR VA 571 -68.94 -25.54 78.96
CA THR VA 571 -67.68 -25.00 79.45
C THR VA 571 -67.86 -24.01 80.58
N ASN VA 572 -68.91 -23.20 80.54
CA ASN VA 572 -69.10 -22.19 81.57
C ASN VA 572 -70.07 -22.70 82.62
N PRO VA 573 -69.84 -22.36 83.89
CA PRO VA 573 -70.79 -22.74 84.94
C PRO VA 573 -72.11 -22.02 84.74
N VAL VA 574 -73.18 -22.65 85.24
CA VAL VA 574 -74.50 -22.04 85.18
C VAL VA 574 -74.51 -20.79 86.04
N ALA VA 575 -75.10 -19.71 85.50
CA ALA VA 575 -75.03 -18.41 86.15
C ALA VA 575 -75.67 -18.41 87.53
N THR VA 576 -76.66 -19.26 87.75
CA THR VA 576 -77.41 -19.26 88.99
C THR VA 576 -76.98 -20.36 89.94
N GLU VA 577 -75.93 -21.09 89.60
CA GLU VA 577 -75.43 -22.18 90.43
C GLU VA 577 -74.06 -21.82 90.96
N GLU VA 578 -73.65 -22.53 92.01
CA GLU VA 578 -72.32 -22.36 92.55
C GLU VA 578 -71.27 -22.92 91.59
N TYR VA 579 -70.07 -22.34 91.67
CA TYR VA 579 -68.98 -22.85 90.84
C TYR VA 579 -68.62 -24.27 91.24
N GLY VA 580 -68.56 -24.54 92.53
CA GLY VA 580 -68.12 -25.83 92.99
C GLY VA 580 -68.06 -25.86 94.50
N ILE VA 581 -67.31 -26.83 95.02
CA ILE VA 581 -67.22 -27.09 96.44
C ILE VA 581 -65.75 -27.13 96.82
N VAL VA 582 -65.39 -26.44 97.89
CA VAL VA 582 -64.04 -26.50 98.45
C VAL VA 582 -64.12 -26.89 99.91
N ALA VA 583 -63.00 -27.40 100.41
CA ALA VA 583 -62.90 -27.70 101.83
C ALA VA 583 -62.88 -26.43 102.65
N ASP VA 584 -63.57 -26.46 103.78
CA ASP VA 584 -63.65 -25.31 104.68
C ASP VA 584 -62.85 -25.50 105.96
N ASN VA 585 -62.30 -26.67 106.21
CA ASN VA 585 -61.58 -26.94 107.45
C ASN VA 585 -60.58 -28.06 107.20
N LEU VA 586 -59.95 -28.53 108.27
CA LEU VA 586 -59.07 -29.68 108.24
C LEU VA 586 -59.74 -30.79 109.05
N GLN VA 587 -60.19 -31.84 108.36
CA GLN VA 587 -60.82 -32.94 109.05
C GLN VA 587 -59.81 -33.70 109.90
N GLN VA 588 -60.25 -34.11 111.08
CA GLN VA 588 -59.48 -34.98 111.97
C GLN VA 588 -60.41 -36.08 112.44
N GLN VA 589 -59.87 -36.98 113.27
CA GLN VA 589 -60.70 -38.05 113.81
C GLN VA 589 -61.81 -37.52 114.70
N ASN VA 590 -61.70 -36.28 115.17
CA ASN VA 590 -62.73 -35.67 115.99
C ASN VA 590 -63.53 -34.59 115.28
N THR VA 591 -63.06 -34.08 114.14
CA THR VA 591 -63.77 -33.03 113.40
C THR VA 591 -64.12 -33.56 112.03
N ALA VA 592 -65.41 -33.63 111.74
CA ALA VA 592 -65.85 -34.06 110.42
C ALA VA 592 -65.49 -33.02 109.37
N PRO VA 593 -65.16 -33.44 108.15
CA PRO VA 593 -64.82 -32.47 107.11
C PRO VA 593 -65.99 -31.57 106.78
N GLN VA 594 -65.69 -30.30 106.57
CA GLN VA 594 -66.69 -29.31 106.21
C GLN VA 594 -66.40 -28.79 104.81
N ILE VA 595 -67.45 -28.48 104.07
CA ILE VA 595 -67.31 -28.03 102.70
C ILE VA 595 -67.86 -26.62 102.57
N GLY VA 596 -67.23 -25.84 101.71
CA GLY VA 596 -67.67 -24.49 101.40
C GLY VA 596 -68.18 -24.42 99.98
N THR VA 597 -69.27 -23.70 99.79
CA THR VA 597 -69.88 -23.52 98.47
C THR VA 597 -69.26 -22.28 97.82
N VAL VA 598 -68.64 -22.48 96.66
CA VAL VA 598 -67.97 -21.40 95.95
C VAL VA 598 -69.01 -20.72 95.06
N ASN VA 599 -69.47 -19.54 95.49
CA ASN VA 599 -70.42 -18.76 94.72
C ASN VA 599 -69.76 -17.70 93.85
N SER VA 600 -68.46 -17.51 93.99
CA SER VA 600 -67.72 -16.58 93.16
C SER VA 600 -66.31 -17.13 92.99
N GLN VA 601 -65.92 -17.39 91.76
CA GLN VA 601 -64.62 -17.99 91.48
C GLN VA 601 -63.92 -17.17 90.41
N GLY VA 602 -62.79 -16.58 90.77
CA GLY VA 602 -61.95 -15.92 89.81
C GLY VA 602 -61.14 -16.91 89.00
N ALA VA 603 -60.28 -16.38 88.13
CA ALA VA 603 -59.53 -17.20 87.21
C ALA VA 603 -58.64 -18.18 87.95
N LEU VA 604 -58.72 -19.46 87.56
CA LEU VA 604 -57.83 -20.50 88.02
C LEU VA 604 -57.08 -21.09 86.84
N PRO VA 605 -55.84 -21.55 87.05
CA PRO VA 605 -55.13 -22.20 85.95
C PRO VA 605 -55.87 -23.44 85.48
N GLY VA 606 -55.82 -23.67 84.18
CA GLY VA 606 -56.57 -24.75 83.58
C GLY VA 606 -58.03 -24.44 83.32
N MET VA 607 -58.49 -23.25 83.64
CA MET VA 607 -59.88 -22.88 83.42
C MET VA 607 -60.08 -22.48 81.97
N VAL VA 608 -61.18 -22.93 81.38
CA VAL VA 608 -61.57 -22.55 80.02
C VAL VA 608 -63.00 -22.08 80.06
N TRP VA 609 -63.35 -21.17 79.16
CA TRP VA 609 -64.70 -20.63 79.12
C TRP VA 609 -65.00 -20.09 77.74
N GLN VA 610 -66.28 -19.88 77.48
CA GLN VA 610 -66.76 -19.23 76.28
C GLN VA 610 -67.24 -17.83 76.63
N ASN VA 611 -67.15 -16.93 75.66
CA ASN VA 611 -67.70 -15.61 75.82
C ASN VA 611 -69.21 -15.64 75.62
N ARG VA 612 -69.86 -14.54 75.99
CA ARG VA 612 -71.27 -14.39 75.71
C ARG VA 612 -71.51 -14.36 74.21
N ASP VA 613 -72.63 -14.93 73.79
CA ASP VA 613 -73.01 -14.90 72.39
C ASP VA 613 -73.31 -13.49 71.94
N VAL VA 614 -73.12 -13.24 70.65
CA VAL VA 614 -73.58 -12.00 70.05
C VAL VA 614 -74.95 -12.26 69.43
N TYR VA 615 -75.70 -11.20 69.22
CA TYR VA 615 -77.07 -11.30 68.73
C TYR VA 615 -77.25 -10.33 67.59
N LEU VA 616 -78.21 -10.65 66.72
CA LEU VA 616 -78.53 -9.75 65.61
C LEU VA 616 -78.89 -8.36 66.13
N GLN VA 617 -79.63 -8.30 67.24
CA GLN VA 617 -79.98 -7.04 67.87
C GLN VA 617 -78.93 -6.53 68.84
N GLY VA 618 -77.89 -7.31 69.11
CA GLY VA 618 -76.95 -6.98 70.15
C GLY VA 618 -75.80 -6.09 69.67
N PRO VA 619 -74.97 -5.66 70.61
CA PRO VA 619 -73.82 -4.83 70.24
C PRO VA 619 -72.75 -5.64 69.51
N ILE VA 620 -71.94 -4.92 68.74
CA ILE VA 620 -70.86 -5.51 67.96
C ILE VA 620 -69.53 -5.39 68.70
N TRP VA 621 -69.18 -4.19 69.15
CA TRP VA 621 -67.88 -3.95 69.75
C TRP VA 621 -68.04 -3.07 70.97
N ALA VA 622 -67.01 -3.10 71.81
CA ALA VA 622 -66.86 -2.13 72.88
C ALA VA 622 -65.41 -1.70 72.92
N LYS VA 623 -65.18 -0.47 73.38
CA LYS VA 623 -63.83 0.00 73.60
C LYS VA 623 -63.29 -0.62 74.88
N ILE VA 624 -62.14 -1.27 74.78
CA ILE VA 624 -61.45 -1.76 75.97
C ILE VA 624 -60.95 -0.53 76.72
N PRO VA 625 -61.31 -0.35 77.98
CA PRO VA 625 -60.84 0.82 78.73
C PRO VA 625 -59.32 0.85 78.78
N HIS VA 626 -58.76 2.05 78.65
CA HIS VA 626 -57.32 2.21 78.68
C HIS VA 626 -56.87 2.10 80.14
N THR VA 627 -56.44 0.91 80.53
CA THR VA 627 -56.01 0.65 81.89
C THR VA 627 -54.69 -0.11 81.87
N ASP VA 628 -54.04 -0.15 83.03
CA ASP VA 628 -52.80 -0.91 83.17
C ASP VA 628 -53.03 -2.39 82.92
N GLY VA 629 -54.11 -2.93 83.47
CA GLY VA 629 -54.37 -4.35 83.36
C GLY VA 629 -55.82 -4.61 83.05
N ASN VA 630 -56.04 -5.65 82.27
CA ASN VA 630 -57.36 -6.22 82.06
C ASN VA 630 -57.21 -7.72 81.97
N PHE VA 631 -58.29 -8.43 82.27
CA PHE VA 631 -58.32 -9.87 82.15
C PHE VA 631 -59.37 -10.25 81.12
N HIS VA 632 -58.96 -10.92 80.06
CA HIS VA 632 -59.83 -11.35 78.98
C HIS VA 632 -60.73 -10.21 78.54
N PRO VA 633 -60.18 -9.19 77.90
CA PRO VA 633 -60.97 -7.98 77.63
C PRO VA 633 -62.03 -8.18 76.55
N SER VA 634 -62.87 -9.15 76.73
CA SER VA 634 -64.03 -9.34 75.89
C SER VA 634 -65.23 -8.65 76.53
N PRO VA 635 -65.93 -7.78 75.82
CA PRO VA 635 -67.02 -7.01 76.43
C PRO VA 635 -68.08 -7.94 77.00
N LEU VA 636 -68.61 -7.58 78.16
CA LEU VA 636 -69.48 -8.49 78.89
C LEU VA 636 -70.86 -8.62 78.24
N MET VA 637 -71.38 -7.55 77.64
CA MET VA 637 -72.62 -7.70 76.88
C MET VA 637 -72.40 -8.31 75.51
N GLY VA 638 -71.21 -8.84 75.26
CA GLY VA 638 -70.94 -9.56 74.03
C GLY VA 638 -70.31 -8.67 72.98
N GLY VA 639 -69.58 -9.31 72.08
CA GLY VA 639 -68.97 -8.63 70.96
C GLY VA 639 -67.47 -8.64 71.03
N PHE VA 640 -66.87 -7.71 70.31
CA PHE VA 640 -65.43 -7.64 70.12
C PHE VA 640 -64.87 -6.51 70.98
N GLY VA 641 -63.92 -6.84 71.83
CA GLY VA 641 -63.23 -5.81 72.59
C GLY VA 641 -62.10 -5.23 71.76
N LEU VA 642 -62.12 -3.92 71.56
CA LEU VA 642 -61.14 -3.24 70.72
C LEU VA 642 -60.44 -2.17 71.54
N LYS VA 643 -59.11 -2.18 71.50
CA LYS VA 643 -58.35 -1.06 72.06
C LYS VA 643 -58.63 0.22 71.30
N HIS VA 644 -58.75 0.13 69.98
CA HIS VA 644 -59.03 1.27 69.11
C HIS VA 644 -60.26 0.92 68.29
N PRO VA 645 -61.44 1.11 68.86
CA PRO VA 645 -62.68 0.74 68.18
C PRO VA 645 -62.96 1.71 67.04
N PRO VA 646 -64.01 1.46 66.26
CA PRO VA 646 -64.43 2.46 65.29
C PRO VA 646 -64.65 3.80 65.97
N PRO VA 647 -64.06 4.87 65.44
CA PRO VA 647 -64.11 6.15 66.13
C PRO VA 647 -65.52 6.70 66.20
N GLN VA 648 -65.79 7.45 67.25
CA GLN VA 648 -67.05 8.17 67.34
C GLN VA 648 -67.13 9.19 66.22
N ILE VA 649 -68.28 9.24 65.56
CA ILE VA 649 -68.53 10.19 64.48
C ILE VA 649 -69.50 11.22 65.03
N LEU VA 650 -69.00 12.43 65.26
CA LEU VA 650 -69.79 13.48 65.87
C LEU VA 650 -70.31 14.40 64.78
N ILE VA 651 -71.57 14.75 64.86
CA ILE VA 651 -72.22 15.59 63.86
C ILE VA 651 -73.03 16.66 64.56
N LYS VA 652 -73.03 17.86 64.01
CA LYS VA 652 -73.75 18.97 64.60
C LYS VA 652 -74.19 19.92 63.50
N ASN VA 653 -75.39 20.47 63.65
CA ASN VA 653 -75.80 21.60 62.82
C ASN VA 653 -75.04 22.83 63.25
N THR VA 654 -74.35 23.46 62.31
CA THR VA 654 -73.66 24.70 62.64
C THR VA 654 -74.67 25.76 63.01
N PRO VA 655 -74.53 26.42 64.16
CA PRO VA 655 -75.49 27.44 64.55
C PRO VA 655 -75.52 28.58 63.53
N VAL VA 656 -76.73 28.98 63.15
CA VAL VA 656 -76.93 30.12 62.27
C VAL VA 656 -77.66 31.19 63.07
N PRO VA 657 -76.98 32.26 63.45
CA PRO VA 657 -77.63 33.30 64.26
C PRO VA 657 -78.80 33.93 63.52
N ALA VA 658 -79.82 34.28 64.28
CA ALA VA 658 -80.83 35.18 63.77
C ALA VA 658 -80.22 36.58 63.66
N ASP VA 659 -81.04 37.55 63.26
CA ASP VA 659 -80.50 38.89 63.03
C ASP VA 659 -79.96 39.46 64.34
N PRO VA 660 -78.69 39.82 64.40
CA PRO VA 660 -78.15 40.43 65.61
C PRO VA 660 -78.63 41.85 65.75
N PRO VA 661 -78.52 42.44 66.94
CA PRO VA 661 -78.88 43.86 67.08
C PRO VA 661 -77.94 44.74 66.26
N THR VA 662 -78.42 45.93 65.92
CA THR VA 662 -77.63 46.86 65.13
C THR VA 662 -76.64 47.65 65.97
N THR VA 663 -76.67 47.50 67.29
CA THR VA 663 -75.66 48.07 68.16
C THR VA 663 -74.91 46.92 68.83
N PHE VA 664 -73.60 47.07 68.96
CA PHE VA 664 -72.77 45.97 69.41
C PHE VA 664 -73.13 45.54 70.83
N ASN VA 665 -73.22 44.24 71.03
CA ASN VA 665 -73.40 43.62 72.34
C ASN VA 665 -72.37 42.52 72.49
N GLN VA 666 -71.60 42.57 73.58
CA GLN VA 666 -70.55 41.58 73.80
C GLN VA 666 -71.11 40.22 74.16
N SER VA 667 -72.35 40.14 74.60
CA SER VA 667 -72.91 38.88 75.05
C SER VA 667 -73.00 37.90 73.89
N LYS VA 668 -72.80 36.62 74.22
CA LYS VA 668 -72.93 35.58 73.21
C LYS VA 668 -74.34 35.57 72.64
N LEU VA 669 -74.44 35.31 71.34
CA LEU VA 669 -75.75 35.30 70.69
C LEU VA 669 -76.54 34.07 71.15
N ASN VA 670 -77.79 34.29 71.51
CA ASN VA 670 -78.68 33.21 71.88
C ASN VA 670 -79.89 33.11 70.97
N SER VA 671 -80.02 33.99 70.00
CA SER VA 671 -81.11 33.95 69.03
C SER VA 671 -80.59 33.29 67.77
N PHE VA 672 -81.08 32.09 67.48
CA PHE VA 672 -80.61 31.32 66.36
C PHE VA 672 -81.79 30.94 65.47
N ILE VA 673 -81.47 30.80 64.17
CA ILE VA 673 -82.45 30.29 63.23
C ILE VA 673 -82.72 28.83 63.53
N THR VA 674 -84.00 28.49 63.70
CA THR VA 674 -84.35 27.11 63.99
C THR VA 674 -84.04 26.24 62.78
N GLN VA 675 -83.33 25.14 63.02
CA GLN VA 675 -82.68 24.46 61.92
C GLN VA 675 -82.50 22.99 62.26
N TYR VA 676 -82.61 22.14 61.24
CA TYR VA 676 -82.28 20.74 61.38
C TYR VA 676 -81.72 20.27 60.05
N SER VA 677 -80.98 19.17 60.10
CA SER VA 677 -80.40 18.61 58.91
C SER VA 677 -80.86 17.18 58.73
N THR VA 678 -80.89 16.75 57.47
CA THR VA 678 -81.18 15.36 57.13
C THR VA 678 -80.22 14.96 56.03
N GLY VA 679 -79.99 13.66 55.93
CA GLY VA 679 -79.10 13.16 54.90
C GLY VA 679 -79.10 11.65 54.92
N GLN VA 680 -78.17 11.09 54.17
CA GLN VA 680 -77.99 9.65 54.13
C GLN VA 680 -76.66 9.30 54.74
N VAL VA 681 -76.62 8.18 55.44
CA VAL VA 681 -75.42 7.65 56.04
C VAL VA 681 -75.21 6.24 55.50
N SER VA 682 -74.00 5.95 55.05
CA SER VA 682 -73.63 4.64 54.58
C SER VA 682 -72.50 4.11 55.44
N VAL VA 683 -72.65 2.89 55.94
CA VAL VA 683 -71.58 2.21 56.63
C VAL VA 683 -71.38 0.85 55.97
N GLU VA 684 -70.14 0.57 55.56
CA GLU VA 684 -69.77 -0.69 54.95
C GLU VA 684 -68.77 -1.37 55.86
N ILE VA 685 -69.08 -2.58 56.28
CA ILE VA 685 -68.17 -3.37 57.11
C ILE VA 685 -67.83 -4.65 56.37
N GLU VA 686 -66.55 -4.94 56.27
CA GLU VA 686 -66.08 -6.21 55.76
C GLU VA 686 -65.81 -7.13 56.93
N TRP VA 687 -66.43 -8.30 56.91
CA TRP VA 687 -66.26 -9.29 57.96
C TRP VA 687 -65.51 -10.48 57.41
N GLU VA 688 -64.56 -10.98 58.19
CA GLU VA 688 -63.88 -12.22 57.87
C GLU VA 688 -64.64 -13.38 58.51
N LEU VA 689 -64.77 -14.47 57.77
CA LEU VA 689 -65.53 -15.63 58.21
C LEU VA 689 -64.59 -16.78 58.53
N GLN VA 690 -64.93 -17.53 59.57
CA GLN VA 690 -64.30 -18.80 59.87
C GLN VA 690 -65.24 -19.90 59.41
N LYS VA 691 -64.92 -20.54 58.29
CA LYS VA 691 -65.75 -21.60 57.76
C LYS VA 691 -65.67 -22.82 58.68
N GLU VA 692 -66.81 -23.48 58.85
CA GLU VA 692 -66.85 -24.69 59.64
C GLU VA 692 -66.24 -25.84 58.85
N ASN VA 693 -65.29 -26.54 59.47
CA ASN VA 693 -64.67 -27.71 58.87
C ASN VA 693 -64.93 -28.88 59.81
N SER VA 694 -66.10 -29.50 59.66
CA SER VA 694 -66.61 -30.44 60.64
C SER VA 694 -66.84 -31.80 59.98
N LYS VA 695 -66.48 -32.86 60.70
CA LYS VA 695 -66.72 -34.22 60.26
C LYS VA 695 -67.93 -34.84 60.95
N ARG VA 696 -68.76 -34.01 61.58
CA ARG VA 696 -70.00 -34.48 62.18
C ARG VA 696 -70.86 -35.15 61.11
N TRP VA 697 -71.41 -36.32 61.45
CA TRP VA 697 -72.19 -37.08 60.49
C TRP VA 697 -73.64 -36.62 60.46
N ASN VA 698 -74.27 -36.50 61.62
CA ASN VA 698 -75.67 -36.14 61.69
C ASN VA 698 -75.86 -34.66 61.41
N PRO VA 699 -77.05 -34.26 60.96
CA PRO VA 699 -77.28 -32.84 60.64
C PRO VA 699 -77.14 -31.96 61.86
N GLU VA 700 -76.69 -30.73 61.62
CA GLU VA 700 -76.52 -29.74 62.66
C GLU VA 700 -77.83 -29.05 62.97
N ILE VA 701 -77.87 -28.35 64.09
CA ILE VA 701 -78.95 -27.43 64.38
C ILE VA 701 -78.73 -26.15 63.58
N GLN VA 702 -79.78 -25.70 62.92
CA GLN VA 702 -79.71 -24.50 62.10
C GLN VA 702 -80.80 -23.55 62.53
N TYR VA 703 -80.53 -22.25 62.44
CA TYR VA 703 -81.61 -21.29 62.61
C TYR VA 703 -82.51 -21.34 61.38
N THR VA 704 -83.81 -21.49 61.61
CA THR VA 704 -84.77 -21.58 60.53
C THR VA 704 -86.00 -20.78 60.90
N SER VA 705 -86.65 -20.22 59.89
CA SER VA 705 -87.97 -19.65 60.11
C SER VA 705 -88.98 -20.76 60.28
N ASN VA 706 -90.04 -20.46 61.01
CA ASN VA 706 -91.11 -21.44 61.21
C ASN VA 706 -91.86 -21.67 59.90
N TYR VA 707 -92.11 -22.94 59.60
CA TYR VA 707 -92.79 -23.28 58.36
C TYR VA 707 -94.28 -23.00 58.44
N TYR VA 708 -94.87 -23.08 59.62
CA TYR VA 708 -96.31 -22.98 59.78
C TYR VA 708 -96.80 -21.57 59.49
N LYS VA 709 -98.06 -21.47 59.09
CA LYS VA 709 -98.64 -20.19 58.69
C LYS VA 709 -98.75 -19.24 59.88
N SER VA 710 -98.77 -17.94 59.58
CA SER VA 710 -98.86 -16.93 60.61
C SER VA 710 -99.49 -15.68 60.01
N THR VA 711 -99.96 -14.80 60.90
CA THR VA 711 -100.59 -13.57 60.45
C THR VA 711 -99.60 -12.69 59.70
N SER VA 712 -98.36 -12.65 60.15
CA SER VA 712 -97.34 -11.81 59.53
C SER VA 712 -96.06 -12.61 59.36
N VAL VA 713 -95.23 -12.17 58.44
CA VAL VA 713 -93.92 -12.76 58.23
C VAL VA 713 -92.99 -12.26 59.33
N ASP VA 714 -92.26 -13.18 59.94
CA ASP VA 714 -91.26 -12.81 60.94
C ASP VA 714 -90.15 -12.00 60.28
N PHE VA 715 -89.68 -10.97 60.99
CA PHE VA 715 -88.68 -10.04 60.48
C PHE VA 715 -89.17 -9.36 59.19
N ALA VA 716 -90.40 -8.89 59.24
CA ALA VA 716 -90.99 -8.11 58.16
C ALA VA 716 -91.83 -7.00 58.78
N VAL VA 717 -92.51 -6.27 57.95
CA VAL VA 717 -93.39 -5.21 58.41
C VAL VA 717 -94.79 -5.78 58.59
N ASN VA 718 -95.56 -5.16 59.46
CA ASN VA 718 -96.95 -5.52 59.64
C ASN VA 718 -97.81 -4.67 58.71
N THR VA 719 -99.12 -4.69 58.92
CA THR VA 719 -100.02 -3.92 58.06
C THR VA 719 -99.86 -2.43 58.24
N GLU VA 720 -99.25 -1.98 59.33
CA GLU VA 720 -99.04 -0.56 59.59
C GLU VA 720 -97.67 -0.07 59.18
N GLY VA 721 -96.85 -0.94 58.58
CA GLY VA 721 -95.52 -0.54 58.17
C GLY VA 721 -94.47 -0.62 59.24
N VAL VA 722 -94.78 -1.20 60.39
CA VAL VA 722 -93.83 -1.29 61.50
C VAL VA 722 -92.99 -2.54 61.31
N TYR VA 723 -91.69 -2.37 61.18
CA TYR VA 723 -90.76 -3.48 61.18
C TYR VA 723 -90.52 -3.95 62.60
N SER VA 724 -90.56 -5.26 62.81
CA SER VA 724 -90.34 -5.83 64.12
C SER VA 724 -89.40 -7.02 64.04
N GLU VA 725 -88.60 -7.19 65.08
CA GLU VA 725 -87.78 -8.38 65.22
C GLU VA 725 -88.42 -9.28 66.27
N PRO VA 726 -89.00 -10.41 65.88
CA PRO VA 726 -89.83 -11.16 66.84
C PRO VA 726 -89.03 -11.88 67.91
N ARG VA 727 -87.76 -12.20 67.66
CA ARG VA 727 -86.97 -12.95 68.62
C ARG VA 727 -85.53 -12.49 68.52
N PRO VA 728 -84.74 -12.68 69.57
CA PRO VA 728 -83.29 -12.43 69.47
C PRO VA 728 -82.62 -13.65 68.84
N ILE VA 729 -82.00 -13.44 67.69
CA ILE VA 729 -81.29 -14.52 67.02
C ILE VA 729 -79.87 -14.53 67.54
N GLY VA 730 -79.49 -15.61 68.22
CA GLY VA 730 -78.13 -15.77 68.66
C GLY VA 730 -77.22 -16.11 67.50
N THR VA 731 -76.07 -16.68 67.79
CA THR VA 731 -75.08 -16.93 66.77
C THR VA 731 -74.60 -18.37 66.80
N ARG VA 732 -74.88 -19.12 67.86
CA ARG VA 732 -74.29 -20.43 68.08
C ARG VA 732 -75.28 -21.51 67.70
N TYR VA 733 -75.16 -22.00 66.48
CA TYR VA 733 -75.97 -23.11 65.99
C TYR VA 733 -75.14 -24.28 65.52
N LEU VA 734 -74.04 -24.03 64.84
CA LEU VA 734 -73.11 -25.09 64.49
C LEU VA 734 -72.39 -25.58 65.75
N THR VA 735 -71.75 -26.74 65.63
CA THR VA 735 -71.10 -27.36 66.77
C THR VA 735 -69.63 -27.63 66.49
N ARG VA 736 -68.84 -27.61 67.56
CA ARG VA 736 -67.45 -28.03 67.53
C ARG VA 736 -67.19 -28.95 68.71
N ASN VA 737 -66.21 -29.83 68.55
CA ASN VA 737 -65.68 -30.54 69.69
C ASN VA 737 -64.90 -29.59 70.57
N LEU VA 738 -64.74 -29.97 71.83
CA LEU VA 738 -63.94 -29.16 72.75
C LEU VA 738 -62.46 -29.37 72.47
N GLY WA 221 -75.73 27.63 33.52
CA GLY WA 221 -75.86 28.05 34.90
C GLY WA 221 -77.05 28.95 35.16
N VAL WA 222 -77.58 28.88 36.40
CA VAL WA 222 -78.72 29.72 36.77
C VAL WA 222 -78.33 31.19 36.73
N GLY WA 223 -77.14 31.52 37.25
CA GLY WA 223 -76.71 32.89 37.38
C GLY WA 223 -75.88 33.45 36.26
N SER WA 224 -75.80 32.78 35.12
CA SER WA 224 -75.02 33.24 33.99
C SER WA 224 -75.92 33.39 32.77
N SER WA 225 -75.74 34.48 32.04
CA SER WA 225 -76.50 34.72 30.82
C SER WA 225 -76.09 33.71 29.75
N SER WA 226 -77.08 33.22 29.00
CA SER WA 226 -76.83 32.27 27.94
C SER WA 226 -76.73 32.92 26.57
N GLY WA 227 -76.80 34.25 26.51
CA GLY WA 227 -76.65 34.94 25.25
C GLY WA 227 -76.78 36.43 25.46
N ASN WA 228 -76.32 37.18 24.46
CA ASN WA 228 -76.32 38.62 24.50
C ASN WA 228 -77.37 39.19 23.56
N TRP WA 229 -77.72 40.44 23.79
CA TRP WA 229 -78.65 41.16 22.93
C TRP WA 229 -77.93 41.56 21.65
N HIS WA 230 -78.47 41.13 20.50
CA HIS WA 230 -77.86 41.40 19.21
C HIS WA 230 -78.93 41.97 18.28
N CYS WA 231 -79.11 43.28 18.33
CA CYS WA 231 -79.90 44.01 17.34
C CYS WA 231 -78.95 44.91 16.58
N ASP WA 232 -78.87 44.71 15.28
CA ASP WA 232 -77.89 45.43 14.47
C ASP WA 232 -78.18 45.14 13.00
N SER WA 233 -77.59 45.98 12.14
CA SER WA 233 -77.56 45.72 10.71
C SER WA 233 -76.21 46.18 10.20
N THR WA 234 -75.47 45.26 9.58
CA THR WA 234 -74.15 45.57 9.03
C THR WA 234 -74.23 45.49 7.52
N TRP WA 235 -73.94 46.59 6.86
CA TRP WA 235 -73.91 46.66 5.40
C TRP WA 235 -72.46 46.54 4.96
N LEU WA 236 -72.16 45.49 4.20
CA LEU WA 236 -70.78 45.21 3.78
C LEU WA 236 -70.83 44.73 2.33
N GLY WA 237 -70.46 45.61 1.41
CA GLY WA 237 -70.45 45.24 0.01
C GLY WA 237 -71.84 44.94 -0.50
N ASP WA 238 -72.00 43.77 -1.10
CA ASP WA 238 -73.27 43.33 -1.65
C ASP WA 238 -74.10 42.55 -0.64
N ARG WA 239 -73.73 42.58 0.63
CA ARG WA 239 -74.48 41.90 1.68
C ARG WA 239 -74.94 42.90 2.71
N VAL WA 240 -76.10 42.62 3.30
CA VAL WA 240 -76.53 43.27 4.54
C VAL WA 240 -76.92 42.16 5.50
N ILE WA 241 -76.39 42.22 6.72
CA ILE WA 241 -76.69 41.24 7.75
C ILE WA 241 -77.54 41.93 8.80
N THR WA 242 -78.82 41.59 8.83
CA THR WA 242 -79.71 42.09 9.85
C THR WA 242 -79.75 41.07 10.99
N THR WA 243 -79.59 41.56 12.21
CA THR WA 243 -79.79 40.74 13.38
C THR WA 243 -80.74 41.46 14.32
N SER WA 244 -81.71 40.74 14.85
CA SER WA 244 -82.71 41.33 15.70
C SER WA 244 -82.94 40.44 16.91
N THR WA 245 -83.00 41.05 18.08
CA THR WA 245 -83.29 40.35 19.31
C THR WA 245 -84.58 40.90 19.89
N ARG WA 246 -85.42 40.01 20.40
CA ARG WA 246 -86.66 40.40 21.05
C ARG WA 246 -86.83 39.59 22.32
N THR WA 247 -87.58 40.16 23.25
CA THR WA 247 -87.99 39.43 24.44
C THR WA 247 -89.37 38.84 24.18
N TRP WA 248 -89.50 37.55 24.42
CA TRP WA 248 -90.76 36.85 24.19
C TRP WA 248 -91.30 36.33 25.51
N ALA WA 249 -92.60 36.04 25.51
CA ALA WA 249 -93.25 35.38 26.63
C ALA WA 249 -94.10 34.25 26.06
N LEU WA 250 -93.90 33.05 26.57
CA LEU WA 250 -94.65 31.89 26.11
C LEU WA 250 -95.55 31.38 27.21
N PRO WA 251 -96.87 31.49 27.07
CA PRO WA 251 -97.77 30.90 28.06
C PRO WA 251 -97.90 29.41 27.84
N THR WA 252 -98.60 28.77 28.76
CA THR WA 252 -99.07 27.41 28.53
C THR WA 252 -100.33 27.48 27.67
N TYR WA 253 -100.28 26.86 26.51
CA TYR WA 253 -101.41 26.86 25.59
C TYR WA 253 -102.22 25.59 25.76
N ASN WA 254 -103.54 25.73 25.68
CA ASN WA 254 -104.47 24.61 25.64
C ASN WA 254 -104.44 23.76 26.90
N ASN WA 255 -103.86 24.26 27.98
CA ASN WA 255 -103.64 23.46 29.19
C ASN WA 255 -102.88 22.18 28.87
N HIS WA 256 -101.85 22.32 28.03
CA HIS WA 256 -100.97 21.23 27.61
C HIS WA 256 -101.67 20.18 26.76
N LEU WA 257 -102.84 20.48 26.21
CA LEU WA 257 -103.63 19.50 25.49
C LEU WA 257 -103.60 19.77 23.98
N TYR WA 258 -103.76 18.70 23.22
CA TYR WA 258 -104.11 18.81 21.82
C TYR WA 258 -105.62 18.75 21.71
N LYS WA 259 -106.21 19.75 21.09
CA LYS WA 259 -107.66 19.81 20.95
C LYS WA 259 -108.03 19.78 19.48
N GLN WA 260 -108.95 18.91 19.12
CA GLN WA 260 -109.55 18.97 17.80
C GLN WA 260 -110.42 20.21 17.71
N ILE WA 261 -110.25 20.98 16.64
CA ILE WA 261 -111.02 22.19 16.41
C ILE WA 261 -111.70 22.06 15.06
N SER WA 262 -112.93 22.56 14.97
CA SER WA 262 -113.72 22.42 13.76
C SER WA 262 -114.64 23.61 13.62
N ASN WA 263 -115.20 23.74 12.41
CA ASN WA 263 -116.22 24.73 12.12
C ASN WA 263 -117.08 24.16 11.01
N GLY WA 264 -118.38 24.06 11.26
CA GLY WA 264 -119.30 23.50 10.30
C GLY WA 264 -120.36 24.52 9.88
N THR WA 265 -121.27 24.04 9.05
CA THR WA 265 -122.35 24.89 8.55
C THR WA 265 -123.53 24.90 9.53
N ALA WA 269 -121.97 29.28 10.28
CA ALA WA 269 -120.87 29.46 9.34
C ALA WA 269 -121.23 28.91 7.96
N THR WA 270 -120.66 29.51 6.92
CA THR WA 270 -120.90 29.04 5.58
C THR WA 270 -119.93 27.90 5.24
N ASN WA 271 -120.25 27.19 4.16
CA ASN WA 271 -119.38 26.10 3.73
C ASN WA 271 -118.00 26.61 3.35
N ASP WA 272 -117.90 27.85 2.87
CA ASP WA 272 -116.62 28.41 2.48
C ASP WA 272 -115.67 28.55 3.67
N ASN WA 273 -116.18 28.58 4.89
CA ASN WA 273 -115.36 28.82 6.07
C ASN WA 273 -115.25 27.60 6.98
N THR WA 274 -115.67 26.42 6.50
CA THR WA 274 -115.56 25.22 7.32
C THR WA 274 -114.10 24.78 7.41
N TYR WA 275 -113.77 24.15 8.53
CA TYR WA 275 -112.44 23.58 8.68
C TYR WA 275 -112.47 22.47 9.72
N PHE WA 276 -111.46 21.62 9.64
CA PHE WA 276 -111.15 20.63 10.67
C PHE WA 276 -109.65 20.71 10.91
N GLY WA 277 -109.27 20.75 12.17
CA GLY WA 277 -107.86 20.84 12.46
C GLY WA 277 -107.60 20.56 13.91
N TYR WA 278 -106.40 20.91 14.36
CA TYR WA 278 -105.99 20.65 15.71
C TYR WA 278 -105.32 21.87 16.30
N SER WA 279 -105.70 22.20 17.52
CA SER WA 279 -104.98 23.17 18.33
C SER WA 279 -103.96 22.42 19.17
N THR WA 280 -102.73 22.88 19.15
CA THR WA 280 -101.67 22.23 19.88
C THR WA 280 -101.24 23.07 21.07
N PRO WA 281 -100.65 22.45 22.10
CA PRO WA 281 -100.11 23.22 23.22
C PRO WA 281 -98.79 23.91 22.91
N TRP WA 282 -98.35 23.89 21.66
CA TRP WA 282 -97.06 24.44 21.28
C TRP WA 282 -97.21 25.87 20.77
N GLY WA 283 -96.24 26.69 21.10
CA GLY WA 283 -96.06 27.95 20.42
C GLY WA 283 -95.08 27.79 19.27
N TYR WA 284 -94.95 28.85 18.48
CA TYR WA 284 -93.98 28.82 17.41
C TYR WA 284 -93.44 30.23 17.20
N PHE WA 285 -92.20 30.29 16.73
CA PHE WA 285 -91.53 31.56 16.47
C PHE WA 285 -91.71 31.95 15.02
N ASP WA 286 -92.19 33.17 14.81
CA ASP WA 286 -92.41 33.71 13.48
C ASP WA 286 -91.57 34.98 13.33
N PHE WA 287 -90.77 35.03 12.27
CA PHE WA 287 -90.06 36.24 11.88
C PHE WA 287 -90.18 36.44 10.39
N ASN WA 288 -91.37 36.13 9.87
CA ASN WA 288 -91.65 36.18 8.44
C ASN WA 288 -92.21 37.52 8.00
N ARG WA 289 -91.80 38.60 8.64
CA ARG WA 289 -92.11 39.94 8.18
C ARG WA 289 -90.82 40.73 8.11
N PHE WA 290 -90.73 41.62 7.14
CA PHE WA 290 -89.47 42.33 6.90
C PHE WA 290 -89.13 43.25 8.06
N HIS WA 291 -90.12 43.84 8.73
CA HIS WA 291 -89.81 44.73 9.83
C HIS WA 291 -89.32 44.00 11.07
N CYS WA 292 -89.40 42.67 11.10
CA CYS WA 292 -88.74 41.91 12.14
C CYS WA 292 -87.23 42.00 12.04
N HIS WA 293 -86.70 42.38 10.88
CA HIS WA 293 -85.28 42.39 10.61
C HIS WA 293 -84.75 43.74 10.19
N PHE WA 294 -85.52 44.49 9.42
CA PHE WA 294 -85.09 45.79 8.92
C PHE WA 294 -85.75 46.90 9.74
N SER WA 295 -84.93 47.78 10.30
CA SER WA 295 -85.45 49.04 10.79
C SER WA 295 -85.94 49.87 9.61
N PRO WA 296 -86.84 50.82 9.86
CA PRO WA 296 -87.29 51.67 8.74
C PRO WA 296 -86.16 52.36 8.02
N ARG WA 297 -85.14 52.82 8.76
CA ARG WA 297 -83.98 53.42 8.12
C ARG WA 297 -83.20 52.40 7.31
N ASP WA 298 -83.06 51.18 7.83
CA ASP WA 298 -82.40 50.12 7.06
C ASP WA 298 -83.21 49.77 5.82
N TRP WA 299 -84.54 49.75 5.94
CA TRP WA 299 -85.39 49.51 4.79
C TRP WA 299 -85.19 50.61 3.74
N GLN WA 300 -85.08 51.86 4.19
CA GLN WA 300 -84.81 52.96 3.28
C GLN WA 300 -83.48 52.79 2.58
N ARG WA 301 -82.44 52.42 3.34
CA ARG WA 301 -81.13 52.14 2.75
C ARG WA 301 -81.23 51.06 1.69
N LEU WA 302 -81.99 50.01 1.97
CA LEU WA 302 -82.12 48.90 1.04
C LEU WA 302 -82.84 49.33 -0.24
N ILE WA 303 -84.00 49.98 -0.09
CA ILE WA 303 -84.85 50.23 -1.24
C ILE WA 303 -84.41 51.43 -2.08
N ASN WA 304 -83.66 52.37 -1.50
CA ASN WA 304 -83.24 53.52 -2.26
C ASN WA 304 -81.97 53.29 -3.05
N ASN WA 305 -81.29 52.16 -2.84
CA ASN WA 305 -79.96 51.97 -3.38
C ASN WA 305 -79.74 50.64 -4.07
N ASN WA 306 -80.72 49.74 -4.05
CA ASN WA 306 -80.53 48.40 -4.57
C ASN WA 306 -81.65 48.05 -5.53
N TRP WA 307 -81.28 47.39 -6.63
CA TRP WA 307 -82.26 46.90 -7.58
C TRP WA 307 -82.91 45.61 -7.14
N GLY WA 308 -82.31 44.92 -6.18
CA GLY WA 308 -82.87 43.67 -5.72
C GLY WA 308 -82.16 43.18 -4.48
N PHE WA 309 -82.79 42.22 -3.83
CA PHE WA 309 -82.23 41.60 -2.64
C PHE WA 309 -82.87 40.23 -2.48
N ARG WA 310 -82.21 39.38 -1.71
CA ARG WA 310 -82.72 38.06 -1.41
C ARG WA 310 -82.06 37.55 -0.15
N PRO WA 311 -82.76 36.76 0.66
CA PRO WA 311 -82.11 36.16 1.83
C PRO WA 311 -81.12 35.10 1.41
N LYS WA 312 -80.04 34.98 2.19
CA LYS WA 312 -79.00 34.00 1.93
C LYS WA 312 -78.93 32.94 3.00
N ARG WA 313 -78.84 33.34 4.26
CA ARG WA 313 -78.74 32.42 5.37
C ARG WA 313 -79.36 33.08 6.59
N LEU WA 314 -79.74 32.26 7.56
CA LEU WA 314 -80.22 32.79 8.81
C LEU WA 314 -79.65 31.97 9.96
N SER WA 315 -79.47 32.63 11.09
CA SER WA 315 -79.15 31.98 12.34
C SER WA 315 -80.17 32.43 13.37
N PHE WA 316 -80.60 31.49 14.19
CA PHE WA 316 -81.67 31.71 15.16
C PHE WA 316 -81.16 31.30 16.52
N LYS WA 317 -81.49 32.08 17.54
CA LYS WA 317 -81.03 31.78 18.89
C LYS WA 317 -82.15 32.00 19.90
N LEU WA 318 -82.27 31.06 20.83
CA LEU WA 318 -83.10 31.20 22.01
C LEU WA 318 -82.18 31.15 23.22
N PHE WA 319 -82.33 32.10 24.13
CA PHE WA 319 -81.40 32.21 25.24
C PHE WA 319 -82.04 33.02 26.36
N ASN WA 320 -81.37 33.02 27.51
CA ASN WA 320 -81.84 33.71 28.71
C ASN WA 320 -83.26 33.28 29.04
N ILE WA 321 -83.49 31.97 29.00
CA ILE WA 321 -84.80 31.41 29.24
C ILE WA 321 -85.11 31.47 30.73
N GLN WA 322 -86.29 31.97 31.06
CA GLN WA 322 -86.78 31.99 32.44
C GLN WA 322 -88.15 31.35 32.45
N VAL WA 323 -88.29 30.26 33.18
CA VAL WA 323 -89.57 29.61 33.38
C VAL WA 323 -90.09 30.03 34.73
N LYS WA 324 -91.30 30.57 34.76
CA LYS WA 324 -91.84 31.18 35.95
C LYS WA 324 -93.12 30.47 36.37
N GLU WA 325 -93.26 30.26 37.67
CA GLU WA 325 -94.43 29.65 38.25
C GLU WA 325 -95.30 30.73 38.86
N VAL WA 326 -96.61 30.69 38.56
CA VAL WA 326 -97.56 31.64 39.09
C VAL WA 326 -98.59 30.88 39.94
N THR WA 327 -98.80 31.34 41.16
CA THR WA 327 -99.72 30.69 42.08
C THR WA 327 -100.90 31.57 42.40
N LYS WA 333 -101.88 36.74 43.73
CA LYS WA 333 -101.05 36.14 42.70
C LYS WA 333 -99.58 36.46 42.92
N THR WA 334 -98.76 35.42 43.01
CA THR WA 334 -97.31 35.56 43.11
C THR WA 334 -96.65 34.82 41.97
N ILE WA 335 -95.61 35.42 41.39
CA ILE WA 335 -94.83 34.82 40.32
C ILE WA 335 -93.44 34.54 40.85
N ALA WA 336 -93.00 33.29 40.70
CA ALA WA 336 -91.71 32.86 41.19
C ALA WA 336 -90.97 32.12 40.09
N ASN WA 337 -89.65 32.15 40.16
CA ASN WA 337 -88.84 31.36 39.25
C ASN WA 337 -89.01 29.87 39.54
N ASN WA 338 -89.12 29.08 38.49
CA ASN WA 338 -89.08 27.63 38.58
C ASN WA 338 -87.77 27.22 37.89
N LEU WA 339 -86.70 27.16 38.69
CA LEU WA 339 -85.36 26.99 38.13
C LEU WA 339 -85.19 25.64 37.43
N THR WA 340 -85.94 24.62 37.86
CA THR WA 340 -85.79 23.28 37.31
C THR WA 340 -86.77 22.98 36.20
N SER WA 341 -87.63 23.93 35.83
CA SER WA 341 -88.57 23.70 34.76
C SER WA 341 -87.89 23.87 33.41
N THR WA 342 -88.45 23.21 32.40
CA THR WA 342 -87.88 23.24 31.05
C THR WA 342 -88.88 23.78 30.05
N ILE WA 343 -88.34 24.26 28.94
CA ILE WA 343 -89.09 24.47 27.72
C ILE WA 343 -88.57 23.48 26.70
N GLN WA 344 -89.42 23.12 25.76
CA GLN WA 344 -89.06 22.24 24.65
C GLN WA 344 -89.05 23.03 23.37
N VAL WA 345 -87.94 22.96 22.64
CA VAL WA 345 -87.79 23.66 21.37
C VAL WA 345 -87.32 22.66 20.33
N PHE WA 346 -87.93 22.67 19.17
CA PHE WA 346 -87.42 21.93 18.03
C PHE WA 346 -87.78 22.66 16.75
N THR WA 347 -86.98 22.45 15.72
CA THR WA 347 -87.27 22.96 14.39
C THR WA 347 -87.77 21.81 13.53
N ASP WA 348 -88.84 22.06 12.79
CA ASP WA 348 -89.35 21.10 11.81
C ASP WA 348 -88.46 21.17 10.57
N SER WA 349 -87.23 20.67 10.72
CA SER WA 349 -86.23 20.80 9.68
C SER WA 349 -86.53 19.92 8.47
N GLU WA 350 -87.27 18.84 8.66
CA GLU WA 350 -87.70 17.98 7.56
C GLU WA 350 -89.04 18.38 6.98
N TYR WA 351 -89.64 19.47 7.48
CA TYR WA 351 -90.92 19.96 6.98
C TYR WA 351 -92.00 18.88 7.07
N GLN WA 352 -91.99 18.15 8.16
CA GLN WA 352 -92.97 17.10 8.39
C GLN WA 352 -94.24 17.59 9.06
N LEU WA 353 -94.25 18.77 9.53
CA LEU WA 353 -95.44 19.35 10.12
C LEU WA 353 -96.14 20.25 9.11
N PRO WA 354 -97.45 20.44 9.24
CA PRO WA 354 -98.12 21.46 8.43
C PRO WA 354 -97.46 22.82 8.63
N TYR WA 355 -97.07 23.43 7.53
CA TYR WA 355 -96.34 24.69 7.55
C TYR WA 355 -97.33 25.84 7.60
N VAL WA 356 -97.47 26.45 8.77
CA VAL WA 356 -98.43 27.53 8.95
C VAL WA 356 -97.78 28.90 8.85
N LEU WA 357 -96.46 28.99 8.77
CA LEU WA 357 -95.85 30.24 8.39
C LEU WA 357 -96.16 30.53 6.93
N GLY WA 358 -96.01 31.80 6.55
CA GLY WA 358 -96.39 32.17 5.20
C GLY WA 358 -97.88 32.26 4.99
N SER WA 359 -98.66 32.45 6.05
CA SER WA 359 -100.08 32.77 5.92
C SER WA 359 -100.39 34.16 6.45
N ALA WA 360 -99.36 35.00 6.58
CA ALA WA 360 -99.50 36.40 7.01
C ALA WA 360 -100.19 36.50 8.37
N HIS WA 361 -99.82 35.62 9.29
CA HIS WA 361 -100.43 35.59 10.61
C HIS WA 361 -99.74 36.55 11.55
N GLN WA 362 -100.50 37.01 12.54
CA GLN WA 362 -99.92 37.78 13.63
C GLN WA 362 -99.03 36.88 14.49
N GLY WA 363 -98.27 37.52 15.37
CA GLY WA 363 -97.39 36.79 16.25
C GLY WA 363 -95.94 36.80 15.83
N CYS WA 364 -95.60 37.49 14.76
CA CYS WA 364 -94.20 37.63 14.37
C CYS WA 364 -93.47 38.50 15.40
N LEU WA 365 -92.15 38.51 15.29
CA LEU WA 365 -91.35 39.40 16.11
C LEU WA 365 -91.80 40.84 15.87
N PRO WA 366 -91.98 41.64 16.93
CA PRO WA 366 -92.47 43.00 16.74
C PRO WA 366 -91.47 43.83 15.97
N PRO WA 367 -91.94 44.81 15.19
CA PRO WA 367 -90.99 45.69 14.48
C PRO WA 367 -90.09 46.46 15.42
N PHE WA 368 -90.58 46.87 16.58
CA PHE WA 368 -89.80 47.68 17.51
C PHE WA 368 -89.01 46.77 18.45
N PRO WA 369 -87.68 46.89 18.50
CA PRO WA 369 -86.90 45.96 19.33
C PRO WA 369 -87.24 45.98 20.80
N ALA WA 370 -87.67 47.12 21.33
CA ALA WA 370 -88.01 47.20 22.75
C ALA WA 370 -89.32 46.50 23.07
N ASP WA 371 -90.04 46.01 22.08
CA ASP WA 371 -91.37 45.48 22.30
C ASP WA 371 -91.28 44.01 22.71
N VAL WA 372 -91.96 43.67 23.80
CA VAL WA 372 -92.05 42.30 24.27
C VAL WA 372 -93.30 41.67 23.69
N PHE WA 373 -93.15 40.51 23.07
CA PHE WA 373 -94.24 39.90 22.34
C PHE WA 373 -94.58 38.52 22.88
N MET WA 374 -95.84 38.16 22.70
CA MET WA 374 -96.37 36.86 23.06
C MET WA 374 -96.21 35.89 21.90
N ILE WA 375 -95.75 34.69 22.20
CA ILE WA 375 -95.53 33.67 21.16
C ILE WA 375 -96.87 33.11 20.71
N PRO WA 376 -97.16 33.09 19.41
CA PRO WA 376 -98.46 32.58 18.96
C PRO WA 376 -98.57 31.08 19.14
N GLN WA 377 -99.80 30.61 19.32
CA GLN WA 377 -100.06 29.19 19.50
C GLN WA 377 -100.07 28.48 18.16
N TYR WA 378 -99.40 27.33 18.11
CA TYR WA 378 -99.36 26.55 16.88
C TYR WA 378 -100.63 25.73 16.73
N GLY WA 379 -101.27 25.88 15.58
CA GLY WA 379 -102.36 25.00 15.19
C GLY WA 379 -102.27 24.75 13.71
N TYR WA 380 -102.99 23.73 13.25
CA TYR WA 380 -102.94 23.40 11.84
C TYR WA 380 -104.30 22.87 11.42
N LEU WA 381 -104.51 22.86 10.12
CA LEU WA 381 -105.72 22.34 9.51
C LEU WA 381 -105.38 21.13 8.66
N THR WA 382 -106.31 20.19 8.61
CA THR WA 382 -106.17 19.04 7.75
C THR WA 382 -107.43 18.95 6.89
N LEU WA 383 -107.61 17.84 6.17
CA LEU WA 383 -108.76 17.72 5.31
C LEU WA 383 -110.05 17.70 6.12
N ASN WA 384 -111.06 18.40 5.62
CA ASN WA 384 -112.35 18.46 6.28
C ASN WA 384 -113.46 18.27 5.27
N ASN WA 385 -114.57 17.75 5.76
CA ASN WA 385 -115.84 17.66 5.03
C ASN WA 385 -116.86 18.34 5.95
N GLY WA 386 -117.05 19.63 5.76
CA GLY WA 386 -117.79 20.40 6.76
C GLY WA 386 -116.95 20.50 8.02
N SER WA 387 -117.56 20.18 9.15
CA SER WA 387 -116.84 20.14 10.42
C SER WA 387 -116.24 18.77 10.71
N GLN WA 388 -116.44 17.80 9.84
CA GLN WA 388 -115.97 16.44 10.06
C GLN WA 388 -114.62 16.23 9.38
N ALA WA 389 -113.82 15.35 9.97
CA ALA WA 389 -112.61 14.89 9.31
C ALA WA 389 -112.93 13.78 8.34
N VAL WA 390 -112.01 13.56 7.41
CA VAL WA 390 -112.09 12.42 6.50
C VAL WA 390 -110.97 11.45 6.87
N GLY WA 391 -110.99 10.28 6.25
CA GLY WA 391 -109.97 9.29 6.53
C GLY WA 391 -108.57 9.75 6.18
N ARG WA 392 -108.44 10.69 5.26
CA ARG WA 392 -107.15 11.22 4.89
C ARG WA 392 -106.66 12.34 5.81
N SER WA 393 -107.50 12.78 6.75
CA SER WA 393 -107.09 13.81 7.68
C SER WA 393 -105.93 13.32 8.53
N SER WA 394 -104.93 14.17 8.69
CA SER WA 394 -103.72 13.82 9.43
C SER WA 394 -103.74 14.49 10.79
N PHE WA 395 -103.43 13.72 11.82
CA PHE WA 395 -103.21 14.24 13.16
C PHE WA 395 -101.72 14.18 13.46
N TYR WA 396 -101.16 15.28 13.93
CA TYR WA 396 -99.75 15.38 14.26
C TYR WA 396 -99.58 15.65 15.74
N CYS WA 397 -98.80 14.81 16.41
CA CYS WA 397 -98.37 15.06 17.78
C CYS WA 397 -96.98 15.67 17.71
N LEU WA 398 -96.85 16.91 18.19
CA LEU WA 398 -95.55 17.56 18.14
C LEU WA 398 -94.59 17.00 19.19
N GLU WA 399 -95.11 16.33 20.21
CA GLU WA 399 -94.24 15.60 21.13
C GLU WA 399 -93.61 14.39 20.47
N TYR WA 400 -94.15 13.95 19.33
CA TYR WA 400 -93.57 12.85 18.57
C TYR WA 400 -92.33 13.27 17.80
N PHE WA 401 -91.82 14.45 18.04
CA PHE WA 401 -90.60 14.93 17.43
C PHE WA 401 -89.49 15.01 18.48
N PRO WA 402 -88.24 14.83 18.09
CA PRO WA 402 -87.13 15.12 19.01
C PRO WA 402 -87.07 16.61 19.30
N SER WA 403 -87.12 16.97 20.58
CA SER WA 403 -87.06 18.36 21.00
C SER WA 403 -85.92 18.52 21.99
N GLN WA 404 -85.24 19.65 21.89
CA GLN WA 404 -84.28 20.02 22.92
C GLN WA 404 -85.03 20.59 24.10
N MET WA 405 -84.76 20.06 25.30
CA MET WA 405 -85.34 20.61 26.52
C MET WA 405 -84.34 21.55 27.17
N LEU WA 406 -84.80 22.71 27.57
CA LEU WA 406 -83.93 23.78 28.03
C LEU WA 406 -84.35 24.21 29.42
N ARG WA 407 -83.42 24.17 30.35
CA ARG WA 407 -83.62 24.83 31.63
C ARG WA 407 -83.14 26.28 31.52
N THR WA 408 -83.19 27.01 32.63
CA THR WA 408 -82.92 28.44 32.59
C THR WA 408 -81.49 28.74 32.14
N GLY WA 409 -80.57 27.81 32.33
CA GLY WA 409 -79.20 28.00 31.89
C GLY WA 409 -78.90 27.58 30.48
N ASN WA 410 -79.84 26.97 29.79
CA ASN WA 410 -79.61 26.45 28.46
C ASN WA 410 -80.00 27.45 27.39
N ASN WA 411 -79.43 27.28 26.21
CA ASN WA 411 -79.80 28.07 25.05
C ASN WA 411 -79.99 27.15 23.85
N PHE WA 412 -80.75 27.63 22.89
CA PHE WA 412 -81.04 26.89 21.67
C PHE WA 412 -80.60 27.74 20.48
N GLN WA 413 -80.02 27.09 19.48
CA GLN WA 413 -79.66 27.82 18.27
C GLN WA 413 -79.61 26.86 17.11
N PHE WA 414 -79.89 27.40 15.92
CA PHE WA 414 -79.71 26.65 14.68
C PHE WA 414 -79.45 27.65 13.56
N THR WA 415 -78.85 27.14 12.50
CA THR WA 415 -78.57 27.92 11.32
C THR WA 415 -79.31 27.32 10.14
N TYR WA 416 -79.67 28.16 9.19
CA TYR WA 416 -80.40 27.75 8.01
C TYR WA 416 -79.87 28.50 6.81
N THR WA 417 -79.75 27.81 5.69
CA THR WA 417 -79.31 28.41 4.44
C THR WA 417 -80.48 28.46 3.48
N PHE WA 418 -80.78 29.65 2.98
CA PHE WA 418 -81.82 29.78 1.97
C PHE WA 418 -81.37 29.15 0.67
N GLU WA 419 -82.31 28.52 -0.03
CA GLU WA 419 -82.03 28.02 -1.36
C GLU WA 419 -81.81 29.19 -2.31
N ASP WA 420 -81.24 28.90 -3.47
CA ASP WA 420 -81.06 29.92 -4.48
C ASP WA 420 -82.41 30.42 -4.96
N VAL WA 421 -82.77 31.62 -4.56
CA VAL WA 421 -84.07 32.21 -4.89
C VAL WA 421 -83.78 33.42 -5.76
N PRO WA 422 -84.66 33.78 -6.70
CA PRO WA 422 -84.41 34.98 -7.49
C PRO WA 422 -84.45 36.23 -6.62
N PHE WA 423 -83.66 37.23 -7.02
CA PHE WA 423 -83.71 38.52 -6.36
C PHE WA 423 -85.11 39.10 -6.49
N HIS WA 424 -85.61 39.67 -5.40
CA HIS WA 424 -86.84 40.44 -5.50
C HIS WA 424 -86.58 41.69 -6.32
N SER WA 425 -87.52 42.01 -7.20
CA SER WA 425 -87.39 43.19 -8.06
C SER WA 425 -87.64 44.43 -7.23
N SER WA 426 -86.57 45.00 -6.68
CA SER WA 426 -86.68 46.22 -5.89
C SER WA 426 -86.55 47.45 -6.80
N TYR WA 427 -87.33 47.46 -7.86
CA TYR WA 427 -87.27 48.51 -8.86
C TYR WA 427 -88.60 48.58 -9.59
N ALA WA 428 -88.88 49.73 -10.16
CA ALA WA 428 -90.00 49.90 -11.07
C ALA WA 428 -89.44 50.15 -12.47
N HIS WA 429 -90.13 49.63 -13.47
CA HIS WA 429 -89.67 49.81 -14.84
C HIS WA 429 -89.89 51.24 -15.29
N SER WA 430 -88.87 51.84 -15.90
CA SER WA 430 -88.96 53.18 -16.46
C SER WA 430 -89.43 53.15 -17.91
N GLN WA 431 -89.77 51.99 -18.43
CA GLN WA 431 -90.34 51.84 -19.74
C GLN WA 431 -91.60 51.00 -19.64
N SER WA 432 -92.54 51.26 -20.52
CA SER WA 432 -93.74 50.45 -20.62
C SER WA 432 -93.55 49.37 -21.67
N LEU WA 433 -94.25 48.25 -21.48
CA LEU WA 433 -94.10 47.13 -22.40
C LEU WA 433 -94.54 47.48 -23.81
N ASP WA 434 -95.53 48.34 -23.96
CA ASP WA 434 -96.01 48.75 -25.27
C ASP WA 434 -95.25 49.96 -25.82
N ARG WA 435 -94.19 50.38 -25.16
CA ARG WA 435 -93.40 51.54 -25.57
C ARG WA 435 -91.92 51.20 -25.57
N LEU WA 436 -91.57 50.02 -26.07
CA LEU WA 436 -90.18 49.58 -26.11
C LEU WA 436 -89.51 49.92 -27.43
N MET WA 437 -90.23 50.53 -28.35
CA MET WA 437 -89.74 50.77 -29.70
C MET WA 437 -89.10 52.15 -29.83
N ASN WA 438 -88.32 52.30 -30.90
CA ASN WA 438 -87.74 53.58 -31.24
C ASN WA 438 -88.85 54.51 -31.73
N PRO WA 439 -89.05 55.66 -31.09
CA PRO WA 439 -90.13 56.56 -31.49
C PRO WA 439 -89.83 57.42 -32.72
N LEU WA 440 -88.72 57.18 -33.41
CA LEU WA 440 -88.36 57.97 -34.57
C LEU WA 440 -88.40 57.19 -35.86
N ILE WA 441 -88.39 55.86 -35.81
CA ILE WA 441 -88.23 55.02 -36.98
C ILE WA 441 -89.51 54.22 -37.19
N ASP WA 442 -89.94 54.14 -38.44
CA ASP WA 442 -91.06 53.27 -38.78
C ASP WA 442 -90.64 51.81 -38.69
N GLN WA 443 -91.63 50.95 -38.54
CA GLN WA 443 -91.40 49.52 -38.66
C GLN WA 443 -91.38 49.12 -40.13
N TYR WA 444 -90.60 48.10 -40.45
CA TYR WA 444 -90.70 47.51 -41.78
C TYR WA 444 -91.86 46.55 -41.91
N LEU WA 445 -92.45 46.14 -40.79
CA LEU WA 445 -93.64 45.30 -40.81
C LEU WA 445 -94.88 46.14 -41.06
N TYR WA 446 -95.85 45.55 -41.74
CA TYR WA 446 -97.11 46.19 -42.02
C TYR WA 446 -98.20 45.61 -41.13
N TYR WA 447 -99.23 46.41 -40.88
CA TYR WA 447 -100.43 45.94 -40.21
C TYR WA 447 -101.63 46.30 -41.07
N LEU WA 448 -102.69 45.51 -40.94
CA LEU WA 448 -103.94 45.83 -41.62
C LEU WA 448 -104.50 47.13 -41.04
N SER WA 449 -104.46 48.19 -41.82
CA SER WA 449 -104.86 49.51 -41.34
C SER WA 449 -106.29 49.88 -41.71
N ARG WA 450 -106.80 49.38 -42.83
CA ARG WA 450 -108.17 49.64 -43.21
C ARG WA 450 -108.76 48.42 -43.92
N THR WA 451 -110.04 48.20 -43.70
CA THR WA 451 -110.78 47.16 -44.40
C THR WA 451 -111.89 47.73 -45.28
N GLN WA 452 -112.03 49.05 -45.35
CA GLN WA 452 -113.08 49.69 -46.11
C GLN WA 452 -112.52 50.94 -46.77
N THR WA 453 -112.93 51.17 -48.02
CA THR WA 453 -112.44 52.34 -48.76
C THR WA 453 -112.92 53.64 -48.16
N ASN WA 459 -118.90 53.30 -49.49
CA ASN WA 459 -117.59 52.67 -49.41
C ASN WA 459 -117.69 51.16 -49.52
N THR WA 460 -116.66 50.54 -50.07
CA THR WA 460 -116.63 49.11 -50.33
C THR WA 460 -115.49 48.47 -49.55
N GLN WA 461 -115.49 47.14 -49.53
CA GLN WA 461 -114.43 46.41 -48.86
C GLN WA 461 -113.11 46.58 -49.60
N THR WA 462 -112.03 46.63 -48.82
CA THR WA 462 -110.68 46.74 -49.35
C THR WA 462 -109.73 46.20 -48.29
N LEU WA 463 -108.45 46.13 -48.64
CA LEU WA 463 -107.41 45.75 -47.69
C LEU WA 463 -106.29 46.80 -47.82
N GLY WA 464 -106.21 47.69 -46.84
CA GLY WA 464 -105.16 48.67 -46.77
C GLY WA 464 -104.20 48.33 -45.65
N PHE WA 465 -102.92 48.41 -45.95
CA PHE WA 465 -101.86 48.05 -45.00
C PHE WA 465 -100.94 49.24 -44.80
N SER WA 466 -100.59 49.50 -43.55
CA SER WA 466 -99.71 50.61 -43.21
C SER WA 466 -98.58 50.08 -42.36
N GLN WA 467 -97.48 50.82 -42.36
CA GLN WA 467 -96.34 50.51 -41.52
C GLN WA 467 -96.50 51.19 -40.17
N GLY WA 468 -96.35 50.42 -39.10
CA GLY WA 468 -96.37 50.98 -37.77
C GLY WA 468 -95.26 52.00 -37.59
N GLY WA 469 -95.59 53.16 -37.04
CA GLY WA 469 -94.62 54.20 -36.88
C GLY WA 469 -94.80 54.95 -35.57
N PRO WA 470 -94.14 56.11 -35.46
CA PRO WA 470 -94.22 56.88 -34.21
C PRO WA 470 -95.62 57.29 -33.84
N ASN WA 471 -96.50 57.47 -34.82
CA ASN WA 471 -97.86 57.94 -34.54
C ASN WA 471 -98.84 56.80 -34.34
N THR WA 472 -98.69 55.70 -35.08
CA THR WA 472 -99.53 54.52 -34.92
C THR WA 472 -98.84 53.50 -34.01
N MET WA 473 -98.52 53.96 -32.81
CA MET WA 473 -97.72 53.15 -31.91
C MET WA 473 -98.51 52.01 -31.30
N ALA WA 474 -99.84 52.17 -31.19
CA ALA WA 474 -100.68 51.08 -30.74
C ALA WA 474 -100.78 49.96 -31.76
N ASN WA 475 -100.55 50.25 -33.04
CA ASN WA 475 -100.67 49.25 -34.10
C ASN WA 475 -99.36 48.52 -34.37
N GLN WA 476 -98.25 48.95 -33.79
CA GLN WA 476 -96.96 48.39 -34.13
C GLN WA 476 -96.87 46.93 -33.71
N ALA WA 477 -96.16 46.15 -34.53
CA ALA WA 477 -95.83 44.79 -34.15
C ALA WA 477 -94.93 44.80 -32.91
N LYS WA 478 -95.24 43.92 -31.96
CA LYS WA 478 -94.53 43.87 -30.70
C LYS WA 478 -94.18 42.43 -30.35
N ASN WA 479 -93.15 42.27 -29.55
CA ASN WA 479 -92.62 40.95 -29.23
C ASN WA 479 -93.20 40.36 -27.95
N TRP WA 480 -93.86 41.16 -27.12
CA TRP WA 480 -94.20 40.70 -25.77
C TRP WA 480 -95.62 41.11 -25.43
N LEU WA 481 -96.19 40.39 -24.48
CA LEU WA 481 -97.53 40.63 -23.99
C LEU WA 481 -97.50 40.93 -22.49
N PRO WA 482 -98.45 41.70 -21.99
CA PRO WA 482 -98.52 41.94 -20.55
C PRO WA 482 -98.84 40.65 -19.81
N GLY WA 483 -98.43 40.63 -18.54
CA GLY WA 483 -98.63 39.47 -17.71
C GLY WA 483 -100.07 39.05 -17.58
N PRO WA 484 -100.29 37.91 -16.93
CA PRO WA 484 -101.64 37.35 -16.87
C PRO WA 484 -102.58 38.19 -16.02
N CYS WA 485 -103.87 38.02 -16.27
CA CYS WA 485 -104.91 38.82 -15.64
C CYS WA 485 -105.96 37.92 -15.00
N TYR WA 486 -106.42 38.32 -13.82
CA TYR WA 486 -107.55 37.68 -13.14
C TYR WA 486 -108.37 38.81 -12.55
N ARG WA 487 -109.31 39.33 -13.33
CA ARG WA 487 -109.86 40.66 -13.09
C ARG WA 487 -110.56 40.76 -11.74
N GLN WA 488 -110.28 41.84 -11.03
CA GLN WA 488 -110.88 42.15 -9.75
C GLN WA 488 -111.86 43.31 -9.89
N GLN WA 489 -112.85 43.35 -9.01
CA GLN WA 489 -113.77 44.46 -8.98
C GLN WA 489 -113.08 45.73 -8.47
N ARG WA 490 -113.43 46.85 -9.07
CA ARG WA 490 -112.83 48.13 -8.71
C ARG WA 490 -113.60 48.78 -7.58
N VAL WA 491 -112.89 49.22 -6.55
CA VAL WA 491 -113.47 49.92 -5.42
C VAL WA 491 -112.79 51.27 -5.31
N SER WA 492 -113.58 52.32 -5.09
CA SER WA 492 -113.07 53.66 -4.94
C SER WA 492 -112.95 53.99 -3.46
N THR WA 493 -111.82 54.58 -3.07
CA THR WA 493 -111.68 55.08 -1.71
C THR WA 493 -112.61 56.25 -1.44
N THR WA 494 -113.05 56.94 -2.50
CA THR WA 494 -114.15 57.90 -2.39
C THR WA 494 -115.44 57.10 -2.42
N THR WA 495 -116.03 56.86 -1.25
CA THR WA 495 -117.11 55.90 -1.13
C THR WA 495 -118.33 56.30 -1.95
N GLY WA 496 -118.54 57.60 -2.15
CA GLY WA 496 -119.68 58.04 -2.95
C GLY WA 496 -119.64 57.56 -4.39
N GLN WA 497 -118.45 57.22 -4.89
CA GLN WA 497 -118.32 56.69 -6.24
C GLN WA 497 -118.58 55.19 -6.32
N ASN WA 498 -118.76 54.52 -5.18
CA ASN WA 498 -119.01 53.09 -5.17
C ASN WA 498 -120.50 52.80 -5.25
N ASN WA 499 -120.82 51.61 -5.72
CA ASN WA 499 -122.20 51.16 -5.73
C ASN WA 499 -122.73 51.04 -4.31
N ASN WA 500 -123.97 51.47 -4.11
CA ASN WA 500 -124.59 51.42 -2.79
C ASN WA 500 -125.12 50.01 -2.54
N SER WA 501 -124.18 49.11 -2.28
CA SER WA 501 -124.49 47.72 -1.94
C SER WA 501 -123.30 47.13 -1.22
N ASN WA 502 -123.53 46.01 -0.55
CA ASN WA 502 -122.48 45.28 0.14
C ASN WA 502 -121.99 44.19 -0.79
N PHE WA 503 -120.93 44.52 -1.56
CA PHE WA 503 -120.44 43.62 -2.60
C PHE WA 503 -119.01 43.15 -2.36
N ALA WA 504 -118.49 43.31 -1.14
CA ALA WA 504 -117.12 42.89 -0.87
C ALA WA 504 -116.94 41.40 -1.12
N TRP WA 505 -117.92 40.60 -0.72
CA TRP WA 505 -117.88 39.16 -0.94
C TRP WA 505 -118.60 38.75 -2.22
N THR WA 506 -119.81 39.28 -2.45
CA THR WA 506 -120.60 38.85 -3.60
C THR WA 506 -119.89 39.20 -4.91
N ALA WA 507 -119.30 40.39 -4.99
CA ALA WA 507 -118.54 40.78 -6.16
C ALA WA 507 -117.06 40.48 -6.02
N GLY WA 508 -116.65 39.81 -4.94
CA GLY WA 508 -115.26 39.50 -4.76
C GLY WA 508 -114.74 38.55 -5.81
N THR WA 509 -113.47 38.72 -6.16
CA THR WA 509 -112.81 37.83 -7.12
C THR WA 509 -112.33 36.60 -6.39
N LYS WA 510 -112.84 35.44 -6.78
CA LYS WA 510 -112.70 34.23 -6.00
C LYS WA 510 -112.18 33.10 -6.86
N TYR WA 511 -111.61 32.10 -6.19
CA TYR WA 511 -111.37 30.81 -6.80
C TYR WA 511 -112.21 29.75 -6.11
N HIS WA 512 -112.46 28.67 -6.82
CA HIS WA 512 -113.33 27.59 -6.37
C HIS WA 512 -112.49 26.34 -6.17
N LEU WA 513 -112.54 25.77 -4.97
CA LEU WA 513 -111.75 24.60 -4.64
C LEU WA 513 -112.58 23.67 -3.78
N ASN WA 514 -112.86 22.48 -4.31
CA ASN WA 514 -113.62 21.45 -3.59
C ASN WA 514 -114.94 22.00 -3.06
N GLY WA 515 -115.67 22.68 -3.93
CA GLY WA 515 -116.95 23.25 -3.55
C GLY WA 515 -116.87 24.38 -2.56
N ARG WA 516 -115.69 24.91 -2.30
CA ARG WA 516 -115.49 26.01 -1.36
C ARG WA 516 -115.00 27.22 -2.12
N ASN WA 517 -115.61 28.36 -1.85
CA ASN WA 517 -115.20 29.61 -2.48
C ASN WA 517 -114.27 30.37 -1.55
N SER WA 518 -113.13 30.78 -2.08
CA SER WA 518 -112.16 31.57 -1.34
C SER WA 518 -111.77 32.76 -2.20
N LEU WA 519 -111.61 33.91 -1.56
CA LEU WA 519 -111.16 35.10 -2.28
C LEU WA 519 -109.79 34.85 -2.88
N ALA WA 520 -109.61 35.29 -4.13
CA ALA WA 520 -108.30 35.34 -4.76
C ALA WA 520 -107.61 36.59 -4.22
N ASN WA 521 -107.14 36.49 -2.98
CA ASN WA 521 -106.71 37.63 -2.19
C ASN WA 521 -105.27 37.44 -1.75
N PRO WA 522 -104.32 38.27 -2.20
CA PRO WA 522 -104.57 39.39 -3.11
C PRO WA 522 -104.57 38.99 -4.57
N GLY WA 523 -104.43 37.69 -4.84
CA GLY WA 523 -104.41 37.21 -6.20
C GLY WA 523 -103.09 37.48 -6.89
N ILE WA 524 -103.12 37.30 -8.21
CA ILE WA 524 -101.90 37.47 -9.00
C ILE WA 524 -101.50 38.93 -9.03
N ALA WA 525 -100.20 39.17 -9.24
CA ALA WA 525 -99.65 40.52 -9.24
C ALA WA 525 -100.18 41.28 -10.44
N MET WA 526 -101.06 42.24 -10.18
CA MET WA 526 -101.54 43.16 -11.20
C MET WA 526 -101.46 44.58 -10.68
N ALA WA 527 -101.33 45.53 -11.59
CA ALA WA 527 -101.28 46.93 -11.21
C ALA WA 527 -102.57 47.32 -10.50
N THR WA 528 -102.41 48.02 -9.36
CA THR WA 528 -103.57 48.37 -8.55
C THR WA 528 -104.53 49.26 -9.33
N HIS WA 529 -104.00 50.21 -10.09
CA HIS WA 529 -104.81 51.15 -10.84
C HIS WA 529 -103.97 51.65 -12.01
N LYS WA 530 -104.64 52.31 -12.95
CA LYS WA 530 -103.94 52.91 -14.06
C LYS WA 530 -103.60 54.36 -13.70
N ASP WA 531 -103.12 55.12 -14.69
CA ASP WA 531 -102.71 56.49 -14.46
C ASP WA 531 -103.85 57.34 -13.93
N ASP WA 532 -103.55 58.16 -12.92
CA ASP WA 532 -104.48 59.15 -12.37
C ASP WA 532 -105.73 58.51 -11.77
N GLU WA 533 -105.60 57.29 -11.24
CA GLU WA 533 -106.71 56.59 -10.62
C GLU WA 533 -106.30 55.99 -9.30
N GLU WA 534 -105.53 56.75 -8.51
CA GLU WA 534 -105.02 56.24 -7.24
C GLU WA 534 -106.13 55.90 -6.26
N ARG WA 535 -107.29 56.56 -6.40
CA ARG WA 535 -108.41 56.29 -5.51
C ARG WA 535 -109.02 54.92 -5.72
N PHE WA 536 -108.71 54.24 -6.81
CA PHE WA 536 -109.28 52.95 -7.13
C PHE WA 536 -108.33 51.84 -6.71
N PHE WA 537 -108.89 50.76 -6.17
CA PHE WA 537 -108.12 49.58 -5.84
C PHE WA 537 -108.96 48.35 -6.12
N PRO WA 538 -108.33 47.23 -6.47
CA PRO WA 538 -109.06 45.97 -6.58
C PRO WA 538 -109.63 45.57 -5.22
N SER WA 539 -110.84 45.02 -5.23
CA SER WA 539 -111.56 44.79 -3.99
C SER WA 539 -110.81 43.86 -3.05
N ASN WA 540 -110.22 42.79 -3.59
CA ASN WA 540 -109.36 41.90 -2.81
C ASN WA 540 -108.09 41.60 -3.57
N GLY WA 541 -107.47 42.64 -4.11
CA GLY WA 541 -106.29 42.47 -4.95
C GLY WA 541 -105.06 43.21 -4.48
N ILE WA 542 -105.08 43.72 -3.25
CA ILE WA 542 -103.94 44.43 -2.68
C ILE WA 542 -103.75 43.97 -1.26
N LEU WA 543 -102.52 44.13 -0.78
CA LEU WA 543 -102.23 43.96 0.64
C LEU WA 543 -102.72 45.18 1.39
N ILE WA 544 -103.48 44.96 2.45
CA ILE WA 544 -104.01 46.03 3.29
C ILE WA 544 -103.45 45.81 4.69
N PHE WA 545 -102.64 46.75 5.15
CA PHE WA 545 -102.09 46.73 6.49
C PHE WA 545 -102.91 47.65 7.38
N GLY WA 546 -103.03 47.27 8.65
CA GLY WA 546 -103.74 48.09 9.60
C GLY WA 546 -102.79 49.07 10.26
N LYS WA 547 -103.29 50.29 10.48
CA LYS WA 547 -102.57 51.23 11.30
C LYS WA 547 -102.57 50.75 12.75
N GLN WA 548 -101.72 51.35 13.56
CA GLN WA 548 -101.65 50.97 14.97
C GLN WA 548 -103.01 51.18 15.63
N ASN WA 549 -103.43 50.18 16.41
CA ASN WA 549 -104.71 50.18 17.11
C ASN WA 549 -105.90 50.16 16.16
N ALA WA 550 -105.71 49.65 14.96
CA ALA WA 550 -106.84 49.44 14.06
C ALA WA 550 -107.69 48.28 14.56
N ALA WA 551 -109.00 48.39 14.42
CA ALA WA 551 -109.90 47.35 14.87
C ALA WA 551 -109.70 46.08 14.06
N ARG WA 552 -109.88 44.94 14.72
CA ARG WA 552 -109.80 43.66 14.03
C ARG WA 552 -110.89 43.52 12.98
N ASP WA 553 -112.11 43.93 13.30
CA ASP WA 553 -113.25 43.81 12.40
C ASP WA 553 -113.79 45.19 12.06
N ASN WA 554 -114.09 45.39 10.78
CA ASN WA 554 -114.74 46.61 10.28
C ASN WA 554 -113.95 47.85 10.67
N ALA WA 555 -112.64 47.80 10.45
CA ALA WA 555 -111.82 49.00 10.57
C ALA WA 555 -112.15 49.96 9.43
N ASP WA 556 -112.23 51.23 9.75
CA ASP WA 556 -112.51 52.23 8.74
C ASP WA 556 -111.32 52.38 7.80
N TYR WA 557 -111.58 52.99 6.63
CA TYR WA 557 -110.50 53.21 5.67
C TYR WA 557 -109.37 54.03 6.25
N SER WA 558 -109.69 54.95 7.17
CA SER WA 558 -108.66 55.75 7.81
C SER WA 558 -107.80 54.94 8.77
N ASP WA 559 -108.25 53.77 9.18
CA ASP WA 559 -107.50 52.93 10.10
C ASP WA 559 -106.64 51.88 9.40
N VAL WA 560 -106.68 51.81 8.07
CA VAL WA 560 -105.93 50.81 7.34
C VAL WA 560 -105.00 51.51 6.36
N MET WA 561 -104.02 50.77 5.88
CA MET WA 561 -102.99 51.28 4.98
C MET WA 561 -103.07 50.45 3.69
N LEU WA 562 -103.63 51.02 2.64
CA LEU WA 562 -103.72 50.31 1.37
C LEU WA 562 -102.38 50.37 0.67
N THR WA 563 -101.89 49.23 0.22
CA THR WA 563 -100.73 49.21 -0.66
C THR WA 563 -101.16 49.47 -2.09
N SER WA 564 -100.18 49.81 -2.93
CA SER WA 564 -100.45 50.04 -4.34
C SER WA 564 -99.35 49.40 -5.17
N GLU WA 565 -99.75 48.59 -6.14
CA GLU WA 565 -98.83 47.98 -7.09
C GLU WA 565 -98.82 48.73 -8.41
N GLU WA 566 -98.96 50.06 -8.37
CA GLU WA 566 -98.97 50.84 -9.59
C GLU WA 566 -97.63 50.83 -10.33
N GLU WA 567 -96.55 50.46 -9.65
CA GLU WA 567 -95.25 50.42 -10.30
C GLU WA 567 -95.20 49.38 -11.41
N ILE WA 568 -96.05 48.36 -11.37
CA ILE WA 568 -96.04 47.30 -12.36
C ILE WA 568 -97.05 47.55 -13.47
N LYS WA 569 -97.59 48.78 -13.56
CA LYS WA 569 -98.41 49.15 -14.71
C LYS WA 569 -97.69 48.92 -16.02
N THR WA 570 -96.36 49.07 -16.01
CA THR WA 570 -95.58 48.99 -17.23
C THR WA 570 -95.59 47.61 -17.84
N THR WA 571 -95.80 46.59 -17.04
CA THR WA 571 -95.74 45.21 -17.51
C THR WA 571 -96.98 44.41 -17.16
N ASN WA 572 -97.58 44.65 -16.00
CA ASN WA 572 -98.74 43.88 -15.60
C ASN WA 572 -100.01 44.64 -15.92
N PRO WA 573 -101.06 43.95 -16.35
CA PRO WA 573 -102.34 44.62 -16.58
C PRO WA 573 -102.92 45.15 -15.28
N VAL WA 574 -103.72 46.20 -15.40
CA VAL WA 574 -104.39 46.77 -14.24
C VAL WA 574 -105.38 45.74 -13.68
N ALA WA 575 -105.38 45.61 -12.35
CA ALA WA 575 -106.14 44.54 -11.70
C ALA WA 575 -107.64 44.67 -11.96
N THR WA 576 -108.13 45.88 -12.17
CA THR WA 576 -109.55 46.11 -12.32
C THR WA 576 -109.98 46.28 -13.76
N GLU WA 577 -109.07 46.08 -14.71
CA GLU WA 577 -109.37 46.23 -16.12
C GLU WA 577 -109.25 44.87 -16.81
N GLU WA 578 -109.86 44.79 -17.98
CA GLU WA 578 -109.73 43.58 -18.79
C GLU WA 578 -108.31 43.43 -19.33
N TYR WA 579 -107.92 42.18 -19.56
CA TYR WA 579 -106.61 41.93 -20.15
C TYR WA 579 -106.52 42.49 -21.56
N GLY WA 580 -107.58 42.29 -22.34
CA GLY WA 580 -107.54 42.71 -23.72
C GLY WA 580 -108.82 42.32 -24.42
N ILE WA 581 -108.74 42.28 -25.74
CA ILE WA 581 -109.89 42.03 -26.60
C ILE WA 581 -109.52 40.91 -27.56
N VAL WA 582 -110.42 39.94 -27.70
CA VAL WA 582 -110.26 38.86 -28.68
C VAL WA 582 -111.50 38.82 -29.56
N ALA WA 583 -111.33 38.21 -30.73
CA ALA WA 583 -112.46 38.00 -31.62
C ALA WA 583 -113.40 36.95 -31.05
N ASP WA 584 -114.69 37.18 -31.20
CA ASP WA 584 -115.70 36.26 -30.70
C ASP WA 584 -116.41 35.50 -31.79
N ASN WA 585 -116.17 35.81 -33.06
CA ASN WA 585 -116.86 35.16 -34.16
C ASN WA 585 -115.98 35.24 -35.40
N LEU WA 586 -116.53 34.82 -36.53
CA LEU WA 586 -115.90 34.94 -37.83
C LEU WA 586 -116.70 35.94 -38.65
N GLN WA 587 -116.13 37.11 -38.89
CA GLN WA 587 -116.82 38.12 -39.68
C GLN WA 587 -116.95 37.67 -41.13
N GLN WA 588 -118.10 37.96 -41.71
CA GLN WA 588 -118.36 37.76 -43.12
C GLN WA 588 -119.00 39.02 -43.67
N GLN WA 589 -119.30 39.02 -44.97
CA GLN WA 589 -119.97 40.17 -45.57
C GLN WA 589 -121.35 40.40 -44.96
N ASN WA 590 -121.93 39.40 -44.31
CA ASN WA 590 -123.23 39.54 -43.68
C ASN WA 590 -123.18 39.59 -42.16
N THR WA 591 -122.06 39.20 -41.54
CA THR WA 591 -121.94 39.22 -40.09
C THR WA 591 -120.81 40.15 -39.69
N ALA WA 592 -121.14 41.20 -38.95
CA ALA WA 592 -120.13 42.12 -38.47
C ALA WA 592 -119.24 41.43 -37.44
N PRO WA 593 -117.95 41.78 -37.41
CA PRO WA 593 -117.06 41.17 -36.42
C PRO WA 593 -117.49 41.50 -35.00
N GLN WA 594 -117.39 40.52 -34.12
CA GLN WA 594 -117.72 40.67 -32.72
C GLN WA 594 -116.46 40.46 -31.89
N ILE WA 595 -116.37 41.21 -30.79
CA ILE WA 595 -115.19 41.16 -29.94
C ILE WA 595 -115.59 40.67 -28.56
N GLY WA 596 -114.69 39.92 -27.94
CA GLY WA 596 -114.88 39.43 -26.59
C GLY WA 596 -113.88 40.10 -25.66
N THR WA 597 -114.36 40.48 -24.47
CA THR WA 597 -113.53 41.11 -23.47
C THR WA 597 -112.90 40.04 -22.59
N VAL WA 598 -111.57 40.00 -22.55
CA VAL WA 598 -110.84 38.99 -21.79
C VAL WA 598 -110.67 39.52 -20.38
N ASN WA 599 -111.46 38.97 -19.45
CA ASN WA 599 -111.38 39.34 -18.05
C ASN WA 599 -110.51 38.40 -17.24
N SER WA 600 -110.06 37.30 -17.83
CA SER WA 600 -109.17 36.37 -17.17
C SER WA 600 -108.28 35.77 -18.24
N GLN WA 601 -106.97 35.95 -18.10
CA GLN WA 601 -106.03 35.48 -19.10
C GLN WA 601 -104.92 34.71 -18.41
N GLY WA 602 -104.82 33.42 -18.71
CA GLY WA 602 -103.70 32.62 -18.24
C GLY WA 602 -102.46 32.89 -19.04
N ALA WA 603 -101.41 32.14 -18.72
CA ALA WA 603 -100.10 32.38 -19.32
C ALA WA 603 -100.15 32.18 -20.83
N LEU WA 604 -99.62 33.16 -21.56
CA LEU WA 604 -99.43 33.08 -22.99
C LEU WA 604 -97.95 33.23 -23.31
N PRO WA 605 -97.47 32.59 -24.37
CA PRO WA 605 -96.07 32.77 -24.75
C PRO WA 605 -95.78 34.22 -25.08
N GLY WA 606 -94.59 34.67 -24.70
CA GLY WA 606 -94.22 36.05 -24.86
C GLY WA 606 -94.72 36.96 -23.78
N MET WA 607 -95.44 36.43 -22.79
CA MET WA 607 -95.94 37.25 -21.70
C MET WA 607 -94.85 37.49 -20.68
N VAL WA 608 -94.77 38.72 -20.18
CA VAL WA 608 -93.85 39.09 -19.12
C VAL WA 608 -94.62 39.81 -18.04
N TRP WA 609 -94.16 39.70 -16.81
CA TRP WA 609 -94.86 40.32 -15.69
C TRP WA 609 -93.90 40.52 -14.54
N GLN WA 610 -94.30 41.37 -13.61
CA GLN WA 610 -93.60 41.59 -12.35
C GLN WA 610 -94.38 40.94 -11.22
N ASN WA 611 -93.65 40.52 -10.20
CA ASN WA 611 -94.29 40.02 -8.99
C ASN WA 611 -94.82 41.18 -8.15
N ARG WA 612 -95.63 40.83 -7.17
CA ARG WA 612 -96.07 41.83 -6.19
C ARG WA 612 -94.88 42.35 -5.40
N ASP WA 613 -94.93 43.62 -5.06
CA ASP WA 613 -93.89 44.22 -4.24
C ASP WA 613 -93.89 43.63 -2.85
N VAL WA 614 -92.74 43.65 -2.21
CA VAL WA 614 -92.65 43.33 -0.80
C VAL WA 614 -92.70 44.63 -0.01
N TYR WA 615 -93.07 44.54 1.25
CA TYR WA 615 -93.24 45.70 2.10
C TYR WA 615 -92.52 45.49 3.41
N LEU WA 616 -92.15 46.60 4.05
CA LEU WA 616 -91.51 46.51 5.34
C LEU WA 616 -92.37 45.75 6.34
N GLN WA 617 -93.68 45.96 6.29
CA GLN WA 617 -94.62 45.24 7.13
C GLN WA 617 -95.06 43.92 6.55
N GLY WA 618 -94.68 43.61 5.31
CA GLY WA 618 -95.20 42.45 4.62
C GLY WA 618 -94.42 41.19 4.89
N PRO WA 619 -94.93 40.07 4.37
CA PRO WA 619 -94.23 38.79 4.53
C PRO WA 619 -92.94 38.73 3.71
N ILE WA 620 -92.04 37.87 4.16
CA ILE WA 620 -90.76 37.66 3.47
C ILE WA 620 -90.81 36.46 2.56
N TRP WA 621 -91.24 35.32 3.07
CA TRP WA 621 -91.20 34.08 2.31
C TRP WA 621 -92.50 33.32 2.52
N ALA WA 622 -92.75 32.38 1.61
CA ALA WA 622 -93.78 31.38 1.78
C ALA WA 622 -93.22 30.05 1.32
N LYS WA 623 -93.74 28.98 1.91
CA LYS WA 623 -93.39 27.65 1.46
C LYS WA 623 -94.14 27.33 0.17
N ILE WA 624 -93.40 26.97 -0.86
CA ILE WA 624 -94.02 26.49 -2.09
C ILE WA 624 -94.66 25.14 -1.76
N PRO WA 625 -95.96 24.98 -1.99
CA PRO WA 625 -96.60 23.69 -1.69
C PRO WA 625 -95.95 22.57 -2.48
N HIS WA 626 -95.80 21.42 -1.84
CA HIS WA 626 -95.19 20.26 -2.47
C HIS WA 626 -96.21 19.65 -3.42
N THR WA 627 -96.15 20.02 -4.69
CA THR WA 627 -97.08 19.54 -5.69
C THR WA 627 -96.32 19.10 -6.92
N ASP WA 628 -97.01 18.37 -7.80
CA ASP WA 628 -96.42 17.95 -9.06
C ASP WA 628 -96.05 19.14 -9.92
N GLY WA 629 -96.92 20.12 -10.00
CA GLY WA 629 -96.69 21.26 -10.86
C GLY WA 629 -97.05 22.55 -10.16
N ASN WA 630 -96.28 23.58 -10.49
CA ASN WA 630 -96.61 24.95 -10.13
C ASN WA 630 -96.20 25.83 -11.28
N PHE WA 631 -96.83 27.00 -11.37
CA PHE WA 631 -96.47 27.98 -12.37
C PHE WA 631 -96.01 29.24 -11.66
N HIS WA 632 -94.76 29.65 -11.91
CA HIS WA 632 -94.15 30.82 -11.31
C HIS WA 632 -94.40 30.83 -9.81
N PRO WA 633 -93.76 29.94 -9.06
CA PRO WA 633 -94.13 29.78 -7.64
C PRO WA 633 -93.64 30.93 -6.78
N SER WA 634 -94.01 32.13 -7.14
CA SER WA 634 -93.79 33.29 -6.31
C SER WA 634 -95.02 33.55 -5.45
N PRO WA 635 -94.88 33.66 -4.13
CA PRO WA 635 -96.06 33.80 -3.28
C PRO WA 635 -96.88 35.02 -3.64
N LEU WA 636 -98.20 34.87 -3.61
CA LEU WA 636 -99.06 35.92 -4.14
C LEU WA 636 -99.11 37.14 -3.24
N MET WA 637 -99.03 36.97 -1.92
CA MET WA 637 -98.92 38.15 -1.06
C MET WA 637 -97.51 38.73 -1.04
N GLY WA 638 -96.65 38.28 -1.94
CA GLY WA 638 -95.34 38.85 -2.09
C GLY WA 638 -94.28 38.10 -1.31
N GLY WA 639 -93.05 38.21 -1.76
CA GLY WA 639 -91.93 37.61 -1.10
C GLY WA 639 -91.28 36.51 -1.91
N PHE WA 640 -90.55 35.66 -1.22
CA PHE WA 640 -89.74 34.63 -1.84
C PHE WA 640 -90.41 33.28 -1.66
N GLY WA 641 -90.66 32.59 -2.77
CA GLY WA 641 -91.18 31.24 -2.70
C GLY WA 641 -90.05 30.26 -2.49
N LEU WA 642 -90.12 29.47 -1.43
CA LEU WA 642 -89.06 28.53 -1.09
C LEU WA 642 -89.63 27.13 -1.00
N LYS WA 643 -88.98 26.19 -1.68
CA LYS WA 643 -89.33 24.78 -1.51
C LYS WA 643 -89.04 24.33 -0.09
N HIS WA 644 -87.92 24.81 0.48
CA HIS WA 644 -87.50 24.48 1.84
C HIS WA 644 -87.30 25.79 2.58
N PRO WA 645 -88.38 26.38 3.09
CA PRO WA 645 -88.29 27.67 3.75
C PRO WA 645 -87.60 27.54 5.09
N PRO WA 646 -87.36 28.63 5.80
CA PRO WA 646 -86.90 28.54 7.17
C PRO WA 646 -87.83 27.65 7.98
N PRO WA 647 -87.29 26.66 8.69
CA PRO WA 647 -88.16 25.70 9.36
C PRO WA 647 -88.96 26.34 10.47
N GLN WA 648 -90.14 25.78 10.72
CA GLN WA 648 -90.92 26.20 11.86
C GLN WA 648 -90.18 25.87 13.15
N ILE WA 649 -90.14 26.82 14.06
CA ILE WA 649 -89.49 26.65 15.36
C ILE WA 649 -90.60 26.54 16.38
N LEU WA 650 -90.79 25.35 16.91
CA LEU WA 650 -91.88 25.07 17.84
C LEU WA 650 -91.33 25.11 19.26
N ILE WA 651 -92.06 25.77 20.14
CA ILE WA 651 -91.63 25.95 21.52
C ILE WA 651 -92.82 25.66 22.43
N LYS WA 652 -92.54 25.01 23.55
CA LYS WA 652 -93.60 24.66 24.50
C LYS WA 652 -93.01 24.63 25.90
N ASN WA 653 -93.81 25.10 26.87
CA ASN WA 653 -93.46 24.88 28.26
C ASN WA 653 -93.72 23.41 28.59
N THR WA 654 -92.71 22.73 29.10
CA THR WA 654 -92.88 21.35 29.52
C THR WA 654 -93.87 21.30 30.68
N PRO WA 655 -94.93 20.49 30.58
CA PRO WA 655 -95.88 20.42 31.67
C PRO WA 655 -95.22 19.95 32.97
N VAL WA 656 -95.53 20.65 34.05
CA VAL WA 656 -95.06 20.29 35.37
C VAL WA 656 -96.27 19.90 36.21
N PRO WA 657 -96.49 18.62 36.48
CA PRO WA 657 -97.69 18.22 37.23
C PRO WA 657 -97.70 18.83 38.61
N ALA WA 658 -98.89 19.15 39.08
CA ALA WA 658 -99.08 19.41 40.50
C ALA WA 658 -98.96 18.09 41.26
N ASP WA 659 -99.16 18.15 42.57
CA ASP WA 659 -98.96 16.95 43.37
C ASP WA 659 -99.94 15.86 42.96
N PRO WA 660 -99.48 14.71 42.53
CA PRO WA 660 -100.39 13.62 42.18
C PRO WA 660 -100.98 13.01 43.43
N PRO WA 661 -102.07 12.25 43.30
CA PRO WA 661 -102.61 11.55 44.46
C PRO WA 661 -101.63 10.51 44.98
N THR WA 662 -101.78 10.16 46.25
CA THR WA 662 -100.89 9.19 46.87
C THR WA 662 -101.30 7.75 46.57
N THR WA 663 -102.43 7.54 45.91
CA THR WA 663 -102.83 6.23 45.42
C THR WA 663 -102.85 6.28 43.90
N PHE WA 664 -102.38 5.20 43.27
CA PHE WA 664 -102.20 5.21 41.83
C PHE WA 664 -103.52 5.40 41.10
N ASN WA 665 -103.49 6.26 40.09
CA ASN WA 665 -104.61 6.46 39.18
C ASN WA 665 -104.06 6.40 37.76
N GLN WA 666 -104.66 5.55 36.93
CA GLN WA 666 -104.18 5.38 35.56
C GLN WA 666 -104.50 6.58 34.68
N SER WA 667 -105.45 7.41 35.09
CA SER WA 667 -105.87 8.53 34.26
C SER WA 667 -104.74 9.52 34.06
N LYS WA 668 -104.69 10.12 32.88
CA LYS WA 668 -103.68 11.13 32.62
C LYS WA 668 -103.84 12.30 33.59
N LEU WA 669 -102.72 12.87 34.01
CA LEU WA 669 -102.76 13.97 34.96
C LEU WA 669 -103.29 15.22 34.27
N ASN WA 670 -104.23 15.89 34.93
CA ASN WA 670 -104.78 17.14 34.42
C ASN WA 670 -104.53 18.30 35.37
N SER WA 671 -103.90 18.06 36.52
CA SER WA 671 -103.55 19.10 37.47
C SER WA 671 -102.10 19.48 37.25
N PHE WA 672 -101.87 20.68 36.75
CA PHE WA 672 -100.54 21.13 36.42
C PHE WA 672 -100.22 22.43 37.13
N ILE WA 673 -98.94 22.63 37.42
CA ILE WA 673 -98.48 23.89 37.96
C ILE WA 673 -98.60 24.96 36.89
N THR WA 674 -99.28 26.06 37.23
CA THR WA 674 -99.44 27.14 36.28
C THR WA 674 -98.09 27.78 35.98
N GLN WA 675 -97.78 27.93 34.71
CA GLN WA 675 -96.39 28.17 34.34
C GLN WA 675 -96.35 28.91 33.02
N TYR WA 676 -95.36 29.80 32.89
CA TYR WA 676 -95.07 30.44 31.63
C TYR WA 676 -93.58 30.67 31.55
N SER WA 677 -93.07 30.84 30.33
CA SER WA 677 -91.66 31.09 30.13
C SER WA 677 -91.47 32.39 29.39
N THR WA 678 -90.32 33.01 29.63
CA THR WA 678 -89.90 34.19 28.91
C THR WA 678 -88.43 34.04 28.58
N GLY WA 679 -88.00 34.75 27.55
CA GLY WA 679 -86.61 34.68 27.16
C GLY WA 679 -86.36 35.66 26.04
N GLN WA 680 -85.17 35.55 25.47
CA GLN WA 680 -84.78 36.37 24.33
C GLN WA 680 -84.64 35.49 23.12
N VAL WA 681 -85.03 36.02 21.96
CA VAL WA 681 -84.89 35.34 20.69
C VAL WA 681 -84.08 36.24 19.78
N SER WA 682 -83.07 35.67 19.14
CA SER WA 682 -82.25 36.38 18.16
C SER WA 682 -82.38 35.70 16.82
N VAL WA 683 -82.67 36.47 15.79
CA VAL WA 683 -82.65 35.97 14.42
C VAL WA 683 -81.74 36.88 13.61
N GLU WA 684 -80.77 36.28 12.94
CA GLU WA 684 -79.83 36.98 12.08
C GLU WA 684 -80.03 36.47 10.66
N ILE WA 685 -80.32 37.39 9.75
CA ILE WA 685 -80.48 37.03 8.34
C ILE WA 685 -79.45 37.81 7.53
N GLU WA 686 -78.71 37.09 6.70
CA GLU WA 686 -77.82 37.71 5.73
C GLU WA 686 -78.55 37.82 4.41
N TRP WA 687 -78.62 39.04 3.88
CA TRP WA 687 -79.27 39.32 2.61
C TRP WA 687 -78.22 39.67 1.57
N GLU WA 688 -78.37 39.13 0.37
CA GLU WA 688 -77.56 39.52 -0.76
C GLU WA 688 -78.25 40.66 -1.49
N LEU WA 689 -77.48 41.65 -1.91
CA LEU WA 689 -78.00 42.84 -2.55
C LEU WA 689 -77.64 42.84 -4.03
N GLN WA 690 -78.56 43.30 -4.85
CA GLN WA 690 -78.30 43.61 -6.26
C GLN WA 690 -78.13 45.12 -6.37
N LYS WA 691 -76.89 45.56 -6.52
CA LYS WA 691 -76.63 46.98 -6.66
C LYS WA 691 -77.17 47.50 -7.99
N GLU WA 692 -77.73 48.71 -7.95
CA GLU WA 692 -78.21 49.33 -9.18
C GLU WA 692 -77.04 49.83 -10.00
N ASN WA 693 -77.01 49.45 -11.27
CA ASN WA 693 -75.99 49.91 -12.20
C ASN WA 693 -76.72 50.63 -13.34
N SER WA 694 -77.01 51.90 -13.12
CA SER WA 694 -77.93 52.65 -13.97
C SER WA 694 -77.23 53.86 -14.57
N LYS WA 695 -77.49 54.11 -15.85
CA LYS WA 695 -76.98 55.28 -16.54
C LYS WA 695 -78.02 56.36 -16.66
N ARG WA 696 -79.10 56.27 -15.90
CA ARG WA 696 -80.10 57.33 -15.86
C ARG WA 696 -79.47 58.65 -15.45
N TRP WA 697 -79.80 59.71 -16.17
CA TRP WA 697 -79.19 61.01 -15.91
C TRP WA 697 -79.91 61.76 -14.80
N ASN WA 698 -81.23 61.84 -14.89
CA ASN WA 698 -82.01 62.59 -13.93
C ASN WA 698 -82.11 61.84 -12.61
N PRO WA 699 -82.35 62.54 -11.50
CA PRO WA 699 -82.44 61.87 -10.20
C PRO WA 699 -83.59 60.89 -10.14
N GLU WA 700 -83.39 59.83 -9.37
CA GLU WA 700 -84.40 58.80 -9.19
C GLU WA 700 -85.39 59.23 -8.11
N ILE WA 701 -86.52 58.52 -8.07
CA ILE WA 701 -87.44 58.62 -6.95
C ILE WA 701 -86.87 57.83 -5.78
N GLN WA 702 -86.86 58.45 -4.61
CA GLN WA 702 -86.34 57.82 -3.41
C GLN WA 702 -87.39 57.88 -2.32
N TYR WA 703 -87.42 56.88 -1.47
CA TYR WA 703 -88.24 56.99 -0.28
C TYR WA 703 -87.59 57.96 0.68
N THR WA 704 -88.36 58.93 1.14
CA THR WA 704 -87.84 59.95 2.05
C THR WA 704 -88.88 60.23 3.12
N SER WA 705 -88.40 60.58 4.31
CA SER WA 705 -89.30 61.10 5.32
C SER WA 705 -89.73 62.51 4.95
N ASN WA 706 -90.90 62.90 5.40
CA ASN WA 706 -91.39 64.25 5.15
C ASN WA 706 -90.57 65.25 5.93
N TYR WA 707 -90.18 66.34 5.26
CA TYR WA 707 -89.36 67.36 5.90
C TYR WA 707 -90.17 68.23 6.85
N TYR WA 708 -91.46 68.40 6.58
CA TYR WA 708 -92.28 69.33 7.33
C TYR WA 708 -92.52 68.84 8.76
N LYS WA 709 -92.77 69.79 9.66
CA LYS WA 709 -92.92 69.47 11.07
C LYS WA 709 -94.16 68.63 11.31
N SER WA 710 -94.15 67.88 12.41
CA SER WA 710 -95.27 67.04 12.77
C SER WA 710 -95.27 66.81 14.27
N THR WA 711 -96.41 66.36 14.78
CA THR WA 711 -96.55 66.13 16.21
C THR WA 711 -95.60 65.03 16.68
N SER WA 712 -95.41 64.00 15.86
CA SER WA 712 -94.56 62.88 16.22
C SER WA 712 -93.68 62.52 15.03
N VAL WA 713 -92.56 61.86 15.33
CA VAL WA 713 -91.67 61.36 14.29
C VAL WA 713 -92.28 60.10 13.71
N ASP WA 714 -92.31 60.01 12.38
CA ASP WA 714 -92.79 58.81 11.72
C ASP WA 714 -91.85 57.65 12.02
N PHE WA 715 -92.44 56.46 12.24
CA PHE WA 715 -91.69 55.26 12.63
C PHE WA 715 -90.93 55.50 13.93
N ALA WA 716 -91.63 56.06 14.90
CA ALA WA 716 -91.10 56.25 16.24
C ALA WA 716 -92.22 55.98 17.23
N VAL WA 717 -91.94 56.19 18.48
CA VAL WA 717 -92.95 56.02 19.52
C VAL WA 717 -93.65 57.35 19.74
N ASN WA 718 -94.87 57.28 20.23
CA ASN WA 718 -95.61 58.48 20.61
C ASN WA 718 -95.35 58.77 22.08
N THR WA 719 -96.14 59.68 22.66
CA THR WA 719 -95.95 60.04 24.06
C THR WA 719 -96.29 58.90 25.02
N GLU WA 720 -97.04 57.90 24.55
CA GLU WA 720 -97.43 56.77 25.38
C GLU WA 720 -96.52 55.56 25.20
N GLY WA 721 -95.47 55.69 24.40
CA GLY WA 721 -94.58 54.57 24.18
C GLY WA 721 -95.00 53.61 23.11
N VAL WA 722 -96.04 53.92 22.35
CA VAL WA 722 -96.54 53.03 21.32
C VAL WA 722 -95.78 53.28 20.03
N TYR WA 723 -95.09 52.26 19.54
CA TYR WA 723 -94.45 52.33 18.23
C TYR WA 723 -95.50 52.10 17.15
N SER WA 724 -95.45 52.93 16.12
CA SER WA 724 -96.39 52.82 15.01
C SER WA 724 -95.65 52.94 13.70
N GLU WA 725 -96.16 52.22 12.70
CA GLU WA 725 -95.69 52.36 11.33
C GLU WA 725 -96.74 53.15 10.56
N PRO WA 726 -96.47 54.40 10.18
CA PRO WA 726 -97.54 55.24 9.65
C PRO WA 726 -97.97 54.88 8.24
N ARG WA 727 -97.12 54.23 7.45
CA ARG WA 727 -97.43 53.92 6.07
C ARG WA 727 -96.77 52.61 5.71
N PRO WA 728 -97.29 51.89 4.71
CA PRO WA 728 -96.56 50.72 4.18
C PRO WA 728 -95.50 51.19 3.22
N ILE WA 729 -94.25 50.90 3.53
CA ILE WA 729 -93.14 51.26 2.65
C ILE WA 729 -92.92 50.11 1.68
N GLY WA 730 -93.15 50.38 0.40
CA GLY WA 730 -92.87 49.39 -0.61
C GLY WA 730 -91.39 49.24 -0.83
N THR WA 731 -91.01 48.72 -1.98
CA THR WA 731 -89.62 48.43 -2.24
C THR WA 731 -89.15 49.00 -3.57
N ARG WA 732 -90.07 49.43 -4.43
CA ARG WA 732 -89.76 49.80 -5.80
C ARG WA 732 -89.69 51.32 -5.93
N TYR WA 733 -88.48 51.86 -5.82
CA TYR WA 733 -88.23 53.28 -5.99
C TYR WA 733 -87.23 53.56 -7.09
N LEU WA 734 -86.18 52.77 -7.19
CA LEU WA 734 -85.25 52.87 -8.31
C LEU WA 734 -85.92 52.37 -9.58
N THR WA 735 -85.32 52.69 -10.71
CA THR WA 735 -85.90 52.35 -12.01
C THR WA 735 -84.92 51.53 -12.85
N ARG WA 736 -85.48 50.69 -13.71
CA ARG WA 736 -84.74 49.97 -14.72
C ARG WA 736 -85.47 50.09 -16.04
N ASN WA 737 -84.72 49.99 -17.13
CA ASN WA 737 -85.34 49.80 -18.43
C ASN WA 737 -85.92 48.39 -18.52
N LEU WA 738 -86.87 48.22 -19.41
CA LEU WA 738 -87.43 46.90 -19.63
C LEU WA 738 -86.47 46.04 -20.44
N GLY XA 221 -78.34 -22.10 -31.60
CA GLY XA 221 -78.67 -23.46 -31.99
C GLY XA 221 -80.15 -23.76 -32.01
N VAL XA 222 -80.55 -24.68 -32.88
CA VAL XA 222 -81.95 -25.06 -32.97
C VAL XA 222 -82.42 -25.69 -31.67
N GLY XA 223 -81.62 -26.56 -31.09
CA GLY XA 223 -82.00 -27.32 -29.92
C GLY XA 223 -81.60 -26.73 -28.58
N SER XA 224 -81.19 -25.48 -28.54
CA SER XA 224 -80.80 -24.84 -27.28
C SER XA 224 -81.63 -23.59 -27.07
N SER XA 225 -82.09 -23.41 -25.83
CA SER XA 225 -82.85 -22.23 -25.46
C SER XA 225 -81.97 -20.98 -25.53
N SER XA 226 -82.54 -19.89 -26.04
CA SER XA 226 -81.81 -18.63 -26.15
C SER XA 226 -82.10 -17.70 -24.98
N GLY XA 227 -82.88 -18.13 -24.00
CA GLY XA 227 -83.14 -17.31 -22.84
C GLY XA 227 -84.06 -18.04 -21.89
N ASN XA 228 -84.08 -17.55 -20.66
CA ASN XA 228 -84.87 -18.14 -19.59
C ASN XA 228 -86.07 -17.27 -19.26
N TRP XA 229 -87.04 -17.87 -18.60
CA TRP XA 229 -88.22 -17.15 -18.12
C TRP XA 229 -87.85 -16.34 -16.90
N HIS XA 230 -88.07 -15.03 -16.95
CA HIS XA 230 -87.71 -14.12 -15.86
C HIS XA 230 -88.93 -13.26 -15.55
N CYS XA 231 -89.79 -13.76 -14.67
CA CYS XA 231 -90.85 -12.97 -14.08
C CYS XA 231 -90.55 -12.87 -12.59
N ASP XA 232 -90.38 -11.65 -12.10
CA ASP XA 232 -89.97 -11.45 -10.73
C ASP XA 232 -90.06 -9.97 -10.41
N SER XA 233 -90.02 -9.66 -9.12
CA SER XA 233 -89.86 -8.29 -8.64
C SER XA 233 -88.99 -8.34 -7.41
N THR XA 234 -87.88 -7.61 -7.44
CA THR XA 234 -86.95 -7.56 -6.33
C THR XA 234 -86.98 -6.16 -5.74
N TRP XA 235 -87.34 -6.07 -4.47
CA TRP XA 235 -87.35 -4.81 -3.74
C TRP XA 235 -86.07 -4.72 -2.93
N LEU XA 236 -85.25 -3.71 -3.21
CA LEU XA 236 -83.95 -3.57 -2.57
C LEU XA 236 -83.73 -2.09 -2.29
N GLY XA 237 -83.92 -1.69 -1.03
CA GLY XA 237 -83.71 -0.30 -0.66
C GLY XA 237 -84.72 0.60 -1.34
N ASP XA 238 -84.21 1.63 -2.01
CA ASP XA 238 -85.05 2.60 -2.71
C ASP XA 238 -85.32 2.20 -4.16
N ARG XA 239 -85.02 0.97 -4.53
CA ARG XA 239 -85.26 0.47 -5.87
C ARG XA 239 -86.20 -0.72 -5.83
N VAL XA 240 -87.01 -0.86 -6.87
CA VAL XA 240 -87.70 -2.10 -7.15
C VAL XA 240 -87.43 -2.44 -8.61
N ILE XA 241 -87.01 -3.67 -8.85
CA ILE XA 241 -86.72 -4.14 -10.20
C ILE XA 241 -87.80 -5.13 -10.58
N THR XA 242 -88.69 -4.72 -11.47
CA THR XA 242 -89.70 -5.60 -12.01
C THR XA 242 -89.18 -6.22 -13.29
N THR XA 243 -89.30 -7.53 -13.41
CA THR XA 243 -89.01 -8.22 -14.66
C THR XA 243 -90.19 -9.10 -15.00
N SER XA 244 -90.60 -9.05 -16.26
CA SER XA 244 -91.77 -9.80 -16.69
C SER XA 244 -91.47 -10.47 -18.02
N THR XA 245 -91.83 -11.73 -18.12
CA THR XA 245 -91.69 -12.50 -19.35
C THR XA 245 -93.08 -12.91 -19.82
N ARG XA 246 -93.28 -12.82 -21.14
CA ARG XA 246 -94.53 -13.24 -21.74
C ARG XA 246 -94.23 -14.03 -23.01
N THR XA 247 -95.16 -14.90 -23.37
CA THR XA 247 -95.11 -15.57 -24.66
C THR XA 247 -95.93 -14.78 -25.65
N TRP XA 248 -95.34 -14.46 -26.78
CA TRP XA 248 -96.02 -13.69 -27.82
C TRP XA 248 -96.19 -14.53 -29.06
N ALA XA 249 -97.12 -14.10 -29.91
CA ALA XA 249 -97.29 -14.68 -31.23
C ALA XA 249 -97.40 -13.54 -32.24
N LEU XA 250 -96.57 -13.58 -33.27
CA LEU XA 250 -96.57 -12.54 -34.28
C LEU XA 250 -97.05 -13.11 -35.59
N PRO XA 251 -98.21 -12.71 -36.09
CA PRO XA 251 -98.64 -13.14 -37.42
C PRO XA 251 -97.94 -12.34 -38.50
N THR XA 252 -98.18 -12.75 -39.74
CA THR XA 252 -97.83 -11.90 -40.87
C THR XA 252 -98.92 -10.87 -41.04
N TYR XA 253 -98.56 -9.60 -40.95
CA TYR XA 253 -99.51 -8.50 -41.08
C TYR XA 253 -99.50 -7.98 -42.51
N ASN XA 254 -100.68 -7.64 -43.01
CA ASN XA 254 -100.85 -6.94 -44.28
C ASN XA 254 -100.36 -7.74 -45.47
N ASN XA 255 -100.13 -9.04 -45.31
CA ASN XA 255 -99.51 -9.86 -46.35
C ASN XA 255 -98.17 -9.27 -46.78
N HIS XA 256 -97.39 -8.82 -45.80
CA HIS XA 256 -96.06 -8.25 -45.99
C HIS XA 256 -96.08 -6.92 -46.73
N LEU XA 257 -97.24 -6.26 -46.82
CA LEU XA 257 -97.36 -5.04 -47.60
C LEU XA 257 -97.50 -3.82 -46.71
N TYR XA 258 -97.05 -2.69 -47.23
CA TYR XA 258 -97.41 -1.39 -46.69
C TYR XA 258 -98.65 -0.91 -47.42
N LYS XA 259 -99.70 -0.59 -46.68
CA LYS XA 259 -100.95 -0.14 -47.28
C LYS XA 259 -101.25 1.26 -46.80
N GLN XA 260 -101.55 2.14 -47.75
CA GLN XA 260 -102.09 3.44 -47.40
C GLN XA 260 -103.50 3.26 -46.86
N ILE XA 261 -103.78 3.87 -45.72
CA ILE XA 261 -105.09 3.80 -45.08
C ILE XA 261 -105.61 5.22 -44.90
N SER XA 262 -106.91 5.40 -45.08
CA SER XA 262 -107.50 6.72 -45.03
C SER XA 262 -108.92 6.62 -44.52
N ASN XA 263 -109.46 7.77 -44.14
CA ASN XA 263 -110.86 7.89 -43.77
C ASN XA 263 -111.27 9.31 -44.10
N GLY XA 264 -112.31 9.46 -44.93
CA GLY XA 264 -112.78 10.75 -45.36
C GLY XA 264 -114.22 10.98 -44.93
N THR XA 265 -114.75 12.13 -45.35
CA THR XA 265 -116.11 12.51 -45.02
C THR XA 265 -117.09 11.92 -46.02
N ALA XA 269 -118.18 9.19 -42.34
CA ALA XA 269 -117.35 9.69 -41.24
C ALA XA 269 -117.36 11.21 -41.20
N THR XA 270 -117.23 11.77 -40.00
CA THR XA 270 -117.17 13.22 -39.86
C THR XA 270 -115.75 13.71 -40.09
N ASN XA 271 -115.63 15.04 -40.28
CA ASN XA 271 -114.31 15.62 -40.48
C ASN XA 271 -113.44 15.44 -39.25
N ASP XA 272 -114.04 15.35 -38.06
CA ASP XA 272 -113.27 15.16 -36.83
C ASP XA 272 -112.54 13.83 -36.80
N ASN XA 273 -112.98 12.86 -37.59
CA ASN XA 273 -112.41 11.52 -37.56
C ASN XA 273 -111.65 11.16 -38.83
N THR XA 274 -111.36 12.13 -39.69
CA THR XA 274 -110.61 11.83 -40.89
C THR XA 274 -109.15 11.57 -40.56
N TYR XA 275 -108.52 10.73 -41.39
CA TYR XA 275 -107.08 10.49 -41.22
C TYR XA 275 -106.50 10.00 -42.54
N PHE XA 276 -105.20 10.16 -42.64
CA PHE XA 276 -104.39 9.54 -43.69
C PHE XA 276 -103.17 8.94 -43.02
N GLY XA 277 -102.86 7.71 -43.37
CA GLY XA 277 -101.73 7.07 -42.75
C GLY XA 277 -101.34 5.82 -43.49
N TYR XA 278 -100.53 5.00 -42.84
CA TYR XA 278 -100.04 3.79 -43.47
C TYR XA 278 -100.12 2.63 -42.49
N SER XA 279 -100.63 1.51 -42.98
CA SER XA 279 -100.54 0.25 -42.28
C SER XA 279 -99.27 -0.46 -42.72
N THR XA 280 -98.49 -0.92 -41.77
CA THR XA 280 -97.23 -1.58 -42.07
C THR XA 280 -97.33 -3.07 -41.79
N PRO XA 281 -96.50 -3.88 -42.43
CA PRO XA 281 -96.45 -5.30 -42.09
C PRO XA 281 -95.73 -5.62 -40.79
N TRP XA 282 -95.35 -4.60 -40.02
CA TRP XA 282 -94.58 -4.79 -38.81
C TRP XA 282 -95.48 -4.85 -37.59
N GLY XA 283 -95.11 -5.70 -36.65
CA GLY XA 283 -95.65 -5.62 -35.32
C GLY XA 283 -94.75 -4.78 -34.44
N TYR XA 284 -95.22 -4.51 -33.23
CA TYR XA 284 -94.40 -3.77 -32.28
C TYR XA 284 -94.71 -4.26 -30.87
N PHE XA 285 -93.71 -4.16 -30.01
CA PHE XA 285 -93.84 -4.59 -28.62
C PHE XA 285 -94.22 -3.40 -27.76
N ASP XA 286 -95.28 -3.56 -26.99
CA ASP XA 286 -95.77 -2.54 -26.08
C ASP XA 286 -95.76 -3.09 -24.67
N PHE XA 287 -95.12 -2.37 -23.76
CA PHE XA 287 -95.19 -2.66 -22.33
C PHE XA 287 -95.41 -1.37 -21.56
N ASN XA 288 -96.24 -0.50 -22.12
CA ASN XA 288 -96.50 0.82 -21.58
C ASN XA 288 -97.71 0.84 -20.67
N ARG XA 289 -97.95 -0.25 -19.95
CA ARG XA 289 -98.95 -0.29 -18.89
C ARG XA 289 -98.29 -0.85 -17.64
N PHE XA 290 -98.71 -0.33 -16.49
CA PHE XA 290 -98.04 -0.70 -15.24
C PHE XA 290 -98.24 -2.17 -14.91
N HIS XA 291 -99.39 -2.75 -15.26
CA HIS XA 291 -99.62 -4.16 -14.95
C HIS XA 291 -98.80 -5.10 -15.82
N CYS XA 292 -98.14 -4.59 -16.86
CA CYS XA 292 -97.16 -5.39 -17.58
C CYS XA 292 -95.94 -5.70 -16.72
N HIS XA 293 -95.72 -4.94 -15.67
CA HIS XA 293 -94.52 -5.05 -14.84
C HIS XA 293 -94.82 -5.32 -13.38
N PHE XA 294 -95.89 -4.73 -12.84
CA PHE XA 294 -96.24 -4.90 -11.44
C PHE XA 294 -97.38 -5.89 -11.31
N SER XA 295 -97.18 -6.92 -10.51
CA SER XA 295 -98.29 -7.73 -10.05
C SER XA 295 -99.16 -6.88 -9.13
N PRO XA 296 -100.44 -7.25 -8.97
CA PRO XA 296 -101.29 -6.47 -8.05
C PRO XA 296 -100.72 -6.38 -6.65
N ARG XA 297 -100.11 -7.44 -6.15
CA ARG XA 297 -99.46 -7.39 -4.84
C ARG XA 297 -98.26 -6.46 -4.86
N ASP XA 298 -97.47 -6.48 -5.94
CA ASP XA 298 -96.36 -5.56 -6.06
C ASP XA 298 -96.85 -4.12 -6.15
N TRP XA 299 -97.94 -3.90 -6.87
CA TRP XA 299 -98.53 -2.57 -6.93
C TRP XA 299 -98.97 -2.11 -5.54
N GLN XA 300 -99.56 -3.02 -4.77
CA GLN XA 300 -99.94 -2.69 -3.39
C GLN XA 300 -98.72 -2.33 -2.56
N ARG XA 301 -97.65 -3.12 -2.67
CA ARG XA 301 -96.42 -2.81 -1.97
C ARG XA 301 -95.92 -1.42 -2.34
N LEU XA 302 -95.98 -1.09 -3.63
CA LEU XA 302 -95.49 0.21 -4.09
C LEU XA 302 -96.34 1.34 -3.54
N ILE XA 303 -97.66 1.25 -3.69
CA ILE XA 303 -98.52 2.39 -3.39
C ILE XA 303 -98.80 2.56 -1.92
N ASN XA 304 -98.69 1.50 -1.11
CA ASN XA 304 -98.97 1.64 0.31
C ASN XA 304 -97.77 2.12 1.11
N ASN XA 305 -96.60 2.20 0.50
CA ASN XA 305 -95.38 2.44 1.26
C ASN XA 305 -94.47 3.52 0.68
N ASN XA 306 -94.81 4.07 -0.47
CA ASN XA 306 -93.92 5.01 -1.14
C ASN XA 306 -94.67 6.27 -1.51
N TRP XA 307 -94.02 7.41 -1.32
CA TRP XA 307 -94.57 8.69 -1.73
C TRP XA 307 -94.41 8.94 -3.22
N GLY XA 308 -93.52 8.20 -3.87
CA GLY XA 308 -93.30 8.41 -5.29
C GLY XA 308 -92.44 7.33 -5.87
N PHE XA 309 -92.45 7.28 -7.19
CA PHE XA 309 -91.64 6.32 -7.92
C PHE XA 309 -91.42 6.86 -9.33
N ARG XA 310 -90.39 6.32 -9.98
CA ARG XA 310 -90.11 6.70 -11.36
C ARG XA 310 -89.27 5.61 -11.98
N PRO XA 311 -89.41 5.36 -13.28
CA PRO XA 311 -88.54 4.40 -13.94
C PRO XA 311 -87.13 4.94 -14.06
N LYS XA 312 -86.17 4.04 -13.97
CA LYS XA 312 -84.76 4.39 -14.09
C LYS XA 312 -84.11 3.82 -15.33
N ARG XA 313 -84.24 2.52 -15.55
CA ARG XA 313 -83.65 1.86 -16.70
C ARG XA 313 -84.53 0.68 -17.07
N LEU XA 314 -84.39 0.22 -18.30
CA LEU XA 314 -85.07 -0.98 -18.71
C LEU XA 314 -84.14 -1.83 -19.57
N SER XA 315 -84.34 -3.14 -19.50
CA SER XA 315 -83.71 -4.08 -20.40
C SER XA 315 -84.81 -4.92 -21.04
N PHE XA 316 -84.65 -5.18 -22.32
CA PHE XA 316 -85.66 -5.86 -23.11
C PHE XA 316 -85.00 -7.05 -23.80
N LYS XA 317 -85.70 -8.17 -23.84
CA LYS XA 317 -85.14 -9.37 -24.45
C LYS XA 317 -86.18 -10.09 -25.29
N LEU XA 318 -85.77 -10.52 -26.46
CA LEU XA 318 -86.54 -11.43 -27.30
C LEU XA 318 -85.73 -12.71 -27.44
N PHE XA 319 -86.38 -13.85 -27.22
CA PHE XA 319 -85.64 -15.10 -27.20
C PHE XA 319 -86.61 -16.25 -27.41
N ASN XA 320 -86.04 -17.44 -27.61
CA ASN XA 320 -86.81 -18.66 -27.86
C ASN XA 320 -87.77 -18.45 -29.03
N ILE XA 321 -87.24 -17.85 -30.09
CA ILE XA 321 -88.04 -17.53 -31.26
C ILE XA 321 -88.31 -18.82 -32.04
N GLN XA 322 -89.57 -19.02 -32.40
CA GLN XA 322 -89.98 -20.13 -33.25
C GLN XA 322 -90.79 -19.55 -34.40
N VAL XA 323 -90.29 -19.76 -35.61
CA VAL XA 323 -91.02 -19.37 -36.81
C VAL XA 323 -91.68 -20.62 -37.37
N LYS XA 324 -92.98 -20.55 -37.56
CA LYS XA 324 -93.77 -21.72 -37.92
C LYS XA 324 -94.45 -21.51 -39.26
N GLU XA 325 -94.45 -22.55 -40.07
CA GLU XA 325 -95.09 -22.55 -41.37
C GLU XA 325 -96.41 -23.29 -41.26
N VAL XA 326 -97.48 -22.70 -41.78
CA VAL XA 326 -98.80 -23.31 -41.78
C VAL XA 326 -99.23 -23.51 -43.23
N THR XA 327 -99.65 -24.72 -43.55
CA THR XA 327 -100.06 -25.07 -44.91
C THR XA 327 -101.54 -25.41 -44.97
N LYS XA 333 -105.16 -28.34 -42.20
CA LYS XA 333 -104.15 -27.40 -41.78
C LYS XA 333 -103.09 -28.08 -40.92
N THR XA 334 -101.82 -27.96 -41.33
CA THR XA 334 -100.69 -28.46 -40.57
C THR XA 334 -99.74 -27.31 -40.28
N ILE XA 335 -99.21 -27.28 -39.07
CA ILE XA 335 -98.24 -26.28 -38.64
C ILE XA 335 -96.91 -26.98 -38.42
N ALA XA 336 -95.87 -26.47 -39.07
CA ALA XA 336 -94.54 -27.06 -38.97
C ALA XA 336 -93.52 -25.98 -38.67
N ASN XA 337 -92.43 -26.37 -38.04
CA ASN XA 337 -91.33 -25.45 -37.83
C ASN XA 337 -90.66 -25.10 -39.14
N ASN XA 338 -90.33 -23.81 -39.28
CA ASN XA 338 -89.52 -23.35 -40.44
C ASN XA 338 -88.20 -22.92 -39.77
N LEU XA 339 -87.24 -23.85 -39.65
CA LEU XA 339 -86.03 -23.61 -38.88
C LEU XA 339 -85.16 -22.52 -39.48
N THR XA 340 -85.23 -22.33 -40.79
CA THR XA 340 -84.39 -21.36 -41.48
C THR XA 340 -85.05 -20.01 -41.68
N SER XA 341 -86.28 -19.84 -41.22
CA SER XA 341 -86.97 -18.56 -41.35
C SER XA 341 -86.49 -17.59 -40.27
N THR XA 342 -86.61 -16.31 -40.59
CA THR XA 342 -86.14 -15.26 -39.69
C THR XA 342 -87.29 -14.33 -39.30
N ILE XA 343 -87.10 -13.66 -38.18
CA ILE XA 343 -87.87 -12.48 -37.83
C ILE XA 343 -86.89 -11.31 -37.86
N GLN XA 344 -87.42 -10.12 -38.11
CA GLN XA 344 -86.64 -8.89 -38.09
C GLN XA 344 -87.07 -8.06 -36.91
N VAL XA 345 -86.11 -7.63 -36.10
CA VAL XA 345 -86.36 -6.82 -34.92
C VAL XA 345 -85.43 -5.62 -34.96
N PHE XA 346 -85.97 -4.43 -34.72
CA PHE XA 346 -85.13 -3.27 -34.50
C PHE XA 346 -85.85 -2.32 -33.56
N THR XA 347 -85.07 -1.53 -32.86
CA THR XA 347 -85.60 -0.46 -32.02
C THR XA 347 -85.39 0.87 -32.71
N ASP XA 348 -86.44 1.69 -32.72
CA ASP XA 348 -86.35 3.05 -33.23
C ASP XA 348 -85.65 3.92 -32.18
N SER XA 349 -84.34 3.68 -32.03
CA SER XA 349 -83.58 4.32 -30.97
C SER XA 349 -83.37 5.81 -31.22
N GLU XA 350 -83.39 6.22 -32.48
CA GLU XA 350 -83.29 7.64 -32.82
C GLU XA 350 -84.65 8.32 -32.92
N TYR XA 351 -85.73 7.61 -32.63
CA TYR XA 351 -87.07 8.18 -32.66
C TYR XA 351 -87.39 8.79 -34.02
N GLN XA 352 -86.99 8.08 -35.08
CA GLN XA 352 -87.22 8.52 -36.43
C GLN XA 352 -88.56 8.05 -36.99
N LEU XA 353 -89.21 7.17 -36.34
CA LEU XA 353 -90.52 6.72 -36.74
C LEU XA 353 -91.59 7.44 -35.95
N PRO XA 354 -92.80 7.55 -36.50
CA PRO XA 354 -93.93 8.05 -35.70
C PRO XA 354 -94.10 7.20 -34.47
N TYR XA 355 -94.13 7.85 -33.32
CA TYR XA 355 -94.18 7.16 -32.03
C TYR XA 355 -95.65 6.92 -31.68
N VAL XA 356 -96.09 5.68 -31.83
CA VAL XA 356 -97.48 5.33 -31.57
C VAL XA 356 -97.70 4.74 -30.18
N LEU XA 357 -96.63 4.45 -29.44
CA LEU XA 357 -96.79 4.16 -28.03
C LEU XA 357 -97.23 5.43 -27.31
N GLY XA 358 -97.80 5.24 -26.12
CA GLY XA 358 -98.33 6.39 -25.42
C GLY XA 358 -99.63 6.92 -25.98
N SER XA 359 -100.38 6.08 -26.69
CA SER XA 359 -101.74 6.42 -27.09
C SER XA 359 -102.75 5.48 -26.44
N ALA XA 360 -102.35 4.80 -25.37
CA ALA XA 360 -103.22 3.92 -24.61
C ALA XA 360 -103.85 2.83 -25.48
N HIS XA 361 -103.05 2.26 -26.37
CA HIS XA 361 -103.54 1.25 -27.29
C HIS XA 361 -103.48 -0.14 -26.67
N GLN XA 362 -104.36 -1.01 -27.14
CA GLN XA 362 -104.29 -2.41 -26.79
C GLN XA 362 -103.05 -3.05 -27.41
N GLY XA 363 -102.75 -4.27 -26.98
CA GLY XA 363 -101.60 -4.98 -27.48
C GLY XA 363 -100.39 -4.95 -26.57
N CYS XA 364 -100.49 -4.35 -25.40
CA CYS XA 364 -99.40 -4.41 -24.44
C CYS XA 364 -99.25 -5.83 -23.91
N LEU XA 365 -98.15 -6.06 -23.21
CA LEU XA 365 -97.96 -7.32 -22.53
C LEU XA 365 -99.12 -7.56 -21.57
N PRO XA 366 -99.69 -8.76 -21.54
CA PRO XA 366 -100.86 -8.99 -20.68
C PRO XA 366 -100.48 -8.87 -19.22
N PRO XA 367 -101.40 -8.45 -18.36
CA PRO XA 367 -101.09 -8.38 -16.93
C PRO XA 367 -100.75 -9.74 -16.33
N PHE XA 368 -101.38 -10.81 -16.80
CA PHE XA 368 -101.15 -12.14 -16.25
C PHE XA 368 -100.00 -12.81 -16.95
N PRO XA 369 -98.95 -13.23 -16.25
CA PRO XA 369 -97.77 -13.79 -16.93
C PRO XA 369 -98.07 -15.03 -17.76
N ALA XA 370 -99.04 -15.84 -17.35
CA ALA XA 370 -99.36 -17.04 -18.10
C ALA XA 370 -100.06 -16.76 -19.41
N ASP XA 371 -100.43 -15.51 -19.67
CA ASP XA 371 -101.24 -15.17 -20.82
C ASP XA 371 -100.38 -15.00 -22.05
N VAL XA 372 -100.75 -15.67 -23.13
CA VAL XA 372 -100.06 -15.54 -24.41
C VAL XA 372 -100.78 -14.48 -25.23
N PHE XA 373 -100.02 -13.51 -25.74
CA PHE XA 373 -100.62 -12.36 -26.40
C PHE XA 373 -100.15 -12.23 -27.83
N MET XA 374 -101.01 -11.63 -28.64
CA MET XA 374 -100.74 -11.33 -30.03
C MET XA 374 -100.08 -9.95 -30.14
N ILE XA 375 -99.04 -9.87 -30.95
CA ILE XA 375 -98.32 -8.61 -31.12
C ILE XA 375 -99.14 -7.67 -31.99
N PRO XA 376 -99.38 -6.43 -31.57
CA PRO XA 376 -100.19 -5.51 -32.38
C PRO XA 376 -99.46 -5.08 -33.63
N GLN XA 377 -100.24 -4.75 -34.65
CA GLN XA 377 -99.69 -4.30 -35.92
C GLN XA 377 -99.32 -2.83 -35.85
N TYR XA 378 -98.13 -2.50 -36.36
CA TYR XA 378 -97.69 -1.12 -36.36
C TYR XA 378 -98.30 -0.37 -37.53
N GLY XA 379 -98.93 0.76 -37.20
CA GLY XA 379 -99.37 1.70 -38.21
C GLY XA 379 -99.16 3.10 -37.68
N TYR XA 380 -99.21 4.07 -38.58
CA TYR XA 380 -99.01 5.44 -38.16
C TYR XA 380 -99.85 6.36 -39.02
N LEU XA 381 -100.03 7.57 -38.54
CA LEU XA 381 -100.76 8.60 -39.25
C LEU XA 381 -99.83 9.74 -39.60
N THR XA 382 -100.10 10.37 -40.73
CA THR XA 382 -99.37 11.55 -41.12
C THR XA 382 -100.37 12.65 -41.42
N LEU XA 383 -99.92 13.76 -42.01
CA LEU XA 383 -100.83 14.86 -42.27
C LEU XA 383 -101.89 14.46 -43.28
N ASN XA 384 -103.12 14.88 -43.01
CA ASN XA 384 -104.23 14.58 -43.90
C ASN XA 384 -105.07 15.82 -44.12
N ASN XA 385 -105.72 15.86 -45.29
CA ASN XA 385 -106.74 16.84 -45.63
C ASN XA 385 -107.95 16.01 -46.05
N GLY XA 386 -108.82 15.73 -45.09
CA GLY XA 386 -109.85 14.73 -45.32
C GLY XA 386 -109.20 13.37 -45.42
N SER XA 387 -109.52 12.62 -46.47
CA SER XA 387 -108.89 11.34 -46.72
C SER XA 387 -107.64 11.46 -47.57
N GLN XA 388 -107.29 12.66 -48.01
CA GLN XA 388 -106.15 12.86 -48.88
C GLN XA 388 -104.91 13.22 -48.08
N ALA XA 389 -103.76 12.84 -48.61
CA ALA XA 389 -102.50 13.31 -48.07
C ALA XA 389 -102.17 14.69 -48.61
N VAL XA 390 -101.28 15.38 -47.91
CA VAL XA 390 -100.73 16.64 -48.39
C VAL XA 390 -99.26 16.41 -48.72
N GLY XA 391 -98.65 17.43 -49.33
CA GLY XA 391 -97.25 17.31 -49.69
C GLY XA 391 -96.33 17.10 -48.51
N ARG XA 392 -96.74 17.52 -47.32
CA ARG XA 392 -95.94 17.34 -46.13
C ARG XA 392 -96.14 15.98 -45.48
N SER XA 393 -97.08 15.18 -45.99
CA SER XA 393 -97.29 13.84 -45.44
C SER XA 393 -96.05 12.98 -45.63
N SER XA 394 -95.65 12.28 -44.58
CA SER XA 394 -94.46 11.46 -44.59
C SER XA 394 -94.82 9.99 -44.72
N PHE XA 395 -94.14 9.30 -45.61
CA PHE XA 395 -94.23 7.85 -45.72
C PHE XA 395 -92.94 7.25 -45.17
N TYR XA 396 -93.08 6.27 -44.29
CA TYR XA 396 -91.93 5.61 -43.69
C TYR XA 396 -91.94 4.13 -44.07
N CYS XA 397 -90.83 3.68 -44.62
CA CYS XA 397 -90.59 2.26 -44.85
C CYS XA 397 -89.76 1.74 -43.68
N LEU XA 398 -90.31 0.80 -42.92
CA LEU XA 398 -89.58 0.29 -41.78
C LEU XA 398 -88.47 -0.67 -42.20
N GLU XA 399 -88.53 -1.20 -43.42
CA GLU XA 399 -87.39 -1.94 -43.96
C GLU XA 399 -86.21 -1.04 -44.24
N TYR XA 400 -86.43 0.27 -44.33
CA TYR XA 400 -85.36 1.23 -44.52
C TYR XA 400 -84.54 1.46 -43.25
N PHE XA 401 -84.77 0.66 -42.23
CA PHE XA 401 -84.00 0.72 -41.01
C PHE XA 401 -83.10 -0.51 -40.89
N PRO XA 402 -81.96 -0.39 -40.22
CA PRO XA 402 -81.19 -1.60 -39.89
C PRO XA 402 -81.94 -2.44 -38.88
N SER XA 403 -82.16 -3.70 -39.22
CA SER XA 403 -82.87 -4.63 -38.35
C SER XA 403 -82.00 -5.85 -38.12
N GLN XA 404 -82.04 -6.36 -36.90
CA GLN XA 404 -81.42 -7.65 -36.62
C GLN XA 404 -82.37 -8.74 -37.11
N MET XA 405 -81.85 -9.67 -37.90
CA MET XA 405 -82.62 -10.82 -38.33
C MET XA 405 -82.28 -12.00 -37.45
N LEU XA 406 -83.31 -12.71 -36.98
CA LEU XA 406 -83.16 -13.73 -35.96
C LEU XA 406 -83.74 -15.03 -36.49
N ARG XA 407 -82.93 -16.08 -36.48
CA ARG XA 407 -83.45 -17.42 -36.67
C ARG XA 407 -83.83 -17.99 -35.31
N THR XA 408 -84.27 -19.25 -35.30
CA THR XA 408 -84.81 -19.83 -34.09
C THR XA 408 -83.78 -19.88 -32.96
N GLY XA 409 -82.49 -19.92 -33.29
CA GLY XA 409 -81.47 -19.94 -32.28
C GLY XA 409 -80.98 -18.60 -31.81
N ASN XA 410 -81.45 -17.51 -32.41
CA ASN XA 410 -80.97 -16.19 -32.07
C ASN XA 410 -81.86 -15.53 -31.03
N ASN XA 411 -81.30 -14.55 -30.34
CA ASN XA 411 -82.05 -13.73 -29.41
C ASN XA 411 -81.71 -12.26 -29.64
N PHE XA 412 -82.62 -11.41 -29.21
CA PHE XA 412 -82.47 -9.97 -29.35
C PHE XA 412 -82.57 -9.34 -27.97
N GLN XA 413 -81.74 -8.34 -27.71
CA GLN XA 413 -81.83 -7.64 -26.45
C GLN XA 413 -81.27 -6.23 -26.60
N PHE XA 414 -81.81 -5.33 -25.80
CA PHE XA 414 -81.27 -3.98 -25.71
C PHE XA 414 -81.60 -3.43 -24.33
N THR XA 415 -80.83 -2.43 -23.93
CA THR XA 415 -81.03 -1.73 -22.67
C THR XA 415 -81.32 -0.28 -22.95
N TYR XA 416 -82.10 0.33 -22.06
CA TYR XA 416 -82.49 1.71 -22.20
C TYR XA 416 -82.45 2.36 -20.83
N THR XA 417 -81.98 3.60 -20.77
CA THR XA 417 -81.95 4.37 -19.54
C THR XA 417 -82.97 5.50 -19.64
N PHE XA 418 -83.87 5.56 -18.67
CA PHE XA 418 -84.83 6.65 -18.62
C PHE XA 418 -84.11 7.95 -18.28
N GLU XA 419 -84.56 9.04 -18.90
CA GLU XA 419 -84.07 10.35 -18.52
C GLU XA 419 -84.53 10.69 -17.11
N ASP XA 420 -83.89 11.70 -16.53
CA ASP XA 420 -84.30 12.16 -15.21
C ASP XA 420 -85.70 12.73 -15.29
N VAL XA 421 -86.67 11.99 -14.75
CA VAL XA 421 -88.07 12.38 -14.80
C VAL XA 421 -88.50 12.62 -13.35
N PRO XA 422 -89.44 13.53 -13.08
CA PRO XA 422 -89.90 13.71 -11.70
C PRO XA 422 -90.60 12.47 -11.19
N PHE XA 423 -90.48 12.24 -9.88
CA PHE XA 423 -91.22 11.17 -9.24
C PHE XA 423 -92.71 11.41 -9.43
N HIS XA 424 -93.43 10.34 -9.75
CA HIS XA 424 -94.88 10.42 -9.73
C HIS XA 424 -95.36 10.62 -8.30
N SER XA 425 -96.32 11.51 -8.12
CA SER XA 425 -96.85 11.79 -6.78
C SER XA 425 -97.74 10.63 -6.36
N SER XA 426 -97.15 9.66 -5.66
CA SER XA 426 -97.90 8.52 -5.15
C SER XA 426 -98.47 8.81 -3.78
N TYR XA 427 -99.14 9.95 -3.66
CA TYR XA 427 -99.65 10.42 -2.39
C TYR XA 427 -100.81 11.37 -2.66
N ALA XA 428 -101.69 11.50 -1.68
CA ALA XA 428 -102.71 12.52 -1.69
C ALA XA 428 -102.40 13.53 -0.59
N HIS XA 429 -102.71 14.79 -0.85
CA HIS XA 429 -102.42 15.83 0.13
C HIS XA 429 -103.40 15.74 1.30
N SER XA 430 -102.86 15.79 2.51
CA SER XA 430 -103.67 15.80 3.71
C SER XA 430 -104.06 17.21 4.13
N GLN XA 431 -103.71 18.21 3.33
CA GLN XA 431 -104.12 19.59 3.54
C GLN XA 431 -104.71 20.12 2.25
N SER XA 432 -105.66 21.02 2.39
CA SER XA 432 -106.23 21.71 1.24
C SER XA 432 -105.48 23.02 1.01
N LEU XA 433 -105.46 23.46 -0.25
CA LEU XA 433 -104.72 24.67 -0.59
C LEU XA 433 -105.29 25.90 0.09
N ASP XA 434 -106.59 25.94 0.32
CA ASP XA 434 -107.23 27.06 1.00
C ASP XA 434 -107.26 26.90 2.51
N ARG XA 435 -106.59 25.89 3.04
CA ARG XA 435 -106.56 25.62 4.47
C ARG XA 435 -105.13 25.41 4.95
N LEU XA 436 -104.20 26.20 4.46
CA LEU XA 436 -102.80 26.08 4.83
C LEU XA 436 -102.42 26.96 6.02
N MET XA 437 -103.36 27.73 6.53
CA MET XA 437 -103.10 28.72 7.56
C MET XA 437 -103.31 28.14 8.96
N ASN XA 438 -102.75 28.84 9.93
CA ASN XA 438 -102.96 28.52 11.33
C ASN XA 438 -104.40 28.87 11.71
N PRO XA 439 -105.19 27.90 12.18
CA PRO XA 439 -106.60 28.18 12.51
C PRO XA 439 -106.81 28.87 13.85
N LEU XA 440 -105.75 29.30 14.53
CA LEU XA 440 -105.89 29.94 15.82
C LEU XA 440 -105.51 31.41 15.81
N ILE XA 441 -104.79 31.87 14.80
CA ILE XA 441 -104.19 33.20 14.77
C ILE XA 441 -104.84 34.00 13.65
N ASP XA 442 -105.16 35.25 13.95
CA ASP XA 442 -105.62 36.16 12.91
C ASP XA 442 -104.48 36.54 11.98
N GLN XA 443 -104.84 36.99 10.79
CA GLN XA 443 -103.87 37.58 9.89
C GLN XA 443 -103.65 39.04 10.27
N TYR XA 444 -102.44 39.53 10.04
CA TYR XA 444 -102.21 40.96 10.17
C TYR XA 444 -102.67 41.72 8.93
N LEU XA 445 -102.94 41.03 7.83
CA LEU XA 445 -103.47 41.66 6.64
C LEU XA 445 -104.97 41.85 6.77
N TYR XA 446 -105.46 42.93 6.17
CA TYR XA 446 -106.88 43.23 6.16
C TYR XA 446 -107.46 42.93 4.79
N TYR XA 447 -108.75 42.65 4.77
CA TYR XA 447 -109.51 42.53 3.53
C TYR XA 447 -110.72 43.44 3.60
N LEU XA 448 -111.17 43.88 2.44
CA LEU XA 448 -112.40 44.67 2.37
C LEU XA 448 -113.57 43.80 2.81
N SER XA 449 -114.13 44.08 3.98
CA SER XA 449 -115.17 43.24 4.54
C SER XA 449 -116.57 43.78 4.30
N ARG XA 450 -116.74 45.09 4.18
CA ARG XA 450 -118.04 45.65 3.88
C ARG XA 450 -117.87 46.90 3.01
N THR XA 451 -118.83 47.10 2.11
CA THR XA 451 -118.88 48.30 1.29
C THR XA 451 -120.12 49.14 1.59
N GLN XA 452 -120.95 48.72 2.53
CA GLN XA 452 -122.20 49.40 2.85
C GLN XA 452 -122.41 49.38 4.34
N THR XA 453 -122.90 50.50 4.89
CA THR XA 453 -123.12 50.60 6.33
C THR XA 453 -124.23 49.67 6.80
N ASN XA 459 -129.06 52.45 4.23
CA ASN XA 459 -127.63 52.30 4.37
C ASN XA 459 -126.89 52.99 3.23
N THR XA 460 -125.69 53.48 3.53
CA THR XA 460 -124.89 54.24 2.60
C THR XA 460 -123.57 53.52 2.32
N GLN XA 461 -122.85 54.02 1.33
CA GLN XA 461 -121.56 53.46 0.99
C GLN XA 461 -120.55 53.71 2.11
N THR XA 462 -119.67 52.74 2.31
CA THR XA 462 -118.59 52.85 3.28
C THR XA 462 -117.50 51.88 2.86
N LEU XA 463 -116.39 51.91 3.59
CA LEU XA 463 -115.30 50.96 3.40
C LEU XA 463 -114.95 50.40 4.77
N GLY XA 464 -115.36 49.17 5.03
CA GLY XA 464 -115.01 48.46 6.24
C GLY XA 464 -114.00 47.36 5.95
N PHE XA 465 -112.97 47.29 6.77
CA PHE XA 465 -111.89 46.33 6.58
C PHE XA 465 -111.76 45.47 7.83
N SER XA 466 -111.60 44.18 7.63
CA SER XA 466 -111.46 43.23 8.72
C SER XA 466 -110.22 42.40 8.50
N GLN XA 467 -109.71 41.85 9.59
CA GLN XA 467 -108.57 40.94 9.52
C GLN XA 467 -109.08 39.52 9.34
N GLY XA 468 -108.52 38.82 8.36
CA GLY XA 468 -108.83 37.43 8.16
C GLY XA 468 -108.44 36.61 9.37
N GLY XA 469 -109.35 35.75 9.83
CA GLY XA 469 -109.11 34.96 11.01
C GLY XA 469 -109.65 33.57 10.88
N PRO XA 470 -109.73 32.86 12.02
CA PRO XA 470 -110.20 31.47 11.99
C PRO XA 470 -111.62 31.32 11.44
N ASN XA 471 -112.46 32.34 11.59
CA ASN XA 471 -113.84 32.23 11.15
C ASN XA 471 -114.04 32.74 9.73
N THR XA 472 -113.33 33.77 9.33
CA THR XA 472 -113.39 34.29 7.96
C THR XA 472 -112.26 33.72 7.12
N MET XA 473 -112.22 32.38 7.08
CA MET XA 473 -111.09 31.70 6.45
C MET XA 473 -111.14 31.80 4.94
N ALA XA 474 -112.34 31.95 4.37
CA ALA XA 474 -112.45 32.17 2.93
C ALA XA 474 -111.94 33.54 2.50
N ASN XA 475 -111.91 34.51 3.42
CA ASN XA 475 -111.46 35.86 3.10
C ASN XA 475 -109.98 36.07 3.32
N GLN XA 476 -109.28 35.12 3.92
CA GLN XA 476 -107.89 35.32 4.28
C GLN XA 476 -107.01 35.50 3.05
N ALA XA 477 -106.00 36.35 3.19
CA ALA XA 477 -104.99 36.44 2.15
C ALA XA 477 -104.23 35.13 2.04
N LYS XA 478 -104.00 34.70 0.81
CA LYS XA 478 -103.37 33.42 0.54
C LYS XA 478 -102.29 33.58 -0.52
N ASN XA 479 -101.33 32.67 -0.50
CA ASN XA 479 -100.17 32.76 -1.37
C ASN XA 479 -100.32 32.00 -2.68
N TRP XA 480 -101.30 31.11 -2.78
CA TRP XA 480 -101.33 30.17 -3.90
C TRP XA 480 -102.75 30.06 -4.45
N LEU XA 481 -102.83 29.61 -5.70
CA LEU XA 481 -104.08 29.41 -6.39
C LEU XA 481 -104.20 27.96 -6.83
N PRO XA 482 -105.42 27.45 -6.95
CA PRO XA 482 -105.60 26.10 -7.46
C PRO XA 482 -105.16 26.00 -8.91
N GLY XA 483 -104.80 24.78 -9.31
CA GLY XA 483 -104.32 24.53 -10.64
C GLY XA 483 -105.30 24.94 -11.73
N PRO XA 484 -104.87 24.84 -12.97
CA PRO XA 484 -105.70 25.34 -14.07
C PRO XA 484 -106.93 24.47 -14.29
N CYS XA 485 -107.92 25.08 -14.94
CA CYS XA 485 -109.23 24.46 -15.13
C CYS XA 485 -109.61 24.49 -16.60
N TYR XA 486 -110.21 23.40 -17.08
CA TYR XA 486 -110.80 23.32 -18.41
C TYR XA 486 -112.11 22.55 -18.23
N ARG XA 487 -113.18 23.29 -17.93
CA ARG XA 487 -114.37 22.69 -17.33
C ARG XA 487 -114.99 21.62 -18.21
N GLN XA 488 -115.35 20.51 -17.59
CA GLN XA 488 -116.01 19.39 -18.23
C GLN XA 488 -117.46 19.31 -17.78
N GLN XA 489 -118.30 18.74 -18.64
CA GLN XA 489 -119.69 18.51 -18.28
C GLN XA 489 -119.78 17.41 -17.23
N ARG XA 490 -120.70 17.58 -16.28
CA ARG XA 490 -120.89 16.64 -15.20
C ARG XA 490 -121.89 15.57 -15.61
N VAL XA 491 -121.52 14.31 -15.39
CA VAL XA 491 -122.39 13.17 -15.68
C VAL XA 491 -122.55 12.38 -14.39
N SER XA 492 -123.78 11.99 -14.09
CA SER XA 492 -124.07 11.20 -12.91
C SER XA 492 -124.14 9.73 -13.28
N THR XA 493 -123.51 8.89 -12.47
CA THR XA 493 -123.67 7.45 -12.65
C THR XA 493 -125.08 6.99 -12.35
N THR XA 494 -125.83 7.77 -11.58
CA THR XA 494 -127.27 7.57 -11.43
C THR XA 494 -127.93 8.22 -12.65
N THR XA 495 -128.28 7.41 -13.64
CA THR XA 495 -128.66 7.94 -14.94
C THR XA 495 -129.91 8.81 -14.86
N GLY XA 496 -130.80 8.54 -13.91
CA GLY XA 496 -131.98 9.36 -13.77
C GLY XA 496 -131.70 10.81 -13.45
N GLN XA 497 -130.53 11.11 -12.91
CA GLN XA 497 -130.14 12.48 -12.62
C GLN XA 497 -129.54 13.18 -13.83
N ASN XA 498 -129.32 12.47 -14.94
CA ASN XA 498 -128.75 13.07 -16.12
C ASN XA 498 -129.85 13.61 -17.03
N ASN XA 499 -129.46 14.57 -17.87
CA ASN XA 499 -130.38 15.10 -18.87
C ASN XA 499 -130.75 14.00 -19.86
N ASN XA 500 -132.02 13.96 -20.23
CA ASN XA 500 -132.51 12.95 -21.17
C ASN XA 500 -132.18 13.39 -22.59
N SER XA 501 -130.90 13.28 -22.93
CA SER XA 501 -130.41 13.60 -24.26
C SER XA 501 -129.08 12.89 -24.45
N ASN XA 502 -128.67 12.78 -25.71
CA ASN XA 502 -127.38 12.18 -26.06
C ASN XA 502 -126.38 13.33 -26.19
N PHE XA 503 -125.67 13.62 -25.10
CA PHE XA 503 -124.79 14.77 -25.05
C PHE XA 503 -123.33 14.39 -24.81
N ALA XA 504 -122.97 13.12 -25.00
CA ALA XA 504 -121.59 12.71 -24.76
C ALA XA 504 -120.63 13.46 -25.67
N TRP XA 505 -121.01 13.65 -26.93
CA TRP XA 505 -120.19 14.39 -27.88
C TRP XA 505 -120.58 15.86 -27.96
N THR XA 506 -121.89 16.16 -28.05
CA THR XA 506 -122.32 17.54 -28.23
C THR XA 506 -121.93 18.40 -27.03
N ALA XA 507 -122.08 17.88 -25.83
CA ALA XA 507 -121.66 18.58 -24.62
C ALA XA 507 -120.25 18.20 -24.19
N GLY XA 508 -119.55 17.41 -24.98
CA GLY XA 508 -118.20 17.02 -24.62
C GLY XA 508 -117.26 18.21 -24.59
N THR XA 509 -116.29 18.14 -23.69
CA THR XA 509 -115.27 19.18 -23.59
C THR XA 509 -114.18 18.88 -24.62
N LYS XA 510 -113.99 19.80 -25.55
CA LYS XA 510 -113.20 19.54 -26.73
C LYS XA 510 -112.15 20.61 -26.93
N TYR XA 511 -111.12 20.26 -27.70
CA TYR XA 511 -110.22 21.25 -28.27
C TYR XA 511 -110.35 21.23 -29.79
N HIS XA 512 -109.98 22.35 -30.39
CA HIS XA 512 -110.12 22.56 -31.82
C HIS XA 512 -108.72 22.67 -32.42
N LEU XA 513 -108.45 21.83 -33.42
CA LEU XA 513 -107.15 21.80 -34.07
C LEU XA 513 -107.33 21.60 -35.55
N ASN XA 514 -106.93 22.59 -36.34
CA ASN XA 514 -107.00 22.53 -37.81
C ASN XA 514 -108.40 22.16 -38.27
N GLY XA 515 -109.40 22.86 -37.73
CA GLY XA 515 -110.77 22.61 -38.11
C GLY XA 515 -111.32 21.27 -37.67
N ARG XA 516 -110.60 20.55 -36.82
CA ARG XA 516 -111.03 19.24 -36.34
C ARG XA 516 -111.29 19.34 -34.84
N ASN XA 517 -112.42 18.80 -34.40
CA ASN XA 517 -112.76 18.78 -33.00
C ASN XA 517 -112.38 17.44 -32.41
N SER XA 518 -111.66 17.48 -31.30
CA SER XA 518 -111.27 16.28 -30.58
C SER XA 518 -111.60 16.48 -29.10
N LEU XA 519 -112.08 15.44 -28.46
CA LEU XA 519 -112.35 15.52 -27.03
C LEU XA 519 -111.07 15.82 -26.27
N ALA XA 520 -111.17 16.72 -25.29
CA ALA XA 520 -110.09 16.93 -24.33
C ALA XA 520 -110.19 15.81 -23.30
N ASN XA 521 -109.75 14.63 -23.72
CA ASN XA 521 -110.00 13.38 -23.01
C ASN XA 521 -108.68 12.73 -22.65
N PRO XA 522 -108.34 12.57 -21.36
CA PRO XA 522 -109.17 13.01 -20.24
C PRO XA 522 -108.95 14.47 -19.88
N GLY XA 523 -108.14 15.16 -20.65
CA GLY XA 523 -107.88 16.56 -20.38
C GLY XA 523 -106.92 16.75 -19.22
N ILE XA 524 -106.84 18.00 -18.77
CA ILE XA 524 -105.92 18.35 -17.69
C ILE XA 524 -106.38 17.71 -16.39
N ALA XA 525 -105.43 17.49 -15.49
CA ALA XA 525 -105.70 16.83 -14.22
C ALA XA 525 -106.58 17.73 -13.36
N MET XA 526 -107.83 17.35 -13.19
CA MET XA 526 -108.74 18.02 -12.28
C MET XA 526 -109.43 16.99 -11.41
N ALA XA 527 -109.85 17.42 -10.23
CA ALA XA 527 -110.57 16.52 -9.34
C ALA XA 527 -111.86 16.05 -9.99
N THR XA 528 -112.10 14.74 -9.91
CA THR XA 528 -113.26 14.15 -10.58
C THR XA 528 -114.55 14.74 -10.04
N HIS XA 529 -114.62 14.93 -8.73
CA HIS XA 529 -115.83 15.43 -8.07
C HIS XA 529 -115.41 16.07 -6.77
N LYS XA 530 -116.32 16.82 -6.17
CA LYS XA 530 -116.07 17.41 -4.87
C LYS XA 530 -116.56 16.45 -3.78
N ASP XA 531 -116.60 16.93 -2.54
CA ASP XA 531 -116.99 16.07 -1.42
C ASP XA 531 -118.42 15.56 -1.59
N ASP XA 532 -118.59 14.28 -1.29
CA ASP XA 532 -119.91 13.63 -1.26
C ASP XA 532 -120.60 13.65 -2.61
N GLU XA 533 -119.83 13.62 -3.70
CA GLU XA 533 -120.38 13.61 -5.04
C GLU XA 533 -119.69 12.55 -5.89
N GLU XA 534 -119.46 11.37 -5.31
CA GLU XA 534 -118.74 10.31 -6.01
C GLU XA 534 -119.49 9.84 -7.25
N ARG XA 535 -120.82 10.00 -7.27
CA ARG XA 535 -121.61 9.58 -8.42
C ARG XA 535 -121.37 10.43 -9.65
N PHE XA 536 -120.75 11.60 -9.50
CA PHE XA 536 -120.52 12.52 -10.60
C PHE XA 536 -119.13 12.34 -11.15
N PHE XA 537 -119.01 12.41 -12.47
CA PHE XA 537 -117.71 12.39 -13.13
C PHE XA 537 -117.74 13.31 -14.34
N PRO XA 538 -116.61 13.90 -14.70
CA PRO XA 538 -116.54 14.66 -15.95
C PRO XA 538 -116.78 13.73 -17.14
N SER XA 539 -117.50 14.25 -18.13
CA SER XA 539 -117.98 13.40 -19.23
C SER XA 539 -116.83 12.75 -19.97
N ASN XA 540 -115.76 13.50 -20.24
CA ASN XA 540 -114.56 12.93 -20.84
C ASN XA 540 -113.33 13.42 -20.09
N GLY XA 541 -113.37 13.35 -18.77
CA GLY XA 541 -112.31 13.88 -17.96
C GLY XA 541 -111.67 12.88 -17.01
N ILE XA 542 -111.96 11.60 -17.19
CA ILE XA 542 -111.39 10.53 -16.37
C ILE XA 542 -110.96 9.39 -17.27
N LEU XA 543 -110.01 8.61 -16.77
CA LEU XA 543 -109.67 7.35 -17.40
C LEU XA 543 -110.75 6.31 -17.07
N ILE XA 544 -111.25 5.64 -18.10
CA ILE XA 544 -112.26 4.61 -17.93
C ILE XA 544 -111.68 3.32 -18.45
N PHE XA 545 -111.50 2.36 -17.57
CA PHE XA 545 -111.02 1.04 -17.93
C PHE XA 545 -112.21 0.08 -18.04
N GLY XA 546 -112.10 -0.87 -18.97
CA GLY XA 546 -113.13 -1.86 -19.13
C GLY XA 546 -112.87 -3.06 -18.24
N LYS XA 547 -113.94 -3.60 -17.67
CA LYS XA 547 -113.83 -4.87 -16.99
C LYS XA 547 -113.57 -5.97 -18.00
N GLN XA 548 -113.18 -7.14 -17.51
CA GLN XA 548 -112.91 -8.26 -18.41
C GLN XA 548 -114.15 -8.59 -19.21
N ASN XA 549 -113.96 -8.80 -20.51
CA ASN XA 549 -115.03 -9.13 -21.46
C ASN XA 549 -116.02 -7.98 -21.63
N ALA XA 550 -115.59 -6.75 -21.36
CA ALA XA 550 -116.44 -5.60 -21.66
C ALA XA 550 -116.51 -5.39 -23.17
N ALA XA 551 -117.67 -4.99 -23.65
CA ALA XA 551 -117.86 -4.77 -25.07
C ALA XA 551 -117.01 -3.61 -25.56
N ARG XA 552 -116.53 -3.72 -26.80
CA ARG XA 552 -115.76 -2.63 -27.39
C ARG XA 552 -116.62 -1.38 -27.55
N ASP XA 553 -117.86 -1.53 -27.99
CA ASP XA 553 -118.75 -0.41 -28.22
C ASP XA 553 -119.96 -0.51 -27.30
N ASN XA 554 -120.34 0.64 -26.72
CA ASN XA 554 -121.54 0.77 -25.91
C ASN XA 554 -121.55 -0.24 -24.77
N ALA XA 555 -120.43 -0.34 -24.06
CA ALA XA 555 -120.39 -1.11 -22.83
C ALA XA 555 -121.20 -0.38 -21.76
N ASP XA 556 -121.95 -1.15 -20.98
CA ASP XA 556 -122.74 -0.56 -19.92
C ASP XA 556 -121.83 -0.06 -18.80
N TYR XA 557 -122.39 0.79 -17.94
CA TYR XA 557 -121.61 1.32 -16.83
C TYR XA 557 -121.11 0.20 -15.92
N SER XA 558 -121.87 -0.89 -15.82
CA SER XA 558 -121.43 -2.01 -15.00
C SER XA 558 -120.27 -2.77 -15.62
N ASP XA 559 -120.01 -2.58 -16.91
CA ASP XA 559 -118.91 -3.25 -17.58
C ASP XA 559 -117.62 -2.44 -17.62
N VAL XA 560 -117.63 -1.22 -17.09
CA VAL XA 560 -116.46 -0.37 -17.13
C VAL XA 560 -116.07 0.02 -15.72
N MET XA 561 -114.84 0.49 -15.57
CA MET XA 561 -114.27 0.85 -14.28
C MET XA 561 -113.88 2.32 -14.36
N LEU XA 562 -114.68 3.18 -13.74
CA LEU XA 562 -114.37 4.61 -13.72
C LEU XA 562 -113.28 4.89 -12.70
N THR XA 563 -112.26 5.62 -13.12
CA THR XA 563 -111.28 6.11 -12.16
C THR XA 563 -111.79 7.39 -11.52
N SER XA 564 -111.16 7.78 -10.42
CA SER XA 564 -111.52 9.01 -9.73
C SER XA 564 -110.26 9.72 -9.29
N GLU XA 565 -110.15 10.99 -9.66
CA GLU XA 565 -109.05 11.86 -9.22
C GLU XA 565 -109.47 12.74 -8.06
N GLU XA 566 -110.31 12.23 -7.16
CA GLU XA 566 -110.76 13.02 -6.02
C GLU XA 566 -109.63 13.35 -5.06
N GLU XA 567 -108.51 12.63 -5.11
CA GLU XA 567 -107.41 12.91 -4.21
C GLU XA 567 -106.80 14.28 -4.45
N ILE XA 568 -106.95 14.84 -5.65
CA ILE XA 568 -106.37 16.13 -5.98
C ILE XA 568 -107.37 17.26 -5.77
N LYS XA 569 -108.49 17.02 -5.08
CA LYS XA 569 -109.40 18.09 -4.69
C LYS XA 569 -108.67 19.17 -3.91
N THR XA 570 -107.63 18.78 -3.16
CA THR XA 570 -106.95 19.71 -2.28
C THR XA 570 -106.20 20.78 -3.05
N THR XA 571 -105.83 20.51 -4.26
CA THR XA 571 -105.03 21.45 -5.04
C THR XA 571 -105.62 21.75 -6.41
N ASN XA 572 -106.25 20.76 -7.05
CA ASN XA 572 -106.80 20.99 -8.36
C ASN XA 572 -108.29 21.30 -8.28
N PRO XA 573 -108.80 22.19 -9.12
CA PRO XA 573 -110.23 22.45 -9.13
C PRO XA 573 -111.00 21.23 -9.61
N VAL XA 574 -112.25 21.13 -9.16
CA VAL XA 574 -113.11 20.04 -9.60
C VAL XA 574 -113.38 20.17 -11.09
N ALA XA 575 -113.29 19.04 -11.79
CA ALA XA 575 -113.35 19.05 -13.25
C ALA XA 575 -114.67 19.60 -13.77
N THR XA 576 -115.75 19.44 -13.01
CA THR XA 576 -117.07 19.83 -13.47
C THR XA 576 -117.52 21.15 -12.90
N GLU XA 577 -116.66 21.85 -12.17
CA GLU XA 577 -116.99 23.13 -11.56
C GLU XA 577 -116.17 24.22 -12.20
N GLU XA 578 -116.63 25.45 -12.03
CA GLU XA 578 -115.89 26.61 -12.50
C GLU XA 578 -114.62 26.80 -11.68
N TYR XA 579 -113.60 27.40 -12.31
CA TYR XA 579 -112.37 27.70 -11.59
C TYR XA 579 -112.62 28.72 -10.50
N GLY XA 580 -113.40 29.75 -10.80
CA GLY XA 580 -113.61 30.80 -9.84
C GLY XA 580 -114.46 31.90 -10.44
N ILE XA 581 -114.39 33.06 -9.82
CA ILE XA 581 -115.22 34.21 -10.18
C ILE XA 581 -114.31 35.40 -10.41
N VAL XA 582 -114.53 36.12 -11.51
CA VAL XA 582 -113.83 37.36 -11.78
C VAL XA 582 -114.83 38.46 -12.02
N ALA XA 583 -114.38 39.70 -11.85
CA ALA XA 583 -115.21 40.85 -12.16
C ALA XA 583 -115.43 40.96 -13.66
N ASP XA 584 -116.64 41.32 -14.05
CA ASP XA 584 -116.98 41.47 -15.45
C ASP XA 584 -117.17 42.93 -15.87
N ASN XA 585 -117.14 43.87 -14.94
CA ASN XA 585 -117.38 45.27 -15.27
C ASN XA 585 -116.69 46.13 -14.21
N LEU XA 586 -116.94 47.43 -14.28
CA LEU XA 586 -116.47 48.39 -13.29
C LEU XA 586 -117.70 48.93 -12.57
N GLN XA 587 -117.86 48.56 -11.30
CA GLN XA 587 -118.99 49.03 -10.53
C GLN XA 587 -118.87 50.52 -10.27
N GLN XA 588 -119.99 51.22 -10.35
CA GLN XA 588 -120.11 52.62 -9.99
C GLN XA 588 -121.34 52.77 -9.10
N GLN XA 589 -121.60 54.01 -8.67
CA GLN XA 589 -122.79 54.26 -7.86
C GLN XA 589 -124.06 53.96 -8.64
N ASN XA 590 -124.01 53.92 -9.96
CA ASN XA 590 -125.17 53.61 -10.78
C ASN XA 590 -125.14 52.23 -11.41
N THR XA 591 -123.99 51.55 -11.43
CA THR XA 591 -123.88 50.22 -12.02
C THR XA 591 -123.45 49.24 -10.95
N ALA XA 592 -124.29 48.25 -10.67
CA ALA XA 592 -123.94 47.23 -9.71
C ALA XA 592 -122.81 46.36 -10.26
N PRO XA 593 -121.93 45.88 -9.39
CA PRO XA 593 -120.83 45.02 -9.85
C PRO XA 593 -121.37 43.73 -10.46
N GLN XA 594 -120.74 43.31 -11.55
CA GLN XA 594 -121.09 42.07 -12.23
C GLN XA 594 -119.91 41.10 -12.15
N ILE XA 595 -120.24 39.82 -12.05
CA ILE XA 595 -119.23 38.80 -11.90
C ILE XA 595 -119.28 37.85 -13.09
N GLY XA 596 -118.12 37.37 -13.49
CA GLY XA 596 -117.99 36.41 -14.56
C GLY XA 596 -117.52 35.07 -13.99
N THR XA 597 -118.11 33.99 -14.49
CA THR XA 597 -117.76 32.65 -14.07
C THR XA 597 -116.63 32.13 -14.95
N VAL XA 598 -115.50 31.79 -14.35
CA VAL XA 598 -114.33 31.32 -15.09
C VAL XA 598 -114.47 29.81 -15.26
N ASN XA 599 -114.83 29.40 -16.47
CA ASN XA 599 -114.95 27.98 -16.81
C ASN XA 599 -113.70 27.41 -17.45
N SER XA 600 -112.73 28.26 -17.78
CA SER XA 600 -111.47 27.81 -18.35
C SER XA 600 -110.41 28.78 -17.87
N GLN XA 601 -109.41 28.26 -17.16
CA GLN XA 601 -108.36 29.11 -16.60
C GLN XA 601 -107.02 28.51 -16.94
N GLY XA 602 -106.22 29.25 -17.72
CA GLY XA 602 -104.86 28.87 -17.99
C GLY XA 602 -103.96 29.19 -16.80
N ALA XA 603 -102.67 28.92 -17.00
CA ALA XA 603 -101.72 29.06 -15.92
C ALA XA 603 -101.65 30.50 -15.40
N LEU XA 604 -101.74 30.63 -14.08
CA LEU XA 604 -101.56 31.90 -13.40
C LEU XA 604 -100.39 31.76 -12.42
N PRO XA 605 -99.65 32.83 -12.18
CA PRO XA 605 -98.58 32.77 -11.19
C PRO XA 605 -99.13 32.43 -9.82
N GLY XA 606 -98.37 31.64 -9.07
CA GLY XA 606 -98.81 31.15 -7.79
C GLY XA 606 -99.73 29.95 -7.86
N MET XA 607 -100.02 29.45 -9.05
CA MET XA 607 -100.90 28.29 -9.17
C MET XA 607 -100.11 27.02 -8.93
N VAL XA 608 -100.70 26.09 -8.20
CA VAL XA 608 -100.12 24.78 -7.96
C VAL XA 608 -101.16 23.72 -8.29
N TRP XA 609 -100.70 22.56 -8.71
CA TRP XA 609 -101.61 21.49 -9.09
C TRP XA 609 -100.91 20.16 -9.00
N GLN XA 610 -101.70 19.10 -8.99
CA GLN XA 610 -101.22 17.73 -9.05
C GLN XA 610 -101.51 17.17 -10.43
N ASN XA 611 -100.68 16.23 -10.86
CA ASN XA 611 -100.93 15.51 -12.09
C ASN XA 611 -101.99 14.44 -11.86
N ARG XA 612 -102.49 13.89 -12.96
CA ARG XA 612 -103.38 12.76 -12.88
C ARG XA 612 -102.67 11.57 -12.27
N ASP XA 613 -103.41 10.77 -11.49
CA ASP XA 613 -102.85 9.57 -10.92
C ASP XA 613 -102.53 8.54 -12.00
N VAL XA 614 -101.56 7.70 -11.71
CA VAL XA 614 -101.31 6.53 -12.55
C VAL XA 614 -102.04 5.35 -11.94
N TYR XA 615 -102.30 4.35 -12.78
CA TYR XA 615 -103.08 3.20 -12.38
C TYR XA 615 -102.33 1.93 -12.79
N LEU XA 616 -102.62 0.85 -12.07
CA LEU XA 616 -102.03 -0.44 -12.40
C LEU XA 616 -102.34 -0.81 -13.84
N GLN XA 617 -103.55 -0.53 -14.31
CA GLN XA 617 -103.94 -0.78 -15.68
C GLN XA 617 -103.60 0.36 -16.63
N GLY XA 618 -103.12 1.48 -16.11
CA GLY XA 618 -102.93 2.67 -16.90
C GLY XA 618 -101.58 2.73 -17.59
N PRO XA 619 -101.40 3.75 -18.44
CA PRO XA 619 -100.11 3.92 -19.12
C PRO XA 619 -99.02 4.37 -18.17
N ILE XA 620 -97.79 4.08 -18.56
CA ILE XA 620 -96.61 4.45 -17.78
C ILE XA 620 -95.99 5.75 -18.30
N TRP XA 621 -95.74 5.84 -19.60
CA TRP XA 621 -95.03 6.97 -20.15
C TRP XA 621 -95.70 7.40 -21.44
N ALA XA 622 -95.41 8.63 -21.84
CA ALA XA 622 -95.74 9.12 -23.17
C ALA XA 622 -94.54 9.90 -23.70
N LYS XA 623 -94.38 9.91 -25.00
CA LYS XA 623 -93.37 10.74 -25.63
C LYS XA 623 -93.83 12.18 -25.63
N ILE XA 624 -93.03 13.08 -25.08
CA ILE XA 624 -93.29 14.50 -25.18
C ILE XA 624 -93.10 14.88 -26.64
N PRO XA 625 -94.10 15.47 -27.30
CA PRO XA 625 -93.93 15.85 -28.69
C PRO XA 625 -92.78 16.82 -28.86
N HIS XA 626 -92.03 16.65 -29.93
CA HIS XA 626 -90.88 17.52 -30.22
C HIS XA 626 -91.42 18.84 -30.75
N THR XA 627 -91.58 19.82 -29.85
CA THR XA 627 -92.11 21.12 -30.20
C THR XA 627 -91.22 22.20 -29.61
N ASP XA 628 -91.42 23.43 -30.09
CA ASP XA 628 -90.70 24.57 -29.55
C ASP XA 628 -91.04 24.80 -28.09
N GLY XA 629 -92.31 24.69 -27.74
CA GLY XA 629 -92.74 24.98 -26.39
C GLY XA 629 -93.74 23.94 -25.92
N ASN XA 630 -93.66 23.65 -24.63
CA ASN XA 630 -94.68 22.88 -23.94
C ASN XA 630 -94.82 23.47 -22.55
N PHE XA 631 -95.99 23.24 -21.95
CA PHE XA 631 -96.23 23.67 -20.58
C PHE XA 631 -96.52 22.44 -19.75
N HIS XA 632 -95.70 22.22 -18.72
CA HIS XA 632 -95.82 21.08 -17.82
C HIS XA 632 -96.02 19.80 -18.62
N PRO XA 633 -95.01 19.32 -19.33
CA PRO XA 633 -95.21 18.20 -20.25
C PRO XA 633 -95.42 16.87 -19.55
N SER XA 634 -96.39 16.82 -18.68
CA SER XA 634 -96.82 15.57 -18.08
C SER XA 634 -97.99 15.02 -18.88
N PRO XA 635 -97.93 13.77 -19.31
CA PRO XA 635 -98.99 13.24 -20.19
C PRO XA 635 -100.34 13.30 -19.50
N LEU XA 636 -101.37 13.64 -20.27
CA LEU XA 636 -102.66 13.92 -19.68
C LEU XA 636 -103.37 12.66 -19.20
N MET XA 637 -103.20 11.54 -19.88
CA MET XA 637 -103.74 10.29 -19.34
C MET XA 637 -102.88 9.71 -18.24
N GLY XA 638 -101.92 10.47 -17.74
CA GLY XA 638 -101.12 10.06 -16.60
C GLY XA 638 -99.82 9.40 -17.01
N GLY XA 639 -98.85 9.46 -16.12
CA GLY XA 639 -97.58 8.83 -16.32
C GLY XA 639 -96.45 9.83 -16.46
N PHE XA 640 -95.37 9.35 -17.05
CA PHE XA 640 -94.12 10.11 -17.14
C PHE XA 640 -93.96 10.63 -18.56
N GLY XA 641 -93.80 11.94 -18.69
CA GLY XA 641 -93.50 12.53 -19.97
C GLY XA 641 -92.02 12.45 -20.26
N LEU XA 642 -91.64 11.82 -21.35
CA LEU XA 642 -90.24 11.62 -21.70
C LEU XA 642 -89.95 12.22 -23.06
N LYS XA 643 -88.90 13.04 -23.14
CA LYS XA 643 -88.43 13.50 -24.43
C LYS XA 643 -87.92 12.33 -25.26
N HIS XA 644 -87.24 11.38 -24.63
CA HIS XA 644 -86.70 10.19 -25.28
C HIS XA 644 -87.24 8.98 -24.54
N PRO XA 645 -88.47 8.56 -24.86
CA PRO XA 645 -89.09 7.45 -24.15
C PRO XA 645 -88.44 6.14 -24.54
N PRO XA 646 -88.82 5.03 -23.92
CA PRO XA 646 -88.37 3.72 -24.39
C PRO XA 646 -88.66 3.58 -25.87
N PRO XA 647 -87.67 3.20 -26.67
CA PRO XA 647 -87.86 3.19 -28.12
C PRO XA 647 -88.88 2.14 -28.53
N GLN XA 648 -89.56 2.43 -29.64
CA GLN XA 648 -90.45 1.43 -30.23
C GLN XA 648 -89.63 0.24 -30.70
N ILE XA 649 -90.10 -0.96 -30.37
CA ILE XA 649 -89.46 -2.20 -30.78
C ILE XA 649 -90.32 -2.80 -31.87
N LEU XA 650 -89.84 -2.78 -33.10
CA LEU XA 650 -90.59 -3.22 -34.25
C LEU XA 650 -90.15 -4.63 -34.60
N ILE XA 651 -91.11 -5.51 -34.86
CA ILE XA 651 -90.84 -6.90 -35.16
C ILE XA 651 -91.67 -7.32 -36.36
N LYS XA 652 -91.08 -8.13 -37.23
CA LYS XA 652 -91.76 -8.58 -38.42
C LYS XA 652 -91.26 -9.96 -38.80
N ASN XA 653 -92.16 -10.81 -39.28
CA ASN XA 653 -91.75 -12.05 -39.92
C ASN XA 653 -91.16 -11.72 -41.28
N THR XA 654 -89.94 -12.16 -41.52
CA THR XA 654 -89.33 -11.96 -42.82
C THR XA 654 -90.12 -12.71 -43.87
N PRO XA 655 -90.56 -12.08 -44.95
CA PRO XA 655 -91.34 -12.79 -45.97
C PRO XA 655 -90.51 -13.92 -46.57
N VAL XA 656 -91.14 -15.08 -46.70
CA VAL XA 656 -90.54 -16.23 -47.34
C VAL XA 656 -91.34 -16.52 -48.61
N PRO XA 657 -90.83 -16.22 -49.78
CA PRO XA 657 -91.60 -16.44 -51.00
C PRO XA 657 -91.93 -17.92 -51.19
N ALA XA 658 -93.12 -18.17 -51.74
CA ALA XA 658 -93.40 -19.48 -52.29
C ALA XA 658 -92.57 -19.68 -53.56
N ASP XA 659 -92.77 -20.82 -54.20
CA ASP XA 659 -91.95 -21.12 -55.36
C ASP XA 659 -92.19 -20.10 -56.47
N PRO XA 660 -91.16 -19.38 -56.90
CA PRO XA 660 -91.34 -18.43 -58.00
C PRO XA 660 -91.49 -19.16 -59.32
N PRO XA 661 -91.99 -18.49 -60.35
CA PRO XA 661 -92.05 -19.13 -61.67
C PRO XA 661 -90.66 -19.43 -62.20
N THR XA 662 -90.59 -20.39 -63.11
CA THR XA 662 -89.32 -20.78 -63.68
C THR XA 662 -88.87 -19.88 -64.82
N THR XA 663 -89.71 -18.93 -65.23
CA THR XA 663 -89.34 -17.89 -66.18
C THR XA 663 -89.39 -16.55 -65.46
N PHE XA 664 -88.42 -15.69 -65.75
CA PHE XA 664 -88.28 -14.45 -64.99
C PHE XA 664 -89.49 -13.55 -65.17
N ASN XA 665 -89.95 -13.00 -64.05
CA ASN XA 665 -91.00 -11.98 -64.03
C ASN XA 665 -90.51 -10.84 -63.17
N GLN XA 666 -90.56 -9.62 -63.71
CA GLN XA 666 -90.07 -8.45 -62.98
C GLN XA 666 -91.00 -8.05 -61.84
N SER XA 667 -92.25 -8.50 -61.88
CA SER XA 667 -93.21 -8.08 -60.87
C SER XA 667 -92.80 -8.58 -59.49
N LYS XA 668 -93.10 -7.77 -58.48
CA LYS XA 668 -92.81 -8.17 -57.11
C LYS XA 668 -93.57 -9.44 -56.77
N LEU XA 669 -92.94 -10.30 -55.99
CA LEU XA 669 -93.57 -11.56 -55.62
C LEU XA 669 -94.69 -11.30 -54.63
N ASN XA 670 -95.84 -11.91 -54.89
CA ASN XA 670 -96.99 -11.82 -53.99
C ASN XA 670 -97.39 -13.17 -53.44
N SER XA 671 -96.73 -14.25 -53.82
CA SER XA 671 -97.01 -15.57 -53.32
C SER XA 671 -95.99 -15.88 -52.23
N PHE XA 672 -96.46 -15.95 -50.99
CA PHE XA 672 -95.58 -16.15 -49.85
C PHE XA 672 -96.03 -17.37 -49.05
N ILE XA 673 -95.06 -18.01 -48.42
CA ILE XA 673 -95.35 -19.09 -47.50
C ILE XA 673 -96.05 -18.52 -46.28
N THR XA 674 -97.20 -19.08 -45.94
CA THR XA 674 -97.94 -18.60 -44.78
C THR XA 674 -97.16 -18.92 -43.52
N GLN XA 675 -96.98 -17.92 -42.67
CA GLN XA 675 -95.95 -18.01 -41.65
C GLN XA 675 -96.34 -17.14 -40.46
N TYR XA 676 -95.99 -17.60 -39.28
CA TYR XA 676 -96.10 -16.79 -38.07
C TYR XA 676 -94.97 -17.18 -37.14
N SER XA 677 -94.65 -16.29 -36.22
CA SER XA 677 -93.60 -16.54 -35.26
C SER XA 677 -94.16 -16.43 -33.84
N THR XA 678 -93.53 -17.16 -32.94
CA THR XA 678 -93.83 -17.08 -31.53
C THR XA 678 -92.51 -17.07 -30.77
N GLY XA 679 -92.54 -16.54 -29.57
CA GLY XA 679 -91.35 -16.51 -28.75
C GLY XA 679 -91.67 -15.94 -27.39
N GLN XA 680 -90.62 -15.68 -26.63
CA GLN XA 680 -90.75 -15.08 -25.33
C GLN XA 680 -90.16 -13.68 -25.35
N VAL XA 681 -90.78 -12.78 -24.63
CA VAL XA 681 -90.30 -11.41 -24.48
C VAL XA 681 -90.12 -11.14 -23.00
N SER XA 682 -88.97 -10.59 -22.64
CA SER XA 682 -88.68 -10.21 -21.28
C SER XA 682 -88.42 -8.71 -21.25
N VAL XA 683 -89.08 -8.02 -20.32
CA VAL XA 683 -88.81 -6.62 -20.07
C VAL XA 683 -88.54 -6.46 -18.59
N GLU XA 684 -87.41 -5.87 -18.26
CA GLU XA 684 -87.01 -5.61 -16.89
C GLU XA 684 -86.91 -4.10 -16.71
N ILE XA 685 -87.65 -3.55 -15.76
CA ILE XA 685 -87.61 -2.13 -15.45
C ILE XA 685 -87.16 -1.96 -14.02
N GLU XA 686 -86.17 -1.12 -13.80
CA GLU XA 686 -85.76 -0.72 -12.48
C GLU XA 686 -86.45 0.60 -12.14
N TRP XA 687 -87.16 0.62 -11.03
CA TRP XA 687 -87.87 1.80 -10.56
C TRP XA 687 -87.19 2.33 -9.31
N GLU XA 688 -87.04 3.65 -9.26
CA GLU XA 688 -86.57 4.31 -8.04
C GLU XA 688 -87.77 4.68 -7.20
N LEU XA 689 -87.66 4.49 -5.90
CA LEU XA 689 -88.76 4.74 -4.96
C LEU XA 689 -88.46 5.97 -4.12
N GLN XA 690 -89.50 6.74 -3.85
CA GLN XA 690 -89.45 7.81 -2.86
C GLN XA 690 -90.13 7.30 -1.60
N LYS XA 691 -89.34 6.96 -0.60
CA LYS XA 691 -89.89 6.46 0.66
C LYS XA 691 -90.64 7.58 1.38
N GLU XA 692 -91.76 7.23 2.00
CA GLU XA 692 -92.52 8.20 2.77
C GLU XA 692 -91.80 8.45 4.10
N ASN XA 693 -91.58 9.72 4.41
CA ASN XA 693 -90.99 10.12 5.68
C ASN XA 693 -91.99 11.03 6.36
N SER XA 694 -92.93 10.43 7.07
CA SER XA 694 -94.11 11.11 7.57
C SER XA 694 -94.18 11.02 9.08
N LYS XA 695 -94.55 12.12 9.72
CA LYS XA 695 -94.76 12.16 11.16
C LYS XA 695 -96.23 12.10 11.52
N ARG XA 696 -97.08 11.73 10.58
CA ARG XA 696 -98.49 11.52 10.86
C ARG XA 696 -98.68 10.49 11.95
N TRP XA 697 -99.54 10.81 12.92
CA TRP XA 697 -99.72 9.93 14.07
C TRP XA 697 -100.74 8.83 13.76
N ASN XA 698 -101.89 9.21 13.22
CA ASN XA 698 -102.95 8.25 12.97
C ASN XA 698 -102.61 7.38 11.76
N PRO XA 699 -103.19 6.19 11.67
CA PRO XA 699 -102.89 5.30 10.53
C PRO XA 699 -103.32 5.91 9.21
N GLU XA 700 -102.58 5.59 8.17
CA GLU XA 700 -102.86 6.06 6.82
C GLU XA 700 -103.92 5.18 6.17
N ILE XA 701 -104.48 5.69 5.07
CA ILE XA 701 -105.30 4.87 4.19
C ILE XA 701 -104.37 4.00 3.35
N GLN XA 702 -104.70 2.71 3.28
CA GLN XA 702 -103.91 1.76 2.53
C GLN XA 702 -104.83 1.02 1.57
N TYR XA 703 -104.29 0.66 0.41
CA TYR XA 703 -105.02 -0.25 -0.45
C TYR XA 703 -105.00 -1.63 0.16
N THR XA 704 -106.18 -2.23 0.30
CA THR XA 704 -106.30 -3.55 0.90
C THR XA 704 -107.31 -4.36 0.11
N SER XA 705 -107.10 -5.67 0.06
CA SER XA 705 -108.13 -6.55 -0.45
C SER XA 705 -109.25 -6.67 0.57
N ASN XA 706 -110.46 -6.94 0.08
CA ASN XA 706 -111.59 -7.10 0.95
C ASN XA 706 -111.44 -8.39 1.76
N TYR XA 707 -111.72 -8.30 3.06
CA TYR XA 707 -111.58 -9.46 3.93
C TYR XA 707 -112.73 -10.45 3.75
N TYR XA 708 -113.90 -9.96 3.37
CA TYR XA 708 -115.09 -10.79 3.32
C TYR XA 708 -115.01 -11.81 2.19
N LYS XA 709 -115.73 -12.92 2.37
CA LYS XA 709 -115.67 -14.01 1.41
C LYS XA 709 -116.27 -13.61 0.07
N SER XA 710 -115.84 -14.30 -0.97
CA SER XA 710 -116.31 -14.02 -2.32
C SER XA 710 -116.19 -15.28 -3.17
N THR XA 711 -116.90 -15.28 -4.29
CA THR XA 711 -116.87 -16.43 -5.18
C THR XA 711 -115.48 -16.66 -5.76
N SER XA 712 -114.75 -15.58 -6.06
CA SER XA 712 -113.44 -15.67 -6.63
C SER XA 712 -112.51 -14.69 -5.94
N VAL XA 713 -111.21 -14.98 -6.02
CA VAL XA 713 -110.19 -14.08 -5.50
C VAL XA 713 -110.03 -12.92 -6.47
N ASP XA 714 -110.02 -11.70 -5.93
CA ASP XA 714 -109.76 -10.53 -6.76
C ASP XA 714 -108.34 -10.58 -7.31
N PHE XA 715 -108.18 -10.17 -8.57
CA PHE XA 715 -106.90 -10.24 -9.28
C PHE XA 715 -106.38 -11.67 -9.32
N ALA XA 716 -107.28 -12.59 -9.69
CA ALA XA 716 -106.92 -13.98 -9.90
C ALA XA 716 -107.71 -14.49 -11.10
N VAL XA 717 -107.59 -15.75 -11.38
CA VAL XA 717 -108.32 -16.36 -12.46
C VAL XA 717 -109.64 -16.91 -11.92
N ASN XA 718 -110.63 -17.02 -12.78
CA ASN XA 718 -111.89 -17.63 -12.43
C ASN XA 718 -111.83 -19.13 -12.75
N THR XA 719 -112.97 -19.80 -12.72
CA THR XA 719 -112.99 -21.23 -13.00
C THR XA 719 -112.67 -21.56 -14.45
N GLU XA 720 -112.75 -20.58 -15.35
CA GLU XA 720 -112.45 -20.79 -16.75
C GLU XA 720 -111.04 -20.38 -17.12
N GLY XA 721 -110.22 -19.97 -16.16
CA GLY XA 721 -108.87 -19.57 -16.46
C GLY XA 721 -108.71 -18.13 -16.90
N VAL XA 722 -109.75 -17.33 -16.82
CA VAL XA 722 -109.70 -15.94 -17.26
C VAL XA 722 -109.20 -15.08 -16.11
N TYR XA 723 -108.08 -14.41 -16.32
CA TYR XA 723 -107.59 -13.44 -15.37
C TYR XA 723 -108.35 -12.13 -15.55
N SER XA 724 -108.76 -11.54 -14.44
CA SER XA 724 -109.50 -10.29 -14.48
C SER XA 724 -108.96 -9.33 -13.44
N GLU XA 725 -109.00 -8.04 -13.76
CA GLU XA 725 -108.68 -7.00 -12.81
C GLU XA 725 -109.99 -6.35 -12.37
N PRO XA 726 -110.46 -6.58 -11.14
CA PRO XA 726 -111.82 -6.17 -10.79
C PRO XA 726 -111.99 -4.66 -10.64
N ARG XA 727 -110.92 -3.92 -10.34
CA ARG XA 727 -111.03 -2.49 -10.11
C ARG XA 727 -109.77 -1.82 -10.59
N PRO XA 728 -109.82 -0.53 -10.92
CA PRO XA 728 -108.58 0.20 -11.20
C PRO XA 728 -107.94 0.64 -9.90
N ILE XA 729 -106.72 0.16 -9.64
CA ILE XA 729 -106.01 0.53 -8.44
C ILE XA 729 -105.21 1.79 -8.75
N GLY XA 730 -105.55 2.88 -8.08
CA GLY XA 730 -104.79 4.10 -8.20
C GLY XA 730 -103.46 3.99 -7.50
N THR XA 731 -102.87 5.12 -7.19
CA THR XA 731 -101.54 5.13 -6.62
C THR XA 731 -101.47 5.98 -5.35
N ARG XA 732 -102.48 6.79 -5.08
CA ARG XA 732 -102.43 7.81 -4.03
C ARG XA 732 -103.20 7.31 -2.82
N TYR XA 733 -102.48 6.73 -1.87
CA TYR XA 733 -103.05 6.27 -0.62
C TYR XA 733 -102.37 6.90 0.59
N LEU XA 734 -101.04 7.04 0.55
CA LEU XA 734 -100.34 7.76 1.59
C LEU XA 734 -100.64 9.26 1.47
N THR XA 735 -100.31 9.99 2.52
CA THR XA 735 -100.61 11.41 2.57
C THR XA 735 -99.36 12.24 2.81
N ARG XA 736 -99.38 13.46 2.31
CA ARG XA 736 -98.37 14.47 2.60
C ARG XA 736 -99.06 15.78 2.93
N ASN XA 737 -98.39 16.60 3.72
CA ASN XA 737 -98.81 17.98 3.86
C ASN XA 737 -98.52 18.74 2.57
N LEU XA 738 -99.23 19.84 2.38
CA LEU XA 738 -98.99 20.67 1.22
C LEU XA 738 -97.72 21.49 1.41
N GLY YA 221 -53.86 55.63 -40.36
CA GLY YA 221 -53.39 56.57 -41.36
C GLY YA 221 -54.49 57.06 -42.29
N VAL YA 222 -54.32 58.29 -42.78
CA VAL YA 222 -55.29 58.87 -43.71
C VAL YA 222 -55.34 58.06 -45.00
N GLY YA 223 -54.17 57.68 -45.52
CA GLY YA 223 -54.08 57.02 -46.80
C GLY YA 223 -54.06 55.51 -46.78
N SER YA 224 -54.40 54.88 -45.66
CA SER YA 224 -54.41 53.43 -45.56
C SER YA 224 -55.79 52.95 -45.14
N SER YA 225 -56.26 51.90 -45.79
CA SER YA 225 -57.54 51.31 -45.44
C SER YA 225 -57.48 50.67 -44.06
N SER YA 226 -58.55 50.85 -43.28
CA SER YA 226 -58.64 50.28 -41.95
C SER YA 226 -59.38 48.96 -41.92
N GLY YA 227 -59.78 48.44 -43.06
CA GLY YA 227 -60.44 47.15 -43.11
C GLY YA 227 -60.82 46.81 -44.54
N ASN YA 228 -61.09 45.53 -44.73
CA ASN YA 228 -61.43 45.00 -46.04
C ASN YA 228 -62.91 44.65 -46.13
N TRP YA 229 -63.38 44.52 -47.36
CA TRP YA 229 -64.76 44.12 -47.61
C TRP YA 229 -64.88 42.62 -47.38
N HIS YA 230 -65.78 42.23 -46.48
CA HIS YA 230 -65.97 40.82 -46.13
C HIS YA 230 -67.46 40.50 -46.22
N CYS YA 231 -67.90 40.12 -47.41
CA CYS YA 231 -69.23 39.55 -47.61
C CYS YA 231 -69.02 38.11 -48.06
N ASP YA 232 -69.54 37.17 -47.29
CA ASP YA 232 -69.29 35.76 -47.56
C ASP YA 232 -70.17 34.94 -46.64
N SER YA 233 -70.30 33.66 -46.98
CA SER YA 233 -70.91 32.66 -46.11
C SER YA 233 -70.14 31.38 -46.27
N THR YA 234 -69.61 30.86 -45.17
CA THR YA 234 -68.84 29.63 -45.19
C THR YA 234 -69.63 28.56 -44.43
N TRP YA 235 -69.97 27.49 -45.12
CA TRP YA 235 -70.66 26.36 -44.51
C TRP YA 235 -69.63 25.29 -44.18
N LEU YA 236 -69.51 24.95 -42.90
CA LEU YA 236 -68.49 24.01 -42.46
C LEU YA 236 -69.11 23.14 -41.38
N GLY YA 237 -69.46 21.91 -41.74
CA GLY YA 237 -70.05 21.00 -40.77
C GLY YA 237 -71.40 21.50 -40.28
N ASP YA 238 -71.53 21.59 -38.96
CA ASP YA 238 -72.76 22.05 -38.33
C ASP YA 238 -72.78 23.54 -38.10
N ARG YA 239 -71.86 24.28 -38.70
CA ARG YA 239 -71.80 25.72 -38.58
C ARG YA 239 -71.94 26.37 -39.96
N VAL YA 240 -72.55 27.54 -39.97
CA VAL YA 240 -72.46 28.45 -41.11
C VAL YA 240 -72.05 29.80 -40.57
N ILE YA 241 -71.03 30.40 -41.17
CA ILE YA 241 -70.54 31.70 -40.76
C ILE YA 241 -70.91 32.68 -41.86
N THR YA 242 -71.89 33.53 -41.58
CA THR YA 242 -72.25 34.59 -42.50
C THR YA 242 -71.49 35.85 -42.11
N THR YA 243 -70.88 36.49 -43.10
CA THR YA 243 -70.27 37.79 -42.90
C THR YA 243 -70.79 38.72 -43.98
N SER YA 244 -71.16 39.93 -43.57
CA SER YA 244 -71.73 40.88 -44.50
C SER YA 244 -71.12 42.25 -44.25
N THR YA 245 -70.74 42.91 -45.33
CA THR YA 245 -70.22 44.27 -45.27
C THR YA 245 -71.16 45.19 -46.03
N ARG YA 246 -71.39 46.37 -45.47
CA ARG YA 246 -72.21 47.38 -46.12
C ARG YA 246 -71.54 48.73 -45.98
N THR YA 247 -71.84 49.62 -46.92
CA THR YA 247 -71.44 51.00 -46.82
C THR YA 247 -72.57 51.79 -46.18
N TRP YA 248 -72.26 52.54 -45.13
CA TRP YA 248 -73.25 53.31 -44.41
C TRP YA 248 -72.94 54.80 -44.56
N ALA YA 249 -73.96 55.61 -44.32
CA ALA YA 249 -73.80 57.06 -44.22
C ALA YA 249 -74.51 57.53 -42.97
N LEU YA 250 -73.80 58.26 -42.13
CA LEU YA 250 -74.37 58.76 -40.89
C LEU YA 250 -74.47 60.28 -40.95
N PRO YA 251 -75.67 60.84 -40.99
CA PRO YA 251 -75.81 62.30 -40.93
C PRO YA 251 -75.65 62.79 -39.50
N THR YA 252 -75.64 64.10 -39.35
CA THR YA 252 -75.82 64.70 -38.03
C THR YA 252 -77.31 64.72 -37.71
N TYR YA 253 -77.69 64.07 -36.64
CA TYR YA 253 -79.08 63.99 -36.22
C TYR YA 253 -79.36 65.05 -35.18
N ASN YA 254 -80.54 65.66 -35.27
CA ASN YA 254 -81.08 66.57 -34.27
C ASN YA 254 -80.23 67.82 -34.08
N ASN YA 255 -79.33 68.12 -35.01
CA ASN YA 255 -78.37 69.20 -34.85
C ASN YA 255 -77.57 69.04 -33.56
N HIS YA 256 -77.15 67.81 -33.28
CA HIS YA 256 -76.36 67.43 -32.12
C HIS YA 256 -77.10 67.57 -30.81
N LEU YA 257 -78.43 67.70 -30.84
CA LEU YA 257 -79.20 67.95 -29.64
C LEU YA 257 -79.97 66.72 -29.20
N TYR YA 258 -80.22 66.64 -27.90
CA TYR YA 258 -81.23 65.75 -27.35
C TYR YA 258 -82.54 66.52 -27.26
N LYS YA 259 -83.58 66.00 -27.88
CA LYS YA 259 -84.87 66.66 -27.88
C LYS YA 259 -85.89 65.77 -27.19
N GLN YA 260 -86.62 66.35 -26.25
CA GLN YA 260 -87.78 65.66 -25.71
C GLN YA 260 -88.87 65.59 -26.78
N ILE YA 261 -89.43 64.41 -26.97
CA ILE YA 261 -90.48 64.19 -27.95
C ILE YA 261 -91.69 63.60 -27.23
N SER YA 262 -92.87 64.02 -27.64
CA SER YA 262 -94.09 63.60 -26.97
C SER YA 262 -95.23 63.53 -27.97
N ASN YA 263 -96.31 62.89 -27.54
CA ASN YA 263 -97.55 62.84 -28.30
C ASN YA 263 -98.67 62.70 -27.30
N GLY YA 264 -99.61 63.64 -27.32
CA GLY YA 264 -100.72 63.64 -26.39
C GLY YA 264 -102.06 63.51 -27.12
N THR YA 265 -103.12 63.57 -26.32
CA THR YA 265 -104.47 63.47 -26.85
C THR YA 265 -104.98 64.82 -27.31
N ALA YA 269 -104.38 62.85 -31.55
CA ALA YA 269 -103.96 61.49 -31.28
C ALA YA 269 -104.79 60.87 -30.16
N THR YA 270 -104.97 59.55 -30.23
CA THR YA 270 -105.72 58.86 -29.19
C THR YA 270 -104.79 58.52 -28.02
N ASN YA 271 -105.41 58.16 -26.89
CA ASN YA 271 -104.63 57.79 -25.72
C ASN YA 271 -103.78 56.55 -25.99
N ASP YA 272 -104.24 55.67 -26.89
CA ASP YA 272 -103.47 54.46 -27.21
C ASP YA 272 -102.14 54.77 -27.85
N ASN YA 273 -101.98 55.96 -28.44
CA ASN YA 273 -100.78 56.30 -29.18
C ASN YA 273 -99.94 57.38 -28.51
N THR YA 274 -100.24 57.71 -27.25
CA THR YA 274 -99.45 58.71 -26.54
C THR YA 274 -98.08 58.17 -26.18
N TYR YA 275 -97.10 59.07 -26.13
CA TYR YA 275 -95.78 58.66 -25.70
C TYR YA 275 -95.02 59.88 -25.17
N PHE YA 276 -94.02 59.60 -24.37
CA PHE YA 276 -93.02 60.58 -23.96
C PHE YA 276 -91.67 59.91 -24.12
N GLY YA 277 -90.73 60.62 -24.73
CA GLY YA 277 -89.43 60.04 -24.94
C GLY YA 277 -88.43 61.09 -25.34
N TYR YA 278 -87.30 60.62 -25.85
CA TYR YA 278 -86.22 61.52 -26.23
C TYR YA 278 -85.67 61.12 -27.58
N SER YA 279 -85.48 62.11 -28.43
CA SER YA 279 -84.72 61.95 -29.66
C SER YA 279 -83.27 62.31 -29.36
N THR YA 280 -82.35 61.45 -29.77
CA THR YA 280 -80.95 61.66 -29.50
C THR YA 280 -80.22 62.00 -30.79
N PRO YA 281 -79.08 62.68 -30.70
CA PRO YA 281 -78.25 62.93 -31.89
C PRO YA 281 -77.47 61.71 -32.36
N TRP YA 282 -77.71 60.54 -31.78
CA TRP YA 282 -76.95 59.34 -32.08
C TRP YA 282 -77.66 58.50 -33.12
N GLY YA 283 -76.89 57.91 -34.00
CA GLY YA 283 -77.37 56.80 -34.81
C GLY YA 283 -77.07 55.49 -34.14
N TYR YA 284 -77.61 54.42 -34.72
CA TYR YA 284 -77.31 53.09 -34.21
C TYR YA 284 -77.30 52.10 -35.36
N PHE YA 285 -76.51 51.06 -35.19
CA PHE YA 285 -76.38 50.02 -36.20
C PHE YA 285 -77.34 48.88 -35.89
N ASP YA 286 -78.13 48.52 -36.88
CA ASP YA 286 -79.10 47.43 -36.76
C ASP YA 286 -78.78 46.38 -37.82
N PHE YA 287 -78.64 45.14 -37.38
CA PHE YA 287 -78.53 44.00 -38.27
C PHE YA 287 -79.41 42.88 -37.78
N ASN YA 288 -80.58 43.24 -37.27
CA ASN YA 288 -81.51 42.31 -36.66
C ASN YA 288 -82.54 41.78 -37.66
N ARG YA 289 -82.14 41.62 -38.91
CA ARG YA 289 -82.95 40.93 -39.91
C ARG YA 289 -82.08 39.88 -40.57
N PHE YA 290 -82.71 38.75 -40.92
CA PHE YA 290 -81.94 37.63 -41.43
C PHE YA 290 -81.30 37.94 -42.77
N HIS YA 291 -81.96 38.75 -43.60
CA HIS YA 291 -81.38 39.07 -44.91
C HIS YA 291 -80.18 40.01 -44.81
N CYS YA 292 -79.91 40.58 -43.64
CA CYS YA 292 -78.67 41.29 -43.44
C CYS YA 292 -77.47 40.35 -43.46
N HIS YA 293 -77.69 39.06 -43.27
CA HIS YA 293 -76.62 38.08 -43.14
C HIS YA 293 -76.72 36.95 -44.15
N PHE YA 294 -77.92 36.51 -44.48
CA PHE YA 294 -78.12 35.41 -45.41
C PHE YA 294 -78.54 35.96 -46.76
N SER YA 295 -77.80 35.58 -47.80
CA SER YA 295 -78.29 35.76 -49.15
C SER YA 295 -79.48 34.82 -49.36
N PRO YA 296 -80.35 35.13 -50.32
CA PRO YA 296 -81.49 34.22 -50.58
C PRO YA 296 -81.06 32.80 -50.86
N ARG YA 297 -79.95 32.61 -51.59
CA ARG YA 297 -79.43 31.27 -51.83
C ARG YA 297 -78.93 30.64 -50.54
N ASP YA 298 -78.25 31.42 -49.69
CA ASP YA 298 -77.83 30.90 -48.40
C ASP YA 298 -79.02 30.55 -47.53
N TRP YA 299 -80.07 31.37 -47.57
CA TRP YA 299 -81.29 31.06 -46.84
C TRP YA 299 -81.90 29.75 -47.34
N GLN YA 300 -81.90 29.55 -48.66
CA GLN YA 300 -82.38 28.30 -49.22
C GLN YA 300 -81.56 27.11 -48.74
N ARG YA 301 -80.23 27.26 -48.76
CA ARG YA 301 -79.35 26.21 -48.23
C ARG YA 301 -79.69 25.89 -46.79
N LEU YA 302 -79.93 26.92 -45.98
CA LEU YA 302 -80.23 26.72 -44.58
C LEU YA 302 -81.56 26.00 -44.38
N ILE YA 303 -82.62 26.49 -45.03
CA ILE YA 303 -83.95 26.00 -44.73
C ILE YA 303 -84.28 24.68 -45.42
N ASN YA 304 -83.60 24.34 -46.52
CA ASN YA 304 -83.90 23.10 -47.20
C ASN YA 304 -83.16 21.91 -46.62
N ASN YA 305 -82.22 22.12 -45.70
CA ASN YA 305 -81.32 21.07 -45.29
C ASN YA 305 -81.15 20.95 -43.78
N ASN YA 306 -81.73 21.84 -43.00
CA ASN YA 306 -81.51 21.86 -41.57
C ASN YA 306 -82.83 21.88 -40.83
N TRP YA 307 -82.89 21.13 -39.74
CA TRP YA 307 -84.07 21.14 -38.87
C TRP YA 307 -84.07 22.33 -37.93
N GLY YA 308 -82.93 22.98 -37.75
CA GLY YA 308 -82.87 24.10 -36.84
C GLY YA 308 -81.56 24.83 -36.97
N PHE YA 309 -81.54 26.03 -36.41
CA PHE YA 309 -80.34 26.85 -36.40
C PHE YA 309 -80.47 27.84 -35.26
N ARG YA 310 -79.32 28.39 -34.85
CA ARG YA 310 -79.29 29.40 -33.81
C ARG YA 310 -78.00 30.17 -33.92
N PRO YA 311 -78.00 31.44 -33.59
CA PRO YA 311 -76.74 32.20 -33.58
C PRO YA 311 -75.86 31.76 -32.44
N LYS YA 312 -74.55 31.79 -32.68
CA LYS YA 312 -73.56 31.42 -31.69
C LYS YA 312 -72.72 32.59 -31.22
N ARG YA 313 -72.13 33.32 -32.16
CA ARG YA 313 -71.27 34.44 -31.85
C ARG YA 313 -71.36 35.43 -32.98
N LEU YA 314 -71.02 36.68 -32.70
CA LEU YA 314 -70.93 37.68 -33.74
C LEU YA 314 -69.69 38.53 -33.53
N SER YA 315 -69.15 39.01 -34.64
CA SER YA 315 -68.11 40.03 -34.62
C SER YA 315 -68.58 41.19 -35.49
N PHE YA 316 -68.32 42.39 -35.03
CA PHE YA 316 -68.80 43.61 -35.67
C PHE YA 316 -67.60 44.51 -35.93
N LYS YA 317 -67.57 45.16 -37.09
CA LYS YA 317 -66.45 46.02 -37.43
C LYS YA 317 -66.95 47.29 -38.09
N LEU YA 318 -66.37 48.42 -37.67
CA LEU YA 318 -66.53 49.69 -38.35
C LEU YA 318 -65.15 50.12 -38.84
N PHE YA 319 -65.07 50.51 -40.11
CA PHE YA 319 -63.77 50.79 -40.70
C PHE YA 319 -63.96 51.66 -41.94
N ASN YA 320 -62.84 52.15 -42.46
CA ASN YA 320 -62.81 53.03 -43.62
C ASN YA 320 -63.73 54.22 -43.39
N ILE YA 321 -63.64 54.81 -42.21
CA ILE YA 321 -64.48 55.93 -41.84
C ILE YA 321 -64.02 57.17 -42.57
N GLN YA 322 -64.97 57.88 -43.17
CA GLN YA 322 -64.71 59.16 -43.82
C GLN YA 322 -65.71 60.16 -43.26
N VAL YA 323 -65.19 61.20 -42.61
CA VAL YA 323 -66.02 62.30 -42.14
C VAL YA 323 -65.90 63.44 -43.13
N LYS YA 324 -67.04 63.90 -43.64
CA LYS YA 324 -67.05 64.85 -44.72
C LYS YA 324 -67.75 66.13 -44.30
N GLU YA 325 -67.18 67.25 -44.70
CA GLU YA 325 -67.73 68.57 -44.43
C GLU YA 325 -68.44 69.08 -45.67
N VAL YA 326 -69.65 69.57 -45.50
CA VAL YA 326 -70.43 70.13 -46.61
C VAL YA 326 -70.69 71.60 -46.30
N THR YA 327 -70.39 72.46 -47.28
CA THR YA 327 -70.54 73.90 -47.12
C THR YA 327 -71.60 74.44 -48.07
N LYS YA 333 -73.02 73.98 -53.28
CA LYS YA 333 -72.68 72.99 -52.26
C LYS YA 333 -71.42 72.22 -52.64
N THR YA 334 -70.44 72.25 -51.74
CA THR YA 334 -69.21 71.48 -51.92
C THR YA 334 -69.03 70.56 -50.73
N ILE YA 335 -68.60 69.33 -51.00
CA ILE YA 335 -68.32 68.34 -49.97
C ILE YA 335 -66.82 68.09 -49.95
N ALA YA 336 -66.23 68.21 -48.77
CA ALA YA 336 -64.80 68.04 -48.60
C ALA YA 336 -64.54 67.11 -47.43
N ASN YA 337 -63.39 66.43 -47.48
CA ASN YA 337 -62.97 65.61 -46.37
C ASN YA 337 -62.60 66.49 -45.18
N ASN YA 338 -63.03 66.05 -43.99
CA ASN YA 338 -62.61 66.69 -42.72
C ASN YA 338 -61.73 65.63 -42.06
N LEU YA 339 -60.43 65.63 -42.35
CA LEU YA 339 -59.54 64.55 -41.94
C LEU YA 339 -59.41 64.47 -40.42
N THR YA 340 -59.57 65.57 -39.72
CA THR YA 340 -59.39 65.61 -38.27
C THR YA 340 -60.69 65.43 -37.50
N SER YA 341 -61.82 65.26 -38.18
CA SER YA 341 -63.08 65.05 -37.50
C SER YA 341 -63.21 63.60 -37.03
N THR YA 342 -64.01 63.41 -35.98
CA THR YA 342 -64.19 62.10 -35.40
C THR YA 342 -65.64 61.68 -35.43
N ILE YA 343 -65.85 60.38 -35.35
CA ILE YA 343 -67.13 59.80 -34.99
C ILE YA 343 -66.95 59.13 -33.63
N GLN YA 344 -68.04 59.03 -32.89
CA GLN YA 344 -68.05 58.35 -31.60
C GLN YA 344 -68.87 57.08 -31.73
N VAL YA 345 -68.28 55.96 -31.32
CA VAL YA 345 -68.94 54.67 -31.36
C VAL YA 345 -68.81 54.01 -30.00
N PHE YA 346 -69.90 53.48 -29.49
CA PHE YA 346 -69.83 52.63 -28.31
C PHE YA 346 -70.94 51.61 -28.39
N THR YA 347 -70.71 50.48 -27.72
CA THR YA 347 -71.74 49.46 -27.57
C THR YA 347 -72.30 49.52 -26.16
N ASP YA 348 -73.62 49.45 -26.05
CA ASP YA 348 -74.28 49.37 -24.77
C ASP YA 348 -74.17 47.93 -24.25
N SER YA 349 -72.93 47.58 -23.87
CA SER YA 349 -72.63 46.19 -23.50
C SER YA 349 -73.27 45.81 -22.17
N GLU YA 350 -73.52 46.76 -21.29
CA GLU YA 350 -74.21 46.50 -20.04
C GLU YA 350 -75.72 46.65 -20.14
N TYR YA 351 -76.24 46.93 -21.33
CA TYR YA 351 -77.68 47.07 -21.55
C TYR YA 351 -78.28 48.12 -20.64
N GLN YA 352 -77.57 49.23 -20.49
CA GLN YA 352 -78.01 50.33 -19.65
C GLN YA 352 -78.87 51.33 -20.40
N LEU YA 353 -78.94 51.24 -21.67
CA LEU YA 353 -79.80 52.10 -22.46
C LEU YA 353 -81.09 51.38 -22.81
N PRO YA 354 -82.16 52.12 -23.05
CA PRO YA 354 -83.37 51.49 -23.59
C PRO YA 354 -83.05 50.76 -24.89
N TYR YA 355 -83.42 49.49 -24.93
CA TYR YA 355 -83.09 48.62 -26.06
C TYR YA 355 -84.19 48.76 -27.11
N VAL YA 356 -83.87 49.47 -28.19
CA VAL YA 356 -84.85 49.72 -29.25
C VAL YA 356 -84.70 48.76 -30.41
N LEU YA 357 -83.65 47.96 -30.44
CA LEU YA 357 -83.62 46.84 -31.38
C LEU YA 357 -84.68 45.82 -30.98
N GLY YA 358 -85.04 44.97 -31.94
CA GLY YA 358 -86.10 44.04 -31.66
C GLY YA 358 -87.48 44.65 -31.64
N SER YA 359 -87.67 45.79 -32.30
CA SER YA 359 -88.99 46.34 -32.54
C SER YA 359 -89.32 46.37 -34.02
N ALA YA 360 -88.61 45.58 -34.82
CA ALA YA 360 -88.86 45.45 -36.26
C ALA YA 360 -88.80 46.80 -36.97
N HIS YA 361 -87.83 47.61 -36.60
CA HIS YA 361 -87.69 48.94 -37.18
C HIS YA 361 -86.88 48.90 -38.46
N GLN YA 362 -87.15 49.88 -39.33
CA GLN YA 362 -86.32 50.08 -40.50
C GLN YA 362 -84.93 50.58 -40.09
N GLY YA 363 -84.02 50.58 -41.05
CA GLY YA 363 -82.67 51.03 -40.80
C GLY YA 363 -81.67 49.93 -40.60
N CYS YA 364 -82.07 48.66 -40.73
CA CYS YA 364 -81.12 47.57 -40.67
C CYS YA 364 -80.22 47.60 -41.91
N LEU YA 365 -79.17 46.79 -41.86
CA LEU YA 365 -78.31 46.64 -43.02
C LEU YA 365 -79.15 46.16 -44.20
N PRO YA 366 -78.98 46.73 -45.39
CA PRO YA 366 -79.82 46.33 -46.51
C PRO YA 366 -79.56 44.89 -46.90
N PRO YA 367 -80.57 44.19 -47.42
CA PRO YA 367 -80.33 42.81 -47.88
C PRO YA 367 -79.30 42.72 -48.99
N PHE YA 368 -79.25 43.70 -49.89
CA PHE YA 368 -78.34 43.65 -51.02
C PHE YA 368 -77.00 44.27 -50.64
N PRO YA 369 -75.89 43.55 -50.75
CA PRO YA 369 -74.60 44.09 -50.29
C PRO YA 369 -74.17 45.37 -50.99
N ALA YA 370 -74.55 45.56 -52.26
CA ALA YA 370 -74.16 46.77 -52.96
C ALA YA 370 -74.93 47.99 -52.50
N ASP YA 371 -75.91 47.83 -51.62
CA ASP YA 371 -76.78 48.92 -51.24
C ASP YA 371 -76.15 49.75 -50.13
N VAL YA 372 -76.11 51.05 -50.33
CA VAL YA 372 -75.62 51.98 -49.32
C VAL YA 372 -76.80 52.47 -48.50
N PHE YA 373 -76.69 52.37 -47.18
CA PHE YA 373 -77.83 52.66 -46.31
C PHE YA 373 -77.50 53.78 -45.34
N MET YA 374 -78.57 54.47 -44.94
CA MET YA 374 -78.51 55.52 -43.95
C MET YA 374 -78.71 54.94 -42.56
N ILE YA 375 -77.89 55.38 -41.62
CA ILE YA 375 -77.97 54.88 -40.25
C ILE YA 375 -79.18 55.48 -39.55
N PRO YA 376 -80.04 54.69 -38.95
CA PRO YA 376 -81.23 55.25 -38.29
C PRO YA 376 -80.86 56.03 -37.03
N GLN YA 377 -81.70 57.01 -36.71
CA GLN YA 377 -81.49 57.83 -35.53
C GLN YA 377 -81.97 57.10 -34.27
N TYR YA 378 -81.16 57.15 -33.23
CA TYR YA 378 -81.53 56.52 -31.98
C TYR YA 378 -82.48 57.40 -31.19
N GLY YA 379 -83.61 56.84 -30.80
CA GLY YA 379 -84.49 57.48 -29.85
C GLY YA 379 -85.08 56.42 -28.95
N TYR YA 380 -85.65 56.87 -27.84
CA TYR YA 380 -86.23 55.92 -26.90
C TYR YA 380 -87.44 56.54 -26.24
N LEU YA 381 -88.25 55.68 -25.65
CA LEU YA 381 -89.43 56.10 -24.92
C LEU YA 381 -89.27 55.74 -23.45
N THR YA 382 -89.85 56.58 -22.60
CA THR YA 382 -89.87 56.29 -21.18
C THR YA 382 -91.32 56.39 -20.71
N LEU YA 383 -91.55 56.37 -19.41
CA LEU YA 383 -92.92 56.40 -18.91
C LEU YA 383 -93.59 57.71 -19.27
N ASN YA 384 -94.85 57.62 -19.67
CA ASN YA 384 -95.63 58.79 -20.04
C ASN YA 384 -97.01 58.72 -19.42
N ASN YA 385 -97.57 59.89 -19.17
CA ASN YA 385 -98.96 60.07 -18.78
C ASN YA 385 -99.53 61.05 -19.81
N GLY YA 386 -100.11 60.52 -20.87
CA GLY YA 386 -100.42 61.37 -22.00
C GLY YA 386 -99.14 61.81 -22.67
N SER YA 387 -99.02 63.11 -22.91
CA SER YA 387 -97.79 63.68 -23.44
C SER YA 387 -96.81 64.10 -22.35
N GLN YA 388 -97.17 63.93 -21.09
CA GLN YA 388 -96.33 64.35 -19.97
C GLN YA 388 -95.47 63.19 -19.48
N ALA YA 389 -94.31 63.54 -18.95
CA ALA YA 389 -93.50 62.57 -18.24
C ALA YA 389 -93.97 62.44 -16.80
N VAL YA 390 -93.61 61.34 -16.18
CA VAL YA 390 -93.83 61.14 -14.76
C VAL YA 390 -92.48 61.17 -14.06
N GLY YA 391 -92.52 61.18 -12.72
CA GLY YA 391 -91.29 61.20 -11.97
C GLY YA 391 -90.39 60.01 -12.21
N ARG YA 392 -90.97 58.88 -12.63
CA ARG YA 392 -90.18 57.70 -12.92
C ARG YA 392 -89.60 57.70 -14.33
N SER YA 393 -89.95 58.68 -15.15
CA SER YA 393 -89.41 58.76 -16.50
C SER YA 393 -87.90 58.95 -16.44
N SER YA 394 -87.18 58.20 -17.26
CA SER YA 394 -85.73 58.23 -17.29
C SER YA 394 -85.24 59.00 -18.50
N PHE YA 395 -84.30 59.89 -18.28
CA PHE YA 395 -83.58 60.56 -19.35
C PHE YA 395 -82.17 59.99 -19.42
N TYR YA 396 -81.74 59.62 -20.62
CA TYR YA 396 -80.42 59.06 -20.83
C TYR YA 396 -79.62 59.97 -21.76
N CYS YA 397 -78.44 60.37 -21.30
CA CYS YA 397 -77.48 61.05 -22.14
C CYS YA 397 -76.49 60.01 -22.64
N LEU YA 398 -76.44 59.83 -23.97
CA LEU YA 398 -75.54 58.83 -24.51
C LEU YA 398 -74.09 59.30 -24.49
N GLU YA 399 -73.85 60.61 -24.36
CA GLU YA 399 -72.51 61.09 -24.12
C GLU YA 399 -72.01 60.72 -22.74
N TYR YA 400 -72.90 60.34 -21.83
CA TYR YA 400 -72.53 59.89 -20.51
C TYR YA 400 -71.96 58.48 -20.52
N PHE YA 401 -71.70 57.92 -21.68
CA PHE YA 401 -71.09 56.61 -21.82
C PHE YA 401 -69.67 56.77 -22.36
N PRO YA 402 -68.76 55.85 -22.02
CA PRO YA 402 -67.46 55.84 -22.69
C PRO YA 402 -67.63 55.43 -24.15
N SER YA 403 -67.14 56.28 -25.04
CA SER YA 403 -67.22 56.03 -26.46
C SER YA 403 -65.82 56.08 -27.06
N GLN YA 404 -65.56 55.21 -28.02
CA GLN YA 404 -64.35 55.30 -28.80
C GLN YA 404 -64.55 56.38 -29.86
N MET YA 405 -63.61 57.32 -29.94
CA MET YA 405 -63.64 58.33 -30.98
C MET YA 405 -62.69 57.92 -32.09
N LEU YA 406 -63.18 58.03 -33.33
CA LEU YA 406 -62.49 57.47 -34.48
C LEU YA 406 -62.26 58.58 -35.50
N ARG YA 407 -61.01 58.78 -35.89
CA ARG YA 407 -60.73 59.59 -37.05
C ARG YA 407 -60.73 58.68 -38.29
N THR YA 408 -60.41 59.27 -39.44
CA THR YA 408 -60.55 58.54 -40.69
C THR YA 408 -59.64 57.31 -40.74
N GLY YA 409 -58.55 57.31 -39.99
CA GLY YA 409 -57.66 56.17 -39.97
C GLY YA 409 -57.98 55.10 -38.95
N ASN YA 410 -58.97 55.34 -38.09
CA ASN YA 410 -59.29 54.42 -37.02
C ASN YA 410 -60.40 53.45 -37.44
N ASN YA 411 -60.45 52.33 -36.74
CA ASN YA 411 -61.52 51.36 -36.92
C ASN YA 411 -62.03 50.93 -35.56
N PHE YA 412 -63.26 50.43 -35.55
CA PHE YA 412 -63.92 49.96 -34.35
C PHE YA 412 -64.33 48.52 -34.55
N GLN YA 413 -64.18 47.71 -33.52
CA GLN YA 413 -64.64 46.33 -33.62
C GLN YA 413 -64.93 45.79 -32.22
N PHE YA 414 -65.87 44.85 -32.17
CA PHE YA 414 -66.15 44.13 -30.95
C PHE YA 414 -66.71 42.78 -31.32
N THR YA 415 -66.61 41.85 -30.38
CA THR YA 415 -67.14 40.51 -30.54
C THR YA 415 -68.19 40.27 -29.46
N TYR YA 416 -69.17 39.43 -29.79
CA TYR YA 416 -70.26 39.12 -28.90
C TYR YA 416 -70.56 37.63 -29.01
N THR YA 417 -70.85 37.00 -27.88
CA THR YA 417 -71.24 35.60 -27.85
C THR YA 417 -72.69 35.50 -27.46
N PHE YA 418 -73.49 34.84 -28.30
CA PHE YA 418 -74.87 34.60 -27.97
C PHE YA 418 -74.98 33.63 -26.81
N GLU YA 419 -75.96 33.87 -25.94
CA GLU YA 419 -76.24 32.91 -24.88
C GLU YA 419 -76.82 31.64 -25.49
N ASP YA 420 -76.83 30.57 -24.69
CA ASP YA 420 -77.41 29.33 -25.15
C ASP YA 420 -78.90 29.51 -25.38
N VAL YA 421 -79.31 29.54 -26.65
CA VAL YA 421 -80.70 29.78 -27.03
C VAL YA 421 -81.19 28.51 -27.70
N PRO YA 422 -82.46 28.15 -27.60
CA PRO YA 422 -82.93 26.96 -28.31
C PRO YA 422 -82.83 27.15 -29.82
N PHE YA 423 -82.61 26.04 -30.52
CA PHE YA 423 -82.65 26.06 -31.97
C PHE YA 423 -84.02 26.50 -32.44
N HIS YA 424 -84.05 27.37 -33.45
CA HIS YA 424 -85.32 27.67 -34.09
C HIS YA 424 -85.81 26.45 -34.84
N SER YA 425 -87.11 26.17 -34.72
CA SER YA 425 -87.69 25.00 -35.38
C SER YA 425 -87.80 25.29 -36.87
N SER YA 426 -86.78 24.89 -37.62
CA SER YA 426 -86.78 25.06 -39.06
C SER YA 426 -87.40 23.86 -39.75
N TYR YA 427 -88.59 23.48 -39.27
CA TYR YA 427 -89.28 22.29 -39.75
C TYR YA 427 -90.76 22.45 -39.49
N ALA YA 428 -91.56 21.74 -40.26
CA ALA YA 428 -92.98 21.60 -40.00
C ALA YA 428 -93.26 20.17 -39.59
N HIS YA 429 -94.21 19.98 -38.68
CA HIS YA 429 -94.52 18.64 -38.21
C HIS YA 429 -95.27 17.87 -39.29
N SER YA 430 -94.85 16.65 -39.54
CA SER YA 430 -95.53 15.76 -40.48
C SER YA 430 -96.63 14.95 -39.80
N GLN YA 431 -96.88 15.19 -38.52
CA GLN YA 431 -97.97 14.58 -37.79
C GLN YA 431 -98.76 15.66 -37.09
N SER YA 432 -100.05 15.42 -36.95
CA SER YA 432 -100.91 16.32 -36.18
C SER YA 432 -101.00 15.84 -34.74
N LEU YA 433 -101.23 16.79 -33.83
CA LEU YA 433 -101.27 16.45 -32.41
C LEU YA 433 -102.41 15.51 -32.08
N ASP YA 434 -103.53 15.60 -32.80
CA ASP YA 434 -104.66 14.73 -32.58
C ASP YA 434 -104.59 13.45 -33.39
N ARG YA 435 -103.48 13.20 -34.06
CA ARG YA 435 -103.30 12.02 -34.89
C ARG YA 435 -101.97 11.34 -34.59
N LEU YA 436 -101.63 11.23 -33.31
CA LEU YA 436 -100.40 10.61 -32.88
C LEU YA 436 -100.55 9.13 -32.58
N MET YA 437 -101.75 8.61 -32.70
CA MET YA 437 -102.06 7.25 -32.31
C MET YA 437 -101.92 6.26 -33.47
N ASN YA 438 -101.83 4.99 -33.12
CA ASN YA 438 -101.81 3.92 -34.10
C ASN YA 438 -103.21 3.79 -34.71
N PRO YA 439 -103.34 3.96 -36.03
CA PRO YA 439 -104.67 3.89 -36.66
C PRO YA 439 -105.22 2.49 -36.86
N LEU YA 440 -104.56 1.46 -36.33
CA LEU YA 440 -105.02 0.09 -36.51
C LEU YA 440 -105.49 -0.56 -35.22
N ILE YA 441 -105.15 -0.01 -34.06
CA ILE YA 441 -105.38 -0.64 -32.78
C ILE YA 441 -106.35 0.21 -31.99
N ASP YA 442 -107.31 -0.46 -31.34
CA ASP YA 442 -108.20 0.23 -30.42
C ASP YA 442 -107.45 0.63 -29.15
N GLN YA 443 -108.00 1.61 -28.45
CA GLN YA 443 -107.52 1.95 -27.13
C GLN YA 443 -108.13 1.00 -26.11
N TYR YA 444 -107.38 0.73 -25.05
CA TYR YA 444 -107.96 0.01 -23.93
C TYR YA 444 -108.77 0.92 -23.02
N LEU YA 445 -108.62 2.23 -23.16
CA LEU YA 445 -109.42 3.19 -22.41
C LEU YA 445 -110.78 3.36 -23.07
N TYR YA 446 -111.79 3.60 -22.23
CA TYR YA 446 -113.14 3.84 -22.69
C TYR YA 446 -113.47 5.31 -22.57
N TYR YA 447 -114.41 5.75 -23.40
CA TYR YA 447 -114.98 7.08 -23.30
C TYR YA 447 -116.49 6.96 -23.25
N LEU YA 448 -117.12 7.94 -22.61
CA LEU YA 448 -118.57 8.00 -22.59
C LEU YA 448 -119.08 8.23 -24.00
N SER YA 449 -119.69 7.21 -24.59
CA SER YA 449 -120.11 7.29 -25.99
C SER YA 449 -121.57 7.63 -26.16
N ARG YA 450 -122.42 7.28 -25.21
CA ARG YA 450 -123.83 7.65 -25.28
C ARG YA 450 -124.37 7.90 -23.87
N THR YA 451 -125.29 8.85 -23.79
CA THR YA 451 -126.00 9.14 -22.54
C THR YA 451 -127.49 8.86 -22.65
N GLN YA 452 -127.96 8.39 -23.80
CA GLN YA 452 -129.37 8.14 -24.04
C GLN YA 452 -129.52 6.86 -24.85
N THR YA 453 -130.53 6.07 -24.50
CA THR YA 453 -130.77 4.80 -25.18
C THR YA 453 -131.19 5.01 -26.63
N ASN YA 459 -136.78 7.41 -25.75
CA ASN YA 459 -135.49 6.98 -25.22
C ASN YA 459 -135.26 7.54 -23.82
N THR YA 460 -134.51 6.81 -23.02
CA THR YA 460 -134.26 7.16 -21.62
C THR YA 460 -132.77 7.36 -21.40
N GLN YA 461 -132.45 7.88 -20.23
CA GLN YA 461 -131.05 8.08 -19.87
C GLN YA 461 -130.34 6.74 -19.69
N THR YA 462 -129.07 6.73 -20.07
CA THR YA 462 -128.22 5.55 -19.91
C THR YA 462 -126.77 6.03 -19.92
N LEU YA 463 -125.86 5.10 -19.68
CA LEU YA 463 -124.43 5.38 -19.77
C LEU YA 463 -123.82 4.28 -20.64
N GLY YA 464 -123.48 4.62 -21.88
CA GLY YA 464 -122.81 3.72 -22.78
C GLY YA 464 -121.36 4.17 -22.98
N PHE YA 465 -120.45 3.21 -22.91
CA PHE YA 465 -119.03 3.48 -23.01
C PHE YA 465 -118.46 2.68 -24.15
N SER YA 466 -117.60 3.31 -24.96
CA SER YA 466 -116.97 2.67 -26.08
C SER YA 466 -115.47 2.88 -26.00
N GLN YA 467 -114.73 2.00 -26.65
CA GLN YA 467 -113.29 2.13 -26.75
C GLN YA 467 -112.94 2.96 -27.97
N GLY YA 468 -112.10 3.97 -27.77
CA GLY YA 468 -111.60 4.76 -28.88
C GLY YA 468 -110.83 3.89 -29.85
N GLY YA 469 -111.12 4.04 -31.13
CA GLY YA 469 -110.48 3.23 -32.13
C GLY YA 469 -110.17 4.01 -33.39
N PRO YA 470 -109.84 3.29 -34.47
CA PRO YA 470 -109.50 3.97 -35.72
C PRO YA 470 -110.60 4.85 -36.28
N ASN YA 471 -111.86 4.53 -36.01
CA ASN YA 471 -112.97 5.30 -36.54
C ASN YA 471 -113.42 6.42 -35.63
N THR YA 472 -113.38 6.21 -34.31
CA THR YA 472 -113.73 7.25 -33.35
C THR YA 472 -112.46 7.94 -32.84
N MET YA 473 -111.72 8.48 -33.79
CA MET YA 473 -110.40 9.03 -33.48
C MET YA 473 -110.50 10.35 -32.74
N ALA YA 474 -111.59 11.09 -32.94
CA ALA YA 474 -111.82 12.31 -32.19
C ALA YA 474 -112.13 12.04 -30.73
N ASN YA 475 -112.63 10.84 -30.40
CA ASN YA 475 -113.00 10.50 -29.03
C ASN YA 475 -111.85 9.86 -28.24
N GLN YA 476 -110.75 9.52 -28.89
CA GLN YA 476 -109.69 8.79 -28.23
C GLN YA 476 -109.07 9.60 -27.11
N ALA YA 477 -108.67 8.91 -26.05
CA ALA YA 477 -107.88 9.55 -25.00
C ALA YA 477 -106.53 9.98 -25.57
N LYS YA 478 -106.11 11.19 -25.22
CA LYS YA 478 -104.89 11.75 -25.75
C LYS YA 478 -104.08 12.38 -24.62
N ASN YA 479 -102.78 12.47 -24.84
CA ASN YA 479 -101.87 12.94 -23.80
C ASN YA 479 -101.58 14.43 -23.85
N TRP YA 480 -101.92 15.11 -24.95
CA TRP YA 480 -101.44 16.46 -25.16
C TRP YA 480 -102.57 17.34 -25.69
N LEU YA 481 -102.40 18.64 -25.48
CA LEU YA 481 -103.34 19.64 -25.93
C LEU YA 481 -102.66 20.62 -26.87
N PRO YA 482 -103.41 21.22 -27.80
CA PRO YA 482 -102.82 22.24 -28.66
C PRO YA 482 -102.41 23.46 -27.86
N GLY YA 483 -101.45 24.19 -28.41
CA GLY YA 483 -100.92 25.37 -27.76
C GLY YA 483 -101.96 26.40 -27.44
N PRO YA 484 -101.56 27.45 -26.74
CA PRO YA 484 -102.52 28.44 -26.27
C PRO YA 484 -103.10 29.27 -27.41
N CYS YA 485 -104.26 29.86 -27.15
CA CYS YA 485 -105.02 30.57 -28.16
C CYS YA 485 -105.37 31.97 -27.66
N TYR YA 486 -105.27 32.95 -28.55
CA TYR YA 486 -105.74 34.32 -28.29
C TYR YA 486 -106.42 34.77 -29.58
N ARG YA 487 -107.71 34.49 -29.69
CA ARG YA 487 -108.38 34.46 -30.98
C ARG YA 487 -108.33 35.82 -31.69
N GLN YA 488 -108.02 35.77 -32.98
CA GLN YA 488 -107.97 36.94 -33.84
C GLN YA 488 -109.14 36.92 -34.81
N GLN YA 489 -109.54 38.11 -35.25
CA GLN YA 489 -110.57 38.20 -36.26
C GLN YA 489 -110.06 37.72 -37.61
N ARG YA 490 -110.91 37.03 -38.36
CA ARG YA 490 -110.54 36.48 -39.65
C ARG YA 490 -110.80 37.50 -40.74
N VAL YA 491 -109.81 37.69 -41.60
CA VAL YA 491 -109.92 38.60 -42.75
C VAL YA 491 -109.61 37.79 -44.00
N SER YA 492 -110.44 37.97 -45.03
CA SER YA 492 -110.25 37.29 -46.30
C SER YA 492 -109.51 38.21 -47.26
N THR YA 493 -108.51 37.66 -47.95
CA THR YA 493 -107.86 38.40 -49.01
C THR YA 493 -108.79 38.65 -50.19
N THR YA 494 -109.84 37.85 -50.32
CA THR YA 494 -110.94 38.15 -51.22
C THR YA 494 -111.85 39.14 -50.51
N THR YA 495 -111.71 40.42 -50.84
CA THR YA 495 -112.33 41.48 -50.04
C THR YA 495 -113.85 41.37 -50.03
N GLY YA 496 -114.44 40.85 -51.10
CA GLY YA 496 -115.88 40.69 -51.14
C GLY YA 496 -116.43 39.78 -50.05
N GLN YA 497 -115.61 38.90 -49.51
CA GLN YA 497 -116.03 38.02 -48.42
C GLN YA 497 -115.91 38.68 -47.06
N ASN YA 498 -115.34 39.88 -46.98
CA ASN YA 498 -115.20 40.58 -45.71
C ASN YA 498 -116.42 41.44 -45.43
N ASN YA 499 -116.63 41.72 -44.16
CA ASN YA 499 -117.69 42.64 -43.76
C ASN YA 499 -117.42 44.03 -44.30
N ASN YA 500 -118.46 44.69 -44.78
CA ASN YA 500 -118.32 46.03 -45.35
C ASN YA 500 -118.29 47.05 -44.21
N SER YA 501 -117.16 47.08 -43.52
CA SER YA 501 -116.92 48.03 -42.44
C SER YA 501 -115.43 48.15 -42.23
N ASN YA 502 -115.03 49.20 -41.54
CA ASN YA 502 -113.63 49.44 -41.20
C ASN YA 502 -113.41 48.87 -39.79
N PHE YA 503 -112.98 47.62 -39.74
CA PHE YA 503 -112.86 46.91 -38.46
C PHE YA 503 -111.43 46.50 -38.14
N ALA YA 504 -110.44 47.05 -38.83
CA ALA YA 504 -109.05 46.66 -38.57
C ALA YA 504 -108.66 46.96 -37.14
N TRP YA 505 -109.09 48.10 -36.60
CA TRP YA 505 -108.82 48.46 -35.22
C TRP YA 505 -109.95 48.07 -34.28
N THR YA 506 -111.20 48.35 -34.65
CA THR YA 506 -112.32 48.08 -33.76
C THR YA 506 -112.45 46.59 -33.47
N ALA YA 507 -112.28 45.75 -34.47
CA ALA YA 507 -112.31 44.31 -34.30
C ALA YA 507 -110.92 43.72 -34.08
N GLY YA 508 -109.89 44.56 -33.98
CA GLY YA 508 -108.55 44.06 -33.77
C GLY YA 508 -108.41 43.36 -32.44
N THR YA 509 -107.56 42.34 -32.43
CA THR YA 509 -107.25 41.61 -31.21
C THR YA 509 -106.20 42.37 -30.44
N LYS YA 510 -106.54 42.80 -29.22
CA LYS YA 510 -105.74 43.78 -28.50
C LYS YA 510 -105.45 43.28 -27.09
N TYR YA 511 -104.41 43.85 -26.50
CA TYR YA 511 -104.18 43.76 -25.07
C TYR YA 511 -104.29 45.14 -24.46
N HIS YA 512 -104.59 45.16 -23.17
CA HIS YA 512 -104.84 46.39 -22.43
C HIS YA 512 -103.73 46.56 -21.40
N LEU YA 513 -103.05 47.70 -21.44
CA LEU YA 513 -101.94 47.96 -20.54
C LEU YA 513 -101.99 49.41 -20.10
N ASN YA 514 -102.20 49.64 -18.80
CA ASN YA 514 -102.23 50.98 -18.22
C ASN YA 514 -103.22 51.88 -18.96
N GLY YA 515 -104.43 51.37 -19.17
CA GLY YA 515 -105.45 52.13 -19.86
C GLY YA 515 -105.17 52.40 -21.32
N ARG YA 516 -104.18 51.74 -21.90
CA ARG YA 516 -103.82 51.91 -23.30
C ARG YA 516 -104.08 50.60 -24.03
N ASN YA 517 -104.73 50.70 -25.19
CA ASN YA 517 -105.01 49.53 -26.00
C ASN YA 517 -103.95 49.43 -27.09
N SER YA 518 -103.35 48.25 -27.22
CA SER YA 518 -102.38 47.97 -28.24
C SER YA 518 -102.75 46.67 -28.91
N LEU YA 519 -102.59 46.61 -30.23
CA LEU YA 519 -102.84 45.37 -30.96
C LEU YA 519 -101.93 44.26 -30.45
N ALA YA 520 -102.50 43.07 -30.28
CA ALA YA 520 -101.71 41.87 -30.02
C ALA YA 520 -101.18 41.42 -31.38
N ASN YA 521 -100.15 42.13 -31.84
CA ASN YA 521 -99.69 42.03 -33.22
C ASN YA 521 -98.22 41.65 -33.24
N PRO YA 522 -97.85 40.49 -33.77
CA PRO YA 522 -98.76 39.51 -34.36
C PRO YA 522 -99.38 38.57 -33.33
N GLY YA 523 -99.08 38.80 -32.06
CA GLY YA 523 -99.61 37.96 -31.01
C GLY YA 523 -98.91 36.62 -30.93
N ILE YA 524 -99.52 35.71 -30.17
CA ILE YA 524 -98.94 34.40 -29.95
C ILE YA 524 -98.96 33.59 -31.25
N ALA YA 525 -98.03 32.65 -31.35
CA ALA YA 525 -97.91 31.84 -32.55
C ALA YA 525 -99.12 30.94 -32.69
N MET YA 526 -99.96 31.24 -33.67
CA MET YA 526 -101.09 30.38 -34.01
C MET YA 526 -101.10 30.19 -35.52
N ALA YA 527 -101.68 29.07 -35.94
CA ALA YA 527 -101.79 28.79 -37.37
C ALA YA 527 -102.61 29.87 -38.05
N THR YA 528 -102.10 30.36 -39.18
CA THR YA 528 -102.76 31.45 -39.88
C THR YA 528 -104.16 31.06 -40.33
N HIS YA 529 -104.32 29.84 -40.81
CA HIS YA 529 -105.60 29.37 -41.31
C HIS YA 529 -105.58 27.84 -41.24
N LYS YA 530 -106.76 27.25 -41.38
CA LYS YA 530 -106.87 25.80 -41.42
C LYS YA 530 -106.75 25.33 -42.86
N ASP YA 531 -107.03 24.05 -43.10
CA ASP YA 531 -106.89 23.47 -44.42
C ASP YA 531 -107.80 24.16 -45.42
N ASP YA 532 -107.25 24.43 -46.61
CA ASP YA 532 -108.01 24.96 -47.74
C ASP YA 532 -108.60 26.34 -47.45
N GLU YA 533 -107.94 27.12 -46.61
CA GLU YA 533 -108.41 28.47 -46.28
C GLU YA 533 -107.26 29.45 -46.34
N GLU YA 534 -106.42 29.34 -47.37
CA GLU YA 534 -105.25 30.20 -47.50
C GLU YA 534 -105.63 31.66 -47.65
N ARG YA 535 -106.82 31.94 -48.17
CA ARG YA 535 -107.26 33.32 -48.35
C ARG YA 535 -107.54 34.03 -47.02
N PHE YA 536 -107.66 33.29 -45.93
CA PHE YA 536 -107.97 33.87 -44.62
C PHE YA 536 -106.70 34.09 -43.82
N PHE YA 537 -106.65 35.22 -43.12
CA PHE YA 537 -105.55 35.50 -42.21
C PHE YA 537 -106.09 36.22 -40.99
N PRO YA 538 -105.46 36.04 -39.84
CA PRO YA 538 -105.82 36.85 -38.67
C PRO YA 538 -105.53 38.32 -38.93
N SER YA 539 -106.43 39.18 -38.44
CA SER YA 539 -106.36 40.60 -38.81
C SER YA 539 -105.05 41.24 -38.40
N ASN YA 540 -104.56 40.93 -37.20
CA ASN YA 540 -103.26 41.38 -36.76
C ASN YA 540 -102.48 40.23 -36.14
N GLY YA 541 -102.48 39.09 -36.82
CA GLY YA 541 -101.86 37.90 -36.28
C GLY YA 541 -100.78 37.29 -37.14
N ILE YA 542 -100.32 38.03 -38.15
CA ILE YA 542 -99.26 37.55 -39.04
C ILE YA 542 -98.27 38.69 -39.28
N LEU YA 543 -97.05 38.31 -39.62
CA LEU YA 543 -96.09 39.29 -40.12
C LEU YA 543 -96.43 39.63 -41.55
N ILE YA 544 -96.49 40.94 -41.84
CA ILE YA 544 -96.78 41.42 -43.18
C ILE YA 544 -95.59 42.25 -43.62
N PHE YA 545 -94.90 41.78 -44.65
CA PHE YA 545 -93.79 42.51 -45.24
C PHE YA 545 -94.26 43.25 -46.47
N GLY YA 546 -93.66 44.41 -46.71
CA GLY YA 546 -93.98 45.19 -47.88
C GLY YA 546 -93.11 44.79 -49.06
N LYS YA 547 -93.71 44.75 -50.24
CA LYS YA 547 -92.93 44.61 -51.45
C LYS YA 547 -92.11 45.88 -51.67
N GLN YA 548 -91.15 45.78 -52.58
CA GLN YA 548 -90.32 46.95 -52.87
C GLN YA 548 -91.18 48.10 -53.36
N ASN YA 549 -90.91 49.29 -52.84
CA ASN YA 549 -91.64 50.51 -53.16
C ASN YA 549 -93.10 50.47 -52.72
N ALA YA 550 -93.41 49.65 -51.71
CA ALA YA 550 -94.74 49.69 -51.13
C ALA YA 550 -94.93 50.97 -50.32
N ALA YA 551 -96.12 51.53 -50.38
CA ALA YA 551 -96.40 52.76 -49.65
C ALA YA 551 -96.33 52.53 -48.15
N ARG YA 552 -95.87 53.57 -47.44
CA ARG YA 552 -95.83 53.50 -45.99
C ARG YA 552 -97.23 53.36 -45.40
N ASP YA 553 -98.19 54.11 -45.91
CA ASP YA 553 -99.55 54.10 -45.40
C ASP YA 553 -100.51 53.61 -46.48
N ASN YA 554 -101.44 52.75 -46.08
CA ASN YA 554 -102.52 52.27 -46.94
C ASN YA 554 -101.97 51.63 -48.22
N ALA YA 555 -100.96 50.78 -48.06
CA ALA YA 555 -100.52 49.97 -49.19
C ALA YA 555 -101.58 48.93 -49.51
N ASP YA 556 -101.80 48.72 -50.80
CA ASP YA 556 -102.78 47.73 -51.23
C ASP YA 556 -102.26 46.32 -50.93
N TYR YA 557 -103.19 45.37 -50.95
CA TYR YA 557 -102.82 43.98 -50.68
C TYR YA 557 -101.79 43.48 -51.70
N SER YA 558 -101.83 43.99 -52.92
CA SER YA 558 -100.85 43.59 -53.92
C SER YA 558 -99.46 44.15 -53.63
N ASP YA 559 -99.35 45.16 -52.78
CA ASP YA 559 -98.07 45.76 -52.44
C ASP YA 559 -97.44 45.17 -51.18
N VAL YA 560 -98.10 44.23 -50.52
CA VAL YA 560 -97.59 43.65 -49.29
C VAL YA 560 -97.45 42.15 -49.47
N MET YA 561 -96.69 41.54 -48.58
CA MET YA 561 -96.40 40.11 -48.61
C MET YA 561 -96.87 39.52 -47.29
N LEU YA 562 -98.00 38.82 -47.32
CA LEU YA 562 -98.52 38.19 -46.12
C LEU YA 562 -97.75 36.90 -45.84
N THR YA 563 -97.29 36.75 -44.61
CA THR YA 563 -96.74 35.48 -44.20
C THR YA 563 -97.86 34.53 -43.78
N SER YA 564 -97.53 33.26 -43.69
CA SER YA 564 -98.50 32.26 -43.26
C SER YA 564 -97.82 31.29 -42.31
N GLU YA 565 -98.43 31.09 -41.14
CA GLU YA 565 -97.98 30.12 -40.16
C GLU YA 565 -98.80 28.84 -40.23
N GLU YA 566 -99.21 28.43 -41.43
CA GLU YA 566 -100.02 27.23 -41.57
C GLU YA 566 -99.25 25.97 -41.22
N GLU YA 567 -97.92 26.02 -41.19
CA GLU YA 567 -97.14 24.83 -40.85
C GLU YA 567 -97.37 24.38 -39.42
N ILE YA 568 -97.82 25.27 -38.54
CA ILE YA 568 -98.04 24.93 -37.14
C ILE YA 568 -99.49 24.57 -36.87
N LYS YA 569 -100.28 24.31 -37.92
CA LYS YA 569 -101.63 23.77 -37.74
C LYS YA 569 -101.60 22.48 -36.93
N THR YA 570 -100.53 21.71 -37.06
CA THR YA 570 -100.44 20.40 -36.44
C THR YA 570 -100.42 20.49 -34.92
N THR YA 571 -99.95 21.58 -34.39
CA THR YA 571 -99.80 21.73 -32.95
C THR YA 571 -100.47 22.97 -32.40
N ASN YA 572 -100.46 24.07 -33.14
CA ASN YA 572 -101.06 25.29 -32.64
C ASN YA 572 -102.47 25.46 -33.18
N PRO YA 573 -103.39 25.98 -32.38
CA PRO YA 573 -104.74 26.25 -32.88
C PRO YA 573 -104.72 27.33 -33.95
N VAL YA 574 -105.71 27.27 -34.83
CA VAL YA 574 -105.84 28.29 -35.87
C VAL YA 574 -106.14 29.64 -35.22
N ALA YA 575 -105.46 30.67 -35.70
CA ALA YA 575 -105.52 31.98 -35.06
C ALA YA 575 -106.93 32.55 -35.04
N THR YA 576 -107.74 32.20 -36.04
CA THR YA 576 -109.07 32.79 -36.19
C THR YA 576 -110.17 31.87 -35.69
N GLU YA 577 -109.82 30.75 -35.08
CA GLU YA 577 -110.78 29.80 -34.57
C GLU YA 577 -110.70 29.75 -33.05
N GLU YA 578 -111.76 29.23 -32.43
CA GLU YA 578 -111.76 29.02 -31.00
C GLU YA 578 -110.79 27.92 -30.61
N TYR YA 579 -110.27 28.00 -29.39
CA TYR YA 579 -109.40 26.95 -28.89
C TYR YA 579 -110.16 25.64 -28.75
N GLY YA 580 -111.37 25.70 -28.22
CA GLY YA 580 -112.12 24.49 -27.97
C GLY YA 580 -113.43 24.81 -27.30
N ILE YA 581 -114.01 23.80 -26.68
CA ILE YA 581 -115.32 23.89 -26.07
C ILE YA 581 -115.21 23.41 -24.62
N VAL YA 582 -115.80 24.16 -23.70
CA VAL YA 582 -115.87 23.76 -22.30
C VAL YA 582 -117.33 23.79 -21.86
N ALA YA 583 -117.62 23.05 -20.80
CA ALA YA 583 -118.94 23.09 -20.20
C ALA YA 583 -119.19 24.43 -19.54
N ASP YA 584 -120.41 24.94 -19.69
CA ASP YA 584 -120.79 26.22 -19.10
C ASP YA 584 -121.74 26.08 -17.93
N ASN YA 585 -122.22 24.89 -17.63
CA ASN YA 585 -123.18 24.69 -16.55
C ASN YA 585 -123.07 23.26 -16.05
N LEU YA 586 -123.98 22.88 -15.17
CA LEU YA 586 -124.11 21.51 -14.68
C LEU YA 586 -125.43 20.96 -15.20
N GLN YA 587 -125.35 20.01 -16.13
CA GLN YA 587 -126.56 19.42 -16.68
C GLN YA 587 -127.27 18.58 -15.63
N GLN YA 588 -128.59 18.66 -15.62
CA GLN YA 588 -129.45 17.83 -14.80
C GLN YA 588 -130.55 17.28 -15.68
N GLN YA 589 -131.44 16.48 -15.09
CA GLN YA 589 -132.56 15.95 -15.85
C GLN YA 589 -133.49 17.06 -16.34
N ASN YA 590 -133.42 18.25 -15.74
CA ASN YA 590 -134.24 19.38 -16.16
C ASN YA 590 -133.46 20.46 -16.90
N THR YA 591 -132.13 20.47 -16.83
CA THR YA 591 -131.32 21.48 -17.50
C THR YA 591 -130.41 20.79 -18.51
N ALA YA 592 -130.58 21.13 -19.77
CA ALA YA 592 -129.72 20.58 -20.81
C ALA YA 592 -128.30 21.12 -20.66
N PRO YA 593 -127.29 20.32 -20.98
CA PRO YA 593 -125.91 20.81 -20.88
C PRO YA 593 -125.67 21.97 -21.83
N GLN YA 594 -124.91 22.94 -21.34
CA GLN YA 594 -124.54 24.11 -22.12
C GLN YA 594 -123.03 24.13 -22.31
N ILE YA 595 -122.60 24.60 -23.47
CA ILE YA 595 -121.19 24.62 -23.81
C ILE YA 595 -120.73 26.05 -24.00
N GLY YA 596 -119.50 26.31 -23.61
CA GLY YA 596 -118.86 27.61 -23.79
C GLY YA 596 -117.74 27.50 -24.80
N THR YA 597 -117.66 28.50 -25.67
CA THR YA 597 -116.62 28.56 -26.69
C THR YA 597 -115.40 29.28 -26.12
N VAL YA 598 -114.27 28.59 -26.11
CA VAL YA 598 -113.03 29.14 -25.55
C VAL YA 598 -112.33 29.91 -26.66
N ASN YA 599 -112.41 31.24 -26.60
CA ASN YA 599 -111.75 32.10 -27.57
C ASN YA 599 -110.39 32.60 -27.09
N SER YA 600 -110.04 32.33 -25.84
CA SER YA 600 -108.74 32.70 -25.30
C SER YA 600 -108.37 31.65 -24.27
N GLN YA 601 -107.26 30.97 -24.49
CA GLN YA 601 -106.83 29.89 -23.61
C GLN YA 601 -105.37 30.10 -23.24
N GLY YA 602 -105.12 30.32 -21.95
CA GLY YA 602 -103.77 30.36 -21.45
C GLY YA 602 -103.18 28.98 -21.31
N ALA YA 603 -101.96 28.94 -20.79
CA ALA YA 603 -101.22 27.69 -20.71
C ALA YA 603 -101.95 26.66 -19.86
N LEU YA 604 -102.10 25.46 -20.39
CA LEU YA 604 -102.62 24.32 -19.67
C LEU YA 604 -101.57 23.22 -19.64
N PRO YA 605 -101.53 22.41 -18.59
CA PRO YA 605 -100.58 21.29 -18.56
C PRO YA 605 -100.85 20.34 -19.72
N GLY YA 606 -99.77 19.79 -20.27
CA GLY YA 606 -99.88 18.94 -21.42
C GLY YA 606 -100.01 19.68 -22.74
N MET YA 607 -99.97 21.00 -22.72
CA MET YA 607 -100.08 21.77 -23.95
C MET YA 607 -98.72 21.85 -24.62
N VAL YA 608 -98.71 21.71 -25.94
CA VAL YA 608 -97.51 21.85 -26.74
C VAL YA 608 -97.81 22.80 -27.88
N TRP YA 609 -96.79 23.52 -28.34
CA TRP YA 609 -96.98 24.49 -29.41
C TRP YA 609 -95.66 24.74 -30.10
N GLN YA 610 -95.75 25.33 -31.28
CA GLN YA 610 -94.61 25.80 -32.04
C GLN YA 610 -94.55 27.31 -31.98
N ASN YA 611 -93.34 27.85 -32.07
CA ASN YA 611 -93.17 29.29 -32.18
C ASN YA 611 -93.48 29.76 -33.59
N ARG YA 612 -93.59 31.07 -33.75
CA ARG YA 612 -93.73 31.65 -35.07
C ARG YA 612 -92.48 31.38 -35.89
N ASP YA 613 -92.66 31.18 -37.18
CA ASP YA 613 -91.53 30.99 -38.08
C ASP YA 613 -90.72 32.27 -38.19
N VAL YA 614 -89.44 32.10 -38.48
CA VAL YA 614 -88.61 33.23 -38.85
C VAL YA 614 -88.57 33.34 -40.36
N TYR YA 615 -88.25 34.52 -40.86
CA TYR YA 615 -88.27 34.80 -42.28
C TYR YA 615 -86.96 35.47 -42.68
N LEU YA 616 -86.61 35.31 -43.95
CA LEU YA 616 -85.41 35.96 -44.47
C LEU YA 616 -85.47 37.46 -44.24
N GLN YA 617 -86.65 38.05 -44.42
CA GLN YA 617 -86.85 39.48 -44.17
C GLN YA 617 -87.19 39.79 -42.72
N GLY YA 618 -87.39 38.79 -41.88
CA GLY YA 618 -87.88 38.99 -40.54
C GLY YA 618 -86.80 39.26 -39.52
N PRO YA 619 -87.19 39.57 -38.30
CA PRO YA 619 -86.21 39.81 -37.23
C PRO YA 619 -85.53 38.52 -36.79
N ILE YA 620 -84.34 38.68 -36.23
CA ILE YA 620 -83.55 37.56 -35.73
C ILE YA 620 -83.75 37.37 -34.23
N TRP YA 621 -83.59 38.43 -33.46
CA TRP YA 621 -83.62 38.31 -32.01
C TRP YA 621 -84.42 39.46 -31.43
N ALA YA 622 -84.85 39.28 -30.18
CA ALA YA 622 -85.39 40.35 -29.38
C ALA YA 622 -84.82 40.23 -27.98
N LYS YA 623 -84.71 41.36 -27.30
CA LYS YA 623 -84.30 41.34 -25.91
C LYS YA 623 -85.49 40.92 -25.04
N ILE YA 624 -85.29 39.89 -24.24
CA ILE YA 624 -86.29 39.49 -23.26
C ILE YA 624 -86.34 40.60 -22.22
N PRO YA 625 -87.51 41.19 -21.97
CA PRO YA 625 -87.58 42.25 -20.97
C PRO YA 625 -87.15 41.75 -19.61
N HIS YA 626 -86.43 42.59 -18.88
CA HIS YA 626 -85.94 42.23 -17.55
C HIS YA 626 -87.11 42.32 -16.59
N THR YA 627 -87.77 41.20 -16.34
CA THR YA 627 -88.92 41.13 -15.47
C THR YA 627 -88.77 39.97 -14.49
N ASP YA 628 -89.61 39.98 -13.47
CA ASP YA 628 -89.62 38.88 -12.50
C ASP YA 628 -90.02 37.58 -13.17
N GLY YA 629 -91.03 37.62 -14.02
CA GLY YA 629 -91.54 36.41 -14.64
C GLY YA 629 -91.81 36.62 -16.11
N ASN YA 630 -91.57 35.57 -16.87
CA ASN YA 630 -92.00 35.50 -18.25
C ASN YA 630 -92.44 34.07 -18.52
N PHE YA 631 -93.29 33.90 -19.52
CA PHE YA 631 -93.72 32.58 -19.94
C PHE YA 631 -93.29 32.38 -21.38
N HIS YA 632 -92.47 31.36 -21.61
CA HIS YA 632 -91.94 31.02 -22.93
C HIS YA 632 -91.43 32.27 -23.62
N PRO YA 633 -90.31 32.83 -23.17
CA PRO YA 633 -89.88 34.14 -23.68
C PRO YA 633 -89.33 34.08 -25.09
N SER YA 634 -90.12 33.55 -25.99
CA SER YA 634 -89.79 33.60 -27.41
C SER YA 634 -90.48 34.81 -28.03
N PRO YA 635 -89.75 35.67 -28.73
CA PRO YA 635 -90.35 36.90 -29.25
C PRO YA 635 -91.51 36.60 -30.18
N LEU YA 636 -92.57 37.41 -30.06
CA LEU YA 636 -93.80 37.08 -30.77
C LEU YA 636 -93.70 37.31 -32.26
N MET YA 637 -92.95 38.31 -32.71
CA MET YA 637 -92.73 38.44 -34.14
C MET YA 637 -91.69 37.47 -34.66
N GLY YA 638 -91.28 36.50 -33.86
CA GLY YA 638 -90.39 35.45 -34.29
C GLY YA 638 -88.94 35.75 -33.96
N GLY YA 639 -88.16 34.70 -33.85
CA GLY YA 639 -86.75 34.81 -33.61
C GLY YA 639 -86.34 34.27 -32.25
N PHE YA 640 -85.18 34.72 -31.80
CA PHE YA 640 -84.56 34.21 -30.60
C PHE YA 640 -84.71 35.23 -29.48
N GLY YA 641 -85.28 34.81 -28.37
CA GLY YA 641 -85.35 35.66 -27.20
C GLY YA 641 -84.07 35.57 -26.41
N LEU YA 642 -83.43 36.71 -26.19
CA LEU YA 642 -82.14 36.75 -25.51
C LEU YA 642 -82.24 37.67 -24.30
N LYS YA 643 -81.79 37.16 -23.15
CA LYS YA 643 -81.65 38.02 -21.98
C LYS YA 643 -80.60 39.09 -22.22
N HIS YA 644 -79.51 38.72 -22.89
CA HIS YA 644 -78.42 39.63 -23.21
C HIS YA 644 -78.20 39.58 -24.72
N PRO YA 645 -79.01 40.31 -25.49
CA PRO YA 645 -78.91 40.26 -26.94
C PRO YA 645 -77.66 40.94 -27.42
N PRO YA 646 -77.37 40.91 -28.72
CA PRO YA 646 -76.29 41.73 -29.26
C PRO YA 646 -76.47 43.17 -28.84
N PRO YA 647 -75.44 43.78 -28.28
CA PRO YA 647 -75.59 45.13 -27.72
C PRO YA 647 -75.87 46.15 -28.81
N GLN YA 648 -76.61 47.18 -28.43
CA GLN YA 648 -76.82 48.31 -29.32
C GLN YA 648 -75.49 48.99 -29.61
N ILE YA 649 -75.24 49.28 -30.88
CA ILE YA 649 -74.03 49.96 -31.31
C ILE YA 649 -74.42 51.37 -31.69
N LEU YA 650 -74.04 52.33 -30.86
CA LEU YA 650 -74.43 53.72 -31.04
C LEU YA 650 -73.29 54.46 -31.72
N ILE YA 651 -73.63 55.26 -32.73
CA ILE YA 651 -72.64 55.99 -33.50
C ILE YA 651 -73.12 57.43 -33.67
N LYS YA 652 -72.19 58.37 -33.59
CA LYS YA 652 -72.52 59.77 -33.72
C LYS YA 652 -71.34 60.51 -34.33
N ASN YA 653 -71.65 61.48 -35.19
CA ASN YA 653 -70.63 62.43 -35.62
C ASN YA 653 -70.33 63.37 -34.46
N THR YA 654 -69.06 63.46 -34.09
CA THR YA 654 -68.68 64.39 -33.05
C THR YA 654 -68.93 65.82 -33.53
N PRO YA 655 -69.65 66.64 -32.77
CA PRO YA 655 -69.92 68.01 -33.22
C PRO YA 655 -68.62 68.78 -33.38
N VAL YA 656 -68.52 69.49 -34.50
CA VAL YA 656 -67.39 70.36 -34.78
C VAL YA 656 -67.91 71.79 -34.82
N PRO YA 657 -67.64 72.60 -33.80
CA PRO YA 657 -68.18 73.97 -33.80
C PRO YA 657 -67.66 74.78 -34.97
N ALA YA 658 -68.52 75.65 -35.48
CA ALA YA 658 -68.05 76.71 -36.36
C ALA YA 658 -67.25 77.72 -35.52
N ASP YA 659 -66.79 78.78 -36.17
CA ASP YA 659 -65.95 79.73 -35.47
C ASP YA 659 -66.71 80.37 -34.32
N PRO YA 660 -66.25 80.24 -33.08
CA PRO YA 660 -66.92 80.89 -31.97
C PRO YA 660 -66.67 82.38 -31.99
N PRO YA 661 -67.45 83.17 -31.26
CA PRO YA 661 -67.17 84.61 -31.18
C PRO YA 661 -65.84 84.85 -30.48
N THR YA 662 -65.26 86.02 -30.74
CA THR YA 662 -63.98 86.37 -30.16
C THR YA 662 -64.11 86.93 -28.75
N THR YA 663 -65.33 87.13 -28.27
CA THR YA 663 -65.59 87.48 -26.88
C THR YA 663 -66.36 86.35 -26.22
N PHE YA 664 -66.01 86.03 -24.98
CA PHE YA 664 -66.56 84.85 -24.33
C PHE YA 664 -68.07 84.96 -24.17
N ASN YA 665 -68.75 83.85 -24.49
CA ASN YA 665 -70.18 83.71 -24.25
C ASN YA 665 -70.39 82.38 -23.55
N GLN YA 666 -71.10 82.41 -22.42
CA GLN YA 666 -71.32 81.20 -21.65
C GLN YA 666 -72.32 80.25 -22.32
N SER YA 667 -73.12 80.75 -23.25
CA SER YA 667 -74.15 79.94 -23.86
C SER YA 667 -73.52 78.79 -24.65
N LYS YA 668 -74.20 77.65 -24.65
CA LYS YA 668 -73.74 76.52 -25.44
C LYS YA 668 -73.68 76.89 -26.91
N LEU YA 669 -72.68 76.37 -27.59
CA LEU YA 669 -72.51 76.67 -29.01
C LEU YA 669 -73.60 75.97 -29.81
N ASN YA 670 -74.23 76.72 -30.72
CA ASN YA 670 -75.23 76.16 -31.60
C ASN YA 670 -74.84 76.28 -33.07
N SER YA 671 -73.70 76.87 -33.37
CA SER YA 671 -73.21 77.00 -34.73
C SER YA 671 -72.17 75.90 -34.96
N PHE YA 672 -72.53 74.94 -35.80
CA PHE YA 672 -71.67 73.79 -36.03
C PHE YA 672 -71.38 73.66 -37.52
N ILE YA 673 -70.22 73.10 -37.82
CA ILE YA 673 -69.86 72.77 -39.18
C ILE YA 673 -70.75 71.63 -39.65
N THR YA 674 -71.42 71.82 -40.78
CA THR YA 674 -72.30 70.78 -41.32
C THR YA 674 -71.45 69.59 -41.74
N GLN YA 675 -71.84 68.40 -41.29
CA GLN YA 675 -70.93 67.28 -41.34
C GLN YA 675 -71.70 65.99 -41.40
N TYR YA 676 -71.16 65.02 -42.12
CA TYR YA 676 -71.69 63.67 -42.11
C TYR YA 676 -70.52 62.71 -42.28
N SER YA 677 -70.74 61.47 -41.87
CA SER YA 677 -69.72 60.45 -41.99
C SER YA 677 -70.23 59.29 -42.82
N THR YA 678 -69.30 58.61 -43.46
CA THR YA 678 -69.59 57.39 -44.19
C THR YA 678 -68.47 56.40 -43.89
N GLY YA 679 -68.79 55.13 -44.06
CA GLY YA 679 -67.80 54.10 -43.81
C GLY YA 679 -68.37 52.76 -44.17
N GLN YA 680 -67.63 51.72 -43.81
CA GLN YA 680 -68.06 50.35 -44.02
C GLN YA 680 -68.32 49.70 -42.67
N VAL YA 681 -69.34 48.85 -42.64
CA VAL YA 681 -69.68 48.09 -41.45
C VAL YA 681 -69.66 46.62 -41.83
N SER YA 682 -68.99 45.82 -41.02
CA SER YA 682 -68.95 44.37 -41.21
C SER YA 682 -69.55 43.70 -39.99
N VAL YA 683 -70.47 42.79 -40.21
CA VAL YA 683 -71.01 41.96 -39.15
C VAL YA 683 -70.86 40.51 -39.58
N GLU YA 684 -70.23 39.71 -38.73
CA GLU YA 684 -70.03 38.28 -38.96
C GLU YA 684 -70.76 37.53 -37.87
N ILE YA 685 -71.68 36.66 -38.26
CA ILE YA 685 -72.41 35.83 -37.32
C ILE YA 685 -72.13 34.38 -37.63
N GLU YA 686 -71.74 33.63 -36.61
CA GLU YA 686 -71.61 32.18 -36.71
C GLU YA 686 -72.91 31.55 -36.22
N TRP YA 687 -73.51 30.72 -37.06
CA TRP YA 687 -74.74 30.03 -36.73
C TRP YA 687 -74.46 28.54 -36.57
N GLU YA 688 -75.04 27.94 -35.54
CA GLU YA 688 -75.00 26.50 -35.38
C GLU YA 688 -76.21 25.90 -36.07
N LEU YA 689 -76.00 24.78 -36.75
CA LEU YA 689 -77.05 24.12 -37.52
C LEU YA 689 -77.46 22.84 -36.84
N GLN YA 690 -78.76 22.54 -36.89
CA GLN YA 690 -79.29 21.24 -36.52
C GLN YA 690 -79.58 20.48 -37.81
N LYS YA 691 -78.72 19.51 -38.13
CA LYS YA 691 -78.91 18.72 -39.34
C LYS YA 691 -80.14 17.83 -39.19
N GLU YA 692 -80.89 17.70 -40.28
CA GLU YA 692 -82.04 16.81 -40.28
C GLU YA 692 -81.57 15.37 -40.34
N ASN YA 693 -82.07 14.54 -39.44
CA ASN YA 693 -81.79 13.12 -39.42
C ASN YA 693 -83.13 12.39 -39.54
N SER YA 694 -83.58 12.23 -40.78
CA SER YA 694 -84.93 11.81 -41.06
C SER YA 694 -84.94 10.52 -41.86
N LYS YA 695 -85.84 9.61 -41.51
CA LYS YA 695 -86.03 8.37 -42.23
C LYS YA 695 -87.23 8.42 -43.16
N ARG YA 696 -87.75 9.61 -43.42
CA ARG YA 696 -88.82 9.79 -44.39
C ARG YA 696 -88.40 9.25 -45.74
N TRP YA 697 -89.30 8.48 -46.36
CA TRP YA 697 -88.97 7.84 -47.63
C TRP YA 697 -89.22 8.77 -48.81
N ASN YA 698 -90.40 9.40 -48.85
CA ASN YA 698 -90.76 10.24 -49.97
C ASN YA 698 -90.01 11.57 -49.90
N PRO YA 699 -89.85 12.25 -51.02
CA PRO YA 699 -89.12 13.52 -51.02
C PRO YA 699 -89.83 14.58 -50.17
N GLU YA 700 -89.03 15.46 -49.58
CA GLU YA 700 -89.53 16.53 -48.76
C GLU YA 700 -89.95 17.72 -49.63
N ILE YA 701 -90.69 18.63 -49.02
CA ILE YA 701 -90.94 19.93 -49.63
C ILE YA 701 -89.70 20.79 -49.46
N GLN YA 702 -89.28 21.43 -50.54
CA GLN YA 702 -88.10 22.28 -50.52
C GLN YA 702 -88.47 23.63 -51.08
N TYR YA 703 -87.83 24.67 -50.57
CA TYR YA 703 -87.97 25.97 -51.21
C TYR YA 703 -87.18 25.95 -52.52
N THR YA 704 -87.84 26.34 -53.60
CA THR YA 704 -87.22 26.34 -54.91
C THR YA 704 -87.63 27.60 -55.65
N SER YA 705 -86.74 28.09 -56.50
CA SER YA 705 -87.13 29.13 -57.43
C SER YA 705 -88.00 28.54 -58.52
N ASN YA 706 -88.86 29.39 -59.08
CA ASN YA 706 -89.73 28.94 -60.17
C ASN YA 706 -88.90 28.69 -61.42
N TYR YA 707 -89.16 27.56 -62.07
CA TYR YA 707 -88.42 27.19 -63.26
C TYR YA 707 -88.84 28.00 -64.48
N TYR YA 708 -90.10 28.44 -64.52
CA TYR YA 708 -90.65 29.09 -65.70
C TYR YA 708 -90.03 30.47 -65.90
N LYS YA 709 -90.02 30.92 -67.16
CA LYS YA 709 -89.39 32.17 -67.52
C LYS YA 709 -90.12 33.37 -66.89
N SER YA 710 -89.39 34.45 -66.72
CA SER YA 710 -89.94 35.66 -66.14
C SER YA 710 -89.15 36.87 -66.62
N THR YA 711 -89.75 38.04 -66.47
CA THR YA 711 -89.11 39.27 -66.90
C THR YA 711 -87.82 39.53 -66.13
N SER YA 712 -87.81 39.21 -64.85
CA SER YA 712 -86.65 39.44 -64.01
C SER YA 712 -86.40 38.21 -63.13
N VAL YA 713 -85.17 38.09 -62.69
CA VAL YA 713 -84.81 37.02 -61.76
C VAL YA 713 -85.30 37.40 -60.36
N ASP YA 714 -85.94 36.46 -59.70
CA ASP YA 714 -86.37 36.69 -58.32
C ASP YA 714 -85.15 36.84 -57.41
N PHE YA 715 -85.26 37.78 -56.47
CA PHE YA 715 -84.15 38.12 -55.57
C PHE YA 715 -82.93 38.59 -56.36
N ALA YA 716 -83.19 39.48 -57.32
CA ALA YA 716 -82.13 40.12 -58.09
C ALA YA 716 -82.52 41.56 -58.30
N VAL YA 717 -81.74 42.26 -59.06
CA VAL YA 717 -82.03 43.65 -59.39
C VAL YA 717 -82.83 43.69 -60.67
N ASN YA 718 -83.60 44.76 -60.85
CA ASN YA 718 -84.33 44.98 -62.09
C ASN YA 718 -83.47 45.83 -63.01
N THR YA 719 -84.05 46.34 -64.09
CA THR YA 719 -83.30 47.13 -65.05
C THR YA 719 -82.86 48.47 -64.47
N GLU YA 720 -83.46 48.92 -63.37
CA GLU YA 720 -83.11 50.18 -62.75
C GLU YA 720 -82.15 50.02 -61.58
N GLY YA 721 -81.68 48.80 -61.32
CA GLY YA 721 -80.76 48.57 -60.22
C GLY YA 721 -81.41 48.38 -58.88
N VAL YA 722 -82.72 48.26 -58.82
CA VAL YA 722 -83.44 48.10 -57.56
C VAL YA 722 -83.48 46.63 -57.19
N TYR YA 723 -82.90 46.28 -56.06
CA TYR YA 723 -83.02 44.94 -55.53
C TYR YA 723 -84.36 44.79 -54.84
N SER YA 724 -85.03 43.67 -55.10
CA SER YA 724 -86.33 43.41 -54.51
C SER YA 724 -86.39 41.97 -54.01
N GLU YA 725 -87.13 41.79 -52.92
CA GLU YA 725 -87.43 40.45 -52.42
C GLU YA 725 -88.87 40.14 -52.78
N PRO YA 726 -89.13 39.23 -53.72
CA PRO YA 726 -90.50 39.10 -54.23
C PRO YA 726 -91.46 38.43 -53.27
N ARG YA 727 -90.97 37.62 -52.34
CA ARG YA 727 -91.84 36.89 -51.43
C ARG YA 727 -91.13 36.76 -50.09
N PRO YA 728 -91.89 36.57 -49.00
CA PRO YA 728 -91.25 36.23 -47.72
C PRO YA 728 -90.94 34.74 -47.69
N ILE YA 729 -89.67 34.41 -47.56
CA ILE YA 729 -89.25 33.02 -47.48
C ILE YA 729 -89.27 32.62 -46.01
N GLY YA 730 -90.15 31.69 -45.67
CA GLY YA 730 -90.17 31.15 -44.33
C GLY YA 730 -88.99 30.24 -44.09
N THR YA 731 -89.10 29.38 -43.09
CA THR YA 731 -88.00 28.55 -42.71
C THR YA 731 -88.40 27.08 -42.62
N ARG YA 732 -89.69 26.77 -42.62
CA ARG YA 732 -90.19 25.44 -42.31
C ARG YA 732 -90.56 24.73 -43.61
N TYR YA 733 -89.63 23.95 -44.12
CA TYR YA 733 -89.85 23.13 -45.31
C TYR YA 733 -89.61 21.65 -45.06
N LEU YA 734 -88.58 21.31 -44.30
CA LEU YA 734 -88.38 19.93 -43.88
C LEU YA 734 -89.43 19.54 -42.86
N THR YA 735 -89.56 18.24 -42.62
CA THR YA 735 -90.59 17.73 -41.73
C THR YA 735 -89.98 16.88 -40.63
N ARG YA 736 -90.67 16.87 -39.49
CA ARG YA 736 -90.37 15.99 -38.38
C ARG YA 736 -91.65 15.36 -37.89
N ASN YA 737 -91.54 14.17 -37.30
CA ASN YA 737 -92.64 13.62 -36.55
C ASN YA 737 -92.82 14.41 -35.26
N LEU YA 738 -94.02 14.32 -34.70
CA LEU YA 738 -94.28 14.99 -33.43
C LEU YA 738 -93.65 14.19 -32.29
N GLY ZA 221 -76.40 20.17 37.18
CA GLY ZA 221 -76.72 21.52 37.59
C GLY ZA 221 -78.22 21.77 37.72
N VAL ZA 222 -78.58 22.69 38.61
CA VAL ZA 222 -79.98 23.04 38.81
C VAL ZA 222 -80.56 23.66 37.54
N GLY ZA 223 -79.81 24.55 36.90
CA GLY ZA 223 -80.30 25.29 35.76
C GLY ZA 223 -79.99 24.72 34.41
N SER ZA 224 -79.54 23.47 34.32
CA SER ZA 224 -79.23 22.83 33.05
C SER ZA 224 -80.05 21.57 32.89
N SER ZA 225 -80.59 21.38 31.69
CA SER ZA 225 -81.35 20.18 31.39
C SER ZA 225 -80.43 18.95 31.38
N SER ZA 226 -80.93 17.85 31.94
CA SER ZA 226 -80.17 16.61 31.98
C SER ZA 226 -80.51 15.66 30.85
N GLY ZA 227 -81.37 16.08 29.93
CA GLY ZA 227 -81.70 15.25 28.78
C GLY ZA 227 -82.70 15.95 27.91
N ASN ZA 228 -82.80 15.46 26.67
CA ASN ZA 228 -83.68 16.03 25.67
C ASN ZA 228 -84.88 15.12 25.42
N TRP ZA 229 -85.91 15.70 24.82
CA TRP ZA 229 -87.10 14.96 24.45
C TRP ZA 229 -86.79 14.15 23.19
N HIS ZA 230 -86.98 12.83 23.26
CA HIS ZA 230 -86.68 11.93 22.16
C HIS ZA 230 -87.89 11.04 21.92
N CYS ZA 231 -88.83 11.52 21.11
CA CYS ZA 231 -89.90 10.70 20.60
C CYS ZA 231 -89.72 10.60 19.09
N ASP ZA 232 -89.55 9.39 18.59
CA ASP ZA 232 -89.23 9.19 17.19
C ASP ZA 232 -89.31 7.71 16.88
N SER ZA 233 -89.35 7.41 15.59
CA SER ZA 233 -89.20 6.04 15.10
C SER ZA 233 -88.41 6.11 13.81
N THR ZA 234 -87.28 5.41 13.76
CA THR ZA 234 -86.43 5.38 12.58
C THR ZA 234 -86.47 3.99 12.00
N TRP ZA 235 -86.92 3.88 10.76
CA TRP ZA 235 -86.95 2.62 10.03
C TRP ZA 235 -85.73 2.57 9.13
N LEU ZA 236 -84.88 1.57 9.35
CA LEU ZA 236 -83.62 1.46 8.61
C LEU ZA 236 -83.38 -0.01 8.32
N GLY ZA 237 -83.65 -0.41 7.08
CA GLY ZA 237 -83.44 -1.80 6.70
C GLY ZA 237 -84.37 -2.73 7.44
N ASP ZA 238 -83.79 -3.75 8.08
CA ASP ZA 238 -84.54 -4.72 8.84
C ASP ZA 238 -84.72 -4.34 10.30
N ARG ZA 239 -84.43 -3.09 10.65
CA ARG ZA 239 -84.58 -2.60 12.00
C ARG ZA 239 -85.55 -1.43 12.03
N VAL ZA 240 -86.28 -1.32 13.12
CA VAL ZA 240 -87.00 -0.09 13.46
C VAL ZA 240 -86.62 0.26 14.89
N ILE ZA 241 -86.22 1.50 15.11
CA ILE ZA 241 -85.84 1.97 16.44
C ILE ZA 241 -86.92 2.94 16.88
N THR ZA 242 -87.73 2.50 17.84
CA THR ZA 242 -88.73 3.36 18.45
C THR ZA 242 -88.12 4.00 19.69
N THR ZA 243 -88.26 5.30 19.82
CA THR ZA 243 -87.91 5.99 21.05
C THR ZA 243 -89.08 6.84 21.47
N SER ZA 244 -89.40 6.80 22.75
CA SER ZA 244 -90.55 7.52 23.27
C SER ZA 244 -90.17 8.19 24.57
N THR ZA 245 -90.56 9.45 24.71
CA THR ZA 245 -90.35 10.22 25.91
C THR ZA 245 -91.70 10.59 26.50
N ARG ZA 246 -91.82 10.49 27.81
CA ARG ZA 246 -93.03 10.89 28.50
C ARG ZA 246 -92.66 11.68 29.75
N THR ZA 247 -93.58 12.53 30.18
CA THR ZA 247 -93.46 13.21 31.45
C THR ZA 247 -94.19 12.39 32.50
N TRP ZA 248 -93.50 12.08 33.60
CA TRP ZA 248 -94.08 11.30 34.67
C TRP ZA 248 -94.18 12.14 35.94
N ALA ZA 249 -95.04 11.69 36.85
CA ALA ZA 249 -95.13 12.26 38.18
C ALA ZA 249 -95.14 11.12 39.18
N LEU ZA 250 -94.23 11.19 40.15
CA LEU ZA 250 -94.13 10.15 41.16
C LEU ZA 250 -94.53 10.71 42.51
N PRO ZA 251 -95.65 10.27 43.08
CA PRO ZA 251 -95.98 10.70 44.44
C PRO ZA 251 -95.18 9.92 45.47
N THR ZA 252 -95.35 10.32 46.72
CA THR ZA 252 -94.89 9.49 47.82
C THR ZA 252 -95.96 8.42 48.07
N TYR ZA 253 -95.56 7.16 47.96
CA TYR ZA 253 -96.47 6.05 48.15
C TYR ZA 253 -96.34 5.52 49.57
N ASN ZA 254 -97.48 5.15 50.16
CA ASN ZA 254 -97.54 4.45 51.44
C ASN ZA 254 -96.98 5.27 52.59
N ASN ZA 255 -96.80 6.58 52.41
CA ASN ZA 255 -96.13 7.41 53.41
C ASN ZA 255 -94.74 6.86 53.75
N HIS ZA 256 -94.02 6.43 52.71
CA HIS ZA 256 -92.67 5.88 52.80
C HIS ZA 256 -92.60 4.55 53.53
N LEU ZA 257 -93.73 3.87 53.71
CA LEU ZA 257 -93.77 2.65 54.51
C LEU ZA 257 -93.94 1.42 53.63
N TYR ZA 258 -93.43 0.30 54.11
CA TYR ZA 258 -93.79 -1.00 53.60
C TYR ZA 258 -94.97 -1.51 54.41
N LYS ZA 259 -96.05 -1.86 53.75
CA LYS ZA 259 -97.24 -2.34 54.44
C LYS ZA 259 -97.55 -3.75 53.99
N GLN ZA 260 -97.75 -4.64 54.94
CA GLN ZA 260 -98.29 -5.96 54.63
C GLN ZA 260 -99.73 -5.81 54.19
N ILE ZA 261 -100.08 -6.43 53.07
CA ILE ZA 261 -101.43 -6.39 52.55
C ILE ZA 261 -101.92 -7.82 52.39
N SER ZA 262 -103.20 -8.04 52.67
CA SER ZA 262 -103.76 -9.37 52.66
C SER ZA 262 -105.23 -9.31 52.25
N ASN ZA 263 -105.76 -10.47 51.92
CA ASN ZA 263 -107.17 -10.64 51.65
C ASN ZA 263 -107.53 -12.06 52.01
N GLY ZA 264 -108.50 -12.23 52.91
CA GLY ZA 264 -108.91 -13.53 53.37
C GLY ZA 264 -110.36 -13.81 53.04
N THR ZA 265 -110.83 -14.96 53.50
CA THR ZA 265 -112.20 -15.37 53.27
C THR ZA 265 -113.13 -14.81 54.34
N ALA ZA 269 -114.54 -12.12 50.75
CA ALA ZA 269 -113.79 -12.60 49.60
C ALA ZA 269 -113.76 -14.12 49.55
N THR ZA 270 -113.70 -14.67 48.35
CA THR ZA 270 -113.61 -16.11 48.20
C THR ZA 270 -112.17 -16.58 48.32
N ASN ZA 271 -112.00 -17.89 48.51
CA ASN ZA 271 -110.66 -18.45 48.60
C ASN ZA 271 -109.88 -18.24 47.32
N ASP ZA 272 -110.56 -18.17 46.17
CA ASP ZA 272 -109.89 -17.97 44.90
C ASP ZA 272 -109.19 -16.62 44.82
N ASN ZA 273 -109.60 -15.65 45.63
CA ASN ZA 273 -109.08 -14.29 45.56
C ASN ZA 273 -108.24 -13.91 46.77
N THR ZA 274 -107.86 -14.88 47.61
CA THR ZA 274 -107.02 -14.57 48.76
C THR ZA 274 -105.60 -14.26 48.32
N TYR ZA 275 -104.93 -13.42 49.09
CA TYR ZA 275 -103.54 -13.14 48.83
C TYR ZA 275 -102.87 -12.63 50.09
N PHE ZA 276 -101.55 -12.75 50.11
CA PHE ZA 276 -100.69 -12.12 51.10
C PHE ZA 276 -99.54 -11.49 50.35
N GLY ZA 277 -99.23 -10.25 50.66
CA GLY ZA 277 -98.17 -9.57 49.97
C GLY ZA 277 -97.75 -8.32 50.69
N TYR ZA 278 -97.02 -7.48 49.97
CA TYR ZA 278 -96.51 -6.26 50.56
C TYR ZA 278 -96.70 -5.10 49.59
N SER ZA 279 -97.19 -3.99 50.13
CA SER ZA 279 -97.20 -2.73 49.42
C SER ZA 279 -95.91 -1.99 49.77
N THR ZA 280 -95.21 -1.51 48.76
CA THR ZA 280 -93.95 -0.82 48.98
C THR ZA 280 -94.11 0.67 48.70
N PRO ZA 281 -93.26 1.51 49.27
CA PRO ZA 281 -93.27 2.93 48.94
C PRO ZA 281 -92.65 3.26 47.59
N TRP ZA 282 -92.30 2.25 46.80
CA TRP ZA 282 -91.62 2.46 45.53
C TRP ZA 282 -92.61 2.49 44.38
N GLY ZA 283 -92.33 3.35 43.42
CA GLY ZA 283 -92.96 3.24 42.13
C GLY ZA 283 -92.12 2.44 41.18
N TYR ZA 284 -92.67 2.15 40.01
CA TYR ZA 284 -91.90 1.44 39.01
C TYR ZA 284 -92.32 1.91 37.62
N PHE ZA 285 -91.37 1.84 36.69
CA PHE ZA 285 -91.62 2.26 35.32
C PHE ZA 285 -92.03 1.06 34.48
N ASP ZA 286 -93.15 1.20 33.79
CA ASP ZA 286 -93.67 0.16 32.92
C ASP ZA 286 -93.78 0.71 31.51
N PHE ZA 287 -93.19 0.01 30.56
CA PHE ZA 287 -93.37 0.29 29.14
C PHE ZA 287 -93.61 -1.00 28.39
N ASN ZA 288 -94.38 -1.89 29.01
CA ASN ZA 288 -94.64 -3.22 28.48
C ASN ZA 288 -95.92 -3.27 27.66
N ARG ZA 289 -96.24 -2.19 26.96
CA ARG ZA 289 -97.30 -2.18 25.97
C ARG ZA 289 -96.75 -1.61 24.69
N PHE ZA 290 -97.24 -2.13 23.56
CA PHE ZA 290 -96.68 -1.74 22.27
C PHE ZA 290 -96.94 -0.28 21.96
N HIS ZA 291 -98.07 0.27 22.39
CA HIS ZA 291 -98.36 1.67 22.10
C HIS ZA 291 -97.50 2.62 22.91
N CYS ZA 292 -96.75 2.14 23.90
CA CYS ZA 292 -95.75 2.97 24.54
C CYS ZA 292 -94.60 3.31 23.60
N HIS ZA 293 -94.45 2.55 22.52
CA HIS ZA 293 -93.31 2.69 21.62
C HIS ZA 293 -93.72 2.95 20.19
N PHE ZA 294 -94.81 2.34 19.72
CA PHE ZA 294 -95.26 2.50 18.36
C PHE ZA 294 -96.43 3.45 18.31
N SER ZA 295 -96.32 4.48 17.48
CA SER ZA 295 -97.48 5.26 17.12
C SER ZA 295 -98.39 4.40 16.26
N PRO ZA 296 -99.69 4.72 16.19
CA PRO ZA 296 -100.58 3.92 15.34
C PRO ZA 296 -100.12 3.84 13.91
N ARG ZA 297 -99.57 4.93 13.36
CA ARG ZA 297 -99.02 4.89 12.01
C ARG ZA 297 -97.79 3.99 11.95
N ASP ZA 298 -96.93 4.04 12.95
CA ASP ZA 298 -95.78 3.14 13.00
C ASP ZA 298 -96.22 1.69 13.12
N TRP ZA 299 -97.26 1.44 13.92
CA TRP ZA 299 -97.82 0.11 14.02
C TRP ZA 299 -98.34 -0.37 12.67
N GLN ZA 300 -99.02 0.52 11.93
CA GLN ZA 300 -99.48 0.18 10.60
C GLN ZA 300 -98.32 -0.15 9.67
N ARG ZA 301 -97.26 0.67 9.71
CA ARG ZA 301 -96.07 0.38 8.92
C ARG ZA 301 -95.51 -0.99 9.26
N LEU ZA 302 -95.47 -1.33 10.54
CA LEU ZA 302 -94.92 -2.60 10.96
C LEU ZA 302 -95.77 -3.77 10.48
N ILE ZA 303 -97.08 -3.70 10.72
CA ILE ZA 303 -97.93 -4.87 10.50
C ILE ZA 303 -98.31 -5.05 9.03
N ASN ZA 304 -98.29 -3.99 8.22
CA ASN ZA 304 -98.66 -4.13 6.83
C ASN ZA 304 -97.53 -4.58 5.94
N ASN ZA 305 -96.30 -4.64 6.45
CA ASN ZA 305 -95.13 -4.84 5.62
C ASN ZA 305 -94.17 -5.89 6.13
N ASN ZA 306 -94.39 -6.45 7.30
CA ASN ZA 306 -93.44 -7.36 7.90
C ASN ZA 306 -94.13 -8.65 8.32
N TRP ZA 307 -93.45 -9.77 8.08
CA TRP ZA 307 -93.96 -11.06 8.54
C TRP ZA 307 -93.67 -11.31 10.01
N GLY ZA 308 -92.77 -10.55 10.60
CA GLY ZA 308 -92.44 -10.75 11.99
C GLY ZA 308 -91.57 -9.64 12.51
N PHE ZA 309 -91.48 -9.58 13.84
CA PHE ZA 309 -90.64 -8.61 14.50
C PHE ZA 309 -90.31 -9.14 15.88
N ARG ZA 310 -89.26 -8.58 16.47
CA ARG ZA 310 -88.86 -8.95 17.82
C ARG ZA 310 -88.00 -7.84 18.38
N PRO ZA 311 -88.07 -7.59 19.68
CA PRO ZA 311 -87.17 -6.61 20.29
C PRO ZA 311 -85.74 -7.11 20.30
N LYS ZA 312 -84.80 -6.19 20.15
CA LYS ZA 312 -83.39 -6.50 20.16
C LYS ZA 312 -82.66 -5.91 21.36
N ARG ZA 313 -82.82 -4.61 21.58
CA ARG ZA 313 -82.16 -3.94 22.68
C ARG ZA 313 -83.03 -2.78 23.11
N LEU ZA 314 -82.82 -2.32 24.34
CA LEU ZA 314 -83.50 -1.12 24.80
C LEU ZA 314 -82.54 -0.26 25.58
N SER ZA 315 -82.77 1.04 25.52
CA SER ZA 315 -82.10 2.01 26.38
C SER ZA 315 -83.17 2.81 27.09
N PHE ZA 316 -82.94 3.08 28.37
CA PHE ZA 316 -83.90 3.74 29.24
C PHE ZA 316 -83.22 4.94 29.86
N LYS ZA 317 -83.94 6.05 29.96
CA LYS ZA 317 -83.36 7.26 30.53
C LYS ZA 317 -84.37 7.95 31.43
N LEU ZA 318 -83.88 8.39 32.59
CA LEU ZA 318 -84.61 9.28 33.48
C LEU ZA 318 -83.83 10.59 33.56
N PHE ZA 319 -84.51 11.71 33.38
CA PHE ZA 319 -83.82 12.98 33.30
C PHE ZA 319 -84.80 14.11 33.59
N ASN ZA 320 -84.25 15.31 33.73
CA ASN ZA 320 -85.02 16.51 34.06
C ASN ZA 320 -85.89 16.27 35.29
N ILE ZA 321 -85.27 15.69 36.31
CA ILE ZA 321 -85.98 15.36 37.53
C ILE ZA 321 -86.23 16.63 38.32
N GLN ZA 322 -87.46 16.79 38.78
CA GLN ZA 322 -87.84 17.90 39.66
C GLN ZA 322 -88.53 17.32 40.86
N VAL ZA 323 -87.96 17.52 42.04
CA VAL ZA 323 -88.59 17.12 43.28
C VAL ZA 323 -89.24 18.34 43.89
N LYS ZA 324 -90.53 18.25 44.18
CA LYS ZA 324 -91.31 19.40 44.60
C LYS ZA 324 -91.90 19.17 45.97
N GLU ZA 325 -91.86 20.21 46.79
CA GLU ZA 325 -92.41 20.20 48.13
C GLU ZA 325 -93.75 20.92 48.12
N VAL ZA 326 -94.76 20.28 48.72
CA VAL ZA 326 -96.09 20.86 48.82
C VAL ZA 326 -96.42 21.06 50.29
N THR ZA 327 -96.85 22.27 50.64
CA THR ZA 327 -97.17 22.60 52.02
C THR ZA 327 -98.65 22.90 52.20
N LYS ZA 333 -102.54 25.74 49.69
CA LYS ZA 333 -101.52 24.82 49.19
C LYS ZA 333 -100.55 25.52 48.26
N THR ZA 334 -99.26 25.43 48.58
CA THR ZA 334 -98.20 25.95 47.74
C THR ZA 334 -97.24 24.84 47.39
N ILE ZA 335 -96.79 24.83 46.14
CA ILE ZA 335 -95.83 23.85 45.64
C ILE ZA 335 -94.54 24.58 45.33
N ALA ZA 336 -93.44 24.11 45.90
CA ALA ZA 336 -92.15 24.73 45.71
C ALA ZA 336 -91.13 23.66 45.33
N ASN ZA 337 -90.09 24.09 44.62
CA ASN ZA 337 -88.99 23.19 44.31
C ASN ZA 337 -88.21 22.86 45.59
N ASN ZA 338 -87.84 21.58 45.71
CA ASN ZA 338 -86.94 21.14 46.80
C ASN ZA 338 -85.66 20.75 46.06
N LEU ZA 339 -84.74 21.70 45.85
CA LEU ZA 339 -83.59 21.49 44.98
C LEU ZA 339 -82.64 20.42 45.53
N THR ZA 340 -82.61 20.23 46.84
CA THR ZA 340 -81.69 19.29 47.46
C THR ZA 340 -82.30 17.92 47.70
N SER ZA 341 -83.56 17.72 47.35
CA SER ZA 341 -84.20 16.42 47.53
C SER ZA 341 -83.79 15.46 46.41
N THR ZA 342 -83.84 14.18 46.73
CA THR ZA 342 -83.43 13.15 45.80
C THR ZA 342 -84.57 12.19 45.50
N ILE ZA 343 -84.45 11.51 44.37
CA ILE ZA 343 -85.20 10.31 44.07
C ILE ZA 343 -84.20 9.17 44.02
N GLN ZA 344 -84.67 7.96 44.32
CA GLN ZA 344 -83.86 6.76 44.24
C GLN ZA 344 -84.36 5.91 43.09
N VAL ZA 345 -83.45 5.52 42.21
CA VAL ZA 345 -83.77 4.68 41.06
C VAL ZA 345 -82.80 3.52 41.03
N PHE ZA 346 -83.33 2.32 40.83
CA PHE ZA 346 -82.48 1.18 40.56
C PHE ZA 346 -83.24 0.21 39.66
N THR ZA 347 -82.49 -0.58 38.90
CA THR ZA 347 -83.05 -1.65 38.11
C THR ZA 347 -82.76 -2.97 38.78
N ASP ZA 348 -83.78 -3.83 38.86
CA ASP ZA 348 -83.62 -5.18 39.36
C ASP ZA 348 -82.98 -6.03 38.27
N SER ZA 349 -81.70 -5.76 38.02
CA SER ZA 349 -81.00 -6.37 36.91
C SER ZA 349 -80.73 -7.85 37.15
N GLU ZA 350 -80.66 -8.27 38.40
CA GLU ZA 350 -80.49 -9.68 38.73
C GLU ZA 350 -81.81 -10.40 38.92
N TYR ZA 351 -82.93 -9.72 38.72
CA TYR ZA 351 -84.26 -10.33 38.85
C TYR ZA 351 -84.46 -10.93 40.23
N GLN ZA 352 -83.99 -10.22 41.24
CA GLN ZA 352 -84.12 -10.66 42.62
C GLN ZA 352 -85.42 -10.23 43.27
N LEU ZA 353 -86.14 -9.36 42.66
CA LEU ZA 353 -87.43 -8.95 43.17
C LEU ZA 353 -88.55 -9.69 42.45
N PRO ZA 354 -89.71 -9.84 43.10
CA PRO ZA 354 -90.87 -10.36 42.38
C PRO ZA 354 -91.16 -9.52 41.16
N TYR ZA 355 -91.25 -10.17 40.01
CA TYR ZA 355 -91.42 -9.50 38.73
C TYR ZA 355 -92.91 -9.28 38.49
N VAL ZA 356 -93.37 -8.04 38.66
CA VAL ZA 356 -94.79 -7.74 38.51
C VAL ZA 356 -95.11 -7.16 37.15
N LEU ZA 357 -94.11 -6.85 36.34
CA LEU ZA 357 -94.39 -6.57 34.94
C LEU ZA 357 -94.85 -7.84 34.24
N GLY ZA 358 -95.50 -7.67 33.10
CA GLY ZA 358 -96.04 -8.83 32.44
C GLY ZA 358 -97.29 -9.39 33.09
N SER ZA 359 -98.00 -8.58 33.86
CA SER ZA 359 -99.32 -8.94 34.35
C SER ZA 359 -100.41 -8.04 33.78
N ALA ZA 360 -100.10 -7.35 32.69
CA ALA ZA 360 -101.05 -6.49 31.98
C ALA ZA 360 -101.63 -5.42 32.91
N HIS ZA 361 -100.79 -4.82 33.73
CA HIS ZA 361 -101.24 -3.82 34.68
C HIS ZA 361 -101.26 -2.44 34.06
N GLN ZA 362 -102.13 -1.58 34.60
CA GLN ZA 362 -102.11 -0.19 34.24
C GLN ZA 362 -100.85 0.49 34.77
N GLY ZA 363 -100.62 1.71 34.31
CA GLY ZA 363 -99.45 2.46 34.74
C GLY ZA 363 -98.31 2.46 33.75
N CYS ZA 364 -98.48 1.85 32.58
CA CYS ZA 364 -97.46 1.94 31.55
C CYS ZA 364 -97.39 3.36 31.01
N LEU ZA 365 -96.35 3.61 30.23
CA LEU ZA 365 -96.24 4.89 29.54
C LEU ZA 365 -97.47 5.09 28.66
N PRO ZA 366 -98.08 6.27 28.67
CA PRO ZA 366 -99.30 6.47 27.91
C PRO ZA 366 -99.02 6.36 26.42
N PRO ZA 367 -100.00 5.91 25.63
CA PRO ZA 367 -99.79 5.86 24.18
C PRO ZA 367 -99.53 7.22 23.56
N PHE ZA 368 -100.15 8.27 24.08
CA PHE ZA 368 -100.00 9.60 23.50
C PHE ZA 368 -98.82 10.31 24.13
N PRO ZA 369 -97.83 10.75 23.35
CA PRO ZA 369 -96.62 11.34 23.95
C PRO ZA 369 -96.88 12.58 24.78
N ALA ZA 370 -97.91 13.37 24.46
CA ALA ZA 370 -98.20 14.57 25.23
C ALA ZA 370 -98.81 14.25 26.58
N ASP ZA 371 -99.11 12.99 26.86
CA ASP ZA 371 -99.84 12.63 28.07
C ASP ZA 371 -98.87 12.50 29.24
N VAL ZA 372 -99.19 13.16 30.35
CA VAL ZA 372 -98.41 13.05 31.57
C VAL ZA 372 -99.04 11.97 32.44
N PHE ZA 373 -98.23 11.02 32.90
CA PHE ZA 373 -98.74 9.86 33.60
C PHE ZA 373 -98.16 9.74 34.99
N MET ZA 374 -98.94 9.12 35.86
CA MET ZA 374 -98.57 8.82 37.22
C MET ZA 374 -97.87 7.47 37.29
N ILE ZA 375 -96.77 7.42 38.02
CA ILE ZA 375 -96.01 6.16 38.14
C ILE ZA 375 -96.75 5.21 39.06
N PRO ZA 376 -96.98 3.96 38.65
CA PRO ZA 376 -97.70 3.03 39.52
C PRO ZA 376 -96.88 2.61 40.71
N GLN ZA 377 -97.57 2.27 41.79
CA GLN ZA 377 -96.91 1.83 43.02
C GLN ZA 377 -96.51 0.37 42.92
N TYR ZA 378 -95.28 0.08 43.34
CA TYR ZA 378 -94.80 -1.29 43.32
C TYR ZA 378 -95.31 -2.06 44.51
N GLY ZA 379 -95.94 -3.20 44.24
CA GLY ZA 379 -96.27 -4.15 45.28
C GLY ZA 379 -96.08 -5.54 44.73
N TYR ZA 380 -96.03 -6.52 45.63
CA TYR ZA 380 -95.82 -7.89 45.20
C TYR ZA 380 -96.58 -8.82 46.12
N LEU ZA 381 -96.77 -10.04 45.65
CA LEU ZA 381 -97.42 -11.08 46.41
C LEU ZA 381 -96.43 -12.21 46.68
N THR ZA 382 -96.60 -12.83 47.84
CA THR ZA 382 -95.81 -14.00 48.17
C THR ZA 382 -96.76 -15.12 48.55
N LEU ZA 383 -96.25 -16.21 49.09
CA LEU ZA 383 -97.11 -17.34 49.41
C LEU ZA 383 -98.10 -16.96 50.50
N ASN ZA 384 -99.34 -17.42 50.33
CA ASN ZA 384 -100.39 -17.14 51.30
C ASN ZA 384 -101.18 -18.40 51.58
N ASN ZA 385 -101.73 -18.46 52.78
CA ASN ZA 385 -102.70 -19.47 53.19
C ASN ZA 385 -103.90 -18.67 53.70
N GLY ZA 386 -104.85 -18.41 52.81
CA GLY ZA 386 -105.87 -17.44 53.13
C GLY ZA 386 -105.26 -16.05 53.16
N SER ZA 387 -105.53 -15.32 54.24
CA SER ZA 387 -104.91 -14.02 54.44
C SER ZA 387 -103.60 -14.11 55.21
N GLN ZA 388 -103.19 -15.29 55.62
CA GLN ZA 388 -101.98 -15.47 56.41
C GLN ZA 388 -100.79 -15.79 55.51
N ALA ZA 389 -99.62 -15.40 55.96
CA ALA ZA 389 -98.39 -15.83 55.32
C ALA ZA 389 -97.99 -17.20 55.85
N VAL ZA 390 -97.14 -17.87 55.08
CA VAL ZA 390 -96.52 -19.11 55.52
C VAL ZA 390 -95.04 -18.84 55.74
N GLY ZA 391 -94.36 -19.83 56.30
CA GLY ZA 391 -92.94 -19.69 56.56
C GLY ZA 391 -92.11 -19.45 55.32
N ARG ZA 392 -92.60 -19.89 54.17
CA ARG ZA 392 -91.89 -19.69 52.92
C ARG ZA 392 -92.17 -18.34 52.29
N SER ZA 393 -93.08 -17.56 52.85
CA SER ZA 393 -93.36 -16.23 52.32
C SER ZA 393 -92.14 -15.34 52.43
N SER ZA 394 -91.85 -14.63 51.35
CA SER ZA 394 -90.68 -13.77 51.27
C SER ZA 394 -91.06 -12.32 51.43
N PHE ZA 395 -90.33 -11.61 52.28
CA PHE ZA 395 -90.46 -10.16 52.39
C PHE ZA 395 -89.23 -9.53 51.75
N TYR ZA 396 -89.45 -8.55 50.88
CA TYR ZA 396 -88.38 -7.86 50.20
C TYR ZA 396 -88.39 -6.39 50.58
N CYS ZA 397 -87.25 -5.90 51.05
CA CYS ZA 397 -87.03 -4.48 51.27
C CYS ZA 397 -86.30 -3.95 50.04
N LEU ZA 398 -86.93 -3.02 49.32
CA LEU ZA 398 -86.30 -2.48 48.13
C LEU ZA 398 -85.18 -1.50 48.47
N GLU ZA 399 -85.16 -0.97 49.69
CA GLU ZA 399 -84.02 -0.20 50.15
C GLU ZA 399 -82.79 -1.08 50.35
N TYR ZA 400 -82.97 -2.39 50.44
CA TYR ZA 400 -81.86 -3.31 50.56
C TYR ZA 400 -81.14 -3.53 49.24
N PHE ZA 401 -81.46 -2.74 48.23
CA PHE ZA 401 -80.77 -2.78 46.96
C PHE ZA 401 -79.93 -1.53 46.77
N PRO ZA 402 -78.83 -1.61 46.03
CA PRO ZA 402 -78.11 -0.39 45.64
C PRO ZA 402 -78.95 0.43 44.68
N SER ZA 403 -79.19 1.68 45.04
CA SER ZA 403 -79.97 2.60 44.22
C SER ZA 403 -79.16 3.84 43.93
N GLN ZA 404 -79.30 4.36 42.72
CA GLN ZA 404 -78.74 5.65 42.40
C GLN ZA 404 -79.68 6.72 42.95
N MET ZA 405 -79.12 7.66 43.71
CA MET ZA 405 -79.89 8.79 44.19
C MET ZA 405 -79.65 9.98 43.29
N LEU ZA 406 -80.73 10.66 42.90
CA LEU ZA 406 -80.67 11.68 41.88
C LEU ZA 406 -81.24 12.97 42.44
N ARG ZA 407 -80.46 14.04 42.38
CA ARG ZA 407 -81.01 15.36 42.60
C ARG ZA 407 -81.50 15.92 41.27
N THR ZA 408 -81.96 17.17 41.29
CA THR ZA 408 -82.61 17.74 40.12
C THR ZA 408 -81.67 17.82 38.92
N GLY ZA 409 -80.37 17.89 39.16
CA GLY ZA 409 -79.40 17.94 38.08
C GLY ZA 409 -78.93 16.60 37.57
N ASN ZA 410 -79.33 15.51 38.21
CA ASN ZA 410 -78.84 14.19 37.84
C ASN ZA 410 -79.79 13.52 36.85
N ASN ZA 411 -79.25 12.54 36.13
CA ASN ZA 411 -80.05 11.70 35.25
C ASN ZA 411 -79.65 10.25 35.46
N PHE ZA 412 -80.56 9.36 35.10
CA PHE ZA 412 -80.37 7.93 35.22
C PHE ZA 412 -80.55 7.30 33.85
N GLN ZA 413 -79.71 6.32 33.54
CA GLN ZA 413 -79.88 5.61 32.28
C GLN ZA 413 -79.28 4.22 32.39
N PHE ZA 414 -79.85 3.31 31.63
CA PHE ZA 414 -79.28 1.97 31.50
C PHE ZA 414 -79.69 1.41 30.15
N THR ZA 415 -78.93 0.43 29.69
CA THR ZA 415 -79.20 -0.26 28.45
C THR ZA 415 -79.44 -1.74 28.75
N TYR ZA 416 -80.26 -2.36 27.93
CA TYR ZA 416 -80.61 -3.76 28.08
C TYR ZA 416 -80.66 -4.40 26.71
N THR ZA 417 -80.16 -5.63 26.63
CA THR ZA 417 -80.20 -6.40 25.39
C THR ZA 417 -81.17 -7.55 25.57
N PHE ZA 418 -82.14 -7.65 24.66
CA PHE ZA 418 -83.07 -8.76 24.69
C PHE ZA 418 -82.35 -10.04 24.29
N GLU ZA 419 -82.72 -11.13 24.94
CA GLU ZA 419 -82.22 -12.44 24.53
C GLU ZA 419 -82.78 -12.79 23.15
N ASP ZA 420 -82.15 -13.79 22.54
CA ASP ZA 420 -82.65 -14.25 21.24
C ASP ZA 420 -84.04 -14.86 21.42
N VAL ZA 421 -85.05 -14.15 20.94
CA VAL ZA 421 -86.43 -14.57 21.10
C VAL ZA 421 -86.96 -14.83 19.68
N PRO ZA 422 -87.89 -15.75 19.49
CA PRO ZA 422 -88.44 -15.95 18.14
C PRO ZA 422 -89.21 -14.73 17.68
N PHE ZA 423 -89.19 -14.50 16.37
CA PHE ZA 423 -90.00 -13.45 15.79
C PHE ZA 423 -91.47 -13.72 16.08
N HIS ZA 424 -92.19 -12.67 16.45
CA HIS ZA 424 -93.64 -12.80 16.55
C HIS ZA 424 -94.22 -13.00 15.15
N SER ZA 425 -95.17 -13.92 15.03
CA SER ZA 425 -95.78 -14.21 13.74
C SER ZA 425 -96.73 -13.08 13.38
N SER ZA 426 -96.22 -12.10 12.65
CA SER ZA 426 -97.03 -10.98 12.19
C SER ZA 426 -97.69 -11.28 10.86
N TYR ZA 427 -98.33 -12.44 10.79
CA TYR ZA 427 -98.94 -12.93 9.56
C TYR ZA 427 -100.05 -13.90 9.92
N ALA ZA 428 -100.98 -14.05 9.00
CA ALA ZA 428 -101.98 -15.11 9.08
C ALA ZA 428 -101.72 -16.11 7.96
N HIS ZA 429 -101.98 -17.38 8.24
CA HIS ZA 429 -101.73 -18.40 7.24
C HIS ZA 429 -102.78 -18.34 6.16
N SER ZA 430 -102.34 -18.38 4.91
CA SER ZA 430 -103.24 -18.41 3.76
C SER ZA 430 -103.62 -19.84 3.37
N GLN ZA 431 -103.19 -20.82 4.14
CA GLN ZA 431 -103.57 -22.20 3.97
C GLN ZA 431 -104.06 -22.75 5.29
N SER ZA 432 -104.99 -23.68 5.23
CA SER ZA 432 -105.46 -24.38 6.41
C SER ZA 432 -104.67 -25.68 6.59
N LEU ZA 433 -104.54 -26.11 7.84
CA LEU ZA 433 -103.75 -27.29 8.13
C LEU ZA 433 -104.33 -28.54 7.48
N ASP ZA 434 -105.65 -28.62 7.35
CA ASP ZA 434 -106.30 -29.76 6.73
C ASP ZA 434 -106.44 -29.61 5.22
N ARG ZA 435 -105.85 -28.58 4.64
CA ARG ZA 435 -105.92 -28.32 3.21
C ARG ZA 435 -104.54 -28.04 2.63
N LEU ZA 436 -103.55 -28.82 3.05
CA LEU ZA 436 -102.19 -28.67 2.58
C LEU ZA 436 -101.88 -29.55 1.38
N MET ZA 437 -102.83 -30.34 0.93
CA MET ZA 437 -102.62 -31.31 -0.12
C MET ZA 437 -102.94 -30.74 -1.51
N ASN ZA 438 -102.44 -31.44 -2.51
CA ASN ZA 438 -102.76 -31.12 -3.89
C ASN ZA 438 -104.20 -31.51 -4.17
N PRO ZA 439 -105.06 -30.56 -4.58
CA PRO ZA 439 -106.47 -30.86 -4.81
C PRO ZA 439 -106.77 -31.56 -6.12
N LEU ZA 440 -105.75 -31.97 -6.87
CA LEU ZA 440 -105.96 -32.62 -8.16
C LEU ZA 440 -105.54 -34.08 -8.17
N ILE ZA 441 -104.74 -34.52 -7.22
CA ILE ZA 441 -104.12 -35.83 -7.24
C ILE ZA 441 -104.65 -36.65 -6.08
N ASP ZA 442 -104.96 -37.91 -6.35
CA ASP ZA 442 -105.33 -38.82 -5.28
C ASP ZA 442 -104.11 -39.18 -4.44
N GLN ZA 443 -104.37 -39.62 -3.22
CA GLN ZA 443 -103.32 -40.20 -2.40
C GLN ZA 443 -103.10 -41.66 -2.79
N TYR ZA 444 -101.86 -42.11 -2.64
CA TYR ZA 444 -101.61 -43.53 -2.79
C TYR ZA 444 -101.95 -44.30 -1.53
N LEU ZA 445 -102.15 -43.62 -0.41
CA LEU ZA 445 -102.58 -44.26 0.81
C LEU ZA 445 -104.08 -44.50 0.79
N TYR ZA 446 -104.51 -45.58 1.43
CA TYR ZA 446 -105.91 -45.91 1.55
C TYR ZA 446 -106.41 -45.63 2.95
N TYR ZA 447 -107.70 -45.39 3.07
CA TYR ZA 447 -108.36 -45.28 4.35
C TYR ZA 447 -109.55 -46.22 4.37
N LEU ZA 448 -109.91 -46.67 5.56
CA LEU ZA 448 -111.10 -47.50 5.71
C LEU ZA 448 -112.32 -46.66 5.37
N SER ZA 449 -112.96 -46.95 4.24
CA SER ZA 449 -114.06 -46.13 3.76
C SER ZA 449 -115.43 -46.70 4.10
N ARG ZA 450 -115.55 -48.02 4.23
CA ARG ZA 450 -116.81 -48.63 4.61
C ARG ZA 450 -116.55 -49.86 5.47
N THR ZA 451 -117.43 -50.08 6.44
CA THR ZA 451 -117.40 -51.29 7.25
C THR ZA 451 -118.63 -52.15 7.06
N GLN ZA 452 -119.54 -51.76 6.18
CA GLN ZA 452 -120.79 -52.48 5.95
C GLN ZA 452 -121.11 -52.46 4.46
N THR ZA 453 -121.60 -53.59 3.96
CA THR ZA 453 -121.93 -53.70 2.54
C THR ZA 453 -123.10 -52.80 2.15
N ASN ZA 459 -127.66 -55.70 5.06
CA ASN ZA 459 -126.23 -55.51 4.82
C ASN ZA 459 -125.40 -56.19 5.89
N THR ZA 460 -124.22 -56.64 5.52
CA THR ZA 460 -123.33 -57.39 6.39
C THR ZA 460 -122.02 -56.63 6.57
N GLN ZA 461 -121.21 -57.11 7.50
CA GLN ZA 461 -119.91 -56.51 7.75
C GLN ZA 461 -118.99 -56.74 6.57
N THR ZA 462 -118.15 -55.75 6.30
CA THR ZA 462 -117.14 -55.83 5.25
C THR ZA 462 -116.04 -54.82 5.59
N LEU ZA 463 -114.99 -54.83 4.78
CA LEU ZA 463 -113.92 -53.85 4.90
C LEU ZA 463 -113.67 -53.28 3.51
N GLY ZA 464 -114.12 -52.07 3.27
CA GLY ZA 464 -113.89 -51.35 2.04
C GLY ZA 464 -112.90 -50.23 2.27
N PHE ZA 465 -111.92 -50.13 1.37
CA PHE ZA 465 -110.86 -49.14 1.47
C PHE ZA 465 -110.84 -48.29 0.23
N SER ZA 466 -110.70 -46.98 0.41
CA SER ZA 466 -110.67 -46.04 -0.68
C SER ZA 466 -109.43 -45.18 -0.55
N GLN ZA 467 -109.01 -44.62 -1.68
CA GLN ZA 467 -107.90 -43.68 -1.69
C GLN ZA 467 -108.43 -42.27 -1.47
N GLY ZA 468 -107.82 -41.55 -0.53
CA GLY ZA 468 -108.15 -40.17 -0.31
C GLY ZA 468 -107.87 -39.35 -1.55
N GLY ZA 469 -108.83 -38.51 -1.93
CA GLY ZA 469 -108.69 -37.72 -3.12
C GLY ZA 469 -109.26 -36.33 -2.96
N PRO ZA 470 -109.44 -35.63 -4.09
CA PRO ZA 470 -109.95 -34.25 -4.02
C PRO ZA 470 -111.32 -34.14 -3.38
N ASN ZA 471 -112.15 -35.18 -3.47
CA ASN ZA 471 -113.49 -35.11 -2.93
C ASN ZA 471 -113.58 -35.62 -1.50
N THR ZA 472 -112.80 -36.63 -1.15
CA THR ZA 472 -112.76 -37.15 0.22
C THR ZA 472 -111.59 -36.54 0.98
N MET ZA 473 -111.58 -35.21 1.02
CA MET ZA 473 -110.43 -34.49 1.56
C MET ZA 473 -110.37 -34.59 3.08
N ALA ZA 474 -111.51 -34.78 3.74
CA ALA ZA 474 -111.52 -35.00 5.17
C ALA ZA 474 -110.94 -36.36 5.55
N ASN ZA 475 -110.95 -37.32 4.64
CA ASN ZA 475 -110.45 -38.66 4.92
C ASN ZA 475 -108.98 -38.84 4.60
N GLN ZA 476 -108.35 -37.87 3.95
CA GLN ZA 476 -106.99 -38.03 3.49
C GLN ZA 476 -106.02 -38.19 4.66
N ALA ZA 477 -105.00 -39.00 4.44
CA ALA ZA 477 -103.91 -39.08 5.41
C ALA ZA 477 -103.18 -37.75 5.47
N LYS ZA 478 -102.87 -37.31 6.68
CA LYS ZA 478 -102.25 -36.01 6.89
C LYS ZA 478 -101.10 -36.15 7.87
N ASN ZA 479 -100.16 -35.21 7.78
CA ASN ZA 479 -98.95 -35.27 8.57
C ASN ZA 479 -99.03 -34.51 9.89
N TRP ZA 480 -100.01 -33.64 10.06
CA TRP ZA 480 -99.99 -32.71 11.18
C TRP ZA 480 -101.36 -32.63 11.83
N LEU ZA 481 -101.36 -32.19 13.07
CA LEU ZA 481 -102.56 -32.02 13.86
C LEU ZA 481 -102.70 -30.58 14.32
N PRO ZA 482 -103.92 -30.09 14.51
CA PRO ZA 482 -104.08 -28.74 15.04
C PRO ZA 482 -103.55 -28.63 16.45
N GLY ZA 483 -103.19 -27.41 16.83
CA GLY ZA 483 -102.63 -27.14 18.12
C GLY ZA 483 -103.51 -27.56 19.27
N PRO ZA 484 -102.99 -27.46 20.49
CA PRO ZA 484 -103.73 -27.98 21.64
C PRO ZA 484 -104.97 -27.14 21.95
N CYS ZA 485 -105.89 -27.78 22.67
CA CYS ZA 485 -107.19 -27.19 22.96
C CYS ZA 485 -107.47 -27.23 24.45
N TYR ZA 486 -108.05 -26.15 24.96
CA TYR ZA 486 -108.56 -26.08 26.34
C TYR ZA 486 -109.90 -25.35 26.26
N ARG ZA 487 -110.96 -26.11 26.04
CA ARG ZA 487 -112.20 -25.55 25.53
C ARG ZA 487 -112.79 -24.49 26.45
N GLN ZA 488 -113.22 -23.39 25.85
CA GLN ZA 488 -113.86 -22.29 26.55
C GLN ZA 488 -115.35 -22.25 26.20
N GLN ZA 489 -116.14 -21.69 27.12
CA GLN ZA 489 -117.55 -21.50 26.85
C GLN ZA 489 -117.75 -20.41 25.81
N ARG ZA 490 -118.73 -20.61 24.93
CA ARG ZA 490 -119.01 -19.66 23.87
C ARG ZA 490 -120.01 -18.63 24.36
N VAL ZA 491 -119.70 -17.35 24.12
CA VAL ZA 491 -120.57 -16.24 24.46
C VAL ZA 491 -120.84 -15.46 23.19
N SER ZA 492 -122.10 -15.10 22.98
CA SER ZA 492 -122.50 -14.32 21.82
C SER ZA 492 -122.58 -12.84 22.20
N THR ZA 493 -122.03 -11.99 21.35
CA THR ZA 493 -122.20 -10.55 21.54
C THR ZA 493 -123.65 -10.13 21.33
N THR ZA 494 -124.44 -10.93 20.62
CA THR ZA 494 -125.89 -10.77 20.59
C THR ZA 494 -126.43 -11.44 21.84
N THR ZA 495 -126.73 -10.63 22.86
CA THR ZA 495 -127.01 -11.16 24.18
C THR ZA 495 -128.23 -12.07 24.20
N GLY ZA 496 -129.20 -11.83 23.31
CA GLY ZA 496 -130.37 -12.67 23.25
C GLY ZA 496 -130.07 -14.11 22.92
N GLN ZA 497 -128.94 -14.39 22.28
CA GLN ZA 497 -128.53 -15.75 21.98
C GLN ZA 497 -127.83 -16.43 23.14
N ASN ZA 498 -127.55 -15.72 24.22
CA ASN ZA 498 -126.88 -16.30 25.37
C ASN ZA 498 -127.89 -16.87 26.35
N ASN ZA 499 -127.43 -17.82 27.15
CA ASN ZA 499 -128.26 -18.36 28.22
C ASN ZA 499 -128.58 -17.28 29.23
N ASN ZA 500 -129.83 -17.26 29.69
CA ASN ZA 500 -130.27 -16.27 30.67
C ASN ZA 500 -129.82 -16.70 32.06
N SER ZA 501 -128.53 -16.56 32.30
CA SER ZA 501 -127.93 -16.85 33.60
C SER ZA 501 -126.61 -16.12 33.69
N ASN ZA 502 -126.11 -16.00 34.92
CA ASN ZA 502 -124.82 -15.36 35.17
C ASN ZA 502 -123.78 -16.48 35.24
N PHE ZA 503 -123.15 -16.76 34.10
CA PHE ZA 503 -122.24 -17.88 33.98
C PHE ZA 503 -120.81 -17.47 33.65
N ALA ZA 504 -120.47 -16.19 33.80
CA ALA ZA 504 -119.13 -15.74 33.46
C ALA ZA 504 -118.08 -16.47 34.30
N TRP ZA 505 -118.37 -16.67 35.58
CA TRP ZA 505 -117.46 -17.39 36.46
C TRP ZA 505 -117.82 -18.87 36.59
N THR ZA 506 -119.10 -19.19 36.76
CA THR ZA 506 -119.48 -20.58 36.97
C THR ZA 506 -119.16 -21.44 35.75
N ALA ZA 507 -119.41 -20.92 34.55
CA ALA ZA 507 -119.05 -21.62 33.32
C ALA ZA 507 -117.69 -21.20 32.79
N GLY ZA 508 -116.95 -20.39 33.53
CA GLY ZA 508 -115.65 -19.97 33.07
C GLY ZA 508 -114.67 -21.13 32.98
N THR ZA 509 -113.77 -21.04 32.01
CA THR ZA 509 -112.74 -22.04 31.83
C THR ZA 509 -111.60 -21.72 32.78
N LYS ZA 510 -111.31 -22.64 33.69
CA LYS ZA 510 -110.45 -22.36 34.82
C LYS ZA 510 -109.35 -23.41 34.94
N TYR ZA 511 -108.28 -23.03 35.64
CA TYR ZA 511 -107.32 -23.98 36.12
C TYR ZA 511 -107.34 -23.98 37.65
N HIS ZA 512 -106.90 -25.07 38.23
CA HIS ZA 512 -106.93 -25.30 39.66
C HIS ZA 512 -105.49 -25.36 40.17
N LEU ZA 513 -105.17 -24.51 41.15
CA LEU ZA 513 -103.82 -24.45 41.69
C LEU ZA 513 -103.90 -24.25 43.19
N ASN ZA 514 -103.42 -25.23 43.94
CA ASN ZA 514 -103.38 -25.17 45.41
C ASN ZA 514 -104.75 -24.84 45.99
N GLY ZA 515 -105.76 -25.56 45.51
CA GLY ZA 515 -107.12 -25.35 45.98
C GLY ZA 515 -107.73 -24.03 45.59
N ARG ZA 516 -107.11 -23.29 44.69
CA ARG ZA 516 -107.59 -22.00 44.24
C ARG ZA 516 -107.95 -22.10 42.77
N ASN ZA 517 -109.12 -21.59 42.41
CA ASN ZA 517 -109.57 -21.58 41.03
C ASN ZA 517 -109.27 -20.23 40.41
N SER ZA 518 -108.62 -20.24 39.26
CA SER ZA 518 -108.32 -19.04 38.51
C SER ZA 518 -108.75 -19.26 37.07
N LEU ZA 519 -109.31 -18.23 36.46
CA LEU ZA 519 -109.68 -18.31 35.05
C LEU ZA 519 -108.45 -18.58 34.20
N ALA ZA 520 -108.60 -19.49 33.23
CA ALA ZA 520 -107.59 -19.67 32.20
C ALA ZA 520 -107.79 -18.56 31.18
N ASN ZA 521 -107.34 -17.36 31.56
CA ASN ZA 521 -107.68 -16.13 30.87
C ASN ZA 521 -106.41 -15.42 30.42
N PRO ZA 522 -106.17 -15.27 29.12
CA PRO ZA 522 -107.06 -15.73 28.05
C PRO ZA 522 -106.83 -17.18 27.67
N GLY ZA 523 -105.95 -17.86 28.39
CA GLY ZA 523 -105.67 -19.25 28.10
C GLY ZA 523 -104.79 -19.42 26.87
N ILE ZA 524 -104.72 -20.66 26.41
CA ILE ZA 524 -103.87 -20.99 25.27
C ILE ZA 524 -104.43 -20.35 24.01
N ALA ZA 525 -103.56 -20.12 23.04
CA ALA ZA 525 -103.94 -19.48 21.80
C ALA ZA 525 -104.85 -20.40 21.00
N MET ZA 526 -106.12 -20.04 20.92
CA MET ZA 526 -107.08 -20.75 20.08
C MET ZA 526 -107.86 -19.72 19.27
N ALA ZA 527 -108.35 -20.17 18.12
CA ALA ZA 527 -109.15 -19.30 17.28
C ALA ZA 527 -110.40 -18.85 18.02
N THR ZA 528 -110.68 -17.55 17.97
CA THR ZA 528 -111.80 -16.99 18.71
C THR ZA 528 -113.12 -17.61 18.26
N HIS ZA 529 -113.28 -17.81 16.96
CA HIS ZA 529 -114.51 -18.34 16.41
C HIS ZA 529 -114.17 -18.97 15.06
N LYS ZA 530 -115.12 -19.74 14.54
CA LYS ZA 530 -114.95 -20.32 13.22
C LYS ZA 530 -115.54 -19.38 12.18
N ASP ZA 531 -115.65 -19.85 10.94
CA ASP ZA 531 -116.14 -19.02 9.85
C ASP ZA 531 -117.56 -18.55 10.11
N ASP ZA 532 -117.79 -17.27 9.83
CA ASP ZA 532 -119.13 -16.65 9.90
C ASP ZA 532 -119.71 -16.69 11.30
N GLU ZA 533 -118.87 -16.63 12.33
CA GLU ZA 533 -119.32 -16.64 13.71
C GLU ZA 533 -118.60 -15.56 14.50
N GLU ZA 534 -118.44 -14.38 13.91
CA GLU ZA 534 -117.71 -13.29 14.55
C GLU ZA 534 -118.37 -12.85 15.85
N ARG ZA 535 -119.69 -13.03 15.96
CA ARG ZA 535 -120.40 -12.63 17.16
C ARG ZA 535 -120.06 -13.49 18.37
N PHE ZA 536 -119.42 -14.64 18.18
CA PHE ZA 536 -119.09 -15.55 19.26
C PHE ZA 536 -117.66 -15.32 19.72
N PHE ZA 537 -117.44 -15.40 21.02
CA PHE ZA 537 -116.11 -15.34 21.58
C PHE ZA 537 -116.03 -16.25 22.78
N PRO ZA 538 -114.86 -16.82 23.07
CA PRO ZA 538 -114.68 -17.57 24.31
C PRO ZA 538 -114.86 -16.66 25.51
N SER ZA 539 -115.49 -17.19 26.56
CA SER ZA 539 -115.91 -16.35 27.68
C SER ZA 539 -114.73 -15.67 28.34
N ASN ZA 540 -113.62 -16.39 28.53
CA ASN ZA 540 -112.39 -15.79 29.04
C ASN ZA 540 -111.21 -16.25 28.21
N GLY ZA 541 -111.35 -16.19 26.89
CA GLY ZA 541 -110.33 -16.68 26.00
C GLY ZA 541 -109.79 -15.67 25.01
N ILE ZA 542 -110.10 -14.39 25.22
CA ILE ZA 542 -109.61 -13.32 24.35
C ILE ZA 542 -109.15 -12.17 25.22
N LEU ZA 543 -108.26 -11.36 24.66
CA LEU ZA 543 -107.91 -10.08 25.26
C LEU ZA 543 -109.03 -9.09 25.01
N ILE ZA 544 -109.48 -8.43 26.06
CA ILE ZA 544 -110.53 -7.42 25.97
C ILE ZA 544 -109.94 -6.11 26.45
N PHE ZA 545 -109.84 -5.14 25.56
CA PHE ZA 545 -109.38 -3.81 25.90
C PHE ZA 545 -110.57 -2.89 26.08
N GLY ZA 546 -110.43 -1.94 26.99
CA GLY ZA 546 -111.47 -0.97 27.24
C GLY ZA 546 -111.30 0.24 26.33
N LYS ZA 547 -112.43 0.74 25.85
CA LYS ZA 547 -112.41 2.02 25.16
C LYS ZA 547 -112.09 3.13 26.15
N GLN ZA 548 -111.78 4.31 25.62
CA GLN ZA 548 -111.47 5.43 26.50
C GLN ZA 548 -112.66 5.73 27.40
N ASN ZA 549 -112.37 5.95 28.68
CA ASN ZA 549 -113.38 6.25 29.70
C ASN ZA 549 -114.33 5.08 29.95
N ALA ZA 550 -113.89 3.86 29.64
CA ALA ZA 550 -114.68 2.69 30.01
C ALA ZA 550 -114.63 2.49 31.52
N ALA ZA 551 -115.75 2.06 32.08
CA ALA ZA 551 -115.83 1.83 33.52
C ALA ZA 551 -114.92 0.69 33.93
N ARG ZA 552 -114.35 0.82 35.14
CA ARG ZA 552 -113.52 -0.25 35.68
C ARG ZA 552 -114.32 -1.53 35.89
N ASP ZA 553 -115.54 -1.41 36.42
CA ASP ZA 553 -116.38 -2.55 36.72
C ASP ZA 553 -117.65 -2.50 35.88
N ASN ZA 554 -118.04 -3.64 35.33
CA ASN ZA 554 -119.30 -3.80 34.61
C ASN ZA 554 -119.42 -2.79 33.46
N ALA ZA 555 -118.35 -2.66 32.69
CA ALA ZA 555 -118.43 -1.90 31.46
C ALA ZA 555 -119.29 -2.65 30.45
N ASP ZA 556 -120.12 -1.91 29.73
CA ASP ZA 556 -120.97 -2.51 28.72
C ASP ZA 556 -120.13 -2.99 27.55
N TYR ZA 557 -120.72 -3.86 26.73
CA TYR ZA 557 -120.01 -4.37 25.55
C TYR ZA 557 -119.61 -3.24 24.62
N SER ZA 558 -120.40 -2.17 24.57
CA SER ZA 558 -120.05 -1.03 23.72
C SER ZA 558 -118.87 -0.24 24.26
N ASP ZA 559 -118.51 -0.43 25.52
CA ASP ZA 559 -117.38 0.27 26.11
C ASP ZA 559 -116.08 -0.51 26.07
N VAL ZA 560 -116.09 -1.72 25.53
CA VAL ZA 560 -114.89 -2.55 25.49
C VAL ZA 560 -114.61 -2.93 24.05
N MET ZA 561 -113.37 -3.36 23.82
CA MET ZA 561 -112.88 -3.72 22.49
C MET ZA 561 -112.46 -5.18 22.53
N LEU ZA 562 -113.27 -6.07 21.97
CA LEU ZA 562 -112.94 -7.47 21.93
C LEU ZA 562 -111.92 -7.73 20.84
N THR ZA 563 -110.84 -8.43 21.17
CA THR ZA 563 -109.92 -8.90 20.16
C THR ZA 563 -110.44 -10.20 19.55
N SER ZA 564 -109.89 -10.56 18.41
CA SER ZA 564 -110.27 -11.80 17.74
C SER ZA 564 -109.02 -12.49 17.22
N GLU ZA 565 -108.86 -13.76 17.57
CA GLU ZA 565 -107.77 -14.59 17.06
C GLU ZA 565 -108.25 -15.48 15.93
N GLU ZA 566 -109.15 -15.00 15.09
CA GLU ZA 566 -109.67 -15.80 14.00
C GLU ZA 566 -108.60 -16.11 12.94
N GLU ZA 567 -107.51 -15.35 12.91
CA GLU ZA 567 -106.46 -15.61 11.93
C GLU ZA 567 -105.81 -16.96 12.13
N ILE ZA 568 -105.86 -17.51 13.34
CA ILE ZA 568 -105.22 -18.79 13.63
C ILE ZA 568 -106.20 -19.96 13.50
N LYS ZA 569 -107.38 -19.74 12.89
CA LYS ZA 569 -108.27 -20.83 12.55
C LYS ZA 569 -107.59 -21.90 11.72
N THR ZA 570 -106.62 -21.48 10.91
CA THR ZA 570 -105.97 -22.39 9.97
C THR ZA 570 -105.15 -23.45 10.69
N THR ZA 571 -104.69 -23.16 11.88
CA THR ZA 571 -103.81 -24.08 12.59
C THR ZA 571 -104.31 -24.40 13.99
N ASN ZA 572 -104.91 -23.42 14.68
CA ASN ZA 572 -105.35 -23.67 16.04
C ASN ZA 572 -106.84 -24.01 16.04
N PRO ZA 573 -107.25 -24.91 16.92
CA PRO ZA 573 -108.69 -25.21 17.05
C PRO ZA 573 -109.44 -24.01 17.57
N VAL ZA 574 -110.73 -23.94 17.22
CA VAL ZA 574 -111.58 -22.87 17.72
C VAL ZA 574 -111.74 -23.01 19.22
N ALA ZA 575 -111.62 -21.87 19.92
CA ALA ZA 575 -111.58 -21.89 21.39
C ALA ZA 575 -112.83 -22.47 22.00
N THR ZA 576 -113.97 -22.34 21.33
CA THR ZA 576 -115.26 -22.76 21.87
C THR ZA 576 -115.72 -24.10 21.32
N GLU ZA 577 -114.89 -24.77 20.54
CA GLU ZA 577 -115.23 -26.05 19.96
C GLU ZA 577 -114.33 -27.13 20.54
N GLU ZA 578 -114.77 -28.37 20.40
CA GLU ZA 578 -113.97 -29.51 20.80
C GLU ZA 578 -112.75 -29.67 19.90
N TYR ZA 579 -111.69 -30.25 20.46
CA TYR ZA 579 -110.51 -30.51 19.65
C TYR ZA 579 -110.81 -31.54 18.58
N GLY ZA 580 -111.53 -32.58 18.93
CA GLY ZA 580 -111.78 -33.64 17.99
C GLY ZA 580 -112.57 -34.76 18.65
N ILE ZA 581 -112.51 -35.93 18.02
CA ILE ZA 581 -113.28 -37.08 18.45
C ILE ZA 581 -112.33 -38.27 18.60
N VAL ZA 582 -112.45 -38.98 19.72
CA VAL ZA 582 -111.69 -40.20 19.93
C VAL ZA 582 -112.66 -41.33 20.25
N ALA ZA 583 -112.18 -42.56 20.05
CA ALA ZA 583 -112.96 -43.72 20.41
C ALA ZA 583 -113.05 -43.85 21.92
N ASP ZA 584 -114.23 -44.24 22.39
CA ASP ZA 584 -114.46 -44.39 23.83
C ASP ZA 584 -114.60 -45.84 24.26
N ASN ZA 585 -114.60 -46.79 23.33
CA ASN ZA 585 -114.78 -48.20 23.66
C ASN ZA 585 -114.14 -49.04 22.57
N LEU ZA 586 -114.35 -50.35 22.65
CA LEU ZA 586 -113.94 -51.30 21.62
C LEU ZA 586 -115.20 -51.86 21.00
N GLN ZA 587 -115.46 -51.50 19.75
CA GLN ZA 587 -116.63 -52.01 19.06
C GLN ZA 587 -116.49 -53.50 18.78
N GLN ZA 588 -117.59 -54.22 18.95
CA GLN ZA 588 -117.70 -55.62 18.59
C GLN ZA 588 -118.98 -55.81 17.80
N GLN ZA 589 -119.24 -57.05 17.39
CA GLN ZA 589 -120.47 -57.32 16.67
C GLN ZA 589 -121.70 -57.07 17.53
N ASN ZA 590 -121.55 -57.02 18.85
CA ASN ZA 590 -122.66 -56.74 19.75
C ASN ZA 590 -122.62 -55.36 20.38
N THR ZA 591 -121.49 -54.65 20.31
CA THR ZA 591 -121.38 -53.32 20.90
C THR ZA 591 -121.04 -52.32 19.81
N ALA ZA 592 -121.92 -51.36 19.59
CA ALA ZA 592 -121.67 -50.33 18.59
C ALA ZA 592 -120.53 -49.43 19.06
N PRO ZA 593 -119.72 -48.93 18.13
CA PRO ZA 593 -118.63 -48.04 18.52
C PRO ZA 593 -119.14 -46.76 19.17
N GLN ZA 594 -118.45 -46.32 20.20
CA GLN ZA 594 -118.77 -45.10 20.91
C GLN ZA 594 -117.65 -44.10 20.74
N ILE ZA 595 -118.00 -42.83 20.67
CA ILE ZA 595 -117.02 -41.78 20.44
C ILE ZA 595 -117.02 -40.84 21.64
N GLY ZA 596 -115.84 -40.32 21.95
CA GLY ZA 596 -115.67 -39.35 23.01
C GLY ZA 596 -115.27 -38.01 22.41
N THR ZA 597 -115.86 -36.95 22.95
CA THR ZA 597 -115.57 -35.60 22.50
C THR ZA 597 -114.39 -35.04 23.32
N VAL ZA 598 -113.31 -34.67 22.62
CA VAL ZA 598 -112.11 -34.18 23.28
C VAL ZA 598 -112.27 -32.67 23.47
N ASN ZA 599 -112.56 -32.26 24.70
CA ASN ZA 599 -112.69 -30.85 25.03
C ASN ZA 599 -111.42 -30.25 25.59
N SER ZA 600 -110.40 -31.07 25.85
CA SER ZA 600 -109.11 -30.59 26.32
C SER ZA 600 -108.05 -31.53 25.77
N GLN ZA 601 -107.13 -31.00 24.99
CA GLN ZA 601 -106.11 -31.80 24.35
C GLN ZA 601 -104.75 -31.18 24.60
N GLY ZA 602 -103.89 -31.90 25.31
CA GLY ZA 602 -102.52 -31.49 25.48
C GLY ZA 602 -101.70 -31.77 24.24
N ALA ZA 603 -100.41 -31.48 24.34
CA ALA ZA 603 -99.53 -31.59 23.19
C ALA ZA 603 -99.47 -33.02 22.67
N LEU ZA 604 -99.65 -33.16 21.36
CA LEU ZA 604 -99.48 -34.42 20.67
C LEU ZA 604 -98.40 -34.26 19.61
N PRO ZA 605 -97.65 -35.32 19.31
CA PRO ZA 605 -96.64 -35.23 18.25
C PRO ZA 605 -97.30 -34.90 16.92
N GLY ZA 606 -96.62 -34.09 16.13
CA GLY ZA 606 -97.16 -33.62 14.88
C GLY ZA 606 -98.11 -32.45 15.01
N MET ZA 607 -98.33 -31.95 16.21
CA MET ZA 607 -99.22 -30.81 16.41
C MET ZA 607 -98.47 -29.53 16.10
N VAL ZA 608 -99.15 -28.60 15.42
CA VAL ZA 608 -98.62 -27.28 15.14
C VAL ZA 608 -99.67 -26.26 15.55
N TRP ZA 609 -99.20 -25.08 15.94
CA TRP ZA 609 -100.12 -24.04 16.39
C TRP ZA 609 -99.45 -22.68 16.23
N GLN ZA 610 -100.28 -21.65 16.29
CA GLN ZA 610 -99.83 -20.27 16.32
C GLN ZA 610 -100.03 -19.69 17.71
N ASN ZA 611 -99.18 -18.74 18.07
CA ASN ZA 611 -99.37 -18.03 19.32
C ASN ZA 611 -100.47 -16.99 19.18
N ARG ZA 612 -100.90 -16.45 20.31
CA ARG ZA 612 -101.83 -15.34 20.30
C ARG ZA 612 -101.19 -14.13 19.63
N ASP ZA 613 -102.00 -13.36 18.92
CA ASP ZA 613 -101.52 -12.14 18.30
C ASP ZA 613 -101.15 -11.11 19.36
N VAL ZA 614 -100.22 -10.24 19.00
CA VAL ZA 614 -99.95 -9.06 19.82
C VAL ZA 614 -100.75 -7.90 19.28
N TYR ZA 615 -100.98 -6.91 20.12
CA TYR ZA 615 -101.80 -5.77 19.78
C TYR ZA 615 -101.07 -4.49 20.13
N LEU ZA 616 -101.44 -3.41 19.43
CA LEU ZA 616 -100.86 -2.11 19.73
C LEU ZA 616 -101.06 -1.74 21.19
N GLN ZA 617 -102.23 -2.06 21.73
CA GLN ZA 617 -102.53 -1.82 23.14
C GLN ZA 617 -102.09 -2.95 24.05
N GLY ZA 618 -101.62 -4.07 23.50
CA GLY ZA 618 -101.34 -5.24 24.29
C GLY ZA 618 -99.95 -5.27 24.87
N PRO ZA 619 -99.68 -6.27 25.70
CA PRO ZA 619 -98.35 -6.42 26.29
C PRO ZA 619 -97.31 -6.83 25.26
N ILE ZA 620 -96.05 -6.52 25.56
CA ILE ZA 620 -94.93 -6.86 24.70
C ILE ZA 620 -94.25 -8.14 25.17
N TRP ZA 621 -93.89 -8.22 26.44
CA TRP ZA 621 -93.12 -9.33 26.95
C TRP ZA 621 -93.68 -9.78 28.29
N ALA ZA 622 -93.34 -11.00 28.66
CA ALA ZA 622 -93.55 -11.49 30.01
C ALA ZA 622 -92.31 -12.25 30.44
N LYS ZA 623 -92.05 -12.25 31.74
CA LYS ZA 623 -90.98 -13.05 32.28
C LYS ZA 623 -91.40 -14.51 32.33
N ILE ZA 624 -90.61 -15.38 31.72
CA ILE ZA 624 -90.84 -16.81 31.84
C ILE ZA 624 -90.52 -17.18 33.27
N PRO ZA 625 -91.47 -17.79 34.00
CA PRO ZA 625 -91.18 -18.17 35.39
C PRO ZA 625 -89.99 -19.12 35.46
N HIS ZA 626 -89.17 -18.92 36.48
CA HIS ZA 626 -87.99 -19.76 36.68
C HIS ZA 626 -88.45 -21.09 37.24
N THR ZA 627 -88.65 -22.07 36.37
CA THR ZA 627 -89.12 -23.39 36.75
C THR ZA 627 -88.25 -24.45 36.10
N ASP ZA 628 -88.39 -25.68 36.59
CA ASP ZA 628 -87.67 -26.80 35.99
C ASP ZA 628 -88.12 -27.04 34.57
N GLY ZA 629 -89.41 -26.97 34.32
CA GLY ZA 629 -89.94 -27.27 33.00
C GLY ZA 629 -90.99 -26.26 32.59
N ASN ZA 630 -91.00 -25.96 31.31
CA ASN ZA 630 -92.09 -25.23 30.69
C ASN ZA 630 -92.32 -25.81 29.31
N PHE ZA 631 -93.52 -25.62 28.80
CA PHE ZA 631 -93.86 -26.06 27.45
C PHE ZA 631 -94.24 -24.84 26.64
N HIS ZA 632 -93.51 -24.59 25.56
CA HIS ZA 632 -93.71 -23.46 24.67
C HIS ZA 632 -93.89 -22.18 25.48
N PRO ZA 633 -92.84 -21.67 26.11
CA PRO ZA 633 -93.00 -20.56 27.05
C PRO ZA 633 -93.30 -19.25 26.37
N SER ZA 634 -94.33 -19.22 25.57
CA SER ZA 634 -94.84 -17.98 25.00
C SER ZA 634 -95.97 -17.45 25.88
N PRO ZA 635 -95.90 -16.21 26.32
CA PRO ZA 635 -96.90 -15.70 27.26
C PRO ZA 635 -98.31 -15.79 26.68
N LEU ZA 636 -99.26 -16.17 27.52
CA LEU ZA 636 -100.60 -16.48 27.02
C LEU ZA 636 -101.36 -15.24 26.60
N MET ZA 637 -101.17 -14.10 27.27
CA MET ZA 637 -101.78 -12.88 26.77
C MET ZA 637 -101.02 -12.28 25.60
N GLY ZA 638 -100.07 -13.00 25.04
CA GLY ZA 638 -99.38 -12.58 23.84
C GLY ZA 638 -98.07 -11.89 24.16
N GLY ZA 639 -97.17 -11.92 23.19
CA GLY ZA 639 -95.90 -11.26 23.31
C GLY ZA 639 -94.73 -12.23 23.36
N PHE ZA 640 -93.62 -11.73 23.87
CA PHE ZA 640 -92.36 -12.45 23.88
C PHE ZA 640 -92.08 -12.97 25.28
N GLY ZA 641 -91.87 -14.27 25.39
CA GLY ZA 641 -91.47 -14.85 26.66
C GLY ZA 641 -89.97 -14.73 26.83
N LEU ZA 642 -89.53 -14.10 27.90
CA LEU ZA 642 -88.12 -13.86 28.13
C LEU ZA 642 -87.71 -14.45 29.47
N LYS ZA 643 -86.64 -15.23 29.47
CA LYS ZA 643 -86.06 -15.68 30.73
C LYS ZA 643 -85.53 -14.51 31.53
N HIS ZA 644 -84.92 -13.54 30.84
CA HIS ZA 644 -84.37 -12.34 31.46
C HIS ZA 644 -84.99 -11.14 30.76
N PRO ZA 645 -86.19 -10.75 31.16
CA PRO ZA 645 -86.89 -9.66 30.50
C PRO ZA 645 -86.25 -8.33 30.85
N PRO ZA 646 -86.71 -7.23 30.26
CA PRO ZA 646 -86.26 -5.92 30.70
C PRO ZA 646 -86.45 -5.77 32.19
N PRO ZA 647 -85.41 -5.36 32.92
CA PRO ZA 647 -85.50 -5.35 34.38
C PRO ZA 647 -86.50 -4.33 34.87
N GLN ZA 648 -87.10 -4.63 36.01
CA GLN ZA 648 -87.96 -3.67 36.67
C GLN ZA 648 -87.14 -2.45 37.08
N ILE ZA 649 -87.68 -1.27 36.80
CA ILE ZA 649 -87.04 -0.02 37.15
C ILE ZA 649 -87.84 0.57 38.30
N LEU ZA 650 -87.26 0.55 39.49
CA LEU ZA 650 -87.93 0.99 40.70
C LEU ZA 650 -87.50 2.41 41.01
N ILE ZA 651 -88.47 3.26 41.35
CA ILE ZA 651 -88.22 4.66 41.62
C ILE ZA 651 -88.97 5.06 42.87
N LYS ZA 652 -88.34 5.88 43.70
CA LYS ZA 652 -88.94 6.32 44.94
C LYS ZA 652 -88.44 7.71 45.28
N ASN ZA 653 -89.33 8.53 45.82
CA ASN ZA 653 -88.91 9.79 46.43
C ASN ZA 653 -88.21 9.48 47.75
N THR ZA 654 -86.99 9.95 47.90
CA THR ZA 654 -86.29 9.76 49.15
C THR ZA 654 -87.03 10.50 50.26
N PRO ZA 655 -87.36 9.85 51.36
CA PRO ZA 655 -88.08 10.55 52.43
C PRO ZA 655 -87.24 11.69 52.98
N VAL ZA 656 -87.89 12.84 53.15
CA VAL ZA 656 -87.27 14.01 53.75
C VAL ZA 656 -88.00 14.28 55.07
N PRO ZA 657 -87.39 13.99 56.21
CA PRO ZA 657 -88.07 14.20 57.49
C PRO ZA 657 -88.43 15.67 57.69
N ALA ZA 658 -89.57 15.88 58.34
CA ALA ZA 658 -89.85 17.20 58.89
C ALA ZA 658 -88.94 17.42 60.09
N ASP ZA 659 -89.12 18.55 60.77
CA ASP ZA 659 -88.21 18.88 61.87
C ASP ZA 659 -88.36 17.85 62.98
N PRO ZA 660 -87.28 17.15 63.34
CA PRO ZA 660 -87.36 16.20 64.44
C PRO ZA 660 -87.44 16.93 65.77
N PRO ZA 661 -87.84 16.25 66.84
CA PRO ZA 661 -87.83 16.89 68.16
C PRO ZA 661 -86.41 17.22 68.58
N THR ZA 662 -86.29 18.19 69.48
CA THR ZA 662 -84.99 18.61 69.97
C THR ZA 662 -84.44 17.72 71.07
N THR ZA 663 -85.23 16.75 71.54
CA THR ZA 663 -84.76 15.72 72.45
C THR ZA 663 -84.82 14.38 71.74
N PHE ZA 664 -83.82 13.55 71.96
CA PHE ZA 664 -83.70 12.32 71.19
C PHE ZA 664 -84.87 11.38 71.46
N ASN ZA 665 -85.39 10.81 70.38
CA ASN ZA 665 -86.42 9.78 70.44
C ASN ZA 665 -85.97 8.64 69.54
N GLN ZA 666 -85.94 7.42 70.08
CA GLN ZA 666 -85.48 6.27 69.32
C GLN ZA 666 -86.48 5.84 68.25
N SER ZA 667 -87.74 6.26 68.36
CA SER ZA 667 -88.76 5.81 67.44
C SER ZA 667 -88.46 6.31 66.03
N LYS ZA 668 -88.80 5.50 65.05
CA LYS ZA 668 -88.63 5.90 63.65
C LYS ZA 668 -89.44 7.16 63.37
N LEU ZA 669 -88.89 8.03 62.55
CA LEU ZA 669 -89.57 9.28 62.22
C LEU ZA 669 -90.76 8.98 61.33
N ASN ZA 670 -91.91 9.57 61.67
CA ASN ZA 670 -93.11 9.44 60.86
C ASN ZA 670 -93.60 10.78 60.33
N SER ZA 671 -92.92 11.87 60.66
CA SER ZA 671 -93.28 13.20 60.17
C SER ZA 671 -92.35 13.53 59.02
N PHE ZA 672 -92.90 13.58 57.83
CA PHE ZA 672 -92.12 13.81 56.62
C PHE ZA 672 -92.65 15.01 55.87
N ILE ZA 673 -91.74 15.67 55.16
CA ILE ZA 673 -92.13 16.75 54.26
C ILE ZA 673 -92.90 16.16 53.09
N THR ZA 674 -94.09 16.68 52.84
CA THR ZA 674 -94.90 16.19 51.73
C THR ZA 674 -94.21 16.52 50.42
N GLN ZA 675 -94.07 15.52 49.56
CA GLN ZA 675 -93.13 15.65 48.46
C GLN ZA 675 -93.57 14.76 47.32
N TYR ZA 676 -93.32 15.22 46.10
CA TYR ZA 676 -93.51 14.42 44.91
C TYR ZA 676 -92.46 14.83 43.90
N SER ZA 677 -92.18 13.95 42.95
CA SER ZA 677 -91.21 14.23 41.92
C SER ZA 677 -91.86 14.10 40.55
N THR ZA 678 -91.31 14.84 39.61
CA THR ZA 678 -91.72 14.75 38.22
C THR ZA 678 -90.46 14.79 37.37
N GLY ZA 679 -90.57 14.25 36.17
CA GLY ZA 679 -89.43 14.24 35.28
C GLY ZA 679 -89.84 13.67 33.94
N GLN ZA 680 -88.84 13.43 33.11
CA GLN ZA 680 -89.05 12.83 31.81
C GLN ZA 680 -88.41 11.44 31.80
N VAL ZA 681 -89.07 10.52 31.12
CA VAL ZA 681 -88.57 9.17 30.94
C VAL ZA 681 -88.48 8.90 29.45
N SER ZA 682 -87.34 8.38 29.01
CA SER ZA 682 -87.15 8.00 27.63
C SER ZA 682 -86.86 6.52 27.57
N VAL ZA 683 -87.57 5.81 26.70
CA VAL ZA 683 -87.28 4.40 26.42
C VAL ZA 683 -87.11 4.25 24.92
N GLU ZA 684 -85.99 3.69 24.52
CA GLU ZA 684 -85.68 3.43 23.12
C GLU ZA 684 -85.56 1.93 22.93
N ILE ZA 685 -86.36 1.37 22.04
CA ILE ZA 685 -86.29 -0.05 21.73
C ILE ZA 685 -85.95 -0.21 20.27
N GLU ZA 686 -84.95 -1.03 19.98
CA GLU ZA 686 -84.63 -1.42 18.62
C GLU ZA 686 -85.31 -2.75 18.34
N TRP ZA 687 -86.10 -2.79 17.28
CA TRP ZA 687 -86.81 -4.00 16.87
C TRP ZA 687 -86.21 -4.51 15.58
N GLU ZA 688 -86.02 -5.82 15.50
CA GLU ZA 688 -85.63 -6.47 14.25
C GLU ZA 688 -86.88 -6.88 13.51
N LEU ZA 689 -86.87 -6.68 12.20
CA LEU ZA 689 -88.02 -6.96 11.35
C LEU ZA 689 -87.76 -8.18 10.49
N GLN ZA 690 -88.79 -8.99 10.29
CA GLN ZA 690 -88.79 -10.05 9.30
C GLN ZA 690 -89.58 -9.56 8.08
N LYS ZA 691 -88.87 -9.20 7.03
CA LYS ZA 691 -89.52 -8.72 5.82
C LYS ZA 691 -90.28 -9.86 5.15
N GLU ZA 692 -91.46 -9.54 4.62
CA GLU ZA 692 -92.24 -10.53 3.89
C GLU ZA 692 -91.62 -10.76 2.53
N ASN ZA 693 -91.40 -12.02 2.20
CA ASN ZA 693 -90.88 -12.41 0.89
C ASN ZA 693 -91.90 -13.35 0.28
N SER ZA 694 -92.91 -12.77 -0.36
CA SER ZA 694 -94.10 -13.48 -0.78
C SER ZA 694 -94.29 -13.39 -2.28
N LYS ZA 695 -94.68 -14.50 -2.89
CA LYS ZA 695 -94.99 -14.55 -4.30
C LYS ZA 695 -96.48 -14.54 -4.56
N ARG ZA 696 -97.26 -14.18 -3.55
CA ARG ZA 696 -98.70 -14.01 -3.73
C ARG ZA 696 -98.99 -12.99 -4.82
N TRP ZA 697 -99.91 -13.33 -5.72
CA TRP ZA 697 -100.21 -12.46 -6.84
C TRP ZA 697 -101.22 -11.39 -6.47
N ASN ZA 698 -102.32 -11.78 -5.85
CA ASN ZA 698 -103.38 -10.86 -5.52
C ASN ZA 698 -102.98 -9.98 -4.34
N PRO ZA 699 -103.58 -8.79 -4.20
CA PRO ZA 699 -103.22 -7.91 -3.09
C PRO ZA 699 -103.54 -8.52 -1.74
N GLU ZA 700 -102.72 -8.17 -0.75
CA GLU ZA 700 -102.90 -8.65 0.60
C GLU ZA 700 -103.93 -7.80 1.35
N ILE ZA 701 -104.39 -8.33 2.47
CA ILE ZA 701 -105.17 -7.54 3.41
C ILE ZA 701 -104.22 -6.63 4.18
N GLN ZA 702 -104.57 -5.35 4.28
CA GLN ZA 702 -103.75 -4.38 4.98
C GLN ZA 702 -104.61 -3.66 6.00
N TYR ZA 703 -104.01 -3.29 7.11
CA TYR ZA 703 -104.70 -2.41 8.02
C TYR ZA 703 -104.76 -1.01 7.42
N THR ZA 704 -105.95 -0.44 7.36
CA THR ZA 704 -106.15 0.87 6.78
C THR ZA 704 -107.12 1.66 7.63
N SER ZA 705 -106.94 2.96 7.66
CA SER ZA 705 -107.95 3.82 8.25
C SER ZA 705 -109.16 3.91 7.32
N ASN ZA 706 -110.31 4.15 7.90
CA ASN ZA 706 -111.52 4.29 7.10
C ASN ZA 706 -111.47 5.57 6.29
N TYR ZA 707 -111.83 5.48 5.02
CA TYR ZA 707 -111.79 6.64 4.14
C TYR ZA 707 -112.95 7.59 4.39
N TYR ZA 708 -114.07 7.08 4.85
CA TYR ZA 708 -115.28 7.87 4.99
C TYR ZA 708 -115.14 8.90 6.11
N LYS ZA 709 -115.89 9.99 5.99
CA LYS ZA 709 -115.80 11.09 6.94
C LYS ZA 709 -116.29 10.67 8.33
N SER ZA 710 -115.80 11.37 9.35
CA SER ZA 710 -116.17 11.08 10.71
C SER ZA 710 -116.01 12.34 11.55
N THR ZA 711 -116.65 12.33 12.72
CA THR ZA 711 -116.58 13.48 13.61
C THR ZA 711 -115.15 13.75 14.08
N SER ZA 712 -114.39 12.69 14.32
CA SER ZA 712 -113.03 12.82 14.80
C SER ZA 712 -112.13 11.86 14.04
N VAL ZA 713 -110.84 12.18 14.04
CA VAL ZA 713 -109.85 11.30 13.44
C VAL ZA 713 -109.57 10.14 14.39
N ASP ZA 714 -109.57 8.93 13.87
CA ASP ZA 714 -109.23 7.77 14.66
C ASP ZA 714 -107.77 7.85 15.12
N PHE ZA 715 -107.51 7.45 16.36
CA PHE ZA 715 -106.20 7.55 16.97
C PHE ZA 715 -105.70 9.00 16.98
N ALA ZA 716 -106.58 9.89 17.41
CA ALA ZA 716 -106.26 11.29 17.59
C ALA ZA 716 -106.97 11.78 18.85
N VAL ZA 717 -106.86 13.05 19.11
CA VAL ZA 717 -107.53 13.65 20.26
C VAL ZA 717 -108.89 14.15 19.81
N ASN ZA 718 -109.82 14.23 20.74
CA ASN ZA 718 -111.13 14.82 20.47
C ASN ZA 718 -111.07 16.31 20.80
N THR ZA 719 -112.23 16.96 20.85
CA THR ZA 719 -112.28 18.40 21.13
C THR ZA 719 -111.85 18.72 22.55
N GLU ZA 720 -111.85 17.75 23.45
CA GLU ZA 720 -111.45 17.97 24.83
C GLU ZA 720 -110.00 17.59 25.10
N GLY ZA 721 -109.26 17.21 24.08
CA GLY ZA 721 -107.88 16.84 24.28
C GLY ZA 721 -107.64 15.41 24.71
N VAL ZA 722 -108.67 14.58 24.70
CA VAL ZA 722 -108.55 13.19 25.14
C VAL ZA 722 -108.11 12.34 23.95
N TYR ZA 723 -106.95 11.71 24.08
CA TYR ZA 723 -106.52 10.75 23.10
C TYR ZA 723 -107.22 9.42 23.32
N SER ZA 724 -107.70 8.81 22.25
CA SER ZA 724 -108.40 7.54 22.35
C SER ZA 724 -107.91 6.60 21.27
N GLU ZA 725 -107.90 5.31 21.59
CA GLU ZA 725 -107.63 4.27 20.62
C GLU ZA 725 -108.95 3.60 20.28
N PRO ZA 726 -109.50 3.80 19.09
CA PRO ZA 726 -110.87 3.35 18.83
C PRO ZA 726 -111.01 1.85 18.70
N ARG ZA 727 -109.96 1.14 18.32
CA ARG ZA 727 -110.05 -0.30 18.09
C ARG ZA 727 -108.73 -0.93 18.48
N PRO ZA 728 -108.72 -2.22 18.82
CA PRO ZA 728 -107.45 -2.93 19.00
C PRO ZA 728 -106.89 -3.35 17.65
N ILE ZA 729 -105.72 -2.83 17.32
CA ILE ZA 729 -105.08 -3.19 16.06
C ILE ZA 729 -104.23 -4.43 16.31
N GLY ZA 730 -104.59 -5.53 15.68
CA GLY ZA 730 -103.79 -6.73 15.74
C GLY ZA 730 -102.52 -6.58 14.94
N THR ZA 731 -101.92 -7.71 14.59
CA THR ZA 731 -100.64 -7.68 13.92
C THR ZA 731 -100.64 -8.53 12.65
N ARG ZA 732 -101.65 -9.37 12.46
CA ARG ZA 732 -101.64 -10.38 11.41
C ARG ZA 732 -102.51 -9.90 10.24
N TYR ZA 733 -101.88 -9.30 9.26
CA TYR ZA 733 -102.55 -8.86 8.04
C TYR ZA 733 -101.94 -9.47 6.79
N LEU ZA 734 -100.62 -9.58 6.72
CA LEU ZA 734 -99.97 -10.29 5.64
C LEU ZA 734 -100.22 -11.79 5.78
N THR ZA 735 -99.95 -12.52 4.72
CA THR ZA 735 -100.22 -13.95 4.69
C THR ZA 735 -98.96 -14.74 4.35
N ARG ZA 736 -98.92 -15.97 4.86
CA ARG ZA 736 -97.91 -16.94 4.49
C ARG ZA 736 -98.59 -18.27 4.21
N ASN ZA 737 -97.95 -19.08 3.38
CA ASN ZA 737 -98.35 -20.46 3.27
C ASN ZA 737 -97.95 -21.22 4.53
N LEU ZA 738 -98.62 -22.34 4.76
CA LEU ZA 738 -98.27 -23.16 5.91
C LEU ZA 738 -97.00 -23.95 5.62
N GLY AB 221 -49.39 -56.95 44.07
CA GLY AB 221 -48.83 -57.88 45.03
C GLY AB 221 -49.84 -58.39 46.04
N VAL AB 222 -49.60 -59.62 46.51
CA VAL AB 222 -50.49 -60.21 47.51
C VAL AB 222 -50.45 -59.40 48.80
N GLY AB 223 -49.27 -59.00 49.24
CA GLY AB 223 -49.10 -58.33 50.51
C GLY AB 223 -49.12 -56.83 50.48
N SER AB 224 -49.55 -56.20 49.39
CA SER AB 224 -49.61 -54.76 49.30
C SER AB 224 -51.03 -54.32 48.98
N SER AB 225 -51.48 -53.26 49.66
CA SER AB 225 -52.79 -52.72 49.41
C SER AB 225 -52.86 -52.08 48.02
N SER AB 226 -53.97 -52.28 47.33
CA SER AB 226 -54.17 -51.71 46.01
C SER AB 226 -54.94 -50.41 46.03
N GLY AB 227 -55.28 -49.90 47.20
CA GLY AB 227 -55.96 -48.63 47.30
C GLY AB 227 -56.23 -48.29 48.75
N ASN AB 228 -56.53 -47.02 48.98
CA ASN AB 228 -56.77 -46.50 50.30
C ASN AB 228 -58.25 -46.19 50.49
N TRP AB 229 -58.64 -46.07 51.76
CA TRP AB 229 -60.01 -45.70 52.10
C TRP AB 229 -60.19 -44.20 51.89
N HIS AB 230 -61.16 -43.83 51.06
CA HIS AB 230 -61.41 -42.44 50.71
C HIS AB 230 -62.90 -42.15 50.92
N CYS AB 231 -63.26 -41.79 52.14
CA CYS AB 231 -64.58 -41.24 52.44
C CYS AB 231 -64.37 -39.80 52.87
N ASP AB 232 -64.97 -38.87 52.14
CA ASP AB 232 -64.74 -37.45 52.39
C ASP AB 232 -65.70 -36.65 51.55
N SER AB 233 -65.83 -35.38 51.90
CA SER AB 233 -66.54 -34.41 51.07
C SER AB 233 -65.79 -33.09 51.17
N THR AB 234 -65.35 -32.57 50.04
CA THR AB 234 -64.62 -31.31 50.00
C THR AB 234 -65.48 -30.28 49.30
N TRP AB 235 -65.80 -29.20 50.01
CA TRP AB 235 -66.56 -28.10 49.46
C TRP AB 235 -65.59 -27.00 49.07
N LEU AB 236 -65.56 -26.66 47.78
CA LEU AB 236 -64.60 -25.69 47.27
C LEU AB 236 -65.33 -24.84 46.23
N GLY AB 237 -65.68 -23.62 46.61
CA GLY AB 237 -66.36 -22.73 45.69
C GLY AB 237 -67.72 -23.25 45.30
N ASP AB 238 -67.95 -23.35 44.00
CA ASP AB 238 -69.22 -23.83 43.46
C ASP AB 238 -69.21 -25.34 43.22
N ARG AB 239 -68.23 -26.05 43.76
CA ARG AB 239 -68.15 -27.50 43.64
C ARG AB 239 -68.17 -28.15 45.01
N VAL AB 240 -68.74 -29.32 45.07
CA VAL AB 240 -68.55 -30.23 46.20
C VAL AB 240 -68.15 -31.58 45.63
N ILE AB 241 -67.07 -32.15 46.16
CA ILE AB 241 -66.58 -33.44 45.71
C ILE AB 241 -66.85 -34.42 46.83
N THR AB 242 -67.82 -35.30 46.63
CA THR AB 242 -68.10 -36.38 47.56
C THR AB 242 -67.33 -37.61 47.12
N THR AB 243 -66.63 -38.23 48.05
CA THR AB 243 -66.00 -39.52 47.81
C THR AB 243 -66.42 -40.45 48.92
N SER AB 244 -66.79 -41.68 48.55
CA SER AB 244 -67.27 -42.64 49.52
C SER AB 244 -66.64 -43.99 49.22
N THR AB 245 -66.17 -44.66 50.27
CA THR AB 245 -65.62 -45.99 50.18
C THR AB 245 -66.47 -46.93 51.00
N ARG AB 246 -66.71 -48.12 50.46
CA ARG AB 246 -67.46 -49.14 51.16
C ARG AB 246 -66.77 -50.48 50.97
N THR AB 247 -66.98 -51.37 51.93
CA THR AB 247 -66.56 -52.75 51.79
C THR AB 247 -67.72 -53.56 51.24
N TRP AB 248 -67.46 -54.30 50.17
CA TRP AB 248 -68.48 -55.11 49.52
C TRP AB 248 -68.13 -56.58 49.65
N ALA AB 249 -69.13 -57.42 49.48
CA ALA AB 249 -68.95 -58.86 49.38
C ALA AB 249 -69.74 -59.36 48.18
N LEU AB 250 -69.07 -60.07 47.28
CA LEU AB 250 -69.72 -60.58 46.09
C LEU AB 250 -69.78 -62.10 46.16
N PRO AB 251 -70.95 -62.70 46.28
CA PRO AB 251 -71.06 -64.16 46.22
C PRO AB 251 -71.00 -64.64 44.78
N THR AB 252 -70.97 -65.95 44.64
CA THR AB 252 -71.22 -66.56 43.34
C THR AB 252 -72.72 -66.62 43.14
N TYR AB 253 -73.20 -65.97 42.08
CA TYR AB 253 -74.62 -65.93 41.78
C TYR AB 253 -74.95 -67.01 40.75
N ASN AB 254 -76.12 -67.64 40.93
CA ASN AB 254 -76.69 -68.56 39.96
C ASN AB 254 -75.83 -69.78 39.72
N ASN AB 255 -74.86 -70.07 40.58
CA ASN AB 255 -73.88 -71.13 40.34
C ASN AB 255 -73.19 -70.95 39.00
N HIS AB 256 -72.82 -69.70 38.69
CA HIS AB 256 -72.12 -69.31 37.48
C HIS AB 256 -72.96 -69.48 36.23
N LEU AB 257 -74.27 -69.61 36.35
CA LEU AB 257 -75.12 -69.90 35.21
C LEU AB 257 -75.96 -68.69 34.82
N TYR AB 258 -76.31 -68.62 33.55
CA TYR AB 258 -77.37 -67.74 33.08
C TYR AB 258 -78.65 -68.55 33.08
N LYS AB 259 -79.67 -68.05 33.77
CA LYS AB 259 -80.94 -68.75 33.87
C LYS AB 259 -82.03 -67.89 33.26
N GLN AB 260 -82.81 -68.48 32.37
CA GLN AB 260 -84.03 -67.83 31.92
C GLN AB 260 -85.03 -67.78 33.07
N ILE AB 261 -85.60 -66.62 33.30
CA ILE AB 261 -86.59 -66.42 34.35
C ILE AB 261 -87.85 -65.87 33.71
N SER AB 262 -89.00 -66.30 34.22
CA SER AB 262 -90.28 -65.92 33.63
C SER AB 262 -91.33 -65.88 34.72
N ASN AB 263 -92.45 -65.26 34.37
CA ASN AB 263 -93.64 -65.25 35.22
C ASN AB 263 -94.83 -65.14 34.29
N GLY AB 264 -95.76 -66.09 34.39
CA GLY AB 264 -96.93 -66.13 33.55
C GLY AB 264 -98.20 -66.02 34.36
N THR AB 265 -99.32 -66.11 33.65
CA THR AB 265 -100.63 -66.05 34.28
C THR AB 265 -101.08 -67.41 34.77
N ALA AB 269 -100.22 -65.42 38.96
CA ALA AB 269 -99.84 -64.04 38.65
C ALA AB 269 -100.78 -63.45 37.60
N THR AB 270 -100.98 -62.14 37.68
CA THR AB 270 -101.81 -61.47 36.70
C THR AB 270 -100.99 -61.11 35.47
N ASN AB 271 -101.70 -60.77 34.39
CA ASN AB 271 -101.01 -60.37 33.17
C ASN AB 271 -100.18 -59.11 33.37
N ASP AB 272 -100.58 -58.25 34.30
CA ASP AB 272 -99.85 -57.03 34.56
C ASP AB 272 -98.45 -57.29 35.11
N ASN AB 273 -98.23 -58.47 35.69
CA ASN AB 273 -96.96 -58.79 36.33
C ASN AB 273 -96.15 -59.85 35.60
N THR AB 274 -96.53 -60.18 34.36
CA THR AB 274 -95.78 -61.17 33.61
C THR AB 274 -94.45 -60.59 33.15
N TYR AB 275 -93.46 -61.45 33.02
CA TYR AB 275 -92.17 -61.02 32.49
C TYR AB 275 -91.43 -62.23 31.92
N PHE AB 276 -90.49 -61.92 31.03
CA PHE AB 276 -89.50 -62.88 30.56
C PHE AB 276 -88.15 -62.18 30.63
N GLY AB 277 -87.16 -62.86 31.16
CA GLY AB 277 -85.86 -62.25 31.27
C GLY AB 277 -84.81 -63.27 31.60
N TYR AB 278 -83.65 -62.78 32.04
CA TYR AB 278 -82.53 -63.65 32.33
C TYR AB 278 -81.89 -63.23 33.63
N SER AB 279 -81.61 -64.22 34.48
CA SER AB 279 -80.78 -64.03 35.64
C SER AB 279 -79.35 -64.36 35.24
N THR AB 280 -78.43 -63.47 35.57
CA THR AB 280 -77.03 -63.66 35.21
C THR AB 280 -76.20 -63.98 36.44
N PRO AB 281 -75.05 -64.63 36.26
CA PRO AB 281 -74.14 -64.84 37.39
C PRO AB 281 -73.36 -63.61 37.81
N TRP AB 282 -73.67 -62.46 37.23
CA TRP AB 282 -72.91 -61.24 37.49
C TRP AB 282 -73.57 -60.41 38.58
N GLY AB 283 -72.75 -59.80 39.41
CA GLY AB 283 -73.21 -58.71 40.24
C GLY AB 283 -72.99 -57.38 39.56
N TYR AB 284 -73.50 -56.33 40.18
CA TYR AB 284 -73.28 -55.00 39.64
C TYR AB 284 -73.21 -54.00 40.79
N PHE AB 285 -72.46 -52.93 40.57
CA PHE AB 285 -72.29 -51.89 41.57
C PHE AB 285 -73.28 -50.79 41.33
N ASP AB 286 -74.02 -50.43 42.37
CA ASP AB 286 -75.01 -49.38 42.32
C ASP AB 286 -74.65 -48.32 43.36
N PHE AB 287 -74.56 -47.07 42.92
CA PHE AB 287 -74.42 -45.94 43.80
C PHE AB 287 -75.36 -44.83 43.37
N ASN AB 288 -76.56 -45.22 42.95
CA ASN AB 288 -77.56 -44.32 42.41
C ASN AB 288 -78.52 -43.81 43.47
N ARG AB 289 -78.04 -43.64 44.70
CA ARG AB 289 -78.78 -42.97 45.75
C ARG AB 289 -77.90 -41.89 46.35
N PHE AB 290 -78.53 -40.78 46.74
CA PHE AB 290 -77.75 -39.65 47.20
C PHE AB 290 -77.01 -39.94 48.50
N HIS AB 291 -77.58 -40.77 49.37
CA HIS AB 291 -76.90 -41.07 50.62
C HIS AB 291 -75.69 -41.97 50.44
N CYS AB 292 -75.50 -42.54 49.25
CA CYS AB 292 -74.25 -43.22 48.96
C CYS AB 292 -73.08 -42.25 48.89
N HIS AB 293 -73.34 -40.97 48.73
CA HIS AB 293 -72.32 -39.96 48.52
C HIS AB 293 -72.37 -38.84 49.53
N PHE AB 294 -73.55 -38.42 49.95
CA PHE AB 294 -73.70 -37.33 50.89
C PHE AB 294 -74.02 -37.89 52.27
N SER AB 295 -73.21 -37.49 53.25
CA SER AB 295 -73.60 -37.67 54.64
C SER AB 295 -74.79 -36.77 54.93
N PRO AB 296 -75.59 -37.09 55.96
CA PRO AB 296 -76.71 -36.22 56.29
C PRO AB 296 -76.30 -34.78 56.55
N ARG AB 297 -75.15 -34.57 57.20
CA ARG AB 297 -74.65 -33.23 57.39
C ARG AB 297 -74.26 -32.57 56.07
N ASP AB 298 -73.63 -33.34 55.18
CA ASP AB 298 -73.31 -32.81 53.86
C ASP AB 298 -74.57 -32.48 53.08
N TRP AB 299 -75.58 -33.34 53.19
CA TRP AB 299 -76.87 -33.05 52.55
C TRP AB 299 -77.47 -31.76 53.10
N GLN AB 300 -77.38 -31.56 54.41
CA GLN AB 300 -77.86 -30.31 55.01
C GLN AB 300 -77.09 -29.11 54.47
N ARG AB 301 -75.76 -29.23 54.39
CA ARG AB 301 -74.96 -28.16 53.81
C ARG AB 301 -75.40 -27.85 52.39
N LEU AB 302 -75.68 -28.88 51.61
CA LEU AB 302 -76.09 -28.69 50.22
C LEU AB 302 -77.44 -28.01 50.14
N ILE AB 303 -78.44 -28.52 50.86
CA ILE AB 303 -79.80 -28.07 50.66
C ILE AB 303 -80.11 -26.76 51.36
N ASN AB 304 -79.36 -26.40 52.40
CA ASN AB 304 -79.65 -25.16 53.12
C ASN AB 304 -78.98 -23.95 52.48
N ASN AB 305 -78.11 -24.15 51.51
CA ASN AB 305 -77.26 -23.07 51.02
C ASN AB 305 -77.20 -22.95 49.50
N ASN AB 306 -77.82 -23.85 48.77
CA ASN AB 306 -77.70 -23.88 47.32
C ASN AB 306 -79.07 -23.93 46.68
N TRP AB 307 -79.24 -23.17 45.59
CA TRP AB 307 -80.47 -23.21 44.82
C TRP AB 307 -80.50 -24.40 43.88
N GLY AB 308 -79.37 -25.03 43.62
CA GLY AB 308 -79.35 -26.15 42.71
C GLY AB 308 -78.01 -26.85 42.74
N PHE AB 309 -78.00 -28.05 42.18
CA PHE AB 309 -76.79 -28.83 42.08
C PHE AB 309 -76.97 -29.82 40.95
N ARG AB 310 -75.85 -30.35 40.46
CA ARG AB 310 -75.87 -31.35 39.41
C ARG AB 310 -74.55 -32.09 39.43
N PRO AB 311 -74.54 -33.38 39.10
CA PRO AB 311 -73.27 -34.09 39.00
C PRO AB 311 -72.48 -33.63 37.80
N LYS AB 312 -71.17 -33.63 37.94
CA LYS AB 312 -70.26 -33.23 36.87
C LYS AB 312 -69.42 -34.39 36.36
N ARG AB 313 -68.75 -35.10 37.24
CA ARG AB 313 -67.90 -36.20 36.86
C ARG AB 313 -67.87 -37.19 38.01
N LEU AB 314 -67.51 -38.43 37.69
CA LEU AB 314 -67.33 -39.43 38.73
C LEU AB 314 -66.09 -40.26 38.43
N SER AB 315 -65.46 -40.72 39.50
CA SER AB 315 -64.40 -41.71 39.40
C SER AB 315 -64.78 -42.87 40.31
N PHE AB 316 -64.51 -44.07 39.82
CA PHE AB 316 -64.92 -45.30 40.49
C PHE AB 316 -63.68 -46.17 40.66
N LYS AB 317 -63.55 -46.82 41.81
CA LYS AB 317 -62.39 -47.65 42.07
C LYS AB 317 -62.81 -48.93 42.77
N LEU AB 318 -62.23 -50.04 42.31
CA LEU AB 318 -62.30 -51.33 42.99
C LEU AB 318 -60.89 -51.71 43.39
N PHE AB 319 -60.71 -52.10 44.65
CA PHE AB 319 -59.36 -52.35 45.13
C PHE AB 319 -59.44 -53.23 46.38
N ASN AB 320 -58.27 -53.68 46.82
CA ASN AB 320 -58.14 -54.57 47.97
C ASN AB 320 -59.05 -55.79 47.82
N ILE AB 321 -59.02 -56.36 46.64
CA ILE AB 321 -59.86 -57.50 46.32
C ILE AB 321 -59.31 -58.74 47.01
N GLN AB 322 -60.20 -59.47 47.68
CA GLN AB 322 -59.87 -60.73 48.30
C GLN AB 322 -60.87 -61.77 47.82
N VAL AB 323 -60.38 -62.80 47.14
CA VAL AB 323 -61.21 -63.91 46.72
C VAL AB 323 -60.99 -65.04 47.70
N LYS AB 324 -62.08 -65.54 48.28
CA LYS AB 324 -61.99 -66.49 49.37
C LYS AB 324 -62.68 -67.79 48.99
N GLU AB 325 -62.06 -68.89 49.36
CA GLU AB 325 -62.60 -70.22 49.12
C GLU AB 325 -63.20 -70.75 50.41
N VAL AB 326 -64.41 -71.27 50.33
CA VAL AB 326 -65.09 -71.85 51.49
C VAL AB 326 -65.34 -73.32 51.21
N THR AB 327 -64.94 -74.18 52.15
CA THR AB 327 -65.08 -75.61 52.01
C THR AB 327 -66.05 -76.19 53.02
N LYS AB 333 -67.10 -75.76 58.32
CA LYS AB 333 -66.85 -74.76 57.29
C LYS AB 333 -65.59 -73.96 57.58
N THR AB 334 -64.68 -73.95 56.62
CA THR AB 334 -63.46 -73.16 56.70
C THR AB 334 -63.38 -72.23 55.50
N ILE AB 335 -62.96 -70.99 55.74
CA ILE AB 335 -62.79 -70.00 54.69
C ILE AB 335 -61.30 -69.71 54.56
N ALA AB 336 -60.79 -69.83 53.34
CA ALA AB 336 -59.38 -69.61 53.08
C ALA AB 336 -59.22 -68.67 51.89
N ASN AB 337 -58.11 -67.98 51.86
CA ASN AB 337 -57.79 -67.14 50.71
C ASN AB 337 -57.49 -68.01 49.50
N ASN AB 338 -58.00 -67.59 48.34
CA ASN AB 338 -57.66 -68.23 47.05
C ASN AB 338 -56.85 -67.16 46.32
N LEU AB 339 -55.55 -67.10 46.52
CA LEU AB 339 -54.71 -66.00 46.04
C LEU AB 339 -54.69 -65.91 44.53
N THR AB 340 -54.88 -67.03 43.84
CA THR AB 340 -54.80 -67.06 42.38
C THR AB 340 -56.16 -66.91 41.71
N SER AB 341 -57.23 -66.77 42.46
CA SER AB 341 -58.55 -66.59 41.87
C SER AB 341 -58.75 -65.15 41.42
N THR AB 342 -59.63 -64.97 40.44
CA THR AB 342 -59.88 -63.67 39.86
C THR AB 342 -61.34 -63.29 40.00
N ILE AB 343 -61.58 -61.99 39.94
CA ILE AB 343 -62.90 -61.44 39.67
C ILE AB 343 -62.85 -60.77 38.31
N GLN AB 344 -63.99 -60.70 37.65
CA GLN AB 344 -64.10 -60.03 36.37
C GLN AB 344 -64.94 -58.78 36.55
N VAL AB 345 -64.42 -57.64 36.10
CA VAL AB 345 -65.10 -56.36 36.19
C VAL AB 345 -65.08 -55.71 34.83
N PHE AB 346 -66.23 -55.20 34.40
CA PHE AB 346 -66.26 -54.35 33.22
C PHE AB 346 -67.39 -53.35 33.37
N THR AB 347 -67.24 -52.23 32.70
CA THR AB 347 -68.28 -51.22 32.62
C THR AB 347 -68.94 -51.30 31.25
N ASP AB 348 -70.28 -51.27 31.25
CA ASP AB 348 -71.03 -51.20 30.00
C ASP AB 348 -70.99 -49.76 29.49
N SER AB 349 -69.80 -49.38 29.02
CA SER AB 349 -69.57 -47.99 28.63
C SER AB 349 -70.30 -47.62 27.35
N GLU AB 350 -70.60 -48.58 26.50
CA GLU AB 350 -71.38 -48.34 25.29
C GLU AB 350 -72.88 -48.53 25.51
N TYR AB 351 -73.30 -48.82 26.73
CA TYR AB 351 -74.72 -48.99 27.05
C TYR AB 351 -75.36 -50.07 26.19
N GLN AB 352 -74.62 -51.15 25.98
CA GLN AB 352 -75.10 -52.26 25.18
C GLN AB 352 -75.88 -53.28 25.99
N LEU AB 353 -75.86 -53.20 27.26
CA LEU AB 353 -76.63 -54.08 28.12
C LEU AB 353 -77.91 -53.39 28.56
N PRO AB 354 -78.96 -54.16 28.88
CA PRO AB 354 -80.13 -53.55 29.50
C PRO AB 354 -79.74 -52.81 30.77
N TYR AB 355 -80.14 -51.55 30.85
CA TYR AB 355 -79.75 -50.67 31.94
C TYR AB 355 -80.75 -50.84 33.07
N VAL AB 356 -80.35 -51.54 34.12
CA VAL AB 356 -81.23 -51.81 35.24
C VAL AB 356 -81.03 -50.86 36.41
N LEU AB 357 -80.00 -50.02 36.36
CA LEU AB 357 -79.93 -48.91 37.29
C LEU AB 357 -81.04 -47.91 36.97
N GLY AB 358 -81.35 -47.07 37.95
CA GLY AB 358 -82.45 -46.16 37.74
C GLY AB 358 -83.81 -46.81 37.83
N SER AB 359 -83.92 -47.94 38.51
CA SER AB 359 -85.21 -48.53 38.83
C SER AB 359 -85.44 -48.58 40.34
N ALA AB 360 -84.68 -47.77 41.09
CA ALA AB 360 -84.83 -47.64 42.54
C ALA AB 360 -84.68 -48.99 43.24
N HIS AB 361 -83.72 -49.78 42.80
CA HIS AB 361 -83.50 -51.10 43.37
C HIS AB 361 -82.61 -51.04 44.59
N GLN AB 362 -82.78 -52.02 45.47
CA GLN AB 362 -81.87 -52.20 46.58
C GLN AB 362 -80.51 -52.67 46.07
N GLY AB 363 -79.53 -52.65 46.96
CA GLY AB 363 -78.19 -53.06 46.61
C GLY AB 363 -77.24 -51.93 46.33
N CYS AB 364 -77.65 -50.68 46.50
CA CYS AB 364 -76.74 -49.57 46.38
C CYS AB 364 -75.75 -49.58 47.54
N LEU AB 365 -74.73 -48.74 47.42
CA LEU AB 365 -73.79 -48.55 48.51
C LEU AB 365 -74.55 -48.09 49.75
N PRO AB 366 -74.29 -48.66 50.93
CA PRO AB 366 -75.05 -48.29 52.11
C PRO AB 366 -74.80 -46.84 52.48
N PRO AB 367 -75.78 -46.16 53.07
CA PRO AB 367 -75.54 -44.79 53.51
C PRO AB 367 -74.45 -44.66 54.55
N PHE AB 368 -74.30 -45.64 55.43
CA PHE AB 368 -73.31 -45.57 56.49
C PHE AB 368 -71.99 -46.16 56.01
N PRO AB 369 -70.89 -45.40 56.05
CA PRO AB 369 -69.63 -45.91 55.50
C PRO AB 369 -69.12 -47.18 56.16
N ALA AB 370 -69.40 -47.38 57.45
CA ALA AB 370 -68.93 -48.57 58.13
C ALA AB 370 -69.70 -49.83 57.71
N ASP AB 371 -70.74 -49.67 56.91
CA ASP AB 371 -71.62 -50.79 56.61
C ASP AB 371 -71.04 -51.61 55.45
N VAL AB 372 -70.96 -52.92 55.64
CA VAL AB 372 -70.51 -53.83 54.59
C VAL AB 372 -71.75 -54.35 53.86
N PHE AB 373 -71.73 -54.25 52.54
CA PHE AB 373 -72.91 -54.57 51.75
C PHE AB 373 -72.65 -55.67 50.75
N MET AB 374 -73.71 -56.39 50.43
CA MET AB 374 -73.70 -57.45 49.44
C MET AB 374 -74.02 -56.88 48.07
N ILE AB 375 -73.25 -57.29 47.08
CA ILE AB 375 -73.44 -56.79 45.71
C ILE AB 375 -74.69 -57.43 45.11
N PRO AB 376 -75.62 -56.66 44.57
CA PRO AB 376 -76.83 -57.25 43.99
C PRO AB 376 -76.54 -58.02 42.72
N GLN AB 377 -77.37 -59.01 42.45
CA GLN AB 377 -77.22 -59.83 41.26
C GLN AB 377 -77.82 -59.13 40.04
N TYR AB 378 -77.08 -59.15 38.95
CA TYR AB 378 -77.56 -58.52 37.73
C TYR AB 378 -78.53 -59.44 37.00
N GLY AB 379 -79.71 -58.91 36.70
CA GLY AB 379 -80.65 -59.57 35.82
C GLY AB 379 -81.33 -58.52 34.96
N TYR AB 380 -81.97 -58.98 33.89
CA TYR AB 380 -82.63 -58.05 33.01
C TYR AB 380 -83.87 -58.70 32.43
N LEU AB 381 -84.75 -57.86 31.90
CA LEU AB 381 -85.96 -58.31 31.25
C LEU AB 381 -85.92 -57.96 29.78
N THR AB 382 -86.53 -58.80 28.98
CA THR AB 382 -86.67 -58.52 27.57
C THR AB 382 -88.14 -58.64 27.20
N LEU AB 383 -88.47 -58.63 25.91
CA LEU AB 383 -89.86 -58.69 25.52
C LEU AB 383 -90.48 -60.03 25.93
N ASN AB 384 -91.71 -59.97 26.42
CA ASN AB 384 -92.42 -61.16 26.84
C ASN AB 384 -93.85 -61.12 26.32
N ASN AB 385 -94.41 -62.31 26.12
CA ASN AB 385 -95.82 -62.52 25.83
C ASN AB 385 -96.28 -63.51 26.88
N GLY AB 386 -96.79 -63.00 28.00
CA GLY AB 386 -97.01 -63.85 29.14
C GLY AB 386 -95.67 -64.27 29.72
N SER AB 387 -95.49 -65.56 29.94
CA SER AB 387 -94.21 -66.09 30.39
C SER AB 387 -93.30 -66.48 29.23
N GLN AB 388 -93.75 -66.33 27.99
CA GLN AB 388 -92.99 -66.73 26.83
C GLN AB 388 -92.21 -65.56 26.27
N ALA AB 389 -91.07 -65.87 25.66
CA ALA AB 389 -90.34 -64.88 24.89
C ALA AB 389 -90.93 -64.78 23.49
N VAL AB 390 -90.63 -63.66 22.83
CA VAL AB 390 -90.96 -63.46 21.44
C VAL AB 390 -89.66 -63.47 20.64
N GLY AB 391 -89.80 -63.47 19.31
CA GLY AB 391 -88.63 -63.47 18.47
C GLY AB 391 -87.74 -62.25 18.65
N ARG AB 392 -88.31 -61.14 19.10
CA ARG AB 392 -87.54 -59.94 19.34
C ARG AB 392 -86.87 -59.92 20.71
N SER AB 393 -87.13 -60.91 21.55
CA SER AB 393 -86.48 -60.97 22.85
C SER AB 393 -84.98 -61.14 22.69
N SER AB 394 -84.23 -60.36 23.46
CA SER AB 394 -82.78 -60.35 23.37
C SER AB 394 -82.18 -61.10 24.55
N PHE AB 395 -81.23 -61.97 24.26
CA PHE AB 395 -80.43 -62.63 25.27
C PHE AB 395 -79.03 -62.03 25.25
N TYR AB 396 -78.52 -61.64 26.41
CA TYR AB 396 -77.20 -61.05 26.52
C TYR AB 396 -76.32 -61.93 27.39
N CYS AB 397 -75.16 -62.30 26.85
CA CYS AB 397 -74.13 -62.96 27.62
C CYS AB 397 -73.13 -61.91 28.05
N LEU AB 398 -72.99 -61.72 29.36
CA LEU AB 398 -72.07 -60.70 29.84
C LEU AB 398 -70.62 -61.13 29.71
N GLU AB 399 -70.36 -62.42 29.57
CA GLU AB 399 -69.03 -62.88 29.23
C GLU AB 399 -68.63 -62.49 27.82
N TYR AB 400 -69.60 -62.14 26.97
CA TYR AB 400 -69.33 -61.68 25.63
C TYR AB 400 -68.80 -60.25 25.60
N PHE AB 401 -68.48 -59.69 26.74
CA PHE AB 401 -67.89 -58.37 26.84
C PHE AB 401 -66.44 -58.49 27.27
N PRO AB 402 -65.57 -57.56 26.86
CA PRO AB 402 -64.23 -57.50 27.43
C PRO AB 402 -64.30 -57.11 28.90
N SER AB 403 -63.72 -57.94 29.76
CA SER AB 403 -63.70 -57.68 31.18
C SER AB 403 -62.26 -57.70 31.67
N GLN AB 404 -61.97 -56.82 32.62
CA GLN AB 404 -60.69 -56.88 33.31
C GLN AB 404 -60.78 -57.96 34.37
N MET AB 405 -59.83 -58.88 34.38
CA MET AB 405 -59.75 -59.90 35.42
C MET AB 405 -58.75 -59.46 36.47
N LEU AB 406 -59.12 -59.58 37.73
CA LEU AB 406 -58.37 -59.01 38.83
C LEU AB 406 -58.04 -60.10 39.83
N ARG AB 407 -56.77 -60.27 40.12
CA ARG AB 407 -56.37 -61.08 41.27
C ARG AB 407 -56.30 -60.17 42.49
N THR AB 408 -55.89 -60.74 43.62
CA THR AB 408 -55.95 -60.02 44.89
C THR AB 408 -55.08 -58.77 44.88
N GLY AB 409 -54.04 -58.74 44.04
CA GLY AB 409 -53.18 -57.57 43.95
C GLY AB 409 -53.62 -56.53 42.96
N ASN AB 410 -54.65 -56.78 42.18
CA ASN AB 410 -55.07 -55.88 41.14
C ASN AB 410 -56.16 -54.93 41.63
N ASN AB 411 -56.30 -53.81 40.95
CA ASN AB 411 -57.38 -52.88 41.20
C ASN AB 411 -58.00 -52.45 39.88
N PHE AB 412 -59.23 -51.98 39.96
CA PHE AB 412 -60.00 -51.53 38.81
C PHE AB 412 -60.43 -50.09 39.05
N GLN AB 413 -60.37 -49.29 38.00
CA GLN AB 413 -60.85 -47.92 38.13
C GLN AB 413 -61.26 -47.39 36.77
N PHE AB 414 -62.23 -46.48 36.79
CA PHE AB 414 -62.61 -45.77 35.59
C PHE AB 414 -63.18 -44.41 36.00
N THR AB 415 -63.16 -43.49 35.06
CA THR AB 415 -63.72 -42.16 35.26
C THR AB 415 -64.85 -41.95 34.27
N TYR AB 416 -65.82 -41.14 34.66
CA TYR AB 416 -66.98 -40.85 33.85
C TYR AB 416 -67.31 -39.38 33.99
N THR AB 417 -67.69 -38.76 32.88
CA THR AB 417 -68.12 -37.37 32.89
C THR AB 417 -69.61 -37.30 32.60
N PHE AB 418 -70.34 -36.65 33.49
CA PHE AB 418 -71.77 -36.45 33.26
C PHE AB 418 -71.98 -35.47 32.12
N GLU AB 419 -73.00 -35.75 31.31
CA GLU AB 419 -73.39 -34.80 30.28
C GLU AB 419 -73.96 -33.54 30.94
N ASP AB 420 -74.05 -32.48 30.15
CA ASP AB 420 -74.63 -31.24 30.65
C ASP AB 420 -76.10 -31.47 30.98
N VAL AB 421 -76.40 -31.50 32.27
CA VAL AB 421 -77.76 -31.78 32.75
C VAL AB 421 -78.22 -30.51 33.46
N PRO AB 422 -79.51 -30.19 33.46
CA PRO AB 422 -79.96 -29.01 34.20
C PRO AB 422 -79.75 -29.19 35.70
N PHE AB 423 -79.50 -28.08 36.38
CA PHE AB 423 -79.43 -28.10 37.83
C PHE AB 423 -80.75 -28.58 38.40
N HIS AB 424 -80.69 -29.45 39.40
CA HIS AB 424 -81.90 -29.78 40.14
C HIS AB 424 -82.37 -28.56 40.92
N SER AB 425 -83.67 -28.32 40.90
CA SER AB 425 -84.24 -27.17 41.60
C SER AB 425 -84.23 -27.46 43.09
N SER AB 426 -83.17 -27.03 43.76
CA SER AB 426 -83.06 -27.20 45.21
C SER AB 426 -83.67 -26.01 45.93
N TYR AB 427 -84.89 -25.66 45.55
CA TYR AB 427 -85.57 -24.50 46.08
C TYR AB 427 -87.07 -24.69 45.92
N ALA AB 428 -87.82 -24.00 46.75
CA ALA AB 428 -89.26 -23.90 46.59
C ALA AB 428 -89.61 -22.46 46.20
N HIS AB 429 -90.62 -22.31 45.37
CA HIS AB 429 -91.00 -20.98 44.92
C HIS AB 429 -91.70 -20.23 46.05
N SER AB 430 -91.28 -18.99 46.28
CA SER AB 430 -91.92 -18.13 47.26
C SER AB 430 -93.07 -17.34 46.66
N GLN AB 431 -93.41 -17.59 45.41
CA GLN AB 431 -94.57 -17.00 44.76
C GLN AB 431 -95.38 -18.11 44.12
N SER AB 432 -96.69 -17.91 44.07
CA SER AB 432 -97.57 -18.81 43.37
C SER AB 432 -97.78 -18.34 41.94
N LEU AB 433 -98.05 -19.30 41.04
CA LEU AB 433 -98.20 -18.96 39.64
C LEU AB 433 -99.39 -18.04 39.39
N ASP AB 434 -100.45 -18.17 40.19
CA ASP AB 434 -101.63 -17.32 40.04
C ASP AB 434 -101.53 -16.04 40.85
N ARG AB 435 -100.36 -15.77 41.45
CA ARG AB 435 -100.16 -14.58 42.26
C ARG AB 435 -98.88 -13.86 41.86
N LEU AB 436 -98.63 -13.75 40.56
CA LEU AB 436 -97.44 -13.10 40.06
C LEU AB 436 -97.66 -11.62 39.75
N MET AB 437 -98.86 -11.12 39.97
CA MET AB 437 -99.23 -9.78 39.60
C MET AB 437 -99.02 -8.79 40.75
N ASN AB 438 -98.99 -7.52 40.40
CA ASN AB 438 -98.94 -6.45 41.37
C ASN AB 438 -100.29 -6.36 42.09
N PRO AB 439 -100.32 -6.51 43.41
CA PRO AB 439 -101.59 -6.49 44.13
C PRO AB 439 -102.16 -5.09 44.37
N LEU AB 440 -101.57 -4.05 43.79
CA LEU AB 440 -102.05 -2.70 44.00
C LEU AB 440 -102.64 -2.07 42.76
N ILE AB 441 -102.36 -2.60 41.58
CA ILE AB 441 -102.70 -1.98 40.32
C ILE AB 441 -103.71 -2.84 39.59
N ASP AB 442 -104.72 -2.21 39.02
CA ASP AB 442 -105.66 -2.92 38.16
C ASP AB 442 -104.99 -3.30 36.85
N GLN AB 443 -105.57 -4.29 36.20
CA GLN AB 443 -105.18 -4.61 34.84
C GLN AB 443 -105.89 -3.69 33.87
N TYR AB 444 -105.22 -3.40 32.75
CA TYR AB 444 -105.91 -2.70 31.68
C TYR AB 444 -106.75 -3.63 30.82
N LEU AB 445 -106.56 -4.94 30.97
CA LEU AB 445 -107.39 -5.90 30.27
C LEU AB 445 -108.70 -6.12 31.01
N TYR AB 446 -109.75 -6.39 30.26
CA TYR AB 446 -111.06 -6.66 30.81
C TYR AB 446 -111.36 -8.14 30.72
N TYR AB 447 -112.23 -8.60 31.62
CA TYR AB 447 -112.76 -9.95 31.56
C TYR AB 447 -114.29 -9.86 31.61
N LEU AB 448 -114.94 -10.86 31.01
CA LEU AB 448 -116.39 -10.95 31.11
C LEU AB 448 -116.79 -11.19 32.55
N SER AB 449 -117.37 -10.19 33.19
CA SER AB 449 -117.69 -10.28 34.61
C SER AB 449 -119.13 -10.66 34.89
N ARG AB 450 -120.05 -10.33 34.00
CA ARG AB 450 -121.44 -10.73 34.18
C ARG AB 450 -122.07 -10.99 32.82
N THR AB 451 -122.98 -11.97 32.79
CA THR AB 451 -123.76 -12.27 31.61
C THR AB 451 -125.24 -12.02 31.82
N GLN AB 452 -125.64 -11.57 33.00
CA GLN AB 452 -127.04 -11.36 33.34
C GLN AB 452 -127.17 -10.09 34.15
N THR AB 453 -128.21 -9.30 33.88
CA THR AB 453 -128.43 -8.05 34.58
C THR AB 453 -128.75 -8.27 36.05
N ASN AB 459 -134.33 -10.80 35.58
CA ASN AB 459 -133.08 -10.35 34.96
C ASN AB 459 -132.94 -10.91 33.56
N THR AB 460 -132.27 -10.16 32.69
CA THR AB 460 -132.12 -10.50 31.29
C THR AB 460 -130.64 -10.66 30.96
N GLN AB 461 -130.39 -11.18 29.77
CA GLN AB 461 -129.02 -11.34 29.29
C GLN AB 461 -128.36 -9.99 29.07
N THR AB 462 -127.06 -9.94 29.37
CA THR AB 462 -126.26 -8.74 29.15
C THR AB 462 -124.81 -9.19 29.04
N LEU AB 463 -123.93 -8.24 28.75
CA LEU AB 463 -122.49 -8.48 28.73
C LEU AB 463 -121.84 -7.36 29.55
N GLY AB 464 -121.41 -7.70 30.76
CA GLY AB 464 -120.69 -6.77 31.62
C GLY AB 464 -119.24 -7.19 31.70
N PHE AB 465 -118.35 -6.21 31.57
CA PHE AB 465 -116.92 -6.45 31.56
C PHE AB 465 -116.28 -5.62 32.66
N SER AB 466 -115.36 -6.23 33.40
CA SER AB 466 -114.67 -5.58 34.48
C SER AB 466 -113.17 -5.76 34.28
N GLN AB 467 -112.41 -4.85 34.88
CA GLN AB 467 -110.96 -4.95 34.87
C GLN AB 467 -110.51 -5.77 36.07
N GLY AB 468 -109.66 -6.75 35.80
CA GLY AB 468 -109.06 -7.53 36.88
C GLY AB 468 -108.24 -6.65 37.79
N GLY AB 469 -108.43 -6.80 39.08
CA GLY AB 469 -107.74 -5.98 40.04
C GLY AB 469 -107.33 -6.74 41.27
N PRO AB 470 -106.93 -6.02 42.33
CA PRO AB 470 -106.48 -6.68 43.55
C PRO AB 470 -107.52 -7.59 44.18
N ASN AB 471 -108.80 -7.30 44.00
CA ASN AB 471 -109.84 -8.10 44.62
C ASN AB 471 -110.33 -9.23 43.74
N THR AB 472 -110.39 -9.03 42.42
CA THR AB 472 -110.79 -10.07 41.48
C THR AB 472 -109.54 -10.73 40.89
N MET AB 473 -108.72 -11.26 41.78
CA MET AB 473 -107.41 -11.76 41.37
C MET AB 473 -107.53 -13.09 40.65
N ALA AB 474 -108.59 -13.86 40.92
CA ALA AB 474 -108.84 -15.08 40.17
C ALA AB 474 -109.27 -14.81 38.75
N ASN AB 475 -109.81 -13.64 38.45
CA ASN AB 475 -110.29 -13.31 37.13
C ASN AB 475 -109.23 -12.64 36.26
N GLN AB 476 -108.09 -12.28 36.82
CA GLN AB 476 -107.09 -11.51 36.08
C GLN AB 476 -106.53 -12.31 34.92
N ALA AB 477 -106.23 -11.62 33.84
CA ALA AB 477 -105.51 -12.23 32.74
C ALA AB 477 -104.11 -12.62 33.19
N LYS AB 478 -103.68 -13.83 32.81
CA LYS AB 478 -102.41 -14.36 33.26
C LYS AB 478 -101.68 -14.96 32.07
N ASN AB 479 -100.36 -15.02 32.19
CA ASN AB 479 -99.51 -15.46 31.09
C ASN AB 479 -99.19 -16.95 31.13
N TRP AB 480 -99.43 -17.64 32.24
CA TRP AB 480 -98.91 -18.98 32.41
C TRP AB 480 -99.97 -19.89 33.01
N LEU AB 481 -99.78 -21.18 32.81
CA LEU AB 481 -100.67 -22.21 33.31
C LEU AB 481 -99.89 -23.17 34.21
N PRO AB 482 -100.55 -23.78 35.18
CA PRO AB 482 -99.88 -24.79 36.01
C PRO AB 482 -99.50 -26.00 35.17
N GLY AB 483 -98.48 -26.71 35.64
CA GLY AB 483 -97.97 -27.86 34.96
C GLY AB 483 -99.02 -28.94 34.72
N PRO AB 484 -98.64 -29.97 33.98
CA PRO AB 484 -99.61 -30.99 33.59
C PRO AB 484 -100.07 -31.82 34.77
N CYS AB 485 -101.24 -32.44 34.59
CA CYS AB 485 -101.90 -33.18 35.65
C CYS AB 485 -102.25 -34.58 35.17
N TYR AB 486 -102.07 -35.56 36.06
CA TYR AB 486 -102.51 -36.93 35.83
C TYR AB 486 -103.09 -37.40 37.17
N ARG AB 487 -104.38 -37.16 37.37
CA ARG AB 487 -104.95 -37.15 38.71
C ARG AB 487 -104.81 -38.50 39.41
N GLN AB 488 -104.41 -38.45 40.67
CA GLN AB 488 -104.27 -39.61 41.53
C GLN AB 488 -105.37 -39.62 42.58
N GLN AB 489 -105.70 -40.80 43.05
CA GLN AB 489 -106.66 -40.94 44.13
C GLN AB 489 -106.05 -40.43 45.44
N ARG AB 490 -106.87 -39.77 46.25
CA ARG AB 490 -106.42 -39.21 47.51
C ARG AB 490 -106.59 -40.24 48.62
N VAL AB 491 -105.53 -40.41 49.40
CA VAL AB 491 -105.53 -41.30 50.55
C VAL AB 491 -105.16 -40.49 51.78
N SER AB 492 -105.88 -40.69 52.86
CA SER AB 492 -105.63 -40.01 54.11
C SER AB 492 -104.79 -40.90 55.02
N THR AB 493 -103.76 -40.33 55.64
CA THR AB 493 -103.02 -41.06 56.65
C THR AB 493 -103.86 -41.33 57.89
N THR AB 494 -104.92 -40.55 58.10
CA THR AB 494 -105.94 -40.88 59.08
C THR AB 494 -106.88 -41.90 58.43
N THR AB 495 -106.68 -43.17 58.76
CA THR AB 495 -107.32 -44.24 58.00
C THR AB 495 -108.84 -44.17 58.10
N GLY AB 496 -109.37 -43.66 59.21
CA GLY AB 496 -110.81 -43.54 59.34
C GLY AB 496 -111.46 -42.65 58.31
N GLN AB 497 -110.70 -41.74 57.71
CA GLN AB 497 -111.21 -40.88 56.66
C GLN AB 497 -111.19 -41.54 55.29
N ASN AB 498 -110.59 -42.72 55.16
CA ASN AB 498 -110.53 -43.42 53.89
C ASN AB 498 -111.74 -44.31 53.70
N ASN AB 499 -112.04 -44.60 52.44
CA ASN AB 499 -113.11 -45.54 52.11
C ASN AB 499 -112.75 -46.92 52.64
N ASN AB 500 -113.75 -47.61 53.20
CA ASN AB 500 -113.53 -48.95 53.75
C ASN AB 500 -113.56 -49.97 52.61
N SER AB 501 -112.48 -49.96 51.83
CA SER AB 501 -112.30 -50.91 50.74
C SER AB 501 -110.82 -50.98 50.42
N ASN AB 502 -110.45 -52.04 49.70
CA ASN AB 502 -109.07 -52.23 49.27
C ASN AB 502 -108.97 -51.67 47.86
N PHE AB 503 -108.57 -50.40 47.75
CA PHE AB 503 -108.56 -49.69 46.49
C PHE AB 503 -107.17 -49.25 46.07
N ALA AB 504 -106.12 -49.78 46.67
CA ALA AB 504 -104.77 -49.35 46.32
C ALA AB 504 -104.48 -49.64 44.85
N TRP AB 505 -104.91 -50.79 44.36
CA TRP AB 505 -104.73 -51.14 42.95
C TRP AB 505 -105.94 -50.79 42.09
N THR AB 506 -107.15 -51.10 42.56
CA THR AB 506 -108.33 -50.85 41.74
C THR AB 506 -108.53 -49.37 41.47
N ALA AB 507 -108.31 -48.53 42.47
CA ALA AB 507 -108.37 -47.08 42.29
C ALA AB 507 -107.02 -46.46 41.98
N GLY AB 508 -105.99 -47.28 41.80
CA GLY AB 508 -104.69 -46.75 41.50
C GLY AB 508 -104.65 -46.04 40.16
N THR AB 509 -103.83 -45.01 40.08
CA THR AB 509 -103.64 -44.27 38.85
C THR AB 509 -102.62 -45.00 37.99
N LYS AB 510 -103.03 -45.43 36.81
CA LYS AB 510 -102.28 -46.39 36.03
C LYS AB 510 -102.09 -45.88 34.61
N TYR AB 511 -101.08 -46.44 33.95
CA TYR AB 511 -100.97 -46.34 32.51
C TYR AB 511 -101.09 -47.73 31.90
N HIS AB 512 -101.47 -47.76 30.63
CA HIS AB 512 -101.74 -48.98 29.91
C HIS AB 512 -100.71 -49.12 28.80
N LEU AB 513 -100.00 -50.25 28.79
CA LEU AB 513 -98.95 -50.48 27.81
C LEU AB 513 -99.01 -51.94 27.38
N ASN AB 514 -99.30 -52.17 26.10
CA ASN AB 514 -99.35 -53.51 25.52
C ASN AB 514 -100.25 -54.44 26.32
N GLY AB 515 -101.45 -53.96 26.62
CA GLY AB 515 -102.39 -54.75 27.38
C GLY AB 515 -102.02 -55.00 28.82
N ARG AB 516 -101.00 -54.32 29.33
CA ARG AB 516 -100.53 -54.48 30.70
C ARG AB 516 -100.77 -53.18 31.45
N ASN AB 517 -101.33 -53.29 32.64
CA ASN AB 517 -101.57 -52.13 33.48
C ASN AB 517 -100.44 -51.99 34.49
N SER AB 518 -99.87 -50.80 34.57
CA SER AB 518 -98.82 -50.50 35.52
C SER AB 518 -99.18 -49.21 36.22
N LEU AB 519 -98.93 -49.15 37.53
CA LEU AB 519 -99.16 -47.91 38.26
C LEU AB 519 -98.31 -46.79 37.70
N ALA AB 520 -98.92 -45.61 37.56
CA ALA AB 520 -98.18 -44.39 37.26
C ALA AB 520 -97.57 -43.91 38.56
N ASN AB 521 -96.49 -44.61 38.96
CA ASN AB 521 -95.94 -44.50 40.29
C ASN AB 521 -94.48 -44.08 40.22
N PRO AB 522 -94.09 -42.90 40.72
CA PRO AB 522 -94.99 -41.95 41.37
C PRO AB 522 -95.71 -41.03 40.39
N GLY AB 523 -95.49 -41.25 39.10
CA GLY AB 523 -96.13 -40.42 38.10
C GLY AB 523 -95.46 -39.07 37.96
N ILE AB 524 -96.15 -38.18 37.25
CA ILE AB 524 -95.62 -36.85 36.99
C ILE AB 524 -95.56 -36.04 38.28
N ALA AB 525 -94.65 -35.08 38.32
CA ALA AB 525 -94.46 -34.26 39.51
C ALA AB 525 -95.69 -33.39 39.74
N MET AB 526 -96.45 -33.71 40.78
CA MET AB 526 -97.57 -32.89 41.21
C MET AB 526 -97.47 -32.68 42.70
N ALA AB 527 -98.05 -31.58 43.17
CA ALA AB 527 -98.06 -31.30 44.60
C ALA AB 527 -98.80 -32.41 45.34
N THR AB 528 -98.19 -32.88 46.43
CA THR AB 528 -98.77 -34.00 47.18
C THR AB 528 -100.14 -33.64 47.72
N HIS AB 529 -100.30 -32.42 48.22
CA HIS AB 529 -101.55 -31.97 48.81
C HIS AB 529 -101.59 -30.45 48.74
N LYS AB 530 -102.76 -29.89 48.98
CA LYS AB 530 -102.89 -28.45 49.02
C LYS AB 530 -102.69 -27.96 50.46
N ASP AB 531 -102.98 -26.70 50.70
CA ASP AB 531 -102.75 -26.11 52.01
C ASP AB 531 -103.57 -26.81 53.08
N ASP AB 532 -102.94 -27.08 54.22
CA ASP AB 532 -103.59 -27.63 55.41
C ASP AB 532 -104.18 -29.01 55.16
N GLU AB 533 -103.57 -29.79 54.27
CA GLU AB 533 -104.02 -31.14 53.97
C GLU AB 533 -102.84 -32.10 53.95
N GLU AB 534 -101.93 -31.96 54.92
CA GLU AB 534 -100.73 -32.79 54.95
C GLU AB 534 -101.06 -34.26 55.12
N ARG AB 535 -102.21 -34.57 55.73
CA ARG AB 535 -102.60 -35.96 55.94
C ARG AB 535 -102.96 -36.67 54.65
N PHE AB 536 -103.17 -35.94 53.56
CA PHE AB 536 -103.57 -36.53 52.29
C PHE AB 536 -102.35 -36.73 51.40
N PHE AB 537 -102.32 -37.85 50.69
CA PHE AB 537 -101.29 -38.09 49.70
C PHE AB 537 -101.90 -38.83 48.52
N PRO AB 538 -101.35 -38.64 47.33
CA PRO AB 538 -101.79 -39.46 46.18
C PRO AB 538 -101.44 -40.93 46.43
N SER AB 539 -102.34 -41.80 46.00
CA SER AB 539 -102.23 -43.22 46.37
C SER AB 539 -100.93 -43.82 45.86
N ASN AB 540 -100.53 -43.51 44.63
CA ASN AB 540 -99.24 -43.93 44.09
C ASN AB 540 -98.54 -42.76 43.42
N GLY AB 541 -98.53 -41.62 44.09
CA GLY AB 541 -97.98 -40.42 43.50
C GLY AB 541 -96.85 -39.77 44.30
N ILE AB 542 -96.31 -40.50 45.27
CA ILE AB 542 -95.20 -40.00 46.08
C ILE AB 542 -94.17 -41.11 46.24
N LEU AB 543 -92.94 -40.70 46.50
CA LEU AB 543 -91.92 -41.65 46.92
C LEU AB 543 -92.14 -42.02 48.37
N ILE AB 544 -92.15 -43.31 48.66
CA ILE AB 544 -92.32 -43.81 50.02
C ILE AB 544 -91.08 -44.60 50.37
N PHE AB 545 -90.34 -44.11 51.35
CA PHE AB 545 -89.17 -44.81 51.85
C PHE AB 545 -89.53 -45.57 53.12
N GLY AB 546 -88.89 -46.71 53.31
CA GLY AB 546 -89.10 -47.50 54.50
C GLY AB 546 -88.15 -47.07 55.61
N LYS AB 547 -88.67 -47.05 56.83
CA LYS AB 547 -87.81 -46.89 57.98
C LYS AB 547 -86.94 -48.13 58.15
N GLN AB 548 -85.92 -48.02 58.98
CA GLN AB 548 -85.04 -49.15 59.22
C GLN AB 548 -85.84 -50.34 59.76
N ASN AB 549 -85.58 -51.52 59.21
CA ASN AB 549 -86.25 -52.76 59.60
C ASN AB 549 -87.73 -52.74 59.26
N ALA AB 550 -88.13 -51.94 58.28
CA ALA AB 550 -89.51 -52.01 57.80
C ALA AB 550 -89.71 -53.29 57.00
N ALA AB 551 -90.90 -53.89 57.15
CA ALA AB 551 -91.19 -55.12 56.44
C ALA AB 551 -91.23 -54.90 54.94
N ARG AB 552 -90.80 -55.92 54.19
CA ARG AB 552 -90.87 -55.85 52.74
C ARG AB 552 -92.31 -55.74 52.25
N ASP AB 553 -93.21 -56.52 52.83
CA ASP AB 553 -94.61 -56.55 52.43
C ASP AB 553 -95.50 -56.08 53.57
N ASN AB 554 -96.48 -55.24 53.24
CA ASN AB 554 -97.50 -54.79 54.18
C ASN AB 554 -96.88 -54.14 55.41
N ALA AB 555 -95.91 -53.26 55.19
CA ALA AB 555 -95.40 -52.43 56.26
C ALA AB 555 -96.46 -51.42 56.68
N ASP AB 556 -96.59 -51.22 57.99
CA ASP AB 556 -97.55 -50.25 58.48
C ASP AB 556 -97.11 -48.83 58.14
N TYR AB 557 -98.05 -47.90 58.23
CA TYR AB 557 -97.73 -46.50 57.94
C TYR AB 557 -96.65 -45.98 58.88
N SER AB 558 -96.59 -46.49 60.10
CA SER AB 558 -95.54 -46.06 61.03
C SER AB 558 -94.17 -46.58 60.64
N ASP AB 559 -94.10 -47.60 59.77
CA ASP AB 559 -92.83 -48.17 59.34
C ASP AB 559 -92.31 -47.56 58.04
N VAL AB 560 -93.04 -46.64 57.44
CA VAL AB 560 -92.63 -46.05 56.18
C VAL AB 560 -92.53 -44.54 56.34
N MET AB 561 -91.83 -43.92 55.40
CA MET AB 561 -91.58 -42.48 55.41
C MET AB 561 -92.16 -41.90 54.13
N LEU AB 562 -93.30 -41.24 54.24
CA LEU AB 562 -93.93 -40.61 53.08
C LEU AB 562 -93.21 -39.32 52.76
N THR AB 563 -92.85 -39.15 51.48
CA THR AB 563 -92.36 -37.86 51.04
C THR AB 563 -93.53 -36.94 50.70
N SER AB 564 -93.24 -35.65 50.59
CA SER AB 564 -94.25 -34.68 50.23
C SER AB 564 -93.68 -33.70 49.24
N GLU AB 565 -94.38 -33.52 48.12
CA GLU AB 565 -94.02 -32.54 47.11
C GLU AB 565 -94.87 -31.27 47.24
N GLU AB 566 -95.20 -30.88 48.48
CA GLU AB 566 -96.02 -29.69 48.67
C GLU AB 566 -95.32 -28.41 48.26
N GLU AB 567 -93.99 -28.44 48.14
CA GLU AB 567 -93.26 -27.23 47.75
C GLU AB 567 -93.62 -26.78 46.33
N ILE AB 568 -94.10 -27.70 45.49
CA ILE AB 568 -94.43 -27.35 44.11
C ILE AB 568 -95.90 -27.02 43.95
N LYS AB 569 -96.62 -26.79 45.05
CA LYS AB 569 -97.99 -26.28 44.97
C LYS AB 569 -98.06 -24.99 44.17
N THR AB 570 -97.00 -24.19 44.21
CA THR AB 570 -96.99 -22.88 43.59
C THR AB 570 -97.06 -22.98 42.07
N THR AB 571 -96.61 -24.07 41.50
CA THR AB 571 -96.57 -24.20 40.05
C THR AB 571 -97.25 -25.46 39.56
N ASN AB 572 -97.16 -26.56 40.29
CA ASN AB 572 -97.76 -27.80 39.84
C ASN AB 572 -99.12 -27.99 40.48
N PRO AB 573 -100.09 -28.54 39.75
CA PRO AB 573 -101.38 -28.84 40.34
C PRO AB 573 -101.26 -29.91 41.40
N VAL AB 574 -102.19 -29.89 42.36
CA VAL AB 574 -102.21 -30.90 43.40
C VAL AB 574 -102.53 -32.25 42.78
N ALA AB 575 -101.78 -33.28 43.21
CA ALA AB 575 -101.87 -34.59 42.56
C ALA AB 575 -103.26 -35.19 42.66
N THR AB 576 -104.00 -34.87 43.71
CA THR AB 576 -105.30 -35.48 43.95
C THR AB 576 -106.46 -34.59 43.54
N GLU AB 577 -106.18 -33.46 42.90
CA GLU AB 577 -107.21 -32.54 42.46
C GLU AB 577 -107.23 -32.49 40.94
N GLU AB 578 -108.34 -32.00 40.41
CA GLU AB 578 -108.45 -31.80 38.98
C GLU AB 578 -107.55 -30.65 38.52
N TYR AB 579 -107.12 -30.73 37.26
CA TYR AB 579 -106.31 -29.66 36.70
C TYR AB 579 -107.10 -28.36 36.61
N GLY AB 580 -108.35 -28.46 36.19
CA GLY AB 580 -109.15 -27.28 35.98
C GLY AB 580 -110.49 -27.63 35.41
N ILE AB 581 -111.13 -26.63 34.83
CA ILE AB 581 -112.49 -26.74 34.32
C ILE AB 581 -112.50 -26.27 32.88
N VAL AB 582 -113.14 -27.03 31.99
CA VAL AB 582 -113.32 -26.64 30.61
C VAL AB 582 -114.80 -26.71 30.27
N ALA AB 583 -115.18 -25.98 29.24
CA ALA AB 583 -116.55 -26.05 28.74
C ALA AB 583 -116.81 -27.40 28.10
N ASP AB 584 -118.00 -27.93 28.33
CA ASP AB 584 -118.39 -29.22 27.78
C ASP AB 584 -119.44 -29.11 26.67
N ASN AB 585 -119.96 -27.92 26.40
CA ASN AB 585 -121.00 -27.75 25.41
C ASN AB 585 -120.96 -26.32 24.90
N LEU AB 586 -121.95 -25.96 24.09
CA LEU AB 586 -122.14 -24.60 23.61
C LEU AB 586 -123.44 -24.08 24.23
N GLN AB 587 -123.31 -23.13 25.15
CA GLN AB 587 -124.49 -22.57 25.79
C GLN AB 587 -125.29 -21.75 24.78
N GLN AB 588 -126.62 -21.86 24.88
CA GLN AB 588 -127.55 -21.05 24.12
C GLN AB 588 -128.59 -20.53 25.08
N GLN AB 589 -129.55 -19.75 24.56
CA GLN AB 589 -130.63 -19.26 25.40
C GLN AB 589 -131.48 -20.39 25.95
N ASN AB 590 -131.43 -21.58 25.35
CA ASN AB 590 -132.19 -22.72 25.83
C ASN AB 590 -131.33 -23.78 26.51
N THR AB 591 -130.01 -23.76 26.34
CA THR AB 591 -129.13 -24.75 26.95
C THR AB 591 -128.16 -24.04 27.88
N ALA AB 592 -128.23 -24.38 29.16
CA ALA AB 592 -127.32 -23.80 30.14
C ALA AB 592 -125.90 -24.32 29.88
N PRO AB 593 -124.88 -23.48 30.13
CA PRO AB 593 -123.51 -23.94 29.92
C PRO AB 593 -123.16 -25.09 30.85
N GLN AB 594 -122.42 -26.05 30.31
CA GLN AB 594 -121.97 -27.21 31.05
C GLN AB 594 -120.45 -27.19 31.14
N ILE AB 595 -119.92 -27.65 32.27
CA ILE AB 595 -118.48 -27.63 32.49
C ILE AB 595 -117.98 -29.06 32.65
N GLY AB 596 -116.77 -29.29 32.17
CA GLY AB 596 -116.10 -30.56 32.30
C GLY AB 596 -114.91 -30.42 33.24
N THR AB 597 -114.73 -31.42 34.09
CA THR AB 597 -113.63 -31.45 35.03
C THR AB 597 -112.44 -32.15 34.39
N VAL AB 598 -111.32 -31.43 34.28
CA VAL AB 598 -110.12 -31.95 33.64
C VAL AB 598 -109.31 -32.70 34.69
N ASN AB 599 -109.38 -34.03 34.64
CA ASN AB 599 -108.62 -34.87 35.55
C ASN AB 599 -107.29 -35.33 34.97
N SER AB 600 -107.04 -35.06 33.70
CA SER AB 600 -105.77 -35.40 33.07
C SER AB 600 -105.50 -34.34 32.01
N GLN AB 601 -104.39 -33.63 32.16
CA GLN AB 601 -104.06 -32.55 31.25
C GLN AB 601 -102.63 -32.72 30.77
N GLY AB 602 -102.47 -32.92 29.47
CA GLY AB 602 -101.15 -32.93 28.87
C GLY AB 602 -100.62 -31.55 28.69
N ALA AB 603 -99.44 -31.47 28.08
CA ALA AB 603 -98.73 -30.21 27.95
C ALA AB 603 -99.55 -29.20 27.15
N LEU AB 604 -99.68 -28.00 27.69
CA LEU AB 604 -100.29 -26.87 27.02
C LEU AB 604 -99.26 -25.74 26.91
N PRO AB 605 -99.32 -24.93 25.86
CA PRO AB 605 -98.41 -23.79 25.76
C PRO AB 605 -98.62 -22.84 26.94
N GLY AB 606 -97.52 -22.27 27.42
CA GLY AB 606 -97.56 -21.43 28.58
C GLY AB 606 -97.57 -22.17 29.90
N MET AB 607 -97.51 -23.49 29.87
CA MET AB 607 -97.50 -24.26 31.11
C MET AB 607 -96.09 -24.30 31.67
N VAL AB 608 -95.99 -24.16 32.99
CA VAL AB 608 -94.73 -24.28 33.70
C VAL AB 608 -94.93 -25.24 34.86
N TRP AB 609 -93.86 -25.92 35.24
CA TRP AB 609 -93.94 -26.89 36.32
C TRP AB 609 -92.57 -27.12 36.91
N GLN AB 610 -92.56 -27.71 38.10
CA GLN AB 610 -91.36 -28.14 38.77
C GLN AB 610 -91.27 -29.65 38.71
N ASN AB 611 -90.04 -30.16 38.72
CA ASN AB 611 -89.82 -31.59 38.80
C ASN AB 611 -90.02 -32.07 40.23
N ARG AB 612 -90.09 -33.38 40.39
CA ARG AB 612 -90.12 -33.97 41.72
C ARG AB 612 -88.81 -33.66 42.45
N ASP AB 613 -88.91 -33.47 43.75
CA ASP AB 613 -87.73 -33.25 44.56
C ASP AB 613 -86.87 -34.51 44.61
N VAL AB 614 -85.58 -34.31 44.81
CA VAL AB 614 -84.69 -35.42 45.12
C VAL AB 614 -84.55 -35.52 46.62
N TYR AB 615 -84.15 -36.70 47.08
CA TYR AB 615 -84.07 -36.97 48.51
C TYR AB 615 -82.72 -37.60 48.81
N LEU AB 616 -82.28 -37.45 50.05
CA LEU AB 616 -81.04 -38.06 50.48
C LEU AB 616 -81.07 -39.56 50.27
N GLN AB 617 -82.22 -40.19 50.52
CA GLN AB 617 -82.40 -41.61 50.28
C GLN AB 617 -82.83 -41.94 48.86
N GLY AB 618 -83.12 -40.93 48.04
CA GLY AB 618 -83.71 -41.16 46.74
C GLY AB 618 -82.69 -41.40 45.65
N PRO AB 619 -83.17 -41.72 44.46
CA PRO AB 619 -82.26 -41.92 43.32
C PRO AB 619 -81.65 -40.63 42.84
N ILE AB 620 -80.50 -40.76 42.18
CA ILE AB 620 -79.78 -39.63 41.63
C ILE AB 620 -80.09 -39.43 40.16
N TRP AB 621 -79.96 -40.49 39.37
CA TRP AB 621 -80.09 -40.39 37.92
C TRP AB 621 -80.90 -41.56 37.40
N ALA AB 622 -81.43 -41.38 36.20
CA ALA AB 622 -82.01 -42.46 35.43
C ALA AB 622 -81.54 -42.32 33.98
N LYS AB 623 -81.45 -43.45 33.30
CA LYS AB 623 -81.15 -43.43 31.88
C LYS AB 623 -82.40 -43.03 31.11
N ILE AB 624 -82.28 -41.99 30.29
CA ILE AB 624 -83.36 -41.63 29.39
C ILE AB 624 -83.47 -42.73 28.36
N PRO AB 625 -84.62 -43.37 28.20
CA PRO AB 625 -84.75 -44.43 27.20
C PRO AB 625 -84.43 -43.91 25.81
N HIS AB 626 -83.74 -44.73 25.03
CA HIS AB 626 -83.37 -44.36 23.67
C HIS AB 626 -84.60 -44.49 22.79
N THR AB 627 -85.30 -43.37 22.60
CA THR AB 627 -86.52 -43.34 21.80
C THR AB 627 -86.46 -42.18 20.83
N ASP AB 628 -87.38 -42.21 19.86
CA ASP AB 628 -87.48 -41.11 18.91
C ASP AB 628 -87.86 -39.82 19.61
N GLY AB 629 -88.81 -39.88 20.52
CA GLY AB 629 -89.30 -38.69 21.17
C GLY AB 629 -89.45 -38.91 22.66
N ASN AB 630 -89.19 -37.85 23.41
CA ASN AB 630 -89.53 -37.79 24.82
C ASN AB 630 -89.98 -36.37 25.11
N PHE AB 631 -90.75 -36.22 26.18
CA PHE AB 631 -91.19 -34.91 26.63
C PHE AB 631 -90.66 -34.69 28.04
N HIS AB 632 -89.85 -33.65 28.21
CA HIS AB 632 -89.24 -33.30 29.48
C HIS AB 632 -88.64 -34.54 30.14
N PRO AB 633 -87.54 -35.07 29.60
CA PRO AB 633 -87.05 -36.36 30.07
C PRO AB 633 -86.40 -36.29 31.44
N SER AB 634 -87.12 -35.78 32.40
CA SER AB 634 -86.71 -35.82 33.79
C SER AB 634 -87.31 -37.05 34.46
N PRO AB 635 -86.51 -37.89 35.10
CA PRO AB 635 -87.04 -39.14 35.67
C PRO AB 635 -88.14 -38.86 36.68
N LEU AB 636 -89.18 -39.69 36.63
CA LEU AB 636 -90.37 -39.40 37.43
C LEU AB 636 -90.16 -39.62 38.92
N MET AB 637 -89.35 -40.60 39.31
CA MET AB 637 -89.02 -40.73 40.72
C MET AB 637 -87.96 -39.73 41.16
N GLY AB 638 -87.65 -38.76 40.33
CA GLY AB 638 -86.75 -37.68 40.69
C GLY AB 638 -85.33 -37.94 40.26
N GLY AB 639 -84.58 -36.87 40.10
CA GLY AB 639 -83.18 -36.95 39.74
C GLY AB 639 -82.89 -36.40 38.37
N PHE AB 640 -81.76 -36.82 37.84
CA PHE AB 640 -81.23 -36.30 36.59
C PHE AB 640 -81.44 -37.33 35.49
N GLY AB 641 -82.11 -36.92 34.42
CA GLY AB 641 -82.25 -37.77 33.26
C GLY AB 641 -81.02 -37.66 32.38
N LEU AB 642 -80.37 -38.77 32.11
CA LEU AB 642 -79.14 -38.78 31.34
C LEU AB 642 -79.29 -39.70 30.13
N LYS AB 643 -78.95 -39.18 28.96
CA LYS AB 643 -78.87 -40.04 27.78
C LYS AB 643 -77.78 -41.09 27.94
N HIS AB 644 -76.66 -40.69 28.54
CA HIS AB 644 -75.52 -41.57 28.78
C HIS AB 644 -75.20 -41.51 30.26
N PRO AB 645 -75.92 -42.27 31.08
CA PRO AB 645 -75.73 -42.21 32.52
C PRO AB 645 -74.42 -42.87 32.92
N PRO AB 646 -74.04 -42.83 34.19
CA PRO AB 646 -72.91 -43.61 34.64
C PRO AB 646 -73.08 -45.07 34.24
N PRO AB 647 -72.07 -45.65 33.60
CA PRO AB 647 -72.24 -47.00 33.06
C PRO AB 647 -72.41 -48.02 34.17
N GLN AB 648 -73.15 -49.08 33.84
CA GLN AB 648 -73.26 -50.21 34.74
C GLN AB 648 -71.90 -50.85 34.93
N ILE AB 649 -71.55 -51.14 36.18
CA ILE AB 649 -70.29 -51.78 36.51
C ILE AB 649 -70.63 -53.20 36.92
N LEU AB 650 -70.28 -54.15 36.07
CA LEU AB 650 -70.61 -55.55 36.28
C LEU AB 650 -69.42 -56.27 36.87
N ILE AB 651 -69.66 -57.07 37.89
CA ILE AB 651 -68.60 -57.78 38.60
C ILE AB 651 -69.03 -59.22 38.80
N LYS AB 652 -68.08 -60.15 38.66
CA LYS AB 652 -68.37 -61.55 38.80
C LYS AB 652 -67.13 -62.26 39.32
N ASN AB 653 -67.35 -63.24 40.20
CA ASN AB 653 -66.29 -64.16 40.55
C ASN AB 653 -66.04 -65.10 39.38
N THR AB 654 -64.80 -65.15 38.92
CA THR AB 654 -64.47 -66.08 37.85
C THR AB 654 -64.65 -67.51 38.35
N PRO AB 655 -65.41 -68.34 37.64
CA PRO AB 655 -65.61 -69.72 38.11
C PRO AB 655 -64.28 -70.46 38.17
N VAL AB 656 -64.08 -71.17 39.28
CA VAL AB 656 -62.91 -72.01 39.47
C VAL AB 656 -63.40 -73.45 39.55
N PRO AB 657 -63.18 -74.26 38.51
CA PRO AB 657 -63.68 -75.63 38.54
C PRO AB 657 -63.06 -76.43 39.68
N ALA AB 658 -63.86 -77.33 40.25
CA ALA AB 658 -63.30 -78.37 41.08
C ALA AB 658 -62.54 -79.36 40.20
N ASP AB 659 -62.02 -80.41 40.81
CA ASP AB 659 -61.18 -81.34 40.04
C ASP AB 659 -62.03 -82.00 38.96
N PRO AB 660 -61.65 -81.86 37.68
CA PRO AB 660 -62.39 -82.53 36.63
C PRO AB 660 -62.09 -84.02 36.62
N PRO AB 661 -62.92 -84.82 35.96
CA PRO AB 661 -62.60 -86.25 35.84
C PRO AB 661 -61.32 -86.46 35.06
N THR AB 662 -60.69 -87.61 35.28
CA THR AB 662 -59.45 -87.93 34.60
C THR AB 662 -59.68 -88.49 33.20
N THR AB 663 -60.92 -88.73 32.81
CA THR AB 663 -61.27 -89.09 31.45
C THR AB 663 -62.12 -87.97 30.85
N PHE AB 664 -61.87 -87.66 29.58
CA PHE AB 664 -62.49 -86.48 28.98
C PHE AB 664 -64.01 -86.63 28.93
N ASN AB 665 -64.69 -85.55 29.29
CA ASN AB 665 -66.13 -85.44 29.16
C ASN AB 665 -66.43 -84.11 28.48
N GLN AB 666 -67.21 -84.16 27.41
CA GLN AB 666 -67.52 -82.95 26.65
C GLN AB 666 -68.48 -82.03 27.39
N SER AB 667 -69.20 -82.56 28.38
CA SER AB 667 -70.21 -81.75 29.07
C SER AB 667 -69.56 -80.60 29.82
N LYS AB 668 -70.27 -79.48 29.86
CA LYS AB 668 -69.77 -78.33 30.61
C LYS AB 668 -69.60 -78.69 32.08
N LEU AB 669 -68.55 -78.16 32.69
CA LEU AB 669 -68.28 -78.45 34.09
C LEU AB 669 -69.32 -77.78 34.96
N ASN AB 670 -69.88 -78.54 35.91
CA ASN AB 670 -70.82 -78.01 36.87
C ASN AB 670 -70.33 -78.11 38.30
N SER AB 671 -69.15 -78.68 38.52
CA SER AB 671 -68.55 -78.79 39.84
C SER AB 671 -67.54 -77.67 39.99
N PHE AB 672 -67.85 -76.72 40.86
CA PHE AB 672 -67.01 -75.55 41.04
C PHE AB 672 -66.62 -75.41 42.49
N ILE AB 673 -65.45 -74.81 42.71
CA ILE AB 673 -65.00 -74.47 44.05
C ILE AB 673 -65.88 -73.35 44.58
N THR AB 674 -66.46 -73.57 45.76
CA THR AB 674 -67.31 -72.55 46.35
C THR AB 674 -66.47 -71.33 46.72
N GLN AB 675 -66.93 -70.16 46.30
CA GLN AB 675 -66.03 -69.02 46.28
C GLN AB 675 -66.84 -67.74 46.40
N TYR AB 676 -66.27 -66.76 47.07
CA TYR AB 676 -66.84 -65.42 47.11
C TYR AB 676 -65.69 -64.44 47.19
N SER AB 677 -65.96 -63.20 46.80
CA SER AB 677 -64.95 -62.16 46.85
C SER AB 677 -65.44 -61.01 47.71
N THR AB 678 -64.48 -60.31 48.29
CA THR AB 678 -64.74 -59.09 49.04
C THR AB 678 -63.68 -58.08 48.65
N GLY AB 679 -64.01 -56.81 48.85
CA GLY AB 679 -63.07 -55.76 48.54
C GLY AB 679 -63.65 -54.43 48.93
N GLN AB 680 -62.95 -53.38 48.51
CA GLN AB 680 -63.41 -52.02 48.76
C GLN AB 680 -63.78 -51.37 47.44
N VAL AB 681 -64.82 -50.56 47.47
CA VAL AB 681 -65.26 -49.80 46.31
C VAL AB 681 -65.26 -48.33 46.69
N SER AB 682 -64.66 -47.51 45.84
CA SER AB 682 -64.64 -46.07 46.02
C SER AB 682 -65.35 -45.41 44.86
N VAL AB 683 -66.27 -44.52 45.15
CA VAL AB 683 -66.90 -43.70 44.13
C VAL AB 683 -66.77 -42.24 44.54
N GLU AB 684 -66.22 -41.44 43.65
CA GLU AB 684 -66.03 -40.01 43.87
C GLU AB 684 -66.87 -39.27 42.83
N ILE AB 685 -67.78 -38.43 43.29
CA ILE AB 685 -68.60 -37.62 42.40
C ILE AB 685 -68.32 -36.15 42.69
N GLU AB 686 -68.03 -35.39 41.65
CA GLU AB 686 -67.93 -33.95 41.75
C GLU AB 686 -69.27 -33.34 41.35
N TRP AB 687 -69.83 -32.53 42.23
CA TRP AB 687 -71.11 -31.87 41.99
C TRP AB 687 -70.87 -30.38 41.82
N GLU AB 688 -71.54 -29.80 40.83
CA GLU AB 688 -71.55 -28.35 40.68
C GLU AB 688 -72.72 -27.78 41.44
N LEU AB 689 -72.49 -26.66 42.11
CA LEU AB 689 -73.50 -26.03 42.95
C LEU AB 689 -73.99 -24.74 42.31
N GLN AB 690 -75.28 -24.49 42.46
CA GLN AB 690 -75.88 -23.20 42.13
C GLN AB 690 -76.08 -22.44 43.43
N LYS AB 691 -75.23 -21.46 43.69
CA LYS AB 691 -75.36 -20.67 44.91
C LYS AB 691 -76.60 -19.81 44.86
N GLU AB 692 -77.28 -19.70 46.00
CA GLU AB 692 -78.45 -18.84 46.09
C GLU AB 692 -78.01 -17.38 46.12
N ASN AB 693 -78.60 -16.58 45.25
CA ASN AB 693 -78.35 -15.14 45.21
C ASN AB 693 -79.70 -14.46 45.43
N SER AB 694 -80.06 -14.30 46.69
CA SER AB 694 -81.41 -13.91 47.08
C SER AB 694 -81.38 -12.61 47.87
N LYS AB 695 -82.33 -11.74 47.59
CA LYS AB 695 -82.50 -10.49 48.33
C LYS AB 695 -83.63 -10.57 49.34
N ARG AB 696 -84.09 -11.78 49.64
CA ARG AB 696 -85.08 -11.99 50.68
C ARG AB 696 -84.59 -11.43 52.00
N TRP AB 697 -85.45 -10.68 52.68
CA TRP AB 697 -85.05 -10.04 53.93
C TRP AB 697 -85.18 -10.97 55.12
N ASN AB 698 -86.34 -11.62 55.24
CA ASN AB 698 -86.60 -12.47 56.38
C ASN AB 698 -85.83 -13.80 56.25
N PRO AB 699 -85.57 -14.47 57.37
CA PRO AB 699 -84.81 -15.72 57.31
C PRO AB 699 -85.55 -16.79 56.53
N GLU AB 700 -84.78 -17.64 55.87
CA GLU AB 700 -85.31 -18.74 55.09
C GLU AB 700 -85.62 -19.94 55.98
N ILE AB 701 -86.39 -20.86 55.43
CA ILE AB 701 -86.57 -22.16 56.05
C ILE AB 701 -85.32 -23.00 55.79
N GLN AB 702 -84.80 -23.62 56.84
CA GLN AB 702 -83.62 -24.45 56.73
C GLN AB 702 -83.91 -25.81 57.31
N TYR AB 703 -83.28 -26.84 56.76
CA TYR AB 703 -83.34 -28.13 57.40
C TYR AB 703 -82.46 -28.09 58.65
N THR AB 704 -83.02 -28.50 59.77
CA THR AB 704 -82.31 -28.48 61.04
C THR AB 704 -82.64 -29.75 61.80
N SER AB 705 -81.68 -30.22 62.59
CA SER AB 705 -81.96 -31.27 63.54
C SER AB 705 -82.78 -30.70 64.70
N ASN AB 706 -83.57 -31.56 65.32
CA ASN AB 706 -84.36 -31.14 66.46
C ASN AB 706 -83.46 -30.86 67.65
N TYR AB 707 -83.70 -29.74 68.32
CA TYR AB 707 -82.88 -29.36 69.46
C TYR AB 707 -83.20 -30.18 70.70
N TYR AB 708 -84.43 -30.65 70.83
CA TYR AB 708 -84.87 -31.31 72.05
C TYR AB 708 -84.20 -32.67 72.21
N LYS AB 709 -84.11 -33.12 73.46
CA LYS AB 709 -83.42 -34.36 73.76
C LYS AB 709 -84.16 -35.56 73.20
N SER AB 710 -83.41 -36.64 72.97
CA SER AB 710 -83.98 -37.86 72.42
C SER AB 710 -83.13 -39.04 72.85
N THR AB 711 -83.72 -40.24 72.74
CA THR AB 711 -83.01 -41.45 73.12
C THR AB 711 -81.77 -41.66 72.27
N SER AB 712 -81.86 -41.35 70.98
CA SER AB 712 -80.75 -41.55 70.05
C SER AB 712 -80.60 -40.33 69.18
N VAL AB 713 -79.40 -40.16 68.63
CA VAL AB 713 -79.14 -39.10 67.68
C VAL AB 713 -79.72 -39.49 66.34
N ASP AB 714 -80.44 -38.57 65.71
CA ASP AB 714 -80.96 -38.80 64.37
C ASP AB 714 -79.81 -38.93 63.38
N PHE AB 715 -79.96 -39.87 62.44
CA PHE AB 715 -78.91 -40.18 61.46
C PHE AB 715 -77.63 -40.62 62.16
N ALA AB 716 -77.78 -41.51 63.13
CA ALA AB 716 -76.67 -42.12 63.83
C ALA AB 716 -77.00 -43.58 64.07
N VAL AB 717 -76.15 -44.26 64.76
CA VAL AB 717 -76.38 -45.66 65.11
C VAL AB 717 -77.09 -45.72 66.45
N ASN AB 718 -77.82 -46.79 66.68
CA ASN AB 718 -78.44 -47.04 67.97
C ASN AB 718 -77.49 -47.86 68.83
N THR AB 719 -77.99 -48.38 69.95
CA THR AB 719 -77.14 -49.16 70.85
C THR AB 719 -76.72 -50.49 70.24
N GLU AB 720 -77.39 -50.95 69.19
CA GLU AB 720 -77.05 -52.20 68.53
C GLU AB 720 -76.18 -52.01 67.30
N GLY AB 721 -75.77 -50.79 67.01
CA GLY AB 721 -74.94 -50.54 65.85
C GLY AB 721 -75.68 -50.36 64.55
N VAL AB 722 -77.01 -50.27 64.59
CA VAL AB 722 -77.80 -50.14 63.39
C VAL AB 722 -77.92 -48.66 63.03
N TYR AB 723 -77.43 -48.31 61.85
CA TYR AB 723 -77.62 -46.97 61.33
C TYR AB 723 -79.01 -46.85 60.74
N SER AB 724 -79.68 -45.75 61.05
CA SER AB 724 -81.03 -45.51 60.56
C SER AB 724 -81.16 -44.09 60.06
N GLU AB 725 -81.98 -43.91 59.03
CA GLU AB 725 -82.35 -42.59 58.56
C GLU AB 725 -83.77 -42.32 59.01
N PRO AB 726 -83.99 -41.42 59.98
CA PRO AB 726 -85.31 -41.31 60.60
C PRO AB 726 -86.36 -40.67 59.70
N ARG AB 727 -85.96 -39.85 58.73
CA ARG AB 727 -86.91 -39.14 57.89
C ARG AB 727 -86.31 -39.00 56.51
N PRO AB 728 -87.14 -38.82 55.48
CA PRO AB 728 -86.61 -38.48 54.15
C PRO AB 728 -86.34 -36.98 54.09
N ILE AB 729 -85.09 -36.61 53.89
CA ILE AB 729 -84.72 -35.21 53.77
C ILE AB 729 -84.85 -34.81 52.31
N GLY AB 730 -85.78 -33.91 52.03
CA GLY AB 730 -85.90 -33.38 50.70
C GLY AB 730 -84.77 -32.43 50.37
N THR AB 731 -84.98 -31.58 49.39
CA THR AB 731 -83.92 -30.72 48.92
C THR AB 731 -84.36 -29.26 48.86
N ARG AB 732 -85.65 -28.98 48.96
CA ARG AB 732 -86.21 -27.66 48.70
C ARG AB 732 -86.50 -26.96 50.01
N TYR AB 733 -85.55 -26.15 50.46
CA TYR AB 733 -85.71 -25.34 51.66
C TYR AB 733 -85.53 -23.86 51.39
N LEU AB 734 -84.56 -23.49 50.56
CA LEU AB 734 -84.43 -22.11 50.14
C LEU AB 734 -85.57 -21.75 49.19
N THR AB 735 -85.74 -20.45 48.97
CA THR AB 735 -86.85 -19.97 48.15
C THR AB 735 -86.34 -19.11 47.01
N ARG AB 736 -87.11 -19.11 45.92
CA ARG AB 736 -86.91 -18.22 44.80
C ARG AB 736 -88.25 -17.62 44.40
N ASN AB 737 -88.20 -16.44 43.81
CA ASN AB 737 -89.37 -15.91 43.14
C ASN AB 737 -89.62 -16.71 41.86
N LEU AB 738 -90.86 -16.66 41.39
CA LEU AB 738 -91.20 -17.32 40.15
C LEU AB 738 -90.68 -16.51 38.96
N GLY BB 221 -77.23 -29.57 -27.99
CA GLY BB 221 -77.45 -29.98 -29.36
C GLY BB 221 -78.63 -30.92 -29.53
N VAL BB 222 -79.25 -30.86 -30.71
CA VAL BB 222 -80.39 -31.73 -31.00
C VAL BB 222 -79.96 -33.19 -31.00
N GLY BB 223 -78.81 -33.49 -31.60
CA GLY BB 223 -78.36 -34.85 -31.77
C GLY BB 223 -77.42 -35.39 -30.71
N SER BB 224 -77.29 -34.71 -29.58
CA SER BB 224 -76.42 -35.16 -28.51
C SER BB 224 -77.22 -35.33 -27.22
N SER BB 225 -76.97 -36.41 -26.51
CA SER BB 225 -77.62 -36.66 -25.24
C SER BB 225 -77.17 -35.65 -24.20
N SER BB 226 -78.11 -35.17 -23.39
CA SER BB 226 -77.81 -34.21 -22.33
C SER BB 226 -77.59 -34.87 -20.98
N GLY BB 227 -77.62 -36.20 -20.92
CA GLY BB 227 -77.36 -36.89 -19.67
C GLY BB 227 -77.47 -38.38 -19.87
N ASN BB 228 -76.92 -39.11 -18.91
CA ASN BB 228 -76.88 -40.56 -18.95
C ASN BB 228 -77.85 -41.14 -17.94
N TRP BB 229 -78.19 -42.41 -18.14
CA TRP BB 229 -79.03 -43.15 -17.22
C TRP BB 229 -78.21 -43.53 -15.99
N HIS BB 230 -78.68 -43.11 -14.82
CA HIS BB 230 -77.97 -43.36 -13.56
C HIS BB 230 -78.96 -43.96 -12.56
N CYS BB 231 -79.11 -45.28 -12.60
CA CYS BB 231 -79.80 -46.02 -11.56
C CYS BB 231 -78.78 -46.90 -10.87
N ASP BB 232 -78.61 -46.70 -9.56
CA ASP BB 232 -77.56 -47.38 -8.83
C ASP BB 232 -77.75 -47.12 -7.35
N SER BB 233 -77.08 -47.92 -6.54
CA SER BB 233 -76.95 -47.67 -5.12
C SER BB 233 -75.55 -48.09 -4.70
N THR BB 234 -74.80 -47.16 -4.14
CA THR BB 234 -73.44 -47.43 -3.68
C THR BB 234 -73.42 -47.34 -2.17
N TRP BB 235 -73.04 -48.44 -1.53
CA TRP BB 235 -72.91 -48.50 -0.08
C TRP BB 235 -71.43 -48.34 0.25
N LEU BB 236 -71.10 -47.30 1.00
CA LEU BB 236 -69.71 -46.97 1.31
C LEU BB 236 -69.66 -46.50 2.75
N GLY BB 237 -69.21 -47.37 3.65
CA GLY BB 237 -69.10 -47.00 5.05
C GLY BB 237 -70.46 -46.73 5.66
N ASP BB 238 -70.61 -45.56 6.27
CA ASP BB 238 -71.84 -45.15 6.91
C ASP BB 238 -72.76 -44.39 5.97
N ARG BB 239 -72.50 -44.42 4.66
CA ARG BB 239 -73.32 -43.76 3.68
C ARG BB 239 -73.85 -44.78 2.67
N VAL BB 240 -75.04 -44.53 2.17
CA VAL BB 240 -75.53 -45.17 0.97
C VAL BB 240 -76.03 -44.09 0.04
N ILE BB 241 -75.59 -44.13 -1.21
CA ILE BB 241 -75.98 -43.16 -2.21
C ILE BB 241 -76.89 -43.88 -3.20
N THR BB 242 -78.18 -43.58 -3.13
CA THR BB 242 -79.13 -44.08 -4.10
C THR BB 242 -79.28 -43.08 -5.23
N THR BB 243 -79.19 -43.56 -6.46
CA THR BB 243 -79.49 -42.74 -7.61
C THR BB 243 -80.49 -43.50 -8.47
N SER BB 244 -81.51 -42.79 -8.94
CA SER BB 244 -82.56 -43.41 -9.72
C SER BB 244 -82.90 -42.53 -10.91
N THR BB 245 -83.02 -43.14 -12.07
CA THR BB 245 -83.42 -42.45 -13.28
C THR BB 245 -84.73 -43.03 -13.76
N ARG BB 246 -85.63 -42.16 -14.21
CA ARG BB 246 -86.90 -42.59 -14.76
C ARG BB 246 -87.19 -41.78 -16.02
N THR BB 247 -87.98 -42.37 -16.90
CA THR BB 247 -88.50 -41.66 -18.05
C THR BB 247 -89.87 -41.11 -17.69
N TRP BB 248 -90.05 -39.80 -17.92
CA TRP BB 248 -91.30 -39.14 -17.60
C TRP BB 248 -91.96 -38.64 -18.88
N ALA BB 249 -93.26 -38.39 -18.78
CA ALA BB 249 -94.01 -37.74 -19.85
C ALA BB 249 -94.84 -36.63 -19.22
N LEU BB 250 -94.70 -35.42 -19.75
CA LEU BB 250 -95.45 -34.28 -19.23
C LEU BB 250 -96.44 -33.80 -20.26
N PRO BB 251 -97.74 -33.95 -20.02
CA PRO BB 251 -98.72 -33.38 -20.94
C PRO BB 251 -98.88 -31.89 -20.72
N THR BB 252 -99.66 -31.27 -21.58
CA THR BB 252 -100.14 -29.93 -21.32
C THR BB 252 -101.33 -30.02 -20.38
N TYR BB 253 -101.22 -29.40 -19.22
CA TYR BB 253 -102.28 -29.44 -18.22
C TYR BB 253 -103.13 -28.19 -18.34
N ASN BB 254 -104.44 -28.36 -18.15
CA ASN BB 254 -105.39 -27.25 -18.05
C ASN BB 254 -105.48 -26.40 -19.31
N ASN BB 255 -104.95 -26.89 -20.43
CA ASN BB 255 -104.85 -26.09 -21.65
C ASN BB 255 -104.10 -24.79 -21.38
N HIS BB 256 -103.01 -24.90 -20.62
CA HIS BB 256 -102.12 -23.79 -20.26
C HIS BB 256 -102.79 -22.75 -19.36
N LEU BB 257 -103.91 -23.09 -18.74
CA LEU BB 257 -104.67 -22.13 -17.95
C LEU BB 257 -104.53 -22.40 -16.46
N TYR BB 258 -104.65 -21.34 -15.68
CA TYR BB 258 -104.90 -21.44 -14.25
C TYR BB 258 -106.40 -21.42 -14.04
N LYS BB 259 -106.93 -22.43 -13.38
CA LYS BB 259 -108.35 -22.53 -13.13
C LYS BB 259 -108.61 -22.52 -11.65
N GLN BB 260 -109.54 -21.66 -11.22
CA GLN BB 260 -110.03 -21.73 -9.86
C GLN BB 260 -110.87 -23.00 -9.71
N ILE BB 261 -110.60 -23.76 -8.65
CA ILE BB 261 -111.32 -24.99 -8.37
C ILE BB 261 -111.91 -24.88 -6.97
N SER BB 262 -113.11 -25.42 -6.80
CA SER BB 262 -113.82 -25.29 -5.53
C SER BB 262 -114.70 -26.50 -5.32
N ASN BB 263 -115.15 -26.64 -4.08
CA ASN BB 263 -116.13 -27.66 -3.73
C ASN BB 263 -116.91 -27.10 -2.55
N GLY BB 264 -118.24 -27.04 -2.70
CA GLY BB 264 -119.10 -26.50 -1.67
C GLY BB 264 -120.09 -27.55 -1.19
N THR BB 265 -120.96 -27.10 -0.29
CA THR BB 265 -121.98 -27.96 0.29
C THR BB 265 -123.22 -28.01 -0.60
N ALA BB 269 -121.61 -32.35 -1.46
CA ALA BB 269 -120.44 -32.49 -0.61
C ALA BB 269 -120.72 -31.95 0.78
N THR BB 270 -120.07 -32.54 1.78
CA THR BB 270 -120.21 -32.07 3.15
C THR BB 270 -119.25 -30.92 3.42
N ASN BB 271 -119.51 -30.21 4.52
CA ASN BB 271 -118.64 -29.09 4.89
C ASN BB 271 -117.22 -29.57 5.17
N ASP BB 272 -117.07 -30.81 5.63
CA ASP BB 272 -115.74 -31.34 5.92
C ASP BB 272 -114.87 -31.45 4.68
N ASN BB 273 -115.48 -31.50 3.49
CA ASN BB 273 -114.74 -31.71 2.25
C ASN BB 273 -114.72 -30.49 1.35
N THR BB 274 -115.13 -29.33 1.84
CA THR BB 274 -115.11 -28.13 1.03
C THR BB 274 -113.68 -27.64 0.82
N TYR BB 275 -113.44 -27.00 -0.31
CA TYR BB 275 -112.14 -26.41 -0.56
C TYR BB 275 -112.27 -25.31 -1.59
N PHE BB 276 -111.29 -24.42 -1.58
CA PHE BB 276 -111.07 -23.43 -2.63
C PHE BB 276 -109.60 -23.47 -2.98
N GLY BB 277 -109.29 -23.51 -4.26
CA GLY BB 277 -107.91 -23.56 -4.67
C GLY BB 277 -107.76 -23.26 -6.13
N TYR BB 278 -106.59 -23.60 -6.65
CA TYR BB 278 -106.29 -23.32 -8.04
C TYR BB 278 -105.62 -24.52 -8.67
N SER BB 279 -106.09 -24.87 -9.86
CA SER BB 279 -105.40 -25.82 -10.72
C SER BB 279 -104.47 -25.04 -11.63
N THR BB 280 -103.23 -25.48 -11.70
CA THR BB 280 -102.23 -24.79 -12.51
C THR BB 280 -101.88 -25.63 -13.73
N PRO BB 281 -101.39 -24.99 -14.80
CA PRO BB 281 -100.90 -25.75 -15.95
C PRO BB 281 -99.56 -26.42 -15.73
N TRP BB 282 -99.02 -26.37 -14.52
CA TRP BB 282 -97.69 -26.90 -14.23
C TRP BB 282 -97.77 -28.32 -13.72
N GLY BB 283 -96.81 -29.13 -14.12
CA GLY BB 283 -96.54 -30.38 -13.45
C GLY BB 283 -95.49 -30.19 -12.38
N TYR BB 284 -95.28 -31.25 -11.61
CA TYR BB 284 -94.23 -31.20 -10.60
C TYR BB 284 -93.64 -32.59 -10.42
N PHE BB 285 -92.36 -32.62 -10.04
CA PHE BB 285 -91.66 -33.87 -9.85
C PHE BB 285 -91.72 -34.26 -8.38
N ASP BB 286 -92.15 -35.49 -8.13
CA ASP BB 286 -92.26 -36.04 -6.80
C ASP BB 286 -91.38 -37.28 -6.70
N PHE BB 287 -90.51 -37.31 -5.71
CA PHE BB 287 -89.75 -38.50 -5.38
C PHE BB 287 -89.75 -38.70 -3.88
N ASN BB 288 -90.90 -38.43 -3.27
CA ASN BB 288 -91.07 -38.47 -1.83
C ASN BB 288 -91.57 -39.83 -1.34
N ARG BB 289 -91.18 -40.89 -2.01
CA ARG BB 289 -91.42 -42.26 -1.54
C ARG BB 289 -90.11 -43.01 -1.56
N PHE BB 290 -89.92 -43.90 -0.59
CA PHE BB 290 -88.65 -44.58 -0.45
C PHE BB 290 -88.35 -45.49 -1.63
N HIS BB 291 -89.38 -46.09 -2.22
CA HIS BB 291 -89.13 -46.99 -3.36
C HIS BB 291 -88.75 -46.24 -4.62
N CYS BB 292 -88.86 -44.91 -4.64
CA CYS BB 292 -88.30 -44.14 -5.73
C CYS BB 292 -86.77 -44.19 -5.74
N HIS BB 293 -86.16 -44.55 -4.62
CA HIS BB 293 -84.72 -44.53 -4.45
C HIS BB 293 -84.13 -45.87 -4.07
N PHE BB 294 -84.83 -46.64 -3.25
CA PHE BB 294 -84.33 -47.93 -2.79
C PHE BB 294 -85.02 -49.05 -3.55
N SER BB 295 -84.22 -49.90 -4.16
CA SER BB 295 -84.74 -51.18 -4.63
C SER BB 295 -85.12 -52.02 -3.42
N PRO BB 296 -86.01 -52.99 -3.59
CA PRO BB 296 -86.37 -53.86 -2.46
C PRO BB 296 -85.17 -54.52 -1.81
N ARG BB 297 -84.19 -54.96 -2.62
CA ARG BB 297 -82.97 -55.53 -2.07
C ARG BB 297 -82.16 -54.47 -1.31
N ASP BB 298 -82.08 -53.25 -1.84
CA ASP BB 298 -81.41 -52.19 -1.13
C ASP BB 298 -82.13 -51.85 0.17
N TRP BB 299 -83.46 -51.85 0.15
CA TRP BB 299 -84.23 -51.65 1.37
C TRP BB 299 -83.93 -52.73 2.38
N GLN BB 300 -83.83 -53.98 1.93
CA GLN BB 300 -83.46 -55.08 2.82
C GLN BB 300 -82.09 -54.87 3.43
N ARG BB 301 -81.12 -54.48 2.59
CA ARG BB 301 -79.78 -54.17 3.08
C ARG BB 301 -79.83 -53.09 4.15
N LEU BB 302 -80.64 -52.06 3.91
CA LEU BB 302 -80.72 -50.95 4.86
C LEU BB 302 -81.34 -51.40 6.18
N ILE BB 303 -82.49 -52.07 6.12
CA ILE BB 303 -83.25 -52.34 7.33
C ILE BB 303 -82.71 -53.52 8.12
N ASN BB 304 -81.99 -54.44 7.50
CA ASN BB 304 -81.48 -55.59 8.23
C ASN BB 304 -80.17 -55.32 8.93
N ASN BB 305 -79.53 -54.19 8.67
CA ASN BB 305 -78.17 -53.96 9.11
C ASN BB 305 -77.94 -52.62 9.78
N ASN BB 306 -78.93 -51.74 9.83
CA ASN BB 306 -78.74 -50.40 10.34
C ASN BB 306 -79.80 -50.07 11.38
N TRP BB 307 -79.36 -49.40 12.45
CA TRP BB 307 -80.28 -48.94 13.47
C TRP BB 307 -80.99 -47.66 13.07
N GLY BB 308 -80.48 -46.96 12.07
CA GLY BB 308 -81.10 -45.73 11.66
C GLY BB 308 -80.50 -45.22 10.37
N PHE BB 309 -81.21 -44.28 9.76
CA PHE BB 309 -80.75 -43.65 8.54
C PHE BB 309 -81.43 -42.30 8.43
N ARG BB 310 -80.85 -41.44 7.61
CA ARG BB 310 -81.42 -40.12 7.36
C ARG BB 310 -80.86 -39.60 6.05
N PRO BB 311 -81.63 -38.83 5.29
CA PRO BB 311 -81.09 -38.22 4.08
C PRO BB 311 -80.10 -37.12 4.42
N LYS BB 312 -79.09 -36.98 3.58
CA LYS BB 312 -78.05 -35.97 3.76
C LYS BB 312 -78.09 -34.91 2.68
N ARG BB 313 -78.07 -35.32 1.41
CA ARG BB 313 -78.08 -34.39 0.31
C ARG BB 313 -78.77 -35.07 -0.86
N LEU BB 314 -79.24 -34.25 -1.80
CA LEU BB 314 -79.79 -34.80 -3.02
C LEU BB 314 -79.32 -33.97 -4.20
N SER BB 315 -79.20 -34.64 -5.35
CA SER BB 315 -79.00 -33.98 -6.62
C SER BB 315 -80.09 -34.45 -7.57
N PHE BB 316 -80.61 -33.52 -8.36
CA PHE BB 316 -81.73 -33.76 -9.25
C PHE BB 316 -81.33 -33.34 -10.64
N LYS BB 317 -81.72 -34.13 -11.64
CA LYS BB 317 -81.36 -33.82 -13.02
C LYS BB 317 -82.53 -34.07 -13.94
N LEU BB 318 -82.75 -33.14 -14.86
CA LEU BB 318 -83.65 -33.30 -15.98
C LEU BB 318 -82.83 -33.23 -17.25
N PHE BB 319 -83.03 -34.19 -18.15
CA PHE BB 319 -82.18 -34.27 -19.32
C PHE BB 319 -82.87 -35.10 -20.38
N ASN BB 320 -82.28 -35.09 -21.58
CA ASN BB 320 -82.83 -35.78 -22.75
C ASN BB 320 -84.28 -35.39 -22.98
N ILE BB 321 -84.53 -34.10 -22.91
CA ILE BB 321 -85.88 -33.57 -23.06
C ILE BB 321 -86.28 -33.65 -24.52
N GLN BB 322 -87.47 -34.17 -24.78
CA GLN BB 322 -88.05 -34.20 -26.11
C GLN BB 322 -89.44 -33.59 -26.02
N VAL BB 323 -89.65 -32.50 -26.75
CA VAL BB 323 -90.97 -31.89 -26.84
C VAL BB 323 -91.57 -32.32 -28.16
N LYS BB 324 -92.77 -32.90 -28.10
CA LYS BB 324 -93.38 -33.52 -29.25
C LYS BB 324 -94.71 -32.85 -29.57
N GLU BB 325 -94.94 -32.64 -30.87
CA GLU BB 325 -96.17 -32.06 -31.36
C GLU BB 325 -97.06 -33.16 -31.90
N VAL BB 326 -98.32 -33.15 -31.50
CA VAL BB 326 -99.30 -34.13 -31.97
C VAL BB 326 -100.40 -33.40 -32.73
N THR BB 327 -100.69 -33.86 -33.94
CA THR BB 327 -101.68 -33.23 -34.79
C THR BB 327 -102.87 -34.15 -35.03
N LYS BB 333 -103.81 -39.34 -36.28
CA LYS BB 333 -102.92 -38.72 -35.32
C LYS BB 333 -101.46 -39.00 -35.63
N THR BB 334 -100.67 -37.94 -35.78
CA THR BB 334 -99.24 -38.05 -36.00
C THR BB 334 -98.51 -37.29 -34.91
N ILE BB 335 -97.43 -37.87 -34.40
CA ILE BB 335 -96.59 -37.24 -33.39
C ILE BB 335 -95.25 -36.92 -34.02
N ALA BB 336 -94.83 -35.67 -33.91
CA ALA BB 336 -93.59 -35.20 -34.48
C ALA BB 336 -92.79 -34.44 -33.44
N ASN BB 337 -91.47 -34.44 -33.61
CA ASN BB 337 -90.62 -33.63 -32.76
C ASN BB 337 -90.84 -32.15 -33.04
N ASN BB 338 -90.91 -31.37 -31.97
CA ASN BB 338 -90.89 -29.91 -32.07
C ASN BB 338 -89.56 -29.46 -31.48
N LEU BB 339 -88.55 -29.37 -32.34
CA LEU BB 339 -87.18 -29.16 -31.88
C LEU BB 339 -87.00 -27.82 -31.21
N THR BB 340 -87.79 -26.82 -31.57
CA THR BB 340 -87.65 -25.48 -31.05
C THR BB 340 -88.55 -25.19 -29.86
N SER BB 341 -89.35 -26.16 -29.43
CA SER BB 341 -90.22 -25.96 -28.28
C SER BB 341 -89.43 -26.11 -26.99
N THR BB 342 -89.94 -25.46 -25.94
CA THR BB 342 -89.27 -25.47 -24.65
C THR BB 342 -90.18 -26.04 -23.57
N ILE BB 343 -89.55 -26.50 -22.50
CA ILE BB 343 -90.22 -26.73 -21.24
C ILE BB 343 -89.64 -25.73 -20.25
N GLN BB 344 -90.44 -25.38 -19.24
CA GLN BB 344 -90.02 -24.50 -18.18
C GLN BB 344 -89.89 -25.29 -16.90
N VAL BB 345 -88.74 -25.18 -16.24
CA VAL BB 345 -88.47 -25.87 -14.99
C VAL BB 345 -87.95 -24.86 -13.99
N PHE BB 346 -88.48 -24.90 -12.78
CA PHE BB 346 -87.90 -24.14 -11.69
C PHE BB 346 -88.16 -24.88 -10.39
N THR BB 347 -87.29 -24.64 -9.42
CA THR BB 347 -87.47 -25.16 -8.07
C THR BB 347 -87.93 -24.02 -7.17
N ASP BB 348 -88.94 -24.30 -6.35
CA ASP BB 348 -89.40 -23.35 -5.34
C ASP BB 348 -88.43 -23.40 -4.16
N SER BB 349 -87.23 -22.86 -4.41
CA SER BB 349 -86.15 -22.97 -3.44
C SER BB 349 -86.39 -22.10 -2.21
N GLU BB 350 -87.16 -21.03 -2.35
CA GLU BB 350 -87.53 -20.19 -1.23
C GLU BB 350 -88.81 -20.63 -0.55
N TYR BB 351 -89.42 -21.72 -1.00
CA TYR BB 351 -90.66 -22.24 -0.41
C TYR BB 351 -91.76 -21.19 -0.42
N GLN BB 352 -91.85 -20.46 -1.52
CA GLN BB 352 -92.87 -19.43 -1.67
C GLN BB 352 -94.18 -19.96 -2.24
N LEU BB 353 -94.19 -21.14 -2.72
CA LEU BB 353 -95.41 -21.75 -3.22
C LEU BB 353 -96.00 -22.67 -2.17
N PRO BB 354 -97.31 -22.90 -2.20
CA PRO BB 354 -97.89 -23.93 -1.34
C PRO BB 354 -97.22 -25.27 -1.59
N TYR BB 355 -96.74 -25.88 -0.51
CA TYR BB 355 -95.97 -27.12 -0.59
C TYR BB 355 -96.94 -28.29 -0.57
N VAL BB 356 -97.15 -28.90 -1.73
CA VAL BB 356 -98.08 -30.00 -1.84
C VAL BB 356 -97.41 -31.37 -1.79
N LEU BB 357 -96.08 -31.41 -1.80
CA LEU BB 357 -95.40 -32.65 -1.47
C LEU BB 357 -95.61 -32.95 0.00
N GLY BB 358 -95.41 -34.21 0.38
CA GLY BB 358 -95.68 -34.59 1.74
C GLY BB 358 -97.15 -34.70 2.07
N SER BB 359 -97.99 -34.93 1.07
CA SER BB 359 -99.39 -35.28 1.29
C SER BB 359 -99.70 -36.68 0.78
N ALA BB 360 -98.66 -37.50 0.59
CA ALA BB 360 -98.80 -38.89 0.17
C ALA BB 360 -99.59 -39.01 -1.14
N HIS BB 361 -99.30 -38.12 -2.08
CA HIS BB 361 -100.00 -38.11 -3.35
C HIS BB 361 -99.36 -39.06 -4.35
N GLN BB 362 -100.18 -39.54 -5.28
CA GLN BB 362 -99.66 -40.29 -6.41
C GLN BB 362 -98.86 -39.38 -7.33
N GLY BB 363 -98.15 -39.99 -8.27
CA GLY BB 363 -97.35 -39.25 -9.20
C GLY BB 363 -95.87 -39.21 -8.88
N CYS BB 364 -95.43 -39.90 -7.84
CA CYS BB 364 -94.02 -40.01 -7.56
C CYS BB 364 -93.33 -40.85 -8.64
N LEU BB 365 -92.01 -40.83 -8.62
CA LEU BB 365 -91.25 -41.70 -9.50
C LEU BB 365 -91.64 -43.16 -9.23
N PRO BB 366 -91.88 -43.95 -10.27
CA PRO BB 366 -92.32 -45.32 -10.05
C PRO BB 366 -91.25 -46.13 -9.36
N PRO BB 367 -91.63 -47.12 -8.55
CA PRO BB 367 -90.62 -47.98 -7.92
C PRO BB 367 -89.76 -48.73 -8.92
N PHE BB 368 -90.33 -49.15 -10.03
CA PHE BB 368 -89.60 -49.94 -11.01
C PHE BB 368 -88.91 -49.02 -12.01
N PRO BB 369 -87.58 -49.10 -12.16
CA PRO BB 369 -86.87 -48.15 -13.03
C PRO BB 369 -87.32 -48.18 -14.49
N ALA BB 370 -87.76 -49.34 -14.98
CA ALA BB 370 -88.21 -49.42 -16.37
C ALA BB 370 -89.54 -48.75 -16.60
N ASP BB 371 -90.20 -48.29 -15.55
CA ASP BB 371 -91.56 -47.78 -15.67
C ASP BB 371 -91.55 -46.32 -16.09
N VAL BB 372 -92.31 -46.00 -17.14
CA VAL BB 372 -92.45 -44.63 -17.59
C VAL BB 372 -93.68 -44.03 -16.91
N PHE BB 373 -93.52 -42.86 -16.31
CA PHE BB 373 -94.58 -42.28 -15.50
C PHE BB 373 -94.98 -40.90 -16.02
N MET BB 374 -96.23 -40.58 -15.75
CA MET BB 374 -96.82 -39.30 -16.07
C MET BB 374 -96.60 -38.32 -14.91
N ILE BB 375 -96.19 -37.11 -15.25
CA ILE BB 375 -95.92 -36.09 -14.23
C ILE BB 375 -97.25 -35.56 -13.69
N PRO BB 376 -97.44 -35.54 -12.37
CA PRO BB 376 -98.72 -35.06 -11.82
C PRO BB 376 -98.88 -33.56 -12.00
N GLN BB 377 -100.13 -33.14 -12.08
CA GLN BB 377 -100.44 -31.72 -12.24
C GLN BB 377 -100.36 -31.00 -10.90
N TYR BB 378 -99.73 -29.84 -10.90
CA TYR BB 378 -99.62 -29.05 -9.69
C TYR BB 378 -100.90 -28.27 -9.44
N GLY BB 379 -101.45 -28.43 -8.25
CA GLY BB 379 -102.53 -27.58 -7.78
C GLY BB 379 -102.34 -27.33 -6.31
N TYR BB 380 -103.04 -26.33 -5.80
CA TYR BB 380 -102.90 -25.99 -4.39
C TYR BB 380 -104.23 -25.49 -3.87
N LEU BB 381 -104.35 -25.49 -2.55
CA LEU BB 381 -105.53 -25.00 -1.87
C LEU BB 381 -105.16 -23.78 -1.04
N THR BB 382 -106.11 -22.86 -0.93
CA THR BB 382 -105.93 -21.71 -0.07
C THR BB 382 -107.13 -21.64 0.87
N LEU BB 383 -107.28 -20.55 1.59
CA LEU BB 383 -108.37 -20.45 2.54
C LEU BB 383 -109.71 -20.47 1.83
N ASN BB 384 -110.67 -21.19 2.40
CA ASN BB 384 -112.00 -21.28 1.83
C ASN BB 384 -113.04 -21.12 2.92
N ASN BB 385 -114.21 -20.62 2.51
CA ASN BB 385 -115.41 -20.57 3.33
C ASN BB 385 -116.47 -21.27 2.49
N GLY BB 386 -116.63 -22.57 2.69
CA GLY BB 386 -117.41 -23.35 1.75
C GLY BB 386 -116.67 -23.44 0.43
N SER BB 387 -117.36 -23.13 -0.66
CA SER BB 387 -116.74 -23.08 -1.97
C SER BB 387 -116.19 -21.70 -2.31
N GLN BB 388 -116.36 -20.73 -1.42
CA GLN BB 388 -115.93 -19.37 -1.67
C GLN BB 388 -114.54 -19.12 -1.10
N ALA BB 389 -113.82 -18.21 -1.74
CA ALA BB 389 -112.57 -17.73 -1.18
C ALA BB 389 -112.85 -16.62 -0.17
N VAL BB 390 -111.88 -16.37 0.68
CA VAL BB 390 -111.91 -15.24 1.59
C VAL BB 390 -110.85 -14.25 1.14
N GLY BB 391 -110.85 -13.07 1.77
CA GLY BB 391 -109.88 -12.05 1.42
C GLY BB 391 -108.45 -12.48 1.66
N ARG BB 392 -108.23 -13.42 2.58
CA ARG BB 392 -106.89 -13.91 2.85
C ARG BB 392 -106.46 -15.02 1.90
N SER BB 393 -107.34 -15.48 1.03
CA SER BB 393 -106.98 -16.50 0.06
C SER BB 393 -105.90 -15.99 -0.89
N SER BB 394 -104.88 -16.81 -1.11
CA SER BB 394 -103.75 -16.43 -1.93
C SER BB 394 -103.85 -17.10 -3.29
N PHE BB 395 -103.63 -16.32 -4.34
CA PHE BB 395 -103.50 -16.84 -5.69
C PHE BB 395 -102.03 -16.75 -6.10
N TYR BB 396 -101.48 -17.84 -6.60
CA TYR BB 396 -100.10 -17.89 -7.03
C TYR BB 396 -100.03 -18.17 -8.53
N CYS BB 397 -99.32 -17.31 -9.24
CA CYS BB 397 -98.99 -17.56 -10.64
C CYS BB 397 -97.58 -18.12 -10.68
N LEU BB 398 -97.45 -19.35 -11.17
CA LEU BB 398 -96.14 -19.97 -11.21
C LEU BB 398 -95.27 -19.40 -12.32
N GLU BB 399 -95.87 -18.74 -13.31
CA GLU BB 399 -95.09 -17.98 -14.28
C GLU BB 399 -94.44 -16.76 -13.66
N TYR BB 400 -94.91 -16.34 -12.50
CA TYR BB 400 -94.31 -15.22 -11.78
C TYR BB 400 -93.01 -15.61 -11.10
N PHE BB 401 -92.48 -16.78 -11.37
CA PHE BB 401 -91.21 -17.22 -10.86
C PHE BB 401 -90.18 -17.27 -11.98
N PRO BB 402 -88.91 -17.06 -11.68
CA PRO BB 402 -87.86 -17.33 -12.69
C PRO BB 402 -87.78 -18.81 -12.97
N SER BB 403 -87.91 -19.17 -14.25
CA SER BB 403 -87.85 -20.55 -14.67
C SER BB 403 -86.79 -20.70 -15.74
N GLN BB 404 -86.07 -21.82 -15.70
CA GLN BB 404 -85.18 -22.16 -16.79
C GLN BB 404 -86.00 -22.75 -17.92
N MET BB 405 -85.84 -22.22 -19.12
CA MET BB 405 -86.48 -22.78 -20.30
C MET BB 405 -85.50 -23.68 -21.02
N LEU BB 406 -85.96 -24.87 -21.39
CA LEU BB 406 -85.10 -25.92 -21.91
C LEU BB 406 -85.62 -26.36 -23.27
N ARG BB 407 -84.75 -26.30 -24.27
CA ARG BB 407 -85.03 -26.97 -25.53
C ARG BB 407 -84.51 -28.39 -25.45
N THR BB 408 -84.62 -29.13 -26.56
CA THR BB 408 -84.31 -30.55 -26.54
C THR BB 408 -82.85 -30.81 -26.18
N GLY BB 409 -81.96 -29.86 -26.45
CA GLY BB 409 -80.57 -30.02 -26.11
C GLY BB 409 -80.16 -29.58 -24.73
N ASN BB 410 -81.08 -29.00 -23.96
CA ASN BB 410 -80.76 -28.47 -22.66
C ASN BB 410 -81.05 -29.48 -21.56
N ASN BB 411 -80.39 -29.29 -20.42
CA ASN BB 411 -80.67 -30.09 -19.25
C ASN BB 411 -80.79 -29.18 -18.04
N PHE BB 412 -81.47 -29.68 -17.01
CA PHE BB 412 -81.68 -28.95 -15.78
C PHE BB 412 -81.15 -29.78 -14.63
N GLN BB 413 -80.51 -29.11 -13.67
CA GLN BB 413 -80.04 -29.83 -12.50
C GLN BB 413 -79.92 -28.87 -11.33
N PHE BB 414 -80.10 -29.41 -10.13
CA PHE BB 414 -79.87 -28.67 -8.91
C PHE BB 414 -79.50 -29.65 -7.81
N THR BB 415 -78.83 -29.13 -6.79
CA THR BB 415 -78.45 -29.90 -5.63
C THR BB 415 -79.11 -29.31 -4.41
N TYR BB 416 -79.39 -30.17 -3.44
CA TYR BB 416 -80.05 -29.77 -2.20
C TYR BB 416 -79.41 -30.50 -1.05
N THR BB 417 -79.23 -29.81 0.07
CA THR BB 417 -78.68 -30.40 1.27
C THR BB 417 -79.77 -30.47 2.32
N PHE BB 418 -80.01 -31.67 2.84
CA PHE BB 418 -80.97 -31.83 3.92
C PHE BB 418 -80.44 -31.19 5.19
N GLU BB 419 -81.35 -30.57 5.95
CA GLU BB 419 -80.98 -30.07 7.26
C GLU BB 419 -80.67 -31.23 8.19
N ASP BB 420 -80.03 -30.92 9.30
CA ASP BB 420 -79.74 -31.94 10.29
C ASP BB 420 -81.05 -32.46 10.87
N VAL BB 421 -81.41 -33.69 10.50
CA VAL BB 421 -82.65 -34.30 10.93
C VAL BB 421 -82.27 -35.51 11.78
N PRO BB 422 -83.08 -35.89 12.77
CA PRO BB 422 -82.74 -37.09 13.54
C PRO BB 422 -82.81 -38.33 12.68
N PHE BB 423 -81.97 -39.30 13.01
CA PHE BB 423 -82.03 -40.60 12.37
C PHE BB 423 -83.40 -41.23 12.59
N HIS BB 424 -83.97 -41.80 11.54
CA HIS BB 424 -85.16 -42.60 11.73
C HIS BB 424 -84.83 -43.84 12.52
N SER BB 425 -85.68 -44.18 13.48
CA SER BB 425 -85.46 -45.35 14.32
C SER BB 425 -85.74 -46.61 13.51
N SER BB 426 -84.70 -47.15 12.89
CA SER BB 426 -84.83 -48.37 12.11
C SER BB 426 -84.61 -49.60 13.00
N TYR BB 427 -85.31 -49.64 14.12
CA TYR BB 427 -85.15 -50.68 15.11
C TYR BB 427 -86.43 -50.78 15.93
N ALA BB 428 -86.64 -51.93 16.52
CA ALA BB 428 -87.67 -52.13 17.52
C ALA BB 428 -87.02 -52.36 18.87
N HIS BB 429 -87.65 -51.87 19.92
CA HIS BB 429 -87.08 -52.03 21.24
C HIS BB 429 -87.23 -53.47 21.71
N SER BB 430 -86.15 -54.04 22.24
CA SER BB 430 -86.18 -55.38 22.80
C SER BB 430 -86.54 -55.36 24.28
N GLN BB 431 -86.86 -54.20 24.82
CA GLN BB 431 -87.34 -54.06 26.18
C GLN BB 431 -88.62 -53.25 26.17
N SER BB 432 -89.50 -53.54 27.11
CA SER BB 432 -90.70 -52.77 27.29
C SER BB 432 -90.47 -51.68 28.33
N LEU BB 433 -91.21 -50.58 28.20
CA LEU BB 433 -91.01 -49.45 29.11
C LEU BB 433 -91.35 -49.81 30.55
N ASP BB 434 -92.30 -50.70 30.76
CA ASP BB 434 -92.67 -51.12 32.10
C ASP BB 434 -91.85 -52.31 32.60
N ARG BB 435 -90.83 -52.71 31.85
CA ARG BB 435 -89.98 -53.83 32.22
C ARG BB 435 -88.51 -53.46 32.11
N LEU BB 436 -88.15 -52.27 32.57
CA LEU BB 436 -86.78 -51.79 32.52
C LEU BB 436 -86.00 -52.12 33.79
N MET BB 437 -86.64 -52.74 34.77
CA MET BB 437 -86.06 -52.97 36.07
C MET BB 437 -85.37 -54.33 36.15
N ASN BB 438 -84.52 -54.46 37.15
CA ASN BB 438 -83.88 -55.73 37.47
C ASN BB 438 -84.92 -56.69 38.03
N PRO BB 439 -85.14 -57.84 37.40
CA PRO BB 439 -86.16 -58.78 37.88
C PRO BB 439 -85.76 -59.61 39.07
N LEU BB 440 -84.60 -59.35 39.68
CA LEU BB 440 -84.14 -60.13 40.82
C LEU BB 440 -84.11 -59.35 42.11
N ILE BB 441 -84.14 -58.02 42.06
CA ILE BB 441 -83.92 -57.17 43.21
C ILE BB 441 -85.19 -56.41 43.51
N ASP BB 442 -85.54 -56.33 44.79
CA ASP BB 442 -86.65 -55.49 45.21
C ASP BB 442 -86.28 -54.02 45.10
N GLN BB 443 -87.30 -53.19 45.02
CA GLN BB 443 -87.09 -51.75 45.13
C GLN BB 443 -86.98 -51.35 46.60
N TYR BB 444 -86.20 -50.31 46.85
CA TYR BB 444 -86.22 -49.72 48.19
C TYR BB 444 -87.40 -48.79 48.40
N LEU BB 445 -88.08 -48.40 47.33
CA LEU BB 445 -89.27 -47.59 47.43
C LEU BB 445 -90.48 -48.46 47.77
N TYR BB 446 -91.41 -47.89 48.52
CA TYR BB 446 -92.64 -48.57 48.89
C TYR BB 446 -93.80 -48.01 48.08
N TYR BB 447 -94.82 -48.83 47.91
CA TYR BB 447 -96.08 -48.40 47.32
C TYR BB 447 -97.20 -48.79 48.26
N LEU BB 448 -98.29 -48.03 48.21
CA LEU BB 448 -99.48 -48.37 48.98
C LEU BB 448 -100.05 -49.68 48.45
N SER BB 449 -99.92 -50.75 49.22
CA SER BB 449 -100.33 -52.07 48.77
C SER BB 449 -101.70 -52.48 49.25
N ARG BB 450 -102.15 -51.99 50.40
CA ARG BB 450 -103.49 -52.29 50.88
C ARG BB 450 -104.05 -51.09 51.62
N THR BB 451 -105.36 -50.90 51.50
CA THR BB 451 -106.06 -49.87 52.25
C THR BB 451 -107.09 -50.47 53.21
N GLN BB 452 -107.19 -51.78 53.28
CA GLN BB 452 -108.17 -52.46 54.12
C GLN BB 452 -107.54 -53.69 54.74
N THR BB 453 -107.84 -53.94 56.01
CA THR BB 453 -107.28 -55.08 56.72
C THR BB 453 -107.76 -56.40 56.15
N ASN BB 459 -113.64 -56.20 57.91
CA ASN BB 459 -112.36 -55.55 57.74
C ASN BB 459 -112.48 -54.04 57.86
N THR BB 460 -111.43 -53.40 58.32
CA THR BB 460 -111.42 -51.96 58.58
C THR BB 460 -110.36 -51.29 57.72
N GLN BB 461 -110.38 -49.97 57.71
CA GLN BB 461 -109.39 -49.20 56.98
C GLN BB 461 -108.02 -49.35 57.61
N THR BB 462 -107.01 -49.37 56.75
CA THR BB 462 -105.61 -49.44 57.17
C THR BB 462 -104.76 -48.88 56.06
N LEU BB 463 -103.46 -48.78 56.31
CA LEU BB 463 -102.49 -48.37 55.30
C LEU BB 463 -101.35 -49.39 55.34
N GLY BB 464 -101.32 -50.28 54.36
CA GLY BB 464 -100.25 -51.25 54.21
C GLY BB 464 -99.38 -50.87 53.02
N PHE BB 465 -98.07 -50.92 53.22
CA PHE BB 465 -97.11 -50.54 52.21
C PHE BB 465 -96.18 -51.70 51.94
N SER BB 466 -95.90 -51.96 50.67
CA SER BB 466 -95.03 -53.04 50.27
C SER BB 466 -93.96 -52.49 49.33
N GLN BB 467 -92.85 -53.20 49.26
CA GLN BB 467 -91.79 -52.86 48.33
C GLN BB 467 -92.04 -53.55 47.00
N GLY BB 468 -91.98 -52.77 45.92
CA GLY BB 468 -92.07 -53.34 44.59
C GLY BB 468 -90.96 -54.32 44.34
N GLY BB 469 -91.30 -55.49 43.81
CA GLY BB 469 -90.31 -56.52 43.58
C GLY BB 469 -90.57 -57.27 42.29
N PRO BB 470 -89.88 -58.40 42.12
CA PRO BB 470 -90.03 -59.18 40.89
C PRO BB 470 -91.45 -59.64 40.62
N ASN BB 471 -92.26 -59.85 41.66
CA ASN BB 471 -93.62 -60.34 41.47
C ASN BB 471 -94.64 -59.22 41.35
N THR BB 472 -94.46 -58.12 42.08
CA THR BB 472 -95.34 -56.96 41.97
C THR BB 472 -94.75 -55.92 41.02
N MET BB 473 -94.51 -56.37 39.80
CA MET BB 473 -93.78 -55.55 38.85
C MET BB 473 -94.65 -54.43 38.30
N ALA BB 474 -95.97 -54.61 38.29
CA ALA BB 474 -96.88 -53.55 37.89
C ALA BB 474 -96.94 -52.43 38.93
N ASN BB 475 -96.60 -52.72 40.17
CA ASN BB 475 -96.66 -51.73 41.24
C ASN BB 475 -95.37 -50.96 41.43
N GLN BB 476 -94.29 -51.37 40.77
CA GLN BB 476 -92.99 -50.77 41.00
C GLN BB 476 -92.97 -49.30 40.59
N ALA BB 477 -92.22 -48.52 41.34
CA ALA BB 477 -91.97 -47.14 40.94
C ALA BB 477 -91.16 -47.13 39.65
N LYS BB 478 -91.55 -46.26 38.72
CA LYS BB 478 -90.93 -46.20 37.41
C LYS BB 478 -90.65 -44.75 37.05
N ASN BB 479 -89.67 -44.57 36.17
CA ASN BB 479 -89.21 -43.24 35.81
C ASN BB 479 -89.90 -42.65 34.59
N TRP BB 480 -90.58 -43.46 33.80
CA TRP BB 480 -91.04 -43.02 32.48
C TRP BB 480 -92.47 -43.46 32.25
N LEU BB 481 -93.13 -42.77 31.33
CA LEU BB 481 -94.49 -43.03 30.94
C LEU BB 481 -94.56 -43.33 29.45
N PRO BB 482 -95.53 -44.14 29.01
CA PRO BB 482 -95.70 -44.38 27.58
C PRO BB 482 -96.10 -43.10 26.86
N GLY BB 483 -95.78 -43.06 25.58
CA GLY BB 483 -96.06 -41.92 24.76
C GLY BB 483 -97.52 -41.53 24.74
N PRO BB 484 -97.83 -40.40 24.10
CA PRO BB 484 -99.19 -39.87 24.14
C PRO BB 484 -100.16 -40.73 23.35
N CYS BB 485 -101.44 -40.59 23.69
CA CYS BB 485 -102.49 -41.42 23.14
C CYS BB 485 -103.60 -40.55 22.59
N TYR BB 486 -104.14 -40.96 21.43
CA TYR BB 486 -105.33 -40.35 20.84
C TYR BB 486 -106.17 -41.51 20.31
N ARG BB 487 -107.03 -42.05 21.17
CA ARG BB 487 -107.57 -43.39 20.96
C ARG BB 487 -108.36 -43.50 19.67
N GLN BB 488 -108.11 -44.59 18.94
CA GLN BB 488 -108.79 -44.91 17.71
C GLN BB 488 -109.72 -46.09 17.92
N GLN BB 489 -110.76 -46.16 17.10
CA GLN BB 489 -111.67 -47.29 17.14
C GLN BB 489 -110.98 -48.53 16.59
N ARG BB 490 -111.26 -49.67 17.20
CA ARG BB 490 -110.66 -50.93 16.80
C ARG BB 490 -111.50 -51.60 15.73
N VAL BB 491 -110.85 -52.03 14.66
CA VAL BB 491 -111.50 -52.75 13.56
C VAL BB 491 -110.78 -54.08 13.40
N SER BB 492 -111.56 -55.15 13.25
CA SER BB 492 -111.02 -56.49 13.05
C SER BB 492 -111.00 -56.80 11.57
N THR BB 493 -109.89 -57.36 11.09
CA THR BB 493 -109.84 -57.86 9.73
C THR BB 493 -110.76 -59.05 9.53
N THR BB 494 -111.10 -59.75 10.61
CA THR BB 494 -112.18 -60.74 10.59
C THR BB 494 -113.49 -59.98 10.72
N THR BB 495 -114.16 -59.76 9.58
CA THR BB 495 -115.28 -58.82 9.55
C THR BB 495 -116.42 -59.25 10.45
N GLY BB 496 -116.59 -60.56 10.67
CA GLY BB 496 -117.64 -61.02 11.54
C GLY BB 496 -117.51 -60.54 12.97
N GLN BB 497 -116.31 -60.17 13.39
CA GLN BB 497 -116.09 -59.63 14.73
C GLN BB 497 -116.38 -58.14 14.82
N ASN BB 498 -116.66 -57.47 13.70
CA ASN BB 498 -116.95 -56.05 13.70
C ASN BB 498 -118.44 -55.81 13.89
N ASN BB 499 -118.75 -54.62 14.39
CA ASN BB 499 -120.15 -54.20 14.50
C ASN BB 499 -120.77 -54.10 13.13
N ASN BB 500 -122.01 -54.56 13.01
CA ASN BB 500 -122.73 -54.53 11.74
C ASN BB 500 -123.30 -53.13 11.53
N SER BB 501 -122.41 -52.21 11.20
CA SER BB 501 -122.78 -50.84 10.90
C SER BB 501 -121.65 -50.21 10.10
N ASN BB 502 -121.97 -49.10 9.44
CA ASN BB 502 -120.99 -48.34 8.66
C ASN BB 502 -120.45 -47.24 9.57
N PHE BB 503 -119.34 -47.54 10.25
CA PHE BB 503 -118.80 -46.64 11.25
C PHE BB 503 -117.41 -46.13 10.91
N ALA BB 504 -116.97 -46.27 9.66
CA ALA BB 504 -115.64 -45.82 9.30
C ALA BB 504 -115.47 -44.33 9.53
N TRP BB 505 -116.50 -43.54 9.20
CA TRP BB 505 -116.48 -42.11 9.43
C TRP BB 505 -117.12 -41.71 10.74
N THR BB 506 -118.29 -42.26 11.07
CA THR BB 506 -119.00 -41.86 12.28
C THR BB 506 -118.20 -42.19 13.53
N ALA BB 507 -117.57 -43.35 13.56
CA ALA BB 507 -116.72 -43.73 14.67
C ALA BB 507 -115.25 -43.40 14.42
N GLY BB 508 -114.95 -42.72 13.33
CA GLY BB 508 -113.58 -42.37 13.03
C GLY BB 508 -113.01 -41.41 14.06
N THR BB 509 -111.72 -41.55 14.31
CA THR BB 509 -111.01 -40.65 15.22
C THR BB 509 -110.62 -39.40 14.45
N LYS BB 510 -111.12 -38.26 14.89
CA LYS BB 510 -111.08 -37.04 14.10
C LYS BB 510 -110.51 -35.89 14.92
N TYR BB 511 -110.03 -34.88 14.22
CA TYR BB 511 -109.77 -33.58 14.81
C TYR BB 511 -110.69 -32.56 14.17
N HIS BB 512 -110.91 -31.47 14.90
CA HIS BB 512 -111.84 -30.42 14.51
C HIS BB 512 -111.05 -29.16 14.25
N LEU BB 513 -111.19 -28.59 13.06
CA LEU BB 513 -110.46 -27.39 12.68
C LEU BB 513 -111.38 -26.49 11.89
N ASN BB 514 -111.66 -25.30 12.43
CA ASN BB 514 -112.48 -24.29 11.77
C ASN BB 514 -113.83 -24.88 11.33
N GLY BB 515 -114.48 -25.57 12.25
CA GLY BB 515 -115.77 -26.17 11.97
C GLY BB 515 -115.73 -27.30 10.97
N ARG BB 516 -114.56 -27.80 10.63
CA ARG BB 516 -114.40 -28.89 9.68
C ARG BB 516 -113.83 -30.10 10.40
N ASN BB 517 -114.42 -31.26 10.18
CA ASN BB 517 -113.94 -32.50 10.77
C ASN BB 517 -113.06 -33.23 9.77
N SER BB 518 -111.87 -33.60 10.22
CA SER BB 518 -110.94 -34.37 9.42
C SER BB 518 -110.46 -35.56 10.23
N LEU BB 519 -110.31 -36.71 9.59
CA LEU BB 519 -109.78 -37.87 10.27
C LEU BB 519 -108.38 -37.59 10.78
N ALA BB 520 -108.10 -38.03 12.01
CA ALA BB 520 -106.74 -38.04 12.53
C ALA BB 520 -106.06 -39.27 11.95
N ASN BB 521 -105.69 -39.16 10.68
CA ASN BB 521 -105.30 -40.30 9.87
C ASN BB 521 -103.89 -40.06 9.33
N PRO BB 522 -102.89 -40.88 9.70
CA PRO BB 522 -103.04 -42.00 10.62
C PRO BB 522 -102.95 -41.59 12.09
N GLY BB 523 -102.82 -40.30 12.34
CA GLY BB 523 -102.72 -39.81 13.70
C GLY BB 523 -101.35 -40.05 14.30
N ILE BB 524 -101.28 -39.87 15.61
CA ILE BB 524 -100.00 -40.01 16.32
C ILE BB 524 -99.56 -41.46 16.31
N ALA BB 525 -98.25 -41.67 16.42
CA ALA BB 525 -97.68 -43.00 16.38
C ALA BB 525 -98.10 -43.78 17.61
N MET BB 526 -98.97 -44.76 17.42
CA MET BB 526 -99.35 -45.68 18.47
C MET BB 526 -99.26 -47.10 17.94
N ALA BB 527 -99.05 -48.05 18.85
CA ALA BB 527 -99.00 -49.43 18.47
C ALA BB 527 -100.31 -49.86 17.84
N THR BB 528 -100.23 -50.56 16.71
CA THR BB 528 -101.42 -50.95 15.97
C THR BB 528 -102.31 -51.86 16.82
N HIS BB 529 -101.71 -52.78 17.54
CA HIS BB 529 -102.44 -53.75 18.34
C HIS BB 529 -101.50 -54.24 19.44
N LYS BB 530 -102.09 -54.90 20.44
CA LYS BB 530 -101.29 -55.49 21.49
C LYS BB 530 -100.93 -56.93 21.11
N ASP BB 531 -100.38 -57.67 22.06
CA ASP BB 531 -99.94 -59.03 21.80
C ASP BB 531 -101.10 -59.91 21.36
N ASP BB 532 -100.84 -60.73 20.33
CA ASP BB 532 -101.79 -61.73 19.84
C ASP BB 532 -103.10 -61.12 19.33
N GLU BB 533 -103.03 -59.91 18.81
CA GLU BB 533 -104.21 -59.24 18.26
C GLU BB 533 -103.90 -58.63 16.91
N GLU BB 534 -103.17 -59.37 16.07
CA GLU BB 534 -102.76 -58.86 14.77
C GLU BB 534 -103.96 -58.55 13.88
N ARG BB 535 -105.08 -59.22 14.09
CA ARG BB 535 -106.28 -58.98 13.29
C ARG BB 535 -106.91 -57.63 13.54
N PHE BB 536 -106.53 -56.95 14.62
CA PHE BB 536 -107.11 -55.66 14.97
C PHE BB 536 -106.23 -54.53 14.48
N PHE BB 537 -106.85 -53.47 13.98
CA PHE BB 537 -106.13 -52.27 13.61
C PHE BB 537 -106.98 -51.05 13.94
N PRO BB 538 -106.36 -49.92 14.25
CA PRO BB 538 -107.11 -48.68 14.41
C PRO BB 538 -107.78 -48.30 13.09
N SER BB 539 -109.01 -47.78 13.19
CA SER BB 539 -109.82 -47.57 12.00
C SER BB 539 -109.15 -46.62 11.02
N ASN BB 540 -108.56 -45.54 11.51
CA ASN BB 540 -107.79 -44.63 10.67
C ASN BB 540 -106.46 -44.30 11.33
N GLY BB 541 -105.78 -45.33 11.84
CA GLY BB 541 -104.56 -45.12 12.58
C GLY BB 541 -103.35 -45.83 12.02
N ILE BB 542 -103.44 -46.35 10.80
CA ILE BB 542 -102.33 -47.03 10.15
C ILE BB 542 -102.24 -46.56 8.71
N LEU BB 543 -101.05 -46.69 8.14
CA LEU BB 543 -100.87 -46.51 6.71
C LEU BB 543 -101.39 -47.75 6.00
N ILE BB 544 -102.23 -47.54 4.99
CA ILE BB 544 -102.78 -48.62 4.19
C ILE BB 544 -102.33 -48.41 2.76
N PHE BB 545 -101.52 -49.31 2.25
CA PHE BB 545 -101.09 -49.28 0.86
C PHE BB 545 -101.94 -50.23 0.04
N GLY BB 546 -102.17 -49.85 -1.21
CA GLY BB 546 -102.91 -50.69 -2.12
C GLY BB 546 -101.99 -51.65 -2.85
N LYS BB 547 -102.48 -52.88 -3.03
CA LYS BB 547 -101.79 -53.80 -3.90
C LYS BB 547 -101.91 -53.32 -5.34
N GLN BB 548 -101.10 -53.92 -6.22
CA GLN BB 548 -101.15 -53.53 -7.62
C GLN BB 548 -102.55 -53.77 -8.18
N ASN BB 549 -103.04 -52.78 -8.93
CA ASN BB 549 -104.37 -52.82 -9.54
C ASN BB 549 -105.49 -52.82 -8.51
N ALA BB 550 -105.23 -52.31 -7.31
CA ALA BB 550 -106.30 -52.13 -6.35
C ALA BB 550 -107.20 -50.98 -6.78
N ALA BB 551 -108.50 -51.13 -6.55
CA ALA BB 551 -109.46 -50.12 -6.93
C ALA BB 551 -109.23 -48.84 -6.14
N ARG BB 552 -109.49 -47.70 -6.79
CA ARG BB 552 -109.39 -46.42 -6.10
C ARG BB 552 -110.40 -46.31 -4.97
N ASP BB 553 -111.64 -46.75 -5.21
CA ASP BB 553 -112.71 -46.65 -4.22
C ASP BB 553 -113.18 -48.05 -3.84
N ASN BB 554 -113.40 -48.26 -2.55
CA ASN BB 554 -113.98 -49.49 -2.01
C ASN BB 554 -113.18 -50.71 -2.44
N ALA BB 555 -111.86 -50.63 -2.32
CA ALA BB 555 -111.03 -51.80 -2.50
C ALA BB 555 -111.25 -52.76 -1.34
N ASP BB 556 -111.31 -54.05 -1.66
CA ASP BB 556 -111.50 -55.05 -0.62
C ASP BB 556 -110.23 -55.17 0.23
N TYR BB 557 -110.39 -55.78 1.41
CA TYR BB 557 -109.25 -55.97 2.29
C TYR BB 557 -108.15 -56.78 1.62
N SER BB 558 -108.51 -57.69 0.73
CA SER BB 558 -107.50 -58.47 0.02
C SER BB 558 -106.73 -57.65 -1.00
N ASP BB 559 -107.24 -56.48 -1.38
CA ASP BB 559 -106.58 -55.62 -2.35
C ASP BB 559 -105.70 -54.55 -1.71
N VAL BB 560 -105.65 -54.49 -0.38
CA VAL BB 560 -104.86 -53.47 0.29
C VAL BB 560 -103.86 -54.15 1.20
N MET BB 561 -102.86 -53.38 1.61
CA MET BB 561 -101.76 -53.86 2.44
C MET BB 561 -101.76 -53.02 3.72
N LEU BB 562 -102.24 -53.60 4.81
CA LEU BB 562 -102.24 -52.91 6.08
C LEU BB 562 -100.86 -52.93 6.70
N THR BB 563 -100.37 -51.76 7.11
CA THR BB 563 -99.15 -51.73 7.89
C THR BB 563 -99.47 -51.99 9.36
N SER BB 564 -98.43 -52.30 10.13
CA SER BB 564 -98.58 -52.55 11.55
C SER BB 564 -97.45 -51.87 12.30
N GLU BB 565 -97.79 -51.07 13.30
CA GLU BB 565 -96.81 -50.44 14.18
C GLU BB 565 -96.69 -51.19 15.49
N GLU BB 566 -96.80 -52.51 15.46
CA GLU BB 566 -96.71 -53.30 16.68
C GLU BB 566 -95.33 -53.25 17.31
N GLU BB 567 -94.30 -52.86 16.56
CA GLU BB 567 -92.96 -52.78 17.11
C GLU BB 567 -92.85 -51.75 18.22
N ILE BB 568 -93.72 -50.74 18.23
CA ILE BB 568 -93.67 -49.68 19.22
C ILE BB 568 -94.60 -49.96 20.40
N LYS BB 569 -95.09 -51.20 20.54
CA LYS BB 569 -95.82 -51.58 21.74
C LYS BB 569 -95.01 -51.34 22.99
N THR BB 570 -93.68 -51.45 22.89
CA THR BB 570 -92.82 -51.36 24.05
C THR BB 570 -92.82 -49.96 24.66
N THR BB 571 -93.11 -48.96 23.87
CA THR BB 571 -93.06 -47.58 24.34
C THR BB 571 -94.33 -46.81 24.09
N ASN BB 572 -95.00 -47.07 22.97
CA ASN BB 572 -96.22 -46.33 22.66
C ASN BB 572 -97.45 -47.12 23.08
N PRO BB 573 -98.47 -46.45 23.57
CA PRO BB 573 -99.72 -47.16 23.89
C PRO BB 573 -100.37 -47.70 22.64
N VAL BB 574 -101.14 -48.77 22.82
CA VAL BB 574 -101.88 -49.36 21.71
C VAL BB 574 -102.93 -48.37 21.22
N ALA BB 575 -103.02 -48.22 19.90
CA ALA BB 575 -103.86 -47.18 19.30
C ALA BB 575 -105.33 -47.34 19.68
N THR BB 576 -105.78 -48.56 19.91
CA THR BB 576 -107.18 -48.84 20.16
C THR BB 576 -107.49 -49.01 21.64
N GLU BB 577 -106.53 -48.79 22.51
CA GLU BB 577 -106.71 -48.94 23.94
C GLU BB 577 -106.58 -47.58 24.62
N GLU BB 578 -107.10 -47.51 25.83
CA GLU BB 578 -106.95 -46.31 26.63
C GLU BB 578 -105.51 -46.11 27.07
N TYR BB 579 -105.13 -44.86 27.27
CA TYR BB 579 -103.78 -44.57 27.77
C TYR BB 579 -103.59 -45.13 29.16
N GLY BB 580 -104.59 -44.96 30.02
CA GLY BB 580 -104.44 -45.37 31.39
C GLY BB 580 -105.67 -45.01 32.19
N ILE BB 581 -105.50 -44.97 33.50
CA ILE BB 581 -106.58 -44.74 34.44
C ILE BB 581 -106.18 -43.61 35.37
N VAL BB 582 -107.09 -42.66 35.57
CA VAL BB 582 -106.88 -41.58 36.53
C VAL BB 582 -108.05 -41.57 37.50
N ALA BB 583 -107.82 -40.96 38.66
CA ALA BB 583 -108.88 -40.77 39.63
C ALA BB 583 -109.89 -39.75 39.13
N ASP BB 584 -111.17 -40.01 39.37
CA ASP BB 584 -112.23 -39.12 38.95
C ASP BB 584 -112.89 -38.37 40.09
N ASN BB 585 -112.53 -38.67 41.33
CA ASN BB 585 -113.17 -38.04 42.49
C ASN BB 585 -112.19 -38.10 43.66
N LEU BB 586 -112.68 -37.69 44.83
CA LEU BB 586 -111.94 -37.79 46.07
C LEU BB 586 -112.66 -38.81 46.94
N GLN BB 587 -112.04 -39.97 47.15
CA GLN BB 587 -112.65 -41.00 47.98
C GLN BB 587 -112.69 -40.55 49.43
N GLN BB 588 -113.79 -40.87 50.11
CA GLN BB 588 -113.95 -40.67 51.53
C GLN BB 588 -114.51 -41.95 52.12
N GLN BB 589 -114.72 -41.95 53.44
CA GLN BB 589 -115.32 -43.11 54.07
C GLN BB 589 -116.73 -43.38 53.58
N ASN BB 590 -117.38 -42.39 52.97
CA ASN BB 590 -118.72 -42.57 52.45
C ASN BB 590 -118.77 -42.62 50.92
N THR BB 591 -117.72 -42.20 50.22
CA THR BB 591 -117.70 -42.21 48.76
C THR BB 591 -116.57 -43.12 48.29
N ALA BB 592 -116.94 -44.18 47.57
CA ALA BB 592 -115.94 -45.08 47.02
C ALA BB 592 -115.14 -44.37 45.93
N PRO BB 593 -113.86 -44.68 45.79
CA PRO BB 593 -113.06 -44.05 44.75
C PRO BB 593 -113.57 -44.40 43.36
N GLN BB 594 -113.56 -43.41 42.48
CA GLN BB 594 -113.98 -43.57 41.10
C GLN BB 594 -112.80 -43.34 40.18
N ILE BB 595 -112.77 -44.08 39.08
CA ILE BB 595 -111.65 -44.01 38.16
C ILE BB 595 -112.17 -43.52 36.81
N GLY BB 596 -111.34 -42.75 36.12
CA GLY BB 596 -111.63 -42.27 34.78
C GLY BB 596 -110.69 -42.91 33.78
N THR BB 597 -111.24 -43.30 32.64
CA THR BB 597 -110.47 -43.92 31.58
C THR BB 597 -109.93 -42.83 30.66
N VAL BB 598 -108.60 -42.76 30.52
CA VAL BB 598 -107.95 -41.74 29.72
C VAL BB 598 -107.87 -42.25 28.29
N ASN BB 599 -108.75 -41.74 27.42
CA ASN BB 599 -108.76 -42.11 26.01
C ASN BB 599 -107.98 -41.14 25.14
N SER BB 600 -107.51 -40.03 25.71
CA SER BB 600 -106.69 -39.07 24.98
C SER BB 600 -105.75 -38.44 25.98
N GLN BB 601 -104.45 -38.60 25.75
CA GLN BB 601 -103.44 -38.11 26.68
C GLN BB 601 -102.41 -37.31 25.91
N GLY BB 602 -102.31 -36.02 26.20
CA GLY BB 602 -101.26 -35.19 25.66
C GLY BB 602 -99.95 -35.43 26.37
N ALA BB 603 -98.95 -34.65 25.97
CA ALA BB 603 -97.60 -34.85 26.48
C ALA BB 603 -97.54 -34.66 27.99
N LEU BB 604 -96.94 -35.63 28.67
CA LEU BB 604 -96.65 -35.54 30.09
C LEU BB 604 -95.14 -35.65 30.29
N PRO BB 605 -94.60 -35.00 31.32
CA PRO BB 605 -93.17 -35.15 31.61
C PRO BB 605 -92.83 -36.59 31.90
N GLY BB 606 -91.65 -37.00 31.45
CA GLY BB 606 -91.24 -38.38 31.58
C GLY BB 606 -91.81 -39.30 30.53
N MET BB 607 -92.59 -38.79 29.59
CA MET BB 607 -93.15 -39.62 28.55
C MET BB 607 -92.14 -39.84 27.44
N VAL BB 608 -92.06 -41.07 26.95
CA VAL BB 608 -91.20 -41.41 25.83
C VAL BB 608 -92.05 -42.15 24.80
N TRP BB 609 -91.67 -42.03 23.53
CA TRP BB 609 -92.43 -42.67 22.47
C TRP BB 609 -91.55 -42.85 21.25
N GLN BB 610 -91.99 -43.71 20.35
CA GLN BB 610 -91.38 -43.91 19.05
C GLN BB 610 -92.26 -43.28 17.98
N ASN BB 611 -91.61 -42.85 16.90
CA ASN BB 611 -92.35 -42.37 15.76
C ASN BB 611 -92.91 -43.54 14.95
N ARG BB 612 -93.80 -43.21 14.02
CA ARG BB 612 -94.29 -44.21 13.09
C ARG BB 612 -93.14 -44.71 12.22
N ASP BB 613 -93.19 -45.99 11.87
CA ASP BB 613 -92.20 -46.56 10.99
C ASP BB 613 -92.31 -45.97 9.59
N VAL BB 614 -91.21 -45.96 8.87
CA VAL BB 614 -91.23 -45.65 7.45
C VAL BB 614 -91.30 -46.95 6.68
N TYR BB 615 -91.76 -46.86 5.45
CA TYR BB 615 -91.97 -48.04 4.61
C TYR BB 615 -91.35 -47.80 3.24
N LEU BB 616 -90.99 -48.90 2.58
CA LEU BB 616 -90.44 -48.80 1.24
C LEU BB 616 -91.40 -48.06 0.32
N GLN BB 617 -92.70 -48.30 0.46
CA GLN BB 617 -93.72 -47.61 -0.32
C GLN BB 617 -94.15 -46.29 0.30
N GLY BB 618 -93.69 -45.98 1.51
CA GLY BB 618 -94.18 -44.84 2.24
C GLY BB 618 -93.46 -43.55 1.92
N PRO BB 619 -93.95 -42.44 2.47
CA PRO BB 619 -93.29 -41.15 2.26
C PRO BB 619 -91.96 -41.06 2.99
N ILE BB 620 -91.11 -40.17 2.47
CA ILE BB 620 -89.79 -39.94 3.06
C ILE BB 620 -89.80 -38.73 3.98
N TRP BB 621 -90.31 -37.59 3.50
CA TRP BB 621 -90.24 -36.37 4.25
C TRP BB 621 -91.57 -35.63 4.15
N ALA BB 622 -91.77 -34.71 5.07
CA ALA BB 622 -92.85 -33.73 4.98
C ALA BB 622 -92.29 -32.38 5.39
N LYS BB 623 -92.87 -31.32 4.85
CA LYS BB 623 -92.52 -29.98 5.26
C LYS BB 623 -93.18 -29.69 6.60
N ILE BB 624 -92.38 -29.30 7.59
CA ILE BB 624 -92.93 -28.84 8.85
C ILE BB 624 -93.62 -27.52 8.58
N PRO BB 625 -94.91 -27.38 8.90
CA PRO BB 625 -95.60 -26.11 8.65
C PRO BB 625 -94.91 -24.97 9.38
N HIS BB 626 -94.84 -23.82 8.74
CA HIS BB 626 -94.22 -22.64 9.32
C HIS BB 626 -95.19 -22.06 10.33
N THR BB 627 -95.03 -22.43 11.60
CA THR BB 627 -95.89 -21.97 12.67
C THR BB 627 -95.05 -21.49 13.84
N ASP BB 628 -95.70 -20.79 14.77
CA ASP BB 628 -95.03 -20.35 15.98
C ASP BB 628 -94.56 -21.53 16.82
N GLY BB 629 -95.41 -22.54 16.96
CA GLY BB 629 -95.09 -23.66 17.80
C GLY BB 629 -95.46 -24.97 17.13
N ASN BB 630 -94.65 -25.97 17.39
CA ASN BB 630 -94.96 -27.35 17.07
C ASN BB 630 -94.45 -28.22 18.18
N PHE BB 631 -95.05 -29.40 18.31
CA PHE BB 631 -94.59 -30.38 19.28
C PHE BB 631 -94.15 -31.63 18.54
N HIS BB 632 -92.88 -32.00 18.70
CA HIS BB 632 -92.28 -33.16 18.06
C HIS BB 632 -92.64 -33.17 16.58
N PRO BB 633 -92.08 -32.26 15.78
CA PRO BB 633 -92.54 -32.13 14.39
C PRO BB 633 -92.09 -33.27 13.49
N SER BB 634 -92.40 -34.47 13.89
CA SER BB 634 -92.21 -35.63 13.03
C SER BB 634 -93.50 -35.92 12.28
N PRO BB 635 -93.46 -36.02 10.95
CA PRO BB 635 -94.69 -36.19 10.18
C PRO BB 635 -95.44 -37.43 10.61
N LEU BB 636 -96.77 -37.32 10.66
CA LEU BB 636 -97.57 -38.39 11.25
C LEU BB 636 -97.66 -39.62 10.36
N MET BB 637 -97.67 -39.45 9.04
CA MET BB 637 -97.59 -40.62 8.18
C MET BB 637 -96.18 -41.16 8.06
N GLY BB 638 -95.26 -40.70 8.89
CA GLY BB 638 -93.92 -41.23 8.94
C GLY BB 638 -92.95 -40.44 8.08
N GLY BB 639 -91.69 -40.53 8.45
CA GLY BB 639 -90.63 -39.90 7.71
C GLY BB 639 -89.96 -38.79 8.47
N PHE BB 640 -89.29 -37.91 7.73
CA PHE BB 640 -88.47 -36.86 8.29
C PHE BB 640 -89.19 -35.54 8.16
N GLY BB 641 -89.38 -34.85 9.28
CA GLY BB 641 -89.93 -33.52 9.26
C GLY BB 641 -88.84 -32.51 8.97
N LEU BB 642 -89.01 -31.72 7.92
CA LEU BB 642 -88.00 -30.76 7.49
C LEU BB 642 -88.61 -29.36 7.45
N LYS BB 643 -87.95 -28.41 8.09
CA LYS BB 643 -88.34 -27.02 7.94
C LYS BB 643 -88.15 -26.56 6.49
N HIS BB 644 -87.07 -27.01 5.86
CA HIS BB 644 -86.76 -26.67 4.47
C HIS BB 644 -86.57 -27.98 3.71
N PRO BB 645 -87.67 -28.60 3.29
CA PRO BB 645 -87.59 -29.88 2.62
C PRO BB 645 -87.02 -29.73 1.21
N PRO BB 646 -86.80 -30.83 0.50
CA PRO BB 646 -86.45 -30.71 -0.91
C PRO BB 646 -87.45 -29.86 -1.64
N PRO BB 647 -86.99 -28.86 -2.38
CA PRO BB 647 -87.92 -27.91 -2.99
C PRO BB 647 -88.78 -28.58 -4.05
N GLN BB 648 -89.99 -28.04 -4.20
CA GLN BB 648 -90.85 -28.49 -5.29
C GLN BB 648 -90.21 -28.14 -6.62
N ILE BB 649 -90.21 -29.09 -7.54
CA ILE BB 649 -89.66 -28.91 -8.87
C ILE BB 649 -90.84 -28.83 -9.81
N LEU BB 650 -91.11 -27.64 -10.34
CA LEU BB 650 -92.26 -27.38 -11.18
C LEU BB 650 -91.82 -27.42 -12.63
N ILE BB 651 -92.59 -28.10 -13.46
CA ILE BB 651 -92.26 -28.27 -14.87
C ILE BB 651 -93.52 -28.01 -15.69
N LYS BB 652 -93.35 -27.35 -16.83
CA LYS BB 652 -94.47 -27.03 -17.70
C LYS BB 652 -93.99 -27.00 -19.14
N ASN BB 653 -94.83 -27.48 -20.04
CA ASN BB 653 -94.60 -27.24 -21.46
C ASN BB 653 -94.92 -25.79 -21.77
N THR BB 654 -93.96 -25.09 -22.35
CA THR BB 654 -94.20 -23.71 -22.75
C THR BB 654 -95.27 -23.68 -23.83
N PRO BB 655 -96.33 -22.90 -23.66
CA PRO BB 655 -97.38 -22.86 -24.69
C PRO BB 655 -96.81 -22.38 -26.02
N VAL BB 656 -97.18 -23.09 -27.08
CA VAL BB 656 -96.82 -22.71 -28.44
C VAL BB 656 -98.11 -22.36 -29.17
N PRO BB 657 -98.37 -21.09 -29.43
CA PRO BB 657 -99.62 -20.71 -30.09
C PRO BB 657 -99.71 -21.32 -31.48
N ALA BB 658 -100.94 -21.67 -31.86
CA ALA BB 658 -101.22 -21.94 -33.25
C ALA BB 658 -101.19 -20.62 -34.03
N ASP BB 659 -101.48 -20.68 -35.32
CA ASP BB 659 -101.36 -19.48 -36.12
C ASP BB 659 -102.35 -18.42 -35.64
N PRO BB 660 -101.88 -17.25 -35.25
CA PRO BB 660 -102.79 -16.19 -34.83
C PRO BB 660 -103.50 -15.59 -36.03
N PRO BB 661 -104.58 -14.86 -35.82
CA PRO BB 661 -105.23 -14.17 -36.95
C PRO BB 661 -104.31 -13.12 -37.53
N THR BB 662 -104.56 -12.77 -38.78
CA THR BB 662 -103.74 -11.78 -39.47
C THR BB 662 -104.16 -10.35 -39.15
N THR BB 663 -105.24 -10.17 -38.41
CA THR BB 663 -105.65 -8.87 -37.89
C THR BB 663 -105.55 -8.90 -36.37
N PHE BB 664 -105.08 -7.83 -35.78
CA PHE BB 664 -104.78 -7.83 -34.35
C PHE BB 664 -106.04 -8.04 -33.52
N ASN BB 665 -105.93 -8.91 -32.53
CA ASN BB 665 -106.96 -9.13 -31.53
C ASN BB 665 -106.32 -9.05 -30.16
N GLN BB 666 -106.88 -8.22 -29.28
CA GLN BB 666 -106.30 -8.05 -27.96
C GLN BB 666 -106.53 -9.24 -27.05
N SER BB 667 -107.48 -10.10 -27.39
CA SER BB 667 -107.82 -11.22 -26.53
C SER BB 667 -106.64 -12.18 -26.43
N LYS BB 668 -106.49 -12.79 -25.25
CA LYS BB 668 -105.45 -13.78 -25.05
C LYS BB 668 -105.65 -14.94 -26.02
N LEU BB 669 -104.55 -15.48 -26.52
CA LEU BB 669 -104.63 -16.59 -27.46
C LEU BB 669 -105.08 -17.85 -26.74
N ASN BB 670 -106.05 -18.54 -27.33
CA ASN BB 670 -106.52 -19.81 -26.79
C ASN BB 670 -106.30 -20.96 -27.75
N SER BB 671 -105.76 -20.70 -28.93
CA SER BB 671 -105.47 -21.75 -29.91
C SER BB 671 -104.00 -22.08 -29.79
N PHE BB 672 -103.70 -23.28 -29.31
CA PHE BB 672 -102.33 -23.70 -29.08
C PHE BB 672 -102.04 -24.98 -29.81
N ILE BB 673 -100.78 -25.15 -30.20
CA ILE BB 673 -100.32 -26.39 -30.77
C ILE BB 673 -100.35 -27.47 -29.70
N THR BB 674 -101.01 -28.59 -29.98
CA THR BB 674 -101.09 -29.68 -29.02
C THR BB 674 -99.70 -30.27 -28.83
N GLN BB 675 -99.29 -30.41 -27.58
CA GLN BB 675 -97.88 -30.63 -27.31
C GLN BB 675 -97.72 -31.36 -25.99
N TYR BB 676 -96.71 -32.22 -25.94
CA TYR BB 676 -96.31 -32.86 -24.70
C TYR BB 676 -94.80 -33.05 -24.73
N SER BB 677 -94.21 -33.20 -23.56
CA SER BB 677 -92.78 -33.41 -23.45
C SER BB 677 -92.50 -34.71 -22.73
N THR BB 678 -91.36 -35.30 -23.06
CA THR BB 678 -90.86 -36.47 -22.37
C THR BB 678 -89.37 -36.28 -22.14
N GLY BB 679 -88.85 -36.98 -21.15
CA GLY BB 679 -87.45 -36.88 -20.86
C GLY BB 679 -87.08 -37.85 -19.76
N GLN BB 680 -85.86 -37.71 -19.28
CA GLN BB 680 -85.38 -38.52 -18.18
C GLN BB 680 -85.16 -37.63 -16.97
N VAL BB 681 -85.46 -38.17 -15.80
CA VAL BB 681 -85.24 -37.48 -14.53
C VAL BB 681 -84.34 -38.36 -13.68
N SER BB 682 -83.31 -37.77 -13.11
CA SER BB 682 -82.41 -38.46 -12.20
C SER BB 682 -82.46 -37.77 -10.86
N VAL BB 683 -82.64 -38.56 -9.81
CA VAL BB 683 -82.54 -38.06 -8.44
C VAL BB 683 -81.55 -38.94 -7.70
N GLU BB 684 -80.55 -38.31 -7.10
CA GLU BB 684 -79.53 -38.99 -6.31
C GLU BB 684 -79.65 -38.49 -4.88
N ILE BB 685 -79.84 -39.40 -3.95
CA ILE BB 685 -79.91 -39.05 -2.53
C ILE BB 685 -78.81 -39.80 -1.81
N GLU BB 686 -78.03 -39.07 -1.03
CA GLU BB 686 -77.05 -39.65 -0.13
C GLU BB 686 -77.69 -39.79 1.25
N TRP BB 687 -77.68 -41.00 1.78
CA TRP BB 687 -78.23 -41.29 3.09
C TRP BB 687 -77.10 -41.63 4.05
N GLU BB 688 -77.19 -41.08 5.26
CA GLU BB 688 -76.28 -41.47 6.33
C GLU BB 688 -76.89 -42.62 7.10
N LEU BB 689 -76.06 -43.59 7.46
CA LEU BB 689 -76.50 -44.79 8.15
C LEU BB 689 -76.04 -44.77 9.60
N GLN BB 690 -76.89 -45.26 10.48
CA GLN BB 690 -76.52 -45.55 11.86
C GLN BB 690 -76.31 -47.06 11.97
N LYS BB 691 -75.05 -47.48 12.03
CA LYS BB 691 -74.74 -48.89 12.15
C LYS BB 691 -75.17 -49.42 13.51
N GLU BB 692 -75.71 -50.64 13.52
CA GLU BB 692 -76.08 -51.27 14.77
C GLU BB 692 -74.83 -51.73 15.50
N ASN BB 693 -74.72 -51.35 16.77
CA ASN BB 693 -73.63 -51.80 17.62
C ASN BB 693 -74.26 -52.52 18.81
N SER BB 694 -74.53 -53.80 18.62
CA SER BB 694 -75.36 -54.58 19.52
C SER BB 694 -74.59 -55.76 20.07
N LYS BB 695 -74.75 -56.02 21.36
CA LYS BB 695 -74.17 -57.17 22.02
C LYS BB 695 -75.17 -58.30 22.22
N ARG BB 696 -76.30 -58.22 21.53
CA ARG BB 696 -77.28 -59.30 21.56
C ARG BB 696 -76.64 -60.60 21.10
N TRP BB 697 -76.89 -61.67 21.85
CA TRP BB 697 -76.27 -62.95 21.54
C TRP BB 697 -77.06 -63.72 20.49
N ASN BB 698 -78.37 -63.84 20.68
CA ASN BB 698 -79.18 -64.62 19.77
C ASN BB 698 -79.40 -63.87 18.47
N PRO BB 699 -79.71 -64.58 17.39
CA PRO BB 699 -79.89 -63.91 16.09
C PRO BB 699 -81.08 -62.95 16.12
N GLU BB 700 -80.96 -61.89 15.33
CA GLU BB 700 -82.01 -60.89 15.22
C GLU BB 700 -83.07 -61.34 14.21
N ILE BB 701 -84.20 -60.66 14.26
CA ILE BB 701 -85.20 -60.79 13.21
C ILE BB 701 -84.74 -59.99 12.00
N GLN BB 702 -84.80 -60.60 10.82
CA GLN BB 702 -84.38 -59.96 9.59
C GLN BB 702 -85.51 -60.06 8.59
N TYR BB 703 -85.63 -59.05 7.74
CA TYR BB 703 -86.52 -59.18 6.61
C TYR BB 703 -85.92 -60.14 5.61
N THR BB 704 -86.69 -61.14 5.19
CA THR BB 704 -86.22 -62.14 4.26
C THR BB 704 -87.33 -62.44 3.27
N SER BB 705 -86.93 -62.78 2.05
CA SER BB 705 -87.88 -63.32 1.10
C SER BB 705 -88.24 -64.75 1.50
N ASN BB 706 -89.44 -65.17 1.13
CA ASN BB 706 -89.88 -66.52 1.42
C ASN BB 706 -89.08 -67.52 0.59
N TYR BB 707 -88.63 -68.58 1.23
CA TYR BB 707 -87.82 -69.58 0.53
C TYR BB 707 -88.68 -70.48 -0.36
N TYR BB 708 -89.94 -70.68 0.00
CA TYR BB 708 -90.80 -71.64 -0.69
C TYR BB 708 -91.14 -71.15 -2.09
N LYS BB 709 -91.43 -72.10 -2.98
CA LYS BB 709 -91.70 -71.79 -4.38
C LYS BB 709 -92.98 -70.99 -4.53
N SER BB 710 -93.06 -70.24 -5.62
CA SER BB 710 -94.23 -69.42 -5.91
C SER BB 710 -94.34 -69.20 -7.39
N THR BB 711 -95.54 -68.78 -7.82
CA THR BB 711 -95.77 -68.55 -9.25
C THR BB 711 -94.89 -67.43 -9.78
N SER BB 712 -94.66 -66.40 -8.98
CA SER BB 712 -93.86 -65.26 -9.39
C SER BB 712 -92.91 -64.87 -8.27
N VAL BB 713 -91.84 -64.19 -8.65
CA VAL BB 713 -90.89 -63.65 -7.69
C VAL BB 713 -91.49 -62.41 -7.05
N ASP BB 714 -91.42 -62.33 -5.73
CA ASP BB 714 -91.88 -61.13 -5.03
C ASP BB 714 -91.00 -59.94 -5.39
N PHE BB 715 -91.63 -58.78 -5.57
CA PHE BB 715 -90.94 -57.57 -6.00
C PHE BB 715 -90.27 -57.78 -7.35
N ALA BB 716 -91.02 -58.36 -8.28
CA ALA BB 716 -90.59 -58.55 -9.66
C ALA BB 716 -91.79 -58.30 -10.55
N VAL BB 717 -91.59 -58.50 -11.83
CA VAL BB 717 -92.68 -58.36 -12.80
C VAL BB 717 -93.36 -59.71 -12.96
N ASN BB 718 -94.61 -59.68 -13.37
CA ASN BB 718 -95.34 -60.88 -13.69
C ASN BB 718 -95.19 -61.17 -15.18
N THR BB 719 -95.99 -62.10 -15.71
CA THR BB 719 -95.89 -62.46 -17.12
C THR BB 719 -96.33 -61.34 -18.04
N GLU BB 720 -97.07 -60.35 -17.52
CA GLU BB 720 -97.54 -59.22 -18.32
C GLU BB 720 -96.66 -58.01 -18.20
N GLY BB 721 -95.54 -58.10 -17.48
CA GLY BB 721 -94.67 -56.96 -17.33
C GLY BB 721 -95.04 -56.00 -16.23
N VAL BB 722 -96.00 -56.35 -15.39
CA VAL BB 722 -96.46 -55.47 -14.32
C VAL BB 722 -95.60 -55.69 -13.09
N TYR BB 723 -94.90 -54.65 -12.65
CA TYR BB 723 -94.18 -54.71 -11.41
C TYR BB 723 -95.13 -54.51 -10.24
N SER BB 724 -94.99 -55.33 -9.22
CA SER BB 724 -95.85 -55.24 -8.05
C SER BB 724 -95.03 -55.34 -6.79
N GLU BB 725 -95.48 -54.63 -5.75
CA GLU BB 725 -94.91 -54.76 -4.43
C GLU BB 725 -95.87 -55.58 -3.58
N PRO BB 726 -95.54 -56.82 -3.23
CA PRO BB 726 -96.55 -57.69 -2.61
C PRO BB 726 -96.89 -57.33 -1.18
N ARG BB 727 -95.99 -56.67 -0.46
CA ARG BB 727 -96.23 -56.36 0.94
C ARG BB 727 -95.57 -55.02 1.26
N PRO BB 728 -96.03 -54.33 2.30
CA PRO BB 728 -95.31 -53.14 2.77
C PRO BB 728 -94.15 -53.58 3.66
N ILE BB 729 -92.93 -53.25 3.24
CA ILE BB 729 -91.77 -53.58 4.05
C ILE BB 729 -91.51 -52.44 5.00
N GLY BB 730 -91.64 -52.70 6.28
CA GLY BB 730 -91.31 -51.71 7.29
C GLY BB 730 -89.81 -51.52 7.39
N THR BB 731 -89.37 -50.98 8.51
CA THR BB 731 -87.97 -50.66 8.67
C THR BB 731 -87.40 -51.22 9.97
N ARG BB 732 -88.24 -51.68 10.88
CA ARG BB 732 -87.81 -52.04 12.24
C ARG BB 732 -87.71 -53.55 12.35
N TYR BB 733 -86.49 -54.06 12.16
CA TYR BB 733 -86.20 -55.47 12.32
C TYR BB 733 -85.11 -55.72 13.33
N LEU BB 734 -84.07 -54.90 13.36
CA LEU BB 734 -83.07 -54.99 14.41
C LEU BB 734 -83.65 -54.50 15.73
N THR BB 735 -82.97 -54.80 16.82
CA THR BB 735 -83.45 -54.47 18.14
C THR BB 735 -82.45 -53.63 18.91
N ARG BB 736 -82.96 -52.81 19.80
CA ARG BB 736 -82.17 -52.06 20.77
C ARG BB 736 -82.80 -52.21 22.14
N ASN BB 737 -81.98 -52.08 23.17
CA ASN BB 737 -82.51 -51.91 24.50
C ASN BB 737 -83.11 -50.51 24.63
N LEU BB 738 -84.00 -50.36 25.60
CA LEU BB 738 -84.58 -49.05 25.85
C LEU BB 738 -83.58 -48.17 26.60
N GLY CB 221 -10.12 -5.40 -86.57
CA GLY CB 221 -9.14 -6.03 -87.42
C GLY CB 221 -9.69 -6.49 -88.76
N VAL CB 222 -8.82 -6.50 -89.78
CA VAL CB 222 -9.23 -6.94 -91.10
C VAL CB 222 -9.64 -8.41 -91.08
N GLY CB 223 -8.87 -9.24 -90.39
CA GLY CB 223 -9.08 -10.67 -90.40
C GLY CB 223 -9.91 -11.23 -89.27
N SER CB 224 -10.62 -10.39 -88.52
CA SER CB 224 -11.45 -10.85 -87.43
C SER CB 224 -12.89 -10.39 -87.65
N SER CB 225 -13.84 -11.29 -87.39
CA SER CB 225 -15.25 -10.96 -87.51
C SER CB 225 -15.65 -9.95 -86.43
N SER CB 226 -16.47 -8.99 -86.81
CA SER CB 226 -16.96 -7.98 -85.88
C SER CB 226 -18.32 -8.31 -85.30
N GLY CB 227 -18.88 -9.47 -85.62
CA GLY CB 227 -20.14 -9.88 -85.04
C GLY CB 227 -20.54 -11.23 -85.59
N ASN CB 228 -21.48 -11.85 -84.89
CA ASN CB 228 -21.97 -13.17 -85.22
C ASN CB 228 -23.37 -13.10 -85.80
N TRP CB 229 -23.76 -14.17 -86.48
CA TRP CB 229 -25.10 -14.29 -87.03
C TRP CB 229 -26.06 -14.63 -85.90
N HIS CB 230 -27.08 -13.80 -85.73
CA HIS CB 230 -28.06 -13.97 -84.65
C HIS CB 230 -29.46 -13.91 -85.25
N CYS CB 231 -29.96 -15.04 -85.71
CA CYS CB 231 -31.36 -15.20 -86.08
C CYS CB 231 -31.97 -16.20 -85.11
N ASP CB 232 -32.98 -15.75 -84.38
CA ASP CB 232 -33.56 -16.58 -83.33
C ASP CB 232 -34.81 -15.89 -82.82
N SER CB 233 -35.61 -16.66 -82.09
CA SER CB 233 -36.73 -16.13 -81.33
C SER CB 233 -36.82 -16.91 -80.03
N THR CB 234 -36.74 -16.21 -78.91
CA THR CB 234 -36.82 -16.84 -77.61
C THR CB 234 -38.10 -16.40 -76.93
N TRP CB 235 -38.95 -17.37 -76.61
CA TRP CB 235 -40.20 -17.12 -75.90
C TRP CB 235 -39.99 -17.42 -74.43
N LEU CB 236 -40.16 -16.42 -73.59
CA LEU CB 236 -39.89 -16.56 -72.16
C LEU CB 236 -40.96 -15.79 -71.40
N GLY CB 237 -41.92 -16.52 -70.85
CA GLY CB 237 -42.98 -15.88 -70.09
C GLY CB 237 -43.84 -14.99 -70.98
N ASP CB 238 -43.99 -13.74 -70.56
CA ASP CB 238 -44.79 -12.77 -71.30
C ASP CB 238 -43.97 -11.98 -72.30
N ARG CB 239 -42.76 -12.42 -72.60
CA ARG CB 239 -41.89 -11.78 -73.58
C ARG CB 239 -41.55 -12.75 -74.69
N VAL CB 240 -41.39 -12.21 -75.90
CA VAL CB 240 -40.73 -12.91 -76.98
C VAL CB 240 -39.66 -11.98 -77.53
N ILE CB 241 -38.45 -12.49 -77.67
CA ILE CB 241 -37.33 -11.72 -78.19
C ILE CB 241 -37.01 -12.27 -79.56
N THR CB 242 -37.35 -11.52 -80.60
CA THR CB 242 -36.98 -11.87 -81.96
C THR CB 242 -35.67 -11.20 -82.30
N THR CB 243 -34.75 -11.95 -82.84
CA THR CB 243 -33.52 -11.40 -83.39
C THR CB 243 -33.35 -11.92 -84.81
N SER CB 244 -33.00 -11.04 -85.72
CA SER CB 244 -32.86 -11.41 -87.12
C SER CB 244 -31.62 -10.78 -87.68
N THR CB 245 -30.85 -11.57 -88.42
CA THR CB 245 -29.66 -11.10 -89.10
C THR CB 245 -29.85 -11.27 -90.59
N ARG CB 246 -29.42 -10.27 -91.35
CA ARG CB 246 -29.48 -10.33 -92.80
C ARG CB 246 -28.17 -9.81 -93.37
N THR CB 247 -27.85 -10.26 -94.57
CA THR CB 247 -26.75 -9.72 -95.33
C THR CB 247 -27.28 -8.63 -96.26
N TRP CB 248 -26.67 -7.46 -96.19
CA TRP CB 248 -27.09 -6.33 -96.99
C TRP CB 248 -25.99 -5.95 -97.98
N ALA CB 249 -26.37 -5.24 -99.02
CA ALA CB 249 -25.44 -4.64 -99.95
C ALA CB 249 -25.84 -3.19 -100.17
N LEU CB 250 -24.90 -2.28 -99.96
CA LEU CB 250 -25.16 -0.86 -100.12
C LEU CB 250 -24.39 -0.32 -101.31
N PRO CB 251 -25.04 0.08 -102.39
CA PRO CB 251 -24.34 0.71 -103.49
C PRO CB 251 -24.04 2.17 -103.17
N THR CB 252 -23.30 2.80 -104.07
CA THR CB 252 -23.19 4.24 -104.05
C THR CB 252 -24.42 4.82 -104.74
N TYR CB 253 -25.17 5.63 -104.01
CA TYR CB 253 -26.39 6.23 -104.54
C TYR CB 253 -26.10 7.63 -105.03
N ASN CB 254 -26.71 8.00 -106.14
CA ASN CB 254 -26.71 9.37 -106.67
C ASN CB 254 -25.32 9.84 -107.05
N ASN CB 255 -24.35 8.94 -107.18
CA ASN CB 255 -22.96 9.32 -107.40
C ASN CB 255 -22.47 10.28 -106.31
N HIS CB 256 -22.84 9.98 -105.06
CA HIS CB 256 -22.48 10.74 -103.88
C HIS CB 256 -23.11 12.13 -103.84
N LEU CB 257 -24.12 12.39 -104.64
CA LEU CB 257 -24.69 13.72 -104.75
C LEU CB 257 -26.06 13.81 -104.08
N TYR CB 258 -26.38 15.00 -103.61
CA TYR CB 258 -27.76 15.34 -103.27
C TYR CB 258 -28.40 15.96 -104.50
N LYS CB 259 -29.51 15.40 -104.94
CA LYS CB 259 -30.20 15.89 -106.11
C LYS CB 259 -31.59 16.36 -105.73
N GLN CB 260 -31.93 17.57 -106.15
CA GLN CB 260 -33.31 18.02 -106.05
C GLN CB 260 -34.16 17.23 -107.03
N ILE CB 261 -35.28 16.71 -106.54
CA ILE CB 261 -36.20 15.94 -107.36
C ILE CB 261 -37.58 16.60 -107.28
N SER CB 262 -38.29 16.59 -108.38
CA SER CB 262 -39.57 17.27 -108.46
C SER CB 262 -40.48 16.55 -109.43
N ASN CB 263 -41.76 16.90 -109.37
CA ASN CB 263 -42.74 16.43 -110.32
C ASN CB 263 -43.82 17.50 -110.40
N GLY CB 264 -44.07 18.01 -111.60
CA GLY CB 264 -45.04 19.05 -111.82
C GLY CB 264 -46.16 18.60 -112.73
N THR CB 265 -47.04 19.54 -113.02
CA THR CB 265 -48.18 19.27 -113.90
C THR CB 265 -47.80 19.47 -115.36
N ALA CB 269 -48.14 14.77 -115.35
CA ALA CB 269 -48.58 14.42 -114.02
C ALA CB 269 -49.69 15.35 -113.55
N THR CB 270 -50.58 14.83 -112.71
CA THR CB 270 -51.66 15.64 -112.16
C THR CB 270 -51.17 16.41 -110.93
N ASN CB 271 -51.95 17.41 -110.54
CA ASN CB 271 -51.60 18.17 -109.34
C ASN CB 271 -51.59 17.30 -108.09
N ASP CB 272 -52.40 16.24 -108.08
CA ASP CB 272 -52.44 15.36 -106.92
C ASP CB 272 -51.12 14.63 -106.69
N ASN CB 273 -50.29 14.52 -107.72
CA ASN CB 273 -49.04 13.76 -107.63
C ASN CB 273 -47.80 14.63 -107.69
N THR CB 274 -47.94 15.95 -107.56
CA THR CB 274 -46.77 16.81 -107.59
C THR CB 274 -45.97 16.67 -106.30
N TYR CB 275 -44.67 16.88 -106.40
CA TYR CB 275 -43.84 16.88 -105.22
C TYR CB 275 -42.56 17.67 -105.48
N PHE CB 276 -41.94 18.11 -104.40
CA PHE CB 276 -40.60 18.66 -104.41
C PHE CB 276 -39.85 18.01 -103.27
N GLY CB 277 -38.65 17.55 -103.53
CA GLY CB 277 -37.88 16.90 -102.50
C GLY CB 277 -36.44 16.74 -102.89
N TYR CB 278 -35.75 15.89 -102.15
CA TYR CB 278 -34.33 15.68 -102.40
C TYR CB 278 -34.01 14.21 -102.36
N SER CB 279 -33.23 13.78 -103.35
CA SER CB 279 -32.62 12.46 -103.33
C SER CB 279 -31.25 12.59 -102.69
N THR CB 280 -30.96 11.74 -101.73
CA THR CB 280 -29.70 11.79 -101.03
C THR CB 280 -28.81 10.61 -101.42
N PRO CB 281 -27.49 10.74 -101.27
CA PRO CB 281 -26.60 9.60 -101.50
C PRO CB 281 -26.62 8.56 -100.39
N TRP CB 282 -27.51 8.70 -99.42
CA TRP CB 282 -27.54 7.82 -98.26
C TRP CB 282 -28.54 6.70 -98.46
N GLY CB 283 -28.18 5.52 -97.97
CA GLY CB 283 -29.15 4.48 -97.76
C GLY CB 283 -29.69 4.51 -96.36
N TYR CB 284 -30.70 3.69 -96.11
CA TYR CB 284 -31.24 3.60 -94.76
C TYR CB 284 -31.71 2.18 -94.50
N PHE CB 285 -31.67 1.78 -93.24
CA PHE CB 285 -32.08 0.45 -92.84
C PHE CB 285 -33.53 0.48 -92.39
N ASP CB 286 -34.33 -0.41 -92.97
CA ASP CB 286 -35.74 -0.53 -92.65
C ASP CB 286 -36.00 -1.94 -92.14
N PHE CB 287 -36.61 -2.05 -90.97
CA PHE CB 287 -37.10 -3.31 -90.45
C PHE CB 287 -38.50 -3.12 -89.89
N ASN CB 288 -39.29 -2.30 -90.58
CA ASN CB 288 -40.63 -1.93 -90.15
C ASN CB 288 -41.69 -2.85 -90.73
N ARG CB 289 -41.38 -4.11 -90.92
CA ARG CB 289 -42.36 -5.13 -91.27
C ARG CB 289 -42.21 -6.29 -90.30
N PHE CB 290 -43.34 -6.91 -89.96
CA PHE CB 290 -43.31 -7.95 -88.93
C PHE CB 290 -42.52 -9.17 -89.39
N HIS CB 291 -42.53 -9.49 -90.69
CA HIS CB 291 -41.79 -10.66 -91.14
C HIS CB 291 -40.29 -10.43 -91.15
N CYS CB 292 -39.82 -9.21 -90.93
CA CYS CB 292 -38.41 -8.99 -90.69
C CYS CB 292 -37.95 -9.60 -89.38
N HIS CB 293 -38.87 -9.86 -88.47
CA HIS CB 293 -38.57 -10.32 -87.12
C HIS CB 293 -39.21 -11.64 -86.77
N PHE CB 294 -40.43 -11.88 -87.23
CA PHE CB 294 -41.15 -13.11 -86.92
C PHE CB 294 -41.10 -14.05 -88.11
N SER CB 295 -40.63 -15.27 -87.87
CA SER CB 295 -40.85 -16.33 -88.83
C SER CB 295 -42.34 -16.66 -88.87
N PRO CB 296 -42.82 -17.25 -89.96
CA PRO CB 296 -44.24 -17.61 -90.01
C PRO CB 296 -44.68 -18.49 -88.86
N ARG CB 297 -43.82 -19.44 -88.44
CA ARG CB 297 -44.15 -20.25 -87.28
C ARG CB 297 -44.17 -19.42 -86.00
N ASP CB 298 -43.24 -18.48 -85.86
CA ASP CB 298 -43.26 -17.58 -84.71
C ASP CB 298 -44.50 -16.71 -84.73
N TRP CB 299 -44.89 -16.23 -85.90
CA TRP CB 299 -46.13 -15.47 -86.03
C TRP CB 299 -47.33 -16.30 -85.62
N GLN CB 300 -47.35 -17.57 -86.01
CA GLN CB 300 -48.42 -18.46 -85.59
C GLN CB 300 -48.45 -18.63 -84.08
N ARG CB 301 -47.27 -18.83 -83.48
CA ARG CB 301 -47.18 -18.92 -82.03
C ARG CB 301 -47.73 -17.68 -81.37
N LEU CB 302 -47.41 -16.51 -81.92
CA LEU CB 302 -47.86 -15.25 -81.34
C LEU CB 302 -49.37 -15.11 -81.45
N ILE CB 303 -49.92 -15.31 -82.65
CA ILE CB 303 -51.32 -14.97 -82.89
C ILE CB 303 -52.28 -16.04 -82.38
N ASN CB 304 -51.85 -17.28 -82.23
CA ASN CB 304 -52.75 -18.32 -81.76
C ASN CB 304 -52.85 -18.38 -80.25
N ASN CB 305 -52.02 -17.65 -79.52
CA ASN CB 305 -51.90 -17.83 -78.09
C ASN CB 305 -51.93 -16.55 -77.28
N ASN CB 306 -51.96 -15.39 -77.93
CA ASN CB 306 -51.86 -14.13 -77.22
C ASN CB 306 -52.98 -13.20 -77.64
N TRP CB 307 -53.54 -12.49 -76.66
CA TRP CB 307 -54.54 -11.48 -76.94
C TRP CB 307 -53.94 -10.18 -77.42
N GLY CB 308 -52.65 -9.98 -77.20
CA GLY CB 308 -52.02 -8.75 -77.62
C GLY CB 308 -50.53 -8.83 -77.50
N PHE CB 309 -49.87 -7.87 -78.14
CA PHE CB 309 -48.43 -7.77 -78.09
C PHE CB 309 -48.04 -6.34 -78.39
N ARG CB 310 -46.83 -5.98 -78.02
CA ARG CB 310 -46.30 -4.66 -78.30
C ARG CB 310 -44.79 -4.71 -78.22
N PRO CB 311 -44.08 -3.93 -79.02
CA PRO CB 311 -42.63 -3.88 -78.89
C PRO CB 311 -42.22 -3.17 -77.62
N LYS CB 312 -41.12 -3.62 -77.03
CA LYS CB 312 -40.59 -3.04 -75.81
C LYS CB 312 -39.26 -2.34 -76.03
N ARG CB 313 -38.30 -3.02 -76.64
CA ARG CB 313 -36.99 -2.46 -76.86
C ARG CB 313 -36.42 -3.11 -78.11
N LEU CB 314 -35.44 -2.43 -78.72
CA LEU CB 314 -34.74 -3.02 -79.84
C LEU CB 314 -33.26 -2.74 -79.71
N SER CB 315 -32.46 -3.66 -80.24
CA SER CB 315 -31.04 -3.45 -80.42
C SER CB 315 -30.71 -3.72 -81.88
N PHE CB 316 -29.84 -2.89 -82.43
CA PHE CB 316 -29.50 -2.92 -83.84
C PHE CB 316 -27.99 -3.03 -83.96
N LYS CB 317 -27.53 -3.85 -84.90
CA LYS CB 317 -26.10 -4.04 -85.08
C LYS CB 317 -25.74 -4.06 -86.55
N LEU CB 318 -24.66 -3.37 -86.89
CA LEU CB 318 -24.01 -3.46 -88.19
C LEU CB 318 -22.61 -4.01 -87.97
N PHE CB 319 -22.24 -5.02 -88.75
CA PHE CB 319 -20.98 -5.69 -88.50
C PHE CB 319 -20.56 -6.45 -89.76
N ASN CB 320 -19.32 -6.95 -89.73
CA ASN CB 320 -18.72 -7.66 -90.85
C ASN CB 320 -18.83 -6.85 -92.12
N ILE CB 321 -18.49 -5.58 -92.00
CA ILE CB 321 -18.58 -4.64 -93.12
C ILE CB 321 -17.45 -4.92 -94.09
N GLN CB 322 -17.79 -5.02 -95.37
CA GLN CB 322 -16.81 -5.17 -96.43
C GLN CB 322 -17.09 -4.09 -97.47
N VAL CB 323 -16.13 -3.22 -97.69
CA VAL CB 323 -16.21 -2.22 -98.73
C VAL CB 323 -15.41 -2.70 -99.92
N LYS CB 324 -16.04 -2.77 -101.08
CA LYS CB 324 -15.44 -3.39 -102.24
C LYS CB 324 -15.33 -2.39 -103.37
N GLU CB 325 -14.19 -2.43 -104.07
CA GLU CB 325 -13.92 -1.59 -105.20
C GLU CB 325 -14.13 -2.39 -106.47
N VAL CB 326 -14.86 -1.82 -107.43
CA VAL CB 326 -15.11 -2.45 -108.71
C VAL CB 326 -14.52 -1.59 -109.80
N THR CB 327 -13.72 -2.20 -110.67
CA THR CB 327 -13.04 -1.48 -111.74
C THR CB 327 -13.54 -1.93 -113.11
N LYS CB 333 -14.62 -6.56 -115.72
CA LYS CB 333 -14.97 -6.09 -114.38
C LYS CB 333 -14.35 -6.95 -113.30
N THR CB 334 -13.58 -6.33 -112.41
CA THR CB 334 -12.99 -6.99 -111.26
C THR CB 334 -13.45 -6.30 -109.99
N ILE CB 335 -13.76 -7.09 -108.97
CA ILE CB 335 -14.17 -6.59 -107.67
C ILE CB 335 -13.09 -6.94 -106.67
N ALA CB 336 -12.59 -5.94 -105.95
CA ALA CB 336 -11.53 -6.13 -104.98
C ALA CB 336 -11.93 -5.47 -103.67
N ASN CB 337 -11.37 -5.98 -102.58
CA ASN CB 337 -11.56 -5.35 -101.29
C ASN CB 337 -10.84 -4.02 -101.24
N ASN CB 338 -11.50 -3.02 -100.66
CA ASN CB 338 -10.89 -1.75 -100.34
C ASN CB 338 -10.83 -1.69 -98.82
N LEU CB 339 -9.72 -2.19 -98.26
CA LEU CB 339 -9.63 -2.38 -96.81
C LEU CB 339 -9.67 -1.07 -96.05
N THR CB 340 -9.24 0.02 -96.66
CA THR CB 340 -9.15 1.30 -95.98
C THR CB 340 -10.37 2.18 -96.22
N SER CB 341 -11.35 1.71 -96.99
CA SER CB 341 -12.55 2.49 -97.23
C SER CB 341 -13.50 2.38 -96.05
N THR CB 342 -14.34 3.40 -95.90
CA THR CB 342 -15.27 3.48 -94.78
C THR CB 342 -16.71 3.56 -95.29
N ILE CB 343 -17.62 3.18 -94.40
CA ILE CB 343 -19.03 3.52 -94.51
C ILE CB 343 -19.35 4.47 -93.37
N GLN CB 344 -20.35 5.31 -93.57
CA GLN CB 344 -20.82 6.22 -92.55
C GLN CB 344 -22.20 5.78 -92.10
N VAL CB 345 -22.38 5.62 -90.79
CA VAL CB 345 -23.65 5.20 -90.22
C VAL CB 345 -24.00 6.17 -89.10
N PHE CB 346 -25.25 6.64 -89.08
CA PHE CB 346 -25.75 7.36 -87.94
C PHE CB 346 -27.23 7.12 -87.81
N THR CB 347 -27.73 7.24 -86.59
CA THR CB 347 -29.16 7.18 -86.32
C THR CB 347 -29.67 8.60 -86.08
N ASP CB 348 -30.81 8.91 -86.70
CA ASP CB 348 -31.49 10.18 -86.46
C ASP CB 348 -32.24 10.07 -85.12
N SER CB 349 -31.46 10.06 -84.04
CA SER CB 349 -32.01 9.81 -82.72
C SER CB 349 -32.84 10.98 -82.22
N GLU CB 350 -32.57 12.19 -82.70
CA GLU CB 350 -33.37 13.36 -82.35
C GLU CB 350 -34.51 13.61 -83.31
N TYR CB 351 -34.71 12.73 -84.30
CA TYR CB 351 -35.80 12.85 -85.26
C TYR CB 351 -35.75 14.19 -85.98
N GLN CB 352 -34.55 14.62 -86.34
CA GLN CB 352 -34.35 15.87 -87.04
C GLN CB 352 -34.44 15.73 -88.55
N LEU CB 353 -34.46 14.55 -89.04
CA LEU CB 353 -34.62 14.33 -90.47
C LEU CB 353 -36.07 13.98 -90.78
N PRO CB 354 -36.52 14.24 -92.01
CA PRO CB 354 -37.83 13.74 -92.42
C PRO CB 354 -37.90 12.23 -92.25
N TYR CB 355 -38.92 11.77 -91.54
CA TYR CB 355 -39.06 10.37 -91.19
C TYR CB 355 -39.81 9.68 -92.32
N VAL CB 356 -39.08 8.90 -93.12
CA VAL CB 356 -39.68 8.22 -94.27
C VAL CB 356 -40.01 6.77 -93.98
N LEU CB 357 -39.61 6.24 -92.84
CA LEU CB 357 -40.14 4.97 -92.40
C LEU CB 357 -41.61 5.13 -92.05
N GLY CB 358 -42.33 4.02 -92.02
CA GLY CB 358 -43.76 4.12 -91.79
C GLY CB 358 -44.54 4.63 -92.97
N SER CB 359 -44.01 4.49 -94.18
CA SER CB 359 -44.76 4.74 -95.41
C SER CB 359 -44.92 3.46 -96.22
N ALA CB 360 -44.73 2.31 -95.59
CA ALA CB 360 -44.91 1.00 -96.23
C ALA CB 360 -44.06 0.86 -97.48
N HIS CB 361 -42.82 1.31 -97.40
CA HIS CB 361 -41.91 1.27 -98.54
C HIS CB 361 -41.19 -0.06 -98.62
N GLN CB 362 -40.79 -0.43 -99.84
CA GLN CB 362 -39.92 -1.57 -100.03
C GLN CB 362 -38.53 -1.27 -99.48
N GLY CB 363 -37.71 -2.31 -99.39
CA GLY CB 363 -36.37 -2.16 -98.88
C GLY CB 363 -36.18 -2.58 -97.45
N CYS CB 364 -37.21 -3.10 -96.80
CA CYS CB 364 -37.06 -3.65 -95.46
C CYS CB 364 -36.22 -4.91 -95.52
N LEU CB 365 -35.81 -5.38 -94.34
CA LEU CB 365 -35.12 -6.65 -94.25
C LEU CB 365 -36.01 -7.74 -94.84
N PRO CB 366 -35.46 -8.64 -95.67
CA PRO CB 366 -36.30 -9.65 -96.30
C PRO CB 366 -36.87 -10.60 -95.27
N PRO CB 367 -38.06 -11.15 -95.50
CA PRO CB 367 -38.61 -12.13 -94.56
C PRO CB 367 -37.75 -13.37 -94.41
N PHE CB 368 -37.09 -13.82 -95.47
CA PHE CB 368 -36.29 -15.03 -95.42
C PHE CB 368 -34.87 -14.69 -94.99
N PRO CB 369 -34.36 -15.29 -93.91
CA PRO CB 369 -33.03 -14.90 -93.42
C PRO CB 369 -31.91 -15.13 -94.41
N ALA CB 370 -32.02 -16.13 -95.28
CA ALA CB 370 -30.98 -16.39 -96.26
C ALA CB 370 -30.94 -15.35 -97.37
N ASP CB 371 -31.90 -14.44 -97.42
CA ASP CB 371 -32.02 -13.53 -98.53
C ASP CB 371 -31.11 -12.32 -98.33
N VAL CB 372 -30.32 -12.02 -99.35
CA VAL CB 372 -29.46 -10.84 -99.34
C VAL CB 372 -30.21 -9.69 -99.99
N PHE CB 373 -30.27 -8.55 -99.32
CA PHE CB 373 -31.08 -7.45 -99.77
C PHE CB 373 -30.26 -6.19 -100.01
N MET CB 374 -30.77 -5.37 -100.92
CA MET CB 374 -30.19 -4.09 -101.25
C MET CB 374 -30.78 -3.01 -100.35
N ILE CB 375 -29.92 -2.14 -99.83
CA ILE CB 375 -30.36 -1.08 -98.93
C ILE CB 375 -31.05 0.01 -99.74
N PRO CB 376 -32.27 0.43 -99.37
CA PRO CB 376 -32.96 1.46 -100.14
C PRO CB 376 -32.31 2.81 -100.00
N GLN CB 377 -32.46 3.63 -101.03
CA GLN CB 377 -31.91 4.98 -101.02
C GLN CB 377 -32.79 5.93 -100.24
N TYR CB 378 -32.18 6.74 -99.39
CA TYR CB 378 -32.92 7.71 -98.60
C TYR CB 378 -33.24 8.93 -99.43
N GLY CB 379 -34.52 9.29 -99.47
CA GLY CB 379 -34.94 10.55 -100.02
C GLY CB 379 -36.10 11.08 -99.18
N TYR CB 380 -36.39 12.36 -99.36
CA TYR CB 380 -37.46 12.95 -98.58
C TYR CB 380 -38.15 14.02 -99.41
N LEU CB 381 -39.34 14.39 -98.97
CA LEU CB 381 -40.12 15.43 -99.60
C LEU CB 381 -40.28 16.59 -98.64
N THR CB 382 -40.35 17.78 -99.21
CA THR CB 382 -40.63 18.97 -98.42
C THR CB 382 -41.79 19.69 -99.07
N LEU CB 383 -42.08 20.91 -98.64
CA LEU CB 383 -43.22 21.63 -99.18
C LEU CB 383 -43.01 21.92 -100.66
N ASN CB 384 -44.07 21.77 -101.45
CA ASN CB 384 -44.01 22.02 -102.86
C ASN CB 384 -45.23 22.82 -103.30
N ASN CB 385 -45.05 23.59 -104.37
CA ASN CB 385 -46.12 24.28 -105.08
C ASN CB 385 -45.97 23.83 -106.52
N GLY CB 386 -46.67 22.76 -106.90
CA GLY CB 386 -46.37 22.12 -108.16
C GLY CB 386 -45.02 21.44 -108.06
N SER CB 387 -44.16 21.69 -109.05
CA SER CB 387 -42.80 21.20 -109.03
C SER CB 387 -41.83 22.15 -108.35
N GLN CB 388 -42.30 23.31 -107.90
CA GLN CB 388 -41.45 24.31 -107.30
C GLN CB 388 -41.44 24.17 -105.78
N ALA CB 389 -40.32 24.56 -105.18
CA ALA CB 389 -40.26 24.68 -103.74
C ALA CB 389 -40.81 26.03 -103.31
N VAL CB 390 -41.17 26.11 -102.03
CA VAL CB 390 -41.56 27.37 -101.43
C VAL CB 390 -40.48 27.76 -100.42
N GLY CB 391 -40.61 28.97 -99.89
CA GLY CB 391 -39.63 29.44 -98.93
C GLY CB 391 -39.55 28.60 -97.68
N ARG CB 392 -40.63 27.90 -97.34
CA ARG CB 392 -40.63 27.04 -96.17
C ARG CB 392 -40.06 25.66 -96.45
N SER CB 393 -39.74 25.35 -97.70
CA SER CB 393 -39.16 24.06 -98.02
C SER CB 393 -37.81 23.90 -97.34
N SER CB 394 -37.60 22.73 -96.73
CA SER CB 394 -36.39 22.45 -95.97
C SER CB 394 -35.47 21.56 -96.80
N PHE CB 395 -34.20 21.92 -96.84
CA PHE CB 395 -33.16 21.07 -97.40
C PHE CB 395 -32.32 20.53 -96.26
N TYR CB 396 -32.10 19.22 -96.25
CA TYR CB 396 -31.31 18.56 -95.22
C TYR CB 396 -30.08 17.93 -95.84
N CYS CB 397 -28.92 18.26 -95.31
CA CYS CB 397 -27.68 17.58 -95.65
C CYS CB 397 -27.42 16.54 -94.56
N LEU CB 398 -27.40 15.27 -94.95
CA LEU CB 398 -27.18 14.22 -93.96
C LEU CB 398 -25.73 14.16 -93.51
N GLU CB 399 -24.81 14.72 -94.30
CA GLU CB 399 -23.44 14.87 -93.82
C GLU CB 399 -23.34 15.89 -92.70
N TYR CB 400 -24.34 16.73 -92.53
CA TYR CB 400 -24.37 17.69 -91.43
C TYR CB 400 -24.72 17.04 -90.10
N PHE CB 401 -24.75 15.73 -90.05
CA PHE CB 401 -24.96 14.99 -88.82
C PHE CB 401 -23.67 14.29 -88.40
N PRO CB 402 -23.47 14.09 -87.10
CA PRO CB 402 -22.36 13.24 -86.66
C PRO CB 402 -22.63 11.79 -87.06
N SER CB 403 -21.69 11.21 -87.79
CA SER CB 403 -21.80 9.83 -88.24
C SER CB 403 -20.58 9.05 -87.78
N GLN CB 404 -20.80 7.80 -87.40
CA GLN CB 404 -19.69 6.91 -87.15
C GLN CB 404 -19.17 6.39 -88.49
N MET CB 405 -17.87 6.51 -88.70
CA MET CB 405 -17.25 5.95 -89.90
C MET CB 405 -16.64 4.61 -89.55
N LEU CB 406 -16.89 3.62 -90.40
CA LEU CB 406 -16.56 2.24 -90.11
C LEU CB 406 -15.68 1.69 -91.22
N ARG CB 407 -14.51 1.18 -90.85
CA ARG CB 407 -13.74 0.37 -91.78
C ARG CB 407 -14.17 -1.08 -91.63
N THR CB 408 -13.50 -1.96 -92.37
CA THR CB 408 -13.94 -3.36 -92.44
C THR CB 408 -13.89 -4.04 -91.07
N GLY CB 409 -13.04 -3.56 -90.16
CA GLY CB 409 -12.97 -4.13 -88.84
C GLY CB 409 -13.90 -3.55 -87.81
N ASN CB 410 -14.63 -2.50 -88.16
CA ASN CB 410 -15.49 -1.82 -87.21
C ASN CB 410 -16.90 -2.36 -87.27
N ASN CB 411 -17.63 -2.15 -86.18
CA ASN CB 411 -19.05 -2.47 -86.13
C ASN CB 411 -19.81 -1.30 -85.52
N PHE CB 412 -21.10 -1.26 -85.82
CA PHE CB 412 -21.99 -0.22 -85.32
C PHE CB 412 -23.13 -0.87 -84.57
N GLN CB 413 -23.54 -0.27 -83.47
CA GLN CB 413 -24.68 -0.80 -82.74
C GLN CB 413 -25.32 0.31 -81.93
N PHE CB 414 -26.63 0.18 -81.72
CA PHE CB 414 -27.35 1.06 -80.83
C PHE CB 414 -28.56 0.32 -80.30
N THR CB 415 -29.06 0.79 -79.17
CA THR CB 415 -30.25 0.24 -78.55
C THR CB 415 -31.31 1.32 -78.49
N TYR CB 416 -32.56 0.89 -78.53
CA TYR CB 416 -33.69 1.79 -78.51
C TYR CB 416 -34.78 1.18 -77.64
N THR CB 417 -35.44 2.01 -76.86
CA THR CB 417 -36.56 1.59 -76.03
C THR CB 417 -37.85 2.18 -76.58
N PHE CB 418 -38.81 1.31 -76.86
CA PHE CB 418 -40.11 1.78 -77.31
C PHE CB 418 -40.83 2.48 -76.16
N GLU CB 419 -41.55 3.55 -76.50
CA GLU CB 419 -42.40 4.19 -75.51
C GLU CB 419 -43.55 3.27 -75.15
N ASP CB 420 -44.21 3.59 -74.04
CA ASP CB 420 -45.37 2.81 -73.63
C ASP CB 420 -46.48 2.95 -74.67
N VAL CB 421 -46.70 1.89 -75.43
CA VAL CB 421 -47.69 1.91 -76.51
C VAL CB 421 -48.76 0.89 -76.11
N PRO CB 422 -50.02 1.08 -76.51
CA PRO CB 422 -51.04 0.08 -76.18
C PRO CB 422 -50.75 -1.24 -76.90
N PHE CB 423 -51.13 -2.33 -76.25
CA PHE CB 423 -51.06 -3.63 -76.90
C PHE CB 423 -51.91 -3.63 -78.17
N HIS CB 424 -51.38 -4.20 -79.23
CA HIS CB 424 -52.20 -4.44 -80.40
C HIS CB 424 -53.25 -5.49 -80.08
N SER CB 425 -54.48 -5.25 -80.53
CA SER CB 425 -55.58 -6.18 -80.26
C SER CB 425 -55.41 -7.40 -81.14
N SER CB 426 -54.75 -8.42 -80.62
CA SER CB 426 -54.55 -9.67 -81.35
C SER CB 426 -55.70 -10.62 -81.09
N TYR CB 427 -56.92 -10.12 -81.26
CA TYR CB 427 -58.13 -10.87 -80.96
C TYR CB 427 -59.27 -10.29 -81.76
N ALA CB 428 -60.28 -11.12 -81.99
CA ALA CB 428 -61.54 -10.67 -82.54
C ALA CB 428 -62.61 -10.79 -81.47
N HIS CB 429 -63.55 -9.85 -81.47
CA HIS CB 429 -64.60 -9.88 -80.46
C HIS CB 429 -65.58 -11.00 -80.75
N SER CB 430 -65.92 -11.77 -79.73
CA SER CB 430 -66.91 -12.83 -79.84
C SER CB 430 -68.31 -12.32 -79.55
N GLN CB 431 -68.47 -11.02 -79.33
CA GLN CB 431 -69.76 -10.40 -79.16
C GLN CB 431 -69.84 -9.20 -80.10
N SER CB 432 -71.05 -8.91 -80.55
CA SER CB 432 -71.30 -7.73 -81.34
C SER CB 432 -71.74 -6.58 -80.44
N LEU CB 433 -71.46 -5.36 -80.88
CA LEU CB 433 -71.77 -4.19 -80.06
C LEU CB 433 -73.27 -4.04 -79.85
N ASP CB 434 -74.09 -4.44 -80.82
CA ASP CB 434 -75.52 -4.35 -80.70
C ASP CB 434 -76.14 -5.59 -80.06
N ARG CB 435 -75.32 -6.51 -79.56
CA ARG CB 435 -75.78 -7.75 -78.95
C ARG CB 435 -75.10 -7.96 -77.61
N LEU CB 436 -74.97 -6.91 -76.82
CA LEU CB 436 -74.32 -7.00 -75.51
C LEU CB 436 -75.31 -7.25 -74.39
N MET CB 437 -76.59 -7.34 -74.70
CA MET CB 437 -77.64 -7.44 -73.71
C MET CB 437 -78.00 -8.89 -73.40
N ASN CB 438 -78.67 -9.07 -72.27
CA ASN CB 438 -79.20 -10.37 -71.89
C ASN CB 438 -80.37 -10.71 -72.80
N PRO CB 439 -80.31 -11.81 -73.54
CA PRO CB 439 -81.39 -12.17 -74.47
C PRO CB 439 -82.62 -12.78 -73.82
N LEU CB 440 -82.70 -12.81 -72.49
CA LEU CB 440 -83.84 -13.40 -71.81
C LEU CB 440 -84.68 -12.39 -71.06
N ILE CB 441 -84.15 -11.20 -70.79
CA ILE CB 441 -84.80 -10.23 -69.91
C ILE CB 441 -85.18 -9.01 -70.72
N ASP CB 442 -86.37 -8.50 -70.48
CA ASP CB 442 -86.78 -7.23 -71.08
C ASP CB 442 -86.02 -6.08 -70.44
N GLN CB 443 -85.97 -4.98 -71.17
CA GLN CB 443 -85.47 -3.73 -70.60
C GLN CB 443 -86.57 -3.05 -69.81
N TYR CB 444 -86.18 -2.33 -68.76
CA TYR CB 444 -87.14 -1.48 -68.09
C TYR CB 444 -87.35 -0.17 -68.80
N LEU CB 445 -86.48 0.17 -69.74
CA LEU CB 445 -86.64 1.36 -70.56
C LEU CB 445 -87.63 1.10 -71.69
N TYR CB 446 -88.37 2.14 -72.06
CA TYR CB 446 -89.31 2.06 -73.16
C TYR CB 446 -88.76 2.79 -74.36
N TYR CB 447 -89.23 2.37 -75.54
CA TYR CB 447 -88.94 3.08 -76.78
C TYR CB 447 -90.26 3.37 -77.48
N LEU CB 448 -90.27 4.43 -78.27
CA LEU CB 448 -91.44 4.75 -79.08
C LEU CB 448 -91.63 3.65 -80.12
N SER CB 449 -92.67 2.83 -79.94
CA SER CB 449 -92.87 1.69 -80.81
C SER CB 449 -93.87 1.93 -81.92
N ARG CB 450 -94.83 2.82 -81.72
CA ARG CB 450 -95.77 3.16 -82.78
C ARG CB 450 -96.17 4.62 -82.67
N THR CB 451 -96.39 5.24 -83.82
CA THR CB 451 -96.89 6.60 -83.90
C THR CB 451 -98.27 6.68 -84.54
N GLN CB 452 -98.85 5.54 -84.92
CA GLN CB 452 -100.13 5.50 -85.60
C GLN CB 452 -100.93 4.31 -85.09
N THR CB 453 -102.23 4.52 -84.89
CA THR CB 453 -103.10 3.47 -84.38
C THR CB 453 -103.24 2.31 -85.37
N ASN CB 459 -106.53 5.06 -89.76
CA ASN CB 459 -105.73 5.14 -88.54
C ASN CB 459 -105.32 6.57 -88.24
N THR CB 460 -105.18 6.88 -86.96
CA THR CB 460 -104.87 8.23 -86.50
C THR CB 460 -103.55 8.23 -85.76
N GLN CB 461 -103.06 9.43 -85.47
CA GLN CB 461 -101.83 9.58 -84.72
C GLN CB 461 -102.01 9.09 -83.29
N THR CB 462 -100.95 8.51 -82.75
CA THR CB 462 -100.93 8.05 -81.36
C THR CB 462 -99.47 7.95 -80.93
N LEU CB 463 -99.26 7.63 -79.66
CA LEU CB 463 -97.92 7.40 -79.13
C LEU CB 463 -97.98 6.08 -78.36
N GLY CB 464 -97.43 5.03 -78.96
CA GLY CB 464 -97.32 3.74 -78.31
C GLY CB 464 -95.87 3.47 -77.94
N PHE CB 465 -95.67 2.99 -76.72
CA PHE CB 465 -94.34 2.74 -76.20
C PHE CB 465 -94.24 1.28 -75.77
N SER CB 466 -93.13 0.65 -76.12
CA SER CB 466 -92.90 -0.75 -75.78
C SER CB 466 -91.55 -0.87 -75.09
N GLN CB 467 -91.40 -1.93 -74.32
CA GLN CB 467 -90.14 -2.23 -73.68
C GLN CB 467 -89.30 -3.09 -74.61
N GLY CB 468 -88.05 -2.69 -74.82
CA GLY CB 468 -87.12 -3.49 -75.58
C GLY CB 468 -86.91 -4.84 -74.95
N GLY CB 469 -86.98 -5.89 -75.74
CA GLY CB 469 -86.84 -7.23 -75.22
C GLY CB 469 -86.07 -8.13 -76.15
N PRO CB 470 -86.14 -9.44 -75.90
CA PRO CB 470 -85.37 -10.39 -76.73
C PRO CB 470 -85.74 -10.35 -78.20
N ASN CB 471 -86.98 -9.98 -78.52
CA ASN CB 471 -87.42 -9.98 -79.92
C ASN CB 471 -87.22 -8.63 -80.60
N THR CB 472 -87.39 -7.54 -79.87
CA THR CB 472 -87.16 -6.20 -80.42
C THR CB 472 -85.76 -5.71 -80.03
N MET CB 473 -84.77 -6.51 -80.42
CA MET CB 473 -83.41 -6.27 -79.98
C MET CB 473 -82.79 -5.08 -80.70
N ALA CB 474 -83.25 -4.78 -81.91
CA ALA CB 474 -82.80 -3.58 -82.61
C ALA CB 474 -83.32 -2.30 -81.97
N ASN CB 475 -84.41 -2.37 -81.22
CA ASN CB 475 -85.01 -1.19 -80.60
C ASN CB 475 -84.49 -0.93 -79.19
N GLN CB 476 -83.72 -1.86 -78.63
CA GLN CB 476 -83.31 -1.72 -77.23
C GLN CB 476 -82.41 -0.52 -77.03
N ALA CB 477 -82.55 0.11 -75.87
CA ALA CB 477 -81.61 1.14 -75.47
C ALA CB 477 -80.22 0.54 -75.29
N LYS CB 478 -79.22 1.24 -75.81
CA LYS CB 478 -77.85 0.74 -75.79
C LYS CB 478 -76.91 1.85 -75.34
N ASN CB 479 -75.77 1.45 -74.80
CA ASN CB 479 -74.83 2.39 -74.21
C ASN CB 479 -73.75 2.86 -75.18
N TRP CB 480 -73.57 2.19 -76.31
CA TRP CB 480 -72.39 2.42 -77.14
C TRP CB 480 -72.80 2.49 -78.60
N LEU CB 481 -71.93 3.12 -79.38
CA LEU CB 481 -72.10 3.28 -80.81
C LEU CB 481 -70.94 2.67 -81.56
N PRO CB 482 -71.14 2.20 -82.77
CA PRO CB 482 -70.02 1.69 -83.57
C PRO CB 482 -69.05 2.80 -83.91
N GLY CB 483 -67.81 2.41 -84.15
CA GLY CB 483 -66.76 3.34 -84.46
C GLY CB 483 -67.05 4.22 -85.65
N PRO CB 484 -66.18 5.18 -85.91
CA PRO CB 484 -66.44 6.16 -86.96
C PRO CB 484 -66.36 5.55 -88.35
N CYS CB 485 -67.01 6.22 -89.29
CA CYS CB 485 -67.15 5.72 -90.65
C CYS CB 485 -66.69 6.77 -91.64
N TYR CB 486 -65.99 6.32 -92.69
CA TYR CB 486 -65.62 7.15 -93.84
C TYR CB 486 -65.84 6.28 -95.07
N ARG CB 487 -67.05 6.33 -95.60
CA ARG CB 487 -67.53 5.26 -96.48
C ARG CB 487 -66.67 5.12 -97.73
N GLN CB 488 -66.35 3.89 -98.08
CA GLN CB 488 -65.60 3.54 -99.26
C GLN CB 488 -66.51 2.87 -100.28
N GLN CB 489 -66.13 2.99 -101.56
CA GLN CB 489 -66.87 2.31 -102.61
C GLN CB 489 -66.62 0.80 -102.53
N ARG CB 490 -67.66 0.03 -102.80
CA ARG CB 490 -67.59 -1.42 -102.74
C ARG CB 490 -67.15 -1.97 -104.09
N VAL CB 491 -66.16 -2.86 -104.06
CA VAL CB 491 -65.67 -3.54 -105.25
C VAL CB 491 -65.79 -5.04 -105.02
N SER CB 492 -66.29 -5.75 -106.02
CA SER CB 492 -66.44 -7.19 -105.95
C SER CB 492 -65.24 -7.86 -106.63
N THR CB 493 -64.69 -8.88 -105.97
CA THR CB 493 -63.65 -9.68 -106.61
C THR CB 493 -64.20 -10.47 -107.79
N THR CB 494 -65.52 -10.70 -107.82
CA THR CB 494 -66.20 -11.21 -109.01
C THR CB 494 -66.43 -10.01 -109.93
N THR CB 495 -65.56 -9.85 -110.93
CA THR CB 495 -65.53 -8.61 -111.69
C THR CB 495 -66.84 -8.36 -112.44
N GLY CB 496 -67.55 -9.41 -112.81
CA GLY CB 496 -68.82 -9.23 -113.50
C GLY CB 496 -69.85 -8.49 -112.67
N GLN CB 497 -69.72 -8.50 -111.35
CA GLN CB 497 -70.63 -7.76 -110.48
C GLN CB 497 -70.25 -6.30 -110.34
N ASN CB 498 -69.11 -5.87 -110.88
CA ASN CB 498 -68.68 -4.49 -110.78
C ASN CB 498 -69.22 -3.68 -111.95
N ASN CB 499 -69.32 -2.38 -111.74
CA ASN CB 499 -69.70 -1.46 -112.81
C ASN CB 499 -68.64 -1.49 -113.91
N ASN CB 500 -69.10 -1.48 -115.15
CA ASN CB 500 -68.19 -1.51 -116.30
C ASN CB 500 -67.67 -0.10 -116.56
N SER CB 501 -66.77 0.33 -115.68
CA SER CB 501 -66.12 1.63 -115.79
C SER CB 501 -64.83 1.58 -114.98
N ASN CB 502 -63.95 2.53 -115.26
CA ASN CB 502 -62.69 2.67 -114.54
C ASN CB 502 -62.92 3.68 -113.43
N PHE CB 503 -63.28 3.18 -112.24
CA PHE CB 503 -63.66 4.04 -111.13
C PHE CB 503 -62.74 3.91 -109.93
N ALA CB 504 -61.56 3.31 -110.08
CA ALA CB 504 -60.67 3.14 -108.95
C ALA CB 504 -60.28 4.49 -108.35
N TRP CB 505 -60.02 5.48 -109.21
CA TRP CB 505 -59.68 6.81 -108.74
C TRP CB 505 -60.89 7.73 -108.66
N THR CB 506 -61.74 7.73 -109.70
CA THR CB 506 -62.88 8.66 -109.73
C THR CB 506 -63.84 8.38 -108.59
N ALA CB 507 -64.11 7.10 -108.31
CA ALA CB 507 -64.96 6.73 -107.19
C ALA CB 507 -64.17 6.44 -105.92
N GLY CB 508 -62.86 6.66 -105.95
CA GLY CB 508 -62.05 6.41 -104.77
C GLY CB 508 -62.42 7.32 -103.63
N THR CB 509 -62.29 6.79 -102.42
CA THR CB 509 -62.55 7.57 -101.22
C THR CB 509 -61.29 8.36 -100.87
N LYS CB 510 -61.41 9.67 -100.86
CA LYS CB 510 -60.26 10.55 -100.85
C LYS CB 510 -60.39 11.58 -99.74
N TYR CB 511 -59.25 12.13 -99.35
CA TYR CB 511 -59.21 13.35 -98.56
C TYR CB 511 -58.57 14.46 -99.39
N HIS CB 512 -58.88 15.69 -99.02
CA HIS CB 512 -58.44 16.87 -99.74
C HIS CB 512 -57.51 17.67 -98.83
N LEU CB 513 -56.30 17.93 -99.32
CA LEU CB 513 -55.30 18.65 -98.54
C LEU CB 513 -54.55 19.61 -99.45
N ASN CB 514 -54.69 20.90 -99.19
CA ASN CB 514 -54.00 21.94 -99.94
C ASN CB 514 -54.24 21.80 -101.44
N GLY CB 515 -55.50 21.64 -101.81
CA GLY CB 515 -55.87 21.50 -103.20
C GLY CB 515 -55.40 20.22 -103.86
N ARG CB 516 -54.91 19.26 -103.08
CA ARG CB 516 -54.42 17.99 -103.60
C ARG CB 516 -55.33 16.88 -103.09
N ASN CB 517 -55.73 15.99 -103.99
CA ASN CB 517 -56.57 14.85 -103.62
C ASN CB 517 -55.68 13.63 -103.43
N SER CB 518 -55.85 12.98 -102.30
CA SER CB 518 -55.13 11.74 -102.00
C SER CB 518 -56.14 10.71 -101.53
N LEU CB 519 -55.94 9.47 -101.95
CA LEU CB 519 -56.80 8.39 -101.48
C LEU CB 519 -56.71 8.26 -99.97
N ALA CB 520 -57.88 8.07 -99.33
CA ALA CB 520 -57.91 7.69 -97.92
C ALA CB 520 -57.64 6.20 -97.86
N ASN CB 521 -56.38 5.85 -98.04
CA ASN CB 521 -55.96 4.49 -98.29
C ASN CB 521 -54.95 4.04 -97.23
N PRO CB 522 -55.28 3.05 -96.39
CA PRO CB 522 -56.54 2.32 -96.42
C PRO CB 522 -57.65 3.02 -95.63
N GLY CB 523 -57.36 4.20 -95.11
CA GLY CB 523 -58.34 4.92 -94.34
C GLY CB 523 -58.52 4.36 -92.95
N ILE CB 524 -59.59 4.83 -92.30
CA ILE CB 524 -59.87 4.41 -90.93
C ILE CB 524 -60.26 2.94 -90.89
N ALA CB 525 -60.02 2.31 -89.75
CA ALA CB 525 -60.30 0.89 -89.57
C ALA CB 525 -61.80 0.65 -89.64
N MET CB 526 -62.25 0.04 -90.72
CA MET CB 526 -63.64 -0.40 -90.84
C MET CB 526 -63.66 -1.83 -91.33
N ALA CB 527 -64.75 -2.53 -91.00
CA ALA CB 527 -64.90 -3.90 -91.45
C ALA CB 527 -64.91 -3.95 -92.96
N THR CB 528 -64.14 -4.89 -93.53
CA THR CB 528 -64.01 -4.99 -94.98
C THR CB 528 -65.36 -5.28 -95.63
N HIS CB 529 -66.15 -6.15 -95.01
CA HIS CB 529 -67.44 -6.55 -95.56
C HIS CB 529 -68.29 -7.05 -94.42
N LYS CB 530 -69.58 -7.20 -94.68
CA LYS CB 530 -70.48 -7.76 -93.69
C LYS CB 530 -70.56 -9.27 -93.88
N ASP CB 531 -71.49 -9.91 -93.19
CA ASP CB 531 -71.62 -11.36 -93.23
C ASP CB 531 -71.91 -11.84 -94.65
N ASP CB 532 -71.23 -12.91 -95.06
CA ASP CB 532 -71.47 -13.59 -96.33
C ASP CB 532 -71.21 -12.69 -97.53
N GLU CB 533 -70.27 -11.76 -97.40
CA GLU CB 533 -69.92 -10.86 -98.49
C GLU CB 533 -68.41 -10.76 -98.63
N GLU CB 534 -67.72 -11.89 -98.51
CA GLU CB 534 -66.27 -11.90 -98.56
C GLU CB 534 -65.73 -11.41 -99.91
N ARG CB 535 -66.52 -11.56 -100.97
CA ARG CB 535 -66.10 -11.11 -102.29
C ARG CB 535 -66.01 -9.59 -102.42
N PHE CB 536 -66.59 -8.86 -101.47
CA PHE CB 536 -66.61 -7.40 -101.52
C PHE CB 536 -65.49 -6.83 -100.67
N PHE CB 537 -64.86 -5.78 -101.17
CA PHE CB 537 -63.87 -5.04 -100.40
C PHE CB 537 -63.99 -3.57 -100.71
N PRO CB 538 -63.65 -2.70 -99.76
CA PRO CB 538 -63.56 -1.27 -100.07
C PRO CB 538 -62.47 -1.01 -101.09
N SER CB 539 -62.75 -0.07 -102.00
CA SER CB 539 -61.88 0.11 -103.16
C SER CB 539 -60.47 0.49 -102.75
N ASN CB 540 -60.32 1.36 -101.76
CA ASN CB 540 -59.01 1.69 -101.20
C ASN CB 540 -59.06 1.68 -99.69
N GLY CB 541 -59.67 0.63 -99.14
CA GLY CB 541 -59.86 0.56 -97.70
C GLY CB 541 -59.27 -0.66 -97.04
N ILE CB 542 -58.41 -1.39 -97.75
CA ILE CB 542 -57.74 -2.57 -97.21
C ILE CB 542 -56.28 -2.53 -97.60
N LEU CB 543 -55.46 -3.23 -96.81
CA LEU CB 543 -54.09 -3.49 -97.21
C LEU CB 543 -54.06 -4.58 -98.26
N ILE CB 544 -53.36 -4.34 -99.36
CA ILE CB 544 -53.24 -5.31 -100.43
C ILE CB 544 -51.77 -5.63 -100.58
N PHE CB 545 -51.39 -6.87 -100.31
CA PHE CB 545 -50.03 -7.33 -100.48
C PHE CB 545 -49.92 -8.08 -101.79
N GLY CB 546 -48.76 -7.96 -102.42
CA GLY CB 546 -48.49 -8.67 -103.65
C GLY CB 546 -47.93 -10.05 -103.38
N LYS CB 547 -48.37 -11.02 -104.17
CA LYS CB 547 -47.72 -12.32 -104.14
C LYS CB 547 -46.31 -12.20 -104.73
N GLN CB 548 -45.52 -13.23 -104.52
CA GLN CB 548 -44.15 -13.22 -105.05
C GLN CB 548 -44.19 -13.06 -106.56
N ASN CB 549 -43.32 -12.18 -107.07
CA ASN CB 549 -43.20 -11.88 -108.50
C ASN CB 549 -44.46 -11.22 -109.05
N ALA CB 550 -45.24 -10.56 -108.21
CA ALA CB 550 -46.36 -9.77 -108.71
C ALA CB 550 -45.84 -8.52 -109.40
N ALA CB 551 -46.50 -8.13 -110.49
CA ALA CB 551 -46.08 -6.96 -111.24
C ALA CB 551 -46.25 -5.70 -110.39
N ARG CB 552 -45.34 -4.75 -110.61
CA ARG CB 552 -45.44 -3.46 -109.93
C ARG CB 552 -46.71 -2.72 -110.34
N ASP CB 553 -47.04 -2.72 -111.62
CA ASP CB 553 -48.20 -2.01 -112.14
C ASP CB 553 -49.19 -2.99 -112.74
N ASN CB 554 -50.46 -2.78 -112.44
CA ASN CB 554 -51.56 -3.54 -113.03
C ASN CB 554 -51.39 -5.04 -112.80
N ALA CB 555 -51.06 -5.41 -111.58
CA ALA CB 555 -51.07 -6.81 -111.20
C ALA CB 555 -52.51 -7.31 -111.16
N ASP CB 556 -52.73 -8.53 -111.66
CA ASP CB 556 -54.06 -9.10 -111.63
C ASP CB 556 -54.45 -9.46 -110.21
N TYR CB 557 -55.76 -9.67 -110.01
CA TYR CB 557 -56.25 -10.02 -108.68
C TYR CB 557 -55.63 -11.32 -108.19
N SER CB 558 -55.28 -12.22 -109.09
CA SER CB 558 -54.64 -13.47 -108.69
C SER CB 558 -53.20 -13.26 -108.23
N ASP CB 559 -52.60 -12.11 -108.56
CA ASP CB 559 -51.22 -11.82 -108.16
C ASP CB 559 -51.13 -11.03 -106.87
N VAL CB 560 -52.25 -10.66 -106.26
CA VAL CB 560 -52.23 -9.86 -105.05
C VAL CB 560 -52.97 -10.61 -103.95
N MET CB 561 -52.73 -10.18 -102.72
CA MET CB 561 -53.30 -10.81 -101.54
C MET CB 561 -54.12 -9.75 -100.81
N LEU CB 562 -55.44 -9.82 -100.92
CA LEU CB 562 -56.30 -8.89 -100.22
C LEU CB 562 -56.41 -9.26 -98.76
N THR CB 563 -56.20 -8.28 -97.88
CA THR CB 563 -56.50 -8.50 -96.47
C THR CB 563 -57.98 -8.27 -96.22
N SER CB 564 -58.44 -8.74 -95.07
CA SER CB 564 -59.83 -8.55 -94.68
C SER CB 564 -59.88 -8.18 -93.21
N GLU CB 565 -60.58 -7.08 -92.91
CA GLU CB 565 -60.82 -6.65 -91.54
C GLU CB 565 -62.21 -7.04 -91.07
N GLU CB 566 -62.70 -8.21 -91.50
CA GLU CB 566 -64.03 -8.64 -91.11
C GLU CB 566 -64.14 -8.94 -89.62
N GLU CB 567 -63.02 -9.15 -88.94
CA GLU CB 567 -63.07 -9.43 -87.51
C GLU CB 567 -63.62 -8.26 -86.70
N ILE CB 568 -63.54 -7.05 -87.23
CA ILE CB 568 -64.01 -5.87 -86.51
C ILE CB 568 -65.43 -5.49 -86.91
N LYS CB 569 -66.14 -6.39 -87.59
CA LYS CB 569 -67.57 -6.18 -87.84
C LYS CB 569 -68.34 -5.94 -86.55
N THR CB 570 -67.87 -6.54 -85.46
CA THR CB 570 -68.59 -6.50 -84.19
C THR CB 570 -68.62 -5.09 -83.61
N THR CB 571 -67.65 -4.28 -83.94
CA THR CB 571 -67.54 -2.95 -83.36
C THR CB 571 -67.43 -1.85 -84.40
N ASN CB 572 -66.75 -2.11 -85.51
CA ASN CB 572 -66.58 -1.09 -86.53
C ASN CB 572 -67.61 -1.25 -87.63
N PRO CB 573 -68.13 -0.15 -88.17
CA PRO CB 573 -69.05 -0.25 -89.30
C PRO CB 573 -68.35 -0.81 -90.53
N VAL CB 574 -69.14 -1.45 -91.39
CA VAL CB 574 -68.60 -1.98 -92.63
C VAL CB 574 -68.13 -0.83 -93.50
N ALA CB 575 -66.95 -0.99 -94.10
CA ALA CB 575 -66.31 0.10 -94.83
C ALA CB 575 -67.14 0.59 -96.00
N THR CB 576 -67.94 -0.30 -96.60
CA THR CB 576 -68.70 0.04 -97.80
C THR CB 576 -70.15 0.35 -97.51
N GLU CB 577 -70.54 0.42 -96.25
CA GLU CB 577 -71.90 0.70 -95.86
C GLU CB 577 -71.96 2.04 -95.14
N GLU CB 578 -73.17 2.60 -95.07
CA GLU CB 578 -73.38 3.82 -94.33
C GLU CB 578 -73.24 3.58 -92.83
N TYR CB 579 -72.84 4.62 -92.10
CA TYR CB 579 -72.76 4.50 -90.65
C TYR CB 579 -74.13 4.28 -90.04
N GLY CB 580 -75.13 5.01 -90.52
CA GLY CB 580 -76.44 4.92 -89.93
C GLY CB 580 -77.38 5.89 -90.60
N ILE CB 581 -78.48 6.18 -89.90
CA ILE CB 581 -79.54 7.01 -90.42
C ILE CB 581 -79.83 8.11 -89.41
N VAL CB 582 -79.95 9.35 -89.89
CA VAL CB 582 -80.33 10.47 -89.05
C VAL CB 582 -81.53 11.16 -89.68
N ALA CB 583 -82.25 11.90 -88.85
CA ALA CB 583 -83.36 12.70 -89.34
C ALA CB 583 -82.86 13.86 -90.18
N ASP CB 584 -83.56 14.14 -91.27
CA ASP CB 584 -83.19 15.23 -92.16
C ASP CB 584 -84.13 16.42 -92.08
N ASN CB 585 -85.22 16.33 -91.34
CA ASN CB 585 -86.19 17.40 -91.27
C ASN CB 585 -86.94 17.30 -89.94
N LEU CB 586 -87.97 18.13 -89.79
CA LEU CB 586 -88.87 18.07 -88.66
C LEU CB 586 -90.23 17.63 -89.17
N GLN CB 587 -90.64 16.41 -88.82
CA GLN CB 587 -91.94 15.92 -89.27
C GLN CB 587 -93.06 16.69 -88.60
N GLN CB 588 -94.11 16.97 -89.37
CA GLN CB 588 -95.33 17.56 -88.88
C GLN CB 588 -96.50 16.77 -89.44
N GLN CB 589 -97.72 17.16 -89.08
CA GLN CB 589 -98.88 16.49 -89.63
C GLN CB 589 -98.99 16.64 -91.14
N ASN CB 590 -98.30 17.61 -91.72
CA ASN CB 590 -98.30 17.81 -93.16
C ASN CB 590 -97.00 17.41 -93.84
N THR CB 591 -95.91 17.23 -93.10
CA THR CB 591 -94.63 16.85 -93.69
C THR CB 591 -94.20 15.51 -93.12
N ALA CB 592 -94.06 14.52 -93.98
CA ALA CB 592 -93.60 13.21 -93.55
C ALA CB 592 -92.14 13.28 -93.12
N PRO CB 593 -91.74 12.50 -92.13
CA PRO CB 593 -90.34 12.53 -91.70
C PRO CB 593 -89.42 12.06 -92.81
N GLN CB 594 -88.28 12.73 -92.92
CA GLN CB 594 -87.25 12.40 -93.90
C GLN CB 594 -85.99 11.95 -93.17
N ILE CB 595 -85.29 11.00 -93.78
CA ILE CB 595 -84.10 10.43 -93.17
C ILE CB 595 -82.90 10.72 -94.05
N GLY CB 596 -81.77 10.94 -93.42
CA GLY CB 596 -80.50 11.15 -94.10
C GLY CB 596 -79.57 9.97 -93.85
N THR CB 597 -78.88 9.55 -94.89
CA THR CB 597 -77.92 8.45 -94.80
C THR CB 597 -76.56 9.01 -94.45
N VAL CB 598 -76.01 8.55 -93.32
CA VAL CB 598 -74.73 9.05 -92.82
C VAL CB 598 -73.64 8.20 -93.48
N ASN CB 599 -72.96 8.77 -94.47
CA ASN CB 599 -71.86 8.09 -95.15
C ASN CB 599 -70.51 8.47 -94.58
N SER CB 600 -70.45 9.43 -93.66
CA SER CB 600 -69.20 9.81 -93.01
C SER CB 600 -69.56 10.28 -91.61
N GLN CB 601 -69.01 9.62 -90.61
CA GLN CB 601 -69.33 9.92 -89.23
C GLN CB 601 -68.04 10.07 -88.44
N GLY CB 602 -67.80 11.27 -87.92
CA GLY CB 602 -66.70 11.50 -87.02
C GLY CB 602 -67.01 10.98 -85.64
N ALA CB 603 -66.06 11.21 -84.73
CA ALA CB 603 -66.16 10.67 -83.39
C ALA CB 603 -67.40 11.19 -82.67
N LEU CB 604 -68.17 10.27 -82.09
CA LEU CB 604 -69.29 10.59 -81.22
C LEU CB 604 -69.05 10.00 -79.85
N PRO CB 605 -69.54 10.64 -78.80
CA PRO CB 605 -69.40 10.07 -77.46
C PRO CB 605 -70.08 8.72 -77.38
N GLY CB 606 -69.48 7.80 -76.64
CA GLY CB 606 -69.96 6.45 -76.56
C GLY CB 606 -69.55 5.56 -77.71
N MET CB 607 -68.78 6.08 -78.66
CA MET CB 607 -68.35 5.28 -79.79
C MET CB 607 -67.14 4.44 -79.40
N VAL CB 608 -67.13 3.19 -79.83
CA VAL CB 608 -66.00 2.30 -79.63
C VAL CB 608 -65.65 1.68 -80.97
N TRP CB 609 -64.37 1.35 -81.13
CA TRP CB 609 -63.90 0.78 -82.39
C TRP CB 609 -62.62 0.00 -82.15
N GLN CB 610 -62.30 -0.83 -83.13
CA GLN CB 610 -61.03 -1.55 -83.17
C GLN CB 610 -60.14 -0.94 -84.23
N ASN CB 611 -58.83 -1.05 -84.01
CA ASN CB 611 -57.88 -0.63 -85.02
C ASN CB 611 -57.77 -1.67 -86.10
N ARG CB 612 -57.11 -1.30 -87.19
CA ARG CB 612 -56.81 -2.24 -88.25
C ARG CB 612 -55.87 -3.33 -87.72
N ASP CB 613 -56.05 -4.53 -88.22
CA ASP CB 613 -55.17 -5.63 -87.84
C ASP CB 613 -53.77 -5.40 -88.38
N VAL CB 614 -52.79 -5.97 -87.70
CA VAL CB 614 -51.44 -6.03 -88.22
C VAL CB 614 -51.25 -7.36 -88.92
N TYR CB 615 -50.28 -7.42 -89.82
CA TYR CB 615 -50.05 -8.61 -90.62
C TYR CB 615 -48.57 -8.96 -90.58
N LEU CB 616 -48.28 -10.24 -90.81
CA LEU CB 616 -46.90 -10.68 -90.85
C LEU CB 616 -46.11 -9.89 -91.89
N GLN CB 617 -46.73 -9.61 -93.03
CA GLN CB 617 -46.11 -8.81 -94.07
C GLN CB 617 -46.30 -7.31 -93.88
N GLY CB 618 -47.11 -6.90 -92.91
CA GLY CB 618 -47.48 -5.51 -92.77
C GLY CB 618 -46.50 -4.70 -91.94
N PRO CB 619 -46.74 -3.39 -91.88
CA PRO CB 619 -45.87 -2.52 -91.08
C PRO CB 619 -46.07 -2.74 -89.59
N ILE CB 620 -45.03 -2.38 -88.83
CA ILE CB 620 -45.06 -2.50 -87.38
C ILE CB 620 -45.42 -1.19 -86.72
N TRP CB 621 -44.74 -0.11 -87.08
CA TRP CB 621 -44.92 1.17 -86.42
C TRP CB 621 -44.97 2.28 -87.45
N ALA CB 622 -45.52 3.41 -87.02
CA ALA CB 622 -45.41 4.66 -87.76
C ALA CB 622 -45.11 5.77 -86.78
N LYS CB 623 -44.42 6.79 -87.26
CA LYS CB 623 -44.19 7.97 -86.45
C LYS CB 623 -45.46 8.81 -86.42
N ILE CB 624 -45.94 9.11 -85.21
CA ILE CB 624 -47.05 10.04 -85.06
C ILE CB 624 -46.53 11.41 -85.46
N PRO CB 625 -47.16 12.08 -86.42
CA PRO CB 625 -46.69 13.41 -86.82
C PRO CB 625 -46.71 14.37 -85.64
N HIS CB 626 -45.69 15.21 -85.57
CA HIS CB 626 -45.59 16.18 -84.49
C HIS CB 626 -46.56 17.31 -84.79
N THR CB 627 -47.76 17.23 -84.21
CA THR CB 627 -48.80 18.22 -84.42
C THR CB 627 -49.39 18.63 -83.09
N ASP CB 628 -50.15 19.73 -83.11
CA ASP CB 628 -50.84 20.18 -81.91
C ASP CB 628 -51.87 19.16 -81.45
N GLY CB 629 -52.62 18.60 -82.38
CA GLY CB 629 -53.68 17.67 -82.03
C GLY CB 629 -53.68 16.47 -82.94
N ASN CB 630 -54.03 15.33 -82.37
CA ASN CB 630 -54.33 14.13 -83.12
C ASN CB 630 -55.48 13.44 -82.42
N PHE CB 631 -56.21 12.62 -83.17
CA PHE CB 631 -57.29 11.82 -82.61
C PHE CB 631 -56.95 10.35 -82.83
N HIS CB 632 -56.83 9.61 -81.74
CA HIS CB 632 -56.50 8.19 -81.76
C HIS CB 632 -55.33 7.93 -82.68
N PRO CB 633 -54.12 8.36 -82.30
CA PRO CB 633 -53.00 8.30 -83.25
C PRO CB 633 -52.48 6.90 -83.49
N SER CB 634 -53.36 6.02 -83.90
CA SER CB 634 -52.98 4.70 -84.36
C SER CB 634 -52.81 4.73 -85.87
N PRO CB 635 -51.68 4.28 -86.40
CA PRO CB 635 -51.44 4.39 -87.85
C PRO CB 635 -52.51 3.65 -88.63
N LEU CB 636 -52.93 4.26 -89.75
CA LEU CB 636 -54.08 3.73 -90.47
C LEU CB 636 -53.77 2.44 -91.21
N MET CB 637 -52.55 2.28 -91.73
CA MET CB 637 -52.20 0.98 -92.30
C MET CB 637 -51.85 -0.05 -91.24
N GLY CB 638 -52.13 0.24 -89.98
CA GLY CB 638 -51.96 -0.73 -88.91
C GLY CB 638 -50.62 -0.57 -88.21
N GLY CB 639 -50.58 -1.03 -86.97
CA GLY CB 639 -49.38 -1.03 -86.20
C GLY CB 639 -49.44 -0.07 -85.02
N PHE CB 640 -48.26 0.28 -84.53
CA PHE CB 640 -48.11 1.06 -83.32
C PHE CB 640 -47.73 2.49 -83.69
N GLY CB 641 -48.52 3.45 -83.22
CA GLY CB 641 -48.18 4.84 -83.40
C GLY CB 641 -47.23 5.28 -82.31
N LEU CB 642 -46.07 5.79 -82.70
CA LEU CB 642 -45.04 6.19 -81.76
C LEU CB 642 -44.67 7.65 -81.97
N LYS CB 643 -44.68 8.42 -80.88
CA LYS CB 643 -44.15 9.78 -80.95
C LYS CB 643 -42.66 9.76 -81.27
N HIS CB 644 -41.94 8.82 -80.70
CA HIS CB 644 -40.50 8.65 -80.90
C HIS CB 644 -40.26 7.23 -81.38
N PRO CB 645 -40.44 6.97 -82.66
CA PRO CB 645 -40.31 5.61 -83.19
C PRO CB 645 -38.85 5.21 -83.22
N PRO CB 646 -38.55 3.96 -83.59
CA PRO CB 646 -37.16 3.58 -83.82
C PRO CB 646 -36.51 4.54 -84.80
N PRO CB 647 -35.36 5.10 -84.46
CA PRO CB 647 -34.76 6.13 -85.30
C PRO CB 647 -34.34 5.59 -86.65
N GLN CB 648 -34.39 6.46 -87.65
CA GLN CB 648 -33.87 6.11 -88.96
C GLN CB 648 -32.37 5.86 -88.85
N ILE CB 649 -31.91 4.78 -89.46
CA ILE CB 649 -30.50 4.42 -89.49
C ILE CB 649 -30.01 4.69 -90.90
N LEU CB 650 -29.20 5.73 -91.05
CA LEU CB 650 -28.72 6.16 -92.35
C LEU CB 650 -27.32 5.61 -92.56
N ILE CB 651 -27.08 5.08 -93.75
CA ILE CB 651 -25.81 4.46 -94.08
C ILE CB 651 -25.38 4.94 -95.46
N LYS CB 652 -24.09 5.20 -95.61
CA LYS CB 652 -23.55 5.68 -96.87
C LYS CB 652 -22.14 5.18 -97.03
N ASN CB 653 -21.77 4.83 -98.27
CA ASN CB 653 -20.38 4.61 -98.59
C ASN CB 653 -19.66 5.95 -98.64
N THR CB 654 -18.60 6.09 -97.87
CA THR CB 654 -17.82 7.31 -97.90
C THR CB 654 -17.20 7.46 -99.29
N PRO CB 655 -17.38 8.60 -99.96
CA PRO CB 655 -16.79 8.77 -101.29
C PRO CB 655 -15.27 8.66 -101.22
N VAL CB 656 -14.72 7.90 -102.16
CA VAL CB 656 -13.27 7.77 -102.30
C VAL CB 656 -12.89 8.38 -103.65
N PRO CB 657 -12.28 9.55 -103.67
CA PRO CB 657 -11.96 10.18 -104.96
C PRO CB 657 -11.00 9.33 -105.76
N ALA CB 658 -11.16 9.35 -107.08
CA ALA CB 658 -10.12 8.87 -107.96
C ALA CB 658 -8.95 9.85 -107.93
N ASP CB 659 -7.93 9.60 -108.73
CA ASP CB 659 -6.74 10.43 -108.67
C ASP CB 659 -7.09 11.85 -109.08
N PRO CB 660 -6.86 12.84 -108.22
CA PRO CB 660 -7.12 14.22 -108.60
C PRO CB 660 -6.06 14.73 -109.55
N PRO CB 661 -6.32 15.83 -110.25
CA PRO CB 661 -5.28 16.40 -111.11
C PRO CB 661 -4.09 16.87 -110.29
N THR CB 662 -2.95 16.96 -110.94
CA THR CB 662 -1.73 17.40 -110.26
C THR CB 662 -1.61 18.90 -110.16
N THR CB 663 -2.54 19.65 -110.76
CA THR CB 663 -2.65 21.09 -110.58
C THR CB 663 -3.96 21.39 -109.88
N PHE CB 664 -3.94 22.34 -108.95
CA PHE CB 664 -5.10 22.58 -108.12
C PHE CB 664 -6.29 23.05 -108.94
N ASN CB 665 -7.45 22.47 -108.63
CA ASN CB 665 -8.72 22.89 -109.19
C ASN CB 665 -9.70 23.07 -108.04
N GLN CB 666 -10.34 24.23 -107.96
CA GLN CB 666 -11.26 24.51 -106.87
C GLN CB 666 -12.56 23.74 -107.00
N SER CB 667 -12.87 23.23 -108.18
CA SER CB 667 -14.15 22.55 -108.39
C SER CB 667 -14.23 21.30 -107.55
N LYS CB 668 -15.43 20.98 -107.08
CA LYS CB 668 -15.64 19.76 -106.33
C LYS CB 668 -15.28 18.55 -107.19
N LEU CB 669 -14.70 17.55 -106.56
CA LEU CB 669 -14.31 16.35 -107.27
C LEU CB 669 -15.54 15.56 -107.69
N ASN CB 670 -15.58 15.14 -108.94
CA ASN CB 670 -16.66 14.31 -109.45
C ASN CB 670 -16.17 12.96 -109.93
N SER CB 671 -14.88 12.70 -109.88
CA SER CB 671 -14.30 11.42 -110.28
C SER CB 671 -14.06 10.61 -109.01
N PHE CB 672 -14.83 9.54 -108.84
CA PHE CB 672 -14.77 8.73 -107.65
C PHE CB 672 -14.51 7.28 -108.01
N ILE CB 673 -13.85 6.59 -107.10
CA ILE CB 673 -13.65 5.15 -107.24
C ILE CB 673 -15.00 4.46 -107.08
N THR CB 674 -15.36 3.63 -108.05
CA THR CB 674 -16.63 2.92 -107.98
C THR CB 674 -16.58 1.93 -106.83
N GLN CB 675 -17.61 1.96 -105.99
CA GLN CB 675 -17.48 1.32 -104.70
C GLN CB 675 -18.85 0.92 -104.19
N TYR CB 676 -18.91 -0.20 -103.48
CA TYR CB 676 -20.10 -0.61 -102.78
C TYR CB 676 -19.68 -1.34 -101.52
N SER CB 677 -20.58 -1.40 -100.56
CA SER CB 677 -20.32 -2.09 -99.32
C SER CB 677 -21.33 -3.18 -99.08
N THR CB 678 -20.91 -4.20 -98.35
CA THR CB 678 -21.79 -5.27 -97.91
C THR CB 678 -21.46 -5.58 -96.47
N GLY CB 679 -22.43 -6.15 -95.78
CA GLY CB 679 -22.21 -6.51 -94.40
C GLY CB 679 -23.41 -7.24 -93.86
N GLN CB 680 -23.41 -7.44 -92.55
CA GLN CB 680 -24.52 -8.06 -91.88
C GLN CB 680 -25.20 -7.05 -90.97
N VAL CB 681 -26.51 -7.13 -90.88
CA VAL CB 681 -27.30 -6.29 -90.01
C VAL CB 681 -28.10 -7.19 -89.09
N SER CB 682 -28.06 -6.89 -87.80
CA SER CB 682 -28.82 -7.63 -86.80
C SER CB 682 -29.78 -6.65 -86.12
N VAL CB 683 -31.04 -7.04 -86.04
CA VAL CB 683 -32.03 -6.29 -85.27
C VAL CB 683 -32.69 -7.25 -84.31
N GLU CB 684 -32.68 -6.91 -83.03
CA GLU CB 684 -33.30 -7.69 -81.98
C GLU CB 684 -34.41 -6.85 -81.37
N ILE CB 685 -35.63 -7.36 -81.39
CA ILE CB 685 -36.76 -6.68 -80.78
C ILE CB 685 -37.33 -7.57 -79.69
N GLU CB 686 -37.50 -7.01 -78.51
CA GLU CB 686 -38.21 -7.67 -77.43
C GLU CB 686 -39.67 -7.22 -77.45
N TRP CB 687 -40.57 -8.18 -77.51
CA TRP CB 687 -42.00 -7.92 -77.53
C TRP CB 687 -42.62 -8.39 -76.23
N GLU CB 688 -43.50 -7.57 -75.68
CA GLU CB 688 -44.29 -7.99 -74.53
C GLU CB 688 -45.60 -8.60 -75.02
N LEU CB 689 -46.00 -9.69 -74.39
CA LEU CB 689 -47.19 -10.43 -74.78
C LEU CB 689 -48.30 -10.24 -73.78
N GLN CB 690 -49.53 -10.15 -74.28
CA GLN CB 690 -50.73 -10.21 -73.46
C GLN CB 690 -51.30 -11.61 -73.59
N LYS CB 691 -51.13 -12.42 -72.57
CA LYS CB 691 -51.65 -13.78 -72.59
C LYS CB 691 -53.17 -13.77 -72.54
N GLU CB 692 -53.79 -14.66 -73.30
CA GLU CB 692 -55.24 -14.78 -73.27
C GLU CB 692 -55.66 -15.47 -71.98
N ASN CB 693 -56.61 -14.87 -71.28
CA ASN CB 693 -57.18 -15.45 -70.07
C ASN CB 693 -58.68 -15.57 -70.32
N SER CB 694 -59.06 -16.67 -70.95
CA SER CB 694 -60.40 -16.84 -71.49
C SER CB 694 -61.07 -18.05 -70.87
N LYS CB 695 -62.36 -17.91 -70.56
CA LYS CB 695 -63.16 -19.00 -70.04
C LYS CB 695 -64.06 -19.60 -71.12
N ARG CB 696 -63.79 -19.28 -72.38
CA ARG CB 696 -64.51 -19.90 -73.49
C ARG CB 696 -64.38 -21.40 -73.43
N TRP CB 697 -65.51 -22.10 -73.61
CA TRP CB 697 -65.51 -23.54 -73.49
C TRP CB 697 -65.12 -24.21 -74.80
N ASN CB 698 -65.72 -23.79 -75.91
CA ASN CB 698 -65.47 -24.41 -77.19
C ASN CB 698 -64.11 -23.99 -77.74
N PRO CB 699 -63.52 -24.79 -78.62
CA PRO CB 699 -62.20 -24.43 -79.16
C PRO CB 699 -62.24 -23.14 -79.96
N GLU CB 700 -61.12 -22.42 -79.91
CA GLU CB 700 -60.99 -21.17 -80.64
C GLU CB 700 -60.59 -21.42 -82.09
N ILE CB 701 -60.73 -20.39 -82.90
CA ILE CB 701 -60.16 -20.41 -84.24
C ILE CB 701 -58.67 -20.16 -84.14
N GLN CB 702 -57.89 -20.97 -84.82
CA GLN CB 702 -56.44 -20.85 -84.80
C GLN CB 702 -55.94 -20.78 -86.23
N TYR CB 703 -54.86 -20.04 -86.44
CA TYR CB 703 -54.20 -20.11 -87.73
C TYR CB 703 -53.47 -21.44 -87.83
N THR CB 704 -53.72 -22.15 -88.92
CA THR CB 704 -53.12 -23.45 -89.14
C THR CB 704 -52.71 -23.57 -90.60
N SER CB 705 -51.64 -24.32 -90.82
CA SER CB 705 -51.30 -24.69 -92.19
C SER CB 705 -52.28 -25.74 -92.68
N ASN CB 706 -52.48 -25.77 -94.00
CA ASN CB 706 -53.36 -26.77 -94.58
C ASN CB 706 -52.74 -28.15 -94.47
N TYR CB 707 -53.56 -29.13 -94.07
CA TYR CB 707 -53.07 -30.48 -93.89
C TYR CB 707 -52.88 -31.19 -95.23
N TYR CB 708 -53.65 -30.83 -96.24
CA TYR CB 708 -53.66 -31.55 -97.50
C TYR CB 708 -52.35 -31.33 -98.26
N LYS CB 709 -52.02 -32.29 -99.12
CA LYS CB 709 -50.76 -32.26 -99.84
C LYS CB 709 -50.73 -31.11 -100.84
N SER CB 710 -49.52 -30.68 -101.18
CA SER CB 710 -49.34 -29.58 -102.12
C SER CB 710 -47.98 -29.72 -102.78
N THR CB 711 -47.82 -29.01 -103.90
CA THR CB 711 -46.56 -29.06 -104.64
C THR CB 711 -45.41 -28.52 -103.81
N SER CB 712 -45.67 -27.47 -103.03
CA SER CB 712 -44.64 -26.84 -102.22
C SER CB 712 -45.19 -26.56 -100.83
N VAL CB 713 -44.28 -26.44 -99.88
CA VAL CB 713 -44.64 -26.06 -98.52
C VAL CB 713 -44.92 -24.57 -98.48
N ASP CB 714 -46.03 -24.20 -97.86
CA ASP CB 714 -46.34 -22.78 -97.68
C ASP CB 714 -45.32 -22.12 -96.77
N PHE CB 715 -44.94 -20.89 -97.11
CA PHE CB 715 -43.90 -20.16 -96.40
C PHE CB 715 -42.58 -20.93 -96.41
N ALA CB 716 -42.22 -21.41 -97.59
CA ALA CB 716 -40.94 -22.07 -97.81
C ALA CB 716 -40.43 -21.63 -99.18
N VAL CB 717 -39.33 -22.21 -99.59
CA VAL CB 717 -38.76 -21.92 -100.90
C VAL CB 717 -39.32 -22.92 -101.89
N ASN CB 718 -39.35 -22.53 -103.16
CA ASN CB 718 -39.72 -23.44 -104.23
C ASN CB 718 -38.47 -24.11 -104.77
N THR CB 719 -38.60 -24.79 -105.91
CA THR CB 719 -37.46 -25.49 -106.49
C THR CB 719 -36.38 -24.55 -106.99
N GLU CB 720 -36.70 -23.27 -107.18
CA GLU CB 720 -35.73 -22.29 -107.66
C GLU CB 720 -35.11 -21.48 -106.52
N GLY CB 721 -35.44 -21.79 -105.28
CA GLY CB 721 -34.89 -21.05 -104.17
C GLY CB 721 -35.61 -19.78 -103.81
N VAL CB 722 -36.78 -19.53 -104.40
CA VAL CB 722 -37.53 -18.32 -104.14
C VAL CB 722 -38.42 -18.54 -102.94
N TYR CB 723 -38.21 -17.75 -101.90
CA TYR CB 723 -39.11 -17.75 -100.75
C TYR CB 723 -40.35 -16.92 -101.08
N SER CB 724 -41.51 -17.47 -100.74
CA SER CB 724 -42.77 -16.79 -101.00
C SER CB 724 -43.66 -16.86 -99.76
N GLU CB 725 -44.45 -15.82 -99.56
CA GLU CB 725 -45.48 -15.81 -98.55
C GLU CB 725 -46.82 -15.98 -99.25
N PRO CB 726 -47.48 -17.12 -99.12
CA PRO CB 726 -48.66 -17.40 -99.96
C PRO CB 726 -49.88 -16.59 -99.58
N ARG CB 727 -50.00 -16.15 -98.34
CA ARG CB 727 -51.19 -15.44 -97.90
C ARG CB 727 -50.78 -14.41 -96.87
N PRO CB 728 -51.57 -13.35 -96.67
CA PRO CB 728 -51.32 -12.43 -95.55
C PRO CB 728 -51.91 -13.02 -94.28
N ILE CB 729 -51.06 -13.28 -93.30
CA ILE CB 729 -51.52 -13.80 -92.02
C ILE CB 729 -51.86 -12.62 -91.13
N GLY CB 730 -53.13 -12.50 -90.78
CA GLY CB 730 -53.54 -11.49 -89.83
C GLY CB 730 -53.10 -11.84 -88.44
N THR CB 731 -53.75 -11.24 -87.45
CA THR CB 731 -53.33 -11.42 -86.08
C THR CB 731 -54.49 -11.81 -85.18
N ARG CB 732 -55.74 -11.69 -85.65
CA ARG CB 732 -56.92 -11.83 -84.82
C ARG CB 732 -57.53 -13.21 -85.04
N TYR CB 733 -57.18 -14.14 -84.18
CA TYR CB 733 -57.75 -15.48 -84.19
C TYR CB 733 -58.40 -15.86 -82.88
N LEU CB 734 -57.80 -15.50 -81.75
CA LEU CB 734 -58.44 -15.67 -80.47
C LEU CB 734 -59.60 -14.70 -80.32
N THR CB 735 -60.45 -14.95 -79.33
CA THR CB 735 -61.65 -14.15 -79.14
C THR CB 735 -61.70 -13.58 -77.74
N ARG CB 736 -62.34 -12.43 -77.62
CA ARG CB 736 -62.67 -11.81 -76.35
C ARG CB 736 -64.13 -11.37 -76.38
N ASN CB 737 -64.73 -11.31 -75.20
CA ASN CB 737 -66.00 -10.62 -75.08
C ASN CB 737 -65.80 -9.12 -75.21
N LEU CB 738 -66.86 -8.42 -75.56
CA LEU CB 738 -66.79 -6.98 -75.65
C LEU CB 738 -66.81 -6.36 -74.26
N GLY DB 221 -48.88 55.02 -46.97
CA GLY DB 221 -48.85 56.45 -46.77
C GLY DB 221 -49.33 57.26 -47.96
N VAL DB 222 -49.89 58.44 -47.68
CA VAL DB 222 -50.37 59.31 -48.75
C VAL DB 222 -49.21 59.76 -49.63
N GLY DB 223 -48.10 60.13 -49.02
CA GLY DB 223 -46.98 60.70 -49.74
C GLY DB 223 -45.89 59.73 -50.16
N SER DB 224 -46.14 58.43 -50.11
CA SER DB 224 -45.16 57.43 -50.51
C SER DB 224 -45.74 56.56 -51.60
N SER DB 225 -44.91 56.28 -52.62
CA SER DB 225 -45.33 55.40 -53.70
C SER DB 225 -45.48 53.97 -53.19
N SER DB 226 -46.53 53.30 -53.67
CA SER DB 226 -46.79 51.92 -53.29
C SER DB 226 -46.25 50.91 -54.29
N GLY DB 227 -45.55 51.37 -55.32
CA GLY DB 227 -44.94 50.47 -56.28
C GLY DB 227 -44.22 51.25 -57.35
N ASN DB 228 -43.36 50.54 -58.06
CA ASN DB 228 -42.54 51.13 -59.10
C ASN DB 228 -43.02 50.68 -60.47
N TRP DB 229 -42.61 51.44 -61.48
CA TRP DB 229 -42.92 51.10 -62.86
C TRP DB 229 -42.01 49.96 -63.31
N HIS DB 230 -42.62 48.86 -63.76
CA HIS DB 230 -41.89 47.66 -64.17
C HIS DB 230 -42.38 47.25 -65.56
N CYS DB 231 -41.78 47.82 -66.60
CA CYS DB 231 -41.95 47.35 -67.95
C CYS DB 231 -40.62 46.82 -68.43
N ASP DB 232 -40.58 45.55 -68.79
CA ASP DB 232 -39.32 44.91 -69.12
C ASP DB 232 -39.60 43.53 -69.68
N SER DB 233 -38.60 42.95 -70.32
CA SER DB 233 -38.62 41.55 -70.73
C SER DB 233 -37.21 41.01 -70.54
N THR DB 234 -37.08 39.97 -69.74
CA THR DB 234 -35.80 39.34 -69.49
C THR DB 234 -35.80 37.95 -70.10
N TRP DB 235 -34.89 37.71 -71.03
CA TRP DB 235 -34.73 36.42 -71.66
C TRP DB 235 -33.59 35.70 -70.98
N LEU DB 236 -33.88 34.55 -70.37
CA LEU DB 236 -32.88 33.82 -69.60
C LEU DB 236 -33.09 32.33 -69.87
N GLY DB 237 -32.22 31.76 -70.72
CA GLY DB 237 -32.33 30.34 -71.02
C GLY DB 237 -33.61 30.03 -71.76
N ASP DB 238 -34.36 29.07 -71.24
CA ASP DB 238 -35.63 28.65 -71.83
C ASP DB 238 -36.82 29.42 -71.28
N ARG DB 239 -36.57 30.52 -70.58
CA ARG DB 239 -37.64 31.34 -70.04
C ARG DB 239 -37.53 32.76 -70.60
N VAL DB 240 -38.67 33.39 -70.77
CA VAL DB 240 -38.75 34.84 -70.95
C VAL DB 240 -39.76 35.37 -69.95
N ILE DB 241 -39.38 36.39 -69.21
CA ILE DB 241 -40.24 37.01 -68.22
C ILE DB 241 -40.62 38.38 -68.74
N THR DB 242 -41.86 38.52 -69.17
CA THR DB 242 -42.40 39.80 -69.59
C THR DB 242 -43.07 40.46 -68.39
N THR DB 243 -42.75 41.71 -68.15
CA THR DB 243 -43.46 42.50 -67.16
C THR DB 243 -43.88 43.80 -67.82
N SER DB 244 -45.13 44.19 -67.57
CA SER DB 244 -45.67 45.38 -68.20
C SER DB 244 -46.45 46.17 -67.17
N THR DB 245 -46.23 47.48 -67.15
CA THR DB 245 -46.94 48.39 -66.28
C THR DB 245 -47.73 49.35 -67.14
N ARG DB 246 -48.96 49.64 -66.72
CA ARG DB 246 -49.81 50.61 -67.40
C ARG DB 246 -50.49 51.48 -66.37
N THR DB 247 -50.84 52.69 -66.80
CA THR DB 247 -51.67 53.57 -66.00
C THR DB 247 -53.12 53.36 -66.42
N TRP DB 248 -53.98 53.10 -65.44
CA TRP DB 248 -55.39 52.87 -65.70
C TRP DB 248 -56.23 53.97 -65.06
N ALA DB 249 -57.45 54.11 -65.55
CA ALA DB 249 -58.44 54.99 -64.95
C ALA DB 249 -59.74 54.21 -64.82
N LEU DB 250 -60.28 54.18 -63.61
CA LEU DB 250 -61.52 53.46 -63.36
C LEU DB 250 -62.63 54.44 -63.03
N PRO DB 251 -63.63 54.59 -63.86
CA PRO DB 251 -64.77 55.44 -63.51
C PRO DB 251 -65.71 54.69 -62.57
N THR DB 252 -66.72 55.42 -62.10
CA THR DB 252 -67.85 54.78 -61.46
C THR DB 252 -68.79 54.27 -62.54
N TYR DB 253 -69.02 52.97 -62.55
CA TYR DB 253 -69.89 52.35 -63.54
C TYR DB 253 -71.28 52.18 -62.98
N ASN DB 254 -72.29 52.40 -63.82
CA ASN DB 254 -73.68 52.11 -63.52
C ASN DB 254 -74.22 52.93 -62.36
N ASN DB 255 -73.53 53.99 -61.95
CA ASN DB 255 -73.89 54.74 -60.75
C ASN DB 255 -73.97 53.83 -59.53
N HIS DB 256 -72.98 52.92 -59.43
CA HIS DB 256 -72.84 51.96 -58.33
C HIS DB 256 -73.96 50.93 -58.30
N LEU DB 257 -74.72 50.76 -59.39
CA LEU DB 257 -75.87 49.88 -59.40
C LEU DB 257 -75.59 48.62 -60.20
N TYR DB 258 -76.27 47.54 -59.82
CA TYR DB 258 -76.41 46.38 -60.68
C TYR DB 258 -77.68 46.54 -61.49
N LYS DB 259 -77.56 46.47 -62.80
CA LYS DB 259 -78.71 46.64 -63.68
C LYS DB 259 -78.93 45.37 -64.48
N GLN DB 260 -80.16 44.89 -64.48
CA GLN DB 260 -80.53 43.83 -65.40
C GLN DB 260 -80.54 44.37 -66.81
N ILE DB 261 -79.89 43.67 -67.73
CA ILE DB 261 -79.82 44.06 -69.13
C ILE DB 261 -80.37 42.92 -69.97
N SER DB 262 -81.08 43.26 -71.03
CA SER DB 262 -81.74 42.26 -71.85
C SER DB 262 -81.80 42.75 -73.29
N ASN DB 263 -82.10 41.81 -74.18
CA ASN DB 263 -82.36 42.12 -75.57
C ASN DB 263 -83.31 41.05 -76.08
N GLY DB 264 -84.46 41.48 -76.60
CA GLY DB 264 -85.47 40.57 -77.10
C GLY DB 264 -85.73 40.78 -78.58
N THR DB 265 -86.70 40.02 -79.08
CA THR DB 265 -87.08 40.09 -80.48
C THR DB 265 -88.10 41.19 -80.72
N ALA DB 269 -84.39 43.24 -82.77
CA ALA DB 269 -83.32 42.25 -82.70
C ALA DB 269 -83.83 40.86 -83.07
N THR DB 270 -82.96 40.05 -83.64
CA THR DB 270 -83.33 38.68 -83.99
C THR DB 270 -83.16 37.77 -82.78
N ASN DB 271 -83.75 36.58 -82.87
CA ASN DB 271 -83.63 35.62 -81.79
C ASN DB 271 -82.18 35.20 -81.58
N ASP DB 272 -81.36 35.24 -82.64
CA ASP DB 272 -79.96 34.86 -82.52
C ASP DB 272 -79.18 35.79 -81.61
N ASN DB 273 -79.66 37.02 -81.40
CA ASN DB 273 -78.95 38.02 -80.64
C ASN DB 273 -79.61 38.36 -79.30
N THR DB 274 -80.58 37.56 -78.87
CA THR DB 274 -81.22 37.82 -77.59
C THR DB 274 -80.29 37.47 -76.44
N TYR DB 275 -80.44 38.18 -75.33
CA TYR DB 275 -79.68 37.85 -74.14
C TYR DB 275 -80.40 38.38 -72.91
N PHE DB 276 -80.05 37.79 -71.77
CA PHE DB 276 -80.42 38.30 -70.47
C PHE DB 276 -79.17 38.26 -69.61
N GLY DB 277 -78.90 39.34 -68.90
CA GLY DB 277 -77.71 39.38 -68.09
C GLY DB 277 -77.76 40.54 -67.13
N TYR DB 278 -76.60 40.85 -66.57
CA TYR DB 278 -76.51 41.90 -65.58
C TYR DB 278 -75.30 42.77 -65.86
N SER DB 279 -75.51 44.07 -65.81
CA SER DB 279 -74.42 45.04 -65.79
C SER DB 279 -74.06 45.32 -64.34
N THR DB 280 -72.80 45.25 -64.03
CA THR DB 280 -72.34 45.47 -62.66
C THR DB 280 -71.60 46.79 -62.55
N PRO DB 281 -71.54 47.38 -61.36
CA PRO DB 281 -70.72 48.58 -61.16
C PRO DB 281 -69.22 48.32 -61.10
N TRP DB 282 -68.79 47.09 -61.36
CA TRP DB 282 -67.39 46.72 -61.23
C TRP DB 282 -66.68 46.82 -62.56
N GLY DB 283 -65.44 47.26 -62.51
CA GLY DB 283 -64.53 47.07 -63.62
C GLY DB 283 -63.73 45.80 -63.45
N TYR DB 284 -62.98 45.46 -64.49
CA TYR DB 284 -62.12 44.29 -64.40
C TYR DB 284 -60.86 44.52 -65.22
N PHE DB 285 -59.79 43.89 -64.80
CA PHE DB 285 -58.51 44.02 -65.47
C PHE DB 285 -58.33 42.88 -66.47
N ASP DB 286 -58.02 43.24 -67.70
CA ASP DB 286 -57.80 42.29 -68.77
C ASP DB 286 -56.40 42.47 -69.32
N PHE DB 287 -55.63 41.39 -69.35
CA PHE DB 287 -54.34 41.36 -70.03
C PHE DB 287 -54.23 40.11 -70.86
N ASN DB 288 -55.33 39.73 -71.49
CA ASN DB 288 -55.45 38.51 -72.27
C ASN DB 288 -55.13 38.72 -73.74
N ARG DB 289 -54.21 39.65 -74.05
CA ARG DB 289 -53.68 39.80 -75.38
C ARG DB 289 -52.17 39.79 -75.29
N PHE DB 290 -51.52 39.22 -76.31
CA PHE DB 290 -50.08 39.05 -76.25
C PHE DB 290 -49.34 40.38 -76.26
N HIS DB 291 -49.88 41.40 -76.93
CA HIS DB 291 -49.19 42.67 -76.97
C HIS DB 291 -49.29 43.43 -75.64
N CYS DB 292 -50.10 42.96 -74.70
CA CYS DB 292 -50.06 43.50 -73.35
C CYS DB 292 -48.76 43.16 -72.66
N HIS DB 293 -48.04 42.16 -73.14
CA HIS DB 293 -46.84 41.64 -72.48
C HIS DB 293 -45.62 41.67 -73.37
N PHE DB 294 -45.77 41.41 -74.65
CA PHE DB 294 -44.65 41.37 -75.58
C PHE DB 294 -44.62 42.65 -76.40
N SER DB 295 -43.48 43.34 -76.38
CA SER DB 295 -43.23 44.37 -77.36
C SER DB 295 -43.08 43.70 -78.73
N PRO DB 296 -43.30 44.45 -79.81
CA PRO DB 296 -43.12 43.85 -81.14
C PRO DB 296 -41.74 43.26 -81.34
N ARG DB 297 -40.71 43.90 -80.82
CA ARG DB 297 -39.36 43.32 -80.91
C ARG DB 297 -39.26 42.05 -80.07
N ASP DB 298 -39.86 42.04 -78.89
CA ASP DB 298 -39.87 40.83 -78.08
C ASP DB 298 -40.65 39.72 -78.77
N TRP DB 299 -41.76 40.06 -79.42
CA TRP DB 299 -42.50 39.08 -80.19
C TRP DB 299 -41.66 38.53 -81.32
N GLN DB 300 -40.90 39.38 -81.99
CA GLN DB 300 -39.99 38.91 -83.04
C GLN DB 300 -38.94 37.97 -82.47
N ARG DB 301 -38.35 38.33 -81.33
CA ARG DB 301 -37.39 37.44 -80.68
C ARG DB 301 -38.01 36.09 -80.39
N LEU DB 302 -39.25 36.09 -79.90
CA LEU DB 302 -39.92 34.85 -79.55
C LEU DB 302 -40.18 34.00 -80.78
N ILE DB 303 -40.78 34.59 -81.82
CA ILE DB 303 -41.26 33.80 -82.95
C ILE DB 303 -40.17 33.41 -83.93
N ASN DB 304 -39.06 34.16 -83.98
CA ASN DB 304 -38.01 33.82 -84.91
C ASN DB 304 -37.04 32.78 -84.39
N ASN DB 305 -37.14 32.41 -83.11
CA ASN DB 305 -36.11 31.60 -82.49
C ASN DB 305 -36.64 30.43 -81.67
N ASN DB 306 -37.95 30.30 -81.53
CA ASN DB 306 -38.52 29.28 -80.67
C ASN DB 306 -39.57 28.48 -81.42
N TRP DB 307 -39.57 27.17 -81.20
CA TRP DB 307 -40.59 26.30 -81.76
C TRP DB 307 -41.88 26.34 -80.97
N GLY DB 308 -41.85 26.84 -79.74
CA GLY DB 308 -43.05 26.88 -78.93
C GLY DB 308 -42.82 27.69 -77.69
N PHE DB 309 -43.93 28.03 -77.05
CA PHE DB 309 -43.90 28.76 -75.80
C PHE DB 309 -45.21 28.51 -75.08
N ARG DB 310 -45.19 28.78 -73.78
CA ARG DB 310 -46.39 28.63 -72.96
C ARG DB 310 -46.22 29.46 -71.70
N PRO DB 311 -47.28 30.02 -71.16
CA PRO DB 311 -47.17 30.73 -69.89
C PRO DB 311 -46.94 29.76 -68.75
N LYS DB 312 -46.17 30.22 -67.76
CA LYS DB 312 -45.86 29.42 -66.60
C LYS DB 312 -46.47 29.98 -65.32
N ARG DB 313 -46.24 31.26 -65.05
CA ARG DB 313 -46.76 31.90 -63.86
C ARG DB 313 -46.97 33.36 -64.16
N LEU DB 314 -47.82 34.00 -63.36
CA LEU DB 314 -48.00 35.44 -63.48
C LEU DB 314 -48.07 36.05 -62.10
N SER DB 315 -47.62 37.29 -62.01
CA SER DB 315 -47.81 38.13 -60.84
C SER DB 315 -48.47 39.41 -61.30
N PHE DB 316 -49.41 39.88 -60.49
CA PHE DB 316 -50.23 41.04 -60.82
C PHE DB 316 -50.14 42.02 -59.68
N LYS DB 317 -50.04 43.30 -60.00
CA LYS DB 317 -49.92 44.33 -58.97
C LYS DB 317 -50.77 45.53 -59.31
N LEU DB 318 -51.47 46.04 -58.30
CA LEU DB 318 -52.16 47.33 -58.36
C LEU DB 318 -51.50 48.23 -57.32
N PHE DB 319 -51.16 49.44 -57.72
CA PHE DB 319 -50.40 50.31 -56.83
C PHE DB 319 -50.55 51.75 -57.31
N ASN DB 320 -50.07 52.67 -56.47
CA ASN DB 320 -50.15 54.11 -56.72
C ASN DB 320 -51.58 54.52 -57.03
N ILE DB 321 -52.49 54.02 -56.22
CA ILE DB 321 -53.91 54.28 -56.42
C ILE DB 321 -54.22 55.70 -56.00
N GLN DB 322 -54.94 56.42 -56.86
CA GLN DB 322 -55.42 57.76 -56.56
C GLN DB 322 -56.91 57.78 -56.82
N VAL DB 323 -57.69 58.05 -55.79
CA VAL DB 323 -59.12 58.23 -55.93
C VAL DB 323 -59.41 59.71 -55.95
N LYS DB 324 -60.09 60.18 -56.99
CA LYS DB 324 -60.28 61.59 -57.22
C LYS DB 324 -61.76 61.94 -57.22
N GLU DB 325 -62.08 63.06 -56.60
CA GLU DB 325 -63.43 63.58 -56.53
C GLU DB 325 -63.57 64.70 -57.55
N VAL DB 326 -64.64 64.65 -58.34
CA VAL DB 326 -64.93 65.68 -59.33
C VAL DB 326 -66.25 66.34 -58.97
N THR DB 327 -66.25 67.67 -58.91
CA THR DB 327 -67.44 68.43 -58.54
C THR DB 327 -67.94 69.28 -59.70
N LYS DB 333 -65.90 72.63 -63.45
CA LYS DB 333 -65.49 71.30 -62.99
C LYS DB 333 -64.11 71.35 -62.35
N THR DB 334 -64.03 70.88 -61.11
CA THR DB 334 -62.76 70.76 -60.39
C THR DB 334 -62.57 69.32 -59.96
N ILE DB 335 -61.34 68.83 -60.08
CA ILE DB 335 -60.97 67.49 -59.68
C ILE DB 335 -60.03 67.60 -58.50
N ALA DB 336 -60.36 66.91 -57.42
CA ALA DB 336 -59.57 66.95 -56.20
C ALA DB 336 -59.32 65.53 -55.71
N ASN DB 337 -58.21 65.36 -54.99
CA ASN DB 337 -57.94 64.08 -54.36
C ASN DB 337 -58.92 63.82 -53.24
N ASN DB 338 -59.39 62.56 -53.18
CA ASN DB 338 -60.22 62.09 -52.05
C ASN DB 338 -59.31 61.11 -51.33
N LEU DB 339 -58.51 61.58 -50.38
CA LEU DB 339 -57.48 60.75 -49.76
C LEU DB 339 -58.05 59.58 -48.98
N THR DB 340 -59.26 59.72 -48.46
CA THR DB 340 -59.86 58.70 -47.62
C THR DB 340 -60.77 57.75 -48.40
N SER DB 341 -60.92 57.94 -49.69
CA SER DB 341 -61.74 57.05 -50.49
C SER DB 341 -60.99 55.77 -50.82
N THR DB 342 -61.76 54.71 -51.05
CA THR DB 342 -61.19 53.40 -51.32
C THR DB 342 -61.63 52.88 -52.68
N ILE DB 343 -60.84 51.95 -53.20
CA ILE DB 343 -61.27 51.06 -54.27
C ILE DB 343 -61.33 49.67 -53.69
N GLN DB 344 -62.17 48.84 -54.28
CA GLN DB 344 -62.29 47.44 -53.89
C GLN DB 344 -61.75 46.57 -55.02
N VAL DB 345 -60.84 45.67 -54.67
CA VAL DB 345 -60.23 44.76 -55.63
C VAL DB 345 -60.34 43.35 -55.08
N PHE DB 346 -60.76 42.41 -55.91
CA PHE DB 346 -60.67 41.01 -55.56
C PHE DB 346 -60.48 40.20 -56.82
N THR DB 347 -59.87 39.03 -56.67
CA THR DB 347 -59.73 38.08 -57.75
C THR DB 347 -60.72 36.96 -57.54
N ASP DB 348 -61.42 36.57 -58.62
CA ASP DB 348 -62.31 35.42 -58.59
C ASP DB 348 -61.46 34.16 -58.68
N SER DB 349 -60.75 33.87 -57.59
CA SER DB 349 -59.78 32.79 -57.58
C SER DB 349 -60.44 31.42 -57.61
N GLU DB 350 -61.67 31.32 -57.13
CA GLU DB 350 -62.44 30.08 -57.19
C GLU DB 350 -63.28 29.95 -58.45
N TYR DB 351 -63.19 30.93 -59.36
CA TYR DB 351 -63.93 30.91 -60.62
C TYR DB 351 -65.42 30.77 -60.38
N GLN DB 352 -65.92 31.50 -59.38
CA GLN DB 352 -67.33 31.48 -59.03
C GLN DB 352 -68.14 32.51 -59.80
N LEU DB 353 -67.51 33.39 -60.47
CA LEU DB 353 -68.20 34.36 -61.29
C LEU DB 353 -68.20 33.92 -62.75
N PRO DB 354 -69.17 34.37 -63.53
CA PRO DB 354 -69.09 34.14 -64.98
C PRO DB 354 -67.79 34.71 -65.54
N TYR DB 355 -67.06 33.87 -66.25
CA TYR DB 355 -65.74 34.23 -66.75
C TYR DB 355 -65.92 34.90 -68.11
N VAL DB 356 -65.76 36.21 -68.14
CA VAL DB 356 -65.94 36.98 -69.38
C VAL DB 356 -64.64 37.28 -70.08
N LEU DB 357 -63.50 37.00 -69.46
CA LEU DB 357 -62.25 37.00 -70.20
C LEU DB 357 -62.26 35.86 -71.21
N GLY DB 358 -61.39 35.96 -72.21
CA GLY DB 358 -61.40 34.95 -73.24
C GLY DB 358 -62.56 35.06 -74.20
N SER DB 359 -63.16 36.24 -74.32
CA SER DB 359 -64.13 36.52 -75.37
C SER DB 359 -63.64 37.59 -76.32
N ALA DB 360 -62.33 37.83 -76.34
CA ALA DB 360 -61.69 38.78 -77.25
C ALA DB 360 -62.28 40.17 -77.13
N HIS DB 361 -62.53 40.60 -75.91
CA HIS DB 361 -63.14 41.90 -75.67
C HIS DB 361 -62.10 42.99 -75.60
N GLN DB 362 -62.52 44.20 -75.93
CA GLN DB 362 -61.69 45.38 -75.73
C GLN DB 362 -61.52 45.65 -74.24
N GLY DB 363 -60.61 46.55 -73.92
CA GLY DB 363 -60.33 46.89 -72.55
C GLY DB 363 -59.12 46.24 -71.94
N CYS DB 364 -58.37 45.47 -72.72
CA CYS DB 364 -57.12 44.92 -72.23
C CYS DB 364 -56.10 46.04 -72.04
N LEU DB 365 -55.00 45.70 -71.39
CA LEU DB 365 -53.89 46.63 -71.27
C LEU DB 365 -53.43 47.05 -72.66
N PRO DB 366 -53.20 48.34 -72.90
CA PRO DB 366 -52.82 48.78 -74.24
C PRO DB 366 -51.47 48.20 -74.64
N PRO DB 367 -51.25 47.96 -75.93
CA PRO DB 367 -49.93 47.48 -76.35
C PRO DB 367 -48.81 48.45 -76.05
N PHE DB 368 -49.06 49.75 -76.12
CA PHE DB 368 -48.03 50.75 -75.91
C PHE DB 368 -47.96 51.11 -74.42
N PRO DB 369 -46.81 50.96 -73.78
CA PRO DB 369 -46.74 51.19 -72.33
C PRO DB 369 -47.10 52.61 -71.92
N ALA DB 370 -46.84 53.61 -72.75
CA ALA DB 370 -47.17 54.98 -72.41
C ALA DB 370 -48.67 55.25 -72.45
N ASP DB 371 -49.47 54.30 -72.91
CA ASP DB 371 -50.88 54.55 -73.14
C ASP DB 371 -51.67 54.36 -71.85
N VAL DB 372 -52.49 55.34 -71.52
CA VAL DB 372 -53.37 55.26 -70.35
C VAL DB 372 -54.71 54.72 -70.82
N PHE DB 373 -55.21 53.70 -70.14
CA PHE DB 373 -56.41 53.01 -70.59
C PHE DB 373 -57.50 53.04 -69.53
N MET DB 374 -58.73 52.98 -70.03
CA MET DB 374 -59.92 52.91 -69.20
C MET DB 374 -60.26 51.46 -68.90
N ILE DB 375 -60.59 51.19 -67.64
CA ILE DB 375 -60.91 49.82 -67.22
C ILE DB 375 -62.30 49.45 -67.72
N PRO DB 376 -62.46 48.32 -68.40
CA PRO DB 376 -63.78 47.96 -68.91
C PRO DB 376 -64.74 47.57 -67.79
N GLN DB 377 -66.02 47.78 -68.04
CA GLN DB 377 -67.05 47.46 -67.06
C GLN DB 377 -67.38 45.98 -67.11
N TYR DB 378 -67.48 45.37 -65.93
CA TYR DB 378 -67.80 43.96 -65.84
C TYR DB 378 -69.30 43.75 -65.99
N GLY DB 379 -69.67 42.88 -66.93
CA GLY DB 379 -71.03 42.40 -67.03
C GLY DB 379 -70.99 40.95 -67.42
N TYR DB 380 -72.13 40.28 -67.26
CA TYR DB 380 -72.19 38.87 -67.58
C TYR DB 380 -73.57 38.53 -68.10
N LEU DB 381 -73.66 37.38 -68.74
CA LEU DB 381 -74.91 36.87 -69.26
C LEU DB 381 -75.26 35.58 -68.55
N THR DB 382 -76.56 35.35 -68.39
CA THR DB 382 -77.03 34.10 -67.84
C THR DB 382 -78.07 33.53 -68.79
N LEU DB 383 -78.78 32.50 -68.38
CA LEU DB 383 -79.74 31.88 -69.28
C LEU DB 383 -80.87 32.85 -69.61
N ASN DB 384 -81.26 32.85 -70.88
CA ASN DB 384 -82.34 33.72 -71.34
C ASN DB 384 -83.29 32.94 -72.22
N ASN DB 385 -84.54 33.39 -72.23
CA ASN DB 385 -85.57 32.94 -73.16
C ASN DB 385 -86.08 34.22 -73.81
N GLY DB 386 -85.50 34.58 -74.95
CA GLY DB 386 -85.75 35.90 -75.48
C GLY DB 386 -85.08 36.93 -74.59
N SER DB 387 -85.84 37.95 -74.20
CA SER DB 387 -85.36 38.95 -73.26
C SER DB 387 -85.65 38.58 -71.82
N GLN DB 388 -86.32 37.46 -71.57
CA GLN DB 388 -86.70 37.05 -70.23
C GLN DB 388 -85.67 36.12 -69.64
N ALA DB 389 -85.56 36.15 -68.32
CA ALA DB 389 -84.77 35.17 -67.61
C ALA DB 389 -85.60 33.92 -67.37
N VAL DB 390 -84.92 32.81 -67.10
CA VAL DB 390 -85.56 31.58 -66.68
C VAL DB 390 -85.21 31.33 -65.22
N GLY DB 391 -85.85 30.33 -64.64
CA GLY DB 391 -85.59 30.01 -63.25
C GLY DB 391 -84.16 29.62 -62.97
N ARG DB 392 -83.45 29.11 -63.98
CA ARG DB 392 -82.06 28.73 -63.82
C ARG DB 392 -81.11 29.90 -64.00
N SER DB 393 -81.60 31.07 -64.38
CA SER DB 393 -80.75 32.23 -64.53
C SER DB 393 -80.12 32.61 -63.19
N SER DB 394 -78.83 32.88 -63.20
CA SER DB 394 -78.08 33.20 -61.99
C SER DB 394 -77.81 34.69 -61.92
N PHE DB 395 -78.07 35.27 -60.75
CA PHE DB 395 -77.68 36.64 -60.46
C PHE DB 395 -76.50 36.61 -59.49
N TYR DB 396 -75.45 37.35 -59.80
CA TYR DB 396 -74.27 37.41 -58.97
C TYR DB 396 -74.07 38.83 -58.46
N CYS DB 397 -73.95 38.98 -57.16
CA CYS DB 397 -73.55 40.22 -56.54
C CYS DB 397 -72.06 40.14 -56.25
N LEU DB 398 -71.28 41.02 -56.89
CA LEU DB 398 -69.84 40.98 -56.69
C LEU DB 398 -69.44 41.53 -55.33
N GLU DB 399 -70.32 42.31 -54.68
CA GLU DB 399 -70.07 42.69 -53.30
C GLU DB 399 -70.19 41.51 -52.35
N TYR DB 400 -70.81 40.43 -52.79
CA TYR DB 400 -70.91 39.21 -52.00
C TYR DB 400 -69.60 38.43 -51.96
N PHE DB 401 -68.53 39.01 -52.46
CA PHE DB 401 -67.21 38.41 -52.39
C PHE DB 401 -66.33 39.19 -51.42
N PRO DB 402 -65.37 38.53 -50.78
CA PRO DB 402 -64.37 39.27 -50.00
C PRO DB 402 -63.49 40.07 -50.95
N SER DB 403 -63.41 41.38 -50.69
CA SER DB 403 -62.60 42.28 -51.50
C SER DB 403 -61.64 43.03 -50.60
N GLN DB 404 -60.43 43.24 -51.10
CA GLN DB 404 -59.50 44.12 -50.42
C GLN DB 404 -59.88 45.56 -50.76
N MET DB 405 -60.03 46.38 -49.73
CA MET DB 405 -60.28 47.81 -49.93
C MET DB 405 -58.98 48.56 -49.80
N LEU DB 406 -58.72 49.46 -50.74
CA LEU DB 406 -57.42 50.11 -50.86
C LEU DB 406 -57.63 51.62 -50.82
N ARG DB 407 -56.95 52.28 -49.90
CA ARG DB 407 -56.83 53.72 -49.96
C ARG DB 407 -55.61 54.07 -50.80
N THR DB 408 -55.31 55.37 -50.91
CA THR DB 408 -54.27 55.83 -51.82
C THR DB 408 -52.90 55.26 -51.46
N GLY DB 409 -52.68 54.91 -50.21
CA GLY DB 409 -51.42 54.34 -49.79
C GLY DB 409 -51.31 52.84 -49.91
N ASN DB 410 -52.39 52.16 -50.26
CA ASN DB 410 -52.41 50.70 -50.31
C ASN DB 410 -52.08 50.20 -51.70
N ASN DB 411 -51.63 48.95 -51.76
CA ASN DB 411 -51.42 48.28 -53.03
C ASN DB 411 -52.00 46.87 -52.95
N PHE DB 412 -52.30 46.32 -54.11
CA PHE DB 412 -52.87 45.00 -54.25
C PHE DB 412 -51.96 44.16 -55.12
N GLN DB 413 -51.78 42.90 -54.76
CA GLN DB 413 -50.99 42.01 -55.58
C GLN DB 413 -51.40 40.57 -55.34
N PHE DB 414 -51.25 39.76 -56.38
CA PHE DB 414 -51.45 38.33 -56.27
C PHE DB 414 -50.59 37.64 -57.31
N THR DB 415 -50.31 36.37 -57.08
CA THR DB 415 -49.56 35.54 -57.99
C THR DB 415 -50.44 34.38 -58.44
N TYR DB 416 -50.18 33.92 -59.65
CA TYR DB 416 -50.95 32.82 -60.23
C TYR DB 416 -50.00 31.92 -60.99
N THR DB 417 -50.22 30.61 -60.89
CA THR DB 417 -49.43 29.64 -61.62
C THR DB 417 -50.31 29.00 -62.68
N PHE DB 418 -49.85 29.06 -63.92
CA PHE DB 418 -50.56 28.39 -65.01
C PHE DB 418 -50.46 26.88 -64.84
N GLU DB 419 -51.54 26.19 -65.17
CA GLU DB 419 -51.50 24.75 -65.22
C GLU DB 419 -50.60 24.28 -66.35
N ASP DB 420 -50.23 23.01 -66.31
CA ASP DB 420 -49.41 22.45 -67.38
C ASP DB 420 -50.23 22.46 -68.68
N VAL DB 421 -49.86 23.35 -69.59
CA VAL DB 421 -50.57 23.51 -70.86
C VAL DB 421 -49.59 23.12 -71.96
N PRO DB 422 -50.04 22.58 -73.08
CA PRO DB 422 -49.11 22.27 -74.16
C PRO DB 422 -48.48 23.54 -74.73
N PHE DB 423 -47.25 23.41 -75.19
CA PHE DB 423 -46.61 24.50 -75.90
C PHE DB 423 -47.42 24.88 -77.13
N HIS DB 424 -47.58 26.17 -77.36
CA HIS DB 424 -48.16 26.60 -78.62
C HIS DB 424 -47.18 26.29 -79.75
N SER DB 425 -47.71 25.78 -80.85
CA SER DB 425 -46.87 25.43 -82.00
C SER DB 425 -46.44 26.70 -82.70
N SER DB 426 -45.27 27.20 -82.31
CA SER DB 426 -44.71 28.40 -82.93
C SER DB 426 -43.85 28.03 -84.14
N TYR DB 427 -44.42 27.21 -85.02
CA TYR DB 427 -43.71 26.69 -86.17
C TYR DB 427 -44.72 26.31 -87.24
N ALA DB 428 -44.26 26.28 -88.48
CA ALA DB 428 -45.02 25.72 -89.58
C ALA DB 428 -44.33 24.45 -90.04
N HIS DB 429 -45.12 23.48 -90.47
CA HIS DB 429 -44.54 22.22 -90.91
C HIS DB 429 -43.88 22.39 -92.27
N SER DB 430 -42.67 21.89 -92.40
CA SER DB 430 -41.95 21.90 -93.67
C SER DB 430 -42.25 20.67 -94.51
N GLN DB 431 -43.15 19.82 -94.05
CA GLN DB 431 -43.62 18.67 -94.80
C GLN DB 431 -45.13 18.68 -94.81
N SER DB 432 -45.70 18.16 -95.89
CA SER DB 432 -47.15 18.00 -95.98
C SER DB 432 -47.52 16.60 -95.53
N LEU DB 433 -48.75 16.47 -95.01
CA LEU DB 433 -49.20 15.18 -94.48
C LEU DB 433 -49.27 14.11 -95.57
N ASP DB 434 -49.58 14.50 -96.80
CA ASP DB 434 -49.65 13.56 -97.90
C ASP DB 434 -48.31 13.37 -98.61
N ARG DB 435 -47.25 13.94 -98.08
CA ARG DB 435 -45.92 13.85 -98.66
C ARG DB 435 -44.88 13.45 -97.63
N LEU DB 436 -45.24 12.49 -96.77
CA LEU DB 436 -44.34 12.01 -95.72
C LEU DB 436 -43.51 10.82 -96.16
N MET DB 437 -43.70 10.34 -97.37
CA MET DB 437 -43.07 9.13 -97.86
C MET DB 437 -41.75 9.41 -98.57
N ASN DB 438 -40.96 8.37 -98.71
CA ASN DB 438 -39.73 8.42 -99.48
C ASN DB 438 -40.08 8.54 -100.96
N PRO DB 439 -39.64 9.60 -101.64
CA PRO DB 439 -39.99 9.78 -103.05
C PRO DB 439 -39.18 8.94 -104.03
N LEU DB 440 -38.35 8.01 -103.54
CA LEU DB 440 -37.53 7.20 -104.41
C LEU DB 440 -37.92 5.72 -104.41
N ILE DB 441 -38.66 5.28 -103.42
CA ILE DB 441 -38.93 3.86 -103.20
C ILE DB 441 -40.42 3.61 -103.39
N ASP DB 442 -40.74 2.52 -104.08
CA ASP DB 442 -42.12 2.10 -104.19
C ASP DB 442 -42.61 1.55 -102.86
N GLN DB 443 -43.93 1.54 -102.70
CA GLN DB 443 -44.54 0.85 -101.59
C GLN DB 443 -44.66 -0.63 -101.89
N TYR DB 444 -44.57 -1.46 -100.85
CA TYR DB 444 -44.89 -2.87 -101.04
C TYR DB 444 -46.39 -3.13 -101.01
N LEU DB 445 -47.18 -2.16 -100.56
CA LEU DB 445 -48.62 -2.28 -100.60
C LEU DB 445 -49.15 -1.95 -101.98
N TYR DB 446 -50.24 -2.61 -102.35
CA TYR DB 446 -50.90 -2.38 -103.62
C TYR DB 446 -52.17 -1.60 -103.41
N TYR DB 447 -52.59 -0.87 -104.44
CA TYR DB 447 -53.87 -0.22 -104.46
C TYR DB 447 -54.60 -0.63 -105.73
N LEU DB 448 -55.93 -0.62 -105.67
CA LEU DB 448 -56.73 -0.87 -106.86
C LEU DB 448 -56.50 0.24 -107.87
N SER DB 449 -55.81 -0.07 -108.96
CA SER DB 449 -55.43 0.94 -109.93
C SER DB 449 -56.36 1.01 -111.13
N ARG DB 450 -57.00 -0.10 -111.50
CA ARG DB 450 -57.95 -0.09 -112.59
C ARG DB 450 -59.06 -1.08 -112.32
N THR DB 451 -60.27 -0.72 -112.75
CA THR DB 451 -61.42 -1.61 -112.68
C THR DB 451 -61.95 -1.99 -114.05
N GLN DB 452 -61.31 -1.52 -115.13
CA GLN DB 452 -61.75 -1.78 -116.48
C GLN DB 452 -60.55 -2.01 -117.37
N THR DB 453 -60.66 -2.96 -118.28
CA THR DB 453 -59.56 -3.30 -119.18
C THR DB 453 -59.26 -2.16 -120.15
N ASN DB 459 -64.28 -2.39 -123.66
CA ASN DB 459 -63.55 -2.80 -122.47
C ASN DB 459 -64.49 -3.44 -121.46
N THR DB 460 -63.96 -4.38 -120.68
CA THR DB 460 -64.72 -5.15 -119.73
C THR DB 460 -64.20 -4.90 -118.32
N GLN DB 461 -64.95 -5.39 -117.34
CA GLN DB 461 -64.55 -5.27 -115.96
C GLN DB 461 -63.30 -6.11 -115.67
N THR DB 462 -62.45 -5.59 -114.81
CA THR DB 462 -61.24 -6.28 -114.37
C THR DB 462 -60.83 -5.70 -113.03
N LEU DB 463 -59.80 -6.28 -112.44
CA LEU DB 463 -59.21 -5.77 -111.21
C LEU DB 463 -57.71 -5.69 -111.43
N GLY DB 464 -57.20 -4.48 -111.62
CA GLY DB 464 -55.78 -4.24 -111.75
C GLY DB 464 -55.26 -3.53 -110.51
N PHE DB 465 -54.14 -4.02 -110.00
CA PHE DB 465 -53.54 -3.50 -108.78
C PHE DB 465 -52.13 -3.03 -109.08
N SER DB 466 -51.78 -1.87 -108.55
CA SER DB 466 -50.46 -1.30 -108.75
C SER DB 466 -49.87 -0.95 -107.40
N GLN DB 467 -48.54 -0.88 -107.35
CA GLN DB 467 -47.85 -0.45 -106.15
C GLN DB 467 -47.69 1.07 -106.18
N GLY DB 468 -48.06 1.72 -105.08
CA GLY DB 468 -47.85 3.14 -104.95
C GLY DB 468 -46.39 3.48 -105.01
N GLY DB 469 -46.03 4.48 -105.81
CA GLY DB 469 -44.65 4.85 -105.99
C GLY DB 469 -44.46 6.34 -106.09
N PRO DB 470 -43.27 6.75 -106.53
CA PRO DB 470 -42.98 8.19 -106.62
C PRO DB 470 -43.93 8.95 -107.52
N ASN DB 471 -44.48 8.30 -108.55
CA ASN DB 471 -45.35 8.98 -109.49
C ASN DB 471 -46.83 8.91 -109.11
N THR DB 472 -47.26 7.80 -108.53
CA THR DB 472 -48.64 7.66 -108.05
C THR DB 472 -48.72 7.97 -106.56
N MET DB 473 -48.27 9.17 -106.21
CA MET DB 473 -48.13 9.52 -104.82
C MET DB 473 -49.47 9.80 -104.15
N ALA DB 474 -50.46 10.20 -104.93
CA ALA DB 474 -51.81 10.36 -104.41
C ALA DB 474 -52.47 9.03 -104.07
N ASN DB 475 -52.02 7.94 -104.69
CA ASN DB 475 -52.61 6.62 -104.45
C ASN DB 475 -51.93 5.84 -103.34
N GLN DB 476 -50.81 6.33 -102.82
CA GLN DB 476 -50.05 5.57 -101.84
C GLN DB 476 -50.83 5.37 -100.56
N ALA DB 477 -50.63 4.21 -99.95
CA ALA DB 477 -51.16 3.98 -98.61
C ALA DB 477 -50.50 4.93 -97.62
N LYS DB 478 -51.31 5.51 -96.75
CA LYS DB 478 -50.83 6.52 -95.81
C LYS DB 478 -51.39 6.21 -94.42
N ASN DB 479 -50.68 6.68 -93.40
CA ASN DB 479 -51.02 6.37 -92.03
C ASN DB 479 -51.92 7.41 -91.37
N TRP DB 480 -52.07 8.59 -91.96
CA TRP DB 480 -52.69 9.70 -91.26
C TRP DB 480 -53.65 10.43 -92.17
N LEU DB 481 -54.59 11.14 -91.55
CA LEU DB 481 -55.60 11.92 -92.24
C LEU DB 481 -55.50 13.37 -91.82
N PRO DB 482 -55.88 14.31 -92.69
CA PRO DB 482 -55.90 15.72 -92.30
C PRO DB 482 -56.93 15.97 -91.22
N GLY DB 483 -56.69 17.02 -90.45
CA GLY DB 483 -57.57 17.39 -89.35
C GLY DB 483 -59.00 17.60 -89.77
N PRO DB 484 -59.87 17.80 -88.80
CA PRO DB 484 -61.30 17.89 -89.08
C PRO DB 484 -61.65 19.17 -89.84
N CYS DB 485 -62.79 19.12 -90.52
CA CYS DB 485 -63.23 20.18 -91.40
C CYS DB 485 -64.64 20.61 -91.04
N TYR DB 486 -64.89 21.93 -91.09
CA TYR DB 486 -66.21 22.51 -90.94
C TYR DB 486 -66.29 23.63 -91.97
N ARG DB 487 -66.72 23.28 -93.18
CA ARG DB 487 -66.43 24.11 -94.34
C ARG DB 487 -67.04 25.51 -94.22
N GLN DB 488 -66.24 26.51 -94.58
CA GLN DB 488 -66.65 27.90 -94.60
C GLN DB 488 -66.79 28.39 -96.02
N GLN DB 489 -67.63 29.40 -96.21
CA GLN DB 489 -67.77 30.01 -97.52
C GLN DB 489 -66.52 30.82 -97.85
N ARG DB 490 -66.13 30.78 -99.12
CA ARG DB 490 -64.94 31.47 -99.58
C ARG DB 490 -65.29 32.90 -100.00
N VAL DB 491 -64.52 33.85 -99.51
CA VAL DB 491 -64.68 35.25 -99.87
C VAL DB 491 -63.36 35.75 -100.44
N SER DB 492 -63.43 36.48 -101.54
CA SER DB 492 -62.25 37.04 -102.19
C SER DB 492 -62.07 38.48 -101.74
N THR DB 493 -60.83 38.84 -101.39
CA THR DB 493 -60.53 40.25 -101.12
C THR DB 493 -60.65 41.10 -102.38
N THR DB 494 -60.56 40.49 -103.56
CA THR DB 494 -60.92 41.15 -104.81
C THR DB 494 -62.44 41.06 -104.93
N THR DB 495 -63.12 42.15 -104.58
CA THR DB 495 -64.57 42.10 -104.41
C THR DB 495 -65.29 41.73 -105.70
N GLY DB 496 -64.72 42.08 -106.85
CA GLY DB 496 -65.34 41.74 -108.12
C GLY DB 496 -65.48 40.24 -108.33
N GLN DB 497 -64.67 39.43 -107.67
CA GLN DB 497 -64.78 37.99 -107.77
C GLN DB 497 -65.83 37.40 -106.84
N ASN DB 498 -66.43 38.21 -105.97
CA ASN DB 498 -67.45 37.73 -105.06
C ASN DB 498 -68.84 37.82 -105.68
N ASN DB 499 -69.74 37.00 -105.18
CA ASN DB 499 -71.13 37.08 -105.60
C ASN DB 499 -71.72 38.42 -105.20
N ASN DB 500 -72.52 39.00 -106.11
CA ASN DB 500 -73.14 40.29 -105.85
C ASN DB 500 -74.39 40.09 -105.00
N SER DB 501 -74.14 39.80 -103.72
CA SER DB 501 -75.21 39.64 -102.74
C SER DB 501 -74.61 39.84 -101.36
N ASN DB 502 -75.48 40.07 -100.39
CA ASN DB 502 -75.08 40.23 -98.99
C ASN DB 502 -75.22 38.87 -98.32
N PHE DB 503 -74.13 38.11 -98.31
CA PHE DB 503 -74.15 36.73 -97.84
C PHE DB 503 -73.27 36.50 -96.62
N ALA DB 504 -72.83 37.57 -95.94
CA ALA DB 504 -71.96 37.39 -94.79
C ALA DB 504 -72.64 36.57 -93.71
N TRP DB 505 -73.92 36.81 -93.47
CA TRP DB 505 -74.69 36.05 -92.49
C TRP DB 505 -75.43 34.89 -93.11
N THR DB 506 -76.11 35.10 -94.24
CA THR DB 506 -76.92 34.04 -94.84
C THR DB 506 -76.05 32.85 -95.26
N ALA DB 507 -74.89 33.11 -95.84
CA ALA DB 507 -73.96 32.06 -96.21
C ALA DB 507 -72.92 31.80 -95.13
N GLY DB 508 -73.04 32.45 -93.97
CA GLY DB 508 -72.08 32.24 -92.92
C GLY DB 508 -72.13 30.82 -92.39
N THR DB 509 -70.96 30.34 -91.97
CA THR DB 509 -70.86 29.01 -91.38
C THR DB 509 -71.22 29.12 -89.90
N LYS DB 510 -72.26 28.41 -89.49
CA LYS DB 510 -72.88 28.64 -88.21
C LYS DB 510 -73.04 27.33 -87.45
N TYR DB 511 -73.18 27.45 -86.14
CA TYR DB 511 -73.66 26.36 -85.32
C TYR DB 511 -75.01 26.75 -84.71
N HIS DB 512 -75.78 25.73 -84.35
CA HIS DB 512 -77.13 25.90 -83.84
C HIS DB 512 -77.15 25.45 -82.39
N LEU DB 513 -77.60 26.33 -81.50
CA LEU DB 513 -77.64 26.03 -80.08
C LEU DB 513 -78.91 26.62 -79.49
N ASN DB 514 -79.78 25.75 -78.99
CA ASN DB 514 -81.03 26.14 -78.34
C ASN DB 514 -81.84 27.08 -79.23
N GLY DB 515 -82.01 26.69 -80.49
CA GLY DB 515 -82.76 27.49 -81.44
C GLY DB 515 -82.12 28.80 -81.81
N ARG DB 516 -80.86 29.01 -81.45
CA ARG DB 516 -80.14 30.24 -81.75
C ARG DB 516 -79.00 29.92 -82.70
N ASN DB 517 -78.86 30.72 -83.74
CA ASN DB 517 -77.79 30.55 -84.71
C ASN DB 517 -76.65 31.49 -84.36
N SER DB 518 -75.45 30.96 -84.28
CA SER DB 518 -74.26 31.74 -84.02
C SER DB 518 -73.20 31.35 -85.04
N LEU DB 519 -72.47 32.34 -85.53
CA LEU DB 519 -71.37 32.05 -86.46
C LEU DB 519 -70.35 31.14 -85.80
N ALA DB 520 -69.87 30.15 -86.54
CA ALA DB 520 -68.72 29.36 -86.12
C ALA DB 520 -67.48 30.19 -86.44
N ASN DB 521 -67.24 31.18 -85.61
CA ASN DB 521 -66.29 32.25 -85.88
C ASN DB 521 -65.24 32.31 -84.79
N PRO DB 522 -63.97 32.04 -85.06
CA PRO DB 522 -63.47 31.70 -86.40
C PRO DB 522 -63.61 30.21 -86.71
N GLY DB 523 -64.20 29.45 -85.80
CA GLY DB 523 -64.37 28.03 -86.02
C GLY DB 523 -63.09 27.26 -85.78
N ILE DB 524 -63.11 26.00 -86.22
CA ILE DB 524 -61.98 25.11 -86.02
C ILE DB 524 -60.81 25.58 -86.88
N ALA DB 525 -59.60 25.24 -86.45
CA ALA DB 525 -58.39 25.64 -87.14
C ALA DB 525 -58.31 24.95 -88.49
N MET DB 526 -58.50 25.71 -89.56
CA MET DB 526 -58.32 25.22 -90.91
C MET DB 526 -57.47 26.22 -91.68
N ALA DB 527 -56.77 25.72 -92.70
CA ALA DB 527 -55.97 26.59 -93.53
C ALA DB 527 -56.84 27.63 -94.21
N THR DB 528 -56.41 28.88 -94.17
CA THR DB 528 -57.20 29.98 -94.71
C THR DB 528 -57.44 29.80 -96.20
N HIS DB 529 -56.42 29.36 -96.92
CA HIS DB 529 -56.51 29.18 -98.37
C HIS DB 529 -55.46 28.17 -98.78
N LYS DB 530 -55.57 27.68 -100.01
CA LYS DB 530 -54.57 26.77 -100.54
C LYS DB 530 -53.49 27.59 -101.26
N ASP DB 531 -52.61 26.89 -101.98
CA ASP DB 531 -51.50 27.54 -102.65
C ASP DB 531 -52.00 28.56 -103.68
N ASP DB 532 -51.35 29.72 -103.69
CA ASP DB 532 -51.60 30.77 -104.68
C ASP DB 532 -53.03 31.30 -104.63
N GLU DB 533 -53.65 31.30 -103.46
CA GLU DB 533 -55.00 31.81 -103.29
C GLU DB 533 -55.08 32.70 -102.06
N GLU DB 534 -54.08 33.56 -101.89
CA GLU DB 534 -54.02 34.42 -100.71
C GLU DB 534 -55.20 35.38 -100.65
N ARG DB 535 -55.77 35.72 -101.81
CA ARG DB 535 -56.91 36.64 -101.84
C ARG DB 535 -58.17 36.04 -101.24
N PHE DB 536 -58.23 34.74 -101.05
CA PHE DB 536 -59.41 34.07 -100.54
C PHE DB 536 -59.28 33.85 -99.04
N PHE DB 537 -60.39 34.03 -98.33
CA PHE DB 537 -60.44 33.73 -96.91
C PHE DB 537 -61.82 33.17 -96.58
N PRO DB 538 -61.90 32.31 -95.57
CA PRO DB 538 -63.21 31.88 -95.08
C PRO DB 538 -63.99 33.06 -94.52
N SER DB 539 -65.31 33.07 -94.78
CA SER DB 539 -66.11 34.26 -94.48
C SER DB 539 -66.08 34.60 -93.00
N ASN DB 540 -66.16 33.60 -92.13
CA ASN DB 540 -66.02 33.81 -90.69
C ASN DB 540 -65.09 32.77 -90.10
N GLY DB 541 -63.94 32.55 -90.76
CA GLY DB 541 -63.03 31.51 -90.35
C GLY DB 541 -61.62 31.99 -90.04
N ILE DB 542 -61.43 33.30 -89.90
CA ILE DB 542 -60.14 33.86 -89.58
C ILE DB 542 -60.33 34.95 -88.53
N LEU DB 543 -59.26 35.21 -87.79
CA LEU DB 543 -59.22 36.38 -86.92
C LEU DB 543 -58.99 37.62 -87.77
N ILE DB 544 -59.80 38.64 -87.57
CA ILE DB 544 -59.68 39.90 -88.28
C ILE DB 544 -59.44 40.99 -87.24
N PHE DB 545 -58.27 41.60 -87.30
CA PHE DB 545 -57.94 42.71 -86.43
C PHE DB 545 -58.13 44.01 -87.17
N GLY DB 546 -58.55 45.04 -86.44
CA GLY DB 546 -58.72 46.35 -87.01
C GLY DB 546 -57.42 47.15 -86.95
N LYS DB 547 -57.17 47.90 -88.02
CA LYS DB 547 -56.09 48.86 -87.97
C LYS DB 547 -56.47 49.99 -87.01
N GLN DB 548 -55.47 50.81 -86.66
CA GLN DB 548 -55.73 51.91 -85.77
C GLN DB 548 -56.78 52.85 -86.36
N ASN DB 549 -57.74 53.25 -85.53
CA ASN DB 549 -58.83 54.13 -85.93
C ASN DB 549 -59.76 53.48 -86.95
N ALA DB 550 -59.82 52.16 -86.98
CA ALA DB 550 -60.81 51.49 -87.81
C ALA DB 550 -62.19 51.65 -87.20
N ALA DB 551 -63.19 51.83 -88.06
CA ALA DB 551 -64.55 52.00 -87.59
C ALA DB 551 -65.05 50.74 -86.88
N ARG DB 552 -65.89 50.94 -85.87
CA ARG DB 552 -66.50 49.81 -85.18
C ARG DB 552 -67.41 49.02 -86.11
N ASP DB 553 -68.20 49.70 -86.92
CA ASP DB 553 -69.14 49.05 -87.83
C ASP DB 553 -68.78 49.35 -89.27
N ASN DB 554 -68.84 48.34 -90.12
CA ASN DB 554 -68.65 48.48 -91.56
C ASN DB 554 -67.31 49.14 -91.89
N ALA DB 555 -66.25 48.68 -91.24
CA ALA DB 555 -64.91 49.09 -91.62
C ALA DB 555 -64.57 48.48 -92.98
N ASP DB 556 -63.92 49.27 -93.82
CA ASP DB 556 -63.52 48.78 -95.14
C ASP DB 556 -62.40 47.76 -94.99
N TYR DB 557 -62.19 46.99 -96.06
CA TYR DB 557 -61.13 45.99 -96.04
C TYR DB 557 -59.77 46.63 -95.80
N SER DB 558 -59.57 47.87 -96.25
CA SER DB 558 -58.31 48.56 -96.02
C SER DB 558 -58.12 48.95 -94.56
N ASP DB 559 -59.19 48.96 -93.77
CA ASP DB 559 -59.11 49.34 -92.37
C ASP DB 559 -58.95 48.15 -91.44
N VAL DB 560 -58.93 46.93 -91.96
CA VAL DB 560 -58.83 45.75 -91.13
C VAL DB 560 -57.60 44.95 -91.56
N MET DB 561 -57.18 44.05 -90.68
CA MET DB 561 -55.99 43.23 -90.89
C MET DB 561 -56.44 41.77 -90.84
N LEU DB 562 -56.52 41.14 -92.01
CA LEU DB 562 -56.89 39.73 -92.07
C LEU DB 562 -55.71 38.87 -91.68
N THR DB 563 -55.93 37.92 -90.76
CA THR DB 563 -54.93 36.92 -90.50
C THR DB 563 -55.04 35.79 -91.52
N SER DB 564 -53.99 34.97 -91.59
CA SER DB 564 -53.98 33.84 -92.50
C SER DB 564 -53.39 32.64 -91.78
N GLU DB 565 -54.11 31.53 -91.81
CA GLU DB 565 -53.63 30.27 -91.26
C GLU DB 565 -53.11 29.35 -92.35
N GLU DB 566 -52.48 29.92 -93.38
CA GLU DB 566 -51.97 29.10 -94.48
C GLU DB 566 -50.83 28.19 -94.05
N GLU DB 567 -50.19 28.46 -92.92
CA GLU DB 567 -49.10 27.61 -92.46
C GLU DB 567 -49.56 26.20 -92.13
N ILE DB 568 -50.84 26.02 -91.82
CA ILE DB 568 -51.37 24.71 -91.46
C ILE DB 568 -51.98 23.99 -92.66
N LYS DB 569 -51.72 24.47 -93.87
CA LYS DB 569 -52.12 23.73 -95.07
C LYS DB 569 -51.55 22.31 -95.07
N THR DB 570 -50.39 22.13 -94.45
CA THR DB 570 -49.71 20.85 -94.49
C THR DB 570 -50.46 19.77 -93.73
N THR DB 571 -51.25 20.16 -92.77
CA THR DB 571 -51.95 19.20 -91.93
C THR DB 571 -53.45 19.44 -91.86
N ASN DB 572 -53.88 20.69 -91.87
CA ASN DB 572 -55.30 20.98 -91.77
C ASN DB 572 -55.90 21.21 -93.15
N PRO DB 573 -57.12 20.76 -93.38
CA PRO DB 573 -57.78 21.05 -94.66
C PRO DB 573 -58.04 22.54 -94.81
N VAL DB 574 -58.10 22.97 -96.07
CA VAL DB 574 -58.41 24.37 -96.36
C VAL DB 574 -59.83 24.68 -95.90
N ALA DB 575 -60.00 25.82 -95.25
CA ALA DB 575 -61.27 26.15 -94.61
C ALA DB 575 -62.42 26.24 -95.61
N THR DB 576 -62.13 26.60 -96.85
CA THR DB 576 -63.15 26.83 -97.85
C THR DB 576 -63.30 25.66 -98.80
N GLU DB 577 -62.61 24.57 -98.56
CA GLU DB 577 -62.67 23.39 -99.42
C GLU DB 577 -63.30 22.23 -98.65
N GLU DB 578 -63.76 21.25 -99.40
CA GLU DB 578 -64.29 20.04 -98.79
C GLU DB 578 -63.18 19.23 -98.15
N TYR DB 579 -63.55 18.47 -97.11
CA TYR DB 579 -62.57 17.60 -96.48
C TYR DB 579 -62.10 16.52 -97.43
N GLY DB 580 -63.02 15.93 -98.18
CA GLY DB 580 -62.66 14.83 -99.04
C GLY DB 580 -63.88 14.28 -99.73
N ILE DB 581 -63.75 13.05 -100.22
CA ILE DB 581 -64.77 12.40 -101.01
C ILE DB 581 -65.06 11.04 -100.40
N VAL DB 582 -66.33 10.70 -100.22
CA VAL DB 582 -66.73 9.39 -99.76
C VAL DB 582 -67.72 8.80 -100.76
N ALA DB 583 -67.84 7.48 -100.71
CA ALA DB 583 -68.83 6.80 -101.54
C ALA DB 583 -70.24 7.10 -101.03
N ASP DB 584 -71.15 7.30 -101.96
CA ASP DB 584 -72.54 7.59 -101.63
C ASP DB 584 -73.49 6.44 -101.91
N ASN DB 585 -73.02 5.36 -102.53
CA ASN DB 585 -73.89 4.25 -102.89
C ASN DB 585 -73.04 2.99 -102.98
N LEU DB 586 -73.65 1.91 -103.45
CA LEU DB 586 -72.97 0.66 -103.75
C LEU DB 586 -73.01 0.45 -105.25
N GLN DB 587 -71.86 0.57 -105.89
CA GLN DB 587 -71.81 0.37 -107.34
C GLN DB 587 -72.07 -1.09 -107.68
N GLN DB 588 -72.81 -1.29 -108.76
CA GLN DB 588 -73.05 -2.61 -109.34
C GLN DB 588 -72.82 -2.51 -110.83
N GLN DB 589 -72.99 -3.62 -111.54
CA GLN DB 589 -72.85 -3.60 -112.99
C GLN DB 589 -73.88 -2.71 -113.65
N ASN DB 590 -74.98 -2.39 -112.96
CA ASN DB 590 -76.01 -1.52 -113.50
C ASN DB 590 -76.04 -0.14 -112.87
N THR DB 591 -75.39 0.07 -111.73
CA THR DB 591 -75.37 1.37 -111.07
C THR DB 591 -73.93 1.86 -110.98
N ALA DB 592 -73.67 3.00 -111.61
CA ALA DB 592 -72.35 3.60 -111.54
C ALA DB 592 -72.07 4.10 -110.13
N PRO DB 593 -70.82 4.03 -109.68
CA PRO DB 593 -70.50 4.52 -108.33
C PRO DB 593 -70.76 6.01 -108.22
N GLN DB 594 -71.30 6.42 -107.07
CA GLN DB 594 -71.57 7.81 -106.78
C GLN DB 594 -70.71 8.24 -105.61
N ILE DB 595 -70.28 9.51 -105.65
CA ILE DB 595 -69.40 10.04 -104.62
C ILE DB 595 -70.10 11.18 -103.90
N GLY DB 596 -69.83 11.29 -102.61
CA GLY DB 596 -70.35 12.36 -101.79
C GLY DB 596 -69.21 13.27 -101.36
N THR DB 597 -69.47 14.57 -101.38
CA THR DB 597 -68.50 15.57 -100.98
C THR DB 597 -68.64 15.84 -99.49
N VAL DB 598 -67.58 15.61 -98.73
CA VAL DB 598 -67.60 15.78 -97.29
C VAL DB 598 -67.26 17.24 -96.99
N ASN DB 599 -68.28 18.01 -96.63
CA ASN DB 599 -68.09 19.41 -96.27
C ASN DB 599 -67.97 19.62 -94.77
N SER DB 600 -68.18 18.58 -93.97
CA SER DB 600 -68.02 18.66 -92.54
C SER DB 600 -67.56 17.30 -92.06
N GLN DB 601 -66.40 17.25 -91.43
CA GLN DB 601 -65.81 15.99 -90.99
C GLN DB 601 -65.39 16.12 -89.54
N GLY DB 602 -66.01 15.34 -88.68
CA GLY DB 602 -65.58 15.25 -87.30
C GLY DB 602 -64.34 14.39 -87.16
N ALA DB 603 -63.93 14.20 -85.91
CA ALA DB 603 -62.69 13.50 -85.64
C ALA DB 603 -62.73 12.07 -86.15
N LEU DB 604 -61.70 11.68 -86.88
CA LEU DB 604 -61.48 10.32 -87.32
C LEU DB 604 -60.17 9.81 -86.76
N PRO DB 605 -60.06 8.51 -86.49
CA PRO DB 605 -58.78 7.97 -86.02
C PRO DB 605 -57.70 8.18 -87.07
N GLY DB 606 -56.50 8.46 -86.59
CA GLY DB 606 -55.40 8.77 -87.47
C GLY DB 606 -55.38 10.20 -87.96
N MET DB 607 -56.32 11.03 -87.53
CA MET DB 607 -56.35 12.41 -87.95
C MET DB 607 -55.38 13.23 -87.12
N VAL DB 608 -54.66 14.14 -87.77
CA VAL DB 608 -53.76 15.06 -87.09
C VAL DB 608 -54.07 16.46 -87.60
N TRP DB 609 -53.83 17.45 -86.74
CA TRP DB 609 -54.13 18.82 -87.11
C TRP DB 609 -53.30 19.76 -86.25
N GLN DB 610 -53.21 21.01 -86.71
CA GLN DB 610 -52.60 22.08 -85.97
C GLN DB 610 -53.67 23.02 -85.44
N ASN DB 611 -53.38 23.66 -84.32
CA ASN DB 611 -54.28 24.67 -83.79
C ASN DB 611 -54.11 25.97 -84.56
N ARG DB 612 -55.04 26.89 -84.34
CA ARG DB 612 -54.91 28.23 -84.89
C ARG DB 612 -53.69 28.92 -84.31
N ASP DB 613 -53.03 29.73 -85.13
CA ASP DB 613 -51.89 30.49 -84.67
C ASP DB 613 -52.32 31.54 -83.66
N VAL DB 614 -51.40 31.91 -82.77
CA VAL DB 614 -51.60 33.05 -81.91
C VAL DB 614 -50.96 34.26 -82.56
N TYR DB 615 -51.40 35.44 -82.16
CA TYR DB 615 -50.94 36.68 -82.76
C TYR DB 615 -50.56 37.65 -81.65
N LEU DB 616 -49.67 38.58 -82.00
CA LEU DB 616 -49.27 39.61 -81.05
C LEU DB 616 -50.48 40.38 -80.55
N GLN DB 617 -51.44 40.66 -81.43
CA GLN DB 617 -52.67 41.33 -81.05
C GLN DB 617 -53.75 40.37 -80.56
N GLY DB 618 -53.52 39.06 -80.66
CA GLY DB 618 -54.56 38.10 -80.37
C GLY DB 618 -54.65 37.72 -78.91
N PRO DB 619 -55.66 36.91 -78.59
CA PRO DB 619 -55.82 36.44 -77.20
C PRO DB 619 -54.76 35.44 -76.82
N ILE DB 620 -54.52 35.35 -75.51
CA ILE DB 620 -53.55 34.41 -74.96
C ILE DB 620 -54.20 33.13 -74.48
N TRP DB 621 -55.24 33.25 -73.67
CA TRP DB 621 -55.86 32.09 -73.05
C TRP DB 621 -57.37 32.22 -73.10
N ALA DB 622 -58.04 31.09 -72.94
CA ALA DB 622 -59.47 31.05 -72.70
C ALA DB 622 -59.74 30.04 -71.60
N LYS DB 623 -60.81 30.26 -70.86
CA LYS DB 623 -61.24 29.28 -69.87
C LYS DB 623 -61.95 28.14 -70.59
N ILE DB 624 -61.48 26.92 -70.35
CA ILE DB 624 -62.18 25.75 -70.85
C ILE DB 624 -63.49 25.65 -70.08
N PRO DB 625 -64.64 25.63 -70.75
CA PRO DB 625 -65.91 25.53 -70.03
C PRO DB 625 -65.94 24.27 -69.18
N HIS DB 626 -66.52 24.38 -68.00
CA HIS DB 626 -66.64 23.25 -67.09
C HIS DB 626 -67.76 22.37 -67.58
N THR DB 627 -67.40 21.34 -68.35
CA THR DB 627 -68.38 20.42 -68.92
C THR DB 627 -67.92 18.99 -68.69
N ASP DB 628 -68.85 18.06 -68.90
CA ASP DB 628 -68.51 16.64 -68.79
C ASP DB 628 -67.48 16.24 -69.83
N GLY DB 629 -67.63 16.71 -71.06
CA GLY DB 629 -66.75 16.32 -72.13
C GLY DB 629 -66.35 17.50 -72.97
N ASN DB 630 -65.11 17.46 -73.45
CA ASN DB 630 -64.64 18.36 -74.47
C ASN DB 630 -63.72 17.57 -75.38
N PHE DB 631 -63.57 18.05 -76.61
CA PHE DB 631 -62.65 17.45 -77.56
C PHE DB 631 -61.61 18.49 -77.94
N HIS DB 632 -60.35 18.17 -77.67
CA HIS DB 632 -59.21 19.05 -77.94
C HIS DB 632 -59.52 20.47 -77.45
N PRO DB 633 -59.55 20.69 -76.15
CA PRO DB 633 -60.02 21.99 -75.64
C PRO DB 633 -59.03 23.11 -75.86
N SER DB 634 -58.63 23.31 -77.08
CA SER DB 634 -57.85 24.46 -77.47
C SER DB 634 -58.77 25.56 -77.96
N PRO DB 635 -58.68 26.78 -77.42
CA PRO DB 635 -59.63 27.82 -77.79
C PRO DB 635 -59.58 28.10 -79.29
N LEU DB 636 -60.76 28.33 -79.88
CA LEU DB 636 -60.84 28.41 -81.33
C LEU DB 636 -60.25 29.70 -81.87
N MET DB 637 -60.37 30.81 -81.16
CA MET DB 637 -59.68 32.02 -81.59
C MET DB 637 -58.19 31.99 -81.26
N GLY DB 638 -57.67 30.85 -80.84
CA GLY DB 638 -56.25 30.68 -80.61
C GLY DB 638 -55.87 30.90 -79.16
N GLY DB 639 -54.76 30.30 -78.77
CA GLY DB 639 -54.23 30.47 -77.46
C GLY DB 639 -54.27 29.19 -76.65
N PHE DB 640 -54.19 29.35 -75.34
CA PHE DB 640 -54.06 28.25 -74.40
C PHE DB 640 -55.40 28.03 -73.70
N GLY DB 641 -55.91 26.81 -73.79
CA GLY DB 641 -57.11 26.46 -73.06
C GLY DB 641 -56.75 26.06 -71.64
N LEU DB 642 -57.33 26.74 -70.66
CA LEU DB 642 -57.02 26.50 -69.27
C LEU DB 642 -58.28 26.15 -68.51
N LYS DB 643 -58.23 25.06 -67.75
CA LYS DB 643 -59.32 24.74 -66.84
C LYS DB 643 -59.42 25.81 -65.75
N HIS DB 644 -58.28 26.29 -65.26
CA HIS DB 644 -58.22 27.32 -64.24
C HIS DB 644 -57.36 28.45 -64.78
N PRO DB 645 -57.94 29.33 -65.58
CA PRO DB 645 -57.18 30.41 -66.19
C PRO DB 645 -56.80 31.45 -65.17
N PRO DB 646 -56.01 32.46 -65.54
CA PRO DB 646 -55.79 33.59 -64.65
C PRO DB 646 -57.10 34.16 -64.17
N PRO DB 647 -57.27 34.31 -62.86
CA PRO DB 647 -58.57 34.72 -62.33
C PRO DB 647 -58.94 36.13 -62.77
N GLN DB 648 -60.24 36.35 -62.90
CA GLN DB 648 -60.73 37.70 -63.15
C GLN DB 648 -60.39 38.60 -61.96
N ILE DB 649 -59.87 39.77 -62.26
CA ILE DB 649 -59.53 40.76 -61.24
C ILE DB 649 -60.57 41.86 -61.33
N LEU DB 650 -61.45 41.92 -60.35
CA LEU DB 650 -62.55 42.86 -60.34
C LEU DB 650 -62.18 44.07 -59.49
N ILE DB 651 -62.45 45.26 -60.00
CA ILE DB 651 -62.10 46.49 -59.31
C ILE DB 651 -63.30 47.43 -59.36
N LYS DB 652 -63.52 48.14 -58.27
CA LYS DB 652 -64.65 49.07 -58.18
C LYS DB 652 -64.27 50.22 -57.26
N ASN DB 653 -64.72 51.41 -57.62
CA ASN DB 653 -64.67 52.53 -56.69
C ASN DB 653 -65.73 52.33 -55.62
N THR DB 654 -65.31 52.34 -54.37
CA THR DB 654 -66.26 52.22 -53.28
C THR DB 654 -67.18 53.43 -53.29
N PRO DB 655 -68.50 53.25 -53.30
CA PRO DB 655 -69.41 54.39 -53.31
C PRO DB 655 -69.21 55.25 -52.08
N VAL DB 656 -69.14 56.56 -52.29
CA VAL DB 656 -69.05 57.53 -51.22
C VAL DB 656 -70.32 58.37 -51.26
N PRO DB 657 -71.25 58.17 -50.32
CA PRO DB 657 -72.50 58.92 -50.34
C PRO DB 657 -72.26 60.41 -50.22
N ALA DB 658 -73.09 61.19 -50.90
CA ALA DB 658 -73.19 62.60 -50.61
C ALA DB 658 -73.89 62.77 -49.26
N ASP DB 659 -74.11 64.01 -48.86
CA ASP DB 659 -74.67 64.24 -47.54
C ASP DB 659 -76.07 63.64 -47.46
N PRO DB 660 -76.31 62.73 -46.53
CA PRO DB 660 -77.65 62.17 -46.38
C PRO DB 660 -78.58 63.18 -45.72
N PRO DB 661 -79.89 62.97 -45.80
CA PRO DB 661 -80.81 63.86 -45.10
C PRO DB 661 -80.62 63.75 -43.59
N THR DB 662 -81.03 64.80 -42.89
CA THR DB 662 -80.89 64.82 -41.44
C THR DB 662 -82.02 64.10 -40.72
N THR DB 663 -83.03 63.62 -41.46
CA THR DB 663 -84.06 62.76 -40.92
C THR DB 663 -83.95 61.41 -41.60
N PHE DB 664 -84.14 60.34 -40.82
CA PHE DB 664 -83.87 59.01 -41.33
C PHE DB 664 -84.80 58.65 -42.48
N ASN DB 665 -84.23 58.07 -43.53
CA ASN DB 665 -84.97 57.52 -44.65
C ASN DB 665 -84.46 56.11 -44.90
N GLN DB 666 -85.37 55.15 -44.95
CA GLN DB 666 -84.99 53.76 -45.15
C GLN DB 666 -84.52 53.47 -46.55
N SER DB 667 -84.85 54.34 -47.51
CA SER DB 667 -84.51 54.09 -48.90
C SER DB 667 -83.00 54.07 -49.10
N LYS DB 668 -82.54 53.23 -50.01
CA LYS DB 668 -81.12 53.18 -50.31
C LYS DB 668 -80.67 54.53 -50.85
N LEU DB 669 -79.45 54.92 -50.48
CA LEU DB 669 -78.92 56.20 -50.92
C LEU DB 669 -78.61 56.15 -52.40
N ASN DB 670 -79.05 57.17 -53.13
CA ASN DB 670 -78.75 57.31 -54.55
C ASN DB 670 -77.94 58.56 -54.86
N SER DB 671 -77.65 59.37 -53.87
CA SER DB 671 -76.84 60.58 -54.06
C SER DB 671 -75.41 60.24 -53.63
N PHE DB 672 -74.51 60.21 -54.61
CA PHE DB 672 -73.14 59.82 -54.35
C PHE DB 672 -72.20 60.90 -54.84
N ILE DB 673 -71.05 61.01 -54.17
CA ILE DB 673 -69.99 61.89 -54.62
C ILE DB 673 -69.41 61.34 -55.92
N THR DB 674 -69.37 62.19 -56.94
CA THR DB 674 -68.83 61.76 -58.23
C THR DB 674 -67.35 61.50 -58.08
N GLN DB 675 -66.91 60.34 -58.55
CA GLN DB 675 -65.61 59.84 -58.14
C GLN DB 675 -65.07 58.91 -59.22
N TYR DB 676 -63.75 58.94 -59.39
CA TYR DB 676 -63.06 57.98 -60.23
C TYR DB 676 -61.69 57.73 -59.62
N SER DB 677 -61.11 56.60 -59.98
CA SER DB 677 -59.80 56.24 -59.49
C SER DB 677 -58.84 56.03 -60.65
N THR DB 678 -57.57 56.26 -60.38
CA THR DB 678 -56.51 55.99 -61.33
C THR DB 678 -55.37 55.35 -60.55
N GLY DB 679 -54.54 54.61 -61.27
CA GLY DB 679 -53.41 53.97 -60.65
C GLY DB 679 -52.57 53.27 -61.69
N GLN DB 680 -51.62 52.50 -61.22
CA GLN DB 680 -50.77 51.71 -62.08
C GLN DB 680 -51.06 50.23 -61.87
N VAL DB 681 -51.01 49.47 -62.95
CA VAL DB 681 -51.19 48.03 -62.91
C VAL DB 681 -49.96 47.39 -63.51
N SER DB 682 -49.40 46.41 -62.81
CA SER DB 682 -48.26 45.65 -63.30
C SER DB 682 -48.67 44.20 -63.44
N VAL DB 683 -48.39 43.61 -64.58
CA VAL DB 683 -48.57 42.18 -64.78
C VAL DB 683 -47.26 41.61 -65.29
N GLU DB 684 -46.76 40.59 -64.60
CA GLU DB 684 -45.52 39.91 -64.98
C GLU DB 684 -45.88 38.47 -65.31
N ILE DB 685 -45.55 38.03 -66.52
CA ILE DB 685 -45.78 36.66 -66.93
C ILE DB 685 -44.44 36.03 -67.28
N GLU DB 686 -44.18 34.87 -66.70
CA GLU DB 686 -43.04 34.06 -67.08
C GLU DB 686 -43.49 33.04 -68.12
N TRP DB 687 -42.81 33.03 -69.26
CA TRP DB 687 -43.11 32.10 -70.34
C TRP DB 687 -41.98 31.11 -70.48
N GLU DB 688 -42.33 29.85 -70.65
CA GLU DB 688 -41.36 28.82 -70.98
C GLU DB 688 -41.23 28.71 -72.49
N LEU DB 689 -40.00 28.56 -72.97
CA LEU DB 689 -39.72 28.52 -74.40
C LEU DB 689 -39.33 27.11 -74.82
N GLN DB 690 -39.77 26.72 -76.00
CA GLN DB 690 -39.29 25.52 -76.67
C GLN DB 690 -38.29 25.95 -77.73
N LYS DB 691 -37.01 25.75 -77.45
CA LYS DB 691 -35.97 26.11 -78.41
C LYS DB 691 -36.03 25.22 -79.63
N GLU DB 692 -35.83 25.81 -80.81
CA GLU DB 692 -35.78 25.02 -82.03
C GLU DB 692 -34.48 24.25 -82.10
N ASN DB 693 -34.58 22.95 -82.35
CA ASN DB 693 -33.42 22.09 -82.52
C ASN DB 693 -33.55 21.46 -83.91
N SER DB 694 -33.07 22.20 -84.92
CA SER DB 694 -33.35 21.88 -86.31
C SER DB 694 -32.04 21.67 -87.06
N LYS DB 695 -32.04 20.66 -87.92
CA LYS DB 695 -30.91 20.38 -88.79
C LYS DB 695 -31.13 20.87 -90.21
N ARG DB 696 -32.13 21.73 -90.40
CA ARG DB 696 -32.36 22.36 -91.69
C ARG DB 696 -31.12 23.12 -92.14
N TRP DB 697 -30.74 22.92 -93.39
CA TRP DB 697 -29.52 23.54 -93.91
C TRP DB 697 -29.77 24.96 -94.39
N ASN DB 698 -30.80 25.16 -95.19
CA ASN DB 698 -31.08 26.46 -95.77
C ASN DB 698 -31.68 27.39 -94.72
N PRO DB 699 -31.55 28.70 -94.90
CA PRO DB 699 -32.09 29.63 -93.91
C PRO DB 699 -33.60 29.54 -93.79
N GLU DB 700 -34.09 29.80 -92.58
CA GLU DB 700 -35.51 29.77 -92.30
C GLU DB 700 -36.16 31.09 -92.69
N ILE DB 701 -37.48 31.07 -92.76
CA ILE DB 701 -38.26 32.30 -92.86
C ILE DB 701 -38.31 32.95 -91.49
N GLN DB 702 -38.04 34.24 -91.45
CA GLN DB 702 -38.04 35.00 -90.20
C GLN DB 702 -38.94 36.20 -90.37
N TYR DB 703 -39.60 36.59 -89.29
CA TYR DB 703 -40.28 37.86 -89.31
C TYR DB 703 -39.26 38.98 -89.27
N THR DB 704 -39.37 39.92 -90.20
CA THR DB 704 -38.44 41.03 -90.29
C THR DB 704 -39.20 42.30 -90.60
N SER DB 705 -38.70 43.41 -90.12
CA SER DB 705 -39.21 44.70 -90.55
C SER DB 705 -38.73 44.98 -91.97
N ASN DB 706 -39.51 45.76 -92.70
CA ASN DB 706 -39.14 46.13 -94.06
C ASN DB 706 -37.93 47.06 -94.03
N TYR DB 707 -36.97 46.80 -94.89
CA TYR DB 707 -35.76 47.61 -94.93
C TYR DB 707 -35.99 48.95 -95.61
N TYR DB 708 -36.94 49.02 -96.54
CA TYR DB 708 -37.13 50.20 -97.35
C TYR DB 708 -37.70 51.35 -96.52
N LYS DB 709 -37.43 52.58 -96.96
CA LYS DB 709 -37.83 53.76 -96.22
C LYS DB 709 -39.34 53.90 -96.19
N SER DB 710 -39.83 54.61 -95.17
CA SER DB 710 -41.26 54.81 -95.00
C SER DB 710 -41.48 56.10 -94.21
N THR DB 711 -42.71 56.60 -94.29
CA THR DB 711 -43.05 57.84 -93.59
C THR DB 711 -42.92 57.67 -92.08
N SER DB 712 -43.29 56.50 -91.56
CA SER DB 712 -43.25 56.24 -90.13
C SER DB 712 -42.65 54.86 -89.89
N VAL DB 713 -42.12 54.67 -88.69
CA VAL DB 713 -41.62 53.38 -88.27
C VAL DB 713 -42.79 52.48 -87.93
N ASP DB 714 -42.77 51.26 -88.43
CA ASP DB 714 -43.80 50.29 -88.08
C ASP DB 714 -43.70 49.94 -86.60
N PHE DB 715 -44.87 49.80 -85.96
CA PHE DB 715 -44.96 49.55 -84.52
C PHE DB 715 -44.29 50.68 -83.74
N ALA DB 716 -44.61 51.91 -84.12
CA ALA DB 716 -44.15 53.09 -83.42
C ALA DB 716 -45.30 54.09 -83.41
N VAL DB 717 -45.03 55.26 -82.89
CA VAL DB 717 -46.03 56.33 -82.87
C VAL DB 717 -45.86 57.16 -84.13
N ASN DB 718 -46.95 57.81 -84.54
CA ASN DB 718 -46.89 58.75 -85.65
C ASN DB 718 -46.62 60.14 -85.10
N THR DB 719 -46.79 61.16 -85.95
CA THR DB 719 -46.52 62.53 -85.52
C THR DB 719 -47.52 63.03 -84.48
N GLU DB 720 -48.66 62.36 -84.34
CA GLU DB 720 -49.68 62.76 -83.39
C GLU DB 720 -49.61 61.97 -82.09
N GLY DB 721 -48.62 61.09 -81.94
CA GLY DB 721 -48.49 60.30 -80.74
C GLY DB 721 -49.32 59.05 -80.70
N VAL DB 722 -49.94 58.67 -81.82
CA VAL DB 722 -50.79 57.49 -81.86
C VAL DB 722 -49.93 56.28 -82.18
N TYR DB 723 -49.91 55.32 -81.26
CA TYR DB 723 -49.27 54.05 -81.52
C TYR DB 723 -50.18 53.17 -82.36
N SER DB 724 -49.61 52.54 -83.37
CA SER DB 724 -50.36 51.67 -84.26
C SER DB 724 -49.60 50.38 -84.50
N GLU DB 725 -50.37 49.31 -84.67
CA GLU DB 725 -49.80 48.03 -85.09
C GLU DB 725 -50.16 47.82 -86.55
N PRO DB 726 -49.21 47.91 -87.48
CA PRO DB 726 -49.57 47.94 -88.89
C PRO DB 726 -50.05 46.61 -89.44
N ARG DB 727 -49.65 45.49 -88.84
CA ARG DB 727 -50.01 44.19 -89.36
C ARG DB 727 -50.18 43.23 -88.19
N PRO DB 728 -50.94 42.15 -88.38
CA PRO DB 728 -50.97 41.10 -87.35
C PRO DB 728 -49.76 40.19 -87.51
N ILE DB 729 -48.91 40.13 -86.50
CA ILE DB 729 -47.75 39.27 -86.53
C ILE DB 729 -48.16 37.92 -85.98
N GLY DB 730 -48.11 36.89 -86.83
CA GLY DB 730 -48.37 35.55 -86.39
C GLY DB 730 -47.21 35.02 -85.57
N THR DB 731 -47.13 33.71 -85.46
CA THR DB 731 -46.13 33.10 -84.60
C THR DB 731 -45.33 32.03 -85.33
N ARG DB 732 -45.79 31.59 -86.49
CA ARG DB 732 -45.23 30.42 -87.18
C ARG DB 732 -44.31 30.88 -88.30
N TYR DB 733 -43.02 30.94 -88.00
CA TYR DB 733 -42.00 31.28 -88.99
C TYR DB 733 -40.94 30.21 -89.11
N LEU DB 734 -40.51 29.61 -88.00
CA LEU DB 734 -39.62 28.47 -88.05
C LEU DB 734 -40.37 27.25 -88.58
N THR DB 735 -39.61 26.23 -88.95
CA THR DB 735 -40.20 25.04 -89.55
C THR DB 735 -39.80 23.79 -88.78
N ARG DB 736 -40.68 22.80 -88.83
CA ARG DB 736 -40.41 21.46 -88.33
C ARG DB 736 -40.86 20.45 -89.36
N ASN DB 737 -40.22 19.29 -89.34
CA ASN DB 737 -40.76 18.16 -90.08
C ASN DB 737 -42.02 17.65 -89.39
N LEU DB 738 -42.84 16.95 -90.15
CA LEU DB 738 -44.03 16.36 -89.58
C LEU DB 738 -43.68 15.12 -88.76
N GLY EB 221 -74.80 -22.33 -39.14
CA GLY EB 221 -75.81 -23.14 -38.48
C GLY EB 221 -77.20 -22.98 -39.07
N VAL EB 222 -78.00 -24.05 -38.97
CA VAL EB 222 -79.36 -24.02 -39.48
C VAL EB 222 -80.19 -22.98 -38.74
N GLY EB 223 -80.05 -22.95 -37.42
CA GLY EB 223 -80.88 -22.09 -36.58
C GLY EB 223 -80.32 -20.74 -36.24
N SER EB 224 -79.26 -20.29 -36.92
CA SER EB 224 -78.67 -19.00 -36.66
C SER EB 224 -78.66 -18.16 -37.93
N SER EB 225 -79.01 -16.89 -37.78
CA SER EB 225 -79.00 -15.98 -38.92
C SER EB 225 -77.57 -15.73 -39.38
N SER EB 226 -77.37 -15.68 -40.70
CA SER EB 226 -76.07 -15.42 -41.27
C SER EB 226 -75.85 -13.96 -41.63
N GLY EB 227 -76.80 -13.09 -41.32
CA GLY EB 227 -76.63 -11.67 -41.58
C GLY EB 227 -77.86 -10.92 -41.14
N ASN EB 228 -77.68 -9.62 -41.00
CA ASN EB 228 -78.74 -8.73 -40.55
C ASN EB 228 -79.24 -7.87 -41.68
N TRP EB 229 -80.43 -7.31 -41.49
CA TRP EB 229 -81.03 -6.39 -42.46
C TRP EB 229 -80.34 -5.04 -42.34
N HIS EB 230 -79.78 -4.56 -43.44
CA HIS EB 230 -79.04 -3.29 -43.46
C HIS EB 230 -79.57 -2.45 -44.61
N CYS EB 231 -80.62 -1.69 -44.35
CA CYS EB 231 -81.09 -0.65 -45.26
C CYS EB 231 -80.89 0.69 -44.55
N ASP EB 232 -80.09 1.56 -45.14
CA ASP EB 232 -79.72 2.81 -44.49
C ASP EB 232 -78.98 3.67 -45.49
N SER EB 233 -78.86 4.95 -45.16
CA SER EB 233 -77.99 5.87 -45.88
C SER EB 233 -77.38 6.80 -44.86
N THR EB 234 -76.06 6.84 -44.80
CA THR EB 234 -75.34 7.69 -43.87
C THR EB 234 -74.60 8.76 -44.68
N TRP EB 235 -74.94 10.01 -44.40
CA TRP EB 235 -74.29 11.15 -45.03
C TRP EB 235 -73.24 11.68 -44.07
N LEU EB 236 -71.97 11.66 -44.49
CA LEU EB 236 -70.87 12.06 -43.63
C LEU EB 236 -69.87 12.83 -44.48
N GLY EB 237 -69.88 14.15 -44.34
CA GLY EB 237 -68.94 14.97 -45.10
C GLY EB 237 -69.22 14.89 -46.58
N ASP EB 238 -68.18 14.57 -47.34
CA ASP EB 238 -68.27 14.46 -48.80
C ASP EB 238 -68.61 13.05 -49.25
N ARG EB 239 -69.05 12.19 -48.34
CA ARG EB 239 -69.44 10.83 -48.67
C ARG EB 239 -70.89 10.59 -48.28
N VAL EB 240 -71.56 9.75 -49.05
CA VAL EB 240 -72.81 9.15 -48.63
C VAL EB 240 -72.68 7.65 -48.84
N ILE EB 241 -73.02 6.88 -47.81
CA ILE EB 241 -72.95 5.43 -47.88
C ILE EB 241 -74.38 4.91 -47.90
N THR EB 242 -74.82 4.44 -49.05
CA THR EB 242 -76.11 3.80 -49.16
C THR EB 242 -75.95 2.30 -48.97
N THR EB 243 -76.78 1.73 -48.12
CA THR EB 243 -76.84 0.28 -47.99
C THR EB 243 -78.29 -0.14 -48.12
N SER EB 244 -78.53 -1.19 -48.90
CA SER EB 244 -79.87 -1.65 -49.15
C SER EB 244 -79.91 -3.16 -49.05
N THR EB 245 -80.93 -3.66 -48.37
CA THR EB 245 -81.16 -5.09 -48.25
C THR EB 245 -82.49 -5.42 -48.89
N ARG EB 246 -82.53 -6.53 -49.62
CA ARG EB 246 -83.76 -7.01 -50.23
C ARG EB 246 -83.86 -8.50 -50.02
N THR EB 247 -85.09 -9.00 -50.04
CA THR EB 247 -85.35 -10.43 -50.04
C THR EB 247 -85.52 -10.88 -51.49
N TRP EB 248 -84.77 -11.89 -51.88
CA TRP EB 248 -84.82 -12.41 -53.24
C TRP EB 248 -85.36 -13.82 -53.23
N ALA EB 249 -85.82 -14.27 -54.40
CA ALA EB 249 -86.21 -15.64 -54.63
C ALA EB 249 -85.58 -16.10 -55.93
N LEU EB 250 -84.85 -17.20 -55.89
CA LEU EB 250 -84.19 -17.72 -57.07
C LEU EB 250 -84.82 -19.04 -57.46
N PRO EB 251 -85.51 -19.12 -58.59
CA PRO EB 251 -86.03 -20.42 -59.05
C PRO EB 251 -84.92 -21.22 -59.71
N THR EB 252 -85.26 -22.45 -60.07
CA THR EB 252 -84.43 -23.23 -60.97
C THR EB 252 -84.73 -22.78 -62.39
N TYR EB 253 -83.72 -22.29 -63.08
CA TYR EB 253 -83.87 -21.82 -64.44
C TYR EB 253 -83.47 -22.91 -65.42
N ASN EB 254 -84.22 -23.01 -66.52
CA ASN EB 254 -83.87 -23.87 -67.65
C ASN EB 254 -83.85 -25.35 -67.29
N ASN EB 255 -84.40 -25.74 -66.15
CA ASN EB 255 -84.29 -27.10 -65.64
C ASN EB 255 -82.82 -27.53 -65.54
N HIS EB 256 -81.99 -26.61 -65.03
CA HIS EB 256 -80.57 -26.81 -64.82
C HIS EB 256 -79.78 -26.97 -66.12
N LEU EB 257 -80.35 -26.59 -67.26
CA LEU EB 257 -79.72 -26.81 -68.54
C LEU EB 257 -79.19 -25.52 -69.14
N TYR EB 258 -78.15 -25.65 -69.95
CA TYR EB 258 -77.75 -24.60 -70.87
C TYR EB 258 -78.45 -24.84 -72.19
N LYS EB 259 -79.18 -23.86 -72.67
CA LYS EB 259 -79.91 -24.00 -73.93
C LYS EB 259 -79.40 -22.98 -74.92
N GLN EB 260 -79.08 -23.46 -76.12
CA GLN EB 260 -78.82 -22.54 -77.21
C GLN EB 260 -80.11 -21.85 -77.62
N ILE EB 261 -80.07 -20.53 -77.74
CA ILE EB 261 -81.23 -19.74 -78.14
C ILE EB 261 -80.86 -18.94 -79.37
N SER EB 262 -81.81 -18.79 -80.28
CA SER EB 262 -81.56 -18.13 -81.54
C SER EB 262 -82.82 -17.44 -82.02
N ASN EB 263 -82.63 -16.57 -83.00
CA ASN EB 263 -83.73 -15.92 -83.69
C ASN EB 263 -83.25 -15.61 -85.09
N GLY EB 264 -83.96 -16.11 -86.10
CA GLY EB 264 -83.60 -15.92 -87.48
C GLY EB 264 -84.68 -15.17 -88.25
N THR EB 265 -84.42 -15.02 -89.53
CA THR EB 265 -85.36 -14.32 -90.41
C THR EB 265 -86.43 -15.26 -90.93
N ALA EB 269 -89.11 -12.76 -87.98
CA ALA EB 269 -88.22 -11.74 -87.44
C ALA EB 269 -87.37 -11.12 -88.54
N THR EB 270 -87.03 -9.85 -88.38
CA THR EB 270 -86.18 -9.18 -89.35
C THR EB 270 -84.71 -9.45 -89.04
N ASN EB 271 -83.85 -9.16 -90.03
CA ASN EB 271 -82.42 -9.36 -89.83
C ASN EB 271 -81.88 -8.48 -88.70
N ASP EB 272 -82.51 -7.33 -88.48
CA ASP EB 272 -82.06 -6.43 -87.42
C ASP EB 272 -82.21 -7.05 -86.03
N ASN EB 273 -83.08 -8.05 -85.88
CA ASN EB 273 -83.37 -8.63 -84.58
C ASN EB 273 -82.86 -10.05 -84.44
N THR EB 274 -82.03 -10.52 -85.35
CA THR EB 274 -81.49 -11.87 -85.24
C THR EB 274 -80.46 -11.95 -84.12
N TYR EB 275 -80.36 -13.12 -83.51
CA TYR EB 275 -79.34 -13.33 -82.49
C TYR EB 275 -79.05 -14.82 -82.37
N PHE EB 276 -77.87 -15.10 -81.82
CA PHE EB 276 -77.50 -16.43 -81.37
C PHE EB 276 -76.88 -16.28 -80.00
N GLY EB 277 -77.29 -17.12 -79.08
CA GLY EB 277 -76.77 -17.02 -77.73
C GLY EB 277 -77.11 -18.24 -76.93
N TYR EB 278 -76.94 -18.11 -75.62
CA TYR EB 278 -77.18 -19.22 -74.73
C TYR EB 278 -77.98 -18.75 -73.52
N SER EB 279 -78.99 -19.54 -73.17
CA SER EB 279 -79.69 -19.39 -71.91
C SER EB 279 -79.01 -20.30 -70.89
N THR EB 280 -78.70 -19.76 -69.73
CA THR EB 280 -78.01 -20.51 -68.70
C THR EB 280 -78.96 -20.81 -67.55
N PRO EB 281 -78.69 -21.85 -66.77
CA PRO EB 281 -79.48 -22.10 -65.55
C PRO EB 281 -79.15 -21.17 -64.40
N TRP EB 282 -78.31 -20.16 -64.62
CA TRP EB 282 -77.87 -19.28 -63.55
C TRP EB 282 -78.73 -18.02 -63.49
N GLY EB 283 -78.96 -17.56 -62.28
CA GLY EB 283 -79.45 -16.22 -62.08
C GLY EB 283 -78.30 -15.27 -61.84
N TYR EB 284 -78.61 -13.99 -61.78
CA TYR EB 284 -77.59 -13.00 -61.49
C TYR EB 284 -78.20 -11.85 -60.71
N PHE EB 285 -77.38 -11.22 -59.88
CA PHE EB 285 -77.83 -10.11 -59.07
C PHE EB 285 -77.52 -8.79 -59.78
N ASP EB 286 -78.54 -7.96 -59.91
CA ASP EB 286 -78.42 -6.66 -60.54
C ASP EB 286 -78.81 -5.59 -59.55
N PHE EB 287 -77.94 -4.62 -59.36
CA PHE EB 287 -78.27 -3.42 -58.59
C PHE EB 287 -77.77 -2.19 -59.32
N ASN EB 288 -77.92 -2.22 -60.64
CA ASN EB 288 -77.42 -1.18 -61.53
C ASN EB 288 -78.47 -0.11 -61.81
N ARG EB 289 -79.34 0.18 -60.83
CA ARG EB 289 -80.24 1.30 -60.90
C ARG EB 289 -80.10 2.11 -59.62
N PHE EB 290 -80.23 3.43 -59.75
CA PHE EB 290 -79.98 4.28 -58.60
C PHE EB 290 -81.00 4.07 -57.48
N HIS EB 291 -82.25 3.74 -57.83
CA HIS EB 291 -83.24 3.54 -56.79
C HIS EB 291 -83.04 2.24 -56.02
N CYS EB 292 -82.14 1.37 -56.48
CA CYS EB 292 -81.75 0.23 -55.66
C CYS EB 292 -80.98 0.66 -54.42
N HIS EB 293 -80.44 1.86 -54.41
CA HIS EB 293 -79.58 2.35 -53.36
C HIS EB 293 -80.06 3.63 -52.71
N PHE EB 294 -80.65 4.53 -53.48
CA PHE EB 294 -81.13 5.80 -52.96
C PHE EB 294 -82.63 5.76 -52.81
N SER EB 295 -83.10 6.06 -51.60
CA SER EB 295 -84.50 6.38 -51.42
C SER EB 295 -84.80 7.69 -52.13
N PRO EB 296 -86.05 7.94 -52.48
CA PRO EB 296 -86.39 9.23 -53.12
C PRO EB 296 -85.95 10.43 -52.30
N ARG EB 297 -86.09 10.36 -50.98
CA ARG EB 297 -85.62 11.45 -50.13
C ARG EB 297 -84.10 11.55 -50.17
N ASP EB 298 -83.40 10.42 -50.17
CA ASP EB 298 -81.95 10.45 -50.30
C ASP EB 298 -81.53 11.00 -51.65
N TRP EB 299 -82.26 10.64 -52.71
CA TRP EB 299 -81.99 11.21 -54.02
C TRP EB 299 -82.19 12.71 -54.01
N GLN EB 300 -83.24 13.19 -53.35
CA GLN EB 300 -83.46 14.63 -53.22
C GLN EB 300 -82.31 15.30 -52.48
N ARG EB 301 -81.86 14.69 -51.37
CA ARG EB 301 -80.71 15.21 -50.64
C ARG EB 301 -79.50 15.31 -51.54
N LEU EB 302 -79.27 14.29 -52.36
CA LEU EB 302 -78.10 14.26 -53.23
C LEU EB 302 -78.19 15.35 -54.30
N ILE EB 303 -79.32 15.42 -55.00
CA ILE EB 303 -79.40 16.29 -56.18
C ILE EB 303 -79.64 17.74 -55.83
N ASN EB 304 -80.20 18.06 -54.67
CA ASN EB 304 -80.45 19.44 -54.32
C ASN EB 304 -79.25 20.13 -53.71
N ASN EB 305 -78.19 19.39 -53.39
CA ASN EB 305 -77.11 19.93 -52.58
C ASN EB 305 -75.72 19.65 -53.12
N ASN EB 306 -75.59 18.88 -54.18
CA ASN EB 306 -74.29 18.46 -54.68
C ASN EB 306 -74.17 18.75 -56.17
N TRP EB 307 -73.00 19.23 -56.56
CA TRP EB 307 -72.71 19.44 -57.97
C TRP EB 307 -72.33 18.16 -58.69
N GLY EB 308 -71.98 17.12 -57.95
CA GLY EB 308 -71.59 15.87 -58.57
C GLY EB 308 -71.46 14.78 -57.56
N PHE EB 309 -71.40 13.56 -58.07
CA PHE EB 309 -71.22 12.38 -57.23
C PHE EB 309 -70.65 11.28 -58.10
N ARG EB 310 -70.06 10.28 -57.43
CA ARG EB 310 -69.53 9.12 -58.12
C ARG EB 310 -69.41 7.99 -57.13
N PRO EB 311 -69.59 6.75 -57.58
CA PRO EB 311 -69.37 5.61 -56.68
C PRO EB 311 -67.89 5.45 -56.36
N LYS EB 312 -67.61 5.01 -55.15
CA LYS EB 312 -66.25 4.78 -54.69
C LYS EB 312 -65.96 3.30 -54.45
N ARG EB 313 -66.80 2.64 -53.66
CA ARG EB 313 -66.60 1.24 -53.33
C ARG EB 313 -67.96 0.63 -53.08
N LEU EB 314 -68.03 -0.69 -53.20
CA LEU EB 314 -69.24 -1.40 -52.85
C LEU EB 314 -68.90 -2.66 -52.09
N SER EB 315 -69.81 -3.06 -51.21
CA SER EB 315 -69.77 -4.35 -50.56
C SER EB 315 -71.10 -5.04 -50.79
N PHE EB 316 -71.04 -6.33 -51.06
CA PHE EB 316 -72.19 -7.12 -51.43
C PHE EB 316 -72.28 -8.31 -50.49
N LYS EB 317 -73.49 -8.65 -50.07
CA LYS EB 317 -73.66 -9.76 -49.14
C LYS EB 317 -74.87 -10.58 -49.53
N LEU EB 318 -74.70 -11.91 -49.48
CA LEU EB 318 -75.79 -12.86 -49.57
C LEU EB 318 -75.85 -13.63 -48.26
N PHE EB 319 -77.03 -13.74 -47.68
CA PHE EB 319 -77.13 -14.33 -46.36
C PHE EB 319 -78.58 -14.77 -46.12
N ASN EB 320 -78.76 -15.50 -45.03
CA ASN EB 320 -80.06 -16.06 -44.65
C ASN EB 320 -80.65 -16.86 -45.81
N ILE EB 321 -79.81 -17.68 -46.41
CA ILE EB 321 -80.22 -18.48 -47.56
C ILE EB 321 -81.11 -19.61 -47.10
N GLN EB 322 -82.23 -19.78 -47.78
CA GLN EB 322 -83.15 -20.89 -47.53
C GLN EB 322 -83.40 -21.57 -48.86
N VAL EB 323 -83.04 -22.84 -48.96
CA VAL EB 323 -83.33 -23.64 -50.13
C VAL EB 323 -84.54 -24.50 -49.81
N LYS EB 324 -85.56 -24.41 -50.65
CA LYS EB 324 -86.84 -25.02 -50.35
C LYS EB 324 -87.20 -26.03 -51.44
N GLU EB 325 -87.73 -27.17 -51.01
CA GLU EB 325 -88.18 -28.22 -51.91
C GLU EB 325 -89.69 -28.16 -52.02
N VAL EB 326 -90.18 -28.21 -53.25
CA VAL EB 326 -91.61 -28.19 -53.52
C VAL EB 326 -92.00 -29.50 -54.20
N THR EB 327 -93.01 -30.16 -53.67
CA THR EB 327 -93.45 -31.45 -54.21
C THR EB 327 -94.85 -31.36 -54.78
N LYS EB 333 -99.68 -29.29 -53.43
CA LYS EB 333 -98.33 -28.73 -53.39
C LYS EB 333 -97.90 -28.40 -51.96
N THR EB 334 -96.76 -28.97 -51.55
CA THR EB 334 -96.17 -28.68 -50.26
C THR EB 334 -94.75 -28.17 -50.46
N ILE EB 335 -94.39 -27.15 -49.69
CA ILE EB 335 -93.05 -26.58 -49.73
C ILE EB 335 -92.36 -26.89 -48.41
N ALA EB 336 -91.18 -27.48 -48.48
CA ALA EB 336 -90.43 -27.87 -47.31
C ALA EB 336 -89.00 -27.37 -47.43
N ASN EB 337 -88.37 -27.15 -46.27
CA ASN EB 337 -86.96 -26.80 -46.27
C ASN EB 337 -86.12 -28.00 -46.71
N ASN EB 338 -85.11 -27.71 -47.54
CA ASN EB 338 -84.10 -28.72 -47.93
C ASN EB 338 -82.83 -28.23 -47.25
N LEU EB 339 -82.58 -28.62 -46.00
CA LEU EB 339 -81.50 -28.06 -45.21
C LEU EB 339 -80.13 -28.36 -45.79
N THR EB 340 -79.99 -29.45 -46.52
CA THR EB 340 -78.70 -29.87 -47.05
C THR EB 340 -78.46 -29.41 -48.48
N SER EB 341 -79.41 -28.70 -49.08
CA SER EB 341 -79.24 -28.21 -50.43
C SER EB 341 -78.38 -26.96 -50.45
N THR EB 342 -77.72 -26.73 -51.58
CA THR EB 342 -76.82 -25.61 -51.72
C THR EB 342 -77.25 -24.70 -52.85
N ILE EB 343 -76.79 -23.46 -52.78
CA ILE EB 343 -76.76 -22.56 -53.91
C ILE EB 343 -75.31 -22.31 -54.26
N GLN EB 344 -75.05 -21.99 -55.52
CA GLN EB 344 -73.71 -21.66 -55.98
C GLN EB 344 -73.68 -20.19 -56.34
N VAL EB 345 -72.70 -19.47 -55.79
CA VAL EB 345 -72.53 -18.05 -56.04
C VAL EB 345 -71.08 -17.81 -56.42
N PHE EB 346 -70.88 -17.05 -57.49
CA PHE EB 346 -69.55 -16.56 -57.80
C PHE EB 346 -69.66 -15.21 -58.48
N THR EB 347 -68.61 -14.42 -58.35
CA THR EB 347 -68.50 -13.15 -59.06
C THR EB 347 -67.53 -13.32 -60.22
N ASP EB 348 -67.92 -12.83 -61.39
CA ASP EB 348 -67.04 -12.79 -62.55
C ASP EB 348 -66.05 -11.64 -62.37
N SER EB 349 -65.12 -11.84 -61.43
CA SER EB 349 -64.20 -10.78 -61.04
C SER EB 349 -63.18 -10.48 -62.12
N GLU EB 350 -62.87 -11.46 -62.97
CA GLU EB 350 -61.96 -11.26 -64.09
C GLU EB 350 -62.68 -10.82 -65.36
N TYR EB 351 -63.99 -10.62 -65.31
CA TYR EB 351 -64.77 -10.19 -66.46
C TYR EB 351 -64.60 -11.14 -67.63
N GLN EB 352 -64.60 -12.44 -67.34
CA GLN EB 352 -64.45 -13.46 -68.36
C GLN EB 352 -65.78 -13.89 -68.96
N LEU EB 353 -66.85 -13.50 -68.40
CA LEU EB 353 -68.16 -13.80 -68.95
C LEU EB 353 -68.70 -12.62 -69.72
N PRO EB 354 -69.57 -12.85 -70.69
CA PRO EB 354 -70.26 -11.72 -71.32
C PRO EB 354 -70.99 -10.89 -70.27
N TYR EB 355 -70.71 -9.59 -70.29
CA TYR EB 355 -71.23 -8.67 -69.28
C TYR EB 355 -72.60 -8.18 -69.75
N VAL EB 356 -73.65 -8.70 -69.12
CA VAL EB 356 -75.02 -8.34 -69.51
C VAL EB 356 -75.61 -7.26 -68.63
N LEU EB 357 -74.95 -6.90 -67.53
CA LEU EB 357 -75.34 -5.70 -66.82
C LEU EB 357 -75.04 -4.48 -67.68
N GLY EB 358 -75.69 -3.37 -67.36
CA GLY EB 358 -75.51 -2.20 -68.18
C GLY EB 358 -76.24 -2.27 -69.50
N SER EB 359 -77.29 -3.08 -69.60
CA SER EB 359 -78.19 -3.07 -70.73
C SER EB 359 -79.60 -2.65 -70.33
N ALA EB 360 -79.72 -2.01 -69.17
CA ALA EB 360 -81.00 -1.49 -68.67
C ALA EB 360 -82.06 -2.57 -68.58
N HIS EB 361 -81.67 -3.74 -68.11
CA HIS EB 361 -82.58 -4.87 -68.01
C HIS EB 361 -83.36 -4.84 -66.70
N GLN EB 362 -84.55 -5.44 -66.73
CA GLN EB 362 -85.31 -5.66 -65.52
C GLN EB 362 -84.61 -6.69 -64.64
N GLY EB 363 -85.08 -6.81 -63.41
CA GLY EB 363 -84.51 -7.76 -62.48
C GLY EB 363 -83.56 -7.16 -61.47
N CYS EB 364 -83.38 -5.84 -61.48
CA CYS EB 364 -82.57 -5.20 -60.45
C CYS EB 364 -83.29 -5.29 -59.11
N LEU EB 365 -82.56 -4.94 -58.06
CA LEU EB 365 -83.17 -4.84 -56.74
C LEU EB 365 -84.32 -3.84 -56.79
N PRO EB 366 -85.48 -4.16 -56.20
CA PRO EB 366 -86.62 -3.26 -56.31
C PRO EB 366 -86.33 -1.96 -55.58
N PRO EB 367 -86.91 -0.85 -56.03
CA PRO EB 367 -86.72 0.42 -55.31
C PRO EB 367 -87.25 0.38 -53.88
N PHE EB 368 -88.33 -0.33 -53.64
CA PHE EB 368 -88.94 -0.37 -52.32
C PHE EB 368 -88.32 -1.49 -51.50
N PRO EB 369 -87.74 -1.20 -50.33
CA PRO EB 369 -87.05 -2.25 -49.57
C PRO EB 369 -87.93 -3.41 -49.16
N ALA EB 370 -89.23 -3.17 -48.92
CA ALA EB 370 -90.12 -4.24 -48.52
C ALA EB 370 -90.45 -5.19 -49.67
N ASP EB 371 -90.01 -4.88 -50.88
CA ASP EB 371 -90.42 -5.64 -52.05
C ASP EB 371 -89.53 -6.87 -52.21
N VAL EB 372 -90.15 -8.03 -52.38
CA VAL EB 372 -89.43 -9.27 -52.65
C VAL EB 372 -89.36 -9.47 -54.15
N PHE EB 373 -88.15 -9.71 -54.66
CA PHE EB 373 -87.95 -9.76 -56.09
C PHE EB 373 -87.40 -11.11 -56.53
N MET EB 374 -87.71 -11.44 -57.78
CA MET EB 374 -87.22 -12.63 -58.44
C MET EB 374 -85.89 -12.34 -59.13
N ILE EB 375 -84.94 -13.24 -58.97
CA ILE EB 375 -83.61 -13.05 -59.58
C ILE EB 375 -83.71 -13.33 -61.08
N PRO EB 376 -83.23 -12.42 -61.93
CA PRO EB 376 -83.32 -12.66 -63.37
C PRO EB 376 -82.39 -13.77 -63.82
N GLN EB 377 -82.78 -14.43 -64.91
CA GLN EB 377 -81.99 -15.51 -65.46
C GLN EB 377 -80.85 -14.97 -66.32
N TYR EB 378 -79.66 -15.53 -66.13
CA TYR EB 378 -78.51 -15.09 -66.90
C TYR EB 378 -78.51 -15.74 -68.27
N GLY EB 379 -78.41 -14.91 -69.30
CA GLY EB 379 -78.17 -15.38 -70.64
C GLY EB 379 -77.24 -14.40 -71.34
N TYR EB 380 -76.68 -14.85 -72.45
CA TYR EB 380 -75.76 -13.99 -73.17
C TYR EB 380 -75.88 -14.26 -74.66
N LEU EB 381 -75.37 -13.33 -75.44
CA LEU EB 381 -75.34 -13.45 -76.88
C LEU EB 381 -73.90 -13.50 -77.36
N THR EB 382 -73.70 -14.24 -78.44
CA THR EB 382 -72.40 -14.29 -79.07
C THR EB 382 -72.58 -13.96 -80.54
N LEU EB 383 -71.55 -14.15 -81.35
CA LEU EB 383 -71.65 -13.80 -82.76
C LEU EB 383 -72.69 -14.66 -83.46
N ASN EB 384 -73.48 -14.04 -84.32
CA ASN EB 384 -74.51 -14.75 -85.06
C ASN EB 384 -74.48 -14.33 -86.52
N ASN EB 385 -74.91 -15.24 -87.38
CA ASN EB 385 -75.17 -14.99 -88.79
C ASN EB 385 -76.60 -15.46 -89.01
N GLY EB 386 -77.54 -14.52 -88.88
CA GLY EB 386 -78.93 -14.94 -88.80
C GLY EB 386 -79.16 -15.65 -87.48
N SER EB 387 -79.79 -16.83 -87.56
CA SER EB 387 -79.98 -17.66 -86.38
C SER EB 387 -78.83 -18.63 -86.15
N GLN EB 388 -77.83 -18.63 -87.01
CA GLN EB 388 -76.71 -19.55 -86.92
C GLN EB 388 -75.54 -18.92 -86.18
N ALA EB 389 -74.77 -19.76 -85.51
CA ALA EB 389 -73.52 -19.34 -84.94
C ALA EB 389 -72.43 -19.37 -86.00
N VAL EB 390 -71.35 -18.63 -85.74
CA VAL EB 390 -70.16 -18.69 -86.56
C VAL EB 390 -69.06 -19.36 -85.74
N GLY EB 391 -67.94 -19.64 -86.41
CA GLY EB 391 -66.83 -20.27 -85.72
C GLY EB 391 -66.27 -19.46 -84.58
N ARG EB 392 -66.45 -18.14 -84.62
CA ARG EB 392 -65.97 -17.27 -83.55
C ARG EB 392 -66.96 -17.17 -82.40
N SER EB 393 -68.14 -17.76 -82.52
CA SER EB 393 -69.10 -17.73 -81.43
C SER EB 393 -68.56 -18.45 -80.22
N SER EB 394 -68.72 -17.84 -79.05
CA SER EB 394 -68.19 -18.38 -77.81
C SER EB 394 -69.31 -18.99 -76.99
N PHE EB 395 -69.08 -20.18 -76.48
CA PHE EB 395 -69.97 -20.81 -75.51
C PHE EB 395 -69.29 -20.79 -74.16
N TYR EB 396 -70.01 -20.34 -73.14
CA TYR EB 396 -69.50 -20.26 -71.78
C TYR EB 396 -70.30 -21.16 -70.87
N CYS EB 397 -69.60 -22.03 -70.17
CA CYS EB 397 -70.20 -22.83 -69.10
C CYS EB 397 -69.88 -22.13 -67.79
N LEU EB 398 -70.92 -21.68 -67.08
CA LEU EB 398 -70.69 -20.98 -65.83
C LEU EB 398 -70.29 -21.93 -64.71
N GLU EB 399 -70.55 -23.23 -64.85
CA GLU EB 399 -70.01 -24.20 -63.92
C GLU EB 399 -68.50 -24.35 -64.08
N TYR EB 400 -67.94 -23.89 -65.18
CA TYR EB 400 -66.51 -23.89 -65.39
C TYR EB 400 -65.79 -22.82 -64.59
N PHE EB 401 -66.49 -22.14 -63.70
CA PHE EB 401 -65.91 -21.16 -62.82
C PHE EB 401 -65.88 -21.68 -61.39
N PRO EB 402 -64.92 -21.25 -60.58
CA PRO EB 402 -64.98 -21.55 -59.15
C PRO EB 402 -66.15 -20.81 -58.51
N SER EB 403 -67.03 -21.56 -57.85
CA SER EB 403 -68.18 -20.98 -57.18
C SER EB 403 -68.18 -21.39 -55.73
N GLN EB 404 -68.58 -20.49 -54.86
CA GLN EB 404 -68.83 -20.84 -53.48
C GLN EB 404 -70.19 -21.50 -53.38
N MET EB 405 -70.23 -22.68 -52.76
CA MET EB 405 -71.49 -23.36 -52.52
C MET EB 405 -71.94 -23.07 -51.09
N LEU EB 406 -73.21 -22.72 -50.94
CA LEU EB 406 -73.73 -22.22 -49.68
C LEU EB 406 -74.91 -23.08 -49.25
N ARG EB 407 -74.84 -23.62 -48.05
CA ARG EB 407 -76.01 -24.20 -47.43
C ARG EB 407 -76.74 -23.11 -46.65
N THR EB 408 -77.81 -23.50 -45.96
CA THR EB 408 -78.67 -22.51 -45.31
C THR EB 408 -77.93 -21.70 -44.25
N GLY EB 409 -76.88 -22.26 -43.67
CA GLY EB 409 -76.11 -21.55 -42.68
C GLY EB 409 -74.98 -20.70 -43.21
N ASN EB 410 -74.72 -20.75 -44.51
CA ASN EB 410 -73.59 -20.03 -45.09
C ASN EB 410 -74.03 -18.66 -45.60
N ASN EB 411 -73.05 -17.78 -45.73
CA ASN EB 411 -73.27 -16.48 -46.36
C ASN EB 411 -72.14 -16.21 -47.34
N PHE EB 412 -72.43 -15.32 -48.28
CA PHE EB 412 -71.49 -14.92 -49.31
C PHE EB 412 -71.30 -13.41 -49.25
N GLN EB 413 -70.06 -12.96 -49.43
CA GLN EB 413 -69.83 -11.53 -49.46
C GLN EB 413 -68.57 -11.25 -50.25
N PHE EB 414 -68.55 -10.07 -50.88
CA PHE EB 414 -67.35 -9.59 -51.53
C PHE EB 414 -67.40 -8.06 -51.54
N THR EB 415 -66.23 -7.47 -51.68
CA THR EB 415 -66.09 -6.03 -51.77
C THR EB 415 -65.48 -5.67 -53.12
N TYR EB 416 -65.83 -4.49 -53.60
CA TYR EB 416 -65.37 -4.02 -54.89
C TYR EB 416 -65.06 -2.53 -54.77
N THR EB 417 -63.98 -2.10 -55.41
CA THR EB 417 -63.60 -0.71 -55.45
C THR EB 417 -63.79 -0.17 -56.85
N PHE EB 418 -64.56 0.89 -56.98
CA PHE EB 418 -64.72 1.53 -58.27
C PHE EB 418 -63.42 2.20 -58.70
N GLU EB 419 -63.14 2.14 -59.99
CA GLU EB 419 -62.01 2.88 -60.53
C GLU EB 419 -62.30 4.37 -60.44
N ASP EB 420 -61.24 5.16 -60.60
CA ASP EB 420 -61.40 6.61 -60.60
C ASP EB 420 -62.23 7.02 -61.81
N VAL EB 421 -63.48 7.41 -61.56
CA VAL EB 421 -64.42 7.78 -62.62
C VAL EB 421 -64.72 9.26 -62.43
N PRO EB 422 -65.00 10.02 -63.48
CA PRO EB 422 -65.36 11.43 -63.29
C PRO EB 422 -66.67 11.56 -62.54
N PHE EB 423 -66.79 12.63 -61.77
CA PHE EB 423 -68.05 12.94 -61.11
C PHE EB 423 -69.13 13.14 -62.16
N HIS EB 424 -70.31 12.58 -61.90
CA HIS EB 424 -71.45 12.91 -62.74
C HIS EB 424 -71.83 14.36 -62.54
N SER EB 425 -72.13 15.05 -63.64
CA SER EB 425 -72.49 16.46 -63.57
C SER EB 425 -73.90 16.57 -63.02
N SER EB 426 -74.01 16.73 -61.71
CA SER EB 426 -75.30 16.89 -61.06
C SER EB 426 -75.70 18.37 -61.01
N TYR EB 427 -75.61 19.02 -62.15
CA TYR EB 427 -75.87 20.46 -62.26
C TYR EB 427 -76.26 20.78 -63.68
N ALA EB 428 -76.97 21.89 -63.84
CA ALA EB 428 -77.23 22.46 -65.14
C ALA EB 428 -76.48 23.77 -65.25
N HIS EB 429 -75.99 24.07 -66.46
CA HIS EB 429 -75.24 25.29 -66.65
C HIS EB 429 -76.17 26.50 -66.62
N SER EB 430 -75.78 27.53 -65.86
CA SER EB 430 -76.53 28.77 -65.81
C SER EB 430 -76.07 29.76 -66.87
N GLN EB 431 -75.16 29.34 -67.74
CA GLN EB 431 -74.74 30.13 -68.89
C GLN EB 431 -74.84 29.27 -70.14
N SER EB 432 -75.11 29.91 -71.26
CA SER EB 432 -75.11 29.25 -72.55
C SER EB 432 -73.74 29.39 -73.20
N LEU EB 433 -73.39 28.42 -74.03
CA LEU EB 433 -72.08 28.41 -74.67
C LEU EB 433 -71.90 29.62 -75.59
N ASP EB 434 -72.97 30.08 -76.22
CA ASP EB 434 -72.90 31.23 -77.11
C ASP EB 434 -73.11 32.55 -76.37
N ARG EB 435 -73.17 32.53 -75.05
CA ARG EB 435 -73.39 33.72 -74.24
C ARG EB 435 -72.38 33.79 -73.11
N LEU EB 436 -71.12 33.48 -73.40
CA LEU EB 436 -70.06 33.51 -72.40
C LEU EB 436 -69.34 34.85 -72.35
N MET EB 437 -69.71 35.78 -73.20
CA MET EB 437 -69.00 37.04 -73.35
C MET EB 437 -69.59 38.13 -72.47
N ASN EB 438 -68.80 39.17 -72.27
CA ASN EB 438 -69.25 40.37 -71.56
C ASN EB 438 -70.26 41.10 -72.43
N PRO EB 439 -71.49 41.31 -71.96
CA PRO EB 439 -72.51 41.97 -72.77
C PRO EB 439 -72.38 43.49 -72.84
N LEU EB 440 -71.32 44.07 -72.30
CA LEU EB 440 -71.15 45.51 -72.31
C LEU EB 440 -70.01 45.98 -73.18
N ILE EB 441 -69.09 45.10 -73.55
CA ILE EB 441 -67.84 45.48 -74.22
C ILE EB 441 -67.85 44.89 -75.61
N ASP EB 442 -67.42 45.69 -76.59
CA ASP EB 442 -67.23 45.18 -77.93
C ASP EB 442 -66.00 44.27 -77.98
N GLN EB 443 -65.97 43.42 -78.99
CA GLN EB 443 -64.77 42.65 -79.29
C GLN EB 443 -63.79 43.51 -80.08
N TYR EB 444 -62.50 43.25 -79.88
CA TYR EB 444 -61.51 43.86 -80.75
C TYR EB 444 -61.37 43.12 -82.07
N LEU EB 445 -61.91 41.92 -82.17
CA LEU EB 445 -61.91 41.17 -83.41
C LEU EB 445 -63.04 41.65 -84.31
N TYR EB 446 -62.81 41.60 -85.62
CA TYR EB 446 -63.80 41.97 -86.60
C TYR EB 446 -64.36 40.73 -87.27
N TYR EB 447 -65.58 40.84 -87.77
CA TYR EB 447 -66.18 39.81 -88.60
C TYR EB 447 -66.66 40.45 -89.89
N LEU EB 448 -66.71 39.65 -90.94
CA LEU EB 448 -67.27 40.12 -92.20
C LEU EB 448 -68.75 40.40 -92.02
N SER EB 449 -69.12 41.67 -92.03
CA SER EB 449 -70.50 42.05 -91.74
C SER EB 449 -71.33 42.31 -92.99
N ARG EB 450 -70.71 42.72 -94.09
CA ARG EB 450 -71.44 42.91 -95.33
C ARG EB 450 -70.55 42.56 -96.52
N THR EB 451 -71.15 42.01 -97.56
CA THR EB 451 -70.47 41.72 -98.80
C THR EB 451 -71.03 42.53 -99.96
N GLN EB 452 -72.02 43.39 -99.71
CA GLN EB 452 -72.66 44.16 -100.75
C GLN EB 452 -72.96 45.56 -100.22
N THR EB 453 -72.76 46.57 -101.06
CA THR EB 453 -72.98 47.95 -100.66
C THR EB 453 -74.45 48.24 -100.39
N ASN EB 459 -76.68 47.86 -106.10
CA ASN EB 459 -75.59 47.66 -105.15
C ASN EB 459 -74.52 46.76 -105.74
N THR EB 460 -73.28 46.98 -105.32
CA THR EB 460 -72.13 46.28 -105.85
C THR EB 460 -71.44 45.51 -104.72
N GLN EB 461 -70.49 44.66 -105.12
CA GLN EB 461 -69.73 43.90 -104.14
C GLN EB 461 -68.83 44.82 -103.32
N THR EB 462 -68.67 44.46 -102.06
CA THR EB 462 -67.79 45.19 -101.15
C THR EB 462 -67.41 44.24 -100.02
N LEU EB 463 -66.53 44.71 -99.14
CA LEU EB 463 -66.17 43.97 -97.95
C LEU EB 463 -66.28 44.93 -96.77
N GLY EB 464 -67.33 44.78 -95.98
CA GLY EB 464 -67.52 45.55 -94.77
C GLY EB 464 -67.30 44.67 -93.55
N PHE EB 465 -66.55 45.20 -92.59
CA PHE EB 465 -66.19 44.46 -91.40
C PHE EB 465 -66.65 45.25 -90.18
N SER EB 466 -67.24 44.54 -89.22
CA SER EB 466 -67.74 45.14 -88.00
C SER EB 466 -67.17 44.40 -86.81
N GLN EB 467 -67.13 45.08 -85.68
CA GLN EB 467 -66.70 44.47 -84.44
C GLN EB 467 -67.91 43.86 -83.74
N GLY EB 468 -67.78 42.60 -83.34
CA GLY EB 468 -68.81 41.95 -82.57
C GLY EB 468 -69.05 42.67 -81.26
N GLY EB 469 -70.31 42.92 -80.92
CA GLY EB 469 -70.63 43.66 -79.72
C GLY EB 469 -71.86 43.11 -79.04
N PRO EB 470 -72.40 43.88 -78.09
CA PRO EB 470 -73.57 43.42 -77.35
C PRO EB 470 -74.78 43.14 -78.23
N ASN EB 471 -74.91 43.82 -79.36
CA ASN EB 471 -76.08 43.64 -80.22
C ASN EB 471 -75.86 42.58 -81.29
N THR EB 472 -74.66 42.47 -81.83
CA THR EB 472 -74.33 41.43 -82.81
C THR EB 472 -73.67 40.24 -82.13
N MET EB 473 -74.39 39.69 -81.15
CA MET EB 473 -73.81 38.66 -80.30
C MET EB 473 -73.69 37.33 -81.03
N ALA EB 474 -74.55 37.10 -82.02
CA ALA EB 474 -74.43 35.90 -82.85
C ALA EB 474 -73.19 35.94 -83.75
N ASN EB 475 -72.68 37.13 -84.07
CA ASN EB 475 -71.53 37.27 -84.95
C ASN EB 475 -70.20 37.27 -84.21
N GLN EB 476 -70.21 37.32 -82.89
CA GLN EB 476 -68.98 37.47 -82.13
C GLN EB 476 -68.08 36.24 -82.30
N ALA EB 477 -66.77 36.50 -82.32
CA ALA EB 477 -65.81 35.41 -82.29
C ALA EB 477 -65.93 34.67 -80.96
N LYS EB 478 -65.90 33.35 -81.03
CA LYS EB 478 -66.09 32.51 -79.86
C LYS EB 478 -65.05 31.40 -79.85
N ASN EB 479 -64.76 30.90 -78.65
CA ASN EB 479 -63.71 29.92 -78.47
C ASN EB 479 -64.18 28.48 -78.54
N TRP EB 480 -65.48 28.23 -78.45
CA TRP EB 480 -65.96 26.88 -78.25
C TRP EB 480 -67.15 26.59 -79.15
N LEU EB 481 -67.39 25.32 -79.39
CA LEU EB 481 -68.48 24.83 -80.21
C LEU EB 481 -69.37 23.91 -79.39
N PRO EB 482 -70.66 23.84 -79.73
CA PRO EB 482 -71.54 22.90 -79.04
C PRO EB 482 -71.14 21.47 -79.34
N GLY EB 483 -71.49 20.58 -78.42
CA GLY EB 483 -71.16 19.18 -78.54
C GLY EB 483 -71.67 18.54 -79.82
N PRO EB 484 -71.28 17.30 -80.03
CA PRO EB 484 -71.60 16.64 -81.30
C PRO EB 484 -73.09 16.35 -81.42
N CYS EB 485 -73.52 16.17 -82.66
CA CYS EB 485 -74.93 16.01 -83.00
C CYS EB 485 -75.13 14.76 -83.84
N TYR EB 486 -76.20 14.03 -83.56
CA TYR EB 486 -76.65 12.89 -84.38
C TYR EB 486 -78.18 13.02 -84.44
N ARG EB 487 -78.66 13.76 -85.43
CA ARG EB 487 -80.00 14.30 -85.38
C ARG EB 487 -81.07 13.21 -85.30
N GLN EB 488 -82.04 13.43 -84.42
CA GLN EB 488 -83.17 12.54 -84.23
C GLN EB 488 -84.43 13.19 -84.76
N GLN EB 489 -85.39 12.36 -85.15
CA GLN EB 489 -86.68 12.86 -85.58
C GLN EB 489 -87.45 13.41 -84.40
N ARG EB 490 -88.18 14.51 -84.62
CA ARG EB 490 -88.93 15.16 -83.58
C ARG EB 490 -90.34 14.57 -83.50
N VAL EB 491 -90.76 14.22 -82.30
CA VAL EB 491 -92.10 13.70 -82.04
C VAL EB 491 -92.77 14.60 -81.01
N SER EB 492 -94.02 14.95 -81.27
CA SER EB 492 -94.78 15.78 -80.35
C SER EB 492 -95.65 14.90 -79.47
N THR EB 493 -95.66 15.20 -78.17
CA THR EB 493 -96.59 14.52 -77.28
C THR EB 493 -98.03 14.88 -77.57
N THR EB 494 -98.26 16.02 -78.22
CA THR EB 494 -99.56 16.34 -78.81
C THR EB 494 -99.65 15.61 -80.14
N THR EB 495 -100.34 14.46 -80.14
CA THR EB 495 -100.27 13.56 -81.28
C THR EB 495 -100.80 14.19 -82.55
N GLY EB 496 -101.75 15.12 -82.45
CA GLY EB 496 -102.27 15.78 -83.62
C GLY EB 496 -101.23 16.56 -84.40
N GLN EB 497 -100.14 16.96 -83.76
CA GLN EB 497 -99.06 17.66 -84.43
C GLN EB 497 -98.09 16.71 -85.13
N ASN EB 498 -98.24 15.41 -84.95
CA ASN EB 498 -97.36 14.45 -85.59
C ASN EB 498 -97.88 14.03 -86.95
N ASN EB 499 -96.98 13.58 -87.79
CA ASN EB 499 -97.37 13.03 -89.08
C ASN EB 499 -98.22 11.79 -88.90
N ASN EB 500 -99.27 11.68 -89.71
CA ASN EB 500 -100.17 10.52 -89.62
C ASN EB 500 -99.56 9.35 -90.36
N SER EB 501 -98.55 8.76 -89.73
CA SER EB 501 -97.87 7.58 -90.25
C SER EB 501 -97.16 6.89 -89.09
N ASN EB 502 -96.81 5.64 -89.32
CA ASN EB 502 -96.07 4.85 -88.34
C ASN EB 502 -94.58 4.97 -88.68
N PHE EB 503 -93.92 5.94 -88.07
CA PHE EB 503 -92.54 6.26 -88.41
C PHE EB 503 -91.58 6.05 -87.25
N ALA EB 504 -91.98 5.34 -86.21
CA ALA EB 504 -91.10 5.15 -85.07
C ALA EB 504 -89.82 4.42 -85.47
N TRP EB 505 -89.94 3.42 -86.35
CA TRP EB 505 -88.78 2.69 -86.85
C TRP EB 505 -88.27 3.24 -88.17
N THR EB 506 -89.17 3.52 -89.12
CA THR EB 506 -88.73 3.97 -90.43
C THR EB 506 -88.01 5.30 -90.36
N ALA EB 507 -88.50 6.23 -89.55
CA ALA EB 507 -87.84 7.50 -89.34
C ALA EB 507 -86.92 7.49 -88.13
N GLY EB 508 -86.75 6.34 -87.50
CA GLY EB 508 -85.88 6.27 -86.34
C GLY EB 508 -84.43 6.56 -86.69
N THR EB 509 -83.74 7.17 -85.74
CA THR EB 509 -82.32 7.46 -85.90
C THR EB 509 -81.53 6.22 -85.53
N LYS EB 510 -80.78 5.69 -86.49
CA LYS EB 510 -80.21 4.37 -86.37
C LYS EB 510 -78.72 4.40 -86.66
N TYR EB 511 -78.03 3.37 -86.18
CA TYR EB 511 -76.69 3.06 -86.65
C TYR EB 511 -76.71 1.71 -87.35
N HIS EB 512 -75.72 1.51 -88.22
CA HIS EB 512 -75.62 0.33 -89.04
C HIS EB 512 -74.38 -0.45 -88.62
N LEU EB 513 -74.57 -1.72 -88.29
CA LEU EB 513 -73.46 -2.55 -87.83
C LEU EB 513 -73.63 -3.94 -88.39
N ASN EB 514 -72.69 -4.36 -89.24
CA ASN EB 514 -72.68 -5.69 -89.84
C ASN EB 514 -74.00 -6.00 -90.52
N GLY EB 515 -74.46 -5.06 -91.34
CA GLY EB 515 -75.71 -5.23 -92.05
C GLY EB 515 -76.95 -5.24 -91.20
N ARG EB 516 -76.83 -4.88 -89.92
CA ARG EB 516 -77.95 -4.86 -88.99
C ARG EB 516 -78.20 -3.41 -88.58
N ASN EB 517 -79.46 -3.01 -88.61
CA ASN EB 517 -79.86 -1.68 -88.19
C ASN EB 517 -80.35 -1.72 -86.76
N SER EB 518 -79.80 -0.84 -85.93
CA SER EB 518 -80.20 -0.71 -84.55
C SER EB 518 -80.46 0.77 -84.26
N LEU EB 519 -81.49 1.05 -83.48
CA LEU EB 519 -81.77 2.42 -83.10
C LEU EB 519 -80.60 2.99 -82.30
N ALA EB 520 -80.24 4.23 -82.61
CA ALA EB 520 -79.29 4.98 -81.79
C ALA EB 520 -80.07 5.50 -80.59
N ASN EB 521 -80.34 4.59 -79.66
CA ASN EB 521 -81.31 4.82 -78.59
C ASN EB 521 -80.63 4.64 -77.24
N PRO EB 522 -80.52 5.69 -76.41
CA PRO EB 522 -81.02 7.03 -76.71
C PRO EB 522 -80.05 7.87 -77.52
N GLY EB 523 -78.93 7.28 -77.90
CA GLY EB 523 -77.94 8.00 -78.67
C GLY EB 523 -77.12 8.94 -77.81
N ILE EB 524 -76.39 9.82 -78.49
CA ILE EB 524 -75.50 10.76 -77.81
C ILE EB 524 -76.33 11.77 -77.04
N ALA EB 525 -75.73 12.33 -75.99
CA ALA EB 525 -76.41 13.29 -75.14
C ALA EB 525 -76.68 14.57 -75.91
N MET EB 526 -77.93 14.82 -76.23
CA MET EB 526 -78.36 16.06 -76.84
C MET EB 526 -79.57 16.58 -76.09
N ALA EB 527 -79.76 17.90 -76.13
CA ALA EB 527 -80.91 18.51 -75.49
C ALA EB 527 -82.20 17.97 -76.11
N THR EB 528 -83.14 17.59 -75.24
CA THR EB 528 -84.38 16.99 -75.72
C THR EB 528 -85.15 17.94 -76.61
N HIS EB 529 -85.19 19.22 -76.25
CA HIS EB 529 -85.93 20.22 -77.00
C HIS EB 529 -85.31 21.57 -76.69
N LYS EB 530 -85.68 22.56 -77.49
CA LYS EB 530 -85.23 23.91 -77.24
C LYS EB 530 -86.26 24.63 -76.35
N ASP EB 531 -86.10 25.93 -76.20
CA ASP EB 531 -86.96 26.71 -75.32
C ASP EB 531 -88.42 26.63 -75.77
N ASP EB 532 -89.31 26.46 -74.81
CA ASP EB 532 -90.76 26.48 -75.03
C ASP EB 532 -91.23 25.39 -75.98
N GLU EB 533 -90.54 24.26 -76.00
CA GLU EB 533 -90.92 23.13 -76.84
C GLU EB 533 -90.89 21.83 -76.05
N GLU EB 534 -91.40 21.87 -74.82
CA GLU EB 534 -91.37 20.70 -73.95
C GLU EB 534 -92.17 19.54 -74.53
N ARG EB 535 -93.16 19.82 -75.36
CA ARG EB 535 -93.98 18.77 -75.96
C ARG EB 535 -93.21 17.94 -76.98
N PHE EB 536 -92.06 18.40 -77.43
CA PHE EB 536 -91.27 17.70 -78.45
C PHE EB 536 -90.19 16.87 -77.79
N PHE EB 537 -89.96 15.68 -78.33
CA PHE EB 537 -88.87 14.84 -77.89
C PHE EB 537 -88.30 14.10 -79.08
N PRO EB 538 -87.01 13.79 -79.06
CA PRO EB 538 -86.44 12.92 -80.10
C PRO EB 538 -87.07 11.54 -80.05
N SER EB 539 -87.31 10.97 -81.23
CA SER EB 539 -88.10 9.75 -81.32
C SER EB 539 -87.48 8.60 -80.54
N ASN EB 540 -86.16 8.45 -80.61
CA ASN EB 540 -85.46 7.46 -79.81
C ASN EB 540 -84.21 8.10 -79.19
N GLY EB 541 -84.38 9.29 -78.62
CA GLY EB 541 -83.26 10.02 -78.08
C GLY EB 541 -83.38 10.37 -76.62
N ILE EB 542 -84.32 9.77 -75.91
CA ILE EB 542 -84.50 10.01 -74.48
C ILE EB 542 -84.74 8.68 -73.78
N LEU EB 543 -84.44 8.67 -72.48
CA LEU EB 543 -84.83 7.55 -71.65
C LEU EB 543 -86.32 7.66 -71.33
N ILE EB 544 -87.05 6.58 -71.54
CA ILE EB 544 -88.47 6.52 -71.26
C ILE EB 544 -88.70 5.45 -70.21
N PHE EB 545 -89.14 5.86 -69.04
CA PHE EB 545 -89.48 4.94 -67.97
C PHE EB 545 -90.98 4.69 -67.95
N GLY EB 546 -91.37 3.49 -67.60
CA GLY EB 546 -92.77 3.15 -67.48
C GLY EB 546 -93.29 3.46 -66.09
N LYS EB 547 -94.51 3.97 -66.04
CA LYS EB 547 -95.20 4.08 -64.76
C LYS EB 547 -95.53 2.70 -64.24
N GLN EB 548 -95.91 2.63 -62.97
CA GLN EB 548 -96.25 1.35 -62.39
C GLN EB 548 -97.41 0.72 -63.14
N ASN EB 549 -97.28 -0.58 -63.42
CA ASN EB 549 -98.29 -1.36 -64.16
C ASN EB 549 -98.44 -0.89 -65.60
N ALA EB 550 -97.41 -0.26 -66.16
CA ALA EB 550 -97.43 0.06 -67.59
C ALA EB 550 -97.27 -1.22 -68.40
N ALA EB 551 -97.98 -1.29 -69.53
CA ALA EB 551 -97.91 -2.46 -70.38
C ALA EB 551 -96.52 -2.62 -70.97
N ARG EB 552 -96.10 -3.87 -71.15
CA ARG EB 552 -94.82 -4.14 -71.79
C ARG EB 552 -94.80 -3.65 -73.23
N ASP EB 553 -95.87 -3.88 -73.97
CA ASP EB 553 -95.96 -3.50 -75.37
C ASP EB 553 -97.07 -2.47 -75.57
N ASN EB 554 -96.77 -1.44 -76.36
CA ASN EB 554 -97.74 -0.43 -76.76
C ASN EB 554 -98.40 0.22 -75.56
N ALA EB 555 -97.58 0.61 -74.58
CA ALA EB 555 -98.07 1.43 -73.49
C ALA EB 555 -98.39 2.83 -74.01
N ASP EB 556 -99.50 3.38 -73.53
CA ASP EB 556 -99.88 4.73 -73.95
C ASP EB 556 -98.92 5.75 -73.35
N TYR EB 557 -98.95 6.96 -73.92
CA TYR EB 557 -98.09 8.02 -73.42
C TYR EB 557 -98.37 8.33 -71.95
N SER EB 558 -99.62 8.15 -71.52
CA SER EB 558 -99.96 8.39 -70.12
C SER EB 558 -99.38 7.32 -69.21
N ASP EB 559 -98.98 6.18 -69.74
CA ASP EB 559 -98.40 5.10 -68.93
C ASP EB 559 -96.89 5.13 -68.86
N VAL EB 560 -96.24 6.08 -69.53
CA VAL EB 560 -94.79 6.14 -69.54
C VAL EB 560 -94.35 7.50 -69.02
N MET EB 561 -93.08 7.58 -68.65
CA MET EB 561 -92.50 8.78 -68.06
C MET EB 561 -91.34 9.20 -68.97
N LEU EB 562 -91.54 10.24 -69.77
CA LEU EB 562 -90.49 10.74 -70.64
C LEU EB 562 -89.50 11.56 -69.83
N THR EB 563 -88.22 11.26 -69.99
CA THR EB 563 -87.20 12.13 -69.42
C THR EB 563 -86.93 13.30 -70.38
N SER EB 564 -86.28 14.32 -69.85
CA SER EB 564 -85.92 15.48 -70.66
C SER EB 564 -84.51 15.90 -70.32
N GLU EB 565 -83.68 16.04 -71.36
CA GLU EB 565 -82.31 16.56 -71.21
C GLU EB 565 -82.23 18.03 -71.59
N GLU EB 566 -83.27 18.80 -71.30
CA GLU EB 566 -83.27 20.22 -71.65
C GLU EB 566 -82.22 21.01 -70.88
N GLU EB 567 -81.71 20.48 -69.76
CA GLU EB 567 -80.70 21.20 -69.00
C GLU EB 567 -79.40 21.38 -69.78
N ILE EB 568 -79.14 20.54 -70.77
CA ILE EB 568 -77.92 20.61 -71.55
C ILE EB 568 -78.10 21.41 -72.83
N LYS EB 569 -79.21 22.15 -72.95
CA LYS EB 569 -79.37 23.09 -74.07
C LYS EB 569 -78.22 24.07 -74.14
N THR EB 570 -77.64 24.41 -72.99
CA THR EB 570 -76.61 25.43 -72.93
C THR EB 570 -75.33 25.01 -73.64
N THR EB 571 -75.10 23.72 -73.73
CA THR EB 571 -73.86 23.22 -74.32
C THR EB 571 -74.09 22.22 -75.43
N ASN EB 572 -75.12 21.38 -75.31
CA ASN EB 572 -75.36 20.37 -76.33
C ASN EB 572 -76.41 20.85 -77.32
N PRO EB 573 -76.26 20.52 -78.59
CA PRO EB 573 -77.30 20.88 -79.57
C PRO EB 573 -78.58 20.12 -79.29
N VAL EB 574 -79.69 20.72 -79.70
CA VAL EB 574 -81.00 20.07 -79.54
C VAL EB 574 -81.04 18.82 -80.40
N ALA EB 575 -81.56 17.74 -79.82
CA ALA EB 575 -81.50 16.43 -80.47
C ALA EB 575 -82.23 16.42 -81.81
N THR EB 576 -83.27 17.24 -81.95
CA THR EB 576 -84.11 17.23 -83.13
C THR EB 576 -83.77 18.34 -84.11
N GLU EB 577 -82.71 19.09 -83.86
CA GLU EB 577 -82.31 20.19 -84.71
C GLU EB 577 -80.96 19.87 -85.35
N GLU EB 578 -80.65 20.58 -86.41
CA GLU EB 578 -79.36 20.45 -87.05
C GLU EB 578 -78.26 21.03 -86.17
N TYR EB 579 -77.05 20.49 -86.32
CA TYR EB 579 -75.92 21.03 -85.58
C TYR EB 579 -75.61 22.45 -86.01
N GLY EB 580 -75.65 22.72 -87.31
CA GLY EB 580 -75.29 24.02 -87.80
C GLY EB 580 -75.34 24.05 -89.30
N ILE EB 581 -74.66 25.04 -89.86
CA ILE EB 581 -74.68 25.30 -91.29
C ILE EB 581 -73.23 25.39 -91.78
N VAL EB 582 -72.94 24.70 -92.88
CA VAL EB 582 -71.63 24.79 -93.51
C VAL EB 582 -71.82 25.17 -94.97
N ALA EB 583 -70.76 25.72 -95.56
CA ALA EB 583 -70.77 26.03 -96.98
C ALA EB 583 -70.78 24.75 -97.80
N ASP EB 584 -71.55 24.76 -98.89
CA ASP EB 584 -71.65 23.61 -99.76
C ASP EB 584 -70.97 23.81 -101.11
N ASN EB 585 -70.46 25.01 -101.40
CA ASN EB 585 -69.85 25.29 -102.68
C ASN EB 585 -68.85 26.43 -102.50
N LEU EB 586 -68.32 26.92 -103.62
CA LEU EB 586 -67.46 28.09 -103.65
C LEU EB 586 -68.21 29.17 -104.40
N GLN EB 587 -68.64 30.21 -103.69
CA GLN EB 587 -69.35 31.31 -104.33
C GLN EB 587 -68.42 32.08 -105.24
N GLN EB 588 -68.95 32.48 -106.39
CA GLN EB 588 -68.28 33.37 -107.33
C GLN EB 588 -69.26 34.45 -107.74
N GLN EB 589 -68.81 35.37 -108.60
CA GLN EB 589 -69.69 36.41 -109.09
C GLN EB 589 -70.86 35.84 -109.88
N ASN EB 590 -70.74 34.60 -110.37
CA ASN EB 590 -71.82 33.97 -111.11
C ASN EB 590 -72.54 32.88 -110.35
N THR EB 591 -71.98 32.38 -109.24
CA THR EB 591 -72.60 31.32 -108.46
C THR EB 591 -72.87 31.83 -107.06
N ALA EB 592 -74.14 31.87 -106.67
CA ALA EB 592 -74.49 32.29 -105.33
C ALA EB 592 -74.02 31.25 -104.31
N PRO EB 593 -73.62 31.70 -103.12
CA PRO EB 593 -73.18 30.74 -102.10
C PRO EB 593 -74.31 29.80 -101.70
N GLN EB 594 -73.97 28.54 -101.50
CA GLN EB 594 -74.90 27.53 -101.07
C GLN EB 594 -74.49 27.01 -99.70
N ILE EB 595 -75.49 26.67 -98.89
CA ILE EB 595 -75.25 26.23 -97.52
C ILE EB 595 -75.74 24.81 -97.36
N GLY EB 596 -75.04 24.05 -96.55
CA GLY EB 596 -75.41 22.69 -96.22
C GLY EB 596 -75.82 22.61 -94.76
N THR EB 597 -76.88 21.86 -94.49
CA THR EB 597 -77.37 21.67 -93.13
C THR EB 597 -76.68 20.45 -92.53
N VAL EB 598 -75.99 20.66 -91.41
CA VAL EB 598 -75.25 19.60 -90.75
C VAL EB 598 -76.19 18.89 -89.79
N ASN EB 599 -76.66 17.71 -90.19
CA ASN EB 599 -77.53 16.90 -89.35
C ASN EB 599 -76.78 15.86 -88.54
N SER EB 600 -75.49 15.70 -88.77
CA SER EB 600 -74.66 14.79 -87.99
C SER EB 600 -73.27 15.38 -87.93
N GLN EB 601 -72.79 15.64 -86.73
CA GLN EB 601 -71.49 16.27 -86.55
C GLN EB 601 -70.70 15.48 -85.52
N GLY EB 602 -69.58 14.91 -85.96
CA GLY EB 602 -68.66 14.28 -85.07
C GLY EB 602 -67.82 15.29 -84.32
N ALA EB 603 -66.89 14.77 -83.52
CA ALA EB 603 -66.10 15.63 -82.65
C ALA EB 603 -65.28 16.63 -83.44
N LEU EB 604 -65.37 17.89 -83.06
CA LEU EB 604 -64.54 18.95 -83.59
C LEU EB 604 -63.72 19.57 -82.46
N PRO EB 605 -62.52 20.06 -82.74
CA PRO EB 605 -61.74 20.73 -81.70
C PRO EB 605 -62.47 21.95 -81.18
N GLY EB 606 -62.35 22.18 -79.88
CA GLY EB 606 -63.07 23.24 -79.23
C GLY EB 606 -64.50 22.90 -78.88
N MET EB 607 -64.95 21.69 -79.15
CA MET EB 607 -66.31 21.29 -78.83
C MET EB 607 -66.39 20.88 -77.37
N VAL EB 608 -67.47 21.31 -76.71
CA VAL EB 608 -67.74 20.92 -75.33
C VAL EB 608 -69.18 20.43 -75.26
N TRP EB 609 -69.42 19.51 -74.34
CA TRP EB 609 -70.76 18.93 -74.20
C TRP EB 609 -70.93 18.38 -72.81
N GLN EB 610 -72.19 18.14 -72.46
CA GLN EB 610 -72.56 17.47 -71.23
C GLN EB 610 -73.04 16.07 -71.54
N ASN EB 611 -72.85 15.17 -70.57
CA ASN EB 611 -73.38 13.82 -70.70
C ASN EB 611 -74.88 13.83 -70.41
N ARG EB 612 -75.52 12.70 -70.72
CA ARG EB 612 -76.91 12.52 -70.34
C ARG EB 612 -77.03 12.49 -68.82
N ASP EB 613 -78.13 13.03 -68.32
CA ASP EB 613 -78.40 12.99 -66.90
C ASP EB 613 -78.65 11.57 -66.43
N VAL EB 614 -78.35 11.32 -65.17
CA VAL EB 614 -78.75 10.08 -64.52
C VAL EB 614 -80.06 10.31 -63.80
N TYR EB 615 -80.77 9.22 -63.56
CA TYR EB 615 -82.10 9.30 -62.96
C TYR EB 615 -82.18 8.31 -61.81
N LEU EB 616 -83.07 8.60 -60.87
CA LEU EB 616 -83.30 7.70 -59.74
C LEU EB 616 -83.67 6.31 -60.24
N GLN EB 617 -84.47 6.23 -61.29
CA GLN EB 617 -84.84 4.96 -61.90
C GLN EB 617 -83.85 4.48 -62.93
N GLY EB 618 -82.85 5.28 -63.29
CA GLY EB 618 -81.97 4.96 -64.38
C GLY EB 618 -80.78 4.11 -63.99
N PRO EB 619 -80.00 3.70 -64.99
CA PRO EB 619 -78.81 2.91 -64.71
C PRO EB 619 -77.71 3.73 -64.05
N ILE EB 620 -76.84 3.04 -63.34
CA ILE EB 620 -75.70 3.67 -62.66
C ILE EB 620 -74.44 3.58 -63.48
N TRP EB 621 -74.09 2.39 -63.95
CA TRP EB 621 -72.83 2.18 -64.65
C TRP EB 621 -73.05 1.29 -65.85
N ALA EB 622 -72.08 1.34 -66.76
CA ALA EB 622 -71.99 0.38 -67.84
C ALA EB 622 -70.53 -0.01 -67.99
N LYS EB 623 -70.31 -1.23 -68.47
CA LYS EB 623 -68.97 -1.67 -68.78
C LYS EB 623 -68.53 -1.04 -70.10
N ILE EB 624 -67.40 -0.36 -70.08
CA ILE EB 624 -66.80 0.14 -71.32
C ILE EB 624 -66.33 -1.07 -72.10
N PRO EB 625 -66.78 -1.25 -73.33
CA PRO EB 625 -66.33 -2.42 -74.12
C PRO EB 625 -64.82 -2.41 -74.27
N HIS EB 626 -64.23 -3.59 -74.19
CA HIS EB 626 -62.78 -3.73 -74.33
C HIS EB 626 -62.43 -3.61 -75.80
N THR EB 627 -62.07 -2.41 -76.23
CA THR EB 627 -61.75 -2.13 -77.62
C THR EB 627 -60.45 -1.35 -77.69
N ASP EB 628 -59.89 -1.28 -78.89
CA ASP EB 628 -58.68 -0.49 -79.11
C ASP EB 628 -58.94 0.98 -78.85
N GLY EB 629 -60.06 1.50 -79.32
CA GLY EB 629 -60.35 2.90 -79.19
C GLY EB 629 -61.77 3.13 -78.77
N ASN EB 630 -61.96 4.17 -77.98
CA ASN EB 630 -63.28 4.70 -77.69
C ASN EB 630 -63.16 6.21 -77.61
N PHE EB 631 -64.28 6.89 -77.82
CA PHE EB 631 -64.33 8.33 -77.69
C PHE EB 631 -65.33 8.68 -76.60
N HIS EB 632 -64.85 9.37 -75.57
CA HIS EB 632 -65.64 9.77 -74.42
C HIS EB 632 -66.49 8.60 -73.93
N PRO EB 633 -65.87 7.60 -73.32
CA PRO EB 633 -66.61 6.37 -73.00
C PRO EB 633 -67.59 6.54 -71.84
N SER EB 634 -68.47 7.50 -71.97
CA SER EB 634 -69.58 7.65 -71.03
C SER EB 634 -70.80 6.94 -71.60
N PRO EB 635 -71.42 6.05 -70.83
CA PRO EB 635 -72.53 5.26 -71.38
C PRO EB 635 -73.65 6.15 -71.86
N LEU EB 636 -74.26 5.78 -72.99
CA LEU EB 636 -75.20 6.67 -73.64
C LEU EB 636 -76.53 6.76 -72.90
N MET EB 637 -76.98 5.68 -72.26
CA MET EB 637 -78.17 5.80 -71.43
C MET EB 637 -77.85 6.42 -70.07
N GLY EB 638 -76.67 6.98 -69.89
CA GLY EB 638 -76.33 7.70 -68.70
C GLY EB 638 -75.60 6.83 -67.69
N GLY EB 639 -74.83 7.49 -66.84
CA GLY EB 639 -74.12 6.83 -65.78
C GLY EB 639 -72.63 6.88 -65.96
N PHE EB 640 -71.97 5.96 -65.27
CA PHE EB 640 -70.51 5.93 -65.19
C PHE EB 640 -69.99 4.81 -66.08
N GLY EB 641 -69.11 5.16 -67.00
CA GLY EB 641 -68.44 4.15 -67.81
C GLY EB 641 -67.25 3.59 -67.06
N LEU EB 642 -67.22 2.29 -66.87
CA LEU EB 642 -66.16 1.64 -66.11
C LEU EB 642 -65.49 0.57 -66.96
N LYS EB 643 -64.16 0.62 -67.02
CA LYS EB 643 -63.43 -0.47 -67.65
C LYS EB 643 -63.61 -1.77 -66.87
N HIS EB 644 -63.63 -1.67 -65.54
CA HIS EB 644 -63.82 -2.81 -64.65
C HIS EB 644 -65.00 -2.51 -63.74
N PRO EB 645 -66.22 -2.71 -64.23
CA PRO EB 645 -67.40 -2.39 -63.46
C PRO EB 645 -67.58 -3.35 -62.31
N PRO EB 646 -68.57 -3.14 -61.45
CA PRO EB 646 -68.91 -4.14 -60.45
C PRO EB 646 -69.14 -5.49 -61.12
N PRO EB 647 -68.48 -6.54 -60.64
CA PRO EB 647 -68.55 -7.83 -61.33
C PRO EB 647 -69.95 -8.40 -61.28
N GLN EB 648 -70.27 -9.17 -62.33
CA GLN EB 648 -71.53 -9.91 -62.31
C GLN EB 648 -71.50 -10.94 -61.20
N ILE EB 649 -72.59 -11.01 -60.44
CA ILE EB 649 -72.73 -11.97 -59.36
C ILE EB 649 -73.71 -13.03 -59.84
N LEU EB 650 -73.22 -14.22 -60.11
CA LEU EB 650 -74.01 -15.30 -60.66
C LEU EB 650 -74.42 -16.23 -59.53
N ILE EB 651 -75.69 -16.62 -59.53
CA ILE EB 651 -76.24 -17.46 -58.47
C ILE EB 651 -77.08 -18.55 -59.13
N LYS EB 652 -76.99 -19.76 -58.57
CA LYS EB 652 -77.73 -20.88 -59.11
C LYS EB 652 -78.07 -21.84 -57.98
N ASN EB 653 -79.25 -22.43 -58.04
CA ASN EB 653 -79.57 -23.55 -57.19
C ASN EB 653 -78.82 -24.78 -57.68
N THR EB 654 -78.05 -25.39 -56.80
CA THR EB 654 -77.34 -26.60 -57.17
C THR EB 654 -78.36 -27.70 -57.47
N PRO EB 655 -78.29 -28.34 -58.62
CA PRO EB 655 -79.25 -29.39 -58.94
C PRO EB 655 -79.18 -30.52 -57.93
N VAL EB 656 -80.34 -30.96 -57.47
CA VAL EB 656 -80.45 -32.09 -56.56
C VAL EB 656 -81.20 -33.20 -57.31
N PRO EB 657 -80.53 -34.25 -57.75
CA PRO EB 657 -81.21 -35.30 -58.51
C PRO EB 657 -82.30 -35.96 -57.69
N ALA EB 658 -83.37 -36.34 -58.37
CA ALA EB 658 -84.32 -37.27 -57.79
C ALA EB 658 -83.67 -38.65 -57.72
N ASP EB 659 -84.42 -39.63 -57.27
CA ASP EB 659 -83.84 -40.96 -57.08
C ASP EB 659 -83.39 -41.52 -58.42
N PRO EB 660 -82.11 -41.85 -58.59
CA PRO EB 660 -81.65 -42.44 -59.83
C PRO EB 660 -82.10 -43.88 -59.93
N PRO EB 661 -82.06 -44.47 -61.12
CA PRO EB 661 -82.39 -45.89 -61.24
C PRO EB 661 -81.38 -46.75 -60.49
N THR EB 662 -81.80 -47.95 -60.13
CA THR EB 662 -80.93 -48.85 -59.39
C THR EB 662 -79.99 -49.63 -60.29
N THR EB 663 -80.11 -49.48 -61.61
CA THR EB 663 -79.16 -50.02 -62.56
C THR EB 663 -78.48 -48.85 -63.27
N PHE EB 664 -77.18 -48.97 -63.51
CA PHE EB 664 -76.42 -47.84 -64.01
C PHE EB 664 -76.89 -47.43 -65.40
N ASN EB 665 -77.03 -46.13 -65.59
CA ASN EB 665 -77.31 -45.53 -66.88
C ASN EB 665 -76.32 -44.40 -67.10
N GLN EB 666 -75.64 -44.43 -68.25
CA GLN EB 666 -74.64 -43.42 -68.53
C GLN EB 666 -75.24 -42.06 -68.86
N SER EB 667 -76.52 -42.01 -69.21
CA SER EB 667 -77.14 -40.77 -69.61
C SER EB 667 -77.18 -39.79 -68.46
N LYS EB 668 -77.03 -38.51 -68.79
CA LYS EB 668 -77.11 -37.47 -67.76
C LYS EB 668 -78.48 -37.50 -67.11
N LEU EB 669 -78.50 -37.24 -65.80
CA LEU EB 669 -79.75 -37.26 -65.07
C LEU EB 669 -80.60 -36.06 -65.46
N ASN EB 670 -81.88 -36.31 -65.74
CA ASN EB 670 -82.81 -35.25 -66.04
C ASN EB 670 -83.96 -35.18 -65.04
N SER EB 671 -83.99 -36.06 -64.06
CA SER EB 671 -85.01 -36.05 -63.02
C SER EB 671 -84.42 -35.37 -61.79
N PHE EB 672 -84.92 -34.19 -61.47
CA PHE EB 672 -84.39 -33.40 -60.38
C PHE EB 672 -85.50 -33.05 -59.41
N ILE EB 673 -85.11 -32.90 -58.15
CA ILE EB 673 -86.02 -32.42 -57.13
C ILE EB 673 -86.35 -30.96 -57.41
N THR EB 674 -87.64 -30.65 -57.48
CA THR EB 674 -88.06 -29.28 -57.74
C THR EB 674 -87.67 -28.40 -56.57
N GLN EB 675 -87.01 -27.29 -56.85
CA GLN EB 675 -86.30 -26.59 -55.80
C GLN EB 675 -86.19 -25.12 -56.15
N TYR EB 676 -86.25 -24.28 -55.13
CA TYR EB 676 -85.96 -22.86 -55.28
C TYR EB 676 -85.32 -22.38 -54.00
N SER EB 677 -84.61 -21.26 -54.10
CA SER EB 677 -83.96 -20.68 -52.95
C SER EB 677 -84.44 -19.26 -52.74
N THR EB 678 -84.40 -18.83 -51.49
CA THR EB 678 -84.69 -17.46 -51.12
C THR EB 678 -83.66 -17.03 -50.09
N GLY EB 679 -83.46 -15.72 -50.01
CA GLY EB 679 -82.51 -15.20 -49.05
C GLY EB 679 -82.55 -13.69 -49.07
N GLN EB 680 -81.59 -13.10 -48.38
CA GLN EB 680 -81.45 -11.66 -48.35
C GLN EB 680 -80.17 -11.28 -49.06
N VAL EB 681 -80.22 -10.15 -49.76
CA VAL EB 681 -79.07 -9.60 -50.44
C VAL EB 681 -78.85 -8.18 -49.92
N SER EB 682 -77.62 -7.88 -49.55
CA SER EB 682 -77.26 -6.54 -49.11
C SER EB 682 -76.20 -5.99 -50.05
N VAL EB 683 -76.42 -4.77 -50.53
CA VAL EB 683 -75.41 -4.06 -51.30
C VAL EB 683 -75.20 -2.71 -50.65
N GLU EB 684 -73.95 -2.40 -50.34
CA GLU EB 684 -73.57 -1.12 -49.75
C GLU EB 684 -72.65 -0.42 -50.72
N ILE EB 685 -73.02 0.79 -51.13
CA ILE EB 685 -72.19 1.60 -52.02
C ILE EB 685 -71.83 2.88 -51.31
N GLU EB 686 -70.55 3.20 -51.29
CA GLU EB 686 -70.08 4.49 -50.82
C GLU EB 686 -69.92 5.41 -52.01
N TRP EB 687 -70.56 6.57 -51.94
CA TRP EB 687 -70.51 7.57 -53.00
C TRP EB 687 -69.74 8.78 -52.50
N GLU EB 688 -68.86 9.31 -53.35
CA GLU EB 688 -68.19 10.56 -53.08
C GLU EB 688 -69.03 11.69 -53.66
N LEU EB 689 -69.14 12.78 -52.91
CA LEU EB 689 -69.94 13.92 -53.29
C LEU EB 689 -69.07 15.10 -53.69
N GLN EB 690 -69.50 15.84 -54.69
CA GLN EB 690 -68.93 17.12 -55.04
C GLN EB 690 -69.86 18.20 -54.51
N LYS EB 691 -69.47 18.84 -53.41
CA LYS EB 691 -70.28 19.89 -52.83
C LYS EB 691 -70.31 21.11 -53.73
N GLU EB 692 -71.48 21.74 -53.83
CA GLU EB 692 -71.60 22.95 -54.63
C GLU EB 692 -70.96 24.11 -53.88
N ASN EB 693 -70.08 24.84 -54.56
CA ASN EB 693 -69.44 26.03 -54.00
C ASN EB 693 -69.80 27.18 -54.92
N SER EB 694 -70.97 27.77 -54.69
CA SER EB 694 -71.58 28.70 -55.62
C SER EB 694 -71.79 30.05 -54.95
N LYS EB 695 -71.52 31.12 -55.70
CA LYS EB 695 -71.76 32.48 -55.24
C LYS EB 695 -73.03 33.06 -55.84
N ARG EB 696 -73.87 32.22 -56.41
CA ARG EB 696 -75.17 32.65 -56.91
C ARG EB 696 -75.97 33.31 -55.79
N TRP EB 697 -76.56 34.45 -56.09
CA TRP EB 697 -77.30 35.19 -55.06
C TRP EB 697 -78.73 34.70 -54.93
N ASN EB 698 -79.43 34.56 -56.05
CA ASN EB 698 -80.83 34.16 -56.02
C ASN EB 698 -80.96 32.68 -55.72
N PRO EB 699 -82.10 32.25 -55.20
CA PRO EB 699 -82.28 30.84 -54.86
C PRO EB 699 -82.21 29.95 -56.09
N GLU EB 700 -81.70 28.73 -55.87
CA GLU EB 700 -81.58 27.75 -56.93
C GLU EB 700 -82.90 27.01 -57.13
N ILE EB 701 -82.99 26.32 -58.26
CA ILE EB 701 -84.08 25.38 -58.48
C ILE EB 701 -83.76 24.11 -57.69
N GLN EB 702 -84.74 23.62 -56.96
CA GLN EB 702 -84.59 22.42 -56.15
C GLN EB 702 -85.70 21.44 -56.50
N TYR EB 703 -85.38 20.15 -56.43
CA TYR EB 703 -86.44 19.17 -56.52
C TYR EB 703 -87.26 19.20 -55.24
N THR EB 704 -88.57 19.32 -55.38
CA THR EB 704 -89.45 19.38 -54.22
C THR EB 704 -90.68 18.55 -54.51
N SER EB 705 -91.25 17.97 -53.45
CA SER EB 705 -92.56 17.37 -53.56
C SER EB 705 -93.61 18.46 -53.66
N ASN EB 706 -94.72 18.13 -54.33
CA ASN EB 706 -95.81 19.08 -54.44
C ASN EB 706 -96.47 19.29 -53.09
N TYR EB 707 -96.73 20.56 -52.76
CA TYR EB 707 -97.33 20.88 -51.48
C TYR EB 707 -98.83 20.56 -51.44
N TYR EB 708 -99.49 20.62 -52.60
CA TYR EB 708 -100.94 20.49 -52.65
C TYR EB 708 -101.37 19.07 -52.32
N LYS EB 709 -102.60 18.94 -51.83
CA LYS EB 709 -103.11 17.65 -51.40
C LYS EB 709 -103.28 16.69 -52.57
N SER EB 710 -103.25 15.39 -52.27
CA SER EB 710 -103.40 14.38 -53.29
C SER EB 710 -103.94 13.11 -52.65
N THR EB 711 -104.45 12.22 -53.51
CA THR EB 711 -105.02 10.97 -53.02
C THR EB 711 -103.96 10.11 -52.34
N SER EB 712 -102.75 10.11 -52.87
CA SER EB 712 -101.67 9.30 -52.32
C SER EB 712 -100.40 10.13 -52.25
N VAL EB 713 -99.50 9.71 -51.38
CA VAL EB 713 -98.18 10.33 -51.28
C VAL EB 713 -97.32 9.86 -52.44
N ASP EB 714 -96.66 10.79 -53.11
CA ASP EB 714 -95.73 10.45 -54.17
C ASP EB 714 -94.55 9.66 -53.60
N PHE EB 715 -94.11 8.65 -54.34
CA PHE EB 715 -93.06 7.74 -53.90
C PHE EB 715 -93.44 7.06 -52.58
N ALA EB 716 -94.66 6.55 -52.54
CA ALA EB 716 -95.15 5.77 -51.42
C ALA EB 716 -96.00 4.64 -51.98
N VAL EB 717 -96.60 3.89 -51.10
CA VAL EB 717 -97.48 2.80 -51.50
C VAL EB 717 -98.90 3.33 -51.58
N ASN EB 718 -99.71 2.69 -52.40
CA ASN EB 718 -101.12 3.02 -52.48
C ASN EB 718 -101.89 2.15 -51.48
N THR EB 719 -103.22 2.14 -51.59
CA THR EB 719 -104.04 1.35 -50.68
C THR EB 719 -103.85 -0.15 -50.86
N GLU EB 720 -103.30 -0.58 -52.00
CA GLU EB 720 -103.09 -1.99 -52.28
C GLU EB 720 -101.67 -2.45 -51.97
N GLY EB 721 -100.83 -1.57 -51.43
CA GLY EB 721 -99.47 -1.93 -51.11
C GLY EB 721 -98.50 -1.82 -52.25
N VAL EB 722 -98.90 -1.24 -53.38
CA VAL EB 722 -98.04 -1.13 -54.55
C VAL EB 722 -97.22 0.15 -54.44
N TYR EB 723 -95.91 -0.01 -54.40
CA TYR EB 723 -95.02 1.14 -54.46
C TYR EB 723 -94.89 1.62 -55.90
N SER EB 724 -94.97 2.92 -56.09
CA SER EB 724 -94.87 3.49 -57.42
C SER EB 724 -93.95 4.70 -57.40
N GLU EB 725 -93.23 4.90 -58.50
CA GLU EB 725 -92.46 6.10 -58.69
C GLU EB 725 -93.19 6.98 -59.69
N PRO EB 726 -93.77 8.11 -59.26
CA PRO EB 726 -94.69 8.84 -60.16
C PRO EB 726 -93.98 9.57 -61.28
N ARG EB 727 -92.71 9.92 -61.12
CA ARG EB 727 -92.01 10.69 -62.14
C ARG EB 727 -90.55 10.27 -62.14
N PRO EB 728 -89.84 10.47 -63.26
CA PRO EB 728 -88.39 10.27 -63.25
C PRO EB 728 -87.70 11.49 -62.67
N ILE EB 729 -87.00 11.32 -61.57
CA ILE EB 729 -86.27 12.41 -60.95
C ILE EB 729 -84.89 12.45 -61.57
N GLY EB 730 -84.60 13.54 -62.28
CA GLY EB 730 -83.27 13.73 -62.81
C GLY EB 730 -82.29 14.09 -61.72
N THR EB 731 -81.18 14.69 -62.10
CA THR EB 731 -80.13 14.98 -61.15
C THR EB 731 -79.67 16.42 -61.20
N ARG EB 732 -80.06 17.16 -62.24
CA ARG EB 732 -79.51 18.49 -62.51
C ARG EB 732 -80.51 19.55 -62.06
N TYR EB 733 -80.31 20.04 -60.85
CA TYR EB 733 -81.12 21.12 -60.29
C TYR EB 733 -80.28 22.32 -59.88
N LEU EB 734 -79.12 22.10 -59.29
CA LEU EB 734 -78.19 23.18 -59.01
C LEU EB 734 -77.59 23.69 -60.31
N THR EB 735 -76.96 24.86 -60.24
CA THR EB 735 -76.42 25.50 -61.43
C THR EB 735 -74.94 25.80 -61.25
N ARG EB 736 -74.23 25.81 -62.37
CA ARG EB 736 -72.85 26.26 -62.44
C ARG EB 736 -72.71 27.19 -63.64
N ASN EB 737 -71.73 28.09 -63.54
CA ASN EB 737 -71.31 28.82 -64.72
C ASN EB 737 -70.56 27.87 -65.66
N LEU EB 738 -70.51 28.26 -66.93
CA LEU EB 738 -69.76 27.48 -67.89
C LEU EB 738 -68.26 27.73 -67.73
N GLY FB 221 -4.59 0.81 -87.22
CA GLY FB 221 -4.84 -0.40 -87.99
C GLY FB 221 -5.40 -0.11 -89.38
N VAL FB 222 -5.10 -1.03 -90.32
CA VAL FB 222 -5.59 -0.88 -91.67
C VAL FB 222 -7.11 -0.95 -91.71
N GLY FB 223 -7.69 -1.88 -90.97
CA GLY FB 223 -9.11 -2.13 -91.01
C GLY FB 223 -9.95 -1.42 -89.97
N SER FB 224 -9.40 -0.43 -89.28
CA SER FB 224 -10.14 0.31 -88.27
C SER FB 224 -10.13 1.79 -88.61
N SER FB 225 -11.30 2.41 -88.46
CA SER FB 225 -11.42 3.85 -88.70
C SER FB 225 -10.63 4.63 -87.65
N SER FB 226 -9.95 5.69 -88.09
CA SER FB 226 -9.18 6.53 -87.19
C SER FB 226 -9.95 7.77 -86.74
N GLY FB 227 -11.21 7.90 -87.13
CA GLY FB 227 -12.01 9.01 -86.68
C GLY FB 227 -13.40 8.93 -87.27
N ASN FB 228 -14.30 9.68 -86.66
CA ASN FB 228 -15.69 9.70 -87.07
C ASN FB 228 -16.04 11.01 -87.76
N TRP FB 229 -17.15 10.98 -88.49
CA TRP FB 229 -17.65 12.16 -89.16
C TRP FB 229 -18.33 13.07 -88.14
N HIS FB 230 -17.86 14.31 -88.03
CA HIS FB 230 -18.37 15.26 -87.05
C HIS FB 230 -18.71 16.56 -87.78
N CYS FB 231 -19.93 16.64 -88.30
CA CYS FB 231 -20.49 17.89 -88.80
C CYS FB 231 -21.67 18.23 -87.90
N ASP FB 232 -21.60 19.39 -87.25
CA ASP FB 232 -22.60 19.76 -86.26
C ASP FB 232 -22.37 21.20 -85.86
N SER FB 233 -23.37 21.78 -85.22
CA SER FB 233 -23.24 23.07 -84.56
C SER FB 233 -24.07 23.01 -83.29
N THR FB 234 -23.43 23.25 -82.15
CA THR FB 234 -24.10 23.23 -80.87
C THR FB 234 -24.12 24.65 -80.31
N TRP FB 235 -25.30 25.17 -80.08
CA TRP FB 235 -25.48 26.49 -79.49
C TRP FB 235 -25.77 26.30 -78.01
N LEU FB 236 -24.90 26.85 -77.16
CA LEU FB 236 -25.02 26.67 -75.72
C LEU FB 236 -24.65 27.98 -75.05
N GLY FB 237 -25.66 28.72 -74.60
CA GLY FB 237 -25.41 29.98 -73.93
C GLY FB 237 -24.81 30.99 -74.88
N ASP FB 238 -23.68 31.57 -74.46
CA ASP FB 238 -22.97 32.56 -75.24
C ASP FB 238 -21.93 31.94 -76.16
N ARG FB 239 -21.97 30.63 -76.36
CA ARG FB 239 -21.03 29.95 -77.24
C ARG FB 239 -21.81 29.22 -78.34
N VAL FB 240 -21.19 29.15 -79.51
CA VAL FB 240 -21.61 28.21 -80.54
C VAL FB 240 -20.37 27.45 -80.99
N ILE FB 241 -20.47 26.13 -81.02
CA ILE FB 241 -19.37 25.26 -81.43
C ILE FB 241 -19.74 24.68 -82.78
N THR FB 242 -19.09 25.16 -83.82
CA THR FB 242 -19.26 24.59 -85.15
C THR FB 242 -18.19 23.53 -85.36
N THR FB 243 -18.60 22.37 -85.83
CA THR FB 243 -17.67 21.34 -86.25
C THR FB 243 -18.06 20.90 -87.66
N SER FB 244 -17.07 20.77 -88.52
CA SER FB 244 -17.32 20.42 -89.90
C SER FB 244 -16.31 19.38 -90.35
N THR FB 245 -16.79 18.35 -91.02
CA THR FB 245 -15.96 17.32 -91.58
C THR FB 245 -16.10 17.33 -93.09
N ARG FB 246 -14.99 17.17 -93.80
CA ARG FB 246 -15.00 17.09 -95.25
C ARG FB 246 -14.08 15.97 -95.68
N THR FB 247 -14.37 15.42 -96.86
CA THR FB 247 -13.48 14.48 -97.51
C THR FB 247 -12.57 15.26 -98.46
N TRP FB 248 -11.27 15.05 -98.33
CA TRP FB 248 -10.29 15.73 -99.15
C TRP FB 248 -9.56 14.73 -100.02
N ALA FB 249 -8.95 15.23 -101.08
CA ALA FB 249 -8.05 14.45 -101.92
C ALA FB 249 -6.79 15.27 -102.15
N LEU FB 250 -5.64 14.68 -101.85
CA LEU FB 250 -4.36 15.36 -102.01
C LEU FB 250 -3.57 14.70 -103.12
N PRO FB 251 -3.34 15.36 -104.24
CA PRO FB 251 -2.47 14.80 -105.27
C PRO FB 251 -1.01 15.00 -104.90
N THR FB 252 -0.14 14.42 -105.71
CA THR FB 252 1.26 14.77 -105.67
C THR FB 252 1.46 16.05 -106.45
N TYR FB 253 1.96 17.09 -105.79
CA TYR FB 253 2.18 18.38 -106.41
C TYR FB 253 3.62 18.49 -106.86
N ASN FB 254 3.82 19.11 -108.02
CA ASN FB 254 5.15 19.48 -108.52
C ASN FB 254 6.05 18.29 -108.77
N ASN FB 255 5.49 17.07 -108.82
CA ASN FB 255 6.30 15.86 -108.90
C ASN FB 255 7.31 15.80 -107.77
N HIS FB 256 6.86 16.15 -106.56
CA HIS FB 256 7.64 16.14 -105.33
C HIS FB 256 8.77 17.16 -105.33
N LEU FB 257 8.73 18.15 -106.22
CA LEU FB 257 9.83 19.09 -106.36
C LEU FB 257 9.45 20.46 -105.81
N TYR FB 258 10.46 21.19 -105.36
CA TYR FB 258 10.35 22.63 -105.15
C TYR FB 258 10.79 23.32 -106.41
N LYS FB 259 9.93 24.17 -106.96
CA LYS FB 259 10.23 24.87 -108.19
C LYS FB 259 10.24 26.37 -107.92
N GLN FB 260 11.30 27.03 -108.36
CA GLN FB 260 11.30 28.49 -108.37
C GLN FB 260 10.32 28.97 -109.43
N ILE FB 261 9.45 29.90 -109.06
CA ILE FB 261 8.47 30.47 -109.96
C ILE FB 261 8.67 31.98 -109.99
N SER FB 262 8.50 32.57 -111.17
CA SER FB 262 8.75 33.99 -111.35
C SER FB 262 7.82 34.53 -112.41
N ASN FB 263 7.75 35.86 -112.46
CA ASN FB 263 7.04 36.57 -113.50
C ASN FB 263 7.73 37.92 -113.66
N GLY FB 264 8.18 38.21 -114.87
CA GLY FB 264 8.88 39.44 -115.16
C GLY FB 264 8.15 40.28 -116.18
N THR FB 265 8.78 41.40 -116.53
CA THR FB 265 8.21 42.32 -117.51
C THR FB 265 8.57 41.90 -118.93
N ALA FB 269 4.00 40.76 -119.03
CA ALA FB 269 3.48 41.17 -117.74
C ALA FB 269 3.99 42.55 -117.36
N THR FB 270 3.19 43.30 -116.61
CA THR FB 270 3.60 44.61 -116.15
C THR FB 270 4.42 44.48 -114.87
N ASN FB 271 5.12 45.57 -114.53
CA ASN FB 271 5.91 45.58 -113.30
C ASN FB 271 5.03 45.40 -112.07
N ASP FB 272 3.78 45.83 -112.14
CA ASP FB 272 2.87 45.69 -111.01
C ASP FB 272 2.59 44.23 -110.67
N ASN FB 273 2.78 43.32 -111.61
CA ASN FB 273 2.43 41.92 -111.43
C ASN FB 273 3.65 41.01 -111.37
N THR FB 274 4.85 41.56 -111.23
CA THR FB 274 6.04 40.73 -111.14
C THR FB 274 6.11 40.03 -109.78
N TYR FB 275 6.71 38.86 -109.77
CA TYR FB 275 6.91 38.15 -108.51
C TYR FB 275 8.07 37.18 -108.65
N PHE FB 276 8.63 36.82 -107.51
CA PHE FB 276 9.57 35.72 -107.39
C PHE FB 276 9.13 34.90 -106.19
N GLY FB 277 9.08 33.60 -106.35
CA GLY FB 277 8.66 32.76 -105.26
C GLY FB 277 8.98 31.32 -105.53
N TYR FB 278 8.36 30.45 -104.75
CA TYR FB 278 8.61 29.02 -104.87
C TYR FB 278 7.30 28.26 -104.82
N SER FB 279 7.17 27.31 -105.74
CA SER FB 279 6.11 26.32 -105.68
C SER FB 279 6.64 25.11 -104.92
N THR FB 280 5.87 24.65 -103.96
CA THR FB 280 6.28 23.53 -103.13
C THR FB 280 5.46 22.29 -103.46
N PRO FB 281 5.98 21.10 -103.20
CA PRO FB 281 5.19 19.88 -103.35
C PRO FB 281 4.15 19.67 -102.27
N TRP FB 282 3.96 20.63 -101.37
CA TRP FB 282 3.07 20.48 -100.24
C TRP FB 282 1.69 21.05 -100.54
N GLY FB 283 0.67 20.39 -100.05
CA GLY FB 283 -0.63 20.99 -99.94
C GLY FB 283 -0.82 21.64 -98.59
N TYR FB 284 -1.93 22.35 -98.45
CA TYR FB 284 -2.24 22.94 -97.15
C TYR FB 284 -3.75 22.96 -96.96
N PHE FB 285 -4.16 22.90 -95.71
CA PHE FB 285 -5.57 22.91 -95.35
C PHE FB 285 -6.01 24.33 -95.04
N ASP FB 286 -7.08 24.76 -95.71
CA ASP FB 286 -7.64 26.08 -95.51
C ASP FB 286 -9.09 25.93 -95.05
N PHE FB 287 -9.43 26.57 -93.95
CA PHE FB 287 -10.80 26.68 -93.49
C PHE FB 287 -11.07 28.10 -93.06
N ASN FB 288 -10.51 29.06 -93.80
CA ASN FB 288 -10.60 30.47 -93.48
C ASN FB 288 -11.77 31.15 -94.17
N ARG FB 289 -12.87 30.44 -94.35
CA ARG FB 289 -14.11 31.03 -94.81
C ARG FB 289 -15.22 30.60 -93.85
N PHE FB 290 -16.18 31.50 -93.62
CA PHE FB 290 -17.19 31.23 -92.61
C PHE FB 290 -18.09 30.06 -93.01
N HIS FB 291 -18.33 29.88 -94.30
CA HIS FB 291 -19.20 28.78 -94.71
C HIS FB 291 -18.53 27.42 -94.57
N CYS FB 292 -17.22 27.38 -94.30
CA CYS FB 292 -16.59 26.12 -93.93
C CYS FB 292 -17.07 25.62 -92.59
N HIS FB 293 -17.66 26.48 -91.77
CA HIS FB 293 -18.05 26.15 -90.42
C HIS FB 293 -19.52 26.38 -90.14
N PHE FB 294 -20.11 27.42 -90.71
CA PHE FB 294 -21.51 27.74 -90.49
C PHE FB 294 -22.34 27.30 -91.67
N SER FB 295 -23.36 26.50 -91.42
CA SER FB 295 -24.40 26.30 -92.40
C SER FB 295 -25.16 27.60 -92.58
N PRO FB 296 -25.83 27.78 -93.72
CA PRO FB 296 -26.62 29.01 -93.91
C PRO FB 296 -27.63 29.24 -92.81
N ARG FB 297 -28.28 28.18 -92.33
CA ARG FB 297 -29.20 28.32 -91.22
C ARG FB 297 -28.47 28.71 -89.94
N ASP FB 298 -27.30 28.12 -89.69
CA ASP FB 298 -26.50 28.52 -88.54
C ASP FB 298 -26.05 29.97 -88.65
N TRP FB 299 -25.68 30.39 -89.86
CA TRP FB 299 -25.32 31.78 -90.09
C TRP FB 299 -26.51 32.70 -89.79
N GLN FB 300 -27.71 32.29 -90.20
CA GLN FB 300 -28.91 33.07 -89.90
C GLN FB 300 -29.13 33.15 -88.40
N ARG FB 301 -28.99 32.03 -87.70
CA ARG FB 301 -29.11 32.02 -86.24
C ARG FB 301 -28.12 33.00 -85.62
N LEU FB 302 -26.89 33.01 -86.12
CA LEU FB 302 -25.86 33.88 -85.56
C LEU FB 302 -26.18 35.34 -85.81
N ILE FB 303 -26.50 35.70 -87.06
CA ILE FB 303 -26.60 37.11 -87.41
C ILE FB 303 -27.93 37.73 -87.01
N ASN FB 304 -28.99 36.94 -86.84
CA ASN FB 304 -30.26 37.51 -86.47
C ASN FB 304 -30.43 37.71 -84.98
N ASN FB 305 -29.50 37.21 -84.16
CA ASN FB 305 -29.70 37.16 -82.73
C ASN FB 305 -28.52 37.65 -81.91
N ASN FB 306 -27.40 37.99 -82.53
CA ASN FB 306 -26.20 38.34 -81.81
C ASN FB 306 -25.65 39.66 -82.31
N TRP FB 307 -25.19 40.49 -81.38
CA TRP FB 307 -24.53 41.74 -81.73
C TRP FB 307 -23.09 41.54 -82.13
N GLY FB 308 -22.51 40.40 -81.80
CA GLY FB 308 -21.13 40.16 -82.14
C GLY FB 308 -20.75 38.72 -81.89
N PHE FB 309 -19.60 38.35 -82.45
CA PHE FB 309 -19.07 37.01 -82.27
C PHE FB 309 -17.58 37.07 -82.53
N ARG FB 310 -16.87 36.07 -82.02
CA ARG FB 310 -15.43 35.95 -82.24
C ARG FB 310 -15.03 34.51 -82.02
N PRO FB 311 -14.02 34.03 -82.75
CA PRO FB 311 -13.53 32.68 -82.49
C PRO FB 311 -12.79 32.62 -81.17
N LYS FB 312 -12.89 31.48 -80.50
CA LYS FB 312 -12.23 31.25 -79.23
C LYS FB 312 -11.15 30.20 -79.30
N ARG FB 313 -11.48 29.03 -79.83
CA ARG FB 313 -10.52 27.94 -79.94
C ARG FB 313 -10.91 27.10 -81.15
N LEU FB 314 -9.95 26.34 -81.65
CA LEU FB 314 -10.24 25.40 -82.70
C LEU FB 314 -9.51 24.09 -82.44
N SER FB 315 -10.12 23.01 -82.91
CA SER FB 315 -9.48 21.71 -82.95
C SER FB 315 -9.56 21.20 -84.39
N PHE FB 316 -8.48 20.59 -84.85
CA PHE FB 316 -8.35 20.15 -86.22
C PHE FB 316 -7.98 18.68 -86.21
N LYS FB 317 -8.57 17.90 -87.11
CA LYS FB 317 -8.31 16.48 -87.16
C LYS FB 317 -8.15 16.02 -88.60
N LEU FB 318 -7.15 15.18 -88.83
CA LEU FB 318 -6.98 14.43 -90.06
C LEU FB 318 -7.08 12.96 -89.73
N PHE FB 319 -7.89 12.22 -90.48
CA PHE FB 319 -8.15 10.83 -90.12
C PHE FB 319 -8.68 10.10 -91.34
N ASN FB 320 -8.78 8.78 -91.21
CA ASN FB 320 -9.22 7.90 -92.29
C ASN FB 320 -8.42 8.15 -93.56
N ILE FB 321 -7.11 8.23 -93.39
CA ILE FB 321 -6.22 8.52 -94.49
C ILE FB 321 -6.09 7.27 -95.36
N GLN FB 322 -6.23 7.47 -96.66
CA GLN FB 322 -6.03 6.41 -97.64
C GLN FB 322 -5.05 6.92 -98.68
N VAL FB 323 -3.90 6.27 -98.80
CA VAL FB 323 -2.94 6.59 -99.84
C VAL FB 323 -3.10 5.57 -100.95
N LYS FB 324 -3.31 6.05 -102.16
CA LYS FB 324 -3.67 5.20 -103.28
C LYS FB 324 -2.63 5.32 -104.38
N GLU FB 325 -2.29 4.17 -104.96
CA GLU FB 325 -1.35 4.09 -106.06
C GLU FB 325 -2.14 3.92 -107.36
N VAL FB 326 -1.78 4.71 -108.36
CA VAL FB 326 -2.41 4.65 -109.67
C VAL FB 326 -1.35 4.27 -110.70
N THR FB 327 -1.65 3.25 -111.50
CA THR FB 327 -0.71 2.76 -112.49
C THR FB 327 -1.24 2.97 -113.91
N LYS FB 333 -5.86 2.33 -116.66
CA LYS FB 333 -5.57 2.92 -115.36
C LYS FB 333 -6.25 2.15 -114.24
N THR FB 334 -5.45 1.69 -113.27
CA THR FB 334 -5.96 1.02 -112.09
C THR FB 334 -5.49 1.77 -110.85
N ILE FB 335 -6.38 1.90 -109.87
CA ILE FB 335 -6.09 2.55 -108.62
C ILE FB 335 -6.12 1.49 -107.52
N ALA FB 336 -5.05 1.41 -106.75
CA ALA FB 336 -4.94 0.42 -105.69
C ALA FB 336 -4.48 1.11 -104.41
N ASN FB 337 -4.85 0.51 -103.28
CA ASN FB 337 -4.37 0.99 -101.99
C ASN FB 337 -2.88 0.73 -101.86
N ASN FB 338 -2.17 1.73 -101.32
CA ASN FB 338 -0.73 1.57 -100.97
C ASN FB 338 -0.74 1.63 -99.45
N LEU FB 339 -0.92 0.49 -98.78
CA LEU FB 339 -1.14 0.46 -97.33
C LEU FB 339 0.06 0.97 -96.55
N THR FB 340 1.26 0.84 -97.10
CA THR FB 340 2.48 1.22 -96.40
C THR FB 340 2.94 2.63 -96.74
N SER FB 341 2.22 3.35 -97.60
CA SER FB 341 2.60 4.71 -97.94
C SER FB 341 2.16 5.67 -96.85
N THR FB 342 2.86 6.80 -96.76
CA THR FB 342 2.60 7.79 -95.74
C THR FB 342 2.25 9.13 -96.36
N ILE FB 343 1.57 9.95 -95.57
CA ILE FB 343 1.46 11.38 -95.81
C ILE FB 343 2.21 12.07 -94.68
N GLN FB 344 2.72 13.26 -94.96
CA GLN FB 344 3.39 14.09 -93.96
C GLN FB 344 2.52 15.29 -93.65
N VAL FB 345 2.26 15.52 -92.37
CA VAL FB 345 1.45 16.63 -91.93
C VAL FB 345 2.21 17.35 -90.82
N PHE FB 346 2.26 18.68 -90.91
CA PHE FB 346 2.75 19.47 -89.80
C PHE FB 346 2.06 20.82 -89.81
N THR FB 347 1.97 21.43 -88.64
CA THR FB 347 1.47 22.78 -88.50
C THR FB 347 2.62 23.73 -88.29
N ASP FB 348 2.61 24.84 -89.01
CA ASP FB 348 3.59 25.90 -88.81
C ASP FB 348 3.20 26.69 -87.55
N SER FB 349 3.39 26.03 -86.41
CA SER FB 349 2.91 26.60 -85.14
C SER FB 349 3.75 27.79 -84.70
N GLU FB 350 5.01 27.87 -85.14
CA GLU FB 350 5.85 29.01 -84.85
C GLU FB 350 5.77 30.10 -85.91
N TYR FB 351 4.91 29.93 -86.92
CA TYR FB 351 4.74 30.92 -87.97
C TYR FB 351 6.06 31.24 -88.66
N GLN FB 352 6.85 30.20 -88.91
CA GLN FB 352 8.13 30.34 -89.57
C GLN FB 352 8.03 30.27 -91.08
N LEU FB 353 6.94 29.88 -91.59
CA LEU FB 353 6.72 29.85 -93.03
C LEU FB 353 5.96 31.08 -93.47
N PRO FB 354 6.12 31.49 -94.73
CA PRO FB 354 5.25 32.54 -95.27
C PRO FB 354 3.79 32.15 -95.13
N TYR FB 355 3.02 33.02 -94.52
CA TYR FB 355 1.61 32.75 -94.20
C TYR FB 355 0.77 33.15 -95.41
N VAL FB 356 0.30 32.15 -96.16
CA VAL FB 356 -0.47 32.41 -97.36
C VAL FB 356 -1.98 32.30 -97.13
N LEU FB 357 -2.40 31.84 -95.95
CA LEU FB 357 -3.79 31.99 -95.59
C LEU FB 357 -4.10 33.47 -95.37
N GLY FB 358 -5.39 33.80 -95.42
CA GLY FB 358 -5.74 35.20 -95.31
C GLY FB 358 -5.46 36.00 -96.55
N SER FB 359 -5.38 35.34 -97.72
CA SER FB 359 -5.32 36.05 -99.00
C SER FB 359 -6.54 35.73 -99.84
N ALA FB 360 -7.62 35.24 -99.22
CA ALA FB 360 -8.88 34.95 -99.89
C ALA FB 360 -8.70 34.00 -101.06
N HIS FB 361 -7.89 32.96 -100.86
CA HIS FB 361 -7.60 32.01 -101.91
C HIS FB 361 -8.63 30.89 -101.94
N GLN FB 362 -8.80 30.32 -103.12
CA GLN FB 362 -9.62 29.12 -103.25
C GLN FB 362 -8.92 27.94 -102.58
N GLY FB 363 -9.65 26.85 -102.44
CA GLY FB 363 -9.12 25.66 -101.80
C GLY FB 363 -9.53 25.47 -100.36
N CYS FB 364 -10.37 26.34 -99.82
CA CYS FB 364 -10.89 26.13 -98.49
C CYS FB 364 -11.83 24.93 -98.47
N LEU FB 365 -12.19 24.50 -97.28
CA LEU FB 365 -13.20 23.46 -97.15
C LEU FB 365 -14.48 23.90 -97.83
N PRO FB 366 -15.13 23.04 -98.61
CA PRO FB 366 -16.33 23.46 -99.33
C PRO FB 366 -17.45 23.79 -98.37
N PRO FB 367 -18.32 24.74 -98.72
CA PRO FB 367 -19.47 25.03 -97.85
C PRO FB 367 -20.38 23.84 -97.63
N PHE FB 368 -20.56 22.98 -98.64
CA PHE FB 368 -21.47 21.86 -98.54
C PHE FB 368 -20.72 20.65 -97.97
N PRO FB 369 -21.18 20.06 -96.87
CA PRO FB 369 -20.42 18.96 -96.25
C PRO FB 369 -20.24 17.75 -97.14
N ALA FB 370 -21.20 17.48 -98.03
CA ALA FB 370 -21.08 16.32 -98.92
C ALA FB 370 -20.04 16.53 -100.00
N ASP FB 371 -19.46 17.71 -100.12
CA ASP FB 371 -18.59 18.03 -101.23
C ASP FB 371 -17.18 17.56 -100.93
N VAL FB 372 -16.59 16.82 -101.87
CA VAL FB 372 -15.20 16.38 -101.77
C VAL FB 372 -14.32 17.40 -102.47
N PHE FB 373 -13.28 17.86 -101.78
CA PHE FB 373 -12.47 18.95 -102.29
C PHE FB 373 -11.01 18.53 -102.44
N MET FB 374 -10.35 19.19 -103.38
CA MET FB 374 -8.94 19.02 -103.64
C MET FB 374 -8.13 19.99 -102.77
N ILE FB 375 -7.07 19.48 -102.17
CA ILE FB 375 -6.23 20.31 -101.30
C ILE FB 375 -5.38 21.24 -102.16
N PRO FB 376 -5.37 22.54 -101.88
CA PRO FB 376 -4.58 23.47 -102.70
C PRO FB 376 -3.09 23.28 -102.47
N GLN FB 377 -2.32 23.61 -103.51
CA GLN FB 377 -0.87 23.49 -103.42
C GLN FB 377 -0.28 24.69 -102.71
N TYR FB 378 0.66 24.43 -101.80
CA TYR FB 378 1.30 25.51 -101.07
C TYR FB 378 2.41 26.13 -101.91
N GLY FB 379 2.34 27.43 -102.06
CA GLY FB 379 3.44 28.20 -102.62
C GLY FB 379 3.55 29.51 -101.88
N TYR FB 380 4.67 30.18 -102.07
CA TYR FB 380 4.88 31.44 -101.38
C TYR FB 380 5.71 32.36 -102.25
N LEU FB 381 5.68 33.63 -101.91
CA LEU FB 381 6.45 34.65 -102.61
C LEU FB 381 7.46 35.25 -101.64
N THR FB 382 8.60 35.62 -102.20
CA THR FB 382 9.61 36.33 -101.42
C THR FB 382 9.96 37.61 -102.17
N LEU FB 383 11.01 38.29 -101.74
CA LEU FB 383 11.36 39.55 -102.37
C LEU FB 383 11.78 39.33 -103.82
N ASN FB 384 11.32 40.21 -104.70
CA ASN FB 384 11.64 40.13 -106.11
C ASN FB 384 12.04 41.49 -106.64
N ASN FB 385 12.87 41.48 -107.68
CA ASN FB 385 13.22 42.65 -108.47
C ASN FB 385 12.91 42.24 -109.90
N GLY FB 386 11.69 42.54 -110.35
CA GLY FB 386 11.23 41.96 -111.59
C GLY FB 386 11.00 40.47 -111.39
N SER FB 387 11.55 39.66 -112.29
CA SER FB 387 11.50 38.22 -112.15
C SER FB 387 12.68 37.65 -111.37
N GLN FB 388 13.61 38.50 -110.95
CA GLN FB 388 14.81 38.05 -110.25
C GLN FB 388 14.61 38.12 -108.74
N ALA FB 389 15.30 37.24 -108.04
CA ALA FB 389 15.37 37.34 -106.60
C ALA FB 389 16.46 38.32 -106.20
N VAL FB 390 16.37 38.78 -104.96
CA VAL FB 390 17.42 39.60 -104.37
C VAL FB 390 18.09 38.78 -103.28
N GLY FB 391 19.18 39.32 -102.74
CA GLY FB 391 19.89 38.61 -101.69
C GLY FB 391 19.06 38.38 -100.45
N ARG FB 392 18.05 39.21 -100.22
CA ARG FB 392 17.18 39.04 -99.06
C ARG FB 392 16.06 38.05 -99.31
N SER FB 393 15.91 37.55 -100.53
CA SER FB 393 14.88 36.56 -100.82
C SER FB 393 15.12 35.29 -100.01
N SER FB 394 14.06 34.78 -99.42
CA SER FB 394 14.13 33.60 -98.56
C SER FB 394 13.60 32.40 -99.29
N PHE FB 395 14.33 31.30 -99.22
CA PHE FB 395 13.87 30.00 -99.70
C PHE FB 395 13.57 29.13 -98.50
N TYR FB 396 12.39 28.51 -98.49
CA TYR FB 396 11.97 27.65 -97.39
C TYR FB 396 11.77 26.24 -97.92
N CYS FB 397 12.43 25.28 -97.27
CA CYS FB 397 12.18 23.87 -97.50
C CYS FB 397 11.23 23.38 -96.42
N LEU FB 398 10.04 22.94 -96.82
CA LEU FB 398 9.07 22.48 -95.83
C LEU FB 398 9.44 21.12 -95.26
N GLU FB 399 10.30 20.37 -95.94
CA GLU FB 399 10.85 19.16 -95.35
C GLU FB 399 11.79 19.47 -94.21
N TYR FB 400 12.28 20.70 -94.12
CA TYR FB 400 13.13 21.12 -93.02
C TYR FB 400 12.35 21.35 -91.73
N PHE FB 401 11.10 20.96 -91.69
CA PHE FB 401 10.28 21.04 -90.50
C PHE FB 401 10.00 19.64 -89.97
N PRO FB 402 9.81 19.49 -88.66
CA PRO FB 402 9.32 18.21 -88.14
C PRO FB 402 7.89 17.97 -88.58
N SER FB 403 7.66 16.84 -89.24
CA SER FB 403 6.34 16.48 -89.72
C SER FB 403 5.96 15.13 -89.16
N GLN FB 404 4.69 14.98 -88.82
CA GLN FB 404 4.16 13.66 -88.48
C GLN FB 404 3.90 12.91 -89.76
N MET FB 405 4.41 11.69 -89.87
CA MET FB 405 4.13 10.83 -91.00
C MET FB 405 3.03 9.86 -90.63
N LEU FB 406 2.04 9.72 -91.52
CA LEU FB 406 0.83 9.00 -91.21
C LEU FB 406 0.63 7.91 -92.24
N ARG FB 407 0.49 6.67 -91.79
CA ARG FB 407 0.00 5.62 -92.65
C ARG FB 407 -1.52 5.59 -92.57
N THR FB 408 -2.12 4.61 -93.24
CA THR FB 408 -3.58 4.58 -93.37
C THR FB 408 -4.27 4.43 -92.02
N GLY FB 409 -3.59 3.85 -91.04
CA GLY FB 409 -4.17 3.71 -89.72
C GLY FB 409 -3.95 4.86 -88.77
N ASN FB 410 -3.17 5.85 -89.17
CA ASN FB 410 -2.82 6.96 -88.29
C ASN FB 410 -3.77 8.12 -88.48
N ASN FB 411 -3.84 8.97 -87.46
CA ASN FB 411 -4.58 10.21 -87.55
C ASN FB 411 -3.74 11.35 -86.98
N PHE FB 412 -4.09 12.56 -87.39
CA PHE FB 412 -3.40 13.77 -86.97
C PHE FB 412 -4.41 14.70 -86.34
N GLN FB 413 -4.01 15.36 -85.26
CA GLN FB 413 -4.89 16.34 -84.65
C GLN FB 413 -4.07 17.36 -83.88
N PHE FB 414 -4.61 18.57 -83.80
CA PHE FB 414 -4.02 19.60 -82.97
C PHE FB 414 -5.13 20.56 -82.55
N THR FB 415 -4.88 21.27 -81.47
CA THR FB 415 -5.79 22.27 -80.96
C THR FB 415 -5.10 23.63 -80.98
N TYR FB 416 -5.91 24.66 -81.15
CA TYR FB 416 -5.40 26.03 -81.22
C TYR FB 416 -6.35 26.93 -80.46
N THR FB 417 -5.80 27.89 -79.73
CA THR FB 417 -6.59 28.87 -79.01
C THR FB 417 -6.40 30.23 -79.67
N PHE FB 418 -7.51 30.86 -80.04
CA PHE FB 418 -7.45 32.20 -80.60
C PHE FB 418 -7.05 33.19 -79.51
N GLU FB 419 -6.25 34.17 -79.89
CA GLU FB 419 -5.94 35.25 -78.99
C GLU FB 419 -7.19 36.09 -78.74
N ASP FB 420 -7.14 36.90 -77.69
CA ASP FB 420 -8.25 37.79 -77.40
C ASP FB 420 -8.42 38.79 -78.53
N VAL FB 421 -9.46 38.62 -79.33
CA VAL FB 421 -9.72 39.47 -80.49
C VAL FB 421 -11.02 40.20 -80.21
N PRO FB 422 -11.21 41.42 -80.70
CA PRO FB 422 -12.50 42.08 -80.50
C PRO FB 422 -13.63 41.35 -81.20
N PHE FB 423 -14.81 41.43 -80.61
CA PHE FB 423 -16.00 40.90 -81.27
C PHE FB 423 -16.21 41.60 -82.60
N HIS FB 424 -16.55 40.83 -83.63
CA HIS FB 424 -16.97 41.44 -84.87
C HIS FB 424 -18.31 42.14 -84.66
N SER FB 425 -18.44 43.33 -85.20
CA SER FB 425 -19.67 44.11 -85.05
C SER FB 425 -20.75 43.50 -85.94
N SER FB 426 -21.53 42.59 -85.37
CA SER FB 426 -22.62 41.95 -86.10
C SER FB 426 -23.90 42.77 -85.95
N TYR FB 427 -23.79 44.06 -86.23
CA TYR FB 427 -24.90 44.99 -86.05
C TYR FB 427 -24.66 46.19 -86.95
N ALA FB 428 -25.75 46.86 -87.27
CA ALA FB 428 -25.68 48.17 -87.93
C ALA FB 428 -26.18 49.23 -86.96
N HIS FB 429 -25.59 50.40 -87.04
CA HIS FB 429 -25.98 51.47 -86.13
C HIS FB 429 -27.34 52.03 -86.53
N SER FB 430 -28.21 52.18 -85.54
CA SER FB 430 -29.52 52.79 -85.76
C SER FB 430 -29.49 54.29 -85.59
N GLN FB 431 -28.31 54.86 -85.37
CA GLN FB 431 -28.12 56.30 -85.30
C GLN FB 431 -26.98 56.67 -86.22
N SER FB 432 -27.06 57.87 -86.78
CA SER FB 432 -25.97 58.41 -87.59
C SER FB 432 -25.06 59.26 -86.71
N LEU FB 433 -23.79 59.34 -87.10
CA LEU FB 433 -22.81 60.07 -86.30
C LEU FB 433 -23.14 61.55 -86.22
N ASP FB 434 -23.73 62.12 -87.26
CA ASP FB 434 -24.10 63.52 -87.27
C ASP FB 434 -25.49 63.77 -86.71
N ARG FB 435 -26.13 62.74 -86.14
CA ARG FB 435 -27.48 62.85 -85.60
C ARG FB 435 -27.54 62.24 -84.21
N LEU FB 436 -26.52 62.50 -83.38
CA LEU FB 436 -26.46 61.97 -82.03
C LEU FB 436 -27.06 62.92 -81.00
N MET FB 437 -27.52 64.09 -81.44
CA MET FB 437 -27.99 65.13 -80.54
C MET FB 437 -29.49 65.04 -80.29
N ASN FB 438 -29.91 65.70 -79.23
CA ASN FB 438 -31.33 65.84 -78.92
C ASN FB 438 -31.97 66.76 -79.94
N PRO FB 439 -32.98 66.29 -80.68
CA PRO FB 439 -33.61 67.14 -81.71
C PRO FB 439 -34.60 68.15 -81.18
N LEU FB 440 -34.71 68.33 -79.87
CA LEU FB 440 -35.65 69.28 -79.29
C LEU FB 440 -34.98 70.46 -78.61
N ILE FB 441 -33.70 70.35 -78.28
CA ILE FB 441 -33.02 71.34 -77.45
C ILE FB 441 -31.94 72.01 -78.27
N ASP FB 442 -31.83 73.32 -78.14
CA ASP FB 442 -30.74 74.05 -78.75
C ASP FB 442 -29.43 73.74 -78.03
N GLN FB 443 -28.33 73.98 -78.73
CA GLN FB 443 -27.02 73.94 -78.10
C GLN FB 443 -26.75 75.27 -77.41
N TYR FB 444 -25.99 75.20 -76.31
CA TYR FB 444 -25.51 76.43 -75.72
C TYR FB 444 -24.29 76.98 -76.43
N LEU FB 445 -23.66 76.19 -77.29
CA LEU FB 445 -22.55 76.65 -78.09
C LEU FB 445 -23.06 77.41 -79.31
N TYR FB 446 -22.29 78.41 -79.74
CA TYR FB 446 -22.60 79.18 -80.91
C TYR FB 446 -21.69 78.80 -82.06
N TYR FB 447 -22.17 79.01 -83.27
CA TYR FB 447 -21.37 78.86 -84.47
C TYR FB 447 -21.48 80.14 -85.28
N LEU FB 448 -20.43 80.43 -86.05
CA LEU FB 448 -20.46 81.56 -86.96
C LEU FB 448 -21.52 81.31 -88.03
N SER FB 449 -22.62 82.04 -87.97
CA SER FB 449 -23.75 81.81 -88.86
C SER FB 449 -23.76 82.75 -90.05
N ARG FB 450 -23.24 83.95 -89.93
CA ARG FB 450 -23.16 84.87 -91.06
C ARG FB 450 -21.89 85.70 -90.97
N THR FB 451 -21.33 86.01 -92.13
CA THR FB 451 -20.19 86.90 -92.22
C THR FB 451 -20.51 88.18 -92.99
N GLN FB 452 -21.75 88.34 -93.44
CA GLN FB 452 -22.16 89.49 -94.23
C GLN FB 452 -23.56 89.92 -93.81
N THR FB 453 -23.78 91.23 -93.73
CA THR FB 453 -25.07 91.76 -93.32
C THR FB 453 -26.16 91.44 -94.32
N ASN FB 459 -24.39 95.06 -98.95
CA ASN FB 459 -24.12 94.44 -97.66
C ASN FB 459 -22.64 94.53 -97.32
N THR FB 460 -22.36 94.58 -96.03
CA THR FB 460 -21.01 94.75 -95.52
C THR FB 460 -20.62 93.57 -94.66
N GLN FB 461 -19.34 93.50 -94.31
CA GLN FB 461 -18.86 92.44 -93.45
C GLN FB 461 -19.43 92.57 -92.04
N THR FB 462 -19.69 91.43 -91.42
CA THR FB 462 -20.17 91.37 -90.05
C THR FB 462 -19.83 90.00 -89.49
N LEU FB 463 -20.11 89.81 -88.21
CA LEU FB 463 -19.96 88.51 -87.56
C LEU FB 463 -21.25 88.22 -86.82
N GLY FB 464 -22.05 87.32 -87.37
CA GLY FB 464 -23.28 86.87 -86.74
C GLY FB 464 -23.10 85.44 -86.25
N PHE FB 465 -23.54 85.20 -85.02
CA PHE FB 465 -23.39 83.90 -84.39
C PHE FB 465 -24.76 83.40 -83.98
N SER FB 466 -25.01 82.12 -84.23
CA SER FB 466 -26.26 81.49 -83.89
C SER FB 466 -26.00 80.23 -83.08
N GLN FB 467 -26.99 79.82 -82.31
CA GLN FB 467 -26.92 78.59 -81.57
C GLN FB 467 -27.43 77.44 -82.43
N GLY FB 468 -26.65 76.37 -82.51
CA GLY FB 468 -27.09 75.18 -83.21
C GLY FB 468 -28.33 74.60 -82.58
N GLY FB 469 -29.33 74.28 -83.39
CA GLY FB 469 -30.58 73.78 -82.88
C GLY FB 469 -31.15 72.68 -83.75
N PRO FB 470 -32.42 72.36 -83.53
CA PRO FB 470 -33.05 71.28 -84.29
C PRO FB 470 -33.07 71.53 -85.80
N ASN FB 471 -33.09 72.78 -86.23
CA ASN FB 471 -33.16 73.08 -87.65
C ASN FB 471 -31.79 73.25 -88.29
N THR FB 472 -30.84 73.83 -87.56
CA THR FB 472 -29.47 73.97 -88.07
C THR FB 472 -28.59 72.84 -87.55
N MET FB 473 -29.02 71.62 -87.86
CA MET FB 473 -28.40 70.44 -87.30
C MET FB 473 -27.04 70.17 -87.93
N ALA FB 474 -26.84 70.60 -89.19
CA ALA FB 474 -25.55 70.49 -89.82
C ALA FB 474 -24.51 71.43 -89.21
N ASN FB 475 -24.95 72.51 -88.57
CA ASN FB 475 -24.04 73.48 -87.98
C ASN FB 475 -23.69 73.18 -86.53
N GLN FB 476 -24.35 72.23 -85.91
CA GLN FB 476 -24.17 71.99 -84.48
C GLN FB 476 -22.75 71.53 -84.19
N ALA FB 477 -22.25 71.95 -83.03
CA ALA FB 477 -20.99 71.42 -82.53
C ALA FB 477 -21.13 69.93 -82.25
N LYS FB 478 -20.14 69.15 -82.65
CA LYS FB 478 -20.19 67.71 -82.51
C LYS FB 478 -18.86 67.21 -81.97
N ASN FB 479 -18.92 66.04 -81.33
CA ASN FB 479 -17.75 65.49 -80.65
C ASN FB 479 -16.94 64.54 -81.51
N TRP FB 480 -17.47 64.06 -82.62
CA TRP FB 480 -16.85 62.96 -83.34
C TRP FB 480 -16.84 63.24 -84.84
N LEU FB 481 -15.95 62.56 -85.53
CA LEU FB 481 -15.78 62.66 -86.96
C LEU FB 481 -15.97 61.30 -87.60
N PRO FB 482 -16.43 61.25 -88.84
CA PRO FB 482 -16.54 59.97 -89.54
C PRO FB 482 -15.17 59.37 -89.78
N GLY FB 483 -15.14 58.05 -89.92
CA GLY FB 483 -13.92 57.31 -90.11
C GLY FB 483 -13.13 57.77 -91.31
N PRO FB 484 -11.94 57.21 -91.47
CA PRO FB 484 -11.04 57.69 -92.53
C PRO FB 484 -11.54 57.31 -93.91
N CYS FB 485 -11.07 58.06 -94.90
CA CYS FB 485 -11.53 57.93 -96.28
C CYS FB 485 -10.34 57.74 -97.21
N TYR FB 486 -10.50 56.85 -98.19
CA TYR FB 486 -9.55 56.67 -99.29
C TYR FB 486 -10.39 56.50 -100.55
N ARG FB 487 -10.71 57.62 -101.19
CA ARG FB 487 -11.83 57.67 -102.12
C ARG FB 487 -11.63 56.71 -103.30
N GLN FB 488 -12.71 56.00 -103.63
CA GLN FB 488 -12.75 55.08 -104.74
C GLN FB 488 -13.63 55.64 -105.85
N GLN FB 489 -13.35 55.23 -107.08
CA GLN FB 489 -14.18 55.62 -108.21
C GLN FB 489 -15.53 54.93 -108.13
N ARG FB 490 -16.58 55.65 -108.50
CA ARG FB 490 -17.93 55.13 -108.46
C ARG FB 490 -18.27 54.43 -109.77
N VAL FB 491 -18.81 53.22 -109.66
CA VAL FB 491 -19.24 52.44 -110.80
C VAL FB 491 -20.71 52.11 -110.61
N SER FB 492 -21.50 52.28 -111.67
CA SER FB 492 -22.92 51.97 -111.64
C SER FB 492 -23.15 50.58 -112.21
N THR FB 493 -23.98 49.79 -111.53
CA THR FB 493 -24.39 48.51 -112.08
C THR FB 493 -25.26 48.69 -113.31
N THR FB 494 -25.89 49.85 -113.46
CA THR FB 494 -26.53 50.24 -114.72
C THR FB 494 -25.43 50.76 -115.64
N THR FB 495 -24.97 49.91 -116.55
CA THR FB 495 -23.75 50.20 -117.30
C THR FB 495 -23.87 51.46 -118.14
N GLY FB 496 -25.09 51.78 -118.60
CA GLY FB 496 -25.28 52.98 -119.39
C GLY FB 496 -24.93 54.26 -118.66
N GLN FB 497 -24.96 54.23 -117.33
CA GLN FB 497 -24.57 55.39 -116.53
C GLN FB 497 -23.07 55.52 -116.34
N ASN FB 498 -22.30 54.52 -116.76
CA ASN FB 498 -20.85 54.56 -116.62
C ASN FB 498 -20.20 55.22 -117.81
N ASN FB 499 -18.99 55.74 -117.59
CA ASN FB 499 -18.21 56.29 -118.69
C ASN FB 499 -17.86 55.20 -119.67
N ASN FB 500 -17.94 55.53 -120.96
CA ASN FB 500 -17.63 54.57 -122.02
C ASN FB 500 -16.12 54.49 -122.20
N SER FB 501 -15.47 53.85 -121.24
CA SER FB 501 -14.03 53.62 -121.29
C SER FB 501 -13.72 52.46 -120.36
N ASN FB 502 -12.52 51.91 -120.54
CA ASN FB 502 -12.04 50.81 -119.70
C ASN FB 502 -11.19 51.43 -118.60
N PHE FB 503 -11.83 51.72 -117.47
CA PHE FB 503 -11.18 52.44 -116.38
C PHE FB 503 -11.07 51.63 -115.10
N ALA FB 504 -11.27 50.31 -115.16
CA ALA FB 504 -11.20 49.50 -113.95
C ALA FB 504 -9.82 49.60 -113.30
N TRP FB 505 -8.77 49.59 -114.10
CA TRP FB 505 -7.41 49.73 -113.60
C TRP FB 505 -6.91 51.17 -113.62
N THR FB 506 -7.13 51.89 -114.73
CA THR FB 506 -6.61 53.25 -114.84
C THR FB 506 -7.22 54.17 -113.80
N ALA FB 507 -8.52 54.05 -113.56
CA ALA FB 507 -9.19 54.83 -112.53
C ALA FB 507 -9.27 54.09 -111.20
N GLY FB 508 -8.65 52.92 -111.11
CA GLY FB 508 -8.69 52.17 -109.87
C GLY FB 508 -7.99 52.89 -108.74
N THR FB 509 -8.50 52.71 -107.54
CA THR FB 509 -7.90 53.29 -106.35
C THR FB 509 -6.78 52.37 -105.88
N LYS FB 510 -5.56 52.91 -105.86
CA LYS FB 510 -4.37 52.09 -105.73
C LYS FB 510 -3.47 52.62 -104.62
N TYR FB 511 -2.61 51.75 -104.13
CA TYR FB 511 -1.48 52.16 -103.32
C TYR FB 511 -0.19 51.82 -104.07
N HIS FB 512 0.87 52.54 -103.72
CA HIS FB 512 2.16 52.42 -104.37
C HIS FB 512 3.15 51.86 -103.38
N LEU FB 513 3.80 50.77 -103.76
CA LEU FB 513 4.76 50.11 -102.87
C LEU FB 513 5.93 49.62 -103.70
N ASN FB 514 7.12 50.17 -103.43
CA ASN FB 514 8.35 49.78 -104.10
C ASN FB 514 8.20 49.85 -105.62
N GLY FB 515 7.68 50.96 -106.10
CA GLY FB 515 7.49 51.16 -107.53
C GLY FB 515 6.45 50.27 -108.15
N ARG FB 516 5.66 49.56 -107.35
CA ARG FB 516 4.62 48.67 -107.84
C ARG FB 516 3.27 49.21 -107.43
N ASN FB 517 2.34 49.24 -108.37
CA ASN FB 517 0.98 49.70 -108.11
C ASN FB 517 0.09 48.51 -107.85
N SER FB 518 -0.64 48.54 -106.75
CA SER FB 518 -1.60 47.51 -106.41
C SER FB 518 -2.91 48.18 -106.04
N LEU FB 519 -4.01 47.57 -106.46
CA LEU FB 519 -5.33 48.09 -106.09
C LEU FB 519 -5.49 48.09 -104.58
N ALA FB 520 -6.05 49.17 -104.04
CA ALA FB 520 -6.48 49.21 -102.65
C ALA FB 520 -7.82 48.49 -102.59
N ASN FB 521 -7.75 47.17 -102.65
CA ASN FB 521 -8.91 46.32 -102.89
C ASN FB 521 -9.05 45.32 -101.75
N PRO FB 522 -10.13 45.38 -100.96
CA PRO FB 522 -11.22 46.36 -101.11
C PRO FB 522 -10.93 47.68 -100.42
N GLY FB 523 -9.75 47.82 -99.85
CA GLY FB 523 -9.39 49.04 -99.16
C GLY FB 523 -10.04 49.15 -97.80
N ILE FB 524 -9.96 50.36 -97.24
CA ILE FB 524 -10.50 50.61 -95.92
C ILE FB 524 -12.01 50.51 -95.94
N ALA FB 525 -12.59 50.19 -94.78
CA ALA FB 525 -14.03 50.02 -94.65
C ALA FB 525 -14.72 51.36 -94.85
N MET FB 526 -15.40 51.51 -95.97
CA MET FB 526 -16.23 52.68 -96.24
C MET FB 526 -17.58 52.21 -96.74
N ALA FB 527 -18.60 53.04 -96.52
CA ALA FB 527 -19.93 52.72 -97.01
C ALA FB 527 -19.93 52.59 -98.52
N THR FB 528 -20.55 51.53 -99.02
CA THR FB 528 -20.54 51.26 -100.45
C THR FB 528 -21.21 52.39 -101.23
N HIS FB 529 -22.30 52.91 -100.71
CA HIS FB 529 -23.05 53.96 -101.37
C HIS FB 529 -23.85 54.71 -100.31
N LYS FB 530 -24.37 55.86 -100.69
CA LYS FB 530 -25.23 56.62 -99.80
C LYS FB 530 -26.69 56.21 -100.02
N ASP FB 531 -27.61 56.95 -99.42
CA ASP FB 531 -29.03 56.62 -99.50
C ASP FB 531 -29.51 56.63 -100.95
N ASP FB 532 -30.30 55.61 -101.30
CA ASP FB 532 -30.96 55.52 -102.60
C ASP FB 532 -29.98 55.45 -103.76
N GLU FB 533 -28.81 54.87 -103.54
CA GLU FB 533 -27.80 54.72 -104.57
C GLU FB 533 -27.23 53.32 -104.57
N GLU FB 534 -28.10 52.32 -104.42
CA GLU FB 534 -27.65 50.93 -104.34
C GLU FB 534 -26.97 50.48 -105.62
N ARG FB 535 -27.30 51.09 -106.75
CA ARG FB 535 -26.69 50.73 -108.02
C ARG FB 535 -25.22 51.11 -108.11
N PHE FB 536 -24.74 51.97 -107.21
CA PHE FB 536 -23.36 52.44 -107.25
C PHE FB 536 -22.51 51.62 -106.29
N PHE FB 537 -21.29 51.32 -106.71
CA PHE FB 537 -20.32 50.67 -105.84
C PHE FB 537 -18.94 51.21 -106.15
N PRO FB 538 -18.05 51.24 -105.16
CA PRO FB 538 -16.66 51.58 -105.43
C PRO FB 538 -16.02 50.56 -106.35
N SER FB 539 -15.18 51.03 -107.27
CA SER FB 539 -14.68 50.17 -108.34
C SER FB 539 -13.91 48.98 -107.80
N ASN FB 540 -13.08 49.19 -106.78
CA ASN FB 540 -12.37 48.10 -106.11
C ASN FB 540 -12.47 48.28 -104.61
N GLY FB 541 -13.68 48.56 -104.12
CA GLY FB 541 -13.87 48.84 -102.71
C GLY FB 541 -14.87 47.95 -102.01
N ILE FB 542 -15.27 46.85 -102.66
CA ILE FB 542 -16.20 45.91 -102.07
C ILE FB 542 -15.70 44.49 -102.34
N LEU FB 543 -16.14 43.57 -101.49
CA LEU FB 543 -15.94 42.15 -101.77
C LEU FB 543 -16.93 41.71 -102.82
N ILE FB 544 -16.44 41.03 -103.85
CA ILE FB 544 -17.28 40.52 -104.91
C ILE FB 544 -17.12 39.00 -104.94
N PHE FB 545 -18.19 38.30 -104.64
CA PHE FB 545 -18.20 36.85 -104.70
C PHE FB 545 -18.82 36.40 -106.01
N GLY FB 546 -18.33 35.28 -106.53
CA GLY FB 546 -18.87 34.71 -107.74
C GLY FB 546 -20.01 33.77 -107.43
N LYS FB 547 -21.04 33.82 -108.28
CA LYS FB 547 -22.06 32.80 -108.22
C LYS FB 547 -21.49 31.47 -108.67
N GLN FB 548 -22.24 30.40 -108.41
CA GLN FB 548 -21.78 29.08 -108.80
C GLN FB 548 -21.58 29.03 -110.32
N ASN FB 549 -20.45 28.44 -110.73
CA ASN FB 549 -20.07 28.32 -112.13
C ASN FB 549 -19.81 29.66 -112.80
N ALA FB 550 -19.46 30.68 -112.02
CA ALA FB 550 -19.03 31.94 -112.60
C ALA FB 550 -17.66 31.77 -113.23
N ALA FB 551 -17.45 32.44 -114.36
CA ALA FB 551 -16.18 32.35 -115.05
C ALA FB 551 -15.06 32.97 -114.21
N ARG FB 552 -13.87 32.39 -114.34
CA ARG FB 552 -12.71 32.95 -113.64
C ARG FB 552 -12.38 34.34 -114.16
N ASP FB 553 -12.43 34.55 -115.46
CA ASP FB 553 -12.08 35.83 -116.07
C ASP FB 553 -13.30 36.41 -116.77
N ASN FB 554 -13.51 37.71 -116.59
CA ASN FB 554 -14.55 38.47 -117.29
C ASN FB 554 -15.93 37.85 -117.07
N ALA FB 555 -16.23 37.52 -115.82
CA ALA FB 555 -17.59 37.12 -115.47
C ALA FB 555 -18.50 38.33 -115.56
N ASP FB 556 -19.70 38.12 -116.10
CA ASP FB 556 -20.67 39.20 -116.20
C ASP FB 556 -21.18 39.58 -114.82
N TYR FB 557 -21.79 40.76 -114.75
CA TYR FB 557 -22.34 41.23 -113.48
C TYR FB 557 -23.40 40.26 -112.94
N SER FB 558 -24.12 39.59 -113.83
CA SER FB 558 -25.11 38.62 -113.38
C SER FB 558 -24.48 37.37 -112.80
N ASP FB 559 -23.20 37.13 -113.04
CA ASP FB 559 -22.51 35.95 -112.53
C ASP FB 559 -21.78 36.21 -111.22
N VAL FB 560 -21.81 37.44 -110.71
CA VAL FB 560 -21.09 37.77 -109.49
C VAL FB 560 -22.08 38.32 -108.48
N MET FB 561 -21.65 38.33 -107.23
CA MET FB 561 -22.47 38.77 -106.10
C MET FB 561 -21.75 39.93 -105.43
N LEU FB 562 -22.23 41.15 -105.66
CA LEU FB 562 -21.63 42.32 -105.04
C LEU FB 562 -22.09 42.43 -103.60
N THR FB 563 -21.14 42.60 -102.69
CA THR FB 563 -21.49 42.92 -101.32
C THR FB 563 -21.73 44.42 -101.20
N SER FB 564 -22.37 44.81 -100.09
CA SER FB 564 -22.64 46.22 -99.83
C SER FB 564 -22.36 46.51 -98.37
N GLU FB 565 -21.55 47.53 -98.12
CA GLU FB 565 -21.27 48.00 -96.76
C GLU FB 565 -22.10 49.24 -96.43
N GLU FB 566 -23.34 49.30 -96.92
CA GLU FB 566 -24.17 50.46 -96.67
C GLU FB 566 -24.56 50.59 -95.20
N GLU FB 567 -24.43 49.51 -94.41
CA GLU FB 567 -24.79 49.59 -93.00
C GLU FB 567 -23.88 50.54 -92.23
N ILE FB 568 -22.67 50.80 -92.73
CA ILE FB 568 -21.73 51.67 -92.04
C ILE FB 568 -21.79 53.10 -92.56
N LYS FB 569 -22.84 53.45 -93.31
CA LYS FB 569 -23.08 54.84 -93.68
C LYS FB 569 -23.14 55.74 -92.46
N THR FB 570 -23.62 55.20 -91.35
CA THR FB 570 -23.85 56.00 -90.15
C THR FB 570 -22.55 56.52 -89.55
N THR FB 571 -21.46 55.83 -89.79
CA THR FB 571 -20.18 56.18 -89.18
C THR FB 571 -19.06 56.33 -90.19
N ASN FB 572 -19.05 55.52 -91.24
CA ASN FB 572 -17.98 55.60 -92.21
C ASN FB 572 -18.41 56.44 -93.41
N PRO FB 573 -17.50 57.22 -93.97
CA PRO FB 573 -17.84 57.97 -95.19
C PRO FB 573 -18.10 57.04 -96.35
N VAL FB 574 -18.91 57.51 -97.29
CA VAL FB 574 -19.21 56.74 -98.49
C VAL FB 574 -17.93 56.58 -99.31
N ALA FB 575 -17.69 55.36 -99.79
CA ALA FB 575 -16.43 55.04 -100.44
C ALA FB 575 -16.17 55.88 -101.68
N THR FB 576 -17.23 56.31 -102.36
CA THR FB 576 -17.09 57.03 -103.61
C THR FB 576 -17.27 58.54 -103.46
N GLU FB 577 -17.37 59.02 -102.23
CA GLU FB 577 -17.54 60.43 -101.97
C GLU FB 577 -16.32 60.97 -101.23
N GLU FB 578 -16.17 62.29 -101.27
CA GLU FB 578 -15.10 62.93 -100.52
C GLU FB 578 -15.36 62.84 -99.02
N TYR FB 579 -14.27 62.85 -98.26
CA TYR FB 579 -14.41 62.85 -96.80
C TYR FB 579 -15.07 64.13 -96.32
N GLY FB 580 -14.68 65.26 -96.87
CA GLY FB 580 -15.19 66.54 -96.41
C GLY FB 580 -14.54 67.67 -97.14
N ILE FB 581 -14.62 68.85 -96.55
CA ILE FB 581 -14.15 70.08 -97.15
C ILE FB 581 -13.23 70.77 -96.15
N VAL FB 582 -12.08 71.23 -96.62
CA VAL FB 582 -11.16 72.01 -95.80
C VAL FB 582 -10.85 73.32 -96.53
N ALA FB 583 -10.41 74.30 -95.75
CA ALA FB 583 -9.98 75.56 -96.34
C ALA FB 583 -8.68 75.37 -97.11
N ASP FB 584 -8.59 76.04 -98.25
CA ASP FB 584 -7.40 75.95 -99.09
C ASP FB 584 -6.56 77.22 -99.07
N ASN FB 585 -7.02 78.29 -98.43
CA ASN FB 585 -6.30 79.55 -98.44
C ASN FB 585 -6.68 80.33 -97.20
N LEU FB 586 -6.23 81.57 -97.12
CA LEU FB 586 -6.61 82.51 -96.07
C LEU FB 586 -7.42 83.62 -96.72
N GLN FB 587 -8.71 83.66 -96.43
CA GLN FB 587 -9.57 84.68 -97.00
C GLN FB 587 -9.21 86.04 -96.42
N GLN FB 588 -9.24 87.06 -97.27
CA GLN FB 588 -9.08 88.45 -96.89
C GLN FB 588 -10.18 89.25 -97.56
N GLN FB 589 -10.19 90.56 -97.31
CA GLN FB 589 -11.17 91.42 -97.97
C GLN FB 589 -11.00 91.43 -99.47
N ASN FB 590 -9.83 91.04 -99.99
CA ASN FB 590 -9.58 90.99 -101.42
C ASN FB 590 -9.54 89.57 -101.98
N THR FB 591 -9.40 88.55 -101.16
CA THR FB 591 -9.34 87.16 -101.62
C THR FB 591 -10.50 86.38 -101.03
N ALA FB 592 -11.37 85.88 -101.90
CA ALA FB 592 -12.48 85.07 -101.44
C ALA FB 592 -11.97 83.74 -100.89
N PRO FB 593 -12.64 83.20 -99.87
CA PRO FB 593 -12.20 81.91 -99.32
C PRO FB 593 -12.31 80.80 -100.35
N GLN FB 594 -11.32 79.92 -100.34
CA GLN FB 594 -11.27 78.78 -101.22
C GLN FB 594 -11.35 77.50 -100.40
N ILE FB 595 -12.00 76.50 -100.95
CA ILE FB 595 -12.20 75.24 -100.24
C ILE FB 595 -11.51 74.12 -101.02
N GLY FB 596 -10.98 73.17 -100.27
CA GLY FB 596 -10.35 71.98 -100.84
C GLY FB 596 -11.19 70.75 -100.52
N THR FB 597 -11.33 69.88 -101.50
CA THR FB 597 -12.09 68.65 -101.34
C THR FB 597 -11.15 67.55 -100.85
N VAL FB 598 -11.46 66.98 -99.69
CA VAL FB 598 -10.62 65.96 -99.08
C VAL FB 598 -11.07 64.61 -99.64
N ASN FB 599 -10.27 64.07 -100.56
CA ASN FB 599 -10.54 62.76 -101.14
C ASN FB 599 -9.79 61.63 -100.45
N SER FB 600 -8.89 61.96 -99.53
CA SER FB 600 -8.17 60.96 -98.76
C SER FB 600 -7.89 61.55 -97.39
N GLN FB 601 -8.40 60.91 -96.35
CA GLN FB 601 -8.27 61.42 -94.99
C GLN FB 601 -7.77 60.31 -94.09
N GLY FB 602 -6.57 60.50 -93.54
CA GLY FB 602 -6.06 59.60 -92.54
C GLY FB 602 -6.70 59.84 -91.20
N ALA FB 603 -6.22 59.09 -90.20
CA ALA FB 603 -6.82 59.13 -88.88
C ALA FB 603 -6.74 60.53 -88.27
N LEU FB 604 -7.87 61.01 -87.78
CA LEU FB 604 -7.96 62.24 -87.01
C LEU FB 604 -8.49 61.94 -85.63
N PRO FB 605 -8.09 62.70 -84.62
CA PRO FB 605 -8.65 62.49 -83.28
C PRO FB 605 -10.15 62.72 -83.28
N GLY FB 606 -10.86 61.92 -82.50
CA GLY FB 606 -12.29 61.96 -82.48
C GLY FB 606 -12.96 61.20 -83.61
N MET FB 607 -12.20 60.56 -84.48
CA MET FB 607 -12.77 59.81 -85.58
C MET FB 607 -13.21 58.44 -85.09
N VAL FB 608 -14.37 58.00 -85.54
CA VAL FB 608 -14.89 56.67 -85.25
C VAL FB 608 -15.31 56.03 -86.55
N TRP FB 609 -15.21 54.70 -86.61
CA TRP FB 609 -15.56 53.99 -87.83
C TRP FB 609 -15.91 52.55 -87.49
N GLN FB 610 -16.56 51.90 -88.44
CA GLN FB 610 -16.85 50.48 -88.38
C GLN FB 610 -15.94 49.73 -89.35
N ASN FB 611 -15.66 48.48 -89.00
CA ASN FB 611 -14.91 47.62 -89.91
C ASN FB 611 -15.83 47.11 -91.01
N ARG FB 612 -15.21 46.52 -92.03
CA ARG FB 612 -15.98 45.84 -93.07
C ARG FB 612 -16.74 44.67 -92.47
N ASP FB 613 -17.92 44.42 -92.99
CA ASP FB 613 -18.70 43.27 -92.57
C ASP FB 613 -18.03 41.97 -92.97
N VAL FB 614 -18.30 40.92 -92.21
CA VAL FB 614 -17.92 39.59 -92.62
C VAL FB 614 -19.10 38.94 -93.31
N TYR FB 615 -18.81 37.92 -94.12
CA TYR FB 615 -19.83 37.27 -94.91
C TYR FB 615 -19.71 35.77 -94.74
N LEU FB 616 -20.83 35.07 -94.96
CA LEU FB 616 -20.82 33.62 -94.89
C LEU FB 616 -19.79 33.04 -95.84
N GLN FB 617 -19.65 33.62 -97.03
CA GLN FB 617 -18.65 33.20 -97.99
C GLN FB 617 -17.30 33.87 -97.80
N GLY FB 618 -17.20 34.83 -96.89
CA GLY FB 618 -16.00 35.63 -96.76
C GLY FB 618 -14.96 35.02 -95.85
N PRO FB 619 -13.80 35.66 -95.79
CA PRO FB 619 -12.74 35.18 -94.90
C PRO FB 619 -13.07 35.42 -93.44
N ILE FB 620 -12.44 34.61 -92.58
CA ILE FB 620 -12.62 34.71 -91.14
C ILE FB 620 -11.52 35.53 -90.49
N TRP FB 621 -10.26 35.19 -90.78
CA TRP FB 621 -9.14 35.82 -90.12
C TRP FB 621 -8.05 36.13 -91.13
N ALA FB 622 -7.16 37.02 -90.74
CA ALA FB 622 -5.92 37.26 -91.45
C ALA FB 622 -4.81 37.39 -90.42
N LYS FB 623 -3.60 37.02 -90.83
CA LYS FB 623 -2.45 37.24 -89.98
C LYS FB 623 -2.05 38.71 -90.05
N ILE FB 624 -1.96 39.35 -88.89
CA ILE FB 624 -1.42 40.70 -88.83
C ILE FB 624 0.05 40.62 -89.16
N PRO FB 625 0.53 41.34 -90.17
CA PRO FB 625 1.95 41.28 -90.50
C PRO FB 625 2.81 41.69 -89.32
N HIS FB 626 3.92 41.00 -89.14
CA HIS FB 626 4.84 41.29 -88.04
C HIS FB 626 5.62 42.55 -88.40
N THR FB 627 5.15 43.69 -87.94
CA THR FB 627 5.77 44.97 -88.23
C THR FB 627 5.92 45.77 -86.95
N ASP FB 628 6.74 46.83 -87.03
CA ASP FB 628 6.90 47.72 -85.89
C ASP FB 628 5.59 48.41 -85.53
N GLY FB 629 4.86 48.87 -86.53
CA GLY FB 629 3.64 49.61 -86.30
C GLY FB 629 2.54 49.16 -87.23
N ASN FB 630 1.32 49.19 -86.70
CA ASN FB 630 0.12 49.04 -87.50
C ASN FB 630 -0.93 49.97 -86.91
N PHE FB 631 -1.89 50.33 -87.73
CA PHE FB 631 -3.01 51.15 -87.29
C PHE FB 631 -4.28 50.35 -87.50
N HIS FB 632 -5.01 50.10 -86.41
CA HIS FB 632 -6.25 49.35 -86.42
C HIS FB 632 -6.09 48.07 -87.24
N PRO FB 633 -5.33 47.10 -86.75
CA PRO FB 633 -5.00 45.94 -87.58
C PRO FB 633 -6.17 45.00 -87.81
N SER FB 634 -7.25 45.52 -88.31
CA SER FB 634 -8.37 44.71 -88.75
C SER FB 634 -8.22 44.44 -90.24
N PRO FB 635 -8.28 43.18 -90.67
CA PRO FB 635 -8.03 42.87 -92.09
C PRO FB 635 -9.04 43.59 -92.97
N LEU FB 636 -8.55 44.08 -94.11
CA LEU FB 636 -9.37 44.96 -94.94
C LEU FB 636 -10.47 44.19 -95.66
N MET FB 637 -10.23 42.95 -96.07
CA MET FB 637 -11.32 42.17 -96.64
C MET FB 637 -12.25 41.60 -95.57
N GLY FB 638 -12.11 42.05 -94.33
CA GLY FB 638 -13.01 41.68 -93.26
C GLY FB 638 -12.48 40.51 -92.44
N GLY FB 639 -12.95 40.44 -91.21
CA GLY FB 639 -12.61 39.36 -90.33
C GLY FB 639 -11.78 39.81 -89.15
N PHE FB 640 -11.09 38.85 -88.56
CA PHE FB 640 -10.36 39.05 -87.32
C PHE FB 640 -8.87 39.11 -87.63
N GLY FB 641 -8.23 40.19 -87.22
CA GLY FB 641 -6.79 40.28 -87.35
C GLY FB 641 -6.12 39.62 -86.18
N LEU FB 642 -5.26 38.64 -86.46
CA LEU FB 642 -4.60 37.87 -85.41
C LEU FB 642 -3.09 37.96 -85.57
N LYS FB 643 -2.40 38.29 -84.48
CA LYS FB 643 -0.95 38.22 -84.48
C LYS FB 643 -0.50 36.78 -84.66
N HIS FB 644 -1.19 35.83 -84.03
CA HIS FB 644 -0.88 34.42 -84.12
C HIS FB 644 -2.15 33.70 -84.59
N PRO FB 645 -2.40 33.69 -85.89
CA PRO FB 645 -3.61 33.09 -86.42
C PRO FB 645 -3.56 31.59 -86.32
N PRO FB 646 -4.63 30.88 -86.68
CA PRO FB 646 -4.55 29.43 -86.80
C PRO FB 646 -3.39 29.04 -87.70
N PRO FB 647 -2.53 28.14 -87.24
CA PRO FB 647 -1.32 27.84 -88.02
C PRO FB 647 -1.65 27.16 -89.33
N GLN FB 648 -0.79 27.39 -90.31
CA GLN FB 648 -0.91 26.68 -91.57
C GLN FB 648 -0.69 25.19 -91.33
N ILE FB 649 -1.55 24.38 -91.92
CA ILE FB 649 -1.45 22.93 -91.82
C ILE FB 649 -0.98 22.43 -93.17
N LEU FB 650 0.26 21.98 -93.24
CA LEU FB 650 0.87 21.56 -94.48
C LEU FB 650 0.80 20.05 -94.59
N ILE FB 651 0.41 19.55 -95.75
CA ILE FB 651 0.24 18.12 -95.97
C ILE FB 651 0.89 17.76 -97.30
N LYS FB 652 1.53 16.60 -97.33
CA LYS FB 652 2.20 16.14 -98.52
C LYS FB 652 2.18 14.63 -98.57
N ASN FB 653 2.02 14.08 -99.77
CA ASN FB 653 2.25 12.65 -99.97
C ASN FB 653 3.75 12.40 -99.93
N THR FB 654 4.17 11.51 -99.07
CA THR FB 654 5.58 11.15 -99.02
C THR FB 654 5.98 10.49 -100.33
N PRO FB 655 7.02 10.96 -101.00
CA PRO FB 655 7.41 10.34 -102.27
C PRO FB 655 7.79 8.88 -102.07
N VAL FB 656 7.28 8.03 -102.96
CA VAL FB 656 7.61 6.63 -102.97
C VAL FB 656 8.35 6.34 -104.27
N PRO FB 657 9.66 6.14 -104.23
CA PRO FB 657 10.42 5.91 -105.47
C PRO FB 657 9.93 4.67 -106.20
N ALA FB 658 9.96 4.74 -107.52
CA ALA FB 658 9.87 3.53 -108.31
C ALA FB 658 11.17 2.73 -108.16
N ASP FB 659 11.26 1.62 -108.87
CA ASP FB 659 12.42 0.76 -108.70
C ASP FB 659 13.69 1.50 -109.11
N PRO FB 660 14.66 1.66 -108.22
CA PRO FB 660 15.90 2.31 -108.59
C PRO FB 660 16.75 1.39 -109.45
N PRO FB 661 17.76 1.92 -110.14
CA PRO FB 661 18.65 1.04 -110.90
C PRO FB 661 19.43 0.13 -109.96
N THR FB 662 19.91 -0.98 -110.51
CA THR FB 662 20.66 -1.93 -109.72
C THR FB 662 22.13 -1.57 -109.58
N THR FB 663 22.57 -0.51 -110.26
CA THR FB 663 23.90 0.05 -110.06
C THR FB 663 23.75 1.45 -109.49
N PHE FB 664 24.62 1.80 -108.54
CA PHE FB 664 24.45 3.04 -107.81
C PHE FB 664 24.56 4.25 -108.73
N ASN FB 665 23.64 5.20 -108.54
CA ASN FB 665 23.67 6.48 -109.20
C ASN FB 665 23.48 7.56 -108.15
N GLN FB 666 24.39 8.53 -108.11
CA GLN FB 666 24.33 9.58 -107.10
C GLN FB 666 23.20 10.56 -107.36
N SER FB 667 22.67 10.61 -108.57
CA SER FB 667 21.64 11.58 -108.91
C SER FB 667 20.38 11.33 -108.10
N LYS FB 668 19.69 12.41 -107.74
CA LYS FB 668 18.43 12.28 -107.02
C LYS FB 668 17.43 11.50 -107.87
N LEU FB 669 16.63 10.69 -107.20
CA LEU FB 669 15.65 9.88 -107.90
C LEU FB 669 14.53 10.77 -108.42
N ASN FB 670 14.17 10.57 -109.69
CA ASN FB 670 13.08 11.29 -110.30
C ASN FB 670 11.96 10.37 -110.76
N SER FB 671 12.11 9.06 -110.60
CA SER FB 671 11.09 8.09 -110.95
C SER FB 671 10.34 7.72 -109.69
N PHE FB 672 9.09 8.13 -109.61
CA PHE FB 672 8.28 7.92 -108.42
C PHE FB 672 7.01 7.18 -108.78
N ILE FB 673 6.50 6.41 -107.82
CA ILE FB 673 5.21 5.77 -107.97
C ILE FB 673 4.13 6.84 -107.94
N THR FB 674 3.27 6.84 -108.95
CA THR FB 674 2.20 7.82 -109.01
C THR FB 674 1.22 7.56 -107.87
N GLN FB 675 0.90 8.60 -107.13
CA GLN FB 675 0.28 8.40 -105.84
C GLN FB 675 -0.55 9.61 -105.46
N TYR FB 676 -1.66 9.37 -104.78
CA TYR FB 676 -2.45 10.44 -104.19
C TYR FB 676 -3.06 9.91 -102.91
N SER FB 677 -3.44 10.83 -102.04
CA SER FB 677 -4.07 10.45 -100.78
C SER FB 677 -5.43 11.10 -100.66
N THR FB 678 -6.30 10.44 -99.91
CA THR FB 678 -7.59 10.97 -99.57
C THR FB 678 -7.85 10.67 -98.11
N GLY FB 679 -8.72 11.47 -97.51
CA GLY FB 679 -9.05 11.27 -96.12
C GLY FB 679 -10.14 12.22 -95.71
N GLN FB 680 -10.39 12.26 -94.41
CA GLN FB 680 -11.35 13.18 -93.85
C GLN FB 680 -10.64 14.21 -92.99
N VAL FB 681 -11.14 15.43 -93.02
CA VAL FB 681 -10.61 16.52 -92.21
C VAL FB 681 -11.75 17.06 -91.37
N SER FB 682 -11.51 17.22 -90.08
CA SER FB 682 -12.48 17.80 -89.17
C SER FB 682 -11.89 19.05 -88.57
N VAL FB 683 -12.64 20.14 -88.60
CA VAL FB 683 -12.27 21.37 -87.92
C VAL FB 683 -13.44 21.77 -87.03
N GLU FB 684 -13.15 21.98 -85.76
CA GLU FB 684 -14.14 22.42 -84.78
C GLU FB 684 -13.71 23.76 -84.25
N ILE FB 685 -14.57 24.76 -84.39
CA ILE FB 685 -14.30 26.10 -83.88
C ILE FB 685 -15.37 26.45 -82.85
N GLU FB 686 -14.94 26.88 -81.68
CA GLU FB 686 -15.83 27.43 -80.68
C GLU FB 686 -15.86 28.95 -80.83
N TRP FB 687 -17.04 29.50 -80.99
CA TRP FB 687 -17.24 30.93 -81.14
C TRP FB 687 -17.93 31.48 -79.91
N GLU FB 688 -17.46 32.61 -79.42
CA GLU FB 688 -18.14 33.33 -78.35
C GLU FB 688 -19.10 34.32 -78.98
N LEU FB 689 -20.29 34.42 -78.39
CA LEU FB 689 -21.34 35.28 -78.91
C LEU FB 689 -21.55 36.48 -78.01
N GLN FB 690 -21.82 37.62 -78.61
CA GLN FB 690 -22.29 38.81 -77.90
C GLN FB 690 -23.79 38.91 -78.12
N LYS FB 691 -24.55 38.57 -77.09
CA LYS FB 691 -26.00 38.63 -77.18
C LYS FB 691 -26.46 40.08 -77.25
N GLU FB 692 -27.47 40.33 -78.08
CA GLU FB 692 -28.04 41.66 -78.19
C GLU FB 692 -28.88 41.95 -76.96
N ASN FB 693 -28.63 43.09 -76.33
CA ASN FB 693 -29.40 43.55 -75.19
C ASN FB 693 -29.98 44.91 -75.57
N SER FB 694 -31.12 44.87 -76.25
CA SER FB 694 -31.67 46.05 -76.92
C SER FB 694 -33.06 46.36 -76.38
N LYS FB 695 -33.32 47.65 -76.17
CA LYS FB 695 -34.63 48.11 -75.75
C LYS FB 695 -35.44 48.69 -76.91
N ARG FB 696 -35.00 48.42 -78.14
CA ARG FB 696 -35.75 48.82 -79.32
C ARG FB 696 -37.16 48.24 -79.27
N TRP FB 697 -38.15 49.07 -79.55
CA TRP FB 697 -39.54 48.63 -79.47
C TRP FB 697 -39.99 47.94 -80.75
N ASN FB 698 -39.73 48.56 -81.89
CA ASN FB 698 -40.20 48.03 -83.16
C ASN FB 698 -39.34 46.83 -83.58
N PRO FB 699 -39.87 45.94 -84.41
CA PRO FB 699 -39.11 44.76 -84.82
C PRO FB 699 -37.86 45.13 -85.60
N GLU FB 700 -36.83 44.31 -85.45
CA GLU FB 700 -35.57 44.50 -86.14
C GLU FB 700 -35.64 43.94 -87.55
N ILE FB 701 -34.67 44.33 -88.36
CA ILE FB 701 -34.45 43.68 -89.65
C ILE FB 701 -33.75 42.35 -89.40
N GLN FB 702 -34.25 41.30 -90.02
CA GLN FB 702 -33.69 39.96 -89.88
C GLN FB 702 -33.41 39.40 -91.25
N TYR FB 703 -32.36 38.60 -91.34
CA TYR FB 703 -32.16 37.84 -92.57
C TYR FB 703 -33.20 36.73 -92.64
N THR FB 704 -33.90 36.65 -93.75
CA THR FB 704 -34.95 35.66 -93.93
C THR FB 704 -34.87 35.11 -95.34
N SER FB 705 -35.24 33.85 -95.49
CA SER FB 705 -35.43 33.30 -96.81
C SER FB 705 -36.72 33.86 -97.42
N ASN FB 706 -36.75 33.94 -98.74
CA ASN FB 706 -37.94 34.41 -99.42
C ASN FB 706 -39.07 33.40 -99.27
N TYR FB 707 -40.27 33.90 -98.95
CA TYR FB 707 -41.41 33.02 -98.75
C TYR FB 707 -41.97 32.51 -100.08
N TYR FB 708 -41.82 33.29 -101.15
CA TYR FB 708 -42.45 32.96 -102.43
C TYR FB 708 -41.81 31.74 -103.06
N LYS FB 709 -42.58 31.04 -103.89
CA LYS FB 709 -42.13 29.81 -104.50
C LYS FB 709 -40.99 30.06 -105.47
N SER FB 710 -40.18 29.01 -105.69
CA SER FB 710 -39.06 29.11 -106.60
C SER FB 710 -38.74 27.73 -107.13
N THR FB 711 -37.97 27.70 -108.23
CA THR FB 711 -37.59 26.44 -108.85
C THR FB 711 -36.76 25.59 -107.91
N SER FB 712 -35.87 26.22 -107.14
CA SER FB 712 -34.99 25.52 -106.24
C SER FB 712 -34.95 26.23 -104.90
N VAL FB 713 -34.59 25.48 -103.87
CA VAL FB 713 -34.40 26.05 -102.54
C VAL FB 713 -33.07 26.79 -102.50
N ASP FB 714 -33.09 28.01 -101.98
CA ASP FB 714 -31.85 28.76 -101.81
C ASP FB 714 -30.96 28.07 -100.81
N PHE FB 715 -29.65 28.07 -101.09
CA PHE FB 715 -28.66 27.37 -100.27
C PHE FB 715 -28.98 25.88 -100.17
N ALA FB 716 -29.27 25.29 -101.33
CA ALA FB 716 -29.49 23.86 -101.45
C ALA FB 716 -28.87 23.39 -102.75
N VAL FB 717 -29.05 22.14 -103.07
CA VAL FB 717 -28.55 21.59 -104.32
C VAL FB 717 -29.63 21.72 -105.37
N ASN FB 718 -29.21 21.76 -106.63
CA ASN FB 718 -30.15 21.76 -107.74
C ASN FB 718 -30.38 20.31 -108.18
N THR FB 719 -31.01 20.14 -109.34
CA THR FB 719 -31.30 18.79 -109.82
C THR FB 719 -30.05 18.02 -110.20
N GLU FB 720 -28.93 18.70 -110.40
CA GLU FB 720 -27.67 18.06 -110.78
C GLU FB 720 -26.76 17.82 -109.59
N GLY FB 721 -27.21 18.14 -108.38
CA GLY FB 721 -26.39 17.93 -107.21
C GLY FB 721 -25.42 19.04 -106.90
N VAL FB 722 -25.52 20.17 -107.59
CA VAL FB 722 -24.60 21.28 -107.39
C VAL FB 722 -25.14 22.16 -106.27
N TYR FB 723 -24.37 22.30 -105.20
CA TYR FB 723 -24.69 23.24 -104.15
C TYR FB 723 -24.29 24.64 -104.57
N SER FB 724 -25.18 25.60 -104.34
CA SER FB 724 -24.92 26.97 -104.69
C SER FB 724 -25.32 27.90 -103.55
N GLU FB 725 -24.57 28.99 -103.42
CA GLU FB 725 -24.93 30.05 -102.50
C GLU FB 725 -25.47 31.21 -103.32
N PRO FB 726 -26.78 31.48 -103.26
CA PRO FB 726 -27.36 32.44 -104.22
C PRO FB 726 -26.98 33.89 -103.94
N ARG FB 727 -26.65 34.24 -102.71
CA ARG FB 727 -26.37 35.62 -102.36
C ARG FB 727 -25.30 35.63 -101.27
N PRO FB 728 -24.56 36.73 -101.14
CA PRO FB 728 -23.66 36.88 -99.99
C PRO FB 728 -24.45 37.36 -98.78
N ILE FB 729 -24.47 36.55 -97.73
CA ILE FB 729 -25.17 36.92 -96.51
C ILE FB 729 -24.19 37.68 -95.64
N GLY FB 730 -24.48 38.95 -95.40
CA GLY FB 730 -23.68 39.73 -94.49
C GLY FB 730 -23.94 39.33 -93.06
N THR FB 731 -23.61 40.21 -92.13
CA THR FB 731 -23.71 39.87 -90.72
C THR FB 731 -24.49 40.92 -89.94
N ARG FB 732 -24.73 42.09 -90.51
CA ARG FB 732 -25.26 43.23 -89.79
C ARG FB 732 -26.75 43.38 -90.09
N TYR FB 733 -27.57 42.81 -89.21
CA TYR FB 733 -29.02 42.93 -89.30
C TYR FB 733 -29.63 43.54 -88.06
N LEU FB 734 -29.15 43.17 -86.88
CA LEU FB 734 -29.57 43.83 -85.66
C LEU FB 734 -29.01 45.25 -85.61
N THR FB 735 -29.55 46.05 -84.71
CA THR FB 735 -29.18 47.45 -84.61
C THR FB 735 -28.71 47.79 -83.20
N ARG FB 736 -27.82 48.77 -83.14
CA ARG FB 736 -27.39 49.38 -81.88
C ARG FB 736 -27.42 50.89 -82.04
N ASN FB 737 -27.59 51.58 -80.92
CA ASN FB 737 -27.35 53.00 -80.90
C ASN FB 737 -25.85 53.26 -80.99
N LEU FB 738 -25.51 54.46 -81.43
CA LEU FB 738 -24.10 54.84 -81.50
C LEU FB 738 -23.58 55.16 -80.09
N GLY GB 221 39.13 59.60 -50.41
CA GLY GB 221 40.49 60.03 -50.18
C GLY GB 221 41.16 60.64 -51.40
N VAL GB 222 42.09 61.56 -51.16
CA VAL GB 222 42.82 62.20 -52.24
C VAL GB 222 43.64 61.18 -53.01
N GLY GB 223 44.31 60.28 -52.30
CA GLY GB 223 45.23 59.34 -52.90
C GLY GB 223 44.66 57.98 -53.24
N SER GB 224 43.34 57.81 -53.22
CA SER GB 224 42.73 56.54 -53.55
C SER GB 224 41.75 56.72 -54.70
N SER GB 225 41.79 55.78 -55.65
CA SER GB 225 40.88 55.80 -56.77
C SER GB 225 39.45 55.55 -56.31
N SER GB 226 38.50 56.29 -56.89
CA SER GB 226 37.09 56.13 -56.55
C SER GB 226 36.35 55.22 -57.51
N GLY GB 227 37.05 54.62 -58.47
CA GLY GB 227 36.41 53.69 -59.37
C GLY GB 227 37.42 53.16 -60.37
N ASN GB 228 37.04 52.07 -61.01
CA ASN GB 228 37.90 51.39 -61.96
C ASN GB 228 37.39 51.59 -63.38
N TRP GB 229 38.27 51.36 -64.34
CA TRP GB 229 37.92 51.43 -65.75
C TRP GB 229 37.13 50.18 -66.13
N HIS GB 230 35.92 50.38 -66.65
CA HIS GB 230 35.03 49.27 -67.00
C HIS GB 230 34.55 49.50 -68.43
N CYS GB 231 35.31 49.02 -69.40
CA CYS GB 231 34.86 48.94 -70.79
C CYS GB 231 34.80 47.46 -71.14
N ASP GB 232 33.62 47.00 -71.51
CA ASP GB 232 33.42 45.57 -71.74
C ASP GB 232 32.04 45.37 -72.34
N SER GB 233 31.84 44.18 -72.90
CA SER GB 233 30.52 43.74 -73.32
C SER GB 233 30.43 42.26 -73.02
N THR GB 234 29.44 41.87 -72.23
CA THR GB 234 29.24 40.48 -71.87
C THR GB 234 27.94 40.01 -72.50
N TRP GB 235 28.03 38.98 -73.34
CA TRP GB 235 26.87 38.38 -73.98
C TRP GB 235 26.52 37.12 -73.20
N LEU GB 236 25.31 37.09 -72.65
CA LEU GB 236 24.89 35.98 -71.79
C LEU GB 236 23.43 35.70 -72.10
N GLY GB 237 23.19 34.63 -72.88
CA GLY GB 237 21.83 34.26 -73.20
C GLY GB 237 21.17 35.31 -74.07
N ASP GB 238 20.00 35.77 -73.63
CA ASP GB 238 19.23 36.78 -74.33
C ASP GB 238 19.57 38.20 -73.89
N ARG GB 239 20.66 38.37 -73.15
CA ARG GB 239 21.09 39.68 -72.71
C ARG GB 239 22.49 39.98 -73.23
N VAL GB 240 22.75 41.24 -73.49
CA VAL GB 240 24.10 41.75 -73.65
C VAL GB 240 24.26 42.95 -72.75
N ILE GB 241 25.32 42.97 -71.95
CA ILE GB 241 25.59 44.06 -71.03
C ILE GB 241 26.79 44.80 -71.58
N THR GB 242 26.56 45.99 -72.12
CA THR GB 242 27.63 46.86 -72.56
C THR GB 242 28.00 47.80 -71.42
N THR GB 243 29.28 47.90 -71.12
CA THR GB 243 29.77 48.90 -70.20
C THR GB 243 30.89 49.66 -70.87
N SER GB 244 30.87 50.98 -70.74
CA SER GB 244 31.86 51.82 -71.39
C SER GB 244 32.33 52.89 -70.42
N THR GB 245 33.64 53.08 -70.37
CA THR GB 245 34.24 54.11 -69.55
C THR GB 245 34.95 55.10 -70.46
N ARG GB 246 34.82 56.38 -70.16
CA ARG GB 246 35.51 57.42 -70.90
C ARG GB 246 36.09 58.43 -69.92
N THR GB 247 37.13 59.10 -70.36
CA THR GB 247 37.68 60.23 -69.63
C THR GB 247 37.06 61.50 -70.17
N TRP GB 248 36.51 62.32 -69.29
CA TRP GB 248 35.86 63.56 -69.67
C TRP GB 248 36.62 64.73 -69.10
N ALA GB 249 36.39 65.91 -69.69
CA ALA GB 249 36.89 67.16 -69.17
C ALA GB 249 35.75 68.17 -69.17
N LEU GB 250 35.50 68.77 -68.02
CA LEU GB 250 34.41 69.73 -67.89
C LEU GB 250 34.99 71.11 -67.64
N PRO GB 251 34.86 72.05 -68.57
CA PRO GB 251 35.30 73.41 -68.31
C PRO GB 251 34.25 74.16 -67.47
N THR GB 252 34.62 75.36 -67.09
CA THR GB 252 33.63 76.29 -66.55
C THR GB 252 32.91 76.93 -67.72
N TYR GB 253 31.60 76.75 -67.78
CA TYR GB 253 30.77 77.28 -68.85
C TYR GB 253 30.16 78.61 -68.41
N ASN GB 254 30.10 79.55 -69.34
CA ASN GB 254 29.38 80.81 -69.17
C ASN GB 254 29.94 81.68 -68.05
N ASN GB 255 31.14 81.39 -67.57
CA ASN GB 255 31.70 82.05 -66.40
C ASN GB 255 30.75 81.94 -65.21
N HIS GB 256 30.19 80.74 -65.03
CA HIS GB 256 29.27 80.40 -63.94
C HIS GB 256 27.94 81.13 -64.02
N LEU GB 257 27.61 81.71 -65.16
CA LEU GB 257 26.40 82.52 -65.29
C LEU GB 257 25.33 81.80 -66.08
N TYR GB 258 24.08 82.14 -65.79
CA TYR GB 258 22.96 81.83 -66.67
C TYR GB 258 22.76 83.02 -67.59
N LYS GB 259 22.79 82.77 -68.89
CA LYS GB 259 22.64 83.85 -69.87
C LYS GB 259 21.39 83.59 -70.70
N GLN GB 260 20.55 84.60 -70.82
CA GLN GB 260 19.47 84.55 -71.78
C GLN GB 260 20.05 84.61 -73.19
N ILE GB 261 19.61 83.70 -74.05
CA ILE GB 261 20.06 83.65 -75.43
C ILE GB 261 18.84 83.74 -76.33
N SER GB 262 18.99 84.43 -77.45
CA SER GB 262 17.87 84.67 -78.34
C SER GB 262 18.38 84.77 -79.77
N ASN GB 263 17.43 84.69 -80.70
CA ASN GB 263 17.70 84.92 -82.11
C ASN GB 263 16.42 85.44 -82.72
N GLY GB 264 16.49 86.62 -83.33
CA GLY GB 264 15.33 87.25 -83.93
C GLY GB 264 15.51 87.45 -85.43
N THR GB 265 14.51 88.08 -86.02
CA THR GB 265 14.52 88.35 -87.45
C THR GB 265 15.26 89.64 -87.77
N ALA GB 269 18.45 86.60 -89.45
CA ALA GB 269 17.83 85.29 -89.29
C ALA GB 269 16.38 85.31 -89.72
N THR GB 270 15.89 84.19 -90.23
CA THR GB 270 14.49 84.09 -90.62
C THR GB 270 13.63 83.73 -89.41
N ASN GB 271 12.32 83.91 -89.59
CA ASN GB 271 11.39 83.57 -88.51
C ASN GB 271 11.44 82.09 -88.17
N ASP GB 272 11.77 81.25 -89.15
CA ASP GB 272 11.84 79.81 -88.91
C ASP GB 272 12.93 79.45 -87.92
N ASN GB 273 13.93 80.30 -87.74
CA ASN GB 273 15.08 80.00 -86.90
C ASN GB 273 15.14 80.84 -85.63
N THR GB 274 14.06 81.54 -85.29
CA THR GB 274 14.06 82.33 -84.07
C THR GB 274 13.96 81.43 -82.85
N TYR GB 275 14.54 81.89 -81.75
CA TYR GB 275 14.42 81.16 -80.50
C TYR GB 275 14.64 82.11 -79.34
N PHE GB 276 14.15 81.69 -78.18
CA PHE GB 276 14.46 82.31 -76.90
C PHE GB 276 14.77 81.18 -75.94
N GLY GB 277 15.85 81.32 -75.19
CA GLY GB 277 16.23 80.28 -74.27
C GLY GB 277 17.28 80.76 -73.30
N TYR GB 278 17.89 79.81 -72.64
CA TYR GB 278 18.90 80.13 -71.63
C TYR GB 278 20.10 79.24 -71.79
N SER GB 279 21.27 79.84 -71.74
CA SER GB 279 22.53 79.12 -71.61
C SER GB 279 22.85 78.99 -70.13
N THR GB 280 23.16 77.79 -69.69
CA THR GB 280 23.45 77.54 -68.29
C THR GB 280 24.92 77.25 -68.10
N PRO GB 281 25.45 77.47 -66.90
CA PRO GB 281 26.83 77.10 -66.60
C PRO GB 281 27.05 75.61 -66.41
N TRP GB 282 26.03 74.79 -66.65
CA TRP GB 282 26.10 73.37 -66.40
C TRP GB 282 26.48 72.61 -67.66
N GLY GB 283 27.28 71.57 -67.49
CA GLY GB 283 27.42 70.57 -68.52
C GLY GB 283 26.45 69.43 -68.30
N TYR GB 284 26.41 68.53 -69.27
CA TYR GB 284 25.57 67.35 -69.11
C TYR GB 284 26.21 66.17 -69.81
N PHE GB 285 25.92 64.99 -69.31
CA PHE GB 285 26.47 63.76 -69.85
C PHE GB 285 25.49 63.17 -70.85
N ASP GB 286 25.98 62.87 -72.05
CA ASP GB 286 25.19 62.29 -73.10
C ASP GB 286 25.82 60.96 -73.51
N PHE GB 287 25.03 59.90 -73.50
CA PHE GB 287 25.43 58.62 -74.05
C PHE GB 287 24.31 58.05 -74.89
N ASN GB 288 23.64 58.93 -75.64
CA ASN GB 288 22.48 58.59 -76.43
C ASN GB 288 22.84 58.23 -77.86
N ARG GB 289 24.01 57.63 -78.07
CA ARG GB 289 24.38 57.06 -79.34
C ARG GB 289 24.84 55.63 -79.13
N PHE GB 290 24.54 54.77 -80.08
CA PHE GB 290 24.82 53.35 -79.90
C PHE GB 290 26.31 53.08 -79.81
N HIS GB 291 27.14 53.84 -80.53
CA HIS GB 291 28.57 53.59 -80.47
C HIS GB 291 29.20 54.02 -79.16
N CYS GB 292 28.46 54.73 -78.30
CA CYS GB 292 28.93 54.96 -76.95
C CYS GB 292 28.97 53.67 -76.14
N HIS GB 293 28.27 52.64 -76.57
CA HIS GB 293 28.13 51.41 -75.82
C HIS GB 293 28.57 50.18 -76.58
N PHE GB 294 28.32 50.14 -77.89
CA PHE GB 294 28.68 49.00 -78.70
C PHE GB 294 29.94 49.30 -79.50
N SER GB 295 30.94 48.44 -79.37
CA SER GB 295 32.03 48.44 -80.31
C SER GB 295 31.50 47.98 -81.66
N PRO GB 296 32.20 48.34 -82.75
CA PRO GB 296 31.74 47.86 -84.07
C PRO GB 296 31.61 46.36 -84.15
N ARG GB 297 32.52 45.62 -83.53
CA ARG GB 297 32.39 44.17 -83.50
C ARG GB 297 31.19 43.73 -82.68
N ASP GB 298 30.94 44.40 -81.56
CA ASP GB 298 29.75 44.10 -80.77
C ASP GB 298 28.48 44.42 -81.54
N TRP GB 299 28.49 45.54 -82.28
CA TRP GB 299 27.37 45.87 -83.13
C TRP GB 299 27.15 44.81 -84.19
N GLN GB 300 28.22 44.30 -84.78
CA GLN GB 300 28.11 43.20 -85.75
C GLN GB 300 27.51 41.96 -85.10
N ARG GB 301 27.98 41.61 -83.91
CA ARG GB 301 27.41 40.48 -83.18
C ARG GB 301 25.93 40.67 -82.96
N LEU GB 302 25.52 41.88 -82.60
CA LEU GB 302 24.11 42.15 -82.33
C LEU GB 302 23.28 42.05 -83.59
N ILE GB 303 23.69 42.70 -84.67
CA ILE GB 303 22.84 42.82 -85.85
C ILE GB 303 22.86 41.59 -86.73
N ASN GB 304 23.91 40.77 -86.66
CA ASN GB 304 23.96 39.58 -87.51
C ASN GB 304 23.25 38.39 -86.91
N ASN GB 305 22.82 38.47 -85.66
CA ASN GB 305 22.34 37.30 -84.94
C ASN GB 305 21.03 37.50 -84.20
N ASN GB 306 20.49 38.71 -84.19
CA ASN GB 306 19.30 39.01 -83.39
C ASN GB 306 18.25 39.69 -84.25
N TRP GB 307 17.00 39.29 -84.04
CA TRP GB 307 15.88 39.95 -84.71
C TRP GB 307 15.49 41.24 -84.03
N GLY GB 308 15.92 41.46 -82.81
CA GLY GB 308 15.55 42.66 -82.12
C GLY GB 308 16.33 42.82 -80.83
N PHE GB 309 16.29 44.03 -80.30
CA PHE GB 309 16.95 44.33 -79.04
C PHE GB 309 16.27 45.55 -78.44
N ARG GB 310 16.47 45.72 -77.14
CA ARG GB 310 15.92 46.88 -76.44
C ARG GB 310 16.71 47.07 -75.16
N PRO GB 311 16.90 48.30 -74.71
CA PRO GB 311 17.55 48.52 -73.42
C PRO GB 311 16.66 48.09 -72.28
N LYS GB 312 17.28 47.58 -71.23
CA LYS GB 312 16.57 47.14 -70.04
C LYS GB 312 16.86 47.99 -68.82
N ARG GB 313 18.14 48.20 -68.51
CA ARG GB 313 18.53 48.98 -67.36
C ARG GB 313 19.86 49.63 -67.67
N LEU GB 314 20.18 50.69 -66.94
CA LEU GB 314 21.48 51.30 -67.05
C LEU GB 314 22.00 51.67 -65.66
N SER GB 315 23.31 51.64 -65.53
CA SER GB 315 24.00 52.17 -64.37
C SER GB 315 25.03 53.16 -64.85
N PHE GB 316 25.15 54.27 -64.14
CA PHE GB 316 26.01 55.38 -64.52
C PHE GB 316 26.93 55.69 -63.36
N LYS GB 317 28.19 55.97 -63.65
CA LYS GB 317 29.15 56.25 -62.60
C LYS GB 317 30.05 57.42 -63.00
N LEU GB 318 30.27 58.31 -62.05
CA LEU GB 318 31.28 59.36 -62.15
C LEU GB 318 32.29 59.11 -61.05
N PHE GB 319 33.57 59.13 -61.40
CA PHE GB 319 34.60 58.76 -60.43
C PHE GB 319 35.95 59.31 -60.89
N ASN GB 320 36.93 59.21 -60.00
CA ASN GB 320 38.28 59.72 -60.24
C ASN GB 320 38.23 61.17 -60.67
N ILE GB 321 37.44 61.95 -59.95
CA ILE GB 321 37.26 63.36 -60.28
C ILE GB 321 38.50 64.13 -59.87
N GLN GB 322 38.99 64.96 -60.78
CA GLN GB 322 40.11 65.86 -60.50
C GLN GB 322 39.67 67.26 -60.90
N VAL GB 323 39.65 68.16 -59.94
CA VAL GB 323 39.38 69.57 -60.20
C VAL GB 323 40.70 70.29 -60.22
N LYS GB 324 40.97 71.00 -61.32
CA LYS GB 324 42.26 71.60 -61.55
C LYS GB 324 42.14 73.10 -61.68
N GLU GB 325 43.07 73.81 -61.07
CA GLU GB 325 43.15 75.26 -61.12
C GLU GB 325 44.22 75.66 -62.13
N VAL GB 326 43.87 76.60 -63.01
CA VAL GB 326 44.80 77.10 -64.01
C VAL GB 326 45.00 78.59 -63.77
N THR GB 327 46.26 79.01 -63.68
CA THR GB 327 46.60 80.40 -63.41
C THR GB 327 47.30 81.05 -64.59
N LYS GB 333 51.26 79.86 -68.10
CA LYS GB 333 50.12 79.09 -67.62
C LYS GB 333 50.56 77.86 -66.85
N THR GB 334 50.09 77.73 -65.62
CA THR GB 334 50.34 76.56 -64.80
C THR GB 334 49.01 75.96 -64.36
N ILE GB 335 48.93 74.63 -64.40
CA ILE GB 335 47.76 73.90 -63.97
C ILE GB 335 48.11 73.13 -62.71
N ALA GB 336 47.31 73.32 -61.67
CA ALA GB 336 47.53 72.69 -60.38
C ALA GB 336 46.25 72.04 -59.90
N ASN GB 337 46.39 71.00 -59.09
CA ASN GB 337 45.24 70.39 -58.46
C ASN GB 337 44.63 71.34 -57.43
N ASN GB 338 43.30 71.40 -57.42
CA ASN GB 338 42.55 72.14 -56.37
C ASN GB 338 41.85 71.04 -55.58
N LEU GB 339 42.51 70.47 -54.57
CA LEU GB 339 42.03 69.30 -53.87
C LEU GB 339 40.70 69.54 -53.16
N THR GB 340 40.44 70.77 -52.75
CA THR GB 340 39.24 71.09 -51.99
C THR GB 340 38.10 71.59 -52.85
N SER GB 341 38.29 71.68 -54.17
CA SER GB 341 37.21 72.12 -55.05
C SER GB 341 36.24 70.98 -55.31
N THR GB 342 35.01 71.35 -55.64
CA THR GB 342 33.95 70.39 -55.87
C THR GB 342 33.38 70.53 -57.27
N ILE GB 343 32.77 69.45 -57.74
CA ILE GB 343 31.84 69.48 -58.86
C ILE GB 343 30.46 69.16 -58.31
N GLN GB 344 29.44 69.65 -58.98
CA GLN GB 344 28.06 69.35 -58.62
C GLN GB 344 27.44 68.48 -59.70
N VAL GB 345 26.86 67.36 -59.29
CA VAL GB 345 26.22 66.43 -60.20
C VAL GB 345 24.83 66.13 -59.68
N PHE GB 346 23.85 66.17 -60.56
CA PHE GB 346 22.53 65.68 -60.22
C PHE GB 346 21.86 65.14 -61.48
N THR GB 347 20.95 64.21 -61.29
CA THR GB 347 20.13 63.70 -62.37
C THR GB 347 18.74 64.30 -62.26
N ASP GB 348 18.21 64.76 -63.40
CA ASP GB 348 16.84 65.24 -63.47
C ASP GB 348 15.90 64.03 -63.51
N SER GB 349 15.80 63.36 -62.36
CA SER GB 349 15.08 62.10 -62.28
C SER GB 349 13.58 62.30 -62.39
N GLU GB 350 13.08 63.48 -62.02
CA GLU GB 350 11.66 63.80 -62.18
C GLU GB 350 11.35 64.46 -63.50
N TYR GB 351 12.33 64.61 -64.38
CA TYR GB 351 12.13 65.20 -65.71
C TYR GB 351 11.54 66.59 -65.60
N GLN GB 352 12.02 67.36 -64.64
CA GLN GB 352 11.56 68.72 -64.43
C GLN GB 352 12.32 69.74 -65.25
N LEU GB 353 13.38 69.37 -65.85
CA LEU GB 353 14.12 70.26 -66.71
C LEU GB 353 13.77 70.00 -68.17
N PRO GB 354 13.92 71.00 -69.04
CA PRO GB 354 13.78 70.73 -70.48
C PRO GB 354 14.76 69.64 -70.90
N TYR GB 355 14.22 68.62 -71.55
CA TYR GB 355 14.98 67.44 -71.94
C TYR GB 355 15.63 67.71 -73.29
N VAL GB 356 16.94 67.96 -73.29
CA VAL GB 356 17.64 68.28 -74.52
C VAL GB 356 18.37 67.08 -75.10
N LEU GB 357 18.42 65.96 -74.38
CA LEU GB 357 18.84 64.73 -75.01
C LEU GB 357 17.80 64.28 -76.03
N GLY GB 358 18.21 63.42 -76.94
CA GLY GB 358 17.30 63.03 -77.99
C GLY GB 358 17.08 64.09 -79.04
N SER GB 359 18.03 65.02 -79.20
CA SER GB 359 18.02 65.94 -80.33
C SER GB 359 19.24 65.72 -81.23
N ALA GB 360 19.87 64.55 -81.12
CA ALA GB 360 21.00 64.17 -81.95
C ALA GB 360 22.14 65.18 -81.87
N HIS GB 361 22.42 65.65 -80.66
CA HIS GB 361 23.45 66.66 -80.46
C HIS GB 361 24.82 66.01 -80.28
N GLN GB 362 25.85 66.77 -80.64
CA GLN GB 362 27.21 66.36 -80.34
C GLN GB 362 27.46 66.41 -78.83
N GLY GB 363 28.58 65.84 -78.42
CA GLY GB 363 28.93 65.82 -77.02
C GLY GB 363 28.67 64.50 -76.32
N CYS GB 364 28.20 63.49 -77.04
CA CYS GB 364 28.05 62.18 -76.45
C CYS GB 364 29.42 61.58 -76.16
N LEU GB 365 29.40 60.48 -75.40
CA LEU GB 365 30.63 59.74 -75.18
C LEU GB 365 31.23 59.31 -76.51
N PRO GB 366 32.53 59.48 -76.70
CA PRO GB 366 33.12 59.16 -78.00
C PRO GB 366 33.01 57.67 -78.28
N PRO GB 367 32.90 57.28 -79.55
CA PRO GB 367 32.88 55.84 -79.86
C PRO GB 367 34.13 55.10 -79.44
N PHE GB 368 35.30 55.74 -79.52
CA PHE GB 368 36.55 55.10 -79.20
C PHE GB 368 36.85 55.26 -77.72
N PRO GB 369 37.03 54.18 -76.96
CA PRO GB 369 37.22 54.31 -75.51
C PRO GB 369 38.44 55.13 -75.11
N ALA GB 370 39.50 55.12 -75.91
CA ALA GB 370 40.69 55.89 -75.58
C ALA GB 370 40.49 57.39 -75.75
N ASP GB 371 39.36 57.81 -76.30
CA ASP GB 371 39.15 59.20 -76.65
C ASP GB 371 38.68 60.00 -75.44
N VAL GB 372 39.34 61.11 -75.16
CA VAL GB 372 38.94 62.01 -74.09
C VAL GB 372 38.04 63.08 -74.68
N PHE GB 373 36.88 63.28 -74.07
CA PHE GB 373 35.87 64.16 -74.63
C PHE GB 373 35.53 65.29 -73.68
N MET GB 374 35.10 66.39 -74.27
CA MET GB 374 34.63 67.57 -73.57
C MET GB 374 33.14 67.46 -73.31
N ILE GB 375 32.73 67.79 -72.10
CA ILE GB 375 31.31 67.70 -71.72
C ILE GB 375 30.55 68.86 -72.36
N PRO GB 376 29.46 68.61 -73.06
CA PRO GB 376 28.72 69.71 -73.71
C PRO GB 376 28.02 70.58 -72.67
N GLN GB 377 27.83 71.84 -73.05
CA GLN GB 377 27.16 72.79 -72.17
C GLN GB 377 25.65 72.64 -72.26
N TYR GB 378 25.00 72.64 -71.11
CA TYR GB 378 23.55 72.51 -71.08
C TYR GB 378 22.89 73.84 -71.36
N GLY GB 379 22.00 73.85 -72.34
CA GLY GB 379 21.13 74.98 -72.57
C GLY GB 379 19.77 74.46 -72.98
N TYR GB 380 18.78 75.35 -72.92
CA TYR GB 380 17.43 74.93 -73.28
C TYR GB 380 16.70 76.10 -73.91
N LEU GB 381 15.61 75.76 -74.58
CA LEU GB 381 14.76 76.75 -75.23
C LEU GB 381 13.39 76.73 -74.57
N THR GB 382 12.78 77.90 -74.53
CA THR GB 382 11.41 78.00 -74.03
C THR GB 382 10.59 78.72 -75.09
N LEU GB 383 9.37 79.11 -74.76
CA LEU GB 383 8.52 79.76 -75.75
C LEU GB 383 9.11 81.10 -76.17
N ASN GB 384 9.04 81.38 -77.47
CA ASN GB 384 9.55 82.62 -78.01
C ASN GB 384 8.55 83.21 -78.99
N ASN GB 385 8.60 84.53 -79.11
CA ASN GB 385 7.89 85.29 -80.13
C ASN GB 385 8.97 86.12 -80.81
N GLY GB 386 9.53 85.59 -81.88
CA GLY GB 386 10.75 86.19 -82.42
C GLY GB 386 11.88 85.95 -81.45
N SER GB 387 12.60 87.02 -81.12
CA SER GB 387 13.67 86.95 -80.12
C SER GB 387 13.16 87.23 -78.72
N GLN GB 388 11.88 87.54 -78.55
CA GLN GB 388 11.32 87.88 -77.26
C GLN GB 388 10.72 86.66 -76.58
N ALA GB 389 10.74 86.67 -75.26
CA ALA GB 389 10.01 85.68 -74.50
C ALA GB 389 8.56 86.10 -74.35
N VAL GB 390 7.72 85.13 -74.04
CA VAL GB 390 6.33 85.39 -73.70
C VAL GB 390 6.14 85.09 -72.22
N GLY GB 391 4.96 85.44 -71.71
CA GLY GB 391 4.69 85.20 -70.30
C GLY GB 391 4.74 83.75 -69.91
N ARG GB 392 4.53 82.84 -70.85
CA ARG GB 392 4.58 81.42 -70.57
C ARG GB 392 5.99 80.86 -70.65
N SER GB 393 6.98 81.66 -71.05
CA SER GB 393 8.35 81.21 -71.10
C SER GB 393 8.84 80.85 -69.70
N SER GB 394 9.50 79.70 -69.60
CA SER GB 394 9.98 79.20 -68.33
C SER GB 394 11.48 79.42 -68.20
N PHE GB 395 11.91 79.92 -67.06
CA PHE GB 395 13.32 80.01 -66.72
C PHE GB 395 13.60 78.97 -65.64
N TYR GB 396 14.65 78.19 -65.85
CA TYR GB 396 15.04 77.14 -64.91
C TYR GB 396 16.42 77.45 -64.37
N CYS GB 397 16.54 77.48 -63.05
CA CYS GB 397 17.84 77.54 -62.38
C CYS GB 397 18.20 76.12 -61.97
N LEU GB 398 19.30 75.61 -62.51
CA LEU GB 398 19.70 74.26 -62.18
C LEU GB 398 20.29 74.16 -60.78
N GLU GB 399 20.74 75.28 -60.21
CA GLU GB 399 21.12 75.29 -58.80
C GLU GB 399 19.91 75.11 -57.89
N TYR GB 400 18.71 75.32 -58.40
CA TYR GB 400 17.50 75.09 -57.63
C TYR GB 400 17.16 73.61 -57.49
N PHE GB 401 18.06 72.74 -57.87
CA PHE GB 401 17.90 71.32 -57.70
C PHE GB 401 18.86 70.80 -56.65
N PRO GB 402 18.51 69.73 -55.93
CA PRO GB 402 19.49 69.08 -55.06
C PRO GB 402 20.57 68.43 -55.90
N SER GB 403 21.82 68.78 -55.63
CA SER GB 403 22.96 68.23 -56.34
C SER GB 403 23.93 67.63 -55.35
N GLN GB 404 24.53 66.51 -55.73
CA GLN GB 404 25.63 65.96 -54.97
C GLN GB 404 26.89 66.74 -55.31
N MET GB 405 27.59 67.23 -54.29
CA MET GB 405 28.86 67.89 -54.49
C MET GB 405 29.99 66.91 -54.23
N LEU GB 406 30.96 66.86 -55.13
CA LEU GB 406 31.98 65.84 -55.13
C LEU GB 406 33.35 66.50 -55.08
N ARG GB 407 34.15 66.13 -54.09
CA ARG GB 407 35.56 66.46 -54.12
C ARG GB 407 36.31 65.35 -54.85
N THR GB 408 37.63 65.47 -54.89
CA THR GB 408 38.42 64.56 -55.71
C THR GB 408 38.30 63.11 -55.23
N GLY GB 409 37.97 62.90 -53.97
CA GLY GB 409 37.81 61.55 -53.45
C GLY GB 409 36.42 60.97 -53.58
N ASN GB 410 35.45 61.75 -54.03
CA ASN GB 410 34.07 61.32 -54.10
C ASN GB 410 33.75 60.73 -55.47
N ASN GB 411 32.71 59.92 -55.51
CA ASN GB 411 32.19 59.41 -56.76
C ASN GB 411 30.67 59.53 -56.75
N PHE GB 412 30.10 59.53 -57.95
CA PHE GB 412 28.67 59.65 -58.16
C PHE GB 412 28.20 58.45 -58.96
N GLN GB 413 27.04 57.92 -58.59
CA GLN GB 413 26.48 56.82 -59.36
C GLN GB 413 24.97 56.79 -59.19
N PHE GB 414 24.29 56.31 -60.21
CA PHE GB 414 22.87 56.05 -60.14
C PHE GB 414 22.52 54.95 -61.12
N THR GB 415 21.40 54.30 -60.86
CA THR GB 415 20.88 53.26 -61.73
C THR GB 415 19.52 53.68 -62.26
N TYR GB 416 19.21 53.21 -63.45
CA TYR GB 416 17.96 53.55 -64.11
C TYR GB 416 17.43 52.29 -64.80
N THR GB 417 16.12 52.11 -64.75
CA THR GB 417 15.46 50.99 -65.40
C THR GB 417 14.63 51.54 -66.56
N PHE GB 418 14.88 51.01 -67.75
CA PHE GB 418 14.07 51.39 -68.90
C PHE GB 418 12.66 50.84 -68.76
N GLU GB 419 11.68 51.62 -69.19
CA GLU GB 419 10.33 51.13 -69.25
C GLU GB 419 10.21 50.04 -70.31
N ASP GB 420 9.12 49.29 -70.25
CA ASP GB 420 8.89 48.27 -71.26
C ASP GB 420 8.69 48.92 -72.61
N VAL GB 421 9.69 48.79 -73.48
CA VAL GB 421 9.68 49.41 -74.80
C VAL GB 421 9.66 48.27 -75.80
N PRO GB 422 9.05 48.44 -76.98
CA PRO GB 422 9.10 47.36 -77.98
C PRO GB 422 10.51 47.12 -78.46
N PHE GB 423 10.79 45.87 -78.81
CA PHE GB 423 12.06 45.55 -79.44
C PHE GB 423 12.21 46.33 -80.74
N HIS GB 424 13.41 46.87 -80.96
CA HIS GB 424 13.69 47.45 -82.27
C HIS GB 424 13.74 46.34 -83.31
N SER GB 425 13.14 46.58 -84.47
CA SER GB 425 13.11 45.60 -85.53
C SER GB 425 14.48 45.52 -86.17
N SER GB 426 15.31 44.61 -85.68
CA SER GB 426 16.65 44.40 -86.23
C SER GB 426 16.61 43.38 -87.35
N TYR GB 427 15.70 43.59 -88.30
CA TYR GB 427 15.48 42.65 -89.38
C TYR GB 427 14.84 43.41 -90.54
N ALA GB 428 15.01 42.86 -91.72
CA ALA GB 428 14.29 43.31 -92.90
C ALA GB 428 13.32 42.23 -93.33
N HIS GB 429 12.17 42.63 -93.83
CA HIS GB 429 11.16 41.66 -94.24
C HIS GB 429 11.59 40.98 -95.53
N SER GB 430 11.49 39.66 -95.56
CA SER GB 430 11.78 38.88 -96.75
C SER GB 430 10.55 38.71 -97.64
N GLN GB 431 9.45 39.34 -97.27
CA GLN GB 431 8.24 39.36 -98.09
C GLN GB 431 7.78 40.80 -98.24
N SER GB 432 7.16 41.09 -99.37
CA SER GB 432 6.56 42.39 -99.59
C SER GB 432 5.09 42.35 -99.20
N LEU GB 433 4.57 43.51 -98.79
CA LEU GB 433 3.19 43.57 -98.32
C LEU GB 433 2.20 43.22 -99.43
N ASP GB 434 2.51 43.54 -100.67
CA ASP GB 434 1.65 43.22 -101.79
C ASP GB 434 1.92 41.84 -102.38
N ARG GB 435 2.76 41.04 -101.74
CA ARG GB 435 3.12 39.71 -102.21
C ARG GB 435 3.01 38.70 -101.08
N LEU GB 436 1.95 38.79 -100.28
CA LEU GB 436 1.74 37.89 -99.17
C LEU GB 436 0.88 36.70 -99.54
N MET GB 437 0.42 36.62 -100.78
CA MET GB 437 -0.52 35.61 -101.22
C MET GB 437 0.19 34.39 -101.80
N ASN GB 438 -0.56 33.31 -101.89
CA ASN GB 438 -0.08 32.09 -102.55
C ASN GB 438 -0.02 32.34 -104.04
N PRO GB 439 1.15 32.20 -104.67
CA PRO GB 439 1.28 32.47 -106.10
C PRO GB 439 0.76 31.36 -107.01
N LEU GB 440 0.13 30.33 -106.47
CA LEU GB 440 -0.36 29.22 -107.27
C LEU GB 440 -1.88 29.13 -107.32
N ILE GB 441 -2.58 29.79 -106.40
CA ILE GB 441 -4.01 29.61 -106.23
C ILE GB 441 -4.71 30.92 -106.57
N ASP GB 442 -5.81 30.84 -107.30
CA ASP GB 442 -6.63 32.00 -107.53
C ASP GB 442 -7.38 32.41 -106.27
N GLN GB 443 -7.79 33.66 -106.23
CA GLN GB 443 -8.69 34.11 -105.18
C GLN GB 443 -10.12 33.73 -105.52
N TYR GB 444 -10.92 33.47 -104.48
CA TYR GB 444 -12.35 33.32 -104.72
C TYR GB 444 -13.06 34.66 -104.84
N LEU GB 445 -12.40 35.74 -104.45
CA LEU GB 445 -12.96 37.07 -104.61
C LEU GB 445 -12.76 37.57 -106.04
N TYR GB 446 -13.71 38.35 -106.51
CA TYR GB 446 -13.63 38.95 -107.83
C TYR GB 446 -13.29 40.42 -107.72
N TYR GB 447 -12.70 40.95 -108.78
CA TYR GB 447 -12.47 42.38 -108.91
C TYR GB 447 -13.03 42.83 -110.25
N LEU GB 448 -13.43 44.10 -110.31
CA LEU GB 448 -13.88 44.68 -111.56
C LEU GB 448 -12.71 44.72 -112.53
N SER GB 449 -12.74 43.89 -113.56
CA SER GB 449 -11.62 43.77 -114.48
C SER GB 449 -11.80 44.57 -115.75
N ARG GB 450 -13.02 44.79 -116.20
CA ARG GB 450 -13.26 45.61 -117.37
C ARG GB 450 -14.56 46.38 -117.21
N THR GB 451 -14.58 47.60 -117.75
CA THR GB 451 -15.78 48.42 -117.80
C THR GB 451 -16.25 48.68 -119.22
N GLN GB 452 -15.56 48.13 -120.21
CA GLN GB 452 -15.88 48.37 -121.62
C GLN GB 452 -15.69 47.08 -122.40
N THR GB 453 -16.60 46.81 -123.33
CA THR GB 453 -16.53 45.59 -124.12
C THR GB 453 -15.32 45.58 -125.04
N ASN GB 459 -16.94 49.98 -129.01
CA ASN GB 459 -17.15 49.26 -127.76
C ASN GB 459 -18.10 50.03 -126.85
N THR GB 460 -18.85 49.30 -126.03
CA THR GB 460 -19.87 49.86 -125.16
C THR GB 460 -19.53 49.56 -123.72
N GLN GB 461 -20.27 50.19 -122.81
CA GLN GB 461 -20.09 49.96 -121.40
C GLN GB 461 -20.51 48.54 -121.02
N THR GB 462 -19.79 47.97 -120.06
CA THR GB 462 -20.09 46.65 -119.54
C THR GB 462 -19.47 46.55 -118.16
N LEU GB 463 -19.73 45.44 -117.48
CA LEU GB 463 -19.11 45.14 -116.19
C LEU GB 463 -18.56 43.72 -116.27
N GLY GB 464 -17.24 43.61 -116.41
CA GLY GB 464 -16.57 42.32 -116.40
C GLY GB 464 -15.79 42.16 -115.10
N PHE GB 465 -15.92 40.98 -114.50
CA PHE GB 465 -15.29 40.68 -113.23
C PHE GB 465 -14.41 39.47 -113.38
N SER GB 466 -13.21 39.53 -112.82
CA SER GB 466 -12.26 38.45 -112.88
C SER GB 466 -11.79 38.11 -111.47
N GLN GB 467 -11.31 36.90 -111.31
CA GLN GB 467 -10.74 36.46 -110.04
C GLN GB 467 -9.25 36.79 -110.04
N GLY GB 468 -8.80 37.44 -108.97
CA GLY GB 468 -7.39 37.68 -108.80
C GLY GB 468 -6.61 36.40 -108.73
N GLY GB 469 -5.52 36.31 -109.47
CA GLY GB 469 -4.74 35.10 -109.52
C GLY GB 469 -3.26 35.38 -109.58
N PRO GB 470 -2.47 34.35 -109.91
CA PRO GB 470 -1.01 34.52 -109.94
C PRO GB 470 -0.54 35.58 -110.93
N ASN GB 471 -1.29 35.82 -112.01
CA ASN GB 471 -0.87 36.78 -113.01
C ASN GB 471 -1.41 38.18 -112.76
N THR GB 472 -2.63 38.29 -112.24
CA THR GB 472 -3.20 39.60 -111.89
C THR GB 472 -3.01 39.89 -110.41
N MET GB 473 -1.74 39.86 -110.01
CA MET GB 473 -1.41 39.95 -108.59
C MET GB 473 -1.60 41.36 -108.05
N ALA GB 474 -1.50 42.37 -108.91
CA ALA GB 474 -1.78 43.74 -108.51
C ALA GB 474 -3.27 43.96 -108.25
N ASN GB 475 -4.14 43.16 -108.84
CA ASN GB 475 -5.57 43.31 -108.69
C ASN GB 475 -6.16 42.52 -107.52
N GLN GB 476 -5.37 41.65 -106.90
CA GLN GB 476 -5.89 40.77 -105.87
C GLN GB 476 -6.38 41.56 -104.66
N ALA GB 477 -7.44 41.05 -104.05
CA ALA GB 477 -7.88 41.60 -102.78
C ALA GB 477 -6.82 41.35 -101.71
N LYS GB 478 -6.55 42.37 -100.91
CA LYS GB 478 -5.50 42.31 -99.91
C LYS GB 478 -6.02 42.85 -98.60
N ASN GB 479 -5.39 42.41 -97.51
CA ASN GB 479 -5.85 42.75 -96.17
C ASN GB 479 -5.16 43.98 -95.59
N TRP GB 480 -4.06 44.44 -96.17
CA TRP GB 480 -3.23 45.43 -95.50
C TRP GB 480 -2.80 46.50 -96.49
N LEU GB 481 -2.44 47.65 -95.95
CA LEU GB 481 -1.99 48.79 -96.72
C LEU GB 481 -0.58 49.19 -96.27
N PRO GB 482 0.22 49.77 -97.15
CA PRO GB 482 1.53 50.26 -96.75
C PRO GB 482 1.40 51.40 -95.76
N GLY GB 483 2.44 51.58 -94.97
CA GLY GB 483 2.47 52.60 -93.95
C GLY GB 483 2.25 53.99 -94.49
N PRO GB 484 2.14 54.96 -93.59
CA PRO GB 484 1.79 56.32 -94.00
C PRO GB 484 2.92 56.98 -94.77
N CYS GB 485 2.55 57.99 -95.55
CA CYS GB 485 3.46 58.67 -96.45
C CYS GB 485 3.42 60.17 -96.22
N TYR GB 486 4.59 60.80 -96.26
CA TYR GB 486 4.73 62.26 -96.23
C TYR GB 486 5.81 62.59 -97.25
N ARG GB 487 5.41 62.79 -98.49
CA ARG GB 487 6.32 62.69 -99.62
C ARG GB 487 7.45 63.71 -99.53
N GLN GB 488 8.67 63.24 -99.81
CA GLN GB 488 9.86 64.06 -99.83
C GLN GB 488 10.35 64.23 -101.26
N GLN GB 489 11.05 65.32 -101.50
CA GLN GB 489 11.65 65.54 -102.81
C GLN GB 489 12.81 64.58 -103.02
N ARG GB 490 12.95 64.10 -104.25
CA ARG GB 490 14.01 63.14 -104.59
C ARG GB 490 15.25 63.89 -105.02
N VAL GB 491 16.39 63.50 -104.45
CA VAL GB 491 17.68 64.06 -104.80
C VAL GB 491 18.59 62.92 -105.24
N SER GB 492 19.31 63.12 -106.34
CA SER GB 492 20.23 62.13 -106.86
C SER GB 492 21.64 62.44 -106.37
N THR GB 493 22.35 61.42 -105.92
CA THR GB 493 23.76 61.59 -105.60
C THR GB 493 24.59 61.87 -106.84
N THR GB 494 24.09 61.49 -108.01
CA THR GB 494 24.66 61.94 -109.29
C THR GB 494 24.11 63.34 -109.55
N THR GB 495 24.92 64.35 -109.25
CA THR GB 495 24.40 65.72 -109.20
C THR GB 495 23.89 66.19 -110.56
N GLY GB 496 24.45 65.65 -111.65
CA GLY GB 496 23.98 66.04 -112.97
C GLY GB 496 22.53 65.69 -113.23
N GLN GB 497 21.99 64.72 -112.50
CA GLN GB 497 20.58 64.36 -112.63
C GLN GB 497 19.67 65.25 -111.82
N ASN GB 498 20.21 66.14 -110.99
CA ASN GB 498 19.40 67.03 -110.18
C ASN GB 498 19.09 68.31 -110.93
N ASN GB 499 18.00 68.96 -110.52
CA ASN GB 499 17.66 70.26 -111.06
C ASN GB 499 18.73 71.27 -110.70
N ASN GB 500 19.08 72.13 -111.67
CA ASN GB 500 20.11 73.15 -111.44
C ASN GB 500 19.49 74.34 -110.71
N SER GB 501 19.24 74.12 -109.42
CA SER GB 501 18.71 75.15 -108.54
C SER GB 501 19.03 74.76 -107.11
N ASN GB 502 18.93 75.74 -106.22
CA ASN GB 502 19.15 75.53 -104.79
C ASN GB 502 17.79 75.28 -104.16
N PHE GB 503 17.40 74.02 -104.06
CA PHE GB 503 16.06 73.65 -103.60
C PHE GB 503 16.08 72.84 -102.32
N ALA GB 504 17.19 72.82 -101.59
CA ALA GB 504 17.25 72.03 -100.36
C ALA GB 504 16.21 72.50 -99.36
N TRP GB 505 16.03 73.81 -99.24
CA TRP GB 505 15.04 74.37 -98.34
C TRP GB 505 13.72 74.68 -99.05
N THR GB 506 13.76 75.28 -100.23
CA THR GB 506 12.53 75.67 -100.91
C THR GB 506 11.69 74.45 -101.28
N ALA GB 507 12.32 73.38 -101.75
CA ALA GB 507 11.63 72.14 -102.04
C ALA GB 507 11.65 71.17 -100.88
N GLY GB 508 12.18 71.58 -99.73
CA GLY GB 508 12.23 70.69 -98.59
C GLY GB 508 10.85 70.33 -98.09
N THR GB 509 10.73 69.11 -97.57
CA THR GB 509 9.49 68.65 -96.99
C THR GB 509 9.41 69.14 -95.55
N LYS GB 510 8.40 69.94 -95.25
CA LYS GB 510 8.36 70.70 -94.02
C LYS GB 510 7.04 70.50 -93.31
N TYR GB 511 7.06 70.78 -92.01
CA TYR GB 511 5.83 70.98 -91.25
C TYR GB 511 5.76 72.40 -90.76
N HIS GB 512 4.55 72.86 -90.49
CA HIS GB 512 4.27 74.23 -90.10
C HIS GB 512 3.77 74.23 -88.67
N LEU GB 513 4.44 75.00 -87.81
CA LEU GB 513 4.07 75.06 -86.39
C LEU GB 513 4.21 76.49 -85.92
N ASN GB 514 3.09 77.08 -85.51
CA ASN GB 514 3.06 78.45 -84.98
C ASN GB 514 3.73 79.43 -85.92
N GLY GB 515 3.36 79.36 -87.19
CA GLY GB 515 3.93 80.24 -88.19
C GLY GB 515 5.39 80.02 -88.49
N ARG GB 516 5.96 78.92 -88.01
CA ARG GB 516 7.37 78.61 -88.23
C ARG GB 516 7.45 77.35 -89.07
N ASN GB 517 8.30 77.38 -90.09
CA ASN GB 517 8.51 76.23 -90.96
C ASN GB 517 9.76 75.48 -90.50
N SER GB 518 9.61 74.18 -90.31
CA SER GB 518 10.72 73.32 -89.94
C SER GB 518 10.71 72.12 -90.86
N LEU GB 519 11.90 71.68 -91.28
CA LEU GB 519 12.00 70.49 -92.09
C LEU GB 519 11.43 69.29 -91.35
N ALA GB 520 10.67 68.47 -92.07
CA ALA GB 520 10.26 67.16 -91.57
C ALA GB 520 11.43 66.22 -91.76
N ASN GB 521 12.43 66.38 -90.89
CA ASN GB 521 13.74 65.78 -91.06
C ASN GB 521 14.07 64.90 -89.87
N PRO GB 522 14.23 63.58 -90.04
CA PRO GB 522 14.11 62.90 -91.33
C PRO GB 522 12.67 62.54 -91.68
N GLY GB 523 11.73 62.94 -90.84
CA GLY GB 523 10.34 62.64 -91.08
C GLY GB 523 9.99 61.20 -90.75
N ILE GB 524 8.81 60.80 -91.20
CA ILE GB 524 8.32 59.46 -90.91
C ILE GB 524 9.14 58.43 -91.65
N ALA GB 525 9.18 57.21 -91.12
CA ALA GB 525 9.97 56.13 -91.69
C ALA GB 525 9.39 55.73 -93.04
N MET GB 526 10.10 56.07 -94.10
CA MET GB 526 9.75 55.63 -95.44
C MET GB 526 10.99 55.09 -96.12
N ALA GB 527 10.78 54.18 -97.08
CA ALA GB 527 11.89 53.62 -97.82
C ALA GB 527 12.63 54.72 -98.56
N THR GB 528 13.96 54.70 -98.46
CA THR GB 528 14.77 55.75 -99.05
C THR GB 528 14.58 55.80 -100.57
N HIS GB 529 14.52 54.64 -101.21
CA HIS GB 529 14.39 54.55 -102.65
C HIS GB 529 13.77 53.20 -102.97
N LYS GB 530 13.32 53.06 -104.22
CA LYS GB 530 12.79 51.79 -104.66
C LYS GB 530 13.92 50.95 -105.28
N ASP GB 531 13.57 49.86 -105.92
CA ASP GB 531 14.56 48.95 -106.48
C ASP GB 531 15.42 49.65 -107.54
N ASP GB 532 16.72 49.41 -107.47
CA ASP GB 532 17.68 49.88 -108.46
C ASP GB 532 17.74 51.41 -108.54
N GLU GB 533 17.50 52.08 -107.43
CA GLU GB 533 17.55 53.54 -107.37
C GLU GB 533 18.33 54.00 -106.15
N GLU GB 534 19.44 53.33 -105.86
CA GLU GB 534 20.23 53.65 -104.68
C GLU GB 534 20.78 55.06 -104.72
N ARG GB 535 20.97 55.62 -105.92
CA ARG GB 535 21.50 56.97 -106.04
C ARG GB 535 20.51 58.03 -105.57
N PHE GB 536 19.24 57.69 -105.40
CA PHE GB 536 18.22 58.64 -105.01
C PHE GB 536 17.99 58.57 -103.50
N PHE GB 537 17.80 59.74 -102.90
CA PHE GB 537 17.43 59.81 -101.49
C PHE GB 537 16.45 60.97 -101.29
N PRO GB 538 15.57 60.86 -100.31
CA PRO GB 538 14.74 62.01 -99.95
C PRO GB 538 15.59 63.16 -99.45
N SER GB 539 15.21 64.38 -99.82
CA SER GB 539 16.06 65.54 -99.58
C SER GB 539 16.34 65.73 -98.10
N ASN GB 540 15.33 65.57 -97.24
CA ASN GB 540 15.51 65.62 -95.80
C ASN GB 540 14.78 64.46 -95.14
N GLY GB 541 14.96 63.26 -95.70
CA GLY GB 541 14.24 62.10 -95.22
C GLY GB 541 15.11 60.95 -94.78
N ILE GB 542 16.41 61.19 -94.61
CA ILE GB 542 17.34 60.17 -94.15
C ILE GB 542 18.26 60.77 -93.11
N LEU GB 543 18.82 59.90 -92.28
CA LEU GB 543 19.90 60.30 -91.39
C LEU GB 543 21.19 60.40 -92.19
N ILE GB 544 21.89 61.51 -92.05
CA ILE GB 544 23.15 61.72 -92.74
C ILE GB 544 24.22 61.92 -91.67
N PHE GB 545 25.16 61.00 -91.60
CA PHE GB 545 26.29 61.10 -90.69
C PHE GB 545 27.50 61.64 -91.43
N GLY GB 546 28.31 62.40 -90.72
CA GLY GB 546 29.53 62.93 -91.29
C GLY GB 546 30.68 61.97 -91.10
N LYS GB 547 31.52 61.86 -92.13
CA LYS GB 547 32.77 61.14 -91.97
C LYS GB 547 33.69 61.94 -91.04
N GLN GB 548 34.75 61.28 -90.58
CA GLN GB 548 35.68 61.94 -89.69
C GLN GB 548 36.27 63.17 -90.38
N ASN GB 549 36.33 64.28 -89.63
CA ASN GB 549 36.84 65.56 -90.11
C ASN GB 549 35.98 66.16 -91.22
N ALA GB 550 34.71 65.79 -91.28
CA ALA GB 550 33.79 66.45 -92.20
C ALA GB 550 33.50 67.86 -91.71
N ALA GB 551 33.38 68.78 -92.66
CA ALA GB 551 33.11 70.17 -92.31
C ALA GB 551 31.74 70.31 -91.69
N ARG GB 552 31.63 71.25 -90.74
CA ARG GB 552 30.34 71.53 -90.12
C ARG GB 552 29.33 72.06 -91.14
N ASP GB 553 29.77 72.96 -92.02
CA ASP GB 553 28.90 73.57 -93.02
C ASP GB 553 29.36 73.21 -94.41
N ASN GB 554 28.41 72.87 -95.27
CA ASN GB 554 28.66 72.62 -96.69
C ASN GB 554 29.72 71.54 -96.89
N ALA GB 555 29.58 70.44 -96.15
CA ALA GB 555 30.40 69.28 -96.41
C ALA GB 555 29.99 68.65 -97.73
N ASP GB 556 30.97 68.21 -98.50
CA ASP GB 556 30.69 67.57 -99.78
C ASP GB 556 30.07 66.20 -99.55
N TYR GB 557 29.44 65.68 -100.60
CA TYR GB 557 28.82 64.36 -100.51
C TYR GB 557 29.84 63.29 -100.13
N SER GB 558 31.10 63.46 -100.55
CA SER GB 558 32.13 62.50 -100.20
C SER GB 558 32.51 62.56 -98.72
N ASP GB 559 32.16 63.64 -98.02
CA ASP GB 559 32.47 63.80 -96.62
C ASP GB 559 31.35 63.35 -95.69
N VAL GB 560 30.23 62.92 -96.23
CA VAL GB 560 29.10 62.50 -95.41
C VAL GB 560 28.74 61.06 -95.73
N MET GB 561 27.97 60.46 -94.84
CA MET GB 561 27.57 59.07 -94.95
C MET GB 561 26.04 59.03 -94.97
N LEU GB 562 25.47 58.81 -96.14
CA LEU GB 562 24.02 58.72 -96.26
C LEU GB 562 23.54 57.36 -95.78
N THR GB 563 22.55 57.36 -94.90
CA THR GB 563 21.89 56.11 -94.55
C THR GB 563 20.84 55.77 -95.60
N SER GB 564 20.38 54.53 -95.59
CA SER GB 564 19.35 54.09 -96.50
C SER GB 564 18.36 53.21 -95.76
N GLU GB 565 17.08 53.55 -95.86
CA GLU GB 565 16.00 52.74 -95.30
C GLU GB 565 15.34 51.87 -96.35
N GLU GB 566 16.12 51.37 -97.31
CA GLU GB 566 15.56 50.54 -98.37
C GLU GB 566 15.03 49.21 -97.86
N GLU GB 567 15.43 48.78 -96.66
CA GLU GB 567 14.94 47.52 -96.12
C GLU GB 567 13.45 47.55 -95.86
N ILE GB 568 12.86 48.73 -95.66
CA ILE GB 568 11.44 48.85 -95.37
C ILE GB 568 10.61 49.11 -96.63
N LYS GB 569 11.21 48.91 -97.82
CA LYS GB 569 10.43 48.96 -99.05
C LYS GB 569 9.26 47.99 -99.01
N THR GB 570 9.42 46.88 -98.30
CA THR GB 570 8.42 45.82 -98.29
C THR GB 570 7.13 46.27 -97.62
N THR GB 571 7.20 47.22 -96.73
CA THR GB 571 6.05 47.64 -95.97
C THR GB 571 5.80 49.15 -96.04
N ASN GB 572 6.86 49.94 -96.06
CA ASN GB 572 6.69 51.39 -96.09
C ASN GB 572 6.79 51.91 -97.51
N PRO GB 573 5.99 52.90 -97.86
CA PRO GB 573 6.11 53.52 -99.19
C PRO GB 573 7.44 54.21 -99.35
N VAL GB 574 7.90 54.31 -100.60
CA VAL GB 574 9.13 55.01 -100.89
C VAL GB 574 8.97 56.49 -100.56
N ALA GB 575 9.98 57.06 -99.90
CA ALA GB 575 9.87 58.42 -99.38
C ALA GB 575 9.64 59.44 -100.48
N THR GB 576 10.14 59.18 -101.69
CA THR GB 576 10.07 60.14 -102.77
C THR GB 576 8.96 59.85 -103.75
N GLU GB 577 8.12 58.87 -103.47
CA GLU GB 577 7.03 58.49 -104.34
C GLU GB 577 5.70 58.78 -103.66
N GLU GB 578 4.65 58.85 -104.46
CA GLU GB 578 3.31 59.02 -103.91
C GLU GB 578 2.86 57.78 -103.18
N TYR GB 579 1.98 57.96 -102.20
CA TYR GB 579 1.42 56.82 -101.48
C TYR GB 579 0.59 55.95 -102.40
N GLY GB 580 -0.23 56.58 -103.25
CA GLY GB 580 -1.12 55.83 -104.09
C GLY GB 580 -1.99 56.76 -104.89
N ILE GB 581 -3.09 56.21 -105.39
CA ILE GB 581 -4.01 56.92 -106.28
C ILE GB 581 -5.42 56.81 -105.70
N VAL GB 582 -6.13 57.92 -105.66
CA VAL GB 582 -7.53 57.94 -105.25
C VAL GB 582 -8.35 58.60 -106.34
N ALA GB 583 -9.64 58.31 -106.33
CA ALA GB 583 -10.56 58.97 -107.25
C ALA GB 583 -10.73 60.43 -106.87
N ASP GB 584 -10.79 61.28 -107.88
CA ASP GB 584 -10.96 62.71 -107.66
C ASP GB 584 -12.33 63.23 -108.05
N ASN GB 585 -13.18 62.40 -108.63
CA ASN GB 585 -14.49 62.84 -109.10
C ASN GB 585 -15.42 61.64 -109.13
N LEU GB 586 -16.61 61.85 -109.67
CA LEU GB 586 -17.58 60.78 -109.91
C LEU GB 586 -17.73 60.63 -111.41
N GLN GB 587 -17.24 59.53 -111.95
CA GLN GB 587 -17.35 59.30 -113.39
C GLN GB 587 -18.80 59.06 -113.78
N GLN GB 588 -19.18 59.62 -114.92
CA GLN GB 588 -20.47 59.38 -115.54
C GLN GB 588 -20.24 59.07 -117.01
N GLN GB 589 -21.33 58.82 -117.74
CA GLN GB 589 -21.20 58.58 -119.17
C GLN GB 589 -20.65 59.79 -119.91
N ASN GB 590 -20.72 60.98 -119.31
CA ASN GB 590 -20.19 62.18 -119.94
C ASN GB 590 -18.90 62.69 -119.29
N THR GB 591 -18.55 62.23 -118.09
CA THR GB 591 -17.35 62.68 -117.41
C THR GB 591 -16.43 61.49 -117.18
N ALA GB 592 -15.24 61.54 -117.77
CA ALA GB 592 -14.27 60.47 -117.58
C ALA GB 592 -13.76 60.48 -116.14
N PRO GB 593 -13.47 59.32 -115.58
CA PRO GB 593 -12.95 59.28 -114.21
C PRO GB 593 -11.62 60.00 -114.10
N GLN GB 594 -11.46 60.72 -112.99
CA GLN GB 594 -10.23 61.45 -112.70
C GLN GB 594 -9.60 60.86 -111.45
N ILE GB 595 -8.27 60.85 -111.44
CA ILE GB 595 -7.53 60.26 -110.33
C ILE GB 595 -6.69 61.34 -109.65
N GLY GB 596 -6.56 61.22 -108.35
CA GLY GB 596 -5.74 62.11 -107.55
C GLY GB 596 -4.54 61.36 -107.01
N THR GB 597 -3.38 62.02 -107.04
CA THR GB 597 -2.15 61.44 -106.54
C THR GB 597 -2.00 61.78 -105.06
N VAL GB 598 -1.91 60.76 -104.22
CA VAL GB 598 -1.83 60.94 -102.77
C VAL GB 598 -0.35 61.11 -102.42
N ASN GB 599 0.06 62.35 -102.15
CA ASN GB 599 1.43 62.64 -101.76
C ASN GB 599 1.60 62.71 -100.25
N SER GB 600 0.51 62.65 -99.49
CA SER GB 600 0.58 62.64 -98.04
C SER GB 600 -0.60 61.81 -97.55
N GLN GB 601 -0.31 60.75 -96.82
CA GLN GB 601 -1.34 59.84 -96.35
C GLN GB 601 -1.14 59.59 -94.86
N GLY GB 602 -2.12 60.01 -94.06
CA GLY GB 602 -2.12 59.68 -92.66
C GLY GB 602 -2.57 58.26 -92.42
N ALA GB 603 -2.66 57.91 -91.14
CA ALA GB 603 -2.96 56.54 -90.76
C ALA GB 603 -4.31 56.09 -91.30
N LEU GB 604 -4.33 54.93 -91.94
CA LEU GB 604 -5.54 54.27 -92.38
C LEU GB 604 -5.64 52.91 -91.71
N PRO GB 605 -6.85 52.42 -91.44
CA PRO GB 605 -6.99 51.08 -90.87
C PRO GB 605 -6.41 50.04 -91.81
N GLY GB 606 -5.80 49.03 -91.22
CA GLY GB 606 -5.11 48.02 -92.00
C GLY GB 606 -3.73 48.40 -92.45
N MET GB 607 -3.25 49.59 -92.11
CA MET GB 607 -1.93 50.02 -92.52
C MET GB 607 -0.89 49.42 -91.57
N VAL GB 608 0.22 48.96 -92.14
CA VAL GB 608 1.34 48.46 -91.38
C VAL GB 608 2.60 49.15 -91.89
N TRP GB 609 3.58 49.30 -91.00
CA TRP GB 609 4.82 49.97 -91.37
C TRP GB 609 5.92 49.55 -90.43
N GLN GB 610 7.15 49.83 -90.87
CA GLN GB 610 8.33 49.64 -90.05
C GLN GB 610 8.86 51.00 -89.61
N ASN GB 611 9.51 51.01 -88.45
CA ASN GB 611 10.17 52.22 -87.99
C ASN GB 611 11.50 52.41 -88.73
N ARG GB 612 12.07 53.59 -88.58
CA ARG GB 612 13.40 53.84 -89.11
C ARG GB 612 14.41 52.94 -88.40
N ASP GB 613 15.42 52.50 -89.15
CA ASP GB 613 16.49 51.70 -88.57
C ASP GB 613 17.30 52.53 -87.58
N VAL GB 614 17.90 51.84 -86.61
CA VAL GB 614 18.89 52.46 -85.76
C VAL GB 614 20.27 52.17 -86.33
N TYR GB 615 21.23 52.99 -85.96
CA TYR GB 615 22.58 52.90 -86.48
C TYR GB 615 23.57 52.93 -85.34
N LEU GB 616 24.75 52.35 -85.59
CA LEU GB 616 25.81 52.36 -84.60
C LEU GB 616 26.14 53.80 -84.20
N GLN GB 617 26.14 54.72 -85.15
CA GLN GB 617 26.38 56.13 -84.88
C GLN GB 617 25.12 56.89 -84.51
N GLY GB 618 23.95 56.26 -84.60
CA GLY GB 618 22.70 56.96 -84.43
C GLY GB 618 22.24 57.05 -82.99
N PRO GB 619 21.16 57.78 -82.76
CA PRO GB 619 20.60 57.89 -81.40
C PRO GB 619 19.96 56.60 -80.94
N ILE GB 620 19.89 56.46 -79.62
CA ILE GB 620 19.29 55.29 -79.00
C ILE GB 620 17.85 55.55 -78.60
N TRP GB 621 17.60 56.64 -77.87
CA TRP GB 621 16.28 56.91 -77.34
C TRP GB 621 15.94 58.38 -77.52
N ALA GB 622 14.65 58.67 -77.44
CA ALA GB 622 14.17 60.03 -77.33
C ALA GB 622 13.06 60.05 -76.28
N LYS GB 623 12.92 61.20 -75.63
CA LYS GB 623 11.81 61.38 -74.70
C LYS GB 623 10.54 61.63 -75.49
N ILE GB 624 9.52 60.84 -75.24
CA ILE GB 624 8.20 61.09 -75.81
C ILE GB 624 7.68 62.36 -75.17
N PRO GB 625 7.33 63.38 -75.94
CA PRO GB 625 6.80 64.61 -75.34
C PRO GB 625 5.56 64.33 -74.52
N HIS GB 626 5.45 65.00 -73.39
CA HIS GB 626 4.30 64.83 -72.50
C HIS GB 626 3.12 65.57 -73.12
N THR GB 627 2.29 64.87 -73.86
CA THR GB 627 1.14 65.45 -74.53
C THR GB 627 -0.08 64.59 -74.28
N ASP GB 628 -1.24 65.15 -74.59
CA ASP GB 628 -2.49 64.41 -74.48
C ASP GB 628 -2.51 63.22 -75.42
N GLY GB 629 -2.06 63.41 -76.64
CA GLY GB 629 -2.12 62.36 -77.63
C GLY GB 629 -0.83 62.29 -78.42
N ASN GB 630 -0.47 61.07 -78.78
CA ASN GB 630 0.58 60.82 -79.75
C ASN GB 630 0.15 59.62 -80.58
N PHE GB 631 0.71 59.54 -81.79
CA PHE GB 631 0.47 58.40 -82.66
C PHE GB 631 1.79 57.71 -82.92
N HIS GB 632 1.87 56.43 -82.55
CA HIS GB 632 3.06 55.61 -82.70
C HIS GB 632 4.29 56.38 -82.22
N PRO GB 633 4.44 56.60 -80.93
CA PRO GB 633 5.50 57.48 -80.44
C PRO GB 633 6.89 56.88 -80.55
N SER GB 634 7.24 56.47 -81.73
CA SER GB 634 8.61 56.05 -82.03
C SER GB 634 9.38 57.23 -82.59
N PRO GB 635 10.54 57.57 -82.02
CA PRO GB 635 11.27 58.76 -82.47
C PRO GB 635 11.61 58.68 -83.94
N LEU GB 636 11.48 59.81 -84.63
CA LEU GB 636 11.59 59.81 -86.08
C LEU GB 636 13.02 59.60 -86.56
N MET GB 637 14.01 60.11 -85.84
CA MET GB 637 15.39 59.79 -86.20
C MET GB 637 15.81 58.42 -85.72
N GLY GB 638 14.87 57.60 -85.27
CA GLY GB 638 15.14 56.23 -84.92
C GLY GB 638 15.40 56.06 -83.43
N GLY GB 639 15.17 54.85 -82.96
CA GLY GB 639 15.43 54.50 -81.59
C GLY GB 639 14.17 54.20 -80.82
N PHE GB 640 14.30 54.30 -79.50
CA PHE GB 640 13.25 53.91 -78.57
C PHE GB 640 12.59 55.15 -78.01
N GLY GB 641 11.29 55.26 -78.16
CA GLY GB 641 10.55 56.34 -77.54
C GLY GB 641 10.22 55.99 -76.11
N LEU GB 642 10.65 56.83 -75.17
CA LEU GB 642 10.46 56.57 -73.76
C LEU GB 642 9.70 57.72 -73.12
N LYS GB 643 8.63 57.39 -72.38
CA LYS GB 643 7.97 58.41 -71.57
C LYS GB 643 8.90 58.92 -70.49
N HIS GB 644 9.69 58.03 -69.89
CA HIS GB 644 10.65 58.37 -68.84
C HIS GB 644 12.01 57.87 -69.29
N PRO GB 645 12.70 58.63 -70.12
CA PRO GB 645 13.99 58.19 -70.66
C PRO GB 645 15.05 58.24 -69.58
N PRO GB 646 16.28 57.79 -69.88
CA PRO GB 646 17.37 57.99 -68.95
C PRO GB 646 17.48 59.46 -68.58
N PRO GB 647 17.53 59.77 -67.29
CA PRO GB 647 17.48 61.17 -66.87
C PRO GB 647 18.73 61.92 -67.32
N GLN GB 648 18.55 63.22 -67.56
CA GLN GB 648 19.68 64.08 -67.83
C GLN GB 648 20.59 64.13 -66.61
N ILE GB 649 21.89 64.00 -66.85
CA ILE GB 649 22.88 64.06 -65.79
C ILE GB 649 23.61 65.38 -65.96
N LEU GB 650 23.36 66.30 -65.05
CA LEU GB 650 23.91 67.65 -65.12
C LEU GB 650 25.12 67.73 -64.23
N ILE GB 651 26.20 68.33 -64.74
CA ILE GB 651 27.44 68.44 -64.01
C ILE GB 651 27.97 69.86 -64.15
N LYS GB 652 28.54 70.38 -63.07
CA LYS GB 652 29.06 71.74 -63.07
C LYS GB 652 30.23 71.82 -62.11
N ASN GB 653 31.24 72.59 -62.49
CA ASN GB 653 32.28 72.97 -61.55
C ASN GB 653 31.71 73.99 -60.58
N THR GB 654 31.80 73.71 -59.30
CA THR GB 654 31.35 74.66 -58.30
C THR GB 654 32.22 75.91 -58.38
N PRO GB 655 31.62 77.09 -58.50
CA PRO GB 655 32.44 78.31 -58.58
C PRO GB 655 33.27 78.49 -57.32
N VAL GB 656 34.54 78.82 -57.52
CA VAL GB 656 35.44 79.12 -56.43
C VAL GB 656 35.84 80.59 -56.56
N PRO GB 657 35.32 81.47 -55.71
CA PRO GB 657 35.66 82.89 -55.85
C PRO GB 657 37.14 83.14 -55.68
N ALA GB 658 37.64 84.11 -56.43
CA ALA GB 658 38.95 84.68 -56.12
C ALA GB 658 38.83 85.50 -54.83
N ASP GB 659 39.92 86.12 -54.44
CA ASP GB 659 39.92 86.84 -53.18
C ASP GB 659 38.92 87.98 -53.22
N PRO GB 660 37.92 88.00 -52.34
CA PRO GB 660 36.98 89.11 -52.31
C PRO GB 660 37.62 90.35 -51.73
N PRO GB 661 37.02 91.53 -51.93
CA PRO GB 661 37.55 92.73 -51.30
C PRO GB 661 37.44 92.64 -49.79
N THR GB 662 38.28 93.41 -49.11
CA THR GB 662 38.29 93.41 -47.65
C THR GB 662 37.21 94.31 -47.06
N THR GB 663 36.49 95.05 -47.89
CA THR GB 663 35.33 95.81 -47.45
C THR GB 663 34.09 95.22 -48.14
N PHE GB 664 33.00 95.13 -47.40
CA PHE GB 664 31.83 94.42 -47.90
C PHE GB 664 31.26 95.10 -49.14
N ASN GB 665 30.93 94.28 -50.13
CA ASN GB 665 30.23 94.72 -51.33
C ASN GB 665 29.06 93.78 -51.56
N GLN GB 666 27.85 94.34 -51.70
CA GLN GB 666 26.66 93.52 -51.87
C GLN GB 666 26.60 92.88 -53.25
N SER GB 667 27.35 93.38 -54.21
CA SER GB 667 27.28 92.87 -55.57
C SER GB 667 27.74 91.42 -55.62
N LYS GB 668 27.12 90.65 -56.50
CA LYS GB 668 27.54 89.27 -56.68
C LYS GB 668 28.98 89.21 -57.15
N LEU GB 669 29.70 88.21 -56.67
CA LEU GB 669 31.11 88.08 -57.04
C LEU GB 669 31.22 87.64 -58.49
N ASN GB 670 32.09 88.32 -59.24
CA ASN GB 670 32.36 87.96 -60.62
C ASN GB 670 33.81 87.57 -60.85
N SER GB 671 34.64 87.62 -59.82
CA SER GB 671 36.04 87.21 -59.91
C SER GB 671 36.14 85.80 -59.37
N PHE GB 672 36.43 84.85 -60.25
CA PHE GB 672 36.48 83.45 -59.89
C PHE GB 672 37.83 82.86 -60.26
N ILE GB 673 38.24 81.86 -59.50
CA ILE GB 673 39.43 81.10 -59.83
C ILE GB 673 39.14 80.28 -61.08
N THR GB 674 40.00 80.41 -62.09
CA THR GB 674 39.83 79.67 -63.32
C THR GB 674 40.03 78.18 -63.05
N GLN GB 675 39.08 77.38 -63.50
CA GLN GB 675 38.98 76.03 -62.97
C GLN GB 675 38.32 75.14 -64.00
N TYR GB 676 38.76 73.88 -64.05
CA TYR GB 676 38.11 72.86 -64.85
C TYR GB 676 38.26 71.54 -64.13
N SER GB 677 37.38 70.60 -64.45
CA SER GB 677 37.43 69.28 -63.84
C SER GB 677 37.58 68.22 -64.91
N THR GB 678 38.19 67.11 -64.52
CA THR GB 678 38.28 65.95 -65.37
C THR GB 678 38.01 64.73 -64.51
N GLY GB 679 37.58 63.66 -65.16
CA GLY GB 679 37.30 62.43 -64.45
C GLY GB 679 36.94 61.34 -65.42
N GLN GB 680 36.49 60.23 -64.87
CA GLN GB 680 36.03 59.12 -65.67
C GLN GB 680 34.53 58.95 -65.50
N VAL GB 681 33.87 58.57 -66.58
CA VAL GB 681 32.45 58.30 -66.58
C VAL GB 681 32.24 56.88 -67.08
N SER GB 682 31.45 56.11 -66.35
CA SER GB 682 31.10 54.75 -66.75
C SER GB 682 29.60 54.67 -66.93
N VAL GB 683 29.18 54.13 -68.06
CA VAL GB 683 27.78 53.83 -68.30
C VAL GB 683 27.66 52.37 -68.70
N GLU GB 684 26.82 51.64 -67.98
CA GLU GB 684 26.56 50.23 -68.25
C GLU GB 684 25.11 50.09 -68.63
N ILE GB 685 24.85 49.54 -69.81
CA ILE GB 685 23.49 49.30 -70.27
C ILE GB 685 23.31 47.80 -70.50
N GLU GB 686 22.27 47.24 -69.92
CA GLU GB 686 21.87 45.88 -70.20
C GLU GB 686 20.80 45.90 -71.29
N TRP GB 687 21.05 45.16 -72.36
CA TRP GB 687 20.12 45.07 -73.48
C TRP GB 687 19.54 43.67 -73.53
N GLU GB 688 18.23 43.59 -73.76
CA GLU GB 688 17.58 42.33 -74.01
C GLU GB 688 17.58 42.06 -75.50
N LEU GB 689 17.84 40.81 -75.87
CA LEU GB 689 17.95 40.42 -77.26
C LEU GB 689 16.76 39.57 -77.67
N GLN GB 690 16.29 39.76 -78.90
CA GLN GB 690 15.33 38.88 -79.53
C GLN GB 690 16.09 37.99 -80.49
N LYS GB 691 16.29 36.73 -80.11
CA LYS GB 691 16.99 35.79 -80.96
C LYS GB 691 16.17 35.47 -82.20
N GLU GB 692 16.85 35.35 -83.33
CA GLU GB 692 16.17 34.98 -84.56
C GLU GB 692 15.83 33.48 -84.52
N ASN GB 693 14.58 33.16 -84.79
CA ASN GB 693 14.14 31.78 -84.88
C ASN GB 693 13.56 31.58 -86.29
N SER GB 694 14.44 31.29 -87.23
CA SER GB 694 14.13 31.33 -88.65
C SER GB 694 14.35 29.98 -89.29
N LYS GB 695 13.43 29.58 -90.16
CA LYS GB 695 13.55 28.36 -90.92
C LYS GB 695 14.02 28.61 -92.34
N ARG GB 696 14.52 29.80 -92.62
CA ARG GB 696 15.10 30.11 -93.91
C ARG GB 696 16.23 29.13 -94.23
N TRP GB 697 16.21 28.62 -95.45
CA TRP GB 697 17.19 27.61 -95.85
C TRP GB 697 18.49 28.25 -96.32
N ASN GB 698 18.40 29.23 -97.23
CA ASN GB 698 19.57 29.84 -97.79
C ASN GB 698 20.22 30.78 -96.79
N PRO GB 699 21.52 31.06 -96.94
CA PRO GB 699 22.20 31.95 -95.99
C PRO GB 699 21.63 33.35 -96.01
N GLU GB 700 21.68 33.99 -94.85
CA GLU GB 700 21.20 35.35 -94.69
C GLU GB 700 22.26 36.36 -95.12
N ILE GB 701 21.83 37.59 -95.31
CA ILE GB 701 22.76 38.69 -95.47
C ILE GB 701 23.32 39.06 -94.09
N GLN GB 702 24.62 39.21 -94.01
CA GLN GB 702 25.28 39.55 -92.76
C GLN GB 702 26.15 40.77 -92.99
N TYR GB 703 26.28 41.60 -91.96
CA TYR GB 703 27.28 42.65 -92.03
C TYR GB 703 28.66 42.03 -91.88
N THR GB 704 29.55 42.36 -92.81
CA THR GB 704 30.89 41.80 -92.79
C THR GB 704 31.87 42.90 -93.16
N SER GB 705 33.08 42.81 -92.61
CA SER GB 705 34.15 43.66 -93.07
C SER GB 705 34.63 43.18 -94.44
N ASN GB 706 35.16 44.11 -95.23
CA ASN GB 706 35.68 43.76 -96.54
C ASN GB 706 36.94 42.91 -96.38
N TYR GB 707 37.02 41.84 -97.16
CA TYR GB 707 38.18 40.95 -97.07
C TYR GB 707 39.41 41.53 -97.75
N TYR GB 708 39.21 42.36 -98.76
CA TYR GB 708 40.32 42.86 -99.57
C TYR GB 708 41.19 43.82 -98.78
N LYS GB 709 42.46 43.91 -99.18
CA LYS GB 709 43.42 44.73 -98.46
C LYS GB 709 43.09 46.21 -98.56
N SER GB 710 43.56 46.97 -97.58
CA SER GB 710 43.32 48.40 -97.55
C SER GB 710 44.43 49.07 -96.76
N THR GB 711 44.54 50.38 -96.94
CA THR GB 711 45.57 51.15 -96.25
C THR GB 711 45.38 51.10 -94.74
N SER GB 712 44.14 51.13 -94.28
CA SER GB 712 43.85 51.12 -92.85
C SER GB 712 42.71 50.14 -92.58
N VAL GB 713 42.65 49.69 -91.34
CA VAL GB 713 41.56 48.83 -90.89
C VAL GB 713 40.32 49.70 -90.67
N ASP GB 714 39.19 49.26 -91.19
CA ASP GB 714 37.94 49.94 -90.94
C ASP GB 714 37.57 49.88 -89.47
N PHE GB 715 37.06 50.98 -88.94
CA PHE GB 715 36.73 51.12 -87.52
C PHE GB 715 37.97 50.89 -86.66
N ALA GB 716 39.06 51.55 -87.05
CA ALA GB 716 40.29 51.55 -86.30
C ALA GB 716 40.88 52.94 -86.37
N VAL GB 717 42.06 53.10 -85.82
CA VAL GB 717 42.76 54.38 -85.87
C VAL GB 717 43.66 54.38 -87.10
N ASN GB 718 43.96 55.57 -87.59
CA ASN GB 718 44.90 55.73 -88.68
C ASN GB 718 46.30 55.95 -88.10
N THR GB 719 47.24 56.36 -88.94
CA THR GB 719 48.61 56.56 -88.47
C THR GB 719 48.74 57.74 -87.51
N GLU GB 720 47.74 58.64 -87.49
CA GLU GB 720 47.76 59.80 -86.62
C GLU GB 720 46.98 59.58 -85.34
N GLY GB 721 46.44 58.39 -85.11
CA GLY GB 721 45.69 58.13 -83.92
C GLY GB 721 44.23 58.52 -83.98
N VAL GB 722 43.73 58.89 -85.14
CA VAL GB 722 42.36 59.33 -85.28
C VAL GB 722 41.48 58.11 -85.53
N TYR GB 723 40.53 57.87 -84.63
CA TYR GB 723 39.53 56.84 -84.85
C TYR GB 723 38.46 57.35 -85.79
N SER GB 724 38.08 56.53 -86.75
CA SER GB 724 37.06 56.91 -87.72
C SER GB 724 36.08 55.77 -87.91
N GLU GB 725 34.83 56.14 -88.16
CA GLU GB 725 33.80 55.18 -88.54
C GLU GB 725 33.56 55.33 -90.03
N PRO GB 726 33.98 54.37 -90.87
CA PRO GB 726 33.95 54.62 -92.32
C PRO GB 726 32.56 54.62 -92.92
N ARG GB 727 31.61 53.93 -92.30
CA ARG GB 727 30.27 53.82 -92.88
C ARG GB 727 29.27 53.78 -91.74
N PRO GB 728 28.01 54.14 -92.00
CA PRO GB 728 26.95 53.93 -91.00
C PRO GB 728 26.47 52.49 -91.07
N ILE GB 729 26.64 51.75 -89.98
CA ILE GB 729 26.18 50.38 -89.92
C ILE GB 729 24.75 50.38 -89.43
N GLY GB 730 23.83 49.96 -90.29
CA GLY GB 730 22.46 49.81 -89.89
C GLY GB 730 22.27 48.62 -88.98
N THR GB 731 21.05 48.14 -88.88
CA THR GB 731 20.74 47.08 -87.95
C THR GB 731 20.01 45.93 -88.61
N ARG GB 732 19.49 46.12 -89.82
CA ARG GB 732 18.59 45.17 -90.46
C ARG GB 732 19.35 44.36 -91.50
N TYR GB 733 19.80 43.18 -91.07
CA TYR GB 733 20.48 42.24 -91.96
C TYR GB 733 19.80 40.88 -92.00
N LEU GB 734 19.32 40.39 -90.86
CA LEU GB 734 18.51 39.19 -90.85
C LEU GB 734 17.14 39.48 -91.46
N THR GB 735 16.42 38.40 -91.79
CA THR GB 735 15.14 38.54 -92.45
C THR GB 735 14.04 37.83 -91.67
N ARG GB 736 12.82 38.35 -91.81
CA ARG GB 736 11.62 37.72 -91.31
C ARG GB 736 10.56 37.74 -92.39
N ASN GB 737 9.65 36.78 -92.33
CA ASN GB 737 8.44 36.87 -93.12
C ASN GB 737 7.55 37.97 -92.56
N LEU GB 738 6.65 38.46 -93.40
CA LEU GB 738 5.70 39.46 -92.95
C LEU GB 738 4.60 38.80 -92.13
N GLY HB 221 -42.71 60.61 -46.08
CA GLY HB 221 -43.82 61.36 -45.53
C GLY HB 221 -44.08 62.67 -46.25
N VAL HB 222 -45.34 63.11 -46.23
CA VAL HB 222 -45.71 64.37 -46.87
C VAL HB 222 -45.02 65.53 -46.18
N GLY HB 223 -44.99 65.53 -44.86
CA GLY HB 223 -44.48 66.64 -44.09
C GLY HB 223 -43.02 66.55 -43.67
N SER HB 224 -42.25 65.64 -44.25
CA SER HB 224 -40.84 65.51 -43.92
C SER HB 224 -40.00 65.66 -45.17
N SER HB 225 -38.90 66.40 -45.04
CA SER HB 225 -37.98 66.57 -46.15
C SER HB 225 -37.28 65.27 -46.48
N SER HB 226 -37.11 64.99 -47.77
CA SER HB 226 -36.45 63.79 -48.23
C SER HB 226 -34.97 64.01 -48.54
N GLY HB 227 -34.46 65.20 -48.30
CA GLY HB 227 -33.05 65.46 -48.52
C GLY HB 227 -32.73 66.90 -48.19
N ASN HB 228 -31.44 67.15 -48.01
CA ASN HB 228 -30.95 68.47 -47.64
C ASN HB 228 -30.23 69.12 -48.82
N TRP HB 229 -30.08 70.44 -48.72
CA TRP HB 229 -29.35 71.20 -49.72
C TRP HB 229 -27.87 70.99 -49.52
N HIS HB 230 -27.18 70.51 -50.56
CA HIS HB 230 -25.76 70.21 -50.50
C HIS HB 230 -25.07 70.88 -51.68
N CYS HB 231 -24.68 72.14 -51.50
CA CYS HB 231 -23.80 72.83 -52.42
C CYS HB 231 -22.51 73.11 -51.69
N ASP HB 232 -21.40 72.58 -52.19
CA ASP HB 232 -20.13 72.67 -51.50
C ASP HB 232 -19.04 72.16 -52.41
N SER HB 233 -17.81 72.48 -52.05
CA SER HB 233 -16.63 71.89 -52.68
C SER HB 233 -15.59 71.68 -51.59
N THR HB 234 -15.16 70.44 -51.42
CA THR HB 234 -14.16 70.11 -50.42
C THR HB 234 -12.88 69.68 -51.12
N TRP HB 235 -11.80 70.41 -50.87
CA TRP HB 235 -10.50 70.09 -51.42
C TRP HB 235 -9.70 69.34 -50.36
N LEU HB 236 -9.32 68.10 -50.67
CA LEU HB 236 -8.64 67.26 -49.69
C LEU HB 236 -7.56 66.48 -50.44
N GLY HB 237 -6.31 66.91 -50.29
CA GLY HB 237 -5.21 66.22 -50.94
C GLY HB 237 -5.30 66.34 -52.45
N ASP HB 238 -5.26 65.19 -53.11
CA ASP HB 238 -5.33 65.13 -54.57
C ASP HB 238 -6.76 64.97 -55.07
N ARG HB 239 -7.75 65.19 -54.22
CA ARG HB 239 -9.15 65.11 -54.60
C ARG HB 239 -9.83 66.44 -54.35
N VAL HB 240 -10.81 66.75 -55.18
CA VAL HB 240 -11.79 67.79 -54.90
C VAL HB 240 -13.16 67.17 -55.12
N ILE HB 241 -14.04 67.34 -54.14
CA ILE HB 241 -15.39 66.81 -54.21
C ILE HB 241 -16.33 68.00 -54.36
N THR HB 242 -16.87 68.17 -55.57
CA THR HB 242 -17.87 69.19 -55.80
C THR HB 242 -19.25 68.58 -55.62
N THR HB 243 -20.09 69.25 -54.86
CA THR HB 243 -21.49 68.88 -54.75
C THR HB 243 -22.33 70.11 -55.03
N SER HB 244 -23.36 69.94 -55.83
CA SER HB 244 -24.21 71.05 -56.21
C SER HB 244 -25.66 70.62 -56.14
N THR HB 245 -26.49 71.49 -55.56
CA THR HB 245 -27.92 71.27 -55.48
C THR HB 245 -28.62 72.38 -56.25
N ARG HB 246 -29.65 72.00 -56.99
CA ARG HB 246 -30.47 72.96 -57.72
C ARG HB 246 -31.92 72.61 -57.54
N THR HB 247 -32.77 73.62 -57.67
CA THR HB 247 -34.21 73.42 -57.73
C THR HB 247 -34.62 73.32 -59.19
N TRP HB 248 -35.34 72.27 -59.53
CA TRP HB 248 -35.78 72.03 -60.89
C TRP HB 248 -37.31 72.10 -60.95
N ALA HB 249 -37.81 72.31 -62.16
CA ALA HB 249 -39.24 72.22 -62.44
C ALA HB 249 -39.42 71.38 -63.69
N LEU HB 250 -40.24 70.35 -63.59
CA LEU HB 250 -40.49 69.47 -64.72
C LEU HB 250 -41.92 69.62 -65.19
N PRO HB 251 -42.16 70.16 -66.38
CA PRO HB 251 -43.52 70.20 -66.90
C PRO HB 251 -43.93 68.85 -67.48
N THR HB 252 -45.18 68.76 -67.87
CA THR HB 252 -45.61 67.66 -68.70
C THR HB 252 -45.23 67.97 -70.14
N TYR HB 253 -44.42 67.10 -70.74
CA TYR HB 253 -43.96 67.29 -72.09
C TYR HB 253 -44.84 66.49 -73.05
N ASN HB 254 -45.11 67.07 -74.21
CA ASN HB 254 -45.78 66.39 -75.32
C ASN HB 254 -47.18 65.93 -74.98
N ASN HB 255 -47.78 66.43 -73.90
CA ASN HB 255 -49.06 65.94 -73.41
C ASN HB 255 -49.02 64.42 -73.18
N HIS HB 256 -47.91 63.97 -72.60
CA HIS HB 256 -47.66 62.57 -72.25
C HIS HB 256 -47.51 61.67 -73.47
N LEU HB 257 -47.29 62.23 -74.65
CA LEU HB 257 -47.25 61.46 -75.87
C LEU HB 257 -45.83 61.31 -76.40
N TYR HB 258 -45.60 60.23 -77.11
CA TYR HB 258 -44.43 60.10 -77.98
C TYR HB 258 -44.83 60.57 -79.37
N LYS HB 259 -44.10 61.54 -79.91
CA LYS HB 259 -44.41 62.08 -81.21
C LYS HB 259 -43.24 61.83 -82.14
N GLN HB 260 -43.54 61.28 -83.32
CA GLN HB 260 -42.54 61.23 -84.38
C GLN HB 260 -42.27 62.65 -84.87
N ILE HB 261 -41.00 63.00 -84.98
CA ILE HB 261 -40.59 64.31 -85.45
C ILE HB 261 -39.67 64.11 -86.65
N SER HB 262 -39.78 64.99 -87.63
CA SER HB 262 -39.02 64.85 -88.86
C SER HB 262 -38.74 66.23 -89.44
N ASN HB 263 -37.81 66.24 -90.38
CA ASN HB 263 -37.50 67.43 -91.16
C ASN HB 263 -37.01 66.96 -92.51
N GLY HB 264 -37.66 67.39 -93.58
CA GLY HB 264 -37.31 67.00 -94.92
C GLY HB 264 -36.90 68.18 -95.77
N THR HB 265 -36.62 67.90 -97.04
CA THR HB 265 -36.22 68.91 -97.98
C THR HB 265 -37.42 69.60 -98.61
N ALA HB 269 -35.99 73.15 -95.88
CA ALA HB 269 -34.76 72.69 -95.25
C ALA HB 269 -33.87 71.98 -96.26
N THR HB 270 -32.56 72.06 -96.05
CA THR HB 270 -31.62 71.38 -96.93
C THR HB 270 -31.44 69.93 -96.49
N ASN HB 271 -30.86 69.13 -97.39
CA ASN HB 271 -30.61 67.74 -97.06
C ASN HB 271 -29.66 67.60 -95.88
N ASP HB 272 -28.77 68.56 -95.69
CA ASP HB 272 -27.82 68.52 -94.58
C ASP HB 272 -28.51 68.58 -93.23
N ASN HB 273 -29.74 69.09 -93.17
CA ASN HB 273 -30.44 69.30 -91.92
C ASN HB 273 -31.63 68.38 -91.74
N THR HB 274 -31.79 67.36 -92.58
CA THR HB 274 -32.90 66.45 -92.44
C THR HB 274 -32.71 65.54 -91.24
N TYR HB 275 -33.81 65.12 -90.63
CA TYR HB 275 -33.74 64.18 -89.53
C TYR HB 275 -35.07 63.45 -89.41
N PHE HB 276 -35.00 62.29 -88.77
CA PHE HB 276 -36.16 61.56 -88.31
C PHE HB 276 -35.88 61.14 -86.88
N GLY HB 277 -36.85 61.34 -86.00
CA GLY HB 277 -36.65 60.98 -84.62
C GLY HB 277 -37.94 60.99 -83.86
N TYR HB 278 -37.82 60.99 -82.55
CA TYR HB 278 -38.99 60.93 -81.69
C TYR HB 278 -38.85 61.93 -80.56
N SER HB 279 -39.92 62.67 -80.32
CA SER HB 279 -40.04 63.47 -79.12
C SER HB 279 -40.74 62.63 -78.06
N THR HB 280 -40.18 62.60 -76.87
CA THR HB 280 -40.73 61.80 -75.79
C THR HB 280 -41.34 62.70 -74.72
N PRO HB 281 -42.29 62.18 -73.94
CA PRO HB 281 -42.82 62.95 -72.82
C PRO HB 281 -41.89 63.03 -71.62
N TRP HB 282 -40.66 62.53 -71.75
CA TRP HB 282 -39.73 62.47 -70.63
C TRP HB 282 -38.80 63.68 -70.63
N GLY HB 283 -38.49 64.15 -69.44
CA GLY HB 283 -37.38 65.04 -69.26
C GLY HB 283 -36.13 64.26 -68.91
N TYR HB 284 -35.00 64.97 -68.86
CA TYR HB 284 -33.76 64.33 -68.45
C TYR HB 284 -32.90 65.34 -67.72
N PHE HB 285 -32.08 64.82 -66.81
CA PHE HB 285 -31.19 65.67 -66.03
C PHE HB 285 -29.83 65.73 -66.69
N ASP HB 286 -29.33 66.94 -66.90
CA ASP HB 286 -28.04 67.18 -67.50
C ASP HB 286 -27.19 67.97 -66.53
N PHE HB 287 -26.00 67.47 -66.24
CA PHE HB 287 -25.00 68.20 -65.48
C PHE HB 287 -23.65 68.05 -66.16
N ASN HB 288 -23.66 68.09 -67.49
CA ASN HB 288 -22.48 67.87 -68.31
C ASN HB 288 -21.78 69.17 -68.66
N ARG HB 289 -21.82 70.15 -67.77
CA ARG HB 289 -21.02 71.36 -67.91
C ARG HB 289 -20.28 71.58 -66.61
N PHE HB 290 -19.05 72.11 -66.71
CA PHE HB 290 -18.21 72.23 -65.54
C PHE HB 290 -18.78 73.22 -64.53
N HIS HB 291 -19.46 74.27 -64.99
CA HIS HB 291 -20.01 75.24 -64.05
C HIS HB 291 -21.21 74.70 -63.28
N CYS HB 292 -21.75 73.54 -63.66
CA CYS HB 292 -22.74 72.87 -62.84
C CYS HB 292 -22.14 72.39 -61.53
N HIS HB 293 -20.82 72.25 -61.46
CA HIS HB 293 -20.15 71.68 -60.31
C HIS HB 293 -19.12 72.59 -59.69
N PHE HB 294 -18.40 73.36 -60.51
CA PHE HB 294 -17.36 74.25 -60.01
C PHE HB 294 -17.87 75.68 -59.99
N SER HB 295 -17.78 76.31 -58.84
CA SER HB 295 -17.92 77.75 -58.77
C SER HB 295 -16.74 78.38 -59.48
N PRO HB 296 -16.88 79.63 -59.94
CA PRO HB 296 -15.73 80.29 -60.60
C PRO HB 296 -14.49 80.32 -59.73
N ARG HB 297 -14.66 80.54 -58.42
CA ARG HB 297 -13.51 80.50 -57.51
C ARG HB 297 -12.94 79.10 -57.42
N ASP HB 298 -13.80 78.08 -57.37
CA ASP HB 298 -13.32 76.70 -57.37
C ASP HB 298 -12.60 76.37 -58.67
N TRP HB 299 -13.12 76.86 -59.79
CA TRP HB 299 -12.45 76.68 -61.07
C TRP HB 299 -11.08 77.33 -61.06
N GLN HB 300 -10.98 78.52 -60.47
CA GLN HB 300 -9.69 79.19 -60.36
C GLN HB 300 -8.73 78.37 -59.51
N ARG HB 301 -9.21 77.86 -58.37
CA ARG HB 301 -8.40 76.99 -57.53
C ARG HB 301 -7.89 75.80 -58.32
N LEU HB 302 -8.75 75.19 -59.12
CA LEU HB 302 -8.38 74.02 -59.89
C LEU HB 302 -7.34 74.35 -60.93
N ILE HB 303 -7.58 75.39 -61.73
CA ILE HB 303 -6.74 75.63 -62.90
C ILE HB 303 -5.44 76.34 -62.57
N ASN HB 304 -5.36 77.06 -61.45
CA ASN HB 304 -4.14 77.76 -61.10
C ASN HB 304 -3.14 76.89 -60.37
N ASN HB 305 -3.52 75.68 -59.97
CA ASN HB 305 -2.71 74.89 -59.06
C ASN HB 305 -2.53 73.45 -59.48
N ASN HB 306 -3.17 73.00 -60.55
CA ASN HB 306 -3.15 71.61 -60.91
C ASN HB 306 -2.77 71.45 -62.38
N TRP HB 307 -1.94 70.46 -62.66
CA TRP HB 307 -1.59 70.14 -64.04
C TRP HB 307 -2.66 69.32 -64.73
N GLY HB 308 -3.57 68.72 -63.98
CA GLY HB 308 -4.60 67.91 -64.59
C GLY HB 308 -5.65 67.52 -63.58
N PHE HB 309 -6.77 67.05 -64.10
CA PHE HB 309 -7.86 66.59 -63.27
C PHE HB 309 -8.70 65.63 -64.10
N ARG HB 310 -9.49 64.82 -63.40
CA ARG HB 310 -10.40 63.89 -64.06
C ARG HB 310 -11.48 63.50 -63.08
N PRO HB 311 -12.70 63.24 -63.55
CA PRO HB 311 -13.74 62.76 -62.65
C PRO HB 311 -13.45 61.34 -62.20
N LYS HB 312 -13.84 61.04 -60.97
CA LYS HB 312 -13.66 59.71 -60.40
C LYS HB 312 -14.97 58.99 -60.15
N ARG HB 313 -15.89 59.65 -59.46
CA ARG HB 313 -17.17 59.05 -59.14
C ARG HB 313 -18.19 60.17 -59.03
N LEU HB 314 -19.47 59.81 -59.16
CA LEU HB 314 -20.53 60.76 -58.93
C LEU HB 314 -21.65 60.10 -58.15
N SER HB 315 -22.34 60.92 -57.36
CA SER HB 315 -23.58 60.53 -56.74
C SER HB 315 -24.64 61.55 -57.11
N PHE HB 316 -25.84 61.07 -57.39
CA PHE HB 316 -26.94 61.89 -57.87
C PHE HB 316 -28.13 61.67 -56.96
N LYS HB 317 -28.84 62.74 -56.64
CA LYS HB 317 -29.99 62.64 -55.75
C LYS HB 317 -31.14 63.49 -56.27
N LEU HB 318 -32.34 62.93 -56.22
CA LEU HB 318 -33.58 63.65 -56.43
C LEU HB 318 -34.38 63.56 -55.14
N PHE HB 319 -34.87 64.71 -54.67
CA PHE HB 319 -35.52 64.73 -53.36
C PHE HB 319 -36.40 65.96 -53.28
N ASN HB 320 -37.20 66.01 -52.21
CA ASN HB 320 -38.15 67.10 -51.96
C ASN HB 320 -39.04 67.31 -53.19
N ILE HB 321 -39.54 66.21 -53.71
CA ILE HB 321 -40.37 66.25 -54.91
C ILE HB 321 -41.74 66.77 -54.54
N GLN HB 322 -42.22 67.74 -55.33
CA GLN HB 322 -43.57 68.27 -55.18
C GLN HB 322 -44.25 68.19 -56.54
N VAL HB 323 -45.33 67.44 -56.62
CA VAL HB 323 -46.14 67.38 -57.83
C VAL HB 323 -47.33 68.28 -57.63
N LYS HB 324 -47.53 69.21 -58.55
CA LYS HB 324 -48.52 70.24 -58.39
C LYS HB 324 -49.54 70.19 -59.52
N GLU HB 325 -50.80 70.37 -59.15
CA GLU HB 325 -51.90 70.38 -60.09
C GLU HB 325 -52.30 71.82 -60.35
N VAL HB 326 -52.46 72.18 -61.62
CA VAL HB 326 -52.87 73.51 -62.01
C VAL HB 326 -54.20 73.41 -62.75
N THR HB 327 -55.18 74.20 -62.32
CA THR HB 327 -56.51 74.17 -62.91
C THR HB 327 -56.84 75.49 -63.61
N LYS HB 333 -56.41 80.82 -62.67
CA LYS HB 333 -55.48 79.72 -62.50
C LYS HB 333 -55.09 79.52 -61.04
N THR HB 334 -55.29 78.31 -60.53
CA THR HB 334 -54.89 77.95 -59.19
C THR HB 334 -53.96 76.75 -59.25
N ILE HB 335 -52.91 76.78 -58.44
CA ILE HB 335 -51.95 75.69 -58.34
C ILE HB 335 -52.09 75.05 -56.97
N ALA HB 336 -52.27 73.74 -56.95
CA ALA HB 336 -52.46 73.01 -55.71
C ALA HB 336 -51.54 71.80 -55.70
N ASN HB 337 -51.18 71.36 -54.49
CA ASN HB 337 -50.42 70.14 -54.36
C ASN HB 337 -51.27 68.93 -54.73
N ASN HB 338 -50.68 68.00 -55.47
CA ASN HB 338 -51.27 66.71 -55.74
C ASN HB 338 -50.42 65.70 -54.97
N LEU HB 339 -50.80 65.44 -53.72
CA LEU HB 339 -49.96 64.67 -52.82
C LEU HB 339 -49.79 63.22 -53.28
N THR HB 340 -50.77 62.68 -54.00
CA THR HB 340 -50.74 61.29 -54.42
C THR HB 340 -50.17 61.10 -55.82
N SER HB 341 -49.78 62.17 -56.49
CA SER HB 341 -49.19 62.05 -57.83
C SER HB 341 -47.74 61.62 -57.74
N THR HB 342 -47.27 60.98 -58.80
CA THR HB 342 -45.91 60.46 -58.85
C THR HB 342 -45.14 61.07 -60.01
N ILE HB 343 -43.82 61.02 -59.87
CA ILE HB 343 -42.90 61.19 -60.98
C ILE HB 343 -42.21 59.86 -61.18
N GLN HB 344 -41.78 59.61 -62.42
CA GLN HB 344 -41.02 58.42 -62.75
C GLN HB 344 -39.60 58.80 -63.08
N VAL HB 345 -38.64 58.16 -62.43
CA VAL HB 345 -37.23 58.41 -62.64
C VAL HB 345 -36.53 57.09 -62.90
N PHE HB 346 -35.69 57.05 -63.92
CA PHE HB 346 -34.81 55.91 -64.11
C PHE HB 346 -33.54 56.38 -64.78
N THR HB 347 -32.46 55.64 -64.54
CA THR HB 347 -31.20 55.88 -65.22
C THR HB 347 -31.01 54.82 -66.30
N ASP HB 348 -30.61 55.25 -67.48
CA ASP HB 348 -30.25 54.33 -68.55
C ASP HB 348 -28.86 53.76 -68.27
N SER HB 349 -28.81 52.90 -67.26
CA SER HB 349 -27.53 52.39 -66.77
C SER HB 349 -26.88 51.43 -67.75
N GLU HB 350 -27.68 50.76 -68.58
CA GLU HB 350 -27.16 49.88 -69.61
C GLU HB 350 -26.92 50.58 -70.93
N TYR HB 351 -27.14 51.90 -70.99
CA TYR HB 351 -26.91 52.68 -72.21
C TYR HB 351 -27.72 52.13 -73.38
N GLN HB 352 -28.95 51.74 -73.11
CA GLN HB 352 -29.84 51.20 -74.12
C GLN HB 352 -30.64 52.27 -74.85
N LEU HB 353 -30.62 53.46 -74.37
CA LEU HB 353 -31.29 54.55 -75.04
C LEU HB 353 -30.29 55.37 -75.84
N PRO HB 354 -30.74 56.05 -76.89
CA PRO HB 354 -29.87 57.00 -77.57
C PRO HB 354 -29.35 58.03 -76.58
N TYR HB 355 -28.02 58.18 -76.55
CA TYR HB 355 -27.36 59.04 -75.58
C TYR HB 355 -27.29 60.44 -76.16
N VAL HB 356 -28.14 61.33 -75.64
CA VAL HB 356 -28.20 62.70 -76.15
C VAL HB 356 -27.41 63.67 -75.30
N LEU HB 357 -26.90 63.25 -74.15
CA LEU HB 357 -25.91 64.05 -73.45
C LEU HB 357 -24.62 64.08 -74.27
N GLY HB 358 -23.78 65.06 -73.98
CA GLY HB 358 -22.58 65.20 -74.78
C GLY HB 358 -22.81 65.77 -76.16
N SER HB 359 -23.92 66.49 -76.36
CA SER HB 359 -24.13 67.26 -77.58
C SER HB 359 -24.18 68.75 -77.29
N ALA HB 360 -23.66 69.16 -76.14
CA ALA HB 360 -23.58 70.57 -75.75
C ALA HB 360 -24.95 71.25 -75.77
N HIS HB 361 -25.96 70.56 -75.28
CA HIS HB 361 -27.31 71.07 -75.29
C HIS HB 361 -27.59 71.92 -74.05
N GLN HB 362 -28.52 72.86 -74.20
CA GLN HB 362 -29.01 73.60 -73.06
C GLN HB 362 -29.82 72.69 -72.14
N GLY HB 363 -30.13 73.20 -70.96
CA GLY HB 363 -30.89 72.44 -69.99
C GLY HB 363 -30.07 71.81 -68.90
N CYS HB 364 -28.76 72.05 -68.86
CA CYS HB 364 -27.95 71.57 -67.76
C CYS HB 364 -28.30 72.33 -66.48
N LEU HB 365 -27.79 71.85 -65.37
CA LEU HB 365 -27.94 72.55 -64.12
C LEU HB 365 -27.35 73.96 -64.26
N PRO HB 366 -28.04 75.00 -63.78
CA PRO HB 366 -27.53 76.35 -63.97
C PRO HB 366 -26.23 76.54 -63.20
N PRO HB 367 -25.34 77.40 -63.69
CA PRO HB 367 -24.10 77.67 -62.94
C PRO HB 367 -24.37 78.27 -61.56
N PHE HB 368 -25.39 79.10 -61.43
CA PHE HB 368 -25.67 79.77 -60.16
C PHE HB 368 -26.57 78.90 -59.31
N PRO HB 369 -26.17 78.54 -58.10
CA PRO HB 369 -26.99 77.62 -57.29
C PRO HB 369 -28.38 78.13 -56.97
N ALA HB 370 -28.56 79.44 -56.85
CA ALA HB 370 -29.88 79.99 -56.55
C ALA HB 370 -30.83 79.91 -57.74
N ASP HB 371 -30.35 79.50 -58.91
CA ASP HB 371 -31.15 79.55 -60.11
C ASP HB 371 -32.02 78.31 -60.22
N VAL HB 372 -33.32 78.52 -60.45
CA VAL HB 372 -34.26 77.43 -60.67
C VAL HB 372 -34.37 77.17 -62.16
N PHE HB 373 -34.20 75.92 -62.56
CA PHE HB 373 -34.12 75.59 -63.98
C PHE HB 373 -35.20 74.60 -64.39
N MET HB 374 -35.57 74.70 -65.65
CA MET HB 374 -36.53 73.81 -66.29
C MET HB 374 -35.81 72.60 -66.85
N ILE HB 375 -36.38 71.42 -66.62
CA ILE HB 375 -35.76 70.18 -67.10
C ILE HB 375 -35.98 70.05 -68.60
N PRO HB 376 -34.95 69.82 -69.40
CA PRO HB 376 -35.14 69.71 -70.85
C PRO HB 376 -35.88 68.45 -71.23
N GLN HB 377 -36.58 68.52 -72.36
CA GLN HB 377 -37.35 67.39 -72.85
C GLN HB 377 -36.43 66.42 -73.58
N TYR HB 378 -36.61 65.13 -73.30
CA TYR HB 378 -35.81 64.11 -73.96
C TYR HB 378 -36.36 63.81 -75.34
N GLY HB 379 -35.50 63.89 -76.34
CA GLY HB 379 -35.82 63.39 -77.65
C GLY HB 379 -34.58 62.77 -78.25
N TYR HB 380 -34.77 62.00 -79.31
CA TYR HB 380 -33.64 61.35 -79.94
C TYR HB 380 -33.88 61.25 -81.43
N LEU HB 381 -32.81 61.00 -82.16
CA LEU HB 381 -32.85 60.82 -83.59
C LEU HB 381 -32.43 59.40 -83.94
N THR HB 382 -33.03 58.88 -85.00
CA THR HB 382 -32.64 57.59 -85.51
C THR HB 382 -32.32 57.75 -86.99
N LEU HB 383 -32.14 56.65 -87.71
CA LEU HB 383 -31.79 56.73 -89.12
C LEU HB 383 -32.90 57.39 -89.92
N ASN HB 384 -32.52 58.26 -90.84
CA ASN HB 384 -33.48 58.95 -91.68
C ASN HB 384 -33.01 58.94 -93.12
N ASN HB 385 -33.98 58.99 -94.03
CA ASN HB 385 -33.75 59.20 -95.46
C ASN HB 385 -34.63 60.39 -95.81
N GLY HB 386 -34.05 61.58 -95.75
CA GLY HB 386 -34.87 62.78 -95.80
C GLY HB 386 -35.68 62.88 -94.53
N SER HB 387 -36.98 63.10 -94.67
CA SER HB 387 -37.88 63.11 -93.52
C SER HB 387 -38.46 61.74 -93.20
N GLN HB 388 -38.11 60.72 -93.98
CA GLN HB 388 -38.65 59.38 -93.80
C GLN HB 388 -37.72 58.54 -92.94
N ALA HB 389 -38.31 57.60 -92.22
CA ALA HB 389 -37.53 56.59 -91.53
C ALA HB 389 -37.18 55.47 -92.49
N VAL HB 390 -36.16 54.70 -92.13
CA VAL HB 390 -35.81 53.49 -92.83
C VAL HB 390 -36.14 52.30 -91.93
N GLY HB 391 -36.03 51.10 -92.49
CA GLY HB 391 -36.32 49.91 -91.72
C GLY HB 391 -35.42 49.73 -90.52
N ARG HB 392 -34.22 50.30 -90.56
CA ARG HB 392 -33.30 50.20 -89.44
C ARG HB 392 -33.55 51.27 -88.38
N SER HB 393 -34.47 52.20 -88.62
CA SER HB 393 -34.78 53.20 -87.62
C SER HB 393 -35.36 52.55 -86.37
N SER HB 394 -34.87 52.99 -85.21
CA SER HB 394 -35.28 52.43 -83.93
C SER HB 394 -36.23 53.37 -83.23
N PHE HB 395 -37.32 52.82 -82.72
CA PHE HB 395 -38.24 53.54 -81.85
C PHE HB 395 -38.06 53.01 -80.44
N TYR HB 396 -37.90 53.93 -79.48
CA TYR HB 396 -37.71 53.57 -78.08
C TYR HB 396 -38.87 54.12 -77.27
N CYS HB 397 -39.51 53.26 -76.51
CA CYS HB 397 -40.49 53.66 -75.51
C CYS HB 397 -39.78 53.68 -74.16
N LEU HB 398 -39.72 54.86 -73.55
CA LEU HB 398 -39.02 54.96 -72.27
C LEU HB 398 -39.85 54.37 -71.13
N GLU HB 399 -41.16 54.21 -71.32
CA GLU HB 399 -41.96 53.47 -70.36
C GLU HB 399 -41.62 51.98 -70.37
N TYR HB 400 -40.96 51.50 -71.42
CA TYR HB 400 -40.52 50.12 -71.49
C TYR HB 400 -39.30 49.85 -70.62
N PHE HB 401 -38.92 50.79 -69.79
CA PHE HB 401 -37.84 50.63 -68.84
C PHE HB 401 -38.39 50.56 -67.43
N PRO HB 402 -37.72 49.84 -66.53
CA PRO HB 402 -38.09 49.93 -65.10
C PRO HB 402 -37.76 51.31 -64.57
N SER HB 403 -38.77 51.97 -64.01
CA SER HB 403 -38.62 53.29 -63.44
C SER HB 403 -39.07 53.28 -61.99
N GLN HB 404 -38.36 54.02 -61.15
CA GLN HB 404 -38.83 54.25 -59.80
C GLN HB 404 -39.90 55.33 -59.84
N MET HB 405 -41.05 55.07 -59.24
CA MET HB 405 -42.10 56.06 -59.12
C MET HB 405 -42.02 56.70 -57.74
N LEU HB 406 -42.09 58.01 -57.70
CA LEU HB 406 -41.82 58.78 -56.48
C LEU HB 406 -43.02 59.65 -56.18
N ARG HB 407 -43.57 59.52 -54.99
CA ARG HB 407 -44.51 60.49 -54.48
C ARG HB 407 -43.73 61.59 -53.75
N THR HB 408 -44.46 62.53 -53.17
CA THR HB 408 -43.82 63.71 -52.60
C THR HB 408 -42.87 63.34 -51.46
N GLY HB 409 -43.09 62.22 -50.79
CA GLY HB 409 -42.21 61.80 -49.71
C GLY HB 409 -41.04 60.96 -50.13
N ASN HB 410 -40.95 60.58 -51.40
CA ASN HB 410 -39.90 59.69 -51.87
C ASN HB 410 -38.72 60.48 -52.40
N ASN HB 411 -37.56 59.83 -52.43
CA ASN HB 411 -36.38 60.38 -53.05
C ASN HB 411 -35.71 59.33 -53.92
N PHE HB 412 -34.92 59.80 -54.87
CA PHE HB 412 -34.21 58.95 -55.81
C PHE HB 412 -32.72 59.25 -55.70
N GLN HB 413 -31.91 58.21 -55.76
CA GLN HB 413 -30.47 58.43 -55.76
C GLN HB 413 -29.77 57.27 -56.43
N PHE HB 414 -28.63 57.56 -57.03
CA PHE HB 414 -27.77 56.53 -57.56
C PHE HB 414 -26.34 57.04 -57.56
N THR HB 415 -25.40 56.10 -57.58
CA THR HB 415 -23.99 56.42 -57.64
C THR HB 415 -23.41 55.85 -58.92
N TYR HB 416 -22.37 56.51 -59.43
CA TYR HB 416 -21.72 56.11 -60.66
C TYR HB 416 -20.22 56.29 -60.49
N THR HB 417 -19.45 55.35 -61.01
CA THR HB 417 -18.01 55.44 -60.99
C THR HB 417 -17.51 55.65 -62.40
N PHE HB 418 -16.72 56.71 -62.59
CA PHE HB 418 -16.11 56.97 -63.88
C PHE HB 418 -15.06 55.91 -64.17
N GLU HB 419 -14.97 55.51 -65.44
CA GLU HB 419 -13.90 54.63 -65.86
C GLU HB 419 -12.57 55.37 -65.78
N ASP HB 420 -11.49 54.60 -65.83
CA ASP HB 420 -10.16 55.21 -65.83
C ASP HB 420 -9.99 56.04 -67.10
N VAL HB 421 -10.00 57.35 -66.96
CA VAL HB 421 -9.89 58.26 -68.09
C VAL HB 421 -8.60 59.03 -67.91
N PRO HB 422 -7.91 59.44 -68.97
CA PRO HB 422 -6.70 60.24 -68.78
C PRO HB 422 -7.01 61.59 -68.16
N PHE HB 423 -6.06 62.09 -67.39
CA PHE HB 423 -6.18 63.44 -66.84
C PHE HB 423 -6.28 64.44 -67.98
N HIS HB 424 -7.19 65.40 -67.85
CA HIS HB 424 -7.21 66.51 -68.77
C HIS HB 424 -5.95 67.34 -68.59
N SER HB 425 -5.34 67.75 -69.70
CA SER HB 425 -4.12 68.54 -69.64
C SER HB 425 -4.48 69.97 -69.22
N SER HB 426 -4.41 70.22 -67.92
CA SER HB 426 -4.69 71.55 -67.39
C SER HB 426 -3.41 72.39 -67.35
N TYR HB 427 -2.71 72.42 -68.47
CA TYR HB 427 -1.43 73.09 -68.57
C TYR HB 427 -1.18 73.45 -70.02
N ALA HB 428 -0.34 74.45 -70.23
CA ALA HB 428 0.18 74.78 -71.55
C ALA HB 428 1.67 74.46 -71.57
N HIS HB 429 2.15 74.00 -72.71
CA HIS HB 429 3.55 73.66 -72.82
C HIS HB 429 4.41 74.92 -72.85
N SER HB 430 5.47 74.93 -72.06
CA SER HB 430 6.43 76.03 -72.06
C SER HB 430 7.54 75.82 -73.06
N GLN HB 431 7.46 74.76 -73.85
CA GLN HB 431 8.39 74.51 -74.94
C GLN HB 431 7.60 74.24 -76.20
N SER HB 432 8.18 74.61 -77.34
CA SER HB 432 7.59 74.28 -78.63
C SER HB 432 8.19 72.99 -79.15
N LEU HB 433 7.40 72.29 -79.96
CA LEU HB 433 7.83 70.98 -80.47
C LEU HB 433 9.07 71.11 -81.36
N ASP HB 434 9.21 72.22 -82.08
CA ASP HB 434 10.36 72.43 -82.93
C ASP HB 434 11.52 73.10 -82.21
N ARG HB 435 11.42 73.27 -80.90
CA ARG HB 435 12.45 73.91 -80.10
C ARG HB 435 12.78 73.07 -78.88
N LEU HB 436 12.89 71.77 -79.05
CA LEU HB 436 13.21 70.86 -77.96
C LEU HB 436 14.69 70.58 -77.83
N MET HB 437 15.50 71.16 -78.69
CA MET HB 437 16.92 70.87 -78.77
C MET HB 437 17.74 71.84 -77.91
N ASN HB 438 18.96 71.43 -77.64
CA ASN HB 438 19.93 72.29 -76.95
C ASN HB 438 20.35 73.40 -77.89
N PRO HB 439 20.15 74.67 -77.54
CA PRO HB 439 20.50 75.78 -78.43
C PRO HB 439 21.98 76.13 -78.46
N LEU HB 440 22.84 75.34 -77.82
CA LEU HB 440 24.27 75.64 -77.79
C LEU HB 440 25.11 74.63 -78.55
N ILE HB 441 24.57 73.46 -78.85
CA ILE HB 441 25.34 72.34 -79.40
C ILE HB 441 24.83 72.04 -80.79
N ASP HB 442 25.76 71.82 -81.71
CA ASP HB 442 25.40 71.36 -83.04
C ASP HB 442 24.92 69.91 -83.00
N GLN HB 443 24.17 69.54 -84.01
CA GLN HB 443 23.82 68.14 -84.21
C GLN HB 443 24.97 67.41 -84.90
N TYR HB 444 25.12 66.13 -84.59
CA TYR HB 444 26.04 65.31 -85.35
C TYR HB 444 25.44 64.84 -86.67
N LEU HB 445 24.12 64.97 -86.83
CA LEU HB 445 23.47 64.63 -88.08
C LEU HB 445 23.61 65.78 -89.07
N TYR HB 446 23.69 65.43 -90.34
CA TYR HB 446 23.78 66.41 -91.41
C TYR HB 446 22.44 66.49 -92.14
N TYR HB 447 22.20 67.64 -92.75
CA TYR HB 447 21.08 67.82 -93.64
C TYR HB 447 21.59 68.38 -94.96
N LEU HB 448 20.86 68.09 -96.03
CA LEU HB 448 21.18 68.66 -97.33
C LEU HB 448 20.98 70.16 -97.28
N SER HB 449 22.07 70.91 -97.30
CA SER HB 449 22.00 72.36 -97.14
C SER HB 449 22.03 73.12 -98.45
N ARG HB 450 22.66 72.57 -99.49
CA ARG HB 450 22.67 73.23 -100.79
C ARG HB 450 22.67 72.17 -101.88
N THR HB 451 21.99 72.49 -102.98
CA THR HB 451 21.99 71.65 -104.17
C THR HB 451 22.64 72.34 -105.36
N GLN HB 452 23.13 73.57 -105.19
CA GLN HB 452 23.71 74.33 -106.28
C GLN HB 452 24.93 75.09 -105.75
N THR HB 453 25.98 75.14 -106.56
CA THR HB 453 27.21 75.82 -106.16
C THR HB 453 27.01 77.32 -106.02
N ASN HB 459 26.21 78.86 -111.91
CA ASN HB 459 26.31 77.84 -110.87
C ASN HB 459 25.82 76.49 -111.37
N THR HB 460 26.39 75.42 -110.84
CA THR HB 460 26.10 74.06 -111.27
C THR HB 460 25.54 73.27 -110.10
N GLN HB 461 25.04 72.07 -110.42
CA GLN HB 461 24.52 71.19 -109.39
C GLN HB 461 25.63 70.69 -108.48
N THR HB 462 25.29 70.54 -107.21
CA THR HB 462 26.21 70.00 -106.22
C THR HB 462 25.38 69.44 -105.07
N LEU HB 463 26.06 68.83 -104.11
CA LEU HB 463 25.42 68.34 -102.89
C LEU HB 463 26.25 68.85 -101.72
N GLY HB 464 25.74 69.86 -101.03
CA GLY HB 464 26.37 70.38 -99.83
C GLY HB 464 25.55 70.00 -98.61
N PHE HB 465 26.25 69.53 -97.58
CA PHE HB 465 25.61 69.05 -96.37
C PHE HB 465 26.15 69.84 -95.19
N SER HB 466 25.26 70.26 -94.29
CA SER HB 466 25.63 71.02 -93.12
C SER HB 466 25.05 70.33 -91.89
N GLN HB 467 25.66 70.61 -90.75
CA GLN HB 467 25.16 70.12 -89.48
C GLN HB 467 24.18 71.13 -88.91
N GLY HB 468 23.00 70.64 -88.52
CA GLY HB 468 22.04 71.48 -87.85
C GLY HB 468 22.59 72.03 -86.55
N GLY HB 469 22.43 73.33 -86.33
CA GLY HB 469 22.97 73.96 -85.16
C GLY HB 469 22.05 75.01 -84.60
N PRO HB 470 22.58 75.84 -83.70
CA PRO HB 470 21.74 76.87 -83.07
C PRO HB 470 21.14 77.85 -84.05
N ASN HB 471 21.78 78.10 -85.18
CA ASN HB 471 21.28 79.07 -86.14
C ASN HB 471 20.40 78.45 -87.20
N THR HB 472 20.69 77.23 -87.63
CA THR HB 472 19.85 76.52 -88.59
C THR HB 472 18.90 75.57 -87.87
N MET HB 473 18.10 76.16 -86.98
CA MET HB 473 17.27 75.36 -86.09
C MET HB 473 16.07 74.78 -86.82
N ALA HB 474 15.63 75.42 -87.90
CA ALA HB 474 14.57 74.87 -88.72
C ALA HB 474 15.02 73.65 -89.51
N ASN HB 475 16.32 73.51 -89.76
CA ASN HB 475 16.85 72.40 -90.53
C ASN HB 475 17.23 71.19 -89.68
N GLN HB 476 17.22 71.33 -88.36
CA GLN HB 476 17.70 70.26 -87.50
C GLN HB 476 16.84 69.02 -87.61
N ALA HB 477 17.49 67.86 -87.50
CA ALA HB 477 16.75 66.62 -87.39
C ALA HB 477 15.94 66.61 -86.10
N LYS HB 478 14.70 66.16 -86.19
CA LYS HB 478 13.79 66.18 -85.05
C LYS HB 478 13.08 64.84 -84.96
N ASN HB 479 12.63 64.52 -83.75
CA ASN HB 479 12.02 63.22 -83.48
C ASN HB 479 10.52 63.22 -83.61
N TRP HB 480 9.86 64.37 -83.65
CA TRP HB 480 8.42 64.42 -83.51
C TRP HB 480 7.83 65.39 -84.52
N LEU HB 481 6.54 65.19 -84.79
CA LEU HB 481 5.78 66.01 -85.73
C LEU HB 481 4.60 66.63 -85.01
N PRO HB 482 4.14 67.79 -85.45
CA PRO HB 482 2.95 68.40 -84.86
C PRO HB 482 1.72 67.54 -85.14
N GLY HB 483 0.73 67.68 -84.28
CA GLY HB 483 -0.49 66.91 -84.38
C GLY HB 483 -1.20 67.08 -85.71
N PRO HB 484 -2.25 66.32 -85.91
CA PRO HB 484 -2.93 66.31 -87.21
C PRO HB 484 -3.66 67.62 -87.47
N CYS HB 485 -3.91 67.87 -88.75
CA CYS HB 485 -4.48 69.12 -89.21
C CYS HB 485 -5.69 68.86 -90.09
N TYR HB 486 -6.73 69.67 -89.92
CA TYR HB 486 -7.91 69.68 -90.78
C TYR HB 486 -8.27 71.14 -90.99
N ARG HB 487 -7.67 71.76 -92.01
CA ARG HB 487 -7.57 73.21 -92.07
C ARG HB 487 -8.94 73.87 -92.10
N GLN HB 488 -9.07 74.93 -91.31
CA GLN HB 488 -10.28 75.74 -91.24
C GLN HB 488 -10.03 77.09 -91.87
N GLN HB 489 -11.10 77.71 -92.35
CA GLN HB 489 -11.00 79.06 -92.90
C GLN HB 489 -10.76 80.06 -91.78
N ARG HB 490 -9.94 81.05 -92.05
CA ARG HB 490 -9.61 82.07 -91.06
C ARG HB 490 -10.61 83.22 -91.13
N VAL HB 491 -11.12 83.61 -89.97
CA VAL HB 491 -12.03 84.73 -89.85
C VAL HB 491 -11.43 85.72 -88.86
N SER HB 492 -11.47 87.01 -89.23
CA SER HB 492 -10.96 88.06 -88.38
C SER HB 492 -12.11 88.68 -87.59
N THR HB 493 -11.88 88.89 -86.29
CA THR HB 493 -12.86 89.63 -85.50
C THR HB 493 -12.94 91.08 -85.92
N THR HB 494 -11.91 91.61 -86.57
CA THR HB 494 -11.98 92.89 -87.27
C THR HB 494 -12.64 92.64 -88.61
N THR HB 495 -13.94 92.92 -88.69
CA THR HB 495 -14.73 92.48 -89.83
C THR HB 495 -14.24 93.08 -91.14
N GLY HB 496 -13.66 94.28 -91.10
CA GLY HB 496 -13.14 94.88 -92.32
C GLY HB 496 -12.04 94.08 -92.99
N GLN HB 497 -11.36 93.23 -92.24
CA GLN HB 497 -10.34 92.37 -92.80
C GLN HB 497 -10.90 91.09 -93.42
N ASN HB 498 -12.20 90.84 -93.28
CA ASN HB 498 -12.80 89.66 -93.83
C ASN HB 498 -13.31 89.92 -95.25
N ASN HB 499 -13.42 88.84 -96.02
CA ASN HB 499 -14.01 88.93 -97.35
C ASN HB 499 -15.46 89.38 -97.25
N ASN HB 500 -15.86 90.26 -98.16
CA ASN HB 500 -17.23 90.77 -98.18
C ASN HB 500 -18.13 89.76 -98.87
N SER HB 501 -18.40 88.66 -98.16
CA SER HB 501 -19.29 87.62 -98.64
C SER HB 501 -19.77 86.83 -97.43
N ASN HB 502 -20.85 86.08 -97.64
CA ASN HB 502 -21.40 85.21 -96.60
C ASN HB 502 -20.81 83.82 -96.82
N PHE HB 503 -19.71 83.54 -96.13
CA PHE HB 503 -18.97 82.30 -96.34
C PHE HB 503 -18.91 81.43 -95.10
N ALA HB 504 -19.76 81.68 -94.11
CA ALA HB 504 -19.72 80.87 -92.89
C ALA HB 504 -20.00 79.40 -93.20
N TRP HB 505 -20.95 79.13 -94.09
CA TRP HB 505 -21.26 77.77 -94.50
C TRP HB 505 -20.53 77.35 -95.75
N THR HB 506 -20.50 78.21 -96.78
CA THR HB 506 -19.88 77.83 -98.05
C THR HB 506 -18.39 77.56 -97.89
N ALA HB 507 -17.70 78.39 -97.11
CA ALA HB 507 -16.29 78.18 -96.82
C ALA HB 507 -16.07 77.40 -95.53
N GLY HB 508 -17.14 76.93 -94.90
CA GLY HB 508 -16.98 76.18 -93.67
C GLY HB 508 -16.24 74.88 -93.88
N THR HB 509 -15.49 74.48 -92.87
CA THR HB 509 -14.77 73.22 -92.90
C THR HB 509 -15.71 72.11 -92.48
N LYS HB 510 -15.95 71.16 -93.37
CA LYS HB 510 -17.03 70.21 -93.22
C LYS HB 510 -16.52 68.79 -93.38
N TYR HB 511 -17.30 67.85 -92.85
CA TYR HB 511 -17.17 66.45 -93.20
C TYR HB 511 -18.42 65.99 -93.92
N HIS HB 512 -18.27 64.93 -94.69
CA HIS HB 512 -19.33 64.39 -95.52
C HIS HB 512 -19.71 63.01 -95.01
N LEU HB 513 -20.98 62.81 -94.70
CA LEU HB 513 -21.46 61.55 -94.15
C LEU HB 513 -22.81 61.23 -94.76
N ASN HB 514 -22.87 60.14 -95.52
CA ASN HB 514 -24.11 59.66 -96.14
C ASN HB 514 -24.79 60.77 -96.94
N GLY HB 515 -24.00 61.43 -97.79
CA GLY HB 515 -24.52 62.50 -98.61
C GLY HB 515 -24.94 63.73 -97.86
N ARG HB 516 -24.62 63.84 -96.58
CA ARG HB 516 -24.98 64.98 -95.76
C ARG HB 516 -23.71 65.71 -95.35
N ASN HB 517 -23.72 67.03 -95.48
CA ASN HB 517 -22.58 67.84 -95.09
C ASN HB 517 -22.84 68.41 -93.71
N SER HB 518 -21.87 68.24 -92.82
CA SER HB 518 -21.92 68.77 -91.48
C SER HB 518 -20.63 69.50 -91.19
N LEU HB 519 -20.70 70.63 -90.51
CA LEU HB 519 -19.50 71.35 -90.12
C LEU HB 519 -18.64 70.48 -89.22
N ALA HB 520 -17.33 70.50 -89.48
CA ALA HB 520 -16.36 69.92 -88.56
C ALA HB 520 -16.15 70.91 -87.43
N ASN HB 521 -17.14 70.96 -86.54
CA ASN HB 521 -17.27 72.03 -85.56
C ASN HB 521 -17.29 71.44 -84.17
N PRO HB 522 -16.30 71.73 -83.31
CA PRO HB 522 -15.17 72.60 -83.63
C PRO HB 522 -14.03 71.88 -84.33
N GLY HB 523 -14.22 70.61 -84.63
CA GLY HB 523 -13.21 69.83 -85.29
C GLY HB 523 -12.08 69.42 -84.35
N ILE HB 524 -11.00 68.94 -84.95
CA ILE HB 524 -9.87 68.45 -84.17
C ILE HB 524 -9.18 69.62 -83.47
N ALA HB 525 -8.52 69.31 -82.36
CA ALA HB 525 -7.86 70.32 -81.55
C ALA HB 525 -6.69 70.91 -82.32
N MET HB 526 -6.83 72.15 -82.76
CA MET HB 526 -5.75 72.89 -83.38
C MET HB 526 -5.67 74.27 -82.74
N ALA HB 527 -4.47 74.85 -82.79
CA ALA HB 527 -4.27 76.18 -82.24
C ALA HB 527 -5.16 77.17 -82.98
N THR HB 528 -5.85 78.02 -82.21
CA THR HB 528 -6.79 78.96 -82.80
C THR HB 528 -6.08 79.92 -83.76
N HIS HB 529 -4.90 80.38 -83.37
CA HIS HB 529 -4.15 81.34 -84.17
C HIS HB 529 -2.69 81.21 -83.79
N LYS HB 530 -1.83 81.80 -84.60
CA LYS HB 530 -0.40 81.82 -84.30
C LYS HB 530 -0.08 83.08 -83.49
N ASP HB 531 1.21 83.35 -83.31
CA ASP HB 531 1.63 84.48 -82.50
C ASP HB 531 1.13 85.80 -83.08
N ASP HB 532 0.64 86.67 -82.20
CA ASP HB 532 0.23 88.03 -82.56
C ASP HB 532 -0.92 88.05 -83.57
N GLU HB 533 -1.78 87.05 -83.54
CA GLU HB 533 -2.93 86.98 -84.43
C GLU HB 533 -4.19 86.61 -83.66
N GLU HB 534 -4.36 87.22 -82.48
CA GLU HB 534 -5.50 86.89 -81.63
C GLU HB 534 -6.82 87.23 -82.30
N ARG HB 535 -6.83 88.20 -83.21
CA ARG HB 535 -8.06 88.59 -83.89
C ARG HB 535 -8.57 87.52 -84.84
N PHE HB 536 -7.74 86.54 -85.19
CA PHE HB 536 -8.13 85.50 -86.14
C PHE HB 536 -8.61 84.26 -85.40
N PHE HB 537 -9.65 83.64 -85.93
CA PHE HB 537 -10.13 82.37 -85.40
C PHE HB 537 -10.60 81.50 -86.55
N PRO HB 538 -10.50 80.18 -86.41
CA PRO HB 538 -11.10 79.29 -87.41
C PRO HB 538 -12.61 79.47 -87.44
N SER HB 539 -13.18 79.41 -88.65
CA SER HB 539 -14.58 79.78 -88.82
C SER HB 539 -15.51 78.90 -88.01
N ASN HB 540 -15.25 77.59 -87.97
CA ASN HB 540 -15.99 76.68 -87.11
C ASN HB 540 -15.04 75.75 -86.37
N GLY HB 541 -13.98 76.33 -85.80
CA GLY HB 541 -12.96 75.55 -85.16
C GLY HB 541 -12.71 75.88 -83.71
N ILE HB 542 -13.61 76.64 -83.10
CA ILE HB 542 -13.50 77.01 -81.68
C ILE HB 542 -14.86 76.88 -81.03
N LEU HB 543 -14.84 76.70 -79.71
CA LEU HB 543 -16.06 76.78 -78.92
C LEU HB 543 -16.43 78.25 -78.75
N ILE HB 544 -17.68 78.58 -79.03
CA ILE HB 544 -18.18 79.94 -78.89
C ILE HB 544 -19.31 79.90 -77.88
N PHE HB 545 -19.12 80.55 -76.75
CA PHE HB 545 -20.15 80.66 -75.73
C PHE HB 545 -20.83 82.01 -75.85
N GLY HB 546 -22.12 82.02 -75.55
CA GLY HB 546 -22.88 83.26 -75.57
C GLY HB 546 -22.80 83.97 -74.22
N LYS HB 547 -22.70 85.29 -74.28
CA LYS HB 547 -22.86 86.07 -73.07
C LYS HB 547 -24.31 85.99 -72.60
N GLN HB 548 -24.54 86.43 -71.36
CA GLN HB 548 -25.88 86.42 -70.83
C GLN HB 548 -26.81 87.25 -71.69
N ASN HB 549 -27.99 86.70 -71.99
CA ASN HB 549 -29.01 87.34 -72.82
C ASN HB 549 -28.54 87.51 -74.26
N ALA HB 550 -27.62 86.69 -74.72
CA ALA HB 550 -27.26 86.70 -76.13
C ALA HB 550 -28.38 86.08 -76.95
N ALA HB 551 -28.62 86.64 -78.14
CA ALA HB 551 -29.68 86.13 -78.99
C ALA HB 551 -29.37 84.71 -79.46
N ARG HB 552 -30.43 83.93 -79.62
CA ARG HB 552 -30.26 82.57 -80.15
C ARG HB 552 -29.72 82.59 -81.57
N ASP HB 553 -30.24 83.48 -82.41
CA ASP HB 553 -29.84 83.56 -83.80
C ASP HB 553 -29.20 84.92 -84.09
N ASN HB 554 -28.10 84.89 -84.84
CA ASN HB 554 -27.42 86.09 -85.32
C ASN HB 554 -27.05 87.02 -84.16
N ALA HB 555 -26.48 86.44 -83.11
CA ALA HB 555 -25.89 87.25 -82.06
C ALA HB 555 -24.65 87.95 -82.58
N ASP HB 556 -24.48 89.20 -82.20
CA ASP HB 556 -23.31 89.95 -82.63
C ASP HB 556 -22.06 89.42 -81.94
N TYR HB 557 -20.90 89.78 -82.48
CA TYR HB 557 -19.65 89.33 -81.89
C TYR HB 557 -19.50 89.82 -80.45
N SER HB 558 -20.07 90.98 -80.14
CA SER HB 558 -20.02 91.49 -78.77
C SER HB 558 -20.89 90.68 -77.82
N ASP HB 559 -21.83 89.89 -78.33
CA ASP HB 559 -22.71 89.09 -77.49
C ASP HB 559 -22.21 87.67 -77.28
N VAL HB 560 -21.09 87.29 -77.87
CA VAL HB 560 -20.57 85.94 -77.75
C VAL HB 560 -19.17 86.00 -77.18
N MET HB 561 -18.72 84.85 -76.69
CA MET HB 561 -17.42 84.71 -76.04
C MET HB 561 -16.63 83.67 -76.83
N LEU HB 562 -15.67 84.13 -77.63
CA LEU HB 562 -14.83 83.21 -78.38
C LEU HB 562 -13.78 82.61 -77.48
N THR HB 563 -13.65 81.28 -77.53
CA THR HB 563 -12.53 80.64 -76.87
C THR HB 563 -11.31 80.67 -77.77
N SER HB 564 -10.15 80.41 -77.18
CA SER HB 564 -8.91 80.37 -77.93
C SER HB 564 -8.08 79.20 -77.46
N GLU HB 565 -7.65 78.37 -78.41
CA GLU HB 565 -6.75 77.25 -78.14
C GLU HB 565 -5.31 77.59 -78.48
N GLU HB 566 -4.91 78.85 -78.27
CA GLU HB 566 -3.55 79.26 -78.60
C GLU HB 566 -2.50 78.57 -77.72
N GLU HB 567 -2.89 78.01 -76.58
CA GLU HB 567 -1.93 77.35 -75.72
C GLU HB 567 -1.32 76.12 -76.38
N ILE HB 568 -2.01 75.52 -77.35
CA ILE HB 568 -1.51 74.33 -78.01
C ILE HB 568 -0.76 74.64 -79.30
N LYS HB 569 -0.40 75.92 -79.51
CA LYS HB 569 0.49 76.27 -80.61
C LYS HB 569 1.78 75.48 -80.57
N THR HB 570 2.24 75.13 -79.36
CA THR HB 570 3.52 74.48 -79.20
C THR HB 570 3.54 73.08 -79.79
N THR HB 571 2.41 72.45 -79.89
CA THR HB 571 2.34 71.07 -80.37
C THR HB 571 1.35 70.89 -81.51
N ASN HB 572 0.24 71.60 -81.50
CA ASN HB 572 -0.75 71.43 -82.55
C ASN HB 572 -0.58 72.50 -83.61
N PRO HB 573 -0.79 72.15 -84.88
CA PRO HB 573 -0.74 73.17 -85.93
C PRO HB 573 -1.87 74.18 -85.79
N VAL HB 574 -1.63 75.38 -86.29
CA VAL HB 574 -2.65 76.42 -86.26
C VAL HB 574 -3.81 76.00 -87.14
N ALA HB 575 -5.03 76.20 -86.62
CA ALA HB 575 -6.22 75.68 -87.28
C ALA HB 575 -6.41 76.27 -88.68
N THR HB 576 -5.94 77.49 -88.91
CA THR HB 576 -6.17 78.18 -90.17
C THR HB 576 -4.96 78.13 -91.09
N GLU HB 577 -3.93 77.39 -90.72
CA GLU HB 577 -2.73 77.27 -91.53
C GLU HB 577 -2.58 75.85 -92.04
N GLU HB 578 -1.77 75.70 -93.07
CA GLU HB 578 -1.46 74.38 -93.59
C GLU HB 578 -0.61 73.59 -92.61
N TYR HB 579 -0.74 72.26 -92.65
CA TYR HB 579 0.09 71.42 -91.81
C TYR HB 579 1.56 71.55 -92.18
N GLY HB 580 1.85 71.56 -93.47
CA GLY HB 580 3.23 71.58 -93.91
C GLY HB 580 3.30 71.52 -95.41
N ILE HB 581 4.47 71.13 -95.89
CA ILE HB 581 4.77 71.11 -97.31
C ILE HB 581 5.32 69.73 -97.66
N VAL HB 582 4.81 69.15 -98.75
CA VAL HB 582 5.32 67.89 -99.26
C VAL HB 582 5.69 68.08 -100.72
N ALA HB 583 6.56 67.19 -101.20
CA ALA HB 583 6.91 67.18 -102.61
C ALA HB 583 5.73 66.72 -103.45
N ASP HB 584 5.55 67.36 -104.60
CA ASP HB 584 4.46 67.04 -105.50
C ASP HB 584 4.92 66.33 -106.77
N ASN HB 585 6.22 66.21 -106.99
CA ASN HB 585 6.74 65.60 -108.21
C ASN HB 585 8.13 65.04 -107.93
N LEU HB 586 8.79 64.60 -108.99
CA LEU HB 586 10.18 64.15 -108.92
C LEU HB 586 11.01 65.14 -109.72
N GLN HB 587 11.83 65.93 -109.04
CA GLN HB 587 12.67 66.89 -109.73
C GLN HB 587 13.74 66.17 -110.54
N GLN HB 588 14.01 66.71 -111.72
CA GLN HB 588 15.09 66.28 -112.59
C GLN HB 588 15.84 67.50 -113.06
N GLN HB 589 16.88 67.29 -113.86
CA GLN HB 589 17.62 68.42 -114.41
C GLN HB 589 16.75 69.28 -115.32
N ASN HB 590 15.63 68.74 -115.81
CA ASN HB 590 14.73 69.50 -116.67
C ASN HB 590 13.43 69.90 -115.98
N THR HB 591 13.09 69.31 -114.84
CA THR HB 591 11.85 69.63 -114.13
C THR HB 591 12.20 70.16 -112.75
N ALA HB 592 11.83 71.41 -112.48
CA ALA HB 592 12.06 71.98 -111.17
C ALA HB 592 11.18 71.30 -110.13
N PRO HB 593 11.67 71.16 -108.90
CA PRO HB 593 10.86 70.52 -107.87
C PRO HB 593 9.60 71.33 -107.58
N GLN HB 594 8.50 70.62 -107.36
CA GLN HB 594 7.22 71.22 -107.03
C GLN HB 594 6.81 70.79 -105.64
N ILE HB 595 6.15 71.69 -104.93
CA ILE HB 595 5.75 71.43 -103.56
C ILE HB 595 4.23 71.48 -103.46
N GLY HB 596 3.69 70.63 -102.60
CA GLY HB 596 2.27 70.59 -102.32
C GLY HB 596 2.01 71.06 -100.90
N THR HB 597 0.96 71.86 -100.75
CA THR HB 597 0.56 72.38 -99.45
C THR HB 597 -0.40 71.40 -98.79
N VAL HB 598 -0.04 70.90 -97.62
CA VAL HB 598 -0.85 69.91 -96.90
C VAL HB 598 -1.85 70.67 -96.05
N ASN HB 599 -3.10 70.70 -96.50
CA ASN HB 599 -4.17 71.35 -95.76
C ASN HB 599 -4.96 70.38 -94.89
N SER HB 600 -4.71 69.09 -95.01
CA SER HB 600 -5.35 68.09 -94.18
C SER HB 600 -4.37 66.96 -93.99
N GLN HB 601 -4.01 66.68 -92.73
CA GLN HB 601 -3.02 65.67 -92.43
C GLN HB 601 -3.57 64.75 -91.36
N GLY HB 602 -3.74 63.48 -91.70
CA GLY HB 602 -4.10 62.48 -90.73
C GLY HB 602 -2.91 62.06 -89.90
N ALA HB 603 -3.14 61.09 -89.02
CA ALA HB 603 -2.13 60.67 -88.07
C ALA HB 603 -0.89 60.15 -88.78
N LEU HB 604 0.27 60.65 -88.37
CA LEU HB 604 1.57 60.16 -88.81
C LEU HB 604 2.35 59.67 -87.61
N PRO HB 605 3.20 58.67 -87.77
CA PRO HB 605 4.04 58.22 -86.66
C PRO HB 605 4.93 59.35 -86.18
N GLY HB 606 5.15 59.40 -84.87
CA GLY HB 606 5.90 60.48 -84.28
C GLY HB 606 5.12 61.75 -84.06
N MET HB 607 3.84 61.77 -84.40
CA MET HB 607 3.04 62.96 -84.21
C MET HB 607 2.56 63.03 -82.77
N VAL HB 608 2.60 64.23 -82.20
CA VAL HB 608 2.10 64.48 -80.86
C VAL HB 608 1.17 65.69 -80.92
N TRP HB 609 0.18 65.72 -80.04
CA TRP HB 609 -0.78 66.80 -80.03
C TRP HB 609 -1.42 66.92 -78.67
N GLN HB 610 -2.05 68.06 -78.43
CA GLN HB 610 -2.86 68.31 -77.25
C GLN HB 610 -4.33 68.29 -77.63
N ASN HB 611 -5.16 67.91 -76.67
CA ASN HB 611 -6.60 67.98 -76.87
C ASN HB 611 -7.07 69.42 -76.70
N ARG HB 612 -8.32 69.65 -77.09
CA ARG HB 612 -8.95 70.94 -76.84
C ARG HB 612 -9.07 71.17 -75.34
N ASP HB 613 -8.93 72.42 -74.93
CA ASP HB 613 -9.10 72.78 -73.54
C ASP HB 613 -10.55 72.60 -73.11
N VAL HB 614 -10.74 72.35 -71.83
CA VAL HB 614 -12.07 72.39 -71.25
C VAL HB 614 -12.30 73.77 -70.65
N TYR HB 615 -13.56 74.12 -70.48
CA TYR HB 615 -13.93 75.44 -70.00
C TYR HB 615 -14.93 75.31 -68.88
N LEU HB 616 -14.97 76.33 -68.03
CA LEU HB 616 -15.94 76.34 -66.94
C LEU HB 616 -17.36 76.22 -67.48
N GLN HB 617 -17.64 76.87 -68.60
CA GLN HB 617 -18.93 76.77 -69.26
C GLN HB 617 -19.04 75.59 -70.21
N GLY HB 618 -17.96 74.88 -70.45
CA GLY HB 618 -17.93 73.85 -71.48
C GLY HB 618 -18.39 72.50 -70.99
N PRO HB 619 -18.50 71.56 -71.92
CA PRO HB 619 -18.89 70.19 -71.54
C PRO HB 619 -17.80 69.47 -70.78
N ILE HB 620 -18.22 68.47 -70.00
CA ILE HB 620 -17.30 67.66 -69.20
C ILE HB 620 -16.96 66.36 -69.91
N TRP HB 621 -17.97 65.62 -70.37
CA TRP HB 621 -17.74 64.32 -70.94
C TRP HB 621 -18.60 64.15 -72.18
N ALA HB 622 -18.21 63.18 -73.00
CA ALA HB 622 -19.05 62.69 -74.09
C ALA HB 622 -18.97 61.18 -74.11
N LYS HB 623 -20.04 60.56 -74.58
CA LYS HB 623 -20.03 59.11 -74.78
C LYS HB 623 -19.24 58.80 -76.04
N ILE HB 624 -18.24 57.94 -75.91
CA ILE HB 624 -17.53 57.44 -77.07
C ILE HB 624 -18.50 56.54 -77.83
N PRO HB 625 -18.77 56.80 -79.11
CA PRO HB 625 -19.69 55.96 -79.85
C PRO HB 625 -19.20 54.51 -79.87
N HIS HB 626 -20.15 53.59 -79.75
CA HIS HB 626 -19.83 52.17 -79.77
C HIS HB 626 -19.54 51.76 -81.21
N THR HB 627 -18.27 51.76 -81.58
CA THR HB 627 -17.86 51.42 -82.93
C THR HB 627 -16.70 50.43 -82.86
N ASP HB 628 -16.42 49.82 -84.02
CA ASP HB 628 -15.28 48.91 -84.12
C ASP HB 628 -13.97 49.64 -83.86
N GLY HB 629 -13.81 50.81 -84.42
CA GLY HB 629 -12.57 51.54 -84.29
C GLY HB 629 -12.82 53.00 -84.01
N ASN HB 630 -11.92 53.57 -83.22
CA ASN HB 630 -11.84 55.00 -83.03
C ASN HB 630 -10.37 55.37 -82.92
N PHE HB 631 -10.06 56.62 -83.23
CA PHE HB 631 -8.72 57.13 -83.09
C PHE HB 631 -8.73 58.27 -82.08
N HIS HB 632 -7.98 58.12 -81.00
CA HIS HB 632 -7.88 59.09 -79.93
C HIS HB 632 -9.28 59.56 -79.53
N PRO HB 633 -10.07 58.71 -78.88
CA PRO HB 633 -11.48 59.06 -78.64
C PRO HB 633 -11.67 60.13 -77.58
N SER HB 634 -11.02 61.24 -77.77
CA SER HB 634 -11.26 62.42 -76.94
C SER HB 634 -12.30 63.30 -77.62
N PRO HB 635 -13.37 63.68 -76.93
CA PRO HB 635 -14.44 64.45 -77.58
C PRO HB 635 -13.91 65.76 -78.15
N LEU HB 636 -14.42 66.11 -79.33
CA LEU HB 636 -13.83 67.23 -80.06
C LEU HB 636 -14.19 68.57 -79.43
N MET HB 637 -15.39 68.72 -78.86
CA MET HB 637 -15.68 69.94 -78.13
C MET HB 637 -15.05 69.95 -76.74
N GLY HB 638 -14.15 69.02 -76.46
CA GLY HB 638 -13.41 69.02 -75.22
C GLY HB 638 -14.04 68.15 -74.16
N GLY HB 639 -13.21 67.69 -73.24
CA GLY HB 639 -13.68 66.91 -72.13
C GLY HB 639 -13.16 65.49 -72.17
N PHE HB 640 -13.86 64.62 -71.43
CA PHE HB 640 -13.43 63.25 -71.23
C PHE HB 640 -14.30 62.33 -72.08
N GLY HB 641 -13.66 61.53 -72.91
CA GLY HB 641 -14.37 60.52 -73.67
C GLY HB 641 -14.56 59.28 -72.83
N LEU HB 642 -15.80 58.85 -72.66
CA LEU HB 642 -16.12 57.72 -71.81
C LEU HB 642 -16.89 56.68 -72.62
N LYS HB 643 -16.44 55.43 -72.56
CA LYS HB 643 -17.21 54.34 -73.13
C LYS HB 643 -18.53 54.18 -72.38
N HIS HB 644 -18.51 54.34 -71.06
CA HIS HB 644 -19.69 54.23 -70.21
C HIS HB 644 -19.80 55.52 -69.41
N PRO HB 645 -20.36 56.57 -70.01
CA PRO HB 645 -20.44 57.86 -69.34
C PRO HB 645 -21.47 57.81 -68.23
N PRO HB 646 -21.61 58.89 -67.45
CA PRO HB 646 -22.71 58.97 -66.51
C PRO HB 646 -24.03 58.71 -67.21
N PRO HB 647 -24.84 57.80 -66.69
CA PRO HB 647 -26.06 57.41 -67.40
C PRO HB 647 -27.05 58.56 -67.49
N GLN HB 648 -27.82 58.54 -68.57
CA GLN HB 648 -28.92 59.49 -68.68
C GLN HB 648 -29.94 59.24 -67.58
N ILE HB 649 -30.37 60.31 -66.94
CA ILE HB 649 -31.37 60.24 -65.88
C ILE HB 649 -32.65 60.80 -66.46
N LEU HB 650 -33.62 59.93 -66.71
CA LEU HB 650 -34.88 60.29 -67.34
C LEU HB 650 -35.93 60.49 -66.27
N ILE HB 651 -36.69 61.57 -66.38
CA ILE HB 651 -37.72 61.91 -65.40
C ILE HB 651 -38.98 62.31 -66.14
N LYS HB 652 -40.12 61.90 -65.60
CA LYS HB 652 -41.40 62.20 -66.22
C LYS HB 652 -42.46 62.32 -65.14
N ASN HB 653 -43.38 63.25 -65.32
CA ASN HB 653 -44.58 63.28 -64.50
C ASN HB 653 -45.49 62.13 -64.95
N THR HB 654 -45.88 61.29 -64.01
CA THR HB 654 -46.80 60.21 -64.33
C THR HB 654 -48.13 60.81 -64.74
N PRO HB 655 -48.68 60.43 -65.89
CA PRO HB 655 -49.96 61.00 -66.31
C PRO HB 655 -51.06 60.65 -65.30
N VAL HB 656 -51.84 61.65 -64.96
CA VAL HB 656 -53.00 61.48 -64.09
C VAL HB 656 -54.24 61.79 -64.92
N PRO HB 657 -55.01 60.78 -65.31
CA PRO HB 657 -56.19 61.04 -66.15
C PRO HB 657 -57.19 61.94 -65.43
N ALA HB 658 -57.86 62.77 -66.22
CA ALA HB 658 -59.06 63.43 -65.74
C ALA HB 658 -60.17 62.39 -65.64
N ASP HB 659 -61.36 62.83 -65.27
CA ASP HB 659 -62.44 61.88 -65.05
C ASP HB 659 -62.78 61.17 -66.35
N PRO HB 660 -62.69 59.84 -66.40
CA PRO HB 660 -63.05 59.12 -67.61
C PRO HB 660 -64.56 59.09 -67.77
N PRO HB 661 -65.06 58.77 -68.95
CA PRO HB 661 -66.51 58.62 -69.13
C PRO HB 661 -67.04 57.47 -68.30
N THR HB 662 -68.33 57.51 -67.99
CA THR HB 662 -68.96 56.47 -67.20
C THR HB 662 -69.35 55.26 -68.02
N THR HB 663 -69.20 55.32 -69.34
CA THR HB 663 -69.37 54.17 -70.21
C THR HB 663 -68.03 53.84 -70.84
N PHE HB 664 -67.72 52.55 -70.95
CA PHE HB 664 -66.40 52.14 -71.37
C PHE HB 664 -66.09 52.60 -72.79
N ASN HB 665 -64.88 53.12 -72.98
CA ASN HB 665 -64.36 53.47 -74.28
C ASN HB 665 -62.96 52.88 -74.39
N GLN HB 666 -62.73 52.12 -75.47
CA GLN HB 666 -61.44 51.47 -75.65
C GLN HB 666 -60.33 52.44 -76.01
N SER HB 667 -60.67 53.63 -76.48
CA SER HB 667 -59.66 54.58 -76.92
C SER HB 667 -58.79 55.01 -75.75
N LYS HB 668 -57.51 55.24 -76.05
CA LYS HB 668 -56.59 55.72 -75.02
C LYS HB 668 -57.07 57.07 -74.49
N LEU HB 669 -56.89 57.27 -73.19
CA LEU HB 669 -57.33 58.51 -72.57
C LEU HB 669 -56.43 59.66 -73.02
N ASN HB 670 -57.05 60.76 -73.41
CA ASN HB 670 -56.33 61.96 -73.79
C ASN HB 670 -56.65 63.14 -72.90
N SER HB 671 -57.55 62.98 -71.94
CA SER HB 671 -57.89 64.03 -70.99
C SER HB 671 -57.12 63.78 -69.71
N PHE HB 672 -56.17 64.66 -69.43
CA PHE HB 672 -55.30 64.50 -68.27
C PHE HB 672 -55.35 65.73 -67.39
N ILE HB 673 -55.13 65.51 -66.11
CA ILE HB 673 -55.01 66.60 -65.16
C ILE HB 673 -53.71 67.35 -65.45
N THR HB 674 -53.82 68.67 -65.64
CA THR HB 674 -52.63 69.47 -65.92
C THR HB 674 -51.73 69.47 -64.70
N GLN HB 675 -50.46 69.17 -64.90
CA GLN HB 675 -49.61 68.79 -63.78
C GLN HB 675 -48.17 69.12 -64.10
N TYR HB 676 -47.43 69.53 -63.08
CA TYR HB 676 -45.99 69.68 -63.18
C TYR HB 676 -45.38 69.33 -61.84
N SER HB 677 -44.10 69.00 -61.86
CA SER HB 677 -43.40 68.66 -60.65
C SER HB 677 -42.20 69.58 -60.46
N THR HB 678 -41.84 69.77 -59.20
CA THR HB 678 -40.64 70.51 -58.84
C THR HB 678 -39.96 69.75 -57.73
N GLY HB 679 -38.66 69.98 -57.60
CA GLY HB 679 -37.90 69.33 -56.55
C GLY HB 679 -36.49 69.83 -56.55
N GLN HB 680 -35.66 69.17 -55.77
CA GLN HB 680 -34.25 69.48 -55.70
C GLN HB 680 -33.44 68.33 -56.29
N VAL HB 681 -32.37 68.66 -56.97
CA VAL HB 681 -31.45 67.69 -57.54
C VAL HB 681 -30.07 67.98 -56.99
N SER HB 682 -29.41 66.94 -56.50
CA SER HB 682 -28.04 67.04 -56.00
C SER HB 682 -27.15 66.14 -56.84
N VAL HB 683 -26.04 66.69 -57.32
CA VAL HB 683 -25.03 65.91 -57.99
C VAL HB 683 -23.70 66.17 -57.30
N GLU HB 684 -23.04 65.12 -56.88
CA GLU HB 684 -21.73 65.20 -56.24
C GLU HB 684 -20.73 64.47 -57.12
N ILE HB 685 -19.68 65.17 -57.53
CA ILE HB 685 -18.63 64.57 -58.33
C ILE HB 685 -17.32 64.68 -57.57
N GLU HB 686 -16.63 63.56 -57.43
CA GLU HB 686 -15.27 63.56 -56.90
C GLU HB 686 -14.30 63.60 -58.06
N TRP HB 687 -13.40 64.58 -58.04
CA TRP HB 687 -12.40 64.75 -59.06
C TRP HB 687 -11.02 64.43 -58.48
N GLU HB 688 -10.22 63.71 -59.24
CA GLU HB 688 -8.83 63.49 -58.89
C GLU HB 688 -7.98 64.58 -59.53
N LEU HB 689 -7.02 65.08 -58.76
CA LEU HB 689 -6.17 66.18 -59.21
C LEU HB 689 -4.76 65.68 -59.50
N GLN HB 690 -4.16 66.24 -60.54
CA GLN HB 690 -2.74 66.07 -60.81
C GLN HB 690 -2.03 67.33 -60.34
N LYS HB 691 -1.35 67.25 -59.22
CA LYS HB 691 -0.62 68.40 -58.69
C LYS HB 691 0.56 68.74 -59.58
N GLU HB 692 0.80 70.03 -59.77
CA GLU HB 692 1.95 70.45 -60.55
C GLU HB 692 3.22 70.27 -59.73
N ASN HB 693 4.20 69.62 -60.32
CA ASN HB 693 5.51 69.43 -59.69
C ASN HB 693 6.54 70.05 -60.64
N SER HB 694 6.72 71.36 -60.49
CA SER HB 694 7.46 72.15 -61.46
C SER HB 694 8.65 72.83 -60.79
N LYS HB 695 9.77 72.83 -61.49
CA LYS HB 695 10.97 73.54 -61.04
C LYS HB 695 11.15 74.87 -61.74
N ARG HB 696 10.12 75.36 -62.41
CA ARG HB 696 10.16 76.68 -63.01
C ARG HB 696 10.47 77.73 -61.96
N TRP HB 697 11.39 78.62 -62.30
CA TRP HB 697 11.83 79.63 -61.33
C TRP HB 697 10.91 80.85 -61.33
N ASN HB 698 10.61 81.39 -62.52
CA ASN HB 698 9.80 82.58 -62.61
C ASN HB 698 8.33 82.26 -62.35
N PRO HB 699 7.56 83.26 -61.93
CA PRO HB 699 6.14 83.01 -61.63
C PRO HB 699 5.37 82.55 -62.87
N GLU HB 700 4.36 81.73 -62.63
CA GLU HB 700 3.51 81.22 -63.69
C GLU HB 700 2.41 82.22 -64.02
N ILE HB 701 1.77 82.00 -65.15
CA ILE HB 701 0.55 82.70 -65.49
C ILE HB 701 -0.59 82.08 -64.69
N GLN HB 702 -1.39 82.92 -64.06
CA GLN HB 702 -2.52 82.46 -63.26
C GLN HB 702 -3.77 83.17 -63.72
N TYR HB 703 -4.89 82.48 -63.64
CA TYR HB 703 -6.15 83.18 -63.85
C TYR HB 703 -6.44 84.05 -62.64
N THR HB 704 -6.73 85.32 -62.89
CA THR HB 704 -6.99 86.27 -61.82
C THR HB 704 -8.15 87.15 -62.22
N SER HB 705 -8.91 87.59 -61.23
CA SER HB 705 -9.89 88.63 -61.48
C SER HB 705 -9.18 89.97 -61.66
N ASN HB 706 -9.80 90.86 -62.42
CA ASN HB 706 -9.23 92.18 -62.63
C ASN HB 706 -9.29 92.98 -61.34
N TYR HB 707 -8.19 93.65 -61.01
CA TYR HB 707 -8.13 94.42 -59.78
C TYR HB 707 -8.89 95.74 -59.89
N TYR HB 708 -8.98 96.29 -61.09
CA TYR HB 708 -9.56 97.62 -61.28
C TYR HB 708 -11.07 97.61 -61.01
N LYS HB 709 -11.58 98.77 -60.63
CA LYS HB 709 -12.99 98.89 -60.27
C LYS HB 709 -13.90 98.65 -61.47
N SER HB 710 -15.13 98.24 -61.19
CA SER HB 710 -16.10 97.98 -62.23
C SER HB 710 -17.50 98.15 -61.66
N THR HB 711 -18.47 98.29 -62.56
CA THR HB 711 -19.85 98.48 -62.15
C THR HB 711 -20.37 97.26 -61.39
N SER HB 712 -19.97 96.06 -61.81
CA SER HB 712 -20.43 94.84 -61.19
C SER HB 712 -19.25 93.90 -60.99
N VAL HB 713 -19.41 92.98 -60.05
CA VAL HB 713 -18.41 91.95 -59.81
C VAL HB 713 -18.54 90.89 -60.89
N ASP HB 714 -17.42 90.50 -61.49
CA ASP HB 714 -17.43 89.43 -62.47
C ASP HB 714 -17.83 88.12 -61.81
N PHE HB 715 -18.63 87.32 -62.52
CA PHE HB 715 -19.17 86.08 -62.00
C PHE HB 715 -19.99 86.32 -60.73
N ALA HB 716 -20.86 87.33 -60.80
CA ALA HB 716 -21.81 87.64 -59.75
C ALA HB 716 -23.12 88.04 -60.39
N VAL HB 717 -24.05 88.44 -59.59
CA VAL HB 717 -25.34 88.91 -60.08
C VAL HB 717 -25.26 90.41 -60.28
N ASN HB 718 -26.10 90.92 -61.18
CA ASN HB 718 -26.22 92.36 -61.38
C ASN HB 718 -27.33 92.89 -60.48
N THR HB 719 -27.75 94.13 -60.70
CA THR HB 719 -28.78 94.73 -59.88
C THR HB 719 -30.14 94.07 -60.07
N GLU HB 720 -30.33 93.32 -61.15
CA GLU HB 720 -31.59 92.66 -61.43
C GLU HB 720 -31.60 91.20 -61.00
N GLY HB 721 -30.53 90.73 -60.37
CA GLY HB 721 -30.46 89.35 -59.95
C GLY HB 721 -30.01 88.37 -60.99
N VAL HB 722 -29.55 88.84 -62.14
CA VAL HB 722 -29.12 87.97 -63.22
C VAL HB 722 -27.66 87.60 -63.02
N TYR HB 723 -27.40 86.31 -62.87
CA TYR HB 723 -26.03 85.83 -62.83
C TYR HB 723 -25.49 85.73 -64.24
N SER HB 724 -24.26 86.20 -64.43
CA SER HB 724 -23.63 86.17 -65.74
C SER HB 724 -22.19 85.68 -65.60
N GLU HB 725 -21.74 84.97 -66.64
CA GLU HB 725 -20.34 84.60 -66.74
C GLU HB 725 -19.70 85.49 -67.78
N PRO HB 726 -18.83 86.42 -67.40
CA PRO HB 726 -18.38 87.44 -68.36
C PRO HB 726 -17.42 86.91 -69.41
N ARG HB 727 -16.69 85.84 -69.13
CA ARG HB 727 -15.70 85.34 -70.06
C ARG HB 727 -15.66 83.82 -69.94
N PRO HB 728 -15.19 83.12 -70.99
CA PRO HB 728 -14.94 81.69 -70.85
C PRO HB 728 -13.58 81.46 -70.20
N ILE HB 729 -13.58 80.84 -69.03
CA ILE HB 729 -12.34 80.54 -68.33
C ILE HB 729 -11.84 79.19 -68.82
N GLY HB 730 -10.69 79.19 -69.48
CA GLY HB 730 -10.08 77.96 -69.90
C GLY HB 730 -9.48 77.23 -68.71
N THR HB 731 -8.54 76.33 -68.99
CA THR HB 731 -8.00 75.50 -67.94
C THR HB 731 -6.47 75.52 -67.94
N ARG HB 732 -5.84 76.03 -68.99
CA ARG HB 732 -4.41 75.90 -69.19
C ARG HB 732 -3.72 77.22 -68.81
N TYR HB 733 -3.25 77.29 -67.58
CA TYR HB 733 -2.49 78.42 -67.09
C TYR HB 733 -1.12 78.05 -66.58
N LEU HB 734 -0.99 76.93 -65.89
CA LEU HB 734 0.31 76.42 -65.52
C LEU HB 734 1.04 75.89 -66.75
N THR HB 735 2.33 75.67 -66.61
CA THR HB 735 3.16 75.25 -67.73
C THR HB 735 3.90 73.97 -67.41
N ARG HB 736 4.18 73.21 -68.46
CA ARG HB 736 5.04 72.04 -68.41
C ARG HB 736 6.01 72.09 -69.56
N ASN HB 737 7.17 71.46 -69.37
CA ASN HB 737 8.03 71.19 -70.50
C ASN HB 737 7.42 70.11 -71.38
N LEU HB 738 7.85 70.08 -72.64
CA LEU HB 738 7.37 69.05 -73.53
C LEU HB 738 8.07 67.72 -73.24
#